data_5ZAP
#
_entry.id   5ZAP
#
loop_
_entity.id
_entity.type
_entity.pdbx_description
1 polymer 'Major capsid protein'
2 polymer 'Triplex capsid protein 2'
3 polymer 'Triplex capsid protein 1'
4 polymer 'Small capsomere-interacting protein'
#
loop_
_entity_poly.entity_id
_entity_poly.type
_entity_poly.pdbx_seq_one_letter_code
_entity_poly.pdbx_strand_id
1 'polypeptide(L)'
;MAAPARDPPGYRYAAAMVPTGSILSTIEVASHRRLFDFFARVRSDENSLYDVEFDALLGSYCNTLSLVRFLELGLSVACV
CTKFPELAYMNEGRVQFEVHQPLIARDGPHPVEQPVHNYMTKVIDRRALNAAFSLATEAIALLTGEALDGTGISLHRQLR
AIQQLARNVQAVLGAFERGTADQMLHVLLEKAPPLALLLPMQRYLDNGRLATRVARATLVAELKRSFCDTSFFLGKAGHR
REAIEAWLVDLTTATQPSVAVPRLTHADTRGRPVDGVLVTTAAIKQRLLQSFLKVEDTEADVPVTYGEMVLNGANLVTAL
VMGKAVRSLDDVGRHLLDMQEEQLEANRETLDELESAPQTTRVRADLVAIGDRLVFLEALEKRIYAATNVPYPLVGAMDL
TFVLPLGLFNPAMERFAAHAGDLVPAPGHPEPRAFPPRQLFFWGKDHQVLRLSMENAVGTVCHPSLMNIDAAVGGVNHDP
VEAANPYGAYVAAPAGPGADMQQRFLNAWRQRLAHGRVRWVAECQMTAEQFMQPDNANLALELHPAFDFFAGVADVELPG
GEVPPAGPGAIQATWRVVNGNLPLALCPVAFRDARGLELGVGRHAMAPATIAAVRGAFEDRSYPAVFYLLQAAIHGSEHV
FCALARLVTQCITSYWNNTRCAAFVNDYSLVSYIVTYLGGDLPEECMAVYRDLVAHVEALAQLVDDFTLPGPELGGQAQA
ELNHLMRDPALLPPLVWDCDGLMRHAALDRHRDCRIDAGGHEPVYAAACNVATADFNRNDGRLLHNTQARAADAADDRPH
RPADWTVHHKIYYYVLVPAFSRGRCCTAGVRFDRVYATLQNMVVPEIAPGEECPSDPVTDPAHPLHPANLVANTVNAMFH
NGRVVVDGPAMLTLQVLAHNMAERTTALLCSAAPDAGANTASTANMRIFDGALHAGVLLMAPQHLDHTIQNGEYFYVLPV
HALFAGADHVANAPNFPPALRDLARHVPLVPPALGANYFSSIRQPVVQHARESAAGENALTYALMAGYFKMSPVALYHQL
KTGLHPGFGFTVVRQDRFVTENVLFSERASEAYFLGQLQVARHETGGGVNFTLTQPRGNVDLGVGYTAVAATATVRNPVT
DMGNLPQNFYLGRGAPPLLDNAAAVYLRNAVVAGNRLGPAQPLPVFGCAQVPRRAGMDHGQDAVCEFIATPVATDINYFR
RPCNPRGRAAGGVYAGDKEGDVIALMYDHGQSDPARPFAATANPWASQRFSYGDLLYNGAYHLNGASPVLSPCFKFFTAA
DITAKHRCLERLIVETGSAVSTATAASDVQFKRPPGCRELVEDPCGLFQEAYPITCASDPALLRSARDGEAHARETHFTQ
YLIYDASPLKGLSL
;
G,A,B,C,D,E,F,H,I,J,K,L,M,N,O,P
2 'polypeptide(L)'
;MITDCFEADIAIPSGISRPDAAALQRCEGRVVFLPTIRRQLALADVAHESFVSGGVSPDTLGLLLAYRRRFPAVITRVLP
TRIVACPVDLGLTHAGTVNLRNTSPVDLCNGDPVSLVPPVFEGQATDVRLESLDLTLRFPVPLPTPLAREIVARLVARGI
RDLNPDPRTPGELPDLNVLYYNGARLSLVADVQQLASVNTELRSLVLNMVYSITEGTTLILTLIPRLLALSAQDGYVNAL
LQMQSVTREAAQLIHPEAPMLMQDGERRLPLYEALVAWLAHAGQLGDILALAPAVRVCTFDGAAVVQSGDMAPVIRYP
;
Q,R,T,U,W,X,Z,a,c,d
3 'polypeptide(L)'
;MKTKPLPTAPMAWAESAVETTTSPRELAGHAPLRRVLRPPIARRDGPVLLGDRAPRRTASTMWLLGIDPAESSPGTRATR
DDTEQAVDKILRGARRAGGLTVPGAPRYHLTRQVTLTDLCQPNAERAGALLLALRHPTDLPHLARHRAPPGRQTERLAEA
WGQLLEASALGSGRAESGCARAGLVSFNFLVAACTAAYDARDAAEAVRAHITTNYGGTRAGARLDRFSECLRAMVHTHVF
PHEVMRFFGGLVSWVTQDELASVTAVCSGPQEATHTGHPGRPCSAVTIPACAFVDLDAELCLGGPGAAFLYLVFTYRQCR
DQELCCVYVVKSQLPPRGLEAALERLFGRLRITNTIHGAEDMTPPPPNRNVDFPLAVLAASSQSPRCSASQVTNPQFVDR
LYRWQPDLRGRPTARTCTYAAFAELGVMPDDSPRCLHRTERFGAVGVPVVILEGVVWRPGGWRACA
;
S,V,Y,b,e
4 'polypeptide(L)'
;MAAPQFHRPSTITADNVRALGMRGLVLATNNAQFIMDNSYPHPHGTQGAVREFLRGQAAALTDLGVTHANNTFAPQPMFA
GDAAAEWLRPSFGLKRTYSPFVVRDPKTPSTP
;
f,g,h,i,j,k,l,m,n,o,p,q,r,s,t
#
# COMPACT_ATOMS: atom_id res chain seq x y z
N GLY A 10 -84.08 -91.41 122.18
CA GLY A 10 -84.51 -90.10 121.74
C GLY A 10 -85.75 -89.62 122.46
N TYR A 11 -86.85 -90.36 122.25
CA TYR A 11 -88.19 -90.15 122.85
C TYR A 11 -88.86 -88.88 122.30
N ARG A 12 -89.94 -88.44 122.96
CA ARG A 12 -90.64 -87.24 122.53
C ARG A 12 -91.04 -87.25 121.07
N TYR A 13 -90.73 -86.18 120.33
CA TYR A 13 -91.10 -86.17 118.93
C TYR A 13 -90.17 -85.45 117.94
N ALA A 14 -89.43 -84.43 118.40
CA ALA A 14 -88.53 -83.67 117.53
C ALA A 14 -89.27 -83.15 116.31
N ALA A 15 -88.72 -83.34 115.11
CA ALA A 15 -89.35 -82.92 113.85
C ALA A 15 -89.99 -81.51 113.88
N ALA A 16 -89.16 -80.47 113.82
CA ALA A 16 -89.66 -79.11 113.96
C ALA A 16 -90.86 -78.82 113.07
N MET A 17 -91.92 -78.27 113.66
CA MET A 17 -93.16 -77.95 112.98
C MET A 17 -92.97 -76.99 111.82
N VAL A 18 -92.64 -75.74 112.14
CA VAL A 18 -92.37 -74.73 111.12
C VAL A 18 -91.00 -75.03 110.52
N PRO A 19 -90.91 -75.19 109.21
CA PRO A 19 -89.58 -75.57 108.73
C PRO A 19 -88.58 -74.52 108.28
N THR A 20 -87.48 -74.39 109.02
CA THR A 20 -86.38 -73.49 108.63
C THR A 20 -86.78 -72.05 108.28
N GLY A 21 -86.32 -71.64 107.10
CA GLY A 21 -86.60 -70.31 106.60
C GLY A 21 -87.91 -70.20 105.87
N SER A 22 -88.97 -70.01 106.65
CA SER A 22 -90.31 -69.80 106.14
C SER A 22 -90.79 -68.53 106.80
N ILE A 23 -91.25 -67.58 106.01
CA ILE A 23 -91.78 -66.34 106.53
C ILE A 23 -92.94 -66.65 107.46
N LEU A 24 -92.93 -66.04 108.63
CA LEU A 24 -94.10 -66.07 109.51
C LEU A 24 -94.61 -64.65 109.63
N SER A 25 -95.73 -64.37 109.00
CA SER A 25 -96.29 -63.04 109.09
C SER A 25 -97.02 -62.88 110.42
N THR A 26 -97.64 -61.74 110.61
CA THR A 26 -98.54 -61.54 111.71
C THR A 26 -99.95 -61.31 111.17
N ILE A 27 -100.93 -61.77 111.92
CA ILE A 27 -102.33 -61.52 111.59
C ILE A 27 -102.74 -60.26 112.34
N GLU A 28 -103.34 -59.32 111.64
CA GLU A 28 -103.65 -58.03 112.21
C GLU A 28 -105.14 -57.74 112.09
N VAL A 29 -105.73 -57.26 113.17
CA VAL A 29 -107.13 -56.89 113.19
C VAL A 29 -107.24 -55.39 112.99
N ALA A 30 -108.22 -54.98 112.19
CA ALA A 30 -108.47 -53.56 111.94
C ALA A 30 -109.80 -53.17 112.55
N SER A 31 -109.87 -52.02 113.20
CA SER A 31 -111.13 -51.65 113.80
C SER A 31 -111.60 -50.23 113.54
N HIS A 32 -112.82 -50.05 113.07
CA HIS A 32 -113.30 -48.71 112.78
C HIS A 32 -113.85 -48.07 114.05
N ARG A 33 -112.93 -47.73 114.93
CA ARG A 33 -113.25 -47.20 116.24
C ARG A 33 -114.07 -45.92 116.20
N ARG A 34 -115.00 -45.82 117.15
CA ARG A 34 -115.88 -44.68 117.26
C ARG A 34 -115.50 -43.78 118.44
N LEU A 35 -115.26 -42.51 118.15
CA LEU A 35 -114.89 -41.52 119.15
C LEU A 35 -116.12 -40.67 119.53
N PHE A 36 -115.96 -39.36 119.54
CA PHE A 36 -117.01 -38.41 119.83
C PHE A 36 -118.23 -38.35 118.87
N ASP A 37 -118.15 -38.86 117.62
CA ASP A 37 -117.00 -39.58 117.05
C ASP A 37 -115.90 -38.74 116.39
N PHE A 38 -115.21 -37.94 117.20
CA PHE A 38 -114.09 -37.11 116.74
C PHE A 38 -114.25 -36.10 115.57
N PHE A 39 -115.29 -35.27 115.55
CA PHE A 39 -115.38 -34.28 114.49
C PHE A 39 -115.63 -35.17 113.29
N ALA A 40 -116.13 -34.59 112.20
CA ALA A 40 -116.48 -35.37 111.01
C ALA A 40 -115.36 -36.00 110.17
N ARG A 41 -114.11 -35.63 110.41
CA ARG A 41 -112.96 -36.07 109.61
C ARG A 41 -112.70 -37.59 109.46
N VAL A 42 -112.71 -38.29 110.58
CA VAL A 42 -112.46 -39.73 110.61
C VAL A 42 -113.75 -40.49 110.35
N ARG A 43 -114.85 -39.75 110.31
CA ARG A 43 -116.15 -40.33 110.07
C ARG A 43 -116.13 -40.90 108.67
N SER A 44 -116.83 -42.01 108.50
CA SER A 44 -116.92 -42.69 107.23
C SER A 44 -118.01 -42.07 106.40
N ASP A 45 -118.39 -42.80 105.36
CA ASP A 45 -119.41 -42.45 104.38
C ASP A 45 -118.75 -41.89 103.13
N GLU A 46 -117.48 -41.48 103.23
CA GLU A 46 -116.79 -41.02 102.03
C GLU A 46 -115.27 -40.96 102.10
N ASN A 47 -114.72 -39.88 102.64
CA ASN A 47 -113.25 -39.76 102.73
C ASN A 47 -112.72 -40.30 104.06
N SER A 48 -113.02 -41.57 104.35
CA SER A 48 -112.67 -42.22 105.59
C SER A 48 -111.85 -43.49 105.53
N LEU A 49 -111.06 -43.69 104.49
CA LEU A 49 -110.27 -44.92 104.42
C LEU A 49 -109.32 -44.98 105.61
N TYR A 50 -108.75 -43.85 105.96
CA TYR A 50 -107.83 -43.82 107.10
C TYR A 50 -108.60 -43.45 108.36
N ASP A 51 -107.88 -43.17 109.44
CA ASP A 51 -108.42 -43.07 110.80
C ASP A 51 -109.02 -44.40 111.24
N VAL A 52 -108.09 -45.33 111.50
CA VAL A 52 -108.40 -46.72 111.87
C VAL A 52 -107.40 -47.13 112.95
N GLU A 53 -107.41 -48.40 113.35
CA GLU A 53 -106.47 -48.90 114.35
C GLU A 53 -106.14 -50.35 114.06
N PHE A 54 -104.88 -50.75 114.24
CA PHE A 54 -104.45 -52.11 113.97
C PHE A 54 -103.87 -52.76 115.22
N ASP A 55 -104.60 -53.68 115.80
CA ASP A 55 -104.07 -54.65 116.74
C ASP A 55 -103.46 -55.82 115.99
N ALA A 56 -102.51 -56.49 116.62
CA ALA A 56 -101.87 -57.66 116.03
C ALA A 56 -102.05 -58.85 116.94
N LEU A 57 -102.48 -59.99 116.38
CA LEU A 57 -102.65 -61.19 117.18
C LEU A 57 -101.32 -61.69 117.69
N LEU A 58 -101.27 -61.97 118.99
CA LEU A 58 -100.04 -62.49 119.58
C LEU A 58 -99.89 -63.97 119.28
N GLY A 59 -100.81 -64.80 119.76
CA GLY A 59 -100.85 -66.17 119.32
C GLY A 59 -101.26 -66.29 117.86
N SER A 60 -101.06 -67.48 117.30
CA SER A 60 -101.50 -67.79 115.94
C SER A 60 -100.89 -66.87 114.87
N TYR A 61 -99.62 -67.08 114.54
CA TYR A 61 -98.97 -66.37 113.45
C TYR A 61 -99.39 -66.92 112.08
N CYS A 62 -99.17 -66.12 111.05
CA CYS A 62 -99.84 -66.31 109.77
C CYS A 62 -99.26 -67.40 108.90
N ASN A 63 -97.94 -67.57 108.89
CA ASN A 63 -97.29 -68.59 108.05
C ASN A 63 -97.56 -68.35 106.56
N THR A 64 -96.92 -67.30 106.04
CA THR A 64 -96.87 -67.06 104.61
C THR A 64 -95.65 -67.75 104.03
N LEU A 65 -95.84 -68.51 102.95
CA LEU A 65 -94.73 -69.15 102.26
C LEU A 65 -93.94 -70.08 103.17
N SER A 66 -94.49 -71.23 103.48
CA SER A 66 -93.67 -72.30 104.04
C SER A 66 -92.60 -72.70 103.03
N LEU A 67 -91.37 -72.82 103.48
CA LEU A 67 -90.26 -73.19 102.61
C LEU A 67 -89.95 -74.66 102.77
N VAL A 68 -90.08 -75.41 101.68
CA VAL A 68 -89.69 -76.80 101.66
C VAL A 68 -88.23 -76.89 101.25
N ARG A 69 -87.46 -77.65 102.00
CA ARG A 69 -86.10 -77.99 101.64
C ARG A 69 -86.11 -79.34 100.95
N PHE A 70 -85.26 -79.49 99.94
CA PHE A 70 -85.34 -80.71 99.14
C PHE A 70 -84.90 -81.93 99.93
N LEU A 71 -83.91 -81.79 100.77
CA LEU A 71 -83.70 -82.78 101.80
C LEU A 71 -84.78 -82.60 102.85
N GLU A 72 -85.04 -83.65 103.60
CA GLU A 72 -86.17 -83.78 104.52
C GLU A 72 -87.41 -84.20 103.75
N LEU A 73 -87.34 -84.36 102.43
CA LEU A 73 -88.46 -84.96 101.75
C LEU A 73 -88.47 -86.46 101.96
N GLY A 74 -89.53 -87.09 101.47
CA GLY A 74 -89.53 -88.53 101.34
C GLY A 74 -88.71 -88.84 100.12
N LEU A 75 -88.82 -88.06 99.08
CA LEU A 75 -88.17 -88.33 97.77
C LEU A 75 -86.68 -88.21 97.52
N SER A 76 -85.90 -87.72 98.47
CA SER A 76 -84.48 -87.57 98.20
C SER A 76 -83.61 -88.77 98.46
N VAL A 77 -84.19 -89.89 98.85
CA VAL A 77 -83.37 -91.07 99.10
C VAL A 77 -82.75 -91.44 97.82
N ALA A 78 -83.51 -91.32 96.76
CA ALA A 78 -83.17 -91.69 95.41
C ALA A 78 -82.01 -90.98 94.73
N CYS A 79 -81.42 -89.99 95.35
CA CYS A 79 -80.37 -89.35 94.65
C CYS A 79 -79.39 -88.91 95.64
N VAL A 80 -78.15 -88.83 95.22
CA VAL A 80 -77.13 -88.31 96.08
C VAL A 80 -76.71 -87.04 95.37
N CYS A 81 -76.64 -85.92 96.07
CA CYS A 81 -76.32 -84.66 95.43
C CYS A 81 -74.98 -84.08 95.75
N THR A 82 -74.27 -83.64 94.71
CA THR A 82 -72.97 -83.06 94.85
C THR A 82 -73.02 -81.86 93.96
N LYS A 83 -72.14 -80.89 94.17
CA LYS A 83 -72.14 -79.65 93.39
C LYS A 83 -71.09 -79.64 92.29
N PHE A 84 -71.36 -79.46 90.99
CA PHE A 84 -70.11 -79.50 90.26
C PHE A 84 -69.93 -78.11 89.67
N PRO A 85 -69.59 -77.16 90.53
CA PRO A 85 -69.64 -75.78 90.13
C PRO A 85 -68.64 -75.41 89.12
N GLU A 86 -68.62 -76.23 88.09
CA GLU A 86 -67.78 -76.04 86.94
C GLU A 86 -68.54 -76.67 85.81
N LEU A 87 -69.79 -77.04 86.06
CA LEU A 87 -70.59 -77.67 85.03
C LEU A 87 -71.31 -76.68 84.14
N ALA A 88 -71.22 -75.43 84.52
CA ALA A 88 -71.71 -74.38 83.69
C ALA A 88 -70.77 -74.43 82.48
N TYR A 89 -69.47 -74.57 82.75
CA TYR A 89 -68.42 -74.62 81.75
C TYR A 89 -67.94 -76.01 81.46
N MET A 90 -68.69 -77.00 81.92
CA MET A 90 -68.30 -78.37 81.75
C MET A 90 -68.23 -78.90 80.34
N ASN A 91 -69.15 -78.50 79.47
CA ASN A 91 -69.12 -78.95 78.09
C ASN A 91 -69.10 -80.46 77.92
N GLU A 92 -70.00 -81.14 78.63
CA GLU A 92 -70.17 -82.60 78.64
C GLU A 92 -69.54 -83.22 79.88
N GLY A 93 -70.28 -84.13 80.52
CA GLY A 93 -69.84 -84.79 81.73
C GLY A 93 -70.37 -86.19 81.78
N ARG A 94 -69.70 -87.05 82.54
CA ARG A 94 -70.09 -88.41 82.65
C ARG A 94 -69.76 -88.79 84.05
N VAL A 95 -70.61 -89.59 84.64
CA VAL A 95 -70.28 -90.05 85.95
C VAL A 95 -69.89 -91.45 85.68
N GLN A 96 -68.69 -91.83 86.04
CA GLN A 96 -68.35 -93.21 85.84
C GLN A 96 -68.05 -93.90 87.11
N PHE A 97 -68.90 -94.84 87.43
CA PHE A 97 -68.84 -95.70 88.57
C PHE A 97 -68.65 -97.06 87.97
N GLU A 98 -67.79 -97.84 88.53
CA GLU A 98 -67.50 -99.14 87.95
C GLU A 98 -67.73 -100.25 88.97
N VAL A 99 -68.49 -101.28 88.58
CA VAL A 99 -68.88 -102.35 89.50
C VAL A 99 -68.33 -103.67 89.01
N HIS A 100 -67.79 -104.44 89.93
CA HIS A 100 -67.34 -105.80 89.72
C HIS A 100 -68.52 -106.75 89.69
N GLN A 101 -68.33 -107.90 89.07
CA GLN A 101 -69.47 -108.78 88.87
C GLN A 101 -69.29 -110.07 89.67
N PRO A 102 -70.36 -110.60 90.24
CA PRO A 102 -70.20 -111.69 91.22
C PRO A 102 -69.81 -113.00 90.59
N LEU A 103 -69.11 -113.81 91.38
CA LEU A 103 -68.74 -115.16 91.01
C LEU A 103 -69.28 -116.11 92.07
N ILE A 104 -69.88 -117.20 91.63
CA ILE A 104 -70.19 -118.32 92.48
C ILE A 104 -69.15 -119.40 92.18
N ALA A 105 -68.51 -119.93 93.21
CA ALA A 105 -67.52 -120.95 92.96
C ALA A 105 -68.22 -122.22 92.49
N ARG A 106 -67.45 -123.20 92.05
CA ARG A 106 -68.05 -124.41 91.51
C ARG A 106 -67.22 -125.65 91.81
N ASP A 107 -67.79 -126.84 91.60
CA ASP A 107 -67.02 -128.04 91.86
C ASP A 107 -66.97 -129.11 90.78
N GLY A 108 -66.29 -128.81 89.67
CA GLY A 108 -66.10 -129.76 88.58
C GLY A 108 -64.95 -129.28 87.70
N PRO A 109 -64.31 -130.13 86.90
CA PRO A 109 -63.25 -129.58 86.06
C PRO A 109 -63.72 -128.49 85.11
N HIS A 110 -65.03 -128.33 84.95
CA HIS A 110 -65.66 -127.45 83.96
C HIS A 110 -65.10 -126.05 84.09
N PRO A 111 -65.23 -125.22 83.07
CA PRO A 111 -64.56 -123.91 83.09
C PRO A 111 -64.69 -123.17 84.39
N VAL A 112 -63.54 -122.74 84.90
CA VAL A 112 -63.49 -121.97 86.12
C VAL A 112 -63.54 -120.55 85.58
N GLU A 113 -64.65 -119.86 85.81
CA GLU A 113 -64.79 -118.50 85.30
C GLU A 113 -63.84 -117.55 86.01
N GLN A 114 -63.39 -116.54 85.28
CA GLN A 114 -62.46 -115.55 85.82
C GLN A 114 -63.16 -114.21 85.96
N PRO A 115 -62.83 -113.50 87.03
CA PRO A 115 -63.48 -112.22 87.35
C PRO A 115 -63.68 -111.31 86.18
N VAL A 116 -64.86 -110.74 86.08
CA VAL A 116 -65.22 -109.79 85.03
C VAL A 116 -65.65 -108.50 85.71
N HIS A 117 -65.23 -107.37 85.17
CA HIS A 117 -65.37 -106.11 85.87
C HIS A 117 -65.83 -105.04 84.89
N ASN A 118 -66.94 -104.40 85.19
CA ASN A 118 -67.58 -103.47 84.26
C ASN A 118 -67.27 -102.03 84.67
N TYR A 119 -66.47 -101.36 83.85
CA TYR A 119 -66.40 -99.91 83.89
C TYR A 119 -67.58 -99.36 83.11
N MET A 120 -68.39 -98.51 83.73
CA MET A 120 -69.54 -97.97 83.02
C MET A 120 -69.64 -96.48 83.21
N THR A 121 -70.00 -95.80 82.13
CA THR A 121 -70.09 -94.35 82.09
C THR A 121 -71.51 -93.96 81.73
N LYS A 122 -71.96 -92.85 82.28
CA LYS A 122 -73.27 -92.31 81.98
C LYS A 122 -73.10 -90.85 81.62
N VAL A 123 -74.17 -90.24 81.11
CA VAL A 123 -74.08 -88.89 80.61
C VAL A 123 -74.86 -88.00 81.56
N ILE A 124 -74.15 -87.12 82.26
CA ILE A 124 -74.85 -86.11 83.01
C ILE A 124 -75.41 -85.10 82.04
N ASP A 125 -76.64 -84.69 82.26
CA ASP A 125 -77.34 -83.81 81.35
C ASP A 125 -77.14 -82.37 81.74
N ARG A 126 -77.78 -81.47 81.01
CA ARG A 126 -77.86 -80.06 81.38
C ARG A 126 -79.28 -79.73 81.76
N ARG A 127 -79.43 -78.97 82.82
CA ARG A 127 -80.69 -78.33 83.15
C ARG A 127 -80.37 -76.91 83.58
N ALA A 128 -81.40 -76.13 83.84
CA ALA A 128 -81.18 -74.72 84.10
C ALA A 128 -81.82 -74.31 85.40
N LEU A 129 -83.14 -74.42 85.49
CA LEU A 129 -83.84 -74.09 86.72
C LEU A 129 -83.56 -72.65 87.11
N ASN A 130 -84.17 -71.70 86.39
CA ASN A 130 -83.99 -70.28 86.64
C ASN A 130 -85.21 -69.67 87.32
N ALA A 131 -84.96 -68.65 88.13
CA ALA A 131 -86.01 -67.86 88.77
C ALA A 131 -85.60 -66.39 88.72
N ALA A 132 -86.55 -65.52 89.04
CA ALA A 132 -86.30 -64.09 88.90
C ALA A 132 -87.15 -63.30 89.88
N PHE A 133 -86.64 -62.14 90.24
CA PHE A 133 -87.34 -61.18 91.05
C PHE A 133 -86.99 -59.80 90.53
N SER A 134 -87.81 -58.81 90.81
CA SER A 134 -87.55 -57.48 90.29
C SER A 134 -87.64 -56.40 91.35
N LEU A 135 -87.01 -55.26 91.06
CA LEU A 135 -87.00 -54.12 91.96
C LEU A 135 -87.42 -52.88 91.18
N ALA A 136 -87.92 -51.85 91.84
CA ALA A 136 -88.34 -50.69 91.09
C ALA A 136 -87.52 -49.40 91.28
N THR A 137 -87.07 -48.85 90.18
CA THR A 137 -86.24 -47.65 90.27
C THR A 137 -86.65 -46.76 91.44
N GLU A 138 -87.88 -46.87 91.91
CA GLU A 138 -88.22 -46.23 93.17
C GLU A 138 -87.82 -47.07 94.36
N ALA A 139 -87.63 -48.38 94.16
CA ALA A 139 -87.23 -49.26 95.26
C ALA A 139 -85.73 -49.22 95.52
N ILE A 140 -84.91 -48.98 94.49
CA ILE A 140 -83.47 -48.90 94.70
C ILE A 140 -83.11 -47.73 95.58
N ALA A 141 -83.73 -46.57 95.33
CA ALA A 141 -83.36 -45.36 96.05
C ALA A 141 -83.57 -45.47 97.55
N LEU A 142 -84.30 -46.49 98.01
CA LEU A 142 -84.33 -46.78 99.45
C LEU A 142 -83.07 -47.52 99.89
N LEU A 143 -82.58 -48.36 99.01
CA LEU A 143 -81.37 -49.12 99.24
C LEU A 143 -80.11 -48.27 99.12
N THR A 144 -80.09 -47.41 98.11
CA THR A 144 -78.92 -46.59 97.89
C THR A 144 -78.68 -45.62 99.05
N GLY A 145 -79.75 -44.96 99.47
CA GLY A 145 -79.72 -44.06 100.60
C GLY A 145 -79.02 -42.74 100.42
N GLU A 146 -78.54 -42.45 99.22
CA GLU A 146 -77.81 -41.22 98.95
C GLU A 146 -78.39 -40.49 97.79
N ALA A 147 -78.67 -39.21 97.96
CA ALA A 147 -79.18 -38.39 96.89
C ALA A 147 -78.01 -37.89 96.05
N LEU A 148 -78.25 -37.45 94.82
CA LEU A 148 -77.15 -36.98 93.99
C LEU A 148 -76.57 -35.83 94.74
N ASP A 149 -77.52 -35.15 95.36
CA ASP A 149 -77.42 -34.00 96.25
C ASP A 149 -76.68 -34.43 97.50
N GLY A 150 -76.66 -35.74 97.74
CA GLY A 150 -75.96 -36.32 98.87
C GLY A 150 -76.63 -36.23 100.22
N THR A 151 -77.91 -35.90 100.22
CA THR A 151 -78.65 -35.73 101.47
C THR A 151 -79.86 -36.64 101.71
N GLY A 152 -79.91 -37.35 102.83
CA GLY A 152 -81.09 -38.14 103.15
C GLY A 152 -81.12 -39.56 103.68
N ILE A 153 -82.36 -40.04 103.86
CA ILE A 153 -82.66 -41.40 104.26
C ILE A 153 -81.89 -41.96 105.45
N SER A 154 -82.00 -41.40 106.65
CA SER A 154 -81.17 -42.00 107.67
C SER A 154 -81.37 -43.52 107.77
N LEU A 155 -80.61 -44.11 108.69
CA LEU A 155 -80.29 -45.53 108.80
C LEU A 155 -81.48 -46.42 109.13
N HIS A 156 -82.65 -45.86 109.41
CA HIS A 156 -83.81 -46.73 109.51
C HIS A 156 -84.31 -47.15 108.13
N ARG A 157 -83.76 -46.58 107.07
CA ARG A 157 -84.13 -46.98 105.71
C ARG A 157 -83.84 -48.46 105.47
N GLN A 158 -82.69 -48.95 105.94
CA GLN A 158 -82.31 -50.32 105.62
C GLN A 158 -83.25 -51.32 106.26
N LEU A 159 -83.40 -51.25 107.59
CA LEU A 159 -84.02 -52.35 108.32
C LEU A 159 -85.36 -52.74 107.70
N ARG A 160 -86.15 -51.76 107.27
CA ARG A 160 -87.40 -52.11 106.61
C ARG A 160 -87.18 -52.55 105.17
N ALA A 161 -86.12 -52.08 104.53
CA ALA A 161 -85.89 -52.41 103.13
C ALA A 161 -85.36 -53.82 102.95
N ILE A 162 -84.35 -54.22 103.73
CA ILE A 162 -83.78 -55.55 103.56
C ILE A 162 -84.78 -56.63 103.97
N GLN A 163 -85.65 -56.36 104.94
CA GLN A 163 -86.76 -57.26 105.19
C GLN A 163 -87.48 -57.60 103.90
N GLN A 164 -88.04 -56.59 103.24
CA GLN A 164 -88.71 -56.80 101.97
C GLN A 164 -87.82 -57.51 100.97
N LEU A 165 -86.52 -57.23 101.00
CA LEU A 165 -85.61 -57.88 100.07
C LEU A 165 -85.28 -59.30 100.52
N ALA A 166 -85.26 -59.56 101.82
CA ALA A 166 -85.16 -60.94 102.29
C ALA A 166 -86.39 -61.73 101.90
N ARG A 167 -87.56 -61.09 101.95
CA ARG A 167 -88.78 -61.75 101.49
C ARG A 167 -88.63 -62.24 100.06
N ASN A 168 -87.90 -61.49 99.23
CA ASN A 168 -87.73 -61.89 97.83
C ASN A 168 -86.67 -62.96 97.67
N VAL A 169 -85.54 -62.83 98.38
CA VAL A 169 -84.50 -63.83 98.24
C VAL A 169 -84.98 -65.16 98.81
N GLN A 170 -85.67 -65.14 99.94
CA GLN A 170 -86.21 -66.38 100.49
C GLN A 170 -87.26 -66.99 99.57
N ALA A 171 -88.03 -66.15 98.89
CA ALA A 171 -89.06 -66.68 98.01
C ALA A 171 -88.45 -67.37 96.80
N VAL A 172 -87.31 -66.89 96.30
CA VAL A 172 -86.69 -67.50 95.13
C VAL A 172 -85.69 -68.59 95.48
N LEU A 173 -85.36 -68.75 96.75
CA LEU A 173 -84.59 -69.91 97.15
C LEU A 173 -85.49 -71.11 97.42
N GLY A 174 -86.78 -70.89 97.54
CA GLY A 174 -87.72 -71.98 97.65
C GLY A 174 -88.23 -72.39 96.30
N ALA A 175 -88.02 -71.52 95.31
CA ALA A 175 -88.31 -71.91 93.94
C ALA A 175 -87.28 -72.90 93.42
N PHE A 176 -86.06 -72.84 93.96
CA PHE A 176 -85.03 -73.80 93.58
C PHE A 176 -85.16 -75.11 94.34
N GLU A 177 -85.60 -75.06 95.59
CA GLU A 177 -85.81 -76.29 96.34
C GLU A 177 -87.05 -77.02 95.87
N ARG A 178 -88.07 -76.30 95.42
CA ARG A 178 -89.20 -76.94 94.77
C ARG A 178 -88.91 -77.30 93.32
N GLY A 179 -87.91 -76.68 92.71
CA GLY A 179 -87.56 -77.02 91.36
C GLY A 179 -86.75 -78.29 91.36
N THR A 180 -85.91 -78.46 92.37
CA THR A 180 -85.16 -79.71 92.52
C THR A 180 -86.10 -80.89 92.64
N ALA A 181 -87.18 -80.73 93.39
CA ALA A 181 -88.14 -81.83 93.53
C ALA A 181 -88.85 -82.14 92.22
N ASP A 182 -89.02 -81.15 91.34
CA ASP A 182 -89.52 -81.43 90.01
C ASP A 182 -88.47 -82.09 89.15
N GLN A 183 -87.31 -81.45 89.01
CA GLN A 183 -86.25 -82.03 88.19
C GLN A 183 -86.02 -83.47 88.58
N MET A 184 -86.04 -83.76 89.87
CA MET A 184 -85.99 -85.14 90.33
C MET A 184 -87.14 -85.94 89.77
N LEU A 185 -88.35 -85.64 90.23
CA LEU A 185 -89.51 -86.44 89.92
C LEU A 185 -89.69 -86.61 88.42
N HIS A 186 -89.15 -85.70 87.62
CA HIS A 186 -89.26 -85.85 86.18
C HIS A 186 -88.26 -86.84 85.62
N VAL A 187 -87.02 -86.80 86.11
CA VAL A 187 -86.01 -87.71 85.57
C VAL A 187 -86.16 -89.10 86.14
N LEU A 188 -86.89 -89.27 87.23
CA LEU A 188 -87.22 -90.60 87.71
C LEU A 188 -88.30 -91.25 86.88
N LEU A 189 -89.33 -90.52 86.50
CA LEU A 189 -90.34 -91.13 85.66
C LEU A 189 -90.02 -91.02 84.19
N GLU A 190 -89.13 -90.14 83.79
CA GLU A 190 -88.76 -90.16 82.40
C GLU A 190 -88.14 -91.53 82.26
N LYS A 191 -87.30 -91.89 83.21
CA LYS A 191 -86.67 -93.17 83.33
C LYS A 191 -87.32 -94.10 84.34
N ALA A 192 -88.45 -94.72 84.00
CA ALA A 192 -89.15 -95.74 84.78
C ALA A 192 -90.16 -96.37 83.84
N PRO A 193 -90.39 -97.69 83.92
CA PRO A 193 -91.30 -98.44 83.07
C PRO A 193 -92.48 -98.90 83.88
N PRO A 194 -93.67 -98.99 83.32
CA PRO A 194 -94.84 -99.35 84.12
C PRO A 194 -94.62 -100.67 84.85
N LEU A 195 -95.56 -100.99 85.74
CA LEU A 195 -95.54 -102.33 86.33
C LEU A 195 -96.18 -103.31 85.41
N ALA A 196 -97.37 -102.97 84.90
CA ALA A 196 -98.12 -103.89 84.07
C ALA A 196 -97.28 -104.45 82.94
N LEU A 197 -96.43 -103.62 82.34
CA LEU A 197 -95.53 -104.09 81.31
C LEU A 197 -94.24 -104.68 81.86
N LEU A 198 -93.86 -104.34 83.08
CA LEU A 198 -92.60 -104.85 83.61
C LEU A 198 -92.71 -106.24 84.23
N LEU A 199 -93.76 -106.51 85.01
CA LEU A 199 -93.88 -107.81 85.66
C LEU A 199 -93.81 -108.98 84.70
N PRO A 200 -94.54 -108.99 83.58
CA PRO A 200 -94.37 -110.09 82.62
C PRO A 200 -92.97 -110.21 82.07
N MET A 201 -92.27 -109.10 81.87
CA MET A 201 -90.86 -109.19 81.49
C MET A 201 -90.12 -110.10 82.43
N GLN A 202 -90.24 -109.85 83.73
CA GLN A 202 -89.37 -110.51 84.68
C GLN A 202 -89.81 -111.92 85.02
N ARG A 203 -90.91 -112.40 84.42
CA ARG A 203 -91.31 -113.79 84.58
C ARG A 203 -91.02 -114.60 83.32
N TYR A 204 -91.66 -114.26 82.22
CA TYR A 204 -91.58 -115.10 81.03
C TYR A 204 -90.21 -115.04 80.39
N LEU A 205 -89.48 -113.97 80.64
CA LEU A 205 -88.05 -113.95 80.45
C LEU A 205 -87.42 -113.80 81.83
N ASP A 206 -86.15 -113.45 81.83
CA ASP A 206 -85.43 -113.24 83.07
C ASP A 206 -85.37 -114.51 83.88
N ASN A 207 -85.67 -115.61 83.22
CA ASN A 207 -85.59 -116.91 83.86
C ASN A 207 -84.97 -117.83 82.83
N GLY A 208 -85.72 -117.93 81.74
CA GLY A 208 -85.32 -118.72 80.59
C GLY A 208 -85.39 -117.65 79.54
N ARG A 209 -84.34 -116.84 79.52
CA ARG A 209 -84.24 -115.76 78.56
C ARG A 209 -84.20 -116.40 77.19
N LEU A 210 -84.90 -115.80 76.25
CA LEU A 210 -84.93 -116.34 74.88
C LEU A 210 -84.93 -115.47 73.60
N ALA A 211 -84.56 -116.17 72.52
CA ALA A 211 -84.56 -115.84 71.11
C ALA A 211 -85.23 -116.93 70.29
N THR A 212 -85.76 -117.96 70.96
CA THR A 212 -86.41 -119.11 70.33
C THR A 212 -87.66 -118.70 69.56
N ARG A 213 -88.08 -117.45 69.71
CA ARG A 213 -88.98 -116.71 68.83
C ARG A 213 -90.38 -117.32 68.73
N VAL A 214 -90.58 -118.51 69.31
CA VAL A 214 -91.92 -119.05 69.42
C VAL A 214 -92.66 -118.41 70.59
N ALA A 215 -91.95 -118.17 71.69
CA ALA A 215 -92.55 -117.64 72.90
C ALA A 215 -92.72 -116.13 72.88
N ARG A 216 -92.29 -115.45 71.82
CA ARG A 216 -92.34 -113.99 71.83
C ARG A 216 -93.78 -113.49 71.72
N ALA A 217 -94.64 -114.21 71.01
CA ALA A 217 -96.05 -113.88 70.96
C ALA A 217 -96.74 -114.07 72.31
N THR A 218 -96.31 -115.04 73.11
CA THR A 218 -96.75 -115.09 74.50
C THR A 218 -96.24 -113.87 75.24
N LEU A 219 -95.00 -113.48 74.96
CA LEU A 219 -94.44 -112.28 75.53
C LEU A 219 -95.14 -111.03 75.03
N VAL A 220 -95.98 -111.13 74.01
CA VAL A 220 -96.98 -110.10 73.76
C VAL A 220 -98.27 -110.38 74.51
N ALA A 221 -98.73 -111.63 74.49
CA ALA A 221 -100.06 -111.95 74.99
C ALA A 221 -100.14 -111.76 76.50
N GLU A 222 -99.02 -111.89 77.20
CA GLU A 222 -99.03 -111.68 78.64
C GLU A 222 -99.02 -110.21 79.00
N LEU A 223 -98.44 -109.36 78.16
CA LEU A 223 -98.55 -107.93 78.39
C LEU A 223 -99.99 -107.49 78.40
N LYS A 224 -100.75 -107.89 77.38
CA LYS A 224 -102.19 -107.68 77.36
C LYS A 224 -102.84 -108.08 78.67
N ARG A 225 -102.45 -109.24 79.20
CA ARG A 225 -103.14 -109.83 80.32
C ARG A 225 -102.86 -109.04 81.57
N SER A 226 -101.60 -108.99 81.97
CA SER A 226 -101.22 -108.21 83.14
C SER A 226 -101.62 -106.77 82.98
N PHE A 227 -101.52 -106.24 81.77
CA PHE A 227 -101.88 -104.85 81.58
C PHE A 227 -103.36 -104.62 81.80
N CYS A 228 -104.20 -105.59 81.57
CA CYS A 228 -105.59 -105.35 81.95
C CYS A 228 -105.78 -105.77 83.40
N ASP A 229 -105.57 -107.03 83.71
CA ASP A 229 -105.81 -107.55 85.04
C ASP A 229 -105.22 -106.67 86.12
N THR A 230 -103.89 -106.65 86.28
CA THR A 230 -103.29 -105.76 87.27
C THR A 230 -102.72 -104.57 86.51
N SER A 231 -103.49 -103.51 86.47
CA SER A 231 -103.06 -102.27 85.85
C SER A 231 -103.46 -101.15 86.77
N PHE A 232 -104.76 -100.96 86.86
CA PHE A 232 -105.37 -100.04 87.80
C PHE A 232 -105.62 -100.69 89.13
N PHE A 233 -104.94 -101.81 89.35
CA PHE A 233 -105.23 -102.82 90.34
C PHE A 233 -105.60 -102.28 91.70
N LEU A 234 -104.95 -101.21 92.14
CA LEU A 234 -105.35 -100.64 93.41
C LEU A 234 -106.79 -100.15 93.38
N GLY A 235 -107.29 -99.82 92.20
CA GLY A 235 -108.70 -99.47 92.08
C GLY A 235 -109.55 -100.70 91.89
N LYS A 236 -108.95 -101.78 91.44
CA LYS A 236 -109.69 -103.01 91.23
C LYS A 236 -109.84 -103.79 92.52
N ALA A 237 -108.73 -104.25 93.08
CA ALA A 237 -108.73 -105.23 94.15
C ALA A 237 -108.72 -104.61 95.54
N GLY A 238 -108.91 -103.30 95.65
CA GLY A 238 -108.95 -102.69 96.95
C GLY A 238 -109.87 -103.39 97.92
N HIS A 239 -110.87 -104.10 97.39
CA HIS A 239 -111.80 -104.87 98.22
C HIS A 239 -111.20 -106.13 98.80
N ARG A 240 -109.97 -106.50 98.45
CA ARG A 240 -109.37 -107.76 98.92
C ARG A 240 -108.01 -107.47 99.53
N ARG A 241 -107.92 -107.55 100.85
CA ARG A 241 -106.68 -107.40 101.56
C ARG A 241 -106.06 -108.73 101.36
N GLU A 242 -104.80 -108.66 101.02
CA GLU A 242 -103.83 -109.68 100.59
C GLU A 242 -104.00 -109.82 99.11
N ALA A 243 -104.64 -108.89 98.42
CA ALA A 243 -104.77 -108.95 97.01
C ALA A 243 -104.07 -107.72 96.65
N ILE A 244 -104.17 -106.74 97.52
CA ILE A 244 -103.41 -105.52 97.36
C ILE A 244 -101.98 -105.69 97.84
N GLU A 245 -101.78 -106.22 99.06
CA GLU A 245 -100.41 -106.42 99.52
C GLU A 245 -99.59 -107.16 98.49
N ALA A 246 -100.15 -108.21 97.88
CA ALA A 246 -99.47 -108.89 96.81
C ALA A 246 -99.01 -107.91 95.75
N TRP A 247 -99.78 -106.85 95.52
CA TRP A 247 -99.39 -105.83 94.56
C TRP A 247 -98.42 -104.83 95.15
N LEU A 248 -98.58 -104.46 96.43
CA LEU A 248 -97.56 -103.67 97.10
C LEU A 248 -96.19 -104.32 96.98
N VAL A 249 -96.10 -105.60 97.34
CA VAL A 249 -94.82 -106.25 97.28
C VAL A 249 -94.37 -106.44 95.83
N ASP A 250 -95.31 -106.66 94.91
CA ASP A 250 -94.94 -106.70 93.50
C ASP A 250 -94.35 -105.37 93.07
N LEU A 251 -95.01 -104.28 93.44
CA LEU A 251 -94.52 -102.94 93.14
C LEU A 251 -93.13 -102.73 93.70
N THR A 252 -92.90 -103.21 94.91
CA THR A 252 -91.63 -102.95 95.56
C THR A 252 -90.53 -103.88 95.07
N THR A 253 -90.86 -105.08 94.64
CA THR A 253 -89.86 -106.06 94.27
C THR A 253 -89.48 -106.01 92.79
N ALA A 254 -90.13 -105.18 91.99
CA ALA A 254 -89.80 -105.13 90.57
C ALA A 254 -88.58 -104.29 90.27
N THR A 255 -88.20 -103.40 91.18
CA THR A 255 -86.99 -102.61 91.03
C THR A 255 -85.79 -103.45 91.44
N GLN A 256 -84.67 -102.81 91.68
CA GLN A 256 -83.43 -103.53 91.86
C GLN A 256 -82.36 -102.57 92.34
N PRO A 257 -81.59 -102.91 93.36
CA PRO A 257 -80.85 -101.90 94.11
C PRO A 257 -79.87 -101.14 93.24
N SER A 258 -79.45 -99.99 93.75
CA SER A 258 -78.57 -99.13 93.00
C SER A 258 -77.11 -99.44 93.33
N VAL A 259 -76.22 -98.75 92.63
CA VAL A 259 -74.80 -98.93 92.88
C VAL A 259 -74.37 -98.14 94.10
N ALA A 260 -74.95 -96.97 94.32
CA ALA A 260 -74.44 -96.06 95.31
C ALA A 260 -74.91 -96.41 96.71
N VAL A 261 -74.02 -96.18 97.67
CA VAL A 261 -74.35 -96.18 99.08
C VAL A 261 -74.19 -94.74 99.59
N PRO A 262 -75.28 -94.07 99.96
CA PRO A 262 -75.13 -92.74 100.54
C PRO A 262 -74.24 -92.83 101.77
N ARG A 263 -73.36 -91.84 101.93
CA ARG A 263 -72.45 -91.81 103.05
C ARG A 263 -73.31 -91.77 104.28
N LEU A 264 -74.38 -91.02 104.18
CA LEU A 264 -75.33 -90.84 105.24
C LEU A 264 -76.60 -91.47 104.76
N THR A 265 -77.17 -92.30 105.61
CA THR A 265 -78.34 -93.01 105.24
C THR A 265 -79.57 -92.53 105.90
N HIS A 266 -80.66 -92.81 105.24
CA HIS A 266 -81.98 -92.48 105.75
C HIS A 266 -82.41 -93.58 106.68
N ALA A 267 -82.68 -93.22 107.93
CA ALA A 267 -82.79 -94.20 108.99
C ALA A 267 -84.18 -94.15 109.58
N ASP A 268 -84.38 -94.91 110.63
CA ASP A 268 -85.53 -94.75 111.49
C ASP A 268 -85.07 -94.09 112.78
N THR A 269 -85.99 -93.91 113.71
CA THR A 269 -85.60 -93.52 115.05
C THR A 269 -84.77 -94.62 115.71
N ARG A 270 -85.20 -95.85 115.57
CA ARG A 270 -84.40 -96.91 116.10
C ARG A 270 -83.08 -96.82 115.36
N GLY A 271 -83.14 -96.44 114.10
CA GLY A 271 -81.97 -96.28 113.25
C GLY A 271 -81.79 -97.52 112.45
N ARG A 272 -82.63 -97.65 111.44
CA ARG A 272 -82.72 -98.82 110.62
C ARG A 272 -82.75 -98.25 109.26
N PRO A 273 -81.83 -98.63 108.38
CA PRO A 273 -81.80 -98.11 107.02
C PRO A 273 -83.10 -98.20 106.30
N VAL A 274 -83.30 -97.23 105.44
CA VAL A 274 -84.60 -97.05 104.78
C VAL A 274 -84.36 -97.13 103.29
N ASP A 275 -84.87 -98.15 102.64
CA ASP A 275 -84.56 -98.33 101.26
C ASP A 275 -85.56 -98.13 100.14
N GLY A 276 -86.60 -97.35 100.31
CA GLY A 276 -87.58 -97.19 99.24
C GLY A 276 -87.95 -95.79 99.04
N VAL A 277 -88.58 -95.43 97.92
CA VAL A 277 -89.02 -94.05 97.73
C VAL A 277 -90.53 -94.01 97.57
N LEU A 278 -91.07 -94.90 96.76
CA LEU A 278 -92.52 -95.07 96.63
C LEU A 278 -93.26 -93.74 96.65
N VAL A 279 -93.15 -93.00 95.56
CA VAL A 279 -93.85 -91.73 95.42
C VAL A 279 -95.20 -91.99 94.80
N THR A 280 -96.26 -91.42 95.40
CA THR A 280 -97.62 -91.72 95.01
C THR A 280 -98.43 -90.43 94.97
N THR A 281 -99.71 -90.57 94.72
CA THR A 281 -100.71 -89.53 94.87
C THR A 281 -101.11 -89.39 96.34
N ALA A 282 -101.60 -88.22 96.70
CA ALA A 282 -102.04 -87.99 98.08
C ALA A 282 -103.18 -88.90 98.48
N ALA A 283 -104.08 -89.22 97.55
CA ALA A 283 -105.21 -90.07 97.88
C ALA A 283 -104.80 -91.54 97.94
N ILE A 284 -104.05 -91.99 96.93
CA ILE A 284 -103.51 -93.34 96.94
C ILE A 284 -102.75 -93.59 98.23
N LYS A 285 -101.81 -92.70 98.56
CA LYS A 285 -100.95 -92.85 99.72
C LYS A 285 -101.71 -93.28 100.95
N GLN A 286 -102.62 -92.42 101.43
CA GLN A 286 -103.25 -92.67 102.71
C GLN A 286 -104.19 -93.87 102.67
N ARG A 287 -104.79 -94.15 101.54
CA ARG A 287 -105.68 -95.28 101.50
C ARG A 287 -104.79 -96.43 101.75
N LEU A 288 -103.67 -96.43 101.10
CA LEU A 288 -102.64 -97.42 101.26
C LEU A 288 -102.06 -97.36 102.63
N LEU A 289 -101.85 -96.16 103.13
CA LEU A 289 -101.17 -95.91 104.40
C LEU A 289 -101.77 -96.49 105.64
N GLN A 290 -103.06 -96.53 105.69
CA GLN A 290 -103.82 -97.11 106.79
C GLN A 290 -104.31 -98.52 106.47
N SER A 291 -105.03 -98.70 105.38
CA SER A 291 -105.52 -100.03 105.09
C SER A 291 -104.49 -101.11 104.82
N PHE A 292 -103.45 -100.84 104.07
CA PHE A 292 -102.48 -101.88 103.78
C PHE A 292 -101.03 -101.72 104.19
N LEU A 293 -100.64 -100.84 105.11
CA LEU A 293 -99.22 -100.77 105.41
C LEU A 293 -98.78 -100.04 106.66
N LYS A 294 -97.64 -100.42 107.22
CA LYS A 294 -97.04 -99.65 108.33
C LYS A 294 -95.63 -99.96 108.82
N VAL A 295 -95.04 -98.98 109.49
CA VAL A 295 -93.69 -99.02 110.05
C VAL A 295 -93.52 -97.73 110.83
N GLU A 296 -92.29 -97.35 111.15
CA GLU A 296 -91.98 -96.10 111.88
C GLU A 296 -92.20 -94.83 111.06
N ASP A 297 -92.50 -93.73 111.74
CA ASP A 297 -92.74 -92.43 111.07
C ASP A 297 -91.83 -91.19 111.17
N THR A 298 -90.64 -91.26 111.76
CA THR A 298 -89.75 -90.10 111.81
C THR A 298 -88.66 -90.56 110.89
N GLU A 299 -88.09 -89.68 110.08
CA GLU A 299 -87.18 -90.20 109.09
C GLU A 299 -85.82 -90.58 109.61
N ALA A 300 -85.36 -91.74 109.20
CA ALA A 300 -84.04 -92.14 109.67
C ALA A 300 -83.16 -90.93 109.49
N ASP A 301 -82.39 -90.63 110.51
CA ASP A 301 -81.57 -89.43 110.38
C ASP A 301 -81.26 -89.14 108.92
N VAL A 302 -81.73 -88.00 108.50
CA VAL A 302 -81.82 -87.55 107.12
C VAL A 302 -80.90 -86.39 106.89
N PRO A 303 -80.42 -86.20 105.67
CA PRO A 303 -79.33 -85.24 105.46
C PRO A 303 -79.69 -83.83 105.87
N VAL A 304 -78.65 -83.24 106.40
CA VAL A 304 -78.59 -81.87 106.60
C VAL A 304 -77.60 -81.40 105.50
N THR A 305 -76.80 -82.28 104.87
CA THR A 305 -75.79 -81.84 103.90
C THR A 305 -75.56 -82.52 102.53
N TYR A 306 -75.10 -81.70 101.57
CA TYR A 306 -74.82 -82.02 100.15
C TYR A 306 -73.77 -83.00 99.66
N GLY A 307 -72.60 -83.08 100.28
CA GLY A 307 -71.58 -84.01 99.80
C GLY A 307 -70.84 -83.45 98.60
N GLU A 308 -69.94 -82.54 98.88
CA GLU A 308 -69.12 -81.84 97.90
C GLU A 308 -68.09 -82.76 97.29
N MET A 309 -67.48 -82.30 96.21
CA MET A 309 -66.48 -83.04 95.45
C MET A 309 -65.03 -82.60 95.52
N VAL A 310 -64.17 -83.57 95.80
CA VAL A 310 -62.76 -83.32 95.91
C VAL A 310 -62.13 -83.45 94.54
N LEU A 311 -61.39 -82.44 94.12
CA LEU A 311 -60.77 -82.50 92.82
C LEU A 311 -59.83 -83.68 92.87
N ASN A 312 -59.94 -84.53 91.88
CA ASN A 312 -59.08 -85.68 91.82
C ASN A 312 -58.84 -86.03 90.37
N GLY A 313 -57.58 -86.25 90.01
CA GLY A 313 -57.27 -86.63 88.66
C GLY A 313 -57.25 -85.57 87.59
N ALA A 314 -57.44 -84.31 87.95
CA ALA A 314 -57.38 -83.27 86.94
C ALA A 314 -55.93 -82.87 86.99
N ASN A 315 -55.16 -83.25 85.99
CA ASN A 315 -53.75 -82.91 86.06
C ASN A 315 -53.39 -81.86 85.04
N LEU A 316 -53.24 -82.27 83.79
CA LEU A 316 -52.79 -81.39 82.71
C LEU A 316 -51.60 -80.57 83.17
N VAL A 317 -50.59 -81.27 83.71
CA VAL A 317 -49.57 -80.62 84.50
C VAL A 317 -48.95 -79.50 83.68
N THR A 318 -49.00 -78.28 84.21
CA THR A 318 -48.60 -77.12 83.46
C THR A 318 -47.93 -76.15 84.39
N ALA A 319 -46.79 -75.61 83.96
CA ALA A 319 -46.10 -74.61 84.73
C ALA A 319 -45.34 -73.71 83.78
N LEU A 320 -44.95 -72.54 84.28
CA LEU A 320 -44.10 -71.65 83.52
C LEU A 320 -43.29 -70.81 84.48
N VAL A 321 -42.03 -70.56 84.14
CA VAL A 321 -41.21 -69.59 84.87
C VAL A 321 -40.29 -68.92 83.87
N MET A 322 -39.53 -67.93 84.30
CA MET A 322 -38.63 -67.23 83.38
C MET A 322 -37.18 -67.48 83.75
N GLY A 323 -37.01 -67.99 84.96
CA GLY A 323 -35.72 -68.24 85.53
C GLY A 323 -35.43 -67.00 86.36
N LYS A 324 -36.03 -66.99 87.54
CA LYS A 324 -35.91 -65.92 88.51
C LYS A 324 -35.40 -66.61 89.76
N ALA A 325 -34.26 -66.19 90.28
CA ALA A 325 -33.72 -66.90 91.41
C ALA A 325 -33.67 -68.34 90.92
N VAL A 326 -33.33 -68.54 89.65
CA VAL A 326 -33.29 -69.89 89.08
C VAL A 326 -31.97 -70.29 88.44
N ARG A 327 -31.33 -71.29 89.02
CA ARG A 327 -30.07 -71.84 88.53
C ARG A 327 -30.18 -73.34 88.41
N SER A 328 -31.41 -73.84 88.43
CA SER A 328 -31.66 -75.23 88.40
C SER A 328 -32.88 -75.24 87.53
N LEU A 329 -32.83 -75.93 86.40
CA LEU A 329 -34.03 -76.03 85.59
C LEU A 329 -35.04 -76.78 86.47
N ASP A 330 -34.53 -77.51 87.45
CA ASP A 330 -35.34 -78.26 88.37
C ASP A 330 -36.22 -77.23 89.03
N ASP A 331 -35.68 -76.09 89.41
CA ASP A 331 -36.57 -75.09 89.98
C ASP A 331 -37.91 -75.08 89.27
N VAL A 332 -37.94 -75.40 87.97
CA VAL A 332 -39.21 -75.65 87.31
C VAL A 332 -39.87 -76.86 87.94
N GLY A 333 -39.20 -78.00 87.88
CA GLY A 333 -39.76 -79.23 88.43
C GLY A 333 -40.19 -79.07 89.87
N ARG A 334 -39.35 -78.43 90.69
CA ARG A 334 -39.73 -78.18 92.07
C ARG A 334 -40.92 -77.24 92.17
N HIS A 335 -41.15 -76.42 91.14
CA HIS A 335 -42.35 -75.59 91.12
C HIS A 335 -43.58 -76.40 90.76
N LEU A 336 -43.42 -77.55 90.10
CA LEU A 336 -44.55 -78.47 89.94
C LEU A 336 -45.01 -78.99 91.28
N LEU A 337 -44.09 -79.56 92.06
CA LEU A 337 -44.44 -80.08 93.37
C LEU A 337 -45.05 -79.02 94.27
N ASP A 338 -44.65 -77.76 94.08
CA ASP A 338 -45.36 -76.65 94.71
C ASP A 338 -46.84 -76.73 94.38
N MET A 339 -47.17 -76.65 93.09
CA MET A 339 -48.56 -76.63 92.66
C MET A 339 -49.34 -77.85 93.13
N GLN A 340 -48.67 -78.94 93.50
CA GLN A 340 -49.40 -80.12 93.96
C GLN A 340 -49.93 -79.96 95.37
N GLU A 341 -49.09 -79.52 96.30
CA GLU A 341 -49.46 -79.51 97.70
C GLU A 341 -50.59 -78.55 98.03
N GLU A 342 -51.00 -77.72 97.08
CA GLU A 342 -52.08 -76.76 97.35
C GLU A 342 -53.43 -77.45 97.36
N GLN A 343 -53.71 -78.31 96.38
CA GLN A 343 -55.01 -78.97 96.33
C GLN A 343 -55.14 -80.02 97.40
N LEU A 344 -54.04 -80.61 97.85
CA LEU A 344 -54.13 -81.58 98.94
C LEU A 344 -54.65 -80.91 100.20
N GLU A 345 -54.04 -79.78 100.58
CA GLU A 345 -54.60 -79.00 101.68
C GLU A 345 -56.01 -78.54 101.36
N ALA A 346 -56.34 -78.38 100.09
CA ALA A 346 -57.70 -78.01 99.72
C ALA A 346 -58.66 -79.15 99.99
N ASN A 347 -58.34 -80.34 99.50
CA ASN A 347 -59.20 -81.49 99.79
C ASN A 347 -59.17 -81.83 101.27
N ARG A 348 -57.99 -81.77 101.89
CA ARG A 348 -57.90 -81.90 103.34
C ARG A 348 -58.89 -80.96 104.00
N GLU A 349 -58.91 -79.70 103.56
CA GLU A 349 -59.93 -78.77 104.04
C GLU A 349 -61.32 -79.21 103.60
N THR A 350 -61.47 -79.56 102.32
CA THR A 350 -62.78 -79.93 101.81
C THR A 350 -63.33 -81.17 102.52
N LEU A 351 -62.47 -82.15 102.80
CA LEU A 351 -62.95 -83.35 103.49
C LEU A 351 -63.26 -83.06 104.94
N ASP A 352 -62.28 -82.51 105.67
CA ASP A 352 -62.50 -82.23 107.09
C ASP A 352 -63.70 -81.33 107.29
N GLU A 353 -63.94 -80.42 106.35
CA GLU A 353 -65.12 -79.57 106.42
C GLU A 353 -66.39 -80.41 106.50
N LEU A 354 -66.52 -81.39 105.59
CA LEU A 354 -67.73 -82.20 105.60
C LEU A 354 -67.78 -83.11 106.82
N GLU A 355 -66.68 -83.81 107.11
CA GLU A 355 -66.66 -84.66 108.30
C GLU A 355 -67.00 -83.86 109.54
N SER A 356 -66.66 -82.57 109.55
CA SER A 356 -67.12 -81.68 110.59
C SER A 356 -68.55 -81.21 110.37
N ALA A 357 -68.98 -81.13 109.11
CA ALA A 357 -70.29 -80.58 108.82
C ALA A 357 -71.39 -81.37 109.53
N PRO A 358 -72.50 -80.73 109.87
CA PRO A 358 -73.46 -81.34 110.80
C PRO A 358 -74.15 -82.55 110.20
N GLN A 359 -74.32 -83.58 111.02
CA GLN A 359 -74.93 -84.81 110.59
C GLN A 359 -76.22 -85.07 111.32
N THR A 360 -77.08 -85.89 110.70
CA THR A 360 -78.27 -86.47 111.31
C THR A 360 -79.24 -85.40 111.79
N THR A 361 -79.90 -84.75 110.83
CA THR A 361 -81.15 -84.07 111.16
C THR A 361 -82.28 -85.08 111.02
N ARG A 362 -83.28 -84.94 111.88
CA ARG A 362 -84.37 -85.90 111.96
C ARG A 362 -85.63 -85.25 111.41
N VAL A 363 -86.17 -85.82 110.34
CA VAL A 363 -87.34 -85.27 109.68
C VAL A 363 -88.51 -86.22 109.91
N ARG A 364 -89.71 -85.67 109.89
CA ARG A 364 -90.88 -86.51 109.83
C ARG A 364 -91.11 -86.99 108.41
N ALA A 365 -91.50 -88.25 108.29
CA ALA A 365 -91.93 -88.92 107.09
C ALA A 365 -92.36 -90.30 107.54
N ASP A 366 -93.11 -91.00 106.71
CA ASP A 366 -93.65 -92.29 107.12
C ASP A 366 -92.81 -93.40 106.52
N LEU A 367 -91.98 -94.00 107.37
CA LEU A 367 -91.27 -95.20 107.02
C LEU A 367 -92.23 -96.35 107.19
N VAL A 368 -92.33 -97.20 106.18
CA VAL A 368 -93.38 -98.19 106.18
C VAL A 368 -92.82 -99.52 105.73
N ALA A 369 -93.40 -100.60 106.23
CA ALA A 369 -92.88 -101.93 105.99
C ALA A 369 -93.70 -102.59 104.91
N ILE A 370 -93.08 -102.85 103.77
CA ILE A 370 -93.64 -103.75 102.78
C ILE A 370 -92.68 -104.92 102.68
N GLY A 371 -93.06 -106.06 103.26
CA GLY A 371 -92.32 -107.29 103.09
C GLY A 371 -90.85 -107.26 103.45
N ASP A 372 -90.53 -106.90 104.68
CA ASP A 372 -89.13 -106.78 105.11
C ASP A 372 -88.42 -105.70 104.30
N ARG A 373 -89.09 -104.58 104.11
CA ARG A 373 -88.47 -103.38 103.55
C ARG A 373 -89.04 -102.17 104.26
N LEU A 374 -88.22 -101.21 104.61
CA LEU A 374 -88.75 -99.97 105.18
C LEU A 374 -88.69 -99.06 103.99
N VAL A 375 -89.77 -98.39 103.69
CA VAL A 375 -89.90 -97.61 102.48
C VAL A 375 -90.35 -96.19 102.81
N PHE A 376 -90.23 -95.22 101.93
CA PHE A 376 -90.72 -93.91 102.26
C PHE A 376 -92.01 -93.74 101.51
N LEU A 377 -93.17 -93.59 102.16
CA LEU A 377 -94.36 -93.38 101.38
C LEU A 377 -94.46 -91.88 101.20
N GLU A 378 -94.32 -91.41 99.98
CA GLU A 378 -94.20 -89.98 99.74
C GLU A 378 -95.20 -89.59 98.68
N ALA A 379 -96.19 -88.83 99.06
CA ALA A 379 -97.03 -88.12 98.12
C ALA A 379 -96.80 -86.64 98.35
N LEU A 380 -96.10 -86.01 97.46
CA LEU A 380 -95.79 -84.61 97.62
C LEU A 380 -96.62 -83.84 96.59
N GLU A 381 -97.72 -83.28 97.08
CA GLU A 381 -98.62 -82.42 96.31
C GLU A 381 -98.91 -81.25 97.20
N LYS A 382 -99.59 -81.54 98.31
CA LYS A 382 -99.93 -80.57 99.34
C LYS A 382 -98.66 -80.04 99.97
N ARG A 383 -97.52 -80.58 99.56
CA ARG A 383 -96.27 -80.06 100.07
C ARG A 383 -95.64 -79.09 99.07
N ILE A 384 -95.00 -79.60 98.01
CA ILE A 384 -94.28 -78.72 97.10
C ILE A 384 -95.04 -78.34 95.82
N TYR A 385 -96.08 -79.07 95.47
CA TYR A 385 -96.85 -78.74 94.25
C TYR A 385 -98.13 -78.06 94.62
N ALA A 386 -98.23 -77.68 95.88
CA ALA A 386 -99.34 -77.05 96.54
C ALA A 386 -100.31 -76.16 95.86
N ALA A 387 -99.85 -75.14 95.17
CA ALA A 387 -100.75 -74.24 94.50
C ALA A 387 -99.81 -73.48 93.59
N THR A 388 -99.08 -74.22 92.78
CA THR A 388 -98.13 -73.62 91.87
C THR A 388 -98.69 -73.41 90.47
N ASN A 389 -99.90 -73.89 90.20
CA ASN A 389 -100.45 -74.05 88.86
C ASN A 389 -99.69 -75.08 88.04
N VAL A 390 -98.58 -75.62 88.54
CA VAL A 390 -97.81 -76.66 87.86
C VAL A 390 -98.46 -78.01 88.15
N PRO A 391 -98.79 -78.79 87.15
CA PRO A 391 -99.48 -80.06 87.41
C PRO A 391 -98.55 -81.08 88.03
N TYR A 392 -99.10 -81.86 88.95
CA TYR A 392 -98.37 -82.91 89.61
C TYR A 392 -98.04 -83.91 88.55
N PRO A 393 -96.75 -84.42 88.56
CA PRO A 393 -96.46 -85.37 87.49
C PRO A 393 -96.93 -86.80 87.67
N LEU A 394 -97.45 -87.22 88.82
CA LEU A 394 -97.84 -88.62 88.91
C LEU A 394 -99.27 -88.86 88.48
N VAL A 395 -100.03 -87.82 88.23
CA VAL A 395 -101.37 -87.94 87.68
C VAL A 395 -101.23 -87.70 86.19
N GLY A 396 -101.65 -88.67 85.40
CA GLY A 396 -101.44 -88.60 83.97
C GLY A 396 -102.60 -89.25 83.26
N ALA A 397 -102.72 -88.93 81.99
CA ALA A 397 -103.88 -89.42 81.27
C ALA A 397 -103.58 -90.74 80.59
N MET A 398 -104.63 -91.35 80.08
CA MET A 398 -104.54 -92.60 79.36
C MET A 398 -105.77 -92.70 78.50
N ASP A 399 -105.64 -93.31 77.34
CA ASP A 399 -106.80 -93.46 76.48
C ASP A 399 -106.92 -94.88 75.98
N LEU A 400 -108.13 -95.38 75.97
CA LEU A 400 -108.39 -96.74 75.55
C LEU A 400 -109.47 -96.74 74.49
N THR A 401 -109.34 -97.68 73.56
CA THR A 401 -110.26 -97.81 72.45
C THR A 401 -111.19 -98.98 72.74
N PHE A 402 -112.47 -98.81 72.49
CA PHE A 402 -113.46 -99.81 72.83
C PHE A 402 -114.22 -100.22 71.58
N VAL A 403 -114.88 -101.36 71.63
CA VAL A 403 -115.58 -101.88 70.45
C VAL A 403 -116.96 -102.38 70.82
N LEU A 404 -117.96 -101.91 70.09
CA LEU A 404 -119.35 -102.30 70.24
C LEU A 404 -119.83 -102.92 68.93
N PRO A 405 -120.23 -104.18 68.91
CA PRO A 405 -120.78 -104.76 67.67
C PRO A 405 -122.29 -104.58 67.45
N LEU A 406 -122.72 -103.49 66.82
CA LEU A 406 -124.11 -103.40 66.40
C LEU A 406 -124.35 -104.44 65.32
N GLY A 407 -125.60 -104.51 64.89
CA GLY A 407 -125.98 -105.35 63.81
C GLY A 407 -125.92 -106.83 63.76
N LEU A 408 -124.89 -107.45 64.33
CA LEU A 408 -124.73 -108.87 64.15
C LEU A 408 -125.96 -109.64 64.49
N PHE A 409 -126.19 -110.69 63.70
CA PHE A 409 -127.32 -111.58 63.82
C PHE A 409 -126.53 -112.74 64.27
N ASN A 410 -126.91 -113.39 65.36
CA ASN A 410 -125.95 -114.37 65.82
C ASN A 410 -125.76 -115.50 64.83
N PRO A 411 -124.65 -116.23 64.93
CA PRO A 411 -124.51 -117.46 64.16
C PRO A 411 -125.66 -118.41 64.43
N ALA A 412 -125.97 -119.25 63.44
CA ALA A 412 -127.15 -120.10 63.50
C ALA A 412 -127.19 -120.95 64.77
N MET A 413 -126.05 -121.56 65.12
CA MET A 413 -125.97 -122.26 66.40
C MET A 413 -125.98 -121.27 67.56
N GLU A 414 -125.37 -120.10 67.40
CA GLU A 414 -125.25 -119.11 68.45
C GLU A 414 -126.43 -118.15 68.50
N ARG A 415 -127.46 -118.40 67.70
CA ARG A 415 -128.78 -117.83 67.88
C ARG A 415 -129.58 -118.61 68.92
N PHE A 416 -128.90 -119.49 69.66
CA PHE A 416 -129.57 -120.40 70.56
C PHE A 416 -130.29 -119.68 71.70
N ALA A 417 -131.35 -120.33 72.19
CA ALA A 417 -132.35 -119.78 73.13
C ALA A 417 -132.08 -119.28 74.55
N ALA A 418 -131.25 -120.02 75.28
CA ALA A 418 -130.95 -119.76 76.70
C ALA A 418 -132.09 -120.43 77.42
N HIS A 419 -133.31 -120.14 76.96
CA HIS A 419 -134.52 -120.78 77.45
C HIS A 419 -135.63 -120.69 76.40
N ALA A 420 -136.35 -121.77 76.18
CA ALA A 420 -137.47 -121.64 75.28
C ALA A 420 -138.23 -120.35 75.49
N GLY A 421 -138.35 -119.92 76.74
CA GLY A 421 -139.07 -118.68 76.99
C GLY A 421 -138.58 -117.56 77.90
N ASP A 422 -138.53 -116.38 77.30
CA ASP A 422 -138.28 -115.05 77.92
C ASP A 422 -138.63 -114.05 76.81
N LEU A 423 -139.11 -112.86 77.16
CA LEU A 423 -139.50 -111.85 76.16
C LEU A 423 -140.82 -112.32 75.59
N VAL A 424 -141.32 -113.32 76.31
CA VAL A 424 -142.56 -113.98 76.06
C VAL A 424 -143.55 -112.86 76.15
N PRO A 425 -144.51 -112.86 75.15
CA PRO A 425 -145.47 -111.76 75.25
C PRO A 425 -146.67 -112.18 76.09
N ALA A 426 -147.77 -111.51 75.80
CA ALA A 426 -149.07 -111.78 76.37
C ALA A 426 -149.48 -112.78 75.31
N PRO A 427 -150.74 -113.12 75.21
CA PRO A 427 -151.03 -114.11 74.15
C PRO A 427 -151.11 -113.54 72.74
N GLY A 428 -151.76 -112.39 72.55
CA GLY A 428 -152.17 -111.93 71.25
C GLY A 428 -151.14 -111.34 70.31
N HIS A 429 -149.87 -111.47 70.69
CA HIS A 429 -148.75 -111.13 69.85
C HIS A 429 -148.05 -112.49 69.74
N PRO A 430 -147.87 -113.02 68.46
CA PRO A 430 -147.24 -114.34 68.43
C PRO A 430 -145.81 -114.44 67.91
N GLU A 431 -145.33 -113.45 67.17
CA GLU A 431 -143.98 -113.54 66.63
C GLU A 431 -142.97 -113.55 67.77
N PRO A 432 -141.83 -114.30 67.55
CA PRO A 432 -140.88 -114.31 68.67
C PRO A 432 -139.90 -113.15 68.64
N ARG A 433 -138.86 -113.28 69.44
CA ARG A 433 -137.80 -112.29 69.57
C ARG A 433 -136.63 -112.71 68.72
N ALA A 434 -136.86 -113.57 67.72
CA ALA A 434 -135.74 -113.99 66.92
C ALA A 434 -135.42 -113.02 65.81
N PHE A 435 -136.01 -111.82 65.84
CA PHE A 435 -135.77 -110.83 64.80
C PHE A 435 -134.29 -110.45 64.73
N PRO A 436 -133.88 -109.65 63.73
CA PRO A 436 -132.47 -109.25 63.62
C PRO A 436 -132.12 -108.04 64.48
N PRO A 437 -131.64 -108.23 65.72
CA PRO A 437 -131.45 -107.10 66.62
C PRO A 437 -130.61 -106.03 65.96
N ARG A 438 -131.06 -104.78 66.15
CA ARG A 438 -130.32 -103.57 65.74
C ARG A 438 -130.39 -102.44 66.82
N GLN A 439 -129.72 -102.66 67.96
CA GLN A 439 -129.69 -101.79 69.12
C GLN A 439 -128.51 -102.34 69.86
N LEU A 440 -127.87 -101.55 70.68
CA LEU A 440 -126.84 -102.10 71.53
C LEU A 440 -126.86 -101.32 72.82
N PHE A 441 -127.05 -102.00 73.93
CA PHE A 441 -127.22 -101.33 75.19
C PHE A 441 -125.97 -101.51 76.02
N PHE A 442 -125.46 -100.43 76.55
CA PHE A 442 -124.28 -100.45 77.38
C PHE A 442 -124.46 -99.42 78.47
N TRP A 443 -123.74 -99.62 79.56
CA TRP A 443 -123.95 -98.81 80.75
C TRP A 443 -123.49 -97.39 80.54
N GLY A 444 -124.29 -96.45 81.01
CA GLY A 444 -123.87 -95.08 81.14
C GLY A 444 -123.53 -94.75 82.58
N LYS A 445 -123.08 -93.52 82.80
CA LYS A 445 -122.72 -93.05 84.12
C LYS A 445 -123.98 -92.93 84.96
N ASP A 446 -123.81 -93.05 86.28
CA ASP A 446 -124.88 -93.11 87.30
C ASP A 446 -125.68 -94.36 87.03
N HIS A 447 -126.98 -94.25 86.85
CA HIS A 447 -127.84 -95.40 86.70
C HIS A 447 -128.34 -95.53 85.27
N GLN A 448 -127.73 -94.81 84.37
CA GLN A 448 -128.17 -94.70 82.99
C GLN A 448 -127.67 -95.86 82.15
N VAL A 449 -128.47 -96.26 81.17
CA VAL A 449 -128.09 -97.26 80.17
C VAL A 449 -128.25 -96.61 78.80
N LEU A 450 -127.22 -96.74 77.97
CA LEU A 450 -127.15 -96.04 76.70
C LEU A 450 -127.52 -96.98 75.57
N ARG A 451 -127.42 -96.48 74.33
CA ARG A 451 -127.66 -97.31 73.16
C ARG A 451 -127.36 -96.60 71.85
N LEU A 452 -126.93 -97.41 70.90
CA LEU A 452 -126.59 -96.98 69.59
C LEU A 452 -127.63 -97.77 68.87
N SER A 453 -128.41 -97.07 68.06
CA SER A 453 -129.45 -97.69 67.30
C SER A 453 -128.80 -97.66 65.97
N MET A 454 -129.25 -98.50 65.07
CA MET A 454 -128.66 -98.51 63.77
C MET A 454 -128.93 -97.15 63.14
N GLU A 455 -129.97 -96.42 63.58
CA GLU A 455 -130.20 -95.14 62.95
C GLU A 455 -128.99 -94.24 63.09
N ASN A 456 -128.03 -94.68 63.89
CA ASN A 456 -126.85 -93.91 64.23
C ASN A 456 -125.88 -93.83 63.08
N ALA A 457 -125.82 -94.86 62.24
CA ALA A 457 -124.80 -94.92 61.20
C ALA A 457 -125.15 -94.05 60.01
N VAL A 458 -126.29 -93.36 60.04
CA VAL A 458 -126.71 -92.53 58.92
C VAL A 458 -125.65 -91.48 58.61
N GLY A 459 -125.02 -90.92 59.64
CA GLY A 459 -123.92 -90.00 59.38
C GLY A 459 -122.71 -90.68 58.79
N THR A 460 -122.64 -92.00 58.86
CA THR A 460 -121.50 -92.74 58.37
C THR A 460 -121.74 -93.26 56.96
N VAL A 461 -122.72 -94.14 56.81
CA VAL A 461 -122.91 -94.81 55.54
C VAL A 461 -123.61 -93.91 54.53
N CYS A 462 -124.54 -93.07 54.98
CA CYS A 462 -125.28 -92.24 54.03
C CYS A 462 -124.45 -91.09 53.48
N HIS A 463 -123.27 -90.85 54.02
CA HIS A 463 -122.38 -89.89 53.39
C HIS A 463 -122.01 -90.39 51.99
N PRO A 464 -121.91 -89.53 51.00
CA PRO A 464 -121.48 -90.02 49.69
C PRO A 464 -120.00 -90.27 49.67
N SER A 465 -119.50 -90.88 50.74
CA SER A 465 -118.20 -91.52 50.76
C SER A 465 -118.30 -93.03 50.65
N LEU A 466 -119.51 -93.55 50.66
CA LEU A 466 -119.72 -94.98 50.47
C LEU A 466 -119.33 -95.38 49.07
N MET A 467 -119.76 -94.56 48.14
CA MET A 467 -119.60 -94.76 46.71
C MET A 467 -118.24 -94.78 46.03
N ASN A 468 -117.33 -93.88 46.36
CA ASN A 468 -116.07 -93.83 45.63
C ASN A 468 -115.13 -95.01 45.82
N ILE A 469 -114.76 -95.69 44.74
CA ILE A 469 -113.84 -96.82 44.83
C ILE A 469 -112.63 -96.68 43.91
N ASP A 470 -112.70 -95.74 43.00
CA ASP A 470 -111.65 -95.51 42.01
C ASP A 470 -110.28 -95.81 42.59
N ALA A 471 -110.09 -95.50 43.87
CA ALA A 471 -108.86 -95.91 44.53
C ALA A 471 -108.78 -97.42 44.65
N ALA A 472 -109.93 -98.09 44.81
CA ALA A 472 -109.92 -99.54 44.92
C ALA A 472 -109.69 -100.20 43.57
N VAL A 473 -110.47 -99.81 42.56
CA VAL A 473 -110.42 -100.52 41.29
C VAL A 473 -109.07 -100.36 40.62
N GLY A 474 -108.53 -99.14 40.60
CA GLY A 474 -107.15 -98.96 40.22
C GLY A 474 -106.18 -99.45 41.27
N GLY A 475 -106.61 -99.51 42.53
CA GLY A 475 -105.74 -100.01 43.57
C GLY A 475 -105.78 -101.51 43.75
N VAL A 476 -106.77 -102.18 43.17
CA VAL A 476 -106.66 -103.61 42.93
C VAL A 476 -106.19 -103.89 41.51
N ASN A 477 -106.13 -102.87 40.64
CA ASN A 477 -105.67 -103.02 39.27
C ASN A 477 -104.28 -103.65 39.21
N HIS A 478 -103.44 -103.40 40.20
CA HIS A 478 -102.10 -103.99 40.22
C HIS A 478 -102.21 -105.49 40.06
N ASP A 479 -101.18 -106.08 39.45
CA ASP A 479 -101.16 -107.51 39.21
C ASP A 479 -102.41 -107.96 38.45
N PRO A 480 -102.47 -107.70 37.14
CA PRO A 480 -103.64 -108.10 36.37
C PRO A 480 -103.98 -109.57 36.58
N VAL A 481 -105.26 -109.89 36.50
CA VAL A 481 -105.77 -111.18 36.92
C VAL A 481 -106.24 -111.95 35.69
N GLU A 482 -106.24 -113.27 35.81
CA GLU A 482 -106.55 -114.14 34.69
C GLU A 482 -108.04 -114.10 34.38
N ALA A 483 -108.42 -114.83 33.34
CA ALA A 483 -109.82 -114.87 32.93
C ALA A 483 -110.62 -115.72 33.91
N ALA A 484 -111.71 -115.16 34.41
CA ALA A 484 -112.62 -115.84 35.31
C ALA A 484 -113.72 -116.59 34.59
N ASN A 485 -113.63 -116.70 33.25
CA ASN A 485 -114.64 -117.09 32.28
C ASN A 485 -115.91 -116.26 32.47
N PRO A 486 -115.89 -115.04 32.01
CA PRO A 486 -116.91 -114.08 32.40
C PRO A 486 -118.30 -114.52 31.98
N TYR A 487 -118.86 -115.49 32.69
CA TYR A 487 -120.23 -115.86 32.45
C TYR A 487 -121.15 -114.79 33.00
N GLY A 488 -121.20 -114.64 34.32
CA GLY A 488 -121.97 -113.55 34.87
C GLY A 488 -121.36 -112.19 34.65
N ALA A 489 -120.13 -112.12 34.16
CA ALA A 489 -119.41 -110.88 34.01
C ALA A 489 -119.46 -110.30 32.59
N TYR A 490 -120.24 -110.90 31.69
CA TYR A 490 -120.25 -110.45 30.31
C TYR A 490 -121.67 -110.24 29.82
N VAL A 491 -121.81 -109.36 28.83
CA VAL A 491 -123.09 -109.09 28.18
C VAL A 491 -122.91 -109.24 26.68
N ALA A 492 -123.59 -110.21 26.08
CA ALA A 492 -123.62 -110.36 24.64
C ALA A 492 -124.76 -109.54 24.07
N ALA A 493 -124.48 -108.85 22.98
CA ALA A 493 -125.55 -108.16 22.27
C ALA A 493 -126.57 -109.17 21.77
N PRO A 494 -127.87 -108.94 21.98
CA PRO A 494 -128.88 -109.80 21.36
C PRO A 494 -128.61 -109.97 19.89
N ALA A 495 -128.69 -111.20 19.42
CA ALA A 495 -128.27 -111.52 18.06
C ALA A 495 -129.18 -112.59 17.48
N GLY A 496 -129.55 -112.41 16.22
CA GLY A 496 -130.31 -113.42 15.50
C GLY A 496 -131.72 -113.57 16.02
N PRO A 497 -132.48 -114.46 15.39
CA PRO A 497 -133.83 -114.74 15.87
C PRO A 497 -133.79 -115.44 17.22
N GLY A 498 -134.73 -115.08 18.09
CA GLY A 498 -134.68 -115.51 19.47
C GLY A 498 -134.77 -117.01 19.66
N ALA A 499 -135.27 -117.72 18.64
CA ALA A 499 -135.49 -119.15 18.77
C ALA A 499 -134.21 -119.87 19.19
N ASP A 500 -133.14 -119.70 18.42
CA ASP A 500 -131.87 -120.32 18.74
C ASP A 500 -130.99 -119.45 19.63
N MET A 501 -131.48 -118.27 20.03
CA MET A 501 -130.68 -117.41 20.89
C MET A 501 -130.30 -118.10 22.18
N GLN A 502 -131.26 -118.81 22.79
CA GLN A 502 -130.89 -119.67 23.90
C GLN A 502 -130.14 -120.90 23.40
N GLN A 503 -130.46 -121.34 22.19
CA GLN A 503 -129.84 -122.56 21.68
C GLN A 503 -128.37 -122.37 21.38
N ARG A 504 -128.04 -121.42 20.52
CA ARG A 504 -126.65 -121.27 20.13
C ARG A 504 -125.84 -120.72 21.27
N PHE A 505 -126.51 -120.07 22.22
CA PHE A 505 -125.81 -119.65 23.43
C PHE A 505 -125.23 -120.85 24.16
N LEU A 506 -126.07 -121.83 24.48
CA LEU A 506 -125.59 -123.02 25.16
C LEU A 506 -124.47 -123.70 24.38
N ASN A 507 -124.46 -123.53 23.06
CA ASN A 507 -123.29 -123.91 22.30
C ASN A 507 -122.21 -122.85 22.40
N ALA A 508 -122.56 -121.58 22.30
CA ALA A 508 -121.52 -120.60 22.41
C ALA A 508 -120.83 -120.72 23.78
N TRP A 509 -121.62 -120.87 24.81
CA TRP A 509 -121.07 -120.97 26.15
C TRP A 509 -120.72 -122.37 26.66
N ARG A 510 -119.75 -123.01 26.03
CA ARG A 510 -119.30 -124.32 26.51
C ARG A 510 -117.79 -124.39 26.57
N GLN A 511 -117.16 -123.48 25.83
CA GLN A 511 -115.70 -123.42 25.75
C GLN A 511 -114.96 -123.10 27.03
N ARG A 512 -115.44 -122.10 27.75
CA ARG A 512 -114.84 -121.69 29.01
C ARG A 512 -115.98 -121.57 30.01
N LEU A 513 -117.21 -121.93 29.62
CA LEU A 513 -118.25 -122.09 30.62
C LEU A 513 -117.99 -123.34 31.43
N ALA A 514 -117.97 -124.50 30.78
CA ALA A 514 -117.66 -125.74 31.50
C ALA A 514 -116.23 -125.78 32.02
N HIS A 515 -115.35 -124.90 31.54
CA HIS A 515 -113.95 -124.91 31.97
C HIS A 515 -113.83 -124.67 33.47
N GLY A 516 -114.08 -123.44 33.92
CA GLY A 516 -114.09 -123.14 35.33
C GLY A 516 -115.52 -122.97 35.85
N ARG A 517 -115.63 -122.98 37.17
CA ARG A 517 -116.94 -122.76 37.78
C ARG A 517 -117.29 -121.28 37.74
N VAL A 518 -118.59 -121.00 37.66
CA VAL A 518 -119.03 -119.62 37.77
C VAL A 518 -118.53 -119.07 39.10
N ARG A 519 -118.06 -117.82 39.03
CA ARG A 519 -117.32 -117.09 40.07
C ARG A 519 -118.08 -117.19 41.35
N TRP A 520 -119.32 -116.74 41.29
CA TRP A 520 -120.10 -116.79 42.46
C TRP A 520 -120.22 -118.27 42.42
N VAL A 521 -120.15 -118.94 43.53
CA VAL A 521 -120.31 -120.38 43.57
C VAL A 521 -119.99 -120.49 44.98
N ALA A 522 -119.99 -121.67 45.55
CA ALA A 522 -119.72 -121.77 46.99
C ALA A 522 -120.79 -120.90 47.65
N GLU A 523 -121.98 -120.97 47.05
CA GLU A 523 -123.19 -120.30 47.46
C GLU A 523 -123.43 -121.18 48.62
N CYS A 524 -122.68 -122.26 48.57
CA CYS A 524 -122.75 -123.22 49.62
C CYS A 524 -122.14 -122.73 50.92
N GLN A 525 -120.98 -122.12 50.89
CA GLN A 525 -120.47 -121.68 52.19
C GLN A 525 -121.36 -121.21 53.29
N MET A 526 -120.85 -121.44 54.50
CA MET A 526 -121.46 -121.04 55.74
C MET A 526 -120.40 -120.10 56.20
N THR A 527 -120.75 -119.12 56.97
CA THR A 527 -119.74 -118.19 57.40
C THR A 527 -118.64 -118.98 58.10
N ALA A 528 -117.53 -118.31 58.40
CA ALA A 528 -116.30 -118.91 58.93
C ALA A 528 -115.77 -119.93 57.93
N GLU A 529 -116.50 -120.14 56.84
CA GLU A 529 -115.97 -120.76 55.64
C GLU A 529 -115.64 -119.66 54.66
N GLN A 530 -116.48 -118.65 54.57
CA GLN A 530 -116.12 -117.54 53.70
C GLN A 530 -115.00 -116.73 54.29
N PHE A 531 -114.88 -116.73 55.61
CA PHE A 531 -113.80 -116.00 56.25
C PHE A 531 -112.49 -116.75 56.23
N MET A 532 -112.51 -118.07 56.22
CA MET A 532 -111.26 -118.81 56.37
C MET A 532 -110.32 -118.49 55.20
N GLN A 533 -109.05 -118.35 55.54
CA GLN A 533 -108.14 -117.76 54.60
C GLN A 533 -108.13 -118.50 53.35
N PRO A 534 -108.10 -119.81 53.50
CA PRO A 534 -108.05 -120.85 52.49
C PRO A 534 -109.35 -120.94 51.78
N ASP A 535 -109.31 -121.27 50.50
CA ASP A 535 -110.51 -121.49 49.68
C ASP A 535 -111.63 -120.48 49.43
N ASN A 536 -111.57 -119.31 50.05
CA ASN A 536 -112.63 -118.39 49.91
C ASN A 536 -111.77 -117.56 49.06
N ALA A 537 -111.22 -118.19 48.02
CA ALA A 537 -110.31 -117.42 47.19
C ALA A 537 -110.97 -116.12 46.87
N ASN A 538 -112.29 -116.14 46.97
CA ASN A 538 -113.07 -114.96 46.65
C ASN A 538 -113.15 -113.99 47.79
N LEU A 539 -112.52 -114.31 48.92
CA LEU A 539 -112.45 -113.38 50.03
C LEU A 539 -111.83 -112.06 49.60
N ALA A 540 -110.62 -112.14 49.05
CA ALA A 540 -109.88 -110.94 48.70
C ALA A 540 -110.68 -110.00 47.82
N LEU A 541 -111.66 -110.51 47.09
CA LEU A 541 -112.48 -109.67 46.24
C LEU A 541 -113.82 -109.33 46.87
N GLU A 542 -114.05 -109.72 48.12
CA GLU A 542 -115.15 -109.14 48.86
C GLU A 542 -114.59 -107.95 49.60
N LEU A 543 -114.83 -106.75 49.08
CA LEU A 543 -114.25 -105.54 49.62
C LEU A 543 -115.33 -104.62 50.17
N HIS A 544 -116.19 -104.18 49.35
CA HIS A 544 -117.09 -103.15 49.72
C HIS A 544 -118.50 -103.70 49.74
N PRO A 545 -119.34 -103.21 50.67
CA PRO A 545 -120.75 -103.68 50.67
C PRO A 545 -121.42 -103.47 49.33
N ALA A 546 -121.16 -102.36 48.69
CA ALA A 546 -121.97 -101.86 47.59
C ALA A 546 -121.44 -102.22 46.22
N PHE A 547 -120.36 -102.97 46.12
CA PHE A 547 -119.83 -103.29 44.80
C PHE A 547 -119.40 -104.74 44.72
N ASP A 548 -119.67 -105.35 43.59
CA ASP A 548 -119.15 -106.68 43.28
C ASP A 548 -117.84 -106.49 42.55
N PHE A 549 -116.75 -106.87 43.18
CA PHE A 549 -115.46 -106.85 42.51
C PHE A 549 -115.28 -108.22 41.90
N PHE A 550 -115.33 -108.26 40.58
CA PHE A 550 -115.19 -109.49 39.83
C PHE A 550 -114.18 -109.27 38.74
N ALA A 551 -113.71 -110.36 38.16
CA ALA A 551 -112.79 -110.29 37.04
C ALA A 551 -113.61 -110.35 35.77
N GLY A 552 -113.71 -109.23 35.07
CA GLY A 552 -114.24 -109.21 33.73
C GLY A 552 -113.11 -109.06 32.73
N VAL A 553 -113.45 -109.23 31.46
CA VAL A 553 -112.47 -108.97 30.41
C VAL A 553 -112.12 -107.48 30.43
N ALA A 554 -110.91 -107.16 29.98
CA ALA A 554 -110.35 -105.86 30.29
C ALA A 554 -110.75 -104.66 29.44
N ASP A 555 -110.47 -104.74 28.13
CA ASP A 555 -110.61 -103.57 27.27
C ASP A 555 -111.92 -103.71 26.52
N VAL A 556 -112.45 -104.92 26.41
CA VAL A 556 -113.64 -105.17 25.60
C VAL A 556 -114.75 -104.24 26.02
N GLU A 557 -115.40 -103.59 25.06
CA GLU A 557 -116.69 -102.99 25.34
C GLU A 557 -117.67 -104.13 25.56
N LEU A 558 -118.26 -104.19 26.74
CA LEU A 558 -119.06 -105.36 27.06
C LEU A 558 -120.36 -105.42 26.26
N PRO A 559 -121.20 -104.38 26.22
CA PRO A 559 -122.49 -104.53 25.53
C PRO A 559 -122.32 -104.77 24.04
N GLY A 560 -121.80 -105.95 23.68
CA GLY A 560 -121.65 -106.29 22.28
C GLY A 560 -121.15 -107.71 22.13
N GLY A 561 -121.38 -108.26 20.94
CA GLY A 561 -120.85 -109.56 20.58
C GLY A 561 -121.70 -110.70 21.09
N GLU A 562 -121.09 -111.89 21.09
CA GLU A 562 -121.75 -113.08 21.60
C GLU A 562 -120.87 -113.74 22.65
N VAL A 563 -119.79 -114.35 22.22
CA VAL A 563 -118.96 -115.04 23.15
C VAL A 563 -118.22 -113.92 23.85
N PRO A 564 -117.81 -114.19 25.15
CA PRO A 564 -117.11 -113.07 25.77
C PRO A 564 -115.82 -112.92 25.02
N PRO A 565 -115.48 -111.63 24.63
CA PRO A 565 -114.18 -111.56 23.96
C PRO A 565 -113.23 -111.76 25.12
N ALA A 566 -112.23 -112.62 25.03
CA ALA A 566 -111.39 -112.84 26.22
C ALA A 566 -109.91 -112.43 26.18
N GLY A 567 -109.58 -111.42 26.99
CA GLY A 567 -108.21 -111.00 27.12
C GLY A 567 -107.76 -111.23 28.55
N PRO A 568 -106.76 -110.49 28.99
CA PRO A 568 -106.42 -110.51 30.42
C PRO A 568 -107.55 -109.87 31.22
N GLY A 569 -107.99 -110.57 32.26
CA GLY A 569 -109.07 -110.06 33.07
C GLY A 569 -108.63 -108.81 33.81
N ALA A 570 -109.35 -107.71 33.60
CA ALA A 570 -109.13 -106.49 34.38
C ALA A 570 -110.11 -106.52 35.53
N ILE A 571 -109.58 -106.66 36.73
CA ILE A 571 -110.42 -106.88 37.90
C ILE A 571 -111.22 -105.61 38.16
N GLN A 572 -112.54 -105.74 38.14
CA GLN A 572 -113.39 -104.57 38.00
C GLN A 572 -114.62 -104.71 38.87
N ALA A 573 -115.43 -103.66 38.87
CA ALA A 573 -116.47 -103.51 39.88
C ALA A 573 -117.76 -103.04 39.23
N THR A 574 -118.86 -103.56 39.73
CA THR A 574 -120.19 -103.09 39.39
C THR A 574 -121.02 -103.05 40.66
N TRP A 575 -122.00 -102.16 40.67
CA TRP A 575 -122.66 -101.78 41.90
C TRP A 575 -123.79 -102.75 42.23
N ARG A 576 -123.68 -103.44 43.37
CA ARG A 576 -124.77 -104.24 43.88
C ARG A 576 -126.00 -103.38 44.05
N VAL A 577 -127.11 -103.79 43.46
CA VAL A 577 -128.24 -102.89 43.51
C VAL A 577 -129.15 -103.02 44.72
N VAL A 578 -129.59 -104.22 44.99
CA VAL A 578 -130.47 -104.45 46.11
C VAL A 578 -129.54 -104.97 47.20
N ASN A 579 -130.01 -104.93 48.44
CA ASN A 579 -129.22 -105.49 49.53
C ASN A 579 -129.29 -107.00 49.58
N GLY A 580 -130.02 -107.61 48.66
CA GLY A 580 -129.97 -109.04 48.48
C GLY A 580 -128.84 -109.54 47.63
N ASN A 581 -128.27 -108.66 46.79
CA ASN A 581 -127.16 -109.04 45.92
C ASN A 581 -125.93 -109.48 46.69
N LEU A 582 -125.88 -109.22 47.96
CA LEU A 582 -124.68 -109.55 48.72
C LEU A 582 -124.76 -110.98 49.25
N PRO A 583 -123.61 -111.61 49.51
CA PRO A 583 -123.58 -113.06 49.70
C PRO A 583 -124.41 -113.55 50.87
N LEU A 584 -124.90 -114.79 50.74
CA LEU A 584 -125.68 -115.35 51.83
C LEU A 584 -124.83 -115.80 52.99
N ALA A 585 -123.56 -116.11 52.74
CA ALA A 585 -122.71 -116.44 53.88
C ALA A 585 -122.52 -115.23 54.78
N LEU A 586 -122.33 -114.05 54.18
CA LEU A 586 -122.37 -112.82 54.96
C LEU A 586 -123.76 -112.54 55.49
N CYS A 587 -124.79 -112.87 54.72
CA CYS A 587 -126.18 -112.57 55.11
C CYS A 587 -127.00 -113.85 55.05
N PRO A 588 -127.03 -114.63 56.12
CA PRO A 588 -127.62 -115.96 56.06
C PRO A 588 -129.09 -115.93 55.68
N VAL A 589 -129.55 -117.06 55.16
CA VAL A 589 -130.98 -117.22 54.88
C VAL A 589 -131.77 -117.15 56.17
N ALA A 590 -131.32 -117.86 57.20
CA ALA A 590 -131.98 -117.77 58.50
C ALA A 590 -131.98 -116.36 59.04
N PHE A 591 -130.94 -115.60 58.70
CA PHE A 591 -131.01 -114.16 58.91
C PHE A 591 -132.02 -113.53 57.98
N ARG A 592 -131.85 -113.80 56.70
CA ARG A 592 -132.64 -113.10 55.70
C ARG A 592 -134.10 -113.49 55.79
N ASP A 593 -134.41 -114.64 56.37
CA ASP A 593 -135.78 -114.97 56.67
C ASP A 593 -136.27 -114.28 57.92
N ALA A 594 -135.37 -114.08 58.90
CA ALA A 594 -135.77 -113.47 60.15
C ALA A 594 -136.24 -112.04 59.95
N ARG A 595 -135.53 -111.27 59.12
CA ARG A 595 -136.02 -109.95 58.78
C ARG A 595 -137.34 -110.03 58.03
N GLY A 596 -137.56 -111.13 57.31
CA GLY A 596 -138.84 -111.34 56.69
C GLY A 596 -139.93 -111.45 57.72
N LEU A 597 -139.78 -112.37 58.66
CA LEU A 597 -140.73 -112.48 59.76
C LEU A 597 -140.91 -111.16 60.50
N GLU A 598 -139.85 -110.34 60.55
CA GLU A 598 -140.00 -109.04 61.18
C GLU A 598 -140.85 -108.11 60.33
N LEU A 599 -140.82 -108.27 59.01
CA LEU A 599 -141.68 -107.45 58.17
C LEU A 599 -143.10 -107.98 58.12
N GLY A 600 -143.28 -109.28 58.26
CA GLY A 600 -144.59 -109.87 58.12
C GLY A 600 -145.39 -109.91 59.40
N VAL A 601 -145.06 -109.05 60.35
CA VAL A 601 -145.88 -108.89 61.54
C VAL A 601 -146.87 -107.77 61.30
N GLY A 602 -148.15 -108.11 61.31
CA GLY A 602 -149.17 -107.11 61.10
C GLY A 602 -149.38 -106.69 59.67
N ARG A 603 -149.05 -107.53 58.71
CA ARG A 603 -149.31 -107.26 57.31
C ARG A 603 -149.99 -108.46 56.68
N HIS A 604 -150.37 -108.35 55.41
CA HIS A 604 -151.28 -109.32 54.82
C HIS A 604 -150.54 -110.60 54.47
N ALA A 605 -150.95 -111.70 55.07
CA ALA A 605 -150.44 -113.02 54.72
C ALA A 605 -151.52 -113.77 53.96
N MET A 606 -151.17 -114.24 52.77
CA MET A 606 -152.07 -115.11 52.01
C MET A 606 -152.50 -116.28 52.87
N ALA A 607 -153.81 -116.50 52.94
CA ALA A 607 -154.33 -117.60 53.74
C ALA A 607 -153.77 -118.92 53.22
N PRO A 608 -153.64 -119.93 54.08
CA PRO A 608 -152.99 -121.18 53.66
C PRO A 608 -153.67 -121.85 52.48
N ALA A 609 -154.95 -121.60 52.28
CA ALA A 609 -155.67 -122.11 51.12
C ALA A 609 -154.91 -121.75 49.85
N THR A 610 -154.85 -120.44 49.55
CA THR A 610 -154.26 -120.00 48.29
C THR A 610 -152.81 -120.44 48.19
N ILE A 611 -152.11 -120.57 49.31
CA ILE A 611 -150.72 -120.98 49.32
C ILE A 611 -150.60 -122.30 48.60
N ALA A 612 -151.17 -123.36 49.18
CA ALA A 612 -151.12 -124.67 48.53
C ALA A 612 -151.88 -124.66 47.22
N ALA A 613 -152.92 -123.84 47.12
CA ALA A 613 -153.62 -123.69 45.84
C ALA A 613 -152.70 -123.13 44.78
N VAL A 614 -152.14 -121.94 45.02
CA VAL A 614 -151.28 -121.32 44.02
C VAL A 614 -150.05 -122.18 43.79
N ARG A 615 -149.37 -122.59 44.87
CA ARG A 615 -148.26 -123.52 44.72
C ARG A 615 -148.72 -124.82 44.09
N GLY A 616 -150.00 -125.16 44.20
CA GLY A 616 -150.52 -126.29 43.47
C GLY A 616 -150.32 -126.12 41.97
N ALA A 617 -150.75 -124.98 41.44
CA ALA A 617 -150.61 -124.69 40.01
C ALA A 617 -149.18 -124.80 39.52
N PHE A 618 -148.21 -124.60 40.40
CA PHE A 618 -146.81 -124.71 39.98
C PHE A 618 -146.28 -126.13 40.06
N GLU A 619 -146.91 -127.02 40.80
CA GLU A 619 -146.35 -128.33 41.06
C GLU A 619 -146.67 -129.36 39.99
N ASP A 620 -147.70 -129.13 39.17
CA ASP A 620 -148.36 -130.21 38.43
C ASP A 620 -147.69 -130.42 37.09
N ARG A 621 -147.02 -131.56 36.93
CA ARG A 621 -146.53 -131.96 35.62
C ARG A 621 -147.69 -132.19 34.65
N SER A 622 -148.87 -132.51 35.17
CA SER A 622 -150.05 -132.83 34.37
C SER A 622 -150.95 -131.61 34.15
N TYR A 623 -150.48 -130.44 34.59
CA TYR A 623 -151.17 -129.18 34.39
C TYR A 623 -151.47 -128.97 32.92
N PRO A 624 -152.68 -128.56 32.56
CA PRO A 624 -153.08 -128.51 31.14
C PRO A 624 -152.35 -127.42 30.37
N ALA A 625 -151.85 -127.79 29.19
CA ALA A 625 -151.16 -126.84 28.33
C ALA A 625 -152.12 -125.90 27.59
N VAL A 626 -153.43 -126.17 27.66
CA VAL A 626 -154.39 -125.33 26.97
C VAL A 626 -154.39 -123.93 27.54
N PHE A 627 -154.09 -123.82 28.84
CA PHE A 627 -154.06 -122.51 29.49
C PHE A 627 -152.91 -121.66 28.96
N TYR A 628 -151.78 -122.30 28.66
CA TYR A 628 -150.66 -121.58 28.06
C TYR A 628 -151.04 -121.00 26.72
N LEU A 629 -151.83 -121.72 25.93
CA LEU A 629 -152.23 -121.22 24.62
C LEU A 629 -153.20 -120.06 24.77
N LEU A 630 -154.23 -120.24 25.60
CA LEU A 630 -155.17 -119.14 25.86
C LEU A 630 -154.44 -117.93 26.41
N GLN A 631 -153.41 -118.15 27.21
CA GLN A 631 -152.54 -117.08 27.67
C GLN A 631 -151.95 -116.31 26.49
N ALA A 632 -151.18 -117.00 25.64
CA ALA A 632 -150.67 -116.38 24.42
C ALA A 632 -151.81 -115.88 23.55
N ALA A 633 -152.97 -116.54 23.60
CA ALA A 633 -154.12 -116.08 22.83
C ALA A 633 -154.58 -114.70 23.32
N ILE A 634 -154.92 -114.58 24.61
CA ILE A 634 -155.28 -113.28 25.15
C ILE A 634 -154.12 -112.31 24.97
N HIS A 635 -152.90 -112.82 25.01
CA HIS A 635 -151.66 -112.05 24.82
C HIS A 635 -151.69 -110.74 25.58
N GLY A 636 -152.12 -110.79 26.84
CA GLY A 636 -152.13 -109.61 27.68
C GLY A 636 -152.97 -108.47 27.16
N SER A 637 -153.89 -108.76 26.24
CA SER A 637 -154.77 -107.74 25.70
C SER A 637 -156.01 -107.60 26.57
N GLU A 638 -156.42 -106.36 26.80
CA GLU A 638 -157.56 -106.10 27.67
C GLU A 638 -158.87 -106.43 26.98
N HIS A 639 -159.06 -105.93 25.76
CA HIS A 639 -160.22 -106.30 24.96
C HIS A 639 -160.30 -107.80 24.78
N VAL A 640 -159.28 -108.39 24.15
CA VAL A 640 -159.30 -109.81 23.81
C VAL A 640 -159.69 -110.67 24.99
N PHE A 641 -159.30 -110.25 26.19
CA PHE A 641 -159.81 -110.90 27.39
C PHE A 641 -161.32 -110.75 27.48
N CYS A 642 -161.81 -109.50 27.46
CA CYS A 642 -163.24 -109.24 27.54
C CYS A 642 -164.01 -110.04 26.51
N ALA A 643 -163.42 -110.26 25.34
CA ALA A 643 -164.07 -111.11 24.35
C ALA A 643 -164.14 -112.55 24.83
N LEU A 644 -163.04 -113.09 25.33
CA LEU A 644 -162.96 -114.47 25.77
C LEU A 644 -163.44 -114.67 27.20
N ALA A 645 -163.94 -113.61 27.84
CA ALA A 645 -164.22 -113.63 29.27
C ALA A 645 -165.23 -114.70 29.66
N ARG A 646 -165.94 -115.30 28.70
CA ARG A 646 -166.72 -116.50 29.01
C ARG A 646 -165.86 -117.76 28.94
N LEU A 647 -164.98 -117.85 27.95
CA LEU A 647 -164.17 -119.04 27.72
C LEU A 647 -163.38 -119.43 28.96
N VAL A 648 -162.60 -118.49 29.48
CA VAL A 648 -161.68 -118.78 30.57
C VAL A 648 -162.41 -119.14 31.85
N THR A 649 -163.57 -118.51 32.10
CA THR A 649 -164.35 -118.84 33.29
C THR A 649 -164.63 -120.33 33.40
N GLN A 650 -164.93 -120.98 32.28
CA GLN A 650 -165.13 -122.42 32.29
C GLN A 650 -163.81 -123.13 32.56
N CYS A 651 -162.75 -122.73 31.84
CA CYS A 651 -161.44 -123.34 32.05
C CYS A 651 -160.99 -123.21 33.49
N ILE A 652 -161.28 -122.07 34.12
CA ILE A 652 -160.94 -121.88 35.53
C ILE A 652 -161.70 -122.89 36.39
N THR A 653 -163.04 -122.84 36.32
CA THR A 653 -163.84 -123.73 37.16
C THR A 653 -163.54 -125.18 36.85
N SER A 654 -163.35 -125.51 35.57
CA SER A 654 -162.98 -126.85 35.20
C SER A 654 -161.73 -127.28 35.96
N TYR A 655 -160.61 -126.61 35.68
CA TYR A 655 -159.35 -127.04 36.25
C TYR A 655 -159.36 -127.00 37.77
N TRP A 656 -160.17 -126.12 38.36
CA TRP A 656 -160.24 -126.06 39.81
C TRP A 656 -160.90 -127.30 40.39
N ASN A 657 -161.98 -127.76 39.77
CA ASN A 657 -162.65 -128.96 40.27
C ASN A 657 -161.87 -130.21 39.91
N ASN A 658 -161.11 -130.17 38.82
CA ASN A 658 -160.28 -131.30 38.44
C ASN A 658 -159.24 -131.59 39.51
N THR A 659 -158.39 -130.61 39.79
CA THR A 659 -157.46 -130.62 40.91
C THR A 659 -157.57 -129.26 41.56
N ARG A 660 -157.26 -129.18 42.85
CA ARG A 660 -157.47 -127.90 43.52
C ARG A 660 -156.20 -127.11 43.29
N CYS A 661 -156.24 -126.20 42.33
CA CYS A 661 -155.06 -125.45 41.96
C CYS A 661 -155.50 -124.20 41.19
N ALA A 662 -154.63 -123.21 41.20
CA ALA A 662 -154.79 -122.02 40.40
C ALA A 662 -154.62 -122.36 38.92
N ALA A 663 -155.07 -121.46 38.06
CA ALA A 663 -154.96 -121.67 36.62
C ALA A 663 -153.94 -120.74 35.98
N PHE A 664 -154.25 -119.45 35.85
CA PHE A 664 -153.52 -118.53 35.01
C PHE A 664 -152.49 -117.70 35.78
N VAL A 665 -152.22 -118.06 37.03
CA VAL A 665 -151.25 -117.34 37.85
C VAL A 665 -149.92 -117.13 37.15
N ASN A 666 -149.56 -118.02 36.21
CA ASN A 666 -148.26 -117.88 35.59
C ASN A 666 -148.13 -116.59 34.77
N ASP A 667 -149.21 -115.83 34.60
CA ASP A 667 -149.12 -114.44 34.16
C ASP A 667 -149.88 -113.58 35.14
N TYR A 668 -149.27 -112.47 35.58
CA TYR A 668 -149.93 -111.64 36.56
C TYR A 668 -151.13 -110.92 35.98
N SER A 669 -150.99 -110.40 34.75
CA SER A 669 -152.08 -109.66 34.13
C SER A 669 -153.37 -110.46 34.20
N LEU A 670 -153.35 -111.68 33.68
CA LEU A 670 -154.53 -112.55 33.70
C LEU A 670 -155.09 -112.73 35.10
N VAL A 671 -154.28 -112.55 36.14
CA VAL A 671 -154.78 -112.72 37.49
C VAL A 671 -155.57 -111.50 37.93
N SER A 672 -155.10 -110.32 37.59
CA SER A 672 -155.87 -109.11 37.87
C SER A 672 -157.22 -109.16 37.20
N TYR A 673 -157.29 -109.72 35.99
CA TYR A 673 -158.55 -109.78 35.27
C TYR A 673 -159.49 -110.80 35.88
N ILE A 674 -158.96 -111.96 36.29
CA ILE A 674 -159.79 -112.95 36.99
C ILE A 674 -160.45 -112.34 38.20
N VAL A 675 -159.77 -111.41 38.87
CA VAL A 675 -160.40 -110.69 39.97
C VAL A 675 -161.32 -109.60 39.44
N THR A 676 -160.94 -108.97 38.33
CA THR A 676 -161.68 -107.78 37.87
C THR A 676 -162.92 -108.02 37.01
N TYR A 677 -162.77 -108.75 35.91
CA TYR A 677 -163.90 -108.92 34.99
C TYR A 677 -164.58 -110.21 35.41
N LEU A 678 -163.81 -111.24 35.71
CA LEU A 678 -164.38 -112.56 35.93
C LEU A 678 -165.00 -112.73 37.30
N GLY A 679 -164.97 -111.69 38.15
CA GLY A 679 -165.53 -111.81 39.47
C GLY A 679 -166.99 -112.21 39.49
N GLY A 680 -167.68 -112.12 38.37
CA GLY A 680 -169.08 -112.47 38.27
C GLY A 680 -169.41 -113.90 38.65
N ASP A 681 -168.83 -114.88 37.96
CA ASP A 681 -169.18 -116.28 38.21
C ASP A 681 -167.93 -117.14 38.33
N LEU A 682 -167.71 -117.63 39.54
CA LEU A 682 -166.59 -118.48 39.96
C LEU A 682 -166.91 -118.90 41.38
N PRO A 683 -166.68 -120.18 41.73
CA PRO A 683 -166.95 -120.60 43.11
C PRO A 683 -166.00 -119.90 44.06
N GLU A 684 -166.56 -119.34 45.14
CA GLU A 684 -165.77 -118.56 46.09
C GLU A 684 -164.60 -119.36 46.63
N GLU A 685 -164.66 -120.69 46.51
CA GLU A 685 -163.51 -121.52 46.83
C GLU A 685 -162.26 -121.07 46.07
N CYS A 686 -162.36 -120.97 44.74
CA CYS A 686 -161.23 -120.51 43.94
C CYS A 686 -161.31 -119.04 43.56
N MET A 687 -162.38 -118.34 43.94
CA MET A 687 -162.35 -116.90 43.70
C MET A 687 -161.49 -116.19 44.74
N ALA A 688 -161.39 -116.75 45.94
CA ALA A 688 -160.51 -116.18 46.95
C ALA A 688 -159.04 -116.37 46.56
N VAL A 689 -158.70 -117.57 46.09
CA VAL A 689 -157.32 -117.91 45.75
C VAL A 689 -156.71 -116.87 44.82
N TYR A 690 -157.48 -116.38 43.87
CA TYR A 690 -156.99 -115.30 43.02
C TYR A 690 -157.13 -113.94 43.68
N ARG A 691 -158.19 -113.72 44.45
CA ARG A 691 -158.36 -112.43 45.11
C ARG A 691 -157.29 -112.25 46.19
N ASP A 692 -157.01 -113.31 46.93
CA ASP A 692 -155.97 -113.27 47.95
C ASP A 692 -154.61 -113.02 47.32
N LEU A 693 -154.33 -113.69 46.21
CA LEU A 693 -153.02 -113.59 45.58
C LEU A 693 -152.72 -112.16 45.16
N VAL A 694 -153.74 -111.42 44.71
CA VAL A 694 -153.50 -110.03 44.35
C VAL A 694 -153.51 -109.15 45.59
N ALA A 695 -154.42 -109.42 46.52
CA ALA A 695 -154.47 -108.66 47.76
C ALA A 695 -153.13 -108.67 48.47
N HIS A 696 -152.33 -109.71 48.25
CA HIS A 696 -151.00 -109.77 48.84
C HIS A 696 -150.01 -108.90 48.09
N VAL A 697 -150.12 -108.83 46.77
CA VAL A 697 -149.22 -107.99 45.99
C VAL A 697 -149.35 -106.53 46.43
N GLU A 698 -150.56 -106.12 46.80
CA GLU A 698 -150.72 -104.78 47.33
C GLU A 698 -150.27 -104.67 48.78
N ALA A 699 -150.10 -105.80 49.48
CA ALA A 699 -149.50 -105.72 50.80
C ALA A 699 -148.02 -105.43 50.71
N LEU A 700 -147.37 -105.87 49.63
CA LEU A 700 -145.96 -105.61 49.46
C LEU A 700 -145.70 -104.22 48.88
N ALA A 701 -146.59 -103.74 48.01
CA ALA A 701 -146.38 -102.41 47.45
C ALA A 701 -146.46 -101.35 48.54
N GLN A 702 -147.41 -101.48 49.46
CA GLN A 702 -147.55 -100.54 50.55
C GLN A 702 -146.43 -100.69 51.58
N LEU A 703 -145.63 -101.74 51.48
CA LEU A 703 -144.52 -101.92 52.41
C LEU A 703 -143.45 -100.86 52.18
N VAL A 704 -143.08 -100.64 50.92
CA VAL A 704 -142.03 -99.67 50.60
C VAL A 704 -142.35 -98.31 51.17
N ASP A 705 -143.62 -97.90 51.11
CA ASP A 705 -143.98 -96.56 51.53
C ASP A 705 -143.86 -96.35 53.02
N ASP A 706 -143.92 -97.42 53.81
CA ASP A 706 -143.69 -97.27 55.25
C ASP A 706 -142.25 -96.91 55.54
N PHE A 707 -141.32 -97.48 54.79
CA PHE A 707 -139.90 -97.36 55.09
C PHE A 707 -139.22 -96.23 54.34
N THR A 708 -139.97 -95.39 53.66
CA THR A 708 -139.41 -94.27 52.93
C THR A 708 -139.76 -92.96 53.64
N LEU A 709 -138.79 -92.11 53.79
CA LEU A 709 -139.04 -90.79 54.31
C LEU A 709 -139.38 -89.82 53.17
N PRO A 710 -140.14 -88.77 53.46
CA PRO A 710 -140.52 -87.83 52.39
C PRO A 710 -139.34 -87.05 51.81
N GLY A 711 -139.61 -86.21 50.82
CA GLY A 711 -138.59 -85.42 50.20
C GLY A 711 -138.90 -85.06 48.76
N PRO A 712 -137.95 -84.38 48.10
CA PRO A 712 -138.14 -84.03 46.69
C PRO A 712 -137.96 -85.20 45.76
N GLU A 713 -137.92 -84.91 44.47
CA GLU A 713 -137.57 -85.88 43.45
C GLU A 713 -136.12 -85.71 43.05
N LEU A 714 -135.38 -86.81 43.01
CA LEU A 714 -133.97 -86.81 42.62
C LEU A 714 -133.85 -87.55 41.30
N GLY A 715 -133.09 -86.97 40.37
CA GLY A 715 -132.91 -87.58 39.07
C GLY A 715 -134.21 -87.91 38.37
N GLY A 716 -135.25 -87.10 38.60
CA GLY A 716 -136.58 -87.40 38.11
C GLY A 716 -137.32 -88.45 38.90
N GLN A 717 -136.64 -89.15 39.82
CA GLN A 717 -137.24 -90.23 40.57
C GLN A 717 -137.60 -89.79 41.97
N ALA A 718 -138.70 -90.33 42.48
CA ALA A 718 -139.18 -89.99 43.81
C ALA A 718 -138.35 -90.71 44.87
N GLN A 719 -138.75 -90.55 46.12
CA GLN A 719 -137.99 -91.12 47.22
C GLN A 719 -138.26 -92.61 47.39
N ALA A 720 -139.48 -93.08 47.10
CA ALA A 720 -139.73 -94.51 47.16
C ALA A 720 -139.06 -95.25 46.02
N GLU A 721 -138.73 -94.54 44.93
CA GLU A 721 -138.05 -95.17 43.81
C GLU A 721 -136.56 -95.30 44.07
N LEU A 722 -135.96 -94.29 44.70
CA LEU A 722 -134.56 -94.40 45.06
C LEU A 722 -134.38 -95.31 46.26
N ASN A 723 -135.43 -95.55 47.03
CA ASN A 723 -135.36 -96.42 48.19
C ASN A 723 -135.36 -97.88 47.76
N HIS A 724 -136.43 -98.30 47.09
CA HIS A 724 -136.69 -99.69 46.80
C HIS A 724 -136.55 -99.95 45.30
N LEU A 725 -136.24 -101.19 44.94
CA LEU A 725 -136.04 -101.49 43.53
C LEU A 725 -137.36 -101.61 42.77
N MET A 726 -138.40 -102.20 43.37
CA MET A 726 -139.66 -102.39 42.67
C MET A 726 -140.30 -101.07 42.25
N ARG A 727 -139.98 -99.97 42.93
CA ARG A 727 -140.50 -98.69 42.47
C ARG A 727 -139.67 -98.11 41.33
N ASP A 728 -138.45 -98.58 41.14
CA ASP A 728 -137.56 -97.95 40.18
C ASP A 728 -138.09 -98.17 38.77
N PRO A 729 -138.22 -97.11 37.96
CA PRO A 729 -138.69 -97.29 36.59
C PRO A 729 -137.74 -98.06 35.70
N ALA A 730 -136.44 -98.04 35.97
CA ALA A 730 -135.51 -98.67 35.03
C ALA A 730 -135.54 -100.18 35.10
N LEU A 731 -135.91 -100.76 36.23
CA LEU A 731 -136.16 -102.19 36.26
C LEU A 731 -137.56 -102.45 35.71
N LEU A 732 -137.64 -103.23 34.67
CA LEU A 732 -138.90 -103.60 34.07
C LEU A 732 -139.15 -105.09 34.26
N PRO A 733 -140.40 -105.51 34.41
CA PRO A 733 -140.67 -106.90 34.77
C PRO A 733 -140.20 -107.83 33.66
N PRO A 734 -140.02 -109.12 33.97
CA PRO A 734 -139.53 -110.04 32.92
C PRO A 734 -140.44 -110.08 31.70
N LEU A 735 -141.71 -109.75 31.88
CA LEU A 735 -142.67 -109.77 30.78
C LEU A 735 -143.32 -108.40 30.66
N VAL A 736 -143.36 -107.87 29.45
CA VAL A 736 -144.23 -106.74 29.15
C VAL A 736 -144.90 -107.05 27.83
N TRP A 737 -146.21 -107.22 27.84
CA TRP A 737 -146.95 -107.49 26.61
C TRP A 737 -147.02 -106.29 25.69
N ASP A 738 -146.77 -105.09 26.20
CA ASP A 738 -146.82 -103.88 25.39
C ASP A 738 -145.52 -103.11 25.49
N CYS A 739 -145.54 -101.86 25.04
CA CYS A 739 -144.36 -101.00 25.05
C CYS A 739 -144.28 -100.12 26.29
N ASP A 740 -145.21 -100.32 27.21
CA ASP A 740 -145.25 -99.51 28.44
C ASP A 740 -144.03 -99.56 29.38
N GLY A 741 -143.42 -100.72 29.49
CA GLY A 741 -142.27 -100.85 30.36
C GLY A 741 -141.19 -99.90 29.90
N LEU A 742 -141.03 -99.76 28.59
CA LEU A 742 -139.99 -98.86 28.12
C LEU A 742 -140.43 -97.40 28.04
N MET A 743 -141.63 -97.12 27.51
CA MET A 743 -142.06 -95.73 27.32
C MET A 743 -141.84 -94.90 28.58
N ARG A 744 -142.14 -95.48 29.74
CA ARG A 744 -141.88 -94.82 31.00
C ARG A 744 -140.39 -94.63 31.23
N HIS A 745 -139.62 -95.71 31.16
CA HIS A 745 -138.21 -95.60 31.51
C HIS A 745 -137.33 -95.32 30.30
N ALA A 746 -137.89 -95.27 29.10
CA ALA A 746 -137.12 -94.78 27.97
C ALA A 746 -136.64 -93.36 28.22
N ALA A 747 -137.48 -92.54 28.84
CA ALA A 747 -137.10 -91.19 29.19
C ALA A 747 -136.75 -91.20 30.68
N LEU A 748 -135.45 -91.20 30.96
CA LEU A 748 -134.89 -91.07 32.29
C LEU A 748 -133.50 -90.51 32.10
N ASP A 749 -133.05 -89.72 33.07
CA ASP A 749 -131.65 -89.34 33.06
C ASP A 749 -130.75 -90.57 33.15
N ARG A 750 -131.24 -91.63 33.81
CA ARG A 750 -130.45 -92.84 33.99
C ARG A 750 -130.39 -93.69 32.73
N HIS A 751 -131.42 -93.62 31.89
CA HIS A 751 -131.37 -94.48 30.73
C HIS A 751 -130.17 -94.03 29.93
N ARG A 752 -129.26 -94.97 29.68
CA ARG A 752 -128.09 -94.64 28.90
C ARG A 752 -128.42 -95.11 27.50
N ASP A 753 -128.88 -96.35 27.42
CA ASP A 753 -129.27 -96.95 26.16
C ASP A 753 -130.38 -97.97 26.34
N CYS A 754 -131.33 -97.98 25.43
CA CYS A 754 -132.38 -98.98 25.47
C CYS A 754 -132.06 -99.72 24.19
N ARG A 755 -131.72 -101.00 24.31
CA ARG A 755 -131.37 -101.74 23.12
C ARG A 755 -132.23 -102.96 22.87
N ILE A 756 -132.73 -103.02 21.65
CA ILE A 756 -133.55 -104.12 21.19
C ILE A 756 -132.90 -104.62 19.92
N ASP A 757 -132.33 -105.82 19.99
CA ASP A 757 -131.62 -106.46 18.89
C ASP A 757 -132.40 -106.91 17.66
N ALA A 758 -133.73 -106.86 17.72
CA ALA A 758 -134.49 -107.20 16.54
C ALA A 758 -134.10 -106.19 15.45
N GLY A 759 -134.00 -104.90 15.82
CA GLY A 759 -133.61 -103.90 14.85
C GLY A 759 -132.97 -102.57 15.23
N GLY A 760 -131.69 -102.40 14.91
CA GLY A 760 -130.96 -101.15 15.09
C GLY A 760 -130.33 -100.56 16.34
N HIS A 761 -130.45 -101.21 17.50
CA HIS A 761 -129.83 -100.69 18.73
C HIS A 761 -130.66 -99.56 19.38
N GLU A 762 -131.75 -99.20 18.71
CA GLU A 762 -132.73 -98.22 19.16
C GLU A 762 -134.10 -98.61 18.61
N PRO A 763 -135.12 -98.68 19.47
CA PRO A 763 -136.36 -99.35 19.06
C PRO A 763 -137.32 -98.52 18.21
N VAL A 764 -138.39 -99.19 17.80
CA VAL A 764 -139.55 -98.59 17.14
C VAL A 764 -140.70 -99.53 17.44
N TYR A 765 -141.93 -99.00 17.44
CA TYR A 765 -143.04 -99.79 17.97
C TYR A 765 -144.22 -99.78 17.01
N ALA A 766 -145.28 -100.49 17.39
CA ALA A 766 -146.41 -100.77 16.51
C ALA A 766 -147.69 -100.23 17.11
N ALA A 767 -148.45 -99.47 16.31
CA ALA A 767 -149.72 -98.92 16.78
C ALA A 767 -150.69 -100.02 17.16
N ALA A 768 -150.94 -100.94 16.22
CA ALA A 768 -151.91 -102.01 16.40
C ALA A 768 -151.35 -103.25 15.69
N CYS A 769 -152.18 -104.27 15.52
CA CYS A 769 -151.76 -105.48 14.83
C CYS A 769 -152.96 -106.13 14.18
N ASN A 770 -152.72 -106.85 13.09
CA ASN A 770 -153.72 -107.62 12.36
C ASN A 770 -152.99 -108.74 11.62
N VAL A 771 -153.70 -109.42 10.72
CA VAL A 771 -153.02 -110.33 9.80
C VAL A 771 -152.04 -109.56 8.92
N ALA A 772 -152.47 -108.40 8.43
CA ALA A 772 -151.64 -107.59 7.55
C ALA A 772 -150.57 -106.84 8.32
N THR A 773 -150.87 -106.41 9.55
CA THR A 773 -149.90 -105.66 10.34
C THR A 773 -148.82 -106.57 10.92
N ALA A 774 -149.12 -107.86 11.12
CA ALA A 774 -148.16 -108.79 11.71
C ALA A 774 -147.41 -109.50 10.59
N ASP A 775 -146.12 -109.20 10.47
CA ASP A 775 -145.19 -110.02 9.70
C ASP A 775 -144.44 -110.88 10.71
N PHE A 776 -144.75 -112.18 10.72
CA PHE A 776 -144.42 -113.03 11.86
C PHE A 776 -142.93 -112.99 12.17
N ASN A 777 -142.08 -113.27 11.18
CA ASN A 777 -140.64 -113.16 11.34
C ASN A 777 -140.20 -111.86 10.66
N ARG A 778 -139.98 -110.89 11.52
CA ARG A 778 -139.63 -109.54 11.15
C ARG A 778 -138.49 -109.04 12.03
N ASN A 779 -137.60 -108.28 11.43
CA ASN A 779 -136.45 -107.72 12.13
C ASN A 779 -136.36 -106.23 11.86
N ASP A 780 -137.27 -105.49 12.50
CA ASP A 780 -137.36 -104.04 12.43
C ASP A 780 -137.34 -103.48 13.84
N GLY A 781 -136.70 -104.20 14.76
CA GLY A 781 -136.77 -103.84 16.16
C GLY A 781 -138.12 -103.34 16.64
N ARG A 782 -139.21 -103.74 15.99
CA ARG A 782 -140.54 -103.24 16.35
C ARG A 782 -141.22 -104.17 17.35
N LEU A 783 -141.92 -103.55 18.31
CA LEU A 783 -142.71 -104.26 19.29
C LEU A 783 -144.17 -103.83 19.19
N LEU A 784 -145.05 -104.71 19.67
CA LEU A 784 -146.46 -104.37 19.76
C LEU A 784 -146.71 -103.44 20.94
N HIS A 785 -147.41 -102.36 20.69
CA HIS A 785 -147.88 -101.48 21.74
C HIS A 785 -149.35 -101.68 22.08
N ASN A 786 -150.06 -102.61 21.42
CA ASN A 786 -151.52 -102.57 21.44
C ASN A 786 -152.06 -103.40 22.59
N THR A 787 -152.55 -102.70 23.62
CA THR A 787 -153.19 -103.28 24.78
C THR A 787 -154.64 -102.80 24.89
N GLN A 788 -155.16 -102.19 23.82
CA GLN A 788 -156.51 -101.58 23.82
C GLN A 788 -157.82 -102.38 24.04
N ALA A 789 -158.63 -101.83 24.95
CA ALA A 789 -159.97 -102.31 25.24
C ALA A 789 -160.82 -101.95 24.05
N ARG A 790 -160.50 -100.79 23.48
CA ARG A 790 -161.19 -100.23 22.32
C ARG A 790 -160.20 -100.17 21.17
N ALA A 791 -160.41 -101.02 20.16
CA ALA A 791 -159.49 -101.09 19.04
C ALA A 791 -159.39 -99.77 18.28
N ALA A 792 -160.38 -98.89 18.43
CA ALA A 792 -160.36 -97.62 17.72
C ALA A 792 -159.29 -96.69 18.29
N ASP A 793 -158.91 -96.87 19.55
CA ASP A 793 -157.92 -96.01 20.20
C ASP A 793 -156.59 -96.76 20.24
N ALA A 794 -155.66 -96.33 19.40
CA ALA A 794 -154.31 -96.86 19.36
C ALA A 794 -153.35 -95.87 19.98
N ALA A 795 -152.08 -96.26 20.06
CA ALA A 795 -151.06 -95.33 20.53
C ALA A 795 -149.74 -95.66 19.87
N ASP A 796 -149.00 -94.62 19.50
CA ASP A 796 -147.61 -94.75 19.06
C ASP A 796 -146.68 -94.49 20.24
N ASP A 797 -146.72 -93.28 20.77
CA ASP A 797 -146.06 -92.96 22.03
C ASP A 797 -146.91 -93.42 23.22
N ARG A 798 -148.15 -92.94 23.28
CA ARG A 798 -148.91 -92.86 24.52
C ARG A 798 -148.86 -94.16 25.31
N PRO A 799 -148.48 -94.12 26.59
CA PRO A 799 -148.60 -95.46 27.16
C PRO A 799 -149.91 -95.62 27.93
N HIS A 800 -150.73 -96.59 27.54
CA HIS A 800 -152.02 -96.88 28.19
C HIS A 800 -151.96 -97.41 29.64
N ARG A 801 -150.97 -98.25 29.93
CA ARG A 801 -150.85 -98.87 31.24
C ARG A 801 -150.70 -97.94 32.44
N PRO A 802 -151.43 -98.25 33.52
CA PRO A 802 -151.39 -97.56 34.82
C PRO A 802 -150.00 -97.76 35.43
N ALA A 803 -149.48 -96.76 36.13
CA ALA A 803 -148.12 -96.88 36.69
C ALA A 803 -148.01 -98.03 37.68
N ASP A 804 -148.95 -98.13 38.63
CA ASP A 804 -148.92 -99.23 39.60
C ASP A 804 -148.98 -100.59 38.90
N TRP A 805 -149.53 -100.62 37.69
CA TRP A 805 -149.45 -101.80 36.84
C TRP A 805 -148.03 -102.36 36.80
N THR A 806 -147.13 -101.58 36.23
CA THR A 806 -145.73 -101.98 36.10
C THR A 806 -145.17 -102.48 37.42
N VAL A 807 -145.53 -101.84 38.53
CA VAL A 807 -145.01 -102.24 39.83
C VAL A 807 -145.51 -103.63 40.20
N HIS A 808 -146.83 -103.83 40.19
CA HIS A 808 -147.37 -105.07 40.71
C HIS A 808 -146.84 -106.28 39.96
N HIS A 809 -146.60 -106.15 38.66
CA HIS A 809 -145.99 -107.24 37.93
C HIS A 809 -144.58 -107.50 38.44
N LYS A 810 -143.78 -106.44 38.58
CA LYS A 810 -142.46 -106.59 39.16
C LYS A 810 -142.55 -107.26 40.52
N ILE A 811 -143.49 -106.83 41.36
CA ILE A 811 -143.68 -107.48 42.64
C ILE A 811 -144.14 -108.92 42.43
N TYR A 812 -145.04 -109.15 41.48
CA TYR A 812 -145.53 -110.50 41.30
C TYR A 812 -144.44 -111.42 40.73
N TYR A 813 -143.80 -110.99 39.66
CA TYR A 813 -142.82 -111.86 39.01
C TYR A 813 -141.58 -112.01 39.88
N TYR A 814 -141.03 -110.91 40.38
CA TYR A 814 -139.80 -111.00 41.15
C TYR A 814 -140.05 -111.39 42.60
N VAL A 815 -141.02 -110.79 43.28
CA VAL A 815 -141.19 -111.16 44.68
C VAL A 815 -141.96 -112.45 44.82
N LEU A 816 -143.10 -112.58 44.14
CA LEU A 816 -144.00 -113.68 44.48
C LEU A 816 -143.57 -115.00 43.91
N VAL A 817 -143.58 -115.11 42.58
CA VAL A 817 -143.35 -116.37 41.89
C VAL A 817 -142.13 -117.11 42.41
N PRO A 818 -141.01 -116.44 42.72
CA PRO A 818 -139.87 -117.18 43.30
C PRO A 818 -140.21 -117.89 44.59
N ALA A 819 -141.08 -117.30 45.40
CA ALA A 819 -141.51 -117.93 46.61
C ALA A 819 -142.37 -119.12 46.28
N PHE A 820 -143.47 -118.86 45.56
CA PHE A 820 -144.42 -119.93 45.20
C PHE A 820 -143.81 -120.94 44.29
N SER A 821 -143.18 -120.44 43.26
CA SER A 821 -142.47 -121.33 42.39
C SER A 821 -141.22 -121.11 43.11
N ARG A 822 -140.68 -122.05 43.88
CA ARG A 822 -139.44 -121.73 44.61
C ARG A 822 -138.22 -121.90 43.73
N GLY A 823 -138.05 -121.00 42.78
CA GLY A 823 -137.01 -121.08 41.82
C GLY A 823 -137.40 -122.16 40.86
N ARG A 824 -138.58 -122.81 40.96
CA ARG A 824 -138.70 -123.85 39.94
C ARG A 824 -139.81 -123.47 38.99
N CYS A 825 -139.42 -122.94 37.84
CA CYS A 825 -140.32 -122.44 36.80
C CYS A 825 -139.46 -121.72 35.77
N CYS A 826 -139.97 -121.50 34.56
CA CYS A 826 -139.12 -120.82 33.60
C CYS A 826 -139.95 -120.04 32.59
N THR A 827 -139.39 -118.90 32.17
CA THR A 827 -139.99 -118.09 31.13
C THR A 827 -139.86 -118.80 29.79
N ALA A 828 -140.73 -118.42 28.86
CA ALA A 828 -140.65 -118.96 27.50
C ALA A 828 -141.17 -117.94 26.49
N GLY A 829 -140.51 -117.87 25.34
CA GLY A 829 -141.04 -117.20 24.18
C GLY A 829 -141.64 -118.18 23.18
N VAL A 830 -142.58 -117.71 22.38
CA VAL A 830 -143.32 -118.58 21.49
C VAL A 830 -143.02 -118.57 20.01
N ARG A 831 -143.23 -119.74 19.40
CA ARG A 831 -143.03 -119.91 17.99
C ARG A 831 -144.41 -119.53 17.51
N PHE A 832 -144.52 -118.33 16.95
CA PHE A 832 -145.81 -117.84 16.47
C PHE A 832 -146.47 -118.47 15.26
N ASP A 833 -145.74 -118.74 14.16
CA ASP A 833 -146.56 -119.25 13.08
C ASP A 833 -147.10 -120.64 13.39
N ARG A 834 -146.22 -121.53 13.84
CA ARG A 834 -146.61 -122.88 14.19
C ARG A 834 -147.73 -122.89 15.23
N VAL A 835 -147.73 -121.91 16.12
CA VAL A 835 -148.85 -121.77 17.04
C VAL A 835 -150.05 -121.12 16.36
N TYR A 836 -149.83 -120.01 15.64
CA TYR A 836 -150.96 -119.26 15.11
C TYR A 836 -151.80 -120.08 14.12
N ALA A 837 -151.18 -120.95 13.34
CA ALA A 837 -151.95 -121.93 12.57
C ALA A 837 -152.85 -122.73 13.49
N THR A 838 -152.25 -123.49 14.41
CA THR A 838 -153.02 -124.26 15.36
C THR A 838 -153.90 -123.40 16.26
N LEU A 839 -153.70 -122.08 16.26
CA LEU A 839 -154.49 -121.24 17.16
C LEU A 839 -155.93 -121.18 16.70
N GLN A 840 -156.23 -120.54 15.58
CA GLN A 840 -157.58 -120.69 15.06
C GLN A 840 -157.47 -121.78 14.01
N ASN A 841 -157.71 -123.00 14.47
CA ASN A 841 -158.00 -124.14 13.59
C ASN A 841 -158.95 -125.01 14.37
N MET A 842 -160.21 -125.10 13.95
CA MET A 842 -161.16 -125.80 14.80
C MET A 842 -162.23 -126.43 13.94
N VAL A 843 -162.79 -127.51 14.45
CA VAL A 843 -163.98 -128.12 13.90
C VAL A 843 -165.10 -127.95 14.91
N VAL A 844 -166.01 -127.01 14.62
CA VAL A 844 -167.34 -127.01 15.19
C VAL A 844 -168.27 -127.22 14.01
N PRO A 845 -168.81 -128.42 13.82
CA PRO A 845 -169.68 -128.67 12.67
C PRO A 845 -170.99 -127.93 12.80
N GLU A 846 -171.63 -127.72 11.65
CA GLU A 846 -172.83 -126.89 11.55
C GLU A 846 -173.89 -127.34 12.53
N ILE A 847 -174.60 -126.35 13.10
CA ILE A 847 -175.59 -126.62 14.13
C ILE A 847 -176.72 -127.48 13.56
N ALA A 848 -177.43 -128.14 14.46
CA ALA A 848 -178.67 -128.82 14.10
C ALA A 848 -179.81 -127.82 14.16
N PRO A 849 -180.43 -127.47 13.02
CA PRO A 849 -181.61 -126.60 13.07
C PRO A 849 -182.72 -127.20 13.93
N GLY A 850 -183.27 -126.38 14.81
CA GLY A 850 -184.19 -126.85 15.81
C GLY A 850 -183.52 -127.36 17.07
N GLU A 851 -182.21 -127.24 17.18
CA GLU A 851 -181.47 -127.67 18.35
C GLU A 851 -180.48 -126.58 18.74
N GLU A 852 -180.48 -126.22 20.02
CA GLU A 852 -179.55 -125.26 20.57
C GLU A 852 -178.13 -125.82 20.60
N CYS A 853 -177.17 -124.92 20.76
CA CYS A 853 -175.76 -125.29 20.71
C CYS A 853 -175.44 -126.45 21.64
N PRO A 854 -174.55 -127.36 21.24
CA PRO A 854 -174.19 -128.49 22.12
C PRO A 854 -173.57 -128.03 23.41
N SER A 855 -174.18 -128.43 24.53
CA SER A 855 -173.58 -128.29 25.86
C SER A 855 -172.99 -129.59 26.37
N ASP A 856 -173.14 -130.68 25.63
CA ASP A 856 -172.64 -131.98 26.06
C ASP A 856 -171.31 -132.24 25.37
N PRO A 857 -170.18 -132.14 26.09
CA PRO A 857 -168.90 -132.46 25.45
C PRO A 857 -168.76 -133.93 25.09
N VAL A 858 -169.24 -134.83 25.96
CA VAL A 858 -168.96 -136.25 25.80
C VAL A 858 -169.91 -136.91 24.81
N THR A 859 -171.07 -136.32 24.53
CA THR A 859 -172.12 -137.02 23.80
C THR A 859 -172.74 -136.48 22.50
N ASP A 860 -172.60 -135.18 22.23
CA ASP A 860 -173.36 -134.53 21.17
C ASP A 860 -172.31 -134.53 20.07
N PRO A 861 -172.56 -135.16 18.92
CA PRO A 861 -171.57 -135.14 17.83
C PRO A 861 -171.28 -133.75 17.30
N ALA A 862 -172.18 -132.80 17.49
CA ALA A 862 -171.90 -131.43 17.08
C ALA A 862 -171.06 -130.67 18.10
N HIS A 863 -170.88 -131.21 19.30
CA HIS A 863 -170.01 -130.55 20.26
C HIS A 863 -168.56 -130.63 19.79
N PRO A 864 -167.81 -129.52 19.84
CA PRO A 864 -166.48 -129.50 19.22
C PRO A 864 -165.43 -130.35 19.92
N LEU A 865 -165.65 -130.73 21.17
CA LEU A 865 -164.73 -131.60 21.88
C LEU A 865 -165.14 -133.07 21.87
N HIS A 866 -166.28 -133.41 21.26
CA HIS A 866 -166.77 -134.77 21.24
C HIS A 866 -165.83 -135.66 20.45
N PRO A 867 -165.75 -136.96 20.80
CA PRO A 867 -164.89 -137.88 20.03
C PRO A 867 -165.17 -137.93 18.54
N ALA A 868 -166.36 -137.52 18.12
CA ALA A 868 -166.61 -137.34 16.70
C ALA A 868 -165.86 -136.13 16.15
N ASN A 869 -165.43 -135.21 17.01
CA ASN A 869 -164.71 -134.02 16.58
C ASN A 869 -163.21 -134.11 16.77
N LEU A 870 -162.69 -135.20 17.32
CA LEU A 870 -161.27 -135.29 17.62
C LEU A 870 -160.46 -135.48 16.36
N VAL A 871 -159.42 -134.67 16.20
CA VAL A 871 -158.54 -134.66 15.03
C VAL A 871 -157.13 -134.45 15.58
N ALA A 872 -156.15 -134.21 14.72
CA ALA A 872 -154.81 -133.81 15.13
C ALA A 872 -154.55 -132.37 14.69
N ASN A 873 -153.70 -131.69 15.46
CA ASN A 873 -153.11 -130.37 15.21
C ASN A 873 -154.09 -129.23 15.43
N THR A 874 -155.39 -129.48 15.57
CA THR A 874 -156.36 -128.39 15.64
C THR A 874 -156.49 -127.89 17.08
N VAL A 875 -157.27 -126.80 17.25
CA VAL A 875 -157.31 -126.17 18.56
C VAL A 875 -158.27 -126.87 19.51
N ASN A 876 -159.45 -127.26 19.03
CA ASN A 876 -160.42 -127.87 19.94
C ASN A 876 -159.96 -129.24 20.40
N ALA A 877 -159.18 -129.93 19.58
CA ALA A 877 -158.54 -131.16 20.03
C ALA A 877 -157.64 -130.89 21.22
N MET A 878 -157.05 -129.69 21.28
CA MET A 878 -156.16 -129.35 22.38
C MET A 878 -156.93 -129.27 23.70
N PHE A 879 -158.10 -128.63 23.68
CA PHE A 879 -158.87 -128.47 24.91
C PHE A 879 -159.21 -129.80 25.55
N HIS A 880 -159.35 -130.85 24.74
CA HIS A 880 -159.49 -132.18 25.32
C HIS A 880 -158.14 -132.80 25.68
N ASN A 881 -157.06 -132.40 25.00
CA ASN A 881 -155.76 -133.02 25.27
C ASN A 881 -155.42 -132.95 26.75
N GLY A 882 -155.74 -131.83 27.39
CA GLY A 882 -155.89 -131.78 28.83
C GLY A 882 -157.37 -131.79 29.18
N ARG A 883 -157.67 -131.96 30.45
CA ARG A 883 -159.05 -132.13 30.86
C ARG A 883 -159.64 -130.77 31.24
N VAL A 884 -160.50 -130.25 30.37
CA VAL A 884 -161.20 -128.98 30.55
C VAL A 884 -162.51 -129.07 29.79
N VAL A 885 -163.55 -128.41 30.31
CA VAL A 885 -164.88 -128.41 29.71
C VAL A 885 -165.12 -127.04 29.09
N VAL A 886 -165.31 -127.01 27.78
CA VAL A 886 -165.52 -125.78 27.01
C VAL A 886 -166.53 -126.05 25.91
N ASP A 887 -167.48 -125.14 25.73
CA ASP A 887 -168.55 -125.32 24.76
C ASP A 887 -168.22 -124.61 23.45
N GLY A 888 -169.11 -124.77 22.49
CA GLY A 888 -168.85 -124.45 21.10
C GLY A 888 -168.48 -123.01 20.78
N PRO A 889 -169.34 -122.05 21.11
CA PRO A 889 -169.12 -120.67 20.62
C PRO A 889 -167.89 -120.02 21.19
N ALA A 890 -167.33 -120.55 22.26
CA ALA A 890 -166.13 -119.96 22.86
C ALA A 890 -164.98 -119.92 21.88
N MET A 891 -164.61 -121.09 21.33
CA MET A 891 -163.58 -121.10 20.31
C MET A 891 -164.01 -120.36 19.07
N LEU A 892 -165.32 -120.30 18.81
CA LEU A 892 -165.79 -119.49 17.69
C LEU A 892 -165.42 -118.02 17.89
N THR A 893 -165.23 -117.59 19.13
CA THR A 893 -164.74 -116.25 19.42
C THR A 893 -163.23 -116.13 19.23
N LEU A 894 -162.52 -117.26 19.17
CA LEU A 894 -161.06 -117.25 19.03
C LEU A 894 -160.58 -116.60 17.74
N GLN A 895 -161.49 -116.36 16.78
CA GLN A 895 -161.09 -115.81 15.50
C GLN A 895 -160.52 -114.39 15.60
N VAL A 896 -160.63 -113.75 16.77
CA VAL A 896 -160.15 -112.39 16.95
C VAL A 896 -158.63 -112.30 16.78
N LEU A 897 -157.93 -113.44 16.86
CA LEU A 897 -156.47 -113.42 16.70
C LEU A 897 -156.06 -112.81 15.37
N ALA A 898 -156.89 -112.94 14.34
CA ALA A 898 -156.63 -112.23 13.10
C ALA A 898 -156.65 -110.72 13.31
N HIS A 899 -157.58 -110.25 14.15
CA HIS A 899 -157.75 -108.81 14.35
C HIS A 899 -156.67 -108.21 15.25
N ASN A 900 -156.10 -108.99 16.16
CA ASN A 900 -154.86 -108.62 16.83
C ASN A 900 -154.11 -109.88 17.20
N MET A 901 -152.79 -109.85 17.06
CA MET A 901 -151.94 -110.99 17.39
C MET A 901 -150.54 -110.47 17.69
N ALA A 902 -149.57 -111.38 17.79
CA ALA A 902 -148.17 -111.02 17.92
C ALA A 902 -147.39 -111.58 16.76
N GLU A 903 -146.41 -110.81 16.28
CA GLU A 903 -145.60 -111.25 15.15
C GLU A 903 -144.50 -112.22 15.61
N ARG A 904 -143.62 -111.76 16.49
CA ARG A 904 -142.53 -112.58 17.01
C ARG A 904 -142.28 -112.19 18.46
N THR A 905 -141.30 -112.83 19.07
CA THR A 905 -140.94 -112.58 20.46
C THR A 905 -139.72 -111.68 20.49
N THR A 906 -139.67 -110.82 21.49
CA THR A 906 -138.71 -109.74 21.49
C THR A 906 -137.96 -109.72 22.81
N ALA A 907 -136.67 -109.99 22.74
CA ALA A 907 -135.82 -110.04 23.92
C ALA A 907 -135.22 -108.66 24.11
N LEU A 908 -135.68 -107.96 25.13
CA LEU A 908 -135.35 -106.56 25.32
C LEU A 908 -134.28 -106.44 26.39
N LEU A 909 -133.06 -106.14 25.98
CA LEU A 909 -131.94 -105.99 26.90
C LEU A 909 -131.55 -104.52 26.91
N CYS A 910 -131.93 -103.83 27.98
CA CYS A 910 -131.66 -102.41 28.15
C CYS A 910 -130.90 -102.19 29.47
N SER A 911 -129.94 -101.29 29.43
CA SER A 911 -129.12 -100.98 30.60
C SER A 911 -129.51 -99.61 31.15
N ALA A 912 -128.76 -99.20 32.17
CA ALA A 912 -128.91 -97.90 32.83
C ALA A 912 -127.78 -97.79 33.84
N ALA A 913 -127.55 -96.57 34.30
CA ALA A 913 -126.46 -96.29 35.21
C ALA A 913 -127.02 -96.17 36.63
N PRO A 914 -126.17 -95.98 37.64
CA PRO A 914 -126.69 -95.73 38.98
C PRO A 914 -127.46 -94.42 39.05
N ASP A 915 -128.48 -94.41 39.89
CA ASP A 915 -129.34 -93.25 40.00
C ASP A 915 -128.58 -92.07 40.61
N ALA A 916 -129.24 -90.93 40.58
CA ALA A 916 -128.72 -89.77 41.31
C ALA A 916 -128.81 -90.24 42.76
N GLY A 917 -127.87 -89.87 43.60
CA GLY A 917 -127.88 -90.41 44.96
C GLY A 917 -126.77 -91.43 44.88
N ALA A 918 -127.07 -92.60 44.36
CA ALA A 918 -126.04 -93.60 44.16
C ALA A 918 -124.97 -93.15 43.16
N ASN A 919 -125.32 -92.38 42.15
CA ASN A 919 -124.35 -91.97 41.16
C ASN A 919 -123.18 -91.11 41.64
N THR A 920 -121.98 -91.43 41.16
CA THR A 920 -120.74 -90.69 41.48
C THR A 920 -119.73 -90.79 40.36
N ALA A 921 -118.64 -90.08 40.49
CA ALA A 921 -117.63 -90.09 39.44
C ALA A 921 -117.01 -91.45 39.13
N SER A 922 -116.75 -92.30 40.11
CA SER A 922 -116.15 -93.58 39.76
C SER A 922 -117.20 -94.59 39.31
N THR A 923 -118.45 -94.39 39.72
CA THR A 923 -119.55 -95.24 39.32
C THR A 923 -120.34 -94.69 38.15
N ALA A 924 -119.96 -93.52 37.62
CA ALA A 924 -120.77 -92.89 36.58
C ALA A 924 -120.78 -93.71 35.30
N ASN A 925 -119.76 -94.52 35.07
CA ASN A 925 -119.69 -95.35 33.87
C ASN A 925 -120.23 -96.76 34.09
N MET A 926 -120.78 -97.06 35.26
CA MET A 926 -121.30 -98.39 35.52
C MET A 926 -122.66 -98.54 34.86
N ARG A 927 -122.85 -99.65 34.15
CA ARG A 927 -124.08 -99.97 33.47
C ARG A 927 -124.66 -101.26 34.04
N ILE A 928 -125.96 -101.25 34.30
CA ILE A 928 -126.64 -102.41 34.87
C ILE A 928 -127.63 -102.92 33.82
N PHE A 929 -127.34 -104.10 33.27
CA PHE A 929 -128.08 -104.63 32.14
C PHE A 929 -129.24 -105.49 32.63
N ASP A 930 -130.46 -105.08 32.28
CA ASP A 930 -131.65 -105.85 32.62
C ASP A 930 -132.40 -106.17 31.33
N GLY A 931 -132.43 -107.45 30.98
CA GLY A 931 -133.12 -107.91 29.80
C GLY A 931 -134.50 -108.45 30.14
N ALA A 932 -135.36 -108.49 29.13
CA ALA A 932 -136.65 -109.14 29.28
C ALA A 932 -137.24 -109.46 27.91
N LEU A 933 -138.22 -110.35 27.92
CA LEU A 933 -138.97 -110.70 26.72
C LEU A 933 -140.21 -109.83 26.60
N HIS A 934 -140.49 -109.41 25.38
CA HIS A 934 -141.75 -108.71 25.09
C HIS A 934 -142.88 -109.71 24.93
N ALA A 935 -142.80 -110.55 23.92
CA ALA A 935 -143.75 -111.63 23.73
C ALA A 935 -143.14 -112.85 24.42
N GLY A 936 -143.73 -113.24 25.55
CA GLY A 936 -143.15 -114.30 26.35
C GLY A 936 -144.14 -114.75 27.41
N VAL A 937 -143.93 -115.97 27.89
CA VAL A 937 -144.85 -116.64 28.79
C VAL A 937 -144.05 -117.44 29.82
N LEU A 938 -144.60 -117.57 31.03
CA LEU A 938 -143.95 -118.25 32.15
C LEU A 938 -144.59 -119.60 32.41
N LEU A 939 -143.75 -120.62 32.51
CA LEU A 939 -144.21 -121.99 32.72
C LEU A 939 -144.06 -122.35 34.19
N MET A 940 -145.08 -123.01 34.75
CA MET A 940 -145.09 -123.33 36.14
C MET A 940 -144.46 -124.70 36.54
N ALA A 941 -144.89 -125.79 35.92
CA ALA A 941 -144.29 -127.04 36.18
C ALA A 941 -143.81 -127.56 34.83
N PRO A 942 -142.53 -127.90 34.67
CA PRO A 942 -142.02 -128.28 33.35
C PRO A 942 -142.69 -129.55 32.84
N GLN A 943 -143.18 -129.51 31.62
CA GLN A 943 -143.52 -130.75 30.90
C GLN A 943 -142.59 -130.87 29.70
N HIS A 944 -141.58 -131.73 29.78
CA HIS A 944 -140.90 -132.21 28.58
C HIS A 944 -141.29 -133.64 28.21
N LEU A 945 -142.16 -134.24 28.98
CA LEU A 945 -142.52 -135.60 28.65
C LEU A 945 -143.88 -135.73 27.99
N ASP A 946 -143.84 -135.85 26.67
CA ASP A 946 -145.00 -136.08 25.82
C ASP A 946 -144.57 -136.48 24.40
N HIS A 947 -145.48 -137.04 23.63
CA HIS A 947 -145.18 -137.41 22.24
C HIS A 947 -146.03 -136.54 21.33
N THR A 948 -146.54 -135.42 21.86
CA THR A 948 -147.42 -134.55 21.10
C THR A 948 -146.54 -133.32 20.92
N ILE A 949 -146.12 -132.77 22.05
CA ILE A 949 -145.29 -131.58 22.09
C ILE A 949 -143.82 -132.00 22.05
N GLN A 950 -143.20 -131.76 20.90
CA GLN A 950 -141.79 -131.83 20.60
C GLN A 950 -141.07 -130.64 21.20
N ASN A 951 -139.74 -130.76 21.30
CA ASN A 951 -138.92 -129.67 21.83
C ASN A 951 -138.95 -128.45 20.91
N GLY A 952 -139.29 -127.30 21.49
CA GLY A 952 -139.28 -126.04 20.76
C GLY A 952 -140.49 -125.75 19.91
N GLU A 953 -141.66 -126.28 20.28
CA GLU A 953 -142.84 -126.16 19.44
C GLU A 953 -143.76 -124.96 19.57
N TYR A 954 -144.27 -124.76 20.79
CA TYR A 954 -145.24 -123.71 21.01
C TYR A 954 -144.65 -122.54 21.78
N PHE A 955 -144.00 -122.87 22.89
CA PHE A 955 -143.43 -121.88 23.76
C PHE A 955 -141.99 -122.25 23.89
N TYR A 956 -141.08 -121.32 23.63
CA TYR A 956 -139.71 -121.73 23.70
C TYR A 956 -139.15 -121.20 24.99
N VAL A 957 -138.64 -122.11 25.79
CA VAL A 957 -138.15 -121.72 27.08
C VAL A 957 -137.02 -120.76 26.86
N LEU A 958 -137.17 -119.60 27.47
CA LEU A 958 -136.15 -118.58 27.43
C LEU A 958 -136.17 -117.97 28.80
N PRO A 959 -134.95 -117.94 29.44
CA PRO A 959 -135.00 -117.30 30.75
C PRO A 959 -134.31 -115.96 30.58
N VAL A 960 -135.04 -114.92 30.89
CA VAL A 960 -134.53 -113.55 30.85
C VAL A 960 -133.56 -113.33 31.99
N HIS A 961 -133.69 -114.07 33.08
CA HIS A 961 -132.94 -113.79 34.29
C HIS A 961 -132.82 -115.08 35.08
N ALA A 962 -131.81 -115.14 35.94
CA ALA A 962 -131.51 -116.36 36.66
C ALA A 962 -132.54 -116.68 37.72
N LEU A 963 -133.42 -115.74 38.07
CA LEU A 963 -134.54 -116.09 38.94
C LEU A 963 -135.32 -117.23 38.34
N PHE A 964 -135.63 -117.13 37.05
CA PHE A 964 -136.34 -118.17 36.34
C PHE A 964 -135.35 -118.89 35.44
N ALA A 965 -134.86 -120.02 35.92
CA ALA A 965 -134.34 -121.07 35.06
C ALA A 965 -134.71 -122.37 35.74
N GLY A 966 -135.56 -123.17 35.12
CA GLY A 966 -135.91 -124.45 35.70
C GLY A 966 -134.77 -125.43 35.48
N ALA A 967 -134.51 -126.24 36.51
CA ALA A 967 -133.53 -127.30 36.32
C ALA A 967 -134.01 -128.30 35.29
N ASP A 968 -135.31 -128.56 35.26
CA ASP A 968 -135.88 -129.40 34.22
C ASP A 968 -136.06 -128.63 32.92
N HIS A 969 -136.63 -127.42 33.01
CA HIS A 969 -136.96 -126.67 31.80
C HIS A 969 -135.76 -126.53 30.88
N VAL A 970 -134.64 -126.08 31.42
CA VAL A 970 -133.53 -125.61 30.59
C VAL A 970 -132.67 -126.77 30.06
N ALA A 971 -132.57 -127.87 30.79
CA ALA A 971 -131.75 -128.98 30.33
C ALA A 971 -132.30 -129.62 29.05
N ASN A 972 -133.50 -129.24 28.61
CA ASN A 972 -134.19 -129.83 27.47
C ASN A 972 -134.07 -129.00 26.19
N ALA A 973 -133.22 -127.97 26.19
CA ALA A 973 -133.02 -127.07 25.06
C ALA A 973 -132.75 -127.89 23.77
N PRO A 974 -133.16 -127.38 22.60
CA PRO A 974 -133.06 -128.19 21.38
C PRO A 974 -131.76 -128.94 21.18
N ASN A 975 -130.63 -128.28 21.34
CA ASN A 975 -129.37 -128.95 21.67
C ASN A 975 -128.94 -128.46 23.03
N PHE A 976 -129.09 -129.31 24.04
CA PHE A 976 -128.56 -128.99 25.37
C PHE A 976 -127.33 -129.84 25.58
N PRO A 977 -126.14 -129.24 25.55
CA PRO A 977 -124.90 -130.03 25.48
C PRO A 977 -124.85 -131.07 26.58
N PRO A 978 -124.40 -132.28 26.26
CA PRO A 978 -124.49 -133.37 27.25
C PRO A 978 -123.64 -133.11 28.47
N ALA A 979 -122.46 -132.51 28.30
CA ALA A 979 -121.59 -132.24 29.44
C ALA A 979 -122.18 -131.19 30.37
N LEU A 980 -123.16 -130.43 29.91
CA LEU A 980 -123.76 -129.37 30.72
C LEU A 980 -124.94 -129.89 31.53
N ARG A 981 -125.20 -131.19 31.52
CA ARG A 981 -126.23 -131.73 32.40
C ARG A 981 -125.88 -131.51 33.86
N ASP A 982 -124.62 -131.75 34.22
CA ASP A 982 -124.20 -131.68 35.62
C ASP A 982 -123.99 -130.23 36.08
N LEU A 983 -123.25 -129.44 35.29
CA LEU A 983 -122.99 -128.07 35.67
C LEU A 983 -124.28 -127.28 35.82
N ALA A 984 -125.13 -127.31 34.80
CA ALA A 984 -126.35 -126.51 34.81
C ALA A 984 -127.32 -126.93 35.89
N ARG A 985 -127.03 -127.99 36.64
CA ARG A 985 -127.97 -128.47 37.65
C ARG A 985 -128.34 -127.37 38.64
N HIS A 986 -127.34 -126.83 39.35
CA HIS A 986 -127.61 -125.70 40.24
C HIS A 986 -127.47 -124.34 39.58
N VAL A 987 -126.81 -124.24 38.45
CA VAL A 987 -126.52 -122.95 37.83
C VAL A 987 -127.70 -122.51 36.96
N PRO A 988 -128.30 -121.36 37.23
CA PRO A 988 -129.37 -120.85 36.37
C PRO A 988 -128.82 -120.24 35.09
N LEU A 989 -128.64 -121.05 34.04
CA LEU A 989 -128.07 -120.55 32.80
C LEU A 989 -129.03 -119.58 32.14
N VAL A 990 -128.53 -118.37 31.87
CA VAL A 990 -129.26 -117.32 31.18
C VAL A 990 -128.27 -116.66 30.21
N PRO A 991 -128.65 -116.34 28.99
CA PRO A 991 -127.70 -115.75 28.04
C PRO A 991 -127.47 -114.28 28.34
N PRO A 992 -126.25 -113.78 28.17
CA PRO A 992 -126.02 -112.33 28.23
C PRO A 992 -126.65 -111.58 27.09
N ALA A 993 -127.02 -112.25 26.01
CA ALA A 993 -127.98 -111.66 25.10
C ALA A 993 -129.20 -111.19 25.87
N LEU A 994 -129.57 -111.91 26.93
CA LEU A 994 -130.57 -111.49 27.88
C LEU A 994 -129.99 -110.87 29.14
N GLY A 995 -128.66 -110.75 29.23
CA GLY A 995 -128.02 -110.20 30.40
C GLY A 995 -127.41 -111.30 31.27
N ALA A 996 -126.43 -110.90 32.08
CA ALA A 996 -125.72 -111.85 32.93
C ALA A 996 -125.65 -111.32 34.34
N ASN A 997 -125.21 -112.20 35.24
CA ASN A 997 -125.33 -112.03 36.68
C ASN A 997 -124.82 -110.68 37.17
N TYR A 998 -123.50 -110.49 37.13
CA TYR A 998 -122.91 -109.33 37.77
C TYR A 998 -123.50 -108.02 37.27
N PHE A 999 -124.06 -107.99 36.08
CA PHE A 999 -124.64 -106.77 35.54
C PHE A 999 -126.14 -106.68 35.75
N SER A 1000 -126.77 -107.68 36.35
CA SER A 1000 -128.19 -107.52 36.60
C SER A 1000 -128.40 -106.72 37.87
N SER A 1001 -129.66 -106.36 38.11
CA SER A 1001 -130.00 -105.75 39.39
C SER A 1001 -130.20 -106.81 40.45
N ILE A 1002 -130.84 -107.92 40.07
CA ILE A 1002 -131.04 -109.05 40.97
C ILE A 1002 -130.01 -110.10 40.60
N ARG A 1003 -129.19 -110.47 41.57
CA ARG A 1003 -128.11 -111.40 41.38
C ARG A 1003 -128.39 -112.66 42.19
N GLN A 1004 -127.42 -113.56 42.19
CA GLN A 1004 -127.68 -114.92 42.67
C GLN A 1004 -128.19 -114.99 44.10
N PRO A 1005 -127.59 -114.33 45.09
CA PRO A 1005 -128.01 -114.58 46.48
C PRO A 1005 -129.49 -114.35 46.71
N VAL A 1006 -130.14 -113.55 45.87
CA VAL A 1006 -131.60 -113.47 45.93
C VAL A 1006 -132.20 -114.83 45.65
N VAL A 1007 -131.73 -115.47 44.58
CA VAL A 1007 -132.27 -116.76 44.18
C VAL A 1007 -132.04 -117.79 45.28
N GLN A 1008 -130.77 -118.01 45.64
CA GLN A 1008 -130.44 -119.08 46.55
C GLN A 1008 -131.15 -118.91 47.88
N HIS A 1009 -131.49 -117.69 48.25
CA HIS A 1009 -132.38 -117.50 49.38
C HIS A 1009 -133.71 -118.17 49.12
N ALA A 1010 -134.33 -117.84 47.98
CA ALA A 1010 -135.67 -118.33 47.65
C ALA A 1010 -135.74 -119.85 47.72
N ARG A 1011 -134.99 -120.52 46.86
CA ARG A 1011 -135.07 -121.96 46.78
C ARG A 1011 -134.64 -122.63 48.07
N GLU A 1012 -133.62 -122.11 48.75
CA GLU A 1012 -133.08 -122.77 49.93
C GLU A 1012 -133.86 -122.47 51.20
N SER A 1013 -134.60 -121.36 51.25
CA SER A 1013 -135.24 -120.96 52.50
C SER A 1013 -136.21 -122.02 52.98
N ALA A 1014 -136.32 -122.11 54.31
CA ALA A 1014 -137.24 -123.03 54.94
C ALA A 1014 -138.56 -122.39 55.34
N ALA A 1015 -138.74 -121.11 55.06
CA ALA A 1015 -139.95 -120.46 55.51
C ALA A 1015 -141.12 -120.81 54.59
N GLY A 1016 -142.30 -120.36 55.00
CA GLY A 1016 -143.45 -120.48 54.14
C GLY A 1016 -143.38 -119.43 53.05
N GLU A 1017 -144.27 -119.56 52.07
CA GLU A 1017 -144.30 -118.57 51.02
C GLU A 1017 -144.78 -117.22 51.54
N ASN A 1018 -145.51 -117.18 52.65
CA ASN A 1018 -145.76 -115.93 53.33
C ASN A 1018 -144.47 -115.29 53.78
N ALA A 1019 -143.81 -115.92 54.75
CA ALA A 1019 -142.58 -115.37 55.29
C ALA A 1019 -141.51 -115.20 54.23
N LEU A 1020 -141.35 -116.19 53.35
CA LEU A 1020 -140.36 -116.08 52.30
C LEU A 1020 -140.67 -114.95 51.34
N THR A 1021 -141.91 -114.49 51.29
CA THR A 1021 -142.22 -113.39 50.41
C THR A 1021 -141.65 -112.08 50.94
N TYR A 1022 -141.97 -111.74 52.19
CA TYR A 1022 -141.50 -110.48 52.76
C TYR A 1022 -139.98 -110.47 52.86
N ALA A 1023 -139.40 -111.57 53.32
CA ALA A 1023 -137.95 -111.70 53.35
C ALA A 1023 -137.36 -111.41 51.99
N LEU A 1024 -137.89 -112.07 50.96
CA LEU A 1024 -137.43 -111.83 49.61
C LEU A 1024 -137.77 -110.43 49.14
N MET A 1025 -138.84 -109.85 49.68
CA MET A 1025 -139.14 -108.45 49.39
C MET A 1025 -138.10 -107.53 50.00
N ALA A 1026 -137.72 -107.81 51.25
CA ALA A 1026 -136.73 -106.97 51.92
C ALA A 1026 -135.40 -106.99 51.21
N GLY A 1027 -135.05 -108.11 50.58
CA GLY A 1027 -133.81 -108.16 49.86
C GLY A 1027 -133.74 -107.22 48.67
N TYR A 1028 -134.83 -106.55 48.35
CA TYR A 1028 -134.91 -105.70 47.17
C TYR A 1028 -134.72 -104.22 47.44
N PHE A 1029 -134.50 -103.82 48.69
CA PHE A 1029 -134.28 -102.40 48.94
C PHE A 1029 -132.90 -101.99 48.45
N LYS A 1030 -132.80 -100.77 47.93
CA LYS A 1030 -131.57 -100.36 47.29
C LYS A 1030 -130.47 -100.11 48.32
N MET A 1031 -129.24 -100.15 47.83
CA MET A 1031 -128.05 -100.01 48.65
C MET A 1031 -127.48 -98.60 48.58
N SER A 1032 -128.15 -97.72 47.94
CA SER A 1032 -127.70 -96.35 47.80
C SER A 1032 -127.81 -95.62 49.14
N PRO A 1033 -126.93 -94.63 49.38
CA PRO A 1033 -126.99 -93.92 50.66
C PRO A 1033 -128.28 -93.17 50.87
N VAL A 1034 -128.90 -92.69 49.80
CA VAL A 1034 -130.25 -92.17 49.95
C VAL A 1034 -131.19 -93.29 50.38
N ALA A 1035 -131.06 -94.47 49.76
CA ALA A 1035 -131.90 -95.59 50.15
C ALA A 1035 -131.68 -95.95 51.61
N LEU A 1036 -130.41 -96.08 52.01
CA LEU A 1036 -130.12 -96.46 53.39
C LEU A 1036 -130.62 -95.44 54.37
N TYR A 1037 -130.57 -94.16 54.01
CA TYR A 1037 -131.16 -93.13 54.85
C TYR A 1037 -132.62 -93.42 55.14
N HIS A 1038 -133.36 -93.85 54.12
CA HIS A 1038 -134.77 -94.17 54.35
C HIS A 1038 -134.91 -95.44 55.16
N GLN A 1039 -134.00 -96.39 54.97
CA GLN A 1039 -134.10 -97.66 55.68
C GLN A 1039 -133.77 -97.48 57.15
N LEU A 1040 -132.54 -97.07 57.43
CA LEU A 1040 -132.05 -96.89 58.79
C LEU A 1040 -133.04 -96.09 59.63
N LYS A 1041 -133.31 -94.85 59.23
CA LYS A 1041 -134.17 -93.98 60.02
C LYS A 1041 -135.50 -94.65 60.34
N THR A 1042 -136.04 -95.43 59.41
CA THR A 1042 -137.31 -96.09 59.61
C THR A 1042 -137.14 -97.52 60.13
N GLY A 1043 -135.91 -97.93 60.41
CA GLY A 1043 -135.73 -99.18 61.11
C GLY A 1043 -135.84 -100.40 60.26
N LEU A 1044 -135.13 -100.42 59.14
CA LEU A 1044 -134.94 -101.62 58.36
C LEU A 1044 -133.46 -101.96 58.31
N HIS A 1045 -133.15 -103.24 58.44
CA HIS A 1045 -131.77 -103.67 58.57
C HIS A 1045 -131.17 -103.92 57.20
N PRO A 1046 -130.26 -103.11 56.74
CA PRO A 1046 -129.79 -103.19 55.36
C PRO A 1046 -128.75 -104.27 55.10
N GLY A 1047 -129.03 -105.49 55.57
CA GLY A 1047 -128.26 -106.64 55.15
C GLY A 1047 -126.84 -106.71 55.66
N PHE A 1048 -126.33 -105.68 56.33
CA PHE A 1048 -125.04 -105.77 56.99
C PHE A 1048 -125.15 -105.06 58.32
N GLY A 1049 -124.09 -105.12 59.11
CA GLY A 1049 -124.12 -104.59 60.46
C GLY A 1049 -122.76 -104.03 60.81
N PHE A 1050 -122.72 -103.23 61.85
CA PHE A 1050 -121.50 -102.47 62.08
C PHE A 1050 -120.70 -103.03 63.25
N THR A 1051 -119.51 -102.46 63.41
CA THR A 1051 -118.72 -102.56 64.62
C THR A 1051 -118.36 -101.15 65.03
N VAL A 1052 -118.61 -100.83 66.27
CA VAL A 1052 -118.47 -99.47 66.75
C VAL A 1052 -117.13 -99.33 67.45
N VAL A 1053 -116.44 -98.25 67.17
CA VAL A 1053 -115.14 -97.99 67.75
C VAL A 1053 -115.17 -96.60 68.35
N ARG A 1054 -115.00 -96.51 69.65
CA ARG A 1054 -114.88 -95.22 70.32
C ARG A 1054 -113.47 -95.08 70.86
N GLN A 1055 -113.03 -93.83 70.96
CA GLN A 1055 -111.72 -93.50 71.51
C GLN A 1055 -111.97 -92.73 72.79
N ASP A 1056 -111.69 -93.35 73.92
CA ASP A 1056 -112.01 -92.77 75.20
C ASP A 1056 -110.76 -92.61 76.03
N ARG A 1057 -110.75 -91.59 76.89
CA ARG A 1057 -109.51 -91.09 77.48
C ARG A 1057 -109.71 -90.74 78.93
N PHE A 1058 -108.85 -91.26 79.80
CA PHE A 1058 -109.04 -91.14 81.23
C PHE A 1058 -107.97 -90.26 81.85
N VAL A 1059 -108.14 -89.99 83.14
CA VAL A 1059 -107.09 -89.40 83.97
C VAL A 1059 -106.71 -90.44 84.98
N THR A 1060 -105.52 -91.00 84.82
CA THR A 1060 -105.10 -92.01 85.75
C THR A 1060 -104.35 -91.35 86.89
N GLU A 1061 -103.93 -92.16 87.83
CA GLU A 1061 -102.95 -91.78 88.82
C GLU A 1061 -101.81 -92.77 88.65
N ASN A 1062 -100.65 -92.46 89.20
CA ASN A 1062 -99.55 -93.38 89.05
C ASN A 1062 -98.90 -93.61 90.40
N VAL A 1063 -97.94 -94.53 90.40
CA VAL A 1063 -97.13 -94.81 91.57
C VAL A 1063 -95.70 -95.02 91.08
N LEU A 1064 -94.79 -94.15 91.48
CA LEU A 1064 -93.38 -94.44 91.33
C LEU A 1064 -92.88 -95.18 92.53
N PHE A 1065 -91.95 -96.09 92.31
CA PHE A 1065 -91.18 -96.64 93.42
C PHE A 1065 -89.71 -96.57 93.05
N SER A 1066 -88.93 -95.78 93.75
CA SER A 1066 -87.55 -95.73 93.42
C SER A 1066 -86.90 -95.96 94.70
N GLU A 1067 -85.70 -96.51 94.68
CA GLU A 1067 -84.94 -96.83 95.88
C GLU A 1067 -83.90 -95.85 96.28
N ARG A 1068 -83.26 -96.11 97.40
CA ARG A 1068 -82.24 -95.29 98.00
C ARG A 1068 -81.38 -94.33 97.24
N ALA A 1069 -80.67 -94.75 96.21
CA ALA A 1069 -79.89 -93.80 95.45
C ALA A 1069 -80.21 -94.09 94.02
N SER A 1070 -81.29 -93.55 93.51
CA SER A 1070 -81.63 -93.92 92.13
C SER A 1070 -80.85 -93.07 91.15
N GLU A 1071 -81.02 -91.75 91.21
CA GLU A 1071 -80.31 -90.88 90.31
C GLU A 1071 -79.11 -90.25 91.01
N ALA A 1072 -78.43 -89.32 90.33
CA ALA A 1072 -77.32 -88.52 90.89
C ALA A 1072 -77.55 -87.09 90.45
N TYR A 1073 -77.25 -86.08 91.27
CA TYR A 1073 -77.51 -84.71 90.86
C TYR A 1073 -76.38 -83.78 91.19
N PHE A 1074 -76.11 -82.81 90.33
CA PHE A 1074 -75.04 -81.86 90.59
C PHE A 1074 -75.58 -80.45 90.47
N LEU A 1075 -75.17 -79.53 91.34
CA LEU A 1075 -75.65 -78.16 91.23
C LEU A 1075 -74.60 -77.20 90.63
N GLY A 1076 -74.79 -76.68 89.40
CA GLY A 1076 -73.73 -75.88 88.88
C GLY A 1076 -73.67 -74.52 89.54
N GLN A 1077 -73.37 -73.50 88.76
CA GLN A 1077 -73.18 -72.15 89.25
C GLN A 1077 -74.33 -71.24 88.79
N LEU A 1078 -75.03 -70.90 89.87
CA LEU A 1078 -76.10 -69.97 89.96
C LEU A 1078 -75.41 -68.69 89.65
N GLN A 1079 -76.00 -67.91 88.78
CA GLN A 1079 -75.45 -66.65 88.36
C GLN A 1079 -76.58 -65.71 88.54
N VAL A 1080 -76.29 -64.43 88.60
CA VAL A 1080 -77.34 -63.46 88.84
C VAL A 1080 -77.40 -62.39 87.78
N ALA A 1081 -77.89 -62.74 86.60
CA ALA A 1081 -77.98 -61.76 85.55
C ALA A 1081 -78.99 -60.73 85.96
N ARG A 1082 -78.67 -59.46 85.78
CA ARG A 1082 -79.59 -58.39 86.09
C ARG A 1082 -79.85 -57.58 84.85
N HIS A 1083 -81.12 -57.36 84.53
CA HIS A 1083 -81.52 -56.61 83.35
C HIS A 1083 -82.50 -55.54 83.82
N GLU A 1084 -82.50 -54.40 83.14
CA GLU A 1084 -83.43 -53.31 83.46
C GLU A 1084 -84.58 -53.36 82.47
N THR A 1085 -85.75 -53.79 82.94
CA THR A 1085 -86.91 -53.78 82.06
C THR A 1085 -88.05 -52.94 82.63
N GLY A 1086 -88.84 -53.51 83.54
CA GLY A 1086 -89.90 -52.75 84.17
C GLY A 1086 -89.42 -52.03 85.40
N GLY A 1087 -89.80 -50.76 85.51
CA GLY A 1087 -89.69 -50.02 86.75
C GLY A 1087 -88.32 -49.92 87.36
N GLY A 1088 -87.29 -50.49 86.74
CA GLY A 1088 -85.99 -50.60 87.36
C GLY A 1088 -85.30 -51.89 86.94
N VAL A 1089 -84.26 -52.26 87.69
CA VAL A 1089 -83.48 -53.46 87.40
C VAL A 1089 -84.32 -54.69 87.65
N ASN A 1090 -83.93 -55.82 87.08
CA ASN A 1090 -84.59 -57.09 87.37
C ASN A 1090 -83.53 -58.18 87.38
N PHE A 1091 -83.51 -58.98 88.44
CA PHE A 1091 -82.53 -60.05 88.59
C PHE A 1091 -83.14 -61.38 88.22
N THR A 1092 -82.39 -62.20 87.49
CA THR A 1092 -82.82 -63.54 87.11
C THR A 1092 -81.76 -64.53 87.54
N LEU A 1093 -82.09 -65.38 88.50
CA LEU A 1093 -81.16 -66.37 89.02
C LEU A 1093 -81.32 -67.65 88.21
N THR A 1094 -80.21 -68.24 87.77
CA THR A 1094 -80.28 -69.46 86.97
C THR A 1094 -79.15 -70.41 87.34
N GLN A 1095 -79.48 -71.67 87.59
CA GLN A 1095 -78.58 -72.64 88.22
C GLN A 1095 -78.32 -73.86 87.34
N PRO A 1096 -77.28 -73.86 86.54
CA PRO A 1096 -77.02 -75.02 85.68
C PRO A 1096 -76.92 -76.28 86.52
N ARG A 1097 -77.48 -77.37 86.01
CA ARG A 1097 -77.52 -78.57 86.78
C ARG A 1097 -77.71 -79.77 85.88
N GLY A 1098 -77.35 -80.95 86.41
CA GLY A 1098 -77.28 -82.14 85.60
C GLY A 1098 -77.56 -83.38 86.41
N ASN A 1099 -77.43 -84.58 85.83
CA ASN A 1099 -77.90 -85.77 86.53
C ASN A 1099 -77.56 -87.03 85.77
N VAL A 1100 -77.63 -88.18 86.45
CA VAL A 1100 -77.34 -89.50 85.85
C VAL A 1100 -78.26 -90.57 86.44
N ASP A 1101 -77.93 -91.81 86.11
CA ASP A 1101 -78.67 -93.00 86.51
C ASP A 1101 -77.75 -93.78 87.42
N LEU A 1102 -78.15 -94.02 88.65
CA LEU A 1102 -77.29 -94.90 89.44
C LEU A 1102 -77.65 -96.35 89.29
N GLY A 1103 -78.75 -96.66 88.63
CA GLY A 1103 -79.13 -98.04 88.46
C GLY A 1103 -78.36 -98.71 87.34
N VAL A 1104 -78.02 -99.97 87.56
CA VAL A 1104 -77.69 -100.85 86.45
C VAL A 1104 -78.97 -101.29 85.74
N GLY A 1105 -79.87 -101.93 86.47
CA GLY A 1105 -81.20 -102.22 86.00
C GLY A 1105 -82.15 -101.08 86.29
N TYR A 1106 -83.40 -101.44 86.54
CA TYR A 1106 -84.44 -100.46 86.84
C TYR A 1106 -84.44 -100.16 88.33
N THR A 1107 -84.20 -98.91 88.67
CA THR A 1107 -84.28 -98.49 90.06
C THR A 1107 -85.61 -97.82 90.38
N ALA A 1108 -86.46 -97.60 89.40
CA ALA A 1108 -87.75 -96.99 89.65
C ALA A 1108 -88.79 -97.62 88.74
N VAL A 1109 -89.93 -97.96 89.30
CA VAL A 1109 -91.05 -98.48 88.54
C VAL A 1109 -92.22 -97.53 88.69
N ALA A 1110 -92.97 -97.35 87.61
CA ALA A 1110 -94.18 -96.56 87.61
C ALA A 1110 -95.36 -97.50 87.50
N ALA A 1111 -96.43 -97.21 88.21
CA ALA A 1111 -97.62 -98.03 88.07
C ALA A 1111 -98.78 -97.12 87.72
N THR A 1112 -99.96 -97.66 87.61
CA THR A 1112 -101.08 -96.82 87.31
C THR A 1112 -102.00 -96.71 88.47
N ALA A 1113 -102.05 -97.74 89.30
CA ALA A 1113 -102.94 -97.78 90.45
C ALA A 1113 -104.34 -97.52 89.98
N THR A 1114 -104.94 -96.46 90.44
CA THR A 1114 -106.30 -96.07 90.06
C THR A 1114 -106.49 -95.10 88.89
N VAL A 1115 -107.75 -94.84 88.54
CA VAL A 1115 -108.19 -93.89 87.50
C VAL A 1115 -108.88 -92.74 88.22
N ARG A 1116 -108.44 -91.51 88.05
CA ARG A 1116 -108.97 -90.38 88.79
C ARG A 1116 -110.38 -90.02 88.31
N ASN A 1117 -110.62 -90.04 87.02
CA ASN A 1117 -111.90 -89.67 86.46
C ASN A 1117 -111.90 -89.92 84.97
N PRO A 1118 -113.05 -90.26 84.38
CA PRO A 1118 -112.88 -90.46 82.96
C PRO A 1118 -112.99 -89.11 82.37
N VAL A 1119 -112.02 -88.65 81.59
CA VAL A 1119 -112.10 -87.34 81.01
C VAL A 1119 -113.21 -87.17 80.00
N THR A 1120 -113.35 -88.17 79.16
CA THR A 1120 -114.32 -88.25 78.10
C THR A 1120 -115.69 -88.57 78.63
N ASP A 1121 -116.70 -88.25 77.82
CA ASP A 1121 -118.12 -88.49 78.11
C ASP A 1121 -118.37 -90.00 78.11
N MET A 1122 -117.69 -90.68 77.20
CA MET A 1122 -117.78 -92.13 77.09
C MET A 1122 -118.82 -92.87 76.26
N GLY A 1123 -119.54 -92.22 75.35
CA GLY A 1123 -120.46 -92.96 74.51
C GLY A 1123 -121.70 -92.34 73.93
N ASN A 1124 -122.43 -93.14 73.16
CA ASN A 1124 -123.67 -92.72 72.53
C ASN A 1124 -123.56 -91.45 71.67
N LEU A 1125 -122.64 -91.43 70.72
CA LEU A 1125 -122.48 -90.23 69.89
C LEU A 1125 -121.73 -90.62 68.62
N PRO A 1126 -122.24 -90.26 67.47
CA PRO A 1126 -121.73 -90.82 66.21
C PRO A 1126 -120.56 -90.14 65.57
N GLN A 1127 -120.15 -90.74 64.47
CA GLN A 1127 -119.33 -90.08 63.47
C GLN A 1127 -120.25 -89.46 62.43
N ASN A 1128 -119.89 -88.28 61.94
CA ASN A 1128 -120.61 -87.64 60.86
C ASN A 1128 -119.57 -87.17 59.87
N PHE A 1129 -119.58 -87.75 58.66
CA PHE A 1129 -118.52 -87.43 57.72
C PHE A 1129 -118.75 -86.14 56.98
N TYR A 1130 -119.98 -85.61 57.00
CA TYR A 1130 -120.23 -84.34 56.34
C TYR A 1130 -119.45 -83.21 56.99
N LEU A 1131 -118.79 -83.47 58.11
CA LEU A 1131 -117.88 -82.51 58.70
C LEU A 1131 -116.51 -82.61 58.06
N GLY A 1132 -115.83 -83.74 58.22
CA GLY A 1132 -114.48 -83.86 57.69
C GLY A 1132 -114.34 -83.91 56.19
N ARG A 1133 -113.70 -82.86 55.65
CA ARG A 1133 -113.04 -82.80 54.35
C ARG A 1133 -113.80 -83.45 53.20
N GLY A 1134 -115.13 -83.47 53.27
CA GLY A 1134 -115.94 -83.84 52.13
C GLY A 1134 -115.57 -85.14 51.45
N ALA A 1135 -115.93 -85.25 50.17
CA ALA A 1135 -115.58 -86.35 49.29
C ALA A 1135 -115.99 -85.92 47.89
N PRO A 1136 -115.76 -86.73 46.86
CA PRO A 1136 -116.48 -86.52 45.61
C PRO A 1136 -117.97 -86.70 45.86
N PRO A 1137 -118.78 -85.73 45.50
CA PRO A 1137 -120.18 -85.76 45.92
C PRO A 1137 -121.06 -86.60 45.02
N LEU A 1138 -122.36 -86.64 45.33
CA LEU A 1138 -123.33 -87.21 44.42
C LEU A 1138 -123.44 -86.31 43.20
N LEU A 1139 -123.27 -86.88 42.01
CA LEU A 1139 -123.10 -86.06 40.82
C LEU A 1139 -124.35 -85.33 40.40
N ASP A 1140 -125.50 -85.58 41.03
CA ASP A 1140 -126.64 -84.68 40.91
C ASP A 1140 -126.54 -83.63 41.99
N ASN A 1141 -126.63 -82.36 41.60
CA ASN A 1141 -126.48 -81.29 42.59
C ASN A 1141 -127.65 -81.28 43.56
N ALA A 1142 -128.84 -81.66 43.12
CA ALA A 1142 -129.98 -81.69 44.03
C ALA A 1142 -129.96 -82.92 44.90
N ALA A 1143 -129.31 -84.00 44.43
CA ALA A 1143 -129.20 -85.20 45.24
C ALA A 1143 -128.24 -84.99 46.41
N ALA A 1144 -127.03 -84.53 46.11
CA ALA A 1144 -126.00 -84.38 47.13
C ALA A 1144 -126.47 -83.52 48.28
N VAL A 1145 -126.97 -82.32 47.97
CA VAL A 1145 -127.33 -81.40 49.03
C VAL A 1145 -128.65 -81.73 49.69
N TYR A 1146 -129.39 -82.71 49.19
CA TYR A 1146 -130.54 -83.18 49.95
C TYR A 1146 -130.12 -84.13 51.06
N LEU A 1147 -129.26 -85.09 50.73
CA LEU A 1147 -128.77 -86.01 51.74
C LEU A 1147 -127.98 -85.27 52.80
N ARG A 1148 -127.08 -84.37 52.36
CA ARG A 1148 -126.29 -83.56 53.26
C ARG A 1148 -127.17 -82.88 54.30
N ASN A 1149 -128.04 -81.98 53.88
CA ASN A 1149 -128.88 -81.29 54.86
C ASN A 1149 -129.87 -82.20 55.55
N ALA A 1150 -130.03 -83.44 55.07
CA ALA A 1150 -130.88 -84.38 55.78
C ALA A 1150 -130.16 -84.96 56.99
N VAL A 1151 -128.92 -85.40 56.80
CA VAL A 1151 -128.16 -85.99 57.89
C VAL A 1151 -127.70 -84.92 58.85
N VAL A 1152 -127.07 -83.87 58.33
CA VAL A 1152 -126.46 -82.83 59.14
C VAL A 1152 -127.47 -82.16 60.06
N ALA A 1153 -128.72 -82.05 59.63
CA ALA A 1153 -129.67 -81.25 60.39
C ALA A 1153 -130.09 -81.91 61.68
N GLY A 1154 -130.08 -83.25 61.74
CA GLY A 1154 -130.47 -83.92 62.97
C GLY A 1154 -129.38 -84.02 64.00
N ASN A 1155 -128.13 -84.09 63.56
CA ASN A 1155 -127.02 -84.47 64.44
C ASN A 1155 -126.66 -83.36 65.42
N ARG A 1156 -125.95 -83.77 66.47
CA ARG A 1156 -125.29 -82.87 67.40
C ARG A 1156 -123.94 -82.39 66.85
N LEU A 1157 -123.60 -82.84 65.64
CA LEU A 1157 -122.26 -82.66 65.07
C LEU A 1157 -122.25 -81.71 63.88
N GLY A 1158 -123.01 -81.98 62.82
CA GLY A 1158 -122.90 -81.29 61.56
C GLY A 1158 -122.91 -79.78 61.63
N PRO A 1159 -121.81 -79.18 61.13
CA PRO A 1159 -121.57 -77.74 61.22
C PRO A 1159 -122.54 -76.80 60.54
N ALA A 1160 -122.91 -75.77 61.28
CA ALA A 1160 -123.80 -74.74 60.79
C ALA A 1160 -123.12 -73.98 59.66
N GLN A 1161 -121.83 -73.70 59.85
CA GLN A 1161 -121.00 -72.97 58.91
C GLN A 1161 -120.58 -73.71 57.64
N PRO A 1162 -120.48 -72.95 56.49
CA PRO A 1162 -120.03 -73.69 55.29
C PRO A 1162 -118.55 -74.04 55.43
N LEU A 1163 -118.08 -75.09 54.76
CA LEU A 1163 -116.67 -75.45 54.91
C LEU A 1163 -115.78 -74.49 54.15
N PRO A 1164 -114.78 -73.95 54.85
CA PRO A 1164 -113.77 -73.04 54.27
C PRO A 1164 -112.47 -73.78 53.93
N VAL A 1165 -111.82 -73.39 52.83
CA VAL A 1165 -110.57 -74.01 52.40
C VAL A 1165 -109.46 -73.80 53.43
N PHE A 1166 -109.41 -72.61 54.01
CA PHE A 1166 -108.44 -72.24 55.04
C PHE A 1166 -109.23 -72.25 56.35
N GLY A 1167 -108.71 -72.85 57.42
CA GLY A 1167 -109.53 -72.88 58.62
C GLY A 1167 -110.25 -74.20 58.81
N CYS A 1168 -111.31 -74.14 59.61
CA CYS A 1168 -111.91 -75.29 60.24
C CYS A 1168 -113.35 -75.48 59.81
N ALA A 1169 -113.86 -76.69 60.06
CA ALA A 1169 -115.21 -77.06 59.68
C ALA A 1169 -116.28 -76.35 60.52
N GLN A 1170 -115.90 -75.82 61.69
CA GLN A 1170 -116.77 -74.94 62.48
C GLN A 1170 -118.05 -75.68 62.93
N VAL A 1171 -117.92 -76.56 63.91
CA VAL A 1171 -119.07 -77.32 64.41
C VAL A 1171 -120.10 -76.36 65.04
N PRO A 1172 -121.42 -76.81 65.07
CA PRO A 1172 -122.41 -75.85 65.61
C PRO A 1172 -122.25 -75.45 67.10
N ARG A 1173 -122.83 -74.30 67.45
CA ARG A 1173 -122.78 -73.75 68.82
C ARG A 1173 -124.11 -73.72 69.64
N ARG A 1174 -123.94 -73.73 70.96
CA ARG A 1174 -124.94 -73.85 72.02
C ARG A 1174 -124.38 -73.24 73.30
N ALA A 1175 -125.10 -73.44 74.41
CA ALA A 1175 -124.83 -72.85 75.74
C ALA A 1175 -124.33 -73.75 76.84
N GLY A 1176 -124.88 -74.96 76.96
CA GLY A 1176 -124.51 -75.85 78.08
C GLY A 1176 -125.03 -77.23 77.76
N MET A 1177 -124.34 -78.22 78.33
CA MET A 1177 -124.60 -79.62 77.97
C MET A 1177 -124.28 -80.51 79.18
N ASP A 1178 -124.40 -81.82 78.96
CA ASP A 1178 -124.46 -82.79 80.05
C ASP A 1178 -123.31 -83.78 80.02
N HIS A 1179 -123.24 -84.64 78.99
CA HIS A 1179 -122.44 -85.86 79.06
C HIS A 1179 -120.97 -85.58 79.35
N GLY A 1180 -120.32 -84.78 78.52
CA GLY A 1180 -118.95 -84.38 78.77
C GLY A 1180 -118.17 -84.22 77.48
N GLN A 1181 -116.85 -84.38 77.58
CA GLN A 1181 -115.93 -84.30 76.43
C GLN A 1181 -116.23 -85.44 75.45
N ASP A 1182 -115.93 -85.22 74.18
CA ASP A 1182 -116.29 -86.15 73.11
C ASP A 1182 -115.39 -87.23 72.52
N ALA A 1183 -115.94 -88.42 72.64
CA ALA A 1183 -115.44 -89.67 72.13
C ALA A 1183 -116.48 -89.84 71.05
N VAL A 1184 -116.04 -90.21 69.86
CA VAL A 1184 -116.86 -90.31 68.67
C VAL A 1184 -116.97 -91.78 68.30
N CYS A 1185 -118.18 -92.33 68.38
CA CYS A 1185 -118.37 -93.71 68.02
C CYS A 1185 -118.34 -93.83 66.50
N GLU A 1186 -117.40 -94.62 65.99
CA GLU A 1186 -117.25 -94.83 64.57
C GLU A 1186 -117.72 -96.22 64.17
N PHE A 1187 -118.34 -96.31 63.01
CA PHE A 1187 -118.93 -97.55 62.53
C PHE A 1187 -118.12 -98.11 61.38
N ILE A 1188 -117.78 -99.39 61.49
CA ILE A 1188 -117.27 -100.16 60.37
C ILE A 1188 -118.30 -101.23 60.07
N ALA A 1189 -118.65 -101.38 58.79
CA ALA A 1189 -119.73 -102.28 58.42
C ALA A 1189 -119.20 -103.71 58.34
N THR A 1190 -119.72 -104.57 59.19
CA THR A 1190 -119.42 -106.00 59.13
C THR A 1190 -120.58 -106.78 58.53
N PRO A 1191 -120.37 -108.06 58.23
CA PRO A 1191 -121.47 -108.90 57.76
C PRO A 1191 -122.36 -109.37 58.90
N VAL A 1192 -123.67 -109.39 58.67
CA VAL A 1192 -124.63 -109.59 59.76
C VAL A 1192 -124.32 -110.83 60.57
N ALA A 1193 -123.60 -111.77 59.99
CA ALA A 1193 -123.32 -112.95 60.77
C ALA A 1193 -121.85 -113.12 60.90
N THR A 1194 -121.33 -112.34 61.83
CA THR A 1194 -119.96 -112.32 62.26
C THR A 1194 -120.27 -112.70 63.68
N ASP A 1195 -119.55 -113.67 64.21
CA ASP A 1195 -119.84 -114.18 65.54
C ASP A 1195 -119.70 -113.13 66.58
N ILE A 1196 -120.58 -113.19 67.58
CA ILE A 1196 -120.49 -112.23 68.66
C ILE A 1196 -119.32 -112.55 69.50
N ASN A 1197 -118.93 -113.81 69.55
CA ASN A 1197 -117.83 -114.19 70.40
C ASN A 1197 -116.53 -113.52 70.10
N TYR A 1198 -116.33 -113.12 68.86
CA TYR A 1198 -115.12 -112.39 68.58
C TYR A 1198 -115.62 -111.04 68.90
N PHE A 1199 -115.09 -110.41 69.93
CA PHE A 1199 -115.46 -109.07 70.41
C PHE A 1199 -115.41 -109.15 71.92
N ARG A 1200 -115.79 -110.30 72.47
CA ARG A 1200 -115.75 -110.52 73.89
C ARG A 1200 -114.31 -110.40 74.33
N ARG A 1201 -113.41 -110.90 73.51
CA ARG A 1201 -112.01 -110.80 73.79
C ARG A 1201 -111.72 -109.39 73.39
N PRO A 1202 -110.57 -108.85 73.76
CA PRO A 1202 -110.24 -107.48 73.40
C PRO A 1202 -109.78 -107.21 71.97
N CYS A 1203 -109.77 -108.19 71.08
CA CYS A 1203 -109.28 -108.12 69.72
C CYS A 1203 -109.86 -107.09 68.78
N ASN A 1204 -109.00 -106.68 67.87
CA ASN A 1204 -109.11 -105.57 66.91
C ASN A 1204 -110.30 -105.42 65.99
N PRO A 1205 -110.69 -104.09 65.85
CA PRO A 1205 -111.89 -103.81 65.04
C PRO A 1205 -111.93 -104.12 63.56
N ARG A 1206 -110.85 -103.98 62.82
CA ARG A 1206 -110.91 -104.22 61.40
C ARG A 1206 -111.27 -105.65 61.15
N GLY A 1207 -111.36 -106.46 62.17
CA GLY A 1207 -111.61 -107.83 61.88
C GLY A 1207 -110.40 -108.72 62.05
N ARG A 1208 -109.21 -108.14 62.05
CA ARG A 1208 -107.98 -108.90 61.95
C ARG A 1208 -106.94 -108.26 62.84
N ALA A 1209 -105.99 -109.05 63.29
CA ALA A 1209 -104.91 -108.54 64.10
C ALA A 1209 -103.90 -107.86 63.18
N ALA A 1210 -103.74 -106.56 63.35
CA ALA A 1210 -102.87 -105.76 62.51
C ALA A 1210 -101.49 -105.56 63.11
N GLY A 1211 -101.16 -106.29 64.18
CA GLY A 1211 -100.03 -105.96 65.01
C GLY A 1211 -98.71 -105.64 64.34
N GLY A 1212 -98.16 -104.48 64.71
CA GLY A 1212 -96.79 -104.16 64.33
C GLY A 1212 -95.77 -104.89 65.17
N VAL A 1213 -96.18 -105.42 66.31
CA VAL A 1213 -95.30 -106.26 67.10
C VAL A 1213 -95.28 -107.69 66.58
N TYR A 1214 -96.42 -108.19 66.07
CA TYR A 1214 -96.47 -109.55 65.54
C TYR A 1214 -95.39 -109.80 64.50
N ALA A 1215 -94.81 -108.73 63.96
CA ALA A 1215 -93.67 -108.83 63.08
C ALA A 1215 -92.52 -109.57 63.76
N GLY A 1216 -91.74 -110.28 62.97
CA GLY A 1216 -90.53 -110.92 63.44
C GLY A 1216 -89.31 -110.11 63.07
N ASP A 1217 -89.45 -108.80 63.00
CA ASP A 1217 -88.28 -107.99 62.67
C ASP A 1217 -88.01 -108.00 61.17
N LYS A 1218 -88.93 -108.59 60.42
CA LYS A 1218 -88.83 -108.60 58.96
C LYS A 1218 -88.99 -107.15 58.52
N GLU A 1219 -89.96 -106.47 59.15
CA GLU A 1219 -90.25 -105.06 58.93
C GLU A 1219 -91.09 -104.72 57.70
N GLY A 1220 -91.40 -105.74 56.89
CA GLY A 1220 -92.21 -105.53 55.71
C GLY A 1220 -93.48 -106.30 55.87
N ASP A 1221 -93.42 -107.27 56.78
CA ASP A 1221 -94.53 -108.14 57.12
C ASP A 1221 -95.67 -107.35 57.76
N VAL A 1222 -95.35 -106.39 58.62
CA VAL A 1222 -96.30 -105.33 58.87
C VAL A 1222 -96.62 -104.71 57.52
N ILE A 1223 -97.91 -104.46 57.27
CA ILE A 1223 -98.46 -104.06 55.97
C ILE A 1223 -98.50 -105.25 55.03
N ALA A 1224 -98.02 -106.40 55.48
CA ALA A 1224 -98.15 -107.61 54.68
C ALA A 1224 -99.01 -108.51 55.53
N LEU A 1225 -98.44 -108.98 56.64
CA LEU A 1225 -99.17 -109.79 57.61
C LEU A 1225 -100.46 -109.14 58.04
N MET A 1226 -100.59 -107.83 57.87
CA MET A 1226 -101.79 -107.10 58.25
C MET A 1226 -102.93 -107.29 57.24
N TYR A 1227 -102.65 -107.12 55.96
CA TYR A 1227 -103.68 -107.20 54.92
C TYR A 1227 -103.71 -108.43 54.07
N ASP A 1228 -103.00 -109.47 54.45
CA ASP A 1228 -102.95 -110.63 53.57
C ASP A 1228 -104.18 -111.41 53.20
N HIS A 1229 -104.99 -111.80 54.16
CA HIS A 1229 -106.17 -112.56 53.81
C HIS A 1229 -105.72 -113.88 53.26
N GLY A 1230 -104.91 -113.90 52.21
CA GLY A 1230 -104.47 -115.25 51.89
C GLY A 1230 -104.16 -116.07 53.11
N GLN A 1231 -103.37 -115.52 54.04
CA GLN A 1231 -103.12 -116.20 55.30
C GLN A 1231 -104.19 -115.87 56.32
N SER A 1232 -104.07 -116.47 57.49
CA SER A 1232 -105.09 -116.37 58.51
C SER A 1232 -104.79 -115.19 59.44
N ASP A 1233 -105.67 -115.02 60.42
CA ASP A 1233 -105.56 -113.95 61.38
C ASP A 1233 -104.59 -114.34 62.48
N PRO A 1234 -103.51 -113.57 62.70
CA PRO A 1234 -102.52 -114.00 63.69
C PRO A 1234 -103.07 -114.13 65.08
N ALA A 1235 -103.99 -113.26 65.47
CA ALA A 1235 -104.59 -113.38 66.79
C ALA A 1235 -105.63 -114.47 66.84
N ARG A 1236 -106.15 -114.90 65.70
CA ARG A 1236 -107.20 -115.90 65.65
C ARG A 1236 -106.98 -116.83 64.46
N PRO A 1237 -106.17 -117.87 64.64
CA PRO A 1237 -105.60 -118.58 63.50
C PRO A 1237 -106.60 -119.25 62.57
N PHE A 1238 -107.84 -119.47 62.98
CA PHE A 1238 -108.68 -120.30 62.12
C PHE A 1238 -109.30 -119.53 60.95
N ALA A 1239 -109.56 -118.23 61.11
CA ALA A 1239 -110.23 -117.45 60.07
C ALA A 1239 -109.31 -116.37 59.55
N ALA A 1240 -109.48 -115.99 58.27
CA ALA A 1240 -108.67 -114.91 57.73
C ALA A 1240 -108.96 -113.61 58.44
N THR A 1241 -110.22 -113.24 58.53
CA THR A 1241 -110.63 -112.06 59.26
C THR A 1241 -112.08 -112.14 59.62
N ALA A 1242 -112.54 -111.38 60.59
CA ALA A 1242 -113.93 -111.42 60.94
C ALA A 1242 -114.73 -110.32 60.29
N ASN A 1243 -114.06 -109.50 59.51
CA ASN A 1243 -114.71 -108.46 58.75
C ASN A 1243 -114.04 -108.45 57.43
N PRO A 1244 -114.68 -108.98 56.40
CA PRO A 1244 -113.89 -108.98 55.17
C PRO A 1244 -113.80 -107.62 54.54
N TRP A 1245 -114.70 -106.71 54.89
CA TRP A 1245 -114.84 -105.45 54.19
C TRP A 1245 -113.83 -104.42 54.66
N ALA A 1246 -113.61 -104.31 55.96
CA ALA A 1246 -112.63 -103.37 56.50
C ALA A 1246 -111.22 -103.89 56.31
N SER A 1247 -110.92 -105.05 56.90
CA SER A 1247 -109.55 -105.51 57.04
C SER A 1247 -108.78 -105.56 55.73
N GLN A 1248 -109.43 -105.58 54.58
CA GLN A 1248 -108.70 -105.73 53.35
C GLN A 1248 -108.26 -104.38 52.82
N ARG A 1249 -107.07 -104.35 52.25
CA ARG A 1249 -106.59 -103.12 51.65
C ARG A 1249 -107.47 -102.75 50.46
N PHE A 1250 -107.61 -101.45 50.23
CA PHE A 1250 -108.46 -100.88 49.19
C PHE A 1250 -109.91 -101.30 49.35
N SER A 1251 -110.23 -101.72 50.56
CA SER A 1251 -111.49 -102.36 50.80
C SER A 1251 -112.38 -101.75 51.83
N TYR A 1252 -112.97 -100.65 51.42
CA TYR A 1252 -113.92 -99.83 52.12
C TYR A 1252 -113.45 -99.16 53.38
N GLY A 1253 -113.22 -99.91 54.44
CA GLY A 1253 -112.77 -99.30 55.67
C GLY A 1253 -111.42 -98.73 55.39
N ASP A 1254 -110.64 -99.53 54.71
CA ASP A 1254 -109.31 -99.09 54.34
C ASP A 1254 -109.36 -97.83 53.50
N LEU A 1255 -110.41 -97.66 52.72
CA LEU A 1255 -110.59 -96.42 51.99
C LEU A 1255 -111.15 -95.32 52.88
N LEU A 1256 -111.93 -95.69 53.89
CA LEU A 1256 -112.42 -94.69 54.84
C LEU A 1256 -111.34 -94.27 55.81
N TYR A 1257 -110.89 -95.20 56.65
CA TYR A 1257 -110.18 -94.87 57.86
C TYR A 1257 -108.66 -94.96 57.73
N ASN A 1258 -108.13 -95.40 56.61
CA ASN A 1258 -106.69 -95.29 56.41
C ASN A 1258 -106.38 -93.86 56.01
N GLY A 1259 -105.43 -93.25 56.70
CA GLY A 1259 -105.13 -91.87 56.47
C GLY A 1259 -104.12 -91.58 55.39
N ALA A 1260 -103.53 -92.62 54.80
CA ALA A 1260 -102.77 -92.39 53.58
C ALA A 1260 -103.63 -91.74 52.51
N TYR A 1261 -104.94 -91.90 52.59
CA TYR A 1261 -105.88 -91.16 51.74
C TYR A 1261 -106.42 -89.91 52.41
N HIS A 1262 -106.20 -89.75 53.72
CA HIS A 1262 -106.57 -88.57 54.51
C HIS A 1262 -107.95 -88.00 54.18
N LEU A 1263 -109.00 -88.73 54.55
CA LEU A 1263 -110.34 -88.13 54.58
C LEU A 1263 -110.49 -87.20 55.77
N ASN A 1264 -110.53 -87.86 56.93
CA ASN A 1264 -110.63 -87.28 58.25
C ASN A 1264 -109.18 -87.16 58.63
N GLY A 1265 -108.83 -86.02 59.18
CA GLY A 1265 -107.44 -85.68 59.49
C GLY A 1265 -107.28 -84.40 58.70
N ALA A 1266 -106.64 -83.41 59.34
CA ALA A 1266 -106.50 -82.01 58.87
C ALA A 1266 -107.90 -81.39 58.74
N SER A 1267 -108.72 -81.73 59.73
CA SER A 1267 -110.13 -81.43 59.92
C SER A 1267 -110.37 -81.29 61.43
N PRO A 1268 -111.62 -81.10 61.83
CA PRO A 1268 -111.57 -80.85 63.28
C PRO A 1268 -111.80 -82.09 64.12
N VAL A 1269 -112.33 -83.16 63.54
CA VAL A 1269 -112.76 -84.34 64.28
C VAL A 1269 -111.63 -85.36 64.31
N LEU A 1270 -111.45 -86.02 65.45
CA LEU A 1270 -110.54 -87.13 65.57
C LEU A 1270 -111.19 -88.42 65.04
N SER A 1271 -110.35 -89.32 64.55
CA SER A 1271 -110.82 -90.61 64.08
C SER A 1271 -110.29 -91.73 64.94
N PRO A 1272 -111.14 -92.35 65.80
CA PRO A 1272 -110.69 -93.57 66.50
C PRO A 1272 -110.08 -94.64 65.61
N CYS A 1273 -110.70 -94.93 64.49
CA CYS A 1273 -110.24 -96.05 63.66
C CYS A 1273 -109.02 -95.68 62.83
N PHE A 1274 -108.74 -94.39 62.67
CA PHE A 1274 -107.51 -93.99 62.00
C PHE A 1274 -106.31 -94.66 62.63
N LYS A 1275 -106.40 -94.97 63.92
CA LYS A 1275 -105.32 -95.65 64.62
C LYS A 1275 -104.96 -96.94 63.92
N PHE A 1276 -105.94 -97.85 63.73
CA PHE A 1276 -105.74 -99.15 63.07
C PHE A 1276 -106.24 -98.94 61.68
N PHE A 1277 -105.42 -99.26 60.69
CA PHE A 1277 -105.64 -99.01 59.26
C PHE A 1277 -104.50 -98.02 59.12
N THR A 1278 -103.86 -97.95 57.96
CA THR A 1278 -102.66 -97.10 57.68
C THR A 1278 -101.46 -98.03 57.72
N ALA A 1279 -101.00 -98.31 58.92
CA ALA A 1279 -99.88 -99.21 59.20
C ALA A 1279 -98.57 -98.47 59.02
N ALA A 1280 -98.69 -97.21 58.64
CA ALA A 1280 -97.54 -96.35 58.50
C ALA A 1280 -97.32 -95.99 59.94
N ASP A 1281 -98.42 -95.84 60.66
CA ASP A 1281 -98.36 -95.44 62.04
C ASP A 1281 -97.92 -96.73 62.70
N ILE A 1282 -98.71 -97.81 62.53
CA ILE A 1282 -98.33 -99.09 63.11
C ILE A 1282 -96.94 -99.47 62.64
N THR A 1283 -96.67 -99.27 61.35
CA THR A 1283 -95.31 -99.44 60.85
C THR A 1283 -94.36 -98.48 61.54
N ALA A 1284 -94.77 -97.23 61.70
CA ALA A 1284 -93.90 -96.24 62.34
C ALA A 1284 -93.61 -96.58 63.79
N LYS A 1285 -94.37 -97.49 64.39
CA LYS A 1285 -94.01 -97.97 65.71
C LYS A 1285 -92.83 -98.92 65.61
N HIS A 1286 -92.46 -99.38 66.79
CA HIS A 1286 -91.38 -100.27 67.04
C HIS A 1286 -92.14 -101.46 67.58
N ARG A 1287 -91.44 -102.57 67.69
CA ARG A 1287 -92.01 -103.77 68.27
C ARG A 1287 -90.99 -104.28 69.27
N CYS A 1288 -90.15 -103.40 69.80
CA CYS A 1288 -89.07 -103.86 70.64
C CYS A 1288 -89.41 -104.23 72.05
N LEU A 1289 -89.52 -105.54 72.40
CA LEU A 1289 -89.80 -105.62 73.84
C LEU A 1289 -88.79 -104.83 74.65
N GLU A 1290 -87.59 -104.64 74.13
CA GLU A 1290 -86.66 -103.71 74.74
C GLU A 1290 -87.28 -102.32 74.82
N ARG A 1291 -87.76 -101.80 73.69
CA ARG A 1291 -88.30 -100.45 73.69
C ARG A 1291 -89.78 -100.40 74.04
N LEU A 1292 -90.50 -101.52 73.96
CA LEU A 1292 -91.96 -101.44 73.92
C LEU A 1292 -92.53 -100.67 75.12
N ILE A 1293 -91.77 -100.60 76.22
CA ILE A 1293 -92.25 -99.93 77.43
C ILE A 1293 -92.04 -98.41 77.40
N VAL A 1294 -91.00 -97.90 76.73
CA VAL A 1294 -90.68 -96.47 76.82
C VAL A 1294 -91.47 -95.57 75.86
N GLU A 1295 -91.83 -96.06 74.68
CA GLU A 1295 -92.77 -95.33 73.84
C GLU A 1295 -94.20 -95.59 74.27
N THR A 1296 -94.37 -96.35 75.34
CA THR A 1296 -95.70 -96.61 75.84
C THR A 1296 -96.20 -95.26 76.33
N GLY A 1297 -95.28 -94.51 76.93
CA GLY A 1297 -95.57 -93.19 77.45
C GLY A 1297 -96.01 -92.37 76.27
N SER A 1298 -95.34 -92.57 75.14
CA SER A 1298 -95.73 -91.86 73.94
C SER A 1298 -97.12 -92.40 73.62
N ALA A 1299 -98.01 -91.54 73.14
CA ALA A 1299 -99.38 -91.93 72.84
C ALA A 1299 -99.73 -91.93 71.36
N VAL A 1300 -100.34 -93.02 70.90
CA VAL A 1300 -100.73 -93.15 69.50
C VAL A 1300 -102.08 -92.49 69.21
N SER A 1301 -102.16 -91.19 69.50
CA SER A 1301 -103.35 -90.37 69.26
C SER A 1301 -102.97 -88.90 69.31
N THR A 1302 -103.79 -88.02 68.74
CA THR A 1302 -103.46 -86.59 68.78
C THR A 1302 -104.58 -85.61 69.16
N ALA A 1303 -105.05 -85.67 70.40
CA ALA A 1303 -106.03 -84.71 70.87
C ALA A 1303 -105.51 -83.99 72.09
N THR A 1304 -106.35 -83.12 72.65
CA THR A 1304 -106.05 -82.37 73.86
C THR A 1304 -107.31 -82.34 74.72
N ALA A 1305 -107.13 -82.07 76.02
CA ALA A 1305 -108.21 -82.19 76.98
C ALA A 1305 -109.07 -80.94 77.11
N ALA A 1306 -108.66 -79.82 76.53
CA ALA A 1306 -109.38 -78.56 76.69
C ALA A 1306 -110.38 -78.31 75.55
N SER A 1307 -110.50 -79.22 74.59
CA SER A 1307 -111.44 -79.03 73.49
C SER A 1307 -112.85 -79.42 73.94
N ASP A 1308 -113.82 -79.26 73.04
CA ASP A 1308 -115.18 -79.74 73.30
C ASP A 1308 -115.40 -81.20 72.94
N VAL A 1309 -115.20 -81.54 71.67
CA VAL A 1309 -115.04 -82.91 71.24
C VAL A 1309 -113.54 -83.14 71.25
N GLN A 1310 -113.11 -84.38 71.42
CA GLN A 1310 -111.70 -84.66 71.15
C GLN A 1310 -111.42 -84.32 69.68
N PHE A 1311 -110.46 -83.45 69.44
CA PHE A 1311 -110.15 -83.01 68.09
C PHE A 1311 -108.88 -83.71 67.61
N LYS A 1312 -108.45 -83.37 66.40
CA LYS A 1312 -107.06 -83.61 66.04
C LYS A 1312 -106.20 -82.60 66.78
N ARG A 1313 -105.10 -83.08 67.33
CA ARG A 1313 -104.21 -82.21 68.09
C ARG A 1313 -103.80 -81.03 67.21
N PRO A 1314 -104.00 -79.80 67.64
CA PRO A 1314 -103.42 -78.67 66.93
C PRO A 1314 -101.91 -78.80 66.96
N PRO A 1315 -101.24 -78.08 66.07
CA PRO A 1315 -99.78 -78.10 65.96
C PRO A 1315 -99.09 -77.63 67.24
N GLY A 1316 -99.69 -76.64 67.90
CA GLY A 1316 -99.12 -76.12 69.13
C GLY A 1316 -99.03 -77.23 70.15
N CYS A 1317 -100.01 -78.13 70.13
CA CYS A 1317 -100.09 -79.26 71.06
C CYS A 1317 -98.91 -80.23 70.91
N ARG A 1318 -98.46 -80.74 72.06
CA ARG A 1318 -97.34 -81.69 72.18
C ARG A 1318 -97.95 -82.82 72.98
N GLU A 1319 -97.42 -84.04 72.94
CA GLU A 1319 -98.17 -85.06 73.73
C GLU A 1319 -97.44 -86.28 74.39
N LEU A 1320 -98.01 -86.80 75.48
CA LEU A 1320 -97.51 -87.91 76.29
C LEU A 1320 -98.66 -88.57 77.06
N VAL A 1321 -99.60 -89.13 76.31
CA VAL A 1321 -100.57 -90.06 76.85
C VAL A 1321 -99.78 -91.36 76.99
N GLU A 1322 -100.37 -92.41 77.56
CA GLU A 1322 -99.65 -93.67 77.52
C GLU A 1322 -100.13 -94.60 76.40
N ASP A 1323 -101.27 -94.31 75.76
CA ASP A 1323 -101.72 -94.89 74.49
C ASP A 1323 -101.45 -96.40 74.35
N PRO A 1324 -102.18 -97.24 75.08
CA PRO A 1324 -101.98 -98.69 74.92
C PRO A 1324 -102.47 -99.23 73.60
N CYS A 1325 -103.65 -98.79 73.15
CA CYS A 1325 -104.35 -99.50 72.09
C CYS A 1325 -103.60 -99.40 70.78
N GLY A 1326 -103.02 -98.24 70.50
CA GLY A 1326 -102.12 -98.16 69.36
C GLY A 1326 -100.95 -99.10 69.51
N LEU A 1327 -100.33 -99.09 70.69
CA LEU A 1327 -99.31 -100.06 71.01
C LEU A 1327 -99.92 -101.46 70.97
N PHE A 1328 -100.83 -101.73 71.90
CA PHE A 1328 -101.32 -103.09 72.09
C PHE A 1328 -102.06 -103.62 70.90
N GLN A 1329 -102.41 -102.77 69.95
CA GLN A 1329 -103.02 -103.24 68.72
C GLN A 1329 -104.33 -103.96 69.01
N GLU A 1330 -105.17 -103.35 69.83
CA GLU A 1330 -106.40 -103.96 70.29
C GLU A 1330 -107.37 -102.85 70.64
N ALA A 1331 -108.64 -103.21 70.80
CA ALA A 1331 -109.68 -102.29 71.19
C ALA A 1331 -110.32 -103.10 72.28
N TYR A 1332 -111.00 -102.54 73.26
CA TYR A 1332 -111.46 -103.51 74.20
C TYR A 1332 -112.97 -103.54 74.24
N PRO A 1333 -113.56 -104.70 74.50
CA PRO A 1333 -114.99 -104.76 74.73
C PRO A 1333 -115.37 -104.07 76.01
N ILE A 1334 -116.59 -103.58 76.03
CA ILE A 1334 -117.25 -103.18 77.26
C ILE A 1334 -118.50 -104.03 77.38
N THR A 1335 -119.05 -104.12 78.57
CA THR A 1335 -120.24 -104.93 78.74
C THR A 1335 -121.36 -104.31 77.93
N CYS A 1336 -121.88 -105.07 76.98
CA CYS A 1336 -122.94 -104.57 76.13
C CYS A 1336 -123.84 -105.75 75.79
N ALA A 1337 -125.14 -105.50 75.83
CA ALA A 1337 -126.12 -106.46 75.41
C ALA A 1337 -127.00 -105.77 74.40
N SER A 1338 -127.73 -106.55 73.63
CA SER A 1338 -128.65 -105.94 72.68
C SER A 1338 -130.05 -105.78 73.24
N ASP A 1339 -130.27 -106.13 74.50
CA ASP A 1339 -131.47 -105.82 75.25
C ASP A 1339 -131.09 -105.16 76.56
N PRO A 1340 -131.91 -104.24 77.08
CA PRO A 1340 -131.60 -103.69 78.40
C PRO A 1340 -131.78 -104.71 79.49
N ALA A 1341 -132.79 -105.58 79.36
CA ALA A 1341 -133.03 -106.60 80.37
C ALA A 1341 -131.85 -107.54 80.48
N LEU A 1342 -131.29 -107.96 79.34
CA LEU A 1342 -130.06 -108.73 79.36
C LEU A 1342 -128.98 -107.99 80.11
N LEU A 1343 -128.79 -106.73 79.78
CA LEU A 1343 -127.72 -105.93 80.37
C LEU A 1343 -127.85 -105.91 81.88
N ARG A 1344 -128.89 -105.26 82.39
CA ARG A 1344 -128.99 -105.10 83.82
C ARG A 1344 -129.07 -106.42 84.56
N SER A 1345 -129.41 -107.52 83.87
CA SER A 1345 -129.26 -108.83 84.49
C SER A 1345 -127.81 -109.09 84.84
N ALA A 1346 -126.91 -108.71 83.95
CA ALA A 1346 -125.49 -108.93 84.16
C ALA A 1346 -125.00 -107.79 84.99
N ARG A 1347 -125.54 -107.73 86.20
CA ARG A 1347 -125.18 -106.75 87.17
C ARG A 1347 -124.68 -107.63 88.28
N ASP A 1348 -123.52 -107.29 88.83
CA ASP A 1348 -122.89 -108.07 89.88
C ASP A 1348 -122.16 -109.24 89.23
N GLY A 1349 -122.22 -109.32 87.91
CA GLY A 1349 -121.51 -110.36 87.19
C GLY A 1349 -122.45 -111.28 86.42
N GLU A 1350 -121.85 -112.31 85.83
CA GLU A 1350 -122.50 -113.15 84.84
C GLU A 1350 -123.14 -114.39 85.42
N ALA A 1351 -123.15 -114.54 86.75
CA ALA A 1351 -123.63 -115.77 87.39
C ALA A 1351 -125.05 -116.12 86.95
N HIS A 1352 -126.02 -115.38 87.45
CA HIS A 1352 -127.40 -115.57 86.99
C HIS A 1352 -127.65 -114.87 85.66
N ALA A 1353 -126.73 -114.00 85.25
CA ALA A 1353 -126.90 -113.25 84.02
C ALA A 1353 -127.03 -114.18 82.83
N ARG A 1354 -127.93 -113.82 81.92
CA ARG A 1354 -128.18 -114.57 80.70
C ARG A 1354 -127.32 -113.97 79.60
N GLU A 1355 -126.29 -114.71 79.18
CA GLU A 1355 -125.35 -114.20 78.20
C GLU A 1355 -125.84 -114.31 76.76
N THR A 1356 -126.84 -115.15 76.45
CA THR A 1356 -127.41 -115.17 75.12
C THR A 1356 -128.91 -115.12 75.19
N HIS A 1357 -129.52 -114.69 74.11
CA HIS A 1357 -130.96 -114.47 74.15
C HIS A 1357 -131.49 -114.77 72.75
N PHE A 1358 -132.02 -115.98 72.51
CA PHE A 1358 -132.20 -116.36 71.10
C PHE A 1358 -131.10 -115.79 70.22
N THR A 1359 -131.46 -114.86 69.34
CA THR A 1359 -130.53 -114.10 68.52
C THR A 1359 -129.98 -112.88 69.22
N GLN A 1360 -130.51 -112.50 70.38
CA GLN A 1360 -129.91 -111.45 71.17
C GLN A 1360 -128.70 -112.01 71.92
N TYR A 1361 -127.75 -111.13 72.25
CA TYR A 1361 -126.49 -111.56 72.83
C TYR A 1361 -126.05 -110.59 73.91
N LEU A 1362 -125.10 -111.04 74.73
CA LEU A 1362 -124.54 -110.21 75.78
C LEU A 1362 -123.04 -110.39 75.78
N ILE A 1363 -122.31 -109.32 75.54
CA ILE A 1363 -120.85 -109.32 75.62
C ILE A 1363 -120.46 -108.80 76.98
N TYR A 1364 -119.54 -109.49 77.62
CA TYR A 1364 -119.09 -109.13 78.95
C TYR A 1364 -117.77 -108.40 78.85
N ASP A 1365 -117.58 -107.44 79.75
CA ASP A 1365 -116.46 -106.52 79.64
C ASP A 1365 -115.16 -107.24 79.88
N ALA A 1366 -114.26 -107.18 78.89
CA ALA A 1366 -112.89 -107.63 79.05
C ALA A 1366 -112.00 -106.50 78.55
N SER A 1367 -111.29 -105.88 79.47
CA SER A 1367 -110.72 -104.57 79.23
C SER A 1367 -109.98 -104.16 80.50
N PRO A 1368 -108.96 -103.32 80.39
CA PRO A 1368 -108.26 -102.90 81.61
C PRO A 1368 -109.16 -102.26 82.64
N LEU A 1369 -110.35 -101.80 82.24
CA LEU A 1369 -111.27 -101.18 83.17
C LEU A 1369 -112.09 -102.17 83.98
N LYS A 1370 -112.09 -103.45 83.61
CA LYS A 1370 -112.96 -104.39 84.30
C LYS A 1370 -112.63 -104.43 85.78
N GLY A 1371 -113.65 -104.35 86.61
CA GLY A 1371 -113.48 -104.30 88.04
C GLY A 1371 -113.42 -102.91 88.62
N LEU A 1372 -113.13 -101.89 87.80
CA LEU A 1372 -113.02 -100.54 88.33
C LEU A 1372 -114.40 -99.96 88.59
N SER A 1373 -114.42 -98.74 89.13
CA SER A 1373 -115.64 -98.09 89.57
C SER A 1373 -116.47 -97.61 88.39
N LEU A 1374 -115.94 -96.63 87.66
CA LEU A 1374 -116.58 -96.11 86.47
C LEU A 1374 -116.99 -97.24 85.53
N GLY B 10 3.40 -150.60 82.13
CA GLY B 10 3.09 -151.47 81.01
C GLY B 10 2.88 -150.73 79.72
N TYR B 11 1.72 -150.12 79.58
CA TYR B 11 1.34 -149.31 78.42
C TYR B 11 1.86 -147.89 78.55
N ARG B 12 1.49 -147.22 79.63
CA ARG B 12 2.09 -145.95 79.99
C ARG B 12 3.35 -146.26 80.79
N TYR B 13 4.51 -145.98 80.22
CA TYR B 13 5.74 -146.48 80.81
C TYR B 13 6.26 -145.64 81.96
N ALA B 14 5.85 -144.38 82.03
CA ALA B 14 6.32 -143.54 83.12
C ALA B 14 5.49 -143.71 84.39
N ALA B 15 4.26 -144.20 84.28
CA ALA B 15 3.49 -144.49 85.47
C ALA B 15 3.89 -145.81 86.11
N ALA B 16 4.54 -146.70 85.37
CA ALA B 16 5.12 -147.90 85.92
C ALA B 16 6.50 -147.66 86.49
N MET B 17 7.04 -146.46 86.32
CA MET B 17 8.29 -146.10 86.98
C MET B 17 8.09 -145.82 88.45
N VAL B 18 6.85 -145.62 88.88
CA VAL B 18 6.45 -145.58 90.28
C VAL B 18 5.36 -146.62 90.45
N PRO B 19 5.70 -147.85 90.85
CA PRO B 19 4.79 -148.96 90.64
C PRO B 19 3.51 -148.93 91.46
N THR B 20 3.48 -148.22 92.59
CA THR B 20 2.31 -148.11 93.47
C THR B 20 1.55 -149.42 93.65
N GLY B 21 2.16 -150.38 94.31
CA GLY B 21 1.70 -151.74 94.46
C GLY B 21 2.57 -152.69 93.66
N SER B 22 2.62 -153.93 94.10
CA SER B 22 3.56 -154.88 93.52
C SER B 22 2.93 -156.25 93.41
N ILE B 23 3.02 -156.86 92.24
CA ILE B 23 2.42 -158.16 91.99
C ILE B 23 3.14 -159.21 92.81
N LEU B 24 2.38 -160.02 93.51
CA LEU B 24 2.91 -161.05 94.39
C LEU B 24 2.94 -162.42 93.73
N SER B 25 2.55 -162.52 92.46
CA SER B 25 2.32 -163.82 91.83
C SER B 25 3.62 -164.45 91.34
N THR B 26 4.29 -163.80 90.38
CA THR B 26 5.44 -164.34 89.66
C THR B 26 5.04 -165.65 88.96
N ILE B 27 4.27 -165.45 87.89
CA ILE B 27 3.76 -166.54 87.06
C ILE B 27 4.24 -166.25 85.65
N GLU B 28 3.88 -167.08 84.68
CA GLU B 28 4.25 -166.84 83.29
C GLU B 28 2.98 -166.50 82.52
N VAL B 29 2.91 -165.19 82.34
CA VAL B 29 1.94 -164.51 81.54
C VAL B 29 2.32 -164.90 80.10
N ALA B 30 1.37 -164.81 79.20
CA ALA B 30 1.64 -165.20 77.84
C ALA B 30 1.27 -166.67 77.73
N SER B 31 1.30 -167.31 78.89
CA SER B 31 0.82 -168.66 79.14
C SER B 31 -0.66 -168.48 79.45
N HIS B 32 -0.98 -167.35 80.07
CA HIS B 32 -2.31 -166.95 80.42
C HIS B 32 -2.78 -166.57 79.05
N ARG B 33 -4.09 -166.34 78.95
CA ARG B 33 -4.65 -166.00 77.67
C ARG B 33 -5.87 -165.08 77.66
N ARG B 34 -5.70 -163.87 77.12
CA ARG B 34 -6.81 -162.96 76.91
C ARG B 34 -7.35 -162.11 78.04
N LEU B 35 -6.80 -162.20 79.24
CA LEU B 35 -7.32 -161.38 80.31
C LEU B 35 -7.14 -159.88 80.03
N PHE B 36 -5.99 -159.53 79.49
CA PHE B 36 -5.59 -158.17 79.22
C PHE B 36 -5.97 -157.49 77.91
N ASP B 37 -6.26 -156.20 77.99
CA ASP B 37 -6.56 -155.35 76.85
C ASP B 37 -5.33 -154.92 76.09
N PHE B 38 -4.16 -155.05 76.71
CA PHE B 38 -2.90 -154.74 76.07
C PHE B 38 -1.88 -155.69 76.66
N PHE B 39 -1.03 -156.23 75.80
CA PHE B 39 0.01 -157.11 76.28
C PHE B 39 1.21 -156.95 75.36
N ALA B 40 2.38 -156.83 75.95
CA ALA B 40 3.62 -156.75 75.20
C ALA B 40 4.66 -157.60 75.90
N ARG B 41 5.30 -158.48 75.17
CA ARG B 41 6.38 -159.29 75.70
C ARG B 41 7.68 -158.80 75.08
N VAL B 42 8.54 -158.27 75.91
CA VAL B 42 9.79 -157.72 75.43
C VAL B 42 10.92 -158.70 75.65
N ARG B 43 11.96 -158.56 74.84
CA ARG B 43 13.16 -159.38 74.92
C ARG B 43 13.89 -158.64 76.01
N SER B 44 15.20 -158.55 75.95
CA SER B 44 15.89 -157.83 76.99
C SER B 44 15.37 -156.41 76.95
N ASP B 45 15.24 -155.86 75.76
CA ASP B 45 14.69 -154.52 75.62
C ASP B 45 14.25 -154.24 74.21
N GLU B 46 13.27 -153.34 74.07
CA GLU B 46 12.82 -152.87 72.78
C GLU B 46 12.97 -151.37 72.71
N ASN B 47 13.05 -150.87 71.49
CA ASN B 47 13.23 -149.45 71.26
C ASN B 47 11.99 -148.68 71.67
N SER B 48 10.83 -149.31 71.59
CA SER B 48 9.58 -148.66 71.96
C SER B 48 9.50 -148.38 73.45
N LEU B 49 10.28 -149.06 74.27
CA LEU B 49 10.26 -148.78 75.70
C LEU B 49 10.54 -147.32 75.96
N TYR B 50 11.50 -146.75 75.26
CA TYR B 50 11.80 -145.34 75.35
C TYR B 50 11.20 -144.69 74.11
N ASP B 51 10.00 -144.14 74.26
CA ASP B 51 9.41 -143.27 73.26
C ASP B 51 8.54 -142.29 74.00
N VAL B 52 8.70 -141.00 73.74
CA VAL B 52 7.92 -139.98 74.41
C VAL B 52 7.33 -139.09 73.34
N GLU B 53 6.00 -139.07 73.26
CA GLU B 53 5.30 -138.19 72.34
C GLU B 53 4.20 -137.49 73.11
N PHE B 54 3.99 -136.23 72.81
CA PHE B 54 2.95 -135.48 73.48
C PHE B 54 2.30 -134.53 72.48
N ASP B 55 0.98 -134.46 72.54
CA ASP B 55 0.22 -133.47 71.78
C ASP B 55 -0.09 -132.32 72.73
N ALA B 56 0.27 -131.11 72.31
CA ALA B 56 0.30 -129.96 73.20
C ALA B 56 -0.80 -128.97 72.86
N LEU B 57 -1.29 -128.29 73.90
CA LEU B 57 -2.21 -127.17 73.75
C LEU B 57 -1.38 -125.92 73.97
N LEU B 58 -1.20 -125.14 72.90
CA LEU B 58 -0.23 -124.06 72.91
C LEU B 58 -0.84 -122.71 73.21
N GLY B 59 -2.15 -122.63 73.40
CA GLY B 59 -2.75 -121.39 73.84
C GLY B 59 -4.25 -121.39 73.73
N SER B 60 -4.89 -120.46 74.43
CA SER B 60 -6.32 -120.27 74.38
C SER B 60 -6.57 -118.77 74.33
N TYR B 61 -7.42 -118.35 73.43
CA TYR B 61 -7.70 -116.93 73.25
C TYR B 61 -9.19 -116.71 73.32
N CYS B 62 -9.58 -115.68 74.04
CA CYS B 62 -10.98 -115.29 74.17
C CYS B 62 -11.08 -113.82 73.87
N ASN B 63 -12.16 -113.41 73.21
CA ASN B 63 -12.43 -112.00 73.01
C ASN B 63 -13.37 -111.51 74.10
N THR B 64 -13.13 -110.31 74.57
CA THR B 64 -13.96 -109.72 75.60
C THR B 64 -15.05 -108.91 74.92
N LEU B 65 -16.28 -109.39 75.02
CA LEU B 65 -17.40 -108.66 74.45
C LEU B 65 -17.50 -107.29 75.10
N SER B 66 -17.50 -106.26 74.28
CA SER B 66 -17.49 -104.89 74.78
C SER B 66 -18.89 -104.49 75.21
N LEU B 67 -19.04 -104.15 76.48
CA LEU B 67 -20.30 -103.66 77.00
C LEU B 67 -20.29 -102.15 76.88
N VAL B 68 -21.12 -101.62 76.00
CA VAL B 68 -21.20 -100.18 75.77
C VAL B 68 -22.57 -99.71 76.22
N ARG B 69 -22.61 -98.59 76.92
CA ARG B 69 -23.89 -98.00 77.26
C ARG B 69 -24.28 -97.00 76.19
N PHE B 70 -25.50 -96.48 76.29
CA PHE B 70 -26.00 -95.61 75.25
C PHE B 70 -25.67 -94.16 75.46
N LEU B 71 -25.33 -93.73 76.68
CA LEU B 71 -24.86 -92.36 76.82
C LEU B 71 -23.35 -92.49 76.91
N GLU B 72 -22.76 -92.57 75.73
CA GLU B 72 -21.37 -92.43 75.37
C GLU B 72 -21.55 -91.72 74.06
N LEU B 73 -22.26 -92.43 73.18
CA LEU B 73 -22.46 -92.07 71.80
C LEU B 73 -22.75 -90.59 71.58
N GLY B 74 -22.32 -90.11 70.43
CA GLY B 74 -22.65 -88.76 70.04
C GLY B 74 -24.11 -88.52 69.74
N LEU B 75 -24.86 -89.58 69.44
CA LEU B 75 -26.25 -89.37 69.05
C LEU B 75 -27.18 -89.32 70.23
N SER B 76 -26.66 -89.33 71.44
CA SER B 76 -27.46 -88.93 72.57
C SER B 76 -27.71 -87.44 72.61
N VAL B 77 -27.07 -86.68 71.74
CA VAL B 77 -27.42 -85.27 71.65
C VAL B 77 -28.78 -85.19 71.07
N ALA B 78 -29.04 -86.04 70.10
CA ALA B 78 -30.25 -86.06 69.33
C ALA B 78 -31.55 -86.37 70.02
N CYS B 79 -31.57 -86.85 71.24
CA CYS B 79 -32.85 -87.15 71.91
C CYS B 79 -32.81 -87.04 73.42
N VAL B 80 -33.96 -87.19 74.05
CA VAL B 80 -34.07 -87.18 75.51
C VAL B 80 -34.51 -88.56 75.99
N CYS B 81 -33.73 -89.21 76.85
CA CYS B 81 -33.99 -90.54 77.38
C CYS B 81 -34.55 -90.40 78.77
N THR B 82 -35.74 -90.95 78.99
CA THR B 82 -36.33 -90.93 80.31
C THR B 82 -37.01 -92.25 80.59
N LYS B 83 -36.83 -92.74 81.81
CA LYS B 83 -37.46 -93.98 82.23
C LYS B 83 -38.95 -93.76 82.33
N PHE B 84 -39.72 -94.57 81.61
CA PHE B 84 -41.17 -94.51 81.68
C PHE B 84 -41.68 -95.93 81.78
N PRO B 85 -41.61 -96.52 82.98
CA PRO B 85 -42.26 -97.80 83.19
C PRO B 85 -43.77 -97.64 83.04
N GLU B 86 -44.45 -98.76 82.87
CA GLU B 86 -45.89 -98.86 82.70
C GLU B 86 -46.32 -98.53 81.28
N LEU B 87 -45.42 -98.17 80.36
CA LEU B 87 -45.90 -98.00 79.01
C LEU B 87 -46.33 -99.31 78.36
N ALA B 88 -46.04 -100.45 78.98
CA ALA B 88 -46.66 -101.69 78.52
C ALA B 88 -48.17 -101.64 78.74
N TYR B 89 -48.54 -101.02 79.84
CA TYR B 89 -49.92 -100.89 80.21
C TYR B 89 -50.68 -99.99 79.30
N MET B 90 -50.06 -98.92 78.87
CA MET B 90 -50.79 -97.93 78.08
C MET B 90 -50.56 -97.81 76.57
N ASN B 91 -51.61 -98.06 75.79
CA ASN B 91 -51.51 -97.91 74.34
C ASN B 91 -51.47 -96.48 73.80
N GLU B 92 -52.35 -95.63 74.30
CA GLU B 92 -52.47 -94.24 73.90
C GLU B 92 -51.31 -93.39 74.40
N GLY B 93 -50.91 -92.41 73.62
CA GLY B 93 -49.83 -91.54 73.98
C GLY B 93 -50.08 -90.19 73.44
N ARG B 94 -49.72 -89.16 74.16
CA ARG B 94 -49.80 -87.82 73.67
C ARG B 94 -48.75 -87.09 74.44
N VAL B 95 -48.01 -86.24 73.80
CA VAL B 95 -47.12 -85.41 74.53
C VAL B 95 -47.67 -84.04 74.20
N GLN B 96 -47.99 -83.23 75.19
CA GLN B 96 -48.53 -81.94 74.88
C GLN B 96 -47.68 -80.90 75.54
N PHE B 97 -47.18 -79.97 74.78
CA PHE B 97 -46.41 -78.88 75.34
C PHE B 97 -47.09 -77.65 74.81
N GLU B 98 -47.29 -76.66 75.65
CA GLU B 98 -47.99 -75.47 75.18
C GLU B 98 -47.00 -74.55 74.57
N VAL B 99 -46.98 -74.50 73.27
CA VAL B 99 -46.07 -73.59 72.59
C VAL B 99 -46.89 -72.54 71.87
N HIS B 100 -46.29 -71.37 71.67
CA HIS B 100 -46.87 -70.30 70.88
C HIS B 100 -46.09 -70.15 69.58
N GLN B 101 -46.77 -69.65 68.57
CA GLN B 101 -46.10 -69.47 67.31
C GLN B 101 -45.96 -67.98 67.01
N PRO B 102 -44.96 -67.60 66.23
CA PRO B 102 -44.70 -66.18 66.04
C PRO B 102 -45.77 -65.49 65.23
N LEU B 103 -45.96 -64.21 65.50
CA LEU B 103 -46.83 -63.35 64.72
C LEU B 103 -46.03 -62.14 64.25
N ILE B 104 -46.61 -61.42 63.30
CA ILE B 104 -46.09 -60.15 62.84
C ILE B 104 -47.30 -59.26 62.72
N ALA B 105 -47.32 -58.13 63.42
CA ALA B 105 -48.45 -57.22 63.31
C ALA B 105 -48.35 -56.66 61.92
N ARG B 106 -49.46 -56.51 61.23
CA ARG B 106 -49.39 -55.99 59.87
C ARG B 106 -50.29 -54.82 59.64
N ASP B 107 -49.83 -53.87 58.84
CA ASP B 107 -50.67 -52.71 58.55
C ASP B 107 -51.90 -53.09 57.73
N GLY B 108 -52.88 -52.21 57.75
CA GLY B 108 -54.12 -52.42 57.05
C GLY B 108 -55.22 -52.98 57.94
N PRO B 109 -56.47 -52.70 57.58
CA PRO B 109 -57.61 -53.29 58.28
C PRO B 109 -57.77 -54.78 58.02
N HIS B 110 -57.05 -55.32 57.06
CA HIS B 110 -57.23 -56.73 56.81
C HIS B 110 -57.56 -57.17 58.22
N PRO B 111 -58.41 -58.27 58.34
CA PRO B 111 -58.73 -58.63 59.73
C PRO B 111 -57.45 -58.87 60.50
N VAL B 112 -57.43 -58.35 61.72
CA VAL B 112 -56.26 -58.47 62.55
C VAL B 112 -55.80 -59.89 62.82
N GLU B 113 -54.50 -60.09 62.73
CA GLU B 113 -53.85 -61.35 63.02
C GLU B 113 -54.74 -62.01 64.05
N GLN B 114 -55.17 -63.24 63.74
CA GLN B 114 -56.03 -63.96 64.64
C GLN B 114 -55.06 -64.89 65.30
N PRO B 115 -54.73 -64.57 66.60
CA PRO B 115 -53.74 -65.47 67.19
C PRO B 115 -54.29 -66.73 67.83
N VAL B 116 -53.94 -67.84 67.18
CA VAL B 116 -54.23 -69.18 67.63
C VAL B 116 -53.10 -69.64 68.55
N HIS B 117 -53.46 -70.01 69.78
CA HIS B 117 -52.49 -70.48 70.77
C HIS B 117 -52.99 -71.82 71.27
N ASN B 118 -52.26 -72.88 70.97
CA ASN B 118 -52.75 -74.21 71.28
C ASN B 118 -51.72 -74.97 72.09
N TYR B 119 -52.09 -76.16 72.49
CA TYR B 119 -51.18 -77.13 73.05
C TYR B 119 -50.90 -78.13 71.94
N MET B 120 -49.69 -78.10 71.40
CA MET B 120 -49.35 -79.06 70.37
C MET B 120 -49.32 -80.44 70.98
N THR B 121 -50.11 -81.35 70.44
CA THR B 121 -50.07 -82.72 70.89
C THR B 121 -49.30 -83.57 69.89
N LYS B 122 -49.09 -84.83 70.27
CA LYS B 122 -48.31 -85.77 69.49
C LYS B 122 -48.83 -87.16 69.81
N VAL B 123 -48.41 -88.13 69.03
CA VAL B 123 -48.75 -89.52 69.30
C VAL B 123 -47.46 -90.27 69.53
N ILE B 124 -47.35 -90.95 70.66
CA ILE B 124 -46.17 -91.72 70.99
C ILE B 124 -46.22 -92.99 70.15
N ASP B 125 -45.16 -93.79 70.17
CA ASP B 125 -45.09 -95.05 69.46
C ASP B 125 -44.76 -96.16 70.43
N ARG B 126 -44.81 -97.39 69.96
CA ARG B 126 -44.39 -98.47 70.80
C ARG B 126 -43.61 -99.53 69.99
N ARG B 127 -42.45 -99.93 70.50
CA ARG B 127 -41.67 -100.98 69.93
C ARG B 127 -41.53 -102.05 70.99
N ALA B 128 -41.07 -103.21 70.57
CA ALA B 128 -40.86 -104.33 71.46
C ALA B 128 -39.39 -104.45 71.84
N LEU B 129 -38.51 -104.65 70.86
CA LEU B 129 -37.12 -104.93 71.14
C LEU B 129 -36.96 -106.15 72.01
N ASN B 130 -37.12 -107.32 71.43
CA ASN B 130 -37.01 -108.56 72.17
C ASN B 130 -35.70 -109.29 71.86
N ALA B 131 -35.21 -110.02 72.87
CA ALA B 131 -34.01 -110.82 72.76
C ALA B 131 -34.13 -112.01 73.70
N ALA B 132 -33.34 -113.04 73.46
CA ALA B 132 -33.49 -114.30 74.18
C ALA B 132 -32.12 -114.92 74.45
N PHE B 133 -32.09 -115.90 75.33
CA PHE B 133 -30.86 -116.57 75.58
C PHE B 133 -30.94 -118.03 75.92
N SER B 134 -29.83 -118.70 75.67
CA SER B 134 -29.66 -120.13 75.86
C SER B 134 -29.65 -120.65 77.33
N LEU B 135 -30.30 -121.76 77.61
CA LEU B 135 -30.18 -122.39 78.92
C LEU B 135 -30.37 -123.90 78.78
N ALA B 136 -29.29 -124.65 78.56
CA ALA B 136 -29.36 -126.10 78.30
C ALA B 136 -29.90 -126.98 79.40
N THR B 137 -30.61 -128.03 79.05
CA THR B 137 -31.20 -128.82 80.13
C THR B 137 -30.19 -129.15 81.21
N GLU B 138 -28.93 -129.22 80.79
CA GLU B 138 -27.81 -129.36 81.69
C GLU B 138 -27.82 -127.93 82.19
N ALA B 139 -27.02 -127.57 83.19
CA ALA B 139 -27.10 -126.22 83.74
C ALA B 139 -28.53 -125.84 84.06
N ILE B 140 -29.33 -126.83 84.43
CA ILE B 140 -30.61 -126.64 85.08
C ILE B 140 -30.59 -127.54 86.31
N ALA B 141 -30.36 -128.84 86.07
CA ALA B 141 -29.99 -129.73 87.16
C ALA B 141 -28.84 -129.19 87.98
N LEU B 142 -27.96 -128.46 87.31
CA LEU B 142 -26.92 -127.70 88.00
C LEU B 142 -27.61 -126.41 88.44
N LEU B 143 -26.86 -125.40 88.83
CA LEU B 143 -27.53 -124.17 89.20
C LEU B 143 -28.51 -124.32 90.37
N THR B 144 -29.63 -125.01 90.17
CA THR B 144 -30.60 -125.22 91.24
C THR B 144 -29.99 -126.08 92.32
N GLY B 145 -29.21 -127.06 91.89
CA GLY B 145 -28.57 -127.99 92.79
C GLY B 145 -29.06 -129.41 92.62
N GLU B 146 -30.02 -129.62 91.73
CA GLU B 146 -30.50 -130.99 91.50
C GLU B 146 -29.34 -131.96 91.39
N ALA B 147 -28.50 -131.80 90.38
CA ALA B 147 -27.40 -132.73 90.15
C ALA B 147 -26.12 -132.10 90.68
N LEU B 148 -25.70 -132.58 91.85
CA LEU B 148 -24.44 -132.23 92.48
C LEU B 148 -23.95 -133.44 93.27
N ASP B 149 -22.81 -133.29 93.90
CA ASP B 149 -22.25 -134.32 94.76
C ASP B 149 -21.09 -133.71 95.51
N GLY B 150 -20.45 -134.51 96.35
CA GLY B 150 -19.22 -134.05 96.97
C GLY B 150 -18.04 -134.06 96.04
N THR B 151 -18.30 -134.49 94.83
CA THR B 151 -17.32 -134.55 93.79
C THR B 151 -16.95 -133.14 93.37
N GLY B 152 -15.67 -132.97 93.06
CA GLY B 152 -15.14 -131.71 92.58
C GLY B 152 -15.68 -131.42 91.19
N ILE B 153 -15.85 -132.45 90.40
CA ILE B 153 -16.33 -132.29 89.06
C ILE B 153 -17.68 -131.67 88.96
N SER B 154 -18.58 -132.00 89.87
CA SER B 154 -19.92 -131.44 89.85
C SER B 154 -19.88 -129.95 89.98
N LEU B 155 -19.00 -129.50 90.86
CA LEU B 155 -18.84 -128.09 91.16
C LEU B 155 -18.17 -127.34 90.01
N HIS B 156 -17.30 -128.00 89.25
CA HIS B 156 -16.65 -127.30 88.15
C HIS B 156 -17.54 -127.17 86.94
N ARG B 157 -18.39 -128.16 86.65
CA ARG B 157 -19.33 -127.94 85.57
C ARG B 157 -20.47 -127.06 86.00
N GLN B 158 -20.75 -126.97 87.30
CA GLN B 158 -21.57 -125.87 87.78
C GLN B 158 -20.92 -124.54 87.45
N LEU B 159 -19.59 -124.49 87.42
CA LEU B 159 -18.90 -123.26 87.10
C LEU B 159 -19.10 -122.89 85.63
N ARG B 160 -18.87 -123.82 84.73
CA ARG B 160 -19.09 -123.53 83.30
C ARG B 160 -20.48 -122.98 83.07
N ALA B 161 -21.46 -123.43 83.84
CA ALA B 161 -22.82 -122.91 83.69
C ALA B 161 -22.91 -121.48 84.20
N ILE B 162 -22.41 -121.23 85.41
CA ILE B 162 -22.38 -119.87 85.94
C ILE B 162 -21.60 -118.96 84.99
N GLN B 163 -20.51 -119.46 84.45
CA GLN B 163 -19.78 -118.66 83.51
C GLN B 163 -20.59 -118.42 82.24
N GLN B 164 -21.38 -119.40 81.81
CA GLN B 164 -22.15 -119.27 80.58
C GLN B 164 -23.41 -118.45 80.78
N LEU B 165 -24.02 -118.49 81.97
CA LEU B 165 -25.10 -117.56 82.30
C LEU B 165 -24.64 -116.14 82.13
N ALA B 166 -23.72 -115.72 83.00
CA ALA B 166 -23.26 -114.34 83.03
C ALA B 166 -22.81 -113.89 81.65
N ARG B 167 -22.35 -114.82 80.84
CA ARG B 167 -21.94 -114.46 79.48
C ARG B 167 -23.15 -114.20 78.60
N ASN B 168 -24.18 -115.05 78.68
CA ASN B 168 -25.40 -114.82 77.93
C ASN B 168 -26.20 -113.67 78.52
N VAL B 169 -26.30 -113.62 79.84
CA VAL B 169 -27.07 -112.57 80.50
C VAL B 169 -26.54 -111.20 80.12
N GLN B 170 -25.24 -111.09 79.87
CA GLN B 170 -24.71 -109.80 79.41
C GLN B 170 -25.13 -109.50 77.99
N ALA B 171 -24.74 -110.37 77.06
CA ALA B 171 -24.99 -110.11 75.65
C ALA B 171 -26.45 -109.78 75.38
N VAL B 172 -27.38 -110.25 76.20
CA VAL B 172 -28.76 -109.82 76.04
C VAL B 172 -29.01 -108.50 76.75
N LEU B 173 -28.36 -108.26 77.90
CA LEU B 173 -28.55 -106.97 78.56
C LEU B 173 -27.83 -105.87 77.80
N GLY B 174 -26.55 -106.09 77.47
CA GLY B 174 -25.87 -105.13 76.63
C GLY B 174 -26.55 -104.96 75.29
N ALA B 175 -27.40 -105.90 74.92
CA ALA B 175 -28.12 -105.84 73.65
C ALA B 175 -29.10 -104.68 73.63
N PHE B 176 -29.86 -104.49 74.70
CA PHE B 176 -30.83 -103.40 74.70
C PHE B 176 -30.15 -102.04 74.72
N GLU B 177 -28.98 -101.93 75.34
CA GLU B 177 -28.18 -100.74 75.15
C GLU B 177 -27.75 -100.61 73.70
N ARG B 178 -27.49 -101.72 73.04
CA ARG B 178 -27.19 -101.71 71.61
C ARG B 178 -28.44 -101.52 70.78
N GLY B 179 -29.58 -102.02 71.27
CA GLY B 179 -30.83 -101.83 70.56
C GLY B 179 -31.36 -100.42 70.65
N THR B 180 -30.97 -99.67 71.66
CA THR B 180 -31.41 -98.29 71.76
C THR B 180 -30.84 -97.47 70.62
N ALA B 181 -29.53 -97.56 70.41
CA ALA B 181 -28.93 -96.84 69.30
C ALA B 181 -29.59 -97.22 67.98
N ASP B 182 -29.68 -98.51 67.68
CA ASP B 182 -30.32 -98.95 66.46
C ASP B 182 -31.71 -98.36 66.28
N GLN B 183 -32.49 -98.29 67.37
CA GLN B 183 -33.81 -97.68 67.26
C GLN B 183 -33.71 -96.19 67.06
N MET B 184 -32.70 -95.55 67.62
CA MET B 184 -32.54 -94.11 67.45
C MET B 184 -32.33 -93.76 65.99
N LEU B 185 -31.49 -94.51 65.29
CA LEU B 185 -31.27 -94.21 63.89
C LEU B 185 -32.52 -94.43 63.07
N HIS B 186 -33.28 -95.47 63.34
CA HIS B 186 -34.46 -95.71 62.54
C HIS B 186 -35.51 -94.65 62.73
N VAL B 187 -35.65 -94.13 63.95
CA VAL B 187 -36.67 -93.13 64.19
C VAL B 187 -36.20 -91.74 63.82
N LEU B 188 -34.89 -91.54 63.69
CA LEU B 188 -34.40 -90.30 63.10
C LEU B 188 -34.46 -90.34 61.58
N LEU B 189 -34.10 -91.46 60.97
CA LEU B 189 -34.19 -91.54 59.52
C LEU B 189 -35.62 -91.58 59.03
N GLU B 190 -36.57 -91.95 59.88
CA GLU B 190 -37.94 -92.05 59.42
C GLU B 190 -38.58 -90.67 59.31
N LYS B 191 -38.25 -89.77 60.22
CA LYS B 191 -38.75 -88.41 60.17
C LYS B 191 -37.80 -87.47 59.44
N ALA B 192 -36.75 -88.00 58.85
CA ALA B 192 -35.79 -87.20 58.13
C ALA B 192 -36.17 -87.09 56.66
N PRO B 193 -36.57 -85.92 56.17
CA PRO B 193 -36.71 -85.76 54.74
C PRO B 193 -35.34 -85.69 54.09
N PRO B 194 -35.22 -86.07 52.82
CA PRO B 194 -33.92 -85.93 52.17
C PRO B 194 -33.57 -84.48 52.08
N LEU B 195 -32.33 -84.06 52.21
CA LEU B 195 -32.05 -82.65 52.14
C LEU B 195 -31.67 -82.43 50.75
N ALA B 196 -32.58 -81.84 50.01
CA ALA B 196 -32.59 -81.66 48.56
C ALA B 196 -34.05 -81.33 48.48
N LEU B 197 -34.90 -82.24 48.89
CA LEU B 197 -36.30 -81.94 49.00
C LEU B 197 -36.51 -80.97 50.17
N LEU B 198 -35.59 -80.84 51.11
CA LEU B 198 -35.84 -79.96 52.25
C LEU B 198 -35.29 -78.55 52.05
N LEU B 199 -34.15 -78.38 51.40
CA LEU B 199 -33.68 -77.02 51.13
C LEU B 199 -34.74 -76.16 50.45
N PRO B 200 -35.30 -76.55 49.31
CA PRO B 200 -36.36 -75.74 48.72
C PRO B 200 -37.63 -75.73 49.52
N MET B 201 -37.82 -76.69 50.42
CA MET B 201 -39.02 -76.66 51.24
C MET B 201 -38.92 -75.56 52.28
N GLN B 202 -37.76 -75.42 52.91
CA GLN B 202 -37.60 -74.39 53.95
C GLN B 202 -37.80 -73.01 53.39
N ARG B 203 -37.00 -72.63 52.40
CA ARG B 203 -37.13 -71.28 51.87
C ARG B 203 -38.47 -71.05 51.21
N TYR B 204 -39.28 -72.09 51.02
CA TYR B 204 -40.69 -71.90 50.76
C TYR B 204 -41.44 -71.51 52.03
N LEU B 205 -41.04 -72.08 53.16
CA LEU B 205 -41.64 -71.73 54.44
C LEU B 205 -41.01 -70.50 55.06
N ASP B 206 -39.91 -69.99 54.52
CA ASP B 206 -39.36 -68.77 55.07
C ASP B 206 -40.06 -67.65 54.32
N ASN B 207 -41.36 -67.77 54.27
CA ASN B 207 -42.26 -66.84 53.63
C ASN B 207 -43.52 -67.23 54.35
N GLY B 208 -44.60 -66.47 54.21
CA GLY B 208 -45.79 -66.81 54.98
C GLY B 208 -46.18 -68.22 54.61
N ARG B 209 -46.08 -68.50 53.34
CA ARG B 209 -46.42 -69.77 52.76
C ARG B 209 -47.41 -69.32 51.73
N LEU B 210 -47.77 -70.11 50.74
CA LEU B 210 -48.78 -69.59 49.84
C LEU B 210 -49.63 -70.76 49.37
N ALA B 211 -50.94 -70.61 49.51
CA ALA B 211 -51.89 -71.57 48.97
C ALA B 211 -52.28 -71.23 47.55
N THR B 212 -51.63 -70.24 46.96
CA THR B 212 -52.03 -69.71 45.67
C THR B 212 -51.95 -70.73 44.55
N ARG B 213 -51.40 -71.93 44.82
CA ARG B 213 -51.38 -73.02 43.87
C ARG B 213 -50.51 -72.62 42.68
N VAL B 214 -49.87 -71.47 42.76
CA VAL B 214 -48.79 -71.17 41.84
C VAL B 214 -47.54 -71.40 42.65
N ALA B 215 -47.56 -70.99 43.92
CA ALA B 215 -46.43 -71.29 44.79
C ALA B 215 -46.26 -72.78 44.96
N ARG B 216 -47.37 -73.52 45.11
CA ARG B 216 -47.26 -74.96 45.13
C ARG B 216 -46.68 -75.48 43.84
N ALA B 217 -47.10 -74.92 42.71
CA ALA B 217 -46.55 -75.33 41.42
C ALA B 217 -45.07 -75.01 41.34
N THR B 218 -44.70 -73.76 41.58
CA THR B 218 -43.29 -73.38 41.49
C THR B 218 -42.46 -74.03 42.56
N LEU B 219 -43.06 -74.46 43.67
CA LEU B 219 -42.32 -75.25 44.64
C LEU B 219 -41.97 -76.60 44.06
N VAL B 220 -42.98 -77.33 43.58
CA VAL B 220 -42.78 -78.69 43.10
C VAL B 220 -41.85 -78.70 41.90
N ALA B 221 -42.09 -77.81 40.94
CA ALA B 221 -41.22 -77.77 39.76
C ALA B 221 -39.78 -77.59 40.16
N GLU B 222 -39.54 -76.76 41.16
CA GLU B 222 -38.22 -76.57 41.68
C GLU B 222 -37.86 -77.66 42.68
N LEU B 223 -38.86 -78.32 43.24
CA LEU B 223 -38.58 -79.44 44.13
C LEU B 223 -38.01 -80.61 43.34
N LYS B 224 -38.52 -80.85 42.13
CA LYS B 224 -38.06 -81.97 41.33
C LYS B 224 -36.79 -81.66 40.56
N ARG B 225 -36.36 -80.40 40.53
CA ARG B 225 -35.05 -80.08 40.00
C ARG B 225 -33.97 -80.34 41.03
N SER B 226 -34.04 -79.66 42.17
CA SER B 226 -33.01 -79.77 43.19
C SER B 226 -32.81 -81.19 43.68
N PHE B 227 -33.76 -82.09 43.46
CA PHE B 227 -33.44 -83.49 43.76
C PHE B 227 -32.60 -84.10 42.66
N CYS B 228 -33.01 -83.92 41.41
CA CYS B 228 -32.23 -84.42 40.29
C CYS B 228 -30.87 -83.74 40.21
N ASP B 229 -30.64 -82.73 41.05
CA ASP B 229 -29.53 -81.81 40.92
C ASP B 229 -28.47 -82.02 42.00
N THR B 230 -28.83 -81.84 43.26
CA THR B 230 -27.94 -82.19 44.36
C THR B 230 -28.58 -83.36 45.10
N SER B 231 -28.03 -84.55 44.89
CA SER B 231 -28.47 -85.72 45.64
C SER B 231 -27.22 -86.39 46.18
N PHE B 232 -26.42 -86.89 45.25
CA PHE B 232 -25.20 -87.60 45.55
C PHE B 232 -24.04 -86.65 45.66
N PHE B 233 -24.33 -85.38 45.89
CA PHE B 233 -23.44 -84.24 45.74
C PHE B 233 -22.04 -84.50 46.26
N LEU B 234 -21.87 -85.17 47.39
CA LEU B 234 -20.54 -85.62 47.75
C LEU B 234 -20.22 -86.84 46.91
N GLY B 235 -19.21 -86.75 46.08
CA GLY B 235 -18.98 -87.74 45.06
C GLY B 235 -19.61 -87.41 43.73
N LYS B 236 -20.57 -86.48 43.69
CA LYS B 236 -21.10 -85.99 42.40
C LYS B 236 -20.03 -84.92 42.26
N ALA B 237 -20.04 -83.88 43.10
CA ALA B 237 -18.88 -83.01 43.15
C ALA B 237 -18.17 -83.24 44.46
N GLY B 238 -17.14 -84.08 44.46
CA GLY B 238 -16.26 -84.19 45.60
C GLY B 238 -14.90 -83.66 45.26
N HIS B 239 -14.68 -83.46 43.95
CA HIS B 239 -13.45 -82.87 43.48
C HIS B 239 -13.40 -81.39 43.83
N ARG B 240 -14.56 -80.78 43.95
CA ARG B 240 -14.65 -79.38 44.33
C ARG B 240 -14.36 -79.26 45.82
N ARG B 241 -14.60 -78.07 46.34
CA ARG B 241 -14.52 -77.71 47.73
C ARG B 241 -14.93 -76.25 47.75
N GLU B 242 -15.39 -75.77 48.90
CA GLU B 242 -16.17 -74.53 48.96
C GLU B 242 -17.50 -74.75 48.27
N ALA B 243 -17.65 -75.88 47.59
CA ALA B 243 -18.93 -76.44 47.18
C ALA B 243 -19.41 -77.38 48.26
N ILE B 244 -18.61 -78.41 48.54
CA ILE B 244 -18.83 -79.25 49.72
C ILE B 244 -19.05 -78.38 50.94
N GLU B 245 -18.13 -77.45 51.21
CA GLU B 245 -18.24 -76.58 52.35
C GLU B 245 -19.63 -75.97 52.47
N ALA B 246 -20.14 -75.43 51.36
CA ALA B 246 -21.46 -74.84 51.39
C ALA B 246 -22.54 -75.89 51.54
N TRP B 247 -22.22 -77.14 51.21
CA TRP B 247 -23.20 -78.22 51.31
C TRP B 247 -23.36 -78.69 52.75
N LEU B 248 -22.27 -78.71 53.50
CA LEU B 248 -22.36 -79.06 54.92
C LEU B 248 -23.18 -78.03 55.68
N VAL B 249 -22.81 -76.76 55.61
CA VAL B 249 -23.53 -75.74 56.36
C VAL B 249 -25.02 -75.72 56.00
N ASP B 250 -25.38 -76.16 54.80
CA ASP B 250 -26.79 -76.36 54.51
C ASP B 250 -27.32 -77.60 55.20
N LEU B 251 -26.64 -78.73 55.02
CA LEU B 251 -26.93 -79.91 55.82
C LEU B 251 -26.90 -79.57 57.29
N THR B 252 -25.96 -78.71 57.67
CA THR B 252 -25.69 -78.49 59.08
C THR B 252 -26.76 -77.62 59.70
N THR B 253 -27.27 -76.71 58.88
CA THR B 253 -28.31 -75.75 59.21
C THR B 253 -29.66 -75.74 58.40
N ALA B 254 -30.19 -76.85 57.89
CA ALA B 254 -31.42 -76.69 57.14
C ALA B 254 -32.63 -76.77 58.03
N THR B 255 -32.43 -77.06 59.31
CA THR B 255 -33.48 -77.55 60.18
C THR B 255 -33.96 -76.45 61.12
N GLN B 256 -34.94 -76.77 61.90
CA GLN B 256 -35.45 -75.95 62.97
C GLN B 256 -34.93 -76.48 64.29
N PRO B 257 -34.38 -75.64 65.14
CA PRO B 257 -34.08 -76.10 66.50
C PRO B 257 -35.32 -76.66 67.14
N SER B 258 -35.14 -77.66 68.00
CA SER B 258 -36.27 -78.35 68.59
C SER B 258 -36.93 -77.46 69.64
N VAL B 259 -37.93 -78.01 70.29
CA VAL B 259 -38.53 -77.41 71.45
C VAL B 259 -38.19 -78.32 72.61
N ALA B 260 -37.24 -77.91 73.42
CA ALA B 260 -36.79 -78.68 74.57
C ALA B 260 -35.67 -77.92 75.22
N VAL B 261 -35.46 -78.20 76.50
CA VAL B 261 -34.29 -77.74 77.24
C VAL B 261 -33.81 -78.91 78.08
N PRO B 262 -32.88 -79.66 77.54
CA PRO B 262 -32.73 -80.96 78.15
C PRO B 262 -32.57 -80.96 79.62
N ARG B 263 -31.96 -79.90 80.15
CA ARG B 263 -31.59 -79.59 81.55
C ARG B 263 -30.25 -80.16 81.91
N LEU B 264 -29.63 -80.81 80.94
CA LEU B 264 -28.30 -81.32 81.07
C LEU B 264 -27.97 -81.30 79.61
N THR B 265 -26.93 -80.58 79.25
CA THR B 265 -26.57 -80.45 77.85
C THR B 265 -25.18 -81.03 77.62
N HIS B 266 -24.96 -81.51 76.40
CA HIS B 266 -23.66 -82.03 76.04
C HIS B 266 -22.72 -80.85 75.83
N ALA B 267 -21.65 -80.80 76.61
CA ALA B 267 -20.64 -79.78 76.43
C ALA B 267 -19.46 -80.37 75.68
N ASP B 268 -18.54 -79.48 75.36
CA ASP B 268 -17.38 -79.83 74.61
C ASP B 268 -16.06 -79.78 75.36
N THR B 269 -16.12 -79.80 76.69
CA THR B 269 -14.94 -79.79 77.60
C THR B 269 -14.19 -78.46 77.75
N ARG B 270 -14.73 -77.42 77.14
CA ARG B 270 -14.25 -76.07 77.29
C ARG B 270 -15.57 -75.67 77.81
N GLY B 271 -16.52 -76.45 77.36
CA GLY B 271 -17.90 -76.39 77.78
C GLY B 271 -18.89 -75.71 76.86
N ARG B 272 -18.57 -75.51 75.59
CA ARG B 272 -19.58 -75.06 74.65
C ARG B 272 -20.59 -76.18 74.42
N PRO B 273 -21.88 -75.86 74.33
CA PRO B 273 -22.88 -76.92 74.18
C PRO B 273 -22.96 -77.51 72.78
N VAL B 274 -23.33 -78.78 72.72
CA VAL B 274 -23.43 -79.53 71.47
C VAL B 274 -24.88 -79.45 71.00
N ASP B 275 -25.12 -78.83 69.84
CA ASP B 275 -26.46 -78.69 69.33
C ASP B 275 -26.83 -79.66 68.21
N GLY B 276 -25.98 -80.62 67.86
CA GLY B 276 -26.17 -81.42 66.67
C GLY B 276 -25.68 -82.83 66.86
N VAL B 277 -25.83 -83.66 65.82
CA VAL B 277 -25.37 -85.05 65.91
C VAL B 277 -24.50 -85.42 64.72
N LEU B 278 -25.08 -85.45 63.52
CA LEU B 278 -24.31 -85.70 62.29
C LEU B 278 -23.70 -87.11 62.26
N VAL B 279 -24.56 -88.10 62.09
CA VAL B 279 -24.13 -89.50 61.98
C VAL B 279 -23.87 -89.82 60.51
N THR B 280 -22.86 -90.66 60.27
CA THR B 280 -22.30 -90.86 58.94
C THR B 280 -21.90 -92.33 58.81
N THR B 281 -21.38 -92.71 57.66
CA THR B 281 -20.70 -93.98 57.51
C THR B 281 -19.20 -93.74 57.61
N ALA B 282 -18.49 -94.69 58.23
CA ALA B 282 -17.08 -94.51 58.49
C ALA B 282 -16.29 -94.18 57.23
N ALA B 283 -16.73 -94.69 56.09
CA ALA B 283 -16.06 -94.34 54.84
C ALA B 283 -16.18 -92.85 54.56
N ILE B 284 -17.40 -92.32 54.59
CA ILE B 284 -17.59 -90.90 54.37
C ILE B 284 -16.94 -90.10 55.49
N LYS B 285 -17.14 -90.52 56.74
CA LYS B 285 -16.55 -89.81 57.85
C LYS B 285 -15.07 -89.58 57.64
N GLN B 286 -14.35 -90.64 57.29
CA GLN B 286 -12.92 -90.54 57.00
C GLN B 286 -12.63 -89.45 55.99
N ARG B 287 -13.07 -89.61 54.74
CA ARG B 287 -12.77 -88.63 53.71
C ARG B 287 -13.29 -87.25 54.06
N LEU B 288 -14.23 -87.17 54.99
CA LEU B 288 -14.75 -85.90 55.45
C LEU B 288 -13.83 -85.28 56.50
N LEU B 289 -13.30 -86.09 57.41
CA LEU B 289 -12.50 -85.53 58.50
C LEU B 289 -11.14 -85.06 58.01
N GLN B 290 -10.57 -85.74 57.02
CA GLN B 290 -9.22 -85.37 56.61
C GLN B 290 -9.21 -84.12 55.75
N SER B 291 -10.14 -84.01 54.82
CA SER B 291 -10.13 -82.89 53.90
C SER B 291 -10.92 -81.69 54.39
N PHE B 292 -11.67 -81.81 55.48
CA PHE B 292 -12.60 -80.75 55.82
C PHE B 292 -12.61 -80.30 57.29
N LEU B 293 -13.02 -81.15 58.23
CA LEU B 293 -13.43 -80.74 59.56
C LEU B 293 -12.52 -81.31 60.63
N LYS B 294 -11.94 -80.46 61.47
CA LYS B 294 -11.13 -81.01 62.51
C LYS B 294 -11.09 -80.21 63.81
N VAL B 295 -12.22 -79.89 64.47
CA VAL B 295 -12.22 -79.04 65.74
C VAL B 295 -11.82 -79.36 67.23
N GLU B 296 -12.26 -80.45 67.85
CA GLU B 296 -11.90 -80.80 69.22
C GLU B 296 -12.47 -82.15 69.63
N ASP B 297 -11.62 -83.05 70.14
CA ASP B 297 -12.10 -84.40 70.44
C ASP B 297 -12.10 -84.69 71.93
N THR B 298 -13.28 -84.58 72.53
CA THR B 298 -13.75 -85.23 73.75
C THR B 298 -15.07 -84.56 74.08
N GLU B 299 -15.94 -85.20 74.83
CA GLU B 299 -17.20 -84.59 75.22
C GLU B 299 -17.09 -84.20 76.68
N ALA B 300 -16.99 -82.90 76.94
CA ALA B 300 -16.80 -82.44 78.31
C ALA B 300 -17.89 -82.94 79.22
N ASP B 301 -19.08 -83.17 78.67
CA ASP B 301 -20.19 -83.58 79.48
C ASP B 301 -21.14 -84.39 78.62
N VAL B 302 -21.73 -85.40 79.24
CA VAL B 302 -22.87 -86.09 78.67
C VAL B 302 -23.77 -86.45 79.84
N PRO B 303 -25.06 -86.32 79.70
CA PRO B 303 -25.97 -86.51 80.84
C PRO B 303 -26.14 -87.96 81.22
N VAL B 304 -25.26 -88.50 82.05
CA VAL B 304 -25.15 -89.93 82.29
C VAL B 304 -26.44 -90.59 82.76
N THR B 305 -27.45 -89.83 83.17
CA THR B 305 -28.68 -90.41 83.67
C THR B 305 -29.77 -90.42 82.60
N TYR B 306 -30.93 -90.90 83.04
CA TYR B 306 -32.08 -91.05 82.18
C TYR B 306 -33.43 -90.40 82.56
N GLY B 307 -33.55 -89.08 82.46
CA GLY B 307 -34.88 -88.52 82.62
C GLY B 307 -35.51 -88.58 84.00
N GLU B 308 -36.83 -88.40 84.05
CA GLU B 308 -37.66 -88.56 85.23
C GLU B 308 -39.08 -88.14 84.89
N MET B 309 -40.05 -88.50 85.72
CA MET B 309 -41.42 -88.05 85.50
C MET B 309 -42.12 -87.76 86.82
N VAL B 310 -43.08 -86.85 86.76
CA VAL B 310 -43.83 -86.47 87.91
C VAL B 310 -45.19 -86.94 87.51
N LEU B 311 -45.83 -87.74 88.33
CA LEU B 311 -47.14 -88.24 87.96
C LEU B 311 -48.23 -87.41 88.61
N ASN B 312 -49.03 -86.74 87.79
CA ASN B 312 -50.14 -85.97 88.29
C ASN B 312 -51.07 -87.09 88.71
N GLY B 313 -51.85 -86.91 89.76
CA GLY B 313 -52.66 -88.00 90.23
C GLY B 313 -54.13 -88.20 89.95
N ALA B 314 -54.40 -89.35 89.34
CA ALA B 314 -55.75 -89.80 89.06
C ALA B 314 -55.77 -91.18 89.68
N ASN B 315 -56.71 -91.46 90.56
CA ASN B 315 -56.76 -92.77 91.21
C ASN B 315 -58.16 -93.11 91.70
N LEU B 316 -58.47 -94.39 91.84
CA LEU B 316 -59.81 -94.73 92.33
C LEU B 316 -59.59 -95.57 93.56
N VAL B 317 -59.86 -95.00 94.73
CA VAL B 317 -59.81 -95.81 95.93
C VAL B 317 -60.88 -96.87 95.82
N THR B 318 -60.49 -98.12 95.97
CA THR B 318 -61.45 -99.19 96.17
C THR B 318 -60.97 -99.91 97.41
N ALA B 319 -61.70 -99.77 98.49
CA ALA B 319 -61.24 -100.24 99.78
C ALA B 319 -61.89 -101.58 100.06
N LEU B 320 -61.61 -102.12 101.25
CA LEU B 320 -62.30 -103.32 101.66
C LEU B 320 -62.89 -103.01 103.02
N VAL B 321 -64.21 -103.00 103.11
CA VAL B 321 -64.91 -102.73 104.36
C VAL B 321 -65.19 -104.02 105.12
N MET B 322 -65.95 -103.91 106.21
CA MET B 322 -66.19 -105.06 107.08
C MET B 322 -64.90 -105.32 107.88
N GLY B 323 -63.90 -104.44 107.70
CA GLY B 323 -62.60 -104.52 108.34
C GLY B 323 -62.36 -103.44 109.38
N LYS B 324 -63.45 -102.87 109.89
CA LYS B 324 -63.39 -101.81 110.89
C LYS B 324 -63.58 -100.48 110.17
N ALA B 325 -63.28 -100.47 108.89
CA ALA B 325 -63.54 -99.29 108.09
C ALA B 325 -65.06 -99.22 108.07
N VAL B 326 -65.69 -100.40 107.96
CA VAL B 326 -67.12 -100.57 107.97
C VAL B 326 -67.55 -100.09 109.35
N ARG B 327 -68.61 -99.30 109.35
CA ARG B 327 -69.21 -98.64 110.49
C ARG B 327 -69.26 -97.28 109.86
N SER B 328 -68.09 -96.65 109.81
CA SER B 328 -67.97 -95.36 109.19
C SER B 328 -67.37 -95.48 107.80
N LEU B 329 -68.22 -95.42 106.77
CA LEU B 329 -67.74 -95.44 105.41
C LEU B 329 -67.31 -94.07 104.95
N ASP B 330 -67.45 -93.05 105.81
CA ASP B 330 -66.69 -91.83 105.58
C ASP B 330 -65.21 -92.03 105.86
N ASP B 331 -64.85 -93.16 106.46
CA ASP B 331 -63.44 -93.55 106.50
C ASP B 331 -62.92 -93.83 105.10
N VAL B 332 -63.80 -94.12 104.14
CA VAL B 332 -63.38 -94.21 102.75
C VAL B 332 -62.92 -92.86 102.24
N GLY B 333 -63.61 -91.80 102.64
CA GLY B 333 -63.23 -90.48 102.20
C GLY B 333 -61.85 -90.10 102.68
N ARG B 334 -61.65 -90.15 104.00
CA ARG B 334 -60.32 -89.86 104.54
C ARG B 334 -59.28 -90.87 104.08
N HIS B 335 -59.71 -92.02 103.56
CA HIS B 335 -58.76 -93.02 103.08
C HIS B 335 -58.23 -92.66 101.70
N LEU B 336 -59.10 -92.22 100.79
CA LEU B 336 -58.62 -91.74 99.50
C LEU B 336 -57.69 -90.55 99.68
N LEU B 337 -58.16 -89.55 100.41
CA LEU B 337 -57.35 -88.37 100.64
C LEU B 337 -56.01 -88.70 101.29
N ASP B 338 -55.91 -89.83 101.99
CA ASP B 338 -54.61 -90.32 102.40
C ASP B 338 -53.73 -90.60 101.19
N MET B 339 -54.25 -91.40 100.25
CA MET B 339 -53.46 -91.81 99.10
C MET B 339 -52.86 -90.64 98.36
N GLN B 340 -53.57 -89.52 98.30
CA GLN B 340 -53.02 -88.35 97.63
C GLN B 340 -51.75 -87.87 98.31
N GLU B 341 -51.70 -87.93 99.65
CA GLU B 341 -50.47 -87.59 100.34
C GLU B 341 -49.37 -88.58 100.02
N GLU B 342 -49.72 -89.87 99.90
CA GLU B 342 -48.71 -90.86 99.55
C GLU B 342 -48.29 -90.72 98.09
N GLN B 343 -49.18 -90.25 97.22
CA GLN B 343 -48.79 -89.97 95.84
C GLN B 343 -47.85 -88.78 95.77
N LEU B 344 -47.95 -87.87 96.74
CA LEU B 344 -47.13 -86.67 96.71
C LEU B 344 -45.69 -86.98 97.04
N GLU B 345 -45.45 -87.79 98.07
CA GLU B 345 -44.09 -88.08 98.50
C GLU B 345 -43.28 -88.81 97.44
N ALA B 346 -43.93 -89.53 96.53
CA ALA B 346 -43.20 -90.26 95.51
C ALA B 346 -42.43 -89.32 94.61
N ASN B 347 -43.13 -88.38 93.97
CA ASN B 347 -42.47 -87.40 93.12
C ASN B 347 -41.52 -86.52 93.91
N ARG B 348 -41.81 -86.31 95.20
CA ARG B 348 -40.88 -85.57 96.04
C ARG B 348 -39.51 -86.24 96.07
N GLU B 349 -39.49 -87.55 96.31
CA GLU B 349 -38.23 -88.28 96.33
C GLU B 349 -37.62 -88.35 94.94
N THR B 350 -38.43 -88.66 93.93
CA THR B 350 -37.93 -88.79 92.57
C THR B 350 -37.19 -87.53 92.13
N LEU B 351 -37.72 -86.36 92.48
CA LEU B 351 -37.04 -85.12 92.13
C LEU B 351 -35.78 -84.94 92.94
N ASP B 352 -35.90 -85.02 94.28
CA ASP B 352 -34.76 -84.79 95.14
C ASP B 352 -33.64 -85.80 94.84
N GLU B 353 -33.99 -87.09 94.87
CA GLU B 353 -32.98 -88.13 94.68
C GLU B 353 -32.35 -88.07 93.29
N LEU B 354 -33.02 -87.45 92.31
CA LEU B 354 -32.40 -87.33 91.01
C LEU B 354 -31.34 -86.24 90.99
N GLU B 355 -31.69 -85.04 91.46
CA GLU B 355 -30.69 -83.98 91.54
C GLU B 355 -29.58 -84.35 92.51
N SER B 356 -29.91 -85.11 93.56
CA SER B 356 -28.92 -85.50 94.54
C SER B 356 -27.89 -86.44 93.94
N ALA B 357 -28.33 -87.36 93.09
CA ALA B 357 -27.42 -88.33 92.52
C ALA B 357 -26.37 -87.62 91.65
N PRO B 358 -25.19 -88.21 91.48
CA PRO B 358 -24.23 -87.65 90.53
C PRO B 358 -24.66 -87.86 89.09
N GLN B 359 -24.55 -86.75 88.33
CA GLN B 359 -24.92 -86.74 86.92
C GLN B 359 -24.15 -85.98 85.78
N THR B 360 -22.93 -86.39 85.42
CA THR B 360 -22.23 -85.90 84.23
C THR B 360 -21.08 -86.87 84.03
N THR B 361 -20.52 -86.93 82.84
CA THR B 361 -19.26 -87.63 82.67
C THR B 361 -18.61 -87.18 81.38
N ARG B 362 -17.30 -87.37 81.30
CA ARG B 362 -16.58 -87.11 80.07
C ARG B 362 -16.49 -88.38 79.25
N VAL B 363 -16.70 -88.25 77.95
CA VAL B 363 -16.72 -89.38 77.04
C VAL B 363 -15.92 -89.03 75.81
N ARG B 364 -15.20 -90.01 75.27
CA ARG B 364 -14.56 -89.84 73.98
C ARG B 364 -15.60 -89.57 72.92
N ALA B 365 -15.30 -88.62 72.05
CA ALA B 365 -16.18 -88.19 70.98
C ALA B 365 -15.41 -87.17 70.17
N ASP B 366 -15.86 -86.95 68.94
CA ASP B 366 -15.14 -86.07 68.02
C ASP B 366 -16.03 -84.90 67.70
N LEU B 367 -15.57 -83.70 68.01
CA LEU B 367 -16.38 -82.52 67.76
C LEU B 367 -15.80 -81.79 66.57
N VAL B 368 -16.67 -81.35 65.68
CA VAL B 368 -16.30 -80.51 64.56
C VAL B 368 -17.30 -79.38 64.53
N ALA B 369 -16.85 -78.24 64.03
CA ALA B 369 -17.69 -77.07 63.87
C ALA B 369 -17.92 -76.85 62.38
N ILE B 370 -19.17 -76.76 61.98
CA ILE B 370 -19.50 -76.46 60.59
C ILE B 370 -20.14 -75.08 60.56
N GLY B 371 -19.40 -74.07 60.13
CA GLY B 371 -19.97 -72.75 60.19
C GLY B 371 -19.88 -72.58 61.69
N ASP B 372 -21.00 -72.37 62.37
CA ASP B 372 -20.93 -72.21 63.82
C ASP B 372 -21.81 -73.18 64.58
N ARG B 373 -21.31 -74.39 64.78
CA ARG B 373 -22.06 -75.40 65.50
C ARG B 373 -21.10 -76.47 65.99
N LEU B 374 -21.49 -77.25 66.99
CA LEU B 374 -20.65 -78.31 67.46
C LEU B 374 -21.36 -79.60 67.13
N VAL B 375 -20.79 -80.42 66.30
CA VAL B 375 -21.56 -81.53 65.96
C VAL B 375 -20.75 -82.70 66.31
N PHE B 376 -21.36 -83.66 66.95
CA PHE B 376 -20.61 -84.81 67.28
C PHE B 376 -20.63 -85.45 65.96
N LEU B 377 -19.51 -85.52 65.29
CA LEU B 377 -19.47 -86.21 64.06
C LEU B 377 -19.33 -87.62 64.57
N GLU B 378 -20.21 -88.49 64.11
CA GLU B 378 -20.25 -89.86 64.57
C GLU B 378 -20.43 -90.80 63.40
N ALA B 379 -19.70 -91.91 63.44
CA ALA B 379 -19.94 -93.01 62.52
C ALA B 379 -19.93 -94.28 63.34
N LEU B 380 -21.12 -94.84 63.52
CA LEU B 380 -21.25 -96.05 64.31
C LEU B 380 -20.83 -97.16 63.38
N GLU B 381 -21.24 -98.37 63.69
CA GLU B 381 -20.97 -99.65 62.94
C GLU B 381 -19.62 -100.26 63.23
N LYS B 382 -18.84 -99.62 64.06
CA LYS B 382 -17.64 -100.22 64.52
C LYS B 382 -18.09 -100.43 65.95
N ARG B 383 -18.60 -99.37 66.57
CA ARG B 383 -19.09 -99.43 67.90
C ARG B 383 -20.31 -100.24 68.17
N ILE B 384 -21.34 -100.15 67.36
CA ILE B 384 -22.53 -100.87 67.76
C ILE B 384 -23.18 -101.66 66.65
N TYR B 385 -22.69 -101.62 65.41
CA TYR B 385 -23.22 -102.55 64.42
C TYR B 385 -22.31 -103.71 64.04
N ALA B 386 -21.09 -103.75 64.56
CA ALA B 386 -20.13 -104.73 64.07
C ALA B 386 -20.41 -106.10 64.65
N ALA B 387 -20.17 -107.14 63.86
CA ALA B 387 -20.24 -108.55 64.21
C ALA B 387 -21.66 -109.05 64.48
N THR B 388 -22.67 -108.19 64.43
CA THR B 388 -24.02 -108.56 64.80
C THR B 388 -24.88 -108.95 63.60
N ASN B 389 -24.36 -108.87 62.38
CA ASN B 389 -25.12 -109.20 61.18
C ASN B 389 -26.40 -108.41 61.10
N VAL B 390 -26.33 -107.12 61.39
CA VAL B 390 -27.45 -106.22 61.18
C VAL B 390 -26.96 -105.08 60.31
N PRO B 391 -27.74 -104.64 59.34
CA PRO B 391 -27.28 -103.57 58.45
C PRO B 391 -27.24 -102.23 59.16
N TYR B 392 -26.31 -101.39 58.71
CA TYR B 392 -26.07 -100.10 59.33
C TYR B 392 -27.01 -99.09 58.71
N PRO B 393 -28.01 -98.59 59.43
CA PRO B 393 -29.12 -97.87 58.81
C PRO B 393 -28.71 -96.76 57.87
N LEU B 394 -27.52 -96.20 58.02
CA LEU B 394 -27.09 -95.19 57.06
C LEU B 394 -26.39 -95.94 55.95
N VAL B 395 -27.16 -96.17 54.91
CA VAL B 395 -26.77 -96.86 53.71
C VAL B 395 -28.18 -97.18 53.23
N GLY B 396 -28.40 -97.69 52.04
CA GLY B 396 -29.76 -97.98 51.70
C GLY B 396 -29.94 -97.96 50.22
N ALA B 397 -31.20 -97.92 49.82
CA ALA B 397 -31.55 -98.06 48.44
C ALA B 397 -32.21 -96.79 47.94
N MET B 398 -32.01 -96.53 46.66
CA MET B 398 -32.73 -95.49 45.95
C MET B 398 -33.27 -96.13 44.68
N ASP B 399 -34.59 -96.25 44.59
CA ASP B 399 -35.20 -96.77 43.38
C ASP B 399 -35.42 -95.65 42.39
N LEU B 400 -35.01 -95.89 41.15
CA LEU B 400 -35.24 -94.94 40.07
C LEU B 400 -35.71 -95.72 38.86
N THR B 401 -36.90 -95.40 38.38
CA THR B 401 -37.30 -95.93 37.10
C THR B 401 -36.67 -95.11 36.00
N PHE B 402 -36.28 -95.77 34.93
CA PHE B 402 -35.69 -95.11 33.79
C PHE B 402 -36.52 -95.38 32.54
N VAL B 403 -36.52 -94.43 31.61
CA VAL B 403 -37.29 -94.54 30.39
C VAL B 403 -36.37 -94.51 29.20
N LEU B 404 -36.52 -95.50 28.32
CA LEU B 404 -35.79 -95.58 27.05
C LEU B 404 -36.79 -95.58 25.89
N PRO B 405 -36.76 -94.59 25.00
CA PRO B 405 -37.58 -94.69 23.78
C PRO B 405 -37.04 -95.76 22.85
N LEU B 406 -37.94 -96.41 22.12
CA LEU B 406 -37.51 -97.48 21.24
C LEU B 406 -38.28 -97.41 19.95
N GLY B 407 -37.57 -97.42 18.83
CA GLY B 407 -38.24 -97.41 17.56
C GLY B 407 -38.99 -96.15 17.27
N LEU B 408 -38.84 -95.12 18.08
CA LEU B 408 -39.55 -93.90 17.85
C LEU B 408 -38.92 -93.22 16.65
N PHE B 409 -39.34 -92.00 16.40
CA PHE B 409 -39.01 -91.46 15.10
C PHE B 409 -38.66 -90.00 15.20
N ASN B 410 -37.83 -89.56 14.27
CA ASN B 410 -37.13 -88.29 14.41
C ASN B 410 -37.95 -87.18 13.76
N PRO B 411 -38.40 -86.17 14.50
CA PRO B 411 -39.29 -85.15 13.93
C PRO B 411 -38.68 -84.44 12.74
N ALA B 412 -39.56 -83.85 11.92
CA ALA B 412 -39.16 -83.38 10.59
C ALA B 412 -38.00 -82.41 10.64
N MET B 413 -37.92 -81.61 11.69
CA MET B 413 -36.83 -80.64 11.75
C MET B 413 -35.53 -81.26 12.26
N GLU B 414 -35.62 -82.41 12.93
CA GLU B 414 -34.48 -83.01 13.60
C GLU B 414 -33.77 -84.07 12.79
N ARG B 415 -34.11 -84.24 11.52
CA ARG B 415 -33.56 -85.31 10.72
C ARG B 415 -32.28 -84.94 9.98
N PHE B 416 -31.67 -83.80 10.28
CA PHE B 416 -30.52 -83.35 9.54
C PHE B 416 -29.30 -84.24 9.83
N ALA B 417 -28.20 -83.96 9.18
CA ALA B 417 -27.04 -84.78 9.34
C ALA B 417 -26.01 -84.26 10.26
N ALA B 418 -25.93 -82.92 10.32
CA ALA B 418 -25.06 -82.00 11.10
C ALA B 418 -23.77 -81.72 10.50
N HIS B 419 -23.51 -82.33 9.36
CA HIS B 419 -22.34 -82.10 8.52
C HIS B 419 -22.46 -82.95 7.31
N ALA B 420 -21.77 -82.62 6.26
CA ALA B 420 -22.04 -83.36 5.04
C ALA B 420 -21.45 -84.75 5.14
N GLY B 421 -20.14 -84.85 5.01
CA GLY B 421 -19.53 -86.13 5.30
C GLY B 421 -19.44 -86.36 6.77
N ASP B 422 -20.02 -87.45 7.26
CA ASP B 422 -19.68 -88.09 8.53
C ASP B 422 -20.62 -89.26 8.71
N LEU B 423 -20.18 -90.22 9.52
CA LEU B 423 -20.90 -91.47 9.69
C LEU B 423 -21.28 -92.00 8.31
N VAL B 424 -20.30 -92.02 7.42
CA VAL B 424 -20.45 -92.30 6.00
C VAL B 424 -20.25 -93.80 5.79
N PRO B 425 -21.08 -94.46 4.98
CA PRO B 425 -20.87 -95.88 4.73
C PRO B 425 -19.76 -96.07 3.72
N ALA B 426 -19.29 -97.30 3.61
CA ALA B 426 -18.30 -97.58 2.59
C ALA B 426 -18.87 -97.15 1.25
N PRO B 427 -18.02 -96.72 0.31
CA PRO B 427 -18.52 -95.95 -0.83
C PRO B 427 -19.60 -96.61 -1.65
N GLY B 428 -19.83 -97.91 -1.52
CA GLY B 428 -20.78 -98.57 -2.39
C GLY B 428 -22.10 -99.04 -1.83
N HIS B 429 -22.24 -98.88 -0.49
CA HIS B 429 -23.28 -99.38 0.45
C HIS B 429 -24.53 -98.57 0.88
N PRO B 430 -25.47 -99.16 1.66
CA PRO B 430 -26.67 -98.38 2.01
C PRO B 430 -26.68 -97.17 2.96
N GLU B 431 -25.73 -96.95 3.85
CA GLU B 431 -25.99 -95.98 4.92
C GLU B 431 -27.25 -96.34 5.67
N PRO B 432 -27.20 -97.33 6.56
CA PRO B 432 -28.38 -97.67 7.36
C PRO B 432 -28.91 -96.55 8.21
N ARG B 433 -28.14 -95.48 8.41
CA ARG B 433 -28.58 -94.40 9.28
C ARG B 433 -29.84 -93.73 8.80
N ALA B 434 -30.25 -93.96 7.57
CA ALA B 434 -31.28 -93.12 6.99
C ALA B 434 -32.67 -93.67 7.14
N PHE B 435 -32.85 -94.78 7.84
CA PHE B 435 -34.17 -95.39 7.95
C PHE B 435 -34.49 -95.73 9.40
N PRO B 436 -35.77 -95.97 9.72
CA PRO B 436 -36.23 -95.91 11.12
C PRO B 436 -35.40 -96.77 12.05
N PRO B 437 -35.02 -96.23 13.21
CA PRO B 437 -34.32 -97.06 14.20
C PRO B 437 -35.29 -98.08 14.78
N ARG B 438 -34.89 -99.34 14.76
CA ARG B 438 -35.61 -100.37 15.51
C ARG B 438 -34.89 -100.80 16.77
N GLN B 439 -33.69 -100.28 17.03
CA GLN B 439 -32.85 -100.73 18.13
C GLN B 439 -32.64 -99.63 19.14
N LEU B 440 -31.89 -99.97 20.17
CA LEU B 440 -31.49 -99.01 21.18
C LEU B 440 -30.19 -99.50 21.79
N PHE B 441 -29.29 -98.59 22.11
CA PHE B 441 -28.01 -98.94 22.69
C PHE B 441 -27.80 -98.15 23.95
N PHE B 442 -27.25 -98.80 24.98
CA PHE B 442 -26.98 -98.12 26.22
C PHE B 442 -25.91 -98.89 26.98
N TRP B 443 -25.32 -98.23 27.97
CA TRP B 443 -24.35 -98.87 28.83
C TRP B 443 -25.03 -99.60 29.95
N GLY B 444 -24.62 -100.83 30.19
CA GLY B 444 -25.03 -101.57 31.35
C GLY B 444 -24.13 -101.25 32.52
N LYS B 445 -24.34 -101.98 33.60
CA LYS B 445 -23.40 -101.96 34.69
C LYS B 445 -22.05 -102.46 34.17
N ASP B 446 -20.97 -101.94 34.74
CA ASP B 446 -19.62 -102.05 34.17
C ASP B 446 -19.62 -101.34 32.82
N HIS B 447 -18.99 -101.90 31.80
CA HIS B 447 -18.95 -101.24 30.48
C HIS B 447 -20.15 -101.69 29.68
N GLN B 448 -20.13 -102.95 29.23
CA GLN B 448 -21.31 -103.68 28.84
C GLN B 448 -22.25 -102.81 28.04
N VAL B 449 -21.90 -102.48 26.80
CA VAL B 449 -22.85 -101.76 25.96
C VAL B 449 -23.91 -102.75 25.52
N LEU B 450 -25.16 -102.36 25.70
CA LEU B 450 -26.30 -103.24 25.64
C LEU B 450 -27.25 -102.79 24.55
N ARG B 451 -28.15 -103.70 24.16
CA ARG B 451 -29.09 -103.40 23.10
C ARG B 451 -30.45 -104.00 23.44
N LEU B 452 -31.47 -103.21 23.18
CA LEU B 452 -32.77 -103.62 23.48
C LEU B 452 -33.37 -104.20 22.28
N SER B 453 -33.78 -103.35 21.33
CA SER B 453 -34.42 -103.69 20.06
C SER B 453 -35.87 -104.15 20.14
N MET B 454 -36.59 -104.11 19.04
CA MET B 454 -37.94 -104.60 19.08
C MET B 454 -38.07 -106.11 19.28
N GLU B 455 -37.25 -106.94 18.67
CA GLU B 455 -37.44 -108.36 18.86
C GLU B 455 -37.56 -108.67 20.32
N ASN B 456 -37.11 -107.72 21.13
CA ASN B 456 -37.12 -107.80 22.58
C ASN B 456 -38.52 -107.61 23.13
N ALA B 457 -39.38 -106.90 22.39
CA ALA B 457 -40.72 -106.56 22.84
C ALA B 457 -41.71 -107.68 22.60
N VAL B 458 -41.26 -108.84 22.12
CA VAL B 458 -42.17 -109.87 21.65
C VAL B 458 -43.02 -110.41 22.80
N GLY B 459 -42.43 -110.58 23.98
CA GLY B 459 -43.20 -111.16 25.06
C GLY B 459 -44.30 -110.26 25.58
N THR B 460 -44.34 -109.01 25.15
CA THR B 460 -45.35 -108.05 25.56
C THR B 460 -46.50 -108.00 24.56
N VAL B 461 -46.19 -107.64 23.32
CA VAL B 461 -47.20 -107.37 22.32
C VAL B 461 -47.64 -108.63 21.59
N CYS B 462 -46.88 -109.71 21.64
CA CYS B 462 -47.21 -110.98 21.01
C CYS B 462 -47.99 -111.90 21.93
N HIS B 463 -48.59 -111.37 22.96
CA HIS B 463 -49.41 -112.07 23.90
C HIS B 463 -50.86 -111.72 23.65
N PRO B 464 -51.81 -112.61 23.89
CA PRO B 464 -53.19 -112.27 23.54
C PRO B 464 -53.79 -111.36 24.59
N SER B 465 -52.98 -110.42 25.05
CA SER B 465 -53.47 -109.27 25.78
C SER B 465 -53.51 -108.03 24.92
N LEU B 466 -52.95 -108.20 23.75
CA LEU B 466 -52.92 -107.22 22.70
C LEU B 466 -54.28 -107.00 22.10
N MET B 467 -55.03 -108.08 21.98
CA MET B 467 -56.33 -108.15 21.32
C MET B 467 -57.54 -108.13 22.22
N ASN B 468 -57.42 -107.52 23.38
CA ASN B 468 -58.50 -107.45 24.34
C ASN B 468 -59.11 -106.06 24.42
N ILE B 469 -60.43 -105.89 24.31
CA ILE B 469 -60.88 -104.53 24.52
C ILE B 469 -62.12 -104.45 25.38
N ASP B 470 -62.62 -105.58 25.88
CA ASP B 470 -63.97 -105.62 26.43
C ASP B 470 -64.17 -104.63 27.57
N ALA B 471 -63.10 -104.33 28.31
CA ALA B 471 -63.20 -103.28 29.32
C ALA B 471 -63.31 -101.92 28.67
N ALA B 472 -62.48 -101.67 27.65
CA ALA B 472 -62.56 -100.41 26.92
C ALA B 472 -63.96 -100.19 26.37
N VAL B 473 -64.38 -101.06 25.44
CA VAL B 473 -65.65 -100.87 24.76
C VAL B 473 -66.81 -100.75 25.73
N GLY B 474 -66.75 -101.51 26.83
CA GLY B 474 -67.77 -101.38 27.85
C GLY B 474 -67.59 -100.13 28.68
N GLY B 475 -66.36 -99.67 28.82
CA GLY B 475 -66.07 -98.52 29.64
C GLY B 475 -66.16 -97.21 28.89
N VAL B 476 -65.98 -97.26 27.58
CA VAL B 476 -66.19 -96.06 26.78
C VAL B 476 -67.64 -95.93 26.35
N ASN B 477 -68.43 -96.99 26.48
CA ASN B 477 -69.79 -96.98 25.98
C ASN B 477 -70.71 -96.13 26.86
N HIS B 478 -70.54 -96.21 28.18
CA HIS B 478 -71.45 -95.51 29.07
C HIS B 478 -71.34 -94.00 28.87
N ASP B 479 -72.37 -93.28 29.33
CA ASP B 479 -72.61 -91.90 28.95
C ASP B 479 -72.83 -91.84 27.45
N PRO B 480 -73.99 -92.28 26.97
CA PRO B 480 -74.18 -92.52 25.53
C PRO B 480 -73.99 -91.27 24.69
N VAL B 481 -73.75 -91.51 23.42
CA VAL B 481 -73.55 -90.50 22.40
C VAL B 481 -74.38 -90.89 21.20
N GLU B 482 -74.72 -89.91 20.36
CA GLU B 482 -75.53 -90.18 19.19
C GLU B 482 -74.69 -90.12 17.92
N ALA B 483 -74.74 -91.19 17.14
CA ALA B 483 -73.98 -91.25 15.91
C ALA B 483 -74.50 -90.22 14.93
N ALA B 484 -73.60 -89.47 14.31
CA ALA B 484 -74.00 -88.47 13.35
C ALA B 484 -73.27 -88.71 12.04
N ASN B 485 -74.03 -88.74 10.94
CA ASN B 485 -73.47 -88.97 9.62
C ASN B 485 -72.48 -90.13 9.69
N PRO B 486 -73.04 -91.34 10.07
CA PRO B 486 -72.07 -92.42 10.19
C PRO B 486 -71.76 -92.87 8.78
N TYR B 487 -71.10 -91.99 8.06
CA TYR B 487 -70.77 -92.32 6.69
C TYR B 487 -69.81 -93.50 6.62
N GLY B 488 -68.76 -93.50 7.42
CA GLY B 488 -67.89 -94.64 7.45
C GLY B 488 -68.20 -95.64 8.53
N ALA B 489 -69.20 -95.37 9.37
CA ALA B 489 -69.53 -96.23 10.47
C ALA B 489 -70.69 -97.18 10.18
N TYR B 490 -71.22 -97.15 8.97
CA TYR B 490 -72.42 -97.91 8.63
C TYR B 490 -72.19 -98.69 7.35
N VAL B 491 -72.69 -99.92 7.32
CA VAL B 491 -72.62 -100.78 6.15
C VAL B 491 -74.04 -101.15 5.74
N ALA B 492 -74.31 -101.09 4.44
CA ALA B 492 -75.64 -101.29 3.91
C ALA B 492 -75.71 -102.58 3.09
N ALA B 493 -76.88 -103.15 3.03
CA ALA B 493 -77.14 -104.26 2.14
C ALA B 493 -77.28 -103.74 0.71
N PRO B 494 -76.47 -104.23 -0.23
CA PRO B 494 -76.63 -103.80 -1.62
C PRO B 494 -78.03 -104.15 -2.10
N ALA B 495 -78.71 -103.18 -2.67
CA ALA B 495 -80.10 -103.35 -3.07
C ALA B 495 -80.26 -102.94 -4.52
N GLY B 496 -81.23 -103.56 -5.18
CA GLY B 496 -81.52 -103.28 -6.57
C GLY B 496 -80.34 -103.59 -7.46
N PRO B 497 -80.40 -103.10 -8.69
CA PRO B 497 -79.29 -103.33 -9.62
C PRO B 497 -78.06 -102.56 -9.18
N GLY B 498 -76.99 -102.73 -9.95
CA GLY B 498 -75.75 -102.07 -9.64
C GLY B 498 -75.65 -100.72 -10.32
N ALA B 499 -76.40 -100.55 -11.40
CA ALA B 499 -76.30 -99.33 -12.19
C ALA B 499 -76.67 -98.11 -11.38
N ASP B 500 -77.71 -98.22 -10.56
CA ASP B 500 -78.21 -97.11 -9.78
C ASP B 500 -77.68 -97.08 -8.36
N MET B 501 -76.83 -98.04 -8.00
CA MET B 501 -76.49 -98.22 -6.59
C MET B 501 -75.86 -96.97 -6.00
N GLN B 502 -75.02 -96.29 -6.78
CA GLN B 502 -74.51 -95.02 -6.28
C GLN B 502 -75.50 -93.89 -6.50
N GLN B 503 -76.19 -93.89 -7.64
CA GLN B 503 -77.21 -92.89 -7.86
C GLN B 503 -78.22 -92.87 -6.73
N ARG B 504 -78.72 -94.04 -6.35
CA ARG B 504 -79.65 -94.14 -5.24
C ARG B 504 -78.97 -93.87 -3.91
N PHE B 505 -77.65 -93.88 -3.87
CA PHE B 505 -76.93 -93.63 -2.63
C PHE B 505 -76.96 -92.16 -2.26
N LEU B 506 -76.40 -91.32 -3.13
CA LEU B 506 -76.37 -89.89 -2.92
C LEU B 506 -77.75 -89.32 -2.62
N ASN B 507 -78.80 -89.96 -3.12
CA ASN B 507 -80.14 -89.52 -2.76
C ASN B 507 -80.54 -90.04 -1.39
N ALA B 508 -80.20 -91.29 -1.08
CA ALA B 508 -80.41 -91.79 0.28
C ALA B 508 -79.62 -90.97 1.27
N TRP B 509 -78.36 -90.68 0.96
CA TRP B 509 -77.49 -89.95 1.87
C TRP B 509 -77.16 -88.45 1.65
N ARG B 510 -77.99 -87.60 1.03
CA ARG B 510 -77.48 -86.26 0.85
C ARG B 510 -77.63 -85.41 2.09
N GLN B 511 -78.48 -85.81 3.03
CA GLN B 511 -78.92 -84.89 4.07
C GLN B 511 -77.93 -84.83 5.21
N ARG B 512 -77.59 -85.98 5.77
CA ARG B 512 -76.61 -86.08 6.82
C ARG B 512 -75.25 -86.51 6.31
N LEU B 513 -75.12 -86.71 5.02
CA LEU B 513 -73.81 -86.83 4.41
C LEU B 513 -73.18 -85.46 4.31
N ALA B 514 -73.84 -84.54 3.60
CA ALA B 514 -73.35 -83.16 3.54
C ALA B 514 -73.49 -82.43 4.86
N HIS B 515 -74.31 -82.92 5.79
CA HIS B 515 -74.55 -82.20 7.04
C HIS B 515 -73.29 -81.95 7.84
N GLY B 516 -72.75 -83.00 8.45
CA GLY B 516 -71.65 -82.85 9.38
C GLY B 516 -70.31 -83.26 8.78
N ARG B 517 -69.26 -83.01 9.57
CA ARG B 517 -67.91 -83.37 9.19
C ARG B 517 -67.66 -84.82 9.56
N VAL B 518 -67.11 -85.59 8.61
CA VAL B 518 -66.88 -87.01 8.84
C VAL B 518 -65.71 -87.18 9.79
N ARG B 519 -65.76 -88.15 10.69
CA ARG B 519 -64.63 -88.34 11.60
C ARG B 519 -63.30 -88.75 10.97
N TRP B 520 -63.32 -89.56 9.92
CA TRP B 520 -62.07 -90.07 9.32
C TRP B 520 -61.06 -89.16 8.68
N VAL B 521 -61.42 -87.96 8.27
CA VAL B 521 -60.41 -87.07 7.69
C VAL B 521 -59.68 -86.30 8.81
N ALA B 522 -58.87 -87.07 9.56
CA ALA B 522 -58.02 -86.65 10.66
C ALA B 522 -56.66 -86.64 10.02
N GLU B 523 -56.74 -86.73 8.72
CA GLU B 523 -55.68 -86.71 7.73
C GLU B 523 -54.99 -85.36 7.68
N CYS B 524 -55.75 -84.29 7.86
CA CYS B 524 -55.21 -82.94 7.78
C CYS B 524 -54.32 -82.61 8.97
N GLN B 525 -54.44 -83.34 10.07
CA GLN B 525 -53.76 -82.97 11.31
C GLN B 525 -52.30 -83.37 11.32
N MET B 526 -51.50 -82.51 11.92
CA MET B 526 -50.09 -82.76 12.09
C MET B 526 -50.12 -83.71 13.25
N THR B 527 -49.02 -84.36 13.53
CA THR B 527 -48.99 -85.26 14.66
C THR B 527 -48.39 -84.26 15.61
N ALA B 528 -49.19 -83.82 16.57
CA ALA B 528 -48.86 -82.80 17.57
C ALA B 528 -50.17 -82.08 17.80
N GLU B 529 -50.90 -81.87 16.70
CA GLU B 529 -52.22 -81.27 16.69
C GLU B 529 -53.24 -82.24 17.25
N GLN B 530 -53.05 -83.52 16.93
CA GLN B 530 -53.93 -84.58 17.41
C GLN B 530 -53.80 -84.78 18.90
N PHE B 531 -52.64 -84.48 19.46
CA PHE B 531 -52.36 -84.75 20.86
C PHE B 531 -52.87 -83.68 21.79
N MET B 532 -53.55 -82.67 21.28
CA MET B 532 -53.86 -81.50 22.08
C MET B 532 -55.35 -81.47 22.40
N GLN B 533 -55.68 -80.83 23.52
CA GLN B 533 -57.04 -80.90 24.06
C GLN B 533 -58.06 -80.28 23.14
N PRO B 534 -57.83 -79.05 22.75
CA PRO B 534 -58.77 -78.56 21.76
C PRO B 534 -58.38 -79.21 20.45
N ASP B 535 -59.31 -79.22 19.53
CA ASP B 535 -59.06 -79.66 18.17
C ASP B 535 -58.67 -81.10 17.89
N ASN B 536 -59.06 -82.02 18.75
CA ASN B 536 -58.91 -83.40 18.42
C ASN B 536 -59.97 -83.82 19.34
N ALA B 537 -61.17 -83.27 19.29
CA ALA B 537 -61.95 -83.74 20.42
C ALA B 537 -62.19 -85.23 20.37
N ASN B 538 -61.84 -85.87 19.26
CA ASN B 538 -61.94 -87.31 19.13
C ASN B 538 -60.71 -88.03 19.65
N LEU B 539 -59.75 -87.29 20.21
CA LEU B 539 -58.61 -87.91 20.88
C LEU B 539 -59.06 -88.97 21.87
N ALA B 540 -60.12 -88.69 22.63
CA ALA B 540 -60.55 -89.61 23.67
C ALA B 540 -60.92 -90.97 23.12
N LEU B 541 -61.03 -91.12 21.81
CA LEU B 541 -61.32 -92.41 21.20
C LEU B 541 -60.13 -93.09 20.57
N GLU B 542 -58.92 -92.55 20.69
CA GLU B 542 -57.76 -93.31 20.24
C GLU B 542 -57.19 -93.93 21.51
N LEU B 543 -57.66 -95.13 21.79
CA LEU B 543 -57.24 -95.90 22.95
C LEU B 543 -56.12 -96.87 22.66
N HIS B 544 -56.18 -97.57 21.55
CA HIS B 544 -55.43 -98.79 21.40
C HIS B 544 -54.82 -98.84 20.00
N PRO B 545 -53.61 -99.40 19.87
CA PRO B 545 -52.99 -99.47 18.55
C PRO B 545 -53.80 -100.22 17.52
N ALA B 546 -54.30 -101.38 17.89
CA ALA B 546 -54.83 -102.36 16.94
C ALA B 546 -56.30 -102.17 16.62
N PHE B 547 -57.00 -101.27 17.30
CA PHE B 547 -58.43 -101.13 17.12
C PHE B 547 -58.82 -99.70 16.84
N ASP B 548 -59.96 -99.53 16.18
CA ASP B 548 -60.59 -98.23 15.98
C ASP B 548 -61.83 -98.15 16.85
N PHE B 549 -61.91 -97.13 17.70
CA PHE B 549 -63.10 -96.87 18.48
C PHE B 549 -63.80 -95.69 17.82
N PHE B 550 -64.96 -95.94 17.25
CA PHE B 550 -65.74 -94.91 16.58
C PHE B 550 -67.17 -94.98 17.09
N ALA B 551 -67.94 -93.96 16.74
CA ALA B 551 -69.31 -93.84 17.22
C ALA B 551 -70.24 -94.31 16.11
N GLY B 552 -70.86 -95.47 16.31
CA GLY B 552 -71.83 -96.00 15.39
C GLY B 552 -73.25 -95.90 15.91
N VAL B 553 -74.17 -96.47 15.14
CA VAL B 553 -75.54 -96.63 15.60
C VAL B 553 -75.61 -97.76 16.60
N ALA B 554 -76.69 -97.76 17.39
CA ALA B 554 -76.71 -98.61 18.58
C ALA B 554 -77.04 -100.07 18.25
N ASP B 555 -78.29 -100.34 17.93
CA ASP B 555 -78.77 -101.72 17.84
C ASP B 555 -78.75 -102.28 16.43
N VAL B 556 -78.22 -101.54 15.46
CA VAL B 556 -78.30 -101.96 14.07
C VAL B 556 -77.30 -103.09 13.83
N GLU B 557 -77.80 -104.22 13.35
CA GLU B 557 -76.92 -105.19 12.73
C GLU B 557 -76.52 -104.67 11.36
N LEU B 558 -75.21 -104.67 11.09
CA LEU B 558 -74.70 -103.92 9.95
C LEU B 558 -75.22 -104.40 8.61
N PRO B 559 -74.96 -105.64 8.19
CA PRO B 559 -75.21 -105.98 6.78
C PRO B 559 -76.69 -105.90 6.46
N GLY B 560 -77.20 -104.69 6.72
CA GLY B 560 -78.59 -104.34 6.49
C GLY B 560 -78.79 -102.85 6.39
N GLY B 561 -79.93 -102.45 5.83
CA GLY B 561 -80.32 -101.05 5.73
C GLY B 561 -79.93 -100.30 4.48
N GLU B 562 -80.71 -99.29 4.13
CA GLU B 562 -80.40 -98.43 2.98
C GLU B 562 -79.86 -97.16 3.60
N VAL B 563 -80.56 -96.70 4.63
CA VAL B 563 -80.18 -95.55 5.44
C VAL B 563 -80.30 -96.04 6.87
N PRO B 564 -79.47 -95.54 7.77
CA PRO B 564 -79.44 -96.10 9.13
C PRO B 564 -80.65 -95.67 9.93
N PRO B 565 -81.33 -96.60 10.56
CA PRO B 565 -82.44 -96.22 11.44
C PRO B 565 -81.89 -95.54 12.66
N ALA B 566 -81.46 -94.29 12.48
CA ALA B 566 -80.66 -93.63 13.51
C ALA B 566 -81.40 -93.59 14.82
N GLY B 567 -80.81 -94.21 15.84
CA GLY B 567 -81.24 -94.09 17.21
C GLY B 567 -80.20 -93.32 17.99
N PRO B 568 -80.12 -93.58 19.28
CA PRO B 568 -78.97 -93.08 20.04
C PRO B 568 -77.69 -93.73 19.54
N GLY B 569 -76.67 -92.92 19.32
CA GLY B 569 -75.39 -93.46 18.91
C GLY B 569 -74.74 -94.27 20.01
N ALA B 570 -74.11 -95.36 19.61
CA ALA B 570 -73.30 -96.16 20.51
C ALA B 570 -71.90 -96.26 19.93
N ILE B 571 -70.96 -96.62 20.78
CA ILE B 571 -69.56 -96.58 20.40
C ILE B 571 -69.01 -97.99 20.40
N GLN B 572 -68.16 -98.28 19.42
CA GLN B 572 -67.77 -99.66 19.20
C GLN B 572 -66.39 -99.72 18.60
N ALA B 573 -65.74 -100.86 18.80
CA ALA B 573 -64.40 -101.11 18.30
C ALA B 573 -64.46 -101.96 17.05
N THR B 574 -63.55 -101.70 16.13
CA THR B 574 -63.31 -102.57 15.01
C THR B 574 -61.81 -102.72 14.86
N TRP B 575 -61.37 -103.83 14.32
CA TRP B 575 -59.98 -104.21 14.40
C TRP B 575 -59.23 -103.65 13.21
N ARG B 576 -58.33 -102.70 13.46
CA ARG B 576 -57.46 -102.22 12.40
C ARG B 576 -56.72 -103.41 11.82
N VAL B 577 -56.85 -103.59 10.52
CA VAL B 577 -56.34 -104.84 9.97
C VAL B 577 -54.83 -104.80 9.88
N VAL B 578 -54.30 -103.86 9.12
CA VAL B 578 -52.89 -103.83 8.80
C VAL B 578 -52.26 -102.60 9.42
N ASN B 579 -50.94 -102.68 9.66
CA ASN B 579 -50.29 -101.61 10.37
C ASN B 579 -50.31 -100.30 9.61
N GLY B 580 -50.79 -100.30 8.37
CA GLY B 580 -50.98 -99.07 7.64
C GLY B 580 -52.25 -98.34 7.95
N ASN B 581 -53.17 -98.96 8.69
CA ASN B 581 -54.46 -98.35 9.00
C ASN B 581 -54.40 -97.41 10.18
N LEU B 582 -53.23 -97.22 10.78
CA LEU B 582 -53.11 -96.27 11.91
C LEU B 582 -53.11 -94.86 11.35
N PRO B 583 -53.58 -93.89 12.10
CA PRO B 583 -53.70 -92.56 11.48
C PRO B 583 -52.35 -91.97 11.10
N LEU B 584 -52.36 -91.20 10.01
CA LEU B 584 -51.12 -90.59 9.57
C LEU B 584 -50.51 -89.69 10.63
N ALA B 585 -51.35 -89.07 11.46
CA ALA B 585 -50.81 -88.18 12.47
C ALA B 585 -49.93 -88.94 13.45
N LEU B 586 -50.29 -90.19 13.75
CA LEU B 586 -49.48 -91.01 14.62
C LEU B 586 -48.30 -91.66 13.89
N CYS B 587 -48.53 -92.15 12.66
CA CYS B 587 -47.47 -92.73 11.83
C CYS B 587 -47.36 -91.90 10.57
N PRO B 588 -46.52 -90.86 10.57
CA PRO B 588 -46.53 -89.88 9.48
C PRO B 588 -46.26 -90.52 8.13
N VAL B 589 -46.67 -89.81 7.08
CA VAL B 589 -46.25 -90.19 5.74
C VAL B 589 -44.74 -90.23 5.63
N ALA B 590 -44.06 -89.26 6.21
CA ALA B 590 -42.62 -89.15 6.08
C ALA B 590 -41.88 -90.23 6.84
N PHE B 591 -42.47 -90.76 7.91
CA PHE B 591 -41.98 -92.00 8.48
C PHE B 591 -42.25 -93.14 7.54
N ARG B 592 -43.51 -93.25 7.15
CA ARG B 592 -44.01 -94.40 6.44
C ARG B 592 -43.31 -94.59 5.12
N ASP B 593 -42.86 -93.50 4.51
CA ASP B 593 -42.05 -93.55 3.30
C ASP B 593 -40.59 -93.88 3.58
N ALA B 594 -40.14 -93.74 4.81
CA ALA B 594 -38.74 -94.01 5.11
C ALA B 594 -38.47 -95.49 5.28
N ARG B 595 -39.45 -96.27 5.74
CA ARG B 595 -39.27 -97.72 5.74
C ARG B 595 -39.60 -98.34 4.41
N GLY B 596 -40.27 -97.62 3.52
CA GLY B 596 -40.35 -98.07 2.15
C GLY B 596 -39.02 -98.02 1.45
N LEU B 597 -38.24 -96.96 1.68
CA LEU B 597 -36.86 -96.93 1.21
C LEU B 597 -36.00 -97.97 1.90
N GLU B 598 -36.37 -98.41 3.09
CA GLU B 598 -35.59 -99.44 3.77
C GLU B 598 -35.84 -100.81 3.20
N LEU B 599 -37.08 -101.07 2.81
CA LEU B 599 -37.40 -102.35 2.19
C LEU B 599 -36.93 -102.41 0.75
N GLY B 600 -36.89 -101.28 0.08
CA GLY B 600 -36.58 -101.29 -1.32
C GLY B 600 -35.11 -101.20 -1.64
N VAL B 601 -34.24 -101.55 -0.70
CA VAL B 601 -32.81 -101.65 -0.97
C VAL B 601 -32.48 -103.06 -1.40
N GLY B 602 -31.77 -103.17 -2.52
CA GLY B 602 -31.44 -104.48 -3.05
C GLY B 602 -32.59 -105.22 -3.65
N ARG B 603 -33.80 -104.66 -3.66
CA ARG B 603 -34.94 -105.31 -4.28
C ARG B 603 -35.26 -104.62 -5.60
N HIS B 604 -36.28 -105.12 -6.28
CA HIS B 604 -36.59 -104.68 -7.63
C HIS B 604 -36.99 -103.21 -7.65
N ALA B 605 -36.62 -102.52 -8.72
CA ALA B 605 -37.01 -101.13 -8.92
C ALA B 605 -37.40 -100.96 -10.38
N MET B 606 -38.63 -100.50 -10.62
CA MET B 606 -39.07 -100.24 -11.98
C MET B 606 -38.27 -99.12 -12.59
N ALA B 607 -37.90 -99.29 -13.87
CA ALA B 607 -37.08 -98.32 -14.55
C ALA B 607 -37.82 -96.99 -14.62
N PRO B 608 -37.09 -95.88 -14.81
CA PRO B 608 -37.78 -94.61 -14.98
C PRO B 608 -38.52 -94.50 -16.30
N ALA B 609 -38.14 -95.29 -17.29
CA ALA B 609 -38.83 -95.26 -18.57
C ALA B 609 -40.14 -96.01 -18.53
N THR B 610 -40.25 -97.02 -17.68
CA THR B 610 -41.52 -97.69 -17.49
C THR B 610 -42.42 -96.92 -16.54
N ILE B 611 -41.86 -96.06 -15.71
CA ILE B 611 -42.69 -95.29 -14.80
C ILE B 611 -43.33 -94.13 -15.54
N ALA B 612 -42.57 -93.47 -16.41
CA ALA B 612 -43.15 -92.39 -17.20
C ALA B 612 -44.16 -92.92 -18.20
N ALA B 613 -43.95 -94.12 -18.72
CA ALA B 613 -44.86 -94.68 -19.70
C ALA B 613 -46.16 -95.15 -19.06
N VAL B 614 -46.09 -95.73 -17.88
CA VAL B 614 -47.30 -96.18 -17.20
C VAL B 614 -48.01 -95.01 -16.55
N ARG B 615 -47.27 -94.11 -15.91
CA ARG B 615 -47.92 -92.97 -15.29
C ARG B 615 -48.64 -92.12 -16.32
N GLY B 616 -48.12 -92.08 -17.55
CA GLY B 616 -48.77 -91.33 -18.60
C GLY B 616 -50.11 -91.89 -19.00
N ALA B 617 -50.27 -93.21 -18.94
CA ALA B 617 -51.57 -93.81 -19.25
C ALA B 617 -52.63 -93.37 -18.24
N PHE B 618 -52.31 -93.47 -16.96
CA PHE B 618 -53.26 -93.07 -15.93
C PHE B 618 -53.58 -91.59 -16.00
N GLU B 619 -52.65 -90.77 -16.47
CA GLU B 619 -52.83 -89.32 -16.51
C GLU B 619 -53.41 -88.86 -17.84
N ASP B 620 -53.80 -89.79 -18.69
CA ASP B 620 -54.13 -89.52 -20.09
C ASP B 620 -55.63 -89.26 -20.21
N ARG B 621 -55.99 -88.02 -20.56
CA ARG B 621 -57.36 -87.68 -20.91
C ARG B 621 -57.80 -88.29 -22.22
N SER B 622 -56.87 -88.48 -23.14
CA SER B 622 -57.15 -88.87 -24.51
C SER B 622 -57.09 -90.37 -24.68
N TYR B 623 -56.93 -91.08 -23.57
CA TYR B 623 -56.85 -92.53 -23.62
C TYR B 623 -58.09 -93.08 -24.31
N PRO B 624 -57.95 -93.74 -25.45
CA PRO B 624 -59.11 -94.00 -26.30
C PRO B 624 -60.05 -95.02 -25.69
N ALA B 625 -61.32 -94.91 -26.08
CA ALA B 625 -62.35 -95.77 -25.53
C ALA B 625 -62.43 -97.11 -26.23
N VAL B 626 -61.77 -97.28 -27.37
CA VAL B 626 -61.60 -98.61 -27.93
C VAL B 626 -60.94 -99.53 -26.93
N PHE B 627 -60.17 -98.97 -26.00
CA PHE B 627 -59.43 -99.78 -25.05
C PHE B 627 -60.31 -100.28 -23.92
N TYR B 628 -61.17 -99.43 -23.37
CA TYR B 628 -62.05 -99.89 -22.30
C TYR B 628 -63.04 -100.92 -22.80
N LEU B 629 -63.46 -100.83 -24.06
CA LEU B 629 -64.41 -101.79 -24.58
C LEU B 629 -63.76 -103.15 -24.80
N LEU B 630 -62.63 -103.18 -25.50
CA LEU B 630 -61.92 -104.44 -25.71
C LEU B 630 -61.60 -105.11 -24.38
N GLN B 631 -61.16 -104.32 -23.41
CA GLN B 631 -60.92 -104.83 -22.08
C GLN B 631 -62.16 -105.49 -21.50
N ALA B 632 -63.31 -104.83 -21.62
CA ALA B 632 -64.55 -105.43 -21.15
C ALA B 632 -65.07 -106.48 -22.11
N ALA B 633 -64.60 -106.51 -23.35
CA ALA B 633 -64.93 -107.58 -24.26
C ALA B 633 -64.14 -108.84 -23.93
N ILE B 634 -62.83 -108.70 -23.76
CA ILE B 634 -61.99 -109.84 -23.39
C ILE B 634 -62.48 -110.45 -22.09
N HIS B 635 -63.01 -109.61 -21.20
CA HIS B 635 -63.60 -109.99 -19.92
C HIS B 635 -62.74 -111.02 -19.19
N GLY B 636 -61.43 -110.77 -19.15
CA GLY B 636 -60.54 -111.61 -18.38
C GLY B 636 -60.39 -113.02 -18.87
N SER B 637 -60.85 -113.32 -20.08
CA SER B 637 -60.80 -114.66 -20.62
C SER B 637 -59.51 -114.83 -21.39
N GLU B 638 -58.79 -115.91 -21.11
CA GLU B 638 -57.59 -116.21 -21.87
C GLU B 638 -57.95 -116.69 -23.27
N HIS B 639 -59.06 -117.42 -23.40
CA HIS B 639 -59.52 -117.85 -24.71
C HIS B 639 -59.85 -116.67 -25.58
N VAL B 640 -60.44 -115.62 -25.01
CA VAL B 640 -60.84 -114.48 -25.82
C VAL B 640 -59.64 -113.59 -26.13
N PHE B 641 -58.70 -113.45 -25.19
CA PHE B 641 -57.56 -112.58 -25.44
C PHE B 641 -56.82 -113.01 -26.68
N CYS B 642 -56.40 -114.28 -26.73
CA CYS B 642 -55.67 -114.75 -27.89
C CYS B 642 -56.51 -114.68 -29.15
N ALA B 643 -57.81 -114.95 -29.06
CA ALA B 643 -58.68 -114.80 -30.21
C ALA B 643 -58.49 -113.45 -30.88
N LEU B 644 -58.38 -112.40 -30.07
CA LEU B 644 -58.15 -111.04 -30.52
C LEU B 644 -56.69 -110.64 -30.51
N ALA B 645 -55.79 -111.57 -30.21
CA ALA B 645 -54.40 -111.21 -29.92
C ALA B 645 -53.75 -110.35 -30.99
N ARG B 646 -54.19 -110.47 -32.24
CA ARG B 646 -53.63 -109.58 -33.26
C ARG B 646 -54.27 -108.20 -33.18
N LEU B 647 -55.52 -108.13 -32.75
CA LEU B 647 -56.17 -106.83 -32.59
C LEU B 647 -55.56 -106.06 -31.44
N VAL B 648 -55.27 -106.74 -30.34
CA VAL B 648 -54.63 -106.10 -29.19
C VAL B 648 -53.33 -105.44 -29.60
N THR B 649 -52.42 -106.21 -30.17
CA THR B 649 -51.10 -105.69 -30.47
C THR B 649 -51.14 -104.60 -31.52
N GLN B 650 -52.23 -104.50 -32.27
CA GLN B 650 -52.38 -103.35 -33.16
C GLN B 650 -52.85 -102.13 -32.39
N CYS B 651 -53.65 -102.32 -31.35
CA CYS B 651 -54.03 -101.20 -30.51
C CYS B 651 -52.84 -100.66 -29.73
N ILE B 652 -52.04 -101.56 -29.16
CA ILE B 652 -50.90 -101.14 -28.37
C ILE B 652 -49.88 -100.44 -29.25
N THR B 653 -49.44 -101.11 -30.31
CA THR B 653 -48.44 -100.53 -31.19
C THR B 653 -48.89 -99.17 -31.71
N SER B 654 -50.17 -99.05 -32.03
CA SER B 654 -50.68 -97.76 -32.47
C SER B 654 -50.63 -96.75 -31.33
N TYR B 655 -51.14 -97.13 -30.17
CA TYR B 655 -51.22 -96.20 -29.05
C TYR B 655 -49.85 -95.83 -28.54
N TRP B 656 -48.94 -96.80 -28.44
CA TRP B 656 -47.57 -96.50 -28.05
C TRP B 656 -46.92 -95.53 -29.03
N ASN B 657 -47.24 -95.64 -30.31
CA ASN B 657 -46.59 -94.79 -31.28
C ASN B 657 -47.16 -93.39 -31.29
N ASN B 658 -48.45 -93.24 -30.97
CA ASN B 658 -49.01 -91.90 -30.86
C ASN B 658 -48.51 -91.21 -29.60
N THR B 659 -48.70 -91.85 -28.47
CA THR B 659 -48.19 -91.36 -27.19
C THR B 659 -47.38 -92.49 -26.60
N ARG B 660 -46.18 -92.20 -26.09
CA ARG B 660 -45.46 -93.31 -25.50
C ARG B 660 -46.11 -93.58 -24.15
N CYS B 661 -46.88 -94.66 -24.07
CA CYS B 661 -47.58 -95.04 -22.87
C CYS B 661 -47.95 -96.51 -22.99
N ALA B 662 -48.16 -97.15 -21.85
CA ALA B 662 -48.59 -98.54 -21.85
C ALA B 662 -50.11 -98.58 -21.83
N ALA B 663 -50.69 -99.37 -22.73
CA ALA B 663 -52.09 -99.24 -23.07
C ALA B 663 -53.03 -99.76 -21.99
N PHE B 664 -53.01 -101.05 -21.75
CA PHE B 664 -54.07 -101.72 -21.01
C PHE B 664 -53.82 -101.80 -19.53
N VAL B 665 -52.86 -101.03 -19.01
CA VAL B 665 -52.39 -101.14 -17.62
C VAL B 665 -53.50 -101.05 -16.58
N ASN B 666 -54.69 -100.61 -16.96
CA ASN B 666 -55.78 -100.62 -15.99
C ASN B 666 -56.23 -102.02 -15.62
N ASP B 667 -55.72 -103.05 -16.29
CA ASP B 667 -56.08 -104.43 -16.02
C ASP B 667 -54.82 -105.24 -15.83
N TYR B 668 -54.71 -105.94 -14.70
CA TYR B 668 -53.52 -106.76 -14.50
C TYR B 668 -53.62 -108.07 -15.25
N SER B 669 -54.81 -108.61 -15.42
CA SER B 669 -54.95 -109.83 -16.19
C SER B 669 -54.35 -109.64 -17.57
N LEU B 670 -54.84 -108.64 -18.32
CA LEU B 670 -54.30 -108.37 -19.64
C LEU B 670 -52.80 -108.20 -19.61
N VAL B 671 -52.29 -107.42 -18.65
CA VAL B 671 -50.85 -107.22 -18.56
C VAL B 671 -50.13 -108.53 -18.35
N SER B 672 -50.75 -109.49 -17.67
CA SER B 672 -50.16 -110.81 -17.56
C SER B 672 -50.29 -111.60 -18.85
N TYR B 673 -51.26 -111.28 -19.70
CA TYR B 673 -51.33 -111.90 -21.02
C TYR B 673 -50.40 -111.22 -22.01
N ILE B 674 -50.35 -109.90 -22.00
CA ILE B 674 -49.49 -109.18 -22.94
C ILE B 674 -48.05 -109.61 -22.77
N VAL B 675 -47.64 -109.95 -21.54
CA VAL B 675 -46.29 -110.46 -21.33
C VAL B 675 -46.18 -111.92 -21.70
N THR B 676 -47.25 -112.68 -21.54
CA THR B 676 -47.22 -114.11 -21.85
C THR B 676 -47.24 -114.35 -23.35
N TYR B 677 -48.33 -113.96 -24.00
CA TYR B 677 -48.56 -114.25 -25.40
C TYR B 677 -47.92 -113.26 -26.36
N LEU B 678 -47.96 -111.97 -26.06
CA LEU B 678 -47.60 -110.95 -27.03
C LEU B 678 -46.12 -110.65 -27.04
N GLY B 679 -45.31 -111.43 -26.34
CA GLY B 679 -43.90 -111.12 -26.20
C GLY B 679 -43.19 -110.84 -27.50
N GLY B 680 -43.57 -111.54 -28.56
CA GLY B 680 -42.90 -111.38 -29.83
C GLY B 680 -43.09 -110.06 -30.54
N ASP B 681 -44.34 -109.67 -30.79
CA ASP B 681 -44.61 -108.54 -31.69
C ASP B 681 -45.07 -107.33 -30.90
N LEU B 682 -44.13 -106.47 -30.61
CA LEU B 682 -44.24 -105.25 -29.85
C LEU B 682 -42.84 -104.67 -29.85
N PRO B 683 -42.67 -103.37 -30.11
CA PRO B 683 -41.33 -102.81 -30.00
C PRO B 683 -40.83 -102.93 -28.58
N GLU B 684 -39.64 -103.52 -28.43
CA GLU B 684 -39.17 -103.90 -27.10
C GLU B 684 -39.17 -102.73 -26.14
N GLU B 685 -39.13 -101.51 -26.67
CA GLU B 685 -39.29 -100.36 -25.79
C GLU B 685 -40.62 -100.41 -25.05
N CYS B 686 -41.70 -100.78 -25.75
CA CYS B 686 -42.98 -100.85 -25.04
C CYS B 686 -43.26 -102.20 -24.45
N MET B 687 -42.51 -103.23 -24.83
CA MET B 687 -42.66 -104.50 -24.16
C MET B 687 -41.93 -104.50 -22.85
N ALA B 688 -40.80 -103.81 -22.77
CA ALA B 688 -40.07 -103.71 -21.52
C ALA B 688 -40.89 -103.05 -20.43
N VAL B 689 -41.96 -102.35 -20.79
CA VAL B 689 -42.81 -101.72 -19.80
C VAL B 689 -43.69 -102.77 -19.12
N TYR B 690 -44.36 -103.60 -19.91
CA TYR B 690 -45.23 -104.63 -19.33
C TYR B 690 -44.41 -105.68 -18.62
N ARG B 691 -43.31 -106.09 -19.23
CA ARG B 691 -42.38 -107.01 -18.59
C ARG B 691 -41.98 -106.49 -17.22
N ASP B 692 -41.49 -105.25 -17.18
CA ASP B 692 -41.08 -104.64 -15.91
C ASP B 692 -42.25 -104.53 -14.94
N LEU B 693 -43.43 -104.22 -15.45
CA LEU B 693 -44.57 -104.04 -14.57
C LEU B 693 -44.98 -105.36 -13.93
N VAL B 694 -44.83 -106.47 -14.64
CA VAL B 694 -45.18 -107.76 -14.08
C VAL B 694 -44.10 -108.27 -13.14
N ALA B 695 -42.84 -107.99 -13.43
CA ALA B 695 -41.77 -108.42 -12.54
C ALA B 695 -41.82 -107.69 -11.21
N HIS B 696 -42.35 -106.47 -11.20
CA HIS B 696 -42.41 -105.72 -9.95
C HIS B 696 -43.54 -106.19 -9.07
N VAL B 697 -44.60 -106.77 -9.64
CA VAL B 697 -45.61 -107.39 -8.79
C VAL B 697 -45.02 -108.58 -8.07
N GLU B 698 -44.12 -109.32 -8.71
CA GLU B 698 -43.56 -110.51 -8.10
C GLU B 698 -42.45 -110.18 -7.15
N ALA B 699 -41.79 -109.04 -7.32
CA ALA B 699 -40.82 -108.62 -6.32
C ALA B 699 -41.51 -108.28 -5.02
N LEU B 700 -42.66 -107.63 -5.10
CA LEU B 700 -43.44 -107.35 -3.91
C LEU B 700 -43.96 -108.62 -3.28
N ALA B 701 -44.33 -109.59 -4.10
CA ALA B 701 -44.93 -110.80 -3.55
C ALA B 701 -43.93 -111.59 -2.72
N GLN B 702 -42.69 -111.66 -3.17
CA GLN B 702 -41.66 -112.39 -2.42
C GLN B 702 -41.16 -111.59 -1.23
N LEU B 703 -41.54 -110.33 -1.11
CA LEU B 703 -41.15 -109.54 0.04
C LEU B 703 -41.89 -109.96 1.30
N VAL B 704 -43.00 -110.67 1.17
CA VAL B 704 -43.69 -111.18 2.34
C VAL B 704 -42.90 -112.32 2.95
N ASP B 705 -42.31 -113.18 2.12
CA ASP B 705 -41.64 -114.36 2.62
C ASP B 705 -40.41 -114.00 3.43
N ASP B 706 -39.77 -112.88 3.11
CA ASP B 706 -38.62 -112.45 3.88
C ASP B 706 -39.00 -112.22 5.33
N PHE B 707 -40.17 -111.64 5.55
CA PHE B 707 -40.62 -111.25 6.88
C PHE B 707 -41.52 -112.28 7.54
N THR B 708 -41.66 -113.47 6.96
CA THR B 708 -42.44 -114.53 7.56
C THR B 708 -41.52 -115.58 8.15
N LEU B 709 -41.75 -115.92 9.33
CA LEU B 709 -41.09 -117.08 9.90
C LEU B 709 -41.92 -118.33 9.65
N PRO B 710 -41.31 -119.49 9.46
CA PRO B 710 -42.09 -120.68 9.16
C PRO B 710 -42.95 -121.08 10.35
N GLY B 711 -43.98 -121.87 10.06
CA GLY B 711 -44.87 -122.34 11.09
C GLY B 711 -45.98 -123.18 10.50
N PRO B 712 -46.78 -123.78 11.36
CA PRO B 712 -47.91 -124.57 10.87
C PRO B 712 -48.99 -123.70 10.27
N GLU B 713 -50.10 -124.31 9.88
CA GLU B 713 -51.27 -123.56 9.45
C GLU B 713 -52.18 -123.35 10.64
N LEU B 714 -52.61 -122.12 10.84
CA LEU B 714 -53.49 -121.77 11.95
C LEU B 714 -54.88 -121.47 11.40
N GLY B 715 -55.86 -122.28 11.78
CA GLY B 715 -57.19 -122.10 11.25
C GLY B 715 -57.33 -122.42 9.78
N GLY B 716 -56.33 -123.06 9.19
CA GLY B 716 -56.32 -123.37 7.78
C GLY B 716 -55.55 -122.40 6.93
N GLN B 717 -55.33 -121.18 7.43
CA GLN B 717 -54.54 -120.20 6.70
C GLN B 717 -53.05 -120.42 6.96
N ALA B 718 -52.25 -120.10 5.96
CA ALA B 718 -50.82 -120.27 6.07
C ALA B 718 -50.25 -119.23 7.02
N GLN B 719 -48.93 -119.25 7.17
CA GLN B 719 -48.29 -118.22 8.00
C GLN B 719 -48.18 -116.90 7.27
N ALA B 720 -47.82 -116.94 5.99
CA ALA B 720 -47.77 -115.70 5.22
C ALA B 720 -49.14 -115.06 5.12
N GLU B 721 -50.21 -115.85 5.23
CA GLU B 721 -51.55 -115.31 5.19
C GLU B 721 -51.96 -114.68 6.52
N LEU B 722 -51.46 -115.19 7.63
CA LEU B 722 -51.71 -114.54 8.90
C LEU B 722 -50.85 -113.31 9.10
N ASN B 723 -49.76 -113.20 8.35
CA ASN B 723 -48.80 -112.12 8.51
C ASN B 723 -49.16 -110.93 7.65
N HIS B 724 -49.24 -111.12 6.35
CA HIS B 724 -49.44 -110.03 5.41
C HIS B 724 -50.84 -110.12 4.81
N LEU B 725 -51.37 -108.98 4.41
CA LEU B 725 -52.75 -108.92 3.93
C LEU B 725 -52.91 -109.40 2.50
N MET B 726 -51.90 -109.20 1.66
CA MET B 726 -52.01 -109.63 0.28
C MET B 726 -52.00 -111.13 0.12
N ARG B 727 -51.33 -111.85 1.00
CA ARG B 727 -51.41 -113.30 0.96
C ARG B 727 -52.75 -113.80 1.47
N ASP B 728 -53.46 -113.00 2.19
CA ASP B 728 -54.61 -113.48 2.93
C ASP B 728 -55.80 -113.63 2.00
N PRO B 729 -56.39 -114.84 1.87
CA PRO B 729 -57.52 -115.02 0.95
C PRO B 729 -58.76 -114.24 1.34
N ALA B 730 -58.84 -113.70 2.55
CA ALA B 730 -60.02 -112.92 2.91
C ALA B 730 -60.21 -111.77 1.95
N LEU B 731 -59.32 -110.79 1.98
CA LEU B 731 -59.40 -109.70 1.03
C LEU B 731 -59.27 -110.25 -0.39
N LEU B 732 -60.20 -109.88 -1.25
CA LEU B 732 -60.09 -110.21 -2.65
C LEU B 732 -60.07 -108.92 -3.46
N PRO B 733 -59.44 -108.92 -4.63
CA PRO B 733 -59.19 -107.66 -5.32
C PRO B 733 -60.49 -106.97 -5.69
N PRO B 734 -60.46 -105.65 -5.89
CA PRO B 734 -61.72 -104.93 -6.14
C PRO B 734 -62.43 -105.40 -7.40
N LEU B 735 -61.69 -105.93 -8.37
CA LEU B 735 -62.24 -106.28 -9.67
C LEU B 735 -61.84 -107.72 -9.96
N VAL B 736 -62.82 -108.62 -10.01
CA VAL B 736 -62.55 -110.05 -10.09
C VAL B 736 -63.33 -110.64 -11.25
N TRP B 737 -62.64 -111.00 -12.32
CA TRP B 737 -63.35 -111.49 -13.51
C TRP B 737 -63.83 -112.93 -13.37
N ASP B 738 -63.27 -113.70 -12.43
CA ASP B 738 -63.57 -115.11 -12.30
C ASP B 738 -64.02 -115.40 -10.88
N CYS B 739 -64.51 -116.59 -10.64
CA CYS B 739 -64.97 -116.94 -9.33
C CYS B 739 -63.96 -117.73 -8.53
N ASP B 740 -62.76 -117.96 -9.08
CA ASP B 740 -61.67 -118.61 -8.34
C ASP B 740 -61.45 -117.91 -7.00
N GLY B 741 -61.43 -116.58 -7.01
CA GLY B 741 -61.21 -115.85 -5.79
C GLY B 741 -62.20 -116.22 -4.70
N LEU B 742 -63.48 -116.34 -5.06
CA LEU B 742 -64.46 -116.70 -4.06
C LEU B 742 -64.39 -118.18 -3.72
N MET B 743 -63.98 -119.02 -4.67
CA MET B 743 -63.91 -120.46 -4.40
C MET B 743 -63.12 -120.74 -3.14
N ARG B 744 -61.87 -120.28 -3.10
CA ARG B 744 -61.05 -120.49 -1.92
C ARG B 744 -61.52 -119.63 -0.76
N HIS B 745 -61.86 -118.38 -1.03
CA HIS B 745 -62.31 -117.49 0.02
C HIS B 745 -63.61 -117.93 0.67
N ALA B 746 -64.46 -118.68 -0.04
CA ALA B 746 -65.71 -119.10 0.56
C ALA B 746 -65.53 -120.21 1.57
N ALA B 747 -64.44 -120.96 1.49
CA ALA B 747 -64.18 -122.03 2.44
C ALA B 747 -63.17 -121.49 3.45
N LEU B 748 -63.69 -121.11 4.61
CA LEU B 748 -62.90 -120.60 5.74
C LEU B 748 -63.76 -120.73 6.97
N ASP B 749 -63.11 -120.72 8.13
CA ASP B 749 -63.87 -120.51 9.35
C ASP B 749 -64.19 -119.04 9.56
N ARG B 750 -63.45 -118.15 8.91
CA ARG B 750 -63.65 -116.72 9.07
C ARG B 750 -64.80 -116.21 8.23
N HIS B 751 -65.02 -116.82 7.08
CA HIS B 751 -66.03 -116.38 6.13
C HIS B 751 -67.38 -116.32 6.81
N ARG B 752 -67.87 -115.13 7.06
CA ARG B 752 -69.06 -115.06 7.83
C ARG B 752 -69.98 -114.20 7.07
N ASP B 753 -70.40 -114.77 5.95
CA ASP B 753 -71.29 -114.30 4.87
C ASP B 753 -70.60 -113.66 3.67
N CYS B 754 -71.23 -113.88 2.52
CA CYS B 754 -70.86 -113.32 1.24
C CYS B 754 -72.22 -112.84 0.80
N ARG B 755 -72.34 -111.61 0.35
CA ARG B 755 -73.65 -111.10 -0.02
C ARG B 755 -73.68 -110.51 -1.39
N ILE B 756 -73.74 -111.37 -2.40
CA ILE B 756 -73.78 -110.89 -3.76
C ILE B 756 -75.02 -110.02 -3.77
N ASP B 757 -74.89 -108.89 -4.45
CA ASP B 757 -75.87 -107.82 -4.51
C ASP B 757 -77.24 -108.02 -5.13
N ALA B 758 -77.32 -108.70 -6.26
CA ALA B 758 -78.59 -108.86 -6.94
C ALA B 758 -79.22 -110.23 -6.84
N GLY B 759 -80.50 -110.22 -6.44
CA GLY B 759 -81.29 -111.42 -6.32
C GLY B 759 -81.04 -112.36 -5.16
N GLY B 760 -79.81 -112.81 -4.98
CA GLY B 760 -79.52 -113.75 -3.91
C GLY B 760 -78.50 -113.41 -2.84
N HIS B 761 -78.74 -113.92 -1.63
CA HIS B 761 -77.83 -113.69 -0.51
C HIS B 761 -76.46 -114.31 -0.77
N GLU B 762 -76.44 -115.51 -1.35
CA GLU B 762 -75.17 -116.16 -1.66
C GLU B 762 -75.07 -116.40 -3.17
N PRO B 763 -73.87 -116.57 -3.72
CA PRO B 763 -73.74 -116.70 -5.17
C PRO B 763 -73.86 -118.13 -5.68
N VAL B 764 -73.84 -118.24 -7.01
CA VAL B 764 -73.86 -119.53 -7.71
C VAL B 764 -73.19 -119.28 -9.05
N TYR B 765 -72.67 -120.34 -9.67
CA TYR B 765 -71.70 -120.14 -10.75
C TYR B 765 -72.13 -120.88 -12.02
N ALA B 766 -71.35 -120.69 -13.08
CA ALA B 766 -71.67 -121.18 -14.40
C ALA B 766 -70.38 -121.44 -15.16
N ALA B 767 -70.43 -122.37 -16.10
CA ALA B 767 -69.22 -122.77 -16.82
C ALA B 767 -68.79 -121.74 -17.86
N ALA B 768 -69.74 -121.20 -18.61
CA ALA B 768 -69.44 -120.23 -19.67
C ALA B 768 -70.72 -119.48 -20.02
N CYS B 769 -70.66 -118.69 -21.09
CA CYS B 769 -71.82 -117.95 -21.56
C CYS B 769 -71.72 -117.75 -23.08
N ASN B 770 -72.86 -117.83 -23.77
CA ASN B 770 -72.92 -117.74 -25.22
C ASN B 770 -73.97 -116.74 -25.67
N VAL B 771 -74.23 -116.65 -26.98
CA VAL B 771 -75.26 -115.73 -27.48
C VAL B 771 -76.62 -116.07 -26.89
N ALA B 772 -77.01 -117.34 -26.95
CA ALA B 772 -78.33 -117.76 -26.47
C ALA B 772 -78.37 -117.97 -24.97
N THR B 773 -77.22 -118.20 -24.33
CA THR B 773 -77.17 -118.32 -22.88
C THR B 773 -77.15 -116.96 -22.18
N ALA B 774 -76.75 -115.92 -22.89
CA ALA B 774 -76.56 -114.60 -22.27
C ALA B 774 -77.89 -113.90 -22.04
N ASP B 775 -78.08 -113.39 -20.83
CA ASP B 775 -79.11 -112.40 -20.53
C ASP B 775 -78.46 -111.31 -19.70
N PHE B 776 -78.39 -110.10 -20.26
CA PHE B 776 -77.46 -109.09 -19.74
C PHE B 776 -77.97 -108.38 -18.50
N ASN B 777 -79.28 -108.28 -18.33
CA ASN B 777 -79.86 -107.81 -17.06
C ASN B 777 -80.61 -108.99 -16.46
N ARG B 778 -80.01 -109.61 -15.44
CA ARG B 778 -80.68 -110.66 -14.70
C ARG B 778 -80.03 -110.75 -13.33
N ASN B 779 -80.83 -111.08 -12.31
CA ASN B 779 -80.27 -111.42 -11.01
C ASN B 779 -80.91 -112.70 -10.47
N ASP B 780 -80.18 -113.82 -10.57
CA ASP B 780 -80.42 -114.98 -9.74
C ASP B 780 -79.38 -115.19 -8.66
N GLY B 781 -78.31 -114.39 -8.66
CA GLY B 781 -77.13 -114.72 -7.90
C GLY B 781 -76.07 -115.48 -8.67
N ARG B 782 -76.13 -115.48 -10.01
CA ARG B 782 -75.16 -116.17 -10.84
C ARG B 782 -73.90 -115.32 -10.98
N LEU B 783 -72.75 -115.99 -11.07
CA LEU B 783 -71.53 -115.34 -11.50
C LEU B 783 -70.86 -116.19 -12.57
N LEU B 784 -70.33 -115.57 -13.61
CA LEU B 784 -69.64 -116.31 -14.65
C LEU B 784 -68.26 -116.73 -14.18
N HIS B 785 -67.96 -118.01 -14.33
CA HIS B 785 -66.69 -118.56 -13.95
C HIS B 785 -65.71 -118.65 -15.11
N ASN B 786 -66.11 -118.18 -16.28
CA ASN B 786 -65.32 -118.43 -17.47
C ASN B 786 -64.05 -117.69 -17.94
N THR B 787 -62.95 -117.90 -17.23
CA THR B 787 -61.70 -117.43 -17.79
C THR B 787 -60.98 -118.50 -18.60
N GLN B 788 -61.53 -119.71 -18.66
CA GLN B 788 -60.77 -120.85 -19.13
C GLN B 788 -60.25 -120.59 -20.53
N ALA B 789 -59.03 -121.04 -20.75
CA ALA B 789 -58.31 -120.83 -21.98
C ALA B 789 -58.72 -121.80 -23.07
N ARG B 790 -59.59 -122.74 -22.75
CA ARG B 790 -59.84 -123.90 -23.57
C ARG B 790 -61.35 -124.06 -23.70
N ALA B 791 -61.86 -123.94 -24.93
CA ALA B 791 -63.29 -124.17 -25.17
C ALA B 791 -63.67 -125.64 -25.00
N ALA B 792 -62.69 -126.55 -25.10
CA ALA B 792 -62.95 -127.96 -24.85
C ALA B 792 -63.30 -128.19 -23.38
N ASP B 793 -62.42 -127.76 -22.47
CA ASP B 793 -62.59 -127.99 -21.04
C ASP B 793 -62.82 -126.66 -20.34
N ALA B 794 -64.04 -126.45 -19.85
CA ALA B 794 -64.37 -125.34 -18.97
C ALA B 794 -64.31 -125.82 -17.53
N ALA B 795 -64.80 -125.01 -16.60
CA ALA B 795 -64.89 -125.41 -15.21
C ALA B 795 -66.16 -124.88 -14.58
N ASP B 796 -66.78 -125.72 -13.74
CA ASP B 796 -67.94 -125.34 -12.95
C ASP B 796 -67.51 -124.87 -11.55
N ASP B 797 -66.87 -125.76 -10.80
CA ASP B 797 -66.35 -125.46 -9.46
C ASP B 797 -64.84 -125.31 -9.44
N ARG B 798 -64.11 -126.34 -9.83
CA ARG B 798 -62.66 -126.37 -9.66
C ARG B 798 -61.99 -125.15 -10.30
N PRO B 799 -61.09 -124.46 -9.59
CA PRO B 799 -60.45 -123.28 -10.16
C PRO B 799 -59.43 -123.63 -11.22
N HIS B 800 -59.05 -122.60 -11.98
CA HIS B 800 -58.19 -122.77 -13.15
C HIS B 800 -56.70 -122.63 -12.79
N ARG B 801 -56.30 -121.45 -12.36
CA ARG B 801 -54.89 -121.07 -12.26
C ARG B 801 -54.40 -121.15 -10.81
N PRO B 802 -53.13 -120.89 -10.51
CA PRO B 802 -52.64 -121.12 -9.14
C PRO B 802 -53.30 -120.21 -8.12
N ALA B 803 -52.84 -120.37 -6.88
CA ALA B 803 -53.27 -119.47 -5.82
C ALA B 803 -52.56 -118.13 -5.88
N ASP B 804 -51.31 -118.12 -6.36
CA ASP B 804 -50.58 -116.88 -6.55
C ASP B 804 -51.19 -115.98 -7.61
N TRP B 805 -52.10 -116.51 -8.44
CA TRP B 805 -52.74 -115.69 -9.46
C TRP B 805 -53.40 -114.46 -8.85
N THR B 806 -54.38 -114.67 -7.99
CA THR B 806 -55.11 -113.57 -7.39
C THR B 806 -54.29 -112.79 -6.39
N VAL B 807 -53.24 -113.40 -5.84
CA VAL B 807 -52.35 -112.64 -4.97
C VAL B 807 -51.64 -111.55 -5.76
N HIS B 808 -51.25 -111.85 -7.00
CA HIS B 808 -50.64 -110.84 -7.84
C HIS B 808 -51.61 -109.76 -8.25
N HIS B 809 -52.91 -110.02 -8.22
CA HIS B 809 -53.87 -108.97 -8.56
C HIS B 809 -54.04 -108.00 -7.43
N LYS B 810 -54.22 -108.49 -6.21
CA LYS B 810 -54.25 -107.63 -5.05
C LYS B 810 -52.97 -106.82 -4.96
N ILE B 811 -51.82 -107.49 -5.04
CA ILE B 811 -50.54 -106.80 -5.05
C ILE B 811 -50.43 -105.83 -6.21
N TYR B 812 -51.34 -105.93 -7.19
CA TYR B 812 -51.38 -104.99 -8.29
C TYR B 812 -52.39 -103.88 -8.05
N TYR B 813 -53.67 -104.24 -7.95
CA TYR B 813 -54.70 -103.22 -7.79
C TYR B 813 -54.50 -102.41 -6.53
N TYR B 814 -54.16 -103.07 -5.42
CA TYR B 814 -54.00 -102.33 -4.18
C TYR B 814 -52.61 -101.73 -4.03
N VAL B 815 -51.55 -102.45 -4.36
CA VAL B 815 -50.23 -101.89 -4.10
C VAL B 815 -49.77 -100.98 -5.23
N LEU B 816 -49.94 -101.40 -6.48
CA LEU B 816 -49.37 -100.62 -7.58
C LEU B 816 -50.27 -99.48 -8.02
N VAL B 817 -51.47 -99.81 -8.49
CA VAL B 817 -52.35 -98.77 -9.03
C VAL B 817 -52.45 -97.55 -8.13
N PRO B 818 -52.61 -97.70 -6.83
CA PRO B 818 -52.65 -96.50 -6.03
C PRO B 818 -51.35 -95.70 -6.12
N ALA B 819 -50.23 -96.36 -6.15
CA ALA B 819 -48.99 -95.63 -6.24
C ALA B 819 -48.95 -94.87 -7.53
N PHE B 820 -49.26 -95.54 -8.62
CA PHE B 820 -49.31 -94.93 -9.96
C PHE B 820 -50.41 -93.94 -10.20
N SER B 821 -51.57 -94.29 -9.70
CA SER B 821 -52.75 -93.49 -9.82
C SER B 821 -52.77 -92.17 -9.11
N ARG B 822 -52.20 -92.12 -7.91
CA ARG B 822 -52.16 -90.97 -7.00
C ARG B 822 -53.52 -90.52 -6.58
N GLY B 823 -54.41 -91.46 -6.41
CA GLY B 823 -55.76 -91.17 -5.97
C GLY B 823 -56.80 -91.00 -7.05
N ARG B 824 -56.41 -90.64 -8.28
CA ARG B 824 -57.39 -90.32 -9.31
C ARG B 824 -57.56 -91.51 -10.24
N CYS B 825 -58.66 -92.22 -10.05
CA CYS B 825 -59.09 -93.34 -10.88
C CYS B 825 -60.32 -93.90 -10.21
N CYS B 826 -61.14 -94.65 -10.93
CA CYS B 826 -62.35 -95.14 -10.30
C CYS B 826 -62.76 -96.45 -10.96
N THR B 827 -63.25 -97.37 -10.15
CA THR B 827 -63.84 -98.60 -10.64
C THR B 827 -65.12 -98.25 -11.40
N ALA B 828 -65.62 -99.21 -12.18
CA ALA B 828 -66.88 -99.01 -12.86
C ALA B 828 -67.56 -100.34 -13.10
N GLY B 829 -68.86 -100.27 -13.25
CA GLY B 829 -69.61 -101.39 -13.79
C GLY B 829 -69.63 -101.35 -15.29
N VAL B 830 -70.15 -102.41 -15.90
CA VAL B 830 -70.20 -102.53 -17.34
C VAL B 830 -71.65 -102.73 -17.75
N ARG B 831 -72.03 -102.13 -18.87
CA ARG B 831 -73.26 -102.49 -19.55
C ARG B 831 -72.83 -103.36 -20.73
N PHE B 832 -73.02 -104.66 -20.62
CA PHE B 832 -72.54 -105.53 -21.68
C PHE B 832 -73.49 -105.55 -22.87
N ASP B 833 -74.74 -105.16 -22.68
CA ASP B 833 -75.63 -105.00 -23.83
C ASP B 833 -75.15 -103.89 -24.73
N ARG B 834 -74.78 -102.76 -24.13
CA ARG B 834 -74.35 -101.62 -24.91
C ARG B 834 -72.93 -101.78 -25.43
N VAL B 835 -72.11 -102.61 -24.79
CA VAL B 835 -70.74 -102.78 -25.24
C VAL B 835 -70.68 -103.57 -26.53
N TYR B 836 -71.14 -104.82 -26.48
CA TYR B 836 -71.16 -105.66 -27.68
C TYR B 836 -71.84 -104.98 -28.85
N ALA B 837 -72.86 -104.17 -28.57
CA ALA B 837 -73.58 -103.48 -29.63
C ALA B 837 -72.63 -102.71 -30.53
N THR B 838 -71.85 -101.79 -29.97
CA THR B 838 -70.85 -101.10 -30.77
C THR B 838 -69.62 -101.93 -31.04
N LEU B 839 -69.35 -102.95 -30.22
CA LEU B 839 -68.24 -103.83 -30.55
C LEU B 839 -68.44 -104.44 -31.92
N GLN B 840 -69.55 -105.11 -32.13
CA GLN B 840 -69.87 -105.59 -33.46
C GLN B 840 -70.84 -104.59 -34.06
N ASN B 841 -70.28 -103.53 -34.59
CA ASN B 841 -70.98 -102.67 -35.54
C ASN B 841 -69.89 -102.20 -36.48
N MET B 842 -69.82 -102.75 -37.68
CA MET B 842 -68.64 -102.49 -38.46
C MET B 842 -68.97 -102.52 -39.93
N VAL B 843 -68.34 -101.63 -40.66
CA VAL B 843 -68.32 -101.71 -42.11
C VAL B 843 -66.97 -102.30 -42.47
N VAL B 844 -66.98 -103.56 -42.87
CA VAL B 844 -65.77 -104.22 -43.38
C VAL B 844 -65.99 -104.45 -44.87
N PRO B 845 -65.35 -103.67 -45.74
CA PRO B 845 -65.63 -103.79 -47.18
C PRO B 845 -65.25 -105.16 -47.69
N GLU B 846 -66.15 -105.72 -48.49
CA GLU B 846 -65.83 -106.93 -49.25
C GLU B 846 -64.60 -106.68 -50.11
N ILE B 847 -63.59 -107.53 -49.94
CA ILE B 847 -62.34 -107.29 -50.66
C ILE B 847 -62.49 -107.70 -52.12
N ALA B 848 -61.88 -106.92 -53.00
CA ALA B 848 -61.94 -107.23 -54.41
C ALA B 848 -61.02 -108.41 -54.71
N PRO B 849 -61.47 -109.35 -55.55
CA PRO B 849 -60.60 -110.44 -55.96
C PRO B 849 -59.38 -109.91 -56.69
N GLY B 850 -58.20 -110.33 -56.26
CA GLY B 850 -56.96 -109.87 -56.83
C GLY B 850 -56.36 -108.63 -56.18
N GLU B 851 -57.16 -107.83 -55.50
CA GLU B 851 -56.68 -106.62 -54.84
C GLU B 851 -56.14 -106.96 -53.46
N GLU B 852 -54.99 -106.38 -53.11
CA GLU B 852 -54.36 -106.67 -51.84
C GLU B 852 -55.11 -106.00 -50.70
N CYS B 853 -54.91 -106.53 -49.50
CA CYS B 853 -55.55 -105.96 -48.32
C CYS B 853 -55.07 -104.54 -48.10
N PRO B 854 -55.98 -103.60 -47.82
CA PRO B 854 -55.56 -102.19 -47.71
C PRO B 854 -54.50 -101.99 -46.65
N SER B 855 -53.41 -101.34 -47.06
CA SER B 855 -52.38 -100.90 -46.11
C SER B 855 -52.75 -99.57 -45.45
N ASP B 856 -53.28 -98.63 -46.24
CA ASP B 856 -53.50 -97.27 -45.76
C ASP B 856 -54.97 -97.04 -45.46
N PRO B 857 -55.32 -96.67 -44.23
CA PRO B 857 -56.66 -96.11 -44.00
C PRO B 857 -56.85 -94.73 -44.59
N VAL B 858 -55.77 -94.02 -44.92
CA VAL B 858 -55.87 -92.68 -45.47
C VAL B 858 -56.14 -92.72 -46.97
N THR B 859 -55.57 -93.70 -47.68
CA THR B 859 -55.66 -93.78 -49.13
C THR B 859 -56.62 -94.88 -49.58
N ASP B 860 -56.28 -96.14 -49.39
CA ASP B 860 -57.02 -97.23 -50.01
C ASP B 860 -58.45 -97.25 -49.50
N PRO B 861 -59.44 -97.02 -50.36
CA PRO B 861 -60.83 -96.90 -49.87
C PRO B 861 -61.40 -98.17 -49.29
N ALA B 862 -60.81 -99.33 -49.57
CA ALA B 862 -61.35 -100.57 -49.03
C ALA B 862 -60.99 -100.78 -47.57
N HIS B 863 -60.13 -99.94 -47.00
CA HIS B 863 -59.79 -100.08 -45.59
C HIS B 863 -61.00 -99.72 -44.74
N PRO B 864 -61.29 -100.49 -43.69
CA PRO B 864 -62.49 -100.24 -42.89
C PRO B 864 -62.45 -98.95 -42.10
N LEU B 865 -61.28 -98.34 -41.92
CA LEU B 865 -61.17 -97.03 -41.29
C LEU B 865 -61.09 -95.88 -42.29
N HIS B 866 -61.09 -96.17 -43.59
CA HIS B 866 -61.08 -95.13 -44.58
C HIS B 866 -62.32 -94.26 -44.41
N PRO B 867 -62.22 -92.94 -44.68
CA PRO B 867 -63.39 -92.07 -44.49
C PRO B 867 -64.65 -92.55 -45.19
N ALA B 868 -64.49 -93.39 -46.21
CA ALA B 868 -65.64 -93.93 -46.92
C ALA B 868 -66.43 -94.87 -46.03
N ASN B 869 -65.74 -95.70 -45.24
CA ASN B 869 -66.40 -96.72 -44.44
C ASN B 869 -66.66 -96.28 -43.01
N LEU B 870 -66.27 -95.07 -42.65
CA LEU B 870 -66.59 -94.55 -41.34
C LEU B 870 -68.05 -94.16 -41.31
N VAL B 871 -68.81 -94.75 -40.39
CA VAL B 871 -70.22 -94.45 -40.24
C VAL B 871 -70.43 -94.05 -38.77
N ALA B 872 -71.64 -93.62 -38.43
CA ALA B 872 -71.95 -93.28 -37.06
C ALA B 872 -72.35 -94.54 -36.31
N ASN B 873 -72.00 -94.60 -35.04
CA ASN B 873 -72.33 -95.69 -34.14
C ASN B 873 -71.60 -96.98 -34.45
N THR B 874 -70.86 -97.04 -35.54
CA THR B 874 -70.14 -98.25 -35.87
C THR B 874 -68.92 -98.39 -34.96
N VAL B 875 -68.20 -99.51 -35.11
CA VAL B 875 -66.99 -99.69 -34.32
C VAL B 875 -65.82 -98.98 -34.98
N ASN B 876 -65.74 -98.99 -36.31
CA ASN B 876 -64.57 -98.43 -36.94
C ASN B 876 -64.53 -96.91 -36.84
N ALA B 877 -65.64 -96.27 -36.49
CA ALA B 877 -65.60 -94.88 -36.08
C ALA B 877 -64.97 -94.74 -34.70
N MET B 878 -65.19 -95.73 -33.84
CA MET B 878 -64.58 -95.71 -32.52
C MET B 878 -63.07 -95.85 -32.60
N PHE B 879 -62.57 -96.71 -33.49
CA PHE B 879 -61.13 -96.72 -33.77
C PHE B 879 -60.66 -95.43 -34.41
N HIS B 880 -61.57 -94.67 -35.03
CA HIS B 880 -61.16 -93.39 -35.57
C HIS B 880 -61.12 -92.31 -34.51
N ASN B 881 -62.00 -92.37 -33.52
CA ASN B 881 -62.04 -91.34 -32.48
C ASN B 881 -60.69 -91.24 -31.80
N GLY B 882 -60.37 -92.21 -30.94
CA GLY B 882 -59.00 -92.40 -30.52
C GLY B 882 -58.24 -93.02 -31.67
N ARG B 883 -57.18 -92.36 -32.13
CA ARG B 883 -56.65 -92.74 -33.43
C ARG B 883 -55.83 -94.00 -33.27
N VAL B 884 -56.32 -95.08 -33.87
CA VAL B 884 -55.76 -96.41 -33.73
C VAL B 884 -55.85 -97.09 -35.08
N VAL B 885 -54.75 -97.68 -35.55
CA VAL B 885 -54.68 -98.24 -36.88
C VAL B 885 -54.97 -99.73 -36.78
N VAL B 886 -56.12 -100.14 -37.31
CA VAL B 886 -56.62 -101.51 -37.20
C VAL B 886 -57.11 -101.94 -38.57
N ASP B 887 -56.50 -103.00 -39.10
CA ASP B 887 -56.85 -103.42 -40.45
C ASP B 887 -58.16 -104.22 -40.44
N GLY B 888 -58.57 -104.62 -41.64
CA GLY B 888 -59.83 -105.29 -41.84
C GLY B 888 -60.01 -106.60 -41.10
N PRO B 889 -59.08 -107.55 -41.27
CA PRO B 889 -59.31 -108.88 -40.69
C PRO B 889 -59.25 -108.87 -39.18
N ALA B 890 -58.58 -107.89 -38.58
CA ALA B 890 -58.51 -107.82 -37.12
C ALA B 890 -59.90 -107.67 -36.52
N MET B 891 -60.63 -106.63 -36.93
CA MET B 891 -61.97 -106.45 -36.39
C MET B 891 -62.94 -107.50 -36.90
N LEU B 892 -62.51 -108.35 -37.82
CA LEU B 892 -63.34 -109.50 -38.17
C LEU B 892 -63.21 -110.59 -37.12
N THR B 893 -62.02 -110.79 -36.55
CA THR B 893 -61.84 -111.71 -35.45
C THR B 893 -62.68 -111.33 -34.25
N LEU B 894 -63.20 -110.11 -34.24
CA LEU B 894 -64.08 -109.64 -33.19
C LEU B 894 -65.39 -110.42 -33.14
N GLN B 895 -65.65 -111.25 -34.15
CA GLN B 895 -66.82 -112.11 -34.13
C GLN B 895 -66.80 -113.10 -32.98
N VAL B 896 -65.61 -113.40 -32.44
CA VAL B 896 -65.46 -114.36 -31.37
C VAL B 896 -66.31 -114.00 -30.16
N LEU B 897 -66.67 -112.73 -30.00
CA LEU B 897 -67.50 -112.33 -28.87
C LEU B 897 -68.78 -113.13 -28.78
N ALA B 898 -69.26 -113.67 -29.91
CA ALA B 898 -70.46 -114.47 -29.89
C ALA B 898 -70.29 -115.72 -29.04
N HIS B 899 -69.08 -116.29 -29.03
CA HIS B 899 -68.86 -117.53 -28.29
C HIS B 899 -68.79 -117.28 -26.80
N ASN B 900 -67.95 -116.34 -26.37
CA ASN B 900 -67.76 -116.03 -24.95
C ASN B 900 -68.16 -114.59 -24.71
N MET B 901 -69.09 -114.39 -23.79
CA MET B 901 -69.47 -113.04 -23.41
C MET B 901 -69.98 -113.06 -21.97
N ALA B 902 -70.30 -111.88 -21.45
CA ALA B 902 -70.72 -111.72 -20.08
C ALA B 902 -72.06 -111.01 -20.02
N GLU B 903 -72.78 -111.22 -18.92
CA GLU B 903 -74.09 -110.59 -18.79
C GLU B 903 -73.97 -109.21 -18.14
N ARG B 904 -73.44 -109.14 -16.92
CA ARG B 904 -73.45 -107.89 -16.19
C ARG B 904 -72.34 -107.93 -15.16
N THR B 905 -72.21 -106.83 -14.44
CA THR B 905 -71.34 -106.72 -13.28
C THR B 905 -72.18 -106.81 -12.03
N THR B 906 -71.62 -107.38 -10.96
CA THR B 906 -72.37 -107.51 -9.73
C THR B 906 -71.52 -107.05 -8.56
N ALA B 907 -72.05 -106.10 -7.80
CA ALA B 907 -71.42 -105.73 -6.54
C ALA B 907 -71.42 -106.92 -5.60
N LEU B 908 -70.27 -107.19 -5.01
CA LEU B 908 -70.08 -108.33 -4.13
C LEU B 908 -69.57 -107.79 -2.79
N LEU B 909 -70.37 -107.96 -1.75
CA LEU B 909 -70.02 -107.53 -0.40
C LEU B 909 -69.88 -108.78 0.46
N CYS B 910 -68.64 -109.14 0.78
CA CYS B 910 -68.30 -110.30 1.58
C CYS B 910 -67.65 -109.90 2.90
N SER B 911 -68.05 -110.52 4.00
CA SER B 911 -67.48 -110.23 5.31
C SER B 911 -66.67 -111.43 5.79
N ALA B 912 -66.08 -111.27 6.97
CA ALA B 912 -65.18 -112.24 7.57
C ALA B 912 -64.79 -111.73 8.94
N ALA B 913 -64.32 -112.63 9.78
CA ALA B 913 -63.97 -112.31 11.15
C ALA B 913 -62.46 -112.11 11.24
N PRO B 914 -61.91 -111.79 12.41
CA PRO B 914 -60.46 -111.80 12.54
C PRO B 914 -59.90 -113.21 12.45
N ASP B 915 -58.73 -113.33 11.86
CA ASP B 915 -58.14 -114.64 11.64
C ASP B 915 -57.73 -115.27 12.96
N ALA B 916 -57.33 -116.53 12.86
CA ALA B 916 -56.78 -117.23 13.99
C ALA B 916 -55.50 -116.53 14.26
N GLY B 917 -55.23 -116.22 15.52
CA GLY B 917 -54.02 -115.50 15.90
C GLY B 917 -54.32 -114.05 16.17
N ALA B 918 -55.44 -113.60 15.64
CA ALA B 918 -55.92 -112.28 15.90
C ALA B 918 -57.34 -112.38 16.39
N ASN B 919 -57.75 -113.55 16.86
CA ASN B 919 -59.12 -113.76 17.30
C ASN B 919 -59.20 -114.17 18.73
N THR B 920 -59.86 -113.36 19.54
CA THR B 920 -60.04 -113.60 20.96
C THR B 920 -61.49 -113.42 21.30
N ALA B 921 -61.82 -113.40 22.57
CA ALA B 921 -63.20 -113.19 22.93
C ALA B 921 -63.71 -111.79 22.57
N SER B 922 -62.84 -110.80 22.39
CA SER B 922 -63.34 -109.48 22.05
C SER B 922 -63.60 -109.36 20.56
N THR B 923 -62.70 -109.86 19.73
CA THR B 923 -62.80 -109.71 18.30
C THR B 923 -63.58 -110.84 17.65
N ALA B 924 -64.18 -111.73 18.43
CA ALA B 924 -64.95 -112.81 17.86
C ALA B 924 -66.09 -112.30 17.01
N ASN B 925 -66.77 -111.26 17.47
CA ASN B 925 -67.94 -110.73 16.77
C ASN B 925 -67.60 -109.57 15.83
N MET B 926 -66.33 -109.21 15.71
CA MET B 926 -65.96 -108.21 14.72
C MET B 926 -66.05 -108.80 13.33
N ARG B 927 -66.44 -107.98 12.38
CA ARG B 927 -66.52 -108.36 10.99
C ARG B 927 -65.76 -107.37 10.14
N ILE B 928 -65.26 -107.84 9.01
CA ILE B 928 -64.56 -106.97 8.07
C ILE B 928 -65.31 -107.07 6.76
N PHE B 929 -65.97 -105.99 6.38
CA PHE B 929 -66.73 -105.96 5.15
C PHE B 929 -65.87 -105.41 4.03
N ASP B 930 -65.71 -106.18 2.97
CA ASP B 930 -64.93 -105.77 1.81
C ASP B 930 -65.76 -106.00 0.56
N GLY B 931 -66.02 -104.93 -0.16
CA GLY B 931 -66.78 -105.03 -1.38
C GLY B 931 -65.91 -105.16 -2.60
N ALA B 932 -66.49 -105.73 -3.66
CA ALA B 932 -65.81 -105.80 -4.94
C ALA B 932 -66.84 -105.96 -6.03
N LEU B 933 -66.43 -105.62 -7.24
CA LEU B 933 -67.27 -105.78 -8.43
C LEU B 933 -66.93 -107.11 -9.08
N HIS B 934 -67.93 -107.79 -9.62
CA HIS B 934 -67.58 -109.04 -10.27
C HIS B 934 -66.89 -108.74 -11.59
N ALA B 935 -67.63 -108.36 -12.63
CA ALA B 935 -66.93 -107.95 -13.83
C ALA B 935 -66.96 -106.44 -13.87
N GLY B 936 -65.88 -105.83 -13.42
CA GLY B 936 -65.75 -104.39 -13.37
C GLY B 936 -64.71 -103.89 -14.35
N VAL B 937 -64.29 -102.66 -14.12
CA VAL B 937 -63.20 -102.07 -14.87
C VAL B 937 -62.66 -100.91 -14.07
N LEU B 938 -61.43 -100.52 -14.35
CA LEU B 938 -60.79 -99.40 -13.70
C LEU B 938 -60.69 -98.26 -14.69
N LEU B 939 -61.16 -97.08 -14.31
CA LEU B 939 -61.16 -95.92 -15.19
C LEU B 939 -60.00 -95.02 -14.78
N MET B 940 -58.95 -95.02 -15.59
CA MET B 940 -57.72 -94.35 -15.23
C MET B 940 -57.86 -92.84 -15.09
N ALA B 941 -58.06 -92.12 -16.17
CA ALA B 941 -58.20 -90.68 -16.09
C ALA B 941 -59.62 -90.27 -16.43
N PRO B 942 -60.29 -89.51 -15.57
CA PRO B 942 -61.67 -89.15 -15.86
C PRO B 942 -61.74 -88.29 -17.10
N GLN B 943 -62.60 -88.68 -18.03
CA GLN B 943 -62.97 -87.80 -19.11
C GLN B 943 -64.44 -87.47 -18.91
N HIS B 944 -64.69 -86.32 -18.30
CA HIS B 944 -65.99 -85.68 -18.28
C HIS B 944 -66.07 -84.54 -19.27
N LEU B 945 -64.95 -84.24 -19.93
CA LEU B 945 -64.94 -83.28 -21.03
C LEU B 945 -64.90 -84.12 -22.29
N ASP B 946 -65.95 -83.85 -23.06
CA ASP B 946 -66.20 -84.30 -24.45
C ASP B 946 -67.46 -85.08 -24.75
N HIS B 947 -68.34 -84.53 -25.58
CA HIS B 947 -69.53 -85.30 -25.89
C HIS B 947 -69.16 -86.08 -27.13
N THR B 948 -68.81 -87.34 -26.93
CA THR B 948 -68.62 -88.31 -28.00
C THR B 948 -69.35 -89.56 -27.57
N ILE B 949 -68.93 -90.10 -26.44
CA ILE B 949 -69.71 -91.09 -25.70
C ILE B 949 -70.49 -90.35 -24.63
N GLN B 950 -71.80 -90.58 -24.59
CA GLN B 950 -72.63 -89.99 -23.56
C GLN B 950 -72.10 -90.35 -22.18
N ASN B 951 -72.23 -89.43 -21.24
CA ASN B 951 -71.81 -89.69 -19.88
C ASN B 951 -72.59 -90.88 -19.32
N GLY B 952 -71.86 -91.88 -18.85
CA GLY B 952 -72.51 -93.05 -18.31
C GLY B 952 -73.15 -93.95 -19.34
N GLU B 953 -72.64 -93.97 -20.57
CA GLU B 953 -73.22 -94.82 -21.59
C GLU B 953 -72.83 -96.26 -21.35
N TYR B 954 -71.57 -96.60 -21.60
CA TYR B 954 -71.10 -97.97 -21.43
C TYR B 954 -70.89 -98.30 -19.96
N PHE B 955 -69.96 -97.60 -19.31
CA PHE B 955 -69.56 -97.86 -17.95
C PHE B 955 -70.20 -96.85 -17.00
N TYR B 956 -70.78 -97.35 -15.91
CA TYR B 956 -71.34 -96.51 -14.86
C TYR B 956 -70.16 -96.22 -13.93
N VAL B 957 -70.30 -95.43 -12.87
CA VAL B 957 -69.09 -95.13 -12.10
C VAL B 957 -68.88 -96.09 -10.94
N LEU B 958 -69.67 -96.04 -9.87
CA LEU B 958 -69.58 -97.08 -8.85
C LEU B 958 -68.20 -97.31 -8.23
N PRO B 959 -67.73 -96.46 -7.31
CA PRO B 959 -66.51 -96.79 -6.55
C PRO B 959 -66.79 -97.91 -5.55
N VAL B 960 -65.82 -98.84 -5.44
CA VAL B 960 -65.88 -99.91 -4.44
C VAL B 960 -65.14 -99.50 -3.19
N HIS B 961 -63.85 -99.19 -3.32
CA HIS B 961 -63.05 -98.81 -2.18
C HIS B 961 -62.62 -97.35 -2.31
N ALA B 962 -62.34 -96.72 -1.16
CA ALA B 962 -61.91 -95.34 -1.17
C ALA B 962 -60.62 -95.14 -1.93
N LEU B 963 -59.79 -96.16 -2.07
CA LEU B 963 -58.64 -96.07 -2.95
C LEU B 963 -59.08 -95.77 -4.36
N PHE B 964 -60.19 -96.35 -4.78
CA PHE B 964 -60.70 -96.11 -6.13
C PHE B 964 -61.99 -95.35 -6.00
N ALA B 965 -61.87 -94.03 -6.09
CA ALA B 965 -62.96 -93.12 -6.33
C ALA B 965 -62.31 -91.90 -6.94
N GLY B 966 -62.95 -91.31 -7.92
CA GLY B 966 -62.48 -90.07 -8.44
C GLY B 966 -63.17 -88.92 -7.75
N ALA B 967 -62.46 -87.80 -7.66
CA ALA B 967 -63.20 -86.56 -7.46
C ALA B 967 -63.99 -86.25 -8.72
N ASP B 968 -63.36 -86.37 -9.87
CA ASP B 968 -63.97 -86.06 -11.15
C ASP B 968 -64.75 -87.21 -11.75
N HIS B 969 -64.54 -88.44 -11.28
CA HIS B 969 -65.39 -89.53 -11.73
C HIS B 969 -66.74 -89.47 -11.04
N VAL B 970 -66.73 -89.25 -9.74
CA VAL B 970 -67.95 -89.29 -8.96
C VAL B 970 -68.74 -88.01 -9.11
N ALA B 971 -68.07 -86.87 -9.08
CA ALA B 971 -68.79 -85.60 -9.16
C ALA B 971 -69.50 -85.46 -10.50
N ASN B 972 -68.93 -86.02 -11.55
CA ASN B 972 -69.43 -85.89 -12.90
C ASN B 972 -70.29 -87.07 -13.34
N ALA B 973 -70.64 -87.96 -12.43
CA ALA B 973 -71.64 -88.97 -12.69
C ALA B 973 -72.91 -88.25 -13.15
N PRO B 974 -73.79 -88.93 -13.90
CA PRO B 974 -74.85 -88.18 -14.60
C PRO B 974 -75.77 -87.38 -13.70
N ASN B 975 -76.29 -87.95 -12.62
CA ASN B 975 -77.02 -87.17 -11.64
C ASN B 975 -76.22 -87.16 -10.35
N PHE B 976 -75.53 -86.05 -10.11
CA PHE B 976 -74.76 -85.85 -8.91
C PHE B 976 -75.28 -84.61 -8.22
N PRO B 977 -75.77 -84.71 -6.98
CA PRO B 977 -76.31 -83.53 -6.30
C PRO B 977 -75.28 -82.41 -6.29
N PRO B 978 -75.66 -81.23 -6.75
CA PRO B 978 -74.71 -80.09 -6.76
C PRO B 978 -74.34 -79.59 -5.39
N ALA B 979 -75.10 -79.96 -4.36
CA ALA B 979 -74.72 -79.60 -3.00
C ALA B 979 -73.47 -80.31 -2.53
N LEU B 980 -73.13 -81.44 -3.14
CA LEU B 980 -72.00 -82.25 -2.72
C LEU B 980 -70.72 -81.95 -3.47
N ARG B 981 -70.73 -80.95 -4.35
CA ARG B 981 -69.56 -80.72 -5.20
C ARG B 981 -68.31 -80.47 -4.39
N ASP B 982 -68.41 -79.65 -3.34
CA ASP B 982 -67.24 -79.44 -2.49
C ASP B 982 -66.95 -80.66 -1.64
N LEU B 983 -67.96 -81.16 -0.93
CA LEU B 983 -67.76 -82.33 -0.07
C LEU B 983 -67.14 -83.47 -0.85
N ALA B 984 -67.66 -83.74 -2.04
CA ALA B 984 -67.17 -84.86 -2.82
C ALA B 984 -65.75 -84.69 -3.28
N ARG B 985 -65.14 -83.53 -3.10
CA ARG B 985 -63.74 -83.47 -3.51
C ARG B 985 -62.81 -84.12 -2.50
N HIS B 986 -62.96 -83.78 -1.23
CA HIS B 986 -62.06 -84.30 -0.21
C HIS B 986 -62.63 -85.51 0.54
N VAL B 987 -63.85 -85.92 0.24
CA VAL B 987 -64.44 -87.13 0.84
C VAL B 987 -64.59 -88.18 -0.26
N PRO B 988 -64.07 -89.38 -0.06
CA PRO B 988 -64.28 -90.48 -1.02
C PRO B 988 -65.65 -91.11 -0.94
N LEU B 989 -66.64 -90.62 -1.68
CA LEU B 989 -68.01 -91.12 -1.49
C LEU B 989 -68.08 -92.55 -1.99
N VAL B 990 -68.32 -93.48 -1.05
CA VAL B 990 -68.46 -94.91 -1.34
C VAL B 990 -69.74 -95.42 -0.71
N PRO B 991 -70.68 -95.99 -1.48
CA PRO B 991 -71.89 -96.56 -0.88
C PRO B 991 -71.55 -97.68 0.09
N PRO B 992 -72.11 -97.66 1.29
CA PRO B 992 -71.82 -98.74 2.25
C PRO B 992 -72.25 -100.10 1.78
N ALA B 993 -73.11 -100.17 0.76
CA ALA B 993 -73.41 -101.45 0.14
C ALA B 993 -72.12 -102.16 -0.27
N LEU B 994 -71.09 -101.41 -0.61
CA LEU B 994 -69.77 -101.98 -0.87
C LEU B 994 -68.86 -101.96 0.34
N GLY B 995 -69.34 -101.54 1.49
CA GLY B 995 -68.52 -101.47 2.67
C GLY B 995 -68.21 -100.04 3.06
N ALA B 996 -67.76 -99.88 4.29
CA ALA B 996 -67.54 -98.59 4.88
C ALA B 996 -66.09 -98.46 5.32
N ASN B 997 -65.69 -97.22 5.60
CA ASN B 997 -64.31 -96.96 6.02
C ASN B 997 -63.95 -97.81 7.23
N TYR B 998 -64.70 -97.66 8.31
CA TYR B 998 -64.26 -98.26 9.57
C TYR B 998 -64.26 -99.76 9.53
N PHE B 999 -65.04 -100.37 8.65
CA PHE B 999 -65.11 -101.83 8.60
C PHE B 999 -64.27 -102.44 7.50
N SER B 1000 -63.55 -101.63 6.74
CA SER B 1000 -62.80 -102.24 5.65
C SER B 1000 -61.49 -102.84 6.17
N SER B 1001 -60.79 -103.52 5.28
CA SER B 1001 -59.43 -103.96 5.58
C SER B 1001 -58.44 -102.84 5.36
N ILE B 1002 -58.68 -102.00 4.36
CA ILE B 1002 -57.83 -100.87 4.06
C ILE B 1002 -58.65 -99.62 4.33
N ARG B 1003 -58.27 -98.90 5.37
CA ARG B 1003 -58.98 -97.72 5.79
C ARG B 1003 -58.31 -96.50 5.21
N GLN B 1004 -58.72 -95.33 5.68
CA GLN B 1004 -58.30 -94.08 5.04
C GLN B 1004 -56.82 -93.79 5.13
N PRO B 1005 -56.12 -93.96 6.25
CA PRO B 1005 -54.71 -93.57 6.28
C PRO B 1005 -53.89 -94.16 5.17
N VAL B 1006 -54.25 -95.35 4.70
CA VAL B 1006 -53.57 -95.92 3.54
C VAL B 1006 -53.91 -95.14 2.29
N VAL B 1007 -55.14 -94.66 2.19
CA VAL B 1007 -55.58 -93.93 1.01
C VAL B 1007 -54.87 -92.59 0.94
N GLN B 1008 -54.81 -91.89 2.07
CA GLN B 1008 -54.22 -90.56 2.08
C GLN B 1008 -52.72 -90.61 1.90
N HIS B 1009 -52.06 -91.64 2.44
CA HIS B 1009 -50.64 -91.82 2.20
C HIS B 1009 -50.31 -91.85 0.73
N ALA B 1010 -51.13 -92.56 -0.05
CA ALA B 1010 -50.81 -92.79 -1.45
C ALA B 1010 -50.73 -91.49 -2.23
N ARG B 1011 -51.74 -90.63 -2.10
CA ARG B 1011 -51.75 -89.41 -2.86
C ARG B 1011 -50.91 -88.30 -2.24
N GLU B 1012 -50.62 -88.38 -0.95
CA GLU B 1012 -49.82 -87.34 -0.31
C GLU B 1012 -48.33 -87.56 -0.48
N SER B 1013 -47.89 -88.81 -0.53
CA SER B 1013 -46.47 -89.13 -0.42
C SER B 1013 -45.68 -88.59 -1.59
N ALA B 1014 -44.58 -87.90 -1.30
CA ALA B 1014 -43.72 -87.30 -2.29
C ALA B 1014 -42.55 -88.19 -2.69
N ALA B 1015 -42.50 -89.41 -2.21
CA ALA B 1015 -41.44 -90.32 -2.63
C ALA B 1015 -41.73 -90.82 -4.05
N GLY B 1016 -40.81 -91.62 -4.58
CA GLY B 1016 -40.96 -92.10 -5.94
C GLY B 1016 -42.15 -93.04 -6.06
N GLU B 1017 -42.30 -93.60 -7.26
CA GLU B 1017 -43.32 -94.63 -7.42
C GLU B 1017 -42.84 -95.98 -6.89
N ASN B 1018 -41.55 -96.29 -7.08
CA ASN B 1018 -40.95 -97.43 -6.42
C ASN B 1018 -41.05 -97.31 -4.91
N ALA B 1019 -40.43 -96.27 -4.37
CA ALA B 1019 -40.39 -96.09 -2.92
C ALA B 1019 -41.78 -96.09 -2.32
N LEU B 1020 -42.75 -95.50 -3.01
CA LEU B 1020 -44.11 -95.52 -2.49
C LEU B 1020 -44.69 -96.90 -2.54
N THR B 1021 -44.25 -97.72 -3.48
CA THR B 1021 -44.82 -99.06 -3.59
C THR B 1021 -44.39 -99.93 -2.42
N TYR B 1022 -43.09 -99.98 -2.14
CA TYR B 1022 -42.62 -100.74 -0.99
C TYR B 1022 -43.09 -100.11 0.31
N ALA B 1023 -43.23 -98.78 0.34
CA ALA B 1023 -43.75 -98.13 1.53
C ALA B 1023 -45.19 -98.54 1.78
N LEU B 1024 -45.94 -98.70 0.70
CA LEU B 1024 -47.34 -99.03 0.77
C LEU B 1024 -47.53 -100.52 0.97
N MET B 1025 -46.69 -101.33 0.31
CA MET B 1025 -46.64 -102.75 0.61
C MET B 1025 -46.36 -102.99 2.08
N ALA B 1026 -45.47 -102.20 2.66
CA ALA B 1026 -45.18 -102.32 4.09
C ALA B 1026 -46.37 -101.94 4.94
N GLY B 1027 -47.39 -101.29 4.36
CA GLY B 1027 -48.53 -100.89 5.15
C GLY B 1027 -49.53 -101.98 5.35
N TYR B 1028 -49.45 -103.05 4.57
CA TYR B 1028 -50.42 -104.11 4.58
C TYR B 1028 -50.05 -105.28 5.49
N PHE B 1029 -48.96 -105.16 6.24
CA PHE B 1029 -48.65 -106.18 7.22
C PHE B 1029 -49.66 -106.16 8.35
N LYS B 1030 -50.15 -107.33 8.73
CA LYS B 1030 -51.24 -107.39 9.69
C LYS B 1030 -50.79 -107.07 11.10
N MET B 1031 -51.78 -106.75 11.93
CA MET B 1031 -51.62 -106.30 13.31
C MET B 1031 -51.84 -107.41 14.34
N SER B 1032 -52.15 -108.62 13.93
CA SER B 1032 -52.42 -109.68 14.87
C SER B 1032 -51.18 -110.06 15.67
N PRO B 1033 -51.34 -110.62 16.88
CA PRO B 1033 -50.14 -110.90 17.67
C PRO B 1033 -49.33 -112.03 17.07
N VAL B 1034 -49.93 -112.85 16.22
CA VAL B 1034 -49.14 -113.80 15.46
C VAL B 1034 -48.39 -113.09 14.35
N ALA B 1035 -49.01 -112.07 13.76
CA ALA B 1035 -48.40 -111.34 12.66
C ALA B 1035 -47.37 -110.34 13.12
N LEU B 1036 -47.36 -109.98 14.41
CA LEU B 1036 -46.27 -109.20 14.96
C LEU B 1036 -45.09 -110.06 15.37
N TYR B 1037 -45.32 -111.35 15.59
CA TYR B 1037 -44.21 -112.24 15.89
C TYR B 1037 -43.29 -112.39 14.68
N HIS B 1038 -43.86 -112.50 13.48
CA HIS B 1038 -43.03 -112.66 12.30
C HIS B 1038 -42.27 -111.40 11.97
N GLN B 1039 -42.69 -110.26 12.50
CA GLN B 1039 -42.12 -108.97 12.11
C GLN B 1039 -41.07 -108.51 13.11
N LEU B 1040 -41.45 -108.37 14.36
CA LEU B 1040 -40.47 -108.11 15.40
C LEU B 1040 -39.28 -109.06 15.30
N LYS B 1041 -39.52 -110.34 15.02
CA LYS B 1041 -38.41 -111.27 14.99
C LYS B 1041 -37.59 -111.13 13.72
N THR B 1042 -38.18 -110.66 12.64
CA THR B 1042 -37.49 -110.59 11.35
C THR B 1042 -36.90 -109.21 11.09
N GLY B 1043 -37.05 -108.27 12.01
CA GLY B 1043 -36.50 -106.96 11.80
C GLY B 1043 -37.34 -106.11 10.88
N LEU B 1044 -38.65 -106.17 11.04
CA LEU B 1044 -39.54 -105.21 10.41
C LEU B 1044 -40.04 -104.28 11.50
N HIS B 1045 -40.25 -103.03 11.13
CA HIS B 1045 -40.76 -102.05 12.06
C HIS B 1045 -42.26 -101.97 11.90
N PRO B 1046 -43.04 -102.47 12.80
CA PRO B 1046 -44.49 -102.52 12.63
C PRO B 1046 -45.22 -101.22 12.94
N GLY B 1047 -44.73 -100.13 12.39
CA GLY B 1047 -45.49 -98.90 12.35
C GLY B 1047 -45.64 -98.16 13.65
N PHE B 1048 -45.29 -98.75 14.78
CA PHE B 1048 -45.30 -98.02 16.04
C PHE B 1048 -44.06 -98.40 16.82
N GLY B 1049 -43.95 -97.86 18.02
CA GLY B 1049 -42.72 -97.97 18.77
C GLY B 1049 -43.07 -98.06 20.24
N PHE B 1050 -42.05 -98.32 21.03
CA PHE B 1050 -42.25 -98.56 22.44
C PHE B 1050 -41.50 -97.53 23.27
N THR B 1051 -42.01 -97.28 24.47
CA THR B 1051 -41.24 -96.65 25.53
C THR B 1051 -40.94 -97.69 26.58
N VAL B 1052 -39.68 -97.79 26.97
CA VAL B 1052 -39.21 -98.87 27.82
C VAL B 1052 -39.03 -98.32 29.22
N VAL B 1053 -39.81 -98.83 30.15
CA VAL B 1053 -39.71 -98.44 31.56
C VAL B 1053 -38.97 -99.55 32.28
N ARG B 1054 -37.82 -99.22 32.83
CA ARG B 1054 -37.05 -100.13 33.66
C ARG B 1054 -36.79 -99.48 35.01
N GLN B 1055 -36.93 -100.25 36.07
CA GLN B 1055 -36.67 -99.76 37.42
C GLN B 1055 -35.39 -100.36 37.96
N ASP B 1056 -34.49 -99.50 38.42
CA ASP B 1056 -33.22 -99.94 38.96
C ASP B 1056 -33.18 -99.68 40.45
N ARG B 1057 -32.06 -100.04 41.05
CA ARG B 1057 -31.91 -99.95 42.50
C ARG B 1057 -30.45 -99.76 42.84
N PHE B 1058 -30.18 -98.95 43.86
CA PHE B 1058 -28.83 -98.50 44.12
C PHE B 1058 -28.57 -98.56 45.62
N VAL B 1059 -27.40 -99.08 46.00
CA VAL B 1059 -27.00 -99.06 47.40
C VAL B 1059 -26.19 -97.79 47.63
N THR B 1060 -26.75 -96.88 48.39
CA THR B 1060 -26.19 -95.56 48.56
C THR B 1060 -25.52 -95.43 49.91
N GLU B 1061 -25.12 -94.21 50.23
CA GLU B 1061 -24.62 -93.79 51.51
C GLU B 1061 -25.57 -92.74 52.03
N ASN B 1062 -25.45 -92.40 53.30
CA ASN B 1062 -26.28 -91.32 53.81
C ASN B 1062 -25.50 -90.55 54.85
N VAL B 1063 -25.97 -89.34 55.10
CA VAL B 1063 -25.54 -88.55 56.23
C VAL B 1063 -26.78 -88.31 57.08
N LEU B 1064 -26.62 -87.66 58.22
CA LEU B 1064 -27.78 -87.33 59.02
C LEU B 1064 -27.47 -86.17 59.93
N PHE B 1065 -28.36 -85.21 60.08
CA PHE B 1065 -28.15 -84.19 61.09
C PHE B 1065 -29.31 -84.32 62.06
N SER B 1066 -29.14 -83.74 63.24
CA SER B 1066 -30.24 -83.70 64.19
C SER B 1066 -30.02 -82.55 65.14
N GLU B 1067 -31.11 -82.04 65.63
CA GLU B 1067 -31.04 -80.97 66.56
C GLU B 1067 -30.61 -81.53 67.91
N ARG B 1068 -30.42 -80.68 68.90
CA ARG B 1068 -29.96 -81.15 70.16
C ARG B 1068 -30.91 -82.12 70.79
N ALA B 1069 -32.20 -81.91 70.70
CA ALA B 1069 -33.09 -82.88 71.29
C ALA B 1069 -34.15 -82.80 70.25
N SER B 1070 -34.24 -83.77 69.37
CA SER B 1070 -35.23 -83.65 68.33
C SER B 1070 -36.26 -84.66 68.77
N GLU B 1071 -35.84 -85.81 69.20
CA GLU B 1071 -36.75 -86.86 69.66
C GLU B 1071 -36.91 -86.81 71.18
N ALA B 1072 -37.82 -87.65 71.66
CA ALA B 1072 -38.12 -87.89 73.05
C ALA B 1072 -38.07 -89.39 73.01
N TYR B 1073 -37.75 -90.07 74.09
CA TYR B 1073 -37.65 -91.51 73.96
C TYR B 1073 -37.81 -92.15 75.34
N PHE B 1074 -38.62 -93.20 75.40
CA PHE B 1074 -39.04 -93.79 76.65
C PHE B 1074 -38.55 -95.22 76.74
N LEU B 1075 -38.49 -95.75 77.96
CA LEU B 1075 -37.80 -97.01 78.16
C LEU B 1075 -38.67 -98.15 78.68
N GLY B 1076 -39.07 -98.12 79.94
CA GLY B 1076 -39.75 -99.29 80.52
C GLY B 1076 -38.77 -100.38 80.91
N GLN B 1077 -39.37 -101.43 81.50
CA GLN B 1077 -38.72 -102.65 82.04
C GLN B 1077 -38.45 -103.77 81.05
N LEU B 1078 -37.85 -104.86 81.53
CA LEU B 1078 -37.49 -105.95 80.62
C LEU B 1078 -38.49 -107.10 80.56
N GLN B 1079 -39.22 -107.39 81.63
CA GLN B 1079 -40.23 -108.45 81.64
C GLN B 1079 -39.79 -109.77 81.00
N VAL B 1080 -38.99 -110.56 81.72
CA VAL B 1080 -38.61 -111.90 81.28
C VAL B 1080 -39.83 -112.77 80.98
N ALA B 1081 -39.67 -113.66 80.00
CA ALA B 1081 -40.66 -114.70 79.71
C ALA B 1081 -39.96 -116.05 79.61
N ARG B 1082 -40.68 -117.13 79.94
CA ARG B 1082 -40.13 -118.48 79.96
C ARG B 1082 -40.92 -119.36 79.00
N HIS B 1083 -40.23 -119.96 78.05
CA HIS B 1083 -40.86 -120.90 77.12
C HIS B 1083 -39.93 -122.09 76.96
N GLU B 1084 -40.38 -123.27 77.38
CA GLU B 1084 -39.59 -124.48 77.20
C GLU B 1084 -39.65 -124.93 75.75
N THR B 1085 -38.48 -125.35 75.23
CA THR B 1085 -38.37 -125.83 73.86
C THR B 1085 -37.63 -127.17 73.89
N GLY B 1086 -37.36 -127.72 72.70
CA GLY B 1086 -36.57 -128.92 72.63
C GLY B 1086 -35.44 -128.15 73.25
N GLY B 1087 -34.62 -128.71 74.12
CA GLY B 1087 -33.67 -127.80 74.72
C GLY B 1087 -33.80 -127.81 76.22
N GLY B 1088 -33.61 -126.62 76.79
CA GLY B 1088 -33.99 -126.34 78.15
C GLY B 1088 -34.59 -124.96 78.18
N VAL B 1089 -35.10 -124.58 79.36
CA VAL B 1089 -35.95 -123.39 79.43
C VAL B 1089 -35.29 -122.22 78.74
N ASN B 1090 -36.02 -121.59 77.84
CA ASN B 1090 -35.51 -120.51 77.01
C ASN B 1090 -36.17 -119.22 77.47
N PHE B 1091 -35.37 -118.30 77.97
CA PHE B 1091 -35.86 -117.01 78.45
C PHE B 1091 -35.80 -116.02 77.31
N THR B 1092 -36.96 -115.53 76.90
CA THR B 1092 -36.98 -114.35 76.06
C THR B 1092 -37.03 -113.11 76.93
N LEU B 1093 -36.93 -111.96 76.28
CA LEU B 1093 -36.90 -110.68 76.97
C LEU B 1093 -37.49 -109.67 76.02
N THR B 1094 -38.23 -108.71 76.54
CA THR B 1094 -38.62 -107.60 75.68
C THR B 1094 -38.79 -106.35 76.52
N GLN B 1095 -38.36 -105.23 75.98
CA GLN B 1095 -38.51 -103.96 76.67
C GLN B 1095 -39.46 -103.07 75.89
N PRO B 1096 -40.70 -102.91 76.32
CA PRO B 1096 -41.62 -102.05 75.58
C PRO B 1096 -41.14 -100.62 75.65
N ARG B 1097 -41.07 -99.96 74.51
CA ARG B 1097 -40.55 -98.61 74.54
C ARG B 1097 -41.05 -97.84 73.34
N GLY B 1098 -41.02 -96.52 73.46
CA GLY B 1098 -41.54 -95.68 72.41
C GLY B 1098 -40.86 -94.35 72.41
N ASN B 1099 -41.20 -93.56 71.39
CA ASN B 1099 -40.59 -92.26 71.18
C ASN B 1099 -41.66 -91.29 70.73
N VAL B 1100 -41.31 -90.00 70.65
CA VAL B 1100 -42.22 -88.94 70.17
C VAL B 1100 -41.47 -87.87 69.39
N ASP B 1101 -42.09 -87.25 68.39
CA ASP B 1101 -41.37 -86.30 67.52
C ASP B 1101 -40.77 -85.11 68.19
N LEU B 1102 -41.50 -84.47 69.08
CA LEU B 1102 -40.94 -83.40 69.89
C LEU B 1102 -40.20 -82.30 69.18
N GLY B 1103 -40.66 -81.90 68.01
CA GLY B 1103 -40.02 -80.86 67.24
C GLY B 1103 -41.15 -80.00 66.75
N VAL B 1104 -40.92 -78.74 66.44
CA VAL B 1104 -42.08 -77.97 66.02
C VAL B 1104 -42.18 -78.09 64.51
N GLY B 1105 -41.14 -77.67 63.79
CA GLY B 1105 -41.00 -77.86 62.36
C GLY B 1105 -40.10 -79.03 62.03
N TYR B 1106 -39.41 -78.93 60.90
CA TYR B 1106 -38.52 -80.00 60.50
C TYR B 1106 -37.27 -80.03 61.36
N THR B 1107 -36.87 -81.23 61.74
CA THR B 1107 -35.55 -81.43 62.31
C THR B 1107 -34.98 -82.66 61.63
N ALA B 1108 -33.66 -82.79 61.72
CA ALA B 1108 -33.00 -84.00 61.28
C ALA B 1108 -33.20 -84.29 59.80
N VAL B 1109 -32.49 -83.59 58.91
CA VAL B 1109 -32.46 -84.00 57.51
C VAL B 1109 -31.57 -85.22 57.35
N ALA B 1110 -31.58 -85.80 56.15
CA ALA B 1110 -30.61 -86.83 55.78
C ALA B 1110 -30.24 -86.64 54.32
N ALA B 1111 -29.01 -86.21 54.04
CA ALA B 1111 -28.61 -86.02 52.68
C ALA B 1111 -28.05 -87.29 52.20
N THR B 1112 -28.42 -87.70 51.02
CA THR B 1112 -27.86 -88.90 50.47
C THR B 1112 -26.67 -88.41 49.74
N ALA B 1113 -25.53 -88.73 50.28
CA ALA B 1113 -24.27 -88.39 49.67
C ALA B 1113 -23.68 -89.70 49.30
N THR B 1114 -23.20 -89.82 48.06
CA THR B 1114 -22.52 -91.02 47.48
C THR B 1114 -23.35 -92.27 47.10
N VAL B 1115 -22.68 -93.32 46.66
CA VAL B 1115 -23.21 -94.64 46.36
C VAL B 1115 -22.12 -95.67 46.59
N ARG B 1116 -22.51 -96.93 46.69
CA ARG B 1116 -21.55 -98.00 46.54
C ARG B 1116 -21.69 -98.62 45.16
N ASN B 1117 -22.87 -99.12 44.89
CA ASN B 1117 -23.11 -99.65 43.59
C ASN B 1117 -24.58 -99.82 43.36
N PRO B 1118 -24.95 -100.24 42.16
CA PRO B 1118 -26.33 -100.57 41.82
C PRO B 1118 -26.61 -102.01 42.16
N VAL B 1119 -27.74 -102.31 42.75
CA VAL B 1119 -28.12 -103.68 42.99
C VAL B 1119 -28.47 -104.47 41.75
N THR B 1120 -29.13 -103.85 40.78
CA THR B 1120 -29.58 -104.49 39.56
C THR B 1120 -28.61 -104.19 38.45
N ASP B 1121 -28.33 -105.17 37.61
CA ASP B 1121 -27.34 -105.06 36.56
C ASP B 1121 -27.62 -103.97 35.56
N MET B 1122 -28.82 -103.43 35.59
CA MET B 1122 -29.19 -102.29 34.74
C MET B 1122 -29.75 -102.45 33.37
N GLY B 1123 -30.35 -103.60 33.06
CA GLY B 1123 -30.99 -103.70 31.77
C GLY B 1123 -31.00 -104.90 30.89
N ASN B 1124 -31.80 -104.75 29.85
CA ASN B 1124 -31.98 -105.73 28.81
C ASN B 1124 -32.88 -106.91 29.10
N LEU B 1125 -33.73 -106.89 30.12
CA LEU B 1125 -34.54 -108.07 30.27
C LEU B 1125 -35.97 -107.68 29.93
N PRO B 1126 -36.63 -108.49 29.13
CA PRO B 1126 -37.99 -108.16 28.71
C PRO B 1126 -38.97 -108.44 29.82
N GLN B 1127 -40.22 -108.11 29.57
CA GLN B 1127 -41.34 -108.59 30.36
C GLN B 1127 -42.00 -109.71 29.58
N ASN B 1128 -42.38 -110.76 30.25
CA ASN B 1128 -43.06 -111.88 29.62
C ASN B 1128 -44.44 -111.96 30.22
N PHE B 1129 -45.46 -111.68 29.42
CA PHE B 1129 -46.81 -111.74 29.95
C PHE B 1129 -47.36 -113.14 30.03
N TYR B 1130 -46.60 -114.14 29.58
CA TYR B 1130 -47.07 -115.51 29.72
C TYR B 1130 -46.81 -116.06 31.10
N LEU B 1131 -46.19 -115.28 31.98
CA LEU B 1131 -46.03 -115.69 33.37
C LEU B 1131 -47.36 -115.63 34.10
N GLY B 1132 -48.05 -114.51 33.99
CA GLY B 1132 -49.36 -114.37 34.58
C GLY B 1132 -50.45 -114.69 33.58
N ARG B 1133 -51.58 -115.14 34.12
CA ARG B 1133 -52.72 -115.64 33.36
C ARG B 1133 -54.01 -114.82 33.27
N GLY B 1134 -53.97 -113.52 33.50
CA GLY B 1134 -55.19 -112.74 33.46
C GLY B 1134 -55.99 -112.69 32.17
N ALA B 1135 -55.31 -112.59 31.03
CA ALA B 1135 -56.01 -112.49 29.75
C ALA B 1135 -56.68 -113.76 29.17
N PRO B 1136 -57.81 -113.53 28.40
CA PRO B 1136 -58.41 -114.74 27.80
C PRO B 1136 -57.48 -115.16 26.67
N PRO B 1137 -57.58 -116.37 26.14
CA PRO B 1137 -56.57 -116.73 25.14
C PRO B 1137 -57.09 -116.52 23.72
N LEU B 1138 -56.23 -116.80 22.75
CA LEU B 1138 -56.65 -116.88 21.36
C LEU B 1138 -57.60 -118.06 21.17
N LEU B 1139 -58.58 -117.93 20.28
CA LEU B 1139 -59.58 -118.98 20.17
C LEU B 1139 -59.02 -120.28 19.58
N ASP B 1140 -58.39 -120.20 18.42
CA ASP B 1140 -57.85 -121.42 17.84
C ASP B 1140 -56.80 -121.95 18.79
N ASN B 1141 -56.99 -123.19 19.25
CA ASN B 1141 -56.10 -123.71 20.26
C ASN B 1141 -54.71 -123.95 19.70
N ALA B 1142 -54.63 -124.39 18.45
CA ALA B 1142 -53.33 -124.51 17.80
C ALA B 1142 -52.67 -123.15 17.68
N ALA B 1143 -53.47 -122.09 17.47
CA ALA B 1143 -52.93 -120.75 17.40
C ALA B 1143 -52.41 -120.28 18.74
N ALA B 1144 -53.08 -120.66 19.83
CA ALA B 1144 -52.71 -120.16 21.14
C ALA B 1144 -51.42 -120.83 21.62
N VAL B 1145 -51.30 -122.14 21.44
CA VAL B 1145 -50.11 -122.83 21.92
C VAL B 1145 -48.97 -122.77 20.90
N TYR B 1146 -49.25 -122.36 19.67
CA TYR B 1146 -48.14 -122.06 18.78
C TYR B 1146 -47.44 -120.79 19.22
N LEU B 1147 -48.21 -119.72 19.40
CA LEU B 1147 -47.63 -118.44 19.80
C LEU B 1147 -47.02 -118.54 21.19
N ARG B 1148 -47.70 -119.22 22.11
CA ARG B 1148 -47.21 -119.29 23.48
C ARG B 1148 -45.80 -119.84 23.52
N ASN B 1149 -45.62 -121.11 23.12
CA ASN B 1149 -44.29 -121.68 23.25
C ASN B 1149 -43.31 -121.15 22.22
N ALA B 1150 -43.78 -120.39 21.23
CA ALA B 1150 -42.84 -119.69 20.36
C ALA B 1150 -42.19 -118.53 21.10
N VAL B 1151 -42.95 -117.86 21.96
CA VAL B 1151 -42.38 -116.82 22.80
C VAL B 1151 -41.61 -117.43 23.96
N VAL B 1152 -42.24 -118.36 24.67
CA VAL B 1152 -41.70 -118.94 25.89
C VAL B 1152 -40.50 -119.85 25.64
N ALA B 1153 -40.13 -120.07 24.38
CA ALA B 1153 -39.15 -121.08 24.00
C ALA B 1153 -37.93 -121.09 24.92
N GLY B 1154 -37.10 -120.05 24.85
CA GLY B 1154 -35.96 -119.94 25.74
C GLY B 1154 -35.95 -118.81 26.75
N ASN B 1155 -37.07 -118.14 27.01
CA ASN B 1155 -37.03 -116.87 27.74
C ASN B 1155 -36.31 -117.00 29.07
N ARG B 1156 -35.64 -115.91 29.43
CA ARG B 1156 -34.95 -115.86 30.69
C ARG B 1156 -36.06 -116.01 31.68
N LEU B 1157 -37.16 -115.30 31.47
CA LEU B 1157 -38.32 -115.47 32.29
C LEU B 1157 -39.25 -116.00 31.26
N GLY B 1158 -39.56 -117.28 31.33
CA GLY B 1158 -40.50 -117.87 30.42
C GLY B 1158 -40.86 -118.84 31.47
N PRO B 1159 -42.09 -119.26 31.64
CA PRO B 1159 -42.18 -120.21 32.75
C PRO B 1159 -41.56 -121.54 32.38
N ALA B 1160 -40.68 -122.01 33.26
CA ALA B 1160 -40.28 -123.40 33.18
C ALA B 1160 -41.50 -124.23 33.55
N GLN B 1161 -41.93 -125.11 32.64
CA GLN B 1161 -43.08 -126.01 32.70
C GLN B 1161 -44.36 -125.17 32.77
N PRO B 1162 -45.50 -125.68 32.33
CA PRO B 1162 -46.68 -124.81 32.18
C PRO B 1162 -47.17 -124.27 33.52
N LEU B 1163 -48.00 -123.25 33.44
CA LEU B 1163 -48.54 -122.61 34.63
C LEU B 1163 -49.46 -123.55 35.38
N PRO B 1164 -49.17 -123.88 36.63
CA PRO B 1164 -50.10 -124.69 37.41
C PRO B 1164 -51.27 -123.86 37.93
N VAL B 1165 -52.38 -124.55 38.18
CA VAL B 1165 -53.55 -123.93 38.80
C VAL B 1165 -53.12 -123.36 40.15
N PHE B 1166 -52.81 -124.24 41.10
CA PHE B 1166 -52.18 -123.83 42.35
C PHE B 1166 -50.68 -124.05 42.24
N GLY B 1167 -49.91 -123.03 42.59
CA GLY B 1167 -48.48 -123.09 42.44
C GLY B 1167 -47.94 -121.70 42.20
N CYS B 1168 -46.75 -121.65 41.60
CA CYS B 1168 -46.11 -120.40 41.25
C CYS B 1168 -45.72 -120.44 39.77
N ALA B 1169 -45.42 -119.27 39.21
CA ALA B 1169 -45.09 -119.20 37.80
C ALA B 1169 -43.70 -119.75 37.49
N GLN B 1170 -42.82 -119.86 38.49
CA GLN B 1170 -41.55 -120.57 38.35
C GLN B 1170 -40.69 -119.96 37.25
N VAL B 1171 -40.15 -118.78 37.55
CA VAL B 1171 -39.09 -118.27 36.69
C VAL B 1171 -37.91 -119.22 36.73
N PRO B 1172 -37.40 -119.68 35.58
CA PRO B 1172 -36.23 -120.56 35.58
C PRO B 1172 -35.04 -119.85 36.17
N ARG B 1173 -34.36 -120.54 37.08
CA ARG B 1173 -33.18 -120.03 37.74
C ARG B 1173 -31.97 -120.47 36.95
N ARG B 1174 -31.07 -119.54 36.64
CA ARG B 1174 -29.88 -119.91 35.91
C ARG B 1174 -28.78 -120.37 36.86
N ALA B 1175 -27.87 -121.17 36.32
CA ALA B 1175 -26.84 -121.78 37.15
C ALA B 1175 -25.92 -120.74 37.77
N GLY B 1176 -25.65 -119.65 37.07
CA GLY B 1176 -24.78 -118.63 37.62
C GLY B 1176 -25.17 -117.27 37.10
N MET B 1177 -24.79 -116.26 37.88
CA MET B 1177 -25.13 -114.88 37.59
C MET B 1177 -23.97 -113.99 38.00
N ASP B 1178 -23.74 -112.93 37.23
CA ASP B 1178 -22.56 -112.10 37.45
C ASP B 1178 -22.89 -110.67 37.83
N HIS B 1179 -23.43 -109.86 36.93
CA HIS B 1179 -23.39 -108.43 37.17
C HIS B 1179 -24.30 -108.00 38.30
N GLY B 1180 -25.29 -108.79 38.63
CA GLY B 1180 -26.16 -108.46 39.71
C GLY B 1180 -27.56 -108.94 39.41
N GLN B 1181 -28.49 -108.45 40.21
CA GLN B 1181 -29.90 -108.70 39.96
C GLN B 1181 -30.29 -108.24 38.57
N ASP B 1182 -31.13 -109.02 37.91
CA ASP B 1182 -31.56 -108.67 36.56
C ASP B 1182 -32.77 -107.75 36.65
N ALA B 1183 -32.63 -106.55 36.11
CA ALA B 1183 -33.79 -105.66 36.10
C ALA B 1183 -34.80 -106.17 35.10
N VAL B 1184 -35.96 -105.52 35.05
CA VAL B 1184 -37.03 -105.97 34.18
C VAL B 1184 -37.50 -104.77 33.38
N CYS B 1185 -37.28 -104.82 32.08
CA CYS B 1185 -37.73 -103.77 31.18
C CYS B 1185 -39.14 -104.07 30.73
N GLU B 1186 -39.94 -103.01 30.60
CA GLU B 1186 -41.30 -103.12 30.10
C GLU B 1186 -41.53 -102.17 28.95
N PHE B 1187 -42.45 -102.56 28.09
CA PHE B 1187 -42.66 -101.88 26.82
C PHE B 1187 -44.08 -101.33 26.80
N ILE B 1188 -44.22 -100.03 26.65
CA ILE B 1188 -45.48 -99.39 26.36
C ILE B 1188 -45.42 -98.95 24.91
N ALA B 1189 -46.48 -99.22 24.16
CA ALA B 1189 -46.48 -98.97 22.72
C ALA B 1189 -46.90 -97.53 22.48
N THR B 1190 -45.98 -96.73 21.97
CA THR B 1190 -46.32 -95.36 21.67
C THR B 1190 -46.41 -95.16 20.15
N PRO B 1191 -46.83 -93.99 19.67
CA PRO B 1191 -46.73 -93.71 18.25
C PRO B 1191 -45.31 -93.32 17.85
N VAL B 1192 -44.93 -93.71 16.63
CA VAL B 1192 -43.59 -93.32 16.15
C VAL B 1192 -43.44 -91.81 16.15
N ALA B 1193 -44.54 -91.06 16.01
CA ALA B 1193 -44.45 -89.61 16.08
C ALA B 1193 -44.92 -89.20 17.46
N THR B 1194 -43.95 -89.06 18.35
CA THR B 1194 -44.00 -88.29 19.58
C THR B 1194 -42.57 -87.80 19.67
N ASP B 1195 -42.36 -86.53 19.95
CA ASP B 1195 -41.02 -86.01 19.76
C ASP B 1195 -40.04 -86.71 20.71
N ILE B 1196 -38.81 -86.86 20.32
CA ILE B 1196 -37.90 -87.47 21.23
C ILE B 1196 -37.70 -86.51 22.38
N ASN B 1197 -38.18 -85.28 22.27
CA ASN B 1197 -38.13 -84.28 23.26
C ASN B 1197 -39.05 -84.49 24.45
N TYR B 1198 -39.99 -85.47 24.42
CA TYR B 1198 -40.80 -85.86 25.56
C TYR B 1198 -39.89 -86.50 26.58
N PHE B 1199 -38.90 -87.22 26.07
CA PHE B 1199 -37.76 -87.82 26.74
C PHE B 1199 -36.65 -86.75 26.82
N ARG B 1200 -35.47 -87.06 27.24
CA ARG B 1200 -34.44 -86.02 27.46
C ARG B 1200 -34.98 -85.16 28.61
N ARG B 1201 -35.96 -85.69 29.35
CA ARG B 1201 -36.45 -85.00 30.53
C ARG B 1201 -37.11 -86.04 31.42
N PRO B 1202 -37.20 -85.80 32.74
CA PRO B 1202 -37.84 -86.78 33.64
C PRO B 1202 -39.25 -87.29 33.32
N CYS B 1203 -39.87 -86.79 32.27
CA CYS B 1203 -41.30 -86.91 32.03
C CYS B 1203 -41.89 -88.30 32.22
N ASN B 1204 -43.14 -88.34 32.72
CA ASN B 1204 -43.95 -89.54 32.92
C ASN B 1204 -43.98 -90.43 31.66
N PRO B 1205 -43.85 -91.72 31.89
CA PRO B 1205 -43.93 -92.76 30.86
C PRO B 1205 -45.32 -93.00 30.27
N ARG B 1206 -46.39 -92.58 30.92
CA ARG B 1206 -47.70 -92.89 30.38
C ARG B 1206 -48.17 -91.82 29.42
N GLY B 1207 -47.39 -90.76 29.25
CA GLY B 1207 -47.77 -89.65 28.41
C GLY B 1207 -48.28 -88.45 29.15
N ARG B 1208 -48.73 -88.60 30.38
CA ARG B 1208 -49.38 -87.51 31.09
C ARG B 1208 -48.95 -87.53 32.55
N ALA B 1209 -48.95 -86.35 33.17
CA ALA B 1209 -48.56 -86.25 34.57
C ALA B 1209 -49.71 -86.71 35.43
N ALA B 1210 -49.48 -87.76 36.20
CA ALA B 1210 -50.55 -88.39 36.97
C ALA B 1210 -50.54 -88.04 38.45
N GLY B 1211 -49.54 -87.30 38.93
CA GLY B 1211 -49.32 -87.21 40.36
C GLY B 1211 -50.48 -86.58 41.11
N GLY B 1212 -50.52 -86.82 42.40
CA GLY B 1212 -51.38 -86.07 43.28
C GLY B 1212 -50.68 -84.86 43.83
N VAL B 1213 -49.42 -84.69 43.45
CA VAL B 1213 -48.66 -83.51 43.78
C VAL B 1213 -49.18 -82.32 42.99
N TYR B 1214 -49.75 -82.57 41.83
CA TYR B 1214 -50.31 -81.57 40.94
C TYR B 1214 -51.77 -81.28 41.24
N ALA B 1215 -52.33 -81.94 42.24
CA ALA B 1215 -53.72 -81.79 42.57
C ALA B 1215 -54.02 -80.38 43.03
N GLY B 1216 -55.29 -80.00 42.90
CA GLY B 1216 -55.73 -78.67 43.27
C GLY B 1216 -56.59 -78.54 44.50
N ASP B 1217 -56.87 -79.62 45.19
CA ASP B 1217 -57.69 -79.49 46.37
C ASP B 1217 -59.15 -79.30 46.05
N LYS B 1218 -59.54 -79.63 44.84
CA LYS B 1218 -60.91 -79.47 44.42
C LYS B 1218 -61.62 -80.79 44.28
N GLU B 1219 -61.13 -81.78 45.00
CA GLU B 1219 -61.68 -83.14 45.11
C GLU B 1219 -61.97 -84.15 43.99
N GLY B 1220 -61.71 -83.79 42.76
CA GLY B 1220 -62.00 -84.71 41.71
C GLY B 1220 -60.79 -84.45 40.87
N ASP B 1221 -59.91 -83.59 41.31
CA ASP B 1221 -58.80 -83.27 40.41
C ASP B 1221 -57.99 -84.49 40.04
N VAL B 1222 -57.46 -85.21 41.01
CA VAL B 1222 -56.89 -86.51 40.68
C VAL B 1222 -57.99 -87.33 40.03
N ILE B 1223 -57.64 -87.99 38.94
CA ILE B 1223 -58.58 -88.74 38.19
C ILE B 1223 -58.94 -87.81 37.08
N ALA B 1224 -59.35 -86.59 37.42
CA ALA B 1224 -59.64 -85.64 36.36
C ALA B 1224 -58.33 -85.26 35.71
N LEU B 1225 -57.38 -84.90 36.54
CA LEU B 1225 -56.07 -84.45 36.12
C LEU B 1225 -55.41 -85.55 35.37
N MET B 1226 -55.54 -86.75 35.92
CA MET B 1226 -54.96 -87.92 35.31
C MET B 1226 -55.53 -88.36 33.98
N TYR B 1227 -56.86 -88.34 33.83
CA TYR B 1227 -57.45 -88.89 32.62
C TYR B 1227 -58.17 -88.03 31.62
N ASP B 1228 -58.51 -86.83 32.04
CA ASP B 1228 -59.33 -85.92 31.29
C ASP B 1228 -58.62 -85.25 30.19
N HIS B 1229 -58.39 -85.98 29.12
CA HIS B 1229 -57.67 -85.39 27.99
C HIS B 1229 -58.35 -84.25 27.25
N GLY B 1230 -59.65 -84.05 27.46
CA GLY B 1230 -60.22 -82.76 27.08
C GLY B 1230 -59.54 -81.57 27.72
N GLN B 1231 -58.81 -81.76 28.81
CA GLN B 1231 -57.94 -80.73 29.37
C GLN B 1231 -56.54 -80.84 28.81
N SER B 1232 -55.69 -79.92 29.25
CA SER B 1232 -54.29 -79.93 28.92
C SER B 1232 -53.58 -80.92 29.84
N ASP B 1233 -52.26 -80.85 29.88
CA ASP B 1233 -51.45 -81.70 30.70
C ASP B 1233 -50.68 -80.82 31.67
N PRO B 1234 -50.62 -81.18 32.94
CA PRO B 1234 -49.88 -80.33 33.89
C PRO B 1234 -48.42 -80.21 33.54
N ALA B 1235 -47.76 -81.33 33.29
CA ALA B 1235 -46.33 -81.32 33.05
C ALA B 1235 -46.01 -80.61 31.75
N ARG B 1236 -46.80 -80.85 30.71
CA ARG B 1236 -46.60 -80.19 29.41
C ARG B 1236 -47.94 -79.55 29.27
N PRO B 1237 -47.98 -78.23 29.27
CA PRO B 1237 -49.29 -77.59 29.33
C PRO B 1237 -50.03 -77.50 28.01
N PHE B 1238 -49.38 -77.69 26.88
CA PHE B 1238 -49.96 -77.36 25.60
C PHE B 1238 -50.59 -78.54 24.87
N ALA B 1239 -50.61 -79.74 25.46
CA ALA B 1239 -51.11 -80.92 24.77
C ALA B 1239 -51.93 -81.76 25.73
N ALA B 1240 -52.87 -82.54 25.24
CA ALA B 1240 -53.61 -83.41 26.16
C ALA B 1240 -52.79 -84.54 26.78
N THR B 1241 -51.96 -85.19 25.96
CA THR B 1241 -51.13 -86.32 26.30
C THR B 1241 -50.04 -86.49 25.29
N ALA B 1242 -49.00 -87.24 25.59
CA ALA B 1242 -47.99 -87.54 24.59
C ALA B 1242 -48.22 -88.89 23.94
N ASN B 1243 -48.86 -89.78 24.65
CA ASN B 1243 -49.17 -91.08 24.14
C ASN B 1243 -50.63 -91.27 24.40
N PRO B 1244 -51.45 -91.43 23.35
CA PRO B 1244 -52.86 -91.56 23.68
C PRO B 1244 -53.24 -92.98 23.88
N TRP B 1245 -52.29 -93.90 23.72
CA TRP B 1245 -52.48 -95.32 23.89
C TRP B 1245 -52.22 -95.78 25.31
N ALA B 1246 -51.82 -94.88 26.19
CA ALA B 1246 -51.49 -95.19 27.58
C ALA B 1246 -52.24 -94.25 28.49
N SER B 1247 -52.01 -92.95 28.29
CA SER B 1247 -52.51 -91.92 29.19
C SER B 1247 -54.02 -91.96 29.41
N GLN B 1248 -54.78 -92.43 28.43
CA GLN B 1248 -56.22 -92.45 28.57
C GLN B 1248 -56.69 -93.65 29.38
N ARG B 1249 -57.84 -93.51 30.00
CA ARG B 1249 -58.42 -94.66 30.68
C ARG B 1249 -58.92 -95.65 29.64
N PHE B 1250 -58.63 -96.93 29.90
CA PHE B 1250 -58.88 -98.03 29.01
C PHE B 1250 -58.03 -97.87 27.77
N SER B 1251 -56.90 -97.19 27.90
CA SER B 1251 -56.08 -96.86 26.77
C SER B 1251 -55.15 -97.86 26.17
N TYR B 1252 -55.10 -99.06 26.70
CA TYR B 1252 -54.26 -100.22 26.31
C TYR B 1252 -52.90 -100.15 26.92
N GLY B 1253 -52.60 -99.16 27.75
CA GLY B 1253 -51.32 -99.13 28.39
C GLY B 1253 -51.95 -99.16 29.72
N ASP B 1254 -53.19 -98.75 29.72
CA ASP B 1254 -54.04 -98.71 30.90
C ASP B 1254 -54.72 -100.05 31.13
N LEU B 1255 -54.97 -100.81 30.07
CA LEU B 1255 -55.53 -102.14 30.27
C LEU B 1255 -54.50 -103.13 30.74
N LEU B 1256 -53.24 -102.95 30.33
CA LEU B 1256 -52.19 -103.86 30.74
C LEU B 1256 -51.72 -103.56 32.15
N TYR B 1257 -51.14 -102.38 32.33
CA TYR B 1257 -50.33 -102.08 33.49
C TYR B 1257 -51.12 -101.52 34.66
N ASN B 1258 -52.35 -101.07 34.46
CA ASN B 1258 -53.15 -100.67 35.62
C ASN B 1258 -53.41 -101.90 36.45
N GLY B 1259 -53.11 -101.80 37.73
CA GLY B 1259 -53.29 -102.94 38.61
C GLY B 1259 -54.70 -103.25 38.99
N ALA B 1260 -55.67 -102.44 38.57
CA ALA B 1260 -57.05 -102.78 38.82
C ALA B 1260 -57.50 -103.96 37.99
N TYR B 1261 -56.92 -104.12 36.80
CA TYR B 1261 -57.23 -105.27 35.95
C TYR B 1261 -56.41 -106.49 36.32
N HIS B 1262 -55.20 -106.29 36.83
CA HIS B 1262 -54.27 -107.34 37.21
C HIS B 1262 -54.25 -108.48 36.21
N LEU B 1263 -53.79 -108.22 34.99
CA LEU B 1263 -53.53 -109.28 34.05
C LEU B 1263 -52.30 -110.07 34.48
N ASN B 1264 -51.24 -109.33 34.60
CA ASN B 1264 -50.14 -109.90 35.27
C ASN B 1264 -50.57 -109.70 36.75
N GLY B 1265 -49.64 -109.85 37.66
CA GLY B 1265 -50.00 -109.77 39.06
C GLY B 1265 -50.43 -111.12 39.59
N ALA B 1266 -50.18 -112.15 38.80
CA ALA B 1266 -50.40 -113.49 39.13
C ALA B 1266 -48.99 -113.89 38.80
N SER B 1267 -48.15 -112.94 38.38
CA SER B 1267 -46.81 -113.38 38.08
C SER B 1267 -45.88 -112.83 39.15
N PRO B 1268 -44.78 -113.51 39.45
CA PRO B 1268 -43.87 -112.98 40.48
C PRO B 1268 -43.14 -111.73 40.05
N VAL B 1269 -42.76 -111.64 38.78
CA VAL B 1269 -41.86 -110.59 38.30
C VAL B 1269 -42.52 -109.22 38.42
N LEU B 1270 -41.68 -108.20 38.59
CA LEU B 1270 -42.15 -106.85 38.87
C LEU B 1270 -42.62 -106.13 37.61
N SER B 1271 -43.66 -105.34 37.76
CA SER B 1271 -44.02 -104.36 36.75
C SER B 1271 -43.49 -103.01 37.19
N PRO B 1272 -42.43 -102.50 36.56
CA PRO B 1272 -42.04 -101.11 36.82
C PRO B 1272 -43.14 -100.11 36.58
N CYS B 1273 -44.12 -100.43 35.75
CA CYS B 1273 -45.18 -99.51 35.37
C CYS B 1273 -46.35 -99.53 36.33
N PHE B 1274 -46.39 -100.49 37.25
CA PHE B 1274 -47.48 -100.51 38.21
C PHE B 1274 -47.46 -99.29 39.12
N LYS B 1275 -46.35 -98.56 39.15
CA LYS B 1275 -46.27 -97.33 39.94
C LYS B 1275 -47.15 -96.24 39.35
N PHE B 1276 -46.90 -95.95 38.11
CA PHE B 1276 -47.76 -95.08 37.37
C PHE B 1276 -48.87 -96.05 36.90
N PHE B 1277 -49.80 -95.59 36.10
CA PHE B 1277 -50.85 -96.45 35.52
C PHE B 1277 -51.81 -97.10 36.51
N THR B 1278 -51.86 -96.73 37.79
CA THR B 1278 -52.70 -97.35 38.79
C THR B 1278 -53.21 -96.22 39.61
N ALA B 1279 -54.09 -95.44 39.08
CA ALA B 1279 -54.47 -94.26 39.85
C ALA B 1279 -54.96 -94.65 41.23
N ALA B 1280 -55.49 -95.86 41.39
CA ALA B 1280 -56.02 -96.29 42.68
C ALA B 1280 -55.00 -96.07 43.80
N ASP B 1281 -53.72 -96.27 43.49
CA ASP B 1281 -52.67 -95.90 44.43
C ASP B 1281 -52.37 -94.41 44.37
N ILE B 1282 -52.42 -93.83 43.16
CA ILE B 1282 -52.17 -92.41 43.02
C ILE B 1282 -53.27 -91.61 43.70
N THR B 1283 -54.48 -92.13 43.53
CA THR B 1283 -55.69 -91.52 44.03
C THR B 1283 -55.64 -91.86 45.48
N ALA B 1284 -56.34 -91.12 46.32
CA ALA B 1284 -56.25 -91.37 47.75
C ALA B 1284 -54.81 -90.99 48.03
N LYS B 1285 -53.99 -91.91 48.52
CA LYS B 1285 -52.61 -91.56 48.73
C LYS B 1285 -52.57 -90.40 49.70
N HIS B 1286 -52.03 -89.28 49.26
CA HIS B 1286 -51.86 -88.16 50.17
C HIS B 1286 -51.57 -86.92 49.39
N ARG B 1287 -52.05 -85.78 49.87
CA ARG B 1287 -51.79 -84.56 49.15
C ARG B 1287 -51.01 -83.49 49.88
N CYS B 1288 -50.79 -83.65 51.18
CA CYS B 1288 -50.03 -82.65 51.91
C CYS B 1288 -48.62 -82.70 51.44
N LEU B 1289 -47.96 -81.57 51.33
CA LEU B 1289 -46.60 -81.62 50.83
C LEU B 1289 -45.57 -81.68 51.96
N GLU B 1290 -45.77 -80.90 53.02
CA GLU B 1290 -44.87 -80.96 54.17
C GLU B 1290 -44.65 -82.39 54.62
N ARG B 1291 -45.75 -83.14 54.74
CA ARG B 1291 -45.69 -84.53 55.15
C ARG B 1291 -45.28 -85.44 54.00
N LEU B 1292 -45.39 -84.95 52.76
CA LEU B 1292 -45.12 -85.80 51.62
C LEU B 1292 -43.63 -85.99 51.38
N ILE B 1293 -42.81 -84.99 51.67
CA ILE B 1293 -41.39 -85.16 51.44
C ILE B 1293 -40.70 -85.92 52.57
N VAL B 1294 -41.29 -85.98 53.76
CA VAL B 1294 -40.59 -86.69 54.81
C VAL B 1294 -40.56 -88.18 54.52
N GLU B 1295 -41.49 -88.61 53.68
CA GLU B 1295 -41.61 -90.00 53.30
C GLU B 1295 -40.83 -90.49 52.08
N THR B 1296 -39.85 -89.74 51.57
CA THR B 1296 -39.09 -90.28 50.48
C THR B 1296 -37.91 -91.07 51.02
N GLY B 1297 -37.72 -91.09 52.33
CA GLY B 1297 -36.72 -91.91 52.97
C GLY B 1297 -37.35 -93.22 53.38
N SER B 1298 -38.39 -93.50 52.65
CA SER B 1298 -39.14 -94.60 53.00
C SER B 1298 -39.98 -95.06 51.89
N ALA B 1299 -40.89 -95.86 52.36
CA ALA B 1299 -41.96 -96.59 51.75
C ALA B 1299 -41.42 -97.93 51.39
N VAL B 1300 -42.32 -98.89 51.45
CA VAL B 1300 -41.91 -100.19 51.14
C VAL B 1300 -41.71 -100.11 49.69
N SER B 1301 -40.54 -100.54 49.27
CA SER B 1301 -40.22 -100.59 47.88
C SER B 1301 -41.01 -101.72 47.32
N THR B 1302 -41.37 -101.58 46.06
CA THR B 1302 -42.18 -102.58 45.42
C THR B 1302 -41.38 -103.79 44.97
N ALA B 1303 -40.05 -103.73 45.02
CA ALA B 1303 -39.20 -104.79 44.55
C ALA B 1303 -38.49 -105.45 45.72
N THR B 1304 -37.68 -106.44 45.39
CA THR B 1304 -36.78 -107.07 46.34
C THR B 1304 -35.39 -107.14 45.73
N ALA B 1305 -34.39 -106.90 46.55
CA ALA B 1305 -33.01 -107.10 46.14
C ALA B 1305 -32.53 -108.51 46.43
N ALA B 1306 -33.41 -109.38 46.91
CA ALA B 1306 -33.00 -110.71 47.32
C ALA B 1306 -33.06 -111.75 46.21
N SER B 1307 -33.71 -111.46 45.09
CA SER B 1307 -33.94 -112.50 44.10
C SER B 1307 -33.00 -112.33 42.91
N ASP B 1308 -33.01 -113.32 42.02
CA ASP B 1308 -32.13 -113.29 40.86
C ASP B 1308 -32.68 -112.36 39.80
N VAL B 1309 -33.97 -112.45 39.53
CA VAL B 1309 -34.72 -111.47 38.76
C VAL B 1309 -35.53 -110.69 39.78
N GLN B 1310 -35.88 -109.47 39.44
CA GLN B 1310 -36.54 -108.67 40.43
C GLN B 1310 -38.04 -108.82 40.57
N PHE B 1311 -38.42 -109.63 41.54
CA PHE B 1311 -39.79 -109.95 41.94
C PHE B 1311 -40.35 -108.85 42.74
N LYS B 1312 -41.66 -108.81 42.86
CA LYS B 1312 -42.30 -107.80 43.64
C LYS B 1312 -42.23 -108.21 45.09
N ARG B 1313 -42.30 -107.25 46.00
CA ARG B 1313 -42.12 -107.47 47.41
C ARG B 1313 -43.10 -108.52 47.91
N PRO B 1314 -42.63 -109.68 48.38
CA PRO B 1314 -43.52 -110.61 49.01
C PRO B 1314 -43.83 -110.12 50.42
N PRO B 1315 -44.91 -110.62 51.03
CA PRO B 1315 -45.31 -110.09 52.34
C PRO B 1315 -44.24 -110.18 53.41
N GLY B 1316 -43.17 -110.95 53.18
CA GLY B 1316 -42.16 -111.03 54.21
C GLY B 1316 -41.08 -109.97 54.10
N CYS B 1317 -41.01 -109.12 55.10
CA CYS B 1317 -40.02 -108.04 55.23
C CYS B 1317 -40.20 -106.82 54.32
N ARG B 1318 -39.48 -105.75 54.63
CA ARG B 1318 -39.59 -104.52 53.88
C ARG B 1318 -38.26 -103.91 53.57
N GLU B 1319 -38.18 -103.24 52.44
CA GLU B 1319 -36.97 -102.59 52.08
C GLU B 1319 -37.36 -101.15 52.21
N LEU B 1320 -36.72 -100.41 53.09
CA LEU B 1320 -37.10 -99.03 53.26
C LEU B 1320 -36.28 -98.31 52.24
N VAL B 1321 -36.84 -98.21 51.07
CA VAL B 1321 -36.16 -97.60 49.96
C VAL B 1321 -36.28 -96.11 49.97
N GLU B 1322 -35.84 -95.44 48.94
CA GLU B 1322 -35.98 -94.00 48.93
C GLU B 1322 -36.98 -93.52 47.88
N ASP B 1323 -36.73 -93.76 46.59
CA ASP B 1323 -37.80 -93.75 45.58
C ASP B 1323 -38.59 -92.44 45.43
N PRO B 1324 -38.01 -91.42 44.78
CA PRO B 1324 -38.79 -90.20 44.53
C PRO B 1324 -39.80 -90.37 43.42
N CYS B 1325 -39.57 -91.31 42.50
CA CYS B 1325 -40.50 -91.46 41.38
C CYS B 1325 -41.92 -91.68 41.85
N GLY B 1326 -42.12 -92.11 43.07
CA GLY B 1326 -43.43 -92.19 43.63
C GLY B 1326 -43.96 -90.90 44.16
N LEU B 1327 -43.17 -89.83 44.11
CA LEU B 1327 -43.61 -88.51 44.54
C LEU B 1327 -43.79 -87.61 43.32
N PHE B 1328 -42.71 -87.25 42.66
CA PHE B 1328 -42.80 -86.44 41.45
C PHE B 1328 -43.57 -87.15 40.36
N GLN B 1329 -43.65 -88.47 40.43
CA GLN B 1329 -44.25 -89.27 39.40
C GLN B 1329 -43.53 -89.00 38.08
N GLU B 1330 -42.34 -89.59 37.97
CA GLU B 1330 -41.54 -89.45 36.77
C GLU B 1330 -40.54 -90.58 36.57
N ALA B 1331 -40.00 -90.61 35.37
CA ALA B 1331 -39.03 -91.59 34.95
C ALA B 1331 -37.87 -90.73 34.57
N TYR B 1332 -36.66 -91.24 34.68
CA TYR B 1332 -35.50 -90.45 34.36
C TYR B 1332 -34.78 -91.07 33.23
N PRO B 1333 -34.48 -90.28 32.22
CA PRO B 1333 -33.73 -90.87 31.10
C PRO B 1333 -32.38 -91.41 31.54
N ILE B 1334 -31.82 -92.26 30.68
CA ILE B 1334 -30.41 -92.63 30.75
C ILE B 1334 -29.80 -92.34 29.39
N THR B 1335 -28.48 -92.36 29.33
CA THR B 1335 -27.83 -92.13 28.06
C THR B 1335 -28.06 -93.34 27.19
N CYS B 1336 -28.74 -93.14 26.08
CA CYS B 1336 -29.02 -94.21 25.14
C CYS B 1336 -29.13 -93.60 23.77
N ALA B 1337 -28.65 -94.32 22.78
CA ALA B 1337 -28.78 -93.89 21.40
C ALA B 1337 -29.23 -95.10 20.59
N SER B 1338 -29.76 -94.83 19.41
CA SER B 1338 -30.11 -95.89 18.49
C SER B 1338 -28.96 -96.26 17.56
N ASP B 1339 -27.79 -95.66 17.74
CA ASP B 1339 -26.54 -95.99 17.11
C ASP B 1339 -25.49 -96.34 18.15
N PRO B 1340 -24.53 -97.19 17.84
CA PRO B 1340 -23.32 -97.23 18.64
C PRO B 1340 -22.45 -96.02 18.41
N ALA B 1341 -22.52 -95.41 17.23
CA ALA B 1341 -21.64 -94.29 16.92
C ALA B 1341 -22.12 -93.01 17.54
N LEU B 1342 -23.42 -92.88 17.76
CA LEU B 1342 -23.89 -91.74 18.53
C LEU B 1342 -23.52 -91.91 19.98
N LEU B 1343 -23.69 -93.11 20.52
CA LEU B 1343 -23.35 -93.38 21.90
C LEU B 1343 -21.88 -93.19 22.17
N ARG B 1344 -21.03 -93.62 21.24
CA ARG B 1344 -19.60 -93.32 21.37
C ARG B 1344 -19.39 -91.83 21.55
N SER B 1345 -20.14 -91.02 20.81
CA SER B 1345 -19.92 -89.58 20.86
C SER B 1345 -20.24 -89.00 22.22
N ALA B 1346 -21.24 -89.54 22.92
CA ALA B 1346 -21.51 -89.03 24.26
C ALA B 1346 -20.88 -90.02 25.21
N ARG B 1347 -19.62 -89.68 25.44
CA ARG B 1347 -18.62 -90.21 26.35
C ARG B 1347 -17.89 -88.91 26.71
N ASP B 1348 -17.44 -88.73 27.94
CA ASP B 1348 -16.79 -87.47 28.30
C ASP B 1348 -17.84 -86.35 28.39
N GLY B 1349 -19.11 -86.64 28.12
CA GLY B 1349 -20.19 -85.72 28.40
C GLY B 1349 -20.83 -85.16 27.14
N GLU B 1350 -21.82 -84.30 27.38
CA GLU B 1350 -22.78 -83.85 26.39
C GLU B 1350 -22.34 -82.61 25.64
N ALA B 1351 -21.11 -82.16 25.82
CA ALA B 1351 -20.62 -81.02 25.05
C ALA B 1351 -20.79 -81.26 23.56
N HIS B 1352 -20.01 -82.19 23.00
CA HIS B 1352 -20.05 -82.49 21.59
C HIS B 1352 -20.93 -83.68 21.24
N ALA B 1353 -21.67 -84.23 22.22
CA ALA B 1353 -22.53 -85.37 21.96
C ALA B 1353 -23.42 -85.12 20.76
N ARG B 1354 -23.55 -86.14 19.91
CA ARG B 1354 -24.43 -86.05 18.75
C ARG B 1354 -25.85 -86.28 19.21
N GLU B 1355 -26.69 -85.27 19.09
CA GLU B 1355 -28.06 -85.46 19.54
C GLU B 1355 -28.92 -86.13 18.49
N THR B 1356 -28.62 -85.93 17.21
CA THR B 1356 -29.30 -86.62 16.13
C THR B 1356 -28.39 -86.72 14.92
N HIS B 1357 -28.53 -87.81 14.19
CA HIS B 1357 -27.99 -87.94 12.84
C HIS B 1357 -29.06 -88.62 11.99
N PHE B 1358 -29.65 -87.89 11.05
CA PHE B 1358 -30.73 -88.40 10.19
C PHE B 1358 -31.82 -88.94 11.10
N THR B 1359 -32.30 -90.16 10.88
CA THR B 1359 -33.35 -90.70 11.74
C THR B 1359 -32.84 -91.22 13.07
N GLN B 1360 -31.52 -91.31 13.23
CA GLN B 1360 -30.93 -91.81 14.46
C GLN B 1360 -30.88 -90.70 15.49
N TYR B 1361 -30.99 -91.06 16.76
CA TYR B 1361 -31.00 -90.06 17.80
C TYR B 1361 -30.20 -90.53 18.99
N LEU B 1362 -29.91 -89.59 19.88
CA LEU B 1362 -29.27 -89.87 21.14
C LEU B 1362 -29.98 -89.10 22.22
N ILE B 1363 -30.09 -89.70 23.38
CA ILE B 1363 -30.68 -89.08 24.55
C ILE B 1363 -29.65 -89.08 25.66
N TYR B 1364 -29.27 -87.90 26.10
CA TYR B 1364 -28.30 -87.88 27.18
C TYR B 1364 -29.02 -88.04 28.52
N ASP B 1365 -28.25 -88.16 29.57
CA ASP B 1365 -28.76 -88.60 30.87
C ASP B 1365 -29.30 -87.42 31.63
N ALA B 1366 -30.54 -87.52 32.10
CA ALA B 1366 -31.10 -86.58 33.04
C ALA B 1366 -31.67 -87.38 34.19
N SER B 1367 -31.05 -87.27 35.33
CA SER B 1367 -31.26 -88.28 36.35
C SER B 1367 -30.44 -87.89 37.56
N PRO B 1368 -30.81 -88.33 38.76
CA PRO B 1368 -29.96 -88.07 39.92
C PRO B 1368 -28.56 -88.59 39.77
N LEU B 1369 -28.34 -89.53 38.86
CA LEU B 1369 -27.09 -90.23 38.70
C LEU B 1369 -26.16 -89.58 37.70
N LYS B 1370 -26.55 -88.48 37.08
CA LYS B 1370 -25.65 -87.84 36.14
C LYS B 1370 -24.54 -87.14 36.90
N GLY B 1371 -23.34 -87.20 36.36
CA GLY B 1371 -22.19 -86.65 37.02
C GLY B 1371 -21.47 -87.62 37.93
N LEU B 1372 -22.06 -88.78 38.19
CA LEU B 1372 -21.38 -89.80 38.96
C LEU B 1372 -20.60 -90.70 38.02
N SER B 1373 -19.86 -91.64 38.61
CA SER B 1373 -19.04 -92.56 37.83
C SER B 1373 -19.92 -93.59 37.15
N LEU B 1374 -20.51 -94.47 37.95
CA LEU B 1374 -21.46 -95.46 37.48
C LEU B 1374 -22.61 -94.79 36.72
N VAL C 18 -30.95 -71.03 78.31
CA VAL C 18 -32.17 -70.23 78.39
C VAL C 18 -31.87 -68.76 78.70
N PRO C 19 -32.19 -67.87 77.68
CA PRO C 19 -31.92 -66.47 78.02
C PRO C 19 -32.95 -66.01 79.03
N THR C 20 -32.70 -64.90 79.71
CA THR C 20 -33.65 -64.44 80.71
C THR C 20 -34.99 -64.26 80.01
N GLY C 21 -36.07 -64.62 80.71
CA GLY C 21 -37.38 -64.54 80.10
C GLY C 21 -37.49 -65.84 79.33
N SER C 22 -38.37 -65.89 78.34
CA SER C 22 -38.56 -67.07 77.50
C SER C 22 -39.63 -68.04 78.01
N ILE C 23 -40.15 -67.79 79.21
CA ILE C 23 -41.23 -68.61 79.71
C ILE C 23 -41.02 -70.12 79.63
N LEU C 24 -39.94 -70.63 80.20
CA LEU C 24 -39.71 -72.08 80.19
C LEU C 24 -40.97 -72.79 80.68
N SER C 25 -41.46 -73.76 79.89
CA SER C 25 -42.69 -74.48 80.15
C SER C 25 -42.41 -75.94 80.46
N THR C 26 -43.48 -76.72 80.61
CA THR C 26 -43.40 -78.12 81.01
C THR C 26 -44.04 -79.00 79.96
N ILE C 27 -43.38 -80.12 79.66
CA ILE C 27 -43.88 -81.07 78.67
C ILE C 27 -44.68 -82.14 79.40
N GLU C 28 -45.99 -82.16 79.19
CA GLU C 28 -46.87 -83.10 79.86
C GLU C 28 -47.19 -84.27 78.94
N VAL C 29 -47.17 -85.47 79.49
CA VAL C 29 -47.43 -86.68 78.74
C VAL C 29 -48.78 -87.21 79.19
N ALA C 30 -49.77 -87.11 78.30
CA ALA C 30 -51.09 -87.65 78.57
C ALA C 30 -51.13 -89.07 78.05
N SER C 31 -51.36 -90.02 78.95
CA SER C 31 -51.12 -91.43 78.65
C SER C 31 -52.28 -92.24 79.19
N HIS C 32 -52.99 -92.93 78.32
CA HIS C 32 -54.14 -93.66 78.81
C HIS C 32 -53.66 -94.94 79.48
N ARG C 33 -53.86 -95.04 80.78
CA ARG C 33 -53.45 -96.20 81.55
C ARG C 33 -54.72 -96.93 81.95
N ARG C 34 -54.97 -98.06 81.32
CA ARG C 34 -55.96 -98.97 81.85
C ARG C 34 -55.17 -100.10 82.49
N LEU C 35 -55.10 -100.06 83.81
CA LEU C 35 -54.62 -101.18 84.60
C LEU C 35 -55.86 -101.96 85.01
N PHE C 36 -55.64 -103.10 85.64
CA PHE C 36 -56.75 -103.92 86.11
C PHE C 36 -57.55 -104.43 84.90
N ASP C 37 -57.10 -103.95 83.74
CA ASP C 37 -57.41 -104.43 82.39
C ASP C 37 -56.57 -105.73 82.35
N PHE C 38 -55.33 -105.52 82.79
CA PHE C 38 -54.27 -106.50 82.89
C PHE C 38 -54.58 -107.05 84.23
N PHE C 39 -53.62 -107.71 84.84
CA PHE C 39 -53.89 -108.27 86.16
C PHE C 39 -54.97 -109.31 85.90
N ALA C 40 -56.04 -109.26 86.67
CA ALA C 40 -57.10 -110.21 86.51
C ALA C 40 -58.31 -109.39 86.17
N ARG C 41 -59.29 -110.08 85.62
CA ARG C 41 -60.58 -109.52 85.24
C ARG C 41 -60.66 -109.19 83.78
N VAL C 42 -61.72 -109.66 83.16
CA VAL C 42 -61.96 -109.37 81.79
C VAL C 42 -62.68 -108.05 81.90
N ARG C 43 -61.95 -107.00 82.23
CA ARG C 43 -62.61 -105.72 82.38
C ARG C 43 -63.25 -105.38 81.07
N SER C 44 -64.51 -104.99 81.12
CA SER C 44 -65.24 -104.63 79.93
C SER C 44 -65.86 -103.26 80.17
N ASP C 45 -65.66 -102.33 79.24
CA ASP C 45 -66.16 -100.98 79.36
C ASP C 45 -66.98 -100.56 78.15
N GLU C 46 -67.81 -99.55 78.34
CA GLU C 46 -68.72 -99.05 77.32
C GLU C 46 -68.05 -98.47 76.09
N ASN C 47 -66.95 -97.78 76.35
CA ASN C 47 -66.17 -97.03 75.38
C ASN C 47 -66.80 -95.68 75.69
N SER C 48 -66.16 -94.59 75.29
CA SER C 48 -66.69 -93.29 75.65
C SER C 48 -66.62 -93.24 77.17
N LEU C 49 -65.59 -93.88 77.68
CA LEU C 49 -65.34 -94.03 79.08
C LEU C 49 -63.87 -93.81 79.16
N TYR C 50 -63.38 -93.36 80.29
CA TYR C 50 -61.96 -93.14 80.44
C TYR C 50 -61.50 -93.20 81.85
N ASP C 51 -60.30 -93.67 82.02
CA ASP C 51 -59.67 -93.68 83.31
C ASP C 51 -58.37 -93.06 82.88
N VAL C 52 -58.41 -91.81 82.45
CA VAL C 52 -57.11 -91.26 82.05
C VAL C 52 -56.18 -90.80 83.16
N GLU C 53 -54.89 -91.03 82.95
CA GLU C 53 -53.84 -90.64 83.88
C GLU C 53 -52.75 -89.84 83.17
N PHE C 54 -52.22 -88.85 83.88
CA PHE C 54 -51.21 -87.95 83.37
C PHE C 54 -49.92 -88.09 84.17
N ASP C 55 -48.81 -87.78 83.53
CA ASP C 55 -47.58 -87.52 84.24
C ASP C 55 -46.75 -86.52 83.46
N ALA C 56 -46.08 -85.63 84.18
CA ALA C 56 -45.29 -84.57 83.56
C ALA C 56 -43.86 -85.03 83.39
N LEU C 57 -43.30 -84.70 82.25
CA LEU C 57 -41.99 -85.18 81.85
C LEU C 57 -40.96 -84.14 82.20
N LEU C 58 -40.03 -84.50 83.07
CA LEU C 58 -38.95 -83.58 83.43
C LEU C 58 -37.51 -83.84 82.97
N GLY C 59 -37.20 -84.67 81.96
CA GLY C 59 -35.79 -84.78 81.71
C GLY C 59 -35.41 -83.49 81.03
N SER C 60 -36.46 -82.79 80.60
CA SER C 60 -36.33 -81.63 79.74
C SER C 60 -37.61 -80.83 79.82
N TYR C 61 -37.54 -79.57 79.40
CA TYR C 61 -38.66 -78.66 79.50
C TYR C 61 -38.88 -77.97 78.17
N CYS C 62 -40.08 -77.42 78.02
CA CYS C 62 -40.56 -76.87 76.75
C CYS C 62 -40.34 -75.36 76.70
N ASN C 63 -39.93 -74.85 75.56
CA ASN C 63 -39.72 -73.42 75.45
C ASN C 63 -40.95 -72.88 74.77
N THR C 64 -41.88 -72.34 75.55
CA THR C 64 -43.12 -71.84 74.98
C THR C 64 -43.01 -70.65 74.03
N LEU C 65 -42.24 -69.64 74.39
CA LEU C 65 -42.10 -68.50 73.50
C LEU C 65 -40.76 -67.79 73.59
N SER C 66 -40.32 -67.28 72.44
CA SER C 66 -39.05 -66.57 72.37
C SER C 66 -39.37 -65.17 71.90
N LEU C 67 -38.84 -64.17 72.58
CA LEU C 67 -39.13 -62.80 72.19
C LEU C 67 -37.99 -62.10 71.45
N VAL C 68 -38.36 -61.45 70.36
CA VAL C 68 -37.45 -60.71 69.52
C VAL C 68 -37.59 -59.28 69.98
N ARG C 69 -36.49 -58.57 70.13
CA ARG C 69 -36.57 -57.20 70.60
C ARG C 69 -36.46 -56.01 69.68
N PHE C 70 -36.05 -56.29 68.44
CA PHE C 70 -35.78 -55.33 67.37
C PHE C 70 -34.50 -54.51 67.46
N LEU C 71 -34.43 -53.81 68.58
CA LEU C 71 -33.34 -52.94 68.90
C LEU C 71 -32.22 -53.89 69.04
N GLU C 72 -32.49 -55.00 69.68
CA GLU C 72 -31.41 -55.99 69.73
C GLU C 72 -30.92 -56.36 68.34
N LEU C 73 -31.71 -56.13 67.29
CA LEU C 73 -31.28 -56.36 65.93
C LEU C 73 -30.26 -55.31 65.51
N GLY C 74 -29.73 -55.44 64.30
CA GLY C 74 -28.80 -54.46 63.80
C GLY C 74 -29.44 -53.54 62.78
N LEU C 75 -30.65 -53.88 62.37
CA LEU C 75 -31.45 -52.97 61.57
C LEU C 75 -31.87 -51.75 62.36
N SER C 76 -31.83 -51.83 63.68
CA SER C 76 -32.18 -50.70 64.52
C SER C 76 -31.31 -49.49 64.25
N VAL C 77 -30.15 -49.68 63.62
CA VAL C 77 -29.31 -48.52 63.34
C VAL C 77 -30.02 -47.57 62.40
N ALA C 78 -30.60 -48.08 61.32
CA ALA C 78 -31.04 -47.28 60.19
C ALA C 78 -32.10 -46.27 60.54
N CYS C 79 -32.60 -46.29 61.77
CA CYS C 79 -33.66 -45.37 62.16
C CYS C 79 -33.35 -44.78 63.53
N VAL C 80 -33.96 -43.65 63.83
CA VAL C 80 -33.98 -43.12 65.18
C VAL C 80 -35.37 -43.42 65.72
N CYS C 81 -35.50 -44.47 66.53
CA CYS C 81 -36.80 -44.84 67.06
C CYS C 81 -37.03 -44.05 68.33
N THR C 82 -38.14 -43.34 68.39
CA THR C 82 -38.53 -42.70 69.63
C THR C 82 -40.00 -42.96 69.86
N LYS C 83 -40.36 -42.99 71.13
CA LYS C 83 -41.70 -43.35 71.57
C LYS C 83 -42.45 -42.07 71.88
N PHE C 84 -43.43 -41.76 71.05
CA PHE C 84 -44.23 -40.55 71.17
C PHE C 84 -45.64 -41.00 71.44
N PRO C 85 -45.97 -41.28 72.69
CA PRO C 85 -47.27 -41.84 73.02
C PRO C 85 -48.44 -41.01 72.58
N GLU C 86 -48.27 -39.72 72.41
CA GLU C 86 -49.40 -38.88 72.06
C GLU C 86 -49.73 -38.99 70.58
N LEU C 87 -48.94 -39.76 69.83
CA LEU C 87 -49.10 -39.88 68.39
C LEU C 87 -50.53 -40.22 68.00
N ALA C 88 -51.26 -40.88 68.89
CA ALA C 88 -52.68 -41.12 68.66
C ALA C 88 -53.45 -39.81 68.55
N TYR C 89 -52.98 -38.76 69.22
CA TYR C 89 -53.68 -37.49 69.28
C TYR C 89 -53.19 -36.49 68.25
N MET C 90 -52.19 -36.82 67.45
CA MET C 90 -51.62 -35.83 66.56
C MET C 90 -52.54 -35.51 65.40
N ASN C 91 -52.07 -34.59 64.57
CA ASN C 91 -52.71 -34.25 63.32
C ASN C 91 -51.66 -34.36 62.22
N GLU C 92 -50.60 -33.56 62.31
CA GLU C 92 -49.52 -33.63 61.32
C GLU C 92 -48.17 -33.35 61.99
N GLY C 93 -47.22 -34.15 61.59
CA GLY C 93 -45.88 -34.06 62.08
C GLY C 93 -45.13 -33.45 60.94
N ARG C 94 -44.32 -32.47 61.21
CA ARG C 94 -43.54 -31.92 60.13
C ARG C 94 -42.14 -31.91 60.59
N VAL C 95 -41.26 -32.27 59.70
CA VAL C 95 -39.86 -32.20 59.96
C VAL C 95 -39.43 -31.26 58.88
N GLN C 96 -38.74 -30.19 59.22
CA GLN C 96 -38.38 -29.26 58.21
C GLN C 96 -36.92 -29.20 58.12
N PHE C 97 -36.40 -29.10 56.92
CA PHE C 97 -34.98 -29.04 56.72
C PHE C 97 -34.49 -27.80 56.10
N GLU C 98 -33.60 -27.10 56.73
CA GLU C 98 -32.93 -26.06 55.95
C GLU C 98 -31.54 -26.52 55.50
N VAL C 99 -31.21 -26.28 54.24
CA VAL C 99 -29.88 -26.57 53.72
C VAL C 99 -29.40 -25.38 52.88
N HIS C 100 -28.11 -25.06 53.02
CA HIS C 100 -27.56 -23.83 52.50
C HIS C 100 -26.48 -24.19 51.49
N GLN C 101 -26.69 -23.85 50.32
CA GLN C 101 -25.70 -24.37 49.39
C GLN C 101 -24.52 -23.41 49.29
N PRO C 102 -23.33 -23.96 49.05
CA PRO C 102 -22.15 -23.12 48.91
C PRO C 102 -21.94 -22.75 47.46
N LEU C 103 -20.92 -21.94 47.18
CA LEU C 103 -20.69 -21.50 45.82
C LEU C 103 -19.21 -21.21 45.63
N ILE C 104 -18.78 -21.25 44.38
CA ILE C 104 -17.39 -21.05 43.99
C ILE C 104 -17.26 -19.71 43.30
N ALA C 105 -16.40 -18.85 43.82
CA ALA C 105 -16.15 -17.56 43.19
C ALA C 105 -15.43 -17.78 41.89
N ARG C 106 -15.96 -17.21 40.83
CA ARG C 106 -15.52 -17.62 39.51
C ARG C 106 -15.13 -16.41 38.68
N ASP C 107 -14.08 -16.55 37.89
CA ASP C 107 -13.47 -15.46 37.16
C ASP C 107 -13.91 -15.51 35.72
N GLY C 108 -14.44 -14.40 35.22
CA GLY C 108 -14.63 -14.30 33.80
C GLY C 108 -15.90 -13.57 33.45
N PRO C 109 -16.34 -13.74 32.21
CA PRO C 109 -17.71 -13.40 31.84
C PRO C 109 -18.68 -14.52 32.21
N HIS C 110 -18.58 -14.98 33.38
CA HIS C 110 -19.55 -15.84 34.04
C HIS C 110 -20.50 -15.00 34.86
N PRO C 111 -21.79 -15.35 34.89
CA PRO C 111 -22.71 -14.62 35.77
C PRO C 111 -22.29 -14.78 37.22
N VAL C 112 -22.40 -13.68 37.97
CA VAL C 112 -21.92 -13.65 39.34
C VAL C 112 -22.83 -14.49 40.22
N GLU C 113 -22.24 -15.39 41.00
CA GLU C 113 -23.01 -16.39 41.73
C GLU C 113 -23.42 -15.89 43.10
N GLN C 114 -24.68 -16.14 43.44
CA GLN C 114 -25.42 -15.68 44.60
C GLN C 114 -25.74 -16.85 45.51
N PRO C 115 -25.41 -16.79 46.81
CA PRO C 115 -25.75 -17.90 47.72
C PRO C 115 -27.23 -18.23 47.69
N VAL C 116 -27.53 -19.53 47.66
CA VAL C 116 -28.92 -20.00 47.68
C VAL C 116 -29.14 -20.79 48.96
N HIS C 117 -30.39 -20.75 49.42
CA HIS C 117 -30.78 -21.39 50.67
C HIS C 117 -32.07 -22.15 50.41
N ASN C 118 -32.11 -23.41 50.81
CA ASN C 118 -33.22 -24.30 50.50
C ASN C 118 -33.98 -24.61 51.78
N TYR C 119 -35.19 -24.08 51.87
CA TYR C 119 -36.06 -24.26 53.02
C TYR C 119 -37.20 -25.19 52.63
N MET C 120 -37.46 -26.19 53.45
CA MET C 120 -38.43 -27.21 53.09
C MET C 120 -38.99 -27.82 54.36
N THR C 121 -40.08 -28.59 54.21
CA THR C 121 -40.68 -29.34 55.29
C THR C 121 -41.27 -30.62 54.74
N LYS C 122 -41.21 -31.69 55.52
CA LYS C 122 -41.89 -32.94 55.19
C LYS C 122 -43.09 -33.13 56.09
N VAL C 123 -43.75 -34.26 55.96
CA VAL C 123 -44.78 -34.68 56.89
C VAL C 123 -44.55 -36.14 57.21
N ILE C 124 -44.93 -36.55 58.41
CA ILE C 124 -44.72 -37.92 58.81
C ILE C 124 -45.84 -38.76 58.20
N ASP C 125 -45.76 -40.07 58.32
CA ASP C 125 -46.78 -40.98 57.83
C ASP C 125 -47.43 -41.65 59.03
N ARG C 126 -48.43 -42.49 58.78
CA ARG C 126 -49.14 -42.98 59.95
C ARG C 126 -49.18 -44.50 60.03
N ARG C 127 -50.04 -45.15 59.26
CA ARG C 127 -50.03 -46.59 59.16
C ARG C 127 -50.12 -47.24 60.55
N ALA C 128 -51.28 -47.09 61.18
CA ALA C 128 -51.55 -47.79 62.42
C ALA C 128 -51.50 -49.29 62.18
N LEU C 129 -50.86 -49.98 63.13
CA LEU C 129 -50.55 -51.40 63.07
C LEU C 129 -51.50 -52.16 63.96
N ASN C 130 -52.01 -53.26 63.46
CA ASN C 130 -53.01 -54.00 64.23
C ASN C 130 -52.57 -55.44 64.46
N ALA C 131 -52.72 -55.91 65.69
CA ALA C 131 -52.68 -57.33 66.03
C ALA C 131 -53.99 -57.67 66.72
N ALA C 132 -54.31 -58.95 66.77
CA ALA C 132 -55.60 -59.37 67.31
C ALA C 132 -55.43 -60.27 68.52
N PHE C 133 -56.56 -60.76 69.01
CA PHE C 133 -56.62 -61.77 70.05
C PHE C 133 -58.00 -62.40 69.98
N SER C 134 -58.17 -63.54 70.64
CA SER C 134 -59.52 -64.03 70.89
C SER C 134 -59.57 -64.76 72.23
N LEU C 135 -60.61 -64.47 73.03
CA LEU C 135 -60.95 -65.29 74.18
C LEU C 135 -62.46 -65.43 74.22
N ALA C 136 -62.92 -66.63 74.47
CA ALA C 136 -64.33 -66.76 74.42
C ALA C 136 -65.06 -67.56 75.45
N THR C 137 -66.10 -66.92 75.91
CA THR C 137 -67.13 -67.55 76.75
C THR C 137 -66.43 -68.18 77.95
N GLU C 138 -66.68 -69.47 78.16
CA GLU C 138 -66.19 -70.17 79.34
C GLU C 138 -64.93 -69.59 79.96
N ALA C 139 -63.89 -69.40 79.15
CA ALA C 139 -62.66 -68.84 79.69
C ALA C 139 -62.73 -67.33 79.88
N ILE C 140 -63.76 -66.66 79.32
CA ILE C 140 -63.96 -65.26 79.63
C ILE C 140 -64.42 -65.08 81.07
N ALA C 141 -65.45 -65.82 81.46
CA ALA C 141 -65.98 -65.71 82.81
C ALA C 141 -65.24 -66.60 83.80
N LEU C 142 -64.43 -67.54 83.33
CA LEU C 142 -63.49 -68.21 84.23
C LEU C 142 -62.57 -67.20 84.88
N LEU C 143 -62.13 -66.22 84.11
CA LEU C 143 -61.26 -65.16 84.61
C LEU C 143 -62.14 -63.95 84.87
N THR C 144 -62.07 -63.58 86.14
CA THR C 144 -62.82 -62.53 86.81
C THR C 144 -63.65 -63.22 87.90
N GLY C 145 -64.18 -62.45 88.84
CA GLY C 145 -64.98 -63.09 89.87
C GLY C 145 -66.19 -63.62 89.14
N GLU C 146 -66.55 -64.88 89.41
CA GLU C 146 -67.61 -65.71 88.81
C GLU C 146 -67.28 -67.17 89.06
N ALA C 147 -66.06 -67.46 89.46
CA ALA C 147 -65.67 -68.84 89.72
C ALA C 147 -65.27 -69.00 91.18
N LEU C 148 -65.64 -68.03 92.00
CA LEU C 148 -65.22 -68.03 93.39
C LEU C 148 -66.25 -68.37 94.50
N ASP C 149 -65.81 -69.28 95.36
CA ASP C 149 -66.49 -69.85 96.50
C ASP C 149 -65.67 -69.72 97.78
N GLY C 150 -64.49 -69.11 97.71
CA GLY C 150 -63.59 -69.09 98.84
C GLY C 150 -62.88 -70.39 99.07
N THR C 151 -62.68 -71.18 98.01
CA THR C 151 -62.13 -72.51 98.10
C THR C 151 -60.69 -72.53 97.60
N GLY C 152 -60.08 -73.72 97.65
CA GLY C 152 -58.77 -73.90 97.04
C GLY C 152 -58.84 -73.94 95.54
N ILE C 153 -59.82 -74.62 94.98
CA ILE C 153 -59.88 -74.69 93.52
C ILE C 153 -60.21 -73.44 92.70
N SER C 154 -61.25 -72.69 93.08
CA SER C 154 -61.62 -71.51 92.31
C SER C 154 -60.67 -70.30 92.39
N LEU C 155 -60.24 -69.96 93.59
CA LEU C 155 -59.37 -68.82 93.77
C LEU C 155 -58.02 -69.03 93.14
N HIS C 156 -57.54 -70.25 93.31
CA HIS C 156 -56.23 -70.71 92.87
C HIS C 156 -56.30 -71.32 91.47
N ARG C 157 -57.47 -71.82 91.06
CA ARG C 157 -57.59 -72.34 89.70
C ARG C 157 -57.76 -71.22 88.69
N GLN C 158 -58.37 -70.10 89.07
CA GLN C 158 -58.53 -69.04 88.09
C GLN C 158 -57.25 -68.23 87.93
N LEU C 159 -56.44 -68.09 88.98
CA LEU C 159 -55.20 -67.35 88.82
C LEU C 159 -54.32 -68.01 87.77
N ARG C 160 -54.19 -69.35 87.83
CA ARG C 160 -53.32 -70.03 86.88
C ARG C 160 -53.79 -69.85 85.44
N ALA C 161 -55.01 -69.38 85.24
CA ALA C 161 -55.45 -68.98 83.91
C ALA C 161 -55.19 -67.50 83.63
N ILE C 162 -54.74 -66.75 84.64
CA ILE C 162 -54.28 -65.39 84.36
C ILE C 162 -52.89 -65.41 83.76
N GLN C 163 -51.95 -66.15 84.37
CA GLN C 163 -50.65 -66.29 83.74
C GLN C 163 -50.78 -66.92 82.37
N GLN C 164 -51.72 -67.85 82.23
CA GLN C 164 -52.03 -68.36 80.90
C GLN C 164 -52.33 -67.22 79.94
N LEU C 165 -53.12 -66.24 80.38
CA LEU C 165 -53.44 -65.13 79.51
C LEU C 165 -52.32 -64.11 79.48
N ALA C 166 -51.53 -64.01 80.54
CA ALA C 166 -50.33 -63.19 80.46
C ALA C 166 -49.33 -63.79 79.48
N ARG C 167 -49.17 -65.11 79.50
CA ARG C 167 -48.40 -65.79 78.46
C ARG C 167 -48.95 -65.45 77.08
N ASN C 168 -50.24 -65.72 76.88
CA ASN C 168 -50.85 -65.60 75.56
C ASN C 168 -50.54 -64.25 74.95
N VAL C 169 -50.87 -63.19 75.67
CA VAL C 169 -50.85 -61.92 74.98
C VAL C 169 -49.47 -61.31 75.03
N GLN C 170 -48.60 -61.75 75.93
CA GLN C 170 -47.20 -61.40 75.80
C GLN C 170 -46.65 -61.92 74.49
N ALA C 171 -47.25 -62.99 73.95
CA ALA C 171 -46.80 -63.52 72.68
C ALA C 171 -47.15 -62.61 71.52
N VAL C 172 -48.29 -61.91 71.59
CA VAL C 172 -48.72 -61.07 70.47
C VAL C 172 -48.06 -59.71 70.52
N LEU C 173 -47.20 -59.53 71.52
CA LEU C 173 -46.39 -58.33 71.64
C LEU C 173 -45.29 -58.49 70.62
N GLY C 174 -44.66 -59.67 70.57
CA GLY C 174 -43.67 -59.86 69.54
C GLY C 174 -44.21 -59.44 68.20
N ALA C 175 -45.53 -59.51 68.03
CA ALA C 175 -46.12 -59.08 66.77
C ALA C 175 -45.81 -57.63 66.48
N PHE C 176 -45.69 -56.81 67.51
CA PHE C 176 -45.29 -55.43 67.30
C PHE C 176 -43.79 -55.29 67.18
N GLU C 177 -43.04 -56.00 68.02
CA GLU C 177 -41.60 -56.00 67.88
C GLU C 177 -41.17 -56.59 66.54
N ARG C 178 -41.71 -57.76 66.19
CA ARG C 178 -41.45 -58.30 64.86
C ARG C 178 -42.07 -57.42 63.79
N GLY C 179 -43.24 -56.83 64.09
CA GLY C 179 -43.88 -55.96 63.14
C GLY C 179 -43.15 -54.64 62.98
N THR C 180 -42.49 -54.16 64.03
CA THR C 180 -41.66 -52.97 63.91
C THR C 180 -40.56 -53.15 62.88
N ALA C 181 -39.75 -54.20 63.05
CA ALA C 181 -38.73 -54.50 62.06
C ALA C 181 -39.35 -54.60 60.68
N ASP C 182 -40.38 -55.43 60.55
CA ASP C 182 -41.10 -55.60 59.29
C ASP C 182 -41.45 -54.27 58.65
N GLN C 183 -41.89 -53.30 59.44
CA GLN C 183 -42.24 -52.00 58.88
C GLN C 183 -41.03 -51.28 58.35
N MET C 184 -39.93 -51.30 59.12
CA MET C 184 -38.69 -50.69 58.67
C MET C 184 -38.33 -51.12 57.27
N LEU C 185 -38.45 -52.41 56.97
CA LEU C 185 -38.10 -52.86 55.63
C LEU C 185 -38.94 -52.15 54.58
N HIS C 186 -40.27 -52.25 54.67
CA HIS C 186 -41.12 -51.69 53.63
C HIS C 186 -40.82 -50.22 53.38
N VAL C 187 -40.55 -49.46 54.43
CA VAL C 187 -40.28 -48.04 54.23
C VAL C 187 -38.84 -47.80 53.79
N LEU C 188 -37.93 -48.71 54.12
CA LEU C 188 -36.58 -48.61 53.58
C LEU C 188 -36.53 -49.14 52.15
N LEU C 189 -37.21 -50.24 51.88
CA LEU C 189 -37.28 -50.74 50.51
C LEU C 189 -38.08 -49.85 49.58
N GLU C 190 -38.89 -48.94 50.13
CA GLU C 190 -39.62 -48.01 49.27
C GLU C 190 -38.73 -46.84 48.85
N LYS C 191 -37.93 -46.32 49.77
CA LYS C 191 -36.94 -45.30 49.41
C LYS C 191 -36.02 -45.78 48.31
N ALA C 192 -35.63 -47.03 48.36
CA ALA C 192 -34.44 -47.50 47.66
C ALA C 192 -34.61 -47.55 46.16
N PRO C 193 -33.78 -46.83 45.40
CA PRO C 193 -33.71 -47.06 43.98
C PRO C 193 -32.89 -48.29 43.69
N PRO C 194 -33.16 -48.98 42.58
CA PRO C 194 -32.30 -50.10 42.20
C PRO C 194 -30.86 -49.64 42.07
N LEU C 195 -29.93 -50.49 42.50
CA LEU C 195 -28.53 -50.08 42.37
C LEU C 195 -28.15 -49.93 40.91
N ALA C 196 -28.63 -50.84 40.07
CA ALA C 196 -28.36 -50.76 38.65
C ALA C 196 -28.61 -49.34 38.13
N LEU C 197 -29.72 -48.76 38.54
CA LEU C 197 -30.11 -47.43 38.10
C LEU C 197 -29.42 -46.32 38.86
N LEU C 198 -28.89 -46.60 40.07
CA LEU C 198 -28.30 -45.54 40.86
C LEU C 198 -26.89 -45.18 40.40
N LEU C 199 -25.99 -46.15 40.22
CA LEU C 199 -24.64 -45.81 39.80
C LEU C 199 -24.59 -44.90 38.58
N PRO C 200 -25.34 -45.16 37.52
CA PRO C 200 -25.32 -44.20 36.41
C PRO C 200 -25.80 -42.84 36.81
N MET C 201 -26.78 -42.75 37.70
CA MET C 201 -27.38 -41.46 37.94
C MET C 201 -26.45 -40.55 38.72
N GLN C 202 -25.95 -41.04 39.85
CA GLN C 202 -25.18 -40.21 40.76
C GLN C 202 -24.15 -39.37 40.04
N ARG C 203 -23.48 -39.94 39.04
CA ARG C 203 -22.46 -39.16 38.36
C ARG C 203 -23.03 -38.08 37.47
N TYR C 204 -24.35 -38.03 37.26
CA TYR C 204 -24.99 -36.90 36.62
C TYR C 204 -25.64 -35.94 37.60
N LEU C 205 -25.55 -36.21 38.90
CA LEU C 205 -26.10 -35.28 39.88
C LEU C 205 -25.19 -34.10 40.17
N ASP C 206 -23.88 -34.26 40.07
CA ASP C 206 -23.01 -33.10 40.08
C ASP C 206 -22.37 -32.96 38.71
N ASN C 207 -22.89 -32.04 37.93
CA ASN C 207 -22.15 -31.50 36.80
C ASN C 207 -22.42 -30.00 36.70
N GLY C 208 -23.66 -29.64 36.36
CA GLY C 208 -24.01 -28.26 36.13
C GLY C 208 -25.48 -28.12 35.76
N THR C 212 -28.31 -29.62 28.06
CA THR C 212 -28.66 -30.71 28.96
C THR C 212 -29.79 -31.57 28.42
N ARG C 213 -30.17 -31.38 27.16
CA ARG C 213 -31.08 -32.35 26.56
C ARG C 213 -30.34 -33.57 26.06
N VAL C 214 -29.10 -33.38 25.63
CA VAL C 214 -28.25 -34.50 25.25
C VAL C 214 -27.72 -35.21 26.47
N ALA C 215 -27.23 -34.44 27.44
CA ALA C 215 -26.78 -35.04 28.69
C ALA C 215 -27.87 -35.92 29.28
N ARG C 216 -29.12 -35.51 29.13
CA ARG C 216 -30.21 -36.37 29.58
C ARG C 216 -30.36 -37.59 28.69
N ALA C 217 -29.99 -37.52 27.43
CA ALA C 217 -30.09 -38.67 26.55
C ALA C 217 -28.97 -39.65 26.78
N THR C 218 -27.76 -39.16 27.03
CA THR C 218 -26.65 -40.07 27.29
C THR C 218 -26.76 -40.73 28.64
N LEU C 219 -27.35 -40.04 29.63
CA LEU C 219 -27.69 -40.69 30.88
C LEU C 219 -28.57 -41.89 30.63
N VAL C 220 -29.69 -41.68 29.95
CA VAL C 220 -30.69 -42.72 29.81
C VAL C 220 -30.14 -43.91 29.06
N ALA C 221 -29.52 -43.66 27.92
CA ALA C 221 -28.96 -44.76 27.14
C ALA C 221 -27.98 -45.56 27.99
N GLU C 222 -27.22 -44.89 28.83
CA GLU C 222 -26.33 -45.57 29.74
C GLU C 222 -27.06 -46.07 30.97
N LEU C 223 -28.09 -45.35 31.40
CA LEU C 223 -28.91 -45.81 32.51
C LEU C 223 -29.51 -47.18 32.24
N LYS C 224 -29.94 -47.42 31.01
CA LYS C 224 -30.58 -48.68 30.66
C LYS C 224 -29.59 -49.76 30.27
N ARG C 225 -28.32 -49.41 30.09
CA ARG C 225 -27.29 -50.43 29.91
C ARG C 225 -26.97 -51.09 31.23
N SER C 226 -26.49 -50.30 32.20
CA SER C 226 -26.06 -50.81 33.49
C SER C 226 -27.14 -51.63 34.16
N PHE C 227 -28.40 -51.33 33.88
CA PHE C 227 -29.46 -52.16 34.42
C PHE C 227 -29.35 -53.57 33.87
N CYS C 228 -29.43 -53.70 32.55
CA CYS C 228 -29.23 -55.01 31.94
C CYS C 228 -27.87 -55.57 32.32
N ASP C 229 -26.84 -54.76 32.19
CA ASP C 229 -25.47 -55.14 32.48
C ASP C 229 -25.26 -55.56 33.92
N THR C 230 -25.31 -54.63 34.88
CA THR C 230 -25.07 -54.94 36.29
C THR C 230 -26.39 -54.97 37.01
N SER C 231 -26.83 -56.17 37.34
CA SER C 231 -28.07 -56.45 38.05
C SER C 231 -28.00 -57.95 38.20
N PHE C 232 -28.59 -58.52 39.25
CA PHE C 232 -28.41 -59.95 39.46
C PHE C 232 -26.95 -60.30 39.64
N PHE C 233 -26.11 -59.27 39.68
CA PHE C 233 -24.67 -59.36 39.47
C PHE C 233 -24.02 -60.45 40.29
N LEU C 234 -24.50 -60.67 41.50
CA LEU C 234 -23.96 -61.78 42.25
C LEU C 234 -24.77 -62.83 41.57
N GLY C 235 -24.14 -63.80 40.95
CA GLY C 235 -24.87 -64.80 40.20
C GLY C 235 -24.68 -64.63 38.70
N LYS C 236 -24.23 -63.48 38.22
CA LYS C 236 -23.92 -63.35 36.80
C LYS C 236 -22.43 -63.49 36.96
N ALA C 237 -21.83 -62.57 37.72
CA ALA C 237 -20.44 -62.76 38.09
C ALA C 237 -20.44 -63.19 39.54
N GLY C 238 -20.31 -64.46 39.79
CA GLY C 238 -20.20 -64.91 41.16
C GLY C 238 -18.88 -65.61 41.36
N HIS C 239 -18.18 -65.89 40.27
CA HIS C 239 -16.99 -66.64 40.29
C HIS C 239 -15.72 -65.88 40.19
N ARG C 240 -15.77 -64.56 40.22
CA ARG C 240 -14.55 -63.84 40.17
C ARG C 240 -14.44 -63.10 41.45
N ARG C 241 -13.47 -63.41 42.33
CA ARG C 241 -13.57 -62.54 43.49
C ARG C 241 -12.74 -61.31 43.17
N GLU C 242 -13.43 -60.29 42.75
CA GLU C 242 -12.80 -59.03 42.46
C GLU C 242 -13.90 -58.15 42.00
N ALA C 243 -14.70 -58.68 41.09
CA ALA C 243 -15.84 -57.97 40.58
C ALA C 243 -16.81 -57.74 41.68
N ILE C 244 -17.09 -58.74 42.50
CA ILE C 244 -18.02 -58.55 43.58
C ILE C 244 -17.50 -57.58 44.61
N GLU C 245 -16.25 -57.67 44.95
CA GLU C 245 -15.53 -56.77 45.85
C GLU C 245 -15.83 -55.32 45.51
N ALA C 246 -15.76 -54.95 44.24
CA ALA C 246 -16.08 -53.59 43.82
C ALA C 246 -17.59 -53.35 43.75
N TRP C 247 -18.37 -54.42 43.68
CA TRP C 247 -19.81 -54.29 43.71
C TRP C 247 -20.34 -54.06 45.12
N LEU C 248 -19.68 -54.63 46.12
CA LEU C 248 -20.09 -54.37 47.50
C LEU C 248 -19.70 -52.98 47.94
N VAL C 249 -18.62 -52.42 47.39
CA VAL C 249 -18.28 -51.04 47.68
C VAL C 249 -19.04 -50.09 46.77
N ASP C 250 -19.87 -50.61 45.86
CA ASP C 250 -20.86 -49.76 45.19
C ASP C 250 -22.11 -49.59 46.04
N LEU C 251 -22.64 -50.67 46.60
CA LEU C 251 -23.75 -50.58 47.54
C LEU C 251 -23.43 -49.53 48.56
N THR C 252 -22.51 -49.86 49.44
CA THR C 252 -21.85 -48.87 50.26
C THR C 252 -21.31 -47.77 49.37
N THR C 253 -21.46 -46.53 49.80
CA THR C 253 -20.96 -45.35 49.10
C THR C 253 -21.61 -45.12 47.75
N ALA C 254 -22.84 -45.57 47.54
CA ALA C 254 -23.66 -45.01 46.47
C ALA C 254 -24.68 -44.02 46.99
N THR C 255 -24.72 -43.79 48.30
CA THR C 255 -25.78 -43.02 48.93
C THR C 255 -25.19 -42.03 49.92
N GLN C 256 -25.75 -40.84 49.97
CA GLN C 256 -25.25 -39.82 50.86
C GLN C 256 -25.51 -40.21 52.29
N PRO C 257 -24.73 -39.68 53.23
CA PRO C 257 -25.12 -39.77 54.63
C PRO C 257 -26.42 -39.04 54.87
N SER C 258 -26.90 -39.04 56.10
CA SER C 258 -28.26 -38.59 56.30
C SER C 258 -28.33 -37.42 57.26
N VAL C 259 -28.19 -37.71 58.55
CA VAL C 259 -28.19 -36.69 59.57
C VAL C 259 -27.42 -37.25 60.75
N ALA C 260 -26.81 -36.37 61.53
CA ALA C 260 -25.99 -36.78 62.65
C ALA C 260 -26.80 -36.64 63.93
N VAL C 261 -27.01 -37.75 64.62
CA VAL C 261 -27.63 -37.68 65.94
C VAL C 261 -26.77 -38.49 66.90
N PRO C 262 -26.53 -37.99 68.11
CA PRO C 262 -25.58 -38.67 69.00
C PRO C 262 -26.06 -40.00 69.53
N ARG C 263 -27.35 -40.14 69.83
CA ARG C 263 -27.82 -41.24 70.66
C ARG C 263 -28.00 -42.53 69.88
N LEU C 264 -27.70 -42.47 68.59
CA LEU C 264 -27.84 -43.64 67.74
C LEU C 264 -26.46 -44.22 67.75
N THR C 265 -25.88 -44.31 68.93
CA THR C 265 -24.54 -44.84 69.05
C THR C 265 -24.63 -46.34 69.07
N HIS C 266 -24.59 -46.89 67.85
CA HIS C 266 -24.41 -48.33 67.61
C HIS C 266 -22.94 -48.53 67.22
N ALA C 267 -22.16 -49.37 67.90
CA ALA C 267 -20.75 -49.55 67.49
C ALA C 267 -20.13 -50.92 67.69
N ASP C 268 -19.06 -51.18 66.94
CA ASP C 268 -18.34 -52.45 67.03
C ASP C 268 -17.77 -52.53 68.41
N THR C 269 -17.81 -53.71 69.02
CA THR C 269 -17.29 -53.85 70.35
C THR C 269 -15.81 -53.55 70.25
N ARG C 270 -15.27 -52.80 71.20
CA ARG C 270 -13.84 -52.47 71.18
C ARG C 270 -13.38 -51.71 69.93
N GLY C 271 -14.15 -50.74 69.48
CA GLY C 271 -13.77 -50.03 68.29
C GLY C 271 -14.68 -49.17 67.44
N ARG C 272 -14.22 -49.11 66.20
CA ARG C 272 -14.76 -48.34 65.08
C ARG C 272 -16.28 -48.45 65.02
N PRO C 273 -17.00 -47.31 64.95
CA PRO C 273 -18.46 -47.11 64.90
C PRO C 273 -19.14 -47.70 63.70
N VAL C 274 -20.36 -48.17 63.85
CA VAL C 274 -21.08 -48.81 62.76
C VAL C 274 -22.00 -47.83 62.08
N ASP C 275 -21.84 -47.71 60.79
CA ASP C 275 -22.62 -46.85 59.93
C ASP C 275 -23.41 -47.58 58.87
N GLY C 276 -23.55 -48.90 58.96
CA GLY C 276 -24.10 -49.65 57.86
C GLY C 276 -25.35 -50.40 58.27
N VAL C 277 -25.98 -51.04 57.29
CA VAL C 277 -27.11 -51.92 57.60
C VAL C 277 -26.98 -53.26 56.90
N LEU C 278 -26.97 -53.26 55.57
CA LEU C 278 -26.91 -54.47 54.74
C LEU C 278 -27.81 -55.60 55.17
N VAL C 279 -29.09 -55.47 54.97
CA VAL C 279 -29.98 -56.61 55.19
C VAL C 279 -30.07 -57.39 53.90
N THR C 280 -29.91 -58.70 53.98
CA THR C 280 -30.00 -59.59 52.83
C THR C 280 -30.85 -60.77 53.23
N THR C 281 -30.95 -61.75 52.34
CA THR C 281 -31.44 -63.04 52.77
C THR C 281 -30.28 -63.83 53.35
N ALA C 282 -30.55 -65.05 53.76
CA ALA C 282 -29.52 -65.92 54.32
C ALA C 282 -28.78 -66.87 53.38
N ALA C 283 -28.91 -66.75 52.06
CA ALA C 283 -28.25 -67.66 51.16
C ALA C 283 -27.11 -66.77 50.72
N ILE C 284 -27.53 -65.63 50.19
CA ILE C 284 -26.64 -64.50 49.91
C ILE C 284 -25.72 -64.25 51.08
N LYS C 285 -26.27 -64.13 52.28
CA LYS C 285 -25.44 -63.88 53.45
C LYS C 285 -24.39 -64.96 53.61
N GLN C 286 -24.80 -66.22 53.56
CA GLN C 286 -23.82 -67.31 53.60
C GLN C 286 -22.85 -67.22 52.45
N ARG C 287 -23.32 -66.80 51.28
CA ARG C 287 -22.44 -66.79 50.12
C ARG C 287 -21.42 -65.68 50.21
N LEU C 288 -21.88 -64.45 50.46
CA LEU C 288 -20.96 -63.35 50.74
C LEU C 288 -19.98 -63.74 51.83
N LEU C 289 -20.51 -64.00 53.02
CA LEU C 289 -19.68 -64.16 54.20
C LEU C 289 -18.64 -65.26 54.01
N GLN C 290 -19.08 -66.35 53.43
CA GLN C 290 -18.21 -67.48 53.18
C GLN C 290 -17.10 -67.19 52.20
N SER C 291 -17.42 -66.47 51.13
CA SER C 291 -16.39 -66.20 50.14
C SER C 291 -15.88 -64.78 49.89
N PHE C 292 -16.69 -63.76 50.19
CA PHE C 292 -16.25 -62.40 49.93
C PHE C 292 -16.14 -61.46 51.12
N LEU C 293 -16.09 -61.94 52.35
CA LEU C 293 -16.06 -60.98 53.45
C LEU C 293 -15.35 -61.57 54.67
N LYS C 294 -15.22 -60.73 55.71
CA LYS C 294 -14.76 -61.15 57.02
C LYS C 294 -15.48 -60.31 58.07
N VAL C 295 -15.28 -60.62 59.35
CA VAL C 295 -16.23 -60.20 60.39
C VAL C 295 -15.51 -59.60 61.59
N GLU C 296 -16.09 -58.58 62.20
CA GLU C 296 -15.54 -58.01 63.44
C GLU C 296 -16.84 -57.96 64.22
N ASP C 297 -17.39 -59.12 64.57
CA ASP C 297 -18.74 -59.16 65.15
C ASP C 297 -18.92 -58.85 66.63
N THR C 298 -20.16 -59.04 67.09
CA THR C 298 -20.63 -58.74 68.45
C THR C 298 -20.53 -57.24 68.75
N GLU C 299 -21.48 -56.52 68.14
CA GLU C 299 -21.61 -55.08 68.30
C GLU C 299 -22.20 -54.71 69.65
N ALA C 300 -21.99 -53.45 70.02
CA ALA C 300 -22.60 -52.86 71.21
C ALA C 300 -23.67 -51.88 70.73
N ASP C 301 -24.93 -52.26 70.86
CA ASP C 301 -26.05 -51.45 70.42
C ASP C 301 -26.63 -50.73 71.61
N VAL C 302 -27.64 -49.91 71.38
CA VAL C 302 -28.28 -49.14 72.44
C VAL C 302 -29.56 -49.83 72.94
N PRO C 303 -29.61 -50.13 74.29
CA PRO C 303 -30.83 -50.85 74.73
C PRO C 303 -32.19 -50.16 74.72
N VAL C 304 -32.27 -48.94 75.21
CA VAL C 304 -33.54 -48.22 75.28
C VAL C 304 -34.04 -47.70 73.93
N THR C 305 -35.36 -47.60 73.71
CA THR C 305 -35.87 -47.06 72.42
C THR C 305 -35.31 -45.66 72.46
N TYR C 306 -34.69 -45.20 71.40
CA TYR C 306 -34.00 -43.93 71.61
C TYR C 306 -34.97 -42.90 72.15
N GLY C 307 -34.64 -42.36 73.32
CA GLY C 307 -35.35 -41.25 73.89
C GLY C 307 -36.84 -41.45 73.98
N GLU C 308 -37.54 -40.33 74.07
CA GLU C 308 -38.99 -40.30 74.07
C GLU C 308 -39.38 -38.87 73.71
N MET C 309 -40.62 -38.71 73.29
CA MET C 309 -41.22 -37.38 73.27
C MET C 309 -42.48 -37.45 74.11
N VAL C 310 -42.47 -36.74 75.23
CA VAL C 310 -43.64 -36.60 76.07
C VAL C 310 -43.97 -35.12 76.13
N LEU C 311 -45.26 -34.83 76.05
CA LEU C 311 -45.69 -33.48 76.13
C LEU C 311 -45.57 -33.14 77.59
N ASN C 312 -44.89 -32.05 77.87
CA ASN C 312 -44.70 -31.63 79.24
C ASN C 312 -45.32 -30.29 79.46
N GLY C 313 -44.81 -29.51 80.39
CA GLY C 313 -45.43 -28.24 80.67
C GLY C 313 -45.48 -27.32 79.48
N ALA C 314 -44.41 -27.20 78.74
CA ALA C 314 -44.45 -26.34 77.59
C ALA C 314 -45.40 -26.86 76.55
N ASN C 315 -45.33 -28.16 76.33
CA ASN C 315 -46.04 -28.88 75.29
C ASN C 315 -47.43 -29.32 75.75
N LEU C 316 -47.61 -29.61 77.03
CA LEU C 316 -48.96 -29.83 77.51
C LEU C 316 -49.80 -28.60 77.23
N VAL C 317 -49.46 -27.49 77.87
CA VAL C 317 -50.18 -26.24 77.67
C VAL C 317 -50.26 -25.89 76.20
N THR C 318 -49.14 -26.01 75.49
CA THR C 318 -49.08 -25.62 74.10
C THR C 318 -49.94 -26.51 73.21
N ALA C 319 -50.06 -27.79 73.54
CA ALA C 319 -50.90 -28.66 72.72
C ALA C 319 -52.38 -28.41 72.97
N LEU C 320 -52.77 -28.24 74.23
CA LEU C 320 -54.18 -28.10 74.53
C LEU C 320 -54.70 -26.67 74.33
N VAL C 321 -53.96 -25.65 74.76
CA VAL C 321 -54.46 -24.28 74.62
C VAL C 321 -54.46 -23.86 73.16
N MET C 322 -53.38 -24.14 72.46
CA MET C 322 -53.13 -23.68 71.10
C MET C 322 -53.43 -24.74 70.07
N GLY C 323 -52.86 -25.93 70.21
CA GLY C 323 -52.99 -26.97 69.22
C GLY C 323 -51.72 -27.21 68.47
N LYS C 324 -50.66 -26.50 68.84
CA LYS C 324 -49.34 -26.68 68.28
C LYS C 324 -48.49 -27.41 69.30
N ALA C 325 -47.53 -28.17 68.82
CA ALA C 325 -46.51 -28.73 69.69
C ALA C 325 -45.18 -28.67 68.96
N VAL C 326 -44.10 -28.64 69.73
CA VAL C 326 -42.75 -28.54 69.18
C VAL C 326 -41.85 -29.51 69.92
N ARG C 327 -40.92 -30.13 69.20
CA ARG C 327 -39.94 -30.97 69.84
C ARG C 327 -39.01 -30.11 70.67
N SER C 328 -38.90 -30.42 71.95
CA SER C 328 -38.01 -29.70 72.88
C SER C 328 -38.27 -28.21 72.83
N LEU C 329 -39.55 -27.84 73.04
CA LEU C 329 -39.89 -26.43 73.12
C LEU C 329 -39.18 -25.75 74.27
N ASP C 330 -38.88 -26.49 75.34
CA ASP C 330 -38.14 -25.90 76.44
C ASP C 330 -36.76 -25.44 75.99
N ASP C 331 -36.11 -26.20 75.10
CA ASP C 331 -34.82 -25.79 74.61
C ASP C 331 -34.93 -24.63 73.62
N VAL C 332 -35.72 -24.81 72.56
CA VAL C 332 -35.79 -23.75 71.56
C VAL C 332 -36.38 -22.49 72.17
N GLY C 333 -37.25 -22.64 73.17
CA GLY C 333 -37.70 -21.47 73.89
C GLY C 333 -36.59 -20.83 74.68
N ARG C 334 -35.75 -21.63 75.33
CA ARG C 334 -34.68 -21.09 76.15
C ARG C 334 -33.64 -20.40 75.27
N HIS C 335 -33.26 -21.02 74.17
CA HIS C 335 -32.23 -20.44 73.32
C HIS C 335 -32.72 -19.17 72.63
N LEU C 336 -33.97 -19.17 72.14
CA LEU C 336 -34.48 -17.96 71.51
C LEU C 336 -34.50 -16.80 72.48
N LEU C 337 -35.01 -17.02 73.70
CA LEU C 337 -35.01 -15.96 74.69
C LEU C 337 -33.60 -15.46 74.96
N ASP C 338 -32.64 -16.37 75.07
CA ASP C 338 -31.24 -15.99 75.28
C ASP C 338 -30.77 -15.00 74.23
N MET C 339 -30.62 -15.47 73.00
CA MET C 339 -29.99 -14.68 71.95
C MET C 339 -30.71 -13.36 71.73
N GLN C 340 -31.99 -13.29 72.08
CA GLN C 340 -32.74 -12.07 71.89
C GLN C 340 -32.48 -11.06 72.99
N GLU C 341 -32.34 -11.51 74.23
CA GLU C 341 -31.88 -10.63 75.30
C GLU C 341 -30.36 -10.48 75.28
N GLU C 342 -29.69 -11.13 74.34
CA GLU C 342 -28.25 -11.00 74.12
C GLU C 342 -27.44 -11.46 75.32
N ASN C 347 -30.81 -22.93 61.69
CA ASN C 347 -30.06 -21.69 61.63
C ASN C 347 -28.75 -21.86 62.39
N ARG C 348 -28.45 -20.89 63.26
CA ARG C 348 -27.29 -20.99 64.14
C ARG C 348 -27.62 -21.78 65.39
N GLU C 349 -28.83 -22.33 65.47
CA GLU C 349 -29.12 -23.26 66.55
C GLU C 349 -28.10 -24.38 66.45
N THR C 350 -27.27 -24.52 67.48
CA THR C 350 -26.35 -25.64 67.59
C THR C 350 -26.85 -26.69 68.57
N LEU C 351 -28.00 -26.47 69.18
CA LEU C 351 -28.43 -27.26 70.34
C LEU C 351 -28.52 -28.74 70.00
N ASP C 352 -29.34 -29.08 69.01
CA ASP C 352 -29.74 -30.46 68.77
C ASP C 352 -30.35 -31.14 69.98
N GLU C 353 -29.86 -32.32 70.35
CA GLU C 353 -30.32 -33.02 71.56
C GLU C 353 -29.19 -33.92 72.04
N LEU C 354 -28.65 -33.63 73.21
CA LEU C 354 -27.88 -34.61 73.98
C LEU C 354 -28.15 -34.38 75.45
N GLU C 355 -28.57 -35.43 76.17
CA GLU C 355 -28.81 -35.24 77.59
C GLU C 355 -28.05 -36.22 78.48
N SER C 356 -28.56 -37.44 78.63
CA SER C 356 -28.00 -38.41 79.57
C SER C 356 -27.14 -39.49 78.93
N ALA C 357 -27.06 -39.53 77.58
CA ALA C 357 -26.41 -40.61 76.81
C ALA C 357 -27.21 -41.90 76.98
N PRO C 358 -27.18 -42.79 75.98
CA PRO C 358 -27.93 -44.05 76.10
C PRO C 358 -27.21 -45.02 77.02
N GLN C 359 -27.87 -46.16 77.24
CA GLN C 359 -27.32 -47.26 78.03
C GLN C 359 -27.12 -48.43 77.10
N THR C 360 -25.88 -48.75 76.77
CA THR C 360 -25.64 -49.72 75.73
C THR C 360 -25.78 -51.15 76.26
N THR C 361 -25.64 -52.11 75.35
CA THR C 361 -25.52 -53.53 75.67
C THR C 361 -24.47 -54.10 74.74
N ARG C 362 -24.34 -55.41 74.76
CA ARG C 362 -23.51 -56.11 73.80
C ARG C 362 -24.33 -57.26 73.24
N VAL C 363 -24.59 -57.22 71.95
CA VAL C 363 -25.50 -58.14 71.31
C VAL C 363 -24.71 -58.97 70.31
N ARG C 364 -25.36 -59.96 69.74
CA ARG C 364 -24.73 -60.83 68.75
C ARG C 364 -24.99 -60.22 67.38
N ALA C 365 -23.93 -59.79 66.73
CA ALA C 365 -24.00 -59.05 65.49
C ALA C 365 -23.07 -59.70 64.50
N ASP C 366 -23.18 -59.29 63.23
CA ASP C 366 -22.16 -59.58 62.24
C ASP C 366 -21.77 -58.26 61.61
N LEU C 367 -20.56 -57.81 61.91
CA LEU C 367 -20.03 -56.59 61.35
C LEU C 367 -19.04 -56.94 60.28
N VAL C 368 -19.11 -56.25 59.15
CA VAL C 368 -18.17 -56.45 58.07
C VAL C 368 -17.69 -55.07 57.64
N ALA C 369 -16.39 -54.96 57.39
CA ALA C 369 -15.82 -53.71 56.92
C ALA C 369 -15.71 -53.80 55.41
N ILE C 370 -16.50 -53.04 54.68
CA ILE C 370 -16.43 -53.11 53.23
C ILE C 370 -15.87 -51.78 52.80
N GLY C 371 -14.71 -51.79 52.19
CA GLY C 371 -14.06 -50.56 51.83
C GLY C 371 -13.76 -49.82 53.11
N ASP C 372 -13.97 -48.52 53.14
CA ASP C 372 -13.69 -47.79 54.35
C ASP C 372 -14.62 -48.14 55.47
N ARG C 373 -15.90 -48.16 55.13
CA ARG C 373 -16.99 -48.36 56.06
C ARG C 373 -17.09 -49.65 56.83
N LEU C 374 -17.51 -49.55 58.09
CA LEU C 374 -17.84 -50.71 58.91
C LEU C 374 -19.35 -50.83 58.95
N VAL C 375 -19.87 -51.83 58.26
CA VAL C 375 -21.28 -51.98 58.10
C VAL C 375 -21.74 -53.08 59.05
N PHE C 376 -23.03 -53.26 59.15
CA PHE C 376 -23.64 -54.36 59.86
C PHE C 376 -24.20 -55.28 58.79
N LEU C 377 -24.27 -56.58 59.08
CA LEU C 377 -24.73 -57.52 58.06
C LEU C 377 -25.77 -58.44 58.66
N GLU C 378 -26.99 -58.35 58.15
CA GLU C 378 -28.14 -59.03 58.73
C GLU C 378 -28.89 -59.79 57.65
N ALA C 379 -29.41 -60.95 58.04
CA ALA C 379 -30.46 -61.62 57.29
C ALA C 379 -31.45 -62.14 58.31
N LEU C 380 -32.68 -61.66 58.24
CA LEU C 380 -33.67 -62.00 59.25
C LEU C 380 -34.83 -62.78 58.63
N GLU C 381 -34.81 -64.09 58.80
CA GLU C 381 -35.96 -64.93 58.47
C GLU C 381 -36.18 -65.86 59.65
N LYS C 382 -35.19 -66.72 59.89
CA LYS C 382 -35.16 -67.45 61.14
C LYS C 382 -35.37 -66.50 62.31
N ARG C 383 -34.72 -65.34 62.28
CA ARG C 383 -34.91 -64.38 63.34
C ARG C 383 -36.33 -63.87 63.53
N ILE C 384 -36.85 -63.08 62.59
CA ILE C 384 -38.13 -62.43 62.87
C ILE C 384 -39.24 -63.10 62.05
N TYR C 385 -38.96 -63.39 60.80
CA TYR C 385 -39.88 -64.03 59.84
C TYR C 385 -40.34 -65.47 59.89
N ALA C 386 -39.44 -66.39 60.16
CA ALA C 386 -39.80 -67.79 60.14
C ALA C 386 -40.80 -68.10 61.21
N ALA C 387 -41.77 -68.95 60.83
CA ALA C 387 -42.94 -69.50 61.53
C ALA C 387 -44.09 -68.53 61.51
N THR C 388 -43.85 -67.36 60.94
CA THR C 388 -44.93 -66.45 60.64
C THR C 388 -45.38 -66.71 59.21
N ASN C 389 -46.61 -66.35 58.92
CA ASN C 389 -47.12 -66.45 57.57
C ASN C 389 -46.98 -65.15 56.78
N VAL C 390 -46.25 -64.19 57.33
CA VAL C 390 -45.84 -62.99 56.61
C VAL C 390 -44.73 -63.37 55.65
N PRO C 391 -44.76 -62.91 54.41
CA PRO C 391 -43.61 -63.11 53.52
C PRO C 391 -42.38 -62.34 53.98
N TYR C 392 -41.29 -62.49 53.28
CA TYR C 392 -40.04 -61.83 53.61
C TYR C 392 -39.79 -60.72 52.61
N PRO C 393 -39.87 -59.45 53.01
CA PRO C 393 -39.85 -58.35 52.04
C PRO C 393 -38.64 -58.34 51.14
N LEU C 394 -37.49 -58.79 51.65
CA LEU C 394 -36.27 -58.76 50.86
C LEU C 394 -36.33 -59.63 49.66
N VAL C 395 -36.88 -60.81 49.81
CA VAL C 395 -36.96 -61.64 48.62
C VAL C 395 -38.06 -61.02 47.78
N GLY C 396 -37.66 -60.35 46.71
CA GLY C 396 -38.52 -59.44 46.00
C GLY C 396 -39.13 -60.08 44.78
N ALA C 397 -39.49 -59.24 43.82
CA ALA C 397 -39.93 -59.71 42.53
C ALA C 397 -39.65 -58.64 41.50
N MET C 398 -39.34 -59.08 40.29
CA MET C 398 -39.28 -58.17 39.16
C MET C 398 -39.82 -58.90 37.96
N ASP C 399 -40.64 -58.21 37.18
CA ASP C 399 -41.22 -58.84 36.01
C ASP C 399 -40.71 -58.19 34.74
N LEU C 400 -40.56 -59.01 33.72
CA LEU C 400 -39.94 -58.59 32.49
C LEU C 400 -40.82 -58.99 31.32
N THR C 401 -40.80 -58.17 30.29
CA THR C 401 -41.48 -58.47 29.05
C THR C 401 -40.45 -58.91 28.05
N PHE C 402 -40.76 -59.98 27.33
CA PHE C 402 -39.85 -60.56 26.36
C PHE C 402 -40.49 -60.50 24.99
N VAL C 403 -39.65 -60.49 23.97
CA VAL C 403 -40.10 -60.38 22.59
C VAL C 403 -39.62 -61.59 21.81
N LEU C 404 -40.52 -62.17 21.03
CA LEU C 404 -40.20 -63.24 20.10
C LEU C 404 -40.69 -62.85 18.71
N PRO C 405 -39.88 -63.05 17.68
CA PRO C 405 -40.31 -62.77 16.31
C PRO C 405 -40.84 -63.93 15.47
N LEU C 406 -42.10 -64.35 15.58
CA LEU C 406 -42.58 -65.39 14.68
C LEU C 406 -42.53 -64.96 13.23
N GLY C 407 -42.35 -65.94 12.35
CA GLY C 407 -42.65 -65.78 10.96
C GLY C 407 -41.80 -64.80 10.20
N LEU C 408 -40.87 -64.12 10.85
CA LEU C 408 -40.11 -63.09 10.17
C LEU C 408 -39.12 -63.73 9.24
N PHE C 409 -38.29 -62.91 8.63
CA PHE C 409 -37.63 -63.37 7.42
C PHE C 409 -36.26 -62.72 7.28
N ASN C 410 -35.26 -63.52 6.87
CA ASN C 410 -33.88 -63.07 6.85
C ASN C 410 -33.62 -62.10 5.71
N PRO C 411 -32.80 -61.07 5.95
CA PRO C 411 -32.39 -60.17 4.87
C PRO C 411 -31.56 -60.84 3.80
N ALA C 412 -31.38 -60.13 2.69
CA ALA C 412 -30.63 -60.67 1.56
C ALA C 412 -29.27 -61.16 1.95
N MET C 413 -28.60 -60.43 2.82
CA MET C 413 -27.21 -60.72 3.15
C MET C 413 -27.06 -61.78 4.23
N GLU C 414 -28.13 -62.07 4.96
CA GLU C 414 -28.07 -62.92 6.14
C GLU C 414 -28.47 -64.36 5.88
N ARG C 415 -28.65 -64.76 4.64
CA ARG C 415 -29.13 -66.09 4.29
C ARG C 415 -28.03 -67.11 4.04
N PHE C 416 -26.79 -66.82 4.38
CA PHE C 416 -25.74 -67.77 4.07
C PHE C 416 -25.88 -69.02 4.94
N ALA C 417 -25.06 -69.97 4.64
CA ALA C 417 -25.13 -71.19 5.35
C ALA C 417 -23.97 -71.40 6.20
N ALA C 418 -23.11 -70.44 6.49
CA ALA C 418 -21.93 -70.59 7.42
C ALA C 418 -20.82 -71.51 6.93
N HIS C 419 -21.12 -72.78 6.69
CA HIS C 419 -20.22 -73.69 6.05
C HIS C 419 -21.11 -74.53 5.17
N ALA C 420 -20.63 -74.93 4.02
CA ALA C 420 -21.45 -75.53 2.99
C ALA C 420 -22.19 -76.72 3.55
N GLY C 421 -21.49 -77.82 3.81
CA GLY C 421 -22.17 -78.91 4.45
C GLY C 421 -22.39 -78.66 5.92
N ASP C 422 -23.65 -78.67 6.34
CA ASP C 422 -24.06 -78.76 7.74
C ASP C 422 -25.57 -78.67 7.77
N LEU C 423 -26.15 -79.20 8.85
CA LEU C 423 -27.60 -79.28 8.99
C LEU C 423 -28.22 -79.86 7.72
N VAL C 424 -27.51 -80.80 7.09
CA VAL C 424 -27.80 -81.33 5.77
C VAL C 424 -28.81 -82.46 5.88
N PRO C 425 -29.78 -82.58 4.98
CA PRO C 425 -30.72 -83.69 5.08
C PRO C 425 -30.11 -84.99 4.57
N ALA C 426 -30.79 -86.10 4.89
CA ALA C 426 -30.49 -87.38 4.29
C ALA C 426 -30.49 -87.18 2.79
N PRO C 427 -29.68 -87.91 2.04
CA PRO C 427 -29.52 -87.62 0.62
C PRO C 427 -30.77 -87.49 -0.25
N GLY C 428 -31.73 -88.39 -0.19
CA GLY C 428 -32.93 -88.19 -1.00
C GLY C 428 -33.91 -87.41 -0.16
N HIS C 429 -33.70 -86.13 0.10
CA HIS C 429 -34.67 -85.41 0.94
C HIS C 429 -34.96 -83.92 0.71
N PRO C 430 -36.02 -83.40 1.30
CA PRO C 430 -36.30 -81.97 1.16
C PRO C 430 -35.44 -81.16 2.13
N GLU C 431 -34.89 -80.03 1.70
CA GLU C 431 -34.11 -79.23 2.64
C GLU C 431 -35.10 -78.26 3.25
N PRO C 432 -35.62 -78.64 4.49
CA PRO C 432 -36.57 -77.67 5.06
C PRO C 432 -35.93 -76.39 5.56
N ARG C 433 -34.65 -76.40 5.89
CA ARG C 433 -33.99 -75.22 6.40
C ARG C 433 -34.00 -74.05 5.45
N ALA C 434 -34.34 -74.26 4.19
CA ALA C 434 -34.21 -73.19 3.21
C ALA C 434 -35.49 -72.45 2.93
N PHE C 435 -36.61 -72.93 3.51
CA PHE C 435 -38.01 -72.43 3.41
C PHE C 435 -38.24 -71.32 4.44
N PRO C 436 -39.36 -70.58 4.44
CA PRO C 436 -39.46 -69.61 5.53
C PRO C 436 -39.92 -70.25 6.82
N PRO C 437 -39.42 -69.77 7.96
CA PRO C 437 -39.87 -70.29 9.25
C PRO C 437 -41.28 -69.85 9.55
N ARG C 438 -42.12 -70.81 9.92
CA ARG C 438 -43.42 -70.54 10.52
C ARG C 438 -43.44 -70.75 12.01
N GLN C 439 -42.32 -71.18 12.59
CA GLN C 439 -42.28 -71.60 13.98
C GLN C 439 -41.22 -70.81 14.71
N LEU C 440 -41.14 -71.08 16.01
CA LEU C 440 -40.09 -70.49 16.82
C LEU C 440 -39.90 -71.42 18.00
N PHE C 441 -38.65 -71.61 18.41
CA PHE C 441 -38.33 -72.52 19.50
C PHE C 441 -37.63 -71.76 20.61
N PHE C 442 -37.85 -72.22 21.84
CA PHE C 442 -37.18 -71.63 22.99
C PHE C 442 -37.29 -72.60 24.14
N TRP C 443 -36.66 -72.26 25.25
CA TRP C 443 -36.65 -73.09 26.43
C TRP C 443 -37.68 -72.57 27.41
N GLY C 444 -38.54 -73.45 27.89
CA GLY C 444 -39.43 -73.09 28.96
C GLY C 444 -38.68 -72.99 30.26
N LYS C 445 -39.32 -72.43 31.27
CA LYS C 445 -38.62 -72.43 32.56
C LYS C 445 -38.58 -73.91 32.75
N ASP C 446 -37.37 -74.40 33.02
CA ASP C 446 -36.81 -75.78 33.08
C ASP C 446 -35.97 -75.89 31.82
N HIS C 447 -35.65 -77.10 31.42
CA HIS C 447 -34.87 -77.27 30.22
C HIS C 447 -35.79 -77.91 29.21
N GLN C 448 -37.03 -77.50 29.21
CA GLN C 448 -38.01 -78.01 28.32
C GLN C 448 -38.12 -77.08 27.17
N VAL C 449 -37.76 -77.53 25.99
CA VAL C 449 -37.75 -76.76 24.77
C VAL C 449 -39.16 -76.71 24.23
N LEU C 450 -39.57 -75.53 23.76
CA LEU C 450 -40.96 -75.26 23.43
C LEU C 450 -41.06 -74.64 22.05
N ARG C 451 -42.22 -74.71 21.43
CA ARG C 451 -42.39 -74.16 20.11
C ARG C 451 -43.61 -73.28 19.96
N LEU C 452 -43.47 -72.11 19.33
CA LEU C 452 -44.57 -71.24 19.08
C LEU C 452 -44.79 -71.27 17.59
N SER C 453 -45.87 -71.86 17.14
CA SER C 453 -46.19 -71.93 15.75
C SER C 453 -47.07 -70.79 15.34
N MET C 454 -47.44 -70.69 14.07
CA MET C 454 -48.36 -69.64 13.68
C MET C 454 -49.78 -70.15 13.87
N GLU C 455 -49.99 -71.42 14.19
CA GLU C 455 -51.29 -71.91 14.59
C GLU C 455 -51.65 -71.40 15.97
N ASN C 456 -50.64 -70.87 16.66
CA ASN C 456 -50.78 -70.29 17.98
C ASN C 456 -51.52 -68.96 17.92
N ALA C 457 -51.43 -68.26 16.79
CA ALA C 457 -52.01 -66.93 16.67
C ALA C 457 -53.47 -66.94 16.28
N VAL C 458 -54.10 -68.11 16.20
CA VAL C 458 -55.46 -68.18 15.72
C VAL C 458 -56.41 -67.39 16.62
N GLY C 459 -56.24 -67.46 17.93
CA GLY C 459 -57.15 -66.75 18.81
C GLY C 459 -57.08 -65.25 18.68
N THR C 460 -56.00 -64.74 18.11
CA THR C 460 -55.77 -63.31 17.94
C THR C 460 -56.27 -62.81 16.60
N VAL C 461 -55.70 -63.35 15.53
CA VAL C 461 -55.92 -62.81 14.20
C VAL C 461 -57.17 -63.35 13.55
N CYS C 462 -57.72 -64.46 14.06
CA CYS C 462 -58.93 -65.07 13.54
C CYS C 462 -60.18 -64.55 14.21
N HIS C 463 -60.07 -63.46 14.90
CA HIS C 463 -61.19 -62.91 15.62
C HIS C 463 -61.70 -61.70 14.86
N PRO C 464 -62.98 -61.40 14.91
CA PRO C 464 -63.47 -60.32 14.05
C PRO C 464 -63.20 -58.97 14.67
N SER C 465 -62.05 -58.86 15.32
CA SER C 465 -61.46 -57.58 15.63
C SER C 465 -60.41 -57.18 14.62
N LEU C 466 -60.08 -58.16 13.79
CA LEU C 466 -59.16 -58.03 12.70
C LEU C 466 -59.65 -57.19 11.59
N MET C 467 -60.92 -57.34 11.27
CA MET C 467 -61.57 -56.70 10.16
C MET C 467 -62.20 -55.35 10.36
N ASN C 468 -62.19 -54.85 11.56
CA ASN C 468 -62.86 -53.60 11.84
C ASN C 468 -61.90 -52.45 11.82
N ILE C 469 -62.19 -51.42 11.02
CA ILE C 469 -61.29 -50.29 10.88
C ILE C 469 -61.96 -48.96 11.16
N ASP C 470 -63.25 -48.94 11.46
CA ASP C 470 -64.00 -47.69 11.36
C ASP C 470 -63.39 -46.59 12.19
N ALA C 471 -62.80 -46.93 13.34
CA ALA C 471 -62.06 -45.93 14.10
C ALA C 471 -60.89 -45.39 13.31
N ALA C 472 -60.22 -46.26 12.55
CA ALA C 472 -59.04 -45.83 11.80
C ALA C 472 -59.43 -44.95 10.63
N VAL C 473 -60.44 -45.36 9.86
CA VAL C 473 -60.78 -44.61 8.65
C VAL C 473 -61.32 -43.24 9.00
N GLY C 474 -62.07 -43.14 10.08
CA GLY C 474 -62.53 -41.84 10.53
C GLY C 474 -61.45 -41.11 11.27
N GLY C 475 -60.64 -41.86 12.01
CA GLY C 475 -59.57 -41.26 12.77
C GLY C 475 -58.48 -40.64 11.93
N VAL C 476 -58.32 -41.10 10.69
CA VAL C 476 -57.38 -40.45 9.78
C VAL C 476 -58.06 -39.42 8.89
N ASN C 477 -59.40 -39.40 8.88
CA ASN C 477 -60.14 -38.56 7.96
C ASN C 477 -60.07 -37.08 8.34
N HIS C 478 -59.89 -36.76 9.62
CA HIS C 478 -59.82 -35.37 10.03
C HIS C 478 -58.62 -34.69 9.38
N ASP C 479 -58.65 -33.35 9.37
CA ASP C 479 -57.66 -32.56 8.64
C ASP C 479 -57.69 -32.93 7.17
N PRO C 480 -58.70 -32.47 6.43
CA PRO C 480 -58.94 -32.98 5.07
C PRO C 480 -57.70 -32.87 4.19
N VAL C 481 -57.62 -33.78 3.22
CA VAL C 481 -56.40 -34.03 2.48
C VAL C 481 -56.64 -33.63 1.03
N GLU C 482 -55.55 -33.32 0.33
CA GLU C 482 -55.63 -32.90 -1.06
C GLU C 482 -55.92 -34.09 -1.96
N ALA C 483 -56.03 -33.83 -3.26
CA ALA C 483 -56.34 -34.87 -4.23
C ALA C 483 -55.07 -35.44 -4.83
N ALA C 484 -55.03 -36.76 -4.92
CA ALA C 484 -53.86 -37.51 -5.36
C ALA C 484 -53.86 -37.82 -6.85
N ASN C 485 -54.77 -37.24 -7.62
CA ASN C 485 -55.22 -37.63 -8.95
C ASN C 485 -55.66 -39.09 -8.92
N PRO C 486 -56.82 -39.34 -8.42
CA PRO C 486 -57.19 -40.72 -8.08
C PRO C 486 -57.20 -41.61 -9.29
N TYR C 487 -56.02 -41.90 -9.81
CA TYR C 487 -55.95 -42.70 -11.02
C TYR C 487 -56.34 -44.13 -10.74
N GLY C 488 -55.68 -44.77 -9.80
CA GLY C 488 -56.08 -46.10 -9.41
C GLY C 488 -57.07 -46.12 -8.29
N ALA C 489 -57.47 -44.95 -7.80
CA ALA C 489 -58.42 -44.83 -6.72
C ALA C 489 -59.84 -44.53 -7.19
N TYR C 490 -60.08 -44.52 -8.49
CA TYR C 490 -61.38 -44.14 -9.03
C TYR C 490 -61.86 -45.17 -10.04
N VAL C 491 -63.14 -45.50 -9.96
CA VAL C 491 -63.81 -46.40 -10.90
C VAL C 491 -64.90 -45.60 -11.60
N ALA C 492 -65.15 -45.90 -12.86
CA ALA C 492 -66.17 -45.21 -13.63
C ALA C 492 -67.06 -46.22 -14.36
N ALA C 493 -68.12 -45.72 -14.89
CA ALA C 493 -69.06 -46.52 -15.67
C ALA C 493 -68.55 -46.66 -17.10
N PRO C 494 -68.54 -47.87 -17.66
CA PRO C 494 -68.25 -48.00 -19.08
C PRO C 494 -69.26 -47.20 -19.87
N ALA C 495 -68.76 -46.38 -20.77
CA ALA C 495 -69.59 -45.46 -21.55
C ALA C 495 -69.54 -45.88 -23.00
N GLY C 496 -70.68 -46.37 -23.49
CA GLY C 496 -70.82 -46.65 -24.90
C GLY C 496 -69.92 -47.76 -25.38
N PRO C 497 -69.43 -47.63 -26.60
CA PRO C 497 -68.70 -48.73 -27.22
C PRO C 497 -67.40 -49.02 -26.50
N GLY C 498 -66.94 -50.25 -26.66
CA GLY C 498 -65.68 -50.66 -26.09
C GLY C 498 -64.54 -50.28 -27.00
N ALA C 499 -64.81 -50.12 -28.29
CA ALA C 499 -63.76 -49.86 -29.26
C ALA C 499 -62.94 -48.63 -28.86
N ASP C 500 -63.61 -47.56 -28.49
CA ASP C 500 -62.95 -46.33 -28.09
C ASP C 500 -62.82 -46.19 -26.58
N MET C 501 -63.21 -47.21 -25.82
CA MET C 501 -63.29 -47.05 -24.37
C MET C 501 -61.95 -46.69 -23.77
N GLN C 502 -60.87 -47.23 -24.31
CA GLN C 502 -59.58 -46.73 -23.87
C GLN C 502 -59.21 -45.45 -24.57
N GLN C 503 -59.50 -45.34 -25.86
CA GLN C 503 -59.23 -44.11 -26.57
C GLN C 503 -59.91 -42.93 -25.89
N ARG C 504 -61.14 -43.12 -25.42
CA ARG C 504 -61.81 -42.04 -24.71
C ARG C 504 -61.28 -41.88 -23.30
N PHE C 505 -60.51 -42.83 -22.81
CA PHE C 505 -59.90 -42.72 -21.50
C PHE C 505 -58.66 -41.86 -21.54
N LEU C 506 -57.66 -42.29 -22.30
CA LEU C 506 -56.41 -41.56 -22.41
C LEU C 506 -56.60 -40.10 -22.74
N ASN C 507 -57.67 -39.77 -23.45
CA ASN C 507 -57.97 -38.36 -23.67
C ASN C 507 -58.64 -37.76 -22.46
N ALA C 508 -59.57 -38.49 -21.83
CA ALA C 508 -60.20 -37.98 -20.62
C ALA C 508 -59.16 -37.75 -19.54
N TRP C 509 -58.36 -38.75 -19.21
CA TRP C 509 -57.35 -38.61 -18.16
C TRP C 509 -55.92 -38.19 -18.54
N ARG C 510 -55.71 -37.36 -19.55
CA ARG C 510 -54.32 -37.07 -19.86
C ARG C 510 -53.76 -35.93 -19.03
N GLN C 511 -54.63 -35.11 -18.43
CA GLN C 511 -54.17 -33.89 -17.79
C GLN C 511 -53.69 -34.18 -16.37
N ARG C 512 -54.52 -34.84 -15.58
CA ARG C 512 -54.14 -35.23 -14.24
C ARG C 512 -53.65 -36.66 -14.20
N LEU C 513 -53.54 -37.30 -15.35
CA LEU C 513 -52.80 -38.54 -15.41
C LEU C 513 -51.30 -38.24 -15.50
N ALA C 514 -50.90 -37.53 -16.55
CA ALA C 514 -49.49 -37.17 -16.70
C ALA C 514 -48.96 -36.37 -15.53
N HIS C 515 -49.77 -35.43 -15.01
CA HIS C 515 -49.28 -34.44 -14.05
C HIS C 515 -48.67 -35.06 -12.80
N GLY C 516 -49.50 -35.62 -11.93
CA GLY C 516 -49.02 -36.08 -10.65
C GLY C 516 -48.48 -37.49 -10.70
N ARG C 517 -48.04 -37.95 -9.53
CA ARG C 517 -47.44 -39.27 -9.37
C ARG C 517 -48.48 -40.22 -8.80
N VAL C 518 -48.60 -41.41 -9.38
CA VAL C 518 -49.52 -42.41 -8.85
C VAL C 518 -48.88 -43.01 -7.60
N ARG C 519 -49.66 -43.18 -6.54
CA ARG C 519 -49.12 -43.69 -5.30
C ARG C 519 -48.52 -45.08 -5.33
N TRP C 520 -49.11 -45.98 -6.10
CA TRP C 520 -48.60 -47.34 -6.11
C TRP C 520 -47.36 -47.43 -7.01
N VAL C 521 -46.38 -46.68 -6.56
CA VAL C 521 -45.00 -46.58 -7.08
C VAL C 521 -44.04 -46.99 -5.96
N ALA C 522 -44.60 -47.50 -4.87
CA ALA C 522 -43.87 -47.97 -3.72
C ALA C 522 -43.06 -49.12 -4.23
N GLU C 523 -43.67 -49.85 -5.12
CA GLU C 523 -43.08 -51.01 -5.73
C GLU C 523 -41.61 -50.81 -6.07
N CYS C 524 -41.10 -49.59 -5.97
CA CYS C 524 -39.68 -49.32 -6.18
C CYS C 524 -38.87 -49.35 -4.90
N GLN C 525 -39.51 -49.39 -3.74
CA GLN C 525 -38.82 -49.19 -2.48
C GLN C 525 -38.37 -50.52 -1.88
N MET C 526 -37.17 -50.50 -1.31
CA MET C 526 -36.79 -51.54 -0.38
C MET C 526 -37.55 -51.35 0.92
N THR C 527 -37.27 -52.20 1.87
CA THR C 527 -37.83 -51.95 3.12
C THR C 527 -36.71 -51.08 3.65
N ALA C 528 -37.08 -50.26 4.59
CA ALA C 528 -36.29 -49.21 5.27
C ALA C 528 -36.25 -47.97 4.42
N GLU C 529 -36.90 -48.00 3.28
CA GLU C 529 -37.01 -46.91 2.43
C GLU C 529 -38.45 -46.74 2.69
N GLN C 530 -39.13 -47.81 3.07
CA GLN C 530 -40.52 -47.57 3.42
C GLN C 530 -40.70 -47.18 4.88
N PHE C 531 -39.75 -47.53 5.74
CA PHE C 531 -39.88 -47.22 7.16
C PHE C 531 -39.19 -45.93 7.53
N MET C 532 -38.55 -45.26 6.59
CA MET C 532 -37.87 -44.00 6.90
C MET C 532 -38.77 -42.80 6.94
N GLN C 533 -38.43 -41.87 7.82
CA GLN C 533 -39.24 -40.73 8.07
C GLN C 533 -39.51 -39.96 6.82
N PRO C 534 -38.43 -39.77 5.97
CA PRO C 534 -38.76 -39.03 4.76
C PRO C 534 -38.64 -39.93 3.56
N ASP C 535 -39.32 -39.55 2.48
CA ASP C 535 -39.28 -40.26 1.20
C ASP C 535 -40.38 -41.29 0.99
N ASN C 536 -41.07 -41.63 2.06
CA ASN C 536 -42.19 -42.55 2.00
C ASN C 536 -43.11 -41.69 2.77
N ALA C 537 -43.67 -40.71 2.08
CA ALA C 537 -44.51 -39.76 2.70
C ALA C 537 -45.77 -40.45 3.02
N ASN C 538 -45.93 -41.57 2.37
CA ASN C 538 -47.15 -42.35 2.42
C ASN C 538 -47.12 -43.43 3.47
N LEU C 539 -46.06 -43.47 4.27
CA LEU C 539 -46.03 -44.37 5.41
C LEU C 539 -47.25 -44.20 6.29
N ALA C 540 -47.69 -42.96 6.49
CA ALA C 540 -48.80 -42.71 7.38
C ALA C 540 -50.08 -43.38 6.93
N LEU C 541 -50.15 -43.83 5.67
CA LEU C 541 -51.31 -44.56 5.19
C LEU C 541 -51.11 -46.06 5.14
N GLU C 542 -49.99 -46.57 5.66
CA GLU C 542 -49.83 -48.01 5.82
C GLU C 542 -50.12 -48.33 7.28
N LEU C 543 -51.31 -48.86 7.53
CA LEU C 543 -51.83 -49.03 8.88
C LEU C 543 -52.15 -50.48 9.20
N HIS C 544 -53.00 -51.10 8.45
CA HIS C 544 -53.46 -52.41 8.79
C HIS C 544 -52.89 -53.40 7.79
N PRO C 545 -52.70 -54.66 8.20
CA PRO C 545 -52.29 -55.67 7.22
C PRO C 545 -53.24 -55.77 6.04
N ALA C 546 -54.52 -55.84 6.31
CA ALA C 546 -55.53 -56.33 5.40
C ALA C 546 -56.26 -55.26 4.63
N PHE C 547 -55.98 -53.98 4.86
CA PHE C 547 -56.71 -52.94 4.16
C PHE C 547 -55.76 -51.99 3.44
N ASP C 548 -56.32 -51.24 2.50
CA ASP C 548 -55.59 -50.22 1.76
C ASP C 548 -56.18 -48.86 2.09
N PHE C 549 -55.44 -48.05 2.81
CA PHE C 549 -55.85 -46.68 3.07
C PHE C 549 -55.25 -45.82 1.98
N PHE C 550 -56.11 -45.14 1.22
CA PHE C 550 -55.68 -44.31 0.13
C PHE C 550 -56.57 -43.08 0.09
N ALA C 551 -56.13 -42.06 -0.60
CA ALA C 551 -56.86 -40.79 -0.67
C ALA C 551 -57.58 -40.75 -2.00
N GLY C 552 -58.91 -40.88 -1.95
CA GLY C 552 -59.73 -40.81 -3.13
C GLY C 552 -60.54 -39.52 -3.18
N VAL C 553 -61.47 -39.49 -4.12
CA VAL C 553 -62.44 -38.40 -4.16
C VAL C 553 -63.36 -38.51 -2.97
N ALA C 554 -63.97 -37.38 -2.62
CA ALA C 554 -64.67 -37.30 -1.33
C ALA C 554 -66.05 -37.94 -1.40
N ASP C 555 -67.00 -37.28 -2.04
CA ASP C 555 -68.40 -37.68 -1.97
C ASP C 555 -68.85 -38.50 -3.16
N VAL C 556 -67.97 -38.82 -4.09
CA VAL C 556 -68.38 -39.51 -5.31
C VAL C 556 -68.73 -40.95 -4.99
N GLU C 557 -69.90 -41.39 -5.43
CA GLU C 557 -70.23 -42.80 -5.45
C GLU C 557 -69.52 -43.43 -6.64
N LEU C 558 -68.68 -44.44 -6.38
CA LEU C 558 -67.71 -44.87 -7.38
C LEU C 558 -68.33 -45.31 -8.70
N PRO C 559 -69.15 -46.36 -8.75
CA PRO C 559 -69.48 -46.93 -10.06
C PRO C 559 -70.28 -45.93 -10.88
N GLY C 560 -69.61 -44.88 -11.30
CA GLY C 560 -70.23 -43.88 -12.13
C GLY C 560 -69.26 -42.75 -12.38
N GLY C 561 -69.55 -42.01 -13.44
CA GLY C 561 -68.71 -40.90 -13.86
C GLY C 561 -67.87 -41.24 -15.07
N GLU C 562 -67.14 -40.23 -15.53
CA GLU C 562 -66.17 -40.35 -16.60
C GLU C 562 -64.85 -39.84 -16.09
N VAL C 563 -64.85 -38.59 -15.69
CA VAL C 563 -63.70 -37.96 -15.04
C VAL C 563 -64.19 -37.51 -13.68
N PRO C 564 -63.41 -37.69 -12.60
CA PRO C 564 -63.93 -37.39 -11.28
C PRO C 564 -64.08 -35.90 -11.08
N PRO C 565 -65.19 -35.46 -10.52
CA PRO C 565 -65.34 -34.05 -10.19
C PRO C 565 -64.42 -33.72 -9.03
N ALA C 566 -63.12 -33.55 -9.34
CA ALA C 566 -62.12 -33.54 -8.29
C ALA C 566 -62.47 -32.48 -7.25
N GLY C 567 -62.67 -32.93 -6.02
CA GLY C 567 -62.89 -32.05 -4.90
C GLY C 567 -61.72 -32.14 -3.94
N PRO C 568 -61.98 -31.82 -2.68
CA PRO C 568 -60.99 -32.15 -1.64
C PRO C 568 -60.92 -33.66 -1.49
N GLY C 569 -59.70 -34.18 -1.46
CA GLY C 569 -59.54 -35.61 -1.31
C GLY C 569 -60.06 -36.09 0.03
N ALA C 570 -60.66 -37.27 0.01
CA ALA C 570 -61.02 -37.98 1.23
C ALA C 570 -60.31 -39.32 1.19
N ILE C 571 -60.17 -39.91 2.37
CA ILE C 571 -59.26 -41.02 2.57
C ILE C 571 -60.07 -42.24 2.97
N GLN C 572 -59.89 -43.34 2.26
CA GLN C 572 -60.81 -44.44 2.45
C GLN C 572 -60.09 -45.78 2.38
N ALA C 573 -60.48 -46.66 3.29
CA ALA C 573 -59.93 -48.00 3.32
C ALA C 573 -60.72 -48.91 2.41
N THR C 574 -60.01 -49.75 1.68
CA THR C 574 -60.62 -50.86 0.98
C THR C 574 -59.80 -52.10 1.30
N TRP C 575 -60.48 -53.23 1.29
CA TRP C 575 -59.91 -54.45 1.81
C TRP C 575 -58.96 -55.09 0.81
N ARG C 576 -57.70 -55.26 1.20
CA ARG C 576 -56.80 -56.07 0.41
C ARG C 576 -57.38 -57.45 0.32
N VAL C 577 -57.57 -57.96 -0.88
CA VAL C 577 -58.30 -59.21 -0.97
C VAL C 577 -57.42 -60.36 -0.52
N VAL C 578 -56.35 -60.62 -1.25
CA VAL C 578 -55.53 -61.77 -0.97
C VAL C 578 -54.26 -61.29 -0.28
N ASN C 579 -53.43 -62.22 0.14
CA ASN C 579 -52.22 -61.83 0.85
C ASN C 579 -51.10 -61.49 -0.09
N GLY C 580 -51.36 -61.50 -1.39
CA GLY C 580 -50.40 -61.04 -2.36
C GLY C 580 -50.44 -59.57 -2.62
N ASN C 581 -51.48 -58.90 -2.14
CA ASN C 581 -51.63 -57.47 -2.34
C ASN C 581 -50.78 -56.64 -1.41
N LEU C 582 -50.12 -57.25 -0.43
CA LEU C 582 -49.25 -56.54 0.52
C LEU C 582 -48.11 -55.94 -0.25
N PRO C 583 -47.65 -54.74 0.05
CA PRO C 583 -46.60 -54.20 -0.83
C PRO C 583 -45.34 -55.03 -0.83
N LEU C 584 -44.63 -55.00 -1.97
CA LEU C 584 -43.44 -55.81 -2.10
C LEU C 584 -42.28 -55.31 -1.26
N ALA C 585 -42.40 -54.14 -0.67
CA ALA C 585 -41.40 -53.74 0.32
C ALA C 585 -41.65 -54.44 1.64
N LEU C 586 -42.91 -54.67 1.99
CA LEU C 586 -43.21 -55.42 3.21
C LEU C 586 -43.17 -56.93 3.01
N CYS C 587 -43.65 -57.44 1.87
CA CYS C 587 -43.60 -58.86 1.57
C CYS C 587 -42.75 -59.03 0.32
N PRO C 588 -41.44 -59.15 0.49
CA PRO C 588 -40.53 -59.03 -0.66
C PRO C 588 -40.79 -60.10 -1.70
N VAL C 589 -40.30 -59.86 -2.91
CA VAL C 589 -40.26 -60.93 -3.90
C VAL C 589 -39.43 -62.11 -3.41
N ALA C 590 -38.41 -61.85 -2.61
CA ALA C 590 -37.53 -62.91 -2.18
C ALA C 590 -38.20 -63.83 -1.20
N PHE C 591 -38.97 -63.27 -0.27
CA PHE C 591 -39.80 -64.09 0.59
C PHE C 591 -40.87 -64.78 -0.22
N ARG C 592 -41.60 -63.98 -0.97
CA ARG C 592 -42.78 -64.43 -1.69
C ARG C 592 -42.43 -65.58 -2.61
N ASP C 593 -41.19 -65.62 -3.11
CA ASP C 593 -40.70 -66.71 -3.94
C ASP C 593 -40.05 -67.84 -3.17
N ALA C 594 -39.75 -67.67 -1.90
CA ALA C 594 -39.21 -68.76 -1.10
C ALA C 594 -40.29 -69.71 -0.64
N ARG C 595 -41.51 -69.21 -0.48
CA ARG C 595 -42.65 -70.07 -0.17
C ARG C 595 -43.36 -70.54 -1.42
N GLY C 596 -42.89 -70.19 -2.59
CA GLY C 596 -43.29 -70.90 -3.79
C GLY C 596 -42.49 -72.17 -3.94
N LEU C 597 -41.20 -72.09 -3.69
CA LEU C 597 -40.39 -73.31 -3.67
C LEU C 597 -40.84 -74.25 -2.58
N GLU C 598 -41.28 -73.71 -1.45
CA GLU C 598 -41.82 -74.54 -0.38
C GLU C 598 -42.99 -75.36 -0.86
N LEU C 599 -44.00 -74.69 -1.42
CA LEU C 599 -45.23 -75.36 -1.78
C LEU C 599 -45.09 -76.26 -3.00
N GLY C 600 -44.00 -76.15 -3.72
CA GLY C 600 -43.83 -76.93 -4.92
C GLY C 600 -43.10 -78.22 -4.73
N VAL C 601 -42.59 -78.49 -3.53
CA VAL C 601 -41.89 -79.75 -3.31
C VAL C 601 -42.91 -80.88 -3.31
N GLY C 602 -42.63 -81.90 -4.11
CA GLY C 602 -43.51 -83.03 -4.21
C GLY C 602 -44.75 -82.82 -5.05
N ARG C 603 -45.06 -81.58 -5.43
CA ARG C 603 -46.20 -81.31 -6.28
C ARG C 603 -45.75 -81.26 -7.73
N HIS C 604 -46.70 -81.06 -8.63
CA HIS C 604 -46.42 -81.14 -10.06
C HIS C 604 -45.43 -80.05 -10.48
N ALA C 605 -44.67 -80.35 -11.51
CA ALA C 605 -43.82 -79.36 -12.15
C ALA C 605 -43.87 -79.56 -13.65
N MET C 606 -44.19 -78.51 -14.39
CA MET C 606 -44.10 -78.57 -15.84
C MET C 606 -42.67 -78.91 -16.25
N ALA C 607 -42.55 -79.73 -17.29
CA ALA C 607 -41.24 -80.11 -17.77
C ALA C 607 -40.48 -78.88 -18.24
N PRO C 608 -39.15 -78.93 -18.27
CA PRO C 608 -38.40 -77.79 -18.77
C PRO C 608 -38.57 -77.60 -20.25
N ALA C 609 -38.92 -78.67 -20.97
CA ALA C 609 -39.13 -78.57 -22.41
C ALA C 609 -40.51 -78.03 -22.74
N THR C 610 -41.49 -78.23 -21.87
CA THR C 610 -42.80 -77.64 -22.12
C THR C 610 -42.82 -76.18 -21.76
N ILE C 611 -41.96 -75.77 -20.84
CA ILE C 611 -41.89 -74.36 -20.50
C ILE C 611 -41.26 -73.59 -21.63
N ALA C 612 -40.28 -74.20 -22.32
CA ALA C 612 -39.60 -73.51 -23.40
C ALA C 612 -40.51 -73.35 -24.61
N ALA C 613 -41.43 -74.27 -24.80
CA ALA C 613 -42.37 -74.20 -25.91
C ALA C 613 -43.49 -73.22 -25.63
N VAL C 614 -44.01 -73.21 -24.40
CA VAL C 614 -45.08 -72.29 -24.06
C VAL C 614 -44.54 -70.87 -23.93
N ARG C 615 -43.49 -70.70 -23.14
CA ARG C 615 -42.88 -69.38 -23.05
C ARG C 615 -42.39 -68.91 -24.40
N GLY C 616 -41.98 -69.85 -25.25
CA GLY C 616 -41.54 -69.48 -26.59
C GLY C 616 -42.66 -68.89 -27.42
N ALA C 617 -43.90 -69.21 -27.10
CA ALA C 617 -45.02 -68.65 -27.85
C ALA C 617 -45.33 -67.22 -27.40
N PHE C 618 -45.41 -66.99 -26.09
CA PHE C 618 -45.71 -65.65 -25.59
C PHE C 618 -44.70 -64.62 -26.04
N GLU C 619 -43.49 -65.04 -26.33
CA GLU C 619 -42.44 -64.13 -26.72
C GLU C 619 -42.26 -64.06 -28.22
N ASP C 620 -43.05 -64.80 -28.99
CA ASP C 620 -42.88 -64.90 -30.43
C ASP C 620 -43.49 -63.68 -31.10
N ARG C 621 -42.65 -62.90 -31.78
CA ARG C 621 -43.10 -61.71 -32.47
C ARG C 621 -43.99 -61.99 -33.63
N SER C 622 -43.60 -62.96 -34.42
CA SER C 622 -44.35 -63.30 -35.58
C SER C 622 -45.26 -64.46 -35.33
N TYR C 623 -46.02 -64.44 -34.25
CA TYR C 623 -46.96 -65.47 -34.03
C TYR C 623 -47.97 -65.12 -35.10
N PRO C 624 -48.38 -66.11 -35.90
CA PRO C 624 -49.29 -65.92 -37.02
C PRO C 624 -50.65 -65.33 -36.64
N ALA C 625 -51.22 -64.45 -37.45
CA ALA C 625 -52.47 -63.79 -37.11
C ALA C 625 -53.67 -64.70 -37.30
N VAL C 626 -53.57 -65.73 -38.14
CA VAL C 626 -54.69 -66.67 -38.27
C VAL C 626 -55.07 -67.22 -36.92
N PHE C 627 -54.10 -67.41 -36.05
CA PHE C 627 -54.38 -68.02 -34.76
C PHE C 627 -55.22 -67.10 -33.89
N TYR C 628 -54.99 -65.78 -34.00
CA TYR C 628 -55.88 -64.86 -33.33
C TYR C 628 -57.26 -64.86 -33.97
N LEU C 629 -57.33 -65.12 -35.26
CA LEU C 629 -58.61 -65.10 -35.95
C LEU C 629 -59.36 -66.41 -35.76
N LEU C 630 -58.68 -67.54 -35.82
CA LEU C 630 -59.33 -68.81 -35.52
C LEU C 630 -59.89 -68.82 -34.12
N GLN C 631 -59.13 -68.30 -33.17
CA GLN C 631 -59.59 -68.21 -31.79
C GLN C 631 -60.89 -67.41 -31.73
N ALA C 632 -60.94 -66.27 -32.40
CA ALA C 632 -62.18 -65.50 -32.45
C ALA C 632 -63.26 -66.27 -33.20
N ALA C 633 -62.89 -66.91 -34.30
CA ALA C 633 -63.85 -67.72 -35.03
C ALA C 633 -64.43 -68.82 -34.14
N ILE C 634 -63.55 -69.60 -33.51
CA ILE C 634 -64.02 -70.68 -32.65
C ILE C 634 -64.75 -70.13 -31.44
N HIS C 635 -64.39 -68.92 -31.00
CA HIS C 635 -65.08 -68.19 -29.94
C HIS C 635 -65.49 -69.10 -28.78
N GLY C 636 -64.52 -69.89 -28.33
CA GLY C 636 -64.72 -70.76 -27.19
C GLY C 636 -65.67 -71.91 -27.41
N SER C 637 -66.25 -72.03 -28.60
CA SER C 637 -67.28 -73.02 -28.84
C SER C 637 -66.67 -74.39 -29.02
N GLU C 638 -67.16 -75.35 -28.24
CA GLU C 638 -66.75 -76.74 -28.43
C GLU C 638 -67.28 -77.30 -29.73
N HIS C 639 -68.45 -76.84 -30.16
CA HIS C 639 -68.98 -77.25 -31.45
C HIS C 639 -68.05 -76.79 -32.56
N VAL C 640 -67.78 -75.48 -32.62
CA VAL C 640 -66.98 -74.93 -33.71
C VAL C 640 -65.58 -75.51 -33.70
N PHE C 641 -65.03 -75.80 -32.53
CA PHE C 641 -63.68 -76.35 -32.48
C PHE C 641 -63.59 -77.66 -33.23
N CYS C 642 -64.40 -78.64 -32.81
CA CYS C 642 -64.40 -79.92 -33.51
C CYS C 642 -64.73 -79.76 -34.97
N ALA C 643 -65.65 -78.84 -35.28
CA ALA C 643 -65.93 -78.52 -36.68
C ALA C 643 -64.64 -78.23 -37.43
N LEU C 644 -63.80 -77.38 -36.86
CA LEU C 644 -62.52 -76.99 -37.45
C LEU C 644 -61.37 -77.89 -37.03
N ALA C 645 -61.64 -78.94 -36.25
CA ALA C 645 -60.58 -79.71 -35.62
C ALA C 645 -59.48 -80.15 -36.58
N ARG C 646 -59.80 -80.44 -37.83
CA ARG C 646 -58.74 -80.77 -38.77
C ARG C 646 -57.96 -79.54 -39.18
N LEU C 647 -58.63 -78.40 -39.36
CA LEU C 647 -57.92 -77.18 -39.69
C LEU C 647 -56.96 -76.78 -38.59
N VAL C 648 -57.33 -77.04 -37.33
CA VAL C 648 -56.50 -76.62 -36.21
C VAL C 648 -55.29 -77.52 -36.06
N THR C 649 -55.48 -78.84 -36.17
CA THR C 649 -54.33 -79.74 -36.17
C THR C 649 -53.29 -79.29 -37.18
N GLN C 650 -53.73 -78.83 -38.34
CA GLN C 650 -52.80 -78.35 -39.35
C GLN C 650 -52.20 -77.01 -38.96
N CYS C 651 -52.86 -76.26 -38.09
CA CYS C 651 -52.29 -75.04 -37.56
C CYS C 651 -51.26 -75.34 -36.49
N ILE C 652 -51.58 -76.24 -35.57
CA ILE C 652 -50.64 -76.61 -34.53
C ILE C 652 -49.43 -77.29 -35.12
N THR C 653 -49.66 -78.32 -35.94
CA THR C 653 -48.54 -79.10 -36.47
C THR C 653 -47.59 -78.22 -37.27
N SER C 654 -48.15 -77.42 -38.19
CA SER C 654 -47.30 -76.57 -39.01
C SER C 654 -46.49 -75.61 -38.16
N TYR C 655 -47.15 -74.92 -37.24
CA TYR C 655 -46.45 -73.97 -36.40
C TYR C 655 -45.41 -74.65 -35.52
N TRP C 656 -45.76 -75.80 -34.94
CA TRP C 656 -44.80 -76.53 -34.14
C TRP C 656 -43.57 -76.92 -34.93
N ASN C 657 -43.75 -77.18 -36.23
CA ASN C 657 -42.62 -77.60 -37.04
C ASN C 657 -41.75 -76.43 -37.45
N ASN C 658 -42.36 -75.32 -37.84
CA ASN C 658 -41.58 -74.11 -38.09
C ASN C 658 -40.77 -73.73 -36.87
N THR C 659 -41.44 -73.26 -35.83
CA THR C 659 -40.82 -72.93 -34.56
C THR C 659 -41.32 -73.92 -33.54
N ARG C 660 -40.44 -74.48 -32.73
CA ARG C 660 -41.00 -75.39 -31.74
C ARG C 660 -41.66 -74.52 -30.69
N CYS C 661 -42.98 -74.45 -30.73
CA CYS C 661 -43.74 -73.59 -29.85
C CYS C 661 -45.18 -74.09 -29.84
N ALA C 662 -45.89 -73.77 -28.77
CA ALA C 662 -47.25 -74.22 -28.64
C ALA C 662 -48.19 -73.16 -29.20
N ALA C 663 -49.21 -73.61 -29.93
CA ALA C 663 -49.93 -72.67 -30.78
C ALA C 663 -50.88 -71.79 -29.98
N PHE C 664 -51.93 -72.37 -29.44
CA PHE C 664 -53.09 -71.63 -29.00
C PHE C 664 -53.04 -71.24 -27.53
N VAL C 665 -51.87 -71.32 -26.90
CA VAL C 665 -51.75 -71.15 -25.46
C VAL C 665 -52.29 -69.84 -24.94
N ASN C 666 -52.61 -68.87 -25.80
CA ASN C 666 -53.24 -67.67 -25.30
C ASN C 666 -54.68 -67.90 -24.86
N ASP C 667 -55.23 -69.09 -25.06
CA ASP C 667 -56.59 -69.41 -24.64
C ASP C 667 -56.58 -70.74 -23.91
N TYR C 668 -57.24 -70.79 -22.75
CA TYR C 668 -57.26 -72.04 -22.03
C TYR C 668 -58.30 -72.99 -22.60
N SER C 669 -59.46 -72.48 -23.00
CA SER C 669 -60.49 -73.33 -23.55
C SER C 669 -59.96 -74.11 -24.75
N LEU C 670 -59.32 -73.41 -25.67
CA LEU C 670 -58.66 -74.09 -26.79
C LEU C 670 -57.75 -75.20 -26.29
N VAL C 671 -56.82 -74.85 -25.40
CA VAL C 671 -55.86 -75.83 -24.90
C VAL C 671 -56.59 -77.02 -24.29
N SER C 672 -57.62 -76.76 -23.50
CA SER C 672 -58.40 -77.85 -22.92
C SER C 672 -59.16 -78.63 -23.98
N TYR C 673 -59.55 -77.99 -25.07
CA TYR C 673 -60.14 -78.74 -26.18
C TYR C 673 -59.07 -79.52 -26.93
N ILE C 674 -57.94 -78.87 -27.19
CA ILE C 674 -56.85 -79.52 -27.91
C ILE C 674 -56.48 -80.83 -27.23
N VAL C 675 -56.30 -80.80 -25.92
CA VAL C 675 -55.90 -82.00 -25.22
C VAL C 675 -57.00 -83.05 -25.30
N THR C 676 -58.25 -82.63 -25.20
CA THR C 676 -59.35 -83.58 -25.16
C THR C 676 -59.58 -84.22 -26.52
N TYR C 677 -59.84 -83.40 -27.53
CA TYR C 677 -60.24 -83.90 -28.84
C TYR C 677 -59.07 -84.27 -29.75
N LEU C 678 -58.01 -83.48 -29.75
CA LEU C 678 -56.95 -83.64 -30.73
C LEU C 678 -55.90 -84.66 -30.30
N GLY C 679 -56.13 -85.38 -29.21
CA GLY C 679 -55.12 -86.27 -28.67
C GLY C 679 -54.54 -87.24 -29.67
N GLY C 680 -55.28 -87.61 -30.70
CA GLY C 680 -54.78 -88.55 -31.66
C GLY C 680 -53.64 -88.10 -32.55
N ASP C 681 -53.84 -87.01 -33.32
CA ASP C 681 -52.87 -86.64 -34.36
C ASP C 681 -52.19 -85.32 -34.02
N LEU C 682 -51.02 -85.43 -33.48
CA LEU C 682 -50.15 -84.34 -33.05
C LEU C 682 -48.90 -85.04 -32.58
N PRO C 683 -47.72 -84.57 -32.97
CA PRO C 683 -46.50 -85.25 -32.51
C PRO C 683 -46.41 -85.18 -31.00
N GLU C 684 -46.16 -86.33 -30.40
CA GLU C 684 -46.18 -86.43 -28.95
C GLU C 684 -45.22 -85.45 -28.30
N GLU C 685 -44.29 -84.90 -29.06
CA GLU C 685 -43.47 -83.83 -28.53
C GLU C 685 -44.32 -82.62 -28.21
N CYS C 686 -45.15 -82.15 -29.14
CA CYS C 686 -45.97 -80.99 -28.83
C CYS C 686 -47.24 -81.36 -28.08
N MET C 687 -47.78 -82.55 -28.32
CA MET C 687 -48.96 -82.95 -27.57
C MET C 687 -48.64 -83.04 -26.09
N ALA C 688 -47.39 -83.34 -25.75
CA ALA C 688 -46.99 -83.38 -24.35
C ALA C 688 -46.88 -81.99 -23.74
N VAL C 689 -46.81 -80.95 -24.56
CA VAL C 689 -46.78 -79.58 -24.04
C VAL C 689 -48.17 -79.15 -23.59
N TYR C 690 -49.18 -79.41 -24.41
CA TYR C 690 -50.54 -79.06 -24.03
C TYR C 690 -51.01 -79.91 -22.88
N ARG C 691 -50.60 -81.17 -22.89
CA ARG C 691 -50.99 -82.13 -21.86
C ARG C 691 -50.39 -81.76 -20.53
N ASP C 692 -49.14 -81.29 -20.53
CA ASP C 692 -48.46 -80.88 -19.31
C ASP C 692 -48.97 -79.53 -18.83
N LEU C 693 -49.45 -78.69 -19.74
CA LEU C 693 -49.95 -77.39 -19.35
C LEU C 693 -51.32 -77.51 -18.68
N VAL C 694 -52.15 -78.43 -19.17
CA VAL C 694 -53.44 -78.71 -18.55
C VAL C 694 -53.25 -79.50 -17.26
N ALA C 695 -52.27 -80.42 -17.24
CA ALA C 695 -51.99 -81.16 -16.02
C ALA C 695 -51.56 -80.23 -14.91
N HIS C 696 -50.92 -79.12 -15.25
CA HIS C 696 -50.37 -78.23 -14.24
C HIS C 696 -51.43 -77.33 -13.65
N VAL C 697 -52.42 -76.91 -14.43
CA VAL C 697 -53.54 -76.16 -13.88
C VAL C 697 -54.26 -76.98 -12.82
N GLU C 698 -54.29 -78.29 -12.98
CA GLU C 698 -55.01 -79.11 -12.02
C GLU C 698 -54.21 -79.32 -10.75
N ALA C 699 -52.88 -79.36 -10.84
CA ALA C 699 -52.07 -79.39 -9.64
C ALA C 699 -52.34 -78.19 -8.77
N LEU C 700 -52.39 -77.00 -9.39
CA LEU C 700 -52.67 -75.79 -8.65
C LEU C 700 -54.06 -75.83 -8.03
N ALA C 701 -55.03 -76.36 -8.77
CA ALA C 701 -56.39 -76.39 -8.25
C ALA C 701 -56.51 -77.25 -7.00
N GLN C 702 -55.77 -78.37 -6.94
CA GLN C 702 -55.82 -79.21 -5.76
C GLN C 702 -54.86 -78.76 -4.69
N LEU C 703 -54.14 -77.67 -4.91
CA LEU C 703 -53.32 -77.10 -3.86
C LEU C 703 -54.17 -76.39 -2.83
N VAL C 704 -55.30 -75.82 -3.24
CA VAL C 704 -56.14 -75.07 -2.32
C VAL C 704 -56.70 -75.96 -1.24
N ASP C 705 -57.10 -77.17 -1.60
CA ASP C 705 -57.82 -77.99 -0.66
C ASP C 705 -56.89 -78.80 0.24
N ASP C 706 -55.60 -78.73 0.01
CA ASP C 706 -54.66 -79.19 1.01
C ASP C 706 -54.57 -78.22 2.17
N PHE C 707 -54.85 -76.95 1.92
CA PHE C 707 -54.78 -75.93 2.95
C PHE C 707 -56.14 -75.54 3.53
N THR C 708 -57.21 -76.16 3.10
CA THR C 708 -58.53 -75.85 3.62
C THR C 708 -58.96 -76.93 4.59
N LEU C 709 -59.38 -76.55 5.71
CA LEU C 709 -60.02 -77.47 6.64
C LEU C 709 -61.51 -77.55 6.33
N PRO C 710 -62.12 -78.71 6.49
CA PRO C 710 -63.54 -78.84 6.17
C PRO C 710 -64.41 -78.02 7.11
N GLY C 711 -65.65 -77.83 6.68
CA GLY C 711 -66.60 -77.07 7.45
C GLY C 711 -67.85 -76.81 6.63
N PRO C 712 -68.83 -76.17 7.25
CA PRO C 712 -70.08 -75.88 6.54
C PRO C 712 -69.89 -74.85 5.44
N GLU C 713 -70.99 -74.43 4.83
CA GLU C 713 -70.98 -73.33 3.88
C GLU C 713 -71.39 -72.06 4.59
N LEU C 714 -70.60 -71.01 4.43
CA LEU C 714 -70.81 -69.74 5.11
C LEU C 714 -71.28 -68.72 4.08
N GLY C 715 -72.55 -68.32 4.18
CA GLY C 715 -73.09 -67.38 3.23
C GLY C 715 -73.28 -67.95 1.85
N GLY C 716 -73.48 -69.26 1.75
CA GLY C 716 -73.67 -69.90 0.48
C GLY C 716 -72.38 -70.29 -0.22
N GLN C 717 -71.29 -69.62 0.11
CA GLN C 717 -69.98 -70.04 -0.37
C GLN C 717 -69.45 -71.17 0.50
N ALA C 718 -68.61 -71.99 -0.10
CA ALA C 718 -68.01 -73.10 0.61
C ALA C 718 -66.69 -72.65 1.23
N GLN C 719 -66.07 -73.55 1.98
CA GLN C 719 -64.87 -73.17 2.70
C GLN C 719 -63.75 -72.80 1.75
N ALA C 720 -63.57 -73.56 0.68
CA ALA C 720 -62.49 -73.29 -0.26
C ALA C 720 -62.63 -71.94 -0.90
N GLU C 721 -63.86 -71.49 -1.14
CA GLU C 721 -64.06 -70.18 -1.76
C GLU C 721 -63.75 -69.06 -0.77
N LEU C 722 -64.13 -69.24 0.49
CA LEU C 722 -63.76 -68.27 1.52
C LEU C 722 -62.26 -68.25 1.75
N ASN C 723 -61.57 -69.34 1.43
CA ASN C 723 -60.14 -69.46 1.67
C ASN C 723 -59.35 -68.80 0.56
N HIS C 724 -59.50 -69.29 -0.66
CA HIS C 724 -58.65 -68.94 -1.77
C HIS C 724 -59.43 -68.12 -2.79
N LEU C 725 -58.72 -67.27 -3.54
CA LEU C 725 -59.38 -66.40 -4.50
C LEU C 725 -59.83 -67.15 -5.74
N MET C 726 -58.98 -68.02 -6.28
CA MET C 726 -59.36 -68.78 -7.46
C MET C 726 -60.59 -69.63 -7.24
N ARG C 727 -60.86 -70.06 -6.02
CA ARG C 727 -62.09 -70.79 -5.80
C ARG C 727 -63.28 -69.85 -5.74
N ASP C 728 -63.09 -68.63 -5.26
CA ASP C 728 -64.21 -67.73 -5.05
C ASP C 728 -64.70 -67.22 -6.39
N PRO C 729 -65.88 -67.62 -6.86
CA PRO C 729 -66.27 -67.29 -8.23
C PRO C 729 -66.71 -65.84 -8.39
N ALA C 730 -66.97 -65.12 -7.30
CA ALA C 730 -67.33 -63.71 -7.44
C ALA C 730 -66.34 -62.97 -8.31
N LEU C 731 -65.07 -63.35 -8.26
CA LEU C 731 -64.11 -62.95 -9.28
C LEU C 731 -64.22 -63.92 -10.44
N LEU C 732 -64.35 -63.38 -11.65
CA LEU C 732 -64.40 -64.23 -12.82
C LEU C 732 -63.29 -63.85 -13.79
N PRO C 733 -62.82 -64.79 -14.61
CA PRO C 733 -61.58 -64.57 -15.35
C PRO C 733 -61.69 -63.38 -16.29
N PRO C 734 -60.54 -62.84 -16.75
CA PRO C 734 -60.60 -61.62 -17.55
C PRO C 734 -61.21 -61.82 -18.92
N LEU C 735 -61.26 -63.04 -19.42
CA LEU C 735 -61.78 -63.31 -20.75
C LEU C 735 -62.74 -64.48 -20.65
N VAL C 736 -64.02 -64.23 -20.91
CA VAL C 736 -65.07 -65.20 -20.62
C VAL C 736 -65.96 -65.34 -21.85
N TRP C 737 -65.85 -66.47 -22.55
CA TRP C 737 -66.60 -66.61 -23.80
C TRP C 737 -68.06 -66.96 -23.58
N ASP C 738 -68.39 -67.65 -22.50
CA ASP C 738 -69.74 -68.12 -22.26
C ASP C 738 -70.24 -67.55 -20.94
N CYS C 739 -71.55 -67.63 -20.73
CA CYS C 739 -72.13 -66.94 -19.60
C CYS C 739 -72.24 -67.81 -18.36
N ASP C 740 -71.69 -69.03 -18.41
CA ASP C 740 -71.65 -69.89 -17.21
C ASP C 740 -71.04 -69.16 -16.03
N GLY C 741 -70.05 -68.30 -16.30
CA GLY C 741 -69.38 -67.60 -15.21
C GLY C 741 -70.30 -66.67 -14.46
N LEU C 742 -70.97 -65.77 -15.18
CA LEU C 742 -71.81 -64.78 -14.50
C LEU C 742 -73.01 -65.44 -13.83
N MET C 743 -73.49 -66.55 -14.38
CA MET C 743 -74.62 -67.24 -13.77
C MET C 743 -74.34 -67.57 -12.32
N ARG C 744 -73.28 -68.35 -12.08
CA ARG C 744 -72.98 -68.81 -10.74
C ARG C 744 -72.85 -67.65 -9.77
N HIS C 745 -72.03 -66.69 -10.21
CA HIS C 745 -71.71 -65.42 -9.55
C HIS C 745 -72.76 -64.27 -9.53
N ALA C 746 -73.80 -64.17 -10.38
CA ALA C 746 -74.65 -63.02 -10.18
C ALA C 746 -75.68 -63.27 -9.11
N ALA C 747 -75.77 -64.50 -8.61
CA ALA C 747 -76.78 -64.90 -7.65
C ALA C 747 -76.06 -65.11 -6.33
N LEU C 748 -76.04 -64.09 -5.48
CA LEU C 748 -75.34 -64.24 -4.21
C LEU C 748 -75.61 -63.09 -3.27
N ASP C 749 -75.48 -63.33 -1.98
CA ASP C 749 -75.56 -62.24 -1.02
C ASP C 749 -74.44 -61.22 -1.23
N ARG C 750 -73.30 -61.65 -1.77
CA ARG C 750 -72.15 -60.77 -1.91
C ARG C 750 -72.24 -59.87 -3.13
N HIS C 751 -72.89 -60.36 -4.18
CA HIS C 751 -73.04 -59.63 -5.43
C HIS C 751 -73.69 -58.29 -5.16
N ARG C 752 -73.07 -57.31 -5.74
CA ARG C 752 -73.58 -56.00 -5.77
C ARG C 752 -73.16 -55.48 -7.14
N ASP C 753 -74.06 -54.77 -7.78
CA ASP C 753 -73.71 -54.04 -8.99
C ASP C 753 -73.03 -54.62 -10.26
N CYS C 754 -73.58 -55.64 -10.93
CA CYS C 754 -72.94 -56.01 -12.22
C CYS C 754 -73.33 -54.86 -13.15
N ARG C 755 -72.39 -54.35 -13.91
CA ARG C 755 -72.68 -53.23 -14.78
C ARG C 755 -72.20 -53.45 -16.20
N ILE C 756 -72.97 -54.17 -17.00
CA ILE C 756 -72.57 -54.45 -18.36
C ILE C 756 -72.94 -53.21 -19.16
N ASP C 757 -71.95 -52.48 -19.62
CA ASP C 757 -72.41 -51.27 -20.21
C ASP C 757 -72.15 -50.77 -21.58
N ALA C 758 -72.80 -51.44 -22.52
CA ALA C 758 -72.93 -50.88 -23.84
C ALA C 758 -74.35 -50.37 -23.83
N GLY C 759 -75.29 -51.30 -23.61
CA GLY C 759 -76.67 -51.00 -23.30
C GLY C 759 -76.92 -50.96 -21.81
N GLY C 760 -78.12 -51.40 -21.41
CA GLY C 760 -78.54 -51.26 -20.03
C GLY C 760 -77.61 -51.96 -19.06
N HIS C 761 -77.71 -51.53 -17.79
CA HIS C 761 -76.80 -51.92 -16.72
C HIS C 761 -76.64 -53.43 -16.56
N GLU C 762 -77.71 -54.13 -16.18
CA GLU C 762 -77.62 -55.56 -15.95
C GLU C 762 -77.49 -56.30 -17.27
N PRO C 763 -76.92 -57.49 -17.26
CA PRO C 763 -76.81 -58.28 -18.49
C PRO C 763 -78.06 -59.09 -18.79
N VAL C 764 -78.05 -59.70 -19.97
CA VAL C 764 -79.11 -60.59 -20.42
C VAL C 764 -78.47 -61.44 -21.50
N TYR C 765 -79.08 -62.56 -21.83
CA TYR C 765 -78.36 -63.58 -22.58
C TYR C 765 -79.13 -64.03 -23.80
N ALA C 766 -78.49 -64.89 -24.59
CA ALA C 766 -79.05 -65.43 -25.82
C ALA C 766 -78.61 -66.86 -25.96
N ALA C 767 -79.54 -67.75 -26.31
CA ALA C 767 -79.23 -69.17 -26.40
C ALA C 767 -78.16 -69.42 -27.46
N ALA C 768 -78.37 -68.92 -28.67
CA ALA C 768 -77.43 -69.14 -29.76
C ALA C 768 -77.44 -67.92 -30.66
N CYS C 769 -76.65 -68.00 -31.75
CA CYS C 769 -76.57 -66.93 -32.72
C CYS C 769 -76.21 -67.51 -34.07
N ASN C 770 -76.64 -66.83 -35.14
CA ASN C 770 -76.43 -67.29 -36.51
C ASN C 770 -76.29 -66.06 -37.41
N VAL C 771 -76.29 -66.29 -38.73
CA VAL C 771 -76.18 -65.19 -39.68
C VAL C 771 -77.36 -64.25 -39.58
N ALA C 772 -78.56 -64.77 -39.29
CA ALA C 772 -79.73 -63.91 -39.18
C ALA C 772 -79.80 -63.22 -37.82
N THR C 773 -79.52 -63.95 -36.74
CA THR C 773 -79.63 -63.39 -35.40
C THR C 773 -78.52 -62.39 -35.10
N ALA C 774 -77.40 -62.47 -35.80
CA ALA C 774 -76.23 -61.66 -35.47
C ALA C 774 -76.44 -60.23 -35.95
N ASP C 775 -76.33 -59.28 -35.02
CA ASP C 775 -76.23 -57.86 -35.32
C ASP C 775 -74.93 -57.37 -34.70
N PHE C 776 -73.93 -57.08 -35.53
CA PHE C 776 -72.57 -56.93 -35.05
C PHE C 776 -72.31 -55.63 -34.31
N ASN C 777 -73.19 -54.65 -34.46
CA ASN C 777 -73.08 -53.41 -33.68
C ASN C 777 -74.43 -53.12 -33.05
N ARG C 778 -74.51 -53.26 -31.73
CA ARG C 778 -75.71 -52.96 -30.98
C ARG C 778 -75.31 -52.76 -29.53
N ASN C 779 -76.23 -52.20 -28.75
CA ASN C 779 -76.04 -52.04 -27.32
C ASN C 779 -77.21 -52.40 -26.37
N ASP C 780 -77.76 -53.63 -26.42
CA ASP C 780 -78.79 -53.97 -25.45
C ASP C 780 -78.19 -54.42 -24.13
N GLY C 781 -76.87 -54.52 -24.03
CA GLY C 781 -76.25 -55.12 -22.88
C GLY C 781 -76.46 -56.61 -22.77
N ARG C 782 -76.66 -57.30 -23.89
CA ARG C 782 -76.83 -58.74 -23.83
C ARG C 782 -75.45 -59.40 -23.87
N LEU C 783 -75.41 -60.71 -23.68
CA LEU C 783 -74.20 -61.52 -23.81
C LEU C 783 -74.61 -62.81 -24.48
N LEU C 784 -73.65 -63.45 -25.14
CA LEU C 784 -73.89 -64.72 -25.80
C LEU C 784 -73.56 -65.87 -24.86
N HIS C 785 -74.45 -66.84 -24.78
CA HIS C 785 -74.24 -67.97 -23.89
C HIS C 785 -73.65 -69.18 -24.60
N ASN C 786 -73.51 -69.12 -25.92
CA ASN C 786 -73.14 -70.31 -26.67
C ASN C 786 -71.78 -70.96 -26.94
N THR C 787 -71.08 -71.43 -25.90
CA THR C 787 -69.94 -72.27 -26.22
C THR C 787 -70.31 -73.74 -26.32
N GLN C 788 -71.58 -74.09 -26.12
CA GLN C 788 -71.93 -75.48 -25.86
C GLN C 788 -71.60 -76.36 -27.05
N ALA C 789 -71.31 -77.62 -26.73
CA ALA C 789 -70.94 -78.60 -27.73
C ALA C 789 -72.11 -78.97 -28.62
N ARG C 790 -73.24 -79.30 -27.99
CA ARG C 790 -74.41 -79.80 -28.70
C ARG C 790 -75.32 -78.63 -29.05
N ALA C 791 -75.50 -78.39 -30.35
CA ALA C 791 -76.47 -77.39 -30.77
C ALA C 791 -77.90 -77.87 -30.54
N ALA C 792 -78.11 -79.19 -30.47
CA ALA C 792 -79.44 -79.72 -30.18
C ALA C 792 -79.84 -79.46 -28.74
N ASP C 793 -78.93 -79.65 -27.80
CA ASP C 793 -79.18 -79.34 -26.40
C ASP C 793 -78.48 -78.02 -26.08
N ALA C 794 -79.27 -76.96 -25.97
CA ALA C 794 -78.79 -75.62 -25.72
C ALA C 794 -79.11 -75.24 -24.28
N ALA C 795 -78.81 -73.98 -23.92
CA ALA C 795 -79.14 -73.51 -22.59
C ALA C 795 -79.38 -72.01 -22.62
N ASP C 796 -80.23 -71.56 -21.69
CA ASP C 796 -80.43 -70.15 -21.43
C ASP C 796 -80.00 -69.79 -20.02
N ASP C 797 -80.61 -70.39 -19.00
CA ASP C 797 -80.18 -70.21 -17.61
C ASP C 797 -79.12 -71.22 -17.20
N ARG C 798 -79.45 -72.51 -17.24
CA ARG C 798 -78.59 -73.55 -16.70
C ARG C 798 -77.25 -73.58 -17.41
N PRO C 799 -76.14 -73.65 -16.68
CA PRO C 799 -74.82 -73.74 -17.32
C PRO C 799 -74.55 -75.12 -17.89
N HIS C 800 -73.55 -75.18 -18.77
CA HIS C 800 -73.14 -76.44 -19.40
C HIS C 800 -72.06 -77.13 -18.59
N ARG C 801 -70.91 -76.47 -18.45
CA ARG C 801 -69.69 -77.02 -17.92
C ARG C 801 -69.80 -77.36 -16.43
N PRO C 802 -68.78 -77.98 -15.84
CA PRO C 802 -68.77 -78.14 -14.38
C PRO C 802 -68.52 -76.85 -13.65
N ALA C 803 -68.42 -76.91 -12.32
CA ALA C 803 -68.10 -75.72 -11.54
C ALA C 803 -66.61 -75.43 -11.58
N ASP C 804 -65.79 -76.46 -11.82
CA ASP C 804 -64.34 -76.33 -11.94
C ASP C 804 -63.92 -75.87 -13.31
N TRP C 805 -64.85 -75.65 -14.22
CA TRP C 805 -64.48 -75.15 -15.54
C TRP C 805 -63.92 -73.74 -15.44
N THR C 806 -64.66 -72.83 -14.82
CA THR C 806 -64.15 -71.47 -14.69
C THR C 806 -63.08 -71.35 -13.63
N VAL C 807 -62.90 -72.37 -12.80
CA VAL C 807 -61.81 -72.30 -11.82
C VAL C 807 -60.48 -72.50 -12.51
N HIS C 808 -60.42 -73.44 -13.46
CA HIS C 808 -59.18 -73.65 -14.20
C HIS C 808 -58.84 -72.46 -15.08
N HIS C 809 -59.84 -71.69 -15.50
CA HIS C 809 -59.57 -70.52 -16.32
C HIS C 809 -59.03 -69.39 -15.47
N LYS C 810 -59.64 -69.13 -14.32
CA LYS C 810 -59.05 -68.20 -13.38
C LYS C 810 -57.63 -68.61 -13.05
N ILE C 811 -57.43 -69.89 -12.72
CA ILE C 811 -56.09 -70.38 -12.40
C ILE C 811 -55.15 -70.19 -13.59
N TYR C 812 -55.62 -70.49 -14.79
CA TYR C 812 -54.75 -70.38 -15.95
C TYR C 812 -54.44 -68.92 -16.26
N TYR C 813 -55.47 -68.09 -16.41
CA TYR C 813 -55.24 -66.72 -16.81
C TYR C 813 -54.51 -65.93 -15.74
N TYR C 814 -54.86 -66.13 -14.48
CA TYR C 814 -54.22 -65.37 -13.41
C TYR C 814 -52.94 -65.99 -12.87
N VAL C 815 -52.88 -67.30 -12.66
CA VAL C 815 -51.66 -67.86 -12.10
C VAL C 815 -50.61 -68.07 -13.17
N LEU C 816 -50.99 -68.70 -14.28
CA LEU C 816 -49.99 -69.16 -15.22
C LEU C 816 -49.57 -68.08 -16.19
N VAL C 817 -50.49 -67.62 -17.03
CA VAL C 817 -50.19 -66.64 -18.05
C VAL C 817 -49.41 -65.45 -17.52
N PRO C 818 -49.64 -64.98 -16.30
CA PRO C 818 -48.75 -63.96 -15.82
C PRO C 818 -47.36 -64.49 -15.70
N ALA C 819 -47.21 -65.74 -15.33
CA ALA C 819 -45.89 -66.35 -15.22
C ALA C 819 -45.18 -66.44 -16.54
N PHE C 820 -45.88 -66.71 -17.62
CA PHE C 820 -45.24 -66.77 -18.93
C PHE C 820 -45.10 -65.50 -19.73
N SER C 821 -46.11 -64.67 -19.54
CA SER C 821 -46.28 -63.41 -20.16
C SER C 821 -45.27 -62.49 -19.68
N ARG C 822 -44.99 -62.57 -18.41
CA ARG C 822 -44.06 -61.74 -17.66
C ARG C 822 -44.41 -60.26 -17.75
N GLY C 823 -45.71 -59.99 -17.69
CA GLY C 823 -46.26 -58.66 -17.73
C GLY C 823 -46.41 -58.15 -19.12
N ARG C 824 -45.92 -58.89 -20.08
CA ARG C 824 -46.04 -58.41 -21.45
C ARG C 824 -47.06 -59.25 -22.19
N CYS C 825 -48.24 -58.68 -22.36
CA CYS C 825 -49.39 -59.29 -23.00
C CYS C 825 -50.54 -58.33 -22.82
N CYS C 826 -51.61 -58.47 -23.58
CA CYS C 826 -52.73 -57.57 -23.37
C CYS C 826 -54.00 -58.27 -23.80
N THR C 827 -55.07 -58.02 -23.05
CA THR C 827 -56.40 -58.39 -23.48
C THR C 827 -56.78 -57.54 -24.69
N ALA C 828 -57.83 -57.94 -25.39
CA ALA C 828 -58.29 -57.10 -26.48
C ALA C 828 -59.75 -57.42 -26.78
N GLY C 829 -60.39 -56.49 -27.47
CA GLY C 829 -61.69 -56.72 -28.03
C GLY C 829 -61.55 -57.14 -29.48
N VAL C 830 -62.61 -57.75 -30.00
CA VAL C 830 -62.60 -58.30 -31.34
C VAL C 830 -63.56 -57.50 -32.20
N ARG C 831 -63.20 -57.34 -33.47
CA ARG C 831 -64.12 -56.82 -34.47
C ARG C 831 -64.61 -58.04 -35.23
N PHE C 832 -65.81 -58.51 -34.90
CA PHE C 832 -66.22 -59.77 -35.48
C PHE C 832 -66.68 -59.59 -36.91
N ASP C 833 -67.43 -58.53 -37.20
CA ASP C 833 -67.77 -58.22 -38.57
C ASP C 833 -66.54 -58.28 -39.45
N ARG C 834 -65.43 -57.75 -38.95
CA ARG C 834 -64.20 -57.73 -39.71
C ARG C 834 -63.46 -59.06 -39.62
N VAL C 835 -63.50 -59.73 -38.47
CA VAL C 835 -62.85 -61.03 -38.36
C VAL C 835 -63.50 -62.01 -39.31
N TYR C 836 -64.81 -62.25 -39.14
CA TYR C 836 -65.51 -63.16 -40.03
C TYR C 836 -65.37 -62.76 -41.48
N ALA C 837 -65.22 -61.47 -41.75
CA ALA C 837 -65.05 -60.99 -43.11
C ALA C 837 -63.93 -61.72 -43.83
N THR C 838 -62.68 -61.53 -43.42
CA THR C 838 -61.60 -62.25 -44.07
C THR C 838 -61.46 -63.68 -43.61
N LEU C 839 -62.12 -64.09 -42.54
CA LEU C 839 -62.16 -65.51 -42.24
C LEU C 839 -62.72 -66.28 -43.41
N GLN C 840 -63.90 -65.89 -43.88
CA GLN C 840 -64.43 -66.47 -45.10
C GLN C 840 -64.16 -65.46 -46.21
N ASN C 841 -62.95 -65.54 -46.74
CA ASN C 841 -62.63 -64.93 -48.02
C ASN C 841 -61.58 -65.86 -48.58
N MET C 842 -61.94 -66.66 -49.56
CA MET C 842 -61.01 -67.73 -49.91
C MET C 842 -61.14 -68.09 -51.37
N VAL C 843 -60.01 -68.44 -51.94
CA VAL C 843 -59.98 -69.10 -53.23
C VAL C 843 -59.55 -70.52 -52.94
N VAL C 844 -60.53 -71.43 -52.99
CA VAL C 844 -60.23 -72.86 -52.93
C VAL C 844 -60.68 -73.41 -54.27
N PRO C 845 -59.74 -73.75 -55.16
CA PRO C 845 -60.11 -74.02 -56.54
C PRO C 845 -60.97 -75.24 -56.70
N GLU C 846 -61.70 -75.28 -57.80
CA GLU C 846 -62.46 -76.45 -58.19
C GLU C 846 -61.51 -77.56 -58.64
N ILE C 847 -61.64 -78.73 -58.02
CA ILE C 847 -60.77 -79.84 -58.36
C ILE C 847 -61.16 -80.41 -59.72
N ALA C 848 -60.16 -80.78 -60.49
CA ALA C 848 -60.41 -81.51 -61.72
C ALA C 848 -60.93 -82.90 -61.40
N PRO C 849 -61.95 -83.39 -62.11
CA PRO C 849 -62.58 -84.65 -61.73
C PRO C 849 -61.60 -85.81 -61.77
N GLY C 850 -61.67 -86.67 -60.75
CA GLY C 850 -60.78 -87.78 -60.61
C GLY C 850 -59.40 -87.46 -60.09
N GLU C 851 -59.08 -86.19 -59.90
CA GLU C 851 -57.75 -85.80 -59.43
C GLU C 851 -57.62 -86.00 -57.93
N GLU C 852 -56.38 -86.17 -57.48
CA GLU C 852 -56.10 -86.26 -56.06
C GLU C 852 -56.13 -84.88 -55.40
N CYS C 853 -56.31 -84.88 -54.09
CA CYS C 853 -56.21 -83.64 -53.33
C CYS C 853 -54.81 -83.05 -53.46
N PRO C 854 -54.68 -81.72 -53.52
CA PRO C 854 -53.34 -81.12 -53.54
C PRO C 854 -52.57 -81.43 -52.26
N SER C 855 -51.37 -81.97 -52.44
CA SER C 855 -50.46 -82.17 -51.32
C SER C 855 -49.64 -80.92 -51.00
N ASP C 856 -49.00 -80.34 -52.02
CA ASP C 856 -47.92 -79.39 -51.83
C ASP C 856 -48.28 -78.03 -52.44
N PRO C 857 -48.37 -76.96 -51.65
CA PRO C 857 -48.71 -75.66 -52.22
C PRO C 857 -47.63 -75.09 -53.12
N VAL C 858 -46.38 -75.52 -52.98
CA VAL C 858 -45.31 -74.94 -53.79
C VAL C 858 -45.44 -75.39 -55.23
N THR C 859 -45.64 -76.69 -55.45
CA THR C 859 -45.68 -77.25 -56.79
C THR C 859 -47.10 -77.27 -57.36
N ASP C 860 -48.00 -77.99 -56.70
CA ASP C 860 -49.35 -78.17 -57.23
C ASP C 860 -50.04 -76.83 -57.40
N PRO C 861 -50.47 -76.47 -58.61
CA PRO C 861 -51.18 -75.19 -58.79
C PRO C 861 -52.57 -75.15 -58.18
N ALA C 862 -53.17 -76.29 -57.89
CA ALA C 862 -54.55 -76.33 -57.43
C ALA C 862 -54.68 -76.25 -55.92
N HIS C 863 -53.57 -76.10 -55.21
CA HIS C 863 -53.61 -75.94 -53.77
C HIS C 863 -54.08 -74.53 -53.41
N PRO C 864 -54.92 -74.38 -52.38
CA PRO C 864 -55.47 -73.05 -52.08
C PRO C 864 -54.43 -72.02 -51.71
N LEU C 865 -53.28 -72.44 -51.18
CA LEU C 865 -52.20 -71.53 -50.83
C LEU C 865 -51.13 -71.43 -51.90
N HIS C 866 -51.29 -72.13 -53.02
CA HIS C 866 -50.34 -71.99 -54.11
C HIS C 866 -50.29 -70.53 -54.56
N PRO C 867 -49.12 -70.02 -54.94
CA PRO C 867 -49.02 -68.60 -55.31
C PRO C 867 -50.00 -68.17 -56.38
N ALA C 868 -50.54 -69.13 -57.13
CA ALA C 868 -51.56 -68.80 -58.11
C ALA C 868 -52.90 -68.50 -57.47
N ASN C 869 -53.16 -69.02 -56.28
CA ASN C 869 -54.40 -68.74 -55.58
C ASN C 869 -54.28 -67.63 -54.55
N LEU C 870 -53.10 -67.08 -54.35
CA LEU C 870 -52.93 -66.03 -53.36
C LEU C 870 -53.43 -64.71 -53.96
N VAL C 871 -54.46 -64.14 -53.33
CA VAL C 871 -55.03 -62.88 -53.75
C VAL C 871 -54.99 -61.96 -52.53
N ALA C 872 -55.33 -60.70 -52.72
CA ALA C 872 -55.33 -59.76 -51.62
C ALA C 872 -56.52 -60.02 -50.70
N ASN C 873 -56.31 -59.81 -49.41
CA ASN C 873 -57.42 -59.78 -48.47
C ASN C 873 -58.12 -61.11 -48.27
N THR C 874 -57.75 -62.12 -49.06
CA THR C 874 -58.39 -63.40 -48.88
C THR C 874 -57.83 -64.09 -47.65
N VAL C 875 -58.41 -65.24 -47.30
CA VAL C 875 -57.97 -65.88 -46.08
C VAL C 875 -56.72 -66.70 -46.33
N ASN C 876 -56.59 -67.30 -47.51
CA ASN C 876 -55.39 -68.10 -47.75
C ASN C 876 -54.16 -67.23 -47.96
N ALA C 877 -54.35 -65.95 -48.26
CA ALA C 877 -53.25 -65.01 -48.11
C ALA C 877 -52.93 -64.80 -46.64
N MET C 878 -53.95 -64.81 -45.78
CA MET C 878 -53.70 -64.74 -44.35
C MET C 878 -53.06 -66.02 -43.83
N PHE C 879 -53.33 -67.16 -44.45
CA PHE C 879 -52.58 -68.36 -44.12
C PHE C 879 -51.18 -68.37 -44.69
N HIS C 880 -50.90 -67.56 -45.72
CA HIS C 880 -49.57 -67.57 -46.29
C HIS C 880 -48.59 -66.72 -45.49
N ASN C 881 -49.05 -65.58 -44.96
CA ASN C 881 -48.16 -64.66 -44.27
C ASN C 881 -47.47 -65.36 -43.12
N GLY C 882 -48.26 -65.74 -42.11
CA GLY C 882 -47.75 -66.56 -41.05
C GLY C 882 -47.68 -67.77 -41.97
N ARG C 883 -46.83 -68.75 -41.73
CA ARG C 883 -46.74 -69.84 -42.68
C ARG C 883 -47.35 -71.09 -42.07
N VAL C 884 -48.54 -71.44 -42.55
CA VAL C 884 -49.33 -72.53 -42.01
C VAL C 884 -49.81 -73.34 -43.20
N VAL C 885 -49.35 -74.57 -43.31
CA VAL C 885 -49.76 -75.41 -44.42
C VAL C 885 -51.15 -75.96 -44.11
N VAL C 886 -52.11 -75.61 -44.95
CA VAL C 886 -53.48 -76.08 -44.81
C VAL C 886 -53.95 -76.53 -46.18
N ASP C 887 -54.38 -77.78 -46.28
CA ASP C 887 -54.91 -78.27 -47.54
C ASP C 887 -56.29 -77.68 -47.80
N GLY C 888 -56.84 -78.00 -48.97
CA GLY C 888 -58.10 -77.45 -49.40
C GLY C 888 -59.28 -77.72 -48.47
N PRO C 889 -59.57 -78.99 -48.19
CA PRO C 889 -60.83 -79.28 -47.49
C PRO C 889 -60.92 -78.69 -46.10
N ALA C 890 -59.79 -78.45 -45.45
CA ALA C 890 -59.82 -77.90 -44.10
C ALA C 890 -60.44 -76.51 -44.07
N MET C 891 -59.86 -75.58 -44.83
CA MET C 891 -60.42 -74.23 -44.85
C MET C 891 -61.72 -74.18 -45.61
N LEU C 892 -62.09 -75.24 -46.32
CA LEU C 892 -63.43 -75.36 -46.84
C LEU C 892 -64.43 -75.47 -45.70
N THR C 893 -64.13 -76.31 -44.70
CA THR C 893 -65.00 -76.49 -43.55
C THR C 893 -65.12 -75.21 -42.73
N LEU C 894 -64.35 -74.19 -43.06
CA LEU C 894 -64.40 -72.92 -42.36
C LEU C 894 -65.75 -72.24 -42.49
N GLN C 895 -66.65 -72.77 -43.31
CA GLN C 895 -68.00 -72.24 -43.48
C GLN C 895 -68.88 -72.43 -42.25
N VAL C 896 -68.45 -73.22 -41.27
CA VAL C 896 -69.23 -73.44 -40.06
C VAL C 896 -69.60 -72.12 -39.40
N LEU C 897 -68.76 -71.09 -39.61
CA LEU C 897 -68.93 -69.81 -38.93
C LEU C 897 -70.26 -69.14 -39.22
N ALA C 898 -70.99 -69.60 -40.22
CA ALA C 898 -72.35 -69.11 -40.41
C ALA C 898 -73.25 -69.53 -39.26
N HIS C 899 -73.03 -70.74 -38.72
CA HIS C 899 -73.92 -71.32 -37.73
C HIS C 899 -73.63 -70.88 -36.31
N ASN C 900 -72.47 -70.29 -36.06
CA ASN C 900 -72.16 -69.71 -34.76
C ASN C 900 -71.36 -68.44 -34.99
N MET C 901 -71.73 -67.36 -34.32
CA MET C 901 -70.87 -66.19 -34.37
C MET C 901 -71.14 -65.31 -33.16
N ALA C 902 -70.37 -64.23 -33.08
CA ALA C 902 -70.46 -63.27 -31.98
C ALA C 902 -70.60 -61.88 -32.54
N GLU C 903 -71.48 -61.09 -31.95
CA GLU C 903 -71.67 -59.74 -32.45
C GLU C 903 -70.51 -58.85 -32.03
N ARG C 904 -70.27 -58.72 -30.73
CA ARG C 904 -69.29 -57.79 -30.24
C ARG C 904 -68.65 -58.33 -28.98
N THR C 905 -67.46 -57.82 -28.68
CA THR C 905 -66.89 -58.00 -27.36
C THR C 905 -67.53 -56.99 -26.41
N THR C 906 -67.65 -57.37 -25.15
CA THR C 906 -68.45 -56.60 -24.22
C THR C 906 -67.66 -56.38 -22.94
N ALA C 907 -67.35 -55.13 -22.64
CA ALA C 907 -66.70 -54.81 -21.38
C ALA C 907 -67.68 -54.99 -20.24
N LEU C 908 -67.29 -55.80 -19.27
CA LEU C 908 -68.15 -56.18 -18.16
C LEU C 908 -67.51 -55.74 -16.88
N LEU C 909 -68.26 -55.01 -16.06
CA LEU C 909 -67.77 -54.50 -14.78
C LEU C 909 -68.72 -54.99 -13.71
N CYS C 910 -68.26 -55.84 -12.81
CA CYS C 910 -69.09 -56.42 -11.77
C CYS C 910 -68.42 -56.27 -10.41
N SER C 911 -69.16 -55.98 -9.33
CA SER C 911 -68.60 -55.81 -8.01
C SER C 911 -69.19 -56.82 -7.04
N ALA C 912 -68.85 -56.68 -5.76
CA ALA C 912 -69.31 -57.57 -4.71
C ALA C 912 -68.81 -57.04 -3.39
N ALA C 913 -69.45 -57.48 -2.31
CA ALA C 913 -69.02 -57.11 -0.98
C ALA C 913 -68.04 -58.15 -0.47
N PRO C 914 -67.43 -57.92 0.69
CA PRO C 914 -66.59 -58.96 1.27
C PRO C 914 -67.42 -60.17 1.67
N ASP C 915 -66.76 -61.32 1.71
CA ASP C 915 -67.46 -62.55 2.01
C ASP C 915 -67.80 -62.62 3.48
N ALA C 916 -68.67 -63.58 3.77
CA ALA C 916 -69.01 -63.93 5.11
C ALA C 916 -67.67 -64.42 5.59
N GLY C 917 -67.28 -64.02 6.78
CA GLY C 917 -65.96 -64.39 7.25
C GLY C 917 -65.02 -63.22 7.11
N ALA C 918 -65.40 -62.22 6.35
CA ALA C 918 -64.69 -60.99 6.25
C ALA C 918 -65.66 -59.83 6.29
N ASN C 919 -66.96 -60.09 6.26
CA ASN C 919 -67.95 -58.99 6.21
C ASN C 919 -68.17 -57.97 7.33
N THR C 920 -68.15 -58.41 8.54
CA THR C 920 -68.30 -57.50 9.68
C THR C 920 -68.99 -56.19 9.35
N ALA C 921 -68.77 -55.17 10.16
CA ALA C 921 -69.59 -53.97 10.09
C ALA C 921 -68.90 -52.79 9.44
N SER C 922 -67.58 -52.78 9.35
CA SER C 922 -66.90 -51.67 8.68
C SER C 922 -66.52 -51.98 7.26
N THR C 923 -66.57 -53.24 6.87
CA THR C 923 -66.38 -53.63 5.48
C THR C 923 -67.70 -53.91 4.78
N ALA C 924 -68.83 -53.69 5.46
CA ALA C 924 -70.12 -53.97 4.85
C ALA C 924 -70.36 -53.14 3.60
N ASN C 925 -69.89 -51.90 3.59
CA ASN C 925 -70.09 -51.02 2.46
C ASN C 925 -68.96 -51.05 1.46
N MET C 926 -67.96 -51.90 1.66
CA MET C 926 -66.86 -51.99 0.73
C MET C 926 -67.27 -52.79 -0.49
N ARG C 927 -66.78 -52.37 -1.64
CA ARG C 927 -67.04 -53.03 -2.90
C ARG C 927 -65.70 -53.35 -3.56
N ILE C 928 -65.69 -54.42 -4.35
CA ILE C 928 -64.50 -54.83 -5.07
C ILE C 928 -64.88 -54.95 -6.53
N PHE C 929 -64.33 -54.09 -7.37
CA PHE C 929 -64.68 -54.02 -8.77
C PHE C 929 -63.64 -54.76 -9.59
N ASP C 930 -64.09 -55.76 -10.35
CA ASP C 930 -63.22 -56.50 -11.24
C ASP C 930 -63.89 -56.63 -12.59
N GLY C 931 -63.19 -56.23 -13.64
CA GLY C 931 -63.73 -56.19 -14.97
C GLY C 931 -63.36 -57.41 -15.81
N ALA C 932 -64.12 -57.60 -16.89
CA ALA C 932 -63.87 -58.68 -17.82
C ALA C 932 -64.46 -58.32 -19.16
N LEU C 933 -63.97 -58.99 -20.21
CA LEU C 933 -64.45 -58.81 -21.57
C LEU C 933 -65.22 -60.06 -21.96
N HIS C 934 -66.34 -59.88 -22.66
CA HIS C 934 -67.16 -61.05 -22.95
C HIS C 934 -66.47 -61.89 -24.01
N ALA C 935 -66.42 -61.46 -25.24
CA ALA C 935 -65.55 -62.16 -26.17
C ALA C 935 -64.30 -61.30 -26.31
N GLY C 936 -63.29 -61.63 -25.50
CA GLY C 936 -62.00 -61.00 -25.61
C GLY C 936 -60.96 -61.99 -26.11
N VAL C 937 -59.79 -61.44 -26.40
CA VAL C 937 -58.67 -62.26 -26.86
C VAL C 937 -57.41 -61.70 -26.24
N LEU C 938 -56.60 -62.59 -25.67
CA LEU C 938 -55.35 -62.22 -25.03
C LEU C 938 -54.25 -62.15 -26.07
N LEU C 939 -53.63 -60.97 -26.21
CA LEU C 939 -52.59 -60.76 -27.21
C LEU C 939 -51.23 -61.00 -26.58
N MET C 940 -50.60 -62.11 -26.96
CA MET C 940 -49.35 -62.52 -26.34
C MET C 940 -48.19 -61.55 -26.54
N ALA C 941 -47.63 -61.49 -27.75
CA ALA C 941 -46.43 -60.71 -27.99
C ALA C 941 -46.76 -59.59 -28.95
N PRO C 942 -46.57 -58.34 -28.57
CA PRO C 942 -47.00 -57.25 -29.44
C PRO C 942 -46.23 -57.28 -30.75
N GLN C 943 -46.96 -57.29 -31.85
CA GLN C 943 -46.34 -56.94 -33.12
C GLN C 943 -47.02 -55.66 -33.58
N HIS C 944 -46.39 -54.53 -33.25
CA HIS C 944 -46.74 -53.25 -33.80
C HIS C 944 -45.75 -52.81 -34.88
N LEU C 945 -44.68 -53.57 -35.07
CA LEU C 945 -43.77 -53.32 -36.18
C LEU C 945 -44.18 -54.31 -37.23
N ASP C 946 -44.78 -53.73 -38.26
CA ASP C 946 -45.17 -54.41 -39.49
C ASP C 946 -46.50 -53.98 -40.07
N HIS C 947 -46.53 -53.47 -41.30
CA HIS C 947 -47.83 -53.18 -41.83
C HIS C 947 -48.13 -54.40 -42.68
N THR C 948 -49.02 -55.24 -42.19
CA THR C 948 -49.60 -56.34 -42.94
C THR C 948 -51.07 -56.24 -42.61
N ILE C 949 -51.36 -56.38 -41.33
CA ILE C 949 -52.61 -55.93 -40.74
C ILE C 949 -52.39 -54.52 -40.23
N GLN C 950 -53.25 -53.60 -40.64
CA GLN C 950 -53.18 -52.23 -40.15
C GLN C 950 -53.45 -52.22 -38.66
N ASN C 951 -52.98 -51.17 -37.98
CA ASN C 951 -52.97 -51.20 -36.53
C ASN C 951 -54.39 -51.19 -35.99
N GLY C 952 -54.72 -52.22 -35.22
CA GLY C 952 -56.02 -52.32 -34.62
C GLY C 952 -57.14 -52.62 -35.59
N GLU C 953 -56.90 -53.43 -36.61
CA GLU C 953 -58.00 -53.78 -37.50
C GLU C 953 -58.95 -54.75 -36.85
N TYR C 954 -58.50 -55.97 -36.61
CA TYR C 954 -59.33 -57.01 -36.01
C TYR C 954 -59.48 -56.87 -34.51
N PHE C 955 -58.44 -56.42 -33.81
CA PHE C 955 -58.43 -56.36 -32.36
C PHE C 955 -58.12 -54.94 -31.92
N TYR C 956 -58.66 -54.58 -30.76
CA TYR C 956 -58.42 -53.30 -30.12
C TYR C 956 -57.62 -53.59 -28.86
N VAL C 957 -57.16 -52.58 -28.11
CA VAL C 957 -56.28 -52.94 -27.01
C VAL C 957 -56.97 -53.24 -25.67
N LEU C 958 -57.76 -52.33 -25.11
CA LEU C 958 -58.54 -52.66 -23.91
C LEU C 958 -57.87 -53.48 -22.79
N PRO C 959 -56.96 -52.92 -21.99
CA PRO C 959 -56.54 -53.65 -20.78
C PRO C 959 -57.65 -53.70 -19.75
N VAL C 960 -57.96 -54.90 -19.27
CA VAL C 960 -58.95 -55.08 -18.21
C VAL C 960 -58.28 -54.94 -16.86
N HIS C 961 -57.28 -55.78 -16.61
CA HIS C 961 -56.54 -55.77 -15.38
C HIS C 961 -55.08 -55.44 -15.66
N ALA C 962 -54.38 -54.96 -14.66
CA ALA C 962 -52.98 -54.60 -14.85
C ALA C 962 -52.08 -55.80 -15.08
N LEU C 963 -52.52 -57.00 -14.72
CA LEU C 963 -51.76 -58.18 -15.12
C LEU C 963 -51.71 -58.27 -16.62
N PHE C 964 -52.79 -57.91 -17.29
CA PHE C 964 -52.83 -57.87 -18.73
C PHE C 964 -53.00 -56.42 -19.16
N ALA C 965 -51.88 -55.73 -19.25
CA ALA C 965 -51.72 -54.51 -20.01
C ALA C 965 -50.26 -54.53 -20.43
N GLY C 966 -50.02 -54.40 -21.71
CA GLY C 966 -48.67 -54.26 -22.17
C GLY C 966 -48.28 -52.80 -22.17
N ALA C 967 -47.01 -52.53 -21.96
CA ALA C 967 -46.53 -51.20 -22.31
C ALA C 967 -46.44 -51.07 -23.81
N ASP C 968 -46.06 -52.15 -24.49
CA ASP C 968 -45.89 -52.12 -25.94
C ASP C 968 -47.22 -52.20 -26.67
N HIS C 969 -48.15 -53.03 -26.16
CA HIS C 969 -49.47 -53.07 -26.77
C HIS C 969 -50.16 -51.72 -26.65
N VAL C 970 -50.17 -51.16 -25.45
CA VAL C 970 -50.95 -49.95 -25.20
C VAL C 970 -50.33 -48.75 -25.89
N ALA C 971 -49.04 -48.52 -25.66
CA ALA C 971 -48.43 -47.30 -26.18
C ALA C 971 -48.42 -47.27 -27.69
N ASN C 972 -48.60 -48.40 -28.34
CA ASN C 972 -48.63 -48.53 -29.78
C ASN C 972 -50.03 -48.61 -30.36
N ALA C 973 -51.07 -48.47 -29.53
CA ALA C 973 -52.41 -48.37 -30.03
C ALA C 973 -52.51 -47.15 -30.95
N PRO C 974 -53.50 -47.14 -31.86
CA PRO C 974 -53.43 -46.19 -32.99
C PRO C 974 -53.27 -44.73 -32.61
N ASN C 975 -54.07 -44.21 -31.70
CA ASN C 975 -53.92 -42.84 -31.23
C ASN C 975 -53.53 -42.90 -29.76
N PHE C 976 -52.25 -42.66 -29.50
CA PHE C 976 -51.73 -42.67 -28.15
C PHE C 976 -51.15 -41.30 -27.82
N PRO C 977 -51.63 -40.62 -26.78
CA PRO C 977 -51.05 -39.34 -26.42
C PRO C 977 -49.56 -39.46 -26.23
N PRO C 978 -48.77 -38.66 -26.93
CA PRO C 978 -47.30 -38.78 -26.82
C PRO C 978 -46.77 -38.33 -25.49
N ALA C 979 -47.52 -37.54 -24.73
CA ALA C 979 -47.07 -37.16 -23.40
C ALA C 979 -47.03 -38.35 -22.47
N LEU C 980 -47.71 -39.43 -22.82
CA LEU C 980 -47.80 -40.60 -21.97
C LEU C 980 -46.81 -41.69 -22.33
N ARG C 981 -45.99 -41.48 -23.35
CA ARG C 981 -45.07 -42.52 -23.80
C ARG C 981 -44.23 -43.07 -22.66
N ASP C 982 -43.54 -42.17 -21.94
CA ASP C 982 -42.66 -42.61 -20.86
C ASP C 982 -43.46 -42.96 -19.61
N LEU C 983 -44.46 -42.15 -19.26
CA LEU C 983 -45.26 -42.48 -18.11
C LEU C 983 -45.87 -43.86 -18.25
N ALA C 984 -46.34 -44.21 -19.44
CA ALA C 984 -47.10 -45.43 -19.63
C ALA C 984 -46.22 -46.64 -19.75
N ARG C 985 -44.92 -46.49 -19.61
CA ARG C 985 -44.08 -47.67 -19.54
C ARG C 985 -44.07 -48.30 -18.16
N HIS C 986 -44.01 -47.50 -17.10
CA HIS C 986 -44.02 -48.05 -15.75
C HIS C 986 -45.39 -48.03 -15.10
N VAL C 987 -46.41 -47.48 -15.75
CA VAL C 987 -47.76 -47.41 -15.22
C VAL C 987 -48.65 -48.31 -16.06
N PRO C 988 -49.41 -49.22 -15.47
CA PRO C 988 -50.38 -50.02 -16.22
C PRO C 988 -51.65 -49.27 -16.56
N LEU C 989 -51.72 -48.61 -17.71
CA LEU C 989 -52.87 -47.76 -17.97
C LEU C 989 -54.08 -48.63 -18.30
N VAL C 990 -55.00 -48.68 -17.36
CA VAL C 990 -56.21 -49.50 -17.39
C VAL C 990 -57.41 -48.58 -17.20
N PRO C 991 -58.38 -48.53 -18.12
CA PRO C 991 -59.54 -47.64 -17.93
C PRO C 991 -60.35 -48.05 -16.72
N PRO C 992 -60.73 -47.09 -15.86
CA PRO C 992 -61.50 -47.44 -14.66
C PRO C 992 -62.89 -47.93 -14.98
N ALA C 993 -63.38 -47.69 -16.18
CA ALA C 993 -64.57 -48.39 -16.64
C ALA C 993 -64.37 -49.89 -16.48
N LEU C 994 -63.14 -50.35 -16.54
CA LEU C 994 -62.77 -51.74 -16.28
C LEU C 994 -62.24 -51.98 -14.87
N GLY C 995 -62.25 -50.99 -14.01
CA GLY C 995 -61.80 -51.15 -12.64
C GLY C 995 -60.50 -50.42 -12.37
N ALA C 996 -60.18 -50.37 -11.09
CA ALA C 996 -59.05 -49.61 -10.59
C ALA C 996 -58.17 -50.50 -9.74
N ASN C 997 -56.97 -50.02 -9.43
CA ASN C 997 -56.05 -50.75 -8.58
C ASN C 997 -56.70 -51.05 -7.24
N TYR C 998 -56.85 -50.00 -6.42
CA TYR C 998 -57.28 -50.20 -5.05
C TYR C 998 -58.59 -50.92 -4.94
N PHE C 999 -59.41 -50.90 -5.97
CA PHE C 999 -60.70 -51.55 -5.92
C PHE C 999 -60.73 -52.91 -6.56
N SER C 1000 -59.58 -53.41 -7.01
CA SER C 1000 -59.57 -54.74 -7.59
C SER C 1000 -59.24 -55.78 -6.53
N SER C 1001 -59.31 -57.04 -6.94
CA SER C 1001 -58.90 -58.14 -6.09
C SER C 1001 -57.43 -58.47 -6.22
N ILE C 1002 -56.79 -57.96 -7.27
CA ILE C 1002 -55.40 -58.24 -7.55
C ILE C 1002 -54.76 -56.90 -7.86
N ARG C 1003 -53.81 -56.51 -7.05
CA ARG C 1003 -53.28 -55.18 -7.10
C ARG C 1003 -51.83 -55.24 -7.55
N GLN C 1004 -51.18 -54.08 -7.53
CA GLN C 1004 -49.85 -53.97 -8.14
C GLN C 1004 -48.83 -54.92 -7.54
N PRO C 1005 -48.77 -55.17 -6.24
CA PRO C 1005 -47.76 -56.09 -5.73
C PRO C 1005 -47.80 -57.45 -6.39
N VAL C 1006 -48.94 -57.88 -6.89
CA VAL C 1006 -48.97 -59.14 -7.65
C VAL C 1006 -48.51 -58.90 -9.07
N VAL C 1007 -48.74 -57.71 -9.60
CA VAL C 1007 -48.33 -57.40 -10.97
C VAL C 1007 -46.83 -57.19 -11.03
N GLN C 1008 -46.27 -56.58 -9.99
CA GLN C 1008 -44.83 -56.38 -9.98
C GLN C 1008 -44.09 -57.67 -9.67
N HIS C 1009 -44.65 -58.53 -8.81
CA HIS C 1009 -43.98 -59.78 -8.51
C HIS C 1009 -43.90 -60.67 -9.74
N ALA C 1010 -44.95 -60.68 -10.56
CA ALA C 1010 -44.97 -61.54 -11.72
C ALA C 1010 -43.78 -61.26 -12.63
N ARG C 1011 -43.56 -60.00 -12.97
CA ARG C 1011 -42.49 -59.66 -13.89
C ARG C 1011 -41.14 -59.59 -13.21
N GLU C 1012 -41.08 -59.24 -11.94
CA GLU C 1012 -39.81 -59.03 -11.27
C GLU C 1012 -39.13 -60.33 -10.88
N SER C 1013 -39.90 -61.30 -10.41
CA SER C 1013 -39.33 -62.49 -9.80
C SER C 1013 -38.30 -63.14 -10.69
N ALA C 1014 -37.17 -63.50 -10.10
CA ALA C 1014 -36.08 -64.13 -10.82
C ALA C 1014 -36.16 -65.64 -10.81
N ALA C 1015 -37.13 -66.23 -10.12
CA ALA C 1015 -37.20 -67.68 -10.04
C ALA C 1015 -37.67 -68.25 -11.38
N GLY C 1016 -37.75 -69.57 -11.44
CA GLY C 1016 -38.22 -70.23 -12.62
C GLY C 1016 -39.71 -70.01 -12.80
N GLU C 1017 -40.26 -70.68 -13.80
CA GLU C 1017 -41.69 -70.58 -14.03
C GLU C 1017 -42.47 -71.48 -13.07
N ASN C 1018 -41.97 -72.69 -12.81
CA ASN C 1018 -42.68 -73.59 -11.91
C ASN C 1018 -42.78 -73.01 -10.52
N ALA C 1019 -41.66 -72.50 -10.00
CA ALA C 1019 -41.66 -71.92 -8.67
C ALA C 1019 -42.49 -70.65 -8.63
N LEU C 1020 -42.43 -69.84 -9.70
CA LEU C 1020 -43.21 -68.63 -9.73
C LEU C 1020 -44.69 -68.91 -9.84
N THR C 1021 -45.06 -70.10 -10.31
CA THR C 1021 -46.46 -70.44 -10.47
C THR C 1021 -47.08 -70.87 -9.15
N TYR C 1022 -46.31 -71.57 -8.31
CA TYR C 1022 -46.80 -71.87 -6.97
C TYR C 1022 -46.68 -70.67 -6.06
N ALA C 1023 -45.60 -69.89 -6.21
CA ALA C 1023 -45.44 -68.71 -5.39
C ALA C 1023 -46.53 -67.71 -5.65
N LEU C 1024 -46.99 -67.64 -6.89
CA LEU C 1024 -48.01 -66.68 -7.25
C LEU C 1024 -49.39 -67.19 -6.90
N MET C 1025 -49.60 -68.51 -7.03
CA MET C 1025 -50.83 -69.14 -6.58
C MET C 1025 -51.01 -69.01 -5.08
N ALA C 1026 -49.90 -68.93 -4.36
CA ALA C 1026 -49.93 -68.85 -2.90
C ALA C 1026 -50.17 -67.46 -2.39
N GLY C 1027 -50.05 -66.46 -3.24
CA GLY C 1027 -50.42 -65.12 -2.87
C GLY C 1027 -51.87 -64.81 -3.08
N TYR C 1028 -52.64 -65.75 -3.59
CA TYR C 1028 -54.06 -65.59 -3.84
C TYR C 1028 -54.93 -66.09 -2.72
N PHE C 1029 -54.36 -66.50 -1.60
CA PHE C 1029 -55.19 -66.88 -0.46
C PHE C 1029 -55.73 -65.63 0.22
N LYS C 1030 -56.99 -65.68 0.64
CA LYS C 1030 -57.62 -64.48 1.16
C LYS C 1030 -57.13 -64.15 2.56
N MET C 1031 -57.32 -62.89 2.93
CA MET C 1031 -56.93 -62.37 4.23
C MET C 1031 -58.07 -62.29 5.24
N SER C 1032 -59.24 -62.82 4.90
CA SER C 1032 -60.37 -62.91 5.82
C SER C 1032 -59.98 -63.69 7.08
N PRO C 1033 -60.64 -63.46 8.22
CA PRO C 1033 -60.23 -64.18 9.42
C PRO C 1033 -60.63 -65.65 9.37
N VAL C 1034 -61.58 -66.01 8.50
CA VAL C 1034 -61.88 -67.41 8.25
C VAL C 1034 -60.82 -68.05 7.41
N ALA C 1035 -60.33 -67.35 6.38
CA ALA C 1035 -59.23 -67.86 5.59
C ALA C 1035 -58.02 -68.11 6.46
N LEU C 1036 -57.59 -67.08 7.19
CA LEU C 1036 -56.42 -67.23 8.05
C LEU C 1036 -56.58 -68.38 9.02
N TYR C 1037 -57.79 -68.78 9.34
CA TYR C 1037 -57.96 -70.00 10.12
C TYR C 1037 -57.48 -71.21 9.33
N HIS C 1038 -58.01 -71.40 8.12
CA HIS C 1038 -57.62 -72.55 7.31
C HIS C 1038 -56.14 -72.56 7.03
N GLN C 1039 -55.51 -71.40 6.92
CA GLN C 1039 -54.09 -71.35 6.62
C GLN C 1039 -53.27 -71.73 7.84
N LEU C 1040 -53.31 -70.87 8.85
CA LEU C 1040 -52.49 -71.05 10.04
C LEU C 1040 -52.61 -72.45 10.61
N LYS C 1041 -53.83 -73.00 10.64
CA LYS C 1041 -54.00 -74.35 11.16
C LYS C 1041 -53.29 -75.37 10.29
N THR C 1042 -53.36 -75.20 8.98
CA THR C 1042 -52.81 -76.16 8.02
C THR C 1042 -51.34 -75.87 7.71
N GLY C 1043 -50.77 -74.80 8.26
CA GLY C 1043 -49.37 -74.55 8.08
C GLY C 1043 -48.99 -73.92 6.77
N LEU C 1044 -49.72 -72.89 6.39
CA LEU C 1044 -49.27 -71.96 5.37
C LEU C 1044 -48.83 -70.68 6.05
N HIS C 1045 -47.83 -70.03 5.48
CA HIS C 1045 -47.40 -68.74 6.00
C HIS C 1045 -48.20 -67.67 5.26
N PRO C 1046 -49.08 -66.96 5.93
CA PRO C 1046 -49.97 -66.01 5.25
C PRO C 1046 -49.34 -64.65 5.01
N GLY C 1047 -48.12 -64.63 4.49
CA GLY C 1047 -47.55 -63.41 3.96
C GLY C 1047 -47.06 -62.41 4.97
N PHE C 1048 -47.44 -62.53 6.23
CA PHE C 1048 -46.92 -61.68 7.29
C PHE C 1048 -46.64 -62.54 8.51
N GLY C 1049 -46.05 -61.93 9.53
CA GLY C 1049 -45.62 -62.65 10.70
C GLY C 1049 -45.76 -61.76 11.90
N PHE C 1050 -45.70 -62.37 13.07
CA PHE C 1050 -46.04 -61.68 14.30
C PHE C 1050 -44.79 -61.35 15.09
N THR C 1051 -44.98 -60.62 16.18
CA THR C 1051 -43.98 -60.45 17.21
C THR C 1051 -44.63 -60.81 18.54
N VAL C 1052 -44.11 -61.80 19.17
CA VAL C 1052 -44.69 -62.31 20.39
C VAL C 1052 -44.21 -61.44 21.54
N VAL C 1053 -45.12 -61.13 22.45
CA VAL C 1053 -44.81 -60.40 23.65
C VAL C 1053 -45.35 -61.20 24.83
N ARG C 1054 -44.57 -61.31 25.88
CA ARG C 1054 -45.04 -61.96 27.09
C ARG C 1054 -44.34 -61.35 28.28
N GLN C 1055 -45.06 -61.28 29.40
CA GLN C 1055 -44.55 -60.66 30.61
C GLN C 1055 -44.25 -61.74 31.63
N ASP C 1056 -42.98 -61.91 31.94
CA ASP C 1056 -42.51 -62.93 32.86
C ASP C 1056 -42.15 -62.31 34.19
N ARG C 1057 -42.43 -63.05 35.26
CA ARG C 1057 -42.26 -62.58 36.62
C ARG C 1057 -41.32 -63.49 37.37
N PHE C 1058 -40.41 -62.89 38.14
CA PHE C 1058 -39.35 -63.61 38.81
C PHE C 1058 -39.34 -63.27 40.29
N VAL C 1059 -39.08 -64.27 41.12
CA VAL C 1059 -38.76 -64.04 42.52
C VAL C 1059 -37.26 -63.87 42.61
N THR C 1060 -36.81 -62.74 43.10
CA THR C 1060 -35.40 -62.42 43.12
C THR C 1060 -34.89 -62.38 44.55
N GLU C 1061 -33.60 -62.15 44.70
CA GLU C 1061 -32.95 -62.03 45.99
C GLU C 1061 -32.27 -60.68 46.04
N ASN C 1062 -32.54 -59.92 47.10
CA ASN C 1062 -32.09 -58.54 47.12
C ASN C 1062 -31.12 -58.29 48.26
N VAL C 1063 -30.35 -57.22 48.08
CA VAL C 1063 -29.49 -56.66 49.12
C VAL C 1063 -29.92 -55.22 49.31
N LEU C 1064 -30.03 -54.79 50.56
CA LEU C 1064 -30.43 -53.42 50.85
C LEU C 1064 -29.42 -52.78 51.77
N PHE C 1065 -28.67 -51.82 51.26
CA PHE C 1065 -27.90 -50.95 52.11
C PHE C 1065 -28.77 -49.82 52.63
N SER C 1066 -28.36 -49.24 53.75
CA SER C 1066 -29.03 -48.17 54.44
C SER C 1066 -28.03 -47.32 55.27
N GLU C 1067 -28.25 -46.04 55.50
CA GLU C 1067 -27.31 -45.23 56.29
C GLU C 1067 -27.59 -45.22 57.81
N ARG C 1068 -26.95 -44.40 58.64
CA ARG C 1068 -27.20 -44.49 60.08
C ARG C 1068 -28.60 -44.15 60.52
N ALA C 1069 -29.13 -43.01 60.12
CA ALA C 1069 -30.53 -42.71 60.38
C ALA C 1069 -31.14 -42.36 59.04
N SER C 1070 -31.86 -43.30 58.45
CA SER C 1070 -32.55 -43.04 57.21
C SER C 1070 -34.01 -42.73 57.44
N GLU C 1071 -34.48 -42.84 58.67
CA GLU C 1071 -35.89 -42.72 58.98
C GLU C 1071 -36.05 -42.04 60.33
N ALA C 1072 -37.30 -41.82 60.70
CA ALA C 1072 -37.64 -41.38 62.05
C ALA C 1072 -38.44 -42.43 62.78
N TYR C 1073 -39.61 -42.80 62.28
CA TYR C 1073 -40.32 -43.91 62.87
C TYR C 1073 -40.68 -43.66 64.33
N PHE C 1074 -41.72 -42.86 64.55
CA PHE C 1074 -42.24 -42.60 65.87
C PHE C 1074 -43.16 -43.72 66.33
N LEU C 1075 -43.17 -43.95 67.64
CA LEU C 1075 -43.89 -45.05 68.27
C LEU C 1075 -45.00 -44.53 69.17
N GLY C 1076 -46.16 -45.16 69.07
CA GLY C 1076 -47.32 -44.72 69.79
C GLY C 1076 -47.57 -45.53 71.06
N GLN C 1077 -48.85 -45.66 71.40
CA GLN C 1077 -49.32 -46.27 72.62
C GLN C 1077 -50.41 -47.25 72.24
N LEU C 1078 -50.33 -48.50 72.72
CA LEU C 1078 -51.27 -49.49 72.23
C LEU C 1078 -52.66 -49.27 72.82
N GLN C 1079 -53.57 -50.10 72.35
CA GLN C 1079 -54.98 -50.08 72.73
C GLN C 1079 -55.61 -51.32 72.11
N VAL C 1080 -56.90 -51.52 72.37
CA VAL C 1080 -57.70 -52.58 71.79
C VAL C 1080 -59.09 -52.00 71.54
N ALA C 1081 -60.02 -52.82 71.02
CA ALA C 1081 -61.38 -52.38 70.79
C ALA C 1081 -62.40 -53.34 71.42
N ARG C 1082 -62.34 -54.58 70.92
CA ARG C 1082 -63.20 -55.70 71.35
C ARG C 1082 -64.69 -55.40 71.21
N HIS C 1083 -65.11 -54.93 70.05
CA HIS C 1083 -66.48 -54.54 69.93
C HIS C 1083 -66.94 -55.82 70.58
N GLU C 1084 -67.83 -55.71 71.55
CA GLU C 1084 -68.29 -56.94 72.19
C GLU C 1084 -69.44 -57.60 71.45
N THR C 1085 -69.26 -58.88 71.13
CA THR C 1085 -70.28 -59.68 70.46
C THR C 1085 -70.09 -61.13 70.89
N GLY C 1086 -71.10 -61.95 70.60
CA GLY C 1086 -71.05 -63.36 70.94
C GLY C 1086 -69.93 -64.07 70.20
N GLY C 1087 -69.69 -65.32 70.62
CA GLY C 1087 -68.57 -66.07 70.11
C GLY C 1087 -67.23 -65.50 70.56
N GLY C 1088 -67.03 -65.43 71.87
CA GLY C 1088 -65.86 -64.77 72.41
C GLY C 1088 -66.16 -63.33 72.71
N VAL C 1089 -65.11 -62.49 72.61
CA VAL C 1089 -65.13 -61.01 72.67
C VAL C 1089 -63.94 -60.62 71.76
N ASN C 1090 -64.07 -59.59 70.91
CA ASN C 1090 -62.99 -59.29 69.93
C ASN C 1090 -61.55 -58.91 70.33
N PHE C 1091 -61.36 -57.96 71.24
CA PHE C 1091 -60.02 -57.60 71.69
C PHE C 1091 -58.87 -57.25 70.72
N THR C 1092 -59.05 -56.46 69.68
CA THR C 1092 -57.90 -56.13 68.81
C THR C 1092 -56.95 -55.16 69.47
N LEU C 1093 -55.70 -55.15 69.04
CA LEU C 1093 -54.68 -54.23 69.55
C LEU C 1093 -54.09 -53.44 68.38
N THR C 1094 -53.52 -52.28 68.61
CA THR C 1094 -52.95 -51.45 67.57
C THR C 1094 -52.06 -50.42 68.22
N GLN C 1095 -51.13 -49.92 67.43
CA GLN C 1095 -50.25 -48.89 67.87
C GLN C 1095 -50.26 -47.87 66.75
N PRO C 1096 -50.41 -46.59 67.06
CA PRO C 1096 -50.13 -45.58 66.03
C PRO C 1096 -48.64 -45.45 65.90
N ARG C 1097 -48.17 -45.32 64.67
CA ARG C 1097 -46.75 -45.10 64.45
C ARG C 1097 -46.60 -44.18 63.26
N GLY C 1098 -45.37 -43.91 62.89
CA GLY C 1098 -45.13 -42.95 61.84
C GLY C 1098 -43.73 -43.09 61.31
N ASN C 1099 -43.33 -42.14 60.49
CA ASN C 1099 -41.95 -42.03 60.02
C ASN C 1099 -41.85 -40.87 59.05
N VAL C 1100 -40.62 -40.39 58.88
CA VAL C 1100 -40.25 -39.54 57.76
C VAL C 1100 -39.03 -40.15 57.12
N ASP C 1101 -38.88 -39.95 55.82
CA ASP C 1101 -37.59 -40.22 55.22
C ASP C 1101 -36.65 -39.14 55.71
N LEU C 1102 -35.61 -39.55 56.41
CA LEU C 1102 -34.74 -38.60 57.08
C LEU C 1102 -33.50 -38.48 56.23
N GLY C 1103 -33.45 -37.43 55.44
CA GLY C 1103 -32.30 -37.11 54.64
C GLY C 1103 -32.73 -36.28 53.45
N VAL C 1104 -31.74 -35.65 52.82
CA VAL C 1104 -31.95 -34.79 51.67
C VAL C 1104 -31.67 -35.52 50.35
N GLY C 1105 -31.48 -36.83 50.41
CA GLY C 1105 -30.81 -37.54 49.35
C GLY C 1105 -31.16 -39.01 49.36
N TYR C 1106 -30.31 -39.80 48.73
CA TYR C 1106 -30.61 -41.16 48.29
C TYR C 1106 -30.34 -42.22 49.32
N THR C 1107 -30.21 -41.87 50.59
CA THR C 1107 -29.91 -42.85 51.62
C THR C 1107 -30.75 -44.10 51.42
N ALA C 1108 -30.13 -45.27 51.65
CA ALA C 1108 -30.72 -46.58 51.39
C ALA C 1108 -30.98 -46.93 49.93
N VAL C 1109 -29.94 -47.27 49.18
CA VAL C 1109 -30.09 -47.97 47.91
C VAL C 1109 -30.29 -49.47 48.16
N ALA C 1110 -30.93 -50.15 47.20
CA ALA C 1110 -31.12 -51.59 47.27
C ALA C 1110 -30.77 -52.24 45.94
N ALA C 1111 -29.98 -53.32 45.99
CA ALA C 1111 -29.53 -54.02 44.80
C ALA C 1111 -30.14 -55.41 44.75
N THR C 1112 -29.82 -56.15 43.71
CA THR C 1112 -30.44 -57.44 43.47
C THR C 1112 -29.38 -58.47 43.16
N ALA C 1113 -29.38 -59.57 43.84
CA ALA C 1113 -28.39 -60.52 43.49
C ALA C 1113 -29.13 -61.79 43.32
N THR C 1114 -28.94 -62.45 42.20
CA THR C 1114 -29.58 -63.74 41.85
C THR C 1114 -31.08 -63.71 41.60
N VAL C 1115 -31.65 -64.90 41.35
CA VAL C 1115 -33.08 -65.12 41.16
C VAL C 1115 -33.44 -66.50 41.68
N ARG C 1116 -34.48 -66.66 42.46
CA ARG C 1116 -34.97 -67.96 42.90
C ARG C 1116 -35.56 -68.68 41.69
N ASN C 1117 -36.73 -68.25 41.25
CA ASN C 1117 -37.46 -68.95 40.22
C ASN C 1117 -38.23 -67.96 39.38
N PRO C 1118 -38.57 -68.32 38.18
CA PRO C 1118 -39.55 -67.55 37.41
C PRO C 1118 -41.00 -67.87 37.80
N VAL C 1119 -41.61 -67.10 38.70
CA VAL C 1119 -42.96 -67.38 39.18
C VAL C 1119 -43.87 -67.80 38.05
N THR C 1120 -43.93 -67.00 37.01
CA THR C 1120 -44.69 -67.42 35.84
C THR C 1120 -43.80 -68.33 35.03
N ASP C 1121 -44.34 -69.46 34.61
CA ASP C 1121 -43.54 -70.34 33.79
C ASP C 1121 -43.24 -69.61 32.49
N MET C 1122 -41.98 -69.48 32.15
CA MET C 1122 -41.76 -68.83 30.89
C MET C 1122 -42.44 -69.79 29.97
N GLY C 1123 -43.35 -69.34 29.12
CA GLY C 1123 -44.08 -70.31 28.34
C GLY C 1123 -44.95 -69.93 27.17
N ASN C 1124 -45.59 -70.95 26.66
CA ASN C 1124 -46.47 -70.97 25.51
C ASN C 1124 -47.87 -70.39 25.38
N LEU C 1125 -48.60 -70.17 26.46
CA LEU C 1125 -50.02 -69.88 26.30
C LEU C 1125 -50.38 -68.71 25.43
N PRO C 1126 -51.16 -68.98 24.39
CA PRO C 1126 -51.73 -68.01 23.46
C PRO C 1126 -52.52 -66.88 24.11
N GLN C 1127 -53.03 -65.99 23.28
CA GLN C 1127 -54.02 -65.02 23.69
C GLN C 1127 -55.33 -65.38 23.01
N ASN C 1128 -56.43 -65.08 23.69
CA ASN C 1128 -57.75 -65.37 23.16
C ASN C 1128 -58.57 -64.10 23.21
N PHE C 1129 -58.96 -63.59 22.04
CA PHE C 1129 -59.81 -62.43 22.01
C PHE C 1129 -61.27 -62.75 22.16
N TYR C 1130 -61.64 -64.01 22.16
CA TYR C 1130 -63.03 -64.34 22.39
C TYR C 1130 -63.37 -64.29 23.86
N LEU C 1131 -62.41 -63.89 24.69
CA LEU C 1131 -62.67 -63.67 26.10
C LEU C 1131 -63.39 -62.33 26.32
N GLY C 1132 -62.93 -61.27 25.67
CA GLY C 1132 -63.59 -59.99 25.74
C GLY C 1132 -64.48 -59.72 24.55
N ARG C 1133 -65.44 -58.81 24.72
CA ARG C 1133 -66.26 -58.34 23.61
C ARG C 1133 -66.01 -56.85 23.40
N GLY C 1134 -65.18 -56.51 22.42
CA GLY C 1134 -65.15 -55.13 21.96
C GLY C 1134 -65.57 -54.94 20.52
N ALA C 1135 -65.59 -56.03 19.78
CA ALA C 1135 -65.57 -55.97 18.33
C ALA C 1135 -66.91 -56.38 17.75
N PRO C 1136 -67.49 -55.57 16.87
CA PRO C 1136 -68.69 -55.98 16.15
C PRO C 1136 -68.44 -57.30 15.44
N PRO C 1137 -69.32 -58.27 15.64
CA PRO C 1137 -69.03 -59.62 15.15
C PRO C 1137 -69.13 -59.74 13.64
N LEU C 1138 -68.86 -60.92 13.10
CA LEU C 1138 -69.06 -61.15 11.68
C LEU C 1138 -70.55 -61.01 11.36
N LEU C 1139 -70.87 -60.36 10.25
CA LEU C 1139 -72.28 -60.11 9.94
C LEU C 1139 -73.06 -61.36 9.57
N ASP C 1140 -72.42 -62.36 9.00
CA ASP C 1140 -73.07 -63.66 8.87
C ASP C 1140 -73.02 -64.32 10.24
N ASN C 1141 -74.18 -64.66 10.78
CA ASN C 1141 -74.20 -65.27 12.10
C ASN C 1141 -73.66 -66.70 12.07
N ALA C 1142 -73.67 -67.35 10.92
CA ALA C 1142 -73.08 -68.68 10.84
C ALA C 1142 -71.57 -68.60 10.94
N ALA C 1143 -70.97 -67.67 10.18
CA ALA C 1143 -69.53 -67.46 10.27
C ALA C 1143 -69.11 -67.09 11.69
N ALA C 1144 -69.85 -66.20 12.32
CA ALA C 1144 -69.52 -65.78 13.69
C ALA C 1144 -69.42 -66.98 14.61
N VAL C 1145 -70.47 -67.80 14.65
CA VAL C 1145 -70.45 -68.94 15.56
C VAL C 1145 -69.68 -70.13 15.02
N TYR C 1146 -69.34 -70.11 13.73
CA TYR C 1146 -68.44 -71.15 13.25
C TYR C 1146 -67.00 -70.84 13.64
N LEU C 1147 -66.56 -69.61 13.38
CA LEU C 1147 -65.18 -69.28 13.69
C LEU C 1147 -64.96 -69.24 15.19
N ARG C 1148 -65.95 -68.79 15.95
CA ARG C 1148 -65.81 -68.76 17.39
C ARG C 1148 -65.51 -70.13 17.95
N ASN C 1149 -66.44 -71.06 17.80
CA ASN C 1149 -66.27 -72.37 18.41
C ASN C 1149 -65.08 -73.14 17.83
N ALA C 1150 -64.63 -72.79 16.63
CA ALA C 1150 -63.41 -73.39 16.11
C ALA C 1150 -62.20 -72.90 16.89
N VAL C 1151 -62.10 -71.58 17.07
CA VAL C 1151 -61.06 -71.02 17.95
C VAL C 1151 -61.24 -71.53 19.37
N VAL C 1152 -62.36 -71.16 19.99
CA VAL C 1152 -62.60 -71.36 21.40
C VAL C 1152 -62.61 -72.83 21.81
N ALA C 1153 -62.57 -73.76 20.85
CA ALA C 1153 -62.89 -75.16 21.09
C ALA C 1153 -62.24 -75.72 22.34
N GLY C 1154 -60.93 -75.92 22.33
CA GLY C 1154 -60.24 -76.42 23.50
C GLY C 1154 -59.29 -75.45 24.19
N ASN C 1155 -59.36 -74.16 23.89
CA ASN C 1155 -58.41 -73.20 24.45
C ASN C 1155 -58.35 -73.31 25.96
N ARG C 1156 -57.14 -73.24 26.50
CA ARG C 1156 -57.02 -73.10 27.94
C ARG C 1156 -57.73 -71.83 28.41
N LEU C 1157 -57.60 -70.81 27.59
CA LEU C 1157 -58.19 -69.53 27.84
C LEU C 1157 -59.56 -69.50 27.25
N GLY C 1158 -60.03 -70.62 26.68
CA GLY C 1158 -61.34 -70.64 26.07
C GLY C 1158 -62.31 -70.23 27.14
N PRO C 1159 -63.28 -69.34 26.73
CA PRO C 1159 -64.18 -68.92 27.80
C PRO C 1159 -65.02 -70.08 28.27
N ALA C 1160 -65.38 -70.09 29.54
CA ALA C 1160 -66.22 -71.15 30.03
C ALA C 1160 -67.60 -70.58 29.84
N GLN C 1161 -68.49 -71.32 29.21
CA GLN C 1161 -69.83 -70.77 28.99
C GLN C 1161 -69.72 -69.39 28.35
N PRO C 1162 -70.72 -68.96 27.58
CA PRO C 1162 -70.57 -67.73 26.81
C PRO C 1162 -70.64 -66.49 27.67
N LEU C 1163 -70.09 -65.41 27.13
CA LEU C 1163 -69.91 -64.18 27.87
C LEU C 1163 -71.24 -63.58 28.32
N PRO C 1164 -71.47 -63.43 29.62
CA PRO C 1164 -72.59 -62.59 30.05
C PRO C 1164 -72.27 -61.14 29.75
N VAL C 1165 -73.32 -60.34 29.54
CA VAL C 1165 -73.11 -58.94 29.17
C VAL C 1165 -72.29 -58.17 30.19
N PHE C 1166 -72.54 -58.38 31.48
CA PHE C 1166 -71.74 -57.72 32.48
C PHE C 1166 -71.06 -58.84 33.26
N GLY C 1167 -69.74 -58.86 33.25
CA GLY C 1167 -69.00 -59.89 33.96
C GLY C 1167 -67.68 -60.18 33.27
N CYS C 1168 -66.94 -61.16 33.78
CA CYS C 1168 -65.66 -61.51 33.22
C CYS C 1168 -65.79 -62.81 32.46
N ALA C 1169 -64.80 -63.11 31.63
CA ALA C 1169 -64.91 -64.23 30.72
C ALA C 1169 -64.92 -65.58 31.41
N GLN C 1170 -64.43 -65.68 32.65
CA GLN C 1170 -64.36 -66.95 33.38
C GLN C 1170 -63.54 -67.98 32.62
N VAL C 1171 -62.23 -67.76 32.65
CA VAL C 1171 -61.27 -68.76 32.16
C VAL C 1171 -61.53 -70.09 32.83
N PRO C 1172 -61.44 -71.21 32.12
CA PRO C 1172 -61.53 -72.51 32.77
C PRO C 1172 -60.37 -72.76 33.71
N ARG C 1173 -60.53 -73.76 34.57
CA ARG C 1173 -59.47 -74.14 35.52
C ARG C 1173 -59.11 -75.59 35.30
N ARG C 1174 -57.84 -75.86 35.01
CA ARG C 1174 -57.43 -77.22 34.81
C ARG C 1174 -57.17 -77.91 36.15
N ALA C 1175 -57.27 -79.23 36.13
CA ALA C 1175 -57.18 -80.02 37.36
C ALA C 1175 -55.81 -79.96 38.01
N GLY C 1176 -54.77 -79.65 37.26
CA GLY C 1176 -53.46 -79.58 37.85
C GLY C 1176 -52.53 -78.69 37.07
N MET C 1177 -51.41 -78.35 37.71
CA MET C 1177 -50.41 -77.53 37.06
C MET C 1177 -49.06 -77.80 37.71
N ASP C 1178 -48.00 -77.48 36.98
CA ASP C 1178 -46.67 -77.83 37.46
C ASP C 1178 -45.69 -76.66 37.48
N HIS C 1179 -45.36 -76.10 36.33
CA HIS C 1179 -44.17 -75.27 36.28
C HIS C 1179 -44.38 -73.90 36.91
N GLY C 1180 -45.59 -73.40 36.90
CA GLY C 1180 -45.87 -72.11 37.51
C GLY C 1180 -46.98 -71.42 36.75
N GLN C 1181 -47.21 -70.17 37.13
CA GLN C 1181 -48.27 -69.38 36.54
C GLN C 1181 -48.08 -69.30 35.05
N ASP C 1182 -49.13 -69.64 34.31
CA ASP C 1182 -49.02 -69.63 32.87
C ASP C 1182 -48.92 -68.21 32.36
N ALA C 1183 -47.83 -67.89 31.68
CA ALA C 1183 -47.69 -66.59 31.08
C ALA C 1183 -48.58 -66.50 29.85
N VAL C 1184 -48.64 -65.33 29.25
CA VAL C 1184 -49.58 -65.09 28.15
C VAL C 1184 -48.80 -64.44 27.02
N CYS C 1185 -48.81 -65.07 25.85
CA CYS C 1185 -48.14 -64.55 24.68
C CYS C 1185 -49.11 -63.73 23.86
N GLU C 1186 -48.60 -62.65 23.27
CA GLU C 1186 -49.42 -61.81 22.41
C GLU C 1186 -48.71 -61.50 21.11
N PHE C 1187 -49.50 -61.44 20.05
CA PHE C 1187 -49.02 -61.39 18.69
C PHE C 1187 -49.36 -60.03 18.10
N ILE C 1188 -48.35 -59.33 17.62
CA ILE C 1188 -48.53 -58.12 16.83
C ILE C 1188 -48.05 -58.44 15.43
N ALA C 1189 -48.96 -58.49 14.47
CA ALA C 1189 -48.57 -58.79 13.10
C ALA C 1189 -47.59 -57.74 12.62
N THR C 1190 -46.45 -58.21 12.11
CA THR C 1190 -45.37 -57.40 11.59
C THR C 1190 -45.06 -57.80 10.17
N PRO C 1191 -44.56 -56.87 9.35
CA PRO C 1191 -44.04 -57.25 8.04
C PRO C 1191 -42.98 -58.34 8.15
N VAL C 1192 -43.02 -59.35 7.31
CA VAL C 1192 -42.00 -60.37 7.40
C VAL C 1192 -40.69 -59.65 7.15
N ALA C 1193 -40.72 -58.62 6.32
CA ALA C 1193 -39.50 -57.88 6.02
C ALA C 1193 -39.17 -56.77 6.99
N THR C 1194 -39.04 -57.12 8.26
CA THR C 1194 -38.65 -56.21 9.32
C THR C 1194 -37.40 -57.01 9.59
N ASP C 1195 -36.25 -56.38 9.73
CA ASP C 1195 -35.03 -57.16 9.93
C ASP C 1195 -35.01 -57.77 11.30
N ILE C 1196 -34.24 -58.83 11.47
CA ILE C 1196 -34.16 -59.45 12.72
C ILE C 1196 -33.35 -58.59 13.61
N ASN C 1197 -32.49 -57.75 13.09
CA ASN C 1197 -31.69 -56.96 13.94
C ASN C 1197 -32.48 -56.04 14.85
N TYR C 1198 -33.63 -55.49 14.45
CA TYR C 1198 -34.46 -54.76 15.42
C TYR C 1198 -35.16 -55.93 15.99
N PHE C 1199 -34.70 -56.38 17.13
CA PHE C 1199 -35.21 -57.62 17.80
C PHE C 1199 -34.03 -58.30 18.43
N ARG C 1200 -32.83 -58.06 17.95
CA ARG C 1200 -31.66 -58.61 18.58
C ARG C 1200 -31.22 -57.50 19.50
N ARG C 1201 -32.15 -56.95 20.26
CA ARG C 1201 -31.84 -55.89 21.20
C ARG C 1201 -33.02 -55.64 22.09
N PRO C 1202 -32.84 -54.92 23.18
CA PRO C 1202 -33.99 -54.59 24.04
C PRO C 1202 -35.24 -53.92 23.47
N CYS C 1203 -35.29 -53.66 22.17
CA CYS C 1203 -36.21 -52.73 21.52
C CYS C 1203 -37.69 -52.90 21.89
N ASN C 1204 -38.44 -51.84 21.59
CA ASN C 1204 -39.89 -51.75 21.77
C ASN C 1204 -40.71 -52.71 20.91
N PRO C 1205 -41.71 -53.43 21.56
CA PRO C 1205 -42.46 -54.35 20.68
C PRO C 1205 -43.22 -53.70 19.53
N ARG C 1206 -43.78 -52.52 19.74
CA ARG C 1206 -44.54 -51.84 18.69
C ARG C 1206 -43.82 -51.38 17.43
N GLY C 1207 -42.53 -51.15 17.47
CA GLY C 1207 -41.81 -50.66 16.33
C GLY C 1207 -41.11 -49.34 16.54
N ARG C 1208 -41.48 -48.57 17.55
CA ARG C 1208 -40.96 -47.22 17.70
C ARG C 1208 -40.96 -46.85 19.18
N ALA C 1209 -39.98 -46.04 19.59
CA ALA C 1209 -39.83 -45.72 20.99
C ALA C 1209 -40.97 -44.84 21.46
N ALA C 1210 -41.70 -45.29 22.47
CA ALA C 1210 -42.85 -44.57 22.99
C ALA C 1210 -42.61 -43.82 24.28
N GLY C 1211 -41.41 -43.90 24.85
CA GLY C 1211 -41.22 -43.48 26.23
C GLY C 1211 -41.48 -42.01 26.45
N GLY C 1212 -41.60 -41.65 27.72
CA GLY C 1212 -41.63 -40.26 28.12
C GLY C 1212 -40.29 -39.88 28.70
N VAL C 1213 -39.43 -40.89 28.85
CA VAL C 1213 -38.04 -40.66 29.20
C VAL C 1213 -37.34 -39.89 28.10
N TYR C 1214 -37.75 -40.12 26.86
CA TYR C 1214 -37.11 -39.53 25.70
C TYR C 1214 -37.67 -38.18 25.33
N ALA C 1215 -38.80 -37.81 25.90
CA ALA C 1215 -39.47 -36.58 25.55
C ALA C 1215 -38.60 -35.37 25.88
N GLY C 1216 -38.75 -34.33 25.07
CA GLY C 1216 -37.92 -33.16 25.24
C GLY C 1216 -38.50 -32.06 26.07
N ASP C 1217 -39.72 -32.29 26.56
CA ASP C 1217 -40.45 -31.33 27.38
C ASP C 1217 -40.64 -30.02 26.70
N LYS C 1218 -40.97 -30.10 25.42
CA LYS C 1218 -41.21 -28.98 24.56
C LYS C 1218 -42.69 -28.81 24.37
N GLU C 1219 -43.49 -29.48 25.23
CA GLU C 1219 -44.97 -29.56 25.40
C GLU C 1219 -45.56 -30.82 24.83
N GLY C 1220 -45.84 -30.81 23.54
CA GLY C 1220 -46.33 -31.98 22.84
C GLY C 1220 -45.31 -33.02 22.39
N ASP C 1221 -44.09 -32.98 22.92
CA ASP C 1221 -43.06 -33.98 22.60
C ASP C 1221 -43.57 -35.40 22.72
N VAL C 1222 -43.91 -35.79 23.92
CA VAL C 1222 -44.53 -37.09 24.05
C VAL C 1222 -45.82 -36.89 23.29
N ILE C 1223 -46.19 -37.93 22.53
CA ILE C 1223 -47.32 -38.06 21.59
C ILE C 1223 -46.93 -37.51 20.23
N ALA C 1224 -45.64 -37.23 20.07
CA ALA C 1224 -45.06 -36.82 18.82
C ALA C 1224 -43.94 -37.80 18.98
N LEU C 1225 -43.32 -37.80 20.13
CA LEU C 1225 -42.29 -38.82 20.33
C LEU C 1225 -42.80 -40.17 19.90
N MET C 1226 -44.10 -40.34 19.84
CA MET C 1226 -44.72 -41.64 19.68
C MET C 1226 -45.26 -41.79 18.27
N TYR C 1227 -46.29 -41.02 17.91
CA TYR C 1227 -47.08 -41.24 16.72
C TYR C 1227 -46.74 -40.34 15.53
N ASP C 1228 -45.82 -39.40 15.68
CA ASP C 1228 -45.54 -38.46 14.60
C ASP C 1228 -44.51 -39.04 13.68
N HIS C 1229 -44.92 -40.04 12.94
CA HIS C 1229 -43.97 -40.70 12.04
C HIS C 1229 -43.42 -39.90 10.88
N GLY C 1230 -43.94 -38.71 10.62
CA GLY C 1230 -43.17 -37.75 9.84
C GLY C 1230 -41.75 -37.57 10.35
N GLN C 1231 -41.56 -37.64 11.66
CA GLN C 1231 -40.23 -37.63 12.25
C GLN C 1231 -39.61 -39.02 12.22
N SER C 1232 -38.49 -39.15 12.90
CA SER C 1232 -37.75 -40.39 13.00
C SER C 1232 -37.95 -41.01 14.37
N ASP C 1233 -37.36 -42.17 14.57
CA ASP C 1233 -37.53 -42.95 15.78
C ASP C 1233 -36.40 -42.63 16.73
N PRO C 1234 -36.67 -42.04 17.90
CA PRO C 1234 -35.57 -41.67 18.80
C PRO C 1234 -34.60 -42.79 19.08
N ALA C 1235 -35.15 -43.97 19.34
CA ALA C 1235 -34.33 -45.14 19.63
C ALA C 1235 -33.49 -45.53 18.43
N ARG C 1236 -34.05 -45.40 17.24
CA ARG C 1236 -33.35 -45.74 15.98
C ARG C 1236 -33.66 -44.52 15.19
N PRO C 1237 -32.73 -43.62 15.00
CA PRO C 1237 -33.11 -42.37 14.33
C PRO C 1237 -33.20 -42.48 12.83
N PHE C 1238 -32.58 -43.46 12.22
CA PHE C 1238 -32.54 -43.44 10.77
C PHE C 1238 -33.84 -43.86 10.12
N ALA C 1239 -34.77 -44.45 10.86
CA ALA C 1239 -36.03 -44.92 10.33
C ALA C 1239 -37.16 -44.35 11.17
N ALA C 1240 -38.38 -44.44 10.65
CA ALA C 1240 -39.53 -43.98 11.42
C ALA C 1240 -40.13 -45.11 12.25
N THR C 1241 -40.67 -46.14 11.67
CA THR C 1241 -41.25 -47.18 12.49
C THR C 1241 -40.63 -48.46 12.09
N ALA C 1242 -40.68 -49.48 12.93
CA ALA C 1242 -40.15 -50.76 12.46
C ALA C 1242 -41.36 -51.49 11.92
N ASN C 1243 -42.33 -51.69 12.79
CA ASN C 1243 -43.62 -52.20 12.41
C ASN C 1243 -44.55 -51.04 12.18
N PRO C 1244 -44.89 -50.72 10.92
CA PRO C 1244 -45.81 -49.61 10.67
C PRO C 1244 -47.23 -49.93 11.05
N TRP C 1245 -47.55 -51.20 11.22
CA TRP C 1245 -48.89 -51.66 11.53
C TRP C 1245 -49.17 -51.61 13.02
N ALA C 1246 -48.24 -51.11 13.81
CA ALA C 1246 -48.37 -51.06 15.25
C ALA C 1246 -48.05 -49.66 15.75
N SER C 1247 -46.85 -49.19 15.42
CA SER C 1247 -46.35 -47.93 15.96
C SER C 1247 -47.19 -46.72 15.58
N GLN C 1248 -48.15 -46.83 14.68
CA GLN C 1248 -48.90 -45.67 14.22
C GLN C 1248 -50.26 -45.59 14.91
N ARG C 1249 -50.72 -44.38 15.11
CA ARG C 1249 -52.04 -44.20 15.69
C ARG C 1249 -53.10 -44.65 14.70
N PHE C 1250 -54.09 -45.38 15.21
CA PHE C 1250 -55.17 -45.98 14.43
C PHE C 1250 -54.67 -47.07 13.50
N SER C 1251 -53.49 -47.56 13.80
CA SER C 1251 -52.87 -48.61 13.05
C SER C 1251 -53.47 -49.82 13.66
N TYR C 1252 -53.35 -50.96 13.03
CA TYR C 1252 -53.99 -52.16 13.53
C TYR C 1252 -53.56 -52.57 14.91
N GLY C 1253 -52.27 -52.51 15.17
CA GLY C 1253 -51.75 -52.89 16.47
C GLY C 1253 -52.27 -51.97 17.52
N ASP C 1254 -52.32 -50.69 17.19
CA ASP C 1254 -52.78 -49.69 18.12
C ASP C 1254 -54.20 -50.02 18.46
N LEU C 1255 -55.02 -50.31 17.45
CA LEU C 1255 -56.40 -50.62 17.71
C LEU C 1255 -56.53 -51.83 18.59
N LEU C 1256 -55.73 -52.84 18.33
CA LEU C 1256 -55.80 -54.04 19.15
C LEU C 1256 -55.33 -53.93 20.58
N TYR C 1257 -54.22 -53.22 20.83
CA TYR C 1257 -53.68 -53.23 22.20
C TYR C 1257 -53.82 -52.01 23.07
N ASN C 1258 -54.11 -50.89 22.46
CA ASN C 1258 -54.29 -49.65 23.20
C ASN C 1258 -55.51 -49.78 24.09
N GLY C 1259 -55.46 -49.09 25.23
CA GLY C 1259 -56.47 -49.25 26.24
C GLY C 1259 -57.65 -48.32 26.09
N ALA C 1260 -57.45 -47.21 25.40
CA ALA C 1260 -58.57 -46.31 25.13
C ALA C 1260 -59.68 -47.04 24.39
N TYR C 1261 -59.33 -47.99 23.53
CA TYR C 1261 -60.30 -48.77 22.79
C TYR C 1261 -60.86 -49.92 23.60
N HIS C 1262 -60.02 -50.57 24.40
CA HIS C 1262 -60.38 -51.66 25.31
C HIS C 1262 -61.34 -52.68 24.71
N LEU C 1263 -60.90 -53.41 23.69
CA LEU C 1263 -61.78 -54.48 23.26
C LEU C 1263 -61.75 -55.42 24.44
N ASN C 1264 -60.54 -55.69 24.93
CA ASN C 1264 -60.36 -56.50 26.08
C ASN C 1264 -60.63 -55.58 27.23
N GLY C 1265 -61.11 -56.15 28.31
CA GLY C 1265 -61.59 -55.38 29.43
C GLY C 1265 -62.69 -56.24 29.98
N ALA C 1266 -63.44 -56.94 29.14
CA ALA C 1266 -64.40 -57.91 29.55
C ALA C 1266 -63.66 -59.09 30.13
N SER C 1267 -62.51 -59.44 29.53
CA SER C 1267 -61.70 -60.58 29.93
C SER C 1267 -60.71 -60.26 30.99
N PRO C 1268 -60.50 -61.20 31.90
CA PRO C 1268 -59.63 -61.15 33.08
C PRO C 1268 -58.15 -61.32 32.79
N VAL C 1269 -57.78 -61.81 31.62
CA VAL C 1269 -56.40 -62.20 31.36
C VAL C 1269 -55.57 -60.97 31.05
N LEU C 1270 -54.32 -60.96 31.51
CA LEU C 1270 -53.46 -59.80 31.29
C LEU C 1270 -53.06 -59.69 29.82
N SER C 1271 -52.92 -58.46 29.37
CA SER C 1271 -52.35 -58.15 28.07
C SER C 1271 -50.96 -57.58 28.26
N PRO C 1272 -49.90 -58.34 27.94
CA PRO C 1272 -48.56 -57.75 27.98
C PRO C 1272 -48.43 -56.45 27.20
N CYS C 1273 -49.10 -56.33 26.08
CA CYS C 1273 -48.93 -55.20 25.20
C CYS C 1273 -49.69 -53.98 25.68
N PHE C 1274 -50.68 -54.16 26.54
CA PHE C 1274 -51.38 -53.00 27.08
C PHE C 1274 -50.43 -52.05 27.73
N LYS C 1275 -49.28 -52.51 28.19
CA LYS C 1275 -48.29 -51.59 28.75
C LYS C 1275 -47.64 -50.63 27.74
N PHE C 1276 -47.27 -51.15 26.57
CA PHE C 1276 -46.67 -50.43 25.42
C PHE C 1276 -47.55 -49.53 24.57
N PHE C 1277 -48.77 -49.96 24.29
CA PHE C 1277 -49.66 -49.14 23.50
C PHE C 1277 -50.60 -48.55 24.51
N THR C 1278 -50.55 -47.25 24.71
CA THR C 1278 -51.43 -46.55 25.64
C THR C 1278 -50.77 -45.22 25.91
N ALA C 1279 -50.94 -44.30 24.98
CA ALA C 1279 -50.34 -42.98 25.12
C ALA C 1279 -50.89 -42.30 26.34
N ALA C 1280 -52.16 -42.52 26.64
CA ALA C 1280 -52.80 -41.87 27.76
C ALA C 1280 -52.03 -42.21 29.02
N ASP C 1281 -51.57 -43.45 29.09
CA ASP C 1281 -50.80 -43.93 30.21
C ASP C 1281 -49.35 -43.55 30.05
N ILE C 1282 -48.83 -43.65 28.84
CA ILE C 1282 -47.43 -43.33 28.64
C ILE C 1282 -47.17 -41.85 28.96
N THR C 1283 -48.07 -40.98 28.53
CA THR C 1283 -47.98 -39.54 28.74
C THR C 1283 -48.20 -39.02 30.16
N ALA C 1284 -49.18 -39.61 30.84
CA ALA C 1284 -49.59 -39.18 32.16
C ALA C 1284 -48.44 -39.09 33.15
N LYS C 1285 -47.33 -39.78 32.91
CA LYS C 1285 -46.27 -39.83 33.91
C LYS C 1285 -45.53 -38.49 33.96
N HIS C 1286 -44.57 -38.40 34.87
CA HIS C 1286 -43.69 -37.24 34.90
C HIS C 1286 -42.36 -37.61 34.27
N ARG C 1287 -41.53 -36.60 34.06
CA ARG C 1287 -40.30 -36.83 33.34
C ARG C 1287 -39.05 -36.87 34.21
N CYS C 1288 -39.12 -36.60 35.50
CA CYS C 1288 -37.90 -36.34 36.25
C CYS C 1288 -37.31 -37.66 36.71
N LEU C 1289 -36.12 -37.99 36.20
CA LEU C 1289 -35.50 -39.27 36.49
C LEU C 1289 -35.15 -39.43 37.96
N GLU C 1290 -34.97 -38.32 38.67
CA GLU C 1290 -34.74 -38.35 40.11
C GLU C 1290 -35.71 -39.29 40.77
N ARG C 1291 -37.00 -38.98 40.69
CA ARG C 1291 -38.01 -39.92 41.13
C ARG C 1291 -37.95 -41.19 40.31
N LEU C 1292 -38.12 -41.06 38.99
CA LEU C 1292 -38.53 -42.21 38.17
C LEU C 1292 -37.73 -43.46 38.46
N ILE C 1293 -36.50 -43.32 38.95
CA ILE C 1293 -35.77 -44.52 39.28
C ILE C 1293 -36.23 -45.09 40.63
N VAL C 1294 -36.64 -44.26 41.58
CA VAL C 1294 -37.01 -44.83 42.86
C VAL C 1294 -38.40 -45.45 42.78
N GLU C 1295 -39.26 -44.95 41.90
CA GLU C 1295 -40.55 -45.60 41.72
C GLU C 1295 -40.47 -46.79 40.80
N THR C 1296 -39.30 -47.08 40.24
CA THR C 1296 -39.13 -48.34 39.55
C THR C 1296 -38.86 -49.47 40.52
N GLY C 1297 -38.05 -49.24 41.54
CA GLY C 1297 -37.81 -50.27 42.52
C GLY C 1297 -39.09 -50.84 43.09
N SER C 1298 -40.10 -50.01 43.19
CA SER C 1298 -41.32 -50.47 43.73
C SER C 1298 -42.49 -50.10 42.89
N ALA C 1299 -42.58 -50.69 41.71
CA ALA C 1299 -43.68 -50.46 40.83
C ALA C 1299 -44.81 -51.40 41.23
N VAL C 1300 -46.01 -51.16 40.74
CA VAL C 1300 -47.08 -52.08 41.05
C VAL C 1300 -47.26 -52.87 39.79
N SER C 1301 -47.09 -54.17 39.83
CA SER C 1301 -47.19 -54.94 38.60
C SER C 1301 -48.58 -54.97 38.06
N THR C 1302 -48.73 -54.99 36.74
CA THR C 1302 -50.03 -55.13 36.11
C THR C 1302 -50.62 -56.53 36.25
N ALA C 1303 -49.89 -57.47 36.80
CA ALA C 1303 -50.33 -58.85 36.90
C ALA C 1303 -50.56 -59.24 38.35
N THR C 1304 -50.96 -60.50 38.54
CA THR C 1304 -50.93 -61.13 39.84
C THR C 1304 -50.23 -62.46 39.73
N ALA C 1305 -49.56 -62.84 40.80
CA ALA C 1305 -48.95 -64.15 40.89
C ALA C 1305 -49.88 -65.16 41.53
N ALA C 1306 -51.10 -64.78 41.85
CA ALA C 1306 -52.00 -65.63 42.59
C ALA C 1306 -52.97 -66.42 41.71
N SER C 1307 -52.94 -66.23 40.41
CA SER C 1307 -53.89 -66.95 39.56
C SER C 1307 -53.19 -68.07 38.81
N ASP C 1308 -53.99 -68.91 38.15
CA ASP C 1308 -53.41 -70.03 37.41
C ASP C 1308 -52.89 -69.58 36.06
N VAL C 1309 -53.66 -68.77 35.37
CA VAL C 1309 -53.22 -68.03 34.20
C VAL C 1309 -52.94 -66.62 34.68
N GLN C 1310 -51.95 -65.95 34.09
CA GLN C 1310 -51.63 -64.66 34.67
C GLN C 1310 -52.71 -63.68 34.30
N PHE C 1311 -53.40 -63.17 35.31
CA PHE C 1311 -54.49 -62.25 35.08
C PHE C 1311 -53.97 -60.83 35.11
N LYS C 1312 -54.89 -59.92 34.83
CA LYS C 1312 -54.62 -58.51 34.94
C LYS C 1312 -54.81 -58.13 36.38
N ARG C 1313 -53.93 -57.30 36.92
CA ARG C 1313 -53.96 -57.04 38.34
C ARG C 1313 -55.30 -56.44 38.70
N PRO C 1314 -56.07 -57.05 39.58
CA PRO C 1314 -57.34 -56.51 39.97
C PRO C 1314 -57.15 -55.26 40.82
N PRO C 1315 -58.25 -54.57 41.10
CA PRO C 1315 -58.47 -53.29 41.77
C PRO C 1315 -58.01 -53.19 43.20
N GLY C 1316 -58.26 -54.23 43.97
CA GLY C 1316 -57.84 -54.22 45.34
C GLY C 1316 -56.57 -55.02 45.42
N CYS C 1317 -55.59 -54.42 46.09
CA CYS C 1317 -54.22 -54.90 46.39
C CYS C 1317 -53.08 -54.53 45.43
N ARG C 1318 -51.91 -54.42 46.05
CA ARG C 1318 -50.68 -54.00 45.41
C ARG C 1318 -49.72 -55.13 45.43
N GLU C 1319 -48.79 -55.03 44.53
CA GLU C 1319 -47.78 -56.02 44.25
C GLU C 1319 -46.41 -55.54 44.72
N LEU C 1320 -45.98 -54.40 44.20
CA LEU C 1320 -44.64 -53.85 44.39
C LEU C 1320 -43.60 -54.79 43.78
N VAL C 1321 -43.66 -54.84 42.46
CA VAL C 1321 -42.69 -55.52 41.63
C VAL C 1321 -41.61 -54.49 41.36
N GLU C 1322 -40.67 -54.79 40.46
CA GLU C 1322 -39.62 -53.87 40.10
C GLU C 1322 -39.80 -53.32 38.70
N ASP C 1323 -39.84 -54.16 37.68
CA ASP C 1323 -40.40 -53.70 36.40
C ASP C 1323 -39.64 -52.56 35.74
N PRO C 1324 -38.48 -52.80 35.15
CA PRO C 1324 -37.80 -51.74 34.41
C PRO C 1324 -38.53 -51.37 33.14
N CYS C 1325 -39.19 -52.33 32.50
CA CYS C 1325 -39.77 -52.10 31.18
C CYS C 1325 -40.73 -50.94 31.17
N GLY C 1326 -41.27 -50.54 32.31
CA GLY C 1326 -42.13 -49.38 32.37
C GLY C 1326 -41.38 -48.07 32.38
N LEU C 1327 -40.13 -48.08 32.80
CA LEU C 1327 -39.31 -46.87 32.73
C LEU C 1327 -38.67 -46.81 31.34
N PHE C 1328 -37.78 -47.76 31.05
CA PHE C 1328 -37.03 -47.73 29.80
C PHE C 1328 -37.92 -47.91 28.60
N GLN C 1329 -39.13 -48.40 28.77
CA GLN C 1329 -40.06 -48.54 27.65
C GLN C 1329 -39.47 -49.50 26.62
N GLU C 1330 -39.34 -50.77 27.04
CA GLU C 1330 -38.53 -51.74 26.30
C GLU C 1330 -39.02 -53.14 26.61
N ALA C 1331 -38.59 -54.08 25.77
CA ALA C 1331 -38.83 -55.49 26.01
C ALA C 1331 -37.62 -56.29 25.52
N TYR C 1332 -37.18 -57.14 26.29
CA TYR C 1332 -35.91 -57.81 26.12
C TYR C 1332 -36.05 -59.12 25.36
N PRO C 1333 -35.10 -59.43 24.48
CA PRO C 1333 -35.13 -60.72 23.79
C PRO C 1333 -34.79 -61.89 24.72
N ILE C 1334 -35.15 -63.08 24.26
CA ILE C 1334 -34.77 -64.33 24.89
C ILE C 1334 -34.04 -65.16 23.85
N THR C 1335 -33.31 -66.15 24.33
CA THR C 1335 -32.65 -67.06 23.41
C THR C 1335 -33.72 -67.90 22.73
N CYS C 1336 -33.79 -67.80 21.41
CA CYS C 1336 -34.78 -68.53 20.66
C CYS C 1336 -34.23 -68.76 19.27
N ALA C 1337 -34.88 -69.65 18.54
CA ALA C 1337 -34.55 -69.86 17.15
C ALA C 1337 -35.81 -70.29 16.43
N SER C 1338 -35.70 -70.40 15.12
CA SER C 1338 -36.71 -71.07 14.33
C SER C 1338 -36.37 -72.52 14.05
N ASP C 1339 -35.25 -73.02 14.58
CA ASP C 1339 -34.79 -74.39 14.52
C ASP C 1339 -34.47 -74.92 15.91
N PRO C 1340 -34.65 -76.22 16.14
CA PRO C 1340 -33.96 -76.83 17.27
C PRO C 1340 -32.46 -76.88 17.08
N ALA C 1341 -31.98 -77.08 15.86
CA ALA C 1341 -30.55 -77.20 15.66
C ALA C 1341 -29.84 -75.86 15.74
N LEU C 1342 -30.51 -74.77 15.38
CA LEU C 1342 -29.95 -73.48 15.74
C LEU C 1342 -29.96 -73.32 17.24
N LEU C 1343 -31.09 -73.63 17.88
CA LEU C 1343 -31.19 -73.46 19.31
C LEU C 1343 -30.19 -74.34 20.05
N ARG C 1344 -29.99 -75.56 19.57
CA ARG C 1344 -28.92 -76.39 20.14
C ARG C 1344 -27.59 -75.67 20.09
N SER C 1345 -27.34 -74.90 19.03
CA SER C 1345 -26.04 -74.29 18.84
C SER C 1345 -25.69 -73.39 20.01
N ALA C 1346 -26.73 -72.77 20.53
CA ALA C 1346 -26.79 -71.84 21.63
C ALA C 1346 -26.44 -72.30 23.00
N ARG C 1347 -26.73 -73.52 23.41
CA ARG C 1347 -26.44 -73.87 24.78
C ARG C 1347 -24.99 -74.19 24.88
N ASP C 1348 -24.24 -73.12 25.22
CA ASP C 1348 -22.77 -72.96 25.33
C ASP C 1348 -22.53 -71.47 25.12
N GLY C 1349 -23.60 -70.69 25.15
CA GLY C 1349 -23.53 -69.26 25.00
C GLY C 1349 -23.18 -68.81 23.59
N GLU C 1350 -23.21 -67.49 23.43
CA GLU C 1350 -23.28 -66.79 22.17
C GLU C 1350 -22.01 -66.86 21.36
N ALA C 1351 -20.94 -67.47 21.86
CA ALA C 1351 -19.71 -67.54 21.10
C ALA C 1351 -19.94 -68.17 19.73
N HIS C 1352 -20.17 -69.47 19.71
CA HIS C 1352 -20.33 -70.22 18.48
C HIS C 1352 -21.78 -70.41 18.07
N ALA C 1353 -22.71 -69.75 18.75
CA ALA C 1353 -24.11 -69.81 18.35
C ALA C 1353 -24.26 -69.54 16.87
N ARG C 1354 -25.05 -70.35 16.18
CA ARG C 1354 -25.35 -70.07 14.79
C ARG C 1354 -26.39 -68.98 14.78
N GLU C 1355 -26.04 -67.82 14.25
CA GLU C 1355 -27.01 -66.74 14.29
C GLU C 1355 -28.01 -66.89 13.16
N THR C 1356 -27.57 -67.33 12.00
CA THR C 1356 -28.44 -67.51 10.84
C THR C 1356 -27.96 -68.69 10.02
N HIS C 1357 -28.91 -69.46 9.49
CA HIS C 1357 -28.64 -70.50 8.52
C HIS C 1357 -29.74 -70.43 7.47
N PHE C 1358 -29.36 -70.10 6.24
CA PHE C 1358 -30.33 -69.89 5.18
C PHE C 1358 -31.45 -69.00 5.70
N THR C 1359 -32.69 -69.43 5.56
CA THR C 1359 -33.82 -68.64 6.04
C THR C 1359 -34.14 -68.84 7.51
N GLN C 1360 -33.35 -69.64 8.21
CA GLN C 1360 -33.56 -69.91 9.62
C GLN C 1360 -32.68 -68.96 10.42
N TYR C 1361 -33.21 -68.46 11.53
CA TYR C 1361 -32.50 -67.47 12.31
C TYR C 1361 -32.46 -67.87 13.77
N LEU C 1362 -31.44 -67.39 14.47
CA LEU C 1362 -31.34 -67.53 15.90
C LEU C 1362 -31.16 -66.16 16.54
N ILE C 1363 -31.70 -66.02 17.73
CA ILE C 1363 -31.63 -64.80 18.50
C ILE C 1363 -31.12 -65.16 19.87
N TYR C 1364 -29.94 -64.68 20.22
CA TYR C 1364 -29.42 -64.97 21.53
C TYR C 1364 -29.98 -63.94 22.52
N ASP C 1365 -29.71 -64.18 23.80
CA ASP C 1365 -30.38 -63.48 24.89
C ASP C 1365 -29.71 -62.14 25.16
N ALA C 1366 -30.48 -61.07 25.11
CA ALA C 1366 -30.04 -59.77 25.58
C ALA C 1366 -31.09 -59.27 26.55
N SER C 1367 -30.74 -59.23 27.81
CA SER C 1367 -31.75 -59.18 28.86
C SER C 1367 -31.03 -59.16 30.19
N PRO C 1368 -31.63 -58.63 31.25
CA PRO C 1368 -31.00 -58.73 32.57
C PRO C 1368 -30.73 -60.15 33.00
N LEU C 1369 -31.36 -61.12 32.36
CA LEU C 1369 -31.20 -62.52 32.71
C LEU C 1369 -30.05 -63.18 31.99
N LYS C 1370 -29.45 -62.54 30.99
CA LYS C 1370 -28.34 -63.17 30.28
C LYS C 1370 -27.22 -63.42 31.25
N GLY C 1371 -26.51 -64.52 31.05
CA GLY C 1371 -25.42 -64.89 31.92
C GLY C 1371 -25.82 -65.62 33.18
N LEU C 1372 -27.09 -65.57 33.56
CA LEU C 1372 -27.56 -66.29 34.73
C LEU C 1372 -27.89 -67.73 34.34
N SER C 1373 -28.27 -68.53 35.34
CA SER C 1373 -28.50 -69.95 35.12
C SER C 1373 -29.92 -70.20 34.62
N LEU C 1374 -30.90 -69.95 35.48
CA LEU C 1374 -32.31 -70.19 35.18
C LEU C 1374 -32.74 -69.62 33.83
N ARG D 6 -64.70 -23.38 55.62
CA ARG D 6 -66.05 -22.82 55.51
C ARG D 6 -66.59 -22.47 56.89
N ASP D 7 -65.72 -22.55 57.90
CA ASP D 7 -66.08 -22.27 59.29
C ASP D 7 -64.88 -21.67 59.98
N PRO D 8 -65.10 -20.86 61.03
CA PRO D 8 -63.97 -20.30 61.76
C PRO D 8 -63.24 -21.38 62.53
N PRO D 9 -61.98 -21.11 62.93
CA PRO D 9 -61.21 -22.15 63.64
C PRO D 9 -61.86 -22.67 64.90
N GLY D 10 -62.85 -21.97 65.43
CA GLY D 10 -63.64 -22.50 66.51
C GLY D 10 -63.23 -21.94 67.85
N TYR D 11 -63.71 -22.63 68.87
CA TYR D 11 -63.62 -22.19 70.25
C TYR D 11 -62.53 -23.00 70.94
N ARG D 12 -61.83 -22.36 71.86
CA ARG D 12 -60.75 -22.98 72.61
C ARG D 12 -61.29 -23.42 73.96
N TYR D 13 -61.35 -24.72 74.17
CA TYR D 13 -61.84 -25.23 75.43
C TYR D 13 -60.76 -25.32 76.48
N ALA D 14 -59.51 -25.36 76.00
CA ALA D 14 -58.31 -25.39 76.82
C ALA D 14 -58.14 -24.05 77.49
N ALA D 15 -58.32 -23.00 76.71
CA ALA D 15 -58.30 -21.66 77.21
C ALA D 15 -59.71 -21.68 77.65
N ALA D 16 -60.08 -20.89 78.63
CA ALA D 16 -61.42 -20.87 79.17
C ALA D 16 -61.55 -21.96 80.20
N MET D 17 -60.55 -22.84 80.29
CA MET D 17 -60.56 -23.84 81.37
C MET D 17 -60.25 -22.90 82.53
N VAL D 18 -59.28 -22.02 82.25
CA VAL D 18 -58.98 -20.85 83.05
C VAL D 18 -59.57 -19.62 82.36
N PRO D 19 -60.64 -19.02 82.86
CA PRO D 19 -61.13 -17.78 82.25
C PRO D 19 -60.35 -16.58 82.75
N THR D 20 -60.37 -15.53 81.94
CA THR D 20 -59.77 -14.25 82.31
C THR D 20 -60.78 -13.25 82.85
N GLY D 21 -62.03 -13.64 83.01
CA GLY D 21 -63.01 -12.69 83.51
C GLY D 21 -64.35 -13.36 83.67
N SER D 22 -65.33 -12.58 84.11
CA SER D 22 -66.68 -13.05 84.32
C SER D 22 -67.65 -12.25 83.47
N ILE D 23 -68.63 -12.95 82.94
CA ILE D 23 -69.78 -12.30 82.32
C ILE D 23 -70.79 -12.05 83.42
N LEU D 24 -71.17 -10.80 83.60
CA LEU D 24 -72.00 -10.45 84.73
C LEU D 24 -73.48 -10.64 84.47
N SER D 25 -73.89 -10.81 83.23
CA SER D 25 -75.30 -10.90 82.95
C SER D 25 -75.78 -12.35 82.99
N THR D 26 -77.10 -12.52 82.88
CA THR D 26 -77.71 -13.80 82.55
C THR D 26 -78.80 -13.51 81.52
N ILE D 27 -78.60 -13.98 80.30
CA ILE D 27 -79.59 -13.83 79.24
C ILE D 27 -79.57 -15.10 78.39
N GLU D 28 -80.47 -15.15 77.42
CA GLU D 28 -80.49 -16.23 76.44
C GLU D 28 -79.72 -15.75 75.23
N VAL D 29 -78.59 -16.40 74.95
CA VAL D 29 -77.69 -15.86 73.95
C VAL D 29 -78.16 -16.18 72.53
N ALA D 30 -79.06 -17.15 72.36
CA ALA D 30 -79.56 -17.45 71.02
C ALA D 30 -80.24 -16.25 70.39
N SER D 31 -80.84 -15.38 71.20
CA SER D 31 -81.51 -14.21 70.63
C SER D 31 -80.50 -13.26 69.99
N HIS D 32 -79.31 -13.20 70.55
CA HIS D 32 -78.24 -12.34 70.09
C HIS D 32 -77.29 -13.06 69.15
N ARG D 33 -77.69 -14.23 68.67
CA ARG D 33 -76.92 -15.08 67.77
C ARG D 33 -76.24 -14.33 66.64
N ARG D 34 -76.85 -13.26 66.15
CA ARG D 34 -76.34 -12.52 65.01
C ARG D 34 -75.17 -11.62 65.37
N LEU D 35 -74.77 -11.62 66.64
CA LEU D 35 -73.71 -10.77 67.15
C LEU D 35 -72.34 -11.43 67.18
N PHE D 36 -72.24 -12.73 66.89
CA PHE D 36 -71.02 -13.49 67.15
C PHE D 36 -70.41 -14.04 65.87
N ASP D 37 -69.11 -14.31 65.95
CA ASP D 37 -68.39 -14.96 64.86
C ASP D 37 -68.55 -16.46 64.89
N PHE D 38 -68.49 -17.06 66.07
CA PHE D 38 -68.64 -18.50 66.25
C PHE D 38 -69.57 -18.74 67.40
N PHE D 39 -70.70 -19.39 67.15
CA PHE D 39 -71.66 -19.70 68.19
C PHE D 39 -71.97 -21.18 68.13
N ALA D 40 -71.74 -21.88 69.23
CA ALA D 40 -72.13 -23.27 69.38
C ALA D 40 -73.00 -23.41 70.61
N ARG D 41 -74.03 -24.22 70.52
CA ARG D 41 -74.92 -24.47 71.64
C ARG D 41 -75.06 -25.97 71.83
N VAL D 42 -74.55 -26.47 72.93
CA VAL D 42 -74.63 -27.88 73.21
C VAL D 42 -75.58 -28.03 74.36
N ARG D 43 -76.50 -28.96 74.27
CA ARG D 43 -77.43 -29.16 75.36
C ARG D 43 -76.90 -30.24 76.26
N SER D 44 -76.54 -29.87 77.48
CA SER D 44 -76.09 -30.83 78.46
C SER D 44 -74.93 -31.71 78.04
N ASP D 45 -73.95 -31.12 77.37
CA ASP D 45 -72.75 -31.84 76.90
C ASP D 45 -72.77 -32.41 75.46
N GLU D 46 -71.59 -32.65 74.94
CA GLU D 46 -71.40 -33.09 73.57
C GLU D 46 -69.96 -33.54 73.45
N ASN D 47 -69.73 -34.32 72.40
CA ASN D 47 -68.46 -34.96 72.04
C ASN D 47 -67.25 -34.14 71.65
N SER D 48 -67.46 -33.07 70.90
CA SER D 48 -66.37 -32.22 70.46
C SER D 48 -65.65 -31.49 71.60
N LEU D 49 -66.33 -31.27 72.70
CA LEU D 49 -65.72 -30.59 73.82
C LEU D 49 -64.51 -31.32 74.33
N TYR D 50 -64.56 -32.65 74.30
CA TYR D 50 -63.49 -33.49 74.86
C TYR D 50 -62.35 -33.86 73.98
N ASP D 51 -62.28 -33.29 72.81
CA ASP D 51 -61.16 -33.67 71.96
C ASP D 51 -59.94 -32.79 72.17
N VAL D 52 -58.79 -33.42 72.08
CA VAL D 52 -57.52 -32.72 71.91
C VAL D 52 -56.87 -33.24 70.63
N GLU D 53 -56.50 -32.32 69.75
CA GLU D 53 -55.74 -32.65 68.56
C GLU D 53 -54.70 -31.56 68.37
N PHE D 54 -53.44 -31.95 68.24
CA PHE D 54 -52.37 -31.01 68.03
C PHE D 54 -51.62 -31.40 66.79
N ASP D 55 -50.63 -30.59 66.44
CA ASP D 55 -49.69 -30.93 65.39
C ASP D 55 -48.30 -30.58 65.86
N ALA D 56 -47.33 -31.40 65.50
CA ALA D 56 -46.02 -31.32 66.10
C ALA D 56 -45.01 -30.83 65.09
N LEU D 57 -44.05 -30.07 65.57
CA LEU D 57 -42.80 -29.84 64.86
C LEU D 57 -41.81 -30.83 65.47
N LEU D 58 -41.41 -31.81 64.69
CA LEU D 58 -40.60 -32.91 65.16
C LEU D 58 -39.13 -32.60 65.05
N GLY D 59 -38.79 -31.35 64.77
CA GLY D 59 -37.43 -30.87 64.81
C GLY D 59 -36.86 -30.44 63.48
N SER D 60 -35.88 -29.54 63.55
CA SER D 60 -35.28 -28.89 62.41
C SER D 60 -33.86 -29.40 62.22
N TYR D 61 -33.48 -29.54 60.98
CA TYR D 61 -32.18 -30.03 60.63
C TYR D 61 -31.61 -29.01 59.72
N CYS D 62 -30.42 -28.54 60.00
CA CYS D 62 -29.79 -27.53 59.19
C CYS D 62 -28.36 -27.93 58.99
N ASN D 63 -27.89 -28.07 57.75
CA ASN D 63 -26.50 -28.43 57.57
C ASN D 63 -25.65 -27.20 57.82
N THR D 64 -24.38 -27.37 58.14
CA THR D 64 -23.54 -26.22 58.33
C THR D 64 -22.59 -26.41 57.17
N LEU D 65 -22.54 -25.47 56.22
CA LEU D 65 -21.65 -25.69 55.11
C LEU D 65 -20.27 -25.57 55.67
N SER D 66 -19.46 -26.60 55.45
CA SER D 66 -18.10 -26.58 55.95
C SER D 66 -17.28 -25.56 55.18
N LEU D 67 -16.56 -24.72 55.91
CA LEU D 67 -15.66 -23.76 55.31
C LEU D 67 -14.31 -24.42 55.12
N VAL D 68 -13.89 -24.57 53.88
CA VAL D 68 -12.65 -25.24 53.54
C VAL D 68 -11.62 -24.17 53.21
N ARG D 69 -10.49 -24.19 53.90
CA ARG D 69 -9.46 -23.29 53.44
C ARG D 69 -8.80 -23.90 52.22
N PHE D 70 -7.98 -23.11 51.57
CA PHE D 70 -7.18 -23.69 50.51
C PHE D 70 -5.88 -24.28 51.03
N LEU D 71 -5.27 -23.65 52.01
CA LEU D 71 -3.97 -24.08 52.49
C LEU D 71 -4.03 -25.49 53.07
N GLU D 72 -5.18 -25.90 53.58
CA GLU D 72 -5.33 -27.25 54.11
C GLU D 72 -6.00 -28.02 53.00
N LEU D 73 -5.20 -28.73 52.22
CA LEU D 73 -5.64 -29.33 50.98
C LEU D 73 -4.42 -29.88 50.25
N GLY D 74 -4.61 -30.78 49.30
CA GLY D 74 -3.46 -31.41 48.67
C GLY D 74 -2.84 -30.53 47.63
N LEU D 75 -3.67 -29.78 46.93
CA LEU D 75 -3.25 -29.03 45.76
C LEU D 75 -2.48 -27.76 46.10
N SER D 76 -2.39 -27.39 47.35
CA SER D 76 -1.65 -26.20 47.69
C SER D 76 -0.15 -26.43 47.84
N VAL D 77 0.32 -27.65 47.59
CA VAL D 77 1.76 -27.86 47.43
C VAL D 77 2.20 -27.52 46.02
N ALA D 78 1.31 -27.60 45.05
CA ALA D 78 1.65 -27.38 43.65
C ALA D 78 1.70 -25.93 43.29
N CYS D 79 1.54 -25.05 44.27
CA CYS D 79 1.57 -23.61 44.04
C CYS D 79 2.33 -22.95 45.17
N VAL D 80 2.90 -21.79 44.91
CA VAL D 80 3.43 -20.96 45.98
C VAL D 80 2.52 -19.75 46.05
N CYS D 81 1.60 -19.74 47.00
CA CYS D 81 0.62 -18.66 47.06
C CYS D 81 1.14 -17.58 47.98
N THR D 82 1.05 -16.33 47.53
CA THR D 82 1.44 -15.21 48.36
C THR D 82 0.40 -14.10 48.19
N LYS D 83 0.16 -13.37 49.26
CA LYS D 83 -0.78 -12.26 49.22
C LYS D 83 -0.02 -11.00 48.84
N PHE D 84 -0.57 -10.26 47.89
CA PHE D 84 0.08 -9.07 47.33
C PHE D 84 -0.98 -7.98 47.27
N PRO D 85 -1.14 -7.20 48.34
CA PRO D 85 -2.22 -6.21 48.41
C PRO D 85 -2.32 -5.27 47.23
N GLU D 86 -1.20 -4.88 46.64
CA GLU D 86 -1.15 -3.89 45.58
C GLU D 86 -1.34 -4.52 44.21
N LEU D 87 -1.72 -5.79 44.16
CA LEU D 87 -1.98 -6.47 42.91
C LEU D 87 -2.90 -5.64 42.03
N ALA D 88 -3.82 -4.90 42.65
CA ALA D 88 -4.74 -4.07 41.88
C ALA D 88 -4.00 -3.03 41.05
N TYR D 89 -2.90 -2.51 41.55
CA TYR D 89 -2.17 -1.44 40.89
C TYR D 89 -1.06 -1.91 39.97
N MET D 90 -0.71 -3.17 40.00
CA MET D 90 0.49 -3.55 39.38
C MET D 90 0.69 -3.29 37.95
N ASN D 91 -0.31 -3.55 37.17
CA ASN D 91 -0.32 -3.44 35.72
C ASN D 91 0.53 -4.53 35.04
N GLU D 92 1.85 -4.57 35.20
CA GLU D 92 2.60 -5.67 34.60
C GLU D 92 3.64 -6.25 35.50
N GLY D 93 3.68 -7.56 35.65
CA GLY D 93 4.68 -8.12 36.52
C GLY D 93 5.40 -9.20 35.84
N ARG D 94 6.64 -9.45 36.22
CA ARG D 94 7.33 -10.52 35.51
C ARG D 94 8.34 -11.20 36.41
N VAL D 95 8.74 -12.42 36.02
CA VAL D 95 9.73 -13.19 36.76
C VAL D 95 10.85 -13.49 35.77
N GLN D 96 12.09 -13.09 36.06
CA GLN D 96 13.20 -13.31 35.11
C GLN D 96 13.84 -14.65 34.71
N PHE D 97 14.08 -15.58 35.62
CA PHE D 97 14.65 -16.88 35.21
C PHE D 97 16.02 -17.08 34.49
N GLU D 98 17.16 -16.88 35.16
CA GLU D 98 18.40 -17.23 34.46
C GLU D 98 18.79 -18.69 34.71
N VAL D 99 19.34 -19.34 33.68
CA VAL D 99 19.90 -20.68 33.86
C VAL D 99 21.18 -20.83 33.05
N HIS D 100 22.09 -21.64 33.58
CA HIS D 100 23.42 -21.84 33.06
C HIS D 100 23.63 -23.31 32.81
N GLN D 101 24.33 -23.65 31.73
CA GLN D 101 24.31 -25.05 31.37
C GLN D 101 25.71 -25.67 31.42
N PRO D 102 25.81 -26.91 31.86
CA PRO D 102 27.12 -27.57 31.91
C PRO D 102 27.52 -28.07 30.54
N LEU D 103 28.82 -28.30 30.38
CA LEU D 103 29.30 -28.83 29.12
C LEU D 103 30.34 -29.91 29.38
N ILE D 104 30.56 -30.71 28.35
CA ILE D 104 31.50 -31.82 28.38
C ILE D 104 32.62 -31.50 27.39
N ALA D 105 33.85 -31.80 27.77
CA ALA D 105 34.99 -31.50 26.92
C ALA D 105 35.26 -32.67 26.00
N ARG D 106 35.10 -32.47 24.71
CA ARG D 106 35.19 -33.51 23.71
C ARG D 106 36.61 -33.59 23.16
N ASP D 107 37.01 -34.77 22.73
CA ASP D 107 38.31 -34.90 22.11
C ASP D 107 38.08 -35.37 20.70
N GLY D 108 38.67 -34.71 19.73
CA GLY D 108 38.50 -35.15 18.36
C GLY D 108 38.05 -34.10 17.39
N PRO D 109 37.58 -34.57 16.17
CA PRO D 109 37.11 -33.53 15.26
C PRO D 109 35.69 -33.20 15.64
N HIS D 110 35.53 -32.70 16.86
CA HIS D 110 34.24 -32.31 17.40
C HIS D 110 34.49 -30.84 17.63
N PRO D 111 33.61 -29.98 17.16
CA PRO D 111 33.85 -28.55 17.37
C PRO D 111 33.76 -28.16 18.83
N VAL D 112 34.76 -27.40 19.29
CA VAL D 112 34.91 -27.16 20.71
C VAL D 112 33.72 -26.38 21.25
N GLU D 113 33.10 -26.90 22.29
CA GLU D 113 31.90 -26.30 22.86
C GLU D 113 32.28 -25.33 23.96
N GLN D 114 31.57 -24.22 24.01
CA GLN D 114 31.77 -23.20 25.01
C GLN D 114 30.46 -22.94 25.76
N PRO D 115 30.52 -22.48 27.00
CA PRO D 115 29.32 -22.44 27.84
C PRO D 115 28.22 -21.62 27.22
N VAL D 116 26.99 -22.02 27.50
CA VAL D 116 25.84 -21.24 27.06
C VAL D 116 25.05 -20.82 28.28
N HIS D 117 24.35 -19.71 28.14
CA HIS D 117 23.59 -19.11 29.22
C HIS D 117 22.23 -18.70 28.68
N ASN D 118 21.22 -18.74 29.54
CA ASN D 118 19.86 -18.54 29.08
C ASN D 118 19.12 -17.58 30.00
N TYR D 119 18.62 -16.52 29.39
CA TYR D 119 17.92 -15.49 30.07
C TYR D 119 16.61 -15.46 29.40
N MET D 120 15.57 -15.60 30.21
CA MET D 120 14.22 -15.61 29.71
C MET D 120 13.44 -14.85 30.73
N THR D 121 12.29 -14.34 30.33
CA THR D 121 11.50 -13.57 31.24
C THR D 121 9.99 -13.69 31.01
N LYS D 122 9.34 -14.57 31.77
CA LYS D 122 7.86 -14.70 31.75
C LYS D 122 7.00 -13.69 32.49
N VAL D 123 5.96 -13.21 31.82
CA VAL D 123 5.07 -12.18 32.34
C VAL D 123 3.85 -12.69 33.08
N ILE D 124 3.66 -12.25 34.31
CA ILE D 124 2.57 -12.72 35.14
C ILE D 124 1.22 -12.53 34.52
N ASP D 125 0.50 -13.62 34.42
CA ASP D 125 -0.83 -13.61 33.89
C ASP D 125 -1.75 -13.07 34.91
N ARG D 126 -2.75 -12.34 34.48
CA ARG D 126 -3.62 -11.65 35.39
C ARG D 126 -5.01 -12.10 35.33
N ARG D 127 -5.69 -11.96 36.43
CA ARG D 127 -7.09 -12.38 36.49
C ARG D 127 -7.78 -11.74 37.68
N ALA D 128 -9.12 -11.80 37.70
CA ALA D 128 -9.90 -11.39 38.86
C ALA D 128 -11.15 -12.26 39.00
N LEU D 129 -11.61 -12.44 40.25
CA LEU D 129 -12.72 -13.33 40.62
C LEU D 129 -13.89 -12.53 41.17
N ASN D 130 -15.07 -13.15 41.21
CA ASN D 130 -16.30 -12.46 41.58
C ASN D 130 -17.20 -13.34 42.44
N ALA D 131 -18.17 -12.69 43.11
CA ALA D 131 -19.26 -13.30 43.86
C ALA D 131 -20.12 -12.18 44.45
N ALA D 132 -21.38 -12.49 44.75
CA ALA D 132 -22.30 -11.48 45.26
C ALA D 132 -23.26 -12.06 46.30
N PHE D 133 -23.32 -11.45 47.48
CA PHE D 133 -24.18 -11.89 48.57
C PHE D 133 -25.43 -11.06 48.75
N SER D 134 -25.89 -10.36 47.71
CA SER D 134 -26.81 -9.23 47.84
C SER D 134 -27.93 -9.44 48.85
N LEU D 135 -28.18 -8.38 49.62
CA LEU D 135 -29.07 -8.24 50.77
C LEU D 135 -30.52 -8.02 50.35
N ALA D 136 -31.43 -8.34 51.27
CA ALA D 136 -32.87 -8.19 51.07
C ALA D 136 -33.38 -6.89 51.67
N THR D 137 -34.39 -6.30 51.03
CA THR D 137 -34.88 -4.97 51.39
C THR D 137 -35.26 -4.90 52.85
N GLU D 138 -36.26 -5.68 53.26
CA GLU D 138 -36.71 -5.65 54.65
C GLU D 138 -35.55 -5.91 55.60
N ALA D 139 -34.63 -6.80 55.23
CA ALA D 139 -33.51 -7.13 56.11
C ALA D 139 -32.68 -5.91 56.44
N ILE D 140 -32.57 -4.96 55.52
CA ILE D 140 -31.90 -3.70 55.82
C ILE D 140 -32.62 -2.98 56.94
N ALA D 141 -33.89 -2.67 56.72
CA ALA D 141 -34.68 -1.90 57.67
C ALA D 141 -34.77 -2.56 59.03
N LEU D 142 -34.32 -3.81 59.15
CA LEU D 142 -34.17 -4.43 60.46
C LEU D 142 -32.78 -4.16 61.03
N LEU D 143 -31.73 -4.65 60.36
CA LEU D 143 -30.41 -4.60 60.94
C LEU D 143 -29.87 -3.18 61.07
N THR D 144 -30.38 -2.25 60.28
CA THR D 144 -29.97 -0.86 60.43
C THR D 144 -30.78 -0.12 61.48
N GLY D 145 -31.64 -0.86 62.18
CA GLY D 145 -32.55 -0.29 63.13
C GLY D 145 -33.37 0.34 62.05
N GLU D 146 -33.93 1.52 62.27
CA GLU D 146 -34.64 2.24 61.23
C GLU D 146 -36.04 1.71 61.01
N ALA D 147 -36.32 0.57 61.61
CA ALA D 147 -37.63 -0.10 61.54
C ALA D 147 -37.78 -0.94 62.79
N LEU D 148 -37.99 -0.28 63.91
CA LEU D 148 -38.09 -1.01 65.17
C LEU D 148 -39.05 -0.24 66.05
N ASP D 149 -39.99 -0.95 66.66
CA ASP D 149 -40.92 -0.34 67.58
C ASP D 149 -40.49 -0.49 69.03
N GLY D 150 -39.31 -1.06 69.27
CA GLY D 150 -38.94 -1.50 70.59
C GLY D 150 -39.59 -2.81 71.00
N THR D 151 -40.43 -3.38 70.14
CA THR D 151 -41.14 -4.59 70.47
C THR D 151 -40.18 -5.78 70.50
N GLY D 152 -40.57 -6.81 71.26
CA GLY D 152 -39.78 -8.02 71.31
C GLY D 152 -39.78 -8.79 70.01
N ILE D 153 -40.71 -8.47 69.11
CA ILE D 153 -40.71 -9.11 67.80
C ILE D 153 -39.67 -8.48 66.90
N SER D 154 -39.51 -7.17 67.01
CA SER D 154 -38.45 -6.50 66.24
C SER D 154 -37.10 -7.06 66.60
N LEU D 155 -36.84 -7.30 67.88
CA LEU D 155 -35.56 -7.85 68.29
C LEU D 155 -35.34 -9.21 67.69
N HIS D 156 -36.39 -10.02 67.59
CA HIS D 156 -36.25 -11.31 66.94
C HIS D 156 -36.12 -11.16 65.43
N ARG D 157 -37.03 -10.40 64.82
CA ARG D 157 -36.97 -10.18 63.38
C ARG D 157 -35.59 -9.70 62.96
N GLN D 158 -35.06 -8.72 63.68
CA GLN D 158 -33.72 -8.22 63.40
C GLN D 158 -32.69 -9.32 63.53
N LEU D 159 -32.66 -9.97 64.69
CA LEU D 159 -31.73 -11.07 64.91
C LEU D 159 -31.85 -12.10 63.81
N ARG D 160 -33.06 -12.31 63.30
CA ARG D 160 -33.23 -13.22 62.18
C ARG D 160 -32.55 -12.69 60.93
N ALA D 161 -32.53 -11.36 60.74
CA ALA D 161 -31.88 -10.76 59.59
C ALA D 161 -30.37 -10.70 59.75
N ILE D 162 -29.91 -10.44 60.97
CA ILE D 162 -28.47 -10.51 61.26
C ILE D 162 -27.90 -11.81 60.73
N GLN D 163 -28.42 -12.93 61.24
CA GLN D 163 -27.88 -14.24 60.89
C GLN D 163 -27.96 -14.50 59.39
N GLN D 164 -28.91 -13.90 58.68
CA GLN D 164 -28.94 -14.07 57.23
C GLN D 164 -27.76 -13.35 56.58
N LEU D 165 -27.57 -12.08 56.90
CA LEU D 165 -26.39 -11.38 56.39
C LEU D 165 -25.14 -12.16 56.69
N ALA D 166 -25.04 -12.67 57.91
CA ALA D 166 -23.78 -13.21 58.36
C ALA D 166 -23.54 -14.60 57.81
N ARG D 167 -24.57 -15.28 57.34
CA ARG D 167 -24.34 -16.52 56.63
C ARG D 167 -24.30 -16.36 55.13
N ASN D 168 -24.71 -15.21 54.59
CA ASN D 168 -24.40 -14.93 53.21
C ASN D 168 -22.96 -14.49 53.07
N VAL D 169 -22.52 -13.57 53.92
CA VAL D 169 -21.14 -13.12 53.85
C VAL D 169 -20.19 -14.26 54.15
N GLN D 170 -20.50 -15.07 55.17
CA GLN D 170 -19.70 -16.24 55.45
C GLN D 170 -19.60 -17.15 54.23
N ALA D 171 -20.63 -17.17 53.40
CA ALA D 171 -20.67 -18.07 52.26
C ALA D 171 -19.88 -17.56 51.06
N VAL D 172 -19.81 -16.25 50.86
CA VAL D 172 -19.06 -15.74 49.72
C VAL D 172 -17.57 -15.70 50.00
N LEU D 173 -17.18 -15.30 51.21
CA LEU D 173 -15.77 -15.41 51.58
C LEU D 173 -15.25 -16.81 51.38
N GLY D 174 -16.10 -17.82 51.59
CA GLY D 174 -15.71 -19.18 51.31
C GLY D 174 -15.70 -19.53 49.85
N ALA D 175 -16.24 -18.68 48.99
CA ALA D 175 -16.16 -18.89 47.56
C ALA D 175 -14.80 -18.51 47.00
N PHE D 176 -14.07 -17.64 47.66
CA PHE D 176 -12.75 -17.28 47.18
C PHE D 176 -11.69 -18.25 47.64
N GLU D 177 -12.00 -19.08 48.62
CA GLU D 177 -11.13 -20.20 48.94
C GLU D 177 -11.36 -21.35 47.97
N ARG D 178 -12.58 -21.53 47.51
CA ARG D 178 -12.84 -22.54 46.49
C ARG D 178 -12.52 -22.04 45.11
N GLY D 179 -12.68 -20.74 44.86
CA GLY D 179 -12.22 -20.19 43.61
C GLY D 179 -10.75 -20.49 43.40
N THR D 180 -9.94 -20.27 44.44
CA THR D 180 -8.51 -20.51 44.33
C THR D 180 -8.22 -21.96 43.98
N ALA D 181 -8.92 -22.90 44.62
CA ALA D 181 -8.71 -24.29 44.29
C ALA D 181 -9.15 -24.61 42.87
N ASP D 182 -10.22 -23.96 42.41
CA ASP D 182 -10.65 -24.16 41.04
C ASP D 182 -9.73 -23.45 40.07
N GLN D 183 -9.22 -22.28 40.45
CA GLN D 183 -8.24 -21.58 39.61
C GLN D 183 -7.06 -22.48 39.29
N MET D 184 -6.57 -23.20 40.29
CA MET D 184 -5.49 -24.16 40.16
C MET D 184 -5.71 -25.04 38.95
N LEU D 185 -6.71 -25.89 39.03
CA LEU D 185 -6.90 -26.90 38.01
C LEU D 185 -6.85 -26.26 36.62
N HIS D 186 -7.69 -25.25 36.41
CA HIS D 186 -7.73 -24.61 35.10
C HIS D 186 -6.35 -24.21 34.61
N VAL D 187 -5.55 -23.58 35.46
CA VAL D 187 -4.25 -23.15 34.98
C VAL D 187 -3.26 -24.30 34.96
N LEU D 188 -3.43 -25.31 35.81
CA LEU D 188 -2.58 -26.49 35.71
C LEU D 188 -2.95 -27.36 34.53
N LEU D 189 -4.24 -27.49 34.22
CA LEU D 189 -4.60 -28.20 33.00
C LEU D 189 -4.25 -27.44 31.74
N GLU D 190 -4.02 -26.14 31.80
CA GLU D 190 -3.68 -25.40 30.59
C GLU D 190 -2.29 -25.77 30.10
N LYS D 191 -1.32 -25.85 31.01
CA LYS D 191 -0.07 -26.54 30.74
C LYS D 191 -0.34 -28.02 30.91
N ALA D 192 0.67 -28.83 31.13
CA ALA D 192 0.43 -30.26 31.32
C ALA D 192 -0.09 -30.93 30.06
N PRO D 193 0.78 -31.21 29.10
CA PRO D 193 0.39 -31.97 27.93
C PRO D 193 -0.04 -33.37 28.32
N PRO D 194 -0.75 -34.08 27.46
CA PRO D 194 -1.11 -35.45 27.79
C PRO D 194 0.11 -36.33 27.96
N LEU D 195 0.01 -37.28 28.88
CA LEU D 195 1.13 -38.17 29.18
C LEU D 195 1.53 -38.97 27.96
N ALA D 196 0.56 -39.45 27.19
CA ALA D 196 0.86 -40.28 26.03
C ALA D 196 1.77 -39.57 25.07
N LEU D 197 1.62 -38.25 24.94
CA LEU D 197 2.52 -37.47 24.10
C LEU D 197 3.79 -37.08 24.81
N LEU D 198 3.77 -36.91 26.13
CA LEU D 198 4.97 -36.41 26.80
C LEU D 198 6.01 -37.51 26.95
N LEU D 199 5.61 -38.77 27.13
CA LEU D 199 6.60 -39.83 27.27
C LEU D 199 7.51 -39.96 26.05
N PRO D 200 7.01 -40.27 24.85
CA PRO D 200 7.93 -40.34 23.71
C PRO D 200 8.57 -39.01 23.41
N MET D 201 7.93 -37.94 23.81
CA MET D 201 8.55 -36.64 23.73
C MET D 201 9.83 -36.66 24.54
N GLN D 202 9.68 -36.76 25.86
CA GLN D 202 10.75 -36.44 26.80
C GLN D 202 12.06 -37.15 26.49
N ARG D 203 12.02 -38.34 25.88
CA ARG D 203 13.27 -39.03 25.63
C ARG D 203 14.03 -38.48 24.44
N TYR D 204 13.46 -37.55 23.69
CA TYR D 204 14.23 -36.76 22.72
C TYR D 204 14.63 -35.41 23.25
N LEU D 205 14.20 -35.04 24.45
CA LEU D 205 14.53 -33.73 24.97
C LEU D 205 15.94 -33.66 25.53
N ASP D 206 16.46 -34.77 26.02
CA ASP D 206 17.90 -34.89 26.22
C ASP D 206 18.39 -35.93 25.21
N ASN D 207 18.96 -35.45 24.12
CA ASN D 207 19.68 -36.26 23.17
C ASN D 207 20.96 -35.53 22.80
N GLY D 208 20.81 -34.38 22.15
CA GLY D 208 21.92 -33.62 21.62
C GLY D 208 21.48 -32.61 20.58
N THR D 212 18.76 -33.60 12.25
CA THR D 212 17.69 -33.88 13.19
C THR D 212 16.34 -33.79 12.51
N ARG D 213 16.32 -33.94 11.19
CA ARG D 213 15.05 -34.07 10.50
C ARG D 213 14.52 -35.50 10.56
N VAL D 214 15.42 -36.48 10.62
CA VAL D 214 15.05 -37.87 10.80
C VAL D 214 14.71 -38.14 12.26
N ALA D 215 15.45 -37.53 13.17
CA ALA D 215 15.11 -37.66 14.58
C ALA D 215 13.75 -37.07 14.87
N ARG D 216 13.37 -36.02 14.15
CA ARG D 216 12.04 -35.45 14.27
C ARG D 216 11.01 -36.34 13.61
N ALA D 217 11.36 -36.94 12.48
CA ALA D 217 10.43 -37.83 11.80
C ALA D 217 10.11 -39.04 12.66
N THR D 218 11.12 -39.67 13.23
CA THR D 218 10.91 -40.83 14.09
C THR D 218 10.30 -40.47 15.44
N LEU D 219 10.49 -39.25 15.91
CA LEU D 219 9.73 -38.79 17.07
C LEU D 219 8.25 -38.80 16.79
N VAL D 220 7.85 -38.20 15.67
CA VAL D 220 6.44 -38.11 15.32
C VAL D 220 5.84 -39.48 15.10
N ALA D 221 6.66 -40.44 14.67
CA ALA D 221 6.14 -41.79 14.43
C ALA D 221 5.65 -42.42 15.72
N GLU D 222 6.38 -42.22 16.82
CA GLU D 222 6.01 -42.81 18.08
C GLU D 222 5.25 -41.87 19.00
N LEU D 223 5.05 -40.61 18.61
CA LEU D 223 4.05 -39.82 19.30
C LEU D 223 2.68 -40.38 19.05
N LYS D 224 2.37 -40.68 17.79
CA LYS D 224 1.03 -41.15 17.49
C LYS D 224 0.85 -42.63 17.71
N ARG D 225 1.92 -43.41 17.71
CA ARG D 225 1.79 -44.80 18.12
C ARG D 225 1.54 -44.91 19.60
N SER D 226 2.26 -44.12 20.40
CA SER D 226 2.10 -44.18 21.85
C SER D 226 0.80 -43.55 22.28
N PHE D 227 0.34 -42.52 21.57
CA PHE D 227 -0.91 -41.90 21.94
C PHE D 227 -2.05 -42.88 21.81
N CYS D 228 -2.13 -43.56 20.66
CA CYS D 228 -3.20 -44.54 20.46
C CYS D 228 -3.15 -45.62 21.53
N ASP D 229 -1.96 -46.08 21.89
CA ASP D 229 -1.84 -47.18 22.84
C ASP D 229 -2.06 -46.72 24.27
N THR D 230 -1.37 -45.68 24.71
CA THR D 230 -1.27 -45.39 26.13
C THR D 230 -2.27 -44.37 26.63
N SER D 231 -3.20 -43.92 25.81
CA SER D 231 -4.29 -43.10 26.32
C SER D 231 -5.36 -44.03 26.86
N PHE D 232 -6.03 -43.60 27.93
CA PHE D 232 -7.03 -44.40 28.61
C PHE D 232 -6.43 -45.65 29.21
N PHE D 233 -5.16 -45.61 29.54
CA PHE D 233 -4.50 -46.80 29.98
C PHE D 233 -5.13 -47.47 31.17
N LEU D 234 -5.59 -46.70 32.14
CA LEU D 234 -6.22 -47.32 33.29
C LEU D 234 -7.46 -48.08 32.87
N GLY D 235 -8.27 -47.52 32.00
CA GLY D 235 -9.48 -48.18 31.58
C GLY D 235 -9.48 -49.47 30.80
N LYS D 236 -8.59 -49.56 29.82
CA LYS D 236 -8.43 -50.69 28.92
C LYS D 236 -7.61 -51.81 29.53
N ALA D 237 -6.63 -51.48 30.33
CA ALA D 237 -5.74 -52.46 30.95
C ALA D 237 -5.89 -52.42 32.48
N GLY D 238 -7.00 -52.92 33.06
CA GLY D 238 -7.18 -52.81 34.48
C GLY D 238 -6.75 -54.12 35.10
N HIS D 239 -6.43 -55.06 34.21
CA HIS D 239 -6.05 -56.39 34.64
C HIS D 239 -4.72 -56.38 35.36
N ARG D 240 -3.77 -55.64 34.82
CA ARG D 240 -2.37 -55.87 35.12
C ARG D 240 -1.91 -54.88 36.16
N ARG D 241 -1.69 -55.37 37.37
CA ARG D 241 -1.10 -54.54 38.41
C ARG D 241 0.30 -54.09 38.01
N GLU D 242 1.00 -54.88 37.21
CA GLU D 242 2.35 -54.52 36.81
C GLU D 242 2.37 -53.49 35.70
N ALA D 243 1.36 -53.50 34.83
CA ALA D 243 1.27 -52.48 33.79
C ALA D 243 0.82 -51.15 34.37
N ILE D 244 -0.16 -51.17 35.26
CA ILE D 244 -0.60 -49.93 35.88
C ILE D 244 0.51 -49.37 36.77
N GLU D 245 0.97 -50.16 37.73
CA GLU D 245 1.94 -49.65 38.69
C GLU D 245 3.19 -49.11 38.01
N ALA D 246 3.51 -49.62 36.82
CA ALA D 246 4.60 -49.05 36.05
C ALA D 246 4.19 -47.86 35.21
N TRP D 247 2.89 -47.63 35.07
CA TRP D 247 2.37 -46.46 34.38
C TRP D 247 2.40 -45.24 35.28
N LEU D 248 2.30 -45.46 36.59
CA LEU D 248 2.31 -44.36 37.54
C LEU D 248 3.69 -43.83 37.86
N VAL D 249 4.73 -44.64 37.71
CA VAL D 249 6.06 -44.07 37.83
C VAL D 249 6.36 -43.21 36.61
N ASP D 250 5.80 -43.57 35.46
CA ASP D 250 5.91 -42.72 34.27
C ASP D 250 5.22 -41.40 34.51
N LEU D 251 3.95 -41.45 34.93
CA LEU D 251 3.23 -40.26 35.31
C LEU D 251 4.03 -39.45 36.32
N THR D 252 4.37 -40.07 37.44
CA THR D 252 4.93 -39.32 38.54
C THR D 252 6.35 -38.86 38.25
N THR D 253 7.12 -39.62 37.48
CA THR D 253 8.39 -39.11 36.99
C THR D 253 8.26 -38.96 35.49
N ALA D 254 7.86 -37.78 35.06
CA ALA D 254 7.78 -37.37 33.67
C ALA D 254 8.27 -35.95 33.67
N THR D 255 7.58 -35.14 34.44
CA THR D 255 7.88 -33.74 34.61
C THR D 255 9.20 -33.59 35.35
N GLN D 256 9.60 -32.35 35.57
CA GLN D 256 10.91 -32.08 36.09
C GLN D 256 10.79 -31.00 37.14
N PRO D 257 11.52 -31.14 38.26
CA PRO D 257 11.34 -30.22 39.40
C PRO D 257 11.67 -28.79 39.04
N SER D 258 11.28 -27.88 39.92
CA SER D 258 11.62 -26.49 39.72
C SER D 258 11.71 -25.79 41.07
N VAL D 259 12.54 -24.74 41.09
CA VAL D 259 12.43 -23.65 42.06
C VAL D 259 12.26 -24.15 43.49
N ALA D 260 13.34 -24.59 44.10
CA ALA D 260 13.27 -24.93 45.52
C ALA D 260 12.71 -23.77 46.30
N VAL D 261 11.62 -24.01 47.02
CA VAL D 261 10.98 -23.00 47.84
C VAL D 261 11.08 -23.43 49.30
N PRO D 262 11.93 -22.79 50.10
CA PRO D 262 12.02 -23.20 51.50
C PRO D 262 10.80 -22.86 52.31
N ARG D 263 10.16 -21.73 52.05
CA ARG D 263 8.96 -21.36 52.80
C ARG D 263 7.84 -22.37 52.60
N LEU D 264 7.90 -23.12 51.53
CA LEU D 264 6.89 -24.12 51.24
C LEU D 264 7.24 -25.49 51.80
N THR D 265 7.27 -25.64 53.12
CA THR D 265 7.56 -26.94 53.70
C THR D 265 6.21 -27.58 53.71
N HIS D 266 5.61 -27.54 52.54
CA HIS D 266 4.26 -28.00 52.30
C HIS D 266 3.90 -29.47 52.41
N ALA D 267 4.77 -30.34 51.96
CA ALA D 267 4.45 -31.74 52.03
C ALA D 267 5.32 -32.40 53.04
N ASP D 268 4.70 -33.10 53.96
CA ASP D 268 5.46 -33.82 54.93
C ASP D 268 4.62 -34.78 55.70
N THR D 269 5.28 -35.79 56.22
CA THR D 269 4.70 -36.75 57.15
C THR D 269 5.86 -37.50 57.78
N ARG D 270 6.01 -37.36 59.10
CA ARG D 270 7.16 -37.95 59.75
C ARG D 270 8.44 -37.46 59.07
N GLY D 271 8.44 -36.20 58.67
CA GLY D 271 9.46 -35.68 57.77
C GLY D 271 9.09 -35.98 56.33
N ARG D 272 10.11 -36.17 55.51
CA ARG D 272 9.93 -36.68 54.16
C ARG D 272 8.94 -35.85 53.37
N PRO D 273 9.36 -34.72 52.82
CA PRO D 273 8.44 -33.88 52.04
C PRO D 273 7.79 -34.61 50.88
N VAL D 274 6.59 -34.14 50.52
CA VAL D 274 5.88 -34.59 49.33
C VAL D 274 6.20 -33.63 48.20
N ASP D 275 6.56 -34.18 47.06
CA ASP D 275 6.96 -33.40 45.90
C ASP D 275 5.90 -33.27 44.83
N GLY D 276 4.72 -33.83 44.99
CA GLY D 276 3.78 -33.79 43.90
C GLY D 276 2.35 -33.90 44.34
N VAL D 277 1.44 -33.79 43.37
CA VAL D 277 0.01 -33.95 43.59
C VAL D 277 -0.54 -34.83 42.47
N LEU D 278 -1.32 -35.82 42.82
CA LEU D 278 -2.20 -36.49 41.87
C LEU D 278 -3.62 -36.04 42.14
N VAL D 279 -4.18 -35.26 41.24
CA VAL D 279 -5.59 -34.95 41.28
C VAL D 279 -6.28 -35.86 40.29
N THR D 280 -7.37 -36.48 40.71
CA THR D 280 -8.08 -37.45 39.89
C THR D 280 -9.56 -37.19 40.07
N THR D 281 -10.36 -38.07 39.51
CA THR D 281 -11.75 -38.11 39.89
C THR D 281 -11.88 -38.93 41.16
N ALA D 282 -13.09 -38.97 41.71
CA ALA D 282 -13.27 -39.73 42.93
C ALA D 282 -13.39 -41.22 42.67
N ALA D 283 -13.80 -41.60 41.46
CA ALA D 283 -13.89 -43.02 41.12
C ALA D 283 -12.52 -43.60 40.80
N ILE D 284 -11.69 -42.84 40.10
CA ILE D 284 -10.36 -43.34 39.79
C ILE D 284 -9.52 -43.43 41.05
N LYS D 285 -9.57 -42.40 41.89
CA LYS D 285 -8.83 -42.43 43.14
C LYS D 285 -9.22 -43.63 43.99
N GLN D 286 -10.52 -43.91 44.07
CA GLN D 286 -11.03 -45.08 44.78
C GLN D 286 -10.44 -46.36 44.22
N ARG D 287 -10.79 -46.66 42.98
CA ARG D 287 -10.26 -47.80 42.24
C ARG D 287 -8.76 -47.95 42.41
N LEU D 288 -8.04 -46.90 42.02
CA LEU D 288 -6.60 -46.87 42.18
C LEU D 288 -6.20 -47.29 43.58
N LEU D 289 -6.83 -46.71 44.60
CA LEU D 289 -6.54 -47.01 45.98
C LEU D 289 -7.26 -48.25 46.48
N GLN D 290 -7.90 -49.04 45.62
CA GLN D 290 -8.37 -50.36 46.05
C GLN D 290 -7.66 -51.11 44.97
N SER D 291 -6.54 -51.74 45.29
CA SER D 291 -5.67 -52.45 44.34
C SER D 291 -4.66 -51.43 43.81
N PHE D 292 -3.73 -51.83 42.96
CA PHE D 292 -2.75 -50.88 42.44
C PHE D 292 -1.91 -50.17 43.50
N LEU D 293 -1.84 -48.85 43.47
CA LEU D 293 -1.02 -48.14 44.43
C LEU D 293 -1.82 -47.80 45.66
N LYS D 294 -1.63 -48.58 46.70
CA LYS D 294 -2.30 -48.30 47.93
C LYS D 294 -1.26 -47.73 48.86
N VAL D 295 -0.04 -47.59 48.39
CA VAL D 295 0.99 -47.12 49.31
C VAL D 295 0.41 -46.00 50.19
N GLU D 296 0.71 -46.01 51.50
CA GLU D 296 -0.01 -45.09 52.36
C GLU D 296 0.55 -44.24 53.52
N ASP D 297 1.69 -43.55 53.45
CA ASP D 297 2.07 -42.85 54.70
C ASP D 297 1.25 -41.57 54.86
N THR D 298 -0.05 -41.74 54.90
CA THR D 298 -0.93 -40.62 54.88
C THR D 298 -1.73 -40.39 56.14
N GLU D 299 -2.80 -39.65 55.96
CA GLU D 299 -3.69 -39.11 56.97
C GLU D 299 -3.19 -37.94 57.74
N ALA D 300 -2.01 -37.56 57.37
CA ALA D 300 -1.48 -36.46 58.01
C ALA D 300 -0.47 -35.91 57.13
N ASP D 301 -0.51 -34.61 57.02
CA ASP D 301 0.47 -33.86 56.35
C ASP D 301 0.54 -32.59 57.15
N VAL D 302 1.71 -32.01 57.24
CA VAL D 302 1.79 -30.76 57.92
C VAL D 302 1.96 -29.80 56.76
N PRO D 303 0.90 -29.14 56.32
CA PRO D 303 1.08 -28.12 55.31
C PRO D 303 1.48 -26.83 55.98
N VAL D 304 1.81 -25.86 55.18
CA VAL D 304 2.24 -24.56 55.64
C VAL D 304 1.08 -23.59 55.83
N THR D 305 1.40 -22.30 55.68
CA THR D 305 0.49 -21.14 55.72
C THR D 305 0.90 -20.02 54.70
N TYR D 306 0.05 -19.01 54.46
CA TYR D 306 0.33 -17.97 53.43
C TYR D 306 1.55 -17.04 53.43
N GLY D 307 2.10 -16.84 52.23
CA GLY D 307 3.24 -15.96 52.00
C GLY D 307 2.74 -14.54 51.84
N GLU D 308 3.57 -13.54 52.05
CA GLU D 308 3.11 -12.15 51.93
C GLU D 308 4.07 -11.22 51.21
N MET D 309 3.52 -10.26 50.48
CA MET D 309 4.31 -9.28 49.75
C MET D 309 3.76 -7.89 50.00
N VAL D 310 4.60 -6.93 50.35
CA VAL D 310 4.12 -5.58 50.59
C VAL D 310 5.10 -4.54 50.08
N LEU D 311 4.65 -3.29 50.02
CA LEU D 311 5.48 -2.21 49.54
C LEU D 311 5.85 -1.35 50.74
N ASN D 312 7.13 -1.29 51.07
CA ASN D 312 7.61 -0.46 52.15
C ASN D 312 8.91 0.22 51.76
N GLY D 313 9.22 1.31 52.45
CA GLY D 313 10.53 1.92 52.29
C GLY D 313 10.69 2.53 50.91
N ALA D 314 11.77 2.17 50.23
CA ALA D 314 12.03 2.68 48.90
C ALA D 314 11.18 2.00 47.84
N ASN D 315 10.45 0.95 48.20
CA ASN D 315 9.48 0.38 47.28
C ASN D 315 8.43 1.41 46.89
N LEU D 316 8.02 2.26 47.83
CA LEU D 316 7.01 3.27 47.51
C LEU D 316 7.59 4.38 46.67
N VAL D 317 8.67 4.98 47.12
CA VAL D 317 9.17 6.21 46.49
C VAL D 317 9.36 6.00 45.01
N THR D 318 9.84 4.83 44.63
CA THR D 318 10.09 4.53 43.25
C THR D 318 8.84 4.14 42.49
N ALA D 319 7.79 3.73 43.18
CA ALA D 319 6.51 3.58 42.51
C ALA D 319 5.81 4.92 42.38
N LEU D 320 5.96 5.80 43.37
CA LEU D 320 5.35 7.12 43.31
C LEU D 320 6.11 8.04 42.37
N VAL D 321 7.40 8.19 42.58
CA VAL D 321 8.26 8.86 41.61
C VAL D 321 8.69 7.81 40.63
N MET D 322 8.92 8.18 39.37
CA MET D 322 9.45 7.22 38.42
C MET D 322 8.48 6.18 38.03
N GLY D 323 7.92 5.57 39.04
CA GLY D 323 6.98 4.50 38.76
C GLY D 323 7.34 3.05 38.51
N LYS D 324 8.22 2.45 39.31
CA LYS D 324 8.50 1.02 39.17
C LYS D 324 8.70 0.39 40.55
N ALA D 325 8.61 -0.95 40.59
CA ALA D 325 8.74 -1.70 41.83
C ALA D 325 9.49 -3.00 41.59
N VAL D 326 10.25 -3.42 42.59
CA VAL D 326 11.04 -4.65 42.53
C VAL D 326 10.87 -5.40 43.84
N ARG D 327 10.75 -6.72 43.74
CA ARG D 327 10.56 -7.53 44.92
C ARG D 327 11.84 -7.63 45.73
N SER D 328 11.71 -7.39 47.04
CA SER D 328 12.84 -7.48 47.96
C SER D 328 13.98 -6.55 47.53
N LEU D 329 13.63 -5.32 47.20
CA LEU D 329 14.63 -4.34 46.82
C LEU D 329 15.59 -4.02 47.97
N ASP D 330 15.15 -4.23 49.22
CA ASP D 330 16.06 -4.09 50.35
C ASP D 330 17.30 -4.94 50.15
N ASP D 331 17.13 -6.26 50.09
CA ASP D 331 18.28 -7.14 49.94
C ASP D 331 18.98 -6.90 48.61
N VAL D 332 18.21 -6.82 47.52
CA VAL D 332 18.82 -6.59 46.21
C VAL D 332 19.67 -5.33 46.24
N GLY D 333 19.08 -4.22 46.68
CA GLY D 333 19.84 -2.99 46.76
C GLY D 333 20.99 -3.06 47.73
N ARG D 334 20.86 -3.87 48.78
CA ARG D 334 21.94 -3.96 49.76
C ARG D 334 23.13 -4.71 49.19
N HIS D 335 22.90 -5.88 48.60
CA HIS D 335 24.00 -6.65 48.05
C HIS D 335 24.67 -5.92 46.90
N LEU D 336 23.87 -5.39 45.96
CA LEU D 336 24.46 -4.70 44.82
C LEU D 336 25.31 -3.52 45.26
N LEU D 337 24.91 -2.85 46.34
CA LEU D 337 25.70 -1.73 46.83
C LEU D 337 26.89 -2.22 47.64
N ASP D 338 26.72 -3.30 48.41
CA ASP D 338 27.84 -3.85 49.18
C ASP D 338 28.97 -4.27 48.27
N MET D 339 28.66 -4.65 47.04
CA MET D 339 29.69 -5.03 46.09
C MET D 339 30.46 -3.84 45.53
N GLN D 340 29.88 -2.65 45.57
CA GLN D 340 30.55 -1.46 45.07
C GLN D 340 31.74 -1.06 45.91
N GLU D 341 31.86 -1.61 47.12
CA GLU D 341 33.01 -1.32 47.95
C GLU D 341 33.63 -2.62 48.46
N GLU D 342 32.88 -3.35 49.27
CA GLU D 342 33.32 -4.63 49.83
C GLU D 342 34.65 -4.49 50.59
N ASN D 347 28.42 -16.16 39.46
CA ASN D 347 29.42 -16.97 40.15
C ASN D 347 29.10 -17.05 41.64
N ARG D 348 28.82 -18.25 42.12
CA ARG D 348 28.51 -18.41 43.54
C ARG D 348 27.53 -17.37 44.04
N GLU D 349 26.48 -17.09 43.27
CA GLU D 349 25.42 -16.25 43.78
C GLU D 349 24.41 -17.20 44.43
N THR D 350 24.54 -17.32 45.75
CA THR D 350 23.71 -18.21 46.54
C THR D 350 22.65 -17.47 47.34
N LEU D 351 22.62 -16.14 47.24
CA LEU D 351 21.96 -15.33 48.26
C LEU D 351 20.56 -15.82 48.57
N ASP D 352 19.72 -15.96 47.54
CA ASP D 352 18.35 -16.40 47.67
C ASP D 352 17.45 -15.62 48.64
N GLU D 353 16.85 -16.30 49.60
CA GLU D 353 16.19 -15.64 50.71
C GLU D 353 15.77 -16.74 51.67
N LEU D 354 16.09 -16.57 52.95
CA LEU D 354 15.77 -17.57 53.96
C LEU D 354 15.10 -16.96 55.20
N GLU D 355 13.91 -17.44 55.51
CA GLU D 355 13.17 -16.96 56.67
C GLU D 355 11.94 -17.80 56.96
N SER D 356 11.33 -17.54 58.11
CA SER D 356 10.09 -18.18 58.52
C SER D 356 9.98 -19.61 59.03
N ALA D 357 10.40 -20.62 58.26
CA ALA D 357 10.18 -21.99 58.78
C ALA D 357 8.73 -22.02 59.28
N PRO D 358 7.86 -21.46 58.44
CA PRO D 358 6.43 -21.22 58.68
C PRO D 358 5.78 -22.08 59.74
N GLN D 359 4.48 -21.88 59.89
CA GLN D 359 3.62 -22.64 60.78
C GLN D 359 2.99 -23.81 60.03
N THR D 360 2.81 -24.91 60.73
CA THR D 360 2.23 -26.09 60.12
C THR D 360 1.00 -26.53 60.91
N THR D 361 0.33 -27.55 60.40
CA THR D 361 -0.88 -28.10 61.00
C THR D 361 -0.87 -29.60 60.74
N ARG D 362 -2.01 -30.22 60.91
CA ARG D 362 -2.12 -31.61 60.58
C ARG D 362 -3.44 -31.56 59.89
N VAL D 363 -3.45 -31.88 58.62
CA VAL D 363 -4.67 -31.86 57.88
C VAL D 363 -4.78 -33.30 57.45
N ARG D 364 -5.97 -33.87 57.46
CA ARG D 364 -6.07 -35.26 57.08
C ARG D 364 -5.94 -35.26 55.59
N ALA D 365 -4.80 -35.77 55.18
CA ALA D 365 -4.42 -35.87 53.79
C ALA D 365 -4.31 -37.32 53.42
N ASP D 366 -4.07 -37.56 52.14
CA ASP D 366 -3.85 -38.91 51.66
C ASP D 366 -2.66 -38.86 50.73
N LEU D 367 -1.57 -39.50 51.15
CA LEU D 367 -0.31 -39.49 50.44
C LEU D 367 0.03 -40.92 50.09
N VAL D 368 0.74 -41.08 48.99
CA VAL D 368 1.12 -42.39 48.51
C VAL D 368 2.56 -42.32 48.03
N ALA D 369 3.20 -43.47 47.95
CA ALA D 369 4.55 -43.58 47.46
C ALA D 369 4.51 -44.28 46.11
N ILE D 370 4.78 -43.52 45.05
CA ILE D 370 4.78 -44.05 43.69
C ILE D 370 6.21 -44.07 43.21
N GLY D 371 6.74 -45.26 42.96
CA GLY D 371 8.17 -45.36 42.79
C GLY D 371 8.79 -44.97 44.10
N ASP D 372 9.81 -44.12 44.05
CA ASP D 372 10.34 -43.53 45.28
C ASP D 372 10.08 -42.04 45.18
N ARG D 373 9.03 -41.59 45.87
CA ARG D 373 8.46 -40.26 45.90
C ARG D 373 7.28 -40.32 46.86
N LEU D 374 6.87 -39.18 47.36
CA LEU D 374 5.59 -39.05 48.03
C LEU D 374 4.69 -38.14 47.23
N VAL D 375 3.41 -38.44 47.18
CA VAL D 375 2.47 -37.66 46.40
C VAL D 375 1.13 -37.68 47.12
N PHE D 376 0.46 -36.54 47.09
CA PHE D 376 -0.94 -36.48 47.51
C PHE D 376 -1.84 -37.12 46.46
N LEU D 377 -2.88 -37.79 46.93
CA LEU D 377 -4.02 -38.12 46.10
C LEU D 377 -5.18 -37.21 46.46
N GLU D 378 -5.80 -36.59 45.47
CA GLU D 378 -6.86 -35.63 45.72
C GLU D 378 -8.00 -35.87 44.75
N ALA D 379 -9.18 -36.17 45.27
CA ALA D 379 -10.37 -36.28 44.43
C ALA D 379 -11.00 -34.91 44.16
N LEU D 380 -11.34 -34.17 45.20
CA LEU D 380 -11.79 -32.81 45.08
C LEU D 380 -13.17 -32.55 44.56
N GLU D 381 -13.85 -33.56 44.06
CA GLU D 381 -15.18 -33.32 43.61
C GLU D 381 -16.05 -33.04 44.82
N LYS D 382 -15.91 -33.84 45.86
CA LYS D 382 -16.69 -33.59 47.05
C LYS D 382 -16.33 -32.39 47.88
N ARG D 383 -15.05 -32.17 48.12
CA ARG D 383 -14.62 -31.10 49.01
C ARG D 383 -14.99 -29.69 48.66
N ILE D 384 -14.93 -29.39 47.40
CA ILE D 384 -15.17 -28.08 46.81
C ILE D 384 -16.28 -28.09 45.76
N TYR D 385 -16.14 -28.90 44.72
CA TYR D 385 -17.13 -28.78 43.65
C TYR D 385 -18.49 -29.33 43.99
N ALA D 386 -18.69 -29.91 45.17
CA ALA D 386 -19.86 -30.74 45.46
C ALA D 386 -21.20 -30.13 45.09
N ALA D 387 -21.68 -29.17 45.86
CA ALA D 387 -23.01 -28.61 45.68
C ALA D 387 -23.01 -27.35 44.85
N THR D 388 -21.86 -26.96 44.33
CA THR D 388 -21.63 -25.63 43.80
C THR D 388 -22.11 -25.44 42.38
N ASN D 389 -22.63 -26.49 41.73
CA ASN D 389 -23.19 -26.42 40.40
C ASN D 389 -22.14 -26.18 39.33
N VAL D 390 -20.88 -26.04 39.73
CA VAL D 390 -19.73 -25.87 38.84
C VAL D 390 -19.31 -27.24 38.31
N PRO D 391 -18.87 -27.34 37.06
CA PRO D 391 -18.28 -28.60 36.58
C PRO D 391 -16.92 -28.85 37.23
N TYR D 392 -16.49 -30.08 37.14
CA TYR D 392 -15.23 -30.48 37.74
C TYR D 392 -14.16 -30.53 36.67
N PRO D 393 -13.05 -29.84 36.85
CA PRO D 393 -12.11 -29.69 35.74
C PRO D 393 -11.50 -30.98 35.27
N LEU D 394 -11.48 -32.03 36.08
CA LEU D 394 -10.88 -33.28 35.64
C LEU D 394 -11.70 -34.24 34.81
N VAL D 395 -12.87 -33.85 34.30
CA VAL D 395 -13.60 -34.82 33.52
C VAL D 395 -13.33 -34.37 32.10
N GLY D 396 -12.66 -35.20 31.35
CA GLY D 396 -12.06 -34.71 30.13
C GLY D 396 -13.09 -34.56 29.05
N ALA D 397 -12.57 -34.46 27.84
CA ALA D 397 -13.32 -34.72 26.64
C ALA D 397 -12.30 -35.12 25.62
N MET D 398 -12.76 -35.34 24.40
CA MET D 398 -11.84 -35.73 23.35
C MET D 398 -12.65 -35.73 22.08
N ASP D 399 -11.95 -35.55 20.98
CA ASP D 399 -12.54 -35.52 19.65
C ASP D 399 -11.75 -36.46 18.79
N LEU D 400 -12.40 -37.49 18.30
CA LEU D 400 -11.75 -38.44 17.42
C LEU D 400 -12.55 -38.49 16.14
N THR D 401 -11.88 -38.28 15.02
CA THR D 401 -12.53 -38.36 13.73
C THR D 401 -12.32 -39.77 13.21
N PHE D 402 -13.40 -40.43 12.81
CA PHE D 402 -13.27 -41.76 12.29
C PHE D 402 -13.40 -41.76 10.79
N VAL D 403 -13.12 -42.91 10.20
CA VAL D 403 -13.13 -43.04 8.75
C VAL D 403 -13.72 -44.39 8.40
N LEU D 404 -14.64 -44.40 7.46
CA LEU D 404 -15.22 -45.62 6.97
C LEU D 404 -15.22 -45.57 5.45
N PRO D 405 -14.84 -46.64 4.77
CA PRO D 405 -15.05 -46.72 3.33
C PRO D 405 -16.44 -47.22 2.95
N LEU D 406 -16.94 -46.74 1.83
CA LEU D 406 -18.16 -47.25 1.23
C LEU D 406 -17.90 -47.60 -0.21
N GLY D 407 -18.47 -48.69 -0.66
CA GLY D 407 -18.39 -49.00 -2.05
C GLY D 407 -17.01 -49.32 -2.54
N LEU D 408 -16.00 -49.27 -1.69
CA LEU D 408 -14.67 -49.52 -2.21
C LEU D 408 -14.53 -50.99 -2.54
N PHE D 409 -13.34 -51.35 -3.00
CA PHE D 409 -13.26 -52.54 -3.81
C PHE D 409 -11.99 -53.32 -3.51
N ASN D 410 -12.14 -54.60 -3.21
CA ASN D 410 -11.01 -55.41 -2.80
C ASN D 410 -9.94 -55.44 -3.89
N PRO D 411 -8.66 -55.36 -3.51
CA PRO D 411 -7.59 -55.55 -4.49
C PRO D 411 -7.66 -56.92 -5.14
N ALA D 412 -6.97 -57.04 -6.27
CA ALA D 412 -7.04 -58.27 -7.06
C ALA D 412 -6.70 -59.50 -6.25
N MET D 413 -5.75 -59.37 -5.33
CA MET D 413 -5.28 -60.53 -4.59
C MET D 413 -6.13 -60.85 -3.37
N GLU D 414 -6.94 -59.90 -2.91
CA GLU D 414 -7.68 -60.04 -1.68
C GLU D 414 -9.10 -60.55 -1.86
N ARG D 415 -9.46 -60.96 -3.06
CA ARG D 415 -10.83 -61.38 -3.34
C ARG D 415 -11.08 -62.85 -3.03
N PHE D 416 -10.17 -63.52 -2.35
CA PHE D 416 -10.37 -64.91 -2.06
C PHE D 416 -11.50 -65.10 -1.04
N ALA D 417 -11.74 -66.34 -0.67
CA ALA D 417 -12.81 -66.66 0.21
C ALA D 417 -12.45 -67.22 1.53
N ALA D 418 -11.25 -67.81 1.61
CA ALA D 418 -10.58 -68.43 2.77
C ALA D 418 -10.97 -69.83 3.05
N HIS D 419 -11.98 -70.32 2.35
CA HIS D 419 -12.39 -71.73 2.35
C HIS D 419 -13.48 -71.86 1.35
N ALA D 420 -13.68 -73.01 0.82
CA ALA D 420 -14.60 -73.11 -0.30
C ALA D 420 -16.02 -72.89 0.18
N GLY D 421 -16.58 -73.86 0.89
CA GLY D 421 -17.84 -73.64 1.56
C GLY D 421 -17.65 -72.73 2.74
N ASP D 422 -18.31 -71.58 2.73
CA ASP D 422 -18.65 -70.78 3.90
C ASP D 422 -19.34 -69.54 3.39
N LEU D 423 -20.16 -68.94 4.24
CA LEU D 423 -21.02 -67.85 3.81
C LEU D 423 -21.68 -68.21 2.49
N VAL D 424 -22.25 -69.40 2.47
CA VAL D 424 -22.72 -70.08 1.25
C VAL D 424 -24.22 -69.85 1.10
N PRO D 425 -24.72 -69.46 -0.06
CA PRO D 425 -26.16 -69.24 -0.20
C PRO D 425 -26.87 -70.56 -0.32
N ALA D 426 -28.18 -70.52 -0.17
CA ALA D 426 -28.99 -71.72 -0.36
C ALA D 426 -28.66 -72.30 -1.73
N PRO D 427 -28.73 -73.62 -1.89
CA PRO D 427 -28.10 -74.25 -3.07
C PRO D 427 -28.58 -73.74 -4.40
N GLY D 428 -29.70 -73.01 -4.45
CA GLY D 428 -30.25 -72.60 -5.71
C GLY D 428 -30.15 -71.16 -6.16
N HIS D 429 -29.53 -70.32 -5.30
CA HIS D 429 -29.46 -68.82 -5.38
C HIS D 429 -28.23 -68.01 -5.78
N PRO D 430 -28.31 -66.65 -5.74
CA PRO D 430 -27.14 -65.90 -6.24
C PRO D 430 -25.81 -65.73 -5.48
N GLU D 431 -25.68 -65.91 -4.18
CA GLU D 431 -24.43 -65.52 -3.53
C GLU D 431 -24.09 -64.05 -3.75
N PRO D 432 -24.73 -63.15 -3.00
CA PRO D 432 -24.42 -61.73 -3.11
C PRO D 432 -23.03 -61.34 -2.67
N ARG D 433 -22.27 -62.22 -2.00
CA ARG D 433 -20.93 -61.86 -1.59
C ARG D 433 -20.00 -61.57 -2.73
N ALA D 434 -20.39 -61.91 -3.95
CA ALA D 434 -19.46 -61.82 -5.05
C ALA D 434 -19.56 -60.50 -5.80
N PHE D 435 -20.57 -59.68 -5.47
CA PHE D 435 -20.88 -58.38 -6.10
C PHE D 435 -20.25 -57.23 -5.35
N PRO D 436 -20.36 -55.98 -5.83
CA PRO D 436 -19.70 -54.94 -5.04
C PRO D 436 -20.50 -54.50 -3.84
N PRO D 437 -19.85 -54.28 -2.70
CA PRO D 437 -20.56 -53.74 -1.54
C PRO D 437 -21.01 -52.33 -1.82
N ARG D 438 -22.28 -52.08 -1.63
CA ARG D 438 -22.79 -50.71 -1.56
C ARG D 438 -23.05 -50.25 -0.15
N GLN D 439 -22.87 -51.11 0.84
CA GLN D 439 -23.28 -50.85 2.21
C GLN D 439 -22.07 -50.88 3.13
N LEU D 440 -22.35 -50.59 4.40
CA LEU D 440 -21.35 -50.72 5.43
C LEU D 440 -22.06 -50.95 6.75
N PHE D 441 -21.51 -51.82 7.58
CA PHE D 441 -22.12 -52.14 8.85
C PHE D 441 -21.14 -51.83 9.97
N PHE D 442 -21.66 -51.44 11.11
CA PHE D 442 -20.83 -51.18 12.28
C PHE D 442 -21.74 -51.04 13.48
N TRP D 443 -21.15 -50.90 14.65
CA TRP D 443 -21.93 -50.78 15.86
C TRP D 443 -21.92 -49.39 16.40
N GLY D 444 -23.08 -48.77 16.46
CA GLY D 444 -23.17 -47.46 17.03
C GLY D 444 -22.85 -47.50 18.50
N LYS D 445 -23.11 -46.39 19.16
CA LYS D 445 -23.06 -46.38 20.60
C LYS D 445 -24.07 -47.38 21.14
N ASP D 446 -23.91 -47.92 22.32
CA ASP D 446 -24.95 -48.84 22.73
C ASP D 446 -24.97 -50.19 22.03
N HIS D 447 -23.93 -50.50 21.27
CA HIS D 447 -23.85 -51.79 20.57
C HIS D 447 -24.99 -52.13 19.64
N GLN D 448 -25.49 -51.15 18.93
CA GLN D 448 -26.56 -51.37 17.99
C GLN D 448 -25.86 -51.49 16.69
N VAL D 449 -26.12 -52.53 15.93
CA VAL D 449 -25.44 -52.68 14.65
C VAL D 449 -26.13 -51.79 13.63
N LEU D 450 -25.36 -50.91 13.00
CA LEU D 450 -25.87 -49.84 12.14
C LEU D 450 -25.43 -50.06 10.71
N ARG D 451 -25.88 -49.17 9.83
CA ARG D 451 -25.60 -49.28 8.41
C ARG D 451 -25.62 -47.90 7.77
N LEU D 452 -24.80 -47.72 6.74
CA LEU D 452 -24.78 -46.49 5.96
C LEU D 452 -25.39 -46.66 4.58
N SER D 453 -24.77 -47.49 3.76
CA SER D 453 -24.95 -47.62 2.33
C SER D 453 -24.76 -46.33 1.55
N MET D 454 -25.27 -46.29 0.32
CA MET D 454 -24.99 -45.18 -0.57
C MET D 454 -26.19 -44.32 -0.88
N GLU D 455 -27.41 -44.74 -0.53
CA GLU D 455 -28.53 -43.82 -0.63
C GLU D 455 -28.36 -42.72 0.39
N ASN D 456 -27.42 -42.94 1.29
CA ASN D 456 -27.06 -42.06 2.38
C ASN D 456 -26.25 -40.87 1.88
N ALA D 457 -25.58 -41.00 0.74
CA ALA D 457 -24.78 -39.92 0.16
C ALA D 457 -25.58 -38.97 -0.70
N VAL D 458 -26.89 -39.15 -0.80
CA VAL D 458 -27.71 -38.32 -1.67
C VAL D 458 -27.71 -36.87 -1.21
N GLY D 459 -27.48 -36.59 0.06
CA GLY D 459 -27.42 -35.19 0.45
C GLY D 459 -26.18 -34.49 0.00
N THR D 460 -25.11 -35.24 -0.22
CA THR D 460 -23.81 -34.73 -0.60
C THR D 460 -23.67 -34.60 -2.10
N VAL D 461 -23.79 -35.71 -2.81
CA VAL D 461 -23.46 -35.76 -4.21
C VAL D 461 -24.64 -35.40 -5.11
N CYS D 462 -25.86 -35.43 -4.59
CA CYS D 462 -27.06 -35.05 -5.33
C CYS D 462 -27.39 -33.58 -5.19
N HIS D 463 -26.47 -32.81 -4.73
CA HIS D 463 -26.63 -31.38 -4.62
C HIS D 463 -25.80 -30.74 -5.72
N PRO D 464 -26.20 -29.59 -6.24
CA PRO D 464 -25.45 -29.04 -7.37
C PRO D 464 -24.22 -28.32 -6.89
N SER D 465 -23.40 -29.12 -6.27
CA SER D 465 -22.06 -28.75 -5.97
C SER D 465 -21.16 -29.64 -6.86
N LEU D 466 -21.71 -30.73 -7.37
CA LEU D 466 -21.08 -31.67 -8.23
C LEU D 466 -20.73 -31.00 -9.53
N MET D 467 -21.61 -30.16 -10.03
CA MET D 467 -21.38 -29.54 -11.31
C MET D 467 -20.72 -28.19 -11.27
N ASN D 468 -20.30 -27.74 -10.12
CA ASN D 468 -19.70 -26.44 -10.06
C ASN D 468 -18.21 -26.56 -10.00
N ILE D 469 -17.47 -26.24 -11.05
CA ILE D 469 -16.02 -26.39 -11.01
C ILE D 469 -15.31 -25.08 -11.30
N ASP D 470 -16.03 -23.99 -11.54
CA ASP D 470 -15.42 -22.80 -12.11
C ASP D 470 -14.24 -22.32 -11.30
N ALA D 471 -14.23 -22.59 -10.00
CA ALA D 471 -13.05 -22.29 -9.20
C ALA D 471 -11.88 -23.17 -9.62
N ALA D 472 -12.16 -24.40 -10.01
CA ALA D 472 -11.08 -25.31 -10.37
C ALA D 472 -10.51 -24.97 -11.73
N VAL D 473 -11.38 -24.81 -12.74
CA VAL D 473 -10.88 -24.64 -14.10
C VAL D 473 -10.17 -23.31 -14.25
N GLY D 474 -10.60 -22.28 -13.51
CA GLY D 474 -9.84 -21.04 -13.49
C GLY D 474 -8.59 -21.14 -12.64
N GLY D 475 -8.66 -21.88 -11.55
CA GLY D 475 -7.51 -21.99 -10.65
C GLY D 475 -6.40 -22.87 -11.16
N VAL D 476 -6.69 -23.79 -12.07
CA VAL D 476 -5.63 -24.56 -12.72
C VAL D 476 -5.17 -23.90 -14.00
N ASN D 477 -5.88 -22.87 -14.47
CA ASN D 477 -5.56 -22.23 -15.74
C ASN D 477 -4.23 -21.50 -15.67
N HIS D 478 -3.93 -20.85 -14.54
CA HIS D 478 -2.76 -20.00 -14.47
C HIS D 478 -1.48 -20.82 -14.65
N ASP D 479 -0.40 -20.12 -15.01
CA ASP D 479 0.86 -20.73 -15.43
C ASP D 479 0.59 -21.66 -16.62
N PRO D 480 0.39 -21.10 -17.82
CA PRO D 480 -0.13 -21.89 -18.94
C PRO D 480 0.74 -23.08 -19.26
N VAL D 481 0.13 -24.03 -19.99
CA VAL D 481 0.66 -25.37 -20.17
C VAL D 481 0.98 -25.57 -21.65
N GLU D 482 1.87 -26.53 -21.92
CA GLU D 482 2.38 -26.75 -23.26
C GLU D 482 1.33 -27.38 -24.16
N ALA D 483 1.74 -27.59 -25.41
CA ALA D 483 0.89 -28.19 -26.41
C ALA D 483 0.64 -29.57 -25.89
N ALA D 484 -0.59 -30.03 -26.00
CA ALA D 484 -0.95 -31.33 -25.49
C ALA D 484 -1.17 -32.36 -26.58
N ASN D 485 -0.68 -32.15 -27.80
CA ASN D 485 -0.95 -33.12 -28.89
C ASN D 485 -2.45 -33.13 -28.95
N PRO D 486 -3.02 -31.99 -29.52
CA PRO D 486 -4.47 -31.95 -29.39
C PRO D 486 -5.14 -32.87 -30.33
N TYR D 487 -5.03 -34.14 -30.01
CA TYR D 487 -5.70 -35.12 -30.84
C TYR D 487 -7.11 -35.39 -30.33
N GLY D 488 -7.23 -36.04 -29.19
CA GLY D 488 -8.54 -36.17 -28.61
C GLY D 488 -9.06 -34.93 -27.95
N ALA D 489 -8.27 -33.86 -27.95
CA ALA D 489 -8.61 -32.62 -27.29
C ALA D 489 -9.20 -31.59 -28.24
N TYR D 490 -9.42 -31.94 -29.50
CA TYR D 490 -9.84 -30.96 -30.50
C TYR D 490 -10.87 -31.58 -31.42
N VAL D 491 -11.93 -30.82 -31.70
CA VAL D 491 -12.97 -31.19 -32.66
C VAL D 491 -12.89 -30.23 -33.82
N ALA D 492 -13.08 -30.74 -35.03
CA ALA D 492 -12.96 -29.94 -36.24
C ALA D 492 -14.28 -29.94 -36.99
N ALA D 493 -14.45 -28.94 -37.82
CA ALA D 493 -15.57 -28.90 -38.73
C ALA D 493 -15.39 -29.95 -39.82
N PRO D 494 -16.40 -30.76 -40.11
CA PRO D 494 -16.30 -31.67 -41.26
C PRO D 494 -16.14 -30.85 -42.53
N ALA D 495 -15.10 -31.18 -43.29
CA ALA D 495 -14.71 -30.38 -44.44
C ALA D 495 -14.71 -31.26 -45.68
N GLY D 496 -15.21 -30.72 -46.78
CA GLY D 496 -15.19 -31.43 -48.04
C GLY D 496 -16.01 -32.70 -48.01
N PRO D 497 -15.91 -33.49 -49.05
CA PRO D 497 -16.73 -34.70 -49.14
C PRO D 497 -16.31 -35.71 -48.08
N GLY D 498 -17.23 -36.62 -47.79
CA GLY D 498 -16.95 -37.65 -46.83
C GLY D 498 -16.07 -38.75 -47.33
N ALA D 499 -15.98 -38.91 -48.64
CA ALA D 499 -15.20 -40.00 -49.21
C ALA D 499 -13.75 -39.91 -48.79
N ASP D 500 -13.17 -38.71 -48.85
CA ASP D 500 -11.79 -38.49 -48.48
C ASP D 500 -11.61 -37.99 -47.05
N MET D 501 -12.69 -37.95 -46.26
CA MET D 501 -12.66 -37.21 -45.00
C MET D 501 -11.61 -37.74 -44.05
N GLN D 502 -11.43 -39.05 -43.98
CA GLN D 502 -10.37 -39.55 -43.13
C GLN D 502 -9.01 -39.46 -43.81
N GLN D 503 -8.96 -39.62 -45.13
CA GLN D 503 -7.70 -39.44 -45.84
C GLN D 503 -7.16 -38.05 -45.64
N ARG D 504 -8.01 -37.03 -45.75
CA ARG D 504 -7.54 -35.67 -45.53
C ARG D 504 -7.18 -35.46 -44.07
N PHE D 505 -7.68 -36.33 -43.19
CA PHE D 505 -7.30 -36.25 -41.79
C PHE D 505 -5.89 -36.75 -41.58
N LEU D 506 -5.64 -38.01 -41.92
CA LEU D 506 -4.34 -38.62 -41.72
C LEU D 506 -3.22 -37.77 -42.29
N ASN D 507 -3.49 -37.09 -43.40
CA ASN D 507 -2.47 -36.19 -43.94
C ASN D 507 -2.44 -34.88 -43.17
N ALA D 508 -3.60 -34.40 -42.73
CA ALA D 508 -3.63 -33.23 -41.88
C ALA D 508 -2.88 -33.47 -40.59
N TRP D 509 -3.12 -34.61 -39.97
CA TRP D 509 -2.48 -34.97 -38.71
C TRP D 509 -1.33 -35.99 -38.72
N ARG D 510 -0.43 -36.02 -39.70
CA ARG D 510 0.60 -37.04 -39.60
C ARG D 510 1.76 -36.57 -38.74
N GLN D 511 1.80 -35.30 -38.38
CA GLN D 511 3.03 -34.68 -37.89
C GLN D 511 3.11 -34.79 -36.37
N ARG D 512 2.30 -34.01 -35.67
CA ARG D 512 2.30 -34.07 -34.23
C ARG D 512 1.35 -35.14 -33.71
N LEU D 513 0.71 -35.89 -34.60
CA LEU D 513 0.02 -37.09 -34.18
C LEU D 513 1.01 -38.20 -33.90
N ALA D 514 1.79 -38.60 -34.91
CA ALA D 514 2.84 -39.59 -34.68
C ALA D 514 3.92 -39.08 -33.74
N HIS D 515 4.18 -37.78 -33.72
CA HIS D 515 5.23 -37.21 -32.88
C HIS D 515 5.00 -37.49 -31.41
N GLY D 516 3.98 -36.85 -30.83
CA GLY D 516 3.78 -36.90 -29.39
C GLY D 516 2.91 -38.08 -28.95
N ARG D 517 2.66 -38.12 -27.66
CA ARG D 517 1.94 -39.20 -27.02
C ARG D 517 0.52 -38.76 -26.69
N VAL D 518 -0.47 -39.58 -27.04
CA VAL D 518 -1.84 -39.26 -26.71
C VAL D 518 -1.96 -39.16 -25.21
N ARG D 519 -2.58 -38.07 -24.75
CA ARG D 519 -2.64 -37.83 -23.32
C ARG D 519 -3.30 -38.98 -22.59
N TRP D 520 -4.12 -39.69 -23.34
CA TRP D 520 -4.81 -40.85 -22.84
C TRP D 520 -4.09 -42.22 -22.93
N VAL D 521 -2.90 -42.39 -22.31
CA VAL D 521 -2.36 -43.73 -22.23
C VAL D 521 -2.79 -44.41 -20.95
N ALA D 522 -3.55 -43.72 -20.10
CA ALA D 522 -3.83 -44.16 -18.75
C ALA D 522 -4.47 -45.53 -18.71
N GLU D 523 -4.85 -46.07 -19.85
CA GLU D 523 -5.39 -47.42 -19.91
C GLU D 523 -4.37 -48.46 -19.49
N CYS D 524 -3.09 -48.26 -19.79
CA CYS D 524 -2.09 -49.24 -19.41
C CYS D 524 -1.82 -49.22 -17.92
N GLN D 525 -2.02 -48.08 -17.26
CA GLN D 525 -1.66 -47.95 -15.87
C GLN D 525 -2.59 -48.72 -14.96
N MET D 526 -2.02 -49.40 -13.99
CA MET D 526 -2.82 -49.95 -12.92
C MET D 526 -3.16 -48.85 -11.93
N THR D 527 -3.91 -49.17 -10.91
CA THR D 527 -4.06 -48.13 -9.93
C THR D 527 -2.91 -48.41 -9.01
N ALA D 528 -2.25 -47.30 -8.69
CA ALA D 528 -1.02 -47.28 -7.98
C ALA D 528 0.00 -47.03 -9.07
N GLU D 529 -0.40 -46.81 -10.33
CA GLU D 529 0.63 -46.57 -11.30
C GLU D 529 -0.01 -45.22 -11.55
N GLN D 530 -1.32 -45.05 -11.30
CA GLN D 530 -1.87 -43.73 -11.48
C GLN D 530 -1.78 -42.88 -10.22
N PHE D 531 -1.64 -43.47 -9.06
CA PHE D 531 -1.58 -42.68 -7.83
C PHE D 531 -0.18 -42.24 -7.48
N MET D 532 0.81 -42.50 -8.32
CA MET D 532 2.18 -42.17 -7.99
C MET D 532 2.67 -41.05 -8.90
N GLN D 533 3.34 -40.07 -8.30
CA GLN D 533 3.90 -38.96 -9.05
C GLN D 533 4.78 -39.39 -10.21
N PRO D 534 5.44 -40.52 -9.99
CA PRO D 534 6.36 -41.33 -10.77
C PRO D 534 5.48 -41.59 -11.93
N ASP D 535 6.01 -41.23 -13.08
CA ASP D 535 5.30 -41.19 -14.34
C ASP D 535 4.13 -40.26 -14.01
N ASN D 536 2.94 -40.61 -14.49
CA ASN D 536 1.66 -39.94 -14.18
C ASN D 536 1.73 -38.44 -14.07
N ALA D 537 2.30 -37.80 -15.05
CA ALA D 537 2.54 -36.40 -14.94
C ALA D 537 1.19 -35.80 -15.07
N ASN D 538 0.21 -36.66 -15.28
CA ASN D 538 -1.13 -36.12 -15.46
C ASN D 538 -1.99 -36.32 -14.22
N LEU D 539 -1.41 -36.85 -13.15
CA LEU D 539 -2.12 -36.91 -11.88
C LEU D 539 -2.56 -35.53 -11.45
N ALA D 540 -1.76 -34.51 -11.74
CA ALA D 540 -2.12 -33.15 -11.38
C ALA D 540 -3.43 -32.73 -11.98
N LEU D 541 -3.82 -33.32 -13.11
CA LEU D 541 -5.04 -32.94 -13.80
C LEU D 541 -6.21 -33.89 -13.58
N GLU D 542 -6.09 -34.86 -12.69
CA GLU D 542 -7.24 -35.70 -12.33
C GLU D 542 -7.76 -35.17 -11.02
N LEU D 543 -8.87 -34.43 -11.09
CA LEU D 543 -9.39 -33.65 -9.97
C LEU D 543 -10.77 -34.10 -9.55
N HIS D 544 -11.72 -34.06 -10.42
CA HIS D 544 -13.08 -34.22 -10.05
C HIS D 544 -13.62 -35.53 -10.59
N PRO D 545 -14.59 -36.14 -9.89
CA PRO D 545 -15.17 -37.39 -10.42
C PRO D 545 -15.80 -37.24 -11.79
N ALA D 546 -16.59 -36.20 -11.97
CA ALA D 546 -17.51 -36.08 -13.08
C ALA D 546 -16.93 -35.36 -14.29
N PHE D 547 -15.78 -34.72 -14.18
CA PHE D 547 -15.26 -33.91 -15.28
C PHE D 547 -13.89 -34.38 -15.73
N ASP D 548 -13.60 -34.16 -17.00
CA ASP D 548 -12.29 -34.43 -17.56
C ASP D 548 -11.55 -33.12 -17.75
N PHE D 549 -10.53 -32.89 -16.92
CA PHE D 549 -9.67 -31.76 -17.10
C PHE D 549 -8.53 -32.18 -18.01
N PHE D 550 -8.41 -31.52 -19.16
CA PHE D 550 -7.40 -31.86 -20.15
C PHE D 550 -6.86 -30.57 -20.74
N ALA D 551 -5.70 -30.66 -21.37
CA ALA D 551 -5.05 -29.49 -21.96
C ALA D 551 -5.46 -29.40 -23.42
N GLY D 552 -6.25 -28.37 -23.75
CA GLY D 552 -6.61 -28.08 -25.11
C GLY D 552 -5.95 -26.81 -25.63
N VAL D 553 -6.41 -26.39 -26.81
CA VAL D 553 -6.00 -25.11 -27.35
C VAL D 553 -6.68 -23.98 -26.59
N ALA D 554 -6.14 -22.78 -26.73
CA ALA D 554 -6.61 -21.66 -25.92
C ALA D 554 -7.90 -21.05 -26.49
N ASP D 555 -7.78 -20.30 -27.57
CA ASP D 555 -8.88 -19.46 -28.03
C ASP D 555 -9.70 -20.07 -29.15
N VAL D 556 -9.39 -21.29 -29.58
CA VAL D 556 -10.12 -21.88 -30.69
C VAL D 556 -11.54 -22.23 -30.24
N GLU D 557 -12.53 -21.70 -30.96
CA GLU D 557 -13.88 -22.21 -30.83
C GLU D 557 -13.97 -23.56 -31.51
N LEU D 558 -14.41 -24.57 -30.76
CA LEU D 558 -14.15 -25.95 -31.18
C LEU D 558 -14.73 -26.31 -32.53
N PRO D 559 -16.04 -26.27 -32.75
CA PRO D 559 -16.56 -26.84 -33.99
C PRO D 559 -16.11 -26.00 -35.16
N GLY D 560 -14.83 -26.13 -35.50
CA GLY D 560 -14.25 -25.37 -36.57
C GLY D 560 -12.81 -25.79 -36.78
N GLY D 561 -12.25 -25.29 -37.86
CA GLY D 561 -10.87 -25.56 -38.20
C GLY D 561 -10.69 -26.96 -38.75
N GLU D 562 -9.47 -27.21 -39.22
CA GLU D 562 -9.05 -28.55 -39.61
C GLU D 562 -7.93 -29.06 -38.72
N VAL D 563 -6.79 -28.38 -38.68
CA VAL D 563 -5.74 -28.68 -37.73
C VAL D 563 -5.64 -27.45 -36.84
N PRO D 564 -5.42 -27.59 -35.54
CA PRO D 564 -5.53 -26.44 -34.66
C PRO D 564 -4.40 -25.45 -34.90
N PRO D 565 -4.72 -24.17 -34.87
CA PRO D 565 -3.65 -23.16 -34.90
C PRO D 565 -2.90 -23.20 -33.59
N ALA D 566 -2.07 -24.23 -33.40
CA ALA D 566 -1.57 -24.53 -32.07
C ALA D 566 -0.84 -23.32 -31.50
N GLY D 567 -1.37 -22.82 -30.39
CA GLY D 567 -0.79 -21.71 -29.68
C GLY D 567 -0.27 -22.16 -28.34
N PRO D 568 -0.20 -21.23 -27.39
CA PRO D 568 -0.03 -21.62 -26.00
C PRO D 568 -1.21 -22.44 -25.54
N GLY D 569 -0.94 -23.59 -24.93
CA GLY D 569 -2.00 -24.43 -24.45
C GLY D 569 -2.72 -23.80 -23.28
N ALA D 570 -3.94 -24.27 -23.08
CA ALA D 570 -4.70 -23.94 -21.89
C ALA D 570 -5.50 -25.16 -21.53
N ILE D 571 -5.93 -25.21 -20.30
CA ILE D 571 -6.60 -26.40 -19.80
C ILE D 571 -8.09 -26.11 -19.66
N GLN D 572 -8.89 -27.13 -19.94
CA GLN D 572 -10.32 -26.97 -19.89
C GLN D 572 -10.97 -28.25 -19.44
N ALA D 573 -12.11 -28.11 -18.80
CA ALA D 573 -12.89 -29.24 -18.33
C ALA D 573 -14.03 -29.54 -19.28
N THR D 574 -14.36 -30.81 -19.39
CA THR D 574 -15.55 -31.23 -20.07
C THR D 574 -16.21 -32.28 -19.20
N TRP D 575 -17.51 -32.44 -19.37
CA TRP D 575 -18.28 -33.24 -18.43
C TRP D 575 -18.30 -34.69 -18.89
N ARG D 576 -17.69 -35.58 -18.10
CA ARG D 576 -17.86 -37.00 -18.35
C ARG D 576 -19.33 -37.31 -18.37
N VAL D 577 -19.80 -37.94 -19.42
CA VAL D 577 -21.24 -38.10 -19.42
C VAL D 577 -21.59 -39.27 -18.53
N VAL D 578 -21.34 -40.45 -19.01
CA VAL D 578 -21.70 -41.65 -18.29
C VAL D 578 -20.60 -42.03 -17.32
N ASN D 579 -20.96 -42.77 -16.29
CA ASN D 579 -19.98 -43.21 -15.31
C ASN D 579 -19.05 -44.27 -15.86
N GLY D 580 -19.25 -44.74 -17.06
CA GLY D 580 -18.27 -45.60 -17.64
C GLY D 580 -17.05 -44.91 -18.16
N ASN D 581 -17.05 -43.60 -18.22
CA ASN D 581 -15.96 -42.85 -18.81
C ASN D 581 -14.88 -42.50 -17.88
N LEU D 582 -14.95 -43.00 -16.66
CA LEU D 582 -13.93 -42.78 -15.63
C LEU D 582 -12.73 -43.60 -16.05
N PRO D 583 -11.50 -43.17 -15.79
CA PRO D 583 -10.43 -44.01 -16.32
C PRO D 583 -10.39 -45.40 -15.70
N LEU D 584 -9.93 -46.37 -16.49
CA LEU D 584 -9.97 -47.74 -16.01
C LEU D 584 -8.97 -48.01 -14.91
N ALA D 585 -8.09 -47.06 -14.60
CA ALA D 585 -7.21 -47.25 -13.46
C ALA D 585 -7.91 -46.91 -12.16
N LEU D 586 -8.87 -45.99 -12.18
CA LEU D 586 -9.64 -45.69 -10.97
C LEU D 586 -10.78 -46.69 -10.76
N CYS D 587 -11.49 -47.06 -11.82
CA CYS D 587 -12.58 -48.04 -11.74
C CYS D 587 -12.23 -49.19 -12.69
N PRO D 588 -11.53 -50.20 -12.21
CA PRO D 588 -10.91 -51.18 -13.11
C PRO D 588 -11.94 -51.99 -13.87
N VAL D 589 -11.44 -52.66 -14.91
CA VAL D 589 -12.24 -53.63 -15.66
C VAL D 589 -12.86 -54.69 -14.78
N ALA D 590 -12.16 -55.10 -13.73
CA ALA D 590 -12.63 -56.21 -12.92
C ALA D 590 -13.71 -55.79 -11.93
N PHE D 591 -13.70 -54.56 -11.48
CA PHE D 591 -14.86 -54.04 -10.76
C PHE D 591 -16.04 -53.91 -11.68
N ARG D 592 -15.82 -53.17 -12.74
CA ARG D 592 -16.80 -52.87 -13.75
C ARG D 592 -17.46 -54.14 -14.28
N ASP D 593 -16.71 -55.24 -14.37
CA ASP D 593 -17.31 -56.51 -14.77
C ASP D 593 -18.05 -57.20 -13.64
N ALA D 594 -17.63 -56.98 -12.41
CA ALA D 594 -18.30 -57.63 -11.28
C ALA D 594 -19.69 -57.10 -11.08
N ARG D 595 -19.95 -55.88 -11.51
CA ARG D 595 -21.28 -55.29 -11.41
C ARG D 595 -22.10 -55.46 -12.67
N GLY D 596 -21.56 -56.12 -13.68
CA GLY D 596 -22.38 -56.58 -14.77
C GLY D 596 -22.97 -57.93 -14.45
N LEU D 597 -22.31 -58.68 -13.57
CA LEU D 597 -22.90 -59.90 -13.05
C LEU D 597 -23.91 -59.60 -11.95
N GLU D 598 -23.69 -58.54 -11.19
CA GLU D 598 -24.70 -58.07 -10.25
C GLU D 598 -26.02 -57.84 -10.95
N LEU D 599 -25.98 -57.15 -12.10
CA LEU D 599 -27.18 -56.83 -12.85
C LEU D 599 -27.69 -57.98 -13.68
N GLY D 600 -26.81 -58.90 -14.05
CA GLY D 600 -27.22 -59.96 -14.94
C GLY D 600 -28.22 -60.89 -14.33
N VAL D 601 -28.17 -61.09 -13.01
CA VAL D 601 -28.98 -62.09 -12.35
C VAL D 601 -30.45 -61.80 -12.57
N GLY D 602 -31.20 -62.83 -12.90
CA GLY D 602 -32.62 -62.70 -13.07
C GLY D 602 -33.06 -61.98 -14.32
N ARG D 603 -32.13 -61.53 -15.14
CA ARG D 603 -32.45 -60.88 -16.39
C ARG D 603 -32.13 -61.79 -17.56
N HIS D 604 -32.34 -61.30 -18.76
CA HIS D 604 -32.27 -62.13 -19.95
C HIS D 604 -30.83 -62.43 -20.33
N ALA D 605 -30.54 -63.69 -20.62
CA ALA D 605 -29.21 -64.12 -21.00
C ALA D 605 -29.29 -64.84 -22.33
N MET D 606 -28.57 -64.34 -23.33
CA MET D 606 -28.56 -64.97 -24.64
C MET D 606 -28.01 -66.38 -24.54
N ALA D 607 -28.65 -67.29 -25.27
CA ALA D 607 -28.22 -68.67 -25.28
C ALA D 607 -26.77 -68.76 -25.74
N PRO D 608 -26.07 -69.81 -25.33
CA PRO D 608 -24.67 -69.93 -25.77
C PRO D 608 -24.53 -70.24 -27.23
N ALA D 609 -25.59 -70.72 -27.89
CA ALA D 609 -25.54 -70.95 -29.32
C ALA D 609 -25.71 -69.65 -30.09
N THR D 610 -26.69 -68.83 -29.71
CA THR D 610 -26.81 -67.52 -30.36
C THR D 610 -25.57 -66.70 -30.15
N ILE D 611 -24.88 -66.89 -29.04
CA ILE D 611 -23.64 -66.16 -28.81
C ILE D 611 -22.56 -66.65 -29.74
N ALA D 612 -22.58 -67.92 -30.12
CA ALA D 612 -21.53 -68.44 -30.97
C ALA D 612 -21.77 -68.07 -32.44
N ALA D 613 -23.02 -68.11 -32.88
CA ALA D 613 -23.35 -67.79 -34.26
C ALA D 613 -23.28 -66.31 -34.55
N VAL D 614 -23.70 -65.47 -33.61
CA VAL D 614 -23.59 -64.04 -33.80
C VAL D 614 -22.13 -63.61 -33.75
N ARG D 615 -21.37 -64.17 -32.81
CA ARG D 615 -19.96 -63.85 -32.73
C ARG D 615 -19.18 -64.44 -33.89
N GLY D 616 -19.64 -65.57 -34.42
CA GLY D 616 -18.99 -66.16 -35.57
C GLY D 616 -19.08 -65.30 -36.81
N ALA D 617 -20.11 -64.46 -36.88
CA ALA D 617 -20.26 -63.55 -38.01
C ALA D 617 -19.37 -62.32 -37.88
N PHE D 618 -19.27 -61.75 -36.68
CA PHE D 618 -18.36 -60.63 -36.50
C PHE D 618 -16.92 -61.05 -36.71
N GLU D 619 -16.61 -62.32 -36.47
CA GLU D 619 -15.26 -62.85 -36.60
C GLU D 619 -15.00 -63.46 -37.97
N ASP D 620 -15.97 -63.41 -38.87
CA ASP D 620 -15.89 -64.14 -40.13
C ASP D 620 -15.15 -63.29 -41.16
N ARG D 621 -14.03 -63.82 -41.67
CA ARG D 621 -13.28 -63.16 -42.72
C ARG D 621 -13.90 -63.33 -44.09
N SER D 622 -14.60 -64.43 -44.31
CA SER D 622 -15.20 -64.75 -45.59
C SER D 622 -16.64 -64.27 -45.72
N TYR D 623 -17.14 -63.54 -44.73
CA TYR D 623 -18.51 -63.05 -44.77
C TYR D 623 -18.76 -62.35 -46.10
N PRO D 624 -19.74 -62.79 -46.88
CA PRO D 624 -19.80 -62.38 -48.28
C PRO D 624 -20.20 -60.93 -48.45
N ALA D 625 -19.67 -60.32 -49.51
CA ALA D 625 -19.93 -58.91 -49.77
C ALA D 625 -21.32 -58.67 -50.33
N VAL D 626 -22.01 -59.70 -50.84
CA VAL D 626 -23.41 -59.55 -51.17
C VAL D 626 -24.16 -59.00 -49.96
N PHE D 627 -23.78 -59.43 -48.77
CA PHE D 627 -24.50 -59.05 -47.58
C PHE D 627 -24.28 -57.59 -47.23
N TYR D 628 -23.11 -57.04 -47.57
CA TYR D 628 -22.93 -55.62 -47.35
C TYR D 628 -23.66 -54.80 -48.38
N LEU D 629 -23.77 -55.31 -49.60
CA LEU D 629 -24.46 -54.59 -50.66
C LEU D 629 -25.96 -54.65 -50.47
N LEU D 630 -26.49 -55.84 -50.20
CA LEU D 630 -27.90 -55.97 -49.86
C LEU D 630 -28.29 -55.14 -48.65
N GLN D 631 -27.34 -54.87 -47.77
CA GLN D 631 -27.64 -54.03 -46.62
C GLN D 631 -27.79 -52.58 -47.03
N ALA D 632 -26.89 -52.09 -47.89
CA ALA D 632 -27.01 -50.76 -48.43
C ALA D 632 -28.09 -50.67 -49.50
N ALA D 633 -28.43 -51.78 -50.15
CA ALA D 633 -29.52 -51.76 -51.11
C ALA D 633 -30.86 -51.63 -50.40
N ILE D 634 -31.07 -52.43 -49.36
CA ILE D 634 -32.26 -52.27 -48.54
C ILE D 634 -32.25 -50.91 -47.85
N HIS D 635 -31.07 -50.42 -47.53
CA HIS D 635 -30.84 -49.10 -46.94
C HIS D 635 -31.84 -48.79 -45.84
N GLY D 636 -32.03 -49.77 -44.96
CA GLY D 636 -32.85 -49.59 -43.78
C GLY D 636 -34.32 -49.39 -44.05
N SER D 637 -34.73 -49.35 -45.31
CA SER D 637 -36.12 -49.17 -45.66
C SER D 637 -36.88 -50.46 -45.46
N GLU D 638 -38.08 -50.35 -44.89
CA GLU D 638 -38.93 -51.51 -44.66
C GLU D 638 -39.68 -51.92 -45.92
N HIS D 639 -39.99 -50.97 -46.78
CA HIS D 639 -40.48 -51.29 -48.11
C HIS D 639 -39.49 -52.18 -48.83
N VAL D 640 -38.28 -51.67 -49.07
CA VAL D 640 -37.30 -52.39 -49.86
C VAL D 640 -36.95 -53.73 -49.24
N PHE D 641 -37.12 -53.89 -47.93
CA PHE D 641 -36.81 -55.19 -47.33
C PHE D 641 -37.80 -56.25 -47.80
N CYS D 642 -39.09 -56.01 -47.60
CA CYS D 642 -40.07 -57.00 -48.02
C CYS D 642 -40.07 -57.20 -49.51
N ALA D 643 -39.77 -56.16 -50.28
CA ALA D 643 -39.55 -56.33 -51.71
C ALA D 643 -38.54 -57.42 -51.99
N LEU D 644 -37.46 -57.47 -51.20
CA LEU D 644 -36.41 -58.46 -51.36
C LEU D 644 -36.57 -59.66 -50.44
N ALA D 645 -37.64 -59.72 -49.65
CA ALA D 645 -37.72 -60.67 -48.55
C ALA D 645 -37.44 -62.10 -48.97
N ARG D 646 -37.80 -62.48 -50.20
CA ARG D 646 -37.50 -63.84 -50.66
C ARG D 646 -36.01 -64.02 -50.98
N LEU D 647 -35.35 -62.96 -51.41
CA LEU D 647 -33.92 -63.04 -51.65
C LEU D 647 -33.16 -63.09 -50.35
N VAL D 648 -33.59 -62.31 -49.35
CA VAL D 648 -32.89 -62.29 -48.08
C VAL D 648 -32.95 -63.65 -47.41
N THR D 649 -34.13 -64.28 -47.41
CA THR D 649 -34.25 -65.63 -46.84
C THR D 649 -33.24 -66.58 -47.47
N GLN D 650 -33.11 -66.54 -48.79
CA GLN D 650 -32.17 -67.43 -49.46
C GLN D 650 -30.73 -67.00 -49.23
N CYS D 651 -30.49 -65.75 -48.84
CA CYS D 651 -29.16 -65.37 -48.41
C CYS D 651 -28.88 -65.83 -46.99
N ILE D 652 -29.85 -65.69 -46.10
CA ILE D 652 -29.65 -66.13 -44.72
C ILE D 652 -29.55 -67.64 -44.66
N THR D 653 -30.50 -68.33 -45.28
CA THR D 653 -30.51 -69.79 -45.24
C THR D 653 -29.22 -70.36 -45.79
N SER D 654 -28.69 -69.77 -46.85
CA SER D 654 -27.47 -70.28 -47.44
C SER D 654 -26.29 -70.04 -46.52
N TYR D 655 -26.08 -68.80 -46.10
CA TYR D 655 -24.93 -68.49 -45.27
C TYR D 655 -24.96 -69.23 -43.95
N TRP D 656 -26.14 -69.63 -43.48
CA TRP D 656 -26.24 -70.42 -42.26
C TRP D 656 -25.80 -71.85 -42.48
N ASN D 657 -25.99 -72.38 -43.68
CA ASN D 657 -25.63 -73.76 -43.93
C ASN D 657 -24.14 -73.90 -44.22
N ASN D 658 -23.55 -72.95 -44.94
CA ASN D 658 -22.12 -73.01 -45.17
C ASN D 658 -21.37 -72.89 -43.86
N THR D 659 -21.59 -71.81 -43.14
CA THR D 659 -21.07 -71.60 -41.79
C THR D 659 -22.26 -71.43 -40.88
N ARG D 660 -22.26 -72.04 -39.70
CA ARG D 660 -23.36 -71.69 -38.83
C ARG D 660 -23.06 -70.30 -38.31
N CYS D 661 -23.76 -69.31 -38.84
CA CYS D 661 -23.55 -67.93 -38.46
C CYS D 661 -24.77 -67.14 -38.85
N ALA D 662 -24.99 -66.03 -38.16
CA ALA D 662 -26.09 -65.15 -38.47
C ALA D 662 -25.60 -64.10 -39.46
N ALA D 663 -26.44 -63.79 -40.43
CA ALA D 663 -25.98 -63.04 -41.61
C ALA D 663 -25.89 -61.54 -41.36
N PHE D 664 -27.04 -60.89 -41.22
CA PHE D 664 -27.13 -59.45 -41.35
C PHE D 664 -26.90 -58.73 -40.04
N VAL D 665 -26.36 -59.40 -39.03
CA VAL D 665 -26.26 -58.90 -37.66
C VAL D 665 -25.55 -57.57 -37.55
N ASN D 666 -24.91 -57.10 -38.60
CA ASN D 666 -24.32 -55.78 -38.48
C ASN D 666 -25.34 -54.66 -38.59
N ASP D 667 -26.60 -54.98 -38.86
CA ASP D 667 -27.66 -53.97 -38.97
C ASP D 667 -28.82 -54.40 -38.09
N TYR D 668 -29.09 -53.62 -37.04
CA TYR D 668 -30.22 -53.95 -36.19
C TYR D 668 -31.54 -53.72 -36.89
N SER D 669 -31.61 -52.70 -37.76
CA SER D 669 -32.85 -52.46 -38.47
C SER D 669 -33.24 -53.67 -39.28
N LEU D 670 -32.28 -54.29 -39.96
CA LEU D 670 -32.55 -55.56 -40.62
C LEU D 670 -32.96 -56.64 -39.63
N VAL D 671 -32.10 -56.89 -38.62
CA VAL D 671 -32.36 -57.94 -37.65
C VAL D 671 -33.75 -57.79 -37.04
N SER D 672 -34.20 -56.55 -36.88
CA SER D 672 -35.59 -56.35 -36.46
C SER D 672 -36.57 -56.73 -37.55
N TYR D 673 -36.21 -56.52 -38.82
CA TYR D 673 -37.09 -56.92 -39.90
C TYR D 673 -37.08 -58.42 -40.11
N ILE D 674 -35.94 -59.07 -39.93
CA ILE D 674 -35.90 -60.52 -40.09
C ILE D 674 -36.79 -61.17 -39.05
N VAL D 675 -36.72 -60.70 -37.81
CA VAL D 675 -37.51 -61.31 -36.75
C VAL D 675 -38.99 -61.11 -36.99
N THR D 676 -39.36 -59.94 -37.48
CA THR D 676 -40.78 -59.65 -37.72
C THR D 676 -41.30 -60.39 -38.94
N TYR D 677 -40.68 -60.18 -40.09
CA TYR D 677 -41.24 -60.66 -41.34
C TYR D 677 -40.87 -62.09 -41.68
N LEU D 678 -39.62 -62.46 -41.47
CA LEU D 678 -39.11 -63.72 -42.02
C LEU D 678 -39.35 -64.90 -41.11
N GLY D 679 -40.09 -64.71 -40.01
CA GLY D 679 -40.16 -65.73 -38.99
C GLY D 679 -40.67 -67.07 -39.48
N GLY D 680 -41.41 -67.10 -40.58
CA GLY D 680 -41.93 -68.37 -41.05
C GLY D 680 -40.86 -69.26 -41.65
N ASP D 681 -40.08 -68.73 -42.59
CA ASP D 681 -39.20 -69.56 -43.40
C ASP D 681 -37.75 -69.27 -43.11
N LEU D 682 -37.17 -70.07 -42.25
CA LEU D 682 -35.81 -70.02 -41.72
C LEU D 682 -35.79 -71.18 -40.75
N PRO D 683 -34.74 -72.00 -40.73
CA PRO D 683 -34.68 -73.03 -39.70
C PRO D 683 -34.67 -72.38 -38.33
N GLU D 684 -35.48 -72.92 -37.42
CA GLU D 684 -35.60 -72.31 -36.10
C GLU D 684 -34.25 -72.18 -35.43
N GLU D 685 -33.31 -73.05 -35.78
CA GLU D 685 -31.97 -72.94 -35.22
C GLU D 685 -31.37 -71.57 -35.51
N CYS D 686 -31.51 -71.08 -36.74
CA CYS D 686 -31.00 -69.74 -36.99
C CYS D 686 -32.07 -68.67 -36.84
N MET D 687 -33.33 -69.04 -36.74
CA MET D 687 -34.30 -68.01 -36.41
C MET D 687 -34.22 -67.65 -34.95
N ALA D 688 -33.90 -68.62 -34.09
CA ALA D 688 -33.69 -68.33 -32.68
C ALA D 688 -32.52 -67.40 -32.46
N VAL D 689 -31.57 -67.34 -33.38
CA VAL D 689 -30.41 -66.48 -33.20
C VAL D 689 -30.80 -65.02 -33.27
N TYR D 690 -31.65 -64.68 -34.22
CA TYR D 690 -32.14 -63.31 -34.32
C TYR D 690 -33.19 -63.03 -33.27
N ARG D 691 -34.10 -63.97 -33.08
CA ARG D 691 -35.14 -63.82 -32.08
C ARG D 691 -34.57 -63.59 -30.70
N ASP D 692 -33.45 -64.23 -30.39
CA ASP D 692 -32.77 -64.09 -29.11
C ASP D 692 -31.91 -62.85 -29.06
N LEU D 693 -31.30 -62.49 -30.18
CA LEU D 693 -30.48 -61.29 -30.23
C LEU D 693 -31.33 -60.04 -30.11
N VAL D 694 -32.58 -60.10 -30.56
CA VAL D 694 -33.50 -58.99 -30.39
C VAL D 694 -34.09 -58.99 -29.00
N ALA D 695 -34.36 -60.18 -28.45
CA ALA D 695 -34.93 -60.27 -27.13
C ALA D 695 -33.99 -59.71 -26.08
N HIS D 696 -32.70 -59.66 -26.37
CA HIS D 696 -31.72 -59.15 -25.46
C HIS D 696 -31.49 -57.65 -25.60
N VAL D 697 -32.01 -57.03 -26.65
CA VAL D 697 -31.96 -55.58 -26.74
C VAL D 697 -33.05 -54.98 -25.89
N GLU D 698 -34.25 -55.56 -25.94
CA GLU D 698 -35.32 -55.10 -25.08
C GLU D 698 -35.12 -55.52 -23.64
N ALA D 699 -34.27 -56.50 -23.40
CA ALA D 699 -33.94 -56.87 -22.03
C ALA D 699 -33.09 -55.79 -21.36
N LEU D 700 -32.18 -55.19 -22.11
CA LEU D 700 -31.39 -54.10 -21.61
C LEU D 700 -32.16 -52.79 -21.62
N ALA D 701 -33.16 -52.66 -22.47
CA ALA D 701 -33.93 -51.44 -22.52
C ALA D 701 -34.63 -51.18 -21.19
N GLN D 702 -35.36 -52.16 -20.69
CA GLN D 702 -36.09 -51.97 -19.46
C GLN D 702 -35.18 -51.92 -18.26
N LEU D 703 -33.96 -52.45 -18.36
CA LEU D 703 -33.02 -52.41 -17.26
C LEU D 703 -32.78 -50.99 -16.76
N VAL D 704 -33.07 -49.98 -17.57
CA VAL D 704 -32.98 -48.60 -17.08
C VAL D 704 -34.11 -48.30 -16.14
N ASP D 705 -35.33 -48.66 -16.53
CA ASP D 705 -36.49 -48.31 -15.72
C ASP D 705 -36.53 -49.05 -14.40
N ASP D 706 -35.73 -50.08 -14.24
CA ASP D 706 -35.52 -50.61 -12.91
C ASP D 706 -34.85 -49.58 -12.02
N PHE D 707 -33.90 -48.85 -12.58
CA PHE D 707 -33.07 -47.92 -11.83
C PHE D 707 -33.49 -46.47 -11.93
N THR D 708 -34.59 -46.17 -12.60
CA THR D 708 -35.09 -44.81 -12.69
C THR D 708 -36.30 -44.68 -11.78
N LEU D 709 -36.21 -43.79 -10.79
CA LEU D 709 -37.36 -43.45 -9.98
C LEU D 709 -38.27 -42.54 -10.79
N PRO D 710 -39.53 -42.43 -10.41
CA PRO D 710 -40.45 -41.55 -11.13
C PRO D 710 -40.19 -40.08 -10.82
N GLY D 711 -40.73 -39.24 -11.70
CA GLY D 711 -40.62 -37.83 -11.54
C GLY D 711 -41.18 -37.10 -12.74
N PRO D 712 -41.09 -35.78 -12.73
CA PRO D 712 -41.58 -34.99 -13.86
C PRO D 712 -40.69 -35.10 -15.08
N GLU D 713 -40.91 -34.23 -16.05
CA GLU D 713 -39.99 -34.04 -17.16
C GLU D 713 -39.20 -32.76 -16.92
N LEU D 714 -37.89 -32.88 -16.97
CA LEU D 714 -37.00 -31.74 -16.76
C LEU D 714 -36.38 -31.34 -18.08
N GLY D 715 -36.39 -30.05 -18.36
CA GLY D 715 -35.83 -29.57 -19.60
C GLY D 715 -36.50 -30.11 -20.83
N GLY D 716 -37.71 -30.63 -20.68
CA GLY D 716 -38.40 -31.30 -21.76
C GLY D 716 -38.09 -32.76 -21.88
N GLN D 717 -36.95 -33.19 -21.37
CA GLN D 717 -36.62 -34.60 -21.27
C GLN D 717 -37.28 -35.21 -20.05
N ALA D 718 -37.45 -36.52 -20.09
CA ALA D 718 -38.07 -37.23 -19.00
C ALA D 718 -37.01 -37.70 -18.01
N GLN D 719 -37.46 -38.38 -16.95
CA GLN D 719 -36.52 -38.82 -15.92
C GLN D 719 -35.59 -39.88 -16.45
N ALA D 720 -36.12 -40.85 -17.20
CA ALA D 720 -35.29 -41.93 -17.67
C ALA D 720 -34.19 -41.43 -18.58
N GLU D 721 -34.42 -40.30 -19.23
CA GLU D 721 -33.43 -39.73 -20.12
C GLU D 721 -32.36 -38.95 -19.39
N LEU D 722 -32.72 -38.28 -18.31
CA LEU D 722 -31.73 -37.62 -17.49
C LEU D 722 -30.86 -38.61 -16.74
N ASN D 723 -31.27 -39.88 -16.71
CA ASN D 723 -30.61 -40.90 -15.92
C ASN D 723 -29.59 -41.67 -16.76
N HIS D 724 -30.07 -42.34 -17.82
CA HIS D 724 -29.25 -43.23 -18.61
C HIS D 724 -29.04 -42.63 -19.99
N LEU D 725 -27.92 -42.98 -20.61
CA LEU D 725 -27.53 -42.40 -21.88
C LEU D 725 -28.28 -42.98 -23.06
N MET D 726 -28.60 -44.28 -23.01
CA MET D 726 -29.38 -44.85 -24.10
C MET D 726 -30.78 -44.27 -24.15
N ARG D 727 -31.44 -44.15 -23.00
CA ARG D 727 -32.67 -43.37 -23.00
C ARG D 727 -32.44 -41.93 -23.37
N ASP D 728 -31.35 -41.32 -22.90
CA ASP D 728 -31.11 -39.92 -23.16
C ASP D 728 -31.20 -39.64 -24.65
N PRO D 729 -32.06 -38.74 -25.12
CA PRO D 729 -32.17 -38.60 -26.58
C PRO D 729 -31.19 -37.72 -27.33
N ALA D 730 -30.27 -37.00 -26.69
CA ALA D 730 -29.38 -36.21 -27.52
C ALA D 730 -28.43 -37.04 -28.35
N LEU D 731 -27.82 -38.05 -27.73
CA LEU D 731 -26.94 -38.94 -28.48
C LEU D 731 -27.76 -39.87 -29.35
N LEU D 732 -27.44 -39.89 -30.63
CA LEU D 732 -28.11 -40.75 -31.59
C LEU D 732 -27.13 -41.78 -32.12
N PRO D 733 -27.59 -42.93 -32.60
CA PRO D 733 -26.67 -44.01 -32.91
C PRO D 733 -25.71 -43.62 -34.01
N PRO D 734 -24.61 -44.36 -34.18
CA PRO D 734 -23.65 -43.97 -35.22
C PRO D 734 -24.20 -44.10 -36.63
N LEU D 735 -25.12 -45.03 -36.85
CA LEU D 735 -25.62 -45.33 -38.18
C LEU D 735 -27.12 -45.12 -38.17
N VAL D 736 -27.59 -44.10 -38.90
CA VAL D 736 -28.99 -43.69 -38.85
C VAL D 736 -29.52 -43.63 -40.27
N TRP D 737 -30.40 -44.57 -40.63
CA TRP D 737 -30.90 -44.60 -41.99
C TRP D 737 -32.00 -43.58 -42.23
N ASP D 738 -32.91 -43.40 -41.27
CA ASP D 738 -34.00 -42.45 -41.41
C ASP D 738 -33.78 -41.27 -40.46
N CYS D 739 -34.34 -40.13 -40.83
CA CYS D 739 -34.03 -38.90 -40.12
C CYS D 739 -34.82 -38.74 -38.82
N ASP D 740 -35.66 -39.73 -38.46
CA ASP D 740 -36.39 -39.67 -37.20
C ASP D 740 -35.49 -39.31 -36.03
N GLY D 741 -34.26 -39.81 -36.04
CA GLY D 741 -33.33 -39.46 -34.98
C GLY D 741 -33.15 -37.96 -34.86
N LEU D 742 -32.78 -37.30 -35.96
CA LEU D 742 -32.53 -35.87 -35.86
C LEU D 742 -33.80 -35.10 -35.55
N MET D 743 -34.96 -35.65 -35.92
CA MET D 743 -36.23 -34.98 -35.63
C MET D 743 -36.31 -34.61 -34.15
N ARG D 744 -36.05 -35.59 -33.28
CA ARG D 744 -36.25 -35.36 -31.86
C ARG D 744 -35.16 -34.49 -31.26
N HIS D 745 -33.95 -34.55 -31.80
CA HIS D 745 -32.87 -33.79 -31.21
C HIS D 745 -32.80 -32.37 -31.75
N ALA D 746 -33.09 -32.17 -33.03
CA ALA D 746 -33.15 -30.81 -33.53
C ALA D 746 -34.07 -29.98 -32.65
N ALA D 747 -35.06 -30.59 -32.03
CA ALA D 747 -35.90 -29.90 -31.07
C ALA D 747 -35.46 -30.33 -29.67
N LEU D 748 -34.66 -29.49 -29.03
CA LEU D 748 -34.28 -29.64 -27.64
C LEU D 748 -33.81 -28.28 -27.15
N ASP D 749 -33.87 -28.09 -25.84
CA ASP D 749 -33.22 -26.92 -25.28
C ASP D 749 -31.71 -27.10 -25.29
N ARG D 750 -31.25 -28.35 -25.27
CA ARG D 750 -29.83 -28.64 -25.20
C ARG D 750 -29.17 -28.51 -26.55
N HIS D 751 -29.86 -28.93 -27.60
CA HIS D 751 -29.29 -29.06 -28.93
C HIS D 751 -28.67 -27.74 -29.37
N ARG D 752 -27.42 -27.84 -29.74
CA ARG D 752 -26.63 -26.76 -30.24
C ARG D 752 -26.04 -27.24 -31.53
N ASP D 753 -26.08 -26.43 -32.57
CA ASP D 753 -25.36 -26.75 -33.79
C ASP D 753 -25.32 -28.15 -34.42
N CYS D 754 -26.44 -28.77 -34.78
CA CYS D 754 -26.31 -30.07 -35.41
C CYS D 754 -25.81 -29.63 -36.74
N ARG D 755 -24.55 -29.93 -37.04
CA ARG D 755 -23.91 -29.55 -38.28
C ARG D 755 -23.61 -30.76 -39.12
N ILE D 756 -24.25 -30.80 -40.28
CA ILE D 756 -24.05 -31.84 -41.28
C ILE D 756 -22.82 -31.46 -42.06
N ASP D 757 -22.32 -32.35 -42.90
CA ASP D 757 -21.13 -32.04 -43.68
C ASP D 757 -21.39 -32.29 -45.15
N ALA D 758 -22.26 -31.46 -45.73
CA ALA D 758 -22.62 -31.54 -47.14
C ALA D 758 -22.42 -30.17 -47.75
N GLY D 759 -23.35 -29.28 -47.44
CA GLY D 759 -23.32 -27.90 -47.89
C GLY D 759 -23.74 -27.01 -46.74
N GLY D 760 -25.02 -27.08 -46.39
CA GLY D 760 -25.59 -26.31 -45.31
C GLY D 760 -25.22 -26.82 -43.93
N HIS D 761 -24.97 -25.92 -42.99
CA HIS D 761 -24.62 -26.33 -41.63
C HIS D 761 -25.78 -27.08 -41.01
N GLU D 762 -27.00 -26.56 -41.20
CA GLU D 762 -28.19 -27.20 -40.68
C GLU D 762 -28.81 -28.10 -41.75
N PRO D 763 -29.31 -29.27 -41.37
CA PRO D 763 -29.81 -30.23 -42.34
C PRO D 763 -31.23 -29.91 -42.80
N VAL D 764 -31.68 -30.71 -43.77
CA VAL D 764 -33.02 -30.61 -44.36
C VAL D 764 -33.29 -31.97 -45.01
N TYR D 765 -34.55 -32.23 -45.35
CA TYR D 765 -34.96 -33.60 -45.61
C TYR D 765 -35.49 -33.80 -47.02
N ALA D 766 -35.79 -35.07 -47.30
CA ALA D 766 -36.41 -35.51 -48.54
C ALA D 766 -37.39 -36.62 -48.19
N ALA D 767 -38.63 -36.48 -48.63
CA ALA D 767 -39.68 -37.42 -48.25
C ALA D 767 -39.67 -38.69 -49.10
N ALA D 768 -39.04 -38.66 -50.26
CA ALA D 768 -39.03 -39.80 -51.16
C ALA D 768 -37.77 -39.77 -52.02
N CYS D 769 -37.65 -40.76 -52.90
CA CYS D 769 -36.48 -40.89 -53.77
C CYS D 769 -36.85 -41.70 -55.00
N ASN D 770 -36.03 -41.56 -56.04
CA ASN D 770 -36.21 -42.25 -57.32
C ASN D 770 -34.84 -42.35 -57.99
N VAL D 771 -34.83 -42.78 -59.26
CA VAL D 771 -33.58 -42.77 -60.03
C VAL D 771 -33.17 -41.35 -60.36
N ALA D 772 -34.14 -40.52 -60.79
CA ALA D 772 -33.83 -39.12 -61.07
C ALA D 772 -33.77 -38.30 -59.78
N THR D 773 -34.63 -38.61 -58.82
CA THR D 773 -34.66 -37.87 -57.56
C THR D 773 -33.36 -38.02 -56.79
N ALA D 774 -32.65 -39.12 -56.98
CA ALA D 774 -31.36 -39.32 -56.34
C ALA D 774 -30.25 -38.73 -57.19
N ASP D 775 -29.48 -37.81 -56.61
CA ASP D 775 -28.26 -37.31 -57.24
C ASP D 775 -27.11 -37.77 -56.36
N PHE D 776 -26.32 -38.72 -56.87
CA PHE D 776 -25.46 -39.51 -56.01
C PHE D 776 -24.29 -38.69 -55.46
N ASN D 777 -23.74 -37.77 -56.23
CA ASN D 777 -22.71 -36.86 -55.72
C ASN D 777 -23.28 -35.45 -55.69
N ARG D 778 -23.61 -34.98 -54.50
CA ARG D 778 -24.07 -33.62 -54.29
C ARG D 778 -23.90 -33.27 -52.82
N ASN D 779 -23.97 -31.98 -52.54
CA ASN D 779 -23.98 -31.48 -51.17
C ASN D 779 -24.90 -30.27 -50.83
N ASP D 780 -26.23 -30.32 -51.06
CA ASP D 780 -27.02 -29.18 -50.63
C ASP D 780 -27.38 -29.21 -49.15
N GLY D 781 -27.05 -30.29 -48.45
CA GLY D 781 -27.46 -30.43 -47.07
C GLY D 781 -28.76 -31.15 -46.83
N ARG D 782 -29.26 -31.91 -47.82
CA ARG D 782 -30.47 -32.68 -47.56
C ARG D 782 -30.15 -33.92 -46.73
N LEU D 783 -31.19 -34.60 -46.27
CA LEU D 783 -31.09 -35.93 -45.69
C LEU D 783 -32.31 -36.74 -46.09
N LEU D 784 -32.12 -37.88 -46.76
CA LEU D 784 -33.28 -38.66 -47.22
C LEU D 784 -34.19 -39.31 -46.17
N HIS D 785 -35.50 -39.28 -46.45
CA HIS D 785 -36.51 -39.82 -45.54
C HIS D 785 -37.30 -41.06 -46.00
N ASN D 786 -36.91 -41.70 -47.08
CA ASN D 786 -37.70 -42.86 -47.56
C ASN D 786 -37.46 -44.26 -46.97
N THR D 787 -37.80 -44.45 -45.70
CA THR D 787 -37.68 -45.76 -45.06
C THR D 787 -39.04 -46.24 -44.56
N GLN D 788 -40.07 -45.45 -44.86
CA GLN D 788 -41.43 -45.77 -44.44
C GLN D 788 -41.88 -47.06 -45.11
N ALA D 789 -42.59 -47.90 -44.35
CA ALA D 789 -43.06 -49.15 -44.93
C ALA D 789 -44.08 -48.88 -46.03
N ARG D 790 -44.80 -47.78 -45.92
CA ARG D 790 -45.94 -47.48 -46.77
C ARG D 790 -45.52 -46.42 -47.78
N ALA D 791 -45.35 -46.82 -49.03
CA ALA D 791 -44.82 -45.89 -50.04
C ALA D 791 -45.79 -44.75 -50.32
N ALA D 792 -47.10 -44.97 -50.13
CA ALA D 792 -48.06 -43.92 -50.39
C ALA D 792 -48.00 -42.82 -49.34
N ASP D 793 -47.89 -43.20 -48.07
CA ASP D 793 -47.84 -42.24 -46.98
C ASP D 793 -46.39 -42.09 -46.54
N ALA D 794 -45.79 -40.97 -46.90
CA ALA D 794 -44.43 -40.63 -46.53
C ALA D 794 -44.46 -39.55 -45.46
N ALA D 795 -43.28 -39.13 -45.02
CA ALA D 795 -43.16 -38.12 -43.99
C ALA D 795 -42.06 -37.14 -44.35
N ASP D 796 -42.27 -35.89 -43.91
CA ASP D 796 -41.24 -34.87 -43.90
C ASP D 796 -41.00 -34.37 -42.48
N ASP D 797 -42.03 -33.84 -41.83
CA ASP D 797 -41.93 -33.45 -40.43
C ASP D 797 -42.13 -34.64 -39.49
N ARG D 798 -43.30 -35.26 -39.55
CA ARG D 798 -43.66 -36.30 -38.59
C ARG D 798 -42.65 -37.44 -38.61
N PRO D 799 -42.20 -37.94 -37.45
CA PRO D 799 -41.26 -39.07 -37.41
C PRO D 799 -41.96 -40.45 -37.49
N HIS D 800 -41.49 -41.34 -38.35
CA HIS D 800 -42.16 -42.64 -38.59
C HIS D 800 -42.31 -43.69 -37.48
N ARG D 801 -41.22 -43.98 -36.78
CA ARG D 801 -41.18 -45.00 -35.75
C ARG D 801 -41.68 -44.52 -34.39
N PRO D 802 -41.92 -45.51 -33.45
CA PRO D 802 -42.40 -44.99 -32.15
C PRO D 802 -41.46 -44.00 -31.49
N ALA D 803 -40.16 -44.30 -31.45
CA ALA D 803 -39.09 -43.48 -30.86
C ALA D 803 -38.16 -44.43 -30.16
N ASP D 804 -38.78 -45.44 -29.57
CA ASP D 804 -38.06 -46.46 -28.86
C ASP D 804 -37.20 -47.19 -29.86
N TRP D 805 -37.78 -47.49 -30.99
CA TRP D 805 -37.11 -48.17 -32.03
C TRP D 805 -35.74 -47.62 -32.03
N THR D 806 -35.62 -46.31 -31.92
CA THR D 806 -34.31 -45.71 -31.95
C THR D 806 -33.49 -46.03 -30.76
N VAL D 807 -34.09 -46.03 -29.58
CA VAL D 807 -33.42 -46.40 -28.33
C VAL D 807 -32.81 -47.79 -28.47
N HIS D 808 -33.47 -48.67 -29.20
CA HIS D 808 -32.94 -50.00 -29.40
C HIS D 808 -31.78 -50.02 -30.39
N HIS D 809 -31.60 -48.98 -31.18
CA HIS D 809 -30.46 -48.94 -32.07
C HIS D 809 -29.22 -48.44 -31.36
N LYS D 810 -29.36 -47.45 -30.48
CA LYS D 810 -28.24 -47.10 -29.63
C LYS D 810 -27.84 -48.29 -28.77
N ILE D 811 -28.81 -48.87 -28.07
CA ILE D 811 -28.51 -50.05 -27.26
C ILE D 811 -27.83 -51.12 -28.11
N TYR D 812 -28.35 -51.40 -29.28
CA TYR D 812 -27.71 -52.41 -30.10
C TYR D 812 -26.30 -52.01 -30.50
N TYR D 813 -26.15 -50.85 -31.14
CA TYR D 813 -24.85 -50.48 -31.68
C TYR D 813 -23.85 -50.22 -30.57
N TYR D 814 -24.25 -49.46 -29.55
CA TYR D 814 -23.29 -49.11 -28.52
C TYR D 814 -23.13 -50.20 -27.45
N VAL D 815 -24.21 -50.83 -27.01
CA VAL D 815 -24.07 -51.83 -25.96
C VAL D 815 -23.64 -53.17 -26.52
N LEU D 816 -24.31 -53.65 -27.56
CA LEU D 816 -24.13 -55.05 -27.94
C LEU D 816 -22.93 -55.25 -28.85
N VAL D 817 -22.97 -54.68 -30.05
CA VAL D 817 -21.91 -54.82 -31.03
C VAL D 817 -20.51 -54.67 -30.42
N PRO D 818 -20.32 -53.70 -29.53
CA PRO D 818 -19.00 -53.54 -28.94
C PRO D 818 -18.57 -54.76 -28.13
N ALA D 819 -19.53 -55.41 -27.52
CA ALA D 819 -19.32 -56.58 -26.74
C ALA D 819 -19.37 -57.84 -27.54
N PHE D 820 -19.57 -57.76 -28.85
CA PHE D 820 -19.53 -58.95 -29.68
C PHE D 820 -18.32 -59.03 -30.53
N SER D 821 -17.90 -57.88 -31.03
CA SER D 821 -16.75 -57.82 -31.89
C SER D 821 -15.50 -57.51 -31.15
N ARG D 822 -15.67 -57.26 -29.87
CA ARG D 822 -14.63 -56.94 -28.89
C ARG D 822 -13.67 -55.90 -29.46
N GLY D 823 -14.19 -54.98 -30.26
CA GLY D 823 -13.43 -53.83 -30.71
C GLY D 823 -12.98 -53.87 -32.15
N ARG D 824 -13.07 -55.00 -32.84
CA ARG D 824 -12.60 -55.10 -34.22
C ARG D 824 -13.81 -55.05 -35.15
N CYS D 825 -13.99 -53.89 -35.77
CA CYS D 825 -15.10 -53.55 -36.65
C CYS D 825 -14.93 -52.09 -36.99
N CYS D 826 -15.60 -51.65 -38.05
CA CYS D 826 -15.49 -50.25 -38.43
C CYS D 826 -16.74 -49.86 -39.19
N THR D 827 -17.17 -48.62 -38.99
CA THR D 827 -18.20 -48.04 -39.82
C THR D 827 -17.60 -47.65 -41.16
N ALA D 828 -18.45 -47.49 -42.16
CA ALA D 828 -17.97 -47.01 -43.44
C ALA D 828 -19.05 -46.19 -44.13
N GLY D 829 -18.62 -45.23 -44.92
CA GLY D 829 -19.52 -44.63 -45.87
C GLY D 829 -19.83 -45.60 -47.00
N VAL D 830 -20.70 -45.16 -47.90
CA VAL D 830 -21.08 -45.97 -49.04
C VAL D 830 -20.88 -45.13 -50.30
N ARG D 831 -20.48 -45.80 -51.37
CA ARG D 831 -20.58 -45.25 -52.70
C ARG D 831 -21.79 -45.93 -53.33
N PHE D 832 -22.93 -45.23 -53.36
CA PHE D 832 -24.16 -45.90 -53.78
C PHE D 832 -24.23 -46.05 -55.28
N ASP D 833 -23.78 -45.03 -56.02
CA ASP D 833 -23.70 -45.13 -57.47
C ASP D 833 -22.98 -46.40 -57.87
N ARG D 834 -21.88 -46.70 -57.19
CA ARG D 834 -21.13 -47.92 -57.43
C ARG D 834 -21.80 -49.14 -56.83
N VAL D 835 -22.64 -48.97 -55.82
CA VAL D 835 -23.34 -50.11 -55.25
C VAL D 835 -24.42 -50.53 -56.23
N TYR D 836 -25.40 -49.64 -56.46
CA TYR D 836 -26.49 -49.97 -57.37
C TYR D 836 -26.01 -50.34 -58.76
N ALA D 837 -24.79 -49.96 -59.13
CA ALA D 837 -24.21 -50.36 -60.40
C ALA D 837 -24.20 -51.88 -60.52
N THR D 838 -23.42 -52.57 -59.70
CA THR D 838 -23.41 -54.02 -59.75
C THR D 838 -24.55 -54.68 -59.01
N LEU D 839 -25.28 -53.94 -58.18
CA LEU D 839 -26.47 -54.53 -57.59
C LEU D 839 -27.31 -55.08 -58.72
N GLN D 840 -27.79 -54.20 -59.57
CA GLN D 840 -28.54 -54.65 -60.73
C GLN D 840 -27.57 -54.68 -61.90
N ASN D 841 -26.87 -55.80 -62.00
CA ASN D 841 -26.16 -56.16 -63.21
C ASN D 841 -26.24 -57.67 -63.24
N MET D 842 -27.05 -58.23 -64.12
CA MET D 842 -27.34 -59.64 -63.96
C MET D 842 -27.58 -60.28 -65.30
N VAL D 843 -27.22 -61.55 -65.38
CA VAL D 843 -27.62 -62.41 -66.46
C VAL D 843 -28.62 -63.39 -65.89
N VAL D 844 -29.89 -63.18 -66.22
CA VAL D 844 -30.95 -64.11 -65.83
C VAL D 844 -31.45 -64.77 -67.10
N PRO D 845 -31.17 -66.06 -67.31
CA PRO D 845 -31.56 -66.71 -68.56
C PRO D 845 -33.05 -66.59 -68.82
N GLU D 846 -33.38 -66.48 -70.10
CA GLU D 846 -34.77 -66.60 -70.52
C GLU D 846 -35.22 -68.04 -70.31
N ILE D 847 -36.29 -68.23 -69.55
CA ILE D 847 -36.75 -69.58 -69.26
C ILE D 847 -37.36 -70.21 -70.50
N ALA D 848 -37.27 -71.52 -70.57
CA ALA D 848 -38.04 -72.27 -71.54
C ALA D 848 -39.50 -72.30 -71.13
N PRO D 849 -40.43 -71.91 -72.00
CA PRO D 849 -41.85 -72.03 -71.66
C PRO D 849 -42.24 -73.49 -71.43
N GLY D 850 -43.01 -73.73 -70.37
CA GLY D 850 -43.41 -75.06 -70.00
C GLY D 850 -42.43 -75.83 -69.15
N GLU D 851 -41.20 -75.35 -69.02
CA GLU D 851 -40.18 -76.00 -68.20
C GLU D 851 -40.08 -75.27 -66.86
N GLU D 852 -39.84 -76.03 -65.80
CA GLU D 852 -39.90 -75.48 -64.45
C GLU D 852 -38.70 -74.56 -64.20
N CYS D 853 -38.67 -74.01 -62.99
CA CYS D 853 -37.61 -73.08 -62.63
C CYS D 853 -36.34 -73.84 -62.29
N PRO D 854 -35.17 -73.31 -62.64
CA PRO D 854 -33.91 -73.96 -62.26
C PRO D 854 -33.76 -73.99 -60.75
N SER D 855 -33.54 -75.19 -60.22
CA SER D 855 -33.20 -75.34 -58.80
C SER D 855 -31.72 -75.20 -58.54
N ASP D 856 -30.90 -75.86 -59.36
CA ASP D 856 -29.49 -76.09 -59.07
C ASP D 856 -28.60 -75.23 -59.95
N PRO D 857 -27.67 -74.48 -59.36
CA PRO D 857 -26.63 -73.84 -60.18
C PRO D 857 -25.63 -74.82 -60.74
N VAL D 858 -25.51 -76.01 -60.17
CA VAL D 858 -24.55 -77.00 -60.64
C VAL D 858 -25.10 -77.75 -61.85
N THR D 859 -26.41 -78.03 -61.86
CA THR D 859 -27.03 -78.90 -62.86
C THR D 859 -27.62 -78.12 -64.03
N ASP D 860 -28.60 -77.26 -63.75
CA ASP D 860 -29.37 -76.61 -64.82
C ASP D 860 -28.58 -75.45 -65.39
N PRO D 861 -28.37 -75.39 -66.71
CA PRO D 861 -27.76 -74.20 -67.30
C PRO D 861 -28.66 -72.97 -67.29
N ALA D 862 -29.97 -73.14 -67.10
CA ALA D 862 -30.86 -72.00 -67.07
C ALA D 862 -30.88 -71.32 -65.72
N HIS D 863 -30.13 -71.82 -64.75
CA HIS D 863 -30.00 -71.16 -63.47
C HIS D 863 -29.04 -69.98 -63.59
N PRO D 864 -29.39 -68.82 -63.03
CA PRO D 864 -28.56 -67.63 -63.24
C PRO D 864 -27.19 -67.73 -62.60
N LEU D 865 -26.99 -68.66 -61.68
CA LEU D 865 -25.69 -68.94 -61.08
C LEU D 865 -24.98 -70.12 -61.70
N HIS D 866 -25.53 -70.72 -62.75
CA HIS D 866 -24.81 -71.75 -63.48
C HIS D 866 -23.54 -71.15 -64.06
N PRO D 867 -22.45 -71.94 -64.14
CA PRO D 867 -21.20 -71.39 -64.69
C PRO D 867 -21.33 -70.73 -66.04
N ALA D 868 -22.25 -71.20 -66.88
CA ALA D 868 -22.44 -70.59 -68.19
C ALA D 868 -23.06 -69.21 -68.10
N ASN D 869 -23.74 -68.90 -67.01
CA ASN D 869 -24.39 -67.61 -66.84
C ASN D 869 -23.58 -66.61 -66.02
N LEU D 870 -22.42 -67.00 -65.52
CA LEU D 870 -21.61 -66.10 -64.69
C LEU D 870 -20.71 -65.30 -65.61
N VAL D 871 -20.97 -63.99 -65.71
CA VAL D 871 -20.12 -63.12 -66.49
C VAL D 871 -19.32 -62.30 -65.48
N ALA D 872 -18.38 -61.48 -65.96
CA ALA D 872 -17.59 -60.65 -65.08
C ALA D 872 -18.39 -59.43 -64.65
N ASN D 873 -18.12 -58.97 -63.43
CA ASN D 873 -18.67 -57.73 -62.88
C ASN D 873 -20.17 -57.79 -62.64
N THR D 874 -20.84 -58.86 -63.02
CA THR D 874 -22.28 -58.94 -62.83
C THR D 874 -22.61 -59.26 -61.38
N VAL D 875 -23.90 -59.28 -61.07
CA VAL D 875 -24.30 -59.53 -59.69
C VAL D 875 -24.30 -61.02 -59.38
N ASN D 876 -24.61 -61.87 -60.35
CA ASN D 876 -24.65 -63.29 -60.02
C ASN D 876 -23.26 -63.90 -59.93
N ALA D 877 -22.24 -63.21 -60.43
CA ALA D 877 -20.88 -63.55 -60.03
C ALA D 877 -20.64 -63.17 -58.59
N MET D 878 -21.35 -62.16 -58.10
CA MET D 878 -21.19 -61.75 -56.72
C MET D 878 -21.92 -62.70 -55.77
N PHE D 879 -23.06 -63.25 -56.18
CA PHE D 879 -23.65 -64.35 -55.41
C PHE D 879 -22.83 -65.62 -55.50
N HIS D 880 -22.00 -65.75 -56.53
CA HIS D 880 -21.16 -66.93 -56.64
C HIS D 880 -19.91 -66.80 -55.79
N ASN D 881 -19.29 -65.63 -55.78
CA ASN D 881 -18.04 -65.49 -55.03
C ASN D 881 -18.24 -65.78 -53.56
N GLY D 882 -19.28 -65.22 -52.96
CA GLY D 882 -19.55 -65.51 -51.57
C GLY D 882 -20.57 -66.53 -51.90
N ARG D 883 -20.26 -67.80 -51.66
CA ARG D 883 -21.18 -68.81 -52.07
C ARG D 883 -22.53 -68.59 -51.43
N VAL D 884 -23.49 -68.45 -52.31
CA VAL D 884 -24.89 -68.27 -51.95
C VAL D 884 -25.72 -68.88 -53.06
N VAL D 885 -26.76 -69.62 -52.69
CA VAL D 885 -27.61 -70.29 -53.67
C VAL D 885 -28.87 -69.47 -53.80
N VAL D 886 -29.03 -68.84 -54.96
CA VAL D 886 -30.12 -67.92 -55.25
C VAL D 886 -30.78 -68.35 -56.55
N ASP D 887 -32.10 -68.55 -56.52
CA ASP D 887 -32.79 -68.87 -57.76
C ASP D 887 -32.92 -67.61 -58.62
N GLY D 888 -33.51 -67.78 -59.79
CA GLY D 888 -33.69 -66.69 -60.73
C GLY D 888 -34.59 -65.57 -60.27
N PRO D 889 -35.84 -65.88 -59.90
CA PRO D 889 -36.79 -64.81 -59.59
C PRO D 889 -36.44 -64.02 -58.36
N ALA D 890 -35.55 -64.53 -57.49
CA ALA D 890 -35.10 -63.74 -56.35
C ALA D 890 -34.39 -62.48 -56.82
N MET D 891 -33.34 -62.62 -57.62
CA MET D 891 -32.65 -61.46 -58.13
C MET D 891 -33.44 -60.73 -59.20
N LEU D 892 -34.55 -61.30 -59.65
CA LEU D 892 -35.44 -60.53 -60.52
C LEU D 892 -36.18 -59.46 -59.73
N THR D 893 -36.37 -59.69 -58.43
CA THR D 893 -37.05 -58.74 -57.57
C THR D 893 -36.16 -57.58 -57.18
N LEU D 894 -34.94 -57.58 -57.71
CA LEU D 894 -33.95 -56.55 -57.45
C LEU D 894 -34.29 -55.25 -58.15
N GLN D 895 -35.26 -55.24 -59.06
CA GLN D 895 -35.60 -54.04 -59.80
C GLN D 895 -36.11 -52.92 -58.90
N VAL D 896 -36.54 -53.25 -57.67
CA VAL D 896 -37.13 -52.27 -56.79
C VAL D 896 -36.13 -51.18 -56.40
N LEU D 897 -34.84 -51.43 -56.57
CA LEU D 897 -33.84 -50.44 -56.19
C LEU D 897 -33.96 -49.16 -56.99
N ALA D 898 -34.69 -49.17 -58.10
CA ALA D 898 -34.94 -47.94 -58.82
C ALA D 898 -35.91 -47.04 -58.08
N HIS D 899 -36.87 -47.63 -57.36
CA HIS D 899 -37.92 -46.84 -56.74
C HIS D 899 -37.47 -46.20 -55.42
N ASN D 900 -36.51 -46.81 -54.74
CA ASN D 900 -35.95 -46.25 -53.52
C ASN D 900 -34.45 -46.45 -53.53
N MET D 901 -33.71 -45.38 -53.26
CA MET D 901 -32.26 -45.49 -53.16
C MET D 901 -31.74 -44.34 -52.32
N ALA D 902 -30.41 -44.24 -52.23
CA ALA D 902 -29.78 -43.21 -51.43
C ALA D 902 -28.67 -42.55 -52.21
N GLU D 903 -28.60 -41.22 -52.12
CA GLU D 903 -27.64 -40.49 -52.93
C GLU D 903 -26.22 -40.69 -52.39
N ARG D 904 -26.03 -40.54 -51.09
CA ARG D 904 -24.69 -40.63 -50.53
C ARG D 904 -24.80 -40.84 -49.03
N THR D 905 -23.65 -41.03 -48.41
CA THR D 905 -23.52 -41.07 -46.95
C THR D 905 -23.10 -39.68 -46.49
N THR D 906 -23.57 -39.27 -45.33
CA THR D 906 -23.29 -37.92 -44.87
C THR D 906 -22.81 -37.97 -43.44
N ALA D 907 -21.59 -37.50 -43.21
CA ALA D 907 -21.08 -37.36 -41.86
C ALA D 907 -21.89 -36.30 -41.13
N LEU D 908 -22.27 -36.60 -39.90
CA LEU D 908 -23.18 -35.78 -39.13
C LEU D 908 -22.53 -35.48 -37.79
N LEU D 909 -22.30 -34.20 -37.51
CA LEU D 909 -21.70 -33.78 -36.26
C LEU D 909 -22.69 -32.88 -35.52
N CYS D 910 -23.13 -33.35 -34.35
CA CYS D 910 -24.12 -32.68 -33.53
C CYS D 910 -23.68 -32.55 -32.07
N SER D 911 -23.82 -31.37 -31.47
CA SER D 911 -23.46 -31.17 -30.07
C SER D 911 -24.72 -30.86 -29.25
N ALA D 912 -24.51 -30.56 -27.98
CA ALA D 912 -25.58 -30.25 -27.04
C ALA D 912 -24.96 -29.88 -25.70
N ALA D 913 -25.71 -29.15 -24.91
CA ALA D 913 -25.25 -28.74 -23.58
C ALA D 913 -25.53 -29.85 -22.58
N PRO D 914 -25.09 -29.71 -21.33
CA PRO D 914 -25.51 -30.68 -20.33
C PRO D 914 -27.00 -30.58 -20.09
N ASP D 915 -27.61 -31.71 -19.77
CA ASP D 915 -29.04 -31.71 -19.64
C ASP D 915 -29.48 -30.97 -18.39
N ALA D 916 -30.75 -30.59 -18.37
CA ALA D 916 -31.33 -30.05 -17.15
C ALA D 916 -31.06 -31.04 -16.03
N GLY D 917 -30.76 -30.53 -14.85
CA GLY D 917 -30.33 -31.53 -13.89
C GLY D 917 -28.95 -32.07 -14.19
N ALA D 918 -27.89 -31.30 -13.89
CA ALA D 918 -26.53 -31.31 -14.44
C ALA D 918 -26.15 -30.17 -15.35
N ASN D 919 -27.00 -29.19 -15.51
CA ASN D 919 -26.65 -28.08 -16.33
C ASN D 919 -26.56 -27.00 -15.30
N THR D 920 -25.43 -26.35 -15.22
CA THR D 920 -25.25 -25.30 -14.25
C THR D 920 -24.48 -24.18 -14.87
N ALA D 921 -24.23 -23.16 -14.11
CA ALA D 921 -23.48 -22.05 -14.62
C ALA D 921 -22.07 -22.42 -15.06
N SER D 922 -21.44 -23.47 -14.54
CA SER D 922 -20.08 -23.71 -14.99
C SER D 922 -20.05 -24.60 -16.22
N THR D 923 -20.98 -25.54 -16.31
CA THR D 923 -21.10 -26.40 -17.46
C THR D 923 -22.05 -25.83 -18.51
N ALA D 924 -22.48 -24.59 -18.33
CA ALA D 924 -23.38 -23.96 -19.29
C ALA D 924 -22.79 -23.94 -20.70
N ASN D 925 -21.47 -23.78 -20.82
CA ASN D 925 -20.82 -23.67 -22.11
C ASN D 925 -20.26 -24.98 -22.62
N MET D 926 -20.38 -26.06 -21.86
CA MET D 926 -19.77 -27.32 -22.26
C MET D 926 -20.58 -27.96 -23.37
N ARG D 927 -19.93 -28.24 -24.50
CA ARG D 927 -20.55 -28.85 -25.65
C ARG D 927 -20.00 -30.26 -25.83
N ILE D 928 -20.88 -31.19 -26.14
CA ILE D 928 -20.50 -32.59 -26.34
C ILE D 928 -20.75 -32.95 -27.80
N PHE D 929 -19.69 -33.07 -28.56
CA PHE D 929 -19.77 -33.34 -29.99
C PHE D 929 -19.78 -34.84 -30.21
N ASP D 930 -20.82 -35.33 -30.89
CA ASP D 930 -20.97 -36.74 -31.19
C ASP D 930 -21.27 -36.89 -32.67
N GLY D 931 -20.46 -37.69 -33.35
CA GLY D 931 -20.61 -37.85 -34.78
C GLY D 931 -21.51 -39.02 -35.15
N ALA D 932 -21.97 -39.00 -36.39
CA ALA D 932 -22.77 -40.08 -36.92
C ALA D 932 -22.72 -40.04 -38.44
N LEU D 933 -23.04 -41.17 -39.05
CA LEU D 933 -23.16 -41.29 -40.49
C LEU D 933 -24.61 -41.51 -40.82
N HIS D 934 -25.08 -40.90 -41.91
CA HIS D 934 -26.49 -41.08 -42.22
C HIS D 934 -26.69 -42.48 -42.78
N ALA D 935 -26.31 -42.73 -44.02
CA ALA D 935 -26.42 -44.07 -44.54
C ALA D 935 -25.01 -44.65 -44.58
N GLY D 936 -24.65 -45.35 -43.53
CA GLY D 936 -23.35 -45.90 -43.43
C GLY D 936 -23.47 -47.32 -43.01
N VAL D 937 -22.50 -48.11 -43.39
CA VAL D 937 -22.52 -49.49 -43.05
C VAL D 937 -21.46 -49.72 -41.99
N LEU D 938 -21.60 -50.79 -41.23
CA LEU D 938 -20.68 -51.12 -40.17
C LEU D 938 -19.98 -52.34 -40.65
N LEU D 939 -18.66 -52.33 -40.75
CA LEU D 939 -17.98 -53.48 -41.26
C LEU D 939 -17.54 -54.36 -40.10
N MET D 940 -17.92 -55.62 -40.12
CA MET D 940 -17.64 -56.52 -39.01
C MET D 940 -16.19 -56.97 -38.94
N ALA D 941 -15.77 -57.85 -39.84
CA ALA D 941 -14.42 -58.40 -39.78
C ALA D 941 -13.63 -57.91 -40.98
N PRO D 942 -12.49 -57.26 -40.77
CA PRO D 942 -11.77 -56.69 -41.91
C PRO D 942 -11.33 -57.78 -42.87
N GLN D 943 -11.65 -57.59 -44.15
CA GLN D 943 -10.94 -58.29 -45.20
C GLN D 943 -10.18 -57.23 -46.00
N HIS D 944 -8.89 -57.09 -45.70
CA HIS D 944 -7.98 -56.36 -46.55
C HIS D 944 -7.12 -57.30 -47.37
N LEU D 945 -7.32 -58.59 -47.20
CA LEU D 945 -6.55 -59.59 -47.93
C LEU D 945 -7.08 -60.22 -49.21
N ASP D 946 -8.17 -59.73 -49.76
CA ASP D 946 -8.66 -60.40 -50.94
C ASP D 946 -8.61 -59.42 -52.08
N HIS D 947 -8.38 -59.95 -53.26
CA HIS D 947 -8.29 -59.11 -54.40
C HIS D 947 -9.29 -59.67 -55.35
N THR D 948 -10.53 -59.43 -54.96
CA THR D 948 -11.72 -59.81 -55.69
C THR D 948 -12.44 -58.51 -55.90
N ILE D 949 -12.77 -57.89 -54.81
CA ILE D 949 -13.36 -56.58 -54.75
C ILE D 949 -12.27 -55.56 -54.45
N GLN D 950 -12.23 -54.50 -55.24
CA GLN D 950 -11.22 -53.47 -55.04
C GLN D 950 -11.34 -52.86 -53.65
N ASN D 951 -10.21 -52.53 -53.06
CA ASN D 951 -10.21 -51.94 -51.72
C ASN D 951 -10.78 -50.53 -51.78
N GLY D 952 -11.81 -50.32 -50.98
CA GLY D 952 -12.39 -48.99 -50.88
C GLY D 952 -13.22 -48.55 -52.07
N GLU D 953 -13.83 -49.49 -52.80
CA GLU D 953 -14.67 -49.07 -53.91
C GLU D 953 -16.12 -48.86 -53.46
N TYR D 954 -16.77 -49.97 -53.15
CA TYR D 954 -18.14 -50.01 -52.71
C TYR D 954 -18.37 -49.33 -51.40
N PHE D 955 -17.46 -49.53 -50.45
CA PHE D 955 -17.56 -48.93 -49.12
C PHE D 955 -16.24 -48.34 -48.73
N TYR D 956 -16.24 -47.25 -47.99
CA TYR D 956 -15.00 -46.67 -47.55
C TYR D 956 -14.92 -46.55 -46.05
N VAL D 957 -13.77 -46.81 -45.48
CA VAL D 957 -13.62 -46.79 -44.06
C VAL D 957 -13.75 -45.41 -43.47
N LEU D 958 -14.65 -45.27 -42.52
CA LEU D 958 -14.87 -44.04 -41.80
C LEU D 958 -15.38 -44.48 -40.44
N PRO D 959 -14.68 -44.13 -39.36
CA PRO D 959 -15.23 -44.56 -38.09
C PRO D 959 -15.66 -43.33 -37.35
N VAL D 960 -16.92 -43.25 -36.97
CA VAL D 960 -17.48 -42.14 -36.22
C VAL D 960 -17.08 -41.97 -34.76
N HIS D 961 -17.10 -43.07 -34.02
CA HIS D 961 -16.70 -43.11 -32.63
C HIS D 961 -15.57 -44.13 -32.47
N ALA D 962 -14.76 -43.94 -31.43
CA ALA D 962 -13.65 -44.85 -31.20
C ALA D 962 -14.10 -46.26 -30.91
N LEU D 963 -15.36 -46.47 -30.52
CA LEU D 963 -15.88 -47.81 -30.40
C LEU D 963 -15.79 -48.54 -31.73
N PHE D 964 -16.09 -47.85 -32.81
CA PHE D 964 -15.94 -48.43 -34.13
C PHE D 964 -14.79 -47.73 -34.81
N ALA D 965 -13.61 -48.30 -34.62
CA ALA D 965 -12.46 -48.09 -35.49
C ALA D 965 -11.77 -49.43 -35.54
N GLY D 966 -11.75 -50.07 -36.69
CA GLY D 966 -10.98 -51.28 -36.83
C GLY D 966 -9.52 -50.93 -36.86
N ALA D 967 -8.72 -51.64 -36.08
CA ALA D 967 -7.28 -51.47 -36.23
C ALA D 967 -6.84 -51.84 -37.63
N ASP D 968 -7.42 -52.91 -38.18
CA ASP D 968 -7.11 -53.36 -39.51
C ASP D 968 -8.00 -52.78 -40.59
N HIS D 969 -9.09 -52.11 -40.23
CA HIS D 969 -9.81 -51.33 -41.23
C HIS D 969 -9.09 -50.03 -41.50
N VAL D 970 -8.71 -49.32 -40.44
CA VAL D 970 -8.11 -48.00 -40.62
C VAL D 970 -6.71 -48.13 -41.21
N ALA D 971 -5.92 -49.06 -40.69
CA ALA D 971 -4.53 -49.15 -41.13
C ALA D 971 -4.42 -49.62 -42.57
N ASN D 972 -5.41 -50.34 -43.06
CA ASN D 972 -5.37 -50.93 -44.39
C ASN D 972 -6.11 -50.11 -45.43
N ALA D 973 -6.59 -48.93 -45.06
CA ALA D 973 -7.20 -48.02 -46.01
C ALA D 973 -6.23 -47.73 -47.16
N PRO D 974 -6.77 -47.36 -48.33
CA PRO D 974 -5.91 -47.28 -49.53
C PRO D 974 -4.64 -46.47 -49.38
N ASN D 975 -4.72 -45.26 -48.87
CA ASN D 975 -3.51 -44.50 -48.52
C ASN D 975 -3.48 -44.33 -47.02
N PHE D 976 -2.65 -45.12 -46.35
CA PHE D 976 -2.44 -45.01 -44.93
C PHE D 976 -0.97 -44.70 -44.71
N PRO D 977 -0.63 -43.56 -44.11
CA PRO D 977 0.77 -43.20 -43.95
C PRO D 977 1.51 -44.28 -43.17
N PRO D 978 2.60 -44.81 -43.73
CA PRO D 978 3.28 -45.93 -43.07
C PRO D 978 3.96 -45.55 -41.78
N ALA D 979 4.20 -44.27 -41.52
CA ALA D 979 4.68 -43.86 -40.21
C ALA D 979 3.69 -44.19 -39.12
N LEU D 980 2.41 -44.32 -39.46
CA LEU D 980 1.34 -44.50 -38.50
C LEU D 980 0.95 -45.96 -38.30
N ARG D 981 1.68 -46.90 -38.91
CA ARG D 981 1.26 -48.30 -38.89
C ARG D 981 1.11 -48.81 -37.47
N ASP D 982 2.18 -48.73 -36.67
CA ASP D 982 2.11 -49.19 -35.29
C ASP D 982 1.20 -48.31 -34.46
N LEU D 983 1.32 -47.02 -34.62
CA LEU D 983 0.52 -46.11 -33.81
C LEU D 983 -0.93 -46.44 -34.08
N ALA D 984 -1.24 -46.92 -35.26
CA ALA D 984 -2.60 -47.30 -35.61
C ALA D 984 -3.15 -48.42 -34.76
N ARG D 985 -2.31 -49.35 -34.35
CA ARG D 985 -2.74 -50.48 -33.52
C ARG D 985 -3.33 -50.09 -32.18
N HIS D 986 -2.67 -49.23 -31.43
CA HIS D 986 -3.17 -48.88 -30.11
C HIS D 986 -3.93 -47.57 -29.97
N VAL D 987 -3.93 -46.77 -31.01
CA VAL D 987 -4.63 -45.49 -31.00
C VAL D 987 -5.85 -45.59 -31.92
N PRO D 988 -7.03 -45.30 -31.43
CA PRO D 988 -8.24 -45.31 -32.27
C PRO D 988 -8.36 -44.10 -33.17
N LEU D 989 -7.84 -44.14 -34.39
CA LEU D 989 -7.79 -42.94 -35.20
C LEU D 989 -9.20 -42.59 -35.66
N VAL D 990 -9.73 -41.48 -35.15
CA VAL D 990 -11.02 -40.92 -35.50
C VAL D 990 -10.82 -39.47 -35.92
N PRO D 991 -11.20 -39.07 -37.12
CA PRO D 991 -11.14 -37.66 -37.47
C PRO D 991 -11.97 -36.83 -36.51
N PRO D 992 -11.48 -35.68 -36.06
CA PRO D 992 -12.27 -34.90 -35.11
C PRO D 992 -13.48 -34.27 -35.78
N ALA D 993 -13.50 -34.24 -37.11
CA ALA D 993 -14.68 -33.83 -37.84
C ALA D 993 -15.89 -34.62 -37.39
N LEU D 994 -15.69 -35.86 -36.96
CA LEU D 994 -16.74 -36.65 -36.34
C LEU D 994 -16.71 -36.60 -34.82
N GLY D 995 -15.85 -35.80 -34.24
CA GLY D 995 -15.76 -35.69 -32.80
C GLY D 995 -14.47 -36.27 -32.25
N ALA D 996 -14.19 -35.89 -31.00
CA ALA D 996 -12.96 -36.20 -30.31
C ALA D 996 -13.27 -36.96 -29.04
N ASN D 997 -12.23 -37.61 -28.51
CA ASN D 997 -12.34 -38.33 -27.24
C ASN D 997 -13.01 -37.48 -26.19
N TYR D 998 -12.33 -36.44 -25.73
CA TYR D 998 -12.79 -35.73 -24.55
C TYR D 998 -14.14 -35.07 -24.74
N PHE D 999 -14.57 -34.84 -25.97
CA PHE D 999 -15.85 -34.23 -26.21
C PHE D 999 -16.95 -35.21 -26.57
N SER D 1000 -16.68 -36.51 -26.54
CA SER D 1000 -17.74 -37.45 -26.81
C SER D 1000 -18.48 -37.82 -25.54
N SER D 1001 -19.57 -38.55 -25.71
CA SER D 1001 -20.33 -39.08 -24.59
C SER D 1001 -19.86 -40.46 -24.19
N ILE D 1002 -19.03 -41.09 -25.00
CA ILE D 1002 -18.43 -42.38 -24.70
C ILE D 1002 -16.95 -42.24 -25.01
N ARG D 1003 -16.13 -42.35 -23.99
CA ARG D 1003 -14.71 -42.11 -24.14
C ARG D 1003 -13.96 -43.41 -23.97
N GLN D 1004 -12.63 -43.31 -23.99
CA GLN D 1004 -11.79 -44.50 -24.08
C GLN D 1004 -11.99 -45.52 -22.96
N PRO D 1005 -12.26 -45.14 -21.71
CA PRO D 1005 -12.43 -46.18 -20.69
C PRO D 1005 -13.49 -47.20 -21.05
N VAL D 1006 -14.53 -46.79 -21.75
CA VAL D 1006 -15.52 -47.74 -22.24
C VAL D 1006 -14.94 -48.56 -23.37
N VAL D 1007 -14.25 -47.90 -24.29
CA VAL D 1007 -13.67 -48.59 -25.44
C VAL D 1007 -12.70 -49.67 -24.97
N GLN D 1008 -11.77 -49.30 -24.12
CA GLN D 1008 -10.82 -50.24 -23.65
C GLN D 1008 -11.46 -51.35 -22.85
N HIS D 1009 -12.45 -51.06 -22.03
CA HIS D 1009 -13.10 -52.10 -21.26
C HIS D 1009 -13.79 -53.10 -22.12
N ALA D 1010 -14.49 -52.68 -23.15
CA ALA D 1010 -15.18 -53.67 -23.95
C ALA D 1010 -14.24 -54.62 -24.63
N ARG D 1011 -13.12 -54.14 -25.15
CA ARG D 1011 -12.14 -55.00 -25.80
C ARG D 1011 -11.37 -55.93 -24.89
N GLU D 1012 -10.81 -55.41 -23.81
CA GLU D 1012 -10.10 -56.23 -22.82
C GLU D 1012 -10.85 -57.13 -21.87
N SER D 1013 -11.98 -56.69 -21.36
CA SER D 1013 -12.70 -57.48 -20.36
C SER D 1013 -12.74 -58.94 -20.74
N ALA D 1014 -12.53 -59.80 -19.75
CA ALA D 1014 -12.48 -61.24 -19.94
C ALA D 1014 -13.79 -61.95 -19.64
N ALA D 1015 -14.83 -61.22 -19.27
CA ALA D 1015 -16.08 -61.87 -18.91
C ALA D 1015 -16.79 -62.37 -20.18
N GLY D 1016 -17.92 -63.04 -19.99
CA GLY D 1016 -18.67 -63.57 -21.09
C GLY D 1016 -19.31 -62.46 -21.91
N GLU D 1017 -20.05 -62.87 -22.93
CA GLU D 1017 -20.74 -61.89 -23.74
C GLU D 1017 -21.98 -61.36 -23.05
N ASN D 1018 -22.76 -62.23 -22.40
CA ASN D 1018 -23.94 -61.76 -21.69
C ASN D 1018 -23.55 -60.84 -20.55
N ALA D 1019 -22.54 -61.24 -19.78
CA ALA D 1019 -22.13 -60.44 -18.63
C ALA D 1019 -21.46 -59.16 -19.07
N LEU D 1020 -20.68 -59.21 -20.14
CA LEU D 1020 -20.06 -57.98 -20.61
C LEU D 1020 -21.10 -57.02 -21.11
N THR D 1021 -22.22 -57.52 -21.58
CA THR D 1021 -23.25 -56.64 -22.12
C THR D 1021 -23.97 -55.88 -21.01
N TYR D 1022 -24.24 -56.53 -19.87
CA TYR D 1022 -24.81 -55.79 -18.75
C TYR D 1022 -23.77 -54.88 -18.11
N ALA D 1023 -22.53 -55.36 -17.99
CA ALA D 1023 -21.48 -54.55 -17.42
C ALA D 1023 -21.26 -53.29 -18.22
N LEU D 1024 -21.48 -53.39 -19.52
CA LEU D 1024 -21.28 -52.27 -20.42
C LEU D 1024 -22.51 -51.37 -20.46
N MET D 1025 -23.69 -51.96 -20.30
CA MET D 1025 -24.92 -51.19 -20.22
C MET D 1025 -25.01 -50.41 -18.91
N ALA D 1026 -24.31 -50.86 -17.88
CA ALA D 1026 -24.30 -50.18 -16.60
C ALA D 1026 -23.30 -49.04 -16.55
N GLY D 1027 -22.41 -48.97 -17.52
CA GLY D 1027 -21.49 -47.85 -17.59
C GLY D 1027 -22.03 -46.68 -18.33
N TYR D 1028 -23.20 -46.82 -18.92
CA TYR D 1028 -23.86 -45.75 -19.66
C TYR D 1028 -24.81 -44.95 -18.81
N PHE D 1029 -24.89 -45.21 -17.52
CA PHE D 1029 -25.65 -44.35 -16.63
C PHE D 1029 -24.90 -43.06 -16.42
N LYS D 1030 -25.59 -41.94 -16.66
CA LYS D 1030 -24.99 -40.61 -16.56
C LYS D 1030 -24.70 -40.19 -15.16
N MET D 1031 -23.62 -39.46 -14.95
CA MET D 1031 -23.35 -39.03 -13.62
C MET D 1031 -23.54 -37.58 -13.46
N SER D 1032 -24.70 -37.20 -12.96
CA SER D 1032 -25.10 -35.83 -12.71
C SER D 1032 -25.85 -35.77 -11.40
N PRO D 1033 -26.07 -34.58 -10.86
CA PRO D 1033 -26.75 -34.52 -9.57
C PRO D 1033 -28.12 -35.05 -9.59
N VAL D 1034 -28.85 -34.72 -10.61
CA VAL D 1034 -30.21 -35.16 -10.71
C VAL D 1034 -30.26 -36.58 -11.04
N ALA D 1035 -29.46 -36.91 -12.02
CA ALA D 1035 -29.38 -38.23 -12.60
C ALA D 1035 -28.70 -39.24 -11.80
N LEU D 1036 -27.96 -38.79 -10.80
CA LEU D 1036 -27.16 -39.69 -9.97
C LEU D 1036 -27.84 -40.00 -8.69
N TYR D 1037 -29.11 -39.70 -8.65
CA TYR D 1037 -29.94 -39.86 -7.50
C TYR D 1037 -30.84 -41.00 -7.69
N HIS D 1038 -31.17 -41.33 -8.93
CA HIS D 1038 -32.01 -42.47 -9.17
C HIS D 1038 -31.22 -43.70 -8.88
N GLN D 1039 -30.00 -43.69 -9.31
CA GLN D 1039 -29.18 -44.83 -9.14
C GLN D 1039 -28.92 -45.13 -7.74
N LEU D 1040 -28.58 -44.14 -6.94
CA LEU D 1040 -28.31 -44.40 -5.55
C LEU D 1040 -29.51 -44.83 -4.78
N LYS D 1041 -30.65 -44.18 -5.01
CA LYS D 1041 -31.88 -44.49 -4.34
C LYS D 1041 -32.36 -45.82 -4.71
N THR D 1042 -31.94 -46.25 -5.87
CA THR D 1042 -32.34 -47.54 -6.39
C THR D 1042 -31.27 -48.60 -6.22
N GLY D 1043 -30.15 -48.26 -5.60
CA GLY D 1043 -29.18 -49.28 -5.30
C GLY D 1043 -28.35 -49.71 -6.49
N LEU D 1044 -27.93 -48.77 -7.31
CA LEU D 1044 -26.91 -49.03 -8.30
C LEU D 1044 -25.63 -48.41 -7.80
N HIS D 1045 -24.51 -49.01 -8.17
CA HIS D 1045 -23.23 -48.50 -7.70
C HIS D 1045 -22.67 -47.56 -8.76
N PRO D 1046 -22.63 -46.29 -8.54
CA PRO D 1046 -22.25 -45.34 -9.60
C PRO D 1046 -20.75 -45.24 -9.87
N GLY D 1047 -20.10 -46.38 -10.00
CA GLY D 1047 -18.75 -46.43 -10.50
C GLY D 1047 -17.69 -45.86 -9.59
N PHE D 1048 -18.05 -45.16 -8.52
CA PHE D 1048 -17.10 -44.70 -7.53
C PHE D 1048 -17.71 -44.95 -6.17
N GLY D 1049 -16.97 -44.59 -5.14
CA GLY D 1049 -17.39 -44.92 -3.80
C GLY D 1049 -16.89 -43.85 -2.86
N PHE D 1050 -17.54 -43.76 -1.72
CA PHE D 1050 -17.27 -42.66 -0.83
C PHE D 1050 -16.32 -43.08 0.26
N THR D 1051 -15.90 -42.11 1.05
CA THR D 1051 -15.22 -42.35 2.29
C THR D 1051 -15.84 -41.45 3.34
N VAL D 1052 -16.15 -42.01 4.47
CA VAL D 1052 -17.00 -41.35 5.44
C VAL D 1052 -16.12 -40.82 6.56
N VAL D 1053 -16.44 -39.63 7.03
CA VAL D 1053 -15.74 -39.01 8.14
C VAL D 1053 -16.79 -38.51 9.12
N ARG D 1054 -16.78 -39.04 10.33
CA ARG D 1054 -17.62 -38.54 11.40
C ARG D 1054 -16.75 -37.92 12.48
N GLN D 1055 -17.33 -36.99 13.21
CA GLN D 1055 -16.67 -36.34 14.33
C GLN D 1055 -17.38 -36.80 15.60
N ASP D 1056 -16.63 -37.35 16.53
CA ASP D 1056 -17.18 -38.13 17.61
C ASP D 1056 -16.48 -37.73 18.90
N ARG D 1057 -17.27 -37.37 19.91
CA ARG D 1057 -16.77 -36.67 21.10
C ARG D 1057 -17.08 -37.43 22.36
N PHE D 1058 -16.11 -37.57 23.24
CA PHE D 1058 -16.20 -38.41 24.42
C PHE D 1058 -16.10 -37.59 25.69
N VAL D 1059 -16.59 -38.14 26.79
CA VAL D 1059 -16.37 -37.58 28.11
C VAL D 1059 -15.43 -38.50 28.85
N THR D 1060 -14.25 -38.02 29.17
CA THR D 1060 -13.22 -38.87 29.69
C THR D 1060 -12.92 -38.46 31.12
N GLU D 1061 -12.06 -39.23 31.76
CA GLU D 1061 -11.65 -39.00 33.14
C GLU D 1061 -10.14 -38.89 33.17
N ASN D 1062 -9.63 -37.93 33.92
CA ASN D 1062 -8.22 -37.60 33.87
C ASN D 1062 -7.57 -37.82 35.22
N VAL D 1063 -6.25 -37.97 35.17
CA VAL D 1063 -5.41 -37.80 36.32
C VAL D 1063 -4.54 -36.59 36.04
N LEU D 1064 -4.06 -35.97 37.09
CA LEU D 1064 -3.18 -34.84 36.92
C LEU D 1064 -2.05 -34.95 37.90
N PHE D 1065 -0.82 -34.94 37.40
CA PHE D 1065 0.33 -34.83 38.26
C PHE D 1065 0.97 -33.47 38.09
N SER D 1066 1.35 -32.85 39.19
CA SER D 1066 2.03 -31.57 39.17
C SER D 1066 3.13 -31.57 40.22
N GLU D 1067 4.23 -30.90 39.91
CA GLU D 1067 5.31 -30.77 40.87
C GLU D 1067 4.91 -29.84 41.99
N ARG D 1068 5.65 -29.89 43.09
CA ARG D 1068 5.49 -28.87 44.10
C ARG D 1068 6.03 -27.55 43.59
N ALA D 1069 5.30 -26.47 43.86
CA ALA D 1069 5.69 -25.13 43.46
C ALA D 1069 5.87 -25.01 41.96
N SER D 1070 4.83 -25.37 41.22
CA SER D 1070 4.83 -25.21 39.77
C SER D 1070 4.12 -23.94 39.31
N GLU D 1071 3.67 -23.09 40.22
CA GLU D 1071 2.85 -21.95 39.83
C GLU D 1071 2.94 -20.87 40.91
N ALA D 1072 2.49 -19.65 40.57
CA ALA D 1072 2.81 -18.45 41.34
C ALA D 1072 1.69 -17.91 42.20
N TYR D 1073 0.56 -17.50 41.64
CA TYR D 1073 -0.57 -17.04 42.45
C TYR D 1073 -0.35 -15.85 43.38
N PHE D 1074 -0.39 -14.65 42.83
CA PHE D 1074 -0.45 -13.48 43.68
C PHE D 1074 -1.90 -13.12 43.94
N LEU D 1075 -2.23 -12.88 45.20
CA LEU D 1075 -3.60 -12.58 45.63
C LEU D 1075 -3.69 -11.15 46.13
N GLY D 1076 -4.66 -10.41 45.60
CA GLY D 1076 -4.82 -9.01 45.93
C GLY D 1076 -5.67 -8.80 47.18
N GLN D 1077 -6.22 -7.60 47.29
CA GLN D 1077 -7.19 -7.35 48.34
C GLN D 1077 -8.58 -7.73 47.85
N LEU D 1078 -9.56 -7.62 48.74
CA LEU D 1078 -10.92 -7.75 48.29
C LEU D 1078 -11.43 -6.41 47.80
N GLN D 1079 -12.63 -6.43 47.24
CA GLN D 1079 -13.28 -5.22 46.77
C GLN D 1079 -14.75 -5.35 47.12
N VAL D 1080 -15.43 -4.20 47.17
CA VAL D 1080 -16.86 -4.17 47.39
C VAL D 1080 -17.48 -3.20 46.40
N ALA D 1081 -18.55 -3.63 45.75
CA ALA D 1081 -19.34 -2.74 44.90
C ALA D 1081 -20.78 -2.88 45.34
N ARG D 1082 -21.33 -1.81 45.90
CA ARG D 1082 -22.72 -1.77 46.31
C ARG D 1082 -23.45 -0.98 45.24
N HIS D 1083 -24.11 -1.68 44.32
CA HIS D 1083 -24.71 -1.03 43.16
C HIS D 1083 -26.23 -0.89 43.28
N GLU D 1084 -26.79 -1.22 44.43
CA GLU D 1084 -28.24 -1.36 44.63
C GLU D 1084 -28.72 -2.28 43.50
N THR D 1085 -30.03 -2.32 43.30
CA THR D 1085 -30.67 -3.27 42.40
C THR D 1085 -32.16 -2.95 42.38
N GLY D 1086 -32.94 -3.89 41.86
CA GLY D 1086 -34.37 -3.90 42.11
C GLY D 1086 -34.55 -4.30 43.56
N GLY D 1087 -35.55 -5.09 43.90
CA GLY D 1087 -35.70 -5.45 45.30
C GLY D 1087 -34.43 -5.97 45.95
N GLY D 1088 -34.04 -5.36 47.05
CA GLY D 1088 -32.80 -5.66 47.74
C GLY D 1088 -31.71 -4.64 47.45
N VAL D 1089 -30.48 -5.03 47.76
CA VAL D 1089 -29.25 -4.29 47.50
C VAL D 1089 -28.25 -5.37 47.10
N ASN D 1090 -27.39 -5.14 46.12
CA ASN D 1090 -26.46 -6.19 45.76
C ASN D 1090 -25.06 -5.83 46.11
N PHE D 1091 -24.37 -6.72 46.79
CA PHE D 1091 -22.99 -6.47 47.12
C PHE D 1091 -22.19 -7.44 46.37
N THR D 1092 -21.26 -6.98 45.56
CA THR D 1092 -20.43 -7.91 44.84
C THR D 1092 -19.00 -7.72 45.26
N LEU D 1093 -18.33 -8.84 45.48
CA LEU D 1093 -16.96 -8.85 45.96
C LEU D 1093 -16.06 -9.36 44.84
N THR D 1094 -14.94 -8.69 44.64
CA THR D 1094 -13.97 -9.15 43.65
C THR D 1094 -12.63 -9.35 44.33
N GLN D 1095 -11.78 -10.11 43.66
CA GLN D 1095 -10.46 -10.33 44.11
C GLN D 1095 -9.65 -10.21 42.83
N PRO D 1096 -8.59 -9.42 42.81
CA PRO D 1096 -7.61 -9.57 41.73
C PRO D 1096 -6.73 -10.77 42.00
N ARG D 1097 -6.39 -11.47 40.93
CA ARG D 1097 -5.50 -12.61 41.03
C ARG D 1097 -4.42 -12.44 39.98
N GLY D 1098 -3.50 -13.37 39.96
CA GLY D 1098 -2.51 -13.42 38.93
C GLY D 1098 -1.60 -14.57 39.25
N ASN D 1099 -0.94 -15.08 38.21
CA ASN D 1099 -0.14 -16.28 38.39
C ASN D 1099 0.91 -16.35 37.31
N VAL D 1100 1.95 -17.12 37.57
CA VAL D 1100 3.07 -17.26 36.64
C VAL D 1100 3.44 -18.73 36.58
N ASP D 1101 3.61 -19.24 35.37
CA ASP D 1101 4.20 -20.56 35.22
C ASP D 1101 5.62 -20.53 35.73
N LEU D 1102 5.96 -21.42 36.63
CA LEU D 1102 7.20 -21.33 37.38
C LEU D 1102 8.28 -22.23 36.81
N GLY D 1103 8.05 -23.52 36.74
CA GLY D 1103 9.02 -24.42 36.17
C GLY D 1103 9.49 -24.02 34.79
N VAL D 1104 10.78 -24.25 34.52
CA VAL D 1104 11.40 -23.90 33.23
C VAL D 1104 10.74 -24.74 32.16
N GLY D 1105 10.50 -26.02 32.42
CA GLY D 1105 9.66 -26.72 31.47
C GLY D 1105 8.94 -27.93 32.03
N TYR D 1106 7.76 -28.22 31.50
CA TYR D 1106 6.97 -29.39 31.83
C TYR D 1106 6.97 -29.74 33.31
N THR D 1107 6.27 -28.97 34.14
CA THR D 1107 6.12 -29.32 35.54
C THR D 1107 4.81 -30.02 35.87
N ALA D 1108 3.92 -30.18 34.89
CA ALA D 1108 2.67 -30.88 35.12
C ALA D 1108 2.40 -31.76 33.91
N VAL D 1109 1.65 -32.83 34.12
CA VAL D 1109 1.24 -33.69 33.02
C VAL D 1109 -0.10 -34.30 33.38
N ALA D 1110 -0.96 -34.43 32.38
CA ALA D 1110 -2.34 -34.85 32.62
C ALA D 1110 -2.66 -36.02 31.71
N ALA D 1111 -2.91 -37.18 32.30
CA ALA D 1111 -3.17 -38.41 31.58
C ALA D 1111 -4.65 -38.74 31.64
N THR D 1112 -5.15 -39.38 30.58
CA THR D 1112 -6.54 -39.85 30.54
C THR D 1112 -6.64 -41.27 31.08
N ALA D 1113 -7.65 -41.50 31.90
CA ALA D 1113 -7.92 -42.80 32.47
C ALA D 1113 -9.40 -43.09 32.27
N THR D 1114 -9.70 -44.25 31.68
CA THR D 1114 -11.03 -44.67 31.26
C THR D 1114 -11.83 -43.63 30.51
N VAL D 1115 -13.15 -43.83 30.46
CA VAL D 1115 -14.06 -42.95 29.77
C VAL D 1115 -15.33 -42.90 30.58
N ARG D 1116 -15.91 -41.73 30.71
CA ARG D 1116 -17.20 -41.70 31.37
C ARG D 1116 -18.20 -42.25 30.38
N ASN D 1117 -18.49 -41.51 29.33
CA ASN D 1117 -19.47 -41.97 28.34
C ASN D 1117 -19.05 -41.49 26.96
N PRO D 1118 -19.59 -42.05 25.88
CA PRO D 1118 -19.19 -41.47 24.58
C PRO D 1118 -19.72 -40.11 24.17
N VAL D 1119 -20.80 -39.57 24.72
CA VAL D 1119 -21.35 -38.24 24.36
C VAL D 1119 -21.87 -37.85 23.01
N THR D 1120 -21.86 -38.76 22.08
CA THR D 1120 -22.40 -38.53 20.78
C THR D 1120 -22.89 -39.84 20.27
N ASP D 1121 -23.98 -39.92 19.53
CA ASP D 1121 -24.39 -41.21 19.05
C ASP D 1121 -23.39 -41.56 17.98
N MET D 1122 -22.97 -42.81 17.91
CA MET D 1122 -21.93 -43.10 16.98
C MET D 1122 -22.44 -43.34 15.60
N GLY D 1123 -22.40 -42.27 14.88
CA GLY D 1123 -22.71 -42.25 13.48
C GLY D 1123 -24.09 -42.46 13.03
N ASN D 1124 -24.17 -42.49 11.72
CA ASN D 1124 -25.32 -42.73 10.87
C ASN D 1124 -26.21 -41.50 10.69
N LEU D 1125 -25.61 -40.34 10.45
CA LEU D 1125 -26.36 -39.20 9.98
C LEU D 1125 -25.61 -38.65 8.78
N PRO D 1126 -26.31 -38.35 7.70
CA PRO D 1126 -25.65 -37.79 6.52
C PRO D 1126 -25.36 -36.31 6.71
N GLN D 1127 -24.72 -35.75 5.71
CA GLN D 1127 -24.62 -34.30 5.56
C GLN D 1127 -25.65 -33.87 4.54
N ASN D 1128 -26.18 -32.68 4.71
CA ASN D 1128 -27.17 -32.14 3.81
C ASN D 1128 -26.63 -30.80 3.33
N PHE D 1129 -26.27 -30.72 2.05
CA PHE D 1129 -25.73 -29.47 1.57
C PHE D 1129 -26.78 -28.42 1.35
N TYR D 1130 -28.05 -28.77 1.48
CA TYR D 1130 -29.11 -27.80 1.33
C TYR D 1130 -29.38 -27.05 2.62
N LEU D 1131 -28.58 -27.29 3.64
CA LEU D 1131 -28.65 -26.47 4.85
C LEU D 1131 -27.90 -25.16 4.70
N GLY D 1132 -26.90 -25.10 3.83
CA GLY D 1132 -26.22 -23.87 3.53
C GLY D 1132 -26.56 -23.35 2.15
N ARG D 1133 -26.01 -22.17 1.85
CA ARG D 1133 -25.94 -21.72 0.47
C ARG D 1133 -24.50 -21.30 0.17
N GLY D 1134 -23.84 -22.09 -0.66
CA GLY D 1134 -22.53 -21.74 -1.17
C GLY D 1134 -22.56 -22.31 -2.56
N ALA D 1135 -23.76 -22.52 -3.12
CA ALA D 1135 -23.77 -23.21 -4.39
C ALA D 1135 -24.68 -22.52 -5.38
N PRO D 1136 -24.13 -22.03 -6.49
CA PRO D 1136 -24.96 -21.66 -7.62
C PRO D 1136 -25.80 -22.84 -8.05
N PRO D 1137 -27.09 -22.66 -8.25
CA PRO D 1137 -28.00 -23.80 -8.39
C PRO D 1137 -27.97 -24.37 -9.80
N LEU D 1138 -28.76 -25.42 -9.99
CA LEU D 1138 -29.05 -25.90 -11.33
C LEU D 1138 -29.83 -24.85 -12.09
N LEU D 1139 -29.56 -24.71 -13.38
CA LEU D 1139 -30.15 -23.63 -14.16
C LEU D 1139 -31.59 -23.87 -14.59
N ASP D 1140 -32.06 -25.11 -14.62
CA ASP D 1140 -33.47 -25.38 -14.83
C ASP D 1140 -34.16 -25.27 -13.49
N ASN D 1141 -35.05 -24.29 -13.35
CA ASN D 1141 -35.64 -24.06 -12.06
C ASN D 1141 -36.58 -25.17 -11.64
N ALA D 1142 -37.07 -25.96 -12.59
CA ALA D 1142 -37.78 -27.18 -12.23
C ALA D 1142 -36.81 -28.20 -11.67
N ALA D 1143 -35.68 -28.40 -12.34
CA ALA D 1143 -34.66 -29.31 -11.85
C ALA D 1143 -34.22 -28.94 -10.45
N ALA D 1144 -33.98 -27.67 -10.19
CA ALA D 1144 -33.53 -27.24 -8.87
C ALA D 1144 -34.54 -27.62 -7.81
N VAL D 1145 -35.80 -27.21 -7.98
CA VAL D 1145 -36.78 -27.48 -6.95
C VAL D 1145 -37.15 -28.94 -6.94
N TYR D 1146 -37.04 -29.62 -8.07
CA TYR D 1146 -37.30 -31.05 -8.05
C TYR D 1146 -36.31 -31.77 -7.16
N LEU D 1147 -35.03 -31.49 -7.35
CA LEU D 1147 -34.03 -32.23 -6.60
C LEU D 1147 -33.91 -31.72 -5.17
N ARG D 1148 -34.07 -30.42 -4.94
CA ARG D 1148 -33.98 -29.94 -3.56
C ARG D 1148 -34.95 -30.69 -2.67
N ASN D 1149 -36.22 -30.69 -3.03
CA ASN D 1149 -37.18 -31.31 -2.13
C ASN D 1149 -37.30 -32.81 -2.33
N ALA D 1150 -36.55 -33.40 -3.26
CA ALA D 1150 -36.35 -34.84 -3.23
C ALA D 1150 -35.35 -35.21 -2.15
N VAL D 1151 -34.20 -34.53 -2.12
CA VAL D 1151 -33.26 -34.66 -1.02
C VAL D 1151 -33.91 -34.21 0.29
N VAL D 1152 -34.26 -32.93 0.39
CA VAL D 1152 -34.69 -32.32 1.63
C VAL D 1152 -35.97 -32.91 2.19
N ALA D 1153 -36.64 -33.81 1.47
CA ALA D 1153 -37.98 -34.27 1.80
C ALA D 1153 -38.19 -34.58 3.29
N GLY D 1154 -37.62 -35.67 3.76
CA GLY D 1154 -37.72 -36.00 5.16
C GLY D 1154 -36.46 -35.93 5.99
N ASN D 1155 -35.41 -35.27 5.50
CA ASN D 1155 -34.09 -35.44 6.11
C ASN D 1155 -34.11 -35.14 7.59
N ARG D 1156 -33.26 -35.85 8.30
CA ARG D 1156 -33.08 -35.55 9.71
C ARG D 1156 -32.51 -34.17 9.92
N LEU D 1157 -31.62 -33.73 9.04
CA LEU D 1157 -31.16 -32.35 9.03
C LEU D 1157 -32.01 -31.42 8.21
N GLY D 1158 -32.81 -31.96 7.30
CA GLY D 1158 -33.40 -31.22 6.22
C GLY D 1158 -34.07 -29.96 6.70
N PRO D 1159 -33.91 -28.86 5.96
CA PRO D 1159 -34.46 -27.58 6.40
C PRO D 1159 -35.95 -27.61 6.71
N ALA D 1160 -36.30 -27.09 7.89
CA ALA D 1160 -37.70 -27.04 8.33
C ALA D 1160 -38.62 -26.13 7.50
N GLN D 1161 -38.10 -24.95 7.18
CA GLN D 1161 -38.80 -23.92 6.40
C GLN D 1161 -37.70 -23.52 5.45
N PRO D 1162 -37.99 -22.85 4.34
CA PRO D 1162 -36.81 -22.58 3.49
C PRO D 1162 -35.66 -21.97 4.26
N LEU D 1163 -34.48 -22.02 3.65
CA LEU D 1163 -33.33 -21.34 4.21
C LEU D 1163 -33.60 -19.84 4.18
N PRO D 1164 -33.80 -19.24 5.35
CA PRO D 1164 -34.12 -17.81 5.31
C PRO D 1164 -32.92 -17.06 4.76
N VAL D 1165 -33.12 -15.96 4.03
CA VAL D 1165 -31.98 -15.23 3.47
C VAL D 1165 -31.09 -14.73 4.62
N PHE D 1166 -31.71 -14.20 5.67
CA PHE D 1166 -31.03 -13.83 6.90
C PHE D 1166 -31.75 -14.74 7.90
N GLY D 1167 -31.01 -15.48 8.72
CA GLY D 1167 -31.63 -16.41 9.64
C GLY D 1167 -30.79 -17.67 9.76
N CYS D 1168 -31.21 -18.53 10.66
CA CYS D 1168 -30.56 -19.82 10.86
C CYS D 1168 -31.26 -20.88 10.02
N ALA D 1169 -30.46 -21.82 9.51
CA ALA D 1169 -31.02 -22.86 8.65
C ALA D 1169 -32.07 -23.71 9.36
N GLN D 1170 -32.16 -23.64 10.68
CA GLN D 1170 -33.26 -24.23 11.44
C GLN D 1170 -33.37 -25.73 11.16
N VAL D 1171 -32.41 -26.46 11.71
CA VAL D 1171 -32.57 -27.91 11.75
C VAL D 1171 -33.80 -28.25 12.57
N PRO D 1172 -34.72 -29.08 12.07
CA PRO D 1172 -35.88 -29.44 12.87
C PRO D 1172 -35.46 -30.12 14.14
N ARG D 1173 -36.15 -29.81 15.21
CA ARG D 1173 -35.92 -30.52 16.46
C ARG D 1173 -36.95 -31.62 16.58
N ARG D 1174 -36.52 -32.74 17.12
CA ARG D 1174 -37.35 -33.93 17.15
C ARG D 1174 -37.86 -34.16 18.55
N ALA D 1175 -39.06 -34.74 18.62
CA ALA D 1175 -39.75 -34.88 19.89
C ALA D 1175 -38.95 -35.64 20.93
N GLY D 1176 -37.99 -36.45 20.51
CA GLY D 1176 -37.23 -37.21 21.48
C GLY D 1176 -35.90 -37.64 20.93
N MET D 1177 -35.03 -38.05 21.84
CA MET D 1177 -33.72 -38.54 21.46
C MET D 1177 -33.25 -39.52 22.53
N ASP D 1178 -32.39 -40.45 22.13
CA ASP D 1178 -32.05 -41.59 22.97
C ASP D 1178 -30.56 -41.74 23.22
N HIS D 1179 -29.76 -41.97 22.20
CA HIS D 1179 -28.40 -42.42 22.47
C HIS D 1179 -27.48 -41.28 22.83
N GLY D 1180 -27.75 -40.10 22.35
CA GLY D 1180 -26.88 -38.97 22.58
C GLY D 1180 -26.96 -38.05 21.39
N GLN D 1181 -26.06 -37.08 21.37
CA GLN D 1181 -25.97 -36.16 20.26
C GLN D 1181 -25.75 -36.90 18.95
N ASP D 1182 -26.45 -36.49 17.91
CA ASP D 1182 -26.23 -37.07 16.60
C ASP D 1182 -24.86 -36.69 16.08
N ALA D 1183 -24.11 -37.67 15.60
CA ALA D 1183 -22.92 -37.38 14.83
C ALA D 1183 -23.34 -36.91 13.44
N VAL D 1184 -22.37 -36.50 12.63
CA VAL D 1184 -22.63 -36.09 11.25
C VAL D 1184 -21.59 -36.74 10.37
N CYS D 1185 -22.03 -37.56 9.44
CA CYS D 1185 -21.14 -38.32 8.57
C CYS D 1185 -21.02 -37.60 7.23
N GLU D 1186 -19.82 -37.62 6.67
CA GLU D 1186 -19.53 -36.90 5.44
C GLU D 1186 -18.82 -37.76 4.42
N PHE D 1187 -19.18 -37.58 3.17
CA PHE D 1187 -18.80 -38.50 2.11
C PHE D 1187 -17.85 -37.80 1.16
N ILE D 1188 -16.59 -38.21 1.17
CA ILE D 1188 -15.64 -37.84 0.14
C ILE D 1188 -15.65 -38.94 -0.89
N ALA D 1189 -16.06 -38.64 -2.11
CA ALA D 1189 -16.09 -39.67 -3.14
C ALA D 1189 -14.68 -40.03 -3.53
N THR D 1190 -14.30 -41.28 -3.32
CA THR D 1190 -13.01 -41.79 -3.74
C THR D 1190 -13.18 -42.70 -4.95
N PRO D 1191 -12.08 -43.15 -5.55
CA PRO D 1191 -12.19 -44.18 -6.57
C PRO D 1191 -12.38 -45.54 -5.96
N VAL D 1192 -13.15 -46.39 -6.66
CA VAL D 1192 -13.40 -47.73 -6.12
C VAL D 1192 -12.09 -48.48 -5.91
N ALA D 1193 -11.07 -48.20 -6.72
CA ALA D 1193 -9.77 -48.79 -6.45
C ALA D 1193 -8.94 -47.72 -5.77
N THR D 1194 -8.89 -47.84 -4.46
CA THR D 1194 -7.99 -47.18 -3.54
C THR D 1194 -7.90 -48.46 -2.71
N ASP D 1195 -6.74 -48.89 -2.23
CA ASP D 1195 -6.73 -50.15 -1.51
C ASP D 1195 -7.34 -49.99 -0.13
N ILE D 1196 -7.93 -51.05 0.34
CA ILE D 1196 -8.62 -50.91 1.56
C ILE D 1196 -7.65 -50.58 2.61
N ASN D 1197 -6.42 -51.00 2.45
CA ASN D 1197 -5.38 -50.79 3.41
C ASN D 1197 -5.08 -49.36 3.75
N TYR D 1198 -5.38 -48.44 2.86
CA TYR D 1198 -5.13 -47.07 3.22
C TYR D 1198 -6.00 -46.87 4.43
N PHE D 1199 -7.22 -47.39 4.38
CA PHE D 1199 -8.19 -47.31 5.45
C PHE D 1199 -7.91 -48.16 6.67
N ARG D 1200 -7.04 -49.15 6.57
CA ARG D 1200 -6.71 -49.95 7.73
C ARG D 1200 -5.51 -49.28 8.37
N ARG D 1201 -5.74 -48.24 9.15
CA ARG D 1201 -4.67 -47.48 9.76
C ARG D 1201 -5.14 -46.04 9.86
N PRO D 1202 -4.68 -45.26 10.84
CA PRO D 1202 -5.18 -43.89 11.02
C PRO D 1202 -5.18 -42.89 9.86
N CYS D 1203 -4.68 -43.23 8.69
CA CYS D 1203 -4.31 -42.29 7.64
C CYS D 1203 -5.37 -41.24 7.31
N ASN D 1204 -4.92 -40.11 6.78
CA ASN D 1204 -5.74 -38.94 6.44
C ASN D 1204 -6.93 -39.14 5.50
N PRO D 1205 -8.10 -38.52 5.92
CA PRO D 1205 -9.25 -38.70 5.03
C PRO D 1205 -9.10 -38.14 3.61
N ARG D 1206 -8.39 -37.04 3.43
CA ARG D 1206 -8.22 -36.44 2.11
C ARG D 1206 -7.40 -37.25 1.08
N GLY D 1207 -6.72 -38.31 1.49
CA GLY D 1207 -5.89 -39.07 0.60
C GLY D 1207 -4.40 -38.91 0.83
N ARG D 1208 -3.97 -37.82 1.46
CA ARG D 1208 -2.56 -37.48 1.54
C ARG D 1208 -2.28 -36.87 2.91
N ALA D 1209 -1.01 -36.92 3.31
CA ALA D 1209 -0.60 -36.39 4.60
C ALA D 1209 -0.51 -34.87 4.53
N ALA D 1210 -1.32 -34.19 5.33
CA ALA D 1210 -1.43 -32.74 5.28
C ALA D 1210 -0.73 -31.98 6.38
N GLY D 1211 -0.12 -32.66 7.35
CA GLY D 1211 0.24 -32.01 8.60
C GLY D 1211 1.32 -30.96 8.44
N GLY D 1212 1.38 -30.07 9.42
CA GLY D 1212 2.56 -29.25 9.60
C GLY D 1212 3.56 -29.87 10.52
N VAL D 1213 3.15 -30.95 11.20
CA VAL D 1213 4.08 -31.77 11.97
C VAL D 1213 5.15 -32.34 11.07
N TYR D 1214 4.80 -32.65 9.84
CA TYR D 1214 5.69 -33.23 8.85
C TYR D 1214 6.51 -32.18 8.13
N ALA D 1215 6.28 -30.91 8.42
CA ALA D 1215 6.95 -29.85 7.70
C ALA D 1215 8.44 -29.89 7.96
N GLY D 1216 9.19 -29.27 7.04
CA GLY D 1216 10.62 -29.34 7.07
C GLY D 1216 11.36 -28.08 7.45
N ASP D 1217 10.68 -27.08 8.00
CA ASP D 1217 11.29 -25.80 8.40
C ASP D 1217 11.94 -25.08 7.22
N LYS D 1218 11.49 -25.40 6.02
CA LYS D 1218 12.00 -24.81 4.79
C LYS D 1218 11.15 -23.64 4.33
N GLU D 1219 10.34 -23.11 5.24
CA GLU D 1219 9.47 -21.97 4.95
C GLU D 1219 8.24 -22.28 4.09
N GLY D 1220 8.48 -22.82 2.90
CA GLY D 1220 7.40 -23.15 1.98
C GLY D 1220 7.05 -24.63 1.94
N ASP D 1221 7.55 -25.40 2.91
CA ASP D 1221 7.30 -26.83 2.94
C ASP D 1221 5.85 -27.22 3.07
N VAL D 1222 5.09 -26.58 3.96
CA VAL D 1222 3.69 -26.89 4.04
C VAL D 1222 3.20 -26.22 2.78
N ILE D 1223 2.15 -26.74 2.17
CA ILE D 1223 1.57 -26.24 0.91
C ILE D 1223 2.28 -26.95 -0.23
N ALA D 1224 3.45 -27.50 0.07
CA ALA D 1224 4.24 -28.28 -0.86
C ALA D 1224 4.02 -29.69 -0.37
N LEU D 1225 4.08 -29.84 0.94
CA LEU D 1225 3.86 -31.08 1.62
C LEU D 1225 2.41 -31.47 1.41
N MET D 1226 1.49 -30.51 1.49
CA MET D 1226 0.09 -30.87 1.32
C MET D 1226 -0.29 -31.11 -0.13
N TYR D 1227 -0.09 -30.09 -0.96
CA TYR D 1227 -0.57 -30.15 -2.33
C TYR D 1227 0.33 -30.48 -3.49
N ASP D 1228 1.64 -30.56 -3.31
CA ASP D 1228 2.49 -30.82 -4.45
C ASP D 1228 2.51 -32.29 -4.73
N HIS D 1229 1.60 -32.73 -5.58
CA HIS D 1229 1.53 -34.12 -5.94
C HIS D 1229 2.75 -34.53 -6.67
N GLY D 1230 3.24 -33.67 -7.52
CA GLY D 1230 4.48 -34.05 -8.16
C GLY D 1230 5.46 -34.75 -7.24
N GLN D 1231 5.33 -34.58 -5.92
CA GLN D 1231 6.13 -35.31 -4.95
C GLN D 1231 5.44 -36.56 -4.45
N SER D 1232 6.13 -37.26 -3.58
CA SER D 1232 5.59 -38.43 -2.92
C SER D 1232 4.72 -37.96 -1.77
N ASP D 1233 4.35 -38.85 -0.92
CA ASP D 1233 3.55 -38.57 0.24
C ASP D 1233 4.38 -38.86 1.47
N PRO D 1234 4.34 -38.02 2.51
CA PRO D 1234 5.05 -38.40 3.74
C PRO D 1234 4.57 -39.68 4.36
N ALA D 1235 3.25 -39.90 4.36
CA ALA D 1235 2.71 -41.12 4.96
C ALA D 1235 3.07 -42.34 4.14
N ARG D 1236 2.84 -42.29 2.82
CA ARG D 1236 3.06 -43.43 1.93
C ARG D 1236 3.92 -42.92 0.78
N PRO D 1237 5.25 -42.92 0.95
CA PRO D 1237 6.11 -42.27 -0.04
C PRO D 1237 6.07 -42.89 -1.42
N PHE D 1238 5.67 -44.13 -1.55
CA PHE D 1238 5.72 -44.74 -2.86
C PHE D 1238 4.63 -44.23 -3.79
N ALA D 1239 3.68 -43.46 -3.29
CA ALA D 1239 2.56 -42.99 -4.09
C ALA D 1239 2.35 -41.51 -3.85
N ALA D 1240 1.71 -40.83 -4.79
CA ALA D 1240 1.36 -39.44 -4.56
C ALA D 1240 0.30 -39.33 -3.47
N THR D 1241 -0.90 -39.82 -3.77
CA THR D 1241 -2.02 -39.78 -2.87
C THR D 1241 -2.91 -40.97 -3.07
N ALA D 1242 -3.59 -41.45 -2.04
CA ALA D 1242 -4.52 -42.57 -2.25
C ALA D 1242 -5.69 -42.14 -3.03
N ASN D 1243 -6.13 -40.94 -2.74
CA ASN D 1243 -7.28 -40.42 -3.42
C ASN D 1243 -6.86 -39.20 -4.18
N PRO D 1244 -6.99 -39.24 -5.48
CA PRO D 1244 -6.58 -38.04 -6.21
C PRO D 1244 -7.64 -36.96 -6.24
N TRP D 1245 -8.88 -37.28 -5.92
CA TRP D 1245 -10.01 -36.38 -6.06
C TRP D 1245 -10.25 -35.52 -4.84
N ALA D 1246 -9.43 -35.63 -3.82
CA ALA D 1246 -9.58 -34.85 -2.61
C ALA D 1246 -8.27 -34.15 -2.32
N SER D 1247 -7.21 -34.95 -2.20
CA SER D 1247 -5.90 -34.44 -1.81
C SER D 1247 -5.40 -33.30 -2.68
N GLN D 1248 -5.80 -33.23 -3.94
CA GLN D 1248 -5.29 -32.18 -4.79
C GLN D 1248 -6.06 -30.89 -4.61
N ARG D 1249 -5.37 -29.77 -4.78
CA ARG D 1249 -6.05 -28.49 -4.70
C ARG D 1249 -6.99 -28.34 -5.88
N PHE D 1250 -8.14 -27.71 -5.62
CA PHE D 1250 -9.20 -27.52 -6.61
C PHE D 1250 -9.84 -28.82 -7.05
N SER D 1251 -9.79 -29.86 -6.23
CA SER D 1251 -10.30 -31.17 -6.63
C SER D 1251 -11.47 -31.55 -5.75
N TYR D 1252 -12.69 -31.45 -6.28
CA TYR D 1252 -13.86 -32.02 -5.63
C TYR D 1252 -13.81 -31.67 -4.15
N GLY D 1253 -13.48 -32.65 -3.32
CA GLY D 1253 -13.48 -32.45 -1.88
C GLY D 1253 -12.72 -31.24 -1.41
N ASP D 1254 -11.72 -30.79 -2.16
CA ASP D 1254 -11.11 -29.52 -1.82
C ASP D 1254 -12.05 -28.38 -2.14
N LEU D 1255 -12.73 -28.44 -3.27
CA LEU D 1255 -13.72 -27.42 -3.58
C LEU D 1255 -14.87 -27.43 -2.60
N LEU D 1256 -15.22 -28.59 -2.05
CA LEU D 1256 -16.31 -28.64 -1.08
C LEU D 1256 -15.86 -28.19 0.29
N TYR D 1257 -14.98 -28.97 0.91
CA TYR D 1257 -14.75 -28.93 2.33
C TYR D 1257 -13.68 -27.95 2.76
N ASN D 1258 -12.91 -27.39 1.83
CA ASN D 1258 -12.01 -26.32 2.21
C ASN D 1258 -12.83 -25.11 2.65
N GLY D 1259 -12.41 -24.50 3.74
CA GLY D 1259 -13.17 -23.38 4.26
C GLY D 1259 -13.00 -22.10 3.50
N ALA D 1260 -11.97 -21.99 2.66
CA ALA D 1260 -11.82 -20.78 1.85
C ALA D 1260 -12.99 -20.62 0.90
N TYR D 1261 -13.52 -21.72 0.39
CA TYR D 1261 -14.66 -21.68 -0.50
C TYR D 1261 -15.97 -21.60 0.27
N HIS D 1262 -16.03 -22.24 1.43
CA HIS D 1262 -17.18 -22.20 2.34
C HIS D 1262 -18.51 -22.33 1.61
N LEU D 1263 -18.77 -23.51 1.04
CA LEU D 1263 -20.05 -23.77 0.43
C LEU D 1263 -21.08 -23.93 1.54
N ASN D 1264 -20.80 -24.90 2.38
CA ASN D 1264 -21.52 -24.93 3.60
C ASN D 1264 -20.82 -23.85 4.47
N GLY D 1265 -21.19 -23.71 5.72
CA GLY D 1265 -20.67 -22.57 6.48
C GLY D 1265 -21.74 -21.48 6.59
N ALA D 1266 -22.78 -21.64 5.79
CA ALA D 1266 -24.00 -20.90 5.85
C ALA D 1266 -25.00 -21.77 6.62
N SER D 1267 -24.58 -22.92 7.15
CA SER D 1267 -25.39 -23.82 7.92
C SER D 1267 -24.79 -23.97 9.27
N PRO D 1268 -25.59 -24.34 10.24
CA PRO D 1268 -25.12 -24.57 11.60
C PRO D 1268 -24.39 -25.87 11.77
N VAL D 1269 -24.71 -26.88 10.96
CA VAL D 1269 -24.21 -28.21 11.21
C VAL D 1269 -22.72 -28.26 10.96
N LEU D 1270 -22.02 -29.08 11.74
CA LEU D 1270 -20.57 -29.16 11.63
C LEU D 1270 -20.17 -29.98 10.42
N SER D 1271 -19.05 -29.58 9.83
CA SER D 1271 -18.37 -30.39 8.82
C SER D 1271 -17.15 -31.02 9.46
N PRO D 1272 -17.17 -32.34 9.73
CA PRO D 1272 -15.95 -32.98 10.22
C PRO D 1272 -14.77 -32.85 9.28
N CYS D 1273 -15.00 -32.83 7.98
CA CYS D 1273 -13.91 -32.75 7.03
C CYS D 1273 -13.31 -31.35 6.97
N PHE D 1274 -14.03 -30.34 7.47
CA PHE D 1274 -13.50 -28.99 7.46
C PHE D 1274 -12.16 -28.93 8.17
N LYS D 1275 -12.01 -29.72 9.23
CA LYS D 1275 -10.74 -29.80 9.94
C LYS D 1275 -9.61 -30.06 8.96
N PHE D 1276 -9.77 -31.11 8.16
CA PHE D 1276 -8.86 -31.65 7.14
C PHE D 1276 -8.48 -30.97 5.84
N PHE D 1277 -9.36 -30.22 5.17
CA PHE D 1277 -8.93 -29.58 3.91
C PHE D 1277 -9.09 -28.10 4.14
N THR D 1278 -8.24 -27.48 4.94
CA THR D 1278 -8.40 -26.04 5.08
C THR D 1278 -7.24 -25.23 4.60
N ALA D 1279 -6.02 -25.57 5.00
CA ALA D 1279 -4.83 -24.93 4.46
C ALA D 1279 -4.78 -23.40 4.54
N ALA D 1280 -5.37 -22.91 5.59
CA ALA D 1280 -5.62 -21.61 5.99
C ALA D 1280 -5.37 -21.94 7.45
N ASP D 1281 -5.83 -23.12 7.89
CA ASP D 1281 -5.56 -23.49 9.27
C ASP D 1281 -4.29 -24.31 9.41
N ILE D 1282 -4.08 -25.28 8.53
CA ILE D 1282 -2.94 -26.18 8.69
C ILE D 1282 -1.64 -25.42 8.55
N THR D 1283 -1.60 -24.45 7.63
CA THR D 1283 -0.37 -23.68 7.47
C THR D 1283 -0.19 -22.67 8.60
N ALA D 1284 -1.29 -22.12 9.10
CA ALA D 1284 -1.17 -21.03 10.07
C ALA D 1284 -0.59 -21.49 11.40
N LYS D 1285 -0.58 -22.78 11.70
CA LYS D 1285 -0.02 -23.23 12.96
C LYS D 1285 1.50 -23.07 12.93
N HIS D 1286 2.13 -23.40 14.05
CA HIS D 1286 3.58 -23.46 14.10
C HIS D 1286 4.03 -24.90 14.07
N ARG D 1287 5.33 -25.10 13.96
CA ARG D 1287 5.85 -26.44 13.76
C ARG D 1287 6.48 -27.07 15.00
N CYS D 1288 6.62 -26.36 16.11
CA CYS D 1288 7.42 -26.91 17.21
C CYS D 1288 6.59 -27.85 18.06
N LEU D 1289 7.09 -29.08 18.23
CA LEU D 1289 6.35 -30.11 18.95
C LEU D 1289 6.27 -29.86 20.44
N GLU D 1290 7.19 -29.08 21.01
CA GLU D 1290 7.11 -28.69 22.40
C GLU D 1290 5.72 -28.21 22.74
N ARG D 1291 5.31 -27.16 22.04
CA ARG D 1291 4.00 -26.55 22.14
C ARG D 1291 2.79 -27.32 21.59
N LEU D 1292 2.93 -28.11 20.54
CA LEU D 1292 1.76 -28.73 19.95
C LEU D 1292 1.22 -29.85 20.80
N ILE D 1293 2.05 -30.48 21.63
CA ILE D 1293 1.52 -31.46 22.56
C ILE D 1293 0.82 -30.80 23.73
N VAL D 1294 1.18 -29.57 24.11
CA VAL D 1294 0.46 -28.99 25.24
C VAL D 1294 -0.86 -28.39 24.78
N GLU D 1295 -0.93 -27.88 23.56
CA GLU D 1295 -2.20 -27.37 23.04
C GLU D 1295 -3.09 -28.49 22.53
N THR D 1296 -2.59 -29.70 22.49
CA THR D 1296 -3.44 -30.87 22.27
C THR D 1296 -4.12 -31.31 23.53
N GLY D 1297 -3.66 -30.87 24.69
CA GLY D 1297 -4.42 -31.09 25.90
C GLY D 1297 -5.66 -30.20 25.94
N SER D 1298 -5.53 -28.99 25.47
CA SER D 1298 -6.67 -28.13 25.54
C SER D 1298 -6.96 -27.36 24.29
N ALA D 1299 -7.44 -28.00 23.26
CA ALA D 1299 -7.70 -27.29 22.05
C ALA D 1299 -9.17 -26.99 22.01
N VAL D 1300 -9.55 -25.76 21.69
CA VAL D 1300 -10.96 -25.44 21.63
C VAL D 1300 -11.58 -26.30 20.55
N SER D 1301 -12.67 -26.97 20.83
CA SER D 1301 -13.27 -27.86 19.86
C SER D 1301 -14.10 -27.17 18.84
N THR D 1302 -14.27 -27.78 17.70
CA THR D 1302 -15.04 -27.19 16.62
C THR D 1302 -16.53 -27.47 16.74
N ALA D 1303 -16.94 -28.32 17.67
CA ALA D 1303 -18.33 -28.73 17.82
C ALA D 1303 -18.87 -28.25 19.15
N THR D 1304 -20.11 -28.62 19.43
CA THR D 1304 -20.74 -28.41 20.72
C THR D 1304 -21.43 -29.68 21.16
N ALA D 1305 -21.31 -30.00 22.44
CA ALA D 1305 -22.07 -31.09 23.02
C ALA D 1305 -23.40 -30.61 23.58
N ALA D 1306 -23.74 -29.35 23.37
CA ALA D 1306 -24.97 -28.79 23.90
C ALA D 1306 -26.12 -28.78 22.90
N SER D 1307 -25.92 -29.23 21.67
CA SER D 1307 -27.00 -29.27 20.71
C SER D 1307 -27.48 -30.70 20.52
N ASP D 1308 -28.57 -30.85 19.79
CA ASP D 1308 -29.13 -32.18 19.54
C ASP D 1308 -28.44 -32.85 18.37
N VAL D 1309 -28.17 -32.10 17.31
CA VAL D 1309 -27.28 -32.50 16.24
C VAL D 1309 -26.01 -31.71 16.45
N GLN D 1310 -24.86 -32.29 16.12
CA GLN D 1310 -23.66 -31.56 16.46
C GLN D 1310 -23.49 -30.39 15.52
N PHE D 1311 -23.44 -29.20 16.08
CA PHE D 1311 -23.35 -27.97 15.33
C PHE D 1311 -21.93 -27.47 15.30
N LYS D 1312 -21.73 -26.44 14.50
CA LYS D 1312 -20.46 -25.79 14.37
C LYS D 1312 -20.49 -25.13 15.71
N ARG D 1313 -19.37 -24.64 16.22
CA ARG D 1313 -19.38 -24.02 17.52
C ARG D 1313 -19.75 -22.55 17.51
N PRO D 1314 -20.67 -22.16 18.39
CA PRO D 1314 -21.18 -20.80 18.48
C PRO D 1314 -20.00 -19.96 18.90
N PRO D 1315 -19.98 -18.64 18.47
CA PRO D 1315 -18.77 -17.90 18.84
C PRO D 1315 -18.47 -17.74 20.33
N GLY D 1316 -19.49 -17.55 21.14
CA GLY D 1316 -19.26 -17.33 22.55
C GLY D 1316 -18.58 -18.38 23.42
N CYS D 1317 -18.88 -19.66 23.22
CA CYS D 1317 -18.31 -20.71 24.08
C CYS D 1317 -17.18 -21.58 23.55
N ARG D 1318 -16.20 -21.88 24.41
CA ARG D 1318 -15.07 -22.73 24.06
C ARG D 1318 -15.05 -24.03 24.84
N GLU D 1319 -15.04 -25.15 24.15
CA GLU D 1319 -14.99 -26.49 24.75
C GLU D 1319 -13.72 -26.96 25.45
N LEU D 1320 -12.55 -26.59 24.94
CA LEU D 1320 -11.30 -27.05 25.56
C LEU D 1320 -11.21 -28.55 25.63
N VAL D 1321 -11.46 -29.17 24.49
CA VAL D 1321 -11.44 -30.60 24.28
C VAL D 1321 -9.97 -30.98 24.24
N GLU D 1322 -9.68 -32.25 23.95
CA GLU D 1322 -8.32 -32.70 23.78
C GLU D 1322 -7.96 -32.83 22.30
N ASP D 1323 -8.63 -33.70 21.54
CA ASP D 1323 -8.54 -33.67 20.08
C ASP D 1323 -7.14 -33.86 19.52
N PRO D 1324 -6.63 -35.10 19.47
CA PRO D 1324 -5.33 -35.33 18.87
C PRO D 1324 -5.34 -35.15 17.37
N CYS D 1325 -6.49 -35.36 16.73
CA CYS D 1325 -6.53 -35.35 15.27
C CYS D 1325 -6.15 -34.01 14.70
N GLY D 1326 -6.09 -32.97 15.52
CA GLY D 1326 -5.57 -31.71 15.03
C GLY D 1326 -4.07 -31.67 14.92
N LEU D 1327 -3.38 -32.63 15.53
CA LEU D 1327 -1.93 -32.67 15.49
C LEU D 1327 -1.46 -33.76 14.53
N PHE D 1328 -1.70 -35.03 14.86
CA PHE D 1328 -1.27 -36.13 14.02
C PHE D 1328 -1.85 -36.04 12.64
N GLN D 1329 -2.93 -35.27 12.47
CA GLN D 1329 -3.49 -35.05 11.15
C GLN D 1329 -4.01 -36.38 10.60
N GLU D 1330 -4.86 -37.05 11.39
CA GLU D 1330 -5.37 -38.38 11.06
C GLU D 1330 -6.85 -38.64 11.34
N ALA D 1331 -7.33 -39.74 10.78
CA ALA D 1331 -8.69 -40.17 10.94
C ALA D 1331 -8.51 -41.55 11.49
N TYR D 1332 -9.44 -42.02 12.31
CA TYR D 1332 -9.28 -43.32 12.91
C TYR D 1332 -10.28 -44.34 12.45
N PRO D 1333 -9.75 -45.54 12.06
CA PRO D 1333 -10.75 -46.54 11.66
C PRO D 1333 -11.54 -47.18 12.82
N ILE D 1334 -12.81 -47.43 12.58
CA ILE D 1334 -13.66 -48.15 13.51
C ILE D 1334 -13.89 -49.52 12.93
N THR D 1335 -14.17 -50.49 13.79
CA THR D 1335 -14.53 -51.79 13.29
C THR D 1335 -15.75 -51.65 12.41
N CYS D 1336 -15.62 -52.04 11.15
CA CYS D 1336 -16.73 -51.96 10.24
C CYS D 1336 -16.54 -53.02 9.17
N ALA D 1337 -17.64 -53.47 8.62
CA ALA D 1337 -17.62 -54.48 7.58
C ALA D 1337 -18.64 -54.08 6.54
N SER D 1338 -18.50 -54.67 5.36
CA SER D 1338 -19.53 -54.55 4.35
C SER D 1338 -20.54 -55.67 4.42
N ASP D 1339 -20.43 -56.53 5.42
CA ASP D 1339 -21.31 -57.65 5.72
C ASP D 1339 -21.71 -57.63 7.18
N PRO D 1340 -22.91 -58.13 7.49
CA PRO D 1340 -23.16 -58.52 8.86
C PRO D 1340 -22.34 -59.72 9.27
N ALA D 1341 -22.13 -60.66 8.36
CA ALA D 1341 -21.48 -61.90 8.71
C ALA D 1341 -19.97 -61.77 8.81
N LEU D 1342 -19.38 -60.83 8.09
CA LEU D 1342 -17.98 -60.52 8.38
C LEU D 1342 -17.87 -59.82 9.70
N LEU D 1343 -18.76 -58.86 9.96
CA LEU D 1343 -18.70 -58.10 11.20
C LEU D 1343 -18.92 -59.00 12.41
N ARG D 1344 -19.80 -59.99 12.28
CA ARG D 1344 -19.92 -61.00 13.32
C ARG D 1344 -18.59 -61.65 13.63
N SER D 1345 -17.73 -61.80 12.62
CA SER D 1345 -16.45 -62.44 12.85
C SER D 1345 -15.58 -61.63 13.78
N ALA D 1346 -15.56 -60.31 13.63
CA ALA D 1346 -14.86 -59.51 14.63
C ALA D 1346 -15.92 -58.97 15.55
N ARG D 1347 -16.14 -59.85 16.54
CA ARG D 1347 -16.90 -59.77 17.79
C ARG D 1347 -16.00 -60.73 18.55
N ASP D 1348 -15.74 -60.53 19.84
CA ASP D 1348 -14.85 -61.46 20.55
C ASP D 1348 -13.41 -61.30 20.07
N GLY D 1349 -13.14 -60.38 19.16
CA GLY D 1349 -11.78 -59.95 18.90
C GLY D 1349 -11.28 -60.32 17.52
N GLU D 1350 -10.13 -59.73 17.19
CA GLU D 1350 -9.55 -59.67 15.86
C GLU D 1350 -8.69 -60.87 15.51
N ALA D 1351 -8.64 -61.87 16.38
CA ALA D 1351 -7.93 -63.09 16.03
C ALA D 1351 -8.49 -63.70 14.75
N HIS D 1352 -9.70 -64.25 14.84
CA HIS D 1352 -10.32 -64.97 13.72
C HIS D 1352 -11.19 -64.08 12.86
N ALA D 1353 -11.16 -62.77 13.08
CA ALA D 1353 -11.91 -61.85 12.25
C ALA D 1353 -11.65 -62.11 10.77
N ARG D 1354 -12.72 -62.20 10.00
CA ARG D 1354 -12.61 -62.35 8.56
C ARG D 1354 -12.27 -60.99 7.98
N GLU D 1355 -11.11 -60.87 7.38
CA GLU D 1355 -10.71 -59.59 6.85
C GLU D 1355 -11.25 -59.35 5.44
N THR D 1356 -11.45 -60.42 4.67
CA THR D 1356 -11.99 -60.30 3.33
C THR D 1356 -12.74 -61.58 2.97
N HIS D 1357 -13.87 -61.43 2.27
CA HIS D 1357 -14.53 -62.56 1.63
C HIS D 1357 -14.98 -62.10 0.24
N PHE D 1358 -14.34 -62.62 -0.80
CA PHE D 1358 -14.58 -62.17 -2.16
C PHE D 1358 -14.58 -60.65 -2.15
N THR D 1359 -15.57 -60.02 -2.76
CA THR D 1359 -15.60 -58.57 -2.77
C THR D 1359 -15.88 -57.89 -1.44
N GLN D 1360 -16.37 -58.63 -0.46
CA GLN D 1360 -16.69 -58.10 0.84
C GLN D 1360 -15.44 -57.96 1.68
N TYR D 1361 -15.42 -56.95 2.54
CA TYR D 1361 -14.23 -56.67 3.33
C TYR D 1361 -14.64 -56.29 4.74
N LEU D 1362 -13.65 -56.25 5.61
CA LEU D 1362 -13.86 -55.86 7.00
C LEU D 1362 -12.66 -55.05 7.45
N ILE D 1363 -12.93 -54.02 8.22
CA ILE D 1363 -11.89 -53.16 8.76
C ILE D 1363 -12.01 -53.19 10.26
N TYR D 1364 -10.99 -53.73 10.90
CA TYR D 1364 -11.00 -53.76 12.35
C TYR D 1364 -10.43 -52.43 12.88
N ASP D 1365 -10.52 -52.27 14.17
CA ASP D 1365 -10.40 -50.99 14.85
C ASP D 1365 -8.95 -50.66 15.13
N ALA D 1366 -8.48 -49.54 14.60
CA ALA D 1366 -7.24 -48.93 15.04
C ALA D 1366 -7.59 -47.54 15.57
N SER D 1367 -7.54 -47.37 16.87
CA SER D 1367 -8.11 -46.18 17.46
C SER D 1367 -7.85 -46.16 18.95
N PRO D 1368 -7.67 -45.00 19.56
CA PRO D 1368 -7.39 -44.96 21.00
C PRO D 1368 -8.43 -45.67 21.83
N LEU D 1369 -9.61 -45.89 21.25
CA LEU D 1369 -10.68 -46.59 21.93
C LEU D 1369 -10.54 -48.10 21.83
N LYS D 1370 -9.58 -48.62 21.07
CA LYS D 1370 -9.52 -50.07 20.89
C LYS D 1370 -9.00 -50.71 22.16
N GLY D 1371 -9.70 -51.72 22.63
CA GLY D 1371 -9.43 -52.32 23.91
C GLY D 1371 -10.31 -51.80 25.01
N LEU D 1372 -10.88 -50.62 24.85
CA LEU D 1372 -11.94 -50.19 25.73
C LEU D 1372 -13.22 -50.91 25.35
N SER D 1373 -14.26 -50.70 26.15
CA SER D 1373 -15.56 -51.28 25.83
C SER D 1373 -16.38 -50.32 25.00
N LEU D 1374 -16.68 -49.16 25.56
CA LEU D 1374 -17.43 -48.13 24.89
C LEU D 1374 -16.57 -47.35 23.91
N ARG E 6 8.54 12.03 20.57
CA ARG E 6 7.97 10.95 21.37
C ARG E 6 6.73 11.43 22.12
N ASP E 7 5.80 10.53 22.37
CA ASP E 7 4.66 10.88 23.21
C ASP E 7 5.14 11.11 24.62
N PRO E 8 4.76 12.23 25.24
CA PRO E 8 5.37 12.61 26.51
C PRO E 8 5.20 11.50 27.53
N PRO E 9 6.19 11.34 28.42
CA PRO E 9 6.02 10.37 29.53
C PRO E 9 4.95 10.82 30.49
N GLY E 10 4.57 12.09 30.45
CA GLY E 10 3.59 12.62 31.37
C GLY E 10 4.27 13.43 32.45
N TYR E 11 3.44 13.99 33.31
CA TYR E 11 3.91 14.82 34.38
C TYR E 11 4.03 13.96 35.62
N ARG E 12 5.03 14.22 36.44
CA ARG E 12 5.20 13.46 37.65
C ARG E 12 4.61 14.27 38.76
N TYR E 13 3.45 13.86 39.28
CA TYR E 13 2.81 14.59 40.37
C TYR E 13 3.42 14.55 41.74
N ALA E 14 3.93 13.40 42.10
CA ALA E 14 4.76 13.20 43.28
C ALA E 14 6.11 13.41 42.65
N ALA E 15 6.95 14.15 43.37
CA ALA E 15 8.27 14.78 43.07
C ALA E 15 8.01 16.16 42.49
N ALA E 16 6.78 16.60 42.58
CA ALA E 16 6.33 17.89 42.23
C ALA E 16 5.91 18.30 43.61
N MET E 17 5.79 17.36 44.55
CA MET E 17 5.50 17.78 45.91
C MET E 17 6.72 18.29 46.62
N VAL E 18 7.91 17.94 46.15
CA VAL E 18 9.14 18.43 46.75
C VAL E 18 9.85 19.23 45.67
N PRO E 19 9.49 20.49 45.48
CA PRO E 19 10.10 21.26 44.41
C PRO E 19 11.59 21.38 44.67
N THR E 20 12.34 21.52 43.59
CA THR E 20 13.73 21.87 43.67
C THR E 20 13.95 23.36 43.44
N GLY E 21 12.89 24.13 43.22
CA GLY E 21 13.08 25.52 42.89
C GLY E 21 11.76 26.23 42.79
N SER E 22 11.84 27.51 42.43
CA SER E 22 10.68 28.37 42.38
C SER E 22 10.57 29.03 41.03
N ILE E 23 9.36 29.11 40.51
CA ILE E 23 9.10 29.95 39.36
C ILE E 23 8.93 31.38 39.86
N LEU E 24 9.67 32.32 39.30
CA LEU E 24 9.61 33.69 39.76
C LEU E 24 8.61 34.56 39.02
N SER E 25 7.99 34.08 37.97
CA SER E 25 6.97 34.89 37.36
C SER E 25 5.62 34.25 37.56
N THR E 26 4.58 35.01 37.25
CA THR E 26 3.23 34.49 37.22
C THR E 26 2.62 35.04 35.95
N ILE E 27 2.30 34.16 35.02
CA ILE E 27 1.78 34.53 33.74
C ILE E 27 0.68 33.53 33.40
N GLU E 28 -0.07 33.85 32.35
CA GLU E 28 -0.94 32.84 31.78
C GLU E 28 -0.07 32.01 30.86
N VAL E 29 0.12 30.73 31.18
CA VAL E 29 1.06 29.92 30.44
C VAL E 29 0.39 29.20 29.28
N ALA E 30 -0.94 29.18 29.23
CA ALA E 30 -1.59 28.63 28.05
C ALA E 30 -1.25 29.41 26.80
N SER E 31 -0.70 30.62 26.94
CA SER E 31 -0.20 31.36 25.80
C SER E 31 1.11 30.76 25.31
N HIS E 32 1.97 30.38 26.23
CA HIS E 32 3.28 29.83 25.97
C HIS E 32 3.23 28.34 25.77
N ARG E 33 2.03 27.84 25.51
CA ARG E 33 1.62 26.45 25.47
C ARG E 33 2.64 25.49 24.89
N ARG E 34 3.28 25.94 23.81
CA ARG E 34 4.23 25.16 22.99
C ARG E 34 5.69 25.22 23.32
N LEU E 35 6.02 25.79 24.45
CA LEU E 35 7.38 25.86 24.89
C LEU E 35 7.70 24.56 25.64
N PHE E 36 6.72 23.65 25.77
CA PHE E 36 6.84 22.43 26.56
C PHE E 36 6.55 21.11 25.89
N ASP E 37 7.14 20.03 26.43
CA ASP E 37 6.96 18.67 25.94
C ASP E 37 5.64 18.07 26.41
N PHE E 38 5.21 18.45 27.61
CA PHE E 38 3.93 18.06 28.17
C PHE E 38 3.30 19.28 28.79
N PHE E 39 1.99 19.41 28.68
CA PHE E 39 1.31 20.54 29.30
C PHE E 39 -0.14 20.13 29.59
N ALA E 40 -0.69 20.65 30.68
CA ALA E 40 -2.07 20.40 31.03
C ALA E 40 -2.63 21.63 31.74
N ARG E 41 -3.84 22.03 31.46
CA ARG E 41 -4.52 22.98 32.33
C ARG E 41 -5.59 22.24 33.11
N VAL E 42 -5.46 22.25 34.42
CA VAL E 42 -6.43 21.68 35.31
C VAL E 42 -7.17 22.83 35.94
N ARG E 43 -8.41 23.03 35.56
CA ARG E 43 -9.23 24.07 36.16
C ARG E 43 -9.80 23.49 37.43
N SER E 44 -9.42 24.07 38.57
CA SER E 44 -9.60 23.45 39.87
C SER E 44 -8.95 22.07 39.87
N ASP E 45 -9.74 21.03 40.00
CA ASP E 45 -9.26 19.69 40.25
C ASP E 45 -9.62 18.76 39.09
N GLU E 46 -8.82 17.72 38.89
CA GLU E 46 -9.04 16.74 37.85
C GLU E 46 -8.68 15.34 38.35
N ASN E 47 -9.36 14.33 37.82
CA ASN E 47 -9.14 12.95 38.25
C ASN E 47 -7.76 12.45 37.87
N SER E 48 -7.12 13.06 36.88
CA SER E 48 -5.82 12.58 36.44
C SER E 48 -4.68 12.96 37.38
N LEU E 49 -4.93 13.83 38.33
CA LEU E 49 -3.86 14.19 39.27
C LEU E 49 -3.53 13.02 40.16
N TYR E 50 -4.51 12.16 40.41
CA TYR E 50 -4.42 11.13 41.44
C TYR E 50 -4.06 9.77 40.90
N ASP E 51 -3.79 9.66 39.60
CA ASP E 51 -3.42 8.38 39.01
C ASP E 51 -2.03 7.98 39.45
N VAL E 52 -1.89 6.73 39.90
CA VAL E 52 -0.60 6.13 40.17
C VAL E 52 -0.60 4.74 39.57
N GLU E 53 0.54 4.32 39.04
CA GLU E 53 0.70 2.98 38.49
C GLU E 53 2.16 2.58 38.65
N PHE E 54 2.36 1.26 38.72
CA PHE E 54 3.68 0.62 38.76
C PHE E 54 3.66 -0.78 38.15
N ASP E 55 4.82 -1.29 37.73
CA ASP E 55 4.99 -2.66 37.21
C ASP E 55 6.19 -3.27 37.93
N ALA E 56 6.08 -4.51 38.34
CA ALA E 56 7.14 -5.11 39.13
C ALA E 56 7.78 -6.39 38.64
N LEU E 57 8.96 -6.67 39.19
CA LEU E 57 9.72 -7.87 38.93
C LEU E 57 9.48 -8.62 40.23
N LEU E 58 8.82 -9.76 40.11
CA LEU E 58 8.35 -10.54 41.24
C LEU E 58 9.23 -11.74 41.54
N GLY E 59 10.34 -11.89 40.84
CA GLY E 59 11.34 -12.87 41.24
C GLY E 59 12.43 -13.02 40.22
N SER E 60 13.57 -13.54 40.66
CA SER E 60 14.68 -13.87 39.77
C SER E 60 15.20 -15.21 40.20
N TYR E 61 15.11 -16.20 39.34
CA TYR E 61 15.48 -17.56 39.69
C TYR E 61 16.69 -17.96 38.88
N CYS E 62 17.82 -18.11 39.54
CA CYS E 62 19.04 -18.52 38.88
C CYS E 62 19.22 -20.01 39.05
N ASN E 63 20.37 -20.50 38.62
CA ASN E 63 20.63 -21.92 38.52
C ASN E 63 22.02 -22.18 39.07
N THR E 64 22.15 -23.19 39.93
CA THR E 64 23.44 -23.58 40.48
C THR E 64 24.01 -24.69 39.61
N LEU E 65 25.08 -24.38 38.89
CA LEU E 65 25.71 -25.37 38.04
C LEU E 65 26.40 -26.40 38.91
N SER E 66 26.05 -27.67 38.71
CA SER E 66 26.53 -28.76 39.55
C SER E 66 27.84 -29.29 38.99
N LEU E 67 28.83 -29.45 39.87
CA LEU E 67 30.14 -29.94 39.49
C LEU E 67 30.28 -31.40 39.88
N VAL E 68 30.60 -32.25 38.90
CA VAL E 68 30.85 -33.66 39.15
C VAL E 68 32.36 -33.84 39.27
N ARG E 69 32.80 -34.67 40.18
CA ARG E 69 34.23 -34.77 40.34
C ARG E 69 34.95 -35.97 39.78
N PHE E 70 34.24 -36.93 39.19
CA PHE E 70 34.83 -38.16 38.63
C PHE E 70 35.36 -39.22 39.63
N LEU E 71 36.18 -38.83 40.58
CA LEU E 71 36.66 -39.77 41.54
C LEU E 71 35.50 -40.31 42.35
N GLU E 72 34.48 -39.51 42.58
CA GLU E 72 33.29 -40.00 43.27
C GLU E 72 32.28 -40.37 42.19
N LEU E 73 32.25 -41.64 41.85
CA LEU E 73 31.39 -42.22 40.82
C LEU E 73 31.53 -43.72 40.90
N GLY E 74 30.76 -44.42 40.07
CA GLY E 74 30.96 -45.84 39.89
C GLY E 74 32.10 -46.13 38.92
N LEU E 75 32.11 -45.39 37.83
CA LEU E 75 32.99 -45.61 36.71
C LEU E 75 34.46 -45.53 37.00
N SER E 76 34.81 -44.87 38.09
CA SER E 76 36.18 -44.66 38.49
C SER E 76 36.92 -45.87 39.02
N VAL E 77 36.21 -46.98 39.25
CA VAL E 77 36.73 -48.25 39.74
C VAL E 77 37.17 -49.13 38.61
N ALA E 78 37.06 -48.64 37.39
CA ALA E 78 37.35 -49.37 36.20
C ALA E 78 38.58 -48.88 35.55
N CYS E 79 39.43 -48.20 36.29
CA CYS E 79 40.65 -47.63 35.76
C CYS E 79 41.64 -47.30 36.87
N VAL E 80 42.81 -46.86 36.43
CA VAL E 80 43.88 -46.39 37.30
C VAL E 80 44.28 -45.05 36.74
N CYS E 81 44.01 -43.98 37.47
CA CYS E 81 44.23 -42.62 36.98
C CYS E 81 45.44 -42.05 37.69
N THR E 82 46.46 -41.66 36.92
CA THR E 82 47.64 -41.02 37.45
C THR E 82 47.90 -39.76 36.65
N LYS E 83 48.35 -38.71 37.33
CA LYS E 83 48.73 -37.48 36.67
C LYS E 83 50.17 -37.59 36.21
N PHE E 84 50.38 -37.52 34.90
CA PHE E 84 51.69 -37.64 34.29
C PHE E 84 51.90 -36.40 33.45
N PRO E 85 52.30 -35.32 34.09
CA PRO E 85 52.40 -34.00 33.47
C PRO E 85 53.26 -33.93 32.24
N GLU E 86 54.19 -34.84 32.08
CA GLU E 86 55.07 -34.78 30.93
C GLU E 86 54.43 -35.43 29.72
N LEU E 87 53.20 -35.91 29.85
CA LEU E 87 52.58 -36.69 28.79
C LEU E 87 52.58 -35.95 27.46
N ALA E 88 52.59 -34.62 27.51
CA ALA E 88 52.72 -33.85 26.28
C ALA E 88 54.06 -34.09 25.62
N TYR E 89 55.13 -34.12 26.42
CA TYR E 89 56.46 -34.35 25.91
C TYR E 89 56.73 -35.81 25.59
N MET E 90 55.82 -36.70 25.96
CA MET E 90 56.01 -38.12 25.79
C MET E 90 55.83 -38.52 24.34
N ASN E 91 56.42 -39.66 24.00
CA ASN E 91 56.30 -40.21 22.65
C ASN E 91 55.55 -41.54 22.67
N GLU E 92 56.08 -42.56 23.34
CA GLU E 92 55.36 -43.82 23.50
C GLU E 92 55.26 -44.27 24.95
N GLY E 93 54.16 -44.93 25.15
CA GLY E 93 53.81 -45.43 26.42
C GLY E 93 53.80 -46.88 26.13
N ARG E 94 54.54 -47.59 26.93
CA ARG E 94 54.59 -48.99 26.73
C ARG E 94 54.40 -49.62 28.05
N VAL E 95 53.75 -50.76 28.04
CA VAL E 95 53.55 -51.54 29.22
C VAL E 95 53.93 -52.95 28.82
N GLN E 96 54.58 -53.71 29.69
CA GLN E 96 54.90 -55.04 29.30
C GLN E 96 54.45 -55.98 30.32
N PHE E 97 53.95 -57.12 29.86
CA PHE E 97 53.43 -58.17 30.67
C PHE E 97 54.19 -59.42 30.44
N GLU E 98 54.57 -60.10 31.49
CA GLU E 98 55.22 -61.37 31.33
C GLU E 98 54.24 -62.24 32.04
N VAL E 99 53.76 -63.23 31.36
CA VAL E 99 52.81 -64.17 31.94
C VAL E 99 53.29 -65.60 31.69
N HIS E 100 53.36 -66.39 32.75
CA HIS E 100 54.02 -67.69 32.74
C HIS E 100 52.98 -68.79 32.91
N GLN E 101 53.12 -69.87 32.17
CA GLN E 101 52.03 -70.81 32.17
C GLN E 101 52.44 -72.16 32.71
N PRO E 102 51.53 -72.84 33.40
CA PRO E 102 51.81 -74.14 33.98
C PRO E 102 51.63 -75.27 32.99
N LEU E 103 51.58 -76.50 33.48
CA LEU E 103 51.54 -77.66 32.61
C LEU E 103 51.33 -78.91 33.44
N ILE E 104 50.94 -79.99 32.77
CA ILE E 104 50.68 -81.27 33.40
C ILE E 104 51.67 -82.30 32.88
N ALA E 105 52.22 -83.10 33.79
CA ALA E 105 52.95 -84.29 33.40
C ALA E 105 51.95 -85.28 32.83
N ARG E 106 52.18 -85.71 31.61
CA ARG E 106 51.14 -86.33 30.80
C ARG E 106 51.68 -87.67 30.32
N ASP E 107 51.09 -88.76 30.80
CA ASP E 107 51.61 -90.09 30.57
C ASP E 107 50.93 -90.70 29.35
N GLY E 108 51.72 -91.10 28.37
CA GLY E 108 51.18 -91.87 27.28
C GLY E 108 51.86 -91.61 25.96
N PRO E 109 51.15 -91.92 24.87
CA PRO E 109 51.60 -91.46 23.55
C PRO E 109 51.60 -89.96 23.42
N HIS E 110 50.94 -89.27 24.33
CA HIS E 110 50.83 -87.83 24.23
C HIS E 110 52.21 -87.19 24.29
N PRO E 111 52.46 -86.14 23.52
CA PRO E 111 53.78 -85.51 23.50
C PRO E 111 54.14 -84.92 24.85
N VAL E 112 55.43 -84.84 25.10
CA VAL E 112 55.93 -84.31 26.35
C VAL E 112 55.85 -82.79 26.32
N GLU E 113 55.27 -82.21 27.35
CA GLU E 113 55.08 -80.78 27.45
C GLU E 113 56.10 -80.19 28.40
N GLN E 114 56.70 -79.08 27.97
CA GLN E 114 57.60 -78.32 28.83
C GLN E 114 57.01 -76.93 29.00
N PRO E 115 57.57 -76.05 29.85
CA PRO E 115 56.86 -74.80 30.16
C PRO E 115 56.68 -73.88 28.97
N VAL E 116 56.02 -72.74 29.18
CA VAL E 116 55.91 -71.69 28.18
C VAL E 116 55.89 -70.36 28.88
N HIS E 117 56.38 -69.32 28.24
CA HIS E 117 56.38 -68.03 28.85
C HIS E 117 55.96 -67.12 27.76
N ASN E 118 55.19 -66.08 28.07
CA ASN E 118 54.74 -65.19 27.03
C ASN E 118 55.16 -63.81 27.43
N TYR E 119 55.83 -63.10 26.54
CA TYR E 119 56.25 -61.77 26.85
C TYR E 119 55.61 -60.87 25.86
N MET E 120 54.82 -59.91 26.31
CA MET E 120 54.23 -59.00 25.35
C MET E 120 54.16 -57.64 25.92
N THR E 121 54.13 -56.63 25.05
CA THR E 121 54.01 -55.24 25.43
C THR E 121 52.93 -54.65 24.55
N LYS E 122 52.12 -53.78 25.09
CA LYS E 122 51.09 -53.14 24.29
C LYS E 122 51.29 -51.72 24.54
N VAL E 123 51.50 -50.91 23.49
CA VAL E 123 51.73 -49.47 23.59
C VAL E 123 50.48 -48.69 23.92
N ILE E 124 50.69 -47.48 24.37
CA ILE E 124 49.60 -46.64 24.86
C ILE E 124 48.91 -45.94 23.69
N ASP E 125 47.79 -45.28 23.98
CA ASP E 125 47.08 -44.44 23.02
C ASP E 125 47.07 -43.01 23.52
N ARG E 126 47.00 -42.07 22.59
CA ARG E 126 47.11 -40.67 22.93
C ARG E 126 45.85 -39.95 22.50
N ARG E 127 45.34 -39.10 23.38
CA ARG E 127 44.17 -38.30 23.10
C ARG E 127 44.32 -36.97 23.82
N ALA E 128 43.73 -35.93 23.26
CA ALA E 128 43.70 -34.63 23.88
C ALA E 128 42.30 -34.07 23.73
N LEU E 129 41.65 -33.77 24.84
CA LEU E 129 40.29 -33.29 24.77
C LEU E 129 40.23 -31.80 25.06
N ASN E 130 39.28 -31.12 24.40
CA ASN E 130 39.27 -29.68 24.30
C ASN E 130 37.98 -29.08 24.82
N ALA E 131 38.10 -27.96 25.51
CA ALA E 131 36.97 -27.10 25.83
C ALA E 131 37.43 -25.66 25.69
N ALA E 132 36.47 -24.76 25.50
CA ALA E 132 36.81 -23.35 25.34
C ALA E 132 35.72 -22.48 25.92
N PHE E 133 36.05 -21.21 26.14
CA PHE E 133 35.07 -20.20 26.47
C PHE E 133 35.49 -18.92 25.74
N SER E 134 34.78 -17.83 26.02
CA SER E 134 34.98 -16.62 25.25
C SER E 134 34.74 -15.39 26.11
N LEU E 135 35.36 -14.29 25.71
CA LEU E 135 35.15 -12.99 26.30
C LEU E 135 34.62 -12.03 25.24
N ALA E 136 33.89 -11.02 25.70
CA ALA E 136 33.34 -10.01 24.83
C ALA E 136 34.17 -8.74 24.95
N THR E 137 34.22 -7.98 23.86
CA THR E 137 34.94 -6.71 23.86
C THR E 137 34.57 -5.88 25.09
N GLU E 138 33.29 -5.54 25.22
CA GLU E 138 32.86 -4.75 26.36
C GLU E 138 33.19 -5.41 27.69
N ALA E 139 33.47 -6.72 27.69
CA ALA E 139 33.99 -7.34 28.90
C ALA E 139 35.48 -7.08 29.05
N ILE E 140 36.24 -7.20 27.97
CA ILE E 140 37.68 -7.02 28.05
C ILE E 140 38.04 -5.58 28.34
N ALA E 141 37.53 -4.66 27.52
CA ALA E 141 37.81 -3.24 27.73
C ALA E 141 37.38 -2.80 29.10
N LEU E 142 36.50 -3.56 29.74
CA LEU E 142 36.02 -3.35 31.10
C LEU E 142 36.96 -3.94 32.13
N LEU E 143 37.46 -5.16 31.90
CA LEU E 143 38.28 -5.83 32.90
C LEU E 143 39.60 -5.12 33.16
N THR E 144 40.07 -4.28 32.25
CA THR E 144 41.25 -3.48 32.51
C THR E 144 41.04 -2.05 32.03
N GLY E 145 41.00 -1.11 32.98
CA GLY E 145 41.11 0.31 32.68
C GLY E 145 40.21 0.75 31.55
N GLU E 146 40.77 1.62 30.71
CA GLU E 146 40.13 1.97 29.42
C GLU E 146 38.72 2.44 29.74
N ALA E 147 37.72 1.73 29.24
CA ALA E 147 36.32 2.15 29.39
C ALA E 147 35.92 2.64 30.77
N LEU E 148 36.74 2.41 31.80
CA LEU E 148 36.47 3.03 33.08
C LEU E 148 36.48 4.55 32.94
N ASP E 149 35.70 5.18 33.80
CA ASP E 149 35.22 6.54 33.62
C ASP E 149 35.47 7.33 34.89
N GLY E 150 34.99 6.80 36.00
CA GLY E 150 34.92 7.51 37.27
C GLY E 150 33.52 7.73 37.78
N THR E 151 32.51 7.42 36.98
CA THR E 151 31.17 7.28 37.52
C THR E 151 31.05 5.98 38.32
N GLY E 152 30.17 5.99 39.31
CA GLY E 152 29.87 4.75 40.00
C GLY E 152 29.24 3.72 39.10
N ILE E 153 28.96 4.10 37.85
CA ILE E 153 28.36 3.20 36.88
C ILE E 153 29.41 2.31 36.25
N SER E 154 30.58 2.85 35.93
CA SER E 154 31.63 2.05 35.35
C SER E 154 32.09 0.93 36.28
N LEU E 155 31.81 1.04 37.57
CA LEU E 155 32.27 0.03 38.49
C LEU E 155 31.34 -1.18 38.53
N HIS E 156 30.03 -0.97 38.53
CA HIS E 156 29.12 -2.12 38.57
C HIS E 156 29.11 -2.90 37.28
N ARG E 157 29.48 -2.28 36.17
CA ARG E 157 29.62 -3.04 34.93
C ARG E 157 30.82 -3.96 35.00
N GLN E 158 31.93 -3.48 35.56
CA GLN E 158 33.12 -4.31 35.68
C GLN E 158 32.82 -5.50 36.58
N LEU E 159 32.36 -5.23 37.80
CA LEU E 159 31.98 -6.29 38.71
C LEU E 159 31.05 -7.29 38.04
N ARG E 160 30.17 -6.82 37.17
CA ARG E 160 29.33 -7.71 36.40
C ARG E 160 30.14 -8.54 35.40
N ALA E 161 31.20 -7.97 34.85
CA ALA E 161 31.99 -8.69 33.87
C ALA E 161 32.90 -9.73 34.50
N ILE E 162 33.41 -9.46 35.70
CA ILE E 162 34.09 -10.53 36.45
C ILE E 162 33.11 -11.64 36.75
N GLN E 163 31.86 -11.30 37.03
CA GLN E 163 30.86 -12.32 37.32
C GLN E 163 30.65 -13.24 36.14
N GLN E 164 30.81 -12.73 34.93
CA GLN E 164 30.61 -13.61 33.78
C GLN E 164 31.83 -14.49 33.55
N LEU E 165 33.02 -13.91 33.72
CA LEU E 165 34.27 -14.64 33.52
C LEU E 165 34.32 -15.90 34.35
N ALA E 166 34.48 -15.73 35.66
CA ALA E 166 34.69 -16.87 36.55
C ALA E 166 33.48 -17.77 36.59
N ARG E 167 32.38 -17.38 35.97
CA ARG E 167 31.27 -18.29 35.75
C ARG E 167 31.54 -19.22 34.57
N ASN E 168 32.26 -18.75 33.55
CA ASN E 168 32.65 -19.61 32.45
C ASN E 168 33.84 -20.49 32.80
N VAL E 169 34.77 -19.97 33.60
CA VAL E 169 35.88 -20.79 34.06
C VAL E 169 35.36 -21.99 34.83
N GLN E 170 34.50 -21.74 35.83
CA GLN E 170 33.90 -22.84 36.58
C GLN E 170 33.17 -23.80 35.66
N ALA E 171 32.66 -23.32 34.54
CA ALA E 171 31.92 -24.18 33.63
C ALA E 171 32.84 -25.02 32.77
N VAL E 172 34.00 -24.48 32.36
CA VAL E 172 34.94 -25.24 31.55
C VAL E 172 35.95 -26.02 32.36
N LEU E 173 36.06 -25.76 33.66
CA LEU E 173 36.86 -26.63 34.50
C LEU E 173 36.09 -27.90 34.84
N GLY E 174 34.80 -27.77 35.12
CA GLY E 174 33.96 -28.94 35.28
C GLY E 174 33.78 -29.73 34.01
N ALA E 175 34.22 -29.20 32.87
CA ALA E 175 34.16 -29.89 31.60
C ALA E 175 35.18 -31.00 31.47
N PHE E 176 36.31 -30.88 32.14
CA PHE E 176 37.30 -31.93 32.12
C PHE E 176 36.99 -33.05 33.10
N GLU E 177 36.17 -32.78 34.11
CA GLU E 177 35.65 -33.85 34.92
C GLU E 177 34.51 -34.57 34.22
N ARG E 178 33.57 -33.83 33.63
CA ARG E 178 32.55 -34.48 32.81
C ARG E 178 33.16 -35.15 31.60
N GLY E 179 34.19 -34.55 31.00
CA GLY E 179 34.78 -35.13 29.82
C GLY E 179 35.60 -36.36 30.10
N THR E 180 36.14 -36.48 31.31
CA THR E 180 36.85 -37.69 31.68
C THR E 180 35.90 -38.85 31.84
N ALA E 181 34.82 -38.65 32.60
CA ALA E 181 33.84 -39.72 32.77
C ALA E 181 33.23 -40.11 31.42
N ASP E 182 33.13 -39.17 30.51
CA ASP E 182 32.60 -39.48 29.19
C ASP E 182 33.62 -40.28 28.39
N GLN E 183 34.87 -39.85 28.40
CA GLN E 183 35.87 -40.50 27.56
C GLN E 183 36.21 -41.89 28.08
N MET E 184 35.98 -42.15 29.36
CA MET E 184 36.09 -43.51 29.87
C MET E 184 35.20 -44.44 29.09
N LEU E 185 33.90 -44.13 29.05
CA LEU E 185 32.97 -44.93 28.27
C LEU E 185 33.54 -45.26 26.90
N HIS E 186 33.80 -44.24 26.09
CA HIS E 186 34.29 -44.48 24.73
C HIS E 186 35.42 -45.48 24.69
N VAL E 187 36.36 -45.40 25.60
CA VAL E 187 37.49 -46.33 25.51
C VAL E 187 37.11 -47.68 26.10
N LEU E 188 36.15 -47.73 27.02
CA LEU E 188 35.62 -49.03 27.43
C LEU E 188 34.74 -49.66 26.35
N LEU E 189 33.86 -48.89 25.72
CA LEU E 189 33.05 -49.46 24.66
C LEU E 189 33.88 -49.82 23.43
N GLU E 190 35.02 -49.16 23.21
CA GLU E 190 35.89 -49.55 22.11
C GLU E 190 36.50 -50.91 22.37
N LYS E 191 36.82 -51.29 23.58
CA LYS E 191 37.41 -52.59 23.74
C LYS E 191 36.51 -53.72 24.13
N ALA E 192 35.21 -53.49 24.14
CA ALA E 192 34.28 -54.51 24.57
C ALA E 192 33.49 -55.20 23.47
N PRO E 193 33.46 -56.60 23.46
CA PRO E 193 32.68 -57.21 22.38
C PRO E 193 31.29 -57.55 22.85
N PRO E 194 30.28 -57.69 22.00
CA PRO E 194 28.95 -57.98 22.53
C PRO E 194 28.97 -59.29 23.28
N LEU E 195 28.15 -59.35 24.34
CA LEU E 195 28.05 -60.58 25.11
C LEU E 195 27.71 -61.75 24.22
N ALA E 196 26.77 -61.54 23.29
CA ALA E 196 26.33 -62.60 22.40
C ALA E 196 27.50 -63.27 21.70
N LEU E 197 28.52 -62.50 21.33
CA LEU E 197 29.70 -63.09 20.72
C LEU E 197 30.66 -63.66 21.75
N LEU E 198 30.75 -63.06 22.94
CA LEU E 198 31.80 -63.46 23.86
C LEU E 198 31.47 -64.75 24.62
N LEU E 199 30.21 -64.99 24.94
CA LEU E 199 29.87 -66.23 25.64
C LEU E 199 30.31 -67.48 24.88
N PRO E 200 29.85 -67.73 23.65
CA PRO E 200 30.33 -68.92 22.94
C PRO E 200 31.82 -68.88 22.72
N MET E 201 32.38 -67.69 22.56
CA MET E 201 33.81 -67.56 22.42
C MET E 201 34.53 -68.21 23.59
N GLN E 202 34.21 -67.78 24.81
CA GLN E 202 34.97 -68.16 26.00
C GLN E 202 35.16 -69.66 26.10
N ARG E 203 34.07 -70.43 26.03
CA ARG E 203 34.19 -71.85 26.31
C ARG E 203 35.11 -72.57 25.36
N TYR E 204 35.43 -71.97 24.21
CA TYR E 204 36.45 -72.54 23.35
C TYR E 204 37.83 -71.98 23.64
N LEU E 205 37.96 -70.97 24.51
CA LEU E 205 39.28 -70.39 24.73
C LEU E 205 40.19 -71.32 25.51
N ASP E 206 39.65 -72.08 26.46
CA ASP E 206 40.46 -73.11 27.10
C ASP E 206 40.05 -74.48 26.58
N ASN E 207 40.81 -74.99 25.62
CA ASN E 207 40.71 -76.38 25.21
C ASN E 207 42.10 -76.95 25.04
N GLY E 208 42.83 -76.42 24.06
CA GLY E 208 44.17 -76.87 23.74
C GLY E 208 44.83 -75.99 22.69
N THR E 212 42.76 -77.99 14.64
CA THR E 212 41.84 -77.11 15.32
C THR E 212 41.04 -76.28 14.32
N ARG E 213 40.94 -76.76 13.08
CA ARG E 213 40.14 -76.04 12.11
C ARG E 213 38.66 -76.35 12.25
N VAL E 214 38.34 -77.55 12.72
CA VAL E 214 36.95 -77.94 12.93
C VAL E 214 36.38 -77.28 14.18
N ALA E 215 37.22 -77.05 15.19
CA ALA E 215 36.77 -76.29 16.34
C ALA E 215 36.45 -74.86 15.95
N ARG E 216 37.26 -74.28 15.05
CA ARG E 216 36.93 -72.96 14.54
C ARG E 216 35.62 -72.98 13.78
N ALA E 217 35.37 -74.03 13.02
CA ALA E 217 34.11 -74.14 12.29
C ALA E 217 32.94 -74.27 13.26
N THR E 218 32.99 -75.24 14.16
CA THR E 218 31.89 -75.42 15.11
C THR E 218 31.74 -74.23 16.03
N LEU E 219 32.82 -73.47 16.25
CA LEU E 219 32.67 -72.20 16.97
C LEU E 219 31.85 -71.22 16.18
N VAL E 220 32.26 -70.94 14.95
CA VAL E 220 31.59 -69.92 14.14
C VAL E 220 30.13 -70.25 13.97
N ALA E 221 29.83 -71.47 13.54
CA ALA E 221 28.44 -71.86 13.35
C ALA E 221 27.64 -71.66 14.62
N GLU E 222 28.24 -71.94 15.75
CA GLU E 222 27.59 -71.73 17.03
C GLU E 222 27.72 -70.29 17.49
N LEU E 223 28.69 -69.56 16.95
CA LEU E 223 28.85 -68.15 17.27
C LEU E 223 27.71 -67.33 16.71
N LYS E 224 27.31 -67.62 15.47
CA LYS E 224 26.24 -66.85 14.84
C LYS E 224 24.86 -67.28 15.29
N ARG E 225 24.71 -68.54 15.69
CA ARG E 225 23.44 -68.95 16.27
C ARG E 225 23.10 -68.15 17.50
N SER E 226 24.10 -67.87 18.33
CA SER E 226 23.87 -67.26 19.63
C SER E 226 23.65 -65.77 19.52
N PHE E 227 24.39 -65.11 18.64
CA PHE E 227 24.18 -63.68 18.45
C PHE E 227 22.74 -63.39 18.04
N CYS E 228 22.23 -64.17 17.10
CA CYS E 228 20.84 -64.02 16.69
C CYS E 228 19.91 -64.30 17.87
N ASP E 229 20.14 -65.40 18.58
CA ASP E 229 19.31 -65.74 19.73
C ASP E 229 19.37 -64.69 20.81
N THR E 230 20.55 -64.51 21.42
CA THR E 230 20.67 -63.86 22.72
C THR E 230 20.97 -62.38 22.65
N SER E 231 21.02 -61.76 21.48
CA SER E 231 21.13 -60.31 21.46
C SER E 231 19.78 -59.72 21.79
N PHE E 232 19.80 -58.54 22.37
CA PHE E 232 18.57 -57.88 22.84
C PHE E 232 17.83 -58.73 23.84
N PHE E 233 18.58 -59.53 24.58
CA PHE E 233 17.98 -60.53 25.44
C PHE E 233 16.98 -59.90 26.41
N LEU E 234 17.37 -58.84 27.06
CA LEU E 234 16.48 -58.23 28.04
C LEU E 234 15.11 -57.80 27.51
N GLY E 235 15.02 -57.29 26.30
CA GLY E 235 13.74 -56.89 25.77
C GLY E 235 13.10 -57.99 24.96
N LYS E 236 13.75 -59.13 24.96
CA LYS E 236 13.36 -60.31 24.19
C LYS E 236 12.81 -61.36 25.14
N ALA E 237 13.65 -61.81 26.07
CA ALA E 237 13.27 -62.75 27.10
C ALA E 237 12.84 -62.09 28.40
N GLY E 238 12.69 -60.76 28.42
CA GLY E 238 12.53 -60.01 29.64
C GLY E 238 11.31 -60.36 30.47
N HIS E 239 10.41 -61.19 29.95
CA HIS E 239 9.21 -61.52 30.71
C HIS E 239 9.42 -62.66 31.71
N ARG E 240 10.60 -63.27 31.75
CA ARG E 240 10.85 -64.37 32.68
C ARG E 240 12.15 -64.10 33.44
N ARG E 241 12.06 -64.03 34.75
CA ARG E 241 13.16 -63.53 35.55
C ARG E 241 14.17 -64.60 35.93
N GLU E 242 13.90 -65.86 35.67
CA GLU E 242 14.94 -66.85 35.85
C GLU E 242 15.98 -66.78 34.75
N ALA E 243 15.60 -66.26 33.58
CA ALA E 243 16.55 -66.06 32.51
C ALA E 243 17.36 -64.81 32.70
N ILE E 244 16.72 -63.70 33.08
CA ILE E 244 17.44 -62.45 33.25
C ILE E 244 18.43 -62.55 34.38
N GLU E 245 18.13 -63.36 35.40
CA GLU E 245 19.11 -63.59 36.46
C GLU E 245 20.31 -64.35 35.93
N ALA E 246 20.07 -65.44 35.21
CA ALA E 246 21.16 -66.22 34.66
C ALA E 246 21.93 -65.44 33.62
N TRP E 247 21.25 -64.61 32.84
CA TRP E 247 21.91 -63.83 31.81
C TRP E 247 22.76 -62.73 32.40
N LEU E 248 22.39 -62.25 33.58
CA LEU E 248 23.08 -61.16 34.21
C LEU E 248 24.32 -61.64 34.95
N VAL E 249 24.25 -62.84 35.52
CA VAL E 249 25.43 -63.40 36.16
C VAL E 249 26.39 -63.94 35.11
N ASP E 250 25.88 -64.34 33.94
CA ASP E 250 26.77 -64.66 32.84
C ASP E 250 27.41 -63.41 32.26
N LEU E 251 26.68 -62.31 32.25
CA LEU E 251 27.28 -61.05 31.86
C LEU E 251 28.35 -60.62 32.84
N THR E 252 28.08 -60.80 34.14
CA THR E 252 29.01 -60.31 35.15
C THR E 252 30.32 -61.07 35.09
N THR E 253 30.25 -62.39 35.04
CA THR E 253 31.41 -63.27 34.99
C THR E 253 31.95 -63.70 33.60
N ALA E 254 31.70 -62.97 32.52
CA ALA E 254 32.17 -63.45 31.24
C ALA E 254 33.63 -63.14 31.04
N THR E 255 34.23 -62.40 31.97
CA THR E 255 35.52 -61.76 31.77
C THR E 255 36.32 -61.91 33.04
N GLN E 256 37.52 -61.34 33.05
CA GLN E 256 38.44 -61.72 34.09
C GLN E 256 39.24 -60.58 34.69
N PRO E 257 39.49 -60.64 35.99
CA PRO E 257 40.29 -59.60 36.63
C PRO E 257 41.70 -59.63 36.10
N SER E 258 42.34 -58.48 36.11
CA SER E 258 43.72 -58.40 35.68
C SER E 258 44.44 -57.37 36.52
N VAL E 259 45.62 -57.72 37.00
CA VAL E 259 46.49 -56.75 37.65
C VAL E 259 45.84 -56.13 38.87
N ALA E 260 45.84 -56.86 39.97
CA ALA E 260 45.45 -56.28 41.25
C ALA E 260 46.27 -55.02 41.51
N VAL E 261 45.55 -53.93 41.75
CA VAL E 261 46.15 -52.64 42.06
C VAL E 261 45.57 -52.21 43.40
N PRO E 262 46.17 -52.61 44.52
CA PRO E 262 45.58 -52.20 45.80
C PRO E 262 46.08 -50.84 46.20
N ARG E 263 46.16 -49.94 45.23
CA ARG E 263 46.22 -48.51 45.48
C ARG E 263 44.85 -47.89 45.45
N LEU E 264 43.86 -48.60 44.95
CA LEU E 264 42.49 -48.13 45.00
C LEU E 264 41.72 -49.00 45.98
N THR E 265 41.18 -48.40 46.99
CA THR E 265 40.47 -49.09 48.02
C THR E 265 39.04 -48.98 47.62
N HIS E 266 38.84 -48.69 46.35
CA HIS E 266 37.54 -48.34 45.83
C HIS E 266 36.87 -49.64 46.32
N ALA E 267 36.16 -49.59 47.45
CA ALA E 267 35.50 -50.73 48.13
C ALA E 267 34.10 -50.33 48.63
N ASP E 268 33.31 -51.30 49.09
CA ASP E 268 31.94 -51.06 49.62
C ASP E 268 31.97 -50.49 51.02
N THR E 269 30.83 -50.01 51.51
CA THR E 269 30.81 -49.37 52.83
C THR E 269 30.69 -50.33 54.00
N ARG E 270 31.83 -50.86 54.41
CA ARG E 270 31.96 -51.85 55.48
C ARG E 270 32.86 -53.01 55.05
N GLY E 271 33.86 -52.72 54.20
CA GLY E 271 34.98 -53.60 53.98
C GLY E 271 34.99 -54.42 52.70
N ARG E 272 33.83 -54.68 52.07
CA ARG E 272 33.80 -55.72 51.05
C ARG E 272 33.98 -55.16 49.66
N PRO E 273 35.12 -55.38 49.01
CA PRO E 273 35.49 -54.59 47.83
C PRO E 273 34.57 -54.81 46.64
N VAL E 274 34.15 -53.69 46.03
CA VAL E 274 33.55 -53.70 44.71
C VAL E 274 34.51 -54.31 43.70
N ASP E 275 33.97 -55.10 42.78
CA ASP E 275 34.67 -55.46 41.57
C ASP E 275 33.72 -55.35 40.39
N GLY E 276 33.98 -54.42 39.49
CA GLY E 276 33.15 -54.22 38.34
C GLY E 276 32.25 -52.99 38.46
N VAL E 277 31.60 -52.64 37.35
CA VAL E 277 30.90 -51.37 37.26
C VAL E 277 29.45 -51.50 36.80
N LEU E 278 29.22 -52.07 35.62
CA LEU E 278 27.87 -52.23 35.06
C LEU E 278 27.19 -50.89 34.81
N VAL E 279 27.66 -50.19 33.79
CA VAL E 279 27.01 -48.95 33.37
C VAL E 279 25.93 -49.27 32.36
N THR E 280 24.75 -48.70 32.55
CA THR E 280 23.59 -48.97 31.73
C THR E 280 22.93 -47.64 31.40
N THR E 281 21.87 -47.71 30.61
CA THR E 281 21.01 -46.54 30.49
C THR E 281 20.06 -46.48 31.67
N ALA E 282 19.57 -45.27 31.95
CA ALA E 282 18.78 -45.04 33.15
C ALA E 282 17.47 -45.82 33.15
N ALA E 283 16.94 -46.13 31.97
CA ALA E 283 15.70 -46.88 31.88
C ALA E 283 15.92 -48.36 32.13
N ILE E 284 17.06 -48.88 31.68
CA ILE E 284 17.41 -50.28 31.98
C ILE E 284 17.69 -50.44 33.46
N LYS E 285 18.49 -49.53 34.02
CA LYS E 285 18.81 -49.59 35.45
C LYS E 285 17.55 -49.67 36.29
N GLN E 286 16.58 -48.81 36.02
CA GLN E 286 15.35 -48.82 36.79
C GLN E 286 14.62 -50.15 36.67
N ARG E 287 14.73 -50.81 35.52
CA ARG E 287 14.02 -52.07 35.35
C ARG E 287 14.73 -53.21 36.06
N LEU E 288 16.04 -53.31 35.91
CA LEU E 288 16.80 -54.32 36.64
C LEU E 288 16.60 -54.16 38.13
N LEU E 289 16.73 -52.92 38.61
CA LEU E 289 16.68 -52.67 40.05
C LEU E 289 15.29 -52.90 40.61
N GLN E 290 14.25 -52.58 39.84
CA GLN E 290 12.90 -52.73 40.36
C GLN E 290 12.49 -54.18 40.44
N SER E 291 12.64 -54.92 39.35
CA SER E 291 12.07 -56.25 39.26
C SER E 291 13.12 -57.35 39.41
N PHE E 292 14.09 -57.43 38.51
CA PHE E 292 14.87 -58.66 38.42
C PHE E 292 15.83 -58.83 39.57
N LEU E 293 16.86 -57.99 39.65
CA LEU E 293 17.72 -58.05 40.81
C LEU E 293 17.44 -56.82 41.68
N LYS E 294 16.49 -56.94 42.60
CA LYS E 294 16.18 -55.84 43.50
C LYS E 294 17.15 -56.09 44.63
N VAL E 295 18.28 -55.40 44.56
CA VAL E 295 19.43 -55.73 45.38
C VAL E 295 20.10 -54.43 45.74
N GLU E 296 20.40 -54.26 47.01
CA GLU E 296 21.25 -53.17 47.45
C GLU E 296 22.16 -53.76 48.50
N ASP E 297 23.46 -53.83 48.23
CA ASP E 297 24.36 -54.02 49.35
C ASP E 297 24.38 -52.74 50.18
N THR E 298 24.67 -51.65 49.49
CA THR E 298 24.56 -50.36 50.09
C THR E 298 24.64 -49.15 49.20
N GLU E 299 23.74 -48.16 49.31
CA GLU E 299 24.05 -46.94 48.59
C GLU E 299 25.05 -46.21 49.48
N ALA E 300 26.33 -46.39 49.16
CA ALA E 300 27.46 -45.77 49.83
C ALA E 300 28.67 -46.47 49.25
N ASP E 301 29.85 -45.89 49.37
CA ASP E 301 31.05 -46.52 48.81
C ASP E 301 32.24 -45.75 49.33
N VAL E 302 33.41 -46.24 49.05
CA VAL E 302 34.55 -45.57 49.54
C VAL E 302 35.61 -45.38 48.50
N PRO E 303 35.46 -44.40 47.62
CA PRO E 303 36.36 -44.04 46.55
C PRO E 303 37.62 -43.38 47.05
N VAL E 304 38.62 -43.34 46.19
CA VAL E 304 39.91 -42.80 46.55
C VAL E 304 40.29 -41.56 45.69
N THR E 305 41.53 -41.08 45.82
CA THR E 305 42.12 -39.95 45.06
C THR E 305 43.23 -40.27 43.98
N TYR E 306 43.42 -39.43 42.95
CA TYR E 306 44.36 -39.73 41.85
C TYR E 306 45.80 -39.99 42.18
N GLY E 307 46.37 -41.01 41.55
CA GLY E 307 47.79 -41.26 41.67
C GLY E 307 48.56 -40.13 41.04
N GLU E 308 49.83 -40.36 40.76
CA GLU E 308 50.68 -39.30 40.24
C GLU E 308 52.07 -39.85 39.97
N MET E 309 52.80 -39.18 39.07
CA MET E 309 54.20 -39.49 38.82
C MET E 309 54.87 -38.31 38.12
N VAL E 310 56.20 -38.24 38.24
CA VAL E 310 57.01 -37.24 37.56
C VAL E 310 58.35 -37.84 37.17
N LEU E 311 59.04 -37.14 36.26
CA LEU E 311 60.41 -37.45 35.91
C LEU E 311 61.31 -36.59 36.78
N ASN E 312 62.03 -37.20 37.72
CA ASN E 312 62.75 -36.35 38.66
C ASN E 312 64.25 -36.63 38.69
N GLY E 313 64.69 -37.63 39.44
CA GLY E 313 66.12 -37.74 39.65
C GLY E 313 66.92 -38.27 38.49
N ALA E 314 66.74 -39.55 38.17
CA ALA E 314 67.35 -40.15 37.00
C ALA E 314 66.39 -40.23 35.83
N ASN E 315 65.09 -40.02 36.06
CA ASN E 315 64.15 -40.05 34.95
C ASN E 315 64.25 -38.79 34.14
N LEU E 316 64.60 -37.67 34.77
CA LEU E 316 64.77 -36.44 34.01
C LEU E 316 66.03 -36.48 33.17
N VAL E 317 67.13 -36.97 33.74
CA VAL E 317 68.38 -37.02 33.01
C VAL E 317 68.21 -37.84 31.73
N THR E 318 67.87 -39.12 31.88
CA THR E 318 67.75 -40.00 30.73
C THR E 318 66.72 -39.50 29.73
N ALA E 319 65.64 -38.87 30.20
CA ALA E 319 64.60 -38.43 29.27
C ALA E 319 65.14 -37.40 28.29
N LEU E 320 65.97 -36.48 28.76
CA LEU E 320 66.53 -35.45 27.90
C LEU E 320 67.94 -35.76 27.42
N VAL E 321 68.55 -36.87 27.85
CA VAL E 321 69.85 -37.30 27.36
C VAL E 321 69.73 -38.57 26.55
N MET E 322 69.28 -39.65 27.16
CA MET E 322 69.09 -40.89 26.44
C MET E 322 67.78 -40.91 25.67
N GLY E 323 66.83 -40.08 26.05
CA GLY E 323 65.56 -40.02 25.36
C GLY E 323 64.52 -40.99 25.83
N LYS E 324 64.64 -41.52 27.05
CA LYS E 324 63.75 -42.57 27.53
C LYS E 324 63.46 -42.36 29.01
N ALA E 325 62.67 -43.25 29.58
CA ALA E 325 62.21 -43.08 30.95
C ALA E 325 61.46 -44.33 31.37
N VAL E 326 61.35 -44.52 32.69
CA VAL E 326 60.85 -45.75 33.28
C VAL E 326 60.19 -45.38 34.60
N ARG E 327 59.10 -46.07 34.93
CA ARG E 327 58.52 -45.93 36.26
C ARG E 327 59.54 -46.30 37.32
N SER E 328 59.74 -45.39 38.27
CA SER E 328 60.58 -45.65 39.44
C SER E 328 61.91 -46.27 39.01
N LEU E 329 62.68 -45.49 38.25
CA LEU E 329 64.00 -45.93 37.87
C LEU E 329 64.91 -46.05 39.08
N ASP E 330 64.65 -45.24 40.11
CA ASP E 330 65.38 -45.40 41.36
C ASP E 330 65.17 -46.81 41.91
N ASP E 331 63.92 -47.24 42.00
CA ASP E 331 63.64 -48.60 42.46
C ASP E 331 64.31 -49.62 41.56
N VAL E 332 63.96 -49.61 40.27
CA VAL E 332 64.52 -50.58 39.34
C VAL E 332 66.04 -50.55 39.38
N GLY E 333 66.62 -49.35 39.47
CA GLY E 333 68.06 -49.26 39.56
C GLY E 333 68.60 -49.85 40.85
N ARG E 334 67.97 -49.53 41.98
CA ARG E 334 68.41 -50.10 43.25
C ARG E 334 68.37 -51.61 43.20
N HIS E 335 67.24 -52.18 42.76
CA HIS E 335 67.06 -53.61 42.81
C HIS E 335 67.97 -54.35 41.84
N LEU E 336 68.30 -53.74 40.71
CA LEU E 336 69.19 -54.41 39.76
C LEU E 336 70.62 -54.43 40.28
N LEU E 337 71.11 -53.31 40.80
CA LEU E 337 72.46 -53.25 41.32
C LEU E 337 72.61 -54.12 42.56
N ASP E 338 71.70 -53.95 43.52
CA ASP E 338 71.73 -54.77 44.72
C ASP E 338 71.70 -56.25 44.40
N MET E 339 71.00 -56.62 43.32
CA MET E 339 70.74 -58.02 43.04
C MET E 339 72.02 -58.79 42.73
N GLN E 340 73.05 -58.10 42.25
CA GLN E 340 74.34 -58.75 42.04
C GLN E 340 75.24 -58.62 43.25
N GLU E 341 74.79 -57.98 44.31
CA GLU E 341 75.50 -57.98 45.59
C GLU E 341 74.95 -59.04 46.55
N GLU E 342 73.90 -59.76 46.16
CA GLU E 342 73.28 -60.78 47.01
C GLU E 342 72.89 -60.23 48.37
N ASN E 347 62.71 -65.25 39.87
CA ASN E 347 62.90 -65.67 41.26
C ASN E 347 61.79 -65.24 42.18
N ARG E 348 60.54 -65.48 41.79
CA ARG E 348 59.38 -65.18 42.65
C ARG E 348 59.43 -63.75 43.15
N GLU E 349 59.15 -62.80 42.26
CA GLU E 349 59.29 -61.40 42.66
C GLU E 349 57.95 -60.96 43.25
N THR E 350 57.91 -60.83 44.57
CA THR E 350 56.71 -60.49 45.31
C THR E 350 56.65 -59.02 45.75
N LEU E 351 57.70 -58.25 45.48
CA LEU E 351 57.78 -56.90 46.06
C LEU E 351 56.64 -56.02 45.55
N ASP E 352 56.56 -55.83 44.24
CA ASP E 352 55.59 -54.92 43.64
C ASP E 352 55.68 -53.51 44.23
N GLU E 353 54.53 -52.93 44.60
CA GLU E 353 54.53 -51.64 45.27
C GLU E 353 53.26 -51.51 46.10
N LEU E 354 53.41 -51.10 47.36
CA LEU E 354 52.30 -50.63 48.20
C LEU E 354 52.79 -49.46 49.01
N GLU E 355 52.11 -48.31 48.90
CA GLU E 355 52.67 -47.11 49.53
C GLU E 355 51.76 -46.41 50.52
N SER E 356 50.92 -45.51 50.03
CA SER E 356 50.15 -44.60 50.90
C SER E 356 48.80 -44.94 51.50
N ALA E 357 48.30 -46.13 51.27
CA ALA E 357 46.97 -46.44 51.78
C ALA E 357 46.10 -45.19 51.65
N PRO E 358 45.68 -44.84 50.42
CA PRO E 358 45.26 -43.47 50.14
C PRO E 358 44.02 -43.05 50.93
N GLN E 359 43.85 -41.73 51.02
CA GLN E 359 42.70 -41.16 51.70
C GLN E 359 41.42 -41.55 50.96
N THR E 360 40.36 -41.77 51.72
CA THR E 360 39.11 -42.30 51.20
C THR E 360 37.95 -41.42 51.60
N THR E 361 36.86 -41.52 50.84
CA THR E 361 35.67 -40.74 51.12
C THR E 361 34.44 -41.63 50.98
N ARG E 362 33.39 -41.27 51.70
CA ARG E 362 32.13 -41.97 51.62
C ARG E 362 31.26 -41.31 50.57
N VAL E 363 30.92 -42.06 49.53
CA VAL E 363 30.24 -41.52 48.35
C VAL E 363 28.95 -42.30 48.14
N ARG E 364 27.90 -41.61 47.72
CA ARG E 364 26.65 -42.31 47.45
C ARG E 364 26.77 -43.00 46.10
N ALA E 365 26.70 -44.32 46.13
CA ALA E 365 26.79 -45.16 44.95
C ALA E 365 25.61 -46.10 44.97
N ASP E 366 25.60 -47.04 44.05
CA ASP E 366 24.57 -48.07 44.03
C ASP E 366 25.26 -49.40 43.79
N LEU E 367 25.27 -50.26 44.80
CA LEU E 367 26.00 -51.51 44.74
C LEU E 367 25.01 -52.67 44.74
N VAL E 368 25.13 -53.54 43.76
CA VAL E 368 24.29 -54.72 43.69
C VAL E 368 25.18 -55.94 43.69
N ALA E 369 24.67 -57.02 44.25
CA ALA E 369 25.39 -58.29 44.30
C ALA E 369 24.78 -59.20 43.24
N ILE E 370 25.55 -59.48 42.20
CA ILE E 370 25.15 -60.37 41.13
C ILE E 370 26.04 -61.59 41.22
N GLY E 371 25.48 -62.71 41.60
CA GLY E 371 26.31 -63.88 41.83
C GLY E 371 27.21 -63.64 43.03
N ASP E 372 28.49 -63.92 42.88
CA ASP E 372 29.44 -63.77 43.96
C ASP E 372 30.14 -62.42 43.95
N ARG E 373 29.73 -61.50 43.09
CA ARG E 373 30.44 -60.24 42.91
C ARG E 373 29.60 -59.07 43.39
N LEU E 374 30.28 -58.03 43.84
CA LEU E 374 29.62 -56.77 44.18
C LEU E 374 30.04 -55.75 43.14
N VAL E 375 29.06 -55.07 42.57
CA VAL E 375 29.28 -54.24 41.40
C VAL E 375 28.45 -52.98 41.57
N PHE E 376 28.91 -51.90 40.94
CA PHE E 376 28.23 -50.62 40.95
C PHE E 376 27.20 -50.46 39.84
N LEU E 377 25.98 -50.03 40.12
CA LEU E 377 25.07 -49.73 39.02
C LEU E 377 25.19 -48.26 38.75
N GLU E 378 25.75 -47.91 37.60
CA GLU E 378 25.90 -46.52 37.21
C GLU E 378 25.08 -46.31 35.96
N ALA E 379 24.14 -45.38 36.03
CA ALA E 379 23.55 -44.79 34.84
C ALA E 379 23.84 -43.30 34.93
N LEU E 380 24.73 -42.81 34.10
CA LEU E 380 25.15 -41.42 34.17
C LEU E 380 24.53 -40.70 33.00
N GLU E 381 23.43 -40.01 33.24
CA GLU E 381 22.83 -39.16 32.24
C GLU E 381 22.47 -37.86 32.94
N LYS E 382 21.52 -37.94 33.86
CA LYS E 382 21.27 -36.82 34.75
C LYS E 382 22.55 -36.38 35.44
N ARG E 383 23.40 -37.34 35.79
CA ARG E 383 24.64 -37.00 36.49
C ARG E 383 25.54 -36.13 35.63
N ILE E 384 25.85 -36.56 34.40
CA ILE E 384 26.85 -35.82 33.64
C ILE E 384 26.32 -35.43 32.27
N TYR E 385 25.87 -36.37 31.45
CA TYR E 385 25.42 -36.02 30.10
C TYR E 385 24.19 -35.12 30.06
N ALA E 386 23.56 -34.80 31.19
CA ALA E 386 22.21 -34.25 31.23
C ALA E 386 21.91 -33.09 30.29
N ALA E 387 22.41 -31.90 30.61
CA ALA E 387 22.07 -30.69 29.85
C ALA E 387 23.10 -30.36 28.78
N THR E 388 24.08 -31.24 28.58
CA THR E 388 25.30 -30.88 27.87
C THR E 388 25.19 -30.99 26.37
N ASN E 389 24.16 -31.63 25.84
CA ASN E 389 23.92 -31.87 24.41
C ASN E 389 24.85 -32.91 23.81
N VAL E 390 25.75 -33.50 24.58
CA VAL E 390 26.54 -34.63 24.10
C VAL E 390 25.72 -35.89 24.28
N PRO E 391 25.67 -36.79 23.30
CA PRO E 391 24.90 -38.01 23.45
C PRO E 391 25.51 -38.97 24.45
N TYR E 392 24.66 -39.84 24.96
CA TYR E 392 25.06 -40.82 25.95
C TYR E 392 25.54 -42.08 25.25
N PRO E 393 26.80 -42.47 25.39
CA PRO E 393 27.35 -43.52 24.54
C PRO E 393 26.66 -44.85 24.65
N LEU E 394 25.96 -45.13 25.74
CA LEU E 394 25.37 -46.44 25.90
C LEU E 394 24.01 -46.59 25.26
N VAL E 395 23.50 -45.57 24.62
CA VAL E 395 22.40 -45.76 23.69
C VAL E 395 23.03 -45.77 22.31
N GLY E 396 23.13 -46.96 21.74
CA GLY E 396 23.92 -47.19 20.56
C GLY E 396 23.07 -47.46 19.33
N ALA E 397 23.75 -47.91 18.29
CA ALA E 397 23.12 -48.22 17.04
C ALA E 397 23.58 -49.58 16.56
N MET E 398 22.71 -50.24 15.80
CA MET E 398 23.03 -51.51 15.20
C MET E 398 22.52 -51.50 13.78
N ASP E 399 23.28 -52.06 12.85
CA ASP E 399 22.89 -52.12 11.46
C ASP E 399 22.72 -53.56 11.04
N LEU E 400 21.64 -53.83 10.32
CA LEU E 400 21.33 -55.18 9.86
C LEU E 400 20.88 -55.11 8.41
N THR E 401 21.58 -55.80 7.53
CA THR E 401 21.03 -56.02 6.21
C THR E 401 20.02 -57.13 6.29
N PHE E 402 18.91 -56.95 5.60
CA PHE E 402 17.90 -57.98 5.46
C PHE E 402 17.82 -58.43 4.02
N VAL E 403 17.02 -59.45 3.77
CA VAL E 403 16.96 -60.09 2.46
C VAL E 403 15.52 -60.43 2.14
N LEU E 404 15.09 -60.07 0.94
CA LEU E 404 13.79 -60.49 0.49
C LEU E 404 13.91 -61.05 -0.91
N PRO E 405 13.28 -62.17 -1.22
CA PRO E 405 13.19 -62.62 -2.61
C PRO E 405 12.06 -61.95 -3.36
N LEU E 406 12.30 -61.68 -4.64
CA LEU E 406 11.25 -61.29 -5.57
C LEU E 406 11.14 -62.28 -6.71
N GLY E 407 9.92 -62.55 -7.12
CA GLY E 407 9.71 -63.28 -8.34
C GLY E 407 10.18 -64.71 -8.30
N LEU E 408 10.68 -65.15 -7.15
CA LEU E 408 11.23 -66.48 -6.98
C LEU E 408 10.17 -67.48 -7.26
N PHE E 409 10.43 -68.76 -7.04
CA PHE E 409 9.48 -69.73 -7.57
C PHE E 409 9.57 -71.04 -6.79
N ASN E 410 8.41 -71.62 -6.49
CA ASN E 410 8.39 -72.78 -5.61
C ASN E 410 9.01 -74.00 -6.25
N PRO E 411 9.82 -74.75 -5.51
CA PRO E 411 10.27 -76.06 -5.99
C PRO E 411 9.11 -76.98 -6.27
N ALA E 412 9.40 -78.03 -7.04
CA ALA E 412 8.34 -78.92 -7.53
C ALA E 412 7.48 -79.46 -6.40
N MET E 413 8.09 -79.71 -5.25
CA MET E 413 7.41 -80.41 -4.17
C MET E 413 6.68 -79.46 -3.22
N GLU E 414 6.93 -78.16 -3.31
CA GLU E 414 6.40 -77.19 -2.37
C GLU E 414 5.11 -76.54 -2.81
N ARG E 415 4.50 -76.98 -3.90
CA ARG E 415 3.40 -76.25 -4.49
C ARG E 415 2.03 -76.69 -4.03
N PHE E 416 1.89 -77.49 -3.01
CA PHE E 416 0.57 -77.91 -2.69
C PHE E 416 -0.19 -76.75 -2.13
N ALA E 417 -1.48 -76.95 -2.01
CA ALA E 417 -2.34 -75.97 -1.49
C ALA E 417 -2.46 -76.08 -0.03
N ALA E 418 -1.91 -77.11 0.60
CA ALA E 418 -2.01 -77.31 2.06
C ALA E 418 -3.42 -77.25 2.50
N HIS E 419 -4.23 -78.10 1.89
CA HIS E 419 -5.70 -78.30 1.97
C HIS E 419 -6.46 -77.97 0.66
N ALA E 420 -7.70 -78.43 0.48
CA ALA E 420 -8.28 -78.27 -0.84
C ALA E 420 -8.95 -76.92 -0.96
N GLY E 421 -10.13 -76.74 -0.36
CA GLY E 421 -10.71 -75.43 -0.30
C GLY E 421 -9.95 -74.57 0.67
N ASP E 422 -9.32 -73.51 0.18
CA ASP E 422 -8.87 -72.40 0.99
C ASP E 422 -8.22 -71.37 0.08
N LEU E 423 -8.23 -70.12 0.50
CA LEU E 423 -7.84 -69.02 -0.36
C LEU E 423 -8.50 -69.16 -1.72
N VAL E 424 -9.74 -69.61 -1.71
CA VAL E 424 -10.48 -70.01 -2.93
C VAL E 424 -10.90 -68.75 -3.67
N PRO E 425 -10.83 -68.72 -5.00
CA PRO E 425 -11.31 -67.54 -5.72
C PRO E 425 -12.83 -67.56 -5.76
N ALA E 426 -13.40 -66.41 -6.14
CA ALA E 426 -14.83 -66.34 -6.32
C ALA E 426 -15.25 -67.42 -7.32
N PRO E 427 -16.50 -67.88 -7.27
CA PRO E 427 -16.86 -69.10 -7.99
C PRO E 427 -16.58 -69.08 -9.48
N GLY E 428 -16.46 -67.92 -10.10
CA GLY E 428 -16.34 -67.87 -11.54
C GLY E 428 -15.03 -67.49 -12.19
N HIS E 429 -14.07 -67.08 -11.33
CA HIS E 429 -12.76 -66.40 -11.60
C HIS E 429 -11.36 -67.03 -11.83
N PRO E 430 -10.30 -66.21 -11.99
CA PRO E 430 -8.99 -66.85 -12.26
C PRO E 430 -8.18 -67.63 -11.22
N GLU E 431 -8.30 -67.41 -9.91
CA GLU E 431 -7.31 -67.98 -8.98
C GLU E 431 -5.89 -67.50 -9.28
N PRO E 432 -5.58 -66.25 -8.92
CA PRO E 432 -4.22 -65.74 -9.14
C PRO E 432 -3.13 -66.47 -8.38
N ARG E 433 -3.45 -67.31 -7.40
CA ARG E 433 -2.41 -68.01 -6.67
C ARG E 433 -1.60 -68.92 -7.56
N ALA E 434 -2.23 -69.48 -8.58
CA ALA E 434 -1.59 -70.56 -9.32
C ALA E 434 -0.50 -70.07 -10.25
N PHE E 435 -0.44 -68.75 -10.46
CA PHE E 435 0.53 -68.01 -11.33
C PHE E 435 1.83 -67.70 -10.62
N PRO E 436 2.90 -67.29 -11.32
CA PRO E 436 4.09 -67.00 -10.52
C PRO E 436 4.00 -65.65 -9.83
N PRO E 437 4.52 -65.53 -8.60
CA PRO E 437 4.48 -64.24 -7.91
C PRO E 437 5.43 -63.27 -8.57
N ARG E 438 4.93 -62.09 -8.90
CA ARG E 438 5.77 -60.96 -9.22
C ARG E 438 5.89 -59.99 -8.07
N GLN E 439 5.17 -60.21 -6.99
CA GLN E 439 5.06 -59.27 -5.89
C GLN E 439 5.73 -59.80 -4.64
N LEU E 440 5.74 -58.96 -3.62
CA LEU E 440 6.20 -59.34 -2.30
C LEU E 440 5.54 -58.39 -1.32
N PHE E 441 5.22 -58.88 -0.13
CA PHE E 441 4.56 -58.08 0.87
C PHE E 441 5.31 -58.20 2.17
N PHE E 442 5.39 -57.10 2.92
CA PHE E 442 6.00 -57.12 4.24
C PHE E 442 5.39 -55.99 5.04
N TRP E 443 5.90 -55.79 6.25
CA TRP E 443 5.40 -54.75 7.14
C TRP E 443 6.47 -53.68 7.28
N GLY E 444 6.12 -52.49 6.85
CA GLY E 444 7.03 -51.39 7.00
C GLY E 444 7.13 -51.11 8.48
N LYS E 445 8.11 -50.33 8.90
CA LYS E 445 8.16 -49.97 10.32
C LYS E 445 6.94 -49.11 10.37
N ASP E 446 6.10 -49.45 11.37
CA ASP E 446 4.73 -49.01 11.75
C ASP E 446 3.81 -50.15 11.34
N HIS E 447 2.52 -49.93 11.18
CA HIS E 447 1.67 -51.06 10.81
C HIS E 447 1.45 -51.15 9.32
N GLN E 448 2.11 -50.29 8.58
CA GLN E 448 2.00 -50.19 7.15
C GLN E 448 2.35 -51.54 6.56
N VAL E 449 1.52 -52.07 5.69
CA VAL E 449 1.77 -53.32 4.99
C VAL E 449 2.32 -52.77 3.70
N LEU E 450 3.43 -53.29 3.24
CA LEU E 450 4.11 -52.71 2.09
C LEU E 450 4.28 -53.74 0.99
N ARG E 451 4.61 -53.27 -0.20
CA ARG E 451 4.73 -54.13 -1.36
C ARG E 451 5.88 -53.65 -2.23
N LEU E 452 6.57 -54.61 -2.85
CA LEU E 452 7.66 -54.30 -3.78
C LEU E 452 7.29 -54.57 -5.23
N SER E 453 7.00 -55.81 -5.55
CA SER E 453 6.91 -56.38 -6.88
C SER E 453 8.14 -56.12 -7.75
N MET E 454 7.98 -56.24 -9.05
CA MET E 454 9.11 -56.14 -9.96
C MET E 454 9.13 -54.85 -10.77
N GLU E 455 8.06 -54.06 -10.74
CA GLU E 455 8.13 -52.74 -11.34
C GLU E 455 9.10 -51.88 -10.56
N ASN E 456 9.32 -52.24 -9.32
CA ASN E 456 10.29 -51.61 -8.47
C ASN E 456 11.70 -51.84 -8.97
N ALA E 457 11.94 -52.98 -9.64
CA ALA E 457 13.25 -53.29 -10.19
C ALA E 457 13.67 -52.36 -11.31
N VAL E 458 12.80 -51.45 -11.74
CA VAL E 458 13.03 -50.65 -12.93
C VAL E 458 14.34 -49.88 -12.83
N GLY E 459 14.60 -49.19 -11.75
CA GLY E 459 15.84 -48.44 -11.70
C GLY E 459 17.08 -49.28 -11.88
N THR E 460 17.17 -50.44 -11.24
CA THR E 460 18.34 -51.29 -11.38
C THR E 460 18.56 -51.97 -12.72
N VAL E 461 17.52 -52.67 -13.15
CA VAL E 461 17.53 -53.47 -14.36
C VAL E 461 17.55 -52.73 -15.67
N CYS E 462 16.85 -51.60 -15.68
CA CYS E 462 16.68 -50.79 -16.87
C CYS E 462 17.72 -49.77 -17.13
N HIS E 463 18.78 -49.79 -16.36
CA HIS E 463 19.85 -48.85 -16.60
C HIS E 463 20.93 -49.50 -17.45
N PRO E 464 21.56 -48.83 -18.41
CA PRO E 464 22.43 -49.60 -19.31
C PRO E 464 23.69 -50.07 -18.62
N SER E 465 23.51 -50.51 -17.37
CA SER E 465 24.51 -51.27 -16.65
C SER E 465 24.39 -52.73 -16.99
N LEU E 466 23.18 -53.11 -17.37
CA LEU E 466 22.80 -54.46 -17.69
C LEU E 466 23.47 -55.08 -18.86
N MET E 467 23.59 -54.36 -19.96
CA MET E 467 24.14 -54.92 -21.20
C MET E 467 25.62 -54.71 -21.33
N ASN E 468 26.26 -54.27 -20.28
CA ASN E 468 27.68 -54.05 -20.33
C ASN E 468 28.46 -55.23 -19.82
N ILE E 469 29.36 -55.83 -20.59
CA ILE E 469 30.11 -56.95 -20.05
C ILE E 469 31.59 -56.83 -20.29
N ASP E 470 32.06 -55.76 -20.94
CA ASP E 470 33.41 -55.80 -21.50
C ASP E 470 34.46 -56.16 -20.46
N ALA E 471 34.22 -55.84 -19.20
CA ALA E 471 35.13 -56.28 -18.15
C ALA E 471 34.98 -57.77 -17.88
N ALA E 472 33.80 -58.33 -18.14
CA ALA E 472 33.58 -59.74 -17.87
C ALA E 472 34.22 -60.61 -18.94
N VAL E 473 33.99 -60.29 -20.22
CA VAL E 473 34.53 -61.10 -21.29
C VAL E 473 36.06 -61.09 -21.24
N GLY E 474 36.64 -59.95 -20.88
CA GLY E 474 38.10 -59.90 -20.77
C GLY E 474 38.61 -60.48 -19.48
N GLY E 475 37.79 -60.49 -18.44
CA GLY E 475 38.24 -61.03 -17.17
C GLY E 475 38.18 -62.54 -17.10
N VAL E 476 37.26 -63.16 -17.83
CA VAL E 476 37.26 -64.60 -17.95
C VAL E 476 38.14 -65.06 -19.10
N ASN E 477 38.54 -64.15 -19.99
CA ASN E 477 39.31 -64.51 -21.16
C ASN E 477 40.70 -64.98 -20.81
N HIS E 478 41.36 -64.30 -19.88
CA HIS E 478 42.76 -64.60 -19.60
C HIS E 478 42.91 -66.04 -19.10
N ASP E 479 44.12 -66.57 -19.25
CA ASP E 479 44.38 -67.99 -19.10
C ASP E 479 43.53 -68.76 -20.10
N PRO E 480 43.89 -68.72 -21.39
CA PRO E 480 42.99 -69.22 -22.45
C PRO E 480 42.61 -70.67 -22.26
N VAL E 481 41.48 -71.03 -22.85
CA VAL E 481 40.83 -72.32 -22.64
C VAL E 481 40.85 -73.08 -23.96
N GLU E 482 40.79 -74.41 -23.87
CA GLU E 482 40.87 -75.25 -25.04
C GLU E 482 39.58 -75.17 -25.85
N ALA E 483 39.56 -75.89 -26.98
CA ALA E 483 38.44 -75.84 -27.89
C ALA E 483 37.26 -76.65 -27.35
N ALA E 484 36.06 -76.12 -27.47
CA ALA E 484 34.92 -76.87 -26.98
C ALA E 484 34.53 -77.65 -28.21
N ASN E 485 33.36 -78.25 -28.22
CA ASN E 485 32.91 -78.95 -29.41
C ASN E 485 32.39 -77.69 -30.07
N PRO E 486 33.15 -77.20 -31.12
CA PRO E 486 32.65 -75.94 -31.68
C PRO E 486 31.57 -76.23 -32.66
N TYR E 487 30.44 -76.67 -32.14
CA TYR E 487 29.33 -77.03 -33.00
C TYR E 487 28.31 -75.90 -33.07
N GLY E 488 27.64 -75.63 -31.96
CA GLY E 488 26.78 -74.46 -31.90
C GLY E 488 27.51 -73.16 -31.68
N ALA E 489 28.83 -73.20 -31.58
CA ALA E 489 29.61 -72.01 -31.36
C ALA E 489 30.21 -71.44 -32.63
N TYR E 490 29.96 -72.05 -33.78
CA TYR E 490 30.62 -71.68 -35.03
C TYR E 490 29.59 -71.55 -36.13
N VAL E 491 29.66 -70.45 -36.87
CA VAL E 491 28.81 -70.20 -38.03
C VAL E 491 29.67 -70.28 -39.27
N ALA E 492 29.12 -70.85 -40.34
CA ALA E 492 29.88 -71.11 -41.55
C ALA E 492 29.24 -70.44 -42.75
N ALA E 493 29.99 -70.34 -43.80
CA ALA E 493 29.56 -69.77 -45.06
C ALA E 493 28.82 -70.83 -45.88
N PRO E 494 27.53 -70.62 -46.18
CA PRO E 494 26.85 -71.55 -47.08
C PRO E 494 27.63 -71.63 -48.37
N ALA E 495 27.93 -72.84 -48.78
CA ALA E 495 28.85 -73.07 -49.89
C ALA E 495 28.07 -73.72 -51.01
N GLY E 496 27.91 -72.98 -52.10
CA GLY E 496 27.38 -73.52 -53.33
C GLY E 496 25.92 -73.94 -53.21
N PRO E 497 25.61 -75.09 -53.77
CA PRO E 497 24.21 -75.50 -53.88
C PRO E 497 23.62 -75.83 -52.54
N GLY E 498 22.36 -75.47 -52.37
CA GLY E 498 21.65 -75.84 -51.17
C GLY E 498 21.35 -77.30 -51.05
N ALA E 499 21.41 -78.04 -52.16
CA ALA E 499 20.99 -79.45 -52.14
C ALA E 499 21.91 -80.31 -51.30
N ASP E 500 23.21 -80.10 -51.40
CA ASP E 500 24.19 -80.89 -50.68
C ASP E 500 24.64 -80.22 -49.39
N MET E 501 24.13 -79.03 -49.08
CA MET E 501 24.71 -78.22 -48.03
C MET E 501 24.77 -78.96 -46.70
N GLN E 502 23.74 -79.74 -46.38
CA GLN E 502 23.85 -80.57 -45.20
C GLN E 502 24.59 -81.87 -45.47
N GLN E 503 24.31 -82.52 -46.59
CA GLN E 503 25.10 -83.67 -46.97
C GLN E 503 26.58 -83.34 -46.98
N ARG E 504 26.93 -82.13 -47.41
CA ARG E 504 28.28 -81.61 -47.28
C ARG E 504 28.67 -81.35 -45.85
N PHE E 505 27.70 -81.12 -44.96
CA PHE E 505 27.98 -80.80 -43.58
C PHE E 505 28.39 -82.04 -42.78
N LEU E 506 27.50 -83.02 -42.69
CA LEU E 506 27.75 -84.21 -41.91
C LEU E 506 29.09 -84.85 -42.24
N ASN E 507 29.57 -84.66 -43.47
CA ASN E 507 30.89 -85.17 -43.81
C ASN E 507 31.98 -84.21 -43.33
N ALA E 508 31.74 -82.92 -43.45
CA ALA E 508 32.70 -81.93 -43.04
C ALA E 508 32.93 -81.97 -41.54
N TRP E 509 31.86 -82.20 -40.79
CA TRP E 509 31.92 -82.23 -39.33
C TRP E 509 31.50 -83.57 -38.74
N ARG E 510 32.43 -84.51 -38.70
CA ARG E 510 32.11 -85.81 -38.12
C ARG E 510 33.08 -86.18 -37.03
N GLN E 511 34.34 -85.79 -37.18
CA GLN E 511 35.35 -86.10 -36.19
C GLN E 511 35.19 -85.45 -34.81
N ARG E 512 34.90 -84.15 -34.74
CA ARG E 512 34.68 -83.57 -33.43
C ARG E 512 33.21 -83.24 -33.21
N LEU E 513 32.35 -83.62 -34.13
CA LEU E 513 30.92 -83.64 -33.84
C LEU E 513 30.58 -84.88 -33.02
N ALA E 514 30.82 -86.06 -33.59
CA ALA E 514 30.49 -87.30 -32.89
C ALA E 514 31.35 -87.47 -31.64
N HIS E 515 32.64 -87.17 -31.73
CA HIS E 515 33.56 -87.38 -30.63
C HIS E 515 33.14 -86.63 -29.38
N GLY E 516 33.27 -85.31 -29.39
CA GLY E 516 33.05 -84.51 -28.20
C GLY E 516 31.60 -84.47 -27.77
N ARG E 517 31.37 -83.72 -26.70
CA ARG E 517 30.06 -83.53 -26.10
C ARG E 517 29.63 -82.09 -26.31
N VAL E 518 28.48 -81.85 -26.93
CA VAL E 518 27.98 -80.49 -27.09
C VAL E 518 27.60 -79.92 -25.73
N ARG E 519 27.93 -78.66 -25.50
CA ARG E 519 27.64 -78.00 -24.23
C ARG E 519 26.18 -77.90 -23.88
N TRP E 520 25.33 -77.68 -24.87
CA TRP E 520 23.91 -77.52 -24.60
C TRP E 520 23.19 -78.85 -24.38
N VAL E 521 23.54 -79.41 -23.22
CA VAL E 521 22.99 -80.61 -22.62
C VAL E 521 22.59 -80.24 -21.17
N ALA E 522 22.45 -78.94 -20.93
CA ALA E 522 22.08 -78.40 -19.64
C ALA E 522 20.63 -78.73 -19.46
N GLU E 523 20.04 -79.19 -20.56
CA GLU E 523 18.65 -79.59 -20.63
C GLU E 523 18.34 -80.75 -19.70
N CYS E 524 19.22 -81.75 -19.64
CA CYS E 524 19.00 -82.89 -18.76
C CYS E 524 19.18 -82.55 -17.29
N GLN E 525 19.82 -81.42 -16.97
CA GLN E 525 20.10 -81.08 -15.58
C GLN E 525 18.87 -80.49 -14.91
N MET E 526 18.75 -80.74 -13.62
CA MET E 526 17.78 -80.01 -12.82
C MET E 526 18.46 -78.78 -12.25
N THR E 527 17.65 -77.93 -11.66
CA THR E 527 18.19 -76.79 -10.99
C THR E 527 18.90 -77.39 -9.81
N ALA E 528 20.03 -76.81 -9.45
CA ALA E 528 20.86 -77.39 -8.39
C ALA E 528 21.17 -78.83 -8.69
N GLU E 529 21.67 -79.01 -9.89
CA GLU E 529 22.19 -80.20 -10.44
C GLU E 529 23.12 -79.35 -11.21
N GLN E 530 22.67 -78.14 -11.52
CA GLN E 530 23.51 -77.16 -12.17
C GLN E 530 24.38 -76.42 -11.15
N PHE E 531 23.79 -75.98 -10.05
CA PHE E 531 24.52 -75.19 -9.08
C PHE E 531 25.64 -75.95 -8.41
N MET E 532 25.65 -77.28 -8.50
CA MET E 532 26.61 -78.04 -7.70
C MET E 532 27.98 -78.03 -8.35
N GLN E 533 29.01 -78.16 -7.55
CA GLN E 533 30.38 -78.02 -8.01
C GLN E 533 30.85 -78.94 -9.13
N PRO E 534 30.48 -80.26 -9.03
CA PRO E 534 30.96 -81.11 -10.13
C PRO E 534 29.83 -81.47 -11.05
N ASP E 535 30.18 -81.90 -12.25
CA ASP E 535 29.21 -82.30 -13.26
C ASP E 535 28.72 -81.10 -14.05
N ASN E 536 29.17 -79.93 -13.62
CA ASN E 536 28.84 -78.71 -14.29
C ASN E 536 30.16 -78.02 -14.39
N ALA E 537 31.00 -78.50 -15.28
CA ALA E 537 32.32 -77.92 -15.45
C ALA E 537 32.11 -76.47 -15.81
N ASN E 538 31.07 -76.25 -16.59
CA ASN E 538 30.63 -74.96 -17.06
C ASN E 538 30.14 -73.96 -16.02
N LEU E 539 29.44 -74.38 -14.99
CA LEU E 539 28.89 -73.34 -14.14
C LEU E 539 29.76 -72.10 -14.15
N ALA E 540 31.06 -72.27 -14.31
CA ALA E 540 31.96 -71.12 -14.35
C ALA E 540 31.58 -70.15 -15.45
N LEU E 541 30.84 -70.60 -16.46
CA LEU E 541 30.48 -69.78 -17.60
C LEU E 541 29.06 -69.22 -17.55
N GLU E 542 28.31 -69.45 -16.50
CA GLU E 542 27.00 -68.81 -16.37
C GLU E 542 27.19 -67.61 -15.44
N LEU E 543 27.30 -66.44 -16.04
CA LEU E 543 27.63 -65.21 -15.33
C LEU E 543 26.47 -64.23 -15.37
N HIS E 544 26.05 -63.84 -16.52
CA HIS E 544 25.09 -62.79 -16.64
C HIS E 544 23.77 -63.35 -17.14
N PRO E 545 22.64 -62.74 -16.75
CA PRO E 545 21.35 -63.21 -17.28
C PRO E 545 21.25 -63.08 -18.79
N ALA E 546 21.71 -61.98 -19.32
CA ALA E 546 21.39 -61.56 -20.67
C ALA E 546 22.36 -62.07 -21.72
N PHE E 547 23.49 -62.64 -21.33
CA PHE E 547 24.48 -63.08 -22.29
C PHE E 547 24.79 -64.55 -22.12
N ASP E 548 25.25 -65.15 -23.21
CA ASP E 548 25.74 -66.52 -23.24
C ASP E 548 27.25 -66.46 -23.26
N PHE E 549 27.88 -66.88 -22.19
CA PHE E 549 29.33 -67.00 -22.19
C PHE E 549 29.65 -68.44 -22.59
N PHE E 550 30.43 -68.59 -23.65
CA PHE E 550 30.73 -69.91 -24.15
C PHE E 550 32.10 -69.90 -24.80
N ALA E 551 32.67 -71.08 -24.96
CA ALA E 551 34.02 -71.22 -25.48
C ALA E 551 33.95 -71.41 -26.98
N GLY E 552 34.40 -70.40 -27.72
CA GLY E 552 34.41 -70.44 -29.16
C GLY E 552 35.82 -70.54 -29.73
N VAL E 553 35.89 -70.31 -31.04
CA VAL E 553 37.19 -70.17 -31.70
C VAL E 553 37.77 -68.80 -31.39
N ALA E 554 39.08 -68.68 -31.52
CA ALA E 554 39.73 -67.45 -31.08
C ALA E 554 39.61 -66.35 -32.15
N ASP E 555 40.39 -66.46 -33.22
CA ASP E 555 40.51 -65.38 -34.19
C ASP E 555 39.55 -65.51 -35.37
N VAL E 556 38.85 -66.62 -35.51
CA VAL E 556 38.09 -66.87 -36.73
C VAL E 556 36.94 -65.88 -36.81
N GLU E 557 36.90 -65.11 -37.89
CA GLU E 557 35.72 -64.32 -38.20
C GLU E 557 34.62 -65.27 -38.63
N LEU E 558 33.46 -65.16 -37.99
CA LEU E 558 32.50 -66.26 -38.07
C LEU E 558 31.88 -66.44 -39.45
N PRO E 559 31.25 -65.44 -40.06
CA PRO E 559 30.58 -65.72 -41.33
C PRO E 559 31.57 -66.13 -42.38
N GLY E 560 32.20 -67.27 -42.19
CA GLY E 560 33.19 -67.75 -43.12
C GLY E 560 33.67 -69.13 -42.73
N GLY E 561 34.25 -69.81 -43.71
CA GLY E 561 34.82 -71.12 -43.51
C GLY E 561 33.78 -72.22 -43.56
N GLU E 562 34.27 -73.45 -43.65
CA GLU E 562 33.45 -74.63 -43.53
C GLU E 562 33.63 -75.34 -42.19
N VAL E 563 34.85 -75.74 -41.86
CA VAL E 563 35.21 -76.25 -40.54
C VAL E 563 36.24 -75.26 -40.00
N PRO E 564 36.25 -74.95 -38.71
CA PRO E 564 37.14 -73.90 -38.22
C PRO E 564 38.58 -74.37 -38.22
N PRO E 565 39.50 -73.49 -38.55
CA PRO E 565 40.92 -73.81 -38.36
C PRO E 565 41.22 -73.87 -36.88
N ALA E 566 40.78 -74.95 -36.22
CA ALA E 566 40.71 -74.94 -34.77
C ALA E 566 42.08 -74.63 -34.18
N GLY E 567 42.15 -73.51 -33.47
CA GLY E 567 43.35 -73.09 -32.81
C GLY E 567 43.17 -73.17 -31.31
N PRO E 568 43.90 -72.34 -30.57
CA PRO E 568 43.58 -72.16 -29.16
C PRO E 568 42.16 -71.64 -29.02
N GLY E 569 41.37 -72.30 -28.19
CA GLY E 569 40.04 -71.82 -27.93
C GLY E 569 40.06 -70.49 -27.20
N ALA E 570 39.01 -69.71 -27.44
CA ALA E 570 38.83 -68.49 -26.71
C ALA E 570 37.37 -68.40 -26.31
N ILE E 571 37.11 -67.58 -25.31
CA ILE E 571 35.81 -67.54 -24.67
C ILE E 571 35.13 -66.25 -25.06
N GLN E 572 33.85 -66.33 -25.37
CA GLN E 572 33.17 -65.17 -25.91
C GLN E 572 31.72 -65.17 -25.47
N ALA E 573 31.13 -63.98 -25.51
CA ALA E 573 29.79 -63.76 -25.00
C ALA E 573 28.89 -63.31 -26.15
N THR E 574 27.74 -63.95 -26.27
CA THR E 574 26.72 -63.52 -27.20
C THR E 574 25.45 -63.23 -26.41
N TRP E 575 24.65 -62.33 -26.93
CA TRP E 575 23.52 -61.80 -26.19
C TRP E 575 22.32 -62.69 -26.36
N ARG E 576 21.79 -63.23 -25.25
CA ARG E 576 20.54 -63.96 -25.31
C ARG E 576 19.47 -63.02 -25.79
N VAL E 577 18.78 -63.39 -26.85
CA VAL E 577 17.82 -62.45 -27.39
C VAL E 577 16.61 -62.36 -26.47
N VAL E 578 15.90 -63.47 -26.30
CA VAL E 578 14.65 -63.43 -25.56
C VAL E 578 14.87 -64.04 -24.19
N ASN E 579 13.84 -64.02 -23.36
CA ASN E 579 13.95 -64.59 -22.02
C ASN E 579 13.61 -66.06 -22.01
N GLY E 580 13.42 -66.66 -23.17
CA GLY E 580 13.24 -68.08 -23.27
C GLY E 580 14.58 -68.75 -23.43
N ASN E 581 15.57 -67.98 -23.84
CA ASN E 581 16.90 -68.52 -24.06
C ASN E 581 17.61 -68.87 -22.77
N LEU E 582 17.06 -68.49 -21.60
CA LEU E 582 17.74 -68.82 -20.34
C LEU E 582 17.64 -70.30 -20.16
N PRO E 583 18.65 -70.94 -19.60
CA PRO E 583 18.56 -72.41 -19.57
C PRO E 583 17.42 -72.93 -18.72
N LEU E 584 16.90 -74.10 -19.11
CA LEU E 584 15.75 -74.63 -18.41
C LEU E 584 16.04 -74.96 -16.96
N ALA E 585 17.29 -75.18 -16.59
CA ALA E 585 17.57 -75.42 -15.18
C ALA E 585 17.41 -74.14 -14.38
N LEU E 586 17.73 -72.99 -14.97
CA LEU E 586 17.49 -71.72 -14.27
C LEU E 586 16.05 -71.25 -14.37
N CYS E 587 15.37 -71.53 -15.48
CA CYS E 587 13.95 -71.21 -15.65
C CYS E 587 13.22 -72.49 -16.01
N PRO E 588 12.71 -73.22 -15.01
CA PRO E 588 12.15 -74.53 -15.28
C PRO E 588 11.00 -74.48 -16.26
N VAL E 589 10.75 -75.61 -16.92
CA VAL E 589 9.58 -75.73 -17.80
C VAL E 589 8.31 -75.60 -16.97
N ALA E 590 8.36 -76.01 -15.71
CA ALA E 590 7.22 -75.92 -14.83
C ALA E 590 6.87 -74.47 -14.56
N PHE E 591 7.91 -73.64 -14.40
CA PHE E 591 7.69 -72.21 -14.32
C PHE E 591 7.20 -71.66 -15.63
N ARG E 592 7.98 -71.92 -16.66
CA ARG E 592 7.76 -71.38 -17.97
C ARG E 592 6.36 -71.68 -18.46
N ASP E 593 5.80 -72.82 -18.08
CA ASP E 593 4.43 -73.18 -18.40
C ASP E 593 3.40 -72.66 -17.40
N ALA E 594 3.82 -72.25 -16.21
CA ALA E 594 2.88 -71.71 -15.25
C ALA E 594 2.51 -70.27 -15.56
N ARG E 595 3.37 -69.56 -16.27
CA ARG E 595 3.05 -68.24 -16.79
C ARG E 595 2.57 -68.27 -18.22
N GLY E 596 2.47 -69.46 -18.81
CA GLY E 596 1.73 -69.58 -20.04
C GLY E 596 0.27 -69.58 -19.72
N LEU E 597 -0.09 -70.30 -18.66
CA LEU E 597 -1.47 -70.26 -18.19
C LEU E 597 -1.85 -68.86 -17.75
N GLU E 598 -0.91 -68.08 -17.22
CA GLU E 598 -1.24 -66.75 -16.74
C GLU E 598 -1.67 -65.84 -17.87
N LEU E 599 -0.93 -65.84 -18.96
CA LEU E 599 -1.29 -65.00 -20.10
C LEU E 599 -2.43 -65.55 -20.90
N GLY E 600 -2.68 -66.85 -20.83
CA GLY E 600 -3.70 -67.46 -21.63
C GLY E 600 -5.10 -67.26 -21.13
N VAL E 601 -5.25 -66.86 -19.87
CA VAL E 601 -6.59 -66.73 -19.29
C VAL E 601 -7.21 -65.42 -19.73
N GLY E 602 -8.46 -65.49 -20.15
CA GLY E 602 -9.14 -64.35 -20.73
C GLY E 602 -8.89 -64.14 -22.20
N ARG E 603 -7.91 -64.82 -22.79
CA ARG E 603 -7.57 -64.66 -24.20
C ARG E 603 -8.06 -65.86 -24.99
N HIS E 604 -7.73 -65.89 -26.28
CA HIS E 604 -8.26 -66.88 -27.19
C HIS E 604 -7.71 -68.27 -26.87
N ALA E 605 -8.56 -69.28 -27.04
CA ALA E 605 -8.17 -70.66 -26.85
C ALA E 605 -8.71 -71.49 -27.99
N MET E 606 -7.83 -72.14 -28.74
CA MET E 606 -8.26 -73.02 -29.81
C MET E 606 -9.18 -74.10 -29.27
N ALA E 607 -10.16 -74.49 -30.07
CA ALA E 607 -11.08 -75.53 -29.66
C ALA E 607 -10.30 -76.83 -29.43
N PRO E 608 -10.84 -77.74 -28.61
CA PRO E 608 -10.21 -79.05 -28.49
C PRO E 608 -10.34 -79.87 -29.76
N ALA E 609 -11.35 -79.59 -30.57
CA ALA E 609 -11.52 -80.31 -31.82
C ALA E 609 -10.61 -79.78 -32.92
N THR E 610 -10.30 -78.49 -32.90
CA THR E 610 -9.34 -77.98 -33.87
C THR E 610 -7.93 -78.43 -33.57
N ILE E 611 -7.63 -78.77 -32.32
CA ILE E 611 -6.29 -79.20 -32.00
C ILE E 611 -6.11 -80.65 -32.41
N ALA E 612 -7.15 -81.46 -32.28
CA ALA E 612 -7.08 -82.83 -32.74
C ALA E 612 -6.82 -82.90 -34.23
N ALA E 613 -7.47 -82.00 -34.98
CA ALA E 613 -7.35 -82.02 -36.43
C ALA E 613 -6.02 -81.46 -36.89
N VAL E 614 -5.59 -80.33 -36.32
CA VAL E 614 -4.33 -79.72 -36.74
C VAL E 614 -3.16 -80.56 -36.29
N ARG E 615 -3.20 -81.07 -35.05
CA ARG E 615 -2.12 -81.93 -34.61
C ARG E 615 -2.13 -83.26 -35.33
N GLY E 616 -3.34 -83.79 -35.59
CA GLY E 616 -3.46 -85.05 -36.31
C GLY E 616 -2.81 -85.03 -37.67
N ALA E 617 -2.61 -83.85 -38.25
CA ALA E 617 -1.91 -83.75 -39.53
C ALA E 617 -0.40 -83.86 -39.33
N PHE E 618 0.15 -83.13 -38.36
CA PHE E 618 1.58 -83.20 -38.08
C PHE E 618 2.03 -84.57 -37.67
N GLU E 619 1.14 -85.39 -37.15
CA GLU E 619 1.47 -86.74 -36.76
C GLU E 619 1.13 -87.77 -37.82
N ASP E 620 0.53 -87.36 -38.93
CA ASP E 620 0.03 -88.31 -39.92
C ASP E 620 1.17 -88.77 -40.81
N ARG E 621 1.45 -90.07 -40.79
CA ARG E 621 2.45 -90.66 -41.69
C ARG E 621 1.93 -90.81 -43.10
N SER E 622 0.62 -90.90 -43.28
CA SER E 622 0.00 -91.09 -44.58
C SER E 622 -0.33 -89.78 -45.27
N TYR E 623 0.10 -88.66 -44.71
CA TYR E 623 -0.21 -87.36 -45.28
C TYR E 623 0.27 -87.37 -46.72
N PRO E 624 -0.63 -87.27 -47.69
CA PRO E 624 -0.26 -87.60 -49.07
C PRO E 624 0.68 -86.57 -49.69
N ALA E 625 1.58 -87.08 -50.54
CA ALA E 625 2.61 -86.24 -51.12
C ALA E 625 2.03 -85.20 -52.07
N VAL E 626 0.83 -85.46 -52.63
CA VAL E 626 0.20 -84.46 -53.48
C VAL E 626 0.14 -83.12 -52.77
N PHE E 627 -0.07 -83.15 -51.45
CA PHE E 627 -0.21 -81.90 -50.71
C PHE E 627 1.11 -81.16 -50.63
N TYR E 628 2.24 -81.87 -50.61
CA TYR E 628 3.51 -81.17 -50.62
C TYR E 628 3.81 -80.60 -51.99
N LEU E 629 3.40 -81.29 -53.05
CA LEU E 629 3.67 -80.83 -54.40
C LEU E 629 2.81 -79.62 -54.74
N LEU E 630 1.52 -79.69 -54.41
CA LEU E 630 0.64 -78.54 -54.61
C LEU E 630 1.18 -77.32 -53.88
N GLN E 631 1.45 -77.47 -52.59
CA GLN E 631 2.06 -76.40 -51.81
C GLN E 631 3.28 -75.83 -52.51
N ALA E 632 4.15 -76.70 -53.01
CA ALA E 632 5.29 -76.25 -53.79
C ALA E 632 4.89 -75.75 -55.17
N ALA E 633 3.74 -76.19 -55.69
CA ALA E 633 3.26 -75.67 -56.97
C ALA E 633 2.71 -74.27 -56.81
N ILE E 634 1.81 -74.07 -55.83
CA ILE E 634 1.31 -72.74 -55.53
C ILE E 634 2.45 -71.80 -55.20
N HIS E 635 3.52 -72.34 -54.61
CA HIS E 635 4.69 -71.58 -54.18
C HIS E 635 4.28 -70.28 -53.49
N GLY E 636 3.36 -70.41 -52.55
CA GLY E 636 2.95 -69.29 -51.73
C GLY E 636 2.40 -68.13 -52.50
N SER E 637 1.90 -68.36 -53.71
CA SER E 637 1.42 -67.29 -54.57
C SER E 637 -0.10 -67.23 -54.52
N GLU E 638 -0.63 -66.01 -54.41
CA GLU E 638 -2.08 -65.85 -54.36
C GLU E 638 -2.71 -66.03 -55.73
N HIS E 639 -1.98 -65.63 -56.79
CA HIS E 639 -2.44 -65.86 -58.14
C HIS E 639 -2.68 -67.34 -58.39
N VAL E 640 -1.76 -68.19 -57.93
CA VAL E 640 -1.89 -69.61 -58.21
C VAL E 640 -2.88 -70.28 -57.26
N PHE E 641 -3.01 -69.81 -56.03
CA PHE E 641 -3.93 -70.48 -55.12
C PHE E 641 -5.35 -70.44 -55.65
N CYS E 642 -5.86 -69.22 -55.88
CA CYS E 642 -7.15 -69.12 -56.50
C CYS E 642 -7.23 -69.87 -57.81
N ALA E 643 -6.14 -69.90 -58.59
CA ALA E 643 -6.11 -70.70 -59.81
C ALA E 643 -6.51 -72.13 -59.54
N LEU E 644 -5.88 -72.77 -58.56
CA LEU E 644 -6.15 -74.15 -58.23
C LEU E 644 -7.24 -74.31 -57.19
N ALA E 645 -7.94 -73.23 -56.83
CA ALA E 645 -8.86 -73.27 -55.71
C ALA E 645 -9.86 -74.42 -55.78
N ARG E 646 -10.32 -74.80 -56.98
CA ARG E 646 -11.21 -75.96 -57.05
C ARG E 646 -10.45 -77.25 -56.80
N LEU E 647 -9.22 -77.35 -57.30
CA LEU E 647 -8.40 -78.51 -57.00
C LEU E 647 -8.12 -78.60 -55.52
N VAL E 648 -7.91 -77.45 -54.87
CA VAL E 648 -7.57 -77.42 -53.45
C VAL E 648 -8.71 -77.96 -52.62
N THR E 649 -9.90 -77.39 -52.78
CA THR E 649 -11.05 -77.85 -52.00
C THR E 649 -11.31 -79.34 -52.18
N GLN E 650 -10.98 -79.91 -53.33
CA GLN E 650 -11.15 -81.33 -53.51
C GLN E 650 -10.05 -82.13 -52.83
N CYS E 651 -8.90 -81.50 -52.58
CA CYS E 651 -7.87 -82.13 -51.75
C CYS E 651 -8.23 -82.04 -50.29
N ILE E 652 -8.65 -80.87 -49.84
CA ILE E 652 -9.02 -80.68 -48.43
C ILE E 652 -10.20 -81.57 -48.08
N THR E 653 -11.22 -81.57 -48.95
CA THR E 653 -12.44 -82.30 -48.64
C THR E 653 -12.16 -83.79 -48.57
N SER E 654 -11.38 -84.31 -49.52
CA SER E 654 -11.08 -85.73 -49.52
C SER E 654 -10.32 -86.14 -48.27
N TYR E 655 -9.20 -85.46 -48.01
CA TYR E 655 -8.39 -85.76 -46.84
C TYR E 655 -9.20 -85.66 -45.57
N TRP E 656 -9.94 -84.57 -45.39
CA TRP E 656 -10.79 -84.41 -44.21
C TRP E 656 -11.75 -85.57 -44.06
N ASN E 657 -12.17 -86.17 -45.17
CA ASN E 657 -13.13 -87.27 -45.10
C ASN E 657 -12.46 -88.58 -44.75
N ASN E 658 -11.30 -88.87 -45.35
CA ASN E 658 -10.60 -90.10 -45.05
C ASN E 658 -10.17 -90.13 -43.59
N THR E 659 -9.35 -89.16 -43.20
CA THR E 659 -8.92 -88.97 -41.83
C THR E 659 -9.37 -87.59 -41.40
N ARG E 660 -10.05 -87.47 -40.28
CA ARG E 660 -10.50 -86.13 -39.96
C ARG E 660 -9.27 -85.37 -39.49
N CYS E 661 -8.78 -84.49 -40.36
CA CYS E 661 -7.58 -83.72 -40.10
C CYS E 661 -7.59 -82.54 -41.05
N ALA E 662 -6.89 -81.48 -40.68
CA ALA E 662 -6.73 -80.35 -41.58
C ALA E 662 -5.60 -80.65 -42.54
N ALA E 663 -5.72 -80.14 -43.76
CA ALA E 663 -4.83 -80.58 -44.83
C ALA E 663 -3.50 -79.84 -44.82
N PHE E 664 -3.51 -78.56 -45.19
CA PHE E 664 -2.31 -77.86 -45.59
C PHE E 664 -1.60 -77.13 -44.46
N VAL E 665 -1.93 -77.44 -43.22
CA VAL E 665 -1.49 -76.68 -42.05
C VAL E 665 0.02 -76.44 -42.00
N ASN E 666 0.80 -77.24 -42.73
CA ASN E 666 2.23 -77.00 -42.72
C ASN E 666 2.63 -75.67 -43.38
N ASP E 667 1.70 -74.93 -43.96
CA ASP E 667 1.99 -73.63 -44.56
C ASP E 667 0.97 -72.62 -44.09
N TYR E 668 1.44 -71.50 -43.55
CA TYR E 668 0.50 -70.50 -43.05
C TYR E 668 -0.13 -69.73 -44.19
N SER E 669 0.66 -69.42 -45.23
CA SER E 669 0.12 -68.66 -46.34
C SER E 669 -1.05 -69.39 -46.99
N LEU E 670 -0.93 -70.70 -47.14
CA LEU E 670 -2.08 -71.47 -47.62
C LEU E 670 -3.26 -71.31 -46.69
N VAL E 671 -3.07 -71.61 -45.40
CA VAL E 671 -4.15 -71.54 -44.43
C VAL E 671 -4.79 -70.16 -44.43
N SER E 672 -3.98 -69.11 -44.56
CA SER E 672 -4.56 -67.77 -44.65
C SER E 672 -5.34 -67.59 -45.93
N TYR E 673 -4.96 -68.28 -47.00
CA TYR E 673 -5.76 -68.24 -48.22
C TYR E 673 -6.98 -69.12 -48.11
N ILE E 674 -6.82 -70.32 -47.54
CA ILE E 674 -7.94 -71.23 -47.37
C ILE E 674 -9.05 -70.55 -46.58
N VAL E 675 -8.67 -69.83 -45.53
CA VAL E 675 -9.67 -69.10 -44.76
C VAL E 675 -10.33 -68.03 -45.62
N THR E 676 -9.53 -67.31 -46.40
CA THR E 676 -10.05 -66.16 -47.13
C THR E 676 -10.93 -66.58 -48.31
N TYR E 677 -10.37 -67.34 -49.24
CA TYR E 677 -11.06 -67.58 -50.50
C TYR E 677 -11.94 -68.82 -50.51
N LEU E 678 -11.76 -69.73 -49.56
CA LEU E 678 -12.51 -70.97 -49.55
C LEU E 678 -13.68 -70.97 -48.58
N GLY E 679 -13.98 -69.85 -47.96
CA GLY E 679 -14.98 -69.83 -46.91
C GLY E 679 -16.29 -70.49 -47.29
N GLY E 680 -16.65 -70.42 -48.56
CA GLY E 680 -17.90 -71.00 -49.00
C GLY E 680 -18.02 -72.51 -48.99
N ASP E 681 -17.13 -73.22 -49.69
CA ASP E 681 -17.33 -74.66 -49.91
C ASP E 681 -16.26 -75.48 -49.21
N LEU E 682 -16.64 -76.02 -48.08
CA LEU E 682 -15.87 -76.81 -47.13
C LEU E 682 -16.87 -77.17 -46.05
N PRO E 683 -16.93 -78.41 -45.59
CA PRO E 683 -17.82 -78.70 -44.46
C PRO E 683 -17.43 -77.85 -43.28
N GLU E 684 -18.44 -77.22 -42.66
CA GLU E 684 -18.18 -76.25 -41.63
C GLU E 684 -17.28 -76.80 -40.54
N GLU E 685 -17.26 -78.11 -40.38
CA GLU E 685 -16.41 -78.72 -39.37
C GLU E 685 -14.94 -78.43 -39.67
N CYS E 686 -14.51 -78.63 -40.92
CA CYS E 686 -13.09 -78.41 -41.20
C CYS E 686 -12.77 -76.95 -41.43
N MET E 687 -13.71 -76.17 -41.97
CA MET E 687 -13.45 -74.75 -42.10
C MET E 687 -13.32 -74.10 -40.74
N ALA E 688 -14.05 -74.61 -39.75
CA ALA E 688 -13.92 -74.08 -38.40
C ALA E 688 -12.50 -74.24 -37.88
N VAL E 689 -11.77 -75.23 -38.37
CA VAL E 689 -10.39 -75.43 -37.95
C VAL E 689 -9.49 -74.35 -38.50
N TYR E 690 -9.49 -74.19 -39.82
CA TYR E 690 -8.68 -73.13 -40.42
C TYR E 690 -9.09 -71.78 -39.89
N ARG E 691 -10.40 -71.55 -39.77
CA ARG E 691 -10.90 -70.32 -39.19
C ARG E 691 -10.33 -70.10 -37.80
N ASP E 692 -10.16 -71.17 -37.04
CA ASP E 692 -9.65 -71.08 -35.68
C ASP E 692 -8.14 -70.97 -35.65
N LEU E 693 -7.46 -71.71 -36.52
CA LEU E 693 -6.01 -71.69 -36.56
C LEU E 693 -5.48 -70.31 -36.94
N VAL E 694 -6.24 -69.56 -37.74
CA VAL E 694 -5.85 -68.19 -38.04
C VAL E 694 -6.27 -67.24 -36.94
N ALA E 695 -7.44 -67.49 -36.34
CA ALA E 695 -7.94 -66.64 -35.26
C ALA E 695 -6.96 -66.60 -34.11
N HIS E 696 -6.14 -67.63 -33.97
CA HIS E 696 -5.23 -67.75 -32.85
C HIS E 696 -3.96 -66.93 -33.06
N VAL E 697 -3.42 -66.95 -34.27
CA VAL E 697 -2.20 -66.18 -34.56
C VAL E 697 -2.42 -64.71 -34.29
N GLU E 698 -3.63 -64.22 -34.50
CA GLU E 698 -3.88 -62.81 -34.29
C GLU E 698 -4.07 -62.50 -32.82
N ALA E 699 -4.62 -63.45 -32.06
CA ALA E 699 -4.73 -63.28 -30.63
C ALA E 699 -3.37 -63.23 -29.97
N LEU E 700 -2.44 -64.07 -30.43
CA LEU E 700 -1.07 -64.00 -29.96
C LEU E 700 -0.38 -62.73 -30.43
N ALA E 701 -0.73 -62.26 -31.63
CA ALA E 701 -0.08 -61.08 -32.16
C ALA E 701 -0.40 -59.85 -31.33
N GLN E 702 -1.64 -59.72 -30.89
CA GLN E 702 -2.00 -58.55 -30.11
C GLN E 702 -1.55 -58.65 -28.67
N LEU E 703 -1.30 -59.87 -28.19
CA LEU E 703 -0.80 -60.07 -26.84
C LEU E 703 0.44 -59.25 -26.55
N VAL E 704 1.21 -58.92 -27.58
CA VAL E 704 2.39 -58.09 -27.38
C VAL E 704 2.00 -56.70 -26.91
N ASP E 705 1.06 -56.07 -27.62
CA ASP E 705 0.79 -54.66 -27.34
C ASP E 705 0.08 -54.43 -26.03
N ASP E 706 -0.38 -55.48 -25.36
CA ASP E 706 -0.76 -55.32 -23.97
C ASP E 706 0.46 -54.99 -23.12
N PHE E 707 1.58 -55.61 -23.43
CA PHE E 707 2.80 -55.51 -22.64
C PHE E 707 3.80 -54.51 -23.17
N THR E 708 3.42 -53.71 -24.15
CA THR E 708 4.30 -52.66 -24.66
C THR E 708 3.73 -51.32 -24.26
N LEU E 709 4.55 -50.52 -23.58
CA LEU E 709 4.17 -49.15 -23.29
C LEU E 709 4.42 -48.28 -24.50
N PRO E 710 3.65 -47.21 -24.65
CA PRO E 710 3.86 -46.30 -25.78
C PRO E 710 5.14 -45.52 -25.65
N GLY E 711 5.67 -45.09 -26.79
CA GLY E 711 6.85 -44.28 -26.82
C GLY E 711 7.34 -44.03 -28.23
N PRO E 712 8.42 -43.29 -28.35
CA PRO E 712 9.00 -42.99 -29.66
C PRO E 712 9.49 -44.22 -30.39
N GLU E 713 10.05 -44.04 -31.57
CA GLU E 713 10.73 -45.10 -32.29
C GLU E 713 12.23 -44.93 -32.12
N LEU E 714 12.88 -45.99 -31.64
CA LEU E 714 14.30 -45.98 -31.38
C LEU E 714 15.00 -46.67 -32.55
N GLY E 715 15.96 -45.98 -33.16
CA GLY E 715 16.67 -46.55 -34.29
C GLY E 715 15.78 -46.94 -35.44
N GLY E 716 14.66 -46.24 -35.61
CA GLY E 716 13.72 -46.55 -36.66
C GLY E 716 12.77 -47.66 -36.33
N GLN E 717 13.07 -48.49 -35.34
CA GLN E 717 12.15 -49.53 -34.93
C GLN E 717 11.12 -48.98 -33.96
N ALA E 718 9.91 -49.54 -34.03
CA ALA E 718 8.86 -49.16 -33.11
C ALA E 718 9.15 -49.76 -31.73
N GLN E 719 8.29 -49.45 -30.76
CA GLN E 719 8.51 -49.97 -29.42
C GLN E 719 8.16 -51.45 -29.35
N ALA E 720 7.05 -51.83 -29.96
CA ALA E 720 6.63 -53.23 -29.93
C ALA E 720 7.69 -54.15 -30.49
N GLU E 721 8.57 -53.62 -31.33
CA GLU E 721 9.67 -54.42 -31.85
C GLU E 721 10.82 -54.50 -30.85
N LEU E 722 11.15 -53.40 -30.19
CA LEU E 722 12.19 -53.45 -29.17
C LEU E 722 11.76 -54.31 -28.00
N ASN E 723 10.45 -54.43 -27.77
CA ASN E 723 9.94 -55.24 -26.68
C ASN E 723 10.01 -56.73 -27.01
N HIS E 724 9.36 -57.14 -28.10
CA HIS E 724 9.11 -58.54 -28.38
C HIS E 724 9.86 -58.97 -29.62
N LEU E 725 10.11 -60.27 -29.72
CA LEU E 725 10.90 -60.78 -30.84
C LEU E 725 10.09 -60.94 -32.11
N MET E 726 8.81 -61.30 -32.00
CA MET E 726 8.01 -61.50 -33.20
C MET E 726 7.70 -60.20 -33.93
N ARG E 727 7.62 -59.08 -33.24
CA ARG E 727 7.51 -57.82 -33.93
C ARG E 727 8.81 -57.40 -34.60
N ASP E 728 9.92 -57.93 -34.14
CA ASP E 728 11.22 -57.47 -34.58
C ASP E 728 11.49 -57.89 -36.02
N PRO E 729 11.65 -56.95 -36.96
CA PRO E 729 11.80 -57.34 -38.37
C PRO E 729 13.12 -58.01 -38.69
N ALA E 730 14.13 -57.90 -37.82
CA ALA E 730 15.39 -58.59 -38.08
C ALA E 730 15.16 -60.07 -38.27
N LEU E 731 14.67 -60.73 -37.24
CA LEU E 731 14.25 -62.12 -37.39
C LEU E 731 13.17 -62.20 -38.45
N LEU E 732 13.39 -63.06 -39.43
CA LEU E 732 12.39 -63.33 -40.44
C LEU E 732 12.01 -64.79 -40.41
N PRO E 733 10.82 -65.15 -40.85
CA PRO E 733 10.35 -66.52 -40.64
C PRO E 733 11.25 -67.54 -41.31
N PRO E 734 11.21 -68.80 -40.87
CA PRO E 734 12.13 -69.79 -41.44
C PRO E 734 11.89 -70.04 -42.91
N LEU E 735 10.68 -69.81 -43.40
CA LEU E 735 10.31 -70.15 -44.77
C LEU E 735 9.61 -68.94 -45.37
N VAL E 736 10.22 -68.33 -46.38
CA VAL E 736 9.77 -67.04 -46.88
C VAL E 736 9.60 -67.16 -48.39
N TRP E 737 8.35 -67.17 -48.86
CA TRP E 737 8.13 -67.38 -50.28
C TRP E 737 8.46 -66.14 -51.11
N ASP E 738 8.24 -64.96 -50.57
CA ASP E 738 8.41 -63.71 -51.29
C ASP E 738 9.43 -62.84 -50.58
N CYS E 739 9.93 -61.85 -51.28
CA CYS E 739 11.03 -61.06 -50.76
C CYS E 739 10.54 -59.89 -49.91
N ASP E 740 9.24 -59.84 -49.61
CA ASP E 740 8.69 -58.83 -48.70
C ASP E 740 9.57 -58.66 -47.46
N GLY E 741 9.74 -59.73 -46.70
CA GLY E 741 10.51 -59.69 -45.47
C GLY E 741 11.88 -59.06 -45.60
N LEU E 742 12.71 -59.49 -46.56
CA LEU E 742 14.04 -58.93 -46.63
C LEU E 742 13.99 -57.44 -46.98
N MET E 743 12.98 -57.01 -47.72
CA MET E 743 12.87 -55.59 -48.05
C MET E 743 12.98 -54.73 -46.80
N ARG E 744 12.12 -55.00 -45.82
CA ARG E 744 12.17 -54.24 -44.57
C ARG E 744 13.28 -54.70 -43.65
N HIS E 745 13.72 -55.95 -43.79
CA HIS E 745 14.92 -56.41 -43.12
C HIS E 745 16.17 -55.75 -43.66
N ALA E 746 16.22 -55.45 -44.96
CA ALA E 746 17.44 -54.92 -45.54
C ALA E 746 17.76 -53.52 -45.04
N ALA E 747 16.76 -52.72 -44.74
CA ALA E 747 17.02 -51.37 -44.25
C ALA E 747 16.82 -51.40 -42.75
N LEU E 748 17.93 -51.47 -42.03
CA LEU E 748 18.01 -51.29 -40.59
C LEU E 748 19.43 -50.86 -40.29
N ASP E 749 19.59 -50.04 -39.26
CA ASP E 749 20.94 -49.83 -38.76
C ASP E 749 21.48 -51.08 -38.12
N ARG E 750 20.60 -52.02 -37.76
CA ARG E 750 20.99 -53.27 -37.14
C ARG E 750 21.47 -54.29 -38.16
N HIS E 751 20.91 -54.26 -39.37
CA HIS E 751 21.25 -55.22 -40.40
C HIS E 751 22.74 -55.20 -40.66
N ARG E 752 23.40 -56.34 -40.46
CA ARG E 752 24.85 -56.42 -40.64
C ARG E 752 25.12 -57.33 -41.83
N ASP E 753 25.38 -56.71 -42.96
CA ASP E 753 25.44 -57.35 -44.26
C ASP E 753 24.29 -58.34 -44.45
N CYS E 754 24.49 -59.30 -45.32
CA CYS E 754 23.59 -60.42 -45.51
C CYS E 754 24.38 -61.43 -46.31
N ARG E 755 23.98 -62.68 -46.23
CA ARG E 755 24.58 -63.69 -47.10
C ARG E 755 23.47 -64.55 -47.65
N ILE E 756 23.38 -64.59 -48.97
CA ILE E 756 22.45 -65.47 -49.66
C ILE E 756 23.35 -66.57 -50.23
N ASP E 757 22.81 -67.76 -50.42
CA ASP E 757 23.59 -68.86 -50.95
C ASP E 757 23.90 -68.53 -52.41
N ALA E 758 24.90 -69.21 -52.97
CA ALA E 758 25.35 -69.02 -54.36
C ALA E 758 26.52 -68.05 -54.55
N GLY E 759 26.75 -67.67 -55.81
CA GLY E 759 27.84 -66.80 -56.18
C GLY E 759 27.86 -65.41 -55.59
N GLY E 760 26.71 -64.75 -55.48
CA GLY E 760 26.69 -63.42 -54.91
C GLY E 760 26.01 -63.38 -53.55
N HIS E 761 26.76 -62.97 -52.54
CA HIS E 761 26.23 -62.88 -51.18
C HIS E 761 25.10 -61.88 -51.07
N GLU E 762 25.25 -60.74 -51.76
CA GLU E 762 24.25 -59.69 -51.75
C GLU E 762 23.09 -60.07 -52.67
N PRO E 763 21.87 -60.17 -52.16
CA PRO E 763 20.76 -60.68 -52.98
C PRO E 763 20.26 -59.62 -53.95
N VAL E 764 19.35 -60.06 -54.83
CA VAL E 764 18.79 -59.21 -55.87
C VAL E 764 17.52 -59.91 -56.34
N TYR E 765 16.63 -59.17 -56.99
CA TYR E 765 15.26 -59.60 -57.11
C TYR E 765 14.81 -59.70 -58.56
N ALA E 766 13.57 -60.17 -58.72
CA ALA E 766 12.95 -60.34 -60.02
C ALA E 766 11.46 -60.09 -59.89
N ALA E 767 10.89 -59.47 -60.92
CA ALA E 767 9.47 -59.10 -60.87
C ALA E 767 8.57 -60.33 -60.97
N ALA E 768 8.79 -61.16 -61.98
CA ALA E 768 7.93 -62.31 -62.22
C ALA E 768 8.77 -63.48 -62.70
N CYS E 769 8.12 -64.61 -62.94
CA CYS E 769 8.79 -65.82 -63.40
C CYS E 769 7.85 -66.62 -64.28
N ASN E 770 8.41 -67.24 -65.32
CA ASN E 770 7.62 -67.97 -66.31
C ASN E 770 8.42 -69.18 -66.77
N VAL E 771 7.95 -69.85 -67.83
CA VAL E 771 8.71 -70.97 -68.39
C VAL E 771 10.05 -70.49 -68.92
N ALA E 772 10.08 -69.31 -69.54
CA ALA E 772 11.33 -68.77 -70.07
C ALA E 772 12.17 -68.12 -68.99
N THR E 773 11.55 -67.54 -67.96
CA THR E 773 12.30 -66.86 -66.91
C THR E 773 12.95 -67.85 -65.96
N ALA E 774 12.26 -68.93 -65.63
CA ALA E 774 12.75 -69.85 -64.60
C ALA E 774 13.97 -70.61 -65.09
N ASP E 775 15.05 -70.53 -64.32
CA ASP E 775 16.24 -71.36 -64.53
C ASP E 775 16.45 -72.16 -63.24
N PHE E 776 16.22 -73.46 -63.32
CA PHE E 776 16.01 -74.26 -62.11
C PHE E 776 17.28 -74.51 -61.32
N ASN E 777 18.44 -74.36 -61.94
CA ASN E 777 19.71 -74.35 -61.20
C ASN E 777 20.48 -73.11 -61.64
N ARG E 778 20.61 -72.15 -60.73
CA ARG E 778 21.33 -70.91 -61.01
C ARG E 778 21.91 -70.40 -59.71
N ASN E 779 23.03 -69.68 -59.82
CA ASN E 779 23.71 -69.08 -58.66
C ASN E 779 24.13 -67.58 -58.66
N ASP E 780 23.34 -66.63 -59.21
CA ASP E 780 23.81 -65.26 -59.15
C ASP E 780 23.56 -64.60 -57.79
N GLY E 781 22.86 -65.29 -56.90
CA GLY E 781 22.24 -64.62 -55.77
C GLY E 781 20.94 -63.91 -56.10
N ARG E 782 20.08 -64.53 -56.90
CA ARG E 782 18.77 -63.96 -57.21
C ARG E 782 17.70 -64.56 -56.31
N LEU E 783 16.53 -63.94 -56.34
CA LEU E 783 15.35 -64.36 -55.58
C LEU E 783 14.12 -63.94 -56.35
N LEU E 784 13.05 -64.70 -56.20
CA LEU E 784 11.78 -64.34 -56.80
C LEU E 784 10.94 -63.56 -55.80
N HIS E 785 10.69 -62.29 -56.11
CA HIS E 785 9.84 -61.48 -55.25
C HIS E 785 8.37 -61.79 -55.45
N ASN E 786 8.00 -62.47 -56.53
CA ASN E 786 6.59 -62.60 -56.86
C ASN E 786 5.65 -63.72 -56.45
N THR E 787 4.70 -63.32 -55.61
CA THR E 787 3.60 -64.12 -55.12
C THR E 787 2.35 -63.24 -55.10
N GLN E 788 2.40 -62.13 -55.84
CA GLN E 788 1.32 -61.14 -55.91
C GLN E 788 0.02 -61.64 -56.54
N ALA E 789 -1.10 -61.16 -55.99
CA ALA E 789 -2.42 -61.54 -56.50
C ALA E 789 -2.65 -61.06 -57.92
N ARG E 790 -2.29 -59.82 -58.20
CA ARG E 790 -2.44 -59.24 -59.52
C ARG E 790 -1.15 -59.45 -60.32
N ALA E 791 -1.28 -60.04 -61.51
CA ALA E 791 -0.15 -60.07 -62.43
C ALA E 791 0.08 -58.72 -63.08
N ALA E 792 -0.98 -57.91 -63.24
CA ALA E 792 -0.83 -56.60 -63.84
C ALA E 792 -0.03 -55.66 -62.96
N ASP E 793 0.00 -55.90 -61.65
CA ASP E 793 0.87 -55.16 -60.74
C ASP E 793 1.89 -56.13 -60.18
N ALA E 794 3.12 -56.02 -60.65
CA ALA E 794 4.25 -56.74 -60.12
C ALA E 794 5.10 -55.79 -59.28
N ALA E 795 6.22 -56.28 -58.77
CA ALA E 795 7.04 -55.44 -57.91
C ALA E 795 8.50 -55.84 -58.04
N ASP E 796 9.35 -54.82 -57.91
CA ASP E 796 10.80 -55.00 -57.81
C ASP E 796 11.26 -54.73 -56.39
N ASP E 797 11.03 -53.52 -55.87
CA ASP E 797 11.31 -53.18 -54.49
C ASP E 797 10.07 -53.29 -53.60
N ARG E 798 9.04 -52.50 -53.91
CA ARG E 798 7.87 -52.36 -53.04
C ARG E 798 7.26 -53.70 -52.69
N PRO E 799 7.15 -54.06 -51.41
CA PRO E 799 6.42 -55.26 -51.04
C PRO E 799 4.92 -55.06 -51.17
N HIS E 800 4.20 -56.17 -51.27
CA HIS E 800 2.76 -56.16 -51.50
C HIS E 800 1.98 -56.14 -50.19
N ARG E 801 2.15 -57.16 -49.37
CA ARG E 801 1.37 -57.39 -48.18
C ARG E 801 1.58 -56.31 -47.12
N PRO E 802 0.81 -56.33 -46.01
CA PRO E 802 1.05 -55.39 -44.91
C PRO E 802 2.22 -55.77 -44.02
N ALA E 803 2.34 -55.07 -42.90
CA ALA E 803 3.41 -55.34 -41.93
C ALA E 803 3.13 -56.61 -41.15
N ASP E 804 1.87 -56.81 -40.74
CA ASP E 804 1.52 -57.96 -39.93
C ASP E 804 1.53 -59.27 -40.71
N TRP E 805 1.73 -59.21 -42.03
CA TRP E 805 1.76 -60.43 -42.83
C TRP E 805 2.89 -61.34 -42.37
N THR E 806 4.11 -60.82 -42.29
CA THR E 806 5.23 -61.65 -41.85
C THR E 806 5.22 -61.86 -40.36
N VAL E 807 4.63 -60.93 -39.61
CA VAL E 807 4.49 -61.14 -38.17
C VAL E 807 3.62 -62.36 -37.90
N HIS E 808 2.57 -62.54 -38.69
CA HIS E 808 1.74 -63.72 -38.51
C HIS E 808 2.42 -64.99 -38.98
N HIS E 809 3.38 -64.88 -39.90
CA HIS E 809 4.13 -66.07 -40.29
C HIS E 809 5.18 -66.42 -39.27
N LYS E 810 5.90 -65.43 -38.75
CA LYS E 810 6.81 -65.68 -37.65
C LYS E 810 6.07 -66.33 -36.49
N ILE E 811 4.94 -65.75 -36.08
CA ILE E 811 4.19 -66.32 -34.98
C ILE E 811 3.78 -67.75 -35.29
N TYR E 812 3.40 -68.02 -36.52
CA TYR E 812 2.87 -69.34 -36.84
C TYR E 812 3.96 -70.40 -36.80
N TYR E 813 5.05 -70.17 -37.50
CA TYR E 813 6.11 -71.17 -37.56
C TYR E 813 6.80 -71.31 -36.23
N TYR E 814 7.10 -70.19 -35.58
CA TYR E 814 7.84 -70.25 -34.34
C TYR E 814 6.97 -70.54 -33.12
N VAL E 815 5.82 -69.91 -32.99
CA VAL E 815 5.02 -70.16 -31.79
C VAL E 815 4.17 -71.41 -31.94
N LEU E 816 3.43 -71.51 -33.04
CA LEU E 816 2.39 -72.52 -33.11
C LEU E 816 2.88 -73.90 -33.52
N VAL E 817 3.71 -74.00 -34.54
CA VAL E 817 4.16 -75.28 -35.05
C VAL E 817 4.98 -76.03 -34.02
N PRO E 818 5.82 -75.32 -33.25
CA PRO E 818 6.56 -76.03 -32.22
C PRO E 818 5.59 -76.72 -31.27
N ALA E 819 4.46 -76.10 -30.96
CA ALA E 819 3.48 -76.75 -30.12
C ALA E 819 2.85 -77.95 -30.75
N PHE E 820 2.49 -77.87 -32.02
CA PHE E 820 1.90 -79.02 -32.67
C PHE E 820 2.80 -80.19 -33.04
N SER E 821 3.96 -79.88 -33.59
CA SER E 821 4.93 -80.86 -34.00
C SER E 821 5.55 -81.54 -32.85
N ARG E 822 5.74 -80.77 -31.78
CA ARG E 822 6.40 -81.17 -30.55
C ARG E 822 7.78 -81.67 -30.83
N GLY E 823 8.46 -80.91 -31.67
CA GLY E 823 9.82 -81.18 -32.07
C GLY E 823 10.00 -81.99 -33.34
N ARG E 824 9.00 -82.74 -33.78
CA ARG E 824 9.17 -83.61 -34.94
C ARG E 824 8.54 -82.95 -36.16
N CYS E 825 9.40 -82.42 -37.02
CA CYS E 825 9.06 -81.80 -38.29
C CYS E 825 10.34 -81.20 -38.82
N CYS E 826 10.42 -80.94 -40.12
CA CYS E 826 11.68 -80.49 -40.68
C CYS E 826 11.42 -79.61 -41.88
N THR E 827 12.26 -78.59 -42.04
CA THR E 827 12.26 -77.81 -43.26
C THR E 827 12.81 -78.65 -44.39
N ALA E 828 12.53 -78.24 -45.62
CA ALA E 828 13.15 -78.91 -46.74
C ALA E 828 13.21 -77.96 -47.93
N GLY E 829 14.16 -78.22 -48.80
CA GLY E 829 14.20 -77.55 -50.08
C GLY E 829 13.45 -78.33 -51.14
N VAL E 830 13.03 -77.64 -52.18
CA VAL E 830 12.23 -78.23 -53.23
C VAL E 830 13.08 -78.35 -54.49
N ARG E 831 12.99 -79.49 -55.16
CA ARG E 831 13.54 -79.62 -56.50
C ARG E 831 12.39 -79.30 -57.44
N PHE E 832 12.40 -78.10 -58.02
CA PHE E 832 11.22 -77.69 -58.77
C PHE E 832 11.18 -78.33 -60.14
N ASP E 833 12.34 -78.40 -60.80
CA ASP E 833 12.42 -79.16 -62.05
C ASP E 833 11.78 -80.52 -61.89
N ARG E 834 12.07 -81.19 -60.78
CA ARG E 834 11.48 -82.47 -60.53
C ARG E 834 10.01 -82.36 -60.11
N VAL E 835 9.63 -81.25 -59.47
CA VAL E 835 8.25 -81.10 -59.03
C VAL E 835 7.35 -80.88 -60.23
N TYR E 836 7.55 -79.78 -60.96
CA TYR E 836 6.74 -79.51 -62.14
C TYR E 836 6.73 -80.69 -63.09
N ALA E 837 7.81 -81.46 -63.16
CA ALA E 837 7.86 -82.62 -64.04
C ALA E 837 6.68 -83.55 -63.81
N THR E 838 6.51 -84.02 -62.58
CA THR E 838 5.36 -84.86 -62.28
C THR E 838 4.16 -84.08 -61.76
N LEU E 839 4.31 -82.78 -61.49
CA LEU E 839 3.11 -81.97 -61.35
C LEU E 839 2.27 -82.12 -62.60
N GLN E 840 2.85 -81.81 -63.73
CA GLN E 840 2.19 -82.04 -65.00
C GLN E 840 2.78 -83.30 -65.61
N ASN E 841 2.16 -84.41 -65.28
CA ASN E 841 2.24 -85.61 -66.09
C ASN E 841 0.85 -86.23 -65.93
N MET E 842 0.02 -86.14 -66.95
CA MET E 842 -1.36 -86.51 -66.69
C MET E 842 -2.02 -87.09 -67.92
N VAL E 843 -2.89 -88.06 -67.68
CA VAL E 843 -3.77 -88.59 -68.69
C VAL E 843 -5.18 -88.22 -68.25
N VAL E 844 -5.77 -87.26 -68.94
CA VAL E 844 -7.17 -86.91 -68.72
C VAL E 844 -7.91 -87.25 -70.01
N PRO E 845 -8.71 -88.30 -70.02
CA PRO E 845 -9.31 -88.77 -71.27
C PRO E 845 -10.19 -87.72 -71.90
N GLU E 846 -10.34 -87.82 -73.22
CA GLU E 846 -11.30 -86.99 -73.92
C GLU E 846 -12.71 -87.44 -73.60
N ILE E 847 -13.60 -86.49 -73.43
CA ILE E 847 -14.99 -86.79 -73.13
C ILE E 847 -15.79 -86.84 -74.42
N ALA E 848 -16.64 -87.85 -74.54
CA ALA E 848 -17.41 -88.01 -75.76
C ALA E 848 -18.49 -86.94 -75.84
N PRO E 849 -18.80 -86.46 -77.05
CA PRO E 849 -19.84 -85.43 -77.20
C PRO E 849 -21.17 -85.92 -76.63
N GLY E 850 -21.78 -85.09 -75.78
CA GLY E 850 -22.98 -85.47 -75.09
C GLY E 850 -22.76 -86.15 -73.77
N GLU E 851 -21.54 -86.58 -73.47
CA GLU E 851 -21.23 -87.25 -72.22
C GLU E 851 -20.84 -86.23 -71.16
N GLU E 852 -21.27 -86.48 -69.93
CA GLU E 852 -20.91 -85.60 -68.83
C GLU E 852 -19.54 -85.96 -68.29
N CYS E 853 -19.07 -85.13 -67.35
CA CYS E 853 -17.78 -85.40 -66.73
C CYS E 853 -17.86 -86.65 -65.87
N PRO E 854 -16.82 -87.47 -65.82
CA PRO E 854 -16.84 -88.64 -64.94
C PRO E 854 -17.00 -88.21 -63.50
N SER E 855 -18.01 -88.75 -62.85
CA SER E 855 -18.27 -88.41 -61.44
C SER E 855 -17.44 -89.27 -60.48
N ASP E 856 -17.37 -90.57 -60.72
CA ASP E 856 -16.78 -91.51 -59.79
C ASP E 856 -15.53 -92.15 -60.39
N PRO E 857 -14.36 -92.01 -59.77
CA PRO E 857 -13.17 -92.69 -60.29
C PRO E 857 -13.30 -94.20 -60.32
N VAL E 858 -14.28 -94.76 -59.63
CA VAL E 858 -14.38 -96.22 -59.52
C VAL E 858 -14.97 -96.83 -60.78
N THR E 859 -15.99 -96.19 -61.36
CA THR E 859 -16.76 -96.79 -62.44
C THR E 859 -16.35 -96.24 -63.81
N ASP E 860 -16.55 -94.95 -64.05
CA ASP E 860 -16.35 -94.38 -65.38
C ASP E 860 -14.88 -94.51 -65.79
N PRO E 861 -14.57 -95.19 -66.89
CA PRO E 861 -13.18 -95.24 -67.36
C PRO E 861 -12.67 -93.91 -67.87
N ALA E 862 -13.53 -92.95 -68.19
CA ALA E 862 -13.04 -91.66 -68.63
C ALA E 862 -12.48 -90.83 -67.48
N HIS E 863 -12.64 -91.29 -66.25
CA HIS E 863 -12.14 -90.53 -65.11
C HIS E 863 -10.62 -90.58 -65.09
N PRO E 864 -9.95 -89.46 -64.80
CA PRO E 864 -8.48 -89.44 -64.85
C PRO E 864 -7.83 -90.30 -63.79
N LEU E 865 -8.52 -90.61 -62.71
CA LEU E 865 -8.03 -91.48 -61.67
C LEU E 865 -8.49 -92.91 -61.81
N HIS E 866 -9.25 -93.23 -62.86
CA HIS E 866 -9.68 -94.60 -63.09
C HIS E 866 -8.45 -95.49 -63.31
N PRO E 867 -8.48 -96.73 -62.82
CA PRO E 867 -7.30 -97.60 -62.98
C PRO E 867 -6.81 -97.73 -64.41
N ALA E 868 -7.70 -97.67 -65.39
CA ALA E 868 -7.25 -97.68 -66.77
C ALA E 868 -6.44 -96.43 -67.10
N ASN E 869 -6.71 -95.34 -66.41
CA ASN E 869 -6.05 -94.07 -66.65
C ASN E 869 -4.89 -93.80 -65.72
N LEU E 870 -4.54 -94.74 -64.85
CA LEU E 870 -3.42 -94.58 -63.93
C LEU E 870 -2.19 -95.16 -64.59
N VAL E 871 -1.25 -94.30 -64.96
CA VAL E 871 0.00 -94.71 -65.55
C VAL E 871 1.08 -94.57 -64.48
N ALA E 872 2.28 -95.05 -64.79
CA ALA E 872 3.41 -94.82 -63.91
C ALA E 872 3.87 -93.38 -64.03
N ASN E 873 4.35 -92.83 -62.91
CA ASN E 873 5.00 -91.53 -62.91
C ASN E 873 4.07 -90.39 -63.27
N THR E 874 2.85 -90.69 -63.66
CA THR E 874 1.95 -89.61 -63.99
C THR E 874 1.44 -88.94 -62.71
N VAL E 875 0.71 -87.84 -62.89
CA VAL E 875 0.30 -87.11 -61.70
C VAL E 875 -0.95 -87.75 -61.09
N ASN E 876 -1.83 -88.33 -61.90
CA ASN E 876 -3.03 -88.90 -61.31
C ASN E 876 -2.77 -90.23 -60.63
N ALA E 877 -1.61 -90.86 -60.87
CA ALA E 877 -1.19 -91.95 -60.01
C ALA E 877 -0.73 -91.42 -58.67
N MET E 878 -0.24 -90.19 -58.63
CA MET E 878 0.09 -89.54 -57.37
C MET E 878 -1.17 -89.16 -56.61
N PHE E 879 -2.16 -88.58 -57.30
CA PHE E 879 -3.45 -88.34 -56.66
C PHE E 879 -4.05 -89.63 -56.15
N HIS E 880 -3.76 -90.74 -56.81
CA HIS E 880 -4.33 -92.01 -56.40
C HIS E 880 -3.61 -92.58 -55.18
N ASN E 881 -2.27 -92.58 -55.23
CA ASN E 881 -1.48 -93.11 -54.15
C ASN E 881 -1.75 -92.33 -52.90
N GLY E 882 -1.73 -91.01 -53.03
CA GLY E 882 -2.03 -90.17 -51.89
C GLY E 882 -3.49 -90.08 -52.24
N ARG E 883 -4.33 -90.82 -51.52
CA ARG E 883 -5.72 -90.81 -51.89
C ARG E 883 -6.25 -89.41 -51.85
N VAL E 884 -6.89 -89.04 -52.95
CA VAL E 884 -7.54 -87.75 -53.10
C VAL E 884 -8.45 -87.86 -54.30
N VAL E 885 -9.72 -87.51 -54.14
CA VAL E 885 -10.68 -87.62 -55.23
C VAL E 885 -10.76 -86.28 -55.94
N VAL E 886 -10.35 -86.28 -57.21
CA VAL E 886 -10.30 -85.09 -58.03
C VAL E 886 -10.80 -85.44 -59.42
N ASP E 887 -11.58 -84.56 -60.02
CA ASP E 887 -12.04 -84.79 -61.37
C ASP E 887 -11.02 -84.24 -62.38
N GLY E 888 -11.28 -84.51 -63.66
CA GLY E 888 -10.41 -84.07 -64.73
C GLY E 888 -10.15 -82.59 -64.80
N PRO E 889 -11.19 -81.75 -64.82
CA PRO E 889 -10.97 -80.32 -65.09
C PRO E 889 -10.22 -79.64 -63.97
N ALA E 890 -10.44 -80.06 -62.72
CA ALA E 890 -9.73 -79.45 -61.61
C ALA E 890 -8.22 -79.55 -61.81
N MET E 891 -7.74 -80.75 -62.14
CA MET E 891 -6.33 -80.90 -62.45
C MET E 891 -5.97 -80.40 -63.83
N LEU E 892 -6.96 -80.03 -64.64
CA LEU E 892 -6.66 -79.39 -65.91
C LEU E 892 -6.24 -77.93 -65.72
N THR E 893 -6.64 -77.31 -64.61
CA THR E 893 -6.20 -75.95 -64.30
C THR E 893 -4.71 -75.89 -64.06
N LEU E 894 -4.02 -77.02 -64.02
CA LEU E 894 -2.60 -77.07 -63.75
C LEU E 894 -1.79 -76.29 -64.78
N GLN E 895 -2.37 -75.95 -65.93
CA GLN E 895 -1.65 -75.18 -66.93
C GLN E 895 -1.16 -73.83 -66.40
N VAL E 896 -1.65 -73.40 -65.24
CA VAL E 896 -1.24 -72.13 -64.66
C VAL E 896 0.25 -72.12 -64.34
N LEU E 897 0.84 -73.29 -64.06
CA LEU E 897 2.22 -73.34 -63.61
C LEU E 897 3.16 -72.60 -64.56
N ALA E 898 2.90 -72.70 -65.86
CA ALA E 898 3.72 -71.98 -66.83
C ALA E 898 3.76 -70.49 -66.53
N HIS E 899 2.65 -69.93 -66.02
CA HIS E 899 2.57 -68.49 -65.81
C HIS E 899 3.40 -68.05 -64.61
N ASN E 900 3.38 -68.84 -63.53
CA ASN E 900 4.16 -68.53 -62.34
C ASN E 900 4.80 -69.81 -61.84
N MET E 901 6.13 -69.81 -61.72
CA MET E 901 6.83 -70.93 -61.12
C MET E 901 8.04 -70.40 -60.37
N ALA E 902 8.76 -71.32 -59.73
CA ALA E 902 9.94 -70.97 -58.96
C ALA E 902 11.10 -71.85 -59.38
N GLU E 903 12.29 -71.26 -59.40
CA GLU E 903 13.45 -72.00 -59.89
C GLU E 903 13.97 -72.97 -58.83
N ARG E 904 14.37 -72.45 -57.68
CA ARG E 904 15.05 -73.24 -56.67
C ARG E 904 14.73 -72.66 -55.30
N THR E 905 15.24 -73.31 -54.27
CA THR E 905 15.20 -72.78 -52.92
C THR E 905 16.59 -72.32 -52.52
N THR E 906 16.66 -71.30 -51.67
CA THR E 906 17.97 -70.76 -51.32
C THR E 906 18.07 -70.59 -49.81
N ALA E 907 19.19 -71.06 -49.27
CA ALA E 907 19.53 -70.77 -47.88
C ALA E 907 19.95 -69.31 -47.74
N LEU E 908 19.33 -68.62 -46.81
CA LEU E 908 19.58 -67.20 -46.58
C LEU E 908 20.09 -67.03 -45.17
N LEU E 909 21.37 -66.66 -45.02
CA LEU E 909 21.99 -66.43 -43.72
C LEU E 909 22.20 -64.93 -43.57
N CYS E 910 21.40 -64.33 -42.70
CA CYS E 910 21.46 -62.89 -42.43
C CYS E 910 21.72 -62.61 -40.96
N SER E 911 22.64 -61.69 -40.66
CA SER E 911 22.95 -61.31 -39.29
C SER E 911 22.46 -59.91 -39.01
N ALA E 912 22.72 -59.44 -37.80
CA ALA E 912 22.21 -58.17 -37.30
C ALA E 912 22.81 -57.92 -35.93
N ALA E 913 22.74 -56.67 -35.51
CA ALA E 913 23.28 -56.31 -34.21
C ALA E 913 22.15 -56.28 -33.18
N PRO E 914 22.44 -56.06 -31.90
CA PRO E 914 21.36 -55.81 -30.95
C PRO E 914 20.71 -54.47 -31.21
N ASP E 915 19.42 -54.39 -30.89
CA ASP E 915 18.66 -53.20 -31.22
C ASP E 915 19.07 -52.03 -30.36
N ALA E 916 18.90 -50.82 -30.91
CA ALA E 916 19.11 -49.61 -30.12
C ALA E 916 18.29 -49.74 -28.85
N GLY E 917 18.81 -49.32 -27.72
CA GLY E 917 18.04 -49.66 -26.54
C GLY E 917 18.84 -50.82 -26.00
N ALA E 918 18.67 -51.98 -26.59
CA ALA E 918 19.36 -53.17 -26.12
C ALA E 918 20.77 -53.39 -26.65
N ASN E 919 21.38 -52.39 -27.27
CA ASN E 919 22.77 -52.46 -27.76
C ASN E 919 23.57 -51.29 -27.20
N THR E 920 24.70 -51.53 -26.54
CA THR E 920 25.56 -50.47 -25.96
C THR E 920 27.01 -50.78 -26.32
N ALA E 921 28.02 -50.04 -25.85
CA ALA E 921 29.36 -50.44 -26.27
C ALA E 921 29.98 -51.81 -26.28
N SER E 922 29.53 -52.74 -25.44
CA SER E 922 30.14 -54.06 -25.43
C SER E 922 29.40 -55.05 -26.30
N THR E 923 28.19 -54.72 -26.72
CA THR E 923 27.45 -55.53 -27.68
C THR E 923 27.52 -54.95 -29.08
N ALA E 924 28.22 -53.83 -29.28
CA ALA E 924 28.26 -53.20 -30.59
C ALA E 924 28.82 -54.13 -31.66
N ASN E 925 29.68 -55.06 -31.28
CA ASN E 925 30.24 -56.01 -32.22
C ASN E 925 29.52 -57.34 -32.23
N MET E 926 28.44 -57.49 -31.48
CA MET E 926 27.73 -58.76 -31.48
C MET E 926 26.84 -58.86 -32.72
N ARG E 927 26.89 -60.00 -33.37
CA ARG E 927 26.07 -60.31 -34.52
C ARG E 927 25.13 -61.43 -34.16
N ILE E 928 23.93 -61.40 -34.70
CA ILE E 928 22.95 -62.44 -34.42
C ILE E 928 22.56 -63.06 -35.75
N PHE E 929 22.94 -64.32 -35.95
CA PHE E 929 22.76 -65.00 -37.23
C PHE E 929 21.47 -65.80 -37.20
N ASP E 930 20.57 -65.50 -38.13
CA ASP E 930 19.34 -66.26 -38.30
C ASP E 930 19.20 -66.63 -39.76
N GLY E 931 19.25 -67.92 -40.06
CA GLY E 931 19.09 -68.40 -41.41
C GLY E 931 17.66 -68.80 -41.72
N ALA E 932 17.31 -68.71 -42.99
CA ALA E 932 16.01 -69.18 -43.45
C ALA E 932 16.10 -69.54 -44.93
N LEU E 933 15.27 -70.50 -45.33
CA LEU E 933 15.18 -70.88 -46.73
C LEU E 933 14.28 -69.89 -47.48
N HIS E 934 14.54 -69.74 -48.78
CA HIS E 934 13.67 -68.82 -49.50
C HIS E 934 12.39 -69.55 -49.81
N ALA E 935 12.36 -70.41 -50.81
CA ALA E 935 11.13 -71.15 -51.03
C ALA E 935 11.38 -72.52 -50.41
N GLY E 936 10.93 -72.66 -49.17
CA GLY E 936 11.11 -73.89 -48.42
C GLY E 936 9.79 -74.59 -48.20
N VAL E 937 9.88 -75.77 -47.62
CA VAL E 937 8.71 -76.55 -47.24
C VAL E 937 8.99 -77.14 -45.88
N LEU E 938 7.93 -77.26 -45.08
CA LEU E 938 7.99 -77.84 -43.76
C LEU E 938 7.41 -79.24 -43.81
N LEU E 939 8.23 -80.24 -43.53
CA LEU E 939 7.77 -81.63 -43.62
C LEU E 939 7.31 -82.07 -42.25
N MET E 940 6.00 -82.21 -42.09
CA MET E 940 5.39 -82.47 -40.81
C MET E 940 5.84 -83.80 -40.20
N ALA E 941 5.36 -84.90 -40.73
CA ALA E 941 5.63 -86.20 -40.14
C ALA E 941 6.51 -86.99 -41.10
N PRO E 942 7.67 -87.46 -40.66
CA PRO E 942 8.58 -88.13 -41.60
C PRO E 942 7.95 -89.42 -42.09
N GLN E 943 7.90 -89.58 -43.40
CA GLN E 943 7.73 -90.90 -43.97
C GLN E 943 9.03 -91.21 -44.70
N HIS E 944 9.91 -91.92 -44.02
CA HIS E 944 11.04 -92.54 -44.65
C HIS E 944 10.82 -94.02 -44.87
N LEU E 945 9.68 -94.51 -44.44
CA LEU E 945 9.35 -95.93 -44.54
C LEU E 945 8.64 -96.49 -45.78
N ASP E 946 8.40 -95.75 -46.84
CA ASP E 946 7.63 -96.38 -47.90
C ASP E 946 8.57 -96.36 -49.08
N HIS E 947 8.40 -97.26 -50.00
CA HIS E 947 9.00 -97.02 -51.29
C HIS E 947 7.84 -96.94 -52.26
N THR E 948 7.50 -95.71 -52.58
CA THR E 948 6.63 -95.35 -53.68
C THR E 948 7.44 -94.30 -54.37
N ILE E 949 7.72 -93.25 -53.66
CA ILE E 949 8.67 -92.27 -54.14
C ILE E 949 10.02 -92.59 -53.52
N GLN E 950 11.07 -92.32 -54.28
CA GLN E 950 12.44 -92.45 -53.80
C GLN E 950 12.65 -91.52 -52.61
N ASN E 951 13.69 -91.80 -51.83
CA ASN E 951 14.00 -90.96 -50.69
C ASN E 951 14.79 -89.74 -51.13
N GLY E 952 14.36 -88.57 -50.68
CA GLY E 952 15.08 -87.35 -50.97
C GLY E 952 14.98 -86.85 -52.39
N GLU E 953 13.81 -86.98 -53.02
CA GLU E 953 13.65 -86.76 -54.45
C GLU E 953 13.28 -85.31 -54.75
N TYR E 954 12.06 -84.89 -54.40
CA TYR E 954 11.63 -83.51 -54.51
C TYR E 954 12.16 -82.66 -53.39
N PHE E 955 12.34 -83.26 -52.22
CA PHE E 955 12.64 -82.54 -51.00
C PHE E 955 13.91 -83.07 -50.38
N TYR E 956 14.79 -82.15 -49.97
CA TYR E 956 16.02 -82.51 -49.29
C TYR E 956 15.76 -82.26 -47.81
N VAL E 957 16.76 -82.16 -46.94
CA VAL E 957 16.36 -82.00 -45.55
C VAL E 957 16.68 -80.65 -44.90
N LEU E 958 17.87 -80.09 -45.11
CA LEU E 958 18.18 -78.70 -44.72
C LEU E 958 17.49 -78.10 -43.50
N PRO E 959 17.71 -78.56 -42.28
CA PRO E 959 17.16 -77.83 -41.12
C PRO E 959 17.75 -76.43 -41.04
N VAL E 960 16.88 -75.43 -41.00
CA VAL E 960 17.34 -74.05 -40.84
C VAL E 960 17.65 -73.76 -39.38
N HIS E 961 16.66 -73.91 -38.53
CA HIS E 961 16.77 -73.64 -37.11
C HIS E 961 16.51 -74.94 -36.35
N ALA E 962 17.08 -75.04 -35.16
CA ALA E 962 16.94 -76.26 -34.40
C ALA E 962 15.51 -76.53 -33.96
N LEU E 963 14.63 -75.52 -34.01
CA LEU E 963 13.21 -75.78 -33.83
C LEU E 963 12.71 -76.75 -34.88
N PHE E 964 13.20 -76.62 -36.10
CA PHE E 964 12.88 -77.55 -37.17
C PHE E 964 14.16 -78.28 -37.57
N ALA E 965 14.40 -79.41 -36.93
CA ALA E 965 15.29 -80.45 -37.41
C ALA E 965 14.64 -81.75 -36.99
N GLY E 966 14.30 -82.60 -37.94
CA GLY E 966 13.72 -83.88 -37.58
C GLY E 966 14.81 -84.80 -37.07
N ALA E 967 14.52 -85.51 -35.99
CA ALA E 967 15.40 -86.60 -35.62
C ALA E 967 15.35 -87.70 -36.67
N ASP E 968 14.13 -88.08 -37.07
CA ASP E 968 13.97 -89.09 -38.09
C ASP E 968 14.11 -88.52 -39.49
N HIS E 969 13.74 -87.26 -39.69
CA HIS E 969 13.94 -86.64 -41.00
C HIS E 969 15.40 -86.62 -41.38
N VAL E 970 16.25 -86.15 -40.48
CA VAL E 970 17.66 -85.94 -40.80
C VAL E 970 18.41 -87.26 -40.82
N ALA E 971 18.20 -88.12 -39.83
CA ALA E 971 18.92 -89.39 -39.77
C ALA E 971 18.61 -90.29 -40.94
N ASN E 972 17.43 -90.13 -41.54
CA ASN E 972 16.96 -90.98 -42.62
C ASN E 972 17.22 -90.37 -43.99
N ALA E 973 17.97 -89.28 -44.06
CA ALA E 973 18.27 -88.61 -45.31
C ALA E 973 19.05 -89.56 -46.20
N PRO E 974 19.34 -89.21 -47.47
CA PRO E 974 19.89 -90.22 -48.39
C PRO E 974 21.19 -90.85 -47.92
N ASN E 975 22.17 -90.05 -47.51
CA ASN E 975 23.42 -90.59 -46.98
C ASN E 975 23.65 -89.98 -45.60
N PHE E 976 23.47 -90.80 -44.58
CA PHE E 976 23.66 -90.37 -43.21
C PHE E 976 24.78 -91.22 -42.60
N PRO E 977 25.87 -90.61 -42.14
CA PRO E 977 26.93 -91.38 -41.50
C PRO E 977 26.36 -92.19 -40.36
N PRO E 978 26.59 -93.51 -40.35
CA PRO E 978 25.98 -94.36 -39.31
C PRO E 978 26.55 -94.11 -37.93
N ALA E 979 27.71 -93.47 -37.82
CA ALA E 979 28.24 -93.15 -36.51
C ALA E 979 27.37 -92.14 -35.78
N LEU E 980 26.60 -91.34 -36.51
CA LEU E 980 25.81 -90.27 -35.94
C LEU E 980 24.38 -90.67 -35.63
N ARG E 981 24.03 -91.95 -35.80
CA ARG E 981 22.65 -92.39 -35.64
C ARG E 981 22.08 -91.99 -34.28
N ASP E 982 22.76 -92.39 -33.20
CA ASP E 982 22.24 -92.07 -31.87
C ASP E 982 22.43 -90.61 -31.54
N LEU E 983 23.61 -90.06 -31.85
CA LEU E 983 23.82 -88.63 -31.59
C LEU E 983 22.78 -87.78 -32.30
N ALA E 984 22.33 -88.21 -33.48
CA ALA E 984 21.31 -87.46 -34.19
C ALA E 984 20.01 -87.38 -33.43
N ARG E 985 19.75 -88.31 -32.51
CA ARG E 985 18.51 -88.21 -31.76
C ARG E 985 18.58 -87.13 -30.70
N HIS E 986 19.68 -87.07 -29.96
CA HIS E 986 19.86 -86.09 -28.91
C HIS E 986 20.19 -84.71 -29.42
N VAL E 987 20.90 -84.61 -30.54
CA VAL E 987 21.47 -83.36 -31.02
C VAL E 987 20.69 -82.89 -32.23
N PRO E 988 20.23 -81.65 -32.23
CA PRO E 988 19.62 -81.06 -33.43
C PRO E 988 20.61 -80.68 -34.50
N LEU E 989 20.92 -81.56 -35.46
CA LEU E 989 22.02 -81.29 -36.38
C LEU E 989 21.58 -80.23 -37.38
N VAL E 990 22.15 -79.02 -37.24
CA VAL E 990 21.82 -77.88 -38.07
C VAL E 990 23.09 -77.29 -38.69
N PRO E 991 23.23 -77.24 -40.00
CA PRO E 991 24.46 -76.71 -40.61
C PRO E 991 24.70 -75.26 -40.23
N PRO E 992 25.91 -74.92 -39.79
CA PRO E 992 26.20 -73.52 -39.46
C PRO E 992 26.12 -72.60 -40.65
N ALA E 993 26.15 -73.16 -41.86
CA ALA E 993 25.79 -72.36 -43.02
C ALA E 993 24.45 -71.68 -42.80
N LEU E 994 23.55 -72.32 -42.08
CA LEU E 994 22.27 -71.74 -41.69
C LEU E 994 22.31 -71.10 -40.32
N GLY E 995 23.48 -71.05 -39.69
CA GLY E 995 23.60 -70.48 -38.36
C GLY E 995 23.85 -71.55 -37.31
N ALA E 996 24.22 -71.08 -36.15
CA ALA E 996 24.63 -71.91 -35.04
C ALA E 996 23.73 -71.63 -33.85
N ASN E 997 23.78 -72.52 -32.86
CA ASN E 997 23.01 -72.35 -31.63
C ASN E 997 23.27 -70.98 -31.03
N TYR E 998 24.46 -70.77 -30.49
CA TYR E 998 24.73 -69.61 -29.66
C TYR E 998 24.54 -68.30 -30.42
N PHE E 999 24.60 -68.31 -31.73
CA PHE E 999 24.47 -67.07 -32.49
C PHE E 999 23.08 -66.84 -33.03
N SER E 1000 22.13 -67.70 -32.72
CA SER E 1000 20.77 -67.52 -33.19
C SER E 1000 20.01 -66.58 -32.26
N SER E 1001 18.77 -66.27 -32.63
CA SER E 1001 17.87 -65.57 -31.74
C SER E 1001 17.18 -66.54 -30.80
N ILE E 1002 16.77 -67.69 -31.31
CA ILE E 1002 16.12 -68.73 -30.55
C ILE E 1002 17.12 -69.85 -30.34
N ARG E 1003 17.26 -70.28 -29.10
CA ARG E 1003 18.29 -71.23 -28.73
C ARG E 1003 17.66 -72.46 -28.12
N GLN E 1004 18.51 -73.35 -27.63
CA GLN E 1004 18.06 -74.68 -27.22
C GLN E 1004 17.00 -74.68 -26.13
N PRO E 1005 17.09 -73.86 -25.06
CA PRO E 1005 16.05 -73.93 -24.04
C PRO E 1005 14.66 -73.74 -24.57
N VAL E 1006 14.51 -72.91 -25.61
CA VAL E 1006 13.19 -72.75 -26.22
C VAL E 1006 12.76 -74.04 -26.89
N VAL E 1007 13.72 -74.76 -27.47
CA VAL E 1007 13.38 -75.97 -28.20
C VAL E 1007 12.99 -77.09 -27.25
N GLN E 1008 13.72 -77.25 -26.16
CA GLN E 1008 13.42 -78.31 -25.22
C GLN E 1008 12.14 -78.04 -24.46
N HIS E 1009 11.81 -76.77 -24.20
CA HIS E 1009 10.51 -76.46 -23.62
C HIS E 1009 9.40 -77.00 -24.49
N ALA E 1010 9.54 -76.86 -25.80
CA ALA E 1010 8.48 -77.24 -26.72
C ALA E 1010 8.14 -78.72 -26.58
N ARG E 1011 9.14 -79.59 -26.63
CA ARG E 1011 8.85 -81.01 -26.63
C ARG E 1011 8.71 -81.62 -25.25
N GLU E 1012 9.19 -80.96 -24.21
CA GLU E 1012 9.12 -81.51 -22.87
C GLU E 1012 7.89 -81.07 -22.09
N SER E 1013 7.19 -80.06 -22.56
CA SER E 1013 6.10 -79.48 -21.78
C SER E 1013 4.88 -80.37 -21.82
N ALA E 1014 4.24 -80.53 -20.67
CA ALA E 1014 3.05 -81.36 -20.56
C ALA E 1014 1.78 -80.57 -20.67
N ALA E 1015 1.85 -79.25 -20.86
CA ALA E 1015 0.65 -78.43 -20.89
C ALA E 1015 -0.10 -78.66 -22.20
N GLY E 1016 -1.27 -78.02 -22.31
CA GLY E 1016 -2.02 -78.11 -23.54
C GLY E 1016 -1.32 -77.40 -24.66
N GLU E 1017 -1.90 -77.50 -25.86
CA GLU E 1017 -1.35 -76.73 -26.96
C GLU E 1017 -1.71 -75.26 -26.84
N ASN E 1018 -2.87 -74.95 -26.25
CA ASN E 1018 -3.19 -73.55 -26.00
C ASN E 1018 -2.22 -72.95 -25.01
N ALA E 1019 -1.99 -73.63 -23.89
CA ALA E 1019 -1.13 -73.08 -22.85
C ALA E 1019 0.32 -73.10 -23.28
N LEU E 1020 0.76 -74.17 -23.95
CA LEU E 1020 2.13 -74.18 -24.45
C LEU E 1020 2.33 -73.13 -25.52
N THR E 1021 1.25 -72.63 -26.12
CA THR E 1021 1.39 -71.59 -27.13
C THR E 1021 1.59 -70.23 -26.50
N TYR E 1022 0.84 -69.91 -25.46
CA TYR E 1022 1.10 -68.65 -24.75
C TYR E 1022 2.36 -68.74 -23.94
N ALA E 1023 2.68 -69.92 -23.40
CA ALA E 1023 3.90 -70.09 -22.64
C ALA E 1023 5.12 -69.90 -23.53
N LEU E 1024 5.02 -70.35 -24.77
CA LEU E 1024 6.12 -70.24 -25.71
C LEU E 1024 6.15 -68.88 -26.37
N MET E 1025 5.00 -68.24 -26.55
CA MET E 1025 4.95 -66.85 -26.96
C MET E 1025 5.54 -65.95 -25.90
N ALA E 1026 5.37 -66.32 -24.64
CA ALA E 1026 5.87 -65.50 -23.53
C ALA E 1026 7.37 -65.61 -23.38
N GLY E 1027 7.98 -66.63 -23.96
CA GLY E 1027 9.41 -66.72 -23.90
C GLY E 1027 10.13 -65.93 -24.96
N TYR E 1028 9.43 -65.34 -25.91
CA TYR E 1028 10.02 -64.57 -26.99
C TYR E 1028 10.12 -63.10 -26.71
N PHE E 1029 9.74 -62.66 -25.52
CA PHE E 1029 9.92 -61.26 -25.17
C PHE E 1029 11.39 -60.95 -24.99
N LYS E 1030 11.82 -59.81 -25.49
CA LYS E 1030 13.24 -59.53 -25.53
C LYS E 1030 13.78 -59.20 -24.16
N MET E 1031 15.08 -59.45 -24.01
CA MET E 1031 15.82 -59.24 -22.78
C MET E 1031 16.58 -57.91 -22.78
N SER E 1032 16.38 -57.12 -23.80
CA SER E 1032 17.00 -55.81 -23.96
C SER E 1032 16.53 -54.87 -22.85
N PRO E 1033 17.31 -53.84 -22.51
CA PRO E 1033 16.97 -53.08 -21.32
C PRO E 1033 15.70 -52.27 -21.51
N VAL E 1034 15.48 -51.71 -22.70
CA VAL E 1034 14.23 -50.99 -22.97
C VAL E 1034 13.06 -51.95 -22.96
N ALA E 1035 13.30 -53.21 -23.33
CA ALA E 1035 12.23 -54.20 -23.33
C ALA E 1035 11.73 -54.48 -21.93
N LEU E 1036 12.65 -54.76 -21.01
CA LEU E 1036 12.23 -55.13 -19.65
C LEU E 1036 11.43 -54.01 -19.01
N TYR E 1037 11.64 -52.76 -19.43
CA TYR E 1037 10.86 -51.67 -18.89
C TYR E 1037 9.45 -51.62 -19.44
N HIS E 1038 9.18 -52.27 -20.55
CA HIS E 1038 7.78 -52.39 -20.93
C HIS E 1038 7.11 -53.50 -20.16
N GLN E 1039 7.86 -54.56 -19.84
CA GLN E 1039 7.28 -55.69 -19.14
C GLN E 1039 7.11 -55.39 -17.66
N LEU E 1040 8.19 -54.95 -17.02
CA LEU E 1040 8.14 -54.73 -15.58
C LEU E 1040 7.09 -53.72 -15.22
N LYS E 1041 6.90 -52.69 -16.05
CA LYS E 1041 5.83 -51.74 -15.80
C LYS E 1041 4.47 -52.35 -16.08
N THR E 1042 4.38 -53.24 -17.04
CA THR E 1042 3.09 -53.79 -17.44
C THR E 1042 2.67 -55.01 -16.64
N GLY E 1043 3.58 -55.63 -15.91
CA GLY E 1043 3.19 -56.78 -15.12
C GLY E 1043 3.45 -58.12 -15.76
N LEU E 1044 4.38 -58.17 -16.69
CA LEU E 1044 4.87 -59.45 -17.19
C LEU E 1044 6.11 -59.84 -16.40
N HIS E 1045 6.25 -61.14 -16.17
CA HIS E 1045 7.37 -61.64 -15.38
C HIS E 1045 8.47 -62.08 -16.32
N PRO E 1046 9.57 -61.40 -16.38
CA PRO E 1046 10.59 -61.66 -17.40
C PRO E 1046 11.53 -62.81 -17.07
N GLY E 1047 10.98 -63.94 -16.67
CA GLY E 1047 11.70 -65.18 -16.61
C GLY E 1047 12.76 -65.31 -15.55
N PHE E 1048 13.09 -64.25 -14.83
CA PHE E 1048 14.00 -64.34 -13.69
C PHE E 1048 13.47 -63.47 -12.57
N GLY E 1049 14.19 -63.45 -11.46
CA GLY E 1049 13.68 -62.81 -10.27
C GLY E 1049 14.82 -62.18 -9.52
N PHE E 1050 14.48 -61.42 -8.48
CA PHE E 1050 15.48 -60.65 -7.78
C PHE E 1050 15.61 -61.13 -6.34
N THR E 1051 16.60 -60.58 -5.66
CA THR E 1051 16.73 -60.71 -4.22
C THR E 1051 16.99 -59.33 -3.67
N VAL E 1052 16.14 -58.89 -2.76
CA VAL E 1052 16.14 -57.53 -2.29
C VAL E 1052 16.96 -57.47 -1.02
N VAL E 1053 18.09 -56.78 -1.09
CA VAL E 1053 18.91 -56.51 0.08
C VAL E 1053 18.67 -55.07 0.48
N ARG E 1054 18.58 -54.83 1.79
CA ARG E 1054 18.45 -53.47 2.30
C ARG E 1054 19.23 -53.32 3.59
N GLN E 1055 19.84 -52.16 3.75
CA GLN E 1055 20.55 -51.82 4.97
C GLN E 1055 19.56 -51.18 5.93
N ASP E 1056 19.63 -51.57 7.20
CA ASP E 1056 18.59 -51.18 8.14
C ASP E 1056 19.22 -50.93 9.49
N ARG E 1057 18.69 -49.93 10.20
CA ARG E 1057 19.37 -49.37 11.34
C ARG E 1057 18.46 -49.38 12.56
N PHE E 1058 19.06 -49.29 13.75
CA PHE E 1058 18.28 -49.30 14.99
C PHE E 1058 19.00 -48.48 16.04
N VAL E 1059 18.26 -48.09 17.06
CA VAL E 1059 18.81 -47.45 18.23
C VAL E 1059 18.63 -48.41 19.39
N THR E 1060 19.73 -48.95 19.88
CA THR E 1060 19.71 -49.99 20.89
C THR E 1060 20.09 -49.38 22.23
N GLU E 1061 20.04 -50.21 23.28
CA GLU E 1061 20.37 -49.77 24.62
C GLU E 1061 21.24 -50.84 25.26
N ASN E 1062 22.45 -50.46 25.67
CA ASN E 1062 23.47 -51.40 26.03
C ASN E 1062 23.71 -51.41 27.53
N VAL E 1063 24.12 -52.55 28.04
CA VAL E 1063 24.67 -52.65 29.38
C VAL E 1063 26.15 -52.96 29.20
N LEU E 1064 26.95 -52.47 30.13
CA LEU E 1064 28.40 -52.54 29.99
C LEU E 1064 29.00 -52.92 31.33
N PHE E 1065 29.65 -54.07 31.39
CA PHE E 1065 30.39 -54.48 32.57
C PHE E 1065 31.88 -54.32 32.29
N SER E 1066 32.64 -54.02 33.34
CA SER E 1066 34.07 -53.83 33.23
C SER E 1066 34.72 -54.18 34.55
N GLU E 1067 35.93 -54.72 34.49
CA GLU E 1067 36.60 -55.19 35.69
C GLU E 1067 37.09 -54.00 36.52
N ARG E 1068 37.85 -54.26 37.57
CA ARG E 1068 38.20 -53.22 38.52
C ARG E 1068 39.17 -52.24 37.92
N ALA E 1069 40.39 -52.65 37.68
CA ALA E 1069 41.30 -51.83 36.91
C ALA E 1069 41.43 -52.50 35.57
N SER E 1070 40.70 -51.99 34.59
CA SER E 1070 40.83 -52.39 33.22
C SER E 1070 41.66 -51.40 32.44
N GLU E 1071 42.15 -50.38 33.11
CA GLU E 1071 42.58 -49.17 32.44
C GLU E 1071 43.68 -48.49 33.23
N ALA E 1072 44.71 -48.03 32.53
CA ALA E 1072 45.83 -47.32 33.12
C ALA E 1072 45.73 -45.81 32.97
N TYR E 1073 44.58 -45.30 32.59
CA TYR E 1073 44.37 -44.00 31.98
C TYR E 1073 45.18 -42.90 32.67
N PHE E 1074 45.92 -42.13 31.86
CA PHE E 1074 46.86 -41.11 32.30
C PHE E 1074 46.35 -39.72 31.97
N LEU E 1075 46.72 -38.76 32.80
CA LEU E 1075 46.28 -37.38 32.64
C LEU E 1075 47.46 -36.47 32.36
N GLY E 1076 47.24 -35.45 31.55
CA GLY E 1076 48.25 -34.47 31.17
C GLY E 1076 48.12 -33.18 31.94
N GLN E 1077 48.41 -32.07 31.26
CA GLN E 1077 48.34 -30.73 31.82
C GLN E 1077 47.56 -29.84 30.85
N LEU E 1078 47.18 -28.65 31.31
CA LEU E 1078 46.11 -27.89 30.69
C LEU E 1078 46.53 -27.17 29.40
N GLN E 1079 47.48 -26.24 29.49
CA GLN E 1079 48.02 -25.51 28.34
C GLN E 1079 47.03 -24.70 27.48
N VAL E 1080 46.57 -23.56 27.96
CA VAL E 1080 45.64 -22.66 27.24
C VAL E 1080 46.08 -21.93 25.95
N ALA E 1081 45.16 -21.58 25.05
CA ALA E 1081 45.52 -20.82 23.84
C ALA E 1081 44.62 -19.61 23.54
N ARG E 1082 45.12 -18.38 23.62
CA ARG E 1082 44.26 -17.21 23.41
C ARG E 1082 43.69 -17.12 22.00
N HIS E 1083 44.54 -16.95 21.02
CA HIS E 1083 44.19 -16.97 19.60
C HIS E 1083 43.07 -16.09 19.10
N GLU E 1084 42.87 -14.94 19.72
CA GLU E 1084 41.84 -13.97 19.30
C GLU E 1084 40.51 -14.65 19.19
N THR E 1085 39.85 -14.37 18.05
CA THR E 1085 38.55 -14.81 17.48
C THR E 1085 37.98 -13.64 16.71
N GLY E 1086 36.84 -13.86 16.08
CA GLY E 1086 36.15 -12.80 15.38
C GLY E 1086 35.08 -12.49 16.39
N GLY E 1087 34.91 -11.24 16.75
CA GLY E 1087 33.96 -10.93 17.80
C GLY E 1087 34.22 -11.49 19.19
N GLY E 1088 35.44 -11.31 19.69
CA GLY E 1088 35.76 -11.68 21.05
C GLY E 1088 37.20 -12.12 21.16
N VAL E 1089 37.50 -12.78 22.27
CA VAL E 1089 38.77 -13.48 22.48
C VAL E 1089 38.44 -14.84 23.04
N ASN E 1090 38.74 -15.90 22.29
CA ASN E 1090 38.60 -17.23 22.82
C ASN E 1090 39.76 -17.58 23.73
N PHE E 1091 39.54 -18.56 24.58
CA PHE E 1091 40.62 -19.29 25.24
C PHE E 1091 40.29 -20.76 25.13
N THR E 1092 41.11 -21.52 24.42
CA THR E 1092 40.89 -22.95 24.38
C THR E 1092 41.65 -23.58 25.54
N LEU E 1093 40.94 -24.39 26.30
CA LEU E 1093 41.54 -25.29 27.25
C LEU E 1093 41.73 -26.61 26.54
N THR E 1094 42.83 -27.28 26.82
CA THR E 1094 43.04 -28.62 26.30
C THR E 1094 43.74 -29.43 27.37
N GLN E 1095 44.14 -30.62 27.03
CA GLN E 1095 44.86 -31.49 27.94
C GLN E 1095 45.20 -32.75 27.20
N PRO E 1096 46.46 -33.17 27.21
CA PRO E 1096 46.79 -34.46 26.62
C PRO E 1096 46.45 -35.57 27.58
N ARG E 1097 46.01 -36.70 27.03
CA ARG E 1097 45.62 -37.83 27.85
C ARG E 1097 46.18 -39.09 27.21
N GLY E 1098 45.99 -40.20 27.88
CA GLY E 1098 46.54 -41.44 27.40
C GLY E 1098 46.00 -42.59 28.21
N ASN E 1099 45.99 -43.76 27.58
CA ASN E 1099 45.28 -44.88 28.19
C ASN E 1099 45.76 -46.19 27.60
N VAL E 1100 45.68 -47.26 28.36
CA VAL E 1100 46.11 -48.60 27.97
C VAL E 1100 45.17 -49.60 28.56
N ASP E 1101 45.15 -50.81 28.06
CA ASP E 1101 44.28 -51.79 28.61
C ASP E 1101 45.13 -52.66 29.48
N LEU E 1102 44.75 -52.84 30.73
CA LEU E 1102 45.50 -53.68 31.63
C LEU E 1102 45.05 -55.13 31.58
N GLY E 1103 44.05 -55.44 30.78
CA GLY E 1103 43.61 -56.80 30.70
C GLY E 1103 44.50 -57.62 29.83
N VAL E 1104 44.99 -58.74 30.33
CA VAL E 1104 45.76 -59.60 29.47
C VAL E 1104 44.76 -60.07 28.44
N GLY E 1105 43.50 -60.30 28.81
CA GLY E 1105 42.59 -60.57 27.73
C GLY E 1105 41.15 -60.36 28.15
N TYR E 1106 40.30 -59.98 27.19
CA TYR E 1106 38.87 -59.78 27.37
C TYR E 1106 38.48 -59.16 28.70
N THR E 1107 38.77 -57.89 28.88
CA THR E 1107 38.11 -57.15 29.93
C THR E 1107 36.96 -56.37 29.29
N ALA E 1108 36.17 -55.74 30.15
CA ALA E 1108 34.83 -55.27 29.85
C ALA E 1108 33.99 -56.33 29.17
N VAL E 1109 32.88 -55.93 28.56
CA VAL E 1109 31.94 -56.80 27.77
C VAL E 1109 30.79 -55.86 27.58
N ALA E 1110 29.93 -56.14 26.63
CA ALA E 1110 28.77 -55.27 26.40
C ALA E 1110 27.67 -56.08 25.90
N ALA E 1111 26.47 -55.73 26.31
CA ALA E 1111 25.31 -56.45 25.86
C ALA E 1111 24.31 -55.47 25.28
N THR E 1112 23.23 -55.98 24.73
CA THR E 1112 22.16 -55.15 24.20
C THR E 1112 20.88 -55.52 24.93
N ALA E 1113 20.19 -54.53 25.45
CA ALA E 1113 19.01 -54.86 26.18
C ALA E 1113 17.73 -54.76 25.41
N THR E 1114 17.52 -53.65 24.71
CA THR E 1114 16.27 -53.44 24.01
C THR E 1114 16.43 -52.45 22.88
N VAL E 1115 15.44 -52.33 22.00
CA VAL E 1115 15.62 -51.41 20.91
C VAL E 1115 14.78 -50.16 21.15
N ARG E 1116 15.40 -48.98 21.19
CA ARG E 1116 14.69 -47.73 21.39
C ARG E 1116 13.69 -47.51 20.26
N ASN E 1117 14.20 -47.22 19.06
CA ASN E 1117 13.35 -47.06 17.89
C ASN E 1117 14.03 -47.66 16.68
N PRO E 1118 13.26 -47.97 15.63
CA PRO E 1118 13.85 -48.46 14.39
C PRO E 1118 14.66 -47.45 13.58
N VAL E 1119 14.58 -46.15 13.83
CA VAL E 1119 15.21 -45.17 12.93
C VAL E 1119 14.63 -45.48 11.56
N THR E 1120 15.50 -45.82 10.61
CA THR E 1120 15.10 -45.98 9.22
C THR E 1120 13.75 -46.65 9.02
N ASP E 1121 13.00 -46.15 8.04
CA ASP E 1121 11.58 -46.44 7.93
C ASP E 1121 11.26 -47.89 7.65
N MET E 1122 12.27 -48.72 7.39
CA MET E 1122 12.08 -50.15 7.19
C MET E 1122 11.21 -50.47 6.00
N GLY E 1123 11.47 -49.82 4.89
CA GLY E 1123 10.79 -50.34 3.75
C GLY E 1123 10.40 -49.66 2.50
N ASN E 1124 10.74 -50.33 1.42
CA ASN E 1124 10.30 -49.90 0.11
C ASN E 1124 10.96 -48.64 -0.45
N LEU E 1125 12.22 -48.68 -0.84
CA LEU E 1125 12.73 -47.65 -1.73
C LEU E 1125 13.64 -48.36 -2.73
N PRO E 1126 13.48 -48.08 -3.99
CA PRO E 1126 14.37 -48.69 -5.00
C PRO E 1126 15.79 -48.17 -4.90
N GLN E 1127 16.66 -48.70 -5.73
CA GLN E 1127 17.98 -48.14 -5.98
C GLN E 1127 17.95 -47.64 -7.41
N ASN E 1128 18.13 -46.34 -7.58
CA ASN E 1128 18.18 -45.76 -8.91
C ASN E 1128 19.64 -45.65 -9.32
N PHE E 1129 19.97 -46.22 -10.48
CA PHE E 1129 21.35 -46.18 -10.94
C PHE E 1129 21.70 -44.94 -11.75
N TYR E 1130 20.71 -44.13 -12.10
CA TYR E 1130 21.00 -42.94 -12.89
C TYR E 1130 21.54 -41.81 -12.04
N LEU E 1131 21.68 -42.04 -10.73
CA LEU E 1131 22.36 -41.05 -9.90
C LEU E 1131 23.86 -41.04 -10.18
N GLY E 1132 24.49 -42.20 -10.11
CA GLY E 1132 25.90 -42.32 -10.45
C GLY E 1132 26.09 -42.79 -11.89
N ARG E 1133 27.21 -42.39 -12.50
CA ARG E 1133 27.46 -42.68 -13.91
C ARG E 1133 28.79 -43.35 -14.28
N GLY E 1134 28.89 -44.64 -13.98
CA GLY E 1134 30.10 -45.38 -14.28
C GLY E 1134 29.94 -46.36 -15.44
N ALA E 1135 28.86 -46.24 -16.19
CA ALA E 1135 28.63 -47.17 -17.30
C ALA E 1135 28.55 -46.54 -18.69
N PRO E 1136 29.08 -47.32 -19.71
CA PRO E 1136 28.95 -46.72 -21.05
C PRO E 1136 27.47 -46.62 -21.32
N PRO E 1137 27.02 -45.55 -21.94
CA PRO E 1137 25.58 -45.40 -22.16
C PRO E 1137 25.05 -46.25 -23.30
N LEU E 1138 23.74 -46.21 -23.52
CA LEU E 1138 23.18 -46.77 -24.75
C LEU E 1138 23.75 -46.03 -25.94
N LEU E 1139 23.89 -46.72 -27.05
CA LEU E 1139 24.56 -46.12 -28.21
C LEU E 1139 23.63 -45.42 -29.18
N ASP E 1140 22.32 -45.42 -28.92
CA ASP E 1140 21.40 -44.52 -29.61
C ASP E 1140 21.03 -43.44 -28.62
N ASN E 1141 21.39 -42.20 -28.92
CA ASN E 1141 21.11 -41.12 -27.98
C ASN E 1141 19.61 -40.94 -27.78
N ALA E 1142 18.81 -41.25 -28.80
CA ALA E 1142 17.37 -41.30 -28.61
C ALA E 1142 16.99 -42.40 -27.64
N ALA E 1143 17.69 -43.53 -27.72
CA ALA E 1143 17.44 -44.63 -26.78
C ALA E 1143 17.83 -44.21 -25.37
N ALA E 1144 19.03 -43.64 -25.23
CA ALA E 1144 19.54 -43.28 -23.91
C ALA E 1144 18.58 -42.35 -23.18
N VAL E 1145 18.26 -41.21 -23.79
CA VAL E 1145 17.47 -40.20 -23.08
C VAL E 1145 16.02 -40.58 -22.95
N TYR E 1146 15.48 -41.42 -23.83
CA TYR E 1146 14.14 -41.92 -23.61
C TYR E 1146 14.11 -42.85 -22.42
N LEU E 1147 15.06 -43.77 -22.36
CA LEU E 1147 15.10 -44.69 -21.22
C LEU E 1147 15.34 -43.93 -19.94
N ARG E 1148 16.33 -43.05 -19.92
CA ARG E 1148 16.70 -42.34 -18.71
C ARG E 1148 15.49 -41.70 -18.07
N ASN E 1149 14.84 -40.75 -18.75
CA ASN E 1149 13.76 -40.04 -18.09
C ASN E 1149 12.51 -40.88 -17.93
N ALA E 1150 12.42 -42.05 -18.53
CA ALA E 1150 11.33 -42.96 -18.20
C ALA E 1150 11.52 -43.51 -16.80
N VAL E 1151 12.71 -44.02 -16.50
CA VAL E 1151 13.07 -44.36 -15.13
C VAL E 1151 13.03 -43.14 -14.23
N VAL E 1152 13.89 -42.16 -14.51
CA VAL E 1152 14.16 -41.05 -13.61
C VAL E 1152 12.94 -40.18 -13.35
N ALA E 1153 11.84 -40.39 -14.08
CA ALA E 1153 10.73 -39.44 -14.14
C ALA E 1153 10.32 -38.88 -12.79
N GLY E 1154 9.71 -39.70 -11.94
CA GLY E 1154 9.33 -39.23 -10.64
C GLY E 1154 10.04 -39.83 -9.45
N ASN E 1155 11.16 -40.52 -9.65
CA ASN E 1155 11.77 -41.30 -8.58
C ASN E 1155 11.94 -40.47 -7.32
N ARG E 1156 11.84 -41.16 -6.20
CA ARG E 1156 12.07 -40.53 -4.94
C ARG E 1156 13.52 -40.05 -5.02
N LEU E 1157 14.37 -40.80 -5.72
CA LEU E 1157 15.76 -40.40 -5.93
C LEU E 1157 16.08 -40.48 -7.42
N GLY E 1158 15.52 -39.58 -8.20
CA GLY E 1158 15.78 -39.54 -9.62
C GLY E 1158 16.47 -38.22 -9.56
N PRO E 1159 17.65 -38.05 -10.13
CA PRO E 1159 18.26 -36.73 -9.92
C PRO E 1159 17.31 -35.59 -10.21
N ALA E 1160 17.36 -34.58 -9.36
CA ALA E 1160 16.73 -33.30 -9.64
C ALA E 1160 17.70 -32.49 -10.48
N GLN E 1161 17.27 -32.16 -11.70
CA GLN E 1161 17.97 -31.47 -12.80
C GLN E 1161 19.14 -32.35 -13.23
N PRO E 1162 19.62 -32.24 -14.46
CA PRO E 1162 20.56 -33.24 -14.97
C PRO E 1162 21.84 -33.28 -14.17
N LEU E 1163 22.49 -34.44 -14.19
CA LEU E 1163 23.65 -34.66 -13.34
C LEU E 1163 24.71 -33.61 -13.62
N PRO E 1164 25.03 -32.75 -12.65
CA PRO E 1164 26.11 -31.79 -12.86
C PRO E 1164 27.44 -32.51 -12.88
N VAL E 1165 28.40 -31.91 -13.59
CA VAL E 1165 29.73 -32.52 -13.65
C VAL E 1165 30.29 -32.62 -12.24
N PHE E 1166 30.59 -31.49 -11.61
CA PHE E 1166 31.05 -31.46 -10.23
C PHE E 1166 29.89 -31.10 -9.32
N GLY E 1167 29.67 -31.94 -8.31
CA GLY E 1167 28.56 -31.80 -7.40
C GLY E 1167 28.12 -33.15 -6.92
N CYS E 1168 26.90 -33.21 -6.42
CA CYS E 1168 26.25 -34.45 -6.02
C CYS E 1168 25.05 -34.69 -6.93
N ALA E 1169 24.64 -35.96 -7.00
CA ALA E 1169 23.49 -36.29 -7.84
C ALA E 1169 22.20 -35.68 -7.32
N GLN E 1170 22.34 -35.02 -6.18
CA GLN E 1170 21.27 -34.47 -5.42
C GLN E 1170 20.00 -35.20 -5.77
N VAL E 1171 19.37 -35.59 -4.68
CA VAL E 1171 18.13 -36.32 -4.65
C VAL E 1171 17.14 -35.24 -4.32
N PRO E 1172 15.96 -35.25 -5.07
CA PRO E 1172 15.06 -34.15 -4.73
C PRO E 1172 14.66 -34.25 -3.28
N ARG E 1173 14.75 -33.15 -2.54
CA ARG E 1173 14.36 -33.16 -1.15
C ARG E 1173 12.85 -33.24 -1.11
N ARG E 1174 12.29 -33.76 -0.03
CA ARG E 1174 10.85 -33.85 0.08
C ARG E 1174 10.37 -32.85 1.09
N ALA E 1175 9.18 -32.31 0.88
CA ALA E 1175 8.62 -31.32 1.76
C ALA E 1175 8.44 -31.86 3.17
N GLY E 1176 8.04 -33.11 3.27
CA GLY E 1176 7.80 -33.70 4.57
C GLY E 1176 8.10 -35.17 4.57
N MET E 1177 8.39 -35.68 5.76
CA MET E 1177 8.65 -37.10 5.93
C MET E 1177 8.16 -37.49 7.32
N ASP E 1178 7.75 -38.76 7.46
CA ASP E 1178 7.21 -39.22 8.73
C ASP E 1178 7.99 -40.40 9.31
N HIS E 1179 7.86 -41.59 8.75
CA HIS E 1179 8.21 -42.78 9.52
C HIS E 1179 9.65 -42.80 9.95
N GLY E 1180 10.52 -42.17 9.19
CA GLY E 1180 11.92 -42.14 9.52
C GLY E 1180 12.73 -42.14 8.25
N GLN E 1181 14.03 -42.32 8.43
CA GLN E 1181 14.93 -42.31 7.28
C GLN E 1181 14.51 -43.37 6.29
N ASP E 1182 14.66 -43.07 5.02
CA ASP E 1182 14.25 -43.99 3.97
C ASP E 1182 15.38 -44.98 3.75
N ALA E 1183 15.09 -46.26 3.97
CA ALA E 1183 16.06 -47.28 3.63
C ALA E 1183 16.13 -47.36 2.12
N VAL E 1184 17.03 -48.20 1.62
CA VAL E 1184 17.23 -48.31 0.18
C VAL E 1184 17.32 -49.78 -0.17
N CYS E 1185 16.43 -50.24 -1.04
CA CYS E 1185 16.39 -51.63 -1.45
C CYS E 1185 17.21 -51.82 -2.70
N GLU E 1186 17.87 -52.97 -2.81
CA GLU E 1186 18.67 -53.28 -3.97
C GLU E 1186 18.38 -54.68 -4.48
N PHE E 1187 18.52 -54.85 -5.78
CA PHE E 1187 18.03 -56.03 -6.47
C PHE E 1187 19.21 -56.72 -7.12
N ILE E 1188 19.54 -57.91 -6.64
CA ILE E 1188 20.43 -58.83 -7.36
C ILE E 1188 19.54 -59.79 -8.11
N ALA E 1189 19.70 -59.87 -9.42
CA ALA E 1189 18.84 -60.72 -10.22
C ALA E 1189 19.29 -62.15 -10.06
N THR E 1190 18.43 -62.98 -9.50
CA THR E 1190 18.67 -64.40 -9.37
C THR E 1190 17.83 -65.17 -10.37
N PRO E 1191 18.03 -66.48 -10.48
CA PRO E 1191 17.12 -67.29 -11.27
C PRO E 1191 15.84 -67.57 -10.51
N VAL E 1192 14.75 -67.76 -11.25
CA VAL E 1192 13.51 -68.12 -10.59
C VAL E 1192 13.60 -69.49 -9.95
N ALA E 1193 14.50 -70.35 -10.40
CA ALA E 1193 14.70 -71.61 -9.68
C ALA E 1193 15.94 -71.43 -8.84
N THR E 1194 15.72 -71.02 -7.61
CA THR E 1194 16.61 -71.17 -6.47
C THR E 1194 15.64 -71.41 -5.34
N ASP E 1195 15.88 -72.43 -4.54
CA ASP E 1195 14.85 -72.82 -3.60
C ASP E 1195 14.60 -71.70 -2.60
N ILE E 1196 13.38 -71.62 -2.16
CA ILE E 1196 13.12 -70.64 -1.20
C ILE E 1196 13.80 -71.06 0.07
N ASN E 1197 14.12 -72.34 0.24
CA ASN E 1197 14.80 -72.72 1.43
C ASN E 1197 16.15 -72.07 1.59
N TYR E 1198 16.79 -71.62 0.53
CA TYR E 1198 18.04 -70.87 0.70
C TYR E 1198 17.61 -69.46 1.05
N PHE E 1199 16.74 -69.35 2.02
CA PHE E 1199 16.23 -68.09 2.50
C PHE E 1199 15.60 -68.75 3.64
N ARG E 1200 14.90 -68.03 4.48
CA ARG E 1200 14.30 -68.66 5.61
C ARG E 1200 15.49 -68.92 6.49
N ARG E 1201 16.64 -68.33 6.13
CA ARG E 1201 17.80 -68.51 6.97
C ARG E 1201 18.74 -67.33 6.70
N PRO E 1202 19.59 -66.95 7.66
CA PRO E 1202 20.47 -65.79 7.48
C PRO E 1202 21.38 -65.68 6.25
N CYS E 1203 21.44 -66.67 5.39
CA CYS E 1203 22.56 -66.85 4.46
C CYS E 1203 22.77 -65.67 3.51
N ASN E 1204 24.01 -65.59 2.97
CA ASN E 1204 24.51 -64.55 2.08
C ASN E 1204 23.58 -64.30 0.92
N PRO E 1205 23.40 -63.02 0.60
CA PRO E 1205 22.64 -62.59 -0.55
C PRO E 1205 23.39 -62.79 -1.87
N ARG E 1206 24.70 -63.04 -1.87
CA ARG E 1206 25.39 -63.17 -3.14
C ARG E 1206 25.34 -64.59 -3.67
N GLY E 1207 24.81 -65.52 -2.91
CA GLY E 1207 24.74 -66.90 -3.32
C GLY E 1207 25.77 -67.81 -2.68
N ARG E 1208 26.77 -67.27 -2.01
CA ARG E 1208 27.86 -68.09 -1.50
C ARG E 1208 28.41 -67.44 -0.24
N ALA E 1209 29.00 -68.25 0.62
CA ALA E 1209 29.57 -67.70 1.85
C ALA E 1209 30.89 -67.06 1.50
N ALA E 1210 30.98 -65.75 1.71
CA ALA E 1210 32.16 -65.00 1.31
C ALA E 1210 33.08 -64.65 2.46
N GLY E 1211 32.73 -64.97 3.69
CA GLY E 1211 33.43 -64.39 4.82
C GLY E 1211 34.86 -64.90 4.95
N GLY E 1212 35.72 -64.04 5.50
CA GLY E 1212 37.04 -64.50 5.88
C GLY E 1212 37.05 -65.26 7.19
N VAL E 1213 35.98 -65.14 7.96
CA VAL E 1213 35.73 -65.96 9.14
C VAL E 1213 35.83 -67.43 8.81
N TYR E 1214 35.42 -67.82 7.60
CA TYR E 1214 35.40 -69.21 7.19
C TYR E 1214 36.73 -69.69 6.64
N ALA E 1215 37.63 -68.77 6.32
CA ALA E 1215 38.86 -69.12 5.63
C ALA E 1215 39.76 -69.99 6.50
N GLY E 1216 40.71 -70.66 5.85
CA GLY E 1216 41.52 -71.66 6.52
C GLY E 1216 42.96 -71.31 6.82
N ASP E 1217 43.38 -70.08 6.66
CA ASP E 1217 44.75 -69.82 7.02
C ASP E 1217 45.79 -70.19 6.00
N LYS E 1218 45.44 -70.39 4.74
CA LYS E 1218 46.44 -70.78 3.74
C LYS E 1218 46.68 -69.76 2.65
N GLU E 1219 46.56 -68.48 3.01
CA GLU E 1219 46.80 -67.31 2.14
C GLU E 1219 46.13 -67.06 0.80
N GLY E 1220 45.28 -67.97 0.36
CA GLY E 1220 44.63 -67.80 -0.92
C GLY E 1220 43.20 -68.20 -0.72
N ASP E 1221 42.82 -68.73 0.45
CA ASP E 1221 41.45 -69.17 0.62
C ASP E 1221 40.53 -68.04 0.51
N VAL E 1222 40.83 -66.99 1.21
CA VAL E 1222 39.99 -65.84 0.88
C VAL E 1222 40.33 -65.43 -0.53
N ILE E 1223 39.29 -65.26 -1.36
CA ILE E 1223 39.35 -65.09 -2.82
C ILE E 1223 39.66 -66.39 -3.53
N ALA E 1224 39.89 -67.47 -2.78
CA ALA E 1224 39.82 -68.80 -3.36
C ALA E 1224 38.71 -69.53 -2.61
N LEU E 1225 38.18 -68.90 -1.58
CA LEU E 1225 36.96 -69.28 -0.88
C LEU E 1225 35.75 -68.69 -1.56
N MET E 1226 35.89 -67.44 -1.97
CA MET E 1226 34.76 -66.63 -2.38
C MET E 1226 34.32 -66.94 -3.80
N TYR E 1227 35.30 -66.80 -4.69
CA TYR E 1227 35.14 -66.90 -6.12
C TYR E 1227 35.45 -68.20 -6.83
N ASP E 1228 35.96 -69.19 -6.13
CA ASP E 1228 36.31 -70.45 -6.76
C ASP E 1228 35.11 -71.36 -6.79
N HIS E 1229 34.37 -71.33 -7.90
CA HIS E 1229 33.20 -72.15 -8.03
C HIS E 1229 33.45 -73.62 -8.24
N GLY E 1230 34.64 -73.93 -8.71
CA GLY E 1230 35.05 -75.32 -8.79
C GLY E 1230 34.85 -76.09 -7.50
N GLN E 1231 35.01 -75.43 -6.36
CA GLN E 1231 34.74 -76.01 -5.06
C GLN E 1231 33.28 -75.83 -4.67
N SER E 1232 32.97 -76.11 -3.42
CA SER E 1232 31.63 -76.04 -2.90
C SER E 1232 31.46 -74.78 -2.06
N ASP E 1233 30.25 -74.59 -1.56
CA ASP E 1233 29.92 -73.44 -0.74
C ASP E 1233 30.17 -73.79 0.71
N PRO E 1234 31.00 -73.05 1.44
CA PRO E 1234 31.26 -73.39 2.84
C PRO E 1234 30.00 -73.49 3.69
N ALA E 1235 29.13 -72.51 3.57
CA ALA E 1235 27.90 -72.50 4.36
C ALA E 1235 26.95 -73.58 3.94
N ARG E 1236 27.08 -74.08 2.72
CA ARG E 1236 26.13 -75.05 2.18
C ARG E 1236 26.92 -76.01 1.30
N PRO E 1237 27.58 -77.00 1.90
CA PRO E 1237 28.66 -77.70 1.20
C PRO E 1237 28.25 -78.44 -0.04
N PHE E 1238 26.97 -78.69 -0.27
CA PHE E 1238 26.65 -79.57 -1.38
C PHE E 1238 26.63 -78.85 -2.72
N ALA E 1239 26.47 -77.54 -2.74
CA ALA E 1239 26.29 -76.79 -3.97
C ALA E 1239 27.43 -75.81 -4.15
N ALA E 1240 27.69 -75.41 -5.40
CA ALA E 1240 28.73 -74.41 -5.62
C ALA E 1240 28.25 -73.07 -5.12
N THR E 1241 27.25 -72.53 -5.77
CA THR E 1241 26.66 -71.27 -5.43
C THR E 1241 25.19 -71.45 -5.34
N ALA E 1242 24.53 -70.60 -4.57
CA ALA E 1242 23.08 -70.65 -4.51
C ALA E 1242 22.47 -69.81 -5.57
N ASN E 1243 23.28 -69.02 -6.27
CA ASN E 1243 22.90 -68.19 -7.39
C ASN E 1243 24.18 -68.01 -8.19
N PRO E 1244 24.16 -68.19 -9.53
CA PRO E 1244 25.41 -68.15 -10.29
C PRO E 1244 25.71 -66.79 -10.85
N TRP E 1245 24.72 -65.91 -10.89
CA TRP E 1245 24.82 -64.61 -11.52
C TRP E 1245 25.41 -63.54 -10.61
N ALA E 1246 25.75 -63.90 -9.38
CA ALA E 1246 26.24 -62.94 -8.39
C ALA E 1246 27.54 -63.45 -7.78
N SER E 1247 27.46 -64.63 -7.18
CA SER E 1247 28.58 -65.20 -6.46
C SER E 1247 29.84 -65.29 -7.29
N GLN E 1248 29.73 -65.36 -8.61
CA GLN E 1248 30.90 -65.57 -9.44
C GLN E 1248 31.58 -64.26 -9.75
N ARG E 1249 32.90 -64.28 -9.76
CA ARG E 1249 33.64 -63.10 -10.14
C ARG E 1249 33.34 -62.78 -11.60
N PHE E 1250 33.19 -61.49 -11.90
CA PHE E 1250 32.84 -60.99 -13.23
C PHE E 1250 31.44 -61.39 -13.66
N SER E 1251 30.56 -61.55 -12.69
CA SER E 1251 29.20 -61.93 -12.90
C SER E 1251 28.32 -60.75 -13.04
N TYR E 1252 27.03 -60.95 -13.19
CA TYR E 1252 26.20 -59.80 -13.30
C TYR E 1252 26.24 -58.98 -12.03
N GLY E 1253 26.10 -59.58 -10.86
CA GLY E 1253 26.13 -58.78 -9.65
C GLY E 1253 27.48 -58.21 -9.35
N ASP E 1254 28.44 -59.08 -9.44
CA ASP E 1254 29.85 -58.75 -9.21
C ASP E 1254 30.29 -57.62 -10.11
N LEU E 1255 29.66 -57.44 -11.26
CA LEU E 1255 29.95 -56.28 -12.09
C LEU E 1255 29.22 -55.04 -11.59
N LEU E 1256 28.07 -55.21 -10.94
CA LEU E 1256 27.33 -54.05 -10.44
C LEU E 1256 27.88 -53.57 -9.12
N TYR E 1257 27.78 -54.42 -8.10
CA TYR E 1257 27.91 -54.00 -6.72
C TYR E 1257 29.32 -54.14 -6.17
N ASN E 1258 30.25 -54.71 -6.93
CA ASN E 1258 31.63 -54.71 -6.49
C ASN E 1258 32.18 -53.29 -6.56
N GLY E 1259 32.71 -52.81 -5.45
CA GLY E 1259 33.25 -51.47 -5.42
C GLY E 1259 34.45 -51.27 -6.30
N ALA E 1260 35.08 -52.36 -6.76
CA ALA E 1260 36.20 -52.20 -7.68
C ALA E 1260 35.76 -51.60 -9.00
N TYR E 1261 34.60 -52.02 -9.49
CA TYR E 1261 34.09 -51.53 -10.76
C TYR E 1261 33.36 -50.21 -10.63
N HIS E 1262 32.84 -49.89 -9.44
CA HIS E 1262 32.27 -48.59 -9.10
C HIS E 1262 31.35 -48.01 -10.18
N LEU E 1263 30.17 -48.58 -10.35
CA LEU E 1263 29.15 -47.91 -11.16
C LEU E 1263 28.47 -46.83 -10.34
N ASN E 1264 27.64 -47.32 -9.44
CA ASN E 1264 27.09 -46.50 -8.40
C ASN E 1264 28.38 -46.19 -7.61
N GLY E 1265 28.44 -45.06 -6.98
CA GLY E 1265 29.66 -44.66 -6.33
C GLY E 1265 30.00 -43.23 -6.69
N ALA E 1266 29.31 -42.72 -7.67
CA ALA E 1266 29.36 -41.37 -8.05
C ALA E 1266 27.99 -41.01 -7.55
N SER E 1267 27.31 -41.89 -6.79
CA SER E 1267 26.02 -41.47 -6.32
C SER E 1267 26.04 -41.40 -4.80
N PRO E 1268 25.35 -40.43 -4.21
CA PRO E 1268 25.41 -40.27 -2.75
C PRO E 1268 24.70 -41.36 -1.98
N VAL E 1269 23.85 -42.13 -2.61
CA VAL E 1269 23.00 -43.08 -1.90
C VAL E 1269 23.80 -44.31 -1.51
N LEU E 1270 23.42 -44.93 -0.41
CA LEU E 1270 24.12 -46.12 0.08
C LEU E 1270 23.77 -47.33 -0.77
N SER E 1271 24.74 -48.24 -0.88
CA SER E 1271 24.52 -49.56 -1.47
C SER E 1271 24.62 -50.61 -0.39
N PRO E 1272 23.50 -51.19 0.06
CA PRO E 1272 23.57 -52.31 0.99
C PRO E 1272 24.44 -53.46 0.53
N CYS E 1273 24.56 -53.66 -0.77
CA CYS E 1273 25.32 -54.77 -1.33
C CYS E 1273 26.79 -54.47 -1.44
N PHE E 1274 27.22 -53.23 -1.27
CA PHE E 1274 28.63 -52.98 -1.43
C PHE E 1274 29.42 -53.85 -0.48
N LYS E 1275 28.91 -53.99 0.73
CA LYS E 1275 29.57 -54.79 1.74
C LYS E 1275 29.70 -56.24 1.31
N PHE E 1276 28.63 -56.78 0.74
CA PHE E 1276 28.61 -58.15 0.29
C PHE E 1276 29.55 -58.44 -0.85
N PHE E 1277 29.64 -57.52 -1.80
CA PHE E 1277 30.49 -57.73 -2.98
C PHE E 1277 31.67 -56.81 -2.89
N THR E 1278 32.85 -57.40 -2.95
CA THR E 1278 34.13 -56.72 -2.90
C THR E 1278 35.00 -57.73 -2.23
N ALA E 1279 36.01 -58.19 -2.93
CA ALA E 1279 36.90 -59.16 -2.37
C ALA E 1279 38.04 -58.33 -1.85
N ALA E 1280 37.88 -57.03 -1.97
CA ALA E 1280 38.92 -56.12 -1.56
C ALA E 1280 38.82 -55.83 -0.07
N ASP E 1281 37.61 -55.64 0.43
CA ASP E 1281 37.42 -55.44 1.86
C ASP E 1281 37.38 -56.77 2.61
N ILE E 1282 36.71 -57.78 2.05
CA ILE E 1282 36.63 -59.07 2.73
C ILE E 1282 38.02 -59.65 2.91
N THR E 1283 38.89 -59.46 1.93
CA THR E 1283 40.26 -59.95 2.03
C THR E 1283 41.11 -59.02 2.89
N ALA E 1284 40.87 -57.71 2.82
CA ALA E 1284 41.63 -56.79 3.64
C ALA E 1284 41.44 -57.05 5.13
N LYS E 1285 40.35 -57.69 5.53
CA LYS E 1285 40.23 -58.04 6.93
C LYS E 1285 41.15 -59.21 7.25
N HIS E 1286 41.23 -59.54 8.52
CA HIS E 1286 42.00 -60.68 8.98
C HIS E 1286 41.05 -61.77 9.41
N ARG E 1287 41.61 -62.92 9.79
CA ARG E 1287 40.75 -64.05 10.12
C ARG E 1287 40.58 -64.33 11.60
N CYS E 1288 41.29 -63.66 12.51
CA CYS E 1288 41.34 -64.15 13.89
C CYS E 1288 40.15 -63.65 14.68
N LEU E 1289 39.37 -64.58 15.23
CA LEU E 1289 38.09 -64.28 15.87
C LEU E 1289 38.23 -63.57 17.20
N GLU E 1290 39.39 -63.62 17.84
CA GLU E 1290 39.64 -62.78 19.00
C GLU E 1290 39.23 -61.35 18.69
N ARG E 1291 39.87 -60.80 17.67
CA ARG E 1291 39.63 -59.48 17.15
C ARG E 1291 38.30 -59.18 16.41
N LEU E 1292 37.76 -60.11 15.63
CA LEU E 1292 36.59 -59.76 14.85
C LEU E 1292 35.37 -59.56 15.71
N ILE E 1293 35.30 -60.23 16.86
CA ILE E 1293 34.15 -60.04 17.73
C ILE E 1293 34.23 -58.71 18.46
N VAL E 1294 35.42 -58.18 18.72
CA VAL E 1294 35.46 -56.88 19.38
C VAL E 1294 35.26 -55.74 18.39
N GLU E 1295 35.88 -55.82 17.21
CA GLU E 1295 35.67 -54.75 16.24
C GLU E 1295 34.29 -54.77 15.66
N THR E 1296 33.49 -55.78 15.94
CA THR E 1296 32.09 -55.71 15.62
C THR E 1296 31.38 -54.68 16.48
N GLY E 1297 31.52 -54.79 17.80
CA GLY E 1297 30.80 -53.90 18.69
C GLY E 1297 30.97 -52.44 18.35
N SER E 1298 32.06 -52.11 17.72
CA SER E 1298 32.23 -50.75 17.34
C SER E 1298 32.71 -50.71 15.92
N ALA E 1299 31.85 -51.10 15.01
CA ALA E 1299 32.14 -51.00 13.60
C ALA E 1299 31.79 -49.58 13.14
N VAL E 1300 32.25 -49.14 11.99
CA VAL E 1300 31.87 -47.82 11.54
C VAL E 1300 30.88 -48.04 10.46
N SER E 1301 29.68 -47.53 10.61
CA SER E 1301 28.68 -47.79 9.62
C SER E 1301 28.96 -47.15 8.32
N THR E 1302 28.59 -47.85 7.27
CA THR E 1302 28.67 -47.32 5.92
C THR E 1302 27.65 -46.22 5.65
N ALA E 1303 26.74 -45.95 6.57
CA ALA E 1303 25.63 -45.04 6.33
C ALA E 1303 25.74 -43.83 7.25
N THR E 1304 24.74 -42.96 7.12
CA THR E 1304 24.47 -41.89 8.06
C THR E 1304 23.01 -41.96 8.45
N ALA E 1305 22.72 -41.74 9.71
CA ALA E 1305 21.36 -41.62 10.18
C ALA E 1305 20.86 -40.19 10.12
N ALA E 1306 21.66 -39.27 9.61
CA ALA E 1306 21.31 -37.85 9.62
C ALA E 1306 20.73 -37.36 8.31
N SER E 1307 20.62 -38.20 7.29
CA SER E 1307 20.05 -37.75 6.04
C SER E 1307 18.64 -38.28 5.89
N ASP E 1308 17.94 -37.79 4.87
CA ASP E 1308 16.55 -38.17 4.70
C ASP E 1308 16.41 -39.52 4.02
N VAL E 1309 17.23 -39.75 3.00
CA VAL E 1309 17.44 -41.06 2.42
C VAL E 1309 18.82 -41.50 2.86
N GLN E 1310 19.00 -42.80 3.06
CA GLN E 1310 20.24 -43.20 3.70
C GLN E 1310 21.39 -43.08 2.70
N PHE E 1311 22.34 -42.21 3.03
CA PHE E 1311 23.45 -41.96 2.15
C PHE E 1311 24.62 -42.86 2.48
N LYS E 1312 25.62 -42.77 1.65
CA LYS E 1312 26.92 -43.34 1.91
C LYS E 1312 27.65 -42.38 2.84
N ARG E 1313 28.30 -42.94 3.84
CA ARG E 1313 28.82 -42.11 4.92
C ARG E 1313 29.89 -41.15 4.42
N PRO E 1314 29.71 -39.84 4.57
CA PRO E 1314 30.76 -38.91 4.24
C PRO E 1314 31.85 -38.92 5.29
N PRO E 1315 32.99 -38.33 4.95
CA PRO E 1315 34.18 -38.33 5.79
C PRO E 1315 34.04 -37.76 7.20
N GLY E 1316 33.28 -36.68 7.40
CA GLY E 1316 33.16 -36.16 8.74
C GLY E 1316 32.29 -36.99 9.67
N CYS E 1317 32.87 -37.37 10.80
CA CYS E 1317 32.15 -38.15 11.80
C CYS E 1317 32.10 -39.65 11.50
N ARG E 1318 31.66 -40.40 12.47
CA ARG E 1318 31.53 -41.82 12.31
C ARG E 1318 30.38 -42.26 13.16
N GLU E 1319 29.65 -43.25 12.71
CA GLU E 1319 28.58 -43.77 13.52
C GLU E 1319 29.17 -45.09 13.94
N LEU E 1320 29.36 -45.28 15.23
CA LEU E 1320 29.92 -46.51 15.71
C LEU E 1320 28.81 -47.51 15.86
N VAL E 1321 28.35 -47.98 14.71
CA VAL E 1321 27.28 -48.94 14.63
C VAL E 1321 27.86 -50.27 15.08
N GLU E 1322 27.00 -51.21 15.39
CA GLU E 1322 27.43 -52.54 15.82
C GLU E 1322 26.71 -53.59 14.99
N ASP E 1323 27.25 -53.84 13.80
CA ASP E 1323 26.69 -54.77 12.83
C ASP E 1323 27.30 -56.15 12.80
N PRO E 1324 26.39 -57.18 12.88
CA PRO E 1324 26.98 -58.51 12.86
C PRO E 1324 27.06 -59.04 11.46
N CYS E 1325 26.67 -58.25 10.48
CA CYS E 1325 26.75 -58.78 9.13
C CYS E 1325 28.14 -58.64 8.55
N GLY E 1326 28.89 -57.62 8.95
CA GLY E 1326 30.25 -57.50 8.51
C GLY E 1326 31.17 -58.59 9.02
N LEU E 1327 30.70 -59.39 9.96
CA LEU E 1327 31.49 -60.51 10.48
C LEU E 1327 30.92 -61.82 9.97
N PHE E 1328 29.72 -62.17 10.44
CA PHE E 1328 29.09 -63.42 10.05
C PHE E 1328 28.94 -63.53 8.56
N GLN E 1329 29.00 -62.41 7.84
CA GLN E 1329 28.87 -62.43 6.39
C GLN E 1329 27.48 -62.93 6.01
N GLU E 1330 26.44 -62.28 6.50
CA GLU E 1330 25.10 -62.72 6.16
C GLU E 1330 24.09 -61.62 6.26
N ALA E 1331 22.91 -61.89 5.73
CA ALA E 1331 21.79 -60.98 5.76
C ALA E 1331 20.74 -61.85 6.35
N TYR E 1332 19.81 -61.30 7.10
CA TYR E 1332 18.77 -62.12 7.69
C TYR E 1332 17.46 -61.78 7.09
N PRO E 1333 16.64 -62.79 6.95
CA PRO E 1333 15.30 -62.63 6.39
C PRO E 1333 14.37 -61.88 7.31
N ILE E 1334 13.30 -61.37 6.71
CA ILE E 1334 12.20 -60.71 7.42
C ILE E 1334 10.93 -61.46 7.09
N THR E 1335 9.89 -61.22 7.87
CA THR E 1335 8.62 -61.83 7.53
C THR E 1335 8.11 -61.16 6.28
N CYS E 1336 7.96 -61.93 5.21
CA CYS E 1336 7.49 -61.42 3.95
C CYS E 1336 6.83 -62.56 3.22
N ALA E 1337 5.80 -62.23 2.44
CA ALA E 1337 5.11 -63.21 1.63
C ALA E 1337 4.90 -62.63 0.27
N SER E 1338 4.51 -63.47 -0.66
CA SER E 1338 4.07 -63.01 -1.96
C SER E 1338 2.56 -62.83 -2.03
N ASP E 1339 1.85 -63.04 -0.93
CA ASP E 1339 0.42 -62.79 -0.77
C ASP E 1339 0.16 -61.97 0.47
N PRO E 1340 -0.86 -61.11 0.46
CA PRO E 1340 -1.34 -60.57 1.72
C PRO E 1340 -2.01 -61.63 2.57
N ALA E 1341 -2.59 -62.65 1.94
CA ALA E 1341 -3.29 -63.68 2.71
C ALA E 1341 -2.30 -64.58 3.43
N LEU E 1342 -1.18 -64.90 2.81
CA LEU E 1342 -0.14 -65.61 3.53
C LEU E 1342 0.40 -64.73 4.64
N LEU E 1343 0.69 -63.46 4.33
CA LEU E 1343 1.18 -62.54 5.34
C LEU E 1343 0.16 -62.36 6.46
N ARG E 1344 -1.13 -62.38 6.13
CA ARG E 1344 -2.13 -62.41 7.19
C ARG E 1344 -1.95 -63.64 8.06
N SER E 1345 -1.63 -64.77 7.46
CA SER E 1345 -1.46 -66.01 8.22
C SER E 1345 -0.28 -65.89 9.17
N ALA E 1346 0.75 -65.22 8.72
CA ALA E 1346 1.98 -65.06 9.48
C ALA E 1346 1.88 -64.37 10.81
N ARG E 1347 1.09 -63.30 10.92
CA ARG E 1347 1.02 -62.59 12.19
C ARG E 1347 0.51 -63.53 13.25
N ASP E 1348 1.06 -63.38 14.44
CA ASP E 1348 0.77 -64.22 15.60
C ASP E 1348 1.81 -65.34 15.70
N GLY E 1349 2.85 -65.23 14.88
CA GLY E 1349 3.94 -66.19 14.86
C GLY E 1349 3.78 -67.40 13.96
N GLU E 1350 4.86 -68.16 13.91
CA GLU E 1350 5.13 -69.11 12.85
C GLU E 1350 4.53 -70.48 13.08
N ALA E 1351 3.74 -70.66 14.12
CA ALA E 1351 3.11 -71.95 14.35
C ALA E 1351 2.25 -72.35 13.15
N HIS E 1352 1.14 -71.65 12.95
CA HIS E 1352 0.20 -71.96 11.90
C HIS E 1352 0.44 -71.15 10.64
N ALA E 1353 1.54 -70.41 10.58
CA ALA E 1353 1.88 -69.65 9.39
C ALA E 1353 1.80 -70.53 8.15
N ARG E 1354 1.18 -70.00 7.10
CA ARG E 1354 1.15 -70.71 5.83
C ARG E 1354 2.49 -70.50 5.16
N GLU E 1355 3.26 -71.57 5.02
CA GLU E 1355 4.58 -71.42 4.42
C GLU E 1355 4.54 -71.50 2.91
N THR E 1356 3.54 -72.15 2.34
CA THR E 1356 3.38 -72.19 0.89
C THR E 1356 1.92 -72.41 0.55
N HIS E 1357 1.48 -71.78 -0.53
CA HIS E 1357 0.22 -72.11 -1.18
C HIS E 1357 0.48 -72.09 -2.67
N PHE E 1358 0.40 -73.26 -3.32
CA PHE E 1358 0.66 -73.34 -4.74
C PHE E 1358 1.94 -72.57 -5.02
N THR E 1359 1.92 -71.69 -6.00
CA THR E 1359 3.11 -70.93 -6.33
C THR E 1359 3.46 -69.79 -5.40
N GLN E 1360 2.66 -69.58 -4.36
CA GLN E 1360 2.84 -68.50 -3.41
C GLN E 1360 3.58 -69.02 -2.19
N TYR E 1361 4.46 -68.19 -1.62
CA TYR E 1361 5.29 -68.62 -0.53
C TYR E 1361 5.31 -67.57 0.57
N LEU E 1362 5.73 -67.98 1.75
CA LEU E 1362 5.92 -67.10 2.87
C LEU E 1362 7.27 -67.37 3.51
N ILE E 1363 7.94 -66.31 3.92
CA ILE E 1363 9.23 -66.42 4.60
C ILE E 1363 9.09 -65.73 5.94
N TYR E 1364 9.25 -66.50 7.00
CA TYR E 1364 9.09 -65.95 8.33
C TYR E 1364 10.44 -65.39 8.81
N ASP E 1365 10.42 -64.72 9.94
CA ASP E 1365 11.53 -63.88 10.35
C ASP E 1365 12.60 -64.71 11.05
N ALA E 1366 13.81 -64.70 10.49
CA ALA E 1366 14.99 -65.19 11.18
C ALA E 1366 15.97 -64.03 11.26
N SER E 1367 16.15 -63.48 12.45
CA SER E 1367 16.83 -62.21 12.57
C SER E 1367 16.93 -61.86 14.04
N PRO E 1368 17.97 -61.16 14.46
CA PRO E 1368 18.11 -60.85 15.89
C PRO E 1368 16.92 -60.11 16.46
N LEU E 1369 16.09 -59.57 15.59
CA LEU E 1369 14.92 -58.80 15.99
C LEU E 1369 13.68 -59.66 16.15
N LYS E 1370 13.80 -60.97 16.02
CA LYS E 1370 12.66 -61.85 16.21
C LYS E 1370 12.35 -61.95 17.70
N GLY E 1371 11.07 -61.91 18.03
CA GLY E 1371 10.66 -61.95 19.41
C GLY E 1371 10.60 -60.60 20.09
N LEU E 1372 11.17 -59.56 19.48
CA LEU E 1372 11.04 -58.23 20.02
C LEU E 1372 9.71 -57.62 19.60
N SER E 1373 9.44 -56.41 20.08
CA SER E 1373 8.12 -55.82 19.90
C SER E 1373 7.92 -55.35 18.47
N LEU E 1374 8.72 -54.38 18.04
CA LEU E 1374 8.69 -53.86 16.68
C LEU E 1374 8.68 -54.95 15.61
N ARG F 6 68.02 -44.62 4.31
CA ARG F 6 67.55 -45.07 5.61
C ARG F 6 67.45 -43.91 6.59
N ASP F 7 67.43 -44.23 7.89
CA ASP F 7 67.31 -43.21 8.91
C ASP F 7 68.53 -43.11 9.83
N PRO F 8 69.00 -41.83 10.05
CA PRO F 8 70.15 -41.75 10.96
C PRO F 8 69.68 -41.16 12.28
N PRO F 9 70.14 -41.76 13.44
CA PRO F 9 69.61 -41.15 14.68
C PRO F 9 70.00 -39.68 14.88
N GLY F 10 69.05 -38.90 15.34
CA GLY F 10 69.22 -37.48 15.55
C GLY F 10 70.18 -37.03 16.61
N TYR F 11 70.77 -35.86 16.39
CA TYR F 11 71.71 -35.27 17.31
C TYR F 11 71.13 -35.23 18.69
N ARG F 12 71.99 -35.37 19.68
CA ARG F 12 71.58 -35.38 21.07
C ARG F 12 71.92 -34.04 21.71
N TYR F 13 70.91 -33.20 21.84
CA TYR F 13 71.10 -31.92 22.45
C TYR F 13 70.98 -32.29 23.90
N ALA F 14 71.65 -31.55 24.76
CA ALA F 14 71.65 -31.77 26.19
C ALA F 14 72.72 -32.76 26.56
N ALA F 15 73.28 -33.43 25.57
CA ALA F 15 74.37 -34.36 25.82
C ALA F 15 75.55 -33.48 25.46
N ALA F 16 75.24 -32.47 24.67
CA ALA F 16 76.16 -31.43 24.25
C ALA F 16 76.22 -30.30 25.25
N MET F 17 75.42 -30.37 26.31
CA MET F 17 75.55 -29.43 27.40
C MET F 17 76.55 -29.89 28.42
N VAL F 18 77.28 -30.97 28.15
CA VAL F 18 78.53 -31.30 28.83
C VAL F 18 79.48 -31.83 27.76
N PRO F 19 80.07 -30.96 26.94
CA PRO F 19 81.06 -31.45 25.98
C PRO F 19 82.22 -32.13 26.66
N THR F 20 82.56 -33.31 26.15
CA THR F 20 83.71 -34.04 26.66
C THR F 20 85.02 -33.45 26.15
N GLY F 21 84.97 -32.60 25.14
CA GLY F 21 86.19 -32.06 24.57
C GLY F 21 85.86 -30.87 23.69
N SER F 22 86.88 -30.38 23.00
CA SER F 22 86.75 -29.17 22.21
C SER F 22 87.37 -29.39 20.84
N ILE F 23 86.54 -29.26 19.79
CA ILE F 23 87.04 -29.33 18.44
C ILE F 23 88.07 -28.24 18.25
N LEU F 24 89.20 -28.59 17.65
CA LEU F 24 90.33 -27.70 17.57
C LEU F 24 90.40 -26.95 16.25
N SER F 25 89.44 -27.16 15.34
CA SER F 25 89.47 -26.45 14.08
C SER F 25 88.43 -25.34 14.05
N THR F 26 88.51 -24.52 13.01
CA THR F 26 87.42 -23.66 12.57
C THR F 26 87.41 -23.72 11.07
N ILE F 27 86.40 -24.35 10.51
CA ILE F 27 86.28 -24.42 9.07
C ILE F 27 84.84 -24.63 8.75
N GLU F 28 84.43 -24.28 7.54
CA GLU F 28 83.04 -24.49 7.19
C GLU F 28 82.91 -25.96 7.11
N VAL F 29 81.85 -26.54 7.65
CA VAL F 29 81.69 -27.97 7.55
C VAL F 29 80.72 -28.64 6.63
N ALA F 30 79.81 -27.95 5.97
CA ALA F 30 78.81 -28.66 5.17
C ALA F 30 79.29 -29.63 4.08
N SER F 31 80.29 -29.22 3.31
CA SER F 31 80.89 -29.97 2.25
C SER F 31 81.16 -31.31 2.87
N HIS F 32 81.65 -31.30 4.10
CA HIS F 32 81.69 -32.57 4.80
C HIS F 32 80.30 -32.97 5.21
N ARG F 33 79.32 -32.29 4.62
CA ARG F 33 77.89 -32.55 4.75
C ARG F 33 77.62 -34.03 4.83
N ARG F 34 78.37 -34.80 4.05
CA ARG F 34 78.28 -36.24 4.14
C ARG F 34 79.33 -36.90 5.03
N LEU F 35 80.38 -36.21 5.44
CA LEU F 35 81.43 -36.90 6.19
C LEU F 35 80.89 -37.50 7.48
N PHE F 36 79.70 -37.11 7.90
CA PHE F 36 79.15 -37.47 9.18
C PHE F 36 77.88 -38.27 8.97
N ASP F 37 77.53 -39.09 9.97
CA ASP F 37 76.31 -39.86 9.89
C ASP F 37 75.10 -38.95 9.85
N PHE F 38 74.91 -38.16 10.88
CA PHE F 38 73.88 -37.14 10.89
C PHE F 38 74.51 -35.80 10.52
N PHE F 39 73.67 -34.83 10.22
CA PHE F 39 74.17 -33.48 10.02
C PHE F 39 73.01 -32.51 10.07
N ALA F 40 73.32 -31.27 10.44
CA ALA F 40 72.32 -30.22 10.41
C ALA F 40 73.03 -28.89 10.29
N ARG F 41 72.42 -27.95 9.59
CA ARG F 41 72.81 -26.56 9.64
C ARG F 41 71.63 -25.73 10.10
N VAL F 42 71.90 -24.81 11.00
CA VAL F 42 70.86 -23.99 11.59
C VAL F 42 71.36 -22.56 11.53
N ARG F 43 70.67 -21.71 10.77
CA ARG F 43 71.13 -20.35 10.56
C ARG F 43 70.94 -19.45 11.76
N SER F 44 70.16 -19.92 12.71
CA SER F 44 69.89 -19.24 13.96
C SER F 44 68.91 -20.17 14.67
N ASP F 45 68.58 -19.93 15.92
CA ASP F 45 67.67 -20.90 16.50
C ASP F 45 66.57 -21.30 15.54
N GLU F 46 66.27 -22.59 15.58
CA GLU F 46 65.25 -23.27 14.78
C GLU F 46 64.34 -23.97 15.75
N ASN F 47 63.15 -24.33 15.32
CA ASN F 47 62.24 -25.00 16.22
C ASN F 47 62.75 -26.32 16.77
N SER F 48 63.51 -27.09 16.00
CA SER F 48 64.00 -28.36 16.47
C SER F 48 65.05 -28.44 17.59
N LEU F 49 65.72 -27.36 17.96
CA LEU F 49 66.66 -27.45 19.05
C LEU F 49 65.97 -27.69 20.37
N TYR F 50 64.67 -27.38 20.44
CA TYR F 50 63.89 -27.50 21.65
C TYR F 50 63.04 -28.74 21.71
N ASP F 51 63.07 -29.57 20.68
CA ASP F 51 62.28 -30.78 20.71
C ASP F 51 62.85 -31.71 21.77
N VAL F 52 62.02 -32.09 22.73
CA VAL F 52 62.33 -33.14 23.68
C VAL F 52 61.19 -34.13 23.64
N GLU F 53 61.51 -35.39 23.40
CA GLU F 53 60.53 -36.45 23.36
C GLU F 53 61.18 -37.68 23.96
N PHE F 54 60.45 -38.37 24.83
CA PHE F 54 60.98 -39.58 25.43
C PHE F 54 60.01 -40.73 25.18
N ASP F 55 60.53 -41.94 25.29
CA ASP F 55 59.74 -43.17 25.24
C ASP F 55 59.69 -43.72 26.64
N ALA F 56 58.51 -43.73 27.24
CA ALA F 56 58.36 -44.17 28.62
C ALA F 56 57.96 -45.63 28.68
N LEU F 57 58.50 -46.35 29.65
CA LEU F 57 58.02 -47.67 30.01
C LEU F 57 57.25 -47.50 31.31
N LEU F 58 55.94 -47.69 31.26
CA LEU F 58 55.07 -47.32 32.35
C LEU F 58 54.66 -48.48 33.25
N GLY F 59 55.15 -49.68 33.02
CA GLY F 59 54.84 -50.76 33.95
C GLY F 59 55.42 -52.07 33.48
N SER F 60 55.53 -52.99 34.44
CA SER F 60 55.90 -54.37 34.17
C SER F 60 55.09 -55.27 35.09
N TYR F 61 54.42 -56.27 34.52
CA TYR F 61 53.51 -57.11 35.27
C TYR F 61 53.82 -58.57 35.02
N CYS F 62 54.24 -59.27 36.05
CA CYS F 62 54.44 -60.70 36.01
C CYS F 62 53.19 -61.34 36.61
N ASN F 63 53.23 -62.64 36.83
CA ASN F 63 52.20 -63.28 37.64
C ASN F 63 52.84 -64.34 38.52
N THR F 64 52.08 -64.79 39.50
CA THR F 64 52.51 -65.87 40.38
C THR F 64 51.90 -67.16 39.90
N LEU F 65 52.74 -68.08 39.45
CA LEU F 65 52.26 -69.39 39.04
C LEU F 65 51.79 -70.16 40.27
N SER F 66 50.54 -70.62 40.23
CA SER F 66 49.98 -71.32 41.36
C SER F 66 50.41 -72.77 41.36
N LEU F 67 50.79 -73.27 42.52
CA LEU F 67 51.25 -74.64 42.68
C LEU F 67 50.18 -75.39 43.49
N VAL F 68 49.50 -76.32 42.84
CA VAL F 68 48.44 -77.07 43.46
C VAL F 68 49.01 -78.34 44.05
N ARG F 69 48.56 -78.74 45.22
CA ARG F 69 49.18 -79.88 45.84
C ARG F 69 48.55 -81.23 45.69
N PHE F 70 47.31 -81.27 45.24
CA PHE F 70 46.52 -82.50 45.08
C PHE F 70 45.93 -83.08 46.38
N LEU F 71 46.76 -83.33 47.37
CA LEU F 71 46.27 -83.84 48.62
C LEU F 71 45.23 -82.86 49.14
N GLU F 72 45.47 -81.57 48.96
CA GLU F 72 44.48 -80.57 49.36
C GLU F 72 43.58 -80.37 48.14
N LEU F 73 42.42 -81.02 48.18
CA LEU F 73 41.54 -81.16 47.03
C LEU F 73 40.41 -82.12 47.38
N GLY F 74 39.34 -82.12 46.60
CA GLY F 74 38.26 -83.04 46.84
C GLY F 74 38.55 -84.41 46.29
N LEU F 75 39.24 -84.47 45.16
CA LEU F 75 39.46 -85.74 44.48
C LEU F 75 40.45 -86.64 45.21
N SER F 76 41.32 -86.08 46.05
CA SER F 76 42.25 -86.92 46.78
C SER F 76 41.56 -87.88 47.73
N VAL F 77 40.26 -87.73 47.97
CA VAL F 77 39.56 -88.70 48.80
C VAL F 77 39.38 -90.00 48.06
N ALA F 78 39.35 -89.97 46.73
CA ALA F 78 38.97 -91.10 45.91
C ALA F 78 40.11 -92.08 45.69
N CYS F 79 41.26 -91.85 46.27
CA CYS F 79 42.38 -92.78 46.12
C CYS F 79 43.02 -93.04 47.48
N VAL F 80 43.99 -93.93 47.48
CA VAL F 80 44.87 -94.19 48.61
C VAL F 80 46.28 -94.11 48.06
N CYS F 81 47.01 -93.08 48.43
CA CYS F 81 48.33 -92.82 47.86
C CYS F 81 49.40 -93.22 48.86
N THR F 82 50.37 -93.99 48.39
CA THR F 82 51.55 -94.32 49.17
C THR F 82 52.77 -94.17 48.29
N LYS F 83 53.80 -93.55 48.81
CA LYS F 83 55.06 -93.47 48.07
C LYS F 83 55.79 -94.78 48.24
N PHE F 84 55.99 -95.47 47.12
CA PHE F 84 56.74 -96.70 47.10
C PHE F 84 57.83 -96.25 46.17
N PRO F 85 59.11 -96.13 46.68
CA PRO F 85 60.10 -95.63 45.71
C PRO F 85 60.88 -96.71 44.97
N GLU F 86 60.62 -97.96 45.26
CA GLU F 86 61.31 -99.06 44.61
C GLU F 86 60.42 -99.59 43.52
N LEU F 87 59.35 -98.88 43.23
CA LEU F 87 58.44 -99.36 42.20
C LEU F 87 59.15 -99.61 40.88
N ALA F 88 60.30 -98.96 40.65
CA ALA F 88 61.06 -99.24 39.46
C ALA F 88 61.61 -100.66 39.48
N TYR F 89 62.18 -101.07 40.62
CA TYR F 89 62.71 -102.42 40.75
C TYR F 89 61.62 -103.45 40.99
N MET F 90 60.38 -103.04 41.16
CA MET F 90 59.33 -104.00 41.39
C MET F 90 59.01 -104.71 40.09
N ASN F 91 58.15 -105.72 40.17
CA ASN F 91 57.77 -106.48 39.00
C ASN F 91 56.25 -106.61 38.96
N GLU F 92 55.68 -107.29 39.96
CA GLU F 92 54.26 -107.55 40.02
C GLU F 92 53.78 -107.36 41.46
N GLY F 93 52.72 -106.62 41.58
CA GLY F 93 52.18 -106.38 42.85
C GLY F 93 50.78 -106.84 42.71
N ARG F 94 50.35 -107.61 43.68
CA ARG F 94 49.00 -108.09 43.72
C ARG F 94 48.39 -107.63 44.98
N VAL F 95 47.09 -107.53 44.99
CA VAL F 95 46.40 -107.21 46.20
C VAL F 95 45.49 -108.40 46.41
N GLN F 96 45.41 -108.96 47.60
CA GLN F 96 44.59 -110.12 47.82
C GLN F 96 43.31 -109.78 48.48
N PHE F 97 42.22 -110.26 47.94
CA PHE F 97 40.93 -109.98 48.50
C PHE F 97 40.18 -111.18 48.98
N GLU F 98 40.20 -111.48 50.25
CA GLU F 98 39.29 -112.56 50.64
C GLU F 98 37.92 -111.98 50.94
N VAL F 99 36.87 -112.71 50.57
CA VAL F 99 35.50 -112.25 50.81
C VAL F 99 34.62 -113.46 51.08
N HIS F 100 33.72 -113.31 52.04
CA HIS F 100 32.97 -114.41 52.64
C HIS F 100 31.50 -114.11 52.56
N GLN F 101 30.70 -115.10 52.17
CA GLN F 101 29.34 -114.74 51.88
C GLN F 101 28.37 -115.38 52.85
N PRO F 102 27.30 -114.68 53.18
CA PRO F 102 26.29 -115.24 54.08
C PRO F 102 25.43 -116.26 53.36
N LEU F 103 24.69 -117.04 54.14
CA LEU F 103 23.76 -117.98 53.55
C LEU F 103 22.49 -118.02 54.39
N ILE F 104 21.39 -118.34 53.74
CA ILE F 104 20.09 -118.48 54.39
C ILE F 104 19.78 -119.96 54.49
N ALA F 105 19.43 -120.42 55.68
CA ALA F 105 18.94 -121.78 55.84
C ALA F 105 17.51 -121.84 55.34
N ARG F 106 17.19 -122.92 54.63
CA ARG F 106 15.95 -122.97 53.87
C ARG F 106 15.25 -124.30 54.12
N ASP F 107 13.93 -124.25 54.10
CA ASP F 107 13.09 -125.36 54.54
C ASP F 107 12.42 -126.00 53.34
N GLY F 108 12.75 -127.26 53.07
CA GLY F 108 12.03 -128.04 52.11
C GLY F 108 12.98 -128.98 51.40
N PRO F 109 12.48 -129.69 50.38
CA PRO F 109 13.39 -130.34 49.44
C PRO F 109 14.19 -129.27 48.73
N HIS F 110 15.49 -129.41 48.77
CA HIS F 110 16.44 -128.38 48.37
C HIS F 110 17.84 -128.95 48.45
N PRO F 111 18.71 -128.52 47.58
CA PRO F 111 20.14 -128.83 47.76
C PRO F 111 20.74 -127.96 48.85
N VAL F 112 20.66 -128.41 50.11
CA VAL F 112 21.15 -127.63 51.25
C VAL F 112 22.56 -127.15 50.97
N GLU F 113 22.77 -125.85 51.11
CA GLU F 113 23.97 -125.20 50.65
C GLU F 113 24.84 -124.77 51.84
N GLN F 114 26.14 -124.95 51.69
CA GLN F 114 27.08 -124.63 52.75
C GLN F 114 27.73 -123.28 52.41
N PRO F 115 28.57 -122.73 53.29
CA PRO F 115 29.11 -121.39 53.04
C PRO F 115 30.13 -121.40 51.92
N VAL F 116 30.28 -120.25 51.27
CA VAL F 116 31.24 -120.09 50.18
C VAL F 116 32.25 -119.04 50.55
N HIS F 117 33.45 -119.19 50.01
CA HIS F 117 34.57 -118.31 50.28
C HIS F 117 35.27 -118.09 48.95
N ASN F 118 35.56 -116.83 48.62
CA ASN F 118 35.93 -116.50 47.25
C ASN F 118 37.42 -116.54 46.98
N TYR F 119 38.21 -115.71 47.68
CA TYR F 119 39.67 -115.77 47.61
C TYR F 119 40.20 -115.43 46.21
N MET F 120 40.12 -114.15 45.86
CA MET F 120 40.64 -113.67 44.59
C MET F 120 41.97 -112.96 44.81
N THR F 121 42.53 -112.37 43.73
CA THR F 121 43.67 -111.45 43.79
C THR F 121 43.56 -110.47 42.62
N LYS F 122 44.33 -109.40 42.69
CA LYS F 122 44.44 -108.43 41.60
C LYS F 122 45.92 -108.18 41.29
N VAL F 123 46.17 -107.28 40.35
CA VAL F 123 47.53 -106.97 39.90
C VAL F 123 47.60 -105.48 39.61
N ILE F 124 48.74 -104.87 39.90
CA ILE F 124 48.94 -103.43 39.78
C ILE F 124 48.96 -103.10 38.29
N ASP F 125 48.97 -101.81 37.95
CA ASP F 125 49.04 -101.37 36.57
C ASP F 125 50.08 -100.26 36.48
N ARG F 126 51.10 -100.46 35.66
CA ARG F 126 52.23 -99.54 35.62
C ARG F 126 51.97 -98.41 34.64
N ARG F 127 52.25 -97.18 35.09
CA ARG F 127 52.19 -96.01 34.22
C ARG F 127 53.29 -95.06 34.64
N ALA F 128 53.70 -94.20 33.71
CA ALA F 128 54.79 -93.27 33.98
C ALA F 128 54.45 -91.90 33.41
N LEU F 129 54.38 -90.89 34.26
CA LEU F 129 54.19 -89.52 33.80
C LEU F 129 55.48 -88.95 33.25
N ASN F 130 55.36 -88.03 32.29
CA ASN F 130 56.53 -87.45 31.64
C ASN F 130 56.35 -85.96 31.45
N ALA F 131 57.33 -85.19 31.90
CA ALA F 131 57.43 -83.77 31.62
C ALA F 131 58.87 -83.44 31.28
N ALA F 132 59.10 -82.26 30.72
CA ALA F 132 60.45 -81.88 30.34
C ALA F 132 60.64 -80.38 30.53
N PHE F 133 61.85 -79.92 30.30
CA PHE F 133 62.15 -78.51 30.11
C PHE F 133 63.51 -78.45 29.43
N SER F 134 63.94 -77.23 29.10
CA SER F 134 65.09 -77.05 28.24
C SER F 134 65.93 -75.90 28.75
N LEU F 135 67.20 -75.96 28.39
CA LEU F 135 68.12 -74.91 28.70
C LEU F 135 68.64 -74.50 27.38
N ALA F 136 68.64 -73.20 27.12
CA ALA F 136 69.16 -72.67 25.88
C ALA F 136 70.65 -72.72 25.91
N THR F 137 71.28 -72.68 24.77
CA THR F 137 72.72 -72.72 24.77
C THR F 137 73.36 -71.54 25.49
N GLU F 138 72.80 -70.35 25.38
CA GLU F 138 73.38 -69.25 26.09
C GLU F 138 73.33 -69.44 27.60
N ALA F 139 72.21 -69.84 28.20
CA ALA F 139 72.24 -70.06 29.65
C ALA F 139 73.28 -71.11 30.06
N ILE F 140 73.32 -72.24 29.35
CA ILE F 140 74.30 -73.27 29.70
C ILE F 140 75.70 -72.68 29.70
N ALA F 141 75.97 -71.76 28.79
CA ALA F 141 77.24 -71.07 28.79
C ALA F 141 77.32 -70.00 29.86
N LEU F 142 76.19 -69.50 30.34
CA LEU F 142 76.21 -68.58 31.47
C LEU F 142 76.30 -69.35 32.79
N LEU F 143 75.54 -70.42 32.91
CA LEU F 143 75.63 -71.27 34.09
C LEU F 143 76.95 -72.01 34.09
N THR F 144 77.46 -72.30 35.28
CA THR F 144 78.78 -72.87 35.46
C THR F 144 79.81 -72.07 34.67
N GLY F 145 79.94 -70.80 35.04
CA GLY F 145 80.92 -69.91 34.43
C GLY F 145 80.87 -69.95 32.93
N GLU F 146 82.04 -70.07 32.33
CA GLU F 146 82.14 -70.23 30.89
C GLU F 146 81.96 -68.95 30.17
N ALA F 147 80.88 -68.25 30.42
CA ALA F 147 80.74 -66.97 29.71
C ALA F 147 80.63 -65.97 30.85
N LEU F 148 81.75 -65.37 31.20
CA LEU F 148 81.79 -64.23 32.09
C LEU F 148 82.94 -63.36 31.60
N ASP F 149 82.65 -62.09 31.38
CA ASP F 149 83.69 -61.15 30.99
C ASP F 149 84.19 -60.35 32.18
N GLY F 150 83.68 -60.61 33.37
CA GLY F 150 83.99 -59.80 34.53
C GLY F 150 83.29 -58.46 34.55
N THR F 151 82.59 -58.10 33.48
CA THR F 151 81.88 -56.84 33.45
C THR F 151 80.53 -56.99 34.14
N GLY F 152 79.85 -55.86 34.34
CA GLY F 152 78.57 -55.91 35.03
C GLY F 152 77.49 -56.54 34.22
N ILE F 153 77.69 -56.62 32.90
CA ILE F 153 76.69 -57.17 32.01
C ILE F 153 76.64 -58.68 32.11
N SER F 154 77.81 -59.32 31.99
CA SER F 154 77.86 -60.78 32.01
C SER F 154 77.27 -61.33 33.29
N LEU F 155 77.53 -60.66 34.42
CA LEU F 155 76.86 -61.04 35.65
C LEU F 155 75.36 -61.02 35.48
N HIS F 156 74.81 -59.86 35.11
CA HIS F 156 73.37 -59.72 35.02
C HIS F 156 72.76 -60.77 34.13
N ARG F 157 73.43 -61.14 33.04
CA ARG F 157 72.95 -62.22 32.20
C ARG F 157 72.86 -63.52 32.99
N GLN F 158 73.90 -63.83 33.76
CA GLN F 158 73.90 -65.06 34.55
C GLN F 158 72.78 -65.02 35.58
N LEU F 159 72.70 -63.92 36.35
CA LEU F 159 71.57 -63.75 37.26
C LEU F 159 70.25 -63.92 36.54
N ARG F 160 70.17 -63.46 35.30
CA ARG F 160 68.98 -63.70 34.50
C ARG F 160 68.90 -65.15 34.06
N ALA F 161 70.04 -65.83 33.93
CA ALA F 161 70.03 -67.22 33.49
C ALA F 161 69.62 -68.16 34.60
N ILE F 162 70.04 -67.88 35.83
CA ILE F 162 69.69 -68.73 36.95
C ILE F 162 68.20 -68.72 37.18
N GLN F 163 67.56 -67.56 37.03
CA GLN F 163 66.16 -67.46 37.40
C GLN F 163 65.23 -68.10 36.38
N GLN F 164 65.46 -67.92 35.09
CA GLN F 164 64.60 -68.62 34.13
C GLN F 164 64.75 -70.12 34.22
N LEU F 165 65.82 -70.61 34.85
CA LEU F 165 65.91 -72.03 35.17
C LEU F 165 64.98 -72.38 36.32
N ALA F 166 65.19 -71.73 37.48
CA ALA F 166 64.32 -71.94 38.63
C ALA F 166 62.85 -71.87 38.24
N ARG F 167 62.49 -70.94 37.36
CA ARG F 167 61.14 -70.89 36.83
C ARG F 167 60.72 -72.25 36.27
N ASN F 168 61.56 -72.82 35.42
CA ASN F 168 61.19 -74.06 34.75
C ASN F 168 61.12 -75.22 35.73
N VAL F 169 62.04 -75.27 36.70
CA VAL F 169 62.01 -76.38 37.65
C VAL F 169 60.77 -76.32 38.51
N GLN F 170 60.37 -75.12 38.94
CA GLN F 170 59.12 -75.01 39.68
C GLN F 170 57.93 -75.36 38.81
N ALA F 171 58.04 -75.15 37.51
CA ALA F 171 56.93 -75.46 36.62
C ALA F 171 56.77 -76.96 36.43
N VAL F 172 57.88 -77.68 36.21
CA VAL F 172 57.77 -79.10 35.91
C VAL F 172 57.52 -79.90 37.17
N LEU F 173 57.88 -79.38 38.34
CA LEU F 173 57.53 -80.08 39.57
C LEU F 173 56.07 -79.88 39.92
N GLY F 174 55.48 -78.75 39.52
CA GLY F 174 54.05 -78.61 39.66
C GLY F 174 53.27 -79.51 38.73
N ALA F 175 53.92 -80.03 37.69
CA ALA F 175 53.26 -80.93 36.77
C ALA F 175 52.86 -82.23 37.46
N PHE F 176 53.82 -82.90 38.09
CA PHE F 176 53.52 -84.19 38.70
C PHE F 176 52.54 -84.08 39.85
N GLU F 177 52.29 -82.87 40.35
CA GLU F 177 51.16 -82.69 41.25
C GLU F 177 49.85 -82.59 40.47
N ARG F 178 49.90 -81.97 39.29
CA ARG F 178 48.73 -81.96 38.42
C ARG F 178 48.62 -83.22 37.60
N GLY F 179 49.74 -83.82 37.24
CA GLY F 179 49.70 -85.08 36.55
C GLY F 179 48.96 -86.13 37.36
N THR F 180 49.11 -86.09 38.67
CA THR F 180 48.34 -87.01 39.51
C THR F 180 46.86 -86.76 39.35
N ALA F 181 46.40 -85.53 39.60
CA ALA F 181 45.01 -85.16 39.42
C ALA F 181 44.47 -85.64 38.08
N ASP F 182 45.07 -85.17 37.00
CA ASP F 182 44.61 -85.56 35.66
C ASP F 182 44.65 -87.06 35.49
N GLN F 183 45.69 -87.72 35.98
CA GLN F 183 45.73 -89.16 35.82
C GLN F 183 44.80 -89.86 36.78
N MET F 184 44.46 -89.24 37.90
CA MET F 184 43.38 -89.75 38.72
C MET F 184 42.13 -89.95 37.88
N LEU F 185 41.67 -88.90 37.21
CA LEU F 185 40.46 -89.03 36.41
C LEU F 185 40.57 -90.20 35.45
N HIS F 186 41.59 -90.20 34.61
CA HIS F 186 41.70 -91.22 33.57
C HIS F 186 41.59 -92.63 34.12
N VAL F 187 42.02 -92.88 35.36
CA VAL F 187 41.81 -94.22 35.87
C VAL F 187 40.41 -94.40 36.42
N LEU F 188 39.77 -93.32 36.86
CA LEU F 188 38.37 -93.38 37.25
C LEU F 188 37.43 -93.40 36.07
N LEU F 189 37.83 -92.83 34.92
CA LEU F 189 37.00 -92.93 33.74
C LEU F 189 37.16 -94.25 33.00
N GLU F 190 38.24 -94.98 33.21
CA GLU F 190 38.41 -96.27 32.55
C GLU F 190 37.42 -97.29 33.08
N LYS F 191 37.29 -97.37 34.40
CA LYS F 191 36.16 -98.01 35.05
C LYS F 191 35.02 -97.00 35.04
N ALA F 192 34.02 -97.18 35.89
CA ALA F 192 32.87 -96.27 35.91
C ALA F 192 32.04 -96.33 34.64
N PRO F 193 31.23 -97.36 34.47
CA PRO F 193 30.37 -97.45 33.32
C PRO F 193 29.34 -96.34 33.35
N PRO F 194 28.69 -96.07 32.21
CA PRO F 194 27.60 -95.09 32.20
C PRO F 194 26.52 -95.45 33.19
N LEU F 195 25.88 -94.42 33.75
CA LEU F 195 24.79 -94.70 34.69
C LEU F 195 23.61 -95.31 33.97
N ALA F 196 23.29 -94.81 32.77
CA ALA F 196 22.19 -95.36 32.00
C ALA F 196 22.32 -96.86 31.85
N LEU F 197 23.54 -97.35 31.66
CA LEU F 197 23.77 -98.78 31.59
C LEU F 197 23.90 -99.43 32.97
N LEU F 198 24.46 -98.72 33.95
CA LEU F 198 24.79 -99.37 35.21
C LEU F 198 23.54 -99.71 36.02
N LEU F 199 22.71 -98.73 36.32
CA LEU F 199 21.61 -98.98 37.23
C LEU F 199 20.62 -100.02 36.74
N PRO F 200 20.34 -100.18 35.44
CA PRO F 200 19.58 -101.36 35.01
C PRO F 200 20.32 -102.65 35.28
N MET F 201 21.63 -102.67 35.05
CA MET F 201 22.43 -103.84 35.38
C MET F 201 22.25 -104.23 36.83
N GLN F 202 22.43 -103.27 37.74
CA GLN F 202 22.48 -103.57 39.17
C GLN F 202 21.29 -104.39 39.64
N ARG F 203 20.09 -104.05 39.17
CA ARG F 203 18.95 -104.79 39.69
C ARG F 203 18.94 -106.23 39.23
N TYR F 204 19.78 -106.60 38.28
CA TYR F 204 19.97 -107.99 37.89
C TYR F 204 21.20 -108.62 38.52
N LEU F 205 21.99 -107.86 39.29
CA LEU F 205 23.16 -108.46 39.94
C LEU F 205 22.78 -109.19 41.21
N ASP F 206 21.85 -108.66 41.99
CA ASP F 206 21.30 -109.40 43.11
C ASP F 206 19.84 -109.70 42.83
N ASN F 207 19.55 -110.94 42.45
CA ASN F 207 18.20 -111.44 42.60
C ASN F 207 18.27 -112.84 43.18
N GLY F 208 18.82 -113.77 42.42
CA GLY F 208 18.97 -115.15 42.84
C GLY F 208 19.98 -115.84 41.95
N THR F 212 18.57 -118.64 33.12
CA THR F 212 18.80 -117.21 33.24
C THR F 212 19.23 -116.61 31.91
N ARG F 213 18.96 -117.33 30.82
CA ARG F 213 19.15 -116.73 29.52
C ARG F 213 18.02 -115.77 29.17
N VAL F 214 16.86 -115.97 29.76
CA VAL F 214 15.74 -115.05 29.56
C VAL F 214 15.92 -113.81 30.40
N ALA F 215 16.50 -113.95 31.58
CA ALA F 215 16.81 -112.78 32.41
C ALA F 215 17.84 -111.91 31.72
N ARG F 216 18.82 -112.54 31.06
CA ARG F 216 19.78 -111.78 30.28
C ARG F 216 19.10 -110.99 29.17
N ALA F 217 18.14 -111.61 28.49
CA ALA F 217 17.46 -110.96 27.39
C ALA F 217 16.70 -109.73 27.88
N THR F 218 15.93 -109.88 28.95
CA THR F 218 15.18 -108.76 29.47
C THR F 218 16.09 -107.70 30.06
N LEU F 219 17.23 -108.08 30.62
CA LEU F 219 18.24 -107.10 30.99
C LEU F 219 18.61 -106.27 29.78
N VAL F 220 19.19 -106.93 28.78
CA VAL F 220 19.65 -106.26 27.57
C VAL F 220 18.55 -105.38 27.01
N ALA F 221 17.35 -105.92 26.85
CA ALA F 221 16.26 -105.16 26.28
C ALA F 221 16.01 -103.89 27.07
N GLU F 222 15.95 -104.02 28.39
CA GLU F 222 15.79 -102.87 29.27
C GLU F 222 17.09 -102.10 29.42
N LEU F 223 18.21 -102.72 29.08
CA LEU F 223 19.49 -102.04 29.16
C LEU F 223 19.60 -100.99 28.06
N LYS F 224 19.12 -101.29 26.87
CA LYS F 224 19.21 -100.35 25.76
C LYS F 224 18.05 -99.38 25.70
N ARG F 225 16.97 -99.64 26.43
CA ARG F 225 15.91 -98.64 26.52
C ARG F 225 16.34 -97.50 27.42
N SER F 226 16.93 -97.83 28.57
CA SER F 226 17.29 -96.81 29.54
C SER F 226 18.45 -95.96 29.08
N PHE F 227 19.34 -96.51 28.26
CA PHE F 227 20.41 -95.69 27.74
C PHE F 227 19.87 -94.65 26.76
N CYS F 228 18.99 -95.06 25.86
CA CYS F 228 18.36 -94.10 24.96
C CYS F 228 17.61 -93.03 25.75
N ASP F 229 16.76 -93.45 26.68
CA ASP F 229 16.01 -92.55 27.53
C ASP F 229 16.85 -91.66 28.43
N THR F 230 17.54 -92.25 29.40
CA THR F 230 18.07 -91.50 30.53
C THR F 230 19.49 -91.00 30.34
N SER F 231 20.10 -91.18 29.18
CA SER F 231 21.36 -90.49 28.94
C SER F 231 21.05 -89.05 28.57
N PHE F 232 21.95 -88.15 28.98
CA PHE F 232 21.77 -86.71 28.84
C PHE F 232 20.62 -86.20 29.68
N PHE F 233 20.33 -86.90 30.78
CA PHE F 233 19.18 -86.62 31.61
C PHE F 233 19.11 -85.15 31.98
N LEU F 234 20.08 -84.65 32.74
CA LEU F 234 20.15 -83.22 32.96
C LEU F 234 20.36 -82.52 31.63
N GLY F 235 19.49 -81.57 31.34
CA GLY F 235 19.43 -80.98 30.03
C GLY F 235 18.39 -81.61 29.12
N LYS F 236 17.99 -82.83 29.42
CA LYS F 236 16.79 -83.45 28.85
C LYS F 236 15.60 -83.25 29.77
N ALA F 237 15.69 -83.78 30.99
CA ALA F 237 14.71 -83.57 32.03
C ALA F 237 15.06 -82.42 32.96
N GLY F 238 16.08 -81.64 32.64
CA GLY F 238 16.63 -80.64 33.55
C GLY F 238 15.67 -79.54 33.93
N HIS F 239 14.49 -79.48 33.34
CA HIS F 239 13.55 -78.41 33.66
C HIS F 239 12.64 -78.73 34.84
N ARG F 240 12.64 -79.97 35.32
CA ARG F 240 11.79 -80.36 36.44
C ARG F 240 12.65 -80.89 37.57
N ARG F 241 12.60 -80.21 38.71
CA ARG F 241 13.61 -80.39 39.73
C ARG F 241 13.36 -81.58 40.64
N GLU F 242 12.26 -82.29 40.46
CA GLU F 242 12.04 -83.51 41.23
C GLU F 242 12.82 -84.66 40.63
N ALA F 243 12.55 -84.97 39.36
CA ALA F 243 13.28 -85.99 38.64
C ALA F 243 14.79 -85.83 38.73
N ILE F 244 15.29 -84.59 38.80
CA ILE F 244 16.72 -84.38 38.86
C ILE F 244 17.26 -84.86 40.20
N GLU F 245 16.62 -84.44 41.29
CA GLU F 245 17.03 -84.88 42.61
C GLU F 245 17.06 -86.39 42.69
N ALA F 246 15.99 -87.03 42.26
CA ALA F 246 15.93 -88.49 42.31
C ALA F 246 17.00 -89.11 41.43
N TRP F 247 17.28 -88.49 40.29
CA TRP F 247 18.33 -89.01 39.42
C TRP F 247 19.70 -88.75 40.00
N LEU F 248 19.83 -87.71 40.81
CA LEU F 248 21.12 -87.37 41.37
C LEU F 248 21.46 -88.24 42.57
N VAL F 249 20.45 -88.73 43.28
CA VAL F 249 20.68 -89.73 44.32
C VAL F 249 20.79 -91.12 43.75
N ASP F 250 20.24 -91.37 42.56
CA ASP F 250 20.52 -92.61 41.85
C ASP F 250 22.01 -92.74 41.56
N LEU F 251 22.60 -91.66 41.08
CA LEU F 251 24.03 -91.64 40.79
C LEU F 251 24.85 -91.78 42.05
N THR F 252 24.46 -91.08 43.11
CA THR F 252 25.24 -91.12 44.33
C THR F 252 25.38 -92.53 44.87
N THR F 253 24.26 -93.25 44.79
CA THR F 253 24.11 -94.62 45.24
C THR F 253 24.05 -95.76 44.19
N ALA F 254 24.64 -95.64 43.01
CA ALA F 254 24.56 -96.78 42.12
C ALA F 254 25.64 -97.78 42.43
N THR F 255 26.50 -97.48 43.40
CA THR F 255 27.81 -98.09 43.51
C THR F 255 28.00 -98.70 44.89
N GLN F 256 28.87 -99.67 44.95
CA GLN F 256 29.24 -100.33 46.19
C GLN F 256 30.41 -99.60 46.83
N PRO F 257 30.42 -99.40 48.14
CA PRO F 257 31.62 -98.85 48.77
C PRO F 257 32.78 -99.81 48.63
N SER F 258 33.98 -99.47 49.00
CA SER F 258 35.01 -100.46 48.78
C SER F 258 36.18 -100.25 49.65
N VAL F 259 36.34 -101.08 50.67
CA VAL F 259 37.47 -101.10 51.61
C VAL F 259 37.44 -100.00 52.68
N ALA F 260 38.14 -100.19 53.79
CA ALA F 260 38.11 -99.14 54.78
C ALA F 260 39.52 -98.76 55.07
N VAL F 261 39.83 -97.51 54.79
CA VAL F 261 41.16 -97.04 55.03
C VAL F 261 41.04 -95.97 56.08
N PRO F 262 41.63 -96.22 57.23
CA PRO F 262 41.66 -95.31 58.34
C PRO F 262 42.60 -94.16 58.04
N ARG F 263 43.57 -94.39 57.17
CA ARG F 263 44.55 -93.36 56.90
C ARG F 263 43.90 -92.15 56.28
N LEU F 264 42.72 -92.36 55.72
CA LEU F 264 41.97 -91.35 54.99
C LEU F 264 40.95 -90.56 55.78
N THR F 265 41.34 -90.05 56.93
CA THR F 265 40.45 -89.22 57.72
C THR F 265 40.71 -87.93 57.00
N HIS F 266 40.29 -87.97 55.77
CA HIS F 266 40.49 -87.03 54.72
C HIS F 266 39.09 -86.57 54.44
N ALA F 267 38.33 -86.72 55.49
CA ALA F 267 36.96 -86.29 55.39
C ALA F 267 36.30 -85.36 56.40
N ASP F 268 35.48 -84.48 55.85
CA ASP F 268 34.53 -83.61 56.54
C ASP F 268 34.99 -82.44 57.34
N THR F 269 34.07 -81.55 57.66
CA THR F 269 34.40 -80.45 58.56
C THR F 269 33.44 -80.54 59.73
N ARG F 270 33.98 -80.46 60.93
CA ARG F 270 33.20 -80.62 62.15
C ARG F 270 32.78 -82.08 62.36
N GLY F 271 33.65 -82.98 61.95
CA GLY F 271 33.49 -84.40 62.17
C GLY F 271 32.64 -85.34 61.35
N ARG F 272 32.02 -84.90 60.27
CA ARG F 272 31.23 -85.82 59.48
C ARG F 272 32.15 -86.28 58.39
N PRO F 273 32.24 -87.65 58.21
CA PRO F 273 33.18 -88.05 57.17
C PRO F 273 32.56 -88.14 55.79
N VAL F 274 33.21 -87.47 54.85
CA VAL F 274 32.86 -87.48 53.44
C VAL F 274 32.92 -88.90 52.93
N ASP F 275 31.98 -89.27 52.06
CA ASP F 275 32.13 -90.45 51.21
C ASP F 275 31.76 -90.08 49.80
N GLY F 276 32.72 -90.14 48.89
CA GLY F 276 32.50 -89.85 47.49
C GLY F 276 33.03 -88.49 47.08
N VAL F 277 32.93 -88.24 45.78
CA VAL F 277 33.64 -87.11 45.17
C VAL F 277 32.72 -86.23 44.31
N LEU F 278 32.12 -86.79 43.28
CA LEU F 278 31.33 -86.01 42.31
C LEU F 278 32.12 -84.92 41.61
N VAL F 279 33.00 -85.27 40.69
CA VAL F 279 33.68 -84.27 39.88
C VAL F 279 32.85 -84.00 38.64
N THR F 280 32.72 -82.73 38.27
CA THR F 280 31.92 -82.32 37.14
C THR F 280 32.68 -81.26 36.37
N THR F 281 32.08 -80.78 35.29
CA THR F 281 32.55 -79.56 34.67
C THR F 281 32.00 -78.34 35.40
N ALA F 282 32.69 -77.21 35.24
CA ALA F 282 32.36 -76.02 36.02
C ALA F 282 30.96 -75.51 35.71
N ALA F 283 30.49 -75.65 34.47
CA ALA F 283 29.18 -75.11 34.11
C ALA F 283 28.06 -75.94 34.72
N ILE F 284 28.23 -77.26 34.77
CA ILE F 284 27.22 -78.12 35.35
C ILE F 284 27.15 -77.93 36.85
N LYS F 285 28.30 -77.84 37.51
CA LYS F 285 28.34 -77.59 38.94
C LYS F 285 27.60 -76.31 39.30
N GLN F 286 27.83 -75.25 38.54
CA GLN F 286 27.13 -74.00 38.79
C GLN F 286 25.63 -74.14 38.62
N ARG F 287 25.20 -75.01 37.71
CA ARG F 287 23.78 -75.22 37.52
C ARG F 287 23.19 -76.07 38.63
N LEU F 288 23.83 -77.19 38.96
CA LEU F 288 23.34 -78.01 40.07
C LEU F 288 23.36 -77.23 41.37
N LEU F 289 24.48 -76.58 41.67
CA LEU F 289 24.62 -75.90 42.95
C LEU F 289 23.70 -74.71 43.06
N GLN F 290 23.29 -74.11 41.94
CA GLN F 290 22.43 -72.95 42.00
C GLN F 290 21.06 -73.32 42.55
N SER F 291 20.38 -74.27 41.94
CA SER F 291 19.03 -74.63 42.32
C SER F 291 18.95 -76.00 43.00
N PHE F 292 19.31 -77.05 42.29
CA PHE F 292 19.09 -78.40 42.79
C PHE F 292 19.87 -78.67 44.07
N LEU F 293 21.16 -78.37 44.05
CA LEU F 293 22.07 -78.68 45.14
C LEU F 293 22.18 -77.58 46.17
N LYS F 294 21.27 -76.60 46.14
CA LYS F 294 21.35 -75.39 46.96
C LYS F 294 21.51 -75.74 48.45
N VAL F 295 21.41 -77.02 48.76
CA VAL F 295 21.85 -77.56 50.03
C VAL F 295 23.38 -77.47 50.03
N GLU F 296 24.00 -77.92 51.11
CA GLU F 296 25.42 -77.71 51.37
C GLU F 296 25.69 -78.31 52.73
N ASP F 297 26.94 -78.53 53.07
CA ASP F 297 27.31 -78.74 54.46
C ASP F 297 28.26 -77.63 54.91
N THR F 298 29.42 -77.55 54.27
CA THR F 298 30.38 -76.51 54.58
C THR F 298 31.15 -76.23 53.31
N GLU F 299 31.74 -75.05 53.23
CA GLU F 299 32.89 -74.86 52.35
C GLU F 299 34.09 -74.91 53.27
N ALA F 300 34.67 -76.10 53.38
CA ALA F 300 35.85 -76.42 54.16
C ALA F 300 35.95 -77.93 54.18
N ASP F 301 37.06 -78.49 54.63
CA ASP F 301 37.16 -79.93 54.78
C ASP F 301 38.41 -80.23 55.59
N VAL F 302 38.63 -81.46 55.97
CA VAL F 302 39.82 -81.70 56.72
C VAL F 302 40.57 -82.90 56.24
N PRO F 303 41.19 -82.80 55.08
CA PRO F 303 42.03 -83.73 54.34
C PRO F 303 43.37 -83.91 54.99
N VAL F 304 44.07 -84.97 54.63
CA VAL F 304 45.37 -85.33 55.20
C VAL F 304 46.50 -85.37 54.11
N THR F 305 47.68 -85.84 54.55
CA THR F 305 48.94 -86.04 53.81
C THR F 305 49.26 -87.48 53.26
N TYR F 306 50.19 -87.65 52.33
CA TYR F 306 50.45 -88.98 51.71
C TYR F 306 51.04 -90.11 52.53
N GLY F 307 50.50 -91.32 52.38
CA GLY F 307 51.09 -92.47 53.03
C GLY F 307 52.48 -92.69 52.50
N GLU F 308 53.03 -93.87 52.79
CA GLU F 308 54.42 -94.13 52.40
C GLU F 308 54.81 -95.55 52.79
N MET F 309 55.82 -96.08 52.11
CA MET F 309 56.41 -97.36 52.48
C MET F 309 57.80 -97.47 51.87
N VAL F 310 58.64 -98.30 52.47
CA VAL F 310 59.97 -98.62 51.96
C VAL F 310 60.28 -100.07 52.30
N LEU F 311 61.31 -100.60 51.65
CA LEU F 311 61.85 -101.92 51.95
C LEU F 311 63.02 -101.72 52.91
N ASN F 312 62.84 -102.12 54.17
CA ASN F 312 63.91 -101.83 55.12
C ASN F 312 64.45 -103.06 55.83
N GLY F 313 63.78 -103.50 56.89
CA GLY F 313 64.44 -104.49 57.73
C GLY F 313 64.48 -105.90 57.19
N ALA F 314 63.32 -106.55 57.12
CA ALA F 314 63.22 -107.84 56.46
C ALA F 314 62.67 -107.72 55.04
N ASN F 315 62.10 -106.57 54.69
CA ASN F 315 61.61 -106.39 53.34
C ASN F 315 62.76 -106.29 52.37
N LEU F 316 63.87 -105.74 52.79
CA LEU F 316 65.02 -105.65 51.91
C LEU F 316 65.72 -106.99 51.77
N VAL F 317 65.89 -107.71 52.87
CA VAL F 317 66.59 -108.99 52.79
C VAL F 317 65.78 -110.00 51.99
N THR F 318 64.46 -109.99 52.13
CA THR F 318 63.65 -110.88 51.31
C THR F 318 63.54 -110.38 49.89
N ALA F 319 63.66 -109.07 49.67
CA ALA F 319 63.59 -108.56 48.31
C ALA F 319 64.80 -108.96 47.50
N LEU F 320 65.98 -108.90 48.09
CA LEU F 320 67.19 -109.22 47.35
C LEU F 320 67.68 -110.65 47.53
N VAL F 321 67.09 -111.42 48.43
CA VAL F 321 67.45 -112.83 48.51
C VAL F 321 66.28 -113.64 47.98
N MET F 322 65.20 -113.74 48.75
CA MET F 322 64.07 -114.53 48.30
C MET F 322 63.37 -113.89 47.11
N GLY F 323 63.56 -112.61 46.88
CA GLY F 323 62.99 -111.96 45.71
C GLY F 323 61.56 -111.54 45.83
N LYS F 324 61.08 -111.31 47.05
CA LYS F 324 59.69 -110.97 47.28
C LYS F 324 59.63 -109.93 48.38
N ALA F 325 58.42 -109.54 48.75
CA ALA F 325 58.21 -108.50 49.74
C ALA F 325 56.73 -108.42 50.04
N VAL F 326 56.41 -107.80 51.18
CA VAL F 326 55.05 -107.71 51.69
C VAL F 326 54.91 -106.37 52.39
N ARG F 327 53.70 -105.82 52.38
CA ARG F 327 53.40 -104.68 53.23
C ARG F 327 53.60 -105.07 54.68
N SER F 328 54.44 -104.32 55.38
CA SER F 328 54.66 -104.52 56.80
C SER F 328 54.87 -105.99 57.13
N LEU F 329 55.94 -106.54 56.57
CA LEU F 329 56.32 -107.90 56.91
C LEU F 329 56.61 -108.01 58.40
N ASP F 330 57.12 -106.94 59.01
CA ASP F 330 57.34 -106.96 60.44
C ASP F 330 56.03 -107.15 61.20
N ASP F 331 55.00 -106.39 60.83
CA ASP F 331 53.69 -106.60 61.44
C ASP F 331 53.20 -108.01 61.21
N VAL F 332 53.12 -108.41 59.94
CA VAL F 332 52.71 -109.78 59.61
C VAL F 332 53.60 -110.79 60.30
N GLY F 333 54.90 -110.52 60.36
CA GLY F 333 55.79 -111.41 61.07
C GLY F 333 55.51 -111.45 62.55
N ARG F 334 55.28 -110.30 63.17
CA ARG F 334 54.92 -110.27 64.57
C ARG F 334 53.64 -111.06 64.82
N HIS F 335 52.58 -110.73 64.10
CA HIS F 335 51.28 -111.32 64.40
C HIS F 335 51.28 -112.83 64.18
N LEU F 336 51.94 -113.29 63.11
CA LEU F 336 51.95 -114.73 62.84
C LEU F 336 52.71 -115.50 63.90
N LEU F 337 53.95 -115.10 64.17
CA LEU F 337 54.73 -115.77 65.21
C LEU F 337 54.00 -115.74 66.55
N ASP F 338 53.26 -114.68 66.80
CA ASP F 338 52.53 -114.52 68.05
C ASP F 338 51.32 -115.43 68.06
N MET F 339 50.43 -115.24 67.09
CA MET F 339 49.15 -115.91 67.02
C MET F 339 49.23 -117.40 67.29
N GLN F 340 50.33 -118.04 66.87
CA GLN F 340 50.45 -119.48 67.00
C GLN F 340 50.99 -119.92 68.35
N GLU F 341 51.27 -118.99 69.26
CA GLU F 341 51.75 -119.34 70.58
C GLU F 341 50.65 -119.42 71.62
N GLU F 342 49.40 -119.15 71.23
CA GLU F 342 48.24 -119.26 72.12
C GLU F 342 48.40 -118.45 73.40
N ASN F 347 36.76 -115.98 62.45
CA ASN F 347 38.17 -116.01 62.82
C ASN F 347 38.62 -114.71 63.42
N ARG F 348 37.70 -113.76 63.39
CA ARG F 348 37.85 -112.54 64.17
C ARG F 348 39.23 -111.94 63.94
N GLU F 349 39.58 -111.71 62.68
CA GLU F 349 40.88 -111.15 62.37
C GLU F 349 40.71 -109.65 62.46
N THR F 350 41.21 -109.08 63.56
CA THR F 350 41.05 -107.68 63.86
C THR F 350 42.29 -106.86 63.52
N LEU F 351 43.34 -107.51 63.03
CA LEU F 351 44.64 -106.88 62.86
C LEU F 351 44.53 -105.60 62.06
N ASP F 352 44.28 -105.71 60.76
CA ASP F 352 44.22 -104.57 59.87
C ASP F 352 45.45 -103.67 60.01
N GLU F 353 45.25 -102.36 60.05
CA GLU F 353 46.32 -101.42 60.33
C GLU F 353 45.73 -100.21 61.04
N LEU F 354 46.25 -99.91 62.23
CA LEU F 354 46.00 -98.62 62.87
C LEU F 354 47.22 -98.22 63.67
N GLU F 355 47.72 -96.99 63.47
CA GLU F 355 48.77 -96.55 64.39
C GLU F 355 48.57 -95.20 65.09
N SER F 356 48.83 -94.09 64.38
CA SER F 356 48.81 -92.77 65.01
C SER F 356 47.73 -91.85 64.43
N ALA F 357 47.08 -92.22 63.32
CA ALA F 357 46.26 -91.32 62.51
C ALA F 357 47.14 -90.24 61.86
N PRO F 358 46.76 -89.71 60.71
CA PRO F 358 47.62 -88.74 60.02
C PRO F 358 47.41 -87.33 60.54
N GLN F 359 48.17 -86.40 59.97
CA GLN F 359 48.01 -84.98 60.21
C GLN F 359 47.03 -84.41 59.21
N THR F 360 46.18 -83.50 59.66
CA THR F 360 45.09 -82.98 58.86
C THR F 360 45.29 -81.49 58.59
N THR F 361 44.28 -80.86 57.99
CA THR F 361 44.33 -79.46 57.59
C THR F 361 42.96 -79.08 57.06
N ARG F 362 42.66 -77.79 57.08
CA ARG F 362 41.44 -77.24 56.53
C ARG F 362 41.73 -76.67 55.16
N VAL F 363 40.99 -77.12 54.15
CA VAL F 363 41.13 -76.61 52.80
C VAL F 363 39.75 -76.25 52.30
N ARG F 364 39.67 -75.26 51.42
CA ARG F 364 38.39 -74.92 50.83
C ARG F 364 37.93 -76.06 49.95
N ALA F 365 36.77 -76.59 50.27
CA ALA F 365 36.12 -77.61 49.46
C ALA F 365 34.65 -77.23 49.40
N ASP F 366 33.87 -78.04 48.73
CA ASP F 366 32.43 -77.83 48.68
C ASP F 366 31.75 -79.16 48.94
N LEU F 367 31.07 -79.27 50.07
CA LEU F 367 30.51 -80.53 50.50
C LEU F 367 29.00 -80.43 50.42
N VAL F 368 28.40 -81.29 49.62
CA VAL F 368 26.95 -81.30 49.50
C VAL F 368 26.42 -82.63 50.04
N ALA F 369 25.19 -82.59 50.50
CA ALA F 369 24.53 -83.78 51.03
C ALA F 369 23.50 -84.23 50.01
N ILE F 370 23.73 -85.41 49.42
CA ILE F 370 22.78 -86.02 48.51
C ILE F 370 22.30 -87.29 49.17
N GLY F 371 21.05 -87.29 49.62
CA GLY F 371 20.58 -88.42 50.40
C GLY F 371 21.30 -88.49 51.72
N ASP F 372 21.66 -89.71 52.12
CA ASP F 372 22.38 -89.89 53.38
C ASP F 372 23.86 -89.62 53.24
N ARG F 373 24.36 -89.36 52.04
CA ARG F 373 25.79 -89.27 51.78
C ARG F 373 26.20 -87.82 51.64
N LEU F 374 27.30 -87.45 52.28
CA LEU F 374 27.94 -86.16 52.05
C LEU F 374 29.06 -86.36 51.06
N VAL F 375 29.13 -85.50 50.06
CA VAL F 375 30.05 -85.68 48.95
C VAL F 375 30.64 -84.32 48.61
N PHE F 376 31.76 -84.36 47.90
CA PHE F 376 32.48 -83.19 47.45
C PHE F 376 32.09 -82.75 46.04
N LEU F 377 31.75 -81.49 45.82
CA LEU F 377 31.52 -81.07 44.44
C LEU F 377 32.83 -80.51 43.93
N GLU F 378 33.43 -81.19 42.98
CA GLU F 378 34.70 -80.75 42.43
C GLU F 378 34.50 -80.41 40.96
N ALA F 379 35.00 -79.26 40.55
CA ALA F 379 35.18 -78.96 39.14
C ALA F 379 36.61 -78.45 39.01
N LEU F 380 37.47 -79.24 38.37
CA LEU F 380 38.87 -78.89 38.29
C LEU F 380 39.13 -78.39 36.89
N GLU F 381 39.10 -77.09 36.71
CA GLU F 381 39.44 -76.51 35.41
C GLU F 381 40.36 -75.33 35.67
N LYS F 382 39.83 -74.32 36.36
CA LYS F 382 40.69 -73.25 36.84
C LYS F 382 41.73 -73.79 37.81
N ARG F 383 41.39 -74.83 38.58
CA ARG F 383 42.33 -75.35 39.56
C ARG F 383 43.59 -75.85 38.91
N ILE F 384 43.47 -76.70 37.89
CA ILE F 384 44.68 -77.27 37.29
C ILE F 384 44.68 -77.08 35.77
N TYR F 385 43.65 -77.56 35.07
CA TYR F 385 43.69 -77.55 33.60
C TYR F 385 43.73 -76.17 32.97
N ALA F 386 43.62 -75.09 33.74
CA ALA F 386 43.32 -73.77 33.22
C ALA F 386 44.12 -73.33 32.01
N ALA F 387 45.40 -72.99 32.20
CA ALA F 387 46.21 -72.42 31.14
C ALA F 387 47.04 -73.46 30.41
N THR F 388 46.83 -74.74 30.71
CA THR F 388 47.78 -75.79 30.37
C THR F 388 47.54 -76.44 29.02
N ASN F 389 46.45 -76.12 28.33
CA ASN F 389 46.11 -76.66 27.02
C ASN F 389 45.76 -78.14 27.05
N VAL F 390 45.83 -78.78 28.20
CA VAL F 390 45.39 -80.18 28.33
C VAL F 390 43.87 -80.21 28.34
N PRO F 391 43.24 -81.07 27.53
CA PRO F 391 41.78 -81.16 27.53
C PRO F 391 41.25 -81.72 28.84
N TYR F 392 40.20 -81.09 29.32
CA TYR F 392 39.57 -81.53 30.55
C TYR F 392 38.82 -82.83 30.32
N PRO F 393 39.04 -83.87 31.12
CA PRO F 393 38.46 -85.19 30.82
C PRO F 393 36.95 -85.23 30.86
N LEU F 394 36.32 -84.49 31.76
CA LEU F 394 34.90 -84.67 31.94
C LEU F 394 34.05 -83.99 30.88
N VAL F 395 34.65 -83.23 29.97
CA VAL F 395 33.95 -82.87 28.75
C VAL F 395 34.33 -83.93 27.73
N GLY F 396 33.37 -84.78 27.41
CA GLY F 396 33.63 -86.04 26.75
C GLY F 396 33.25 -86.02 25.29
N ALA F 397 32.91 -87.20 24.79
CA ALA F 397 32.44 -87.30 23.42
C ALA F 397 31.59 -88.55 23.32
N MET F 398 30.70 -88.56 22.33
CA MET F 398 29.84 -89.70 22.12
C MET F 398 29.66 -89.88 20.62
N ASP F 399 29.80 -91.11 20.15
CA ASP F 399 29.61 -91.44 18.75
C ASP F 399 28.28 -92.15 18.56
N LEU F 400 27.47 -91.64 17.65
CA LEU F 400 26.19 -92.24 17.34
C LEU F 400 26.06 -92.44 15.85
N THR F 401 25.78 -93.67 15.44
CA THR F 401 25.44 -93.95 14.05
C THR F 401 23.95 -93.78 13.89
N PHE F 402 23.54 -93.04 12.87
CA PHE F 402 22.13 -92.90 12.55
C PHE F 402 21.80 -93.70 11.30
N VAL F 403 20.51 -93.74 10.98
CA VAL F 403 20.03 -94.50 9.83
C VAL F 403 18.92 -93.74 9.14
N LEU F 404 18.98 -93.68 7.83
CA LEU F 404 17.94 -93.08 7.03
C LEU F 404 17.55 -94.05 5.92
N PRO F 405 16.26 -94.23 5.66
CA PRO F 405 15.83 -94.92 4.44
C PRO F 405 15.80 -93.98 3.24
N LEU F 406 15.95 -94.58 2.06
CA LEU F 406 15.78 -93.85 0.80
C LEU F 406 14.96 -94.67 -0.17
N GLY F 407 14.10 -94.00 -0.91
CA GLY F 407 13.47 -94.67 -2.01
C GLY F 407 12.63 -95.85 -1.63
N LEU F 408 12.37 -96.05 -0.35
CA LEU F 408 11.52 -97.13 0.04
C LEU F 408 10.08 -96.82 -0.34
N PHE F 409 9.18 -97.73 0.02
CA PHE F 409 7.84 -97.70 -0.52
C PHE F 409 6.88 -98.09 0.58
N ASN F 410 5.80 -97.33 0.73
CA ASN F 410 4.88 -97.57 1.84
C ASN F 410 4.24 -98.94 1.73
N PRO F 411 4.05 -99.63 2.86
CA PRO F 411 3.28 -100.87 2.84
C PRO F 411 1.87 -100.63 2.35
N ALA F 412 1.22 -101.71 1.93
CA ALA F 412 -0.05 -101.60 1.22
C ALA F 412 -1.08 -100.82 2.02
N MET F 413 -1.10 -101.02 3.34
CA MET F 413 -2.13 -100.39 4.15
C MET F 413 -1.76 -98.97 4.57
N GLU F 414 -0.49 -98.59 4.44
CA GLU F 414 0.00 -97.30 4.89
C GLU F 414 0.04 -96.26 3.80
N ARG F 415 -0.43 -96.62 2.61
CA ARG F 415 -0.48 -95.69 1.49
C ARG F 415 -1.80 -94.97 1.37
N PHE F 416 -2.17 -94.19 2.37
CA PHE F 416 -3.45 -93.46 2.39
C PHE F 416 -3.27 -91.98 2.63
N ALA F 417 -4.24 -91.17 2.24
CA ALA F 417 -4.09 -89.76 2.39
C ALA F 417 -4.03 -89.15 3.71
N ALA F 418 -4.90 -89.62 4.61
CA ALA F 418 -5.23 -89.24 6.03
C ALA F 418 -6.28 -88.18 6.09
N HIS F 419 -6.70 -87.72 4.94
CA HIS F 419 -7.84 -86.82 4.75
C HIS F 419 -7.94 -86.58 3.27
N ALA F 420 -9.06 -86.22 2.77
CA ALA F 420 -9.15 -86.20 1.32
C ALA F 420 -8.37 -85.02 0.79
N GLY F 421 -8.88 -83.81 0.96
CA GLY F 421 -8.08 -82.64 0.66
C GLY F 421 -7.01 -82.45 1.70
N ASP F 422 -5.75 -82.49 1.27
CA ASP F 422 -4.62 -81.88 1.97
C ASP F 422 -3.36 -82.18 1.18
N LEU F 423 -2.35 -81.32 1.31
CA LEU F 423 -1.17 -81.40 0.46
C LEU F 423 -1.60 -81.58 -1.00
N VAL F 424 -2.63 -80.83 -1.38
CA VAL F 424 -3.33 -80.92 -2.66
C VAL F 424 -2.61 -80.06 -3.69
N PRO F 425 -2.33 -80.52 -4.90
CA PRO F 425 -1.55 -79.69 -5.82
C PRO F 425 -2.45 -78.58 -6.34
N ALA F 426 -1.93 -77.81 -7.28
CA ALA F 426 -2.78 -76.89 -7.98
C ALA F 426 -3.87 -77.68 -8.70
N PRO F 427 -5.02 -77.06 -8.98
CA PRO F 427 -6.11 -77.82 -9.62
C PRO F 427 -5.75 -78.43 -10.94
N GLY F 428 -4.67 -78.00 -11.57
CA GLY F 428 -4.33 -78.51 -12.88
C GLY F 428 -3.28 -79.61 -12.98
N HIS F 429 -2.40 -79.64 -11.96
CA HIS F 429 -1.14 -80.42 -11.83
C HIS F 429 -1.08 -81.88 -11.40
N PRO F 430 0.10 -82.55 -11.41
CA PRO F 430 -0.04 -84.00 -11.14
C PRO F 430 -0.14 -84.47 -9.68
N GLU F 431 0.15 -83.65 -8.67
CA GLU F 431 0.26 -84.20 -7.31
C GLU F 431 1.36 -85.25 -7.23
N PRO F 432 2.61 -84.83 -7.19
CA PRO F 432 3.73 -85.78 -7.08
C PRO F 432 3.70 -86.67 -5.86
N ARG F 433 2.88 -86.37 -4.86
CA ARG F 433 2.87 -87.18 -3.65
C ARG F 433 2.47 -88.63 -3.89
N ALA F 434 1.98 -88.96 -5.07
CA ALA F 434 1.46 -90.29 -5.30
C ALA F 434 2.46 -91.25 -5.91
N PHE F 435 3.64 -90.74 -6.31
CA PHE F 435 4.73 -91.52 -6.92
C PHE F 435 5.70 -92.03 -5.87
N PRO F 436 6.71 -92.82 -6.23
CA PRO F 436 7.67 -93.23 -5.19
C PRO F 436 8.70 -92.17 -4.86
N PRO F 437 9.04 -92.02 -3.57
CA PRO F 437 10.04 -91.02 -3.17
C PRO F 437 11.43 -91.42 -3.65
N ARG F 438 12.10 -90.50 -4.33
CA ARG F 438 13.50 -90.66 -4.63
C ARG F 438 14.40 -89.87 -3.70
N GLN F 439 13.83 -89.12 -2.77
CA GLN F 439 14.60 -88.17 -1.99
C GLN F 439 14.32 -88.35 -0.51
N LEU F 440 15.03 -87.56 0.28
CA LEU F 440 14.86 -87.58 1.72
C LEU F 440 15.25 -86.22 2.26
N PHE F 441 14.46 -85.74 3.22
CA PHE F 441 14.66 -84.41 3.79
C PHE F 441 14.83 -84.53 5.28
N PHE F 442 15.81 -83.83 5.82
CA PHE F 442 16.03 -83.79 7.25
C PHE F 442 16.65 -82.45 7.60
N TRP F 443 16.83 -82.22 8.90
CA TRP F 443 17.42 -81.00 9.40
C TRP F 443 18.90 -81.24 9.68
N GLY F 444 19.76 -80.47 9.04
CA GLY F 444 21.15 -80.51 9.38
C GLY F 444 21.37 -79.87 10.72
N LYS F 445 22.60 -79.98 11.18
CA LYS F 445 22.94 -79.24 12.36
C LYS F 445 22.63 -77.84 11.85
N ASP F 446 22.16 -77.02 12.77
CA ASP F 446 21.60 -75.73 12.41
C ASP F 446 20.16 -76.03 11.98
N HIS F 447 19.47 -75.03 11.48
CA HIS F 447 18.10 -75.28 11.10
C HIS F 447 17.99 -75.61 9.62
N GLN F 448 19.12 -75.67 8.94
CA GLN F 448 19.14 -75.92 7.53
C GLN F 448 18.47 -77.22 7.19
N VAL F 449 17.59 -77.21 6.20
CA VAL F 449 16.93 -78.43 5.82
C VAL F 449 17.81 -78.96 4.72
N LEU F 450 18.11 -80.24 4.79
CA LEU F 450 19.04 -80.86 3.85
C LEU F 450 18.33 -81.95 3.06
N ARG F 451 18.98 -82.39 1.98
CA ARG F 451 18.41 -83.39 1.11
C ARG F 451 19.52 -84.34 0.65
N LEU F 452 19.15 -85.59 0.43
CA LEU F 452 20.05 -86.61 -0.09
C LEU F 452 19.73 -86.97 -1.54
N SER F 453 18.54 -87.49 -1.76
CA SER F 453 18.08 -88.21 -2.93
C SER F 453 18.91 -89.43 -3.27
N MET F 454 18.80 -89.88 -4.52
CA MET F 454 19.49 -91.09 -4.95
C MET F 454 20.62 -90.83 -5.90
N GLU F 455 20.78 -89.59 -6.39
CA GLU F 455 21.97 -89.25 -7.15
C GLU F 455 23.18 -89.24 -6.22
N ASN F 456 22.92 -88.97 -4.95
CA ASN F 456 23.92 -89.08 -3.90
C ASN F 456 24.56 -90.46 -3.88
N ALA F 457 23.89 -91.48 -4.39
CA ALA F 457 24.42 -92.83 -4.34
C ALA F 457 25.38 -93.14 -5.46
N VAL F 458 25.70 -92.17 -6.32
CA VAL F 458 26.52 -92.47 -7.48
C VAL F 458 27.92 -92.93 -7.09
N GLY F 459 28.49 -92.40 -6.00
CA GLY F 459 29.82 -92.86 -5.61
C GLY F 459 29.83 -94.30 -5.14
N THR F 460 28.70 -94.80 -4.67
CA THR F 460 28.59 -96.13 -4.07
C THR F 460 28.25 -97.20 -5.11
N VAL F 461 27.08 -97.08 -5.72
CA VAL F 461 26.55 -98.12 -6.58
C VAL F 461 27.02 -98.02 -8.01
N CYS F 462 27.56 -96.87 -8.41
CA CYS F 462 28.08 -96.65 -9.76
C CYS F 462 29.55 -97.02 -9.88
N HIS F 463 30.06 -97.75 -8.95
CA HIS F 463 31.44 -98.19 -8.88
C HIS F 463 31.49 -99.67 -9.20
N PRO F 464 32.56 -100.18 -9.80
CA PRO F 464 32.54 -101.59 -10.15
C PRO F 464 32.83 -102.48 -8.96
N SER F 465 32.30 -102.10 -7.83
CA SER F 465 32.34 -103.02 -6.72
C SER F 465 31.01 -103.78 -6.76
N LEU F 466 30.02 -103.23 -7.46
CA LEU F 466 28.71 -103.79 -7.67
C LEU F 466 28.75 -105.02 -8.52
N MET F 467 29.59 -105.02 -9.53
CA MET F 467 29.67 -106.14 -10.47
C MET F 467 30.49 -107.31 -10.02
N ASN F 468 31.12 -107.21 -8.88
CA ASN F 468 31.98 -108.25 -8.42
C ASN F 468 31.28 -109.20 -7.49
N ILE F 469 31.30 -110.49 -7.78
CA ILE F 469 30.71 -111.46 -6.86
C ILE F 469 31.63 -112.62 -6.57
N ASP F 470 32.81 -112.66 -7.19
CA ASP F 470 33.58 -113.90 -7.24
C ASP F 470 33.82 -114.52 -5.88
N ALA F 471 33.83 -113.70 -4.83
CA ALA F 471 33.92 -114.24 -3.48
C ALA F 471 32.60 -114.85 -3.05
N ALA F 472 31.48 -114.24 -3.46
CA ALA F 472 30.18 -114.79 -3.11
C ALA F 472 29.96 -116.15 -3.77
N VAL F 473 30.17 -116.23 -5.08
CA VAL F 473 29.89 -117.48 -5.78
C VAL F 473 30.89 -118.55 -5.38
N GLY F 474 32.14 -118.17 -5.14
CA GLY F 474 33.11 -119.15 -4.68
C GLY F 474 32.93 -119.52 -3.24
N GLY F 475 32.35 -118.62 -2.45
CA GLY F 475 32.19 -118.85 -1.03
C GLY F 475 30.89 -119.52 -0.65
N VAL F 476 29.93 -119.55 -1.57
CA VAL F 476 28.70 -120.28 -1.33
C VAL F 476 28.76 -121.67 -1.95
N ASN F 477 29.84 -121.99 -2.66
CA ASN F 477 29.95 -123.28 -3.34
C ASN F 477 30.22 -124.42 -2.36
N HIS F 478 30.99 -124.17 -1.31
CA HIS F 478 31.35 -125.24 -0.40
C HIS F 478 30.11 -125.81 0.27
N ASP F 479 30.24 -127.05 0.77
CA ASP F 479 29.09 -127.87 1.16
C ASP F 479 28.16 -127.99 -0.03
N PRO F 480 28.52 -128.83 -1.02
CA PRO F 480 27.78 -128.87 -2.29
C PRO F 480 26.30 -129.15 -2.10
N VAL F 481 25.52 -128.69 -3.07
CA VAL F 481 24.07 -128.65 -2.98
C VAL F 481 23.48 -129.63 -3.99
N GLU F 482 22.30 -130.14 -3.67
CA GLU F 482 21.66 -131.08 -4.56
C GLU F 482 20.91 -130.16 -5.46
N ALA F 483 21.21 -130.22 -6.75
CA ALA F 483 20.55 -129.32 -7.67
C ALA F 483 19.06 -129.58 -7.68
N ALA F 484 18.31 -128.49 -7.66
CA ALA F 484 16.86 -128.54 -7.72
C ALA F 484 16.72 -128.92 -9.16
N ASN F 485 15.53 -129.35 -9.62
CA ASN F 485 15.43 -129.75 -11.04
C ASN F 485 15.89 -128.56 -11.84
N PRO F 486 16.85 -128.84 -12.79
CA PRO F 486 17.35 -127.66 -13.49
C PRO F 486 16.43 -127.31 -14.61
N TYR F 487 15.28 -126.78 -14.29
CA TYR F 487 14.39 -126.47 -15.41
C TYR F 487 14.71 -125.08 -15.96
N GLY F 488 14.42 -124.05 -15.19
CA GLY F 488 14.88 -122.74 -15.61
C GLY F 488 16.37 -122.54 -15.43
N ALA F 489 17.08 -123.52 -14.91
CA ALA F 489 18.50 -123.41 -14.63
C ALA F 489 19.37 -124.04 -15.72
N TYR F 490 18.79 -124.56 -16.78
CA TYR F 490 19.54 -125.30 -17.79
C TYR F 490 19.17 -124.81 -19.17
N VAL F 491 20.16 -124.64 -20.03
CA VAL F 491 19.99 -124.23 -21.40
C VAL F 491 20.58 -125.29 -22.30
N ALA F 492 19.86 -125.65 -23.36
CA ALA F 492 20.21 -126.79 -24.20
C ALA F 492 20.41 -126.34 -25.64
N ALA F 493 21.02 -127.16 -26.38
CA ALA F 493 21.25 -126.89 -27.80
C ALA F 493 20.03 -127.29 -28.61
N PRO F 494 19.60 -126.47 -29.58
CA PRO F 494 18.49 -126.88 -30.44
C PRO F 494 18.87 -128.11 -31.24
N ALA F 495 17.89 -128.97 -31.48
CA ALA F 495 18.17 -130.25 -32.10
C ALA F 495 17.13 -130.56 -33.16
N GLY F 496 17.61 -131.02 -34.31
CA GLY F 496 16.74 -131.45 -35.38
C GLY F 496 15.79 -130.38 -35.86
N PRO F 497 14.66 -130.79 -36.39
CA PRO F 497 13.66 -129.82 -36.85
C PRO F 497 13.04 -129.09 -35.67
N GLY F 498 12.54 -127.90 -35.97
CA GLY F 498 11.77 -127.16 -34.99
C GLY F 498 10.38 -127.67 -34.76
N ALA F 499 9.86 -128.48 -35.68
CA ALA F 499 8.47 -128.90 -35.62
C ALA F 499 8.18 -129.66 -34.34
N ASP F 500 9.05 -130.61 -33.99
CA ASP F 500 8.88 -131.43 -32.81
C ASP F 500 9.66 -130.92 -31.60
N MET F 501 10.30 -129.76 -31.72
CA MET F 501 11.27 -129.36 -30.72
C MET F 501 10.67 -129.37 -29.33
N GLN F 502 9.42 -128.96 -29.20
CA GLN F 502 8.76 -129.06 -27.89
C GLN F 502 8.25 -130.46 -27.64
N GLN F 503 7.82 -131.16 -28.69
CA GLN F 503 7.38 -132.53 -28.53
C GLN F 503 8.47 -133.39 -27.90
N ARG F 504 9.71 -133.22 -28.38
CA ARG F 504 10.86 -133.83 -27.73
C ARG F 504 10.86 -133.46 -26.26
N PHE F 505 11.00 -132.16 -26.02
CA PHE F 505 11.19 -131.60 -24.69
C PHE F 505 10.22 -132.15 -23.67
N LEU F 506 8.92 -131.92 -23.90
CA LEU F 506 7.91 -132.41 -22.98
C LEU F 506 8.08 -133.88 -22.67
N ASN F 507 8.53 -134.67 -23.65
CA ASN F 507 8.85 -136.06 -23.36
C ASN F 507 10.23 -136.19 -22.74
N ALA F 508 11.19 -135.36 -23.16
CA ALA F 508 12.49 -135.37 -22.51
C ALA F 508 12.36 -135.08 -21.03
N TRP F 509 11.61 -134.03 -20.69
CA TRP F 509 11.40 -133.63 -19.30
C TRP F 509 10.06 -133.97 -18.63
N ARG F 510 9.52 -135.19 -18.77
CA ARG F 510 8.25 -135.44 -18.12
C ARG F 510 8.43 -135.92 -16.69
N GLN F 511 9.65 -136.26 -16.31
CA GLN F 511 9.86 -137.08 -15.13
C GLN F 511 10.27 -136.23 -13.93
N ARG F 512 11.46 -135.67 -13.99
CA ARG F 512 11.91 -134.77 -12.94
C ARG F 512 11.45 -133.34 -13.18
N LEU F 513 10.70 -133.08 -14.25
CA LEU F 513 10.01 -131.82 -14.36
C LEU F 513 8.75 -131.82 -13.50
N ALA F 514 7.82 -132.72 -13.79
CA ALA F 514 6.63 -132.86 -12.96
C ALA F 514 6.97 -133.25 -11.53
N HIS F 515 8.12 -133.87 -11.30
CA HIS F 515 8.51 -134.30 -9.97
C HIS F 515 8.57 -133.16 -8.97
N GLY F 516 9.59 -132.31 -9.10
CA GLY F 516 9.89 -131.32 -8.09
C GLY F 516 9.27 -129.97 -8.38
N ARG F 517 9.61 -129.00 -7.53
CA ARG F 517 9.06 -127.66 -7.60
C ARG F 517 10.08 -126.73 -8.24
N VAL F 518 9.69 -126.10 -9.35
CA VAL F 518 10.57 -125.14 -10.00
C VAL F 518 10.89 -124.03 -9.00
N ARG F 519 12.14 -123.67 -8.80
CA ARG F 519 12.41 -122.61 -7.81
C ARG F 519 11.83 -121.22 -8.06
N TRP F 520 11.86 -120.78 -9.31
CA TRP F 520 11.45 -119.43 -9.69
C TRP F 520 10.04 -118.97 -9.49
N VAL F 521 9.13 -119.90 -9.23
CA VAL F 521 7.75 -119.54 -9.00
C VAL F 521 7.52 -119.21 -7.50
N ALA F 522 8.24 -118.18 -7.13
CA ALA F 522 8.29 -117.52 -5.85
C ALA F 522 7.53 -116.22 -5.99
N GLU F 523 6.77 -116.08 -7.06
CA GLU F 523 6.00 -114.92 -7.34
C GLU F 523 4.88 -114.83 -6.34
N CYS F 524 4.39 -115.99 -5.94
CA CYS F 524 3.30 -116.15 -5.01
C CYS F 524 3.62 -115.54 -3.68
N GLN F 525 4.86 -115.61 -3.23
CA GLN F 525 5.20 -115.09 -1.92
C GLN F 525 5.00 -113.59 -1.86
N MET F 526 4.38 -113.12 -0.78
CA MET F 526 4.40 -111.72 -0.48
C MET F 526 5.78 -111.34 0.04
N THR F 527 6.02 -110.06 0.04
CA THR F 527 7.32 -109.53 0.34
C THR F 527 7.72 -109.60 1.79
N ALA F 528 6.76 -109.92 2.63
CA ALA F 528 7.02 -110.14 4.05
C ALA F 528 7.34 -111.59 4.30
N GLU F 529 6.79 -112.46 3.46
CA GLU F 529 6.98 -113.92 3.48
C GLU F 529 8.33 -114.33 3.09
N GLN F 530 8.88 -113.61 2.16
CA GLN F 530 10.19 -113.88 1.66
C GLN F 530 11.26 -113.80 2.74
N PHE F 531 11.13 -112.85 3.66
CA PHE F 531 12.10 -112.53 4.70
C PHE F 531 12.07 -113.49 5.87
N MET F 532 11.31 -114.57 5.80
CA MET F 532 11.20 -115.47 6.92
C MET F 532 11.70 -116.86 6.52
N GLN F 533 12.47 -117.48 7.42
CA GLN F 533 13.02 -118.81 7.16
C GLN F 533 11.98 -119.84 6.74
N PRO F 534 10.79 -119.73 7.33
CA PRO F 534 9.77 -120.71 7.05
C PRO F 534 9.46 -120.57 5.63
N ASP F 535 9.69 -121.61 4.86
CA ASP F 535 9.30 -121.68 3.46
C ASP F 535 9.90 -120.70 2.47
N ASN F 536 11.02 -120.10 2.83
CA ASN F 536 11.74 -119.31 1.87
C ASN F 536 13.04 -119.98 2.16
N ALA F 537 13.14 -121.26 1.84
CA ALA F 537 14.31 -121.99 2.16
C ALA F 537 15.30 -121.45 1.22
N ASN F 538 14.81 -120.68 0.28
CA ASN F 538 15.72 -120.17 -0.73
C ASN F 538 16.23 -118.78 -0.40
N LEU F 539 15.84 -118.23 0.75
CA LEU F 539 16.37 -116.95 1.18
C LEU F 539 17.89 -116.96 1.17
N ALA F 540 18.49 -118.11 1.50
CA ALA F 540 19.93 -118.18 1.56
C ALA F 540 20.58 -117.78 0.25
N LEU F 541 19.87 -117.90 -0.86
CA LEU F 541 20.44 -117.60 -2.17
C LEU F 541 20.05 -116.25 -2.74
N GLU F 542 19.37 -115.40 -1.99
CA GLU F 542 19.09 -114.04 -2.44
C GLU F 542 20.11 -113.14 -1.77
N LEU F 543 21.13 -112.75 -2.52
CA LEU F 543 22.31 -112.09 -1.99
C LEU F 543 22.52 -110.72 -2.59
N HIS F 544 22.66 -110.61 -3.85
CA HIS F 544 23.03 -109.37 -4.45
C HIS F 544 21.86 -108.82 -5.26
N PRO F 545 21.76 -107.49 -5.37
CA PRO F 545 20.66 -106.94 -6.21
C PRO F 545 20.72 -107.42 -7.63
N ALA F 546 21.88 -107.38 -8.24
CA ALA F 546 22.04 -107.48 -9.67
C ALA F 546 22.33 -108.89 -10.16
N PHE F 547 22.45 -109.85 -9.27
CA PHE F 547 22.78 -111.21 -9.69
C PHE F 547 21.80 -112.22 -9.11
N ASP F 548 21.45 -113.19 -9.93
CA ASP F 548 20.70 -114.35 -9.49
C ASP F 548 21.66 -115.45 -9.08
N PHE F 549 21.48 -115.97 -7.88
CA PHE F 549 22.19 -117.15 -7.43
C PHE F 549 21.21 -118.30 -7.41
N PHE F 550 21.58 -119.40 -8.03
CA PHE F 550 20.67 -120.52 -8.20
C PHE F 550 21.49 -121.79 -8.33
N ALA F 551 20.85 -122.91 -8.04
CA ALA F 551 21.54 -124.19 -8.02
C ALA F 551 21.46 -124.79 -9.41
N GLY F 552 22.59 -124.83 -10.11
CA GLY F 552 22.68 -125.44 -11.41
C GLY F 552 23.41 -126.77 -11.36
N VAL F 553 23.59 -127.35 -12.54
CA VAL F 553 24.39 -128.55 -12.67
C VAL F 553 25.87 -128.18 -12.61
N ALA F 554 26.69 -129.16 -12.25
CA ALA F 554 28.07 -128.87 -11.90
C ALA F 554 28.95 -128.54 -13.10
N ASP F 555 29.28 -129.55 -13.90
CA ASP F 555 30.31 -129.40 -14.92
C ASP F 555 29.77 -129.11 -16.31
N VAL F 556 28.47 -128.95 -16.46
CA VAL F 556 27.88 -128.87 -17.80
C VAL F 556 28.10 -127.49 -18.39
N GLU F 557 28.81 -127.43 -19.51
CA GLU F 557 28.80 -126.24 -20.33
C GLU F 557 27.43 -126.12 -20.98
N LEU F 558 26.77 -124.98 -20.78
CA LEU F 558 25.33 -124.90 -21.03
C LEU F 558 24.95 -125.12 -22.49
N PRO F 559 25.40 -124.30 -23.45
CA PRO F 559 24.81 -124.38 -24.79
C PRO F 559 25.08 -125.75 -25.39
N GLY F 560 24.45 -126.76 -24.83
CA GLY F 560 24.61 -128.11 -25.31
C GLY F 560 23.81 -129.05 -24.44
N GLY F 561 23.56 -130.23 -24.99
CA GLY F 561 22.86 -131.26 -24.27
C GLY F 561 21.37 -131.24 -24.54
N GLU F 562 20.70 -132.24 -23.96
CA GLU F 562 19.26 -132.36 -24.04
C GLU F 562 18.64 -132.44 -22.65
N VAL F 563 19.01 -133.43 -21.86
CA VAL F 563 18.64 -133.51 -20.45
C VAL F 563 19.97 -133.43 -19.70
N PRO F 564 20.06 -132.75 -18.56
CA PRO F 564 21.33 -132.60 -17.91
C PRO F 564 21.82 -133.92 -17.35
N PRO F 565 23.10 -134.22 -17.48
CA PRO F 565 23.64 -135.40 -16.82
C PRO F 565 23.69 -135.15 -15.33
N ALA F 566 22.55 -135.29 -14.65
CA ALA F 566 22.43 -134.75 -13.31
C ALA F 566 23.51 -135.31 -12.41
N GLY F 567 24.36 -134.43 -11.92
CA GLY F 567 25.41 -134.77 -10.99
C GLY F 567 25.14 -134.13 -9.65
N PRO F 568 26.20 -133.90 -8.89
CA PRO F 568 26.09 -132.99 -7.75
C PRO F 568 25.82 -131.59 -8.25
N GLY F 569 24.82 -130.95 -7.66
CA GLY F 569 24.55 -129.59 -8.03
C GLY F 569 25.65 -128.66 -7.53
N ALA F 570 25.80 -127.56 -8.24
CA ALA F 570 26.69 -126.50 -7.80
C ALA F 570 26.03 -125.18 -8.06
N ILE F 571 25.94 -124.32 -7.06
CA ILE F 571 25.27 -123.05 -7.27
C ILE F 571 26.15 -122.16 -8.12
N GLN F 572 25.51 -121.37 -8.96
CA GLN F 572 26.20 -120.43 -9.81
C GLN F 572 25.42 -119.13 -9.86
N ALA F 573 26.04 -118.10 -10.41
CA ALA F 573 25.45 -116.78 -10.49
C ALA F 573 25.23 -116.41 -11.94
N THR F 574 24.23 -115.56 -12.15
CA THR F 574 23.95 -114.98 -13.46
C THR F 574 23.41 -113.57 -13.23
N TRP F 575 23.62 -112.71 -14.20
CA TRP F 575 23.37 -111.29 -14.00
C TRP F 575 21.91 -110.98 -14.33
N ARG F 576 21.14 -110.57 -13.33
CA ARG F 576 19.82 -110.04 -13.60
C ARG F 576 19.97 -108.91 -14.58
N VAL F 577 19.26 -108.99 -15.68
CA VAL F 577 19.63 -107.99 -16.67
C VAL F 577 18.96 -106.68 -16.31
N VAL F 578 17.66 -106.61 -16.53
CA VAL F 578 16.93 -105.39 -16.29
C VAL F 578 16.53 -105.28 -14.82
N ASN F 579 16.29 -104.06 -14.36
CA ASN F 579 15.81 -103.88 -13.00
C ASN F 579 14.44 -104.49 -12.78
N GLY F 580 13.77 -104.90 -13.84
CA GLY F 580 12.52 -105.62 -13.70
C GLY F 580 12.67 -107.09 -13.41
N ASN F 581 13.89 -107.64 -13.52
CA ASN F 581 14.13 -109.04 -13.24
C ASN F 581 14.10 -109.37 -11.76
N LEU F 582 14.08 -108.35 -10.89
CA LEU F 582 14.09 -108.55 -9.42
C LEU F 582 12.82 -109.21 -8.97
N PRO F 583 12.86 -110.00 -7.91
CA PRO F 583 11.60 -110.68 -7.56
C PRO F 583 10.48 -109.73 -7.16
N LEU F 584 9.25 -110.17 -7.39
CA LEU F 584 8.12 -109.34 -7.04
C LEU F 584 7.91 -109.20 -5.56
N ALA F 585 8.52 -110.06 -4.75
CA ALA F 585 8.42 -109.87 -3.32
C ALA F 585 9.31 -108.72 -2.86
N LEU F 586 10.48 -108.56 -3.47
CA LEU F 586 11.34 -107.42 -3.13
C LEU F 586 10.90 -106.13 -3.79
N CYS F 587 10.34 -106.20 -5.00
CA CYS F 587 9.82 -105.04 -5.72
C CYS F 587 8.39 -105.33 -6.11
N PRO F 588 7.43 -104.95 -5.27
CA PRO F 588 6.05 -105.39 -5.48
C PRO F 588 5.50 -104.93 -6.81
N VAL F 589 4.46 -105.62 -7.28
CA VAL F 589 3.70 -105.13 -8.41
C VAL F 589 3.12 -103.75 -8.14
N ALA F 590 2.73 -103.49 -6.89
CA ALA F 590 2.17 -102.19 -6.52
C ALA F 590 3.17 -101.08 -6.66
N PHE F 591 4.41 -101.31 -6.23
CA PHE F 591 5.47 -100.33 -6.46
C PHE F 591 5.75 -100.18 -7.92
N ARG F 592 5.87 -101.31 -8.59
CA ARG F 592 6.36 -101.36 -9.95
C ARG F 592 5.43 -100.63 -10.88
N ASP F 593 4.13 -100.61 -10.58
CA ASP F 593 3.15 -99.83 -11.33
C ASP F 593 3.09 -98.37 -10.92
N ALA F 594 3.54 -98.03 -9.71
CA ALA F 594 3.51 -96.65 -9.27
C ALA F 594 4.52 -95.78 -10.01
N ARG F 595 5.58 -96.37 -10.54
CA ARG F 595 6.45 -95.64 -11.45
C ARG F 595 6.04 -95.84 -12.90
N GLY F 596 5.00 -96.59 -13.17
CA GLY F 596 4.37 -96.53 -14.46
C GLY F 596 3.50 -95.31 -14.58
N LEU F 597 2.74 -95.02 -13.53
CA LEU F 597 1.99 -93.78 -13.50
C LEU F 597 2.92 -92.59 -13.40
N GLU F 598 4.05 -92.74 -12.73
CA GLU F 598 5.02 -91.66 -12.66
C GLU F 598 5.52 -91.29 -14.04
N LEU F 599 5.77 -92.28 -14.89
CA LEU F 599 6.29 -92.01 -16.22
C LEU F 599 5.22 -91.60 -17.20
N GLY F 600 4.02 -92.10 -17.05
CA GLY F 600 2.99 -91.79 -18.01
C GLY F 600 2.51 -90.37 -18.02
N VAL F 601 3.00 -89.53 -17.13
CA VAL F 601 2.52 -88.14 -17.07
C VAL F 601 3.20 -87.33 -18.16
N GLY F 602 2.41 -86.54 -18.88
CA GLY F 602 2.95 -85.74 -19.94
C GLY F 602 3.48 -86.52 -21.12
N ARG F 603 3.11 -87.79 -21.23
CA ARG F 603 3.53 -88.61 -22.35
C ARG F 603 2.31 -89.19 -23.05
N HIS F 604 2.55 -89.88 -24.15
CA HIS F 604 1.46 -90.33 -24.99
C HIS F 604 0.65 -91.40 -24.28
N ALA F 605 -0.66 -91.37 -24.48
CA ALA F 605 -1.53 -92.40 -23.96
C ALA F 605 -2.45 -92.86 -25.07
N MET F 606 -2.67 -94.17 -25.14
CA MET F 606 -3.60 -94.72 -26.13
C MET F 606 -5.03 -94.49 -25.65
N ALA F 607 -5.86 -93.98 -26.54
CA ALA F 607 -7.24 -93.74 -26.20
C ALA F 607 -7.93 -95.06 -25.89
N PRO F 608 -8.96 -95.06 -25.05
CA PRO F 608 -9.67 -96.31 -24.78
C PRO F 608 -10.29 -96.92 -26.02
N ALA F 609 -10.50 -96.14 -27.06
CA ALA F 609 -10.98 -96.68 -28.33
C ALA F 609 -9.99 -97.70 -28.87
N THR F 610 -8.71 -97.33 -28.96
CA THR F 610 -7.72 -98.26 -29.47
C THR F 610 -7.43 -99.36 -28.48
N ILE F 611 -7.58 -99.10 -27.19
CA ILE F 611 -7.29 -100.14 -26.22
C ILE F 611 -8.34 -101.22 -26.27
N ALA F 612 -9.61 -100.83 -26.43
CA ALA F 612 -10.66 -101.82 -26.55
C ALA F 612 -10.60 -102.56 -27.87
N ALA F 613 -10.20 -101.89 -28.93
CA ALA F 613 -10.10 -102.54 -30.23
C ALA F 613 -8.92 -103.50 -30.26
N VAL F 614 -7.76 -103.06 -29.77
CA VAL F 614 -6.59 -103.91 -29.81
C VAL F 614 -6.71 -105.06 -28.82
N ARG F 615 -7.22 -104.79 -27.62
CA ARG F 615 -7.39 -105.86 -26.66
C ARG F 615 -8.48 -106.82 -27.10
N GLY F 616 -9.44 -106.34 -27.88
CA GLY F 616 -10.50 -107.22 -28.35
C GLY F 616 -9.99 -108.29 -29.28
N ALA F 617 -8.89 -108.03 -29.98
CA ALA F 617 -8.34 -109.03 -30.90
C ALA F 617 -7.61 -110.12 -30.16
N PHE F 618 -6.80 -109.76 -29.17
CA PHE F 618 -6.06 -110.78 -28.42
C PHE F 618 -6.97 -111.73 -27.68
N GLU F 619 -8.22 -111.33 -27.42
CA GLU F 619 -9.16 -112.16 -26.68
C GLU F 619 -10.10 -112.93 -27.59
N ASP F 620 -9.98 -112.77 -28.89
CA ASP F 620 -11.00 -113.22 -29.82
C ASP F 620 -10.77 -114.69 -30.16
N ARG F 621 -11.72 -115.55 -29.77
CA ARG F 621 -11.67 -116.94 -30.15
C ARG F 621 -12.05 -117.16 -31.60
N SER F 622 -12.77 -116.22 -32.18
CA SER F 622 -13.27 -116.29 -33.54
C SER F 622 -12.31 -115.68 -34.54
N TYR F 623 -11.18 -115.15 -34.10
CA TYR F 623 -10.27 -114.43 -34.98
C TYR F 623 -9.93 -115.36 -36.13
N PRO F 624 -10.32 -115.01 -37.35
CA PRO F 624 -10.33 -115.99 -38.44
C PRO F 624 -8.93 -116.42 -38.83
N ALA F 625 -8.81 -117.70 -39.14
CA ALA F 625 -7.50 -118.25 -39.48
C ALA F 625 -7.01 -117.80 -40.84
N VAL F 626 -7.84 -117.13 -41.64
CA VAL F 626 -7.34 -116.51 -42.86
C VAL F 626 -6.28 -115.47 -42.51
N PHE F 627 -6.35 -114.91 -41.32
CA PHE F 627 -5.43 -113.84 -40.96
C PHE F 627 -4.07 -114.38 -40.55
N TYR F 628 -4.03 -115.57 -39.97
CA TYR F 628 -2.74 -116.16 -39.64
C TYR F 628 -2.03 -116.63 -40.89
N LEU F 629 -2.78 -116.99 -41.92
CA LEU F 629 -2.17 -117.44 -43.17
C LEU F 629 -1.69 -116.27 -44.01
N LEU F 630 -2.50 -115.23 -44.13
CA LEU F 630 -2.06 -114.04 -44.83
C LEU F 630 -0.89 -113.38 -44.12
N GLN F 631 -0.82 -113.52 -42.81
CA GLN F 631 0.33 -113.02 -42.08
C GLN F 631 1.59 -113.79 -42.45
N ALA F 632 1.50 -115.11 -42.51
CA ALA F 632 2.64 -115.91 -42.92
C ALA F 632 2.90 -115.82 -44.41
N ALA F 633 1.87 -115.56 -45.21
CA ALA F 633 2.06 -115.38 -46.64
C ALA F 633 2.86 -114.12 -46.93
N ILE F 634 2.45 -113.00 -46.34
CA ILE F 634 3.20 -111.77 -46.48
C ILE F 634 4.60 -111.94 -45.93
N HIS F 635 4.74 -112.77 -44.89
CA HIS F 635 6.02 -113.10 -44.26
C HIS F 635 6.91 -111.87 -44.09
N GLY F 636 6.31 -110.82 -43.53
CA GLY F 636 7.03 -109.62 -43.23
C GLY F 636 7.53 -108.87 -44.44
N SER F 637 7.29 -109.38 -45.63
CA SER F 637 7.81 -108.77 -46.85
C SER F 637 7.04 -107.51 -47.16
N GLU F 638 7.76 -106.41 -47.41
CA GLU F 638 7.09 -105.19 -47.82
C GLU F 638 6.63 -105.27 -49.26
N HIS F 639 7.31 -106.07 -50.06
CA HIS F 639 6.85 -106.30 -51.42
C HIS F 639 5.51 -106.98 -51.42
N VAL F 640 5.40 -108.10 -50.73
CA VAL F 640 4.17 -108.88 -50.76
C VAL F 640 3.01 -108.09 -50.18
N PHE F 641 3.25 -107.33 -49.13
CA PHE F 641 2.16 -106.57 -48.53
C PHE F 641 1.55 -105.63 -49.56
N CYS F 642 2.35 -104.75 -50.14
CA CYS F 642 1.80 -103.89 -51.17
C CYS F 642 1.26 -104.67 -52.36
N ALA F 643 1.81 -105.85 -52.65
CA ALA F 643 1.20 -106.71 -53.66
C ALA F 643 -0.22 -107.09 -53.26
N LEU F 644 -0.39 -107.59 -52.04
CA LEU F 644 -1.67 -108.05 -51.52
C LEU F 644 -2.46 -106.96 -50.84
N ALA F 645 -2.01 -105.70 -50.90
CA ALA F 645 -2.60 -104.62 -50.14
C ALA F 645 -4.11 -104.53 -50.32
N ARG F 646 -4.63 -104.89 -51.49
CA ARG F 646 -6.07 -104.81 -51.68
C ARG F 646 -6.78 -105.92 -50.93
N LEU F 647 -6.21 -107.13 -50.93
CA LEU F 647 -6.78 -108.22 -50.15
C LEU F 647 -6.72 -107.91 -48.66
N VAL F 648 -5.65 -107.24 -48.23
CA VAL F 648 -5.49 -106.95 -46.81
C VAL F 648 -6.53 -105.94 -46.35
N THR F 649 -6.66 -104.83 -47.07
CA THR F 649 -7.58 -103.78 -46.62
C THR F 649 -9.03 -104.23 -46.72
N GLN F 650 -9.30 -105.28 -47.47
CA GLN F 650 -10.63 -105.92 -47.43
C GLN F 650 -10.77 -106.85 -46.24
N CYS F 651 -9.67 -107.48 -45.82
CA CYS F 651 -9.72 -108.29 -44.60
C CYS F 651 -9.85 -107.43 -43.37
N ILE F 652 -9.16 -106.28 -43.35
CA ILE F 652 -9.24 -105.40 -42.20
C ILE F 652 -10.64 -104.82 -42.09
N THR F 653 -11.17 -104.32 -43.20
CA THR F 653 -12.45 -103.66 -43.18
C THR F 653 -13.58 -104.63 -42.88
N SER F 654 -13.48 -105.87 -43.35
CA SER F 654 -14.52 -106.84 -43.05
C SER F 654 -14.51 -107.20 -41.59
N TYR F 655 -13.34 -107.49 -41.04
CA TYR F 655 -13.24 -107.91 -39.65
C TYR F 655 -13.61 -106.77 -38.71
N TRP F 656 -13.20 -105.55 -39.02
CA TRP F 656 -13.63 -104.41 -38.21
C TRP F 656 -15.14 -104.29 -38.20
N ASN F 657 -15.79 -104.57 -39.33
CA ASN F 657 -17.23 -104.36 -39.40
C ASN F 657 -18.00 -105.42 -38.66
N ASN F 658 -17.64 -106.69 -38.81
CA ASN F 658 -18.25 -107.72 -37.98
C ASN F 658 -18.02 -107.42 -36.52
N THR F 659 -16.77 -107.27 -36.13
CA THR F 659 -16.37 -107.03 -34.75
C THR F 659 -15.55 -105.76 -34.73
N ARG F 660 -15.88 -104.82 -33.86
CA ARG F 660 -15.00 -103.67 -33.84
C ARG F 660 -13.76 -104.13 -33.12
N CYS F 661 -12.72 -104.43 -33.90
CA CYS F 661 -11.47 -105.00 -33.44
C CYS F 661 -10.46 -104.79 -34.54
N ALA F 662 -9.19 -104.80 -34.17
CA ALA F 662 -8.12 -104.62 -35.13
C ALA F 662 -7.46 -105.96 -35.42
N ALA F 663 -7.25 -106.25 -36.71
CA ALA F 663 -7.01 -107.60 -37.18
C ALA F 663 -5.56 -108.05 -37.00
N PHE F 664 -4.64 -107.39 -37.68
CA PHE F 664 -3.28 -107.86 -37.82
C PHE F 664 -2.37 -107.42 -36.68
N VAL F 665 -2.95 -106.94 -35.58
CA VAL F 665 -2.19 -106.44 -34.44
C VAL F 665 -1.22 -107.46 -33.85
N ASN F 666 -1.30 -108.73 -34.23
CA ASN F 666 -0.31 -109.66 -33.70
C ASN F 666 1.06 -109.51 -34.36
N ASP F 667 1.21 -108.63 -35.35
CA ASP F 667 2.46 -108.43 -36.05
C ASP F 667 2.74 -106.95 -36.19
N TYR F 668 3.88 -106.49 -35.69
CA TYR F 668 4.15 -105.06 -35.77
C TYR F 668 4.52 -104.65 -37.18
N SER F 669 5.29 -105.48 -37.88
CA SER F 669 5.66 -105.16 -39.25
C SER F 669 4.44 -104.86 -40.09
N LEU F 670 3.44 -105.73 -40.03
CA LEU F 670 2.16 -105.45 -40.68
C LEU F 670 1.58 -104.14 -40.19
N VAL F 671 1.41 -104.01 -38.87
CA VAL F 671 0.84 -102.79 -38.30
C VAL F 671 1.63 -101.56 -38.72
N SER F 672 2.94 -101.69 -38.89
CA SER F 672 3.70 -100.57 -39.42
C SER F 672 3.44 -100.37 -40.89
N TYR F 673 3.08 -101.43 -41.62
CA TYR F 673 2.74 -101.27 -43.03
C TYR F 673 1.34 -100.73 -43.20
N ILE F 674 0.39 -101.21 -42.41
CA ILE F 674 -0.99 -100.74 -42.51
C ILE F 674 -1.03 -99.23 -42.34
N VAL F 675 -0.35 -98.73 -41.33
CA VAL F 675 -0.28 -97.28 -41.13
C VAL F 675 0.40 -96.63 -42.31
N THR F 676 1.48 -97.24 -42.80
CA THR F 676 2.26 -96.62 -43.85
C THR F 676 1.47 -96.51 -45.15
N TYR F 677 1.09 -97.65 -45.72
CA TYR F 677 0.51 -97.71 -47.05
C TYR F 677 -0.99 -97.51 -47.09
N LEU F 678 -1.72 -98.09 -46.16
CA LEU F 678 -3.17 -98.21 -46.26
C LEU F 678 -3.91 -97.01 -45.70
N GLY F 679 -3.20 -95.94 -45.35
CA GLY F 679 -3.86 -94.81 -44.71
C GLY F 679 -5.07 -94.30 -45.46
N GLY F 680 -5.04 -94.37 -46.78
CA GLY F 680 -6.13 -93.83 -47.57
C GLY F 680 -7.46 -94.51 -47.38
N ASP F 681 -7.54 -95.81 -47.60
CA ASP F 681 -8.82 -96.51 -47.63
C ASP F 681 -8.93 -97.47 -46.47
N LEU F 682 -9.63 -97.03 -45.43
CA LEU F 682 -9.92 -97.67 -44.17
C LEU F 682 -10.76 -96.66 -43.41
N PRO F 683 -11.85 -97.05 -42.76
CA PRO F 683 -12.61 -96.06 -42.01
C PRO F 683 -11.78 -95.51 -40.87
N GLU F 684 -11.79 -94.18 -40.73
CA GLU F 684 -10.90 -93.54 -39.77
C GLU F 684 -11.11 -94.06 -38.35
N GLU F 685 -12.26 -94.66 -38.09
CA GLU F 685 -12.48 -95.27 -36.79
C GLU F 685 -11.55 -96.45 -36.58
N CYS F 686 -11.31 -97.26 -37.61
CA CYS F 686 -10.35 -98.34 -37.43
C CYS F 686 -8.96 -97.99 -37.86
N MET F 687 -8.76 -96.86 -38.54
CA MET F 687 -7.40 -96.45 -38.87
C MET F 687 -6.73 -95.81 -37.67
N ALA F 688 -7.49 -95.05 -36.89
CA ALA F 688 -6.93 -94.45 -35.69
C ALA F 688 -6.46 -95.48 -34.69
N VAL F 689 -6.88 -96.74 -34.84
CA VAL F 689 -6.48 -97.78 -33.92
C VAL F 689 -5.07 -98.24 -34.21
N TYR F 690 -4.69 -98.31 -35.48
CA TYR F 690 -3.31 -98.61 -35.82
C TYR F 690 -2.44 -97.38 -35.67
N ARG F 691 -2.96 -96.22 -36.00
CA ARG F 691 -2.17 -95.00 -35.94
C ARG F 691 -1.84 -94.63 -34.50
N ASP F 692 -2.74 -94.95 -33.57
CA ASP F 692 -2.48 -94.76 -32.14
C ASP F 692 -1.59 -95.86 -31.60
N LEU F 693 -1.75 -97.07 -32.11
CA LEU F 693 -0.92 -98.18 -31.68
C LEU F 693 0.54 -97.95 -32.06
N VAL F 694 0.78 -97.33 -33.22
CA VAL F 694 2.14 -97.06 -33.64
C VAL F 694 2.71 -95.84 -32.96
N ALA F 695 1.87 -94.84 -32.70
CA ALA F 695 2.34 -93.64 -32.02
C ALA F 695 2.84 -93.96 -30.63
N HIS F 696 2.33 -95.01 -30.03
CA HIS F 696 2.70 -95.37 -28.67
C HIS F 696 4.00 -96.14 -28.62
N VAL F 697 4.27 -96.98 -29.62
CA VAL F 697 5.59 -97.61 -29.71
C VAL F 697 6.67 -96.56 -29.76
N GLU F 698 6.42 -95.47 -30.47
CA GLU F 698 7.43 -94.42 -30.59
C GLU F 698 7.51 -93.55 -29.36
N ALA F 699 6.38 -93.35 -28.67
CA ALA F 699 6.43 -92.60 -27.42
C ALA F 699 7.28 -93.33 -26.39
N LEU F 700 7.15 -94.65 -26.33
CA LEU F 700 7.98 -95.44 -25.44
C LEU F 700 9.44 -95.42 -25.85
N ALA F 701 9.71 -95.24 -27.14
CA ALA F 701 11.08 -95.31 -27.61
C ALA F 701 11.90 -94.11 -27.14
N GLN F 702 11.31 -92.93 -27.18
CA GLN F 702 12.03 -91.75 -26.72
C GLN F 702 11.97 -91.60 -25.21
N LEU F 703 11.28 -92.49 -24.52
CA LEU F 703 11.32 -92.49 -23.07
C LEU F 703 12.66 -92.93 -22.54
N VAL F 704 13.37 -93.77 -23.29
CA VAL F 704 14.73 -94.14 -22.91
C VAL F 704 15.62 -92.91 -22.89
N ASP F 705 15.60 -92.16 -23.97
CA ASP F 705 16.60 -91.11 -24.14
C ASP F 705 16.24 -89.84 -23.38
N ASP F 706 15.12 -89.84 -22.66
CA ASP F 706 14.94 -88.85 -21.60
C ASP F 706 15.81 -89.19 -20.40
N PHE F 707 15.99 -90.48 -20.12
CA PHE F 707 16.70 -90.93 -18.95
C PHE F 707 18.16 -91.29 -19.21
N THR F 708 18.68 -91.01 -20.39
CA THR F 708 20.07 -91.27 -20.71
C THR F 708 20.86 -89.97 -20.70
N LEU F 709 21.92 -89.98 -20.04
CA LEU F 709 22.84 -88.86 -20.11
C LEU F 709 23.77 -89.03 -21.31
N PRO F 710 24.24 -87.94 -21.92
CA PRO F 710 25.10 -88.09 -23.09
C PRO F 710 26.46 -88.66 -22.72
N GLY F 711 27.11 -89.27 -23.69
CA GLY F 711 28.40 -89.87 -23.48
C GLY F 711 28.90 -90.60 -24.70
N PRO F 712 30.14 -91.07 -24.65
CA PRO F 712 30.73 -91.74 -25.81
C PRO F 712 30.14 -93.12 -26.05
N GLU F 713 30.75 -93.87 -26.96
CA GLU F 713 30.35 -95.23 -27.21
C GLU F 713 31.31 -96.18 -26.51
N LEU F 714 30.79 -96.95 -25.57
CA LEU F 714 31.59 -97.86 -24.76
C LEU F 714 31.50 -99.25 -25.37
N GLY F 715 32.61 -99.76 -25.88
CA GLY F 715 32.59 -101.08 -26.47
C GLY F 715 31.81 -101.17 -27.75
N GLY F 716 31.68 -100.08 -28.49
CA GLY F 716 30.91 -100.05 -29.71
C GLY F 716 29.44 -99.73 -29.52
N GLN F 717 28.90 -99.98 -28.35
CA GLN F 717 27.53 -99.62 -28.03
C GLN F 717 27.45 -98.19 -27.54
N ALA F 718 26.34 -97.54 -27.84
CA ALA F 718 26.15 -96.17 -27.42
C ALA F 718 25.69 -96.13 -25.97
N GLN F 719 25.43 -94.92 -25.47
CA GLN F 719 24.96 -94.79 -24.10
C GLN F 719 23.54 -95.30 -23.94
N ALA F 720 22.72 -95.15 -24.97
CA ALA F 720 21.33 -95.56 -24.84
C ALA F 720 21.22 -97.08 -24.79
N GLU F 721 22.17 -97.79 -25.37
CA GLU F 721 22.13 -99.24 -25.34
C GLU F 721 22.65 -99.79 -24.02
N LEU F 722 23.69 -99.17 -23.47
CA LEU F 722 24.17 -99.57 -22.15
C LEU F 722 23.13 -99.27 -21.08
N ASN F 723 22.26 -98.31 -21.33
CA ASN F 723 21.28 -97.90 -20.34
C ASN F 723 20.08 -98.83 -20.32
N HIS F 724 19.39 -98.93 -21.45
CA HIS F 724 18.10 -99.61 -21.56
C HIS F 724 18.24 -100.87 -22.40
N LEU F 725 17.35 -101.83 -22.14
CA LEU F 725 17.44 -103.12 -22.80
C LEU F 725 16.89 -103.11 -24.23
N MET F 726 15.94 -102.23 -24.54
CA MET F 726 15.37 -102.24 -25.89
C MET F 726 16.32 -101.68 -26.93
N ARG F 727 17.03 -100.61 -26.60
CA ARG F 727 18.02 -100.10 -27.53
C ARG F 727 19.15 -101.10 -27.77
N ASP F 728 19.36 -102.04 -26.87
CA ASP F 728 20.51 -102.91 -26.90
C ASP F 728 20.39 -103.95 -28.01
N PRO F 729 21.33 -104.00 -28.96
CA PRO F 729 21.18 -104.92 -30.09
C PRO F 729 21.32 -106.38 -29.73
N ALA F 730 21.86 -106.70 -28.57
CA ALA F 730 21.97 -108.10 -28.15
C ALA F 730 20.62 -108.79 -28.17
N LEU F 731 19.73 -108.37 -27.30
CA LEU F 731 18.38 -108.88 -27.31
C LEU F 731 17.73 -108.53 -28.63
N LEU F 732 17.18 -109.53 -29.31
CA LEU F 732 16.47 -109.28 -30.54
C LEU F 732 15.04 -109.78 -30.40
N PRO F 733 14.09 -109.15 -31.11
CA PRO F 733 12.69 -109.45 -30.84
C PRO F 733 12.38 -110.90 -31.12
N PRO F 734 11.39 -111.47 -30.44
CA PRO F 734 11.20 -112.92 -30.51
C PRO F 734 10.91 -113.43 -31.90
N LEU F 735 10.43 -112.58 -32.80
CA LEU F 735 10.04 -113.01 -34.15
C LEU F 735 10.63 -112.02 -35.14
N VAL F 736 11.53 -112.48 -35.99
CA VAL F 736 12.24 -111.61 -36.91
C VAL F 736 12.14 -112.18 -38.32
N TRP F 737 11.38 -111.51 -39.18
CA TRP F 737 11.15 -112.04 -40.52
C TRP F 737 12.37 -111.90 -41.42
N ASP F 738 13.25 -110.96 -41.16
CA ASP F 738 14.45 -110.76 -41.94
C ASP F 738 15.67 -111.11 -41.10
N CYS F 739 16.84 -110.90 -41.66
CA CYS F 739 18.07 -111.08 -40.91
C CYS F 739 18.68 -109.77 -40.40
N ASP F 740 18.03 -108.63 -40.65
CA ASP F 740 18.57 -107.34 -40.19
C ASP F 740 18.92 -107.39 -38.72
N GLY F 741 18.13 -108.10 -37.92
CA GLY F 741 18.42 -108.24 -36.51
C GLY F 741 19.72 -108.95 -36.27
N LEU F 742 19.88 -110.15 -36.83
CA LEU F 742 21.10 -110.92 -36.57
C LEU F 742 22.32 -110.19 -37.10
N MET F 743 22.15 -109.27 -38.05
CA MET F 743 23.28 -108.54 -38.60
C MET F 743 23.98 -107.73 -37.51
N ARG F 744 23.25 -106.82 -36.88
CA ARG F 744 23.88 -105.89 -35.95
C ARG F 744 24.32 -106.59 -34.68
N HIS F 745 23.61 -107.64 -34.28
CA HIS F 745 24.06 -108.48 -33.18
C HIS F 745 25.28 -109.30 -33.54
N ALA F 746 25.37 -109.79 -34.78
CA ALA F 746 26.50 -110.63 -35.18
C ALA F 746 27.84 -109.95 -34.94
N ALA F 747 27.91 -108.64 -35.14
CA ALA F 747 29.15 -107.91 -34.91
C ALA F 747 29.02 -107.19 -33.58
N LEU F 748 29.66 -107.76 -32.57
CA LEU F 748 29.75 -107.18 -31.23
C LEU F 748 30.95 -107.81 -30.54
N ASP F 749 31.47 -107.11 -29.54
CA ASP F 749 32.48 -107.74 -28.68
C ASP F 749 31.83 -108.64 -27.64
N ARG F 750 30.57 -108.37 -27.28
CA ARG F 750 29.84 -109.22 -26.36
C ARG F 750 29.46 -110.54 -27.00
N HIS F 751 29.04 -110.47 -28.26
CA HIS F 751 28.35 -111.56 -28.94
C HIS F 751 29.19 -112.82 -28.90
N ARG F 752 28.63 -113.89 -28.33
CA ARG F 752 29.33 -115.17 -28.24
C ARG F 752 28.59 -116.14 -29.13
N ASP F 753 29.13 -116.29 -30.33
CA ASP F 753 28.50 -116.91 -31.49
C ASP F 753 27.02 -116.53 -31.63
N CYS F 754 26.32 -117.30 -32.44
CA CYS F 754 24.87 -117.34 -32.49
C CYS F 754 24.57 -118.73 -32.97
N ARG F 755 23.76 -119.48 -32.24
CA ARG F 755 23.58 -120.87 -32.58
C ARG F 755 22.21 -121.05 -33.21
N ILE F 756 22.19 -121.25 -34.52
CA ILE F 756 21.00 -121.70 -35.21
C ILE F 756 21.21 -123.19 -35.43
N ASP F 757 20.51 -123.98 -34.63
CA ASP F 757 20.78 -125.37 -34.74
C ASP F 757 19.73 -126.34 -35.17
N ALA F 758 19.70 -126.51 -36.48
CA ALA F 758 18.98 -127.59 -37.10
C ALA F 758 20.06 -128.32 -37.87
N GLY F 759 20.68 -127.59 -38.80
CA GLY F 759 21.90 -127.98 -39.46
C GLY F 759 23.09 -127.37 -38.75
N GLY F 760 24.11 -126.96 -39.50
CA GLY F 760 25.29 -126.35 -38.94
C GLY F 760 24.98 -125.20 -37.99
N HIS F 761 25.79 -125.06 -36.94
CA HIS F 761 25.57 -124.10 -35.87
C HIS F 761 25.45 -122.66 -36.39
N GLU F 762 26.53 -122.14 -37.00
CA GLU F 762 26.51 -120.77 -37.46
C GLU F 762 25.38 -120.54 -38.45
N PRO F 763 24.78 -119.35 -38.44
CA PRO F 763 23.80 -119.04 -39.50
C PRO F 763 24.45 -118.49 -40.75
N VAL F 764 23.65 -118.33 -41.80
CA VAL F 764 24.10 -117.77 -43.07
C VAL F 764 22.85 -117.35 -43.83
N TYR F 765 23.02 -116.50 -44.83
CA TYR F 765 21.90 -115.72 -45.34
C TYR F 765 21.51 -116.11 -46.76
N ALA F 766 20.41 -115.50 -47.21
CA ALA F 766 19.87 -115.70 -48.54
C ALA F 766 19.20 -114.41 -48.98
N ALA F 767 19.37 -114.06 -50.26
CA ALA F 767 18.87 -112.78 -50.75
C ALA F 767 17.37 -112.82 -50.98
N ALA F 768 16.87 -113.86 -51.65
CA ALA F 768 15.44 -113.98 -51.92
C ALA F 768 15.10 -115.45 -52.07
N CYS F 769 13.81 -115.73 -52.27
CA CYS F 769 13.32 -117.10 -52.30
C CYS F 769 12.17 -117.23 -53.28
N ASN F 770 12.18 -118.30 -54.08
CA ASN F 770 11.17 -118.56 -55.12
C ASN F 770 10.63 -119.98 -54.94
N VAL F 771 9.75 -120.39 -55.86
CA VAL F 771 9.23 -121.75 -55.80
C VAL F 771 10.34 -122.77 -55.97
N ALA F 772 11.28 -122.50 -56.90
CA ALA F 772 12.36 -123.44 -57.17
C ALA F 772 13.47 -123.32 -56.11
N THR F 773 13.79 -122.10 -55.68
CA THR F 773 14.83 -121.90 -54.69
C THR F 773 14.43 -122.47 -53.33
N ALA F 774 13.14 -122.43 -53.01
CA ALA F 774 12.69 -122.81 -51.68
C ALA F 774 12.75 -124.31 -51.48
N ASP F 775 13.41 -124.74 -50.41
CA ASP F 775 13.31 -126.10 -49.90
C ASP F 775 12.65 -126.01 -48.54
N PHE F 776 11.42 -126.51 -48.44
CA PHE F 776 10.57 -126.17 -47.31
C PHE F 776 10.97 -126.85 -46.02
N ASN F 777 11.68 -127.98 -46.08
CA ASN F 777 12.28 -128.58 -44.90
C ASN F 777 13.75 -128.82 -45.19
N ARG F 778 14.62 -128.06 -44.54
CA ARG F 778 16.05 -128.13 -44.75
C ARG F 778 16.73 -127.68 -43.47
N ASN F 779 17.96 -128.16 -43.27
CA ASN F 779 18.75 -127.71 -42.13
C ASN F 779 20.25 -127.38 -42.34
N ASP F 780 20.60 -126.43 -43.22
CA ASP F 780 22.01 -126.06 -43.31
C ASP F 780 22.40 -124.97 -42.33
N GLY F 781 21.45 -124.41 -41.59
CA GLY F 781 21.70 -123.14 -40.92
C GLY F 781 21.53 -121.92 -41.81
N ARG F 782 20.64 -121.99 -42.79
CA ARG F 782 20.34 -120.87 -43.67
C ARG F 782 19.16 -120.08 -43.11
N LEU F 783 19.24 -118.77 -43.24
CA LEU F 783 18.16 -117.88 -42.87
C LEU F 783 17.84 -116.96 -44.03
N LEU F 784 16.55 -116.77 -44.29
CA LEU F 784 16.13 -115.82 -45.32
C LEU F 784 16.31 -114.40 -44.84
N HIS F 785 16.95 -113.59 -45.65
CA HIS F 785 17.15 -112.19 -45.34
C HIS F 785 16.10 -111.29 -45.99
N ASN F 786 15.16 -111.89 -46.72
CA ASN F 786 14.23 -111.12 -47.55
C ASN F 786 12.91 -110.38 -47.22
N THR F 787 12.92 -109.40 -46.32
CA THR F 787 11.73 -108.58 -46.23
C THR F 787 11.76 -107.41 -47.19
N GLN F 788 12.85 -107.23 -47.94
CA GLN F 788 13.09 -105.97 -48.61
C GLN F 788 11.98 -105.66 -49.59
N ALA F 789 11.74 -104.37 -49.76
CA ALA F 789 10.65 -103.89 -50.59
C ALA F 789 10.98 -104.06 -52.06
N ARG F 790 12.02 -103.38 -52.52
CA ARG F 790 12.45 -103.49 -53.91
C ARG F 790 13.06 -104.85 -54.17
N ALA F 791 12.50 -105.56 -55.16
CA ALA F 791 13.07 -106.82 -55.58
C ALA F 791 14.30 -106.65 -56.46
N ALA F 792 14.46 -105.47 -57.07
CA ALA F 792 15.63 -105.21 -57.89
C ALA F 792 16.88 -105.10 -57.04
N ASP F 793 16.81 -104.33 -55.96
CA ASP F 793 17.93 -104.17 -55.04
C ASP F 793 17.68 -105.03 -53.81
N ALA F 794 18.41 -106.13 -53.72
CA ALA F 794 18.42 -107.00 -52.55
C ALA F 794 19.75 -106.84 -51.82
N ALA F 795 19.92 -107.61 -50.77
CA ALA F 795 21.19 -107.62 -50.06
C ALA F 795 21.40 -108.98 -49.41
N ASP F 796 22.66 -109.42 -49.40
CA ASP F 796 23.07 -110.55 -48.58
C ASP F 796 23.54 -110.09 -47.21
N ASP F 797 24.59 -109.26 -47.17
CA ASP F 797 25.18 -108.78 -45.92
C ASP F 797 24.47 -107.55 -45.37
N ARG F 798 24.47 -106.46 -46.12
CA ARG F 798 24.01 -105.19 -45.58
C ARG F 798 22.55 -105.28 -45.16
N PRO F 799 22.21 -104.86 -43.95
CA PRO F 799 20.80 -104.80 -43.55
C PRO F 799 20.06 -103.71 -44.29
N HIS F 800 18.73 -103.88 -44.37
CA HIS F 800 17.88 -103.03 -45.20
C HIS F 800 17.36 -101.82 -44.42
N ARG F 801 16.60 -102.06 -43.37
CA ARG F 801 15.94 -101.04 -42.58
C ARG F 801 16.93 -100.28 -41.71
N PRO F 802 16.49 -99.25 -40.99
CA PRO F 802 17.33 -98.66 -39.93
C PRO F 802 17.44 -99.55 -38.71
N ALA F 803 18.09 -99.05 -37.66
CA ALA F 803 18.08 -99.76 -36.39
C ALA F 803 16.78 -99.53 -35.63
N ASP F 804 16.13 -98.38 -35.86
CA ASP F 804 14.84 -98.11 -35.24
C ASP F 804 13.80 -99.14 -35.63
N TRP F 805 13.98 -99.81 -36.76
CA TRP F 805 13.01 -100.80 -37.18
C TRP F 805 12.97 -101.97 -36.20
N THR F 806 14.13 -102.50 -35.84
CA THR F 806 14.16 -103.61 -34.90
C THR F 806 13.85 -103.15 -33.49
N VAL F 807 14.23 -101.92 -33.13
CA VAL F 807 13.96 -101.44 -31.79
C VAL F 807 12.47 -101.39 -31.54
N HIS F 808 11.70 -100.89 -32.50
CA HIS F 808 10.26 -100.81 -32.32
C HIS F 808 9.60 -102.18 -32.26
N HIS F 809 10.24 -103.22 -32.77
CA HIS F 809 9.66 -104.54 -32.62
C HIS F 809 9.94 -105.13 -31.24
N LYS F 810 11.13 -104.87 -30.70
CA LYS F 810 11.37 -105.23 -29.32
C LYS F 810 10.43 -104.48 -28.39
N ILE F 811 10.27 -103.18 -28.62
CA ILE F 811 9.29 -102.41 -27.86
C ILE F 811 7.90 -102.96 -28.07
N TYR F 812 7.55 -103.31 -29.30
CA TYR F 812 6.20 -103.81 -29.53
C TYR F 812 6.01 -105.21 -28.97
N TYR F 813 6.94 -106.12 -29.25
CA TYR F 813 6.71 -107.51 -28.84
C TYR F 813 6.89 -107.70 -27.34
N TYR F 814 7.90 -107.06 -26.75
CA TYR F 814 8.13 -107.18 -25.32
C TYR F 814 7.35 -106.20 -24.46
N VAL F 815 7.24 -104.95 -24.86
CA VAL F 815 6.56 -104.00 -23.98
C VAL F 815 5.06 -104.10 -24.12
N LEU F 816 4.56 -104.11 -25.35
CA LEU F 816 3.13 -103.91 -25.58
C LEU F 816 2.35 -105.22 -25.50
N VAL F 817 2.58 -106.12 -26.44
CA VAL F 817 1.85 -107.38 -26.53
C VAL F 817 1.75 -108.08 -25.18
N PRO F 818 2.77 -108.00 -24.37
CA PRO F 818 2.71 -108.60 -23.04
C PRO F 818 1.63 -107.91 -22.24
N ALA F 819 1.52 -106.60 -22.43
CA ALA F 819 0.52 -105.80 -21.77
C ALA F 819 -0.89 -106.08 -22.21
N PHE F 820 -1.12 -106.18 -23.51
CA PHE F 820 -2.46 -106.44 -24.03
C PHE F 820 -3.06 -107.77 -23.83
N SER F 821 -2.31 -108.81 -24.13
CA SER F 821 -2.84 -110.14 -23.97
C SER F 821 -3.05 -110.55 -22.58
N ARG F 822 -2.12 -110.10 -21.76
CA ARG F 822 -1.85 -110.45 -20.37
C ARG F 822 -1.46 -111.92 -20.27
N GLY F 823 -0.35 -112.25 -20.93
CA GLY F 823 0.26 -113.55 -20.78
C GLY F 823 -0.33 -114.66 -21.61
N ARG F 824 -1.50 -114.49 -22.19
CA ARG F 824 -2.14 -115.57 -22.94
C ARG F 824 -1.94 -115.32 -24.43
N CYS F 825 -1.01 -116.07 -25.00
CA CYS F 825 -0.61 -116.01 -26.39
C CYS F 825 0.60 -116.92 -26.52
N CYS F 826 0.94 -117.31 -27.75
CA CYS F 826 2.06 -118.20 -27.90
C CYS F 826 2.67 -117.99 -29.26
N THR F 827 3.98 -118.09 -29.35
CA THR F 827 4.63 -118.12 -30.65
C THR F 827 4.24 -119.40 -31.36
N ALA F 828 4.52 -119.45 -32.65
CA ALA F 828 4.36 -120.73 -33.34
C ALA F 828 5.29 -120.78 -34.54
N GLY F 829 5.60 -121.99 -34.95
CA GLY F 829 6.25 -122.21 -36.21
C GLY F 829 5.23 -122.37 -37.33
N VAL F 830 5.66 -122.03 -38.54
CA VAL F 830 4.79 -122.06 -39.70
C VAL F 830 5.20 -123.24 -40.57
N ARG F 831 4.23 -123.98 -41.07
CA ARG F 831 4.48 -124.94 -42.13
C ARG F 831 4.17 -124.22 -43.43
N PHE F 832 5.20 -123.83 -44.17
CA PHE F 832 4.94 -122.94 -45.30
C PHE F 832 4.45 -123.71 -46.51
N ASP F 833 4.95 -124.93 -46.70
CA ASP F 833 4.39 -125.79 -47.73
C ASP F 833 2.90 -125.98 -47.52
N ARG F 834 2.51 -126.28 -46.29
CA ARG F 834 1.12 -126.48 -45.96
C ARG F 834 0.33 -125.19 -46.01
N VAL F 835 0.97 -124.06 -45.79
CA VAL F 835 0.25 -122.79 -45.87
C VAL F 835 -0.03 -122.44 -47.32
N TYR F 836 1.02 -122.27 -48.12
CA TYR F 836 0.86 -122.02 -49.55
C TYR F 836 -0.02 -123.06 -50.22
N ALA F 837 -0.07 -124.28 -49.70
CA ALA F 837 -0.94 -125.30 -50.28
C ALA F 837 -2.39 -124.83 -50.32
N THR F 838 -2.93 -124.38 -49.20
CA THR F 838 -4.27 -123.83 -49.16
C THR F 838 -4.31 -122.33 -49.25
N LEU F 839 -3.16 -121.66 -49.39
CA LEU F 839 -3.21 -120.26 -49.77
C LEU F 839 -3.62 -120.14 -51.21
N GLN F 840 -2.84 -120.70 -52.10
CA GLN F 840 -3.26 -120.70 -53.49
C GLN F 840 -3.91 -122.04 -53.77
N ASN F 841 -5.20 -122.10 -53.49
CA ASN F 841 -6.08 -123.15 -53.94
C ASN F 841 -7.42 -122.47 -54.08
N MET F 842 -7.90 -122.24 -55.29
CA MET F 842 -9.01 -121.32 -55.35
C MET F 842 -9.90 -121.64 -56.54
N VAL F 843 -11.17 -121.30 -56.37
CA VAL F 843 -12.13 -121.27 -57.45
C VAL F 843 -12.51 -119.81 -57.60
N VAL F 844 -12.01 -119.17 -58.66
CA VAL F 844 -12.44 -117.85 -59.06
C VAL F 844 -13.05 -118.00 -60.45
N PRO F 845 -14.37 -117.89 -60.57
CA PRO F 845 -15.01 -118.17 -61.85
C PRO F 845 -14.55 -117.21 -62.93
N GLU F 846 -14.60 -117.69 -64.18
CA GLU F 846 -14.33 -116.82 -65.31
C GLU F 846 -15.50 -115.87 -65.53
N ILE F 847 -15.20 -114.61 -65.82
CA ILE F 847 -16.23 -113.60 -65.92
C ILE F 847 -17.20 -113.92 -67.06
N ALA F 848 -18.46 -113.59 -66.85
CA ALA F 848 -19.39 -113.51 -67.95
C ALA F 848 -18.99 -112.34 -68.82
N PRO F 849 -18.59 -112.56 -70.07
CA PRO F 849 -17.98 -111.48 -70.87
C PRO F 849 -18.91 -110.30 -71.00
N GLY F 850 -18.37 -109.10 -70.73
CA GLY F 850 -19.16 -107.90 -70.74
C GLY F 850 -19.89 -107.61 -69.45
N GLU F 851 -19.69 -108.41 -68.42
CA GLU F 851 -20.34 -108.21 -67.13
C GLU F 851 -19.31 -107.77 -66.10
N GLU F 852 -19.74 -106.93 -65.16
CA GLU F 852 -18.86 -106.38 -64.15
C GLU F 852 -18.50 -107.44 -63.11
N CYS F 853 -17.43 -107.16 -62.37
CA CYS F 853 -16.95 -108.09 -61.35
C CYS F 853 -18.01 -108.30 -60.28
N PRO F 854 -18.15 -109.52 -59.77
CA PRO F 854 -19.19 -109.81 -58.77
C PRO F 854 -19.02 -108.98 -57.50
N SER F 855 -20.07 -108.26 -57.14
CA SER F 855 -20.07 -107.52 -55.87
C SER F 855 -20.50 -108.41 -54.71
N ASP F 856 -21.57 -109.17 -54.90
CA ASP F 856 -22.27 -109.80 -53.79
C ASP F 856 -21.87 -111.24 -53.64
N PRO F 857 -21.28 -111.64 -52.50
CA PRO F 857 -20.96 -113.05 -52.29
C PRO F 857 -22.19 -113.91 -52.08
N VAL F 858 -23.26 -113.36 -51.54
CA VAL F 858 -24.48 -114.15 -51.37
C VAL F 858 -25.25 -114.26 -52.68
N THR F 859 -25.44 -113.14 -53.36
CA THR F 859 -26.30 -113.12 -54.54
C THR F 859 -25.61 -113.69 -55.77
N ASP F 860 -24.56 -113.03 -56.23
CA ASP F 860 -23.97 -113.33 -57.53
C ASP F 860 -23.28 -114.69 -57.52
N PRO F 861 -23.67 -115.62 -58.40
CA PRO F 861 -22.97 -116.91 -58.45
C PRO F 861 -21.56 -116.83 -58.99
N ALA F 862 -21.22 -115.79 -59.75
CA ALA F 862 -19.87 -115.66 -60.28
C ALA F 862 -18.87 -115.25 -59.23
N HIS F 863 -19.33 -114.89 -58.05
CA HIS F 863 -18.44 -114.48 -56.97
C HIS F 863 -17.71 -115.72 -56.42
N PRO F 864 -16.44 -115.58 -56.06
CA PRO F 864 -15.69 -116.75 -55.57
C PRO F 864 -16.14 -117.27 -54.22
N LEU F 865 -16.79 -116.44 -53.40
CA LEU F 865 -17.33 -116.87 -52.11
C LEU F 865 -18.78 -117.26 -52.17
N HIS F 866 -19.42 -117.20 -53.33
CA HIS F 866 -20.78 -117.66 -53.44
C HIS F 866 -20.86 -119.12 -53.05
N PRO F 867 -21.88 -119.54 -52.30
CA PRO F 867 -21.94 -120.92 -51.82
C PRO F 867 -21.82 -121.98 -52.89
N ALA F 868 -22.04 -121.59 -54.14
CA ALA F 868 -21.80 -122.52 -55.24
C ALA F 868 -20.32 -122.70 -55.52
N ASN F 869 -19.50 -121.68 -55.23
CA ASN F 869 -18.08 -121.77 -55.48
C ASN F 869 -17.26 -122.26 -54.30
N LEU F 870 -17.89 -122.49 -53.14
CA LEU F 870 -17.14 -122.94 -51.98
C LEU F 870 -16.87 -124.43 -52.14
N VAL F 871 -15.60 -124.77 -52.29
CA VAL F 871 -15.17 -126.17 -52.36
C VAL F 871 -14.49 -126.48 -51.03
N ALA F 872 -14.15 -127.74 -50.83
CA ALA F 872 -13.40 -128.12 -49.64
C ALA F 872 -11.92 -127.81 -49.85
N ASN F 873 -11.26 -127.41 -48.76
CA ASN F 873 -9.82 -127.20 -48.71
C ASN F 873 -9.34 -126.03 -49.55
N THR F 874 -10.20 -125.39 -50.31
CA THR F 874 -9.75 -124.28 -51.12
C THR F 874 -9.61 -123.01 -50.27
N VAL F 875 -9.10 -121.94 -50.88
CA VAL F 875 -8.82 -120.76 -50.09
C VAL F 875 -10.07 -119.92 -49.90
N ASN F 876 -10.92 -119.81 -50.93
CA ASN F 876 -12.12 -118.99 -50.80
C ASN F 876 -13.08 -119.58 -49.80
N ALA F 877 -13.03 -120.89 -49.57
CA ALA F 877 -13.76 -121.47 -48.47
C ALA F 877 -13.16 -121.06 -47.14
N MET F 878 -11.83 -120.92 -47.10
CA MET F 878 -11.18 -120.45 -45.89
C MET F 878 -11.59 -119.03 -45.56
N PHE F 879 -11.60 -118.14 -46.57
CA PHE F 879 -12.19 -116.81 -46.37
C PHE F 879 -13.62 -116.90 -45.87
N HIS F 880 -14.36 -117.91 -46.31
CA HIS F 880 -15.74 -118.00 -45.88
C HIS F 880 -15.85 -118.44 -44.43
N ASN F 881 -15.00 -119.38 -43.99
CA ASN F 881 -15.15 -119.97 -42.67
C ASN F 881 -15.17 -118.90 -41.60
N GLY F 882 -14.03 -118.24 -41.42
CA GLY F 882 -13.94 -117.06 -40.58
C GLY F 882 -14.75 -116.29 -41.60
N ARG F 883 -15.56 -115.31 -41.22
CA ARG F 883 -16.37 -114.70 -42.28
C ARG F 883 -15.74 -113.38 -42.69
N VAL F 884 -15.25 -113.34 -43.92
CA VAL F 884 -14.61 -112.16 -44.48
C VAL F 884 -15.07 -112.04 -45.92
N VAL F 885 -15.50 -110.85 -46.31
CA VAL F 885 -16.03 -110.59 -47.63
C VAL F 885 -14.89 -110.07 -48.49
N VAL F 886 -14.48 -110.88 -49.46
CA VAL F 886 -13.40 -110.52 -50.38
C VAL F 886 -13.83 -110.91 -51.78
N ASP F 887 -13.45 -110.08 -52.75
CA ASP F 887 -13.88 -110.27 -54.12
C ASP F 887 -12.83 -111.04 -54.93
N GLY F 888 -13.16 -111.30 -56.19
CA GLY F 888 -12.35 -112.13 -57.06
C GLY F 888 -10.95 -111.67 -57.33
N PRO F 889 -10.77 -110.44 -57.81
CA PRO F 889 -9.42 -110.00 -58.21
C PRO F 889 -8.46 -109.90 -57.04
N ALA F 890 -8.97 -109.62 -55.83
CA ALA F 890 -8.11 -109.58 -54.66
C ALA F 890 -7.43 -110.92 -54.44
N MET F 891 -8.22 -111.98 -54.27
CA MET F 891 -7.61 -113.29 -54.08
C MET F 891 -6.98 -113.83 -55.34
N LEU F 892 -7.11 -113.10 -56.45
CA LEU F 892 -6.32 -113.42 -57.63
C LEU F 892 -4.91 -112.85 -57.51
N THR F 893 -4.77 -111.68 -56.89
CA THR F 893 -3.45 -111.11 -56.65
C THR F 893 -2.61 -111.99 -55.74
N LEU F 894 -3.21 -113.02 -55.17
CA LEU F 894 -2.54 -114.00 -54.34
C LEU F 894 -1.51 -114.82 -55.11
N GLN F 895 -1.47 -114.69 -56.44
CA GLN F 895 -0.49 -115.36 -57.26
C GLN F 895 0.94 -114.87 -57.00
N VAL F 896 1.09 -113.74 -56.30
CA VAL F 896 2.41 -113.20 -56.00
C VAL F 896 3.23 -114.16 -55.15
N LEU F 897 2.59 -115.11 -54.48
CA LEU F 897 3.27 -115.95 -53.52
C LEU F 897 4.40 -116.78 -54.12
N ALA F 898 4.45 -116.90 -55.45
CA ALA F 898 5.55 -117.63 -56.06
C ALA F 898 6.82 -116.80 -56.15
N HIS F 899 6.69 -115.47 -56.24
CA HIS F 899 7.86 -114.62 -56.44
C HIS F 899 8.71 -114.55 -55.18
N ASN F 900 8.09 -114.24 -54.05
CA ASN F 900 8.79 -114.23 -52.76
C ASN F 900 8.06 -115.15 -51.81
N MET F 901 8.82 -115.93 -51.05
CA MET F 901 8.21 -116.78 -50.04
C MET F 901 9.25 -117.16 -49.00
N ALA F 902 8.80 -117.94 -48.03
CA ALA F 902 9.66 -118.48 -46.98
C ALA F 902 9.53 -120.00 -46.98
N GLU F 903 10.64 -120.68 -46.68
CA GLU F 903 10.63 -122.13 -46.75
C GLU F 903 10.16 -122.75 -45.44
N ARG F 904 10.85 -122.49 -44.34
CA ARG F 904 10.50 -123.08 -43.07
C ARG F 904 10.63 -122.02 -41.99
N THR F 905 10.27 -122.41 -40.77
CA THR F 905 10.47 -121.58 -39.60
C THR F 905 11.68 -122.09 -38.83
N THR F 906 12.47 -121.18 -38.30
CA THR F 906 13.82 -121.49 -37.87
C THR F 906 14.02 -121.01 -36.45
N ALA F 907 14.18 -121.93 -35.51
CA ALA F 907 14.30 -121.61 -34.10
C ALA F 907 15.74 -121.28 -33.77
N LEU F 908 15.95 -120.10 -33.22
CA LEU F 908 17.27 -119.52 -33.07
C LEU F 908 17.61 -119.40 -31.59
N LEU F 909 18.89 -119.47 -31.27
CA LEU F 909 19.38 -119.26 -29.92
C LEU F 909 20.70 -118.51 -29.99
N CYS F 910 20.79 -117.42 -29.24
CA CYS F 910 21.99 -116.60 -29.23
C CYS F 910 22.35 -116.19 -27.82
N SER F 911 23.64 -116.20 -27.49
CA SER F 911 24.13 -115.76 -26.20
C SER F 911 24.98 -114.50 -26.38
N ALA F 912 25.52 -114.02 -25.27
CA ALA F 912 26.37 -112.83 -25.22
C ALA F 912 26.85 -112.66 -23.80
N ALA F 913 27.93 -111.92 -23.64
CA ALA F 913 28.46 -111.67 -22.31
C ALA F 913 27.84 -110.37 -21.81
N PRO F 914 28.09 -109.95 -20.58
CA PRO F 914 27.62 -108.63 -20.16
C PRO F 914 28.32 -107.52 -20.92
N ASP F 915 27.66 -106.39 -21.02
CA ASP F 915 28.20 -105.30 -21.81
C ASP F 915 29.37 -104.65 -21.09
N ALA F 916 30.04 -103.80 -21.86
CA ALA F 916 31.04 -102.93 -21.29
C ALA F 916 30.17 -102.13 -20.34
N GLY F 917 30.66 -101.88 -19.15
CA GLY F 917 29.81 -101.23 -18.17
C GLY F 917 29.20 -102.27 -17.25
N ALA F 918 29.46 -103.53 -17.51
CA ALA F 918 29.04 -104.59 -16.65
C ALA F 918 29.95 -105.78 -16.80
N ASN F 919 30.96 -105.72 -17.66
CA ASN F 919 31.77 -106.91 -17.84
C ASN F 919 32.66 -107.43 -16.70
N THR F 920 33.43 -106.55 -16.07
CA THR F 920 34.33 -106.93 -14.99
C THR F 920 35.24 -108.16 -15.08
N ALA F 921 35.18 -109.04 -14.08
CA ALA F 921 36.12 -110.15 -14.02
C ALA F 921 35.33 -111.34 -13.51
N SER F 922 34.26 -111.12 -12.75
CA SER F 922 33.42 -112.25 -12.34
C SER F 922 32.42 -112.60 -13.42
N THR F 923 31.89 -111.57 -14.08
CA THR F 923 30.88 -111.73 -15.09
C THR F 923 31.45 -111.90 -16.48
N ALA F 924 32.77 -112.00 -16.62
CA ALA F 924 33.35 -112.22 -17.94
C ALA F 924 32.85 -113.52 -18.56
N ASN F 925 32.52 -114.52 -17.74
CA ASN F 925 32.08 -115.81 -18.24
C ASN F 925 30.57 -115.98 -18.26
N MET F 926 29.81 -114.98 -17.81
CA MET F 926 28.36 -115.09 -17.82
C MET F 926 27.84 -114.91 -19.23
N ARG F 927 27.06 -115.88 -19.69
CA ARG F 927 26.42 -115.83 -21.00
C ARG F 927 24.92 -115.67 -20.80
N ILE F 928 24.32 -114.80 -21.60
CA ILE F 928 22.88 -114.53 -21.52
C ILE F 928 22.24 -115.10 -22.77
N PHE F 929 21.51 -116.20 -22.61
CA PHE F 929 20.93 -116.93 -23.73
C PHE F 929 19.53 -116.41 -23.99
N ASP F 930 19.29 -115.96 -25.22
CA ASP F 930 17.96 -115.51 -25.64
C ASP F 930 17.63 -116.18 -26.96
N GLY F 931 16.57 -116.98 -26.97
CA GLY F 931 16.13 -117.63 -28.18
C GLY F 931 15.13 -116.80 -28.96
N ALA F 932 15.01 -117.12 -30.25
CA ALA F 932 14.06 -116.43 -31.11
C ALA F 932 13.73 -117.34 -32.28
N LEU F 933 12.64 -117.02 -32.97
CA LEU F 933 12.23 -117.74 -34.17
C LEU F 933 12.53 -116.87 -35.38
N HIS F 934 12.97 -117.48 -36.48
CA HIS F 934 13.24 -116.65 -37.63
C HIS F 934 11.91 -116.22 -38.23
N ALA F 935 11.20 -117.11 -38.89
CA ALA F 935 9.83 -116.77 -39.26
C ALA F 935 8.93 -117.53 -38.30
N GLY F 936 8.49 -116.83 -37.26
CA GLY F 936 7.45 -117.30 -36.39
C GLY F 936 6.22 -116.44 -36.53
N VAL F 937 5.18 -116.83 -35.82
CA VAL F 937 3.99 -116.01 -35.68
C VAL F 937 3.57 -116.03 -34.23
N LEU F 938 2.80 -115.04 -33.86
CA LEU F 938 2.26 -114.94 -32.51
C LEU F 938 0.77 -115.25 -32.55
N LEU F 939 0.34 -116.22 -31.76
CA LEU F 939 -1.04 -116.70 -31.75
C LEU F 939 -1.77 -116.07 -30.58
N MET F 940 -2.60 -115.09 -30.86
CA MET F 940 -3.25 -114.30 -29.83
C MET F 940 -4.11 -115.14 -28.90
N ALA F 941 -5.27 -115.58 -29.36
CA ALA F 941 -6.20 -116.31 -28.52
C ALA F 941 -6.24 -117.76 -28.92
N PRO F 942 -6.05 -118.69 -27.99
CA PRO F 942 -6.09 -120.10 -28.36
C PRO F 942 -7.48 -120.52 -28.82
N GLN F 943 -7.54 -121.14 -29.99
CA GLN F 943 -8.71 -121.93 -30.35
C GLN F 943 -8.25 -123.37 -30.43
N HIS F 944 -8.47 -124.12 -29.36
CA HIS F 944 -8.29 -125.55 -29.36
C HIS F 944 -9.60 -126.31 -29.45
N LEU F 945 -10.71 -125.61 -29.36
CA LEU F 945 -12.03 -126.21 -29.43
C LEU F 945 -12.78 -126.19 -30.77
N ASP F 946 -12.14 -125.98 -31.91
CA ASP F 946 -12.93 -125.90 -33.12
C ASP F 946 -12.32 -126.96 -34.01
N HIS F 947 -13.13 -127.65 -34.78
CA HIS F 947 -12.52 -128.48 -35.80
C HIS F 947 -12.97 -127.94 -37.13
N THR F 948 -12.11 -127.13 -37.71
CA THR F 948 -12.21 -126.65 -39.07
C THR F 948 -10.83 -126.88 -39.62
N ILE F 949 -9.89 -126.24 -38.99
CA ILE F 949 -8.47 -126.59 -39.08
C ILE F 949 -8.15 -127.59 -37.99
N GLN F 950 -7.47 -128.67 -38.35
CA GLN F 950 -7.03 -129.63 -37.36
C GLN F 950 -5.99 -129.00 -36.45
N ASN F 951 -5.98 -129.43 -35.19
CA ASN F 951 -5.04 -128.88 -34.23
C ASN F 951 -3.63 -129.11 -34.71
N GLY F 952 -2.87 -128.04 -34.90
CA GLY F 952 -1.50 -128.15 -35.34
C GLY F 952 -1.28 -128.36 -36.82
N GLU F 953 -2.18 -127.91 -37.69
CA GLU F 953 -1.93 -128.03 -39.12
C GLU F 953 -0.88 -127.02 -39.58
N TYR F 954 -1.27 -125.76 -39.65
CA TYR F 954 -0.38 -124.75 -40.19
C TYR F 954 0.65 -124.28 -39.18
N PHE F 955 0.42 -124.52 -37.90
CA PHE F 955 1.25 -123.94 -36.86
C PHE F 955 1.46 -124.94 -35.73
N TYR F 956 2.58 -124.77 -35.03
CA TYR F 956 3.01 -125.60 -33.89
C TYR F 956 3.37 -124.56 -32.84
N VAL F 957 3.44 -124.90 -31.56
CA VAL F 957 3.58 -123.81 -30.60
C VAL F 957 5.00 -123.27 -30.41
N LEU F 958 5.95 -124.08 -29.98
CA LEU F 958 7.27 -123.55 -29.66
C LEU F 958 7.26 -122.23 -28.91
N PRO F 959 6.91 -122.18 -27.63
CA PRO F 959 7.09 -120.92 -26.90
C PRO F 959 8.55 -120.57 -26.81
N VAL F 960 8.90 -119.36 -27.22
CA VAL F 960 10.30 -118.93 -27.17
C VAL F 960 10.64 -118.42 -25.78
N HIS F 961 9.95 -117.39 -25.32
CA HIS F 961 10.14 -116.84 -24.01
C HIS F 961 8.88 -117.05 -23.19
N ALA F 962 9.03 -117.05 -21.87
CA ALA F 962 7.87 -117.24 -21.00
C ALA F 962 6.84 -116.13 -21.17
N LEU F 963 7.25 -114.95 -21.66
CA LEU F 963 6.26 -113.93 -21.99
C LEU F 963 5.24 -114.48 -22.96
N PHE F 964 5.71 -115.18 -23.98
CA PHE F 964 4.83 -115.81 -24.93
C PHE F 964 4.93 -117.31 -24.72
N ALA F 965 4.09 -117.81 -23.82
CA ALA F 965 3.71 -119.20 -23.77
C ALA F 965 2.27 -119.19 -23.27
N GLY F 966 1.32 -119.61 -24.11
CA GLY F 966 -0.02 -119.78 -23.61
C GLY F 966 -0.11 -121.03 -22.79
N ALA F 967 -0.76 -120.95 -21.63
CA ALA F 967 -1.08 -122.18 -20.92
C ALA F 967 -1.97 -123.06 -21.79
N ASP F 968 -2.91 -122.45 -22.50
CA ASP F 968 -3.84 -123.19 -23.32
C ASP F 968 -3.25 -123.61 -24.66
N HIS F 969 -2.42 -122.76 -25.26
CA HIS F 969 -1.74 -123.17 -26.49
C HIS F 969 -0.90 -124.40 -26.25
N VAL F 970 -0.11 -124.38 -25.16
CA VAL F 970 0.83 -125.45 -24.90
C VAL F 970 0.11 -126.71 -24.48
N ALA F 971 -0.83 -126.60 -23.53
CA ALA F 971 -1.44 -127.78 -22.96
C ALA F 971 -2.32 -128.52 -23.96
N ASN F 972 -2.85 -127.83 -24.94
CA ASN F 972 -3.75 -128.40 -25.93
C ASN F 972 -3.05 -128.78 -27.22
N ALA F 973 -1.73 -128.74 -27.26
CA ALA F 973 -0.97 -129.04 -28.46
C ALA F 973 -1.22 -130.50 -28.86
N PRO F 974 -0.73 -130.97 -30.01
CA PRO F 974 -1.18 -132.30 -30.48
C PRO F 974 -0.89 -133.44 -29.52
N ASN F 975 0.34 -133.57 -29.04
CA ASN F 975 0.64 -134.54 -28.00
C ASN F 975 1.21 -133.79 -26.80
N PHE F 976 0.39 -133.66 -25.76
CA PHE F 976 0.79 -133.04 -24.52
C PHE F 976 0.66 -134.07 -23.40
N PRO F 977 1.73 -134.38 -22.69
CA PRO F 977 1.64 -135.37 -21.60
C PRO F 977 0.55 -135.00 -20.62
N PRO F 978 -0.35 -135.94 -20.31
CA PRO F 978 -1.51 -135.61 -19.48
C PRO F 978 -1.15 -135.32 -18.03
N ALA F 979 0.03 -135.72 -17.57
CA ALA F 979 0.41 -135.42 -16.20
C ALA F 979 0.75 -133.96 -15.98
N LEU F 980 1.18 -133.27 -17.02
CA LEU F 980 1.66 -131.91 -16.90
C LEU F 980 0.55 -130.87 -16.95
N ARG F 981 -0.70 -131.30 -17.03
CA ARG F 981 -1.82 -130.37 -17.19
C ARG F 981 -1.79 -129.30 -16.11
N ASP F 982 -1.71 -129.72 -14.85
CA ASP F 982 -1.67 -128.75 -13.76
C ASP F 982 -0.39 -127.93 -13.80
N LEU F 983 0.75 -128.62 -13.84
CA LEU F 983 2.03 -127.92 -13.88
C LEU F 983 2.05 -126.92 -15.03
N ALA F 984 1.60 -127.33 -16.20
CA ALA F 984 1.58 -126.42 -17.34
C ALA F 984 0.73 -125.20 -17.10
N ARG F 985 -0.17 -125.25 -16.12
CA ARG F 985 -1.08 -124.14 -15.88
C ARG F 985 -0.35 -122.95 -15.28
N HIS F 986 0.42 -123.16 -14.21
CA HIS F 986 1.16 -122.07 -13.59
C HIS F 986 2.63 -122.01 -13.99
N VAL F 987 3.14 -122.97 -14.76
CA VAL F 987 4.55 -122.99 -15.15
C VAL F 987 4.64 -122.72 -16.65
N PRO F 988 5.42 -121.74 -17.08
CA PRO F 988 5.59 -121.44 -18.50
C PRO F 988 6.52 -122.38 -19.24
N LEU F 989 6.03 -123.49 -19.80
CA LEU F 989 6.94 -124.50 -20.31
C LEU F 989 7.60 -124.03 -21.59
N VAL F 990 8.92 -123.81 -21.52
CA VAL F 990 9.76 -123.37 -22.62
C VAL F 990 10.90 -124.36 -22.80
N PRO F 991 11.07 -124.99 -23.95
CA PRO F 991 12.23 -125.86 -24.16
C PRO F 991 13.52 -125.08 -23.99
N PRO F 992 14.50 -125.62 -23.26
CA PRO F 992 15.72 -124.85 -22.99
C PRO F 992 16.54 -124.60 -24.23
N ALA F 993 16.27 -125.32 -25.32
CA ALA F 993 16.85 -124.95 -26.60
C ALA F 993 16.55 -123.49 -26.93
N LEU F 994 15.42 -122.98 -26.46
CA LEU F 994 15.05 -121.59 -26.63
C LEU F 994 15.46 -120.72 -25.47
N GLY F 995 16.17 -121.26 -24.49
CA GLY F 995 16.60 -120.50 -23.34
C GLY F 995 15.85 -120.90 -22.08
N ALA F 996 16.35 -120.37 -20.97
CA ALA F 996 15.88 -120.72 -19.65
C ALA F 996 15.58 -119.46 -18.88
N ASN F 997 14.90 -119.63 -17.75
CA ASN F 997 14.61 -118.51 -16.86
C ASN F 997 15.87 -117.75 -16.51
N TYR F 998 16.72 -118.36 -15.70
CA TYR F 998 17.85 -117.65 -15.13
C TYR F 998 18.80 -117.09 -16.15
N PHE F 999 18.83 -117.64 -17.36
CA PHE F 999 19.77 -117.19 -18.36
C PHE F 999 19.19 -116.21 -19.37
N SER F 1000 17.94 -115.81 -19.22
CA SER F 1000 17.39 -114.85 -20.16
C SER F 1000 17.65 -113.43 -19.69
N SER F 1001 17.30 -112.48 -20.55
CA SER F 1001 17.33 -111.08 -20.17
C SER F 1001 16.08 -110.71 -19.41
N ILE F 1002 14.96 -111.32 -19.75
CA ILE F 1002 13.68 -111.09 -19.11
C ILE F 1002 13.28 -112.36 -18.41
N ARG F 1003 13.07 -112.28 -17.12
CA ARG F 1003 12.80 -113.45 -16.30
C ARG F 1003 11.40 -113.35 -15.73
N GLN F 1004 11.04 -114.36 -14.96
CA GLN F 1004 9.66 -114.49 -14.49
C GLN F 1004 9.10 -113.26 -13.80
N PRO F 1005 9.85 -112.51 -12.98
CA PRO F 1005 9.24 -111.34 -12.36
C PRO F 1005 8.62 -110.37 -13.34
N VAL F 1006 9.13 -110.29 -14.57
CA VAL F 1006 8.52 -109.44 -15.58
C VAL F 1006 7.26 -110.10 -16.10
N VAL F 1007 7.27 -111.43 -16.22
CA VAL F 1007 6.12 -112.15 -16.72
C VAL F 1007 4.96 -112.02 -15.75
N GLN F 1008 5.18 -112.39 -14.49
CA GLN F 1008 4.11 -112.33 -13.51
C GLN F 1008 3.59 -110.91 -13.33
N HIS F 1009 4.44 -109.89 -13.47
CA HIS F 1009 3.95 -108.53 -13.40
C HIS F 1009 2.94 -108.25 -14.51
N ALA F 1010 3.28 -108.66 -15.73
CA ALA F 1010 2.43 -108.34 -16.87
C ALA F 1010 1.01 -108.81 -16.65
N ARG F 1011 0.84 -110.07 -16.25
CA ARG F 1011 -0.50 -110.59 -16.08
C ARG F 1011 -1.13 -110.19 -14.75
N GLU F 1012 -0.34 -109.95 -13.70
CA GLU F 1012 -0.93 -109.68 -12.41
C GLU F 1012 -1.42 -108.24 -12.26
N SER F 1013 -0.73 -107.28 -12.86
CA SER F 1013 -0.96 -105.88 -12.54
C SER F 1013 -2.39 -105.47 -12.86
N ALA F 1014 -2.97 -104.67 -11.97
CA ALA F 1014 -4.34 -104.20 -12.09
C ALA F 1014 -4.45 -102.82 -12.74
N ALA F 1015 -3.35 -102.26 -13.20
CA ALA F 1015 -3.41 -100.95 -13.86
C ALA F 1015 -3.86 -101.12 -15.31
N GLY F 1016 -4.02 -100.00 -16.00
CA GLY F 1016 -4.49 -100.03 -17.38
C GLY F 1016 -3.38 -100.41 -18.33
N GLU F 1017 -3.75 -100.51 -19.60
CA GLU F 1017 -2.75 -100.84 -20.62
C GLU F 1017 -1.82 -99.68 -20.89
N ASN F 1018 -2.22 -98.45 -20.58
CA ASN F 1018 -1.27 -97.35 -20.71
C ASN F 1018 -0.30 -97.35 -19.55
N ALA F 1019 -0.81 -97.49 -18.33
CA ALA F 1019 0.05 -97.49 -17.16
C ALA F 1019 0.92 -98.74 -17.14
N LEU F 1020 0.35 -99.90 -17.44
CA LEU F 1020 1.16 -101.11 -17.42
C LEU F 1020 2.22 -101.10 -18.49
N THR F 1021 2.08 -100.24 -19.50
CA THR F 1021 3.05 -100.23 -20.57
C THR F 1021 4.29 -99.43 -20.20
N TYR F 1022 4.11 -98.29 -19.54
CA TYR F 1022 5.27 -97.55 -19.02
C TYR F 1022 5.87 -98.27 -17.83
N ALA F 1023 5.04 -98.82 -16.95
CA ALA F 1023 5.53 -99.56 -15.81
C ALA F 1023 6.38 -100.74 -16.25
N LEU F 1024 5.98 -101.37 -17.34
CA LEU F 1024 6.71 -102.51 -17.86
C LEU F 1024 7.89 -102.08 -18.70
N MET F 1025 7.79 -100.92 -19.35
CA MET F 1025 8.93 -100.35 -20.05
C MET F 1025 9.99 -99.86 -19.08
N ALA F 1026 9.58 -99.40 -17.90
CA ALA F 1026 10.53 -98.94 -16.90
C ALA F 1026 11.26 -100.10 -16.25
N GLY F 1027 10.78 -101.31 -16.41
CA GLY F 1027 11.47 -102.43 -15.83
C GLY F 1027 12.53 -103.00 -16.73
N TYR F 1028 12.69 -102.45 -17.93
CA TYR F 1028 13.69 -102.91 -18.89
C TYR F 1028 14.97 -102.12 -18.84
N PHE F 1029 15.11 -101.19 -17.90
CA PHE F 1029 16.37 -100.52 -17.71
C PHE F 1029 17.38 -101.46 -17.06
N LYS F 1030 18.64 -101.34 -17.48
CA LYS F 1030 19.67 -102.26 -17.03
C LYS F 1030 20.22 -101.90 -15.66
N MET F 1031 20.79 -102.90 -15.00
CA MET F 1031 21.29 -102.79 -13.63
C MET F 1031 22.80 -102.55 -13.53
N SER F 1032 23.47 -102.36 -14.62
CA SER F 1032 24.90 -102.09 -14.60
C SER F 1032 25.20 -100.72 -14.02
N PRO F 1033 26.39 -100.49 -13.45
CA PRO F 1033 26.64 -99.18 -12.85
C PRO F 1033 26.78 -98.09 -13.87
N VAL F 1034 27.12 -98.43 -15.12
CA VAL F 1034 27.03 -97.42 -16.16
C VAL F 1034 25.58 -97.04 -16.40
N ALA F 1035 24.68 -98.03 -16.36
CA ALA F 1035 23.27 -97.72 -16.49
C ALA F 1035 22.77 -96.91 -15.31
N LEU F 1036 23.00 -97.40 -14.09
CA LEU F 1036 22.54 -96.70 -12.90
C LEU F 1036 23.08 -95.28 -12.82
N TYR F 1037 24.26 -95.03 -13.39
CA TYR F 1037 24.73 -93.66 -13.45
C TYR F 1037 23.76 -92.78 -14.23
N HIS F 1038 23.21 -93.30 -15.32
CA HIS F 1038 22.30 -92.48 -16.11
C HIS F 1038 20.98 -92.27 -15.42
N GLN F 1039 20.54 -93.23 -14.63
CA GLN F 1039 19.22 -93.14 -14.03
C GLN F 1039 19.24 -92.34 -12.75
N LEU F 1040 20.22 -92.57 -11.89
CA LEU F 1040 20.26 -91.85 -10.64
C LEU F 1040 20.46 -90.37 -10.88
N LYS F 1041 21.20 -90.02 -11.93
CA LYS F 1041 21.38 -88.61 -12.24
C LYS F 1041 20.16 -88.02 -12.93
N THR F 1042 19.38 -88.83 -13.62
CA THR F 1042 18.23 -88.34 -14.37
C THR F 1042 16.92 -88.50 -13.61
N GLY F 1043 16.95 -89.12 -12.45
CA GLY F 1043 15.76 -89.17 -11.63
C GLY F 1043 14.83 -90.31 -11.90
N LEU F 1044 15.34 -91.42 -12.38
CA LEU F 1044 14.57 -92.65 -12.42
C LEU F 1044 14.91 -93.46 -11.18
N HIS F 1045 13.91 -94.12 -10.64
CA HIS F 1045 14.09 -94.92 -9.44
C HIS F 1045 14.37 -96.35 -9.86
N PRO F 1046 15.56 -96.85 -9.69
CA PRO F 1046 15.93 -98.15 -10.25
C PRO F 1046 15.51 -99.35 -9.40
N GLY F 1047 14.25 -99.35 -8.97
CA GLY F 1047 13.64 -100.54 -8.42
C GLY F 1047 14.12 -100.97 -7.05
N PHE F 1048 15.17 -100.39 -6.51
CA PHE F 1048 15.58 -100.67 -5.14
C PHE F 1048 15.89 -99.36 -4.46
N GLY F 1049 16.20 -99.43 -3.18
CA GLY F 1049 16.39 -98.24 -2.39
C GLY F 1049 17.46 -98.49 -1.36
N PHE F 1050 17.98 -97.42 -0.80
CA PHE F 1050 19.14 -97.53 0.05
C PHE F 1050 18.76 -97.36 1.50
N THR F 1051 19.75 -97.56 2.35
CA THR F 1051 19.66 -97.17 3.74
C THR F 1051 20.94 -96.45 4.09
N VAL F 1052 20.81 -95.26 4.64
CA VAL F 1052 21.94 -94.38 4.87
C VAL F 1052 22.42 -94.57 6.29
N VAL F 1053 23.71 -94.80 6.45
CA VAL F 1053 24.31 -94.93 7.77
C VAL F 1053 25.38 -93.85 7.87
N ARG F 1054 25.15 -92.87 8.73
CA ARG F 1054 26.13 -91.83 8.99
C ARG F 1054 26.68 -92.00 10.39
N GLN F 1055 27.98 -91.78 10.51
CA GLN F 1055 28.67 -91.80 11.79
C GLN F 1055 28.75 -90.37 12.30
N ASP F 1056 28.20 -90.13 13.46
CA ASP F 1056 27.95 -88.77 13.92
C ASP F 1056 28.46 -88.64 15.34
N ARG F 1057 29.06 -87.49 15.65
CA ARG F 1057 29.82 -87.33 16.87
C ARG F 1057 29.23 -86.20 17.71
N PHE F 1058 29.61 -86.15 18.98
CA PHE F 1058 29.09 -85.12 19.88
C PHE F 1058 30.11 -84.83 20.95
N VAL F 1059 30.03 -83.62 21.49
CA VAL F 1059 30.75 -83.24 22.69
C VAL F 1059 29.75 -83.24 23.83
N THR F 1060 30.05 -84.00 24.87
CA THR F 1060 29.13 -84.11 25.98
C THR F 1060 29.76 -83.45 27.19
N GLU F 1061 28.99 -83.42 28.27
CA GLU F 1061 29.45 -82.93 29.55
C GLU F 1061 29.03 -83.93 30.61
N ASN F 1062 30.00 -84.42 31.37
CA ASN F 1062 29.78 -85.57 32.21
C ASN F 1062 29.89 -85.22 33.68
N VAL F 1063 29.23 -86.01 34.50
CA VAL F 1063 29.45 -86.02 35.93
C VAL F 1063 30.09 -87.35 36.26
N LEU F 1064 30.97 -87.34 37.25
CA LEU F 1064 31.72 -88.51 37.66
C LEU F 1064 31.61 -88.64 39.16
N PHE F 1065 31.10 -89.77 39.62
CA PHE F 1065 31.06 -90.05 41.05
C PHE F 1065 32.00 -91.19 41.36
N SER F 1066 32.61 -91.14 42.54
CA SER F 1066 33.51 -92.18 43.00
C SER F 1066 33.25 -92.43 44.47
N GLU F 1067 33.84 -93.49 44.99
CA GLU F 1067 33.72 -93.84 46.40
C GLU F 1067 34.89 -93.25 47.18
N ARG F 1068 35.06 -93.66 48.43
CA ARG F 1068 36.17 -93.10 49.19
C ARG F 1068 37.45 -93.70 48.68
N ALA F 1069 37.77 -94.93 49.01
CA ALA F 1069 38.98 -95.51 48.47
C ALA F 1069 38.56 -96.40 47.32
N SER F 1070 38.65 -95.86 46.11
CA SER F 1070 38.48 -96.63 44.90
C SER F 1070 39.80 -96.99 44.27
N GLU F 1071 40.90 -96.51 44.86
CA GLU F 1071 42.15 -96.47 44.14
C GLU F 1071 43.30 -96.66 45.10
N ALA F 1072 44.25 -97.51 44.74
CA ALA F 1072 45.43 -97.79 45.55
C ALA F 1072 46.64 -96.99 45.12
N TYR F 1073 46.45 -95.97 44.28
CA TYR F 1073 47.48 -95.37 43.44
C TYR F 1073 48.81 -95.17 44.15
N PHE F 1074 49.88 -95.66 43.53
CA PHE F 1074 51.23 -95.74 44.08
C PHE F 1074 52.17 -94.80 43.33
N LEU F 1075 53.23 -94.39 44.01
CA LEU F 1075 54.15 -93.38 43.51
C LEU F 1075 55.59 -93.87 43.55
N GLY F 1076 56.34 -93.61 42.48
CA GLY F 1076 57.75 -93.91 42.42
C GLY F 1076 58.60 -92.66 42.52
N GLN F 1077 59.90 -92.85 42.35
CA GLN F 1077 60.83 -91.73 42.32
C GLN F 1077 60.79 -91.04 40.97
N LEU F 1078 61.52 -89.94 40.86
CA LEU F 1078 61.66 -89.27 39.59
C LEU F 1078 62.90 -89.79 38.87
N GLN F 1079 63.05 -89.36 37.62
CA GLN F 1079 64.19 -89.75 36.81
C GLN F 1079 64.46 -88.63 35.82
N VAL F 1080 65.72 -88.39 35.53
CA VAL F 1080 66.13 -87.30 34.66
C VAL F 1080 66.95 -87.87 33.51
N ALA F 1081 66.61 -87.48 32.29
CA ALA F 1081 67.35 -87.88 31.11
C ALA F 1081 67.81 -86.64 30.36
N ARG F 1082 69.10 -86.60 30.01
CA ARG F 1082 69.71 -85.38 29.53
C ARG F 1082 69.46 -85.13 28.05
N HIS F 1083 69.55 -86.16 27.21
CA HIS F 1083 68.95 -86.13 25.87
C HIS F 1083 69.62 -85.17 24.89
N GLU F 1084 70.46 -84.26 25.37
CA GLU F 1084 70.91 -83.12 24.56
C GLU F 1084 69.86 -82.14 24.06
N THR F 1085 69.86 -81.94 22.74
CA THR F 1085 68.80 -81.36 21.92
C THR F 1085 69.46 -80.44 20.91
N GLY F 1086 68.66 -79.77 20.10
CA GLY F 1086 69.05 -79.08 18.90
C GLY F 1086 69.71 -77.72 19.07
N GLY F 1087 70.57 -77.56 20.08
CA GLY F 1087 71.00 -76.23 20.47
C GLY F 1087 70.57 -75.83 21.87
N GLY F 1088 70.26 -76.83 22.66
CA GLY F 1088 69.99 -76.68 24.07
C GLY F 1088 70.28 -78.00 24.75
N VAL F 1089 69.88 -78.18 25.99
CA VAL F 1089 69.84 -79.48 26.63
C VAL F 1089 68.47 -79.67 27.24
N ASN F 1090 67.77 -80.73 26.84
CA ASN F 1090 66.41 -80.98 27.27
C ASN F 1090 66.42 -82.05 28.34
N PHE F 1091 66.03 -81.68 29.55
CA PHE F 1091 65.90 -82.65 30.63
C PHE F 1091 64.46 -83.14 30.65
N THR F 1092 64.26 -84.41 30.30
CA THR F 1092 62.95 -85.02 30.42
C THR F 1092 62.87 -85.69 31.78
N LEU F 1093 61.85 -85.32 32.54
CA LEU F 1093 61.71 -85.73 33.92
C LEU F 1093 60.48 -86.63 34.00
N THR F 1094 60.68 -87.85 34.46
CA THR F 1094 59.59 -88.82 34.48
C THR F 1094 59.40 -89.40 35.88
N GLN F 1095 58.53 -90.38 36.01
CA GLN F 1095 58.24 -91.02 37.29
C GLN F 1095 57.33 -92.22 37.07
N PRO F 1096 57.69 -93.38 37.61
CA PRO F 1096 56.83 -94.54 37.49
C PRO F 1096 55.71 -94.51 38.52
N ARG F 1097 54.55 -95.00 38.12
CA ARG F 1097 53.39 -95.00 38.97
C ARG F 1097 52.64 -96.31 38.78
N GLY F 1098 51.80 -96.63 39.74
CA GLY F 1098 51.08 -97.89 39.70
C GLY F 1098 49.78 -97.74 40.45
N ASN F 1099 48.81 -98.58 40.10
CA ASN F 1099 47.47 -98.40 40.63
C ASN F 1099 46.67 -99.69 40.47
N VAL F 1100 45.69 -99.84 41.35
CA VAL F 1100 44.75 -100.97 41.43
C VAL F 1100 43.40 -100.45 41.86
N ASP F 1101 42.34 -101.23 41.67
CA ASP F 1101 41.02 -100.82 42.07
C ASP F 1101 40.58 -101.52 43.31
N LEU F 1102 40.33 -100.76 44.34
CA LEU F 1102 39.93 -101.32 45.60
C LEU F 1102 38.59 -101.99 45.69
N GLY F 1103 37.60 -101.47 45.02
CA GLY F 1103 36.29 -102.05 45.13
C GLY F 1103 36.21 -103.47 44.61
N VAL F 1104 35.47 -104.30 45.33
CA VAL F 1104 35.24 -105.65 44.88
C VAL F 1104 34.39 -105.53 43.62
N GLY F 1105 33.51 -104.55 43.52
CA GLY F 1105 32.89 -104.43 42.22
C GLY F 1105 32.16 -103.13 42.02
N TYR F 1106 32.11 -102.67 40.77
CA TYR F 1106 31.51 -101.40 40.36
C TYR F 1106 31.74 -100.28 41.34
N THR F 1107 32.96 -99.83 41.50
CA THR F 1107 33.15 -98.54 42.11
C THR F 1107 33.13 -97.48 41.00
N ALA F 1108 33.09 -96.22 41.41
CA ALA F 1108 32.77 -95.07 40.58
C ALA F 1108 31.53 -95.27 39.73
N VAL F 1109 31.36 -94.44 38.71
CA VAL F 1109 30.18 -94.41 37.85
C VAL F 1109 30.33 -93.13 37.04
N ALA F 1110 29.66 -93.02 35.91
CA ALA F 1110 29.75 -91.79 35.15
C ALA F 1110 28.45 -91.58 34.40
N ALA F 1111 28.04 -90.33 34.31
CA ALA F 1111 26.80 -90.01 33.62
C ALA F 1111 27.09 -88.94 32.58
N THR F 1112 26.07 -88.62 31.80
CA THR F 1112 26.15 -87.56 30.81
C THR F 1112 25.09 -86.53 31.15
N ALA F 1113 25.47 -85.27 31.08
CA ALA F 1113 24.59 -84.19 31.45
C ALA F 1113 24.69 -83.13 30.37
N THR F 1114 23.58 -82.86 29.72
CA THR F 1114 23.49 -81.98 28.57
C THR F 1114 24.47 -82.33 27.47
N VAL F 1115 24.78 -81.32 26.65
CA VAL F 1115 25.55 -81.50 25.42
C VAL F 1115 26.24 -80.17 25.19
N ARG F 1116 27.41 -80.20 24.60
CA ARG F 1116 28.02 -78.96 24.18
C ARG F 1116 27.61 -78.67 22.74
N ASN F 1117 28.17 -79.41 21.79
CA ASN F 1117 27.92 -79.15 20.38
C ASN F 1117 27.93 -80.47 19.62
N PRO F 1118 27.40 -80.49 18.41
CA PRO F 1118 27.50 -81.72 17.66
C PRO F 1118 28.83 -82.20 17.12
N VAL F 1119 29.76 -81.33 16.76
CA VAL F 1119 31.11 -81.68 16.30
C VAL F 1119 31.27 -82.24 14.89
N THR F 1120 30.17 -82.60 14.24
CA THR F 1120 30.18 -83.23 12.94
C THR F 1120 28.95 -82.42 12.56
N ASP F 1121 28.87 -81.89 11.36
CA ASP F 1121 27.72 -81.06 11.01
C ASP F 1121 26.37 -81.72 10.86
N MET F 1122 26.35 -83.05 10.80
CA MET F 1122 25.10 -83.81 10.68
C MET F 1122 24.32 -84.02 9.37
N GLY F 1123 25.04 -84.15 8.25
CA GLY F 1123 24.38 -84.22 6.96
C GLY F 1123 24.59 -85.10 5.75
N ASN F 1124 24.71 -84.38 4.64
CA ASN F 1124 24.80 -84.79 3.23
C ASN F 1124 25.82 -85.64 2.50
N LEU F 1125 27.10 -85.52 2.80
CA LEU F 1125 28.12 -86.19 2.01
C LEU F 1125 28.05 -87.70 1.73
N PRO F 1126 28.26 -88.06 0.46
CA PRO F 1126 28.32 -89.44 -0.04
C PRO F 1126 29.56 -90.14 0.49
N GLN F 1127 29.67 -91.42 0.16
CA GLN F 1127 30.90 -92.18 0.32
C GLN F 1127 31.41 -92.46 -1.08
N ASN F 1128 32.57 -91.95 -1.41
CA ASN F 1128 33.16 -92.20 -2.71
C ASN F 1128 33.96 -93.48 -2.63
N PHE F 1129 33.59 -94.48 -3.43
CA PHE F 1129 34.36 -95.70 -3.43
C PHE F 1129 35.57 -95.64 -4.35
N TYR F 1130 35.73 -94.55 -5.09
CA TYR F 1130 36.89 -94.44 -5.96
C TYR F 1130 38.11 -93.93 -5.22
N LEU F 1131 38.01 -93.74 -3.90
CA LEU F 1131 39.18 -93.45 -3.10
C LEU F 1131 40.00 -94.71 -2.81
N GLY F 1132 39.34 -95.85 -2.63
CA GLY F 1132 40.02 -97.10 -2.42
C GLY F 1132 40.08 -97.96 -3.66
N ARG F 1133 41.02 -98.91 -3.67
CA ARG F 1133 41.08 -99.93 -4.70
C ARG F 1133 40.89 -101.31 -4.07
N GLY F 1134 39.67 -101.84 -4.09
CA GLY F 1134 39.53 -103.23 -3.73
C GLY F 1134 39.00 -104.08 -4.86
N ALA F 1135 38.45 -103.41 -5.86
CA ALA F 1135 37.57 -104.04 -6.82
C ALA F 1135 38.24 -104.07 -8.18
N PRO F 1136 38.37 -105.25 -8.79
CA PRO F 1136 38.81 -105.30 -10.18
C PRO F 1136 37.93 -104.41 -11.03
N PRO F 1137 38.52 -103.58 -11.86
CA PRO F 1137 37.75 -102.54 -12.57
C PRO F 1137 36.97 -103.15 -13.73
N LEU F 1138 36.22 -102.28 -14.42
CA LEU F 1138 35.50 -102.69 -15.62
C LEU F 1138 36.51 -103.10 -16.69
N LEU F 1139 36.13 -104.06 -17.55
CA LEU F 1139 37.10 -104.58 -18.51
C LEU F 1139 37.36 -103.65 -19.69
N ASP F 1140 36.35 -102.92 -20.14
CA ASP F 1140 36.63 -101.91 -21.14
C ASP F 1140 37.30 -100.73 -20.44
N ASN F 1141 38.52 -100.42 -20.84
CA ASN F 1141 39.23 -99.36 -20.15
C ASN F 1141 38.56 -98.02 -20.35
N ALA F 1142 37.86 -97.83 -21.46
CA ALA F 1142 37.07 -96.62 -21.64
C ALA F 1142 35.88 -96.61 -20.70
N ALA F 1143 35.22 -97.75 -20.54
CA ALA F 1143 34.10 -97.84 -19.61
C ALA F 1143 34.56 -97.55 -18.20
N ALA F 1144 35.74 -98.03 -17.83
CA ALA F 1144 36.27 -97.79 -16.50
C ALA F 1144 36.56 -96.32 -16.28
N VAL F 1145 37.26 -95.68 -17.23
CA VAL F 1145 37.63 -94.29 -17.04
C VAL F 1145 36.50 -93.33 -17.36
N TYR F 1146 35.52 -93.74 -18.16
CA TYR F 1146 34.34 -92.88 -18.31
C TYR F 1146 33.59 -92.78 -17.01
N LEU F 1147 33.25 -93.92 -16.42
CA LEU F 1147 32.47 -93.92 -15.19
C LEU F 1147 33.25 -93.27 -14.06
N ARG F 1148 34.56 -93.50 -13.99
CA ARG F 1148 35.32 -92.93 -12.90
C ARG F 1148 35.23 -91.41 -12.92
N ASN F 1149 35.81 -90.78 -13.93
CA ASN F 1149 35.86 -89.32 -13.92
C ASN F 1149 34.50 -88.68 -13.97
N ALA F 1150 33.47 -89.44 -14.34
CA ALA F 1150 32.11 -88.92 -14.21
C ALA F 1150 31.75 -88.73 -12.74
N VAL F 1151 31.90 -89.78 -11.95
CA VAL F 1151 31.74 -89.67 -10.49
C VAL F 1151 32.76 -88.69 -9.91
N VAL F 1152 34.04 -89.01 -10.05
CA VAL F 1152 35.11 -88.31 -9.37
C VAL F 1152 35.21 -86.83 -9.76
N ALA F 1153 34.44 -86.38 -10.74
CA ALA F 1153 34.58 -85.05 -11.31
C ALA F 1153 34.68 -83.96 -10.26
N GLY F 1154 33.58 -83.66 -9.59
CA GLY F 1154 33.57 -82.62 -8.57
C GLY F 1154 33.38 -83.06 -7.14
N ASN F 1155 33.55 -84.35 -6.83
CA ASN F 1155 33.14 -84.86 -5.52
C ASN F 1155 33.77 -84.08 -4.39
N ARG F 1156 33.02 -83.97 -3.30
CA ARG F 1156 33.60 -83.42 -2.08
C ARG F 1156 34.69 -84.33 -1.53
N LEU F 1157 34.69 -85.59 -1.94
CA LEU F 1157 35.67 -86.57 -1.55
C LEU F 1157 36.65 -86.84 -2.68
N GLY F 1158 36.13 -87.24 -3.84
CA GLY F 1158 36.87 -87.89 -4.88
C GLY F 1158 38.23 -87.27 -5.15
N PRO F 1159 39.21 -88.14 -5.15
CA PRO F 1159 40.57 -87.67 -5.08
C PRO F 1159 41.11 -86.68 -6.06
N ALA F 1160 41.67 -85.62 -5.51
CA ALA F 1160 42.40 -84.66 -6.33
C ALA F 1160 43.64 -85.40 -6.81
N GLN F 1161 43.74 -85.58 -8.12
CA GLN F 1161 44.73 -86.35 -8.86
C GLN F 1161 44.64 -87.82 -8.46
N PRO F 1162 45.03 -88.74 -9.33
CA PRO F 1162 44.66 -90.15 -9.13
C PRO F 1162 45.43 -90.83 -8.00
N LEU F 1163 44.90 -91.98 -7.61
CA LEU F 1163 45.40 -92.74 -6.47
C LEU F 1163 46.82 -93.23 -6.71
N PRO F 1164 47.77 -92.91 -5.84
CA PRO F 1164 49.12 -93.45 -6.00
C PRO F 1164 49.20 -94.90 -5.55
N VAL F 1165 50.21 -95.59 -6.05
CA VAL F 1165 50.54 -96.92 -5.56
C VAL F 1165 50.80 -96.81 -4.08
N PHE F 1166 51.90 -96.15 -3.71
CA PHE F 1166 52.23 -95.88 -2.33
C PHE F 1166 52.04 -94.39 -2.07
N GLY F 1167 51.32 -94.07 -1.01
CA GLY F 1167 50.97 -92.71 -0.70
C GLY F 1167 49.64 -92.66 0.01
N CYS F 1168 49.01 -91.49 -0.07
CA CYS F 1168 47.69 -91.27 0.49
C CYS F 1168 46.74 -90.86 -0.63
N ALA F 1169 45.44 -91.04 -0.39
CA ALA F 1169 44.46 -90.81 -1.45
C ALA F 1169 44.11 -89.35 -1.65
N GLN F 1170 44.46 -88.46 -0.73
CA GLN F 1170 44.34 -87.02 -0.94
C GLN F 1170 42.91 -86.58 -1.24
N VAL F 1171 42.09 -86.60 -0.18
CA VAL F 1171 40.84 -85.84 -0.27
C VAL F 1171 41.15 -84.37 -0.47
N PRO F 1172 40.55 -83.70 -1.46
CA PRO F 1172 40.80 -82.28 -1.62
C PRO F 1172 40.29 -81.51 -0.43
N ARG F 1173 41.04 -80.49 -0.03
CA ARG F 1173 40.60 -79.64 1.07
C ARG F 1173 40.09 -78.31 0.52
N ARG F 1174 39.08 -77.79 1.16
CA ARG F 1174 38.38 -76.62 0.66
C ARG F 1174 38.74 -75.40 1.48
N ALA F 1175 38.72 -74.25 0.82
CA ALA F 1175 39.22 -73.02 1.39
C ALA F 1175 38.48 -72.60 2.65
N GLY F 1176 37.25 -73.06 2.84
CA GLY F 1176 36.49 -72.67 4.01
C GLY F 1176 35.47 -73.72 4.37
N MET F 1177 35.09 -73.71 5.64
CA MET F 1177 34.10 -74.64 6.15
C MET F 1177 33.42 -74.01 7.34
N ASP F 1178 32.18 -74.42 7.62
CA ASP F 1178 31.49 -73.77 8.73
C ASP F 1178 30.86 -74.70 9.75
N HIS F 1179 29.85 -75.46 9.35
CA HIS F 1179 29.00 -76.08 10.36
C HIS F 1179 29.76 -77.09 11.21
N GLY F 1180 30.83 -77.64 10.70
CA GLY F 1180 31.64 -78.57 11.45
C GLY F 1180 32.23 -79.61 10.52
N GLN F 1181 32.85 -80.60 11.14
CA GLN F 1181 33.39 -81.74 10.40
C GLN F 1181 32.33 -82.34 9.51
N ASP F 1182 32.64 -82.52 8.24
CA ASP F 1182 31.67 -83.10 7.33
C ASP F 1182 31.46 -84.55 7.68
N ALA F 1183 30.20 -84.93 7.93
CA ALA F 1183 29.91 -86.33 8.19
C ALA F 1183 30.06 -87.11 6.90
N VAL F 1184 29.85 -88.42 6.97
CA VAL F 1184 29.95 -89.26 5.78
C VAL F 1184 28.79 -90.22 5.77
N CYS F 1185 28.00 -90.20 4.71
CA CYS F 1185 26.84 -91.05 4.59
C CYS F 1185 27.16 -92.22 3.70
N GLU F 1186 26.58 -93.36 4.01
CA GLU F 1186 26.80 -94.58 3.25
C GLU F 1186 25.50 -95.27 2.91
N PHE F 1187 25.48 -95.89 1.75
CA PHE F 1187 24.26 -96.41 1.17
C PHE F 1187 24.37 -97.93 1.09
N ILE F 1188 23.62 -98.61 1.93
CA ILE F 1188 23.36 -100.04 1.76
C ILE F 1188 22.06 -100.15 0.98
N ALA F 1189 22.08 -100.87 -0.13
CA ALA F 1189 20.89 -101.00 -0.96
C ALA F 1189 19.98 -102.05 -0.37
N THR F 1190 18.77 -101.64 0.01
CA THR F 1190 17.73 -102.55 0.46
C THR F 1190 16.68 -102.73 -0.62
N PRO F 1191 15.73 -103.63 -0.43
CA PRO F 1191 14.58 -103.68 -1.33
C PRO F 1191 13.62 -102.55 -1.03
N VAL F 1192 12.90 -102.09 -2.06
CA VAL F 1192 11.95 -101.02 -1.82
C VAL F 1192 10.82 -101.46 -0.90
N ALA F 1193 10.55 -102.76 -0.82
CA ALA F 1193 9.58 -103.24 0.16
C ALA F 1193 10.36 -103.88 1.29
N THR F 1194 10.61 -103.07 2.31
CA THR F 1194 10.96 -103.44 3.67
C THR F 1194 10.26 -102.38 4.49
N ASP F 1195 9.50 -102.77 5.50
CA ASP F 1195 8.56 -101.83 6.06
C ASP F 1195 9.28 -100.64 6.66
N ILE F 1196 8.66 -99.49 6.49
CA ILE F 1196 9.30 -98.31 6.97
C ILE F 1196 9.40 -98.43 8.46
N ASN F 1197 8.56 -99.28 9.03
CA ASN F 1197 8.47 -99.48 10.47
C ASN F 1197 9.80 -99.94 10.95
N TYR F 1198 10.53 -100.63 10.08
CA TYR F 1198 11.91 -101.02 10.38
C TYR F 1198 12.44 -99.66 10.03
N PHE F 1199 13.28 -99.10 10.87
CA PHE F 1199 13.82 -97.77 10.73
C PHE F 1199 12.91 -96.86 11.51
N ARG F 1200 11.71 -97.30 11.84
CA ARG F 1200 10.96 -96.42 12.70
C ARG F 1200 11.51 -96.39 14.08
N ARG F 1201 11.96 -97.54 14.57
CA ARG F 1201 12.54 -97.79 15.89
C ARG F 1201 13.98 -98.15 15.75
N PRO F 1202 14.77 -98.13 16.84
CA PRO F 1202 16.18 -98.44 16.64
C PRO F 1202 16.50 -99.89 16.51
N CYS F 1203 16.76 -100.23 15.28
CA CYS F 1203 17.20 -101.51 14.71
C CYS F 1203 18.43 -101.40 13.81
N ASN F 1204 19.19 -102.51 13.78
CA ASN F 1204 20.41 -102.69 12.99
C ASN F 1204 20.24 -102.22 11.55
N PRO F 1205 21.26 -101.54 11.02
CA PRO F 1205 21.23 -101.17 9.62
C PRO F 1205 21.55 -102.34 8.68
N ARG F 1206 22.07 -103.47 9.14
CA ARG F 1206 22.38 -104.52 8.18
C ARG F 1206 21.19 -105.40 7.91
N GLY F 1207 20.07 -105.18 8.61
CA GLY F 1207 18.90 -106.00 8.49
C GLY F 1207 18.71 -107.03 9.58
N ARG F 1208 19.77 -107.42 10.27
CA ARG F 1208 19.69 -108.49 11.25
C ARG F 1208 20.53 -108.10 12.46
N ALA F 1209 20.24 -108.71 13.60
CA ALA F 1209 20.95 -108.41 14.83
C ALA F 1209 22.26 -109.18 14.87
N ALA F 1210 23.39 -108.47 14.97
CA ALA F 1210 24.69 -109.09 14.96
C ALA F 1210 25.36 -109.24 16.31
N GLY F 1211 24.73 -108.74 17.39
CA GLY F 1211 25.48 -108.55 18.62
C GLY F 1211 25.97 -109.85 19.23
N GLY F 1212 27.10 -109.75 19.93
CA GLY F 1212 27.43 -110.77 20.90
C GLY F 1212 26.73 -110.60 22.20
N VAL F 1213 26.15 -109.41 22.40
CA VAL F 1213 25.21 -109.19 23.49
C VAL F 1213 24.09 -110.21 23.43
N TYR F 1214 23.70 -110.60 22.22
CA TYR F 1214 22.60 -111.51 22.01
C TYR F 1214 23.04 -112.95 21.93
N ALA F 1215 24.32 -113.23 22.10
CA ALA F 1215 24.79 -114.60 22.07
C ALA F 1215 24.21 -115.38 23.24
N GLY F 1216 24.18 -116.70 23.08
CA GLY F 1216 23.62 -117.58 24.08
C GLY F 1216 24.59 -118.44 24.85
N ASP F 1217 25.86 -118.06 24.81
CA ASP F 1217 26.88 -118.71 25.61
C ASP F 1217 27.10 -120.17 25.37
N LYS F 1218 26.94 -120.59 24.13
CA LYS F 1218 27.21 -121.96 23.76
C LYS F 1218 27.84 -121.96 22.41
N GLU F 1219 29.01 -122.56 22.28
CA GLU F 1219 29.66 -122.70 20.98
C GLU F 1219 29.86 -121.43 20.17
N GLY F 1220 29.43 -121.49 18.91
CA GLY F 1220 29.59 -120.40 17.98
C GLY F 1220 28.33 -119.65 17.62
N ASP F 1221 27.41 -119.49 18.56
CA ASP F 1221 26.20 -118.71 18.25
C ASP F 1221 26.51 -117.38 17.58
N VAL F 1222 27.45 -116.61 18.13
CA VAL F 1222 27.96 -115.49 17.34
C VAL F 1222 28.56 -116.09 16.08
N ILE F 1223 28.25 -115.46 14.93
CA ILE F 1223 28.53 -115.98 13.59
C ILE F 1223 27.54 -117.07 13.23
N ALA F 1224 26.71 -117.46 14.18
CA ALA F 1224 25.55 -118.28 13.85
C ALA F 1224 24.37 -117.35 13.97
N LEU F 1225 24.16 -116.82 15.16
CA LEU F 1225 23.15 -115.79 15.40
C LEU F 1225 23.17 -114.75 14.29
N MET F 1226 24.34 -114.40 13.81
CA MET F 1226 24.48 -113.34 12.85
C MET F 1226 24.02 -113.75 11.46
N TYR F 1227 24.56 -114.84 10.97
CA TYR F 1227 24.31 -115.24 9.61
C TYR F 1227 23.29 -116.28 9.30
N ASP F 1228 23.21 -117.32 10.11
CA ASP F 1228 22.29 -118.39 9.80
C ASP F 1228 20.91 -117.81 9.66
N HIS F 1229 20.34 -118.05 8.50
CA HIS F 1229 19.03 -117.56 8.18
C HIS F 1229 17.99 -118.64 8.30
N GLY F 1230 18.42 -119.86 8.60
CA GLY F 1230 17.48 -120.94 8.79
C GLY F 1230 16.64 -120.51 9.97
N GLN F 1231 17.34 -119.94 10.95
CA GLN F 1231 16.78 -119.41 12.16
C GLN F 1231 16.22 -118.06 11.86
N SER F 1232 15.58 -117.53 12.88
CA SER F 1232 14.94 -116.24 12.92
C SER F 1232 15.96 -115.17 13.32
N ASP F 1233 15.47 -113.99 13.66
CA ASP F 1233 16.25 -112.84 14.02
C ASP F 1233 15.94 -112.51 15.47
N PRO F 1234 16.94 -112.17 16.28
CA PRO F 1234 16.63 -111.84 17.67
C PRO F 1234 15.72 -110.63 17.82
N ALA F 1235 15.98 -109.60 17.04
CA ALA F 1235 15.20 -108.37 17.14
C ALA F 1235 13.80 -108.53 16.58
N ARG F 1236 13.64 -109.34 15.54
CA ARG F 1236 12.34 -109.55 14.89
C ARG F 1236 12.19 -111.04 14.66
N PRO F 1237 11.89 -111.80 15.71
CA PRO F 1237 11.93 -113.26 15.60
C PRO F 1237 10.98 -113.85 14.60
N PHE F 1238 9.99 -113.09 14.14
CA PHE F 1238 9.08 -113.65 13.16
C PHE F 1238 9.71 -113.75 11.78
N ALA F 1239 10.82 -113.06 11.55
CA ALA F 1239 11.43 -112.96 10.23
C ALA F 1239 12.87 -113.42 10.29
N ALA F 1240 13.42 -113.77 9.12
CA ALA F 1240 14.82 -114.10 9.04
C ALA F 1240 15.60 -112.80 9.16
N THR F 1241 15.43 -111.90 8.19
CA THR F 1241 16.12 -110.62 8.07
C THR F 1241 15.25 -109.54 7.51
N ALA F 1242 15.62 -108.28 7.68
CA ALA F 1242 14.84 -107.19 7.09
C ALA F 1242 15.41 -106.75 5.79
N ASN F 1243 16.60 -107.22 5.47
CA ASN F 1243 17.28 -106.89 4.24
C ASN F 1243 18.10 -108.09 3.95
N PRO F 1244 17.79 -108.83 2.89
CA PRO F 1244 18.60 -110.00 2.57
C PRO F 1244 19.88 -109.70 1.84
N TRP F 1245 20.03 -108.50 1.30
CA TRP F 1245 21.18 -108.09 0.53
C TRP F 1245 22.32 -107.57 1.40
N ALA F 1246 22.16 -107.58 2.71
CA ALA F 1246 23.21 -107.15 3.61
C ALA F 1246 23.43 -108.21 4.66
N SER F 1247 22.37 -108.52 5.40
CA SER F 1247 22.44 -109.43 6.54
C SER F 1247 23.09 -110.76 6.22
N GLN F 1248 23.02 -111.22 4.99
CA GLN F 1248 23.56 -112.53 4.70
C GLN F 1248 25.06 -112.44 4.48
N ARG F 1249 25.76 -113.51 4.84
CA ARG F 1249 27.17 -113.59 4.54
C ARG F 1249 27.32 -113.70 3.02
N PHE F 1250 28.32 -113.00 2.47
CA PHE F 1250 28.57 -112.93 1.03
C PHE F 1250 27.47 -112.22 0.28
N SER F 1251 26.68 -111.42 0.96
CA SER F 1251 25.61 -110.69 0.31
C SER F 1251 26.30 -109.51 -0.23
N TYR F 1252 25.62 -108.71 -1.04
CA TYR F 1252 26.26 -107.56 -1.61
C TYR F 1252 26.72 -106.59 -0.57
N GLY F 1253 25.87 -106.32 0.41
CA GLY F 1253 26.22 -105.36 1.42
C GLY F 1253 27.41 -105.80 2.22
N ASP F 1254 27.43 -107.06 2.57
CA ASP F 1254 28.51 -107.60 3.35
C ASP F 1254 29.77 -107.51 2.54
N LEU F 1255 29.73 -107.89 1.28
CA LEU F 1255 30.94 -107.86 0.47
C LEU F 1255 31.47 -106.47 0.42
N LEU F 1256 30.57 -105.51 0.29
CA LEU F 1256 30.96 -104.13 0.24
C LEU F 1256 31.53 -103.50 1.51
N TYR F 1257 30.90 -103.77 2.65
CA TYR F 1257 31.30 -103.10 3.89
C TYR F 1257 32.11 -103.85 4.94
N ASN F 1258 32.10 -105.16 4.84
CA ASN F 1258 32.87 -106.01 5.73
C ASN F 1258 34.35 -105.74 5.50
N GLY F 1259 35.07 -105.46 6.57
CA GLY F 1259 36.46 -105.11 6.43
C GLY F 1259 37.37 -106.27 6.14
N ALA F 1260 36.86 -107.50 6.09
CA ALA F 1260 37.69 -108.62 5.68
C ALA F 1260 38.10 -108.49 4.22
N TYR F 1261 37.18 -108.01 3.38
CA TYR F 1261 37.45 -107.88 1.97
C TYR F 1261 38.14 -106.57 1.61
N HIS F 1262 38.03 -105.55 2.46
CA HIS F 1262 38.72 -104.27 2.33
C HIS F 1262 38.78 -103.71 0.92
N LEU F 1263 37.65 -103.23 0.39
CA LEU F 1263 37.67 -102.37 -0.76
C LEU F 1263 38.17 -101.01 -0.31
N ASN F 1264 37.40 -100.41 0.57
CA ASN F 1264 37.62 -99.11 1.11
C ASN F 1264 38.65 -99.33 2.21
N GLY F 1265 39.89 -99.56 1.80
CA GLY F 1265 40.97 -99.77 2.73
C GLY F 1265 42.14 -98.86 2.50
N ALA F 1266 42.26 -98.31 1.30
CA ALA F 1266 43.35 -97.41 0.97
C ALA F 1266 42.76 -96.04 0.83
N SER F 1267 41.56 -95.94 1.34
CA SER F 1267 40.68 -94.81 1.25
C SER F 1267 40.70 -94.35 2.66
N PRO F 1268 41.21 -93.14 2.93
CA PRO F 1268 41.33 -92.52 4.26
C PRO F 1268 40.01 -92.26 4.94
N VAL F 1269 38.92 -92.14 4.21
CA VAL F 1269 37.65 -91.69 4.78
C VAL F 1269 37.03 -92.81 5.59
N LEU F 1270 36.27 -92.44 6.62
CA LEU F 1270 35.64 -93.44 7.48
C LEU F 1270 34.52 -94.17 6.76
N SER F 1271 34.38 -95.46 7.05
CA SER F 1271 33.19 -96.20 6.71
C SER F 1271 32.37 -96.38 7.98
N PRO F 1272 31.28 -95.63 8.16
CA PRO F 1272 30.40 -95.92 9.28
C PRO F 1272 29.94 -97.35 9.38
N CYS F 1273 29.84 -98.06 8.27
CA CYS F 1273 29.32 -99.42 8.27
C CYS F 1273 30.38 -100.46 8.59
N PHE F 1274 31.66 -100.11 8.53
CA PHE F 1274 32.67 -101.06 8.97
C PHE F 1274 32.42 -101.50 10.39
N LYS F 1275 31.80 -100.66 11.20
CA LYS F 1275 31.52 -101.09 12.57
C LYS F 1275 30.55 -102.25 12.60
N PHE F 1276 29.48 -102.14 11.81
CA PHE F 1276 28.41 -103.15 11.73
C PHE F 1276 28.74 -104.48 11.08
N PHE F 1277 29.34 -104.45 9.89
CA PHE F 1277 29.54 -105.64 9.07
C PHE F 1277 30.71 -106.55 9.27
N THR F 1278 31.71 -106.19 10.08
CA THR F 1278 32.84 -107.07 10.22
C THR F 1278 32.62 -108.02 11.35
N ALA F 1279 32.45 -109.30 11.06
CA ALA F 1279 32.23 -110.28 12.11
C ALA F 1279 33.44 -110.39 13.00
N ALA F 1280 34.57 -110.50 12.36
CA ALA F 1280 35.90 -110.54 12.94
C ALA F 1280 35.91 -109.79 14.25
N ASP F 1281 35.31 -108.60 14.27
CA ASP F 1281 35.28 -107.80 15.48
C ASP F 1281 34.17 -108.24 16.43
N ILE F 1282 32.98 -108.50 15.91
CA ILE F 1282 31.86 -108.83 16.79
C ILE F 1282 32.14 -110.14 17.51
N THR F 1283 32.85 -111.06 16.86
CA THR F 1283 33.22 -112.30 17.50
C THR F 1283 34.44 -112.13 18.41
N ALA F 1284 35.33 -111.19 18.08
CA ALA F 1284 36.53 -110.99 18.89
C ALA F 1284 36.18 -110.59 20.31
N LYS F 1285 35.05 -109.92 20.51
CA LYS F 1285 34.71 -109.46 21.85
C LYS F 1285 34.32 -110.66 22.71
N HIS F 1286 34.07 -110.37 23.98
CA HIS F 1286 33.48 -111.36 24.87
C HIS F 1286 32.02 -111.01 25.08
N ARG F 1287 31.31 -111.92 25.74
CA ARG F 1287 29.87 -111.75 25.89
C ARG F 1287 29.43 -111.30 27.27
N CYS F 1288 30.32 -111.12 28.24
CA CYS F 1288 29.85 -110.89 29.60
C CYS F 1288 29.49 -109.43 29.78
N LEU F 1289 28.24 -109.16 30.15
CA LEU F 1289 27.74 -107.80 30.29
C LEU F 1289 28.42 -107.03 31.40
N GLU F 1290 28.96 -107.71 32.41
CA GLU F 1290 29.68 -107.02 33.47
C GLU F 1290 30.68 -106.05 32.90
N ARG F 1291 31.57 -106.56 32.05
CA ARG F 1291 32.54 -105.69 31.41
C ARG F 1291 31.87 -104.79 30.39
N LEU F 1292 31.12 -105.37 29.45
CA LEU F 1292 30.78 -104.66 28.23
C LEU F 1292 30.25 -103.27 28.50
N ILE F 1293 29.66 -103.03 29.68
CA ILE F 1293 29.22 -101.68 29.98
C ILE F 1293 30.38 -100.80 30.44
N VAL F 1294 31.41 -101.36 31.07
CA VAL F 1294 32.50 -100.48 31.49
C VAL F 1294 33.42 -100.16 30.34
N GLU F 1295 33.56 -101.06 29.36
CA GLU F 1295 34.33 -100.73 28.17
C GLU F 1295 33.52 -99.96 27.15
N THR F 1296 32.25 -99.70 27.41
CA THR F 1296 31.49 -98.81 26.53
C THR F 1296 31.84 -97.35 26.79
N GLY F 1297 31.83 -96.94 28.06
CA GLY F 1297 32.14 -95.56 28.37
C GLY F 1297 33.43 -95.08 27.75
N SER F 1298 34.48 -95.86 27.87
CA SER F 1298 35.70 -95.42 27.26
C SER F 1298 35.95 -96.38 26.15
N ALA F 1299 35.55 -96.02 24.95
CA ALA F 1299 35.75 -96.85 23.82
C ALA F 1299 36.38 -96.00 22.77
N VAL F 1300 37.46 -96.45 22.15
CA VAL F 1300 38.12 -95.65 21.13
C VAL F 1300 37.17 -95.42 19.98
N SER F 1301 37.17 -94.22 19.42
CA SER F 1301 36.28 -93.94 18.33
C SER F 1301 37.02 -94.18 17.07
N THR F 1302 36.42 -94.91 16.14
CA THR F 1302 37.00 -95.22 14.84
C THR F 1302 37.35 -93.97 14.03
N ALA F 1303 36.91 -92.80 14.46
CA ALA F 1303 37.00 -91.58 13.67
C ALA F 1303 37.97 -90.59 14.32
N THR F 1304 38.07 -89.42 13.72
CA THR F 1304 38.78 -88.29 14.26
C THR F 1304 37.88 -87.07 14.21
N ALA F 1305 38.01 -86.22 15.21
CA ALA F 1305 37.32 -84.94 15.21
C ALA F 1305 38.20 -83.82 14.67
N ALA F 1306 39.41 -84.13 14.23
CA ALA F 1306 40.37 -83.13 13.85
C ALA F 1306 40.43 -82.84 12.36
N SER F 1307 39.73 -83.58 11.52
CA SER F 1307 39.86 -83.39 10.08
C SER F 1307 38.64 -82.67 9.52
N ASP F 1308 38.74 -82.26 8.26
CA ASP F 1308 37.66 -81.51 7.66
C ASP F 1308 36.51 -82.43 7.26
N VAL F 1309 36.83 -83.52 6.61
CA VAL F 1309 35.92 -84.64 6.40
C VAL F 1309 36.31 -85.68 7.42
N GLN F 1310 35.35 -86.42 7.95
CA GLN F 1310 35.72 -87.33 9.02
C GLN F 1310 36.53 -88.49 8.43
N PHE F 1311 37.77 -88.62 8.89
CA PHE F 1311 38.68 -89.61 8.39
C PHE F 1311 38.63 -90.83 9.28
N LYS F 1312 39.49 -91.79 8.97
CA LYS F 1312 39.64 -92.99 9.77
C LYS F 1312 40.82 -92.76 10.70
N ARG F 1313 40.73 -93.26 11.90
CA ARG F 1313 41.74 -92.94 12.87
C ARG F 1313 43.14 -93.20 12.39
N PRO F 1314 43.99 -92.21 12.60
CA PRO F 1314 45.41 -92.15 12.31
C PRO F 1314 46.13 -92.99 13.33
N PRO F 1315 47.34 -93.45 13.07
CA PRO F 1315 48.02 -94.29 14.06
C PRO F 1315 48.28 -93.68 15.45
N GLY F 1316 48.60 -92.39 15.57
CA GLY F 1316 48.95 -91.77 16.84
C GLY F 1316 48.21 -91.54 18.17
N CYS F 1317 46.95 -91.12 18.19
CA CYS F 1317 46.27 -90.86 19.49
C CYS F 1317 44.84 -91.41 19.57
N ARG F 1318 44.28 -91.56 20.77
CA ARG F 1318 42.95 -92.11 20.81
C ARG F 1318 41.93 -91.11 21.22
N GLU F 1319 40.83 -91.07 20.50
CA GLU F 1319 39.74 -90.18 20.81
C GLU F 1319 38.99 -90.51 22.09
N LEU F 1320 38.82 -91.79 22.40
CA LEU F 1320 38.10 -92.22 23.62
C LEU F 1320 36.67 -91.76 23.77
N VAL F 1321 35.95 -91.80 22.68
CA VAL F 1321 34.55 -91.47 22.65
C VAL F 1321 33.76 -92.59 23.29
N GLU F 1322 32.59 -92.28 23.82
CA GLU F 1322 31.80 -93.32 24.38
C GLU F 1322 30.70 -93.66 23.41
N ASP F 1323 30.69 -94.87 22.88
CA ASP F 1323 29.67 -95.23 21.90
C ASP F 1323 28.81 -96.39 22.27
N PRO F 1324 27.50 -96.17 22.24
CA PRO F 1324 26.47 -97.15 22.54
C PRO F 1324 26.15 -97.99 21.35
N CYS F 1325 26.61 -97.63 20.16
CA CYS F 1325 26.20 -98.46 19.04
C CYS F 1325 27.07 -99.70 18.92
N GLY F 1326 28.32 -99.62 19.36
CA GLY F 1326 29.17 -100.78 19.37
C GLY F 1326 28.74 -101.84 20.36
N LEU F 1327 27.89 -101.49 21.32
CA LEU F 1327 27.40 -102.48 22.28
C LEU F 1327 26.03 -102.99 21.83
N PHE F 1328 25.03 -102.12 21.85
CA PHE F 1328 23.68 -102.53 21.52
C PHE F 1328 23.56 -103.05 20.11
N GLN F 1329 24.56 -102.83 19.27
CA GLN F 1329 24.53 -103.33 17.91
C GLN F 1329 23.35 -102.70 17.17
N GLU F 1330 23.31 -101.37 17.19
CA GLU F 1330 22.15 -100.60 16.76
C GLU F 1330 22.59 -99.32 16.07
N ALA F 1331 21.64 -98.67 15.41
CA ALA F 1331 21.83 -97.33 14.89
C ALA F 1331 20.50 -96.59 14.95
N TYR F 1332 20.54 -95.38 15.34
CA TYR F 1332 19.36 -94.65 15.76
C TYR F 1332 18.74 -93.86 14.60
N PRO F 1333 17.41 -93.86 14.50
CA PRO F 1333 16.76 -92.99 13.54
C PRO F 1333 16.92 -91.52 13.87
N ILE F 1334 16.67 -90.67 12.87
CA ILE F 1334 16.52 -89.23 13.05
C ILE F 1334 15.26 -88.78 12.35
N THR F 1335 14.82 -87.58 12.65
CA THR F 1335 13.63 -87.10 12.00
C THR F 1335 13.97 -86.77 10.57
N CYS F 1336 13.34 -87.48 9.65
CA CYS F 1336 13.56 -87.29 8.23
C CYS F 1336 12.27 -87.67 7.54
N ALA F 1337 12.01 -87.03 6.40
CA ALA F 1337 10.86 -87.40 5.60
C ALA F 1337 11.24 -87.24 4.15
N SER F 1338 10.44 -87.86 3.29
CA SER F 1338 10.65 -87.74 1.86
C SER F 1338 9.98 -86.51 1.26
N ASP F 1339 9.33 -85.69 2.07
CA ASP F 1339 8.70 -84.44 1.71
C ASP F 1339 9.21 -83.32 2.57
N PRO F 1340 9.27 -82.09 2.04
CA PRO F 1340 9.38 -80.94 2.93
C PRO F 1340 8.13 -80.72 3.74
N ALA F 1341 6.97 -81.03 3.17
CA ALA F 1341 5.72 -80.77 3.86
C ALA F 1341 5.40 -81.81 4.91
N LEU F 1342 5.95 -83.01 4.80
CA LEU F 1342 5.85 -83.93 5.92
C LEU F 1342 6.76 -83.48 7.04
N LEU F 1343 7.98 -83.10 6.71
CA LEU F 1343 8.94 -82.66 7.71
C LEU F 1343 8.47 -81.40 8.42
N ARG F 1344 7.79 -80.49 7.71
CA ARG F 1344 7.17 -79.35 8.38
C ARG F 1344 6.16 -79.79 9.41
N SER F 1345 5.45 -80.89 9.16
CA SER F 1345 4.42 -81.32 10.08
C SER F 1345 5.01 -81.68 11.44
N ALA F 1346 6.17 -82.32 11.45
CA ALA F 1346 6.85 -82.56 12.71
C ALA F 1346 7.95 -81.52 12.82
N ARG F 1347 7.49 -80.38 13.30
CA ARG F 1347 8.25 -79.25 13.70
C ARG F 1347 7.54 -79.07 15.03
N ASP F 1348 8.33 -79.05 16.08
CA ASP F 1348 7.80 -79.02 17.43
C ASP F 1348 6.84 -80.17 17.77
N GLY F 1349 7.32 -81.40 17.56
CA GLY F 1349 6.67 -82.62 17.95
C GLY F 1349 6.03 -83.66 17.07
N GLU F 1350 6.03 -84.89 17.57
CA GLU F 1350 5.40 -85.98 16.86
C GLU F 1350 3.93 -86.17 17.19
N ALA F 1351 3.33 -85.25 17.93
CA ALA F 1351 1.91 -85.34 18.18
C ALA F 1351 1.14 -85.42 16.87
N HIS F 1352 1.11 -84.32 16.12
CA HIS F 1352 0.32 -84.22 14.92
C HIS F 1352 1.10 -84.55 13.66
N ALA F 1353 2.35 -84.96 13.79
CA ALA F 1353 3.18 -85.23 12.62
C ALA F 1353 2.48 -86.16 11.64
N ARG F 1354 2.66 -85.91 10.35
CA ARG F 1354 2.16 -86.82 9.35
C ARG F 1354 3.12 -88.00 9.27
N GLU F 1355 2.65 -89.18 9.62
CA GLU F 1355 3.54 -90.32 9.51
C GLU F 1355 3.59 -90.84 8.09
N THR F 1356 2.48 -90.75 7.36
CA THR F 1356 2.41 -91.22 5.99
C THR F 1356 1.44 -90.35 5.20
N HIS F 1357 1.80 -90.06 3.96
CA HIS F 1357 0.87 -89.48 3.01
C HIS F 1357 1.09 -90.16 1.66
N PHE F 1358 0.11 -90.91 1.19
CA PHE F 1358 0.24 -91.68 -0.05
C PHE F 1358 1.53 -92.47 0.02
N THR F 1359 2.37 -92.43 -1.00
CA THR F 1359 3.64 -93.16 -0.98
C THR F 1359 4.71 -92.46 -0.16
N GLN F 1360 4.43 -91.26 0.33
CA GLN F 1360 5.37 -90.50 1.15
C GLN F 1360 5.31 -90.99 2.59
N TYR F 1361 6.39 -90.79 3.31
CA TYR F 1361 6.47 -91.23 4.69
C TYR F 1361 7.35 -90.27 5.49
N LEU F 1362 7.10 -90.22 6.78
CA LEU F 1362 7.96 -89.49 7.70
C LEU F 1362 8.40 -90.43 8.80
N ILE F 1363 9.62 -90.24 9.25
CA ILE F 1363 10.18 -90.98 10.36
C ILE F 1363 10.57 -89.99 11.43
N TYR F 1364 10.01 -90.16 12.62
CA TYR F 1364 10.39 -89.26 13.68
C TYR F 1364 11.64 -89.79 14.37
N ASP F 1365 12.20 -88.97 15.26
CA ASP F 1365 13.50 -89.22 15.85
C ASP F 1365 13.38 -90.18 17.02
N ALA F 1366 14.21 -91.22 17.01
CA ALA F 1366 14.33 -92.12 18.16
C ALA F 1366 15.82 -92.30 18.40
N SER F 1367 16.30 -91.82 19.51
CA SER F 1367 17.72 -91.57 19.64
C SER F 1367 18.02 -91.06 21.03
N PRO F 1368 19.23 -91.23 21.55
CA PRO F 1368 19.57 -90.60 22.82
C PRO F 1368 19.38 -89.10 22.82
N LEU F 1369 19.32 -88.47 21.66
CA LEU F 1369 19.19 -87.04 21.54
C LEU F 1369 17.74 -86.56 21.53
N LYS F 1370 16.78 -87.47 21.44
CA LYS F 1370 15.38 -87.04 21.39
C LYS F 1370 15.04 -86.25 22.64
N GLY F 1371 14.38 -85.13 22.45
CA GLY F 1371 14.03 -84.28 23.56
C GLY F 1371 15.10 -83.30 23.98
N LEU F 1372 16.22 -83.24 23.28
CA LEU F 1372 17.22 -82.22 23.54
C LEU F 1372 17.05 -81.08 22.54
N SER F 1373 17.86 -80.03 22.72
CA SER F 1373 17.69 -78.83 21.90
C SER F 1373 18.32 -79.03 20.53
N LEU F 1374 19.64 -79.17 20.50
CA LEU F 1374 20.38 -79.46 19.28
C LEU F 1374 19.87 -80.74 18.63
N ARG G 6 65.00 -127.34 32.18
CA ARG G 6 63.58 -127.04 32.31
C ARG G 6 63.34 -125.76 33.09
N ASP G 7 63.81 -124.64 32.57
CA ASP G 7 63.58 -123.38 33.25
C ASP G 7 64.04 -123.41 34.70
N PRO G 8 65.37 -123.76 34.92
CA PRO G 8 65.76 -123.80 36.34
C PRO G 8 65.48 -122.45 36.97
N PRO G 9 65.02 -122.48 38.29
CA PRO G 9 64.67 -121.17 38.88
C PRO G 9 65.68 -120.06 38.63
N GLY G 10 66.94 -120.42 38.70
CA GLY G 10 68.01 -119.48 38.49
C GLY G 10 68.99 -119.52 39.64
N TYR G 11 70.05 -118.75 39.48
CA TYR G 11 71.05 -118.59 40.53
C TYR G 11 70.69 -117.35 41.32
N ARG G 12 70.82 -117.45 42.61
CA ARG G 12 70.40 -116.40 43.52
C ARG G 12 71.62 -115.62 43.93
N TYR G 13 71.84 -114.52 43.24
CA TYR G 13 72.89 -113.59 43.63
C TYR G 13 72.32 -112.90 44.88
N ALA G 14 73.24 -112.38 45.68
CA ALA G 14 73.01 -111.68 46.98
C ALA G 14 72.81 -112.60 48.15
N ALA G 15 72.92 -113.89 47.89
CA ALA G 15 72.97 -114.94 48.87
C ALA G 15 74.40 -115.52 48.84
N ALA G 16 75.22 -115.05 47.91
CA ALA G 16 76.58 -115.44 47.67
C ALA G 16 77.40 -114.22 48.02
N MET G 17 76.99 -113.57 49.10
CA MET G 17 77.65 -112.36 49.57
C MET G 17 78.34 -112.84 50.82
N VAL G 18 77.54 -113.51 51.66
CA VAL G 18 77.99 -114.18 52.86
C VAL G 18 77.82 -115.68 52.60
N PRO G 19 78.78 -116.32 51.94
CA PRO G 19 78.66 -117.74 51.67
C PRO G 19 78.73 -118.56 52.94
N THR G 20 78.15 -119.74 52.87
CA THR G 20 78.13 -120.68 53.97
C THR G 20 79.38 -121.52 54.04
N GLY G 21 80.33 -121.32 53.15
CA GLY G 21 81.50 -122.17 53.07
C GLY G 21 82.21 -121.94 51.77
N SER G 22 83.32 -122.64 51.60
CA SER G 22 84.20 -122.42 50.47
C SER G 22 84.45 -123.71 49.73
N ILE G 23 84.23 -123.71 48.42
CA ILE G 23 84.60 -124.84 47.61
C ILE G 23 86.09 -125.04 47.71
N LEU G 24 86.51 -126.25 48.05
CA LEU G 24 87.88 -126.50 48.44
C LEU G 24 88.77 -126.94 47.28
N SER G 25 88.22 -127.13 46.10
CA SER G 25 89.06 -127.45 44.96
C SER G 25 89.06 -126.31 43.97
N THR G 26 89.92 -126.42 42.96
CA THR G 26 89.97 -125.45 41.88
C THR G 26 90.07 -126.23 40.58
N ILE G 27 89.05 -126.16 39.74
CA ILE G 27 89.09 -126.86 38.48
C ILE G 27 88.09 -126.29 37.50
N GLU G 28 88.16 -126.62 36.21
CA GLU G 28 87.17 -126.09 35.30
C GLU G 28 85.93 -126.88 35.57
N VAL G 29 84.83 -126.20 35.85
CA VAL G 29 83.61 -126.89 36.16
C VAL G 29 82.70 -127.00 34.98
N ALA G 30 83.17 -126.56 33.83
CA ALA G 30 82.42 -126.59 32.60
C ALA G 30 82.14 -128.00 32.15
N SER G 31 83.07 -128.90 32.38
CA SER G 31 82.97 -130.32 32.04
C SER G 31 81.82 -131.06 32.71
N HIS G 32 81.59 -130.70 33.95
CA HIS G 32 80.68 -131.30 34.89
C HIS G 32 79.27 -130.74 34.77
N ARG G 33 79.03 -129.97 33.71
CA ARG G 33 77.76 -129.29 33.46
C ARG G 33 76.56 -130.18 33.73
N ARG G 34 76.67 -131.48 33.47
CA ARG G 34 75.54 -132.36 33.70
C ARG G 34 75.27 -132.60 35.19
N LEU G 35 76.20 -132.21 36.07
CA LEU G 35 75.93 -132.30 37.51
C LEU G 35 74.92 -131.25 37.93
N PHE G 36 75.27 -129.98 37.77
CA PHE G 36 74.43 -128.89 38.22
C PHE G 36 73.20 -128.75 37.34
N ASP G 37 72.07 -128.41 37.96
CA ASP G 37 70.88 -128.19 37.17
C ASP G 37 70.90 -126.80 36.53
N PHE G 38 71.19 -125.77 37.30
CA PHE G 38 71.42 -124.45 36.75
C PHE G 38 72.91 -124.20 36.66
N PHE G 39 73.35 -123.65 35.54
CA PHE G 39 74.75 -123.35 35.36
C PHE G 39 74.87 -122.16 34.43
N ALA G 40 75.80 -121.28 34.74
CA ALA G 40 76.11 -120.15 33.89
C ALA G 40 77.61 -119.91 33.98
N ARG G 41 78.23 -119.71 32.83
CA ARG G 41 79.64 -119.36 32.76
C ARG G 41 79.74 -117.93 32.25
N VAL G 42 80.19 -117.03 33.11
CA VAL G 42 80.25 -115.62 32.80
C VAL G 42 81.72 -115.22 32.67
N ARG G 43 82.00 -114.38 31.67
CA ARG G 43 83.36 -113.96 31.38
C ARG G 43 83.59 -112.64 32.07
N SER G 44 84.53 -112.59 33.01
CA SER G 44 84.75 -111.39 33.82
C SER G 44 83.41 -111.28 34.52
N ASP G 45 82.77 -110.12 34.53
CA ASP G 45 81.42 -110.05 35.08
C ASP G 45 80.60 -109.04 34.31
N GLU G 46 79.44 -109.45 33.79
CA GLU G 46 78.66 -108.46 33.07
C GLU G 46 77.11 -108.57 33.01
N ASN G 47 76.45 -107.47 33.39
CA ASN G 47 74.99 -107.17 33.33
C ASN G 47 73.95 -107.86 34.19
N SER G 48 73.86 -109.17 34.11
CA SER G 48 72.91 -109.93 34.91
C SER G 48 73.18 -110.02 36.39
N LEU G 49 74.42 -109.97 36.83
CA LEU G 49 74.58 -110.10 38.26
C LEU G 49 73.81 -109.04 39.01
N TYR G 50 73.51 -107.93 38.35
CA TYR G 50 73.09 -106.70 38.99
C TYR G 50 71.59 -106.50 39.00
N ASP G 51 70.83 -107.45 38.46
CA ASP G 51 69.38 -107.32 38.42
C ASP G 51 68.79 -107.71 39.75
N VAL G 52 68.06 -106.79 40.37
CA VAL G 52 67.19 -107.10 41.50
C VAL G 52 65.77 -106.77 41.08
N GLU G 53 64.88 -107.73 41.27
CA GLU G 53 63.48 -107.54 40.95
C GLU G 53 62.67 -108.39 41.91
N PHE G 54 61.52 -107.88 42.33
CA PHE G 54 60.74 -108.59 43.33
C PHE G 54 59.26 -108.46 43.02
N ASP G 55 58.50 -109.44 43.49
CA ASP G 55 57.05 -109.40 43.47
C ASP G 55 56.55 -109.12 44.87
N ALA G 56 55.60 -108.20 44.99
CA ALA G 56 55.14 -107.73 46.28
C ALA G 56 53.69 -108.07 46.51
N LEU G 57 53.35 -108.35 47.77
CA LEU G 57 51.97 -108.27 48.23
C LEU G 57 51.74 -106.86 48.77
N LEU G 58 50.88 -106.12 48.10
CA LEU G 58 50.62 -104.75 48.51
C LEU G 58 49.41 -104.63 49.42
N GLY G 59 48.80 -105.75 49.81
CA GLY G 59 47.76 -105.71 50.81
C GLY G 59 46.94 -106.97 50.87
N SER G 60 46.19 -107.15 51.95
CA SER G 60 45.24 -108.23 52.09
C SER G 60 43.97 -107.65 52.69
N TYR G 61 42.83 -108.00 52.12
CA TYR G 61 41.56 -107.43 52.54
C TYR G 61 40.54 -108.53 52.76
N CYS G 62 39.74 -108.37 53.81
CA CYS G 62 38.73 -109.35 54.15
C CYS G 62 37.57 -108.63 54.80
N ASN G 63 36.37 -109.11 54.58
CA ASN G 63 35.22 -108.47 55.18
C ASN G 63 34.84 -109.18 56.47
N THR G 64 33.72 -108.79 57.04
CA THR G 64 33.13 -109.49 58.17
C THR G 64 31.68 -109.79 57.85
N LEU G 65 31.23 -110.99 58.21
CA LEU G 65 29.84 -111.33 57.98
C LEU G 65 28.94 -110.55 58.92
N SER G 66 27.92 -109.91 58.36
CA SER G 66 26.90 -109.31 59.18
C SER G 66 26.08 -110.41 59.85
N LEU G 67 25.85 -110.25 61.15
CA LEU G 67 25.04 -111.19 61.90
C LEU G 67 23.79 -110.45 62.36
N VAL G 68 22.70 -110.79 61.73
CA VAL G 68 21.49 -110.11 61.99
C VAL G 68 20.65 -110.84 62.98
N ARG G 69 20.54 -110.30 64.18
CA ARG G 69 19.67 -110.91 65.11
C ARG G 69 18.34 -110.49 64.55
N PHE G 70 17.43 -111.44 64.43
CA PHE G 70 16.09 -111.22 63.93
C PHE G 70 15.28 -110.29 64.83
N LEU G 71 15.52 -110.31 66.12
CA LEU G 71 14.79 -109.47 67.03
C LEU G 71 14.94 -107.98 66.74
N GLU G 72 16.11 -107.51 66.34
CA GLU G 72 16.23 -106.11 65.93
C GLU G 72 15.88 -106.12 64.46
N LEU G 73 14.66 -105.68 64.15
CA LEU G 73 14.10 -105.78 62.82
C LEU G 73 12.67 -105.26 62.88
N GLY G 74 12.16 -104.84 61.73
CA GLY G 74 10.79 -104.37 61.65
C GLY G 74 9.82 -105.52 61.56
N LEU G 75 10.17 -106.50 60.73
CA LEU G 75 9.34 -107.68 60.55
C LEU G 75 9.13 -108.44 61.84
N SER G 76 9.94 -108.22 62.83
CA SER G 76 9.76 -108.95 64.05
C SER G 76 8.46 -108.66 64.74
N VAL G 77 7.87 -107.49 64.53
CA VAL G 77 6.59 -107.16 65.10
C VAL G 77 5.64 -107.54 64.00
N ALA G 78 5.08 -108.73 64.14
CA ALA G 78 4.19 -109.48 63.23
C ALA G 78 4.26 -110.91 63.59
N CYS G 79 5.13 -111.32 64.51
CA CYS G 79 5.16 -112.68 64.94
C CYS G 79 5.67 -112.75 66.34
N VAL G 80 5.06 -113.61 67.14
CA VAL G 80 5.46 -113.85 68.52
C VAL G 80 6.43 -115.00 68.38
N CYS G 81 7.59 -114.96 69.04
CA CYS G 81 8.60 -115.97 68.81
C CYS G 81 8.95 -116.59 70.14
N THR G 82 8.57 -117.85 70.33
CA THR G 82 8.91 -118.55 71.56
C THR G 82 9.80 -119.73 71.23
N LYS G 83 10.84 -119.91 72.02
CA LYS G 83 11.79 -120.98 71.85
C LYS G 83 11.25 -122.18 72.62
N PHE G 84 10.88 -123.23 71.91
CA PHE G 84 10.27 -124.41 72.54
C PHE G 84 11.14 -125.62 72.23
N PRO G 85 12.03 -125.99 73.12
CA PRO G 85 12.95 -127.06 72.74
C PRO G 85 12.36 -128.38 72.26
N GLU G 86 11.30 -128.91 72.84
CA GLU G 86 10.83 -130.20 72.35
C GLU G 86 9.80 -130.27 71.21
N LEU G 87 10.08 -129.64 70.08
CA LEU G 87 9.16 -129.77 68.94
C LEU G 87 9.19 -131.19 68.34
N ALA G 88 10.38 -131.76 68.26
CA ALA G 88 10.66 -133.08 67.72
C ALA G 88 9.96 -134.16 68.54
N TYR G 89 9.94 -134.01 69.85
CA TYR G 89 9.19 -134.92 70.70
C TYR G 89 7.70 -134.66 70.67
N MET G 90 7.28 -133.60 70.01
CA MET G 90 5.89 -133.19 69.98
C MET G 90 5.19 -133.77 68.78
N ASN G 91 3.96 -134.21 68.99
CA ASN G 91 3.21 -134.81 67.90
C ASN G 91 2.43 -133.74 67.16
N GLU G 92 1.35 -133.26 67.77
CA GLU G 92 0.46 -132.32 67.14
C GLU G 92 0.07 -131.24 68.13
N GLY G 93 0.42 -130.00 67.83
CA GLY G 93 0.05 -128.86 68.65
C GLY G 93 -1.21 -128.18 68.13
N ARG G 94 -1.91 -127.51 69.04
CA ARG G 94 -3.15 -126.85 68.69
C ARG G 94 -3.31 -125.57 69.48
N VAL G 95 -3.79 -124.54 68.82
CA VAL G 95 -4.19 -123.29 69.44
C VAL G 95 -5.69 -123.15 69.28
N GLN G 96 -6.39 -122.78 70.34
CA GLN G 96 -7.83 -122.70 70.30
C GLN G 96 -8.29 -121.29 70.61
N PHE G 97 -9.33 -120.86 69.89
CA PHE G 97 -9.92 -119.54 70.01
C PHE G 97 -11.36 -119.65 70.46
N GLU G 98 -11.82 -118.66 71.18
CA GLU G 98 -13.24 -118.49 71.46
C GLU G 98 -13.58 -117.03 71.22
N VAL G 99 -14.43 -116.77 70.23
CA VAL G 99 -14.92 -115.42 69.99
C VAL G 99 -16.41 -115.40 70.28
N HIS G 100 -16.83 -114.49 71.14
CA HIS G 100 -18.20 -114.36 71.59
C HIS G 100 -18.80 -113.16 70.91
N GLN G 101 -20.00 -113.31 70.37
CA GLN G 101 -20.44 -112.23 69.52
C GLN G 101 -21.58 -111.47 70.16
N PRO G 102 -21.65 -110.16 69.92
CA PRO G 102 -22.62 -109.16 70.41
C PRO G 102 -23.88 -109.15 69.60
N LEU G 103 -25.01 -108.74 70.17
CA LEU G 103 -26.27 -108.74 69.43
C LEU G 103 -27.15 -107.52 69.68
N ILE G 104 -28.10 -107.25 68.79
CA ILE G 104 -29.01 -106.11 68.94
C ILE G 104 -30.49 -106.49 69.09
N ALA G 105 -31.22 -105.91 70.03
CA ALA G 105 -32.64 -106.18 70.18
C ALA G 105 -33.36 -105.54 69.02
N ARG G 106 -34.44 -106.13 68.53
CA ARG G 106 -35.14 -105.60 67.38
C ARG G 106 -36.63 -105.79 67.56
N ASP G 107 -37.45 -105.20 66.71
CA ASP G 107 -38.89 -105.29 66.85
C ASP G 107 -39.52 -105.36 65.47
N GLY G 108 -40.35 -106.36 65.26
CA GLY G 108 -41.01 -106.50 63.99
C GLY G 108 -41.09 -107.96 63.66
N PRO G 109 -40.94 -108.25 62.38
CA PRO G 109 -40.90 -109.51 61.65
C PRO G 109 -39.65 -110.28 61.98
N HIS G 110 -38.60 -109.58 62.39
CA HIS G 110 -37.32 -110.17 62.65
C HIS G 110 -37.40 -111.33 63.61
N PRO G 111 -36.73 -112.43 63.27
CA PRO G 111 -36.66 -113.60 64.12
C PRO G 111 -35.84 -113.13 65.28
N VAL G 112 -36.25 -113.45 66.49
CA VAL G 112 -35.56 -112.91 67.67
C VAL G 112 -34.32 -113.74 67.98
N GLU G 113 -33.19 -113.07 68.17
CA GLU G 113 -31.92 -113.75 68.18
C GLU G 113 -31.40 -113.93 69.60
N GLN G 114 -30.30 -114.67 69.69
CA GLN G 114 -29.73 -115.05 70.96
C GLN G 114 -28.22 -115.17 70.81
N PRO G 115 -27.45 -114.99 71.88
CA PRO G 115 -26.00 -114.90 71.74
C PRO G 115 -25.43 -116.16 71.12
N VAL G 116 -24.55 -115.99 70.15
CA VAL G 116 -23.86 -117.11 69.53
C VAL G 116 -22.40 -117.07 69.95
N HIS G 117 -21.84 -118.24 70.20
CA HIS G 117 -20.45 -118.41 70.57
C HIS G 117 -19.83 -119.37 69.57
N ASN G 118 -18.54 -119.19 69.30
CA ASN G 118 -17.92 -119.81 68.14
C ASN G 118 -17.08 -121.04 68.48
N TYR G 119 -16.06 -120.91 69.32
CA TYR G 119 -15.34 -122.09 69.81
C TYR G 119 -14.63 -122.87 68.71
N MET G 120 -13.48 -122.38 68.25
CA MET G 120 -12.71 -123.00 67.17
C MET G 120 -11.29 -123.33 67.62
N THR G 121 -10.61 -124.17 66.83
CA THR G 121 -9.22 -124.52 67.08
C THR G 121 -8.42 -124.55 65.77
N LYS G 122 -7.14 -124.21 65.85
CA LYS G 122 -6.19 -124.31 64.76
C LYS G 122 -5.05 -125.23 65.17
N VAL G 123 -4.31 -125.71 64.18
CA VAL G 123 -3.26 -126.71 64.40
C VAL G 123 -1.93 -126.17 63.91
N ILE G 124 -0.93 -126.21 64.78
CA ILE G 124 0.45 -125.90 64.41
C ILE G 124 0.84 -126.74 63.21
N ASP G 125 1.55 -126.14 62.27
CA ASP G 125 2.17 -126.90 61.20
C ASP G 125 3.68 -126.86 61.38
N ARG G 126 4.37 -127.64 60.59
CA ARG G 126 5.77 -127.65 60.81
C ARG G 126 6.72 -127.73 59.65
N ARG G 127 7.59 -126.74 59.57
CA ARG G 127 8.72 -126.78 58.67
C ARG G 127 9.92 -127.34 59.42
N ALA G 128 10.98 -127.58 58.67
CA ALA G 128 12.30 -127.76 59.25
C ALA G 128 13.27 -127.19 58.23
N LEU G 129 14.17 -126.34 58.66
CA LEU G 129 15.03 -125.64 57.72
C LEU G 129 16.49 -125.95 58.02
N ASN G 130 17.24 -126.20 56.95
CA ASN G 130 18.54 -126.85 57.03
C ASN G 130 19.66 -125.94 56.55
N ALA G 131 20.82 -126.12 57.15
CA ALA G 131 22.06 -125.57 56.63
C ALA G 131 23.14 -126.63 56.80
N ALA G 132 24.32 -126.36 56.26
CA ALA G 132 25.36 -127.37 56.29
C ALA G 132 26.71 -126.69 56.15
N PHE G 133 27.76 -127.41 56.54
CA PHE G 133 29.11 -127.02 56.22
C PHE G 133 29.99 -128.25 56.29
N SER G 134 31.15 -128.18 55.65
CA SER G 134 32.00 -129.34 55.51
C SER G 134 33.39 -129.03 56.04
N LEU G 135 34.12 -130.09 56.33
CA LEU G 135 35.50 -130.02 56.75
C LEU G 135 36.36 -130.84 55.80
N ALA G 136 37.42 -130.23 55.28
CA ALA G 136 38.30 -130.96 54.39
C ALA G 136 39.00 -132.07 55.14
N THR G 137 39.28 -133.18 54.43
CA THR G 137 39.97 -134.30 55.02
C THR G 137 41.26 -133.86 55.69
N GLU G 138 41.94 -132.88 55.10
CA GLU G 138 43.15 -132.35 55.72
C GLU G 138 42.85 -131.61 57.01
N ALA G 139 41.65 -131.02 57.14
CA ALA G 139 41.34 -130.21 58.31
C ALA G 139 41.14 -131.08 59.53
N ILE G 140 40.34 -132.14 59.41
CA ILE G 140 40.14 -133.06 60.53
C ILE G 140 41.47 -133.52 61.07
N ALA G 141 42.41 -133.81 60.19
CA ALA G 141 43.75 -134.19 60.63
C ALA G 141 44.46 -133.07 61.37
N LEU G 142 44.10 -131.82 61.13
CA LEU G 142 44.65 -130.76 61.95
C LEU G 142 43.88 -130.59 63.25
N LEU G 143 42.57 -130.58 63.15
CA LEU G 143 41.67 -130.40 64.27
C LEU G 143 41.82 -131.51 65.28
N THR G 144 41.96 -132.71 64.74
CA THR G 144 42.15 -133.91 65.49
C THR G 144 43.50 -133.89 66.15
N GLY G 145 44.45 -133.29 65.46
CA GLY G 145 45.82 -133.26 65.93
C GLY G 145 46.59 -134.45 65.42
N GLU G 146 45.99 -135.21 64.53
CA GLU G 146 46.63 -136.36 63.96
C GLU G 146 47.82 -135.92 63.15
N ALA G 147 47.68 -134.84 62.39
CA ALA G 147 48.79 -134.34 61.60
C ALA G 147 49.46 -133.24 62.37
N LEU G 148 50.54 -133.56 63.06
CA LEU G 148 51.27 -132.58 63.81
C LEU G 148 52.71 -133.06 63.96
N ASP G 149 53.68 -132.16 63.90
CA ASP G 149 55.07 -132.54 64.12
C ASP G 149 55.73 -131.81 65.27
N GLY G 150 55.07 -130.83 65.88
CA GLY G 150 55.73 -129.92 66.79
C GLY G 150 56.48 -128.81 66.09
N THR G 151 56.67 -128.90 64.78
CA THR G 151 57.26 -127.81 64.03
C THR G 151 56.24 -126.69 63.84
N GLY G 152 56.74 -125.45 63.85
CA GLY G 152 55.88 -124.29 63.74
C GLY G 152 54.98 -124.31 62.52
N ILE G 153 55.37 -125.05 61.48
CA ILE G 153 54.50 -125.20 60.32
C ILE G 153 53.27 -126.01 60.68
N SER G 154 53.46 -127.12 61.41
CA SER G 154 52.32 -127.92 61.82
C SER G 154 51.35 -127.12 62.68
N LEU G 155 51.88 -126.28 63.56
CA LEU G 155 51.00 -125.39 64.32
C LEU G 155 50.21 -124.49 63.39
N HIS G 156 50.91 -123.70 62.58
CA HIS G 156 50.24 -122.68 61.79
C HIS G 156 49.15 -123.26 60.91
N ARG G 157 49.37 -124.47 60.39
CA ARG G 157 48.31 -125.12 59.63
C ARG G 157 47.10 -125.39 60.51
N GLN G 158 47.34 -125.82 61.75
CA GLN G 158 46.23 -126.07 62.65
C GLN G 158 45.48 -124.80 62.99
N LEU G 159 46.17 -123.66 63.05
CA LEU G 159 45.47 -122.39 63.16
C LEU G 159 44.50 -122.19 62.01
N ARG G 160 45.02 -122.23 60.77
CA ARG G 160 44.15 -122.11 59.61
C ARG G 160 42.96 -123.04 59.69
N ALA G 161 43.17 -124.27 60.15
CA ALA G 161 42.08 -125.23 60.23
C ALA G 161 41.09 -124.83 61.31
N ILE G 162 41.57 -124.58 62.53
CA ILE G 162 40.72 -124.00 63.57
C ILE G 162 40.07 -122.73 63.07
N GLN G 163 40.79 -121.97 62.25
CA GLN G 163 40.20 -120.75 61.70
C GLN G 163 39.08 -121.06 60.71
N GLN G 164 39.35 -121.83 59.67
CA GLN G 164 38.30 -122.09 58.68
C GLN G 164 37.04 -122.65 59.33
N LEU G 165 37.18 -123.36 60.45
CA LEU G 165 36.01 -123.89 61.15
C LEU G 165 35.14 -122.77 61.68
N ALA G 166 35.73 -121.85 62.44
CA ALA G 166 34.94 -120.81 63.08
C ALA G 166 34.17 -119.98 62.06
N ARG G 167 34.77 -119.71 60.90
CA ARG G 167 34.06 -119.02 59.83
C ARG G 167 32.77 -119.75 59.48
N ASN G 168 32.88 -121.04 59.19
CA ASN G 168 31.72 -121.79 58.77
C ASN G 168 30.68 -121.87 59.88
N VAL G 169 31.12 -122.08 61.11
CA VAL G 169 30.17 -122.17 62.22
C VAL G 169 29.38 -120.88 62.35
N GLN G 170 30.06 -119.75 62.39
CA GLN G 170 29.35 -118.48 62.43
C GLN G 170 28.44 -118.31 61.22
N ALA G 171 28.85 -118.84 60.07
CA ALA G 171 28.08 -118.64 58.86
C ALA G 171 26.77 -119.41 58.91
N VAL G 172 26.81 -120.64 59.41
CA VAL G 172 25.59 -121.45 59.44
C VAL G 172 24.71 -121.07 60.63
N LEU G 173 25.29 -120.77 61.78
CA LEU G 173 24.49 -120.30 62.89
C LEU G 173 23.77 -119.01 62.55
N GLY G 174 24.41 -118.15 61.75
CA GLY G 174 23.73 -116.94 61.31
C GLY G 174 22.64 -117.20 60.28
N ALA G 175 22.68 -118.36 59.63
CA ALA G 175 21.68 -118.68 58.62
C ALA G 175 20.30 -118.83 59.24
N PHE G 176 20.22 -119.50 60.39
CA PHE G 176 18.96 -119.66 61.06
C PHE G 176 18.38 -118.32 61.50
N GLU G 177 19.22 -117.30 61.60
CA GLU G 177 18.75 -115.95 61.84
C GLU G 177 18.28 -115.28 60.56
N ARG G 178 18.96 -115.51 59.44
CA ARG G 178 18.45 -115.02 58.17
C ARG G 178 17.30 -115.87 57.68
N GLY G 179 17.26 -117.15 58.07
CA GLY G 179 16.20 -118.02 57.61
C GLY G 179 14.89 -117.75 58.31
N THR G 180 14.95 -117.40 59.60
CA THR G 180 13.77 -116.94 60.30
C THR G 180 13.09 -115.82 59.56
N ALA G 181 13.84 -114.76 59.25
CA ALA G 181 13.26 -113.67 58.47
C ALA G 181 12.75 -114.17 57.13
N ASP G 182 13.43 -115.13 56.53
CA ASP G 182 13.01 -115.67 55.25
C ASP G 182 11.71 -116.45 55.38
N GLN G 183 11.66 -117.37 56.34
CA GLN G 183 10.44 -118.12 56.61
C GLN G 183 9.28 -117.18 56.89
N MET G 184 9.40 -116.40 57.96
CA MET G 184 8.36 -115.46 58.33
C MET G 184 7.85 -114.69 57.13
N LEU G 185 8.76 -114.13 56.36
CA LEU G 185 8.37 -113.37 55.19
C LEU G 185 7.69 -114.22 54.12
N HIS G 186 7.81 -115.55 54.18
CA HIS G 186 7.00 -116.36 53.26
C HIS G 186 5.62 -116.63 53.81
N VAL G 187 5.50 -116.99 55.08
CA VAL G 187 4.20 -117.33 55.64
C VAL G 187 3.29 -116.13 55.75
N LEU G 188 3.87 -114.95 55.77
CA LEU G 188 3.09 -113.75 55.72
C LEU G 188 2.51 -113.55 54.36
N LEU G 189 3.27 -113.80 53.32
CA LEU G 189 2.80 -113.69 51.94
C LEU G 189 1.80 -114.77 51.55
N GLU G 190 1.88 -115.90 52.21
CA GLU G 190 1.01 -117.04 51.97
C GLU G 190 -0.45 -116.75 52.29
N LYS G 191 -0.65 -116.00 53.35
CA LYS G 191 -1.93 -115.63 53.90
C LYS G 191 -2.44 -114.29 53.57
N ALA G 192 -1.82 -113.60 52.65
CA ALA G 192 -2.21 -112.28 52.30
C ALA G 192 -2.86 -112.19 50.96
N PRO G 193 -4.03 -111.55 50.88
CA PRO G 193 -4.79 -111.34 49.67
C PRO G 193 -4.35 -110.11 48.97
N PRO G 194 -4.55 -110.03 47.68
CA PRO G 194 -4.19 -108.71 47.14
C PRO G 194 -4.92 -107.62 47.90
N LEU G 195 -4.57 -106.38 47.60
CA LEU G 195 -5.39 -105.32 48.14
C LEU G 195 -6.61 -105.09 47.25
N ALA G 196 -6.41 -105.18 45.93
CA ALA G 196 -7.51 -104.98 45.01
C ALA G 196 -8.64 -105.94 45.29
N LEU G 197 -8.32 -107.18 45.68
CA LEU G 197 -9.36 -108.13 46.03
C LEU G 197 -9.89 -107.93 47.45
N LEU G 198 -9.05 -107.50 48.40
CA LEU G 198 -9.49 -107.42 49.78
C LEU G 198 -10.47 -106.27 50.00
N LEU G 199 -10.10 -105.06 49.61
CA LEU G 199 -10.95 -103.90 49.90
C LEU G 199 -12.42 -104.13 49.56
N PRO G 200 -12.80 -104.54 48.34
CA PRO G 200 -14.22 -104.83 48.11
C PRO G 200 -14.72 -106.00 48.92
N MET G 201 -13.92 -107.06 49.05
CA MET G 201 -14.33 -108.20 49.86
C MET G 201 -14.64 -107.76 51.27
N GLN G 202 -13.67 -107.13 51.93
CA GLN G 202 -13.80 -106.66 53.29
C GLN G 202 -15.03 -105.79 53.50
N ARG G 203 -15.54 -105.18 52.44
CA ARG G 203 -16.70 -104.30 52.61
C ARG G 203 -18.00 -105.08 52.69
N TYR G 204 -18.08 -106.26 52.07
CA TYR G 204 -19.27 -107.06 52.21
C TYR G 204 -19.16 -108.11 53.31
N LEU G 205 -18.01 -108.23 53.97
CA LEU G 205 -17.94 -109.06 55.16
C LEU G 205 -18.61 -108.36 56.33
N ASP G 206 -18.30 -107.10 56.53
CA ASP G 206 -18.87 -106.32 57.61
C ASP G 206 -20.15 -105.67 57.11
N ASN G 207 -21.27 -106.01 57.76
CA ASN G 207 -22.66 -105.90 57.33
C ASN G 207 -23.06 -107.15 56.57
N GLY G 208 -22.42 -108.28 56.84
CA GLY G 208 -22.91 -109.55 56.30
C GLY G 208 -22.67 -110.07 54.90
N THR G 212 -28.54 -113.86 49.51
CA THR G 212 -27.22 -113.28 49.33
C THR G 212 -26.58 -113.78 48.04
N ARG G 213 -27.39 -114.22 47.08
CA ARG G 213 -26.81 -114.59 45.80
C ARG G 213 -26.56 -113.38 44.92
N VAL G 214 -27.35 -112.34 45.08
CA VAL G 214 -27.13 -111.10 44.35
C VAL G 214 -26.04 -110.28 45.00
N ALA G 215 -25.93 -110.35 46.32
CA ALA G 215 -24.79 -109.75 46.98
C ALA G 215 -23.50 -110.39 46.52
N ARG G 216 -23.53 -111.69 46.25
CA ARG G 216 -22.36 -112.36 45.72
C ARG G 216 -22.07 -111.90 44.29
N ALA G 217 -23.11 -111.73 43.49
CA ALA G 217 -22.91 -111.32 42.10
C ALA G 217 -22.40 -109.88 42.04
N THR G 218 -23.03 -108.97 42.77
CA THR G 218 -22.58 -107.59 42.73
C THR G 218 -21.22 -107.43 43.38
N LEU G 219 -20.83 -108.34 44.27
CA LEU G 219 -19.47 -108.32 44.77
C LEU G 219 -18.47 -108.71 43.71
N VAL G 220 -18.69 -109.86 43.07
CA VAL G 220 -17.76 -110.35 42.05
C VAL G 220 -17.57 -109.32 40.96
N ALA G 221 -18.67 -108.85 40.38
CA ALA G 221 -18.59 -107.83 39.34
C ALA G 221 -17.82 -106.62 39.83
N GLU G 222 -17.91 -106.34 41.11
CA GLU G 222 -17.19 -105.22 41.68
C GLU G 222 -15.81 -105.60 42.14
N LEU G 223 -15.55 -106.90 42.25
CA LEU G 223 -14.25 -107.42 42.64
C LEU G 223 -13.27 -107.39 41.49
N LYS G 224 -13.76 -107.55 40.27
CA LYS G 224 -12.93 -107.56 39.07
C LYS G 224 -12.86 -106.20 38.42
N ARG G 225 -13.56 -105.21 38.97
CA ARG G 225 -13.33 -103.82 38.59
C ARG G 225 -12.16 -103.27 39.38
N SER G 226 -12.28 -103.26 40.71
CA SER G 226 -11.22 -102.76 41.57
C SER G 226 -9.89 -103.40 41.28
N PHE G 227 -9.89 -104.66 40.85
CA PHE G 227 -8.63 -105.28 40.52
C PHE G 227 -8.04 -104.68 39.26
N CYS G 228 -8.81 -104.65 38.18
CA CYS G 228 -8.37 -104.00 36.96
C CYS G 228 -7.98 -102.56 37.24
N ASP G 229 -8.86 -101.81 37.91
CA ASP G 229 -8.59 -100.42 38.24
C ASP G 229 -7.37 -100.23 39.12
N THR G 230 -7.45 -100.66 40.37
CA THR G 230 -6.40 -100.35 41.33
C THR G 230 -5.52 -101.58 41.46
N SER G 231 -4.41 -101.56 40.75
CA SER G 231 -3.28 -102.44 40.96
C SER G 231 -2.13 -101.77 40.26
N PHE G 232 -0.92 -102.01 40.70
CA PHE G 232 0.17 -101.30 40.11
C PHE G 232 -0.23 -99.87 40.25
N PHE G 233 -0.76 -99.51 41.39
CA PHE G 233 -1.20 -98.19 41.63
C PHE G 233 -0.10 -97.28 42.04
N LEU G 234 1.08 -97.77 42.33
CA LEU G 234 2.15 -96.87 42.65
C LEU G 234 2.61 -96.08 41.47
N GLY G 235 2.61 -96.84 40.36
CA GLY G 235 3.00 -96.45 39.04
C GLY G 235 1.89 -96.00 38.14
N LYS G 236 0.66 -96.09 38.60
CA LYS G 236 -0.49 -95.59 37.91
C LYS G 236 -0.89 -94.55 38.90
N ALA G 237 -0.96 -93.31 38.46
CA ALA G 237 -1.26 -92.21 39.37
C ALA G 237 -0.33 -92.17 40.57
N GLY G 238 0.96 -92.17 40.30
CA GLY G 238 2.00 -92.02 41.26
C GLY G 238 2.27 -90.52 41.33
N HIS G 239 1.82 -89.82 40.29
CA HIS G 239 1.98 -88.39 40.22
C HIS G 239 1.11 -87.73 41.25
N ARG G 240 -0.05 -88.33 41.48
CA ARG G 240 -1.03 -87.80 42.40
C ARG G 240 -0.78 -88.22 43.82
N ARG G 241 -0.08 -87.38 44.54
CA ARG G 241 0.27 -87.61 45.94
C ARG G 241 -0.98 -87.68 46.78
N GLU G 242 -1.93 -86.84 46.43
CA GLU G 242 -3.20 -86.79 47.14
C GLU G 242 -3.87 -88.16 47.16
N ALA G 243 -3.82 -88.89 46.04
CA ALA G 243 -4.45 -90.20 45.95
C ALA G 243 -3.61 -91.30 46.57
N ILE G 244 -2.29 -91.27 46.36
CA ILE G 244 -1.41 -92.30 46.91
C ILE G 244 -1.55 -92.38 48.41
N GLU G 245 -1.53 -91.23 49.08
CA GLU G 245 -1.67 -91.21 50.53
C GLU G 245 -2.95 -91.91 50.96
N ALA G 246 -4.03 -91.72 50.21
CA ALA G 246 -5.26 -92.43 50.50
C ALA G 246 -5.13 -93.93 50.25
N TRP G 247 -4.18 -94.33 49.41
CA TRP G 247 -3.95 -95.73 49.16
C TRP G 247 -3.10 -96.37 50.24
N LEU G 248 -2.08 -95.65 50.72
CA LEU G 248 -1.28 -96.15 51.83
C LEU G 248 -2.17 -96.51 53.01
N VAL G 249 -3.16 -95.67 53.30
CA VAL G 249 -4.05 -95.93 54.42
C VAL G 249 -5.08 -97.01 54.09
N ASP G 250 -5.24 -97.37 52.82
CA ASP G 250 -6.03 -98.55 52.50
C ASP G 250 -5.27 -99.83 52.79
N LEU G 251 -3.99 -99.90 52.41
CA LEU G 251 -3.13 -100.97 52.88
C LEU G 251 -3.31 -101.15 54.37
N THR G 252 -3.00 -100.09 55.08
CA THR G 252 -2.82 -100.18 56.52
C THR G 252 -4.14 -100.47 57.22
N THR G 253 -5.25 -99.96 56.72
CA THR G 253 -6.54 -100.13 57.39
C THR G 253 -7.38 -101.27 56.84
N ALA G 254 -6.89 -102.04 55.88
CA ALA G 254 -7.70 -103.09 55.30
C ALA G 254 -7.76 -104.34 56.16
N THR G 255 -6.90 -104.46 57.16
CA THR G 255 -6.82 -105.66 57.96
C THR G 255 -7.52 -105.49 59.29
N GLN G 256 -7.46 -106.52 60.12
CA GLN G 256 -8.05 -106.55 61.43
C GLN G 256 -6.98 -107.01 62.41
N PRO G 257 -6.93 -106.42 63.61
CA PRO G 257 -5.92 -106.75 64.60
C PRO G 257 -5.98 -108.18 65.06
N SER G 258 -4.87 -108.86 65.21
CA SER G 258 -4.95 -110.23 65.64
C SER G 258 -4.34 -110.40 66.98
N VAL G 259 -5.13 -110.66 68.02
CA VAL G 259 -4.64 -110.99 69.39
C VAL G 259 -4.01 -109.77 70.13
N ALA G 260 -3.58 -109.91 71.36
CA ALA G 260 -2.93 -108.84 72.02
C ALA G 260 -1.78 -109.48 72.74
N VAL G 261 -0.56 -109.04 72.49
CA VAL G 261 0.51 -109.68 73.23
C VAL G 261 1.15 -108.65 74.13
N PRO G 262 0.96 -108.76 75.45
CA PRO G 262 1.70 -107.88 76.36
C PRO G 262 3.18 -108.19 76.37
N ARG G 263 3.56 -109.47 76.26
CA ARG G 263 4.93 -109.85 76.54
C ARG G 263 5.91 -109.20 75.57
N LEU G 264 5.62 -109.27 74.28
CA LEU G 264 6.43 -108.47 73.38
C LEU G 264 5.87 -107.06 73.46
N THR G 265 6.66 -106.14 73.97
CA THR G 265 6.33 -104.74 73.83
C THR G 265 7.26 -104.32 72.72
N HIS G 266 6.72 -104.35 71.53
CA HIS G 266 7.48 -103.96 70.36
C HIS G 266 7.19 -102.52 70.06
N ALA G 267 6.41 -101.91 70.94
CA ALA G 267 6.24 -100.47 70.97
C ALA G 267 7.60 -99.82 70.94
N ASP G 268 7.65 -98.71 70.24
CA ASP G 268 8.90 -98.07 70.00
C ASP G 268 8.76 -96.61 69.72
N THR G 269 9.84 -95.92 69.47
CA THR G 269 9.78 -94.49 69.19
C THR G 269 9.18 -93.68 70.33
N ARG G 270 9.92 -93.68 71.44
CA ARG G 270 9.54 -92.97 72.67
C ARG G 270 8.16 -93.31 73.17
N GLY G 271 7.87 -94.60 73.15
CA GLY G 271 6.65 -95.22 73.63
C GLY G 271 5.39 -95.34 72.78
N ARG G 272 5.39 -94.96 71.53
CA ARG G 272 4.16 -95.07 70.77
C ARG G 272 4.09 -96.46 70.19
N PRO G 273 3.11 -97.22 70.58
CA PRO G 273 3.24 -98.60 70.12
C PRO G 273 3.27 -98.70 68.60
N VAL G 274 4.01 -99.68 68.10
CA VAL G 274 4.07 -99.95 66.66
C VAL G 274 3.04 -101.00 66.33
N ASP G 275 2.10 -100.66 65.47
CA ASP G 275 1.03 -101.58 65.14
C ASP G 275 1.20 -102.32 63.82
N GLY G 276 2.29 -102.12 63.09
CA GLY G 276 2.33 -102.66 61.74
C GLY G 276 3.73 -102.91 61.24
N VAL G 277 3.88 -103.28 59.97
CA VAL G 277 5.21 -103.59 59.46
C VAL G 277 5.52 -102.87 58.15
N LEU G 278 4.76 -103.13 57.09
CA LEU G 278 5.03 -102.57 55.76
C LEU G 278 6.42 -102.94 55.26
N VAL G 279 6.59 -104.18 54.89
CA VAL G 279 7.80 -104.57 54.19
C VAL G 279 7.59 -104.29 52.72
N THR G 280 8.57 -103.63 52.10
CA THR G 280 8.52 -103.23 50.71
C THR G 280 9.79 -103.69 50.04
N THR G 281 9.89 -103.44 48.75
CA THR G 281 11.19 -103.52 48.10
C THR G 281 11.95 -102.21 48.30
N ALA G 282 13.27 -102.29 48.19
CA ALA G 282 14.12 -101.15 48.54
C ALA G 282 13.90 -99.97 47.61
N ALA G 283 13.51 -100.21 46.36
CA ALA G 283 13.21 -99.11 45.45
C ALA G 283 11.93 -98.42 45.84
N ILE G 284 10.88 -99.19 46.14
CA ILE G 284 9.62 -98.63 46.56
C ILE G 284 9.74 -97.97 47.92
N LYS G 285 10.54 -98.54 48.83
CA LYS G 285 10.74 -97.88 50.11
C LYS G 285 11.27 -96.48 49.94
N GLN G 286 12.08 -96.26 48.92
CA GLN G 286 12.66 -94.94 48.69
C GLN G 286 11.61 -93.99 48.14
N ARG G 287 11.07 -94.30 46.97
CA ARG G 287 10.11 -93.42 46.32
C ARG G 287 9.01 -92.99 47.27
N LEU G 288 8.46 -93.92 48.05
CA LEU G 288 7.51 -93.54 49.09
C LEU G 288 8.15 -92.55 50.05
N LEU G 289 9.19 -92.99 50.77
CA LEU G 289 9.78 -92.18 51.81
C LEU G 289 10.37 -90.88 51.29
N GLN G 290 10.59 -90.76 49.98
CA GLN G 290 11.09 -89.50 49.47
C GLN G 290 9.98 -88.46 49.37
N SER G 291 8.78 -88.87 48.99
CA SER G 291 7.74 -87.90 48.70
C SER G 291 6.41 -88.20 49.39
N PHE G 292 5.78 -89.30 49.01
CA PHE G 292 4.38 -89.53 49.37
C PHE G 292 4.13 -89.54 50.87
N LEU G 293 4.78 -90.45 51.55
CA LEU G 293 4.66 -90.42 52.99
C LEU G 293 6.03 -90.29 53.61
N LYS G 294 6.63 -89.11 53.48
CA LYS G 294 7.93 -88.92 54.10
C LYS G 294 7.53 -88.63 55.53
N VAL G 295 7.23 -89.69 56.23
CA VAL G 295 6.79 -89.48 57.59
C VAL G 295 7.87 -90.19 58.31
N GLU G 296 8.54 -89.47 59.16
CA GLU G 296 9.60 -90.07 59.88
C GLU G 296 9.51 -89.71 61.30
N ASP G 297 8.65 -90.37 62.04
CA ASP G 297 8.59 -90.07 63.43
C ASP G 297 9.91 -90.40 64.09
N THR G 298 10.47 -91.54 63.79
CA THR G 298 11.71 -91.89 64.40
C THR G 298 12.54 -92.77 63.51
N GLU G 299 13.82 -92.87 63.84
CA GLU G 299 14.75 -93.74 63.19
C GLU G 299 15.33 -94.34 64.45
N ALA G 300 14.54 -95.15 65.11
CA ALA G 300 14.83 -95.73 66.42
C ALA G 300 13.63 -96.55 66.86
N ASP G 301 13.81 -97.44 67.83
CA ASP G 301 12.73 -98.32 68.22
C ASP G 301 13.05 -98.95 69.55
N VAL G 302 12.13 -99.76 70.06
CA VAL G 302 12.34 -100.46 71.31
C VAL G 302 11.89 -101.91 71.15
N PRO G 303 12.68 -102.78 70.53
CA PRO G 303 12.35 -104.20 70.46
C PRO G 303 12.60 -104.97 71.74
N VAL G 304 12.58 -106.29 71.64
CA VAL G 304 12.47 -107.21 72.77
C VAL G 304 13.42 -108.39 72.59
N THR G 305 13.22 -109.47 73.36
CA THR G 305 13.96 -110.72 73.24
C THR G 305 12.99 -111.91 73.28
N TYR G 306 13.41 -113.05 72.70
CA TYR G 306 12.53 -114.21 72.50
C TYR G 306 11.88 -114.64 73.80
N GLY G 307 10.66 -115.19 73.67
CA GLY G 307 10.05 -115.95 74.74
C GLY G 307 10.42 -117.41 74.65
N GLU G 308 9.94 -118.18 75.62
CA GLU G 308 10.27 -119.60 75.63
C GLU G 308 9.15 -120.40 76.29
N MET G 309 8.94 -121.61 75.78
CA MET G 309 8.04 -122.61 76.36
C MET G 309 8.90 -123.82 76.71
N VAL G 310 8.86 -124.25 77.97
CA VAL G 310 9.68 -125.35 78.44
C VAL G 310 8.79 -126.25 79.31
N LEU G 311 9.07 -127.55 79.25
CA LEU G 311 8.33 -128.51 80.06
C LEU G 311 9.07 -128.70 81.38
N ASN G 312 8.49 -128.22 82.48
CA ASN G 312 9.11 -128.47 83.77
C ASN G 312 8.16 -128.93 84.87
N GLY G 313 7.39 -128.02 85.46
CA GLY G 313 6.83 -128.36 86.75
C GLY G 313 5.75 -129.43 86.76
N ALA G 314 4.59 -129.11 86.20
CA ALA G 314 3.59 -130.10 85.85
C ALA G 314 3.61 -130.42 84.37
N ASN G 315 4.44 -129.72 83.60
CA ASN G 315 4.50 -129.96 82.17
C ASN G 315 5.29 -131.22 81.86
N LEU G 316 6.33 -131.51 82.63
CA LEU G 316 6.96 -132.82 82.53
C LEU G 316 5.95 -133.92 82.80
N VAL G 317 5.44 -133.96 84.03
CA VAL G 317 4.65 -135.08 84.51
C VAL G 317 3.53 -135.41 83.54
N THR G 318 2.56 -134.51 83.43
CA THR G 318 1.40 -134.76 82.58
C THR G 318 1.79 -135.08 81.15
N ALA G 319 2.92 -134.58 80.69
CA ALA G 319 3.37 -134.94 79.35
C ALA G 319 3.81 -136.39 79.30
N LEU G 320 4.71 -136.78 80.20
CA LEU G 320 5.21 -138.14 80.19
C LEU G 320 4.34 -139.08 81.01
N VAL G 321 3.38 -138.61 81.79
CA VAL G 321 2.53 -139.57 82.47
C VAL G 321 1.22 -139.52 81.72
N MET G 322 0.55 -138.38 81.78
CA MET G 322 -0.65 -138.17 80.98
C MET G 322 -0.13 -137.80 79.62
N GLY G 323 -0.95 -137.96 78.62
CA GLY G 323 -0.48 -137.68 77.29
C GLY G 323 0.02 -136.28 76.97
N LYS G 324 -0.56 -135.21 77.47
CA LYS G 324 -0.09 -133.91 76.97
C LYS G 324 0.32 -132.74 77.84
N ALA G 325 1.11 -131.87 77.21
CA ALA G 325 1.70 -130.64 77.74
C ALA G 325 0.89 -129.41 78.17
N VAL G 326 -0.02 -128.89 77.37
CA VAL G 326 -0.89 -127.80 77.81
C VAL G 326 -0.08 -126.61 78.31
N ARG G 327 0.42 -125.80 77.38
CA ARG G 327 1.25 -124.65 77.73
C ARG G 327 0.67 -123.83 78.87
N SER G 328 1.54 -123.43 79.79
CA SER G 328 1.16 -122.68 80.99
C SER G 328 0.18 -123.49 81.84
N LEU G 329 0.66 -124.63 82.33
CA LEU G 329 -0.20 -125.52 83.08
C LEU G 329 -0.45 -124.98 84.49
N ASP G 330 0.63 -124.80 85.27
CA ASP G 330 0.48 -124.34 86.65
C ASP G 330 -0.41 -123.11 86.74
N ASP G 331 -0.21 -122.12 85.87
CA ASP G 331 -1.09 -120.96 85.86
C ASP G 331 -2.54 -121.37 85.65
N VAL G 332 -2.83 -121.98 84.50
CA VAL G 332 -4.16 -122.55 84.27
C VAL G 332 -4.57 -123.43 85.44
N GLY G 333 -3.65 -124.27 85.90
CA GLY G 333 -3.97 -125.13 87.03
C GLY G 333 -4.43 -124.35 88.24
N ARG G 334 -3.62 -123.37 88.67
CA ARG G 334 -4.00 -122.55 89.82
C ARG G 334 -5.36 -121.92 89.63
N HIS G 335 -5.56 -121.23 88.51
CA HIS G 335 -6.77 -120.46 88.32
C HIS G 335 -8.00 -121.35 88.19
N LEU G 336 -7.83 -122.56 87.64
CA LEU G 336 -8.95 -123.50 87.68
C LEU G 336 -9.26 -123.93 89.11
N LEU G 337 -8.22 -124.21 89.90
CA LEU G 337 -8.42 -124.63 91.28
C LEU G 337 -8.93 -123.52 92.17
N ASP G 338 -8.80 -122.27 91.76
CA ASP G 338 -9.20 -121.16 92.60
C ASP G 338 -10.62 -120.71 92.36
N MET G 339 -11.26 -121.18 91.30
CA MET G 339 -12.60 -120.70 90.99
C MET G 339 -13.72 -121.56 91.54
N GLN G 340 -13.45 -122.77 92.04
CA GLN G 340 -14.53 -123.54 92.62
C GLN G 340 -14.74 -123.28 94.11
N GLU G 341 -13.74 -122.72 94.81
CA GLU G 341 -13.97 -122.15 96.12
C GLU G 341 -14.09 -120.63 96.07
N GLU G 342 -13.98 -120.05 94.88
CA GLU G 342 -14.07 -118.60 94.69
C GLU G 342 -13.04 -117.85 95.52
N ASN G 347 -17.48 -116.40 81.72
CA ASN G 347 -17.02 -115.08 82.09
C ASN G 347 -16.17 -115.16 83.37
N ARG G 348 -15.39 -114.11 83.63
CA ARG G 348 -14.54 -114.03 84.82
C ARG G 348 -13.17 -114.71 84.62
N GLU G 349 -12.90 -115.23 83.43
CA GLU G 349 -11.60 -115.85 83.19
C GLU G 349 -10.68 -114.74 82.65
N THR G 350 -10.56 -113.67 83.43
CA THR G 350 -9.71 -112.53 83.08
C THR G 350 -8.23 -112.87 83.01
N LEU G 351 -7.84 -114.12 83.28
CA LEU G 351 -6.47 -114.43 83.67
C LEU G 351 -5.47 -114.02 82.59
N ASP G 352 -5.63 -114.59 81.39
CA ASP G 352 -4.67 -114.42 80.31
C ASP G 352 -3.24 -114.82 80.67
N GLU G 353 -2.27 -113.98 80.34
CA GLU G 353 -0.88 -114.22 80.73
C GLU G 353 -0.18 -112.88 80.83
N LEU G 354 0.29 -112.56 82.04
CA LEU G 354 1.26 -111.49 82.25
C LEU G 354 2.24 -111.98 83.30
N GLU G 355 3.52 -112.12 82.94
CA GLU G 355 4.44 -112.68 83.93
C GLU G 355 5.67 -111.82 84.22
N SER G 356 6.69 -111.90 83.36
CA SER G 356 8.00 -111.37 83.71
C SER G 356 8.35 -110.02 83.08
N ALA G 357 7.53 -109.52 82.14
CA ALA G 357 7.84 -108.33 81.33
C ALA G 357 9.04 -108.61 80.42
N PRO G 358 9.18 -107.89 79.30
CA PRO G 358 10.32 -108.16 78.41
C PRO G 358 11.55 -107.37 78.81
N GLN G 359 12.59 -107.45 77.97
CA GLN G 359 13.82 -106.68 78.09
C GLN G 359 14.14 -106.09 76.73
N THR G 360 14.47 -104.81 76.69
CA THR G 360 14.40 -104.06 75.44
C THR G 360 15.77 -103.59 74.97
N THR G 361 15.77 -102.97 73.80
CA THR G 361 16.97 -102.49 73.13
C THR G 361 16.56 -101.37 72.18
N ARG G 362 17.49 -100.48 71.89
CA ARG G 362 17.27 -99.38 70.95
C ARG G 362 17.96 -99.75 69.65
N VAL G 363 17.18 -100.05 68.63
CA VAL G 363 17.73 -100.37 67.32
C VAL G 363 17.22 -99.34 66.32
N ARG G 364 18.04 -99.03 65.34
CA ARG G 364 17.61 -98.11 64.31
C ARG G 364 16.55 -98.78 63.45
N ALA G 365 15.39 -98.15 63.38
CA ALA G 365 14.27 -98.67 62.63
C ALA G 365 13.51 -97.48 62.09
N ASP G 366 12.90 -97.65 60.94
CA ASP G 366 12.26 -96.54 60.25
C ASP G 366 10.77 -96.63 60.52
N LEU G 367 10.27 -95.71 61.35
CA LEU G 367 8.89 -95.69 61.75
C LEU G 367 8.19 -94.54 61.04
N VAL G 368 7.15 -94.87 60.29
CA VAL G 368 6.33 -93.84 59.66
C VAL G 368 4.96 -93.89 60.27
N ALA G 369 4.09 -92.98 59.87
CA ALA G 369 2.76 -92.88 60.45
C ALA G 369 1.75 -92.72 59.32
N ILE G 370 0.84 -93.66 59.15
CA ILE G 370 -0.12 -93.47 58.11
C ILE G 370 -1.53 -93.29 58.66
N GLY G 371 -2.09 -92.10 58.46
CA GLY G 371 -3.42 -91.82 58.95
C GLY G 371 -3.48 -91.59 60.45
N ASP G 372 -3.02 -92.55 61.21
CA ASP G 372 -3.04 -92.44 62.66
C ASP G 372 -2.62 -93.81 63.11
N ARG G 373 -1.36 -94.05 62.86
CA ARG G 373 -0.75 -95.35 63.13
C ARG G 373 0.74 -95.14 63.11
N LEU G 374 1.47 -96.02 63.77
CA LEU G 374 2.92 -95.96 63.73
C LEU G 374 3.38 -97.30 63.24
N VAL G 375 3.97 -97.32 62.05
CA VAL G 375 4.26 -98.53 61.32
C VAL G 375 5.69 -98.42 60.82
N PHE G 376 6.28 -99.57 60.55
CA PHE G 376 7.66 -99.70 60.12
C PHE G 376 7.92 -99.85 58.63
N LEU G 377 8.81 -99.06 58.03
CA LEU G 377 9.15 -99.33 56.64
C LEU G 377 10.36 -100.25 56.67
N GLU G 378 10.18 -101.48 56.25
CA GLU G 378 11.27 -102.44 56.21
C GLU G 378 11.49 -102.83 54.76
N ALA G 379 12.74 -102.77 54.32
CA ALA G 379 13.14 -103.41 53.07
C ALA G 379 14.35 -104.25 53.40
N LEU G 380 14.20 -105.56 53.36
CA LEU G 380 15.30 -106.42 53.77
C LEU G 380 15.88 -107.04 52.50
N GLU G 381 16.94 -106.42 52.01
CA GLU G 381 17.65 -106.97 50.87
C GLU G 381 19.12 -106.88 51.21
N LYS G 382 19.63 -105.65 51.34
CA LYS G 382 20.97 -105.48 51.88
C LYS G 382 21.09 -106.13 53.24
N ARG G 383 20.02 -106.08 54.04
CA ARG G 383 20.07 -106.69 55.36
C ARG G 383 20.25 -108.20 55.28
N ILE G 384 19.38 -108.89 54.54
CA ILE G 384 19.39 -110.34 54.65
C ILE G 384 19.57 -111.01 53.29
N TYR G 385 18.71 -110.71 52.32
CA TYR G 385 18.87 -111.42 51.05
C TYR G 385 20.10 -111.01 50.25
N ALA G 386 20.91 -110.06 50.70
CA ALA G 386 21.93 -109.42 49.89
C ALA G 386 22.84 -110.34 49.08
N ALA G 387 23.77 -111.02 49.74
CA ALA G 387 24.76 -111.84 49.06
C ALA G 387 24.39 -113.31 49.00
N THR G 388 23.22 -113.67 49.50
CA THR G 388 22.90 -115.06 49.81
C THR G 388 22.35 -115.85 48.64
N ASN G 389 22.21 -115.25 47.46
CA ASN G 389 21.71 -115.89 46.24
C ASN G 389 20.25 -116.29 46.34
N VAL G 390 19.61 -116.07 47.47
CA VAL G 390 18.19 -116.37 47.62
C VAL G 390 17.39 -115.24 47.02
N PRO G 391 16.29 -115.52 46.32
CA PRO G 391 15.46 -114.43 45.81
C PRO G 391 14.71 -113.71 46.91
N TYR G 392 14.48 -112.41 46.69
CA TYR G 392 13.74 -111.60 47.62
C TYR G 392 12.25 -111.77 47.36
N PRO G 393 11.45 -112.21 48.34
CA PRO G 393 10.08 -112.64 48.02
C PRO G 393 9.18 -111.53 47.56
N LEU G 394 9.49 -110.27 47.84
CA LEU G 394 8.57 -109.20 47.52
C LEU G 394 8.78 -108.62 46.15
N VAL G 395 9.65 -109.22 45.36
CA VAL G 395 9.63 -109.00 43.92
C VAL G 395 8.90 -110.21 43.34
N GLY G 396 7.69 -109.99 42.86
CA GLY G 396 6.78 -111.08 42.60
C GLY G 396 6.58 -111.39 41.14
N ALA G 397 5.44 -111.98 40.82
CA ALA G 397 5.08 -112.22 39.43
C ALA G 397 3.59 -112.08 39.29
N MET G 398 3.16 -111.80 38.07
CA MET G 398 1.74 -111.77 37.78
C MET G 398 1.56 -112.29 36.38
N ASP G 399 0.65 -113.25 36.22
CA ASP G 399 0.32 -113.79 34.91
C ASP G 399 -0.94 -113.13 34.41
N LEU G 400 -0.95 -112.80 33.13
CA LEU G 400 -2.14 -112.23 32.53
C LEU G 400 -2.31 -112.82 31.15
N THR G 401 -3.49 -113.34 30.88
CA THR G 401 -3.83 -113.76 29.54
C THR G 401 -4.47 -112.59 28.83
N PHE G 402 -4.08 -112.37 27.60
CA PHE G 402 -4.71 -111.34 26.81
C PHE G 402 -5.46 -111.98 25.65
N VAL G 403 -6.23 -111.17 24.94
CA VAL G 403 -7.11 -111.66 23.90
C VAL G 403 -7.14 -110.66 22.76
N LEU G 404 -6.98 -111.15 21.55
CA LEU G 404 -7.06 -110.34 20.37
C LEU G 404 -7.99 -111.02 19.37
N PRO G 405 -8.88 -110.27 18.73
CA PRO G 405 -9.67 -110.84 17.63
C PRO G 405 -8.93 -110.83 16.29
N LEU G 406 -9.14 -111.85 15.49
CA LEU G 406 -8.62 -111.90 14.14
C LEU G 406 -9.72 -112.15 13.14
N GLY G 407 -9.69 -111.42 12.04
CA GLY G 407 -10.57 -111.72 10.95
C GLY G 407 -12.02 -111.51 11.29
N LEU G 408 -12.30 -110.98 12.47
CA LEU G 408 -13.70 -110.76 12.79
C LEU G 408 -14.22 -109.61 11.96
N PHE G 409 -15.47 -109.26 12.19
CA PHE G 409 -16.16 -108.48 11.19
C PHE G 409 -17.13 -107.50 11.82
N ASN G 410 -17.11 -106.26 11.36
CA ASN G 410 -17.91 -105.22 11.97
C ASN G 410 -19.40 -105.49 11.85
N PRO G 411 -20.19 -105.19 12.87
CA PRO G 411 -21.64 -105.27 12.75
C PRO G 411 -22.18 -104.25 11.77
N ALA G 412 -23.44 -104.46 11.38
CA ALA G 412 -24.04 -103.68 10.30
C ALA G 412 -23.94 -102.19 10.55
N MET G 413 -24.09 -101.79 11.80
CA MET G 413 -24.12 -100.37 12.11
C MET G 413 -22.74 -99.76 12.25
N GLU G 414 -21.71 -100.58 12.49
CA GLU G 414 -20.39 -100.08 12.84
C GLU G 414 -19.46 -99.97 11.66
N ARG G 415 -19.94 -100.12 10.44
CA ARG G 415 -19.10 -100.10 9.26
C ARG G 415 -18.92 -98.71 8.67
N PHE G 416 -19.31 -97.68 9.35
CA PHE G 416 -19.21 -96.36 8.80
C PHE G 416 -17.80 -95.87 8.90
N ALA G 417 -17.58 -94.67 8.44
CA ALA G 417 -16.29 -94.02 8.55
C ALA G 417 -16.59 -92.73 9.26
N ALA G 418 -15.68 -92.22 10.04
CA ALA G 418 -15.95 -90.99 10.79
C ALA G 418 -16.30 -89.79 9.94
N HIS G 419 -15.69 -89.67 8.78
CA HIS G 419 -15.95 -88.60 7.87
C HIS G 419 -15.80 -89.12 6.45
N ALA G 420 -16.21 -88.29 5.51
CA ALA G 420 -16.20 -88.64 4.10
C ALA G 420 -14.82 -88.90 3.57
N GLY G 421 -13.88 -88.06 3.95
CA GLY G 421 -12.53 -88.27 3.49
C GLY G 421 -11.55 -88.39 4.62
N ASP G 422 -11.07 -89.59 4.87
CA ASP G 422 -10.03 -89.84 5.86
C ASP G 422 -9.51 -91.23 5.58
N LEU G 423 -8.20 -91.42 5.72
CA LEU G 423 -7.58 -92.70 5.43
C LEU G 423 -7.99 -93.03 4.01
N VAL G 424 -8.00 -91.99 3.21
CA VAL G 424 -8.44 -92.03 1.82
C VAL G 424 -7.34 -92.66 0.98
N PRO G 425 -7.63 -93.47 -0.03
CA PRO G 425 -6.56 -93.98 -0.87
C PRO G 425 -6.08 -92.89 -1.82
N ALA G 426 -4.94 -93.15 -2.44
CA ALA G 426 -4.47 -92.28 -3.50
C ALA G 426 -5.50 -92.29 -4.64
N PRO G 427 -5.56 -91.25 -5.45
CA PRO G 427 -6.68 -91.07 -6.39
C PRO G 427 -7.21 -92.19 -7.29
N GLY G 428 -6.43 -93.09 -7.88
CA GLY G 428 -7.06 -94.15 -8.67
C GLY G 428 -7.14 -95.50 -7.97
N HIS G 429 -6.79 -95.51 -6.68
CA HIS G 429 -6.68 -96.72 -5.88
C HIS G 429 -7.79 -97.52 -5.18
N PRO G 430 -7.39 -98.80 -4.77
CA PRO G 430 -8.41 -99.68 -4.16
C PRO G 430 -9.05 -99.46 -2.77
N GLU G 431 -8.53 -98.61 -1.91
CA GLU G 431 -9.16 -98.46 -0.58
C GLU G 431 -9.23 -99.76 0.21
N PRO G 432 -8.08 -100.35 0.50
CA PRO G 432 -8.02 -101.61 1.25
C PRO G 432 -8.79 -101.59 2.55
N ARG G 433 -9.21 -100.43 3.04
CA ARG G 433 -9.96 -100.35 4.28
C ARG G 433 -11.35 -100.96 4.17
N ALA G 434 -11.78 -101.28 2.97
CA ALA G 434 -13.13 -101.81 2.78
C ALA G 434 -13.28 -103.32 2.70
N PHE G 435 -12.18 -104.06 2.71
CA PHE G 435 -12.19 -105.51 2.66
C PHE G 435 -12.15 -106.05 4.08
N PRO G 436 -12.49 -107.38 4.25
CA PRO G 436 -12.42 -107.85 5.64
C PRO G 436 -11.00 -107.92 6.20
N PRO G 437 -10.78 -107.53 7.45
CA PRO G 437 -9.42 -107.57 8.04
C PRO G 437 -8.95 -109.01 8.19
N ARG G 438 -7.82 -109.32 7.62
CA ARG G 438 -7.14 -110.58 7.87
C ARG G 438 -5.96 -110.44 8.81
N GLN G 439 -5.65 -109.24 9.27
CA GLN G 439 -4.47 -108.99 10.08
C GLN G 439 -4.86 -108.41 11.42
N LEU G 440 -3.86 -108.22 12.25
CA LEU G 440 -4.05 -107.53 13.51
C LEU G 440 -2.72 -106.93 13.91
N PHE G 441 -2.75 -105.71 14.43
CA PHE G 441 -1.53 -105.01 14.79
C PHE G 441 -1.55 -104.70 16.27
N PHE G 442 -0.37 -104.63 16.87
CA PHE G 442 -0.25 -104.26 18.27
C PHE G 442 1.20 -103.97 18.57
N TRP G 443 1.47 -103.51 19.77
CA TRP G 443 2.81 -103.16 20.18
C TRP G 443 3.40 -104.26 21.03
N GLY G 444 4.52 -104.79 20.61
CA GLY G 444 5.23 -105.75 21.42
C GLY G 444 5.86 -105.08 22.61
N LYS G 445 6.65 -105.86 23.32
CA LYS G 445 7.43 -105.30 24.39
C LYS G 445 8.29 -104.29 23.65
N ASP G 446 8.53 -103.17 24.29
CA ASP G 446 9.25 -102.03 23.74
C ASP G 446 8.38 -101.32 22.72
N HIS G 447 8.97 -100.60 21.80
CA HIS G 447 8.15 -99.81 20.92
C HIS G 447 7.79 -100.47 19.61
N GLN G 448 8.00 -101.76 19.53
CA GLN G 448 7.67 -102.48 18.34
C GLN G 448 6.20 -102.47 18.08
N VAL G 449 5.84 -102.28 16.85
CA VAL G 449 4.53 -102.57 16.31
C VAL G 449 4.57 -103.91 15.58
N LEU G 450 3.66 -104.80 15.94
CA LEU G 450 3.70 -106.20 15.54
C LEU G 450 2.43 -106.56 14.77
N ARG G 451 2.47 -107.71 14.11
CA ARG G 451 1.35 -108.13 13.29
C ARG G 451 1.18 -109.63 13.37
N LEU G 452 -0.07 -110.09 13.29
CA LEU G 452 -0.39 -111.51 13.36
C LEU G 452 -0.82 -112.06 12.00
N SER G 453 -1.95 -111.61 11.50
CA SER G 453 -2.73 -112.16 10.41
C SER G 453 -3.17 -113.61 10.58
N MET G 454 -3.61 -114.23 9.48
CA MET G 454 -4.12 -115.58 9.54
C MET G 454 -3.22 -116.61 8.90
N GLU G 455 -2.18 -116.17 8.18
CA GLU G 455 -1.15 -117.12 7.76
C GLU G 455 -0.44 -117.64 8.98
N ASN G 456 -0.58 -116.89 10.06
CA ASN G 456 -0.05 -117.16 11.37
C ASN G 456 -0.79 -118.31 12.05
N ALA G 457 -1.99 -118.64 11.59
CA ALA G 457 -2.80 -119.71 12.17
C ALA G 457 -2.52 -121.07 11.54
N VAL G 458 -1.52 -121.16 10.67
CA VAL G 458 -1.29 -122.37 9.89
C VAL G 458 -0.81 -123.53 10.73
N GLY G 459 -0.36 -123.31 11.94
CA GLY G 459 0.03 -124.46 12.74
C GLY G 459 -1.08 -125.05 13.54
N THR G 460 -2.21 -124.35 13.58
CA THR G 460 -3.36 -124.71 14.39
C THR G 460 -4.46 -125.34 13.57
N VAL G 461 -5.14 -124.52 12.78
CA VAL G 461 -6.28 -124.96 12.00
C VAL G 461 -5.87 -125.95 10.93
N CYS G 462 -4.59 -125.99 10.61
CA CYS G 462 -4.07 -126.75 9.49
C CYS G 462 -3.47 -128.09 9.88
N HIS G 463 -3.45 -128.40 11.14
CA HIS G 463 -3.09 -129.71 11.63
C HIS G 463 -4.27 -130.66 11.41
N PRO G 464 -4.05 -131.96 11.28
CA PRO G 464 -5.23 -132.83 11.12
C PRO G 464 -5.85 -133.15 12.45
N SER G 465 -5.92 -132.15 13.31
CA SER G 465 -6.78 -132.15 14.47
C SER G 465 -8.04 -131.35 14.24
N LEU G 466 -8.08 -130.73 13.07
CA LEU G 466 -9.21 -130.03 12.59
C LEU G 466 -10.30 -130.99 12.23
N MET G 467 -9.92 -132.07 11.60
CA MET G 467 -10.83 -133.03 11.03
C MET G 467 -11.18 -134.23 11.87
N ASN G 468 -10.85 -134.19 13.15
CA ASN G 468 -11.09 -135.28 14.09
C ASN G 468 -12.27 -135.05 15.00
N ILE G 469 -13.37 -135.78 14.84
CA ILE G 469 -14.59 -135.55 15.61
C ILE G 469 -15.30 -136.74 16.29
N ASP G 470 -14.67 -137.89 16.36
CA ASP G 470 -15.25 -139.11 16.89
C ASP G 470 -15.66 -138.95 18.35
N ALA G 471 -14.94 -138.12 19.10
CA ALA G 471 -15.36 -137.82 20.46
C ALA G 471 -16.59 -136.93 20.46
N ALA G 472 -16.66 -135.96 19.56
CA ALA G 472 -17.85 -135.16 19.41
C ALA G 472 -19.04 -136.06 19.12
N VAL G 473 -19.03 -136.68 17.94
CA VAL G 473 -20.17 -137.49 17.51
C VAL G 473 -20.48 -138.58 18.52
N GLY G 474 -19.46 -139.10 19.20
CA GLY G 474 -19.71 -140.14 20.17
C GLY G 474 -20.40 -139.64 21.42
N GLY G 475 -20.07 -138.42 21.84
CA GLY G 475 -20.60 -137.89 23.08
C GLY G 475 -21.84 -137.03 22.90
N VAL G 476 -22.07 -136.57 21.67
CA VAL G 476 -23.34 -135.92 21.37
C VAL G 476 -24.39 -136.94 20.99
N ASN G 477 -23.98 -138.18 20.69
CA ASN G 477 -24.92 -139.20 20.26
C ASN G 477 -25.78 -139.70 21.41
N HIS G 478 -25.19 -139.91 22.58
CA HIS G 478 -25.93 -140.53 23.68
C HIS G 478 -27.08 -139.63 24.12
N ASP G 479 -28.04 -140.23 24.84
CA ASP G 479 -29.36 -139.64 25.04
C ASP G 479 -30.00 -139.40 23.70
N PRO G 480 -30.47 -140.46 23.02
CA PRO G 480 -30.88 -140.33 21.62
C PRO G 480 -31.97 -139.30 21.42
N VAL G 481 -32.06 -138.82 20.18
CA VAL G 481 -32.88 -137.67 19.82
C VAL G 481 -34.01 -138.14 18.92
N GLU G 482 -35.11 -137.37 18.93
CA GLU G 482 -36.28 -137.72 18.16
C GLU G 482 -36.04 -137.50 16.67
N ALA G 483 -37.08 -137.72 15.88
CA ALA G 483 -36.96 -137.62 14.43
C ALA G 483 -37.00 -136.16 13.99
N ALA G 484 -36.10 -135.80 13.10
CA ALA G 484 -36.05 -134.44 12.65
C ALA G 484 -36.84 -134.30 11.36
N ASN G 485 -37.62 -135.33 10.97
CA ASN G 485 -38.36 -135.29 9.68
C ASN G 485 -37.24 -135.05 8.69
N PRO G 486 -36.44 -136.17 8.52
CA PRO G 486 -35.21 -135.91 7.79
C PRO G 486 -35.34 -135.72 6.33
N TYR G 487 -35.78 -134.51 6.00
CA TYR G 487 -35.90 -134.17 4.59
C TYR G 487 -34.53 -133.94 3.96
N GLY G 488 -33.65 -133.23 4.65
CA GLY G 488 -32.31 -133.03 4.17
C GLY G 488 -31.30 -133.99 4.73
N ALA G 489 -31.70 -134.84 5.66
CA ALA G 489 -30.82 -135.80 6.29
C ALA G 489 -30.89 -137.20 5.68
N TYR G 490 -31.66 -137.39 4.61
CA TYR G 490 -31.89 -138.71 4.05
C TYR G 490 -31.64 -138.67 2.55
N VAL G 491 -30.88 -139.64 2.05
CA VAL G 491 -30.63 -139.81 0.63
C VAL G 491 -31.19 -141.16 0.20
N ALA G 492 -31.87 -141.18 -0.94
CA ALA G 492 -32.61 -142.34 -1.38
C ALA G 492 -32.09 -142.85 -2.71
N ALA G 493 -32.44 -144.06 -3.03
CA ALA G 493 -32.11 -144.64 -4.32
C ALA G 493 -33.07 -144.11 -5.37
N PRO G 494 -32.55 -143.65 -6.52
CA PRO G 494 -33.45 -143.34 -7.63
C PRO G 494 -34.20 -144.60 -8.03
N ALA G 495 -35.51 -144.45 -8.26
CA ALA G 495 -36.37 -145.60 -8.47
C ALA G 495 -37.26 -145.33 -9.67
N GLY G 496 -37.51 -146.38 -10.44
CA GLY G 496 -38.36 -146.29 -11.61
C GLY G 496 -37.80 -145.31 -12.62
N PRO G 497 -38.63 -144.88 -13.55
CA PRO G 497 -38.20 -143.89 -14.52
C PRO G 497 -38.01 -142.53 -13.86
N GLY G 498 -37.18 -141.71 -14.48
CA GLY G 498 -37.04 -140.37 -13.99
C GLY G 498 -38.27 -139.51 -14.14
N ALA G 499 -39.20 -139.89 -15.03
CA ALA G 499 -40.30 -139.03 -15.38
C ALA G 499 -41.12 -138.62 -14.16
N ASP G 500 -41.42 -139.58 -13.30
CA ASP G 500 -42.22 -139.32 -12.11
C ASP G 500 -41.38 -139.14 -10.85
N MET G 501 -40.06 -139.22 -10.95
CA MET G 501 -39.24 -139.35 -9.75
C MET G 501 -39.52 -138.24 -8.74
N GLN G 502 -39.81 -137.03 -9.21
CA GLN G 502 -40.23 -136.01 -8.28
C GLN G 502 -41.71 -136.12 -7.95
N GLN G 503 -42.54 -136.32 -8.97
CA GLN G 503 -43.94 -136.63 -8.72
C GLN G 503 -44.08 -137.76 -7.73
N ARG G 504 -43.29 -138.83 -7.93
CA ARG G 504 -43.29 -139.98 -7.04
C ARG G 504 -42.80 -139.62 -5.66
N PHE G 505 -41.98 -138.59 -5.56
CA PHE G 505 -41.47 -138.16 -4.26
C PHE G 505 -42.53 -137.44 -3.45
N LEU G 506 -43.04 -136.33 -3.98
CA LEU G 506 -43.98 -135.48 -3.27
C LEU G 506 -45.12 -136.28 -2.66
N ASN G 507 -45.52 -137.37 -3.28
CA ASN G 507 -46.49 -138.25 -2.65
C ASN G 507 -45.85 -139.07 -1.52
N ALA G 508 -44.67 -139.62 -1.76
CA ALA G 508 -44.00 -140.41 -0.75
C ALA G 508 -43.80 -139.61 0.52
N TRP G 509 -43.15 -138.45 0.41
CA TRP G 509 -43.12 -137.50 1.50
C TRP G 509 -44.13 -136.42 1.16
N ARG G 510 -45.37 -136.59 1.60
CA ARG G 510 -46.30 -135.49 1.67
C ARG G 510 -46.66 -135.11 3.10
N GLN G 511 -46.28 -135.94 4.06
CA GLN G 511 -46.83 -135.86 5.40
C GLN G 511 -45.82 -135.28 6.37
N ARG G 512 -44.76 -136.02 6.66
CA ARG G 512 -43.73 -135.52 7.53
C ARG G 512 -42.75 -134.63 6.78
N LEU G 513 -43.02 -134.35 5.51
CA LEU G 513 -42.47 -133.18 4.86
C LEU G 513 -43.30 -131.94 5.24
N ALA G 514 -44.59 -131.96 4.92
CA ALA G 514 -45.45 -130.81 5.20
C ALA G 514 -45.56 -130.54 6.70
N HIS G 515 -45.70 -131.59 7.50
CA HIS G 515 -45.94 -131.42 8.93
C HIS G 515 -44.87 -130.62 9.64
N GLY G 516 -43.69 -131.21 9.82
CA GLY G 516 -42.67 -130.62 10.66
C GLY G 516 -41.89 -129.53 9.97
N ARG G 517 -40.98 -128.92 10.74
CA ARG G 517 -40.17 -127.81 10.28
C ARG G 517 -38.80 -128.32 9.86
N VAL G 518 -38.37 -127.99 8.65
CA VAL G 518 -37.03 -128.37 8.21
C VAL G 518 -36.05 -127.54 9.03
N ARG G 519 -34.94 -128.14 9.44
CA ARG G 519 -33.94 -127.48 10.25
C ARG G 519 -33.29 -126.28 9.59
N TRP G 520 -33.06 -126.36 8.29
CA TRP G 520 -32.36 -125.30 7.59
C TRP G 520 -33.25 -124.10 7.22
N VAL G 521 -33.62 -123.40 8.28
CA VAL G 521 -34.40 -122.17 8.24
C VAL G 521 -33.47 -121.12 8.84
N ALA G 522 -32.48 -121.59 9.59
CA ALA G 522 -31.49 -120.74 10.22
C ALA G 522 -31.06 -119.59 9.32
N GLU G 523 -31.48 -119.63 8.06
CA GLU G 523 -31.36 -118.51 7.16
C GLU G 523 -32.12 -117.28 7.64
N CYS G 524 -33.24 -117.47 8.33
CA CYS G 524 -34.00 -116.33 8.81
C CYS G 524 -33.35 -115.67 10.00
N GLN G 525 -32.47 -116.37 10.71
CA GLN G 525 -31.88 -115.83 11.92
C GLN G 525 -30.73 -114.90 11.61
N MET G 526 -30.76 -113.70 12.17
CA MET G 526 -29.56 -112.92 12.30
C MET G 526 -28.68 -113.58 13.36
N THR G 527 -27.53 -113.00 13.62
CA THR G 527 -26.81 -113.54 14.75
C THR G 527 -27.32 -112.86 16.01
N ALA G 528 -26.88 -113.36 17.15
CA ALA G 528 -27.41 -112.98 18.46
C ALA G 528 -28.87 -113.39 18.51
N GLU G 529 -29.40 -113.87 17.39
CA GLU G 529 -30.59 -114.71 17.41
C GLU G 529 -30.14 -116.15 17.37
N GLN G 530 -29.03 -116.44 16.70
CA GLN G 530 -28.49 -117.78 16.75
C GLN G 530 -27.62 -118.01 17.97
N PHE G 531 -27.11 -116.96 18.60
CA PHE G 531 -26.32 -117.17 19.80
C PHE G 531 -27.15 -117.24 21.05
N MET G 532 -28.47 -117.23 20.95
CA MET G 532 -29.33 -117.24 22.12
C MET G 532 -30.09 -118.54 22.18
N GLN G 533 -30.34 -119.01 23.41
CA GLN G 533 -31.09 -120.25 23.60
C GLN G 533 -32.50 -120.20 23.02
N PRO G 534 -33.06 -119.03 23.02
CA PRO G 534 -34.44 -118.82 22.61
C PRO G 534 -34.58 -119.04 21.18
N ASP G 535 -35.36 -120.03 20.83
CA ASP G 535 -35.69 -120.36 19.45
C ASP G 535 -34.52 -120.63 18.50
N ASN G 536 -33.43 -121.16 19.04
CA ASN G 536 -32.29 -121.60 18.29
C ASN G 536 -32.10 -122.86 19.07
N ALA G 537 -33.07 -123.76 19.02
CA ALA G 537 -33.04 -124.93 19.83
C ALA G 537 -31.98 -125.79 19.31
N ASN G 538 -31.45 -125.36 18.19
CA ASN G 538 -30.49 -126.19 17.48
C ASN G 538 -29.07 -125.71 17.66
N LEU G 539 -28.84 -124.72 18.53
CA LEU G 539 -27.49 -124.26 18.81
C LEU G 539 -26.62 -125.38 19.31
N ALA G 540 -27.17 -126.29 20.11
CA ALA G 540 -26.37 -127.36 20.64
C ALA G 540 -25.76 -128.22 19.56
N LEU G 541 -26.22 -128.08 18.32
CA LEU G 541 -25.69 -128.79 17.17
C LEU G 541 -24.74 -127.97 16.33
N GLU G 542 -24.38 -126.77 16.76
CA GLU G 542 -23.33 -126.01 16.09
C GLU G 542 -22.07 -126.15 16.92
N LEU G 543 -21.16 -127.01 16.46
CA LEU G 543 -20.00 -127.38 17.24
C LEU G 543 -18.71 -127.08 16.48
N HIS G 544 -18.52 -127.65 15.34
CA HIS G 544 -17.25 -127.52 14.70
C HIS G 544 -17.39 -126.64 13.44
N PRO G 545 -16.33 -125.91 13.08
CA PRO G 545 -16.41 -125.10 11.85
C PRO G 545 -16.72 -125.91 10.61
N ALA G 546 -16.12 -127.07 10.48
CA ALA G 546 -16.09 -127.82 9.23
C ALA G 546 -17.15 -128.90 9.12
N PHE G 547 -17.96 -129.12 10.16
CA PHE G 547 -18.90 -130.24 10.13
C PHE G 547 -20.31 -129.78 10.42
N ASP G 548 -21.27 -130.39 9.74
CA ASP G 548 -22.67 -130.30 10.11
C ASP G 548 -23.01 -131.39 11.11
N PHE G 549 -23.70 -131.03 12.16
CA PHE G 549 -24.23 -132.00 13.11
C PHE G 549 -25.74 -131.90 13.05
N PHE G 550 -26.38 -132.96 12.61
CA PHE G 550 -27.82 -132.94 12.40
C PHE G 550 -28.39 -134.25 12.88
N ALA G 551 -29.71 -134.27 13.06
CA ALA G 551 -30.40 -135.46 13.52
C ALA G 551 -30.89 -136.22 12.30
N GLY G 552 -30.31 -137.40 12.07
CA GLY G 552 -30.76 -138.28 11.03
C GLY G 552 -31.51 -139.48 11.59
N VAL G 553 -31.86 -140.38 10.68
CA VAL G 553 -32.35 -141.69 11.10
C VAL G 553 -31.19 -142.54 11.58
N ALA G 554 -31.50 -143.56 12.38
CA ALA G 554 -30.45 -144.25 13.13
C ALA G 554 -29.71 -145.27 12.27
N ASP G 555 -30.37 -146.39 11.95
CA ASP G 555 -29.70 -147.55 11.41
C ASP G 555 -29.72 -147.61 9.89
N VAL G 556 -30.22 -146.58 9.22
CA VAL G 556 -30.35 -146.63 7.77
C VAL G 556 -28.99 -146.39 7.13
N GLU G 557 -28.67 -147.25 6.17
CA GLU G 557 -27.51 -147.07 5.34
C GLU G 557 -28.20 -145.95 4.60
N LEU G 558 -27.50 -145.01 3.98
CA LEU G 558 -28.28 -143.97 3.31
C LEU G 558 -28.77 -144.32 1.92
N PRO G 559 -27.89 -144.55 0.94
CA PRO G 559 -28.39 -144.63 -0.42
C PRO G 559 -29.25 -145.86 -0.57
N GLY G 560 -30.44 -145.82 0.00
CA GLY G 560 -31.36 -146.92 -0.05
C GLY G 560 -32.72 -146.54 0.48
N GLY G 561 -33.76 -147.24 0.03
CA GLY G 561 -35.11 -146.95 0.43
C GLY G 561 -35.67 -145.74 -0.28
N GLU G 562 -36.99 -145.69 -0.35
CA GLU G 562 -37.72 -144.52 -0.81
C GLU G 562 -38.04 -143.57 0.34
N VAL G 563 -38.76 -144.05 1.33
CA VAL G 563 -39.04 -143.30 2.56
C VAL G 563 -38.35 -144.09 3.67
N PRO G 564 -37.74 -143.45 4.66
CA PRO G 564 -36.91 -144.18 5.61
C PRO G 564 -37.77 -144.94 6.60
N PRO G 565 -37.29 -146.10 7.04
CA PRO G 565 -37.97 -146.80 8.14
C PRO G 565 -37.76 -146.04 9.43
N ALA G 566 -38.48 -144.94 9.60
CA ALA G 566 -38.14 -144.00 10.66
C ALA G 566 -38.19 -144.69 12.02
N GLY G 567 -37.04 -144.72 12.67
CA GLY G 567 -36.91 -145.24 14.01
C GLY G 567 -36.60 -144.14 14.98
N PRO G 568 -35.91 -144.47 16.07
CA PRO G 568 -35.30 -143.43 16.91
C PRO G 568 -34.26 -142.67 16.10
N GLY G 569 -34.33 -141.34 16.17
CA GLY G 569 -33.37 -140.53 15.47
C GLY G 569 -31.99 -140.64 16.08
N ALA G 570 -30.99 -140.71 15.21
CA ALA G 570 -29.60 -140.63 15.64
C ALA G 570 -29.00 -139.35 15.08
N ILE G 571 -28.05 -138.81 15.82
CA ILE G 571 -27.52 -137.48 15.59
C ILE G 571 -26.11 -137.64 15.04
N GLN G 572 -25.93 -137.24 13.78
CA GLN G 572 -24.72 -137.60 13.05
C GLN G 572 -24.13 -136.37 12.40
N ALA G 573 -22.90 -136.55 11.92
CA ALA G 573 -22.11 -135.47 11.38
C ALA G 573 -21.80 -135.72 9.93
N THR G 574 -21.57 -134.65 9.19
CA THR G 574 -21.11 -134.76 7.82
C THR G 574 -20.26 -133.54 7.52
N TRP G 575 -19.24 -133.75 6.72
CA TRP G 575 -18.23 -132.72 6.53
C TRP G 575 -18.72 -131.67 5.56
N ARG G 576 -18.80 -130.42 6.02
CA ARG G 576 -19.11 -129.32 5.13
C ARG G 576 -17.99 -129.21 4.12
N VAL G 577 -18.34 -129.11 2.85
CA VAL G 577 -17.24 -129.13 1.91
C VAL G 577 -16.63 -127.75 1.83
N VAL G 578 -17.33 -126.85 1.17
CA VAL G 578 -16.82 -125.50 0.95
C VAL G 578 -17.13 -124.62 2.14
N ASN G 579 -16.37 -123.55 2.31
CA ASN G 579 -16.66 -122.60 3.37
C ASN G 579 -17.89 -121.78 3.09
N GLY G 580 -18.48 -121.88 1.90
CA GLY G 580 -19.76 -121.27 1.66
C GLY G 580 -20.86 -121.88 2.49
N ASN G 581 -20.74 -123.15 2.83
CA ASN G 581 -21.77 -123.89 3.56
C ASN G 581 -21.86 -123.51 5.01
N LEU G 582 -20.99 -122.65 5.54
CA LEU G 582 -21.14 -122.26 6.96
C LEU G 582 -22.38 -121.40 7.00
N PRO G 583 -23.17 -121.47 8.05
CA PRO G 583 -24.46 -120.77 7.99
C PRO G 583 -24.31 -119.27 7.79
N LEU G 584 -25.35 -118.67 7.20
CA LEU G 584 -25.29 -117.25 6.94
C LEU G 584 -25.39 -116.40 8.19
N ALA G 585 -25.80 -116.97 9.32
CA ALA G 585 -25.76 -116.20 10.55
C ALA G 585 -24.34 -116.07 11.06
N LEU G 586 -23.56 -117.14 10.98
CA LEU G 586 -22.17 -117.10 11.38
C LEU G 586 -21.25 -116.51 10.33
N CYS G 587 -21.65 -116.52 9.06
CA CYS G 587 -20.90 -115.84 7.99
C CYS G 587 -21.89 -115.07 7.16
N PRO G 588 -22.15 -113.81 7.50
CA PRO G 588 -23.26 -113.10 6.87
C PRO G 588 -23.03 -112.88 5.39
N VAL G 589 -24.15 -112.76 4.68
CA VAL G 589 -24.12 -112.27 3.30
C VAL G 589 -23.37 -110.96 3.19
N ALA G 590 -23.57 -110.06 4.12
CA ALA G 590 -22.90 -108.77 4.08
C ALA G 590 -21.41 -108.90 4.33
N PHE G 591 -20.98 -109.97 5.01
CA PHE G 591 -19.57 -110.30 5.03
C PHE G 591 -19.14 -110.93 3.73
N ARG G 592 -20.00 -111.77 3.20
CA ARG G 592 -19.62 -112.71 2.18
C ARG G 592 -19.49 -112.02 0.83
N ASP G 593 -20.26 -110.97 0.61
CA ASP G 593 -20.12 -110.09 -0.54
C ASP G 593 -19.03 -109.06 -0.35
N ALA G 594 -18.64 -108.79 0.89
CA ALA G 594 -17.55 -107.85 1.13
C ALA G 594 -16.24 -108.36 0.58
N ARG G 595 -16.16 -109.70 0.63
CA ARG G 595 -15.10 -110.61 0.19
C ARG G 595 -15.15 -110.96 -1.30
N GLY G 596 -16.26 -110.66 -1.94
CA GLY G 596 -16.36 -110.74 -3.38
C GLY G 596 -15.85 -109.48 -4.03
N LEU G 597 -16.00 -108.34 -3.37
CA LEU G 597 -15.40 -107.11 -3.84
C LEU G 597 -13.90 -107.09 -3.59
N GLU G 598 -13.39 -107.94 -2.71
CA GLU G 598 -11.95 -108.01 -2.55
C GLU G 598 -11.30 -108.76 -3.69
N LEU G 599 -11.90 -109.86 -4.11
CA LEU G 599 -11.40 -110.60 -5.26
C LEU G 599 -11.71 -109.91 -6.56
N GLY G 600 -12.83 -109.19 -6.62
CA GLY G 600 -13.22 -108.54 -7.85
C GLY G 600 -12.22 -107.52 -8.35
N VAL G 601 -11.57 -106.81 -7.44
CA VAL G 601 -10.68 -105.74 -7.84
C VAL G 601 -9.51 -106.32 -8.62
N GLY G 602 -9.23 -105.74 -9.79
CA GLY G 602 -8.16 -106.23 -10.61
C GLY G 602 -8.45 -107.54 -11.28
N ARG G 603 -9.72 -107.82 -11.58
CA ARG G 603 -10.10 -109.01 -12.31
C ARG G 603 -11.23 -108.66 -13.27
N HIS G 604 -11.68 -109.65 -14.02
CA HIS G 604 -12.64 -109.41 -15.08
C HIS G 604 -13.97 -108.95 -14.51
N ALA G 605 -14.64 -108.07 -15.25
CA ALA G 605 -15.97 -107.63 -14.90
C ALA G 605 -16.83 -107.65 -16.16
N MET G 606 -17.89 -108.45 -16.15
CA MET G 606 -18.85 -108.41 -17.25
C MET G 606 -19.40 -107.00 -17.41
N ALA G 607 -19.48 -106.55 -18.66
CA ALA G 607 -19.99 -105.22 -18.92
C ALA G 607 -21.41 -105.11 -18.42
N PRO G 608 -21.88 -103.89 -18.14
CA PRO G 608 -23.26 -103.74 -17.68
C PRO G 608 -24.26 -104.07 -18.76
N ALA G 609 -23.86 -103.95 -20.03
CA ALA G 609 -24.73 -104.29 -21.13
C ALA G 609 -24.85 -105.79 -21.28
N THR G 610 -23.79 -106.52 -21.01
CA THR G 610 -23.86 -107.97 -21.10
C THR G 610 -24.48 -108.61 -19.88
N ILE G 611 -24.70 -107.85 -18.82
CA ILE G 611 -25.44 -108.36 -17.68
C ILE G 611 -26.93 -108.21 -17.89
N ALA G 612 -27.37 -107.09 -18.44
CA ALA G 612 -28.78 -106.86 -18.70
C ALA G 612 -29.30 -107.75 -19.81
N ALA G 613 -28.45 -108.08 -20.77
CA ALA G 613 -28.86 -108.98 -21.84
C ALA G 613 -29.00 -110.40 -21.32
N VAL G 614 -28.08 -110.85 -20.47
CA VAL G 614 -28.14 -112.20 -19.95
C VAL G 614 -29.20 -112.35 -18.88
N ARG G 615 -29.26 -111.41 -17.94
CA ARG G 615 -30.31 -111.47 -16.93
C ARG G 615 -31.67 -111.32 -17.58
N GLY G 616 -31.79 -110.47 -18.59
CA GLY G 616 -33.05 -110.32 -19.27
C GLY G 616 -33.57 -111.60 -19.90
N ALA G 617 -32.68 -112.56 -20.16
CA ALA G 617 -33.09 -113.84 -20.71
C ALA G 617 -33.65 -114.76 -19.64
N PHE G 618 -33.06 -114.75 -18.45
CA PHE G 618 -33.57 -115.60 -17.37
C PHE G 618 -34.92 -115.10 -16.87
N GLU G 619 -35.14 -113.79 -16.89
CA GLU G 619 -36.37 -113.22 -16.39
C GLU G 619 -37.42 -113.09 -17.48
N ASP G 620 -37.17 -113.63 -18.66
CA ASP G 620 -38.07 -113.50 -19.80
C ASP G 620 -39.09 -114.64 -19.76
N ARG G 621 -40.35 -114.30 -19.51
CA ARG G 621 -41.43 -115.28 -19.53
C ARG G 621 -41.77 -115.73 -20.94
N SER G 622 -41.38 -114.97 -21.94
CA SER G 622 -41.76 -115.23 -23.32
C SER G 622 -40.71 -116.02 -24.08
N TYR G 623 -39.63 -116.41 -23.43
CA TYR G 623 -38.52 -117.09 -24.07
C TYR G 623 -39.10 -118.26 -24.84
N PRO G 624 -38.90 -118.32 -26.15
CA PRO G 624 -39.66 -119.26 -26.98
C PRO G 624 -39.21 -120.69 -26.78
N ALA G 625 -40.15 -121.61 -26.94
CA ALA G 625 -39.87 -123.00 -26.64
C ALA G 625 -39.15 -123.72 -27.77
N VAL G 626 -38.99 -123.11 -28.95
CA VAL G 626 -38.08 -123.70 -29.91
C VAL G 626 -36.69 -123.78 -29.32
N PHE G 627 -36.34 -122.83 -28.46
CA PHE G 627 -34.98 -122.76 -27.97
C PHE G 627 -34.65 -123.85 -26.98
N TYR G 628 -35.65 -124.43 -26.32
CA TYR G 628 -35.38 -125.62 -25.53
C TYR G 628 -35.33 -126.85 -26.42
N LEU G 629 -36.24 -126.94 -27.38
CA LEU G 629 -36.20 -128.05 -28.32
C LEU G 629 -34.91 -128.05 -29.11
N LEU G 630 -34.54 -126.89 -29.68
CA LEU G 630 -33.25 -126.79 -30.35
C LEU G 630 -32.12 -127.18 -29.41
N GLN G 631 -32.18 -126.71 -28.17
CA GLN G 631 -31.17 -127.09 -27.19
C GLN G 631 -31.09 -128.59 -27.04
N ALA G 632 -32.23 -129.24 -26.80
CA ALA G 632 -32.23 -130.68 -26.65
C ALA G 632 -31.96 -131.40 -27.95
N ALA G 633 -32.23 -130.77 -29.08
CA ALA G 633 -31.92 -131.39 -30.37
C ALA G 633 -30.42 -131.40 -30.60
N ILE G 634 -29.76 -130.24 -30.44
CA ILE G 634 -28.31 -130.18 -30.53
C ILE G 634 -27.69 -131.10 -29.49
N HIS G 635 -28.30 -131.19 -28.32
CA HIS G 635 -27.89 -132.05 -27.22
C HIS G 635 -26.38 -132.03 -27.02
N GLY G 636 -25.85 -130.81 -26.93
CA GLY G 636 -24.47 -130.61 -26.57
C GLY G 636 -23.49 -131.15 -27.59
N SER G 637 -24.00 -131.65 -28.72
CA SER G 637 -23.13 -132.20 -29.74
C SER G 637 -22.54 -131.08 -30.57
N GLU G 638 -21.25 -131.15 -30.83
CA GLU G 638 -20.61 -130.18 -31.69
C GLU G 638 -20.86 -130.50 -33.14
N HIS G 639 -21.05 -131.78 -33.45
CA HIS G 639 -21.45 -132.17 -34.79
C HIS G 639 -22.79 -131.55 -35.15
N VAL G 640 -23.75 -131.62 -34.22
CA VAL G 640 -25.10 -131.16 -34.54
C VAL G 640 -25.19 -129.64 -34.50
N PHE G 641 -24.45 -128.97 -33.62
CA PHE G 641 -24.53 -127.52 -33.60
C PHE G 641 -24.14 -126.95 -34.94
N CYS G 642 -22.97 -127.32 -35.45
CA CYS G 642 -22.59 -126.85 -36.76
C CYS G 642 -23.56 -127.29 -37.83
N ALA G 643 -24.06 -128.52 -37.75
CA ALA G 643 -25.08 -128.97 -38.69
C ALA G 643 -26.23 -127.98 -38.75
N LEU G 644 -26.65 -127.46 -37.61
CA LEU G 644 -27.72 -126.50 -37.51
C LEU G 644 -27.23 -125.06 -37.46
N ALA G 645 -25.92 -124.84 -37.63
CA ALA G 645 -25.34 -123.54 -37.34
C ALA G 645 -26.10 -122.39 -37.98
N ARG G 646 -26.60 -122.58 -39.20
CA ARG G 646 -27.34 -121.50 -39.83
C ARG G 646 -28.71 -121.31 -39.18
N LEU G 647 -29.29 -122.37 -38.64
CA LEU G 647 -30.59 -122.26 -38.02
C LEU G 647 -30.51 -121.49 -36.72
N VAL G 648 -29.45 -121.69 -35.94
CA VAL G 648 -29.33 -121.06 -34.64
C VAL G 648 -29.11 -119.57 -34.79
N THR G 649 -28.18 -119.17 -35.65
CA THR G 649 -27.92 -117.76 -35.81
C THR G 649 -29.14 -116.98 -36.27
N GLN G 650 -30.09 -117.65 -36.93
CA GLN G 650 -31.33 -116.97 -37.29
C GLN G 650 -32.28 -116.90 -36.10
N CYS G 651 -32.16 -117.85 -35.18
CA CYS G 651 -32.88 -117.74 -33.92
C CYS G 651 -32.27 -116.64 -33.06
N ILE G 652 -30.96 -116.69 -32.85
CA ILE G 652 -30.30 -115.69 -32.01
C ILE G 652 -30.53 -114.31 -32.56
N THR G 653 -30.39 -114.13 -33.86
CA THR G 653 -30.54 -112.80 -34.43
C THR G 653 -31.98 -112.33 -34.32
N SER G 654 -32.94 -113.22 -34.56
CA SER G 654 -34.34 -112.84 -34.42
C SER G 654 -34.66 -112.52 -32.98
N TYR G 655 -34.34 -113.43 -32.07
CA TYR G 655 -34.63 -113.19 -30.67
C TYR G 655 -33.93 -111.97 -30.13
N TRP G 656 -32.74 -111.67 -30.65
CA TRP G 656 -32.05 -110.45 -30.26
C TRP G 656 -32.78 -109.22 -30.76
N ASN G 657 -33.57 -109.35 -31.82
CA ASN G 657 -34.30 -108.21 -32.33
C ASN G 657 -35.61 -107.99 -31.59
N ASN G 658 -36.35 -109.06 -31.28
CA ASN G 658 -37.58 -108.90 -30.50
C ASN G 658 -37.28 -108.24 -29.17
N THR G 659 -36.45 -108.88 -28.37
CA THR G 659 -35.92 -108.36 -27.12
C THR G 659 -34.43 -108.24 -27.31
N ARG G 660 -33.78 -107.36 -26.57
CA ARG G 660 -32.32 -107.42 -26.61
C ARG G 660 -31.94 -108.36 -25.48
N CYS G 661 -31.65 -109.61 -25.83
CA CYS G 661 -31.36 -110.64 -24.85
C CYS G 661 -30.54 -111.72 -25.51
N ALA G 662 -29.66 -112.34 -24.74
CA ALA G 662 -28.98 -113.52 -25.20
C ALA G 662 -29.94 -114.69 -25.17
N ALA G 663 -29.73 -115.66 -26.07
CA ALA G 663 -30.73 -116.67 -26.33
C ALA G 663 -30.47 -117.98 -25.59
N PHE G 664 -29.37 -118.64 -25.91
CA PHE G 664 -29.13 -120.01 -25.48
C PHE G 664 -28.39 -120.11 -24.16
N VAL G 665 -28.31 -119.01 -23.42
CA VAL G 665 -27.56 -118.90 -22.17
C VAL G 665 -27.91 -119.96 -21.13
N ASN G 666 -29.02 -120.66 -21.29
CA ASN G 666 -29.22 -121.66 -20.25
C ASN G 666 -28.29 -122.85 -20.39
N ASP G 667 -27.46 -122.91 -21.43
CA ASP G 667 -26.58 -124.04 -21.69
C ASP G 667 -25.20 -123.53 -22.05
N TYR G 668 -24.20 -123.90 -21.26
CA TYR G 668 -22.85 -123.39 -21.51
C TYR G 668 -22.20 -124.07 -22.70
N SER G 669 -22.53 -125.34 -22.96
CA SER G 669 -22.00 -125.98 -24.14
C SER G 669 -22.34 -125.20 -25.39
N LEU G 670 -23.61 -124.90 -25.60
CA LEU G 670 -23.98 -124.04 -26.72
C LEU G 670 -23.26 -122.71 -26.65
N VAL G 671 -23.37 -122.01 -25.52
CA VAL G 671 -22.78 -120.68 -25.38
C VAL G 671 -21.33 -120.67 -25.80
N SER G 672 -20.61 -121.75 -25.55
CA SER G 672 -19.23 -121.82 -26.02
C SER G 672 -19.17 -122.04 -27.52
N TYR G 673 -20.16 -122.74 -28.10
CA TYR G 673 -20.15 -122.93 -29.54
C TYR G 673 -20.56 -121.67 -30.28
N ILE G 674 -21.54 -120.94 -29.75
CA ILE G 674 -21.88 -119.66 -30.35
C ILE G 674 -20.64 -118.78 -30.44
N VAL G 675 -19.75 -118.90 -29.46
CA VAL G 675 -18.58 -118.04 -29.43
C VAL G 675 -17.52 -118.56 -30.38
N THR G 676 -17.30 -119.87 -30.41
CA THR G 676 -16.28 -120.43 -31.29
C THR G 676 -16.67 -120.28 -32.76
N TYR G 677 -17.80 -120.85 -33.14
CA TYR G 677 -18.17 -121.00 -34.54
C TYR G 677 -18.85 -119.78 -35.14
N LEU G 678 -19.78 -119.18 -34.42
CA LEU G 678 -20.68 -118.20 -35.00
C LEU G 678 -20.13 -116.79 -34.98
N GLY G 679 -18.88 -116.62 -34.58
CA GLY G 679 -18.32 -115.28 -34.45
C GLY G 679 -18.46 -114.43 -35.68
N GLY G 680 -18.51 -115.03 -36.85
CA GLY G 680 -18.67 -114.27 -38.07
C GLY G 680 -20.01 -113.57 -38.21
N ASP G 681 -21.12 -114.31 -38.16
CA ASP G 681 -22.42 -113.71 -38.48
C ASP G 681 -23.32 -113.68 -37.27
N LEU G 682 -23.37 -112.54 -36.64
CA LEU G 682 -24.11 -112.16 -35.46
C LEU G 682 -23.77 -110.69 -35.29
N PRO G 683 -24.74 -109.84 -35.00
CA PRO G 683 -24.41 -108.42 -34.81
C PRO G 683 -23.46 -108.26 -33.63
N GLU G 684 -22.46 -107.40 -33.81
CA GLU G 684 -21.40 -107.27 -32.82
C GLU G 684 -21.95 -107.02 -31.43
N GLU G 685 -23.12 -106.40 -31.36
CA GLU G 685 -23.69 -106.08 -30.07
C GLU G 685 -24.06 -107.34 -29.30
N CYS G 686 -24.68 -108.33 -29.96
CA CYS G 686 -25.13 -109.51 -29.22
C CYS G 686 -24.01 -110.52 -29.05
N MET G 687 -23.16 -110.67 -30.07
CA MET G 687 -21.99 -111.51 -29.92
C MET G 687 -21.22 -111.12 -28.68
N ALA G 688 -21.01 -109.81 -28.49
CA ALA G 688 -20.28 -109.30 -27.35
C ALA G 688 -20.79 -109.84 -26.03
N VAL G 689 -22.07 -110.20 -25.96
CA VAL G 689 -22.63 -110.77 -24.74
C VAL G 689 -22.12 -112.18 -24.52
N TYR G 690 -22.29 -113.03 -25.51
CA TYR G 690 -21.75 -114.39 -25.43
C TYR G 690 -20.25 -114.33 -25.25
N ARG G 691 -19.60 -113.45 -25.99
CA ARG G 691 -18.15 -113.37 -25.95
C ARG G 691 -17.67 -113.01 -24.56
N ASP G 692 -18.38 -112.13 -23.87
CA ASP G 692 -18.01 -111.70 -22.53
C ASP G 692 -18.43 -112.72 -21.48
N LEU G 693 -19.60 -113.32 -21.65
CA LEU G 693 -20.08 -114.32 -20.72
C LEU G 693 -19.11 -115.50 -20.63
N VAL G 694 -18.50 -115.87 -21.75
CA VAL G 694 -17.53 -116.96 -21.75
C VAL G 694 -16.18 -116.48 -21.22
N ALA G 695 -15.84 -115.22 -21.46
CA ALA G 695 -14.60 -114.68 -20.93
C ALA G 695 -14.62 -114.64 -19.42
N HIS G 696 -15.80 -114.58 -18.83
CA HIS G 696 -15.96 -114.46 -17.40
C HIS G 696 -15.93 -115.81 -16.70
N VAL G 697 -16.10 -116.90 -17.43
CA VAL G 697 -15.91 -118.21 -16.82
C VAL G 697 -14.44 -118.49 -16.68
N GLU G 698 -13.62 -117.94 -17.55
CA GLU G 698 -12.18 -118.12 -17.43
C GLU G 698 -11.65 -117.32 -16.25
N ALA G 699 -12.04 -116.05 -16.14
CA ALA G 699 -11.60 -115.22 -15.03
C ALA G 699 -11.83 -115.88 -13.70
N LEU G 700 -12.96 -116.55 -13.54
CA LEU G 700 -13.22 -117.28 -12.31
C LEU G 700 -12.37 -118.52 -12.23
N ALA G 701 -12.17 -119.21 -13.35
CA ALA G 701 -11.34 -120.39 -13.33
C ALA G 701 -9.90 -120.07 -12.99
N GLN G 702 -9.41 -118.92 -13.42
CA GLN G 702 -8.03 -118.53 -13.15
C GLN G 702 -7.86 -117.88 -11.80
N LEU G 703 -8.94 -117.78 -11.03
CA LEU G 703 -8.87 -117.23 -9.68
C LEU G 703 -8.36 -118.25 -8.69
N VAL G 704 -8.53 -119.54 -8.97
CA VAL G 704 -8.06 -120.57 -8.04
C VAL G 704 -6.55 -120.65 -8.07
N ASP G 705 -5.95 -120.41 -9.24
CA ASP G 705 -4.50 -120.50 -9.35
C ASP G 705 -3.81 -119.45 -8.51
N ASP G 706 -4.44 -118.31 -8.31
CA ASP G 706 -3.84 -117.29 -7.48
C ASP G 706 -3.77 -117.72 -6.03
N PHE G 707 -4.78 -118.43 -5.56
CA PHE G 707 -4.89 -118.82 -4.16
C PHE G 707 -4.45 -120.25 -3.89
N THR G 708 -3.88 -120.93 -4.87
CA THR G 708 -3.33 -122.26 -4.66
C THR G 708 -1.82 -122.19 -4.63
N LEU G 709 -1.21 -122.85 -3.65
CA LEU G 709 0.23 -123.02 -3.64
C LEU G 709 0.60 -124.30 -4.37
N PRO G 710 1.78 -124.34 -4.96
CA PRO G 710 2.21 -125.54 -5.68
C PRO G 710 2.53 -126.69 -4.73
N GLY G 711 2.59 -127.88 -5.30
CA GLY G 711 2.87 -129.08 -4.55
C GLY G 711 2.52 -130.32 -5.34
N PRO G 712 2.78 -131.48 -4.78
CA PRO G 712 2.52 -132.73 -5.49
C PRO G 712 1.04 -133.04 -5.64
N GLU G 713 0.73 -134.14 -6.29
CA GLU G 713 -0.63 -134.65 -6.35
C GLU G 713 -0.89 -135.55 -5.16
N LEU G 714 -1.90 -135.23 -4.38
CA LEU G 714 -2.22 -135.97 -3.17
C LEU G 714 -3.40 -136.89 -3.47
N GLY G 715 -3.13 -138.18 -3.54
CA GLY G 715 -4.19 -139.11 -3.89
C GLY G 715 -4.65 -138.96 -5.32
N GLY G 716 -3.72 -138.77 -6.25
CA GLY G 716 -4.05 -138.62 -7.64
C GLY G 716 -4.69 -137.30 -8.00
N GLN G 717 -5.00 -136.46 -7.03
CA GLN G 717 -5.60 -135.16 -7.30
C GLN G 717 -4.55 -134.07 -7.20
N ALA G 718 -4.69 -133.06 -8.06
CA ALA G 718 -3.77 -131.95 -8.02
C ALA G 718 -4.05 -131.09 -6.78
N GLN G 719 -3.27 -130.04 -6.62
CA GLN G 719 -3.48 -129.14 -5.49
C GLN G 719 -4.75 -128.33 -5.66
N ALA G 720 -4.92 -127.72 -6.84
CA ALA G 720 -6.09 -126.89 -7.07
C ALA G 720 -7.38 -127.66 -6.84
N GLU G 721 -7.35 -128.98 -6.97
CA GLU G 721 -8.52 -129.80 -6.75
C GLU G 721 -8.78 -130.03 -5.26
N LEU G 722 -7.73 -130.16 -4.47
CA LEU G 722 -7.89 -130.25 -3.02
C LEU G 722 -8.27 -128.90 -2.42
N ASN G 723 -7.99 -127.82 -3.14
CA ASN G 723 -8.18 -126.48 -2.63
C ASN G 723 -9.61 -126.00 -2.87
N HIS G 724 -10.02 -125.97 -4.13
CA HIS G 724 -11.28 -125.38 -4.54
C HIS G 724 -12.20 -126.44 -5.10
N LEU G 725 -13.50 -126.18 -5.01
CA LEU G 725 -14.48 -127.19 -5.36
C LEU G 725 -14.69 -127.32 -6.86
N MET G 726 -14.63 -126.20 -7.58
CA MET G 726 -14.83 -126.28 -9.03
C MET G 726 -13.76 -127.11 -9.70
N ARG G 727 -12.54 -127.08 -9.16
CA ARG G 727 -11.49 -127.89 -9.74
C ARG G 727 -11.65 -129.36 -9.39
N ASP G 728 -12.38 -129.68 -8.35
CA ASP G 728 -12.43 -131.04 -7.84
C ASP G 728 -13.24 -131.91 -8.78
N PRO G 729 -12.67 -132.96 -9.36
CA PRO G 729 -13.39 -133.78 -10.33
C PRO G 729 -14.57 -134.53 -9.76
N ALA G 730 -14.66 -134.66 -8.44
CA ALA G 730 -15.79 -135.37 -7.85
C ALA G 730 -17.10 -134.72 -8.24
N LEU G 731 -17.33 -133.51 -7.76
CA LEU G 731 -18.55 -132.81 -8.11
C LEU G 731 -18.58 -132.62 -9.62
N LEU G 732 -19.62 -133.09 -10.24
CA LEU G 732 -19.79 -132.91 -11.66
C LEU G 732 -20.98 -131.99 -11.91
N PRO G 733 -20.97 -131.23 -13.00
CA PRO G 733 -21.99 -130.18 -13.15
C PRO G 733 -23.37 -130.78 -13.16
N PRO G 734 -24.40 -129.99 -12.84
CA PRO G 734 -25.73 -130.58 -12.65
C PRO G 734 -26.27 -131.25 -13.90
N LEU G 735 -25.79 -130.87 -15.08
CA LEU G 735 -26.32 -131.36 -16.34
C LEU G 735 -25.16 -131.72 -17.22
N VAL G 736 -25.03 -132.99 -17.59
CA VAL G 736 -23.83 -133.47 -18.25
C VAL G 736 -24.25 -134.22 -19.50
N TRP G 737 -24.00 -133.64 -20.68
CA TRP G 737 -24.48 -134.26 -21.91
C TRP G 737 -23.67 -135.49 -22.29
N ASP G 738 -22.37 -135.49 -22.03
CA ASP G 738 -21.48 -136.57 -22.44
C ASP G 738 -20.81 -137.18 -21.23
N CYS G 739 -20.23 -138.34 -21.43
CA CYS G 739 -19.76 -139.13 -20.31
C CYS G 739 -18.32 -138.82 -19.91
N ASP G 740 -17.71 -137.77 -20.51
CA ASP G 740 -16.35 -137.37 -20.15
C ASP G 740 -16.19 -137.22 -18.64
N GLY G 741 -17.03 -136.40 -18.03
CA GLY G 741 -16.90 -136.15 -16.61
C GLY G 741 -16.94 -137.42 -15.82
N LEU G 742 -17.95 -138.24 -16.11
CA LEU G 742 -18.09 -139.52 -15.41
C LEU G 742 -16.87 -140.40 -15.58
N MET G 743 -16.16 -140.28 -16.70
CA MET G 743 -14.93 -141.04 -16.88
C MET G 743 -13.91 -140.66 -15.82
N ARG G 744 -13.68 -139.36 -15.64
CA ARG G 744 -12.55 -138.92 -14.83
C ARG G 744 -12.73 -139.24 -13.36
N HIS G 745 -13.92 -139.00 -12.82
CA HIS G 745 -14.10 -139.27 -11.40
C HIS G 745 -14.68 -140.64 -11.12
N ALA G 746 -15.02 -141.43 -12.12
CA ALA G 746 -15.28 -142.83 -11.83
C ALA G 746 -14.00 -143.53 -11.40
N ALA G 747 -12.86 -143.06 -11.86
CA ALA G 747 -11.57 -143.54 -11.39
C ALA G 747 -11.05 -142.49 -10.42
N LEU G 748 -11.15 -142.81 -9.13
CA LEU G 748 -10.61 -142.03 -8.03
C LEU G 748 -10.49 -142.96 -6.84
N ASP G 749 -9.66 -142.57 -5.89
CA ASP G 749 -9.69 -143.26 -4.61
C ASP G 749 -10.92 -142.86 -3.81
N ARG G 750 -11.45 -141.66 -4.08
CA ARG G 750 -12.56 -141.12 -3.30
C ARG G 750 -13.88 -141.74 -3.71
N HIS G 751 -14.05 -141.97 -5.00
CA HIS G 751 -15.33 -142.37 -5.57
C HIS G 751 -15.86 -143.60 -4.88
N ARG G 752 -17.06 -143.47 -4.36
CA ARG G 752 -17.79 -144.54 -3.72
C ARG G 752 -19.21 -144.38 -4.26
N ASP G 753 -19.89 -145.47 -4.61
CA ASP G 753 -21.28 -145.40 -5.11
C ASP G 753 -21.57 -145.18 -6.61
N CYS G 754 -21.79 -143.94 -7.03
CA CYS G 754 -22.12 -143.65 -8.44
C CYS G 754 -23.29 -144.48 -8.95
N ARG G 755 -24.45 -144.30 -8.34
CA ARG G 755 -25.66 -145.05 -8.69
C ARG G 755 -26.55 -144.41 -9.76
N ILE G 756 -26.62 -145.07 -10.91
CA ILE G 756 -27.38 -144.61 -12.06
C ILE G 756 -28.62 -145.47 -12.08
N ASP G 757 -29.70 -144.77 -11.83
CA ASP G 757 -30.90 -145.49 -11.74
C ASP G 757 -32.05 -145.29 -12.66
N ALA G 758 -32.03 -146.15 -13.66
CA ALA G 758 -33.21 -146.45 -14.43
C ALA G 758 -33.17 -147.97 -14.49
N GLY G 759 -32.09 -148.49 -15.07
CA GLY G 759 -31.73 -149.90 -15.01
C GLY G 759 -30.76 -150.20 -13.88
N GLY G 760 -29.84 -151.12 -14.11
CA GLY G 760 -28.91 -151.56 -13.07
C GLY G 760 -28.05 -150.44 -12.51
N HIS G 761 -27.38 -150.77 -11.41
CA HIS G 761 -26.65 -149.82 -10.56
C HIS G 761 -25.58 -149.00 -11.29
N GLU G 762 -24.56 -149.66 -11.83
CA GLU G 762 -23.42 -148.95 -12.41
C GLU G 762 -23.72 -148.53 -13.84
N PRO G 763 -23.15 -147.41 -14.29
CA PRO G 763 -23.34 -146.95 -15.67
C PRO G 763 -22.39 -147.64 -16.63
N VAL G 764 -22.70 -147.44 -17.91
CA VAL G 764 -22.03 -148.03 -19.07
C VAL G 764 -22.22 -147.00 -20.17
N TYR G 765 -21.65 -147.16 -21.35
CA TYR G 765 -21.85 -146.07 -22.29
C TYR G 765 -22.09 -146.53 -23.72
N ALA G 766 -22.18 -145.54 -24.61
CA ALA G 766 -22.50 -145.74 -26.02
C ALA G 766 -21.73 -144.72 -26.85
N ALA G 767 -21.28 -145.16 -28.03
CA ALA G 767 -20.42 -144.31 -28.86
C ALA G 767 -21.19 -143.16 -29.47
N ALA G 768 -22.28 -143.45 -30.18
CA ALA G 768 -23.10 -142.41 -30.78
C ALA G 768 -24.56 -142.87 -30.76
N CYS G 769 -25.43 -142.11 -31.40
CA CYS G 769 -26.85 -142.45 -31.37
C CYS G 769 -27.50 -142.06 -32.70
N ASN G 770 -28.38 -142.94 -33.18
CA ASN G 770 -28.97 -142.85 -34.52
C ASN G 770 -30.41 -143.34 -34.42
N VAL G 771 -31.05 -143.57 -35.56
CA VAL G 771 -32.47 -143.91 -35.58
C VAL G 771 -32.71 -145.26 -34.90
N ALA G 772 -32.06 -146.33 -35.38
CA ALA G 772 -32.18 -147.63 -34.76
C ALA G 772 -31.22 -147.80 -33.58
N THR G 773 -30.28 -146.88 -33.41
CA THR G 773 -29.43 -146.88 -32.23
C THR G 773 -30.19 -146.40 -31.00
N ALA G 774 -31.26 -145.62 -31.21
CA ALA G 774 -31.95 -144.96 -30.12
C ALA G 774 -33.23 -145.71 -29.74
N ASP G 775 -33.39 -145.95 -28.44
CA ASP G 775 -34.63 -146.47 -27.87
C ASP G 775 -35.01 -145.54 -26.73
N PHE G 776 -36.11 -144.81 -26.91
CA PHE G 776 -36.33 -143.61 -26.11
C PHE G 776 -36.83 -143.93 -24.69
N ASN G 777 -37.57 -145.01 -24.51
CA ASN G 777 -37.91 -145.49 -23.17
C ASN G 777 -37.20 -146.83 -22.97
N ARG G 778 -36.10 -146.77 -22.21
CA ARG G 778 -35.28 -147.93 -21.86
C ARG G 778 -34.56 -147.67 -20.54
N ASN G 779 -34.42 -148.69 -19.69
CA ASN G 779 -33.70 -148.54 -18.42
C ASN G 779 -32.75 -149.71 -18.13
N ASP G 780 -31.69 -149.81 -18.91
CA ASP G 780 -30.69 -150.86 -18.76
C ASP G 780 -29.45 -150.34 -18.05
N GLY G 781 -29.45 -149.04 -17.77
CA GLY G 781 -28.33 -148.35 -17.17
C GLY G 781 -27.22 -147.97 -18.13
N ARG G 782 -27.54 -147.70 -19.40
CA ARG G 782 -26.56 -147.17 -20.33
C ARG G 782 -26.61 -145.66 -20.33
N LEU G 783 -25.67 -145.06 -21.08
CA LEU G 783 -25.60 -143.63 -21.27
C LEU G 783 -25.00 -143.35 -22.64
N LEU G 784 -25.18 -142.12 -23.10
CA LEU G 784 -24.60 -141.67 -24.36
C LEU G 784 -23.34 -140.87 -24.07
N HIS G 785 -22.27 -141.29 -24.73
CA HIS G 785 -20.98 -140.63 -24.69
C HIS G 785 -20.65 -140.13 -26.11
N ASN G 786 -21.62 -140.24 -27.01
CA ASN G 786 -21.49 -139.85 -28.39
C ASN G 786 -21.79 -138.37 -28.64
N THR G 787 -20.99 -137.49 -28.06
CA THR G 787 -21.16 -136.04 -28.23
C THR G 787 -19.97 -135.41 -28.95
N GLN G 788 -19.20 -136.26 -29.62
CA GLN G 788 -18.01 -135.82 -30.35
C GLN G 788 -18.28 -134.96 -31.58
N ALA G 789 -17.34 -134.08 -31.88
CA ALA G 789 -17.41 -133.19 -33.03
C ALA G 789 -17.38 -134.01 -34.30
N ARG G 790 -16.60 -135.10 -34.27
CA ARG G 790 -16.46 -136.00 -35.40
C ARG G 790 -17.13 -137.32 -35.06
N ALA G 791 -18.25 -137.62 -35.69
CA ALA G 791 -18.78 -138.98 -35.63
C ALA G 791 -17.74 -139.98 -36.13
N ALA G 792 -16.73 -139.48 -36.86
CA ALA G 792 -15.63 -140.29 -37.32
C ALA G 792 -14.94 -141.01 -36.17
N ASP G 793 -14.16 -140.28 -35.39
CA ASP G 793 -13.44 -140.87 -34.26
C ASP G 793 -14.35 -140.68 -33.07
N ALA G 794 -14.98 -141.77 -32.66
CA ALA G 794 -15.89 -141.78 -31.54
C ALA G 794 -15.11 -142.20 -30.30
N ALA G 795 -15.81 -142.28 -29.19
CA ALA G 795 -15.15 -142.70 -27.97
C ALA G 795 -16.08 -143.59 -27.18
N ASP G 796 -15.54 -144.69 -26.68
CA ASP G 796 -16.20 -145.54 -25.69
C ASP G 796 -15.73 -145.18 -24.30
N ASP G 797 -14.42 -145.31 -24.05
CA ASP G 797 -13.81 -144.97 -22.76
C ASP G 797 -13.15 -143.59 -22.79
N ARG G 798 -12.14 -143.40 -23.64
CA ARG G 798 -11.36 -142.17 -23.62
C ARG G 798 -12.24 -140.94 -23.81
N PRO G 799 -12.04 -139.89 -23.02
CA PRO G 799 -12.91 -138.70 -23.11
C PRO G 799 -12.62 -137.88 -24.35
N HIS G 800 -13.56 -137.00 -24.67
CA HIS G 800 -13.43 -136.11 -25.84
C HIS G 800 -12.62 -134.88 -25.48
N ARG G 801 -13.21 -134.00 -24.69
CA ARG G 801 -12.73 -132.64 -24.42
C ARG G 801 -11.60 -132.64 -23.41
N PRO G 802 -11.01 -131.47 -23.12
CA PRO G 802 -10.09 -131.36 -21.98
C PRO G 802 -10.83 -131.37 -20.66
N ALA G 803 -10.07 -131.29 -19.56
CA ALA G 803 -10.70 -131.22 -18.24
C ALA G 803 -11.22 -129.82 -17.95
N ASP G 804 -10.66 -128.80 -18.61
CA ASP G 804 -11.20 -127.45 -18.48
C ASP G 804 -12.64 -127.39 -18.93
N TRP G 805 -13.02 -128.21 -19.91
CA TRP G 805 -14.40 -128.26 -20.36
C TRP G 805 -15.35 -128.47 -19.20
N THR G 806 -15.24 -129.58 -18.49
CA THR G 806 -16.13 -129.81 -17.37
C THR G 806 -15.93 -128.80 -16.26
N VAL G 807 -14.76 -128.18 -16.15
CA VAL G 807 -14.57 -127.19 -15.09
C VAL G 807 -15.25 -125.89 -15.45
N HIS G 808 -15.34 -125.56 -16.73
CA HIS G 808 -16.08 -124.36 -17.10
C HIS G 808 -17.58 -124.56 -16.98
N HIS G 809 -18.07 -125.80 -17.02
CA HIS G 809 -19.50 -126.01 -16.83
C HIS G 809 -19.88 -125.95 -15.36
N LYS G 810 -19.00 -126.38 -14.47
CA LYS G 810 -19.27 -126.22 -13.06
C LYS G 810 -19.24 -124.76 -12.68
N ILE G 811 -18.22 -124.03 -13.14
CA ILE G 811 -18.16 -122.60 -12.87
C ILE G 811 -19.34 -121.89 -13.50
N TYR G 812 -19.90 -122.43 -14.56
CA TYR G 812 -21.03 -121.79 -15.18
C TYR G 812 -22.33 -122.07 -14.44
N TYR G 813 -22.58 -123.34 -14.12
CA TYR G 813 -23.85 -123.68 -13.51
C TYR G 813 -23.88 -123.31 -12.04
N TYR G 814 -22.77 -123.51 -11.35
CA TYR G 814 -22.78 -123.28 -9.92
C TYR G 814 -22.33 -121.88 -9.53
N VAL G 815 -21.75 -121.13 -10.43
CA VAL G 815 -21.32 -119.78 -10.12
C VAL G 815 -22.10 -118.74 -10.91
N LEU G 816 -22.03 -118.77 -12.23
CA LEU G 816 -22.68 -117.69 -12.96
C LEU G 816 -24.20 -117.80 -12.94
N VAL G 817 -24.78 -118.94 -13.30
CA VAL G 817 -26.23 -119.04 -13.34
C VAL G 817 -26.90 -118.72 -12.01
N PRO G 818 -26.35 -119.11 -10.87
CA PRO G 818 -27.00 -118.63 -9.67
C PRO G 818 -26.98 -117.12 -9.52
N ALA G 819 -25.95 -116.49 -9.99
CA ALA G 819 -25.87 -115.08 -9.91
C ALA G 819 -26.99 -114.50 -10.72
N PHE G 820 -27.23 -114.97 -11.93
CA PHE G 820 -28.30 -114.44 -12.78
C PHE G 820 -29.74 -114.68 -12.51
N SER G 821 -30.04 -115.89 -12.11
CA SER G 821 -31.39 -116.34 -11.92
C SER G 821 -31.86 -116.10 -10.53
N ARG G 822 -30.98 -115.55 -9.75
CA ARG G 822 -31.24 -115.22 -8.35
C ARG G 822 -32.19 -116.23 -7.74
N GLY G 823 -32.10 -117.48 -8.20
CA GLY G 823 -32.79 -118.58 -7.56
C GLY G 823 -33.95 -119.18 -8.32
N ARG G 824 -34.50 -118.52 -9.33
CA ARG G 824 -35.67 -119.04 -10.03
C ARG G 824 -35.24 -119.64 -11.36
N CYS G 825 -35.23 -120.97 -11.41
CA CYS G 825 -34.87 -121.78 -12.55
C CYS G 825 -34.90 -123.21 -12.05
N CYS G 826 -35.03 -124.14 -12.98
CA CYS G 826 -35.13 -125.53 -12.57
C CYS G 826 -34.55 -126.40 -13.68
N THR G 827 -33.87 -127.46 -13.28
CA THR G 827 -33.48 -128.49 -14.21
C THR G 827 -34.73 -129.19 -14.73
N ALA G 828 -34.59 -129.94 -15.81
CA ALA G 828 -35.68 -130.79 -16.23
C ALA G 828 -35.16 -131.98 -17.01
N GLY G 829 -35.97 -133.02 -17.06
CA GLY G 829 -35.74 -134.11 -17.97
C GLY G 829 -36.45 -133.87 -19.29
N VAL G 830 -35.89 -134.42 -20.35
CA VAL G 830 -36.43 -134.19 -21.68
C VAL G 830 -37.21 -135.43 -22.08
N ARG G 831 -38.32 -135.23 -22.78
CA ARG G 831 -38.97 -136.32 -23.48
C ARG G 831 -38.40 -136.28 -24.89
N PHE G 832 -37.50 -137.21 -25.22
CA PHE G 832 -36.85 -137.09 -26.51
C PHE G 832 -37.73 -137.62 -27.62
N ASP G 833 -38.46 -138.70 -27.38
CA ASP G 833 -39.44 -139.14 -28.35
C ASP G 833 -40.38 -138.02 -28.71
N ARG G 834 -40.79 -137.26 -27.70
CA ARG G 834 -41.74 -136.20 -27.93
C ARG G 834 -41.10 -134.98 -28.55
N VAL G 835 -39.85 -134.68 -28.19
CA VAL G 835 -39.17 -133.57 -28.82
C VAL G 835 -38.94 -133.86 -30.30
N TYR G 836 -38.30 -135.00 -30.59
CA TYR G 836 -38.04 -135.34 -31.98
C TYR G 836 -39.31 -135.41 -32.81
N ALA G 837 -40.47 -135.59 -32.17
CA ALA G 837 -41.72 -135.60 -32.91
C ALA G 837 -41.99 -134.26 -33.58
N THR G 838 -42.07 -133.20 -32.79
CA THR G 838 -42.29 -131.89 -33.38
C THR G 838 -41.01 -131.24 -33.85
N LEU G 839 -39.85 -131.75 -33.51
CA LEU G 839 -38.66 -131.28 -34.20
C LEU G 839 -38.83 -131.48 -35.69
N GLN G 840 -39.12 -132.70 -36.11
CA GLN G 840 -39.39 -132.94 -37.51
C GLN G 840 -40.89 -133.08 -37.69
N ASN G 841 -41.54 -131.95 -37.82
CA ASN G 841 -42.92 -131.94 -38.28
C ASN G 841 -43.05 -130.63 -39.03
N MET G 842 -43.08 -130.67 -40.34
CA MET G 842 -42.93 -129.41 -41.04
C MET G 842 -43.59 -129.51 -42.39
N VAL G 843 -44.05 -128.36 -42.86
CA VAL G 843 -44.40 -128.19 -44.24
C VAL G 843 -43.51 -127.09 -44.76
N VAL G 844 -42.55 -127.47 -45.60
CA VAL G 844 -41.72 -126.52 -46.32
C VAL G 844 -42.12 -126.61 -47.79
N PRO G 845 -42.72 -125.56 -48.36
CA PRO G 845 -43.29 -125.68 -49.70
C PRO G 845 -42.24 -126.04 -50.73
N GLU G 846 -42.67 -126.81 -51.71
CA GLU G 846 -41.84 -127.03 -52.89
C GLU G 846 -41.73 -125.73 -53.66
N ILE G 847 -40.51 -125.29 -53.88
CA ILE G 847 -40.29 -124.02 -54.59
C ILE G 847 -40.37 -124.28 -56.08
N ALA G 848 -41.06 -123.38 -56.78
CA ALA G 848 -41.20 -123.53 -58.21
C ALA G 848 -39.85 -123.35 -58.90
N PRO G 849 -39.59 -124.11 -59.96
CA PRO G 849 -38.30 -123.99 -60.66
C PRO G 849 -38.09 -122.58 -61.20
N GLY G 850 -36.91 -122.02 -60.90
CA GLY G 850 -36.59 -120.67 -61.25
C GLY G 850 -36.95 -119.64 -60.21
N GLU G 851 -37.88 -119.95 -59.32
CA GLU G 851 -38.31 -118.99 -58.29
C GLU G 851 -37.34 -119.02 -57.11
N GLU G 852 -36.86 -117.85 -56.70
CA GLU G 852 -35.91 -117.76 -55.61
C GLU G 852 -36.56 -118.14 -54.29
N CYS G 853 -35.71 -118.44 -53.31
CA CYS G 853 -36.19 -118.77 -51.98
C CYS G 853 -37.09 -117.68 -51.43
N PRO G 854 -38.14 -118.01 -50.68
CA PRO G 854 -38.99 -116.96 -50.09
C PRO G 854 -38.18 -116.07 -49.15
N SER G 855 -38.23 -114.77 -49.41
CA SER G 855 -37.57 -113.80 -48.54
C SER G 855 -38.43 -113.38 -47.36
N ASP G 856 -39.70 -113.11 -47.60
CA ASP G 856 -40.59 -112.52 -46.62
C ASP G 856 -41.62 -113.52 -46.15
N PRO G 857 -41.77 -113.71 -44.84
CA PRO G 857 -42.93 -114.47 -44.34
C PRO G 857 -44.25 -113.77 -44.56
N VAL G 858 -44.24 -112.45 -44.73
CA VAL G 858 -45.48 -111.72 -44.94
C VAL G 858 -45.97 -111.86 -46.37
N THR G 859 -45.09 -111.66 -47.35
CA THR G 859 -45.51 -111.53 -48.75
C THR G 859 -45.57 -112.89 -49.44
N ASP G 860 -44.42 -113.51 -49.66
CA ASP G 860 -44.35 -114.75 -50.43
C ASP G 860 -45.15 -115.84 -49.73
N PRO G 861 -46.14 -116.44 -50.39
CA PRO G 861 -46.87 -117.55 -49.77
C PRO G 861 -46.06 -118.82 -49.62
N ALA G 862 -44.94 -118.97 -50.32
CA ALA G 862 -44.14 -120.19 -50.30
C ALA G 862 -43.16 -120.24 -49.15
N HIS G 863 -43.13 -119.23 -48.30
CA HIS G 863 -42.27 -119.27 -47.12
C HIS G 863 -42.87 -120.24 -46.10
N PRO G 864 -42.04 -121.07 -45.47
CA PRO G 864 -42.60 -122.08 -44.55
C PRO G 864 -43.32 -121.50 -43.36
N LEU G 865 -43.01 -120.27 -42.96
CA LEU G 865 -43.69 -119.60 -41.88
C LEU G 865 -44.79 -118.66 -42.33
N HIS G 866 -45.05 -118.56 -43.63
CA HIS G 866 -46.18 -117.79 -44.10
C HIS G 866 -47.45 -118.34 -43.47
N PRO G 867 -48.45 -117.47 -43.20
CA PRO G 867 -49.71 -117.97 -42.64
C PRO G 867 -50.33 -119.13 -43.38
N ALA G 868 -50.03 -119.28 -44.65
CA ALA G 868 -50.59 -120.38 -45.43
C ALA G 868 -49.93 -121.71 -45.08
N ASN G 869 -48.66 -121.70 -44.70
CA ASN G 869 -47.92 -122.93 -44.44
C ASN G 869 -47.86 -123.29 -42.97
N LEU G 870 -48.49 -122.50 -42.10
CA LEU G 870 -48.53 -122.86 -40.69
C LEU G 870 -49.66 -123.84 -40.47
N VAL G 871 -49.31 -125.06 -40.09
CA VAL G 871 -50.33 -126.03 -39.73
C VAL G 871 -50.27 -126.12 -38.22
N ALA G 872 -51.17 -126.86 -37.60
CA ALA G 872 -51.13 -127.06 -36.17
C ALA G 872 -50.24 -128.25 -35.86
N ASN G 873 -49.50 -128.15 -34.77
CA ASN G 873 -48.62 -129.20 -34.27
C ASN G 873 -47.33 -129.33 -35.05
N THR G 874 -47.19 -128.64 -36.17
CA THR G 874 -45.98 -128.75 -36.95
C THR G 874 -44.84 -128.01 -36.26
N VAL G 875 -43.65 -128.07 -36.87
CA VAL G 875 -42.53 -127.38 -36.26
C VAL G 875 -42.56 -125.90 -36.61
N ASN G 876 -43.07 -125.54 -37.78
CA ASN G 876 -43.05 -124.12 -38.12
C ASN G 876 -44.17 -123.36 -37.43
N ALA G 877 -45.17 -124.07 -36.92
CA ALA G 877 -46.07 -123.44 -35.95
C ALA G 877 -45.36 -123.21 -34.64
N MET G 878 -44.39 -124.07 -34.32
CA MET G 878 -43.56 -123.87 -33.14
C MET G 878 -42.59 -122.72 -33.34
N PHE G 879 -41.99 -122.60 -34.52
CA PHE G 879 -41.17 -121.44 -34.81
C PHE G 879 -41.98 -120.16 -34.77
N HIS G 880 -43.25 -120.24 -35.13
CA HIS G 880 -44.06 -119.03 -35.23
C HIS G 880 -44.45 -118.53 -33.86
N ASN G 881 -44.86 -119.43 -32.98
CA ASN G 881 -45.37 -119.05 -31.66
C ASN G 881 -44.39 -118.25 -30.86
N GLY G 882 -43.15 -118.68 -30.85
CA GLY G 882 -42.14 -117.92 -30.16
C GLY G 882 -41.78 -117.25 -31.45
N ARG G 883 -42.03 -115.95 -31.58
CA ARG G 883 -41.77 -115.32 -32.86
C ARG G 883 -40.34 -115.57 -33.22
N VAL G 884 -40.14 -116.02 -34.45
CA VAL G 884 -38.80 -116.36 -34.90
C VAL G 884 -38.85 -116.44 -36.41
N VAL G 885 -37.93 -115.77 -37.08
CA VAL G 885 -37.91 -115.74 -38.53
C VAL G 885 -36.86 -116.74 -39.00
N VAL G 886 -37.32 -117.83 -39.61
CA VAL G 886 -36.47 -118.91 -40.07
C VAL G 886 -36.86 -119.25 -41.50
N ASP G 887 -35.92 -119.17 -42.43
CA ASP G 887 -36.27 -119.43 -43.81
C ASP G 887 -36.37 -120.93 -44.06
N GLY G 888 -36.67 -121.28 -45.31
CA GLY G 888 -36.98 -122.63 -45.69
C GLY G 888 -35.87 -123.64 -45.46
N PRO G 889 -34.68 -123.41 -46.04
CA PRO G 889 -33.66 -124.45 -45.98
C PRO G 889 -33.08 -124.63 -44.59
N ALA G 890 -33.15 -123.60 -43.75
CA ALA G 890 -32.64 -123.72 -42.39
C ALA G 890 -33.32 -124.86 -41.66
N MET G 891 -34.65 -124.81 -41.57
CA MET G 891 -35.33 -125.92 -40.91
C MET G 891 -35.34 -127.17 -41.75
N LEU G 892 -34.83 -127.09 -42.98
CA LEU G 892 -34.63 -128.29 -43.78
C LEU G 892 -33.36 -129.02 -43.39
N THR G 893 -32.39 -128.30 -42.81
CA THR G 893 -31.16 -128.93 -42.36
C THR G 893 -31.36 -129.65 -41.05
N LEU G 894 -32.59 -129.65 -40.56
CA LEU G 894 -33.01 -130.31 -39.36
C LEU G 894 -33.07 -131.83 -39.51
N GLN G 895 -32.86 -132.34 -40.72
CA GLN G 895 -32.82 -133.78 -40.96
C GLN G 895 -31.63 -134.45 -40.29
N VAL G 896 -30.70 -133.68 -39.72
CA VAL G 896 -29.52 -134.23 -39.07
C VAL G 896 -29.89 -135.05 -37.85
N LEU G 897 -31.08 -134.82 -37.29
CA LEU G 897 -31.49 -135.49 -36.06
C LEU G 897 -31.56 -137.00 -36.19
N ALA G 898 -31.67 -137.53 -37.41
CA ALA G 898 -31.55 -138.97 -37.58
C ALA G 898 -30.15 -139.44 -37.20
N HIS G 899 -29.13 -138.65 -37.53
CA HIS G 899 -27.75 -139.06 -37.29
C HIS G 899 -27.33 -138.91 -35.84
N ASN G 900 -27.93 -137.97 -35.11
CA ASN G 900 -27.63 -137.81 -33.68
C ASN G 900 -28.94 -137.60 -32.95
N MET G 901 -29.25 -138.49 -32.02
CA MET G 901 -30.37 -138.26 -31.13
C MET G 901 -29.99 -138.75 -29.75
N ALA G 902 -30.96 -138.73 -28.84
CA ALA G 902 -30.73 -139.17 -27.48
C ALA G 902 -31.92 -139.98 -27.02
N GLU G 903 -31.65 -141.07 -26.31
CA GLU G 903 -32.75 -141.95 -25.94
C GLU G 903 -33.56 -141.38 -24.79
N ARG G 904 -32.90 -140.92 -23.74
CA ARG G 904 -33.64 -140.45 -22.57
C ARG G 904 -32.72 -139.61 -21.71
N THR G 905 -33.28 -139.04 -20.65
CA THR G 905 -32.52 -138.37 -19.62
C THR G 905 -32.38 -139.31 -18.44
N THR G 906 -31.27 -139.21 -17.73
CA THR G 906 -30.98 -140.18 -16.68
C THR G 906 -30.57 -139.47 -15.41
N ALA G 907 -31.34 -139.65 -14.36
CA ALA G 907 -30.96 -139.16 -13.06
C ALA G 907 -29.77 -139.95 -12.55
N LEU G 908 -28.77 -139.23 -12.08
CA LEU G 908 -27.45 -139.77 -11.78
C LEU G 908 -27.06 -139.33 -10.38
N LEU G 909 -26.98 -140.28 -9.44
CA LEU G 909 -26.58 -140.01 -8.08
C LEU G 909 -25.27 -140.73 -7.79
N CYS G 910 -24.32 -139.98 -7.25
CA CYS G 910 -22.95 -140.38 -7.02
C CYS G 910 -22.47 -139.93 -5.66
N SER G 911 -21.44 -140.57 -5.11
CA SER G 911 -20.89 -140.10 -3.85
C SER G 911 -19.37 -140.25 -3.92
N ALA G 912 -18.72 -140.01 -2.78
CA ALA G 912 -17.28 -140.01 -2.66
C ALA G 912 -16.95 -139.79 -1.20
N ALA G 913 -15.74 -140.13 -0.82
CA ALA G 913 -15.26 -139.82 0.52
C ALA G 913 -14.60 -138.45 0.50
N PRO G 914 -14.20 -137.94 1.67
CA PRO G 914 -13.41 -136.71 1.64
C PRO G 914 -12.08 -136.95 0.95
N ASP G 915 -11.55 -135.89 0.36
CA ASP G 915 -10.32 -136.02 -0.40
C ASP G 915 -9.16 -136.33 0.53
N ALA G 916 -8.03 -136.69 -0.06
CA ALA G 916 -6.83 -136.89 0.72
C ALA G 916 -6.59 -135.50 1.27
N GLY G 917 -6.06 -135.39 2.47
CA GLY G 917 -5.80 -134.09 3.05
C GLY G 917 -6.98 -133.54 3.81
N ALA G 918 -8.10 -134.25 3.74
CA ALA G 918 -9.28 -133.87 4.47
C ALA G 918 -9.99 -135.13 4.83
N ASN G 919 -9.29 -136.25 4.86
CA ASN G 919 -9.94 -137.50 5.11
C ASN G 919 -9.08 -138.11 6.19
N THR G 920 -9.69 -138.42 7.32
CA THR G 920 -9.02 -139.00 8.46
C THR G 920 -9.86 -140.14 9.00
N ALA G 921 -9.58 -140.62 10.17
CA ALA G 921 -10.35 -141.73 10.69
C ALA G 921 -11.81 -141.43 10.84
N SER G 922 -12.15 -140.24 11.30
CA SER G 922 -13.53 -139.87 11.50
C SER G 922 -14.35 -139.68 10.22
N THR G 923 -13.78 -139.02 9.22
CA THR G 923 -14.45 -138.74 7.97
C THR G 923 -14.23 -139.82 6.92
N ALA G 924 -13.59 -140.93 7.30
CA ALA G 924 -13.36 -142.01 6.35
C ALA G 924 -14.68 -142.60 5.86
N ASN G 925 -15.65 -142.73 6.73
CA ASN G 925 -16.93 -143.32 6.38
C ASN G 925 -17.96 -142.30 5.93
N MET G 926 -17.59 -141.04 5.81
CA MET G 926 -18.52 -140.06 5.27
C MET G 926 -18.67 -140.24 3.78
N ARG G 927 -19.81 -139.79 3.27
CA ARG G 927 -20.09 -139.78 1.84
C ARG G 927 -20.74 -138.46 1.51
N ILE G 928 -20.36 -137.88 0.39
CA ILE G 928 -20.95 -136.64 -0.07
C ILE G 928 -21.67 -136.94 -1.37
N PHE G 929 -23.00 -136.92 -1.32
CA PHE G 929 -23.84 -137.34 -2.43
C PHE G 929 -24.17 -136.15 -3.32
N ASP G 930 -23.96 -136.31 -4.61
CA ASP G 930 -24.24 -135.25 -5.58
C ASP G 930 -25.02 -135.85 -6.74
N GLY G 931 -26.22 -135.33 -6.97
CA GLY G 931 -27.02 -135.77 -8.08
C GLY G 931 -26.81 -134.93 -9.32
N ALA G 932 -27.16 -135.52 -10.45
CA ALA G 932 -27.11 -134.83 -11.73
C ALA G 932 -28.00 -135.56 -12.72
N LEU G 933 -28.36 -134.86 -13.78
CA LEU G 933 -29.10 -135.42 -14.89
C LEU G 933 -28.15 -135.61 -16.05
N HIS G 934 -28.35 -136.68 -16.81
CA HIS G 934 -27.41 -136.90 -17.90
C HIS G 934 -27.73 -135.93 -19.02
N ALA G 935 -28.78 -136.16 -19.79
CA ALA G 935 -29.15 -135.15 -20.76
C ALA G 935 -30.31 -134.42 -20.13
N GLY G 936 -29.99 -133.29 -19.49
CA GLY G 936 -30.97 -132.46 -18.85
C GLY G 936 -31.09 -131.13 -19.55
N VAL G 937 -31.80 -130.22 -18.88
CA VAL G 937 -32.00 -128.89 -19.42
C VAL G 937 -32.23 -127.96 -18.26
N LEU G 938 -31.80 -126.72 -18.41
CA LEU G 938 -32.04 -125.71 -17.40
C LEU G 938 -33.18 -124.83 -17.88
N LEU G 939 -34.33 -124.96 -17.23
CA LEU G 939 -35.46 -124.08 -17.49
C LEU G 939 -35.23 -122.77 -16.76
N MET G 940 -35.44 -121.66 -17.45
CA MET G 940 -35.06 -120.37 -16.88
C MET G 940 -36.25 -119.62 -16.31
N ALA G 941 -37.03 -119.01 -17.12
CA ALA G 941 -38.16 -118.35 -16.47
C ALA G 941 -39.36 -119.26 -16.52
N PRO G 942 -40.06 -119.50 -15.42
CA PRO G 942 -41.22 -120.38 -15.49
C PRO G 942 -42.27 -119.76 -16.39
N GLN G 943 -42.84 -120.59 -17.24
CA GLN G 943 -43.96 -120.13 -18.02
C GLN G 943 -45.14 -121.10 -17.90
N HIS G 944 -45.67 -121.23 -16.68
CA HIS G 944 -46.86 -122.02 -16.44
C HIS G 944 -48.11 -121.23 -16.76
N LEU G 945 -47.97 -119.95 -17.09
CA LEU G 945 -49.09 -119.16 -17.55
C LEU G 945 -48.98 -119.20 -19.05
N ASP G 946 -49.97 -119.88 -19.61
CA ASP G 946 -50.27 -120.01 -21.02
C ASP G 946 -50.47 -121.45 -21.50
N HIS G 947 -51.56 -121.72 -22.22
CA HIS G 947 -51.69 -123.08 -22.71
C HIS G 947 -51.33 -122.93 -24.17
N THR G 948 -50.13 -123.34 -24.53
CA THR G 948 -49.72 -123.46 -25.91
C THR G 948 -49.05 -124.82 -26.03
N ILE G 949 -48.00 -125.00 -25.26
CA ILE G 949 -47.44 -126.30 -25.00
C ILE G 949 -47.96 -126.79 -23.66
N GLN G 950 -48.61 -127.94 -23.65
CA GLN G 950 -49.21 -128.46 -22.43
C GLN G 950 -48.16 -128.58 -21.33
N ASN G 951 -48.59 -128.33 -20.10
CA ASN G 951 -47.66 -128.35 -18.98
C ASN G 951 -47.01 -129.73 -18.84
N GLY G 952 -45.69 -129.73 -18.72
CA GLY G 952 -44.97 -130.98 -18.56
C GLY G 952 -45.01 -131.86 -19.78
N GLU G 953 -45.15 -131.28 -20.96
CA GLU G 953 -45.20 -132.07 -22.17
C GLU G 953 -43.82 -132.58 -22.52
N TYR G 954 -42.94 -131.68 -22.97
CA TYR G 954 -41.60 -132.09 -23.37
C TYR G 954 -40.67 -132.27 -22.20
N PHE G 955 -40.68 -131.38 -21.23
CA PHE G 955 -39.71 -131.53 -20.17
C PHE G 955 -40.41 -131.70 -18.85
N TYR G 956 -39.88 -132.52 -17.96
CA TYR G 956 -40.49 -132.65 -16.67
C TYR G 956 -39.57 -132.28 -15.51
N VAL G 957 -39.89 -131.21 -14.81
CA VAL G 957 -38.98 -130.73 -13.82
C VAL G 957 -38.51 -131.73 -12.80
N LEU G 958 -37.18 -131.81 -12.69
CA LEU G 958 -36.51 -132.63 -11.73
C LEU G 958 -35.54 -131.64 -11.17
N PRO G 959 -35.54 -131.44 -9.85
CA PRO G 959 -34.53 -130.53 -9.36
C PRO G 959 -33.45 -131.44 -8.86
N VAL G 960 -32.22 -131.23 -9.28
CA VAL G 960 -31.08 -132.04 -8.85
C VAL G 960 -30.58 -131.45 -7.55
N HIS G 961 -30.22 -130.18 -7.57
CA HIS G 961 -29.72 -129.48 -6.42
C HIS G 961 -30.70 -128.39 -6.05
N ALA G 962 -30.64 -127.95 -4.79
CA ALA G 962 -31.52 -126.87 -4.36
C ALA G 962 -31.16 -125.54 -4.99
N LEU G 963 -29.98 -125.41 -5.59
CA LEU G 963 -29.68 -124.22 -6.38
C LEU G 963 -30.64 -124.10 -7.53
N PHE G 964 -30.93 -125.21 -8.18
CA PHE G 964 -31.92 -125.21 -9.24
C PHE G 964 -33.09 -126.04 -8.72
N ALA G 965 -33.99 -125.36 -8.03
CA ALA G 965 -35.35 -125.83 -7.81
C ALA G 965 -36.19 -124.57 -7.81
N GLY G 966 -37.06 -124.41 -8.79
CA GLY G 966 -37.87 -123.22 -8.83
C GLY G 966 -39.08 -123.41 -7.95
N ALA G 967 -39.47 -122.34 -7.27
CA ALA G 967 -40.72 -122.42 -6.52
C ALA G 967 -41.90 -122.38 -7.46
N ASP G 968 -41.79 -121.71 -8.60
CA ASP G 968 -42.84 -121.68 -9.58
C ASP G 968 -42.72 -122.78 -10.63
N HIS G 969 -41.57 -123.42 -10.74
CA HIS G 969 -41.48 -124.59 -11.60
C HIS G 969 -42.02 -125.82 -10.91
N VAL G 970 -41.72 -125.97 -9.63
CA VAL G 970 -42.11 -127.18 -8.92
C VAL G 970 -43.57 -127.13 -8.50
N ALA G 971 -44.04 -125.99 -8.00
CA ALA G 971 -45.40 -125.91 -7.50
C ALA G 971 -46.43 -126.03 -8.62
N ASN G 972 -46.02 -125.77 -9.85
CA ASN G 972 -46.90 -125.82 -11.01
C ASN G 972 -46.79 -127.10 -11.80
N ALA G 973 -45.98 -128.05 -11.34
CA ALA G 973 -45.90 -129.35 -11.98
C ALA G 973 -47.29 -129.96 -12.05
N PRO G 974 -47.54 -130.84 -13.03
CA PRO G 974 -48.95 -131.20 -13.33
C PRO G 974 -49.75 -131.65 -12.14
N ASN G 975 -49.25 -132.58 -11.34
CA ASN G 975 -49.91 -132.92 -10.08
C ASN G 975 -48.98 -132.51 -8.96
N PHE G 976 -49.29 -131.40 -8.30
CA PHE G 976 -48.53 -130.91 -7.18
C PHE G 976 -49.44 -130.87 -5.97
N PRO G 977 -49.10 -131.56 -4.88
CA PRO G 977 -49.95 -131.56 -3.69
C PRO G 977 -50.28 -130.14 -3.28
N PRO G 978 -51.56 -129.85 -3.06
CA PRO G 978 -51.94 -128.48 -2.67
C PRO G 978 -51.49 -128.11 -1.27
N ALA G 979 -51.27 -129.09 -0.39
CA ALA G 979 -50.83 -128.76 0.96
C ALA G 979 -49.42 -128.19 0.97
N LEU G 980 -48.65 -128.42 -0.09
CA LEU G 980 -47.27 -127.97 -0.16
C LEU G 980 -47.11 -126.66 -0.88
N ARG G 981 -48.21 -126.05 -1.33
CA ARG G 981 -48.12 -124.79 -2.08
C ARG G 981 -47.38 -123.73 -1.28
N ASP G 982 -47.66 -123.64 0.01
CA ASP G 982 -46.94 -122.70 0.88
C ASP G 982 -45.53 -123.18 1.14
N LEU G 983 -45.39 -124.43 1.56
CA LEU G 983 -44.07 -124.96 1.90
C LEU G 983 -43.12 -124.88 0.72
N ALA G 984 -43.62 -125.19 -0.49
CA ALA G 984 -42.76 -125.14 -1.67
C ALA G 984 -42.20 -123.76 -1.91
N ARG G 985 -42.74 -122.74 -1.26
CA ARG G 985 -42.32 -121.38 -1.56
C ARG G 985 -40.98 -121.06 -0.91
N HIS G 986 -40.82 -121.39 0.37
CA HIS G 986 -39.55 -121.17 1.05
C HIS G 986 -38.68 -122.40 1.16
N VAL G 987 -39.14 -123.57 0.71
CA VAL G 987 -38.37 -124.81 0.81
C VAL G 987 -38.05 -125.33 -0.58
N PRO G 988 -36.79 -125.53 -0.92
CA PRO G 988 -36.43 -126.15 -2.21
C PRO G 988 -36.70 -127.63 -2.29
N LEU G 989 -37.88 -128.04 -2.77
CA LEU G 989 -38.23 -129.47 -2.71
C LEU G 989 -37.42 -130.21 -3.78
N VAL G 990 -36.48 -131.01 -3.32
CA VAL G 990 -35.53 -131.75 -4.15
C VAL G 990 -35.62 -133.23 -3.81
N PRO G 991 -35.91 -134.11 -4.75
CA PRO G 991 -35.97 -135.54 -4.44
C PRO G 991 -34.63 -136.04 -3.94
N PRO G 992 -34.61 -136.75 -2.81
CA PRO G 992 -33.33 -137.26 -2.28
C PRO G 992 -32.71 -138.30 -3.17
N ALA G 993 -33.47 -138.89 -4.09
CA ALA G 993 -32.86 -139.74 -5.10
C ALA G 993 -31.77 -138.99 -5.84
N LEU G 994 -31.89 -137.67 -5.95
CA LEU G 994 -30.84 -136.82 -6.47
C LEU G 994 -29.98 -136.21 -5.37
N GLY G 995 -30.15 -136.62 -4.13
CA GLY G 995 -29.35 -136.14 -3.03
C GLY G 995 -30.15 -135.28 -2.06
N ALA G 996 -29.51 -135.01 -0.93
CA ALA G 996 -30.12 -134.32 0.19
C ALA G 996 -29.26 -133.13 0.56
N ASN G 997 -29.82 -132.26 1.38
CA ASN G 997 -29.11 -131.06 1.82
C ASN G 997 -27.80 -131.41 2.47
N TYR G 998 -27.88 -132.01 3.65
CA TYR G 998 -26.72 -132.19 4.49
C TYR G 998 -25.64 -133.02 3.83
N PHE G 999 -25.98 -133.83 2.84
CA PHE G 999 -24.99 -134.67 2.19
C PHE G 999 -24.46 -134.10 0.89
N SER G 1000 -24.84 -132.88 0.51
CA SER G 1000 -24.32 -132.34 -0.72
C SER G 1000 -23.04 -131.55 -0.50
N SER G 1001 -22.41 -131.17 -1.60
CA SER G 1001 -21.23 -130.32 -1.51
C SER G 1001 -21.61 -128.87 -1.39
N ILE G 1002 -22.78 -128.51 -1.90
CA ILE G 1002 -23.30 -127.17 -1.81
C ILE G 1002 -24.61 -127.25 -1.04
N ARG G 1003 -24.63 -126.63 0.12
CA ARG G 1003 -25.73 -126.70 1.04
C ARG G 1003 -26.41 -125.34 1.09
N GLN G 1004 -27.36 -125.21 2.00
CA GLN G 1004 -28.27 -124.08 1.96
C GLN G 1004 -27.63 -122.71 2.01
N PRO G 1005 -26.63 -122.43 2.85
CA PRO G 1005 -26.11 -121.07 2.92
C PRO G 1005 -25.66 -120.51 1.59
N VAL G 1006 -25.11 -121.37 0.72
CA VAL G 1006 -24.78 -120.93 -0.63
C VAL G 1006 -26.05 -120.52 -1.36
N VAL G 1007 -27.03 -121.41 -1.39
CA VAL G 1007 -28.28 -121.15 -2.09
C VAL G 1007 -28.88 -119.84 -1.64
N GLN G 1008 -29.04 -119.68 -0.33
CA GLN G 1008 -29.70 -118.50 0.20
C GLN G 1008 -28.90 -117.24 -0.05
N HIS G 1009 -27.58 -117.34 -0.15
CA HIS G 1009 -26.77 -116.15 -0.45
C HIS G 1009 -27.05 -115.65 -1.84
N ALA G 1010 -27.23 -116.57 -2.80
CA ALA G 1010 -27.40 -116.14 -4.19
C ALA G 1010 -28.65 -115.30 -4.37
N ARG G 1011 -29.75 -115.66 -3.74
CA ARG G 1011 -30.96 -114.86 -3.86
C ARG G 1011 -31.03 -113.69 -2.89
N GLU G 1012 -30.32 -113.74 -1.77
CA GLU G 1012 -30.43 -112.72 -0.75
C GLU G 1012 -29.49 -111.55 -0.95
N SER G 1013 -28.47 -111.70 -1.77
CA SER G 1013 -27.43 -110.69 -1.85
C SER G 1013 -27.88 -109.49 -2.67
N ALA G 1014 -27.51 -108.31 -2.22
CA ALA G 1014 -27.81 -107.09 -2.93
C ALA G 1014 -26.68 -106.62 -3.82
N ALA G 1015 -25.57 -107.37 -3.87
CA ALA G 1015 -24.43 -106.92 -4.67
C ALA G 1015 -24.74 -107.05 -6.15
N GLY G 1016 -23.80 -106.62 -6.98
CA GLY G 1016 -23.99 -106.74 -8.41
C GLY G 1016 -23.92 -108.19 -8.83
N GLU G 1017 -23.97 -108.39 -10.14
CA GLU G 1017 -23.72 -109.71 -10.68
C GLU G 1017 -22.24 -110.01 -10.85
N ASN G 1018 -21.41 -108.99 -11.08
CA ASN G 1018 -19.97 -109.22 -11.08
C ASN G 1018 -19.49 -109.57 -9.69
N ALA G 1019 -19.87 -108.76 -8.71
CA ALA G 1019 -19.36 -108.92 -7.37
C ALA G 1019 -20.01 -110.08 -6.64
N LEU G 1020 -21.19 -110.52 -7.09
CA LEU G 1020 -21.77 -111.72 -6.50
C LEU G 1020 -21.16 -112.96 -7.09
N THR G 1021 -20.61 -112.87 -8.29
CA THR G 1021 -20.00 -114.02 -8.91
C THR G 1021 -18.65 -114.33 -8.29
N TYR G 1022 -17.90 -113.31 -7.89
CA TYR G 1022 -16.67 -113.54 -7.16
C TYR G 1022 -16.93 -113.86 -5.71
N ALA G 1023 -17.95 -113.25 -5.12
CA ALA G 1023 -18.33 -113.58 -3.75
C ALA G 1023 -18.74 -115.03 -3.66
N LEU G 1024 -19.39 -115.51 -4.69
CA LEU G 1024 -19.94 -116.86 -4.70
C LEU G 1024 -18.86 -117.87 -5.06
N MET G 1025 -18.01 -117.53 -6.02
CA MET G 1025 -16.84 -118.35 -6.33
C MET G 1025 -15.97 -118.52 -5.11
N ALA G 1026 -15.82 -117.46 -4.32
CA ALA G 1026 -15.02 -117.53 -3.11
C ALA G 1026 -15.66 -118.37 -2.04
N GLY G 1027 -16.91 -118.76 -2.20
CA GLY G 1027 -17.50 -119.64 -1.23
C GLY G 1027 -17.24 -121.10 -1.47
N TYR G 1028 -16.70 -121.45 -2.64
CA TYR G 1028 -16.49 -122.83 -3.02
C TYR G 1028 -15.11 -123.36 -2.69
N PHE G 1029 -14.30 -122.58 -1.99
CA PHE G 1029 -13.04 -123.07 -1.46
C PHE G 1029 -13.28 -124.09 -0.38
N LYS G 1030 -12.51 -125.17 -0.39
CA LYS G 1030 -12.76 -126.27 0.55
C LYS G 1030 -12.24 -125.97 1.94
N MET G 1031 -12.85 -126.60 2.93
CA MET G 1031 -12.50 -126.41 4.33
C MET G 1031 -11.54 -127.46 4.89
N SER G 1032 -11.06 -128.35 4.06
CA SER G 1032 -10.05 -129.32 4.46
C SER G 1032 -8.80 -128.61 4.92
N PRO G 1033 -7.99 -129.25 5.79
CA PRO G 1033 -6.83 -128.53 6.30
C PRO G 1033 -5.85 -128.21 5.19
N VAL G 1034 -5.56 -129.19 4.32
CA VAL G 1034 -4.67 -128.96 3.19
C VAL G 1034 -5.15 -127.78 2.37
N ALA G 1035 -6.47 -127.61 2.26
CA ALA G 1035 -7.01 -126.47 1.55
C ALA G 1035 -6.67 -125.18 2.28
N LEU G 1036 -6.88 -125.15 3.59
CA LEU G 1036 -6.70 -123.93 4.37
C LEU G 1036 -5.26 -123.46 4.40
N TYR G 1037 -4.29 -124.31 4.07
CA TYR G 1037 -2.95 -123.80 3.80
C TYR G 1037 -2.96 -122.84 2.65
N HIS G 1038 -3.45 -123.31 1.51
CA HIS G 1038 -3.34 -122.54 0.30
C HIS G 1038 -3.99 -121.18 0.44
N GLN G 1039 -4.91 -121.05 1.39
CA GLN G 1039 -5.65 -119.81 1.54
C GLN G 1039 -4.98 -118.92 2.56
N LEU G 1040 -4.87 -119.41 3.79
CA LEU G 1040 -4.22 -118.64 4.84
C LEU G 1040 -2.84 -118.18 4.39
N LYS G 1041 -2.12 -119.03 3.66
CA LYS G 1041 -0.81 -118.63 3.18
C LYS G 1041 -0.86 -117.66 2.02
N THR G 1042 -1.94 -117.66 1.24
CA THR G 1042 -2.07 -116.79 0.09
C THR G 1042 -2.87 -115.54 0.42
N GLY G 1043 -3.37 -115.42 1.63
CA GLY G 1043 -4.12 -114.24 1.98
C GLY G 1043 -5.55 -114.27 1.51
N LEU G 1044 -6.22 -115.40 1.66
CA LEU G 1044 -7.66 -115.47 1.52
C LEU G 1044 -8.26 -115.59 2.91
N HIS G 1045 -9.41 -114.96 3.11
CA HIS G 1045 -10.09 -115.05 4.38
C HIS G 1045 -11.09 -116.19 4.29
N PRO G 1046 -10.86 -117.33 4.94
CA PRO G 1046 -11.69 -118.52 4.73
C PRO G 1046 -12.95 -118.55 5.58
N GLY G 1047 -13.70 -117.46 5.58
CA GLY G 1047 -15.04 -117.46 6.13
C GLY G 1047 -15.16 -117.49 7.63
N PHE G 1048 -14.09 -117.80 8.35
CA PHE G 1048 -14.12 -117.72 9.81
C PHE G 1048 -12.84 -117.08 10.27
N GLY G 1049 -12.81 -116.67 11.52
CA GLY G 1049 -11.70 -115.92 12.06
C GLY G 1049 -11.49 -116.31 13.50
N PHE G 1050 -10.30 -116.00 13.99
CA PHE G 1050 -9.85 -116.59 15.24
C PHE G 1050 -9.92 -115.61 16.38
N THR G 1051 -9.68 -116.12 17.58
CA THR G 1051 -9.48 -115.30 18.76
C THR G 1051 -8.18 -115.76 19.40
N VAL G 1052 -7.31 -114.80 19.71
CA VAL G 1052 -5.91 -115.07 19.98
C VAL G 1052 -5.70 -114.91 21.47
N VAL G 1053 -5.36 -116.01 22.13
CA VAL G 1053 -5.08 -115.99 23.56
C VAL G 1053 -3.59 -116.19 23.75
N ARG G 1054 -2.99 -115.33 24.55
CA ARG G 1054 -1.59 -115.46 24.94
C ARG G 1054 -1.49 -115.38 26.45
N GLN G 1055 -0.56 -116.14 26.99
CA GLN G 1055 -0.30 -116.17 28.43
C GLN G 1055 0.96 -115.37 28.69
N ASP G 1056 0.81 -114.28 29.39
CA ASP G 1056 1.94 -113.38 29.55
C ASP G 1056 2.38 -113.40 31.01
N ARG G 1057 3.46 -112.69 31.32
CA ARG G 1057 4.02 -112.74 32.65
C ARG G 1057 4.63 -111.38 32.95
N PHE G 1058 4.91 -111.13 34.23
CA PHE G 1058 5.52 -109.90 34.66
C PHE G 1058 6.30 -110.14 35.93
N VAL G 1059 7.30 -109.30 36.15
CA VAL G 1059 7.97 -109.22 37.44
C VAL G 1059 7.44 -107.97 38.12
N THR G 1060 6.82 -108.15 39.26
CA THR G 1060 6.14 -107.08 39.92
C THR G 1060 6.94 -106.67 41.15
N GLU G 1061 6.44 -105.67 41.85
CA GLU G 1061 7.04 -105.22 43.10
C GLU G 1061 5.94 -105.00 44.11
N ASN G 1062 6.00 -105.69 45.23
CA ASN G 1062 4.89 -105.75 46.15
C ASN G 1062 5.22 -105.00 47.43
N VAL G 1063 4.19 -104.50 48.09
CA VAL G 1063 4.28 -104.07 49.47
C VAL G 1063 3.50 -105.07 50.30
N LEU G 1064 3.95 -105.28 51.52
CA LEU G 1064 3.29 -106.19 52.43
C LEU G 1064 3.07 -105.50 53.75
N PHE G 1065 1.84 -105.45 54.20
CA PHE G 1065 1.50 -104.93 55.51
C PHE G 1065 1.14 -106.08 56.42
N SER G 1066 1.39 -105.91 57.72
CA SER G 1066 1.08 -106.97 58.67
C SER G 1066 0.81 -106.37 60.04
N GLU G 1067 0.01 -107.07 60.82
CA GLU G 1067 -0.40 -106.57 62.12
C GLU G 1067 0.67 -106.85 63.16
N ARG G 1068 0.34 -106.66 64.44
CA ARG G 1068 1.35 -106.73 65.48
C ARG G 1068 1.83 -108.15 65.70
N ALA G 1069 0.96 -109.04 66.15
CA ALA G 1069 1.32 -110.45 66.20
C ALA G 1069 0.40 -111.20 65.26
N SER G 1070 0.91 -111.56 64.09
CA SER G 1070 0.12 -112.27 63.11
C SER G 1070 0.40 -113.77 63.08
N GLU G 1071 1.50 -114.20 63.60
CA GLU G 1071 1.75 -115.59 63.55
C GLU G 1071 2.46 -115.93 64.81
N ALA G 1072 2.24 -117.13 65.26
CA ALA G 1072 2.92 -117.59 66.40
C ALA G 1072 4.01 -118.39 65.77
N TYR G 1073 5.23 -118.14 66.15
CA TYR G 1073 6.30 -118.87 65.56
C TYR G 1073 6.98 -119.60 66.67
N PHE G 1074 7.08 -120.91 66.56
CA PHE G 1074 7.69 -121.69 67.60
C PHE G 1074 8.93 -122.27 67.08
N LEU G 1075 10.00 -121.98 67.77
CA LEU G 1075 11.31 -122.50 67.41
C LEU G 1075 11.58 -123.83 68.08
N GLY G 1076 12.28 -124.70 67.37
CA GLY G 1076 12.69 -125.98 67.89
C GLY G 1076 14.09 -125.95 68.45
N GLN G 1077 14.76 -127.09 68.42
CA GLN G 1077 16.12 -127.24 68.88
C GLN G 1077 17.02 -127.60 67.71
N LEU G 1078 18.27 -127.13 67.77
CA LEU G 1078 19.24 -127.49 66.73
C LEU G 1078 19.69 -128.93 66.89
N GLN G 1079 19.94 -129.58 65.75
CA GLN G 1079 20.46 -130.92 65.77
C GLN G 1079 21.37 -131.13 64.57
N VAL G 1080 22.41 -131.93 64.77
CA VAL G 1080 23.56 -131.99 63.88
C VAL G 1080 23.73 -133.43 63.37
N ALA G 1081 24.11 -133.56 62.10
CA ALA G 1081 24.32 -134.86 61.49
C ALA G 1081 25.68 -134.92 60.82
N ARG G 1082 26.35 -136.07 60.83
CA ARG G 1082 27.65 -136.11 60.17
C ARG G 1082 27.42 -136.97 58.97
N HIS G 1083 27.67 -136.47 57.77
CA HIS G 1083 27.40 -137.28 56.62
C HIS G 1083 28.56 -137.82 55.84
N GLU G 1084 29.80 -137.59 56.25
CA GLU G 1084 30.91 -138.15 55.50
C GLU G 1084 30.98 -137.97 53.98
N THR G 1085 31.13 -136.74 53.51
CA THR G 1085 31.19 -136.41 52.08
C THR G 1085 32.46 -136.89 51.39
N GLY G 1086 32.48 -136.95 50.07
CA GLY G 1086 33.63 -137.51 49.39
C GLY G 1086 34.94 -137.10 50.03
N GLY G 1087 35.14 -135.79 50.20
CA GLY G 1087 36.44 -135.31 50.62
C GLY G 1087 36.56 -134.90 52.07
N GLY G 1088 35.68 -135.39 52.93
CA GLY G 1088 35.73 -134.98 54.32
C GLY G 1088 34.48 -135.42 55.05
N VAL G 1089 34.15 -134.68 56.10
CA VAL G 1089 32.93 -134.89 56.85
C VAL G 1089 32.02 -133.69 56.62
N ASN G 1090 30.72 -133.94 56.66
CA ASN G 1090 29.71 -132.89 56.57
C ASN G 1090 28.94 -132.80 57.87
N PHE G 1091 28.43 -131.61 58.14
CA PHE G 1091 27.48 -131.40 59.22
C PHE G 1091 26.29 -130.68 58.66
N THR G 1092 25.15 -131.35 58.60
CA THR G 1092 23.89 -130.69 58.30
C THR G 1092 23.17 -130.42 59.60
N LEU G 1093 22.61 -129.22 59.70
CA LEU G 1093 21.97 -128.75 60.92
C LEU G 1093 20.54 -128.37 60.61
N THR G 1094 19.61 -128.86 61.40
CA THR G 1094 18.22 -128.51 61.20
C THR G 1094 17.60 -128.03 62.50
N GLN G 1095 16.64 -127.13 62.36
CA GLN G 1095 15.91 -126.55 63.48
C GLN G 1095 14.42 -126.65 63.18
N PRO G 1096 13.74 -127.68 63.69
CA PRO G 1096 12.30 -127.78 63.47
C PRO G 1096 11.59 -126.52 63.94
N ARG G 1097 10.51 -126.16 63.23
CA ARG G 1097 9.80 -124.92 63.48
C ARG G 1097 8.32 -125.15 63.29
N GLY G 1098 7.52 -124.19 63.75
CA GLY G 1098 6.08 -124.23 63.57
C GLY G 1098 5.54 -122.82 63.54
N ASN G 1099 4.25 -122.70 63.27
CA ASN G 1099 3.56 -121.41 63.32
C ASN G 1099 2.08 -121.62 63.06
N VAL G 1100 1.29 -120.63 63.46
CA VAL G 1100 -0.15 -120.62 63.22
C VAL G 1100 -0.57 -119.18 62.99
N ASP G 1101 -1.46 -118.98 62.03
CA ASP G 1101 -2.05 -117.65 61.85
C ASP G 1101 -2.86 -117.32 63.09
N LEU G 1102 -2.51 -116.22 63.72
CA LEU G 1102 -3.12 -115.88 65.00
C LEU G 1102 -4.35 -115.00 64.83
N GLY G 1103 -4.57 -114.46 63.63
CA GLY G 1103 -5.77 -113.72 63.39
C GLY G 1103 -6.95 -114.64 63.16
N VAL G 1104 -8.10 -114.22 63.64
CA VAL G 1104 -9.31 -114.95 63.35
C VAL G 1104 -9.82 -114.61 61.95
N GLY G 1105 -9.36 -113.51 61.36
CA GLY G 1105 -9.45 -113.37 59.92
C GLY G 1105 -8.69 -112.20 59.34
N TYR G 1106 -8.26 -112.36 58.09
CA TYR G 1106 -7.65 -111.32 57.26
C TYR G 1106 -6.68 -110.42 57.99
N THR G 1107 -5.53 -110.95 58.33
CA THR G 1107 -4.40 -110.17 58.76
C THR G 1107 -3.40 -110.09 57.62
N ALA G 1108 -2.65 -109.00 57.57
CA ALA G 1108 -1.56 -108.91 56.61
C ALA G 1108 -1.98 -108.93 55.15
N VAL G 1109 -2.53 -107.84 54.63
CA VAL G 1109 -2.77 -107.71 53.20
C VAL G 1109 -1.45 -107.44 52.47
N ALA G 1110 -1.41 -107.76 51.18
CA ALA G 1110 -0.28 -107.43 50.31
C ALA G 1110 -0.79 -106.77 49.04
N ALA G 1111 0.03 -105.91 48.45
CA ALA G 1111 -0.39 -105.11 47.30
C ALA G 1111 0.73 -104.95 46.28
N THR G 1112 0.44 -105.13 45.01
CA THR G 1112 1.48 -105.00 44.03
C THR G 1112 1.34 -103.68 43.45
N ALA G 1113 2.31 -102.87 43.85
CA ALA G 1113 2.58 -101.48 43.50
C ALA G 1113 3.10 -101.08 42.16
N THR G 1114 4.06 -101.79 41.61
CA THR G 1114 4.64 -101.42 40.31
C THR G 1114 4.94 -102.65 39.49
N VAL G 1115 4.98 -102.55 38.17
CA VAL G 1115 5.31 -103.69 37.30
C VAL G 1115 6.71 -104.30 37.22
N ARG G 1116 7.73 -103.46 37.20
CA ARG G 1116 9.17 -103.78 37.01
C ARG G 1116 9.57 -104.16 35.57
N ASN G 1117 9.11 -105.28 35.00
CA ASN G 1117 9.36 -105.65 33.59
C ASN G 1117 8.36 -106.67 33.06
N PRO G 1118 8.31 -106.85 31.76
CA PRO G 1118 7.41 -107.90 31.27
C PRO G 1118 7.93 -109.33 31.36
N VAL G 1119 9.22 -109.59 31.15
CA VAL G 1119 9.78 -110.93 31.10
C VAL G 1119 9.36 -111.72 29.86
N THR G 1120 8.50 -111.14 29.03
CA THR G 1120 7.89 -111.90 27.95
C THR G 1120 7.79 -110.97 26.77
N ASP G 1121 8.31 -111.43 25.62
CA ASP G 1121 8.46 -110.55 24.47
C ASP G 1121 7.15 -109.91 24.05
N MET G 1122 6.07 -110.45 24.59
CA MET G 1122 4.75 -109.94 24.29
C MET G 1122 4.27 -110.01 22.87
N GLY G 1123 3.91 -111.23 22.46
CA GLY G 1123 3.31 -111.51 21.18
C GLY G 1123 4.03 -111.96 19.95
N ASN G 1124 3.23 -112.52 19.04
CA ASN G 1124 3.67 -113.00 17.74
C ASN G 1124 4.17 -114.44 17.57
N LEU G 1125 4.10 -115.30 18.58
CA LEU G 1125 4.59 -116.66 18.39
C LEU G 1125 3.40 -117.59 18.29
N PRO G 1126 3.14 -118.13 17.11
CA PRO G 1126 1.98 -119.02 16.94
C PRO G 1126 2.08 -120.28 17.75
N GLN G 1127 1.04 -121.08 17.71
CA GLN G 1127 1.06 -122.42 18.25
C GLN G 1127 1.36 -123.39 17.12
N ASN G 1128 2.12 -124.43 17.44
CA ASN G 1128 2.43 -125.48 16.49
C ASN G 1128 1.91 -126.78 17.08
N PHE G 1129 0.88 -127.35 16.47
CA PHE G 1129 0.36 -128.59 17.01
C PHE G 1129 1.22 -129.80 16.70
N TYR G 1130 2.08 -129.71 15.69
CA TYR G 1130 2.91 -130.85 15.34
C TYR G 1130 3.92 -131.19 16.41
N LEU G 1131 4.04 -130.36 17.45
CA LEU G 1131 4.90 -130.72 18.57
C LEU G 1131 4.36 -131.93 19.32
N GLY G 1132 3.11 -131.85 19.77
CA GLY G 1132 2.48 -132.96 20.45
C GLY G 1132 1.63 -133.79 19.50
N ARG G 1133 1.44 -135.06 19.85
CA ARG G 1133 0.60 -135.96 19.05
C ARG G 1133 -0.64 -136.36 19.85
N GLY G 1134 -1.79 -135.78 19.53
CA GLY G 1134 -3.04 -136.32 20.01
C GLY G 1134 -3.95 -136.85 18.92
N ALA G 1135 -3.63 -136.53 17.68
CA ALA G 1135 -4.56 -136.65 16.57
C ALA G 1135 -4.16 -137.77 15.64
N PRO G 1136 -5.07 -138.68 15.32
CA PRO G 1136 -4.86 -139.59 14.20
C PRO G 1136 -4.58 -138.80 12.95
N PRO G 1137 -3.58 -139.17 12.19
CA PRO G 1137 -3.12 -138.30 11.10
C PRO G 1137 -4.06 -138.30 9.91
N LEU G 1138 -3.65 -137.64 8.83
CA LEU G 1138 -4.33 -137.78 7.54
C LEU G 1138 -4.13 -139.20 7.02
N LEU G 1139 -5.07 -139.70 6.23
CA LEU G 1139 -4.98 -141.08 5.78
C LEU G 1139 -4.00 -141.30 4.63
N ASP G 1140 -3.92 -140.38 3.69
CA ASP G 1140 -2.92 -140.50 2.65
C ASP G 1140 -1.60 -140.04 3.26
N ASN G 1141 -0.64 -140.95 3.33
CA ASN G 1141 0.62 -140.60 3.98
C ASN G 1141 1.37 -139.56 3.16
N ALA G 1142 1.17 -139.54 1.85
CA ALA G 1142 1.71 -138.45 1.06
C ALA G 1142 1.13 -137.11 1.51
N ALA G 1143 -0.16 -137.10 1.86
CA ALA G 1143 -0.77 -135.89 2.36
C ALA G 1143 -0.19 -135.50 3.71
N ALA G 1144 0.06 -136.46 4.57
CA ALA G 1144 0.58 -136.17 5.90
C ALA G 1144 1.98 -135.60 5.82
N VAL G 1145 2.90 -136.30 5.16
CA VAL G 1145 4.28 -135.84 5.14
C VAL G 1145 4.42 -134.54 4.38
N TYR G 1146 3.74 -134.41 3.24
CA TYR G 1146 3.69 -133.11 2.57
C TYR G 1146 3.19 -132.05 3.51
N LEU G 1147 2.17 -132.40 4.31
CA LEU G 1147 1.56 -131.42 5.19
C LEU G 1147 2.49 -131.07 6.33
N ARG G 1148 2.92 -132.07 7.09
CA ARG G 1148 3.69 -131.84 8.30
C ARG G 1148 4.83 -130.88 7.99
N ASN G 1149 5.73 -131.28 7.11
CA ASN G 1149 6.89 -130.44 6.82
C ASN G 1149 6.55 -129.15 6.11
N ALA G 1150 5.31 -128.98 5.63
CA ALA G 1150 4.92 -127.68 5.11
C ALA G 1150 4.72 -126.68 6.23
N VAL G 1151 4.02 -127.07 7.28
CA VAL G 1151 3.97 -126.26 8.50
C VAL G 1151 5.33 -126.22 9.16
N VAL G 1152 5.85 -127.39 9.54
CA VAL G 1152 7.01 -127.53 10.39
C VAL G 1152 8.27 -126.93 9.78
N ALA G 1153 8.23 -126.55 8.51
CA ALA G 1153 9.42 -126.18 7.75
C ALA G 1153 10.35 -125.24 8.52
N GLY G 1154 9.95 -123.99 8.68
CA GLY G 1154 10.81 -123.05 9.38
C GLY G 1154 10.31 -122.59 10.72
N ASN G 1155 9.33 -123.27 11.32
CA ASN G 1155 8.68 -122.74 12.51
C ASN G 1155 9.69 -122.44 13.61
N ARG G 1156 9.43 -121.37 14.33
CA ARG G 1156 10.20 -121.10 15.55
C ARG G 1156 10.05 -122.23 16.54
N LEU G 1157 8.85 -122.79 16.65
CA LEU G 1157 8.63 -123.96 17.48
C LEU G 1157 9.02 -125.26 16.80
N GLY G 1158 8.80 -125.34 15.48
CA GLY G 1158 8.66 -126.58 14.78
C GLY G 1158 9.72 -127.59 15.10
N PRO G 1159 9.30 -128.83 15.37
CA PRO G 1159 10.21 -129.80 15.99
C PRO G 1159 11.47 -129.99 15.18
N ALA G 1160 12.61 -129.85 15.83
CA ALA G 1160 13.86 -130.30 15.25
C ALA G 1160 13.88 -131.81 15.34
N GLN G 1161 14.06 -132.47 14.18
CA GLN G 1161 14.15 -133.93 13.94
C GLN G 1161 12.81 -134.58 14.30
N PRO G 1162 12.49 -135.75 13.77
CA PRO G 1162 11.15 -136.30 13.97
C PRO G 1162 10.89 -136.73 15.41
N LEU G 1163 9.63 -136.58 15.81
CA LEU G 1163 9.23 -136.85 17.19
C LEU G 1163 9.64 -138.26 17.60
N PRO G 1164 10.35 -138.44 18.71
CA PRO G 1164 10.70 -139.78 19.17
C PRO G 1164 9.52 -140.49 19.80
N VAL G 1165 9.63 -141.82 19.86
CA VAL G 1165 8.62 -142.68 20.47
C VAL G 1165 8.41 -142.25 21.91
N PHE G 1166 9.40 -142.52 22.76
CA PHE G 1166 9.42 -141.97 24.11
C PHE G 1166 10.49 -140.88 24.16
N GLY G 1167 10.09 -139.70 24.59
CA GLY G 1167 10.96 -138.54 24.56
C GLY G 1167 10.13 -137.27 24.46
N CYS G 1168 10.77 -136.23 23.95
CA CYS G 1168 10.19 -134.90 23.92
C CYS G 1168 10.14 -134.39 22.48
N ALA G 1169 9.36 -133.32 22.29
CA ALA G 1169 9.24 -132.74 20.96
C ALA G 1169 10.44 -131.90 20.56
N GLN G 1170 11.27 -131.46 21.52
CA GLN G 1170 12.51 -130.76 21.20
C GLN G 1170 12.29 -129.50 20.38
N VAL G 1171 11.79 -128.46 21.02
CA VAL G 1171 11.78 -127.13 20.39
C VAL G 1171 13.20 -126.74 20.03
N PRO G 1172 13.48 -126.30 18.80
CA PRO G 1172 14.80 -125.80 18.48
C PRO G 1172 15.14 -124.59 19.29
N ARG G 1173 16.43 -124.39 19.53
CA ARG G 1173 16.90 -123.22 20.27
C ARG G 1173 17.61 -122.28 19.31
N ARG G 1174 17.12 -121.06 19.22
CA ARG G 1174 17.75 -120.12 18.33
C ARG G 1174 19.02 -119.58 18.97
N ALA G 1175 19.93 -119.13 18.11
CA ALA G 1175 21.27 -118.78 18.54
C ALA G 1175 21.33 -117.51 19.37
N GLY G 1176 20.25 -116.75 19.43
CA GLY G 1176 20.24 -115.55 20.23
C GLY G 1176 18.83 -115.05 20.42
N MET G 1177 18.62 -114.33 21.52
CA MET G 1177 17.29 -113.84 21.86
C MET G 1177 17.42 -112.46 22.46
N ASP G 1178 16.36 -111.67 22.35
CA ASP G 1178 16.50 -110.25 22.59
C ASP G 1178 15.52 -109.65 23.59
N HIS G 1179 14.24 -109.71 23.30
CA HIS G 1179 13.29 -108.94 24.08
C HIS G 1179 12.90 -109.65 25.38
N GLY G 1180 13.00 -110.95 25.42
CA GLY G 1180 12.61 -111.70 26.59
C GLY G 1180 12.06 -113.04 26.16
N GLN G 1181 11.46 -113.72 27.11
CA GLN G 1181 10.83 -115.00 26.82
C GLN G 1181 9.81 -114.81 25.71
N ASP G 1182 9.65 -115.83 24.89
CA ASP G 1182 8.71 -115.77 23.77
C ASP G 1182 7.34 -116.20 24.25
N ALA G 1183 6.34 -115.36 24.06
CA ALA G 1183 5.00 -115.78 24.39
C ALA G 1183 4.57 -116.85 23.40
N VAL G 1184 3.38 -117.41 23.60
CA VAL G 1184 2.86 -118.41 22.70
C VAL G 1184 1.41 -118.05 22.45
N CYS G 1185 1.06 -117.73 21.21
CA CYS G 1185 -0.28 -117.33 20.87
C CYS G 1185 -1.07 -118.56 20.42
N GLU G 1186 -2.32 -118.64 20.85
CA GLU G 1186 -3.21 -119.69 20.42
C GLU G 1186 -4.47 -119.14 19.81
N PHE G 1187 -5.06 -119.93 18.92
CA PHE G 1187 -6.17 -119.49 18.07
C PHE G 1187 -7.36 -120.40 18.31
N ILE G 1188 -8.44 -119.81 18.80
CA ILE G 1188 -9.75 -120.46 18.77
C ILE G 1188 -10.49 -119.91 17.56
N ALA G 1189 -11.10 -120.79 16.78
CA ALA G 1189 -11.79 -120.35 15.58
C ALA G 1189 -13.18 -119.88 15.95
N THR G 1190 -13.44 -118.60 15.76
CA THR G 1190 -14.75 -118.02 15.99
C THR G 1190 -15.45 -117.75 14.68
N PRO G 1191 -16.72 -117.37 14.71
CA PRO G 1191 -17.37 -116.88 13.51
C PRO G 1191 -17.01 -115.44 13.24
N VAL G 1192 -16.99 -115.04 11.99
CA VAL G 1192 -16.69 -113.68 11.73
C VAL G 1192 -17.80 -112.89 12.38
N ALA G 1193 -19.00 -113.43 12.38
CA ALA G 1193 -20.12 -112.72 12.96
C ALA G 1193 -20.30 -112.85 14.47
N THR G 1194 -19.30 -112.38 15.21
CA THR G 1194 -19.31 -112.29 16.64
C THR G 1194 -18.92 -110.84 16.66
N ASP G 1195 -19.62 -110.00 17.43
CA ASP G 1195 -19.31 -108.57 17.42
C ASP G 1195 -17.98 -108.24 18.03
N ILE G 1196 -17.34 -107.19 17.57
CA ILE G 1196 -16.08 -106.87 18.12
C ILE G 1196 -16.28 -106.44 19.54
N ASN G 1197 -17.47 -106.05 19.92
CA ASN G 1197 -17.73 -105.59 21.26
C ASN G 1197 -17.56 -106.59 22.35
N TYR G 1198 -17.70 -107.87 22.01
CA TYR G 1198 -17.59 -109.00 22.93
C TYR G 1198 -16.25 -109.01 23.52
N PHE G 1199 -15.30 -108.47 22.76
CA PHE G 1199 -13.93 -108.15 23.12
C PHE G 1199 -13.99 -106.70 23.61
N ARG G 1200 -12.89 -106.06 23.83
CA ARG G 1200 -12.98 -104.65 24.29
C ARG G 1200 -13.45 -104.33 25.73
N ARG G 1201 -13.75 -105.36 26.47
CA ARG G 1201 -14.15 -105.47 27.83
C ARG G 1201 -13.65 -106.83 28.18
N PRO G 1202 -13.22 -107.01 29.42
CA PRO G 1202 -12.68 -108.33 29.68
C PRO G 1202 -13.74 -109.37 29.72
N CYS G 1203 -13.71 -110.14 28.65
CA CYS G 1203 -14.51 -111.36 28.49
C CYS G 1203 -13.68 -112.64 28.29
N ASN G 1204 -14.26 -113.76 28.75
CA ASN G 1204 -13.78 -115.12 28.50
C ASN G 1204 -13.49 -115.36 27.02
N PRO G 1205 -12.37 -115.97 26.71
CA PRO G 1205 -12.08 -116.35 25.33
C PRO G 1205 -12.94 -117.52 24.82
N ARG G 1206 -13.59 -118.30 25.68
CA ARG G 1206 -14.36 -119.40 25.13
C ARG G 1206 -15.75 -118.96 24.68
N GLY G 1207 -16.10 -117.70 24.89
CA GLY G 1207 -17.41 -117.20 24.56
C GLY G 1207 -18.43 -117.26 25.68
N ARG G 1208 -18.18 -118.03 26.72
CA ARG G 1208 -19.16 -118.20 27.79
C ARG G 1208 -18.41 -118.25 29.11
N ALA G 1209 -18.97 -117.62 30.12
CA ALA G 1209 -18.31 -117.56 31.42
C ALA G 1209 -18.30 -118.94 32.04
N ALA G 1210 -17.11 -119.44 32.38
CA ALA G 1210 -16.99 -120.77 32.95
C ALA G 1210 -16.78 -120.80 34.45
N GLY G 1211 -16.66 -119.65 35.11
CA GLY G 1211 -16.10 -119.62 36.45
C GLY G 1211 -16.99 -120.29 37.48
N GLY G 1212 -16.35 -120.92 38.46
CA GLY G 1212 -17.08 -121.32 39.65
C GLY G 1212 -17.36 -120.17 40.57
N VAL G 1213 -16.67 -119.04 40.38
CA VAL G 1213 -17.00 -117.80 41.07
C VAL G 1213 -18.45 -117.41 40.83
N TYR G 1214 -18.97 -117.77 39.65
CA TYR G 1214 -20.31 -117.42 39.23
C TYR G 1214 -21.36 -118.43 39.65
N ALA G 1215 -20.95 -119.61 40.11
CA ALA G 1215 -21.88 -120.69 40.41
C ALA G 1215 -22.77 -120.33 41.60
N GLY G 1216 -23.88 -121.05 41.70
CA GLY G 1216 -24.87 -120.81 42.72
C GLY G 1216 -25.00 -121.82 43.84
N ASP G 1217 -24.02 -122.69 43.99
CA ASP G 1217 -24.01 -123.71 45.04
C ASP G 1217 -25.11 -124.77 45.03
N LYS G 1218 -25.60 -125.14 43.86
CA LYS G 1218 -26.64 -126.17 43.78
C LYS G 1218 -26.08 -127.52 43.45
N GLU G 1219 -24.75 -127.62 43.44
CA GLU G 1219 -24.01 -128.85 43.13
C GLU G 1219 -23.50 -128.81 41.71
N GLY G 1220 -24.38 -129.15 40.77
CA GLY G 1220 -24.01 -129.18 39.39
C GLY G 1220 -24.00 -127.87 38.63
N ASP G 1221 -24.35 -126.77 39.26
CA ASP G 1221 -24.40 -125.52 38.50
C ASP G 1221 -23.12 -125.29 37.70
N VAL G 1222 -21.96 -125.41 38.33
CA VAL G 1222 -20.77 -125.55 37.53
C VAL G 1222 -20.96 -126.77 36.63
N ILE G 1223 -20.68 -126.61 35.34
CA ILE G 1223 -20.96 -127.57 34.27
C ILE G 1223 -22.43 -127.51 33.86
N ALA G 1224 -23.27 -126.85 34.66
CA ALA G 1224 -24.55 -126.40 34.14
C ALA G 1224 -24.52 -124.90 33.97
N LEU G 1225 -23.46 -124.27 34.44
CA LEU G 1225 -23.14 -122.89 34.11
C LEU G 1225 -22.35 -122.85 32.82
N MET G 1226 -21.41 -123.77 32.71
CA MET G 1226 -20.39 -123.69 31.68
C MET G 1226 -20.91 -124.15 30.33
N TYR G 1227 -21.43 -125.37 30.34
CA TYR G 1227 -21.87 -126.06 29.15
C TYR G 1227 -23.32 -126.09 28.86
N ASP G 1228 -24.16 -125.52 29.71
CA ASP G 1228 -25.59 -125.58 29.45
C ASP G 1228 -25.99 -124.45 28.56
N HIS G 1229 -25.90 -124.70 27.27
CA HIS G 1229 -26.28 -123.70 26.30
C HIS G 1229 -27.75 -123.38 26.31
N GLY G 1230 -28.58 -124.38 26.59
CA GLY G 1230 -30.01 -124.14 26.74
C GLY G 1230 -30.35 -123.00 27.67
N GLN G 1231 -29.44 -122.59 28.54
CA GLN G 1231 -29.59 -121.39 29.36
C GLN G 1231 -28.91 -120.20 28.71
N SER G 1232 -28.90 -119.10 29.44
CA SER G 1232 -28.24 -117.87 29.04
C SER G 1232 -26.80 -117.93 29.51
N ASP G 1233 -26.11 -116.80 29.48
CA ASP G 1233 -24.73 -116.65 29.83
C ASP G 1233 -24.62 -115.63 30.95
N PRO G 1234 -23.84 -115.90 32.00
CA PRO G 1234 -23.73 -114.90 33.07
C PRO G 1234 -23.26 -113.54 32.59
N ALA G 1235 -22.22 -113.51 31.77
CA ALA G 1235 -21.64 -112.24 31.37
C ALA G 1235 -22.51 -111.53 30.35
N ARG G 1236 -23.22 -112.27 29.52
CA ARG G 1236 -24.13 -111.71 28.52
C ARG G 1236 -25.40 -112.52 28.59
N PRO G 1237 -26.30 -112.20 29.53
CA PRO G 1237 -27.49 -113.01 29.72
C PRO G 1237 -28.41 -113.03 28.53
N PHE G 1238 -28.24 -112.13 27.59
CA PHE G 1238 -29.13 -112.06 26.45
C PHE G 1238 -28.74 -113.02 25.34
N ALA G 1239 -27.66 -113.77 25.51
CA ALA G 1239 -27.16 -114.69 24.50
C ALA G 1239 -26.75 -115.98 25.18
N ALA G 1240 -26.71 -117.08 24.45
CA ALA G 1240 -26.16 -118.30 25.00
C ALA G 1240 -24.65 -118.30 25.10
N THR G 1241 -23.98 -117.81 24.07
CA THR G 1241 -22.54 -117.82 23.98
C THR G 1241 -22.05 -116.79 23.02
N ALA G 1242 -20.80 -116.44 23.05
CA ALA G 1242 -20.30 -115.52 22.05
C ALA G 1242 -19.66 -116.27 20.91
N ASN G 1243 -19.22 -117.50 21.16
CA ASN G 1243 -18.69 -118.38 20.14
C ASN G 1243 -19.33 -119.70 20.38
N PRO G 1244 -20.02 -120.27 19.40
CA PRO G 1244 -20.58 -121.61 19.65
C PRO G 1244 -19.60 -122.72 19.44
N TRP G 1245 -18.52 -122.47 18.72
CA TRP G 1245 -17.54 -123.48 18.37
C TRP G 1245 -16.52 -123.73 19.47
N ALA G 1246 -16.66 -123.05 20.61
CA ALA G 1246 -15.75 -123.18 21.73
C ALA G 1246 -16.54 -123.49 22.98
N SER G 1247 -17.46 -122.59 23.31
CA SER G 1247 -18.19 -122.65 24.57
C SER G 1247 -18.90 -123.97 24.78
N GLN G 1248 -19.33 -124.65 23.73
CA GLN G 1248 -20.05 -125.89 23.91
C GLN G 1248 -19.10 -127.04 24.17
N ARG G 1249 -19.61 -128.05 24.88
CA ARG G 1249 -18.81 -129.24 25.15
C ARG G 1249 -18.80 -130.09 23.89
N PHE G 1250 -17.67 -130.76 23.64
CA PHE G 1250 -17.44 -131.59 22.45
C PHE G 1250 -17.38 -130.77 21.17
N SER G 1251 -17.02 -129.51 21.30
CA SER G 1251 -16.94 -128.64 20.16
C SER G 1251 -15.55 -128.17 19.89
N TYR G 1252 -15.16 -128.25 18.63
CA TYR G 1252 -13.89 -127.80 18.10
C TYR G 1252 -12.86 -127.38 19.09
N GLY G 1253 -13.04 -126.18 19.64
CA GLY G 1253 -12.17 -125.63 20.65
C GLY G 1253 -12.17 -126.44 21.92
N ASP G 1254 -13.33 -126.92 22.34
CA ASP G 1254 -13.39 -127.73 23.55
C ASP G 1254 -12.57 -128.96 23.28
N LEU G 1255 -12.69 -129.46 22.07
CA LEU G 1255 -11.94 -130.65 21.66
C LEU G 1255 -10.42 -130.45 21.62
N LEU G 1256 -9.96 -129.28 21.21
CA LEU G 1256 -8.56 -128.94 21.10
C LEU G 1256 -7.94 -128.66 22.46
N TYR G 1257 -8.42 -127.63 23.14
CA TYR G 1257 -7.72 -127.04 24.25
C TYR G 1257 -8.15 -127.58 25.59
N ASN G 1258 -9.14 -128.46 25.65
CA ASN G 1258 -9.41 -129.14 26.90
C ASN G 1258 -8.31 -130.13 27.19
N GLY G 1259 -7.88 -130.16 28.44
CA GLY G 1259 -6.84 -131.09 28.81
C GLY G 1259 -7.28 -132.52 28.97
N ALA G 1260 -8.59 -132.77 29.03
CA ALA G 1260 -9.05 -134.15 29.15
C ALA G 1260 -8.67 -134.95 27.92
N TYR G 1261 -8.79 -134.36 26.74
CA TYR G 1261 -8.40 -135.02 25.52
C TYR G 1261 -6.90 -134.97 25.28
N HIS G 1262 -6.26 -133.87 25.68
CA HIS G 1262 -4.83 -133.64 25.57
C HIS G 1262 -4.26 -134.08 24.23
N LEU G 1263 -4.58 -133.30 23.19
CA LEU G 1263 -4.01 -133.56 21.89
C LEU G 1263 -2.56 -133.20 22.09
N ASN G 1264 -2.40 -132.02 22.65
CA ASN G 1264 -1.14 -131.43 23.01
C ASN G 1264 -1.06 -131.87 24.43
N GLY G 1265 0.08 -131.69 25.06
CA GLY G 1265 0.26 -132.20 26.40
C GLY G 1265 0.84 -133.46 25.82
N ALA G 1266 2.11 -133.34 25.51
CA ALA G 1266 2.90 -134.33 24.84
C ALA G 1266 3.85 -133.38 24.19
N SER G 1267 3.51 -132.10 24.21
CA SER G 1267 4.46 -131.13 23.70
C SER G 1267 4.92 -130.26 24.86
N PRO G 1268 6.16 -129.79 24.83
CA PRO G 1268 6.67 -129.02 25.98
C PRO G 1268 6.07 -127.64 26.11
N VAL G 1269 5.55 -127.07 25.04
CA VAL G 1269 5.17 -125.67 25.01
C VAL G 1269 3.82 -125.48 25.68
N LEU G 1270 3.59 -124.29 26.21
CA LEU G 1270 2.38 -124.04 26.99
C LEU G 1270 1.17 -123.82 26.10
N SER G 1271 0.02 -124.23 26.60
CA SER G 1271 -1.25 -123.85 26.03
C SER G 1271 -1.84 -122.74 26.88
N PRO G 1272 -1.85 -121.50 26.40
CA PRO G 1272 -2.59 -120.46 27.11
C PRO G 1272 -4.05 -120.78 27.32
N CYS G 1273 -4.70 -121.33 26.30
CA CYS G 1273 -6.11 -121.63 26.34
C CYS G 1273 -6.41 -122.84 27.20
N PHE G 1274 -5.39 -123.47 27.74
CA PHE G 1274 -5.62 -124.62 28.59
C PHE G 1274 -6.40 -124.28 29.85
N LYS G 1275 -6.11 -123.12 30.42
CA LYS G 1275 -6.70 -122.68 31.68
C LYS G 1275 -8.20 -122.52 31.78
N PHE G 1276 -8.76 -121.92 30.72
CA PHE G 1276 -10.18 -121.71 30.52
C PHE G 1276 -10.46 -122.69 29.43
N PHE G 1277 -10.93 -123.87 29.78
CA PHE G 1277 -11.29 -124.84 28.75
C PHE G 1277 -11.26 -126.22 29.32
N THR G 1278 -10.71 -126.35 30.51
CA THR G 1278 -10.65 -127.61 31.19
C THR G 1278 -11.66 -127.48 32.31
N ALA G 1279 -12.78 -128.15 32.15
CA ALA G 1279 -13.83 -128.13 33.14
C ALA G 1279 -13.38 -128.77 34.43
N ALA G 1280 -12.64 -129.84 34.26
CA ALA G 1280 -12.08 -130.68 35.31
C ALA G 1280 -11.44 -129.84 36.40
N ASP G 1281 -10.73 -128.79 36.02
CA ASP G 1281 -10.12 -127.90 36.99
C ASP G 1281 -11.11 -126.87 37.53
N ILE G 1282 -11.93 -126.28 36.66
CA ILE G 1282 -12.88 -125.28 37.13
C ILE G 1282 -13.84 -125.91 38.12
N THR G 1283 -14.27 -127.15 37.87
CA THR G 1283 -15.16 -127.83 38.79
C THR G 1283 -14.43 -128.25 40.06
N ALA G 1284 -13.15 -128.60 39.93
CA ALA G 1284 -12.41 -129.10 41.08
C ALA G 1284 -12.28 -128.06 42.19
N LYS G 1285 -12.31 -126.77 41.85
CA LYS G 1285 -12.12 -125.75 42.86
C LYS G 1285 -13.34 -125.67 43.77
N HIS G 1286 -13.25 -124.81 44.77
CA HIS G 1286 -14.39 -124.48 45.59
C HIS G 1286 -14.91 -123.11 45.19
N ARG G 1287 -16.05 -122.73 45.74
CA ARG G 1287 -16.66 -121.47 45.37
C ARG G 1287 -16.54 -120.37 46.40
N CYS G 1288 -15.95 -120.59 47.57
CA CYS G 1288 -16.01 -119.57 48.60
C CYS G 1288 -14.95 -118.50 48.39
N LEU G 1289 -15.38 -117.24 48.35
CA LEU G 1289 -14.48 -116.12 48.06
C LEU G 1289 -13.58 -115.76 49.22
N GLU G 1290 -13.93 -116.14 50.45
CA GLU G 1290 -13.02 -115.92 51.57
C GLU G 1290 -11.64 -116.42 51.23
N ARG G 1291 -11.56 -117.66 50.75
CA ARG G 1291 -10.29 -118.22 50.34
C ARG G 1291 -9.85 -117.64 49.00
N LEU G 1292 -10.63 -117.89 47.95
CA LEU G 1292 -10.11 -117.73 46.59
C LEU G 1292 -9.36 -116.43 46.40
N ILE G 1293 -9.66 -115.40 47.17
CA ILE G 1293 -8.88 -114.19 47.06
C ILE G 1293 -7.50 -114.35 47.70
N VAL G 1294 -7.37 -115.17 48.73
CA VAL G 1294 -6.03 -115.32 49.31
C VAL G 1294 -5.20 -116.31 48.49
N GLU G 1295 -5.82 -117.26 47.81
CA GLU G 1295 -5.08 -118.15 46.94
C GLU G 1295 -4.84 -117.56 45.56
N THR G 1296 -5.39 -116.39 45.28
CA THR G 1296 -5.01 -115.69 44.06
C THR G 1296 -3.69 -114.99 44.24
N GLY G 1297 -3.36 -114.57 45.45
CA GLY G 1297 -2.05 -113.99 45.68
C GLY G 1297 -0.93 -114.96 45.39
N SER G 1298 -1.04 -116.16 45.88
CA SER G 1298 -0.01 -117.13 45.64
C SER G 1298 -0.62 -118.29 44.93
N ALA G 1299 -0.40 -118.39 43.63
CA ALA G 1299 -0.98 -119.43 42.84
C ALA G 1299 0.12 -119.99 42.03
N VAL G 1300 0.19 -121.29 41.87
CA VAL G 1300 1.26 -121.84 41.09
C VAL G 1300 1.00 -121.63 39.61
N SER G 1301 1.90 -120.95 38.91
CA SER G 1301 1.70 -120.67 37.50
C SER G 1301 1.85 -121.89 36.67
N THR G 1302 1.16 -121.93 35.54
CA THR G 1302 1.23 -123.08 34.64
C THR G 1302 2.43 -123.03 33.70
N ALA G 1303 3.22 -121.96 33.75
CA ALA G 1303 4.33 -121.74 32.84
C ALA G 1303 5.65 -121.78 33.60
N THR G 1304 6.73 -121.54 32.85
CA THR G 1304 8.03 -121.27 33.44
C THR G 1304 8.62 -120.06 32.75
N ALA G 1305 9.12 -119.13 33.54
CA ALA G 1305 9.84 -117.98 33.02
C ALA G 1305 11.29 -118.29 32.78
N ALA G 1306 11.72 -119.53 33.01
CA ALA G 1306 13.11 -119.91 32.87
C ALA G 1306 13.45 -120.43 31.49
N SER G 1307 12.49 -120.61 30.59
CA SER G 1307 12.77 -121.21 29.31
C SER G 1307 12.77 -120.16 28.21
N ASP G 1308 13.24 -120.58 27.03
CA ASP G 1308 13.44 -119.63 25.95
C ASP G 1308 12.14 -119.33 25.22
N VAL G 1309 11.36 -120.36 24.96
CA VAL G 1309 9.95 -120.25 24.60
C VAL G 1309 9.17 -120.66 25.83
N GLN G 1310 8.02 -120.05 26.04
CA GLN G 1310 7.39 -120.29 27.33
C GLN G 1310 6.81 -121.68 27.36
N PHE G 1311 7.33 -122.50 28.26
CA PHE G 1311 6.96 -123.90 28.31
C PHE G 1311 5.81 -124.12 29.27
N LYS G 1312 5.36 -125.36 29.28
CA LYS G 1312 4.41 -125.86 30.22
C LYS G 1312 5.19 -126.27 31.45
N ARG G 1313 4.65 -126.01 32.61
CA ARG G 1313 5.44 -126.11 33.84
C ARG G 1313 5.79 -127.56 34.14
N PRO G 1314 7.07 -127.90 34.28
CA PRO G 1314 7.44 -129.26 34.59
C PRO G 1314 7.07 -129.62 36.01
N PRO G 1315 7.05 -130.91 36.36
CA PRO G 1315 6.72 -131.29 37.74
C PRO G 1315 7.68 -130.74 38.76
N GLY G 1316 8.86 -130.27 38.33
CA GLY G 1316 9.81 -129.72 39.26
C GLY G 1316 9.35 -128.45 39.93
N CYS G 1317 9.29 -128.49 41.26
CA CYS G 1317 9.01 -127.35 42.13
C CYS G 1317 7.72 -126.60 41.91
N ARG G 1318 7.81 -125.27 41.89
CA ARG G 1318 6.63 -124.44 41.86
C ARG G 1318 7.04 -123.03 41.45
N GLU G 1319 6.06 -122.13 41.41
CA GLU G 1319 6.31 -120.77 40.97
C GLU G 1319 5.78 -119.74 41.95
N LEU G 1320 4.48 -119.79 42.23
CA LEU G 1320 3.78 -118.79 43.01
C LEU G 1320 3.78 -117.45 42.29
N VAL G 1321 3.05 -117.41 41.19
CA VAL G 1321 2.72 -116.19 40.48
C VAL G 1321 1.47 -115.64 41.17
N GLU G 1322 0.83 -114.66 40.58
CA GLU G 1322 -0.42 -114.11 41.11
C GLU G 1322 -1.63 -114.57 40.30
N ASP G 1323 -1.72 -114.25 39.02
CA ASP G 1323 -2.73 -114.86 38.16
C ASP G 1323 -4.18 -114.62 38.55
N PRO G 1324 -4.74 -113.45 38.27
CA PRO G 1324 -6.16 -113.24 38.53
C PRO G 1324 -7.04 -114.03 37.59
N CYS G 1325 -6.61 -114.25 36.34
CA CYS G 1325 -7.47 -114.84 35.33
C CYS G 1325 -7.97 -116.21 35.75
N GLY G 1326 -7.31 -116.85 36.70
CA GLY G 1326 -7.83 -118.09 37.25
C GLY G 1326 -9.03 -117.88 38.15
N LEU G 1327 -9.14 -116.72 38.78
CA LEU G 1327 -10.31 -116.43 39.61
C LEU G 1327 -11.40 -115.85 38.74
N PHE G 1328 -11.20 -114.63 38.26
CA PHE G 1328 -12.25 -113.91 37.53
C PHE G 1328 -12.70 -114.65 36.30
N GLN G 1329 -11.90 -115.62 35.82
CA GLN G 1329 -12.30 -116.41 34.68
C GLN G 1329 -12.32 -115.56 33.41
N GLU G 1330 -11.28 -114.77 33.19
CA GLU G 1330 -11.32 -113.70 32.21
C GLU G 1330 -9.96 -113.53 31.55
N ALA G 1331 -9.96 -112.79 30.44
CA ALA G 1331 -8.73 -112.46 29.72
C ALA G 1331 -8.85 -111.06 29.13
N TYR G 1332 -7.91 -110.33 29.25
CA TYR G 1332 -7.97 -108.90 29.06
C TYR G 1332 -7.62 -108.50 27.64
N PRO G 1333 -8.31 -107.52 27.07
CA PRO G 1333 -7.88 -106.97 25.79
C PRO G 1333 -6.61 -106.15 25.88
N ILE G 1334 -5.84 -106.17 24.80
CA ILE G 1334 -4.70 -105.29 24.60
C ILE G 1334 -5.07 -104.31 23.50
N THR G 1335 -4.45 -103.14 23.51
CA THR G 1335 -4.68 -102.22 22.42
C THR G 1335 -4.23 -102.87 21.13
N CYS G 1336 -5.15 -103.03 20.21
CA CYS G 1336 -4.84 -103.65 18.93
C CYS G 1336 -5.80 -103.10 17.91
N ALA G 1337 -5.31 -102.95 16.69
CA ALA G 1337 -6.14 -102.53 15.57
C ALA G 1337 -5.92 -103.50 14.44
N SER G 1338 -6.87 -103.53 13.53
CA SER G 1338 -6.68 -104.25 12.28
C SER G 1338 -6.03 -103.39 11.21
N ASP G 1339 -5.75 -102.13 11.50
CA ASP G 1339 -5.06 -101.15 10.68
C ASP G 1339 -3.86 -100.58 11.40
N PRO G 1340 -2.80 -100.25 10.66
CA PRO G 1340 -1.78 -99.40 11.25
C PRO G 1340 -2.26 -98.00 11.54
N ALA G 1341 -3.17 -97.47 10.74
CA ALA G 1341 -3.63 -96.12 10.96
C ALA G 1341 -4.71 -96.00 12.01
N LEU G 1342 -5.40 -97.08 12.32
CA LEU G 1342 -6.22 -97.06 13.51
C LEU G 1342 -5.34 -97.12 14.73
N LEU G 1343 -4.35 -98.01 14.72
CA LEU G 1343 -3.44 -98.13 15.85
C LEU G 1343 -2.68 -96.83 16.10
N ARG G 1344 -2.34 -96.09 15.05
CA ARG G 1344 -1.72 -94.79 15.26
C ARG G 1344 -2.63 -93.87 16.05
N SER G 1345 -3.93 -93.98 15.88
CA SER G 1345 -4.85 -93.15 16.66
C SER G 1345 -4.81 -93.53 18.13
N ALA G 1346 -4.57 -94.81 18.41
CA ALA G 1346 -4.60 -95.30 19.74
C ALA G 1346 -3.63 -94.61 20.66
N ARG G 1347 -2.41 -94.33 20.21
CA ARG G 1347 -1.46 -93.67 21.08
C ARG G 1347 -2.06 -92.33 21.38
N ASP G 1348 -1.85 -91.86 22.60
CA ASP G 1348 -2.40 -90.61 23.15
C ASP G 1348 -3.67 -90.90 23.96
N GLY G 1349 -3.96 -92.19 24.14
CA GLY G 1349 -5.12 -92.66 24.86
C GLY G 1349 -6.38 -92.67 24.02
N GLU G 1350 -7.45 -93.11 24.67
CA GLU G 1350 -8.66 -93.58 24.01
C GLU G 1350 -9.64 -92.47 23.69
N ALA G 1351 -9.26 -91.22 23.91
CA ALA G 1351 -10.12 -90.11 23.58
C ALA G 1351 -10.52 -90.13 22.11
N HIS G 1352 -9.57 -89.81 21.23
CA HIS G 1352 -9.85 -89.64 19.81
C HIS G 1352 -9.53 -90.88 18.98
N ALA G 1353 -9.15 -91.98 19.62
CA ALA G 1353 -8.88 -93.21 18.89
C ALA G 1353 -10.04 -93.54 17.95
N ARG G 1354 -9.70 -93.98 16.74
CA ARG G 1354 -10.72 -94.40 15.78
C ARG G 1354 -11.16 -95.78 16.21
N GLU G 1355 -12.40 -95.92 16.63
CA GLU G 1355 -12.83 -97.22 17.13
C GLU G 1355 -13.37 -98.10 16.02
N THR G 1356 -13.73 -97.54 14.87
CA THR G 1356 -14.06 -98.31 13.69
C THR G 1356 -13.84 -97.43 12.47
N HIS G 1357 -13.37 -98.04 11.38
CA HIS G 1357 -13.40 -97.39 10.09
C HIS G 1357 -13.77 -98.45 9.07
N PHE G 1358 -14.92 -98.30 8.42
CA PHE G 1358 -15.41 -99.32 7.50
C PHE G 1358 -15.30 -100.69 8.14
N THR G 1359 -14.69 -101.65 7.47
CA THR G 1359 -14.56 -102.98 8.07
C THR G 1359 -13.42 -103.11 9.06
N GLN G 1360 -12.70 -102.05 9.31
CA GLN G 1360 -11.55 -102.07 10.20
C GLN G 1360 -11.96 -101.64 11.60
N TYR G 1361 -11.33 -102.23 12.59
CA TYR G 1361 -11.73 -102.00 13.97
C TYR G 1361 -10.50 -101.79 14.84
N LEU G 1362 -10.66 -101.01 15.89
CA LEU G 1362 -9.66 -100.86 16.93
C LEU G 1362 -10.23 -101.32 18.26
N ILE G 1363 -9.35 -101.80 19.12
CA ILE G 1363 -9.71 -102.19 20.47
C ILE G 1363 -8.69 -101.57 21.42
N TYR G 1364 -9.16 -100.75 22.34
CA TYR G 1364 -8.26 -100.11 23.26
C TYR G 1364 -8.06 -101.01 24.49
N ASP G 1365 -7.18 -100.60 25.38
CA ASP G 1365 -6.63 -101.48 26.40
C ASP G 1365 -7.49 -101.42 27.64
N ALA G 1366 -8.14 -102.53 27.96
CA ALA G 1366 -8.79 -102.72 29.24
C ALA G 1366 -8.09 -103.90 29.90
N SER G 1367 -7.33 -103.63 30.94
CA SER G 1367 -6.39 -104.59 31.48
C SER G 1367 -5.74 -103.97 32.71
N PRO G 1368 -5.26 -104.74 33.64
CA PRO G 1368 -4.60 -104.14 34.81
C PRO G 1368 -3.45 -103.22 34.44
N LEU G 1369 -2.88 -103.42 33.25
CA LEU G 1369 -1.75 -102.66 32.76
C LEU G 1369 -2.14 -101.33 32.17
N LYS G 1370 -3.42 -101.07 31.91
CA LYS G 1370 -3.82 -99.79 31.38
C LYS G 1370 -3.37 -98.69 32.33
N GLY G 1371 -2.89 -97.59 31.76
CA GLY G 1371 -2.36 -96.51 32.56
C GLY G 1371 -0.90 -96.66 32.90
N LEU G 1372 -0.33 -97.84 32.73
CA LEU G 1372 1.09 -98.02 32.90
C LEU G 1372 1.82 -97.70 31.60
N SER G 1373 3.15 -97.73 31.66
CA SER G 1373 3.96 -97.34 30.50
C SER G 1373 4.21 -98.55 29.61
N LEU G 1374 4.95 -99.53 30.12
CA LEU G 1374 5.20 -100.79 29.44
C LEU G 1374 3.94 -101.37 28.78
N ARG H 6 121.40 -101.03 9.15
CA ARG H 6 121.02 -102.29 9.78
C ARG H 6 122.24 -103.17 10.03
N ASP H 7 123.21 -102.64 10.78
CA ASP H 7 124.44 -103.31 11.12
C ASP H 7 124.50 -103.56 12.62
N PRO H 8 125.23 -104.60 13.04
CA PRO H 8 125.37 -104.89 14.49
C PRO H 8 125.82 -103.66 15.24
N PRO H 9 125.30 -103.42 16.44
CA PRO H 9 125.64 -102.21 17.20
C PRO H 9 127.03 -102.27 17.83
N GLY H 10 128.01 -102.66 17.03
CA GLY H 10 129.41 -102.71 17.40
C GLY H 10 129.63 -103.57 18.63
N TYR H 11 130.79 -103.36 19.23
CA TYR H 11 131.10 -103.90 20.54
C TYR H 11 131.73 -102.78 21.33
N ARG H 12 131.20 -102.52 22.51
CA ARG H 12 131.58 -101.35 23.26
C ARG H 12 132.70 -101.72 24.20
N TYR H 13 133.91 -101.27 23.90
CA TYR H 13 134.99 -101.36 24.86
C TYR H 13 134.86 -100.20 25.84
N ALA H 14 135.72 -100.19 26.84
CA ALA H 14 135.71 -99.19 27.91
C ALA H 14 134.30 -99.17 28.49
N ALA H 15 133.52 -100.22 28.26
CA ALA H 15 132.37 -100.50 29.09
C ALA H 15 132.65 -101.93 29.50
N ALA H 16 133.60 -102.58 28.84
CA ALA H 16 134.14 -103.85 29.25
C ALA H 16 135.35 -103.71 30.14
N MET H 17 135.94 -102.51 30.23
CA MET H 17 136.99 -102.31 31.22
C MET H 17 136.42 -102.30 32.62
N VAL H 18 135.16 -101.93 32.77
CA VAL H 18 134.46 -102.14 34.02
C VAL H 18 133.36 -103.17 33.75
N PRO H 19 133.53 -104.41 34.16
CA PRO H 19 132.45 -105.39 33.98
C PRO H 19 131.39 -105.24 35.05
N THR H 20 130.17 -105.61 34.67
CA THR H 20 129.05 -105.66 35.59
C THR H 20 128.80 -107.05 36.13
N GLY H 21 129.61 -108.02 35.74
CA GLY H 21 129.41 -109.41 36.14
C GLY H 21 130.54 -110.24 35.61
N SER H 22 130.52 -111.52 35.96
CA SER H 22 131.61 -112.41 35.59
C SER H 22 131.06 -113.73 35.08
N ILE H 23 131.40 -114.06 33.84
CA ILE H 23 131.04 -115.35 33.28
C ILE H 23 131.67 -116.45 34.11
N LEU H 24 130.90 -117.49 34.38
CA LEU H 24 131.31 -118.55 35.29
C LEU H 24 131.85 -119.78 34.58
N SER H 25 131.84 -119.83 33.26
CA SER H 25 132.27 -121.01 32.54
C SER H 25 133.40 -120.68 31.59
N THR H 26 134.28 -121.65 31.39
CA THR H 26 135.36 -121.56 30.41
C THR H 26 135.09 -122.60 29.33
N ILE H 27 134.76 -122.14 28.15
CA ILE H 27 134.52 -123.00 27.00
C ILE H 27 135.16 -122.35 25.79
N GLU H 28 135.30 -123.11 24.72
CA GLU H 28 135.61 -122.52 23.43
C GLU H 28 134.30 -121.99 22.86
N VAL H 29 134.22 -120.67 22.70
CA VAL H 29 132.95 -120.07 22.34
C VAL H 29 132.72 -120.09 20.84
N ALA H 30 133.78 -120.28 20.05
CA ALA H 30 133.64 -120.24 18.61
C ALA H 30 132.60 -121.23 18.11
N SER H 31 132.36 -122.30 18.86
CA SER H 31 131.31 -123.25 18.48
C SER H 31 129.94 -122.62 18.60
N HIS H 32 129.76 -121.77 19.60
CA HIS H 32 128.48 -121.17 19.94
C HIS H 32 128.21 -119.87 19.20
N ARG H 33 129.00 -119.60 18.16
CA ARG H 33 128.88 -118.42 17.33
C ARG H 33 127.43 -118.06 16.98
N ARG H 34 126.60 -119.05 16.69
CA ARG H 34 125.23 -118.80 16.28
C ARG H 34 124.39 -118.13 17.36
N LEU H 35 124.84 -118.13 18.61
CA LEU H 35 124.07 -117.49 19.67
C LEU H 35 124.19 -115.98 19.64
N PHE H 36 125.37 -115.48 19.28
CA PHE H 36 125.71 -114.09 19.52
C PHE H 36 125.41 -113.23 18.30
N ASP H 37 124.97 -112.01 18.57
CA ASP H 37 124.73 -111.05 17.50
C ASP H 37 126.04 -110.56 16.91
N PHE H 38 126.93 -110.07 17.76
CA PHE H 38 128.28 -109.69 17.38
C PHE H 38 129.24 -110.65 18.03
N PHE H 39 130.09 -111.28 17.21
CA PHE H 39 131.12 -112.16 17.74
C PHE H 39 132.41 -111.91 16.98
N ALA H 40 133.47 -111.62 17.72
CA ALA H 40 134.80 -111.49 17.16
C ALA H 40 135.77 -112.15 18.11
N ARG H 41 136.61 -113.03 17.60
CA ARG H 41 137.67 -113.61 18.40
C ARG H 41 139.00 -113.04 17.94
N VAL H 42 139.78 -112.54 18.89
CA VAL H 42 141.04 -111.87 18.61
C VAL H 42 142.15 -112.74 19.15
N ARG H 43 143.10 -113.13 18.32
CA ARG H 43 144.18 -113.95 18.80
C ARG H 43 145.15 -112.88 19.21
N SER H 44 145.52 -112.86 20.49
CA SER H 44 146.40 -111.83 21.00
C SER H 44 145.79 -110.46 20.74
N ASP H 45 146.47 -109.61 20.00
CA ASP H 45 146.00 -108.27 19.77
C ASP H 45 145.53 -107.97 18.37
N GLU H 46 144.60 -107.03 18.26
CA GLU H 46 144.16 -106.50 16.97
C GLU H 46 144.10 -104.99 17.07
N ASN H 47 144.26 -104.32 15.93
CA ASN H 47 144.20 -102.87 15.94
C ASN H 47 142.81 -102.36 16.28
N SER H 48 141.78 -103.13 15.95
CA SER H 48 140.41 -102.69 16.15
C SER H 48 140.00 -102.63 17.61
N LEU H 49 140.83 -103.13 18.52
CA LEU H 49 140.48 -102.99 19.94
C LEU H 49 140.61 -101.55 20.38
N TYR H 50 141.50 -100.78 19.76
CA TYR H 50 141.87 -99.46 20.21
C TYR H 50 141.21 -98.32 19.46
N ASP H 51 140.34 -98.62 18.50
CA ASP H 51 139.70 -97.55 17.74
C ASP H 51 138.70 -96.80 18.61
N VAL H 52 138.82 -95.48 18.62
CA VAL H 52 137.90 -94.60 19.33
C VAL H 52 137.39 -93.54 18.38
N GLU H 53 136.08 -93.44 18.24
CA GLU H 53 135.46 -92.39 17.45
C GLU H 53 134.20 -91.94 18.16
N PHE H 54 133.74 -90.73 17.86
CA PHE H 54 132.50 -90.26 18.44
C PHE H 54 131.85 -89.26 17.51
N ASP H 55 130.66 -88.82 17.88
CA ASP H 55 129.92 -87.75 17.24
C ASP H 55 129.69 -86.67 18.26
N ALA H 56 129.56 -85.44 17.80
CA ALA H 56 129.42 -84.32 18.70
C ALA H 56 128.24 -83.47 18.28
N LEU H 57 127.61 -82.85 19.27
CA LEU H 57 126.72 -81.73 19.06
C LEU H 57 127.48 -80.50 19.52
N LEU H 58 127.91 -79.68 18.59
CA LEU H 58 128.87 -78.64 18.88
C LEU H 58 128.21 -77.33 19.30
N GLY H 59 126.90 -77.25 19.28
CA GLY H 59 126.20 -76.13 19.84
C GLY H 59 124.76 -76.12 19.38
N SER H 60 123.95 -75.37 20.11
CA SER H 60 122.54 -75.22 19.79
C SER H 60 122.15 -73.78 20.07
N TYR H 61 121.49 -73.15 19.11
CA TYR H 61 121.20 -71.74 19.17
C TYR H 61 119.72 -71.53 19.04
N CYS H 62 119.16 -70.76 19.96
CA CYS H 62 117.73 -70.46 19.97
C CYS H 62 117.54 -68.99 19.67
N ASN H 63 116.28 -68.59 19.65
CA ASN H 63 115.88 -67.28 19.18
C ASN H 63 115.04 -66.61 20.25
N THR H 64 115.21 -65.30 20.40
CA THR H 64 114.46 -64.52 21.38
C THR H 64 113.36 -63.77 20.65
N LEU H 65 112.12 -64.17 20.90
CA LEU H 65 110.98 -63.51 20.28
C LEU H 65 110.81 -62.11 20.87
N SER H 66 110.67 -61.12 20.01
CA SER H 66 110.56 -59.75 20.45
C SER H 66 109.14 -59.41 20.85
N LEU H 67 109.02 -58.59 21.90
CA LEU H 67 107.73 -58.12 22.40
C LEU H 67 107.61 -56.63 22.16
N VAL H 68 106.52 -56.23 21.51
CA VAL H 68 106.22 -54.82 21.26
C VAL H 68 105.02 -54.44 22.11
N ARG H 69 105.06 -53.19 22.56
CA ARG H 69 104.06 -52.63 23.43
C ARG H 69 102.95 -51.79 22.80
N PHE H 70 103.30 -51.06 21.73
CA PHE H 70 102.45 -50.16 20.91
C PHE H 70 102.22 -48.78 21.52
N LEU H 71 102.63 -48.55 22.75
CA LEU H 71 102.42 -47.25 23.35
C LEU H 71 103.67 -46.39 23.22
N GLU H 72 104.66 -47.01 22.64
CA GLU H 72 105.97 -46.51 22.33
C GLU H 72 106.02 -46.01 20.91
N LEU H 73 105.38 -46.69 19.98
CA LEU H 73 105.47 -46.25 18.61
C LEU H 73 104.94 -44.85 18.36
N GLY H 74 105.71 -44.04 17.70
CA GLY H 74 105.19 -42.73 17.39
C GLY H 74 103.75 -42.81 16.97
N LEU H 75 103.37 -43.91 16.31
CA LEU H 75 102.00 -44.11 15.90
C LEU H 75 101.04 -44.15 17.08
N SER H 76 101.56 -44.25 18.31
CA SER H 76 100.68 -44.19 19.45
C SER H 76 100.02 -42.83 19.61
N VAL H 77 100.63 -41.85 18.97
CA VAL H 77 100.24 -40.46 19.05
C VAL H 77 99.17 -40.04 18.12
N ALA H 78 98.71 -40.94 17.27
CA ALA H 78 97.72 -40.56 16.31
C ALA H 78 96.31 -40.94 16.63
N CYS H 79 96.08 -41.62 17.74
CA CYS H 79 94.76 -42.11 18.09
C CYS H 79 94.55 -42.08 19.58
N VAL H 80 93.32 -42.11 20.05
CA VAL H 80 93.10 -42.11 21.49
C VAL H 80 92.58 -43.48 21.87
N CYS H 81 93.36 -44.23 22.65
CA CYS H 81 93.02 -45.61 22.98
C CYS H 81 92.36 -45.67 24.36
N THR H 82 91.24 -46.39 24.43
CA THR H 82 90.56 -46.65 25.69
C THR H 82 90.06 -48.09 25.68
N LYS H 83 90.28 -48.81 26.77
CA LYS H 83 89.86 -50.20 26.84
C LYS H 83 88.42 -50.27 27.28
N PHE H 84 87.54 -50.74 26.40
CA PHE H 84 86.10 -50.69 26.60
C PHE H 84 85.60 -52.12 26.64
N PRO H 85 85.61 -52.76 27.82
CA PRO H 85 85.40 -54.21 27.89
C PRO H 85 84.01 -54.66 27.49
N GLU H 86 83.04 -53.76 27.44
CA GLU H 86 81.70 -54.11 27.02
C GLU H 86 81.49 -53.94 25.53
N LEU H 87 82.55 -53.66 24.77
CA LEU H 87 82.42 -53.50 23.33
C LEU H 87 81.81 -54.73 22.69
N ALA H 88 81.97 -55.90 23.32
CA ALA H 88 81.29 -57.10 22.82
C ALA H 88 79.79 -56.89 22.78
N TYR H 89 79.24 -56.19 23.75
CA TYR H 89 77.82 -55.86 23.77
C TYR H 89 77.65 -54.43 23.32
N MET H 90 77.17 -54.24 22.11
CA MET H 90 76.76 -52.92 21.64
C MET H 90 76.35 -53.10 20.19
N ASN H 91 75.39 -52.33 19.70
CA ASN H 91 75.17 -52.35 18.26
C ASN H 91 75.69 -51.11 17.56
N GLU H 92 75.87 -50.01 18.28
CA GLU H 92 76.22 -48.74 17.68
C GLU H 92 76.84 -47.86 18.74
N GLY H 93 77.61 -46.90 18.29
CA GLY H 93 78.15 -45.89 19.19
C GLY H 93 78.42 -44.65 18.38
N ARG H 94 78.37 -43.51 19.04
CA ARG H 94 78.41 -42.26 18.32
C ARG H 94 79.25 -41.25 19.06
N VAL H 95 79.90 -40.41 18.29
CA VAL H 95 80.55 -39.21 18.78
C VAL H 95 79.87 -38.07 18.06
N GLN H 96 79.39 -37.08 18.80
CA GLN H 96 78.66 -35.99 18.19
C GLN H 96 79.44 -34.69 18.33
N PHE H 97 79.36 -33.86 17.30
CA PHE H 97 80.12 -32.63 17.19
C PHE H 97 79.19 -31.45 17.02
N GLU H 98 79.65 -30.27 17.45
CA GLU H 98 78.96 -29.03 17.17
C GLU H 98 80.00 -27.99 16.82
N VAL H 99 79.87 -27.37 15.65
CA VAL H 99 80.79 -26.32 15.24
C VAL H 99 79.99 -25.06 14.94
N HIS H 100 80.36 -23.98 15.59
CA HIS H 100 79.70 -22.70 15.46
C HIS H 100 80.59 -21.79 14.64
N GLN H 101 80.00 -21.05 13.71
CA GLN H 101 80.85 -20.34 12.79
C GLN H 101 80.69 -18.84 12.93
N PRO H 102 81.73 -18.08 12.62
CA PRO H 102 81.68 -16.63 12.76
C PRO H 102 80.82 -16.01 11.67
N LEU H 103 80.76 -14.67 11.70
CA LEU H 103 80.08 -13.86 10.71
C LEU H 103 81.01 -12.77 10.24
N ILE H 104 80.57 -12.07 9.21
CA ILE H 104 81.09 -10.75 8.90
C ILE H 104 79.89 -9.85 8.64
N ALA H 105 79.69 -8.87 9.50
CA ALA H 105 78.69 -7.85 9.24
C ALA H 105 79.11 -7.10 8.00
N ARG H 106 78.18 -6.92 7.08
CA ARG H 106 78.59 -6.49 5.76
C ARG H 106 77.65 -5.44 5.20
N ASP H 107 78.22 -4.37 4.69
CA ASP H 107 77.49 -3.29 4.07
C ASP H 107 77.19 -3.68 2.65
N GLY H 108 76.42 -2.86 1.95
CA GLY H 108 76.11 -3.11 0.56
C GLY H 108 74.87 -3.92 0.31
N PRO H 109 74.74 -4.39 -0.99
CA PRO H 109 73.51 -5.16 -1.23
C PRO H 109 73.67 -6.61 -0.86
N HIS H 110 74.84 -6.98 -0.39
CA HIS H 110 75.07 -8.36 -0.04
C HIS H 110 74.07 -8.73 1.02
N PRO H 111 73.49 -9.98 0.88
CA PRO H 111 72.47 -10.30 1.90
C PRO H 111 72.97 -10.37 3.34
N VAL H 112 72.16 -9.90 4.27
CA VAL H 112 72.48 -9.91 5.68
C VAL H 112 72.62 -11.35 6.14
N GLU H 113 73.58 -11.61 7.01
CA GLU H 113 74.02 -12.97 7.30
C GLU H 113 73.70 -13.35 8.73
N GLN H 114 73.18 -14.55 8.89
CA GLN H 114 72.77 -15.27 10.08
C GLN H 114 73.94 -16.10 10.61
N PRO H 115 74.14 -16.20 11.92
CA PRO H 115 75.15 -17.11 12.44
C PRO H 115 74.73 -18.56 12.21
N VAL H 116 75.59 -19.34 11.58
CA VAL H 116 75.26 -20.73 11.30
C VAL H 116 75.77 -21.59 12.44
N HIS H 117 74.89 -22.45 12.95
CA HIS H 117 75.23 -23.42 13.96
C HIS H 117 75.10 -24.79 13.33
N ASN H 118 75.90 -25.73 13.81
CA ASN H 118 76.08 -26.94 13.03
C ASN H 118 76.24 -28.14 13.95
N TYR H 119 75.63 -29.25 13.55
CA TYR H 119 75.44 -30.39 14.42
C TYR H 119 75.58 -31.68 13.62
N MET H 120 76.22 -32.69 14.21
CA MET H 120 76.53 -33.90 13.46
C MET H 120 76.86 -35.04 14.42
N THR H 121 76.79 -36.25 13.93
CA THR H 121 77.20 -37.39 14.73
C THR H 121 77.89 -38.33 13.78
N LYS H 122 78.93 -38.99 14.24
CA LYS H 122 79.70 -39.93 13.44
C LYS H 122 79.46 -41.26 14.04
N VAL H 123 79.31 -42.31 13.25
CA VAL H 123 79.05 -43.62 13.81
C VAL H 123 80.29 -44.46 13.99
N ILE H 124 80.49 -45.01 15.18
CA ILE H 124 81.65 -45.85 15.47
C ILE H 124 81.61 -47.07 14.62
N ASP H 125 82.77 -47.43 14.09
CA ASP H 125 83.00 -48.50 13.15
C ASP H 125 83.81 -49.61 13.80
N ARG H 126 83.54 -50.85 13.42
CA ARG H 126 84.04 -51.99 14.18
C ARG H 126 84.75 -53.01 13.32
N ARG H 127 85.56 -53.81 14.00
CA ARG H 127 86.42 -54.80 13.40
C ARG H 127 86.55 -55.95 14.38
N ALA H 128 87.52 -56.83 14.13
CA ALA H 128 87.99 -57.77 15.13
C ALA H 128 89.36 -58.23 14.70
N LEU H 129 90.13 -58.71 15.66
CA LEU H 129 91.40 -59.35 15.39
C LEU H 129 91.29 -60.81 15.79
N ASN H 130 92.07 -61.67 15.16
CA ASN H 130 92.14 -63.02 15.70
C ASN H 130 93.47 -63.66 15.38
N ALA H 131 93.99 -64.37 16.36
CA ALA H 131 95.13 -65.26 16.22
C ALA H 131 94.71 -66.61 16.78
N ALA H 132 95.60 -67.58 16.72
CA ALA H 132 95.26 -68.89 17.25
C ALA H 132 96.54 -69.66 17.53
N PHE H 133 96.37 -70.84 18.12
CA PHE H 133 97.46 -71.79 18.29
C PHE H 133 96.85 -73.14 18.57
N SER H 134 97.71 -74.12 18.83
CA SER H 134 97.25 -75.51 18.85
C SER H 134 98.07 -76.30 19.85
N LEU H 135 97.53 -77.47 20.20
CA LEU H 135 98.21 -78.42 21.06
C LEU H 135 98.11 -79.79 20.42
N ALA H 136 99.26 -80.43 20.22
CA ALA H 136 99.27 -81.79 19.71
C ALA H 136 98.67 -82.74 20.74
N THR H 137 98.03 -83.81 20.25
CA THR H 137 97.38 -84.75 21.14
C THR H 137 98.37 -85.34 22.14
N GLU H 138 99.63 -85.52 21.73
CA GLU H 138 100.62 -86.02 22.66
C GLU H 138 100.96 -85.00 23.72
N ALA H 139 100.76 -83.71 23.42
CA ALA H 139 100.99 -82.68 24.43
C ALA H 139 99.83 -82.61 25.41
N ILE H 140 98.60 -82.59 24.89
CA ILE H 140 97.42 -82.55 25.75
C ILE H 140 97.42 -83.75 26.68
N ALA H 141 97.87 -84.89 26.19
CA ALA H 141 98.01 -86.06 27.04
C ALA H 141 98.92 -85.77 28.22
N LEU H 142 100.02 -85.06 27.96
CA LEU H 142 100.95 -84.71 29.02
C LEU H 142 100.39 -83.63 29.91
N LEU H 143 99.92 -82.53 29.31
CA LEU H 143 99.59 -81.34 30.07
C LEU H 143 98.63 -81.62 31.21
N THR H 144 97.78 -82.62 31.08
CA THR H 144 96.96 -83.08 32.18
C THR H 144 97.34 -84.52 32.51
N GLY H 145 98.12 -84.70 33.57
CA GLY H 145 98.33 -86.04 34.02
C GLY H 145 98.64 -86.93 32.87
N GLU H 146 97.79 -87.94 32.74
CA GLU H 146 97.85 -88.93 31.68
C GLU H 146 99.21 -89.59 31.81
N ALA H 147 100.01 -89.52 30.77
CA ALA H 147 101.28 -90.19 30.71
C ALA H 147 102.22 -90.40 31.92
N LEU H 148 102.42 -89.42 32.76
CA LEU H 148 103.43 -89.57 33.80
C LEU H 148 103.38 -91.00 34.31
N ASP H 149 104.47 -91.73 34.08
CA ASP H 149 104.62 -93.10 34.54
C ASP H 149 105.48 -93.16 35.79
N GLY H 150 105.90 -92.00 36.28
CA GLY H 150 106.84 -91.95 37.37
C GLY H 150 108.29 -92.12 36.94
N THR H 151 108.53 -92.43 35.68
CA THR H 151 109.91 -92.49 35.20
C THR H 151 110.46 -91.07 35.11
N GLY H 152 111.76 -90.96 34.83
CA GLY H 152 112.35 -89.66 34.63
C GLY H 152 112.11 -89.15 33.24
N ILE H 153 111.94 -90.06 32.29
CA ILE H 153 111.68 -89.68 30.91
C ILE H 153 110.32 -89.01 30.80
N SER H 154 109.32 -89.57 31.48
CA SER H 154 107.97 -89.07 31.34
C SER H 154 107.84 -87.65 31.88
N LEU H 155 108.52 -87.33 32.97
CA LEU H 155 108.60 -85.94 33.40
C LEU H 155 109.12 -85.05 32.28
N HIS H 156 110.29 -85.36 31.75
CA HIS H 156 110.96 -84.46 30.83
C HIS H 156 110.08 -84.07 29.66
N ARG H 157 109.35 -85.03 29.09
CA ARG H 157 108.50 -84.66 27.97
C ARG H 157 107.24 -83.94 28.43
N GLN H 158 106.87 -84.04 29.71
CA GLN H 158 105.91 -83.10 30.27
C GLN H 158 106.48 -81.69 30.30
N LEU H 159 107.75 -81.55 30.64
CA LEU H 159 108.40 -80.24 30.61
C LEU H 159 108.41 -79.66 29.21
N ARG H 160 108.66 -80.50 28.20
CA ARG H 160 108.66 -79.99 26.84
C ARG H 160 107.31 -79.39 26.48
N ALA H 161 106.23 -80.00 26.93
CA ALA H 161 104.90 -79.51 26.57
C ALA H 161 104.59 -78.20 27.26
N ILE H 162 105.15 -77.97 28.45
CA ILE H 162 104.99 -76.68 29.11
C ILE H 162 105.71 -75.59 28.33
N GLN H 163 106.92 -75.88 27.87
CA GLN H 163 107.68 -74.91 27.09
C GLN H 163 106.92 -74.51 25.84
N GLN H 164 106.55 -75.48 25.00
CA GLN H 164 105.85 -75.17 23.77
C GLN H 164 104.57 -74.39 24.02
N LEU H 165 103.83 -74.75 25.07
CA LEU H 165 102.64 -73.98 25.42
C LEU H 165 103.01 -72.53 25.69
N ALA H 166 103.99 -72.32 26.56
CA ALA H 166 104.44 -70.95 26.83
C ALA H 166 104.96 -70.27 25.58
N ARG H 167 105.60 -71.02 24.68
CA ARG H 167 106.02 -70.44 23.41
C ARG H 167 104.83 -69.89 22.65
N ASN H 168 103.80 -70.71 22.45
CA ASN H 168 102.68 -70.31 21.62
C ASN H 168 101.79 -69.29 22.30
N VAL H 169 101.66 -69.37 23.62
CA VAL H 169 100.85 -68.37 24.32
C VAL H 169 101.52 -67.01 24.25
N GLN H 170 102.83 -66.96 24.47
CA GLN H 170 103.53 -65.70 24.39
C GLN H 170 103.46 -65.09 23.00
N ALA H 171 103.38 -65.93 21.97
CA ALA H 171 103.34 -65.42 20.61
C ALA H 171 101.96 -64.89 20.22
N VAL H 172 100.90 -65.48 20.74
CA VAL H 172 99.58 -64.99 20.36
C VAL H 172 99.23 -63.73 21.15
N LEU H 173 99.70 -63.61 22.38
CA LEU H 173 99.43 -62.39 23.13
C LEU H 173 100.17 -61.21 22.55
N GLY H 174 101.43 -61.41 22.16
CA GLY H 174 102.14 -60.35 21.47
C GLY H 174 101.62 -60.07 20.08
N ALA H 175 100.84 -60.98 19.51
CA ALA H 175 100.31 -60.79 18.17
C ALA H 175 99.23 -59.72 18.14
N PHE H 176 98.57 -59.48 19.26
CA PHE H 176 97.60 -58.38 19.32
C PHE H 176 98.28 -57.04 19.50
N GLU H 177 99.47 -57.02 20.08
CA GLU H 177 100.22 -55.78 20.11
C GLU H 177 100.80 -55.45 18.74
N ARG H 178 101.12 -56.46 17.94
CA ARG H 178 101.45 -56.21 16.55
C ARG H 178 100.20 -56.03 15.71
N GLY H 179 99.09 -56.66 16.11
CA GLY H 179 97.85 -56.48 15.39
C GLY H 179 97.25 -55.11 15.59
N THR H 180 97.40 -54.55 16.79
CA THR H 180 96.96 -53.18 17.02
C THR H 180 97.71 -52.20 16.11
N ALA H 181 99.04 -52.28 16.12
CA ALA H 181 99.81 -51.36 15.31
C ALA H 181 99.51 -51.51 13.82
N ASP H 182 99.08 -52.68 13.39
CA ASP H 182 98.74 -52.89 12.00
C ASP H 182 97.34 -52.40 11.66
N GLN H 183 96.38 -52.58 12.57
CA GLN H 183 95.07 -51.99 12.38
C GLN H 183 95.15 -50.49 12.27
N MET H 184 95.95 -49.87 13.14
CA MET H 184 96.13 -48.44 13.11
C MET H 184 96.41 -47.92 11.71
N LEU H 185 97.26 -48.62 10.96
CA LEU H 185 97.51 -48.20 9.60
C LEU H 185 96.24 -48.26 8.76
N HIS H 186 95.66 -49.45 8.64
CA HIS H 186 94.54 -49.64 7.72
C HIS H 186 93.42 -48.66 7.97
N VAL H 187 93.19 -48.30 9.24
CA VAL H 187 92.13 -47.35 9.50
C VAL H 187 92.60 -45.93 9.19
N LEU H 188 93.90 -45.67 9.27
CA LEU H 188 94.41 -44.39 8.80
C LEU H 188 94.60 -44.38 7.29
N LEU H 189 95.09 -45.42 6.68
CA LEU H 189 95.26 -45.34 5.24
C LEU H 189 93.94 -45.12 4.57
N GLU H 190 92.92 -45.81 5.03
CA GLU H 190 91.58 -45.67 4.49
C GLU H 190 90.90 -44.36 4.79
N LYS H 191 91.27 -43.78 5.90
CA LYS H 191 90.79 -42.48 6.33
C LYS H 191 91.35 -41.39 5.40
N ALA H 192 92.60 -41.55 4.98
CA ALA H 192 93.34 -40.60 4.15
C ALA H 192 93.17 -40.45 2.65
N PRO H 193 92.94 -39.16 2.19
CA PRO H 193 92.87 -39.02 0.73
C PRO H 193 94.26 -38.64 0.28
N PRO H 194 94.71 -39.10 -0.87
CA PRO H 194 96.06 -38.77 -1.33
C PRO H 194 96.31 -37.28 -1.39
N LEU H 195 97.59 -36.92 -1.37
CA LEU H 195 97.94 -35.51 -1.30
C LEU H 195 97.66 -34.81 -2.62
N ALA H 196 98.02 -35.45 -3.73
CA ALA H 196 97.81 -34.87 -5.05
C ALA H 196 96.38 -34.37 -5.21
N LEU H 197 95.41 -35.13 -4.70
CA LEU H 197 94.03 -34.67 -4.72
C LEU H 197 93.75 -33.69 -3.61
N LEU H 198 94.53 -33.73 -2.53
CA LEU H 198 94.18 -32.94 -1.36
C LEU H 198 94.57 -31.49 -1.50
N LEU H 199 95.75 -31.20 -2.04
CA LEU H 199 96.19 -29.81 -2.17
C LEU H 199 95.22 -28.97 -3.00
N PRO H 200 94.88 -29.34 -4.25
CA PRO H 200 93.89 -28.54 -4.98
C PRO H 200 92.60 -28.39 -4.22
N MET H 201 92.10 -29.48 -3.65
CA MET H 201 90.88 -29.46 -2.87
C MET H 201 90.92 -28.33 -1.86
N GLN H 202 91.86 -28.40 -0.92
CA GLN H 202 91.88 -27.52 0.24
C GLN H 202 91.67 -26.05 -0.11
N ARG H 203 92.39 -25.54 -1.11
CA ARG H 203 92.28 -24.11 -1.34
C ARG H 203 90.90 -23.72 -1.84
N TYR H 204 90.14 -24.65 -2.40
CA TYR H 204 88.74 -24.37 -2.69
C TYR H 204 87.83 -24.65 -1.52
N LEU H 205 88.31 -25.30 -0.47
CA LEU H 205 87.43 -25.58 0.64
C LEU H 205 87.39 -24.39 1.59
N ASP H 206 88.16 -23.37 1.25
CA ASP H 206 88.19 -22.16 2.06
C ASP H 206 88.04 -20.90 1.25
N ASN H 207 86.86 -20.71 0.67
CA ASN H 207 86.52 -19.51 -0.08
C ASN H 207 85.09 -19.10 0.28
N GLY H 208 84.46 -19.98 1.04
CA GLY H 208 83.09 -19.96 1.47
C GLY H 208 82.30 -21.11 0.88
N THR H 212 78.87 -21.82 -8.96
CA THR H 212 79.41 -22.90 -8.14
C THR H 212 79.63 -24.15 -9.00
N ARG H 213 78.86 -24.31 -10.08
CA ARG H 213 79.23 -25.34 -11.05
C ARG H 213 80.54 -24.99 -11.72
N VAL H 214 80.79 -23.71 -11.92
CA VAL H 214 82.04 -23.28 -12.53
C VAL H 214 83.18 -23.45 -11.54
N ALA H 215 82.96 -23.10 -10.28
CA ALA H 215 83.98 -23.35 -9.27
C ALA H 215 84.29 -24.83 -9.19
N ARG H 216 83.26 -25.66 -9.20
CA ARG H 216 83.45 -27.10 -9.17
C ARG H 216 84.15 -27.58 -10.44
N ALA H 217 83.85 -26.96 -11.57
CA ALA H 217 84.47 -27.38 -12.82
C ALA H 217 85.95 -27.03 -12.85
N THR H 218 86.30 -25.81 -12.48
CA THR H 218 87.70 -25.42 -12.43
C THR H 218 88.47 -26.22 -11.39
N LEU H 219 87.86 -26.47 -10.24
CA LEU H 219 88.42 -27.38 -9.26
C LEU H 219 88.78 -28.72 -9.87
N VAL H 220 87.76 -29.43 -10.36
CA VAL H 220 88.00 -30.78 -10.85
C VAL H 220 88.92 -30.76 -12.06
N ALA H 221 88.88 -29.69 -12.86
CA ALA H 221 89.77 -29.64 -14.00
C ALA H 221 91.22 -29.56 -13.56
N GLU H 222 91.48 -28.77 -12.53
CA GLU H 222 92.82 -28.70 -11.99
C GLU H 222 93.11 -29.86 -11.06
N LEU H 223 92.07 -30.54 -10.59
CA LEU H 223 92.28 -31.72 -9.74
C LEU H 223 92.91 -32.85 -10.55
N LYS H 224 92.43 -33.06 -11.78
CA LYS H 224 93.10 -33.94 -12.72
C LYS H 224 94.56 -33.59 -12.86
N ARG H 225 94.85 -32.30 -12.98
CA ARG H 225 96.20 -31.85 -13.31
C ARG H 225 97.18 -32.24 -12.23
N SER H 226 96.96 -31.75 -11.01
CA SER H 226 97.93 -31.94 -9.94
C SER H 226 98.19 -33.40 -9.67
N PHE H 227 97.23 -34.27 -9.96
CA PHE H 227 97.48 -35.68 -9.76
C PHE H 227 98.42 -36.22 -10.83
N CYS H 228 98.08 -36.00 -12.09
CA CYS H 228 98.94 -36.41 -13.19
C CYS H 228 100.30 -35.75 -13.11
N ASP H 229 100.45 -34.77 -12.23
CA ASP H 229 101.60 -33.89 -12.18
C ASP H 229 102.48 -34.17 -10.97
N THR H 230 101.93 -34.06 -9.77
CA THR H 230 102.72 -34.14 -8.53
C THR H 230 102.73 -35.50 -7.88
N SER H 231 102.01 -36.49 -8.38
CA SER H 231 102.08 -37.80 -7.77
C SER H 231 103.43 -38.43 -8.05
N PHE H 232 103.94 -39.17 -7.07
CA PHE H 232 105.31 -39.68 -7.08
C PHE H 232 106.31 -38.54 -7.11
N PHE H 233 106.05 -37.51 -6.32
CA PHE H 233 106.91 -36.36 -6.35
C PHE H 233 108.28 -36.67 -5.78
N LEU H 234 108.39 -37.62 -4.85
CA LEU H 234 109.69 -38.12 -4.48
C LEU H 234 109.92 -39.32 -5.37
N GLY H 235 110.59 -39.08 -6.47
CA GLY H 235 110.89 -40.13 -7.39
C GLY H 235 111.05 -39.37 -8.65
N LYS H 236 109.95 -38.77 -9.05
CA LYS H 236 109.86 -37.96 -10.23
C LYS H 236 110.68 -36.72 -10.17
N ALA H 237 110.58 -35.98 -9.10
CA ALA H 237 111.34 -34.75 -8.99
C ALA H 237 111.91 -34.67 -7.64
N GLY H 238 112.73 -35.65 -7.30
CA GLY H 238 113.33 -35.74 -6.00
C GLY H 238 114.77 -35.36 -5.88
N HIS H 239 115.35 -34.87 -6.95
CA HIS H 239 116.75 -34.48 -6.83
C HIS H 239 116.89 -33.04 -6.38
N ARG H 240 116.07 -32.15 -6.93
CA ARG H 240 116.10 -30.77 -6.51
C ARG H 240 115.59 -30.67 -5.08
N ARG H 241 116.39 -30.03 -4.22
CA ARG H 241 116.05 -30.06 -2.81
C ARG H 241 114.94 -29.10 -2.46
N GLU H 242 115.04 -27.85 -2.91
CA GLU H 242 114.10 -26.81 -2.51
C GLU H 242 112.66 -27.23 -2.74
N ALA H 243 112.41 -28.09 -3.73
CA ALA H 243 111.05 -28.52 -4.03
C ALA H 243 110.54 -29.54 -3.05
N ILE H 244 111.43 -30.29 -2.41
CA ILE H 244 111.00 -31.40 -1.57
C ILE H 244 110.41 -30.89 -0.27
N GLU H 245 111.12 -30.00 0.43
CA GLU H 245 110.58 -29.51 1.70
C GLU H 245 109.24 -28.84 1.51
N ALA H 246 109.05 -28.14 0.39
CA ALA H 246 107.71 -27.73 0.01
C ALA H 246 106.76 -28.91 0.11
N TRP H 247 107.04 -29.95 -0.67
CA TRP H 247 106.24 -31.17 -0.62
C TRP H 247 106.15 -31.75 0.79
N LEU H 248 107.20 -31.58 1.61
CA LEU H 248 107.13 -32.06 2.99
C LEU H 248 106.22 -31.20 3.84
N VAL H 249 106.42 -29.88 3.82
CA VAL H 249 105.52 -29.04 4.59
C VAL H 249 104.14 -29.00 3.97
N ASP H 250 103.99 -29.46 2.72
CA ASP H 250 102.65 -29.65 2.17
C ASP H 250 101.93 -30.75 2.92
N LEU H 251 102.53 -31.94 2.99
CA LEU H 251 102.01 -33.03 3.80
C LEU H 251 101.60 -32.53 5.17
N THR H 252 102.61 -32.09 5.90
CA THR H 252 102.46 -31.70 7.29
C THR H 252 101.37 -30.64 7.48
N THR H 253 101.24 -29.72 6.53
CA THR H 253 100.30 -28.62 6.68
C THR H 253 98.96 -28.88 5.98
N ALA H 254 98.82 -29.98 5.26
CA ALA H 254 97.59 -30.19 4.51
C ALA H 254 96.42 -30.64 5.36
N THR H 255 96.63 -30.96 6.63
CA THR H 255 95.59 -31.59 7.43
C THR H 255 95.10 -30.62 8.50
N GLN H 256 94.11 -31.09 9.25
CA GLN H 256 93.23 -30.24 10.05
C GLN H 256 93.13 -30.76 11.48
N PRO H 257 93.90 -30.22 12.42
CA PRO H 257 93.98 -30.79 13.76
C PRO H 257 92.60 -31.05 14.34
N SER H 258 92.46 -32.20 15.01
CA SER H 258 91.14 -32.73 15.29
C SER H 258 90.54 -32.19 16.57
N VAL H 259 91.04 -32.67 17.71
CA VAL H 259 90.46 -32.37 19.00
C VAL H 259 91.60 -32.31 20.01
N ALA H 260 91.44 -31.46 21.02
CA ALA H 260 92.45 -31.33 22.06
C ALA H 260 92.15 -32.34 23.16
N VAL H 261 93.02 -33.31 23.33
CA VAL H 261 92.89 -34.31 24.39
C VAL H 261 94.07 -34.19 25.33
N PRO H 262 93.86 -33.68 26.54
CA PRO H 262 94.98 -33.61 27.49
C PRO H 262 95.47 -34.98 27.94
N ARG H 263 94.57 -35.97 28.01
CA ARG H 263 94.96 -37.29 28.51
C ARG H 263 96.09 -37.90 27.69
N LEU H 264 96.22 -37.50 26.42
CA LEU H 264 97.31 -38.01 25.61
C LEU H 264 98.36 -36.91 25.59
N THR H 265 99.39 -37.03 26.42
CA THR H 265 100.41 -36.00 26.44
C THR H 265 101.24 -36.45 25.29
N HIS H 266 102.04 -37.46 25.52
CA HIS H 266 102.77 -38.08 24.44
C HIS H 266 103.60 -37.17 23.54
N ALA H 267 104.23 -36.14 24.09
CA ALA H 267 104.99 -35.25 23.22
C ALA H 267 106.43 -34.82 23.52
N ASP H 268 107.32 -35.23 22.63
CA ASP H 268 108.71 -34.83 22.60
C ASP H 268 109.56 -35.16 23.79
N THR H 269 110.69 -34.47 23.84
CA THR H 269 111.64 -34.51 24.91
C THR H 269 111.88 -33.02 24.98
N ARG H 270 112.43 -32.58 26.09
CA ARG H 270 112.69 -31.16 26.37
C ARG H 270 111.38 -30.39 26.49
N GLY H 271 110.29 -31.12 26.66
CA GLY H 271 108.96 -30.58 26.87
C GLY H 271 108.16 -30.14 25.68
N ARG H 272 108.74 -30.12 24.49
CA ARG H 272 107.94 -29.65 23.37
C ARG H 272 106.88 -30.63 23.06
N PRO H 273 105.70 -30.17 22.73
CA PRO H 273 104.78 -31.26 22.37
C PRO H 273 104.81 -31.63 20.90
N VAL H 274 104.66 -32.94 20.65
CA VAL H 274 104.68 -33.52 19.32
C VAL H 274 103.25 -33.64 18.82
N ASP H 275 103.03 -33.26 17.57
CA ASP H 275 101.75 -33.50 16.94
C ASP H 275 101.96 -34.03 15.53
N GLY H 276 101.51 -35.24 15.29
CA GLY H 276 101.65 -35.80 13.97
C GLY H 276 102.68 -36.89 13.91
N VAL H 277 102.47 -37.79 12.95
CA VAL H 277 103.33 -38.93 12.75
C VAL H 277 103.52 -39.05 11.27
N LEU H 278 104.71 -39.41 10.84
CA LEU H 278 104.96 -39.58 9.43
C LEU H 278 105.37 -41.02 9.35
N VAL H 279 104.57 -41.83 8.66
CA VAL H 279 104.91 -43.23 8.56
C VAL H 279 105.35 -43.44 7.14
N THR H 280 106.52 -44.03 6.98
CA THR H 280 107.05 -44.22 5.67
C THR H 280 107.59 -45.59 5.54
N THR H 281 108.05 -45.87 4.35
CA THR H 281 108.63 -47.17 4.04
C THR H 281 110.14 -47.20 4.19
N ALA H 282 110.62 -47.56 5.36
CA ALA H 282 112.04 -47.73 5.67
C ALA H 282 113.07 -47.05 4.77
N ALA H 283 112.93 -47.26 3.47
CA ALA H 283 113.85 -46.79 2.44
C ALA H 283 113.78 -45.29 2.31
N ILE H 284 112.55 -44.79 2.33
CA ILE H 284 112.30 -43.37 2.20
C ILE H 284 112.56 -42.67 3.52
N LYS H 285 112.29 -43.35 4.64
CA LYS H 285 112.74 -42.83 5.93
C LYS H 285 114.23 -42.57 5.92
N GLN H 286 115.01 -43.55 5.47
CA GLN H 286 116.46 -43.37 5.42
C GLN H 286 116.83 -42.24 4.46
N ARG H 287 116.24 -42.24 3.27
CA ARG H 287 116.56 -41.23 2.28
C ARG H 287 116.24 -39.83 2.78
N LEU H 288 115.08 -39.66 3.41
CA LEU H 288 114.71 -38.35 3.92
C LEU H 288 115.61 -37.91 5.07
N LEU H 289 116.04 -38.87 5.90
CA LEU H 289 116.96 -38.51 6.97
C LEU H 289 118.31 -38.08 6.44
N GLN H 290 118.68 -38.68 5.33
CA GLN H 290 119.93 -38.40 4.66
C GLN H 290 120.02 -37.00 4.15
N SER H 291 118.95 -36.49 3.56
CA SER H 291 119.02 -35.16 3.01
C SER H 291 117.96 -34.14 3.37
N PHE H 292 116.73 -34.39 2.92
CA PHE H 292 115.64 -33.45 3.08
C PHE H 292 115.20 -33.06 4.47
N LEU H 293 115.04 -34.01 5.38
CA LEU H 293 114.65 -33.63 6.73
C LEU H 293 115.77 -34.08 7.59
N LYS H 294 116.15 -33.19 8.47
CA LYS H 294 117.34 -33.33 9.30
C LYS H 294 116.96 -32.90 10.70
N VAL H 295 117.99 -32.61 11.50
CA VAL H 295 117.88 -32.22 12.91
C VAL H 295 116.87 -33.16 13.53
N GLU H 296 117.18 -34.44 13.45
CA GLU H 296 116.52 -35.39 14.30
C GLU H 296 116.64 -34.93 15.74
N ASP H 297 115.51 -34.82 16.38
CA ASP H 297 115.44 -34.36 17.72
C ASP H 297 115.37 -35.51 18.69
N THR H 298 115.29 -35.14 19.97
CA THR H 298 115.36 -36.06 21.09
C THR H 298 114.39 -37.16 20.86
N GLU H 299 114.93 -38.36 20.91
CA GLU H 299 114.19 -39.57 20.62
C GLU H 299 113.02 -39.86 21.56
N ALA H 300 113.09 -39.42 22.80
CA ALA H 300 112.09 -39.74 23.80
C ALA H 300 110.70 -39.18 23.67
N ASP H 301 109.87 -39.55 24.62
CA ASP H 301 108.57 -39.01 24.56
C ASP H 301 108.06 -39.10 25.93
N VAL H 302 107.05 -38.31 26.19
CA VAL H 302 106.40 -38.39 27.49
C VAL H 302 105.08 -39.14 27.23
N PRO H 303 105.19 -40.35 26.69
CA PRO H 303 104.04 -41.18 26.34
C PRO H 303 103.26 -41.72 27.52
N VAL H 304 101.97 -41.89 27.30
CA VAL H 304 101.05 -42.37 28.33
C VAL H 304 100.81 -43.89 28.41
N THR H 305 99.68 -44.24 29.04
CA THR H 305 99.17 -45.60 29.23
C THR H 305 97.86 -45.75 28.44
N TYR H 306 96.89 -46.49 28.97
CA TYR H 306 95.60 -46.68 28.32
C TYR H 306 94.49 -46.11 29.18
N GLY H 307 93.40 -45.69 28.54
CA GLY H 307 92.27 -45.15 29.26
C GLY H 307 91.13 -46.14 29.16
N GLU H 308 90.52 -46.48 30.29
CA GLU H 308 89.44 -47.46 30.30
C GLU H 308 88.10 -46.86 30.69
N MET H 309 87.04 -47.26 30.00
CA MET H 309 85.71 -46.76 30.32
C MET H 309 84.82 -47.93 30.69
N VAL H 310 84.18 -47.88 31.84
CA VAL H 310 83.39 -49.02 32.26
C VAL H 310 81.95 -48.71 32.50
N LEU H 311 81.14 -49.75 32.49
CA LEU H 311 79.72 -49.56 32.73
C LEU H 311 79.46 -49.83 34.21
N ASN H 312 79.09 -48.78 34.95
CA ASN H 312 78.84 -48.90 36.37
C ASN H 312 77.70 -47.98 36.77
N GLY H 313 76.93 -48.40 37.75
CA GLY H 313 75.96 -47.51 38.34
C GLY H 313 74.90 -47.12 37.33
N ALA H 314 74.77 -45.81 37.11
CA ALA H 314 73.69 -45.29 36.28
C ALA H 314 73.70 -45.89 34.90
N ASN H 315 74.85 -45.87 34.22
CA ASN H 315 74.84 -46.37 32.85
C ASN H 315 74.93 -47.88 32.78
N LEU H 316 75.03 -48.58 33.90
CA LEU H 316 74.77 -50.02 33.86
C LEU H 316 73.27 -50.27 33.87
N VAL H 317 72.54 -49.59 34.75
CA VAL H 317 71.11 -49.76 34.84
C VAL H 317 70.44 -49.34 33.54
N THR H 318 70.82 -48.19 33.00
CA THR H 318 70.19 -47.74 31.78
C THR H 318 70.60 -48.61 30.60
N ALA H 319 71.84 -49.11 30.58
CA ALA H 319 72.24 -50.01 29.50
C ALA H 319 71.40 -51.27 29.49
N LEU H 320 71.03 -51.75 30.68
CA LEU H 320 70.16 -52.91 30.75
C LEU H 320 68.71 -52.54 30.51
N VAL H 321 68.23 -51.49 31.19
CA VAL H 321 66.83 -51.15 31.09
C VAL H 321 66.54 -50.35 29.83
N MET H 322 67.31 -49.31 29.56
CA MET H 322 67.01 -48.53 28.36
C MET H 322 67.89 -48.86 27.16
N GLY H 323 68.92 -49.65 27.36
CA GLY H 323 69.74 -50.11 26.26
C GLY H 323 70.61 -49.03 25.70
N LYS H 324 70.68 -47.93 26.43
CA LYS H 324 71.47 -46.81 26.03
C LYS H 324 72.54 -46.59 27.03
N ALA H 325 73.73 -46.38 26.53
CA ALA H 325 74.84 -46.11 27.38
C ALA H 325 75.30 -44.76 26.93
N VAL H 326 75.92 -44.05 27.84
CA VAL H 326 76.45 -42.71 27.59
C VAL H 326 77.70 -42.54 28.43
N ARG H 327 78.65 -41.78 27.95
CA ARG H 327 79.89 -41.51 28.68
C ARG H 327 79.65 -40.62 29.89
N SER H 328 80.20 -41.03 31.03
CA SER H 328 80.18 -40.20 32.23
C SER H 328 78.78 -39.67 32.50
N LEU H 329 77.78 -40.53 32.31
CA LEU H 329 76.40 -40.14 32.58
C LEU H 329 76.27 -39.59 33.98
N ASP H 330 77.06 -40.09 34.92
CA ASP H 330 77.04 -39.53 36.26
C ASP H 330 77.48 -38.07 36.25
N ASP H 331 78.46 -37.72 35.44
CA ASP H 331 78.88 -36.32 35.35
C ASP H 331 77.88 -35.49 34.56
N VAL H 332 77.43 -36.00 33.41
CA VAL H 332 76.44 -35.27 32.63
C VAL H 332 75.17 -35.07 33.44
N GLY H 333 74.78 -36.09 34.20
CA GLY H 333 73.60 -35.95 35.03
C GLY H 333 73.76 -34.91 36.11
N ARG H 334 74.94 -34.83 36.72
CA ARG H 334 75.18 -33.80 37.72
C ARG H 334 74.92 -32.42 37.17
N HIS H 335 75.56 -32.07 36.06
CA HIS H 335 75.45 -30.71 35.55
C HIS H 335 74.03 -30.39 35.12
N LEU H 336 73.35 -31.32 34.45
CA LEU H 336 72.00 -31.05 33.98
C LEU H 336 71.05 -30.86 35.16
N LEU H 337 71.21 -31.64 36.21
CA LEU H 337 70.40 -31.39 37.40
C LEU H 337 70.86 -30.13 38.12
N ASP H 338 72.11 -29.73 37.92
CA ASP H 338 72.61 -28.50 38.53
C ASP H 338 72.07 -27.28 37.80
N MET H 339 72.42 -27.15 36.51
CA MET H 339 72.28 -25.88 35.81
C MET H 339 70.85 -25.34 35.79
N GLN H 340 69.86 -26.15 36.15
CA GLN H 340 68.52 -25.62 36.30
C GLN H 340 68.25 -25.13 37.71
N GLU H 341 69.27 -25.09 38.55
CA GLU H 341 69.17 -24.53 39.89
C GLU H 341 70.25 -23.47 40.06
N GLU H 342 69.87 -22.32 40.61
CA GLU H 342 70.81 -21.20 40.79
C GLU H 342 71.86 -21.53 41.84
N ASN H 347 74.93 -19.75 28.30
CA ASN H 347 75.80 -20.88 28.00
C ASN H 347 77.05 -20.92 28.85
N ARG H 348 78.07 -20.28 28.28
CA ARG H 348 79.44 -20.26 28.78
C ARG H 348 79.85 -21.65 29.25
N GLU H 349 79.66 -22.62 28.37
CA GLU H 349 79.95 -24.02 28.59
C GLU H 349 81.21 -24.35 27.82
N THR H 350 82.34 -24.48 28.52
CA THR H 350 83.62 -24.84 27.90
C THR H 350 84.60 -25.59 28.83
N LEU H 351 84.10 -26.10 29.96
CA LEU H 351 84.95 -26.79 30.94
C LEU H 351 85.64 -28.10 30.54
N ASP H 352 84.93 -28.97 29.83
CA ASP H 352 85.42 -30.29 29.38
C ASP H 352 85.86 -31.27 30.52
N GLU H 353 87.02 -31.91 30.38
CA GLU H 353 87.52 -32.87 31.36
C GLU H 353 89.01 -32.70 31.61
N LEU H 354 89.42 -32.70 32.88
CA LEU H 354 90.81 -32.55 33.20
C LEU H 354 91.41 -33.92 33.50
N GLU H 355 92.40 -34.30 32.70
CA GLU H 355 93.05 -35.57 32.90
C GLU H 355 93.72 -35.47 34.26
N SER H 356 93.73 -36.54 35.01
CA SER H 356 94.35 -36.49 36.32
C SER H 356 95.81 -36.12 36.10
N ALA H 357 96.39 -36.65 35.03
CA ALA H 357 97.79 -36.36 34.70
C ALA H 357 98.58 -37.65 34.52
N PRO H 358 98.39 -38.37 33.42
CA PRO H 358 98.79 -39.79 33.37
C PRO H 358 100.30 -40.01 33.50
N GLN H 359 100.63 -41.26 33.82
CA GLN H 359 102.03 -41.67 34.00
C GLN H 359 102.70 -41.82 32.64
N THR H 360 103.98 -41.45 32.58
CA THR H 360 104.69 -41.39 31.31
C THR H 360 106.09 -41.95 31.42
N THR H 361 106.61 -42.41 30.29
CA THR H 361 107.93 -43.02 30.22
C THR H 361 108.79 -42.36 29.15
N ARG H 362 109.92 -42.97 28.78
CA ARG H 362 110.81 -42.43 27.74
C ARG H 362 110.93 -43.52 26.67
N VAL H 363 110.68 -43.20 25.40
CA VAL H 363 110.67 -44.27 24.38
C VAL H 363 111.59 -44.47 23.14
N ARG H 364 112.75 -43.82 23.00
CA ARG H 364 113.59 -44.08 21.80
C ARG H 364 112.85 -43.95 20.46
N ALA H 365 112.22 -42.81 20.32
CA ALA H 365 111.39 -42.33 19.22
C ALA H 365 112.26 -41.61 18.20
N ASP H 366 111.61 -41.13 17.14
CA ASP H 366 112.30 -40.46 16.05
C ASP H 366 111.52 -39.20 15.71
N LEU H 367 112.09 -38.03 15.99
CA LEU H 367 111.36 -36.78 15.93
C LEU H 367 112.05 -35.82 14.98
N VAL H 368 111.25 -35.10 14.19
CA VAL H 368 111.78 -34.23 13.16
C VAL H 368 111.02 -32.92 13.18
N ALA H 369 111.67 -31.85 12.73
CA ALA H 369 111.06 -30.54 12.66
C ALA H 369 110.80 -30.23 11.20
N ILE H 370 109.53 -30.23 10.81
CA ILE H 370 109.11 -29.91 9.46
C ILE H 370 108.33 -28.62 9.54
N GLY H 371 108.91 -27.54 9.06
CA GLY H 371 108.31 -26.25 9.29
C GLY H 371 108.19 -25.99 10.78
N ASP H 372 107.01 -25.57 11.20
CA ASP H 372 106.74 -25.22 12.58
C ASP H 372 106.25 -26.39 13.42
N ARG H 373 106.24 -27.60 12.86
CA ARG H 373 105.57 -28.72 13.50
C ARG H 373 106.58 -29.80 13.84
N LEU H 374 106.46 -30.36 15.04
CA LEU H 374 107.16 -31.58 15.40
C LEU H 374 106.36 -32.80 15.00
N VAL H 375 107.06 -33.83 14.55
CA VAL H 375 106.41 -35.02 14.02
C VAL H 375 107.26 -36.22 14.41
N PHE H 376 106.61 -37.32 14.80
CA PHE H 376 107.29 -38.61 14.81
C PHE H 376 107.54 -39.03 13.38
N LEU H 377 108.78 -39.29 13.03
CA LEU H 377 109.08 -39.88 11.73
C LEU H 377 109.35 -41.36 11.96
N GLU H 378 108.70 -42.21 11.18
CA GLU H 378 108.55 -43.58 11.59
C GLU H 378 108.55 -44.53 10.40
N ALA H 379 109.16 -45.69 10.57
CA ALA H 379 109.01 -46.79 9.64
C ALA H 379 108.93 -48.08 10.43
N LEU H 380 107.81 -48.79 10.33
CA LEU H 380 107.63 -50.02 11.11
C LEU H 380 107.69 -51.20 10.16
N GLU H 381 108.85 -51.82 10.05
CA GLU H 381 108.93 -53.05 9.29
C GLU H 381 109.73 -54.05 10.09
N LYS H 382 111.01 -53.78 10.27
CA LYS H 382 111.79 -54.56 11.22
C LYS H 382 111.20 -54.45 12.61
N ARG H 383 110.61 -53.31 12.94
CA ARG H 383 109.98 -53.14 14.25
C ARG H 383 108.87 -54.17 14.44
N ILE H 384 107.94 -54.25 13.50
CA ILE H 384 106.82 -55.16 13.74
C ILE H 384 106.63 -56.17 12.60
N TYR H 385 106.44 -55.71 11.36
CA TYR H 385 106.13 -56.66 10.28
C TYR H 385 107.25 -57.63 9.95
N ALA H 386 108.42 -57.54 10.57
CA ALA H 386 109.64 -58.16 10.07
C ALA H 386 109.51 -59.60 9.61
N ALA H 387 109.38 -60.55 10.53
CA ALA H 387 109.33 -61.96 10.18
C ALA H 387 107.91 -62.49 10.10
N THR H 388 106.92 -61.62 10.22
CA THR H 388 105.55 -62.05 10.43
C THR H 388 104.84 -62.47 9.16
N ASN H 389 105.47 -62.39 8.00
CA ASN H 389 104.92 -62.80 6.71
C ASN H 389 103.73 -61.96 6.28
N VAL H 390 103.25 -61.04 7.10
CA VAL H 390 102.17 -60.14 6.73
C VAL H 390 102.76 -59.01 5.91
N PRO H 391 102.12 -58.60 4.80
CA PRO H 391 102.66 -57.50 4.02
C PRO H 391 102.60 -56.18 4.77
N TYR H 392 103.36 -55.21 4.28
CA TYR H 392 103.48 -53.92 4.92
C TYR H 392 102.58 -52.93 4.22
N PRO H 393 101.66 -52.28 4.93
CA PRO H 393 100.61 -51.51 4.24
C PRO H 393 101.10 -50.28 3.53
N LEU H 394 102.24 -49.73 3.91
CA LEU H 394 102.66 -48.48 3.31
C LEU H 394 103.44 -48.67 2.02
N VAL H 395 103.63 -49.90 1.58
CA VAL H 395 104.02 -50.18 0.21
C VAL H 395 102.75 -50.61 -0.50
N GLY H 396 102.23 -49.74 -1.36
CA GLY H 396 100.89 -49.85 -1.85
C GLY H 396 100.83 -50.33 -3.29
N ALA H 397 99.77 -49.92 -3.98
CA ALA H 397 99.60 -50.25 -5.38
C ALA H 397 98.76 -49.18 -6.04
N MET H 398 98.93 -49.06 -7.34
CA MET H 398 98.18 -48.08 -8.11
C MET H 398 97.81 -48.72 -9.44
N ASP H 399 96.56 -48.58 -9.83
CA ASP H 399 96.07 -49.09 -11.10
C ASP H 399 95.83 -47.95 -12.06
N LEU H 400 96.25 -48.14 -13.31
CA LEU H 400 96.08 -47.14 -14.34
C LEU H 400 95.67 -47.82 -15.63
N THR H 401 94.57 -47.38 -16.20
CA THR H 401 94.28 -47.76 -17.57
C THR H 401 95.07 -46.85 -18.49
N PHE H 402 95.57 -47.42 -19.57
CA PHE H 402 96.18 -46.63 -20.62
C PHE H 402 95.40 -46.78 -21.90
N VAL H 403 95.75 -45.99 -22.90
CA VAL H 403 95.02 -45.95 -24.15
C VAL H 403 96.00 -45.78 -25.28
N LEU H 404 95.85 -46.60 -26.32
CA LEU H 404 96.67 -46.52 -27.49
C LEU H 404 95.74 -46.67 -28.68
N PRO H 405 95.91 -45.86 -29.72
CA PRO H 405 95.19 -46.07 -30.97
C PRO H 405 95.86 -47.08 -31.88
N LEU H 406 95.06 -47.73 -32.71
CA LEU H 406 95.53 -48.56 -33.80
C LEU H 406 94.92 -48.08 -35.10
N GLY H 407 95.75 -47.96 -36.12
CA GLY H 407 95.22 -47.76 -37.45
C GLY H 407 94.43 -46.48 -37.60
N LEU H 408 94.50 -45.58 -36.62
CA LEU H 408 93.88 -44.29 -36.84
C LEU H 408 94.69 -43.53 -37.86
N PHE H 409 94.25 -42.31 -38.15
CA PHE H 409 94.70 -41.72 -39.39
C PHE H 409 94.92 -40.22 -39.24
N ASN H 410 96.03 -39.74 -39.78
CA ASN H 410 96.41 -38.35 -39.60
C ASN H 410 95.43 -37.42 -40.30
N PRO H 411 94.91 -36.41 -39.60
CA PRO H 411 94.11 -35.39 -40.27
C PRO H 411 94.89 -34.70 -41.38
N ALA H 412 94.20 -34.04 -42.29
CA ALA H 412 94.88 -33.44 -43.43
C ALA H 412 96.00 -32.46 -43.10
N MET H 413 95.80 -31.62 -42.11
CA MET H 413 96.83 -30.67 -41.75
C MET H 413 98.06 -31.41 -41.27
N GLU H 414 97.81 -32.49 -40.56
CA GLU H 414 98.80 -33.39 -39.97
C GLU H 414 99.71 -34.25 -40.84
N ARG H 415 99.25 -34.71 -41.98
CA ARG H 415 100.08 -35.59 -42.81
C ARG H 415 101.06 -34.78 -43.64
N PHE H 416 102.11 -34.31 -43.00
CA PHE H 416 103.20 -33.64 -43.66
C PHE H 416 104.48 -34.33 -43.19
N ALA H 417 105.59 -34.13 -43.88
CA ALA H 417 106.88 -34.70 -43.50
C ALA H 417 107.60 -33.53 -42.93
N ALA H 418 108.30 -33.69 -41.81
CA ALA H 418 108.96 -32.55 -41.20
C ALA H 418 109.97 -31.88 -42.09
N HIS H 419 110.85 -32.63 -42.75
CA HIS H 419 111.81 -31.98 -43.62
C HIS H 419 112.25 -32.56 -44.97
N ALA H 420 111.40 -32.58 -45.96
CA ALA H 420 111.90 -33.07 -47.22
C ALA H 420 112.50 -34.42 -47.01
N GLY H 421 113.79 -34.55 -47.26
CA GLY H 421 114.40 -35.87 -47.16
C GLY H 421 114.61 -36.27 -45.72
N ASP H 422 113.99 -37.36 -45.30
CA ASP H 422 114.28 -38.00 -44.02
C ASP H 422 113.40 -39.23 -43.91
N LEU H 423 113.83 -40.17 -43.08
CA LEU H 423 113.21 -41.48 -43.00
C LEU H 423 112.95 -42.00 -44.41
N VAL H 424 113.96 -41.84 -45.25
CA VAL H 424 113.89 -42.07 -46.70
C VAL H 424 114.12 -43.55 -46.98
N PRO H 425 113.35 -44.17 -47.86
CA PRO H 425 113.61 -45.57 -48.17
C PRO H 425 114.78 -45.66 -49.14
N ALA H 426 115.35 -46.85 -49.22
CA ALA H 426 116.36 -47.10 -50.23
C ALA H 426 115.79 -46.69 -51.59
N PRO H 427 116.64 -46.19 -52.47
CA PRO H 427 116.21 -45.54 -53.71
C PRO H 427 115.25 -46.21 -54.69
N GLY H 428 115.33 -47.49 -54.96
CA GLY H 428 114.37 -48.08 -55.88
C GLY H 428 113.07 -48.46 -55.19
N HIS H 429 113.09 -48.40 -53.87
CA HIS H 429 112.01 -48.87 -53.02
C HIS H 429 110.77 -48.04 -52.69
N PRO H 430 109.70 -48.79 -52.26
CA PRO H 430 108.49 -48.02 -51.92
C PRO H 430 108.58 -47.35 -50.56
N GLU H 431 107.81 -46.28 -50.35
CA GLU H 431 107.84 -45.64 -49.05
C GLU H 431 106.65 -46.12 -48.27
N PRO H 432 106.95 -47.00 -47.24
CA PRO H 432 105.80 -47.46 -46.46
C PRO H 432 105.18 -46.37 -45.59
N ARG H 433 105.85 -45.24 -45.41
CA ARG H 433 105.30 -44.19 -44.57
C ARG H 433 104.06 -43.56 -45.15
N ALA H 434 103.90 -43.65 -46.46
CA ALA H 434 102.75 -43.11 -47.13
C ALA H 434 101.49 -43.87 -46.75
N PHE H 435 101.59 -45.20 -46.65
CA PHE H 435 100.47 -46.09 -46.35
C PHE H 435 99.89 -45.96 -44.96
N PRO H 436 98.56 -46.33 -44.82
CA PRO H 436 98.04 -46.20 -43.44
C PRO H 436 98.70 -47.12 -42.43
N PRO H 437 98.96 -46.63 -41.22
CA PRO H 437 99.56 -47.47 -40.18
C PRO H 437 98.58 -48.57 -39.80
N ARG H 438 99.03 -49.81 -39.87
CA ARG H 438 98.27 -50.91 -39.28
C ARG H 438 98.83 -51.34 -37.95
N GLN H 439 99.94 -50.75 -37.52
CA GLN H 439 100.69 -51.24 -36.36
C GLN H 439 100.75 -50.19 -35.28
N LEU H 440 101.38 -50.60 -34.19
CA LEU H 440 101.67 -49.72 -33.08
C LEU H 440 102.90 -50.27 -32.38
N PHE H 441 103.76 -49.37 -31.93
CA PHE H 441 104.97 -49.76 -31.23
C PHE H 441 105.05 -49.03 -29.91
N PHE H 442 105.56 -49.72 -28.90
CA PHE H 442 105.73 -49.09 -27.60
C PHE H 442 106.80 -49.87 -26.84
N TRP H 443 107.09 -49.40 -25.64
CA TRP H 443 108.08 -50.05 -24.78
C TRP H 443 107.35 -50.83 -23.72
N GLY H 444 107.56 -52.13 -23.70
CA GLY H 444 107.09 -52.93 -22.60
C GLY H 444 107.91 -52.64 -21.37
N LYS H 445 107.68 -53.43 -20.35
CA LYS H 445 108.49 -53.33 -19.17
C LYS H 445 109.89 -53.84 -19.62
N ASP H 446 110.94 -53.43 -18.94
CA ASP H 446 112.29 -53.84 -19.28
C ASP H 446 112.67 -53.60 -20.73
N HIS H 447 112.51 -52.38 -21.25
CA HIS H 447 112.86 -52.03 -22.64
C HIS H 447 112.04 -52.95 -23.51
N GLN H 448 112.61 -53.80 -24.34
CA GLN H 448 111.55 -54.62 -24.93
C GLN H 448 110.58 -53.79 -25.76
N VAL H 449 111.02 -53.31 -26.92
CA VAL H 449 110.09 -52.62 -27.80
C VAL H 449 109.10 -53.63 -28.35
N LEU H 450 107.82 -53.31 -28.26
CA LEU H 450 106.74 -54.24 -28.55
C LEU H 450 105.92 -53.77 -29.73
N ARG H 451 104.92 -54.54 -30.09
CA ARG H 451 104.12 -54.15 -31.19
C ARG H 451 102.71 -54.65 -31.24
N LEU H 452 101.76 -53.79 -30.99
CA LEU H 452 100.38 -54.20 -31.15
C LEU H 452 100.12 -53.96 -32.62
N SER H 453 99.39 -54.88 -33.23
CA SER H 453 99.03 -54.79 -34.62
C SER H 453 97.58 -55.14 -34.76
N MET H 454 96.99 -54.84 -35.89
CA MET H 454 95.60 -55.17 -36.08
C MET H 454 95.37 -56.67 -35.99
N GLU H 455 96.26 -57.50 -36.47
CA GLU H 455 96.01 -58.94 -36.39
C GLU H 455 95.73 -59.33 -34.96
N ASN H 456 96.09 -58.46 -34.03
CA ASN H 456 95.89 -58.63 -32.61
C ASN H 456 94.42 -58.53 -32.25
N ALA H 457 93.62 -57.84 -33.04
CA ALA H 457 92.22 -57.62 -32.73
C ALA H 457 91.34 -58.79 -33.13
N VAL H 458 91.93 -59.87 -33.63
CA VAL H 458 91.14 -60.99 -34.15
C VAL H 458 90.30 -61.61 -33.06
N GLY H 459 90.83 -61.70 -31.84
CA GLY H 459 90.04 -62.28 -30.77
C GLY H 459 88.85 -61.44 -30.38
N THR H 460 88.82 -60.19 -30.81
CA THR H 460 87.75 -59.25 -30.49
C THR H 460 86.71 -59.21 -31.61
N VAL H 461 87.14 -58.80 -32.79
CA VAL H 461 86.23 -58.46 -33.88
C VAL H 461 85.90 -59.66 -34.75
N CYS H 462 86.63 -60.76 -34.62
CA CYS H 462 86.41 -61.99 -35.36
C CYS H 462 85.53 -62.98 -34.61
N HIS H 463 84.84 -62.54 -33.60
CA HIS H 463 83.94 -63.31 -32.78
C HIS H 463 82.51 -62.94 -33.14
N PRO H 464 81.54 -63.84 -33.03
CA PRO H 464 80.19 -63.44 -33.43
C PRO H 464 79.51 -62.66 -32.33
N SER H 465 80.29 -61.81 -31.68
CA SER H 465 79.75 -60.74 -30.87
C SER H 465 79.57 -59.47 -31.69
N LEU H 466 80.21 -59.48 -32.83
CA LEU H 466 80.18 -58.44 -33.81
C LEU H 466 78.87 -58.24 -34.50
N MET H 467 78.21 -59.33 -34.83
CA MET H 467 76.96 -59.32 -35.60
C MET H 467 75.66 -59.38 -34.83
N ASN H 468 75.69 -59.19 -33.53
CA ASN H 468 74.50 -59.23 -32.73
C ASN H 468 73.98 -57.81 -32.50
N ILE H 469 72.77 -57.44 -32.95
CA ILE H 469 72.31 -56.10 -32.68
C ILE H 469 70.98 -56.06 -31.97
N ASP H 470 70.41 -57.22 -31.64
CA ASP H 470 69.01 -57.27 -31.20
C ASP H 470 68.73 -56.29 -30.07
N ALA H 471 69.71 -56.07 -29.19
CA ALA H 471 69.52 -55.10 -28.13
C ALA H 471 69.43 -53.69 -28.68
N ALA H 472 70.28 -53.36 -29.64
CA ALA H 472 70.26 -52.04 -30.26
C ALA H 472 68.91 -51.76 -30.89
N VAL H 473 68.56 -52.51 -31.93
CA VAL H 473 67.34 -52.25 -32.69
C VAL H 473 66.12 -52.29 -31.80
N GLY H 474 66.13 -53.13 -30.78
CA GLY H 474 65.00 -53.20 -29.87
C GLY H 474 65.10 -52.16 -28.79
N GLY H 475 66.31 -51.68 -28.53
CA GLY H 475 66.53 -50.71 -27.47
C GLY H 475 66.37 -49.29 -27.97
N VAL H 476 66.48 -49.09 -29.28
CA VAL H 476 66.18 -47.80 -29.87
C VAL H 476 64.77 -47.75 -30.42
N ASN H 477 64.04 -48.86 -30.36
CA ASN H 477 62.70 -48.94 -30.93
C ASN H 477 61.69 -48.11 -30.14
N HIS H 478 61.83 -48.05 -28.82
CA HIS H 478 60.82 -47.43 -27.98
C HIS H 478 60.68 -45.94 -28.35
N ASP H 479 59.52 -45.38 -27.98
CA ASP H 479 59.15 -44.02 -28.37
C ASP H 479 59.18 -43.86 -29.89
N PRO H 480 58.16 -44.28 -30.62
CA PRO H 480 58.24 -44.25 -32.10
C PRO H 480 58.58 -42.94 -32.82
N VAL H 481 59.52 -43.08 -33.75
CA VAL H 481 60.07 -41.99 -34.58
C VAL H 481 59.19 -41.51 -35.74
N GLU H 482 59.53 -40.32 -36.23
CA GLU H 482 58.83 -39.65 -37.34
C GLU H 482 59.01 -40.29 -38.70
N ALA H 483 58.04 -40.05 -39.59
CA ALA H 483 58.06 -40.62 -40.93
C ALA H 483 59.17 -39.98 -41.74
N ALA H 484 60.16 -40.74 -42.15
CA ALA H 484 61.33 -40.15 -42.79
C ALA H 484 61.48 -40.06 -44.30
N ASN H 485 60.42 -40.13 -45.10
CA ASN H 485 60.62 -40.09 -46.57
C ASN H 485 61.45 -41.32 -46.81
N PRO H 486 60.75 -42.51 -46.68
CA PRO H 486 61.60 -43.70 -46.76
C PRO H 486 61.93 -43.89 -48.19
N TYR H 487 62.74 -42.96 -48.66
CA TYR H 487 63.16 -43.06 -50.04
C TYR H 487 64.14 -44.20 -50.20
N GLY H 488 65.34 -44.05 -49.64
CA GLY H 488 66.29 -45.13 -49.69
C GLY H 488 65.97 -46.28 -48.76
N ALA H 489 64.92 -46.18 -47.96
CA ALA H 489 64.54 -47.20 -47.01
C ALA H 489 63.46 -48.13 -47.51
N TYR H 490 63.03 -48.00 -48.75
CA TYR H 490 61.91 -48.76 -49.28
C TYR H 490 62.33 -49.48 -50.55
N VAL H 491 61.87 -50.72 -50.69
CA VAL H 491 62.13 -51.53 -51.87
C VAL H 491 60.80 -52.02 -52.42
N ALA H 492 60.53 -51.74 -53.69
CA ALA H 492 59.20 -51.92 -54.27
C ALA H 492 59.17 -53.11 -55.21
N ALA H 493 57.99 -53.70 -55.31
CA ALA H 493 57.72 -54.68 -56.35
C ALA H 493 57.84 -54.02 -57.72
N PRO H 494 58.62 -54.58 -58.64
CA PRO H 494 58.51 -54.17 -60.04
C PRO H 494 57.08 -54.32 -60.51
N ALA H 495 56.68 -53.46 -61.44
CA ALA H 495 55.27 -53.40 -61.84
C ALA H 495 55.21 -53.33 -63.36
N GLY H 496 54.48 -54.26 -63.95
CA GLY H 496 54.16 -54.21 -65.36
C GLY H 496 55.38 -54.09 -66.24
N PRO H 497 55.24 -53.35 -67.33
CA PRO H 497 56.33 -53.23 -68.29
C PRO H 497 57.53 -52.51 -67.67
N GLY H 498 58.71 -52.97 -68.03
CA GLY H 498 59.92 -52.34 -67.58
C GLY H 498 60.19 -50.99 -68.19
N ALA H 499 59.47 -50.63 -69.26
CA ALA H 499 59.72 -49.39 -69.96
C ALA H 499 59.28 -48.17 -69.17
N ASP H 500 58.07 -48.21 -68.62
CA ASP H 500 57.56 -47.10 -67.83
C ASP H 500 57.88 -47.23 -66.35
N MET H 501 58.65 -48.25 -65.97
CA MET H 501 58.88 -48.52 -64.55
C MET H 501 59.53 -47.34 -63.85
N GLN H 502 60.36 -46.59 -64.56
CA GLN H 502 60.91 -45.37 -63.97
C GLN H 502 59.90 -44.22 -64.03
N GLN H 503 59.25 -44.03 -65.18
CA GLN H 503 58.18 -43.06 -65.25
C GLN H 503 57.11 -43.35 -64.22
N ARG H 504 56.80 -44.62 -63.99
CA ARG H 504 55.89 -45.01 -62.93
C ARG H 504 56.42 -44.64 -61.56
N PHE H 505 57.72 -44.35 -61.44
CA PHE H 505 58.35 -44.03 -60.18
C PHE H 505 58.30 -42.54 -59.85
N LEU H 506 58.89 -41.71 -60.70
CA LEU H 506 58.87 -40.27 -60.49
C LEU H 506 57.48 -39.77 -60.15
N ASN H 507 56.48 -40.20 -60.90
CA ASN H 507 55.13 -39.78 -60.60
C ASN H 507 54.63 -40.39 -59.30
N ALA H 508 55.01 -41.62 -59.00
CA ALA H 508 54.54 -42.14 -57.73
C ALA H 508 55.25 -41.40 -56.61
N TRP H 509 56.56 -41.27 -56.75
CA TRP H 509 57.43 -40.58 -55.78
C TRP H 509 57.71 -39.11 -56.07
N ARG H 510 56.70 -38.26 -55.97
CA ARG H 510 56.91 -36.85 -56.22
C ARG H 510 56.52 -35.97 -55.03
N GLN H 511 55.59 -36.44 -54.20
CA GLN H 511 55.11 -35.66 -53.08
C GLN H 511 56.00 -35.83 -51.86
N ARG H 512 56.25 -37.07 -51.48
CA ARG H 512 57.08 -37.40 -50.34
C ARG H 512 58.52 -37.68 -50.74
N LEU H 513 58.85 -37.43 -52.00
CA LEU H 513 60.24 -37.43 -52.45
C LEU H 513 60.81 -36.03 -52.49
N ALA H 514 60.23 -35.16 -53.33
CA ALA H 514 60.78 -33.82 -53.52
C ALA H 514 60.68 -32.98 -52.25
N HIS H 515 59.59 -33.11 -51.51
CA HIS H 515 59.36 -32.30 -50.32
C HIS H 515 60.48 -32.48 -49.30
N GLY H 516 60.58 -33.66 -48.71
CA GLY H 516 61.55 -33.89 -47.66
C GLY H 516 62.98 -33.92 -48.15
N ARG H 517 63.88 -34.26 -47.23
CA ARG H 517 65.31 -34.32 -47.49
C ARG H 517 65.79 -35.75 -47.27
N VAL H 518 66.48 -36.30 -48.27
CA VAL H 518 66.90 -37.70 -48.22
C VAL H 518 67.83 -37.90 -47.04
N ARG H 519 67.73 -38.97 -46.30
CA ARG H 519 68.67 -39.12 -45.17
C ARG H 519 70.18 -39.13 -45.49
N TRP H 520 70.60 -39.73 -46.59
CA TRP H 520 72.04 -39.82 -46.90
C TRP H 520 72.70 -38.61 -47.57
N VAL H 521 72.79 -37.52 -46.80
CA VAL H 521 73.43 -36.27 -47.22
C VAL H 521 74.75 -36.08 -46.47
N ALA H 522 75.03 -37.00 -45.55
CA ALA H 522 76.28 -37.08 -44.81
C ALA H 522 77.50 -37.05 -45.70
N GLU H 523 77.31 -37.10 -47.02
CA GLU H 523 78.43 -37.02 -47.94
C GLU H 523 79.10 -35.65 -47.89
N CYS H 524 78.34 -34.58 -47.68
CA CYS H 524 78.91 -33.24 -47.60
C CYS H 524 79.65 -33.00 -46.29
N GLN H 525 79.36 -33.80 -45.26
CA GLN H 525 79.95 -33.55 -43.94
C GLN H 525 81.39 -34.00 -43.88
N MET H 526 82.22 -33.21 -43.23
CA MET H 526 83.53 -33.65 -42.79
C MET H 526 83.35 -34.44 -41.50
N THR H 527 84.44 -34.82 -40.88
CA THR H 527 84.30 -35.26 -39.51
C THR H 527 84.35 -34.03 -38.62
N ALA H 528 84.06 -34.21 -37.34
CA ALA H 528 83.89 -33.11 -36.40
C ALA H 528 82.74 -32.23 -36.86
N GLU H 529 82.20 -32.50 -38.04
CA GLU H 529 80.87 -32.04 -38.40
C GLU H 529 79.89 -33.17 -38.10
N GLN H 530 80.31 -34.42 -38.32
CA GLN H 530 79.41 -35.50 -37.97
C GLN H 530 79.32 -35.70 -36.46
N PHE H 531 80.40 -35.39 -35.75
CA PHE H 531 80.47 -35.63 -34.32
C PHE H 531 79.92 -34.49 -33.48
N MET H 532 79.41 -33.44 -34.09
CA MET H 532 78.96 -32.30 -33.30
C MET H 532 77.46 -32.44 -33.05
N GLN H 533 76.98 -31.92 -31.95
CA GLN H 533 75.63 -32.23 -31.63
C GLN H 533 74.71 -31.85 -32.74
N PRO H 534 75.01 -30.75 -33.41
CA PRO H 534 74.26 -30.08 -34.46
C PRO H 534 74.25 -30.58 -35.88
N ASP H 535 73.05 -30.74 -36.41
CA ASP H 535 72.75 -31.03 -37.82
C ASP H 535 73.27 -32.33 -38.42
N ASN H 536 73.57 -33.26 -37.54
CA ASN H 536 74.02 -34.57 -37.85
C ASN H 536 72.95 -35.14 -37.02
N ALA H 537 71.90 -34.38 -36.81
CA ALA H 537 71.00 -34.93 -35.82
C ALA H 537 70.77 -36.42 -36.00
N ASN H 538 71.24 -36.98 -37.11
CA ASN H 538 71.22 -38.41 -37.35
C ASN H 538 72.41 -39.11 -36.74
N LEU H 539 73.27 -38.38 -36.03
CA LEU H 539 74.37 -39.01 -35.30
C LEU H 539 73.87 -40.13 -34.41
N ALA H 540 72.76 -39.90 -33.72
CA ALA H 540 72.29 -40.89 -32.77
C ALA H 540 72.01 -42.23 -33.40
N LEU H 541 71.92 -42.29 -34.73
CA LEU H 541 71.72 -43.53 -35.46
C LEU H 541 73.00 -44.10 -36.07
N GLU H 542 74.15 -43.52 -35.80
CA GLU H 542 75.42 -44.13 -36.17
C GLU H 542 75.99 -44.83 -34.95
N LEU H 543 75.86 -46.16 -34.93
CA LEU H 543 76.16 -46.96 -33.75
C LEU H 543 77.21 -48.02 -34.05
N HIS H 544 76.96 -48.89 -34.96
CA HIS H 544 77.80 -50.02 -35.14
C HIS H 544 78.56 -49.90 -36.44
N PRO H 545 79.76 -50.49 -36.53
CA PRO H 545 80.50 -50.44 -37.80
C PRO H 545 79.78 -51.10 -38.95
N ALA H 546 79.24 -52.29 -38.73
CA ALA H 546 78.81 -53.18 -39.79
C ALA H 546 77.32 -53.06 -40.12
N PHE H 547 76.58 -52.21 -39.43
CA PHE H 547 75.16 -52.08 -39.70
C PHE H 547 74.81 -50.62 -39.95
N ASP H 548 73.70 -50.42 -40.66
CA ASP H 548 73.07 -49.13 -40.86
C ASP H 548 71.77 -49.09 -40.10
N PHE H 549 71.56 -48.05 -39.32
CA PHE H 549 70.30 -47.86 -38.63
C PHE H 549 69.58 -46.68 -39.26
N PHE H 550 68.41 -46.93 -39.81
CA PHE H 550 67.66 -45.90 -40.51
C PHE H 550 66.19 -46.07 -40.19
N ALA H 551 65.43 -45.05 -40.51
CA ALA H 551 64.00 -45.04 -40.22
C ALA H 551 63.23 -45.39 -41.47
N GLY H 552 62.61 -46.56 -41.48
CA GLY H 552 61.66 -46.88 -42.51
C GLY H 552 60.25 -46.89 -41.98
N VAL H 553 59.30 -47.37 -42.77
CA VAL H 553 57.96 -47.59 -42.27
C VAL H 553 57.94 -48.83 -41.41
N ALA H 554 56.91 -48.95 -40.58
CA ALA H 554 56.92 -49.98 -39.55
C ALA H 554 56.51 -51.35 -40.10
N ASP H 555 55.22 -51.51 -40.40
CA ASP H 555 54.68 -52.84 -40.59
C ASP H 555 54.93 -53.43 -41.96
N VAL H 556 55.41 -52.63 -42.92
CA VAL H 556 55.39 -53.03 -44.32
C VAL H 556 56.45 -54.08 -44.57
N GLU H 557 56.03 -55.25 -45.05
CA GLU H 557 56.97 -56.17 -45.68
C GLU H 557 57.53 -55.49 -46.93
N LEU H 558 58.85 -55.41 -47.01
CA LEU H 558 59.46 -54.51 -48.00
C LEU H 558 59.08 -54.84 -49.43
N PRO H 559 59.42 -56.01 -49.97
CA PRO H 559 59.17 -56.21 -51.38
C PRO H 559 57.67 -56.24 -51.63
N GLY H 560 57.06 -55.05 -51.64
CA GLY H 560 55.65 -54.94 -51.95
C GLY H 560 55.25 -53.49 -52.12
N GLY H 561 54.17 -53.30 -52.86
CA GLY H 561 53.58 -52.00 -53.03
C GLY H 561 54.38 -51.12 -53.98
N GLU H 562 53.70 -50.09 -54.48
CA GLU H 562 54.40 -49.03 -55.19
C GLU H 562 55.05 -48.04 -54.23
N VAL H 563 54.31 -47.64 -53.19
CA VAL H 563 54.74 -46.62 -52.24
C VAL H 563 54.26 -47.08 -50.87
N PRO H 564 55.01 -46.88 -49.79
CA PRO H 564 54.59 -47.42 -48.50
C PRO H 564 53.37 -46.70 -47.96
N PRO H 565 52.39 -47.44 -47.48
CA PRO H 565 51.24 -46.82 -46.84
C PRO H 565 51.66 -46.23 -45.51
N ALA H 566 52.31 -45.07 -45.56
CA ALA H 566 53.10 -44.60 -44.43
C ALA H 566 52.27 -44.55 -43.17
N GLY H 567 52.67 -45.32 -42.19
CA GLY H 567 52.10 -45.31 -40.87
C GLY H 567 53.07 -44.65 -39.92
N PRO H 568 53.06 -45.07 -38.67
CA PRO H 568 54.12 -44.67 -37.76
C PRO H 568 55.46 -45.15 -38.30
N GLY H 569 56.42 -44.23 -38.38
CA GLY H 569 57.75 -44.62 -38.77
C GLY H 569 58.41 -45.48 -37.72
N ALA H 570 59.09 -46.52 -38.18
CA ALA H 570 59.87 -47.37 -37.31
C ALA H 570 61.34 -47.21 -37.65
N ILE H 571 62.17 -47.94 -36.93
CA ILE H 571 63.61 -47.76 -36.99
C ILE H 571 64.25 -49.14 -37.02
N GLN H 572 65.19 -49.33 -37.94
CA GLN H 572 65.61 -50.68 -38.25
C GLN H 572 67.03 -50.67 -38.78
N ALA H 573 67.63 -51.85 -38.75
CA ALA H 573 69.02 -52.04 -39.13
C ALA H 573 69.11 -52.87 -40.39
N THR H 574 70.18 -52.64 -41.15
CA THR H 574 70.50 -53.47 -42.30
C THR H 574 72.02 -53.57 -42.37
N TRP H 575 72.52 -54.76 -42.66
CA TRP H 575 73.93 -55.04 -42.50
C TRP H 575 74.73 -54.38 -43.62
N ARG H 576 75.66 -53.51 -43.27
CA ARG H 576 76.55 -52.94 -44.26
C ARG H 576 77.33 -54.06 -44.90
N VAL H 577 77.32 -54.13 -46.22
CA VAL H 577 77.88 -55.34 -46.79
C VAL H 577 79.39 -55.21 -46.83
N VAL H 578 79.89 -54.41 -47.74
CA VAL H 578 81.31 -54.17 -47.85
C VAL H 578 81.73 -53.08 -46.89
N ASN H 579 83.02 -53.02 -46.59
CA ASN H 579 83.51 -51.93 -45.75
C ASN H 579 83.52 -50.60 -46.49
N GLY H 580 83.34 -50.60 -47.80
CA GLY H 580 83.22 -49.34 -48.50
C GLY H 580 82.00 -48.55 -48.11
N ASN H 581 81.02 -49.21 -47.49
CA ASN H 581 79.75 -48.59 -47.18
C ASN H 581 79.80 -47.71 -45.96
N LEU H 582 80.86 -47.79 -45.15
CA LEU H 582 80.95 -46.95 -43.95
C LEU H 582 81.00 -45.52 -44.43
N PRO H 583 80.45 -44.56 -43.69
CA PRO H 583 80.34 -43.22 -44.28
C PRO H 583 81.68 -42.57 -44.52
N LEU H 584 81.75 -41.76 -45.58
CA LEU H 584 82.99 -41.10 -45.92
C LEU H 584 83.48 -40.20 -44.81
N ALA H 585 82.58 -39.70 -43.97
CA ALA H 585 83.03 -38.89 -42.85
C ALA H 585 83.83 -39.72 -41.86
N LEU H 586 83.47 -40.99 -41.68
CA LEU H 586 84.22 -41.89 -40.81
C LEU H 586 85.31 -42.66 -41.53
N CYS H 587 85.35 -42.64 -42.85
CA CYS H 587 86.47 -43.19 -43.62
C CYS H 587 86.74 -42.30 -44.81
N PRO H 588 87.51 -41.23 -44.61
CA PRO H 588 87.64 -40.21 -45.64
C PRO H 588 88.08 -40.76 -46.97
N VAL H 589 87.62 -40.13 -48.05
CA VAL H 589 88.17 -40.41 -49.38
C VAL H 589 89.67 -40.35 -49.35
N ALA H 590 90.21 -39.38 -48.62
CA ALA H 590 91.64 -39.15 -48.59
C ALA H 590 92.39 -40.23 -47.82
N PHE H 591 91.71 -40.90 -46.89
CA PHE H 591 92.21 -42.16 -46.36
C PHE H 591 91.98 -43.29 -47.34
N ARG H 592 90.75 -43.37 -47.81
CA ARG H 592 90.30 -44.51 -48.58
C ARG H 592 91.10 -44.66 -49.86
N ASP H 593 91.62 -43.56 -50.38
CA ASP H 593 92.51 -43.58 -51.53
C ASP H 593 93.96 -43.77 -51.16
N ALA H 594 94.33 -43.60 -49.90
CA ALA H 594 95.71 -43.82 -49.52
C ALA H 594 96.07 -45.29 -49.43
N ARG H 595 95.08 -46.15 -49.19
CA ARG H 595 95.31 -47.58 -49.19
C ARG H 595 94.96 -48.23 -50.52
N GLY H 596 94.55 -47.45 -51.52
CA GLY H 596 94.62 -47.93 -52.87
C GLY H 596 96.04 -47.85 -53.39
N LEU H 597 96.74 -46.76 -53.09
CA LEU H 597 98.15 -46.67 -53.41
C LEU H 597 98.93 -47.76 -52.70
N GLU H 598 98.48 -48.19 -51.54
CA GLU H 598 99.15 -49.26 -50.82
C GLU H 598 99.05 -50.56 -51.58
N LEU H 599 97.84 -50.95 -51.95
CA LEU H 599 97.63 -52.16 -52.72
C LEU H 599 98.14 -52.03 -54.13
N GLY H 600 98.18 -50.82 -54.67
CA GLY H 600 98.54 -50.64 -56.06
C GLY H 600 99.98 -50.91 -56.38
N VAL H 601 100.88 -50.78 -55.41
CA VAL H 601 102.30 -50.89 -55.67
C VAL H 601 102.67 -52.36 -55.82
N GLY H 602 103.40 -52.67 -56.89
CA GLY H 602 103.77 -54.01 -57.23
C GLY H 602 102.85 -54.69 -58.23
N ARG H 603 101.70 -54.11 -58.52
CA ARG H 603 100.66 -54.77 -59.30
C ARG H 603 100.44 -54.01 -60.61
N HIS H 604 99.46 -54.49 -61.38
CA HIS H 604 99.26 -53.98 -62.73
C HIS H 604 98.84 -52.52 -62.73
N ALA H 605 99.26 -51.80 -63.76
CA ALA H 605 98.93 -50.40 -63.92
C ALA H 605 98.54 -50.15 -65.37
N MET H 606 97.31 -49.69 -65.60
CA MET H 606 96.90 -49.28 -66.92
C MET H 606 97.75 -48.11 -67.40
N ALA H 607 98.27 -48.22 -68.61
CA ALA H 607 99.14 -47.19 -69.16
C ALA H 607 98.39 -45.87 -69.25
N PRO H 608 99.12 -44.75 -69.30
CA PRO H 608 98.45 -43.47 -69.53
C PRO H 608 97.77 -43.39 -70.88
N ALA H 609 98.17 -44.22 -71.82
CA ALA H 609 97.50 -44.29 -73.11
C ALA H 609 96.14 -44.97 -72.98
N THR H 610 96.12 -46.18 -72.40
CA THR H 610 94.86 -46.89 -72.30
C THR H 610 93.85 -46.15 -71.45
N ILE H 611 94.31 -45.26 -70.59
CA ILE H 611 93.38 -44.49 -69.79
C ILE H 611 92.85 -43.31 -70.58
N ALA H 612 93.67 -42.72 -71.44
CA ALA H 612 93.20 -41.63 -72.27
C ALA H 612 92.16 -42.10 -73.28
N ALA H 613 92.30 -43.33 -73.77
CA ALA H 613 91.34 -43.85 -74.74
C ALA H 613 90.06 -44.31 -74.08
N VAL H 614 90.16 -45.01 -72.96
CA VAL H 614 88.96 -45.49 -72.29
C VAL H 614 88.19 -44.32 -71.69
N ARG H 615 88.89 -43.38 -71.09
CA ARG H 615 88.21 -42.22 -70.53
C ARG H 615 87.60 -41.37 -71.61
N GLY H 616 88.23 -41.30 -72.78
CA GLY H 616 87.67 -40.50 -73.86
C GLY H 616 86.34 -41.01 -74.33
N ALA H 617 86.14 -42.32 -74.25
CA ALA H 617 84.86 -42.91 -74.67
C ALA H 617 83.74 -42.50 -73.73
N PHE H 618 83.95 -42.62 -72.42
CA PHE H 618 82.91 -42.23 -71.47
C PHE H 618 82.65 -40.73 -71.49
N GLU H 619 83.66 -39.94 -71.84
CA GLU H 619 83.53 -38.49 -71.87
C GLU H 619 83.04 -37.98 -73.22
N ASP H 620 82.71 -38.87 -74.14
CA ASP H 620 82.46 -38.53 -75.52
C ASP H 620 80.97 -38.25 -75.73
N ARG H 621 80.66 -37.03 -76.15
CA ARG H 621 79.30 -36.71 -76.56
C ARG H 621 78.96 -37.30 -77.90
N SER H 622 79.93 -37.34 -78.82
CA SER H 622 79.72 -37.69 -80.21
C SER H 622 79.83 -39.18 -80.48
N TYR H 623 79.93 -39.96 -79.44
CA TYR H 623 80.01 -41.41 -79.57
C TYR H 623 78.86 -41.90 -80.45
N PRO H 624 79.14 -42.59 -81.55
CA PRO H 624 78.09 -42.88 -82.53
C PRO H 624 77.07 -43.87 -82.00
N ALA H 625 75.81 -43.62 -82.33
CA ALA H 625 74.73 -44.44 -81.81
C ALA H 625 74.76 -45.85 -82.37
N VAL H 626 75.42 -46.08 -83.51
CA VAL H 626 75.46 -47.42 -84.09
C VAL H 626 76.03 -48.41 -83.08
N PHE H 627 76.98 -47.96 -82.25
CA PHE H 627 77.65 -48.87 -81.35
C PHE H 627 76.70 -49.36 -80.26
N TYR H 628 75.76 -48.52 -79.84
CA TYR H 628 74.73 -49.01 -78.93
C TYR H 628 73.85 -50.03 -79.62
N LEU H 629 73.53 -49.79 -80.89
CA LEU H 629 72.67 -50.71 -81.62
C LEU H 629 73.38 -52.03 -81.86
N LEU H 630 74.58 -51.99 -82.43
CA LEU H 630 75.35 -53.20 -82.66
C LEU H 630 75.52 -54.00 -81.38
N GLN H 631 75.92 -53.34 -80.30
CA GLN H 631 75.97 -53.98 -79.00
C GLN H 631 74.66 -54.65 -78.67
N ALA H 632 73.54 -53.96 -78.92
CA ALA H 632 72.24 -54.56 -78.69
C ALA H 632 71.91 -55.58 -79.78
N ALA H 633 72.43 -55.39 -80.99
CA ALA H 633 72.22 -56.36 -82.05
C ALA H 633 73.00 -57.64 -81.76
N ILE H 634 74.28 -57.52 -81.42
CA ILE H 634 75.05 -58.67 -80.94
C ILE H 634 74.35 -59.31 -79.76
N HIS H 635 73.62 -58.51 -78.98
CA HIS H 635 72.94 -58.96 -77.77
C HIS H 635 73.84 -59.87 -76.95
N GLY H 636 75.08 -59.44 -76.81
CA GLY H 636 76.00 -60.08 -75.88
C GLY H 636 76.17 -61.56 -76.12
N SER H 637 76.12 -61.99 -77.37
CA SER H 637 76.26 -63.39 -77.72
C SER H 637 77.56 -63.57 -78.50
N GLU H 638 78.22 -64.69 -78.24
CA GLU H 638 79.46 -64.99 -78.95
C GLU H 638 79.19 -65.41 -80.37
N HIS H 639 78.06 -66.07 -80.62
CA HIS H 639 77.75 -66.49 -81.98
C HIS H 639 77.63 -65.28 -82.89
N VAL H 640 76.85 -64.28 -82.47
CA VAL H 640 76.59 -63.13 -83.31
C VAL H 640 77.84 -62.28 -83.46
N PHE H 641 78.72 -62.28 -82.45
CA PHE H 641 79.93 -61.47 -82.53
C PHE H 641 80.80 -61.93 -83.67
N CYS H 642 81.20 -63.21 -83.65
CA CYS H 642 82.01 -63.72 -84.74
C CYS H 642 81.28 -63.68 -86.07
N ALA H 643 79.95 -63.67 -86.03
CA ALA H 643 79.16 -63.44 -87.24
C ALA H 643 79.45 -62.06 -87.82
N LEU H 644 79.36 -61.02 -86.99
CA LEU H 644 79.54 -59.64 -87.40
C LEU H 644 80.98 -59.18 -87.29
N ALA H 645 81.91 -60.08 -86.98
CA ALA H 645 83.25 -59.69 -86.52
C ALA H 645 83.91 -58.66 -87.43
N ARG H 646 83.72 -58.76 -88.75
CA ARG H 646 84.39 -57.81 -89.63
C ARG H 646 83.66 -56.48 -89.66
N LEU H 647 82.33 -56.51 -89.54
CA LEU H 647 81.58 -55.27 -89.36
C LEU H 647 82.10 -54.50 -88.17
N VAL H 648 82.54 -55.23 -87.13
CA VAL H 648 82.96 -54.59 -85.89
C VAL H 648 84.28 -53.84 -86.09
N THR H 649 85.28 -54.53 -86.61
CA THR H 649 86.60 -53.90 -86.74
C THR H 649 86.58 -52.72 -87.70
N GLN H 650 85.61 -52.66 -88.61
CA GLN H 650 85.46 -51.45 -89.40
C GLN H 650 84.87 -50.35 -88.55
N CYS H 651 83.96 -50.71 -87.65
CA CYS H 651 83.44 -49.73 -86.71
C CYS H 651 84.52 -49.29 -85.74
N ILE H 652 85.24 -50.24 -85.15
CA ILE H 652 86.28 -49.92 -84.18
C ILE H 652 87.31 -48.99 -84.80
N THR H 653 87.88 -49.40 -85.93
CA THR H 653 88.97 -48.64 -86.52
C THR H 653 88.53 -47.25 -86.95
N SER H 654 87.39 -47.18 -87.64
CA SER H 654 86.89 -45.88 -88.09
C SER H 654 86.73 -44.94 -86.91
N TYR H 655 86.16 -45.44 -85.81
CA TYR H 655 86.07 -44.63 -84.61
C TYR H 655 87.46 -44.30 -84.07
N TRP H 656 88.37 -45.26 -84.12
CA TRP H 656 89.73 -45.01 -83.68
C TRP H 656 90.41 -43.94 -84.52
N ASN H 657 90.18 -43.97 -85.83
CA ASN H 657 90.80 -42.98 -86.69
C ASN H 657 90.17 -41.60 -86.51
N ASN H 658 88.85 -41.54 -86.40
CA ASN H 658 88.20 -40.26 -86.17
C ASN H 658 88.64 -39.66 -84.84
N THR H 659 88.38 -40.37 -83.75
CA THR H 659 88.60 -39.88 -82.40
C THR H 659 89.34 -40.96 -81.66
N ARG H 660 90.53 -40.66 -81.12
CA ARG H 660 91.28 -41.75 -80.52
C ARG H 660 90.61 -42.11 -79.21
N CYS H 661 89.93 -43.26 -79.22
CA CYS H 661 89.25 -43.79 -78.05
C CYS H 661 88.97 -45.24 -78.35
N ALA H 662 88.76 -46.02 -77.30
CA ALA H 662 88.27 -47.37 -77.49
C ALA H 662 86.77 -47.33 -77.71
N ALA H 663 86.27 -48.28 -78.50
CA ALA H 663 84.89 -48.18 -78.97
C ALA H 663 83.90 -48.73 -77.96
N PHE H 664 83.87 -50.05 -77.81
CA PHE H 664 82.77 -50.78 -77.20
C PHE H 664 82.92 -50.96 -75.71
N VAL H 665 83.83 -50.22 -75.08
CA VAL H 665 84.16 -50.37 -73.67
C VAL H 665 82.94 -50.39 -72.76
N ASN H 666 81.81 -49.83 -73.21
CA ASN H 666 80.64 -49.89 -72.34
C ASN H 666 80.14 -51.31 -72.14
N ASP H 667 80.60 -52.27 -72.95
CA ASP H 667 80.27 -53.67 -72.77
C ASP H 667 81.55 -54.43 -72.46
N TYR H 668 81.53 -55.23 -71.40
CA TYR H 668 82.73 -55.98 -71.09
C TYR H 668 82.87 -57.21 -71.95
N SER H 669 81.76 -57.92 -72.16
CA SER H 669 81.80 -59.10 -73.02
C SER H 669 82.46 -58.76 -74.33
N LEU H 670 81.93 -57.77 -75.03
CA LEU H 670 82.54 -57.34 -76.29
C LEU H 670 84.04 -57.13 -76.13
N VAL H 671 84.44 -56.39 -75.11
CA VAL H 671 85.87 -56.15 -74.90
C VAL H 671 86.62 -57.45 -74.64
N SER H 672 85.97 -58.43 -74.01
CA SER H 672 86.62 -59.72 -73.84
C SER H 672 86.64 -60.50 -75.14
N TYR H 673 85.68 -60.25 -76.04
CA TYR H 673 85.75 -60.83 -77.38
C TYR H 673 86.68 -60.05 -78.28
N ILE H 674 86.65 -58.72 -78.20
CA ILE H 674 87.53 -57.90 -79.03
C ILE H 674 88.97 -58.33 -78.88
N VAL H 675 89.35 -58.77 -77.67
CA VAL H 675 90.71 -59.23 -77.47
C VAL H 675 90.88 -60.65 -77.97
N THR H 676 89.91 -61.51 -77.68
CA THR H 676 90.02 -62.91 -78.05
C THR H 676 90.06 -63.09 -79.57
N TYR H 677 88.99 -62.71 -80.24
CA TYR H 677 88.86 -62.96 -81.67
C TYR H 677 89.50 -61.88 -82.54
N LEU H 678 89.33 -60.62 -82.20
CA LEU H 678 89.72 -59.56 -83.12
C LEU H 678 91.19 -59.22 -83.06
N GLY H 679 91.98 -59.95 -82.28
CA GLY H 679 93.39 -59.64 -82.14
C GLY H 679 94.14 -59.55 -83.44
N GLY H 680 93.61 -60.13 -84.50
CA GLY H 680 94.26 -60.04 -85.80
C GLY H 680 94.29 -58.66 -86.40
N ASP H 681 93.13 -58.05 -86.65
CA ASP H 681 93.07 -56.85 -87.48
C ASP H 681 92.63 -55.64 -86.67
N LEU H 682 93.60 -54.85 -86.26
CA LEU H 682 93.46 -53.69 -85.40
C LEU H 682 94.85 -53.09 -85.25
N PRO H 683 95.01 -51.78 -85.36
CA PRO H 683 96.31 -51.19 -85.07
C PRO H 683 96.68 -51.39 -83.62
N GLU H 684 97.93 -51.76 -83.37
CA GLU H 684 98.32 -52.18 -82.04
C GLU H 684 98.10 -51.07 -81.02
N GLU H 685 98.10 -49.81 -81.45
CA GLU H 685 97.84 -48.74 -80.49
C GLU H 685 96.47 -48.93 -79.85
N CYS H 686 95.45 -49.27 -80.63
CA CYS H 686 94.15 -49.46 -80.02
C CYS H 686 93.90 -50.90 -79.59
N MET H 687 94.72 -51.85 -80.03
CA MET H 687 94.57 -53.19 -79.49
C MET H 687 95.01 -53.24 -78.05
N ALA H 688 96.11 -52.54 -77.73
CA ALA H 688 96.59 -52.49 -76.36
C ALA H 688 95.51 -52.00 -75.39
N VAL H 689 94.81 -50.93 -75.77
CA VAL H 689 93.77 -50.36 -74.91
C VAL H 689 92.79 -51.45 -74.48
N TYR H 690 92.45 -52.36 -75.39
CA TYR H 690 91.61 -53.47 -75.01
C TYR H 690 92.40 -54.55 -74.30
N ARG H 691 93.63 -54.78 -74.74
CA ARG H 691 94.46 -55.81 -74.12
C ARG H 691 94.81 -55.43 -72.70
N ASP H 692 95.07 -54.15 -72.46
CA ASP H 692 95.41 -53.66 -71.11
C ASP H 692 94.17 -53.52 -70.25
N LEU H 693 93.04 -53.15 -70.85
CA LEU H 693 91.80 -53.06 -70.10
C LEU H 693 91.36 -54.44 -69.61
N VAL H 694 91.61 -55.49 -70.40
CA VAL H 694 91.22 -56.82 -69.97
C VAL H 694 92.25 -57.39 -69.00
N ALA H 695 93.52 -57.08 -69.19
CA ALA H 695 94.55 -57.53 -68.28
C ALA H 695 94.42 -56.90 -66.90
N HIS H 696 93.76 -55.75 -66.80
CA HIS H 696 93.63 -55.08 -65.51
C HIS H 696 92.50 -55.66 -64.69
N VAL H 697 91.44 -56.15 -65.33
CA VAL H 697 90.34 -56.77 -64.59
C VAL H 697 90.84 -58.00 -63.85
N GLU H 698 91.82 -58.70 -64.42
CA GLU H 698 92.32 -59.91 -63.79
C GLU H 698 93.31 -59.59 -62.68
N ALA H 699 94.12 -58.54 -62.87
CA ALA H 699 95.01 -58.12 -61.81
C ALA H 699 94.24 -57.81 -60.53
N LEU H 700 93.07 -57.21 -60.66
CA LEU H 700 92.22 -56.99 -59.51
C LEU H 700 91.61 -58.29 -59.02
N ALA H 701 91.27 -59.17 -59.95
CA ALA H 701 90.58 -60.40 -59.57
C ALA H 701 91.44 -61.26 -58.65
N GLN H 702 92.75 -61.25 -58.84
CA GLN H 702 93.62 -62.04 -57.99
C GLN H 702 93.98 -61.34 -56.69
N LEU H 703 93.83 -60.01 -56.63
CA LEU H 703 94.09 -59.30 -55.39
C LEU H 703 93.27 -59.87 -54.24
N VAL H 704 92.10 -60.42 -54.54
CA VAL H 704 91.30 -61.09 -53.54
C VAL H 704 92.02 -62.30 -53.00
N ASP H 705 92.75 -63.01 -53.85
CA ASP H 705 93.38 -64.25 -53.43
C ASP H 705 94.61 -64.02 -52.57
N ASP H 706 95.20 -62.83 -52.62
CA ASP H 706 96.31 -62.53 -51.72
C ASP H 706 95.82 -62.40 -50.29
N PHE H 707 94.69 -61.74 -50.11
CA PHE H 707 94.17 -61.41 -48.79
C PHE H 707 93.20 -62.45 -48.26
N THR H 708 93.04 -63.56 -48.95
CA THR H 708 92.23 -64.66 -48.46
C THR H 708 93.15 -65.77 -47.97
N LEU H 709 92.91 -66.23 -46.76
CA LEU H 709 93.56 -67.42 -46.25
C LEU H 709 92.82 -68.66 -46.71
N PRO H 710 93.45 -69.83 -46.66
CA PRO H 710 92.75 -71.05 -47.04
C PRO H 710 91.72 -71.47 -46.02
N GLY H 711 90.84 -72.37 -46.46
CA GLY H 711 89.80 -72.88 -45.60
C GLY H 711 88.74 -73.62 -46.40
N PRO H 712 87.84 -74.28 -45.70
CA PRO H 712 86.80 -75.04 -46.40
C PRO H 712 85.76 -74.15 -47.04
N GLU H 713 84.68 -74.76 -47.52
CA GLU H 713 83.51 -74.01 -47.95
C GLU H 713 82.53 -73.91 -46.80
N LEU H 714 81.90 -72.74 -46.68
CA LEU H 714 80.96 -72.47 -45.60
C LEU H 714 79.62 -72.14 -46.22
N GLY H 715 78.59 -72.90 -45.85
CA GLY H 715 77.30 -72.73 -46.49
C GLY H 715 77.34 -72.92 -47.99
N GLY H 716 78.33 -73.67 -48.49
CA GLY H 716 78.51 -73.89 -49.90
C GLY H 716 79.38 -72.87 -50.59
N GLN H 717 79.52 -71.67 -50.03
CA GLN H 717 80.36 -70.67 -50.63
C GLN H 717 81.83 -70.91 -50.30
N ALA H 718 82.70 -70.43 -51.16
CA ALA H 718 84.14 -70.57 -50.96
C ALA H 718 84.60 -69.55 -49.91
N GLN H 719 85.91 -69.47 -49.69
CA GLN H 719 86.43 -68.49 -48.75
C GLN H 719 86.51 -67.10 -49.35
N ALA H 720 86.96 -66.99 -50.60
CA ALA H 720 87.04 -65.68 -51.23
C ALA H 720 85.66 -65.08 -51.43
N GLU H 721 84.62 -65.89 -51.49
CA GLU H 721 83.27 -65.36 -51.56
C GLU H 721 82.78 -64.89 -50.20
N LEU H 722 83.25 -65.50 -49.12
CA LEU H 722 82.94 -64.99 -47.79
C LEU H 722 83.79 -63.79 -47.42
N ASN H 723 84.80 -63.48 -48.23
CA ASN H 723 85.73 -62.40 -47.95
C ASN H 723 85.40 -61.15 -48.76
N HIS H 724 85.39 -61.28 -50.07
CA HIS H 724 85.27 -60.15 -50.98
C HIS H 724 83.92 -60.18 -51.68
N LEU H 725 83.43 -59.01 -52.10
CA LEU H 725 82.11 -58.95 -52.72
C LEU H 725 82.15 -59.40 -54.18
N MET H 726 83.18 -59.03 -54.92
CA MET H 726 83.28 -59.43 -56.31
C MET H 726 83.40 -60.93 -56.48
N ARG H 727 83.87 -61.64 -55.47
CA ARG H 727 83.71 -63.08 -55.45
C ARG H 727 82.35 -63.50 -54.98
N ASP H 728 81.71 -62.83 -54.04
CA ASP H 728 80.43 -63.36 -53.64
C ASP H 728 79.57 -63.53 -54.88
N PRO H 729 78.95 -64.76 -55.02
CA PRO H 729 78.13 -64.89 -56.22
C PRO H 729 76.68 -64.47 -56.01
N ALA H 730 76.32 -64.12 -54.78
CA ALA H 730 74.96 -63.70 -54.49
C ALA H 730 74.65 -62.44 -55.26
N LEU H 731 75.62 -61.54 -55.37
CA LEU H 731 75.45 -60.30 -56.11
C LEU H 731 75.84 -60.56 -57.55
N LEU H 732 75.02 -60.12 -58.48
CA LEU H 732 75.33 -60.32 -59.89
C LEU H 732 75.38 -58.96 -60.60
N PRO H 733 76.17 -58.83 -61.66
CA PRO H 733 76.45 -57.51 -62.22
C PRO H 733 75.18 -56.83 -62.72
N PRO H 734 75.22 -55.50 -62.92
CA PRO H 734 73.97 -54.80 -63.28
C PRO H 734 73.41 -55.22 -64.62
N LEU H 735 74.25 -55.72 -65.52
CA LEU H 735 73.85 -56.05 -66.87
C LEU H 735 74.28 -57.48 -67.14
N VAL H 736 73.31 -58.37 -67.35
CA VAL H 736 73.59 -59.80 -67.51
C VAL H 736 72.94 -60.28 -68.80
N TRP H 737 73.75 -60.59 -69.81
CA TRP H 737 73.21 -60.97 -71.11
C TRP H 737 72.59 -62.36 -71.13
N ASP H 738 72.73 -63.15 -70.07
CA ASP H 738 72.27 -64.54 -70.08
C ASP H 738 71.61 -64.84 -68.74
N CYS H 739 71.28 -66.11 -68.54
CA CYS H 739 70.78 -66.54 -67.24
C CYS H 739 71.85 -67.20 -66.38
N ASP H 740 73.08 -67.35 -66.89
CA ASP H 740 74.13 -68.04 -66.15
C ASP H 740 74.29 -67.49 -64.74
N GLY H 741 74.24 -66.16 -64.59
CA GLY H 741 74.31 -65.57 -63.28
C GLY H 741 73.22 -66.08 -62.37
N LEU H 742 71.95 -65.93 -62.77
CA LEU H 742 70.86 -66.35 -61.90
C LEU H 742 70.90 -67.85 -61.67
N MET H 743 71.51 -68.62 -62.57
CA MET H 743 71.62 -70.06 -62.40
C MET H 743 72.22 -70.40 -61.04
N ARG H 744 73.38 -69.85 -60.75
CA ARG H 744 74.06 -70.17 -59.50
C ARG H 744 73.36 -69.53 -58.32
N HIS H 745 72.92 -68.29 -58.46
CA HIS H 745 72.35 -67.62 -57.32
C HIS H 745 70.96 -68.12 -56.99
N ALA H 746 70.20 -68.59 -57.99
CA ALA H 746 68.93 -69.22 -57.69
C ALA H 746 69.10 -70.30 -56.65
N ALA H 747 70.16 -71.10 -56.74
CA ALA H 747 70.39 -72.18 -55.79
C ALA H 747 71.46 -71.72 -54.81
N LEU H 748 71.01 -71.36 -53.61
CA LEU H 748 71.83 -71.06 -52.45
C LEU H 748 70.93 -71.17 -51.25
N ASP H 749 71.54 -71.37 -50.08
CA ASP H 749 70.76 -71.20 -48.86
C ASP H 749 70.47 -69.72 -48.60
N ARG H 750 71.20 -68.84 -49.27
CA ARG H 750 71.06 -67.39 -49.08
C ARG H 750 69.95 -66.80 -49.95
N HIS H 751 69.86 -67.28 -51.17
CA HIS H 751 68.94 -66.75 -52.15
C HIS H 751 67.60 -66.81 -51.53
N ARG H 752 66.85 -65.75 -51.74
CA ARG H 752 65.49 -65.72 -51.26
C ARG H 752 64.54 -65.96 -52.37
N ASP H 753 64.23 -64.94 -53.13
CA ASP H 753 63.38 -65.20 -54.27
C ASP H 753 63.65 -64.03 -55.16
N CYS H 754 64.05 -64.32 -56.39
CA CYS H 754 64.26 -63.28 -57.37
C CYS H 754 62.86 -62.84 -57.64
N ARG H 755 62.61 -61.55 -57.61
CA ARG H 755 61.28 -61.14 -57.92
C ARG H 755 61.38 -60.51 -59.24
N ILE H 756 60.97 -61.21 -60.30
CA ILE H 756 61.05 -60.60 -61.62
C ILE H 756 59.66 -60.25 -62.11
N ASP H 757 59.50 -58.98 -62.48
CA ASP H 757 58.22 -58.47 -62.93
C ASP H 757 58.03 -58.75 -64.39
N ALA H 758 57.05 -59.61 -64.62
CA ALA H 758 56.66 -60.11 -65.90
C ALA H 758 55.46 -60.93 -65.46
N GLY H 759 54.86 -61.67 -66.37
CA GLY H 759 53.69 -62.45 -65.99
C GLY H 759 53.66 -63.10 -64.61
N GLY H 760 54.77 -63.71 -64.19
CA GLY H 760 54.81 -64.38 -62.91
C GLY H 760 56.01 -64.00 -62.08
N HIS H 761 55.81 -63.88 -60.75
CA HIS H 761 56.87 -63.44 -59.86
C HIS H 761 58.08 -64.36 -59.96
N GLU H 762 57.84 -65.67 -59.90
CA GLU H 762 58.91 -66.62 -60.09
C GLU H 762 59.44 -66.54 -61.52
N PRO H 763 60.76 -66.45 -61.69
CA PRO H 763 61.32 -66.44 -63.04
C PRO H 763 61.28 -67.82 -63.69
N VAL H 764 61.80 -67.90 -64.91
CA VAL H 764 61.86 -69.13 -65.70
C VAL H 764 62.62 -68.76 -66.96
N TYR H 765 63.10 -69.76 -67.70
CA TYR H 765 64.14 -69.58 -68.71
C TYR H 765 63.59 -69.81 -70.11
N ALA H 766 64.28 -69.22 -71.09
CA ALA H 766 64.03 -69.50 -72.49
C ALA H 766 65.35 -69.89 -73.13
N ALA H 767 65.36 -71.02 -73.85
CA ALA H 767 66.61 -71.55 -74.38
C ALA H 767 67.19 -70.63 -75.46
N ALA H 768 66.39 -70.28 -76.45
CA ALA H 768 66.83 -69.43 -77.55
C ALA H 768 65.64 -68.58 -78.01
N CYS H 769 65.83 -67.84 -79.09
CA CYS H 769 64.75 -67.05 -79.65
C CYS H 769 64.94 -66.89 -81.14
N ASN H 770 63.83 -66.84 -81.87
CA ASN H 770 63.83 -66.70 -83.32
C ASN H 770 62.61 -65.87 -83.73
N VAL H 771 62.46 -65.65 -85.04
CA VAL H 771 61.35 -64.84 -85.52
C VAL H 771 60.00 -65.46 -85.17
N ALA H 772 59.90 -66.79 -85.16
CA ALA H 772 58.66 -67.44 -84.79
C ALA H 772 58.48 -67.51 -83.28
N THR H 773 59.58 -67.60 -82.53
CA THR H 773 59.48 -67.69 -81.08
C THR H 773 59.22 -66.34 -80.44
N ALA H 774 59.78 -65.27 -81.01
CA ALA H 774 59.78 -63.97 -80.35
C ALA H 774 58.38 -63.42 -80.18
N ASP H 775 58.07 -62.98 -78.96
CA ASP H 775 56.94 -62.11 -78.70
C ASP H 775 57.51 -60.94 -77.91
N PHE H 776 57.54 -59.76 -78.53
CA PHE H 776 58.32 -58.64 -77.98
C PHE H 776 57.66 -58.07 -76.72
N ASN H 777 56.35 -57.86 -76.77
CA ASN H 777 55.61 -57.41 -75.60
C ASN H 777 54.89 -58.62 -75.01
N ARG H 778 55.41 -59.12 -73.89
CA ARG H 778 54.85 -60.27 -73.20
C ARG H 778 55.21 -60.16 -71.74
N ASN H 779 54.39 -60.80 -70.90
CA ASN H 779 54.67 -60.88 -69.49
C ASN H 779 54.48 -62.25 -68.78
N ASP H 780 55.15 -63.33 -69.23
CA ASP H 780 55.05 -64.57 -68.47
C ASP H 780 56.05 -64.67 -67.34
N GLY H 781 56.96 -63.70 -67.20
CA GLY H 781 58.06 -63.84 -66.29
C GLY H 781 59.14 -64.80 -66.77
N ARG H 782 59.59 -64.63 -68.00
CA ARG H 782 60.56 -65.52 -68.62
C ARG H 782 61.77 -64.73 -69.12
N LEU H 783 62.93 -65.40 -69.10
CA LEU H 783 64.19 -64.82 -69.53
C LEU H 783 64.80 -65.66 -70.64
N LEU H 784 65.37 -65.00 -71.64
CA LEU H 784 66.15 -65.70 -72.65
C LEU H 784 67.50 -66.08 -72.09
N HIS H 785 67.90 -67.33 -72.32
CA HIS H 785 69.18 -67.82 -71.86
C HIS H 785 70.27 -67.77 -72.92
N ASN H 786 69.92 -67.30 -74.11
CA ASN H 786 70.82 -67.41 -75.24
C ASN H 786 72.02 -66.55 -75.64
N THR H 787 73.11 -66.65 -74.89
CA THR H 787 74.34 -66.05 -75.38
C THR H 787 75.21 -67.04 -76.14
N GLN H 788 74.80 -68.30 -76.23
CA GLN H 788 75.73 -69.36 -76.59
C GLN H 788 76.31 -69.15 -77.98
N ALA H 789 77.60 -69.45 -78.11
CA ALA H 789 78.28 -69.37 -79.38
C ALA H 789 77.84 -70.49 -80.32
N ARG H 790 77.26 -71.55 -79.77
CA ARG H 790 76.92 -72.75 -80.52
C ARG H 790 75.41 -72.86 -80.62
N ALA H 791 74.89 -72.64 -81.83
CA ALA H 791 73.44 -72.63 -82.02
C ALA H 791 72.83 -74.02 -81.80
N ALA H 792 73.60 -75.09 -82.02
CA ALA H 792 73.06 -76.43 -81.84
C ALA H 792 73.01 -76.83 -80.38
N ASP H 793 74.00 -76.41 -79.59
CA ASP H 793 74.02 -76.70 -78.16
C ASP H 793 73.33 -75.54 -77.47
N ALA H 794 72.12 -75.78 -76.99
CA ALA H 794 71.38 -74.80 -76.22
C ALA H 794 71.38 -75.21 -74.76
N ALA H 795 70.78 -74.37 -73.92
CA ALA H 795 70.72 -74.70 -72.50
C ALA H 795 69.44 -74.15 -71.89
N ASP H 796 68.83 -74.96 -71.03
CA ASP H 796 67.76 -74.54 -70.16
C ASP H 796 68.24 -74.49 -68.71
N ASP H 797 68.69 -75.63 -68.18
CA ASP H 797 69.22 -75.69 -66.82
C ASP H 797 70.70 -75.31 -66.75
N ARG H 798 71.55 -76.06 -67.45
CA ARG H 798 72.99 -75.95 -67.26
C ARG H 798 73.53 -74.62 -67.78
N PRO H 799 74.31 -73.88 -66.99
CA PRO H 799 74.87 -72.61 -67.46
C PRO H 799 76.04 -72.81 -68.41
N HIS H 800 76.20 -71.84 -69.31
CA HIS H 800 77.18 -71.93 -70.39
C HIS H 800 78.61 -71.70 -69.88
N ARG H 801 78.88 -70.50 -69.37
CA ARG H 801 80.21 -70.01 -69.10
C ARG H 801 80.80 -70.57 -67.82
N PRO H 802 82.07 -70.23 -67.50
CA PRO H 802 82.61 -70.53 -66.16
C PRO H 802 82.07 -69.61 -65.09
N ALA H 803 82.63 -69.69 -63.88
CA ALA H 803 82.29 -68.77 -62.81
C ALA H 803 83.04 -67.46 -62.93
N ASP H 804 84.31 -67.51 -63.36
CA ASP H 804 85.09 -66.29 -63.53
C ASP H 804 84.56 -65.41 -64.64
N TRP H 805 83.76 -65.95 -65.55
CA TRP H 805 83.04 -65.12 -66.50
C TRP H 805 82.30 -64.01 -65.76
N THR H 806 81.36 -64.40 -64.90
CA THR H 806 80.57 -63.41 -64.17
C THR H 806 81.43 -62.54 -63.27
N VAL H 807 82.52 -63.09 -62.74
CA VAL H 807 83.34 -62.33 -61.80
C VAL H 807 83.97 -61.13 -62.46
N HIS H 808 84.47 -61.29 -63.68
CA HIS H 808 85.12 -60.17 -64.35
C HIS H 808 84.12 -59.09 -64.74
N HIS H 809 82.88 -59.46 -65.04
CA HIS H 809 81.87 -58.45 -65.28
C HIS H 809 81.54 -57.71 -64.00
N LYS H 810 81.42 -58.41 -62.88
CA LYS H 810 81.28 -57.73 -61.60
C LYS H 810 82.45 -56.80 -61.37
N ILE H 811 83.66 -57.23 -61.71
CA ILE H 811 84.81 -56.37 -61.48
C ILE H 811 84.91 -55.29 -62.53
N TYR H 812 84.50 -55.57 -63.76
CA TYR H 812 84.59 -54.51 -64.76
C TYR H 812 83.54 -53.44 -64.53
N TYR H 813 82.30 -53.84 -64.28
CA TYR H 813 81.23 -52.86 -64.18
C TYR H 813 81.33 -52.08 -62.88
N TYR H 814 81.56 -52.76 -61.76
CA TYR H 814 81.56 -52.08 -60.48
C TYR H 814 82.90 -51.46 -60.12
N VAL H 815 84.01 -52.10 -60.44
CA VAL H 815 85.30 -51.53 -60.06
C VAL H 815 85.80 -50.53 -61.07
N LEU H 816 85.70 -50.84 -62.36
CA LEU H 816 86.38 -50.02 -63.34
C LEU H 816 85.54 -48.85 -63.85
N VAL H 817 84.40 -49.12 -64.46
CA VAL H 817 83.50 -48.08 -64.95
C VAL H 817 83.31 -46.97 -63.91
N PRO H 818 83.10 -47.30 -62.64
CA PRO H 818 82.96 -46.21 -61.70
C PRO H 818 84.23 -45.41 -61.68
N ALA H 819 85.36 -46.08 -61.77
CA ALA H 819 86.63 -45.41 -61.81
C ALA H 819 86.72 -44.54 -63.03
N PHE H 820 86.36 -45.07 -64.19
CA PHE H 820 86.47 -44.31 -65.44
C PHE H 820 85.54 -43.17 -65.79
N SER H 821 84.25 -43.36 -65.60
CA SER H 821 83.26 -42.33 -65.90
C SER H 821 83.18 -41.14 -64.98
N ARG H 822 83.41 -41.47 -63.73
CA ARG H 822 83.21 -40.68 -62.51
C ARG H 822 81.72 -40.43 -62.29
N GLY H 823 80.98 -41.53 -62.16
CA GLY H 823 79.57 -41.47 -61.85
C GLY H 823 78.67 -40.95 -62.94
N ARG H 824 79.19 -40.52 -64.09
CA ARG H 824 78.33 -40.02 -65.16
C ARG H 824 78.22 -41.08 -66.24
N CYS H 825 77.10 -41.80 -66.21
CA CYS H 825 76.71 -42.82 -67.17
C CYS H 825 75.48 -43.51 -66.59
N CYS H 826 74.73 -44.22 -67.42
CA CYS H 826 73.51 -44.82 -66.90
C CYS H 826 73.23 -46.09 -67.67
N THR H 827 72.70 -47.08 -66.96
CA THR H 827 72.17 -48.26 -67.62
C THR H 827 70.95 -47.86 -68.43
N ALA H 828 70.58 -48.72 -69.37
CA ALA H 828 69.31 -48.55 -70.05
C ALA H 828 68.82 -49.88 -70.57
N GLY H 829 67.50 -49.98 -70.73
CA GLY H 829 66.91 -51.09 -71.43
C GLY H 829 66.84 -50.83 -72.91
N VAL H 830 66.31 -51.80 -73.64
CA VAL H 830 66.27 -51.74 -75.09
C VAL H 830 64.87 -52.05 -75.54
N ARG H 831 64.38 -51.29 -76.52
CA ARG H 831 63.20 -51.67 -77.26
C ARG H 831 63.70 -52.43 -78.47
N PHE H 832 63.57 -53.75 -78.46
CA PHE H 832 64.15 -54.54 -79.56
C PHE H 832 63.28 -54.50 -80.80
N ASP H 833 61.96 -54.45 -80.62
CA ASP H 833 61.06 -54.26 -81.74
C ASP H 833 61.52 -53.08 -82.58
N ARG H 834 61.88 -51.98 -81.92
CA ARG H 834 62.33 -50.78 -82.60
C ARG H 834 63.77 -50.87 -83.07
N VAL H 835 64.57 -51.74 -82.48
CA VAL H 835 65.98 -51.81 -82.86
C VAL H 835 66.14 -52.50 -84.21
N TYR H 836 65.81 -53.79 -84.26
CA TYR H 836 65.91 -54.55 -85.50
C TYR H 836 65.25 -53.83 -86.67
N ALA H 837 64.12 -53.19 -86.42
CA ALA H 837 63.39 -52.51 -87.48
C ALA H 837 64.29 -51.54 -88.25
N THR H 838 65.09 -50.75 -87.54
CA THR H 838 66.13 -49.95 -88.20
C THR H 838 67.46 -50.64 -88.27
N LEU H 839 67.60 -51.81 -87.66
CA LEU H 839 68.82 -52.57 -87.92
C LEU H 839 68.77 -53.13 -89.32
N GLN H 840 67.80 -53.93 -89.68
CA GLN H 840 67.83 -54.45 -91.05
C GLN H 840 67.19 -53.62 -92.18
N ASN H 841 66.87 -52.34 -91.95
CA ASN H 841 66.20 -51.56 -92.98
C ASN H 841 67.36 -50.96 -93.74
N MET H 842 67.59 -51.40 -94.97
CA MET H 842 68.86 -51.05 -95.58
C MET H 842 68.72 -50.97 -97.07
N VAL H 843 69.53 -50.10 -97.66
CA VAL H 843 69.71 -50.04 -99.10
C VAL H 843 71.14 -50.43 -99.37
N VAL H 844 71.32 -51.64 -99.90
CA VAL H 844 72.62 -52.15 -100.30
C VAL H 844 72.62 -52.28 -101.81
N PRO H 845 73.44 -51.52 -102.53
CA PRO H 845 73.33 -51.48 -104.00
C PRO H 845 73.58 -52.84 -104.62
N GLU H 846 72.67 -53.27 -105.48
CA GLU H 846 72.94 -54.40 -106.37
C GLU H 846 74.16 -54.11 -107.21
N ILE H 847 75.11 -55.04 -107.20
CA ILE H 847 76.35 -54.84 -107.95
C ILE H 847 76.06 -54.90 -109.45
N ALA H 848 76.76 -54.08 -110.20
CA ALA H 848 76.72 -54.23 -111.65
C ALA H 848 77.58 -55.45 -112.04
N PRO H 849 77.29 -56.07 -113.18
CA PRO H 849 78.05 -57.27 -113.56
C PRO H 849 79.54 -56.98 -113.68
N GLY H 850 80.34 -57.83 -113.04
CA GLY H 850 81.78 -57.72 -113.10
C GLY H 850 82.37 -56.51 -112.40
N GLU H 851 81.63 -55.87 -111.50
CA GLU H 851 82.08 -54.65 -110.86
C GLU H 851 82.62 -54.95 -109.46
N GLU H 852 83.68 -54.24 -109.08
CA GLU H 852 84.34 -54.43 -107.80
C GLU H 852 83.57 -53.80 -106.65
N CYS H 853 83.84 -54.31 -105.45
CA CYS H 853 83.22 -53.80 -104.23
C CYS H 853 83.65 -52.37 -103.97
N PRO H 854 82.74 -51.40 -103.98
CA PRO H 854 83.14 -50.00 -103.83
C PRO H 854 83.76 -49.76 -102.46
N SER H 855 84.94 -49.12 -102.48
CA SER H 855 85.63 -48.81 -101.22
C SER H 855 85.11 -47.55 -100.55
N ASP H 856 84.92 -46.48 -101.33
CA ASP H 856 84.73 -45.15 -100.78
C ASP H 856 83.29 -44.71 -100.93
N PRO H 857 82.62 -44.33 -99.84
CA PRO H 857 81.25 -43.80 -99.97
C PRO H 857 81.20 -42.45 -100.63
N VAL H 858 82.32 -41.74 -100.71
CA VAL H 858 82.29 -40.37 -101.23
C VAL H 858 82.04 -40.38 -102.74
N THR H 859 82.61 -41.35 -103.44
CA THR H 859 82.57 -41.34 -104.90
C THR H 859 81.47 -42.23 -105.46
N ASP H 860 81.67 -43.54 -105.38
CA ASP H 860 80.82 -44.49 -106.10
C ASP H 860 79.42 -44.51 -105.51
N PRO H 861 78.38 -44.42 -106.33
CA PRO H 861 77.02 -44.69 -105.84
C PRO H 861 76.76 -46.14 -105.47
N ALA H 862 77.61 -47.08 -105.90
CA ALA H 862 77.41 -48.50 -105.63
C ALA H 862 77.85 -48.91 -104.25
N HIS H 863 78.38 -48.00 -103.48
CA HIS H 863 78.75 -48.15 -102.07
C HIS H 863 77.56 -47.71 -101.21
N PRO H 864 77.12 -48.54 -100.25
CA PRO H 864 75.86 -48.24 -99.56
C PRO H 864 75.87 -46.93 -98.77
N LEU H 865 77.04 -46.36 -98.51
CA LEU H 865 77.13 -45.11 -97.78
C LEU H 865 77.25 -43.88 -98.68
N HIS H 866 77.18 -44.04 -99.99
CA HIS H 866 77.10 -42.90 -100.89
C HIS H 866 75.75 -42.19 -100.70
N PRO H 867 75.73 -40.85 -100.90
CA PRO H 867 74.46 -40.13 -100.76
C PRO H 867 73.28 -40.69 -101.55
N ALA H 868 73.55 -41.47 -102.58
CA ALA H 868 72.48 -42.11 -103.34
C ALA H 868 71.68 -43.06 -102.46
N ASN H 869 72.38 -43.90 -101.70
CA ASN H 869 71.75 -44.96 -100.94
C ASN H 869 71.30 -44.52 -99.55
N LEU H 870 71.48 -43.25 -99.20
CA LEU H 870 71.13 -42.79 -97.87
C LEU H 870 69.64 -42.43 -97.83
N VAL H 871 68.89 -43.16 -97.02
CA VAL H 871 67.44 -43.03 -96.97
C VAL H 871 67.03 -42.70 -95.54
N ALA H 872 65.93 -41.97 -95.40
CA ALA H 872 65.35 -41.77 -94.08
C ALA H 872 64.98 -43.12 -93.49
N ASN H 873 65.06 -43.22 -92.16
CA ASN H 873 64.61 -44.39 -91.44
C ASN H 873 65.51 -45.61 -91.60
N THR H 874 66.45 -45.59 -92.55
CA THR H 874 67.19 -46.79 -92.84
C THR H 874 68.43 -46.88 -91.96
N VAL H 875 69.17 -47.98 -92.11
CA VAL H 875 70.30 -48.26 -91.22
C VAL H 875 71.56 -47.53 -91.68
N ASN H 876 71.81 -47.47 -92.99
CA ASN H 876 73.04 -46.83 -93.43
C ASN H 876 73.02 -45.33 -93.20
N ALA H 877 71.84 -44.74 -93.06
CA ALA H 877 71.77 -43.38 -92.55
C ALA H 877 72.32 -43.29 -91.15
N MET H 878 72.17 -44.37 -90.37
CA MET H 878 72.69 -44.40 -89.01
C MET H 878 74.20 -44.61 -89.00
N PHE H 879 74.72 -45.48 -89.87
CA PHE H 879 76.18 -45.56 -90.05
C PHE H 879 76.76 -44.23 -90.47
N HIS H 880 75.98 -43.40 -91.17
CA HIS H 880 76.48 -42.11 -91.61
C HIS H 880 76.42 -41.06 -90.50
N ASN H 881 75.31 -40.99 -89.78
CA ASN H 881 75.22 -39.95 -88.79
C ASN H 881 76.47 -40.14 -87.99
N GLY H 882 76.76 -41.38 -87.65
CA GLY H 882 78.02 -41.66 -86.96
C GLY H 882 78.90 -41.69 -88.19
N ARG H 883 80.07 -41.06 -88.14
CA ARG H 883 80.91 -41.07 -89.32
C ARG H 883 81.67 -42.37 -89.28
N VAL H 884 80.96 -43.46 -89.53
CA VAL H 884 81.63 -44.75 -89.46
C VAL H 884 81.70 -45.33 -90.87
N VAL H 885 82.85 -45.83 -91.26
CA VAL H 885 83.04 -46.40 -92.60
C VAL H 885 82.79 -47.90 -92.54
N VAL H 886 81.79 -48.35 -93.28
CA VAL H 886 81.48 -49.76 -93.43
C VAL H 886 81.07 -50.02 -94.87
N ASP H 887 81.56 -51.12 -95.43
CA ASP H 887 81.23 -51.47 -96.80
C ASP H 887 79.95 -52.31 -96.84
N GLY H 888 79.51 -52.62 -98.05
CA GLY H 888 78.28 -53.36 -98.26
C GLY H 888 78.23 -54.71 -97.58
N PRO H 889 79.20 -55.60 -97.86
CA PRO H 889 79.08 -56.97 -97.36
C PRO H 889 79.04 -57.06 -95.85
N ALA H 890 79.78 -56.20 -95.15
CA ALA H 890 79.79 -56.24 -93.70
C ALA H 890 78.38 -56.01 -93.15
N MET H 891 77.74 -54.92 -93.57
CA MET H 891 76.36 -54.72 -93.13
C MET H 891 75.39 -55.66 -93.82
N LEU H 892 75.84 -56.42 -94.81
CA LEU H 892 75.01 -57.47 -95.37
C LEU H 892 74.98 -58.70 -94.47
N THR H 893 75.98 -58.87 -93.61
CA THR H 893 76.02 -59.99 -92.69
C THR H 893 75.11 -59.78 -91.50
N LEU H 894 74.43 -58.64 -91.45
CA LEU H 894 73.49 -58.31 -90.39
C LEU H 894 72.32 -59.28 -90.31
N GLN H 895 72.12 -60.12 -91.33
CA GLN H 895 70.93 -60.96 -91.43
C GLN H 895 70.86 -62.02 -90.34
N VAL H 896 71.91 -62.18 -89.54
CA VAL H 896 71.88 -63.13 -88.44
C VAL H 896 70.78 -62.78 -87.43
N LEU H 897 70.36 -61.52 -87.39
CA LEU H 897 69.37 -61.09 -86.41
C LEU H 897 68.07 -61.85 -86.51
N ALA H 898 67.80 -62.50 -87.64
CA ALA H 898 66.65 -63.40 -87.69
C ALA H 898 66.88 -64.61 -86.80
N HIS H 899 68.11 -65.12 -86.77
CA HIS H 899 68.40 -66.34 -86.04
C HIS H 899 68.49 -66.12 -84.54
N ASN H 900 68.81 -64.90 -84.11
CA ASN H 900 68.93 -64.60 -82.69
C ASN H 900 68.33 -63.24 -82.43
N MET H 901 67.57 -63.12 -81.35
CA MET H 901 67.02 -61.84 -80.96
C MET H 901 66.61 -61.88 -79.50
N ALA H 902 66.13 -60.74 -79.02
CA ALA H 902 65.62 -60.60 -77.68
C ALA H 902 64.27 -59.91 -77.74
N GLU H 903 63.34 -60.34 -76.90
CA GLU H 903 62.04 -59.68 -76.88
C GLU H 903 62.13 -58.35 -76.13
N ARG H 904 62.52 -58.40 -74.87
CA ARG H 904 62.54 -57.23 -74.02
C ARG H 904 63.81 -57.26 -73.18
N THR H 905 64.00 -56.22 -72.39
CA THR H 905 64.94 -56.24 -71.30
C THR H 905 64.18 -56.55 -70.02
N THR H 906 64.77 -57.36 -69.17
CA THR H 906 64.05 -57.90 -68.03
C THR H 906 64.69 -57.32 -66.77
N ALA H 907 63.98 -56.41 -66.11
CA ALA H 907 64.49 -55.78 -64.91
C ALA H 907 64.25 -56.70 -63.73
N LEU H 908 65.32 -57.12 -63.08
CA LEU H 908 65.32 -58.25 -62.18
C LEU H 908 65.77 -57.82 -60.79
N LEU H 909 64.90 -57.98 -59.80
CA LEU H 909 65.22 -57.72 -58.41
C LEU H 909 65.32 -59.05 -57.67
N CYS H 910 66.45 -59.26 -57.00
CA CYS H 910 66.75 -60.46 -56.25
C CYS H 910 67.31 -60.13 -54.87
N SER H 911 66.89 -60.87 -53.85
CA SER H 911 67.42 -60.68 -52.51
C SER H 911 68.26 -61.89 -52.12
N ALA H 912 68.76 -61.84 -50.88
CA ALA H 912 69.64 -62.85 -50.33
C ALA H 912 69.88 -62.48 -48.88
N ALA H 913 70.34 -63.43 -48.11
CA ALA H 913 70.61 -63.18 -46.71
C ALA H 913 72.08 -62.85 -46.52
N PRO H 914 72.50 -62.46 -45.32
CA PRO H 914 73.93 -62.40 -45.05
C PRO H 914 74.50 -63.80 -45.08
N ASP H 915 75.73 -63.91 -45.56
CA ASP H 915 76.31 -65.22 -45.76
C ASP H 915 76.45 -65.95 -44.43
N ALA H 916 76.31 -67.27 -44.51
CA ALA H 916 76.58 -68.10 -43.35
C ALA H 916 78.00 -67.65 -43.32
N GLY H 917 78.57 -67.54 -42.13
CA GLY H 917 79.91 -67.01 -41.99
C GLY H 917 79.81 -65.54 -41.62
N ALA H 918 78.62 -64.97 -41.80
CA ALA H 918 78.29 -63.60 -41.42
C ALA H 918 76.83 -63.54 -40.99
N ASN H 919 76.22 -64.69 -40.73
CA ASN H 919 74.81 -64.78 -40.38
C ASN H 919 74.58 -65.23 -38.95
N THR H 920 73.74 -64.50 -38.23
CA THR H 920 73.44 -64.82 -36.84
C THR H 920 71.95 -64.63 -36.59
N ALA H 921 71.47 -64.90 -35.39
CA ALA H 921 70.06 -64.75 -35.13
C ALA H 921 69.51 -63.33 -35.35
N SER H 922 70.18 -62.26 -34.91
CA SER H 922 69.64 -60.94 -35.19
C SER H 922 69.61 -60.64 -36.68
N THR H 923 70.63 -61.07 -37.41
CA THR H 923 70.73 -60.78 -38.84
C THR H 923 70.13 -61.87 -39.71
N ALA H 924 69.49 -62.88 -39.11
CA ALA H 924 68.93 -63.96 -39.90
C ALA H 924 67.82 -63.49 -40.82
N ASN H 925 67.08 -62.45 -40.42
CA ASN H 925 65.97 -61.94 -41.21
C ASN H 925 66.37 -60.79 -42.11
N MET H 926 67.65 -60.46 -42.19
CA MET H 926 68.09 -59.36 -43.03
C MET H 926 68.19 -59.82 -44.47
N ARG H 927 67.53 -59.10 -45.36
CA ARG H 927 67.62 -59.32 -46.79
C ARG H 927 68.44 -58.22 -47.43
N ILE H 928 69.17 -58.57 -48.47
CA ILE H 928 69.91 -57.59 -49.25
C ILE H 928 69.29 -57.57 -50.64
N PHE H 929 68.56 -56.52 -50.94
CA PHE H 929 67.83 -56.44 -52.19
C PHE H 929 68.69 -55.74 -53.23
N ASP H 930 69.11 -56.49 -54.25
CA ASP H 930 69.93 -55.98 -55.33
C ASP H 930 69.30 -56.35 -56.64
N GLY H 931 69.01 -55.35 -57.47
CA GLY H 931 68.45 -55.56 -58.78
C GLY H 931 69.48 -55.47 -59.88
N ALA H 932 69.13 -56.01 -61.04
CA ALA H 932 69.93 -55.83 -62.25
C ALA H 932 69.04 -56.03 -63.47
N LEU H 933 69.47 -55.46 -64.58
CA LEU H 933 68.79 -55.64 -65.86
C LEU H 933 69.21 -56.95 -66.49
N HIS H 934 68.30 -57.55 -67.24
CA HIS H 934 68.72 -58.76 -67.94
C HIS H 934 69.47 -58.34 -69.19
N ALA H 935 68.80 -57.92 -70.25
CA ALA H 935 69.55 -57.46 -71.41
C ALA H 935 69.51 -55.94 -71.35
N GLY H 936 70.56 -55.36 -70.76
CA GLY H 936 70.71 -53.93 -70.63
C GLY H 936 71.86 -53.42 -71.46
N VAL H 937 72.01 -52.10 -71.44
CA VAL H 937 73.13 -51.43 -72.08
C VAL H 937 73.55 -50.27 -71.18
N LEU H 938 74.85 -50.06 -71.06
CA LEU H 938 75.39 -48.95 -70.29
C LEU H 938 75.58 -47.76 -71.21
N LEU H 939 74.89 -46.67 -70.92
CA LEU H 939 74.98 -45.48 -71.75
C LEU H 939 76.03 -44.55 -71.15
N MET H 940 77.16 -44.44 -71.83
CA MET H 940 78.28 -43.68 -71.30
C MET H 940 77.98 -42.19 -71.14
N ALA H 941 78.04 -41.44 -72.23
CA ALA H 941 77.82 -40.00 -72.17
C ALA H 941 76.44 -39.63 -72.68
N PRO H 942 75.69 -38.77 -71.88
CA PRO H 942 74.36 -38.46 -72.42
C PRO H 942 74.42 -37.67 -73.70
N GLN H 943 73.51 -37.95 -74.62
CA GLN H 943 73.46 -37.23 -75.89
C GLN H 943 72.07 -36.70 -76.21
N HIS H 944 71.38 -36.20 -75.20
CA HIS H 944 70.05 -35.66 -75.36
C HIS H 944 70.06 -34.48 -76.32
N LEU H 945 71.05 -33.61 -76.19
CA LEU H 945 71.20 -32.46 -77.07
C LEU H 945 71.03 -32.55 -78.59
N ASP H 946 70.82 -33.73 -79.15
CA ASP H 946 70.68 -33.80 -80.61
C ASP H 946 69.35 -34.36 -81.10
N HIS H 947 68.64 -33.61 -81.95
CA HIS H 947 67.40 -34.14 -82.46
C HIS H 947 67.74 -34.81 -83.78
N THR H 948 67.91 -36.12 -83.71
CA THR H 948 67.98 -37.02 -84.84
C THR H 948 67.13 -38.20 -84.42
N ILE H 949 67.62 -38.87 -83.39
CA ILE H 949 66.87 -39.88 -82.65
C ILE H 949 65.92 -39.18 -81.69
N GLN H 950 64.64 -39.54 -81.76
CA GLN H 950 63.69 -39.05 -80.79
C GLN H 950 64.15 -39.42 -79.39
N ASN H 951 63.83 -38.57 -78.42
CA ASN H 951 64.32 -38.79 -77.07
C ASN H 951 63.91 -40.16 -76.58
N GLY H 952 64.90 -40.96 -76.21
CA GLY H 952 64.64 -42.31 -75.72
C GLY H 952 63.91 -43.24 -76.65
N GLU H 953 64.37 -43.39 -77.90
CA GLU H 953 63.73 -44.33 -78.81
C GLU H 953 64.10 -45.77 -78.46
N TYR H 954 65.33 -46.15 -78.77
CA TYR H 954 65.80 -47.50 -78.57
C TYR H 954 66.06 -47.82 -77.12
N PHE H 955 66.32 -46.81 -76.30
CA PHE H 955 66.65 -47.05 -74.90
C PHE H 955 65.93 -46.19 -73.86
N TYR H 956 65.80 -46.73 -72.65
CA TYR H 956 65.18 -46.02 -71.55
C TYR H 956 66.14 -46.04 -70.35
N VAL H 957 66.12 -45.02 -69.50
CA VAL H 957 67.09 -44.95 -68.40
C VAL H 957 67.12 -46.01 -67.27
N LEU H 958 66.01 -46.34 -66.63
CA LEU H 958 66.10 -47.42 -65.65
C LEU H 958 67.45 -47.53 -64.97
N PRO H 959 67.84 -46.61 -64.12
CA PRO H 959 69.06 -46.84 -63.34
C PRO H 959 68.84 -48.01 -62.40
N VAL H 960 69.74 -48.98 -62.46
CA VAL H 960 69.62 -50.15 -61.59
C VAL H 960 70.22 -49.86 -60.22
N HIS H 961 71.49 -49.52 -60.19
CA HIS H 961 72.19 -49.21 -58.96
C HIS H 961 72.54 -47.74 -58.95
N ALA H 962 72.68 -47.19 -57.74
CA ALA H 962 73.01 -45.78 -57.58
C ALA H 962 74.35 -45.43 -58.19
N LEU H 963 75.21 -46.42 -58.45
CA LEU H 963 76.43 -46.17 -59.19
C LEU H 963 76.12 -45.63 -60.57
N PHE H 964 75.09 -46.16 -61.21
CA PHE H 964 74.68 -45.67 -62.52
C PHE H 964 73.30 -45.03 -62.37
N ALA H 965 73.31 -43.72 -62.19
CA ALA H 965 72.19 -42.87 -62.54
C ALA H 965 72.81 -41.60 -63.07
N GLY H 966 72.62 -41.31 -64.35
CA GLY H 966 73.13 -40.06 -64.88
C GLY H 966 72.30 -38.90 -64.39
N ALA H 967 72.95 -37.88 -63.86
CA ALA H 967 72.20 -36.67 -63.56
C ALA H 967 71.59 -36.09 -64.81
N ASP H 968 72.27 -36.23 -65.94
CA ASP H 968 71.72 -35.79 -67.22
C ASP H 968 71.03 -36.90 -68.00
N HIS H 969 71.16 -38.15 -67.58
CA HIS H 969 70.35 -39.19 -68.18
C HIS H 969 68.94 -39.19 -67.61
N VAL H 970 68.82 -39.15 -66.29
CA VAL H 970 67.51 -39.25 -65.67
C VAL H 970 66.72 -37.97 -65.83
N ALA H 971 67.38 -36.83 -65.69
CA ALA H 971 66.68 -35.56 -65.76
C ALA H 971 66.07 -35.34 -67.13
N ASN H 972 66.67 -35.93 -68.16
CA ASN H 972 66.30 -35.67 -69.54
C ASN H 972 65.42 -36.76 -70.14
N ALA H 973 65.00 -37.74 -69.34
CA ALA H 973 63.98 -38.70 -69.73
C ALA H 973 62.74 -37.95 -70.20
N PRO H 974 61.95 -38.53 -71.12
CA PRO H 974 60.93 -37.74 -71.82
C PRO H 974 59.95 -36.99 -70.94
N ASN H 975 59.37 -37.62 -69.92
CA ASN H 975 58.55 -36.90 -68.96
C ASN H 975 59.29 -36.95 -67.63
N PHE H 976 59.92 -35.84 -67.29
CA PHE H 976 60.68 -35.72 -66.05
C PHE H 976 60.06 -34.59 -65.25
N PRO H 977 59.54 -34.84 -64.04
CA PRO H 977 58.92 -33.78 -63.27
C PRO H 977 59.85 -32.60 -63.13
N PRO H 978 59.38 -31.40 -63.45
CA PRO H 978 60.24 -30.22 -63.31
C PRO H 978 60.56 -29.89 -61.87
N ALA H 979 59.78 -30.40 -60.91
CA ALA H 979 60.10 -30.17 -59.52
C ALA H 979 61.40 -30.85 -59.13
N LEU H 980 61.78 -31.91 -59.84
CA LEU H 980 62.94 -32.70 -59.50
C LEU H 980 64.20 -32.29 -60.25
N ARG H 981 64.13 -31.23 -61.06
CA ARG H 981 65.27 -30.85 -61.89
C ARG H 981 66.53 -30.67 -61.07
N ASP H 982 66.43 -29.93 -59.95
CA ASP H 982 67.59 -29.75 -59.09
C ASP H 982 67.77 -30.92 -58.14
N LEU H 983 66.68 -31.39 -57.53
CA LEU H 983 66.81 -32.49 -56.57
C LEU H 983 67.48 -33.70 -57.20
N ALA H 984 67.29 -33.92 -58.49
CA ALA H 984 67.92 -35.02 -59.17
C ALA H 984 69.37 -34.74 -59.55
N ARG H 985 69.82 -33.51 -59.37
CA ARG H 985 71.21 -33.19 -59.64
C ARG H 985 72.13 -33.77 -58.57
N HIS H 986 71.74 -33.65 -57.31
CA HIS H 986 72.45 -34.24 -56.19
C HIS H 986 72.13 -35.69 -55.93
N VAL H 987 70.88 -36.12 -56.12
CA VAL H 987 70.38 -37.40 -55.63
C VAL H 987 70.32 -38.38 -56.79
N PRO H 988 70.93 -39.56 -56.67
CA PRO H 988 70.84 -40.59 -57.71
C PRO H 988 69.54 -41.37 -57.73
N LEU H 989 68.54 -40.93 -58.50
CA LEU H 989 67.22 -41.54 -58.42
C LEU H 989 67.26 -42.97 -58.95
N VAL H 990 66.98 -43.93 -58.07
CA VAL H 990 66.85 -45.34 -58.44
C VAL H 990 65.51 -45.88 -57.95
N PRO H 991 64.65 -46.39 -58.82
CA PRO H 991 63.36 -46.90 -58.36
C PRO H 991 63.53 -48.11 -57.46
N PRO H 992 62.85 -48.14 -56.31
CA PRO H 992 62.98 -49.30 -55.41
C PRO H 992 62.53 -50.59 -56.04
N ALA H 993 61.79 -50.53 -57.15
CA ALA H 993 61.60 -51.74 -57.94
C ALA H 993 62.93 -52.36 -58.31
N LEU H 994 63.96 -51.55 -58.46
CA LEU H 994 65.31 -52.03 -58.71
C LEU H 994 66.17 -52.12 -57.47
N GLY H 995 65.63 -51.78 -56.30
CA GLY H 995 66.40 -51.84 -55.08
C GLY H 995 66.75 -50.46 -54.56
N ALA H 996 67.01 -50.41 -53.25
CA ALA H 996 67.18 -49.17 -52.52
C ALA H 996 68.58 -49.08 -51.93
N ASN H 997 68.98 -47.86 -51.61
CA ASN H 997 70.28 -47.57 -51.03
C ASN H 997 70.56 -48.44 -49.82
N TYR H 998 69.79 -48.25 -48.75
CA TYR H 998 70.12 -48.91 -47.50
C TYR H 998 70.09 -50.42 -47.63
N PHE H 999 69.25 -50.96 -48.47
CA PHE H 999 69.14 -52.40 -48.58
C PHE H 999 70.05 -53.00 -49.64
N SER H 1000 70.90 -52.21 -50.27
CA SER H 1000 71.76 -52.72 -51.31
C SER H 1000 73.05 -53.27 -50.71
N SER H 1001 73.88 -53.85 -51.58
CA SER H 1001 75.23 -54.28 -51.22
C SER H 1001 76.23 -53.15 -51.34
N ILE H 1002 76.07 -52.29 -52.33
CA ILE H 1002 76.93 -51.14 -52.51
C ILE H 1002 76.07 -49.92 -52.23
N ARG H 1003 76.33 -49.27 -51.11
CA ARG H 1003 75.55 -48.15 -50.64
C ARG H 1003 76.22 -46.85 -51.04
N GLN H 1004 75.70 -45.74 -50.51
CA GLN H 1004 76.06 -44.44 -51.04
C GLN H 1004 77.53 -44.05 -50.88
N PRO H 1005 78.19 -44.30 -49.76
CA PRO H 1005 79.57 -43.81 -49.62
C PRO H 1005 80.50 -44.33 -50.70
N VAL H 1006 80.22 -45.51 -51.27
CA VAL H 1006 81.05 -46.00 -52.35
C VAL H 1006 80.85 -45.16 -53.60
N VAL H 1007 79.63 -44.68 -53.81
CA VAL H 1007 79.34 -43.90 -55.00
C VAL H 1007 80.04 -42.55 -54.94
N GLN H 1008 79.91 -41.86 -53.80
CA GLN H 1008 80.52 -40.55 -53.67
C GLN H 1008 82.04 -40.65 -53.71
N HIS H 1009 82.61 -41.74 -53.17
CA HIS H 1009 84.04 -41.93 -53.28
C HIS H 1009 84.49 -41.91 -54.73
N ALA H 1010 83.76 -42.62 -55.59
CA ALA H 1010 84.19 -42.75 -56.98
C ALA H 1010 84.30 -41.40 -57.65
N ARG H 1011 83.26 -40.58 -57.57
CA ARG H 1011 83.29 -39.31 -58.29
C ARG H 1011 84.10 -38.26 -57.56
N GLU H 1012 84.14 -38.29 -56.23
CA GLU H 1012 84.81 -37.24 -55.47
C GLU H 1012 86.32 -37.43 -55.42
N SER H 1013 86.79 -38.67 -55.52
CA SER H 1013 88.20 -38.94 -55.34
C SER H 1013 89.03 -38.23 -56.39
N ALA H 1014 90.14 -37.64 -55.95
CA ALA H 1014 91.05 -36.93 -56.83
C ALA H 1014 92.22 -37.79 -57.28
N ALA H 1015 92.25 -39.07 -56.89
CA ALA H 1015 93.38 -39.92 -57.25
C ALA H 1015 93.34 -40.26 -58.74
N GLY H 1016 94.33 -41.02 -59.18
CA GLY H 1016 94.38 -41.44 -60.55
C GLY H 1016 93.31 -42.47 -60.85
N GLU H 1017 93.35 -42.99 -62.07
CA GLU H 1017 92.41 -44.05 -62.41
C GLU H 1017 92.88 -45.40 -61.88
N ASN H 1018 94.19 -45.66 -61.92
CA ASN H 1018 94.71 -46.91 -61.35
C ASN H 1018 94.51 -46.94 -59.85
N ALA H 1019 95.03 -45.92 -59.16
CA ALA H 1019 94.93 -45.88 -57.71
C ALA H 1019 93.49 -45.94 -57.26
N LEU H 1020 92.62 -45.18 -57.90
CA LEU H 1020 91.20 -45.22 -57.53
C LEU H 1020 90.62 -46.60 -57.77
N THR H 1021 91.13 -47.32 -58.76
CA THR H 1021 90.61 -48.64 -59.05
C THR H 1021 90.87 -49.60 -57.90
N TYR H 1022 92.08 -49.57 -57.34
CA TYR H 1022 92.39 -50.46 -56.21
C TYR H 1022 91.70 -49.99 -54.95
N ALA H 1023 91.76 -48.69 -54.67
CA ALA H 1023 91.07 -48.15 -53.51
C ALA H 1023 89.60 -48.50 -53.56
N LEU H 1024 89.02 -48.45 -54.74
CA LEU H 1024 87.64 -48.82 -54.89
C LEU H 1024 87.49 -50.34 -54.86
N MET H 1025 88.49 -51.06 -55.35
CA MET H 1025 88.48 -52.52 -55.26
C MET H 1025 88.54 -52.97 -53.82
N ALA H 1026 89.31 -52.27 -52.99
CA ALA H 1026 89.50 -52.61 -51.59
C ALA H 1026 88.33 -52.21 -50.73
N GLY H 1027 87.42 -51.40 -51.24
CA GLY H 1027 86.23 -51.13 -50.48
C GLY H 1027 85.19 -52.20 -50.58
N TYR H 1028 85.40 -53.19 -51.42
CA TYR H 1028 84.42 -54.25 -51.66
C TYR H 1028 84.64 -55.48 -50.80
N PHE H 1029 85.59 -55.45 -49.88
CA PHE H 1029 85.73 -56.56 -48.96
C PHE H 1029 84.60 -56.53 -47.93
N LYS H 1030 84.22 -57.71 -47.46
CA LYS H 1030 83.09 -57.81 -46.55
C LYS H 1030 83.48 -57.49 -45.11
N MET H 1031 82.47 -57.06 -44.35
CA MET H 1031 82.63 -56.70 -42.96
C MET H 1031 82.27 -57.84 -41.99
N SER H 1032 82.04 -59.02 -42.50
CA SER H 1032 81.77 -60.18 -41.67
C SER H 1032 83.04 -60.67 -40.99
N PRO H 1033 82.94 -61.25 -39.79
CA PRO H 1033 84.16 -61.63 -39.07
C PRO H 1033 84.91 -62.73 -39.78
N VAL H 1034 84.22 -63.62 -40.49
CA VAL H 1034 84.92 -64.60 -41.31
C VAL H 1034 85.69 -63.87 -42.40
N ALA H 1035 85.20 -62.73 -42.85
CA ALA H 1035 85.98 -61.91 -43.79
C ALA H 1035 87.06 -61.13 -43.06
N LEU H 1036 86.84 -60.81 -41.79
CA LEU H 1036 87.80 -60.01 -41.05
C LEU H 1036 88.98 -60.83 -40.55
N TYR H 1037 88.86 -62.13 -40.67
CA TYR H 1037 89.95 -63.06 -40.42
C TYR H 1037 91.05 -63.05 -41.51
N HIS H 1038 90.69 -62.95 -42.79
CA HIS H 1038 91.58 -63.00 -43.92
C HIS H 1038 92.27 -61.66 -44.13
N GLN H 1039 91.64 -60.59 -43.67
CA GLN H 1039 92.26 -59.28 -43.80
C GLN H 1039 93.22 -59.03 -42.65
N LEU H 1040 92.68 -58.99 -41.43
CA LEU H 1040 93.51 -58.74 -40.27
C LEU H 1040 94.72 -59.67 -40.21
N LYS H 1041 94.55 -60.91 -40.65
CA LYS H 1041 95.68 -61.83 -40.68
C LYS H 1041 96.63 -61.52 -41.84
N THR H 1042 96.10 -61.21 -43.01
CA THR H 1042 96.97 -60.96 -44.16
C THR H 1042 97.53 -59.55 -44.18
N GLY H 1043 97.08 -58.68 -43.28
CA GLY H 1043 97.55 -57.31 -43.31
C GLY H 1043 96.83 -56.42 -44.28
N LEU H 1044 95.51 -56.53 -44.35
CA LEU H 1044 94.67 -55.53 -44.97
C LEU H 1044 94.03 -54.69 -43.87
N HIS H 1045 93.84 -53.41 -44.15
CA HIS H 1045 93.25 -52.50 -43.19
C HIS H 1045 91.75 -52.42 -43.45
N PRO H 1046 90.93 -52.93 -42.58
CA PRO H 1046 89.49 -53.00 -42.86
C PRO H 1046 88.73 -51.70 -42.58
N GLY H 1047 89.25 -50.60 -43.08
CA GLY H 1047 88.52 -49.35 -43.11
C GLY H 1047 88.29 -48.68 -41.80
N PHE H 1048 88.61 -49.31 -40.67
CA PHE H 1048 88.48 -48.67 -39.37
C PHE H 1048 89.64 -49.13 -38.50
N GLY H 1049 89.68 -48.61 -37.28
CA GLY H 1049 90.80 -48.91 -36.40
C GLY H 1049 90.30 -48.93 -34.97
N PHE H 1050 91.13 -49.45 -34.09
CA PHE H 1050 90.73 -49.64 -32.71
C PHE H 1050 91.38 -48.60 -31.81
N THR H 1051 90.95 -48.62 -30.56
CA THR H 1051 91.62 -47.93 -29.47
C THR H 1051 91.89 -48.97 -28.40
N VAL H 1052 93.13 -49.04 -27.95
CA VAL H 1052 93.57 -50.14 -27.12
C VAL H 1052 93.58 -49.67 -25.67
N VAL H 1053 92.85 -50.35 -24.82
CA VAL H 1053 92.81 -50.06 -23.40
C VAL H 1053 93.47 -51.24 -22.68
N ARG H 1054 94.34 -50.93 -21.73
CA ARG H 1054 94.94 -51.95 -20.88
C ARG H 1054 94.90 -51.50 -19.43
N GLN H 1055 94.50 -52.40 -18.56
CA GLN H 1055 94.55 -52.16 -17.13
C GLN H 1055 95.95 -52.48 -16.66
N ASP H 1056 96.48 -51.65 -15.76
CA ASP H 1056 97.89 -51.74 -15.48
C ASP H 1056 98.16 -51.36 -14.03
N ARG H 1057 99.11 -52.05 -13.41
CA ARG H 1057 99.30 -52.02 -11.97
C ARG H 1057 100.72 -51.59 -11.65
N PHE H 1058 100.95 -51.19 -10.40
CA PHE H 1058 102.27 -50.80 -9.93
C PHE H 1058 102.38 -51.07 -8.45
N VAL H 1059 103.61 -51.11 -7.96
CA VAL H 1059 103.89 -51.14 -6.53
C VAL H 1059 104.51 -49.81 -6.16
N THR H 1060 103.83 -49.07 -5.31
CA THR H 1060 104.23 -47.73 -4.95
C THR H 1060 104.81 -47.74 -3.55
N GLU H 1061 105.21 -46.56 -3.08
CA GLU H 1061 105.69 -46.38 -1.72
C GLU H 1061 105.12 -45.07 -1.20
N ASN H 1062 104.56 -45.09 -0.01
CA ASN H 1062 103.75 -43.98 0.46
C ASN H 1062 104.31 -43.43 1.76
N VAL H 1063 103.94 -42.19 2.05
CA VAL H 1063 104.12 -41.57 3.35
C VAL H 1063 102.75 -41.16 3.84
N LEU H 1064 102.51 -41.32 5.14
CA LEU H 1064 101.19 -41.09 5.70
C LEU H 1064 101.32 -40.18 6.90
N PHE H 1065 100.84 -38.96 6.80
CA PHE H 1065 100.91 -38.05 7.92
C PHE H 1065 99.55 -37.96 8.60
N SER H 1066 99.43 -38.54 9.78
CA SER H 1066 98.29 -38.34 10.65
C SER H 1066 98.75 -37.61 11.89
N GLU H 1067 97.85 -37.00 12.60
CA GLU H 1067 98.30 -36.22 13.70
C GLU H 1067 97.69 -36.57 14.99
N ARG H 1068 98.09 -35.87 16.05
CA ARG H 1068 97.69 -36.12 17.40
C ARG H 1068 96.18 -36.20 17.52
N ALA H 1069 95.75 -37.20 18.30
CA ALA H 1069 94.38 -37.68 18.44
C ALA H 1069 94.11 -38.15 17.05
N SER H 1070 93.05 -37.69 16.39
CA SER H 1070 92.64 -38.04 15.02
C SER H 1070 91.95 -39.34 14.78
N GLU H 1071 91.71 -40.08 15.85
CA GLU H 1071 90.95 -41.33 15.89
C GLU H 1071 90.59 -41.58 17.34
N ALA H 1072 89.66 -42.47 17.57
CA ALA H 1072 89.39 -42.98 18.91
C ALA H 1072 89.30 -44.48 18.76
N TYR H 1073 90.24 -45.19 19.36
CA TYR H 1073 90.40 -46.61 19.14
C TYR H 1073 90.02 -47.33 20.43
N PHE H 1074 89.02 -48.20 20.35
CA PHE H 1074 88.45 -48.84 21.53
C PHE H 1074 88.85 -50.31 21.59
N LEU H 1075 89.08 -50.80 22.80
CA LEU H 1075 89.61 -52.13 23.04
C LEU H 1075 88.60 -52.97 23.79
N GLY H 1076 88.35 -54.17 23.31
CA GLY H 1076 87.38 -55.07 23.89
C GLY H 1076 88.01 -56.09 24.83
N GLN H 1077 87.40 -57.27 24.87
CA GLN H 1077 87.79 -58.35 25.75
C GLN H 1077 88.29 -59.52 24.91
N LEU H 1078 89.18 -60.33 25.49
CA LEU H 1078 89.92 -61.33 24.71
C LEU H 1078 89.02 -62.42 24.15
N GLN H 1079 88.16 -62.99 24.99
CA GLN H 1079 87.24 -64.08 24.62
C GLN H 1079 87.93 -65.22 23.88
N VAL H 1080 88.65 -66.06 24.61
CA VAL H 1080 89.18 -67.31 24.06
C VAL H 1080 88.04 -68.11 23.46
N ALA H 1081 88.31 -68.77 22.34
CA ALA H 1081 87.38 -69.71 21.73
C ALA H 1081 88.16 -70.93 21.27
N ARG H 1082 87.61 -72.10 21.50
CA ARG H 1082 88.29 -73.34 21.19
C ARG H 1082 87.34 -74.38 20.66
N HIS H 1083 87.73 -75.08 19.59
CA HIS H 1083 86.93 -76.22 19.21
C HIS H 1083 87.70 -77.53 19.17
N GLU H 1084 88.46 -77.79 18.09
CA GLU H 1084 88.94 -79.13 17.76
C GLU H 1084 89.81 -79.06 16.52
N THR H 1085 90.37 -80.20 16.11
CA THR H 1085 91.09 -80.36 14.85
C THR H 1085 91.53 -81.82 14.78
N GLY H 1086 91.82 -82.28 13.56
CA GLY H 1086 92.46 -83.56 13.40
C GLY H 1086 93.85 -83.51 13.98
N GLY H 1087 94.13 -84.36 14.96
CA GLY H 1087 95.43 -84.35 15.61
C GLY H 1087 95.79 -83.04 16.25
N GLY H 1088 94.84 -82.38 16.90
CA GLY H 1088 95.14 -81.13 17.57
C GLY H 1088 93.89 -80.55 18.18
N VAL H 1089 94.11 -79.50 18.96
CA VAL H 1089 93.04 -78.71 19.56
C VAL H 1089 93.43 -77.25 19.47
N ASN H 1090 92.58 -76.44 18.84
CA ASN H 1090 92.90 -75.04 18.54
C ASN H 1090 92.19 -74.10 19.49
N PHE H 1091 92.96 -73.20 20.10
CA PHE H 1091 92.43 -72.04 20.77
C PHE H 1091 92.51 -70.85 19.82
N THR H 1092 91.51 -69.99 19.85
CA THR H 1092 91.55 -68.76 19.07
C THR H 1092 91.09 -67.61 19.94
N LEU H 1093 91.54 -66.41 19.59
CA LEU H 1093 91.32 -65.20 20.39
C LEU H 1093 90.72 -64.13 19.49
N THR H 1094 89.91 -63.25 20.05
CA THR H 1094 89.28 -62.31 19.14
C THR H 1094 89.46 -60.84 19.36
N GLN H 1095 89.29 -60.35 20.58
CA GLN H 1095 89.47 -58.94 20.84
C GLN H 1095 88.74 -57.98 19.94
N PRO H 1096 87.41 -57.95 19.99
CA PRO H 1096 86.64 -57.04 19.16
C PRO H 1096 87.09 -55.63 19.42
N ARG H 1097 87.32 -54.88 18.37
CA ARG H 1097 87.84 -53.56 18.46
C ARG H 1097 86.99 -52.66 17.66
N GLY H 1098 87.00 -51.40 18.00
CA GLY H 1098 86.21 -50.46 17.25
C GLY H 1098 86.93 -49.15 17.27
N ASN H 1099 86.64 -48.33 16.30
CA ASN H 1099 87.26 -47.00 16.27
C ASN H 1099 86.49 -46.03 15.40
N VAL H 1100 86.75 -44.73 15.62
CA VAL H 1100 86.20 -43.65 14.80
C VAL H 1100 87.18 -42.49 14.72
N ASP H 1101 87.24 -41.88 13.55
CA ASP H 1101 87.99 -40.65 13.37
C ASP H 1101 87.48 -39.57 14.31
N LEU H 1102 88.40 -38.73 14.77
CA LEU H 1102 88.04 -37.51 15.47
C LEU H 1102 88.35 -36.35 14.56
N GLY H 1103 87.66 -35.27 14.76
CA GLY H 1103 88.03 -34.22 13.85
C GLY H 1103 86.97 -34.00 12.81
N VAL H 1104 86.91 -32.76 12.35
CA VAL H 1104 85.81 -32.26 11.55
C VAL H 1104 86.19 -32.49 10.10
N GLY H 1105 87.25 -33.26 9.90
CA GLY H 1105 87.63 -33.83 8.62
C GLY H 1105 88.93 -33.38 8.01
N TYR H 1106 89.49 -34.31 7.24
CA TYR H 1106 90.77 -34.18 6.59
C TYR H 1106 92.07 -34.32 7.33
N THR H 1107 92.10 -35.16 8.35
CA THR H 1107 93.37 -35.47 8.96
C THR H 1107 94.02 -36.56 8.10
N ALA H 1108 95.24 -36.95 8.43
CA ALA H 1108 95.90 -38.11 7.80
C ALA H 1108 95.83 -38.08 6.28
N VAL H 1109 96.60 -37.17 5.70
CA VAL H 1109 96.85 -37.23 4.27
C VAL H 1109 97.90 -38.31 4.01
N ALA H 1110 97.76 -39.01 2.89
CA ALA H 1110 98.79 -39.93 2.41
C ALA H 1110 99.31 -39.43 1.08
N ALA H 1111 100.54 -39.79 0.76
CA ALA H 1111 101.16 -39.38 -0.49
C ALA H 1111 101.71 -40.60 -1.19
N THR H 1112 102.40 -40.39 -2.29
CA THR H 1112 103.09 -41.49 -2.96
C THR H 1112 104.42 -41.00 -3.39
N ALA H 1113 105.36 -41.90 -3.52
CA ALA H 1113 106.67 -41.54 -3.93
C ALA H 1113 107.31 -42.74 -4.58
N THR H 1114 108.32 -42.54 -5.37
CA THR H 1114 109.09 -43.65 -5.95
C THR H 1114 108.50 -44.66 -6.97
N VAL H 1115 107.49 -45.42 -6.59
CA VAL H 1115 106.80 -46.49 -7.40
C VAL H 1115 107.36 -47.90 -7.50
N ARG H 1116 108.53 -48.25 -6.98
CA ARG H 1116 108.98 -49.66 -7.05
C ARG H 1116 108.91 -50.22 -8.47
N ASN H 1117 108.20 -51.30 -8.66
CA ASN H 1117 108.13 -51.92 -9.97
C ASN H 1117 106.74 -51.98 -10.53
N PRO H 1118 106.61 -52.21 -11.82
CA PRO H 1118 105.33 -52.31 -12.52
C PRO H 1118 104.35 -53.39 -12.20
N VAL H 1119 104.78 -54.61 -11.86
CA VAL H 1119 103.95 -55.81 -11.58
C VAL H 1119 103.32 -56.41 -12.82
N THR H 1120 102.43 -55.67 -13.44
CA THR H 1120 101.82 -56.10 -14.68
C THR H 1120 102.96 -55.94 -15.66
N ASP H 1121 103.17 -56.87 -16.54
CA ASP H 1121 104.37 -56.72 -17.35
C ASP H 1121 104.26 -55.62 -18.38
N MET H 1122 103.14 -54.91 -18.30
CA MET H 1122 102.88 -53.74 -19.08
C MET H 1122 102.97 -53.94 -20.56
N GLY H 1123 102.57 -55.11 -21.04
CA GLY H 1123 102.59 -55.31 -22.46
C GLY H 1123 101.94 -56.44 -23.21
N ASN H 1124 101.38 -56.07 -24.35
CA ASN H 1124 100.92 -56.90 -25.44
C ASN H 1124 99.99 -58.16 -25.40
N LEU H 1125 98.90 -58.21 -24.65
CA LEU H 1125 98.12 -59.42 -24.72
C LEU H 1125 96.74 -58.97 -25.15
N PRO H 1126 96.11 -59.67 -26.08
CA PRO H 1126 94.77 -59.29 -26.53
C PRO H 1126 93.67 -59.78 -25.61
N GLN H 1127 92.46 -59.43 -25.98
CA GLN H 1127 91.25 -59.97 -25.39
C GLN H 1127 90.77 -61.13 -26.24
N ASN H 1128 90.22 -62.14 -25.59
CA ASN H 1128 89.64 -63.28 -26.29
C ASN H 1128 88.21 -63.42 -25.80
N PHE H 1129 87.24 -63.26 -26.70
CA PHE H 1129 85.86 -63.34 -26.29
C PHE H 1129 85.36 -64.77 -26.14
N TYR H 1130 86.12 -65.76 -26.59
CA TYR H 1130 85.64 -67.12 -26.58
C TYR H 1130 85.75 -67.78 -25.21
N LEU H 1131 86.23 -67.07 -24.21
CA LEU H 1131 86.26 -67.66 -22.88
C LEU H 1131 84.88 -67.61 -22.24
N GLY H 1132 84.11 -66.55 -22.46
CA GLY H 1132 82.72 -66.50 -22.07
C GLY H 1132 81.79 -66.77 -23.24
N ARG H 1133 80.57 -67.20 -22.92
CA ARG H 1133 79.52 -67.33 -23.93
C ARG H 1133 78.37 -66.39 -23.58
N GLY H 1134 78.31 -65.24 -24.23
CA GLY H 1134 77.14 -64.39 -24.15
C GLY H 1134 76.40 -64.23 -25.46
N ALA H 1135 77.03 -64.68 -26.56
CA ALA H 1135 76.64 -64.28 -27.89
C ALA H 1135 75.98 -65.43 -28.63
N PRO H 1136 74.81 -65.20 -29.23
CA PRO H 1136 74.26 -66.18 -30.16
C PRO H 1136 75.27 -66.51 -31.23
N PRO H 1137 75.56 -67.79 -31.43
CA PRO H 1137 76.60 -68.18 -32.38
C PRO H 1137 76.12 -68.01 -33.82
N LEU H 1138 77.09 -68.07 -34.74
CA LEU H 1138 76.79 -68.13 -36.16
C LEU H 1138 75.82 -69.26 -36.45
N LEU H 1139 74.83 -69.01 -37.31
CA LEU H 1139 73.84 -70.04 -37.57
C LEU H 1139 74.42 -71.26 -38.26
N ASP H 1140 75.47 -71.10 -39.04
CA ASP H 1140 76.07 -72.23 -39.74
C ASP H 1140 77.09 -72.87 -38.81
N ASN H 1141 76.80 -74.10 -38.38
CA ASN H 1141 77.62 -74.72 -37.35
C ASN H 1141 79.03 -75.01 -37.86
N ALA H 1142 79.18 -75.25 -39.16
CA ALA H 1142 80.52 -75.42 -39.70
C ALA H 1142 81.22 -74.09 -39.84
N ALA H 1143 80.47 -73.01 -40.01
CA ALA H 1143 81.06 -71.69 -39.99
C ALA H 1143 81.50 -71.31 -38.58
N ALA H 1144 80.68 -71.64 -37.58
CA ALA H 1144 80.98 -71.25 -36.21
C ALA H 1144 82.24 -71.93 -35.70
N VAL H 1145 82.34 -73.25 -35.90
CA VAL H 1145 83.48 -73.97 -35.33
C VAL H 1145 84.75 -73.77 -36.14
N TYR H 1146 84.64 -73.58 -37.45
CA TYR H 1146 85.81 -73.14 -38.21
C TYR H 1146 86.24 -71.75 -37.77
N LEU H 1147 85.26 -70.84 -37.66
CA LEU H 1147 85.50 -69.53 -37.07
C LEU H 1147 86.19 -69.64 -35.73
N ARG H 1148 85.55 -70.29 -34.76
CA ARG H 1148 86.03 -70.37 -33.39
C ARG H 1148 87.48 -70.83 -33.28
N ASN H 1149 87.76 -72.07 -33.68
CA ASN H 1149 89.08 -72.62 -33.40
C ASN H 1149 90.17 -71.93 -34.20
N ALA H 1150 89.83 -71.34 -35.34
CA ALA H 1150 90.84 -70.59 -36.09
C ALA H 1150 91.40 -69.45 -35.24
N VAL H 1151 90.54 -68.76 -34.49
CA VAL H 1151 91.01 -67.77 -33.54
C VAL H 1151 91.63 -68.46 -32.33
N VAL H 1152 90.87 -69.34 -31.69
CA VAL H 1152 91.24 -69.94 -30.42
C VAL H 1152 92.46 -70.84 -30.51
N ALA H 1153 92.95 -71.12 -31.71
CA ALA H 1153 93.99 -72.11 -31.93
C ALA H 1153 95.19 -71.91 -31.00
N GLY H 1154 95.97 -70.87 -31.25
CA GLY H 1154 97.19 -70.68 -30.48
C GLY H 1154 97.18 -69.53 -29.49
N ASN H 1155 96.00 -68.98 -29.19
CA ASN H 1155 95.92 -67.87 -28.26
C ASN H 1155 96.52 -68.26 -26.92
N ARG H 1156 97.22 -67.30 -26.31
CA ARG H 1156 97.64 -67.50 -24.93
C ARG H 1156 96.43 -67.63 -24.02
N LEU H 1157 95.39 -66.83 -24.27
CA LEU H 1157 94.17 -66.93 -23.49
C LEU H 1157 93.34 -68.13 -23.93
N GLY H 1158 93.31 -68.40 -25.22
CA GLY H 1158 92.30 -69.24 -25.83
C GLY H 1158 92.11 -70.54 -25.09
N PRO H 1159 90.86 -70.85 -24.78
CA PRO H 1159 90.58 -71.88 -23.77
C PRO H 1159 91.21 -73.20 -24.12
N ALA H 1160 91.93 -73.77 -23.17
CA ALA H 1160 92.31 -75.18 -23.25
C ALA H 1160 91.06 -75.99 -22.95
N GLN H 1161 90.69 -76.86 -23.90
CA GLN H 1161 89.55 -77.77 -23.92
C GLN H 1161 88.26 -76.95 -23.93
N PRO H 1162 87.15 -77.47 -24.42
CA PRO H 1162 85.96 -76.64 -24.62
C PRO H 1162 85.37 -76.14 -23.30
N LEU H 1163 84.60 -75.08 -23.41
CA LEU H 1163 84.02 -74.44 -22.24
C LEU H 1163 83.05 -75.40 -21.53
N PRO H 1164 83.25 -75.67 -20.24
CA PRO H 1164 82.30 -76.52 -19.52
C PRO H 1164 80.99 -75.78 -19.31
N VAL H 1165 79.93 -76.57 -19.11
CA VAL H 1165 78.61 -76.01 -18.80
C VAL H 1165 78.73 -75.18 -17.53
N PHE H 1166 78.96 -75.83 -16.40
CA PHE H 1166 79.28 -75.13 -15.17
C PHE H 1166 80.78 -75.25 -14.90
N GLY H 1167 81.42 -74.12 -14.70
CA GLY H 1167 82.86 -74.10 -14.46
C GLY H 1167 83.46 -72.82 -14.97
N CYS H 1168 84.77 -72.86 -15.18
CA CYS H 1168 85.54 -71.71 -15.64
C CYS H 1168 86.16 -72.02 -16.99
N ALA H 1169 86.53 -70.94 -17.70
CA ALA H 1169 87.08 -71.07 -19.03
C ALA H 1169 88.50 -71.61 -19.04
N GLN H 1170 89.20 -71.54 -17.90
CA GLN H 1170 90.50 -72.20 -17.76
C GLN H 1170 91.50 -71.77 -18.81
N VAL H 1171 92.03 -70.55 -18.65
CA VAL H 1171 93.16 -70.09 -19.46
C VAL H 1171 94.28 -71.11 -19.36
N PRO H 1172 94.92 -71.47 -20.48
CA PRO H 1172 96.08 -72.36 -20.41
C PRO H 1172 97.21 -71.69 -19.67
N ARG H 1173 97.80 -72.42 -18.72
CA ARG H 1173 98.90 -71.89 -17.92
C ARG H 1173 100.22 -72.25 -18.58
N ARG H 1174 101.03 -71.23 -18.87
CA ARG H 1174 102.29 -71.49 -19.53
C ARG H 1174 103.33 -71.95 -18.52
N ALA H 1175 104.33 -72.69 -19.02
CA ALA H 1175 105.27 -73.36 -18.15
C ALA H 1175 106.22 -72.39 -17.47
N GLY H 1176 106.46 -71.23 -18.07
CA GLY H 1176 107.36 -70.26 -17.47
C GLY H 1176 106.95 -68.87 -17.84
N MET H 1177 107.38 -67.92 -17.02
CA MET H 1177 107.02 -66.52 -17.23
C MET H 1177 108.13 -65.66 -16.64
N ASP H 1178 108.22 -64.43 -17.14
CA ASP H 1178 109.38 -63.61 -16.87
C ASP H 1178 109.04 -62.22 -16.35
N HIS H 1179 108.49 -61.35 -17.18
CA HIS H 1179 108.46 -59.94 -16.81
C HIS H 1179 107.43 -59.64 -15.74
N GLY H 1180 106.37 -60.42 -15.67
CA GLY H 1180 105.38 -60.23 -14.64
C GLY H 1180 104.01 -60.60 -15.16
N GLN H 1181 103.00 -60.21 -14.40
CA GLN H 1181 101.62 -60.47 -14.76
C GLN H 1181 101.34 -59.90 -16.15
N ASP H 1182 100.55 -60.63 -16.92
CA ASP H 1182 100.23 -60.20 -18.27
C ASP H 1182 99.06 -59.24 -18.24
N ALA H 1183 99.23 -58.07 -18.83
CA ALA H 1183 98.11 -57.17 -18.96
C ALA H 1183 97.17 -57.72 -20.02
N VAL H 1184 96.02 -57.07 -20.19
CA VAL H 1184 95.05 -57.51 -21.18
C VAL H 1184 94.66 -56.28 -22.00
N CYS H 1185 95.04 -56.28 -23.26
CA CYS H 1185 94.61 -55.22 -24.14
C CYS H 1185 93.19 -55.48 -24.60
N GLU H 1186 92.49 -54.40 -24.93
CA GLU H 1186 91.14 -54.48 -25.45
C GLU H 1186 90.94 -53.44 -26.53
N PHE H 1187 90.03 -53.76 -27.45
CA PHE H 1187 89.91 -53.01 -28.69
C PHE H 1187 88.50 -52.48 -28.82
N ILE H 1188 88.36 -51.16 -28.80
CA ILE H 1188 87.12 -50.51 -29.20
C ILE H 1188 87.31 -50.02 -30.62
N ALA H 1189 86.52 -50.54 -31.55
CA ALA H 1189 86.68 -50.13 -32.94
C ALA H 1189 86.26 -48.69 -33.08
N THR H 1190 87.17 -47.85 -33.54
CA THR H 1190 86.84 -46.44 -33.76
C THR H 1190 86.77 -46.16 -35.26
N PRO H 1191 86.41 -44.94 -35.65
CA PRO H 1191 86.63 -44.51 -37.03
C PRO H 1191 88.07 -44.12 -37.26
N VAL H 1192 88.54 -44.31 -38.49
CA VAL H 1192 89.90 -43.88 -38.82
C VAL H 1192 90.04 -42.37 -38.76
N ALA H 1193 88.95 -41.63 -38.88
CA ALA H 1193 89.02 -40.20 -38.64
C ALA H 1193 88.46 -39.96 -37.26
N THR H 1194 89.35 -39.89 -36.29
CA THR H 1194 89.18 -39.26 -35.00
C THR H 1194 90.55 -38.67 -34.78
N ASP H 1195 90.60 -37.40 -34.48
CA ASP H 1195 91.90 -36.89 -34.45
C ASP H 1195 92.65 -37.73 -33.50
N ILE H 1196 93.93 -37.83 -33.81
CA ILE H 1196 94.91 -38.49 -33.00
C ILE H 1196 95.01 -37.71 -31.69
N ASN H 1197 94.89 -36.39 -31.74
CA ASN H 1197 94.92 -35.52 -30.62
C ASN H 1197 93.91 -35.86 -29.57
N TYR H 1198 92.76 -36.45 -29.89
CA TYR H 1198 91.86 -36.81 -28.80
C TYR H 1198 92.51 -38.07 -28.34
N PHE H 1199 93.75 -37.93 -27.97
CA PHE H 1199 94.62 -38.97 -27.46
C PHE H 1199 95.64 -37.92 -27.20
N ARG H 1200 96.83 -38.27 -26.74
CA ARG H 1200 97.81 -37.25 -26.46
C ARG H 1200 97.26 -36.51 -25.24
N ARG H 1201 96.27 -37.08 -24.58
CA ARG H 1201 95.67 -36.46 -23.41
C ARG H 1201 94.94 -37.54 -22.63
N PRO H 1202 94.75 -37.37 -21.33
CA PRO H 1202 94.08 -38.41 -20.51
C PRO H 1202 92.71 -38.96 -20.92
N CYS H 1203 92.11 -38.50 -21.99
CA CYS H 1203 90.71 -38.70 -22.35
C CYS H 1203 90.08 -40.10 -22.23
N ASN H 1204 88.77 -40.13 -22.00
CA ASN H 1204 87.97 -41.35 -21.84
C ASN H 1204 88.05 -42.24 -23.06
N PRO H 1205 88.27 -43.60 -22.81
CA PRO H 1205 88.40 -44.42 -24.03
C PRO H 1205 87.23 -44.48 -24.97
N ARG H 1206 86.02 -44.50 -24.45
CA ARG H 1206 84.81 -44.60 -25.26
C ARG H 1206 84.52 -43.45 -26.22
N GLY H 1207 85.08 -42.27 -26.00
CA GLY H 1207 84.83 -41.14 -26.84
C GLY H 1207 84.19 -39.96 -26.14
N ARG H 1208 83.74 -40.12 -24.90
CA ARG H 1208 82.99 -39.07 -24.25
C ARG H 1208 83.19 -39.16 -22.75
N ALA H 1209 83.14 -38.01 -22.08
CA ALA H 1209 83.37 -37.98 -20.64
C ALA H 1209 82.16 -38.53 -19.92
N ALA H 1210 82.34 -39.61 -19.17
CA ALA H 1210 81.24 -40.29 -18.51
C ALA H 1210 81.14 -40.02 -17.02
N GLY H 1211 82.05 -39.24 -16.45
CA GLY H 1211 82.15 -39.21 -15.00
C GLY H 1211 80.94 -38.55 -14.36
N GLY H 1212 80.51 -39.09 -13.25
CA GLY H 1212 79.54 -38.39 -12.44
C GLY H 1212 80.10 -37.21 -11.69
N VAL H 1213 81.41 -36.99 -11.81
CA VAL H 1213 82.03 -35.81 -11.22
C VAL H 1213 81.54 -34.55 -11.89
N TYR H 1214 81.22 -34.62 -13.17
CA TYR H 1214 80.77 -33.47 -13.92
C TYR H 1214 79.32 -33.15 -13.63
N ALA H 1215 78.50 -34.19 -13.52
CA ALA H 1215 77.06 -34.00 -13.48
C ALA H 1215 76.67 -33.07 -12.35
N GLY H 1216 75.61 -32.29 -12.60
CA GLY H 1216 75.34 -31.12 -11.80
C GLY H 1216 74.25 -31.22 -10.75
N ASP H 1217 73.93 -32.41 -10.27
CA ASP H 1217 72.94 -32.61 -9.19
C ASP H 1217 71.55 -32.15 -9.61
N LYS H 1218 71.36 -32.12 -10.93
CA LYS H 1218 70.17 -31.63 -11.58
C LYS H 1218 69.35 -32.76 -12.07
N GLU H 1219 69.37 -33.86 -11.30
CA GLU H 1219 68.61 -35.11 -11.49
C GLU H 1219 69.22 -36.20 -12.37
N GLY H 1220 68.90 -36.18 -13.65
CA GLY H 1220 69.40 -37.20 -14.55
C GLY H 1220 70.61 -36.72 -15.31
N ASP H 1221 71.32 -35.74 -14.79
CA ASP H 1221 72.43 -35.20 -15.51
C ASP H 1221 73.46 -36.25 -15.69
N VAL H 1222 73.60 -37.16 -14.74
CA VAL H 1222 74.62 -38.18 -14.92
C VAL H 1222 74.43 -39.07 -16.12
N ILE H 1223 73.24 -39.56 -16.37
CA ILE H 1223 73.08 -40.35 -17.57
C ILE H 1223 73.21 -39.42 -18.72
N ALA H 1224 72.45 -38.36 -18.62
CA ALA H 1224 72.40 -37.28 -19.60
C ALA H 1224 73.80 -36.78 -19.91
N LEU H 1225 74.62 -36.67 -18.87
CA LEU H 1225 76.03 -36.32 -19.02
C LEU H 1225 76.73 -37.27 -19.96
N MET H 1226 76.14 -38.44 -20.18
CA MET H 1226 76.84 -39.59 -20.73
C MET H 1226 76.37 -39.91 -22.14
N TYR H 1227 75.13 -40.37 -22.24
CA TYR H 1227 74.55 -40.85 -23.47
C TYR H 1227 73.83 -39.91 -24.37
N ASP H 1228 73.58 -38.68 -23.95
CA ASP H 1228 72.81 -37.78 -24.79
C ASP H 1228 73.70 -37.11 -25.79
N HIS H 1229 73.67 -37.63 -27.01
CA HIS H 1229 74.46 -37.08 -28.09
C HIS H 1229 73.92 -35.78 -28.59
N GLY H 1230 72.64 -35.56 -28.37
CA GLY H 1230 72.05 -34.27 -28.67
C GLY H 1230 72.77 -33.12 -27.99
N GLN H 1231 73.32 -33.35 -26.80
CA GLN H 1231 74.15 -32.34 -26.13
C GLN H 1231 75.57 -32.36 -26.64
N SER H 1232 76.35 -31.48 -26.04
CA SER H 1232 77.79 -31.40 -26.27
C SER H 1232 78.46 -32.46 -25.41
N ASP H 1233 79.75 -32.36 -25.24
CA ASP H 1233 80.56 -33.27 -24.47
C ASP H 1233 81.14 -32.52 -23.29
N PRO H 1234 81.15 -33.13 -22.10
CA PRO H 1234 81.68 -32.38 -20.95
C PRO H 1234 83.12 -31.97 -21.11
N ALA H 1235 83.95 -32.90 -21.52
CA ALA H 1235 85.38 -32.64 -21.60
C ALA H 1235 85.74 -31.82 -22.82
N ARG H 1236 85.17 -32.15 -23.96
CA ARG H 1236 85.42 -31.41 -25.21
C ARG H 1236 84.01 -31.12 -25.56
N PRO H 1237 83.61 -29.86 -25.48
CA PRO H 1237 82.19 -29.63 -25.74
C PRO H 1237 81.84 -29.27 -27.16
N PHE H 1238 82.77 -28.91 -28.00
CA PHE H 1238 82.36 -28.55 -29.34
C PHE H 1238 81.87 -29.74 -30.15
N ALA H 1239 81.93 -30.95 -29.61
CA ALA H 1239 81.49 -32.15 -30.31
C ALA H 1239 80.82 -33.13 -29.39
N ALA H 1240 79.88 -33.91 -29.89
CA ALA H 1240 79.21 -34.90 -29.08
C ALA H 1240 80.07 -36.07 -28.68
N THR H 1241 80.92 -36.54 -29.58
CA THR H 1241 81.79 -37.68 -29.33
C THR H 1241 82.92 -37.81 -30.26
N ALA H 1242 83.99 -38.46 -29.84
CA ALA H 1242 85.10 -38.73 -30.73
C ALA H 1242 84.91 -40.08 -31.36
N ASN H 1243 84.17 -40.95 -30.72
CA ASN H 1243 83.95 -42.24 -31.32
C ASN H 1243 82.50 -42.44 -31.16
N PRO H 1244 81.73 -42.39 -32.25
CA PRO H 1244 80.29 -42.56 -32.11
C PRO H 1244 79.87 -43.98 -31.81
N TRP H 1245 80.75 -44.95 -32.04
CA TRP H 1245 80.42 -46.35 -31.91
C TRP H 1245 80.50 -46.85 -30.48
N ALA H 1246 81.27 -46.17 -29.64
CA ALA H 1246 81.45 -46.54 -28.24
C ALA H 1246 80.51 -45.76 -27.33
N SER H 1247 80.59 -44.44 -27.37
CA SER H 1247 79.90 -43.59 -26.40
C SER H 1247 78.40 -43.84 -26.35
N GLN H 1248 77.76 -43.97 -27.50
CA GLN H 1248 76.30 -44.02 -27.52
C GLN H 1248 75.78 -45.27 -26.83
N ARG H 1249 74.59 -45.15 -26.25
CA ARG H 1249 73.96 -46.30 -25.64
C ARG H 1249 73.42 -47.22 -26.74
N PHE H 1250 73.54 -48.53 -26.52
CA PHE H 1250 73.16 -49.57 -27.49
C PHE H 1250 74.04 -49.54 -28.73
N SER H 1251 75.28 -49.12 -28.60
CA SER H 1251 76.16 -49.07 -29.75
C SER H 1251 77.34 -49.98 -29.60
N TYR H 1252 77.63 -50.78 -30.62
CA TYR H 1252 78.79 -51.66 -30.67
C TYR H 1252 79.65 -51.86 -29.44
N GLY H 1253 80.47 -50.85 -29.17
CA GLY H 1253 81.36 -50.85 -28.03
C GLY H 1253 80.57 -50.90 -26.75
N ASP H 1254 79.50 -50.13 -26.67
CA ASP H 1254 78.68 -50.13 -25.47
C ASP H 1254 78.11 -51.51 -25.34
N LEU H 1255 77.73 -52.09 -26.47
CA LEU H 1255 77.17 -53.44 -26.50
C LEU H 1255 78.15 -54.49 -26.00
N LEU H 1256 79.42 -54.35 -26.37
CA LEU H 1256 80.44 -55.28 -25.96
C LEU H 1256 80.92 -55.15 -24.55
N TYR H 1257 81.17 -53.92 -24.11
CA TYR H 1257 81.78 -53.71 -22.81
C TYR H 1257 80.98 -53.37 -21.57
N ASN H 1258 79.71 -53.11 -21.74
CA ASN H 1258 78.81 -52.78 -20.65
C ASN H 1258 78.45 -54.07 -19.92
N GLY H 1259 78.74 -54.10 -18.63
CA GLY H 1259 78.45 -55.28 -17.85
C GLY H 1259 76.98 -55.56 -17.67
N ALA H 1260 76.12 -54.63 -18.08
CA ALA H 1260 74.69 -54.91 -18.06
C ALA H 1260 74.37 -56.08 -18.97
N TYR H 1261 75.02 -56.15 -20.13
CA TYR H 1261 74.76 -57.19 -21.10
C TYR H 1261 75.53 -58.48 -20.82
N HIS H 1262 76.57 -58.39 -20.01
CA HIS H 1262 77.32 -59.55 -19.51
C HIS H 1262 77.53 -60.60 -20.58
N LEU H 1263 78.25 -60.21 -21.64
CA LEU H 1263 78.59 -61.16 -22.69
C LEU H 1263 79.83 -61.94 -22.29
N ASN H 1264 80.87 -61.18 -22.08
CA ASN H 1264 82.16 -61.70 -21.72
C ASN H 1264 82.20 -61.98 -20.22
N GLY H 1265 81.05 -61.94 -19.57
CA GLY H 1265 80.90 -62.20 -18.15
C GLY H 1265 81.30 -63.59 -17.70
N ALA H 1266 81.19 -64.57 -18.58
CA ALA H 1266 81.55 -65.95 -18.25
C ALA H 1266 83.02 -66.09 -17.95
N SER H 1267 83.82 -65.36 -18.70
CA SER H 1267 85.27 -65.40 -18.67
C SER H 1267 85.96 -64.99 -17.39
N PRO H 1268 87.10 -65.65 -17.05
CA PRO H 1268 87.93 -65.26 -15.89
C PRO H 1268 88.78 -64.03 -16.12
N VAL H 1269 89.03 -63.65 -17.35
CA VAL H 1269 89.99 -62.59 -17.65
C VAL H 1269 89.37 -61.24 -17.36
N LEU H 1270 90.21 -60.25 -17.06
CA LEU H 1270 89.74 -58.92 -16.73
C LEU H 1270 89.42 -58.14 -17.98
N SER H 1271 88.39 -57.29 -17.89
CA SER H 1271 88.09 -56.33 -18.93
C SER H 1271 88.46 -54.95 -18.44
N PRO H 1272 89.54 -54.35 -18.95
CA PRO H 1272 89.81 -52.95 -18.60
C PRO H 1272 88.67 -52.00 -18.93
N CYS H 1273 87.99 -52.22 -20.04
CA CYS H 1273 86.93 -51.32 -20.46
C CYS H 1273 85.68 -51.48 -19.63
N PHE H 1274 85.57 -52.52 -18.83
CA PHE H 1274 84.36 -52.68 -18.07
C PHE H 1274 84.15 -51.43 -17.26
N LYS H 1275 85.23 -50.85 -16.78
CA LYS H 1275 85.21 -49.65 -15.97
C LYS H 1275 84.57 -48.45 -16.66
N PHE H 1276 84.85 -48.29 -17.95
CA PHE H 1276 84.33 -47.15 -18.70
C PHE H 1276 82.96 -47.34 -19.30
N PHE H 1277 82.40 -48.54 -19.17
CA PHE H 1277 81.08 -48.79 -19.73
C PHE H 1277 80.02 -49.40 -18.81
N THR H 1278 79.34 -48.62 -17.99
CA THR H 1278 78.21 -49.21 -17.27
C THR H 1278 77.03 -48.26 -17.34
N ALA H 1279 77.20 -47.10 -16.71
CA ALA H 1279 76.13 -46.20 -16.31
C ALA H 1279 75.34 -46.85 -15.19
N ALA H 1280 75.57 -48.15 -14.97
CA ALA H 1280 75.07 -48.78 -13.76
C ALA H 1280 76.00 -48.50 -12.59
N ASP H 1281 77.31 -48.59 -12.82
CA ASP H 1281 78.29 -48.29 -11.79
C ASP H 1281 78.58 -46.80 -11.69
N ILE H 1282 78.60 -46.09 -12.82
CA ILE H 1282 78.88 -44.67 -12.78
C ILE H 1282 77.74 -43.92 -12.13
N THR H 1283 76.50 -44.28 -12.46
CA THR H 1283 75.37 -43.64 -11.79
C THR H 1283 75.30 -44.05 -10.33
N ALA H 1284 75.60 -45.32 -10.03
CA ALA H 1284 75.52 -45.79 -8.66
C ALA H 1284 76.48 -45.05 -7.74
N LYS H 1285 77.52 -44.42 -8.26
CA LYS H 1285 78.37 -43.61 -7.42
C LYS H 1285 77.66 -42.32 -7.05
N HIS H 1286 78.30 -41.54 -6.21
CA HIS H 1286 77.83 -40.22 -5.87
C HIS H 1286 78.68 -39.17 -6.55
N ARG H 1287 78.28 -37.92 -6.42
CA ARG H 1287 78.97 -36.85 -7.13
C ARG H 1287 79.89 -35.98 -6.28
N CYS H 1288 79.92 -36.15 -4.96
CA CYS H 1288 80.49 -35.12 -4.10
C CYS H 1288 82.00 -35.31 -3.90
N LEU H 1289 82.79 -34.34 -4.36
CA LEU H 1289 84.25 -34.49 -4.42
C LEU H 1289 84.87 -34.73 -3.06
N GLU H 1290 84.28 -34.21 -1.98
CA GLU H 1290 84.83 -34.42 -0.65
C GLU H 1290 85.14 -35.89 -0.45
N ARG H 1291 84.13 -36.69 -0.66
CA ARG H 1291 84.22 -38.13 -0.62
C ARG H 1291 84.99 -38.84 -1.74
N LEU H 1292 84.95 -38.38 -2.99
CA LEU H 1292 85.55 -39.15 -4.07
C LEU H 1292 87.07 -39.16 -3.97
N ILE H 1293 87.67 -38.13 -3.39
CA ILE H 1293 89.11 -38.17 -3.25
C ILE H 1293 89.54 -39.12 -2.14
N VAL H 1294 88.75 -39.29 -1.09
CA VAL H 1294 89.21 -40.19 -0.03
C VAL H 1294 88.97 -41.64 -0.42
N GLU H 1295 87.89 -41.92 -1.13
CA GLU H 1295 87.64 -43.28 -1.59
C GLU H 1295 88.42 -43.61 -2.85
N THR H 1296 89.16 -42.66 -3.39
CA THR H 1296 90.10 -43.01 -4.45
C THR H 1296 91.33 -43.70 -3.89
N GLY H 1297 91.95 -43.11 -2.88
CA GLY H 1297 93.14 -43.72 -2.31
C GLY H 1297 92.96 -45.17 -1.92
N SER H 1298 91.77 -45.59 -1.59
CA SER H 1298 91.61 -46.96 -1.27
C SER H 1298 90.47 -47.46 -2.07
N ALA H 1299 90.70 -47.62 -3.36
CA ALA H 1299 89.67 -48.10 -4.21
C ALA H 1299 90.04 -49.52 -4.45
N VAL H 1300 89.08 -50.42 -4.30
CA VAL H 1300 89.29 -51.84 -4.52
C VAL H 1300 89.62 -52.05 -5.99
N SER H 1301 90.51 -52.97 -6.28
CA SER H 1301 90.89 -53.19 -7.64
C SER H 1301 90.07 -54.27 -8.32
N THR H 1302 89.56 -53.96 -9.49
CA THR H 1302 88.84 -54.94 -10.29
C THR H 1302 89.73 -56.07 -10.76
N ALA H 1303 90.99 -56.09 -10.34
CA ALA H 1303 91.98 -57.03 -10.83
C ALA H 1303 92.46 -57.95 -9.71
N THR H 1304 93.35 -58.85 -10.08
CA THR H 1304 94.13 -59.64 -9.14
C THR H 1304 95.59 -59.49 -9.52
N ALA H 1305 96.44 -59.28 -8.52
CA ALA H 1305 97.87 -59.27 -8.76
C ALA H 1305 98.47 -60.66 -8.62
N ALA H 1306 97.67 -61.65 -8.25
CA ALA H 1306 98.18 -62.95 -7.86
C ALA H 1306 98.25 -63.95 -9.01
N SER H 1307 97.72 -63.64 -10.17
CA SER H 1307 97.66 -64.61 -11.25
C SER H 1307 98.71 -64.34 -12.31
N ASP H 1308 98.79 -65.25 -13.27
CA ASP H 1308 99.74 -65.10 -14.36
C ASP H 1308 99.22 -64.13 -15.42
N VAL H 1309 97.99 -64.34 -15.85
CA VAL H 1309 97.26 -63.37 -16.65
C VAL H 1309 96.37 -62.61 -15.68
N GLN H 1310 96.18 -61.32 -15.90
CA GLN H 1310 95.39 -60.57 -14.94
C GLN H 1310 93.94 -60.99 -15.06
N PHE H 1311 93.39 -61.49 -13.95
CA PHE H 1311 92.06 -62.03 -13.93
C PHE H 1311 91.08 -61.01 -13.37
N LYS H 1312 89.83 -61.38 -13.40
CA LYS H 1312 88.79 -60.66 -12.71
C LYS H 1312 88.87 -61.04 -11.24
N ARG H 1313 88.66 -60.07 -10.38
CA ARG H 1313 88.89 -60.30 -8.96
C ARG H 1313 87.87 -61.28 -8.40
N PRO H 1314 88.31 -62.31 -7.67
CA PRO H 1314 87.36 -63.18 -7.01
C PRO H 1314 86.78 -62.51 -5.78
N PRO H 1315 85.70 -63.07 -5.26
CA PRO H 1315 84.99 -62.55 -4.10
C PRO H 1315 85.94 -62.54 -2.91
N GLY H 1316 86.93 -63.41 -2.94
CA GLY H 1316 87.89 -63.51 -1.86
C GLY H 1316 88.76 -62.30 -1.57
N CYS H 1317 88.97 -62.09 -0.29
CA CYS H 1317 89.81 -61.00 0.19
C CYS H 1317 89.36 -59.64 -0.35
N ARG H 1318 90.31 -58.82 -0.81
CA ARG H 1318 90.09 -57.47 -1.33
C ARG H 1318 91.40 -56.97 -1.87
N GLU H 1319 91.47 -55.69 -2.19
CA GLU H 1319 92.72 -55.25 -2.78
C GLU H 1319 93.20 -53.93 -2.20
N LEU H 1320 92.39 -52.89 -2.36
CA LEU H 1320 92.71 -51.53 -1.92
C LEU H 1320 93.93 -51.00 -2.67
N VAL H 1321 93.71 -50.78 -3.97
CA VAL H 1321 94.66 -50.13 -4.84
C VAL H 1321 94.33 -48.64 -4.78
N GLU H 1322 94.90 -47.84 -5.66
CA GLU H 1322 94.66 -46.40 -5.67
C GLU H 1322 93.73 -45.96 -6.80
N ASP H 1323 94.07 -46.22 -8.06
CA ASP H 1323 93.05 -46.11 -9.12
C ASP H 1323 92.43 -44.74 -9.29
N PRO H 1324 93.12 -43.78 -9.89
CA PRO H 1324 92.50 -42.48 -10.13
C PRO H 1324 91.49 -42.52 -11.25
N CYS H 1325 91.62 -43.46 -12.19
CA CYS H 1325 90.77 -43.46 -13.37
C CYS H 1325 89.31 -43.61 -13.00
N GLY H 1326 89.02 -44.30 -11.90
CA GLY H 1326 87.64 -44.41 -11.46
C GLY H 1326 87.05 -43.08 -11.03
N LEU H 1327 87.89 -42.12 -10.70
CA LEU H 1327 87.40 -40.79 -10.33
C LEU H 1327 87.37 -39.90 -11.57
N PHE H 1328 88.56 -39.52 -12.05
CA PHE H 1328 88.65 -38.63 -13.19
C PHE H 1328 87.92 -39.15 -14.39
N GLN H 1329 87.65 -40.46 -14.45
CA GLN H 1329 86.96 -41.06 -15.58
C GLN H 1329 87.79 -40.80 -16.83
N GLU H 1330 88.99 -41.41 -16.84
CA GLU H 1330 90.04 -41.05 -17.79
C GLU H 1330 90.97 -42.22 -17.96
N ALA H 1331 91.80 -42.16 -19.00
CA ALA H 1331 92.82 -43.16 -19.24
C ALA H 1331 94.05 -42.52 -19.85
N TYR H 1332 95.12 -42.87 -19.39
CA TYR H 1332 96.31 -42.09 -19.71
C TYR H 1332 97.03 -42.64 -20.94
N PRO H 1333 97.53 -41.76 -21.79
CA PRO H 1333 98.39 -42.20 -22.88
C PRO H 1333 99.69 -42.82 -22.38
N ILE H 1334 100.36 -43.53 -23.29
CA ILE H 1334 101.74 -43.95 -23.12
C ILE H 1334 102.49 -43.57 -24.39
N THR H 1335 103.81 -43.65 -24.33
CA THR H 1335 104.59 -43.29 -25.50
C THR H 1335 104.49 -44.44 -26.47
N CYS H 1336 103.87 -44.18 -27.61
CA CYS H 1336 103.64 -45.21 -28.61
C CYS H 1336 103.65 -44.52 -29.96
N ALA H 1337 104.24 -45.18 -30.94
CA ALA H 1337 104.28 -44.68 -32.30
C ALA H 1337 103.78 -45.76 -33.21
N SER H 1338 103.49 -45.39 -34.44
CA SER H 1338 103.17 -46.35 -35.48
C SER H 1338 104.39 -46.72 -36.31
N ASP H 1339 105.57 -46.21 -35.96
CA ASP H 1339 106.86 -46.51 -36.52
C ASP H 1339 107.84 -46.94 -35.44
N PRO H 1340 108.77 -47.85 -35.75
CA PRO H 1340 109.92 -48.01 -34.85
C PRO H 1340 110.82 -46.80 -34.90
N ALA H 1341 110.81 -46.06 -36.00
CA ALA H 1341 111.69 -44.92 -36.15
C ALA H 1341 111.18 -43.72 -35.37
N LEU H 1342 109.90 -43.41 -35.48
CA LEU H 1342 109.36 -42.34 -34.67
C LEU H 1342 109.57 -42.61 -33.20
N LEU H 1343 109.33 -43.85 -32.77
CA LEU H 1343 109.52 -44.19 -31.37
C LEU H 1343 110.97 -43.99 -30.95
N ARG H 1344 111.91 -44.15 -31.87
CA ARG H 1344 113.29 -43.78 -31.56
C ARG H 1344 113.42 -42.28 -31.37
N SER H 1345 112.67 -41.51 -32.12
CA SER H 1345 112.77 -40.08 -32.01
C SER H 1345 112.34 -39.74 -30.62
N ALA H 1346 111.32 -40.45 -30.15
CA ALA H 1346 110.78 -40.17 -28.83
C ALA H 1346 111.47 -40.83 -27.68
N ARG H 1347 112.79 -40.73 -27.62
CA ARG H 1347 113.53 -41.24 -26.47
C ARG H 1347 114.40 -40.09 -26.04
N ASP H 1348 114.36 -39.78 -24.75
CA ASP H 1348 115.05 -38.64 -24.14
C ASP H 1348 114.16 -37.40 -23.98
N GLY H 1349 112.87 -37.56 -24.30
CA GLY H 1349 111.84 -36.55 -24.18
C GLY H 1349 111.23 -35.88 -25.41
N GLU H 1350 110.09 -35.25 -25.16
CA GLU H 1350 109.11 -34.91 -26.18
C GLU H 1350 109.43 -33.65 -26.96
N ALA H 1351 110.49 -32.92 -26.61
CA ALA H 1351 110.81 -31.71 -27.34
C ALA H 1351 110.96 -31.99 -28.83
N HIS H 1352 112.01 -32.71 -29.20
CA HIS H 1352 112.32 -32.95 -30.60
C HIS H 1352 111.73 -34.25 -31.12
N ALA H 1353 110.88 -34.91 -30.34
CA ALA H 1353 110.17 -36.08 -30.83
C ALA H 1353 109.43 -35.73 -32.12
N ARG H 1354 109.33 -36.71 -33.01
CA ARG H 1354 108.62 -36.50 -34.27
C ARG H 1354 107.17 -36.85 -34.02
N GLU H 1355 106.32 -35.84 -33.97
CA GLU H 1355 104.94 -36.09 -33.60
C GLU H 1355 104.18 -36.74 -34.73
N THR H 1356 104.44 -36.33 -35.96
CA THR H 1356 103.78 -36.90 -37.11
C THR H 1356 104.73 -36.87 -38.30
N HIS H 1357 104.74 -37.96 -39.06
CA HIS H 1357 105.46 -38.02 -40.33
C HIS H 1357 104.57 -38.73 -41.34
N PHE H 1358 104.11 -38.02 -42.37
CA PHE H 1358 103.21 -38.56 -43.38
C PHE H 1358 102.01 -39.15 -42.64
N THR H 1359 101.57 -40.36 -42.99
CA THR H 1359 100.47 -41.01 -42.29
C THR H 1359 100.88 -41.58 -40.94
N GLN H 1360 102.17 -41.59 -40.64
CA GLN H 1360 102.66 -42.11 -39.38
C GLN H 1360 102.59 -41.06 -38.29
N TYR H 1361 102.31 -41.50 -37.08
CA TYR H 1361 102.16 -40.58 -35.96
C TYR H 1361 102.91 -41.12 -34.76
N LEU H 1362 103.22 -40.23 -33.84
CA LEU H 1362 103.75 -40.57 -32.53
C LEU H 1362 102.88 -39.94 -31.48
N ILE H 1363 102.62 -40.69 -30.43
CA ILE H 1363 101.87 -40.19 -29.29
C ILE H 1363 102.77 -40.31 -28.08
N TYR H 1364 103.19 -39.17 -27.56
CA TYR H 1364 104.08 -39.19 -26.42
C TYR H 1364 103.24 -39.34 -25.15
N ASP H 1365 103.93 -39.51 -24.03
CA ASP H 1365 103.31 -39.93 -22.79
C ASP H 1365 102.78 -38.75 -22.00
N ALA H 1366 101.55 -38.90 -21.51
CA ALA H 1366 100.97 -38.01 -20.50
C ALA H 1366 100.33 -38.91 -19.46
N SER H 1367 100.86 -38.89 -18.25
CA SER H 1367 100.50 -39.93 -17.30
C SER H 1367 101.16 -39.61 -15.97
N PRO H 1368 100.61 -40.08 -14.85
CA PRO H 1368 101.30 -39.88 -13.57
C PRO H 1368 102.71 -40.43 -13.56
N LEU H 1369 103.02 -41.32 -14.49
CA LEU H 1369 104.33 -41.95 -14.60
C LEU H 1369 105.33 -41.15 -15.42
N LYS H 1370 104.89 -40.11 -16.13
CA LYS H 1370 105.82 -39.30 -16.89
C LYS H 1370 106.81 -38.66 -15.94
N GLY H 1371 108.03 -38.47 -16.42
CA GLY H 1371 109.08 -37.96 -15.57
C GLY H 1371 109.72 -39.00 -14.69
N LEU H 1372 109.10 -40.16 -14.51
CA LEU H 1372 109.73 -41.25 -13.80
C LEU H 1372 110.62 -42.04 -14.75
N SER H 1373 111.30 -43.04 -14.20
CA SER H 1373 112.20 -43.86 -15.00
C SER H 1373 111.41 -44.94 -15.72
N LEU H 1374 110.84 -45.87 -14.96
CA LEU H 1374 109.99 -46.92 -15.51
C LEU H 1374 108.75 -46.33 -16.13
N ASP I 7 58.55 -54.02 12.53
CA ASP I 7 58.62 -54.72 13.81
C ASP I 7 58.38 -53.73 14.94
N PRO I 8 57.54 -54.16 15.96
CA PRO I 8 57.34 -53.18 17.05
C PRO I 8 58.55 -53.23 17.93
N PRO I 9 58.89 -52.22 18.71
CA PRO I 9 60.08 -52.35 19.57
C PRO I 9 59.92 -53.57 20.48
N GLY I 10 61.00 -54.28 20.74
CA GLY I 10 60.99 -55.51 21.53
C GLY I 10 60.71 -55.46 23.01
N TYR I 11 60.44 -56.61 23.58
CA TYR I 11 60.17 -56.73 25.00
C TYR I 11 61.43 -56.44 25.65
N ARG I 12 61.32 -55.93 26.86
CA ARG I 12 62.43 -55.49 27.63
C ARG I 12 62.66 -56.28 28.88
N TYR I 13 63.66 -57.12 28.89
CA TYR I 13 63.93 -57.82 30.13
C TYR I 13 64.89 -56.93 30.89
N ALA I 14 64.85 -57.13 32.20
CA ALA I 14 65.52 -56.51 33.37
C ALA I 14 64.73 -55.32 33.83
N ALA I 15 63.65 -55.00 33.15
CA ALA I 15 62.76 -53.97 33.65
C ALA I 15 61.78 -54.84 34.41
N ALA I 16 61.46 -56.00 33.84
CA ALA I 16 60.54 -56.93 34.44
C ALA I 16 61.04 -57.46 35.75
N MET I 17 62.28 -57.89 35.78
CA MET I 17 62.83 -58.47 37.00
C MET I 17 62.44 -57.68 38.23
N VAL I 18 61.83 -56.51 38.06
CA VAL I 18 61.22 -55.78 39.17
C VAL I 18 59.80 -55.43 38.71
N PRO I 19 58.85 -56.35 38.81
CA PRO I 19 57.50 -56.07 38.34
C PRO I 19 56.86 -54.98 39.18
N THR I 20 55.96 -54.24 38.56
CA THR I 20 55.14 -53.27 39.26
C THR I 20 53.78 -53.82 39.65
N GLY I 21 53.50 -55.08 39.36
CA GLY I 21 52.20 -55.62 39.68
C GLY I 21 52.12 -57.08 39.31
N SER I 22 50.92 -57.64 39.46
CA SER I 22 50.72 -59.06 39.23
C SER I 22 49.44 -59.28 38.45
N ILE I 23 49.54 -60.06 37.38
CA ILE I 23 48.41 -60.42 36.55
C ILE I 23 47.57 -61.45 37.29
N LEU I 24 46.28 -61.19 37.38
CA LEU I 24 45.37 -62.01 38.16
C LEU I 24 44.60 -63.04 37.42
N SER I 25 44.94 -63.30 36.18
CA SER I 25 44.20 -64.29 35.42
C SER I 25 45.10 -65.36 34.82
N THR I 26 44.47 -66.43 34.35
CA THR I 26 45.17 -67.57 33.74
C THR I 26 44.94 -67.79 32.24
N ILE I 27 44.72 -66.74 31.47
CA ILE I 27 44.49 -66.93 30.05
C ILE I 27 45.68 -67.58 29.35
N GLU I 28 45.42 -68.47 28.41
CA GLU I 28 46.50 -69.02 27.62
C GLU I 28 46.49 -67.91 26.62
N VAL I 29 47.50 -67.07 26.66
CA VAL I 29 47.54 -65.91 25.80
C VAL I 29 47.69 -66.11 24.30
N ALA I 30 48.49 -67.06 23.88
CA ALA I 30 48.75 -67.19 22.46
C ALA I 30 47.47 -67.03 21.65
N SER I 31 46.33 -67.42 22.22
CA SER I 31 45.06 -67.16 21.56
C SER I 31 44.76 -65.69 21.52
N HIS I 32 45.16 -64.95 22.55
CA HIS I 32 44.84 -63.54 22.71
C HIS I 32 45.85 -62.64 22.04
N ARG I 33 46.51 -63.13 21.02
CA ARG I 33 47.48 -62.33 20.29
C ARG I 33 46.73 -61.21 19.60
N ARG I 34 47.47 -60.30 18.96
CA ARG I 34 46.90 -59.13 18.25
C ARG I 34 46.13 -58.23 19.19
N LEU I 35 46.61 -58.12 20.42
CA LEU I 35 46.05 -57.33 21.44
C LEU I 35 47.25 -56.65 22.01
N PHE I 36 48.44 -57.21 21.78
CA PHE I 36 49.59 -56.53 22.27
C PHE I 36 50.42 -56.10 21.08
N ASP I 37 51.49 -55.36 21.34
CA ASP I 37 52.30 -54.82 20.26
C ASP I 37 53.38 -55.83 19.91
N PHE I 38 54.27 -56.09 20.86
CA PHE I 38 55.22 -57.17 20.78
C PHE I 38 54.63 -58.38 21.49
N PHE I 39 54.78 -59.55 20.89
CA PHE I 39 54.43 -60.79 21.57
C PHE I 39 55.43 -61.85 21.19
N ALA I 40 56.05 -62.48 22.20
CA ALA I 40 57.01 -63.54 21.94
C ALA I 40 56.74 -64.70 22.89
N ARG I 41 56.28 -65.81 22.35
CA ARG I 41 55.96 -66.97 23.16
C ARG I 41 57.14 -67.92 23.11
N VAL I 42 57.83 -68.10 24.21
CA VAL I 42 58.99 -68.96 24.25
C VAL I 42 58.65 -70.25 24.99
N ARG I 43 59.12 -71.38 24.52
CA ARG I 43 58.86 -72.64 25.18
C ARG I 43 60.15 -72.89 25.92
N SER I 44 60.13 -72.86 27.25
CA SER I 44 61.32 -72.96 28.13
C SER I 44 62.25 -71.81 27.78
N ASP I 45 63.46 -72.11 27.39
CA ASP I 45 64.42 -71.09 27.10
C ASP I 45 64.75 -70.85 25.64
N GLU I 46 65.03 -69.60 25.30
CA GLU I 46 65.55 -69.26 23.98
C GLU I 46 66.82 -68.45 24.19
N ASN I 47 67.47 -68.13 23.08
CA ASN I 47 68.64 -67.27 23.14
C ASN I 47 68.23 -65.83 23.41
N SER I 48 67.14 -65.38 22.79
CA SER I 48 66.74 -63.98 22.89
C SER I 48 66.52 -63.53 24.32
N LEU I 49 66.21 -64.46 25.23
CA LEU I 49 66.06 -64.07 26.63
C LEU I 49 67.37 -63.59 27.20
N TYR I 50 68.47 -64.23 26.81
CA TYR I 50 69.78 -63.92 27.35
C TYR I 50 70.55 -63.16 26.29
N ASP I 51 70.64 -61.86 26.47
CA ASP I 51 71.47 -60.98 25.67
C ASP I 51 71.21 -59.55 26.09
N VAL I 52 72.14 -58.67 25.77
CA VAL I 52 71.87 -57.26 25.85
C VAL I 52 72.68 -56.60 24.76
N GLU I 53 72.09 -55.61 24.12
CA GLU I 53 72.79 -54.82 23.13
C GLU I 53 72.45 -53.37 23.43
N PHE I 54 73.44 -52.58 23.74
CA PHE I 54 73.18 -51.19 24.01
C PHE I 54 73.78 -50.34 22.91
N ASP I 55 73.59 -49.03 23.07
CA ASP I 55 74.01 -48.04 22.10
C ASP I 55 74.58 -46.88 22.90
N ALA I 56 75.69 -46.32 22.46
CA ALA I 56 76.42 -45.39 23.32
C ALA I 56 76.71 -44.07 22.61
N LEU I 57 76.75 -43.00 23.40
CA LEU I 57 77.39 -41.75 22.99
C LEU I 57 78.79 -41.76 23.58
N LEU I 58 79.79 -41.88 22.73
CA LEU I 58 81.16 -41.98 23.21
C LEU I 58 81.80 -40.61 23.44
N GLY I 59 81.12 -39.52 23.12
CA GLY I 59 81.63 -38.21 23.41
C GLY I 59 80.84 -37.11 22.74
N SER I 60 81.04 -35.88 23.20
CA SER I 60 80.48 -34.69 22.58
C SER I 60 81.58 -33.65 22.50
N TYR I 61 81.64 -32.94 21.38
CA TYR I 61 82.70 -31.98 21.14
C TYR I 61 82.12 -30.71 20.58
N CYS I 62 82.38 -29.59 21.24
CA CYS I 62 82.00 -28.27 20.78
C CYS I 62 83.29 -27.53 20.42
N ASN I 63 83.16 -26.29 19.98
CA ASN I 63 84.32 -25.47 19.75
C ASN I 63 84.04 -24.09 20.33
N THR I 64 84.97 -23.15 20.07
CA THR I 64 84.84 -21.79 20.57
C THR I 64 85.07 -20.82 19.41
N LEU I 65 84.17 -19.87 19.25
CA LEU I 65 84.43 -18.79 18.33
C LEU I 65 85.61 -17.96 18.81
N SER I 66 86.41 -17.48 17.87
CA SER I 66 87.44 -16.51 18.18
C SER I 66 86.86 -15.11 18.02
N LEU I 67 87.20 -14.22 18.92
CA LEU I 67 86.67 -12.91 18.78
C LEU I 67 87.85 -12.02 18.41
N VAL I 68 87.73 -11.32 17.29
CA VAL I 68 88.79 -10.48 16.81
C VAL I 68 88.44 -9.02 17.03
N ARG I 69 89.30 -8.34 17.75
CA ARG I 69 89.10 -6.96 18.11
C ARG I 69 89.12 -5.82 17.10
N PHE I 70 89.99 -5.96 16.11
CA PHE I 70 90.33 -5.02 15.01
C PHE I 70 91.37 -3.99 15.44
N LEU I 71 91.77 -4.01 16.70
CA LEU I 71 92.78 -3.15 17.18
C LEU I 71 94.02 -4.04 17.37
N GLU I 72 93.86 -5.35 17.43
CA GLU I 72 94.98 -6.27 17.48
C GLU I 72 95.54 -6.54 16.11
N LEU I 73 94.98 -5.92 15.07
CA LEU I 73 95.40 -6.16 13.70
C LEU I 73 96.45 -5.16 13.27
N GLY I 74 96.92 -5.31 12.05
CA GLY I 74 97.78 -4.33 11.43
C GLY I 74 97.06 -3.36 10.53
N LEU I 75 95.77 -3.56 10.30
CA LEU I 75 95.00 -2.62 9.51
C LEU I 75 94.66 -1.36 10.27
N SER I 76 94.46 -1.45 11.58
CA SER I 76 94.02 -0.30 12.32
C SER I 76 95.02 0.83 12.29
N VAL I 77 96.22 0.61 11.76
CA VAL I 77 97.12 1.72 11.52
C VAL I 77 96.66 2.49 10.30
N ALA I 78 95.99 1.84 9.36
CA ALA I 78 95.60 2.45 8.11
C ALA I 78 94.48 3.45 8.27
N CYS I 79 93.95 3.62 9.47
CA CYS I 79 92.77 4.42 9.70
C CYS I 79 92.85 5.09 11.06
N VAL I 80 92.23 6.26 11.18
CA VAL I 80 92.04 6.89 12.47
C VAL I 80 90.59 6.64 12.85
N CYS I 81 90.35 5.69 13.73
CA CYS I 81 88.98 5.35 14.07
C CYS I 81 88.52 6.24 15.21
N THR I 82 87.27 6.67 15.14
CA THR I 82 86.69 7.38 16.27
C THR I 82 85.19 7.12 16.30
N LYS I 83 84.65 7.01 17.50
CA LYS I 83 83.26 6.65 17.68
C LYS I 83 82.45 7.93 17.77
N PHE I 84 81.65 8.19 16.75
CA PHE I 84 80.88 9.43 16.63
C PHE I 84 79.42 9.07 16.84
N PRO I 85 78.85 9.36 18.01
CA PRO I 85 77.56 8.76 18.37
C PRO I 85 76.42 9.07 17.42
N GLU I 86 76.26 10.31 16.97
CA GLU I 86 75.20 10.56 16.01
C GLU I 86 75.78 10.98 14.66
N LEU I 87 75.94 10.00 13.79
CA LEU I 87 76.03 10.27 12.37
C LEU I 87 74.66 10.42 11.75
N ALA I 88 73.69 9.67 12.30
CA ALA I 88 72.35 9.71 11.76
C ALA I 88 71.74 11.10 11.86
N TYR I 89 72.44 11.96 12.56
CA TYR I 89 72.01 13.33 12.61
C TYR I 89 72.82 14.26 11.76
N MET I 90 73.96 13.83 11.24
CA MET I 90 74.74 14.75 10.43
C MET I 90 74.74 14.34 8.99
N ASN I 91 74.14 15.15 8.12
CA ASN I 91 74.19 14.82 6.70
C ASN I 91 75.49 15.03 5.99
N GLU I 92 76.16 16.14 6.20
CA GLU I 92 77.40 16.33 5.49
C GLU I 92 78.58 16.71 6.32
N GLY I 93 79.61 15.87 6.34
CA GLY I 93 80.82 16.14 7.09
C GLY I 93 81.91 16.43 6.11
N ARG I 94 82.84 17.32 6.47
CA ARG I 94 83.94 17.70 5.59
C ARG I 94 85.26 17.83 6.32
N VAL I 95 86.35 17.76 5.58
CA VAL I 95 87.66 17.97 6.15
C VAL I 95 88.29 19.02 5.24
N GLN I 96 89.23 19.80 5.73
CA GLN I 96 89.84 20.80 4.90
C GLN I 96 91.29 20.63 4.83
N PHE I 97 91.86 20.97 3.69
CA PHE I 97 93.28 20.90 3.53
C PHE I 97 93.86 22.16 3.00
N GLU I 98 94.75 22.82 3.71
CA GLU I 98 95.46 23.92 3.08
C GLU I 98 96.89 23.46 2.89
N VAL I 99 97.33 23.29 1.65
CA VAL I 99 98.72 22.93 1.37
C VAL I 99 99.39 24.14 0.76
N HIS I 100 100.26 24.77 1.52
CA HIS I 100 100.93 25.97 1.09
C HIS I 100 102.19 25.56 0.35
N GLN I 101 102.44 26.16 -0.80
CA GLN I 101 103.40 25.50 -1.65
C GLN I 101 104.71 26.25 -1.74
N PRO I 102 105.78 25.52 -1.99
CA PRO I 102 107.11 26.10 -2.12
C PRO I 102 107.26 26.97 -3.35
N LEU I 103 108.50 27.29 -3.69
CA LEU I 103 108.76 28.36 -4.64
C LEU I 103 110.25 28.38 -4.95
N ILE I 104 110.60 28.95 -6.09
CA ILE I 104 111.98 29.10 -6.52
C ILE I 104 112.15 30.41 -7.25
N ALA I 105 113.19 31.15 -6.92
CA ALA I 105 113.55 32.36 -7.66
C ALA I 105 114.25 31.99 -8.95
N ARG I 106 113.93 32.71 -10.01
CA ARG I 106 114.50 32.42 -11.32
C ARG I 106 114.99 33.70 -11.96
N ASP I 107 115.87 33.55 -12.92
CA ASP I 107 116.54 34.67 -13.58
C ASP I 107 115.93 34.89 -14.97
N GLY I 108 116.43 35.91 -15.65
CA GLY I 108 116.11 36.14 -17.03
C GLY I 108 114.68 36.55 -17.26
N PRO I 109 114.32 36.77 -18.53
CA PRO I 109 112.93 37.08 -18.85
C PRO I 109 112.06 35.86 -18.64
N HIS I 110 110.98 36.04 -17.92
CA HIS I 110 110.07 35.02 -17.46
C HIS I 110 108.94 35.77 -16.78
N PRO I 111 107.95 35.04 -16.37
CA PRO I 111 107.00 35.72 -15.55
C PRO I 111 107.49 35.46 -14.13
N VAL I 112 107.49 36.45 -13.26
CA VAL I 112 107.90 36.22 -11.88
C VAL I 112 106.85 35.35 -11.19
N GLU I 113 107.32 34.38 -10.41
CA GLU I 113 106.48 33.47 -9.70
C GLU I 113 105.95 34.01 -8.38
N GLN I 114 104.73 33.62 -8.03
CA GLN I 114 104.07 34.05 -6.82
C GLN I 114 103.71 32.79 -6.07
N PRO I 115 103.89 32.78 -4.69
CA PRO I 115 103.55 31.50 -4.04
C PRO I 115 102.09 31.13 -4.22
N VAL I 116 101.80 29.85 -4.39
CA VAL I 116 100.43 29.40 -4.58
C VAL I 116 99.96 28.60 -3.40
N HIS I 117 98.76 28.90 -2.91
CA HIS I 117 98.22 28.23 -1.77
C HIS I 117 96.98 27.57 -2.31
N ASN I 118 96.78 26.29 -2.05
CA ASN I 118 95.60 25.60 -2.53
C ASN I 118 94.72 25.35 -1.37
N TYR I 119 93.41 25.42 -1.58
CA TYR I 119 92.44 25.23 -0.55
C TYR I 119 91.41 24.21 -0.92
N MET I 120 91.75 22.95 -0.80
CA MET I 120 90.90 21.84 -1.14
C MET I 120 89.94 21.50 -0.03
N THR I 121 88.98 20.65 -0.31
CA THR I 121 88.05 20.21 0.74
C THR I 121 87.34 18.90 0.45
N LYS I 122 87.73 17.79 1.07
CA LYS I 122 87.06 16.50 0.89
C LYS I 122 85.75 16.44 1.64
N VAL I 123 84.82 15.60 1.20
CA VAL I 123 83.53 15.41 1.86
C VAL I 123 83.37 13.94 2.27
N ILE I 124 83.02 13.69 3.52
CA ILE I 124 82.82 12.36 4.09
C ILE I 124 81.71 11.54 3.50
N ASP I 125 81.96 10.25 3.33
CA ASP I 125 81.07 9.25 2.72
C ASP I 125 80.28 8.53 3.81
N ARG I 126 79.39 7.65 3.39
CA ARG I 126 78.44 7.04 4.30
C ARG I 126 78.27 5.56 3.97
N ARG I 127 78.35 4.72 4.99
CA ARG I 127 78.22 3.29 4.82
C ARG I 127 77.46 2.73 6.01
N ALA I 128 77.36 1.41 6.08
CA ALA I 128 76.71 0.75 7.20
C ALA I 128 77.22 -0.69 7.24
N LEU I 129 76.75 -1.45 8.22
CA LEU I 129 77.04 -2.87 8.30
C LEU I 129 75.82 -3.60 8.84
N ASN I 130 75.48 -4.73 8.24
CA ASN I 130 74.31 -5.51 8.65
C ASN I 130 74.71 -6.87 9.17
N ALA I 131 74.11 -7.25 10.29
CA ALA I 131 74.07 -8.61 10.78
C ALA I 131 72.65 -8.90 11.19
N ALA I 132 72.36 -10.17 11.39
CA ALA I 132 71.02 -10.53 11.74
C ALA I 132 71.03 -11.80 12.45
N PHE I 133 70.12 -11.94 13.38
CA PHE I 133 69.99 -13.18 14.08
C PHE I 133 68.51 -13.49 14.18
N SER I 134 68.18 -14.72 14.44
CA SER I 134 66.80 -15.08 14.46
C SER I 134 66.44 -15.74 15.73
N LEU I 135 65.16 -15.80 16.00
CA LEU I 135 64.68 -16.54 17.13
C LEU I 135 63.79 -17.63 16.57
N ALA I 136 62.89 -18.15 17.36
CA ALA I 136 62.01 -19.18 16.86
C ALA I 136 60.71 -19.09 17.59
N THR I 137 59.71 -19.73 17.07
CA THR I 137 58.46 -19.70 17.75
C THR I 137 58.58 -20.36 19.10
N GLU I 138 59.27 -21.49 19.20
CA GLU I 138 59.43 -22.14 20.48
C GLU I 138 60.22 -21.29 21.47
N ALA I 139 61.30 -20.68 20.99
CA ALA I 139 62.19 -19.81 21.74
C ALA I 139 61.45 -18.61 22.30
N ILE I 140 60.72 -17.89 21.44
CA ILE I 140 59.87 -16.79 21.91
C ILE I 140 59.01 -17.25 23.07
N ALA I 141 58.40 -18.43 22.93
CA ALA I 141 57.57 -18.97 23.99
C ALA I 141 58.40 -19.33 25.21
N LEU I 142 59.62 -19.81 25.00
CA LEU I 142 60.47 -20.16 26.12
C LEU I 142 61.12 -18.93 26.76
N LEU I 143 61.58 -17.99 25.94
CA LEU I 143 62.29 -16.82 26.47
C LEU I 143 61.39 -16.02 27.38
N THR I 144 60.25 -15.57 26.88
CA THR I 144 59.25 -15.06 27.80
C THR I 144 58.63 -16.25 28.54
N GLY I 145 57.81 -15.98 29.54
CA GLY I 145 56.98 -17.04 30.07
C GLY I 145 55.87 -17.30 29.09
N GLU I 146 55.87 -18.45 28.45
CA GLU I 146 54.67 -18.93 27.79
C GLU I 146 54.58 -20.41 28.06
N ALA I 147 55.51 -21.17 27.46
CA ALA I 147 55.61 -22.58 27.77
C ALA I 147 56.62 -22.71 28.90
N LEU I 148 56.06 -22.82 30.11
CA LEU I 148 56.66 -23.39 31.28
C LEU I 148 55.57 -24.26 31.89
N ASP I 149 55.89 -24.93 32.97
CA ASP I 149 55.00 -25.89 33.60
C ASP I 149 55.75 -26.32 34.84
N GLY I 150 55.05 -26.85 35.84
CA GLY I 150 55.87 -27.50 36.82
C GLY I 150 56.42 -28.69 36.07
N THR I 151 57.70 -28.66 35.77
CA THR I 151 58.31 -29.69 34.94
C THR I 151 59.81 -29.54 35.10
N GLY I 152 60.55 -30.60 34.77
CA GLY I 152 61.97 -30.47 34.69
C GLY I 152 62.36 -30.22 33.25
N ILE I 153 61.45 -30.57 32.36
CA ILE I 153 61.68 -30.48 30.93
C ILE I 153 61.53 -29.05 30.44
N SER I 154 60.45 -28.38 30.85
CA SER I 154 60.20 -27.03 30.36
C SER I 154 61.28 -26.09 30.80
N LEU I 155 61.75 -26.22 32.03
CA LEU I 155 62.93 -25.46 32.45
C LEU I 155 64.10 -25.74 31.54
N HIS I 156 64.41 -27.01 31.32
CA HIS I 156 65.57 -27.37 30.52
C HIS I 156 65.47 -26.81 29.11
N ARG I 157 64.28 -26.86 28.51
CA ARG I 157 64.11 -26.24 27.21
C ARG I 157 64.36 -24.74 27.28
N GLN I 158 63.87 -24.10 28.33
CA GLN I 158 64.18 -22.68 28.52
C GLN I 158 65.67 -22.46 28.69
N LEU I 159 66.37 -23.41 29.32
CA LEU I 159 67.82 -23.33 29.33
C LEU I 159 68.38 -23.29 27.92
N ARG I 160 68.00 -24.25 27.07
CA ARG I 160 68.39 -24.20 25.67
C ARG I 160 68.03 -22.86 25.05
N ALA I 161 66.99 -22.22 25.54
CA ALA I 161 66.54 -20.97 24.94
C ALA I 161 67.51 -19.85 25.24
N ILE I 162 67.68 -19.54 26.52
CA ILE I 162 68.70 -18.60 26.96
C ILE I 162 70.04 -18.92 26.32
N GLN I 163 70.37 -20.21 26.22
CA GLN I 163 71.69 -20.60 25.76
C GLN I 163 71.90 -20.31 24.29
N GLN I 164 71.01 -20.78 23.42
CA GLN I 164 71.19 -20.53 22.00
C GLN I 164 71.17 -19.05 21.67
N LEU I 165 70.34 -18.28 22.37
CA LEU I 165 70.32 -16.84 22.16
C LEU I 165 71.68 -16.23 22.46
N ALA I 166 72.32 -16.65 23.55
CA ALA I 166 73.62 -16.09 23.89
C ALA I 166 74.66 -16.40 22.82
N ARG I 167 74.58 -17.57 22.20
CA ARG I 167 75.49 -17.88 21.11
C ARG I 167 75.29 -16.94 19.94
N ASN I 168 74.03 -16.68 19.56
CA ASN I 168 73.76 -15.81 18.42
C ASN I 168 74.28 -14.41 18.66
N VAL I 169 74.11 -13.89 19.88
CA VAL I 169 74.53 -12.52 20.15
C VAL I 169 76.04 -12.41 20.12
N GLN I 170 76.75 -13.36 20.74
CA GLN I 170 78.20 -13.38 20.65
C GLN I 170 78.68 -13.37 19.21
N ALA I 171 77.92 -14.00 18.32
CA ALA I 171 78.34 -14.07 16.93
C ALA I 171 78.13 -12.75 16.21
N VAL I 172 76.95 -12.15 16.36
CA VAL I 172 76.65 -10.95 15.59
C VAL I 172 77.44 -9.76 16.12
N LEU I 173 77.70 -9.73 17.43
CA LEU I 173 78.56 -8.66 17.94
C LEU I 173 79.98 -8.83 17.44
N GLY I 174 80.39 -10.05 17.14
CA GLY I 174 81.70 -10.25 16.54
C GLY I 174 81.72 -10.03 15.05
N ALA I 175 80.54 -9.96 14.42
CA ALA I 175 80.48 -9.63 13.00
C ALA I 175 80.96 -8.22 12.76
N PHE I 176 80.42 -7.25 13.51
CA PHE I 176 80.88 -5.89 13.40
C PHE I 176 82.34 -5.74 13.82
N GLU I 177 82.90 -6.75 14.48
CA GLU I 177 84.35 -6.82 14.65
C GLU I 177 85.04 -7.34 13.40
N ARG I 178 84.52 -8.42 12.83
CA ARG I 178 85.04 -8.93 11.57
C ARG I 178 84.80 -7.94 10.44
N GLY I 179 83.59 -7.36 10.39
CA GLY I 179 83.19 -6.57 9.25
C GLY I 179 83.84 -5.22 9.18
N THR I 180 84.22 -4.65 10.33
CA THR I 180 84.94 -3.39 10.30
C THR I 180 86.30 -3.54 9.64
N ALA I 181 86.90 -4.73 9.74
CA ALA I 181 88.16 -4.98 9.04
C ALA I 181 87.93 -5.29 7.58
N ASP I 182 86.94 -6.13 7.28
CA ASP I 182 86.64 -6.44 5.89
C ASP I 182 86.23 -5.20 5.12
N GLN I 183 85.49 -4.31 5.76
CA GLN I 183 85.11 -3.07 5.10
C GLN I 183 86.29 -2.15 4.94
N MET I 184 87.22 -2.17 5.89
CA MET I 184 88.41 -1.34 5.77
C MET I 184 89.21 -1.69 4.54
N LEU I 185 89.27 -2.97 4.18
CA LEU I 185 89.97 -3.35 2.97
C LEU I 185 89.32 -2.68 1.77
N HIS I 186 88.03 -2.94 1.55
CA HIS I 186 87.34 -2.45 0.37
C HIS I 186 87.57 -0.97 0.15
N VAL I 187 87.54 -0.17 1.20
CA VAL I 187 87.75 1.26 0.99
C VAL I 187 89.21 1.57 0.72
N LEU I 188 90.13 0.68 1.09
CA LEU I 188 91.50 0.83 0.63
C LEU I 188 91.64 0.37 -0.81
N LEU I 189 91.08 -0.79 -1.15
CA LEU I 189 91.19 -1.27 -2.52
C LEU I 189 90.50 -0.34 -3.49
N GLU I 190 89.38 0.26 -3.07
CA GLU I 190 88.65 1.12 -3.99
C GLU I 190 89.46 2.34 -4.39
N LYS I 191 90.32 2.82 -3.51
CA LYS I 191 91.12 4.00 -3.77
C LYS I 191 92.55 3.71 -4.21
N ALA I 192 92.93 2.45 -4.37
CA ALA I 192 94.32 2.10 -4.61
C ALA I 192 94.57 1.83 -6.08
N PRO I 193 95.46 2.58 -6.74
CA PRO I 193 95.77 2.27 -8.12
C PRO I 193 96.51 0.94 -8.21
N PRO I 194 96.39 0.22 -9.31
CA PRO I 194 97.33 -0.87 -9.57
C PRO I 194 98.72 -0.31 -9.72
N LEU I 195 99.69 -0.99 -9.11
CA LEU I 195 101.04 -0.44 -9.07
C LEU I 195 101.63 -0.29 -10.45
N ALA I 196 101.35 -1.26 -11.34
CA ALA I 196 101.86 -1.18 -12.70
C ALA I 196 101.58 0.17 -13.32
N LEU I 197 100.39 0.71 -13.07
CA LEU I 197 100.02 2.03 -13.56
C LEU I 197 100.51 3.16 -12.67
N LEU I 198 100.74 2.91 -11.39
CA LEU I 198 101.06 4.00 -10.48
C LEU I 198 102.51 4.44 -10.59
N LEU I 199 103.42 3.50 -10.82
CA LEU I 199 104.83 3.89 -10.97
C LEU I 199 105.04 4.85 -12.12
N PRO I 200 104.65 4.53 -13.36
CA PRO I 200 104.86 5.50 -14.44
C PRO I 200 104.13 6.79 -14.21
N MET I 201 102.94 6.73 -13.61
CA MET I 201 102.23 7.95 -13.31
C MET I 201 103.07 8.88 -12.45
N GLN I 202 103.52 8.38 -11.30
CA GLN I 202 104.25 9.21 -10.35
C GLN I 202 105.35 10.02 -11.00
N ARG I 203 106.16 9.41 -11.87
CA ARG I 203 107.30 10.14 -12.40
C ARG I 203 106.91 11.22 -13.38
N TYR I 204 105.68 11.27 -13.86
CA TYR I 204 105.18 12.43 -14.58
C TYR I 204 104.43 13.40 -13.70
N LEU I 205 104.12 13.06 -12.46
CA LEU I 205 103.35 13.98 -11.63
C LEU I 205 104.21 15.06 -11.00
N ASP I 206 105.43 14.73 -10.60
CA ASP I 206 106.38 15.79 -10.31
C ASP I 206 107.34 15.88 -11.48
N ASN I 207 107.09 16.85 -12.36
CA ASN I 207 108.08 17.27 -13.32
C ASN I 207 108.03 18.79 -13.39
N GLY I 208 106.91 19.33 -13.85
CA GLY I 208 106.72 20.75 -14.02
C GLY I 208 105.30 21.01 -14.45
N THR I 212 102.73 19.49 -23.00
CA THR I 212 102.22 18.55 -22.01
C THR I 212 101.32 17.54 -22.71
N ARG I 213 100.87 17.85 -23.93
CA ARG I 213 100.08 16.86 -24.64
C ARG I 213 100.94 15.69 -25.08
N VAL I 214 102.16 15.97 -25.53
CA VAL I 214 103.09 14.90 -25.85
C VAL I 214 103.54 14.19 -24.60
N ALA I 215 103.67 14.91 -23.50
CA ALA I 215 104.07 14.29 -22.25
C ALA I 215 102.99 13.32 -21.78
N ARG I 216 101.74 13.61 -22.11
CA ARG I 216 100.68 12.67 -21.81
C ARG I 216 100.69 11.50 -22.76
N ALA I 217 100.90 11.75 -24.05
CA ALA I 217 101.03 10.66 -25.01
C ALA I 217 102.22 9.78 -24.67
N THR I 218 103.35 10.39 -24.34
CA THR I 218 104.50 9.62 -23.89
C THR I 218 104.20 8.88 -22.60
N LEU I 219 103.43 9.50 -21.71
CA LEU I 219 102.94 8.82 -20.53
C LEU I 219 102.17 7.59 -20.90
N VAL I 220 100.99 7.77 -21.51
CA VAL I 220 100.05 6.67 -21.65
C VAL I 220 100.66 5.52 -22.43
N ALA I 221 101.36 5.82 -23.52
CA ALA I 221 102.00 4.75 -24.28
C ALA I 221 102.90 3.92 -23.40
N GLU I 222 103.44 4.52 -22.36
CA GLU I 222 104.34 3.84 -21.45
C GLU I 222 103.61 3.06 -20.36
N LEU I 223 102.54 3.62 -19.78
CA LEU I 223 101.69 2.80 -18.89
C LEU I 223 101.23 1.56 -19.59
N LYS I 224 100.85 1.71 -20.85
CA LYS I 224 100.37 0.59 -21.64
C LYS I 224 101.38 -0.53 -21.66
N ARG I 225 102.67 -0.21 -21.72
CA ARG I 225 103.70 -1.24 -21.72
C ARG I 225 103.95 -1.77 -20.32
N SER I 226 104.15 -0.88 -19.35
CA SER I 226 104.48 -1.31 -18.01
C SER I 226 103.39 -2.17 -17.40
N PHE I 227 102.15 -1.96 -17.79
CA PHE I 227 101.10 -2.81 -17.27
C PHE I 227 101.20 -4.20 -17.84
N CYS I 228 101.45 -4.31 -19.13
CA CYS I 228 101.65 -5.61 -19.74
C CYS I 228 102.79 -6.35 -19.06
N ASP I 229 103.95 -5.69 -18.92
CA ASP I 229 105.10 -6.30 -18.29
C ASP I 229 104.86 -6.68 -16.83
N THR I 230 104.76 -5.70 -15.95
CA THR I 230 105.01 -5.90 -14.53
C THR I 230 103.80 -6.34 -13.75
N SER I 231 102.65 -6.53 -14.37
CA SER I 231 101.58 -7.16 -13.64
C SER I 231 101.91 -8.64 -13.47
N PHE I 232 101.48 -9.20 -12.34
CA PHE I 232 101.80 -10.57 -11.99
C PHE I 232 103.30 -10.76 -11.84
N PHE I 233 103.95 -9.75 -11.26
CA PHE I 233 105.40 -9.72 -11.23
C PHE I 233 105.95 -10.89 -10.42
N LEU I 234 105.35 -11.17 -9.27
CA LEU I 234 105.81 -12.31 -8.47
C LEU I 234 105.62 -13.62 -9.22
N GLY I 235 104.68 -13.69 -10.13
CA GLY I 235 104.50 -14.89 -10.91
C GLY I 235 105.45 -14.94 -12.09
N LYS I 236 105.76 -13.77 -12.62
CA LYS I 236 106.67 -13.68 -13.77
C LYS I 236 108.12 -13.72 -13.31
N ALA I 237 108.52 -12.74 -12.51
CA ALA I 237 109.91 -12.56 -12.10
C ALA I 237 110.23 -13.23 -10.78
N GLY I 238 109.33 -14.04 -10.23
CA GLY I 238 109.50 -14.53 -8.88
C GLY I 238 110.66 -15.47 -8.67
N HIS I 239 111.44 -15.79 -9.68
CA HIS I 239 112.55 -16.70 -9.54
C HIS I 239 113.87 -15.99 -9.28
N ARG I 240 113.85 -14.67 -9.12
CA ARG I 240 115.08 -13.91 -8.97
C ARG I 240 114.91 -12.83 -7.92
N ARG I 241 115.94 -12.63 -7.10
CA ARG I 241 115.83 -11.82 -5.90
C ARG I 241 115.73 -10.34 -6.20
N GLU I 242 116.81 -9.75 -6.72
CA GLU I 242 116.87 -8.30 -6.82
C GLU I 242 115.71 -7.72 -7.60
N ALA I 243 115.13 -8.50 -8.52
CA ALA I 243 113.94 -8.02 -9.21
C ALA I 243 112.78 -7.94 -8.25
N ILE I 244 112.54 -9.00 -7.49
CA ILE I 244 111.52 -8.96 -6.46
C ILE I 244 111.83 -7.84 -5.49
N GLU I 245 112.95 -7.95 -4.76
CA GLU I 245 113.27 -7.01 -3.71
C GLU I 245 113.17 -5.56 -4.15
N ALA I 246 113.41 -5.27 -5.42
CA ALA I 246 113.19 -3.92 -5.91
C ALA I 246 111.70 -3.63 -6.05
N TRP I 247 110.95 -4.61 -6.54
CA TRP I 247 109.50 -4.45 -6.64
C TRP I 247 108.86 -4.20 -5.29
N LEU I 248 109.51 -4.62 -4.21
CA LEU I 248 108.96 -4.44 -2.87
C LEU I 248 109.17 -3.03 -2.35
N VAL I 249 110.33 -2.43 -2.61
CA VAL I 249 110.48 -1.04 -2.20
C VAL I 249 109.62 -0.14 -3.08
N ASP I 250 109.49 -0.47 -4.36
CA ASP I 250 108.59 0.29 -5.23
C ASP I 250 107.20 0.34 -4.65
N LEU I 251 106.62 -0.82 -4.36
CA LEU I 251 105.30 -0.89 -3.77
C LEU I 251 105.24 -0.06 -2.50
N THR I 252 106.28 -0.14 -1.69
CA THR I 252 106.30 0.57 -0.43
C THR I 252 106.51 2.07 -0.63
N THR I 253 107.38 2.46 -1.55
CA THR I 253 107.72 3.86 -1.72
C THR I 253 106.90 4.57 -2.79
N ALA I 254 105.95 3.90 -3.42
CA ALA I 254 105.22 4.55 -4.50
C ALA I 254 104.10 5.43 -4.02
N THR I 255 103.83 5.47 -2.73
CA THR I 255 102.79 6.31 -2.17
C THR I 255 103.44 7.46 -1.41
N GLN I 256 102.60 8.29 -0.85
CA GLN I 256 103.05 9.46 -0.17
C GLN I 256 102.36 9.52 1.15
N PRO I 257 103.00 10.09 2.14
CA PRO I 257 102.48 10.15 3.48
C PRO I 257 101.22 10.89 3.60
N SER I 258 100.46 10.50 4.59
CA SER I 258 99.16 11.08 4.73
C SER I 258 99.46 11.84 6.00
N VAL I 259 98.45 12.47 6.53
CA VAL I 259 98.53 13.26 7.70
C VAL I 259 99.18 12.82 8.99
N ALA I 260 99.56 13.76 9.81
CA ALA I 260 100.16 13.42 11.09
C ALA I 260 99.14 13.51 12.23
N VAL I 261 99.00 12.45 13.01
CA VAL I 261 98.07 12.37 14.13
C VAL I 261 98.86 11.97 15.37
N PRO I 262 98.81 12.74 16.45
CA PRO I 262 99.55 12.35 17.66
C PRO I 262 99.10 11.00 18.21
N ARG I 263 97.79 10.78 18.31
CA ARG I 263 97.32 9.44 18.58
C ARG I 263 97.59 8.59 17.36
N LEU I 264 97.17 7.34 17.39
CA LEU I 264 97.78 6.34 16.53
C LEU I 264 99.28 6.33 16.72
N THR I 265 99.62 6.04 17.97
CA THR I 265 100.95 5.73 18.37
C THR I 265 101.05 4.19 18.09
N HIS I 266 100.04 3.64 17.39
CA HIS I 266 99.87 2.25 17.06
C HIS I 266 100.76 1.93 15.87
N ALA I 267 102.01 1.97 16.22
CA ALA I 267 103.10 1.65 15.37
C ALA I 267 104.05 1.46 16.51
N ASP I 268 105.06 0.61 16.35
CA ASP I 268 106.08 0.36 17.35
C ASP I 268 106.62 -1.04 17.27
N THR I 269 107.91 -1.11 17.48
CA THR I 269 108.67 -2.33 17.51
C THR I 269 109.58 -1.96 18.67
N ARG I 270 109.08 -2.18 19.87
CA ARG I 270 109.79 -1.80 21.09
C ARG I 270 110.58 -0.52 20.85
N GLY I 271 110.03 0.30 19.94
CA GLY I 271 110.72 1.47 19.43
C GLY I 271 110.08 2.32 18.33
N ARG I 272 110.69 2.34 17.14
CA ARG I 272 110.26 3.24 16.08
C ARG I 272 108.91 2.85 15.47
N PRO I 273 108.25 3.78 14.81
CA PRO I 273 106.89 3.55 14.29
C PRO I 273 106.82 2.68 13.05
N VAL I 274 105.62 2.16 12.82
CA VAL I 274 105.36 1.07 11.89
C VAL I 274 104.72 1.57 10.58
N ASP I 275 104.77 2.85 10.28
CA ASP I 275 103.93 3.41 9.22
C ASP I 275 103.92 2.55 7.96
N GLY I 276 102.71 2.27 7.51
CA GLY I 276 102.43 1.47 6.36
C GLY I 276 102.03 0.10 6.74
N VAL I 277 101.17 -0.48 5.93
CA VAL I 277 100.66 -1.82 6.14
C VAL I 277 100.89 -2.55 4.84
N LEU I 278 101.04 -3.85 4.90
CA LEU I 278 101.23 -4.57 3.68
C LEU I 278 100.41 -5.81 3.58
N VAL I 279 99.09 -5.71 3.56
CA VAL I 279 98.26 -6.90 3.50
C VAL I 279 98.46 -7.73 2.27
N THR I 280 98.62 -9.02 2.47
CA THR I 280 98.86 -9.97 1.40
C THR I 280 97.92 -11.15 1.53
N THR I 281 98.14 -12.19 0.74
CA THR I 281 97.48 -13.46 0.96
C THR I 281 98.44 -14.41 1.65
N ALA I 282 97.88 -15.30 2.49
CA ALA I 282 98.70 -16.20 3.28
C ALA I 282 99.70 -16.98 2.44
N ALA I 283 99.33 -17.31 1.20
CA ALA I 283 100.26 -18.00 0.31
C ALA I 283 101.37 -17.07 -0.14
N ILE I 284 101.00 -15.91 -0.70
CA ILE I 284 101.99 -14.91 -1.09
C ILE I 284 102.80 -14.48 0.12
N LYS I 285 102.13 -14.19 1.23
CA LYS I 285 102.79 -13.79 2.45
C LYS I 285 103.98 -14.65 2.81
N GLN I 286 103.74 -15.90 3.17
CA GLN I 286 104.83 -16.76 3.60
C GLN I 286 105.87 -16.91 2.51
N ARG I 287 105.46 -16.85 1.25
CA ARG I 287 106.44 -16.90 0.17
C ARG I 287 107.39 -15.71 0.23
N LEU I 288 106.90 -14.55 0.67
CA LEU I 288 107.79 -13.41 0.84
C LEU I 288 108.78 -13.62 1.96
N LEU I 289 108.25 -13.71 3.16
CA LEU I 289 109.07 -13.73 4.35
C LEU I 289 110.06 -14.85 4.49
N GLN I 290 109.73 -16.03 4.03
CA GLN I 290 110.71 -17.09 4.17
C GLN I 290 111.79 -17.01 3.11
N SER I 291 111.65 -16.13 2.13
CA SER I 291 112.59 -16.07 1.02
C SER I 291 113.09 -14.67 0.74
N PHE I 292 112.19 -13.78 0.33
CA PHE I 292 112.62 -12.46 -0.13
C PHE I 292 112.74 -11.49 1.02
N LEU I 293 111.64 -11.22 1.71
CA LEU I 293 111.72 -10.32 2.84
C LEU I 293 112.74 -10.81 3.85
N LYS I 294 112.42 -11.84 4.61
CA LYS I 294 113.33 -12.36 5.63
C LYS I 294 113.63 -11.29 6.68
N VAL I 295 113.11 -10.08 6.45
CA VAL I 295 113.50 -8.89 7.19
C VAL I 295 112.63 -8.78 8.43
N GLU I 296 111.87 -9.83 8.72
CA GLU I 296 110.90 -9.73 9.78
C GLU I 296 111.58 -9.24 11.04
N ASP I 297 111.14 -8.07 11.51
CA ASP I 297 111.90 -7.30 12.48
C ASP I 297 111.44 -7.49 13.92
N THR I 298 110.24 -8.03 14.16
CA THR I 298 109.70 -8.20 15.50
C THR I 298 108.33 -8.84 15.35
N GLU I 299 107.86 -9.49 16.42
CA GLU I 299 106.51 -10.04 16.44
C GLU I 299 105.54 -9.14 17.18
N ALA I 300 105.72 -8.94 18.47
CA ALA I 300 104.82 -8.07 19.18
C ALA I 300 105.06 -6.63 18.78
N ASP I 301 104.00 -5.83 18.81
CA ASP I 301 104.11 -4.39 18.66
C ASP I 301 103.14 -3.75 19.64
N VAL I 302 103.16 -2.45 19.68
CA VAL I 302 102.27 -1.78 20.56
C VAL I 302 101.36 -0.78 19.86
N PRO I 303 100.12 -1.22 19.64
CA PRO I 303 99.04 -0.47 19.03
C PRO I 303 98.22 0.22 20.10
N VAL I 304 97.28 1.06 19.70
CA VAL I 304 96.48 1.85 20.62
C VAL I 304 95.02 1.42 20.93
N THR I 305 94.12 2.41 21.08
CA THR I 305 92.67 2.25 21.35
C THR I 305 91.82 3.31 20.61
N TYR I 306 90.49 3.16 20.59
CA TYR I 306 89.61 4.08 19.84
C TYR I 306 89.48 5.56 20.22
N GLY I 307 89.50 6.41 19.20
CA GLY I 307 89.33 7.85 19.34
C GLY I 307 87.86 8.15 19.46
N GLU I 308 87.45 9.22 20.13
CA GLU I 308 86.01 9.45 20.28
C GLU I 308 85.54 10.89 20.26
N MET I 309 84.45 11.22 19.56
CA MET I 309 83.96 12.60 19.53
C MET I 309 82.45 12.78 19.74
N VAL I 310 82.02 13.70 20.59
CA VAL I 310 80.59 13.84 20.88
C VAL I 310 80.23 15.32 20.76
N LEU I 311 78.95 15.62 20.90
CA LEU I 311 78.48 16.99 20.86
C LEU I 311 77.97 17.08 22.27
N ASN I 312 78.83 17.53 23.18
CA ASN I 312 78.47 17.59 24.57
C ASN I 312 78.42 18.99 25.12
N GLY I 313 79.11 19.90 24.46
CA GLY I 313 79.16 21.26 24.95
C GLY I 313 78.98 22.34 23.94
N ALA I 314 78.58 23.49 24.43
CA ALA I 314 78.37 24.63 23.54
C ALA I 314 78.49 24.20 22.09
N ASN I 315 79.04 23.01 21.86
CA ASN I 315 78.99 22.36 20.57
C ASN I 315 77.61 21.79 20.24
N LEU I 316 76.72 21.64 21.23
CA LEU I 316 75.30 21.41 20.97
C LEU I 316 74.57 22.71 20.61
N VAL I 317 74.80 23.77 21.40
CA VAL I 317 74.15 25.05 21.17
C VAL I 317 74.33 25.49 19.73
N THR I 318 75.47 25.15 19.13
CA THR I 318 75.65 25.39 17.71
C THR I 318 74.98 24.32 16.88
N ALA I 319 74.93 23.09 17.35
CA ALA I 319 74.34 22.04 16.54
C ALA I 319 72.89 22.35 16.24
N LEU I 320 72.18 22.87 17.24
CA LEU I 320 70.75 23.18 17.15
C LEU I 320 70.36 24.55 16.63
N VAL I 321 70.91 25.62 17.20
CA VAL I 321 70.56 26.96 16.75
C VAL I 321 71.03 27.46 15.42
N MET I 322 72.27 27.20 15.05
CA MET I 322 72.78 27.67 13.77
C MET I 322 72.64 26.48 12.94
N GLY I 323 72.61 25.37 13.64
CA GLY I 323 72.40 24.08 13.01
C GLY I 323 73.61 23.54 12.27
N LYS I 324 74.73 23.44 12.98
CA LYS I 324 75.95 22.87 12.43
C LYS I 324 76.98 22.80 13.54
N ALA I 325 77.99 21.97 13.32
CA ALA I 325 78.99 21.69 14.35
C ALA I 325 80.38 21.77 13.75
N VAL I 326 81.35 21.98 14.62
CA VAL I 326 82.76 21.92 14.28
C VAL I 326 83.43 21.05 15.32
N ARG I 327 84.35 20.20 14.90
CA ARG I 327 84.96 19.27 15.82
C ARG I 327 85.85 20.01 16.80
N SER I 328 85.59 19.83 18.09
CA SER I 328 86.35 20.45 19.17
C SER I 328 86.32 21.98 19.04
N LEU I 329 85.12 22.52 19.17
CA LEU I 329 84.97 23.97 19.25
C LEU I 329 85.74 24.54 20.43
N ASP I 330 85.60 23.90 21.59
CA ASP I 330 86.18 24.45 22.80
C ASP I 330 87.65 24.77 22.60
N ASP I 331 88.41 23.82 22.06
CA ASP I 331 89.78 24.11 21.67
C ASP I 331 89.81 25.19 20.62
N VAL I 332 89.26 24.89 19.43
CA VAL I 332 89.22 25.82 18.30
C VAL I 332 88.81 27.20 18.76
N GLY I 333 87.60 27.33 19.30
CA GLY I 333 87.14 28.63 19.75
C GLY I 333 88.10 29.29 20.72
N ARG I 334 88.54 28.55 21.74
CA ARG I 334 89.47 29.11 22.71
C ARG I 334 90.78 29.50 22.05
N HIS I 335 91.40 28.56 21.35
CA HIS I 335 92.62 28.88 20.62
C HIS I 335 92.38 29.97 19.58
N LEU I 336 91.11 30.23 19.27
CA LEU I 336 90.76 31.30 18.34
C LEU I 336 90.59 32.61 19.07
N LEU I 337 89.66 32.65 20.02
CA LEU I 337 89.44 33.83 20.84
C LEU I 337 90.74 34.33 21.47
N ASP I 338 91.53 33.42 22.04
CA ASP I 338 92.71 33.81 22.83
C ASP I 338 93.74 34.59 22.03
N MET I 339 93.67 34.49 20.70
CA MET I 339 94.65 35.13 19.84
C MET I 339 94.44 36.63 19.68
N GLN I 340 93.21 37.11 19.74
CA GLN I 340 92.92 38.52 19.47
C GLN I 340 92.85 39.38 20.73
N GLU I 341 93.15 38.83 21.89
CA GLU I 341 93.51 39.66 23.04
C GLU I 341 94.99 39.74 23.40
N GLU I 342 95.66 38.59 23.39
CA GLU I 342 97.11 38.52 23.62
C GLU I 342 97.68 39.54 24.59
N ASN I 347 103.04 31.18 10.06
CA ASN I 347 102.03 31.69 10.97
C ASN I 347 101.99 30.93 12.27
N ARG I 348 102.76 29.83 12.29
CA ARG I 348 103.10 29.14 13.53
C ARG I 348 101.86 28.81 14.35
N GLU I 349 101.06 27.97 13.73
CA GLU I 349 99.79 27.54 14.24
C GLU I 349 100.12 26.20 14.77
N THR I 350 99.85 25.96 16.04
CA THR I 350 100.21 24.64 16.55
C THR I 350 99.09 23.90 17.24
N LEU I 351 97.88 24.48 17.33
CA LEU I 351 96.90 24.04 18.32
C LEU I 351 96.66 22.53 18.26
N ASP I 352 96.27 22.03 17.10
CA ASP I 352 96.05 20.61 16.88
C ASP I 352 95.13 19.93 17.88
N GLU I 353 95.54 18.78 18.39
CA GLU I 353 94.93 18.21 19.59
C GLU I 353 95.99 17.29 20.20
N LEU I 354 96.35 17.54 21.45
CA LEU I 354 97.07 16.56 22.26
C LEU I 354 96.59 16.67 23.69
N GLU I 355 96.08 15.57 24.27
CA GLU I 355 95.78 15.62 25.69
C GLU I 355 96.37 14.47 26.50
N SER I 356 95.71 13.31 26.51
CA SER I 356 96.02 12.27 27.49
C SER I 356 96.83 11.10 26.97
N ALA I 357 97.07 11.00 25.66
CA ALA I 357 97.76 9.88 25.02
C ALA I 357 96.96 8.59 25.19
N PRO I 358 97.15 7.60 24.32
CA PRO I 358 96.34 6.38 24.39
C PRO I 358 96.84 5.43 25.48
N GLN I 359 96.11 4.33 25.63
CA GLN I 359 96.47 3.22 26.49
C GLN I 359 96.72 2.02 25.59
N THR I 360 97.89 1.42 25.72
CA THR I 360 98.43 0.56 24.67
C THR I 360 98.49 -0.89 25.12
N THR I 361 98.90 -1.76 24.20
CA THR I 361 98.94 -3.19 24.45
C THR I 361 99.97 -3.80 23.51
N ARG I 362 100.63 -4.87 23.95
CA ARG I 362 101.50 -5.64 23.08
C ARG I 362 100.67 -6.72 22.40
N VAL I 363 100.63 -6.69 21.07
CA VAL I 363 99.99 -7.74 20.31
C VAL I 363 100.93 -8.12 19.17
N ARG I 364 100.93 -9.38 18.79
CA ARG I 364 101.89 -9.84 17.81
C ARG I 364 101.52 -9.36 16.42
N ALA I 365 102.52 -9.35 15.55
CA ALA I 365 102.44 -8.83 14.19
C ALA I 365 103.78 -9.09 13.53
N ASP I 366 103.82 -8.99 12.20
CA ASP I 366 105.02 -9.46 11.52
C ASP I 366 106.10 -8.39 11.45
N LEU I 367 105.75 -7.16 11.12
CA LEU I 367 106.72 -6.07 11.21
C LEU I 367 107.98 -6.35 10.40
N VAL I 368 107.91 -6.25 9.10
CA VAL I 368 109.05 -6.49 8.23
C VAL I 368 109.64 -5.14 7.85
N ALA I 369 110.94 -5.12 7.62
CA ALA I 369 111.65 -3.91 7.23
C ALA I 369 111.86 -3.91 5.72
N ILE I 370 111.14 -3.05 5.02
CA ILE I 370 111.27 -2.90 3.57
C ILE I 370 111.77 -1.49 3.31
N GLY I 371 112.66 -1.35 2.34
CA GLY I 371 113.32 -0.07 2.16
C GLY I 371 113.96 0.32 3.46
N ASP I 372 113.64 1.53 3.89
CA ASP I 372 114.05 2.11 5.14
C ASP I 372 112.79 2.31 5.98
N ARG I 373 111.72 1.61 5.62
CA ARG I 373 110.44 1.72 6.28
C ARG I 373 110.11 0.48 7.08
N LEU I 374 109.55 0.65 8.27
CA LEU I 374 109.14 -0.48 9.05
C LEU I 374 107.76 -0.61 8.52
N VAL I 375 107.37 -1.80 8.08
CA VAL I 375 106.06 -2.03 7.51
C VAL I 375 105.45 -3.26 8.17
N PHE I 376 104.14 -3.30 8.34
CA PHE I 376 103.47 -4.46 8.91
C PHE I 376 103.29 -5.48 7.84
N LEU I 377 103.17 -6.75 8.17
CA LEU I 377 102.86 -7.70 7.13
C LEU I 377 101.69 -8.54 7.62
N GLU I 378 100.59 -8.50 6.87
CA GLU I 378 99.34 -9.10 7.30
C GLU I 378 98.79 -9.94 6.17
N ALA I 379 98.37 -11.16 6.48
CA ALA I 379 97.41 -11.87 5.66
C ALA I 379 96.39 -12.46 6.59
N LEU I 380 95.16 -11.98 6.47
CA LEU I 380 94.07 -12.36 7.35
C LEU I 380 92.94 -13.30 6.92
N GLU I 381 93.19 -14.35 6.14
CA GLU I 381 92.07 -15.20 5.81
C GLU I 381 91.85 -16.28 6.84
N LYS I 382 92.76 -16.39 7.80
CA LYS I 382 92.60 -17.25 8.96
C LYS I 382 91.89 -16.48 10.06
N ARG I 383 92.47 -15.37 10.48
CA ARG I 383 91.88 -14.55 11.53
C ARG I 383 90.41 -14.29 11.26
N ILE I 384 90.08 -13.40 10.32
CA ILE I 384 88.73 -12.90 10.23
C ILE I 384 87.93 -13.41 9.02
N TYR I 385 88.54 -14.11 8.07
CA TYR I 385 87.72 -14.63 6.98
C TYR I 385 87.44 -16.12 7.02
N ALA I 386 88.01 -16.87 7.96
CA ALA I 386 87.92 -18.31 7.92
C ALA I 386 86.59 -18.79 8.47
N ALA I 387 85.98 -19.75 7.78
CA ALA I 387 84.72 -20.38 8.13
C ALA I 387 83.52 -19.46 7.93
N THR I 388 83.75 -18.20 7.57
CA THR I 388 82.69 -17.21 7.51
C THR I 388 81.96 -17.18 6.18
N ASN I 389 82.37 -18.00 5.21
CA ASN I 389 81.77 -18.05 3.87
C ASN I 389 82.01 -16.77 3.09
N VAL I 390 82.67 -15.79 3.68
CA VAL I 390 82.97 -14.52 3.03
C VAL I 390 84.22 -14.67 2.17
N PRO I 391 84.20 -14.23 0.92
CA PRO I 391 85.42 -14.22 0.12
C PRO I 391 86.43 -13.23 0.66
N TYR I 392 87.71 -13.53 0.46
CA TYR I 392 88.79 -12.64 0.86
C TYR I 392 89.02 -11.56 -0.21
N PRO I 393 89.08 -10.24 0.22
CA PRO I 393 89.29 -9.24 -0.84
C PRO I 393 90.61 -9.25 -1.63
N LEU I 394 91.74 -9.55 -1.01
CA LEU I 394 93.02 -9.50 -1.69
C LEU I 394 93.04 -10.73 -2.52
N VAL I 395 92.39 -10.59 -3.65
CA VAL I 395 92.17 -11.71 -4.55
C VAL I 395 91.43 -11.00 -5.66
N GLY I 396 91.04 -11.70 -6.69
CA GLY I 396 89.99 -11.15 -7.51
C GLY I 396 90.16 -11.61 -8.93
N ALA I 397 89.22 -11.23 -9.75
CA ALA I 397 89.40 -11.55 -11.13
C ALA I 397 90.24 -10.47 -11.79
N MET I 398 90.57 -10.73 -13.05
CA MET I 398 91.12 -9.75 -13.94
C MET I 398 90.48 -10.01 -15.28
N ASP I 399 89.81 -9.02 -15.82
CA ASP I 399 88.97 -9.20 -16.98
C ASP I 399 89.80 -8.79 -18.19
N LEU I 400 90.15 -9.77 -19.02
CA LEU I 400 91.05 -9.54 -20.15
C LEU I 400 90.39 -9.96 -21.44
N THR I 401 90.46 -9.09 -22.44
CA THR I 401 89.95 -9.36 -23.76
C THR I 401 91.10 -9.80 -24.66
N PHE I 402 90.84 -10.79 -25.50
CA PHE I 402 91.83 -11.31 -26.42
C PHE I 402 91.31 -11.22 -27.84
N VAL I 403 92.23 -11.32 -28.80
CA VAL I 403 91.92 -11.24 -30.22
C VAL I 403 92.56 -12.39 -30.96
N LEU I 404 92.16 -12.56 -32.20
CA LEU I 404 92.47 -13.72 -33.01
C LEU I 404 92.04 -13.40 -34.43
N PRO I 405 92.90 -13.58 -35.42
CA PRO I 405 92.47 -13.47 -36.81
C PRO I 405 91.85 -14.76 -37.35
N LEU I 406 91.03 -14.62 -38.37
CA LEU I 406 90.52 -15.78 -39.10
C LEU I 406 90.60 -15.53 -40.59
N GLY I 407 91.10 -16.50 -41.31
CA GLY I 407 91.05 -16.44 -42.74
C GLY I 407 91.93 -15.33 -43.28
N LEU I 408 92.59 -14.57 -42.42
CA LEU I 408 93.40 -13.48 -42.91
C LEU I 408 94.56 -14.03 -43.71
N PHE I 409 95.13 -13.16 -44.55
CA PHE I 409 95.95 -13.61 -45.66
C PHE I 409 97.26 -12.85 -45.63
N ASN I 410 98.38 -13.57 -45.67
CA ASN I 410 99.67 -12.98 -45.41
C ASN I 410 99.97 -11.83 -46.37
N PRO I 411 100.67 -10.83 -45.90
CA PRO I 411 101.18 -9.80 -46.80
C PRO I 411 102.02 -10.41 -47.90
N ALA I 412 102.19 -9.69 -49.01
CA ALA I 412 102.91 -10.24 -50.15
C ALA I 412 104.37 -10.49 -49.81
N MET I 413 105.07 -9.46 -49.34
CA MET I 413 106.48 -9.60 -49.05
C MET I 413 106.73 -10.70 -48.05
N GLU I 414 105.77 -10.96 -47.19
CA GLU I 414 105.93 -11.99 -46.19
C GLU I 414 105.02 -13.15 -46.58
N ARG I 415 105.56 -14.04 -47.38
CA ARG I 415 104.93 -15.31 -47.72
C ARG I 415 106.02 -16.21 -48.23
N PHE I 416 106.29 -17.31 -47.55
CA PHE I 416 107.50 -18.05 -47.85
C PHE I 416 107.66 -19.20 -46.87
N ALA I 417 108.65 -20.03 -47.09
CA ALA I 417 109.07 -20.95 -46.06
C ALA I 417 110.37 -20.47 -45.44
N ALA I 418 110.74 -21.08 -44.32
CA ALA I 418 111.96 -20.66 -43.67
C ALA I 418 113.15 -21.23 -44.40
N HIS I 419 113.22 -22.54 -44.48
CA HIS I 419 114.12 -23.26 -45.38
C HIS I 419 113.23 -24.05 -46.31
N ALA I 420 113.73 -24.32 -47.51
CA ALA I 420 112.88 -24.79 -48.60
C ALA I 420 112.08 -26.02 -48.23
N GLY I 421 112.69 -27.20 -48.19
CA GLY I 421 111.91 -28.34 -47.78
C GLY I 421 111.67 -28.35 -46.30
N ASP I 422 110.42 -28.17 -45.89
CA ASP I 422 109.97 -28.42 -44.53
C ASP I 422 108.46 -28.45 -44.55
N LEU I 423 107.87 -29.11 -43.56
CA LEU I 423 106.44 -29.28 -43.51
C LEU I 423 105.90 -29.75 -44.86
N VAL I 424 106.71 -30.55 -45.55
CA VAL I 424 106.52 -30.89 -46.95
C VAL I 424 105.59 -32.09 -47.02
N PRO I 425 104.71 -32.28 -48.03
CA PRO I 425 103.73 -33.35 -47.92
C PRO I 425 104.31 -34.68 -48.35
N ALA I 426 103.51 -35.73 -48.30
CA ALA I 426 103.91 -36.94 -49.00
C ALA I 426 104.01 -36.63 -50.48
N PRO I 427 104.86 -37.34 -51.21
CA PRO I 427 105.17 -36.98 -52.60
C PRO I 427 104.05 -36.84 -53.63
N GLY I 428 103.08 -37.73 -53.66
CA GLY I 428 101.99 -37.59 -54.59
C GLY I 428 101.09 -36.37 -54.35
N HIS I 429 100.99 -36.04 -53.06
CA HIS I 429 100.11 -35.02 -52.48
C HIS I 429 100.29 -33.52 -52.68
N PRO I 430 99.12 -32.80 -52.56
CA PRO I 430 99.25 -31.35 -52.74
C PRO I 430 99.71 -30.64 -51.48
N GLU I 431 100.29 -29.46 -51.62
CA GLU I 431 100.72 -28.73 -50.45
C GLU I 431 99.48 -28.00 -50.00
N PRO I 432 98.98 -28.38 -48.77
CA PRO I 432 97.77 -27.65 -48.35
C PRO I 432 98.13 -26.41 -47.57
N ARG I 433 99.43 -26.14 -47.44
CA ARG I 433 99.96 -24.98 -46.74
C ARG I 433 99.95 -23.73 -47.60
N ALA I 434 99.75 -23.86 -48.91
CA ALA I 434 99.68 -22.72 -49.79
C ALA I 434 98.26 -22.30 -50.10
N PHE I 435 97.26 -23.00 -49.60
CA PHE I 435 95.90 -22.54 -49.77
C PHE I 435 95.66 -21.38 -48.80
N PRO I 436 94.56 -20.62 -48.96
CA PRO I 436 94.31 -19.60 -47.95
C PRO I 436 93.90 -20.26 -46.63
N PRO I 437 94.29 -19.72 -45.46
CA PRO I 437 93.96 -20.28 -44.15
C PRO I 437 92.53 -20.06 -43.74
N ARG I 438 91.88 -21.08 -43.27
CA ARG I 438 90.52 -20.98 -42.85
C ARG I 438 90.26 -21.58 -41.50
N GLN I 439 91.32 -21.90 -40.78
CA GLN I 439 91.30 -22.53 -39.47
C GLN I 439 92.23 -21.75 -38.57
N LEU I 440 92.06 -21.97 -37.27
CA LEU I 440 93.00 -21.41 -36.32
C LEU I 440 93.07 -22.30 -35.10
N PHE I 441 94.26 -22.46 -34.56
CA PHE I 441 94.52 -23.40 -33.47
C PHE I 441 95.14 -22.66 -32.30
N PHE I 442 94.84 -23.12 -31.09
CA PHE I 442 95.35 -22.47 -29.89
C PHE I 442 95.11 -23.39 -28.69
N TRP I 443 95.56 -22.93 -27.53
CA TRP I 443 95.60 -23.74 -26.32
C TRP I 443 94.48 -23.34 -25.36
N GLY I 444 93.69 -24.31 -24.99
CA GLY I 444 92.62 -24.00 -24.10
C GLY I 444 93.16 -23.94 -22.72
N LYS I 445 92.28 -23.82 -21.77
CA LYS I 445 92.72 -23.95 -20.41
C LYS I 445 93.19 -25.43 -20.49
N ASP I 446 94.33 -25.71 -19.88
CA ASP I 446 95.01 -27.01 -19.88
C ASP I 446 95.67 -27.31 -21.22
N HIS I 447 96.12 -28.53 -21.42
CA HIS I 447 96.78 -28.79 -22.69
C HIS I 447 95.72 -29.27 -23.62
N GLN I 448 95.32 -28.42 -24.51
CA GLN I 448 94.33 -28.81 -25.47
C GLN I 448 94.58 -28.02 -26.72
N VAL I 449 94.16 -28.54 -27.84
CA VAL I 449 94.30 -27.81 -29.08
C VAL I 449 92.88 -27.57 -29.57
N LEU I 450 92.40 -26.34 -29.50
CA LEU I 450 91.06 -26.07 -29.90
C LEU I 450 91.11 -25.37 -31.20
N ARG I 451 90.20 -25.65 -32.12
CA ARG I 451 90.24 -24.99 -33.41
C ARG I 451 89.03 -24.14 -33.73
N LEU I 452 89.23 -22.94 -34.18
CA LEU I 452 88.14 -22.13 -34.63
C LEU I 452 88.25 -22.19 -36.11
N SER I 453 87.15 -22.44 -36.76
CA SER I 453 87.08 -22.49 -38.19
C SER I 453 86.07 -21.48 -38.64
N MET I 454 86.16 -21.04 -39.87
CA MET I 454 85.21 -20.05 -40.35
C MET I 454 83.84 -20.60 -40.31
N GLU I 455 83.72 -21.90 -40.30
CA GLU I 455 82.41 -22.52 -40.13
C GLU I 455 81.73 -22.12 -38.84
N ASN I 456 82.50 -21.69 -37.84
CA ASN I 456 81.94 -21.26 -36.56
C ASN I 456 81.44 -19.82 -36.60
N ALA I 457 81.67 -19.16 -37.73
CA ALA I 457 81.24 -17.78 -37.95
C ALA I 457 79.80 -17.77 -38.42
N VAL I 458 79.27 -18.95 -38.70
CA VAL I 458 77.91 -19.09 -39.11
C VAL I 458 77.19 -18.74 -37.83
N GLY I 459 76.01 -18.18 -37.92
CA GLY I 459 75.26 -17.81 -36.74
C GLY I 459 75.53 -16.37 -36.41
N THR I 460 76.58 -15.82 -36.98
CA THR I 460 76.91 -14.41 -36.81
C THR I 460 76.61 -13.74 -38.13
N VAL I 461 77.11 -14.34 -39.21
CA VAL I 461 76.84 -13.81 -40.53
C VAL I 461 75.49 -14.31 -41.04
N CYS I 462 75.10 -15.50 -40.64
CA CYS I 462 73.88 -16.09 -41.16
C CYS I 462 72.62 -15.63 -40.44
N HIS I 463 72.75 -14.74 -39.48
CA HIS I 463 71.60 -13.99 -38.99
C HIS I 463 71.22 -12.94 -40.03
N PRO I 464 69.95 -12.59 -40.09
CA PRO I 464 69.42 -11.58 -41.01
C PRO I 464 69.93 -10.22 -40.63
N SER I 465 70.58 -10.14 -39.48
CA SER I 465 71.12 -8.89 -39.00
C SER I 465 72.06 -8.41 -40.08
N LEU I 466 72.57 -9.32 -40.88
CA LEU I 466 73.39 -8.96 -42.02
C LEU I 466 72.32 -8.58 -43.05
N MET I 467 72.43 -7.41 -43.65
CA MET I 467 71.46 -6.92 -44.61
C MET I 467 70.61 -5.78 -44.09
N ASN I 468 70.64 -5.42 -42.81
CA ASN I 468 69.83 -4.28 -42.38
C ASN I 468 70.75 -3.08 -42.25
N ILE I 469 70.72 -2.23 -43.27
CA ILE I 469 71.48 -0.99 -43.30
C ILE I 469 70.61 0.23 -43.03
N ASP I 470 69.32 0.02 -42.73
CA ASP I 470 68.41 1.15 -42.60
C ASP I 470 68.95 2.23 -41.69
N ALA I 471 69.71 1.83 -40.67
CA ALA I 471 70.39 2.82 -39.83
C ALA I 471 71.60 3.38 -40.55
N ALA I 472 72.36 2.53 -41.24
CA ALA I 472 73.58 2.97 -41.89
C ALA I 472 73.28 3.94 -43.02
N VAL I 473 72.50 3.50 -44.01
CA VAL I 473 72.23 4.37 -45.14
C VAL I 473 71.38 5.54 -44.70
N GLY I 474 70.43 5.32 -43.80
CA GLY I 474 69.67 6.42 -43.26
C GLY I 474 70.57 7.45 -42.58
N GLY I 475 71.51 6.98 -41.78
CA GLY I 475 72.41 7.88 -41.11
C GLY I 475 73.33 8.61 -42.07
N VAL I 476 74.13 7.86 -42.81
CA VAL I 476 75.21 8.44 -43.62
C VAL I 476 74.65 9.51 -44.56
N ASN I 477 73.35 9.46 -44.83
CA ASN I 477 72.71 10.46 -45.67
C ASN I 477 72.50 11.80 -45.00
N HIS I 478 72.71 11.92 -43.70
CA HIS I 478 72.62 13.25 -43.12
C HIS I 478 73.86 14.06 -43.52
N ASP I 479 73.74 15.39 -43.40
CA ASP I 479 74.71 16.32 -43.96
C ASP I 479 74.79 16.10 -45.46
N PRO I 480 73.75 16.49 -46.21
CA PRO I 480 73.59 16.01 -47.59
C PRO I 480 74.75 16.34 -48.50
N VAL I 481 74.95 15.46 -49.48
CA VAL I 481 75.95 15.60 -50.52
C VAL I 481 75.26 15.39 -51.86
N GLU I 482 75.76 16.05 -52.91
CA GLU I 482 75.04 16.01 -54.17
C GLU I 482 75.48 14.82 -55.01
N ALA I 483 76.64 14.91 -55.65
CA ALA I 483 77.09 13.88 -56.57
C ALA I 483 78.44 14.26 -57.14
N ALA I 484 79.03 13.34 -57.90
CA ALA I 484 80.26 13.63 -58.61
C ALA I 484 80.13 13.20 -60.07
N ASN I 485 80.07 11.89 -60.28
CA ASN I 485 79.87 11.29 -61.60
C ASN I 485 78.67 10.41 -61.54
N PRO I 486 77.63 10.82 -62.19
CA PRO I 486 76.67 9.77 -62.08
C PRO I 486 77.26 8.56 -62.79
N TYR I 487 78.25 8.71 -63.66
CA TYR I 487 78.71 7.55 -64.44
C TYR I 487 79.16 6.42 -63.63
N GLY I 488 78.55 5.29 -63.94
CA GLY I 488 78.74 4.01 -63.32
C GLY I 488 77.67 3.79 -62.29
N ALA I 489 76.99 4.85 -61.86
CA ALA I 489 75.96 4.83 -60.84
C ALA I 489 74.60 5.29 -61.28
N TYR I 490 74.31 5.27 -62.56
CA TYR I 490 73.01 5.72 -63.01
C TYR I 490 72.55 4.78 -64.06
N VAL I 491 71.28 4.47 -64.11
CA VAL I 491 70.84 3.54 -65.14
C VAL I 491 69.81 4.26 -65.99
N ALA I 492 70.18 4.58 -67.21
CA ALA I 492 69.27 5.27 -68.11
C ALA I 492 68.26 4.31 -68.72
N ALA I 493 67.17 4.86 -69.19
CA ALA I 493 66.18 4.09 -69.92
C ALA I 493 66.71 3.73 -71.29
N PRO I 494 66.59 2.48 -71.74
CA PRO I 494 66.85 2.17 -73.15
C PRO I 494 65.94 3.00 -74.02
N ALA I 495 66.53 3.65 -75.02
CA ALA I 495 65.83 4.70 -75.77
C ALA I 495 65.89 4.39 -77.25
N GLY I 496 64.74 4.23 -77.86
CA GLY I 496 64.62 4.13 -79.29
C GLY I 496 65.52 3.06 -79.89
N PRO I 497 66.04 3.34 -81.08
CA PRO I 497 66.81 2.32 -81.80
C PRO I 497 68.04 1.89 -81.04
N GLY I 498 68.49 0.68 -81.34
CA GLY I 498 69.57 0.06 -80.62
C GLY I 498 70.93 0.23 -81.25
N ALA I 499 71.00 0.68 -82.50
CA ALA I 499 72.30 0.88 -83.14
C ALA I 499 72.99 2.14 -82.65
N ASP I 500 72.25 3.23 -82.52
CA ASP I 500 72.79 4.49 -82.06
C ASP I 500 72.85 4.58 -80.55
N MET I 501 72.52 3.49 -79.85
CA MET I 501 72.39 3.55 -78.40
C MET I 501 73.70 3.95 -77.75
N GLN I 502 74.82 3.49 -78.29
CA GLN I 502 76.09 3.97 -77.75
C GLN I 502 76.47 5.32 -78.33
N GLN I 503 76.05 5.62 -79.54
CA GLN I 503 76.24 6.97 -80.08
C GLN I 503 75.59 8.01 -79.18
N ARG I 504 74.29 7.83 -78.89
CA ARG I 504 73.60 8.77 -78.02
C ARG I 504 74.32 8.92 -76.69
N PHE I 505 74.83 7.79 -76.17
CA PHE I 505 75.53 7.79 -74.90
C PHE I 505 76.70 8.74 -74.89
N LEU I 506 77.70 8.48 -75.73
CA LEU I 506 78.90 9.28 -75.76
C LEU I 506 78.63 10.75 -76.03
N ASN I 507 77.55 11.05 -76.73
CA ASN I 507 77.12 12.44 -76.81
C ASN I 507 76.49 12.90 -75.51
N ALA I 508 75.54 12.13 -74.99
CA ALA I 508 74.90 12.48 -73.73
C ALA I 508 75.93 12.61 -72.63
N TRP I 509 76.75 11.58 -72.42
CA TRP I 509 77.82 11.68 -71.45
C TRP I 509 79.10 11.93 -72.23
N ARG I 510 79.33 13.19 -72.56
CA ARG I 510 80.65 13.68 -72.89
C ARG I 510 81.14 14.73 -71.90
N GLN I 511 80.25 15.20 -71.02
CA GLN I 511 80.52 16.39 -70.24
C GLN I 511 80.68 16.26 -68.75
N ARG I 512 79.89 15.38 -68.15
CA ARG I 512 80.00 15.16 -66.73
C ARG I 512 80.56 13.76 -66.67
N LEU I 513 80.84 13.15 -67.82
CA LEU I 513 81.66 11.96 -67.86
C LEU I 513 83.15 12.31 -67.92
N ALA I 514 83.55 13.00 -68.98
CA ALA I 514 84.95 13.35 -69.15
C ALA I 514 85.44 14.26 -68.02
N HIS I 515 84.57 15.16 -67.54
CA HIS I 515 84.95 16.09 -66.49
C HIS I 515 85.38 15.36 -65.23
N GLY I 516 84.44 14.69 -64.58
CA GLY I 516 84.73 14.10 -63.28
C GLY I 516 85.61 12.87 -63.37
N ARG I 517 86.12 12.47 -62.20
CA ARG I 517 86.91 11.26 -62.04
C ARG I 517 86.00 10.13 -61.60
N VAL I 518 85.99 9.03 -62.36
CA VAL I 518 85.08 7.93 -62.05
C VAL I 518 85.30 7.51 -60.62
N ARG I 519 84.27 7.16 -59.89
CA ARG I 519 84.57 6.74 -58.52
C ARG I 519 85.43 5.48 -58.36
N TRP I 520 85.26 4.51 -59.24
CA TRP I 520 85.95 3.24 -59.14
C TRP I 520 87.36 3.26 -59.71
N VAL I 521 88.19 4.07 -59.05
CA VAL I 521 89.62 4.22 -59.35
C VAL I 521 90.39 3.51 -58.24
N ALA I 522 89.63 2.99 -57.27
CA ALA I 522 90.11 2.18 -56.18
C ALA I 522 90.73 0.88 -56.63
N GLU I 523 90.67 0.59 -57.92
CA GLU I 523 91.28 -0.63 -58.42
C GLU I 523 92.80 -0.52 -58.49
N CYS I 524 93.32 0.70 -58.68
CA CYS I 524 94.75 0.94 -58.68
C CYS I 524 95.35 0.97 -57.30
N GLN I 525 94.54 1.12 -56.26
CA GLN I 525 95.05 1.22 -54.91
C GLN I 525 95.52 -0.13 -54.41
N MET I 526 96.59 -0.12 -53.66
CA MET I 526 97.00 -1.35 -53.00
C MET I 526 96.15 -1.42 -51.74
N THR I 527 96.45 -2.35 -50.88
CA THR I 527 95.83 -2.32 -49.60
C THR I 527 96.71 -1.37 -48.81
N ALA I 528 96.11 -0.72 -47.82
CA ALA I 528 96.73 0.35 -47.04
C ALA I 528 97.13 1.52 -47.90
N GLU I 529 96.35 1.81 -48.91
CA GLU I 529 96.51 2.96 -49.68
C GLU I 529 95.06 3.20 -49.56
N GLN I 530 94.31 2.12 -49.42
CA GLN I 530 92.90 2.34 -49.21
C GLN I 530 92.60 2.65 -47.75
N PHE I 531 93.44 2.21 -46.83
CA PHE I 531 93.21 2.48 -45.43
C PHE I 531 93.71 3.84 -44.98
N MET I 532 94.66 4.42 -45.70
CA MET I 532 95.23 5.71 -45.32
C MET I 532 94.24 6.80 -45.49
N GLN I 533 94.37 7.88 -44.74
CA GLN I 533 93.32 8.87 -44.71
C GLN I 533 92.91 9.53 -45.99
N PRO I 534 93.89 9.87 -46.82
CA PRO I 534 93.69 10.53 -48.09
C PRO I 534 93.48 9.54 -49.19
N ASP I 535 94.15 8.41 -49.01
CA ASP I 535 94.11 7.29 -49.96
C ASP I 535 92.68 6.84 -50.06
N ASN I 536 92.29 6.59 -51.30
CA ASN I 536 90.95 6.21 -51.70
C ASN I 536 90.15 7.46 -51.35
N ALA I 537 90.12 7.81 -50.07
CA ALA I 537 89.43 9.01 -49.68
C ALA I 537 87.94 8.85 -49.86
N ASN I 538 87.54 7.63 -50.15
CA ASN I 538 86.17 7.22 -50.36
C ASN I 538 86.00 6.22 -49.27
N LEU I 539 86.99 6.21 -48.40
CA LEU I 539 87.01 5.34 -47.23
C LEU I 539 85.78 5.55 -46.37
N ALA I 540 85.28 6.79 -46.32
CA ALA I 540 84.04 7.04 -45.60
C ALA I 540 82.95 6.10 -46.06
N LEU I 541 82.99 5.65 -47.30
CA LEU I 541 81.92 4.88 -47.92
C LEU I 541 82.19 3.39 -48.00
N GLU I 542 83.31 2.92 -47.50
CA GLU I 542 83.57 1.49 -47.55
C GLU I 542 83.15 1.00 -46.19
N LEU I 543 81.86 0.74 -46.01
CA LEU I 543 81.40 0.30 -44.70
C LEU I 543 81.08 -1.18 -44.67
N HIS I 544 79.92 -1.53 -45.15
CA HIS I 544 79.49 -2.90 -45.15
C HIS I 544 80.21 -3.75 -46.18
N PRO I 545 80.52 -5.03 -45.76
CA PRO I 545 81.18 -5.86 -46.77
C PRO I 545 80.26 -6.22 -47.91
N ALA I 546 78.98 -6.47 -47.63
CA ALA I 546 78.07 -6.96 -48.66
C ALA I 546 77.40 -5.85 -49.46
N PHE I 547 77.55 -4.59 -49.08
CA PHE I 547 76.88 -3.52 -49.77
C PHE I 547 77.87 -2.50 -50.29
N ASP I 548 77.45 -1.79 -51.33
CA ASP I 548 78.18 -0.67 -51.90
C ASP I 548 77.44 0.61 -51.59
N PHE I 549 78.07 1.49 -50.85
CA PHE I 549 77.53 2.82 -50.60
C PHE I 549 78.19 3.76 -51.60
N PHE I 550 77.39 4.40 -52.43
CA PHE I 550 77.92 5.32 -53.42
C PHE I 550 77.04 6.55 -53.48
N ALA I 551 77.44 7.52 -54.29
CA ALA I 551 76.74 8.80 -54.35
C ALA I 551 75.94 8.89 -55.64
N GLY I 552 74.66 8.65 -55.56
CA GLY I 552 73.83 8.71 -56.73
C GLY I 552 73.06 10.00 -56.72
N VAL I 553 72.53 10.41 -57.86
CA VAL I 553 71.78 11.64 -57.91
C VAL I 553 70.58 11.49 -57.00
N ALA I 554 70.32 12.53 -56.24
CA ALA I 554 69.24 12.46 -55.30
C ALA I 554 67.86 12.40 -55.94
N ASP I 555 67.05 11.50 -55.40
CA ASP I 555 65.62 11.28 -55.72
C ASP I 555 65.11 11.05 -57.13
N VAL I 556 65.83 10.30 -57.94
CA VAL I 556 65.39 10.03 -59.30
C VAL I 556 65.02 8.57 -59.46
N GLU I 557 63.80 8.27 -59.90
CA GLU I 557 63.51 6.85 -60.08
C GLU I 557 64.39 6.32 -61.20
N LEU I 558 65.22 5.32 -60.88
CA LEU I 558 66.36 5.01 -61.73
C LEU I 558 65.98 4.56 -63.13
N PRO I 559 65.20 3.50 -63.32
CA PRO I 559 64.98 3.02 -64.68
C PRO I 559 64.25 4.08 -65.46
N GLY I 560 64.99 5.11 -65.87
CA GLY I 560 64.40 6.20 -66.61
C GLY I 560 65.43 7.27 -66.90
N GLY I 561 65.10 8.08 -67.90
CA GLY I 561 65.87 9.27 -68.24
C GLY I 561 67.07 8.88 -69.08
N GLU I 562 67.52 9.76 -69.97
CA GLU I 562 68.77 9.52 -70.68
C GLU I 562 69.97 10.23 -70.05
N VAL I 563 69.80 11.17 -69.16
CA VAL I 563 71.00 11.74 -68.56
C VAL I 563 70.67 12.06 -67.13
N PRO I 564 71.72 12.02 -66.23
CA PRO I 564 71.31 12.33 -64.85
C PRO I 564 71.14 13.83 -64.73
N PRO I 565 69.90 14.26 -64.31
CA PRO I 565 69.79 15.72 -64.19
C PRO I 565 70.68 16.14 -63.06
N ALA I 566 71.35 17.28 -63.14
CA ALA I 566 72.20 17.67 -62.04
C ALA I 566 71.29 17.79 -60.83
N GLY I 567 71.72 17.21 -59.71
CA GLY I 567 70.93 17.23 -58.50
C GLY I 567 71.79 17.01 -57.28
N PRO I 568 71.20 17.34 -56.08
CA PRO I 568 72.07 17.10 -54.92
C PRO I 568 72.30 15.61 -54.84
N GLY I 569 73.55 15.20 -54.63
CA GLY I 569 73.83 13.80 -54.54
C GLY I 569 73.21 13.20 -53.30
N ALA I 570 72.69 11.99 -53.46
CA ALA I 570 72.10 11.25 -52.37
C ALA I 570 73.14 10.19 -52.32
N ILE I 571 73.32 9.57 -51.16
CA ILE I 571 74.36 8.59 -51.03
C ILE I 571 73.67 7.28 -50.69
N GLN I 572 73.76 6.32 -51.58
CA GLN I 572 72.87 5.17 -51.48
C GLN I 572 73.63 3.87 -51.58
N ALA I 573 73.00 2.83 -51.08
CA ALA I 573 73.58 1.51 -51.06
C ALA I 573 72.87 0.61 -52.05
N THR I 574 73.64 -0.22 -52.72
CA THR I 574 73.11 -1.32 -53.50
C THR I 574 73.96 -2.54 -53.20
N TRP I 575 73.35 -3.70 -53.26
CA TRP I 575 73.94 -4.89 -52.71
C TRP I 575 75.01 -5.47 -53.63
N ARG I 576 76.21 -5.69 -53.10
CA ARG I 576 77.23 -6.44 -53.82
C ARG I 576 76.71 -7.84 -54.02
N VAL I 577 76.68 -8.30 -55.26
CA VAL I 577 76.00 -9.58 -55.39
C VAL I 577 76.96 -10.67 -54.95
N VAL I 578 77.93 -10.99 -55.80
CA VAL I 578 78.86 -12.06 -55.51
C VAL I 578 80.02 -11.54 -54.67
N ASN I 579 80.69 -12.45 -53.96
CA ASN I 579 81.84 -12.03 -53.17
C ASN I 579 82.97 -11.50 -54.01
N GLY I 580 82.97 -11.74 -55.31
CA GLY I 580 83.99 -11.19 -56.17
C GLY I 580 83.93 -9.69 -56.32
N ASN I 581 82.83 -9.08 -55.93
CA ASN I 581 82.69 -7.64 -56.01
C ASN I 581 83.47 -6.85 -54.99
N LEU I 582 84.02 -7.51 -53.98
CA LEU I 582 84.75 -6.80 -52.95
C LEU I 582 85.91 -6.09 -53.61
N PRO I 583 86.18 -4.81 -53.14
CA PRO I 583 87.28 -4.15 -53.84
C PRO I 583 88.56 -4.93 -53.76
N LEU I 584 89.30 -4.90 -54.85
CA LEU I 584 90.56 -5.63 -54.95
C LEU I 584 91.55 -5.22 -53.88
N ALA I 585 91.48 -4.00 -53.38
CA ALA I 585 92.39 -3.61 -52.32
C ALA I 585 92.08 -4.37 -51.05
N LEU I 586 90.80 -4.57 -50.74
CA LEU I 586 90.44 -5.34 -49.56
C LEU I 586 90.58 -6.84 -49.75
N CYS I 587 90.35 -7.35 -50.95
CA CYS I 587 90.55 -8.77 -51.26
C CYS I 587 91.42 -8.89 -52.50
N PRO I 588 92.73 -8.96 -52.33
CA PRO I 588 93.64 -8.81 -53.47
C PRO I 588 93.50 -9.96 -54.46
N VAL I 589 93.95 -9.69 -55.68
CA VAL I 589 94.12 -10.72 -56.69
C VAL I 589 95.05 -11.83 -56.25
N ALA I 590 96.02 -11.52 -55.39
CA ALA I 590 96.95 -12.54 -54.91
C ALA I 590 96.25 -13.52 -53.98
N PHE I 591 95.26 -13.07 -53.21
CA PHE I 591 94.42 -13.99 -52.48
C PHE I 591 93.43 -14.65 -53.40
N ARG I 592 92.87 -13.85 -54.28
CA ARG I 592 91.74 -14.27 -55.07
C ARG I 592 92.15 -15.39 -56.02
N ASP I 593 93.43 -15.41 -56.41
CA ASP I 593 93.96 -16.49 -57.24
C ASP I 593 94.31 -17.72 -56.41
N ALA I 594 94.87 -17.50 -55.21
CA ALA I 594 95.29 -18.61 -54.37
C ALA I 594 94.15 -19.56 -54.05
N ARG I 595 92.93 -19.06 -53.98
CA ARG I 595 91.79 -19.92 -53.76
C ARG I 595 91.16 -20.39 -55.05
N GLY I 596 91.70 -19.99 -56.20
CA GLY I 596 91.43 -20.71 -57.42
C GLY I 596 92.28 -21.94 -57.55
N LEU I 597 93.48 -21.92 -56.99
CA LEU I 597 94.29 -23.12 -56.90
C LEU I 597 93.75 -24.10 -55.88
N GLU I 598 93.17 -23.61 -54.78
CA GLU I 598 92.62 -24.53 -53.80
C GLU I 598 91.45 -25.30 -54.40
N LEU I 599 90.64 -24.65 -55.23
CA LEU I 599 89.55 -25.34 -55.89
C LEU I 599 90.05 -26.17 -57.07
N GLY I 600 91.04 -25.66 -57.79
CA GLY I 600 91.48 -26.32 -58.99
C GLY I 600 91.96 -27.75 -58.76
N VAL I 601 92.48 -28.04 -57.57
CA VAL I 601 93.09 -29.33 -57.33
C VAL I 601 92.04 -30.42 -57.39
N GLY I 602 92.30 -31.44 -58.20
CA GLY I 602 91.39 -32.55 -58.32
C GLY I 602 90.29 -32.37 -59.33
N ARG I 603 90.13 -31.17 -59.89
CA ARG I 603 89.09 -30.91 -60.87
C ARG I 603 89.70 -30.79 -62.26
N HIS I 604 88.84 -30.58 -63.24
CA HIS I 604 89.23 -30.67 -64.64
C HIS I 604 90.11 -29.49 -65.04
N ALA I 605 91.25 -29.78 -65.65
CA ALA I 605 92.14 -28.74 -66.15
C ALA I 605 92.25 -28.87 -67.66
N MET I 606 91.81 -27.85 -68.38
CA MET I 606 91.99 -27.80 -69.83
C MET I 606 93.44 -28.02 -70.18
N ALA I 607 93.67 -28.86 -71.19
CA ALA I 607 95.01 -29.17 -71.62
C ALA I 607 95.72 -27.90 -72.08
N PRO I 608 97.04 -27.88 -72.05
CA PRO I 608 97.75 -26.71 -72.56
C PRO I 608 97.60 -26.53 -74.03
N ALA I 609 97.22 -27.60 -74.75
CA ALA I 609 97.00 -27.49 -76.18
C ALA I 609 95.72 -26.76 -76.49
N THR I 610 94.63 -27.12 -75.80
CA THR I 610 93.37 -26.42 -76.01
C THR I 610 93.48 -24.96 -75.59
N ILE I 611 94.31 -24.67 -74.59
CA ILE I 611 94.42 -23.30 -74.13
C ILE I 611 95.13 -22.45 -75.16
N ALA I 612 95.99 -23.05 -75.98
CA ALA I 612 96.71 -22.29 -76.99
C ALA I 612 95.82 -21.97 -78.18
N ALA I 613 95.10 -22.98 -78.67
CA ALA I 613 94.17 -22.77 -79.78
C ALA I 613 93.07 -21.81 -79.39
N VAL I 614 92.43 -22.06 -78.24
CA VAL I 614 91.34 -21.20 -77.80
C VAL I 614 91.83 -19.77 -77.62
N ARG I 615 92.91 -19.59 -76.86
CA ARG I 615 93.40 -18.24 -76.63
C ARG I 615 93.98 -17.64 -77.89
N GLY I 616 94.52 -18.47 -78.79
CA GLY I 616 95.03 -17.95 -80.04
C GLY I 616 93.95 -17.35 -80.90
N ALA I 617 92.72 -17.82 -80.77
CA ALA I 617 91.61 -17.25 -81.51
C ALA I 617 91.22 -15.89 -80.96
N PHE I 618 91.03 -15.79 -79.64
CA PHE I 618 90.61 -14.52 -79.05
C PHE I 618 91.60 -13.41 -79.31
N GLU I 619 92.86 -13.75 -79.56
CA GLU I 619 93.91 -12.78 -79.79
C GLU I 619 94.17 -12.53 -81.26
N ASP I 620 93.34 -13.07 -82.13
CA ASP I 620 93.61 -13.16 -83.55
C ASP I 620 93.06 -11.93 -84.28
N ARG I 621 93.95 -11.16 -84.90
CA ARG I 621 93.53 -10.02 -85.71
C ARG I 621 92.90 -10.45 -87.02
N SER I 622 93.33 -11.59 -87.54
CA SER I 622 92.95 -12.05 -88.87
C SER I 622 91.75 -12.98 -88.84
N TYR I 623 91.13 -13.15 -87.71
CA TYR I 623 89.97 -14.02 -87.61
C TYR I 623 88.96 -13.53 -88.64
N PRO I 624 88.66 -14.34 -89.64
CA PRO I 624 87.95 -13.83 -90.83
C PRO I 624 86.49 -13.57 -90.58
N ALA I 625 85.96 -12.61 -91.34
CA ALA I 625 84.60 -12.14 -91.07
C ALA I 625 83.56 -13.19 -91.42
N VAL I 626 83.86 -14.09 -92.35
CA VAL I 626 82.91 -15.16 -92.65
C VAL I 626 82.50 -15.89 -91.39
N PHE I 627 83.39 -15.92 -90.39
CA PHE I 627 83.06 -16.58 -89.15
C PHE I 627 82.09 -15.74 -88.32
N TYR I 628 82.22 -14.42 -88.37
CA TYR I 628 81.19 -13.59 -87.76
C TYR I 628 79.92 -13.63 -88.57
N LEU I 629 80.04 -13.71 -89.90
CA LEU I 629 78.86 -13.70 -90.74
C LEU I 629 78.11 -15.01 -90.68
N LEU I 630 78.81 -16.13 -90.50
CA LEU I 630 78.11 -17.39 -90.33
C LEU I 630 77.48 -17.50 -88.94
N GLN I 631 78.13 -16.94 -87.93
CA GLN I 631 77.53 -16.95 -86.60
C GLN I 631 76.21 -16.21 -86.60
N ALA I 632 76.16 -15.04 -87.24
CA ALA I 632 74.92 -14.29 -87.31
C ALA I 632 73.91 -14.95 -88.23
N ALA I 633 74.38 -15.49 -89.36
CA ALA I 633 73.50 -16.21 -90.26
C ALA I 633 72.74 -17.30 -89.52
N ILE I 634 73.49 -18.17 -88.83
CA ILE I 634 72.88 -19.24 -88.06
C ILE I 634 71.92 -18.67 -87.02
N HIS I 635 72.19 -17.47 -86.55
CA HIS I 635 71.47 -16.82 -85.44
C HIS I 635 71.27 -17.81 -84.31
N GLY I 636 72.31 -18.57 -83.99
CA GLY I 636 72.27 -19.45 -82.84
C GLY I 636 71.21 -20.52 -82.93
N SER I 637 70.78 -20.87 -84.13
CA SER I 637 69.74 -21.86 -84.33
C SER I 637 70.37 -23.24 -84.50
N GLU I 638 69.73 -24.24 -83.90
CA GLU I 638 70.19 -25.61 -84.10
C GLU I 638 69.78 -26.13 -85.46
N HIS I 639 68.59 -25.74 -85.93
CA HIS I 639 68.15 -26.14 -87.26
C HIS I 639 69.09 -25.60 -88.32
N VAL I 640 69.29 -24.28 -88.32
CA VAL I 640 70.10 -23.63 -89.34
C VAL I 640 71.54 -24.15 -89.31
N PHE I 641 71.99 -24.61 -88.15
CA PHE I 641 73.34 -25.14 -88.07
C PHE I 641 73.45 -26.49 -88.76
N CYS I 642 72.61 -27.45 -88.37
CA CYS I 642 72.68 -28.78 -88.97
C CYS I 642 72.44 -28.71 -90.47
N ALA I 643 71.65 -27.74 -90.93
CA ALA I 643 71.50 -27.51 -92.35
C ALA I 643 72.82 -27.11 -92.97
N LEU I 644 73.47 -26.10 -92.39
CA LEU I 644 74.72 -25.57 -92.91
C LEU I 644 75.94 -26.28 -92.37
N ALA I 645 75.75 -27.38 -91.62
CA ALA I 645 76.85 -28.04 -90.93
C ALA I 645 78.02 -28.35 -91.84
N ARG I 646 77.77 -28.63 -93.12
CA ARG I 646 78.85 -28.98 -94.02
C ARG I 646 79.74 -27.78 -94.31
N LEU I 647 79.13 -26.63 -94.58
CA LEU I 647 79.89 -25.41 -94.82
C LEU I 647 80.80 -25.09 -93.65
N VAL I 648 80.36 -25.42 -92.44
CA VAL I 648 81.08 -25.03 -91.23
C VAL I 648 82.32 -25.91 -91.03
N THR I 649 82.16 -27.23 -91.18
CA THR I 649 83.30 -28.12 -91.01
C THR I 649 84.47 -27.72 -91.89
N GLN I 650 84.17 -27.19 -93.08
CA GLN I 650 85.23 -26.69 -93.94
C GLN I 650 85.81 -25.39 -93.40
N CYS I 651 84.97 -24.54 -92.85
CA CYS I 651 85.46 -23.33 -92.20
C CYS I 651 86.36 -23.67 -91.02
N ILE I 652 85.85 -24.49 -90.09
CA ILE I 652 86.65 -24.88 -88.93
C ILE I 652 87.96 -25.48 -89.38
N THR I 653 87.90 -26.46 -90.28
CA THR I 653 89.11 -27.14 -90.72
C THR I 653 90.06 -26.19 -91.43
N SER I 654 89.56 -25.50 -92.45
CA SER I 654 90.42 -24.59 -93.21
C SER I 654 91.13 -23.62 -92.29
N TYR I 655 90.38 -23.02 -91.37
CA TYR I 655 90.98 -22.07 -90.44
C TYR I 655 92.00 -22.75 -89.55
N TRP I 656 91.69 -23.94 -89.06
CA TRP I 656 92.62 -24.71 -88.24
C TRP I 656 93.92 -24.97 -88.98
N ASN I 657 93.87 -25.08 -90.31
CA ASN I 657 95.10 -25.32 -91.05
C ASN I 657 95.89 -24.05 -91.29
N ASN I 658 95.23 -22.96 -91.67
CA ASN I 658 95.91 -21.68 -91.77
C ASN I 658 96.53 -21.29 -90.43
N THR I 659 95.71 -21.25 -89.38
CA THR I 659 96.19 -21.02 -88.03
C THR I 659 95.68 -22.14 -87.14
N ARG I 660 96.46 -22.56 -86.18
CA ARG I 660 95.96 -23.59 -85.28
C ARG I 660 95.19 -22.83 -84.22
N CYS I 661 93.88 -22.82 -84.37
CA CYS I 661 92.99 -22.13 -83.44
C CYS I 661 91.63 -22.75 -83.63
N ALA I 662 90.81 -22.64 -82.60
CA ALA I 662 89.41 -23.00 -82.73
C ALA I 662 88.65 -21.80 -83.26
N ALA I 663 87.68 -22.05 -84.14
CA ALA I 663 87.09 -20.96 -84.91
C ALA I 663 85.99 -20.23 -84.15
N PHE I 664 84.91 -20.93 -83.83
CA PHE I 664 83.68 -20.30 -83.43
C PHE I 664 83.58 -20.08 -81.92
N VAL I 665 84.70 -20.18 -81.21
CA VAL I 665 84.76 -20.11 -79.75
C VAL I 665 83.98 -18.94 -79.16
N ASN I 666 83.78 -17.86 -79.92
CA ASN I 666 83.06 -16.74 -79.33
C ASN I 666 81.59 -17.03 -79.12
N ASP I 667 81.07 -18.16 -79.57
CA ASP I 667 79.70 -18.57 -79.28
C ASP I 667 79.73 -19.93 -78.61
N TYR I 668 79.10 -20.03 -77.44
CA TYR I 668 79.04 -21.33 -76.80
C TYR I 668 78.01 -22.22 -77.45
N SER I 669 76.91 -21.64 -77.92
CA SER I 669 75.88 -22.44 -78.54
C SER I 669 76.42 -23.16 -79.76
N LEU I 670 77.17 -22.45 -80.60
CA LEU I 670 77.85 -23.11 -81.72
C LEU I 670 78.77 -24.20 -81.21
N VAL I 671 79.70 -23.85 -80.33
CA VAL I 671 80.65 -24.82 -79.79
C VAL I 671 79.94 -26.06 -79.29
N SER I 672 78.85 -25.87 -78.54
CA SER I 672 78.09 -27.02 -78.06
C SER I 672 77.48 -27.80 -79.21
N TYR I 673 77.07 -27.13 -80.28
CA TYR I 673 76.63 -27.83 -81.48
C TYR I 673 77.81 -28.49 -82.17
N ILE I 674 78.94 -27.79 -82.26
CA ILE I 674 80.11 -28.34 -82.94
C ILE I 674 80.50 -29.67 -82.33
N VAL I 675 80.49 -29.76 -81.01
CA VAL I 675 80.85 -31.02 -80.39
C VAL I 675 79.75 -32.05 -80.57
N THR I 676 78.49 -31.62 -80.47
CA THR I 676 77.39 -32.57 -80.55
C THR I 676 77.27 -33.17 -81.94
N TYR I 677 77.05 -32.32 -82.94
CA TYR I 677 76.76 -32.79 -84.28
C TYR I 677 77.98 -33.11 -85.11
N LEU I 678 79.02 -32.29 -85.03
CA LEU I 678 80.15 -32.36 -85.96
C LEU I 678 81.22 -33.34 -85.53
N GLY I 679 80.97 -34.13 -84.48
CA GLY I 679 82.01 -34.97 -83.91
C GLY I 679 82.71 -35.87 -84.90
N GLY I 680 82.06 -36.20 -86.00
CA GLY I 680 82.70 -37.02 -87.01
C GLY I 680 83.82 -36.39 -87.82
N ASP I 681 83.55 -35.29 -88.53
CA ASP I 681 84.48 -34.81 -89.56
C ASP I 681 85.17 -33.52 -89.12
N LEU I 682 86.37 -33.68 -88.62
CA LEU I 682 87.24 -32.68 -88.03
C LEU I 682 88.47 -33.45 -87.58
N PRO I 683 89.68 -32.95 -87.81
CA PRO I 683 90.85 -33.68 -87.30
C PRO I 683 90.85 -33.72 -85.79
N GLU I 684 91.23 -34.87 -85.24
CA GLU I 684 91.06 -35.06 -83.79
C GLU I 684 91.85 -34.07 -82.97
N GLU I 685 92.90 -33.47 -83.55
CA GLU I 685 93.63 -32.46 -82.79
C GLU I 685 92.77 -31.25 -82.50
N CYS I 686 92.03 -30.76 -83.50
CA CYS I 686 91.20 -29.59 -83.23
C CYS I 686 89.88 -29.97 -82.57
N MET I 687 89.36 -31.16 -82.82
CA MET I 687 88.16 -31.55 -82.13
C MET I 687 88.40 -31.62 -80.63
N ALA I 688 89.63 -31.91 -80.22
CA ALA I 688 89.94 -31.96 -78.80
C ALA I 688 89.73 -30.60 -78.16
N VAL I 689 90.10 -29.53 -78.87
CA VAL I 689 89.89 -28.18 -78.35
C VAL I 689 88.45 -27.98 -77.94
N TYR I 690 87.52 -28.21 -78.87
CA TYR I 690 86.12 -28.02 -78.56
C TYR I 690 85.64 -29.05 -77.53
N ARG I 691 86.08 -30.29 -77.67
CA ARG I 691 85.64 -31.33 -76.75
C ARG I 691 86.09 -31.03 -75.33
N ASP I 692 87.26 -30.45 -75.17
CA ASP I 692 87.80 -30.10 -73.86
C ASP I 692 87.20 -28.81 -73.34
N LEU I 693 87.04 -27.82 -74.23
CA LEU I 693 86.43 -26.56 -73.87
C LEU I 693 85.01 -26.75 -73.35
N VAL I 694 84.29 -27.74 -73.89
CA VAL I 694 82.95 -28.02 -73.41
C VAL I 694 82.99 -28.81 -72.12
N ALA I 695 83.92 -29.76 -72.01
CA ALA I 695 84.06 -30.54 -70.80
C ALA I 695 84.49 -29.69 -69.62
N HIS I 696 85.08 -28.53 -69.89
CA HIS I 696 85.52 -27.69 -68.79
C HIS I 696 84.37 -26.87 -68.24
N VAL I 697 83.49 -26.37 -69.11
CA VAL I 697 82.31 -25.65 -68.66
C VAL I 697 81.52 -26.50 -67.70
N GLU I 698 81.46 -27.79 -67.93
CA GLU I 698 80.66 -28.67 -67.10
C GLU I 698 81.37 -29.06 -65.83
N ALA I 699 82.70 -28.94 -65.78
CA ALA I 699 83.39 -29.12 -64.52
C ALA I 699 83.17 -27.96 -63.59
N LEU I 700 83.02 -26.76 -64.14
CA LEU I 700 82.69 -25.59 -63.34
C LEU I 700 81.26 -25.63 -62.86
N ALA I 701 80.34 -26.11 -63.71
CA ALA I 701 78.94 -26.16 -63.32
C ALA I 701 78.73 -27.03 -62.09
N GLN I 702 79.44 -28.14 -61.99
CA GLN I 702 79.29 -29.04 -60.86
C GLN I 702 80.12 -28.62 -59.66
N LEU I 703 80.94 -27.58 -59.81
CA LEU I 703 81.65 -27.04 -58.66
C LEU I 703 80.69 -26.34 -57.69
N VAL I 704 79.55 -25.87 -58.18
CA VAL I 704 78.56 -25.27 -57.30
C VAL I 704 77.88 -26.31 -56.44
N ASP I 705 77.60 -27.49 -56.99
CA ASP I 705 76.89 -28.50 -56.25
C ASP I 705 77.68 -28.98 -55.05
N ASP I 706 79.00 -28.79 -55.06
CA ASP I 706 79.80 -29.14 -53.90
C ASP I 706 79.44 -28.28 -52.71
N PHE I 707 79.40 -26.97 -52.93
CA PHE I 707 79.32 -26.02 -51.84
C PHE I 707 77.91 -25.67 -51.45
N THR I 708 76.93 -26.36 -51.99
CA THR I 708 75.54 -26.19 -51.62
C THR I 708 75.10 -27.37 -50.75
N LEU I 709 74.19 -27.11 -49.85
CA LEU I 709 73.59 -28.13 -49.04
C LEU I 709 72.12 -28.26 -49.39
N PRO I 710 71.52 -29.42 -49.13
CA PRO I 710 70.10 -29.60 -49.46
C PRO I 710 69.21 -28.64 -48.67
N GLY I 711 68.00 -28.46 -49.18
CA GLY I 711 67.05 -27.59 -48.55
C GLY I 711 65.88 -27.36 -49.47
N PRO I 712 64.81 -26.81 -48.94
CA PRO I 712 63.62 -26.57 -49.76
C PRO I 712 63.86 -25.47 -50.78
N GLU I 713 62.83 -25.10 -51.53
CA GLU I 713 62.90 -23.92 -52.37
C GLU I 713 62.55 -22.70 -51.54
N LEU I 714 63.31 -21.63 -51.72
CA LEU I 714 63.08 -20.38 -51.03
C LEU I 714 62.61 -19.36 -52.05
N GLY I 715 61.34 -18.97 -51.96
CA GLY I 715 60.80 -18.05 -52.94
C GLY I 715 60.86 -18.58 -54.35
N GLY I 716 60.73 -19.89 -54.51
CA GLY I 716 60.70 -20.51 -55.82
C GLY I 716 62.04 -20.89 -56.38
N GLN I 717 63.12 -20.26 -55.92
CA GLN I 717 64.45 -20.66 -56.34
C GLN I 717 64.95 -21.80 -55.48
N ALA I 718 65.73 -22.68 -56.10
CA ALA I 718 66.31 -23.79 -55.38
C ALA I 718 67.54 -23.31 -54.62
N GLN I 719 68.14 -24.21 -53.84
CA GLN I 719 69.25 -23.79 -52.99
C GLN I 719 70.44 -23.36 -53.82
N ALA I 720 70.77 -24.11 -54.87
CA ALA I 720 71.96 -23.80 -55.65
C ALA I 720 71.85 -22.44 -56.33
N GLU I 721 70.63 -22.02 -56.68
CA GLU I 721 70.47 -20.72 -57.30
C GLU I 721 70.66 -19.61 -56.28
N LEU I 722 70.25 -19.84 -55.04
CA LEU I 722 70.46 -18.84 -54.00
C LEU I 722 71.92 -18.76 -53.60
N ASN I 723 72.65 -19.86 -53.71
CA ASN I 723 74.04 -19.90 -53.31
C ASN I 723 74.93 -19.19 -54.32
N HIS I 724 74.92 -19.66 -55.55
CA HIS I 724 75.86 -19.25 -56.59
C HIS I 724 75.15 -18.41 -57.64
N LEU I 725 75.92 -17.54 -58.29
CA LEU I 725 75.34 -16.64 -59.29
C LEU I 725 75.02 -17.36 -60.59
N MET I 726 75.94 -18.17 -61.08
CA MET I 726 75.72 -18.83 -62.36
C MET I 726 74.49 -19.72 -62.35
N ARG I 727 74.20 -20.37 -61.23
CA ARG I 727 72.93 -21.06 -61.12
C ARG I 727 71.77 -20.10 -61.02
N ASP I 728 71.94 -18.99 -60.32
CA ASP I 728 70.86 -18.06 -60.08
C ASP I 728 70.27 -17.63 -61.40
N PRO I 729 68.97 -17.86 -61.64
CA PRO I 729 68.39 -17.43 -62.90
C PRO I 729 68.54 -15.95 -63.15
N ALA I 730 68.21 -15.09 -62.19
CA ALA I 730 67.90 -13.69 -62.49
C ALA I 730 68.91 -13.07 -63.44
N LEU I 731 70.18 -13.44 -63.29
CA LEU I 731 71.18 -13.00 -64.26
C LEU I 731 71.15 -13.93 -65.47
N LEU I 732 70.92 -13.36 -66.65
CA LEU I 732 70.93 -14.19 -67.83
C LEU I 732 72.12 -13.80 -68.71
N PRO I 733 72.65 -14.73 -69.50
CA PRO I 733 73.92 -14.49 -70.14
C PRO I 733 73.86 -13.29 -71.07
N PRO I 734 75.00 -12.71 -71.42
CA PRO I 734 74.95 -11.45 -72.18
C PRO I 734 74.33 -11.61 -73.55
N LEU I 735 74.33 -12.82 -74.11
CA LEU I 735 73.91 -13.01 -75.49
C LEU I 735 72.97 -14.22 -75.54
N VAL I 736 71.71 -13.97 -75.83
CA VAL I 736 70.68 -15.00 -75.75
C VAL I 736 69.89 -14.96 -77.05
N TRP I 737 70.03 -16.00 -77.88
CA TRP I 737 69.37 -15.98 -79.18
C TRP I 737 67.89 -16.30 -79.10
N ASP I 738 67.36 -16.67 -77.95
CA ASP I 738 65.98 -17.09 -77.82
C ASP I 738 65.35 -16.41 -76.61
N CYS I 739 64.04 -16.53 -76.47
CA CYS I 739 63.36 -15.97 -75.32
C CYS I 739 63.32 -16.95 -74.15
N ASP I 740 63.99 -18.11 -74.26
CA ASP I 740 64.00 -19.08 -73.17
C ASP I 740 64.41 -18.45 -71.85
N GLY I 741 65.30 -17.46 -71.89
CA GLY I 741 65.69 -16.78 -70.67
C GLY I 741 64.52 -16.07 -70.02
N LEU I 742 63.87 -15.15 -70.72
CA LEU I 742 62.82 -14.38 -70.09
C LEU I 742 61.67 -15.29 -69.67
N MET I 743 61.49 -16.41 -70.36
CA MET I 743 60.50 -17.39 -69.95
C MET I 743 60.63 -17.70 -68.47
N ARG I 744 61.79 -18.23 -68.07
CA ARG I 744 61.98 -18.61 -66.68
C ARG I 744 62.07 -17.39 -65.77
N HIS I 745 62.40 -16.22 -66.34
CA HIS I 745 62.41 -14.99 -65.54
C HIS I 745 61.09 -14.28 -65.50
N ALA I 746 60.20 -14.53 -66.45
CA ALA I 746 58.93 -13.83 -66.41
C ALA I 746 58.19 -14.09 -65.11
N ALA I 747 58.36 -15.28 -64.54
CA ALA I 747 57.65 -15.66 -63.33
C ALA I 747 58.66 -15.77 -62.19
N LEU I 748 58.61 -14.81 -61.28
CA LEU I 748 59.39 -14.81 -60.05
C LEU I 748 58.69 -13.90 -59.06
N ASP I 749 58.96 -14.13 -57.78
CA ASP I 749 58.64 -13.12 -56.79
C ASP I 749 59.72 -12.05 -56.71
N ARG I 750 60.91 -12.34 -57.23
CA ARG I 750 62.00 -11.38 -57.27
C ARG I 750 61.88 -10.44 -58.47
N HIS I 751 61.56 -11.01 -59.62
CA HIS I 751 61.60 -10.27 -60.86
C HIS I 751 60.82 -9.01 -60.80
N ARG I 752 61.49 -7.91 -61.12
CA ARG I 752 60.82 -6.64 -61.07
C ARG I 752 60.27 -6.35 -62.44
N ASP I 753 61.16 -6.40 -63.43
CA ASP I 753 60.78 -6.15 -64.79
C ASP I 753 61.92 -6.50 -65.71
N CYS I 754 61.62 -6.63 -67.00
CA CYS I 754 62.65 -6.90 -67.99
C CYS I 754 62.29 -5.86 -69.02
N ARG I 755 62.39 -4.60 -68.64
CA ARG I 755 61.97 -3.59 -69.57
C ARG I 755 62.73 -3.64 -70.85
N ILE I 756 61.94 -3.90 -71.86
CA ILE I 756 62.39 -3.98 -73.23
C ILE I 756 61.77 -2.77 -73.93
N ASP I 757 62.58 -1.78 -74.24
CA ASP I 757 62.02 -0.49 -74.63
C ASP I 757 62.28 -0.28 -76.11
N ALA I 758 61.25 -0.54 -76.91
CA ALA I 758 61.04 0.03 -78.23
C ALA I 758 59.57 0.39 -78.33
N GLY I 759 58.73 -0.64 -78.30
CA GLY I 759 57.29 -0.53 -78.19
C GLY I 759 56.83 -0.67 -76.75
N GLY I 760 55.69 -1.32 -76.54
CA GLY I 760 55.11 -1.48 -75.22
C GLY I 760 56.08 -1.99 -74.16
N HIS I 761 55.92 -1.52 -72.93
CA HIS I 761 56.88 -1.72 -71.84
C HIS I 761 57.21 -3.20 -71.63
N GLU I 762 56.19 -4.03 -71.43
CA GLU I 762 56.38 -5.45 -71.26
C GLU I 762 56.98 -6.04 -72.53
N PRO I 763 57.59 -7.22 -72.45
CA PRO I 763 57.98 -7.91 -73.69
C PRO I 763 56.81 -8.65 -74.32
N VAL I 764 57.05 -9.19 -75.51
CA VAL I 764 56.08 -10.06 -76.18
C VAL I 764 56.90 -10.88 -77.17
N TYR I 765 56.36 -12.02 -77.58
CA TYR I 765 57.17 -13.04 -78.22
C TYR I 765 56.80 -13.19 -79.69
N ALA I 766 57.54 -14.08 -80.35
CA ALA I 766 57.23 -14.53 -81.70
C ALA I 766 57.51 -16.02 -81.76
N ALA I 767 56.50 -16.80 -82.19
CA ALA I 767 56.68 -18.25 -82.23
C ALA I 767 57.62 -18.67 -83.35
N ALA I 768 57.67 -17.92 -84.44
CA ALA I 768 58.51 -18.26 -85.58
C ALA I 768 58.80 -16.99 -86.37
N CYS I 769 59.41 -17.15 -87.54
CA CYS I 769 59.71 -16.04 -88.43
C CYS I 769 59.91 -16.58 -89.85
N ASN I 770 59.81 -15.69 -90.83
CA ASN I 770 59.99 -16.02 -92.24
C ASN I 770 60.41 -14.76 -92.99
N VAL I 771 60.39 -14.83 -94.33
CA VAL I 771 60.55 -13.61 -95.13
C VAL I 771 59.29 -12.77 -95.10
N ALA I 772 58.12 -13.40 -95.02
CA ALA I 772 56.86 -12.65 -95.05
C ALA I 772 56.57 -11.99 -93.71
N THR I 773 56.70 -12.77 -92.62
CA THR I 773 56.43 -12.24 -91.29
C THR I 773 57.42 -11.15 -90.90
N ALA I 774 58.66 -11.27 -91.33
CA ALA I 774 59.72 -10.42 -90.81
C ALA I 774 59.54 -8.98 -91.27
N ASP I 775 59.45 -8.07 -90.30
CA ASP I 775 59.53 -6.64 -90.52
C ASP I 775 60.75 -6.17 -89.74
N PHE I 776 61.82 -5.82 -90.45
CA PHE I 776 63.12 -5.74 -89.80
C PHE I 776 63.25 -4.56 -88.85
N ASN I 777 62.42 -3.54 -89.02
CA ASN I 777 62.41 -2.40 -88.11
C ASN I 777 60.97 -2.18 -87.65
N ARG I 778 60.75 -2.46 -86.37
CA ARG I 778 59.47 -2.33 -85.71
C ARG I 778 59.69 -2.05 -84.23
N ASN I 779 58.74 -1.39 -83.59
CA ASN I 779 58.84 -1.10 -82.15
C ASN I 779 57.54 -1.42 -81.42
N ASP I 780 57.24 -2.71 -81.31
CA ASP I 780 56.03 -3.20 -80.63
C ASP I 780 56.49 -3.99 -79.40
N GLY I 781 57.79 -3.87 -79.16
CA GLY I 781 58.52 -4.57 -78.11
C GLY I 781 58.45 -6.08 -78.21
N ARG I 782 58.71 -6.65 -79.38
CA ARG I 782 58.67 -8.08 -79.59
C ARG I 782 60.04 -8.66 -79.86
N LEU I 783 60.20 -9.93 -79.50
CA LEU I 783 61.42 -10.69 -79.73
C LEU I 783 61.08 -12.01 -80.41
N LEU I 784 62.08 -12.60 -81.05
CA LEU I 784 61.93 -13.91 -81.69
C LEU I 784 62.31 -15.00 -80.71
N HIS I 785 61.46 -16.00 -80.55
CA HIS I 785 61.81 -17.15 -79.71
C HIS I 785 62.05 -18.37 -80.62
N ASN I 786 62.27 -18.13 -81.91
CA ASN I 786 62.44 -19.20 -82.89
C ASN I 786 63.79 -19.90 -83.10
N THR I 787 64.22 -20.71 -82.14
CA THR I 787 65.48 -21.47 -82.30
C THR I 787 65.27 -22.98 -82.34
N GLN I 788 64.02 -23.41 -82.23
CA GLN I 788 63.71 -24.84 -82.21
C GLN I 788 64.15 -25.49 -83.52
N ALA I 789 64.85 -26.61 -83.38
CA ALA I 789 65.26 -27.40 -84.53
C ALA I 789 64.12 -28.21 -85.10
N ARG I 790 62.98 -28.24 -84.42
CA ARG I 790 61.77 -28.90 -84.91
C ARG I 790 60.81 -27.82 -85.41
N ALA I 791 60.67 -27.71 -86.73
CA ALA I 791 59.73 -26.74 -87.28
C ALA I 791 58.29 -27.20 -87.16
N ALA I 792 58.06 -28.44 -86.73
CA ALA I 792 56.70 -28.95 -86.58
C ALA I 792 56.02 -28.30 -85.38
N ASP I 793 56.70 -28.27 -84.24
CA ASP I 793 56.13 -27.75 -83.01
C ASP I 793 56.86 -26.47 -82.62
N ALA I 794 56.18 -25.34 -82.75
CA ALA I 794 56.69 -24.07 -82.26
C ALA I 794 56.38 -23.95 -80.78
N ALA I 795 56.81 -22.84 -80.16
CA ALA I 795 56.55 -22.59 -78.76
C ALA I 795 56.05 -21.17 -78.58
N ASP I 796 54.79 -21.03 -78.16
CA ASP I 796 54.25 -19.72 -77.84
C ASP I 796 54.64 -19.30 -76.43
N ASP I 797 54.19 -20.07 -75.43
CA ASP I 797 54.56 -19.81 -74.05
C ASP I 797 55.74 -20.67 -73.61
N ARG I 798 55.57 -21.99 -73.62
CA ARG I 798 56.53 -22.88 -73.00
C ARG I 798 57.92 -22.73 -73.62
N PRO I 799 58.98 -22.72 -72.82
CA PRO I 799 60.33 -22.60 -73.36
C PRO I 799 60.80 -23.90 -74.02
N HIS I 800 61.85 -23.77 -74.84
CA HIS I 800 62.34 -24.90 -75.63
C HIS I 800 63.22 -25.82 -74.78
N ARG I 801 64.41 -25.34 -74.43
CA ARG I 801 65.53 -26.10 -73.89
C ARG I 801 65.34 -26.46 -72.41
N PRO I 802 66.29 -27.18 -71.80
CA PRO I 802 66.28 -27.29 -70.34
C PRO I 802 66.78 -26.03 -69.65
N ALA I 803 66.97 -26.12 -68.33
CA ALA I 803 67.52 -24.99 -67.59
C ALA I 803 69.03 -24.93 -67.73
N ASP I 804 69.70 -26.09 -67.67
CA ASP I 804 71.16 -26.15 -67.69
C ASP I 804 71.76 -25.54 -68.93
N TRP I 805 71.03 -25.55 -70.05
CA TRP I 805 71.52 -24.92 -71.27
C TRP I 805 71.99 -23.50 -71.00
N THR I 806 71.07 -22.64 -70.56
CA THR I 806 71.41 -21.26 -70.28
C THR I 806 72.40 -21.13 -69.12
N VAL I 807 72.53 -22.16 -68.30
CA VAL I 807 73.49 -22.09 -67.20
C VAL I 807 74.92 -22.20 -67.72
N HIS I 808 75.14 -23.08 -68.69
CA HIS I 808 76.47 -23.20 -69.26
C HIS I 808 76.88 -21.97 -70.06
N HIS I 809 75.93 -21.18 -70.53
CA HIS I 809 76.32 -20.01 -71.30
C HIS I 809 76.79 -18.89 -70.37
N LYS I 810 76.09 -18.70 -69.26
CA LYS I 810 76.61 -17.81 -68.23
C LYS I 810 78.00 -18.26 -67.81
N ILE I 811 78.16 -19.56 -67.53
CA ILE I 811 79.46 -20.09 -67.14
C ILE I 811 80.47 -19.88 -68.26
N TYR I 812 80.06 -20.12 -69.50
CA TYR I 812 80.99 -19.93 -70.60
C TYR I 812 81.31 -18.46 -70.81
N TYR I 813 80.28 -17.62 -70.92
CA TYR I 813 80.52 -16.22 -71.27
C TYR I 813 81.11 -15.47 -70.10
N TYR I 814 80.61 -15.68 -68.89
CA TYR I 814 81.13 -14.94 -67.75
C TYR I 814 82.39 -15.55 -67.13
N VAL I 815 82.49 -16.86 -67.01
CA VAL I 815 83.67 -17.45 -66.38
C VAL I 815 84.83 -17.60 -67.36
N LEU I 816 84.57 -18.10 -68.56
CA LEU I 816 85.67 -18.54 -69.42
C LEU I 816 86.20 -17.43 -70.30
N VAL I 817 85.35 -16.90 -71.17
CA VAL I 817 85.80 -15.85 -72.08
C VAL I 817 86.52 -14.72 -71.37
N PRO I 818 86.11 -14.27 -70.19
CA PRO I 818 87.01 -13.29 -69.62
C PRO I 818 88.39 -13.89 -69.33
N ALA I 819 88.46 -15.18 -69.08
CA ALA I 819 89.74 -15.81 -68.84
C ALA I 819 90.63 -15.76 -70.06
N PHE I 820 90.10 -16.14 -71.22
CA PHE I 820 90.83 -16.11 -72.49
C PHE I 820 91.15 -14.82 -73.16
N SER I 821 90.24 -13.85 -73.10
CA SER I 821 90.44 -12.56 -73.73
C SER I 821 91.17 -11.53 -72.95
N ARG I 822 91.06 -11.64 -71.67
CA ARG I 822 91.59 -10.72 -70.68
C ARG I 822 91.11 -9.30 -70.93
N GLY I 823 89.79 -9.14 -70.87
CA GLY I 823 89.16 -7.87 -71.04
C GLY I 823 88.96 -7.42 -72.47
N ARG I 824 89.63 -8.03 -73.44
CA ARG I 824 89.62 -7.54 -74.81
C ARG I 824 88.66 -8.34 -75.66
N CYS I 825 87.53 -7.72 -75.97
CA CYS I 825 86.43 -8.30 -76.70
C CYS I 825 85.30 -7.30 -76.63
N CYS I 826 84.29 -7.41 -77.47
CA CYS I 826 83.14 -6.57 -77.27
C CYS I 826 81.93 -7.26 -77.85
N THR I 827 80.80 -7.14 -77.17
CA THR I 827 79.56 -7.54 -77.80
C THR I 827 79.27 -6.60 -78.96
N ALA I 828 78.39 -7.03 -79.84
CA ALA I 828 77.96 -6.16 -80.91
C ALA I 828 76.57 -6.55 -81.37
N GLY I 829 75.85 -5.58 -81.91
CA GLY I 829 74.65 -5.88 -82.63
C GLY I 829 74.98 -6.28 -84.06
N VAL I 830 74.09 -7.04 -84.64
CA VAL I 830 74.21 -7.48 -86.02
C VAL I 830 73.31 -6.61 -86.87
N ARG I 831 73.78 -6.24 -88.05
CA ARG I 831 72.88 -5.69 -89.07
C ARG I 831 72.45 -6.88 -89.89
N PHE I 832 71.23 -7.36 -89.67
CA PHE I 832 70.86 -8.62 -90.28
C PHE I 832 70.51 -8.43 -91.76
N ASP I 833 69.65 -7.46 -92.05
CA ASP I 833 69.33 -7.16 -93.43
C ASP I 833 70.59 -6.99 -94.25
N ARG I 834 71.62 -6.43 -93.64
CA ARG I 834 72.89 -6.20 -94.31
C ARG I 834 73.77 -7.44 -94.33
N VAL I 835 73.54 -8.40 -93.44
CA VAL I 835 74.29 -9.66 -93.49
C VAL I 835 73.67 -10.59 -94.52
N TYR I 836 72.41 -10.98 -94.29
CA TYR I 836 71.76 -11.92 -95.18
C TYR I 836 71.90 -11.51 -96.63
N ALA I 837 71.86 -10.21 -96.91
CA ALA I 837 71.90 -9.78 -98.30
C ALA I 837 73.30 -9.96 -98.88
N THR I 838 74.33 -9.70 -98.09
CA THR I 838 75.65 -10.13 -98.55
C THR I 838 75.88 -11.61 -98.30
N LEU I 839 75.09 -12.31 -97.51
CA LEU I 839 75.52 -13.69 -97.38
C LEU I 839 75.32 -14.45 -98.68
N GLN I 840 74.11 -14.35 -99.22
CA GLN I 840 73.72 -15.00 -100.45
C GLN I 840 74.32 -14.45 -101.73
N ASN I 841 74.38 -13.13 -101.81
CA ASN I 841 74.85 -12.52 -103.04
C ASN I 841 75.99 -13.43 -103.47
N MET I 842 75.80 -14.19 -104.53
CA MET I 842 76.81 -15.20 -104.79
C MET I 842 76.85 -15.52 -106.26
N VAL I 843 78.04 -15.86 -106.72
CA VAL I 843 78.24 -16.42 -108.05
C VAL I 843 78.73 -17.84 -107.85
N VAL I 844 77.83 -18.79 -108.08
CA VAL I 844 78.17 -20.21 -108.15
C VAL I 844 77.80 -20.68 -109.56
N PRO I 845 78.76 -21.09 -110.38
CA PRO I 845 78.44 -21.44 -111.76
C PRO I 845 77.50 -22.63 -111.85
N GLU I 846 76.73 -22.65 -112.93
CA GLU I 846 76.08 -23.88 -113.36
C GLU I 846 77.13 -24.94 -113.63
N ILE I 847 76.85 -26.16 -113.21
CA ILE I 847 77.74 -27.27 -113.54
C ILE I 847 77.54 -27.68 -114.99
N ALA I 848 78.62 -28.10 -115.62
CA ALA I 848 78.50 -28.70 -116.92
C ALA I 848 77.77 -30.03 -116.80
N PRO I 849 76.82 -30.33 -117.70
CA PRO I 849 76.16 -31.64 -117.65
C PRO I 849 77.19 -32.75 -117.77
N GLY I 850 77.15 -33.69 -116.81
CA GLY I 850 78.05 -34.81 -116.80
C GLY I 850 79.36 -34.57 -116.08
N GLU I 851 79.77 -33.32 -115.88
CA GLU I 851 81.04 -33.03 -115.23
C GLU I 851 80.91 -33.11 -113.70
N GLU I 852 82.05 -33.38 -113.06
CA GLU I 852 82.13 -33.45 -111.61
C GLU I 852 82.17 -32.06 -110.99
N CYS I 853 81.83 -32.02 -109.69
CA CYS I 853 81.90 -30.76 -108.96
C CYS I 853 83.35 -30.31 -108.81
N PRO I 854 83.65 -29.04 -109.09
CA PRO I 854 85.02 -28.53 -108.89
C PRO I 854 85.44 -28.70 -107.44
N SER I 855 86.58 -29.35 -107.23
CA SER I 855 87.16 -29.47 -105.89
C SER I 855 88.02 -28.27 -105.53
N ASP I 856 88.87 -27.79 -106.45
CA ASP I 856 89.90 -26.78 -106.16
C ASP I 856 89.45 -25.40 -106.61
N PRO I 857 89.55 -24.38 -105.76
CA PRO I 857 89.11 -23.04 -106.17
C PRO I 857 90.01 -22.40 -107.20
N VAL I 858 91.30 -22.76 -107.20
CA VAL I 858 92.26 -22.03 -108.02
C VAL I 858 92.10 -22.37 -109.50
N THR I 859 91.89 -23.65 -109.81
CA THR I 859 91.93 -24.10 -111.21
C THR I 859 90.59 -24.06 -111.96
N ASP I 860 89.61 -24.80 -111.48
CA ASP I 860 88.38 -24.98 -112.25
C ASP I 860 87.57 -23.70 -112.10
N PRO I 861 87.33 -22.94 -113.17
CA PRO I 861 86.54 -21.72 -113.04
C PRO I 861 85.12 -21.96 -112.55
N ALA I 862 84.58 -23.16 -112.74
CA ALA I 862 83.27 -23.45 -112.19
C ALA I 862 83.27 -23.46 -110.67
N HIS I 863 84.44 -23.41 -110.04
CA HIS I 863 84.47 -23.35 -108.59
C HIS I 863 84.03 -21.96 -108.13
N PRO I 864 83.19 -21.88 -107.10
CA PRO I 864 82.62 -20.57 -106.71
C PRO I 864 83.62 -19.60 -106.11
N LEU I 865 84.76 -20.09 -105.65
CA LEU I 865 85.83 -19.24 -105.15
C LEU I 865 86.87 -18.92 -106.20
N HIS I 866 86.65 -19.36 -107.44
CA HIS I 866 87.59 -19.07 -108.50
C HIS I 866 87.56 -17.58 -108.82
N PRO I 867 88.70 -17.01 -109.22
CA PRO I 867 88.72 -15.62 -109.68
C PRO I 867 87.68 -15.23 -110.71
N ALA I 868 87.26 -16.15 -111.56
CA ALA I 868 86.21 -15.79 -112.51
C ALA I 868 84.87 -15.61 -111.82
N ASN I 869 84.70 -16.17 -110.62
CA ASN I 869 83.43 -16.11 -109.92
C ASN I 869 83.36 -15.06 -108.82
N LEU I 870 84.40 -14.26 -108.63
CA LEU I 870 84.47 -13.35 -107.50
C LEU I 870 84.00 -11.97 -107.95
N VAL I 871 83.15 -11.35 -107.18
CA VAL I 871 82.70 -10.05 -107.59
C VAL I 871 82.65 -9.19 -106.33
N ALA I 872 82.64 -7.88 -106.48
CA ALA I 872 82.53 -7.06 -105.31
C ALA I 872 81.17 -7.34 -104.68
N ASN I 873 81.12 -7.30 -103.35
CA ASN I 873 79.93 -7.57 -102.53
C ASN I 873 79.41 -8.99 -102.75
N THR I 874 80.29 -9.96 -102.96
CA THR I 874 79.85 -11.34 -103.19
C THR I 874 80.20 -12.19 -101.99
N VAL I 875 79.34 -13.10 -101.60
CA VAL I 875 79.68 -13.90 -100.44
C VAL I 875 80.94 -14.70 -100.68
N ASN I 876 81.17 -15.19 -101.90
CA ASN I 876 82.34 -16.02 -102.13
C ASN I 876 83.62 -15.20 -102.14
N ALA I 877 83.55 -13.94 -102.53
CA ALA I 877 84.68 -13.06 -102.27
C ALA I 877 84.96 -12.97 -100.78
N MET I 878 83.93 -13.01 -99.95
CA MET I 878 84.12 -12.95 -98.52
C MET I 878 84.78 -14.23 -98.00
N PHE I 879 84.26 -15.40 -98.37
CA PHE I 879 84.94 -16.65 -98.05
C PHE I 879 86.38 -16.64 -98.49
N HIS I 880 86.67 -15.90 -99.55
CA HIS I 880 87.99 -15.81 -100.13
C HIS I 880 88.87 -14.77 -99.45
N ASN I 881 88.28 -13.67 -98.97
CA ASN I 881 89.04 -12.61 -98.34
C ASN I 881 89.82 -13.17 -97.16
N GLY I 882 89.10 -13.58 -96.13
CA GLY I 882 89.71 -14.30 -95.05
C GLY I 882 89.90 -15.50 -95.94
N ARG I 883 90.88 -16.35 -95.76
CA ARG I 883 91.03 -17.46 -96.68
C ARG I 883 90.39 -18.72 -96.12
N VAL I 884 89.35 -19.18 -96.80
CA VAL I 884 88.58 -20.36 -96.42
C VAL I 884 88.22 -21.08 -97.70
N VAL I 885 88.36 -22.41 -97.70
CA VAL I 885 88.09 -23.21 -98.89
C VAL I 885 86.74 -23.88 -98.72
N VAL I 886 85.86 -23.70 -99.70
CA VAL I 886 84.50 -24.19 -99.64
C VAL I 886 84.10 -24.74 -101.01
N ASP I 887 83.53 -25.94 -101.03
CA ASP I 887 83.09 -26.54 -102.27
C ASP I 887 81.78 -25.92 -102.75
N GLY I 888 81.28 -26.42 -103.86
CA GLY I 888 80.05 -25.93 -104.44
C GLY I 888 78.80 -26.15 -103.61
N PRO I 889 78.52 -27.40 -103.24
CA PRO I 889 77.23 -27.68 -102.58
C PRO I 889 77.07 -27.00 -101.25
N ALA I 890 78.18 -26.70 -100.57
CA ALA I 890 78.10 -26.10 -99.24
C ALA I 890 77.31 -24.80 -99.27
N MET I 891 77.73 -23.84 -100.09
CA MET I 891 77.08 -22.54 -100.10
C MET I 891 75.74 -22.54 -100.81
N LEU I 892 75.41 -23.58 -101.57
CA LEU I 892 74.05 -23.70 -102.06
C LEU I 892 73.07 -23.93 -100.92
N THR I 893 73.56 -24.36 -99.76
CA THR I 893 72.70 -24.61 -98.62
C THR I 893 72.27 -23.33 -97.92
N LEU I 894 72.72 -22.18 -98.43
CA LEU I 894 72.33 -20.89 -97.88
C LEU I 894 70.82 -20.72 -97.81
N GLN I 895 70.07 -21.32 -98.73
CA GLN I 895 68.66 -20.98 -98.87
C GLN I 895 67.85 -21.25 -97.61
N VAL I 896 68.44 -21.89 -96.61
CA VAL I 896 67.78 -22.04 -95.32
C VAL I 896 67.42 -20.70 -94.70
N LEU I 897 68.17 -19.66 -95.05
CA LEU I 897 67.96 -18.36 -94.42
C LEU I 897 66.67 -17.67 -94.85
N ALA I 898 65.95 -18.22 -95.83
CA ALA I 898 64.59 -17.74 -96.03
C ALA I 898 63.67 -18.18 -94.90
N HIS I 899 63.92 -19.36 -94.34
CA HIS I 899 63.02 -19.92 -93.34
C HIS I 899 63.21 -19.28 -91.97
N ASN I 900 64.46 -19.16 -91.51
CA ASN I 900 64.76 -18.62 -90.20
C ASN I 900 65.68 -17.43 -90.35
N MET I 901 65.33 -16.32 -89.72
CA MET I 901 66.19 -15.14 -89.69
C MET I 901 65.77 -14.29 -88.52
N ALA I 902 66.43 -13.13 -88.37
CA ALA I 902 66.15 -12.21 -87.28
C ALA I 902 65.90 -10.83 -87.84
N GLU I 903 64.94 -10.10 -87.25
CA GLU I 903 64.68 -8.76 -87.73
C GLU I 903 65.75 -7.79 -87.24
N ARG I 904 65.87 -7.63 -85.93
CA ARG I 904 66.82 -6.72 -85.33
C ARG I 904 67.55 -7.43 -84.21
N THR I 905 68.48 -6.73 -83.60
CA THR I 905 69.08 -7.17 -82.35
C THR I 905 68.54 -6.31 -81.22
N THR I 906 68.19 -6.94 -80.11
CA THR I 906 67.36 -6.32 -79.10
C THR I 906 68.12 -6.24 -77.79
N ALA I 907 68.40 -5.03 -77.33
CA ALA I 907 69.04 -4.86 -76.04
C ALA I 907 67.98 -5.01 -74.95
N LEU I 908 68.16 -6.00 -74.09
CA LEU I 908 67.19 -6.32 -73.05
C LEU I 908 67.76 -5.86 -71.72
N LEU I 909 67.01 -5.03 -71.01
CA LEU I 909 67.40 -4.57 -69.68
C LEU I 909 66.39 -5.09 -68.69
N CYS I 910 66.84 -5.95 -67.79
CA CYS I 910 66.00 -6.57 -66.78
C CYS I 910 66.58 -6.39 -65.39
N SER I 911 65.74 -6.05 -64.42
CA SER I 911 66.17 -5.92 -63.04
C SER I 911 65.50 -7.01 -62.21
N ALA I 912 65.75 -6.96 -60.90
CA ALA I 912 65.19 -7.91 -59.96
C ALA I 912 65.60 -7.50 -58.56
N ALA I 913 64.87 -7.97 -57.61
CA ALA I 913 65.17 -7.69 -56.21
C ALA I 913 66.10 -8.74 -55.65
N PRO I 914 66.79 -8.43 -54.56
CA PRO I 914 67.57 -9.47 -53.88
C PRO I 914 66.71 -10.66 -53.55
N ASP I 915 67.32 -11.84 -53.50
CA ASP I 915 66.58 -13.08 -53.45
C ASP I 915 65.97 -13.30 -52.08
N ALA I 916 65.30 -14.43 -52.05
CA ALA I 916 64.82 -14.99 -50.83
C ALA I 916 66.17 -15.41 -50.27
N GLY I 917 66.48 -15.03 -49.06
CA GLY I 917 67.77 -15.37 -48.48
C GLY I 917 68.70 -14.18 -48.49
N ALA I 918 68.40 -13.20 -49.30
CA ALA I 918 69.18 -11.98 -49.30
C ALA I 918 68.29 -10.78 -49.22
N ASN I 919 66.99 -11.01 -49.14
CA ASN I 919 66.05 -9.91 -49.10
C ASN I 919 65.45 -9.71 -47.72
N THR I 920 65.61 -8.50 -47.21
CA THR I 920 65.09 -8.08 -45.92
C THR I 920 64.43 -6.74 -46.10
N ALA I 921 63.98 -6.13 -45.02
CA ALA I 921 63.32 -4.87 -45.18
C ALA I 921 64.17 -3.76 -45.78
N SER I 922 65.44 -3.61 -45.43
CA SER I 922 66.23 -2.53 -46.03
C SER I 922 66.47 -2.64 -47.51
N THR I 923 66.80 -3.84 -47.90
CA THR I 923 67.12 -4.24 -49.26
C THR I 923 65.90 -4.56 -50.09
N ALA I 924 64.69 -4.41 -49.54
CA ALA I 924 63.50 -4.82 -50.28
C ALA I 924 63.34 -4.00 -51.55
N ASN I 925 63.74 -2.74 -51.51
CA ASN I 925 63.56 -1.84 -52.63
C ASN I 925 64.77 -1.75 -53.53
N MET I 926 65.81 -2.54 -53.29
CA MET I 926 66.95 -2.55 -54.19
C MET I 926 66.61 -3.31 -55.46
N ARG I 927 66.94 -2.70 -56.60
CA ARG I 927 66.83 -3.35 -57.89
C ARG I 927 68.24 -3.56 -58.43
N ILE I 928 68.46 -4.68 -59.10
CA ILE I 928 69.76 -5.02 -59.65
C ILE I 928 69.59 -5.14 -61.15
N PHE I 929 70.20 -4.21 -61.89
CA PHE I 929 69.97 -4.09 -63.32
C PHE I 929 71.05 -4.83 -64.08
N ASP I 930 70.64 -5.73 -64.96
CA ASP I 930 71.56 -6.51 -65.79
C ASP I 930 71.08 -6.47 -67.24
N GLY I 931 71.89 -5.86 -68.10
CA GLY I 931 71.57 -5.76 -69.51
C GLY I 931 72.13 -6.90 -70.33
N ALA I 932 71.44 -7.20 -71.44
CA ALA I 932 71.86 -8.24 -72.37
C ALA I 932 71.26 -7.95 -73.73
N LEU I 933 71.87 -8.53 -74.75
CA LEU I 933 71.42 -8.38 -76.13
C LEU I 933 70.70 -9.64 -76.56
N HIS I 934 69.65 -9.49 -77.38
CA HIS I 934 68.94 -10.70 -77.74
C HIS I 934 69.71 -11.42 -78.82
N ALA I 935 69.69 -10.95 -80.05
CA ALA I 935 70.53 -11.58 -81.03
C ALA I 935 71.77 -10.70 -81.07
N GLY I 936 72.74 -11.06 -80.23
CA GLY I 936 73.99 -10.37 -80.16
C GLY I 936 75.11 -11.29 -80.63
N VAL I 937 76.30 -10.72 -80.69
CA VAL I 937 77.47 -11.46 -81.11
C VAL I 937 78.66 -10.89 -80.37
N LEU I 938 79.60 -11.74 -80.00
CA LEU I 938 80.78 -11.32 -79.28
C LEU I 938 81.95 -11.26 -80.25
N LEU I 939 82.55 -10.08 -80.36
CA LEU I 939 83.64 -9.86 -81.30
C LEU I 939 84.94 -9.97 -80.54
N MET I 940 85.65 -11.07 -80.74
CA MET I 940 86.82 -11.37 -79.93
C MET I 940 87.91 -10.33 -80.04
N ALA I 941 88.66 -10.34 -81.15
CA ALA I 941 89.87 -9.50 -81.24
C ALA I 941 89.64 -8.39 -82.23
N PRO I 942 89.92 -7.14 -81.87
CA PRO I 942 89.71 -6.04 -82.82
C PRO I 942 90.56 -6.04 -84.08
N GLN I 943 89.93 -5.80 -85.22
CA GLN I 943 90.60 -5.72 -86.51
C GLN I 943 90.13 -4.49 -87.26
N HIS I 944 89.99 -3.40 -86.52
CA HIS I 944 89.55 -2.14 -87.07
C HIS I 944 90.57 -1.68 -88.09
N LEU I 945 91.83 -2.00 -87.83
CA LEU I 945 92.91 -1.57 -88.70
C LEU I 945 92.78 -2.07 -90.14
N ASP I 946 92.30 -3.30 -90.33
CA ASP I 946 92.15 -3.80 -91.69
C ASP I 946 91.12 -2.94 -92.42
N HIS I 947 91.32 -2.70 -93.72
CA HIS I 947 90.41 -1.87 -94.52
C HIS I 947 89.82 -2.56 -95.73
N THR I 948 88.93 -3.49 -95.48
CA THR I 948 88.20 -4.14 -96.52
C THR I 948 86.73 -4.15 -96.12
N ILE I 949 86.37 -3.41 -95.08
CA ILE I 949 84.99 -3.35 -94.65
C ILE I 949 84.70 -2.01 -94.01
N GLN I 950 83.48 -1.51 -94.13
CA GLN I 950 83.26 -0.24 -93.47
C GLN I 950 83.19 -0.43 -91.96
N ASN I 951 83.76 0.50 -91.22
CA ASN I 951 83.66 0.44 -89.77
C ASN I 951 82.20 0.61 -89.37
N GLY I 952 81.67 -0.38 -88.64
CA GLY I 952 80.29 -0.34 -88.25
C GLY I 952 79.33 -0.93 -89.27
N GLU I 953 79.83 -1.49 -90.35
CA GLU I 953 78.95 -2.03 -91.39
C GLU I 953 78.03 -3.11 -90.88
N TYR I 954 78.57 -4.30 -90.63
CA TYR I 954 77.73 -5.41 -90.19
C TYR I 954 77.43 -5.31 -88.71
N PHE I 955 78.33 -4.71 -87.94
CA PHE I 955 78.26 -4.75 -86.50
C PHE I 955 78.48 -3.36 -85.93
N TYR I 956 77.71 -3.06 -84.88
CA TYR I 956 77.83 -1.83 -84.10
C TYR I 956 78.51 -2.26 -82.80
N VAL I 957 78.80 -1.36 -81.87
CA VAL I 957 79.56 -1.84 -80.71
C VAL I 957 78.67 -2.29 -79.55
N LEU I 958 78.09 -1.36 -78.80
CA LEU I 958 77.28 -1.79 -77.65
C LEU I 958 77.94 -2.75 -76.69
N PRO I 959 78.87 -2.34 -75.84
CA PRO I 959 79.26 -3.22 -74.74
C PRO I 959 78.10 -3.35 -73.76
N VAL I 960 77.72 -4.59 -73.46
CA VAL I 960 76.63 -4.78 -72.52
C VAL I 960 77.12 -4.68 -71.09
N HIS I 961 78.26 -5.29 -70.81
CA HIS I 961 78.79 -5.40 -69.47
C HIS I 961 80.25 -5.01 -69.51
N ALA I 962 80.74 -4.49 -68.39
CA ALA I 962 82.11 -4.03 -68.36
C ALA I 962 83.10 -5.17 -68.62
N LEU I 963 82.69 -6.42 -68.41
CA LEU I 963 83.53 -7.54 -68.81
C LEU I 963 83.81 -7.47 -70.29
N PHE I 964 82.74 -7.35 -71.08
CA PHE I 964 82.89 -7.29 -72.52
C PHE I 964 82.70 -5.84 -72.93
N ALA I 965 83.79 -5.10 -72.94
CA ALA I 965 83.88 -3.80 -73.58
C ALA I 965 85.28 -3.74 -74.15
N GLY I 966 85.40 -3.71 -75.48
CA GLY I 966 86.69 -3.56 -76.08
C GLY I 966 87.21 -2.18 -75.77
N ALA I 967 88.37 -2.10 -75.13
CA ALA I 967 89.03 -0.81 -75.08
C ALA I 967 89.36 -0.34 -76.48
N ASP I 968 89.71 -1.27 -77.36
CA ASP I 968 90.01 -0.94 -78.74
C ASP I 968 88.76 -0.84 -79.59
N HIS I 969 87.82 -1.76 -79.42
CA HIS I 969 86.57 -1.68 -80.15
C HIS I 969 85.90 -0.35 -79.93
N VAL I 970 85.66 -0.01 -78.66
CA VAL I 970 84.86 1.16 -78.34
C VAL I 970 85.56 2.42 -78.81
N ALA I 971 86.88 2.47 -78.67
CA ALA I 971 87.59 3.70 -79.00
C ALA I 971 87.55 4.00 -80.49
N ASN I 972 87.38 2.98 -81.32
CA ASN I 972 87.42 3.09 -82.76
C ASN I 972 86.06 3.07 -83.43
N ALA I 973 84.98 3.07 -82.65
CA ALA I 973 83.64 3.17 -83.20
C ALA I 973 83.56 4.38 -84.12
N PRO I 974 82.72 4.34 -85.16
CA PRO I 974 82.82 5.34 -86.23
C PRO I 974 82.76 6.78 -85.76
N ASN I 975 81.80 7.15 -84.93
CA ASN I 975 81.84 8.45 -84.26
C ASN I 975 82.19 8.19 -82.82
N PHE I 976 83.44 8.45 -82.47
CA PHE I 976 83.94 8.34 -81.11
C PHE I 976 84.44 9.70 -80.68
N PRO I 977 83.92 10.28 -79.60
CA PRO I 977 84.42 11.58 -79.17
C PRO I 977 85.92 11.52 -79.00
N PRO I 978 86.65 12.41 -79.65
CA PRO I 978 88.12 12.39 -79.49
C PRO I 978 88.56 12.82 -78.12
N ALA I 979 87.70 13.50 -77.36
CA ALA I 979 88.08 13.93 -76.02
C ALA I 979 88.22 12.74 -75.08
N LEU I 980 87.60 11.62 -75.40
CA LEU I 980 87.53 10.50 -74.48
C LEU I 980 88.60 9.45 -74.73
N ARG I 981 89.49 9.65 -75.70
CA ARG I 981 90.40 8.60 -76.13
C ARG I 981 91.13 7.98 -74.94
N ASP I 982 91.72 8.80 -74.07
CA ASP I 982 92.45 8.27 -72.93
C ASP I 982 91.49 7.70 -71.90
N LEU I 983 90.51 8.49 -71.47
CA LEU I 983 89.53 8.03 -70.51
C LEU I 983 89.02 6.66 -70.95
N ALA I 984 88.69 6.55 -72.24
CA ALA I 984 88.11 5.33 -72.78
C ALA I 984 89.02 4.14 -72.71
N ARG I 985 90.28 4.32 -72.34
CA ARG I 985 91.15 3.16 -72.18
C ARG I 985 90.95 2.43 -70.87
N HIS I 986 91.18 3.08 -69.75
CA HIS I 986 91.01 2.41 -68.46
C HIS I 986 89.57 2.40 -67.96
N VAL I 987 88.67 3.17 -68.55
CA VAL I 987 87.27 3.19 -68.15
C VAL I 987 86.48 2.32 -69.10
N PRO I 988 85.73 1.34 -68.61
CA PRO I 988 84.87 0.51 -69.46
C PRO I 988 83.56 1.17 -69.83
N LEU I 989 83.48 1.88 -70.94
CA LEU I 989 82.29 2.69 -71.21
C LEU I 989 81.17 1.76 -71.64
N VAL I 990 80.16 1.66 -70.79
CA VAL I 990 78.94 0.89 -71.00
C VAL I 990 77.76 1.83 -70.87
N PRO I 991 76.96 2.03 -71.91
CA PRO I 991 75.82 2.94 -71.79
C PRO I 991 74.81 2.45 -70.76
N PRO I 992 74.33 3.34 -69.87
CA PRO I 992 73.43 2.88 -68.80
C PRO I 992 72.11 2.33 -69.29
N ALA I 993 71.77 2.55 -70.56
CA ALA I 993 70.69 1.80 -71.15
C ALA I 993 70.94 0.30 -71.03
N LEU I 994 72.20 -0.11 -70.96
CA LEU I 994 72.57 -1.49 -70.76
C LEU I 994 72.86 -1.84 -69.30
N GLY I 995 72.68 -0.90 -68.40
CA GLY I 995 72.98 -1.14 -67.01
C GLY I 995 74.25 -0.44 -66.59
N ALA I 996 74.36 -0.16 -65.31
CA ALA I 996 75.46 0.60 -64.76
C ALA I 996 76.20 -0.24 -63.75
N ASN I 997 77.43 0.19 -63.45
CA ASN I 997 78.35 -0.55 -62.59
C ASN I 997 77.69 -1.00 -61.29
N TYR I 998 77.42 -0.04 -60.42
CA TYR I 998 76.99 -0.36 -59.07
C TYR I 998 75.73 -1.19 -59.03
N PHE I 999 74.91 -1.11 -60.05
CA PHE I 999 73.69 -1.88 -60.06
C PHE I 999 73.83 -3.21 -60.78
N SER I 1000 75.03 -3.57 -61.22
CA SER I 1000 75.18 -4.84 -61.90
C SER I 1000 75.31 -5.96 -60.89
N SER I 1001 75.31 -7.19 -61.40
CA SER I 1001 75.62 -8.35 -60.59
C SER I 1001 77.09 -8.69 -60.61
N ILE I 1002 77.84 -8.13 -61.55
CA ILE I 1002 79.27 -8.29 -61.65
C ILE I 1002 79.83 -6.89 -61.79
N ARG I 1003 80.55 -6.44 -60.78
CA ARG I 1003 81.04 -5.08 -60.73
C ARG I 1003 82.53 -5.07 -61.05
N GLN I 1004 83.12 -3.89 -60.91
CA GLN I 1004 84.46 -3.68 -61.43
C GLN I 1004 85.51 -4.64 -60.89
N PRO I 1005 85.56 -4.97 -59.60
CA PRO I 1005 86.69 -5.77 -59.10
C PRO I 1005 86.84 -7.09 -59.82
N VAL I 1006 85.75 -7.64 -60.34
CA VAL I 1006 85.85 -8.90 -61.07
C VAL I 1006 86.42 -8.65 -62.44
N VAL I 1007 85.99 -7.57 -63.09
CA VAL I 1007 86.55 -7.21 -64.39
C VAL I 1007 88.04 -7.01 -64.27
N GLN I 1008 88.46 -6.18 -63.32
CA GLN I 1008 89.87 -5.89 -63.13
C GLN I 1008 90.66 -7.12 -62.73
N HIS I 1009 90.05 -8.03 -61.97
CA HIS I 1009 90.76 -9.26 -61.62
C HIS I 1009 91.14 -10.04 -62.86
N ALA I 1010 90.17 -10.27 -63.75
CA ALA I 1010 90.40 -11.10 -64.92
C ALA I 1010 91.63 -10.64 -65.68
N ARG I 1011 91.72 -9.35 -65.99
CA ARG I 1011 92.84 -8.90 -66.77
C ARG I 1011 94.12 -8.75 -65.95
N GLU I 1012 94.01 -8.38 -64.69
CA GLU I 1012 95.21 -8.17 -63.89
C GLU I 1012 95.86 -9.47 -63.46
N SER I 1013 95.08 -10.52 -63.23
CA SER I 1013 95.59 -11.72 -62.61
C SER I 1013 96.64 -12.39 -63.47
N ALA I 1014 97.69 -12.87 -62.82
CA ALA I 1014 98.83 -13.50 -63.48
C ALA I 1014 98.76 -15.02 -63.49
N ALA I 1015 97.69 -15.61 -62.98
CA ALA I 1015 97.58 -17.06 -63.02
C ALA I 1015 97.26 -17.53 -64.44
N GLY I 1016 97.13 -18.83 -64.60
CA GLY I 1016 96.85 -19.38 -65.90
C GLY I 1016 95.37 -19.45 -66.18
N GLU I 1017 95.04 -19.79 -67.42
CA GLU I 1017 93.63 -19.87 -67.78
C GLU I 1017 92.91 -20.98 -67.05
N ASN I 1018 93.63 -22.01 -66.59
CA ASN I 1018 92.99 -23.01 -65.75
C ASN I 1018 92.69 -22.45 -64.37
N ALA I 1019 93.68 -21.82 -63.75
CA ALA I 1019 93.52 -21.37 -62.38
C ALA I 1019 92.66 -20.12 -62.32
N LEU I 1020 92.82 -19.22 -63.28
CA LEU I 1020 91.98 -18.04 -63.27
C LEU I 1020 90.52 -18.41 -63.43
N THR I 1021 90.25 -19.47 -64.18
CA THR I 1021 88.87 -19.88 -64.38
C THR I 1021 88.21 -20.29 -63.08
N TYR I 1022 88.92 -21.03 -62.24
CA TYR I 1022 88.36 -21.41 -60.95
C TYR I 1022 88.40 -20.26 -59.95
N ALA I 1023 89.48 -19.49 -59.96
CA ALA I 1023 89.55 -18.33 -59.07
C ALA I 1023 88.43 -17.37 -59.37
N LEU I 1024 88.05 -17.29 -60.63
CA LEU I 1024 87.00 -16.37 -61.05
C LEU I 1024 85.62 -16.96 -60.84
N MET I 1025 85.48 -18.27 -61.06
CA MET I 1025 84.23 -18.97 -60.76
C MET I 1025 83.88 -18.90 -59.29
N ALA I 1026 84.88 -18.83 -58.43
CA ALA I 1026 84.65 -18.77 -57.00
C ALA I 1026 84.26 -17.39 -56.54
N GLY I 1027 84.66 -16.36 -57.27
CA GLY I 1027 84.16 -15.04 -56.96
C GLY I 1027 82.72 -14.82 -57.29
N TYR I 1028 82.05 -15.82 -57.84
CA TYR I 1028 80.65 -15.74 -58.25
C TYR I 1028 79.69 -16.30 -57.23
N PHE I 1029 80.15 -16.74 -56.07
CA PHE I 1029 79.24 -17.15 -55.02
C PHE I 1029 78.66 -15.91 -54.36
N LYS I 1030 77.35 -15.94 -54.09
CA LYS I 1030 76.69 -14.76 -53.60
C LYS I 1030 77.05 -14.49 -52.15
N MET I 1031 76.81 -13.25 -51.72
CA MET I 1031 77.05 -12.83 -50.34
C MET I 1031 75.82 -12.85 -49.45
N SER I 1032 74.70 -13.37 -49.92
CA SER I 1032 73.50 -13.44 -49.09
C SER I 1032 73.74 -14.33 -47.87
N PRO I 1033 73.09 -14.03 -46.74
CA PRO I 1033 73.33 -14.83 -45.53
C PRO I 1033 72.91 -16.28 -45.67
N VAL I 1034 72.04 -16.59 -46.62
CA VAL I 1034 71.75 -18.00 -46.90
C VAL I 1034 72.87 -18.62 -47.68
N ALA I 1035 73.40 -17.90 -48.68
CA ALA I 1035 74.54 -18.39 -49.43
C ALA I 1035 75.70 -18.74 -48.50
N LEU I 1036 75.97 -17.89 -47.52
CA LEU I 1036 77.15 -18.08 -46.68
C LEU I 1036 77.01 -19.23 -45.72
N TYR I 1037 75.81 -19.68 -45.44
CA TYR I 1037 75.66 -20.96 -44.76
C TYR I 1037 76.22 -22.08 -45.61
N HIS I 1038 75.96 -22.03 -46.91
CA HIS I 1038 76.40 -23.10 -47.79
C HIS I 1038 77.90 -23.09 -47.94
N GLN I 1039 78.50 -21.91 -48.01
CA GLN I 1039 79.94 -21.81 -48.15
C GLN I 1039 80.63 -22.27 -46.88
N LEU I 1040 80.24 -21.71 -45.75
CA LEU I 1040 80.98 -21.94 -44.51
C LEU I 1040 80.82 -23.37 -44.02
N LYS I 1041 79.65 -23.96 -44.18
CA LYS I 1041 79.50 -25.35 -43.76
C LYS I 1041 80.23 -26.29 -44.69
N THR I 1042 80.22 -25.99 -45.98
CA THR I 1042 80.90 -26.84 -46.94
C THR I 1042 82.35 -26.44 -47.12
N GLY I 1043 82.83 -25.50 -46.35
CA GLY I 1043 84.25 -25.26 -46.33
C GLY I 1043 84.77 -24.46 -47.49
N LEU I 1044 84.14 -23.34 -47.79
CA LEU I 1044 84.66 -22.38 -48.73
C LEU I 1044 85.02 -21.11 -47.98
N HIS I 1045 85.97 -20.37 -48.53
CA HIS I 1045 86.36 -19.13 -47.88
C HIS I 1045 85.58 -18.00 -48.51
N PRO I 1046 84.63 -17.39 -47.83
CA PRO I 1046 83.77 -16.41 -48.49
C PRO I 1046 84.43 -15.07 -48.70
N GLY I 1047 85.64 -15.05 -49.21
CA GLY I 1047 86.25 -13.82 -49.68
C GLY I 1047 86.61 -12.80 -48.64
N PHE I 1048 86.21 -12.99 -47.38
CA PHE I 1048 86.65 -12.13 -46.29
C PHE I 1048 86.93 -13.01 -45.08
N GLY I 1049 87.39 -12.40 -44.00
CA GLY I 1049 87.78 -13.15 -42.83
C GLY I 1049 87.46 -12.34 -41.59
N PHE I 1050 87.60 -12.98 -40.44
CA PHE I 1050 87.10 -12.38 -39.21
C PHE I 1050 88.24 -12.01 -38.29
N THR I 1051 87.87 -11.33 -37.21
CA THR I 1051 88.70 -11.21 -36.03
C THR I 1051 87.87 -11.68 -34.85
N VAL I 1052 88.45 -12.55 -34.04
CA VAL I 1052 87.74 -13.18 -32.96
C VAL I 1052 88.05 -12.41 -31.70
N VAL I 1053 87.06 -12.21 -30.86
CA VAL I 1053 87.22 -11.49 -29.61
C VAL I 1053 86.54 -12.30 -28.53
N ARG I 1054 87.25 -12.56 -27.45
CA ARG I 1054 86.67 -13.27 -26.33
C ARG I 1054 86.95 -12.53 -25.03
N GLN I 1055 85.93 -12.43 -24.19
CA GLN I 1055 86.07 -11.85 -22.87
C GLN I 1055 86.52 -12.94 -21.93
N ASP I 1056 87.68 -12.76 -21.31
CA ASP I 1056 88.33 -13.84 -20.62
C ASP I 1056 88.71 -13.38 -19.22
N ARG I 1057 88.43 -14.21 -18.23
CA ARG I 1057 88.50 -13.83 -16.82
C ARG I 1057 89.55 -14.69 -16.14
N PHE I 1058 90.02 -14.24 -14.99
CA PHE I 1058 91.05 -14.95 -14.25
C PHE I 1058 90.76 -14.84 -12.77
N VAL I 1059 91.62 -15.44 -11.96
CA VAL I 1059 91.59 -15.23 -10.53
C VAL I 1059 93.01 -14.91 -10.10
N THR I 1060 93.20 -13.71 -9.59
CA THR I 1060 94.52 -13.22 -9.28
C THR I 1060 94.72 -13.26 -7.78
N GLU I 1061 95.91 -12.84 -7.35
CA GLU I 1061 96.22 -12.66 -5.95
C GLU I 1061 97.04 -11.39 -5.82
N ASN I 1062 96.68 -10.55 -4.86
CA ASN I 1062 97.17 -9.20 -4.83
C ASN I 1062 97.89 -8.92 -3.51
N VAL I 1063 98.66 -7.84 -3.53
CA VAL I 1063 99.22 -7.26 -2.32
C VAL I 1063 98.74 -5.82 -2.24
N LEU I 1064 98.12 -5.49 -1.14
CA LEU I 1064 97.74 -4.12 -0.84
C LEU I 1064 98.79 -3.51 0.04
N PHE I 1065 99.09 -2.25 -0.19
CA PHE I 1065 99.91 -1.46 0.71
C PHE I 1065 99.12 -0.23 1.07
N SER I 1066 99.24 0.23 2.31
CA SER I 1066 98.58 1.45 2.74
C SER I 1066 99.48 2.16 3.73
N GLU I 1067 99.46 3.46 3.56
CA GLU I 1067 100.20 4.40 4.33
C GLU I 1067 99.60 4.46 5.71
N ARG I 1068 100.31 5.03 6.65
CA ARG I 1068 99.91 4.99 8.01
C ARG I 1068 98.60 5.57 8.45
N ALA I 1069 98.20 6.75 8.01
CA ALA I 1069 96.89 7.24 8.40
C ALA I 1069 96.31 7.54 7.08
N SER I 1070 95.67 6.57 6.49
CA SER I 1070 95.19 6.73 5.17
C SER I 1070 93.72 6.95 5.09
N GLU I 1071 93.01 7.06 6.17
CA GLU I 1071 91.60 7.22 6.06
C GLU I 1071 91.05 7.63 7.40
N ALA I 1072 89.90 8.24 7.42
CA ALA I 1072 89.25 8.57 8.67
C ALA I 1072 88.01 7.75 8.61
N TYR I 1073 87.70 7.07 9.68
CA TYR I 1073 86.57 6.18 9.63
C TYR I 1073 85.61 6.40 10.76
N PHE I 1074 84.79 7.42 10.74
CA PHE I 1074 83.87 7.63 11.84
C PHE I 1074 82.88 6.51 11.98
N LEU I 1075 82.63 6.15 13.22
CA LEU I 1075 81.77 5.04 13.62
C LEU I 1075 80.54 5.56 14.35
N GLY I 1076 79.37 5.18 13.86
CA GLY I 1076 78.11 5.62 14.39
C GLY I 1076 77.62 4.74 15.49
N GLN I 1077 76.46 5.03 16.02
CA GLN I 1077 75.87 4.19 17.04
C GLN I 1077 75.21 3.03 16.34
N LEU I 1078 74.96 1.97 17.07
CA LEU I 1078 74.39 0.76 16.54
C LEU I 1078 72.90 0.68 16.78
N GLN I 1079 72.13 0.31 15.76
CA GLN I 1079 70.69 0.24 15.90
C GLN I 1079 70.14 -1.12 15.52
N VAL I 1080 68.98 -1.49 16.05
CA VAL I 1080 68.36 -2.77 15.81
C VAL I 1080 66.92 -2.75 15.31
N ALA I 1081 66.59 -3.52 14.27
CA ALA I 1081 65.21 -3.59 13.80
C ALA I 1081 64.70 -5.01 13.76
N ARG I 1082 63.56 -5.31 14.37
CA ARG I 1082 63.00 -6.66 14.38
C ARG I 1082 61.75 -6.69 13.52
N HIS I 1083 61.61 -7.73 12.72
CA HIS I 1083 60.40 -7.94 11.95
C HIS I 1083 60.01 -9.41 12.04
N GLU I 1084 58.85 -9.68 12.60
CA GLU I 1084 58.36 -11.04 12.71
C GLU I 1084 58.26 -11.67 11.33
N THR I 1085 58.88 -12.83 11.17
CA THR I 1085 58.88 -13.60 9.95
C THR I 1085 58.11 -14.88 10.17
N GLY I 1086 58.10 -15.74 9.15
CA GLY I 1086 57.53 -17.05 9.39
C GLY I 1086 58.40 -17.78 10.40
N GLY I 1087 57.82 -18.11 11.54
CA GLY I 1087 58.58 -18.69 12.63
C GLY I 1087 59.82 -17.94 13.04
N GLY I 1088 59.72 -16.65 13.32
CA GLY I 1088 60.83 -15.93 13.94
C GLY I 1088 60.53 -14.46 14.09
N VAL I 1089 61.21 -13.85 15.07
CA VAL I 1089 61.18 -12.41 15.20
C VAL I 1089 62.24 -11.72 14.34
N ASN I 1090 63.42 -12.32 14.20
CA ASN I 1090 64.43 -11.85 13.26
C ASN I 1090 64.86 -10.40 13.52
N PHE I 1091 65.66 -10.24 14.57
CA PHE I 1091 66.36 -8.98 14.77
C PHE I 1091 67.43 -8.78 13.72
N THR I 1092 67.53 -7.57 13.18
CA THR I 1092 68.61 -7.20 12.28
C THR I 1092 69.36 -6.01 12.84
N LEU I 1093 70.64 -6.20 13.12
CA LEU I 1093 71.51 -5.15 13.64
C LEU I 1093 72.17 -4.40 12.50
N THR I 1094 72.41 -3.11 12.70
CA THR I 1094 73.13 -2.32 11.71
C THR I 1094 73.67 -1.03 12.29
N GLN I 1095 74.88 -0.61 11.90
CA GLN I 1095 75.30 0.69 12.39
C GLN I 1095 75.81 1.54 11.24
N PRO I 1096 75.55 2.83 11.25
CA PRO I 1096 76.11 3.71 10.23
C PRO I 1096 77.56 4.05 10.51
N ARG I 1097 78.33 4.22 9.44
CA ARG I 1097 79.70 4.65 9.58
C ARG I 1097 80.13 5.43 8.36
N GLY I 1098 80.97 6.45 8.58
CA GLY I 1098 81.49 7.28 7.52
C GLY I 1098 82.96 6.98 7.26
N ASN I 1099 83.49 7.62 6.22
CA ASN I 1099 84.93 7.56 5.98
C ASN I 1099 85.35 8.68 5.03
N VAL I 1100 86.63 9.03 5.10
CA VAL I 1100 87.27 9.97 4.17
C VAL I 1100 88.73 9.59 4.02
N ASP I 1101 89.28 9.76 2.83
CA ASP I 1101 90.70 9.52 2.61
C ASP I 1101 91.47 10.72 3.15
N LEU I 1102 92.26 10.48 4.19
CA LEU I 1102 93.20 11.50 4.60
C LEU I 1102 94.40 11.47 3.69
N GLY I 1103 95.05 12.60 3.58
CA GLY I 1103 96.19 12.66 2.70
C GLY I 1103 95.77 13.16 1.34
N VAL I 1104 96.63 14.02 0.80
CA VAL I 1104 96.45 14.69 -0.50
C VAL I 1104 96.54 13.86 -1.81
N GLY I 1105 97.49 12.94 -1.91
CA GLY I 1105 97.59 12.12 -3.11
C GLY I 1105 97.78 10.64 -2.84
N TYR I 1106 96.94 9.78 -3.40
CA TYR I 1106 97.12 8.33 -3.19
C TYR I 1106 97.07 7.92 -1.72
N THR I 1107 98.12 7.22 -1.29
CA THR I 1107 98.25 6.66 0.05
C THR I 1107 98.11 5.16 0.07
N ALA I 1108 97.51 4.58 -0.97
CA ALA I 1108 97.38 3.14 -1.02
C ALA I 1108 97.56 2.70 -2.44
N VAL I 1109 98.26 1.60 -2.64
CA VAL I 1109 98.45 1.05 -3.95
C VAL I 1109 98.30 -0.45 -3.84
N ALA I 1110 97.94 -1.08 -4.94
CA ALA I 1110 97.75 -2.51 -4.96
C ALA I 1110 98.48 -3.06 -6.15
N ALA I 1111 99.04 -4.25 -6.01
CA ALA I 1111 99.70 -4.91 -7.11
C ALA I 1111 99.06 -6.28 -7.31
N THR I 1112 99.43 -6.98 -8.37
CA THR I 1112 98.87 -8.31 -8.57
C THR I 1112 100.07 -9.19 -8.51
N ALA I 1113 100.17 -9.98 -7.46
CA ALA I 1113 101.31 -10.84 -7.32
C ALA I 1113 101.39 -11.97 -8.31
N THR I 1114 100.29 -12.65 -8.53
CA THR I 1114 100.24 -13.80 -9.40
C THR I 1114 98.82 -14.12 -9.79
N VAL I 1115 98.65 -15.09 -10.68
CA VAL I 1115 97.33 -15.50 -11.09
C VAL I 1115 97.04 -16.84 -10.47
N ARG I 1116 96.01 -16.94 -9.66
CA ARG I 1116 95.68 -18.21 -9.11
C ARG I 1116 95.20 -19.21 -10.11
N ASN I 1117 94.22 -18.85 -10.92
CA ASN I 1117 93.64 -19.74 -11.92
C ASN I 1117 92.85 -18.97 -12.95
N PRO I 1118 92.65 -19.55 -14.12
CA PRO I 1118 91.91 -18.96 -15.24
C PRO I 1118 90.40 -18.74 -15.17
N VAL I 1119 89.63 -19.67 -14.62
CA VAL I 1119 88.16 -19.55 -14.57
C VAL I 1119 87.50 -19.88 -15.91
N THR I 1120 88.02 -19.34 -17.00
CA THR I 1120 87.45 -19.60 -18.30
C THR I 1120 88.38 -20.46 -19.11
N ASP I 1121 87.80 -21.37 -19.87
CA ASP I 1121 88.52 -22.31 -20.68
C ASP I 1121 89.31 -21.53 -21.71
N MET I 1122 88.88 -20.32 -21.99
CA MET I 1122 89.57 -19.47 -22.92
C MET I 1122 89.37 -20.03 -24.29
N GLY I 1123 88.37 -20.84 -24.46
CA GLY I 1123 88.24 -21.36 -25.78
C GLY I 1123 87.14 -21.98 -26.53
N ASN I 1124 86.86 -21.32 -27.65
CA ASN I 1124 85.95 -21.88 -28.64
C ASN I 1124 84.48 -21.95 -28.26
N LEU I 1125 83.81 -20.81 -28.16
CA LEU I 1125 82.37 -20.82 -28.26
C LEU I 1125 82.02 -19.60 -29.09
N PRO I 1126 81.13 -19.73 -30.06
CA PRO I 1126 80.79 -18.55 -30.86
C PRO I 1126 79.59 -17.79 -30.32
N GLN I 1127 79.30 -16.68 -30.95
CA GLN I 1127 78.13 -15.90 -30.65
C GLN I 1127 76.98 -16.41 -31.49
N ASN I 1128 75.79 -16.40 -30.91
CA ASN I 1128 74.59 -16.84 -31.61
C ASN I 1128 73.63 -15.67 -31.63
N PHE I 1129 73.42 -15.09 -32.82
CA PHE I 1129 72.58 -13.90 -32.88
C PHE I 1129 71.10 -14.21 -32.78
N TYR I 1130 70.70 -15.47 -32.85
CA TYR I 1130 69.29 -15.80 -32.77
C TYR I 1130 68.78 -15.81 -31.34
N LEU I 1131 69.64 -15.51 -30.38
CA LEU I 1131 69.17 -15.31 -29.02
C LEU I 1131 68.48 -13.96 -28.85
N GLY I 1132 68.98 -12.92 -29.50
CA GLY I 1132 68.34 -11.62 -29.47
C GLY I 1132 67.46 -11.36 -30.67
N ARG I 1133 66.49 -10.46 -30.50
CA ARG I 1133 65.70 -9.97 -31.61
C ARG I 1133 65.96 -8.46 -31.76
N GLY I 1134 66.90 -8.11 -32.62
CA GLY I 1134 67.04 -6.71 -32.96
C GLY I 1134 66.76 -6.46 -34.42
N ALA I 1135 66.84 -7.52 -35.20
CA ALA I 1135 67.11 -7.39 -36.61
C ALA I 1135 65.87 -7.74 -37.42
N PRO I 1136 65.47 -6.86 -38.32
CA PRO I 1136 64.43 -7.21 -39.28
C PRO I 1136 64.77 -8.52 -39.97
N PRO I 1137 63.85 -9.45 -40.01
CA PRO I 1137 64.15 -10.76 -40.57
C PRO I 1137 64.14 -10.80 -42.09
N LEU I 1138 64.29 -11.99 -42.65
CA LEU I 1138 64.15 -12.17 -44.09
C LEU I 1138 62.68 -12.09 -44.46
N LEU I 1139 62.37 -11.37 -45.55
CA LEU I 1139 60.97 -11.16 -45.89
C LEU I 1139 60.27 -12.40 -46.42
N ASP I 1140 61.00 -13.43 -46.77
CA ASP I 1140 60.41 -14.73 -47.08
C ASP I 1140 60.42 -15.53 -45.79
N ASN I 1141 59.23 -15.77 -45.22
CA ASN I 1141 59.18 -16.48 -43.96
C ASN I 1141 59.83 -17.85 -44.07
N ALA I 1142 59.49 -18.59 -45.13
CA ALA I 1142 60.10 -19.91 -45.31
C ALA I 1142 61.61 -19.82 -45.46
N ALA I 1143 62.11 -18.69 -45.94
CA ALA I 1143 63.55 -18.48 -45.97
C ALA I 1143 64.09 -18.12 -44.60
N ALA I 1144 63.35 -17.33 -43.83
CA ALA I 1144 63.81 -16.95 -42.51
C ALA I 1144 63.79 -18.14 -41.55
N VAL I 1145 62.64 -18.81 -41.45
CA VAL I 1145 62.52 -19.89 -40.49
C VAL I 1145 63.29 -21.13 -40.90
N TYR I 1146 63.76 -21.19 -42.14
CA TYR I 1146 64.65 -22.28 -42.49
C TYR I 1146 66.07 -21.98 -42.08
N LEU I 1147 66.56 -20.77 -42.34
CA LEU I 1147 67.91 -20.42 -41.93
C LEU I 1147 68.04 -20.46 -40.42
N ARG I 1148 67.05 -19.94 -39.70
CA ARG I 1148 67.10 -19.91 -38.25
C ARG I 1148 67.42 -21.29 -37.69
N ASN I 1149 66.54 -22.26 -37.91
CA ASN I 1149 66.72 -23.54 -37.23
C ASN I 1149 67.79 -24.39 -37.89
N ALA I 1150 68.39 -23.94 -38.97
CA ALA I 1150 69.63 -24.56 -39.43
C ALA I 1150 70.79 -24.14 -38.55
N VAL I 1151 70.89 -22.84 -38.26
CA VAL I 1151 71.88 -22.36 -37.31
C VAL I 1151 71.54 -22.83 -35.91
N VAL I 1152 70.35 -22.47 -35.43
CA VAL I 1152 69.93 -22.72 -34.07
C VAL I 1152 69.86 -24.21 -33.74
N ALA I 1153 69.99 -25.07 -34.74
CA ALA I 1153 69.68 -26.49 -34.60
C ALA I 1153 70.29 -27.09 -33.35
N GLY I 1154 71.60 -27.29 -33.34
CA GLY I 1154 72.24 -27.84 -32.16
C GLY I 1154 73.16 -26.91 -31.37
N ASN I 1155 73.10 -25.60 -31.59
CA ASN I 1155 74.02 -24.71 -30.89
C ASN I 1155 73.95 -24.94 -29.40
N ARG I 1156 75.08 -24.78 -28.73
CA ARG I 1156 75.00 -24.68 -27.28
C ARG I 1156 74.09 -23.54 -26.87
N LEU I 1157 74.26 -22.38 -27.48
CA LEU I 1157 73.49 -21.22 -27.08
C LEU I 1157 72.07 -21.29 -27.61
N GLY I 1158 71.89 -21.67 -28.87
CA GLY I 1158 70.65 -21.50 -29.59
C GLY I 1158 69.48 -21.98 -28.77
N PRO I 1159 68.57 -21.08 -28.52
CA PRO I 1159 67.57 -21.32 -27.51
C PRO I 1159 66.72 -22.56 -27.52
N ALA I 1160 66.65 -23.21 -26.37
CA ALA I 1160 65.68 -24.27 -26.25
C ALA I 1160 64.30 -23.62 -26.28
N GLN I 1161 63.53 -23.93 -27.32
CA GLN I 1161 62.23 -23.37 -27.71
C GLN I 1161 62.44 -21.89 -28.07
N PRO I 1162 61.60 -21.34 -28.94
CA PRO I 1162 61.87 -20.01 -29.49
C PRO I 1162 61.58 -18.86 -28.51
N LEU I 1163 62.09 -17.70 -28.88
CA LEU I 1163 62.01 -16.53 -28.03
C LEU I 1163 60.57 -16.13 -27.74
N PRO I 1164 60.19 -16.00 -26.47
CA PRO I 1164 58.92 -15.34 -26.15
C PRO I 1164 59.07 -13.83 -26.22
N VAL I 1165 57.94 -13.14 -26.41
CA VAL I 1165 57.95 -11.68 -26.40
C VAL I 1165 58.52 -11.19 -25.07
N PHE I 1166 57.83 -11.49 -23.98
CA PHE I 1166 58.35 -11.23 -22.65
C PHE I 1166 58.77 -12.55 -22.02
N GLY I 1167 59.93 -12.54 -21.38
CA GLY I 1167 60.49 -13.73 -20.79
C GLY I 1167 62.00 -13.68 -20.90
N CYS I 1168 62.62 -14.82 -20.65
CA CYS I 1168 64.06 -14.98 -20.74
C CYS I 1168 64.39 -15.94 -21.87
N ALA I 1169 65.49 -15.67 -22.58
CA ALA I 1169 65.79 -16.33 -23.85
C ALA I 1169 66.10 -17.82 -23.71
N GLN I 1170 66.36 -18.32 -22.50
CA GLN I 1170 66.51 -19.75 -22.28
C GLN I 1170 67.64 -20.41 -23.07
N VAL I 1171 68.88 -20.15 -22.66
CA VAL I 1171 70.04 -20.91 -23.12
C VAL I 1171 70.03 -22.29 -22.48
N PRO I 1172 70.20 -23.36 -23.25
CA PRO I 1172 70.20 -24.70 -22.67
C PRO I 1172 71.30 -24.85 -21.65
N ARG I 1173 71.08 -25.73 -20.68
CA ARG I 1173 72.12 -26.06 -19.71
C ARG I 1173 72.46 -27.53 -19.86
N ARG I 1174 73.73 -27.80 -20.14
CA ARG I 1174 74.16 -29.16 -20.40
C ARG I 1174 74.41 -29.91 -19.11
N ALA I 1175 74.20 -31.22 -19.17
CA ALA I 1175 74.15 -32.04 -17.97
C ALA I 1175 75.45 -32.04 -17.19
N GLY I 1176 76.55 -31.65 -17.80
CA GLY I 1176 77.81 -31.61 -17.09
C GLY I 1176 78.81 -30.76 -17.82
N MET I 1177 79.81 -30.38 -17.06
CA MET I 1177 80.84 -29.59 -17.57
C MET I 1177 82.16 -29.85 -16.94
N ASP I 1178 83.15 -29.29 -17.56
CA ASP I 1178 84.56 -29.38 -17.24
C ASP I 1178 85.23 -28.13 -17.79
N HIS I 1179 86.38 -27.77 -17.23
CA HIS I 1179 87.30 -26.65 -17.61
C HIS I 1179 86.93 -25.32 -17.15
N GLY I 1180 85.73 -25.14 -16.67
CA GLY I 1180 85.34 -23.84 -16.23
C GLY I 1180 84.39 -23.21 -17.17
N GLN I 1181 83.99 -22.02 -16.81
CA GLN I 1181 83.01 -21.21 -17.50
C GLN I 1181 83.38 -21.12 -18.96
N ASP I 1182 82.38 -21.08 -19.81
CA ASP I 1182 82.63 -21.10 -21.24
C ASP I 1182 82.65 -19.67 -21.75
N ALA I 1183 83.77 -19.27 -22.35
CA ALA I 1183 83.87 -17.94 -22.91
C ALA I 1183 82.99 -17.85 -24.14
N VAL I 1184 82.94 -16.66 -24.72
CA VAL I 1184 82.12 -16.41 -25.89
C VAL I 1184 82.98 -15.66 -26.89
N CYS I 1185 83.21 -16.27 -28.04
CA CYS I 1185 83.99 -15.67 -29.11
C CYS I 1185 83.06 -14.92 -30.03
N GLU I 1186 83.56 -13.81 -30.57
CA GLU I 1186 82.77 -12.99 -31.47
C GLU I 1186 83.57 -12.59 -32.70
N PHE I 1187 82.88 -12.53 -33.82
CA PHE I 1187 83.51 -12.48 -35.12
C PHE I 1187 83.20 -11.14 -35.76
N ILE I 1188 84.21 -10.27 -35.85
CA ILE I 1188 84.11 -9.02 -36.59
C ILE I 1188 84.72 -9.29 -37.96
N ALA I 1189 83.92 -9.20 -39.02
CA ALA I 1189 84.46 -9.48 -40.34
C ALA I 1189 85.44 -8.40 -40.73
N THR I 1190 86.69 -8.78 -40.97
CA THR I 1190 87.71 -7.88 -41.48
C THR I 1190 88.04 -8.20 -42.94
N PRO I 1191 88.82 -7.36 -43.60
CA PRO I 1191 89.31 -7.72 -44.93
C PRO I 1191 90.41 -8.77 -44.84
N VAL I 1192 90.44 -9.69 -45.80
CA VAL I 1192 91.50 -10.70 -45.80
C VAL I 1192 92.86 -10.04 -45.90
N ALA I 1193 92.95 -8.88 -46.53
CA ALA I 1193 94.19 -8.13 -46.49
C ALA I 1193 93.98 -7.03 -45.46
N THR I 1194 94.44 -7.34 -44.25
CA THR I 1194 94.67 -6.45 -43.14
C THR I 1194 95.95 -7.21 -42.78
N ASP I 1195 97.09 -6.55 -42.50
CA ASP I 1195 98.29 -7.31 -42.25
C ASP I 1195 98.17 -8.01 -40.89
N ILE I 1196 98.84 -9.14 -40.85
CA ILE I 1196 98.83 -9.91 -39.67
C ILE I 1196 99.50 -9.08 -38.61
N ASN I 1197 100.41 -8.21 -38.98
CA ASN I 1197 101.09 -7.44 -38.01
C ASN I 1197 100.21 -6.58 -37.17
N TYR I 1198 99.12 -6.07 -37.66
CA TYR I 1198 98.32 -5.25 -36.78
C TYR I 1198 98.02 -6.13 -35.59
N PHE I 1199 97.73 -7.38 -35.84
CA PHE I 1199 97.39 -8.34 -34.81
C PHE I 1199 98.44 -8.88 -33.91
N ARG I 1200 99.69 -8.66 -34.21
CA ARG I 1200 100.74 -9.06 -33.33
C ARG I 1200 100.92 -7.89 -32.37
N ARG I 1201 99.98 -7.58 -31.52
CA ARG I 1201 100.18 -6.41 -30.67
C ARG I 1201 98.87 -6.17 -29.92
N PRO I 1202 98.91 -5.49 -28.77
CA PRO I 1202 97.66 -5.23 -28.02
C PRO I 1202 96.43 -4.63 -28.71
N CYS I 1203 96.49 -4.31 -29.99
CA CYS I 1203 95.57 -3.46 -30.74
C CYS I 1203 94.05 -3.64 -30.57
N ASN I 1204 93.30 -2.54 -30.72
CA ASN I 1204 91.84 -2.52 -30.82
C ASN I 1204 91.33 -3.52 -31.85
N PRO I 1205 90.26 -4.23 -31.49
CA PRO I 1205 89.56 -5.09 -32.42
C PRO I 1205 88.77 -4.30 -33.47
N ARG I 1206 88.53 -2.99 -33.30
CA ARG I 1206 87.73 -2.29 -34.30
C ARG I 1206 88.59 -1.71 -35.41
N GLY I 1207 89.90 -1.82 -35.32
CA GLY I 1207 90.78 -1.31 -36.34
C GLY I 1207 91.26 0.10 -36.14
N ARG I 1208 90.77 0.80 -35.12
CA ARG I 1208 91.17 2.18 -34.89
C ARG I 1208 91.10 2.43 -33.39
N ALA I 1209 92.02 3.24 -32.87
CA ALA I 1209 92.06 3.51 -31.45
C ALA I 1209 90.88 4.38 -31.04
N ALA I 1210 90.09 3.90 -30.07
CA ALA I 1210 88.88 4.60 -29.66
C ALA I 1210 88.98 5.37 -28.35
N GLY I 1211 90.11 5.29 -27.64
CA GLY I 1211 90.11 5.69 -26.24
C GLY I 1211 89.84 7.16 -26.03
N GLY I 1212 89.35 7.49 -24.83
CA GLY I 1212 89.34 8.86 -24.39
C GLY I 1212 90.62 9.27 -23.71
N VAL I 1213 91.46 8.29 -23.43
CA VAL I 1213 92.81 8.54 -22.96
C VAL I 1213 93.56 9.41 -23.94
N TYR I 1214 93.36 9.16 -25.24
CA TYR I 1214 94.02 9.89 -26.30
C TYR I 1214 93.43 11.27 -26.55
N ALA I 1215 92.23 11.53 -26.05
CA ALA I 1215 91.55 12.78 -26.33
C ALA I 1215 92.40 13.97 -25.94
N GLY I 1216 92.34 15.01 -26.76
CA GLY I 1216 93.15 16.19 -26.63
C GLY I 1216 92.60 17.46 -26.02
N ASP I 1217 91.56 17.32 -25.23
CA ASP I 1217 90.97 18.44 -24.52
C ASP I 1217 90.52 19.55 -25.42
N LYS I 1218 89.99 19.20 -26.56
CA LYS I 1218 89.52 20.18 -27.50
C LYS I 1218 88.16 19.77 -27.86
N GLU I 1219 87.19 20.16 -27.05
CA GLU I 1219 85.78 19.89 -27.27
C GLU I 1219 85.61 18.42 -27.45
N GLY I 1220 84.92 18.02 -28.51
CA GLY I 1220 84.75 16.62 -28.74
C GLY I 1220 85.84 15.98 -29.56
N ASP I 1221 87.09 15.98 -29.07
CA ASP I 1221 88.18 15.32 -29.76
C ASP I 1221 88.02 13.83 -29.65
N VAL I 1222 87.42 13.38 -28.58
CA VAL I 1222 87.08 11.98 -28.46
C VAL I 1222 85.81 11.98 -29.25
N ILE I 1223 85.76 11.07 -30.21
CA ILE I 1223 84.77 10.77 -31.27
C ILE I 1223 85.17 11.61 -32.45
N ALA I 1224 86.34 12.20 -32.43
CA ALA I 1224 86.84 12.85 -33.62
C ALA I 1224 87.86 11.78 -33.82
N LEU I 1225 88.54 11.40 -32.74
CA LEU I 1225 89.49 10.34 -32.64
C LEU I 1225 88.84 9.01 -32.84
N MET I 1226 87.58 8.78 -32.50
CA MET I 1226 87.17 7.43 -32.83
C MET I 1226 86.76 7.30 -34.28
N TYR I 1227 85.76 8.10 -34.63
CA TYR I 1227 85.08 8.06 -35.90
C TYR I 1227 85.50 8.86 -37.10
N ASP I 1228 86.44 9.78 -36.99
CA ASP I 1228 86.82 10.57 -38.16
C ASP I 1228 87.83 9.82 -38.98
N HIS I 1229 87.38 9.32 -40.11
CA HIS I 1229 88.27 8.56 -40.98
C HIS I 1229 89.01 9.47 -41.88
N GLY I 1230 88.64 10.73 -41.79
CA GLY I 1230 89.41 11.76 -42.46
C GLY I 1230 90.80 11.94 -41.87
N GLN I 1231 90.91 11.82 -40.55
CA GLN I 1231 92.20 11.87 -39.88
C GLN I 1231 92.89 10.52 -39.93
N SER I 1232 93.96 10.40 -39.18
CA SER I 1232 94.69 9.16 -39.08
C SER I 1232 94.39 8.50 -37.75
N ASP I 1233 94.96 7.33 -37.55
CA ASP I 1233 94.70 6.53 -36.38
C ASP I 1233 95.69 6.90 -35.30
N PRO I 1234 95.24 7.38 -34.14
CA PRO I 1234 96.19 7.77 -33.09
C PRO I 1234 97.19 6.70 -32.73
N ALA I 1235 96.72 5.46 -32.65
CA ALA I 1235 97.57 4.30 -32.37
C ALA I 1235 98.59 4.03 -33.45
N ARG I 1236 98.16 4.01 -34.70
CA ARG I 1236 99.03 3.80 -35.85
C ARG I 1236 98.64 5.01 -36.60
N PRO I 1237 99.55 6.05 -36.63
CA PRO I 1237 99.05 7.25 -37.29
C PRO I 1237 99.16 7.27 -38.75
N PHE I 1238 99.81 6.30 -39.34
CA PHE I 1238 99.94 6.43 -40.78
C PHE I 1238 98.72 5.96 -41.56
N ALA I 1239 97.70 5.45 -40.91
CA ALA I 1239 96.53 4.92 -41.58
C ALA I 1239 95.28 5.55 -41.00
N ALA I 1240 94.14 5.26 -41.58
CA ALA I 1240 92.91 5.72 -40.99
C ALA I 1240 92.25 4.61 -40.20
N THR I 1241 92.34 3.37 -40.65
CA THR I 1241 91.78 2.22 -40.01
C THR I 1241 92.49 1.00 -40.42
N ALA I 1242 92.33 -0.08 -39.69
CA ALA I 1242 92.85 -1.33 -40.17
C ALA I 1242 91.72 -2.09 -40.80
N ASN I 1243 90.52 -1.88 -40.30
CA ASN I 1243 89.34 -2.58 -40.76
C ASN I 1243 88.41 -1.48 -41.01
N PRO I 1244 87.87 -1.36 -42.23
CA PRO I 1244 86.95 -0.25 -42.44
C PRO I 1244 85.56 -0.68 -42.17
N TRP I 1245 85.33 -2.00 -42.01
CA TRP I 1245 84.02 -2.62 -41.80
C TRP I 1245 83.68 -2.78 -40.33
N ALA I 1246 84.38 -1.98 -39.58
CA ALA I 1246 84.37 -1.66 -38.18
C ALA I 1246 85.07 -0.29 -38.14
N SER I 1247 85.06 0.40 -37.03
CA SER I 1247 85.75 1.71 -36.92
C SER I 1247 85.32 2.81 -37.87
N GLN I 1248 84.10 2.76 -38.35
CA GLN I 1248 83.53 3.76 -39.19
C GLN I 1248 82.16 3.70 -38.66
N ARG I 1249 81.70 4.80 -38.16
CA ARG I 1249 80.36 4.87 -37.62
C ARG I 1249 79.39 4.40 -38.71
N PHE I 1250 78.46 3.54 -38.35
CA PHE I 1250 77.52 3.00 -39.33
C PHE I 1250 78.00 1.88 -40.21
N SER I 1251 79.11 1.26 -39.89
CA SER I 1251 79.61 0.16 -40.68
C SER I 1251 79.10 -1.13 -40.17
N TYR I 1252 79.31 -2.21 -40.91
CA TYR I 1252 78.95 -3.50 -40.41
C TYR I 1252 79.85 -3.67 -39.26
N GLY I 1253 79.33 -4.11 -38.15
CA GLY I 1253 80.20 -4.25 -37.02
C GLY I 1253 80.17 -3.04 -36.15
N ASP I 1254 79.29 -2.12 -36.47
CA ASP I 1254 79.08 -0.99 -35.63
C ASP I 1254 77.60 -1.10 -35.44
N LEU I 1255 76.97 -1.57 -36.51
CA LEU I 1255 75.54 -1.68 -36.56
C LEU I 1255 75.23 -2.96 -35.78
N LEU I 1256 76.24 -3.78 -35.52
CA LEU I 1256 76.07 -5.01 -34.76
C LEU I 1256 76.40 -4.82 -33.29
N TYR I 1257 77.65 -4.47 -33.00
CA TYR I 1257 78.18 -4.52 -31.65
C TYR I 1257 78.08 -3.21 -30.90
N ASN I 1258 77.74 -2.11 -31.55
CA ASN I 1258 77.47 -0.89 -30.80
C ASN I 1258 76.16 -1.09 -30.06
N GLY I 1259 76.14 -0.70 -28.81
CA GLY I 1259 74.96 -0.94 -28.00
C GLY I 1259 73.82 0.01 -28.20
N ALA I 1260 73.98 1.01 -29.06
CA ALA I 1260 72.86 1.89 -29.36
C ALA I 1260 71.77 1.14 -30.12
N TYR I 1261 72.16 0.20 -30.96
CA TYR I 1261 71.22 -0.49 -31.82
C TYR I 1261 70.63 -1.74 -31.19
N HIS I 1262 71.24 -2.25 -30.13
CA HIS I 1262 70.70 -3.32 -29.30
C HIS I 1262 70.00 -4.42 -30.10
N LEU I 1263 70.80 -5.14 -30.89
CA LEU I 1263 70.34 -6.40 -31.46
C LEU I 1263 70.32 -7.47 -30.38
N ASN I 1264 71.54 -7.91 -30.12
CA ASN I 1264 71.75 -8.93 -29.16
C ASN I 1264 71.69 -8.11 -27.92
N GLY I 1265 70.55 -7.46 -27.74
CA GLY I 1265 70.31 -6.69 -26.54
C GLY I 1265 69.30 -7.41 -25.69
N ALA I 1266 68.73 -8.49 -26.19
CA ALA I 1266 67.74 -9.24 -25.52
C ALA I 1266 68.21 -10.65 -25.28
N SER I 1267 69.51 -10.89 -25.42
CA SER I 1267 70.02 -12.23 -25.24
C SER I 1267 70.89 -12.19 -24.03
N PRO I 1268 70.77 -13.19 -23.14
CA PRO I 1268 71.52 -13.21 -21.89
C PRO I 1268 73.02 -13.26 -22.08
N VAL I 1269 73.51 -13.77 -23.20
CA VAL I 1269 74.93 -14.05 -23.35
C VAL I 1269 75.72 -12.75 -23.40
N LEU I 1270 76.98 -12.82 -22.97
CA LEU I 1270 77.84 -11.65 -23.01
C LEU I 1270 78.31 -11.36 -24.42
N SER I 1271 78.41 -10.07 -24.73
CA SER I 1271 79.07 -9.64 -25.95
C SER I 1271 80.42 -9.03 -25.59
N PRO I 1272 81.53 -9.73 -25.81
CA PRO I 1272 82.83 -9.11 -25.54
C PRO I 1272 83.08 -7.84 -26.31
N CYS I 1273 82.46 -7.68 -27.47
CA CYS I 1273 82.67 -6.50 -28.29
C CYS I 1273 81.81 -5.33 -27.87
N PHE I 1274 80.76 -5.58 -27.10
CA PHE I 1274 79.93 -4.48 -26.63
C PHE I 1274 80.76 -3.48 -25.86
N LYS I 1275 81.80 -3.94 -25.20
CA LYS I 1275 82.70 -3.03 -24.50
C LYS I 1275 83.42 -2.13 -25.48
N PHE I 1276 83.91 -2.74 -26.55
CA PHE I 1276 84.68 -2.09 -27.62
C PHE I 1276 84.02 -1.09 -28.53
N PHE I 1277 82.83 -1.40 -29.03
CA PHE I 1277 82.12 -0.58 -30.00
C PHE I 1277 81.03 0.03 -29.19
N THR I 1278 81.03 1.32 -28.99
CA THR I 1278 80.02 1.98 -28.18
C THR I 1278 80.51 3.32 -27.77
N ALA I 1279 80.36 4.29 -28.64
CA ALA I 1279 80.81 5.60 -28.35
C ALA I 1279 80.15 6.12 -27.10
N ALA I 1280 78.93 5.71 -26.82
CA ALA I 1280 78.23 6.25 -25.66
C ALA I 1280 78.98 6.03 -24.36
N ASP I 1281 79.55 4.85 -24.13
CA ASP I 1281 80.34 4.58 -22.94
C ASP I 1281 81.73 5.22 -23.01
N ILE I 1282 82.34 5.26 -24.19
CA ILE I 1282 83.68 5.83 -24.28
C ILE I 1282 83.65 7.33 -24.09
N THR I 1283 82.60 7.98 -24.59
CA THR I 1283 82.46 9.41 -24.37
C THR I 1283 81.92 9.73 -23.00
N ALA I 1284 81.05 8.87 -22.45
CA ALA I 1284 80.52 9.11 -21.12
C ALA I 1284 81.63 9.25 -20.10
N LYS I 1285 82.74 8.54 -20.29
CA LYS I 1285 83.82 8.63 -19.33
C LYS I 1285 84.49 9.98 -19.44
N HIS I 1286 85.46 10.21 -18.56
CA HIS I 1286 86.30 11.38 -18.69
C HIS I 1286 87.66 10.98 -19.23
N ARG I 1287 88.50 11.97 -19.48
CA ARG I 1287 89.84 11.71 -19.94
C ARG I 1287 90.93 12.05 -18.93
N CYS I 1288 90.55 12.34 -17.69
CA CYS I 1288 91.55 12.70 -16.66
C CYS I 1288 92.24 11.45 -16.20
N LEU I 1289 93.53 11.36 -16.42
CA LEU I 1289 94.30 10.18 -16.04
C LEU I 1289 94.41 9.82 -14.57
N GLU I 1290 94.74 10.75 -13.69
CA GLU I 1290 94.91 10.29 -12.33
C GLU I 1290 93.65 9.60 -11.92
N ARG I 1291 92.50 10.13 -12.30
CA ARG I 1291 91.25 9.51 -11.95
C ARG I 1291 91.13 8.12 -12.58
N LEU I 1292 91.63 7.95 -13.80
CA LEU I 1292 91.56 6.68 -14.55
C LEU I 1292 92.26 5.43 -14.02
N ILE I 1293 93.45 5.56 -13.47
CA ILE I 1293 94.21 4.45 -12.94
C ILE I 1293 93.58 3.91 -11.66
N VAL I 1294 92.87 4.74 -10.89
CA VAL I 1294 92.23 4.18 -9.71
C VAL I 1294 90.93 3.48 -10.06
N GLU I 1295 90.21 3.94 -11.09
CA GLU I 1295 89.00 3.24 -11.50
C GLU I 1295 89.29 2.02 -12.34
N THR I 1296 90.56 1.75 -12.62
CA THR I 1296 90.89 0.48 -13.22
C THR I 1296 90.85 -0.65 -12.20
N GLY I 1297 91.43 -0.43 -11.03
CA GLY I 1297 91.41 -1.46 -10.01
C GLY I 1297 90.02 -1.97 -9.72
N SER I 1298 89.06 -1.08 -9.66
CA SER I 1298 87.77 -1.55 -9.38
C SER I 1298 86.92 -1.19 -10.55
N ALA I 1299 86.78 -2.11 -11.48
CA ALA I 1299 85.98 -1.89 -12.63
C ALA I 1299 84.95 -2.97 -12.54
N VAL I 1300 83.68 -2.63 -12.68
CA VAL I 1300 82.69 -3.68 -12.61
C VAL I 1300 82.84 -4.57 -13.82
N SER I 1301 82.88 -5.88 -13.62
CA SER I 1301 82.98 -6.73 -14.77
C SER I 1301 81.63 -6.77 -15.39
N THR I 1302 81.59 -6.91 -16.69
CA THR I 1302 80.36 -6.93 -17.42
C THR I 1302 79.83 -8.35 -17.49
N ALA I 1303 80.55 -9.27 -16.88
CA ALA I 1303 80.24 -10.70 -16.88
C ALA I 1303 79.92 -11.17 -15.49
N THR I 1304 79.61 -12.47 -15.41
CA THR I 1304 79.52 -13.19 -14.15
C THR I 1304 80.38 -14.43 -14.25
N ALA I 1305 80.89 -14.88 -13.12
CA ALA I 1305 81.58 -16.15 -13.03
C ALA I 1305 80.69 -17.27 -12.54
N ALA I 1306 79.41 -16.99 -12.30
CA ALA I 1306 78.54 -17.97 -11.68
C ALA I 1306 77.78 -18.83 -12.68
N SER I 1307 77.81 -18.51 -13.96
CA SER I 1307 77.00 -19.26 -14.91
C SER I 1307 77.86 -20.21 -15.73
N ASP I 1308 77.20 -21.07 -16.50
CA ASP I 1308 77.91 -22.09 -17.25
C ASP I 1308 78.53 -21.51 -18.51
N VAL I 1309 77.78 -20.67 -19.20
CA VAL I 1309 78.28 -19.83 -20.27
C VAL I 1309 78.28 -18.43 -19.72
N GLN I 1310 79.20 -17.58 -20.19
CA GLN I 1310 79.34 -16.31 -19.51
C GLN I 1310 78.20 -15.39 -19.92
N PHE I 1311 77.40 -15.01 -18.94
CA PHE I 1311 76.21 -14.21 -19.20
C PHE I 1311 76.52 -12.73 -19.08
N LYS I 1312 75.50 -11.95 -19.32
CA LYS I 1312 75.52 -10.52 -19.12
C LYS I 1312 75.19 -10.28 -17.65
N ARG I 1313 75.91 -9.37 -17.03
CA ARG I 1313 75.81 -9.18 -15.59
C ARG I 1313 74.40 -8.83 -15.16
N PRO I 1314 73.77 -9.62 -14.31
CA PRO I 1314 72.45 -9.29 -13.80
C PRO I 1314 72.51 -8.17 -12.79
N PRO I 1315 71.39 -7.51 -12.50
CA PRO I 1315 71.38 -6.47 -11.46
C PRO I 1315 71.78 -6.95 -10.08
N GLY I 1316 71.78 -8.26 -9.84
CA GLY I 1316 72.09 -8.76 -8.52
C GLY I 1316 73.51 -8.45 -8.09
N CYS I 1317 73.65 -7.81 -6.93
CA CYS I 1317 74.93 -7.44 -6.32
C CYS I 1317 75.82 -6.61 -7.24
N ARG I 1318 77.12 -6.98 -7.22
CA ARG I 1318 78.21 -6.39 -8.02
C ARG I 1318 79.36 -7.38 -8.06
N GLU I 1319 80.28 -7.25 -9.02
CA GLU I 1319 81.46 -8.13 -9.07
C GLU I 1319 82.62 -7.23 -9.33
N LEU I 1320 83.64 -7.19 -8.49
CA LEU I 1320 84.71 -6.24 -8.77
C LEU I 1320 85.90 -6.84 -9.44
N VAL I 1321 86.11 -6.42 -10.66
CA VAL I 1321 87.15 -6.99 -11.45
C VAL I 1321 88.14 -5.97 -11.80
N GLU I 1322 89.33 -6.41 -12.06
CA GLU I 1322 90.35 -5.49 -12.50
C GLU I 1322 90.36 -5.53 -13.99
N ASP I 1323 89.87 -4.49 -14.67
CA ASP I 1323 89.79 -4.50 -16.12
C ASP I 1323 90.59 -3.43 -16.78
N PRO I 1324 91.72 -3.80 -17.36
CA PRO I 1324 92.77 -3.12 -18.12
C PRO I 1324 92.35 -2.66 -19.46
N CYS I 1325 91.50 -3.42 -20.12
CA CYS I 1325 91.12 -3.12 -21.49
C CYS I 1325 90.17 -1.95 -21.57
N GLY I 1326 89.38 -1.74 -20.52
CA GLY I 1326 88.53 -0.56 -20.47
C GLY I 1326 89.29 0.74 -20.43
N LEU I 1327 90.58 0.71 -20.07
CA LEU I 1327 91.36 1.94 -20.06
C LEU I 1327 92.21 2.13 -21.30
N PHE I 1328 93.00 1.11 -21.64
CA PHE I 1328 93.91 1.21 -22.77
C PHE I 1328 93.10 1.05 -24.03
N GLN I 1329 91.89 0.53 -23.95
CA GLN I 1329 91.04 0.40 -25.13
C GLN I 1329 91.71 -0.55 -26.12
N GLU I 1330 92.01 -1.76 -25.65
CA GLU I 1330 92.68 -2.80 -26.47
C GLU I 1330 92.57 -4.26 -26.05
N ALA I 1331 92.94 -5.14 -26.97
CA ALA I 1331 92.91 -6.58 -26.78
C ALA I 1331 94.32 -7.11 -26.96
N TYR I 1332 94.59 -8.27 -26.40
CA TYR I 1332 95.93 -8.85 -26.47
C TYR I 1332 95.96 -10.14 -27.24
N PRO I 1333 96.98 -10.23 -28.17
CA PRO I 1333 97.01 -11.50 -28.91
C PRO I 1333 97.51 -12.68 -28.09
N ILE I 1334 96.90 -13.84 -28.27
CA ILE I 1334 97.30 -15.10 -27.65
C ILE I 1334 98.07 -15.90 -28.68
N THR I 1335 98.77 -16.92 -28.21
CA THR I 1335 99.51 -17.74 -29.14
C THR I 1335 98.53 -18.57 -29.93
N CYS I 1336 98.51 -18.36 -31.24
CA CYS I 1336 97.57 -19.05 -32.11
C CYS I 1336 98.22 -19.14 -33.47
N ALA I 1337 97.83 -20.17 -34.22
CA ALA I 1337 98.34 -20.33 -35.57
C ALA I 1337 97.23 -20.93 -36.41
N SER I 1338 97.35 -20.72 -37.71
CA SER I 1338 96.43 -21.36 -38.63
C SER I 1338 96.79 -22.80 -38.93
N ASP I 1339 97.98 -23.25 -38.52
CA ASP I 1339 98.46 -24.60 -38.61
C ASP I 1339 98.67 -25.19 -37.24
N PRO I 1340 98.43 -26.50 -37.07
CA PRO I 1340 98.99 -27.18 -35.90
C PRO I 1340 100.50 -27.24 -35.96
N ALA I 1341 101.03 -27.43 -37.17
CA ALA I 1341 102.48 -27.51 -37.35
C ALA I 1341 103.16 -26.24 -36.88
N LEU I 1342 102.66 -25.08 -37.30
CA LEU I 1342 103.18 -23.83 -36.79
C LEU I 1342 103.04 -23.75 -35.29
N LEU I 1343 101.86 -24.11 -34.77
CA LEU I 1343 101.62 -23.98 -33.34
C LEU I 1343 102.55 -24.88 -32.54
N ARG I 1344 102.84 -26.06 -33.06
CA ARG I 1344 103.84 -26.90 -32.40
C ARG I 1344 105.16 -26.17 -32.27
N SER I 1345 105.54 -25.39 -33.28
CA SER I 1345 106.82 -24.69 -33.23
C SER I 1345 106.86 -23.74 -32.05
N ALA I 1346 105.72 -23.18 -31.74
CA ALA I 1346 105.54 -22.25 -30.65
C ALA I 1346 105.78 -22.83 -29.29
N ARG I 1347 105.40 -24.07 -29.05
CA ARG I 1347 105.60 -24.60 -27.71
C ARG I 1347 106.99 -25.07 -27.53
N ASP I 1348 107.67 -24.20 -26.81
CA ASP I 1348 109.03 -24.19 -26.31
C ASP I 1348 109.23 -22.72 -25.96
N GLY I 1349 109.24 -21.86 -26.95
CA GLY I 1349 109.37 -20.45 -26.72
C GLY I 1349 109.09 -19.72 -27.98
N GLU I 1350 108.88 -18.45 -27.87
CA GLU I 1350 108.67 -17.65 -29.04
C GLU I 1350 109.95 -17.50 -29.83
N ALA I 1351 111.05 -17.99 -29.28
CA ALA I 1351 112.36 -17.79 -29.92
C ALA I 1351 112.39 -18.39 -31.31
N HIS I 1352 112.14 -19.69 -31.41
CA HIS I 1352 112.17 -20.43 -32.66
C HIS I 1352 110.78 -20.61 -33.27
N ALA I 1353 109.76 -20.00 -32.71
CA ALA I 1353 108.43 -20.04 -33.29
C ALA I 1353 108.50 -19.68 -34.77
N ARG I 1354 107.73 -20.39 -35.59
CA ARG I 1354 107.69 -20.14 -37.01
C ARG I 1354 106.58 -19.13 -37.26
N GLU I 1355 106.96 -17.89 -37.57
CA GLU I 1355 105.95 -16.87 -37.74
C GLU I 1355 105.11 -17.12 -38.99
N THR I 1356 105.72 -17.59 -40.07
CA THR I 1356 105.02 -17.77 -41.32
C THR I 1356 105.54 -18.99 -42.06
N HIS I 1357 104.61 -19.70 -42.68
CA HIS I 1357 104.94 -20.68 -43.71
C HIS I 1357 103.92 -20.53 -44.82
N PHE I 1358 104.35 -20.05 -45.98
CA PHE I 1358 103.48 -19.83 -47.13
C PHE I 1358 102.30 -18.98 -46.67
N THR I 1359 101.07 -19.37 -46.94
CA THR I 1359 99.90 -18.58 -46.57
C THR I 1359 99.49 -18.78 -45.12
N GLN I 1360 100.26 -19.54 -44.38
CA GLN I 1360 100.00 -19.83 -42.98
C GLN I 1360 100.73 -18.84 -42.09
N TYR I 1361 100.13 -18.51 -40.96
CA TYR I 1361 100.71 -17.53 -40.06
C TYR I 1361 100.63 -18.04 -38.63
N LEU I 1362 101.55 -17.56 -37.81
CA LEU I 1362 101.53 -17.78 -36.37
C LEU I 1362 101.62 -16.46 -35.66
N ILE I 1363 100.89 -16.34 -34.57
CA ILE I 1363 100.88 -15.16 -33.73
C ILE I 1363 101.26 -15.58 -32.32
N TYR I 1364 102.18 -14.86 -31.71
CA TYR I 1364 102.61 -15.24 -30.38
C TYR I 1364 101.97 -14.30 -29.36
N ASP I 1365 102.15 -14.65 -28.10
CA ASP I 1365 101.41 -14.04 -27.00
C ASP I 1365 102.01 -12.69 -26.64
N ALA I 1366 101.19 -11.66 -26.68
CA ALA I 1366 101.51 -10.36 -26.10
C ALA I 1366 100.36 -10.02 -25.19
N SER I 1367 100.60 -9.98 -23.89
CA SER I 1367 99.54 -10.02 -22.90
C SER I 1367 100.17 -9.83 -21.54
N PRO I 1368 99.38 -9.42 -20.54
CA PRO I 1368 99.90 -9.47 -19.17
C PRO I 1368 100.27 -10.86 -18.74
N LEU I 1369 99.69 -11.87 -19.36
CA LEU I 1369 99.89 -13.27 -18.99
C LEU I 1369 101.07 -13.91 -19.70
N LYS I 1370 101.67 -13.24 -20.68
CA LYS I 1370 102.83 -13.82 -21.33
C LYS I 1370 103.92 -14.01 -20.30
N GLY I 1371 104.76 -15.01 -20.52
CA GLY I 1371 105.78 -15.31 -19.55
C GLY I 1371 105.28 -15.93 -18.27
N LEU I 1372 103.97 -16.11 -18.12
CA LEU I 1372 103.45 -16.89 -17.01
C LEU I 1372 103.23 -18.34 -17.44
N SER I 1373 102.79 -19.16 -16.50
CA SER I 1373 102.56 -20.58 -16.73
C SER I 1373 101.15 -20.83 -17.26
N LEU I 1374 100.14 -20.51 -16.46
CA LEU I 1374 98.74 -20.74 -16.83
C LEU I 1374 98.34 -19.93 -18.05
N ARG J 6 61.05 30.13 -5.11
CA ARG J 6 60.98 30.58 -3.73
C ARG J 6 61.97 29.83 -2.85
N ASP J 7 62.85 30.54 -2.15
CA ASP J 7 63.70 29.95 -1.13
C ASP J 7 63.91 30.90 0.04
N PRO J 8 62.86 31.26 0.77
CA PRO J 8 63.07 31.93 2.04
C PRO J 8 63.60 30.95 3.06
N PRO J 9 64.64 31.32 3.80
CA PRO J 9 65.25 30.38 4.74
C PRO J 9 64.34 30.04 5.90
N GLY J 10 64.41 28.77 6.30
CA GLY J 10 63.42 28.22 7.21
C GLY J 10 63.37 28.93 8.53
N TYR J 11 62.28 28.69 9.24
CA TYR J 11 62.14 29.18 10.59
C TYR J 11 63.14 28.47 11.47
N ARG J 12 63.59 29.04 12.58
CA ARG J 12 64.60 28.35 13.38
C ARG J 12 63.91 27.81 14.57
N TYR J 13 63.72 26.51 14.64
CA TYR J 13 63.00 25.94 15.74
C TYR J 13 63.67 25.99 17.10
N ALA J 14 64.96 25.74 17.14
CA ALA J 14 65.67 25.74 18.38
C ALA J 14 65.75 27.01 19.13
N ALA J 15 66.04 28.08 18.43
CA ALA J 15 66.28 29.44 18.89
C ALA J 15 64.95 29.91 19.37
N ALA J 16 63.93 29.43 18.71
CA ALA J 16 62.54 29.74 18.99
C ALA J 16 62.16 29.47 20.43
N MET J 17 62.78 28.45 21.07
CA MET J 17 62.40 28.09 22.42
C MET J 17 62.80 29.13 23.46
N VAL J 18 63.65 30.07 23.11
CA VAL J 18 64.07 31.10 24.04
C VAL J 18 63.68 32.43 23.45
N PRO J 19 62.41 32.83 23.51
CA PRO J 19 62.02 34.08 22.89
C PRO J 19 62.70 35.25 23.58
N THR J 20 62.91 36.30 22.82
CA THR J 20 63.43 37.55 23.36
C THR J 20 62.31 38.51 23.71
N GLY J 21 61.07 38.11 23.55
CA GLY J 21 59.96 38.99 23.81
C GLY J 21 58.66 38.30 23.48
N SER J 22 57.57 39.03 23.65
CA SER J 22 56.27 38.47 23.44
C SER J 22 55.48 39.36 22.50
N ILE J 23 54.67 38.75 21.70
CA ILE J 23 53.75 39.47 20.83
C ILE J 23 52.49 39.78 21.60
N LEU J 24 52.00 41.01 21.50
CA LEU J 24 50.86 41.44 22.28
C LEU J 24 49.53 41.35 21.56
N SER J 25 49.51 40.92 20.31
CA SER J 25 48.29 40.94 19.52
C SER J 25 47.86 39.53 19.17
N THR J 26 46.57 39.24 19.34
CA THR J 26 45.99 38.01 18.79
C THR J 26 45.43 38.36 17.43
N ILE J 27 46.08 37.88 16.38
CA ILE J 27 45.71 38.17 15.01
C ILE J 27 45.54 36.86 14.28
N GLU J 28 44.66 36.83 13.31
CA GLU J 28 44.74 35.79 12.30
C GLU J 28 45.78 36.29 11.31
N VAL J 29 46.93 35.63 11.25
CA VAL J 29 48.09 36.20 10.59
C VAL J 29 48.20 35.77 9.14
N ALA J 30 47.45 34.78 8.71
CA ALA J 30 47.48 34.45 7.29
C ALA J 30 46.84 35.55 6.45
N SER J 31 46.17 36.51 7.08
CA SER J 31 45.66 37.67 6.38
C SER J 31 46.75 38.71 6.14
N HIS J 32 47.66 38.83 7.09
CA HIS J 32 48.85 39.66 7.00
C HIS J 32 49.99 38.92 6.36
N ARG J 33 49.65 37.85 5.67
CA ARG J 33 50.51 36.82 5.11
C ARG J 33 51.78 37.32 4.46
N ARG J 34 51.74 38.48 3.85
CA ARG J 34 52.83 38.94 3.01
C ARG J 34 53.81 39.89 3.68
N LEU J 35 53.58 40.27 4.95
CA LEU J 35 54.58 41.07 5.63
C LEU J 35 55.88 40.32 5.83
N PHE J 36 55.88 39.02 5.62
CA PHE J 36 56.86 38.11 6.18
C PHE J 36 57.70 37.48 5.10
N ASP J 37 58.96 37.23 5.45
CA ASP J 37 59.89 36.62 4.52
C ASP J 37 59.63 35.12 4.41
N PHE J 38 59.46 34.46 5.54
CA PHE J 38 59.12 33.06 5.63
C PHE J 38 57.78 32.94 6.34
N PHE J 39 56.94 32.04 5.87
CA PHE J 39 55.67 31.81 6.52
C PHE J 39 55.33 30.34 6.42
N ALA J 40 54.95 29.75 7.54
CA ALA J 40 54.37 28.43 7.58
C ALA J 40 53.01 28.56 8.26
N ARG J 41 52.12 27.62 8.00
CA ARG J 41 50.93 27.54 8.81
C ARG J 41 50.73 26.06 9.13
N VAL J 42 50.83 25.74 10.40
CA VAL J 42 50.91 24.37 10.87
C VAL J 42 49.66 24.12 11.69
N ARG J 43 48.82 23.25 11.20
CA ARG J 43 47.62 23.02 11.94
C ARG J 43 47.90 21.85 12.81
N SER J 44 47.87 22.12 14.10
CA SER J 44 48.12 21.15 15.10
C SER J 44 49.53 20.82 15.16
N ASP J 45 50.09 20.32 14.08
CA ASP J 45 51.48 19.92 14.08
C ASP J 45 52.03 19.50 12.73
N GLU J 46 53.34 19.40 12.59
CA GLU J 46 54.01 19.02 11.34
C GLU J 46 55.22 18.20 11.61
N ASN J 47 55.75 17.50 10.62
CA ASN J 47 56.92 16.71 10.92
C ASN J 47 58.20 17.50 10.80
N SER J 48 58.10 18.63 10.13
CA SER J 48 59.17 19.54 9.79
C SER J 48 59.80 20.30 10.89
N LEU J 49 59.16 20.32 12.02
CA LEU J 49 59.66 20.93 13.22
C LEU J 49 60.43 19.72 13.69
N TYR J 50 60.95 19.72 14.89
CA TYR J 50 61.55 18.51 15.42
C TYR J 50 62.39 17.57 14.58
N ASP J 51 63.17 18.06 13.69
CA ASP J 51 64.07 17.09 13.07
C ASP J 51 65.26 18.01 13.27
N VAL J 52 66.31 17.46 13.87
CA VAL J 52 67.54 18.16 14.18
C VAL J 52 68.64 17.52 13.36
N GLU J 53 69.17 18.27 12.39
CA GLU J 53 70.22 17.78 11.51
C GLU J 53 71.31 18.83 11.41
N PHE J 54 72.51 18.49 11.87
CA PHE J 54 73.62 19.42 11.85
C PHE J 54 74.55 19.10 10.69
N ASP J 55 75.57 19.94 10.54
CA ASP J 55 76.54 19.83 9.46
C ASP J 55 77.92 20.11 10.04
N ALA J 56 78.84 19.17 9.93
CA ALA J 56 80.00 19.13 10.79
C ALA J 56 81.28 19.44 10.03
N LEU J 57 82.16 20.22 10.67
CA LEU J 57 83.53 20.40 10.21
C LEU J 57 84.41 19.49 11.06
N LEU J 58 85.03 18.53 10.40
CA LEU J 58 85.59 17.34 11.02
C LEU J 58 87.09 17.43 11.30
N GLY J 59 87.64 18.64 11.44
CA GLY J 59 89.08 18.72 11.57
C GLY J 59 89.97 19.11 10.41
N SER J 60 89.91 20.39 10.03
CA SER J 60 90.83 20.98 9.06
C SER J 60 92.29 20.65 9.33
N TYR J 61 93.11 20.66 8.23
CA TYR J 61 94.62 20.40 8.10
C TYR J 61 95.58 21.37 7.31
N CYS J 62 96.86 21.53 7.71
CA CYS J 62 97.80 22.41 7.01
C CYS J 62 99.17 21.75 6.88
N ASN J 63 99.85 21.90 5.75
CA ASN J 63 101.19 21.35 5.62
C ASN J 63 102.08 22.53 5.96
N THR J 64 103.39 22.31 6.03
CA THR J 64 104.27 23.42 6.32
C THR J 64 105.31 23.48 5.23
N LEU J 65 105.60 24.66 4.70
CA LEU J 65 106.63 24.75 3.70
C LEU J 65 107.89 24.40 4.46
N SER J 66 108.73 23.55 3.91
CA SER J 66 109.94 23.18 4.58
C SER J 66 110.86 24.26 4.10
N LEU J 67 111.71 24.83 4.95
CA LEU J 67 112.66 25.83 4.45
C LEU J 67 114.11 25.31 4.43
N VAL J 68 114.68 25.22 3.23
CA VAL J 68 116.04 24.74 3.00
C VAL J 68 117.02 25.87 2.98
N ARG J 69 118.31 25.63 3.30
CA ARG J 69 119.30 26.69 3.30
C ARG J 69 120.43 26.66 2.31
N PHE J 70 120.54 25.62 1.51
CA PHE J 70 121.63 25.54 0.55
C PHE J 70 122.99 25.18 1.12
N LEU J 71 123.55 25.94 2.05
CA LEU J 71 124.86 25.56 2.59
C LEU J 71 124.71 24.34 3.48
N GLU J 72 123.47 24.05 3.83
CA GLU J 72 123.15 22.88 4.61
C GLU J 72 122.89 21.74 3.66
N LEU J 73 123.05 22.06 2.39
CA LEU J 73 122.79 21.13 1.34
C LEU J 73 124.09 20.53 1.04
N GLY J 74 124.03 19.38 0.40
CA GLY J 74 125.23 18.71 -0.03
C GLY J 74 125.79 19.67 -1.02
N LEU J 75 124.91 20.32 -1.76
CA LEU J 75 125.36 21.26 -2.76
C LEU J 75 125.61 22.64 -2.19
N SER J 76 125.53 22.81 -0.88
CA SER J 76 125.68 24.13 -0.28
C SER J 76 127.06 24.73 -0.55
N VAL J 77 127.81 23.87 -1.21
CA VAL J 77 129.16 23.98 -1.66
C VAL J 77 128.91 24.30 -3.09
N ALA J 78 129.97 24.56 -3.85
CA ALA J 78 129.91 24.84 -5.27
C ALA J 78 129.71 26.27 -5.59
N CYS J 79 129.63 27.12 -4.58
CA CYS J 79 129.45 28.51 -4.84
C CYS J 79 129.90 29.21 -3.61
N VAL J 80 130.45 30.39 -3.78
CA VAL J 80 130.96 31.12 -2.67
C VAL J 80 130.14 32.37 -2.58
N CYS J 81 128.92 32.23 -2.12
CA CYS J 81 128.05 33.36 -1.99
C CYS J 81 128.48 34.24 -0.87
N THR J 82 128.63 35.50 -1.24
CA THR J 82 129.07 36.60 -0.42
C THR J 82 128.03 37.66 -0.62
N LYS J 83 127.60 38.31 0.44
CA LYS J 83 126.66 39.38 0.34
C LYS J 83 127.32 40.58 -0.26
N PHE J 84 126.61 41.37 -1.06
CA PHE J 84 127.23 42.56 -1.62
C PHE J 84 126.17 43.62 -1.74
N PRO J 85 126.26 44.64 -0.91
CA PRO J 85 125.33 45.78 -0.95
C PRO J 85 125.37 46.81 -2.10
N GLU J 86 126.53 47.33 -2.52
CA GLU J 86 126.53 48.30 -3.58
C GLU J 86 126.42 47.77 -4.95
N LEU J 87 126.11 46.53 -5.03
CA LEU J 87 125.95 45.90 -6.33
C LEU J 87 124.95 46.64 -7.23
N ALA J 88 124.06 47.39 -6.61
CA ALA J 88 123.13 48.15 -7.40
C ALA J 88 123.95 49.11 -8.17
N TYR J 89 124.90 49.72 -7.48
CA TYR J 89 125.82 50.68 -8.04
C TYR J 89 126.88 50.22 -8.98
N MET J 90 127.52 49.11 -8.69
CA MET J 90 128.61 48.65 -9.51
C MET J 90 128.13 48.46 -10.90
N ASN J 91 128.88 48.96 -11.86
CA ASN J 91 128.51 48.80 -13.24
C ASN J 91 129.74 48.28 -13.96
N GLU J 92 130.06 47.00 -13.68
CA GLU J 92 131.21 46.21 -14.18
C GLU J 92 132.20 45.80 -13.07
N GLY J 93 132.14 44.53 -12.73
CA GLY J 93 132.92 43.92 -11.68
C GLY J 93 133.67 42.96 -12.53
N ARG J 94 134.90 42.69 -12.17
CA ARG J 94 135.80 41.86 -12.92
C ARG J 94 136.42 40.97 -11.93
N VAL J 95 136.85 39.78 -12.34
CA VAL J 95 137.54 38.89 -11.43
C VAL J 95 138.80 38.56 -12.19
N GLN J 96 139.96 38.65 -11.57
CA GLN J 96 141.17 38.32 -12.31
C GLN J 96 141.87 37.13 -11.81
N PHE J 97 142.62 36.53 -12.70
CA PHE J 97 143.28 35.24 -12.52
C PHE J 97 144.70 35.30 -13.05
N GLU J 98 145.59 34.53 -12.42
CA GLU J 98 146.91 34.27 -12.98
C GLU J 98 147.30 32.84 -12.65
N VAL J 99 147.75 32.08 -13.64
CA VAL J 99 148.23 30.72 -13.40
C VAL J 99 149.59 30.55 -14.06
N HIS J 100 150.61 30.32 -13.23
CA HIS J 100 151.97 30.13 -13.68
C HIS J 100 152.20 28.63 -13.83
N GLN J 101 152.66 28.21 -15.01
CA GLN J 101 152.66 26.76 -15.18
C GLN J 101 154.06 26.21 -15.38
N PRO J 102 154.33 24.98 -14.92
CA PRO J 102 155.71 24.50 -14.79
C PRO J 102 156.37 24.12 -16.09
N LEU J 103 157.55 23.52 -15.96
CA LEU J 103 158.42 23.27 -17.10
C LEU J 103 159.26 22.03 -16.83
N ILE J 104 159.48 21.24 -17.86
CA ILE J 104 160.39 20.10 -17.81
C ILE J 104 161.58 20.41 -18.68
N ALA J 105 162.78 20.18 -18.17
CA ALA J 105 163.97 20.32 -18.99
C ALA J 105 164.00 19.20 -20.02
N ARG J 106 164.94 19.29 -20.94
CA ARG J 106 165.05 18.29 -22.00
C ARG J 106 166.37 18.40 -22.70
N ASP J 107 166.71 17.41 -23.51
CA ASP J 107 167.97 17.42 -24.24
C ASP J 107 167.74 17.09 -25.68
N GLY J 108 168.66 17.47 -26.56
CA GLY J 108 168.50 17.15 -27.96
C GLY J 108 167.99 18.19 -28.93
N PRO J 109 167.28 17.66 -30.00
CA PRO J 109 166.83 18.65 -30.99
C PRO J 109 165.83 19.71 -30.51
N HIS J 110 165.09 19.41 -29.45
CA HIS J 110 164.06 20.32 -28.96
C HIS J 110 164.60 21.72 -28.68
N PRO J 111 163.79 22.72 -29.03
CA PRO J 111 164.11 24.15 -28.90
C PRO J 111 163.78 24.77 -27.53
N VAL J 112 164.29 24.15 -26.47
CA VAL J 112 164.45 24.79 -25.16
C VAL J 112 163.25 25.63 -24.75
N GLU J 113 162.19 24.97 -24.30
CA GLU J 113 161.00 25.68 -23.83
C GLU J 113 161.33 26.57 -22.63
N GLN J 114 160.70 27.73 -22.59
CA GLN J 114 160.80 28.69 -21.50
C GLN J 114 159.57 28.61 -20.61
N PRO J 115 159.56 29.32 -19.49
CA PRO J 115 158.35 29.35 -18.68
C PRO J 115 157.29 30.23 -19.30
N VAL J 116 156.03 29.90 -19.04
CA VAL J 116 154.92 30.69 -19.55
C VAL J 116 153.99 31.05 -18.40
N HIS J 117 153.34 32.20 -18.54
CA HIS J 117 152.47 32.76 -17.53
C HIS J 117 151.26 33.33 -18.24
N ASN J 118 150.07 32.98 -17.76
CA ASN J 118 148.81 33.37 -18.39
C ASN J 118 148.09 34.34 -17.51
N TYR J 119 147.76 35.49 -18.05
CA TYR J 119 147.08 36.51 -17.32
C TYR J 119 145.76 36.67 -17.97
N MET J 120 144.73 36.36 -17.22
CA MET J 120 143.41 36.38 -17.75
C MET J 120 142.50 36.90 -16.70
N THR J 121 141.37 37.39 -17.14
CA THR J 121 140.29 37.97 -16.33
C THR J 121 138.95 37.43 -16.79
N LYS J 122 137.91 37.83 -16.07
CA LYS J 122 136.52 37.55 -16.44
C LYS J 122 135.70 38.76 -16.03
N VAL J 123 134.38 38.66 -16.17
CA VAL J 123 133.45 39.66 -15.66
C VAL J 123 132.27 38.94 -15.05
N ILE J 124 131.78 39.45 -13.93
CA ILE J 124 130.64 38.82 -13.29
C ILE J 124 129.43 38.92 -14.21
N ASP J 125 128.83 37.78 -14.51
CA ASP J 125 127.56 37.81 -15.20
C ASP J 125 126.53 38.44 -14.28
N ARG J 126 125.88 39.51 -14.72
CA ARG J 126 124.91 40.15 -13.86
C ARG J 126 123.59 39.45 -14.15
N ARG J 127 123.23 38.55 -13.26
CA ARG J 127 121.92 37.96 -13.23
C ARG J 127 121.19 38.53 -12.03
N ALA J 128 119.95 38.13 -11.89
CA ALA J 128 119.20 38.52 -10.71
C ALA J 128 118.18 37.43 -10.49
N LEU J 129 117.88 37.17 -9.23
CA LEU J 129 116.85 36.22 -8.90
C LEU J 129 115.59 36.99 -8.55
N ASN J 130 114.49 36.63 -9.21
CA ASN J 130 113.25 37.36 -9.07
C ASN J 130 112.18 36.45 -8.49
N ALA J 131 111.72 36.78 -7.30
CA ALA J 131 110.52 36.22 -6.73
C ALA J 131 109.67 37.36 -6.22
N ALA J 132 108.37 37.29 -6.45
CA ALA J 132 107.57 38.40 -6.06
C ALA J 132 106.33 37.86 -5.50
N PHE J 133 105.69 38.62 -4.64
CA PHE J 133 104.44 38.23 -4.06
C PHE J 133 103.60 39.49 -4.05
N SER J 134 102.30 39.38 -3.86
CA SER J 134 101.44 40.54 -3.85
C SER J 134 100.40 40.43 -2.78
N LEU J 135 99.88 41.57 -2.37
CA LEU J 135 98.86 41.67 -1.34
C LEU J 135 97.51 42.01 -1.93
N ALA J 136 96.42 41.55 -1.32
CA ALA J 136 95.09 41.89 -1.81
C ALA J 136 94.82 43.31 -1.34
N THR J 137 93.75 43.93 -1.81
CA THR J 137 93.50 45.31 -1.44
C THR J 137 92.76 45.42 -0.12
N GLU J 138 92.15 44.34 0.34
CA GLU J 138 91.55 44.33 1.66
C GLU J 138 92.61 44.18 2.74
N ALA J 139 93.70 43.49 2.45
CA ALA J 139 94.76 43.30 3.43
C ALA J 139 95.41 44.63 3.80
N ILE J 140 95.77 45.42 2.78
CA ILE J 140 96.32 46.75 3.00
C ILE J 140 95.47 47.52 3.99
N ALA J 141 94.15 47.44 3.84
CA ALA J 141 93.26 48.09 4.78
C ALA J 141 93.47 47.55 6.18
N LEU J 142 93.43 46.22 6.32
CA LEU J 142 93.59 45.61 7.64
C LEU J 142 94.97 45.85 8.20
N LEU J 143 95.96 45.78 7.33
CA LEU J 143 97.36 46.00 7.67
C LEU J 143 97.68 47.44 8.02
N THR J 144 96.95 48.36 7.44
CA THR J 144 97.15 49.76 7.73
C THR J 144 95.79 49.95 8.36
N GLY J 145 95.69 50.75 9.40
CA GLY J 145 94.41 50.86 10.06
C GLY J 145 93.51 51.78 9.31
N GLU J 146 93.43 51.56 8.01
CA GLU J 146 92.56 52.38 7.21
C GLU J 146 91.17 51.77 7.23
N ALA J 147 91.07 50.55 7.75
CA ALA J 147 89.81 49.86 7.87
C ALA J 147 89.72 49.31 9.29
N LEU J 148 89.53 50.16 10.27
CA LEU J 148 89.35 49.72 11.64
C LEU J 148 88.19 50.52 12.19
N ASP J 149 87.09 49.87 12.51
CA ASP J 149 86.00 50.51 13.20
C ASP J 149 86.02 50.20 14.68
N GLY J 150 87.02 49.45 15.13
CA GLY J 150 87.09 49.00 16.50
C GLY J 150 86.37 47.70 16.77
N THR J 151 85.46 47.28 15.91
CA THR J 151 84.73 46.05 16.19
C THR J 151 85.68 44.87 16.06
N GLY J 152 85.41 43.83 16.83
CA GLY J 152 86.30 42.69 16.85
C GLY J 152 86.41 42.03 15.50
N ILE J 153 85.38 42.18 14.66
CA ILE J 153 85.44 41.69 13.29
C ILE J 153 86.70 42.21 12.61
N SER J 154 86.93 43.52 12.70
CA SER J 154 88.11 44.10 12.09
C SER J 154 89.39 43.55 12.70
N LEU J 155 89.36 43.20 13.99
CA LEU J 155 90.55 42.60 14.59
C LEU J 155 90.90 41.27 13.95
N HIS J 156 89.99 40.30 14.01
CA HIS J 156 90.33 38.96 13.56
C HIS J 156 90.81 38.95 12.13
N ARG J 157 90.01 39.49 11.22
CA ARG J 157 90.42 39.50 9.83
C ARG J 157 91.72 40.27 9.61
N GLN J 158 92.11 41.12 10.55
CA GLN J 158 93.45 41.69 10.50
C GLN J 158 94.49 40.65 10.86
N LEU J 159 94.23 39.82 11.86
CA LEU J 159 95.11 38.69 12.11
C LEU J 159 95.31 37.86 10.86
N ARG J 160 94.22 37.44 10.21
CA ARG J 160 94.32 36.70 8.96
C ARG J 160 95.23 37.40 7.97
N ALA J 161 95.25 38.74 8.00
CA ALA J 161 96.11 39.48 7.08
C ALA J 161 97.57 39.35 7.48
N ILE J 162 97.90 39.77 8.70
CA ILE J 162 99.23 39.55 9.26
C ILE J 162 99.65 38.11 9.07
N GLN J 163 98.73 37.17 9.23
CA GLN J 163 99.06 35.77 9.00
C GLN J 163 99.47 35.53 7.55
N GLN J 164 98.61 35.84 6.60
CA GLN J 164 98.92 35.57 5.20
C GLN J 164 100.17 36.29 4.74
N LEU J 165 100.39 37.52 5.23
CA LEU J 165 101.61 38.23 4.88
C LEU J 165 102.84 37.48 5.35
N ALA J 166 102.86 37.09 6.62
CA ALA J 166 104.02 36.38 7.15
C ALA J 166 104.29 35.11 6.38
N ARG J 167 103.26 34.52 5.78
CA ARG J 167 103.43 33.26 5.10
C ARG J 167 104.04 33.43 3.71
N ASN J 168 103.69 34.50 3.00
CA ASN J 168 104.27 34.73 1.69
C ASN J 168 105.70 35.25 1.79
N VAL J 169 105.93 36.20 2.68
CA VAL J 169 107.28 36.69 2.93
C VAL J 169 108.18 35.53 3.30
N GLN J 170 107.69 34.66 4.15
CA GLN J 170 108.41 33.44 4.49
C GLN J 170 108.68 32.61 3.25
N ALA J 171 107.75 32.59 2.31
CA ALA J 171 107.86 31.73 1.15
C ALA J 171 108.81 32.28 0.10
N VAL J 172 108.84 33.61 -0.06
CA VAL J 172 109.67 34.17 -1.11
C VAL J 172 111.13 34.28 -0.68
N LEU J 173 111.40 34.45 0.61
CA LEU J 173 112.78 34.43 1.07
C LEU J 173 113.41 33.07 0.81
N GLY J 174 112.70 32.00 1.14
CA GLY J 174 113.18 30.67 0.82
C GLY J 174 113.28 30.40 -0.66
N ALA J 175 112.62 31.21 -1.48
CA ALA J 175 112.78 31.07 -2.92
C ALA J 175 114.17 31.46 -3.38
N PHE J 176 114.87 32.30 -2.61
CA PHE J 176 116.24 32.61 -2.95
C PHE J 176 117.22 31.57 -2.44
N GLU J 177 116.87 30.81 -1.42
CA GLU J 177 117.75 29.74 -0.98
C GLU J 177 117.66 28.56 -1.92
N ARG J 178 116.48 28.31 -2.49
CA ARG J 178 116.37 27.32 -3.55
C ARG J 178 116.78 27.88 -4.88
N GLY J 179 116.45 29.14 -5.14
CA GLY J 179 116.92 29.77 -6.35
C GLY J 179 118.40 29.56 -6.53
N THR J 180 119.16 29.86 -5.47
CA THR J 180 120.60 29.63 -5.45
C THR J 180 120.95 28.20 -5.87
N ALA J 181 120.49 27.22 -5.09
CA ALA J 181 120.81 25.84 -5.40
C ALA J 181 120.40 25.46 -6.81
N ASP J 182 119.19 25.85 -7.22
CA ASP J 182 118.83 25.66 -8.63
C ASP J 182 119.72 26.47 -9.53
N GLN J 183 119.89 27.75 -9.21
CA GLN J 183 120.77 28.61 -9.99
C GLN J 183 122.08 27.90 -10.24
N MET J 184 122.63 27.28 -9.20
CA MET J 184 123.88 26.55 -9.31
C MET J 184 123.78 25.50 -10.40
N LEU J 185 123.08 24.38 -10.16
CA LEU J 185 123.02 23.34 -11.18
C LEU J 185 122.72 23.95 -12.53
N HIS J 186 121.80 24.85 -12.67
CA HIS J 186 121.81 25.32 -14.02
C HIS J 186 123.08 25.97 -14.40
N VAL J 187 123.58 26.94 -13.62
CA VAL J 187 124.84 27.57 -14.01
C VAL J 187 125.85 26.44 -14.02
N LEU J 188 125.61 25.44 -13.21
CA LEU J 188 126.37 24.26 -13.26
C LEU J 188 125.98 23.60 -14.63
N LEU J 189 124.72 23.59 -15.02
CA LEU J 189 124.32 23.03 -16.31
C LEU J 189 124.83 23.88 -17.46
N GLU J 190 124.82 25.19 -17.35
CA GLU J 190 125.27 25.91 -18.50
C GLU J 190 126.73 25.60 -18.75
N LYS J 191 127.50 25.65 -17.68
CA LYS J 191 128.91 25.39 -17.71
C LYS J 191 129.31 24.01 -18.07
N ALA J 192 128.57 23.05 -17.56
CA ALA J 192 128.88 21.65 -17.70
C ALA J 192 128.80 20.98 -19.03
N PRO J 193 129.94 20.26 -19.39
CA PRO J 193 129.88 19.50 -20.65
C PRO J 193 129.53 18.06 -20.33
N PRO J 194 128.92 17.25 -21.18
CA PRO J 194 128.51 15.90 -20.83
C PRO J 194 129.70 15.09 -20.35
N LEU J 195 129.45 13.86 -19.87
CA LEU J 195 130.61 13.00 -19.67
C LEU J 195 131.10 12.45 -20.99
N ALA J 196 130.18 11.94 -21.80
CA ALA J 196 130.54 11.32 -23.07
C ALA J 196 131.50 12.19 -23.85
N LEU J 197 131.28 13.50 -23.84
CA LEU J 197 132.20 14.41 -24.51
C LEU J 197 133.39 14.75 -23.63
N LEU J 198 133.22 14.79 -22.31
CA LEU J 198 134.31 15.30 -21.47
C LEU J 198 135.40 14.26 -21.26
N LEU J 199 135.03 13.00 -21.06
CA LEU J 199 136.02 11.98 -20.77
C LEU J 199 137.06 11.85 -21.87
N PRO J 200 136.71 11.72 -23.15
CA PRO J 200 137.76 11.73 -24.17
C PRO J 200 138.45 13.07 -24.31
N MET J 201 137.72 14.17 -24.14
CA MET J 201 138.34 15.49 -24.23
C MET J 201 139.48 15.60 -23.23
N GLN J 202 139.15 15.51 -21.94
CA GLN J 202 140.16 15.59 -20.89
C GLN J 202 141.28 14.59 -21.09
N ARG J 203 141.04 13.50 -21.82
CA ARG J 203 142.07 12.50 -22.06
C ARG J 203 143.17 13.05 -22.95
N TYR J 204 142.80 13.78 -24.01
CA TYR J 204 143.80 14.49 -24.82
C TYR J 204 144.19 15.82 -24.19
N LEU J 205 143.20 16.52 -23.63
CA LEU J 205 143.43 17.88 -23.15
C LEU J 205 144.60 17.94 -22.17
N ASP J 206 144.76 16.90 -21.35
CA ASP J 206 145.87 16.89 -20.41
C ASP J 206 147.18 16.47 -21.06
N ASN J 207 147.10 15.61 -22.08
CA ASN J 207 148.27 15.22 -22.86
C ASN J 207 149.05 16.45 -23.32
N GLY J 208 148.34 17.49 -23.76
CA GLY J 208 148.97 18.71 -24.23
C GLY J 208 147.99 19.70 -24.79
N THR J 212 148.94 17.67 -34.82
CA THR J 212 147.87 18.12 -33.93
C THR J 212 146.58 18.25 -34.73
N ARG J 213 146.68 18.23 -36.06
CA ARG J 213 145.47 18.10 -36.85
C ARG J 213 145.00 16.65 -36.89
N VAL J 214 145.93 15.70 -36.77
CA VAL J 214 145.55 14.30 -36.66
C VAL J 214 144.92 14.03 -35.31
N ALA J 215 145.51 14.58 -34.25
CA ALA J 215 144.95 14.42 -32.91
C ALA J 215 143.54 14.99 -32.84
N ARG J 216 143.33 16.15 -33.44
CA ARG J 216 141.99 16.70 -33.51
C ARG J 216 141.06 15.76 -34.26
N ALA J 217 141.57 15.04 -35.26
CA ALA J 217 140.74 14.09 -35.99
C ALA J 217 140.52 12.82 -35.19
N THR J 218 141.59 12.26 -34.63
CA THR J 218 141.42 11.10 -33.77
C THR J 218 140.74 11.45 -32.45
N LEU J 219 140.78 12.71 -32.04
CA LEU J 219 139.92 13.13 -30.94
C LEU J 219 138.49 12.88 -31.34
N VAL J 220 137.97 13.67 -32.28
CA VAL J 220 136.56 13.67 -32.61
C VAL J 220 136.06 12.31 -33.04
N ALA J 221 136.95 11.37 -33.34
CA ALA J 221 136.50 10.04 -33.77
C ALA J 221 135.74 9.33 -32.65
N GLU J 222 136.29 9.35 -31.44
CA GLU J 222 135.57 8.70 -30.35
C GLU J 222 134.70 9.63 -29.51
N LEU J 223 134.76 10.94 -29.70
CA LEU J 223 133.66 11.75 -29.19
C LEU J 223 132.35 11.22 -29.73
N LYS J 224 132.31 10.96 -31.04
CA LYS J 224 131.18 10.24 -31.62
C LYS J 224 130.97 8.90 -30.93
N ARG J 225 132.05 8.16 -30.72
CA ARG J 225 131.92 6.81 -30.20
C ARG J 225 131.65 6.81 -28.71
N SER J 226 132.36 7.64 -27.95
CA SER J 226 132.07 7.72 -26.52
C SER J 226 130.68 8.24 -26.27
N PHE J 227 130.13 9.00 -27.21
CA PHE J 227 128.78 9.49 -26.99
C PHE J 227 127.75 8.40 -27.23
N CYS J 228 127.84 7.70 -28.35
CA CYS J 228 126.92 6.58 -28.55
C CYS J 228 127.08 5.55 -27.45
N ASP J 229 128.31 5.28 -27.05
CA ASP J 229 128.54 4.22 -26.06
C ASP J 229 128.25 4.71 -24.66
N THR J 230 129.16 5.48 -24.07
CA THR J 230 128.91 5.87 -22.70
C THR J 230 128.02 7.08 -22.50
N SER J 231 126.81 6.98 -22.99
CA SER J 231 125.81 8.02 -22.81
C SER J 231 124.74 7.06 -22.41
N PHE J 232 123.86 7.44 -21.50
CA PHE J 232 122.84 6.49 -21.04
C PHE J 232 123.51 5.32 -20.36
N PHE J 233 124.58 5.59 -19.61
CA PHE J 233 125.24 4.54 -19.01
C PHE J 233 124.56 4.21 -17.74
N LEU J 234 124.62 2.92 -17.48
CA LEU J 234 124.04 2.28 -16.36
C LEU J 234 122.66 1.98 -16.68
N GLY J 235 122.21 2.28 -17.87
CA GLY J 235 120.85 1.99 -18.24
C GLY J 235 121.33 0.94 -19.19
N LYS J 236 122.33 1.32 -19.95
CA LYS J 236 122.93 0.41 -20.86
C LYS J 236 123.56 -0.65 -19.99
N ALA J 237 124.21 -0.19 -18.90
CA ALA J 237 125.01 -1.00 -17.99
C ALA J 237 124.51 -1.31 -16.58
N GLY J 238 123.31 -1.85 -16.42
CA GLY J 238 122.78 -2.04 -15.10
C GLY J 238 123.24 -3.33 -14.46
N HIS J 239 123.06 -4.42 -15.22
CA HIS J 239 123.47 -5.72 -14.74
C HIS J 239 124.95 -5.73 -14.51
N ARG J 240 125.67 -5.03 -15.36
CA ARG J 240 127.01 -4.61 -15.03
C ARG J 240 126.94 -3.81 -13.74
N ARG J 241 127.65 -4.28 -12.72
CA ARG J 241 127.61 -3.65 -11.42
C ARG J 241 128.85 -2.82 -11.16
N GLU J 242 130.01 -3.46 -11.17
CA GLU J 242 131.26 -2.72 -11.06
C GLU J 242 131.50 -1.82 -12.26
N ALA J 243 130.80 -2.04 -13.38
CA ALA J 243 130.93 -1.12 -14.49
C ALA J 243 130.31 0.22 -14.19
N ILE J 244 129.39 0.29 -13.24
CA ILE J 244 128.85 1.57 -12.82
C ILE J 244 129.78 2.25 -11.84
N GLU J 245 130.33 1.49 -10.91
CA GLU J 245 131.30 2.05 -9.97
C GLU J 245 132.35 2.84 -10.70
N ALA J 246 132.79 2.35 -11.86
CA ALA J 246 133.79 3.07 -12.64
C ALA J 246 133.20 4.29 -13.30
N TRP J 247 131.98 4.19 -13.82
CA TRP J 247 131.34 5.36 -14.41
C TRP J 247 131.02 6.39 -13.36
N LEU J 248 130.85 5.96 -12.13
CA LEU J 248 130.52 6.90 -11.09
C LEU J 248 131.76 7.61 -10.58
N VAL J 249 132.92 6.96 -10.64
CA VAL J 249 134.14 7.61 -10.19
C VAL J 249 134.73 8.52 -11.27
N ASP J 250 134.68 8.12 -12.54
CA ASP J 250 135.21 9.02 -13.55
C ASP J 250 134.29 10.22 -13.74
N LEU J 251 132.99 10.03 -13.53
CA LEU J 251 132.09 11.13 -13.30
C LEU J 251 132.66 12.08 -12.26
N THR J 252 132.87 11.55 -11.06
CA THR J 252 133.36 12.37 -9.96
C THR J 252 134.71 12.97 -10.27
N THR J 253 135.57 12.25 -10.98
CA THR J 253 136.93 12.70 -11.21
C THR J 253 137.14 13.40 -12.55
N ALA J 254 136.10 13.57 -13.36
CA ALA J 254 136.30 14.16 -14.67
C ALA J 254 136.66 15.63 -14.61
N THR J 255 136.49 16.27 -13.46
CA THR J 255 136.61 17.71 -13.35
C THR J 255 137.92 18.10 -12.67
N GLN J 256 138.12 19.40 -12.52
CA GLN J 256 139.27 19.97 -11.86
C GLN J 256 138.82 20.77 -10.65
N PRO J 257 139.61 20.80 -9.58
CA PRO J 257 139.27 21.66 -8.45
C PRO J 257 139.26 23.12 -8.88
N SER J 258 138.85 23.98 -7.97
CA SER J 258 138.58 25.34 -8.41
C SER J 258 139.50 26.35 -7.75
N VAL J 259 139.18 26.70 -6.51
CA VAL J 259 139.89 27.72 -5.75
C VAL J 259 139.81 27.31 -4.29
N ALA J 260 140.88 27.56 -3.54
CA ALA J 260 140.83 27.27 -2.12
C ALA J 260 140.09 28.38 -1.42
N VAL J 261 138.94 28.05 -0.83
CA VAL J 261 138.15 28.99 -0.05
C VAL J 261 138.09 28.48 1.37
N PRO J 262 138.81 29.11 2.31
CA PRO J 262 138.73 28.64 3.70
C PRO J 262 137.40 28.93 4.34
N ARG J 263 136.69 29.97 3.90
CA ARG J 263 135.43 30.32 4.54
C ARG J 263 134.39 29.25 4.35
N LEU J 264 134.52 28.42 3.31
CA LEU J 264 133.56 27.35 3.01
C LEU J 264 134.00 26.04 3.62
N THR J 265 133.31 25.55 4.65
CA THR J 265 133.73 24.32 5.32
C THR J 265 132.65 23.27 5.46
N HIS J 266 132.32 22.62 4.37
CA HIS J 266 131.30 21.60 4.40
C HIS J 266 132.11 20.42 4.64
N ALA J 267 132.16 20.04 5.90
CA ALA J 267 133.00 18.98 6.35
C ALA J 267 132.25 17.75 6.67
N ASP J 268 131.09 17.54 6.13
CA ASP J 268 130.69 16.28 6.70
C ASP J 268 130.46 16.18 8.22
N THR J 269 131.17 15.20 8.79
CA THR J 269 131.17 14.81 10.17
C THR J 269 132.52 14.17 10.33
N ARG J 270 132.98 14.05 11.57
CA ARG J 270 134.27 13.47 11.79
C ARG J 270 135.30 14.44 11.22
N GLY J 271 134.85 15.60 10.75
CA GLY J 271 135.70 16.62 10.20
C GLY J 271 136.16 16.29 8.80
N ARG J 272 135.68 15.20 8.23
CA ARG J 272 136.12 14.84 6.89
C ARG J 272 135.70 15.99 6.02
N PRO J 273 136.56 16.41 5.02
CA PRO J 273 136.08 17.56 4.26
C PRO J 273 135.45 17.14 2.95
N VAL J 274 134.21 17.55 2.79
CA VAL J 274 133.47 17.20 1.57
C VAL J 274 133.90 18.13 0.45
N ASP J 275 134.44 17.54 -0.60
CA ASP J 275 134.90 18.17 -1.85
C ASP J 275 133.94 18.68 -2.93
N GLY J 276 132.98 17.85 -3.34
CA GLY J 276 132.02 18.19 -4.39
C GLY J 276 130.61 17.73 -4.14
N VAL J 277 129.65 18.16 -4.93
CA VAL J 277 128.26 17.74 -4.78
C VAL J 277 127.88 16.94 -5.98
N LEU J 278 127.49 15.70 -5.78
CA LEU J 278 127.18 14.82 -6.87
C LEU J 278 125.75 14.76 -6.97
N VAL J 279 125.26 15.23 -8.07
CA VAL J 279 123.87 15.31 -8.26
C VAL J 279 123.53 14.21 -9.20
N THR J 280 122.56 13.39 -8.84
CA THR J 280 122.09 12.34 -9.70
C THR J 280 120.63 12.49 -9.48
N THR J 281 119.82 12.01 -10.39
CA THR J 281 118.36 12.04 -10.24
C THR J 281 118.15 11.07 -9.12
N ALA J 282 116.97 10.99 -8.57
CA ALA J 282 116.71 10.08 -7.46
C ALA J 282 116.83 8.62 -7.77
N ALA J 283 116.39 8.18 -8.95
CA ALA J 283 116.48 6.76 -9.26
C ALA J 283 117.92 6.35 -9.30
N ILE J 284 118.76 7.13 -9.94
CA ILE J 284 120.16 6.86 -10.07
C ILE J 284 120.87 6.81 -8.76
N LYS J 285 120.51 7.65 -7.81
CA LYS J 285 121.04 7.64 -6.46
C LYS J 285 120.65 6.36 -5.75
N GLN J 286 119.37 6.04 -5.73
CA GLN J 286 118.90 4.83 -5.07
C GLN J 286 119.47 3.59 -5.72
N ARG J 287 119.46 3.53 -7.05
CA ARG J 287 119.99 2.36 -7.73
C ARG J 287 121.48 2.21 -7.48
N LEU J 288 122.21 3.30 -7.47
CA LEU J 288 123.62 3.26 -7.12
C LEU J 288 123.81 2.80 -5.68
N LEU J 289 123.00 3.33 -4.78
CA LEU J 289 123.21 3.07 -3.36
C LEU J 289 122.65 1.71 -2.97
N GLN J 290 121.48 1.33 -3.49
CA GLN J 290 120.83 0.10 -3.05
C GLN J 290 121.57 -1.13 -3.53
N SER J 291 122.36 -1.01 -4.58
CA SER J 291 122.99 -2.18 -5.16
C SER J 291 124.47 -1.99 -5.37
N PHE J 292 124.82 -1.09 -6.28
CA PHE J 292 126.19 -0.93 -6.71
C PHE J 292 127.12 -0.59 -5.55
N LEU J 293 127.06 0.62 -5.05
CA LEU J 293 127.96 1.06 -3.98
C LEU J 293 127.11 1.43 -2.77
N LYS J 294 127.25 0.68 -1.69
CA LYS J 294 126.69 1.08 -0.42
C LYS J 294 127.84 1.68 0.39
N VAL J 295 127.83 3.00 0.50
CA VAL J 295 128.84 3.70 1.27
C VAL J 295 128.10 4.45 2.35
N GLU J 296 127.43 5.53 1.94
CA GLU J 296 126.44 6.18 2.78
C GLU J 296 127.03 6.60 4.11
N ASP J 297 128.36 6.55 4.13
CA ASP J 297 129.12 6.85 5.31
C ASP J 297 128.72 8.18 5.83
N THR J 298 128.36 8.20 7.08
CA THR J 298 127.98 9.41 7.72
C THR J 298 126.84 10.26 7.24
N GLU J 299 125.61 9.84 7.52
CA GLU J 299 124.49 10.67 7.20
C GLU J 299 124.92 12.15 7.31
N ALA J 300 125.56 12.46 8.44
CA ALA J 300 126.03 13.79 8.83
C ALA J 300 127.33 14.41 8.25
N ASP J 301 127.47 15.72 8.42
CA ASP J 301 128.67 16.35 7.97
C ASP J 301 128.52 17.74 8.53
N VAL J 302 129.61 18.47 8.66
CA VAL J 302 129.60 19.83 9.17
C VAL J 302 129.79 20.78 7.99
N PRO J 303 128.80 21.62 7.69
CA PRO J 303 128.88 22.63 6.67
C PRO J 303 129.05 23.99 7.35
N VAL J 304 128.97 25.10 6.63
CA VAL J 304 129.16 26.38 7.26
C VAL J 304 128.33 27.52 6.74
N THR J 305 128.35 28.61 7.47
CA THR J 305 127.67 29.86 7.12
C THR J 305 128.28 30.85 6.08
N TYR J 306 127.40 31.64 5.46
CA TYR J 306 127.69 32.68 4.42
C TYR J 306 128.63 33.87 4.67
N GLY J 307 129.47 34.16 3.68
CA GLY J 307 130.45 35.22 3.70
C GLY J 307 129.76 36.47 3.26
N GLU J 308 130.19 37.59 3.79
CA GLU J 308 129.57 38.84 3.46
C GLU J 308 130.65 39.77 3.14
N MET J 309 130.28 40.79 2.40
CA MET J 309 131.26 41.81 2.04
C MET J 309 130.59 43.19 2.04
N VAL J 310 131.33 44.23 2.42
CA VAL J 310 130.81 45.59 2.53
C VAL J 310 131.89 46.58 2.12
N LEU J 311 131.47 47.74 1.59
CA LEU J 311 132.38 48.85 1.31
C LEU J 311 132.26 49.90 2.40
N ASN J 312 133.25 49.94 3.29
CA ASN J 312 133.47 51.12 4.11
C ASN J 312 134.97 51.28 4.29
N GLY J 313 135.48 52.45 3.94
CA GLY J 313 136.92 52.57 4.00
C GLY J 313 137.44 53.43 2.88
N ALA J 314 138.69 53.19 2.50
CA ALA J 314 139.18 53.68 1.23
C ALA J 314 138.28 53.29 0.09
N ASN J 315 137.57 52.16 0.22
CA ASN J 315 136.61 51.77 -0.80
C ASN J 315 135.54 52.83 -1.00
N LEU J 316 134.98 53.34 0.10
CA LEU J 316 134.05 54.43 -0.05
C LEU J 316 134.69 55.59 -0.79
N VAL J 317 135.92 55.92 -0.45
CA VAL J 317 136.54 57.10 -1.03
C VAL J 317 136.74 56.92 -2.53
N THR J 318 137.24 55.75 -2.95
CA THR J 318 137.50 55.57 -4.37
C THR J 318 136.22 55.31 -5.14
N ALA J 319 135.31 54.52 -4.59
CA ALA J 319 134.02 54.32 -5.24
C ALA J 319 133.32 55.64 -5.46
N LEU J 320 133.44 56.56 -4.49
CA LEU J 320 132.88 57.89 -4.65
C LEU J 320 133.75 58.75 -5.55
N VAL J 321 134.99 59.00 -5.14
CA VAL J 321 135.82 59.95 -5.86
C VAL J 321 136.24 59.41 -7.22
N MET J 322 136.85 58.24 -7.25
CA MET J 322 137.39 57.71 -8.49
C MET J 322 136.42 56.80 -9.22
N GLY J 323 135.32 56.39 -8.59
CA GLY J 323 134.41 55.47 -9.24
C GLY J 323 134.98 54.10 -9.45
N LYS J 324 135.85 53.65 -8.56
CA LYS J 324 136.48 52.34 -8.68
C LYS J 324 136.61 51.73 -7.29
N ALA J 325 136.66 50.41 -7.25
CA ALA J 325 136.77 49.71 -5.98
C ALA J 325 137.49 48.38 -6.19
N VAL J 326 138.21 47.95 -5.17
CA VAL J 326 138.92 46.67 -5.23
C VAL J 326 138.57 45.92 -3.98
N ARG J 327 138.46 44.61 -4.04
CA ARG J 327 138.11 43.86 -2.87
C ARG J 327 139.24 43.84 -1.87
N SER J 328 138.94 44.10 -0.61
CA SER J 328 139.98 44.08 0.41
C SER J 328 141.15 44.96 0.03
N LEU J 329 140.87 46.16 -0.45
CA LEU J 329 141.88 47.10 -0.85
C LEU J 329 142.73 47.56 0.29
N ASP J 330 142.21 47.45 1.50
CA ASP J 330 142.98 47.88 2.67
C ASP J 330 144.22 47.03 2.83
N ASP J 331 144.11 45.72 2.66
CA ASP J 331 145.28 44.84 2.67
C ASP J 331 146.06 44.95 1.38
N VAL J 332 145.37 44.83 0.24
CA VAL J 332 146.04 44.96 -1.04
C VAL J 332 146.90 46.21 -1.07
N GLY J 333 146.36 47.33 -0.59
CA GLY J 333 147.17 48.51 -0.45
C GLY J 333 148.25 48.33 0.59
N ARG J 334 147.85 47.98 1.82
CA ARG J 334 148.79 47.88 2.93
C ARG J 334 150.01 47.04 2.57
N HIS J 335 149.80 45.94 1.87
CA HIS J 335 150.93 45.13 1.43
C HIS J 335 151.78 45.88 0.41
N LEU J 336 151.16 46.53 -0.56
CA LEU J 336 151.92 47.29 -1.55
C LEU J 336 152.74 48.39 -0.88
N LEU J 337 152.11 49.15 0.01
CA LEU J 337 152.87 50.12 0.80
C LEU J 337 154.00 49.44 1.56
N ASP J 338 153.69 48.33 2.24
CA ASP J 338 154.73 47.56 2.93
C ASP J 338 155.77 47.06 1.94
N MET J 339 155.32 46.69 0.74
CA MET J 339 156.24 46.17 -0.27
C MET J 339 157.28 47.21 -0.67
N GLN J 340 157.00 48.49 -0.45
CA GLN J 340 158.03 49.54 -0.57
C GLN J 340 158.44 49.90 0.85
N GLU J 341 159.55 49.31 1.30
CA GLU J 341 160.00 49.30 2.69
C GLU J 341 161.24 48.44 2.80
N GLU J 342 161.81 48.33 3.99
CA GLU J 342 162.84 47.34 4.26
C GLU J 342 162.41 46.43 5.40
N ASN J 347 157.67 37.51 -4.86
CA ASN J 347 157.32 36.11 -5.11
C ASN J 347 156.80 35.46 -3.83
N ARG J 348 156.35 34.21 -3.96
CA ARG J 348 155.87 33.40 -2.84
C ARG J 348 154.74 34.10 -2.10
N GLU J 349 153.65 34.23 -2.84
CA GLU J 349 152.43 34.83 -2.36
C GLU J 349 151.67 33.72 -1.69
N THR J 350 152.15 33.30 -0.54
CA THR J 350 151.51 32.22 0.20
C THR J 350 150.64 32.73 1.34
N LEU J 351 150.55 34.06 1.49
CA LEU J 351 149.76 34.62 2.56
C LEU J 351 148.29 34.26 2.43
N ASP J 352 147.74 34.37 1.23
CA ASP J 352 146.34 34.03 1.00
C ASP J 352 145.45 34.80 2.00
N GLU J 353 144.54 34.11 2.71
CA GLU J 353 143.67 34.81 3.68
C GLU J 353 143.20 34.03 4.92
N LEU J 354 142.97 34.75 6.04
CA LEU J 354 142.47 34.17 7.30
C LEU J 354 141.74 35.19 8.20
N GLU J 355 140.72 34.68 8.89
CA GLU J 355 139.91 35.42 9.85
C GLU J 355 139.50 34.12 10.53
N SER J 356 138.50 34.18 11.40
CA SER J 356 137.96 33.01 12.07
C SER J 356 136.99 32.18 11.26
N ALA J 357 137.10 30.85 11.33
CA ALA J 357 136.21 30.03 10.54
C ALA J 357 134.76 30.25 10.96
N PRO J 358 133.89 30.45 9.98
CA PRO J 358 132.47 30.67 10.27
C PRO J 358 131.97 29.74 11.36
N GLN J 359 130.71 29.90 11.75
CA GLN J 359 130.08 28.96 12.67
C GLN J 359 129.61 27.75 11.88
N THR J 360 130.08 26.58 12.27
CA THR J 360 129.87 25.36 11.50
C THR J 360 129.14 24.33 12.33
N THR J 361 128.02 23.85 11.82
CA THR J 361 127.19 22.85 12.45
C THR J 361 127.10 21.64 11.54
N ARG J 362 126.71 20.50 12.11
CA ARG J 362 126.48 19.33 11.29
C ARG J 362 125.20 19.48 10.49
N VAL J 363 124.89 18.43 9.74
CA VAL J 363 123.61 18.32 9.04
C VAL J 363 123.59 16.95 8.41
N ARG J 364 122.40 16.45 8.13
CA ARG J 364 122.30 15.12 7.56
C ARG J 364 122.55 15.21 6.08
N ALA J 365 123.62 14.58 5.63
CA ALA J 365 123.95 14.52 4.22
C ALA J 365 124.27 13.07 3.94
N ASP J 366 123.56 12.50 2.97
CA ASP J 366 123.94 11.17 2.55
C ASP J 366 125.29 11.29 1.87
N LEU J 367 126.28 10.62 2.43
CA LEU J 367 127.67 10.89 2.10
C LEU J 367 128.28 9.62 1.59
N VAL J 368 128.69 9.64 0.34
CA VAL J 368 129.39 8.52 -0.24
C VAL J 368 130.82 8.92 -0.48
N ALA J 369 131.71 7.95 -0.30
CA ALA J 369 133.02 8.02 -0.90
C ALA J 369 132.86 7.35 -2.25
N ILE J 370 132.94 8.15 -3.31
CA ILE J 370 132.96 7.62 -4.66
C ILE J 370 134.41 7.64 -5.09
N GLY J 371 135.02 6.46 -5.15
CA GLY J 371 136.45 6.43 -5.22
C GLY J 371 136.99 7.04 -3.95
N ASP J 372 137.80 8.07 -4.08
CA ASP J 372 138.34 8.72 -2.89
C ASP J 372 137.34 9.70 -2.30
N ARG J 373 136.95 10.70 -3.08
CA ARG J 373 136.22 11.85 -2.58
C ARG J 373 135.02 11.45 -1.74
N LEU J 374 134.77 12.29 -0.75
CA LEU J 374 133.57 12.24 0.00
C LEU J 374 132.61 13.21 -0.71
N VAL J 375 132.10 12.85 -1.87
CA VAL J 375 131.15 13.69 -2.58
C VAL J 375 129.96 13.34 -1.78
N PHE J 376 128.86 14.04 -1.97
CA PHE J 376 127.65 13.65 -1.33
C PHE J 376 126.87 13.11 -2.49
N LEU J 377 126.41 11.86 -2.52
CA LEU J 377 125.61 11.41 -3.65
C LEU J 377 124.33 12.18 -3.34
N GLU J 378 123.57 12.64 -4.35
CA GLU J 378 122.35 13.40 -4.01
C GLU J 378 121.21 13.42 -5.00
N ALA J 379 119.99 13.52 -4.50
CA ALA J 379 118.78 13.75 -5.25
C ALA J 379 118.13 14.93 -4.56
N LEU J 380 118.22 16.10 -5.19
CA LEU J 380 117.69 17.29 -4.57
C LEU J 380 116.31 17.67 -5.09
N GLU J 381 115.67 16.81 -5.89
CA GLU J 381 114.26 17.06 -6.18
C GLU J 381 113.51 17.23 -4.88
N LYS J 382 113.33 16.13 -4.14
CA LYS J 382 112.53 16.17 -2.93
C LYS J 382 112.87 17.37 -2.07
N ARG J 383 114.15 17.67 -1.94
CA ARG J 383 114.53 18.87 -1.21
C ARG J 383 113.95 20.12 -1.85
N ILE J 384 114.53 20.56 -2.97
CA ILE J 384 114.20 21.87 -3.51
C ILE J 384 113.31 21.83 -4.74
N TYR J 385 112.99 20.66 -5.28
CA TYR J 385 111.93 20.57 -6.29
C TYR J 385 110.82 19.69 -5.74
N ALA J 386 109.72 20.29 -5.31
CA ALA J 386 108.64 19.41 -4.90
C ALA J 386 107.34 19.89 -5.51
N ALA J 387 106.80 20.97 -4.96
CA ALA J 387 105.62 21.61 -5.47
C ALA J 387 105.95 22.81 -6.34
N THR J 388 107.23 23.02 -6.63
CA THR J 388 107.67 24.22 -7.30
C THR J 388 107.28 24.25 -8.78
N ASN J 389 106.92 23.12 -9.36
CA ASN J 389 106.59 23.02 -10.78
C ASN J 389 107.72 23.56 -11.64
N VAL J 390 108.94 23.43 -11.16
CA VAL J 390 110.13 23.81 -11.89
C VAL J 390 110.81 22.54 -12.36
N PRO J 391 111.12 22.40 -13.64
CA PRO J 391 111.76 21.17 -14.11
C PRO J 391 113.11 20.96 -13.45
N TYR J 392 113.45 19.72 -13.14
CA TYR J 392 114.72 19.38 -12.52
C TYR J 392 115.80 19.42 -13.56
N PRO J 393 116.98 20.08 -13.24
CA PRO J 393 117.99 20.10 -14.29
C PRO J 393 118.60 18.78 -14.72
N LEU J 394 118.78 17.84 -13.82
CA LEU J 394 119.43 16.59 -14.16
C LEU J 394 118.74 15.61 -15.07
N VAL J 395 117.48 15.81 -15.36
CA VAL J 395 116.80 14.95 -16.29
C VAL J 395 117.21 15.63 -17.59
N GLY J 396 117.83 14.87 -18.48
CA GLY J 396 118.45 15.41 -19.65
C GLY J 396 117.52 15.33 -20.81
N ALA J 397 118.04 15.75 -21.93
CA ALA J 397 117.40 15.51 -23.19
C ALA J 397 118.51 15.35 -24.18
N MET J 398 118.36 14.42 -25.10
CA MET J 398 119.28 14.35 -26.20
C MET J 398 118.53 14.56 -27.48
N ASP J 399 119.32 14.47 -28.53
CA ASP J 399 118.84 14.48 -29.80
C ASP J 399 119.67 13.40 -30.37
N LEU J 400 119.05 12.57 -31.17
CA LEU J 400 119.76 11.56 -31.87
C LEU J 400 118.82 11.71 -33.03
N THR J 401 119.29 11.54 -34.24
CA THR J 401 118.45 11.69 -35.40
C THR J 401 118.90 10.62 -36.33
N PHE J 402 117.98 10.20 -37.17
CA PHE J 402 118.25 9.14 -38.10
C PHE J 402 117.77 9.46 -39.52
N VAL J 403 118.40 8.73 -40.40
CA VAL J 403 118.21 8.80 -41.77
C VAL J 403 118.05 7.34 -41.92
N LEU J 404 117.38 6.95 -42.98
CA LEU J 404 117.16 5.56 -43.30
C LEU J 404 117.01 5.66 -44.74
N PRO J 405 117.43 4.65 -45.40
CA PRO J 405 117.27 4.66 -46.85
C PRO J 405 115.92 4.17 -47.32
N LEU J 406 115.47 4.69 -48.45
CA LEU J 406 114.33 4.11 -49.16
C LEU J 406 114.64 4.04 -50.63
N GLY J 407 114.02 3.09 -51.29
CA GLY J 407 114.11 3.03 -52.73
C GLY J 407 115.49 2.76 -53.20
N LEU J 408 116.44 2.76 -52.28
CA LEU J 408 117.79 2.49 -52.65
C LEU J 408 117.89 1.02 -52.99
N PHE J 409 119.07 0.63 -53.43
CA PHE J 409 119.13 -0.59 -54.18
C PHE J 409 120.39 -1.35 -53.81
N ASN J 410 120.21 -2.62 -53.44
CA ASN J 410 121.34 -3.41 -53.01
C ASN J 410 122.46 -3.38 -54.04
N PRO J 411 123.70 -3.20 -53.62
CA PRO J 411 124.83 -3.33 -54.56
C PRO J 411 124.85 -4.72 -55.16
N ALA J 412 125.58 -4.83 -56.27
CA ALA J 412 125.63 -6.08 -57.02
C ALA J 412 125.94 -7.28 -56.14
N MET J 413 126.76 -7.07 -55.11
CA MET J 413 127.22 -8.17 -54.28
C MET J 413 126.33 -8.42 -53.07
N GLU J 414 125.39 -7.52 -52.78
CA GLU J 414 124.48 -7.69 -51.66
C GLU J 414 123.12 -8.24 -52.08
N ARG J 415 122.95 -8.64 -53.33
CA ARG J 415 121.67 -9.10 -53.83
C ARG J 415 121.43 -10.58 -53.67
N PHE J 416 122.11 -11.30 -52.81
CA PHE J 416 121.82 -12.71 -52.70
C PHE J 416 120.69 -13.02 -51.75
N ALA J 417 120.59 -14.27 -51.35
CA ALA J 417 119.65 -14.80 -50.40
C ALA J 417 120.49 -15.56 -49.47
N ALA J 418 120.17 -15.55 -48.20
CA ALA J 418 121.01 -16.22 -47.22
C ALA J 418 121.16 -17.68 -47.50
N HIS J 419 120.08 -18.38 -47.75
CA HIS J 419 120.14 -19.79 -48.09
C HIS J 419 119.38 -20.00 -49.35
N ALA J 420 119.89 -20.84 -50.23
CA ALA J 420 119.21 -20.94 -51.51
C ALA J 420 117.77 -21.27 -51.23
N GLY J 421 117.50 -22.51 -50.81
CA GLY J 421 116.20 -22.73 -50.26
C GLY J 421 116.16 -22.01 -48.94
N ASP J 422 115.36 -20.96 -48.87
CA ASP J 422 114.92 -20.30 -47.66
C ASP J 422 114.15 -19.10 -48.15
N LEU J 423 113.26 -18.55 -47.34
CA LEU J 423 112.51 -17.41 -47.80
C LEU J 423 111.95 -17.72 -49.19
N VAL J 424 111.57 -18.98 -49.37
CA VAL J 424 111.14 -19.54 -50.64
C VAL J 424 109.63 -19.45 -50.76
N PRO J 425 109.09 -18.94 -51.85
CA PRO J 425 107.63 -18.92 -52.03
C PRO J 425 107.12 -20.31 -52.35
N ALA J 426 105.80 -20.47 -52.23
CA ALA J 426 105.17 -21.72 -52.61
C ALA J 426 105.60 -22.02 -54.04
N PRO J 427 105.66 -23.30 -54.36
CA PRO J 427 106.16 -23.84 -55.61
C PRO J 427 106.21 -23.21 -56.96
N GLY J 428 105.12 -22.72 -57.52
CA GLY J 428 105.24 -22.18 -58.86
C GLY J 428 104.91 -20.75 -58.59
N HIS J 429 105.78 -20.04 -57.87
CA HIS J 429 105.48 -18.66 -57.51
C HIS J 429 106.48 -17.57 -57.81
N PRO J 430 105.91 -16.31 -57.96
CA PRO J 430 106.87 -15.26 -58.28
C PRO J 430 107.85 -15.07 -57.16
N GLU J 431 109.10 -14.71 -57.44
CA GLU J 431 110.03 -14.58 -56.35
C GLU J 431 110.16 -13.12 -56.06
N PRO J 432 109.40 -12.67 -55.00
CA PRO J 432 109.51 -11.24 -54.73
C PRO J 432 110.83 -10.67 -54.31
N ARG J 433 111.62 -11.40 -53.55
CA ARG J 433 112.83 -10.96 -52.99
C ARG J 433 113.75 -10.82 -54.09
N ALA J 434 113.25 -11.08 -55.30
CA ALA J 434 114.24 -10.86 -56.33
C ALA J 434 114.19 -9.48 -56.96
N PHE J 435 113.20 -8.66 -56.66
CA PHE J 435 113.08 -7.42 -57.39
C PHE J 435 113.11 -6.22 -56.44
N PRO J 436 113.41 -5.11 -57.02
CA PRO J 436 113.73 -3.92 -56.26
C PRO J 436 112.83 -3.68 -55.09
N PRO J 437 113.57 -3.41 -53.96
CA PRO J 437 112.78 -3.19 -52.78
C PRO J 437 112.71 -1.72 -52.60
N ARG J 438 111.50 -1.25 -52.55
CA ARG J 438 111.25 0.14 -52.42
C ARG J 438 110.67 0.40 -51.09
N GLN J 439 110.84 -0.52 -50.17
CA GLN J 439 110.29 -0.39 -48.86
C GLN J 439 111.32 -0.56 -47.89
N LEU J 440 110.93 -0.31 -46.65
CA LEU J 440 111.84 -0.48 -45.54
C LEU J 440 111.01 -0.81 -44.31
N PHE J 441 111.55 -1.64 -43.44
CA PHE J 441 110.82 -2.08 -42.26
C PHE J 441 111.68 -1.85 -41.04
N PHE J 442 111.09 -1.35 -39.97
CA PHE J 442 111.84 -1.07 -38.76
C PHE J 442 110.89 -1.02 -37.59
N TRP J 443 111.42 -0.72 -36.42
CA TRP J 443 110.68 -0.76 -35.17
C TRP J 443 110.51 0.65 -34.64
N GLY J 444 109.28 1.10 -34.54
CA GLY J 444 109.03 2.36 -33.89
C GLY J 444 109.23 2.26 -32.40
N LYS J 445 108.94 3.37 -31.73
CA LYS J 445 108.76 3.31 -30.30
C LYS J 445 107.64 2.34 -30.00
N ASP J 446 107.64 1.73 -28.84
CA ASP J 446 106.61 0.79 -28.65
C ASP J 446 107.32 -0.13 -29.56
N HIS J 447 106.78 -1.30 -29.85
CA HIS J 447 107.48 -2.21 -30.73
C HIS J 447 106.56 -2.66 -31.78
N GLN J 448 106.40 -1.87 -32.81
CA GLN J 448 105.59 -2.26 -33.90
C GLN J 448 106.56 -2.13 -35.02
N VAL J 449 106.43 -2.94 -36.05
CA VAL J 449 107.37 -2.89 -37.15
C VAL J 449 106.67 -2.00 -38.09
N LEU J 450 107.38 -0.94 -38.45
CA LEU J 450 106.94 0.18 -39.27
C LEU J 450 107.55 0.11 -40.65
N ARG J 451 106.88 0.67 -41.64
CA ARG J 451 107.45 0.67 -42.97
C ARG J 451 107.51 1.99 -43.72
N LEU J 452 108.48 2.16 -44.58
CA LEU J 452 108.61 3.36 -45.39
C LEU J 452 108.67 2.85 -46.80
N SER J 453 107.86 3.36 -47.71
CA SER J 453 107.90 2.91 -49.09
C SER J 453 108.29 4.09 -49.84
N MET J 454 108.13 4.04 -51.14
CA MET J 454 108.37 5.20 -51.93
C MET J 454 107.08 6.06 -52.02
N GLU J 455 105.89 5.56 -51.64
CA GLU J 455 104.74 6.43 -51.64
C GLU J 455 104.90 7.47 -50.54
N ASN J 456 105.69 7.10 -49.54
CA ASN J 456 106.12 7.98 -48.47
C ASN J 456 106.97 9.12 -48.98
N ALA J 457 107.54 8.98 -50.17
CA ALA J 457 108.51 9.91 -50.71
C ALA J 457 107.88 11.02 -51.54
N VAL J 458 106.55 11.09 -51.59
CA VAL J 458 105.87 11.84 -52.64
C VAL J 458 105.73 13.31 -52.29
N GLY J 459 106.04 13.71 -51.07
CA GLY J 459 105.87 15.11 -50.72
C GLY J 459 107.15 15.88 -50.95
N THR J 460 108.21 15.14 -51.23
CA THR J 460 109.54 15.74 -51.33
C THR J 460 109.92 16.00 -52.78
N VAL J 461 110.07 14.96 -53.57
CA VAL J 461 110.35 15.13 -54.98
C VAL J 461 109.20 15.86 -55.65
N CYS J 462 107.99 15.46 -55.32
CA CYS J 462 106.84 15.85 -56.10
C CYS J 462 106.34 17.24 -55.77
N HIS J 463 107.05 17.94 -54.96
CA HIS J 463 106.76 19.29 -54.73
C HIS J 463 107.41 19.73 -56.02
N PRO J 464 107.19 21.03 -56.45
CA PRO J 464 107.80 21.39 -57.72
C PRO J 464 109.09 22.08 -57.53
N SER J 465 109.62 21.97 -56.32
CA SER J 465 110.88 22.60 -56.01
C SER J 465 111.79 22.09 -57.09
N LEU J 466 111.45 20.94 -57.62
CA LEU J 466 112.23 20.43 -58.71
C LEU J 466 112.19 21.47 -59.81
N MET J 467 111.04 22.08 -60.07
CA MET J 467 110.93 23.09 -61.12
C MET J 467 111.71 24.39 -60.96
N ASN J 468 111.80 24.91 -59.75
CA ASN J 468 112.47 26.19 -59.53
C ASN J 468 113.99 26.13 -59.38
N ILE J 469 114.68 25.93 -60.50
CA ILE J 469 116.14 25.86 -60.50
C ILE J 469 116.84 27.19 -60.83
N ASP J 470 116.09 28.20 -61.19
CA ASP J 470 116.68 29.48 -61.57
C ASP J 470 117.73 29.97 -60.58
N ALA J 471 117.52 29.74 -59.30
CA ALA J 471 118.48 30.17 -58.30
C ALA J 471 119.76 29.45 -58.60
N ALA J 472 119.61 28.20 -58.96
CA ALA J 472 120.70 27.30 -59.35
C ALA J 472 121.43 27.82 -60.58
N VAL J 473 120.74 27.85 -61.72
CA VAL J 473 121.41 28.13 -62.99
C VAL J 473 122.03 29.52 -62.97
N GLY J 474 121.32 30.51 -62.44
CA GLY J 474 121.92 31.80 -62.23
C GLY J 474 122.97 31.76 -61.15
N GLY J 475 122.83 30.85 -60.21
CA GLY J 475 123.82 30.69 -59.17
C GLY J 475 125.11 30.14 -59.71
N VAL J 476 125.07 28.97 -60.33
CA VAL J 476 126.29 28.38 -60.87
C VAL J 476 126.83 29.22 -62.03
N ASN J 477 126.05 30.05 -62.68
CA ASN J 477 126.61 30.69 -63.86
C ASN J 477 127.68 31.76 -63.56
N HIS J 478 127.94 32.01 -62.28
CA HIS J 478 128.90 33.04 -61.86
C HIS J 478 130.33 32.90 -62.38
N ASP J 479 130.88 31.69 -62.41
CA ASP J 479 132.26 31.55 -62.91
C ASP J 479 132.16 31.27 -64.39
N PRO J 480 132.78 32.18 -65.23
CA PRO J 480 132.58 31.89 -66.66
C PRO J 480 133.14 30.54 -67.01
N VAL J 481 132.39 29.71 -67.72
CA VAL J 481 132.95 28.41 -68.03
C VAL J 481 133.36 28.39 -69.50
N GLU J 482 134.20 27.43 -69.87
CA GLU J 482 134.60 27.30 -71.26
C GLU J 482 134.00 26.04 -71.87
N ALA J 483 133.29 26.18 -72.98
CA ALA J 483 132.64 25.04 -73.64
C ALA J 483 133.63 24.06 -74.29
N ALA J 484 133.32 22.77 -74.22
CA ALA J 484 134.20 21.77 -74.81
C ALA J 484 133.55 20.99 -75.94
N ASN J 485 133.87 21.36 -77.17
CA ASN J 485 133.31 20.66 -78.32
C ASN J 485 131.79 20.51 -78.20
N PRO J 486 131.08 21.71 -78.06
CA PRO J 486 129.63 21.51 -77.88
C PRO J 486 129.11 20.69 -79.01
N TYR J 487 128.62 19.53 -78.64
CA TYR J 487 128.07 18.55 -79.58
C TYR J 487 126.63 18.21 -79.20
N GLY J 488 126.45 17.51 -78.08
CA GLY J 488 125.11 17.32 -77.58
C GLY J 488 124.49 18.56 -77.00
N ALA J 489 125.23 19.66 -76.91
CA ALA J 489 124.77 20.89 -76.31
C ALA J 489 124.29 21.94 -77.30
N TYR J 490 124.28 21.65 -78.60
CA TYR J 490 123.90 22.63 -79.58
C TYR J 490 122.96 22.03 -80.61
N VAL J 491 121.83 22.70 -80.85
CA VAL J 491 120.89 22.34 -81.89
C VAL J 491 121.04 23.35 -83.02
N ALA J 492 121.04 22.86 -84.25
CA ALA J 492 121.23 23.70 -85.43
C ALA J 492 119.98 23.67 -86.30
N ALA J 493 119.83 24.72 -87.08
CA ALA J 493 118.72 24.81 -88.03
C ALA J 493 118.98 23.91 -89.22
N PRO J 494 118.05 23.04 -89.60
CA PRO J 494 118.23 22.26 -90.83
C PRO J 494 118.33 23.18 -92.03
N ALA J 495 119.34 22.95 -92.85
CA ALA J 495 119.72 23.89 -93.92
C ALA J 495 119.55 23.20 -95.27
N GLY J 496 118.62 23.70 -96.07
CA GLY J 496 118.49 23.29 -97.45
C GLY J 496 118.06 21.85 -97.65
N PRO J 497 118.79 21.14 -98.51
CA PRO J 497 118.41 19.76 -98.81
C PRO J 497 118.77 18.82 -97.67
N GLY J 498 117.95 17.78 -97.55
CA GLY J 498 118.19 16.76 -96.55
C GLY J 498 119.15 15.68 -96.96
N ALA J 499 119.44 15.57 -98.26
CA ALA J 499 120.28 14.50 -98.76
C ALA J 499 121.63 14.46 -98.05
N ASP J 500 122.34 15.57 -98.05
CA ASP J 500 123.64 15.68 -97.43
C ASP J 500 123.61 16.22 -96.01
N MET J 501 122.44 16.38 -95.40
CA MET J 501 122.36 17.06 -94.11
C MET J 501 123.35 16.47 -93.13
N GLN J 502 123.58 15.17 -93.20
CA GLN J 502 124.62 14.56 -92.40
C GLN J 502 126.00 14.74 -93.02
N GLN J 503 126.06 14.78 -94.34
CA GLN J 503 127.35 14.96 -95.00
C GLN J 503 127.94 16.32 -94.65
N ARG J 504 127.18 17.39 -94.88
CA ARG J 504 127.67 18.71 -94.51
C ARG J 504 127.98 18.79 -93.03
N PHE J 505 127.22 18.07 -92.20
CA PHE J 505 127.48 18.03 -90.78
C PHE J 505 128.88 17.51 -90.48
N LEU J 506 129.14 16.25 -90.86
CA LEU J 506 130.43 15.62 -90.54
C LEU J 506 131.60 16.49 -90.95
N ASN J 507 131.47 17.24 -92.04
CA ASN J 507 132.50 18.22 -92.38
C ASN J 507 132.36 19.47 -91.52
N ALA J 508 131.16 19.90 -91.20
CA ALA J 508 131.13 21.09 -90.41
C ALA J 508 131.84 20.79 -89.12
N TRP J 509 131.62 19.58 -88.60
CA TRP J 509 132.19 19.16 -87.33
C TRP J 509 133.11 17.94 -87.41
N ARG J 510 134.35 18.15 -87.77
CA ARG J 510 135.33 17.08 -87.79
C ARG J 510 136.52 17.60 -87.00
N GLN J 511 136.74 18.89 -87.12
CA GLN J 511 137.81 19.56 -86.43
C GLN J 511 137.60 19.52 -84.95
N ARG J 512 136.36 19.77 -84.53
CA ARG J 512 136.01 19.83 -83.12
C ARG J 512 135.32 18.62 -82.54
N LEU J 513 134.38 18.08 -83.27
CA LEU J 513 133.65 16.93 -82.78
C LEU J 513 134.63 15.84 -82.55
N ALA J 514 135.66 15.80 -83.36
CA ALA J 514 136.63 14.72 -83.22
C ALA J 514 137.57 14.95 -82.05
N HIS J 515 138.12 16.16 -81.94
CA HIS J 515 139.15 16.45 -80.94
C HIS J 515 138.70 16.18 -79.51
N GLY J 516 137.77 16.98 -79.01
CA GLY J 516 137.37 16.89 -77.62
C GLY J 516 136.59 15.63 -77.29
N ARG J 517 136.26 15.50 -76.02
CA ARG J 517 135.51 14.37 -75.50
C ARG J 517 134.08 14.79 -75.23
N VAL J 518 133.12 13.99 -75.69
CA VAL J 518 131.72 14.27 -75.42
C VAL J 518 131.55 13.95 -73.95
N ARG J 519 130.90 14.82 -73.20
CA ARG J 519 130.70 14.57 -71.79
C ARG J 519 129.95 13.30 -71.59
N TRP J 520 129.01 13.00 -72.47
CA TRP J 520 128.22 11.81 -72.31
C TRP J 520 128.99 10.55 -72.77
N VAL J 521 130.05 10.34 -72.00
CA VAL J 521 130.99 9.21 -71.99
C VAL J 521 130.96 8.57 -70.60
N ALA J 522 130.19 9.18 -69.71
CA ALA J 522 130.01 8.81 -68.34
C ALA J 522 129.15 7.59 -68.25
N GLU J 523 128.60 7.16 -69.36
CA GLU J 523 127.78 5.97 -69.34
C GLU J 523 128.65 4.79 -68.95
N CYS J 524 129.95 4.93 -69.12
CA CYS J 524 130.88 3.87 -68.80
C CYS J 524 131.15 3.76 -67.30
N GLN J 525 130.91 4.83 -66.55
CA GLN J 525 131.24 4.81 -65.13
C GLN J 525 130.30 3.90 -64.36
N MET J 526 130.83 3.32 -63.29
CA MET J 526 130.01 2.68 -62.28
C MET J 526 129.50 3.75 -61.34
N THR J 527 128.66 3.41 -60.40
CA THR J 527 128.28 4.45 -59.52
C THR J 527 129.51 4.16 -58.77
N ALA J 528 129.92 5.01 -57.85
CA ALA J 528 131.10 4.79 -57.03
C ALA J 528 132.31 5.23 -57.76
N GLU J 529 132.15 5.59 -59.01
CA GLU J 529 133.23 6.13 -59.80
C GLU J 529 132.75 7.53 -60.08
N GLN J 530 131.45 7.68 -60.23
CA GLN J 530 130.81 8.96 -60.46
C GLN J 530 130.89 9.90 -59.28
N PHE J 531 130.75 9.39 -58.07
CA PHE J 531 130.74 10.19 -56.82
C PHE J 531 132.05 10.75 -56.34
N MET J 532 133.11 10.30 -57.04
CA MET J 532 134.54 10.61 -56.81
C MET J 532 135.12 11.93 -57.18
N GLN J 533 136.19 12.34 -56.50
CA GLN J 533 136.75 13.64 -56.75
C GLN J 533 137.63 13.82 -57.96
N PRO J 534 138.73 13.09 -58.07
CA PRO J 534 139.48 13.14 -59.31
C PRO J 534 138.63 12.43 -60.37
N ASP J 535 137.97 11.32 -60.00
CA ASP J 535 137.17 10.63 -60.97
C ASP J 535 135.96 11.50 -61.21
N ASN J 536 135.56 11.59 -62.46
CA ASN J 536 134.41 12.35 -62.86
C ASN J 536 134.24 13.81 -62.70
N ALA J 537 135.15 14.58 -63.28
CA ALA J 537 135.10 16.02 -63.18
C ALA J 537 133.83 16.79 -63.39
N ASN J 538 132.79 16.10 -63.79
CA ASN J 538 131.50 16.70 -64.06
C ASN J 538 130.54 16.55 -62.93
N LEU J 539 131.01 16.12 -61.79
CA LEU J 539 130.15 15.95 -60.62
C LEU J 539 129.63 17.27 -60.13
N ALA J 540 130.44 18.33 -60.21
CA ALA J 540 129.96 19.63 -59.79
C ALA J 540 128.72 20.06 -60.56
N LEU J 541 128.48 19.48 -61.74
CA LEU J 541 127.32 19.77 -62.54
C LEU J 541 126.21 18.73 -62.42
N GLU J 542 126.36 17.76 -61.55
CA GLU J 542 125.32 16.76 -61.38
C GLU J 542 124.61 17.33 -60.18
N LEU J 543 123.55 18.09 -60.38
CA LEU J 543 122.90 18.73 -59.26
C LEU J 543 121.46 18.49 -58.95
N HIS J 544 120.66 18.16 -59.93
CA HIS J 544 119.24 18.03 -59.71
C HIS J 544 118.75 16.74 -60.24
N PRO J 545 117.77 16.16 -59.58
CA PRO J 545 117.26 14.93 -60.20
C PRO J 545 116.71 15.13 -61.60
N ALA J 546 115.88 16.15 -61.79
CA ALA J 546 115.07 16.33 -62.98
C ALA J 546 115.65 17.27 -64.02
N PHE J 547 116.76 17.94 -63.76
CA PHE J 547 117.34 18.85 -64.73
C PHE J 547 118.75 18.42 -65.09
N ASP J 548 119.12 18.64 -66.34
CA ASP J 548 120.49 18.45 -66.81
C ASP J 548 121.20 19.79 -66.84
N PHE J 549 122.20 19.94 -65.99
CA PHE J 549 123.06 21.11 -66.01
C PHE J 549 124.26 20.76 -66.88
N PHE J 550 124.37 21.41 -68.03
CA PHE J 550 125.45 21.15 -68.96
C PHE J 550 126.05 22.48 -69.40
N ALA J 551 127.19 22.41 -70.07
CA ALA J 551 127.88 23.61 -70.54
C ALA J 551 127.50 23.83 -72.01
N GLY J 552 126.78 24.91 -72.27
CA GLY J 552 126.43 25.29 -73.62
C GLY J 552 127.18 26.53 -74.09
N VAL J 553 126.80 27.00 -75.28
CA VAL J 553 127.22 28.29 -75.76
C VAL J 553 126.39 29.39 -75.10
N ALA J 554 126.92 30.60 -75.12
CA ALA J 554 126.37 31.68 -74.30
C ALA J 554 125.15 32.44 -74.79
N ASP J 555 125.24 33.06 -75.97
CA ASP J 555 124.22 34.01 -76.41
C ASP J 555 123.43 33.41 -77.56
N VAL J 556 123.81 32.20 -77.94
CA VAL J 556 123.19 31.53 -79.05
C VAL J 556 121.74 31.20 -78.84
N GLU J 557 120.97 31.35 -79.90
CA GLU J 557 119.57 31.02 -79.86
C GLU J 557 119.72 29.69 -80.55
N LEU J 558 119.27 28.63 -79.89
CA LEU J 558 119.47 27.30 -80.44
C LEU J 558 118.84 26.88 -81.76
N PRO J 559 117.60 27.21 -82.05
CA PRO J 559 117.15 26.67 -83.34
C PRO J 559 117.62 27.56 -84.47
N GLY J 560 118.92 27.51 -84.74
CA GLY J 560 119.51 28.37 -85.72
C GLY J 560 121.00 28.12 -85.82
N GLY J 561 121.58 28.59 -86.92
CA GLY J 561 123.00 28.45 -87.15
C GLY J 561 123.35 27.04 -87.60
N GLU J 562 124.52 26.93 -88.22
CA GLU J 562 125.08 25.65 -88.64
C GLU J 562 126.05 25.10 -87.60
N VAL J 563 127.13 25.83 -87.34
CA VAL J 563 128.03 25.54 -86.22
C VAL J 563 127.95 26.76 -85.31
N PRO J 564 127.94 26.61 -84.00
CA PRO J 564 127.73 27.74 -83.12
C PRO J 564 128.91 28.70 -83.16
N PRO J 565 128.66 30.00 -83.15
CA PRO J 565 129.77 30.95 -83.06
C PRO J 565 130.39 30.87 -81.68
N ALA J 566 131.13 29.78 -81.45
CA ALA J 566 131.48 29.42 -80.07
C ALA J 566 132.22 30.56 -79.39
N GLY J 567 131.63 31.06 -78.30
CA GLY J 567 132.20 32.10 -77.50
C GLY J 567 132.60 31.58 -76.15
N PRO J 568 132.60 32.45 -75.15
CA PRO J 568 132.69 31.96 -73.78
C PRO J 568 131.50 31.07 -73.46
N GLY J 569 131.78 29.89 -72.93
CA GLY J 569 130.71 28.98 -72.62
C GLY J 569 129.87 29.47 -71.46
N ALA J 570 128.56 29.41 -71.64
CA ALA J 570 127.65 29.57 -70.53
C ALA J 570 127.31 28.21 -69.98
N ILE J 571 126.47 28.20 -68.96
CA ILE J 571 126.08 26.97 -68.30
C ILE J 571 124.58 26.99 -68.15
N GLN J 572 123.93 25.92 -68.59
CA GLN J 572 122.49 26.00 -68.67
C GLN J 572 121.87 24.65 -68.33
N ALA J 573 120.76 24.72 -67.63
CA ALA J 573 119.95 23.56 -67.34
C ALA J 573 118.96 23.33 -68.45
N THR J 574 118.77 22.07 -68.79
CA THR J 574 117.63 21.65 -69.59
C THR J 574 116.90 20.61 -68.78
N TRP J 575 115.60 20.55 -68.96
CA TRP J 575 114.76 19.73 -68.11
C TRP J 575 114.72 18.32 -68.67
N ARG J 576 115.23 17.36 -67.89
CA ARG J 576 115.11 15.95 -68.25
C ARG J 576 113.65 15.58 -68.41
N VAL J 577 113.30 15.02 -69.56
CA VAL J 577 111.91 14.63 -69.73
C VAL J 577 111.61 13.43 -68.85
N VAL J 578 112.24 12.30 -69.13
CA VAL J 578 111.82 11.04 -68.54
C VAL J 578 112.86 10.56 -67.56
N ASN J 579 112.41 9.70 -66.64
CA ASN J 579 113.30 9.23 -65.59
C ASN J 579 114.34 8.28 -66.12
N GLY J 580 114.29 7.93 -67.40
CA GLY J 580 115.40 7.25 -68.03
C GLY J 580 116.55 8.17 -68.37
N ASN J 581 116.27 9.46 -68.56
CA ASN J 581 117.32 10.42 -68.87
C ASN J 581 118.30 10.61 -67.74
N LEU J 582 118.04 10.05 -66.65
CA LEU J 582 119.01 10.28 -65.60
C LEU J 582 120.11 9.22 -65.65
N PRO J 583 121.36 9.61 -65.36
CA PRO J 583 122.50 8.81 -65.79
C PRO J 583 122.49 7.40 -65.24
N LEU J 584 123.12 6.48 -65.98
CA LEU J 584 123.10 5.08 -65.57
C LEU J 584 123.93 4.84 -64.32
N ALA J 585 124.93 5.67 -64.06
CA ALA J 585 125.67 5.51 -62.82
C ALA J 585 124.75 5.71 -61.62
N LEU J 586 123.82 6.65 -61.72
CA LEU J 586 122.91 6.91 -60.61
C LEU J 586 121.77 5.91 -60.55
N CYS J 587 121.18 5.55 -61.70
CA CYS J 587 120.15 4.52 -61.78
C CYS J 587 120.68 3.41 -62.67
N PRO J 588 121.37 2.43 -62.10
CA PRO J 588 122.06 1.45 -62.93
C PRO J 588 121.09 0.62 -63.73
N VAL J 589 121.64 0.06 -64.81
CA VAL J 589 120.88 -0.88 -65.64
C VAL J 589 120.36 -2.03 -64.82
N ALA J 590 121.22 -2.63 -64.00
CA ALA J 590 120.83 -3.75 -63.17
C ALA J 590 119.81 -3.38 -62.12
N PHE J 591 119.64 -2.08 -61.85
CA PHE J 591 118.44 -1.66 -61.14
C PHE J 591 117.26 -1.63 -62.08
N ARG J 592 117.51 -1.22 -63.30
CA ARG J 592 116.46 -0.80 -64.18
C ARG J 592 115.78 -1.99 -64.83
N ASP J 593 116.53 -3.08 -65.04
CA ASP J 593 115.93 -4.36 -65.38
C ASP J 593 115.40 -5.06 -64.15
N ALA J 594 116.09 -4.92 -63.02
CA ALA J 594 115.61 -5.52 -61.78
C ALA J 594 114.16 -5.19 -61.56
N ARG J 595 113.79 -3.95 -61.84
CA ARG J 595 112.39 -3.62 -61.81
C ARG J 595 111.67 -3.97 -63.10
N GLY J 596 112.38 -4.22 -64.19
CA GLY J 596 111.77 -4.74 -65.39
C GLY J 596 111.46 -6.22 -65.28
N LEU J 597 112.35 -7.01 -64.69
CA LEU J 597 111.99 -8.39 -64.35
C LEU J 597 110.92 -8.40 -63.29
N GLU J 598 110.85 -7.36 -62.47
CA GLU J 598 109.65 -7.08 -61.72
C GLU J 598 108.51 -6.76 -62.66
N LEU J 599 108.77 -5.89 -63.64
CA LEU J 599 107.76 -5.55 -64.62
C LEU J 599 107.41 -6.71 -65.52
N GLY J 600 108.31 -7.68 -65.65
CA GLY J 600 108.13 -8.74 -66.60
C GLY J 600 107.35 -9.93 -66.11
N VAL J 601 106.92 -9.95 -64.86
CA VAL J 601 106.23 -11.10 -64.30
C VAL J 601 104.75 -10.94 -64.56
N GLY J 602 104.14 -11.98 -65.12
CA GLY J 602 102.73 -11.98 -65.42
C GLY J 602 102.36 -11.19 -66.65
N ARG J 603 103.25 -10.37 -67.20
CA ARG J 603 102.96 -9.66 -68.42
C ARG J 603 103.37 -10.54 -69.60
N HIS J 604 103.10 -10.08 -70.81
CA HIS J 604 103.28 -10.93 -71.97
C HIS J 604 104.75 -11.16 -72.21
N ALA J 605 105.18 -12.40 -72.13
CA ALA J 605 106.56 -12.76 -72.39
C ALA J 605 106.59 -13.36 -73.77
N MET J 606 107.24 -12.68 -74.71
CA MET J 606 107.21 -13.16 -76.07
C MET J 606 107.71 -14.59 -76.10
N ALA J 607 106.88 -15.48 -76.59
CA ALA J 607 107.36 -16.80 -76.90
C ALA J 607 108.62 -16.64 -77.74
N PRO J 608 109.70 -17.32 -77.40
CA PRO J 608 110.98 -17.04 -78.06
C PRO J 608 110.93 -17.21 -79.56
N ALA J 609 109.89 -17.88 -80.07
CA ALA J 609 109.74 -18.00 -81.51
C ALA J 609 109.59 -16.63 -82.15
N THR J 610 108.72 -15.80 -81.58
CA THR J 610 108.51 -14.48 -82.17
C THR J 610 109.71 -13.60 -81.97
N ILE J 611 110.49 -13.84 -80.93
CA ILE J 611 111.66 -13.01 -80.73
C ILE J 611 112.75 -13.43 -81.68
N ALA J 612 112.97 -14.74 -81.82
CA ALA J 612 114.00 -15.23 -82.72
C ALA J 612 113.73 -14.76 -84.14
N ALA J 613 112.48 -14.84 -84.59
CA ALA J 613 112.17 -14.51 -85.97
C ALA J 613 112.25 -13.01 -86.20
N VAL J 614 111.69 -12.23 -85.29
CA VAL J 614 111.77 -10.79 -85.38
C VAL J 614 113.20 -10.31 -85.17
N ARG J 615 113.83 -10.76 -84.07
CA ARG J 615 115.23 -10.41 -83.88
C ARG J 615 116.11 -10.97 -84.98
N GLY J 616 115.66 -12.00 -85.68
CA GLY J 616 116.41 -12.46 -86.83
C GLY J 616 116.48 -11.41 -87.92
N ALA J 617 115.33 -10.86 -88.30
CA ALA J 617 115.29 -9.85 -89.36
C ALA J 617 116.17 -8.67 -89.04
N PHE J 618 116.06 -8.13 -87.82
CA PHE J 618 116.93 -7.03 -87.45
C PHE J 618 118.40 -7.42 -87.53
N GLU J 619 118.71 -8.70 -87.34
CA GLU J 619 120.09 -9.17 -87.47
C GLU J 619 120.40 -9.73 -88.85
N ASP J 620 119.40 -9.89 -89.71
CA ASP J 620 119.58 -10.52 -91.01
C ASP J 620 120.31 -9.56 -91.94
N ARG J 621 121.47 -9.99 -92.44
CA ARG J 621 122.28 -9.19 -93.35
C ARG J 621 121.79 -9.21 -94.78
N SER J 622 121.06 -10.25 -95.17
CA SER J 622 120.62 -10.44 -96.54
C SER J 622 119.24 -9.88 -96.80
N TYR J 623 118.65 -9.17 -95.86
CA TYR J 623 117.29 -8.69 -96.00
C TYR J 623 117.20 -7.93 -97.31
N PRO J 624 116.39 -8.41 -98.26
CA PRO J 624 116.49 -7.90 -99.62
C PRO J 624 116.01 -6.47 -99.75
N ALA J 625 116.64 -5.73 -100.67
CA ALA J 625 116.31 -4.33 -100.82
C ALA J 625 114.96 -4.11 -101.48
N VAL J 626 114.37 -5.14 -102.08
CA VAL J 626 112.97 -5.00 -102.50
C VAL J 626 112.13 -4.50 -101.33
N PHE J 627 112.40 -5.03 -100.15
CA PHE J 627 111.59 -4.72 -99.00
C PHE J 627 111.77 -3.30 -98.53
N TYR J 628 112.90 -2.68 -98.82
CA TYR J 628 113.01 -1.24 -98.59
C TYR J 628 112.35 -0.45 -99.70
N LEU J 629 112.45 -0.94 -100.94
CA LEU J 629 111.76 -0.29 -102.04
C LEU J 629 110.26 -0.44 -101.89
N LEU J 630 109.80 -1.65 -101.58
CA LEU J 630 108.37 -1.83 -101.30
C LEU J 630 107.92 -1.00 -100.12
N GLN J 631 108.78 -0.82 -99.12
CA GLN J 631 108.42 0.04 -98.00
C GLN J 631 108.24 1.48 -98.43
N ALA J 632 109.14 1.97 -99.30
CA ALA J 632 108.97 3.30 -99.85
C ALA J 632 107.91 3.35 -100.93
N ALA J 633 107.73 2.25 -101.66
CA ALA J 633 106.66 2.18 -102.65
C ALA J 633 105.30 2.29 -101.96
N ILE J 634 105.03 1.39 -101.02
CA ILE J 634 103.80 1.46 -100.26
C ILE J 634 103.65 2.81 -99.60
N HIS J 635 104.78 3.44 -99.24
CA HIS J 635 104.84 4.65 -98.44
C HIS J 635 103.86 4.56 -97.28
N GLY J 636 103.86 3.39 -96.63
CA GLY J 636 103.05 3.15 -95.45
C GLY J 636 101.58 3.01 -95.78
N SER J 637 101.25 3.15 -97.05
CA SER J 637 99.85 3.26 -97.45
C SER J 637 99.20 1.89 -97.36
N GLU J 638 98.13 1.82 -96.57
CA GLU J 638 97.24 0.66 -96.64
C GLU J 638 96.90 0.37 -98.10
N HIS J 639 96.61 1.43 -98.86
CA HIS J 639 96.21 1.29 -100.26
C HIS J 639 97.25 0.51 -101.03
N VAL J 640 98.50 0.97 -101.03
CA VAL J 640 99.47 0.35 -101.91
C VAL J 640 99.80 -1.07 -101.46
N PHE J 641 99.85 -1.31 -100.15
CA PHE J 641 100.10 -2.66 -99.66
C PHE J 641 99.01 -3.61 -100.14
N CYS J 642 97.75 -3.32 -99.82
CA CYS J 642 96.65 -4.20 -100.22
C CYS J 642 96.63 -4.39 -101.73
N ALA J 643 96.71 -3.29 -102.48
CA ALA J 643 96.81 -3.37 -103.93
C ALA J 643 97.97 -4.27 -104.34
N LEU J 644 99.04 -4.24 -103.58
CA LEU J 644 100.17 -5.12 -103.78
C LEU J 644 100.13 -6.35 -102.88
N ALA J 645 99.07 -6.54 -102.10
CA ALA J 645 99.10 -7.55 -101.04
C ALA J 645 99.61 -8.89 -101.57
N ARG J 646 98.97 -9.41 -102.63
CA ARG J 646 99.42 -10.67 -103.22
C ARG J 646 100.88 -10.62 -103.62
N LEU J 647 101.39 -9.42 -103.92
CA LEU J 647 102.81 -9.26 -104.15
C LEU J 647 103.57 -9.43 -102.85
N VAL J 648 103.32 -8.53 -101.90
CA VAL J 648 103.88 -8.71 -100.56
C VAL J 648 103.56 -10.08 -100.00
N THR J 649 102.36 -10.60 -100.26
CA THR J 649 101.96 -11.91 -99.72
C THR J 649 102.98 -12.95 -100.11
N GLN J 650 103.41 -12.88 -101.36
CA GLN J 650 104.43 -13.77 -101.87
C GLN J 650 105.83 -13.29 -101.52
N CYS J 651 105.99 -12.04 -101.13
CA CYS J 651 107.28 -11.61 -100.61
C CYS J 651 107.56 -12.25 -99.28
N ILE J 652 106.61 -12.15 -98.36
CA ILE J 652 106.82 -12.61 -96.99
C ILE J 652 106.88 -14.12 -96.94
N THR J 653 105.86 -14.78 -97.49
CA THR J 653 105.87 -16.23 -97.54
C THR J 653 107.18 -16.73 -98.11
N SER J 654 107.69 -16.08 -99.15
CA SER J 654 108.95 -16.50 -99.73
C SER J 654 110.12 -16.23 -98.79
N TYR J 655 110.11 -15.07 -98.15
CA TYR J 655 111.21 -14.74 -97.25
C TYR J 655 111.11 -15.51 -95.95
N TRP J 656 109.90 -15.88 -95.54
CA TRP J 656 109.74 -16.71 -94.36
C TRP J 656 110.11 -18.16 -94.63
N ASN J 657 110.10 -18.58 -95.89
CA ASN J 657 110.47 -19.94 -96.23
C ASN J 657 111.98 -20.11 -96.29
N ASN J 658 112.68 -19.13 -96.87
CA ASN J 658 114.13 -19.21 -96.96
C ASN J 658 114.76 -19.21 -95.57
N THR J 659 114.52 -18.15 -94.82
CA THR J 659 114.87 -18.08 -93.42
C THR J 659 113.59 -17.92 -92.63
N ARG J 660 113.61 -18.28 -91.36
CA ARG J 660 112.45 -17.95 -90.53
C ARG J 660 112.76 -16.59 -89.92
N CYS J 661 112.19 -15.54 -90.51
CA CYS J 661 112.28 -14.21 -89.97
C CYS J 661 111.09 -13.42 -90.48
N ALA J 662 110.59 -12.52 -89.66
CA ALA J 662 109.52 -11.64 -90.08
C ALA J 662 110.10 -10.60 -91.02
N ALA J 663 109.32 -10.21 -92.03
CA ALA J 663 109.88 -9.44 -93.15
C ALA J 663 109.94 -7.95 -92.86
N PHE J 664 108.79 -7.30 -92.83
CA PHE J 664 108.70 -5.85 -92.88
C PHE J 664 108.79 -5.21 -91.50
N VAL J 665 109.30 -5.93 -90.51
CA VAL J 665 109.41 -5.46 -89.14
C VAL J 665 110.28 -4.23 -89.01
N ASN J 666 110.88 -3.76 -90.11
CA ASN J 666 111.44 -2.42 -90.03
C ASN J 666 110.35 -1.35 -89.96
N ASP J 667 109.13 -1.69 -90.33
CA ASP J 667 108.03 -0.74 -90.30
C ASP J 667 106.84 -1.42 -89.65
N TYR J 668 106.46 -0.96 -88.48
CA TYR J 668 105.26 -1.46 -87.82
C TYR J 668 104.01 -0.98 -88.53
N SER J 669 104.22 0.02 -89.37
CA SER J 669 103.24 0.54 -90.26
C SER J 669 102.96 -0.62 -91.19
N LEU J 670 103.99 -1.41 -91.51
CA LEU J 670 103.84 -2.51 -92.44
C LEU J 670 103.69 -3.90 -91.85
N VAL J 671 104.00 -4.10 -90.57
CA VAL J 671 103.87 -5.44 -89.97
C VAL J 671 102.44 -5.39 -89.45
N SER J 672 101.97 -4.21 -89.07
CA SER J 672 100.54 -4.13 -88.83
C SER J 672 99.76 -4.60 -90.04
N TYR J 673 100.25 -4.29 -91.25
CA TYR J 673 99.58 -4.73 -92.46
C TYR J 673 99.83 -6.19 -92.76
N ILE J 674 100.93 -6.77 -92.26
CA ILE J 674 101.14 -8.19 -92.48
C ILE J 674 100.19 -9.00 -91.63
N VAL J 675 100.10 -8.67 -90.34
CA VAL J 675 99.21 -9.42 -89.48
C VAL J 675 97.78 -9.24 -89.93
N THR J 676 97.41 -8.01 -90.29
CA THR J 676 96.05 -7.75 -90.73
C THR J 676 95.73 -8.46 -92.03
N TYR J 677 96.44 -8.09 -93.10
CA TYR J 677 96.06 -8.50 -94.44
C TYR J 677 96.60 -9.86 -94.85
N LEU J 678 97.75 -10.26 -94.32
CA LEU J 678 98.41 -11.48 -94.76
C LEU J 678 98.07 -12.68 -93.91
N GLY J 679 97.09 -12.56 -93.01
CA GLY J 679 96.78 -13.66 -92.13
C GLY J 679 96.63 -14.99 -92.83
N GLY J 680 95.91 -15.00 -93.94
CA GLY J 680 95.48 -16.26 -94.51
C GLY J 680 96.58 -17.15 -95.04
N ASP J 681 97.35 -16.67 -96.01
CA ASP J 681 98.29 -17.53 -96.73
C ASP J 681 99.70 -17.13 -96.38
N LEU J 682 100.29 -17.89 -95.49
CA LEU J 682 101.57 -17.80 -94.81
C LEU J 682 101.53 -18.99 -93.86
N PRO J 683 102.62 -19.73 -93.70
CA PRO J 683 102.56 -20.89 -92.82
C PRO J 683 102.27 -20.48 -91.38
N GLU J 684 101.83 -21.46 -90.60
CA GLU J 684 101.55 -21.21 -89.20
C GLU J 684 102.73 -20.62 -88.46
N GLU J 685 103.93 -20.78 -89.00
CA GLU J 685 105.12 -20.46 -88.25
C GLU J 685 105.43 -18.95 -88.27
N CYS J 686 105.21 -18.27 -89.40
CA CYS J 686 105.32 -16.81 -89.39
C CYS J 686 104.09 -16.15 -88.82
N MET J 687 102.92 -16.60 -89.26
CA MET J 687 101.70 -16.07 -88.68
C MET J 687 101.62 -16.36 -87.19
N ALA J 688 102.54 -17.16 -86.67
CA ALA J 688 102.78 -17.20 -85.23
C ALA J 688 103.63 -16.04 -84.77
N VAL J 689 104.55 -15.59 -85.60
CA VAL J 689 105.59 -14.66 -85.17
C VAL J 689 105.14 -13.21 -85.20
N TYR J 690 104.85 -12.69 -86.39
CA TYR J 690 104.30 -11.35 -86.48
C TYR J 690 103.20 -11.20 -85.46
N ARG J 691 102.32 -12.19 -85.46
CA ARG J 691 101.23 -12.23 -84.51
C ARG J 691 101.73 -12.06 -83.08
N ASP J 692 102.90 -12.61 -82.78
CA ASP J 692 103.49 -12.53 -81.44
C ASP J 692 104.53 -11.43 -81.32
N LEU J 693 104.90 -10.77 -82.41
CA LEU J 693 105.62 -9.50 -82.27
C LEU J 693 104.67 -8.36 -82.00
N VAL J 694 103.61 -8.26 -82.79
CA VAL J 694 102.59 -7.24 -82.57
C VAL J 694 102.02 -7.37 -81.17
N ALA J 695 101.83 -8.60 -80.71
CA ALA J 695 101.33 -8.84 -79.37
C ALA J 695 102.17 -8.17 -78.32
N HIS J 696 103.44 -7.92 -78.62
CA HIS J 696 104.34 -7.39 -77.62
C HIS J 696 104.53 -5.89 -77.71
N VAL J 697 103.98 -5.22 -78.71
CA VAL J 697 103.89 -3.77 -78.60
C VAL J 697 102.69 -3.39 -77.76
N GLU J 698 101.60 -4.14 -77.90
CA GLU J 698 100.46 -3.92 -77.04
C GLU J 698 100.66 -4.44 -75.64
N ALA J 699 101.61 -5.34 -75.43
CA ALA J 699 101.93 -5.76 -74.08
C ALA J 699 102.58 -4.64 -73.31
N LEU J 700 103.38 -3.82 -73.99
CA LEU J 700 104.01 -2.67 -73.38
C LEU J 700 103.09 -1.47 -73.36
N ALA J 701 102.32 -1.28 -74.43
CA ALA J 701 101.37 -0.18 -74.46
C ALA J 701 100.57 -0.12 -73.17
N GLN J 702 100.11 -1.26 -72.70
CA GLN J 702 99.29 -1.27 -71.50
C GLN J 702 100.11 -1.29 -70.24
N LEU J 703 101.43 -1.22 -70.36
CA LEU J 703 102.25 -1.16 -69.16
C LEU J 703 102.31 0.24 -68.58
N VAL J 704 102.10 1.27 -69.39
CA VAL J 704 102.05 2.62 -68.85
C VAL J 704 100.79 2.80 -68.01
N ASP J 705 99.65 2.48 -68.59
CA ASP J 705 98.41 2.76 -67.89
C ASP J 705 98.19 1.84 -66.70
N ASP J 706 99.09 0.88 -66.50
CA ASP J 706 99.18 0.22 -65.21
C ASP J 706 99.84 1.12 -64.18
N PHE J 707 100.88 1.84 -64.57
CA PHE J 707 101.62 2.70 -63.66
C PHE J 707 101.21 4.16 -63.75
N THR J 708 100.16 4.46 -64.49
CA THR J 708 99.55 5.79 -64.53
C THR J 708 98.30 5.80 -63.67
N LEU J 709 98.01 6.94 -63.09
CA LEU J 709 96.82 7.20 -62.31
C LEU J 709 95.91 8.17 -63.06
N PRO J 710 94.61 8.14 -62.80
CA PRO J 710 93.71 9.10 -63.44
C PRO J 710 94.03 10.54 -63.06
N GLY J 711 93.54 11.45 -63.89
CA GLY J 711 93.75 12.85 -63.71
C GLY J 711 93.40 13.57 -64.99
N PRO J 712 93.29 14.89 -64.93
CA PRO J 712 92.88 15.64 -66.11
C PRO J 712 93.95 15.73 -67.16
N GLU J 713 93.66 16.40 -68.26
CA GLU J 713 94.67 16.73 -69.25
C GLU J 713 95.35 18.02 -68.87
N LEU J 714 96.67 17.99 -68.76
CA LEU J 714 97.46 19.14 -68.34
C LEU J 714 98.19 19.67 -69.56
N GLY J 715 97.83 20.87 -69.99
CA GLY J 715 98.43 21.42 -71.18
C GLY J 715 98.07 20.67 -72.43
N GLY J 716 96.83 20.22 -72.55
CA GLY J 716 96.41 19.44 -73.67
C GLY J 716 96.91 18.01 -73.66
N GLN J 717 97.73 17.64 -72.69
CA GLN J 717 98.31 16.31 -72.62
C GLN J 717 97.65 15.48 -71.54
N ALA J 718 97.41 14.22 -71.85
CA ALA J 718 96.80 13.33 -70.89
C ALA J 718 97.84 12.90 -69.87
N GLN J 719 97.39 12.12 -68.88
CA GLN J 719 98.27 11.75 -67.79
C GLN J 719 99.26 10.68 -68.23
N ALA J 720 98.81 9.72 -69.02
CA ALA J 720 99.73 8.73 -69.55
C ALA J 720 100.86 9.39 -70.30
N GLU J 721 100.58 10.53 -70.91
CA GLU J 721 101.56 11.24 -71.71
C GLU J 721 102.50 12.05 -70.83
N LEU J 722 101.98 12.60 -69.75
CA LEU J 722 102.82 13.32 -68.79
C LEU J 722 103.61 12.36 -67.93
N ASN J 723 103.12 11.13 -67.76
CA ASN J 723 103.83 10.17 -66.94
C ASN J 723 104.96 9.49 -67.69
N HIS J 724 104.77 9.23 -68.98
CA HIS J 724 105.61 8.34 -69.74
C HIS J 724 105.90 9.04 -71.06
N LEU J 725 107.02 8.69 -71.69
CA LEU J 725 107.29 9.40 -72.91
C LEU J 725 106.59 8.81 -74.13
N MET J 726 106.52 7.49 -74.21
CA MET J 726 105.89 6.87 -75.38
C MET J 726 104.43 7.26 -75.51
N ARG J 727 103.72 7.33 -74.40
CA ARG J 727 102.41 7.92 -74.51
C ARG J 727 102.46 9.38 -74.92
N ASP J 728 103.55 10.09 -74.63
CA ASP J 728 103.60 11.52 -74.86
C ASP J 728 103.69 11.76 -76.35
N PRO J 729 102.64 12.27 -77.02
CA PRO J 729 102.78 12.53 -78.44
C PRO J 729 103.74 13.63 -78.67
N ALA J 730 103.82 14.56 -77.74
CA ALA J 730 104.61 15.78 -77.95
C ALA J 730 105.87 15.37 -78.63
N LEU J 731 106.40 14.25 -78.23
CA LEU J 731 107.54 13.70 -78.95
C LEU J 731 106.97 12.81 -80.06
N LEU J 732 107.28 13.13 -81.29
CA LEU J 732 106.52 12.42 -82.31
C LEU J 732 107.41 11.38 -82.97
N PRO J 733 106.84 10.31 -83.51
CA PRO J 733 107.64 9.15 -83.83
C PRO J 733 108.75 9.51 -84.79
N PRO J 734 109.83 8.73 -84.81
CA PRO J 734 110.97 9.10 -85.68
C PRO J 734 110.60 9.18 -87.14
N LEU J 735 109.63 8.39 -87.57
CA LEU J 735 109.28 8.28 -88.98
C LEU J 735 107.78 8.44 -89.13
N VAL J 736 107.38 9.48 -89.85
CA VAL J 736 105.98 9.89 -89.92
C VAL J 736 105.53 9.82 -91.36
N TRP J 737 104.76 8.79 -91.70
CA TRP J 737 104.24 8.70 -93.07
C TRP J 737 103.04 9.64 -93.23
N ASP J 738 101.93 9.31 -92.57
CA ASP J 738 100.82 10.23 -92.52
C ASP J 738 101.17 11.37 -91.59
N CYS J 739 100.79 12.59 -91.98
CA CYS J 739 101.09 13.71 -91.10
C CYS J 739 100.43 13.57 -89.74
N ASP J 740 99.60 12.53 -89.55
CA ASP J 740 98.88 12.35 -88.30
C ASP J 740 99.78 12.47 -87.09
N GLY J 741 101.08 12.18 -87.25
CA GLY J 741 101.99 12.52 -86.18
C GLY J 741 101.93 14.01 -85.93
N LEU J 742 102.28 14.82 -86.93
CA LEU J 742 102.35 16.26 -86.70
C LEU J 742 100.96 16.84 -86.52
N MET J 743 99.96 16.25 -87.18
CA MET J 743 98.58 16.71 -87.01
C MET J 743 98.21 16.83 -85.54
N ARG J 744 98.57 15.83 -84.74
CA ARG J 744 98.34 15.94 -83.31
C ARG J 744 99.47 16.70 -82.62
N HIS J 745 100.59 16.89 -83.31
CA HIS J 745 101.73 17.64 -82.79
C HIS J 745 101.78 19.06 -83.27
N ALA J 746 100.89 19.46 -84.17
CA ALA J 746 100.94 20.84 -84.62
C ALA J 746 100.58 21.78 -83.47
N ALA J 747 99.44 21.54 -82.84
CA ALA J 747 98.94 22.42 -81.80
C ALA J 747 99.28 21.78 -80.46
N LEU J 748 100.21 22.39 -79.74
CA LEU J 748 100.50 22.05 -78.36
C LEU J 748 100.84 23.32 -77.61
N ASP J 749 100.33 23.45 -76.39
CA ASP J 749 100.78 24.53 -75.52
C ASP J 749 102.30 24.51 -75.42
N ARG J 750 102.83 23.32 -75.69
CA ARG J 750 104.26 22.99 -75.78
C ARG J 750 105.02 23.14 -77.13
N HIS J 751 104.37 23.42 -78.25
CA HIS J 751 105.07 23.53 -79.56
C HIS J 751 105.66 24.89 -80.00
N ARG J 752 106.75 25.34 -79.39
CA ARG J 752 107.29 26.62 -79.77
C ARG J 752 107.68 26.64 -81.22
N ASP J 753 108.34 25.59 -81.68
CA ASP J 753 108.77 25.56 -83.07
C ASP J 753 108.60 24.24 -83.72
N CYS J 754 108.27 24.29 -84.99
CA CYS J 754 108.18 23.08 -85.79
C CYS J 754 108.87 23.55 -87.03
N ARG J 755 110.17 23.66 -86.90
CA ARG J 755 111.00 24.17 -87.96
C ARG J 755 111.28 23.10 -88.97
N ILE J 756 110.35 22.84 -89.87
CA ILE J 756 110.60 21.87 -90.93
C ILE J 756 111.83 22.37 -91.68
N ASP J 757 112.71 21.45 -92.07
CA ASP J 757 114.00 21.75 -92.70
C ASP J 757 114.14 22.49 -94.03
N ALA J 758 113.36 22.15 -95.06
CA ALA J 758 113.49 22.83 -96.35
C ALA J 758 112.20 23.57 -96.65
N GLY J 759 112.25 24.77 -97.23
CA GLY J 759 110.97 25.42 -97.42
C GLY J 759 110.68 26.37 -96.26
N GLY J 760 109.46 26.90 -96.18
CA GLY J 760 109.08 27.80 -95.12
C GLY J 760 109.13 27.10 -93.77
N HIS J 761 109.67 27.76 -92.74
CA HIS J 761 109.78 27.09 -91.45
C HIS J 761 108.51 26.36 -91.04
N GLU J 762 107.39 27.07 -90.97
CA GLU J 762 106.12 26.43 -90.60
C GLU J 762 105.77 25.38 -91.65
N PRO J 763 105.00 24.34 -91.29
CA PRO J 763 104.60 23.37 -92.30
C PRO J 763 103.33 23.76 -93.05
N VAL J 764 103.01 22.94 -94.05
CA VAL J 764 101.76 23.04 -94.79
C VAL J 764 101.57 21.70 -95.46
N TYR J 765 100.35 21.39 -95.84
CA TYR J 765 99.97 20.01 -96.13
C TYR J 765 99.67 19.80 -97.60
N ALA J 766 99.41 18.54 -97.93
CA ALA J 766 99.02 18.12 -99.28
C ALA J 766 97.96 17.05 -99.16
N ALA J 767 96.86 17.20 -99.89
CA ALA J 767 95.76 16.25 -99.78
C ALA J 767 96.20 14.86 -100.24
N ALA J 768 96.84 14.78 -101.40
CA ALA J 768 97.29 13.51 -101.95
C ALA J 768 98.45 13.80 -102.90
N CYS J 769 98.86 12.77 -103.65
CA CYS J 769 99.87 12.96 -104.68
C CYS J 769 99.51 12.10 -105.88
N ASN J 770 99.95 12.55 -107.06
CA ASN J 770 99.64 11.89 -108.33
C ASN J 770 100.85 12.07 -109.24
N VAL J 771 100.67 11.73 -110.52
CA VAL J 771 101.76 11.89 -111.47
C VAL J 771 102.06 13.37 -111.70
N ALA J 772 101.02 14.19 -111.85
CA ALA J 772 101.21 15.62 -112.07
C ALA J 772 101.51 16.35 -110.77
N THR J 773 100.80 16.00 -109.69
CA THR J 773 101.03 16.63 -108.40
C THR J 773 102.49 16.50 -107.97
N ALA J 774 103.14 15.39 -108.31
CA ALA J 774 104.45 15.07 -107.77
C ALA J 774 105.54 15.97 -108.36
N ASP J 775 106.27 16.63 -107.48
CA ASP J 775 107.53 17.30 -107.82
C ASP J 775 108.60 16.69 -106.92
N PHE J 776 109.52 15.92 -107.50
CA PHE J 776 110.31 14.97 -106.73
C PHE J 776 111.37 15.63 -105.86
N ASN J 777 111.78 16.85 -106.18
CA ASN J 777 112.65 17.63 -105.32
C ASN J 777 112.15 19.05 -105.26
N ARG J 778 111.73 19.42 -104.05
CA ARG J 778 111.18 20.72 -103.68
C ARG J 778 111.50 20.95 -102.20
N ASN J 779 111.61 22.21 -101.78
CA ASN J 779 111.92 22.53 -100.38
C ASN J 779 111.09 23.62 -99.69
N ASP J 780 109.90 23.93 -100.20
CA ASP J 780 109.09 25.01 -99.61
C ASP J 780 108.63 24.79 -98.16
N GLY J 781 108.27 23.55 -97.90
CA GLY J 781 107.72 23.05 -96.65
C GLY J 781 106.35 22.42 -96.71
N ARG J 782 106.05 21.69 -97.79
CA ARG J 782 104.80 20.94 -97.87
C ARG J 782 104.99 19.50 -97.41
N LEU J 783 103.94 18.95 -96.81
CA LEU J 783 103.92 17.57 -96.37
C LEU J 783 102.74 16.86 -97.01
N LEU J 784 102.97 15.64 -97.48
CA LEU J 784 101.89 14.79 -97.94
C LEU J 784 101.16 14.18 -96.76
N HIS J 785 99.88 13.99 -96.94
CA HIS J 785 99.17 13.16 -96.01
C HIS J 785 98.54 11.96 -96.76
N ASN J 786 98.99 11.69 -97.99
CA ASN J 786 98.40 10.55 -98.72
C ASN J 786 99.15 9.19 -98.79
N THR J 787 98.69 8.29 -97.93
CA THR J 787 99.12 6.90 -97.81
C THR J 787 97.95 6.07 -97.23
N GLN J 788 96.76 6.65 -97.31
CA GLN J 788 95.45 6.15 -96.84
C GLN J 788 94.81 5.10 -97.77
N ALA J 789 93.68 4.47 -97.41
CA ALA J 789 93.26 3.49 -98.39
C ALA J 789 92.03 3.95 -99.16
N ARG J 790 91.19 4.78 -98.54
CA ARG J 790 90.02 5.32 -99.21
C ARG J 790 90.38 6.69 -99.79
N ALA J 791 90.51 6.76 -101.11
CA ALA J 791 90.81 8.01 -101.77
C ALA J 791 89.57 8.77 -102.22
N ALA J 792 88.39 8.15 -102.14
CA ALA J 792 87.15 8.89 -102.37
C ALA J 792 87.00 10.02 -101.37
N ASP J 793 87.34 9.77 -100.12
CA ASP J 793 87.53 10.81 -99.11
C ASP J 793 88.99 10.79 -98.70
N ALA J 794 89.75 11.79 -99.14
CA ALA J 794 91.09 12.01 -98.65
C ALA J 794 91.04 13.05 -97.54
N ALA J 795 92.21 13.32 -96.96
CA ALA J 795 92.36 14.32 -95.88
C ALA J 795 93.81 14.84 -95.76
N ASP J 796 93.98 16.02 -95.15
CA ASP J 796 95.31 16.65 -94.97
C ASP J 796 95.73 16.94 -93.52
N ASP J 797 95.36 18.09 -93.00
CA ASP J 797 95.67 18.41 -91.60
C ASP J 797 94.81 17.53 -90.68
N ARG J 798 93.66 17.11 -91.22
CA ARG J 798 92.68 16.27 -90.53
C ARG J 798 93.38 14.97 -90.31
N PRO J 799 92.93 14.10 -89.42
CA PRO J 799 93.88 12.97 -89.38
C PRO J 799 93.26 11.67 -89.88
N HIS J 800 94.15 10.75 -90.27
CA HIS J 800 93.72 9.42 -90.69
C HIS J 800 93.61 8.46 -89.52
N ARG J 801 94.76 8.02 -89.00
CA ARG J 801 94.88 6.89 -88.07
C ARG J 801 94.36 7.25 -86.68
N PRO J 802 94.37 6.31 -85.72
CA PRO J 802 94.20 6.71 -84.33
C PRO J 802 95.47 7.35 -83.79
N ALA J 803 95.43 7.82 -82.54
CA ALA J 803 96.63 8.37 -81.94
C ALA J 803 97.56 7.25 -81.48
N ASP J 804 96.96 6.13 -81.07
CA ASP J 804 97.73 4.98 -80.60
C ASP J 804 98.55 4.34 -81.70
N TRP J 805 98.26 4.66 -82.96
CA TRP J 805 99.05 4.16 -84.08
C TRP J 805 100.50 4.54 -83.94
N THR J 806 100.78 5.84 -84.09
CA THR J 806 102.14 6.33 -83.95
C THR J 806 102.74 5.97 -82.61
N VAL J 807 101.89 5.83 -81.59
CA VAL J 807 102.42 5.51 -80.26
C VAL J 807 102.92 4.08 -80.23
N HIS J 808 102.11 3.15 -80.72
CA HIS J 808 102.60 1.78 -80.89
C HIS J 808 103.82 1.76 -81.78
N HIS J 809 103.97 2.77 -82.64
CA HIS J 809 105.21 2.96 -83.38
C HIS J 809 106.25 3.69 -82.56
N LYS J 810 105.85 4.72 -81.81
CA LYS J 810 106.77 5.28 -80.83
C LYS J 810 107.23 4.22 -79.86
N ILE J 811 106.30 3.47 -79.26
CA ILE J 811 106.68 2.27 -78.51
C ILE J 811 107.40 1.32 -79.42
N TYR J 812 107.05 1.29 -80.70
CA TYR J 812 107.78 0.44 -81.62
C TYR J 812 109.15 1.01 -81.88
N TYR J 813 109.20 2.26 -82.31
CA TYR J 813 110.47 2.87 -82.64
C TYR J 813 111.28 3.15 -81.38
N TYR J 814 110.66 3.72 -80.37
CA TYR J 814 111.44 4.03 -79.19
C TYR J 814 111.55 2.86 -78.22
N VAL J 815 110.47 2.14 -77.97
CA VAL J 815 110.55 1.04 -77.02
C VAL J 815 110.88 -0.28 -77.70
N LEU J 816 110.25 -0.58 -78.82
CA LEU J 816 110.26 -1.95 -79.31
C LEU J 816 111.51 -2.23 -80.12
N VAL J 817 111.67 -1.50 -81.23
CA VAL J 817 112.86 -1.67 -82.05
C VAL J 817 114.15 -1.56 -81.26
N PRO J 818 114.28 -0.72 -80.25
CA PRO J 818 115.53 -0.70 -79.53
C PRO J 818 115.88 -2.04 -78.90
N ALA J 819 114.89 -2.77 -78.41
CA ALA J 819 115.14 -4.07 -77.87
C ALA J 819 114.81 -4.96 -79.02
N PHE J 820 115.79 -5.41 -79.79
CA PHE J 820 115.61 -6.29 -80.96
C PHE J 820 116.87 -6.06 -81.76
N SER J 821 117.02 -4.85 -82.23
CA SER J 821 118.24 -4.31 -82.79
C SER J 821 119.36 -4.18 -81.77
N ARG J 822 119.03 -3.87 -80.53
CA ARG J 822 120.03 -3.52 -79.53
C ARG J 822 120.92 -2.40 -80.05
N GLY J 823 120.27 -1.38 -80.60
CA GLY J 823 120.96 -0.18 -81.01
C GLY J 823 121.62 -0.22 -82.37
N ARG J 824 121.47 -1.31 -83.12
CA ARG J 824 122.03 -1.38 -84.48
C ARG J 824 120.91 -1.29 -85.49
N CYS J 825 120.79 -0.11 -86.10
CA CYS J 825 119.78 0.23 -87.09
C CYS J 825 119.94 1.71 -87.37
N CYS J 826 119.39 2.20 -88.46
CA CYS J 826 119.49 3.61 -88.74
C CYS J 826 118.27 4.03 -89.54
N THR J 827 117.78 5.23 -89.25
CA THR J 827 116.80 5.85 -90.11
C THR J 827 117.45 6.14 -91.45
N ALA J 828 116.63 6.42 -92.47
CA ALA J 828 117.19 6.90 -93.70
C ALA J 828 116.19 7.74 -94.46
N GLY J 829 116.71 8.65 -95.28
CA GLY J 829 115.90 9.38 -96.23
C GLY J 829 115.79 8.63 -97.53
N VAL J 830 114.68 8.83 -98.22
CA VAL J 830 114.36 8.09 -99.43
C VAL J 830 114.69 8.98 -100.63
N ARG J 831 115.15 8.37 -101.71
CA ARG J 831 115.12 8.98 -103.02
C ARG J 831 113.94 8.35 -103.74
N PHE J 832 112.85 9.09 -103.87
CA PHE J 832 111.65 8.47 -104.42
C PHE J 832 111.70 8.40 -105.94
N ASP J 833 112.20 9.46 -106.59
CA ASP J 833 112.33 9.43 -108.04
C ASP J 833 113.08 8.19 -108.50
N ARG J 834 114.10 7.79 -107.75
CA ARG J 834 114.86 6.62 -108.11
C ARG J 834 114.18 5.33 -107.71
N VAL J 835 113.59 5.27 -106.52
CA VAL J 835 112.87 4.07 -106.13
C VAL J 835 111.79 3.76 -107.16
N TYR J 836 110.89 4.72 -107.38
CA TYR J 836 109.84 4.52 -108.37
C TYR J 836 110.39 4.26 -109.76
N ALA J 837 111.62 4.72 -110.05
CA ALA J 837 112.26 4.40 -111.32
C ALA J 837 112.41 2.90 -111.48
N THR J 838 113.08 2.26 -110.53
CA THR J 838 113.24 0.81 -110.59
C THR J 838 112.10 0.06 -109.95
N LEU J 839 111.14 0.73 -109.30
CA LEU J 839 109.91 0.05 -108.92
C LEU J 839 109.19 -0.45 -110.16
N GLN J 840 108.85 0.44 -111.06
CA GLN J 840 108.29 0.03 -112.32
C GLN J 840 109.43 0.07 -113.32
N ASN J 841 110.11 -1.06 -113.46
CA ASN J 841 110.89 -1.39 -114.64
C ASN J 841 110.83 -2.89 -114.72
N MET J 842 110.09 -3.46 -115.66
CA MET J 842 109.84 -4.88 -115.53
C MET J 842 109.62 -5.51 -116.88
N VAL J 843 110.05 -6.76 -116.98
CA VAL J 843 109.75 -7.58 -118.12
C VAL J 843 108.68 -8.55 -117.66
N VAL J 844 107.45 -8.33 -118.12
CA VAL J 844 106.37 -9.29 -117.94
C VAL J 844 105.98 -9.77 -119.34
N PRO J 845 106.29 -11.01 -119.72
CA PRO J 845 106.04 -11.45 -121.09
C PRO J 845 104.57 -11.65 -121.38
N GLU J 846 104.26 -11.58 -122.67
CA GLU J 846 102.93 -11.94 -123.16
C GLU J 846 102.63 -13.42 -122.93
N ILE J 847 101.36 -13.76 -122.80
CA ILE J 847 100.96 -15.15 -122.59
C ILE J 847 100.39 -15.76 -123.88
N ALA J 848 100.93 -16.91 -124.34
CA ALA J 848 100.42 -17.51 -125.56
C ALA J 848 98.97 -17.87 -125.27
N PRO J 849 98.00 -17.25 -125.95
CA PRO J 849 96.59 -17.42 -125.54
C PRO J 849 96.18 -18.89 -125.46
N GLY J 850 95.50 -19.22 -124.37
CA GLY J 850 95.14 -20.59 -124.08
C GLY J 850 96.04 -21.27 -123.06
N GLU J 851 97.17 -20.65 -122.72
CA GLU J 851 98.08 -21.18 -121.73
C GLU J 851 97.81 -20.57 -120.36
N GLU J 852 98.02 -21.38 -119.31
CA GLU J 852 97.80 -20.92 -117.96
C GLU J 852 98.97 -20.10 -117.45
N CYS J 853 98.93 -19.76 -116.17
CA CYS J 853 99.97 -18.92 -115.59
C CYS J 853 101.28 -19.67 -115.49
N PRO J 854 102.43 -19.01 -115.67
CA PRO J 854 103.67 -19.59 -115.18
C PRO J 854 103.58 -19.67 -113.67
N SER J 855 103.64 -20.89 -113.15
CA SER J 855 103.70 -21.08 -111.70
C SER J 855 105.12 -21.02 -111.18
N ASP J 856 106.06 -21.62 -111.92
CA ASP J 856 107.44 -21.76 -111.49
C ASP J 856 108.33 -20.81 -112.28
N PRO J 857 109.14 -19.98 -111.62
CA PRO J 857 110.13 -19.19 -112.34
C PRO J 857 111.24 -20.03 -112.95
N VAL J 858 111.49 -21.21 -112.40
CA VAL J 858 112.59 -22.04 -112.91
C VAL J 858 112.21 -22.67 -114.25
N THR J 859 111.03 -23.27 -114.33
CA THR J 859 110.64 -24.06 -115.50
C THR J 859 110.09 -23.18 -116.62
N ASP J 860 108.94 -22.55 -116.39
CA ASP J 860 108.28 -21.80 -117.45
C ASP J 860 109.05 -20.51 -117.70
N PRO J 861 109.60 -20.30 -118.90
CA PRO J 861 110.31 -19.05 -119.18
C PRO J 861 109.40 -17.84 -119.27
N ALA J 862 108.10 -18.01 -119.46
CA ALA J 862 107.21 -16.86 -119.50
C ALA J 862 107.09 -16.18 -118.14
N HIS J 863 107.52 -16.84 -117.07
CA HIS J 863 107.55 -16.22 -115.77
C HIS J 863 108.51 -15.05 -115.78
N PRO J 864 108.15 -13.91 -115.19
CA PRO J 864 108.99 -12.71 -115.29
C PRO J 864 110.32 -12.83 -114.58
N LEU J 865 110.47 -13.80 -113.68
CA LEU J 865 111.74 -14.01 -112.98
C LEU J 865 112.62 -15.08 -113.61
N HIS J 866 112.16 -15.71 -114.69
CA HIS J 866 113.00 -16.65 -115.39
C HIS J 866 114.24 -15.94 -115.92
N PRO J 867 115.41 -16.59 -115.90
CA PRO J 867 116.65 -15.89 -116.28
C PRO J 867 116.60 -15.18 -117.61
N ALA J 868 115.82 -15.68 -118.57
CA ALA J 868 115.68 -14.97 -119.83
C ALA J 868 114.99 -13.63 -119.63
N ASN J 869 113.99 -13.59 -118.74
CA ASN J 869 113.28 -12.36 -118.49
C ASN J 869 113.95 -11.49 -117.45
N LEU J 870 114.91 -12.03 -116.71
CA LEU J 870 115.71 -11.20 -115.83
C LEU J 870 116.62 -10.34 -116.68
N VAL J 871 116.53 -9.03 -116.53
CA VAL J 871 117.39 -8.09 -117.21
C VAL J 871 118.04 -7.25 -116.12
N ALA J 872 118.99 -6.41 -116.50
CA ALA J 872 119.66 -5.55 -115.54
C ALA J 872 118.79 -4.34 -115.22
N ASN J 873 118.95 -3.81 -114.01
CA ASN J 873 118.33 -2.56 -113.59
C ASN J 873 116.81 -2.64 -113.50
N THR J 874 116.23 -3.76 -113.95
CA THR J 874 114.79 -3.89 -113.90
C THR J 874 114.34 -4.30 -112.50
N VAL J 875 113.03 -4.33 -112.29
CA VAL J 875 112.54 -4.64 -110.96
C VAL J 875 112.49 -6.14 -110.74
N ASN J 876 112.16 -6.92 -111.78
CA ASN J 876 112.05 -8.36 -111.57
C ASN J 876 113.40 -8.99 -111.28
N ALA J 877 114.49 -8.31 -111.64
CA ALA J 877 115.80 -8.72 -111.16
C ALA J 877 116.04 -8.26 -109.73
N MET J 878 115.47 -7.12 -109.35
CA MET J 878 115.51 -6.71 -107.95
C MET J 878 114.79 -7.72 -107.08
N PHE J 879 113.61 -8.18 -107.50
CA PHE J 879 112.95 -9.28 -106.81
C PHE J 879 113.84 -10.51 -106.75
N HIS J 880 114.74 -10.65 -107.72
CA HIS J 880 115.52 -11.87 -107.80
C HIS J 880 116.70 -11.88 -106.86
N ASN J 881 117.45 -10.78 -106.75
CA ASN J 881 118.66 -10.87 -105.96
C ASN J 881 118.21 -11.38 -104.63
N GLY J 882 117.13 -10.82 -104.09
CA GLY J 882 116.58 -11.31 -102.86
C GLY J 882 115.80 -12.41 -103.50
N ARG J 883 115.84 -13.61 -102.98
CA ARG J 883 115.14 -14.70 -103.64
C ARG J 883 113.68 -14.70 -103.30
N VAL J 884 112.94 -13.81 -103.97
CA VAL J 884 111.53 -13.59 -103.70
C VAL J 884 110.77 -14.03 -104.94
N VAL J 885 109.81 -14.92 -104.77
CA VAL J 885 109.12 -15.52 -105.90
C VAL J 885 107.79 -14.81 -106.10
N VAL J 886 107.66 -14.12 -107.23
CA VAL J 886 106.47 -13.35 -107.54
C VAL J 886 106.04 -13.67 -108.97
N ASP J 887 104.75 -13.94 -109.15
CA ASP J 887 104.27 -14.20 -110.49
C ASP J 887 104.14 -12.89 -111.26
N GLY J 888 103.80 -13.00 -112.54
CA GLY J 888 103.60 -11.85 -113.38
C GLY J 888 102.52 -10.91 -112.90
N PRO J 889 101.31 -11.40 -112.64
CA PRO J 889 100.20 -10.49 -112.35
C PRO J 889 100.39 -9.67 -111.09
N ALA J 890 101.18 -10.13 -110.13
CA ALA J 890 101.35 -9.39 -108.89
C ALA J 890 102.13 -8.11 -109.13
N MET J 891 103.26 -8.20 -109.83
CA MET J 891 104.01 -7.01 -110.18
C MET J 891 103.39 -6.25 -111.35
N LEU J 892 102.38 -6.83 -112.00
CA LEU J 892 101.62 -6.09 -112.99
C LEU J 892 100.67 -5.10 -112.35
N THR J 893 100.30 -5.35 -111.08
CA THR J 893 99.47 -4.44 -110.31
C THR J 893 100.27 -3.29 -109.73
N LEU J 894 101.57 -3.28 -109.98
CA LEU J 894 102.47 -2.28 -109.45
C LEU J 894 102.26 -0.90 -110.05
N GLN J 895 101.40 -0.79 -111.07
CA GLN J 895 101.10 0.50 -111.67
C GLN J 895 100.45 1.48 -110.70
N VAL J 896 99.94 0.99 -109.56
CA VAL J 896 99.22 1.85 -108.61
C VAL J 896 100.07 3.05 -108.19
N LEU J 897 101.38 2.93 -108.28
CA LEU J 897 102.27 4.00 -107.85
C LEU J 897 102.00 5.32 -108.57
N ALA J 898 101.41 5.27 -109.77
CA ALA J 898 101.14 6.49 -110.51
C ALA J 898 100.00 7.28 -109.89
N HIS J 899 99.01 6.58 -109.34
CA HIS J 899 97.88 7.29 -108.73
C HIS J 899 98.19 7.77 -107.33
N ASN J 900 99.05 7.08 -106.60
CA ASN J 900 99.45 7.48 -105.27
C ASN J 900 100.95 7.30 -105.14
N MET J 901 101.67 8.37 -104.79
CA MET J 901 103.11 8.29 -104.64
C MET J 901 103.56 9.39 -103.67
N ALA J 902 104.87 9.60 -103.59
CA ALA J 902 105.46 10.56 -102.66
C ALA J 902 106.65 11.23 -103.32
N GLU J 903 106.78 12.54 -103.12
CA GLU J 903 107.80 13.29 -103.83
C GLU J 903 109.17 13.13 -103.16
N ARG J 904 109.30 13.57 -101.92
CA ARG J 904 110.59 13.61 -101.26
C ARG J 904 110.42 13.40 -99.77
N THR J 905 111.50 12.99 -99.13
CA THR J 905 111.60 12.99 -97.68
C THR J 905 111.92 14.39 -97.18
N THR J 906 111.56 14.65 -95.92
CA THR J 906 111.90 15.93 -95.32
C THR J 906 112.22 15.74 -93.85
N ALA J 907 113.28 16.43 -93.40
CA ALA J 907 113.66 16.45 -92.00
C ALA J 907 112.82 17.48 -91.28
N LEU J 908 112.21 17.07 -90.17
CA LEU J 908 111.25 17.88 -89.43
C LEU J 908 111.78 18.08 -88.02
N LEU J 909 112.12 19.32 -87.68
CA LEU J 909 112.65 19.64 -86.36
C LEU J 909 111.62 20.46 -85.63
N CYS J 910 110.96 19.84 -84.66
CA CYS J 910 109.94 20.51 -83.86
C CYS J 910 110.32 20.54 -82.39
N SER J 911 110.22 21.71 -81.78
CA SER J 911 110.51 21.87 -80.37
C SER J 911 109.23 22.22 -79.62
N ALA J 912 109.39 22.47 -78.32
CA ALA J 912 108.27 22.70 -77.43
C ALA J 912 108.84 23.05 -76.07
N ALA J 913 108.00 23.62 -75.24
CA ALA J 913 108.37 23.98 -73.90
C ALA J 913 108.20 22.72 -73.10
N PRO J 914 108.40 22.83 -71.73
CA PRO J 914 108.24 21.57 -71.00
C PRO J 914 106.79 21.17 -70.94
N ASP J 915 106.57 19.89 -70.79
CA ASP J 915 105.23 19.33 -70.76
C ASP J 915 104.81 20.02 -69.55
N ALA J 916 103.50 20.08 -69.37
CA ALA J 916 102.90 20.81 -68.31
C ALA J 916 103.39 20.36 -66.99
N GLY J 917 103.41 19.06 -66.77
CA GLY J 917 103.92 18.57 -65.54
C GLY J 917 105.38 18.72 -65.82
N ALA J 918 106.15 19.26 -64.89
CA ALA J 918 107.59 19.43 -65.05
C ALA J 918 108.20 20.62 -65.78
N ASN J 919 107.44 21.64 -66.19
CA ASN J 919 108.06 22.80 -66.83
C ASN J 919 107.77 23.81 -65.74
N THR J 920 108.82 24.22 -65.04
CA THR J 920 108.70 25.10 -63.90
C THR J 920 108.81 26.57 -64.28
N ALA J 921 108.80 27.48 -63.32
CA ALA J 921 108.84 28.92 -63.57
C ALA J 921 110.06 29.46 -64.31
N SER J 922 111.26 28.96 -64.02
CA SER J 922 112.45 29.42 -64.71
C SER J 922 112.46 28.81 -66.08
N THR J 923 112.19 27.53 -66.01
CA THR J 923 112.04 26.58 -67.08
C THR J 923 110.93 26.97 -68.06
N ALA J 924 110.32 28.14 -67.90
CA ALA J 924 109.32 28.57 -68.85
C ALA J 924 109.91 28.75 -70.23
N ASN J 925 111.19 29.12 -70.30
CA ASN J 925 111.87 29.37 -71.56
C ASN J 925 112.65 28.17 -72.07
N MET J 926 112.57 27.03 -71.39
CA MET J 926 113.27 25.85 -71.88
C MET J 926 112.57 25.29 -73.10
N ARG J 927 113.36 24.79 -74.04
CA ARG J 927 112.86 24.21 -75.28
C ARG J 927 113.42 22.81 -75.43
N ILE J 928 112.56 21.87 -75.80
CA ILE J 928 112.95 20.47 -75.96
C ILE J 928 112.81 20.13 -77.43
N PHE J 929 113.95 19.93 -78.11
CA PHE J 929 113.99 19.74 -79.55
C PHE J 929 113.91 18.28 -79.91
N ASP J 930 112.99 17.93 -80.80
CA ASP J 930 112.81 16.56 -81.25
C ASP J 930 112.69 16.56 -82.77
N GLY J 931 113.65 15.94 -83.45
CA GLY J 931 113.64 15.86 -84.90
C GLY J 931 113.04 14.57 -85.38
N ALA J 932 112.54 14.60 -86.61
CA ALA J 932 112.01 13.40 -87.26
C ALA J 932 112.01 13.61 -88.76
N LEU J 933 111.89 12.50 -89.49
CA LEU J 933 111.81 12.51 -90.94
C LEU J 933 110.36 12.39 -91.35
N HIS J 934 109.98 13.06 -92.44
CA HIS J 934 108.60 12.88 -92.84
C HIS J 934 108.37 11.57 -93.56
N ALA J 935 109.04 11.34 -94.68
CA ALA J 935 108.88 10.04 -95.32
C ALA J 935 110.29 9.51 -95.17
N GLY J 936 110.49 8.70 -94.13
CA GLY J 936 111.76 8.10 -93.84
C GLY J 936 111.69 6.60 -94.04
N VAL J 937 112.73 5.93 -93.56
CA VAL J 937 112.74 4.48 -93.52
C VAL J 937 113.73 4.07 -92.45
N LEU J 938 113.52 2.89 -91.88
CA LEU J 938 114.38 2.35 -90.84
C LEU J 938 115.14 1.15 -91.39
N LEU J 939 116.45 1.19 -91.28
CA LEU J 939 117.32 0.17 -91.86
C LEU J 939 117.74 -0.77 -90.74
N MET J 940 117.15 -1.96 -90.71
CA MET J 940 117.38 -2.90 -89.61
C MET J 940 118.84 -3.30 -89.47
N ALA J 941 119.33 -4.13 -90.37
CA ALA J 941 120.70 -4.61 -90.29
C ALA J 941 121.50 -4.04 -91.44
N PRO J 942 122.67 -3.46 -91.16
CA PRO J 942 123.54 -2.87 -92.19
C PRO J 942 124.19 -3.88 -93.09
N GLN J 943 124.23 -3.60 -94.39
CA GLN J 943 124.86 -4.46 -95.36
C GLN J 943 125.58 -3.59 -96.34
N HIS J 944 126.64 -2.96 -95.87
CA HIS J 944 127.44 -2.05 -96.67
C HIS J 944 128.60 -2.77 -97.28
N LEU J 945 128.53 -4.09 -97.27
CA LEU J 945 129.59 -4.90 -97.79
C LEU J 945 129.03 -5.87 -98.81
N ASP J 946 128.64 -5.34 -99.94
CA ASP J 946 128.10 -6.14 -101.03
C ASP J 946 128.16 -5.16 -102.20
N HIS J 947 127.99 -5.62 -103.43
CA HIS J 947 128.06 -4.70 -104.55
C HIS J 947 127.06 -4.52 -105.67
N THR J 948 125.85 -4.96 -105.42
CA THR J 948 124.78 -4.91 -106.40
C THR J 948 124.09 -3.58 -106.57
N ILE J 949 123.51 -3.11 -105.49
CA ILE J 949 123.00 -1.76 -105.36
C ILE J 949 124.11 -0.86 -104.84
N GLN J 950 124.22 0.31 -105.44
CA GLN J 950 125.23 1.29 -105.03
C GLN J 950 124.99 1.72 -103.59
N ASN J 951 126.06 2.13 -102.93
CA ASN J 951 125.95 2.66 -101.58
C ASN J 951 125.44 4.08 -101.64
N GLY J 952 124.29 4.33 -101.02
CA GLY J 952 123.61 5.59 -101.21
C GLY J 952 122.79 5.68 -102.48
N GLU J 953 122.61 4.57 -103.18
CA GLU J 953 121.80 4.59 -104.39
C GLU J 953 120.37 5.03 -104.09
N TYR J 954 119.72 4.37 -103.14
CA TYR J 954 118.34 4.68 -102.81
C TYR J 954 118.24 5.52 -101.55
N PHE J 955 118.80 5.02 -100.46
CA PHE J 955 118.74 5.65 -99.16
C PHE J 955 119.99 6.34 -98.64
N TYR J 956 119.84 7.40 -97.88
CA TYR J 956 121.04 8.02 -97.37
C TYR J 956 120.90 7.97 -95.89
N VAL J 957 121.88 7.42 -95.18
CA VAL J 957 121.74 7.32 -93.76
C VAL J 957 121.67 8.71 -93.22
N LEU J 958 120.59 8.98 -92.52
CA LEU J 958 120.37 10.22 -91.85
C LEU J 958 119.80 9.70 -90.58
N PRO J 959 120.50 9.97 -89.41
CA PRO J 959 119.89 9.45 -88.18
C PRO J 959 119.18 10.57 -87.41
N VAL J 960 117.94 10.38 -86.94
CA VAL J 960 117.14 11.43 -86.29
C VAL J 960 117.47 11.50 -84.81
N HIS J 961 117.68 10.35 -84.19
CA HIS J 961 117.90 10.27 -82.76
C HIS J 961 119.07 9.33 -82.51
N ALA J 962 119.64 9.42 -81.32
CA ALA J 962 120.74 8.54 -80.97
C ALA J 962 120.30 7.09 -80.83
N LEU J 963 119.02 6.86 -80.52
CA LEU J 963 118.49 5.50 -80.55
C LEU J 963 118.68 4.89 -81.93
N PHE J 964 118.28 5.61 -82.97
CA PHE J 964 118.54 5.15 -84.32
C PHE J 964 119.67 6.00 -84.87
N ALA J 965 120.89 5.53 -84.65
CA ALA J 965 122.05 5.92 -85.42
C ALA J 965 122.85 4.64 -85.54
N GLY J 966 122.98 4.13 -86.76
CA GLY J 966 123.73 2.90 -86.94
C GLY J 966 125.20 3.15 -86.70
N ALA J 967 125.79 2.32 -85.84
CA ALA J 967 127.24 2.37 -85.73
C ALA J 967 127.89 2.11 -87.08
N ASP J 968 127.37 1.15 -87.83
CA ASP J 968 127.87 0.83 -89.15
C ASP J 968 127.13 1.54 -90.28
N HIS J 969 126.01 2.18 -90.01
CA HIS J 969 125.37 2.96 -91.06
C HIS J 969 126.02 4.32 -91.20
N VAL J 970 126.37 4.95 -90.08
CA VAL J 970 126.96 6.27 -90.14
C VAL J 970 128.38 6.19 -90.67
N ALA J 971 129.13 5.17 -90.24
CA ALA J 971 130.55 5.09 -90.58
C ALA J 971 130.77 4.66 -92.02
N ASN J 972 129.84 3.93 -92.60
CA ASN J 972 129.97 3.36 -93.93
C ASN J 972 129.30 4.20 -95.01
N ALA J 973 128.85 5.42 -94.68
CA ALA J 973 128.10 6.25 -95.61
C ALA J 973 128.99 6.56 -96.80
N PRO J 974 128.48 7.21 -97.86
CA PRO J 974 129.32 7.35 -99.07
C PRO J 974 130.64 8.05 -98.82
N ASN J 975 130.63 9.19 -98.14
CA ASN J 975 131.86 9.85 -97.71
C ASN J 975 131.80 10.04 -96.21
N PHE J 976 132.62 9.28 -95.49
CA PHE J 976 132.70 9.37 -94.05
C PHE J 976 134.10 9.80 -93.65
N PRO J 977 134.26 10.92 -92.94
CA PRO J 977 135.59 11.38 -92.55
C PRO J 977 136.35 10.28 -91.83
N PRO J 978 137.58 9.99 -92.27
CA PRO J 978 138.33 8.85 -91.69
C PRO J 978 138.81 9.09 -90.28
N ALA J 979 138.87 10.33 -89.82
CA ALA J 979 139.27 10.57 -88.44
C ALA J 979 138.23 10.08 -87.46
N LEU J 980 136.96 10.06 -87.87
CA LEU J 980 135.86 9.75 -86.98
C LEU J 980 135.57 8.27 -86.85
N ARG J 981 136.37 7.41 -87.49
CA ARG J 981 136.06 5.98 -87.53
C ARG J 981 135.82 5.42 -86.13
N ASP J 982 136.75 5.66 -85.22
CA ASP J 982 136.60 5.17 -83.85
C ASP J 982 135.60 6.01 -83.06
N LEU J 983 135.70 7.33 -83.17
CA LEU J 983 134.75 8.18 -82.47
C LEU J 983 133.32 7.85 -82.89
N ALA J 984 133.13 7.43 -84.13
CA ALA J 984 131.82 7.02 -84.59
C ALA J 984 131.46 5.61 -84.17
N ARG J 985 132.43 4.89 -83.61
CA ARG J 985 132.23 3.55 -83.10
C ARG J 985 131.44 3.66 -81.83
N HIS J 986 131.85 4.61 -80.99
CA HIS J 986 131.16 4.92 -79.75
C HIS J 986 130.91 6.40 -79.87
N VAL J 987 129.63 6.77 -79.82
CA VAL J 987 129.10 8.12 -79.99
C VAL J 987 128.07 7.89 -81.07
N PRO J 988 126.89 8.46 -80.88
CA PRO J 988 125.79 8.39 -81.85
C PRO J 988 125.66 9.63 -82.70
N LEU J 989 126.33 9.72 -83.85
CA LEU J 989 126.43 10.99 -84.53
C LEU J 989 125.09 11.40 -85.12
N VAL J 990 124.52 12.47 -84.58
CA VAL J 990 123.22 13.00 -84.99
C VAL J 990 123.41 14.47 -85.35
N PRO J 991 123.12 14.89 -86.57
CA PRO J 991 123.22 16.30 -86.91
C PRO J 991 122.21 17.12 -86.12
N PRO J 992 122.65 18.20 -85.48
CA PRO J 992 121.74 19.00 -84.64
C PRO J 992 120.60 19.61 -85.40
N ALA J 993 120.69 19.65 -86.73
CA ALA J 993 119.48 19.90 -87.52
C ALA J 993 118.36 18.95 -87.12
N LEU J 994 118.70 17.77 -86.63
CA LEU J 994 117.72 16.86 -86.07
C LEU J 994 117.61 16.95 -84.56
N GLY J 995 118.37 17.80 -83.92
CA GLY J 995 118.34 17.93 -82.48
C GLY J 995 119.60 17.38 -81.83
N ALA J 996 119.80 17.79 -80.59
CA ALA J 996 120.99 17.48 -79.82
C ALA J 996 120.60 16.69 -78.58
N ASN J 997 121.59 16.03 -77.99
CA ASN J 997 121.35 15.18 -76.83
C ASN J 997 120.53 15.92 -75.78
N TYR J 998 121.14 16.93 -75.17
CA TYR J 998 120.54 17.56 -74.01
C TYR J 998 119.20 18.20 -74.30
N PHE J 999 118.89 18.48 -75.55
CA PHE J 999 117.62 19.09 -75.85
C PHE J 999 116.59 18.10 -76.34
N SER J 1000 116.92 16.82 -76.39
CA SER J 1000 115.91 15.86 -76.81
C SER J 1000 115.04 15.44 -75.62
N SER J 1001 113.99 14.69 -75.92
CA SER J 1001 113.18 14.12 -74.87
C SER J 1001 113.81 12.84 -74.36
N ILE J 1002 114.53 12.13 -75.22
CA ILE J 1002 115.32 10.98 -74.84
C ILE J 1002 116.79 11.37 -74.95
N ARG J 1003 117.55 11.01 -73.93
CA ARG J 1003 118.95 11.30 -73.85
C ARG J 1003 119.67 9.98 -73.65
N GLN J 1004 120.96 10.06 -73.38
CA GLN J 1004 121.81 8.88 -73.54
C GLN J 1004 121.42 7.68 -72.68
N PRO J 1005 121.22 7.81 -71.37
CA PRO J 1005 121.05 6.60 -70.56
C PRO J 1005 119.97 5.66 -71.07
N VAL J 1006 118.94 6.21 -71.71
CA VAL J 1006 117.95 5.35 -72.36
C VAL J 1006 118.61 4.57 -73.49
N VAL J 1007 119.42 5.26 -74.27
CA VAL J 1007 120.07 4.63 -75.42
C VAL J 1007 121.04 3.56 -74.95
N GLN J 1008 121.75 3.82 -73.85
CA GLN J 1008 122.78 2.90 -73.39
C GLN J 1008 122.17 1.72 -72.65
N HIS J 1009 121.08 1.92 -71.91
CA HIS J 1009 120.38 0.78 -71.34
C HIS J 1009 119.93 -0.16 -72.43
N ALA J 1010 119.47 0.32 -73.56
CA ALA J 1010 119.01 -0.65 -74.54
C ALA J 1010 120.09 -1.56 -75.10
N ARG J 1011 121.24 -0.99 -75.39
CA ARG J 1011 122.34 -1.72 -75.96
C ARG J 1011 123.27 -2.37 -74.96
N GLU J 1012 122.75 -3.33 -74.21
CA GLU J 1012 123.56 -3.96 -73.17
C GLU J 1012 122.85 -4.61 -72.00
N SER J 1013 121.55 -4.43 -71.86
CA SER J 1013 120.83 -5.07 -70.77
C SER J 1013 120.79 -6.54 -71.08
N ALA J 1014 120.98 -7.40 -70.09
CA ALA J 1014 120.88 -8.81 -70.33
C ALA J 1014 119.48 -9.26 -69.93
N ALA J 1015 118.45 -8.89 -70.66
CA ALA J 1015 117.11 -9.26 -70.30
C ALA J 1015 116.32 -9.61 -71.54
N GLY J 1016 115.37 -10.51 -71.42
CA GLY J 1016 114.65 -10.92 -72.60
C GLY J 1016 114.29 -9.72 -73.44
N GLU J 1017 114.20 -9.90 -74.75
CA GLU J 1017 113.72 -8.79 -75.56
C GLU J 1017 112.36 -8.33 -75.11
N ASN J 1018 111.71 -9.08 -74.24
CA ASN J 1018 110.54 -8.62 -73.53
C ASN J 1018 110.91 -7.93 -72.23
N ALA J 1019 111.53 -8.65 -71.30
CA ALA J 1019 111.87 -8.08 -70.01
C ALA J 1019 112.58 -6.76 -70.16
N LEU J 1020 113.44 -6.65 -71.17
CA LEU J 1020 114.09 -5.38 -71.44
C LEU J 1020 113.07 -4.39 -71.94
N THR J 1021 112.28 -4.77 -72.93
CA THR J 1021 111.37 -3.82 -73.55
C THR J 1021 110.36 -3.36 -72.53
N TYR J 1022 110.21 -4.12 -71.44
CA TYR J 1022 109.58 -3.62 -70.23
C TYR J 1022 110.38 -2.48 -69.63
N ALA J 1023 111.66 -2.74 -69.36
CA ALA J 1023 112.51 -1.76 -68.70
C ALA J 1023 112.72 -0.51 -69.54
N LEU J 1024 112.52 -0.57 -70.85
CA LEU J 1024 112.52 0.66 -71.64
C LEU J 1024 111.25 1.45 -71.41
N MET J 1025 110.12 0.76 -71.48
CA MET J 1025 108.88 1.34 -71.00
C MET J 1025 109.07 1.86 -69.58
N ALA J 1026 110.00 1.27 -68.84
CA ALA J 1026 110.31 1.74 -67.51
C ALA J 1026 111.18 3.00 -67.50
N GLY J 1027 111.96 3.23 -68.55
CA GLY J 1027 112.80 4.40 -68.57
C GLY J 1027 112.07 5.61 -69.05
N TYR J 1028 111.08 5.40 -69.92
CA TYR J 1028 110.35 6.54 -70.47
C TYR J 1028 109.32 7.05 -69.53
N PHE J 1029 109.19 6.49 -68.34
CA PHE J 1029 108.33 7.13 -67.38
C PHE J 1029 108.91 8.51 -67.11
N LYS J 1030 108.10 9.53 -67.35
CA LYS J 1030 108.64 10.86 -67.43
C LYS J 1030 109.20 11.26 -66.06
N MET J 1031 110.05 12.27 -66.06
CA MET J 1031 110.78 12.67 -64.85
C MET J 1031 110.40 14.07 -64.43
N SER J 1032 109.56 14.17 -63.43
CA SER J 1032 109.01 15.42 -63.02
C SER J 1032 108.10 15.07 -61.89
N PRO J 1033 107.75 16.03 -61.01
CA PRO J 1033 106.79 15.72 -59.96
C PRO J 1033 105.58 15.01 -60.51
N VAL J 1034 104.97 15.57 -61.55
CA VAL J 1034 103.68 15.04 -62.01
C VAL J 1034 103.79 13.60 -62.42
N ALA J 1035 104.88 13.23 -63.09
CA ALA J 1035 105.05 11.83 -63.47
C ALA J 1035 105.29 10.96 -62.26
N LEU J 1036 106.17 11.41 -61.36
CA LEU J 1036 106.57 10.59 -60.22
C LEU J 1036 105.47 10.39 -59.20
N TYR J 1037 104.40 11.16 -59.23
CA TYR J 1037 103.22 10.69 -58.52
C TYR J 1037 102.81 9.34 -59.03
N HIS J 1038 102.46 9.27 -60.29
CA HIS J 1038 102.07 8.02 -60.89
C HIS J 1038 103.08 6.95 -60.55
N GLN J 1039 104.35 7.23 -60.74
CA GLN J 1039 105.36 6.23 -60.41
C GLN J 1039 105.36 5.81 -58.96
N LEU J 1040 105.78 6.71 -58.07
CA LEU J 1040 105.89 6.41 -56.65
C LEU J 1040 104.58 5.85 -56.10
N LYS J 1041 103.48 6.51 -56.44
CA LYS J 1041 102.19 6.15 -55.85
C LYS J 1041 101.67 4.84 -56.40
N THR J 1042 101.94 4.52 -57.67
CA THR J 1042 101.48 3.27 -58.25
C THR J 1042 102.51 2.14 -58.10
N GLY J 1043 103.62 2.39 -57.45
CA GLY J 1043 104.50 1.28 -57.18
C GLY J 1043 105.69 0.90 -57.99
N LEU J 1044 106.00 1.60 -59.04
CA LEU J 1044 107.25 1.19 -59.67
C LEU J 1044 108.39 2.04 -59.14
N HIS J 1045 109.56 1.74 -59.58
CA HIS J 1045 110.51 2.62 -58.95
C HIS J 1045 110.85 3.77 -59.88
N PRO J 1046 110.81 5.02 -59.39
CA PRO J 1046 110.98 6.18 -60.26
C PRO J 1046 112.37 6.31 -60.86
N GLY J 1047 113.33 5.56 -60.40
CA GLY J 1047 114.70 5.67 -60.82
C GLY J 1047 115.57 6.32 -59.77
N PHE J 1048 114.97 6.93 -58.77
CA PHE J 1048 115.70 7.42 -57.62
C PHE J 1048 114.83 7.24 -56.39
N GLY J 1049 115.46 7.32 -55.25
CA GLY J 1049 114.79 7.08 -53.99
C GLY J 1049 115.40 8.00 -52.97
N PHE J 1050 114.82 8.03 -51.79
CA PHE J 1050 115.15 9.13 -50.91
C PHE J 1050 115.82 8.64 -49.65
N THR J 1051 116.58 9.53 -49.02
CA THR J 1051 117.06 9.33 -47.67
C THR J 1051 115.97 9.67 -46.70
N VAL J 1052 115.85 8.90 -45.64
CA VAL J 1052 114.91 9.18 -44.57
C VAL J 1052 115.69 9.78 -43.43
N VAL J 1053 115.49 11.07 -43.18
CA VAL J 1053 116.21 11.81 -42.16
C VAL J 1053 115.21 12.10 -41.06
N ARG J 1054 115.47 11.61 -39.87
CA ARG J 1054 114.53 11.98 -38.82
C ARG J 1054 115.26 12.29 -37.54
N GLN J 1055 114.78 13.31 -36.84
CA GLN J 1055 115.36 13.69 -35.57
C GLN J 1055 114.45 13.27 -34.43
N ASP J 1056 115.08 12.89 -33.32
CA ASP J 1056 114.44 12.24 -32.20
C ASP J 1056 115.08 12.73 -30.90
N ARG J 1057 114.26 12.90 -29.87
CA ARG J 1057 114.72 13.36 -28.58
C ARG J 1057 114.52 12.26 -27.55
N PHE J 1058 115.31 12.32 -26.49
CA PHE J 1058 115.17 11.36 -25.40
C PHE J 1058 115.17 12.10 -24.09
N VAL J 1059 114.23 11.76 -23.22
CA VAL J 1059 114.32 12.23 -21.85
C VAL J 1059 115.30 11.32 -21.14
N THR J 1060 116.34 11.90 -20.58
CA THR J 1060 117.46 11.11 -20.14
C THR J 1060 117.75 11.51 -18.71
N GLU J 1061 118.24 10.58 -17.93
CA GLU J 1061 118.49 10.87 -16.53
C GLU J 1061 119.96 11.14 -16.36
N ASN J 1062 120.27 12.43 -16.21
CA ASN J 1062 121.65 12.85 -16.08
C ASN J 1062 122.11 12.65 -14.65
N VAL J 1063 123.36 13.00 -14.41
CA VAL J 1063 123.87 13.28 -13.08
C VAL J 1063 124.89 14.41 -13.20
N LEU J 1064 124.81 15.37 -12.29
CA LEU J 1064 125.59 16.61 -12.34
C LEU J 1064 126.55 16.61 -11.18
N PHE J 1065 127.82 16.46 -11.45
CA PHE J 1065 128.80 16.63 -10.41
C PHE J 1065 129.43 18.00 -10.53
N SER J 1066 129.79 18.57 -9.39
CA SER J 1066 130.47 19.87 -9.36
C SER J 1066 131.51 19.86 -8.27
N GLU J 1067 132.48 20.74 -8.40
CA GLU J 1067 133.55 20.87 -7.46
C GLU J 1067 133.18 21.74 -6.27
N ARG J 1068 134.06 21.90 -5.29
CA ARG J 1068 133.75 22.62 -4.09
C ARG J 1068 133.39 24.07 -4.12
N ALA J 1069 134.08 24.90 -4.87
CA ALA J 1069 133.76 26.31 -4.86
C ALA J 1069 133.74 26.62 -6.29
N SER J 1070 133.17 25.72 -7.04
CA SER J 1070 133.24 25.92 -8.49
C SER J 1070 132.70 27.24 -9.01
N GLU J 1071 131.94 27.98 -8.21
CA GLU J 1071 131.37 29.23 -8.68
C GLU J 1071 131.43 30.30 -7.60
N ALA J 1072 131.81 31.51 -7.98
CA ALA J 1072 131.68 32.65 -7.10
C ALA J 1072 130.37 33.33 -7.42
N TYR J 1073 129.62 33.67 -6.39
CA TYR J 1073 128.24 34.07 -6.58
C TYR J 1073 127.95 35.18 -5.59
N PHE J 1074 127.59 36.34 -6.08
CA PHE J 1074 127.53 37.52 -5.24
C PHE J 1074 126.09 37.71 -4.81
N LEU J 1075 125.85 37.48 -3.54
CA LEU J 1075 124.51 37.52 -2.98
C LEU J 1075 124.32 38.98 -2.63
N GLY J 1076 123.57 39.69 -3.46
CA GLY J 1076 123.49 41.13 -3.33
C GLY J 1076 122.48 41.52 -2.29
N GLN J 1077 122.43 42.82 -2.03
CA GLN J 1077 121.35 43.35 -1.23
C GLN J 1077 120.03 43.05 -1.93
N LEU J 1078 119.04 42.57 -1.19
CA LEU J 1078 117.74 42.38 -1.80
C LEU J 1078 117.18 43.72 -2.22
N GLN J 1079 116.29 43.71 -3.21
CA GLN J 1079 115.71 44.94 -3.72
C GLN J 1079 114.20 44.77 -3.85
N VAL J 1080 113.46 45.56 -3.08
CA VAL J 1080 112.01 45.56 -3.13
C VAL J 1080 111.56 46.57 -4.16
N ALA J 1081 110.51 46.24 -4.90
CA ALA J 1081 109.85 47.19 -5.78
C ALA J 1081 108.36 47.15 -5.51
N ARG J 1082 107.81 48.24 -4.97
CA ARG J 1082 106.38 48.31 -4.76
C ARG J 1082 105.70 48.67 -6.06
N HIS J 1083 104.86 47.78 -6.56
CA HIS J 1083 104.14 47.93 -7.81
C HIS J 1083 102.66 47.95 -7.49
N GLU J 1084 101.83 48.15 -8.50
CA GLU J 1084 100.39 48.20 -8.32
C GLU J 1084 99.74 47.26 -9.30
N THR J 1085 98.89 46.38 -8.79
CA THR J 1085 98.12 45.44 -9.59
C THR J 1085 96.65 45.79 -9.47
N GLY J 1086 95.79 44.99 -10.09
CA GLY J 1086 94.38 45.29 -9.94
C GLY J 1086 93.95 45.07 -8.52
N GLY J 1087 94.00 43.84 -8.03
CA GLY J 1087 93.99 43.60 -6.61
C GLY J 1087 95.35 43.86 -5.99
N GLY J 1088 95.44 44.76 -5.02
CA GLY J 1088 96.63 44.84 -4.20
C GLY J 1088 97.88 45.36 -4.85
N VAL J 1089 98.85 45.75 -4.03
CA VAL J 1089 100.17 46.14 -4.49
C VAL J 1089 101.04 44.91 -4.71
N ASN J 1090 102.05 45.06 -5.55
CA ASN J 1090 102.91 43.97 -5.94
C ASN J 1090 104.33 44.20 -5.55
N PHE J 1091 104.90 43.37 -4.69
CA PHE J 1091 106.29 43.57 -4.32
C PHE J 1091 107.07 42.53 -5.01
N THR J 1092 108.03 42.94 -5.82
CA THR J 1092 108.85 41.98 -6.51
C THR J 1092 110.21 42.13 -5.94
N LEU J 1093 110.69 41.08 -5.30
CA LEU J 1093 111.99 41.14 -4.72
C LEU J 1093 112.94 40.60 -5.69
N THR J 1094 113.82 41.47 -6.09
CA THR J 1094 114.92 41.05 -6.93
C THR J 1094 116.21 41.13 -6.13
N GLN J 1095 117.12 40.22 -6.43
CA GLN J 1095 118.41 40.15 -5.76
C GLN J 1095 119.52 40.28 -6.77
N PRO J 1096 120.04 41.48 -6.97
CA PRO J 1096 121.15 41.63 -7.90
C PRO J 1096 122.19 40.61 -7.53
N ARG J 1097 122.66 39.90 -8.52
CA ARG J 1097 123.75 39.01 -8.27
C ARG J 1097 124.76 39.18 -9.36
N GLY J 1098 125.84 38.46 -9.20
CA GLY J 1098 126.74 38.21 -10.28
C GLY J 1098 127.33 36.87 -9.98
N ASN J 1099 127.73 36.18 -11.01
CA ASN J 1099 128.47 34.97 -10.77
C ASN J 1099 129.58 34.89 -11.78
N VAL J 1100 130.80 34.73 -11.28
CA VAL J 1100 131.87 34.30 -12.10
C VAL J 1100 131.88 32.77 -11.97
N ASP J 1101 132.69 32.12 -12.78
CA ASP J 1101 133.05 30.73 -12.57
C ASP J 1101 134.45 30.77 -12.03
N LEU J 1102 134.65 30.22 -10.85
CA LEU J 1102 135.99 30.15 -10.31
C LEU J 1102 136.58 28.84 -10.79
N GLY J 1103 137.48 28.93 -11.75
CA GLY J 1103 138.29 27.82 -12.14
C GLY J 1103 138.87 28.07 -13.50
N VAL J 1104 140.08 27.61 -13.72
CA VAL J 1104 140.67 27.87 -14.99
C VAL J 1104 139.98 27.00 -16.04
N GLY J 1105 139.70 25.74 -15.72
CA GLY J 1105 139.03 24.87 -16.66
C GLY J 1105 138.09 23.86 -16.07
N TYR J 1106 136.93 23.68 -16.67
CA TYR J 1106 135.89 22.74 -16.20
C TYR J 1106 135.31 22.92 -14.80
N THR J 1107 135.31 21.89 -13.98
CA THR J 1107 134.75 21.93 -12.62
C THR J 1107 133.30 21.62 -12.52
N ALA J 1108 132.68 21.20 -13.62
CA ALA J 1108 131.29 20.83 -13.58
C ALA J 1108 131.06 19.96 -14.74
N VAL J 1109 130.51 18.79 -14.51
CA VAL J 1109 130.23 17.89 -15.59
C VAL J 1109 128.84 17.49 -15.34
N ALA J 1110 128.26 16.88 -16.33
CA ALA J 1110 126.88 16.41 -16.27
C ALA J 1110 126.76 15.15 -17.13
N ALA J 1111 125.99 14.17 -16.67
CA ALA J 1111 126.12 12.83 -17.22
C ALA J 1111 124.79 12.14 -17.43
N THR J 1112 124.47 11.79 -18.68
CA THR J 1112 123.27 11.01 -18.96
C THR J 1112 123.54 9.57 -18.58
N ALA J 1113 122.84 9.04 -17.55
CA ALA J 1113 123.06 7.68 -17.10
C ALA J 1113 122.06 6.67 -17.64
N THR J 1114 120.93 7.12 -18.18
CA THR J 1114 119.88 6.23 -18.65
C THR J 1114 119.06 6.99 -19.66
N VAL J 1115 118.09 6.31 -20.26
CA VAL J 1115 116.99 6.97 -20.93
C VAL J 1115 115.80 6.87 -20.01
N ARG J 1116 115.12 7.99 -19.81
CA ARG J 1116 113.79 7.87 -19.24
C ARG J 1116 112.83 7.35 -20.30
N ASN J 1117 112.60 8.13 -21.35
CA ASN J 1117 111.68 7.70 -22.39
C ASN J 1117 112.15 8.24 -23.74
N PRO J 1118 111.65 7.73 -24.85
CA PRO J 1118 112.00 8.35 -26.11
C PRO J 1118 110.92 9.38 -26.20
N VAL J 1119 111.24 10.63 -26.39
CA VAL J 1119 110.25 11.66 -26.45
C VAL J 1119 109.52 11.69 -27.78
N THR J 1120 110.04 11.04 -28.79
CA THR J 1120 109.49 11.13 -30.12
C THR J 1120 109.07 9.75 -30.60
N ASP J 1121 107.93 9.56 -31.23
CA ASP J 1121 107.54 8.22 -31.57
C ASP J 1121 108.40 7.42 -32.45
N MET J 1122 109.28 8.06 -33.17
CA MET J 1122 110.21 7.34 -34.01
C MET J 1122 109.91 6.75 -35.35
N GLY J 1123 108.76 7.01 -35.93
CA GLY J 1123 108.54 6.49 -37.26
C GLY J 1123 107.54 6.90 -38.25
N ASN J 1124 107.95 6.96 -39.51
CA ASN J 1124 107.07 7.11 -40.64
C ASN J 1124 106.49 8.38 -41.07
N LEU J 1125 106.76 9.44 -40.42
CA LEU J 1125 106.06 10.63 -40.88
C LEU J 1125 106.94 11.30 -41.93
N PRO J 1126 106.39 11.63 -43.07
CA PRO J 1126 107.21 12.21 -44.14
C PRO J 1126 107.49 13.69 -43.98
N GLN J 1127 108.05 14.28 -45.02
CA GLN J 1127 108.17 15.72 -45.11
C GLN J 1127 107.20 16.19 -46.18
N ASN J 1128 106.68 17.39 -46.01
CA ASN J 1128 105.77 18.01 -46.95
C ASN J 1128 106.34 19.37 -47.30
N PHE J 1129 106.63 19.60 -48.56
CA PHE J 1129 107.17 20.88 -48.93
C PHE J 1129 106.11 21.90 -49.23
N TYR J 1130 104.85 21.51 -49.28
CA TYR J 1130 103.82 22.48 -49.52
C TYR J 1130 103.47 23.25 -48.27
N LEU J 1131 104.13 22.93 -47.17
CA LEU J 1131 103.96 23.71 -45.95
C LEU J 1131 104.62 25.06 -46.06
N GLY J 1132 105.82 25.04 -46.62
CA GLY J 1132 106.58 26.25 -46.83
C GLY J 1132 106.69 26.65 -48.27
N ARG J 1133 106.31 27.89 -48.57
CA ARG J 1133 106.32 28.47 -49.91
C ARG J 1133 107.67 29.04 -50.34
N GLY J 1134 108.66 28.18 -50.49
CA GLY J 1134 109.98 28.63 -50.88
C GLY J 1134 110.46 28.42 -52.29
N ALA J 1135 109.62 27.89 -53.18
CA ALA J 1135 110.02 27.63 -54.55
C ALA J 1135 109.05 28.01 -55.65
N PRO J 1136 109.65 28.20 -56.89
CA PRO J 1136 108.77 28.58 -58.00
C PRO J 1136 107.91 27.40 -58.39
N PRO J 1137 106.61 27.60 -58.58
CA PRO J 1137 105.66 26.51 -58.86
C PRO J 1137 105.49 26.06 -60.31
N LEU J 1138 104.74 24.98 -60.57
CA LEU J 1138 104.49 24.65 -61.96
C LEU J 1138 103.93 25.88 -62.63
N LEU J 1139 104.37 26.07 -63.87
CA LEU J 1139 103.93 27.14 -64.74
C LEU J 1139 102.46 27.00 -65.11
N ASP J 1140 101.98 25.77 -65.28
CA ASP J 1140 100.57 25.58 -65.60
C ASP J 1140 99.85 25.55 -64.26
N ASN J 1141 99.02 26.57 -64.00
CA ASN J 1141 98.28 26.56 -62.74
C ASN J 1141 97.48 25.28 -62.61
N ALA J 1142 96.89 24.82 -63.72
CA ALA J 1142 96.11 23.60 -63.68
C ALA J 1142 96.97 22.42 -63.27
N ALA J 1143 98.26 22.46 -63.57
CA ALA J 1143 99.17 21.41 -63.13
C ALA J 1143 99.50 21.56 -61.65
N ALA J 1144 99.85 22.78 -61.23
CA ALA J 1144 100.18 23.03 -59.84
C ALA J 1144 98.99 22.73 -58.94
N VAL J 1145 97.81 23.27 -59.24
CA VAL J 1145 96.70 23.02 -58.34
C VAL J 1145 96.23 21.59 -58.46
N TYR J 1146 96.40 20.96 -59.61
CA TYR J 1146 96.23 19.51 -59.65
C TYR J 1146 97.19 18.85 -58.69
N LEU J 1147 98.29 19.52 -58.40
CA LEU J 1147 99.41 18.85 -57.76
C LEU J 1147 99.36 19.01 -56.26
N ARG J 1148 99.34 20.26 -55.78
CA ARG J 1148 99.24 20.52 -54.37
C ARG J 1148 98.20 19.57 -53.80
N ASN J 1149 96.96 19.66 -54.24
CA ASN J 1149 95.93 18.81 -53.64
C ASN J 1149 96.14 17.33 -53.89
N ALA J 1150 97.07 16.93 -54.75
CA ALA J 1150 97.38 15.51 -54.88
C ALA J 1150 98.21 15.05 -53.70
N VAL J 1151 99.39 15.65 -53.52
CA VAL J 1151 100.15 15.47 -52.29
C VAL J 1151 99.30 15.82 -51.08
N VAL J 1152 98.99 17.07 -50.99
CA VAL J 1152 98.36 17.65 -49.86
C VAL J 1152 97.12 16.93 -49.41
N ALA J 1153 96.39 16.28 -50.30
CA ALA J 1153 95.17 15.61 -49.87
C ALA J 1153 95.53 14.41 -49.04
N GLY J 1154 95.13 14.43 -47.78
CA GLY J 1154 95.44 13.36 -46.87
C GLY J 1154 96.76 13.44 -46.12
N ASN J 1155 97.62 14.44 -46.32
CA ASN J 1155 98.84 14.45 -45.53
C ASN J 1155 98.53 14.84 -44.10
N ARG J 1156 99.27 14.28 -43.16
CA ARG J 1156 99.21 14.82 -41.82
C ARG J 1156 99.69 16.25 -41.79
N LEU J 1157 100.85 16.49 -42.36
CA LEU J 1157 101.37 17.84 -42.39
C LEU J 1157 100.50 18.75 -43.22
N GLY J 1158 100.03 18.25 -44.36
CA GLY J 1158 99.47 19.08 -45.41
C GLY J 1158 98.48 20.08 -44.87
N PRO J 1159 98.65 21.34 -45.25
CA PRO J 1159 98.07 22.42 -44.46
C PRO J 1159 96.56 22.31 -44.32
N ALA J 1160 96.11 22.69 -43.15
CA ALA J 1160 94.71 22.61 -42.86
C ALA J 1160 94.22 23.87 -43.50
N GLN J 1161 93.52 23.68 -44.62
CA GLN J 1161 92.94 24.75 -45.41
C GLN J 1161 94.01 25.42 -46.24
N PRO J 1162 93.56 26.40 -47.08
CA PRO J 1162 94.61 27.07 -47.87
C PRO J 1162 95.38 28.04 -47.00
N LEU J 1163 96.61 28.36 -47.41
CA LEU J 1163 97.44 29.26 -46.64
C LEU J 1163 97.00 30.71 -46.61
N PRO J 1164 96.98 31.32 -45.43
CA PRO J 1164 96.69 32.75 -45.34
C PRO J 1164 97.90 33.57 -45.75
N VAL J 1165 97.63 34.77 -46.25
CA VAL J 1165 98.66 35.76 -46.50
C VAL J 1165 99.42 35.97 -45.20
N PHE J 1166 98.74 36.55 -44.21
CA PHE J 1166 99.25 36.65 -42.86
C PHE J 1166 98.46 35.73 -41.95
N GLY J 1167 99.18 34.98 -41.12
CA GLY J 1167 98.56 33.98 -40.26
C GLY J 1167 99.58 32.91 -39.91
N CYS J 1168 99.14 31.75 -39.45
CA CYS J 1168 100.12 30.75 -39.07
C CYS J 1168 99.94 29.57 -39.96
N ALA J 1169 101.03 29.09 -40.60
CA ALA J 1169 100.94 27.94 -41.50
C ALA J 1169 100.44 26.84 -40.60
N GLN J 1170 99.47 26.06 -41.07
CA GLN J 1170 98.90 25.08 -40.19
C GLN J 1170 98.99 23.66 -40.55
N VAL J 1171 99.37 22.91 -39.55
CA VAL J 1171 99.48 21.51 -39.63
C VAL J 1171 98.27 21.10 -38.83
N PRO J 1172 97.32 20.47 -39.46
CA PRO J 1172 96.12 20.00 -38.79
C PRO J 1172 96.47 19.17 -37.57
N ARG J 1173 95.78 19.43 -36.47
CA ARG J 1173 96.00 18.64 -35.26
C ARG J 1173 94.93 17.57 -35.14
N ARG J 1174 95.37 16.35 -34.88
CA ARG J 1174 94.46 15.25 -34.76
C ARG J 1174 93.82 15.20 -33.38
N ALA J 1175 92.67 14.55 -33.32
CA ALA J 1175 91.91 14.51 -32.09
C ALA J 1175 92.69 13.85 -30.96
N GLY J 1176 93.56 12.92 -31.28
CA GLY J 1176 94.29 12.23 -30.24
C GLY J 1176 95.56 11.63 -30.76
N MET J 1177 96.48 11.40 -29.85
CA MET J 1177 97.79 10.86 -30.19
C MET J 1177 98.23 9.88 -29.12
N ASP J 1178 99.04 8.90 -29.52
CA ASP J 1178 99.46 7.85 -28.60
C ASP J 1178 100.96 7.86 -28.36
N HIS J 1179 101.79 7.45 -29.30
CA HIS J 1179 103.11 6.97 -28.93
C HIS J 1179 104.01 8.09 -28.44
N GLY J 1180 103.77 9.30 -28.87
CA GLY J 1180 104.62 10.40 -28.48
C GLY J 1180 104.69 11.39 -29.62
N GLN J 1181 105.62 12.31 -29.53
CA GLN J 1181 105.79 13.29 -30.57
C GLN J 1181 106.05 12.62 -31.90
N ASP J 1182 105.40 13.08 -32.94
CA ASP J 1182 105.65 12.51 -34.26
C ASP J 1182 106.93 13.07 -34.81
N ALA J 1183 107.88 12.20 -35.10
CA ALA J 1183 109.11 12.65 -35.73
C ALA J 1183 108.83 12.99 -37.18
N VAL J 1184 109.83 13.53 -37.86
CA VAL J 1184 109.67 13.92 -39.25
C VAL J 1184 110.79 13.26 -40.03
N CYS J 1185 110.43 12.30 -40.86
CA CYS J 1185 111.36 11.72 -41.80
C CYS J 1185 111.64 12.77 -42.84
N GLU J 1186 112.89 12.87 -43.26
CA GLU J 1186 113.21 13.84 -44.29
C GLU J 1186 113.91 13.22 -45.47
N PHE J 1187 113.24 13.31 -46.57
CA PHE J 1187 113.69 12.78 -47.82
C PHE J 1187 114.43 13.86 -48.57
N ILE J 1188 115.61 13.53 -49.02
CA ILE J 1188 116.26 14.23 -50.10
C ILE J 1188 116.29 13.26 -51.26
N ALA J 1189 116.09 13.75 -52.47
CA ALA J 1189 116.20 12.87 -53.60
C ALA J 1189 117.61 12.33 -53.66
N THR J 1190 117.73 11.02 -53.67
CA THR J 1190 119.03 10.37 -53.70
C THR J 1190 119.08 9.38 -54.84
N PRO J 1191 120.25 9.20 -55.45
CA PRO J 1191 120.40 8.13 -56.43
C PRO J 1191 120.18 6.77 -55.79
N VAL J 1192 119.37 5.95 -56.43
CA VAL J 1192 119.10 4.65 -55.90
C VAL J 1192 120.42 3.95 -55.77
N ALA J 1193 121.41 4.38 -56.54
CA ALA J 1193 122.76 3.85 -56.55
C ALA J 1193 123.63 4.17 -55.36
N THR J 1194 123.28 5.13 -54.49
CA THR J 1194 124.11 5.40 -53.31
C THR J 1194 123.97 4.11 -52.55
N ASP J 1195 125.03 3.58 -51.98
CA ASP J 1195 124.89 2.31 -51.29
C ASP J 1195 124.43 2.22 -49.85
N ILE J 1196 123.74 1.13 -49.60
CA ILE J 1196 123.04 0.96 -48.40
C ILE J 1196 123.93 1.05 -47.24
N ASN J 1197 125.20 0.83 -47.47
CA ASN J 1197 126.15 0.92 -46.39
C ASN J 1197 126.27 2.30 -45.82
N TYR J 1198 126.01 3.32 -46.60
CA TYR J 1198 126.16 4.67 -46.17
C TYR J 1198 125.28 4.89 -45.00
N PHE J 1199 124.10 4.30 -45.06
CA PHE J 1199 123.10 4.44 -44.06
C PHE J 1199 123.27 3.59 -42.86
N ARG J 1200 124.32 2.83 -42.76
CA ARG J 1200 124.52 1.97 -41.62
C ARG J 1200 125.32 2.58 -40.47
N ARG J 1201 125.75 3.82 -40.59
CA ARG J 1201 126.50 4.48 -39.53
C ARG J 1201 125.98 5.87 -39.36
N PRO J 1202 126.29 6.51 -38.25
CA PRO J 1202 125.82 7.88 -37.97
C PRO J 1202 125.81 8.94 -39.05
N CYS J 1203 126.22 8.61 -40.27
CA CYS J 1203 126.59 9.54 -41.32
C CYS J 1203 125.59 10.66 -41.56
N ASN J 1204 126.04 11.79 -42.12
CA ASN J 1204 125.24 12.97 -42.51
C ASN J 1204 124.10 12.71 -43.51
N PRO J 1205 122.88 13.32 -43.25
CA PRO J 1205 121.82 13.03 -44.23
C PRO J 1205 122.12 13.50 -45.66
N ARG J 1206 122.70 14.66 -45.85
CA ARG J 1206 123.06 15.10 -47.19
C ARG J 1206 124.29 14.22 -47.41
N GLY J 1207 124.86 14.14 -48.60
CA GLY J 1207 126.01 13.27 -48.77
C GLY J 1207 127.37 13.82 -48.40
N ARG J 1208 127.58 14.28 -47.18
CA ARG J 1208 128.93 14.73 -46.89
C ARG J 1208 128.98 15.33 -45.50
N ALA J 1209 130.18 15.32 -44.92
CA ALA J 1209 130.39 15.89 -43.60
C ALA J 1209 130.51 17.40 -43.72
N ALA J 1210 129.60 18.11 -43.07
CA ALA J 1210 129.54 19.56 -43.17
C ALA J 1210 130.13 20.30 -41.98
N GLY J 1211 130.59 19.59 -40.96
CA GLY J 1211 130.81 20.23 -39.68
C GLY J 1211 132.03 21.11 -39.64
N GLY J 1212 131.96 22.14 -38.81
CA GLY J 1212 133.14 22.90 -38.48
C GLY J 1212 134.03 22.22 -37.48
N VAL J 1213 133.63 21.04 -37.02
CA VAL J 1213 134.48 20.24 -36.15
C VAL J 1213 135.67 19.70 -36.93
N TYR J 1214 135.45 19.34 -38.19
CA TYR J 1214 136.51 18.89 -39.07
C TYR J 1214 137.34 20.03 -39.63
N ALA J 1215 136.92 21.26 -39.40
CA ALA J 1215 137.59 22.42 -39.98
C ALA J 1215 139.06 22.46 -39.56
N GLY J 1216 139.89 22.96 -40.47
CA GLY J 1216 141.32 22.91 -40.28
C GLY J 1216 142.02 24.21 -39.94
N ASP J 1217 141.32 25.23 -39.49
CA ASP J 1217 142.05 26.43 -39.16
C ASP J 1217 142.71 27.08 -40.36
N LYS J 1218 142.19 26.86 -41.56
CA LYS J 1218 142.82 27.42 -42.74
C LYS J 1218 142.20 28.68 -43.25
N GLU J 1219 141.17 29.15 -42.56
CA GLU J 1219 140.48 30.38 -42.88
C GLU J 1219 139.42 30.28 -43.94
N GLY J 1220 139.27 29.12 -44.53
CA GLY J 1220 138.24 28.88 -45.52
C GLY J 1220 137.84 27.43 -45.58
N ASP J 1221 138.26 26.62 -44.62
CA ASP J 1221 137.95 25.21 -44.66
C ASP J 1221 136.49 24.85 -44.55
N VAL J 1222 135.73 25.41 -43.62
CA VAL J 1222 134.34 25.06 -43.69
C VAL J 1222 134.02 25.78 -44.95
N ILE J 1223 133.08 25.26 -45.72
CA ILE J 1223 132.71 25.86 -46.98
C ILE J 1223 133.65 25.37 -48.05
N ALA J 1224 134.68 24.65 -47.65
CA ALA J 1224 135.59 24.05 -48.56
C ALA J 1224 135.41 22.72 -47.99
N LEU J 1225 135.04 22.69 -46.71
CA LEU J 1225 134.82 21.39 -46.09
C LEU J 1225 133.47 20.84 -46.49
N MET J 1226 132.58 21.71 -46.93
CA MET J 1226 131.17 21.38 -47.11
C MET J 1226 130.85 21.20 -48.59
N TYR J 1227 130.97 22.27 -49.38
CA TYR J 1227 130.45 22.34 -50.74
C TYR J 1227 131.49 22.10 -51.82
N ASP J 1228 132.71 21.72 -51.46
CA ASP J 1228 133.90 21.82 -52.31
C ASP J 1228 134.17 20.56 -53.14
N HIS J 1229 133.10 19.90 -53.56
CA HIS J 1229 133.09 18.59 -54.23
C HIS J 1229 134.24 18.15 -55.06
N GLY J 1230 135.01 19.12 -55.50
CA GLY J 1230 136.26 18.83 -56.16
C GLY J 1230 137.25 18.06 -55.30
N GLN J 1231 137.11 18.15 -53.97
CA GLN J 1231 137.88 17.34 -53.04
C GLN J 1231 137.17 16.03 -52.74
N SER J 1232 137.70 15.33 -51.75
CA SER J 1232 137.07 14.13 -51.19
C SER J 1232 136.21 14.53 -49.99
N ASP J 1233 135.81 13.58 -49.21
CA ASP J 1233 134.93 13.79 -48.08
C ASP J 1233 135.70 13.47 -46.79
N PRO J 1234 135.58 14.29 -45.75
CA PRO J 1234 136.32 13.98 -44.52
C PRO J 1234 135.90 12.69 -43.89
N ALA J 1235 134.60 12.47 -43.77
CA ALA J 1235 134.13 11.28 -43.09
C ALA J 1235 134.32 10.03 -43.94
N ARG J 1236 134.38 10.20 -45.24
CA ARG J 1236 134.50 9.07 -46.16
C ARG J 1236 135.40 9.69 -47.21
N PRO J 1237 136.68 9.34 -47.16
CA PRO J 1237 137.69 9.97 -48.02
C PRO J 1237 137.81 9.46 -49.43
N PHE J 1238 137.15 8.36 -49.74
CA PHE J 1238 137.29 7.81 -51.08
C PHE J 1238 136.21 8.30 -52.05
N ALA J 1239 135.34 9.21 -51.65
CA ALA J 1239 134.30 9.67 -52.53
C ALA J 1239 134.04 11.11 -52.25
N ALA J 1240 133.71 11.92 -53.25
CA ALA J 1240 133.40 13.33 -53.01
C ALA J 1240 132.11 13.47 -52.27
N THR J 1241 131.17 12.61 -52.59
CA THR J 1241 129.86 12.61 -51.99
C THR J 1241 129.29 11.24 -52.02
N ALA J 1242 128.01 11.20 -51.78
CA ALA J 1242 127.11 10.06 -51.81
C ALA J 1242 125.93 10.46 -52.66
N ASN J 1243 125.18 11.41 -52.14
CA ASN J 1243 124.09 12.07 -52.82
C ASN J 1243 124.61 13.36 -53.40
N PRO J 1244 124.85 13.45 -54.71
CA PRO J 1244 125.24 14.74 -55.28
C PRO J 1244 124.11 15.74 -55.32
N TRP J 1245 122.88 15.29 -55.15
CA TRP J 1245 121.69 16.10 -55.27
C TRP J 1245 121.38 16.88 -54.01
N ALA J 1246 122.21 16.75 -52.98
CA ALA J 1246 122.03 17.42 -51.71
C ALA J 1246 123.29 18.17 -51.36
N SER J 1247 124.39 17.43 -51.30
CA SER J 1247 125.64 17.94 -50.76
C SER J 1247 126.15 19.15 -51.52
N GLN J 1248 125.96 19.19 -52.83
CA GLN J 1248 126.53 20.29 -53.57
C GLN J 1248 125.72 21.56 -53.38
N ARG J 1249 126.41 22.68 -53.39
CA ARG J 1249 125.74 23.96 -53.28
C ARG J 1249 124.91 24.19 -54.53
N PHE J 1250 123.78 24.88 -54.36
CA PHE J 1250 122.81 25.14 -55.43
C PHE J 1250 122.23 23.87 -56.01
N SER J 1251 122.20 22.77 -55.25
CA SER J 1251 121.56 21.52 -55.69
C SER J 1251 120.12 21.44 -55.28
N TYR J 1252 119.39 20.42 -55.69
CA TYR J 1252 118.00 20.33 -55.34
C TYR J 1252 117.94 20.28 -53.86
N GLY J 1253 118.78 19.46 -53.28
CA GLY J 1253 118.78 19.31 -51.84
C GLY J 1253 119.15 20.60 -51.19
N ASP J 1254 120.13 21.28 -51.72
CA ASP J 1254 120.58 22.53 -51.16
C ASP J 1254 119.57 23.65 -51.22
N LEU J 1255 118.84 23.75 -52.31
CA LEU J 1255 117.86 24.79 -52.60
C LEU J 1255 116.66 24.66 -51.69
N LEU J 1256 116.30 23.44 -51.32
CA LEU J 1256 115.15 23.22 -50.45
C LEU J 1256 115.44 23.68 -49.04
N TYR J 1257 116.37 22.99 -48.39
CA TYR J 1257 116.47 22.98 -46.95
C TYR J 1257 117.39 24.06 -46.40
N ASN J 1258 118.15 24.74 -47.24
CA ASN J 1258 118.92 25.86 -46.75
C ASN J 1258 117.96 26.99 -46.44
N GLY J 1259 118.11 27.57 -45.26
CA GLY J 1259 117.22 28.63 -44.85
C GLY J 1259 117.46 29.95 -45.54
N ALA J 1260 118.58 30.08 -46.25
CA ALA J 1260 118.81 31.29 -47.04
C ALA J 1260 117.71 31.49 -48.06
N TYR J 1261 117.46 30.43 -48.83
CA TYR J 1261 116.44 30.43 -49.86
C TYR J 1261 115.09 30.47 -49.19
N HIS J 1262 115.00 29.77 -48.08
CA HIS J 1262 113.77 29.67 -47.32
C HIS J 1262 112.75 28.76 -48.00
N LEU J 1263 113.19 27.82 -48.82
CA LEU J 1263 112.20 26.98 -49.49
C LEU J 1263 111.42 26.28 -48.42
N ASN J 1264 112.11 25.73 -47.44
CA ASN J 1264 111.40 25.08 -46.36
C ASN J 1264 111.18 26.04 -45.22
N GLY J 1265 111.70 27.25 -45.38
CA GLY J 1265 111.49 28.30 -44.41
C GLY J 1265 110.03 28.58 -44.67
N ALA J 1266 109.31 29.14 -43.71
CA ALA J 1266 107.90 29.43 -43.86
C ALA J 1266 107.03 28.22 -43.54
N SER J 1267 107.68 27.14 -43.13
CA SER J 1267 106.94 25.97 -42.77
C SER J 1267 107.27 25.80 -41.35
N PRO J 1268 106.28 25.57 -40.54
CA PRO J 1268 106.55 25.36 -39.11
C PRO J 1268 107.38 24.15 -38.85
N VAL J 1269 107.10 23.06 -39.57
CA VAL J 1269 107.63 21.75 -39.24
C VAL J 1269 109.14 21.76 -39.28
N LEU J 1270 109.76 21.09 -38.32
CA LEU J 1270 111.21 21.02 -38.29
C LEU J 1270 111.71 20.31 -39.51
N SER J 1271 112.82 20.74 -40.07
CA SER J 1271 113.41 19.99 -41.18
C SER J 1271 114.80 19.51 -40.77
N PRO J 1272 114.91 18.38 -40.06
CA PRO J 1272 116.23 17.92 -39.67
C PRO J 1272 117.23 18.39 -40.68
N CYS J 1273 116.79 18.64 -41.89
CA CYS J 1273 117.68 19.09 -42.92
C CYS J 1273 117.91 20.59 -42.86
N PHE J 1274 117.03 21.35 -42.22
CA PHE J 1274 117.36 22.75 -42.04
C PHE J 1274 118.52 22.91 -41.09
N LYS J 1275 118.72 21.92 -40.26
CA LYS J 1275 119.91 21.85 -39.40
C LYS J 1275 121.19 21.60 -40.21
N PHE J 1276 121.09 20.74 -41.22
CA PHE J 1276 122.16 20.39 -42.15
C PHE J 1276 121.60 21.00 -43.40
N PHE J 1277 122.43 21.41 -44.31
CA PHE J 1277 121.93 21.96 -45.55
C PHE J 1277 121.75 23.41 -45.40
N THR J 1278 122.31 24.00 -44.36
CA THR J 1278 122.20 25.42 -44.18
C THR J 1278 123.61 25.73 -43.73
N ALA J 1279 124.38 26.39 -44.56
CA ALA J 1279 125.74 26.69 -44.23
C ALA J 1279 125.95 28.00 -43.52
N ALA J 1280 124.94 28.85 -43.47
CA ALA J 1280 125.09 30.11 -42.78
C ALA J 1280 125.34 29.89 -41.30
N ASP J 1281 124.57 28.98 -40.69
CA ASP J 1281 124.72 28.61 -39.28
C ASP J 1281 125.94 27.74 -39.05
N ILE J 1282 126.22 26.81 -39.96
CA ILE J 1282 127.37 25.92 -39.76
C ILE J 1282 128.66 26.73 -39.72
N THR J 1283 128.81 27.68 -40.64
CA THR J 1283 129.97 28.56 -40.59
C THR J 1283 129.87 29.53 -39.42
N ALA J 1284 128.65 29.88 -39.00
CA ALA J 1284 128.49 30.87 -37.95
C ALA J 1284 129.17 30.44 -36.66
N LYS J 1285 129.26 29.14 -36.41
CA LYS J 1285 129.85 28.67 -35.16
C LYS J 1285 131.35 28.89 -35.19
N HIS J 1286 131.99 28.56 -34.08
CA HIS J 1286 133.44 28.51 -33.99
C HIS J 1286 133.89 27.07 -34.07
N ARG J 1287 135.20 26.87 -34.15
CA ARG J 1287 135.74 25.54 -34.30
C ARG J 1287 136.39 24.94 -33.06
N CYS J 1288 136.53 25.68 -31.96
CA CYS J 1288 137.34 25.17 -30.85
C CYS J 1288 136.50 24.24 -29.99
N LEU J 1289 136.94 22.97 -29.87
CA LEU J 1289 136.15 21.94 -29.21
C LEU J 1289 135.87 22.25 -27.76
N GLU J 1290 136.79 22.94 -27.09
CA GLU J 1290 136.63 23.24 -25.67
C GLU J 1290 135.27 23.83 -25.38
N ARG J 1291 134.91 24.90 -26.09
CA ARG J 1291 133.56 25.42 -25.96
C ARG J 1291 132.56 24.42 -26.53
N LEU J 1292 132.77 23.97 -27.77
CA LEU J 1292 131.73 23.25 -28.48
C LEU J 1292 131.11 22.12 -27.68
N ILE J 1293 131.84 21.54 -26.73
CA ILE J 1293 131.20 20.50 -25.94
C ILE J 1293 130.33 21.10 -24.83
N VAL J 1294 130.61 22.30 -24.35
CA VAL J 1294 129.76 22.82 -23.28
C VAL J 1294 128.48 23.42 -23.85
N GLU J 1295 128.53 24.09 -25.01
CA GLU J 1295 127.29 24.53 -25.60
C GLU J 1295 126.49 23.39 -26.19
N THR J 1296 127.05 22.21 -26.25
CA THR J 1296 126.30 21.04 -26.68
C THR J 1296 125.41 20.53 -25.57
N GLY J 1297 125.96 20.39 -24.36
CA GLY J 1297 125.14 19.95 -23.24
C GLY J 1297 123.92 20.83 -23.00
N SER J 1298 124.05 22.12 -23.24
CA SER J 1298 122.94 23.01 -23.08
C SER J 1298 122.80 23.76 -24.37
N ALA J 1299 122.33 23.06 -25.36
CA ALA J 1299 122.19 23.63 -26.67
C ALA J 1299 120.79 24.05 -26.90
N VAL J 1300 120.63 24.99 -27.80
CA VAL J 1300 119.33 25.39 -28.19
C VAL J 1300 119.04 24.45 -29.36
N SER J 1301 118.44 23.29 -29.12
CA SER J 1301 118.16 22.37 -30.23
C SER J 1301 117.12 22.90 -31.18
N THR J 1302 117.28 22.68 -32.48
CA THR J 1302 116.35 23.13 -33.51
C THR J 1302 114.93 22.70 -33.23
N ALA J 1303 114.73 21.65 -32.46
CA ALA J 1303 113.42 21.06 -32.27
C ALA J 1303 112.73 21.60 -31.03
N THR J 1304 111.51 21.14 -30.80
CA THR J 1304 110.78 21.35 -29.57
C THR J 1304 110.03 20.08 -29.22
N ALA J 1305 109.97 19.76 -27.94
CA ALA J 1305 109.15 18.66 -27.48
C ALA J 1305 107.76 19.10 -27.08
N ALA J 1306 107.43 20.36 -27.30
CA ALA J 1306 106.12 20.85 -26.92
C ALA J 1306 105.03 20.51 -27.92
N SER J 1307 105.37 20.30 -29.18
CA SER J 1307 104.37 20.22 -30.23
C SER J 1307 104.02 18.78 -30.53
N ASP J 1308 103.02 18.59 -31.37
CA ASP J 1308 102.49 17.27 -31.66
C ASP J 1308 103.29 16.61 -32.79
N VAL J 1309 103.29 17.20 -33.96
CA VAL J 1309 104.33 16.97 -34.93
C VAL J 1309 105.52 17.82 -34.51
N GLN J 1310 106.74 17.34 -34.74
CA GLN J 1310 107.87 18.05 -34.17
C GLN J 1310 108.17 19.26 -35.02
N PHE J 1311 108.04 20.43 -34.41
CA PHE J 1311 108.23 21.70 -35.09
C PHE J 1311 109.66 22.14 -34.95
N LYS J 1312 109.90 23.34 -35.42
CA LYS J 1312 111.21 23.95 -35.48
C LYS J 1312 111.22 25.05 -34.43
N ARG J 1313 112.36 25.22 -33.79
CA ARG J 1313 112.40 25.96 -32.55
C ARG J 1313 111.87 27.39 -32.72
N PRO J 1314 110.81 27.76 -32.01
CA PRO J 1314 110.41 29.16 -32.01
C PRO J 1314 111.42 29.98 -31.22
N PRO J 1315 111.63 31.17 -31.75
CA PRO J 1315 112.70 32.07 -31.37
C PRO J 1315 112.77 32.46 -29.95
N GLY J 1316 111.64 32.72 -29.34
CA GLY J 1316 111.69 33.12 -27.97
C GLY J 1316 112.29 32.07 -27.08
N CYS J 1317 111.92 30.82 -27.25
CA CYS J 1317 112.43 29.81 -26.34
C CYS J 1317 113.45 28.81 -26.81
N ARG J 1318 114.47 28.64 -25.98
CA ARG J 1318 115.57 27.75 -26.22
C ARG J 1318 115.42 26.62 -25.28
N GLU J 1319 115.69 25.43 -25.77
CA GLU J 1319 115.60 24.21 -25.00
C GLU J 1319 116.77 23.74 -24.20
N LEU J 1320 117.97 23.92 -24.70
CA LEU J 1320 119.16 23.41 -24.03
C LEU J 1320 119.09 21.89 -23.87
N VAL J 1321 118.79 21.22 -24.97
CA VAL J 1321 118.90 19.77 -25.06
C VAL J 1321 120.37 19.47 -25.05
N GLU J 1322 120.75 18.21 -25.12
CA GLU J 1322 122.15 17.89 -25.27
C GLU J 1322 122.59 17.93 -26.73
N ASP J 1323 121.66 17.83 -27.69
CA ASP J 1323 121.88 18.10 -29.12
C ASP J 1323 123.21 17.56 -29.63
N PRO J 1324 123.34 16.24 -29.78
CA PRO J 1324 124.58 15.69 -30.37
C PRO J 1324 124.81 16.16 -31.77
N CYS J 1325 123.75 16.15 -32.59
CA CYS J 1325 123.89 16.32 -34.01
C CYS J 1325 124.39 17.70 -34.37
N GLY J 1326 124.18 18.68 -33.51
CA GLY J 1326 124.73 20.00 -33.78
C GLY J 1326 126.24 20.05 -33.69
N LEU J 1327 126.85 19.07 -33.04
CA LEU J 1327 128.31 19.06 -32.93
C LEU J 1327 128.88 18.06 -33.92
N PHE J 1328 128.62 16.77 -33.67
CA PHE J 1328 129.14 15.74 -34.55
C PHE J 1328 128.70 15.94 -35.98
N GLN J 1329 127.62 16.69 -36.20
CA GLN J 1329 127.16 16.96 -37.55
C GLN J 1329 126.82 15.62 -38.20
N GLU J 1330 125.82 14.94 -37.65
CA GLU J 1330 125.57 13.54 -37.95
C GLU J 1330 124.10 13.23 -37.75
N ALA J 1331 123.67 12.09 -38.30
CA ALA J 1331 122.32 11.59 -38.07
C ALA J 1331 122.34 10.07 -38.06
N TYR J 1332 121.83 9.50 -36.98
CA TYR J 1332 121.86 8.07 -36.69
C TYR J 1332 120.91 7.09 -37.33
N PRO J 1333 121.38 5.89 -37.63
CA PRO J 1333 120.42 4.93 -38.17
C PRO J 1333 119.61 4.31 -37.06
N ILE J 1334 118.77 3.35 -37.41
CA ILE J 1334 118.17 2.40 -36.49
C ILE J 1334 118.11 1.04 -37.16
N THR J 1335 117.61 0.04 -36.45
CA THR J 1335 117.52 -1.27 -37.04
C THR J 1335 116.33 -1.32 -37.99
N CYS J 1336 116.62 -1.50 -39.27
CA CYS J 1336 115.58 -1.53 -40.26
C CYS J 1336 115.94 -2.55 -41.33
N ALA J 1337 114.93 -3.01 -42.05
CA ALA J 1337 115.14 -3.94 -43.13
C ALA J 1337 114.19 -3.58 -44.24
N SER J 1338 114.47 -4.06 -45.44
CA SER J 1338 113.49 -3.98 -46.50
C SER J 1338 112.71 -5.27 -46.66
N ASP J 1339 112.98 -6.29 -45.85
CA ASP J 1339 112.14 -7.43 -45.66
C ASP J 1339 111.67 -7.51 -44.23
N PRO J 1340 110.42 -7.93 -44.00
CA PRO J 1340 110.05 -8.28 -42.63
C PRO J 1340 110.82 -9.49 -42.17
N ALA J 1341 111.21 -10.38 -43.07
CA ALA J 1341 111.84 -11.64 -42.69
C ALA J 1341 113.28 -11.45 -42.32
N LEU J 1342 113.98 -10.57 -43.01
CA LEU J 1342 115.32 -10.23 -42.59
C LEU J 1342 115.29 -9.54 -41.24
N LEU J 1343 114.32 -8.65 -41.03
CA LEU J 1343 114.18 -7.98 -39.75
C LEU J 1343 113.83 -8.99 -38.66
N ARG J 1344 113.03 -10.00 -38.99
CA ARG J 1344 112.78 -11.07 -38.04
C ARG J 1344 114.08 -11.67 -37.54
N SER J 1345 115.08 -11.76 -38.39
CA SER J 1345 116.34 -12.35 -37.98
C SER J 1345 117.03 -11.50 -36.92
N ALA J 1346 117.05 -10.20 -37.13
CA ALA J 1346 117.72 -9.32 -36.20
C ALA J 1346 116.80 -8.83 -35.13
N ARG J 1347 116.22 -9.76 -34.41
CA ARG J 1347 115.35 -9.44 -33.31
C ARG J 1347 115.92 -10.49 -32.44
N ASP J 1348 115.80 -10.36 -31.15
CA ASP J 1348 116.42 -11.35 -30.27
C ASP J 1348 117.91 -11.14 -30.51
N GLY J 1349 118.26 -9.91 -30.85
CA GLY J 1349 119.64 -9.54 -31.06
C GLY J 1349 120.17 -10.01 -32.41
N GLU J 1350 121.17 -9.28 -32.91
CA GLU J 1350 121.55 -9.27 -34.31
C GLU J 1350 122.56 -10.34 -34.67
N ALA J 1351 122.87 -11.26 -33.75
CA ALA J 1351 123.81 -12.32 -34.07
C ALA J 1351 123.44 -13.01 -35.38
N HIS J 1352 122.19 -13.46 -35.49
CA HIS J 1352 121.70 -14.06 -36.72
C HIS J 1352 121.01 -13.06 -37.63
N ALA J 1353 121.14 -11.76 -37.40
CA ALA J 1353 120.39 -10.82 -38.25
C ALA J 1353 120.69 -10.98 -39.71
N ARG J 1354 119.65 -11.06 -40.53
CA ARG J 1354 119.85 -11.21 -41.96
C ARG J 1354 119.68 -9.83 -42.58
N GLU J 1355 120.80 -9.20 -42.84
CA GLU J 1355 120.83 -7.87 -43.39
C GLU J 1355 120.25 -7.69 -44.76
N THR J 1356 120.42 -8.65 -45.64
CA THR J 1356 119.91 -8.46 -46.99
C THR J 1356 119.36 -9.78 -47.50
N HIS J 1357 118.32 -9.70 -48.33
CA HIS J 1357 117.91 -10.83 -49.16
C HIS J 1357 117.55 -10.30 -50.53
N PHE J 1358 118.24 -10.80 -51.54
CA PHE J 1358 118.08 -10.35 -52.91
C PHE J 1358 118.08 -8.83 -52.95
N THR J 1359 117.15 -8.23 -53.67
CA THR J 1359 117.19 -6.78 -53.76
C THR J 1359 117.01 -6.10 -52.42
N GLN J 1360 116.60 -6.84 -51.40
CA GLN J 1360 116.06 -6.31 -50.16
C GLN J 1360 117.15 -6.15 -49.10
N TYR J 1361 117.05 -5.11 -48.29
CA TYR J 1361 118.14 -4.72 -47.41
C TYR J 1361 117.68 -4.41 -45.98
N LEU J 1362 118.52 -4.78 -45.02
CA LEU J 1362 118.32 -4.54 -43.61
C LEU J 1362 119.39 -3.60 -43.04
N ILE J 1363 119.00 -2.83 -42.04
CA ILE J 1363 119.89 -1.98 -41.27
C ILE J 1363 119.64 -2.23 -39.80
N TYR J 1364 120.70 -2.21 -39.01
CA TYR J 1364 120.56 -2.37 -37.57
C TYR J 1364 120.69 -1.01 -36.90
N ASP J 1365 120.38 -0.97 -35.62
CA ASP J 1365 120.38 0.26 -34.89
C ASP J 1365 121.80 0.70 -34.52
N ALA J 1366 122.27 1.76 -35.17
CA ALA J 1366 123.58 2.29 -34.86
C ALA J 1366 123.17 3.59 -34.26
N SER J 1367 123.27 3.71 -32.94
CA SER J 1367 122.81 4.92 -32.31
C SER J 1367 123.19 4.98 -30.85
N PRO J 1368 122.87 6.16 -30.19
CA PRO J 1368 123.23 6.19 -28.76
C PRO J 1368 122.34 5.27 -27.99
N LEU J 1369 121.35 4.76 -28.70
CA LEU J 1369 120.28 3.96 -28.15
C LEU J 1369 120.48 2.46 -28.31
N LYS J 1370 121.52 2.02 -28.99
CA LYS J 1370 121.75 0.61 -29.13
C LYS J 1370 122.06 0.01 -27.76
N GLY J 1371 121.80 -1.30 -27.63
CA GLY J 1371 122.05 -2.00 -26.40
C GLY J 1371 121.05 -1.71 -25.31
N LEU J 1372 119.82 -1.42 -25.70
CA LEU J 1372 118.86 -0.79 -24.81
C LEU J 1372 117.50 -1.45 -24.93
N SER J 1373 116.58 -0.99 -24.08
CA SER J 1373 115.22 -1.48 -24.04
C SER J 1373 114.31 -0.63 -24.91
N LEU J 1374 114.15 0.63 -24.55
CA LEU J 1374 113.42 1.59 -25.36
C LEU J 1374 114.14 1.79 -26.70
N ARG K 6 87.10 109.55 -8.05
CA ARG K 6 87.05 108.95 -6.72
C ARG K 6 87.59 109.91 -5.67
N ASP K 7 86.86 110.05 -4.56
CA ASP K 7 87.26 110.95 -3.49
C ASP K 7 88.22 110.24 -2.55
N PRO K 8 89.47 110.68 -2.43
CA PRO K 8 90.41 110.00 -1.55
C PRO K 8 89.94 110.09 -0.11
N PRO K 9 90.62 109.46 0.83
CA PRO K 9 90.17 109.52 2.21
C PRO K 9 90.29 110.94 2.75
N GLY K 10 89.79 111.11 3.97
CA GLY K 10 89.91 112.39 4.60
C GLY K 10 91.29 112.57 5.20
N TYR K 11 91.69 113.82 5.36
CA TYR K 11 92.94 114.08 6.00
C TYR K 11 92.48 113.87 7.40
N ARG K 12 93.25 113.18 8.23
CA ARG K 12 92.81 112.97 9.58
C ARG K 12 93.35 114.04 10.47
N TYR K 13 92.52 115.04 10.77
CA TYR K 13 92.91 116.07 11.71
C TYR K 13 92.62 115.26 12.92
N ALA K 14 93.12 115.64 14.08
CA ALA K 14 92.88 114.87 15.29
C ALA K 14 93.79 113.69 15.39
N ALA K 15 94.68 113.51 14.43
CA ALA K 15 95.68 112.45 14.49
C ALA K 15 96.92 113.21 14.16
N ALA K 16 96.69 114.47 13.90
CA ALA K 16 97.74 115.40 13.51
C ALA K 16 98.27 116.18 14.69
N MET K 17 97.59 116.14 15.83
CA MET K 17 98.04 116.82 17.03
C MET K 17 99.15 116.08 17.74
N VAL K 18 99.46 114.86 17.31
CA VAL K 18 100.58 114.10 17.83
C VAL K 18 101.43 113.72 16.63
N PRO K 19 102.24 114.63 16.11
CA PRO K 19 102.96 114.34 14.87
C PRO K 19 104.05 113.30 15.07
N THR K 20 104.08 112.34 14.16
CA THR K 20 105.11 111.31 14.15
C THR K 20 106.47 111.89 13.82
N GLY K 21 106.51 113.03 13.16
CA GLY K 21 107.77 113.63 12.81
C GLY K 21 107.57 115.06 12.43
N SER K 22 108.59 115.65 11.85
CA SER K 22 108.54 117.03 11.41
C SER K 22 109.07 117.13 10.01
N ILE K 23 108.23 117.56 9.08
CA ILE K 23 108.74 117.96 7.78
C ILE K 23 109.77 119.04 8.03
N LEU K 24 110.98 118.82 7.56
CA LEU K 24 111.97 119.88 7.63
C LEU K 24 112.20 120.31 6.20
N SER K 25 111.59 121.44 5.85
CA SER K 25 111.59 122.04 4.53
C SER K 25 110.63 123.21 4.55
N THR K 26 110.76 124.15 3.63
CA THR K 26 109.75 125.19 3.44
C THR K 26 109.56 125.39 1.95
N ILE K 27 108.37 125.09 1.46
CA ILE K 27 108.01 125.35 0.08
C ILE K 27 106.55 125.78 0.04
N GLU K 28 106.07 126.13 -1.15
CA GLU K 28 104.65 126.31 -1.38
C GLU K 28 104.14 124.98 -1.91
N VAL K 29 103.37 124.27 -1.10
CA VAL K 29 102.95 122.92 -1.45
C VAL K 29 101.74 122.91 -2.36
N ALA K 30 101.21 124.06 -2.73
CA ALA K 30 100.09 124.11 -3.64
C ALA K 30 100.50 123.80 -5.06
N SER K 31 101.78 123.95 -5.40
CA SER K 31 102.25 123.62 -6.72
C SER K 31 102.47 122.13 -6.91
N HIS K 32 102.68 121.41 -5.82
CA HIS K 32 102.86 119.97 -5.83
C HIS K 32 101.56 119.22 -5.65
N ARG K 33 100.43 119.91 -5.82
CA ARG K 33 99.11 119.35 -5.57
C ARG K 33 98.95 117.93 -6.08
N ARG K 34 99.37 117.66 -7.30
CA ARG K 34 99.18 116.35 -7.89
C ARG K 34 100.11 115.30 -7.30
N LEU K 35 101.08 115.68 -6.49
CA LEU K 35 101.95 114.74 -5.82
C LEU K 35 101.25 113.97 -4.70
N PHE K 36 100.07 114.42 -4.26
CA PHE K 36 99.40 113.89 -3.08
C PHE K 36 98.10 113.21 -3.46
N ASP K 37 97.46 112.63 -2.44
CA ASP K 37 96.17 111.97 -2.60
C ASP K 37 95.05 112.91 -2.21
N PHE K 38 95.01 113.31 -0.94
CA PHE K 38 94.11 114.34 -0.48
C PHE K 38 94.92 115.56 -0.10
N PHE K 39 94.69 116.66 -0.79
CA PHE K 39 95.35 117.93 -0.49
C PHE K 39 94.28 118.99 -0.35
N ALA K 40 94.10 119.51 0.86
CA ALA K 40 93.37 120.75 0.99
C ALA K 40 94.32 121.91 1.22
N ARG K 41 93.79 123.11 1.10
CA ARG K 41 94.52 124.34 1.37
C ARG K 41 93.53 125.29 2.00
N VAL K 42 93.84 125.75 3.20
CA VAL K 42 92.87 126.51 3.98
C VAL K 42 93.47 127.87 4.26
N ARG K 43 92.73 128.93 3.98
CA ARG K 43 93.31 130.24 4.18
C ARG K 43 92.78 130.80 5.46
N SER K 44 93.65 130.91 6.44
CA SER K 44 93.32 131.34 7.77
C SER K 44 92.77 130.07 8.31
N ASP K 45 91.47 129.87 8.29
CA ASP K 45 90.90 128.60 8.74
C ASP K 45 89.48 128.40 8.22
N GLU K 46 89.00 127.15 8.16
CA GLU K 46 87.66 126.80 7.68
C GLU K 46 86.97 125.81 8.58
N ASN K 47 85.66 125.70 8.46
CA ASN K 47 84.83 124.84 9.29
C ASN K 47 85.17 123.38 9.14
N SER K 48 85.79 123.00 8.02
CA SER K 48 86.07 121.60 7.78
C SER K 48 87.07 121.02 8.77
N LEU K 49 87.80 121.88 9.48
CA LEU K 49 88.78 121.38 10.44
C LEU K 49 88.12 120.92 11.74
N TYR K 50 86.95 121.45 12.05
CA TYR K 50 86.30 121.24 13.33
C TYR K 50 85.23 120.16 13.28
N ASP K 51 84.98 119.59 12.11
CA ASP K 51 84.06 118.47 11.99
C ASP K 51 84.85 117.21 12.27
N VAL K 52 84.49 116.49 13.32
CA VAL K 52 85.11 115.20 13.61
C VAL K 52 84.04 114.13 13.50
N GLU K 53 84.30 113.14 12.65
CA GLU K 53 83.34 112.08 12.35
C GLU K 53 83.96 110.72 12.57
N PHE K 54 83.08 109.71 12.67
CA PHE K 54 83.47 108.32 12.77
C PHE K 54 82.30 107.49 12.31
N ASP K 55 82.55 106.20 12.10
CA ASP K 55 81.46 105.26 11.91
C ASP K 55 81.73 104.02 12.73
N ALA K 56 80.73 103.59 13.48
CA ALA K 56 80.91 102.69 14.60
C ALA K 56 80.23 101.35 14.33
N LEU K 57 80.82 100.30 14.89
CA LEU K 57 80.19 99.00 14.97
C LEU K 57 79.48 98.94 16.31
N LEU K 58 78.16 98.99 16.28
CA LEU K 58 77.40 99.15 17.50
C LEU K 58 77.03 97.83 18.15
N GLY K 59 77.40 96.70 17.58
CA GLY K 59 77.13 95.43 18.20
C GLY K 59 77.35 94.29 17.25
N SER K 60 77.50 93.08 17.79
CA SER K 60 77.60 91.87 17.00
C SER K 60 76.82 90.77 17.70
N TYR K 61 75.92 90.14 16.98
CA TYR K 61 75.05 89.11 17.53
C TYR K 61 75.30 87.80 16.85
N CYS K 62 75.29 86.73 17.63
CA CYS K 62 75.43 85.37 17.18
C CYS K 62 74.28 84.60 17.77
N ASN K 63 73.99 83.41 17.27
CA ASN K 63 73.01 82.58 17.93
C ASN K 63 73.67 81.30 18.43
N THR K 64 72.88 80.47 19.07
CA THR K 64 73.33 79.16 19.49
C THR K 64 72.65 78.13 18.64
N LEU K 65 73.43 77.35 17.91
CA LEU K 65 72.88 76.20 17.22
C LEU K 65 72.49 75.17 18.28
N SER K 66 71.22 74.81 18.30
CA SER K 66 70.68 73.97 19.35
C SER K 66 70.71 72.52 18.90
N LEU K 67 71.08 71.63 19.81
CA LEU K 67 71.30 70.24 19.49
C LEU K 67 70.26 69.39 20.19
N VAL K 68 69.53 68.63 19.40
CA VAL K 68 68.45 67.81 19.87
C VAL K 68 68.92 66.45 19.81
N ARG K 69 68.38 65.64 20.70
CA ARG K 69 68.69 64.29 20.86
C ARG K 69 67.43 63.62 20.48
N PHE K 70 67.47 62.54 19.73
CA PHE K 70 66.28 61.81 19.35
C PHE K 70 65.63 61.29 20.62
N LEU K 71 66.43 60.90 21.58
CA LEU K 71 65.95 60.34 22.81
C LEU K 71 65.02 61.22 23.67
N GLU K 72 65.22 62.51 23.73
CA GLU K 72 64.26 63.38 24.37
C GLU K 72 63.31 63.71 23.24
N LEU K 73 62.32 62.85 23.06
CA LEU K 73 61.27 62.95 22.06
C LEU K 73 60.20 61.95 22.44
N GLY K 74 59.03 62.09 21.84
CA GLY K 74 58.04 61.06 21.99
C GLY K 74 58.10 60.08 20.85
N LEU K 75 58.75 60.45 19.75
CA LEU K 75 58.93 59.48 18.67
C LEU K 75 59.67 58.25 19.12
N SER K 76 60.62 58.42 20.03
CA SER K 76 61.43 57.31 20.47
C SER K 76 60.63 56.22 21.14
N VAL K 77 59.36 56.47 21.47
CA VAL K 77 58.55 55.37 21.98
C VAL K 77 58.11 54.47 20.85
N ALA K 78 58.12 54.96 19.62
CA ALA K 78 57.65 54.22 18.47
C ALA K 78 58.73 53.37 17.86
N CYS K 79 59.88 53.27 18.51
CA CYS K 79 60.99 52.49 17.97
C CYS K 79 61.81 51.92 19.11
N VAL K 80 62.29 50.71 18.93
CA VAL K 80 63.35 50.16 19.75
C VAL K 80 64.64 50.53 19.04
N CYS K 81 65.56 51.19 19.72
CA CYS K 81 66.83 51.55 19.13
C CYS K 81 67.93 50.73 19.78
N THR K 82 68.78 50.09 18.98
CA THR K 82 69.99 49.48 19.47
C THR K 82 71.15 49.82 18.57
N LYS K 83 72.33 49.92 19.16
CA LYS K 83 73.54 50.18 18.42
C LYS K 83 74.18 48.87 18.04
N PHE K 84 74.45 48.69 16.76
CA PHE K 84 74.99 47.44 16.25
C PHE K 84 76.12 47.83 15.31
N PRO K 85 77.35 47.94 15.82
CA PRO K 85 78.46 48.44 15.00
C PRO K 85 78.80 47.58 13.80
N GLU K 86 78.32 46.35 13.74
CA GLU K 86 78.60 45.44 12.64
C GLU K 86 77.54 45.41 11.56
N LEU K 87 76.57 46.33 11.57
CA LEU K 87 75.69 46.39 10.41
C LEU K 87 76.46 46.40 9.09
N ALA K 88 77.68 46.90 9.08
CA ALA K 88 78.48 46.86 7.86
C ALA K 88 78.75 45.43 7.44
N TYR K 89 79.10 44.58 8.39
CA TYR K 89 79.50 43.22 8.07
C TYR K 89 78.35 42.23 8.02
N MET K 90 77.15 42.64 8.41
CA MET K 90 76.06 41.71 8.30
C MET K 90 75.69 41.54 6.84
N ASN K 91 74.81 40.59 6.59
CA ASN K 91 74.40 40.24 5.24
C ASN K 91 72.90 40.28 5.20
N GLU K 92 72.26 39.41 5.97
CA GLU K 92 70.82 39.43 6.16
C GLU K 92 70.54 39.27 7.64
N GLY K 93 69.82 40.20 8.24
CA GLY K 93 69.30 40.03 9.59
C GLY K 93 67.87 39.55 9.53
N ARG K 94 67.44 38.85 10.56
CA ARG K 94 66.09 38.32 10.61
C ARG K 94 65.55 38.31 12.01
N VAL K 95 64.27 38.50 12.13
CA VAL K 95 63.59 38.47 13.37
C VAL K 95 62.59 37.45 12.99
N GLN K 96 62.19 36.52 13.84
CA GLN K 96 61.20 35.55 13.47
C GLN K 96 60.10 35.47 14.47
N PHE K 97 58.85 35.32 14.05
CA PHE K 97 57.71 35.28 14.97
C PHE K 97 56.84 34.02 15.02
N GLU K 98 56.17 33.77 16.11
CA GLU K 98 55.29 32.64 16.24
C GLU K 98 54.03 33.14 16.74
N VAL K 99 52.91 32.71 16.19
CA VAL K 99 51.65 33.13 16.74
C VAL K 99 50.90 31.89 16.83
N HIS K 100 50.44 31.61 18.00
CA HIS K 100 49.75 30.34 18.23
C HIS K 100 48.28 30.67 18.35
N GLN K 101 47.52 30.21 17.47
CA GLN K 101 46.19 30.80 17.53
C GLN K 101 45.25 30.03 18.41
N PRO K 102 44.29 30.75 18.99
CA PRO K 102 43.22 30.12 19.76
C PRO K 102 42.34 29.18 18.94
N LEU K 103 41.38 28.61 19.64
CA LEU K 103 40.54 27.55 19.11
C LEU K 103 39.24 27.58 19.89
N ILE K 104 38.13 27.23 19.25
CA ILE K 104 36.92 26.95 20.00
C ILE K 104 36.24 25.68 19.48
N ALA K 105 35.86 24.81 20.40
CA ALA K 105 35.18 23.57 20.11
C ALA K 105 33.80 23.83 19.55
N ARG K 106 33.32 22.91 18.73
CA ARG K 106 32.05 23.17 18.09
C ARG K 106 31.31 21.88 17.78
N ASP K 107 29.99 21.94 17.79
CA ASP K 107 29.13 20.81 17.48
C ASP K 107 28.81 20.63 16.01
N GLY K 108 28.03 19.60 15.72
CA GLY K 108 27.55 19.31 14.39
C GLY K 108 28.43 18.60 13.45
N PRO K 109 28.07 18.70 12.12
CA PRO K 109 28.96 18.02 11.18
C PRO K 109 30.09 18.91 10.68
N HIS K 110 30.36 20.05 11.31
CA HIS K 110 31.44 20.92 10.91
C HIS K 110 32.68 20.03 11.03
N PRO K 111 33.70 20.15 10.09
CA PRO K 111 34.87 19.28 10.32
C PRO K 111 35.61 19.81 11.57
N VAL K 112 36.34 18.99 12.36
CA VAL K 112 36.92 19.40 13.63
C VAL K 112 38.17 20.24 13.38
N GLU K 113 38.53 21.05 14.37
CA GLU K 113 39.57 22.06 14.23
C GLU K 113 40.76 21.77 15.13
N GLN K 114 41.93 21.87 14.54
CA GLN K 114 43.17 21.57 15.18
C GLN K 114 43.80 22.87 15.47
N PRO K 115 44.66 22.92 16.55
CA PRO K 115 45.30 24.21 16.77
C PRO K 115 46.17 24.61 15.59
N VAL K 116 46.29 25.89 15.26
CA VAL K 116 47.09 26.31 14.12
C VAL K 116 48.20 27.18 14.59
N HIS K 117 49.45 26.89 14.25
CA HIS K 117 50.56 27.71 14.67
C HIS K 117 51.20 28.32 13.47
N ASN K 118 51.52 29.61 13.46
CA ASN K 118 52.14 30.24 12.29
C ASN K 118 53.50 30.72 12.54
N TYR K 119 54.46 30.21 11.81
CA TYR K 119 55.84 30.52 11.96
C TYR K 119 56.39 31.30 10.81
N MET K 120 56.89 32.45 11.12
CA MET K 120 57.31 33.41 10.18
C MET K 120 58.65 33.88 10.56
N THR K 121 59.29 34.58 9.64
CA THR K 121 60.53 35.34 9.79
C THR K 121 60.43 36.63 8.99
N LYS K 122 61.29 37.59 9.31
CA LYS K 122 61.23 38.90 8.68
C LYS K 122 62.63 39.49 8.55
N VAL K 123 63.02 39.95 7.34
CA VAL K 123 64.35 40.49 7.11
C VAL K 123 64.44 41.96 7.48
N ILE K 124 65.64 42.40 7.81
CA ILE K 124 65.94 43.79 8.18
C ILE K 124 66.29 44.57 6.92
N ASP K 125 65.76 45.79 6.82
CA ASP K 125 65.96 46.66 5.66
C ASP K 125 67.09 47.64 5.90
N ARG K 126 67.99 47.72 4.93
CA ARG K 126 69.17 48.56 5.03
C ARG K 126 68.92 49.97 4.53
N ARG K 127 69.55 50.93 5.18
CA ARG K 127 69.46 52.35 4.86
C ARG K 127 70.77 53.01 5.22
N ALA K 128 70.77 54.33 5.27
CA ALA K 128 71.98 55.11 5.55
C ALA K 128 71.58 56.56 5.71
N LEU K 129 72.49 57.34 6.27
CA LEU K 129 72.28 58.76 6.45
C LEU K 129 73.59 59.45 6.17
N ASN K 130 73.63 60.44 5.30
CA ASN K 130 74.89 61.11 5.05
C ASN K 130 74.77 62.62 5.18
N ALA K 131 75.82 63.22 5.74
CA ALA K 131 76.00 64.65 5.83
C ALA K 131 77.37 64.99 5.26
N ALA K 132 77.68 66.24 5.05
CA ALA K 132 78.94 66.54 4.47
C ALA K 132 79.33 67.88 4.92
N PHE K 133 80.61 68.17 4.97
CA PHE K 133 81.07 69.47 5.33
C PHE K 133 82.40 69.52 4.69
N SER K 134 82.90 70.69 4.39
CA SER K 134 84.17 70.83 3.73
C SER K 134 84.95 71.91 4.38
N LEU K 135 86.28 71.87 4.30
CA LEU K 135 87.16 72.88 4.86
C LEU K 135 87.61 73.62 3.66
N ALA K 136 87.42 74.92 3.60
CA ALA K 136 87.82 75.59 2.38
C ALA K 136 89.33 75.74 2.33
N THR K 137 89.82 76.31 1.23
CA THR K 137 91.26 76.46 1.06
C THR K 137 91.83 77.63 1.85
N GLU K 138 91.00 78.61 2.19
CA GLU K 138 91.36 79.75 3.02
C GLU K 138 91.24 79.43 4.50
N ALA K 139 90.99 78.16 4.82
CA ALA K 139 90.68 77.70 6.17
C ALA K 139 91.61 76.57 6.53
N ILE K 140 91.57 75.51 5.72
CA ILE K 140 92.39 74.33 5.95
C ILE K 140 93.84 74.72 6.22
N ALA K 141 94.27 75.86 5.69
CA ALA K 141 95.62 76.33 5.98
C ALA K 141 95.80 76.63 7.45
N LEU K 142 94.77 77.16 8.10
CA LEU K 142 94.90 77.63 9.47
C LEU K 142 94.75 76.53 10.50
N LEU K 143 94.35 75.33 10.07
CA LEU K 143 94.21 74.16 10.91
C LEU K 143 95.52 73.39 10.95
N THR K 144 95.96 72.96 9.77
CA THR K 144 97.31 72.46 9.60
C THR K 144 98.29 73.53 10.04
N GLY K 145 97.80 74.75 10.26
CA GLY K 145 98.65 75.85 10.63
C GLY K 145 99.50 76.31 9.47
N GLU K 146 99.09 76.01 8.25
CA GLU K 146 99.93 76.27 7.09
C GLU K 146 100.21 77.75 6.94
N ALA K 147 99.17 78.55 6.80
CA ALA K 147 99.35 79.99 6.67
C ALA K 147 99.04 80.62 8.02
N LEU K 148 100.09 80.94 8.75
CA LEU K 148 100.02 81.82 9.90
C LEU K 148 101.39 82.43 10.07
N ASP K 149 101.44 83.68 10.46
CA ASP K 149 102.68 84.28 10.88
C ASP K 149 102.64 84.46 12.38
N GLY K 150 103.72 85.00 12.92
CA GLY K 150 103.68 85.39 14.32
C GLY K 150 102.62 86.44 14.61
N THR K 151 102.08 87.09 13.58
CA THR K 151 101.15 88.19 13.78
C THR K 151 99.93 87.73 14.55
N GLY K 152 99.55 88.50 15.55
CA GLY K 152 98.38 88.21 16.34
C GLY K 152 97.10 88.47 15.59
N ILE K 153 97.24 88.83 14.31
CA ILE K 153 96.13 88.84 13.37
C ILE K 153 96.12 87.56 12.55
N SER K 154 97.09 86.67 12.79
CA SER K 154 97.17 85.33 12.23
C SER K 154 96.94 84.24 13.27
N LEU K 155 97.62 84.31 14.39
CA LEU K 155 97.34 83.35 15.41
C LEU K 155 95.87 83.62 15.53
N HIS K 156 95.52 84.87 15.61
CA HIS K 156 94.11 85.16 15.69
C HIS K 156 93.35 84.44 14.60
N ARG K 157 93.70 84.72 13.34
CA ARG K 157 92.90 84.25 12.22
C ARG K 157 92.98 82.73 12.08
N GLN K 158 94.05 82.10 12.55
CA GLN K 158 94.06 80.65 12.60
C GLN K 158 92.95 80.14 13.50
N LEU K 159 92.65 80.87 14.57
CA LEU K 159 91.58 80.47 15.46
C LEU K 159 90.24 80.60 14.77
N ARG K 160 90.11 81.50 13.81
CA ARG K 160 88.82 81.59 13.17
C ARG K 160 88.64 80.51 12.11
N ALA K 161 89.65 79.66 11.93
CA ALA K 161 89.51 78.38 11.25
C ALA K 161 89.12 77.28 12.23
N ILE K 162 89.94 77.08 13.25
CA ILE K 162 89.64 76.13 14.30
C ILE K 162 88.21 76.33 14.79
N GLN K 163 87.72 77.57 14.78
CA GLN K 163 86.36 77.79 15.19
C GLN K 163 85.35 77.38 14.12
N GLN K 164 85.69 77.47 12.84
CA GLN K 164 84.78 77.01 11.80
C GLN K 164 84.70 75.50 11.77
N LEU K 165 85.86 74.83 11.75
CA LEU K 165 85.88 73.37 11.83
C LEU K 165 85.03 72.90 13.00
N ALA K 166 85.42 73.29 14.21
CA ALA K 166 84.69 72.89 15.39
C ALA K 166 83.22 73.20 15.29
N ARG K 167 82.86 74.24 14.56
CA ARG K 167 81.46 74.64 14.43
C ARG K 167 80.74 73.83 13.37
N ASN K 168 81.43 73.43 12.30
CA ASN K 168 80.85 72.54 11.31
C ASN K 168 80.79 71.12 11.84
N VAL K 169 81.89 70.66 12.42
CA VAL K 169 81.93 69.33 13.02
C VAL K 169 80.83 69.17 14.04
N GLN K 170 80.43 70.26 14.67
CA GLN K 170 79.33 70.21 15.62
C GLN K 170 77.99 70.20 14.92
N ALA K 171 77.89 70.85 13.78
CA ALA K 171 76.63 70.93 13.05
C ALA K 171 76.27 69.62 12.37
N VAL K 172 77.26 68.83 11.97
CA VAL K 172 76.97 67.56 11.30
C VAL K 172 76.63 66.47 12.30
N LEU K 173 77.27 66.48 13.46
CA LEU K 173 76.94 65.48 14.45
C LEU K 173 75.52 65.64 14.96
N GLY K 174 75.03 66.87 15.00
CA GLY K 174 73.65 67.06 15.36
C GLY K 174 72.69 66.83 14.24
N ALA K 175 73.19 66.47 13.06
CA ALA K 175 72.33 66.08 11.96
C ALA K 175 71.86 64.64 12.12
N PHE K 176 72.76 63.75 12.50
CA PHE K 176 72.39 62.36 12.70
C PHE K 176 71.46 62.19 13.87
N GLU K 177 71.30 63.20 14.71
CA GLU K 177 70.28 63.15 15.75
C GLU K 177 68.93 63.54 15.16
N ARG K 178 68.81 64.76 14.66
CA ARG K 178 67.55 65.13 14.03
C ARG K 178 67.33 64.48 12.67
N GLY K 179 68.34 63.84 12.09
CA GLY K 179 68.13 63.04 10.91
C GLY K 179 67.56 61.69 11.28
N THR K 180 68.08 61.11 12.36
CA THR K 180 67.47 59.93 12.97
C THR K 180 65.98 60.12 13.19
N ALA K 181 65.60 61.26 13.75
CA ALA K 181 64.19 61.59 13.95
C ALA K 181 63.47 61.85 12.65
N ASP K 182 64.20 62.16 11.60
CA ASP K 182 63.57 62.52 10.35
C ASP K 182 63.08 61.32 9.59
N GLN K 183 63.85 60.26 9.59
CA GLN K 183 63.45 59.08 8.86
C GLN K 183 62.72 58.06 9.72
N MET K 184 62.69 58.22 11.03
CA MET K 184 61.71 57.49 11.80
C MET K 184 60.33 57.78 11.25
N LEU K 185 60.06 59.04 10.93
CA LEU K 185 58.78 59.40 10.35
C LEU K 185 58.59 58.75 9.00
N HIS K 186 59.64 58.65 8.20
CA HIS K 186 59.49 58.07 6.88
C HIS K 186 59.18 56.59 6.97
N VAL K 187 59.84 55.86 7.87
CA VAL K 187 59.61 54.44 7.92
C VAL K 187 58.23 54.16 8.50
N LEU K 188 57.72 55.05 9.32
CA LEU K 188 56.37 54.91 9.85
C LEU K 188 55.33 55.40 8.86
N LEU K 189 55.67 56.36 8.02
CA LEU K 189 54.77 56.77 6.96
C LEU K 189 54.82 55.83 5.76
N GLU K 190 55.88 55.09 5.57
CA GLU K 190 55.92 54.13 4.49
C GLU K 190 54.94 53.01 4.75
N LYS K 191 54.76 52.58 5.97
CA LYS K 191 53.79 51.60 6.40
C LYS K 191 52.90 52.37 7.26
N ALA K 192 51.62 52.46 6.97
CA ALA K 192 50.66 53.22 7.72
C ALA K 192 49.70 53.57 6.66
N PRO K 193 48.53 52.80 6.59
CA PRO K 193 47.62 53.18 5.51
C PRO K 193 46.78 54.37 5.80
N PRO K 194 46.17 55.08 4.86
CA PRO K 194 45.25 56.14 5.26
C PRO K 194 44.18 55.55 6.13
N LEU K 195 43.82 56.27 7.19
CA LEU K 195 42.84 55.76 8.14
C LEU K 195 41.51 55.51 7.48
N ALA K 196 41.12 56.37 6.54
CA ALA K 196 39.88 56.19 5.82
C ALA K 196 39.77 54.79 5.26
N LEU K 197 40.88 54.25 4.76
CA LEU K 197 40.90 52.89 4.27
C LEU K 197 41.09 51.85 5.36
N LEU K 198 41.65 52.22 6.50
CA LEU K 198 41.94 51.17 7.47
C LEU K 198 40.72 50.78 8.28
N LEU K 199 39.86 51.73 8.59
CA LEU K 199 38.72 51.40 9.45
C LEU K 199 37.79 50.39 8.82
N PRO K 200 37.34 50.54 7.57
CA PRO K 200 36.67 49.42 6.92
C PRO K 200 37.46 48.14 6.96
N MET K 201 38.76 48.22 6.77
CA MET K 201 39.56 47.03 6.56
C MET K 201 39.53 46.13 7.77
N GLN K 202 39.69 46.72 8.96
CA GLN K 202 39.67 45.95 10.20
C GLN K 202 38.43 45.10 10.29
N ARG K 203 37.26 45.71 10.13
CA ARG K 203 36.01 45.00 10.30
C ARG K 203 36.00 43.68 9.55
N TYR K 204 36.64 43.62 8.40
CA TYR K 204 36.70 42.41 7.61
C TYR K 204 37.83 41.49 8.04
N LEU K 205 38.87 42.01 8.67
CA LEU K 205 39.98 41.14 9.04
C LEU K 205 39.72 40.40 10.35
N ASP K 206 38.87 40.93 11.21
CA ASP K 206 38.37 40.12 12.30
C ASP K 206 36.91 39.86 12.02
N ASN K 207 36.64 38.74 11.39
CA ASN K 207 35.27 38.33 11.21
C ASN K 207 35.20 36.83 11.46
N GLY K 208 35.84 36.06 10.59
CA GLY K 208 35.72 34.62 10.59
C GLY K 208 36.53 34.05 9.45
N THR K 212 33.44 34.68 0.15
CA THR K 212 34.43 35.73 0.39
C THR K 212 34.76 36.52 -0.86
N ARG K 213 34.28 36.09 -2.03
CA ARG K 213 34.42 36.97 -3.18
C ARG K 213 33.41 38.10 -3.13
N VAL K 214 32.26 37.85 -2.52
CA VAL K 214 31.23 38.86 -2.32
C VAL K 214 31.54 39.75 -1.15
N ALA K 215 32.20 39.23 -0.13
CA ALA K 215 32.58 40.03 1.01
C ALA K 215 33.71 40.97 0.68
N ARG K 216 34.49 40.63 -0.34
CA ARG K 216 35.52 41.53 -0.82
C ARG K 216 34.94 42.65 -1.67
N ALA K 217 34.04 42.30 -2.59
CA ALA K 217 33.23 43.30 -3.28
C ALA K 217 32.61 44.27 -2.31
N THR K 218 32.02 43.75 -1.25
CA THR K 218 31.37 44.59 -0.24
C THR K 218 32.38 45.44 0.50
N LEU K 219 33.57 44.89 0.76
CA LEU K 219 34.64 45.67 1.34
C LEU K 219 35.04 46.81 0.41
N VAL K 220 35.41 46.47 -0.81
CA VAL K 220 35.97 47.45 -1.74
C VAL K 220 35.02 48.61 -1.97
N ALA K 221 33.72 48.34 -2.05
CA ALA K 221 32.74 49.40 -2.23
C ALA K 221 32.67 50.31 -1.02
N GLU K 222 33.07 49.80 0.12
CA GLU K 222 33.12 50.49 1.39
C GLU K 222 34.40 51.28 1.55
N LEU K 223 35.54 50.73 1.12
CA LEU K 223 36.77 51.48 1.15
C LEU K 223 36.61 52.80 0.43
N LYS K 224 35.96 52.79 -0.72
CA LYS K 224 35.93 54.00 -1.52
C LYS K 224 34.80 54.93 -1.14
N ARG K 225 33.82 54.46 -0.38
CA ARG K 225 32.91 55.38 0.27
C ARG K 225 33.61 56.05 1.44
N SER K 226 34.29 55.26 2.25
CA SER K 226 34.95 55.75 3.45
C SER K 226 36.09 56.69 3.14
N PHE K 227 36.74 56.49 2.00
CA PHE K 227 37.83 57.37 1.64
C PHE K 227 37.30 58.72 1.21
N CYS K 228 36.31 58.73 0.34
CA CYS K 228 35.70 59.99 -0.06
C CYS K 228 35.18 60.73 1.16
N ASP K 229 34.31 60.08 1.94
CA ASP K 229 33.73 60.64 3.15
C ASP K 229 34.71 61.17 4.17
N THR K 230 35.48 60.29 4.74
CA THR K 230 36.18 60.56 5.99
C THR K 230 37.61 61.04 5.81
N SER K 231 38.09 61.18 4.60
CA SER K 231 39.38 61.83 4.47
C SER K 231 39.17 63.32 4.63
N PHE K 232 40.18 63.98 5.21
CA PHE K 232 40.13 65.40 5.53
C PHE K 232 39.08 65.69 6.57
N PHE K 233 38.85 64.74 7.46
CA PHE K 233 37.76 64.80 8.41
C PHE K 233 37.88 65.96 9.37
N LEU K 234 39.05 66.53 9.54
CA LEU K 234 39.17 67.76 10.29
C LEU K 234 39.10 68.90 9.30
N GLY K 235 38.44 69.98 9.69
CA GLY K 235 38.16 71.00 8.70
C GLY K 235 37.13 70.61 7.69
N LYS K 236 36.69 69.37 7.70
CA LYS K 236 35.43 68.96 7.12
C LYS K 236 34.38 68.86 8.21
N ALA K 237 34.57 67.96 9.17
CA ALA K 237 33.74 67.84 10.35
C ALA K 237 34.25 68.67 11.52
N GLY K 238 35.24 69.54 11.29
CA GLY K 238 35.96 70.16 12.39
C GLY K 238 35.08 70.90 13.38
N HIS K 239 33.90 71.34 12.95
CA HIS K 239 33.04 72.07 13.88
C HIS K 239 32.34 71.13 14.85
N ARG K 240 31.72 70.06 14.36
CA ARG K 240 30.98 69.20 15.27
C ARG K 240 31.96 68.41 16.13
N ARG K 241 31.89 68.63 17.44
CA ARG K 241 32.97 68.31 18.35
C ARG K 241 33.01 66.84 18.75
N GLU K 242 31.87 66.18 18.83
CA GLU K 242 31.91 64.78 19.21
C GLU K 242 32.22 63.88 18.04
N ALA K 243 32.15 64.42 16.84
CA ALA K 243 32.73 63.74 15.69
C ALA K 243 34.23 63.59 15.88
N ILE K 244 34.92 64.70 16.09
CA ILE K 244 36.37 64.66 16.23
C ILE K 244 36.76 63.72 17.36
N GLU K 245 36.17 63.91 18.53
CA GLU K 245 36.46 63.04 19.67
C GLU K 245 36.38 61.57 19.28
N ALA K 246 35.33 61.18 18.57
CA ALA K 246 35.20 59.79 18.16
C ALA K 246 36.22 59.42 17.10
N TRP K 247 36.68 60.41 16.34
CA TRP K 247 37.65 60.16 15.28
C TRP K 247 39.06 60.03 15.80
N LEU K 248 39.39 60.69 16.91
CA LEU K 248 40.68 60.45 17.55
C LEU K 248 40.73 59.10 18.23
N VAL K 249 39.59 58.60 18.67
CA VAL K 249 39.56 57.26 19.25
C VAL K 249 39.67 56.20 18.17
N ASP K 250 39.06 56.45 17.00
CA ASP K 250 39.29 55.61 15.84
C ASP K 250 40.77 55.54 15.50
N LEU K 251 41.35 56.67 15.16
CA LEU K 251 42.77 56.77 14.84
C LEU K 251 43.64 56.05 15.85
N THR K 252 43.37 56.25 17.12
CA THR K 252 44.25 55.72 18.15
C THR K 252 44.06 54.23 18.36
N THR K 253 42.83 53.73 18.20
CA THR K 253 42.51 52.33 18.43
C THR K 253 42.47 51.49 17.15
N ALA K 254 42.82 52.06 16.01
CA ALA K 254 42.75 51.30 14.77
C ALA K 254 43.97 50.42 14.54
N THR K 255 44.93 50.44 15.44
CA THR K 255 46.18 49.74 15.27
C THR K 255 46.27 48.61 16.28
N GLN K 256 47.40 47.92 16.29
CA GLN K 256 47.54 46.78 17.16
C GLN K 256 48.90 46.74 17.84
N PRO K 257 48.94 46.38 19.11
CA PRO K 257 50.20 46.46 19.85
C PRO K 257 51.21 45.48 19.30
N SER K 258 52.45 45.93 19.20
CA SER K 258 53.40 45.15 18.42
C SER K 258 54.02 44.06 19.26
N VAL K 259 54.94 44.45 20.14
CA VAL K 259 55.78 43.54 20.88
C VAL K 259 56.04 44.20 22.22
N ALA K 260 56.23 43.41 23.26
CA ALA K 260 56.52 43.95 24.58
C ALA K 260 58.02 43.98 24.75
N VAL K 261 58.58 45.18 24.76
CA VAL K 261 59.98 45.40 25.06
C VAL K 261 60.07 46.26 26.31
N PRO K 262 60.47 45.69 27.45
CA PRO K 262 60.59 46.54 28.64
C PRO K 262 61.97 47.11 28.80
N ARG K 263 62.61 47.43 27.69
CA ARG K 263 63.78 48.29 27.69
C ARG K 263 63.37 49.74 27.56
N LEU K 264 62.41 50.03 26.69
CA LEU K 264 61.93 51.38 26.54
C LEU K 264 60.74 51.48 27.46
N THR K 265 60.95 52.18 28.56
CA THR K 265 59.91 52.47 29.51
C THR K 265 59.72 53.97 29.36
N HIS K 266 58.76 54.38 28.56
CA HIS K 266 58.46 55.78 28.37
C HIS K 266 57.12 55.85 29.02
N ALA K 267 57.12 56.04 30.31
CA ALA K 267 55.93 56.08 31.15
C ALA K 267 56.10 57.38 31.67
N ASP K 268 55.10 58.21 31.66
CA ASP K 268 55.28 59.54 32.14
C ASP K 268 54.47 60.02 33.27
N THR K 269 53.23 59.64 33.24
CA THR K 269 52.30 60.12 34.22
C THR K 269 52.28 59.42 35.57
N ARG K 270 53.08 59.92 36.49
CA ARG K 270 53.12 59.41 37.83
C ARG K 270 53.32 57.93 37.76
N GLY K 271 54.09 57.52 36.78
CA GLY K 271 54.49 56.17 36.49
C GLY K 271 53.73 55.44 35.40
N ARG K 272 52.65 56.00 34.83
CA ARG K 272 51.94 55.15 33.88
C ARG K 272 52.59 55.20 32.51
N PRO K 273 52.60 54.09 31.80
CA PRO K 273 53.33 54.01 30.53
C PRO K 273 52.57 54.64 29.37
N VAL K 274 53.34 55.09 28.39
CA VAL K 274 52.81 55.74 27.20
C VAL K 274 52.83 54.74 26.06
N ASP K 275 51.78 54.70 25.29
CA ASP K 275 51.71 53.73 24.25
C ASP K 275 51.28 54.23 22.89
N GLY K 276 52.13 54.92 22.19
CA GLY K 276 51.82 55.42 20.89
C GLY K 276 52.27 56.83 20.85
N VAL K 277 52.46 57.39 19.66
CA VAL K 277 52.85 58.77 19.48
C VAL K 277 51.92 59.28 18.45
N LEU K 278 51.47 60.52 18.57
CA LEU K 278 50.61 61.08 17.57
C LEU K 278 51.46 62.17 17.06
N VAL K 279 51.90 62.13 15.82
CA VAL K 279 52.71 63.18 15.27
C VAL K 279 51.73 63.92 14.43
N THR K 280 51.56 65.20 14.68
CA THR K 280 50.60 66.02 13.98
C THR K 280 51.48 67.04 13.45
N THR K 281 50.88 68.12 12.99
CA THR K 281 51.61 69.32 12.62
C THR K 281 51.22 70.46 13.55
N ALA K 282 52.13 71.41 13.72
CA ALA K 282 52.00 72.38 14.82
C ALA K 282 50.72 73.19 14.74
N ALA K 283 50.22 73.44 13.54
CA ALA K 283 48.93 74.09 13.39
C ALA K 283 47.81 73.19 13.90
N ILE K 284 47.82 71.93 13.46
CA ILE K 284 46.81 70.98 13.88
C ILE K 284 46.89 70.75 15.38
N LYS K 285 48.09 70.42 15.87
CA LYS K 285 48.29 70.22 17.31
C LYS K 285 47.75 71.35 18.14
N GLN K 286 47.89 72.58 17.66
CA GLN K 286 47.32 73.72 18.36
C GLN K 286 45.81 73.67 18.36
N ARG K 287 45.21 73.14 17.30
CA ARG K 287 43.77 73.07 17.21
C ARG K 287 43.21 71.92 18.00
N LEU K 288 43.90 70.78 18.00
CA LEU K 288 43.44 69.65 18.77
C LEU K 288 43.60 69.89 20.25
N LEU K 289 44.67 70.58 20.62
CA LEU K 289 45.02 70.73 22.02
C LEU K 289 44.19 71.80 22.68
N GLN K 290 43.77 72.80 21.93
CA GLN K 290 42.96 73.84 22.53
C GLN K 290 41.53 73.38 22.76
N SER K 291 40.93 72.77 21.78
CA SER K 291 39.58 72.34 22.01
C SER K 291 39.40 70.87 22.16
N PHE K 292 39.81 70.15 21.14
CA PHE K 292 39.54 68.75 21.03
C PHE K 292 40.01 67.71 21.96
N LEU K 293 41.23 67.79 22.43
CA LEU K 293 41.67 66.79 23.36
C LEU K 293 42.53 67.49 24.28
N LYS K 294 41.99 68.53 24.86
CA LYS K 294 42.85 69.23 25.79
C LYS K 294 43.16 68.31 26.94
N VAL K 295 42.64 67.09 26.88
CA VAL K 295 42.91 66.10 27.89
C VAL K 295 44.42 66.03 27.93
N GLU K 296 44.97 66.34 29.08
CA GLU K 296 46.40 66.52 29.22
C GLU K 296 46.80 65.92 30.54
N ASP K 297 47.61 64.87 30.50
CA ASP K 297 47.97 64.24 31.76
C ASP K 297 49.17 64.94 32.37
N THR K 298 50.33 64.84 31.75
CA THR K 298 51.48 65.52 32.29
C THR K 298 52.10 66.37 31.19
N GLU K 299 52.86 67.34 31.65
CA GLU K 299 53.64 68.23 30.81
C GLU K 299 55.09 67.77 30.71
N ALA K 300 55.44 66.69 31.39
CA ALA K 300 56.77 66.12 31.31
C ALA K 300 56.61 64.61 31.43
N ASP K 301 57.73 63.90 31.40
CA ASP K 301 57.74 62.45 31.51
C ASP K 301 59.14 61.84 31.43
N VAL K 302 59.22 60.52 31.51
CA VAL K 302 60.47 59.85 31.85
C VAL K 302 60.96 58.92 30.74
N PRO K 303 61.75 59.43 29.80
CA PRO K 303 62.38 58.67 28.72
C PRO K 303 63.66 57.96 29.14
N VAL K 304 64.16 57.09 28.28
CA VAL K 304 65.30 56.21 28.50
C VAL K 304 66.45 56.52 27.47
N THR K 305 67.50 55.66 27.47
CA THR K 305 68.70 55.59 26.54
C THR K 305 68.96 54.37 25.60
N TYR K 306 70.01 54.40 24.79
CA TYR K 306 70.25 53.35 23.79
C TYR K 306 70.66 51.95 24.15
N GLY K 307 69.95 50.99 23.62
CA GLY K 307 70.32 49.63 23.82
C GLY K 307 71.42 49.46 22.82
N GLU K 308 72.38 48.63 23.11
CA GLU K 308 73.50 48.26 22.24
C GLU K 308 73.61 46.76 22.06
N MET K 309 74.22 46.37 20.93
CA MET K 309 74.46 44.97 20.58
C MET K 309 75.84 44.80 19.96
N VAL K 310 76.65 43.91 20.53
CA VAL K 310 78.03 43.73 20.07
C VAL K 310 78.34 42.24 19.97
N LEU K 311 79.21 41.88 19.03
CA LEU K 311 79.65 40.50 18.87
C LEU K 311 80.90 40.29 19.70
N ASN K 312 80.79 39.52 20.78
CA ASN K 312 81.98 39.28 21.58
C ASN K 312 82.34 37.82 21.78
N GLY K 313 81.67 37.14 22.71
CA GLY K 313 82.24 35.88 23.15
C GLY K 313 82.12 34.70 22.21
N ALA K 314 80.92 34.20 22.04
CA ALA K 314 80.64 33.17 21.06
C ALA K 314 79.95 33.73 19.83
N ASN K 315 79.57 35.00 19.87
CA ASN K 315 79.05 35.64 18.66
C ASN K 315 80.16 35.81 17.64
N LEU K 316 81.34 36.25 18.08
CA LEU K 316 82.50 36.17 17.22
C LEU K 316 82.75 34.75 16.77
N VAL K 317 83.03 33.86 17.72
CA VAL K 317 83.48 32.51 17.35
C VAL K 317 82.57 31.89 16.31
N THR K 318 81.26 31.86 16.57
CA THR K 318 80.36 31.23 15.62
C THR K 318 80.29 32.01 14.31
N ALA K 319 80.26 33.34 14.37
CA ALA K 319 80.32 34.10 13.13
C ALA K 319 81.57 33.75 12.34
N LEU K 320 82.70 33.64 13.02
CA LEU K 320 83.95 33.27 12.38
C LEU K 320 83.93 31.87 11.77
N VAL K 321 83.88 30.83 12.61
CA VAL K 321 84.06 29.47 12.12
C VAL K 321 82.83 28.91 11.43
N MET K 322 81.70 29.58 11.53
CA MET K 322 80.45 29.13 10.93
C MET K 322 79.85 30.15 10.00
N GLY K 323 79.66 31.39 10.44
CA GLY K 323 79.23 32.45 9.57
C GLY K 323 77.86 32.99 9.87
N LYS K 324 77.23 32.53 10.93
CA LYS K 324 76.01 33.13 11.41
C LYS K 324 76.23 33.66 12.80
N ALA K 325 75.49 34.71 13.16
CA ALA K 325 75.42 35.16 14.53
C ALA K 325 73.98 35.07 15.02
N VAL K 326 73.82 34.99 16.33
CA VAL K 326 72.52 35.07 16.96
C VAL K 326 72.64 36.10 18.07
N ARG K 327 71.58 36.86 18.29
CA ARG K 327 71.63 37.87 19.32
C ARG K 327 71.54 37.20 20.68
N SER K 328 72.55 37.42 21.52
CA SER K 328 72.67 36.78 22.83
C SER K 328 72.70 35.26 22.69
N LEU K 329 73.80 34.78 22.15
CA LEU K 329 74.08 33.35 22.19
C LEU K 329 74.25 32.85 23.62
N ASP K 330 74.76 33.70 24.50
CA ASP K 330 75.03 33.25 25.86
C ASP K 330 73.74 32.89 26.59
N ASP K 331 72.78 33.80 26.60
CA ASP K 331 71.49 33.48 27.18
C ASP K 331 70.87 32.29 26.45
N VAL K 332 70.65 32.43 25.14
CA VAL K 332 70.07 31.36 24.35
C VAL K 332 70.85 30.07 24.54
N GLY K 333 72.17 30.18 24.68
CA GLY K 333 72.97 28.99 24.91
C GLY K 333 72.75 28.38 26.27
N ARG K 334 72.77 29.21 27.31
CA ARG K 334 72.51 28.71 28.66
C ARG K 334 71.17 28.02 28.74
N HIS K 335 70.14 28.64 28.20
CA HIS K 335 68.79 28.11 28.38
C HIS K 335 68.60 26.81 27.60
N LEU K 336 69.25 26.66 26.46
CA LEU K 336 69.11 25.41 25.73
C LEU K 336 69.80 24.26 26.46
N LEU K 337 71.00 24.50 26.98
CA LEU K 337 71.72 23.46 27.70
C LEU K 337 71.02 23.12 29.01
N ASP K 338 70.78 24.13 29.84
CA ASP K 338 70.15 23.88 31.13
C ASP K 338 68.77 23.28 30.99
N MET K 339 68.07 23.56 29.88
CA MET K 339 66.72 23.04 29.73
C MET K 339 66.71 21.54 29.60
N GLN K 340 67.76 20.95 29.02
CA GLN K 340 67.83 19.51 28.90
C GLN K 340 68.63 18.88 30.03
N GLU K 341 69.05 19.66 31.02
CA GLU K 341 69.47 19.10 32.30
C GLU K 341 68.30 18.92 33.26
N GLU K 342 67.15 19.54 32.96
CA GLU K 342 65.98 19.53 33.83
C GLU K 342 66.31 20.01 35.24
N ASN K 347 53.90 25.49 26.18
CA ASN K 347 55.29 25.52 26.59
C ASN K 347 55.50 26.63 27.56
N ARG K 348 54.49 27.46 27.69
CA ARG K 348 54.53 28.51 28.66
C ARG K 348 55.88 29.18 28.41
N GLU K 349 56.17 29.36 27.12
CA GLU K 349 57.38 30.00 26.69
C GLU K 349 56.92 31.42 26.85
N THR K 350 57.32 32.00 27.98
CA THR K 350 57.00 33.35 28.34
C THR K 350 58.15 33.97 29.09
N LEU K 351 59.29 33.30 29.10
CA LEU K 351 60.42 33.80 29.89
C LEU K 351 60.86 35.17 29.45
N ASP K 352 61.03 35.35 28.13
CA ASP K 352 61.40 36.62 27.50
C ASP K 352 62.69 37.37 27.93
N GLU K 353 62.46 38.60 28.39
CA GLU K 353 63.53 39.49 28.80
C GLU K 353 63.60 39.83 30.29
N LEU K 354 64.84 39.86 30.78
CA LEU K 354 65.19 40.17 32.16
C LEU K 354 66.26 41.25 32.05
N GLU K 355 66.18 42.30 32.86
CA GLU K 355 67.18 43.36 32.76
C GLU K 355 67.31 44.29 33.97
N SER K 356 68.37 45.08 33.90
CA SER K 356 68.77 46.07 34.89
C SER K 356 67.81 47.25 35.10
N ALA K 357 67.18 47.70 34.01
CA ALA K 357 66.27 48.85 33.92
C ALA K 357 67.17 49.94 33.37
N PRO K 358 66.70 50.66 32.30
CA PRO K 358 67.65 51.65 31.76
C PRO K 358 67.71 52.91 32.58
N GLN K 359 68.69 53.74 32.29
CA GLN K 359 68.75 55.02 32.97
C GLN K 359 67.63 55.81 32.38
N THR K 360 67.02 56.69 33.15
CA THR K 360 65.91 57.51 32.67
C THR K 360 66.16 59.00 32.89
N THR K 361 65.16 59.83 32.61
CA THR K 361 65.28 61.27 32.70
C THR K 361 63.92 61.88 32.45
N ARG K 362 63.69 63.09 32.98
CA ARG K 362 62.43 63.77 32.73
C ARG K 362 62.63 64.69 31.54
N VAL K 363 62.04 64.33 30.46
CA VAL K 363 62.00 65.12 29.27
C VAL K 363 60.67 65.85 29.30
N ARG K 364 60.64 67.05 28.76
CA ARG K 364 59.41 67.81 28.74
C ARG K 364 58.64 67.42 27.49
N ALA K 365 57.57 66.68 27.69
CA ALA K 365 56.76 66.10 26.64
C ALA K 365 55.32 66.53 26.85
N ASP K 366 54.45 66.08 25.96
CA ASP K 366 53.06 66.52 25.96
C ASP K 366 52.20 65.28 25.84
N LEU K 367 51.42 64.98 26.86
CA LEU K 367 50.83 63.65 27.02
C LEU K 367 49.32 63.76 27.19
N VAL K 368 48.59 63.20 26.26
CA VAL K 368 47.15 63.32 26.22
C VAL K 368 46.57 61.93 26.34
N ALA K 369 45.31 61.82 26.74
CA ALA K 369 44.72 60.48 26.81
C ALA K 369 43.57 60.46 25.83
N ILE K 370 43.54 59.52 24.89
CA ILE K 370 42.49 59.52 23.89
C ILE K 370 41.75 58.21 23.85
N GLY K 371 40.76 58.04 24.72
CA GLY K 371 40.04 56.80 24.82
C GLY K 371 40.96 56.43 25.91
N ASP K 372 41.21 55.18 26.22
CA ASP K 372 42.15 54.89 27.30
C ASP K 372 43.55 54.93 26.80
N ARG K 373 44.21 56.07 26.77
CA ARG K 373 45.54 55.80 26.30
C ARG K 373 46.42 56.97 26.65
N LEU K 374 47.64 56.70 27.06
CA LEU K 374 48.54 57.80 27.30
C LEU K 374 49.41 57.88 26.05
N VAL K 375 49.34 58.99 25.36
CA VAL K 375 49.99 59.15 24.08
C VAL K 375 50.76 60.45 24.13
N PHE K 376 51.87 60.49 23.42
CA PHE K 376 52.51 61.76 23.13
C PHE K 376 51.72 62.50 22.07
N LEU K 377 51.61 63.81 22.21
CA LEU K 377 51.10 64.64 21.14
C LEU K 377 52.23 65.54 20.69
N GLU K 378 52.56 65.51 19.43
CA GLU K 378 53.61 66.36 19.07
C GLU K 378 53.71 66.83 17.69
N ALA K 379 54.29 67.99 17.54
CA ALA K 379 54.67 68.53 16.25
C ALA K 379 56.14 68.88 16.37
N LEU K 380 56.97 68.15 15.66
CA LEU K 380 58.39 68.33 15.70
C LEU K 380 58.91 69.19 14.57
N GLU K 381 58.02 69.87 13.87
CA GLU K 381 58.39 70.91 12.91
C GLU K 381 59.46 71.82 13.45
N LYS K 382 59.13 72.61 14.47
CA LYS K 382 60.04 73.66 14.89
C LYS K 382 61.24 73.10 15.63
N ARG K 383 61.13 71.93 16.24
CA ARG K 383 62.24 71.44 17.03
C ARG K 383 63.35 70.86 16.19
N ILE K 384 63.05 70.31 15.01
CA ILE K 384 64.10 69.71 14.20
C ILE K 384 64.10 70.27 12.79
N TYR K 385 62.95 70.36 12.15
CA TYR K 385 62.88 70.87 10.78
C TYR K 385 62.98 72.38 10.67
N ALA K 386 63.21 73.08 11.77
CA ALA K 386 63.11 74.54 11.83
C ALA K 386 63.84 75.28 10.72
N ALA K 387 65.16 75.35 10.78
CA ALA K 387 65.96 76.12 9.84
C ALA K 387 66.59 75.26 8.77
N THR K 388 66.29 73.97 8.74
CA THR K 388 67.04 72.98 7.99
C THR K 388 66.74 72.95 6.50
N ASN K 389 65.70 73.64 6.04
CA ASN K 389 65.24 73.67 4.66
C ASN K 389 64.68 72.34 4.18
N VAL K 390 64.71 71.30 5.00
CA VAL K 390 64.12 70.00 4.70
C VAL K 390 62.61 70.10 4.90
N PRO K 391 61.80 69.45 4.06
CA PRO K 391 60.35 69.49 4.26
C PRO K 391 59.87 68.57 5.36
N TYR K 392 58.85 69.01 6.07
CA TYR K 392 58.30 68.26 7.17
C TYR K 392 57.41 67.16 6.64
N PRO K 393 57.64 65.89 7.00
CA PRO K 393 56.94 64.80 6.33
C PRO K 393 55.45 64.78 6.53
N LEU K 394 54.91 65.51 7.49
CA LEU K 394 53.50 65.52 7.81
C LEU K 394 52.67 66.48 7.08
N VAL K 395 53.29 67.33 6.35
CA VAL K 395 52.54 68.09 5.37
C VAL K 395 52.74 67.33 4.07
N GLY K 396 51.69 66.66 3.64
CA GLY K 396 51.77 65.66 2.64
C GLY K 396 51.33 66.16 1.29
N ALA K 397 50.88 65.24 0.46
CA ALA K 397 50.37 65.57 -0.84
C ALA K 397 49.33 64.54 -1.19
N MET K 398 48.27 64.98 -1.82
CA MET K 398 47.27 64.07 -2.34
C MET K 398 47.14 64.37 -3.80
N ASP K 399 46.84 63.35 -4.58
CA ASP K 399 46.83 63.48 -6.02
C ASP K 399 45.49 62.93 -6.48
N LEU K 400 44.61 63.81 -6.95
CA LEU K 400 43.28 63.44 -7.35
C LEU K 400 43.08 63.81 -8.81
N THR K 401 42.50 62.91 -9.58
CA THR K 401 42.13 63.19 -10.95
C THR K 401 40.62 63.37 -11.01
N PHE K 402 40.19 64.38 -11.74
CA PHE K 402 38.79 64.71 -11.86
C PHE K 402 38.33 64.47 -13.29
N VAL K 403 37.03 64.58 -13.49
CA VAL K 403 36.43 64.30 -14.79
C VAL K 403 35.28 65.26 -15.05
N LEU K 404 35.20 65.74 -16.28
CA LEU K 404 34.16 66.61 -16.76
C LEU K 404 33.68 66.09 -18.10
N PRO K 405 32.37 66.03 -18.33
CA PRO K 405 31.85 65.77 -19.68
C PRO K 405 31.74 67.02 -20.56
N LEU K 406 32.07 66.86 -21.84
CA LEU K 406 31.88 67.94 -22.81
C LEU K 406 30.88 67.55 -23.89
N GLY K 407 30.01 68.46 -24.21
CA GLY K 407 29.24 68.30 -25.41
C GLY K 407 28.34 67.08 -25.37
N LEU K 408 28.23 66.44 -24.21
CA LEU K 408 27.33 65.32 -24.15
C LEU K 408 25.91 65.82 -24.18
N PHE K 409 24.96 64.92 -24.12
CA PHE K 409 23.59 65.24 -24.48
C PHE K 409 22.64 64.57 -23.48
N ASN K 410 21.67 65.34 -22.97
CA ASN K 410 20.73 64.84 -21.99
C ASN K 410 20.00 63.60 -22.49
N PRO K 411 19.60 62.69 -21.60
CA PRO K 411 18.75 61.58 -22.02
C PRO K 411 17.33 62.03 -22.25
N ALA K 412 16.56 61.18 -22.92
CA ALA K 412 15.25 61.58 -23.43
C ALA K 412 14.34 62.11 -22.35
N MET K 413 14.46 61.60 -21.13
CA MET K 413 13.56 61.98 -20.06
C MET K 413 14.05 63.16 -19.25
N GLU K 414 15.32 63.55 -19.41
CA GLU K 414 15.93 64.56 -18.58
C GLU K 414 15.98 65.95 -19.18
N ARG K 415 15.43 66.17 -20.36
CA ARG K 415 15.55 67.45 -21.04
C ARG K 415 14.36 68.38 -20.82
N PHE K 416 13.76 68.42 -19.66
CA PHE K 416 12.70 69.35 -19.36
C PHE K 416 13.32 70.63 -18.78
N ALA K 417 12.49 71.59 -18.43
CA ALA K 417 12.88 72.81 -17.77
C ALA K 417 12.14 72.57 -16.51
N ALA K 418 12.64 72.93 -15.36
CA ALA K 418 11.93 72.65 -14.11
C ALA K 418 10.60 73.25 -14.11
N HIS K 419 10.44 74.51 -14.51
CA HIS K 419 9.21 75.27 -14.58
C HIS K 419 9.12 75.97 -15.93
N ALA K 420 7.98 76.42 -16.41
CA ALA K 420 7.89 76.91 -17.77
C ALA K 420 8.68 78.18 -17.89
N GLY K 421 8.21 79.28 -17.32
CA GLY K 421 9.07 80.43 -17.34
C GLY K 421 10.20 80.24 -16.38
N ASP K 422 11.42 80.20 -16.89
CA ASP K 422 12.64 80.41 -16.14
C ASP K 422 13.81 80.27 -17.09
N LEU K 423 14.91 80.95 -16.78
CA LEU K 423 16.03 81.08 -17.70
C LEU K 423 15.52 81.37 -19.11
N VAL K 424 14.64 82.36 -19.20
CA VAL K 424 13.84 82.62 -20.40
C VAL K 424 14.43 83.83 -21.13
N PRO K 425 14.66 83.77 -22.43
CA PRO K 425 15.33 84.86 -23.11
C PRO K 425 14.36 86.00 -23.35
N ALA K 426 14.90 87.14 -23.83
CA ALA K 426 14.10 88.31 -24.08
C ALA K 426 13.20 87.84 -25.09
N PRO K 427 12.03 88.56 -25.20
CA PRO K 427 11.00 88.00 -26.09
C PRO K 427 11.18 87.66 -27.57
N GLY K 428 11.91 88.38 -28.38
CA GLY K 428 12.05 87.93 -29.75
C GLY K 428 13.28 87.06 -29.96
N HIS K 429 14.08 86.91 -28.93
CA HIS K 429 15.35 86.23 -29.04
C HIS K 429 15.39 84.77 -28.94
N PRO K 430 16.50 84.21 -29.57
CA PRO K 430 16.55 82.75 -29.57
C PRO K 430 16.79 82.04 -28.26
N GLU K 431 16.26 80.83 -28.08
CA GLU K 431 16.52 80.11 -26.86
C GLU K 431 17.72 79.25 -27.10
N PRO K 432 18.85 79.65 -26.54
CA PRO K 432 20.10 78.94 -26.72
C PRO K 432 20.31 77.78 -25.74
N ARG K 433 19.34 77.55 -24.89
CA ARG K 433 19.42 76.52 -23.93
C ARG K 433 18.73 75.29 -24.46
N ALA K 434 18.47 75.26 -25.74
CA ALA K 434 17.89 74.11 -26.37
C ALA K 434 18.74 73.64 -27.53
N PHE K 435 19.98 74.15 -27.61
CA PHE K 435 20.93 73.78 -28.61
C PHE K 435 21.88 72.87 -27.91
N PRO K 436 22.57 71.96 -28.70
CA PRO K 436 23.47 71.06 -27.96
C PRO K 436 24.57 71.75 -27.17
N PRO K 437 24.93 71.19 -25.94
CA PRO K 437 25.96 71.94 -25.21
C PRO K 437 27.38 71.76 -25.74
N ARG K 438 28.06 72.85 -26.06
CA ARG K 438 29.40 72.78 -26.59
C ARG K 438 30.44 73.35 -25.68
N GLN K 439 30.09 73.57 -24.42
CA GLN K 439 30.93 74.17 -23.42
C GLN K 439 30.79 73.44 -22.10
N LEU K 440 31.55 73.94 -21.14
CA LEU K 440 31.45 73.52 -19.77
C LEU K 440 32.00 74.66 -18.93
N PHE K 441 31.44 74.85 -17.75
CA PHE K 441 31.82 75.94 -16.86
C PHE K 441 32.15 75.35 -15.51
N PHE K 442 33.10 75.94 -14.82
CA PHE K 442 33.47 75.48 -13.49
C PHE K 442 34.28 76.56 -12.82
N TRP K 443 34.62 76.37 -11.57
CA TRP K 443 35.42 77.33 -10.82
C TRP K 443 36.83 76.83 -10.74
N GLY K 444 37.74 77.66 -11.23
CA GLY K 444 39.16 77.42 -11.21
C GLY K 444 39.36 77.64 -9.74
N LYS K 445 40.53 77.42 -9.17
CA LYS K 445 40.66 77.52 -7.73
C LYS K 445 40.67 78.90 -7.10
N ASP K 446 39.72 79.72 -7.52
CA ASP K 446 39.50 81.03 -6.99
C ASP K 446 38.08 81.18 -7.47
N HIS K 447 37.32 82.11 -6.96
CA HIS K 447 35.98 82.06 -7.45
C HIS K 447 36.06 82.62 -8.79
N GLN K 448 36.62 81.82 -9.67
CA GLN K 448 36.81 82.26 -11.00
C GLN K 448 36.15 81.27 -11.85
N VAL K 449 35.12 81.62 -12.57
CA VAL K 449 34.42 80.68 -13.41
C VAL K 449 35.22 80.49 -14.60
N LEU K 450 35.43 79.25 -15.04
CA LEU K 450 36.22 78.99 -16.21
C LEU K 450 35.50 78.15 -17.23
N ARG K 451 35.95 78.10 -18.45
CA ARG K 451 35.32 77.28 -19.47
C ARG K 451 36.21 76.55 -20.49
N LEU K 452 35.75 75.38 -20.86
CA LEU K 452 36.40 74.58 -21.83
C LEU K 452 35.31 74.49 -22.85
N SER K 453 35.57 74.92 -24.04
CA SER K 453 34.65 74.84 -25.08
C SER K 453 35.10 73.57 -25.65
N MET K 454 34.73 73.26 -26.86
CA MET K 454 35.15 72.07 -27.52
C MET K 454 36.19 72.48 -28.45
N GLU K 455 36.52 73.74 -28.49
CA GLU K 455 37.64 74.18 -29.28
C GLU K 455 38.95 73.78 -28.65
N ASN K 456 38.93 73.40 -27.38
CA ASN K 456 40.13 73.02 -26.68
C ASN K 456 40.61 71.64 -27.08
N ALA K 457 39.77 70.88 -27.75
CA ALA K 457 40.11 69.55 -28.20
C ALA K 457 40.91 69.56 -29.46
N VAL K 458 41.24 70.76 -29.94
CA VAL K 458 41.92 70.97 -31.21
C VAL K 458 43.38 70.58 -31.15
N GLY K 459 43.92 70.26 -30.00
CA GLY K 459 45.30 69.84 -29.96
C GLY K 459 45.38 68.34 -29.85
N THR K 460 44.23 67.75 -29.56
CA THR K 460 44.04 66.34 -29.35
C THR K 460 43.52 65.67 -30.61
N VAL K 461 42.34 66.12 -31.05
CA VAL K 461 41.60 65.46 -32.08
C VAL K 461 41.97 65.98 -33.45
N CYS K 462 42.66 67.10 -33.51
CA CYS K 462 43.25 67.71 -34.69
C CYS K 462 44.68 67.28 -34.92
N HIS K 463 45.03 66.18 -34.44
CA HIS K 463 46.34 65.65 -34.68
C HIS K 463 46.21 64.37 -35.48
N PRO K 464 47.13 64.01 -36.37
CA PRO K 464 46.91 62.79 -37.13
C PRO K 464 47.15 61.55 -36.31
N SER K 465 46.71 61.59 -35.07
CA SER K 465 46.59 60.42 -34.24
C SER K 465 45.17 59.94 -34.14
N LEU K 466 44.32 60.77 -34.76
CA LEU K 466 42.92 60.57 -35.03
C LEU K 466 42.82 59.52 -36.06
N MET K 467 43.66 59.60 -37.07
CA MET K 467 43.61 58.69 -38.17
C MET K 467 44.49 57.50 -38.22
N ASN K 468 45.30 57.25 -37.21
CA ASN K 468 46.25 56.15 -37.16
C ASN K 468 45.72 54.90 -36.50
N ILE K 469 45.15 53.97 -37.28
CA ILE K 469 44.49 52.80 -36.74
C ILE K 469 45.26 51.53 -37.02
N ASP K 470 46.40 51.60 -37.69
CA ASP K 470 47.02 50.39 -38.21
C ASP K 470 47.37 49.38 -37.13
N ALA K 471 47.43 49.81 -35.88
CA ALA K 471 47.50 48.89 -34.76
C ALA K 471 46.16 48.28 -34.44
N ALA K 472 45.09 49.03 -34.63
CA ALA K 472 43.76 48.51 -34.35
C ALA K 472 43.34 47.49 -35.38
N VAL K 473 43.46 47.84 -36.67
CA VAL K 473 42.98 46.94 -37.71
C VAL K 473 43.84 45.69 -37.77
N GLY K 474 45.13 45.83 -37.47
CA GLY K 474 46.00 44.66 -37.47
C GLY K 474 45.94 43.87 -36.20
N GLY K 475 45.52 44.48 -35.11
CA GLY K 475 45.49 43.81 -33.83
C GLY K 475 44.16 43.22 -33.46
N VAL K 476 43.09 43.66 -34.12
CA VAL K 476 41.84 42.93 -33.98
C VAL K 476 41.78 41.80 -34.98
N ASN K 477 42.57 41.88 -36.05
CA ASN K 477 42.49 40.93 -37.15
C ASN K 477 42.97 39.53 -36.75
N HIS K 478 43.84 39.42 -35.75
CA HIS K 478 44.23 38.08 -35.32
C HIS K 478 43.01 37.34 -34.78
N ASP K 479 43.14 36.01 -34.67
CA ASP K 479 42.00 35.14 -34.36
C ASP K 479 40.94 35.25 -35.46
N PRO K 480 41.14 34.56 -36.60
CA PRO K 480 40.26 34.76 -37.78
C PRO K 480 38.78 34.62 -37.46
N VAL K 481 38.02 35.31 -38.30
CA VAL K 481 36.59 35.52 -38.20
C VAL K 481 35.77 34.98 -39.38
N GLU K 482 34.57 35.50 -39.56
CA GLU K 482 33.69 35.08 -40.63
C GLU K 482 33.00 36.21 -41.34
N ALA K 483 32.35 35.91 -42.45
CA ALA K 483 31.53 36.86 -43.21
C ALA K 483 30.27 36.11 -43.69
N ALA K 484 29.23 36.05 -42.87
CA ALA K 484 28.05 35.29 -43.27
C ALA K 484 27.51 35.85 -44.57
N ASN K 485 27.32 37.17 -44.62
CA ASN K 485 26.90 37.74 -45.87
C ASN K 485 27.66 38.96 -45.80
N PRO K 486 28.42 39.18 -46.92
CA PRO K 486 29.20 40.39 -46.89
C PRO K 486 28.35 41.24 -47.74
N TYR K 487 27.31 41.81 -47.19
CA TYR K 487 26.40 42.54 -48.05
C TYR K 487 26.82 43.99 -48.18
N GLY K 488 26.78 44.74 -47.09
CA GLY K 488 27.36 46.05 -47.20
C GLY K 488 28.86 46.08 -47.22
N ALA K 489 29.53 44.94 -47.10
CA ALA K 489 30.97 44.86 -47.00
C ALA K 489 31.67 44.56 -48.31
N TYR K 490 30.94 44.44 -49.41
CA TYR K 490 31.52 44.00 -50.66
C TYR K 490 31.06 44.92 -51.77
N VAL K 491 31.95 45.22 -52.71
CA VAL K 491 31.63 46.04 -53.85
C VAL K 491 32.04 45.36 -55.12
N ALA K 492 31.12 45.24 -56.08
CA ALA K 492 31.39 44.62 -57.37
C ALA K 492 31.66 45.69 -58.42
N ALA K 493 31.93 45.26 -59.64
CA ALA K 493 32.17 46.16 -60.74
C ALA K 493 30.99 46.01 -61.69
N PRO K 494 30.47 47.16 -62.27
CA PRO K 494 29.30 46.93 -63.14
C PRO K 494 29.60 45.96 -64.29
N ALA K 495 28.65 45.12 -64.68
CA ALA K 495 28.91 44.17 -65.75
C ALA K 495 27.68 44.09 -66.64
N GLY K 496 27.90 43.98 -67.93
CA GLY K 496 26.82 43.86 -68.87
C GLY K 496 25.87 45.03 -68.81
N PRO K 497 24.66 44.85 -69.34
CA PRO K 497 23.71 45.95 -69.39
C PRO K 497 23.27 46.37 -68.00
N GLY K 498 22.83 47.62 -67.91
CA GLY K 498 22.24 48.09 -66.68
C GLY K 498 20.81 47.69 -66.49
N ALA K 499 20.12 47.34 -67.58
CA ALA K 499 18.70 47.02 -67.48
C ALA K 499 18.45 45.87 -66.54
N ASP K 500 19.27 44.83 -66.61
CA ASP K 500 19.14 43.66 -65.76
C ASP K 500 20.08 43.70 -64.56
N MET K 501 20.79 44.81 -64.34
CA MET K 501 21.88 44.80 -63.35
C MET K 501 21.37 44.51 -61.95
N GLN K 502 20.22 45.06 -61.59
CA GLN K 502 19.64 44.64 -60.32
C GLN K 502 18.92 43.31 -60.42
N GLN K 503 18.31 43.02 -61.56
CA GLN K 503 17.75 41.70 -61.75
C GLN K 503 18.80 40.62 -61.51
N ARG K 504 20.03 40.85 -61.96
CA ARG K 504 21.11 39.92 -61.69
C ARG K 504 21.36 39.79 -60.21
N PHE K 505 21.64 40.91 -59.55
CA PHE K 505 21.99 40.95 -58.14
C PHE K 505 21.07 40.09 -57.31
N LEU K 506 19.79 40.44 -57.30
CA LEU K 506 18.81 39.69 -56.51
C LEU K 506 18.81 38.22 -56.83
N ASN K 507 19.15 37.82 -58.06
CA ASN K 507 19.30 36.40 -58.33
C ASN K 507 20.59 35.85 -57.77
N ALA K 508 21.69 36.60 -57.88
CA ALA K 508 22.96 36.09 -57.40
C ALA K 508 23.04 36.19 -55.88
N TRP K 509 22.59 37.29 -55.32
CA TRP K 509 22.61 37.46 -53.88
C TRP K 509 21.20 37.22 -53.39
N ARG K 510 20.93 35.99 -52.98
CA ARG K 510 19.58 35.69 -52.52
C ARG K 510 19.69 34.78 -51.32
N GLN K 511 20.28 33.60 -51.54
CA GLN K 511 20.60 32.71 -50.45
C GLN K 511 21.36 33.41 -49.34
N ARG K 512 22.47 34.05 -49.67
CA ARG K 512 23.27 34.64 -48.62
C ARG K 512 22.77 36.00 -48.22
N LEU K 513 21.64 36.40 -48.76
CA LEU K 513 20.99 37.64 -48.38
C LEU K 513 19.73 37.34 -47.58
N ALA K 514 18.81 36.56 -48.16
CA ALA K 514 17.66 36.07 -47.40
C ALA K 514 18.07 35.42 -46.08
N HIS K 515 19.10 34.59 -46.10
CA HIS K 515 19.48 33.83 -44.92
C HIS K 515 19.86 34.71 -43.73
N GLY K 516 20.99 35.38 -43.82
CA GLY K 516 21.61 35.96 -42.65
C GLY K 516 21.14 37.37 -42.32
N ARG K 517 21.74 37.92 -41.27
CA ARG K 517 21.34 39.18 -40.66
C ARG K 517 22.36 40.25 -41.00
N VAL K 518 21.91 41.34 -41.64
CA VAL K 518 22.83 42.36 -42.08
C VAL K 518 23.27 43.17 -40.87
N ARG K 519 24.53 43.45 -40.69
CA ARG K 519 24.86 44.17 -39.50
C ARG K 519 24.27 45.49 -39.29
N TRP K 520 23.96 46.25 -40.31
CA TRP K 520 23.42 47.59 -40.12
C TRP K 520 21.90 47.55 -39.78
N VAL K 521 21.73 47.12 -38.51
CA VAL K 521 20.50 47.03 -37.70
C VAL K 521 20.69 47.65 -36.31
N ALA K 522 21.86 48.23 -36.07
CA ALA K 522 22.09 49.03 -34.88
C ALA K 522 21.17 50.23 -34.91
N GLU K 523 20.44 50.37 -36.01
CA GLU K 523 19.32 51.28 -36.11
C GLU K 523 18.31 51.04 -35.02
N CYS K 524 17.83 49.81 -34.90
CA CYS K 524 16.77 49.48 -33.96
C CYS K 524 17.20 49.68 -32.52
N GLN K 525 18.50 49.71 -32.25
CA GLN K 525 18.98 49.75 -30.88
C GLN K 525 18.84 51.12 -30.27
N MET K 526 18.78 51.17 -28.94
CA MET K 526 18.72 52.39 -28.13
C MET K 526 20.18 52.55 -27.87
N THR K 527 20.60 53.32 -26.89
CA THR K 527 22.02 53.47 -26.60
C THR K 527 22.40 52.69 -25.38
N ALA K 528 21.42 52.38 -24.57
CA ALA K 528 21.60 51.59 -23.44
C ALA K 528 21.95 50.27 -23.97
N GLU K 529 21.25 49.85 -25.04
CA GLU K 529 21.37 48.64 -25.74
C GLU K 529 22.62 48.45 -26.47
N GLN K 530 23.17 49.43 -27.16
CA GLN K 530 24.44 49.21 -27.83
C GLN K 530 25.58 49.08 -26.83
N PHE K 531 25.42 49.55 -25.61
CA PHE K 531 26.49 49.36 -24.65
C PHE K 531 26.41 48.06 -23.89
N MET K 532 25.30 47.35 -23.95
CA MET K 532 25.12 46.10 -23.25
C MET K 532 25.88 44.99 -23.82
N GLN K 533 26.29 44.12 -22.92
CA GLN K 533 27.08 42.97 -23.14
C GLN K 533 26.34 42.12 -24.04
N PRO K 534 25.05 42.01 -23.78
CA PRO K 534 24.22 41.16 -24.61
C PRO K 534 23.80 41.62 -25.94
N ASP K 535 24.06 40.81 -26.91
CA ASP K 535 23.50 41.01 -28.21
C ASP K 535 23.85 42.25 -28.96
N ASN K 536 25.00 42.81 -28.63
CA ASN K 536 25.59 43.90 -29.32
C ASN K 536 26.85 43.10 -29.37
N ALA K 537 26.79 42.10 -30.22
CA ALA K 537 27.77 41.13 -30.39
C ALA K 537 28.79 41.87 -31.12
N ASN K 538 28.38 43.00 -31.61
CA ASN K 538 29.25 43.78 -32.46
C ASN K 538 29.82 44.98 -31.73
N LEU K 539 29.56 45.10 -30.43
CA LEU K 539 30.20 46.13 -29.63
C LEU K 539 31.69 46.04 -29.73
N ALA K 540 32.22 44.81 -29.82
CA ALA K 540 33.66 44.66 -29.93
C ALA K 540 34.22 45.32 -31.17
N LEU K 541 33.39 45.63 -32.16
CA LEU K 541 33.81 46.29 -33.40
C LEU K 541 33.52 47.77 -33.42
N GLU K 542 33.03 48.35 -32.35
CA GLU K 542 32.85 49.78 -32.27
C GLU K 542 34.02 50.31 -31.47
N LEU K 543 35.02 50.82 -32.16
CA LEU K 543 36.32 51.15 -31.58
C LEU K 543 36.66 52.62 -31.75
N HIS K 544 36.72 53.09 -32.90
CA HIS K 544 37.20 54.41 -33.08
C HIS K 544 36.04 55.29 -33.52
N PRO K 545 36.05 56.58 -33.16
CA PRO K 545 34.96 57.45 -33.61
C PRO K 545 34.80 57.48 -35.10
N ALA K 546 35.92 57.51 -35.79
CA ALA K 546 36.02 57.92 -37.18
C ALA K 546 36.01 56.77 -38.17
N PHE K 547 36.13 55.53 -37.73
CA PHE K 547 36.24 54.42 -38.66
C PHE K 547 35.21 53.35 -38.37
N ASP K 548 34.70 52.72 -39.41
CA ASP K 548 33.91 51.52 -39.31
C ASP K 548 34.84 50.31 -39.34
N PHE K 549 34.74 49.46 -38.35
CA PHE K 549 35.40 48.17 -38.38
C PHE K 549 34.32 47.13 -38.63
N PHE K 550 34.49 46.31 -39.66
CA PHE K 550 33.48 45.33 -40.01
C PHE K 550 34.19 44.08 -40.50
N ALA K 551 33.42 43.06 -40.82
CA ALA K 551 33.97 41.77 -41.23
C ALA K 551 33.85 41.63 -42.74
N GLY K 552 34.98 41.62 -43.43
CA GLY K 552 35.01 41.34 -44.84
C GLY K 552 35.40 39.92 -45.14
N VAL K 553 35.97 39.72 -46.31
CA VAL K 553 36.48 38.44 -46.80
C VAL K 553 37.84 38.84 -47.30
N ALA K 554 38.87 38.14 -46.89
CA ALA K 554 40.22 38.53 -47.30
C ALA K 554 40.71 38.37 -48.76
N ASP K 555 40.07 37.53 -49.55
CA ASP K 555 40.51 37.32 -50.92
C ASP K 555 40.36 38.52 -51.81
N VAL K 556 39.18 39.07 -51.81
CA VAL K 556 38.87 40.14 -52.74
C VAL K 556 39.65 41.43 -52.72
N GLU K 557 39.84 41.93 -53.94
CA GLU K 557 40.43 43.21 -54.28
C GLU K 557 39.01 43.55 -54.59
N LEU K 558 38.47 44.60 -53.99
CA LEU K 558 37.05 44.84 -54.12
C LEU K 558 36.29 45.23 -55.41
N PRO K 559 36.73 46.23 -56.13
CA PRO K 559 35.88 46.61 -57.26
C PRO K 559 36.17 45.63 -58.29
N GLY K 560 35.70 44.41 -57.98
CA GLY K 560 35.88 43.24 -58.81
C GLY K 560 35.05 42.11 -58.23
N GLY K 561 34.86 41.09 -59.06
CA GLY K 561 34.00 39.97 -58.73
C GLY K 561 32.54 40.36 -58.81
N GLU K 562 31.66 39.37 -58.77
CA GLU K 562 30.22 39.59 -58.60
C GLU K 562 29.80 39.20 -57.19
N VAL K 563 30.05 37.95 -56.80
CA VAL K 563 29.85 37.46 -55.44
C VAL K 563 31.25 37.20 -54.91
N PRO K 564 31.52 37.34 -53.61
CA PRO K 564 32.85 37.06 -53.12
C PRO K 564 33.10 35.56 -53.07
N PRO K 565 34.31 35.12 -53.42
CA PRO K 565 34.64 33.71 -53.23
C PRO K 565 34.74 33.42 -51.75
N ALA K 566 33.61 33.41 -51.05
CA ALA K 566 33.65 33.64 -49.62
C ALA K 566 34.48 32.57 -48.94
N GLY K 567 35.60 33.00 -48.37
CA GLY K 567 36.46 32.18 -47.57
C GLY K 567 36.40 32.69 -46.14
N PRO K 568 37.47 32.45 -45.38
CA PRO K 568 37.52 32.99 -44.03
C PRO K 568 37.44 34.50 -44.06
N GLY K 569 36.50 35.03 -43.28
CA GLY K 569 36.38 36.47 -43.19
C GLY K 569 37.57 37.09 -42.52
N ALA K 570 37.80 38.35 -42.83
CA ALA K 570 38.78 39.14 -42.11
C ALA K 570 38.20 40.49 -41.83
N ILE K 571 38.56 41.01 -40.74
CA ILE K 571 37.99 42.23 -40.25
C ILE K 571 38.72 43.41 -40.86
N GLN K 572 38.01 44.49 -41.13
CA GLN K 572 38.66 45.60 -41.80
C GLN K 572 37.96 46.89 -41.47
N ALA K 573 38.65 47.98 -41.75
CA ALA K 573 38.28 49.31 -41.33
C ALA K 573 38.15 50.21 -42.53
N THR K 574 37.13 51.05 -42.49
CA THR K 574 36.89 51.99 -43.55
C THR K 574 36.36 53.24 -42.88
N TRP K 575 36.64 54.37 -43.48
CA TRP K 575 36.62 55.64 -42.78
C TRP K 575 35.24 56.26 -42.87
N ARG K 576 34.53 56.34 -41.75
CA ARG K 576 33.26 57.04 -41.75
C ARG K 576 33.52 58.43 -42.25
N VAL K 577 32.88 58.83 -43.32
CA VAL K 577 33.33 60.06 -43.93
C VAL K 577 32.81 61.26 -43.15
N VAL K 578 31.51 61.43 -43.15
CA VAL K 578 30.85 62.53 -42.47
C VAL K 578 30.53 62.14 -41.03
N ASN K 579 30.33 63.15 -40.18
CA ASN K 579 29.85 62.88 -38.84
C ASN K 579 28.43 62.33 -38.82
N GLY K 580 27.75 62.29 -39.96
CA GLY K 580 26.43 61.68 -40.00
C GLY K 580 26.46 60.18 -40.01
N ASN K 581 27.55 59.57 -40.39
CA ASN K 581 27.68 58.13 -40.44
C ASN K 581 27.82 57.48 -39.08
N LEU K 582 28.08 58.22 -38.00
CA LEU K 582 28.22 57.61 -36.71
C LEU K 582 26.94 56.86 -36.44
N PRO K 583 27.03 55.62 -35.82
CA PRO K 583 25.75 54.90 -35.65
C PRO K 583 24.68 55.72 -34.94
N LEU K 584 23.40 55.47 -35.18
CA LEU K 584 22.32 56.23 -34.59
C LEU K 584 22.09 56.01 -33.10
N ALA K 585 22.66 54.97 -32.53
CA ALA K 585 22.59 54.66 -31.12
C ALA K 585 23.54 55.54 -30.33
N LEU K 586 24.73 55.78 -30.85
CA LEU K 586 25.70 56.65 -30.22
C LEU K 586 25.43 58.13 -30.44
N CYS K 587 24.73 58.51 -31.51
CA CYS K 587 24.34 59.90 -31.76
C CYS K 587 22.91 59.93 -32.27
N PRO K 588 21.92 60.04 -31.38
CA PRO K 588 20.55 59.75 -31.78
C PRO K 588 19.93 60.88 -32.61
N VAL K 589 18.84 60.53 -33.30
CA VAL K 589 18.08 61.52 -34.05
C VAL K 589 17.70 62.71 -33.19
N ALA K 590 17.54 62.54 -31.92
CA ALA K 590 17.34 63.67 -31.12
C ALA K 590 18.56 64.52 -31.11
N PHE K 591 19.79 63.96 -31.00
CA PHE K 591 20.93 64.85 -30.91
C PHE K 591 20.98 65.59 -32.15
N ARG K 592 20.90 64.82 -33.22
CA ARG K 592 21.06 65.24 -34.61
C ARG K 592 20.11 66.21 -35.00
N ASP K 593 18.87 66.07 -34.60
CA ASP K 593 17.76 67.01 -34.86
C ASP K 593 17.82 68.31 -34.13
N ALA K 594 18.24 68.30 -32.89
CA ALA K 594 18.37 69.44 -32.03
C ALA K 594 19.35 70.38 -32.52
N ARG K 595 20.21 69.91 -33.41
CA ARG K 595 21.29 70.63 -34.04
C ARG K 595 20.93 71.09 -35.49
N GLY K 596 19.70 70.91 -35.89
CA GLY K 596 19.19 71.36 -37.14
C GLY K 596 18.41 72.54 -36.72
N LEU K 597 17.87 72.52 -35.54
CA LEU K 597 17.22 73.70 -35.02
C LEU K 597 18.22 74.78 -34.70
N GLU K 598 19.44 74.39 -34.37
CA GLU K 598 20.47 75.34 -34.00
C GLU K 598 21.00 76.07 -35.20
N LEU K 599 21.24 75.36 -36.29
CA LEU K 599 21.71 76.01 -37.51
C LEU K 599 20.58 76.70 -38.22
N GLY K 600 19.36 76.22 -38.08
CA GLY K 600 18.27 76.83 -38.78
C GLY K 600 18.02 78.27 -38.37
N VAL K 601 18.32 78.62 -37.12
CA VAL K 601 17.96 79.92 -36.61
C VAL K 601 18.69 81.00 -37.39
N GLY K 602 17.94 81.97 -37.90
CA GLY K 602 18.50 83.02 -38.69
C GLY K 602 18.68 82.70 -40.15
N ARG K 603 18.54 81.46 -40.56
CA ARG K 603 18.74 81.06 -41.93
C ARG K 603 17.40 80.78 -42.61
N HIS K 604 17.47 80.49 -43.90
CA HIS K 604 16.28 80.39 -44.74
C HIS K 604 15.36 79.28 -44.28
N ALA K 605 14.06 79.50 -44.40
CA ALA K 605 13.06 78.51 -44.06
C ALA K 605 12.02 78.49 -45.17
N MET K 606 11.88 77.34 -45.83
CA MET K 606 10.84 77.20 -46.85
C MET K 606 9.48 77.38 -46.24
N ALA K 607 8.64 78.18 -46.90
CA ALA K 607 7.32 78.45 -46.39
C ALA K 607 6.55 77.13 -46.27
N PRO K 608 5.57 77.06 -45.37
CA PRO K 608 4.83 75.81 -45.25
C PRO K 608 3.99 75.49 -46.47
N ALA K 609 3.69 76.50 -47.29
CA ALA K 609 2.97 76.28 -48.53
C ALA K 609 3.86 75.69 -49.60
N THR K 610 5.16 75.97 -49.55
CA THR K 610 6.08 75.36 -50.49
C THR K 610 6.49 73.97 -50.07
N ILE K 611 6.34 73.62 -48.81
CA ILE K 611 6.64 72.26 -48.39
C ILE K 611 5.47 71.36 -48.69
N ALA K 612 4.25 71.88 -48.57
CA ALA K 612 3.07 71.09 -48.88
C ALA K 612 2.95 70.80 -50.36
N ALA K 613 3.43 71.70 -51.20
CA ALA K 613 3.36 71.51 -52.64
C ALA K 613 4.45 70.58 -53.13
N VAL K 614 5.63 70.62 -52.53
CA VAL K 614 6.71 69.75 -52.95
C VAL K 614 6.56 68.37 -52.34
N ARG K 615 6.19 68.29 -51.07
CA ARG K 615 5.95 67.00 -50.46
C ARG K 615 4.77 66.30 -51.10
N GLY K 616 3.85 67.06 -51.68
CA GLY K 616 2.71 66.46 -52.31
C GLY K 616 3.02 65.79 -53.62
N ALA K 617 4.10 66.21 -54.29
CA ALA K 617 4.51 65.56 -55.53
C ALA K 617 5.26 64.27 -55.26
N PHE K 618 6.06 64.22 -54.21
CA PHE K 618 6.72 62.97 -53.86
C PHE K 618 5.73 61.94 -53.37
N GLU K 619 4.69 62.38 -52.67
CA GLU K 619 3.67 61.48 -52.17
C GLU K 619 2.60 61.18 -53.19
N ASP K 620 2.60 61.87 -54.31
CA ASP K 620 1.60 61.71 -55.34
C ASP K 620 1.85 60.40 -56.06
N ARG K 621 0.90 59.49 -56.01
CA ARG K 621 1.00 58.21 -56.66
C ARG K 621 0.27 58.16 -57.98
N SER K 622 -0.42 59.24 -58.32
CA SER K 622 -1.04 59.41 -59.62
C SER K 622 -0.20 60.22 -60.56
N TYR K 623 0.95 60.70 -60.12
CA TYR K 623 1.79 61.66 -60.81
C TYR K 623 1.98 61.21 -62.24
N PRO K 624 1.62 62.03 -63.22
CA PRO K 624 1.52 61.53 -64.59
C PRO K 624 2.85 61.13 -65.18
N ALA K 625 2.79 60.19 -66.13
CA ALA K 625 3.99 59.63 -66.71
C ALA K 625 4.57 60.50 -67.81
N VAL K 626 3.80 61.42 -68.39
CA VAL K 626 4.43 62.36 -69.30
C VAL K 626 5.50 63.16 -68.58
N PHE K 627 5.32 63.41 -67.29
CA PHE K 627 6.32 64.16 -66.55
C PHE K 627 7.60 63.37 -66.41
N TYR K 628 7.53 62.05 -66.33
CA TYR K 628 8.77 61.28 -66.35
C TYR K 628 9.32 61.15 -67.75
N LEU K 629 8.45 61.12 -68.75
CA LEU K 629 8.89 61.01 -70.13
C LEU K 629 9.34 62.34 -70.69
N LEU K 630 8.69 63.43 -70.33
CA LEU K 630 9.20 64.72 -70.75
C LEU K 630 10.48 65.08 -70.02
N GLN K 631 10.70 64.48 -68.86
CA GLN K 631 11.96 64.69 -68.15
C GLN K 631 13.11 64.02 -68.87
N ALA K 632 12.97 62.72 -69.16
CA ALA K 632 14.03 62.02 -69.86
C ALA K 632 14.17 62.47 -71.30
N ALA K 633 13.19 63.19 -71.84
CA ALA K 633 13.32 63.79 -73.15
C ALA K 633 14.16 65.04 -73.11
N ILE K 634 13.89 65.91 -72.15
CA ILE K 634 14.75 67.07 -71.93
C ILE K 634 16.16 66.63 -71.65
N HIS K 635 16.30 65.51 -70.95
CA HIS K 635 17.57 64.90 -70.60
C HIS K 635 18.58 65.93 -70.12
N GLY K 636 18.14 66.74 -69.17
CA GLY K 636 19.01 67.68 -68.53
C GLY K 636 19.52 68.77 -69.45
N SER K 637 19.17 68.73 -70.72
CA SER K 637 19.69 69.69 -71.67
C SER K 637 18.91 70.98 -71.57
N GLU K 638 19.62 72.09 -71.54
CA GLU K 638 19.01 73.42 -71.49
C GLU K 638 18.55 73.88 -72.86
N HIS K 639 19.11 73.31 -73.90
CA HIS K 639 18.60 73.56 -75.24
C HIS K 639 17.24 72.94 -75.41
N VAL K 640 17.09 71.67 -75.03
CA VAL K 640 15.82 70.98 -75.18
C VAL K 640 14.76 71.52 -74.24
N PHE K 641 15.15 72.08 -73.09
CA PHE K 641 14.15 72.65 -72.22
C PHE K 641 13.52 73.88 -72.86
N CYS K 642 14.36 74.84 -73.29
CA CYS K 642 13.81 76.06 -73.85
C CYS K 642 13.09 75.79 -75.15
N ALA K 643 13.62 74.90 -75.98
CA ALA K 643 12.89 74.43 -77.15
C ALA K 643 11.48 74.01 -76.78
N LEU K 644 11.34 73.27 -75.69
CA LEU K 644 10.07 72.75 -75.19
C LEU K 644 9.42 73.63 -74.14
N ALA K 645 9.97 74.81 -73.87
CA ALA K 645 9.53 75.62 -72.74
C ALA K 645 8.05 75.97 -72.79
N ARG K 646 7.43 76.03 -73.97
CA ARG K 646 5.99 76.28 -73.99
C ARG K 646 5.22 75.05 -73.57
N LEU K 647 5.80 73.87 -73.72
CA LEU K 647 5.10 72.66 -73.34
C LEU K 647 5.15 72.43 -71.84
N VAL K 648 6.31 72.59 -71.22
CA VAL K 648 6.43 72.28 -69.80
C VAL K 648 5.65 73.27 -68.95
N THR K 649 5.55 74.52 -69.38
CA THR K 649 4.74 75.45 -68.63
C THR K 649 3.25 75.14 -68.76
N GLN K 650 2.85 74.44 -69.81
CA GLN K 650 1.50 73.92 -69.90
C GLN K 650 1.33 72.60 -69.16
N CYS K 651 2.43 71.88 -68.94
CA CYS K 651 2.43 70.71 -68.06
C CYS K 651 2.51 71.11 -66.61
N ILE K 652 3.41 72.03 -66.26
CA ILE K 652 3.50 72.49 -64.88
C ILE K 652 2.18 73.09 -64.45
N THR K 653 1.57 73.93 -65.30
CA THR K 653 0.36 74.62 -64.90
C THR K 653 -0.82 73.67 -64.82
N SER K 654 -0.93 72.73 -65.75
CA SER K 654 -2.02 71.78 -65.74
C SER K 654 -2.01 70.95 -64.47
N TYR K 655 -0.83 70.55 -64.03
CA TYR K 655 -0.73 69.75 -62.83
C TYR K 655 -1.00 70.57 -61.59
N TRP K 656 -0.50 71.81 -61.56
CA TRP K 656 -0.75 72.68 -60.42
C TRP K 656 -2.24 72.89 -60.18
N ASN K 657 -3.05 72.88 -61.23
CA ASN K 657 -4.45 73.21 -61.03
C ASN K 657 -5.22 72.03 -60.48
N ASN K 658 -4.98 70.85 -61.00
CA ASN K 658 -5.79 69.71 -60.62
C ASN K 658 -5.39 69.18 -59.26
N THR K 659 -4.10 69.18 -58.97
CA THR K 659 -3.57 68.91 -57.64
C THR K 659 -2.58 70.01 -57.38
N ARG K 660 -2.74 70.78 -56.31
CA ARG K 660 -1.89 71.95 -56.27
C ARG K 660 -0.56 71.49 -55.72
N CYS K 661 0.38 71.25 -56.63
CA CYS K 661 1.64 70.59 -56.34
C CYS K 661 2.61 70.92 -57.44
N ALA K 662 3.89 70.78 -57.12
CA ALA K 662 4.93 71.11 -58.05
C ALA K 662 5.26 69.90 -58.90
N ALA K 663 5.60 70.14 -60.16
CA ALA K 663 5.60 69.07 -61.17
C ALA K 663 6.92 68.32 -61.25
N PHE K 664 7.97 68.99 -61.69
CA PHE K 664 9.21 68.34 -62.10
C PHE K 664 10.24 68.24 -60.98
N VAL K 665 9.81 68.35 -59.73
CA VAL K 665 10.66 68.42 -58.56
C VAL K 665 11.55 67.20 -58.34
N ASN K 666 11.47 66.20 -59.18
CA ASN K 666 12.44 65.13 -59.01
C ASN K 666 13.73 65.39 -59.76
N ASP K 667 13.87 66.56 -60.37
CA ASP K 667 15.07 66.91 -61.11
C ASP K 667 15.45 68.32 -60.73
N TYR K 668 16.66 68.51 -60.21
CA TYR K 668 17.04 69.85 -59.82
C TYR K 668 17.34 70.71 -61.02
N SER K 669 17.84 70.14 -62.09
CA SER K 669 18.15 70.96 -63.25
C SER K 669 16.90 71.47 -63.93
N LEU K 670 15.84 70.69 -63.94
CA LEU K 670 14.57 71.25 -64.39
C LEU K 670 14.13 72.38 -63.47
N VAL K 671 14.00 72.07 -62.18
CA VAL K 671 13.61 73.06 -61.18
C VAL K 671 14.44 74.32 -61.27
N SER K 672 15.72 74.20 -61.62
CA SER K 672 16.55 75.37 -61.79
C SER K 672 16.38 76.03 -63.14
N TYR K 673 15.89 75.31 -64.16
CA TYR K 673 15.54 75.94 -65.42
C TYR K 673 14.19 76.63 -65.38
N ILE K 674 13.24 76.02 -64.68
CA ILE K 674 11.94 76.63 -64.45
C ILE K 674 12.11 78.00 -63.82
N VAL K 675 12.93 78.09 -62.78
CA VAL K 675 13.11 79.36 -62.08
C VAL K 675 13.73 80.41 -62.97
N THR K 676 14.51 80.00 -63.97
CA THR K 676 15.22 80.93 -64.85
C THR K 676 14.36 81.33 -66.04
N TYR K 677 13.98 80.36 -66.87
CA TYR K 677 13.32 80.64 -68.14
C TYR K 677 11.81 80.85 -68.01
N LEU K 678 11.17 80.10 -67.14
CA LEU K 678 9.72 80.12 -67.01
C LEU K 678 9.24 81.20 -66.05
N GLY K 679 10.11 82.13 -65.68
CA GLY K 679 9.82 83.02 -64.58
C GLY K 679 8.44 83.66 -64.60
N GLY K 680 8.04 84.19 -65.74
CA GLY K 680 6.83 84.99 -65.74
C GLY K 680 5.53 84.29 -66.08
N ASP K 681 5.60 83.14 -66.74
CA ASP K 681 4.40 82.51 -67.28
C ASP K 681 3.82 81.41 -66.40
N LEU K 682 4.43 81.11 -65.30
CA LEU K 682 3.75 80.26 -64.33
C LEU K 682 2.92 81.13 -63.40
N PRO K 683 1.90 80.55 -62.76
CA PRO K 683 1.13 81.32 -61.78
C PRO K 683 2.03 81.90 -60.72
N GLU K 684 1.56 82.96 -60.06
CA GLU K 684 2.39 83.57 -59.03
C GLU K 684 2.70 82.58 -57.92
N GLU K 685 1.73 81.74 -57.56
CA GLU K 685 1.89 80.77 -56.48
C GLU K 685 2.37 79.41 -56.93
N CYS K 686 2.36 79.11 -58.22
CA CYS K 686 3.02 77.91 -58.69
C CYS K 686 4.52 78.12 -58.75
N MET K 687 4.91 79.33 -59.14
CA MET K 687 6.31 79.67 -59.21
C MET K 687 6.92 79.87 -57.84
N ALA K 688 6.14 80.37 -56.88
CA ALA K 688 6.68 80.65 -55.57
C ALA K 688 7.31 79.42 -54.93
N VAL K 689 6.87 78.24 -55.31
CA VAL K 689 7.48 77.00 -54.83
C VAL K 689 8.88 76.84 -55.40
N TYR K 690 8.98 76.83 -56.73
CA TYR K 690 10.27 76.60 -57.37
C TYR K 690 11.26 77.69 -56.99
N ARG K 691 10.77 78.91 -56.85
CA ARG K 691 11.62 80.02 -56.46
C ARG K 691 12.17 79.82 -55.07
N ASP K 692 11.35 79.27 -54.17
CA ASP K 692 11.68 79.00 -52.78
C ASP K 692 12.43 77.70 -52.60
N LEU K 693 12.30 76.79 -53.55
CA LEU K 693 12.99 75.52 -53.47
C LEU K 693 14.44 75.65 -53.92
N VAL K 694 14.68 76.52 -54.89
CA VAL K 694 16.03 76.80 -55.35
C VAL K 694 16.72 77.80 -54.45
N ALA K 695 15.95 78.66 -53.78
CA ALA K 695 16.52 79.56 -52.80
C ALA K 695 17.03 78.83 -51.59
N HIS K 696 16.46 77.67 -51.29
CA HIS K 696 16.82 76.91 -50.10
C HIS K 696 17.95 75.94 -50.33
N VAL K 697 18.32 75.68 -51.57
CA VAL K 697 19.55 74.95 -51.85
C VAL K 697 20.74 75.86 -51.66
N GLU K 698 20.59 77.14 -51.99
CA GLU K 698 21.66 78.09 -51.80
C GLU K 698 21.81 78.47 -50.34
N ALA K 699 20.70 78.51 -49.61
CA ALA K 699 20.75 78.76 -48.17
C ALA K 699 21.65 77.77 -47.46
N LEU K 700 21.63 76.53 -47.91
CA LEU K 700 22.43 75.48 -47.30
C LEU K 700 23.86 75.52 -47.80
N ALA K 701 24.06 75.72 -49.09
CA ALA K 701 25.40 75.79 -49.63
C ALA K 701 26.25 76.83 -48.92
N GLN K 702 25.63 77.88 -48.41
CA GLN K 702 26.36 78.92 -47.70
C GLN K 702 26.43 78.65 -46.22
N LEU K 703 25.95 77.49 -45.78
CA LEU K 703 26.16 77.05 -44.40
C LEU K 703 27.50 76.38 -44.22
N VAL K 704 28.09 75.91 -45.32
CA VAL K 704 29.46 75.41 -45.28
C VAL K 704 30.41 76.55 -44.98
N ASP K 705 30.26 77.66 -45.69
CA ASP K 705 31.24 78.74 -45.61
C ASP K 705 31.28 79.38 -44.24
N ASP K 706 30.21 79.27 -43.47
CA ASP K 706 30.21 79.81 -42.13
C ASP K 706 31.14 79.04 -41.22
N PHE K 707 31.17 77.73 -41.38
CA PHE K 707 31.95 76.83 -40.54
C PHE K 707 33.28 76.45 -41.13
N THR K 708 33.72 77.14 -42.18
CA THR K 708 35.02 76.91 -42.79
C THR K 708 35.93 78.09 -42.45
N LEU K 709 37.07 77.81 -41.93
CA LEU K 709 38.00 78.90 -41.76
C LEU K 709 38.83 79.08 -43.01
N PRO K 710 39.45 80.23 -43.20
CA PRO K 710 40.28 80.42 -44.40
C PRO K 710 41.51 79.54 -44.38
N GLY K 711 42.15 79.42 -45.53
CA GLY K 711 43.35 78.64 -45.62
C GLY K 711 43.72 78.28 -47.04
N PRO K 712 44.80 77.53 -47.19
CA PRO K 712 45.31 77.19 -48.52
C PRO K 712 44.41 76.22 -49.26
N GLU K 713 44.89 75.70 -50.37
CA GLU K 713 44.33 74.53 -51.00
C GLU K 713 45.22 73.35 -50.67
N LEU K 714 44.69 72.41 -49.91
CA LEU K 714 45.42 71.20 -49.53
C LEU K 714 45.11 70.11 -50.54
N GLY K 715 46.15 69.61 -51.19
CA GLY K 715 45.96 68.56 -52.17
C GLY K 715 45.15 69.00 -53.37
N GLY K 716 45.24 70.26 -53.74
CA GLY K 716 44.45 70.79 -54.83
C GLY K 716 43.01 71.01 -54.50
N GLN K 717 42.59 70.71 -53.28
CA GLN K 717 41.23 70.91 -52.83
C GLN K 717 41.18 72.07 -51.85
N ALA K 718 40.16 72.89 -51.97
CA ALA K 718 40.01 74.03 -51.10
C ALA K 718 39.63 73.56 -49.70
N GLN K 719 39.48 74.51 -48.79
CA GLN K 719 39.17 74.12 -47.42
C GLN K 719 37.73 73.68 -47.27
N ALA K 720 36.81 74.35 -47.96
CA ALA K 720 35.42 73.95 -47.89
C ALA K 720 35.22 72.56 -48.44
N GLU K 721 36.12 72.12 -49.29
CA GLU K 721 36.07 70.77 -49.83
C GLU K 721 36.64 69.75 -48.86
N LEU K 722 37.57 70.17 -48.02
CA LEU K 722 38.11 69.31 -47.00
C LEU K 722 37.26 69.29 -45.75
N ASN K 723 36.33 70.23 -45.66
CA ASN K 723 35.50 70.46 -44.50
C ASN K 723 34.19 69.68 -44.63
N HIS K 724 33.44 69.96 -45.67
CA HIS K 724 32.09 69.46 -45.87
C HIS K 724 32.08 68.53 -47.07
N LEU K 725 31.12 67.61 -47.08
CA LEU K 725 31.04 66.59 -48.11
C LEU K 725 30.36 67.09 -49.37
N MET K 726 29.44 68.05 -49.27
CA MET K 726 28.76 68.55 -50.45
C MET K 726 29.63 69.47 -51.30
N ARG K 727 30.41 70.34 -50.68
CA ARG K 727 31.48 70.96 -51.44
C ARG K 727 32.51 69.96 -51.92
N ASP K 728 32.82 68.96 -51.11
CA ASP K 728 33.95 68.09 -51.42
C ASP K 728 33.81 67.47 -52.79
N PRO K 729 34.80 67.59 -53.65
CA PRO K 729 34.62 67.20 -55.04
C PRO K 729 34.24 65.75 -55.22
N ALA K 730 34.94 64.80 -54.61
CA ALA K 730 34.93 63.41 -55.04
C ALA K 730 33.51 62.88 -55.19
N LEU K 731 32.69 63.04 -54.16
CA LEU K 731 31.31 62.60 -54.26
C LEU K 731 30.60 63.38 -55.36
N LEU K 732 29.88 62.66 -56.20
CA LEU K 732 29.09 63.33 -57.23
C LEU K 732 27.66 62.84 -57.15
N PRO K 733 26.70 63.63 -57.62
CA PRO K 733 25.32 63.36 -57.30
C PRO K 733 24.85 62.03 -57.85
N PRO K 734 23.75 61.48 -57.33
CA PRO K 734 23.32 60.17 -57.82
C PRO K 734 22.95 60.18 -59.28
N LEU K 735 22.66 61.35 -59.85
CA LEU K 735 22.08 61.44 -61.18
C LEU K 735 22.78 62.56 -61.92
N VAL K 736 23.47 62.21 -63.00
CA VAL K 736 24.40 63.13 -63.66
C VAL K 736 24.12 63.16 -65.15
N TRP K 737 23.54 64.26 -65.64
CA TRP K 737 23.22 64.33 -67.05
C TRP K 737 24.44 64.69 -67.89
N ASP K 738 25.25 65.64 -67.44
CA ASP K 738 26.41 66.08 -68.16
C ASP K 738 27.66 65.70 -67.39
N CYS K 739 28.77 65.58 -68.11
CA CYS K 739 29.92 64.85 -67.61
C CYS K 739 30.88 65.73 -66.80
N ASP K 740 30.50 66.97 -66.48
CA ASP K 740 31.39 67.87 -65.76
C ASP K 740 31.87 67.27 -64.44
N GLY K 741 30.96 66.72 -63.65
CA GLY K 741 31.32 66.14 -62.39
C GLY K 741 32.43 65.12 -62.57
N LEU K 742 32.20 64.14 -63.42
CA LEU K 742 33.21 63.13 -63.71
C LEU K 742 34.52 63.75 -64.19
N MET K 743 34.45 64.92 -64.79
CA MET K 743 35.64 65.54 -65.33
C MET K 743 36.46 66.23 -64.24
N ARG K 744 35.79 66.98 -63.37
CA ARG K 744 36.51 67.62 -62.28
C ARG K 744 37.07 66.61 -61.30
N HIS K 745 36.55 65.39 -61.31
CA HIS K 745 37.11 64.39 -60.42
C HIS K 745 38.05 63.45 -61.14
N ALA K 746 38.07 63.46 -62.48
CA ALA K 746 39.15 62.75 -63.11
C ALA K 746 40.48 63.36 -62.68
N ALA K 747 40.50 64.66 -62.39
CA ALA K 747 41.71 65.27 -61.88
C ALA K 747 41.55 65.43 -60.39
N LEU K 748 42.10 64.47 -59.65
CA LEU K 748 42.38 64.53 -58.22
C LEU K 748 43.48 63.52 -57.98
N ASP K 749 44.38 63.84 -57.06
CA ASP K 749 45.28 62.80 -56.59
C ASP K 749 44.52 61.79 -55.75
N ARG K 750 43.37 62.19 -55.22
CA ARG K 750 42.50 61.25 -54.53
C ARG K 750 41.91 60.23 -55.49
N HIS K 751 41.53 60.70 -56.68
CA HIS K 751 40.71 59.90 -57.57
C HIS K 751 41.34 58.58 -57.89
N ARG K 752 40.51 57.58 -58.12
CA ARG K 752 40.89 56.27 -58.59
C ARG K 752 39.63 55.52 -59.06
N ASP K 753 39.83 54.35 -59.62
CA ASP K 753 38.77 53.40 -59.93
C ASP K 753 37.40 53.82 -60.51
N CYS K 754 37.32 54.48 -61.67
CA CYS K 754 35.97 54.79 -62.20
C CYS K 754 35.59 53.58 -63.01
N ARG K 755 34.53 52.87 -62.64
CA ARG K 755 34.19 51.76 -63.45
C ARG K 755 32.88 52.20 -63.99
N ILE K 756 32.83 52.20 -65.31
CA ILE K 756 31.67 52.48 -66.11
C ILE K 756 30.77 51.26 -66.33
N ASP K 757 31.37 50.06 -66.27
CA ASP K 757 30.63 48.82 -66.40
C ASP K 757 30.32 48.14 -67.74
N ALA K 758 29.11 48.37 -68.25
CA ALA K 758 28.53 47.71 -69.42
C ALA K 758 29.34 47.92 -70.68
N GLY K 759 30.24 48.89 -70.58
CA GLY K 759 31.17 49.22 -71.63
C GLY K 759 32.56 48.99 -71.10
N GLY K 760 33.48 49.87 -71.47
CA GLY K 760 34.85 49.80 -71.04
C GLY K 760 34.96 50.71 -69.84
N HIS K 761 35.40 50.11 -68.74
CA HIS K 761 35.52 50.77 -67.45
C HIS K 761 35.97 52.27 -67.39
N GLU K 762 36.65 52.81 -68.39
CA GLU K 762 36.95 54.23 -68.30
C GLU K 762 35.92 55.02 -69.08
N PRO K 763 35.36 56.07 -68.49
CA PRO K 763 34.42 56.90 -69.26
C PRO K 763 35.12 57.71 -70.34
N VAL K 764 34.53 57.73 -71.52
CA VAL K 764 34.92 58.64 -72.59
C VAL K 764 33.63 59.33 -73.03
N TYR K 765 33.75 60.48 -73.66
CA TYR K 765 32.57 61.31 -73.86
C TYR K 765 32.27 61.52 -75.33
N ALA K 766 31.12 62.14 -75.57
CA ALA K 766 30.69 62.54 -76.89
C ALA K 766 29.93 63.85 -76.74
N ALA K 767 30.22 64.78 -77.63
CA ALA K 767 29.67 66.12 -77.48
C ALA K 767 28.23 66.23 -77.95
N ALA K 768 27.73 65.30 -78.76
CA ALA K 768 26.37 65.42 -79.26
C ALA K 768 25.77 64.03 -79.47
N CYS K 769 24.48 64.01 -79.81
CA CYS K 769 23.77 62.80 -80.17
C CYS K 769 22.61 63.17 -81.09
N ASN K 770 22.28 62.28 -82.02
CA ASN K 770 21.22 62.55 -82.98
C ASN K 770 20.60 61.22 -83.41
N VAL K 771 19.56 61.31 -84.25
CA VAL K 771 18.91 60.11 -84.78
C VAL K 771 19.91 59.26 -85.55
N ALA K 772 20.79 59.90 -86.33
CA ALA K 772 21.82 59.18 -87.06
C ALA K 772 22.98 58.81 -86.16
N THR K 773 23.21 59.59 -85.11
CA THR K 773 24.29 59.31 -84.16
C THR K 773 23.88 58.26 -83.14
N ALA K 774 22.66 58.34 -82.62
CA ALA K 774 22.28 57.56 -81.45
C ALA K 774 22.44 56.08 -81.69
N ASP K 775 23.00 55.39 -80.70
CA ASP K 775 23.02 53.94 -80.63
C ASP K 775 22.55 53.56 -79.25
N PHE K 776 21.38 52.94 -79.13
CA PHE K 776 20.72 52.84 -77.84
C PHE K 776 21.32 51.73 -76.98
N ASN K 777 21.57 50.53 -77.49
CA ASN K 777 22.18 49.55 -76.58
C ASN K 777 23.71 49.48 -76.80
N ARG K 778 24.47 50.07 -75.87
CA ARG K 778 25.93 50.19 -76.00
C ARG K 778 26.80 49.88 -74.77
N ASN K 779 27.97 49.31 -75.03
CA ASN K 779 28.95 48.99 -73.97
C ASN K 779 30.40 49.54 -74.19
N ASP K 780 30.53 50.65 -74.90
CA ASP K 780 31.87 51.20 -75.14
C ASP K 780 32.18 52.27 -74.09
N GLY K 781 31.29 52.40 -73.12
CA GLY K 781 31.53 53.41 -72.11
C GLY K 781 31.70 54.84 -72.57
N ARG K 782 31.07 55.24 -73.70
CA ARG K 782 31.02 56.65 -74.07
C ARG K 782 29.81 57.30 -73.41
N LEU K 783 30.01 58.47 -72.83
CA LEU K 783 28.98 59.15 -72.05
C LEU K 783 28.67 60.49 -72.69
N LEU K 784 27.41 60.91 -72.62
CA LEU K 784 27.00 62.14 -73.25
C LEU K 784 27.10 63.39 -72.40
N HIS K 785 27.87 64.33 -72.91
CA HIS K 785 28.18 65.59 -72.28
C HIS K 785 27.35 66.71 -72.88
N ASN K 786 26.36 66.39 -73.71
CA ASN K 786 25.55 67.45 -74.35
C ASN K 786 24.38 68.06 -73.56
N THR K 787 24.66 68.90 -72.57
CA THR K 787 23.58 69.53 -71.80
C THR K 787 23.72 71.03 -71.91
N GLN K 788 24.57 71.45 -72.85
CA GLN K 788 24.88 72.86 -73.06
C GLN K 788 23.76 73.55 -73.80
N ALA K 789 23.59 74.82 -73.49
CA ALA K 789 22.47 75.58 -74.00
C ALA K 789 22.69 75.98 -75.45
N ARG K 790 23.93 76.29 -75.80
CA ARG K 790 24.29 76.62 -77.18
C ARG K 790 24.78 75.35 -77.85
N ALA K 791 24.00 74.81 -78.78
CA ALA K 791 24.48 73.69 -79.57
C ALA K 791 25.51 74.11 -80.61
N ALA K 792 25.70 75.41 -80.80
CA ALA K 792 26.71 75.89 -81.73
C ALA K 792 28.10 75.84 -81.11
N ASP K 793 28.22 76.21 -79.84
CA ASP K 793 29.45 76.00 -79.08
C ASP K 793 29.22 74.83 -78.14
N ALA K 794 29.80 73.69 -78.47
CA ALA K 794 29.70 72.50 -77.66
C ALA K 794 31.02 72.29 -76.93
N ALA K 795 31.15 71.17 -76.23
CA ALA K 795 32.39 70.85 -75.55
C ALA K 795 32.53 69.34 -75.44
N ASP K 796 33.76 68.91 -75.23
CA ASP K 796 34.10 67.52 -74.97
C ASP K 796 34.98 67.46 -73.74
N ASP K 797 36.12 68.14 -73.82
CA ASP K 797 37.19 68.06 -72.84
C ASP K 797 37.12 69.11 -71.73
N ARG K 798 36.05 69.91 -71.66
CA ARG K 798 35.96 70.91 -70.60
C ARG K 798 34.56 71.03 -70.01
N PRO K 799 34.42 71.25 -68.71
CA PRO K 799 33.09 71.39 -68.14
C PRO K 799 32.46 72.67 -68.69
N HIS K 800 31.19 72.67 -69.07
CA HIS K 800 30.58 73.89 -69.61
C HIS K 800 29.71 74.67 -68.65
N ARG K 801 29.80 74.29 -67.38
CA ARG K 801 29.05 74.94 -66.32
C ARG K 801 29.99 75.38 -65.21
N PRO K 802 29.48 76.28 -64.30
CA PRO K 802 30.44 76.73 -63.28
C PRO K 802 31.06 75.65 -62.39
N ALA K 803 30.44 74.50 -62.22
CA ALA K 803 31.02 73.46 -61.31
C ALA K 803 30.38 73.54 -59.93
N ASP K 804 29.63 74.62 -59.83
CA ASP K 804 28.77 74.93 -58.71
C ASP K 804 27.36 74.52 -59.10
N TRP K 805 27.16 74.13 -60.36
CA TRP K 805 25.92 73.62 -60.80
C TRP K 805 25.77 72.35 -60.00
N THR K 806 26.86 71.60 -59.95
CA THR K 806 27.03 70.32 -59.29
C THR K 806 26.92 70.28 -57.79
N VAL K 807 27.29 71.36 -57.10
CA VAL K 807 27.15 71.37 -55.64
C VAL K 807 25.69 71.52 -55.25
N HIS K 808 24.94 72.34 -56.00
CA HIS K 808 23.50 72.45 -55.77
C HIS K 808 22.77 71.17 -56.13
N HIS K 809 23.25 70.43 -57.11
CA HIS K 809 22.66 69.13 -57.40
C HIS K 809 22.97 68.12 -56.33
N LYS K 810 24.11 68.24 -55.67
CA LYS K 810 24.37 67.35 -54.55
C LYS K 810 23.57 67.74 -53.33
N ILE K 811 23.46 69.04 -53.06
CA ILE K 811 22.65 69.45 -51.93
C ILE K 811 21.21 69.05 -52.13
N TYR K 812 20.73 69.18 -53.36
CA TYR K 812 19.34 68.88 -53.62
C TYR K 812 19.06 67.39 -53.45
N TYR K 813 19.78 66.55 -54.17
CA TYR K 813 19.48 65.13 -54.14
C TYR K 813 19.81 64.52 -52.80
N TYR K 814 20.90 64.94 -52.18
CA TYR K 814 21.23 64.39 -50.86
C TYR K 814 20.60 65.10 -49.68
N VAL K 815 20.57 66.42 -49.67
CA VAL K 815 19.95 67.07 -48.53
C VAL K 815 18.44 67.24 -48.71
N LEU K 816 17.97 67.72 -49.85
CA LEU K 816 16.55 68.05 -49.89
C LEU K 816 15.66 66.86 -50.21
N VAL K 817 16.03 66.03 -51.17
CA VAL K 817 15.16 64.92 -51.55
C VAL K 817 14.98 63.90 -50.44
N PRO K 818 15.95 63.49 -49.61
CA PRO K 818 15.64 62.54 -48.55
C PRO K 818 14.64 63.07 -47.52
N ALA K 819 14.69 64.36 -47.30
CA ALA K 819 13.84 65.09 -46.41
C ALA K 819 12.42 65.21 -46.93
N PHE K 820 12.18 65.04 -48.23
CA PHE K 820 10.84 65.15 -48.81
C PHE K 820 10.07 63.90 -49.02
N SER K 821 10.76 62.93 -49.54
CA SER K 821 10.46 61.54 -49.80
C SER K 821 10.49 60.69 -48.56
N ARG K 822 11.17 61.13 -47.51
CA ARG K 822 11.32 60.36 -46.28
C ARG K 822 11.73 58.93 -46.57
N GLY K 823 12.53 58.74 -47.61
CA GLY K 823 13.06 57.45 -47.95
C GLY K 823 12.31 56.68 -49.01
N ARG K 824 11.12 57.10 -49.40
CA ARG K 824 10.35 56.37 -50.40
C ARG K 824 10.50 57.09 -51.72
N CYS K 825 11.40 56.57 -52.55
CA CYS K 825 11.72 57.03 -53.88
C CYS K 825 12.88 56.16 -54.32
N CYS K 826 13.11 56.09 -55.62
CA CYS K 826 14.18 55.26 -56.13
C CYS K 826 14.68 55.85 -57.43
N THR K 827 15.98 55.77 -57.65
CA THR K 827 16.53 56.07 -58.95
C THR K 827 16.06 55.02 -59.93
N ALA K 828 16.22 55.30 -61.22
CA ALA K 828 15.95 54.30 -62.23
C ALA K 828 16.76 54.62 -63.46
N GLY K 829 16.87 53.65 -64.34
CA GLY K 829 17.39 53.87 -65.67
C GLY K 829 16.28 54.10 -66.67
N VAL K 830 16.63 54.65 -67.81
CA VAL K 830 15.66 55.01 -68.83
C VAL K 830 15.88 54.12 -70.03
N ARG K 831 14.78 53.67 -70.65
CA ARG K 831 14.84 53.07 -71.97
C ARG K 831 14.54 54.19 -72.96
N PHE K 832 15.56 54.66 -73.66
CA PHE K 832 15.29 55.82 -74.50
C PHE K 832 14.68 55.42 -75.83
N ASP K 833 15.13 54.30 -76.39
CA ASP K 833 14.49 53.77 -77.58
C ASP K 833 13.00 53.72 -77.39
N ARG K 834 12.57 53.34 -76.19
CA ARG K 834 11.18 53.19 -75.84
C ARG K 834 10.55 54.53 -75.48
N VAL K 835 11.33 55.46 -74.92
CA VAL K 835 10.80 56.78 -74.60
C VAL K 835 10.61 57.58 -75.87
N TYR K 836 11.69 57.83 -76.60
CA TYR K 836 11.60 58.61 -77.83
C TYR K 836 10.60 58.01 -78.80
N ALA K 837 10.35 56.71 -78.72
CA ALA K 837 9.40 56.07 -79.62
C ALA K 837 7.98 56.58 -79.40
N THR K 838 7.53 56.66 -78.15
CA THR K 838 6.23 57.25 -77.92
C THR K 838 6.24 58.75 -77.86
N LEU K 839 7.35 59.38 -77.53
CA LEU K 839 7.30 60.84 -77.46
C LEU K 839 6.98 61.42 -78.82
N GLN K 840 7.59 60.89 -79.86
CA GLN K 840 7.11 61.25 -81.19
C GLN K 840 6.29 60.08 -81.69
N ASN K 841 5.08 59.99 -81.17
CA ASN K 841 4.04 59.13 -81.73
C ASN K 841 2.78 59.92 -81.45
N MET K 842 2.21 60.53 -82.47
CA MET K 842 1.23 61.56 -82.18
C MET K 842 0.39 61.80 -83.41
N VAL K 843 -0.76 62.41 -83.20
CA VAL K 843 -1.60 62.84 -84.29
C VAL K 843 -2.05 64.25 -83.96
N VAL K 844 -1.59 65.21 -84.74
CA VAL K 844 -2.14 66.57 -84.72
C VAL K 844 -2.93 66.77 -86.00
N PRO K 845 -4.19 67.19 -85.92
CA PRO K 845 -5.00 67.33 -87.12
C PRO K 845 -4.51 68.48 -87.99
N GLU K 846 -4.52 68.23 -89.30
CA GLU K 846 -4.32 69.33 -90.25
C GLU K 846 -5.41 70.36 -90.03
N ILE K 847 -5.00 71.59 -89.79
CA ILE K 847 -5.93 72.65 -89.44
C ILE K 847 -6.66 73.13 -90.69
N ALA K 848 -7.87 73.64 -90.49
CA ALA K 848 -8.60 74.25 -91.58
C ALA K 848 -7.96 75.58 -91.93
N PRO K 849 -7.74 75.86 -93.23
CA PRO K 849 -7.16 77.16 -93.59
C PRO K 849 -8.08 78.31 -93.16
N GLY K 850 -7.51 79.26 -92.42
CA GLY K 850 -8.25 80.37 -91.90
C GLY K 850 -8.96 80.11 -90.59
N GLU K 851 -8.84 78.91 -90.02
CA GLU K 851 -9.51 78.55 -88.78
C GLU K 851 -8.55 78.63 -87.61
N GLU K 852 -9.06 79.09 -86.46
CA GLU K 852 -8.24 79.26 -85.27
C GLU K 852 -7.90 77.92 -84.63
N CYS K 853 -6.87 77.94 -83.80
CA CYS K 853 -6.41 76.74 -83.12
C CYS K 853 -7.47 76.21 -82.16
N PRO K 854 -7.66 74.89 -82.09
CA PRO K 854 -8.63 74.33 -81.15
C PRO K 854 -8.24 74.65 -79.72
N SER K 855 -9.16 75.26 -78.99
CA SER K 855 -8.92 75.54 -77.57
C SER K 855 -9.22 74.32 -76.71
N ASP K 856 -10.41 73.74 -76.88
CA ASP K 856 -10.94 72.81 -75.90
C ASP K 856 -10.80 71.39 -76.39
N PRO K 857 -10.05 70.54 -75.71
CA PRO K 857 -10.00 69.12 -76.09
C PRO K 857 -11.35 68.44 -75.97
N VAL K 858 -12.19 68.90 -75.04
CA VAL K 858 -13.52 68.32 -74.88
C VAL K 858 -14.35 68.55 -76.13
N THR K 859 -14.18 69.71 -76.77
CA THR K 859 -15.07 70.12 -77.84
C THR K 859 -14.48 69.87 -79.22
N ASP K 860 -13.50 70.67 -79.63
CA ASP K 860 -13.11 70.70 -81.05
C ASP K 860 -12.48 69.38 -81.44
N PRO K 861 -13.04 68.65 -82.40
CA PRO K 861 -12.44 67.37 -82.81
C PRO K 861 -11.06 67.48 -83.42
N ALA K 862 -10.61 68.68 -83.81
CA ALA K 862 -9.27 68.87 -84.30
C ALA K 862 -8.28 69.19 -83.19
N HIS K 863 -8.70 69.12 -81.97
CA HIS K 863 -7.74 69.27 -80.89
C HIS K 863 -6.98 67.97 -80.70
N PRO K 864 -5.66 68.02 -80.55
CA PRO K 864 -4.88 66.78 -80.51
C PRO K 864 -5.24 65.84 -79.37
N LEU K 865 -5.94 66.32 -78.35
CA LEU K 865 -6.37 65.49 -77.23
C LEU K 865 -7.82 65.05 -77.31
N HIS K 866 -8.56 65.47 -78.32
CA HIS K 866 -9.97 65.12 -78.39
C HIS K 866 -10.10 63.63 -78.61
N PRO K 867 -11.10 62.96 -77.98
CA PRO K 867 -11.22 61.51 -78.13
C PRO K 867 -11.15 61.00 -79.55
N ALA K 868 -11.58 61.79 -80.52
CA ALA K 868 -11.42 61.41 -81.90
C ALA K 868 -9.97 61.42 -82.34
N ASN K 869 -9.12 62.17 -81.66
CA ASN K 869 -7.70 62.22 -81.98
C ASN K 869 -6.85 61.32 -81.09
N LEU K 870 -7.44 60.67 -80.10
CA LEU K 870 -6.67 59.86 -79.17
C LEU K 870 -6.60 58.45 -79.72
N VAL K 871 -5.42 58.05 -80.17
CA VAL K 871 -5.21 56.71 -80.64
C VAL K 871 -4.58 55.94 -79.50
N ALA K 872 -4.42 54.64 -79.68
CA ALA K 872 -3.71 53.80 -78.74
C ALA K 872 -2.22 53.88 -79.00
N ASN K 873 -1.44 53.76 -77.93
CA ASN K 873 0.02 53.71 -77.97
C ASN K 873 0.66 55.05 -78.27
N THR K 874 -0.11 56.08 -78.59
CA THR K 874 0.45 57.31 -79.05
C THR K 874 0.70 58.25 -77.88
N VAL K 875 1.28 59.41 -78.16
CA VAL K 875 1.66 60.28 -77.04
C VAL K 875 0.48 61.07 -76.55
N ASN K 876 -0.44 61.45 -77.44
CA ASN K 876 -1.55 62.27 -77.00
C ASN K 876 -2.50 61.51 -76.10
N ALA K 877 -2.46 60.18 -76.16
CA ALA K 877 -3.12 59.37 -75.14
C ALA K 877 -2.31 59.36 -73.87
N MET K 878 -1.01 59.61 -73.95
CA MET K 878 -0.20 59.68 -72.75
C MET K 878 -0.40 61.02 -72.05
N PHE K 879 -0.55 62.10 -72.80
CA PHE K 879 -0.98 63.36 -72.20
C PHE K 879 -2.38 63.27 -71.62
N HIS K 880 -3.22 62.41 -72.20
CA HIS K 880 -4.60 62.32 -71.75
C HIS K 880 -4.74 61.48 -70.49
N ASN K 881 -3.91 60.48 -70.37
CA ASN K 881 -3.98 59.63 -69.24
C ASN K 881 -3.68 60.40 -67.95
N GLY K 882 -2.68 61.26 -67.96
CA GLY K 882 -2.40 62.07 -66.81
C GLY K 882 -3.22 63.14 -67.37
N ARG K 883 -4.19 63.65 -66.64
CA ARG K 883 -5.10 64.58 -67.21
C ARG K 883 -4.58 65.96 -67.34
N VAL K 884 -3.74 66.07 -68.39
CA VAL K 884 -3.00 67.25 -68.85
C VAL K 884 -3.64 67.98 -70.04
N VAL K 885 -3.61 69.33 -70.02
CA VAL K 885 -4.20 70.15 -71.06
C VAL K 885 -3.06 70.76 -71.86
N VAL K 886 -2.88 70.26 -73.07
CA VAL K 886 -1.79 70.63 -73.96
C VAL K 886 -2.42 71.00 -75.30
N ASP K 887 -1.86 72.00 -75.96
CA ASP K 887 -2.38 72.39 -77.26
C ASP K 887 -1.56 71.74 -78.36
N GLY K 888 -2.00 71.92 -79.59
CA GLY K 888 -1.39 71.32 -80.74
C GLY K 888 0.07 71.67 -80.99
N PRO K 889 0.41 72.98 -80.99
CA PRO K 889 1.77 73.32 -81.38
C PRO K 889 2.80 72.90 -80.35
N ALA K 890 2.39 72.79 -79.08
CA ALA K 890 3.31 72.38 -78.03
C ALA K 890 3.89 71.00 -78.32
N MET K 891 3.04 70.00 -78.46
CA MET K 891 3.59 68.68 -78.73
C MET K 891 4.17 68.56 -80.12
N LEU K 892 4.01 69.60 -80.93
CA LEU K 892 4.77 69.74 -82.16
C LEU K 892 6.14 70.36 -81.95
N THR K 893 6.36 71.05 -80.82
CA THR K 893 7.69 71.49 -80.43
C THR K 893 8.57 70.33 -80.04
N LEU K 894 8.00 69.14 -80.00
CA LEU K 894 8.61 67.91 -79.54
C LEU K 894 9.46 67.26 -80.63
N GLN K 895 9.52 67.89 -81.81
CA GLN K 895 10.35 67.44 -82.90
C GLN K 895 11.83 67.71 -82.65
N VAL K 896 12.15 68.48 -81.61
CA VAL K 896 13.53 68.75 -81.23
C VAL K 896 14.24 67.50 -80.74
N LEU K 897 13.48 66.46 -80.41
CA LEU K 897 14.07 65.23 -79.92
C LEU K 897 14.95 64.53 -80.93
N ALA K 898 14.96 64.96 -82.19
CA ALA K 898 15.98 64.47 -83.10
C ALA K 898 17.28 65.23 -82.94
N HIS K 899 17.20 66.55 -82.70
CA HIS K 899 18.40 67.38 -82.60
C HIS K 899 19.28 66.95 -81.43
N ASN K 900 18.67 66.66 -80.28
CA ASN K 900 19.36 66.16 -79.11
C ASN K 900 18.69 64.88 -78.67
N MET K 901 19.48 63.92 -78.19
CA MET K 901 18.88 62.81 -77.46
C MET K 901 19.95 62.12 -76.65
N ALA K 902 19.53 61.11 -75.91
CA ALA K 902 20.42 60.23 -75.18
C ALA K 902 20.17 58.80 -75.63
N GLU K 903 21.19 57.97 -75.46
CA GLU K 903 21.09 56.58 -75.87
C GLU K 903 20.69 55.68 -74.70
N ARG K 904 21.46 55.68 -73.62
CA ARG K 904 21.20 54.78 -72.51
C ARG K 904 21.56 55.45 -71.20
N THR K 905 21.00 54.93 -70.12
CA THR K 905 21.51 55.25 -68.79
C THR K 905 22.76 54.44 -68.56
N THR K 906 23.72 55.01 -67.85
CA THR K 906 24.99 54.33 -67.68
C THR K 906 25.33 54.31 -66.21
N ALA K 907 25.36 53.13 -65.63
CA ALA K 907 25.74 52.97 -64.24
C ALA K 907 27.24 53.14 -64.09
N LEU K 908 27.63 53.79 -63.01
CA LEU K 908 28.95 54.37 -62.87
C LEU K 908 29.42 54.14 -61.45
N LEU K 909 30.64 53.65 -61.29
CA LEU K 909 31.18 53.37 -59.96
C LEU K 909 32.59 53.91 -59.89
N CYS K 910 32.79 54.95 -59.08
CA CYS K 910 34.08 55.61 -58.94
C CYS K 910 34.55 55.70 -57.50
N SER K 911 35.79 55.32 -57.19
CA SER K 911 36.30 55.42 -55.84
C SER K 911 37.35 56.52 -55.78
N ALA K 912 37.98 56.65 -54.61
CA ALA K 912 38.91 57.71 -54.29
C ALA K 912 39.44 57.43 -52.90
N ALA K 913 40.57 58.04 -52.57
CA ALA K 913 41.15 57.91 -51.25
C ALA K 913 40.67 59.04 -50.36
N PRO K 914 41.00 59.02 -49.07
CA PRO K 914 40.68 60.17 -48.24
C PRO K 914 41.44 61.40 -48.67
N ASP K 915 40.96 62.57 -48.36
CA ASP K 915 41.58 63.74 -48.91
C ASP K 915 42.83 64.15 -48.28
N ALA K 916 43.30 65.33 -48.60
CA ALA K 916 44.53 65.82 -48.06
C ALA K 916 44.47 65.86 -46.57
N GLY K 917 43.35 66.31 -46.02
CA GLY K 917 43.17 66.39 -44.60
C GLY K 917 42.98 65.12 -43.78
N ALA K 918 42.81 63.97 -44.41
CA ALA K 918 42.63 62.75 -43.66
C ALA K 918 43.31 61.56 -44.27
N ASN K 919 44.55 61.64 -44.73
CA ASN K 919 45.15 60.45 -45.33
C ASN K 919 46.10 59.58 -44.46
N THR K 920 47.31 60.01 -44.13
CA THR K 920 48.21 59.20 -43.31
C THR K 920 48.51 57.95 -44.03
N ALA K 921 49.36 57.13 -43.43
CA ALA K 921 49.77 55.85 -43.93
C ALA K 921 48.68 54.82 -43.95
N SER K 922 47.90 54.76 -42.87
CA SER K 922 46.79 53.85 -42.65
C SER K 922 45.55 53.97 -43.50
N THR K 923 45.08 55.18 -43.71
CA THR K 923 43.94 55.42 -44.50
C THR K 923 44.48 55.64 -45.86
N ALA K 924 45.75 55.39 -46.03
CA ALA K 924 46.35 55.57 -47.35
C ALA K 924 45.77 54.63 -48.39
N ASN K 925 45.44 53.40 -48.02
CA ASN K 925 44.91 52.44 -48.99
C ASN K 925 43.40 52.32 -48.97
N MET K 926 42.70 53.08 -48.13
CA MET K 926 41.25 53.00 -48.07
C MET K 926 40.63 53.68 -49.29
N ARG K 927 39.75 52.96 -49.97
CA ARG K 927 38.97 53.50 -51.06
C ARG K 927 37.55 53.71 -50.60
N ILE K 928 36.91 54.75 -51.14
CA ILE K 928 35.51 55.04 -50.84
C ILE K 928 34.78 55.06 -52.17
N PHE K 929 33.94 54.06 -52.39
CA PHE K 929 33.21 53.89 -53.63
C PHE K 929 31.88 54.58 -53.57
N ASP K 930 31.51 55.27 -54.65
CA ASP K 930 30.19 55.82 -54.80
C ASP K 930 29.67 55.50 -56.18
N GLY K 931 28.40 55.16 -56.26
CA GLY K 931 27.76 54.95 -57.54
C GLY K 931 26.99 56.16 -58.02
N ALA K 932 26.75 56.19 -59.32
CA ALA K 932 25.83 57.15 -59.90
C ALA K 932 25.38 56.61 -61.24
N LEU K 933 24.22 57.08 -61.67
CA LEU K 933 23.69 56.78 -62.99
C LEU K 933 24.01 57.96 -63.89
N HIS K 934 24.41 57.69 -65.12
CA HIS K 934 24.73 58.83 -65.94
C HIS K 934 23.44 59.49 -66.36
N ALA K 935 22.72 58.97 -67.33
CA ALA K 935 21.49 59.60 -67.69
C ALA K 935 20.40 58.78 -67.03
N GLY K 936 19.91 59.27 -65.90
CA GLY K 936 19.06 58.46 -65.06
C GLY K 936 18.18 59.36 -64.25
N VAL K 937 17.07 58.81 -63.79
CA VAL K 937 15.95 59.58 -63.30
C VAL K 937 15.63 59.13 -61.89
N LEU K 938 14.99 60.02 -61.15
CA LEU K 938 14.56 59.74 -59.78
C LEU K 938 13.06 59.52 -59.76
N LEU K 939 12.61 58.34 -59.45
CA LEU K 939 11.20 58.05 -59.46
C LEU K 939 10.67 58.30 -58.09
N MET K 940 9.64 59.12 -57.95
CA MET K 940 9.16 59.51 -56.67
C MET K 940 7.97 59.00 -55.90
N ALA K 941 7.15 58.09 -56.39
CA ALA K 941 6.03 57.60 -55.60
C ALA K 941 5.86 56.36 -56.27
N PRO K 942 5.75 55.21 -55.63
CA PRO K 942 5.64 54.11 -56.59
C PRO K 942 4.28 54.05 -57.27
N GLN K 943 4.31 53.74 -58.56
CA GLN K 943 3.13 53.69 -59.40
C GLN K 943 2.64 52.27 -59.66
N HIS K 944 3.23 51.26 -59.03
CA HIS K 944 3.04 49.88 -59.46
C HIS K 944 1.60 49.39 -59.43
N LEU K 945 0.68 50.12 -58.82
CA LEU K 945 -0.67 49.56 -58.74
C LEU K 945 -1.51 49.80 -59.97
N ASP K 946 -1.03 50.58 -60.90
CA ASP K 946 -1.76 50.82 -62.11
C ASP K 946 -1.16 50.23 -63.37
N HIS K 947 -2.02 49.56 -64.11
CA HIS K 947 -1.75 48.89 -65.36
C HIS K 947 -2.22 49.80 -66.47
N THR K 948 -1.41 49.93 -67.48
CA THR K 948 -1.63 50.83 -68.58
C THR K 948 -0.22 50.78 -69.08
N ILE K 949 0.73 51.27 -68.30
CA ILE K 949 2.10 51.14 -68.70
C ILE K 949 2.49 49.82 -68.07
N GLN K 950 3.02 48.90 -68.84
CA GLN K 950 3.40 47.63 -68.29
C GLN K 950 4.41 47.99 -67.23
N ASN K 951 4.45 47.33 -66.07
CA ASN K 951 5.41 47.65 -65.03
C ASN K 951 6.81 47.45 -65.56
N GLY K 952 7.61 48.52 -65.49
CA GLY K 952 9.01 48.48 -65.87
C GLY K 952 9.41 48.60 -67.32
N GLU K 953 8.79 49.51 -68.07
CA GLU K 953 8.94 49.67 -69.51
C GLU K 953 9.98 50.70 -69.87
N TYR K 954 9.64 51.96 -69.77
CA TYR K 954 10.59 52.95 -70.12
C TYR K 954 11.77 52.97 -69.26
N PHE K 955 11.51 52.85 -67.97
CA PHE K 955 12.50 52.95 -66.90
C PHE K 955 12.63 51.68 -66.12
N TYR K 956 13.85 51.20 -65.86
CA TYR K 956 14.05 50.01 -65.01
C TYR K 956 14.22 50.47 -63.56
N VAL K 957 14.60 49.61 -62.63
CA VAL K 957 14.73 50.02 -61.23
C VAL K 957 16.08 50.11 -60.57
N LEU K 958 17.20 50.19 -61.28
CA LEU K 958 18.49 50.21 -60.59
C LEU K 958 18.56 51.27 -59.54
N PRO K 959 18.89 50.91 -58.28
CA PRO K 959 19.07 51.87 -57.17
C PRO K 959 20.55 52.13 -56.96
N VAL K 960 20.99 53.37 -56.78
CA VAL K 960 22.43 53.63 -56.70
C VAL K 960 22.90 53.69 -55.27
N HIS K 961 22.03 54.11 -54.36
CA HIS K 961 22.45 54.40 -53.00
C HIS K 961 21.26 54.16 -52.11
N ALA K 962 21.52 53.73 -50.89
CA ALA K 962 20.45 53.35 -49.98
C ALA K 962 19.55 54.51 -49.62
N LEU K 963 19.93 55.75 -49.94
CA LEU K 963 18.99 56.85 -49.80
C LEU K 963 17.91 56.76 -50.86
N PHE K 964 18.34 56.40 -52.06
CA PHE K 964 17.45 56.24 -53.20
C PHE K 964 17.11 54.82 -53.58
N ALA K 965 16.55 54.05 -52.64
CA ALA K 965 16.06 52.73 -52.93
C ALA K 965 14.69 52.75 -52.29
N GLY K 966 13.64 52.71 -53.08
CA GLY K 966 12.32 52.60 -52.50
C GLY K 966 12.13 51.19 -52.08
N ALA K 967 11.61 50.99 -50.88
CA ALA K 967 11.20 49.66 -50.50
C ALA K 967 10.12 49.16 -51.45
N ASP K 968 9.16 50.02 -51.77
CA ASP K 968 8.03 49.65 -52.59
C ASP K 968 8.34 49.66 -54.07
N HIS K 969 9.36 50.40 -54.49
CA HIS K 969 9.79 50.36 -55.89
C HIS K 969 10.53 49.07 -56.19
N VAL K 970 11.48 48.72 -55.33
CA VAL K 970 12.36 47.59 -55.62
C VAL K 970 11.61 46.28 -55.52
N ALA K 971 10.77 46.13 -54.51
CA ALA K 971 10.10 44.87 -54.27
C ALA K 971 9.08 44.53 -55.33
N ASN K 972 8.57 45.52 -56.03
CA ASN K 972 7.54 45.35 -57.04
C ASN K 972 8.10 45.29 -58.44
N ALA K 973 9.42 45.26 -58.58
CA ALA K 973 10.08 45.18 -59.87
C ALA K 973 9.63 43.92 -60.61
N PRO K 974 9.80 43.88 -61.94
CA PRO K 974 9.20 42.79 -62.72
C PRO K 974 9.47 41.38 -62.24
N ASN K 975 10.72 41.03 -61.95
CA ASN K 975 11.02 39.74 -61.34
C ASN K 975 11.72 40.02 -60.03
N PHE K 976 11.01 39.82 -58.93
CA PHE K 976 11.56 40.03 -57.62
C PHE K 976 11.45 38.72 -56.86
N PRO K 977 12.55 38.13 -56.40
CA PRO K 977 12.46 36.89 -55.66
C PRO K 977 11.53 37.04 -54.48
N PRO K 978 10.52 36.18 -54.37
CA PRO K 978 9.51 36.35 -53.30
C PRO K 978 10.05 36.10 -51.92
N ALA K 979 11.20 35.44 -51.78
CA ALA K 979 11.77 35.20 -50.46
C ALA K 979 12.28 36.49 -49.83
N LEU K 980 12.47 37.53 -50.62
CA LEU K 980 13.04 38.78 -50.14
C LEU K 980 11.99 39.81 -49.78
N ARG K 981 10.71 39.45 -49.83
CA ARG K 981 9.65 40.43 -49.64
C ARG K 981 9.73 41.10 -48.29
N ASP K 982 9.96 40.33 -47.23
CA ASP K 982 10.06 40.93 -45.91
C ASP K 982 11.39 41.60 -45.70
N LEU K 983 12.46 40.97 -46.16
CA LEU K 983 13.78 41.58 -46.07
C LEU K 983 13.81 42.92 -46.79
N ALA K 984 13.29 42.97 -48.02
CA ALA K 984 13.30 44.19 -48.81
C ALA K 984 12.57 45.31 -48.10
N ARG K 985 11.76 44.98 -47.11
CA ARG K 985 11.08 45.98 -46.32
C ARG K 985 12.04 46.63 -45.33
N HIS K 986 12.88 45.83 -44.68
CA HIS K 986 13.86 46.34 -43.73
C HIS K 986 15.15 46.84 -44.37
N VAL K 987 15.58 46.27 -45.49
CA VAL K 987 16.95 46.41 -45.96
C VAL K 987 16.93 47.15 -47.30
N PRO K 988 17.89 48.03 -47.55
CA PRO K 988 18.01 48.77 -48.81
C PRO K 988 18.73 48.03 -49.91
N LEU K 989 18.05 47.32 -50.79
CA LEU K 989 18.76 46.40 -51.68
C LEU K 989 19.41 47.21 -52.79
N VAL K 990 20.74 47.30 -52.74
CA VAL K 990 21.53 48.10 -53.67
C VAL K 990 22.59 47.20 -54.27
N PRO K 991 22.66 47.03 -55.59
CA PRO K 991 23.72 46.21 -56.16
C PRO K 991 25.08 46.77 -55.82
N PRO K 992 26.02 45.93 -55.36
CA PRO K 992 27.35 46.45 -55.05
C PRO K 992 28.10 46.93 -56.27
N ALA K 993 27.64 46.56 -57.47
CA ALA K 993 28.15 47.22 -58.66
C ALA K 993 27.94 48.71 -58.59
N LEU K 994 26.95 49.16 -57.83
CA LEU K 994 26.74 50.56 -57.52
C LEU K 994 27.27 50.97 -56.15
N GLY K 995 27.93 50.09 -55.44
CA GLY K 995 28.57 50.48 -54.19
C GLY K 995 27.91 49.82 -52.98
N ALA K 996 28.67 49.83 -51.89
CA ALA K 996 28.35 49.11 -50.67
C ALA K 996 28.14 50.10 -49.54
N ASN K 997 27.43 49.67 -48.52
CA ASN K 997 27.24 50.48 -47.33
C ASN K 997 28.57 50.97 -46.79
N TYR K 998 29.34 50.02 -46.25
CA TYR K 998 30.54 50.36 -45.53
C TYR K 998 31.52 51.12 -46.36
N PHE K 999 31.49 50.97 -47.66
CA PHE K 999 32.42 51.68 -48.51
C PHE K 999 31.85 52.96 -49.08
N SER K 1000 30.64 53.35 -48.70
CA SER K 1000 30.12 54.60 -49.22
C SER K 1000 30.44 55.75 -48.27
N SER K 1001 30.16 56.95 -48.76
CA SER K 1001 30.33 58.14 -47.95
C SER K 1001 29.13 58.40 -47.09
N ILE K 1002 27.96 58.00 -47.56
CA ILE K 1002 26.73 58.18 -46.82
C ILE K 1002 26.22 56.79 -46.47
N ARG K 1003 26.22 56.48 -45.21
CA ARG K 1003 25.90 55.17 -44.72
C ARG K 1003 24.60 55.26 -43.93
N GLN K 1004 24.13 54.13 -43.40
CA GLN K 1004 22.75 54.02 -42.95
C GLN K 1004 22.34 55.05 -41.90
N PRO K 1005 23.15 55.42 -40.92
CA PRO K 1005 22.66 56.39 -39.95
C PRO K 1005 22.08 57.64 -40.57
N VAL K 1006 22.63 58.06 -41.71
CA VAL K 1006 22.04 59.16 -42.46
C VAL K 1006 20.73 58.73 -43.09
N VAL K 1007 20.67 57.48 -43.55
CA VAL K 1007 19.50 57.02 -44.28
C VAL K 1007 18.33 56.84 -43.33
N GLN K 1008 18.60 56.42 -42.10
CA GLN K 1008 17.54 56.25 -41.10
C GLN K 1008 17.16 57.57 -40.43
N HIS K 1009 18.10 58.49 -40.28
CA HIS K 1009 17.74 59.78 -39.72
C HIS K 1009 16.74 60.50 -40.59
N ALA K 1010 16.84 60.33 -41.90
CA ALA K 1010 15.90 61.00 -42.79
C ALA K 1010 14.49 60.49 -42.58
N ARG K 1011 14.30 59.17 -42.57
CA ARG K 1011 12.95 58.66 -42.45
C ARG K 1011 12.43 58.67 -41.03
N GLU K 1012 13.31 58.59 -40.05
CA GLU K 1012 12.88 58.48 -38.66
C GLU K 1012 12.55 59.83 -38.03
N SER K 1013 13.22 60.89 -38.44
CA SER K 1013 13.15 62.16 -37.72
C SER K 1013 11.77 62.78 -37.82
N ALA K 1014 11.28 63.28 -36.68
CA ALA K 1014 9.98 63.90 -36.61
C ALA K 1014 9.99 65.39 -36.89
N ALA K 1015 11.15 66.01 -36.96
CA ALA K 1015 11.22 67.44 -37.25
C ALA K 1015 10.72 67.71 -38.66
N GLY K 1016 10.37 68.97 -38.92
CA GLY K 1016 9.76 69.31 -40.17
C GLY K 1016 10.73 69.14 -41.31
N GLU K 1017 10.30 69.57 -42.48
CA GLU K 1017 11.21 69.45 -43.61
C GLU K 1017 12.30 70.50 -43.57
N ASN K 1018 12.03 71.67 -43.00
CA ASN K 1018 13.08 72.65 -42.80
C ASN K 1018 14.16 72.11 -41.90
N ALA K 1019 13.81 71.90 -40.63
CA ALA K 1019 14.79 71.52 -39.63
C ALA K 1019 15.46 70.21 -39.92
N LEU K 1020 14.85 69.35 -40.72
CA LEU K 1020 15.53 68.14 -41.13
C LEU K 1020 16.49 68.39 -42.27
N THR K 1021 16.39 69.52 -42.92
CA THR K 1021 17.29 69.85 -44.00
C THR K 1021 18.60 70.42 -43.47
N TYR K 1022 18.53 71.21 -42.40
CA TYR K 1022 19.74 71.68 -41.74
C TYR K 1022 20.33 70.62 -40.84
N ALA K 1023 19.49 69.78 -40.25
CA ALA K 1023 19.97 68.73 -39.36
C ALA K 1023 20.73 67.69 -40.11
N LEU K 1024 20.36 67.49 -41.35
CA LEU K 1024 20.95 66.54 -42.27
C LEU K 1024 22.16 67.11 -42.98
N MET K 1025 22.06 68.37 -43.40
CA MET K 1025 23.19 69.10 -43.95
C MET K 1025 24.33 69.19 -42.96
N ALA K 1026 24.01 69.30 -41.68
CA ALA K 1026 25.02 69.38 -40.65
C ALA K 1026 25.67 68.05 -40.38
N GLY K 1027 25.12 66.98 -40.88
CA GLY K 1027 25.79 65.72 -40.66
C GLY K 1027 26.67 65.31 -41.80
N TYR K 1028 26.88 66.17 -42.78
CA TYR K 1028 27.77 65.90 -43.91
C TYR K 1028 29.14 66.50 -43.71
N PHE K 1029 29.39 67.17 -42.60
CA PHE K 1029 30.70 67.71 -42.30
C PHE K 1029 31.68 66.57 -42.05
N LYS K 1030 32.84 66.64 -42.68
CA LYS K 1030 33.77 65.51 -42.67
C LYS K 1030 34.45 65.35 -41.33
N MET K 1031 35.01 64.17 -41.14
CA MET K 1031 35.50 63.67 -39.87
C MET K 1031 37.02 63.73 -39.71
N SER K 1032 37.72 64.29 -40.64
CA SER K 1032 39.18 64.33 -40.71
C SER K 1032 39.73 65.39 -39.77
N PRO K 1033 41.00 65.28 -39.35
CA PRO K 1033 41.51 66.25 -38.38
C PRO K 1033 41.57 67.67 -38.90
N VAL K 1034 41.61 67.86 -40.21
CA VAL K 1034 41.52 69.21 -40.77
C VAL K 1034 40.07 69.64 -40.86
N ALA K 1035 39.15 68.72 -41.08
CA ALA K 1035 37.75 69.12 -41.11
C ALA K 1035 37.26 69.47 -39.73
N LEU K 1036 37.72 68.75 -38.74
CA LEU K 1036 37.34 68.95 -37.38
C LEU K 1036 37.88 70.27 -36.94
N TYR K 1037 38.92 70.74 -37.57
CA TYR K 1037 39.56 71.97 -37.21
C TYR K 1037 38.69 73.14 -37.41
N HIS K 1038 37.96 73.19 -38.51
CA HIS K 1038 37.10 74.28 -38.86
C HIS K 1038 35.86 74.42 -38.05
N GLN K 1039 35.37 73.31 -37.56
CA GLN K 1039 34.16 73.09 -36.80
C GLN K 1039 34.37 73.39 -35.34
N LEU K 1040 35.32 72.70 -34.73
CA LEU K 1040 35.67 73.02 -33.35
C LEU K 1040 35.98 74.49 -33.19
N LYS K 1041 36.64 75.09 -34.17
CA LYS K 1041 37.00 76.49 -34.07
C LYS K 1041 35.82 77.39 -34.36
N THR K 1042 34.99 77.04 -35.32
CA THR K 1042 33.93 77.91 -35.75
C THR K 1042 32.64 77.66 -35.01
N GLY K 1043 32.59 76.67 -34.15
CA GLY K 1043 31.46 76.51 -33.26
C GLY K 1043 30.44 75.50 -33.66
N LEU K 1044 30.79 74.55 -34.51
CA LEU K 1044 29.88 73.47 -34.80
C LEU K 1044 30.16 72.31 -33.86
N HIS K 1045 29.12 71.62 -33.46
CA HIS K 1045 29.27 70.43 -32.66
C HIS K 1045 29.33 69.22 -33.57
N PRO K 1046 30.45 68.51 -33.63
CA PRO K 1046 30.60 67.43 -34.61
C PRO K 1046 30.16 66.06 -34.10
N GLY K 1047 28.97 65.98 -33.52
CA GLY K 1047 28.35 64.70 -33.30
C GLY K 1047 28.92 63.82 -32.22
N PHE K 1048 30.08 64.14 -31.67
CA PHE K 1048 30.57 63.40 -30.51
C PHE K 1048 31.10 64.38 -29.49
N GLY K 1049 31.49 63.87 -28.34
CA GLY K 1049 31.78 64.71 -27.21
C GLY K 1049 32.93 64.09 -26.45
N PHE K 1050 33.44 64.83 -25.49
CA PHE K 1050 34.66 64.44 -24.82
C PHE K 1050 34.39 64.28 -23.33
N THR K 1051 35.09 63.34 -22.71
CA THR K 1051 35.22 63.32 -21.25
C THR K 1051 36.58 63.87 -20.89
N VAL K 1052 36.59 64.91 -20.13
CA VAL K 1052 37.81 65.64 -19.83
C VAL K 1052 38.37 65.12 -18.53
N VAL K 1053 39.66 64.89 -18.50
CA VAL K 1053 40.36 64.36 -17.34
C VAL K 1053 41.48 65.32 -17.00
N ARG K 1054 41.56 65.73 -15.75
CA ARG K 1054 42.72 66.46 -15.28
C ARG K 1054 43.21 65.85 -13.98
N GLN K 1055 44.48 66.05 -13.70
CA GLN K 1055 45.11 65.54 -12.49
C GLN K 1055 45.60 66.69 -11.67
N ASP K 1056 45.39 66.60 -10.37
CA ASP K 1056 45.40 67.79 -9.54
C ASP K 1056 45.98 67.41 -8.18
N ARG K 1057 46.87 68.25 -7.65
CA ARG K 1057 47.65 67.93 -6.44
C ARG K 1057 47.35 68.89 -5.32
N PHE K 1058 47.07 68.36 -4.15
CA PHE K 1058 46.77 69.17 -2.99
C PHE K 1058 47.85 69.02 -1.94
N VAL K 1059 48.05 70.05 -1.15
CA VAL K 1059 48.92 69.97 0.01
C VAL K 1059 48.06 69.73 1.22
N THR K 1060 48.29 68.62 1.87
CA THR K 1060 47.41 68.19 2.93
C THR K 1060 48.17 68.25 4.24
N GLU K 1061 47.48 67.93 5.33
CA GLU K 1061 48.05 67.97 6.65
C GLU K 1061 47.60 66.73 7.39
N ASN K 1062 48.48 66.00 8.01
CA ASN K 1062 48.01 64.80 8.63
C ASN K 1062 48.47 64.63 10.01
N VAL K 1063 47.99 63.53 10.54
CA VAL K 1063 48.44 63.02 11.82
C VAL K 1063 48.89 61.58 11.57
N LEU K 1064 49.89 61.13 12.31
CA LEU K 1064 50.37 59.76 12.23
C LEU K 1064 50.30 59.13 13.61
N PHE K 1065 49.30 58.33 13.89
CA PHE K 1065 49.39 57.69 15.16
C PHE K 1065 50.17 56.45 14.87
N SER K 1066 51.10 56.11 15.73
CA SER K 1066 51.94 54.92 15.68
C SER K 1066 51.90 54.27 17.03
N GLU K 1067 52.14 52.98 17.09
CA GLU K 1067 52.12 52.14 18.27
C GLU K 1067 53.47 52.24 18.89
N ARG K 1068 53.73 51.76 20.08
CA ARG K 1068 55.01 51.96 20.73
C ARG K 1068 56.32 51.51 20.24
N ALA K 1069 56.46 50.27 19.85
CA ALA K 1069 57.71 49.81 19.40
C ALA K 1069 57.33 49.10 18.21
N SER K 1070 57.03 49.85 17.18
CA SER K 1070 56.65 49.25 15.98
C SER K 1070 57.82 49.21 15.11
N GLU K 1071 59.04 49.42 15.49
CA GLU K 1071 59.99 49.26 14.43
C GLU K 1071 61.23 49.05 15.18
N ALA K 1072 62.09 48.14 14.77
CA ALA K 1072 63.30 47.91 15.50
C ALA K 1072 64.23 48.65 14.65
N TYR K 1073 64.99 49.57 15.20
CA TYR K 1073 65.89 50.36 14.40
C TYR K 1073 67.27 50.06 14.90
N PHE K 1074 68.17 49.55 14.07
CA PHE K 1074 69.51 49.17 14.45
C PHE K 1074 70.46 50.12 13.90
N LEU K 1075 71.32 50.65 14.73
CA LEU K 1075 72.23 51.72 14.37
C LEU K 1075 73.63 51.20 14.08
N GLY K 1076 74.25 51.78 13.05
CA GLY K 1076 75.55 51.34 12.61
C GLY K 1076 76.71 52.13 13.18
N GLN K 1077 77.75 52.28 12.35
CA GLN K 1077 79.01 52.99 12.62
C GLN K 1077 79.14 54.16 11.64
N LEU K 1078 80.04 55.11 11.88
CA LEU K 1078 80.02 56.38 11.15
C LEU K 1078 80.78 56.34 9.83
N GLN K 1079 82.07 56.02 9.87
CA GLN K 1079 82.88 55.86 8.65
C GLN K 1079 82.92 57.13 7.79
N VAL K 1080 83.73 58.10 8.22
CA VAL K 1080 84.07 59.25 7.40
C VAL K 1080 84.67 58.83 6.07
N ALA K 1081 84.31 59.54 5.01
CA ALA K 1081 85.02 59.52 3.74
C ALA K 1081 85.47 60.94 3.43
N ARG K 1082 86.04 61.16 2.25
CA ARG K 1082 86.46 62.50 1.89
C ARG K 1082 86.95 62.53 0.44
N HIS K 1083 86.91 63.72 -0.13
CA HIS K 1083 87.37 63.93 -1.50
C HIS K 1083 87.70 65.38 -1.70
N GLU K 1084 88.62 65.65 -2.62
CA GLU K 1084 89.05 67.00 -2.89
C GLU K 1084 88.10 67.70 -3.85
N THR K 1085 87.91 69.00 -3.62
CA THR K 1085 87.03 69.81 -4.43
C THR K 1085 87.81 71.00 -4.96
N GLY K 1086 87.14 71.83 -5.74
CA GLY K 1086 87.69 73.14 -6.03
C GLY K 1086 87.66 73.97 -4.77
N GLY K 1087 88.83 74.42 -4.33
CA GLY K 1087 88.88 75.19 -3.10
C GLY K 1087 88.39 74.46 -1.87
N GLY K 1088 88.98 73.32 -1.56
CA GLY K 1088 88.78 72.72 -0.27
C GLY K 1088 88.91 71.21 -0.33
N VAL K 1089 88.60 70.60 0.81
CA VAL K 1089 88.41 69.17 0.95
C VAL K 1089 86.93 69.02 1.23
N ASN K 1090 86.44 67.79 1.31
CA ASN K 1090 85.05 67.57 1.70
C ASN K 1090 85.03 66.30 2.51
N PHE K 1091 84.40 66.34 3.68
CA PHE K 1091 84.26 65.16 4.53
C PHE K 1091 82.80 64.78 4.55
N THR K 1092 82.49 63.59 4.05
CA THR K 1092 81.13 63.09 4.09
C THR K 1092 81.05 62.02 5.17
N LEU K 1093 80.20 62.27 6.16
CA LEU K 1093 79.87 61.29 7.17
C LEU K 1093 78.70 60.48 6.66
N THR K 1094 78.72 59.19 6.93
CA THR K 1094 77.54 58.38 6.66
C THR K 1094 77.26 57.52 7.87
N GLN K 1095 76.32 56.61 7.75
CA GLN K 1095 76.07 55.64 8.80
C GLN K 1095 75.06 54.65 8.28
N PRO K 1096 75.37 53.37 8.31
CA PRO K 1096 74.40 52.36 7.91
C PRO K 1096 73.44 52.09 9.03
N ARG K 1097 72.19 51.85 8.67
CA ARG K 1097 71.24 51.43 9.69
C ARG K 1097 70.12 50.61 9.09
N GLY K 1098 69.73 49.56 9.80
CA GLY K 1098 68.67 48.68 9.38
C GLY K 1098 67.43 48.86 10.23
N ASN K 1099 66.33 48.27 9.80
CA ASN K 1099 65.15 48.20 10.65
C ASN K 1099 64.18 47.13 10.16
N VAL K 1100 63.30 46.71 11.06
CA VAL K 1100 62.15 45.87 10.73
C VAL K 1100 60.93 46.49 11.37
N ASP K 1101 59.78 45.93 11.00
CA ASP K 1101 58.51 46.29 11.55
C ASP K 1101 58.19 45.18 12.51
N LEU K 1102 58.06 45.51 13.78
CA LEU K 1102 57.74 44.57 14.84
C LEU K 1102 56.33 44.00 14.86
N GLY K 1103 55.37 44.81 14.51
CA GLY K 1103 53.98 44.36 14.52
C GLY K 1103 53.69 43.29 13.52
N VAL K 1104 52.91 42.29 13.91
CA VAL K 1104 52.51 41.24 12.98
C VAL K 1104 51.58 41.83 11.92
N GLY K 1105 50.72 42.76 12.33
CA GLY K 1105 49.88 43.50 11.42
C GLY K 1105 49.55 44.90 11.89
N TYR K 1106 49.54 45.89 11.01
CA TYR K 1106 49.10 47.24 11.27
C TYR K 1106 49.52 48.03 12.49
N THR K 1107 50.80 48.26 12.67
CA THR K 1107 51.33 49.08 13.76
C THR K 1107 51.05 50.60 13.69
N ALA K 1108 51.05 51.25 12.53
CA ALA K 1108 50.83 52.68 12.44
C ALA K 1108 49.79 52.99 11.44
N VAL K 1109 49.06 54.05 11.64
CA VAL K 1109 48.08 54.46 10.72
C VAL K 1109 48.23 55.91 10.67
N ALA K 1110 48.08 56.42 9.51
CA ALA K 1110 48.18 57.84 9.23
C ALA K 1110 46.87 58.36 8.68
N ALA K 1111 46.54 59.63 8.87
CA ALA K 1111 45.32 60.27 8.38
C ALA K 1111 45.44 61.69 7.85
N THR K 1112 45.12 62.02 6.61
CA THR K 1112 45.19 63.40 6.14
C THR K 1112 43.92 63.99 6.60
N ALA K 1113 44.01 64.97 7.50
CA ALA K 1113 42.85 65.67 8.01
C ALA K 1113 43.15 67.11 7.82
N THR K 1114 42.46 67.71 6.87
CA THR K 1114 42.55 69.11 6.38
C THR K 1114 43.47 69.25 5.16
N VAL K 1115 43.19 70.23 4.31
CA VAL K 1115 43.93 70.50 3.10
C VAL K 1115 44.55 71.86 3.31
N ARG K 1116 45.81 72.05 2.94
CA ARG K 1116 46.41 73.35 3.11
C ARG K 1116 46.12 74.17 1.84
N ASN K 1117 46.79 73.91 0.73
CA ASN K 1117 46.49 74.63 -0.49
C ASN K 1117 46.34 73.68 -1.67
N PRO K 1118 45.74 74.07 -2.80
CA PRO K 1118 45.74 73.17 -3.93
C PRO K 1118 47.06 72.80 -4.67
N VAL K 1119 47.92 73.73 -5.08
CA VAL K 1119 49.19 73.45 -5.76
C VAL K 1119 49.19 73.28 -7.24
N THR K 1120 48.00 73.36 -7.84
CA THR K 1120 47.79 73.21 -9.23
C THR K 1120 46.73 74.25 -9.46
N ASP K 1121 46.64 74.84 -10.64
CA ASP K 1121 45.68 75.90 -10.88
C ASP K 1121 44.29 75.47 -11.21
N MET K 1122 44.05 74.21 -11.50
CA MET K 1122 42.69 73.75 -11.79
C MET K 1122 41.99 74.48 -12.92
N GLY K 1123 42.66 74.63 -14.04
CA GLY K 1123 42.12 75.32 -15.18
C GLY K 1123 42.02 74.60 -16.50
N ASN K 1124 41.74 75.38 -17.54
CA ASN K 1124 41.52 74.95 -18.90
C ASN K 1124 42.78 74.65 -19.61
N LEU K 1125 43.65 73.89 -19.08
CA LEU K 1125 44.80 73.83 -19.97
C LEU K 1125 44.74 72.57 -20.82
N PRO K 1126 44.48 72.68 -22.09
CA PRO K 1126 44.37 71.50 -22.94
C PRO K 1126 45.66 70.72 -23.07
N GLN K 1127 45.58 69.63 -23.80
CA GLN K 1127 46.72 68.82 -24.16
C GLN K 1127 47.09 69.14 -25.59
N ASN K 1128 48.38 69.08 -25.87
CA ASN K 1128 48.90 69.32 -27.20
C ASN K 1128 49.61 68.03 -27.60
N PHE K 1129 49.09 67.33 -28.59
CA PHE K 1129 49.80 66.14 -29.03
C PHE K 1129 50.96 66.44 -29.95
N TYR K 1130 51.13 67.69 -30.38
CA TYR K 1130 52.23 68.01 -31.26
C TYR K 1130 53.54 68.13 -30.51
N LEU K 1131 53.52 67.90 -29.22
CA LEU K 1131 54.74 67.83 -28.43
C LEU K 1131 55.44 66.48 -28.48
N GLY K 1132 54.76 65.41 -28.88
CA GLY K 1132 55.38 64.14 -29.12
C GLY K 1132 55.46 63.79 -30.60
N ARG K 1133 56.25 62.78 -30.91
CA ARG K 1133 56.19 62.16 -32.23
C ARG K 1133 55.86 60.66 -32.11
N GLY K 1134 54.59 60.31 -32.10
CA GLY K 1134 54.27 58.91 -32.11
C GLY K 1134 53.52 58.50 -33.36
N ALA K 1135 53.01 59.49 -34.05
CA ALA K 1135 52.00 59.29 -35.05
C ALA K 1135 52.58 59.54 -36.42
N PRO K 1136 52.45 58.62 -37.36
CA PRO K 1136 52.73 58.95 -38.73
C PRO K 1136 51.94 60.17 -39.13
N PRO K 1137 52.58 61.15 -39.73
CA PRO K 1137 51.90 62.41 -40.02
C PRO K 1137 50.93 62.23 -41.18
N LEU K 1138 50.28 63.31 -41.58
CA LEU K 1138 49.51 63.30 -42.81
C LEU K 1138 50.43 63.04 -43.98
N LEU K 1139 49.89 62.51 -45.07
CA LEU K 1139 50.72 62.31 -46.25
C LEU K 1139 51.00 63.61 -47.01
N ASP K 1140 50.00 64.45 -47.19
CA ASP K 1140 50.27 65.72 -47.85
C ASP K 1140 51.07 66.58 -46.90
N ASN K 1141 52.23 67.01 -47.35
CA ASN K 1141 53.09 67.80 -46.47
C ASN K 1141 52.58 69.21 -46.32
N ALA K 1142 51.95 69.77 -47.34
CA ALA K 1142 51.28 71.04 -47.16
C ALA K 1142 50.22 70.93 -46.08
N ALA K 1143 49.49 69.82 -46.08
CA ALA K 1143 48.43 69.62 -45.10
C ALA K 1143 49.00 69.41 -43.71
N ALA K 1144 50.12 68.69 -43.62
CA ALA K 1144 50.73 68.40 -42.34
C ALA K 1144 51.22 69.66 -41.65
N VAL K 1145 51.90 70.54 -42.38
CA VAL K 1145 52.42 71.75 -41.78
C VAL K 1145 51.33 72.81 -41.64
N TYR K 1146 50.35 72.83 -42.54
CA TYR K 1146 49.17 73.66 -42.29
C TYR K 1146 48.48 73.21 -41.02
N LEU K 1147 48.18 71.92 -40.95
CA LEU K 1147 47.60 71.30 -39.78
C LEU K 1147 48.36 71.68 -38.52
N ARG K 1148 49.68 71.50 -38.51
CA ARG K 1148 50.45 71.66 -37.28
C ARG K 1148 50.42 73.09 -36.77
N ASN K 1149 50.84 74.04 -37.60
CA ASN K 1149 51.04 75.36 -37.04
C ASN K 1149 49.77 76.14 -36.88
N ALA K 1150 48.64 75.57 -37.28
CA ALA K 1150 47.36 76.14 -36.88
C ALA K 1150 47.08 75.84 -35.42
N VAL K 1151 47.44 74.65 -34.98
CA VAL K 1151 47.22 74.26 -33.59
C VAL K 1151 48.29 74.87 -32.69
N VAL K 1152 49.54 74.77 -33.10
CA VAL K 1152 50.70 75.17 -32.33
C VAL K 1152 50.83 76.69 -32.27
N ALA K 1153 49.92 77.40 -32.93
CA ALA K 1153 50.00 78.85 -33.05
C ALA K 1153 50.26 79.60 -31.76
N GLY K 1154 49.27 79.70 -30.90
CA GLY K 1154 49.44 80.40 -29.64
C GLY K 1154 49.41 79.56 -28.40
N ASN K 1155 49.70 78.27 -28.47
CA ASN K 1155 49.43 77.39 -27.35
C ASN K 1155 50.19 77.77 -26.10
N ARG K 1156 49.55 77.53 -24.96
CA ARG K 1156 50.27 77.52 -23.71
C ARG K 1156 51.30 76.41 -23.62
N LEU K 1157 51.29 75.50 -24.58
CA LEU K 1157 52.15 74.33 -24.63
C LEU K 1157 53.01 74.31 -25.87
N GLY K 1158 52.39 74.44 -27.03
CA GLY K 1158 52.93 74.04 -28.30
C GLY K 1158 54.36 74.46 -28.45
N PRO K 1159 55.14 73.61 -29.06
CA PRO K 1159 56.57 73.79 -29.07
C PRO K 1159 57.08 75.16 -29.43
N ALA K 1160 58.08 75.58 -28.66
CA ALA K 1160 58.75 76.84 -28.86
C ALA K 1160 59.34 76.74 -30.25
N GLN K 1161 59.81 75.55 -30.60
CA GLN K 1161 60.33 75.28 -31.92
C GLN K 1161 60.07 73.83 -32.27
N PRO K 1162 60.17 73.50 -33.62
CA PRO K 1162 59.85 72.09 -33.91
C PRO K 1162 60.75 71.07 -33.22
N LEU K 1163 60.10 70.00 -32.81
CA LEU K 1163 60.69 68.89 -32.08
C LEU K 1163 62.08 68.55 -32.61
N PRO K 1164 63.09 68.46 -31.75
CA PRO K 1164 64.35 67.83 -32.13
C PRO K 1164 64.29 66.32 -32.00
N VAL K 1165 65.17 65.65 -32.74
CA VAL K 1165 65.25 64.20 -32.66
C VAL K 1165 65.87 63.76 -31.34
N PHE K 1166 66.90 64.48 -30.89
CA PHE K 1166 67.39 64.28 -29.53
C PHE K 1166 67.50 65.63 -28.84
N GLY K 1167 66.86 65.74 -27.69
CA GLY K 1167 66.67 66.98 -26.99
C GLY K 1167 65.37 66.91 -26.21
N CYS K 1168 64.86 68.08 -25.83
CA CYS K 1168 63.60 68.18 -25.12
C CYS K 1168 62.62 69.01 -25.97
N ALA K 1169 61.33 68.85 -25.69
CA ALA K 1169 60.32 69.46 -26.54
C ALA K 1169 60.10 70.93 -26.26
N GLN K 1170 60.61 71.46 -25.14
CA GLN K 1170 60.53 72.90 -24.90
C GLN K 1170 59.13 73.47 -24.87
N VAL K 1171 58.40 73.22 -23.79
CA VAL K 1171 57.22 74.03 -23.49
C VAL K 1171 57.66 75.47 -23.29
N PRO K 1172 57.09 76.44 -24.00
CA PRO K 1172 57.47 77.82 -23.78
C PRO K 1172 57.17 78.22 -22.36
N ARG K 1173 58.07 78.98 -21.77
CA ARG K 1173 57.85 79.46 -20.42
C ARG K 1173 57.32 80.87 -20.46
N ARG K 1174 56.46 81.18 -19.53
CA ARG K 1174 55.75 82.43 -19.56
C ARG K 1174 56.31 83.38 -18.52
N ALA K 1175 56.27 84.68 -18.85
CA ALA K 1175 56.91 85.70 -18.04
C ALA K 1175 56.36 85.70 -16.63
N GLY K 1176 55.09 85.38 -16.45
CA GLY K 1176 54.52 85.37 -15.13
C GLY K 1176 53.47 84.30 -14.98
N MET K 1177 53.19 83.97 -13.73
CA MET K 1177 52.21 82.96 -13.42
C MET K 1177 51.57 83.32 -12.10
N ASP K 1178 50.34 82.87 -11.90
CA ASP K 1178 49.59 83.45 -10.80
C ASP K 1178 48.95 82.48 -9.83
N HIS K 1179 48.08 81.61 -10.30
CA HIS K 1179 47.27 80.86 -9.36
C HIS K 1179 47.94 79.60 -8.88
N GLY K 1180 48.97 79.15 -9.54
CA GLY K 1180 49.63 77.94 -9.17
C GLY K 1180 50.11 77.26 -10.42
N GLN K 1181 50.43 75.99 -10.28
CA GLN K 1181 50.81 75.19 -11.43
C GLN K 1181 49.62 75.00 -12.35
N ASP K 1182 49.89 74.83 -13.63
CA ASP K 1182 48.85 74.59 -14.59
C ASP K 1182 48.53 73.12 -14.66
N ALA K 1183 47.27 72.77 -14.51
CA ALA K 1183 46.85 71.40 -14.76
C ALA K 1183 46.94 71.14 -16.25
N VAL K 1184 46.64 69.93 -16.66
CA VAL K 1184 46.62 69.59 -18.07
C VAL K 1184 45.35 68.81 -18.31
N CYS K 1185 44.45 69.37 -19.08
CA CYS K 1185 43.19 68.71 -19.34
C CYS K 1185 43.35 67.79 -20.53
N GLU K 1186 42.82 66.58 -20.40
CA GLU K 1186 42.82 65.62 -21.48
C GLU K 1186 41.42 65.18 -21.86
N PHE K 1187 41.28 64.88 -23.14
CA PHE K 1187 39.99 64.71 -23.79
C PHE K 1187 39.91 63.29 -24.33
N ILE K 1188 38.94 62.53 -23.85
CA ILE K 1188 38.63 61.23 -24.41
C ILE K 1188 37.33 61.40 -25.18
N ALA K 1189 37.33 61.05 -26.46
CA ALA K 1189 36.15 61.33 -27.28
C ALA K 1189 35.13 60.26 -26.98
N THR K 1190 34.02 60.67 -26.38
CA THR K 1190 32.92 59.77 -26.04
C THR K 1190 31.75 59.98 -26.97
N PRO K 1191 30.75 59.12 -26.85
CA PRO K 1191 29.52 59.21 -27.60
C PRO K 1191 28.59 60.27 -26.98
N VAL K 1192 28.02 61.11 -27.79
CA VAL K 1192 27.19 62.16 -27.30
C VAL K 1192 26.12 61.48 -26.48
N ALA K 1193 25.66 60.31 -26.91
CA ALA K 1193 24.63 59.61 -26.15
C ALA K 1193 25.11 58.62 -25.08
N THR K 1194 25.92 59.10 -24.14
CA THR K 1194 26.36 58.36 -22.98
C THR K 1194 25.66 59.26 -22.01
N ASP K 1195 24.96 58.73 -21.03
CA ASP K 1195 24.22 59.58 -20.11
C ASP K 1195 25.09 60.38 -19.19
N ILE K 1196 24.59 61.51 -18.75
CA ILE K 1196 25.28 62.31 -17.82
C ILE K 1196 24.70 61.47 -16.75
N ASN K 1197 25.56 60.94 -15.95
CA ASN K 1197 25.09 60.07 -14.91
C ASN K 1197 26.16 59.14 -14.78
N TYR K 1198 26.74 58.71 -15.86
CA TYR K 1198 27.85 57.81 -15.69
C TYR K 1198 28.78 58.65 -14.84
N PHE K 1199 28.90 59.93 -15.18
CA PHE K 1199 29.66 60.95 -14.49
C PHE K 1199 28.67 61.27 -13.40
N ARG K 1200 28.91 62.21 -12.53
CA ARG K 1200 28.00 62.55 -11.41
C ARG K 1200 28.28 61.64 -10.26
N ARG K 1201 29.19 60.74 -10.49
CA ARG K 1201 29.62 59.70 -9.57
C ARG K 1201 31.08 59.40 -9.87
N PRO K 1202 31.85 58.80 -8.98
CA PRO K 1202 33.22 58.51 -9.42
C PRO K 1202 33.13 57.35 -10.35
N CYS K 1203 33.71 57.52 -11.50
CA CYS K 1203 33.68 56.58 -12.56
C CYS K 1203 35.01 56.53 -13.12
N ASN K 1204 35.38 55.50 -13.83
CA ASN K 1204 36.67 55.38 -14.48
C ASN K 1204 36.46 56.05 -15.81
N PRO K 1205 37.17 57.14 -16.15
CA PRO K 1205 36.95 57.83 -17.40
C PRO K 1205 37.50 57.11 -18.63
N ARG K 1206 37.51 55.78 -18.65
CA ARG K 1206 37.59 55.04 -19.89
C ARG K 1206 36.29 54.33 -20.22
N GLY K 1207 35.31 54.40 -19.35
CA GLY K 1207 34.02 53.84 -19.59
C GLY K 1207 33.77 52.49 -18.97
N ARG K 1208 34.79 51.78 -18.55
CA ARG K 1208 34.61 50.48 -17.94
C ARG K 1208 35.54 50.38 -16.75
N ALA K 1209 35.23 49.48 -15.82
CA ALA K 1209 36.04 49.32 -14.62
C ALA K 1209 37.35 48.63 -14.95
N ALA K 1210 38.46 49.25 -14.61
CA ALA K 1210 39.77 48.72 -14.94
C ALA K 1210 40.53 48.13 -13.77
N GLY K 1211 40.04 48.24 -12.55
CA GLY K 1211 40.87 47.93 -11.41
C GLY K 1211 41.18 46.45 -11.30
N GLY K 1212 42.32 46.15 -10.74
CA GLY K 1212 42.58 44.81 -10.27
C GLY K 1212 42.13 44.61 -8.85
N VAL K 1213 41.57 45.66 -8.26
CA VAL K 1213 40.87 45.55 -6.99
C VAL K 1213 39.59 44.77 -7.17
N TYR K 1214 39.05 44.80 -8.37
CA TYR K 1214 37.84 44.09 -8.73
C TYR K 1214 38.09 42.68 -9.17
N ALA K 1215 39.28 42.34 -9.51
CA ALA K 1215 39.63 41.09 -10.08
C ALA K 1215 39.33 39.90 -9.20
N GLY K 1216 39.17 38.73 -9.79
CA GLY K 1216 38.82 37.56 -9.02
C GLY K 1216 39.67 36.38 -8.64
N ASP K 1217 40.96 36.40 -8.90
CA ASP K 1217 41.87 35.31 -8.54
C ASP K 1217 42.07 34.18 -9.51
N LYS K 1218 41.39 34.21 -10.65
CA LYS K 1218 41.59 33.20 -11.64
C LYS K 1218 42.62 33.93 -12.37
N GLU K 1219 43.27 33.31 -13.33
CA GLU K 1219 44.31 34.00 -14.06
C GLU K 1219 43.61 34.65 -15.23
N GLY K 1220 43.89 35.92 -15.46
CA GLY K 1220 43.20 36.61 -16.51
C GLY K 1220 42.08 37.37 -15.90
N ASP K 1221 41.76 37.20 -14.62
CA ASP K 1221 40.75 38.09 -14.09
C ASP K 1221 40.94 39.54 -14.51
N VAL K 1222 42.11 40.12 -14.29
CA VAL K 1222 42.39 41.44 -14.82
C VAL K 1222 42.58 41.16 -16.30
N ILE K 1223 42.25 42.07 -17.16
CA ILE K 1223 42.39 41.91 -18.59
C ILE K 1223 41.24 41.18 -19.17
N ALA K 1224 40.43 40.64 -18.32
CA ALA K 1224 39.21 40.01 -18.74
C ALA K 1224 38.24 41.02 -18.25
N LEU K 1225 38.36 41.46 -17.03
CA LEU K 1225 37.53 42.46 -16.48
C LEU K 1225 37.76 43.72 -17.24
N MET K 1226 39.02 44.00 -17.50
CA MET K 1226 39.34 45.20 -18.16
C MET K 1226 38.95 45.34 -19.59
N TYR K 1227 39.22 44.30 -20.36
CA TYR K 1227 38.97 44.38 -21.78
C TYR K 1227 37.88 43.56 -22.33
N ASP K 1228 37.43 42.52 -21.63
CA ASP K 1228 36.38 41.69 -22.17
C ASP K 1228 35.09 42.46 -22.12
N HIS K 1229 34.52 42.58 -23.31
CA HIS K 1229 33.32 43.30 -23.57
C HIS K 1229 32.17 42.52 -23.92
N GLY K 1230 32.30 41.25 -23.78
CA GLY K 1230 31.21 40.36 -24.01
C GLY K 1230 30.63 39.98 -22.68
N GLN K 1231 31.05 40.65 -21.62
CA GLN K 1231 30.66 40.48 -20.25
C GLN K 1231 30.07 41.74 -19.86
N SER K 1232 29.90 41.93 -18.60
CA SER K 1232 29.33 43.12 -18.03
C SER K 1232 30.44 43.96 -17.39
N ASP K 1233 30.07 45.12 -16.91
CA ASP K 1233 31.01 46.06 -16.32
C ASP K 1233 30.99 45.86 -14.82
N PRO K 1234 32.09 45.60 -14.13
CA PRO K 1234 31.92 45.42 -12.70
C PRO K 1234 31.27 46.61 -12.02
N ALA K 1235 31.60 47.84 -12.39
CA ALA K 1235 30.99 48.98 -11.77
C ALA K 1235 29.50 49.10 -12.04
N ARG K 1236 29.13 48.99 -13.32
CA ARG K 1236 27.75 49.05 -13.76
C ARG K 1236 27.57 47.71 -14.40
N PRO K 1237 27.03 46.71 -13.60
CA PRO K 1237 26.98 45.39 -14.23
C PRO K 1237 26.06 45.26 -15.36
N PHE K 1238 25.13 46.18 -15.51
CA PHE K 1238 24.12 45.95 -16.52
C PHE K 1238 24.59 46.33 -17.92
N ALA K 1239 25.85 46.72 -18.08
CA ALA K 1239 26.39 47.23 -19.32
C ALA K 1239 27.79 46.71 -19.53
N ALA K 1240 28.26 46.72 -20.77
CA ALA K 1240 29.67 46.43 -21.04
C ALA K 1240 30.56 47.65 -20.91
N THR K 1241 30.13 48.81 -21.34
CA THR K 1241 30.92 50.01 -21.27
C THR K 1241 30.06 51.20 -21.28
N ALA K 1242 30.59 52.35 -20.89
CA ALA K 1242 29.95 53.62 -21.13
C ALA K 1242 30.48 54.26 -22.40
N ASN K 1243 31.79 54.39 -22.52
CA ASN K 1243 32.40 54.82 -23.75
C ASN K 1243 32.94 53.62 -24.50
N PRO K 1244 32.32 53.19 -25.60
CA PRO K 1244 32.87 52.06 -26.34
C PRO K 1244 34.17 52.36 -27.04
N TRP K 1245 34.48 53.63 -27.22
CA TRP K 1245 35.60 54.14 -27.97
C TRP K 1245 36.84 54.31 -27.12
N ALA K 1246 36.79 53.90 -25.87
CA ALA K 1246 37.91 54.01 -24.95
C ALA K 1246 38.16 52.68 -24.26
N SER K 1247 37.13 52.16 -23.61
CA SER K 1247 37.25 51.00 -22.75
C SER K 1247 37.73 49.74 -23.44
N GLN K 1248 37.70 49.68 -24.77
CA GLN K 1248 38.05 48.48 -25.50
C GLN K 1248 39.50 48.49 -25.95
N ARG K 1249 40.07 47.31 -26.04
CA ARG K 1249 41.42 47.17 -26.56
C ARG K 1249 41.47 47.58 -28.01
N PHE K 1250 42.36 48.48 -28.35
CA PHE K 1250 42.51 49.00 -29.68
C PHE K 1250 41.52 49.99 -30.15
N SER K 1251 40.69 50.50 -29.27
CA SER K 1251 39.64 51.44 -29.52
C SER K 1251 40.34 52.66 -29.69
N TYR K 1252 39.70 53.78 -30.05
CA TYR K 1252 40.41 55.00 -30.32
C TYR K 1252 41.18 55.48 -29.19
N GLY K 1253 40.53 55.45 -28.06
CA GLY K 1253 41.01 55.93 -26.79
C GLY K 1253 42.15 55.21 -26.27
N ASP K 1254 42.21 53.94 -26.50
CA ASP K 1254 43.29 53.07 -26.13
C ASP K 1254 44.51 53.40 -26.89
N LEU K 1255 44.40 53.66 -28.16
CA LEU K 1255 45.55 53.93 -29.01
C LEU K 1255 46.25 55.21 -28.60
N LEU K 1256 45.52 56.15 -28.04
CA LEU K 1256 46.10 57.42 -27.64
C LEU K 1256 46.80 57.32 -26.31
N TYR K 1257 46.04 57.04 -25.26
CA TYR K 1257 46.49 57.24 -23.91
C TYR K 1257 47.14 56.00 -23.29
N ASN K 1258 47.00 54.84 -23.90
CA ASN K 1258 47.75 53.70 -23.39
C ASN K 1258 49.22 53.91 -23.65
N GLY K 1259 50.01 53.78 -22.60
CA GLY K 1259 51.43 53.96 -22.71
C GLY K 1259 52.16 52.87 -23.45
N ALA K 1260 51.48 51.77 -23.77
CA ALA K 1260 52.15 50.69 -24.48
C ALA K 1260 52.41 51.05 -25.93
N TYR K 1261 51.59 51.94 -26.48
CA TYR K 1261 51.80 52.48 -27.81
C TYR K 1261 52.76 53.66 -27.81
N HIS K 1262 52.88 54.38 -26.73
CA HIS K 1262 53.76 55.50 -26.69
C HIS K 1262 53.62 56.49 -27.80
N LEU K 1263 52.40 56.84 -28.18
CA LEU K 1263 52.21 57.81 -29.22
C LEU K 1263 52.72 59.14 -28.78
N ASN K 1264 52.35 59.57 -27.59
CA ASN K 1264 52.76 60.88 -27.13
C ASN K 1264 53.74 60.31 -26.24
N GLY K 1265 54.13 60.98 -25.19
CA GLY K 1265 55.06 60.36 -24.29
C GLY K 1265 56.38 60.27 -24.99
N ALA K 1266 56.77 61.41 -25.53
CA ALA K 1266 58.03 61.61 -26.16
C ALA K 1266 57.97 63.06 -25.90
N SER K 1267 57.07 63.43 -25.00
CA SER K 1267 56.81 64.82 -24.67
C SER K 1267 56.85 64.98 -23.16
N PRO K 1268 57.26 66.14 -22.66
CA PRO K 1268 57.45 66.31 -21.22
C PRO K 1268 56.17 66.41 -20.42
N VAL K 1269 55.06 66.72 -21.03
CA VAL K 1269 53.86 67.07 -20.30
C VAL K 1269 53.16 65.80 -19.85
N LEU K 1270 52.55 65.86 -18.67
CA LEU K 1270 51.89 64.69 -18.10
C LEU K 1270 50.67 64.32 -18.91
N SER K 1271 50.31 63.03 -18.85
CA SER K 1271 49.02 62.54 -19.30
C SER K 1271 48.23 62.07 -18.11
N PRO K 1272 47.21 62.80 -17.65
CA PRO K 1272 46.34 62.26 -16.62
C PRO K 1272 45.75 60.91 -16.94
N CYS K 1273 45.51 60.63 -18.21
CA CYS K 1273 44.83 59.42 -18.67
C CYS K 1273 45.79 58.26 -18.84
N PHE K 1274 47.08 58.53 -18.80
CA PHE K 1274 48.06 57.46 -18.88
C PHE K 1274 47.87 56.49 -17.75
N LYS K 1275 47.27 56.90 -16.68
CA LYS K 1275 47.03 56.00 -15.59
C LYS K 1275 46.03 54.91 -15.87
N PHE K 1276 44.89 55.26 -16.43
CA PHE K 1276 43.77 54.40 -16.77
C PHE K 1276 43.80 53.47 -17.96
N PHE K 1277 44.21 53.99 -19.10
CA PHE K 1277 44.35 53.18 -20.26
C PHE K 1277 45.79 52.96 -20.12
N THR K 1278 46.16 51.77 -19.76
CA THR K 1278 47.56 51.37 -19.66
C THR K 1278 47.55 50.14 -18.72
N ALA K 1279 47.16 49.02 -19.33
CA ALA K 1279 46.91 47.71 -18.77
C ALA K 1279 48.01 46.97 -18.06
N ALA K 1280 49.18 47.24 -18.53
CA ALA K 1280 50.57 46.94 -18.23
C ALA K 1280 50.89 47.32 -16.79
N ASP K 1281 50.39 48.47 -16.34
CA ASP K 1281 50.47 48.83 -14.92
C ASP K 1281 49.36 48.20 -14.10
N ILE K 1282 48.18 48.03 -14.67
CA ILE K 1282 47.06 47.51 -13.90
C ILE K 1282 47.25 46.02 -13.65
N THR K 1283 47.66 45.27 -14.66
CA THR K 1283 47.83 43.85 -14.45
C THR K 1283 49.06 43.56 -13.60
N ALA K 1284 50.11 44.35 -13.75
CA ALA K 1284 51.33 44.08 -13.02
C ALA K 1284 51.18 44.27 -11.52
N LYS K 1285 50.17 45.01 -11.06
CA LYS K 1285 49.99 45.13 -9.63
C LYS K 1285 49.48 43.81 -9.07
N HIS K 1286 49.36 43.76 -7.75
CA HIS K 1286 48.76 42.60 -7.13
C HIS K 1286 47.36 42.97 -6.65
N ARG K 1287 46.64 41.96 -6.19
CA ARG K 1287 45.24 42.16 -5.89
C ARG K 1287 44.90 42.19 -4.40
N CYS K 1288 45.85 41.99 -3.49
CA CYS K 1288 45.48 41.86 -2.09
C CYS K 1288 45.33 43.23 -1.46
N LEU K 1289 44.20 43.45 -0.78
CA LEU K 1289 43.89 44.75 -0.23
C LEU K 1289 44.69 45.07 1.01
N GLU K 1290 45.26 44.08 1.66
CA GLU K 1290 46.02 44.40 2.83
C GLU K 1290 47.15 45.26 2.39
N ARG K 1291 47.82 44.85 1.33
CA ARG K 1291 48.94 45.56 0.74
C ARG K 1291 48.60 46.83 0.00
N LEU K 1292 47.53 46.79 -0.76
CA LEU K 1292 47.10 47.88 -1.61
C LEU K 1292 46.73 49.14 -0.87
N ILE K 1293 46.25 49.04 0.35
CA ILE K 1293 45.84 50.19 1.12
C ILE K 1293 47.03 50.87 1.78
N VAL K 1294 48.10 50.14 2.08
CA VAL K 1294 49.24 50.86 2.64
C VAL K 1294 49.98 51.60 1.54
N GLU K 1295 50.15 51.01 0.36
CA GLU K 1295 50.85 51.69 -0.71
C GLU K 1295 50.05 52.83 -1.30
N THR K 1296 48.78 52.94 -0.93
CA THR K 1296 47.99 54.09 -1.30
C THR K 1296 48.29 55.29 -0.44
N GLY K 1297 48.99 55.11 0.67
CA GLY K 1297 49.40 56.24 1.46
C GLY K 1297 50.60 56.93 0.85
N SER K 1298 51.50 56.17 0.29
CA SER K 1298 52.63 56.76 -0.34
C SER K 1298 52.98 56.28 -1.73
N ALA K 1299 52.11 56.54 -2.65
CA ALA K 1299 52.31 56.22 -4.01
C ALA K 1299 53.26 57.27 -4.50
N VAL K 1300 53.97 57.02 -5.59
CA VAL K 1300 54.87 57.98 -6.18
C VAL K 1300 54.06 58.71 -7.24
N SER K 1301 54.09 60.03 -7.24
CA SER K 1301 53.30 60.78 -8.15
C SER K 1301 53.78 60.66 -9.50
N THR K 1302 52.86 60.65 -10.44
CA THR K 1302 53.29 60.66 -11.83
C THR K 1302 53.65 62.05 -12.33
N ALA K 1303 53.52 63.07 -11.49
CA ALA K 1303 53.76 64.45 -11.86
C ALA K 1303 54.85 65.06 -10.98
N THR K 1304 55.14 66.32 -11.26
CA THR K 1304 55.96 67.15 -10.39
C THR K 1304 55.24 68.44 -10.12
N ALA K 1305 55.28 68.86 -8.86
CA ALA K 1305 54.78 70.16 -8.48
C ALA K 1305 55.81 71.25 -8.65
N ALA K 1306 56.98 70.92 -9.19
CA ALA K 1306 58.05 71.89 -9.32
C ALA K 1306 58.03 72.64 -10.63
N SER K 1307 57.16 72.27 -11.57
CA SER K 1307 57.21 72.85 -12.90
C SER K 1307 56.08 73.85 -13.11
N ASP K 1308 56.13 74.57 -14.23
CA ASP K 1308 55.11 75.58 -14.47
C ASP K 1308 53.82 74.91 -14.92
N VAL K 1309 53.85 74.32 -16.09
CA VAL K 1309 52.82 73.38 -16.50
C VAL K 1309 53.18 72.04 -15.91
N GLN K 1310 52.21 71.24 -15.52
CA GLN K 1310 52.59 70.04 -14.78
C GLN K 1310 53.26 69.06 -15.73
N PHE K 1311 54.46 68.65 -15.40
CA PHE K 1311 55.25 67.73 -16.22
C PHE K 1311 55.29 66.34 -15.68
N LYS K 1312 55.60 65.39 -16.55
CA LYS K 1312 55.75 64.01 -16.18
C LYS K 1312 56.94 64.06 -15.32
N ARG K 1313 57.01 63.19 -14.33
CA ARG K 1313 58.11 63.20 -13.41
C ARG K 1313 59.46 62.86 -14.01
N PRO K 1314 60.48 63.62 -13.62
CA PRO K 1314 61.84 63.32 -13.99
C PRO K 1314 62.49 62.34 -13.04
N PRO K 1315 63.69 61.84 -13.30
CA PRO K 1315 64.18 60.90 -12.28
C PRO K 1315 64.20 61.54 -10.88
N GLY K 1316 64.88 62.67 -10.75
CA GLY K 1316 64.87 63.47 -9.54
C GLY K 1316 64.97 62.76 -8.23
N CYS K 1317 64.26 63.37 -7.28
CA CYS K 1317 64.09 62.90 -5.93
C CYS K 1317 62.59 62.62 -6.00
N ARG K 1318 62.20 61.39 -5.69
CA ARG K 1318 60.83 60.91 -5.76
C ARG K 1318 59.82 61.62 -4.85
N GLU K 1319 58.60 61.84 -5.32
CA GLU K 1319 57.58 62.47 -4.50
C GLU K 1319 56.60 61.48 -4.08
N LEU K 1320 56.27 61.38 -2.81
CA LEU K 1320 55.33 60.37 -2.37
C LEU K 1320 54.07 61.05 -2.11
N VAL K 1321 53.15 60.84 -3.00
CA VAL K 1321 51.86 61.48 -2.91
C VAL K 1321 50.93 60.46 -2.29
N GLU K 1322 49.62 60.74 -2.25
CA GLU K 1322 48.68 59.82 -1.64
C GLU K 1322 47.85 59.08 -2.69
N ASP K 1323 47.09 59.77 -3.53
CA ASP K 1323 46.60 59.13 -4.75
C ASP K 1323 45.67 57.94 -4.58
N PRO K 1324 44.40 58.14 -4.27
CA PRO K 1324 43.44 57.05 -4.27
C PRO K 1324 43.09 56.56 -5.65
N CYS K 1325 43.33 57.36 -6.67
CA CYS K 1325 42.84 57.01 -7.99
C CYS K 1325 43.62 55.86 -8.60
N GLY K 1326 44.80 55.56 -8.09
CA GLY K 1326 45.50 54.37 -8.51
C GLY K 1326 44.99 53.11 -7.88
N LEU K 1327 44.21 53.22 -6.81
CA LEU K 1327 43.63 52.03 -6.20
C LEU K 1327 42.24 51.80 -6.75
N PHE K 1328 41.30 52.63 -6.32
CA PHE K 1328 39.91 52.52 -6.74
C PHE K 1328 39.78 52.64 -8.23
N GLN K 1329 40.81 53.17 -8.85
CA GLN K 1329 40.91 53.41 -10.29
C GLN K 1329 39.84 54.30 -10.87
N GLU K 1330 39.59 55.40 -10.20
CA GLU K 1330 38.55 56.28 -10.61
C GLU K 1330 38.89 57.73 -10.54
N ALA K 1331 38.13 58.52 -11.27
CA ALA K 1331 38.30 59.93 -11.32
C ALA K 1331 37.08 60.34 -10.58
N TYR K 1332 37.08 61.54 -10.02
CA TYR K 1332 35.98 62.06 -9.25
C TYR K 1332 35.44 63.28 -9.91
N PRO K 1333 34.06 63.43 -9.93
CA PRO K 1333 33.59 64.66 -10.57
C PRO K 1333 33.82 65.93 -9.75
N ILE K 1334 33.77 67.05 -10.44
CA ILE K 1334 33.84 68.40 -9.88
C ILE K 1334 32.54 69.08 -10.23
N THR K 1335 32.26 70.18 -9.55
CA THR K 1335 31.05 70.92 -9.90
C THR K 1335 31.32 71.65 -11.19
N CYS K 1336 30.58 71.29 -12.21
CA CYS K 1336 30.70 71.88 -13.52
C CYS K 1336 29.31 71.83 -14.13
N ALA K 1337 29.00 72.83 -14.91
CA ALA K 1337 27.75 72.89 -15.63
C ALA K 1337 28.08 73.16 -17.08
N SER K 1338 27.12 73.01 -17.95
CA SER K 1338 27.38 73.39 -19.31
C SER K 1338 26.87 74.85 -19.49
N ASP K 1339 26.20 75.37 -18.47
CA ASP K 1339 25.61 76.68 -18.49
C ASP K 1339 26.03 77.57 -17.32
N PRO K 1340 26.29 78.89 -17.63
CA PRO K 1340 26.66 79.72 -16.48
C PRO K 1340 25.57 79.84 -15.44
N ALA K 1341 24.33 79.66 -15.86
CA ALA K 1341 23.12 79.82 -15.10
C ALA K 1341 22.86 78.63 -14.19
N LEU K 1342 23.10 77.43 -14.68
CA LEU K 1342 22.97 76.29 -13.81
C LEU K 1342 24.03 76.35 -12.74
N LEU K 1343 25.23 76.77 -13.11
CA LEU K 1343 26.33 76.78 -12.15
C LEU K 1343 26.10 77.82 -11.06
N ARG K 1344 25.54 78.98 -11.42
CA ARG K 1344 25.12 79.94 -10.42
C ARG K 1344 24.11 79.34 -9.46
N SER K 1345 23.28 78.40 -9.93
CA SER K 1345 22.32 77.76 -9.06
C SER K 1345 23.03 76.93 -8.00
N ALA K 1346 24.08 76.29 -8.42
CA ALA K 1346 24.88 75.46 -7.58
C ALA K 1346 25.85 76.15 -6.72
N ARG K 1347 25.91 77.49 -6.75
CA ARG K 1347 26.88 78.21 -5.95
C ARG K 1347 26.58 77.88 -4.58
N ASP K 1348 25.29 77.87 -4.28
CA ASP K 1348 24.68 77.63 -2.99
C ASP K 1348 24.88 76.29 -2.25
N GLY K 1349 24.67 75.16 -2.89
CA GLY K 1349 24.82 73.86 -2.25
C GLY K 1349 24.20 72.89 -3.19
N GLU K 1350 24.13 71.61 -2.90
CA GLU K 1350 23.54 70.76 -3.93
C GLU K 1350 22.06 70.54 -3.79
N ALA K 1351 21.45 71.11 -2.77
CA ALA K 1351 20.03 70.95 -2.59
C ALA K 1351 19.23 71.69 -3.66
N HIS K 1352 19.62 72.93 -3.92
CA HIS K 1352 18.91 73.75 -4.89
C HIS K 1352 19.56 73.97 -6.26
N ALA K 1353 20.56 73.17 -6.56
CA ALA K 1353 21.19 73.26 -7.82
C ALA K 1353 20.24 72.73 -8.88
N ARG K 1354 20.18 73.40 -10.04
CA ARG K 1354 19.45 72.92 -11.20
C ARG K 1354 20.31 71.88 -11.86
N GLU K 1355 19.86 70.66 -11.83
CA GLU K 1355 20.64 69.56 -12.37
C GLU K 1355 20.41 69.37 -13.86
N THR K 1356 19.31 69.87 -14.40
CA THR K 1356 19.05 69.85 -15.82
C THR K 1356 18.15 71.02 -16.18
N HIS K 1357 18.45 71.66 -17.31
CA HIS K 1357 17.51 72.56 -17.94
C HIS K 1357 17.59 72.33 -19.44
N PHE K 1358 16.56 71.73 -20.03
CA PHE K 1358 16.54 71.40 -21.46
C PHE K 1358 17.76 70.56 -21.76
N THR K 1359 18.62 70.94 -22.69
CA THR K 1359 19.79 70.15 -23.03
C THR K 1359 20.99 70.50 -22.18
N GLN K 1360 20.80 71.37 -21.22
CA GLN K 1360 21.85 71.87 -20.36
C GLN K 1360 21.86 71.05 -19.09
N TYR K 1361 23.04 70.74 -18.59
CA TYR K 1361 23.17 69.85 -17.46
C TYR K 1361 24.15 70.43 -16.46
N LEU K 1362 23.97 70.03 -15.22
CA LEU K 1362 24.86 70.39 -14.13
C LEU K 1362 25.30 69.14 -13.43
N ILE K 1363 26.56 69.08 -13.07
CA ILE K 1363 27.13 67.97 -12.33
C ILE K 1363 27.66 68.52 -11.03
N TYR K 1364 27.01 68.16 -9.94
CA TYR K 1364 27.57 68.64 -8.69
C TYR K 1364 28.71 67.72 -8.26
N ASP K 1365 29.43 68.13 -7.22
CA ASP K 1365 30.73 67.61 -6.86
C ASP K 1365 30.60 66.33 -6.04
N ALA K 1366 31.38 65.32 -6.40
CA ALA K 1366 31.51 64.11 -5.59
C ALA K 1366 32.98 63.76 -5.55
N SER K 1367 33.59 63.88 -4.40
CA SER K 1367 35.04 63.94 -4.36
C SER K 1367 35.50 63.99 -2.91
N PRO K 1368 36.74 63.58 -2.60
CA PRO K 1368 37.21 63.71 -1.23
C PRO K 1368 37.19 65.11 -0.69
N LEU K 1369 37.05 66.10 -1.54
CA LEU K 1369 37.04 67.50 -1.20
C LEU K 1369 35.66 68.05 -0.99
N LYS K 1370 34.61 67.26 -1.19
CA LYS K 1370 33.27 67.78 -0.99
C LYS K 1370 33.04 67.99 0.49
N GLY K 1371 32.58 69.17 0.84
CA GLY K 1371 32.44 69.54 2.22
C GLY K 1371 33.56 70.42 2.73
N LEU K 1372 34.71 70.39 2.09
CA LEU K 1372 35.75 71.34 2.42
C LEU K 1372 35.44 72.66 1.74
N SER K 1373 36.27 73.66 2.03
CA SER K 1373 35.97 75.04 1.67
C SER K 1373 36.54 75.39 0.30
N LEU K 1374 37.87 75.32 0.18
CA LEU K 1374 38.61 75.57 -1.06
C LEU K 1374 37.86 75.18 -2.34
N ARG L 6 76.69 21.55 -8.57
CA ARG L 6 76.42 21.27 -7.16
C ARG L 6 76.84 22.43 -6.27
N ASP L 7 77.65 23.36 -6.82
CA ASP L 7 78.06 24.59 -6.15
C ASP L 7 78.65 24.30 -4.77
N PRO L 8 79.88 23.77 -4.73
CA PRO L 8 80.45 23.27 -3.46
C PRO L 8 80.43 24.34 -2.39
N PRO L 9 80.11 23.96 -1.15
CA PRO L 9 80.18 24.91 -0.04
C PRO L 9 81.63 25.34 0.17
N GLY L 10 81.83 26.64 0.35
CA GLY L 10 83.16 27.20 0.31
C GLY L 10 84.05 26.70 1.42
N TYR L 11 85.34 26.88 1.21
CA TYR L 11 86.32 26.62 2.25
C TYR L 11 86.10 27.60 3.38
N ARG L 12 86.19 27.11 4.59
CA ARG L 12 85.97 27.91 5.77
C ARG L 12 87.32 28.28 6.35
N TYR L 13 87.82 29.46 6.00
CA TYR L 13 89.12 29.93 6.44
C TYR L 13 88.69 30.21 7.80
N ALA L 14 89.57 30.38 8.76
CA ALA L 14 89.16 30.70 10.13
C ALA L 14 88.80 29.54 11.02
N ALA L 15 88.74 28.36 10.46
CA ALA L 15 88.49 27.15 11.20
C ALA L 15 89.83 26.57 11.05
N ALA L 16 90.44 26.93 9.94
CA ALA L 16 91.80 26.51 9.68
C ALA L 16 92.79 27.39 10.41
N MET L 17 92.31 28.40 11.12
CA MET L 17 93.16 29.24 11.94
C MET L 17 93.70 28.47 13.14
N VAL L 18 93.21 27.27 13.39
CA VAL L 18 93.71 26.40 14.45
C VAL L 18 93.74 24.97 13.94
N PRO L 19 94.64 24.64 13.03
CA PRO L 19 94.55 23.34 12.35
C PRO L 19 94.67 22.20 13.34
N THR L 20 94.05 21.08 12.99
CA THR L 20 94.03 19.92 13.85
C THR L 20 95.16 18.95 13.56
N GLY L 21 96.00 19.24 12.58
CA GLY L 21 97.04 18.32 12.22
C GLY L 21 97.85 18.87 11.08
N SER L 22 98.80 18.06 10.61
CA SER L 22 99.71 18.46 9.57
C SER L 22 99.58 17.52 8.39
N ILE L 23 99.82 18.04 7.20
CA ILE L 23 99.92 17.25 5.99
C ILE L 23 101.39 16.94 5.77
N LEU L 24 101.72 15.68 5.64
CA LEU L 24 103.12 15.30 5.50
C LEU L 24 103.58 15.23 4.04
N SER L 25 102.67 15.29 3.08
CA SER L 25 103.07 15.36 1.68
C SER L 25 103.46 16.78 1.31
N THR L 26 104.32 16.89 0.31
CA THR L 26 104.49 18.13 -0.44
C THR L 26 104.35 17.78 -1.91
N ILE L 27 103.26 18.22 -2.52
CA ILE L 27 102.98 17.95 -3.91
C ILE L 27 102.16 19.11 -4.45
N GLU L 28 102.29 19.36 -5.75
CA GLU L 28 101.35 20.25 -6.38
C GLU L 28 100.02 19.53 -6.45
N VAL L 29 99.00 20.07 -5.80
CA VAL L 29 97.72 19.40 -5.69
C VAL L 29 96.80 19.57 -6.86
N ALA L 30 97.21 20.34 -7.82
CA ALA L 30 96.40 20.57 -8.99
C ALA L 30 96.16 19.32 -9.76
N SER L 31 97.14 18.44 -9.82
CA SER L 31 97.00 17.21 -10.58
C SER L 31 95.86 16.41 -10.07
N HIS L 32 95.74 16.36 -8.75
CA HIS L 32 94.76 15.57 -8.07
C HIS L 32 93.52 16.30 -7.86
N ARG L 33 93.48 17.46 -8.44
CA ARG L 33 92.38 18.40 -8.32
C ARG L 33 91.04 17.75 -8.07
N ARG L 34 90.68 16.80 -8.91
CA ARG L 34 89.29 16.38 -8.97
C ARG L 34 88.84 15.65 -7.72
N LEU L 35 89.76 15.17 -6.89
CA LEU L 35 89.35 14.33 -5.78
C LEU L 35 88.87 15.14 -4.59
N PHE L 36 88.76 16.45 -4.76
CA PHE L 36 88.28 17.34 -3.73
C PHE L 36 86.94 17.93 -4.12
N ASP L 37 86.13 18.24 -3.12
CA ASP L 37 84.82 18.82 -3.37
C ASP L 37 84.92 20.30 -3.68
N PHE L 38 85.76 21.00 -2.95
CA PHE L 38 86.08 22.39 -3.18
C PHE L 38 87.59 22.50 -3.29
N PHE L 39 88.05 23.39 -4.17
CA PHE L 39 89.47 23.61 -4.30
C PHE L 39 89.66 25.01 -4.84
N ALA L 40 90.71 25.67 -4.40
CA ALA L 40 91.09 26.97 -4.93
C ALA L 40 92.56 26.92 -5.28
N ARG L 41 92.99 27.76 -6.18
CA ARG L 41 94.41 28.02 -6.32
C ARG L 41 94.58 29.52 -6.16
N VAL L 42 95.15 29.93 -5.03
CA VAL L 42 95.30 31.34 -4.71
C VAL L 42 96.75 31.70 -4.95
N ARG L 43 97.01 32.76 -5.68
CA ARG L 43 98.39 33.10 -5.91
C ARG L 43 98.70 34.27 -5.03
N SER L 44 99.63 34.10 -4.12
CA SER L 44 99.90 35.15 -3.19
C SER L 44 98.53 35.27 -2.53
N ASP L 45 98.00 36.48 -2.38
CA ASP L 45 96.74 36.72 -1.69
C ASP L 45 95.51 37.06 -2.52
N GLU L 46 94.29 36.63 -2.11
CA GLU L 46 93.07 37.02 -2.79
C GLU L 46 92.23 37.82 -1.82
N ASN L 47 91.40 38.70 -2.35
CA ASN L 47 90.54 39.53 -1.52
C ASN L 47 89.57 38.68 -0.72
N SER L 48 89.24 37.50 -1.23
CA SER L 48 88.16 36.69 -0.69
C SER L 48 88.55 35.92 0.56
N LEU L 49 89.79 35.99 0.99
CA LEU L 49 90.19 35.34 2.23
C LEU L 49 89.91 36.18 3.46
N TYR L 50 89.67 37.47 3.29
CA TYR L 50 89.34 38.35 4.39
C TYR L 50 87.85 38.61 4.48
N ASP L 51 87.05 37.93 3.68
CA ASP L 51 85.61 38.09 3.78
C ASP L 51 85.14 37.49 5.09
N VAL L 52 84.52 38.33 5.91
CA VAL L 52 83.74 37.89 7.04
C VAL L 52 82.40 38.61 6.91
N GLU L 53 81.35 37.86 6.64
CA GLU L 53 80.02 38.42 6.56
C GLU L 53 79.11 37.44 7.27
N PHE L 54 78.48 37.88 8.35
CA PHE L 54 77.68 36.95 9.11
C PHE L 54 76.22 37.14 8.74
N ASP L 55 75.37 36.27 9.27
CA ASP L 55 73.95 36.31 9.02
C ASP L 55 73.29 36.30 10.35
N ALA L 56 72.76 37.42 10.77
CA ALA L 56 72.18 37.57 12.06
C ALA L 56 70.77 37.14 12.26
N LEU L 57 70.42 36.64 13.44
CA LEU L 57 69.05 36.39 13.76
C LEU L 57 68.93 37.50 14.78
N LEU L 58 68.02 38.43 14.61
CA LEU L 58 67.90 39.55 15.51
C LEU L 58 66.81 39.54 16.57
N GLY L 59 66.19 38.41 16.78
CA GLY L 59 65.21 38.18 17.81
C GLY L 59 64.27 37.06 17.47
N SER L 60 63.59 36.57 18.51
CA SER L 60 62.57 35.54 18.39
C SER L 60 61.42 35.95 19.28
N TYR L 61 60.24 36.16 18.71
CA TYR L 61 59.09 36.56 19.49
C TYR L 61 58.02 35.49 19.39
N CYS L 62 57.22 35.37 20.43
CA CYS L 62 56.11 34.45 20.47
C CYS L 62 55.03 35.03 21.36
N ASN L 63 53.79 34.71 21.06
CA ASN L 63 52.70 35.16 21.92
C ASN L 63 52.28 34.04 22.87
N THR L 64 51.85 34.43 24.06
CA THR L 64 51.12 33.53 24.91
C THR L 64 49.69 33.49 24.46
N LEU L 65 49.22 32.29 24.11
CA LEU L 65 47.79 32.10 23.90
C LEU L 65 47.13 32.13 25.26
N SER L 66 46.22 33.06 25.45
CA SER L 66 45.62 33.17 26.77
C SER L 66 44.40 32.27 26.85
N LEU L 67 43.95 32.01 28.05
CA LEU L 67 42.85 31.11 28.23
C LEU L 67 41.69 31.76 28.94
N VAL L 68 40.50 31.67 28.37
CA VAL L 68 39.34 32.26 28.97
C VAL L 68 38.52 31.21 29.66
N ARG L 69 38.17 31.43 30.93
CA ARG L 69 37.35 30.54 31.73
C ARG L 69 35.85 30.27 31.46
N PHE L 70 35.12 31.33 31.23
CA PHE L 70 33.68 31.35 31.01
C PHE L 70 32.94 31.43 32.30
N LEU L 71 33.63 31.34 33.40
CA LEU L 71 32.98 31.44 34.67
C LEU L 71 33.32 32.81 35.19
N GLU L 72 34.14 33.55 34.46
CA GLU L 72 34.62 34.83 34.81
C GLU L 72 34.34 35.60 33.57
N LEU L 73 33.11 35.98 33.43
CA LEU L 73 32.45 36.55 32.26
C LEU L 73 31.12 37.08 32.73
N GLY L 74 30.40 37.78 31.86
CA GLY L 74 29.02 38.09 32.16
C GLY L 74 28.06 36.96 31.85
N LEU L 75 28.22 36.32 30.69
CA LEU L 75 27.25 35.35 30.20
C LEU L 75 26.94 34.26 31.21
N SER L 76 27.84 34.00 32.13
CA SER L 76 27.65 32.91 33.06
C SER L 76 26.53 33.15 34.04
N VAL L 77 26.02 34.38 34.12
CA VAL L 77 24.83 34.59 34.93
C VAL L 77 23.62 34.05 34.22
N ALA L 78 23.63 34.07 32.90
CA ALA L 78 22.48 33.70 32.10
C ALA L 78 22.18 32.23 32.17
N CYS L 79 22.98 31.43 32.88
CA CYS L 79 22.79 29.99 32.90
C CYS L 79 23.08 29.46 34.29
N VAL L 80 22.50 28.32 34.61
CA VAL L 80 22.84 27.58 35.83
C VAL L 80 23.67 26.40 35.36
N CYS L 81 24.98 26.46 35.50
CA CYS L 81 25.80 25.40 34.95
C CYS L 81 26.06 24.35 36.01
N THR L 82 26.11 23.10 35.58
CA THR L 82 26.34 22.01 36.50
C THR L 82 27.00 20.87 35.75
N LYS L 83 27.83 20.09 36.44
CA LYS L 83 28.54 19.01 35.81
C LYS L 83 27.85 17.70 36.10
N PHE L 84 27.20 17.13 35.11
CA PHE L 84 26.49 15.91 35.23
C PHE L 84 27.36 15.05 34.42
N PRO L 85 28.35 14.34 35.11
CA PRO L 85 29.26 13.57 34.27
C PRO L 85 28.71 12.34 33.60
N GLU L 86 27.50 12.00 33.99
CA GLU L 86 26.80 10.82 33.54
C GLU L 86 25.80 10.99 32.46
N LEU L 87 25.64 12.16 31.88
CA LEU L 87 24.71 12.34 30.78
C LEU L 87 25.68 11.93 29.82
N ALA L 88 25.38 10.89 29.12
CA ALA L 88 26.26 10.18 28.24
C ALA L 88 25.72 8.79 28.28
N TYR L 89 25.28 8.37 29.45
CA TYR L 89 24.63 7.15 29.69
C TYR L 89 23.20 7.43 29.76
N MET L 90 22.77 8.66 29.54
CA MET L 90 21.37 9.04 29.67
C MET L 90 20.63 9.10 28.38
N ASN L 91 19.31 8.90 28.40
CA ASN L 91 18.51 9.00 27.19
C ASN L 91 17.76 10.33 27.21
N GLU L 92 16.79 10.48 28.11
CA GLU L 92 15.98 11.68 28.19
C GLU L 92 16.27 12.39 29.51
N GLY L 93 15.99 13.69 29.53
CA GLY L 93 16.04 14.44 30.77
C GLY L 93 14.98 15.51 30.71
N ARG L 94 14.51 15.92 31.89
CA ARG L 94 13.25 16.62 31.99
C ARG L 94 13.24 17.56 33.18
N VAL L 95 12.25 18.45 33.17
CA VAL L 95 12.05 19.46 34.20
C VAL L 95 10.54 19.65 34.37
N GLN L 96 10.06 19.74 35.62
CA GLN L 96 8.62 19.62 35.89
C GLN L 96 7.81 20.90 35.68
N PHE L 97 8.19 22.02 36.28
CA PHE L 97 7.40 23.26 36.10
C PHE L 97 5.91 23.25 36.41
N GLU L 98 5.49 23.31 37.67
CA GLU L 98 4.07 23.49 38.00
C GLU L 98 3.81 24.94 38.42
N VAL L 99 3.06 25.69 37.62
CA VAL L 99 2.76 27.08 37.92
C VAL L 99 1.27 27.24 38.17
N HIS L 100 0.93 27.78 39.34
CA HIS L 100 -0.44 27.90 39.83
C HIS L 100 -0.87 29.35 39.73
N GLN L 101 -2.11 29.58 39.33
CA GLN L 101 -2.57 30.91 38.98
C GLN L 101 -3.64 31.45 39.92
N PRO L 102 -3.74 32.77 40.06
CA PRO L 102 -4.70 33.33 41.00
C PRO L 102 -6.06 33.58 40.39
N LEU L 103 -6.99 34.11 41.19
CA LEU L 103 -8.34 34.43 40.75
C LEU L 103 -8.67 35.86 41.08
N ILE L 104 -9.86 36.27 40.64
CA ILE L 104 -10.54 37.41 41.19
C ILE L 104 -12.01 37.02 41.31
N ALA L 105 -12.55 37.10 42.51
CA ALA L 105 -13.98 36.90 42.70
C ALA L 105 -14.70 38.13 42.22
N ARG L 106 -15.60 37.98 41.26
CA ARG L 106 -16.25 39.14 40.72
C ARG L 106 -17.75 38.92 40.55
N ASP L 107 -18.47 40.03 40.55
CA ASP L 107 -19.91 40.07 40.68
C ASP L 107 -20.57 39.95 39.32
N GLY L 108 -21.90 39.99 39.33
CA GLY L 108 -22.67 40.31 38.17
C GLY L 108 -22.81 39.15 37.22
N PRO L 109 -23.17 39.49 35.99
CA PRO L 109 -23.38 38.50 34.95
C PRO L 109 -22.06 38.15 34.35
N HIS L 110 -21.24 37.50 35.15
CA HIS L 110 -19.92 37.07 34.75
C HIS L 110 -19.87 35.59 34.98
N PRO L 111 -18.98 34.88 34.18
CA PRO L 111 -19.03 33.41 34.38
C PRO L 111 -18.74 32.70 35.71
N VAL L 112 -17.71 33.01 36.45
CA VAL L 112 -17.33 32.35 37.71
C VAL L 112 -15.99 31.63 37.54
N GLU L 113 -15.06 32.10 38.34
CA GLU L 113 -13.69 31.69 38.36
C GLU L 113 -13.34 30.39 39.04
N GLN L 114 -12.31 29.72 38.60
CA GLN L 114 -12.00 28.48 39.21
C GLN L 114 -10.53 28.56 39.16
N PRO L 115 -9.83 28.00 40.21
CA PRO L 115 -8.39 28.13 40.12
C PRO L 115 -7.81 27.34 38.98
N VAL L 116 -6.73 27.81 38.39
CA VAL L 116 -6.13 27.07 37.28
C VAL L 116 -4.71 26.70 37.59
N HIS L 117 -4.38 25.44 37.36
CA HIS L 117 -3.09 24.92 37.60
C HIS L 117 -2.55 24.35 36.37
N ASN L 118 -1.45 24.88 35.85
CA ASN L 118 -0.82 24.29 34.66
C ASN L 118 0.42 23.56 35.02
N TYR L 119 0.58 22.37 34.48
CA TYR L 119 1.68 21.46 34.74
C TYR L 119 2.29 21.18 33.46
N MET L 120 3.59 21.33 33.34
CA MET L 120 4.24 21.03 32.11
C MET L 120 5.65 20.59 32.23
N THR L 121 6.07 19.57 31.52
CA THR L 121 7.46 19.11 31.44
C THR L 121 8.14 19.57 30.17
N LYS L 122 9.46 19.77 30.25
CA LYS L 122 10.34 20.06 29.12
C LYS L 122 11.42 19.00 29.01
N VAL L 123 12.07 18.95 27.85
CA VAL L 123 13.09 17.95 27.55
C VAL L 123 14.43 18.64 27.31
N ILE L 124 15.51 17.95 27.66
CA ILE L 124 16.86 18.47 27.59
C ILE L 124 17.41 18.31 26.18
N ASP L 125 18.01 19.37 25.66
CA ASP L 125 18.52 19.39 24.29
C ASP L 125 19.99 18.99 24.28
N ARG L 126 20.27 17.83 23.70
CA ARG L 126 21.59 17.21 23.76
C ARG L 126 22.43 17.61 22.56
N ARG L 127 23.60 18.17 22.82
CA ARG L 127 24.63 18.36 21.81
C ARG L 127 25.92 17.71 22.29
N ALA L 128 26.95 17.79 21.46
CA ALA L 128 28.30 17.45 21.87
C ALA L 128 29.27 18.40 21.20
N LEU L 129 30.09 19.07 21.99
CA LEU L 129 31.16 19.91 21.48
C LEU L 129 32.40 19.06 21.32
N ASN L 130 33.16 19.31 20.26
CA ASN L 130 34.37 18.52 20.11
C ASN L 130 35.45 19.30 19.37
N ALA L 131 36.68 19.01 19.76
CA ALA L 131 37.88 19.60 19.19
C ALA L 131 38.91 18.50 19.04
N ALA L 132 39.91 18.74 18.21
CA ALA L 132 40.94 17.73 18.01
C ALA L 132 42.30 18.40 17.96
N PHE L 133 43.31 17.66 18.40
CA PHE L 133 44.69 18.00 18.12
C PHE L 133 45.34 16.75 17.55
N SER L 134 46.66 16.76 17.42
CA SER L 134 47.28 15.69 16.66
C SER L 134 48.79 15.77 16.83
N LEU L 135 49.43 14.64 16.57
CA LEU L 135 50.86 14.47 16.77
C LEU L 135 51.47 14.01 15.46
N ALA L 136 52.65 14.52 15.13
CA ALA L 136 53.27 14.04 13.93
C ALA L 136 53.74 12.61 14.15
N THR L 137 54.24 11.98 13.09
CA THR L 137 54.68 10.62 13.26
C THR L 137 56.02 10.53 13.96
N GLU L 138 56.75 11.63 13.89
CA GLU L 138 58.02 11.81 14.54
C GLU L 138 57.88 11.97 16.03
N ALA L 139 56.86 12.72 16.42
CA ALA L 139 56.61 12.98 17.83
C ALA L 139 56.30 11.69 18.55
N ILE L 140 55.52 10.83 17.93
CA ILE L 140 55.24 9.55 18.49
C ILE L 140 56.60 8.87 18.38
N ALA L 141 56.92 7.97 19.29
CA ALA L 141 58.17 7.22 19.18
C ALA L 141 59.36 8.00 19.58
N LEU L 142 59.14 9.21 20.05
CA LEU L 142 60.23 10.02 20.48
C LEU L 142 59.84 10.20 21.90
N LEU L 143 58.54 10.32 22.11
CA LEU L 143 57.96 10.52 23.42
C LEU L 143 57.82 9.22 24.20
N THR L 144 57.52 8.11 23.53
CA THR L 144 57.46 6.83 24.22
C THR L 144 58.83 6.43 24.77
N GLY L 145 59.89 6.92 24.14
CA GLY L 145 61.22 6.43 24.38
C GLY L 145 61.73 5.51 23.30
N GLU L 146 60.98 5.34 22.22
CA GLU L 146 61.36 4.38 21.19
C GLU L 146 62.65 4.80 20.49
N ALA L 147 62.67 5.98 19.91
CA ALA L 147 63.90 6.46 19.27
C ALA L 147 64.54 7.44 20.23
N LEU L 148 65.46 6.93 21.03
CA LEU L 148 66.36 7.72 21.86
C LEU L 148 67.70 7.02 21.80
N ASP L 149 68.71 7.71 21.28
CA ASP L 149 70.01 7.10 21.09
C ASP L 149 70.91 7.29 22.28
N GLY L 150 70.41 7.85 23.37
CA GLY L 150 71.28 8.13 24.49
C GLY L 150 72.31 9.20 24.16
N THR L 151 71.88 10.22 23.41
CA THR L 151 72.77 11.29 23.00
C THR L 151 72.06 12.62 23.21
N GLY L 152 72.82 13.70 23.16
CA GLY L 152 72.25 15.01 23.40
C GLY L 152 71.23 15.39 22.34
N ILE L 153 71.45 14.96 21.11
CA ILE L 153 70.55 15.33 20.02
C ILE L 153 69.24 14.61 20.14
N SER L 154 69.24 13.36 20.59
CA SER L 154 68.02 12.57 20.62
C SER L 154 67.13 12.92 21.79
N LEU L 155 67.57 13.87 22.62
CA LEU L 155 66.78 14.40 23.71
C LEU L 155 66.11 15.72 23.32
N HIS L 156 66.90 16.74 22.95
CA HIS L 156 66.33 18.00 22.48
C HIS L 156 65.29 17.81 21.40
N ARG L 157 65.36 16.70 20.65
CA ARG L 157 64.21 16.26 19.88
C ARG L 157 63.03 16.15 20.83
N GLN L 158 63.11 15.16 21.72
CA GLN L 158 62.02 14.88 22.65
C GLN L 158 61.55 16.14 23.35
N LEU L 159 62.48 16.94 23.83
CA LEU L 159 62.12 18.19 24.46
C LEU L 159 61.25 19.04 23.57
N ARG L 160 61.57 19.08 22.29
CA ARG L 160 60.80 19.87 21.33
C ARG L 160 59.47 19.23 21.01
N ALA L 161 59.34 17.91 21.19
CA ALA L 161 58.08 17.19 21.01
C ALA L 161 57.19 17.37 22.22
N ILE L 162 57.68 17.02 23.41
CA ILE L 162 56.96 17.33 24.64
C ILE L 162 56.43 18.74 24.60
N GLN L 163 57.21 19.68 24.07
CA GLN L 163 56.80 21.06 24.11
C GLN L 163 55.70 21.40 23.11
N GLN L 164 55.67 20.80 21.94
CA GLN L 164 54.53 21.06 21.06
C GLN L 164 53.27 20.44 21.61
N LEU L 165 53.35 19.19 22.10
CA LEU L 165 52.20 18.51 22.67
C LEU L 165 51.52 19.38 23.73
N ALA L 166 52.30 19.82 24.72
CA ALA L 166 51.76 20.67 25.77
C ALA L 166 51.12 21.92 25.20
N ARG L 167 51.56 22.34 24.03
CA ARG L 167 51.06 23.56 23.42
C ARG L 167 49.73 23.31 22.73
N ASN L 168 49.53 22.13 22.17
CA ASN L 168 48.25 21.75 21.60
C ASN L 168 47.26 21.33 22.67
N VAL L 169 47.67 20.45 23.58
CA VAL L 169 46.77 20.01 24.65
C VAL L 169 46.19 21.21 25.37
N GLN L 170 46.97 22.25 25.53
CA GLN L 170 46.49 23.45 26.19
C GLN L 170 45.55 24.25 25.30
N ALA L 171 45.70 24.14 24.00
CA ALA L 171 44.85 24.90 23.09
C ALA L 171 43.47 24.27 22.95
N VAL L 172 43.40 22.94 23.01
CA VAL L 172 42.11 22.27 22.86
C VAL L 172 41.32 22.31 24.15
N LEU L 173 41.97 22.28 25.30
CA LEU L 173 41.23 22.33 26.55
C LEU L 173 40.61 23.71 26.75
N GLY L 174 41.34 24.75 26.40
CA GLY L 174 40.74 26.06 26.41
C GLY L 174 39.77 26.33 25.30
N ALA L 175 39.61 25.37 24.38
CA ALA L 175 38.61 25.51 23.34
C ALA L 175 37.23 25.21 23.87
N PHE L 176 37.14 24.22 24.76
CA PHE L 176 35.87 23.93 25.41
C PHE L 176 35.46 25.04 26.34
N GLU L 177 36.41 25.80 26.88
CA GLU L 177 36.03 26.92 27.71
C GLU L 177 35.43 28.04 26.87
N ARG L 178 35.84 28.17 25.62
CA ARG L 178 35.20 29.07 24.68
C ARG L 178 34.08 28.42 23.91
N GLY L 179 34.05 27.09 23.89
CA GLY L 179 32.94 26.44 23.24
C GLY L 179 31.66 26.62 23.99
N THR L 180 31.74 26.87 25.30
CA THR L 180 30.56 27.10 26.11
C THR L 180 30.05 28.51 25.97
N ALA L 181 30.93 29.47 25.71
CA ALA L 181 30.45 30.81 25.41
C ALA L 181 29.79 30.86 24.05
N ASP L 182 30.49 30.39 23.02
CA ASP L 182 29.90 30.30 21.69
C ASP L 182 28.64 29.46 21.70
N GLN L 183 28.61 28.40 22.50
CA GLN L 183 27.42 27.56 22.59
C GLN L 183 26.30 28.32 23.26
N MET L 184 26.59 28.98 24.37
CA MET L 184 25.58 29.75 25.09
C MET L 184 24.89 30.77 24.21
N LEU L 185 25.66 31.51 23.41
CA LEU L 185 25.03 32.52 22.58
C LEU L 185 24.02 31.92 21.64
N HIS L 186 24.28 30.74 21.13
CA HIS L 186 23.36 30.20 20.14
C HIS L 186 22.06 29.75 20.77
N VAL L 187 22.07 29.32 22.03
CA VAL L 187 20.81 28.93 22.64
C VAL L 187 20.07 30.14 23.16
N LEU L 188 20.76 31.23 23.46
CA LEU L 188 20.09 32.46 23.82
C LEU L 188 19.57 33.16 22.58
N LEU L 189 20.29 33.09 21.48
CA LEU L 189 19.78 33.66 20.25
C LEU L 189 18.70 32.80 19.62
N GLU L 190 18.66 31.53 19.91
CA GLU L 190 17.64 30.70 19.34
C GLU L 190 16.27 31.07 19.82
N LYS L 191 16.13 31.49 21.05
CA LYS L 191 14.86 31.86 21.62
C LYS L 191 14.57 33.33 21.85
N ALA L 192 15.42 34.25 21.46
CA ALA L 192 15.15 35.65 21.66
C ALA L 192 14.26 36.18 20.56
N PRO L 193 13.02 36.69 20.91
CA PRO L 193 12.24 37.24 19.81
C PRO L 193 12.71 38.63 19.50
N PRO L 194 12.70 39.17 18.30
CA PRO L 194 13.05 40.57 18.16
C PRO L 194 12.25 41.44 19.10
N LEU L 195 12.92 42.46 19.63
CA LEU L 195 12.25 43.39 20.52
C LEU L 195 11.11 44.07 19.81
N ALA L 196 11.28 44.35 18.52
CA ALA L 196 10.23 45.01 17.77
C ALA L 196 8.95 44.20 17.81
N LEU L 197 9.06 42.88 17.69
CA LEU L 197 7.87 42.05 17.73
C LEU L 197 7.41 41.74 19.15
N LEU L 198 8.32 41.64 20.12
CA LEU L 198 7.90 41.28 21.48
C LEU L 198 7.27 42.46 22.22
N LEU L 199 7.69 43.67 21.95
CA LEU L 199 7.06 44.78 22.66
C LEU L 199 5.55 44.81 22.46
N PRO L 200 5.01 44.86 21.23
CA PRO L 200 3.57 44.75 21.09
C PRO L 200 3.04 43.44 21.56
N MET L 201 3.76 42.37 21.33
CA MET L 201 3.31 41.04 21.70
C MET L 201 3.11 40.84 23.13
N GLN L 202 4.00 41.30 23.97
CA GLN L 202 3.89 41.12 25.39
C GLN L 202 2.83 41.98 26.08
N ARG L 203 2.39 43.03 25.44
CA ARG L 203 1.39 43.98 25.85
C ARG L 203 0.03 43.33 25.99
N TYR L 204 -0.26 42.40 25.12
CA TYR L 204 -1.49 41.64 24.95
C TYR L 204 -1.48 40.32 25.69
N LEU L 205 -0.35 39.91 26.24
CA LEU L 205 -0.31 38.68 27.01
C LEU L 205 -0.84 38.88 28.42
N ASP L 206 -0.82 40.10 28.92
CA ASP L 206 -1.70 40.43 30.03
C ASP L 206 -2.77 41.38 29.51
N ASN L 207 -3.91 40.82 29.16
CA ASN L 207 -5.12 41.61 29.02
C ASN L 207 -6.22 40.81 29.67
N GLY L 208 -6.54 39.65 29.11
CA GLY L 208 -7.61 38.80 29.59
C GLY L 208 -7.85 37.67 28.62
N THR L 212 -11.60 37.43 20.77
CA THR L 212 -10.17 37.24 20.72
C THR L 212 -9.66 37.05 19.30
N ARG L 213 -10.56 37.01 18.32
CA ARG L 213 -10.09 37.03 16.95
C ARG L 213 -9.80 38.44 16.48
N VAL L 214 -10.49 39.42 17.05
CA VAL L 214 -10.28 40.83 16.72
C VAL L 214 -9.07 41.38 17.44
N ALA L 215 -8.80 40.91 18.64
CA ALA L 215 -7.61 41.33 19.34
C ALA L 215 -6.38 40.72 18.73
N ARG L 216 -6.50 39.52 18.19
CA ARG L 216 -5.40 38.94 17.45
C ARG L 216 -5.15 39.70 16.18
N ALA L 217 -6.22 40.20 15.55
CA ALA L 217 -6.09 40.98 14.33
C ALA L 217 -5.47 42.33 14.60
N THR L 218 -5.95 43.03 15.62
CA THR L 218 -5.39 44.31 15.96
C THR L 218 -4.08 44.21 16.71
N LEU L 219 -3.68 43.00 17.08
CA LEU L 219 -2.31 42.73 17.51
C LEU L 219 -1.35 42.76 16.33
N VAL L 220 -1.70 42.07 15.28
CA VAL L 220 -0.81 41.90 14.14
C VAL L 220 -0.54 43.22 13.47
N ALA L 221 -1.56 44.03 13.28
CA ALA L 221 -1.38 45.30 12.61
C ALA L 221 -0.45 46.21 13.37
N GLU L 222 -0.38 46.05 14.68
CA GLU L 222 0.57 46.72 15.54
C GLU L 222 1.94 46.11 15.44
N LEU L 223 1.96 44.80 15.25
CA LEU L 223 3.17 44.02 15.19
C LEU L 223 3.91 44.29 13.90
N LYS L 224 3.18 44.65 12.85
CA LYS L 224 3.79 45.13 11.64
C LYS L 224 4.43 46.50 11.84
N ARG L 225 3.68 47.45 12.39
CA ARG L 225 4.21 48.80 12.54
C ARG L 225 5.43 48.83 13.43
N SER L 226 5.38 48.15 14.56
CA SER L 226 6.48 48.23 15.49
C SER L 226 7.73 47.61 14.93
N PHE L 227 7.61 46.71 13.98
CA PHE L 227 8.81 46.17 13.36
C PHE L 227 9.41 47.19 12.41
N CYS L 228 8.62 47.75 11.51
CA CYS L 228 9.10 48.84 10.67
C CYS L 228 9.71 49.94 11.53
N ASP L 229 8.91 50.53 12.40
CA ASP L 229 9.38 51.64 13.23
C ASP L 229 10.64 51.28 13.98
N THR L 230 10.55 50.33 14.88
CA THR L 230 11.51 50.24 15.97
C THR L 230 12.63 49.24 15.77
N SER L 231 12.72 48.58 14.63
CA SER L 231 13.93 47.80 14.36
C SER L 231 15.02 48.73 13.88
N PHE L 232 16.27 48.31 14.08
CA PHE L 232 17.43 49.14 13.75
C PHE L 232 17.37 50.48 14.44
N PHE L 233 16.87 50.49 15.66
CA PHE L 233 16.46 51.72 16.31
C PHE L 233 17.65 52.59 16.63
N LEU L 234 18.65 52.05 17.28
CA LEU L 234 19.92 52.75 17.30
C LEU L 234 20.49 52.68 15.90
N GLY L 235 20.83 53.83 15.35
CA GLY L 235 21.07 53.97 13.95
C GLY L 235 19.94 54.62 13.19
N LYS L 236 18.72 54.54 13.71
CA LYS L 236 17.63 55.40 13.24
C LYS L 236 17.57 56.66 14.07
N ALA L 237 17.32 56.53 15.37
CA ALA L 237 17.49 57.67 16.24
C ALA L 237 18.65 57.33 17.17
N GLY L 238 19.83 57.80 16.81
CA GLY L 238 20.97 57.70 17.70
C GLY L 238 21.28 59.07 18.23
N HIS L 239 20.68 60.06 17.57
CA HIS L 239 20.82 61.44 17.96
C HIS L 239 19.82 61.83 19.02
N ARG L 240 18.81 61.01 19.25
CA ARG L 240 17.84 61.27 20.29
C ARG L 240 18.18 60.35 21.43
N ARG L 241 18.80 60.90 22.48
CA ARG L 241 19.24 60.02 23.55
C ARG L 241 18.15 59.72 24.56
N GLU L 242 17.13 60.56 24.63
CA GLU L 242 16.01 60.23 25.49
C GLU L 242 15.28 59.01 24.98
N ALA L 243 15.25 58.84 23.66
CA ALA L 243 14.62 57.69 23.04
C ALA L 243 15.49 56.45 23.07
N ILE L 244 16.81 56.61 23.15
CA ILE L 244 17.65 55.44 23.34
C ILE L 244 17.54 54.92 24.74
N GLU L 245 17.61 55.81 25.72
CA GLU L 245 17.38 55.44 27.11
C GLU L 245 16.08 54.70 27.28
N ALA L 246 15.01 55.24 26.70
CA ALA L 246 13.72 54.58 26.74
C ALA L 246 13.76 53.23 26.05
N TRP L 247 14.60 53.10 25.03
CA TRP L 247 14.76 51.85 24.31
C TRP L 247 15.63 50.86 25.05
N LEU L 248 16.63 51.33 25.78
CA LEU L 248 17.41 50.42 26.61
C LEU L 248 16.57 49.84 27.73
N VAL L 249 15.62 50.61 28.22
CA VAL L 249 14.75 50.15 29.31
C VAL L 249 13.65 49.26 28.76
N ASP L 250 13.12 49.56 27.58
CA ASP L 250 12.19 48.65 26.94
C ASP L 250 12.80 47.28 26.74
N LEU L 251 14.09 47.23 26.45
CA LEU L 251 14.74 45.98 26.16
C LEU L 251 14.95 45.17 27.41
N THR L 252 15.45 45.81 28.46
CA THR L 252 15.74 45.14 29.71
C THR L 252 14.48 44.69 30.43
N THR L 253 13.38 45.41 30.24
CA THR L 253 12.14 45.16 30.96
C THR L 253 11.15 44.31 30.18
N ALA L 254 11.51 43.81 29.02
CA ALA L 254 10.55 43.12 28.18
C ALA L 254 10.44 41.64 28.49
N THR L 255 11.35 41.10 29.27
CA THR L 255 11.41 39.67 29.56
C THR L 255 10.94 39.41 30.99
N GLN L 256 11.02 38.16 31.41
CA GLN L 256 10.50 37.78 32.71
C GLN L 256 11.50 36.92 33.48
N PRO L 257 11.58 37.12 34.80
CA PRO L 257 12.47 36.29 35.62
C PRO L 257 12.12 34.84 35.51
N SER L 258 13.14 34.00 35.61
CA SER L 258 12.94 32.60 35.29
C SER L 258 12.68 31.79 36.53
N VAL L 259 13.73 31.59 37.31
CA VAL L 259 13.71 30.61 38.37
C VAL L 259 14.70 31.08 39.42
N ALA L 260 14.42 30.75 40.67
CA ALA L 260 15.25 31.22 41.78
C ALA L 260 16.33 30.19 42.03
N VAL L 261 17.57 30.56 41.73
CA VAL L 261 18.68 29.64 41.77
C VAL L 261 19.78 30.27 42.62
N PRO L 262 19.72 30.04 43.89
CA PRO L 262 20.57 30.68 44.89
C PRO L 262 22.09 30.56 44.68
N ARG L 263 22.56 29.71 43.79
CA ARG L 263 24.00 29.57 43.53
C ARG L 263 24.52 30.46 42.41
N LEU L 264 23.75 31.46 42.02
CA LEU L 264 24.12 32.38 40.96
C LEU L 264 24.04 33.74 41.56
N THR L 265 24.96 33.82 42.50
CA THR L 265 25.23 34.98 43.30
C THR L 265 26.19 35.71 42.43
N HIS L 266 25.78 35.89 41.19
CA HIS L 266 26.55 36.70 40.25
C HIS L 266 26.52 38.13 40.61
N ALA L 267 25.39 38.62 41.13
CA ALA L 267 25.29 40.03 41.45
C ALA L 267 26.44 40.38 42.36
N ASP L 268 27.15 41.38 41.93
CA ASP L 268 28.33 41.77 42.59
C ASP L 268 28.51 43.23 42.42
N THR L 269 29.58 43.69 43.03
CA THR L 269 30.03 45.07 43.06
C THR L 269 30.33 45.36 44.50
N ARG L 270 29.25 45.45 45.25
CA ARG L 270 29.26 45.78 46.66
C ARG L 270 28.02 45.04 47.17
N GLY L 271 27.88 43.80 46.69
CA GLY L 271 26.84 42.82 47.03
C GLY L 271 25.46 42.81 46.40
N ARG L 272 25.25 43.71 45.47
CA ARG L 272 23.95 43.98 44.82
C ARG L 272 23.72 43.08 43.62
N PRO L 273 22.71 42.24 43.62
CA PRO L 273 22.59 41.21 42.59
C PRO L 273 22.54 41.75 41.15
N VAL L 274 23.22 41.05 40.25
CA VAL L 274 23.15 41.33 38.81
C VAL L 274 22.14 40.37 38.19
N ASP L 275 21.18 40.92 37.48
CA ASP L 275 20.06 40.15 36.96
C ASP L 275 20.06 39.88 35.44
N GLY L 276 21.07 40.28 34.68
CA GLY L 276 20.99 40.07 33.24
C GLY L 276 22.30 40.34 32.55
N VAL L 277 22.39 39.93 31.28
CA VAL L 277 23.69 39.91 30.63
C VAL L 277 23.94 41.02 29.59
N LEU L 278 22.93 41.68 29.03
CA LEU L 278 23.23 42.55 27.88
C LEU L 278 23.95 41.92 26.69
N VAL L 279 25.25 42.03 26.52
CA VAL L 279 25.92 41.44 25.35
C VAL L 279 25.66 42.07 23.99
N THR L 280 26.10 43.30 23.82
CA THR L 280 26.18 44.01 22.56
C THR L 280 27.34 43.50 21.72
N THR L 281 27.71 44.26 20.69
CA THR L 281 28.96 44.08 19.97
C THR L 281 29.88 45.24 20.29
N ALA L 282 31.19 45.01 20.17
CA ALA L 282 32.17 45.97 20.67
C ALA L 282 31.99 47.35 20.08
N ALA L 283 31.66 47.42 18.79
CA ALA L 283 31.31 48.70 18.19
C ALA L 283 30.15 49.34 18.92
N ILE L 284 29.14 48.55 19.25
CA ILE L 284 27.94 49.08 19.88
C ILE L 284 28.14 49.27 21.37
N LYS L 285 28.80 48.34 22.05
CA LYS L 285 29.14 48.53 23.45
C LYS L 285 29.79 49.88 23.70
N GLN L 286 30.69 50.28 22.82
CA GLN L 286 31.44 51.51 23.01
C GLN L 286 30.56 52.73 22.80
N ARG L 287 29.71 52.71 21.78
CA ARG L 287 28.81 53.82 21.55
C ARG L 287 27.85 54.01 22.71
N LEU L 288 27.34 52.92 23.27
CA LEU L 288 26.52 52.97 24.47
C LEU L 288 27.26 53.62 25.63
N LEU L 289 28.33 52.99 26.10
CA LEU L 289 29.07 53.54 27.24
C LEU L 289 29.50 54.96 27.00
N GLN L 290 29.81 55.31 25.76
CA GLN L 290 30.14 56.69 25.49
C GLN L 290 28.98 57.62 25.83
N SER L 291 27.94 57.62 25.01
CA SER L 291 26.96 58.68 25.02
C SER L 291 25.64 58.40 25.74
N PHE L 292 25.20 57.17 25.87
CA PHE L 292 23.92 56.89 26.49
C PHE L 292 24.36 55.90 27.44
N LEU L 293 23.68 55.73 28.56
CA LEU L 293 24.12 54.71 29.50
C LEU L 293 25.56 54.99 29.84
N LYS L 294 25.87 56.27 29.89
CA LYS L 294 27.20 56.75 30.26
C LYS L 294 26.92 56.61 31.74
N VAL L 295 27.03 55.35 32.09
CA VAL L 295 26.72 54.84 33.34
C VAL L 295 27.77 53.81 33.55
N GLU L 296 27.80 53.37 34.75
CA GLU L 296 28.58 52.20 35.03
C GLU L 296 28.56 52.16 36.53
N ASP L 297 28.77 51.00 37.11
CA ASP L 297 28.71 51.04 38.55
C ASP L 297 30.02 50.62 39.15
N THR L 298 30.27 49.32 39.22
CA THR L 298 31.57 48.82 39.56
C THR L 298 32.13 48.20 38.30
N GLU L 299 33.42 48.36 38.06
CA GLU L 299 34.02 47.54 37.03
C GLU L 299 34.76 46.44 37.79
N ALA L 300 33.97 45.45 38.16
CA ALA L 300 34.38 44.30 38.94
C ALA L 300 33.07 43.68 39.42
N ASP L 301 33.11 42.47 39.94
CA ASP L 301 31.93 41.90 40.53
C ASP L 301 32.26 40.54 41.10
N VAL L 302 31.28 39.88 41.70
CA VAL L 302 31.56 38.86 42.68
C VAL L 302 30.89 37.55 42.23
N PRO L 303 31.37 36.99 41.13
CA PRO L 303 30.79 35.81 40.49
C PRO L 303 31.15 34.59 41.23
N VAL L 304 31.14 33.41 40.61
CA VAL L 304 31.31 32.13 41.30
C VAL L 304 31.78 30.95 40.39
N THR L 305 31.92 29.72 40.92
CA THR L 305 32.31 28.49 40.16
C THR L 305 31.19 27.44 39.73
N TYR L 306 31.45 26.12 39.77
CA TYR L 306 30.47 25.08 39.31
C TYR L 306 29.64 24.21 40.28
N GLY L 307 28.44 23.84 39.84
CA GLY L 307 27.53 22.99 40.62
C GLY L 307 27.51 21.61 40.02
N GLU L 308 27.65 20.56 40.80
CA GLU L 308 27.73 19.21 40.28
C GLU L 308 26.69 18.19 40.69
N MET L 309 26.12 17.51 39.70
CA MET L 309 25.11 16.48 39.90
C MET L 309 25.77 15.12 39.73
N VAL L 310 25.48 14.17 40.61
CA VAL L 310 26.05 12.82 40.53
C VAL L 310 25.01 11.81 40.99
N LEU L 311 25.09 10.59 40.47
CA LEU L 311 24.20 9.51 40.88
C LEU L 311 24.89 8.75 42.00
N ASN L 312 24.34 8.75 43.20
CA ASN L 312 25.00 8.02 44.25
C ASN L 312 24.05 7.28 45.08
N GLY L 313 24.47 6.16 45.63
CA GLY L 313 23.62 5.44 46.52
C GLY L 313 22.34 5.07 45.85
N ALA L 314 21.21 5.50 46.38
CA ALA L 314 19.96 5.15 45.77
C ALA L 314 19.63 6.03 44.60
N ASN L 315 20.53 6.06 43.65
CA ASN L 315 20.29 6.70 42.38
C ASN L 315 20.84 5.72 41.38
N LEU L 316 22.11 5.34 41.58
CA LEU L 316 22.62 4.14 40.96
C LEU L 316 21.60 3.03 41.04
N VAL L 317 21.23 2.62 42.26
CA VAL L 317 20.35 1.47 42.41
C VAL L 317 19.05 1.66 41.64
N THR L 318 18.64 2.90 41.37
CA THR L 318 17.52 3.11 40.47
C THR L 318 17.95 3.38 39.03
N ALA L 319 19.23 3.65 38.78
CA ALA L 319 19.70 3.76 37.41
C ALA L 319 20.06 2.40 36.82
N LEU L 320 20.21 1.38 37.65
CA LEU L 320 20.30 -0.01 37.23
C LEU L 320 19.35 -0.85 38.07
N VAL L 321 18.69 -1.82 37.42
CA VAL L 321 17.49 -2.58 37.81
C VAL L 321 16.24 -1.77 37.49
N MET L 322 16.41 -0.51 37.12
CA MET L 322 15.28 0.32 36.70
C MET L 322 15.61 1.13 35.46
N GLY L 323 16.64 1.95 35.54
CA GLY L 323 16.98 2.83 34.44
C GLY L 323 16.42 4.22 34.56
N LYS L 324 16.15 4.69 35.77
CA LYS L 324 15.59 6.02 35.96
C LYS L 324 16.29 6.69 37.12
N ALA L 325 16.37 8.02 37.06
CA ALA L 325 17.07 8.81 38.05
C ALA L 325 16.30 10.10 38.28
N VAL L 326 16.48 10.66 39.48
CA VAL L 326 15.82 11.90 39.87
C VAL L 326 16.80 12.70 40.71
N ARG L 327 16.87 14.01 40.49
CA ARG L 327 17.76 14.82 41.29
C ARG L 327 17.40 14.74 42.76
N SER L 328 18.43 14.53 43.58
CA SER L 328 18.26 14.44 45.01
C SER L 328 17.10 13.53 45.35
N LEU L 329 17.23 12.28 44.91
CA LEU L 329 16.22 11.31 45.25
C LEU L 329 16.28 10.98 46.73
N ASP L 330 17.38 11.31 47.40
CA ASP L 330 17.50 11.05 48.82
C ASP L 330 16.51 11.90 49.61
N ASP L 331 16.52 13.22 49.40
CA ASP L 331 15.60 14.06 50.15
C ASP L 331 14.20 14.03 49.55
N VAL L 332 14.10 14.20 48.23
CA VAL L 332 12.81 14.06 47.55
C VAL L 332 12.14 12.76 47.96
N GLY L 333 12.93 11.72 48.16
CA GLY L 333 12.37 10.46 48.58
C GLY L 333 11.94 10.48 50.03
N ARG L 334 12.74 11.06 50.91
CA ARG L 334 12.43 11.04 52.33
C ARG L 334 11.54 12.19 52.77
N HIS L 335 11.30 13.18 51.90
CA HIS L 335 10.21 14.11 52.17
C HIS L 335 8.86 13.51 51.85
N LEU L 336 8.83 12.49 50.99
CA LEU L 336 7.59 11.75 50.77
C LEU L 336 7.35 10.71 51.84
N LEU L 337 8.41 10.16 52.40
CA LEU L 337 8.24 9.22 53.50
C LEU L 337 7.87 9.94 54.78
N ASP L 338 8.54 11.06 55.07
CA ASP L 338 8.12 11.91 56.17
C ASP L 338 6.67 12.29 56.02
N MET L 339 6.25 12.60 54.79
CA MET L 339 4.98 13.25 54.57
C MET L 339 3.82 12.41 55.04
N GLN L 340 3.91 11.09 54.87
CA GLN L 340 2.85 10.19 55.30
C GLN L 340 3.10 9.56 56.66
N GLU L 341 4.26 9.80 57.27
CA GLU L 341 4.46 9.45 58.67
C GLU L 341 3.86 10.47 59.61
N GLU L 342 3.66 11.70 59.15
CA GLU L 342 3.21 12.82 59.98
C GLU L 342 4.12 13.01 61.19
N ASN L 347 -0.65 23.80 50.01
CA ASN L 347 0.66 23.19 49.83
C ASN L 347 1.80 24.00 50.43
N ARG L 348 2.05 25.14 49.82
CA ARG L 348 3.11 26.05 50.27
C ARG L 348 4.44 25.31 50.30
N GLU L 349 4.83 24.76 49.15
CA GLU L 349 6.05 23.95 49.11
C GLU L 349 7.20 24.89 48.80
N THR L 350 7.97 25.21 49.84
CA THR L 350 9.19 26.00 49.74
C THR L 350 10.44 25.15 49.80
N LEU L 351 10.31 23.82 49.88
CA LEU L 351 11.42 22.95 50.21
C LEU L 351 12.65 23.26 49.35
N ASP L 352 12.48 23.27 48.03
CA ASP L 352 13.47 23.74 47.07
C ASP L 352 14.85 23.10 47.27
N GLU L 353 15.91 23.91 47.28
CA GLU L 353 17.29 23.40 47.48
C GLU L 353 18.12 24.02 48.65
N LEU L 354 19.09 23.25 49.17
CA LEU L 354 20.01 23.66 50.26
C LEU L 354 21.08 24.66 49.81
N GLU L 355 21.50 25.53 50.75
CA GLU L 355 22.44 26.64 50.50
C GLU L 355 23.98 26.63 50.68
N SER L 356 24.66 26.50 49.55
CA SER L 356 26.09 26.41 49.43
C SER L 356 27.01 27.56 49.78
N ALA L 357 26.68 28.80 49.43
CA ALA L 357 27.64 29.89 49.61
C ALA L 357 28.80 29.45 48.70
N PRO L 358 28.48 29.38 47.35
CA PRO L 358 29.55 28.85 46.52
C PRO L 358 30.79 29.68 46.66
N GLN L 359 31.93 29.11 46.28
CA GLN L 359 33.19 29.82 46.35
C GLN L 359 32.98 30.94 45.40
N THR L 360 33.60 32.05 45.71
CA THR L 360 33.33 33.27 44.99
C THR L 360 34.62 34.01 44.70
N THR L 361 34.80 34.44 43.46
CA THR L 361 35.91 35.27 43.07
C THR L 361 35.43 36.69 42.80
N ARG L 362 36.36 37.56 42.44
CA ARG L 362 36.02 38.90 42.00
C ARG L 362 36.69 39.12 40.66
N VAL L 363 35.89 39.22 39.61
CA VAL L 363 36.40 39.28 38.24
C VAL L 363 36.13 40.66 37.69
N ARG L 364 36.96 41.10 36.76
CA ARG L 364 36.81 42.40 36.16
C ARG L 364 35.70 42.34 35.13
N ALA L 365 34.62 43.05 35.42
CA ALA L 365 33.44 43.08 34.57
C ALA L 365 33.04 44.52 34.41
N ASP L 366 32.03 44.76 33.60
CA ASP L 366 31.53 46.12 33.43
C ASP L 366 30.03 46.08 33.62
N LEU L 367 29.54 46.59 34.73
CA LEU L 367 28.12 46.58 34.98
C LEU L 367 27.55 47.93 34.64
N VAL L 368 26.22 48.00 34.59
CA VAL L 368 25.50 49.23 34.27
C VAL L 368 24.15 49.11 34.92
N ALA L 369 23.54 50.25 35.21
CA ALA L 369 22.18 50.27 35.73
C ALA L 369 21.30 50.88 34.65
N ILE L 370 20.48 50.04 34.02
CA ILE L 370 19.59 50.48 32.98
C ILE L 370 18.20 50.49 33.58
N GLY L 371 17.67 51.67 33.82
CA GLY L 371 16.43 51.73 34.55
C GLY L 371 16.66 51.26 35.96
N ASP L 372 16.00 50.21 36.33
CA ASP L 372 16.18 49.72 37.66
C ASP L 372 17.10 48.54 37.83
N ARG L 373 17.60 47.97 36.75
CA ARG L 373 18.36 46.77 36.77
C ARG L 373 19.85 46.86 36.64
N LEU L 374 20.58 46.06 37.41
CA LEU L 374 22.02 46.01 37.32
C LEU L 374 22.07 44.98 36.32
N VAL L 375 22.92 45.13 35.34
CA VAL L 375 23.01 44.17 34.26
C VAL L 375 24.43 44.23 33.74
N PHE L 376 24.95 43.08 33.32
CA PHE L 376 26.29 43.11 32.76
C PHE L 376 26.25 43.85 31.46
N LEU L 377 27.37 43.97 30.77
CA LEU L 377 27.41 44.55 29.44
C LEU L 377 28.58 43.84 28.77
N GLU L 378 28.40 43.24 27.61
CA GLU L 378 29.44 42.47 27.00
C GLU L 378 29.70 42.64 25.57
N ALA L 379 30.91 42.33 25.20
CA ALA L 379 31.32 42.39 23.85
C ALA L 379 32.42 41.38 23.89
N LEU L 380 32.09 40.14 23.61
CA LEU L 380 33.09 39.09 23.68
C LEU L 380 33.41 38.70 22.25
N GLU L 381 34.47 39.30 21.73
CA GLU L 381 34.95 39.14 20.37
C GLU L 381 36.45 39.00 20.48
N LYS L 382 37.07 40.08 20.95
CA LYS L 382 38.47 40.01 21.35
C LYS L 382 38.67 38.97 22.43
N ARG L 383 37.67 38.80 23.30
CA ARG L 383 37.83 37.89 24.42
C ARG L 383 37.96 36.45 23.95
N ILE L 384 37.05 36.00 23.10
CA ILE L 384 37.01 34.60 22.75
C ILE L 384 37.03 34.43 21.24
N TYR L 385 36.15 35.09 20.52
CA TYR L 385 36.11 34.92 19.07
C TYR L 385 37.31 35.49 18.32
N ALA L 386 38.27 36.11 19.00
CA ALA L 386 39.32 36.90 18.36
C ALA L 386 40.02 36.29 17.17
N ALA L 387 40.92 35.34 17.39
CA ALA L 387 41.74 34.78 16.33
C ALA L 387 41.17 33.50 15.76
N THR L 388 39.97 33.13 16.18
CA THR L 388 39.45 31.79 16.02
C THR L 388 38.83 31.51 14.65
N ASN L 389 38.60 32.52 13.83
CA ASN L 389 37.92 32.39 12.55
C ASN L 389 36.46 32.01 12.71
N VAL L 390 35.97 31.89 13.93
CA VAL L 390 34.55 31.68 14.17
C VAL L 390 33.85 33.03 14.10
N PRO L 391 32.73 33.14 13.40
CA PRO L 391 31.98 34.39 13.38
C PRO L 391 31.31 34.66 14.72
N TYR L 392 31.25 35.87 15.05
CA TYR L 392 30.60 36.32 16.26
C TYR L 392 29.09 36.32 16.04
N PRO L 393 28.30 35.68 16.91
CA PRO L 393 26.89 35.51 16.60
C PRO L 393 26.06 36.76 16.61
N LEU L 394 26.52 37.82 17.26
CA LEU L 394 25.76 39.03 17.35
C LEU L 394 25.76 39.93 16.16
N VAL L 395 26.58 39.68 15.17
CA VAL L 395 26.55 40.46 13.96
C VAL L 395 25.66 39.61 13.07
N GLY L 396 24.39 39.94 12.98
CA GLY L 396 23.43 39.19 12.28
C GLY L 396 23.19 39.29 10.82
N ALA L 397 22.00 38.93 10.42
CA ALA L 397 21.59 38.90 9.04
C ALA L 397 20.14 39.27 8.99
N MET L 398 19.72 39.84 7.87
CA MET L 398 18.39 40.36 7.72
C MET L 398 17.98 40.08 6.28
N ASP L 399 16.81 39.51 6.07
CA ASP L 399 16.27 39.35 4.74
C ASP L 399 15.07 40.25 4.54
N LEU L 400 15.11 41.06 3.50
CA LEU L 400 14.01 41.93 3.15
C LEU L 400 13.70 41.78 1.68
N THR L 401 12.49 41.38 1.37
CA THR L 401 11.99 41.48 0.01
C THR L 401 11.42 42.86 -0.19
N PHE L 402 11.75 43.45 -1.34
CA PHE L 402 11.17 44.72 -1.72
C PHE L 402 10.33 44.52 -2.97
N VAL L 403 9.58 45.54 -3.36
CA VAL L 403 8.64 45.42 -4.45
C VAL L 403 8.56 46.73 -5.22
N LEU L 404 8.45 46.61 -6.54
CA LEU L 404 8.40 47.70 -7.47
C LEU L 404 7.29 47.43 -8.47
N PRO L 405 6.48 48.42 -8.82
CA PRO L 405 5.66 48.33 -10.04
C PRO L 405 6.43 48.71 -11.28
N LEU L 406 6.04 48.14 -12.41
CA LEU L 406 6.56 48.53 -13.71
C LEU L 406 5.42 48.76 -14.68
N GLY L 407 5.40 49.90 -15.30
CA GLY L 407 4.46 50.05 -16.36
C GLY L 407 3.05 50.19 -15.92
N LEU L 408 2.79 50.26 -14.62
CA LEU L 408 1.42 50.42 -14.20
C LEU L 408 0.96 51.82 -14.57
N PHE L 409 -0.26 52.15 -14.23
CA PHE L 409 -0.89 53.27 -14.87
C PHE L 409 -1.71 54.06 -13.87
N ASN L 410 -1.61 55.38 -13.93
CA ASN L 410 -2.21 56.21 -12.90
C ASN L 410 -3.72 56.16 -12.93
N PRO L 411 -4.36 56.08 -11.78
CA PRO L 411 -5.82 56.18 -11.71
C PRO L 411 -6.32 57.51 -12.24
N ALA L 412 -7.60 57.53 -12.61
CA ALA L 412 -8.16 58.68 -13.31
C ALA L 412 -7.94 59.96 -12.54
N MET L 413 -7.94 59.87 -11.23
CA MET L 413 -7.91 61.04 -10.37
C MET L 413 -6.49 61.41 -9.96
N GLU L 414 -5.51 60.56 -10.23
CA GLU L 414 -4.13 60.80 -9.82
C GLU L 414 -3.21 61.33 -10.91
N ARG L 415 -3.72 61.42 -12.13
CA ARG L 415 -2.96 61.90 -13.29
C ARG L 415 -3.02 63.35 -13.73
N PHE L 416 -2.42 64.24 -12.96
CA PHE L 416 -2.35 65.68 -13.13
C PHE L 416 -0.97 66.20 -12.75
N ALA L 417 -0.60 67.40 -13.16
CA ALA L 417 0.66 67.99 -12.85
C ALA L 417 0.32 68.85 -11.75
N ALA L 418 1.12 68.91 -10.72
CA ALA L 418 0.83 69.68 -9.57
C ALA L 418 0.62 71.11 -9.86
N HIS L 419 1.43 71.76 -10.66
CA HIS L 419 1.22 73.14 -11.00
C HIS L 419 1.45 73.02 -12.44
N ALA L 420 0.84 73.89 -13.22
CA ALA L 420 0.80 73.83 -14.62
C ALA L 420 2.00 73.77 -15.45
N GLY L 421 3.01 74.58 -15.21
CA GLY L 421 4.15 74.47 -16.08
C GLY L 421 5.16 74.06 -15.12
N ASP L 422 5.60 72.85 -15.25
CA ASP L 422 6.70 72.24 -14.52
C ASP L 422 6.99 70.90 -15.14
N LEU L 423 8.22 70.44 -15.03
CA LEU L 423 8.68 69.30 -15.78
C LEU L 423 8.23 69.40 -17.23
N VAL L 424 8.35 70.60 -17.78
CA VAL L 424 7.73 70.96 -19.05
C VAL L 424 8.80 70.94 -20.14
N PRO L 425 8.55 70.30 -21.30
CA PRO L 425 9.65 70.06 -22.24
C PRO L 425 10.15 71.34 -22.89
N ALA L 426 11.11 71.23 -23.79
CA ALA L 426 11.53 72.41 -24.53
C ALA L 426 10.39 72.86 -25.42
N PRO L 427 10.39 74.09 -25.85
CA PRO L 427 9.24 74.57 -26.60
C PRO L 427 8.71 73.86 -27.83
N GLY L 428 9.44 73.32 -28.79
CA GLY L 428 8.77 72.63 -29.90
C GLY L 428 8.55 71.13 -29.77
N HIS L 429 9.03 70.56 -28.67
CA HIS L 429 9.06 69.16 -28.36
C HIS L 429 7.92 68.49 -27.67
N PRO L 430 7.92 67.10 -27.84
CA PRO L 430 6.80 66.40 -27.20
C PRO L 430 6.99 66.24 -25.74
N GLU L 431 5.96 65.81 -25.04
CA GLU L 431 6.13 65.57 -23.66
C GLU L 431 6.15 64.10 -23.39
N PRO L 432 7.29 63.57 -23.04
CA PRO L 432 7.26 62.15 -22.70
C PRO L 432 6.55 61.83 -21.39
N ARG L 433 6.31 62.82 -20.54
CA ARG L 433 5.68 62.58 -19.25
C ARG L 433 4.23 62.22 -19.37
N ALA L 434 3.66 62.31 -20.55
CA ALA L 434 2.25 62.03 -20.73
C ALA L 434 1.97 60.65 -21.30
N PHE L 435 3.02 59.88 -21.65
CA PHE L 435 2.94 58.50 -22.20
C PHE L 435 3.01 57.51 -21.06
N PRO L 436 2.69 56.24 -21.28
CA PRO L 436 2.77 55.32 -20.15
C PRO L 436 4.19 54.93 -19.78
N PRO L 437 4.49 54.82 -18.48
CA PRO L 437 5.86 54.52 -18.05
C PRO L 437 6.24 53.10 -18.43
N ARG L 438 7.35 52.94 -19.12
CA ARG L 438 7.91 51.62 -19.30
C ARG L 438 9.13 51.36 -18.45
N GLN L 439 9.62 52.35 -17.74
CA GLN L 439 10.82 52.27 -16.95
C GLN L 439 10.53 52.49 -15.49
N LEU L 440 11.58 52.36 -14.72
CA LEU L 440 11.53 52.58 -13.29
C LEU L 440 12.92 52.98 -12.87
N PHE L 441 13.01 53.94 -11.97
CA PHE L 441 14.30 54.42 -11.48
C PHE L 441 14.34 54.24 -9.99
N PHE L 442 15.49 53.91 -9.45
CA PHE L 442 15.71 53.77 -8.02
C PHE L 442 17.20 53.92 -7.79
N TRP L 443 17.60 53.89 -6.53
CA TRP L 443 19.00 54.04 -6.15
C TRP L 443 19.57 52.70 -5.78
N GLY L 444 20.74 52.38 -6.33
CA GLY L 444 21.40 51.16 -5.96
C GLY L 444 22.10 51.29 -4.65
N LYS L 445 22.74 50.24 -4.19
CA LYS L 445 23.46 50.40 -2.94
C LYS L 445 24.52 51.20 -3.59
N ASP L 446 25.24 52.02 -2.85
CA ASP L 446 26.29 52.81 -3.41
C ASP L 446 25.83 54.05 -4.07
N HIS L 447 24.56 54.40 -3.94
CA HIS L 447 23.99 55.59 -4.53
C HIS L 447 24.06 55.75 -6.03
N GLN L 448 23.96 54.69 -6.79
CA GLN L 448 24.00 54.76 -8.21
C GLN L 448 22.57 54.71 -8.71
N VAL L 449 21.98 55.77 -9.20
CA VAL L 449 20.61 55.72 -9.67
C VAL L 449 20.52 54.64 -10.74
N LEU L 450 19.61 53.70 -10.55
CA LEU L 450 19.52 52.53 -11.40
C LEU L 450 18.23 52.54 -12.19
N ARG L 451 18.08 51.57 -13.07
CA ARG L 451 16.87 51.57 -13.86
C ARG L 451 16.45 50.17 -14.24
N LEU L 452 15.15 49.98 -14.26
CA LEU L 452 14.49 48.74 -14.60
C LEU L 452 13.54 49.04 -15.74
N SER L 453 13.39 48.13 -16.70
CA SER L 453 12.56 48.44 -17.84
C SER L 453 11.59 47.31 -18.09
N MET L 454 10.70 47.51 -19.05
CA MET L 454 9.89 46.42 -19.52
C MET L 454 10.76 45.44 -20.28
N GLU L 455 11.65 45.95 -21.13
CA GLU L 455 12.60 45.15 -21.90
C GLU L 455 13.43 44.26 -21.02
N ASN L 456 13.42 44.55 -19.75
CA ASN L 456 14.18 43.83 -18.75
C ASN L 456 13.45 42.58 -18.32
N ALA L 457 12.16 42.50 -18.58
CA ALA L 457 11.29 41.41 -18.19
C ALA L 457 11.32 40.28 -19.19
N VAL L 458 12.23 40.35 -20.16
CA VAL L 458 12.21 39.45 -21.30
C VAL L 458 12.59 38.03 -20.88
N GLY L 459 13.53 37.86 -19.97
CA GLY L 459 13.89 36.51 -19.58
C GLY L 459 12.76 35.73 -18.95
N THR L 460 11.73 36.44 -18.48
CA THR L 460 10.58 35.87 -17.79
C THR L 460 9.42 35.60 -18.73
N VAL L 461 8.89 36.65 -19.33
CA VAL L 461 7.61 36.59 -20.00
C VAL L 461 7.77 36.04 -21.41
N CYS L 462 9.00 36.01 -21.90
CA CYS L 462 9.41 35.64 -23.24
C CYS L 462 9.94 34.22 -23.34
N HIS L 463 9.64 33.41 -22.40
CA HIS L 463 10.00 32.03 -22.27
C HIS L 463 8.75 31.20 -22.52
N PRO L 464 8.83 30.01 -23.05
CA PRO L 464 7.64 29.28 -23.39
C PRO L 464 6.83 28.77 -22.23
N SER L 465 7.20 29.22 -21.05
CA SER L 465 6.55 29.00 -19.79
C SER L 465 5.24 29.77 -19.87
N LEU L 466 5.18 30.81 -20.65
CA LEU L 466 3.94 31.54 -20.91
C LEU L 466 3.46 30.54 -21.90
N MET L 467 2.22 30.45 -22.23
CA MET L 467 1.67 29.43 -23.12
C MET L 467 1.53 28.08 -22.43
N ASN L 468 2.03 27.90 -21.21
CA ASN L 468 1.79 26.69 -20.45
C ASN L 468 0.62 26.92 -19.51
N ILE L 469 -0.47 26.22 -19.77
CA ILE L 469 -1.69 26.34 -18.99
C ILE L 469 -2.43 25.04 -18.71
N ASP L 470 -1.90 23.89 -19.09
CA ASP L 470 -2.64 22.65 -18.89
C ASP L 470 -2.92 22.34 -17.44
N ALA L 471 -2.01 22.67 -16.56
CA ALA L 471 -2.24 22.46 -15.14
C ALA L 471 -3.41 23.34 -14.82
N ALA L 472 -3.38 24.54 -15.38
CA ALA L 472 -4.42 25.54 -15.19
C ALA L 472 -5.76 25.17 -15.75
N VAL L 473 -5.78 24.56 -16.93
CA VAL L 473 -7.04 24.14 -17.53
C VAL L 473 -7.52 22.94 -16.90
N GLY L 474 -6.63 21.99 -16.67
CA GLY L 474 -7.08 20.78 -16.05
C GLY L 474 -7.61 21.07 -14.69
N GLY L 475 -6.91 21.89 -13.95
CA GLY L 475 -7.24 22.28 -12.63
C GLY L 475 -8.43 23.07 -12.46
N VAL L 476 -8.71 24.04 -13.30
CA VAL L 476 -9.91 24.84 -13.12
C VAL L 476 -11.08 23.96 -13.40
N ASN L 477 -10.86 23.02 -14.32
CA ASN L 477 -11.92 22.19 -14.75
C ASN L 477 -12.67 21.21 -13.84
N HIS L 478 -12.05 20.64 -12.82
CA HIS L 478 -12.73 19.74 -11.89
C HIS L 478 -13.80 20.49 -11.10
N ASP L 479 -14.76 19.73 -10.56
CA ASP L 479 -16.04 20.25 -10.09
C ASP L 479 -16.82 20.88 -11.24
N PRO L 480 -17.42 20.05 -12.13
CA PRO L 480 -17.96 20.56 -13.41
C PRO L 480 -18.97 21.69 -13.27
N VAL L 481 -19.13 22.42 -14.36
CA VAL L 481 -19.89 23.63 -14.33
C VAL L 481 -21.04 23.79 -15.28
N GLU L 482 -21.88 24.78 -14.97
CA GLU L 482 -23.01 25.08 -15.80
C GLU L 482 -22.34 25.85 -16.90
N ALA L 483 -22.55 25.45 -18.14
CA ALA L 483 -21.91 26.12 -19.25
C ALA L 483 -22.49 27.50 -19.47
N ALA L 484 -23.56 27.84 -18.76
CA ALA L 484 -24.20 29.13 -18.92
C ALA L 484 -24.86 29.09 -20.28
N ASN L 485 -24.68 30.12 -21.10
CA ASN L 485 -25.25 30.11 -22.45
C ASN L 485 -24.03 30.16 -23.30
N PRO L 486 -23.95 29.31 -24.28
CA PRO L 486 -22.68 29.29 -25.00
C PRO L 486 -22.85 30.21 -26.14
N TYR L 487 -22.85 31.48 -25.92
CA TYR L 487 -23.09 32.29 -27.10
C TYR L 487 -21.77 32.66 -27.77
N GLY L 488 -20.98 33.52 -27.14
CA GLY L 488 -19.66 33.72 -27.67
C GLY L 488 -18.75 32.53 -27.52
N ALA L 489 -19.20 31.49 -26.84
CA ALA L 489 -18.39 30.33 -26.52
C ALA L 489 -18.60 29.17 -27.47
N TYR L 490 -19.41 29.34 -28.51
CA TYR L 490 -19.75 28.25 -29.41
C TYR L 490 -19.56 28.71 -30.84
N VAL L 491 -18.90 27.87 -31.64
CA VAL L 491 -18.76 28.09 -33.07
C VAL L 491 -19.57 27.01 -33.78
N ALA L 492 -20.31 27.40 -34.81
CA ALA L 492 -21.10 26.45 -35.57
C ALA L 492 -20.55 26.39 -36.99
N ALA L 493 -20.83 25.38 -37.63
CA ALA L 493 -20.32 25.35 -38.99
C ALA L 493 -21.38 25.92 -39.93
N PRO L 494 -20.96 26.77 -40.89
CA PRO L 494 -21.95 27.44 -41.74
C PRO L 494 -22.82 26.43 -42.45
N ALA L 495 -24.07 26.79 -42.64
CA ALA L 495 -25.05 25.87 -43.20
C ALA L 495 -26.00 26.61 -44.11
N GLY L 496 -26.27 26.02 -45.25
CA GLY L 496 -27.27 26.54 -46.16
C GLY L 496 -26.89 27.90 -46.71
N PRO L 497 -27.83 28.55 -47.39
CA PRO L 497 -27.53 29.83 -48.01
C PRO L 497 -27.21 30.87 -46.95
N GLY L 498 -26.44 31.86 -47.36
CA GLY L 498 -26.11 32.95 -46.49
C GLY L 498 -27.26 33.92 -46.40
N ALA L 499 -28.14 33.88 -47.40
CA ALA L 499 -29.26 34.81 -47.45
C ALA L 499 -30.04 34.78 -46.15
N ASP L 500 -30.37 33.60 -45.66
CA ASP L 500 -31.08 33.47 -44.40
C ASP L 500 -30.18 33.16 -43.22
N MET L 501 -28.87 33.10 -43.41
CA MET L 501 -28.01 32.50 -42.41
C MET L 501 -28.11 33.22 -41.07
N GLN L 502 -28.37 34.52 -41.07
CA GLN L 502 -28.62 35.13 -39.78
C GLN L 502 -30.05 34.94 -39.31
N GLN L 503 -31.01 35.03 -40.22
CA GLN L 503 -32.38 34.83 -39.79
C GLN L 503 -32.59 33.43 -39.26
N ARG L 504 -31.93 32.43 -39.81
CA ARG L 504 -32.06 31.10 -39.25
C ARG L 504 -31.22 30.93 -38.01
N PHE L 505 -30.36 31.90 -37.73
CA PHE L 505 -29.63 31.94 -36.47
C PHE L 505 -30.48 32.50 -35.34
N LEU L 506 -30.94 33.74 -35.50
CA LEU L 506 -31.77 34.38 -34.52
C LEU L 506 -32.94 33.51 -34.10
N ASN L 507 -33.46 32.68 -35.01
CA ASN L 507 -34.50 31.75 -34.61
C ASN L 507 -33.92 30.55 -33.86
N ALA L 508 -32.81 30.01 -34.34
CA ALA L 508 -32.17 28.89 -33.65
C ALA L 508 -31.82 29.27 -32.23
N TRP L 509 -31.05 30.34 -32.07
CA TRP L 509 -30.78 30.90 -30.76
C TRP L 509 -31.69 32.09 -30.59
N ARG L 510 -32.90 31.87 -30.12
CA ARG L 510 -33.67 32.95 -29.51
C ARG L 510 -34.00 32.70 -28.05
N GLN L 511 -33.92 31.46 -27.60
CA GLN L 511 -34.38 31.10 -26.27
C GLN L 511 -33.28 31.24 -25.23
N ARG L 512 -32.10 30.71 -25.53
CA ARG L 512 -30.97 30.77 -24.62
C ARG L 512 -30.09 31.94 -24.94
N LEU L 513 -30.50 32.78 -25.87
CA LEU L 513 -29.85 34.05 -26.14
C LEU L 513 -30.55 35.17 -25.38
N ALA L 514 -31.85 35.33 -25.57
CA ALA L 514 -32.64 36.25 -24.77
C ALA L 514 -32.54 35.97 -23.28
N HIS L 515 -32.42 34.70 -22.90
CA HIS L 515 -32.53 34.36 -21.49
C HIS L 515 -31.30 34.77 -20.70
N GLY L 516 -30.18 34.09 -20.91
CA GLY L 516 -29.03 34.28 -20.06
C GLY L 516 -28.32 35.60 -20.29
N ARG L 517 -27.20 35.76 -19.60
CA ARG L 517 -26.39 36.97 -19.63
C ARG L 517 -25.01 36.63 -20.19
N VAL L 518 -24.67 37.22 -21.34
CA VAL L 518 -23.40 36.92 -21.97
C VAL L 518 -22.28 37.33 -21.05
N ARG L 519 -21.22 36.59 -20.89
CA ARG L 519 -20.17 37.08 -20.04
C ARG L 519 -19.48 38.30 -20.50
N TRP L 520 -19.25 38.47 -21.78
CA TRP L 520 -18.50 39.63 -22.28
C TRP L 520 -19.35 40.94 -22.31
N VAL L 521 -19.52 41.37 -21.07
CA VAL L 521 -20.11 42.58 -20.56
C VAL L 521 -19.31 42.87 -19.28
N ALA L 522 -18.03 42.58 -19.33
CA ALA L 522 -17.15 42.78 -18.28
C ALA L 522 -16.62 44.08 -18.74
N GLU L 523 -17.28 44.61 -19.77
CA GLU L 523 -16.94 45.87 -20.40
C GLU L 523 -17.49 47.07 -19.66
N CYS L 524 -18.64 46.87 -19.07
CA CYS L 524 -19.33 47.84 -18.27
C CYS L 524 -18.53 48.08 -17.03
N GLN L 525 -17.92 47.05 -16.47
CA GLN L 525 -17.15 47.19 -15.23
C GLN L 525 -15.90 47.93 -15.24
N MET L 526 -15.78 48.85 -14.31
CA MET L 526 -14.57 49.64 -14.09
C MET L 526 -13.75 48.60 -13.52
N THR L 527 -12.46 48.76 -13.43
CA THR L 527 -11.63 47.78 -12.74
C THR L 527 -11.88 48.34 -11.45
N ALA L 528 -11.59 47.60 -10.39
CA ALA L 528 -11.84 47.97 -9.02
C ALA L 528 -13.18 47.44 -8.77
N GLU L 529 -13.92 47.13 -9.82
CA GLU L 529 -15.26 46.61 -9.74
C GLU L 529 -15.06 45.24 -10.23
N GLN L 530 -13.95 44.94 -10.83
CA GLN L 530 -13.61 43.60 -11.27
C GLN L 530 -12.73 42.85 -10.29
N PHE L 531 -12.12 43.53 -9.33
CA PHE L 531 -11.32 42.82 -8.35
C PHE L 531 -12.11 42.43 -7.13
N MET L 532 -13.35 42.86 -7.01
CA MET L 532 -14.16 42.56 -5.85
C MET L 532 -15.05 41.36 -6.15
N GLN L 533 -15.16 40.58 -5.11
CA GLN L 533 -15.72 39.30 -5.05
C GLN L 533 -17.10 39.31 -5.45
N PRO L 534 -17.75 40.53 -5.41
CA PRO L 534 -19.16 40.46 -5.76
C PRO L 534 -19.55 40.77 -7.12
N ASP L 535 -20.12 39.79 -7.77
CA ASP L 535 -20.69 39.95 -9.10
C ASP L 535 -19.64 39.80 -10.16
N ASN L 536 -18.39 39.72 -9.71
CA ASN L 536 -17.35 39.44 -10.63
C ASN L 536 -17.42 38.00 -10.26
N ALA L 537 -18.45 37.36 -10.74
CA ALA L 537 -18.70 36.00 -10.45
C ALA L 537 -17.74 35.25 -11.21
N ASN L 538 -17.09 35.97 -12.11
CA ASN L 538 -16.20 35.40 -13.09
C ASN L 538 -14.75 35.77 -12.84
N LEU L 539 -14.46 36.48 -11.77
CA LEU L 539 -13.07 36.72 -11.37
C LEU L 539 -12.34 35.40 -11.22
N ALA L 540 -13.03 34.35 -10.83
CA ALA L 540 -12.37 33.07 -10.72
C ALA L 540 -11.73 32.66 -12.02
N LEU L 541 -12.23 33.14 -13.14
CA LEU L 541 -11.78 32.73 -14.46
C LEU L 541 -10.81 33.70 -15.13
N GLU L 542 -10.37 34.78 -14.49
CA GLU L 542 -9.33 35.60 -15.11
C GLU L 542 -8.02 35.22 -14.44
N LEU L 543 -7.38 34.20 -14.99
CA LEU L 543 -6.14 33.62 -14.50
C LEU L 543 -4.88 34.14 -15.18
N HIS L 544 -4.88 34.29 -16.48
CA HIS L 544 -3.64 34.43 -17.21
C HIS L 544 -3.75 35.61 -18.14
N PRO L 545 -2.66 36.33 -18.35
CA PRO L 545 -2.71 37.50 -19.25
C PRO L 545 -3.15 37.16 -20.64
N ALA L 546 -2.65 36.05 -21.15
CA ALA L 546 -2.66 35.71 -22.56
C ALA L 546 -3.78 34.75 -22.96
N PHE L 547 -4.56 34.24 -22.02
CA PHE L 547 -5.56 33.25 -22.33
C PHE L 547 -6.90 33.64 -21.73
N ASP L 548 -7.96 33.39 -22.47
CA ASP L 548 -9.31 33.50 -21.97
C ASP L 548 -9.76 32.17 -21.39
N PHE L 549 -10.27 32.19 -20.18
CA PHE L 549 -10.87 31.03 -19.57
C PHE L 549 -12.37 31.27 -19.53
N PHE L 550 -13.13 30.37 -20.12
CA PHE L 550 -14.55 30.55 -20.23
C PHE L 550 -15.19 29.19 -20.14
N ALA L 551 -16.48 29.17 -19.87
CA ALA L 551 -17.23 27.93 -19.74
C ALA L 551 -17.99 27.71 -21.03
N GLY L 552 -17.56 26.73 -21.81
CA GLY L 552 -18.30 26.29 -22.97
C GLY L 552 -18.98 24.96 -22.69
N VAL L 553 -19.54 24.37 -23.76
CA VAL L 553 -20.06 23.03 -23.62
C VAL L 553 -18.85 22.13 -23.51
N ALA L 554 -19.05 20.85 -23.25
CA ALA L 554 -17.90 20.05 -22.89
C ALA L 554 -17.42 19.17 -24.03
N ASP L 555 -18.15 18.09 -24.30
CA ASP L 555 -17.65 17.05 -25.19
C ASP L 555 -17.74 17.44 -26.66
N VAL L 556 -18.30 18.60 -26.97
CA VAL L 556 -18.75 18.93 -28.32
C VAL L 556 -17.58 19.48 -29.14
N GLU L 557 -17.30 18.84 -30.28
CA GLU L 557 -16.38 19.40 -31.26
C GLU L 557 -16.87 20.76 -31.71
N LEU L 558 -15.93 21.65 -31.98
CA LEU L 558 -16.39 23.03 -32.06
C LEU L 558 -17.28 23.34 -33.26
N PRO L 559 -16.81 23.26 -34.53
CA PRO L 559 -17.68 23.72 -35.61
C PRO L 559 -18.83 22.72 -35.75
N GLY L 560 -19.74 22.77 -34.79
CA GLY L 560 -20.59 21.67 -34.44
C GLY L 560 -22.04 21.73 -34.83
N GLY L 561 -22.39 22.54 -35.81
CA GLY L 561 -23.77 22.63 -36.23
C GLY L 561 -24.54 23.66 -35.44
N GLU L 562 -25.80 23.83 -35.84
CA GLU L 562 -26.60 25.01 -35.53
C GLU L 562 -26.57 25.43 -34.08
N VAL L 563 -26.98 24.60 -33.12
CA VAL L 563 -27.09 25.09 -31.73
C VAL L 563 -26.31 24.23 -30.78
N PRO L 564 -25.96 24.78 -29.56
CA PRO L 564 -25.16 23.89 -28.72
C PRO L 564 -25.97 22.74 -28.18
N PRO L 565 -25.25 21.59 -27.90
CA PRO L 565 -26.07 20.52 -27.31
C PRO L 565 -25.95 20.75 -25.82
N ALA L 566 -26.98 21.27 -25.17
CA ALA L 566 -26.84 21.55 -23.74
C ALA L 566 -26.44 20.26 -23.06
N GLY L 567 -25.40 20.37 -22.25
CA GLY L 567 -24.85 19.27 -21.52
C GLY L 567 -24.00 19.90 -20.46
N PRO L 568 -23.46 19.11 -19.57
CA PRO L 568 -22.61 19.73 -18.55
C PRO L 568 -21.54 20.58 -19.21
N GLY L 569 -21.28 21.72 -18.63
CA GLY L 569 -20.22 22.56 -19.14
C GLY L 569 -18.89 22.16 -18.56
N ALA L 570 -17.84 22.63 -19.23
CA ALA L 570 -16.50 22.57 -18.68
C ALA L 570 -15.78 23.82 -19.13
N ILE L 571 -15.09 24.48 -18.22
CA ILE L 571 -14.43 25.72 -18.61
C ILE L 571 -13.18 25.34 -19.38
N GLN L 572 -12.81 26.20 -20.32
CA GLN L 572 -11.77 25.87 -21.28
C GLN L 572 -11.08 27.14 -21.70
N ALA L 573 -9.85 27.00 -22.14
CA ALA L 573 -9.02 28.15 -22.44
C ALA L 573 -8.83 28.30 -23.94
N THR L 574 -8.68 29.54 -24.36
CA THR L 574 -8.33 29.85 -25.73
C THR L 574 -7.45 31.08 -25.69
N TRP L 575 -6.52 31.15 -26.61
CA TRP L 575 -5.48 32.14 -26.55
C TRP L 575 -6.00 33.50 -26.98
N ARG L 576 -5.85 34.51 -26.11
CA ARG L 576 -6.15 35.87 -26.51
C ARG L 576 -5.11 36.24 -27.52
N VAL L 577 -5.51 36.54 -28.73
CA VAL L 577 -4.49 36.66 -29.75
C VAL L 577 -3.62 37.88 -29.45
N VAL L 578 -4.23 39.04 -29.29
CA VAL L 578 -3.53 40.31 -29.34
C VAL L 578 -3.67 41.00 -28.00
N ASN L 579 -2.78 41.93 -27.75
CA ASN L 579 -2.83 42.56 -26.44
C ASN L 579 -4.03 43.47 -26.28
N GLY L 580 -4.81 43.66 -27.33
CA GLY L 580 -6.04 44.40 -27.25
C GLY L 580 -7.20 43.61 -26.77
N ASN L 581 -7.05 42.31 -26.58
CA ASN L 581 -8.12 41.44 -26.05
C ASN L 581 -8.10 41.30 -24.56
N LEU L 582 -7.21 41.98 -23.86
CA LEU L 582 -7.16 41.96 -22.46
C LEU L 582 -8.38 42.78 -22.11
N PRO L 583 -9.19 42.34 -21.08
CA PRO L 583 -10.40 43.13 -20.85
C PRO L 583 -10.14 44.55 -20.56
N LEU L 584 -11.09 45.44 -20.84
CA LEU L 584 -10.92 46.87 -20.60
C LEU L 584 -10.72 47.17 -19.14
N ALA L 585 -11.43 46.47 -18.27
CA ALA L 585 -11.29 46.72 -16.84
C ALA L 585 -9.85 46.64 -16.41
N LEU L 586 -9.11 45.68 -16.95
CA LEU L 586 -7.70 45.50 -16.66
C LEU L 586 -6.78 46.24 -17.61
N CYS L 587 -7.27 46.78 -18.72
CA CYS L 587 -6.48 47.66 -19.59
C CYS L 587 -7.38 48.77 -20.09
N PRO L 588 -7.53 49.85 -19.35
CA PRO L 588 -8.63 50.79 -19.61
C PRO L 588 -8.46 51.51 -20.93
N VAL L 589 -9.55 52.13 -21.37
CA VAL L 589 -9.49 52.94 -22.59
C VAL L 589 -8.57 54.12 -22.39
N ALA L 590 -8.55 54.68 -21.18
CA ALA L 590 -7.67 55.80 -20.87
C ALA L 590 -6.22 55.44 -21.05
N PHE L 591 -5.84 54.25 -20.62
CA PHE L 591 -4.50 53.77 -20.88
C PHE L 591 -4.31 53.52 -22.34
N ARG L 592 -5.20 52.75 -22.90
CA ARG L 592 -5.09 52.20 -24.22
C ARG L 592 -5.01 53.31 -25.25
N ASP L 593 -5.68 54.43 -24.98
CA ASP L 593 -5.60 55.61 -25.85
C ASP L 593 -4.36 56.44 -25.58
N ALA L 594 -3.90 56.49 -24.34
CA ALA L 594 -2.69 57.24 -23.99
C ALA L 594 -1.47 56.74 -24.74
N ARG L 595 -1.54 55.47 -25.12
CA ARG L 595 -0.55 54.70 -25.86
C ARG L 595 -0.75 54.79 -27.38
N GLY L 596 -1.87 55.35 -27.83
CA GLY L 596 -2.06 55.68 -29.22
C GLY L 596 -1.42 57.01 -29.49
N LEU L 597 -1.51 57.92 -28.53
CA LEU L 597 -0.80 59.18 -28.63
C LEU L 597 0.70 58.99 -28.59
N GLU L 598 1.17 58.07 -27.78
CA GLU L 598 2.60 57.79 -27.72
C GLU L 598 3.14 57.39 -29.09
N LEU L 599 2.34 56.66 -29.85
CA LEU L 599 2.73 56.18 -31.17
C LEU L 599 2.37 57.12 -32.27
N GLY L 600 1.54 58.11 -31.99
CA GLY L 600 1.12 58.98 -33.05
C GLY L 600 2.11 60.06 -33.28
N VAL L 601 2.94 60.35 -32.29
CA VAL L 601 3.87 61.46 -32.36
C VAL L 601 4.85 61.23 -33.49
N GLY L 602 4.98 62.22 -34.37
CA GLY L 602 5.90 62.13 -35.46
C GLY L 602 5.54 61.15 -36.54
N ARG L 603 4.37 60.54 -36.47
CA ARG L 603 3.86 59.74 -37.55
C ARG L 603 2.73 60.48 -38.24
N HIS L 604 2.17 59.85 -39.27
CA HIS L 604 1.19 60.51 -40.12
C HIS L 604 -0.05 60.88 -39.32
N ALA L 605 -0.70 61.95 -39.75
CA ALA L 605 -1.97 62.37 -39.15
C ALA L 605 -2.90 62.82 -40.26
N MET L 606 -4.07 62.19 -40.36
CA MET L 606 -5.06 62.65 -41.31
C MET L 606 -5.53 64.05 -40.98
N ALA L 607 -5.65 64.89 -42.00
CA ALA L 607 -6.13 66.24 -41.81
C ALA L 607 -7.54 66.19 -41.25
N PRO L 608 -8.00 67.26 -40.62
CA PRO L 608 -9.38 67.29 -40.15
C PRO L 608 -10.39 67.40 -41.27
N ALA L 609 -9.99 67.90 -42.43
CA ALA L 609 -10.89 67.96 -43.55
C ALA L 609 -11.10 66.59 -44.17
N THR L 610 -10.11 65.73 -44.08
CA THR L 610 -10.34 64.37 -44.51
C THR L 610 -11.10 63.58 -43.47
N ILE L 611 -11.09 64.02 -42.23
CA ILE L 611 -11.80 63.28 -41.21
C ILE L 611 -13.27 63.62 -41.24
N ALA L 612 -13.60 64.89 -41.42
CA ALA L 612 -14.99 65.30 -41.50
C ALA L 612 -15.66 64.69 -42.72
N ALA L 613 -14.94 64.59 -43.83
CA ALA L 613 -15.51 64.03 -45.05
C ALA L 613 -15.71 62.54 -44.93
N VAL L 614 -14.67 61.83 -44.50
CA VAL L 614 -14.77 60.38 -44.39
C VAL L 614 -15.73 60.00 -43.29
N ARG L 615 -15.73 60.74 -42.19
CA ARG L 615 -16.61 60.39 -41.09
C ARG L 615 -18.05 60.70 -41.39
N GLY L 616 -18.31 61.75 -42.18
CA GLY L 616 -19.67 62.10 -42.51
C GLY L 616 -20.30 61.19 -43.54
N ALA L 617 -19.50 60.43 -44.27
CA ALA L 617 -20.05 59.43 -45.17
C ALA L 617 -20.61 58.25 -44.39
N PHE L 618 -19.92 57.84 -43.34
CA PHE L 618 -20.45 56.80 -42.47
C PHE L 618 -21.67 57.26 -41.71
N GLU L 619 -21.87 58.55 -41.57
CA GLU L 619 -23.04 59.07 -40.88
C GLU L 619 -24.10 59.51 -41.86
N ASP L 620 -23.84 59.43 -43.14
CA ASP L 620 -24.81 59.87 -44.12
C ASP L 620 -25.85 58.78 -44.21
N ARG L 621 -27.07 59.10 -43.83
CA ARG L 621 -28.15 58.11 -43.89
C ARG L 621 -29.02 58.28 -45.11
N SER L 622 -28.81 59.34 -45.89
CA SER L 622 -29.23 59.35 -47.27
C SER L 622 -27.93 59.27 -48.03
N TYR L 623 -27.52 58.06 -48.31
CA TYR L 623 -26.29 57.80 -49.03
C TYR L 623 -26.76 57.04 -50.26
N PRO L 624 -26.66 57.59 -51.45
CA PRO L 624 -27.40 57.03 -52.56
C PRO L 624 -27.08 55.57 -52.77
N ALA L 625 -28.12 54.77 -52.99
CA ALA L 625 -27.94 53.33 -53.04
C ALA L 625 -27.25 52.88 -54.31
N VAL L 626 -27.22 53.72 -55.36
CA VAL L 626 -26.39 53.39 -56.51
C VAL L 626 -24.97 53.14 -56.07
N PHE L 627 -24.52 53.83 -55.04
CA PHE L 627 -23.17 53.66 -54.57
C PHE L 627 -22.95 52.25 -54.03
N TYR L 628 -23.93 51.70 -53.34
CA TYR L 628 -23.82 50.32 -52.91
C TYR L 628 -23.92 49.36 -54.07
N LEU L 629 -24.69 49.73 -55.10
CA LEU L 629 -24.85 48.88 -56.27
C LEU L 629 -23.64 48.94 -57.19
N LEU L 630 -23.15 50.15 -57.46
CA LEU L 630 -21.91 50.26 -58.23
C LEU L 630 -20.78 49.53 -57.55
N GLN L 631 -20.76 49.55 -56.23
CA GLN L 631 -19.71 48.89 -55.48
C GLN L 631 -19.73 47.39 -55.72
N ALA L 632 -20.93 46.81 -55.71
CA ALA L 632 -21.09 45.39 -55.94
C ALA L 632 -21.15 45.03 -57.42
N ALA L 633 -21.30 46.02 -58.29
CA ALA L 633 -21.11 45.80 -59.72
C ALA L 633 -19.64 45.73 -60.07
N ILE L 634 -18.86 46.70 -59.57
CA ILE L 634 -17.42 46.70 -59.80
C ILE L 634 -16.80 45.44 -59.19
N HIS L 635 -17.37 44.96 -58.10
CA HIS L 635 -16.92 43.77 -57.39
C HIS L 635 -15.41 43.72 -57.27
N GLY L 636 -14.85 44.84 -56.81
CA GLY L 636 -13.43 44.92 -56.52
C GLY L 636 -12.54 44.63 -57.68
N SER L 637 -13.08 44.62 -58.90
CA SER L 637 -12.33 44.29 -60.09
C SER L 637 -11.78 45.56 -60.71
N GLU L 638 -10.53 45.48 -61.16
CA GLU L 638 -9.87 46.63 -61.75
C GLU L 638 -10.19 46.78 -63.23
N HIS L 639 -10.71 45.74 -63.86
CA HIS L 639 -11.25 45.87 -65.20
C HIS L 639 -12.55 46.67 -65.16
N VAL L 640 -13.46 46.31 -64.27
CA VAL L 640 -14.75 46.95 -64.24
C VAL L 640 -14.64 48.39 -63.74
N PHE L 641 -13.65 48.69 -62.91
CA PHE L 641 -13.56 50.06 -62.42
C PHE L 641 -13.16 51.01 -63.53
N CYS L 642 -12.06 50.73 -64.24
CA CYS L 642 -11.61 51.63 -65.28
C CYS L 642 -12.58 51.69 -66.44
N ALA L 643 -13.25 50.59 -66.73
CA ALA L 643 -14.39 50.62 -67.64
C ALA L 643 -15.36 51.71 -67.23
N LEU L 644 -15.83 51.65 -65.98
CA LEU L 644 -16.80 52.61 -65.49
C LEU L 644 -16.19 53.88 -64.97
N ALA L 645 -14.86 54.03 -65.03
CA ALA L 645 -14.18 55.11 -64.32
C ALA L 645 -14.83 56.45 -64.56
N ARG L 646 -15.40 56.67 -65.74
CA ARG L 646 -16.09 57.93 -66.00
C ARG L 646 -17.42 58.01 -65.27
N LEU L 647 -18.08 56.86 -65.07
CA LEU L 647 -19.35 56.83 -64.37
C LEU L 647 -19.15 57.02 -62.88
N VAL L 648 -18.03 56.55 -62.35
CA VAL L 648 -17.71 56.69 -60.94
C VAL L 648 -17.40 58.13 -60.58
N THR L 649 -16.57 58.80 -61.38
CA THR L 649 -16.14 60.13 -60.98
C THR L 649 -17.27 61.14 -61.05
N GLN L 650 -18.34 60.81 -61.77
CA GLN L 650 -19.52 61.65 -61.72
C GLN L 650 -20.33 61.38 -60.47
N CYS L 651 -20.33 60.14 -60.00
CA CYS L 651 -20.90 59.84 -58.70
C CYS L 651 -20.15 60.58 -57.60
N ILE L 652 -18.84 60.46 -57.56
CA ILE L 652 -18.05 61.12 -56.52
C ILE L 652 -18.29 62.61 -56.54
N THR L 653 -18.27 63.22 -57.71
CA THR L 653 -18.40 64.67 -57.80
C THR L 653 -19.82 65.11 -57.44
N SER L 654 -20.81 64.40 -57.94
CA SER L 654 -22.18 64.69 -57.54
C SER L 654 -22.30 64.63 -56.03
N TYR L 655 -21.90 63.52 -55.43
CA TYR L 655 -21.98 63.34 -54.00
C TYR L 655 -21.09 64.32 -53.24
N TRP L 656 -19.92 64.65 -53.77
CA TRP L 656 -19.08 65.63 -53.09
C TRP L 656 -19.66 67.02 -53.17
N ASN L 657 -20.42 67.32 -54.23
CA ASN L 657 -20.97 68.65 -54.36
C ASN L 657 -22.22 68.83 -53.52
N ASN L 658 -23.05 67.79 -53.40
CA ASN L 658 -24.19 67.85 -52.51
C ASN L 658 -23.75 68.04 -51.08
N THR L 659 -22.99 67.08 -50.57
CA THR L 659 -22.60 66.97 -49.18
C THR L 659 -21.12 66.71 -49.20
N ARG L 660 -20.30 67.62 -48.65
CA ARG L 660 -18.89 67.40 -48.91
C ARG L 660 -18.50 66.20 -48.08
N CYS L 661 -18.40 65.07 -48.75
CA CYS L 661 -18.18 63.79 -48.09
C CYS L 661 -17.56 62.86 -49.11
N ALA L 662 -16.78 61.91 -48.62
CA ALA L 662 -16.10 60.99 -49.50
C ALA L 662 -17.05 59.87 -49.86
N ALA L 663 -17.13 59.52 -51.14
CA ALA L 663 -18.22 58.68 -51.63
C ALA L 663 -18.05 57.22 -51.24
N PHE L 664 -17.04 56.56 -51.80
CA PHE L 664 -16.98 55.11 -51.83
C PHE L 664 -16.24 54.50 -50.67
N VAL L 665 -16.02 55.26 -49.60
CA VAL L 665 -15.12 54.89 -48.53
C VAL L 665 -15.47 53.58 -47.83
N ASN L 666 -16.58 52.95 -48.14
CA ASN L 666 -16.80 51.68 -47.46
C ASN L 666 -16.06 50.53 -48.09
N ASP L 667 -15.30 50.77 -49.16
CA ASP L 667 -14.53 49.74 -49.85
C ASP L 667 -13.10 50.22 -49.98
N TYR L 668 -12.13 49.43 -49.50
CA TYR L 668 -10.76 49.90 -49.62
C TYR L 668 -10.26 49.77 -51.03
N SER L 669 -10.69 48.74 -51.74
CA SER L 669 -10.20 48.56 -53.10
C SER L 669 -10.68 49.68 -53.99
N LEU L 670 -11.90 50.16 -53.80
CA LEU L 670 -12.33 51.30 -54.58
C LEU L 670 -11.59 52.56 -54.16
N VAL L 671 -11.35 52.74 -52.87
CA VAL L 671 -10.60 53.91 -52.41
C VAL L 671 -9.19 53.89 -52.96
N SER L 672 -8.63 52.71 -53.17
CA SER L 672 -7.30 52.61 -53.74
C SER L 672 -7.26 52.66 -55.25
N TYR L 673 -8.38 52.36 -55.94
CA TYR L 673 -8.48 52.58 -57.37
C TYR L 673 -8.79 54.01 -57.71
N ILE L 674 -9.53 54.70 -56.85
CA ILE L 674 -9.74 56.12 -57.04
C ILE L 674 -8.41 56.85 -57.02
N VAL L 675 -7.61 56.60 -55.98
CA VAL L 675 -6.37 57.34 -55.85
C VAL L 675 -5.45 57.04 -57.02
N THR L 676 -5.52 55.84 -57.55
CA THR L 676 -4.64 55.46 -58.64
C THR L 676 -5.13 56.05 -59.97
N TYR L 677 -6.31 55.62 -60.40
CA TYR L 677 -6.78 55.92 -61.75
C TYR L 677 -7.44 57.29 -61.85
N LEU L 678 -8.19 57.71 -60.85
CA LEU L 678 -9.02 58.90 -60.98
C LEU L 678 -8.27 60.17 -60.61
N GLY L 679 -6.97 60.09 -60.38
CA GLY L 679 -6.22 61.21 -59.87
C GLY L 679 -6.36 62.49 -60.67
N GLY L 680 -6.58 62.37 -61.97
CA GLY L 680 -6.70 63.56 -62.79
C GLY L 680 -7.94 64.38 -62.58
N ASP L 681 -9.12 63.77 -62.67
CA ASP L 681 -10.37 64.50 -62.74
C ASP L 681 -11.23 64.27 -61.52
N LEU L 682 -11.17 65.20 -60.60
CA LEU L 682 -11.80 65.24 -59.30
C LEU L 682 -11.28 66.53 -58.69
N PRO L 683 -12.08 67.31 -58.00
CA PRO L 683 -11.53 68.48 -57.33
C PRO L 683 -10.50 68.06 -56.29
N GLU L 684 -9.37 68.76 -56.27
CA GLU L 684 -8.32 68.44 -55.31
C GLU L 684 -8.83 68.44 -53.89
N GLU L 685 -9.91 69.17 -53.64
CA GLU L 685 -10.49 69.14 -52.31
C GLU L 685 -11.02 67.75 -51.98
N CYS L 686 -11.71 67.09 -52.93
CA CYS L 686 -12.25 65.77 -52.61
C CYS L 686 -11.20 64.70 -52.77
N MET L 687 -10.34 64.83 -53.77
CA MET L 687 -9.27 63.85 -53.96
C MET L 687 -8.37 63.81 -52.75
N ALA L 688 -8.01 64.96 -52.19
CA ALA L 688 -7.15 65.00 -51.03
C ALA L 688 -7.66 64.10 -49.92
N VAL L 689 -8.95 63.85 -49.88
CA VAL L 689 -9.54 62.98 -48.87
C VAL L 689 -9.16 61.53 -49.12
N TYR L 690 -9.07 61.12 -50.38
CA TYR L 690 -8.71 59.75 -50.67
C TYR L 690 -7.21 59.53 -50.58
N ARG L 691 -6.43 60.46 -51.10
CA ARG L 691 -4.99 60.40 -50.93
C ARG L 691 -4.64 60.23 -49.47
N ASP L 692 -5.24 61.06 -48.62
CA ASP L 692 -4.93 61.08 -47.20
C ASP L 692 -5.41 59.82 -46.52
N LEU L 693 -6.53 59.27 -46.95
CA LEU L 693 -7.05 58.05 -46.38
C LEU L 693 -6.17 56.87 -46.74
N VAL L 694 -5.54 56.90 -47.90
CA VAL L 694 -4.61 55.85 -48.31
C VAL L 694 -3.25 56.05 -47.68
N ALA L 695 -2.78 57.30 -47.64
CA ALA L 695 -1.55 57.63 -46.94
C ALA L 695 -1.55 57.12 -45.54
N HIS L 696 -2.71 57.10 -44.90
CA HIS L 696 -2.77 56.71 -43.50
C HIS L 696 -2.69 55.21 -43.34
N VAL L 697 -3.41 54.46 -44.17
CA VAL L 697 -3.32 53.01 -44.18
C VAL L 697 -1.88 52.55 -44.35
N GLU L 698 -1.08 53.32 -45.05
CA GLU L 698 0.32 52.95 -45.21
C GLU L 698 1.20 53.51 -44.11
N ALA L 699 0.71 54.47 -43.35
CA ALA L 699 1.46 54.96 -42.21
C ALA L 699 1.40 53.97 -41.06
N LEU L 700 0.27 53.28 -40.95
CA LEU L 700 0.08 52.25 -39.96
C LEU L 700 0.72 50.96 -40.39
N ALA L 701 0.80 50.71 -41.69
CA ALA L 701 1.37 49.46 -42.15
C ALA L 701 2.82 49.32 -41.70
N GLN L 702 3.56 50.41 -41.67
CA GLN L 702 4.95 50.34 -41.32
C GLN L 702 5.22 50.63 -39.86
N LEU L 703 4.24 51.09 -39.10
CA LEU L 703 4.40 51.15 -37.67
C LEU L 703 4.83 49.81 -37.11
N VAL L 704 4.38 48.72 -37.73
CA VAL L 704 4.75 47.38 -37.29
C VAL L 704 6.25 47.14 -37.38
N ASP L 705 6.90 47.75 -38.37
CA ASP L 705 8.30 47.46 -38.65
C ASP L 705 9.23 48.28 -37.79
N ASP L 706 8.72 49.32 -37.15
CA ASP L 706 9.51 49.98 -36.14
C ASP L 706 9.66 49.10 -34.93
N PHE L 707 8.65 48.30 -34.65
CA PHE L 707 8.59 47.46 -33.46
C PHE L 707 8.97 46.01 -33.71
N THR L 708 9.48 45.68 -34.88
CA THR L 708 9.94 44.33 -35.16
C THR L 708 11.45 44.35 -35.31
N LEU L 709 12.11 43.46 -34.60
CA LEU L 709 13.54 43.22 -34.69
C LEU L 709 13.82 42.19 -35.78
N PRO L 710 14.77 42.41 -36.67
CA PRO L 710 14.95 41.50 -37.79
C PRO L 710 15.29 40.11 -37.28
N GLY L 711 14.88 39.10 -38.03
CA GLY L 711 15.10 37.75 -37.63
C GLY L 711 14.74 36.79 -38.73
N PRO L 712 14.80 35.51 -38.43
CA PRO L 712 14.51 34.49 -39.42
C PRO L 712 13.05 34.41 -39.81
N GLU L 713 12.71 33.32 -40.47
CA GLU L 713 11.35 32.98 -40.81
C GLU L 713 10.99 31.75 -39.98
N LEU L 714 10.04 31.91 -39.07
CA LEU L 714 9.69 30.86 -38.11
C LEU L 714 8.34 30.28 -38.48
N GLY L 715 8.33 29.03 -38.90
CA GLY L 715 7.08 28.39 -39.22
C GLY L 715 6.56 28.68 -40.60
N GLY L 716 7.43 29.06 -41.52
CA GLY L 716 7.00 29.56 -42.79
C GLY L 716 6.51 30.99 -42.78
N GLN L 717 6.58 31.65 -41.64
CA GLN L 717 6.09 33.01 -41.48
C GLN L 717 7.21 33.93 -41.08
N ALA L 718 7.08 35.19 -41.48
CA ALA L 718 8.09 36.19 -41.21
C ALA L 718 8.07 36.56 -39.74
N GLN L 719 8.94 37.49 -39.35
CA GLN L 719 8.88 37.93 -37.97
C GLN L 719 7.74 38.88 -37.72
N ALA L 720 7.31 39.63 -38.72
CA ALA L 720 6.20 40.54 -38.48
C ALA L 720 4.89 39.78 -38.43
N GLU L 721 4.72 38.82 -39.32
CA GLU L 721 3.56 37.93 -39.26
C GLU L 721 3.43 37.24 -37.91
N LEU L 722 4.52 37.10 -37.17
CA LEU L 722 4.47 36.57 -35.82
C LEU L 722 4.33 37.64 -34.77
N ASN L 723 4.34 38.91 -35.17
CA ASN L 723 4.45 40.03 -34.25
C ASN L 723 3.13 40.77 -34.11
N HIS L 724 2.62 41.29 -35.20
CA HIS L 724 1.40 42.08 -35.26
C HIS L 724 0.36 41.28 -36.01
N LEU L 725 -0.92 41.53 -35.70
CA LEU L 725 -1.99 40.75 -36.29
C LEU L 725 -2.35 41.19 -37.69
N MET L 726 -2.12 42.44 -38.05
CA MET L 726 -2.40 42.90 -39.40
C MET L 726 -1.43 42.36 -40.42
N ARG L 727 -0.20 42.12 -40.02
CA ARG L 727 0.72 41.35 -40.82
C ARG L 727 0.44 39.86 -40.78
N ASP L 728 -0.09 39.33 -39.68
CA ASP L 728 -0.21 37.89 -39.54
C ASP L 728 -1.11 37.31 -40.63
N PRO L 729 -0.66 36.28 -41.32
CA PRO L 729 -1.43 35.77 -42.45
C PRO L 729 -2.83 35.24 -42.08
N ALA L 730 -2.97 34.42 -41.04
CA ALA L 730 -4.20 33.67 -40.83
C ALA L 730 -5.42 34.58 -40.87
N LEU L 731 -5.34 35.73 -40.23
CA LEU L 731 -6.48 36.63 -40.25
C LEU L 731 -6.62 37.25 -41.63
N LEU L 732 -7.79 37.12 -42.21
CA LEU L 732 -8.06 37.81 -43.45
C LEU L 732 -9.26 38.71 -43.30
N PRO L 733 -9.38 39.78 -44.10
CA PRO L 733 -10.32 40.84 -43.78
C PRO L 733 -11.75 40.35 -43.86
N PRO L 734 -12.71 41.10 -43.30
CA PRO L 734 -14.09 40.61 -43.31
C PRO L 734 -14.65 40.48 -44.72
N LEU L 735 -14.07 41.18 -45.69
CA LEU L 735 -14.68 41.34 -47.01
C LEU L 735 -13.58 41.10 -48.03
N VAL L 736 -13.69 40.04 -48.82
CA VAL L 736 -12.61 39.60 -49.70
C VAL L 736 -13.15 39.37 -51.10
N TRP L 737 -12.82 40.25 -52.05
CA TRP L 737 -13.37 40.10 -53.39
C TRP L 737 -12.66 39.04 -54.22
N ASP L 738 -11.35 38.88 -54.06
CA ASP L 738 -10.59 37.92 -54.82
C ASP L 738 -9.96 36.90 -53.90
N CYS L 739 -9.58 35.77 -54.46
CA CYS L 739 -9.14 34.65 -53.63
C CYS L 739 -7.68 34.75 -53.25
N ASP L 740 -7.00 35.85 -53.57
CA ASP L 740 -5.62 36.07 -53.13
C ASP L 740 -5.48 35.81 -51.63
N GLY L 741 -6.46 36.27 -50.85
CA GLY L 741 -6.43 36.01 -49.43
C GLY L 741 -6.39 34.53 -49.09
N LEU L 742 -7.31 33.75 -49.65
CA LEU L 742 -7.33 32.34 -49.29
C LEU L 742 -6.12 31.61 -49.86
N MET L 743 -5.61 32.06 -51.01
CA MET L 743 -4.44 31.41 -51.59
C MET L 743 -3.31 31.31 -50.56
N ARG L 744 -2.99 32.41 -49.92
CA ARG L 744 -1.79 32.45 -49.10
C ARG L 744 -2.02 31.75 -47.76
N HIS L 745 -3.22 31.81 -47.23
CA HIS L 745 -3.40 31.23 -45.94
C HIS L 745 -3.87 29.79 -46.05
N ALA L 746 -4.35 29.40 -47.22
CA ALA L 746 -4.57 27.98 -47.43
C ALA L 746 -3.28 27.22 -47.22
N ALA L 747 -2.16 27.80 -47.62
CA ALA L 747 -0.87 27.19 -47.39
C ALA L 747 -0.26 27.89 -46.19
N LEU L 748 -0.38 27.23 -45.04
CA LEU L 748 0.32 27.53 -43.81
C LEU L 748 0.34 26.24 -43.02
N ASP L 749 1.37 26.07 -42.21
CA ASP L 749 1.33 24.95 -41.29
C ASP L 749 0.28 25.18 -40.22
N ARG L 750 0.03 26.44 -39.88
CA ARG L 750 -0.99 26.79 -38.90
C ARG L 750 -2.37 26.47 -39.41
N HIS L 751 -2.59 26.60 -40.70
CA HIS L 751 -3.92 26.45 -41.26
C HIS L 751 -4.52 25.13 -40.92
N ARG L 752 -5.77 25.16 -40.49
CA ARG L 752 -6.42 23.92 -40.15
C ARG L 752 -7.48 23.56 -41.15
N ASP L 753 -8.42 24.47 -41.38
CA ASP L 753 -9.46 24.22 -42.36
C ASP L 753 -10.03 25.52 -42.89
N CYS L 754 -10.61 25.50 -44.08
CA CYS L 754 -11.30 26.69 -44.50
C CYS L 754 -12.63 26.21 -45.00
N ARG L 755 -13.62 26.14 -44.12
CA ARG L 755 -14.93 25.61 -44.49
C ARG L 755 -16.02 26.61 -44.91
N ILE L 756 -16.24 26.76 -46.22
CA ILE L 756 -17.27 27.66 -46.73
C ILE L 756 -18.65 27.09 -46.45
N ASP L 757 -19.63 27.97 -46.29
CA ASP L 757 -20.96 27.49 -45.97
C ASP L 757 -22.03 27.78 -47.01
N ALA L 758 -22.63 26.68 -47.45
CA ALA L 758 -23.69 26.64 -48.44
C ALA L 758 -23.73 25.22 -48.99
N GLY L 759 -22.63 24.85 -49.66
CA GLY L 759 -22.50 23.54 -50.29
C GLY L 759 -21.29 22.63 -50.27
N GLY L 760 -20.13 23.09 -49.79
CA GLY L 760 -18.96 22.21 -49.75
C GLY L 760 -18.00 22.75 -48.69
N HIS L 761 -17.10 21.97 -48.08
CA HIS L 761 -16.36 22.78 -47.13
C HIS L 761 -15.01 23.26 -47.64
N GLU L 762 -14.36 22.51 -48.52
CA GLU L 762 -13.12 22.96 -49.14
C GLU L 762 -13.46 23.86 -50.32
N PRO L 763 -12.92 25.07 -50.40
CA PRO L 763 -13.25 25.93 -51.55
C PRO L 763 -12.63 25.46 -52.85
N VAL L 764 -12.99 26.16 -53.93
CA VAL L 764 -12.40 25.93 -55.24
C VAL L 764 -12.65 27.22 -56.00
N TYR L 765 -11.93 27.42 -57.10
CA TYR L 765 -11.89 28.73 -57.71
C TYR L 765 -12.52 28.75 -59.09
N ALA L 766 -12.63 29.96 -59.59
CA ALA L 766 -13.20 30.23 -60.88
C ALA L 766 -12.36 31.31 -61.56
N ALA L 767 -11.83 30.99 -62.74
CA ALA L 767 -10.92 31.91 -63.40
C ALA L 767 -11.61 33.20 -63.79
N ALA L 768 -12.92 33.16 -64.00
CA ALA L 768 -13.67 34.30 -64.50
C ALA L 768 -15.16 33.99 -64.32
N CYS L 769 -16.00 34.93 -64.77
CA CYS L 769 -17.45 34.76 -64.77
C CYS L 769 -18.03 35.62 -65.88
N ASN L 770 -19.19 35.19 -66.39
CA ASN L 770 -19.84 35.82 -67.54
C ASN L 770 -21.34 35.68 -67.40
N VAL L 771 -22.09 36.03 -68.45
CA VAL L 771 -23.52 35.76 -68.45
C VAL L 771 -23.79 34.26 -68.43
N ALA L 772 -23.01 33.48 -69.19
CA ALA L 772 -23.14 32.03 -69.15
C ALA L 772 -22.54 31.45 -67.89
N THR L 773 -21.31 31.85 -67.56
CA THR L 773 -20.61 31.27 -66.42
C THR L 773 -21.36 31.51 -65.12
N ALA L 774 -22.13 32.59 -65.04
CA ALA L 774 -22.79 32.95 -63.79
C ALA L 774 -23.92 31.97 -63.49
N ASP L 775 -23.83 31.31 -62.34
CA ASP L 775 -24.94 30.61 -61.71
C ASP L 775 -25.09 31.25 -60.33
N PHE L 776 -26.15 32.04 -60.14
CA PHE L 776 -26.17 32.99 -59.03
C PHE L 776 -26.32 32.28 -57.69
N ASN L 777 -27.38 31.50 -57.54
CA ASN L 777 -27.65 30.82 -56.28
C ASN L 777 -27.22 29.36 -56.44
N ARG L 778 -26.00 29.10 -55.96
CA ARG L 778 -25.32 27.80 -56.02
C ARG L 778 -24.58 27.49 -54.71
N ASN L 779 -24.63 26.25 -54.24
CA ASN L 779 -23.93 25.91 -53.02
C ASN L 779 -23.08 24.66 -53.19
N ASP L 780 -22.04 24.78 -54.01
CA ASP L 780 -21.12 23.69 -54.28
C ASP L 780 -19.76 23.91 -53.59
N GLY L 781 -19.60 25.12 -53.12
CA GLY L 781 -18.39 25.67 -52.52
C GLY L 781 -17.38 26.15 -53.53
N ARG L 782 -17.77 27.02 -54.45
CA ARG L 782 -16.84 27.66 -55.36
C ARG L 782 -16.81 29.16 -55.12
N LEU L 783 -15.65 29.76 -55.41
CA LEU L 783 -15.39 31.17 -55.26
C LEU L 783 -14.95 31.73 -56.60
N LEU L 784 -14.94 33.05 -56.71
CA LEU L 784 -14.50 33.75 -57.91
C LEU L 784 -13.17 34.42 -57.65
N HIS L 785 -12.16 34.13 -58.44
CA HIS L 785 -10.83 34.74 -58.21
C HIS L 785 -10.42 35.75 -59.31
N ASN L 786 -11.30 35.97 -60.27
CA ASN L 786 -11.03 36.85 -61.39
C ASN L 786 -11.25 38.38 -61.26
N THR L 787 -10.39 39.07 -60.52
CA THR L 787 -10.50 40.53 -60.39
C THR L 787 -9.27 41.28 -60.98
N GLN L 788 -8.52 40.55 -61.82
CA GLN L 788 -7.33 40.97 -62.52
C GLN L 788 -7.64 42.13 -63.46
N ALA L 789 -6.62 42.94 -63.70
CA ALA L 789 -6.75 44.11 -64.57
C ALA L 789 -6.86 43.69 -66.03
N ARG L 790 -5.98 42.80 -66.47
CA ARG L 790 -5.99 42.32 -67.84
C ARG L 790 -6.75 41.00 -67.89
N ALA L 791 -7.92 41.02 -68.52
CA ALA L 791 -8.70 39.80 -68.68
C ALA L 791 -8.02 38.79 -69.59
N ALA L 792 -7.05 39.22 -70.38
CA ALA L 792 -6.32 38.30 -71.25
C ALA L 792 -5.61 37.24 -70.44
N ASP L 793 -4.74 37.66 -69.53
CA ASP L 793 -4.00 36.73 -68.68
C ASP L 793 -4.71 36.70 -67.33
N ALA L 794 -5.43 35.62 -67.10
CA ALA L 794 -6.31 35.49 -65.95
C ALA L 794 -5.53 34.92 -64.78
N ALA L 795 -6.20 34.75 -63.65
CA ALA L 795 -5.59 34.09 -62.52
C ALA L 795 -6.54 33.03 -61.97
N ASP L 796 -5.98 31.86 -61.68
CA ASP L 796 -6.73 30.72 -61.18
C ASP L 796 -6.09 30.18 -59.90
N ASP L 797 -4.82 29.78 -59.96
CA ASP L 797 -4.01 29.52 -58.78
C ASP L 797 -3.22 30.77 -58.35
N ARG L 798 -2.36 31.27 -59.22
CA ARG L 798 -1.49 32.39 -58.88
C ARG L 798 -2.29 33.60 -58.41
N PRO L 799 -2.03 34.13 -57.22
CA PRO L 799 -2.76 35.31 -56.75
C PRO L 799 -2.32 36.58 -57.46
N HIS L 800 -3.23 37.56 -57.47
CA HIS L 800 -3.06 38.74 -58.31
C HIS L 800 -1.99 39.67 -57.77
N ARG L 801 -2.24 40.27 -56.61
CA ARG L 801 -1.69 41.53 -56.16
C ARG L 801 -0.42 41.34 -55.34
N PRO L 802 0.20 42.43 -54.83
CA PRO L 802 1.32 42.29 -53.89
C PRO L 802 0.94 41.63 -52.57
N ALA L 803 1.94 41.46 -51.70
CA ALA L 803 1.68 40.90 -50.37
C ALA L 803 1.07 41.94 -49.45
N ASP L 804 1.34 43.22 -49.72
CA ASP L 804 0.77 44.30 -48.94
C ASP L 804 -0.68 44.57 -49.29
N TRP L 805 -1.14 44.14 -50.46
CA TRP L 805 -2.51 44.42 -50.87
C TRP L 805 -3.49 44.07 -49.78
N THR L 806 -3.54 42.80 -49.39
CA THR L 806 -4.44 42.34 -48.34
C THR L 806 -3.98 42.70 -46.95
N VAL L 807 -2.78 43.25 -46.78
CA VAL L 807 -2.43 43.81 -45.49
C VAL L 807 -3.13 45.14 -45.29
N HIS L 808 -3.18 45.96 -46.33
CA HIS L 808 -3.84 47.26 -46.21
C HIS L 808 -5.33 47.12 -46.04
N HIS L 809 -5.93 46.06 -46.58
CA HIS L 809 -7.35 45.87 -46.38
C HIS L 809 -7.67 45.53 -44.94
N LYS L 810 -6.84 44.73 -44.30
CA LYS L 810 -7.04 44.49 -42.88
C LYS L 810 -6.82 45.76 -42.08
N ILE L 811 -5.76 46.50 -42.39
CA ILE L 811 -5.55 47.77 -41.71
C ILE L 811 -6.71 48.72 -41.97
N TYR L 812 -7.30 48.66 -43.14
CA TYR L 812 -8.40 49.56 -43.43
C TYR L 812 -9.69 49.10 -42.76
N TYR L 813 -10.02 47.81 -42.89
CA TYR L 813 -11.28 47.33 -42.34
C TYR L 813 -11.23 47.23 -40.84
N TYR L 814 -10.16 46.65 -40.29
CA TYR L 814 -10.11 46.50 -38.85
C TYR L 814 -9.63 47.75 -38.12
N VAL L 815 -8.63 48.44 -38.63
CA VAL L 815 -8.15 49.59 -37.89
C VAL L 815 -8.95 50.86 -38.20
N LEU L 816 -9.20 51.16 -39.46
CA LEU L 816 -9.80 52.45 -39.73
C LEU L 816 -11.31 52.45 -39.60
N VAL L 817 -12.00 51.63 -40.35
CA VAL L 817 -13.46 51.64 -40.34
C VAL L 817 -14.02 51.63 -38.92
N PRO L 818 -13.51 50.90 -37.95
CA PRO L 818 -14.05 51.04 -36.62
C PRO L 818 -13.94 52.42 -36.08
N ALA L 819 -12.97 53.20 -36.49
CA ALA L 819 -12.87 54.57 -36.08
C ALA L 819 -13.41 55.28 -37.30
N PHE L 820 -14.57 55.94 -37.26
CA PHE L 820 -15.22 56.68 -38.38
C PHE L 820 -16.63 56.29 -38.28
N SER L 821 -16.84 55.01 -38.18
CA SER L 821 -18.12 54.43 -37.83
C SER L 821 -18.39 54.47 -36.35
N ARG L 822 -17.35 54.34 -35.53
CA ARG L 822 -17.50 54.24 -34.08
C ARG L 822 -18.49 53.14 -33.72
N GLY L 823 -18.50 52.09 -34.51
CA GLY L 823 -19.11 50.84 -34.15
C GLY L 823 -20.39 50.48 -34.88
N ARG L 824 -21.06 51.44 -35.48
CA ARG L 824 -22.34 51.18 -36.15
C ARG L 824 -22.13 51.11 -37.65
N CYS L 825 -22.13 49.89 -38.16
CA CYS L 825 -21.99 49.58 -39.56
C CYS L 825 -22.01 48.06 -39.61
N CYS L 826 -22.35 47.53 -40.76
CA CYS L 826 -22.61 46.10 -40.77
C CYS L 826 -22.22 45.57 -42.13
N THR L 827 -21.62 44.39 -42.15
CA THR L 827 -21.40 43.72 -43.39
C THR L 827 -22.73 43.35 -44.01
N ALA L 828 -22.72 42.98 -45.27
CA ALA L 828 -23.90 42.42 -45.88
C ALA L 828 -23.49 41.56 -47.05
N GLY L 829 -24.37 40.62 -47.41
CA GLY L 829 -24.24 39.90 -48.64
C GLY L 829 -25.05 40.56 -49.73
N VAL L 830 -24.77 40.18 -50.96
CA VAL L 830 -25.34 40.85 -52.12
C VAL L 830 -26.19 39.86 -52.88
N ARG L 831 -27.35 40.32 -53.34
CA ARG L 831 -28.16 39.57 -54.29
C ARG L 831 -27.77 40.05 -55.66
N PHE L 832 -27.02 39.24 -56.40
CA PHE L 832 -26.47 39.75 -57.65
C PHE L 832 -27.47 39.67 -58.79
N ASP L 833 -28.24 38.57 -58.89
CA ASP L 833 -29.31 38.54 -59.87
C ASP L 833 -30.16 39.78 -59.76
N ARG L 834 -30.38 40.24 -58.54
CA ARG L 834 -31.19 41.40 -58.31
C ARG L 834 -30.41 42.68 -58.52
N VAL L 835 -29.11 42.68 -58.27
CA VAL L 835 -28.32 43.89 -58.52
C VAL L 835 -28.21 44.15 -60.01
N TYR L 836 -27.76 43.17 -60.78
CA TYR L 836 -27.59 43.40 -62.21
C TYR L 836 -28.90 43.74 -62.87
N ALA L 837 -30.00 43.23 -62.35
CA ALA L 837 -31.32 43.53 -62.89
C ALA L 837 -31.56 45.04 -63.02
N THR L 838 -31.58 45.78 -61.92
CA THR L 838 -31.84 47.22 -62.00
C THR L 838 -30.63 48.06 -62.34
N LEU L 839 -29.45 47.47 -62.46
CA LEU L 839 -28.35 48.22 -63.04
C LEU L 839 -28.55 48.34 -64.53
N GLN L 840 -28.53 47.20 -65.23
CA GLN L 840 -28.59 47.18 -66.67
C GLN L 840 -30.01 47.30 -67.18
N ASN L 841 -30.96 47.59 -66.30
CA ASN L 841 -32.26 48.08 -66.71
C ASN L 841 -32.13 49.58 -66.80
N MET L 842 -32.04 50.09 -68.02
CA MET L 842 -31.73 51.48 -68.23
C MET L 842 -32.47 52.01 -69.44
N VAL L 843 -33.05 53.19 -69.27
CA VAL L 843 -33.73 53.92 -70.33
C VAL L 843 -32.84 55.09 -70.70
N VAL L 844 -32.75 55.37 -71.99
CA VAL L 844 -31.92 56.43 -72.58
C VAL L 844 -32.42 56.55 -74.02
N PRO L 845 -32.70 57.75 -74.50
CA PRO L 845 -33.23 57.87 -75.86
C PRO L 845 -32.14 57.86 -76.92
N GLU L 846 -32.53 57.38 -78.10
CA GLU L 846 -31.75 57.57 -79.31
C GLU L 846 -31.51 59.07 -79.53
N ILE L 847 -30.27 59.42 -79.82
CA ILE L 847 -29.92 60.82 -79.96
C ILE L 847 -30.26 61.34 -81.35
N ALA L 848 -30.66 62.59 -81.42
CA ALA L 848 -31.03 63.20 -82.68
C ALA L 848 -29.78 63.45 -83.52
N PRO L 849 -29.63 62.80 -84.68
CA PRO L 849 -28.44 63.04 -85.51
C PRO L 849 -28.32 64.50 -85.86
N GLY L 850 -27.12 65.07 -85.62
CA GLY L 850 -26.87 66.47 -85.72
C GLY L 850 -26.93 67.22 -84.40
N GLU L 851 -27.62 66.68 -83.41
CA GLU L 851 -27.78 67.33 -82.10
C GLU L 851 -26.82 66.73 -81.07
N GLU L 852 -26.29 67.60 -80.21
CA GLU L 852 -25.30 67.24 -79.20
C GLU L 852 -25.92 66.51 -78.02
N CYS L 853 -25.05 65.85 -77.27
CA CYS L 853 -25.46 65.11 -76.07
C CYS L 853 -26.08 66.04 -75.05
N PRO L 854 -27.14 65.61 -74.36
CA PRO L 854 -27.66 66.41 -73.25
C PRO L 854 -26.63 66.52 -72.13
N SER L 855 -26.31 67.75 -71.75
CA SER L 855 -25.64 68.00 -70.47
C SER L 855 -26.61 68.22 -69.32
N ASP L 856 -27.83 68.72 -69.59
CA ASP L 856 -28.67 69.24 -68.52
C ASP L 856 -29.91 68.39 -68.33
N PRO L 857 -30.03 67.63 -67.24
CA PRO L 857 -31.24 66.85 -67.02
C PRO L 857 -32.44 67.70 -66.64
N VAL L 858 -32.22 68.86 -66.01
CA VAL L 858 -33.36 69.67 -65.58
C VAL L 858 -34.08 70.29 -66.76
N THR L 859 -33.39 70.46 -67.89
CA THR L 859 -33.97 71.11 -69.06
C THR L 859 -34.14 70.15 -70.23
N ASP L 860 -33.04 69.61 -70.76
CA ASP L 860 -33.09 68.84 -72.00
C ASP L 860 -33.87 67.54 -71.78
N PRO L 861 -35.01 67.35 -72.44
CA PRO L 861 -35.75 66.09 -72.28
C PRO L 861 -35.05 64.87 -72.83
N ALA L 862 -34.01 65.02 -73.66
CA ALA L 862 -33.29 63.88 -74.16
C ALA L 862 -32.32 63.29 -73.15
N HIS L 863 -32.09 63.98 -72.04
CA HIS L 863 -31.17 63.47 -71.04
C HIS L 863 -31.81 62.30 -70.31
N PRO L 864 -31.04 61.26 -69.98
CA PRO L 864 -31.64 60.08 -69.34
C PRO L 864 -32.16 60.32 -67.93
N LEU L 865 -31.74 61.40 -67.29
CA LEU L 865 -32.24 61.77 -65.97
C LEU L 865 -33.34 62.83 -66.02
N HIS L 866 -33.75 63.26 -67.20
CA HIS L 866 -34.89 64.15 -67.27
C HIS L 866 -36.16 63.38 -66.92
N PRO L 867 -37.09 63.98 -66.17
CA PRO L 867 -38.26 63.24 -65.71
C PRO L 867 -39.07 62.58 -66.81
N ALA L 868 -38.93 63.03 -68.05
CA ALA L 868 -39.53 62.31 -69.16
C ALA L 868 -38.90 60.94 -69.34
N ASN L 869 -37.62 60.80 -69.02
CA ASN L 869 -36.94 59.52 -69.14
C ASN L 869 -36.97 58.69 -67.87
N LEU L 870 -37.42 59.25 -66.75
CA LEU L 870 -37.46 58.47 -65.52
C LEU L 870 -38.61 57.49 -65.59
N VAL L 871 -38.30 56.21 -65.52
CA VAL L 871 -39.29 55.15 -65.54
C VAL L 871 -39.08 54.30 -64.31
N ALA L 872 -40.16 54.03 -63.58
CA ALA L 872 -40.05 53.28 -62.35
C ALA L 872 -39.29 51.99 -62.61
N ASN L 873 -38.31 51.72 -61.75
CA ASN L 873 -37.55 50.47 -61.67
C ASN L 873 -36.36 50.40 -62.59
N THR L 874 -36.14 51.41 -63.42
CA THR L 874 -34.93 51.42 -64.22
C THR L 874 -33.78 51.97 -63.38
N VAL L 875 -32.60 52.03 -63.97
CA VAL L 875 -31.42 52.45 -63.21
C VAL L 875 -31.40 53.94 -63.02
N ASN L 876 -31.96 54.71 -63.95
CA ASN L 876 -31.82 56.16 -63.88
C ASN L 876 -32.85 56.80 -62.97
N ALA L 877 -33.88 56.06 -62.58
CA ALA L 877 -34.67 56.48 -61.44
C ALA L 877 -33.94 56.21 -60.14
N MET L 878 -33.00 55.26 -60.14
CA MET L 878 -32.17 55.02 -58.97
C MET L 878 -31.03 56.03 -58.87
N PHE L 879 -30.49 56.51 -60.00
CA PHE L 879 -29.60 57.66 -59.92
C PHE L 879 -30.33 58.90 -59.47
N HIS L 880 -31.63 58.97 -59.73
CA HIS L 880 -32.37 60.17 -59.39
C HIS L 880 -32.69 60.21 -57.91
N ASN L 881 -32.91 59.05 -57.31
CA ASN L 881 -33.27 58.99 -55.92
C ASN L 881 -32.19 59.61 -55.07
N GLY L 882 -30.94 59.32 -55.39
CA GLY L 882 -29.81 59.92 -54.71
C GLY L 882 -29.53 60.82 -55.88
N ARG L 883 -29.51 62.13 -55.69
CA ARG L 883 -29.38 62.98 -56.85
C ARG L 883 -27.97 62.98 -57.34
N VAL L 884 -27.75 62.02 -58.24
CA VAL L 884 -26.46 61.77 -58.85
C VAL L 884 -26.57 62.13 -60.32
N VAL L 885 -25.75 63.08 -60.76
CA VAL L 885 -25.87 63.61 -62.11
C VAL L 885 -24.97 62.80 -63.02
N VAL L 886 -25.59 62.02 -63.92
CA VAL L 886 -24.88 61.13 -64.82
C VAL L 886 -25.41 61.38 -66.22
N ASP L 887 -24.51 61.48 -67.19
CA ASP L 887 -24.96 61.73 -68.55
C ASP L 887 -25.16 60.43 -69.29
N GLY L 888 -25.64 60.56 -70.52
CA GLY L 888 -26.09 59.41 -71.29
C GLY L 888 -25.07 58.31 -71.49
N PRO L 889 -23.91 58.64 -72.07
CA PRO L 889 -22.95 57.59 -72.38
C PRO L 889 -22.31 56.98 -71.15
N ALA L 890 -22.36 57.66 -70.00
CA ALA L 890 -21.69 57.15 -68.81
C ALA L 890 -22.43 55.96 -68.23
N MET L 891 -23.73 56.10 -68.01
CA MET L 891 -24.49 54.96 -67.52
C MET L 891 -24.71 53.93 -68.62
N LEU L 892 -24.33 54.26 -69.85
CA LEU L 892 -24.35 53.32 -70.93
C LEU L 892 -23.12 52.44 -70.94
N THR L 893 -22.03 52.87 -70.31
CA THR L 893 -20.85 52.04 -70.09
C THR L 893 -21.13 50.89 -69.16
N LEU L 894 -22.32 50.87 -68.58
CA LEU L 894 -22.73 49.81 -67.67
C LEU L 894 -22.88 48.47 -68.37
N GLN L 895 -22.84 48.44 -69.71
CA GLN L 895 -22.93 47.18 -70.43
C GLN L 895 -21.76 46.25 -70.15
N VAL L 896 -20.74 46.73 -69.45
CA VAL L 896 -19.60 45.91 -69.07
C VAL L 896 -20.03 44.73 -68.21
N LEU L 897 -21.10 44.89 -67.44
CA LEU L 897 -21.45 43.92 -66.41
C LEU L 897 -21.60 42.51 -66.96
N ALA L 898 -21.99 42.37 -68.23
CA ALA L 898 -22.19 41.06 -68.79
C ALA L 898 -20.90 40.26 -68.82
N HIS L 899 -19.78 40.94 -69.04
CA HIS L 899 -18.51 40.25 -69.25
C HIS L 899 -17.89 39.80 -67.94
N ASN L 900 -17.97 40.62 -66.90
CA ASN L 900 -17.46 40.27 -65.58
C ASN L 900 -18.59 40.49 -64.59
N MET L 901 -19.07 39.41 -63.97
CA MET L 901 -20.05 39.55 -62.91
C MET L 901 -19.72 38.58 -61.79
N ALA L 902 -20.53 38.62 -60.74
CA ALA L 902 -20.38 37.76 -59.58
C ALA L 902 -21.70 37.07 -59.28
N GLU L 903 -21.63 35.81 -58.87
CA GLU L 903 -22.86 35.05 -58.68
C GLU L 903 -23.46 35.28 -57.30
N ARG L 904 -22.72 34.96 -56.24
CA ARG L 904 -23.26 35.08 -54.90
C ARG L 904 -22.19 35.57 -53.95
N THR L 905 -22.59 35.81 -52.71
CA THR L 905 -21.68 36.08 -51.62
C THR L 905 -21.55 34.84 -50.78
N THR L 906 -20.35 34.54 -50.31
CA THR L 906 -20.13 33.25 -49.68
C THR L 906 -19.54 33.47 -48.30
N ALA L 907 -20.29 33.09 -47.28
CA ALA L 907 -19.77 33.12 -45.93
C ALA L 907 -18.72 32.05 -45.75
N LEU L 908 -17.58 32.45 -45.19
CA LEU L 908 -16.44 31.57 -44.98
C LEU L 908 -16.08 31.47 -43.53
N LEU L 909 -15.69 30.29 -43.08
CA LEU L 909 -15.23 30.13 -41.70
C LEU L 909 -13.85 29.52 -41.84
N CYS L 910 -12.85 30.11 -41.20
CA CYS L 910 -11.49 29.60 -41.27
C CYS L 910 -10.91 29.56 -39.89
N SER L 911 -10.03 28.60 -39.63
CA SER L 911 -9.38 28.51 -38.33
C SER L 911 -7.92 28.16 -38.51
N ALA L 912 -7.10 28.49 -37.53
CA ALA L 912 -5.70 28.21 -37.61
C ALA L 912 -5.14 27.93 -36.23
N ALA L 913 -4.01 27.28 -36.14
CA ALA L 913 -3.39 27.01 -34.85
C ALA L 913 -2.70 28.29 -34.38
N PRO L 914 -2.13 28.27 -33.18
CA PRO L 914 -1.25 29.38 -32.80
C PRO L 914 0.06 29.29 -33.56
N ASP L 915 0.61 30.45 -33.90
CA ASP L 915 1.77 30.47 -34.75
C ASP L 915 2.99 29.94 -34.03
N ALA L 916 4.07 29.76 -34.77
CA ALA L 916 5.31 29.38 -34.17
C ALA L 916 5.60 30.49 -33.19
N GLY L 917 6.10 30.20 -32.01
CA GLY L 917 6.38 31.24 -31.03
C GLY L 917 5.15 31.50 -30.19
N ALA L 918 4.09 30.80 -30.49
CA ALA L 918 2.90 30.86 -29.69
C ALA L 918 2.31 29.51 -29.74
N ASN L 919 3.07 28.47 -30.04
CA ASN L 919 2.54 27.16 -30.14
C ASN L 919 3.47 26.26 -29.40
N THR L 920 2.95 25.64 -28.36
CA THR L 920 3.64 24.76 -27.51
C THR L 920 2.61 23.74 -27.48
N ALA L 921 2.76 22.70 -26.69
CA ALA L 921 1.77 21.68 -26.55
C ALA L 921 0.49 22.08 -25.87
N SER L 922 0.42 23.08 -24.99
CA SER L 922 -0.90 23.26 -24.40
C SER L 922 -1.83 23.91 -25.39
N THR L 923 -1.33 24.88 -26.13
CA THR L 923 -2.13 25.59 -27.11
C THR L 923 -2.17 24.86 -28.45
N ALA L 924 -1.62 23.66 -28.54
CA ALA L 924 -1.54 22.97 -29.81
C ALA L 924 -2.90 22.58 -30.36
N ASN L 925 -3.90 22.44 -29.51
CA ASN L 925 -5.24 22.12 -29.97
C ASN L 925 -6.14 23.33 -30.11
N MET L 926 -5.66 24.52 -29.82
CA MET L 926 -6.50 25.70 -29.91
C MET L 926 -6.71 26.06 -31.35
N ARG L 927 -7.91 26.51 -31.67
CA ARG L 927 -8.26 26.99 -32.99
C ARG L 927 -8.88 28.35 -32.85
N ILE L 928 -8.50 29.26 -33.74
CA ILE L 928 -9.00 30.62 -33.75
C ILE L 928 -9.78 30.79 -35.04
N PHE L 929 -11.10 30.89 -34.93
CA PHE L 929 -12.01 30.89 -36.06
C PHE L 929 -12.38 32.30 -36.44
N ASP L 930 -12.32 32.60 -37.73
CA ASP L 930 -12.63 33.94 -38.22
C ASP L 930 -13.46 33.84 -39.49
N GLY L 931 -14.55 34.60 -39.54
CA GLY L 931 -15.39 34.61 -40.71
C GLY L 931 -15.08 35.74 -41.68
N ALA L 932 -15.49 35.54 -42.92
CA ALA L 932 -15.41 36.57 -43.94
C ALA L 932 -16.46 36.28 -44.99
N LEU L 933 -16.84 37.30 -45.73
CA LEU L 933 -17.74 37.16 -46.84
C LEU L 933 -16.95 37.33 -48.12
N HIS L 934 -17.20 36.47 -49.10
CA HIS L 934 -16.39 36.56 -50.29
C HIS L 934 -16.79 37.82 -51.05
N ALA L 935 -17.95 37.89 -51.66
CA ALA L 935 -18.32 39.17 -52.21
C ALA L 935 -19.27 39.78 -51.20
N GLY L 936 -18.71 40.59 -50.29
CA GLY L 936 -19.48 41.23 -49.25
C GLY L 936 -19.52 42.73 -49.47
N VAL L 937 -20.32 43.40 -48.66
CA VAL L 937 -20.41 44.85 -48.72
C VAL L 937 -20.48 45.38 -47.30
N LEU L 938 -19.86 46.53 -47.08
CA LEU L 938 -19.92 47.18 -45.80
C LEU L 938 -20.95 48.30 -45.84
N LEU L 939 -21.91 48.25 -44.93
CA LEU L 939 -23.03 49.18 -44.90
C LEU L 939 -22.80 50.23 -43.84
N MET L 940 -22.66 51.48 -44.27
CA MET L 940 -22.11 52.53 -43.44
C MET L 940 -23.10 53.19 -42.51
N ALA L 941 -24.38 52.98 -42.69
CA ALA L 941 -25.35 53.69 -41.87
C ALA L 941 -26.72 53.09 -42.19
N PRO L 942 -27.53 52.84 -41.17
CA PRO L 942 -28.79 52.14 -41.42
C PRO L 942 -29.74 53.05 -42.17
N GLN L 943 -30.16 52.60 -43.34
CA GLN L 943 -31.12 53.28 -44.18
C GLN L 943 -32.50 52.68 -44.08
N HIS L 944 -32.70 51.76 -43.13
CA HIS L 944 -33.99 51.12 -42.89
C HIS L 944 -35.10 52.14 -42.71
N LEU L 945 -34.73 53.39 -42.47
CA LEU L 945 -35.72 54.40 -42.18
C LEU L 945 -36.52 54.77 -43.43
N ASP L 946 -35.90 54.78 -44.61
CA ASP L 946 -36.66 55.08 -45.82
C ASP L 946 -37.36 53.83 -46.34
N HIS L 947 -38.61 54.01 -46.74
CA HIS L 947 -39.41 52.91 -47.25
C HIS L 947 -39.48 52.88 -48.76
N THR L 948 -38.69 53.73 -49.41
CA THR L 948 -38.60 53.71 -50.87
C THR L 948 -38.11 52.36 -51.38
N ILE L 949 -37.18 51.74 -50.69
CA ILE L 949 -36.58 50.48 -51.17
C ILE L 949 -36.96 49.36 -50.22
N GLN L 950 -37.35 48.22 -50.80
CA GLN L 950 -37.70 47.06 -49.99
C GLN L 950 -36.56 46.67 -49.09
N ASN L 951 -36.87 46.35 -47.85
CA ASN L 951 -35.84 46.03 -46.87
C ASN L 951 -35.27 44.66 -47.17
N GLY L 952 -33.97 44.60 -47.44
CA GLY L 952 -33.33 43.36 -47.82
C GLY L 952 -33.39 43.05 -49.29
N GLU L 953 -33.76 44.01 -50.12
CA GLU L 953 -33.87 43.80 -51.54
C GLU L 953 -32.53 43.34 -52.09
N TYR L 954 -31.57 44.25 -52.18
CA TYR L 954 -30.27 43.92 -52.70
C TYR L 954 -29.35 43.29 -51.67
N PHE L 955 -29.40 43.71 -50.42
CA PHE L 955 -28.51 43.17 -49.41
C PHE L 955 -29.08 42.51 -48.15
N TYR L 956 -28.50 41.43 -47.64
CA TYR L 956 -28.95 40.82 -46.41
C TYR L 956 -27.83 41.10 -45.42
N VAL L 957 -28.09 41.32 -44.13
CA VAL L 957 -27.00 41.72 -43.21
C VAL L 957 -25.75 40.89 -42.80
N LEU L 958 -25.87 39.66 -42.37
CA LEU L 958 -24.67 38.86 -42.10
C LEU L 958 -23.52 39.58 -41.42
N PRO L 959 -23.59 39.93 -40.13
CA PRO L 959 -22.38 40.39 -39.45
C PRO L 959 -21.37 39.26 -39.38
N VAL L 960 -20.15 39.50 -39.88
CA VAL L 960 -19.11 38.49 -39.76
C VAL L 960 -18.26 38.69 -38.53
N HIS L 961 -18.38 39.82 -37.86
CA HIS L 961 -17.57 40.09 -36.69
C HIS L 961 -18.33 41.11 -35.88
N ALA L 962 -18.01 41.20 -34.61
CA ALA L 962 -18.69 42.16 -33.76
C ALA L 962 -18.26 43.59 -34.05
N LEU L 963 -17.12 43.77 -34.71
CA LEU L 963 -16.78 45.11 -35.18
C LEU L 963 -17.77 45.57 -36.20
N PHE L 964 -18.23 44.63 -37.01
CA PHE L 964 -19.20 44.89 -38.05
C PHE L 964 -20.58 44.30 -37.84
N ALA L 965 -21.21 44.61 -36.72
CA ALA L 965 -22.60 44.28 -36.51
C ALA L 965 -23.19 45.59 -36.04
N GLY L 966 -24.06 46.20 -36.83
CA GLY L 966 -24.67 47.42 -36.39
C GLY L 966 -25.85 47.07 -35.52
N ALA L 967 -26.06 47.87 -34.50
CA ALA L 967 -27.23 47.65 -33.68
C ALA L 967 -28.49 47.88 -34.48
N ASP L 968 -28.47 48.88 -35.37
CA ASP L 968 -29.62 49.20 -36.19
C ASP L 968 -29.73 48.29 -37.40
N HIS L 969 -28.62 48.00 -38.06
CA HIS L 969 -28.70 47.13 -39.23
C HIS L 969 -29.32 45.80 -38.86
N VAL L 970 -28.97 45.26 -37.71
CA VAL L 970 -29.40 43.92 -37.35
C VAL L 970 -30.82 43.92 -36.80
N ALA L 971 -31.13 44.89 -35.94
CA ALA L 971 -32.44 44.91 -35.31
C ALA L 971 -33.55 45.22 -36.30
N ASN L 972 -33.24 45.90 -37.38
CA ASN L 972 -34.20 46.33 -38.37
C ASN L 972 -34.25 45.44 -39.60
N ALA L 973 -33.50 44.34 -39.59
CA ALA L 973 -33.62 43.33 -40.62
C ALA L 973 -35.07 42.86 -40.71
N PRO L 974 -35.49 42.31 -41.85
CA PRO L 974 -36.94 42.13 -42.10
C PRO L 974 -37.66 41.27 -41.08
N ASN L 975 -37.18 40.08 -40.76
CA ASN L 975 -37.78 39.33 -39.67
C ASN L 975 -36.74 39.22 -38.58
N PHE L 976 -36.89 40.07 -37.56
CA PHE L 976 -36.04 40.09 -36.39
C PHE L 976 -36.94 39.86 -35.19
N PRO L 977 -36.72 38.82 -34.39
CA PRO L 977 -37.61 38.55 -33.28
C PRO L 977 -37.66 39.75 -32.35
N PRO L 978 -38.85 40.25 -32.05
CA PRO L 978 -38.96 41.45 -31.20
C PRO L 978 -38.54 41.25 -29.77
N ALA L 979 -38.38 40.01 -29.31
CA ALA L 979 -37.86 39.77 -27.97
C ALA L 979 -36.41 40.22 -27.83
N LEU L 980 -35.68 40.27 -28.94
CA LEU L 980 -34.26 40.59 -28.90
C LEU L 980 -33.98 42.06 -29.12
N ARG L 981 -35.02 42.89 -29.23
CA ARG L 981 -34.82 44.29 -29.60
C ARG L 981 -33.89 45.00 -28.64
N ASP L 982 -34.03 44.73 -27.34
CA ASP L 982 -33.15 45.36 -26.37
C ASP L 982 -31.79 44.68 -26.36
N LEU L 983 -31.78 43.36 -26.35
CA LEU L 983 -30.52 42.63 -26.31
C LEU L 983 -29.64 43.02 -27.50
N ALA L 984 -30.24 43.10 -28.69
CA ALA L 984 -29.48 43.51 -29.86
C ALA L 984 -28.85 44.89 -29.69
N ARG L 985 -29.40 45.72 -28.83
CA ARG L 985 -28.92 47.07 -28.60
C ARG L 985 -27.78 47.10 -27.59
N HIS L 986 -27.38 45.93 -27.10
CA HIS L 986 -26.26 45.75 -26.18
C HIS L 986 -25.32 44.72 -26.77
N VAL L 987 -25.83 43.51 -26.99
CA VAL L 987 -25.04 42.37 -27.40
C VAL L 987 -24.89 42.37 -28.92
N PRO L 988 -23.69 42.19 -29.43
CA PRO L 988 -23.44 42.01 -30.87
C PRO L 988 -23.82 40.69 -31.48
N LEU L 989 -25.00 40.57 -32.08
CA LEU L 989 -25.45 39.27 -32.54
C LEU L 989 -24.73 38.92 -33.83
N VAL L 990 -23.82 37.95 -33.75
CA VAL L 990 -23.01 37.46 -34.85
C VAL L 990 -23.20 35.95 -34.94
N PRO L 991 -23.70 35.40 -36.04
CA PRO L 991 -23.91 33.96 -36.12
C PRO L 991 -22.61 33.21 -36.02
N PRO L 992 -22.53 32.18 -35.17
CA PRO L 992 -21.27 31.41 -35.04
C PRO L 992 -20.91 30.64 -36.29
N ALA L 993 -21.84 30.44 -37.21
CA ALA L 993 -21.43 30.08 -38.55
C ALA L 993 -20.35 31.01 -39.04
N LEU L 994 -20.39 32.27 -38.62
CA LEU L 994 -19.36 33.26 -38.91
C LEU L 994 -18.37 33.43 -37.77
N GLY L 995 -18.44 32.62 -36.74
CA GLY L 995 -17.45 32.67 -35.68
C GLY L 995 -18.01 33.22 -34.38
N ALA L 996 -17.23 33.05 -33.33
CA ALA L 996 -17.65 33.34 -31.98
C ALA L 996 -16.70 34.34 -31.37
N ASN L 997 -17.13 34.94 -30.27
CA ASN L 997 -16.27 35.84 -29.53
C ASN L 997 -15.00 35.15 -29.11
N TYR L 998 -15.13 34.28 -28.12
CA TYR L 998 -13.99 33.68 -27.47
C TYR L 998 -13.06 32.99 -28.42
N PHE L 999 -13.54 32.54 -29.56
CA PHE L 999 -12.67 31.87 -30.50
C PHE L 999 -12.12 32.80 -31.56
N SER L 1000 -12.40 34.09 -31.49
CA SER L 1000 -11.93 34.98 -32.52
C SER L 1000 -10.56 35.56 -32.20
N SER L 1001 -9.99 36.26 -33.19
CA SER L 1001 -8.73 36.95 -33.02
C SER L 1001 -8.92 38.28 -32.35
N ILE L 1002 -9.96 38.99 -32.74
CA ILE L 1002 -10.37 40.25 -32.18
C ILE L 1002 -11.61 39.98 -31.35
N ARG L 1003 -11.62 40.46 -30.14
CA ARG L 1003 -12.73 40.18 -29.24
C ARG L 1003 -13.29 41.48 -28.72
N GLN L 1004 -14.21 41.39 -27.77
CA GLN L 1004 -15.01 42.56 -27.39
C GLN L 1004 -14.22 43.71 -26.79
N PRO L 1005 -13.19 43.51 -25.97
CA PRO L 1005 -12.47 44.68 -25.46
C PRO L 1005 -12.02 45.62 -26.55
N VAL L 1006 -11.64 45.08 -27.70
CA VAL L 1006 -11.31 45.89 -28.87
C VAL L 1006 -12.53 46.61 -29.38
N VAL L 1007 -13.68 45.96 -29.31
CA VAL L 1007 -14.89 46.53 -29.88
C VAL L 1007 -15.45 47.62 -28.99
N GLN L 1008 -15.38 47.43 -27.68
CA GLN L 1008 -15.81 48.49 -26.78
C GLN L 1008 -14.83 49.65 -26.75
N HIS L 1009 -13.54 49.40 -26.96
CA HIS L 1009 -12.58 50.49 -27.03
C HIS L 1009 -12.89 51.40 -28.22
N ALA L 1010 -13.28 50.82 -29.35
CA ALA L 1010 -13.47 51.61 -30.55
C ALA L 1010 -14.64 52.56 -30.41
N ARG L 1011 -15.76 52.08 -29.88
CA ARG L 1011 -16.92 52.93 -29.71
C ARG L 1011 -16.89 53.76 -28.43
N GLU L 1012 -16.14 53.35 -27.42
CA GLU L 1012 -16.13 54.08 -26.16
C GLU L 1012 -15.09 55.18 -26.09
N SER L 1013 -14.10 55.20 -26.96
CA SER L 1013 -12.96 56.09 -26.77
C SER L 1013 -13.31 57.50 -27.18
N ALA L 1014 -12.78 58.46 -26.42
CA ALA L 1014 -13.05 59.87 -26.65
C ALA L 1014 -12.00 60.57 -27.50
N ALA L 1015 -10.88 59.90 -27.80
CA ALA L 1015 -9.82 60.56 -28.56
C ALA L 1015 -10.24 60.73 -30.00
N GLY L 1016 -9.37 61.35 -30.78
CA GLY L 1016 -9.73 61.65 -32.15
C GLY L 1016 -9.79 60.40 -32.98
N GLU L 1017 -9.87 60.61 -34.29
CA GLU L 1017 -9.72 59.50 -35.20
C GLU L 1017 -8.26 59.20 -35.48
N ASN L 1018 -7.38 60.18 -35.37
CA ASN L 1018 -5.96 59.86 -35.52
C ASN L 1018 -5.46 59.03 -34.36
N ALA L 1019 -5.72 59.50 -33.15
CA ALA L 1019 -5.20 58.82 -31.97
C ALA L 1019 -5.86 57.47 -31.78
N LEU L 1020 -7.14 57.36 -32.11
CA LEU L 1020 -7.80 56.08 -31.99
C LEU L 1020 -7.33 55.11 -33.05
N THR L 1021 -6.75 55.60 -34.13
CA THR L 1021 -6.29 54.69 -35.16
C THR L 1021 -4.94 54.09 -34.81
N TYR L 1022 -4.07 54.86 -34.17
CA TYR L 1022 -2.81 54.33 -33.67
C TYR L 1022 -2.98 53.59 -32.36
N ALA L 1023 -3.98 53.98 -31.57
CA ALA L 1023 -4.27 53.28 -30.33
C ALA L 1023 -4.82 51.91 -30.61
N LEU L 1024 -5.61 51.79 -31.67
CA LEU L 1024 -6.28 50.56 -32.00
C LEU L 1024 -5.36 49.63 -32.76
N MET L 1025 -4.52 50.21 -33.61
CA MET L 1025 -3.43 49.47 -34.23
C MET L 1025 -2.51 48.85 -33.19
N ALA L 1026 -2.21 49.59 -32.13
CA ALA L 1026 -1.34 49.13 -31.07
C ALA L 1026 -1.92 48.00 -30.27
N GLY L 1027 -3.19 47.69 -30.44
CA GLY L 1027 -3.81 46.61 -29.73
C GLY L 1027 -3.85 45.33 -30.50
N TYR L 1028 -3.42 45.37 -31.75
CA TYR L 1028 -3.34 44.18 -32.59
C TYR L 1028 -1.99 43.50 -32.52
N PHE L 1029 -1.05 44.02 -31.74
CA PHE L 1029 0.20 43.33 -31.49
C PHE L 1029 -0.06 42.06 -30.70
N LYS L 1030 0.53 40.95 -31.13
CA LYS L 1030 0.15 39.68 -30.54
C LYS L 1030 0.73 39.51 -29.14
N MET L 1031 0.28 38.48 -28.44
CA MET L 1031 0.81 38.14 -27.12
C MET L 1031 1.40 36.76 -27.16
N SER L 1032 2.69 36.67 -27.37
CA SER L 1032 3.33 35.38 -27.56
C SER L 1032 4.74 35.48 -27.05
N PRO L 1033 5.36 34.37 -26.65
CA PRO L 1033 6.77 34.44 -26.27
C PRO L 1033 7.60 35.23 -27.26
N VAL L 1034 7.39 34.99 -28.55
CA VAL L 1034 8.23 35.58 -29.59
C VAL L 1034 7.82 37.01 -29.90
N ALA L 1035 6.53 37.30 -29.97
CA ALA L 1035 6.13 38.67 -30.24
C ALA L 1035 6.65 39.61 -29.17
N LEU L 1036 6.46 39.20 -27.94
CA LEU L 1036 6.78 40.07 -26.85
C LEU L 1036 8.21 40.31 -26.87
N TYR L 1037 8.99 39.61 -27.68
CA TYR L 1037 10.39 39.85 -27.75
C TYR L 1037 10.58 41.15 -28.41
N HIS L 1038 9.92 41.38 -29.53
CA HIS L 1038 10.05 42.60 -30.26
C HIS L 1038 9.49 43.80 -29.60
N GLN L 1039 8.36 43.63 -29.02
CA GLN L 1039 7.67 44.66 -28.29
C GLN L 1039 8.49 45.14 -27.12
N LEU L 1040 9.03 44.24 -26.32
CA LEU L 1040 9.77 44.68 -25.16
C LEU L 1040 11.09 45.31 -25.55
N LYS L 1041 11.80 44.71 -26.50
CA LYS L 1041 13.09 45.25 -26.89
C LYS L 1041 12.96 46.60 -27.55
N THR L 1042 11.84 46.85 -28.22
CA THR L 1042 11.68 48.06 -28.99
C THR L 1042 11.01 49.19 -28.22
N GLY L 1043 10.47 48.92 -27.04
CA GLY L 1043 9.83 49.98 -26.30
C GLY L 1043 8.37 50.14 -26.62
N LEU L 1044 7.71 49.07 -27.00
CA LEU L 1044 6.27 49.05 -27.02
C LEU L 1044 5.79 48.54 -25.67
N HIS L 1045 4.82 49.20 -25.11
CA HIS L 1045 4.24 48.75 -23.87
C HIS L 1045 3.12 47.77 -24.18
N PRO L 1046 3.27 46.49 -23.80
CA PRO L 1046 2.31 45.48 -24.25
C PRO L 1046 0.91 45.59 -23.70
N GLY L 1047 0.64 46.39 -22.67
CA GLY L 1047 -0.69 46.47 -22.14
C GLY L 1047 -0.87 45.79 -20.81
N PHE L 1048 0.18 45.17 -20.28
CA PHE L 1048 0.18 44.73 -18.90
C PHE L 1048 1.51 45.13 -18.29
N GLY L 1049 1.48 45.48 -17.01
CA GLY L 1049 2.67 45.85 -16.29
C GLY L 1049 3.26 44.67 -15.56
N PHE L 1050 4.26 44.96 -14.72
CA PHE L 1050 4.88 43.94 -13.90
C PHE L 1050 5.00 44.44 -12.48
N THR L 1051 5.10 43.51 -11.55
CA THR L 1051 5.52 43.81 -10.19
C THR L 1051 6.84 43.08 -9.96
N VAL L 1052 7.83 43.81 -9.49
CA VAL L 1052 9.18 43.30 -9.39
C VAL L 1052 9.45 43.00 -7.93
N VAL L 1053 10.01 41.83 -7.68
CA VAL L 1053 10.33 41.37 -6.34
C VAL L 1053 11.82 41.06 -6.30
N ARG L 1054 12.55 41.75 -5.44
CA ARG L 1054 13.94 41.43 -5.18
C ARG L 1054 14.07 40.98 -3.73
N GLN L 1055 14.90 39.98 -3.50
CA GLN L 1055 15.22 39.46 -2.18
C GLN L 1055 16.59 39.98 -1.80
N ASP L 1056 16.69 40.56 -0.62
CA ASP L 1056 17.78 41.44 -0.32
C ASP L 1056 18.26 41.19 1.10
N ARG L 1057 19.55 41.35 1.31
CA ARG L 1057 20.16 40.88 2.54
C ARG L 1057 20.96 41.99 3.21
N PHE L 1058 21.20 41.85 4.51
CA PHE L 1058 21.92 42.88 5.25
C PHE L 1058 22.71 42.23 6.37
N VAL L 1059 23.85 42.82 6.68
CA VAL L 1059 24.55 42.50 7.91
C VAL L 1059 24.10 43.48 8.98
N THR L 1060 23.63 42.96 10.08
CA THR L 1060 23.11 43.78 11.13
C THR L 1060 24.02 43.68 12.34
N GLU L 1061 23.65 44.37 13.40
CA GLU L 1061 24.35 44.28 14.68
C GLU L 1061 23.30 44.31 15.76
N ASN L 1062 23.39 43.36 16.69
CA ASN L 1062 22.30 43.08 17.60
C ASN L 1062 22.75 43.32 19.03
N VAL L 1063 21.76 43.42 19.92
CA VAL L 1063 21.97 43.40 21.35
C VAL L 1063 21.05 42.32 21.91
N LEU L 1064 21.56 41.52 22.83
CA LEU L 1064 20.79 40.43 23.41
C LEU L 1064 20.72 40.52 24.91
N PHE L 1065 19.61 40.96 25.48
CA PHE L 1065 19.43 40.85 26.91
C PHE L 1065 18.98 39.43 27.22
N SER L 1066 19.52 38.80 28.26
CA SER L 1066 19.11 37.52 28.75
C SER L 1066 18.92 37.64 30.23
N GLU L 1067 18.77 36.56 30.92
CA GLU L 1067 18.52 36.68 32.30
C GLU L 1067 19.36 36.05 33.31
N ARG L 1068 19.03 36.24 34.57
CA ARG L 1068 19.85 35.76 35.61
C ARG L 1068 20.05 34.29 35.44
N ALA L 1069 19.03 33.56 35.02
CA ALA L 1069 19.23 32.16 34.74
C ALA L 1069 18.15 31.84 33.86
N SER L 1070 18.42 31.66 32.59
CA SER L 1070 17.39 31.37 31.67
C SER L 1070 17.71 30.16 30.92
N GLU L 1071 18.72 29.39 31.28
CA GLU L 1071 19.01 28.19 30.52
C GLU L 1071 19.74 27.39 31.52
N ALA L 1072 19.71 26.08 31.43
CA ALA L 1072 20.40 25.24 32.35
C ALA L 1072 21.30 24.49 31.42
N TYR L 1073 22.55 24.37 31.74
CA TYR L 1073 23.46 23.71 30.85
C TYR L 1073 23.94 22.60 31.69
N PHE L 1074 24.04 21.39 31.20
CA PHE L 1074 24.49 20.24 31.96
C PHE L 1074 25.65 19.89 31.17
N LEU L 1075 26.75 19.74 31.87
CA LEU L 1075 28.07 19.46 31.30
C LEU L 1075 28.45 18.02 31.54
N GLY L 1076 29.04 17.41 30.53
CA GLY L 1076 29.35 15.99 30.53
C GLY L 1076 30.76 15.71 31.00
N GLN L 1077 31.40 14.73 30.38
CA GLN L 1077 32.77 14.39 30.68
C GLN L 1077 33.51 14.38 29.39
N LEU L 1078 34.76 14.81 29.38
CA LEU L 1078 35.53 14.78 28.17
C LEU L 1078 35.81 13.38 27.76
N GLN L 1079 35.62 13.09 26.49
CA GLN L 1079 35.88 11.79 25.96
C GLN L 1079 37.05 11.95 25.02
N VAL L 1080 38.08 11.12 25.10
CA VAL L 1080 39.22 11.25 24.21
C VAL L 1080 39.34 10.03 23.38
N ALA L 1081 39.42 10.22 22.09
CA ALA L 1081 39.45 9.13 21.11
C ALA L 1081 40.60 9.35 20.16
N ARG L 1082 41.37 8.30 19.86
CA ARG L 1082 42.54 8.42 19.00
C ARG L 1082 42.33 7.62 17.72
N HIS L 1083 42.68 8.20 16.59
CA HIS L 1083 42.62 7.51 15.31
C HIS L 1083 43.81 7.91 14.47
N GLU L 1084 44.48 6.93 13.89
CA GLU L 1084 45.71 7.18 13.17
C GLU L 1084 45.39 7.77 11.80
N THR L 1085 45.94 8.94 11.52
CA THR L 1085 45.72 9.65 10.27
C THR L 1085 46.99 9.64 9.44
N GLY L 1086 46.92 10.29 8.28
CA GLY L 1086 48.06 10.32 7.39
C GLY L 1086 49.24 11.03 8.03
N GLY L 1087 50.35 10.32 8.16
CA GLY L 1087 51.53 10.92 8.76
C GLY L 1087 51.31 11.49 10.13
N GLY L 1088 50.51 10.82 10.96
CA GLY L 1088 50.26 11.31 12.30
C GLY L 1088 49.32 10.40 13.04
N VAL L 1089 48.97 10.84 14.24
CA VAL L 1089 47.97 10.20 15.09
C VAL L 1089 47.08 11.30 15.64
N ASN L 1090 45.78 11.09 15.59
CA ASN L 1090 44.82 12.16 15.80
C ASN L 1090 43.95 11.87 17.01
N PHE L 1091 44.00 12.77 17.98
CA PHE L 1091 43.14 12.71 19.16
C PHE L 1091 41.99 13.68 18.97
N THR L 1092 40.77 13.18 18.98
CA THR L 1092 39.60 14.03 18.98
C THR L 1092 38.96 13.99 20.35
N LEU L 1093 38.79 15.15 20.95
CA LEU L 1093 38.11 15.30 22.22
C LEU L 1093 36.70 15.73 21.95
N THR L 1094 35.76 15.16 22.67
CA THR L 1094 34.37 15.58 22.54
C THR L 1094 33.81 15.82 23.93
N GLN L 1095 32.73 16.57 24.02
CA GLN L 1095 32.14 16.77 25.29
C GLN L 1095 30.63 16.65 25.09
N PRO L 1096 29.96 15.80 25.85
CA PRO L 1096 28.50 15.80 25.82
C PRO L 1096 27.91 16.91 26.65
N ARG L 1097 26.91 17.55 26.10
CA ARG L 1097 26.28 18.70 26.73
C ARG L 1097 24.81 18.66 26.43
N GLY L 1098 24.02 19.15 27.37
CA GLY L 1098 22.59 19.23 27.16
C GLY L 1098 22.08 20.43 27.93
N ASN L 1099 20.94 20.95 27.52
CA ASN L 1099 20.45 22.17 28.14
C ASN L 1099 18.94 22.27 28.02
N VAL L 1100 18.35 22.98 28.97
CA VAL L 1100 16.93 23.31 28.99
C VAL L 1100 16.84 24.81 29.14
N ASP L 1101 15.80 25.40 28.54
CA ASP L 1101 15.42 26.75 28.90
C ASP L 1101 14.63 26.67 30.19
N LEU L 1102 15.15 27.28 31.24
CA LEU L 1102 14.39 27.42 32.46
C LEU L 1102 13.70 28.75 32.32
N GLY L 1103 12.42 28.69 32.06
CA GLY L 1103 11.63 29.88 32.11
C GLY L 1103 10.29 29.42 31.61
N VAL L 1104 9.23 29.97 32.12
CA VAL L 1104 7.94 29.53 31.72
C VAL L 1104 7.41 30.46 30.63
N GLY L 1105 8.00 31.63 30.54
CA GLY L 1105 7.67 32.68 29.61
C GLY L 1105 8.75 33.05 28.61
N TYR L 1106 9.02 34.34 28.39
CA TYR L 1106 10.04 34.75 27.42
C TYR L 1106 11.18 35.33 28.16
N THR L 1107 12.35 34.71 28.19
CA THR L 1107 13.47 35.26 28.91
C THR L 1107 14.68 35.89 28.24
N ALA L 1108 14.75 36.03 26.91
CA ALA L 1108 15.87 36.66 26.25
C ALA L 1108 15.18 37.45 25.19
N VAL L 1109 15.72 38.57 24.73
CA VAL L 1109 15.07 39.33 23.69
C VAL L 1109 16.20 39.83 22.88
N ALA L 1110 16.04 40.04 21.59
CA ALA L 1110 17.11 40.58 20.77
C ALA L 1110 16.58 41.81 20.06
N ALA L 1111 17.48 42.75 19.84
CA ALA L 1111 17.14 43.99 19.18
C ALA L 1111 18.18 44.23 18.12
N THR L 1112 17.75 44.35 16.88
CA THR L 1112 18.65 44.82 15.84
C THR L 1112 18.96 46.27 16.13
N ALA L 1113 20.22 46.60 16.23
CA ALA L 1113 20.50 47.94 16.49
C ALA L 1113 21.50 48.33 15.51
N THR L 1114 21.09 48.69 14.33
CA THR L 1114 21.99 49.11 13.23
C THR L 1114 22.27 48.11 12.12
N VAL L 1115 22.79 48.59 11.01
CA VAL L 1115 23.08 47.78 9.85
C VAL L 1115 24.52 47.96 9.46
N ARG L 1116 25.31 46.91 9.42
CA ARG L 1116 26.67 47.05 8.96
C ARG L 1116 26.63 47.45 7.49
N ASN L 1117 26.24 46.54 6.61
CA ASN L 1117 26.20 46.87 5.20
C ASN L 1117 25.09 46.07 4.53
N PRO L 1118 24.79 46.36 3.26
CA PRO L 1118 23.80 45.58 2.52
C PRO L 1118 24.19 44.20 2.00
N VAL L 1119 25.45 43.80 1.91
CA VAL L 1119 25.78 42.43 1.50
C VAL L 1119 25.19 41.99 0.16
N THR L 1120 24.69 42.93 -0.62
CA THR L 1120 24.02 42.60 -1.86
C THR L 1120 23.79 43.92 -2.55
N ASP L 1121 24.03 43.94 -3.85
CA ASP L 1121 24.21 45.22 -4.53
C ASP L 1121 22.93 46.01 -4.64
N MET L 1122 21.81 45.40 -4.28
CA MET L 1122 20.54 46.04 -4.34
C MET L 1122 20.21 46.53 -5.71
N GLY L 1123 20.60 45.79 -6.74
CA GLY L 1123 20.38 46.18 -8.13
C GLY L 1123 19.31 45.56 -9.01
N ASN L 1124 19.58 45.54 -10.32
CA ASN L 1124 18.73 45.07 -11.41
C ASN L 1124 18.72 43.67 -12.01
N LEU L 1125 19.56 42.73 -11.60
CA LEU L 1125 19.58 41.43 -12.30
C LEU L 1125 18.20 40.79 -12.37
N PRO L 1126 17.75 40.50 -13.58
CA PRO L 1126 16.47 39.86 -13.89
C PRO L 1126 16.48 38.40 -13.50
N GLN L 1127 15.35 37.77 -13.72
CA GLN L 1127 15.28 36.33 -13.70
C GLN L 1127 15.47 35.85 -15.11
N ASN L 1128 16.15 34.73 -15.25
CA ASN L 1128 16.30 34.07 -16.53
C ASN L 1128 15.63 32.72 -16.37
N PHE L 1129 14.53 32.51 -17.07
CA PHE L 1129 13.89 31.22 -16.98
C PHE L 1129 14.56 30.16 -17.82
N TYR L 1130 15.55 30.50 -18.62
CA TYR L 1130 16.19 29.47 -19.42
C TYR L 1130 17.23 28.72 -18.66
N LEU L 1131 17.40 29.01 -17.37
CA LEU L 1131 18.29 28.24 -16.52
C LEU L 1131 17.66 26.96 -16.01
N GLY L 1132 16.34 26.93 -15.81
CA GLY L 1132 15.67 25.72 -15.42
C GLY L 1132 14.91 25.10 -16.57
N ARG L 1133 14.41 23.89 -16.34
CA ARG L 1133 13.43 23.31 -17.26
C ARG L 1133 12.24 22.76 -16.48
N GLY L 1134 11.15 23.52 -16.41
CA GLY L 1134 9.88 22.98 -15.99
C GLY L 1134 8.86 23.00 -17.09
N ALA L 1135 9.18 23.69 -18.18
CA ALA L 1135 8.20 24.17 -19.13
C ALA L 1135 8.42 23.55 -20.50
N PRO L 1136 7.46 22.77 -21.00
CA PRO L 1136 7.53 22.27 -22.38
C PRO L 1136 7.78 23.42 -23.35
N PRO L 1137 8.59 23.19 -24.37
CA PRO L 1137 9.07 24.28 -25.20
C PRO L 1137 8.07 24.65 -26.29
N LEU L 1138 8.45 25.61 -27.11
CA LEU L 1138 7.72 25.91 -28.32
C LEU L 1138 7.83 24.72 -29.25
N LEU L 1139 6.77 24.43 -30.00
CA LEU L 1139 6.80 23.22 -30.82
C LEU L 1139 7.50 23.36 -32.16
N ASP L 1140 7.74 24.58 -32.64
CA ASP L 1140 8.64 24.73 -33.77
C ASP L 1140 10.05 24.73 -33.21
N ASN L 1141 10.86 23.77 -33.63
CA ASN L 1141 12.17 23.68 -33.01
C ASN L 1141 13.09 24.80 -33.46
N ALA L 1142 12.78 25.46 -34.57
CA ALA L 1142 13.50 26.65 -34.95
C ALA L 1142 13.01 27.86 -34.18
N ALA L 1143 11.72 27.95 -33.95
CA ALA L 1143 11.19 29.01 -33.11
C ALA L 1143 11.63 28.84 -31.68
N ALA L 1144 11.88 27.60 -31.26
CA ALA L 1144 12.32 27.33 -29.91
C ALA L 1144 13.75 27.79 -29.69
N VAL L 1145 14.66 27.40 -30.60
CA VAL L 1145 16.06 27.80 -30.45
C VAL L 1145 16.37 29.17 -31.00
N TYR L 1146 15.58 29.68 -31.95
CA TYR L 1146 15.73 31.10 -32.24
C TYR L 1146 15.45 31.91 -31.01
N LEU L 1147 14.40 31.52 -30.30
CA LEU L 1147 14.01 32.16 -29.06
C LEU L 1147 15.13 32.11 -28.04
N ARG L 1148 15.50 30.91 -27.62
CA ARG L 1148 16.38 30.75 -26.47
C ARG L 1148 17.59 31.64 -26.56
N ASN L 1149 18.30 31.60 -27.67
CA ASN L 1149 19.58 32.29 -27.72
C ASN L 1149 19.43 33.77 -28.01
N ALA L 1150 18.25 34.25 -28.34
CA ALA L 1150 18.00 35.68 -28.38
C ALA L 1150 17.91 36.23 -26.96
N VAL L 1151 17.33 35.46 -26.05
CA VAL L 1151 17.27 35.87 -24.65
C VAL L 1151 18.59 35.58 -23.95
N VAL L 1152 19.13 34.37 -24.14
CA VAL L 1152 20.31 33.92 -23.44
C VAL L 1152 21.58 34.59 -23.95
N ALA L 1153 21.49 35.39 -25.00
CA ALA L 1153 22.62 36.01 -25.68
C ALA L 1153 23.62 36.66 -24.75
N GLY L 1154 23.23 37.74 -24.10
CA GLY L 1154 24.15 38.40 -23.19
C GLY L 1154 23.82 38.37 -21.71
N ASN L 1155 22.93 37.49 -21.25
CA ASN L 1155 22.45 37.59 -19.88
C ASN L 1155 23.57 37.56 -18.87
N ARG L 1156 23.33 38.29 -17.83
CA ARG L 1156 24.17 38.43 -16.74
C ARG L 1156 24.23 37.11 -16.03
N LEU L 1157 23.30 36.22 -16.28
CA LEU L 1157 23.30 34.94 -15.64
C LEU L 1157 22.91 33.91 -16.63
N GLY L 1158 23.10 34.20 -17.90
CA GLY L 1158 22.68 33.43 -19.06
C GLY L 1158 23.35 32.18 -18.90
N PRO L 1159 22.81 31.04 -19.44
CA PRO L 1159 23.58 29.83 -19.15
C PRO L 1159 24.92 29.78 -19.87
N ALA L 1160 25.86 29.05 -19.31
CA ALA L 1160 27.20 28.94 -19.87
C ALA L 1160 27.41 28.16 -21.18
N GLN L 1161 26.75 27.02 -21.30
CA GLN L 1161 26.88 26.13 -22.45
C GLN L 1161 25.53 25.44 -22.56
N PRO L 1162 25.26 24.61 -23.57
CA PRO L 1162 23.90 24.07 -23.47
C PRO L 1162 23.68 23.36 -22.14
N LEU L 1163 22.49 23.50 -21.60
CA LEU L 1163 22.22 22.98 -20.27
C LEU L 1163 22.49 21.48 -20.22
N PRO L 1164 23.51 21.06 -19.46
CA PRO L 1164 23.67 19.62 -19.23
C PRO L 1164 22.55 19.13 -18.35
N VAL L 1165 22.13 17.90 -18.62
CA VAL L 1165 21.05 17.33 -17.81
C VAL L 1165 21.47 17.26 -16.35
N PHE L 1166 22.78 17.29 -16.08
CA PHE L 1166 23.25 17.25 -14.71
C PHE L 1166 24.31 18.32 -14.45
N GLY L 1167 24.96 18.22 -13.30
CA GLY L 1167 25.79 19.30 -12.81
C GLY L 1167 24.93 20.43 -12.34
N CYS L 1168 25.23 21.63 -12.80
CA CYS L 1168 24.39 22.79 -12.55
C CYS L 1168 24.04 23.45 -13.88
N ALA L 1169 23.02 24.32 -13.83
CA ALA L 1169 22.70 25.11 -15.01
C ALA L 1169 23.82 26.07 -15.37
N GLN L 1170 24.78 26.29 -14.47
CA GLN L 1170 25.99 27.04 -14.76
C GLN L 1170 25.76 28.48 -15.15
N VAL L 1171 25.42 29.32 -14.18
CA VAL L 1171 25.63 30.75 -14.34
C VAL L 1171 27.10 31.00 -14.66
N PRO L 1172 27.42 31.86 -15.62
CA PRO L 1172 28.80 32.24 -15.85
C PRO L 1172 29.35 33.00 -14.66
N ARG L 1173 30.67 33.15 -14.62
CA ARG L 1173 31.28 33.98 -13.59
C ARG L 1173 32.00 35.15 -14.22
N ARG L 1174 31.66 36.35 -13.79
CA ARG L 1174 32.33 37.48 -14.37
C ARG L 1174 33.68 37.71 -13.69
N ALA L 1175 34.57 38.35 -14.43
CA ALA L 1175 35.95 38.53 -14.03
C ALA L 1175 36.13 39.52 -12.90
N GLY L 1176 35.20 40.43 -12.68
CA GLY L 1176 35.24 41.24 -11.50
C GLY L 1176 33.84 41.58 -11.02
N MET L 1177 33.75 41.88 -9.74
CA MET L 1177 32.48 42.26 -9.15
C MET L 1177 32.74 43.33 -8.11
N ASP L 1178 31.74 44.19 -7.89
CA ASP L 1178 31.99 45.36 -7.07
C ASP L 1178 31.03 45.59 -5.92
N HIS L 1179 29.77 45.87 -6.18
CA HIS L 1179 28.98 46.42 -5.08
C HIS L 1179 28.56 45.38 -4.07
N GLY L 1180 28.59 44.12 -4.42
CA GLY L 1180 28.16 43.08 -3.54
C GLY L 1180 27.55 41.97 -4.35
N GLN L 1181 26.82 41.11 -3.66
CA GLN L 1181 26.10 40.05 -4.35
C GLN L 1181 25.06 40.67 -5.28
N ASP L 1182 24.73 39.93 -6.33
CA ASP L 1182 23.69 40.37 -7.25
C ASP L 1182 22.33 39.96 -6.73
N ALA L 1183 21.47 40.94 -6.53
CA ALA L 1183 20.09 40.66 -6.20
C ALA L 1183 19.29 40.43 -7.46
N VAL L 1184 18.51 39.34 -7.46
CA VAL L 1184 17.76 38.84 -8.59
C VAL L 1184 16.35 39.40 -8.50
N CYS L 1185 15.94 40.16 -9.51
CA CYS L 1185 14.60 40.71 -9.63
C CYS L 1185 13.67 39.73 -10.30
N GLU L 1186 12.39 39.79 -9.93
CA GLU L 1186 11.39 38.94 -10.55
C GLU L 1186 10.11 39.66 -10.88
N PHE L 1187 9.59 39.36 -12.05
CA PHE L 1187 8.56 40.14 -12.70
C PHE L 1187 7.29 39.31 -12.70
N ILE L 1188 6.28 39.78 -11.99
CA ILE L 1188 4.96 39.18 -12.03
C ILE L 1188 4.06 40.09 -12.85
N ALA L 1189 3.56 39.62 -13.99
CA ALA L 1189 2.67 40.45 -14.79
C ALA L 1189 1.45 40.84 -14.00
N THR L 1190 1.25 42.13 -13.80
CA THR L 1190 0.01 42.64 -13.23
C THR L 1190 -0.79 43.39 -14.27
N PRO L 1191 -2.03 43.76 -13.96
CA PRO L 1191 -2.77 44.66 -14.83
C PRO L 1191 -2.27 46.10 -14.74
N VAL L 1192 -2.23 46.79 -15.88
CA VAL L 1192 -1.85 48.20 -15.82
C VAL L 1192 -2.83 49.00 -14.97
N ALA L 1193 -4.05 48.51 -14.81
CA ALA L 1193 -4.98 49.16 -13.90
C ALA L 1193 -5.00 48.33 -12.63
N THR L 1194 -4.16 48.75 -11.70
CA THR L 1194 -4.10 48.39 -10.31
C THR L 1194 -3.56 49.67 -9.69
N ASP L 1195 -4.09 50.06 -8.55
CA ASP L 1195 -3.67 51.37 -8.08
C ASP L 1195 -2.22 51.33 -7.67
N ILE L 1196 -1.57 52.44 -7.88
CA ILE L 1196 -0.19 52.52 -7.53
C ILE L 1196 -0.12 52.44 -6.03
N ASN L 1197 -1.27 52.71 -5.44
CA ASN L 1197 -1.57 52.81 -4.02
C ASN L 1197 -1.44 51.59 -3.23
N TYR L 1198 -1.53 50.45 -3.91
CA TYR L 1198 -1.22 49.14 -3.40
C TYR L 1198 0.24 49.42 -3.69
N PHE L 1199 1.23 48.96 -2.97
CA PHE L 1199 2.63 49.32 -3.26
C PHE L 1199 3.06 50.57 -2.59
N ARG L 1200 2.20 51.33 -1.97
CA ARG L 1200 2.70 52.45 -1.31
C ARG L 1200 2.79 52.02 0.14
N ARG L 1201 2.34 50.81 0.42
CA ARG L 1201 2.28 50.25 1.75
C ARG L 1201 3.00 48.97 1.67
N PRO L 1202 3.40 48.36 2.85
CA PRO L 1202 4.16 47.11 2.66
C PRO L 1202 3.40 45.84 2.39
N CYS L 1203 2.62 45.86 1.32
CA CYS L 1203 1.82 44.79 0.70
C CYS L 1203 2.40 43.48 0.17
N ASN L 1204 1.59 42.41 0.17
CA ASN L 1204 1.80 41.14 -0.56
C ASN L 1204 1.96 41.30 -2.05
N PRO L 1205 3.06 40.85 -2.65
CA PRO L 1205 3.14 40.96 -4.10
C PRO L 1205 2.64 39.75 -4.86
N ARG L 1206 1.63 39.06 -4.37
CA ARG L 1206 0.82 38.20 -5.22
C ARG L 1206 -0.53 38.80 -5.47
N GLY L 1207 -0.82 39.94 -4.87
CA GLY L 1207 -2.08 40.59 -5.00
C GLY L 1207 -3.00 40.44 -3.81
N ARG L 1208 -2.81 39.41 -3.00
CA ARG L 1208 -3.75 39.11 -1.93
C ARG L 1208 -2.94 38.67 -0.73
N ALA L 1209 -3.52 38.80 0.45
CA ALA L 1209 -2.87 38.42 1.70
C ALA L 1209 -2.86 36.91 1.86
N ALA L 1210 -1.69 36.35 2.06
CA ALA L 1210 -1.50 34.91 2.05
C ALA L 1210 -1.26 34.26 3.40
N GLY L 1211 -1.09 35.02 4.47
CA GLY L 1211 -0.48 34.46 5.66
C GLY L 1211 -1.35 33.53 6.47
N GLY L 1212 -0.75 32.94 7.48
CA GLY L 1212 -1.46 32.20 8.49
C GLY L 1212 -1.49 32.95 9.79
N VAL L 1213 -0.86 34.13 9.77
CA VAL L 1213 -1.03 35.10 10.84
C VAL L 1213 -2.43 35.65 10.79
N TYR L 1214 -3.02 35.69 9.60
CA TYR L 1214 -4.36 36.17 9.38
C TYR L 1214 -5.42 35.10 9.62
N ALA L 1215 -5.06 33.85 9.44
CA ALA L 1215 -6.05 32.79 9.39
C ALA L 1215 -6.71 32.60 10.74
N GLY L 1216 -7.88 31.96 10.72
CA GLY L 1216 -8.78 31.96 11.84
C GLY L 1216 -9.01 30.67 12.60
N ASP L 1217 -8.20 29.65 12.46
CA ASP L 1217 -8.49 28.46 13.26
C ASP L 1217 -9.70 27.65 12.82
N LYS L 1218 -10.13 27.77 11.59
CA LYS L 1218 -11.28 27.07 11.11
C LYS L 1218 -10.83 25.92 10.29
N GLU L 1219 -9.59 25.50 10.45
CA GLU L 1219 -9.10 24.36 9.66
C GLU L 1219 -8.81 24.65 8.18
N GLY L 1220 -9.77 25.14 7.43
CA GLY L 1220 -9.53 25.50 6.05
C GLY L 1220 -9.23 26.99 5.99
N ASP L 1221 -8.98 27.60 7.13
CA ASP L 1221 -8.81 29.02 7.22
C ASP L 1221 -7.70 29.57 6.36
N VAL L 1222 -6.58 28.90 6.28
CA VAL L 1222 -5.47 29.23 5.41
C VAL L 1222 -5.81 28.57 4.10
N ILE L 1223 -5.67 29.28 3.01
CA ILE L 1223 -6.03 28.72 1.71
C ILE L 1223 -7.46 28.88 1.31
N ALA L 1224 -8.12 29.72 2.07
CA ALA L 1224 -9.44 30.22 1.92
C ALA L 1224 -8.87 31.57 2.14
N LEU L 1225 -8.02 31.67 3.15
CA LEU L 1225 -7.39 32.96 3.33
C LEU L 1225 -6.64 33.35 2.09
N MET L 1226 -6.26 32.36 1.30
CA MET L 1226 -5.33 32.55 0.22
C MET L 1226 -6.07 32.65 -1.11
N TYR L 1227 -6.63 31.54 -1.51
CA TYR L 1227 -7.26 31.40 -2.77
C TYR L 1227 -8.69 31.73 -3.00
N ASP L 1228 -9.56 31.58 -2.01
CA ASP L 1228 -10.98 31.84 -2.28
C ASP L 1228 -11.19 33.24 -2.73
N HIS L 1229 -11.82 33.38 -3.89
CA HIS L 1229 -12.10 34.70 -4.41
C HIS L 1229 -13.55 35.10 -4.24
N GLY L 1230 -14.32 34.22 -3.64
CA GLY L 1230 -15.69 34.50 -3.26
C GLY L 1230 -15.60 35.56 -2.18
N GLN L 1231 -14.59 35.38 -1.35
CA GLN L 1231 -14.21 36.18 -0.22
C GLN L 1231 -13.40 37.37 -0.61
N SER L 1232 -13.27 38.26 0.35
CA SER L 1232 -12.57 39.51 0.28
C SER L 1232 -11.09 39.26 0.52
N ASP L 1233 -10.36 40.27 0.77
CA ASP L 1233 -8.97 40.14 1.05
C ASP L 1233 -8.74 40.56 2.49
N PRO L 1234 -7.93 39.84 3.25
CA PRO L 1234 -7.79 40.20 4.67
C PRO L 1234 -7.17 41.55 4.86
N ALA L 1235 -6.21 41.87 4.01
CA ALA L 1235 -5.52 43.12 3.90
C ALA L 1235 -6.27 44.34 3.45
N ARG L 1236 -7.03 44.25 2.38
CA ARG L 1236 -7.79 45.34 1.81
C ARG L 1236 -9.01 44.61 1.57
N PRO L 1237 -9.91 44.66 2.62
CA PRO L 1237 -11.07 43.80 2.47
C PRO L 1237 -12.09 44.19 1.52
N PHE L 1238 -11.96 45.32 0.89
CA PHE L 1238 -12.99 45.69 -0.05
C PHE L 1238 -12.85 45.02 -1.40
N ALA L 1239 -11.83 44.19 -1.60
CA ALA L 1239 -11.54 43.59 -2.89
C ALA L 1239 -11.11 42.16 -2.66
N ALA L 1240 -11.18 41.34 -3.71
CA ALA L 1240 -10.64 40.00 -3.62
C ALA L 1240 -9.15 39.98 -3.87
N THR L 1241 -8.68 40.81 -4.79
CA THR L 1241 -7.31 40.84 -5.27
C THR L 1241 -6.83 42.24 -5.54
N ALA L 1242 -5.56 42.34 -5.91
CA ALA L 1242 -5.00 43.47 -6.63
C ALA L 1242 -4.60 42.94 -7.98
N ASN L 1243 -3.82 41.90 -7.98
CA ASN L 1243 -3.46 41.17 -9.17
C ASN L 1243 -4.30 39.91 -9.24
N PRO L 1244 -5.21 39.76 -10.21
CA PRO L 1244 -5.88 38.47 -10.38
C PRO L 1244 -4.99 37.40 -10.97
N TRP L 1245 -3.97 37.78 -11.69
CA TRP L 1245 -3.14 36.87 -12.45
C TRP L 1245 -2.09 36.22 -11.60
N ALA L 1246 -2.10 36.45 -10.30
CA ALA L 1246 -1.14 35.85 -9.37
C ALA L 1246 -1.87 35.19 -8.22
N SER L 1247 -2.65 35.99 -7.49
CA SER L 1247 -3.31 35.55 -6.27
C SER L 1247 -4.24 34.35 -6.44
N GLN L 1248 -4.71 34.07 -7.63
CA GLN L 1248 -5.59 32.93 -7.78
C GLN L 1248 -4.79 31.65 -7.91
N ARG L 1249 -5.42 30.54 -7.55
CA ARG L 1249 -4.80 29.26 -7.77
C ARG L 1249 -4.87 28.94 -9.26
N PHE L 1250 -3.79 28.38 -9.79
CA PHE L 1250 -3.67 28.02 -11.19
C PHE L 1250 -3.65 29.22 -12.09
N SER L 1251 -3.22 30.36 -11.61
CA SER L 1251 -3.18 31.55 -12.38
C SER L 1251 -1.83 31.60 -12.93
N TYR L 1252 -1.47 32.54 -13.77
CA TYR L 1252 -0.16 32.57 -14.34
C TYR L 1252 0.84 32.71 -13.32
N GLY L 1253 0.65 33.56 -12.34
CA GLY L 1253 1.63 33.79 -11.31
C GLY L 1253 1.91 32.65 -10.44
N ASP L 1254 0.93 31.91 -10.04
CA ASP L 1254 0.91 30.66 -9.30
C ASP L 1254 1.67 29.59 -10.07
N LEU L 1255 1.35 29.40 -11.35
CA LEU L 1255 2.00 28.40 -12.17
C LEU L 1255 3.50 28.62 -12.31
N LEU L 1256 3.93 29.88 -12.33
CA LEU L 1256 5.36 30.15 -12.43
C LEU L 1256 6.05 29.96 -11.10
N TYR L 1257 5.66 30.75 -10.12
CA TYR L 1257 6.44 30.95 -8.91
C TYR L 1257 6.02 30.06 -7.77
N ASN L 1258 5.02 29.21 -7.96
CA ASN L 1258 4.76 28.19 -6.96
C ASN L 1258 5.75 27.07 -7.18
N GLY L 1259 6.38 26.64 -6.11
CA GLY L 1259 7.35 25.58 -6.19
C GLY L 1259 6.77 24.21 -6.13
N ALA L 1260 5.45 24.08 -6.03
CA ALA L 1260 4.82 22.79 -6.17
C ALA L 1260 4.89 22.31 -7.60
N TYR L 1261 4.94 23.23 -8.56
CA TYR L 1261 5.15 22.96 -9.96
C TYR L 1261 6.63 22.87 -10.35
N HIS L 1262 7.48 23.58 -9.63
CA HIS L 1262 8.93 23.66 -9.83
C HIS L 1262 9.33 23.72 -11.29
N LEU L 1263 9.03 24.87 -11.85
CA LEU L 1263 9.39 25.27 -13.16
C LEU L 1263 10.85 25.51 -13.28
N ASN L 1264 11.35 26.22 -12.29
CA ASN L 1264 12.71 26.66 -12.24
C ASN L 1264 13.31 26.20 -10.95
N GLY L 1265 13.46 24.89 -10.92
CA GLY L 1265 14.04 24.11 -9.87
C GLY L 1265 15.00 23.64 -10.93
N ALA L 1266 16.12 23.10 -10.58
CA ALA L 1266 17.05 22.76 -11.66
C ALA L 1266 17.76 23.98 -12.11
N SER L 1267 17.57 25.07 -11.39
CA SER L 1267 18.19 26.33 -11.65
C SER L 1267 18.77 26.72 -10.34
N PRO L 1268 20.03 27.17 -10.32
CA PRO L 1268 20.65 27.60 -9.07
C PRO L 1268 20.12 28.90 -8.50
N VAL L 1269 19.53 29.75 -9.30
CA VAL L 1269 19.34 31.15 -8.93
C VAL L 1269 18.08 31.29 -8.10
N LEU L 1270 18.17 32.08 -7.02
CA LEU L 1270 17.06 32.24 -6.09
C LEU L 1270 15.83 32.75 -6.81
N SER L 1271 14.66 32.36 -6.31
CA SER L 1271 13.41 32.99 -6.67
C SER L 1271 12.90 33.75 -5.47
N PRO L 1272 13.01 35.07 -5.45
CA PRO L 1272 12.37 35.84 -4.40
C PRO L 1272 10.91 35.53 -4.21
N CYS L 1273 10.22 35.17 -5.28
CA CYS L 1273 8.78 34.99 -5.27
C CYS L 1273 8.38 33.62 -4.78
N PHE L 1274 9.30 32.67 -4.74
CA PHE L 1274 8.99 31.35 -4.23
C PHE L 1274 8.43 31.46 -2.84
N LYS L 1275 8.87 32.42 -2.12
CA LYS L 1275 8.39 32.58 -0.81
C LYS L 1275 6.92 32.84 -0.77
N PHE L 1276 6.40 33.72 -1.62
CA PHE L 1276 5.01 34.17 -1.64
C PHE L 1276 3.99 33.39 -2.36
N PHE L 1277 4.43 32.40 -3.10
CA PHE L 1277 3.57 31.53 -3.85
C PHE L 1277 4.00 30.19 -3.34
N THR L 1278 3.07 29.40 -2.91
CA THR L 1278 3.45 28.08 -2.40
C THR L 1278 2.71 28.11 -1.12
N ALA L 1279 1.60 27.42 -1.06
CA ALA L 1279 0.83 27.39 0.12
C ALA L 1279 1.22 26.08 0.66
N ALA L 1280 2.21 25.50 0.07
CA ALA L 1280 2.62 24.19 0.47
C ALA L 1280 3.29 24.49 1.77
N ASP L 1281 4.02 25.62 1.81
CA ASP L 1281 4.77 26.13 2.94
C ASP L 1281 3.94 27.05 3.82
N ILE L 1282 3.13 27.92 3.23
CA ILE L 1282 2.34 28.84 4.04
C ILE L 1282 1.36 28.07 4.90
N THR L 1283 0.71 27.07 4.31
CA THR L 1283 -0.26 26.28 5.07
C THR L 1283 0.44 25.38 6.07
N ALA L 1284 1.66 24.94 5.76
CA ALA L 1284 2.37 24.03 6.64
C ALA L 1284 2.75 24.66 7.96
N LYS L 1285 2.92 25.98 8.02
CA LYS L 1285 3.29 26.59 9.28
C LYS L 1285 2.13 26.51 10.25
N HIS L 1286 2.36 26.99 11.46
CA HIS L 1286 1.31 27.09 12.45
C HIS L 1286 0.86 28.53 12.56
N ARG L 1287 -0.21 28.74 13.32
CA ARG L 1287 -0.76 30.08 13.40
C ARG L 1287 -0.45 30.81 14.69
N CYS L 1288 0.23 30.21 15.66
CA CYS L 1288 0.31 30.88 16.97
C CYS L 1288 1.44 31.90 16.97
N LEU L 1289 1.12 33.13 17.36
CA LEU L 1289 2.07 34.23 17.27
C LEU L 1289 3.18 34.15 18.30
N GLU L 1290 2.91 33.60 19.48
CA GLU L 1290 3.93 33.40 20.48
C GLU L 1290 5.18 32.82 19.84
N ARG L 1291 5.00 31.68 19.18
CA ARG L 1291 6.05 31.01 18.45
C ARG L 1291 6.54 31.68 17.17
N LEU L 1292 5.66 32.31 16.40
CA LEU L 1292 6.11 32.89 15.14
C LEU L 1292 7.02 34.07 15.33
N ILE L 1293 6.97 34.77 16.47
CA ILE L 1293 7.91 35.85 16.68
C ILE L 1293 9.26 35.37 17.20
N VAL L 1294 9.35 34.20 17.79
CA VAL L 1294 10.69 33.69 18.13
C VAL L 1294 11.34 32.98 16.94
N GLU L 1295 10.56 32.31 16.09
CA GLU L 1295 11.13 31.75 14.87
C GLU L 1295 11.47 32.79 13.84
N THR L 1296 11.05 34.03 14.04
CA THR L 1296 11.45 35.06 13.10
C THR L 1296 12.91 35.39 13.27
N GLY L 1297 13.33 35.72 14.48
CA GLY L 1297 14.72 36.04 14.72
C GLY L 1297 15.68 35.04 14.11
N SER L 1298 15.39 33.76 14.20
CA SER L 1298 16.30 32.85 13.56
C SER L 1298 15.55 32.07 12.58
N ALA L 1299 15.73 32.33 11.30
CA ALA L 1299 15.05 31.64 10.25
C ALA L 1299 16.11 31.25 9.29
N VAL L 1300 15.85 30.31 8.40
CA VAL L 1300 16.87 29.94 7.46
C VAL L 1300 16.65 30.78 6.22
N SER L 1301 17.68 31.46 5.76
CA SER L 1301 17.58 32.28 4.58
C SER L 1301 17.32 31.30 3.52
N THR L 1302 16.69 31.74 2.46
CA THR L 1302 16.37 30.89 1.37
C THR L 1302 17.44 31.13 0.35
N ALA L 1303 18.51 31.83 0.76
CA ALA L 1303 19.55 32.24 -0.17
C ALA L 1303 20.91 31.94 0.44
N THR L 1304 21.94 32.33 -0.28
CA THR L 1304 23.31 32.30 0.20
C THR L 1304 23.91 33.67 0.04
N ALA L 1305 24.74 34.06 0.99
CA ALA L 1305 25.55 35.25 0.83
C ALA L 1305 26.88 34.95 0.18
N ALA L 1306 27.22 33.69 -0.03
CA ALA L 1306 28.52 33.33 -0.54
C ALA L 1306 28.63 33.45 -2.05
N SER L 1307 27.54 33.48 -2.78
CA SER L 1307 27.63 33.40 -4.22
C SER L 1307 27.72 34.78 -4.85
N ASP L 1308 28.06 34.83 -6.12
CA ASP L 1308 28.21 36.11 -6.80
C ASP L 1308 26.89 36.66 -7.29
N VAL L 1309 26.07 35.80 -7.84
CA VAL L 1309 24.67 36.06 -8.08
C VAL L 1309 23.94 35.34 -6.97
N GLN L 1310 22.85 35.88 -6.47
CA GLN L 1310 22.34 35.23 -5.28
C GLN L 1310 21.69 33.91 -5.68
N PHE L 1311 22.27 32.83 -5.18
CA PHE L 1311 21.75 31.51 -5.42
C PHE L 1311 20.72 31.14 -4.39
N LYS L 1312 20.21 29.96 -4.57
CA LYS L 1312 19.18 29.34 -3.76
C LYS L 1312 19.90 28.50 -2.74
N ARG L 1313 19.37 28.44 -1.54
CA ARG L 1313 20.14 27.87 -0.47
C ARG L 1313 20.43 26.41 -0.73
N PRO L 1314 21.68 26.01 -0.93
CA PRO L 1314 21.96 24.62 -1.23
C PRO L 1314 21.66 23.75 -0.03
N PRO L 1315 21.51 22.46 -0.27
CA PRO L 1315 21.03 21.53 0.74
C PRO L 1315 21.78 21.43 2.07
N GLY L 1316 23.10 21.40 2.10
CA GLY L 1316 23.78 21.34 3.38
C GLY L 1316 23.68 22.53 4.32
N CYS L 1317 23.85 23.73 3.76
CA CYS L 1317 23.90 24.99 4.51
C CYS L 1317 22.67 25.64 5.10
N ARG L 1318 22.90 26.39 6.18
CA ARG L 1318 21.90 27.16 6.93
C ARG L 1318 22.45 28.55 7.32
N GLU L 1319 21.58 29.56 7.34
CA GLU L 1319 21.97 30.93 7.64
C GLU L 1319 21.35 31.75 8.78
N LEU L 1320 20.37 31.24 9.50
CA LEU L 1320 19.75 31.97 10.60
C LEU L 1320 19.80 33.44 10.31
N VAL L 1321 19.02 33.85 9.32
CA VAL L 1321 18.79 35.23 8.98
C VAL L 1321 17.69 35.69 9.92
N GLU L 1322 17.11 36.86 9.69
CA GLU L 1322 15.99 37.29 10.52
C GLU L 1322 14.67 37.22 9.76
N ASP L 1323 14.53 37.92 8.65
CA ASP L 1323 13.38 37.66 7.78
C ASP L 1323 12.01 37.91 8.35
N PRO L 1324 11.57 39.17 8.44
CA PRO L 1324 10.18 39.44 8.79
C PRO L 1324 9.21 39.08 7.68
N CYS L 1325 9.65 39.14 6.43
CA CYS L 1325 8.73 39.01 5.31
C CYS L 1325 8.15 37.61 5.24
N GLY L 1326 8.75 36.66 5.95
CA GLY L 1326 8.15 35.35 6.06
C GLY L 1326 7.06 35.26 7.09
N LEU L 1327 7.01 36.18 8.05
CA LEU L 1327 5.93 36.20 9.03
C LEU L 1327 4.77 37.01 8.47
N PHE L 1328 4.94 38.33 8.43
CA PHE L 1328 3.90 39.22 7.97
C PHE L 1328 3.50 38.94 6.56
N GLN L 1329 4.35 38.22 5.84
CA GLN L 1329 4.18 37.87 4.45
C GLN L 1329 4.11 39.05 3.49
N GLU L 1330 5.16 39.85 3.44
CA GLU L 1330 5.15 41.03 2.61
C GLU L 1330 6.44 41.52 2.05
N ALA L 1331 6.29 42.38 1.06
CA ALA L 1331 7.39 42.96 0.38
C ALA L 1331 7.21 44.39 0.69
N TYR L 1332 8.28 45.14 0.74
CA TYR L 1332 8.25 46.51 1.08
C TYR L 1332 8.61 47.38 -0.03
N PRO L 1333 7.89 48.54 -0.07
CA PRO L 1333 8.29 49.44 -1.14
C PRO L 1333 9.61 50.17 -0.93
N ILE L 1334 10.40 50.34 -1.99
CA ILE L 1334 11.62 51.14 -2.02
C ILE L 1334 11.29 52.42 -2.74
N THR L 1335 12.05 53.47 -2.48
CA THR L 1335 11.81 54.72 -3.19
C THR L 1335 12.17 54.48 -4.65
N CYS L 1336 11.17 54.58 -5.51
CA CYS L 1336 11.35 54.35 -6.93
C CYS L 1336 10.34 55.19 -7.67
N ALA L 1337 10.77 55.80 -8.74
CA ALA L 1337 9.91 56.61 -9.58
C ALA L 1337 9.95 56.04 -10.98
N SER L 1338 8.93 56.36 -11.77
CA SER L 1338 9.04 56.07 -13.19
C SER L 1338 9.75 57.17 -13.95
N ASP L 1339 10.20 58.23 -13.27
CA ASP L 1339 10.93 59.40 -13.72
C ASP L 1339 12.25 59.58 -13.00
N PRO L 1340 13.25 60.15 -13.68
CA PRO L 1340 14.36 60.72 -12.93
C PRO L 1340 13.97 61.98 -12.20
N ALA L 1341 13.09 62.79 -12.75
CA ALA L 1341 12.76 64.07 -12.14
C ALA L 1341 11.83 63.95 -10.96
N LEU L 1342 11.04 62.88 -10.90
CA LEU L 1342 10.33 62.63 -9.67
C LEU L 1342 11.28 62.08 -8.64
N LEU L 1343 12.14 61.13 -9.02
CA LEU L 1343 13.08 60.54 -8.06
C LEU L 1343 14.02 61.58 -7.49
N ARG L 1344 14.38 62.59 -8.29
CA ARG L 1344 15.14 63.71 -7.74
C ARG L 1344 14.35 64.45 -6.68
N SER L 1345 13.03 64.47 -6.81
CA SER L 1345 12.23 65.24 -5.87
C SER L 1345 12.27 64.62 -4.49
N ALA L 1346 12.41 63.31 -4.44
CA ALA L 1346 12.50 62.57 -3.21
C ALA L 1346 13.86 62.62 -2.59
N ARG L 1347 14.79 63.39 -3.11
CA ARG L 1347 16.05 63.49 -2.41
C ARG L 1347 15.51 64.59 -1.55
N ASP L 1348 15.93 64.61 -0.30
CA ASP L 1348 15.48 65.56 0.73
C ASP L 1348 14.67 64.69 1.64
N GLY L 1349 13.37 64.65 1.43
CA GLY L 1349 12.51 63.85 2.27
C GLY L 1349 11.24 63.62 1.52
N GLU L 1350 10.33 62.88 2.11
CA GLU L 1350 9.09 62.62 1.46
C GLU L 1350 8.12 63.73 1.70
N ALA L 1351 8.56 64.80 2.33
CA ALA L 1351 7.61 65.90 2.49
C ALA L 1351 7.17 66.45 1.14
N HIS L 1352 8.12 66.93 0.33
CA HIS L 1352 7.80 67.60 -0.92
C HIS L 1352 7.91 66.71 -2.14
N ALA L 1353 8.11 65.41 -1.96
CA ALA L 1353 8.20 64.50 -3.10
C ALA L 1353 7.02 64.70 -4.03
N ARG L 1354 7.30 64.76 -5.33
CA ARG L 1354 6.23 64.68 -6.31
C ARG L 1354 5.78 63.24 -6.31
N GLU L 1355 4.56 63.00 -5.94
CA GLU L 1355 4.07 61.64 -5.96
C GLU L 1355 3.36 61.30 -7.26
N THR L 1356 3.01 62.28 -8.07
CA THR L 1356 2.46 62.05 -9.40
C THR L 1356 2.79 63.25 -10.26
N HIS L 1357 3.14 62.99 -11.51
CA HIS L 1357 3.06 63.99 -12.56
C HIS L 1357 2.53 63.30 -13.80
N PHE L 1358 1.30 63.58 -14.18
CA PHE L 1358 0.64 63.00 -15.34
C PHE L 1358 0.66 61.48 -15.20
N THR L 1359 1.20 60.73 -16.16
CA THR L 1359 1.15 59.29 -16.07
C THR L 1359 2.29 58.71 -15.25
N GLN L 1360 3.13 59.57 -14.71
CA GLN L 1360 4.33 59.24 -13.98
C GLN L 1360 4.04 59.20 -12.51
N TYR L 1361 4.71 58.30 -11.81
CA TYR L 1361 4.43 58.12 -10.41
C TYR L 1361 5.73 57.97 -9.65
N LEU L 1362 5.68 58.34 -8.39
CA LEU L 1362 6.75 58.11 -7.46
C LEU L 1362 6.20 57.30 -6.30
N ILE L 1363 6.96 56.32 -5.88
CA ILE L 1363 6.67 55.54 -4.70
C ILE L 1363 7.78 55.80 -3.71
N TYR L 1364 7.42 56.09 -2.48
CA TYR L 1364 8.42 56.36 -1.47
C TYR L 1364 8.54 55.13 -0.58
N ASP L 1365 9.58 55.11 0.21
CA ASP L 1365 9.93 54.03 1.09
C ASP L 1365 9.01 53.73 2.27
N ALA L 1366 8.74 52.45 2.45
CA ALA L 1366 7.95 51.97 3.54
C ALA L 1366 8.63 50.69 3.94
N SER L 1367 9.82 50.80 4.49
CA SER L 1367 10.57 49.62 4.85
C SER L 1367 11.30 49.79 6.17
N PRO L 1368 11.67 48.72 6.87
CA PRO L 1368 12.42 48.90 8.10
C PRO L 1368 13.63 49.80 7.95
N LEU L 1369 14.05 50.09 6.73
CA LEU L 1369 15.25 50.85 6.45
C LEU L 1369 15.00 52.33 6.37
N LYS L 1370 13.76 52.77 6.46
CA LYS L 1370 13.45 54.19 6.33
C LYS L 1370 13.99 54.91 7.56
N GLY L 1371 14.73 55.98 7.32
CA GLY L 1371 15.40 56.69 8.38
C GLY L 1371 16.84 56.26 8.61
N LEU L 1372 17.22 55.11 8.08
CA LEU L 1372 18.62 54.72 8.08
C LEU L 1372 19.29 55.31 6.84
N SER L 1373 20.60 55.13 6.75
CA SER L 1373 21.41 55.89 5.79
C SER L 1373 21.58 55.10 4.51
N LEU L 1374 22.39 54.05 4.58
CA LEU L 1374 22.64 53.09 3.49
C LEU L 1374 21.66 53.12 2.32
N ARG M 6 5.23 -7.60 20.68
CA ARG M 6 4.95 -6.25 21.14
C ARG M 6 6.20 -5.56 21.67
N ASP M 7 7.35 -6.03 21.21
CA ASP M 7 8.64 -5.66 21.81
C ASP M 7 8.54 -5.93 23.30
N PRO M 8 8.59 -7.19 23.71
CA PRO M 8 8.34 -7.54 25.11
C PRO M 8 9.40 -6.93 26.01
N PRO M 9 9.32 -7.19 27.32
CA PRO M 9 10.37 -6.71 28.23
C PRO M 9 11.74 -7.27 27.89
N GLY M 10 12.71 -7.02 28.74
CA GLY M 10 14.03 -7.57 28.56
C GLY M 10 14.65 -7.89 29.90
N TYR M 11 15.58 -8.82 29.85
CA TYR M 11 16.12 -9.39 31.08
C TYR M 11 16.87 -8.33 31.84
N ARG M 12 16.61 -8.29 33.13
CA ARG M 12 17.11 -7.27 34.01
C ARG M 12 18.34 -7.87 34.57
N TYR M 13 19.49 -7.38 34.17
CA TYR M 13 20.72 -7.95 34.66
C TYR M 13 21.10 -7.73 36.10
N ALA M 14 20.83 -6.56 36.63
CA ALA M 14 21.17 -6.28 38.01
C ALA M 14 20.41 -7.17 38.94
N ALA M 15 19.12 -7.32 38.69
CA ALA M 15 18.19 -8.05 39.54
C ALA M 15 18.70 -9.43 39.67
N ALA M 16 19.36 -9.89 38.62
CA ALA M 16 20.06 -11.16 38.60
C ALA M 16 21.20 -10.73 39.47
N MET M 17 21.93 -11.65 40.05
CA MET M 17 23.05 -11.42 40.97
C MET M 17 22.53 -11.55 42.38
N VAL M 18 21.22 -11.46 42.53
CA VAL M 18 20.62 -11.64 43.82
C VAL M 18 19.35 -12.36 43.49
N PRO M 19 19.44 -13.66 43.32
CA PRO M 19 18.29 -14.45 42.92
C PRO M 19 17.33 -14.62 44.08
N THR M 20 16.05 -14.71 43.75
CA THR M 20 15.03 -15.00 44.74
C THR M 20 14.76 -16.49 44.86
N GLY M 21 15.49 -17.32 44.13
CA GLY M 21 15.29 -18.74 44.19
C GLY M 21 16.30 -19.44 43.32
N SER M 22 16.19 -20.75 43.27
CA SER M 22 17.11 -21.54 42.48
C SER M 22 16.35 -22.59 41.72
N ILE M 23 16.53 -22.60 40.41
CA ILE M 23 15.83 -23.55 39.55
C ILE M 23 16.49 -24.90 39.73
N LEU M 24 15.71 -25.90 40.15
CA LEU M 24 16.27 -27.21 40.41
C LEU M 24 16.54 -27.96 39.13
N SER M 25 15.58 -27.96 38.20
CA SER M 25 15.78 -28.71 36.98
C SER M 25 16.83 -28.08 36.10
N THR M 26 17.74 -28.91 35.65
CA THR M 26 18.78 -28.46 34.75
C THR M 26 18.40 -29.20 33.49
N ILE M 27 18.19 -28.46 32.42
CA ILE M 27 17.79 -29.07 31.18
C ILE M 27 18.21 -28.13 30.09
N GLU M 28 18.20 -28.62 28.85
CA GLU M 28 18.61 -27.76 27.77
C GLU M 28 17.39 -26.93 27.48
N VAL M 29 17.47 -25.68 27.85
CA VAL M 29 16.39 -24.76 27.61
C VAL M 29 16.60 -24.34 26.19
N ALA M 30 15.63 -23.66 25.63
CA ALA M 30 15.73 -23.23 24.28
C ALA M 30 15.03 -24.24 23.43
N SER M 31 14.26 -25.14 24.05
CA SER M 31 13.51 -26.07 23.25
C SER M 31 12.22 -25.36 23.55
N HIS M 32 12.04 -25.08 24.83
CA HIS M 32 10.86 -24.43 25.34
C HIS M 32 11.23 -23.01 25.15
N ARG M 33 11.14 -22.62 23.90
CA ARG M 33 11.57 -21.31 23.44
C ARG M 33 10.63 -20.20 23.90
N ARG M 34 9.37 -20.24 23.45
CA ARG M 34 8.44 -19.14 23.60
C ARG M 34 7.58 -19.21 24.85
N LEU M 35 7.82 -20.16 25.75
CA LEU M 35 7.19 -20.08 27.07
C LEU M 35 7.50 -18.76 27.74
N PHE M 36 8.51 -18.06 27.24
CA PHE M 36 8.97 -16.78 27.74
C PHE M 36 8.79 -15.75 26.65
N ASP M 37 8.53 -14.52 27.03
CA ASP M 37 8.43 -13.50 26.00
C ASP M 37 9.74 -12.76 25.78
N PHE M 38 10.78 -13.12 26.52
CA PHE M 38 12.14 -12.75 26.19
C PHE M 38 13.02 -13.95 26.48
N PHE M 39 13.73 -14.42 25.49
CA PHE M 39 14.56 -15.54 25.63
C PHE M 39 15.74 -15.09 24.90
N ALA M 40 16.91 -15.29 25.47
CA ALA M 40 18.11 -14.88 24.85
C ALA M 40 18.99 -16.01 25.15
N ARG M 41 19.83 -16.41 24.22
CA ARG M 41 20.73 -17.49 24.48
C ARG M 41 22.04 -16.89 24.20
N VAL M 42 22.92 -16.91 25.18
CA VAL M 42 24.23 -16.35 24.97
C VAL M 42 25.17 -17.50 25.08
N ARG M 43 26.26 -17.46 24.36
CA ARG M 43 27.20 -18.55 24.42
C ARG M 43 28.42 -18.60 25.33
N SER M 44 29.40 -17.71 25.21
CA SER M 44 30.55 -17.84 26.09
C SER M 44 30.11 -16.63 26.88
N ASP M 45 29.77 -15.55 26.19
CA ASP M 45 29.24 -14.36 26.81
C ASP M 45 28.92 -13.43 25.68
N GLU M 46 28.15 -12.39 25.91
CA GLU M 46 27.86 -11.50 24.81
C GLU M 46 28.25 -10.08 25.19
N ASN M 47 28.07 -9.20 24.24
CA ASN M 47 28.33 -7.78 24.38
C ASN M 47 27.20 -7.09 25.13
N SER M 48 26.03 -7.71 25.15
CA SER M 48 24.78 -7.09 25.56
C SER M 48 24.48 -7.23 27.04
N LEU M 49 25.38 -7.75 27.83
CA LEU M 49 25.10 -7.92 29.22
C LEU M 49 25.70 -6.86 30.08
N TYR M 50 26.42 -5.94 29.49
CA TYR M 50 27.13 -4.90 30.20
C TYR M 50 26.65 -3.49 29.99
N ASP M 51 25.36 -3.31 29.76
CA ASP M 51 24.80 -2.00 29.47
C ASP M 51 24.05 -1.11 30.48
N VAL M 52 24.51 0.13 30.70
CA VAL M 52 23.80 1.14 31.46
C VAL M 52 23.25 2.19 30.51
N GLU M 53 21.97 2.50 30.65
CA GLU M 53 21.34 3.70 30.11
C GLU M 53 20.24 4.08 31.09
N PHE M 54 19.89 5.35 31.14
CA PHE M 54 18.81 5.73 32.03
C PHE M 54 18.14 7.00 31.54
N ASP M 55 17.08 7.40 32.24
CA ASP M 55 16.35 8.64 32.04
C ASP M 55 16.27 9.36 33.37
N ALA M 56 16.47 10.66 33.34
CA ALA M 56 16.53 11.43 34.55
C ALA M 56 15.45 12.49 34.58
N LEU M 57 15.05 12.86 35.79
CA LEU M 57 14.22 14.04 36.04
C LEU M 57 15.12 15.08 36.66
N LEU M 58 15.42 16.12 35.91
CA LEU M 58 16.46 17.07 36.28
C LEU M 58 15.94 18.26 37.04
N GLY M 59 14.68 18.29 37.42
CA GLY M 59 14.22 19.25 38.39
C GLY M 59 12.73 19.39 38.39
N SER M 60 12.23 19.98 39.47
CA SER M 60 10.84 20.36 39.63
C SER M 60 10.83 21.80 40.10
N TYR M 61 9.92 22.60 39.57
CA TYR M 61 9.84 24.00 39.90
C TYR M 61 8.39 24.35 40.11
N CYS M 62 8.08 24.91 41.26
CA CYS M 62 6.71 25.26 41.57
C CYS M 62 6.63 26.77 41.69
N ASN M 63 5.45 27.22 42.03
CA ASN M 63 5.08 28.62 41.97
C ASN M 63 4.39 28.97 43.28
N THR M 64 4.56 30.22 43.70
CA THR M 64 3.93 30.71 44.91
C THR M 64 2.87 31.72 44.52
N LEU M 65 1.61 31.43 44.84
CA LEU M 65 0.59 32.45 44.73
C LEU M 65 0.87 33.55 45.73
N SER M 66 0.95 34.78 45.25
CA SER M 66 0.99 35.91 46.13
C SER M 66 -0.41 36.15 46.68
N LEU M 67 -0.48 36.64 47.89
CA LEU M 67 -1.76 36.95 48.44
C LEU M 67 -1.86 38.45 48.68
N VAL M 68 -2.76 39.10 47.95
CA VAL M 68 -2.96 40.52 48.07
C VAL M 68 -4.06 40.73 49.09
N ARG M 69 -3.79 41.56 50.10
CA ARG M 69 -4.75 41.86 51.16
C ARG M 69 -5.85 42.96 51.01
N PHE M 70 -5.52 44.02 50.34
CA PHE M 70 -6.44 45.13 50.11
C PHE M 70 -6.54 46.09 51.25
N LEU M 71 -5.84 45.87 52.33
CA LEU M 71 -5.80 46.85 53.39
C LEU M 71 -4.34 47.34 53.32
N GLU M 72 -3.54 46.66 52.50
CA GLU M 72 -2.15 46.90 52.28
C GLU M 72 -1.95 47.69 51.00
N LEU M 73 -3.05 48.13 50.42
CA LEU M 73 -3.10 48.88 49.17
C LEU M 73 -3.29 50.39 49.21
N GLY M 74 -3.20 51.03 48.04
CA GLY M 74 -3.48 52.41 47.88
C GLY M 74 -4.95 52.67 47.92
N LEU M 75 -5.70 51.82 47.25
CA LEU M 75 -7.11 51.98 47.08
C LEU M 75 -7.95 51.94 48.34
N SER M 76 -7.39 51.43 49.41
CA SER M 76 -8.10 51.34 50.65
C SER M 76 -8.35 52.70 51.26
N VAL M 77 -7.66 53.72 50.82
CA VAL M 77 -7.86 55.03 51.37
C VAL M 77 -9.19 55.56 51.05
N ALA M 78 -9.57 55.39 49.81
CA ALA M 78 -10.75 55.93 49.20
C ALA M 78 -11.98 55.16 49.52
N CYS M 79 -12.21 54.90 50.79
CA CYS M 79 -13.41 54.17 51.21
C CYS M 79 -13.30 53.81 52.68
N VAL M 80 -14.44 53.53 53.28
CA VAL M 80 -14.53 53.05 54.66
C VAL M 80 -15.02 51.62 54.60
N CYS M 81 -14.42 50.73 55.39
CA CYS M 81 -14.77 49.32 55.36
C CYS M 81 -15.31 48.92 56.72
N THR M 82 -16.44 48.23 56.74
CA THR M 82 -16.90 47.59 57.95
C THR M 82 -17.44 46.22 57.58
N LYS M 83 -17.26 45.26 58.49
CA LYS M 83 -17.80 43.93 58.32
C LYS M 83 -19.15 43.89 58.99
N PHE M 84 -20.20 43.81 58.20
CA PHE M 84 -21.55 43.76 58.73
C PHE M 84 -22.11 42.39 58.39
N PRO M 85 -22.11 41.44 59.33
CA PRO M 85 -22.44 40.07 58.97
C PRO M 85 -23.90 39.84 58.66
N GLU M 86 -24.78 40.75 59.04
CA GLU M 86 -26.21 40.58 58.85
C GLU M 86 -26.73 41.22 57.58
N LEU M 87 -25.90 41.74 56.71
CA LEU M 87 -26.54 42.39 55.60
C LEU M 87 -27.43 41.38 54.91
N ALA M 88 -27.03 40.13 54.86
CA ALA M 88 -27.97 39.20 54.27
C ALA M 88 -29.39 39.48 54.75
N TYR M 89 -29.52 39.87 55.99
CA TYR M 89 -30.82 40.04 56.58
C TYR M 89 -31.44 41.38 56.49
N MET M 90 -30.86 42.29 55.74
CA MET M 90 -31.36 43.65 55.67
C MET M 90 -31.83 44.16 54.35
N ASN M 91 -32.94 44.91 54.34
CA ASN M 91 -33.44 45.47 53.08
C ASN M 91 -32.90 46.81 52.70
N GLU M 92 -33.25 47.82 53.46
CA GLU M 92 -32.82 49.14 53.14
C GLU M 92 -31.90 49.65 54.17
N GLY M 93 -30.73 50.12 53.78
CA GLY M 93 -29.78 50.67 54.71
C GLY M 93 -29.72 52.09 54.27
N ARG M 94 -29.54 53.05 55.14
CA ARG M 94 -29.55 54.46 54.75
C ARG M 94 -28.53 55.26 55.55
N VAL M 95 -28.27 56.48 55.05
CA VAL M 95 -27.33 57.42 55.65
C VAL M 95 -27.94 58.82 55.59
N GLN M 96 -27.85 59.56 56.70
CA GLN M 96 -28.64 60.76 56.92
C GLN M 96 -28.13 62.05 56.28
N PHE M 97 -26.88 62.45 56.46
CA PHE M 97 -26.40 63.65 55.77
C PHE M 97 -27.20 64.94 55.95
N GLU M 98 -27.14 65.60 57.09
CA GLU M 98 -27.70 66.96 57.19
C GLU M 98 -26.61 67.97 56.86
N VAL M 99 -26.98 69.01 56.10
CA VAL M 99 -26.03 70.05 55.74
C VAL M 99 -26.70 71.41 55.83
N HIS M 100 -26.04 72.33 56.53
CA HIS M 100 -26.59 73.62 56.92
C HIS M 100 -25.81 74.70 56.21
N GLN M 101 -26.50 75.72 55.73
CA GLN M 101 -25.79 76.57 54.78
C GLN M 101 -25.55 77.96 55.34
N PRO M 102 -24.48 78.63 54.87
CA PRO M 102 -24.19 79.99 55.28
C PRO M 102 -25.19 80.98 54.73
N LEU M 103 -24.87 82.26 54.81
CA LEU M 103 -25.86 83.28 54.51
C LEU M 103 -25.15 84.61 54.51
N ILE M 104 -25.75 85.60 53.86
CA ILE M 104 -25.15 86.91 53.72
C ILE M 104 -26.25 87.95 53.88
N ALA M 105 -25.93 89.03 54.58
CA ALA M 105 -26.85 90.13 54.74
C ALA M 105 -26.72 91.05 53.54
N ARG M 106 -27.79 91.23 52.81
CA ARG M 106 -27.81 92.15 51.70
C ARG M 106 -28.47 93.45 52.13
N ASP M 107 -28.46 94.42 51.23
CA ASP M 107 -28.85 95.78 51.54
C ASP M 107 -29.65 96.34 50.39
N GLY M 108 -30.77 96.97 50.69
CA GLY M 108 -31.58 97.58 49.67
C GLY M 108 -32.78 96.73 49.38
N PRO M 109 -33.58 97.12 48.38
CA PRO M 109 -34.71 96.28 47.99
C PRO M 109 -34.21 94.93 47.53
N HIS M 110 -34.65 93.92 48.26
CA HIS M 110 -34.36 92.54 48.00
C HIS M 110 -35.24 91.73 48.92
N PRO M 111 -35.55 90.50 48.58
CA PRO M 111 -36.12 89.58 49.57
C PRO M 111 -35.06 89.23 50.60
N VAL M 112 -35.41 89.36 51.87
CA VAL M 112 -34.48 89.00 52.92
C VAL M 112 -34.28 87.49 52.93
N GLU M 113 -33.10 87.06 53.37
CA GLU M 113 -32.69 85.68 53.22
C GLU M 113 -32.71 84.95 54.56
N GLN M 114 -32.99 83.67 54.54
CA GLN M 114 -33.13 82.92 55.73
C GLN M 114 -32.13 81.85 55.68
N PRO M 115 -31.71 81.33 56.88
CA PRO M 115 -30.77 80.23 56.77
C PRO M 115 -31.38 79.05 56.07
N VAL M 116 -30.59 78.24 55.39
CA VAL M 116 -31.09 77.06 54.73
C VAL M 116 -30.52 75.76 55.24
N HIS M 117 -31.38 74.80 55.50
CA HIS M 117 -30.93 73.54 55.97
C HIS M 117 -31.44 72.55 54.97
N ASN M 118 -30.58 71.71 54.43
CA ASN M 118 -30.99 70.64 53.50
C ASN M 118 -30.80 69.33 54.15
N TYR M 119 -31.82 68.50 54.19
CA TYR M 119 -31.75 67.20 54.80
C TYR M 119 -31.96 66.18 53.76
N MET M 120 -31.06 65.24 53.63
CA MET M 120 -31.19 64.23 52.63
C MET M 120 -30.82 62.93 53.19
N THR M 121 -31.15 61.89 52.45
CA THR M 121 -30.73 60.52 52.80
C THR M 121 -30.29 59.80 51.52
N LYS M 122 -29.53 58.73 51.70
CA LYS M 122 -29.09 57.84 50.63
C LYS M 122 -29.34 56.40 51.04
N VAL M 123 -29.55 55.51 50.07
CA VAL M 123 -29.66 54.09 50.41
C VAL M 123 -28.42 53.33 49.98
N ILE M 124 -28.38 52.04 50.30
CA ILE M 124 -27.23 51.16 50.05
C ILE M 124 -27.42 50.46 48.71
N ASP M 125 -26.36 50.38 47.92
CA ASP M 125 -26.37 49.52 46.76
C ASP M 125 -25.88 48.14 47.14
N ARG M 126 -26.63 47.11 46.76
CA ARG M 126 -26.36 45.74 47.18
C ARG M 126 -25.65 44.98 46.08
N ARG M 127 -24.66 44.18 46.45
CA ARG M 127 -23.85 43.43 45.51
C ARG M 127 -23.46 42.10 46.14
N ALA M 128 -22.62 41.34 45.42
CA ALA M 128 -22.07 40.07 45.90
C ALA M 128 -20.85 39.75 45.07
N LEU M 129 -20.01 38.85 45.55
CA LEU M 129 -18.84 38.42 44.81
C LEU M 129 -18.76 36.90 44.78
N ASN M 130 -18.53 36.34 43.61
CA ASN M 130 -18.51 34.89 43.42
C ASN M 130 -17.14 34.35 43.10
N ALA M 131 -16.85 33.18 43.65
CA ALA M 131 -15.71 32.40 43.22
C ALA M 131 -16.06 30.95 43.47
N ALA M 132 -15.60 30.07 42.59
CA ALA M 132 -15.89 28.65 42.74
C ALA M 132 -14.61 27.84 42.69
N PHE M 133 -14.71 26.61 43.18
CA PHE M 133 -13.72 25.58 42.95
C PHE M 133 -14.45 24.26 42.98
N SER M 134 -13.72 23.16 43.01
CA SER M 134 -14.37 21.89 42.82
C SER M 134 -13.37 20.78 43.06
N LEU M 135 -13.89 19.59 43.27
CA LEU M 135 -13.13 18.38 43.54
C LEU M 135 -13.54 17.34 42.52
N ALA M 136 -12.58 16.72 41.85
CA ALA M 136 -12.89 15.67 40.91
C ALA M 136 -13.19 14.38 41.66
N THR M 137 -14.14 13.60 41.18
CA THR M 137 -14.63 12.48 41.93
C THR M 137 -13.58 11.56 42.54
N GLU M 138 -12.45 11.34 41.87
CA GLU M 138 -11.43 10.50 42.46
C GLU M 138 -11.03 11.16 43.76
N ALA M 139 -10.91 12.48 43.73
CA ALA M 139 -10.52 13.26 44.89
C ALA M 139 -11.55 13.20 45.99
N ILE M 140 -12.82 13.28 45.67
CA ILE M 140 -13.83 13.20 46.71
C ILE M 140 -13.66 11.87 47.37
N ALA M 141 -13.46 10.82 46.56
CA ALA M 141 -13.30 9.50 47.13
C ALA M 141 -12.09 9.36 48.04
N LEU M 142 -10.94 9.90 47.64
CA LEU M 142 -9.76 9.78 48.50
C LEU M 142 -9.99 10.55 49.76
N LEU M 143 -10.57 11.71 49.57
CA LEU M 143 -10.87 12.68 50.60
C LEU M 143 -11.88 12.31 51.64
N THR M 144 -12.98 11.71 51.22
CA THR M 144 -14.03 11.36 52.15
C THR M 144 -13.66 10.17 52.96
N GLY M 145 -13.02 9.21 52.30
CA GLY M 145 -12.69 8.00 53.01
C GLY M 145 -12.39 6.72 52.27
N GLU M 146 -13.34 6.23 51.50
CA GLU M 146 -13.31 4.91 50.89
C GLU M 146 -12.24 4.37 49.99
N ALA M 147 -11.61 5.16 49.15
CA ALA M 147 -10.61 4.57 48.25
C ALA M 147 -9.39 4.29 49.08
N LEU M 148 -9.53 3.36 50.04
CA LEU M 148 -8.42 2.96 50.90
C LEU M 148 -8.40 1.56 51.55
N ASP M 149 -7.49 0.68 51.10
CA ASP M 149 -7.21 -0.61 51.69
C ASP M 149 -6.02 -0.59 52.63
N GLY M 150 -5.38 0.57 52.81
CA GLY M 150 -4.22 0.68 53.66
C GLY M 150 -2.96 0.08 53.07
N THR M 151 -2.65 0.43 51.83
CA THR M 151 -1.42 -0.03 51.19
C THR M 151 -0.29 0.97 51.20
N GLY M 152 -0.51 2.21 51.64
CA GLY M 152 0.50 3.23 51.54
C GLY M 152 0.52 3.96 50.22
N ILE M 153 0.01 3.34 49.15
CA ILE M 153 -0.23 4.07 47.92
C ILE M 153 -1.50 4.89 48.04
N SER M 154 -2.49 4.33 48.75
CA SER M 154 -3.71 5.08 49.02
C SER M 154 -3.43 6.26 49.90
N LEU M 155 -2.58 6.09 50.92
CA LEU M 155 -2.13 7.22 51.72
C LEU M 155 -1.66 8.35 50.83
N HIS M 156 -0.58 8.11 50.09
CA HIS M 156 0.04 9.17 49.32
C HIS M 156 -0.93 9.85 48.37
N ARG M 157 -1.91 9.12 47.85
CA ARG M 157 -2.89 9.76 47.00
C ARG M 157 -3.82 10.64 47.80
N GLN M 158 -4.18 10.24 49.01
CA GLN M 158 -5.01 11.09 49.85
C GLN M 158 -4.30 12.38 50.19
N LEU M 159 -3.07 12.29 50.69
CA LEU M 159 -2.25 13.47 50.87
C LEU M 159 -2.29 14.34 49.63
N ARG M 160 -2.09 13.74 48.47
CA ARG M 160 -2.14 14.47 47.22
C ARG M 160 -3.51 15.11 47.00
N ALA M 161 -4.57 14.50 47.51
CA ALA M 161 -5.91 15.09 47.43
C ALA M 161 -6.12 16.16 48.48
N ILE M 162 -5.76 15.86 49.73
CA ILE M 162 -5.84 16.84 50.80
C ILE M 162 -5.19 18.13 50.39
N GLN M 163 -4.05 18.05 49.75
CA GLN M 163 -3.25 19.24 49.54
C GLN M 163 -3.49 19.91 48.19
N GLN M 164 -4.25 19.29 47.29
CA GLN M 164 -4.80 20.02 46.17
C GLN M 164 -5.99 20.85 46.61
N LEU M 165 -6.79 20.31 47.53
CA LEU M 165 -7.88 21.06 48.13
C LEU M 165 -7.37 22.34 48.76
N ALA M 166 -6.27 22.26 49.51
CA ALA M 166 -5.74 23.44 50.17
C ALA M 166 -5.35 24.52 49.19
N ARG M 167 -4.88 24.14 48.01
CA ARG M 167 -4.58 25.14 46.98
C ARG M 167 -5.83 25.84 46.49
N ASN M 168 -6.86 25.06 46.15
CA ASN M 168 -8.07 25.65 45.61
C ASN M 168 -8.81 26.46 46.65
N VAL M 169 -8.80 26.01 47.91
CA VAL M 169 -9.40 26.80 48.97
C VAL M 169 -8.61 28.08 49.19
N GLN M 170 -7.29 28.00 49.12
CA GLN M 170 -6.47 29.17 49.34
C GLN M 170 -6.55 30.13 48.17
N ALA M 171 -6.84 29.64 46.97
CA ALA M 171 -6.95 30.54 45.83
C ALA M 171 -8.25 31.30 45.83
N VAL M 172 -9.34 30.69 46.32
CA VAL M 172 -10.61 31.38 46.32
C VAL M 172 -10.72 32.34 47.48
N LEU M 173 -10.11 32.03 48.62
CA LEU M 173 -10.07 33.01 49.70
C LEU M 173 -9.32 34.26 49.29
N GLY M 174 -8.33 34.11 48.43
CA GLY M 174 -7.65 35.27 47.90
C GLY M 174 -8.33 35.90 46.72
N ALA M 175 -9.30 35.22 46.11
CA ALA M 175 -10.08 35.85 45.07
C ALA M 175 -10.85 37.03 45.63
N PHE M 176 -11.37 36.89 46.84
CA PHE M 176 -12.14 37.96 47.45
C PHE M 176 -11.26 39.11 47.88
N GLU M 177 -9.99 38.84 48.15
CA GLU M 177 -9.05 39.94 48.41
C GLU M 177 -8.77 40.72 47.14
N ARG M 178 -8.39 40.03 46.06
CA ARG M 178 -8.28 40.67 44.75
C ARG M 178 -9.65 41.16 44.26
N GLY M 179 -10.74 40.57 44.76
CA GLY M 179 -12.06 40.96 44.30
C GLY M 179 -12.60 42.21 44.96
N THR M 180 -12.20 42.49 46.20
CA THR M 180 -12.54 43.77 46.79
C THR M 180 -11.91 44.91 46.03
N ALA M 181 -10.70 44.73 45.53
CA ALA M 181 -10.03 45.80 44.83
C ALA M 181 -10.79 46.18 43.56
N ASP M 182 -11.14 45.22 42.71
CA ASP M 182 -11.86 45.63 41.51
C ASP M 182 -13.34 45.88 41.78
N GLN M 183 -13.89 45.34 42.86
CA GLN M 183 -15.19 45.80 43.30
C GLN M 183 -15.13 47.27 43.65
N MET M 184 -13.98 47.73 44.17
CA MET M 184 -13.81 49.13 44.49
C MET M 184 -13.58 49.99 43.26
N LEU M 185 -12.74 49.54 42.33
CA LEU M 185 -12.57 50.32 41.10
C LEU M 185 -13.91 50.54 40.42
N HIS M 186 -14.63 49.46 40.13
CA HIS M 186 -15.87 49.58 39.39
C HIS M 186 -16.85 50.52 40.05
N VAL M 187 -16.93 50.51 41.37
CA VAL M 187 -17.89 51.41 42.00
C VAL M 187 -17.37 52.84 42.02
N LEU M 188 -16.06 53.05 41.97
CA LEU M 188 -15.54 54.40 41.77
C LEU M 188 -15.71 54.84 40.34
N LEU M 189 -15.30 54.03 39.37
CA LEU M 189 -15.51 54.38 37.99
C LEU M 189 -16.98 54.46 37.62
N GLU M 190 -17.88 53.83 38.38
CA GLU M 190 -19.30 53.96 38.07
C GLU M 190 -19.80 55.36 38.38
N LYS M 191 -19.23 55.98 39.41
CA LYS M 191 -19.53 57.35 39.77
C LYS M 191 -18.60 58.48 39.39
N ALA M 192 -17.54 58.27 38.64
CA ALA M 192 -16.63 59.34 38.33
C ALA M 192 -16.93 60.00 37.01
N PRO M 193 -17.33 61.34 36.99
CA PRO M 193 -17.55 61.91 35.66
C PRO M 193 -16.27 62.20 34.93
N PRO M 194 -16.20 62.26 33.54
CA PRO M 194 -14.85 62.58 33.01
C PRO M 194 -14.30 63.95 33.37
N LEU M 195 -13.00 64.13 33.55
CA LEU M 195 -12.45 65.41 33.96
C LEU M 195 -12.78 66.50 32.95
N ALA M 196 -12.85 66.15 31.67
CA ALA M 196 -13.13 67.13 30.63
C ALA M 196 -14.51 67.73 30.80
N LEU M 197 -15.48 66.92 31.20
CA LEU M 197 -16.81 67.42 31.48
C LEU M 197 -16.92 68.00 32.88
N LEU M 198 -16.10 67.57 33.82
CA LEU M 198 -16.26 68.03 35.19
C LEU M 198 -15.75 69.44 35.38
N LEU M 199 -14.54 69.74 34.91
CA LEU M 199 -14.00 71.09 35.07
C LEU M 199 -14.95 72.18 34.59
N PRO M 200 -15.54 72.11 33.41
CA PRO M 200 -16.44 73.18 33.02
C PRO M 200 -17.62 73.24 33.95
N MET M 201 -18.16 72.09 34.30
CA MET M 201 -19.32 71.98 35.13
C MET M 201 -19.14 72.53 36.48
N GLN M 202 -18.05 72.24 37.13
CA GLN M 202 -17.80 72.70 38.47
C GLN M 202 -17.13 74.00 38.23
N ARG M 203 -17.90 75.05 38.21
CA ARG M 203 -17.41 76.37 37.90
C ARG M 203 -18.61 77.03 37.42
N TYR M 204 -19.65 76.28 37.56
CA TYR M 204 -21.01 76.66 37.24
C TYR M 204 -21.90 76.36 38.43
N LEU M 205 -21.74 75.18 38.99
CA LEU M 205 -22.35 74.80 40.24
C LEU M 205 -22.24 75.85 41.33
N ASP M 206 -21.28 76.78 41.25
CA ASP M 206 -21.16 77.80 42.28
C ASP M 206 -22.09 78.97 41.93
N ASN M 207 -23.22 78.98 42.59
CA ASN M 207 -24.15 80.03 42.34
C ASN M 207 -25.20 79.96 41.22
N GLY M 208 -25.85 81.12 41.09
CA GLY M 208 -26.89 81.36 40.12
C GLY M 208 -26.28 81.41 38.74
N ARG M 209 -24.99 81.02 38.66
CA ARG M 209 -24.24 80.96 37.42
C ARG M 209 -24.89 79.85 36.56
N LEU M 210 -25.76 79.04 37.18
CA LEU M 210 -26.60 78.00 36.57
C LEU M 210 -28.12 78.15 36.93
N ALA M 211 -28.52 79.36 37.28
CA ALA M 211 -29.85 79.80 37.66
C ALA M 211 -30.77 79.90 36.44
N THR M 212 -30.26 80.45 35.34
CA THR M 212 -31.11 80.73 34.19
C THR M 212 -30.90 79.71 33.09
N ARG M 213 -31.68 79.90 32.03
CA ARG M 213 -31.64 79.02 30.87
C ARG M 213 -30.42 79.27 30.01
N VAL M 214 -29.98 80.52 29.97
CA VAL M 214 -28.93 80.93 29.05
C VAL M 214 -27.57 80.43 29.50
N ALA M 215 -27.37 80.27 30.80
CA ALA M 215 -26.10 79.75 31.27
C ALA M 215 -26.04 78.24 31.13
N ARG M 216 -27.19 77.58 31.09
CA ARG M 216 -27.19 76.18 30.69
C ARG M 216 -26.76 76.05 29.24
N ALA M 217 -27.25 76.93 28.37
CA ALA M 217 -26.78 76.96 26.99
C ALA M 217 -25.29 77.18 26.94
N THR M 218 -24.81 78.16 27.69
CA THR M 218 -23.41 78.54 27.70
C THR M 218 -22.55 77.56 28.46
N LEU M 219 -23.13 76.85 29.43
CA LEU M 219 -22.45 75.72 30.06
C LEU M 219 -22.19 74.64 29.03
N VAL M 220 -23.25 74.16 28.39
CA VAL M 220 -23.17 73.04 27.46
C VAL M 220 -22.20 73.32 26.34
N ALA M 221 -22.20 74.54 25.80
CA ALA M 221 -21.31 74.86 24.70
C ALA M 221 -19.86 74.65 25.09
N GLU M 222 -19.54 74.81 26.35
CA GLU M 222 -18.20 74.58 26.86
C GLU M 222 -17.89 73.12 27.12
N LEU M 223 -18.87 72.32 27.54
CA LEU M 223 -18.63 70.90 27.72
C LEU M 223 -18.17 70.24 26.44
N LYS M 224 -18.72 70.66 25.31
CA LYS M 224 -18.29 70.10 24.05
C LYS M 224 -16.85 70.48 23.77
N ARG M 225 -16.57 71.78 23.81
CA ARG M 225 -15.22 72.27 23.60
C ARG M 225 -14.23 71.56 24.50
N SER M 226 -14.54 71.50 25.79
CA SER M 226 -13.61 70.91 26.74
C SER M 226 -13.42 69.44 26.50
N PHE M 227 -14.47 68.73 26.13
CA PHE M 227 -14.29 67.31 25.88
C PHE M 227 -13.51 67.09 24.59
N CYS M 228 -13.77 67.90 23.58
CA CYS M 228 -13.03 67.73 22.33
C CYS M 228 -11.58 68.11 22.52
N ASP M 229 -11.34 69.25 23.17
CA ASP M 229 -9.99 69.69 23.50
C ASP M 229 -9.24 68.74 24.39
N THR M 230 -9.69 68.63 25.64
CA THR M 230 -8.86 68.20 26.74
C THR M 230 -8.97 66.73 27.06
N SER M 231 -9.71 65.95 26.30
CA SER M 231 -9.68 64.51 26.51
C SER M 231 -8.46 63.96 25.82
N PHE M 232 -7.82 62.99 26.47
CA PHE M 232 -6.53 62.44 26.06
C PHE M 232 -5.43 63.49 26.18
N PHE M 233 -5.50 64.29 27.22
CA PHE M 233 -4.61 65.43 27.34
C PHE M 233 -3.15 64.99 27.43
N LEU M 234 -2.84 64.08 28.34
CA LEU M 234 -1.55 63.41 28.26
C LEU M 234 -1.58 62.50 27.04
N GLY M 235 -0.54 62.55 26.25
CA GLY M 235 -0.56 61.93 24.96
C GLY M 235 -0.96 62.86 23.85
N LYS M 236 -1.52 64.00 24.20
CA LYS M 236 -1.81 65.08 23.28
C LYS M 236 -0.92 66.28 23.59
N ALA M 237 -1.03 66.81 24.80
CA ALA M 237 -0.16 67.83 25.35
C ALA M 237 1.00 67.25 26.14
N GLY M 238 1.23 65.95 26.04
CA GLY M 238 2.19 65.25 26.89
C GLY M 238 3.61 65.75 26.82
N HIS M 239 3.97 66.54 25.82
CA HIS M 239 5.35 67.00 25.74
C HIS M 239 5.61 68.20 26.63
N ARG M 240 4.67 69.12 26.73
CA ARG M 240 4.86 70.35 27.49
C ARG M 240 4.36 70.17 28.91
N ARG M 241 5.25 70.35 29.88
CA ARG M 241 4.98 69.94 31.25
C ARG M 241 4.40 71.03 32.13
N GLU M 242 4.28 72.25 31.66
CA GLU M 242 3.44 73.17 32.40
C GLU M 242 1.97 72.94 32.09
N ALA M 243 1.65 72.42 30.90
CA ALA M 243 0.28 72.03 30.61
C ALA M 243 -0.09 70.81 31.43
N ILE M 244 0.78 69.82 31.46
CA ILE M 244 0.48 68.57 32.16
C ILE M 244 0.36 68.83 33.64
N GLU M 245 1.35 69.47 34.24
CA GLU M 245 1.34 69.65 35.69
C GLU M 245 0.11 70.39 36.18
N ALA M 246 -0.31 71.42 35.45
CA ALA M 246 -1.56 72.09 35.79
C ALA M 246 -2.74 71.14 35.67
N TRP M 247 -2.64 70.18 34.75
CA TRP M 247 -3.70 69.21 34.54
C TRP M 247 -3.75 68.17 35.65
N LEU M 248 -2.62 67.88 36.28
CA LEU M 248 -2.62 67.02 37.45
C LEU M 248 -3.12 67.74 38.67
N VAL M 249 -3.04 69.06 38.71
CA VAL M 249 -3.65 69.78 39.81
C VAL M 249 -5.14 69.94 39.57
N ASP M 250 -5.56 70.06 38.31
CA ASP M 250 -6.98 69.99 38.00
C ASP M 250 -7.56 68.66 38.43
N LEU M 251 -6.95 67.57 37.98
CA LEU M 251 -7.42 66.24 38.32
C LEU M 251 -7.61 66.11 39.81
N THR M 252 -6.64 66.56 40.58
CA THR M 252 -6.61 66.34 42.02
C THR M 252 -7.48 67.31 42.80
N THR M 253 -7.61 68.54 42.34
CA THR M 253 -8.39 69.55 43.06
C THR M 253 -9.81 69.70 42.54
N ALA M 254 -10.24 68.85 41.61
CA ALA M 254 -11.56 69.02 41.03
C ALA M 254 -12.67 68.42 41.87
N THR M 255 -12.34 67.61 42.86
CA THR M 255 -13.36 66.92 43.64
C THR M 255 -13.52 67.58 45.00
N GLN M 256 -14.51 67.09 45.75
CA GLN M 256 -14.92 67.69 47.01
C GLN M 256 -14.72 66.74 48.17
N PRO M 257 -13.93 67.11 49.17
CA PRO M 257 -13.68 66.19 50.28
C PRO M 257 -14.97 65.75 50.93
N SER M 258 -15.05 64.47 51.21
CA SER M 258 -16.28 63.85 51.65
C SER M 258 -16.40 63.96 53.16
N VAL M 259 -17.24 63.10 53.75
CA VAL M 259 -17.31 62.92 55.19
C VAL M 259 -15.92 62.71 55.77
N ALA M 260 -15.69 63.32 56.93
CA ALA M 260 -14.45 63.16 57.69
C ALA M 260 -14.54 61.89 58.54
N VAL M 261 -13.57 61.00 58.35
CA VAL M 261 -13.52 59.73 59.08
C VAL M 261 -12.26 59.68 59.94
N PRO M 262 -12.38 59.77 61.27
CA PRO M 262 -11.18 59.73 62.11
C PRO M 262 -10.52 58.38 62.15
N ARG M 263 -11.23 57.32 61.79
CA ARG M 263 -10.62 55.99 61.82
C ARG M 263 -9.80 55.60 60.58
N LEU M 264 -9.91 56.35 59.49
CA LEU M 264 -9.14 56.03 58.29
C LEU M 264 -7.85 56.75 58.53
N THR M 265 -7.27 56.46 59.68
CA THR M 265 -6.04 57.08 60.14
C THR M 265 -4.87 56.59 59.35
N HIS M 266 -5.11 55.59 58.55
CA HIS M 266 -4.03 54.98 57.82
C HIS M 266 -3.25 55.98 56.96
N ALA M 267 -3.90 56.88 56.24
CA ALA M 267 -3.05 57.71 55.53
C ALA M 267 -2.07 58.35 56.39
N ASP M 268 -0.81 58.05 56.19
CA ASP M 268 0.22 58.73 56.87
C ASP M 268 1.33 58.25 56.08
N THR M 269 2.43 58.95 56.14
CA THR M 269 3.59 58.62 55.40
C THR M 269 4.78 58.50 56.34
N ARG M 270 5.08 59.64 56.91
CA ARG M 270 6.13 59.84 57.90
C ARG M 270 5.51 60.99 58.66
N GLY M 271 4.28 60.73 59.09
CA GLY M 271 3.37 61.59 59.84
C GLY M 271 2.37 62.38 59.03
N ARG M 272 2.61 62.69 57.75
CA ARG M 272 1.67 63.50 57.00
C ARG M 272 0.48 62.70 56.69
N PRO M 273 -0.70 63.27 56.65
CA PRO M 273 -1.88 62.40 56.40
C PRO M 273 -2.45 62.35 54.99
N VAL M 274 -2.06 61.38 54.19
CA VAL M 274 -2.51 61.18 52.80
C VAL M 274 -4.01 61.37 52.62
N ASP M 275 -4.42 62.04 51.55
CA ASP M 275 -5.84 62.18 51.21
C ASP M 275 -6.09 61.90 49.74
N GLY M 276 -6.79 60.83 49.44
CA GLY M 276 -7.11 60.56 48.06
C GLY M 276 -6.12 59.64 47.39
N VAL M 277 -6.61 58.85 46.44
CA VAL M 277 -5.77 57.94 45.69
C VAL M 277 -5.57 58.53 44.30
N LEU M 278 -4.64 57.95 43.56
CA LEU M 278 -4.49 58.21 42.13
C LEU M 278 -4.22 56.86 41.50
N VAL M 279 -5.13 56.36 40.69
CA VAL M 279 -5.01 55.00 40.18
C VAL M 279 -4.82 55.09 38.68
N THR M 280 -3.87 54.32 38.19
CA THR M 280 -3.28 54.55 36.88
C THR M 280 -2.96 53.21 36.26
N THR M 281 -2.69 53.21 34.97
CA THR M 281 -2.02 52.11 34.33
C THR M 281 -0.54 52.15 34.68
N ALA M 282 0.14 51.02 34.53
CA ALA M 282 1.55 50.97 34.88
C ALA M 282 2.40 51.79 33.94
N ALA M 283 1.91 52.01 32.72
CA ALA M 283 2.68 52.77 31.74
C ALA M 283 2.55 54.25 31.98
N ILE M 284 1.34 54.71 32.29
CA ILE M 284 1.13 56.11 32.61
C ILE M 284 1.72 56.43 33.98
N LYS M 285 1.62 55.52 34.94
CA LYS M 285 2.28 55.72 36.22
C LYS M 285 3.77 55.92 36.07
N GLN M 286 4.38 55.23 35.13
CA GLN M 286 5.82 55.33 34.93
C GLN M 286 6.19 56.59 34.17
N ARG M 287 5.35 57.00 33.23
CA ARG M 287 5.59 58.25 32.53
C ARG M 287 5.43 59.44 33.47
N LEU M 288 4.32 59.53 34.19
CA LEU M 288 4.13 60.60 35.14
C LEU M 288 5.26 60.67 36.14
N LEU M 289 5.75 59.52 36.58
CA LEU M 289 6.72 59.48 37.66
C LEU M 289 8.13 59.71 37.17
N GLN M 290 8.40 59.52 35.88
CA GLN M 290 9.75 59.78 35.41
C GLN M 290 9.98 61.25 35.13
N SER M 291 8.92 61.99 34.80
CA SER M 291 9.11 63.35 34.33
C SER M 291 8.27 64.36 35.10
N PHE M 292 6.95 64.23 35.07
CA PHE M 292 6.12 65.34 35.50
C PHE M 292 6.10 65.47 37.00
N LEU M 293 5.40 64.61 37.70
CA LEU M 293 5.55 64.60 39.13
C LEU M 293 6.48 63.44 39.38
N LYS M 294 7.72 63.74 39.60
CA LYS M 294 8.65 62.77 40.13
C LYS M 294 8.85 63.26 41.55
N VAL M 295 8.15 62.60 42.45
CA VAL M 295 8.19 62.94 43.85
C VAL M 295 8.47 61.61 44.49
N GLU M 296 7.46 60.76 44.50
CA GLU M 296 7.54 59.47 45.13
C GLU M 296 8.28 59.66 46.44
N ASP M 297 7.86 60.72 47.15
CA ASP M 297 8.56 61.17 48.36
C ASP M 297 8.60 60.24 49.50
N THR M 298 7.48 59.59 49.75
CA THR M 298 7.47 58.63 50.77
C THR M 298 7.29 57.47 49.89
N GLU M 299 8.05 56.45 50.17
CA GLU M 299 7.99 55.25 49.44
C GLU M 299 7.39 54.16 50.31
N ALA M 300 6.84 54.54 51.44
CA ALA M 300 6.23 53.62 52.40
C ALA M 300 5.23 54.44 53.16
N ASP M 301 4.43 53.83 54.01
CA ASP M 301 3.44 54.58 54.79
C ASP M 301 2.62 53.67 55.69
N VAL M 302 1.69 54.26 56.44
CA VAL M 302 1.11 53.63 57.62
C VAL M 302 -0.41 53.49 57.52
N PRO M 303 -0.88 52.38 56.94
CA PRO M 303 -2.29 52.07 56.80
C PRO M 303 -2.90 51.40 58.02
N VAL M 304 -4.13 50.92 57.91
CA VAL M 304 -4.87 50.32 59.03
C VAL M 304 -5.30 48.84 58.97
N THR M 305 -6.46 48.53 59.57
CA THR M 305 -7.15 47.20 59.65
C THR M 305 -8.71 47.35 59.60
N TYR M 306 -9.46 46.30 59.31
CA TYR M 306 -10.95 46.44 59.18
C TYR M 306 -11.88 46.88 60.32
N GLY M 307 -12.81 47.77 59.97
CA GLY M 307 -13.81 48.32 60.88
C GLY M 307 -14.93 47.32 61.03
N GLU M 308 -15.81 47.49 62.00
CA GLU M 308 -16.88 46.49 62.17
C GLU M 308 -18.27 46.94 62.58
N MET M 309 -19.25 46.08 62.37
CA MET M 309 -20.64 46.42 62.70
C MET M 309 -21.40 45.15 63.09
N VAL M 310 -22.05 45.14 64.25
CA VAL M 310 -22.73 43.94 64.75
C VAL M 310 -24.00 44.33 65.49
N LEU M 311 -25.01 43.47 65.44
CA LEU M 311 -26.26 43.65 66.18
C LEU M 311 -26.15 42.91 67.51
N ASN M 312 -26.09 43.65 68.62
CA ASN M 312 -25.98 42.97 69.90
C ASN M 312 -27.03 43.35 70.93
N GLY M 313 -26.82 44.45 71.64
CA GLY M 313 -27.64 44.61 72.83
C GLY M 313 -29.07 45.01 72.55
N ALA M 314 -29.25 46.24 72.09
CA ALA M 314 -30.57 46.67 71.66
C ALA M 314 -30.81 46.29 70.22
N ASN M 315 -29.76 46.33 69.40
CA ASN M 315 -29.92 46.14 67.98
C ASN M 315 -30.52 44.79 67.64
N LEU M 316 -30.19 43.74 68.39
CA LEU M 316 -30.94 42.50 68.22
C LEU M 316 -32.40 42.71 68.57
N VAL M 317 -32.65 43.33 69.72
CA VAL M 317 -34.01 43.46 70.19
C VAL M 317 -34.80 44.49 69.41
N THR M 318 -34.13 45.42 68.74
CA THR M 318 -34.84 46.26 67.78
C THR M 318 -34.98 45.59 66.42
N ALA M 319 -33.93 44.94 65.92
CA ALA M 319 -34.05 44.26 64.63
C ALA M 319 -35.17 43.22 64.65
N LEU M 320 -35.39 42.59 65.80
CA LEU M 320 -36.54 41.74 66.06
C LEU M 320 -37.51 42.59 66.84
N VAL M 321 -38.81 42.34 66.67
CA VAL M 321 -39.88 43.08 67.34
C VAL M 321 -40.10 44.42 66.67
N MET M 322 -39.14 44.89 65.89
CA MET M 322 -39.34 46.13 65.16
C MET M 322 -38.95 45.96 63.70
N GLY M 323 -37.71 45.54 63.46
CA GLY M 323 -37.20 45.51 62.11
C GLY M 323 -36.43 46.75 61.78
N LYS M 324 -35.97 47.48 62.78
CA LYS M 324 -35.19 48.68 62.60
C LYS M 324 -33.96 48.55 63.48
N ALA M 325 -32.79 48.70 62.88
CA ALA M 325 -31.55 48.77 63.62
C ALA M 325 -30.91 50.13 63.39
N VAL M 326 -30.11 50.58 64.33
CA VAL M 326 -29.37 51.82 64.21
C VAL M 326 -27.92 51.54 64.50
N ARG M 327 -27.02 52.11 63.71
CA ARG M 327 -25.62 51.89 63.93
C ARG M 327 -25.18 52.58 65.21
N SER M 328 -24.59 51.79 66.11
CA SER M 328 -24.17 52.26 67.44
C SER M 328 -25.34 52.90 68.17
N LEU M 329 -26.35 52.08 68.42
CA LEU M 329 -27.56 52.54 69.09
C LEU M 329 -27.35 52.71 70.58
N ASP M 330 -26.38 52.01 71.16
CA ASP M 330 -26.05 52.22 72.56
C ASP M 330 -25.71 53.68 72.82
N ASP M 331 -24.67 54.17 72.17
CA ASP M 331 -24.30 55.57 72.29
C ASP M 331 -25.46 56.48 71.92
N VAL M 332 -25.95 56.36 70.69
CA VAL M 332 -27.05 57.20 70.23
C VAL M 332 -28.18 57.18 71.26
N GLY M 333 -28.44 56.02 71.85
CA GLY M 333 -29.49 55.94 72.83
C GLY M 333 -29.20 56.76 74.07
N ARG M 334 -27.98 56.64 74.59
CA ARG M 334 -27.68 57.32 75.84
C ARG M 334 -27.37 58.79 75.64
N HIS M 335 -26.72 59.15 74.53
CA HIS M 335 -26.51 60.56 74.24
C HIS M 335 -27.84 61.29 74.13
N LEU M 336 -28.85 60.61 73.62
CA LEU M 336 -30.15 61.24 73.54
C LEU M 336 -30.70 61.45 74.93
N LEU M 337 -30.61 60.46 75.80
CA LEU M 337 -31.09 60.57 77.18
C LEU M 337 -30.24 61.49 78.04
N ASP M 338 -28.94 61.34 77.97
CA ASP M 338 -28.14 62.17 78.83
C ASP M 338 -28.43 63.59 78.50
N MET M 339 -28.74 63.83 77.24
CA MET M 339 -29.01 65.14 76.72
C MET M 339 -30.18 65.87 77.35
N GLN M 340 -31.29 65.20 77.60
CA GLN M 340 -32.42 65.87 78.22
C GLN M 340 -32.29 66.34 79.68
N GLU M 341 -31.62 65.60 80.53
CA GLU M 341 -31.52 66.03 81.92
C GLU M 341 -30.54 67.17 82.10
N GLU M 342 -29.88 67.60 81.03
CA GLU M 342 -28.97 68.75 81.04
C GLU M 342 -27.91 68.63 82.13
N ASN M 347 -26.77 72.65 70.46
CA ASN M 347 -25.66 72.33 71.35
C ASN M 347 -25.34 70.86 71.32
N ARG M 348 -24.11 70.52 71.70
CA ARG M 348 -23.59 69.15 71.76
C ARG M 348 -23.67 68.44 70.42
N GLU M 349 -23.71 69.19 69.33
CA GLU M 349 -23.64 68.60 68.00
C GLU M 349 -22.23 68.81 67.47
N THR M 350 -21.77 67.88 66.65
CA THR M 350 -20.39 67.97 66.23
C THR M 350 -19.56 67.19 67.27
N LEU M 351 -20.23 66.54 68.23
CA LEU M 351 -19.57 65.72 69.23
C LEU M 351 -18.91 64.61 68.42
N ASP M 352 -19.64 64.17 67.39
CA ASP M 352 -19.17 63.18 66.44
C ASP M 352 -18.70 61.99 67.22
N GLU M 353 -17.52 61.47 66.91
CA GLU M 353 -17.02 60.35 67.67
C GLU M 353 -15.52 60.09 67.50
N LEU M 354 -14.90 59.54 68.53
CA LEU M 354 -13.47 59.22 68.49
C LEU M 354 -13.17 58.11 69.48
N GLU M 355 -13.68 56.91 69.23
CA GLU M 355 -13.47 55.80 70.17
C GLU M 355 -12.08 55.20 70.44
N SER M 356 -11.29 54.91 69.41
CA SER M 356 -10.01 54.25 69.67
C SER M 356 -8.68 54.62 69.02
N ALA M 357 -8.53 54.43 67.71
CA ALA M 357 -7.20 54.70 67.16
C ALA M 357 -6.59 53.38 66.71
N PRO M 358 -7.00 52.84 65.56
CA PRO M 358 -6.66 51.45 65.26
C PRO M 358 -5.16 51.25 65.17
N GLN M 359 -4.78 50.00 65.00
CA GLN M 359 -3.37 49.66 64.94
C GLN M 359 -2.94 49.57 63.49
N THR M 360 -1.72 50.01 63.24
CA THR M 360 -1.27 50.28 61.89
C THR M 360 -0.06 49.43 61.56
N THR M 361 0.21 49.32 60.26
CA THR M 361 1.40 48.67 59.76
C THR M 361 1.99 49.53 58.66
N ARG M 362 3.31 49.55 58.59
CA ARG M 362 3.98 50.35 57.56
C ARG M 362 4.07 49.51 56.31
N VAL M 363 3.42 49.97 55.24
CA VAL M 363 3.31 49.22 54.02
C VAL M 363 3.98 50.02 52.93
N ARG M 364 4.34 49.34 51.86
CA ARG M 364 5.14 49.92 50.79
C ARG M 364 4.17 50.54 49.80
N ALA M 365 4.14 51.87 49.77
CA ALA M 365 3.21 52.61 48.95
C ALA M 365 4.00 53.60 48.13
N ASP M 366 3.30 54.37 47.30
CA ASP M 366 3.93 55.35 46.45
C ASP M 366 3.19 56.65 46.66
N LEU M 367 3.80 57.59 47.34
CA LEU M 367 3.14 58.80 47.77
C LEU M 367 3.74 59.97 47.02
N VAL M 368 2.89 60.84 46.50
CA VAL M 368 3.34 61.98 45.74
C VAL M 368 2.52 63.17 46.16
N ALA M 369 3.17 64.32 46.28
CA ALA M 369 2.45 65.56 46.53
C ALA M 369 2.16 66.20 45.19
N ILE M 370 0.89 66.21 44.80
CA ILE M 370 0.46 66.87 43.58
C ILE M 370 -0.05 68.23 43.98
N GLY M 371 0.67 69.27 43.59
CA GLY M 371 0.26 70.57 44.04
C GLY M 371 0.33 70.58 45.54
N ASP M 372 -0.79 70.84 46.16
CA ASP M 372 -0.80 71.11 47.58
C ASP M 372 -1.03 69.89 48.46
N ARG M 373 -1.41 68.73 47.91
CA ARG M 373 -1.87 67.63 48.74
C ARG M 373 -1.19 66.31 48.38
N LEU M 374 -1.15 65.42 49.36
CA LEU M 374 -0.43 64.16 49.28
C LEU M 374 -1.38 63.03 48.87
N VAL M 375 -0.95 62.21 47.92
CA VAL M 375 -1.81 61.29 47.20
C VAL M 375 -1.06 59.98 47.02
N PHE M 376 -1.78 58.87 47.06
CA PHE M 376 -1.24 57.60 46.59
C PHE M 376 -1.21 57.60 45.07
N LEU M 377 -0.05 57.35 44.49
CA LEU M 377 0.04 57.17 43.06
C LEU M 377 0.23 55.69 42.80
N GLU M 378 -0.72 55.12 42.08
CA GLU M 378 -0.84 53.68 41.84
C GLU M 378 -1.11 53.11 40.48
N ALA M 379 -0.69 51.86 40.29
CA ALA M 379 -0.95 51.08 39.12
C ALA M 379 -1.19 49.78 39.75
N LEU M 380 -2.32 49.13 39.52
CA LEU M 380 -2.56 47.86 40.18
C LEU M 380 -3.09 46.79 39.26
N GLU M 381 -2.23 46.36 38.36
CA GLU M 381 -2.45 45.31 37.40
C GLU M 381 -1.08 44.83 37.71
N LYS M 382 -0.81 43.55 37.58
CA LYS M 382 0.48 43.02 37.89
C LYS M 382 0.57 42.82 39.39
N ARG M 383 -0.41 43.31 40.13
CA ARG M 383 -0.42 43.11 41.58
C ARG M 383 -1.65 42.30 41.84
N ILE M 384 -2.79 42.82 41.43
CA ILE M 384 -4.01 42.04 41.52
C ILE M 384 -4.35 41.50 40.12
N TYR M 385 -4.45 42.33 39.09
CA TYR M 385 -4.93 41.78 37.83
C TYR M 385 -3.94 40.91 37.11
N ALA M 386 -2.74 40.66 37.64
CA ALA M 386 -1.65 40.07 36.87
C ALA M 386 -1.99 38.85 36.03
N ALA M 387 -2.13 37.69 36.66
CA ALA M 387 -2.24 36.43 35.93
C ALA M 387 -3.66 35.96 35.77
N THR M 388 -4.63 36.76 36.19
CA THR M 388 -5.98 36.30 36.45
C THR M 388 -6.85 36.18 35.21
N ASN M 389 -6.44 36.77 34.09
CA ASN M 389 -7.25 36.89 32.88
C ASN M 389 -8.50 37.73 33.08
N VAL M 390 -8.53 38.56 34.12
CA VAL M 390 -9.55 39.59 34.26
C VAL M 390 -8.95 40.85 33.64
N PRO M 391 -9.69 41.61 32.87
CA PRO M 391 -9.19 42.89 32.37
C PRO M 391 -9.20 43.97 33.42
N TYR M 392 -8.33 44.92 33.24
CA TYR M 392 -8.04 46.02 34.14
C TYR M 392 -9.00 47.17 33.86
N PRO M 393 -9.70 47.67 34.88
CA PRO M 393 -10.76 48.65 34.62
C PRO M 393 -10.26 49.98 34.10
N LEU M 394 -9.00 50.33 34.30
CA LEU M 394 -8.57 51.64 33.86
C LEU M 394 -8.06 51.67 32.44
N VAL M 395 -8.01 50.54 31.76
CA VAL M 395 -7.84 50.57 30.33
C VAL M 395 -9.26 50.53 29.76
N GLY M 396 -9.67 51.65 29.20
CA GLY M 396 -11.06 51.89 28.98
C GLY M 396 -11.47 51.66 27.55
N ALA M 397 -12.55 52.32 27.17
CA ALA M 397 -13.05 52.26 25.81
C ALA M 397 -13.78 53.55 25.55
N MET M 398 -13.69 54.07 24.35
CA MET M 398 -14.46 55.22 23.96
C MET M 398 -15.10 54.93 22.62
N ASP M 399 -16.32 55.40 22.46
CA ASP M 399 -17.06 55.24 21.22
C ASP M 399 -17.19 56.60 20.56
N LEU M 400 -16.89 56.66 19.28
CA LEU M 400 -17.03 57.89 18.54
C LEU M 400 -17.66 57.61 17.20
N THR M 401 -18.84 58.17 16.98
CA THR M 401 -19.40 58.17 15.65
C THR M 401 -18.75 59.27 14.85
N PHE M 402 -18.46 58.97 13.59
CA PHE M 402 -17.93 59.96 12.69
C PHE M 402 -18.91 60.17 11.57
N VAL M 403 -18.64 61.18 10.75
CA VAL M 403 -19.54 61.60 9.70
C VAL M 403 -18.72 62.01 8.50
N LEU M 404 -19.15 61.58 7.33
CA LEU M 404 -18.53 61.92 6.09
C LEU M 404 -19.64 62.25 5.10
N PRO M 405 -19.51 63.33 4.33
CA PRO M 405 -20.41 63.58 3.19
C PRO M 405 -20.00 62.86 1.92
N LEU M 406 -20.98 62.41 1.15
CA LEU M 406 -20.74 61.82 -0.18
C LEU M 406 -21.50 62.57 -1.24
N GLY M 407 -20.81 62.98 -2.27
CA GLY M 407 -21.57 63.52 -3.36
C GLY M 407 -22.20 64.84 -3.05
N LEU M 408 -21.98 65.36 -1.86
CA LEU M 408 -22.41 66.70 -1.53
C LEU M 408 -21.74 67.66 -2.48
N PHE M 409 -22.40 68.78 -2.69
CA PHE M 409 -22.00 69.70 -3.73
C PHE M 409 -21.52 71.01 -3.12
N ASN M 410 -20.49 71.53 -3.71
CA ASN M 410 -19.74 72.64 -3.17
C ASN M 410 -20.53 73.92 -3.38
N PRO M 411 -20.67 74.80 -2.36
CA PRO M 411 -21.52 75.98 -2.54
C PRO M 411 -20.95 76.92 -3.56
N ALA M 412 -21.65 77.99 -3.91
CA ALA M 412 -21.34 78.73 -5.12
C ALA M 412 -20.08 79.57 -4.98
N MET M 413 -19.77 79.98 -3.77
CA MET M 413 -18.61 80.80 -3.53
C MET M 413 -17.35 79.98 -3.29
N GLU M 414 -17.48 78.69 -3.02
CA GLU M 414 -16.37 77.84 -2.66
C GLU M 414 -15.83 77.04 -3.82
N ARG M 415 -16.29 77.27 -5.02
CA ARG M 415 -15.91 76.48 -6.18
C ARG M 415 -14.68 77.02 -6.88
N PHE M 416 -13.85 77.76 -6.25
CA PHE M 416 -12.70 78.26 -6.92
C PHE M 416 -11.56 77.29 -6.90
N ALA M 417 -10.47 77.71 -7.48
CA ALA M 417 -9.32 76.93 -7.59
C ALA M 417 -8.13 77.41 -6.87
N ALA M 418 -8.11 78.47 -6.09
CA ALA M 418 -6.90 78.83 -5.33
C ALA M 418 -5.79 79.40 -6.13
N HIS M 419 -5.30 78.70 -7.13
CA HIS M 419 -4.30 79.24 -8.05
C HIS M 419 -4.68 78.79 -9.38
N ALA M 420 -4.25 79.46 -10.40
CA ALA M 420 -4.77 79.16 -11.72
C ALA M 420 -4.30 77.79 -12.15
N GLY M 421 -3.04 77.66 -12.54
CA GLY M 421 -2.53 76.33 -12.73
C GLY M 421 -2.23 75.65 -11.43
N ASP M 422 -2.88 74.53 -11.16
CA ASP M 422 -2.47 73.54 -10.17
C ASP M 422 -3.52 72.44 -10.14
N LEU M 423 -3.13 71.25 -9.70
CA LEU M 423 -3.93 70.05 -9.87
C LEU M 423 -4.47 69.99 -11.30
N VAL M 424 -3.61 70.30 -12.27
CA VAL M 424 -3.97 70.51 -13.66
C VAL M 424 -3.83 69.26 -14.51
N PRO M 425 -4.79 68.93 -15.37
CA PRO M 425 -4.70 67.69 -16.11
C PRO M 425 -3.67 67.82 -17.23
N ALA M 426 -3.34 66.68 -17.82
CA ALA M 426 -2.40 66.67 -18.92
C ALA M 426 -2.93 67.62 -19.97
N PRO M 427 -2.08 68.08 -20.85
CA PRO M 427 -2.47 69.13 -21.78
C PRO M 427 -3.68 68.88 -22.65
N GLY M 428 -3.87 67.75 -23.29
CA GLY M 428 -5.10 67.59 -24.08
C GLY M 428 -6.32 66.98 -23.42
N HIS M 429 -6.17 66.56 -22.19
CA HIS M 429 -7.10 65.81 -21.43
C HIS M 429 -8.21 66.51 -20.78
N PRO M 430 -9.13 65.73 -20.20
CA PRO M 430 -10.40 66.15 -19.59
C PRO M 430 -10.60 66.93 -18.28
N GLU M 431 -9.69 67.01 -17.32
CA GLU M 431 -10.07 67.68 -16.05
C GLU M 431 -11.27 67.24 -15.26
N PRO M 432 -11.12 66.14 -14.54
CA PRO M 432 -12.20 65.60 -13.71
C PRO M 432 -12.50 66.40 -12.45
N ARG M 433 -11.72 67.36 -12.09
CA ARG M 433 -11.94 68.03 -10.90
C ARG M 433 -13.02 69.02 -10.99
N ALA M 434 -13.69 69.04 -12.12
CA ALA M 434 -14.82 69.90 -12.25
C ALA M 434 -16.13 69.19 -12.47
N PHE M 435 -16.18 67.87 -12.26
CA PHE M 435 -17.38 67.10 -12.39
C PHE M 435 -17.86 67.00 -10.97
N PRO M 436 -19.20 66.70 -10.70
CA PRO M 436 -19.54 66.62 -9.27
C PRO M 436 -18.90 65.39 -8.61
N PRO M 437 -18.41 65.53 -7.32
CA PRO M 437 -17.77 64.34 -6.77
C PRO M 437 -18.63 63.19 -6.26
N ARG M 438 -18.35 61.97 -6.70
CA ARG M 438 -19.09 60.81 -6.25
C ARG M 438 -18.36 59.98 -5.22
N GLN M 439 -17.14 60.34 -4.86
CA GLN M 439 -16.26 59.53 -4.01
C GLN M 439 -15.93 60.28 -2.75
N LEU M 440 -15.18 59.58 -1.90
CA LEU M 440 -14.60 60.19 -0.73
C LEU M 440 -13.37 59.37 -0.36
N PHE M 441 -12.31 60.04 0.02
CA PHE M 441 -11.06 59.37 0.37
C PHE M 441 -10.73 59.68 1.80
N PHE M 442 -10.17 58.72 2.50
CA PHE M 442 -9.72 58.94 3.87
C PHE M 442 -8.68 57.89 4.20
N TRP M 443 -8.09 57.99 5.38
CA TRP M 443 -7.13 57.00 5.84
C TRP M 443 -7.81 55.97 6.70
N GLY M 444 -7.65 54.73 6.31
CA GLY M 444 -8.18 53.59 6.96
C GLY M 444 -7.26 53.50 8.10
N LYS M 445 -7.53 52.63 9.05
CA LYS M 445 -6.87 52.64 10.34
C LYS M 445 -5.39 52.73 10.34
N ASP M 446 -4.74 52.03 9.44
CA ASP M 446 -3.32 52.13 9.33
C ASP M 446 -3.08 53.20 8.28
N HIS M 447 -1.90 53.28 7.71
CA HIS M 447 -1.63 54.33 6.76
C HIS M 447 -2.50 54.22 5.54
N GLN M 448 -3.05 53.05 5.28
CA GLN M 448 -3.83 52.85 4.07
C GLN M 448 -4.89 53.88 3.85
N VAL M 449 -4.90 54.46 2.67
CA VAL M 449 -5.90 55.39 2.16
C VAL M 449 -7.04 54.58 1.61
N LEU M 450 -8.26 55.04 1.86
CA LEU M 450 -9.46 54.28 1.57
C LEU M 450 -10.44 55.17 0.84
N ARG M 451 -11.42 54.55 0.22
CA ARG M 451 -12.42 55.27 -0.56
C ARG M 451 -13.80 54.68 -0.30
N LEU M 452 -14.80 55.54 -0.43
CA LEU M 452 -16.22 55.27 -0.38
C LEU M 452 -16.70 55.90 -1.68
N SER M 453 -17.67 55.35 -2.33
CA SER M 453 -18.17 55.89 -3.55
C SER M 453 -19.62 55.82 -3.35
N MET M 454 -20.38 56.18 -4.35
CA MET M 454 -21.76 56.10 -4.28
C MET M 454 -22.20 54.75 -4.71
N GLU M 455 -21.35 53.96 -5.34
CA GLU M 455 -21.72 52.60 -5.70
C GLU M 455 -21.84 51.76 -4.46
N ASN M 456 -21.43 52.34 -3.36
CA ASN M 456 -21.27 51.75 -2.05
C ASN M 456 -22.55 51.82 -1.24
N ALA M 457 -23.44 52.74 -1.57
CA ALA M 457 -24.73 52.90 -0.92
C ALA M 457 -25.78 51.97 -1.48
N VAL M 458 -25.37 51.09 -2.40
CA VAL M 458 -26.28 50.24 -3.14
C VAL M 458 -26.99 49.21 -2.27
N GLY M 459 -26.66 49.11 -1.00
CA GLY M 459 -27.36 48.16 -0.16
C GLY M 459 -28.37 48.86 0.72
N THR M 460 -28.24 50.17 0.79
CA THR M 460 -29.10 51.04 1.57
C THR M 460 -30.25 51.56 0.74
N VAL M 461 -29.92 52.32 -0.30
CA VAL M 461 -30.90 53.06 -1.06
C VAL M 461 -31.53 52.18 -2.12
N CYS M 462 -30.91 51.05 -2.42
CA CYS M 462 -31.31 50.12 -3.45
C CYS M 462 -32.18 48.98 -2.94
N HIS M 463 -32.75 49.12 -1.77
CA HIS M 463 -33.60 48.18 -1.07
C HIS M 463 -35.02 48.71 -1.13
N PRO M 464 -36.06 47.87 -1.14
CA PRO M 464 -37.40 48.44 -1.23
C PRO M 464 -37.86 49.01 0.09
N SER M 465 -36.95 49.58 0.80
CA SER M 465 -37.25 50.31 1.94
C SER M 465 -37.31 51.74 1.39
N LEU M 466 -36.69 52.02 0.24
CA LEU M 466 -36.65 53.29 -0.37
C LEU M 466 -38.00 53.68 -0.72
N MET M 467 -38.79 52.76 -1.24
CA MET M 467 -40.15 53.05 -1.70
C MET M 467 -41.30 52.86 -0.76
N ASN M 468 -41.02 52.66 0.49
CA ASN M 468 -42.01 52.40 1.50
C ASN M 468 -42.34 53.66 2.26
N ILE M 469 -43.51 54.28 2.09
CA ILE M 469 -43.81 55.51 2.80
C ILE M 469 -45.06 55.43 3.63
N ASP M 470 -45.73 54.28 3.68
CA ASP M 470 -47.09 54.27 4.18
C ASP M 470 -47.19 54.65 5.64
N ALA M 471 -46.10 54.60 6.38
CA ALA M 471 -46.09 55.17 7.72
C ALA M 471 -46.12 56.69 7.64
N ALA M 472 -45.31 57.26 6.76
CA ALA M 472 -45.26 58.70 6.54
C ALA M 472 -46.61 59.24 6.15
N VAL M 473 -47.08 58.89 4.95
CA VAL M 473 -48.30 59.49 4.43
C VAL M 473 -49.48 59.24 5.36
N GLY M 474 -49.48 58.09 6.03
CA GLY M 474 -50.47 57.87 7.07
C GLY M 474 -50.19 58.66 8.32
N GLY M 475 -48.91 58.81 8.67
CA GLY M 475 -48.58 59.61 9.83
C GLY M 475 -48.88 61.07 9.63
N VAL M 476 -48.29 61.68 8.61
CA VAL M 476 -48.50 63.10 8.35
C VAL M 476 -49.97 63.42 8.12
N ASN M 477 -50.78 62.41 7.80
CA ASN M 477 -52.21 62.51 7.61
C ASN M 477 -52.94 62.99 8.87
N HIS M 478 -52.46 62.70 10.07
CA HIS M 478 -53.21 63.10 11.24
C HIS M 478 -53.36 64.61 11.29
N ASP M 479 -54.37 65.07 12.05
CA ASP M 479 -54.72 66.48 12.11
C ASP M 479 -55.02 67.02 10.72
N PRO M 480 -56.21 66.74 10.18
CA PRO M 480 -56.52 67.12 8.80
C PRO M 480 -56.24 68.59 8.52
N VAL M 481 -55.88 68.86 7.27
CA VAL M 481 -55.27 70.12 6.86
C VAL M 481 -56.14 70.74 5.76
N GLU M 482 -55.90 72.02 5.49
CA GLU M 482 -56.73 72.76 4.56
C GLU M 482 -56.38 72.39 3.12
N ALA M 483 -56.90 73.10 2.16
CA ALA M 483 -56.53 72.73 0.83
C ALA M 483 -55.68 73.86 0.40
N ALA M 484 -54.47 73.54 -0.03
CA ALA M 484 -53.57 74.53 -0.56
C ALA M 484 -54.23 74.67 -1.92
N ASN M 485 -53.91 75.66 -2.74
CA ASN M 485 -54.55 75.78 -4.04
C ASN M 485 -54.35 74.47 -4.71
N PRO M 486 -55.44 73.92 -5.34
CA PRO M 486 -55.21 72.57 -5.88
C PRO M 486 -54.80 72.52 -7.31
N TYR M 487 -54.24 73.57 -7.88
CA TYR M 487 -53.95 73.57 -9.28
C TYR M 487 -53.03 72.43 -9.75
N GLY M 488 -51.91 72.18 -9.10
CA GLY M 488 -51.15 71.03 -9.51
C GLY M 488 -51.46 69.76 -8.76
N ALA M 489 -52.36 69.81 -7.79
CA ALA M 489 -52.70 68.67 -6.96
C ALA M 489 -53.94 67.93 -7.43
N TYR M 490 -54.50 68.32 -8.57
CA TYR M 490 -55.76 67.77 -9.05
C TYR M 490 -55.62 67.44 -10.53
N VAL M 491 -56.08 66.26 -10.92
CA VAL M 491 -56.21 65.86 -12.32
C VAL M 491 -57.69 65.71 -12.60
N ALA M 492 -58.12 66.16 -13.78
CA ALA M 492 -59.51 66.12 -14.16
C ALA M 492 -59.67 65.26 -15.41
N ALA M 493 -60.78 64.83 -15.59
CA ALA M 493 -61.04 64.08 -16.81
C ALA M 493 -61.35 65.04 -17.95
N PRO M 494 -60.83 64.79 -19.16
CA PRO M 494 -61.12 65.70 -20.26
C PRO M 494 -62.62 65.74 -20.52
N ALA M 495 -63.09 66.87 -21.05
CA ALA M 495 -64.52 67.11 -21.22
C ALA M 495 -64.76 67.74 -22.57
N GLY M 496 -65.67 67.15 -23.34
CA GLY M 496 -66.14 67.74 -24.57
C GLY M 496 -65.04 68.04 -25.56
N PRO M 497 -65.29 69.00 -26.45
CA PRO M 497 -64.33 69.33 -27.50
C PRO M 497 -63.04 69.86 -26.91
N GLY M 498 -61.99 69.78 -27.70
CA GLY M 498 -60.69 70.25 -27.25
C GLY M 498 -60.50 71.71 -27.55
N ALA M 499 -61.29 72.25 -28.48
CA ALA M 499 -61.08 73.62 -28.94
C ALA M 499 -61.15 74.61 -27.79
N ASP M 500 -62.18 74.50 -26.97
CA ASP M 500 -62.33 75.39 -25.82
C ASP M 500 -61.88 74.77 -24.51
N MET M 501 -61.27 73.58 -24.54
CA MET M 501 -60.90 72.92 -23.29
C MET M 501 -60.05 73.82 -22.41
N GLN M 502 -59.21 74.66 -23.01
CA GLN M 502 -58.51 75.60 -22.15
C GLN M 502 -59.37 76.82 -21.83
N GLN M 503 -60.09 77.34 -22.82
CA GLN M 503 -61.07 78.36 -22.52
C GLN M 503 -62.00 77.91 -21.40
N ARG M 504 -62.54 76.70 -21.54
CA ARG M 504 -63.36 76.12 -20.50
C ARG M 504 -62.59 75.94 -19.21
N PHE M 505 -61.29 75.69 -19.30
CA PHE M 505 -60.48 75.52 -18.09
C PHE M 505 -60.39 76.81 -17.31
N LEU M 506 -59.97 77.88 -17.97
CA LEU M 506 -59.66 79.12 -17.28
C LEU M 506 -60.90 79.71 -16.64
N ASN M 507 -62.07 79.54 -17.27
CA ASN M 507 -63.28 80.09 -16.69
C ASN M 507 -63.64 79.41 -15.38
N ALA M 508 -63.40 78.10 -15.29
CA ALA M 508 -63.77 77.39 -14.08
C ALA M 508 -62.85 77.77 -12.92
N TRP M 509 -61.57 77.98 -13.21
CA TRP M 509 -60.55 78.10 -12.18
C TRP M 509 -60.17 79.53 -11.84
N ARG M 510 -60.75 80.54 -12.47
CA ARG M 510 -60.33 81.91 -12.18
C ARG M 510 -60.30 82.21 -10.69
N GLN M 511 -61.31 81.75 -9.96
CA GLN M 511 -61.45 82.17 -8.57
C GLN M 511 -60.41 81.51 -7.68
N ARG M 512 -60.29 80.18 -7.76
CA ARG M 512 -59.37 79.47 -6.89
C ARG M 512 -57.99 79.35 -7.49
N LEU M 513 -57.72 80.00 -8.60
CA LEU M 513 -56.39 80.03 -9.18
C LEU M 513 -55.73 81.39 -8.97
N ALA M 514 -56.35 82.45 -9.47
CA ALA M 514 -55.84 83.81 -9.25
C ALA M 514 -55.62 84.10 -7.78
N HIS M 515 -56.62 83.82 -6.94
CA HIS M 515 -56.58 84.18 -5.54
C HIS M 515 -55.39 83.59 -4.81
N GLY M 516 -55.38 82.29 -4.58
CA GLY M 516 -54.38 81.66 -3.77
C GLY M 516 -53.03 81.54 -4.45
N ARG M 517 -52.07 80.98 -3.72
CA ARG M 517 -50.69 80.86 -4.15
C ARG M 517 -50.35 79.39 -4.39
N VAL M 518 -49.84 79.09 -5.58
CA VAL M 518 -49.49 77.72 -5.91
C VAL M 518 -48.16 77.38 -5.26
N ARG M 519 -48.02 76.20 -4.68
CA ARG M 519 -46.75 75.80 -4.12
C ARG M 519 -45.53 75.52 -5.01
N TRP M 520 -45.71 74.82 -6.11
CA TRP M 520 -44.62 74.41 -6.93
C TRP M 520 -43.79 75.47 -7.61
N VAL M 521 -44.32 76.67 -7.80
CA VAL M 521 -43.52 77.73 -8.37
C VAL M 521 -42.80 78.37 -7.12
N ALA M 522 -42.00 77.51 -6.48
CA ALA M 522 -41.19 77.78 -5.28
C ALA M 522 -39.84 77.19 -5.52
N GLU M 523 -39.25 77.78 -6.55
CA GLU M 523 -37.95 77.54 -7.15
C GLU M 523 -37.17 78.82 -7.14
N CYS M 524 -37.82 79.87 -6.69
CA CYS M 524 -37.26 81.18 -6.48
C CYS M 524 -36.39 81.08 -5.22
N GLN M 525 -36.44 79.93 -4.56
CA GLN M 525 -35.70 79.64 -3.32
C GLN M 525 -34.22 79.26 -3.41
N MET M 526 -33.50 79.35 -2.31
CA MET M 526 -32.06 79.08 -2.28
C MET M 526 -31.48 77.95 -1.45
N THR M 527 -32.27 77.07 -0.89
CA THR M 527 -31.75 76.01 0.00
C THR M 527 -31.05 76.45 1.26
N ALA M 528 -31.07 77.74 1.54
CA ALA M 528 -30.45 78.23 2.72
C ALA M 528 -31.80 78.54 3.36
N GLU M 529 -32.65 79.04 2.48
CA GLU M 529 -34.00 79.60 2.44
C GLU M 529 -35.04 78.56 2.52
N GLN M 530 -34.82 77.44 1.87
CA GLN M 530 -35.71 76.31 2.04
C GLN M 530 -35.49 75.60 3.37
N PHE M 531 -34.29 75.63 3.92
CA PHE M 531 -34.04 74.97 5.19
C PHE M 531 -34.44 75.81 6.40
N MET M 532 -34.93 76.99 6.15
CA MET M 532 -35.26 77.85 7.23
C MET M 532 -36.66 77.79 7.63
N GLN M 533 -36.82 77.80 8.94
CA GLN M 533 -38.07 77.69 9.58
C GLN M 533 -38.91 78.76 9.08
N PRO M 534 -38.24 79.96 8.92
CA PRO M 534 -39.07 81.06 8.41
C PRO M 534 -39.44 81.07 6.95
N ASP M 535 -40.72 80.95 6.74
CA ASP M 535 -41.27 81.04 5.43
C ASP M 535 -40.98 79.96 4.45
N ASN M 536 -40.71 78.76 4.92
CA ASN M 536 -40.59 77.63 4.05
C ASN M 536 -41.62 76.92 4.86
N ALA M 537 -42.85 77.31 4.65
CA ALA M 537 -43.94 76.86 5.45
C ALA M 537 -44.25 75.46 5.14
N ASN M 538 -43.63 75.04 4.06
CA ASN M 538 -43.88 73.76 3.44
C ASN M 538 -42.72 72.80 3.61
N LEU M 539 -41.69 73.19 4.34
CA LEU M 539 -40.63 72.26 4.70
C LEU M 539 -41.18 71.06 5.42
N ALA M 540 -42.27 71.23 6.17
CA ALA M 540 -42.87 70.08 6.83
C ALA M 540 -43.25 68.99 5.86
N LEU M 541 -43.45 69.33 4.59
CA LEU M 541 -43.86 68.40 3.56
C LEU M 541 -42.73 67.94 2.66
N GLU M 542 -41.49 68.33 2.94
CA GLU M 542 -40.35 67.81 2.19
C GLU M 542 -39.68 66.77 3.06
N LEU M 543 -39.95 65.49 2.78
CA LEU M 543 -39.61 64.39 3.67
C LEU M 543 -38.70 63.37 3.01
N HIS M 544 -39.10 62.79 1.94
CA HIS M 544 -38.42 61.70 1.33
C HIS M 544 -37.90 62.13 -0.04
N PRO M 545 -36.75 61.59 -0.48
CA PRO M 545 -36.21 62.00 -1.79
C PRO M 545 -37.17 61.74 -2.93
N ALA M 546 -37.76 60.58 -2.96
CA ALA M 546 -38.43 60.04 -4.11
C ALA M 546 -39.90 60.44 -4.22
N PHE M 547 -40.48 61.02 -3.18
CA PHE M 547 -41.90 61.31 -3.18
C PHE M 547 -42.18 62.78 -2.94
N ASP M 548 -43.21 63.28 -3.59
CA ASP M 548 -43.80 64.58 -3.28
C ASP M 548 -44.94 64.39 -2.30
N PHE M 549 -44.89 65.09 -1.18
CA PHE M 549 -46.00 65.08 -0.23
C PHE M 549 -46.69 66.43 -0.34
N PHE M 550 -47.90 66.43 -0.84
CA PHE M 550 -48.61 67.67 -1.11
C PHE M 550 -50.01 67.57 -0.55
N ALA M 551 -50.58 68.71 -0.22
CA ALA M 551 -51.90 68.74 0.39
C ALA M 551 -52.94 68.85 -0.72
N GLY M 552 -53.68 67.77 -0.94
CA GLY M 552 -54.72 67.72 -1.94
C GLY M 552 -56.11 67.68 -1.34
N VAL M 553 -57.07 67.37 -2.19
CA VAL M 553 -58.43 67.11 -1.74
C VAL M 553 -58.51 65.69 -1.21
N ALA M 554 -59.48 65.46 -0.33
CA ALA M 554 -59.55 64.20 0.40
C ALA M 554 -60.28 63.11 -0.39
N ASP M 555 -61.60 63.23 -0.50
CA ASP M 555 -62.44 62.12 -0.93
C ASP M 555 -62.43 61.88 -2.44
N VAL M 556 -61.77 62.76 -3.21
CA VAL M 556 -61.74 62.66 -4.69
C VAL M 556 -60.90 61.54 -5.35
N GLU M 557 -61.47 60.94 -6.39
CA GLU M 557 -60.89 59.89 -7.23
C GLU M 557 -59.78 60.27 -8.21
N LEU M 558 -59.96 61.42 -8.82
CA LEU M 558 -59.02 62.05 -9.76
C LEU M 558 -59.36 62.41 -11.23
N PRO M 559 -59.28 61.39 -12.18
CA PRO M 559 -59.55 61.87 -13.53
C PRO M 559 -61.02 62.05 -13.53
N GLY M 560 -61.52 62.83 -12.56
CA GLY M 560 -62.94 63.08 -12.49
C GLY M 560 -63.23 64.52 -12.15
N GLY M 561 -64.42 64.95 -12.56
CA GLY M 561 -64.85 66.31 -12.36
C GLY M 561 -64.09 67.23 -13.27
N GLU M 562 -64.60 68.46 -13.34
CA GLU M 562 -63.86 69.62 -13.82
C GLU M 562 -63.14 70.29 -12.67
N VAL M 563 -63.88 70.67 -11.63
CA VAL M 563 -63.43 71.37 -10.44
C VAL M 563 -63.54 70.42 -9.26
N PRO M 564 -62.63 70.46 -8.29
CA PRO M 564 -62.74 69.59 -7.15
C PRO M 564 -63.79 70.12 -6.20
N PRO M 565 -64.53 69.26 -5.53
CA PRO M 565 -65.55 69.74 -4.60
C PRO M 565 -64.96 70.28 -3.31
N ALA M 566 -63.88 71.07 -3.42
CA ALA M 566 -63.45 72.04 -2.42
C ALA M 566 -63.58 71.55 -0.99
N GLY M 567 -63.34 70.27 -0.75
CA GLY M 567 -63.63 69.68 0.53
C GLY M 567 -62.54 69.96 1.53
N PRO M 568 -62.58 69.30 2.68
CA PRO M 568 -61.48 69.40 3.62
C PRO M 568 -60.24 68.77 3.01
N GLY M 569 -59.13 69.48 3.07
CA GLY M 569 -57.93 69.00 2.44
C GLY M 569 -57.40 67.76 3.11
N ALA M 570 -56.75 66.93 2.30
CA ALA M 570 -55.96 65.83 2.79
C ALA M 570 -54.58 65.94 2.19
N ILE M 571 -53.66 65.21 2.77
CA ILE M 571 -52.25 65.40 2.50
C ILE M 571 -51.74 64.09 1.95
N GLN M 572 -51.32 64.09 0.70
CA GLN M 572 -51.05 62.84 0.03
C GLN M 572 -49.69 62.90 -0.64
N ALA M 573 -49.32 61.78 -1.20
CA ALA M 573 -47.96 61.51 -1.66
C ALA M 573 -48.00 60.91 -3.04
N THR M 574 -46.99 61.22 -3.84
CA THR M 574 -46.88 60.65 -5.17
C THR M 574 -45.41 60.59 -5.52
N TRP M 575 -45.06 59.59 -6.30
CA TRP M 575 -43.66 59.30 -6.55
C TRP M 575 -43.09 60.27 -7.56
N ARG M 576 -42.04 61.01 -7.17
CA ARG M 576 -41.28 61.76 -8.15
C ARG M 576 -40.71 60.76 -9.13
N VAL M 577 -40.93 60.96 -10.41
CA VAL M 577 -40.46 59.87 -11.24
C VAL M 577 -38.95 59.93 -11.34
N VAL M 578 -38.46 60.88 -12.08
CA VAL M 578 -37.05 61.01 -12.39
C VAL M 578 -36.33 61.81 -11.32
N ASN M 579 -35.01 61.68 -11.28
CA ASN M 579 -34.24 62.45 -10.32
C ASN M 579 -34.17 63.93 -10.66
N GLY M 580 -34.74 64.37 -11.78
CA GLY M 580 -34.80 65.78 -12.08
C GLY M 580 -35.94 66.50 -11.44
N ASN M 581 -36.80 65.79 -10.78
CA ASN M 581 -37.94 66.37 -10.15
C ASN M 581 -37.70 66.80 -8.75
N LEU M 582 -36.49 66.67 -8.26
CA LEU M 582 -36.17 67.10 -6.93
C LEU M 582 -36.18 68.59 -7.00
N PRO M 583 -36.66 69.28 -5.91
CA PRO M 583 -36.70 70.75 -6.08
C PRO M 583 -35.41 71.44 -6.42
N LEU M 584 -35.46 72.55 -7.11
CA LEU M 584 -34.24 73.24 -7.52
C LEU M 584 -33.40 73.74 -6.36
N ALA M 585 -34.03 73.97 -5.23
CA ALA M 585 -33.34 74.41 -4.04
C ALA M 585 -32.44 73.31 -3.51
N LEU M 586 -32.88 72.07 -3.60
CA LEU M 586 -32.11 70.94 -3.09
C LEU M 586 -31.05 70.48 -4.07
N CYS M 587 -31.37 70.38 -5.36
CA CYS M 587 -30.41 70.02 -6.40
C CYS M 587 -30.32 71.20 -7.36
N PRO M 588 -29.41 72.13 -7.13
CA PRO M 588 -29.43 73.41 -7.83
C PRO M 588 -29.25 73.23 -9.32
N VAL M 589 -29.62 74.28 -10.07
CA VAL M 589 -29.30 74.30 -11.51
C VAL M 589 -27.80 74.31 -11.75
N ALA M 590 -27.03 74.79 -10.80
CA ALA M 590 -25.59 74.85 -10.96
C ALA M 590 -24.91 73.53 -10.69
N PHE M 591 -25.50 72.70 -9.84
CA PHE M 591 -25.06 71.32 -9.73
C PHE M 591 -25.40 70.56 -10.98
N ARG M 592 -26.66 70.68 -11.35
CA ARG M 592 -27.35 69.89 -12.33
C ARG M 592 -26.79 70.13 -13.71
N ASP M 593 -26.16 71.28 -13.93
CA ASP M 593 -25.45 71.60 -15.16
C ASP M 593 -24.05 71.01 -15.18
N ALA M 594 -23.37 70.98 -14.04
CA ALA M 594 -22.02 70.48 -13.96
C ALA M 594 -21.90 68.99 -14.24
N ARG M 595 -23.00 68.25 -14.15
CA ARG M 595 -23.03 66.87 -14.61
C ARG M 595 -23.70 66.68 -15.96
N GLY M 596 -24.06 67.75 -16.63
CA GLY M 596 -24.30 67.62 -18.06
C GLY M 596 -23.01 67.91 -18.77
N LEU M 597 -22.17 68.74 -18.16
CA LEU M 597 -20.83 68.92 -18.66
C LEU M 597 -19.98 67.68 -18.46
N GLU M 598 -20.32 66.87 -17.48
CA GLU M 598 -19.59 65.63 -17.22
C GLU M 598 -19.98 64.54 -18.17
N LEU M 599 -21.27 64.40 -18.46
CA LEU M 599 -21.74 63.39 -19.38
C LEU M 599 -21.48 63.73 -20.82
N GLY M 600 -21.26 64.99 -21.11
CA GLY M 600 -21.06 65.41 -22.47
C GLY M 600 -19.67 65.34 -22.97
N VAL M 601 -18.71 65.02 -22.11
CA VAL M 601 -17.32 64.89 -22.55
C VAL M 601 -17.18 63.57 -23.28
N GLY M 602 -16.68 63.64 -24.51
CA GLY M 602 -16.54 62.48 -25.34
C GLY M 602 -17.70 62.22 -26.27
N ARG M 603 -18.86 62.83 -26.02
CA ARG M 603 -20.06 62.55 -26.78
C ARG M 603 -20.34 63.67 -27.77
N HIS M 604 -21.43 63.50 -28.51
CA HIS M 604 -21.79 64.39 -29.60
C HIS M 604 -21.99 65.82 -29.12
N ALA M 605 -21.64 66.78 -29.96
CA ALA M 605 -21.95 68.17 -29.72
C ALA M 605 -22.42 68.82 -31.01
N MET M 606 -23.61 69.40 -30.99
CA MET M 606 -24.13 70.09 -32.16
C MET M 606 -23.29 71.32 -32.44
N ALA M 607 -22.88 71.48 -33.69
CA ALA M 607 -22.01 72.57 -34.06
C ALA M 607 -22.68 73.90 -33.74
N PRO M 608 -21.90 74.95 -33.49
CA PRO M 608 -22.54 76.24 -33.18
C PRO M 608 -23.34 76.80 -34.34
N ALA M 609 -23.11 76.31 -35.55
CA ALA M 609 -23.89 76.73 -36.70
C ALA M 609 -25.23 76.04 -36.75
N THR M 610 -25.32 74.81 -36.27
CA THR M 610 -26.61 74.15 -36.23
C THR M 610 -27.44 74.59 -35.06
N ILE M 611 -26.81 75.15 -34.03
CA ILE M 611 -27.57 75.66 -32.91
C ILE M 611 -28.10 77.05 -33.22
N ALA M 612 -27.34 77.85 -33.94
CA ALA M 612 -27.80 79.19 -34.30
C ALA M 612 -28.96 79.14 -35.27
N ALA M 613 -29.03 78.13 -36.12
CA ALA M 613 -30.12 77.99 -37.06
C ALA M 613 -31.35 77.38 -36.43
N VAL M 614 -31.18 76.49 -35.47
CA VAL M 614 -32.34 75.88 -34.84
C VAL M 614 -32.90 76.79 -33.76
N ARG M 615 -32.03 77.41 -32.97
CA ARG M 615 -32.48 78.36 -31.98
C ARG M 615 -33.05 79.60 -32.65
N GLY M 616 -32.70 79.86 -33.90
CA GLY M 616 -33.24 81.01 -34.59
C GLY M 616 -34.69 80.84 -34.96
N ALA M 617 -35.11 79.63 -35.28
CA ALA M 617 -36.48 79.39 -35.69
C ALA M 617 -37.44 79.37 -34.51
N PHE M 618 -37.02 78.88 -33.35
CA PHE M 618 -37.85 78.97 -32.16
C PHE M 618 -38.06 80.41 -31.74
N GLU M 619 -37.09 81.27 -31.96
CA GLU M 619 -37.23 82.68 -31.67
C GLU M 619 -37.74 83.48 -32.84
N ASP M 620 -37.88 82.93 -34.03
CA ASP M 620 -38.29 83.65 -35.21
C ASP M 620 -39.77 83.81 -35.15
N ARG M 621 -40.22 85.02 -34.78
CA ARG M 621 -41.65 85.35 -34.63
C ARG M 621 -42.43 85.38 -35.92
N SER M 622 -41.79 85.91 -36.95
CA SER M 622 -42.38 85.97 -38.25
C SER M 622 -41.97 84.72 -38.98
N TYR M 623 -42.46 83.59 -38.55
CA TYR M 623 -42.14 82.34 -39.15
C TYR M 623 -43.29 82.13 -40.02
N PRO M 624 -43.05 81.75 -41.33
CA PRO M 624 -44.23 81.62 -42.18
C PRO M 624 -45.32 80.70 -41.72
N ALA M 625 -46.60 81.07 -41.84
CA ALA M 625 -47.65 80.19 -41.37
C ALA M 625 -47.90 79.02 -42.32
N VAL M 626 -47.45 79.10 -43.56
CA VAL M 626 -47.53 77.90 -44.41
C VAL M 626 -46.80 76.75 -43.75
N PHE M 627 -45.76 77.04 -42.96
CA PHE M 627 -45.01 75.95 -42.37
C PHE M 627 -45.82 75.23 -41.32
N TYR M 628 -46.66 75.95 -40.58
CA TYR M 628 -47.55 75.25 -39.67
C TYR M 628 -48.68 74.58 -40.43
N LEU M 629 -49.06 75.12 -41.58
CA LEU M 629 -50.16 74.53 -42.32
C LEU M 629 -49.74 73.33 -43.12
N LEU M 630 -48.54 73.37 -43.69
CA LEU M 630 -48.01 72.17 -44.34
C LEU M 630 -47.69 71.09 -43.33
N GLN M 631 -47.22 71.46 -42.16
CA GLN M 631 -46.94 70.49 -41.12
C GLN M 631 -48.17 69.68 -40.76
N ALA M 632 -49.31 70.34 -40.61
CA ALA M 632 -50.55 69.65 -40.33
C ALA M 632 -51.15 68.99 -41.57
N ALA M 633 -50.71 69.40 -42.76
CA ALA M 633 -51.12 68.70 -43.96
C ALA M 633 -50.40 67.38 -44.08
N ILE M 634 -49.08 67.41 -43.91
CA ILE M 634 -48.28 66.18 -43.91
C ILE M 634 -48.74 65.27 -42.79
N HIS M 635 -49.22 65.85 -41.70
CA HIS M 635 -49.77 65.16 -40.53
C HIS M 635 -48.93 63.93 -40.18
N GLY M 636 -47.63 64.16 -40.09
CA GLY M 636 -46.70 63.14 -39.69
C GLY M 636 -46.57 62.00 -40.65
N SER M 637 -47.33 62.01 -41.74
CA SER M 637 -47.36 60.89 -42.66
C SER M 637 -46.18 60.94 -43.60
N GLU M 638 -45.59 59.78 -43.85
CA GLU M 638 -44.50 59.63 -44.80
C GLU M 638 -45.00 59.52 -46.22
N HIS M 639 -46.25 59.12 -46.41
CA HIS M 639 -46.83 59.12 -47.73
C HIS M 639 -47.11 60.55 -48.18
N VAL M 640 -47.53 61.41 -47.28
CA VAL M 640 -47.82 62.79 -47.64
C VAL M 640 -46.56 63.65 -47.64
N PHE M 641 -45.51 63.25 -46.95
CA PHE M 641 -44.27 64.00 -47.09
C PHE M 641 -43.71 63.83 -48.49
N CYS M 642 -43.52 62.59 -48.92
CA CYS M 642 -42.92 62.36 -50.22
C CYS M 642 -43.79 62.89 -51.34
N ALA M 643 -45.11 62.78 -51.21
CA ALA M 643 -46.00 63.45 -52.15
C ALA M 643 -45.60 64.90 -52.33
N LEU M 644 -45.34 65.59 -51.22
CA LEU M 644 -45.01 67.00 -51.20
C LEU M 644 -43.52 67.26 -51.15
N ALA M 645 -42.68 66.23 -51.24
CA ALA M 645 -41.24 66.40 -51.07
C ALA M 645 -40.70 67.56 -51.90
N ARG M 646 -41.19 67.74 -53.11
CA ARG M 646 -40.73 68.88 -53.90
C ARG M 646 -41.21 70.19 -53.32
N LEU M 647 -42.38 70.20 -52.69
CA LEU M 647 -42.87 71.42 -52.08
C LEU M 647 -42.11 71.75 -50.82
N VAL M 648 -41.56 70.75 -50.15
CA VAL M 648 -40.89 70.97 -48.89
C VAL M 648 -39.50 71.56 -49.13
N THR M 649 -38.78 71.08 -50.13
CA THR M 649 -37.48 71.67 -50.43
C THR M 649 -37.62 73.15 -50.77
N GLN M 650 -38.66 73.52 -51.50
CA GLN M 650 -38.83 74.93 -51.85
C GLN M 650 -39.24 75.77 -50.66
N CYS M 651 -39.86 75.17 -49.66
CA CYS M 651 -40.11 75.86 -48.41
C CYS M 651 -38.88 75.91 -47.54
N ILE M 652 -38.13 74.81 -47.46
CA ILE M 652 -36.92 74.80 -46.67
C ILE M 652 -35.88 75.71 -47.30
N THR M 653 -35.66 75.57 -48.60
CA THR M 653 -34.67 76.40 -49.28
C THR M 653 -34.98 77.87 -49.12
N SER M 654 -36.21 78.24 -49.44
CA SER M 654 -36.59 79.64 -49.39
C SER M 654 -36.39 80.22 -48.01
N TYR M 655 -36.81 79.49 -46.98
CA TYR M 655 -36.69 80.02 -45.64
C TYR M 655 -35.24 80.10 -45.19
N TRP M 656 -34.39 79.20 -45.69
CA TRP M 656 -32.97 79.25 -45.38
C TRP M 656 -32.29 80.38 -46.12
N ASN M 657 -32.84 80.80 -47.24
CA ASN M 657 -32.26 81.94 -47.95
C ASN M 657 -32.65 83.25 -47.32
N ASN M 658 -33.91 83.38 -46.93
CA ASN M 658 -34.37 84.63 -46.35
C ASN M 658 -33.71 84.87 -45.02
N THR M 659 -33.81 83.92 -44.10
CA THR M 659 -33.25 84.01 -42.77
C THR M 659 -32.61 82.69 -42.48
N ARG M 660 -31.30 82.66 -42.22
CA ARG M 660 -30.68 81.35 -42.13
C ARG M 660 -31.21 80.69 -40.87
N CYS M 661 -32.10 79.72 -41.07
CA CYS M 661 -32.79 79.05 -39.97
C CYS M 661 -33.35 77.75 -40.50
N ALA M 662 -33.61 76.82 -39.59
CA ALA M 662 -34.15 75.55 -39.97
C ALA M 662 -35.67 75.62 -39.91
N ALA M 663 -36.33 74.98 -40.86
CA ALA M 663 -37.74 75.26 -41.08
C ALA M 663 -38.65 74.47 -40.16
N PHE M 664 -38.66 73.15 -40.32
CA PHE M 664 -39.69 72.32 -39.74
C PHE M 664 -39.32 71.74 -38.38
N VAL M 665 -38.32 72.32 -37.70
CA VAL M 665 -37.78 71.84 -36.44
C VAL M 665 -38.79 71.76 -35.30
N ASN M 666 -40.04 72.15 -35.49
CA ASN M 666 -41.01 71.86 -34.44
C ASN M 666 -41.65 70.49 -34.60
N ASP M 667 -41.20 69.71 -35.57
CA ASP M 667 -41.71 68.37 -35.79
C ASP M 667 -40.52 67.45 -36.02
N TYR M 668 -40.35 66.45 -35.18
CA TYR M 668 -39.23 65.55 -35.37
C TYR M 668 -39.51 64.54 -36.45
N SER M 669 -40.76 64.28 -36.76
CA SER M 669 -41.05 63.42 -37.90
C SER M 669 -40.65 64.10 -39.20
N LEU M 670 -40.98 65.38 -39.35
CA LEU M 670 -40.51 66.10 -40.53
C LEU M 670 -38.99 66.09 -40.59
N VAL M 671 -38.34 66.60 -39.54
CA VAL M 671 -36.89 66.65 -39.46
C VAL M 671 -36.25 65.32 -39.77
N SER M 672 -36.89 64.22 -39.41
CA SER M 672 -36.34 62.91 -39.72
C SER M 672 -36.68 62.43 -41.13
N TYR M 673 -37.75 62.97 -41.74
CA TYR M 673 -37.97 62.69 -43.16
C TYR M 673 -37.08 63.54 -44.03
N ILE M 674 -36.87 64.79 -43.65
CA ILE M 674 -35.93 65.64 -44.35
C ILE M 674 -34.59 64.97 -44.45
N VAL M 675 -34.11 64.38 -43.35
CA VAL M 675 -32.78 63.83 -43.36
C VAL M 675 -32.74 62.53 -44.13
N THR M 676 -33.86 61.83 -44.18
CA THR M 676 -33.98 60.59 -44.93
C THR M 676 -34.09 60.84 -46.42
N TYR M 677 -35.19 61.48 -46.82
CA TYR M 677 -35.54 61.65 -48.22
C TYR M 677 -34.90 62.86 -48.89
N LEU M 678 -34.83 63.99 -48.21
CA LEU M 678 -34.44 65.23 -48.88
C LEU M 678 -32.94 65.41 -48.98
N GLY M 679 -32.15 64.41 -48.57
CA GLY M 679 -30.72 64.60 -48.48
C GLY M 679 -30.09 65.19 -49.72
N GLY M 680 -30.61 64.83 -50.90
CA GLY M 680 -29.95 65.25 -52.12
C GLY M 680 -29.99 66.76 -52.34
N ASP M 681 -31.18 67.34 -52.38
CA ASP M 681 -31.35 68.70 -52.85
C ASP M 681 -31.79 69.64 -51.74
N LEU M 682 -30.81 70.35 -51.19
CA LEU M 682 -30.83 71.26 -50.06
C LEU M 682 -29.37 71.65 -49.91
N PRO M 683 -29.05 72.92 -49.73
CA PRO M 683 -27.64 73.26 -49.53
C PRO M 683 -27.14 72.58 -48.28
N GLU M 684 -26.01 71.86 -48.40
CA GLU M 684 -25.52 71.14 -47.24
C GLU M 684 -25.29 72.06 -46.06
N GLU M 685 -25.15 73.35 -46.32
CA GLU M 685 -25.11 74.29 -45.22
C GLU M 685 -26.36 74.18 -44.36
N CYS M 686 -27.54 74.14 -44.98
CA CYS M 686 -28.74 73.92 -44.18
C CYS M 686 -29.02 72.46 -43.92
N MET M 687 -28.64 71.57 -44.83
CA MET M 687 -28.90 70.16 -44.58
C MET M 687 -28.09 69.64 -43.43
N ALA M 688 -26.94 70.25 -43.14
CA ALA M 688 -26.14 69.86 -41.99
C ALA M 688 -26.78 70.25 -40.67
N VAL M 689 -27.73 71.16 -40.70
CA VAL M 689 -28.50 71.47 -39.50
C VAL M 689 -29.43 70.33 -39.16
N TYR M 690 -30.24 69.90 -40.13
CA TYR M 690 -31.17 68.81 -39.89
C TYR M 690 -30.44 67.53 -39.59
N ARG M 691 -29.31 67.32 -40.26
CA ARG M 691 -28.56 66.09 -40.12
C ARG M 691 -27.93 65.99 -38.75
N ASP M 692 -27.49 67.11 -38.21
CA ASP M 692 -26.83 67.17 -36.92
C ASP M 692 -27.86 67.15 -35.79
N LEU M 693 -29.01 67.76 -36.03
CA LEU M 693 -30.10 67.73 -35.07
C LEU M 693 -30.64 66.32 -34.89
N VAL M 694 -30.68 65.54 -35.97
CA VAL M 694 -31.07 64.14 -35.86
C VAL M 694 -29.96 63.31 -35.25
N ALA M 695 -28.71 63.63 -35.55
CA ALA M 695 -27.56 62.91 -35.04
C ALA M 695 -27.38 63.08 -33.56
N HIS M 696 -27.96 64.13 -32.99
CA HIS M 696 -27.85 64.38 -31.57
C HIS M 696 -28.90 63.63 -30.77
N VAL M 697 -30.11 63.50 -31.29
CA VAL M 697 -31.13 62.71 -30.61
C VAL M 697 -30.68 61.27 -30.47
N GLU M 698 -29.91 60.77 -31.43
CA GLU M 698 -29.41 59.43 -31.33
C GLU M 698 -28.22 59.30 -30.42
N ALA M 699 -27.48 60.37 -30.22
CA ALA M 699 -26.34 60.35 -29.32
C ALA M 699 -26.74 60.54 -27.87
N LEU M 700 -27.92 61.10 -27.63
CA LEU M 700 -28.53 61.10 -26.30
C LEU M 700 -29.20 59.77 -26.02
N ALA M 701 -29.89 59.22 -27.00
CA ALA M 701 -30.58 57.94 -26.82
C ALA M 701 -29.61 56.86 -26.38
N GLN M 702 -28.41 56.87 -26.92
CA GLN M 702 -27.44 55.84 -26.60
C GLN M 702 -26.62 56.19 -25.38
N LEU M 703 -26.97 57.27 -24.68
CA LEU M 703 -26.38 57.61 -23.40
C LEU M 703 -27.08 56.89 -22.26
N VAL M 704 -28.23 56.29 -22.51
CA VAL M 704 -28.88 55.48 -21.48
C VAL M 704 -28.15 54.17 -21.29
N ASP M 705 -27.65 53.59 -22.38
CA ASP M 705 -27.07 52.27 -22.34
C ASP M 705 -25.74 52.25 -21.65
N ASP M 706 -25.02 53.36 -21.64
CA ASP M 706 -23.80 53.43 -20.88
C ASP M 706 -24.08 53.21 -19.40
N PHE M 707 -25.18 53.77 -18.92
CA PHE M 707 -25.56 53.73 -17.52
C PHE M 707 -26.56 52.65 -17.18
N THR M 708 -26.85 51.74 -18.08
CA THR M 708 -27.68 50.58 -17.75
C THR M 708 -26.79 49.35 -17.69
N LEU M 709 -26.95 48.53 -16.66
CA LEU M 709 -26.23 47.29 -16.58
C LEU M 709 -27.09 46.28 -17.25
N PRO M 710 -26.48 45.12 -17.75
CA PRO M 710 -27.39 44.17 -18.40
C PRO M 710 -28.31 43.47 -17.43
N GLY M 711 -29.38 42.84 -17.88
CA GLY M 711 -30.29 42.18 -16.98
C GLY M 711 -31.52 41.63 -17.66
N PRO M 712 -32.51 41.14 -16.83
CA PRO M 712 -33.70 40.62 -17.50
C PRO M 712 -34.78 41.63 -17.82
N GLU M 713 -35.99 41.17 -18.04
CA GLU M 713 -37.10 42.07 -18.25
C GLU M 713 -38.08 41.92 -17.09
N LEU M 714 -38.27 43.00 -16.35
CA LEU M 714 -39.08 42.98 -15.15
C LEU M 714 -40.44 43.59 -15.45
N GLY M 715 -41.49 42.81 -15.31
CA GLY M 715 -42.81 43.30 -15.61
C GLY M 715 -43.09 43.46 -17.08
N GLY M 716 -42.39 42.69 -17.91
CA GLY M 716 -42.45 42.88 -19.34
C GLY M 716 -41.54 43.95 -19.86
N GLN M 717 -41.07 44.85 -19.00
CA GLN M 717 -40.22 45.95 -19.39
C GLN M 717 -38.75 45.59 -19.22
N ALA M 718 -37.96 46.02 -20.18
CA ALA M 718 -36.54 45.74 -20.15
C ALA M 718 -35.87 46.60 -19.09
N GLN M 719 -34.58 46.40 -18.91
CA GLN M 719 -33.89 47.13 -17.84
C GLN M 719 -33.79 48.61 -18.16
N ALA M 720 -33.47 48.94 -19.41
CA ALA M 720 -33.28 50.35 -19.75
C ALA M 720 -34.59 51.12 -19.69
N GLU M 721 -35.71 50.42 -19.70
CA GLU M 721 -36.99 51.06 -19.49
C GLU M 721 -37.29 51.29 -18.02
N LEU M 722 -36.75 50.47 -17.14
CA LEU M 722 -36.92 50.66 -15.71
C LEU M 722 -35.91 51.63 -15.15
N ASN M 723 -34.95 52.06 -15.97
CA ASN M 723 -33.84 52.91 -15.57
C ASN M 723 -34.09 54.35 -15.98
N HIS M 724 -34.29 54.59 -17.27
CA HIS M 724 -34.42 55.93 -17.81
C HIS M 724 -35.86 56.14 -18.25
N LEU M 725 -36.32 57.40 -18.18
CA LEU M 725 -37.72 57.72 -18.47
C LEU M 725 -38.01 57.81 -19.97
N MET M 726 -37.01 58.15 -20.78
CA MET M 726 -37.23 58.20 -22.23
C MET M 726 -37.35 56.83 -22.83
N ARG M 727 -36.60 55.86 -22.33
CA ARG M 727 -36.86 54.49 -22.70
C ARG M 727 -38.13 53.94 -22.08
N ASP M 728 -38.50 54.40 -20.90
CA ASP M 728 -39.64 53.82 -20.20
C ASP M 728 -40.92 54.00 -21.00
N PRO M 729 -41.69 52.95 -21.22
CA PRO M 729 -42.88 53.07 -22.06
C PRO M 729 -43.92 54.09 -21.56
N ALA M 730 -44.37 54.02 -20.32
CA ALA M 730 -45.64 54.65 -19.95
C ALA M 730 -45.76 56.06 -20.49
N LEU M 731 -44.69 56.84 -20.40
CA LEU M 731 -44.72 58.21 -20.89
C LEU M 731 -44.77 58.23 -22.41
N LEU M 732 -45.59 59.10 -22.93
CA LEU M 732 -45.78 59.30 -24.36
C LEU M 732 -45.17 60.62 -24.77
N PRO M 733 -44.72 60.76 -26.00
CA PRO M 733 -44.34 62.08 -26.48
C PRO M 733 -45.53 63.01 -26.41
N PRO M 734 -45.30 64.31 -26.29
CA PRO M 734 -46.42 65.23 -26.12
C PRO M 734 -47.31 65.36 -27.33
N LEU M 735 -46.83 64.99 -28.52
CA LEU M 735 -47.58 65.17 -29.76
C LEU M 735 -47.39 63.92 -30.60
N VAL M 736 -48.48 63.24 -30.96
CA VAL M 736 -48.40 61.88 -31.49
C VAL M 736 -49.27 61.77 -32.74
N TRP M 737 -48.65 61.65 -33.91
CA TRP M 737 -49.45 61.64 -35.13
C TRP M 737 -50.05 60.28 -35.45
N ASP M 738 -49.51 59.21 -34.90
CA ASP M 738 -49.98 57.87 -35.20
C ASP M 738 -50.23 57.13 -33.90
N CYS M 739 -50.83 55.96 -33.99
CA CYS M 739 -51.18 55.25 -32.77
C CYS M 739 -50.13 54.24 -32.35
N ASP M 740 -48.96 54.21 -33.02
CA ASP M 740 -47.86 53.35 -32.59
C ASP M 740 -47.62 53.44 -31.10
N GLY M 741 -47.51 54.68 -30.59
CA GLY M 741 -47.21 54.87 -29.19
C GLY M 741 -48.24 54.26 -28.27
N LEU M 742 -49.52 54.59 -28.50
CA LEU M 742 -50.56 54.10 -27.62
C LEU M 742 -50.72 52.59 -27.72
N MET M 743 -50.25 51.98 -28.81
CA MET M 743 -50.24 50.52 -28.88
C MET M 743 -49.38 49.95 -27.76
N ARG M 744 -48.11 50.34 -27.72
CA ARG M 744 -47.16 49.72 -26.83
C ARG M 744 -47.45 50.04 -25.37
N HIS M 745 -48.17 51.11 -25.10
CA HIS M 745 -48.44 51.44 -23.73
C HIS M 745 -49.83 51.01 -23.30
N ALA M 746 -50.64 50.52 -24.23
CA ALA M 746 -51.92 49.97 -23.84
C ALA M 746 -51.76 48.57 -23.28
N ALA M 747 -50.72 47.86 -23.68
CA ALA M 747 -50.42 46.55 -23.10
C ALA M 747 -49.28 46.77 -22.12
N LEU M 748 -49.65 46.85 -20.85
CA LEU M 748 -48.73 46.88 -19.72
C LEU M 748 -49.52 46.44 -18.50
N ASP M 749 -48.84 45.86 -17.54
CA ASP M 749 -49.46 45.74 -16.22
C ASP M 749 -49.41 47.06 -15.48
N ARG M 750 -48.48 47.94 -15.88
CA ARG M 750 -48.44 49.28 -15.31
C ARG M 750 -49.63 50.09 -15.75
N HIS M 751 -50.05 49.93 -16.99
CA HIS M 751 -51.07 50.81 -17.56
C HIS M 751 -52.34 50.69 -16.76
N ARG M 752 -52.75 51.79 -16.15
CA ARG M 752 -53.98 51.82 -15.38
C ARG M 752 -55.19 52.16 -16.20
N ASP M 753 -55.07 53.13 -17.10
CA ASP M 753 -56.09 53.41 -18.09
C ASP M 753 -55.56 54.48 -19.02
N CYS M 754 -56.22 54.58 -20.17
CA CYS M 754 -55.97 55.63 -21.12
C CYS M 754 -57.37 56.14 -21.31
N ARG M 755 -57.68 57.32 -20.81
CA ARG M 755 -59.00 57.89 -20.94
C ARG M 755 -58.93 58.95 -22.02
N ILE M 756 -59.58 58.81 -23.15
CA ILE M 756 -59.53 59.92 -24.07
C ILE M 756 -60.81 60.79 -23.98
N ASP M 757 -60.62 62.08 -23.78
CA ASP M 757 -61.72 63.02 -23.72
C ASP M 757 -61.81 63.32 -25.15
N ALA M 758 -62.94 63.88 -25.58
CA ALA M 758 -63.17 64.18 -26.98
C ALA M 758 -63.60 62.92 -27.70
N GLY M 759 -64.13 61.98 -26.91
CA GLY M 759 -64.62 60.69 -27.39
C GLY M 759 -65.02 59.79 -26.24
N GLY M 760 -65.22 58.49 -26.52
CA GLY M 760 -65.54 57.49 -25.51
C GLY M 760 -64.25 57.43 -24.75
N HIS M 761 -64.24 57.09 -23.45
CA HIS M 761 -62.94 57.16 -22.84
C HIS M 761 -61.92 56.11 -23.31
N GLU M 762 -62.20 54.81 -23.35
CA GLU M 762 -61.13 54.04 -23.93
C GLU M 762 -61.04 54.29 -25.43
N PRO M 763 -59.84 54.50 -25.97
CA PRO M 763 -59.72 54.90 -27.37
C PRO M 763 -59.89 53.74 -28.32
N VAL M 764 -59.92 54.06 -29.62
CA VAL M 764 -60.10 53.09 -30.68
C VAL M 764 -59.57 53.72 -31.95
N TYR M 765 -59.22 52.90 -32.93
CA TYR M 765 -58.33 53.34 -34.00
C TYR M 765 -59.01 53.38 -35.34
N ALA M 766 -58.26 53.88 -36.31
CA ALA M 766 -58.75 54.01 -37.67
C ALA M 766 -57.58 53.76 -38.63
N ALA M 767 -57.86 53.00 -39.68
CA ALA M 767 -56.79 52.57 -40.57
C ALA M 767 -56.37 53.69 -41.52
N ALA M 768 -57.28 54.57 -41.90
CA ALA M 768 -56.99 55.64 -42.85
C ALA M 768 -58.08 56.71 -42.74
N CYS M 769 -58.00 57.69 -43.63
CA CYS M 769 -59.00 58.75 -43.70
C CYS M 769 -59.04 59.28 -45.13
N ASN M 770 -60.20 59.82 -45.51
CA ASN M 770 -60.42 60.33 -46.87
C ASN M 770 -61.43 61.48 -46.80
N VAL M 771 -61.75 62.04 -47.98
CA VAL M 771 -62.72 63.13 -48.02
C VAL M 771 -64.10 62.65 -47.62
N ALA M 772 -64.50 61.45 -48.05
CA ALA M 772 -65.77 60.88 -47.63
C ALA M 772 -65.69 60.25 -46.25
N THR M 773 -64.50 59.92 -45.77
CA THR M 773 -64.35 59.36 -44.44
C THR M 773 -64.33 60.44 -43.37
N ALA M 774 -63.65 61.56 -43.63
CA ALA M 774 -63.35 62.53 -42.58
C ALA M 774 -64.62 63.16 -42.01
N ASP M 775 -64.76 63.05 -40.69
CA ASP M 775 -65.76 63.79 -39.94
C ASP M 775 -65.02 64.63 -38.91
N PHE M 776 -65.01 65.95 -39.11
CA PHE M 776 -64.04 66.78 -38.41
C PHE M 776 -64.42 66.99 -36.95
N ASN M 777 -65.66 67.37 -36.67
CA ASN M 777 -66.11 67.59 -35.31
C ASN M 777 -66.91 66.37 -34.89
N ARG M 778 -66.27 65.58 -34.00
CA ARG M 778 -66.81 64.33 -33.38
C ARG M 778 -66.39 64.09 -31.91
N ASN M 779 -67.24 63.45 -31.12
CA ASN M 779 -66.89 63.14 -29.73
C ASN M 779 -66.95 61.67 -29.31
N ASP M 780 -67.08 60.74 -30.24
CA ASP M 780 -67.16 59.33 -29.88
C ASP M 780 -65.92 58.74 -29.21
N GLY M 781 -64.75 59.09 -29.70
CA GLY M 781 -63.47 58.63 -29.18
C GLY M 781 -62.64 57.84 -30.17
N ARG M 782 -62.56 58.28 -31.41
CA ARG M 782 -61.73 57.62 -32.41
C ARG M 782 -60.38 58.33 -32.52
N LEU M 783 -59.45 57.69 -33.22
CA LEU M 783 -58.07 58.14 -33.38
C LEU M 783 -57.53 57.56 -34.67
N LEU M 784 -56.63 58.26 -35.35
CA LEU M 784 -56.12 57.73 -36.60
C LEU M 784 -54.65 57.35 -36.56
N HIS M 785 -54.38 56.11 -36.91
CA HIS M 785 -53.05 55.52 -36.90
C HIS M 785 -52.43 55.36 -38.28
N ASN M 786 -52.95 56.08 -39.26
CA ASN M 786 -52.59 55.99 -40.67
C ASN M 786 -51.33 56.63 -41.24
N THR M 787 -50.43 57.18 -40.43
CA THR M 787 -49.20 57.81 -40.96
C THR M 787 -48.35 56.92 -41.87
N GLN M 788 -48.73 55.66 -42.10
CA GLN M 788 -47.86 54.75 -42.83
C GLN M 788 -47.47 55.32 -44.20
N ALA M 789 -46.25 54.97 -44.62
CA ALA M 789 -45.73 55.36 -45.92
C ALA M 789 -46.36 54.56 -47.04
N ARG M 790 -46.50 53.25 -46.83
CA ARG M 790 -47.13 52.38 -47.81
C ARG M 790 -48.60 52.34 -47.46
N ALA M 791 -49.43 52.98 -48.28
CA ALA M 791 -50.86 52.95 -48.00
C ALA M 791 -51.42 51.56 -48.22
N ALA M 792 -50.86 50.82 -49.19
CA ALA M 792 -51.35 49.49 -49.49
C ALA M 792 -51.18 48.52 -48.33
N ASP M 793 -50.21 48.77 -47.45
CA ASP M 793 -50.10 48.04 -46.19
C ASP M 793 -50.38 49.02 -45.06
N ALA M 794 -51.59 48.94 -44.50
CA ALA M 794 -52.04 49.79 -43.41
C ALA M 794 -52.08 48.98 -42.13
N ALA M 795 -52.49 49.63 -41.04
CA ALA M 795 -52.49 48.96 -39.75
C ALA M 795 -53.65 49.44 -38.90
N ASP M 796 -54.30 48.48 -38.25
CA ASP M 796 -55.29 48.73 -37.21
C ASP M 796 -54.72 48.39 -35.84
N ASP M 797 -54.30 47.14 -35.63
CA ASP M 797 -53.69 46.71 -34.38
C ASP M 797 -52.18 46.94 -34.34
N ARG M 798 -51.44 46.36 -35.28
CA ARG M 798 -49.98 46.37 -35.19
C ARG M 798 -49.43 47.76 -35.44
N PRO M 799 -48.46 48.22 -34.64
CA PRO M 799 -47.72 49.44 -34.97
C PRO M 799 -46.70 49.23 -36.09
N HIS M 800 -46.63 50.19 -37.00
CA HIS M 800 -45.83 50.03 -38.21
C HIS M 800 -44.35 50.36 -38.02
N ARG M 801 -44.03 51.41 -37.27
CA ARG M 801 -42.63 51.85 -37.15
C ARG M 801 -41.88 50.97 -36.16
N PRO M 802 -40.56 51.13 -35.99
CA PRO M 802 -39.85 50.37 -34.95
C PRO M 802 -40.06 50.93 -33.55
N ALA M 803 -39.31 50.38 -32.59
CA ALA M 803 -39.47 50.78 -31.19
C ALA M 803 -38.74 52.08 -30.90
N ASP M 804 -37.57 52.28 -31.52
CA ASP M 804 -36.79 53.49 -31.30
C ASP M 804 -37.30 54.67 -32.10
N TRP M 805 -38.35 54.50 -32.88
CA TRP M 805 -39.03 55.63 -33.48
C TRP M 805 -39.50 56.55 -32.37
N THR M 806 -40.44 56.09 -31.55
CA THR M 806 -41.05 56.96 -30.54
C THR M 806 -40.12 57.25 -29.38
N VAL M 807 -38.96 56.61 -29.29
CA VAL M 807 -38.02 57.01 -28.26
C VAL M 807 -37.29 58.29 -28.67
N HIS M 808 -37.08 58.47 -29.97
CA HIS M 808 -36.46 59.70 -30.46
C HIS M 808 -37.43 60.86 -30.46
N HIS M 809 -38.71 60.58 -30.60
CA HIS M 809 -39.69 61.64 -30.52
C HIS M 809 -39.92 62.09 -29.09
N LYS M 810 -39.63 61.24 -28.12
CA LYS M 810 -39.61 61.72 -26.74
C LYS M 810 -38.37 62.53 -26.46
N ILE M 811 -37.20 62.01 -26.87
CA ILE M 811 -35.95 62.70 -26.60
C ILE M 811 -35.93 64.05 -27.26
N TYR M 812 -36.55 64.17 -28.42
CA TYR M 812 -36.57 65.45 -29.11
C TYR M 812 -37.48 66.44 -28.40
N TYR M 813 -38.70 66.04 -28.10
CA TYR M 813 -39.66 66.97 -27.53
C TYR M 813 -39.39 67.27 -26.06
N TYR M 814 -38.94 66.28 -25.29
CA TYR M 814 -38.63 66.52 -23.88
C TYR M 814 -37.21 66.99 -23.62
N VAL M 815 -36.24 66.66 -24.46
CA VAL M 815 -34.88 67.13 -24.21
C VAL M 815 -34.53 68.30 -25.11
N LEU M 816 -34.58 68.14 -26.43
CA LEU M 816 -34.02 69.20 -27.24
C LEU M 816 -34.89 70.44 -27.28
N VAL M 817 -36.18 70.30 -27.53
CA VAL M 817 -37.03 71.47 -27.64
C VAL M 817 -37.07 72.27 -26.34
N PRO M 818 -36.94 71.67 -25.18
CA PRO M 818 -36.86 72.47 -23.97
C PRO M 818 -35.63 73.37 -23.97
N ALA M 819 -34.55 72.86 -24.53
CA ALA M 819 -33.28 73.51 -24.62
C ALA M 819 -33.24 73.98 -26.04
N PHE M 820 -33.68 75.20 -26.33
CA PHE M 820 -33.80 75.87 -27.66
C PHE M 820 -34.81 76.96 -27.48
N SER M 821 -36.02 76.59 -27.19
CA SER M 821 -37.09 77.45 -26.77
C SER M 821 -36.83 78.12 -25.45
N ARG M 822 -36.17 77.44 -24.53
CA ARG M 822 -35.94 77.95 -23.18
C ARG M 822 -37.26 78.34 -22.53
N GLY M 823 -38.30 77.59 -22.85
CA GLY M 823 -39.55 77.63 -22.13
C GLY M 823 -40.70 78.28 -22.86
N ARG M 824 -40.46 79.01 -23.94
CA ARG M 824 -41.53 79.72 -24.62
C ARG M 824 -41.82 79.07 -25.96
N CYS M 825 -42.95 78.36 -26.00
CA CYS M 825 -43.49 77.58 -27.09
C CYS M 825 -44.74 76.94 -26.52
N CYS M 826 -45.60 76.45 -27.39
CA CYS M 826 -46.82 75.88 -26.88
C CYS M 826 -47.31 74.80 -27.83
N THR M 827 -47.84 73.72 -27.27
CA THR M 827 -48.55 72.77 -28.09
C THR M 827 -49.83 73.41 -28.58
N ALA M 828 -50.43 72.82 -29.60
CA ALA M 828 -51.72 73.30 -30.05
C ALA M 828 -52.50 72.16 -30.67
N GLY M 829 -53.79 72.38 -30.84
CA GLY M 829 -54.59 71.58 -31.71
C GLY M 829 -54.79 72.28 -33.04
N VAL M 830 -55.25 71.51 -34.02
CA VAL M 830 -55.38 71.98 -35.39
C VAL M 830 -56.87 72.04 -35.70
N ARG M 831 -57.27 73.07 -36.44
CA ARG M 831 -58.58 73.09 -37.08
C ARG M 831 -58.38 72.53 -38.47
N PHE M 832 -58.80 71.30 -38.69
CA PHE M 832 -58.47 70.68 -39.97
C PHE M 832 -59.44 71.09 -41.07
N ASP M 833 -60.71 71.26 -40.76
CA ASP M 833 -61.61 71.86 -41.73
C ASP M 833 -61.05 73.17 -42.25
N ARG M 834 -60.49 73.95 -41.35
CA ARG M 834 -59.96 75.25 -41.70
C ARG M 834 -58.61 75.15 -42.37
N VAL M 835 -57.80 74.16 -42.00
CA VAL M 835 -56.50 74.02 -42.65
C VAL M 835 -56.69 73.65 -44.12
N TYR M 836 -57.41 72.57 -44.40
CA TYR M 836 -57.63 72.13 -45.76
C TYR M 836 -58.45 73.09 -46.59
N ALA M 837 -59.07 74.09 -45.98
CA ALA M 837 -59.83 75.05 -46.76
C ALA M 837 -58.90 76.05 -47.44
N THR M 838 -57.91 76.56 -46.72
CA THR M 838 -56.91 77.38 -47.38
C THR M 838 -55.71 76.61 -47.86
N LEU M 839 -55.60 75.32 -47.58
CA LEU M 839 -54.54 74.57 -48.25
C LEU M 839 -54.89 74.38 -49.70
N GLN M 840 -56.00 73.72 -49.98
CA GLN M 840 -56.44 73.63 -51.36
C GLN M 840 -57.47 74.73 -51.56
N ASN M 841 -56.96 75.92 -51.77
CA ASN M 841 -57.69 77.02 -52.37
C ASN M 841 -56.63 77.77 -53.15
N MET M 842 -56.62 77.59 -54.46
CA MET M 842 -55.44 78.05 -55.17
C MET M 842 -55.81 78.48 -56.55
N VAL M 843 -55.13 79.53 -57.00
CA VAL M 843 -55.14 79.89 -58.40
C VAL M 843 -53.83 79.40 -58.96
N VAL M 844 -53.89 78.33 -59.73
CA VAL M 844 -52.79 77.92 -60.59
C VAL M 844 -53.30 78.12 -62.02
N PRO M 845 -52.80 79.13 -62.73
CA PRO M 845 -53.37 79.44 -64.04
C PRO M 845 -53.11 78.34 -65.04
N GLU M 846 -53.74 78.50 -66.20
CA GLU M 846 -53.52 77.62 -67.34
C GLU M 846 -52.40 78.20 -68.16
N ILE M 847 -51.51 77.35 -68.64
CA ILE M 847 -50.27 77.78 -69.25
C ILE M 847 -50.32 77.49 -70.74
N ALA M 848 -50.17 78.55 -71.52
CA ALA M 848 -50.44 78.50 -72.95
C ALA M 848 -49.66 77.36 -73.60
N PRO M 849 -50.25 76.68 -74.58
CA PRO M 849 -49.53 75.60 -75.26
C PRO M 849 -48.21 76.09 -75.83
N GLY M 850 -47.18 75.26 -75.69
CA GLY M 850 -45.85 75.62 -76.09
C GLY M 850 -45.08 76.44 -75.09
N GLU M 851 -45.74 76.99 -74.09
CA GLU M 851 -45.10 77.90 -73.15
C GLU M 851 -44.29 77.14 -72.11
N GLU M 852 -43.29 77.82 -71.55
CA GLU M 852 -42.51 77.29 -70.45
C GLU M 852 -43.03 77.82 -69.14
N CYS M 853 -42.96 76.96 -68.13
CA CYS M 853 -43.47 77.32 -66.81
C CYS M 853 -42.78 78.55 -66.26
N PRO M 854 -43.47 79.34 -65.44
CA PRO M 854 -42.85 80.52 -64.83
C PRO M 854 -41.76 80.13 -63.84
N SER M 855 -40.58 80.72 -64.00
CA SER M 855 -39.59 80.72 -62.92
C SER M 855 -39.76 81.88 -61.94
N ASP M 856 -40.02 83.10 -62.43
CA ASP M 856 -39.85 84.28 -61.60
C ASP M 856 -41.18 84.93 -61.26
N PRO M 857 -41.66 84.81 -60.02
CA PRO M 857 -42.94 85.43 -59.67
C PRO M 857 -42.91 86.94 -59.69
N VAL M 858 -41.74 87.55 -59.68
CA VAL M 858 -41.65 89.00 -59.73
C VAL M 858 -41.96 89.51 -61.13
N THR M 859 -41.58 88.73 -62.16
CA THR M 859 -41.74 89.14 -63.55
C THR M 859 -42.94 88.47 -64.20
N ASP M 860 -42.91 87.15 -64.33
CA ASP M 860 -43.86 86.42 -65.18
C ASP M 860 -45.29 86.49 -64.62
N PRO M 861 -46.26 86.98 -65.40
CA PRO M 861 -47.66 86.98 -64.96
C PRO M 861 -48.30 85.61 -64.85
N ALA M 862 -47.69 84.56 -65.40
CA ALA M 862 -48.30 83.24 -65.33
C ALA M 862 -48.02 82.53 -64.02
N HIS M 863 -47.05 82.99 -63.26
CA HIS M 863 -46.68 82.36 -62.00
C HIS M 863 -47.84 82.42 -61.02
N PRO M 864 -48.02 81.38 -60.20
CA PRO M 864 -49.16 81.36 -59.26
C PRO M 864 -49.04 82.34 -58.11
N LEU M 865 -47.85 82.82 -57.81
CA LEU M 865 -47.62 83.86 -56.81
C LEU M 865 -47.52 85.25 -57.41
N HIS M 866 -47.68 85.39 -58.71
CA HIS M 866 -47.60 86.69 -59.34
C HIS M 866 -48.61 87.62 -58.69
N PRO M 867 -48.31 88.92 -58.59
CA PRO M 867 -49.30 89.86 -58.07
C PRO M 867 -50.67 89.77 -58.72
N ALA M 868 -50.75 89.31 -59.96
CA ALA M 868 -52.07 89.10 -60.56
C ALA M 868 -52.82 87.99 -59.84
N ASN M 869 -52.15 86.85 -59.64
CA ASN M 869 -52.79 85.66 -59.11
C ASN M 869 -52.99 85.70 -57.61
N LEU M 870 -52.40 86.65 -56.90
CA LEU M 870 -52.62 86.73 -55.47
C LEU M 870 -54.07 87.15 -55.24
N VAL M 871 -54.82 86.29 -54.58
CA VAL M 871 -56.21 86.56 -54.26
C VAL M 871 -56.31 86.53 -52.75
N ALA M 872 -57.47 86.90 -52.22
CA ALA M 872 -57.66 86.85 -50.78
C ALA M 872 -58.12 85.46 -50.38
N ASN M 873 -57.63 85.00 -49.24
CA ASN M 873 -58.10 83.76 -48.65
C ASN M 873 -57.55 82.53 -49.36
N THR M 874 -56.94 82.73 -50.52
CA THR M 874 -56.45 81.62 -51.29
C THR M 874 -55.18 81.06 -50.65
N VAL M 875 -54.63 79.98 -51.21
CA VAL M 875 -53.42 79.44 -50.60
C VAL M 875 -52.20 80.18 -51.09
N ASN M 876 -52.18 80.63 -52.34
CA ASN M 876 -50.94 81.23 -52.81
C ASN M 876 -50.72 82.62 -52.25
N ALA M 877 -51.74 83.21 -51.63
CA ALA M 877 -51.53 84.36 -50.79
C ALA M 877 -50.91 83.98 -49.47
N MET M 878 -51.10 82.73 -49.04
CA MET M 878 -50.48 82.27 -47.82
C MET M 878 -49.02 81.93 -48.06
N PHE M 879 -48.68 81.32 -49.20
CA PHE M 879 -47.27 81.18 -49.60
C PHE M 879 -46.61 82.52 -49.86
N HIS M 880 -47.38 83.55 -50.16
CA HIS M 880 -46.82 84.88 -50.35
C HIS M 880 -46.55 85.57 -49.02
N ASN M 881 -47.46 85.43 -48.06
CA ASN M 881 -47.39 86.19 -46.82
C ASN M 881 -46.07 85.97 -46.11
N GLY M 882 -45.74 84.71 -45.85
CA GLY M 882 -44.43 84.31 -45.38
C GLY M 882 -43.83 84.39 -46.78
N ARG M 883 -42.63 84.93 -46.99
CA ARG M 883 -42.18 85.09 -48.37
C ARG M 883 -41.50 83.79 -48.75
N VAL M 884 -42.17 83.04 -49.60
CA VAL M 884 -41.78 81.68 -49.95
C VAL M 884 -41.94 81.55 -51.44
N VAL M 885 -40.95 80.97 -52.10
CA VAL M 885 -40.94 80.86 -53.55
C VAL M 885 -41.34 79.44 -53.89
N VAL M 886 -42.53 79.29 -54.43
CA VAL M 886 -43.07 78.00 -54.85
C VAL M 886 -43.55 78.18 -56.28
N ASP M 887 -43.50 77.11 -57.05
CA ASP M 887 -43.96 77.16 -58.43
C ASP M 887 -45.31 76.47 -58.56
N GLY M 888 -45.86 76.51 -59.76
CA GLY M 888 -47.15 75.92 -60.05
C GLY M 888 -47.24 74.44 -59.77
N PRO M 889 -46.35 73.62 -60.33
CA PRO M 889 -46.52 72.17 -60.21
C PRO M 889 -46.30 71.66 -58.80
N ALA M 890 -45.67 72.44 -57.92
CA ALA M 890 -45.44 72.01 -56.55
C ALA M 890 -46.70 72.18 -55.69
N MET M 891 -47.33 73.35 -55.72
CA MET M 891 -48.59 73.48 -55.00
C MET M 891 -49.72 72.77 -55.71
N LEU M 892 -49.46 72.24 -56.89
CA LEU M 892 -50.41 71.41 -57.60
C LEU M 892 -50.40 69.97 -57.11
N THR M 893 -49.33 69.55 -56.45
CA THR M 893 -49.22 68.23 -55.85
C THR M 893 -49.92 68.16 -54.52
N LEU M 894 -50.58 69.24 -54.16
CA LEU M 894 -51.31 69.41 -52.92
C LEU M 894 -52.69 68.78 -52.98
N GLN M 895 -53.06 68.18 -54.11
CA GLN M 895 -54.29 67.43 -54.18
C GLN M 895 -54.26 66.16 -53.35
N VAL M 896 -53.06 65.71 -52.96
CA VAL M 896 -52.92 64.49 -52.18
C VAL M 896 -53.68 64.56 -50.87
N LEU M 897 -53.98 65.76 -50.38
CA LEU M 897 -54.69 65.92 -49.13
C LEU M 897 -56.10 65.35 -49.16
N ALA M 898 -56.61 64.99 -50.32
CA ALA M 898 -57.86 64.26 -50.37
C ALA M 898 -57.66 62.80 -49.96
N HIS M 899 -56.50 62.23 -50.29
CA HIS M 899 -56.27 60.82 -50.06
C HIS M 899 -55.99 60.51 -48.60
N ASN M 900 -55.21 61.37 -47.93
CA ASN M 900 -54.88 61.20 -46.52
C ASN M 900 -55.22 62.49 -45.80
N MET M 901 -55.92 62.39 -44.69
CA MET M 901 -56.16 63.58 -43.88
C MET M 901 -56.45 63.15 -42.45
N ALA M 902 -56.69 64.15 -41.61
CA ALA M 902 -56.99 63.94 -40.21
C ALA M 902 -58.21 64.76 -39.84
N GLU M 903 -59.13 64.15 -39.08
CA GLU M 903 -60.36 64.86 -38.80
C GLU M 903 -60.16 65.92 -37.73
N ARG M 904 -59.71 65.52 -36.54
CA ARG M 904 -59.59 66.44 -35.43
C ARG M 904 -58.31 66.15 -34.68
N THR M 905 -58.02 66.97 -33.68
CA THR M 905 -56.96 66.71 -32.72
C THR M 905 -57.61 66.24 -31.44
N THR M 906 -56.91 65.38 -30.72
CA THR M 906 -57.54 64.66 -29.62
C THR M 906 -56.66 64.73 -28.39
N ALA M 907 -57.17 65.38 -27.34
CA ALA M 907 -56.43 65.49 -26.09
C ALA M 907 -56.57 64.20 -25.33
N LEU M 908 -55.43 63.58 -25.05
CA LEU M 908 -55.34 62.19 -24.65
C LEU M 908 -54.69 62.13 -23.28
N LEU M 909 -55.44 61.69 -22.29
CA LEU M 909 -54.94 61.52 -20.95
C LEU M 909 -54.86 60.04 -20.65
N CYS M 910 -53.80 59.65 -19.94
CA CYS M 910 -53.45 58.27 -19.65
C CYS M 910 -52.67 58.21 -18.35
N SER M 911 -52.67 57.07 -17.66
CA SER M 911 -51.94 56.91 -16.42
C SER M 911 -51.25 55.56 -16.42
N ALA M 912 -50.63 55.23 -15.30
CA ALA M 912 -49.90 53.99 -15.09
C ALA M 912 -49.39 54.02 -13.67
N ALA M 913 -49.03 52.86 -13.16
CA ALA M 913 -48.44 52.78 -11.84
C ALA M 913 -46.93 52.78 -11.96
N PRO M 914 -46.20 52.84 -10.84
CA PRO M 914 -44.76 52.68 -10.91
C PRO M 914 -44.40 51.31 -11.45
N ASP M 915 -43.21 51.18 -12.02
CA ASP M 915 -42.81 49.99 -12.70
C ASP M 915 -42.51 48.82 -11.89
N ALA M 916 -42.21 47.71 -12.53
CA ALA M 916 -41.99 46.49 -11.84
C ALA M 916 -40.87 46.60 -10.86
N GLY M 917 -39.80 47.27 -11.23
CA GLY M 917 -38.72 47.50 -10.31
C GLY M 917 -39.33 48.77 -9.86
N ALA M 918 -39.39 49.12 -8.57
CA ALA M 918 -40.01 50.37 -8.10
C ALA M 918 -41.47 50.38 -7.79
N ASN M 919 -42.14 49.25 -7.74
CA ASN M 919 -43.54 49.22 -7.43
C ASN M 919 -43.68 48.32 -6.22
N THR M 920 -44.28 48.84 -5.17
CA THR M 920 -44.44 48.12 -3.92
C THR M 920 -45.79 48.43 -3.31
N ALA M 921 -46.02 47.98 -2.09
CA ALA M 921 -47.29 48.19 -1.41
C ALA M 921 -47.71 49.63 -1.14
N SER M 922 -46.83 50.56 -0.86
CA SER M 922 -47.35 51.90 -0.69
C SER M 922 -47.64 52.54 -2.04
N THR M 923 -46.75 52.32 -2.99
CA THR M 923 -46.83 52.96 -4.29
C THR M 923 -47.64 52.15 -5.28
N ALA M 924 -48.31 51.09 -4.82
CA ALA M 924 -49.11 50.28 -5.73
C ALA M 924 -50.28 51.07 -6.29
N ASN M 925 -50.91 51.91 -5.47
CA ASN M 925 -52.09 52.66 -5.87
C ASN M 925 -51.76 54.05 -6.40
N MET M 926 -50.49 54.37 -6.62
CA MET M 926 -50.11 55.67 -7.12
C MET M 926 -50.23 55.70 -8.63
N ARG M 927 -50.98 56.67 -9.15
CA ARG M 927 -51.13 56.88 -10.58
C ARG M 927 -50.23 58.01 -11.03
N ILE M 928 -49.68 57.87 -12.23
CA ILE M 928 -48.91 58.94 -12.85
C ILE M 928 -49.61 59.29 -14.14
N PHE M 929 -50.24 60.46 -14.17
CA PHE M 929 -51.03 60.91 -15.31
C PHE M 929 -50.18 61.76 -16.23
N ASP M 930 -50.19 61.43 -17.51
CA ASP M 930 -49.46 62.21 -18.50
C ASP M 930 -50.37 62.43 -19.70
N GLY M 931 -50.50 63.68 -20.11
CA GLY M 931 -51.32 64.00 -21.25
C GLY M 931 -50.52 64.10 -22.54
N ALA M 932 -51.22 63.88 -23.64
CA ALA M 932 -50.68 64.09 -24.97
C ALA M 932 -51.83 64.42 -25.91
N LEU M 933 -51.57 65.27 -26.88
CA LEU M 933 -52.51 65.50 -27.96
C LEU M 933 -52.28 64.47 -29.04
N HIS M 934 -53.33 64.10 -29.75
CA HIS M 934 -53.11 63.11 -30.80
C HIS M 934 -52.55 63.72 -32.07
N ALA M 935 -53.21 64.68 -32.68
CA ALA M 935 -52.57 65.27 -33.84
C ALA M 935 -52.44 66.70 -33.36
N GLY M 936 -51.29 67.00 -32.75
CA GLY M 936 -51.00 68.29 -32.18
C GLY M 936 -49.93 69.01 -32.97
N VAL M 937 -49.64 70.22 -32.54
CA VAL M 937 -48.65 71.06 -33.19
C VAL M 937 -47.86 71.79 -32.10
N LEU M 938 -46.61 72.12 -32.41
CA LEU M 938 -45.70 72.81 -31.51
C LEU M 938 -45.39 74.18 -32.12
N LEU M 939 -45.90 75.20 -31.45
CA LEU M 939 -45.82 76.53 -31.93
C LEU M 939 -44.70 77.24 -31.26
N MET M 940 -43.62 77.46 -31.99
CA MET M 940 -42.44 78.09 -31.47
C MET M 940 -42.36 79.51 -30.96
N ALA M 941 -42.95 80.48 -31.66
CA ALA M 941 -42.82 81.84 -31.21
C ALA M 941 -44.15 82.41 -31.36
N PRO M 942 -44.63 83.18 -30.31
CA PRO M 942 -45.99 83.66 -30.54
C PRO M 942 -46.06 84.59 -31.72
N GLN M 943 -47.00 84.36 -32.60
CA GLN M 943 -47.16 85.25 -33.73
C GLN M 943 -48.38 86.08 -33.65
N HIS M 944 -48.90 86.25 -32.43
CA HIS M 944 -50.05 87.12 -32.14
C HIS M 944 -49.38 88.40 -32.44
N LEU M 945 -50.11 89.39 -32.88
CA LEU M 945 -49.55 90.66 -33.21
C LEU M 945 -49.16 90.68 -34.63
N ASP M 946 -49.52 89.64 -35.38
CA ASP M 946 -49.30 89.61 -36.81
C ASP M 946 -50.73 89.42 -37.13
N HIS M 947 -51.34 90.51 -37.54
CA HIS M 947 -52.75 90.61 -37.72
C HIS M 947 -53.32 90.25 -39.04
N THR M 948 -52.56 89.55 -39.85
CA THR M 948 -53.10 89.09 -41.10
C THR M 948 -53.78 87.77 -40.83
N ILE M 949 -53.77 87.28 -39.60
CA ILE M 949 -54.41 86.00 -39.30
C ILE M 949 -55.10 86.13 -37.96
N GLN M 950 -56.40 85.94 -37.94
CA GLN M 950 -57.17 86.13 -36.72
C GLN M 950 -56.70 85.16 -35.65
N ASN M 951 -56.67 85.63 -34.40
CA ASN M 951 -56.19 84.82 -33.31
C ASN M 951 -57.00 83.53 -33.23
N GLY M 952 -56.30 82.41 -33.21
CA GLY M 952 -56.99 81.13 -33.12
C GLY M 952 -57.80 80.79 -34.34
N GLU M 953 -57.29 81.08 -35.54
CA GLU M 953 -57.96 80.54 -36.71
C GLU M 953 -57.67 79.06 -36.84
N TYR M 954 -56.46 78.71 -37.25
CA TYR M 954 -56.13 77.32 -37.52
C TYR M 954 -55.81 76.53 -36.27
N PHE M 955 -55.06 77.08 -35.35
CA PHE M 955 -54.70 76.32 -34.17
C PHE M 955 -55.17 77.02 -32.93
N TYR M 956 -55.38 76.29 -31.86
CA TYR M 956 -55.81 76.92 -30.64
C TYR M 956 -54.91 76.46 -29.51
N VAL M 957 -54.45 77.36 -28.68
CA VAL M 957 -53.55 77.02 -27.63
C VAL M 957 -54.18 75.95 -26.77
N LEU M 958 -53.45 74.87 -26.52
CA LEU M 958 -53.92 73.79 -25.68
C LEU M 958 -52.56 73.38 -25.21
N PRO M 959 -52.25 73.58 -23.94
CA PRO M 959 -50.95 73.20 -23.38
C PRO M 959 -51.08 71.81 -22.82
N VAL M 960 -50.15 70.90 -23.07
CA VAL M 960 -50.32 69.54 -22.57
C VAL M 960 -49.50 69.43 -21.30
N HIS M 961 -48.41 70.17 -21.23
CA HIS M 961 -47.43 70.00 -20.18
C HIS M 961 -46.76 71.33 -19.93
N ALA M 962 -46.39 71.58 -18.67
CA ALA M 962 -45.77 72.83 -18.32
C ALA M 962 -44.51 73.11 -19.10
N LEU M 963 -43.87 72.09 -19.69
CA LEU M 963 -42.75 72.35 -20.58
C LEU M 963 -43.22 73.15 -21.77
N PHE M 964 -44.30 72.71 -22.41
CA PHE M 964 -44.85 73.44 -23.54
C PHE M 964 -46.11 74.14 -23.06
N ALA M 965 -45.91 75.32 -22.54
CA ALA M 965 -46.93 76.32 -22.34
C ALA M 965 -46.18 77.62 -22.44
N GLY M 966 -46.62 78.51 -23.29
CA GLY M 966 -46.00 79.80 -23.36
C GLY M 966 -46.68 80.70 -22.37
N ALA M 967 -45.96 81.66 -21.85
CA ALA M 967 -46.68 82.70 -21.15
C ALA M 967 -47.36 83.62 -22.14
N ASP M 968 -46.74 83.83 -23.30
CA ASP M 968 -47.27 84.70 -24.32
C ASP M 968 -48.18 83.99 -25.31
N HIS M 969 -48.14 82.67 -25.37
CA HIS M 969 -49.12 81.97 -26.20
C HIS M 969 -50.44 81.89 -25.49
N VAL M 970 -50.41 81.61 -24.19
CA VAL M 970 -51.62 81.40 -23.42
C VAL M 970 -52.28 82.72 -23.08
N ALA M 971 -51.50 83.70 -22.62
CA ALA M 971 -52.08 84.97 -22.21
C ALA M 971 -52.69 85.72 -23.38
N ASN M 972 -52.27 85.43 -24.60
CA ASN M 972 -52.75 86.10 -25.79
C ASN M 972 -53.83 85.32 -26.52
N ALA M 973 -54.32 84.24 -25.94
CA ALA M 973 -55.33 83.42 -26.58
C ALA M 973 -56.59 84.25 -26.77
N PRO M 974 -57.63 83.76 -27.47
CA PRO M 974 -58.72 84.68 -27.84
C PRO M 974 -59.47 85.30 -26.69
N ASN M 975 -59.91 84.51 -25.71
CA ASN M 975 -60.48 85.05 -24.49
C ASN M 975 -59.61 84.57 -23.33
N PHE M 976 -58.83 85.47 -22.76
CA PHE M 976 -58.00 85.16 -21.62
C PHE M 976 -58.40 86.07 -20.47
N PRO M 977 -58.83 85.51 -19.34
CA PRO M 977 -59.25 86.35 -18.23
C PRO M 977 -58.16 87.35 -17.87
N PRO M 978 -58.49 88.64 -17.83
CA PRO M 978 -57.45 89.65 -17.57
C PRO M 978 -56.91 89.62 -16.15
N ALA M 979 -57.60 88.94 -15.22
CA ALA M 979 -57.07 88.84 -13.87
C ALA M 979 -55.85 87.94 -13.80
N LEU M 980 -55.66 87.08 -14.79
CA LEU M 980 -54.57 86.12 -14.80
C LEU M 980 -53.37 86.60 -15.58
N ARG M 981 -53.38 87.84 -16.07
CA ARG M 981 -52.33 88.30 -16.97
C ARG M 981 -50.95 88.19 -16.33
N ASP M 982 -50.82 88.67 -15.10
CA ASP M 982 -49.53 88.56 -14.42
C ASP M 982 -49.33 87.17 -13.86
N LEU M 983 -50.39 86.56 -13.34
CA LEU M 983 -50.24 85.20 -12.85
C LEU M 983 -49.78 84.27 -13.98
N ALA M 984 -50.39 84.42 -15.15
CA ALA M 984 -50.08 83.55 -16.29
C ALA M 984 -48.62 83.66 -16.69
N ARG M 985 -47.94 84.68 -16.19
CA ARG M 985 -46.55 84.89 -16.51
C ARG M 985 -45.65 83.95 -15.74
N HIS M 986 -45.88 83.81 -14.44
CA HIS M 986 -45.13 82.90 -13.58
C HIS M 986 -45.64 81.47 -13.60
N VAL M 987 -46.92 81.25 -13.78
CA VAL M 987 -47.57 79.96 -13.54
C VAL M 987 -47.84 79.30 -14.89
N PRO M 988 -47.44 78.06 -15.09
CA PRO M 988 -47.71 77.36 -16.35
C PRO M 988 -49.13 76.83 -16.49
N LEU M 989 -50.08 77.59 -17.06
CA LEU M 989 -51.48 77.25 -16.93
C LEU M 989 -51.79 76.04 -17.82
N VAL M 990 -52.00 74.89 -17.18
CA VAL M 990 -52.24 73.62 -17.86
C VAL M 990 -53.52 73.00 -17.31
N PRO M 991 -54.52 72.69 -18.14
CA PRO M 991 -55.73 72.05 -17.63
C PRO M 991 -55.43 70.67 -17.05
N PRO M 992 -56.00 70.33 -15.89
CA PRO M 992 -55.79 68.97 -15.36
C PRO M 992 -56.42 67.91 -16.22
N ALA M 993 -57.32 68.28 -17.12
CA ALA M 993 -57.74 67.34 -18.15
C ALA M 993 -56.53 66.78 -18.89
N LEU M 994 -55.47 67.58 -18.99
CA LEU M 994 -54.19 67.15 -19.53
C LEU M 994 -53.18 66.77 -18.47
N GLY M 995 -53.56 66.77 -17.20
CA GLY M 995 -52.68 66.35 -16.15
C GLY M 995 -52.25 67.50 -15.25
N ALA M 996 -51.62 67.10 -14.15
CA ALA M 996 -51.24 68.00 -13.09
C ALA M 996 -49.74 67.95 -12.89
N ASN M 997 -49.20 68.97 -12.24
CA ASN M 997 -47.81 68.91 -11.83
C ASN M 997 -47.53 67.62 -11.08
N TYR M 998 -48.07 67.55 -9.87
CA TYR M 998 -47.68 66.53 -8.92
C TYR M 998 -47.92 65.15 -9.45
N PHE M 999 -48.82 64.97 -10.40
CA PHE M 999 -49.14 63.65 -10.90
C PHE M 999 -48.42 63.32 -12.19
N SER M 1000 -47.56 64.19 -12.68
CA SER M 1000 -46.89 63.91 -13.94
C SER M 1000 -45.50 63.36 -13.71
N SER M 1001 -44.88 62.96 -14.82
CA SER M 1001 -43.54 62.39 -14.78
C SER M 1001 -42.50 63.49 -14.72
N ILE M 1002 -42.77 64.61 -15.37
CA ILE M 1002 -41.86 65.73 -15.40
C ILE M 1002 -42.56 66.87 -14.69
N ARG M 1003 -42.01 67.26 -13.56
CA ARG M 1003 -42.57 68.28 -12.72
C ARG M 1003 -41.76 69.56 -12.88
N GLN M 1004 -42.08 70.57 -12.07
CA GLN M 1004 -41.58 71.92 -12.34
C GLN M 1004 -40.06 72.07 -12.27
N PRO M 1005 -39.32 71.41 -11.38
CA PRO M 1005 -37.87 71.63 -11.36
C PRO M 1005 -37.20 71.40 -12.68
N VAL M 1006 -37.76 70.54 -13.53
CA VAL M 1006 -37.23 70.34 -14.86
C VAL M 1006 -37.56 71.53 -15.74
N VAL M 1007 -38.72 72.10 -15.53
CA VAL M 1007 -39.18 73.19 -16.38
C VAL M 1007 -38.40 74.46 -16.07
N GLN M 1008 -38.14 74.70 -14.81
CA GLN M 1008 -37.37 75.87 -14.41
C GLN M 1008 -35.89 75.68 -14.71
N HIS M 1009 -35.37 74.46 -14.62
CA HIS M 1009 -33.99 74.21 -15.01
C HIS M 1009 -33.77 74.55 -16.47
N ALA M 1010 -34.68 74.11 -17.33
CA ALA M 1010 -34.50 74.30 -18.76
C ALA M 1010 -34.41 75.77 -19.11
N ARG M 1011 -35.29 76.60 -18.56
CA ARG M 1011 -35.28 78.00 -18.92
C ARG M 1011 -34.25 78.80 -18.16
N GLU M 1012 -33.92 78.42 -16.94
CA GLU M 1012 -33.03 79.19 -16.09
C GLU M 1012 -31.56 78.92 -16.34
N SER M 1013 -31.22 77.77 -16.91
CA SER M 1013 -29.82 77.34 -16.96
C SER M 1013 -29.02 78.23 -17.91
N ALA M 1014 -27.79 78.53 -17.52
CA ALA M 1014 -26.93 79.40 -18.29
C ALA M 1014 -25.96 78.67 -19.20
N ALA M 1015 -25.91 77.34 -19.15
CA ALA M 1015 -24.96 76.61 -19.97
C ALA M 1015 -25.42 76.60 -21.43
N GLY M 1016 -24.62 76.03 -22.30
CA GLY M 1016 -24.93 76.04 -23.71
C GLY M 1016 -26.14 75.18 -23.97
N GLU M 1017 -26.44 74.99 -25.25
CA GLU M 1017 -27.51 74.06 -25.59
C GLU M 1017 -27.04 72.63 -25.52
N ASN M 1018 -25.78 72.35 -25.81
CA ASN M 1018 -25.30 70.98 -25.71
C ASN M 1018 -25.27 70.53 -24.27
N ALA M 1019 -24.72 71.34 -23.39
CA ALA M 1019 -24.63 70.96 -21.99
C ALA M 1019 -25.99 70.88 -21.36
N LEU M 1020 -26.88 71.84 -21.68
CA LEU M 1020 -28.22 71.77 -21.15
C LEU M 1020 -28.95 70.55 -21.64
N THR M 1021 -28.56 70.05 -22.80
CA THR M 1021 -29.21 68.88 -23.36
C THR M 1021 -28.85 67.61 -22.62
N TYR M 1022 -27.58 67.43 -22.26
CA TYR M 1022 -27.18 66.28 -21.46
C TYR M 1022 -27.55 66.44 -20.01
N ALA M 1023 -27.45 67.65 -19.48
CA ALA M 1023 -27.83 67.89 -18.10
C ALA M 1023 -29.30 67.62 -17.88
N LEU M 1024 -30.09 67.80 -18.91
CA LEU M 1024 -31.50 67.55 -18.88
C LEU M 1024 -31.79 66.08 -19.17
N MET M 1025 -31.05 65.48 -20.09
CA MET M 1025 -31.15 64.05 -20.32
C MET M 1025 -30.82 63.27 -19.07
N ALA M 1026 -29.96 63.81 -18.23
CA ALA M 1026 -29.48 63.13 -17.05
C ALA M 1026 -30.42 63.24 -15.88
N GLY M 1027 -31.41 64.11 -15.94
CA GLY M 1027 -32.41 64.20 -14.91
C GLY M 1027 -33.65 63.41 -15.23
N TYR M 1028 -33.66 62.65 -16.31
CA TYR M 1028 -34.74 61.76 -16.66
C TYR M 1028 -34.51 60.34 -16.19
N PHE M 1029 -33.43 60.09 -15.47
CA PHE M 1029 -33.19 58.79 -14.88
C PHE M 1029 -34.11 58.57 -13.69
N LYS M 1030 -34.78 57.43 -13.65
CA LYS M 1030 -35.79 57.18 -12.63
C LYS M 1030 -35.15 56.96 -11.28
N MET M 1031 -35.96 57.14 -10.23
CA MET M 1031 -35.52 57.01 -8.85
C MET M 1031 -35.88 55.68 -8.19
N SER M 1032 -36.46 54.74 -8.89
CA SER M 1032 -36.82 53.44 -8.37
C SER M 1032 -35.60 52.80 -7.71
N PRO M 1033 -35.76 51.85 -6.77
CA PRO M 1033 -34.53 51.23 -6.25
C PRO M 1033 -33.77 50.54 -7.35
N VAL M 1034 -34.47 49.87 -8.26
CA VAL M 1034 -33.82 49.15 -9.35
C VAL M 1034 -33.09 50.10 -10.28
N ALA M 1035 -33.62 51.29 -10.50
CA ALA M 1035 -32.92 52.25 -11.34
C ALA M 1035 -31.56 52.59 -10.76
N LEU M 1036 -31.52 52.80 -9.46
CA LEU M 1036 -30.31 53.28 -8.81
C LEU M 1036 -29.14 52.29 -8.86
N TYR M 1037 -29.36 51.05 -9.27
CA TYR M 1037 -28.20 50.19 -9.51
C TYR M 1037 -27.46 50.61 -10.75
N HIS M 1038 -28.19 50.69 -11.84
CA HIS M 1038 -27.59 51.04 -13.09
C HIS M 1038 -26.85 52.36 -12.98
N GLN M 1039 -27.16 53.16 -11.97
CA GLN M 1039 -26.57 54.47 -11.80
C GLN M 1039 -25.46 54.45 -10.75
N LEU M 1040 -25.80 54.09 -9.53
CA LEU M 1040 -24.77 53.94 -8.52
C LEU M 1040 -23.67 53.00 -8.98
N LYS M 1041 -24.01 51.92 -9.68
CA LYS M 1041 -22.97 51.01 -10.12
C LYS M 1041 -22.22 51.51 -11.33
N THR M 1042 -22.86 52.29 -12.19
CA THR M 1042 -22.20 52.75 -13.40
C THR M 1042 -21.60 54.14 -13.25
N GLY M 1043 -21.66 54.70 -12.06
CA GLY M 1043 -20.95 55.93 -11.83
C GLY M 1043 -21.67 57.14 -12.35
N LEU M 1044 -22.98 57.14 -12.26
CA LEU M 1044 -23.75 58.35 -12.48
C LEU M 1044 -24.07 58.92 -11.12
N HIS M 1045 -23.97 60.23 -11.00
CA HIS M 1045 -24.36 60.81 -9.74
C HIS M 1045 -25.86 60.99 -9.74
N PRO M 1046 -26.59 60.29 -8.89
CA PRO M 1046 -28.05 60.22 -9.02
C PRO M 1046 -28.79 61.33 -8.32
N GLY M 1047 -28.36 62.57 -8.53
CA GLY M 1047 -29.11 63.72 -8.13
C GLY M 1047 -29.05 64.10 -6.67
N PHE M 1048 -28.62 63.21 -5.79
CA PHE M 1048 -28.50 63.51 -4.38
C PHE M 1048 -27.28 62.80 -3.83
N GLY M 1049 -27.01 63.02 -2.56
CA GLY M 1049 -25.80 62.52 -1.95
C GLY M 1049 -26.08 62.12 -0.52
N PHE M 1050 -25.10 61.48 0.10
CA PHE M 1050 -25.29 60.82 1.37
C PHE M 1050 -24.44 61.47 2.44
N THR M 1051 -24.87 61.31 3.69
CA THR M 1051 -23.98 61.51 4.83
C THR M 1051 -23.67 60.15 5.42
N VAL M 1052 -22.40 59.85 5.56
CA VAL M 1052 -21.93 58.55 6.02
C VAL M 1052 -21.70 58.64 7.52
N VAL M 1053 -22.09 57.59 8.24
CA VAL M 1053 -21.97 57.56 9.68
C VAL M 1053 -21.43 56.18 10.06
N ARG M 1054 -20.23 56.13 10.60
CA ARG M 1054 -19.78 54.89 11.21
C ARG M 1054 -19.45 55.14 12.67
N GLN M 1055 -19.19 54.05 13.36
CA GLN M 1055 -19.02 54.04 14.80
C GLN M 1055 -17.70 53.40 15.10
N ASP M 1056 -16.86 54.08 15.85
CA ASP M 1056 -15.56 53.52 16.16
C ASP M 1056 -15.48 53.17 17.63
N ARG M 1057 -14.37 52.56 17.96
CA ARG M 1057 -14.13 52.17 19.33
C ARG M 1057 -12.65 52.23 19.57
N PHE M 1058 -12.24 52.84 20.65
CA PHE M 1058 -10.84 53.06 20.91
C PHE M 1058 -10.52 52.50 22.28
N VAL M 1059 -9.34 51.92 22.42
CA VAL M 1059 -8.87 51.48 23.71
C VAL M 1059 -8.02 52.57 24.29
N THR M 1060 -8.45 53.10 25.42
CA THR M 1060 -7.84 54.27 26.00
C THR M 1060 -7.13 53.85 27.27
N GLU M 1061 -6.53 54.83 27.94
CA GLU M 1061 -5.92 54.62 29.24
C GLU M 1061 -6.38 55.73 30.16
N ASN M 1062 -6.78 55.38 31.36
CA ASN M 1062 -7.43 56.36 32.19
C ASN M 1062 -6.62 56.58 33.45
N VAL M 1063 -6.90 57.71 34.07
CA VAL M 1063 -6.43 58.03 35.40
C VAL M 1063 -7.67 58.18 36.26
N LEU M 1064 -7.63 57.66 37.48
CA LEU M 1064 -8.74 57.83 38.40
C LEU M 1064 -8.26 58.43 39.69
N PHE M 1065 -8.78 59.58 40.04
CA PHE M 1065 -8.53 60.19 41.33
C PHE M 1065 -9.81 60.09 42.15
N SER M 1066 -9.77 59.33 43.24
CA SER M 1066 -10.81 59.37 44.24
C SER M 1066 -10.31 60.13 45.46
N GLU M 1067 -11.22 60.40 46.39
CA GLU M 1067 -11.00 61.11 47.66
C GLU M 1067 -10.78 60.17 48.81
N ARG M 1068 -10.53 60.66 49.99
CA ARG M 1068 -10.17 59.86 51.11
C ARG M 1068 -11.18 58.85 51.45
N ALA M 1069 -12.45 59.19 51.53
CA ALA M 1069 -13.45 58.18 51.81
C ALA M 1069 -14.63 58.46 50.95
N SER M 1070 -14.67 58.00 49.72
CA SER M 1070 -15.82 58.29 48.91
C SER M 1070 -16.91 57.27 49.08
N GLU M 1071 -16.70 56.28 49.95
CA GLU M 1071 -17.42 55.03 49.85
C GLU M 1071 -17.66 54.43 51.22
N ALA M 1072 -18.89 53.97 51.47
CA ALA M 1072 -19.23 53.36 52.74
C ALA M 1072 -18.92 51.87 52.82
N TYR M 1073 -19.26 51.09 51.79
CA TYR M 1073 -18.65 49.78 51.57
C TYR M 1073 -18.76 48.76 52.71
N PHE M 1074 -19.90 48.10 52.84
CA PHE M 1074 -20.14 47.09 53.87
C PHE M 1074 -19.92 45.67 53.36
N LEU M 1075 -19.30 44.83 54.20
CA LEU M 1075 -18.99 43.45 53.85
C LEU M 1075 -19.92 42.49 54.59
N GLY M 1076 -20.26 41.41 53.92
CA GLY M 1076 -21.24 40.45 54.37
C GLY M 1076 -20.62 39.21 54.97
N GLN M 1077 -21.27 38.08 54.73
CA GLN M 1077 -20.90 36.77 55.26
C GLN M 1077 -20.82 35.78 54.11
N LEU M 1078 -20.26 34.60 54.39
CA LEU M 1078 -19.68 33.73 53.36
C LEU M 1078 -20.72 33.00 52.52
N GLN M 1079 -21.64 32.30 53.14
CA GLN M 1079 -22.60 31.43 52.45
C GLN M 1079 -21.98 30.60 51.32
N VAL M 1080 -21.29 29.52 51.69
CA VAL M 1080 -20.91 28.49 50.74
C VAL M 1080 -22.17 27.82 50.17
N ALA M 1081 -22.10 27.41 48.91
CA ALA M 1081 -23.11 26.57 48.29
C ALA M 1081 -22.43 25.55 47.39
N ARG M 1082 -23.15 24.49 47.03
CA ARG M 1082 -22.50 23.44 46.25
C ARG M 1082 -23.50 22.67 45.41
N HIS M 1083 -22.98 22.02 44.37
CA HIS M 1083 -23.81 21.21 43.49
C HIS M 1083 -22.96 20.18 42.76
N GLU M 1084 -23.61 19.12 42.32
CA GLU M 1084 -23.01 17.99 41.60
C GLU M 1084 -22.64 18.24 40.14
N THR M 1085 -21.73 17.44 39.60
CA THR M 1085 -21.30 17.60 38.23
C THR M 1085 -20.67 16.36 37.67
N GLY M 1086 -20.23 16.41 36.42
CA GLY M 1086 -19.53 15.30 35.83
C GLY M 1086 -18.20 15.71 36.39
N GLY M 1087 -17.45 14.82 37.00
CA GLY M 1087 -16.20 15.19 37.62
C GLY M 1087 -16.58 14.96 39.06
N GLY M 1088 -16.88 16.02 39.79
CA GLY M 1088 -17.31 15.92 41.17
C GLY M 1088 -17.97 17.21 41.62
N VAL M 1089 -18.16 17.40 42.92
CA VAL M 1089 -19.00 18.50 43.37
C VAL M 1089 -18.31 19.81 43.07
N ASN M 1090 -19.01 20.90 43.31
CA ASN M 1090 -18.59 22.23 42.91
C ASN M 1090 -19.01 23.18 44.01
N PHE M 1091 -18.07 23.95 44.53
CA PHE M 1091 -18.34 24.82 45.67
C PHE M 1091 -18.27 26.26 45.20
N THR M 1092 -19.40 26.92 45.15
CA THR M 1092 -19.42 28.33 44.86
C THR M 1092 -19.45 29.11 46.17
N LEU M 1093 -18.66 30.16 46.24
CA LEU M 1093 -18.58 31.02 47.40
C LEU M 1093 -19.08 32.40 46.98
N THR M 1094 -19.97 32.98 47.77
CA THR M 1094 -20.40 34.33 47.47
C THR M 1094 -20.58 35.14 48.74
N GLN M 1095 -19.98 36.31 48.82
CA GLN M 1095 -20.43 37.04 49.97
C GLN M 1095 -21.10 38.32 49.54
N PRO M 1096 -22.17 38.69 50.20
CA PRO M 1096 -22.86 39.93 49.83
C PRO M 1096 -22.11 41.15 50.32
N ARG M 1097 -22.15 42.18 49.50
CA ARG M 1097 -21.54 43.47 49.76
C ARG M 1097 -22.65 44.50 49.83
N GLY M 1098 -22.28 45.74 50.06
CA GLY M 1098 -23.23 46.82 49.99
C GLY M 1098 -22.43 48.09 50.05
N ASN M 1099 -22.89 49.18 49.46
CA ASN M 1099 -22.01 50.34 49.46
C ASN M 1099 -22.79 51.62 49.21
N VAL M 1100 -22.20 52.73 49.61
CA VAL M 1100 -22.83 54.04 49.49
C VAL M 1100 -21.75 55.07 49.22
N ASP M 1101 -22.06 56.06 48.39
CA ASP M 1101 -21.16 57.19 48.23
C ASP M 1101 -21.35 58.11 49.42
N LEU M 1102 -20.31 58.26 50.22
CA LEU M 1102 -20.28 59.31 51.21
C LEU M 1102 -19.94 60.62 50.53
N GLY M 1103 -20.35 61.69 51.15
CA GLY M 1103 -20.10 63.00 50.59
C GLY M 1103 -21.19 63.49 49.69
N VAL M 1104 -21.33 64.80 49.69
CA VAL M 1104 -22.31 65.49 48.89
C VAL M 1104 -21.44 66.11 47.82
N GLY M 1105 -21.79 65.94 46.56
CA GLY M 1105 -20.96 66.48 45.51
C GLY M 1105 -20.20 65.37 44.86
N TYR M 1106 -19.17 65.70 44.11
CA TYR M 1106 -18.37 64.73 43.38
C TYR M 1106 -17.14 64.32 44.15
N THR M 1107 -16.93 63.02 44.31
CA THR M 1107 -15.76 62.56 45.03
C THR M 1107 -14.64 61.99 44.20
N ALA M 1108 -14.95 61.43 43.05
CA ALA M 1108 -14.00 60.84 42.20
C ALA M 1108 -14.18 61.51 40.92
N VAL M 1109 -13.12 61.59 40.16
CA VAL M 1109 -13.16 62.15 38.87
C VAL M 1109 -12.20 61.25 38.27
N ALA M 1110 -12.43 60.94 37.03
CA ALA M 1110 -11.59 60.16 36.14
C ALA M 1110 -11.23 60.95 34.90
N ALA M 1111 -10.13 60.58 34.26
CA ALA M 1111 -9.62 61.33 33.12
C ALA M 1111 -8.99 60.37 32.13
N THR M 1112 -9.15 60.57 30.83
CA THR M 1112 -8.53 59.69 29.84
C THR M 1112 -7.23 60.26 29.48
N ALA M 1113 -6.22 59.44 29.33
CA ALA M 1113 -4.90 59.92 29.09
C ALA M 1113 -4.37 59.74 27.74
N THR M 1114 -4.37 58.55 27.22
CA THR M 1114 -3.80 58.25 25.94
C THR M 1114 -4.80 57.40 25.23
N VAL M 1115 -4.61 57.14 23.94
CA VAL M 1115 -5.43 56.21 23.15
C VAL M 1115 -4.47 55.07 22.87
N ARG M 1116 -4.82 53.86 23.22
CA ARG M 1116 -3.90 52.78 22.91
C ARG M 1116 -4.04 52.32 21.46
N ASN M 1117 -5.11 51.63 21.12
CA ASN M 1117 -5.32 51.26 19.75
C ASN M 1117 -6.76 51.47 19.37
N PRO M 1118 -7.08 51.52 18.06
CA PRO M 1118 -8.45 51.65 17.64
C PRO M 1118 -9.43 50.54 17.89
N VAL M 1119 -9.09 49.28 17.74
CA VAL M 1119 -10.03 48.19 17.99
C VAL M 1119 -11.02 48.02 16.87
N THR M 1120 -11.02 48.90 15.92
CA THR M 1120 -12.01 48.90 14.88
C THR M 1120 -11.15 49.30 13.78
N ASP M 1121 -11.39 48.84 12.61
CA ASP M 1121 -10.54 49.16 11.48
C ASP M 1121 -10.68 50.55 10.91
N MET M 1122 -11.69 51.28 11.29
CA MET M 1122 -11.81 52.65 10.87
C MET M 1122 -11.83 52.68 9.42
N GLY M 1123 -12.59 51.76 8.87
CA GLY M 1123 -12.71 51.58 7.44
C GLY M 1123 -14.00 51.78 6.67
N ASN M 1124 -13.98 51.08 5.56
CA ASN M 1124 -14.91 51.05 4.45
C ASN M 1124 -16.22 50.23 4.37
N LEU M 1125 -16.59 49.40 5.33
CA LEU M 1125 -17.79 48.56 5.17
C LEU M 1125 -19.16 49.24 5.09
N PRO M 1126 -19.96 48.88 4.09
CA PRO M 1126 -21.30 49.40 3.87
C PRO M 1126 -22.29 48.77 4.82
N GLN M 1127 -23.56 49.13 4.65
CA GLN M 1127 -24.67 48.49 5.33
C GLN M 1127 -25.50 47.74 4.30
N ASN M 1128 -26.11 46.66 4.74
CA ASN M 1128 -26.92 45.83 3.90
C ASN M 1128 -28.29 45.72 4.54
N PHE M 1129 -29.30 46.27 3.89
CA PHE M 1129 -30.62 46.17 4.47
C PHE M 1129 -31.30 44.86 4.17
N TYR M 1130 -30.68 44.00 3.40
CA TYR M 1130 -31.23 42.68 3.13
C TYR M 1130 -30.91 41.69 4.24
N LEU M 1131 -30.25 42.14 5.29
CA LEU M 1131 -30.09 41.34 6.48
C LEU M 1131 -31.30 41.40 7.40
N GLY M 1132 -32.16 42.41 7.27
CA GLY M 1132 -33.39 42.49 8.02
C GLY M 1132 -34.61 42.23 7.16
N ARG M 1133 -35.75 42.07 7.82
CA ARG M 1133 -37.04 42.10 7.15
C ARG M 1133 -37.99 43.05 7.88
N GLY M 1134 -38.01 44.30 7.48
CA GLY M 1134 -39.00 45.20 8.03
C GLY M 1134 -39.88 45.76 6.96
N ALA M 1135 -39.43 45.59 5.73
CA ALA M 1135 -39.93 46.39 4.64
C ALA M 1135 -40.71 45.53 3.69
N PRO M 1136 -41.96 45.86 3.40
CA PRO M 1136 -42.68 45.21 2.33
C PRO M 1136 -41.84 45.19 1.07
N PRO M 1137 -41.72 44.05 0.42
CA PRO M 1137 -40.85 43.95 -0.76
C PRO M 1137 -41.55 44.48 -2.02
N LEU M 1138 -40.81 44.47 -3.12
CA LEU M 1138 -41.38 44.84 -4.42
C LEU M 1138 -42.50 43.86 -4.78
N LEU M 1139 -43.51 44.33 -5.52
CA LEU M 1139 -44.58 43.44 -5.93
C LEU M 1139 -44.09 42.33 -6.84
N ASP M 1140 -43.42 42.70 -7.92
CA ASP M 1140 -42.98 41.68 -8.85
C ASP M 1140 -41.92 40.85 -8.17
N ASN M 1141 -42.18 39.55 -8.05
CA ASN M 1141 -41.22 38.70 -7.39
C ASN M 1141 -39.96 38.54 -8.21
N ALA M 1142 -40.08 38.60 -9.54
CA ALA M 1142 -38.90 38.62 -10.37
C ALA M 1142 -38.09 39.88 -10.08
N ALA M 1143 -38.75 41.02 -9.95
CA ALA M 1143 -38.05 42.25 -9.61
C ALA M 1143 -37.38 42.14 -8.26
N ALA M 1144 -38.05 41.53 -7.29
CA ALA M 1144 -37.52 41.49 -5.94
C ALA M 1144 -36.31 40.57 -5.85
N VAL M 1145 -36.36 39.39 -6.44
CA VAL M 1145 -35.23 38.49 -6.35
C VAL M 1145 -34.13 38.87 -7.31
N TYR M 1146 -34.44 39.39 -8.49
CA TYR M 1146 -33.38 39.93 -9.33
C TYR M 1146 -32.59 40.96 -8.56
N LEU M 1147 -33.30 41.79 -7.80
CA LEU M 1147 -32.64 42.85 -7.06
C LEU M 1147 -31.90 42.30 -5.87
N ARG M 1148 -32.56 41.49 -5.05
CA ARG M 1148 -31.97 41.07 -3.80
C ARG M 1148 -30.57 40.56 -4.00
N ASN M 1149 -30.39 39.64 -4.93
CA ASN M 1149 -29.08 39.02 -5.08
C ASN M 1149 -28.18 39.74 -6.06
N ALA M 1150 -28.61 40.86 -6.62
CA ALA M 1150 -27.66 41.74 -7.26
C ALA M 1150 -26.92 42.56 -6.22
N VAL M 1151 -27.59 42.91 -5.13
CA VAL M 1151 -26.96 43.58 -4.00
C VAL M 1151 -26.16 42.60 -3.19
N VAL M 1152 -26.77 41.47 -2.84
CA VAL M 1152 -26.24 40.52 -1.89
C VAL M 1152 -25.18 39.61 -2.49
N ALA M 1153 -24.89 39.75 -3.78
CA ALA M 1153 -24.11 38.73 -4.48
C ALA M 1153 -22.77 38.49 -3.82
N GLY M 1154 -21.95 39.52 -3.73
CA GLY M 1154 -20.67 39.40 -3.07
C GLY M 1154 -20.51 40.17 -1.77
N ASN M 1155 -21.60 40.63 -1.16
CA ASN M 1155 -21.47 41.38 0.08
C ASN M 1155 -20.70 40.59 1.11
N ARG M 1156 -19.87 41.44 1.71
CA ARG M 1156 -18.98 41.25 2.82
C ARG M 1156 -19.84 41.01 4.03
N LEU M 1157 -21.07 41.44 3.98
CA LEU M 1157 -22.02 41.24 5.03
C LEU M 1157 -23.17 40.47 4.55
N GLY M 1158 -23.29 40.31 3.25
CA GLY M 1158 -24.44 39.80 2.52
C GLY M 1158 -24.85 38.59 3.20
N PRO M 1159 -26.13 38.39 3.45
CA PRO M 1159 -26.51 37.23 4.26
C PRO M 1159 -26.12 35.92 3.67
N ALA M 1160 -25.53 35.03 4.46
CA ALA M 1160 -25.19 33.71 3.95
C ALA M 1160 -26.56 33.09 3.66
N GLN M 1161 -26.72 32.42 2.54
CA GLN M 1161 -28.01 31.85 2.19
C GLN M 1161 -29.21 32.80 2.08
N PRO M 1162 -30.29 32.54 2.80
CA PRO M 1162 -31.48 33.39 2.81
C PRO M 1162 -31.95 33.45 4.25
N LEU M 1163 -32.41 34.59 4.71
CA LEU M 1163 -32.79 34.68 6.10
C LEU M 1163 -33.79 33.69 6.63
N PRO M 1164 -33.53 33.17 7.82
CA PRO M 1164 -34.51 32.31 8.49
C PRO M 1164 -35.55 33.17 9.20
N VAL M 1165 -36.75 32.61 9.34
CA VAL M 1165 -37.79 33.30 10.08
C VAL M 1165 -37.42 33.38 11.56
N PHE M 1166 -36.99 32.27 12.13
CA PHE M 1166 -36.45 32.27 13.48
C PHE M 1166 -35.05 31.67 13.44
N GLY M 1167 -34.10 32.44 13.92
CA GLY M 1167 -32.71 32.07 13.83
C GLY M 1167 -31.88 33.32 13.66
N CYS M 1168 -30.60 33.11 13.39
CA CYS M 1168 -29.65 34.19 13.19
C CYS M 1168 -29.43 34.42 11.70
N ALA M 1169 -29.22 35.68 11.33
CA ALA M 1169 -29.13 36.03 9.92
C ALA M 1169 -27.84 35.52 9.26
N GLN M 1170 -26.83 35.18 10.04
CA GLN M 1170 -25.59 34.60 9.50
C GLN M 1170 -24.84 35.51 8.54
N VAL M 1171 -24.20 36.54 9.09
CA VAL M 1171 -23.12 37.24 8.38
C VAL M 1171 -22.04 36.21 8.07
N PRO M 1172 -21.63 36.06 6.80
CA PRO M 1172 -20.53 35.18 6.49
C PRO M 1172 -19.29 35.57 7.27
N ARG M 1173 -18.43 34.60 7.55
CA ARG M 1173 -17.19 34.90 8.24
C ARG M 1173 -16.01 34.62 7.33
N ARG M 1174 -15.17 35.62 7.18
CA ARG M 1174 -14.05 35.50 6.28
C ARG M 1174 -12.95 34.69 6.93
N ALA M 1175 -12.15 34.05 6.09
CA ALA M 1175 -11.17 33.12 6.61
C ALA M 1175 -10.06 33.83 7.37
N GLY M 1176 -9.79 35.08 7.05
CA GLY M 1176 -8.78 35.82 7.76
C GLY M 1176 -9.14 37.29 7.83
N MET M 1177 -8.55 37.95 8.82
CA MET M 1177 -8.84 39.35 9.05
C MET M 1177 -7.59 40.02 9.58
N ASP M 1178 -7.49 41.32 9.36
CA ASP M 1178 -6.20 41.96 9.60
C ASP M 1178 -6.22 43.16 10.52
N HIS M 1179 -6.92 44.22 10.15
CA HIS M 1179 -6.72 45.47 10.85
C HIS M 1179 -7.48 45.56 12.15
N GLY M 1180 -8.51 44.77 12.29
CA GLY M 1180 -9.31 44.83 13.48
C GLY M 1180 -10.75 44.61 13.10
N GLN M 1181 -11.62 44.96 14.02
CA GLN M 1181 -13.04 44.86 13.79
C GLN M 1181 -13.41 45.76 12.62
N ASP M 1182 -14.34 45.31 11.80
CA ASP M 1182 -14.85 46.16 10.74
C ASP M 1182 -15.85 47.15 11.29
N ALA M 1183 -15.71 48.41 10.90
CA ALA M 1183 -16.74 49.38 11.18
C ALA M 1183 -17.93 49.09 10.28
N VAL M 1184 -19.01 49.82 10.45
CA VAL M 1184 -20.15 49.70 9.56
C VAL M 1184 -20.57 51.10 9.18
N CYS M 1185 -20.40 51.44 7.92
CA CYS M 1185 -20.78 52.76 7.46
C CYS M 1185 -22.26 52.76 7.17
N GLU M 1186 -22.89 53.90 7.38
CA GLU M 1186 -24.28 54.07 7.05
C GLU M 1186 -24.52 55.35 6.27
N PHE M 1187 -25.55 55.32 5.47
CA PHE M 1187 -25.81 56.36 4.49
C PHE M 1187 -27.17 56.96 4.77
N ILE M 1188 -27.21 58.25 5.05
CA ILE M 1188 -28.44 59.01 5.09
C ILE M 1188 -28.44 59.89 3.85
N ALA M 1189 -29.42 59.70 2.99
CA ALA M 1189 -29.45 60.50 1.77
C ALA M 1189 -29.76 61.93 2.13
N THR M 1190 -28.82 62.83 1.83
CA THR M 1190 -29.01 64.25 2.01
C THR M 1190 -29.22 64.91 0.67
N PRO M 1191 -29.54 66.20 0.66
CA PRO M 1191 -29.47 66.97 -0.58
C PRO M 1191 -28.03 67.19 -1.02
N VAL M 1192 -27.84 67.51 -2.29
CA VAL M 1192 -26.50 67.89 -2.73
C VAL M 1192 -26.18 69.30 -2.26
N ALA M 1193 -27.20 70.11 -2.12
CA ALA M 1193 -27.07 71.49 -1.69
C ALA M 1193 -27.18 71.63 -0.20
N THR M 1194 -26.17 71.18 0.50
CA THR M 1194 -26.07 71.31 1.93
C THR M 1194 -24.65 71.85 1.98
N ASP M 1195 -24.40 72.81 2.84
CA ASP M 1195 -23.07 73.37 2.90
C ASP M 1195 -22.14 72.33 3.43
N ILE M 1196 -20.99 72.22 2.80
CA ILE M 1196 -20.04 71.31 3.29
C ILE M 1196 -19.55 71.87 4.58
N ASN M 1197 -19.90 73.10 4.89
CA ASN M 1197 -19.44 73.70 6.10
C ASN M 1197 -19.97 73.02 7.31
N TYR M 1198 -21.19 72.54 7.22
CA TYR M 1198 -21.85 71.70 8.21
C TYR M 1198 -20.98 70.49 7.91
N PHE M 1199 -20.63 69.62 8.82
CA PHE M 1199 -19.71 68.52 8.52
C PHE M 1199 -18.27 68.93 8.62
N ARG M 1200 -17.94 70.17 8.95
CA ARG M 1200 -16.57 70.57 9.11
C ARG M 1200 -16.65 70.93 10.53
N ARG M 1201 -17.50 70.23 11.27
CA ARG M 1201 -17.81 70.62 12.64
C ARG M 1201 -18.48 69.42 13.31
N PRO M 1202 -18.46 69.33 14.65
CA PRO M 1202 -19.07 68.18 15.36
C PRO M 1202 -20.51 67.73 15.13
N CYS M 1203 -21.27 68.34 14.25
CA CYS M 1203 -22.72 68.24 14.02
C CYS M 1203 -23.47 66.91 14.06
N ASN M 1204 -24.77 66.96 14.34
CA ASN M 1204 -25.69 65.82 14.30
C ASN M 1204 -25.82 65.32 12.87
N PRO M 1205 -25.70 63.95 12.66
CA PRO M 1205 -25.85 63.53 11.26
C PRO M 1205 -27.25 63.67 10.66
N ARG M 1206 -28.28 63.88 11.46
CA ARG M 1206 -29.63 64.02 10.94
C ARG M 1206 -29.99 65.43 10.47
N GLY M 1207 -29.16 66.42 10.75
CA GLY M 1207 -29.40 67.77 10.33
C GLY M 1207 -29.94 68.69 11.38
N ARG M 1208 -30.38 68.18 12.53
CA ARG M 1208 -30.95 69.05 13.54
C ARG M 1208 -30.64 68.47 14.91
N ALA M 1209 -30.38 69.35 15.87
CA ALA M 1209 -29.99 68.94 17.20
C ALA M 1209 -31.14 68.19 17.88
N ALA M 1210 -30.87 66.98 18.34
CA ALA M 1210 -31.87 66.16 18.99
C ALA M 1210 -31.75 66.09 20.50
N GLY M 1211 -30.75 66.71 21.10
CA GLY M 1211 -30.43 66.41 22.48
C GLY M 1211 -31.47 66.91 23.47
N GLY M 1212 -31.60 66.21 24.57
CA GLY M 1212 -32.29 66.74 25.71
C GLY M 1212 -31.43 67.60 26.58
N VAL M 1213 -30.15 67.71 26.22
CA VAL M 1213 -29.24 68.66 26.83
C VAL M 1213 -29.70 70.07 26.52
N TYR M 1214 -30.26 70.28 25.33
CA TYR M 1214 -30.81 71.55 24.92
C TYR M 1214 -32.22 71.75 25.41
N ALA M 1215 -32.87 70.70 25.85
CA ALA M 1215 -34.26 70.77 26.26
C ALA M 1215 -34.42 71.79 27.37
N GLY M 1216 -35.61 72.35 27.47
CA GLY M 1216 -35.81 73.52 28.28
C GLY M 1216 -36.61 73.46 29.56
N ASP M 1217 -36.99 72.33 30.10
CA ASP M 1217 -37.78 72.45 31.31
C ASP M 1217 -39.25 72.76 31.14
N LYS M 1218 -39.82 72.52 29.98
CA LYS M 1218 -41.23 72.72 29.76
C LYS M 1218 -41.52 71.34 29.28
N GLU M 1219 -42.75 70.88 29.32
CA GLU M 1219 -43.05 69.54 28.86
C GLU M 1219 -43.05 69.49 27.35
N GLY M 1220 -42.28 68.57 26.78
CA GLY M 1220 -42.21 68.46 25.34
C GLY M 1220 -41.14 69.34 24.77
N ASP M 1221 -40.25 69.84 25.59
CA ASP M 1221 -39.19 70.68 25.08
C ASP M 1221 -38.40 69.83 24.13
N VAL M 1222 -38.21 68.56 24.46
CA VAL M 1222 -37.54 67.66 23.54
C VAL M 1222 -38.74 67.19 22.80
N ILE M 1223 -38.63 66.90 21.52
CA ILE M 1223 -39.73 66.48 20.66
C ILE M 1223 -40.24 67.73 19.98
N ALA M 1224 -39.89 68.90 20.47
CA ALA M 1224 -40.31 70.11 19.86
C ALA M 1224 -39.07 70.60 19.23
N LEU M 1225 -38.01 70.47 19.99
CA LEU M 1225 -36.66 70.84 19.66
C LEU M 1225 -36.08 69.83 18.76
N MET M 1226 -36.73 68.71 18.58
CA MET M 1226 -36.20 67.69 17.75
C MET M 1226 -36.87 67.67 16.43
N TYR M 1227 -38.18 67.53 16.43
CA TYR M 1227 -38.97 67.45 15.27
C TYR M 1227 -39.70 68.61 14.75
N ASP M 1228 -39.86 69.66 15.54
CA ASP M 1228 -40.69 70.75 15.09
C ASP M 1228 -39.97 71.68 14.19
N HIS M 1229 -40.17 71.53 12.89
CA HIS M 1229 -39.51 72.31 11.86
C HIS M 1229 -39.96 73.70 11.72
N GLY M 1230 -41.10 73.97 12.26
CA GLY M 1230 -41.60 75.33 12.37
C GLY M 1230 -40.77 76.24 13.24
N GLN M 1231 -39.89 75.68 14.08
CA GLN M 1231 -38.91 76.45 14.82
C GLN M 1231 -37.55 76.38 14.16
N SER M 1232 -36.62 77.08 14.77
CA SER M 1232 -35.24 77.10 14.33
C SER M 1232 -34.55 75.87 14.88
N ASP M 1233 -33.23 75.84 14.82
CA ASP M 1233 -32.48 74.69 15.21
C ASP M 1233 -31.60 75.12 16.37
N PRO M 1234 -31.54 74.37 17.46
CA PRO M 1234 -30.76 74.85 18.61
C PRO M 1234 -29.30 75.01 18.29
N ALA M 1235 -28.79 74.09 17.49
CA ALA M 1235 -27.47 74.14 16.96
C ALA M 1235 -27.19 75.24 15.97
N ARG M 1236 -28.07 75.48 15.00
CA ARG M 1236 -27.88 76.53 14.00
C ARG M 1236 -29.18 77.21 14.02
N PRO M 1237 -29.30 78.25 14.94
CA PRO M 1237 -30.63 78.80 15.02
C PRO M 1237 -31.10 79.44 13.76
N PHE M 1238 -30.27 79.66 12.79
CA PHE M 1238 -30.85 80.41 11.69
C PHE M 1238 -31.61 79.55 10.68
N ALA M 1239 -31.76 78.25 10.93
CA ALA M 1239 -32.37 77.35 9.95
C ALA M 1239 -33.19 76.30 10.67
N ALA M 1240 -34.23 75.81 10.01
CA ALA M 1240 -34.95 74.65 10.53
C ALA M 1240 -33.98 73.49 10.61
N THR M 1241 -33.63 72.85 9.49
CA THR M 1241 -32.78 71.67 9.39
C THR M 1241 -31.69 71.84 8.40
N ALA M 1242 -30.78 70.88 8.30
CA ALA M 1242 -29.76 70.85 7.28
C ALA M 1242 -30.06 69.76 6.29
N ASN M 1243 -30.79 68.73 6.69
CA ASN M 1243 -31.14 67.69 5.76
C ASN M 1243 -32.53 67.59 6.12
N PRO M 1244 -33.50 67.84 5.15
CA PRO M 1244 -34.86 67.73 5.64
C PRO M 1244 -35.37 66.35 5.57
N TRP M 1245 -34.61 65.48 4.96
CA TRP M 1245 -35.00 64.11 4.68
C TRP M 1245 -34.63 63.17 5.80
N ALA M 1246 -34.13 63.71 6.90
CA ALA M 1246 -33.70 62.95 8.07
C ALA M 1246 -34.36 63.51 9.31
N SER M 1247 -34.10 64.79 9.57
CA SER M 1247 -34.49 65.42 10.81
C SER M 1247 -35.99 65.41 11.06
N GLN M 1248 -36.80 65.38 10.02
CA GLN M 1248 -38.23 65.46 10.23
C GLN M 1248 -38.79 64.11 10.63
N ARG M 1249 -39.88 64.14 11.37
CA ARG M 1249 -40.56 62.91 11.74
C ARG M 1249 -41.27 62.37 10.50
N PHE M 1250 -41.24 61.04 10.36
CA PHE M 1250 -41.83 60.33 9.22
C PHE M 1250 -41.13 60.61 7.91
N SER M 1251 -39.90 61.08 7.94
CA SER M 1251 -39.19 61.43 6.74
C SER M 1251 -38.52 60.26 6.35
N TYR M 1252 -37.71 60.33 5.32
CA TYR M 1252 -37.04 59.16 4.84
C TYR M 1252 -36.11 58.50 5.78
N GLY M 1253 -35.20 59.24 6.37
CA GLY M 1253 -34.21 58.77 7.31
C GLY M 1253 -34.77 58.31 8.59
N ASP M 1254 -35.74 59.02 9.10
CA ASP M 1254 -36.52 58.69 10.28
C ASP M 1254 -37.26 57.38 10.08
N LEU M 1255 -37.73 57.10 8.86
CA LEU M 1255 -38.38 55.82 8.63
C LEU M 1255 -37.38 54.67 8.64
N LEU M 1256 -36.16 54.90 8.18
CA LEU M 1256 -35.17 53.84 8.13
C LEU M 1256 -34.59 53.58 9.49
N TYR M 1257 -33.92 54.58 10.05
CA TYR M 1257 -33.02 54.42 11.16
C TYR M 1257 -33.68 54.63 12.52
N ASN M 1258 -34.91 55.09 12.58
CA ASN M 1258 -35.59 55.15 13.87
C ASN M 1258 -35.98 53.75 14.25
N GLY M 1259 -35.50 53.30 15.39
CA GLY M 1259 -35.77 51.95 15.81
C GLY M 1259 -37.17 51.70 16.28
N ALA M 1260 -38.06 52.68 16.17
CA ALA M 1260 -39.46 52.44 16.43
C ALA M 1260 -40.12 51.70 15.28
N TYR M 1261 -39.64 51.92 14.08
CA TYR M 1261 -40.10 51.21 12.90
C TYR M 1261 -39.39 49.88 12.73
N HIS M 1262 -38.10 49.84 13.01
CA HIS M 1262 -37.28 48.63 13.03
C HIS M 1262 -37.47 47.81 11.76
N LEU M 1263 -36.89 48.32 10.69
CA LEU M 1263 -36.76 47.52 9.49
C LEU M 1263 -35.60 46.57 9.69
N ASN M 1264 -34.43 47.18 9.76
CA ASN M 1264 -33.25 46.44 10.04
C ASN M 1264 -33.23 46.27 11.53
N GLY M 1265 -33.86 45.23 12.04
CA GLY M 1265 -33.83 45.01 13.46
C GLY M 1265 -33.71 43.52 13.67
N ALA M 1266 -33.80 42.79 12.59
CA ALA M 1266 -33.67 41.37 12.60
C ALA M 1266 -32.39 41.09 11.86
N SER M 1267 -31.43 42.02 11.96
CA SER M 1267 -30.13 41.98 11.38
C SER M 1267 -29.18 42.09 12.52
N PRO M 1268 -28.21 41.22 12.63
CA PRO M 1268 -27.25 41.24 13.74
C PRO M 1268 -26.38 42.47 13.78
N VAL M 1269 -26.29 43.22 12.73
CA VAL M 1269 -25.25 44.22 12.53
C VAL M 1269 -25.69 45.55 13.13
N LEU M 1270 -24.73 46.28 13.67
CA LEU M 1270 -25.04 47.52 14.36
C LEU M 1270 -25.44 48.63 13.41
N SER M 1271 -26.39 49.46 13.83
CA SER M 1271 -26.69 50.68 13.12
C SER M 1271 -26.09 51.86 13.87
N PRO M 1272 -25.01 52.46 13.36
CA PRO M 1272 -24.54 53.71 13.96
C PRO M 1272 -25.61 54.76 14.17
N CYS M 1273 -26.57 54.85 13.26
CA CYS M 1273 -27.55 55.91 13.27
C CYS M 1273 -28.73 55.59 14.18
N PHE M 1274 -28.83 54.42 14.74
CA PHE M 1274 -29.97 54.09 15.57
C PHE M 1274 -30.16 55.05 16.68
N LYS M 1275 -29.04 55.49 17.20
CA LYS M 1275 -28.89 56.36 18.29
C LYS M 1275 -29.41 57.71 18.04
N PHE M 1276 -29.09 58.29 16.89
CA PHE M 1276 -29.59 59.62 16.52
C PHE M 1276 -31.06 59.66 16.19
N PHE M 1277 -31.55 58.65 15.52
CA PHE M 1277 -32.95 58.60 15.19
C PHE M 1277 -33.57 57.64 16.18
N THR M 1278 -34.66 58.04 16.77
CA THR M 1278 -35.38 57.17 17.70
C THR M 1278 -36.26 58.06 18.54
N ALA M 1279 -35.64 58.90 19.34
CA ALA M 1279 -36.39 59.84 20.12
C ALA M 1279 -37.26 59.15 21.12
N ALA M 1280 -37.18 57.84 21.21
CA ALA M 1280 -37.96 57.14 22.21
C ALA M 1280 -36.94 57.20 23.31
N ASP M 1281 -35.69 56.95 22.90
CA ASP M 1281 -34.51 57.02 23.74
C ASP M 1281 -34.11 58.41 24.17
N ILE M 1282 -34.18 59.37 23.27
CA ILE M 1282 -33.81 60.74 23.61
C ILE M 1282 -34.80 61.32 24.61
N THR M 1283 -36.09 61.22 24.30
CA THR M 1283 -37.10 61.71 25.21
C THR M 1283 -37.10 60.95 26.53
N ALA M 1284 -36.63 59.71 26.53
CA ALA M 1284 -36.65 58.92 27.75
C ALA M 1284 -35.56 59.32 28.73
N LYS M 1285 -34.51 60.00 28.30
CA LYS M 1285 -33.48 60.40 29.25
C LYS M 1285 -34.01 61.53 30.12
N HIS M 1286 -33.20 61.93 31.08
CA HIS M 1286 -33.51 63.14 31.83
C HIS M 1286 -32.59 64.25 31.35
N ARG M 1287 -32.86 65.46 31.82
CA ARG M 1287 -32.13 66.60 31.31
C ARG M 1287 -31.09 67.18 32.26
N CYS M 1288 -30.93 66.68 33.48
CA CYS M 1288 -30.07 67.36 34.44
C CYS M 1288 -28.62 67.00 34.17
N LEU M 1289 -27.81 68.02 33.87
CA LEU M 1289 -26.41 67.79 33.52
C LEU M 1289 -25.61 67.18 34.65
N GLU M 1290 -26.02 67.40 35.90
CA GLU M 1290 -25.32 66.81 37.04
C GLU M 1290 -24.99 65.37 36.76
N ARG M 1291 -26.05 64.58 36.61
CA ARG M 1291 -25.93 63.19 36.27
C ARG M 1291 -25.30 63.03 34.90
N LEU M 1292 -25.92 63.59 33.87
CA LEU M 1292 -25.59 63.23 32.51
C LEU M 1292 -24.10 63.23 32.24
N ILE M 1293 -23.32 64.02 32.98
CA ILE M 1293 -21.89 63.93 32.80
C ILE M 1293 -21.28 62.72 33.50
N VAL M 1294 -21.91 62.19 34.55
CA VAL M 1294 -21.33 60.98 35.13
C VAL M 1294 -21.75 59.74 34.36
N GLU M 1295 -22.96 59.71 33.79
CA GLU M 1295 -23.35 58.54 33.03
C GLU M 1295 -22.77 58.53 31.64
N THR M 1296 -22.02 59.54 31.27
CA THR M 1296 -21.19 59.45 30.09
C THR M 1296 -20.01 58.52 30.32
N GLY M 1297 -19.23 58.78 31.36
CA GLY M 1297 -18.03 58.00 31.62
C GLY M 1297 -18.28 56.51 31.68
N SER M 1298 -19.52 56.10 31.82
CA SER M 1298 -19.81 54.69 31.76
C SER M 1298 -21.12 54.47 31.06
N ALA M 1299 -21.11 53.82 29.91
CA ALA M 1299 -22.31 53.57 29.18
C ALA M 1299 -22.24 52.19 28.60
N VAL M 1300 -23.36 51.53 28.36
CA VAL M 1300 -23.31 50.23 27.76
C VAL M 1300 -23.24 50.58 26.31
N SER M 1301 -22.15 50.22 25.66
CA SER M 1301 -21.98 50.53 24.28
C SER M 1301 -22.98 49.77 23.54
N THR M 1302 -23.48 50.34 22.49
CA THR M 1302 -24.45 49.68 21.66
C THR M 1302 -23.88 48.51 20.88
N ALA M 1303 -22.57 48.31 20.92
CA ALA M 1303 -21.85 47.40 20.06
C ALA M 1303 -21.12 46.35 20.89
N THR M 1304 -20.39 45.49 20.19
CA THR M 1304 -19.39 44.62 20.78
C THR M 1304 -18.07 44.81 20.05
N ALA M 1305 -16.98 44.72 20.80
CA ALA M 1305 -15.66 44.63 20.23
C ALA M 1305 -15.20 43.21 20.07
N ALA M 1306 -16.07 42.24 20.35
CA ALA M 1306 -15.71 40.84 20.28
C ALA M 1306 -16.09 40.17 18.97
N SER M 1307 -16.74 40.85 18.05
CA SER M 1307 -17.13 40.20 16.81
C SER M 1307 -16.20 40.63 15.69
N ASP M 1308 -16.34 39.98 14.54
CA ASP M 1308 -15.49 40.30 13.40
C ASP M 1308 -15.96 41.58 12.73
N VAL M 1309 -17.26 41.68 12.51
CA VAL M 1309 -17.93 42.88 12.07
C VAL M 1309 -18.66 43.41 13.29
N GLN M 1310 -18.78 44.72 13.42
CA GLN M 1310 -19.32 45.18 14.68
C GLN M 1310 -20.81 44.93 14.71
N PHE M 1311 -21.23 44.14 15.69
CA PHE M 1311 -22.60 43.68 15.82
C PHE M 1311 -23.31 44.51 16.85
N LYS M 1312 -24.57 44.19 17.00
CA LYS M 1312 -25.50 44.87 17.86
C LYS M 1312 -25.52 44.09 19.17
N ARG M 1313 -25.36 44.79 20.28
CA ARG M 1313 -24.92 44.18 21.52
C ARG M 1313 -25.83 43.02 21.95
N PRO M 1314 -25.28 41.83 22.13
CA PRO M 1314 -26.05 40.71 22.62
C PRO M 1314 -26.29 40.82 24.11
N PRO M 1315 -27.21 40.02 24.67
CA PRO M 1315 -27.49 40.10 26.11
C PRO M 1315 -26.29 39.81 27.01
N GLY M 1316 -25.24 39.19 26.53
CA GLY M 1316 -24.14 38.89 27.43
C GLY M 1316 -23.32 40.02 28.03
N CYS M 1317 -23.10 39.93 29.34
CA CYS M 1317 -22.29 40.90 30.07
C CYS M 1317 -22.77 42.32 29.98
N ARG M 1318 -21.84 43.22 29.67
CA ARG M 1318 -22.06 44.64 29.44
C ARG M 1318 -20.72 45.16 28.98
N GLU M 1319 -20.63 46.33 28.37
CA GLU M 1319 -19.36 46.92 27.97
C GLU M 1319 -19.56 48.36 28.27
N LEU M 1320 -18.79 48.96 29.17
CA LEU M 1320 -19.03 50.34 29.52
C LEU M 1320 -18.04 51.22 28.87
N VAL M 1321 -18.53 51.78 27.80
CA VAL M 1321 -17.86 52.65 26.94
C VAL M 1321 -17.99 53.99 27.55
N GLU M 1322 -17.28 54.94 27.02
CA GLU M 1322 -17.39 56.33 27.43
C GLU M 1322 -18.44 57.08 26.62
N ASP M 1323 -18.30 57.16 25.31
CA ASP M 1323 -19.41 57.65 24.47
C ASP M 1323 -19.87 59.08 24.74
N PRO M 1324 -19.15 60.07 24.23
CA PRO M 1324 -19.63 61.46 24.34
C PRO M 1324 -20.84 61.75 23.50
N CYS M 1325 -21.06 61.03 22.42
CA CYS M 1325 -22.14 61.25 21.45
C CYS M 1325 -23.55 61.11 21.92
N GLY M 1326 -23.81 60.37 22.98
CA GLY M 1326 -25.13 60.32 23.54
C GLY M 1326 -24.93 61.29 24.69
N LEU M 1327 -25.19 62.54 24.43
CA LEU M 1327 -25.13 63.60 25.38
C LEU M 1327 -25.10 64.74 24.47
N PHE M 1328 -23.99 64.94 23.80
CA PHE M 1328 -23.85 66.01 22.89
C PHE M 1328 -24.70 65.79 21.76
N GLN M 1329 -24.77 64.54 21.36
CA GLN M 1329 -25.57 64.03 20.30
C GLN M 1329 -25.00 64.34 18.95
N GLU M 1330 -23.76 64.77 18.93
CA GLU M 1330 -23.03 65.10 17.78
C GLU M 1330 -22.38 63.89 17.28
N ALA M 1331 -21.63 64.04 16.21
CA ALA M 1331 -20.77 63.08 15.53
C ALA M 1331 -19.61 63.83 14.90
N TYR M 1332 -18.46 63.27 14.98
CA TYR M 1332 -17.31 64.08 14.65
C TYR M 1332 -16.86 63.92 13.21
N PRO M 1333 -16.22 64.94 12.65
CA PRO M 1333 -15.53 64.75 11.37
C PRO M 1333 -14.19 64.05 11.51
N ILE M 1334 -13.80 63.40 10.42
CA ILE M 1334 -12.45 62.90 10.25
C ILE M 1334 -11.89 63.56 9.00
N THR M 1335 -10.58 63.48 8.83
CA THR M 1335 -10.01 64.06 7.65
C THR M 1335 -10.39 63.18 6.48
N CYS M 1336 -11.17 63.73 5.58
CA CYS M 1336 -11.59 63.04 4.38
C CYS M 1336 -11.63 64.07 3.27
N ALA M 1337 -11.55 63.61 2.04
CA ALA M 1337 -11.68 64.50 0.92
C ALA M 1337 -12.31 63.73 -0.22
N SER M 1338 -12.79 64.47 -1.19
CA SER M 1338 -13.27 63.87 -2.42
C SER M 1338 -12.16 63.64 -3.45
N ASP M 1339 -10.96 64.17 -3.25
CA ASP M 1339 -9.79 63.92 -4.04
C ASP M 1339 -8.73 63.18 -3.23
N PRO M 1340 -7.88 62.41 -3.90
CA PRO M 1340 -6.64 62.02 -3.24
C PRO M 1340 -5.67 63.18 -3.12
N ALA M 1341 -5.75 64.15 -4.04
CA ALA M 1341 -4.79 65.23 -4.06
C ALA M 1341 -5.11 66.30 -3.03
N LEU M 1342 -6.37 66.54 -2.76
CA LEU M 1342 -6.69 67.40 -1.64
C LEU M 1342 -6.32 66.70 -0.36
N LEU M 1343 -6.53 65.38 -0.32
CA LEU M 1343 -6.22 64.63 0.89
C LEU M 1343 -4.72 64.61 1.16
N ARG M 1344 -3.92 64.32 0.12
CA ARG M 1344 -2.47 64.41 0.26
C ARG M 1344 -2.05 65.75 0.81
N SER M 1345 -2.73 66.79 0.50
CA SER M 1345 -2.42 68.08 1.03
C SER M 1345 -2.64 68.04 2.47
N ALA M 1346 -3.63 67.30 2.87
CA ALA M 1346 -4.10 67.18 4.22
C ALA M 1346 -3.18 66.58 5.17
N ARG M 1347 -2.10 65.96 4.72
CA ARG M 1347 -1.15 65.32 5.60
C ARG M 1347 0.03 66.09 5.97
N ASP M 1348 0.18 67.29 5.44
CA ASP M 1348 1.27 68.14 5.87
C ASP M 1348 0.91 68.55 7.28
N GLY M 1349 -0.36 68.86 7.44
CA GLY M 1349 -1.00 69.31 8.67
C GLY M 1349 -2.04 70.21 8.04
N GLU M 1350 -2.96 70.81 8.78
CA GLU M 1350 -3.96 71.65 8.14
C GLU M 1350 -3.63 72.99 7.59
N ALA M 1351 -2.56 73.56 8.02
CA ALA M 1351 -2.16 74.86 7.54
C ALA M 1351 -2.40 74.97 6.04
N HIS M 1352 -1.63 74.22 5.26
CA HIS M 1352 -1.67 74.30 3.80
C HIS M 1352 -2.62 73.31 3.18
N ALA M 1353 -3.41 72.60 3.98
CA ALA M 1353 -4.47 71.79 3.43
C ALA M 1353 -5.31 72.59 2.44
N ARG M 1354 -5.61 71.98 1.30
CA ARG M 1354 -6.56 72.55 0.37
C ARG M 1354 -7.95 72.31 0.92
N GLU M 1355 -8.69 73.36 1.22
CA GLU M 1355 -10.04 73.08 1.69
C GLU M 1355 -11.02 72.88 0.55
N THR M 1356 -10.77 73.46 -0.62
CA THR M 1356 -11.63 73.26 -1.77
C THR M 1356 -10.81 73.44 -3.03
N HIS M 1357 -11.10 72.63 -4.06
CA HIS M 1357 -10.64 72.89 -5.42
C HIS M 1357 -11.77 72.61 -6.38
N PHE M 1358 -12.37 73.67 -6.93
CA PHE M 1358 -13.52 73.56 -7.83
C PHE M 1358 -14.62 72.82 -7.09
N THR M 1359 -15.15 71.73 -7.61
CA THR M 1359 -16.21 71.01 -6.95
C THR M 1359 -15.70 70.04 -5.91
N GLN M 1360 -14.40 69.97 -5.72
CA GLN M 1360 -13.75 69.04 -4.83
C GLN M 1360 -13.53 69.73 -3.49
N TYR M 1361 -13.89 69.06 -2.41
CA TYR M 1361 -13.78 69.66 -1.10
C TYR M 1361 -12.91 68.81 -0.21
N LEU M 1362 -12.44 69.40 0.87
CA LEU M 1362 -11.74 68.68 1.91
C LEU M 1362 -12.35 69.02 3.25
N ILE M 1363 -12.59 67.99 4.02
CA ILE M 1363 -13.01 68.12 5.41
C ILE M 1363 -11.88 67.64 6.28
N TYR M 1364 -11.47 68.47 7.21
CA TYR M 1364 -10.37 68.13 8.08
C TYR M 1364 -10.94 67.68 9.42
N ASP M 1365 -10.05 67.17 10.28
CA ASP M 1365 -10.42 66.47 11.48
C ASP M 1365 -10.76 67.45 12.58
N ALA M 1366 -11.97 67.40 13.07
CA ALA M 1366 -12.35 68.07 14.32
C ALA M 1366 -13.02 67.01 15.17
N SER M 1367 -12.37 66.59 16.23
CA SER M 1367 -12.69 65.34 16.90
C SER M 1367 -11.83 65.23 18.14
N PRO M 1368 -12.25 64.45 19.14
CA PRO M 1368 -11.43 64.31 20.34
C PRO M 1368 -10.03 63.84 20.07
N LEU M 1369 -9.80 63.24 18.91
CA LEU M 1369 -8.54 62.62 18.56
C LEU M 1369 -7.61 63.56 17.84
N LYS M 1370 -8.06 64.75 17.44
CA LYS M 1370 -7.21 65.68 16.72
C LYS M 1370 -5.97 65.98 17.54
N GLY M 1371 -4.82 65.91 16.91
CA GLY M 1371 -3.59 66.15 17.60
C GLY M 1371 -2.95 64.93 18.20
N LEU M 1372 -3.71 63.86 18.36
CA LEU M 1372 -3.14 62.56 18.64
C LEU M 1372 -2.58 61.99 17.33
N SER M 1373 -1.97 60.82 17.40
CA SER M 1373 -1.30 60.27 16.23
C SER M 1373 -2.16 59.20 15.58
N LEU M 1374 -2.34 58.09 16.29
CA LEU M 1374 -3.13 56.94 15.86
C LEU M 1374 -4.21 57.22 14.81
N ARG N 6 -56.47 49.60 53.44
CA ARG N 6 -55.11 49.44 53.93
C ARG N 6 -54.65 47.99 53.81
N ASP N 7 -53.34 47.80 53.86
CA ASP N 7 -52.75 46.47 53.96
C ASP N 7 -52.13 46.33 55.34
N PRO N 8 -52.67 45.48 56.21
CA PRO N 8 -52.22 45.43 57.59
C PRO N 8 -50.75 45.08 57.68
N PRO N 9 -49.99 45.78 58.53
CA PRO N 9 -48.53 45.67 58.51
C PRO N 9 -47.98 44.51 59.33
N GLY N 10 -48.52 43.32 59.11
CA GLY N 10 -47.90 42.11 59.58
C GLY N 10 -48.10 41.87 61.07
N TYR N 11 -47.91 40.62 61.45
CA TYR N 11 -47.90 40.17 62.83
C TYR N 11 -46.45 40.13 63.27
N ARG N 12 -46.21 40.49 64.50
CA ARG N 12 -44.85 40.66 64.97
C ARG N 12 -44.46 39.42 65.75
N TYR N 13 -43.91 38.47 65.00
CA TYR N 13 -43.50 37.20 65.54
C TYR N 13 -42.30 37.77 66.12
N ALA N 14 -41.69 37.04 67.02
CA ALA N 14 -40.49 37.53 67.67
C ALA N 14 -40.72 38.40 68.83
N ALA N 15 -41.98 38.61 69.13
CA ALA N 15 -42.52 39.32 70.29
C ALA N 15 -43.65 38.46 70.79
N ALA N 16 -43.97 37.40 70.07
CA ALA N 16 -44.98 36.47 70.36
C ALA N 16 -44.26 35.42 71.15
N MET N 17 -42.97 35.58 71.38
CA MET N 17 -42.26 34.64 72.24
C MET N 17 -42.36 35.04 73.70
N VAL N 18 -42.48 36.33 73.98
CA VAL N 18 -42.87 36.75 75.32
C VAL N 18 -44.27 37.34 75.22
N PRO N 19 -45.30 36.60 75.60
CA PRO N 19 -46.64 37.17 75.66
C PRO N 19 -46.83 37.94 76.95
N THR N 20 -47.75 38.90 76.91
CA THR N 20 -48.11 39.61 78.11
C THR N 20 -49.20 38.92 78.91
N GLY N 21 -49.85 37.92 78.33
CA GLY N 21 -50.95 37.27 78.98
C GLY N 21 -51.54 36.24 78.05
N SER N 22 -52.45 35.45 78.60
CA SER N 22 -52.96 34.29 77.91
C SER N 22 -54.41 34.50 77.52
N ILE N 23 -54.81 33.82 76.46
CA ILE N 23 -56.19 33.84 76.00
C ILE N 23 -56.93 32.71 76.69
N LEU N 24 -58.08 33.02 77.28
CA LEU N 24 -58.81 32.06 78.08
C LEU N 24 -59.92 31.35 77.32
N SER N 25 -60.15 31.66 76.07
CA SER N 25 -61.24 31.06 75.33
C SER N 25 -60.70 30.18 74.21
N THR N 26 -61.36 29.05 74.00
CA THR N 26 -61.06 28.13 72.91
C THR N 26 -62.23 28.19 71.93
N ILE N 27 -61.99 28.81 70.78
CA ILE N 27 -63.01 28.93 69.75
C ILE N 27 -62.29 28.85 68.42
N GLU N 28 -63.05 28.57 67.37
CA GLU N 28 -62.53 28.73 66.02
C GLU N 28 -62.62 30.20 65.66
N VAL N 29 -61.46 30.82 65.41
CA VAL N 29 -61.41 32.26 65.22
C VAL N 29 -61.81 32.68 63.82
N ALA N 30 -61.63 31.82 62.82
CA ALA N 30 -61.95 32.18 61.46
C ALA N 30 -63.38 32.66 61.31
N SER N 31 -64.28 32.24 62.21
CA SER N 31 -65.64 32.78 62.19
C SER N 31 -65.66 34.23 62.61
N HIS N 32 -64.76 34.62 63.50
CA HIS N 32 -64.67 35.96 64.04
C HIS N 32 -63.71 36.85 63.26
N ARG N 33 -63.34 36.42 62.06
CA ARG N 33 -62.36 37.06 61.19
C ARG N 33 -62.52 38.57 61.07
N ARG N 34 -63.75 39.06 61.26
CA ARG N 34 -64.03 40.48 61.11
C ARG N 34 -63.57 41.32 62.30
N LEU N 35 -63.41 40.71 63.48
CA LEU N 35 -62.95 41.50 64.62
C LEU N 35 -61.53 41.99 64.45
N PHE N 36 -60.74 41.35 63.62
CA PHE N 36 -59.31 41.60 63.59
C PHE N 36 -58.91 42.44 62.40
N ASP N 37 -57.64 42.82 62.39
CA ASP N 37 -57.10 43.72 61.40
C ASP N 37 -56.17 42.98 60.46
N PHE N 38 -55.05 42.49 60.99
CA PHE N 38 -54.30 41.42 60.37
C PHE N 38 -54.81 40.11 60.94
N PHE N 39 -55.23 39.21 60.07
CA PHE N 39 -55.53 37.83 60.44
C PHE N 39 -54.92 36.96 59.37
N ALA N 40 -54.03 36.06 59.77
CA ALA N 40 -53.51 35.04 58.87
C ALA N 40 -53.41 33.75 59.66
N ARG N 41 -54.06 32.68 59.21
CA ARG N 41 -53.92 31.41 59.89
C ARG N 41 -53.06 30.46 59.08
N VAL N 42 -52.06 29.90 59.70
CA VAL N 42 -51.14 28.97 59.12
C VAL N 42 -51.68 27.60 59.36
N ARG N 43 -51.21 26.59 58.64
CA ARG N 43 -51.63 25.22 58.87
C ARG N 43 -50.31 24.51 59.04
N SER N 44 -50.06 23.96 60.21
CA SER N 44 -48.80 23.32 60.44
C SER N 44 -47.76 24.43 60.46
N ASP N 45 -47.00 24.59 59.38
CA ASP N 45 -45.93 25.58 59.36
C ASP N 45 -45.89 26.44 58.11
N GLU N 46 -45.21 27.59 58.19
CA GLU N 46 -45.01 28.40 57.00
C GLU N 46 -43.59 28.97 57.06
N ASN N 47 -43.12 29.43 55.90
CA ASN N 47 -41.80 30.06 55.88
C ASN N 47 -41.82 31.46 56.45
N SER N 48 -42.96 32.14 56.42
CA SER N 48 -43.04 33.50 56.92
C SER N 48 -42.96 33.58 58.43
N LEU N 49 -43.11 32.48 59.14
CA LEU N 49 -42.94 32.53 60.57
C LEU N 49 -41.51 32.85 60.94
N TYR N 50 -40.56 32.44 60.11
CA TYR N 50 -39.14 32.56 60.36
C TYR N 50 -38.50 33.71 59.63
N ASP N 51 -39.25 34.45 58.83
CA ASP N 51 -38.66 35.54 58.07
C ASP N 51 -38.22 36.64 59.02
N VAL N 52 -36.94 36.95 59.02
CA VAL N 52 -36.36 38.00 59.85
C VAL N 52 -35.72 39.00 58.92
N GLU N 53 -36.30 40.19 58.84
CA GLU N 53 -35.67 41.28 58.11
C GLU N 53 -35.58 42.48 59.03
N PHE N 54 -34.92 43.52 58.55
CA PHE N 54 -34.81 44.77 59.29
C PHE N 54 -34.26 45.80 58.33
N ASP N 55 -34.13 47.03 58.80
CA ASP N 55 -33.48 48.06 58.02
C ASP N 55 -32.76 49.01 58.95
N ALA N 56 -31.60 49.44 58.54
CA ALA N 56 -30.88 50.23 59.46
C ALA N 56 -30.31 51.49 58.99
N LEU N 57 -30.28 52.43 59.92
CA LEU N 57 -29.50 53.65 59.79
C LEU N 57 -28.04 53.38 60.02
N LEU N 58 -27.24 53.55 59.00
CA LEU N 58 -25.82 53.25 59.09
C LEU N 58 -24.99 54.48 59.37
N GLY N 59 -25.61 55.63 59.54
CA GLY N 59 -24.88 56.81 59.98
C GLY N 59 -25.69 58.05 59.74
N SER N 60 -25.27 59.11 60.42
CA SER N 60 -25.84 60.44 60.24
C SER N 60 -24.70 61.43 60.28
N TYR N 61 -24.54 62.20 59.21
CA TYR N 61 -23.38 63.06 59.03
C TYR N 61 -23.83 64.50 58.96
N CYS N 62 -23.31 65.33 59.84
CA CYS N 62 -23.71 66.72 59.84
C CYS N 62 -22.59 67.58 59.30
N ASN N 63 -22.87 68.87 59.28
CA ASN N 63 -22.04 69.88 58.67
C ASN N 63 -21.80 70.94 59.72
N THR N 64 -20.57 71.42 59.85
CA THR N 64 -20.28 72.49 60.77
C THR N 64 -20.34 73.80 60.01
N LEU N 65 -21.36 74.60 60.28
CA LEU N 65 -21.44 75.94 59.74
C LEU N 65 -20.22 76.71 60.18
N SER N 66 -19.51 77.29 59.23
CA SER N 66 -18.25 77.98 59.49
C SER N 66 -18.53 79.47 59.65
N LEU N 67 -18.03 80.05 60.73
CA LEU N 67 -18.25 81.45 61.04
C LEU N 67 -16.98 82.23 60.74
N VAL N 68 -17.08 83.18 59.81
CA VAL N 68 -15.98 83.98 59.35
C VAL N 68 -16.05 85.31 60.01
N ARG N 69 -14.91 85.96 60.16
CA ARG N 69 -14.87 87.18 60.89
C ARG N 69 -14.60 88.55 60.31
N PHE N 70 -14.03 88.68 59.13
CA PHE N 70 -13.74 90.00 58.58
C PHE N 70 -12.85 90.92 59.39
N LEU N 71 -12.24 90.46 60.45
CA LEU N 71 -11.34 91.37 61.12
C LEU N 71 -10.15 90.52 60.77
N GLU N 72 -10.38 89.22 60.59
CA GLU N 72 -9.37 88.31 60.10
C GLU N 72 -9.70 88.09 58.64
N LEU N 73 -9.03 88.81 57.77
CA LEU N 73 -9.20 88.74 56.32
C LEU N 73 -8.14 89.62 55.69
N GLY N 74 -8.18 89.71 54.38
CA GLY N 74 -7.38 90.70 53.71
C GLY N 74 -8.05 92.03 53.58
N LEU N 75 -9.38 92.04 53.46
CA LEU N 75 -10.08 93.27 53.12
C LEU N 75 -10.04 94.30 54.23
N SER N 76 -9.93 93.88 55.48
CA SER N 76 -10.06 94.84 56.57
C SER N 76 -8.91 95.82 56.62
N VAL N 77 -7.81 95.57 55.91
CA VAL N 77 -6.80 96.61 55.81
C VAL N 77 -7.33 97.77 55.02
N ALA N 78 -8.34 97.55 54.19
CA ALA N 78 -8.82 98.50 53.20
C ALA N 78 -9.83 99.47 53.76
N CYS N 79 -10.06 99.44 55.06
CA CYS N 79 -11.09 100.25 55.68
C CYS N 79 -10.71 100.55 57.12
N VAL N 80 -11.17 101.68 57.63
CA VAL N 80 -11.06 101.98 59.03
C VAL N 80 -12.45 101.85 59.61
N CYS N 81 -12.73 100.70 60.21
CA CYS N 81 -14.02 100.40 60.82
C CYS N 81 -14.13 101.03 62.19
N THR N 82 -15.29 101.61 62.48
CA THR N 82 -15.62 102.04 63.83
C THR N 82 -17.03 101.59 64.14
N LYS N 83 -17.39 101.66 65.42
CA LYS N 83 -18.75 101.41 65.88
C LYS N 83 -19.34 102.71 66.38
N PHE N 84 -20.28 103.25 65.63
CA PHE N 84 -21.02 104.42 66.07
C PHE N 84 -22.44 103.92 66.35
N PRO N 85 -22.80 103.68 67.61
CA PRO N 85 -24.13 103.11 67.91
C PRO N 85 -25.27 104.08 67.69
N GLU N 86 -24.98 105.37 67.54
CA GLU N 86 -26.00 106.38 67.34
C GLU N 86 -26.26 106.69 65.87
N LEU N 87 -25.73 105.92 64.93
CA LEU N 87 -26.12 106.09 63.54
C LEU N 87 -27.63 106.18 63.39
N ALA N 88 -28.37 105.38 64.16
CA ALA N 88 -29.82 105.41 64.09
C ALA N 88 -30.37 106.81 64.34
N TYR N 89 -29.73 107.57 65.20
CA TYR N 89 -30.19 108.89 65.59
C TYR N 89 -29.61 110.01 64.75
N MET N 90 -28.83 109.66 63.74
CA MET N 90 -28.13 110.62 62.92
C MET N 90 -28.80 111.04 61.66
N ASN N 91 -28.37 112.17 61.15
CA ASN N 91 -28.90 112.66 59.94
C ASN N 91 -27.78 112.65 58.92
N GLU N 92 -26.97 113.68 58.92
CA GLU N 92 -25.91 113.79 57.95
C GLU N 92 -24.58 113.88 58.61
N GLY N 93 -23.64 113.06 58.15
CA GLY N 93 -22.31 113.03 58.67
C GLY N 93 -21.42 113.47 57.56
N ARG N 94 -20.32 114.12 57.90
CA ARG N 94 -19.39 114.62 56.92
C ARG N 94 -17.99 114.48 57.43
N VAL N 95 -17.03 114.50 56.54
CA VAL N 95 -15.64 114.45 56.94
C VAL N 95 -15.05 115.58 56.12
N GLN N 96 -14.03 116.27 56.60
CA GLN N 96 -13.48 117.32 55.79
C GLN N 96 -12.03 117.15 55.53
N PHE N 97 -11.59 117.49 54.34
CA PHE N 97 -10.22 117.36 54.00
C PHE N 97 -9.79 118.70 53.63
N GLU N 98 -8.62 119.10 54.08
CA GLU N 98 -8.08 120.36 53.74
C GLU N 98 -6.72 119.98 53.30
N VAL N 99 -6.41 120.21 52.07
CA VAL N 99 -5.14 119.87 51.43
C VAL N 99 -4.51 121.15 50.90
N HIS N 100 -3.25 121.38 51.25
CA HIS N 100 -2.53 122.61 50.97
C HIS N 100 -1.47 122.33 49.92
N GLN N 101 -1.38 123.18 48.93
CA GLN N 101 -0.54 122.72 47.85
C GLN N 101 0.74 123.54 47.75
N PRO N 102 1.82 122.89 47.39
CA PRO N 102 3.14 123.52 47.41
C PRO N 102 3.36 124.37 46.17
N LEU N 103 4.55 124.93 46.09
CA LEU N 103 4.77 126.05 45.20
C LEU N 103 6.20 126.01 44.68
N ILE N 104 6.42 126.61 43.53
CA ILE N 104 7.76 126.77 42.97
C ILE N 104 7.94 128.22 42.53
N ALA N 105 9.04 128.83 42.97
CA ALA N 105 9.42 130.15 42.48
C ALA N 105 10.08 130.00 41.14
N ARG N 106 9.87 130.95 40.24
CA ARG N 106 10.43 130.74 38.91
C ARG N 106 10.71 132.06 38.22
N ASP N 107 11.73 132.03 37.37
CA ASP N 107 12.26 133.16 36.63
C ASP N 107 11.39 133.51 35.43
N GLY N 108 11.60 134.72 34.91
CA GLY N 108 11.13 135.09 33.61
C GLY N 108 9.63 135.29 33.62
N PRO N 109 9.06 135.87 32.58
CA PRO N 109 7.63 136.10 32.72
C PRO N 109 6.71 134.92 32.55
N HIS N 110 6.18 134.60 33.71
CA HIS N 110 5.19 133.61 33.96
C HIS N 110 4.63 134.46 35.06
N PRO N 111 3.27 134.75 35.08
CA PRO N 111 2.87 135.60 36.22
C PRO N 111 3.18 134.93 37.56
N VAL N 112 3.63 135.66 38.56
CA VAL N 112 3.97 135.05 39.83
C VAL N 112 2.80 134.29 40.39
N GLU N 113 3.06 133.06 40.80
CA GLU N 113 2.10 132.14 41.38
C GLU N 113 2.25 132.10 42.88
N GLN N 114 1.14 131.92 43.58
CA GLN N 114 1.08 131.97 45.02
C GLN N 114 0.41 130.70 45.57
N PRO N 115 0.34 130.51 46.90
CA PRO N 115 -0.16 129.24 47.42
C PRO N 115 -1.65 129.09 47.22
N VAL N 116 -2.09 127.85 47.04
CA VAL N 116 -3.52 127.54 46.95
C VAL N 116 -3.85 126.52 48.03
N HIS N 117 -5.00 126.68 48.66
CA HIS N 117 -5.41 125.78 49.68
C HIS N 117 -6.77 125.35 49.27
N ASN N 118 -7.14 124.07 49.31
CA ASN N 118 -8.48 123.67 48.90
C ASN N 118 -9.12 123.10 50.09
N TYR N 119 -10.42 123.27 50.25
CA TYR N 119 -11.21 122.81 51.38
C TYR N 119 -12.33 122.01 50.84
N MET N 120 -12.61 120.87 51.39
CA MET N 120 -13.62 119.99 50.85
C MET N 120 -14.35 119.38 51.96
N THR N 121 -15.45 118.69 51.68
CA THR N 121 -16.35 118.08 52.68
C THR N 121 -16.60 116.59 52.55
N LYS N 122 -17.27 116.14 51.49
CA LYS N 122 -17.68 114.73 51.35
C LYS N 122 -18.66 114.17 52.38
N VAL N 123 -19.95 114.52 52.27
CA VAL N 123 -20.99 113.92 53.10
C VAL N 123 -21.05 112.39 52.94
N ILE N 124 -21.48 111.71 54.02
CA ILE N 124 -21.51 110.26 54.17
C ILE N 124 -22.79 109.68 53.60
N ASP N 125 -22.69 108.51 52.96
CA ASP N 125 -23.87 107.81 52.47
C ASP N 125 -24.12 106.54 53.24
N ARG N 126 -25.39 106.27 53.51
CA ARG N 126 -25.79 105.32 54.53
C ARG N 126 -26.59 104.18 53.93
N ARG N 127 -26.38 102.99 54.47
CA ARG N 127 -27.05 101.78 54.05
C ARG N 127 -27.51 101.03 55.28
N ALA N 128 -28.11 99.87 55.05
CA ALA N 128 -28.47 98.97 56.14
C ALA N 128 -28.45 97.55 55.61
N LEU N 129 -27.99 96.62 56.42
CA LEU N 129 -28.00 95.22 56.04
C LEU N 129 -29.17 94.51 56.69
N ASN N 130 -29.72 93.53 55.99
CA ASN N 130 -30.90 92.82 56.45
C ASN N 130 -30.71 91.33 56.30
N ALA N 131 -30.76 90.61 57.41
CA ALA N 131 -30.94 89.18 57.44
C ALA N 131 -32.21 88.88 58.22
N ALA N 132 -32.53 87.61 58.37
CA ALA N 132 -33.74 87.21 59.08
C ALA N 132 -33.76 85.70 59.20
N PHE N 133 -34.60 85.23 60.12
CA PHE N 133 -34.87 83.81 60.23
C PHE N 133 -36.30 83.65 60.72
N SER N 134 -36.73 82.41 60.78
CA SER N 134 -38.09 82.09 61.16
C SER N 134 -38.09 81.18 62.36
N LEU N 135 -39.22 81.20 63.05
CA LEU N 135 -39.45 80.38 64.22
C LEU N 135 -40.80 79.72 64.00
N ALA N 136 -40.84 78.41 63.89
CA ALA N 136 -42.05 77.77 63.44
C ALA N 136 -43.12 77.86 64.51
N THR N 137 -44.33 77.43 64.17
CA THR N 137 -45.42 77.62 65.10
C THR N 137 -45.46 76.53 66.15
N GLU N 138 -44.84 75.39 65.90
CA GLU N 138 -44.71 74.36 66.92
C GLU N 138 -43.48 74.57 67.78
N ALA N 139 -42.52 75.38 67.34
CA ALA N 139 -41.39 75.74 68.18
C ALA N 139 -41.74 76.88 69.14
N ILE N 140 -42.50 77.86 68.67
CA ILE N 140 -43.00 78.92 69.54
C ILE N 140 -43.79 78.32 70.70
N ALA N 141 -44.38 77.16 70.49
CA ALA N 141 -45.04 76.48 71.59
C ALA N 141 -44.00 75.93 72.56
N LEU N 142 -43.15 75.03 72.08
CA LEU N 142 -42.14 74.41 72.90
C LEU N 142 -41.24 75.44 73.59
N LEU N 143 -40.77 76.43 72.83
CA LEU N 143 -39.81 77.37 73.41
C LEU N 143 -40.43 78.19 74.52
N THR N 144 -41.73 78.44 74.46
CA THR N 144 -42.43 79.13 75.54
C THR N 144 -42.93 78.17 76.61
N GLY N 145 -42.65 76.88 76.47
CA GLY N 145 -43.17 75.90 77.40
C GLY N 145 -44.66 75.72 77.26
N GLU N 146 -45.23 76.32 76.20
CA GLU N 146 -46.67 76.28 76.01
C GLU N 146 -47.16 74.84 75.87
N ALA N 147 -46.54 74.06 75.00
CA ALA N 147 -46.82 72.63 74.96
C ALA N 147 -45.61 71.93 75.55
N LEU N 148 -45.69 71.65 76.84
CA LEU N 148 -44.76 70.76 77.52
C LEU N 148 -45.60 70.08 78.59
N ASP N 149 -45.86 68.78 78.42
CA ASP N 149 -46.61 67.97 79.36
C ASP N 149 -45.75 67.04 80.21
N GLY N 150 -44.45 67.23 80.16
CA GLY N 150 -43.53 66.45 80.94
C GLY N 150 -43.09 65.11 80.40
N THR N 151 -43.61 64.73 79.26
CA THR N 151 -43.24 63.46 78.68
C THR N 151 -41.81 63.57 78.24
N GLY N 152 -41.11 62.45 78.20
CA GLY N 152 -39.75 62.47 77.72
C GLY N 152 -39.82 62.96 76.29
N ILE N 153 -40.94 62.67 75.64
CA ILE N 153 -41.19 63.03 74.28
C ILE N 153 -41.24 64.49 74.00
N SER N 154 -41.78 65.27 74.92
CA SER N 154 -41.92 66.71 74.76
C SER N 154 -40.71 67.46 75.30
N LEU N 155 -40.00 66.89 76.26
CA LEU N 155 -38.69 67.45 76.60
C LEU N 155 -37.72 67.30 75.45
N HIS N 156 -37.88 66.26 74.64
CA HIS N 156 -36.98 66.04 73.53
C HIS N 156 -37.31 66.94 72.36
N ARG N 157 -38.59 67.05 72.00
CA ARG N 157 -38.87 67.92 70.87
C ARG N 157 -38.76 69.39 71.23
N GLN N 158 -38.74 69.73 72.52
CA GLN N 158 -38.36 71.09 72.90
C GLN N 158 -36.88 71.31 72.70
N LEU N 159 -36.06 70.42 73.23
CA LEU N 159 -34.63 70.42 72.98
C LEU N 159 -34.32 70.47 71.50
N ARG N 160 -35.12 69.78 70.70
CA ARG N 160 -34.98 69.86 69.26
C ARG N 160 -35.21 71.28 68.77
N ALA N 161 -36.19 71.97 69.35
CA ALA N 161 -36.53 73.32 68.92
C ALA N 161 -35.49 74.35 69.33
N ILE N 162 -34.84 74.13 70.47
CA ILE N 162 -33.80 75.05 70.92
C ILE N 162 -32.60 74.96 70.02
N GLN N 163 -32.19 73.75 69.67
CA GLN N 163 -31.02 73.59 68.83
C GLN N 163 -31.23 74.13 67.43
N GLN N 164 -32.47 74.21 66.97
CA GLN N 164 -32.72 74.82 65.67
C GLN N 164 -32.71 76.34 65.77
N LEU N 165 -33.18 76.89 66.88
CA LEU N 165 -33.06 78.32 67.13
C LEU N 165 -31.61 78.75 67.20
N ALA N 166 -30.84 78.12 68.09
CA ALA N 166 -29.42 78.41 68.18
C ALA N 166 -28.73 78.18 66.85
N ARG N 167 -29.33 77.35 66.00
CA ARG N 167 -28.77 77.10 64.68
C ARG N 167 -29.00 78.29 63.76
N ASN N 168 -30.19 78.87 63.79
CA ASN N 168 -30.51 79.99 62.92
C ASN N 168 -29.95 81.30 63.44
N VAL N 169 -29.90 81.47 64.76
CA VAL N 169 -29.32 82.68 65.32
C VAL N 169 -27.84 82.74 64.97
N GLN N 170 -27.17 81.60 64.98
CA GLN N 170 -25.76 81.57 64.66
C GLN N 170 -25.53 81.84 63.18
N ALA N 171 -26.48 81.48 62.33
CA ALA N 171 -26.33 81.71 60.90
C ALA N 171 -26.53 83.17 60.56
N VAL N 172 -27.52 83.83 61.18
CA VAL N 172 -27.82 85.20 60.79
C VAL N 172 -26.91 86.21 61.46
N LEU N 173 -26.17 85.81 62.49
CA LEU N 173 -25.15 86.71 63.00
C LEU N 173 -23.90 86.67 62.13
N GLY N 174 -23.52 85.49 61.65
CA GLY N 174 -22.43 85.42 60.71
C GLY N 174 -22.75 86.03 59.36
N ALA N 175 -24.02 86.31 59.09
CA ALA N 175 -24.39 86.98 57.85
C ALA N 175 -23.87 88.40 57.80
N PHE N 176 -23.80 89.06 58.95
CA PHE N 176 -23.27 90.42 59.01
C PHE N 176 -21.77 90.44 59.00
N GLU N 177 -21.12 89.31 59.27
CA GLU N 177 -19.69 89.23 59.02
C GLU N 177 -19.41 88.94 57.56
N ARG N 178 -20.17 88.05 56.94
CA ARG N 178 -20.02 87.83 55.51
C ARG N 178 -20.54 89.02 54.72
N GLY N 179 -21.59 89.67 55.22
CA GLY N 179 -22.15 90.81 54.52
C GLY N 179 -21.36 92.07 54.66
N THR N 180 -20.56 92.21 55.71
CA THR N 180 -19.59 93.28 55.80
C THR N 180 -18.58 93.19 54.66
N ALA N 181 -17.96 92.03 54.50
CA ALA N 181 -16.98 91.84 53.43
C ALA N 181 -17.62 92.04 52.06
N ASP N 182 -18.74 91.38 51.81
CA ASP N 182 -19.38 91.47 50.50
C ASP N 182 -19.78 92.90 50.18
N GLN N 183 -20.18 93.66 51.17
CA GLN N 183 -20.53 95.04 50.93
C GLN N 183 -19.29 95.92 50.83
N MET N 184 -18.20 95.53 51.50
CA MET N 184 -16.95 96.23 51.32
C MET N 184 -16.52 96.21 49.87
N LEU N 185 -16.57 95.04 49.23
CA LEU N 185 -16.20 94.96 47.83
C LEU N 185 -16.98 95.96 47.01
N HIS N 186 -18.31 95.88 47.05
CA HIS N 186 -19.13 96.72 46.20
C HIS N 186 -18.75 98.19 46.27
N VAL N 187 -18.34 98.68 47.44
CA VAL N 187 -18.00 100.10 47.50
C VAL N 187 -16.60 100.35 46.97
N LEU N 188 -15.72 99.36 47.06
CA LEU N 188 -14.44 99.46 46.34
C LEU N 188 -14.61 99.32 44.84
N LEU N 189 -15.44 98.44 44.34
CA LEU N 189 -15.51 98.31 42.89
C LEU N 189 -16.21 99.43 42.17
N GLU N 190 -16.87 100.29 42.89
CA GLU N 190 -17.60 101.36 42.28
C GLU N 190 -16.79 102.61 42.25
N LYS N 191 -15.58 102.56 42.76
CA LYS N 191 -14.64 103.65 42.82
C LYS N 191 -13.43 103.45 42.01
N ALA N 192 -13.30 102.28 41.46
CA ALA N 192 -12.14 101.81 40.90
C ALA N 192 -12.22 101.95 39.43
N PRO N 193 -11.43 102.83 38.84
CA PRO N 193 -11.47 102.90 37.40
C PRO N 193 -10.75 101.75 36.79
N PRO N 194 -11.10 101.34 35.52
CA PRO N 194 -10.28 100.25 34.99
C PRO N 194 -8.83 100.66 34.81
N LEU N 195 -7.88 99.81 35.09
CA LEU N 195 -6.48 100.17 34.95
C LEU N 195 -6.15 100.58 33.54
N ALA N 196 -6.87 100.04 32.56
CA ALA N 196 -6.60 100.43 31.18
C ALA N 196 -6.79 101.92 31.00
N LEU N 197 -7.71 102.51 31.75
CA LEU N 197 -8.02 103.92 31.72
C LEU N 197 -7.29 104.74 32.77
N LEU N 198 -6.44 104.12 33.58
CA LEU N 198 -5.72 104.80 34.64
C LEU N 198 -4.31 105.21 34.24
N LEU N 199 -3.47 104.24 33.97
CA LEU N 199 -2.12 104.55 33.53
C LEU N 199 -2.10 105.66 32.49
N PRO N 200 -2.93 105.65 31.45
CA PRO N 200 -2.97 106.81 30.57
C PRO N 200 -3.43 108.07 31.26
N MET N 201 -4.48 108.04 32.04
CA MET N 201 -5.03 109.22 32.69
C MET N 201 -4.24 109.83 33.76
N GLN N 202 -3.29 109.12 34.30
CA GLN N 202 -2.48 109.61 35.38
C GLN N 202 -1.12 110.12 34.92
N ARG N 203 -0.84 110.16 33.62
CA ARG N 203 0.39 110.72 33.14
C ARG N 203 0.07 112.10 32.65
N TYR N 204 -1.16 112.47 32.90
CA TYR N 204 -1.74 113.78 32.66
C TYR N 204 -2.12 114.46 33.97
N LEU N 205 -2.98 113.83 34.77
CA LEU N 205 -3.56 114.43 35.97
C LEU N 205 -2.57 115.17 36.82
N ASP N 206 -1.68 114.43 37.47
CA ASP N 206 -0.62 115.08 38.20
C ASP N 206 0.64 114.77 37.42
N ASN N 207 1.03 115.75 36.64
CA ASN N 207 2.15 115.84 35.72
C ASN N 207 1.82 117.14 35.02
N GLY N 208 2.76 117.76 34.34
CA GLY N 208 2.47 119.04 33.74
C GLY N 208 2.02 120.07 34.76
N THR N 212 -4.46 123.17 26.83
CA THR N 212 -4.91 121.99 27.55
C THR N 212 -6.01 121.25 26.81
N ARG N 213 -6.51 121.84 25.72
CA ARG N 213 -7.53 121.16 24.94
C ARG N 213 -6.91 120.12 24.00
N VAL N 214 -5.68 120.35 23.57
CA VAL N 214 -4.93 119.38 22.78
C VAL N 214 -4.39 118.28 23.65
N ALA N 215 -3.96 118.62 24.86
CA ALA N 215 -3.61 117.60 25.83
C ALA N 215 -4.79 116.72 26.15
N ARG N 216 -5.99 117.27 26.10
CA ARG N 216 -7.18 116.46 26.34
C ARG N 216 -7.48 115.56 25.16
N ALA N 217 -7.17 116.00 23.94
CA ALA N 217 -7.34 115.15 22.78
C ALA N 217 -6.33 114.03 22.77
N THR N 218 -5.05 114.35 22.91
CA THR N 218 -4.01 113.33 22.92
C THR N 218 -4.16 112.39 24.09
N LEU N 219 -4.77 112.86 25.18
CA LEU N 219 -5.10 111.99 26.29
C LEU N 219 -6.19 111.00 25.93
N VAL N 220 -7.22 111.46 25.25
CA VAL N 220 -8.35 110.61 24.96
C VAL N 220 -7.98 109.59 23.90
N ALA N 221 -7.30 110.04 22.86
CA ALA N 221 -6.93 109.15 21.77
C ALA N 221 -6.10 107.98 22.27
N GLU N 222 -5.28 108.23 23.26
CA GLU N 222 -4.48 107.17 23.85
C GLU N 222 -5.19 106.47 24.99
N LEU N 223 -6.19 107.11 25.56
CA LEU N 223 -7.02 106.47 26.58
C LEU N 223 -7.81 105.33 26.00
N LYS N 224 -8.18 105.45 24.73
CA LYS N 224 -8.94 104.44 24.01
C LYS N 224 -8.05 103.48 23.23
N ARG N 225 -6.78 103.78 23.10
CA ARG N 225 -5.81 102.79 22.66
C ARG N 225 -5.52 101.80 23.75
N SER N 226 -5.01 102.30 24.88
CA SER N 226 -4.62 101.46 26.01
C SER N 226 -5.77 100.72 26.61
N PHE N 227 -7.00 101.03 26.26
CA PHE N 227 -8.07 100.15 26.68
C PHE N 227 -8.11 98.90 25.81
N CYS N 228 -7.99 99.08 24.50
CA CYS N 228 -8.00 97.94 23.60
C CYS N 228 -6.81 97.06 23.87
N ASP N 229 -5.62 97.65 23.99
CA ASP N 229 -4.42 96.90 24.29
C ASP N 229 -4.43 96.17 25.61
N THR N 230 -4.43 96.92 26.70
CA THR N 230 -4.05 96.39 27.99
C THR N 230 -5.19 95.79 28.77
N SER N 231 -6.42 95.88 28.30
CA SER N 231 -7.47 95.15 28.98
C SER N 231 -7.29 93.68 28.68
N PHE N 232 -7.69 92.84 29.63
CA PHE N 232 -7.52 91.40 29.52
C PHE N 232 -6.07 91.03 29.39
N PHE N 233 -5.21 91.80 30.03
CA PHE N 233 -3.79 91.67 29.82
C PHE N 233 -3.28 90.30 30.24
N LEU N 234 -3.86 89.71 31.26
CA LEU N 234 -3.60 88.32 31.57
C LEU N 234 -4.57 87.49 30.75
N GLY N 235 -4.08 86.48 30.08
CA GLY N 235 -4.87 85.84 29.04
C GLY N 235 -4.62 86.41 27.68
N LYS N 236 -3.77 87.41 27.57
CA LYS N 236 -3.43 88.05 26.33
C LYS N 236 -1.91 88.08 26.27
N ALA N 237 -1.31 88.74 27.23
CA ALA N 237 0.13 88.70 27.44
C ALA N 237 0.53 87.64 28.44
N GLY N 238 -0.41 86.81 28.87
CA GLY N 238 -0.19 85.93 30.01
C GLY N 238 0.96 84.98 29.87
N HIS N 239 1.41 84.69 28.66
CA HIS N 239 2.50 83.74 28.52
C HIS N 239 3.85 84.37 28.83
N ARG N 240 4.08 85.59 28.37
CA ARG N 240 5.36 86.26 28.59
C ARG N 240 5.35 86.99 29.93
N ARG N 241 6.23 86.59 30.82
CA ARG N 241 6.07 86.86 32.24
C ARG N 241 6.85 88.06 32.76
N GLU N 242 7.66 88.71 31.94
CA GLU N 242 8.17 90.01 32.33
C GLU N 242 7.16 91.10 32.05
N ALA N 243 6.19 90.82 31.19
CA ALA N 243 5.11 91.77 30.94
C ALA N 243 4.08 91.72 32.05
N ILE N 244 3.80 90.55 32.60
CA ILE N 244 2.86 90.45 33.69
C ILE N 244 3.41 91.12 34.93
N GLU N 245 4.67 90.79 35.28
CA GLU N 245 5.32 91.44 36.40
C GLU N 245 5.27 92.93 36.27
N ALA N 246 5.66 93.45 35.11
CA ALA N 246 5.65 94.88 34.89
C ALA N 246 4.24 95.42 34.97
N TRP N 247 3.26 94.63 34.55
CA TRP N 247 1.87 95.05 34.66
C TRP N 247 1.41 95.08 36.10
N LEU N 248 1.81 94.09 36.86
CA LEU N 248 1.28 93.89 38.18
C LEU N 248 1.93 94.83 39.19
N VAL N 249 3.10 95.37 38.88
CA VAL N 249 3.64 96.51 39.62
C VAL N 249 3.06 97.82 39.11
N ASP N 250 2.53 97.84 37.88
CA ASP N 250 1.76 99.01 37.43
C ASP N 250 0.46 99.11 38.19
N LEU N 251 -0.22 98.00 38.37
CA LEU N 251 -1.52 97.99 39.04
C LEU N 251 -1.40 98.49 40.47
N THR N 252 -0.37 98.04 41.16
CA THR N 252 -0.20 98.34 42.57
C THR N 252 0.32 99.74 42.82
N THR N 253 1.09 100.27 41.88
CA THR N 253 1.70 101.58 42.01
C THR N 253 0.91 102.69 41.31
N ALA N 254 -0.29 102.40 40.82
CA ALA N 254 -1.09 103.38 40.09
C ALA N 254 -2.00 104.20 40.98
N THR N 255 -1.95 104.04 42.29
CA THR N 255 -2.89 104.76 43.14
C THR N 255 -2.33 105.65 44.25
N GLN N 256 -3.16 106.48 44.81
CA GLN N 256 -2.72 107.44 45.77
C GLN N 256 -2.97 106.94 47.15
N PRO N 257 -1.90 106.95 48.01
CA PRO N 257 -2.18 106.45 49.36
C PRO N 257 -3.19 107.37 49.96
N SER N 258 -3.96 106.92 50.92
CA SER N 258 -5.05 107.71 51.45
C SER N 258 -5.17 108.64 52.62
N VAL N 259 -4.93 108.18 53.84
CA VAL N 259 -4.98 109.04 55.01
C VAL N 259 -4.08 108.22 55.91
N ALA N 260 -3.61 108.79 57.00
CA ALA N 260 -2.77 108.07 57.91
C ALA N 260 -3.62 107.70 59.10
N VAL N 261 -3.78 106.40 59.31
CA VAL N 261 -4.59 105.89 60.40
C VAL N 261 -3.71 105.04 61.28
N PRO N 262 -3.27 105.57 62.40
CA PRO N 262 -2.44 104.79 63.32
C PRO N 262 -3.15 103.63 63.97
N ARG N 263 -4.48 103.62 63.98
CA ARG N 263 -5.16 102.56 64.70
C ARG N 263 -5.01 101.22 64.00
N LEU N 264 -5.00 101.22 62.66
CA LEU N 264 -4.88 99.95 61.92
C LEU N 264 -3.50 99.51 61.50
N THR N 265 -2.99 98.61 62.32
CA THR N 265 -1.67 98.06 62.33
C THR N 265 -1.54 96.72 61.67
N HIS N 266 -2.15 96.54 60.51
CA HIS N 266 -1.94 95.29 59.76
C HIS N 266 -0.47 95.28 59.48
N ALA N 267 0.20 94.14 59.63
CA ALA N 267 1.64 94.03 59.45
C ALA N 267 1.94 92.59 59.22
N ASP N 268 3.20 92.26 58.98
CA ASP N 268 3.69 90.95 58.55
C ASP N 268 4.44 89.88 59.39
N THR N 269 4.34 89.84 60.71
CA THR N 269 5.07 88.83 61.50
C THR N 269 6.51 89.23 61.61
N ARG N 270 7.19 89.37 60.47
CA ARG N 270 8.54 89.91 60.49
C ARG N 270 8.35 91.35 60.97
N GLY N 271 7.16 91.92 60.78
CA GLY N 271 6.82 93.26 61.18
C GLY N 271 6.71 94.36 60.16
N ARG N 272 6.79 94.05 58.88
CA ARG N 272 6.75 95.06 57.83
C ARG N 272 5.30 95.39 57.48
N PRO N 273 4.89 96.67 57.51
CA PRO N 273 3.49 96.99 57.32
C PRO N 273 2.96 96.70 55.92
N VAL N 274 1.69 96.33 55.86
CA VAL N 274 0.96 95.98 54.64
C VAL N 274 0.32 97.24 54.08
N ASP N 275 0.25 97.34 52.75
CA ASP N 275 -0.57 98.36 52.12
C ASP N 275 -1.32 97.76 50.93
N GLY N 276 -2.63 97.84 50.94
CA GLY N 276 -3.30 97.36 49.76
C GLY N 276 -3.71 95.91 49.90
N VAL N 277 -4.74 95.54 49.21
CA VAL N 277 -5.18 94.22 49.30
C VAL N 277 -5.19 94.14 47.87
N LEU N 278 -5.08 92.94 47.32
CA LEU N 278 -5.19 92.71 45.92
C LEU N 278 -6.22 91.65 46.01
N VAL N 279 -7.40 91.77 45.44
CA VAL N 279 -8.41 90.74 45.54
C VAL N 279 -8.57 90.23 44.15
N THR N 280 -8.85 88.96 43.99
CA THR N 280 -8.99 88.42 42.67
C THR N 280 -9.77 87.16 42.67
N THR N 281 -9.72 86.42 41.59
CA THR N 281 -10.43 85.18 41.51
C THR N 281 -9.53 84.02 41.76
N ALA N 282 -9.97 83.15 42.63
CA ALA N 282 -9.19 81.96 42.97
C ALA N 282 -8.44 81.41 41.77
N ALA N 283 -9.04 81.47 40.58
CA ALA N 283 -8.36 81.04 39.37
C ALA N 283 -7.16 81.91 39.09
N ILE N 284 -7.36 83.24 39.06
CA ILE N 284 -6.24 84.16 38.86
C ILE N 284 -5.20 83.96 39.94
N LYS N 285 -5.62 84.08 41.20
CA LYS N 285 -4.70 83.95 42.34
C LYS N 285 -3.81 82.72 42.22
N GLN N 286 -4.38 81.61 41.78
CA GLN N 286 -3.60 80.39 41.66
C GLN N 286 -2.65 80.46 40.49
N ARG N 287 -3.11 80.95 39.34
CA ARG N 287 -2.20 81.17 38.23
C ARG N 287 -1.15 82.18 38.60
N LEU N 288 -1.51 83.12 39.46
CA LEU N 288 -0.61 84.22 39.80
C LEU N 288 0.47 83.74 40.75
N LEU N 289 0.14 82.81 41.65
CA LEU N 289 1.13 82.31 42.60
C LEU N 289 2.06 81.27 41.99
N GLN N 290 1.66 80.59 40.96
CA GLN N 290 2.56 79.65 40.38
C GLN N 290 3.75 80.25 39.80
N SER N 291 3.53 81.32 39.09
CA SER N 291 4.57 81.92 38.36
C SER N 291 4.96 83.33 38.62
N PHE N 292 4.04 84.25 38.40
CA PHE N 292 4.35 85.63 38.50
C PHE N 292 4.69 86.16 39.83
N LEU N 293 3.94 85.81 40.85
CA LEU N 293 4.35 86.28 42.16
C LEU N 293 5.35 85.33 42.74
N LYS N 294 4.88 84.18 43.20
CA LYS N 294 5.73 83.24 43.90
C LYS N 294 6.47 83.97 45.04
N VAL N 295 5.87 85.04 45.52
CA VAL N 295 6.47 85.92 46.52
C VAL N 295 5.54 85.92 47.72
N GLU N 296 6.12 85.74 48.89
CA GLU N 296 5.31 85.59 50.10
C GLU N 296 5.70 86.60 51.17
N ASP N 297 6.81 86.44 51.81
CA ASP N 297 6.97 87.36 52.85
C ASP N 297 5.93 86.98 53.90
N THR N 298 5.56 85.71 53.96
CA THR N 298 4.64 85.15 54.94
C THR N 298 3.31 84.74 54.46
N GLU N 299 2.69 83.96 55.31
CA GLU N 299 1.37 83.48 55.16
C GLU N 299 0.75 83.69 56.52
N ALA N 300 1.06 84.81 57.13
CA ALA N 300 0.49 85.13 58.38
C ALA N 300 0.82 86.57 58.56
N ASP N 301 0.23 87.20 59.55
CA ASP N 301 0.55 88.55 59.86
C ASP N 301 -0.43 88.92 60.90
N VAL N 302 -0.43 90.16 61.33
CA VAL N 302 -1.22 90.54 62.43
C VAL N 302 -2.25 91.68 62.35
N PRO N 303 -3.44 91.36 61.88
CA PRO N 303 -4.51 92.34 61.82
C PRO N 303 -4.94 92.70 63.22
N VAL N 304 -5.71 93.76 63.32
CA VAL N 304 -6.17 94.35 64.56
C VAL N 304 -7.72 94.20 64.69
N THR N 305 -8.30 94.81 65.75
CA THR N 305 -9.77 94.92 66.13
C THR N 305 -10.61 96.25 65.89
N TYR N 306 -11.91 96.33 66.20
CA TYR N 306 -12.74 97.54 65.89
C TYR N 306 -12.60 98.85 66.64
N GLY N 307 -12.62 99.94 65.89
CA GLY N 307 -12.53 101.28 66.42
C GLY N 307 -13.84 101.64 67.04
N GLU N 308 -13.92 102.71 67.79
CA GLU N 308 -15.17 103.05 68.45
C GLU N 308 -15.50 104.49 68.54
N MET N 309 -16.77 104.80 68.72
CA MET N 309 -17.15 106.19 68.86
C MET N 309 -18.43 106.31 69.68
N VAL N 310 -18.55 107.29 70.57
CA VAL N 310 -19.83 107.34 71.23
C VAL N 310 -20.09 108.78 71.49
N LEU N 311 -21.34 109.14 71.67
CA LEU N 311 -21.65 110.50 71.97
C LEU N 311 -21.86 110.53 73.45
N ASN N 312 -20.96 111.14 74.18
CA ASN N 312 -21.11 111.22 75.61
C ASN N 312 -20.36 112.40 76.10
N GLY N 313 -20.74 112.95 77.23
CA GLY N 313 -20.07 114.11 77.74
C GLY N 313 -20.49 115.29 76.93
N ALA N 314 -19.56 116.03 76.36
CA ALA N 314 -19.92 117.23 75.58
C ALA N 314 -20.78 117.00 74.38
N ASN N 315 -20.68 115.83 73.79
CA ASN N 315 -21.43 115.39 72.62
C ASN N 315 -22.89 115.16 72.96
N LEU N 316 -23.16 114.41 74.02
CA LEU N 316 -24.54 114.26 74.48
C LEU N 316 -25.20 115.61 74.67
N VAL N 317 -24.52 116.50 75.37
CA VAL N 317 -25.11 117.79 75.67
C VAL N 317 -25.33 118.58 74.39
N THR N 318 -24.44 118.46 73.42
CA THR N 318 -24.64 119.15 72.16
C THR N 318 -25.36 118.32 71.11
N ALA N 319 -25.47 117.00 71.29
CA ALA N 319 -26.35 116.24 70.41
C ALA N 319 -27.79 116.53 70.73
N LEU N 320 -28.11 116.54 72.01
CA LEU N 320 -29.42 116.88 72.51
C LEU N 320 -29.25 118.35 72.41
N VAL N 321 -30.23 119.16 72.72
CA VAL N 321 -30.06 120.61 72.58
C VAL N 321 -29.83 120.76 71.10
N MET N 322 -28.78 121.46 70.67
CA MET N 322 -28.46 121.59 69.25
C MET N 322 -28.25 120.18 68.76
N GLY N 323 -28.74 119.76 67.61
CA GLY N 323 -28.53 118.39 67.22
C GLY N 323 -27.24 118.29 66.46
N LYS N 324 -26.12 118.52 67.12
CA LYS N 324 -24.85 118.44 66.44
C LYS N 324 -23.86 117.75 67.26
N ALA N 325 -22.87 117.18 66.63
CA ALA N 325 -21.81 116.49 67.32
C ALA N 325 -20.53 116.62 66.52
N VAL N 326 -19.40 116.42 67.18
CA VAL N 326 -18.09 116.44 66.55
C VAL N 326 -17.25 115.38 67.22
N ARG N 327 -16.49 114.63 66.44
CA ARG N 327 -15.56 113.68 67.05
C ARG N 327 -14.57 114.40 67.93
N SER N 328 -14.34 113.86 69.12
CA SER N 328 -13.39 114.41 70.05
C SER N 328 -13.62 115.91 70.22
N LEU N 329 -14.88 116.26 70.43
CA LEU N 329 -15.19 117.62 70.85
C LEU N 329 -14.50 117.95 72.15
N ASP N 330 -14.12 116.94 72.94
CA ASP N 330 -13.28 117.20 74.10
C ASP N 330 -11.89 117.66 73.65
N ASP N 331 -11.29 116.98 72.68
CA ASP N 331 -10.00 117.43 72.16
C ASP N 331 -10.13 118.78 71.49
N VAL N 332 -10.98 118.87 70.46
CA VAL N 332 -11.16 120.12 69.72
C VAL N 332 -11.46 121.26 70.67
N GLY N 333 -12.35 121.03 71.63
CA GLY N 333 -12.65 122.04 72.60
C GLY N 333 -11.43 122.45 73.40
N ARG N 334 -10.76 121.47 74.02
CA ARG N 334 -9.59 121.78 74.82
C ARG N 334 -8.54 122.52 74.02
N HIS N 335 -8.27 122.05 72.80
CA HIS N 335 -7.22 122.69 72.02
C HIS N 335 -7.60 124.10 71.58
N LEU N 336 -8.85 124.30 71.18
CA LEU N 336 -9.25 125.66 70.78
C LEU N 336 -9.20 126.63 71.94
N LEU N 337 -9.66 126.20 73.11
CA LEU N 337 -9.53 127.05 74.29
C LEU N 337 -8.08 127.24 74.67
N ASP N 338 -7.30 126.16 74.64
CA ASP N 338 -5.86 126.23 74.78
C ASP N 338 -5.26 127.27 73.86
N MET N 339 -5.43 127.09 72.54
CA MET N 339 -4.70 127.84 71.52
C MET N 339 -4.69 129.35 71.74
N GLN N 340 -5.75 129.90 72.31
CA GLN N 340 -5.80 131.34 72.53
C GLN N 340 -5.36 131.72 73.93
N GLU N 341 -4.87 130.78 74.73
CA GLU N 341 -4.20 131.11 75.99
C GLU N 341 -2.70 131.28 75.83
N GLU N 342 -2.15 130.98 74.66
CA GLU N 342 -0.71 131.01 74.42
C GLU N 342 0.07 130.14 75.41
N ASN N 347 -0.57 126.27 62.34
CA ASN N 347 0.78 126.19 61.79
C ASN N 347 1.41 124.82 62.07
N ARG N 348 1.39 123.94 61.05
CA ARG N 348 1.91 122.58 61.21
C ARG N 348 1.18 121.88 62.34
N GLU N 349 -0.06 121.47 62.12
CA GLU N 349 -0.82 120.78 63.15
C GLU N 349 -0.35 119.34 63.20
N THR N 350 0.26 118.94 64.32
CA THR N 350 0.79 117.61 64.50
C THR N 350 -0.09 116.69 65.32
N LEU N 351 -1.21 117.18 65.83
CA LEU N 351 -2.00 116.47 66.83
C LEU N 351 -2.42 115.08 66.38
N ASP N 352 -3.38 115.02 65.45
CA ASP N 352 -3.96 113.76 64.95
C ASP N 352 -4.38 112.91 66.15
N GLU N 353 -4.10 111.61 66.18
CA GLU N 353 -4.37 110.80 67.36
C GLU N 353 -3.42 109.61 67.39
N LEU N 354 -2.97 109.25 68.60
CA LEU N 354 -2.38 107.95 68.87
C LEU N 354 -2.85 107.51 70.24
N GLU N 355 -3.53 106.37 70.33
CA GLU N 355 -4.12 105.99 71.61
C GLU N 355 -3.71 104.61 72.13
N SER N 356 -4.37 103.58 71.67
CA SER N 356 -3.98 102.29 72.18
C SER N 356 -3.54 101.49 71.00
N ALA N 357 -2.37 100.85 71.07
CA ALA N 357 -1.93 100.03 69.94
C ALA N 357 -2.96 98.92 70.05
N PRO N 358 -3.77 98.80 68.94
CA PRO N 358 -4.85 97.84 69.12
C PRO N 358 -4.31 96.49 69.47
N GLN N 359 -5.13 95.72 70.16
CA GLN N 359 -4.82 94.36 70.56
C GLN N 359 -4.76 93.73 69.22
N THR N 360 -3.86 92.81 69.04
CA THR N 360 -3.65 92.22 67.73
C THR N 360 -3.68 90.71 67.81
N THR N 361 -3.76 90.08 66.64
CA THR N 361 -3.80 88.64 66.53
C THR N 361 -3.17 88.24 65.22
N ARG N 362 -2.46 87.11 65.22
CA ARG N 362 -1.94 86.54 63.99
C ARG N 362 -3.02 85.75 63.30
N VAL N 363 -3.23 86.02 62.03
CA VAL N 363 -4.21 85.34 61.21
C VAL N 363 -3.46 84.72 60.05
N ARG N 364 -4.12 83.81 59.36
CA ARG N 364 -3.54 83.15 58.21
C ARG N 364 -3.87 83.99 56.99
N ALA N 365 -2.86 84.68 56.48
CA ALA N 365 -3.01 85.55 55.34
C ALA N 365 -1.98 85.12 54.31
N ASP N 366 -2.01 85.74 53.15
CA ASP N 366 -1.06 85.43 52.11
C ASP N 366 -0.48 86.75 51.63
N LEU N 367 0.75 87.01 52.02
CA LEU N 367 1.36 88.29 51.74
C LEU N 367 2.19 88.16 50.50
N VAL N 368 2.25 89.24 49.74
CA VAL N 368 3.02 89.25 48.52
C VAL N 368 3.71 90.59 48.41
N ALA N 369 4.97 90.58 48.00
CA ALA N 369 5.70 91.80 47.69
C ALA N 369 5.65 92.02 46.18
N ILE N 370 4.96 93.08 45.77
CA ILE N 370 4.81 93.40 44.36
C ILE N 370 5.52 94.72 44.13
N GLY N 371 6.64 94.67 43.45
CA GLY N 371 7.47 95.85 43.39
C GLY N 371 8.11 96.09 44.73
N ASP N 372 8.02 97.33 45.19
CA ASP N 372 8.59 97.75 46.46
C ASP N 372 7.59 97.73 47.60
N ARG N 373 6.43 97.13 47.40
CA ARG N 373 5.33 97.10 48.36
C ARG N 373 5.09 95.69 48.88
N LEU N 374 4.43 95.62 50.02
CA LEU N 374 3.95 94.35 50.58
C LEU N 374 2.44 94.44 50.73
N VAL N 375 1.76 93.53 50.05
CA VAL N 375 0.31 93.51 49.85
C VAL N 375 -0.31 92.16 50.13
N PHE N 376 -1.59 92.07 50.42
CA PHE N 376 -2.25 90.79 50.62
C PHE N 376 -2.60 90.29 49.26
N LEU N 377 -2.79 89.00 49.03
CA LEU N 377 -3.19 88.54 47.69
C LEU N 377 -4.41 87.78 48.05
N GLU N 378 -5.49 87.89 47.31
CA GLU N 378 -6.64 87.21 47.82
C GLU N 378 -7.82 86.83 46.94
N ALA N 379 -8.57 85.87 47.45
CA ALA N 379 -9.77 85.38 46.88
C ALA N 379 -10.74 84.99 47.93
N LEU N 380 -11.82 85.72 48.12
CA LEU N 380 -12.82 85.34 49.09
C LEU N 380 -13.97 84.72 48.30
N GLU N 381 -13.95 83.40 48.21
CA GLU N 381 -15.01 82.66 47.54
C GLU N 381 -15.34 81.48 48.41
N LYS N 382 -14.38 80.55 48.53
CA LYS N 382 -14.46 79.55 49.57
C LYS N 382 -14.66 80.21 50.92
N ARG N 383 -13.91 81.27 51.21
CA ARG N 383 -14.01 81.90 52.51
C ARG N 383 -15.34 82.52 52.88
N ILE N 384 -15.92 83.26 51.97
CA ILE N 384 -17.22 83.86 52.22
C ILE N 384 -18.37 83.54 51.27
N TYR N 385 -18.20 83.71 49.98
CA TYR N 385 -19.30 83.49 49.03
C TYR N 385 -19.63 82.08 48.64
N ALA N 386 -18.86 81.11 49.12
CA ALA N 386 -18.99 79.73 48.68
C ALA N 386 -20.26 78.88 48.78
N ALA N 387 -20.98 78.83 49.89
CA ALA N 387 -22.18 77.98 49.95
C ALA N 387 -23.50 78.69 49.78
N THR N 388 -23.42 80.00 49.68
CA THR N 388 -24.51 80.95 49.56
C THR N 388 -24.80 81.28 48.10
N ASN N 389 -26.05 81.50 47.73
CA ASN N 389 -26.34 81.82 46.35
C ASN N 389 -26.21 83.30 46.09
N VAL N 390 -24.99 83.78 46.20
CA VAL N 390 -24.68 85.18 45.96
C VAL N 390 -23.49 85.13 45.02
N PRO N 391 -23.44 86.06 44.10
CA PRO N 391 -22.35 86.07 43.13
C PRO N 391 -21.13 86.80 43.66
N TYR N 392 -19.97 86.25 43.38
CA TYR N 392 -18.73 86.89 43.74
C TYR N 392 -18.52 88.11 42.88
N PRO N 393 -18.30 89.30 43.46
CA PRO N 393 -18.32 90.53 42.66
C PRO N 393 -17.17 90.67 41.71
N LEU N 394 -16.08 89.94 41.90
CA LEU N 394 -14.90 90.10 41.06
C LEU N 394 -14.89 89.21 39.85
N VAL N 395 -15.96 88.50 39.61
CA VAL N 395 -16.22 87.96 38.29
C VAL N 395 -17.26 88.88 37.69
N GLY N 396 -16.84 89.72 36.77
CA GLY N 396 -17.67 90.82 36.32
C GLY N 396 -18.30 90.55 34.98
N ALA N 397 -18.56 91.62 34.23
CA ALA N 397 -19.11 91.47 32.89
C ALA N 397 -18.70 92.68 32.08
N MET N 398 -18.73 92.53 30.76
CA MET N 398 -18.31 93.60 29.89
C MET N 398 -19.18 93.60 28.64
N ASP N 399 -19.63 94.79 28.24
CA ASP N 399 -20.39 95.00 27.02
C ASP N 399 -19.49 95.51 25.91
N LEU N 400 -19.68 94.98 24.72
CA LEU N 400 -19.00 95.52 23.56
C LEU N 400 -19.96 95.50 22.39
N THR N 401 -20.11 96.63 21.74
CA THR N 401 -20.79 96.67 20.46
C THR N 401 -19.76 96.43 19.39
N PHE N 402 -20.13 95.66 18.38
CA PHE N 402 -19.28 95.41 17.25
C PHE N 402 -19.94 95.99 16.02
N VAL N 403 -19.21 95.96 14.91
CA VAL N 403 -19.68 96.61 13.69
C VAL N 403 -19.25 95.77 12.49
N LEU N 404 -20.18 95.61 11.54
CA LEU N 404 -19.93 94.88 10.34
C LEU N 404 -20.53 95.68 9.19
N PRO N 405 -19.82 95.83 8.08
CA PRO N 405 -20.46 96.35 6.86
C PRO N 405 -21.17 95.27 6.05
N LEU N 406 -22.19 95.69 5.32
CA LEU N 406 -22.87 94.80 4.39
C LEU N 406 -23.04 95.46 3.04
N GLY N 407 -22.74 94.74 1.99
CA GLY N 407 -23.04 95.28 0.71
C GLY N 407 -22.18 96.44 0.28
N LEU N 408 -21.23 96.87 1.10
CA LEU N 408 -20.45 98.02 0.71
C LEU N 408 -19.54 97.63 -0.44
N PHE N 409 -18.81 98.59 -0.97
CA PHE N 409 -18.23 98.42 -2.29
C PHE N 409 -16.84 99.01 -2.32
N ASN N 410 -15.87 98.23 -2.81
CA ASN N 410 -14.48 98.60 -2.70
C ASN N 410 -14.15 99.88 -3.46
N PRO N 411 -13.32 100.74 -2.91
CA PRO N 411 -12.87 101.92 -3.64
C PRO N 411 -12.13 101.57 -4.92
N ALA N 412 -11.66 102.58 -5.65
CA ALA N 412 -11.11 102.30 -6.98
C ALA N 412 -9.78 101.62 -6.89
N MET N 413 -8.97 101.98 -5.90
CA MET N 413 -7.65 101.42 -5.81
C MET N 413 -7.64 100.08 -5.12
N GLU N 414 -8.71 99.73 -4.43
CA GLU N 414 -8.75 98.57 -3.56
C GLU N 414 -9.38 97.36 -4.20
N ARG N 415 -9.74 97.45 -5.47
CA ARG N 415 -10.47 96.39 -6.15
C ARG N 415 -9.58 95.50 -7.03
N PHE N 416 -8.29 95.47 -6.80
CA PHE N 416 -7.40 94.58 -7.51
C PHE N 416 -7.53 93.14 -7.03
N ALA N 417 -6.66 92.27 -7.53
CA ALA N 417 -6.66 90.85 -7.20
C ALA N 417 -5.54 90.37 -6.33
N ALA N 418 -4.34 90.87 -6.60
CA ALA N 418 -3.07 90.59 -5.91
C ALA N 418 -2.20 89.72 -6.76
N HIS N 419 -2.82 88.89 -7.56
CA HIS N 419 -2.10 88.07 -8.49
C HIS N 419 -3.07 87.66 -9.56
N ALA N 420 -2.57 87.33 -10.71
CA ALA N 420 -3.40 87.01 -11.83
C ALA N 420 -4.33 85.85 -11.66
N GLY N 421 -3.90 84.81 -10.98
CA GLY N 421 -4.76 83.67 -10.85
C GLY N 421 -5.00 83.07 -9.51
N ASP N 422 -5.72 83.73 -8.63
CA ASP N 422 -6.05 83.13 -7.36
C ASP N 422 -7.54 83.19 -7.18
N LEU N 423 -8.11 82.18 -6.56
CA LEU N 423 -9.53 82.13 -6.36
C LEU N 423 -10.16 82.21 -7.71
N VAL N 424 -9.52 81.54 -8.66
CA VAL N 424 -9.92 81.46 -10.06
C VAL N 424 -11.00 80.41 -10.25
N PRO N 425 -12.14 80.74 -10.81
CA PRO N 425 -13.24 79.80 -10.99
C PRO N 425 -12.86 78.70 -11.97
N ALA N 426 -13.68 77.64 -11.99
CA ALA N 426 -13.45 76.58 -12.95
C ALA N 426 -13.51 77.18 -14.36
N PRO N 427 -12.69 76.63 -15.25
CA PRO N 427 -12.55 77.27 -16.56
C PRO N 427 -13.80 77.24 -17.29
N GLY N 428 -14.23 78.39 -17.74
CA GLY N 428 -15.48 78.49 -18.44
C GLY N 428 -16.56 79.01 -17.55
N HIS N 429 -16.24 79.21 -16.28
CA HIS N 429 -17.20 79.68 -15.29
C HIS N 429 -17.24 81.16 -15.02
N PRO N 430 -18.32 81.57 -14.38
CA PRO N 430 -18.58 82.97 -14.08
C PRO N 430 -17.91 83.28 -12.80
N GLU N 431 -17.15 84.35 -12.72
CA GLU N 431 -16.45 84.66 -11.53
C GLU N 431 -17.26 85.56 -10.66
N PRO N 432 -17.81 84.96 -9.53
CA PRO N 432 -18.57 85.81 -8.65
C PRO N 432 -17.79 86.83 -7.90
N ARG N 433 -16.54 86.65 -7.72
CA ARG N 433 -15.82 87.57 -6.86
C ARG N 433 -15.65 88.94 -7.50
N ALA N 434 -16.16 89.13 -8.71
CA ALA N 434 -16.22 90.44 -9.34
C ALA N 434 -17.57 91.11 -9.20
N PHE N 435 -18.56 90.45 -8.61
CA PHE N 435 -19.90 90.92 -8.32
C PHE N 435 -19.95 91.60 -6.96
N PRO N 436 -20.81 92.60 -6.80
CA PRO N 436 -20.92 93.31 -5.54
C PRO N 436 -21.31 92.40 -4.39
N PRO N 437 -20.64 92.51 -3.24
CA PRO N 437 -20.97 91.62 -2.12
C PRO N 437 -22.33 91.99 -1.57
N ARG N 438 -23.19 91.00 -1.42
CA ARG N 438 -24.35 91.18 -0.57
C ARG N 438 -24.26 90.41 0.72
N GLN N 439 -23.25 89.58 0.89
CA GLN N 439 -23.05 88.71 2.05
C GLN N 439 -21.92 89.11 2.93
N LEU N 440 -21.88 88.49 4.10
CA LEU N 440 -20.82 88.71 5.05
C LEU N 440 -20.65 87.42 5.81
N PHE N 441 -19.41 87.07 6.11
CA PHE N 441 -19.09 85.84 6.82
C PHE N 441 -18.27 86.19 8.03
N PHE N 442 -18.33 85.36 9.05
CA PHE N 442 -17.59 85.56 10.29
C PHE N 442 -17.86 84.38 11.19
N TRP N 443 -17.07 84.26 12.24
CA TRP N 443 -17.22 83.17 13.19
C TRP N 443 -18.07 83.58 14.35
N GLY N 444 -19.08 82.78 14.64
CA GLY N 444 -19.86 83.01 15.82
C GLY N 444 -19.10 82.55 17.02
N LYS N 445 -19.71 82.30 18.15
CA LYS N 445 -18.88 81.81 19.24
C LYS N 445 -18.68 80.45 18.65
N ASP N 446 -17.74 79.67 19.15
CA ASP N 446 -17.62 78.32 18.69
C ASP N 446 -17.11 78.01 17.29
N HIS N 447 -16.33 78.86 16.64
CA HIS N 447 -15.90 78.57 15.28
C HIS N 447 -17.20 78.59 14.52
N GLN N 448 -17.59 77.57 13.77
CA GLN N 448 -18.91 77.65 13.15
C GLN N 448 -19.05 78.90 12.30
N VAL N 449 -18.55 78.95 11.07
CA VAL N 449 -18.66 80.17 10.25
C VAL N 449 -20.12 80.55 10.06
N LEU N 450 -20.43 81.83 10.24
CA LEU N 450 -21.79 82.37 10.17
C LEU N 450 -21.88 83.35 9.03
N ARG N 451 -23.06 83.94 8.87
CA ARG N 451 -23.25 84.84 7.76
C ARG N 451 -24.43 85.79 7.82
N LEU N 452 -24.30 86.90 7.13
CA LEU N 452 -25.38 87.85 7.03
C LEU N 452 -25.51 88.10 5.55
N SER N 453 -26.71 88.04 5.05
CA SER N 453 -26.95 88.27 3.66
C SER N 453 -27.83 89.44 3.80
N MET N 454 -28.04 90.20 2.76
CA MET N 454 -28.91 91.31 2.94
C MET N 454 -30.35 90.91 3.14
N GLU N 455 -30.69 89.66 2.99
CA GLU N 455 -32.05 89.21 3.17
C GLU N 455 -32.49 89.30 4.62
N ASN N 456 -31.55 89.60 5.51
CA ASN N 456 -31.79 89.76 6.94
C ASN N 456 -32.19 91.16 7.32
N ALA N 457 -32.07 92.11 6.41
CA ALA N 457 -32.41 93.48 6.75
C ALA N 457 -33.89 93.76 6.62
N VAL N 458 -34.69 92.74 6.31
CA VAL N 458 -36.09 92.97 6.00
C VAL N 458 -36.84 93.39 7.25
N GLY N 459 -36.55 92.77 8.40
CA GLY N 459 -37.21 93.21 9.62
C GLY N 459 -37.02 94.68 9.89
N THR N 460 -35.94 95.26 9.37
CA THR N 460 -35.63 96.67 9.50
C THR N 460 -36.26 97.48 8.38
N VAL N 461 -35.87 97.18 7.15
CA VAL N 461 -36.12 98.08 6.04
C VAL N 461 -37.36 97.67 5.25
N CYS N 462 -37.98 96.54 5.57
CA CYS N 462 -39.24 96.10 5.00
C CYS N 462 -40.43 96.46 5.86
N HIS N 463 -40.27 97.36 6.76
CA HIS N 463 -41.24 97.88 7.69
C HIS N 463 -41.61 99.30 7.24
N PRO N 464 -42.81 99.78 7.49
CA PRO N 464 -43.15 101.10 6.95
C PRO N 464 -42.53 102.22 7.76
N SER N 465 -41.27 102.05 8.12
CA SER N 465 -40.53 103.09 8.80
C SER N 465 -39.63 103.84 7.86
N LEU N 466 -39.54 103.41 6.60
CA LEU N 466 -38.79 104.17 5.62
C LEU N 466 -39.52 105.43 5.25
N MET N 467 -40.84 105.39 5.32
CA MET N 467 -41.71 106.42 4.78
C MET N 467 -42.14 107.43 5.83
N ASN N 468 -41.57 107.37 7.02
CA ASN N 468 -41.99 108.16 8.17
C ASN N 468 -41.29 109.51 8.27
N ILE N 469 -40.69 109.98 7.19
CA ILE N 469 -39.89 111.20 7.17
C ILE N 469 -40.66 112.40 7.68
N ASP N 470 -41.93 112.21 8.01
CA ASP N 470 -42.75 113.29 8.54
C ASP N 470 -42.03 114.09 9.61
N ALA N 471 -41.44 113.41 10.60
CA ALA N 471 -40.70 114.14 11.62
C ALA N 471 -39.49 114.85 11.04
N ALA N 472 -38.90 114.29 9.99
CA ALA N 472 -37.74 114.93 9.37
C ALA N 472 -38.15 116.15 8.58
N VAL N 473 -39.21 116.04 7.79
CA VAL N 473 -39.58 117.15 6.91
C VAL N 473 -40.14 118.30 7.72
N GLY N 474 -40.93 118.02 8.75
CA GLY N 474 -41.41 119.07 9.61
C GLY N 474 -40.32 119.67 10.46
N GLY N 475 -39.28 118.89 10.75
CA GLY N 475 -38.22 119.31 11.63
C GLY N 475 -37.03 119.94 10.97
N VAL N 476 -36.94 119.86 9.64
CA VAL N 476 -35.90 120.59 8.94
C VAL N 476 -36.39 121.95 8.48
N ASN N 477 -37.68 122.24 8.65
CA ASN N 477 -38.29 123.47 8.20
C ASN N 477 -38.22 124.60 9.22
N HIS N 478 -37.73 124.36 10.42
CA HIS N 478 -37.52 125.47 11.33
C HIS N 478 -36.48 126.42 10.76
N ASP N 479 -36.55 127.69 11.18
CA ASP N 479 -35.62 128.70 10.68
C ASP N 479 -35.68 128.76 9.16
N PRO N 480 -36.70 129.39 8.59
CA PRO N 480 -37.02 129.19 7.18
C PRO N 480 -35.86 129.51 6.24
N VAL N 481 -35.94 128.94 5.05
CA VAL N 481 -34.86 128.99 4.08
C VAL N 481 -35.38 129.81 2.90
N GLU N 482 -34.55 129.94 1.87
CA GLU N 482 -34.92 130.63 0.67
C GLU N 482 -34.68 129.67 -0.49
N ALA N 483 -35.55 129.70 -1.49
CA ALA N 483 -35.41 128.82 -2.63
C ALA N 483 -34.14 129.18 -3.36
N ALA N 484 -33.49 128.19 -3.94
CA ALA N 484 -32.25 128.46 -4.64
C ALA N 484 -32.93 128.43 -6.01
N ASN N 485 -32.16 128.14 -7.04
CA ASN N 485 -32.70 128.15 -8.37
C ASN N 485 -33.85 127.24 -8.09
N PRO N 486 -35.05 127.59 -8.69
CA PRO N 486 -36.17 126.69 -8.37
C PRO N 486 -36.39 125.68 -9.46
N TYR N 487 -35.50 125.61 -10.42
CA TYR N 487 -35.59 124.71 -11.53
C TYR N 487 -35.50 123.30 -10.98
N GLY N 488 -36.29 122.37 -11.49
CA GLY N 488 -36.39 121.01 -11.02
C GLY N 488 -37.15 120.90 -9.72
N ALA N 489 -37.27 121.99 -8.98
CA ALA N 489 -38.03 122.03 -7.74
C ALA N 489 -39.42 122.58 -7.94
N TYR N 490 -39.81 122.88 -9.18
CA TYR N 490 -41.10 123.48 -9.47
C TYR N 490 -41.65 122.83 -10.72
N VAL N 491 -42.96 122.57 -10.72
CA VAL N 491 -43.68 122.07 -11.88
C VAL N 491 -44.68 123.14 -12.29
N ALA N 492 -44.90 123.28 -13.59
CA ALA N 492 -45.85 124.24 -14.11
C ALA N 492 -46.97 123.51 -14.83
N ALA N 493 -48.07 124.07 -14.84
CA ALA N 493 -49.03 123.39 -15.68
C ALA N 493 -48.88 123.88 -17.12
N PRO N 494 -49.04 123.00 -18.12
CA PRO N 494 -48.73 123.42 -19.50
C PRO N 494 -49.67 124.52 -19.94
N ALA N 495 -49.16 125.39 -20.80
CA ALA N 495 -49.89 126.59 -21.21
C ALA N 495 -49.73 126.80 -22.71
N GLY N 496 -50.83 127.15 -23.36
CA GLY N 496 -50.80 127.47 -24.76
C GLY N 496 -50.40 126.28 -25.62
N PRO N 497 -50.07 126.57 -26.87
CA PRO N 497 -49.72 125.50 -27.82
C PRO N 497 -48.41 124.85 -27.44
N GLY N 498 -48.16 123.69 -28.03
CA GLY N 498 -46.93 122.98 -27.76
C GLY N 498 -45.78 123.56 -28.54
N ALA N 499 -46.04 124.08 -29.74
CA ALA N 499 -44.97 124.51 -30.62
C ALA N 499 -44.05 125.51 -29.94
N ASP N 500 -44.60 126.41 -29.15
CA ASP N 500 -43.85 127.46 -28.50
C ASP N 500 -43.49 127.14 -27.06
N MET N 501 -43.80 125.93 -26.57
CA MET N 501 -43.76 125.71 -25.13
C MET N 501 -42.35 125.87 -24.58
N GLN N 502 -41.35 125.40 -25.31
CA GLN N 502 -40.01 125.62 -24.79
C GLN N 502 -39.51 127.02 -25.08
N GLN N 503 -39.92 127.61 -26.20
CA GLN N 503 -39.70 129.03 -26.39
C GLN N 503 -40.26 129.84 -25.23
N ARG N 504 -41.54 129.62 -24.91
CA ARG N 504 -42.16 130.31 -23.79
C ARG N 504 -41.49 129.97 -22.47
N PHE N 505 -40.81 128.83 -22.40
CA PHE N 505 -40.13 128.44 -21.17
C PHE N 505 -38.86 129.24 -20.96
N LEU N 506 -37.90 129.09 -21.87
CA LEU N 506 -36.63 129.78 -21.77
C LEU N 506 -36.81 131.25 -21.48
N ASN N 507 -37.71 131.91 -22.20
CA ASN N 507 -37.86 133.35 -22.05
C ASN N 507 -38.38 133.70 -20.67
N ALA N 508 -39.22 132.86 -20.08
CA ALA N 508 -39.68 133.12 -18.72
C ALA N 508 -38.55 132.88 -17.73
N TRP N 509 -37.74 131.87 -17.99
CA TRP N 509 -36.74 131.39 -17.05
C TRP N 509 -35.33 131.87 -17.30
N ARG N 510 -35.08 132.70 -18.33
CA ARG N 510 -33.72 133.15 -18.58
C ARG N 510 -33.03 133.65 -17.33
N GLN N 511 -33.75 134.41 -16.52
CA GLN N 511 -33.11 135.16 -15.44
C GLN N 511 -32.75 134.26 -14.25
N ARG N 512 -33.71 133.49 -13.76
CA ARG N 512 -33.50 132.71 -12.55
C ARG N 512 -32.92 131.36 -12.86
N LEU N 513 -32.53 131.14 -14.10
CA LEU N 513 -31.88 129.91 -14.52
C LEU N 513 -30.40 130.15 -14.79
N ALA N 514 -30.08 131.07 -15.70
CA ALA N 514 -28.70 131.45 -15.97
C ALA N 514 -27.96 131.83 -14.69
N HIS N 515 -28.50 132.77 -13.92
CA HIS N 515 -27.82 133.27 -12.74
C HIS N 515 -27.54 132.19 -11.71
N GLY N 516 -28.59 131.63 -11.11
CA GLY N 516 -28.41 130.67 -10.04
C GLY N 516 -27.78 129.37 -10.48
N ARG N 517 -27.41 128.56 -9.49
CA ARG N 517 -26.73 127.28 -9.70
C ARG N 517 -27.67 126.15 -9.34
N VAL N 518 -28.05 125.35 -10.34
CA VAL N 518 -28.96 124.24 -10.08
C VAL N 518 -28.31 123.27 -9.12
N ARG N 519 -29.10 122.77 -8.19
CA ARG N 519 -28.53 122.01 -7.09
C ARG N 519 -27.79 120.77 -7.55
N TRP N 520 -28.27 120.09 -8.58
CA TRP N 520 -27.68 118.81 -8.89
C TRP N 520 -26.52 119.09 -9.83
N VAL N 521 -25.33 119.00 -9.25
CA VAL N 521 -24.00 119.24 -9.75
C VAL N 521 -23.30 118.02 -9.20
N ALA N 522 -23.72 117.63 -8.01
CA ALA N 522 -23.24 116.50 -7.24
C ALA N 522 -23.04 115.26 -8.10
N GLU N 523 -23.60 115.30 -9.29
CA GLU N 523 -23.16 114.41 -10.35
C GLU N 523 -21.65 114.47 -10.53
N CYS N 524 -21.11 115.67 -10.67
CA CYS N 524 -19.70 115.92 -10.91
C CYS N 524 -18.85 115.63 -9.69
N GLN N 525 -19.47 115.27 -8.57
CA GLN N 525 -18.85 115.27 -7.27
C GLN N 525 -18.43 113.87 -6.86
N MET N 526 -17.26 113.75 -6.25
CA MET N 526 -16.78 112.44 -5.85
C MET N 526 -17.52 111.97 -4.62
N THR N 527 -17.21 110.78 -4.14
CA THR N 527 -17.87 110.29 -2.94
C THR N 527 -17.24 110.88 -1.70
N ALA N 528 -15.91 110.94 -1.68
CA ALA N 528 -15.21 111.60 -0.59
C ALA N 528 -15.65 113.05 -0.48
N GLU N 529 -15.86 113.71 -1.62
CA GLU N 529 -16.21 115.11 -1.62
C GLU N 529 -17.64 115.36 -1.15
N GLN N 530 -18.54 114.42 -1.35
CA GLN N 530 -19.89 114.72 -0.89
C GLN N 530 -19.97 114.74 0.62
N PHE N 531 -19.04 114.10 1.26
CA PHE N 531 -19.05 114.07 2.70
C PHE N 531 -18.25 115.16 3.30
N MET N 532 -17.60 115.98 2.50
CA MET N 532 -16.81 117.04 3.06
C MET N 532 -17.61 118.12 3.73
N GLN N 533 -17.01 118.72 4.74
CA GLN N 533 -17.67 119.70 5.54
C GLN N 533 -18.08 120.78 4.61
N PRO N 534 -19.25 121.46 4.94
CA PRO N 534 -19.72 122.52 4.01
C PRO N 534 -19.22 122.69 2.57
N ASP N 535 -18.15 121.98 2.19
CA ASP N 535 -17.69 122.07 0.83
C ASP N 535 -18.82 121.58 -0.02
N ASN N 536 -19.47 120.49 0.40
CA ASN N 536 -20.60 119.96 -0.36
C ASN N 536 -21.69 120.99 -0.24
N ALA N 537 -21.94 121.39 0.99
CA ALA N 537 -22.89 122.41 1.30
C ALA N 537 -24.31 121.96 1.25
N ASN N 538 -24.57 120.74 0.81
CA ASN N 538 -25.99 120.32 0.73
C ASN N 538 -26.09 118.99 1.42
N LEU N 539 -25.12 118.69 2.23
CA LEU N 539 -25.12 117.49 2.97
C LEU N 539 -26.28 117.65 3.93
N ALA N 540 -26.40 118.81 4.54
CA ALA N 540 -27.52 118.93 5.46
C ALA N 540 -28.77 118.26 4.91
N LEU N 541 -28.87 118.11 3.60
CA LEU N 541 -30.09 117.66 2.93
C LEU N 541 -30.08 116.21 2.49
N GLU N 542 -29.03 115.45 2.74
CA GLU N 542 -29.05 114.03 2.40
C GLU N 542 -29.30 113.28 3.70
N LEU N 543 -30.55 112.85 3.88
CA LEU N 543 -31.01 112.31 5.16
C LEU N 543 -31.50 110.88 5.00
N HIS N 544 -32.47 110.66 4.18
CA HIS N 544 -33.03 109.35 4.08
C HIS N 544 -32.67 108.76 2.73
N PRO N 545 -32.53 107.43 2.64
CA PRO N 545 -32.23 106.83 1.33
C PRO N 545 -33.28 107.13 0.29
N ALA N 546 -34.53 107.00 0.66
CA ALA N 546 -35.63 106.87 -0.27
C ALA N 546 -36.26 108.19 -0.64
N PHE N 547 -35.84 109.30 -0.04
CA PHE N 547 -36.46 110.58 -0.29
C PHE N 547 -35.42 111.61 -0.69
N ASP N 548 -35.82 112.53 -1.55
CA ASP N 548 -35.09 113.76 -1.78
C ASP N 548 -35.60 114.81 -0.81
N PHE N 549 -34.68 115.54 -0.19
CA PHE N 549 -35.01 116.74 0.54
C PHE N 549 -34.39 117.88 -0.23
N PHE N 550 -35.20 118.83 -0.66
CA PHE N 550 -34.74 119.92 -1.50
C PHE N 550 -35.50 121.17 -1.12
N ALA N 551 -34.99 122.31 -1.57
CA ALA N 551 -35.54 123.60 -1.20
C ALA N 551 -36.43 124.08 -2.34
N GLY N 552 -37.73 124.09 -2.11
CA GLY N 552 -38.68 124.61 -3.06
C GLY N 552 -39.32 125.90 -2.60
N VAL N 553 -40.36 126.28 -3.31
CA VAL N 553 -41.18 127.42 -2.94
C VAL N 553 -42.19 127.00 -1.89
N ALA N 554 -42.55 127.93 -1.02
CA ALA N 554 -43.30 127.54 0.18
C ALA N 554 -44.75 127.20 -0.14
N ASP N 555 -45.55 128.19 -0.50
CA ASP N 555 -47.00 128.00 -0.57
C ASP N 555 -47.49 127.57 -1.94
N VAL N 556 -46.64 127.60 -2.97
CA VAL N 556 -47.11 127.36 -4.31
C VAL N 556 -47.59 125.92 -4.45
N GLU N 557 -48.81 125.75 -4.96
CA GLU N 557 -49.26 124.45 -5.42
C GLU N 557 -48.61 124.14 -6.75
N LEU N 558 -48.17 122.91 -6.92
CA LEU N 558 -47.27 122.65 -8.04
C LEU N 558 -47.89 122.78 -9.43
N PRO N 559 -48.87 121.95 -9.82
CA PRO N 559 -49.27 121.98 -11.22
C PRO N 559 -49.98 123.28 -11.50
N GLY N 560 -49.26 124.39 -11.29
CA GLY N 560 -49.86 125.71 -11.41
C GLY N 560 -48.79 126.75 -11.61
N GLY N 561 -49.18 127.86 -12.22
CA GLY N 561 -48.26 128.92 -12.53
C GLY N 561 -47.39 128.56 -13.72
N GLU N 562 -46.89 129.59 -14.38
CA GLU N 562 -45.86 129.42 -15.40
C GLU N 562 -44.46 129.70 -14.88
N VAL N 563 -44.34 130.16 -13.64
CA VAL N 563 -43.15 130.76 -13.05
C VAL N 563 -43.45 130.96 -11.57
N PRO N 564 -42.46 130.65 -10.77
CA PRO N 564 -42.56 130.72 -9.32
C PRO N 564 -42.70 132.12 -8.80
N PRO N 565 -43.68 132.25 -7.83
CA PRO N 565 -43.77 133.60 -7.28
C PRO N 565 -42.60 133.63 -6.35
N ALA N 566 -41.69 134.59 -6.45
CA ALA N 566 -40.54 134.60 -5.56
C ALA N 566 -41.14 134.66 -4.16
N GLY N 567 -40.62 133.80 -3.30
CA GLY N 567 -41.16 133.70 -1.98
C GLY N 567 -40.15 133.10 -1.07
N PRO N 568 -40.51 133.12 0.26
CA PRO N 568 -39.49 132.54 1.14
C PRO N 568 -39.48 131.06 0.81
N GLY N 569 -38.29 130.52 0.61
CA GLY N 569 -38.22 129.11 0.33
C GLY N 569 -38.76 128.29 1.48
N ALA N 570 -39.07 127.04 1.15
CA ALA N 570 -39.42 126.06 2.15
C ALA N 570 -38.97 124.72 1.65
N ILE N 571 -38.49 123.91 2.56
CA ILE N 571 -37.74 122.71 2.23
C ILE N 571 -38.66 121.51 2.33
N GLN N 572 -38.64 120.66 1.31
CA GLN N 572 -39.67 119.64 1.20
C GLN N 572 -39.08 118.36 0.68
N ALA N 573 -39.77 117.27 0.95
CA ALA N 573 -39.35 115.95 0.55
C ALA N 573 -40.23 115.44 -0.58
N THR N 574 -39.62 114.67 -1.47
CA THR N 574 -40.36 113.92 -2.46
C THR N 574 -39.63 112.61 -2.68
N TRP N 575 -40.39 111.57 -2.94
CA TRP N 575 -39.88 110.23 -2.80
C TRP N 575 -39.08 109.81 -4.02
N ARG N 576 -37.80 109.51 -3.82
CA ARG N 576 -37.01 108.92 -4.89
C ARG N 576 -37.69 107.66 -5.31
N VAL N 577 -38.00 107.53 -6.58
CA VAL N 577 -38.80 106.37 -6.89
C VAL N 577 -37.89 105.15 -6.95
N VAL N 578 -37.12 105.05 -8.02
CA VAL N 578 -36.23 103.93 -8.22
C VAL N 578 -34.90 104.16 -7.51
N ASN N 579 -34.17 103.08 -7.30
CA ASN N 579 -32.84 103.22 -6.73
C ASN N 579 -31.84 103.83 -7.68
N GLY N 580 -32.23 104.10 -8.90
CA GLY N 580 -31.39 104.73 -9.89
C GLY N 580 -31.05 106.10 -9.48
N ASN N 581 -31.99 106.75 -8.84
CA ASN N 581 -31.93 108.11 -8.36
C ASN N 581 -30.99 108.36 -7.22
N LEU N 582 -30.45 107.37 -6.57
CA LEU N 582 -29.53 107.61 -5.48
C LEU N 582 -28.40 108.39 -6.07
N PRO N 583 -27.92 109.47 -5.35
CA PRO N 583 -26.86 110.23 -6.03
C PRO N 583 -25.65 109.43 -6.45
N LEU N 584 -25.03 109.77 -7.56
CA LEU N 584 -23.86 109.05 -8.05
C LEU N 584 -22.65 109.16 -7.17
N ALA N 585 -22.66 110.05 -6.18
CA ALA N 585 -21.56 110.02 -5.23
C ALA N 585 -21.79 108.95 -4.18
N LEU N 586 -23.03 108.76 -3.77
CA LEU N 586 -23.37 107.70 -2.83
C LEU N 586 -23.52 106.35 -3.50
N CYS N 587 -23.93 106.28 -4.77
CA CYS N 587 -23.97 105.02 -5.52
C CYS N 587 -23.22 105.19 -6.83
N PRO N 588 -21.94 104.85 -6.87
CA PRO N 588 -21.11 105.23 -8.01
C PRO N 588 -21.55 104.53 -9.28
N VAL N 589 -21.08 105.07 -10.42
CA VAL N 589 -21.28 104.41 -11.70
C VAL N 589 -20.53 103.10 -11.76
N ALA N 590 -19.39 103.01 -11.09
CA ALA N 590 -18.58 101.81 -11.13
C ALA N 590 -19.18 100.71 -10.28
N PHE N 591 -19.93 101.06 -9.25
CA PHE N 591 -20.75 100.07 -8.56
C PHE N 591 -21.89 99.66 -9.44
N ARG N 592 -22.61 100.66 -9.88
CA ARG N 592 -23.86 100.51 -10.58
C ARG N 592 -23.68 99.71 -11.85
N ASP N 593 -22.47 99.75 -12.44
CA ASP N 593 -22.13 98.93 -13.61
C ASP N 593 -21.81 97.49 -13.22
N ALA N 594 -21.01 97.30 -12.18
CA ALA N 594 -20.60 95.97 -11.75
C ALA N 594 -21.78 95.04 -11.52
N ARG N 595 -22.94 95.58 -11.19
CA ARG N 595 -24.15 94.80 -11.05
C ARG N 595 -25.04 94.85 -12.27
N GLY N 596 -24.59 95.47 -13.34
CA GLY N 596 -25.21 95.21 -14.61
C GLY N 596 -24.50 94.08 -15.30
N LEU N 597 -23.24 93.88 -14.92
CA LEU N 597 -22.52 92.68 -15.33
C LEU N 597 -22.95 91.48 -14.50
N GLU N 598 -23.35 91.72 -13.27
CA GLU N 598 -23.81 90.65 -12.42
C GLU N 598 -25.12 90.10 -12.91
N LEU N 599 -26.02 90.97 -13.33
CA LEU N 599 -27.32 90.59 -13.84
C LEU N 599 -27.28 90.17 -15.29
N GLY N 600 -26.22 90.46 -15.99
CA GLY N 600 -26.16 90.17 -17.40
C GLY N 600 -25.76 88.75 -17.66
N VAL N 601 -25.04 88.13 -16.73
CA VAL N 601 -24.52 86.79 -16.93
C VAL N 601 -25.68 85.80 -17.04
N GLY N 602 -25.66 84.99 -18.09
CA GLY N 602 -26.71 84.02 -18.31
C GLY N 602 -27.94 84.58 -18.95
N ARG N 603 -27.88 85.79 -19.49
CA ARG N 603 -29.02 86.43 -20.12
C ARG N 603 -28.66 86.90 -21.52
N HIS N 604 -29.56 87.65 -22.15
CA HIS N 604 -29.43 87.96 -23.56
C HIS N 604 -28.40 89.05 -23.79
N ALA N 605 -27.44 88.78 -24.65
CA ALA N 605 -26.48 89.77 -25.09
C ALA N 605 -26.72 90.04 -26.57
N MET N 606 -26.94 91.31 -26.91
CA MET N 606 -27.03 91.69 -28.31
C MET N 606 -25.67 91.52 -28.97
N ALA N 607 -25.67 91.06 -30.21
CA ALA N 607 -24.42 90.85 -30.91
C ALA N 607 -23.72 92.17 -31.11
N PRO N 608 -22.40 92.17 -31.33
CA PRO N 608 -21.72 93.44 -31.58
C PRO N 608 -22.07 94.04 -32.92
N ALA N 609 -22.55 93.25 -33.87
CA ALA N 609 -22.95 93.77 -35.16
C ALA N 609 -24.33 94.39 -35.11
N THR N 610 -25.22 93.91 -34.25
CA THR N 610 -26.45 94.64 -34.05
C THR N 610 -26.21 95.91 -33.26
N ILE N 611 -25.14 95.95 -32.47
CA ILE N 611 -24.94 97.10 -31.61
C ILE N 611 -24.35 98.24 -32.39
N ALA N 612 -23.56 97.95 -33.41
CA ALA N 612 -22.96 99.00 -34.22
C ALA N 612 -23.96 99.59 -35.21
N ALA N 613 -24.73 98.73 -35.86
CA ALA N 613 -25.75 99.19 -36.78
C ALA N 613 -26.77 100.08 -36.11
N VAL N 614 -27.14 99.76 -34.86
CA VAL N 614 -28.12 100.54 -34.13
C VAL N 614 -27.48 101.78 -33.56
N ARG N 615 -26.27 101.66 -33.04
CA ARG N 615 -25.57 102.82 -32.51
C ARG N 615 -25.07 103.72 -33.61
N GLY N 616 -24.82 103.17 -34.80
CA GLY N 616 -24.45 104.01 -35.92
C GLY N 616 -25.56 104.96 -36.33
N ALA N 617 -26.81 104.55 -36.15
CA ALA N 617 -27.94 105.39 -36.54
C ALA N 617 -28.11 106.58 -35.60
N PHE N 618 -27.99 106.35 -34.29
CA PHE N 618 -28.19 107.46 -33.35
C PHE N 618 -27.12 108.51 -33.50
N GLU N 619 -25.98 108.16 -34.07
CA GLU N 619 -24.89 109.10 -34.28
C GLU N 619 -24.87 109.66 -35.68
N ASP N 620 -25.75 109.22 -36.56
CA ASP N 620 -25.65 109.53 -37.98
C ASP N 620 -26.18 110.93 -38.23
N ARG N 621 -25.31 111.82 -38.68
CA ARG N 621 -25.73 113.20 -38.96
C ARG N 621 -26.48 113.31 -40.28
N SER N 622 -26.32 112.35 -41.16
CA SER N 622 -26.90 112.39 -42.49
C SER N 622 -28.24 111.69 -42.55
N TYR N 623 -28.69 111.12 -41.45
CA TYR N 623 -29.84 110.23 -41.43
C TYR N 623 -30.97 110.94 -42.15
N PRO N 624 -31.52 110.34 -43.21
CA PRO N 624 -32.42 111.08 -44.08
C PRO N 624 -33.68 111.50 -43.37
N ALA N 625 -34.20 112.67 -43.77
CA ALA N 625 -35.37 113.23 -43.12
C ALA N 625 -36.66 112.62 -43.62
N VAL N 626 -36.65 111.88 -44.72
CA VAL N 626 -37.83 111.10 -45.09
C VAL N 626 -38.19 110.12 -43.98
N PHE N 627 -37.19 109.54 -43.35
CA PHE N 627 -37.47 108.57 -42.30
C PHE N 627 -38.18 109.20 -41.12
N TYR N 628 -37.97 110.49 -40.89
CA TYR N 628 -38.76 111.16 -39.87
C TYR N 628 -40.14 111.52 -40.38
N LEU N 629 -40.24 111.87 -41.66
CA LEU N 629 -41.55 112.19 -42.20
C LEU N 629 -42.42 110.96 -42.33
N LEU N 630 -41.85 109.84 -42.74
CA LEU N 630 -42.61 108.59 -42.80
C LEU N 630 -43.07 108.18 -41.42
N GLN N 631 -42.14 108.02 -40.50
CA GLN N 631 -42.42 107.65 -39.13
C GLN N 631 -43.56 108.44 -38.52
N ALA N 632 -43.61 109.74 -38.81
CA ALA N 632 -44.68 110.58 -38.31
C ALA N 632 -45.95 110.44 -39.12
N ALA N 633 -45.85 109.92 -40.35
CA ALA N 633 -47.03 109.61 -41.14
C ALA N 633 -47.62 108.26 -40.75
N ILE N 634 -46.77 107.25 -40.56
CA ILE N 634 -47.26 105.97 -40.06
C ILE N 634 -47.89 106.16 -38.69
N HIS N 635 -47.37 107.10 -37.91
CA HIS N 635 -47.91 107.53 -36.62
C HIS N 635 -48.33 106.35 -35.76
N GLY N 636 -47.45 105.37 -35.66
CA GLY N 636 -47.69 104.23 -34.82
C GLY N 636 -48.83 103.35 -35.26
N SER N 637 -49.47 103.67 -36.38
CA SER N 637 -50.61 102.90 -36.85
C SER N 637 -50.13 101.64 -37.54
N GLU N 638 -50.70 100.50 -37.15
CA GLU N 638 -50.36 99.24 -37.79
C GLU N 638 -51.00 99.11 -39.16
N HIS N 639 -52.12 99.80 -39.36
CA HIS N 639 -52.76 99.83 -40.66
C HIS N 639 -51.93 100.61 -41.65
N VAL N 640 -51.41 101.77 -41.24
CA VAL N 640 -50.62 102.59 -42.16
C VAL N 640 -49.27 101.95 -42.41
N PHE N 641 -48.73 101.21 -41.45
CA PHE N 641 -47.48 100.53 -41.70
C PHE N 641 -47.63 99.55 -42.85
N CYS N 642 -48.53 98.57 -42.70
CA CYS N 642 -48.69 97.58 -43.75
C CYS N 642 -49.13 98.21 -45.05
N ALA N 643 -50.01 99.21 -45.00
CA ALA N 643 -50.36 99.96 -46.19
C ALA N 643 -49.10 100.43 -46.92
N LEU N 644 -48.14 100.96 -46.18
CA LEU N 644 -46.90 101.50 -46.72
C LEU N 644 -45.75 100.51 -46.72
N ALA N 645 -46.00 99.24 -46.35
CA ALA N 645 -44.91 98.31 -46.06
C ALA N 645 -43.92 98.19 -47.22
N ARG N 646 -44.39 98.17 -48.46
CA ARG N 646 -43.45 98.09 -49.58
C ARG N 646 -42.58 99.32 -49.66
N LEU N 647 -43.11 100.47 -49.26
CA LEU N 647 -42.32 101.70 -49.28
C LEU N 647 -41.27 101.68 -48.19
N VAL N 648 -41.57 101.06 -47.06
CA VAL N 648 -40.66 101.06 -45.92
C VAL N 648 -39.48 100.13 -46.20
N THR N 649 -39.73 98.96 -46.76
CA THR N 649 -38.61 98.07 -47.00
C THR N 649 -37.62 98.66 -48.00
N GLN N 650 -38.09 99.50 -48.89
CA GLN N 650 -37.17 100.15 -49.80
C GLN N 650 -36.47 101.31 -49.14
N CYS N 651 -37.02 101.84 -48.05
CA CYS N 651 -36.29 102.76 -47.19
C CYS N 651 -35.26 102.01 -46.35
N ILE N 652 -35.67 100.93 -45.69
CA ILE N 652 -34.74 100.18 -44.86
C ILE N 652 -33.65 99.57 -45.72
N THR N 653 -34.03 98.85 -46.77
CA THR N 653 -33.05 98.17 -47.60
C THR N 653 -32.04 99.17 -48.16
N SER N 654 -32.52 100.33 -48.57
CA SER N 654 -31.63 101.33 -49.13
C SER N 654 -30.68 101.87 -48.10
N TYR N 655 -31.21 102.40 -47.00
CA TYR N 655 -30.37 102.98 -45.97
C TYR N 655 -29.32 101.99 -45.50
N TRP N 656 -29.71 100.75 -45.24
CA TRP N 656 -28.76 99.71 -44.85
C TRP N 656 -27.67 99.52 -45.88
N ASN N 657 -27.93 99.87 -47.14
CA ASN N 657 -26.92 99.69 -48.17
C ASN N 657 -25.91 100.83 -48.18
N ASN N 658 -26.37 102.07 -48.15
CA ASN N 658 -25.45 103.19 -48.04
C ASN N 658 -24.62 103.04 -46.79
N THR N 659 -25.23 103.34 -45.65
CA THR N 659 -24.61 103.17 -44.35
C THR N 659 -25.21 101.91 -43.76
N ARG N 660 -24.38 101.02 -43.25
CA ARG N 660 -25.02 99.82 -42.73
C ARG N 660 -25.44 100.18 -41.32
N CYS N 661 -26.72 100.49 -41.19
CA CYS N 661 -27.29 100.99 -39.96
C CYS N 661 -28.77 100.67 -39.99
N ALA N 662 -29.37 100.62 -38.82
CA ALA N 662 -30.78 100.30 -38.73
C ALA N 662 -31.58 101.59 -38.83
N ALA N 663 -32.62 101.57 -39.67
CA ALA N 663 -33.23 102.82 -40.12
C ALA N 663 -34.13 103.43 -39.05
N PHE N 664 -35.21 102.78 -38.70
CA PHE N 664 -36.30 103.40 -37.98
C PHE N 664 -36.18 103.31 -36.48
N VAL N 665 -35.00 102.95 -35.97
CA VAL N 665 -34.81 102.58 -34.56
C VAL N 665 -35.26 103.65 -33.56
N ASN N 666 -35.59 104.85 -34.00
CA ASN N 666 -36.08 105.76 -32.99
C ASN N 666 -37.52 105.48 -32.56
N ASP N 667 -38.21 104.53 -33.21
CA ASP N 667 -39.58 104.18 -32.87
C ASP N 667 -39.64 102.70 -32.56
N TYR N 668 -40.11 102.35 -31.37
CA TYR N 668 -40.22 100.93 -31.05
C TYR N 668 -41.37 100.29 -31.80
N SER N 669 -42.42 101.05 -32.10
CA SER N 669 -43.55 100.47 -32.78
C SER N 669 -43.19 100.12 -34.22
N LEU N 670 -42.43 100.97 -34.89
CA LEU N 670 -41.92 100.58 -36.20
C LEU N 670 -41.05 99.35 -36.07
N VAL N 671 -40.03 99.41 -35.23
CA VAL N 671 -39.10 98.31 -35.05
C VAL N 671 -39.83 97.01 -34.76
N SER N 672 -40.93 97.09 -34.03
CA SER N 672 -41.69 95.87 -33.76
C SER N 672 -42.60 95.48 -34.91
N TYR N 673 -43.09 96.44 -35.69
CA TYR N 673 -43.82 96.09 -36.91
C TYR N 673 -42.87 95.57 -37.97
N ILE N 674 -41.66 96.11 -38.01
CA ILE N 674 -40.67 95.67 -38.99
C ILE N 674 -40.35 94.20 -38.79
N VAL N 675 -40.21 93.79 -37.54
CA VAL N 675 -39.86 92.41 -37.25
C VAL N 675 -41.02 91.48 -37.52
N THR N 676 -42.23 91.96 -37.34
CA THR N 676 -43.42 91.16 -37.56
C THR N 676 -43.71 90.96 -39.04
N TYR N 677 -43.98 92.06 -39.74
CA TYR N 677 -44.45 92.03 -41.10
C TYR N 677 -43.35 91.91 -42.15
N LEU N 678 -42.19 92.48 -41.90
CA LEU N 678 -41.16 92.59 -42.92
C LEU N 678 -40.16 91.45 -42.86
N GLY N 679 -40.43 90.42 -42.07
CA GLY N 679 -39.49 89.33 -41.92
C GLY N 679 -39.06 88.71 -43.23
N GLY N 680 -39.90 88.76 -44.24
CA GLY N 680 -39.56 88.12 -45.49
C GLY N 680 -38.57 88.83 -46.38
N ASP N 681 -38.77 90.12 -46.64
CA ASP N 681 -37.95 90.85 -47.61
C ASP N 681 -37.14 91.95 -46.95
N LEU N 682 -35.90 91.65 -46.68
CA LEU N 682 -34.88 92.43 -46.01
C LEU N 682 -33.67 91.51 -45.97
N PRO N 683 -32.46 92.04 -46.20
CA PRO N 683 -31.27 91.20 -46.05
C PRO N 683 -31.30 90.45 -44.74
N GLU N 684 -30.79 89.21 -44.76
CA GLU N 684 -30.71 88.46 -43.51
C GLU N 684 -29.96 89.24 -42.44
N GLU N 685 -29.04 90.11 -42.85
CA GLU N 685 -28.19 90.79 -41.88
C GLU N 685 -28.88 92.00 -41.27
N CYS N 686 -29.63 92.79 -42.04
CA CYS N 686 -30.25 93.92 -41.39
C CYS N 686 -31.50 93.54 -40.64
N MET N 687 -32.19 92.49 -41.10
CA MET N 687 -33.31 92.00 -40.32
C MET N 687 -32.84 91.52 -38.96
N ALA N 688 -31.71 90.83 -38.92
CA ALA N 688 -31.17 90.33 -37.66
C ALA N 688 -30.87 91.44 -36.68
N VAL N 689 -30.72 92.68 -37.16
CA VAL N 689 -30.53 93.82 -36.25
C VAL N 689 -31.83 94.15 -35.55
N TYR N 690 -32.91 94.27 -36.30
CA TYR N 690 -34.20 94.55 -35.70
C TYR N 690 -34.69 93.40 -34.86
N ARG N 691 -34.33 92.18 -35.26
CA ARG N 691 -34.80 91.00 -34.56
C ARG N 691 -34.09 90.84 -33.22
N ASP N 692 -32.83 91.25 -33.14
CA ASP N 692 -32.03 91.21 -31.93
C ASP N 692 -32.36 92.38 -30.99
N LEU N 693 -32.85 93.47 -31.54
CA LEU N 693 -33.24 94.62 -30.76
C LEU N 693 -34.61 94.44 -30.13
N VAL N 694 -35.50 93.72 -30.80
CA VAL N 694 -36.77 93.36 -30.19
C VAL N 694 -36.60 92.18 -29.25
N ALA N 695 -35.56 91.39 -29.46
CA ALA N 695 -35.25 90.28 -28.56
C ALA N 695 -34.73 90.79 -27.24
N HIS N 696 -33.89 91.81 -27.27
CA HIS N 696 -33.27 92.26 -26.05
C HIS N 696 -34.27 92.92 -25.13
N VAL N 697 -35.31 93.54 -25.67
CA VAL N 697 -36.35 94.12 -24.83
C VAL N 697 -37.09 93.02 -24.08
N GLU N 698 -37.36 91.90 -24.73
CA GLU N 698 -38.03 90.81 -24.04
C GLU N 698 -37.11 90.13 -23.03
N ALA N 699 -35.81 90.33 -23.17
CA ALA N 699 -34.86 89.82 -22.19
C ALA N 699 -34.87 90.65 -20.93
N LEU N 700 -34.95 91.96 -21.09
CA LEU N 700 -35.00 92.85 -19.95
C LEU N 700 -36.32 92.73 -19.23
N ALA N 701 -37.39 92.54 -19.97
CA ALA N 701 -38.70 92.45 -19.34
C ALA N 701 -38.79 91.24 -18.44
N GLN N 702 -38.17 90.13 -18.85
CA GLN N 702 -38.20 88.92 -18.05
C GLN N 702 -37.44 89.10 -16.74
N LEU N 703 -36.38 89.89 -16.78
CA LEU N 703 -35.51 90.11 -15.64
C LEU N 703 -36.22 90.70 -14.43
N VAL N 704 -37.46 91.16 -14.58
CA VAL N 704 -38.25 91.60 -13.43
C VAL N 704 -38.83 90.41 -12.69
N ASP N 705 -39.27 89.38 -13.43
CA ASP N 705 -39.89 88.22 -12.83
C ASP N 705 -38.93 87.43 -12.00
N ASP N 706 -37.64 87.57 -12.27
CA ASP N 706 -36.64 86.87 -11.48
C ASP N 706 -36.59 87.43 -10.08
N PHE N 707 -36.63 88.74 -9.95
CA PHE N 707 -36.48 89.44 -8.69
C PHE N 707 -37.80 89.80 -8.05
N THR N 708 -38.89 89.25 -8.55
CA THR N 708 -40.19 89.34 -7.91
C THR N 708 -40.51 87.99 -7.29
N LEU N 709 -41.26 88.01 -6.20
CA LEU N 709 -41.85 86.90 -5.48
C LEU N 709 -43.36 86.94 -5.65
N PRO N 710 -44.05 85.80 -5.61
CA PRO N 710 -45.49 85.83 -5.86
C PRO N 710 -46.22 86.66 -4.81
N GLY N 711 -47.45 87.05 -5.14
CA GLY N 711 -48.21 87.82 -4.20
C GLY N 711 -49.53 88.30 -4.74
N PRO N 712 -50.33 88.89 -3.85
CA PRO N 712 -51.64 89.41 -4.26
C PRO N 712 -51.53 90.66 -5.11
N GLU N 713 -52.65 91.30 -5.38
CA GLU N 713 -52.68 92.60 -6.01
C GLU N 713 -52.95 93.64 -4.94
N LEU N 714 -51.95 94.48 -4.66
CA LEU N 714 -52.08 95.54 -3.68
C LEU N 714 -52.54 96.81 -4.39
N GLY N 715 -53.68 97.34 -3.98
CA GLY N 715 -54.19 98.54 -4.60
C GLY N 715 -54.49 98.36 -6.07
N GLY N 716 -55.02 97.20 -6.44
CA GLY N 716 -55.24 96.92 -7.84
C GLY N 716 -54.00 96.86 -8.67
N GLN N 717 -52.85 96.65 -8.05
CA GLN N 717 -51.58 96.55 -8.74
C GLN N 717 -50.90 95.25 -8.40
N ALA N 718 -50.34 94.61 -9.41
CA ALA N 718 -49.67 93.35 -9.20
C ALA N 718 -48.37 93.58 -8.46
N GLN N 719 -47.68 92.48 -8.13
CA GLN N 719 -46.45 92.61 -7.39
C GLN N 719 -45.33 93.12 -8.26
N ALA N 720 -45.30 92.72 -9.52
CA ALA N 720 -44.25 93.18 -10.41
C ALA N 720 -44.34 94.67 -10.64
N GLU N 721 -45.56 95.21 -10.63
CA GLU N 721 -45.75 96.64 -10.80
C GLU N 721 -45.38 97.42 -9.54
N LEU N 722 -45.44 96.79 -8.38
CA LEU N 722 -44.99 97.43 -7.15
C LEU N 722 -43.49 97.30 -6.96
N ASN N 723 -42.84 96.49 -7.78
CA ASN N 723 -41.45 96.10 -7.60
C ASN N 723 -40.53 96.91 -8.50
N HIS N 724 -40.75 96.84 -9.80
CA HIS N 724 -39.93 97.49 -10.80
C HIS N 724 -40.71 98.62 -11.43
N LEU N 725 -40.00 99.63 -11.93
CA LEU N 725 -40.69 100.78 -12.49
C LEU N 725 -41.23 100.52 -13.90
N MET N 726 -40.54 99.70 -14.69
CA MET N 726 -40.98 99.49 -16.07
C MET N 726 -42.23 98.65 -16.16
N ARG N 727 -42.63 97.98 -15.09
CA ARG N 727 -43.91 97.31 -15.04
C ARG N 727 -45.05 98.20 -14.59
N ASP N 728 -44.74 99.33 -14.04
CA ASP N 728 -45.73 100.14 -13.36
C ASP N 728 -46.54 100.96 -14.35
N PRO N 729 -47.88 100.86 -14.33
CA PRO N 729 -48.69 101.63 -15.27
C PRO N 729 -48.70 103.12 -15.05
N ALA N 730 -48.28 103.61 -13.88
CA ALA N 730 -48.23 105.04 -13.65
C ALA N 730 -47.33 105.73 -14.66
N LEU N 731 -46.04 105.46 -14.58
CA LEU N 731 -45.12 105.95 -15.60
C LEU N 731 -45.48 105.32 -16.93
N LEU N 732 -45.61 106.15 -17.94
CA LEU N 732 -45.90 105.72 -19.29
C LEU N 732 -44.83 106.27 -20.22
N PRO N 733 -44.58 105.63 -21.36
CA PRO N 733 -43.43 105.98 -22.16
C PRO N 733 -43.47 107.44 -22.58
N PRO N 734 -42.33 108.03 -22.93
CA PRO N 734 -42.33 109.46 -23.25
C PRO N 734 -43.10 109.77 -24.50
N LEU N 735 -43.32 108.78 -25.36
CA LEU N 735 -43.90 109.01 -26.67
C LEU N 735 -44.97 107.96 -26.87
N VAL N 736 -46.23 108.39 -26.95
CA VAL N 736 -47.35 107.48 -26.90
C VAL N 736 -48.25 107.77 -28.09
N TRP N 737 -48.26 106.88 -29.08
CA TRP N 737 -49.01 107.17 -30.29
C TRP N 737 -50.50 106.89 -30.16
N ASP N 738 -50.91 106.06 -29.20
CA ASP N 738 -52.30 105.73 -29.01
C ASP N 738 -52.71 106.02 -27.58
N CYS N 739 -54.00 106.18 -27.37
CA CYS N 739 -54.52 106.48 -26.05
C CYS N 739 -54.48 105.27 -25.13
N ASP N 740 -54.04 104.13 -25.63
CA ASP N 740 -53.91 102.87 -24.91
C ASP N 740 -53.32 103.05 -23.51
N GLY N 741 -52.07 103.52 -23.43
CA GLY N 741 -51.41 103.60 -22.13
C GLY N 741 -52.13 104.49 -21.15
N LEU N 742 -52.70 105.60 -21.62
CA LEU N 742 -53.37 106.51 -20.72
C LEU N 742 -54.66 105.91 -20.18
N MET N 743 -55.28 105.02 -20.95
CA MET N 743 -56.51 104.36 -20.51
C MET N 743 -56.28 103.63 -19.19
N ARG N 744 -55.30 102.71 -19.18
CA ARG N 744 -54.87 102.01 -17.96
C ARG N 744 -54.21 102.92 -16.91
N HIS N 745 -53.42 103.87 -17.37
CA HIS N 745 -52.72 104.82 -16.53
C HIS N 745 -53.69 105.70 -15.79
N ALA N 746 -54.79 106.04 -16.44
CA ALA N 746 -55.82 106.92 -15.90
C ALA N 746 -56.87 106.23 -15.07
N ALA N 747 -56.65 104.96 -14.77
CA ALA N 747 -57.59 104.21 -13.97
C ALA N 747 -56.79 103.63 -12.83
N LEU N 748 -56.42 104.47 -11.87
CA LEU N 748 -55.61 103.98 -10.76
C LEU N 748 -55.99 104.78 -9.52
N ASP N 749 -56.00 104.09 -8.38
CA ASP N 749 -56.18 104.82 -7.13
C ASP N 749 -54.98 105.71 -6.83
N ARG N 750 -53.80 105.36 -7.35
CA ARG N 750 -52.65 106.23 -7.25
C ARG N 750 -52.79 107.46 -8.12
N HIS N 751 -53.62 107.39 -9.15
CA HIS N 751 -53.78 108.46 -10.11
C HIS N 751 -54.27 109.74 -9.51
N ARG N 752 -53.82 110.84 -10.09
CA ARG N 752 -54.19 112.13 -9.60
C ARG N 752 -54.47 113.23 -10.58
N ASP N 753 -53.42 113.58 -11.29
CA ASP N 753 -53.33 114.73 -12.14
C ASP N 753 -53.24 114.67 -13.67
N CYS N 754 -53.85 113.71 -14.38
CA CYS N 754 -53.69 113.75 -15.86
C CYS N 754 -54.24 115.07 -16.30
N ARG N 755 -53.38 115.80 -16.96
CA ARG N 755 -53.62 117.16 -17.45
C ARG N 755 -53.09 117.24 -18.86
N ILE N 756 -53.97 117.31 -19.84
CA ILE N 756 -53.55 117.50 -21.22
C ILE N 756 -53.25 118.96 -21.39
N ASP N 757 -52.55 119.30 -22.44
CA ASP N 757 -52.24 120.67 -22.72
C ASP N 757 -52.74 120.93 -24.12
N ALA N 758 -54.05 121.04 -24.23
CA ALA N 758 -54.77 121.30 -25.47
C ALA N 758 -56.07 122.10 -25.27
N GLY N 759 -56.18 122.85 -24.16
CA GLY N 759 -57.41 123.61 -23.92
C GLY N 759 -58.40 123.08 -22.88
N GLY N 760 -57.99 122.05 -22.15
CA GLY N 760 -58.81 121.49 -21.07
C GLY N 760 -57.89 120.68 -20.18
N HIS N 761 -58.26 120.37 -18.94
CA HIS N 761 -57.28 119.52 -18.26
C HIS N 761 -57.22 118.09 -18.76
N GLU N 762 -58.30 117.32 -18.60
CA GLU N 762 -58.25 115.91 -18.87
C GLU N 762 -58.48 115.61 -20.35
N PRO N 763 -57.93 114.50 -20.84
CA PRO N 763 -58.04 114.16 -22.28
C PRO N 763 -59.35 113.53 -22.71
N VAL N 764 -59.70 113.79 -23.98
CA VAL N 764 -60.73 113.05 -24.72
C VAL N 764 -59.93 112.17 -25.67
N TYR N 765 -60.61 111.27 -26.37
CA TYR N 765 -59.99 110.37 -27.34
C TYR N 765 -60.80 110.35 -28.63
N ALA N 766 -60.11 110.48 -29.76
CA ALA N 766 -60.74 110.48 -31.07
C ALA N 766 -61.06 109.07 -31.63
N ALA N 767 -62.23 108.93 -32.26
CA ALA N 767 -62.67 107.68 -32.88
C ALA N 767 -61.72 107.35 -34.02
N ALA N 768 -61.45 108.37 -34.81
CA ALA N 768 -60.47 108.28 -35.88
C ALA N 768 -60.12 109.71 -36.29
N CYS N 769 -59.30 109.85 -37.33
CA CYS N 769 -58.99 111.17 -37.87
C CYS N 769 -58.97 111.11 -39.40
N ASN N 770 -59.70 112.02 -40.03
CA ASN N 770 -59.81 112.10 -41.48
C ASN N 770 -59.68 113.56 -41.90
N VAL N 771 -59.71 113.77 -43.22
CA VAL N 771 -59.66 115.13 -43.76
C VAL N 771 -60.81 115.98 -43.21
N ALA N 772 -61.97 115.37 -43.00
CA ALA N 772 -63.09 116.06 -42.35
C ALA N 772 -62.95 116.07 -40.84
N THR N 773 -62.35 115.03 -40.26
CA THR N 773 -62.17 114.98 -38.83
C THR N 773 -60.96 115.79 -38.36
N ALA N 774 -59.93 115.90 -39.19
CA ALA N 774 -58.70 116.56 -38.77
C ALA N 774 -58.88 118.06 -38.61
N ASP N 775 -58.52 118.58 -37.44
CA ASP N 775 -58.26 120.01 -37.26
C ASP N 775 -56.91 120.13 -36.57
N PHE N 776 -55.92 120.65 -37.30
CA PHE N 776 -54.55 120.52 -36.85
C PHE N 776 -54.23 121.45 -35.69
N ASN N 777 -54.74 122.68 -35.72
CA ASN N 777 -54.52 123.63 -34.63
C ASN N 777 -55.84 123.79 -33.88
N ARG N 778 -55.92 123.19 -32.70
CA ARG N 778 -57.07 123.34 -31.83
C ARG N 778 -56.68 122.93 -30.43
N ASN N 779 -57.47 123.40 -29.46
CA ASN N 779 -57.42 122.86 -28.11
C ASN N 779 -58.79 122.55 -27.54
N ASP N 780 -59.27 121.32 -27.76
CA ASP N 780 -60.29 120.72 -26.90
C ASP N 780 -59.81 119.76 -25.83
N GLY N 781 -58.52 119.42 -25.81
CA GLY N 781 -58.06 118.33 -24.98
C GLY N 781 -58.31 116.95 -25.56
N ARG N 782 -58.54 116.84 -26.85
CA ARG N 782 -58.74 115.54 -27.48
C ARG N 782 -57.39 114.88 -27.79
N LEU N 783 -57.34 113.55 -27.73
CA LEU N 783 -56.15 112.80 -28.08
C LEU N 783 -56.46 111.72 -29.10
N LEU N 784 -56.11 111.90 -30.36
CA LEU N 784 -56.46 110.91 -31.34
C LEU N 784 -55.79 109.62 -30.94
N HIS N 785 -56.47 108.51 -31.13
CA HIS N 785 -55.98 107.17 -30.76
C HIS N 785 -55.97 106.11 -31.89
N ASN N 786 -55.74 106.46 -33.15
CA ASN N 786 -55.80 105.42 -34.23
C ASN N 786 -54.55 104.56 -34.46
N THR N 787 -54.33 103.66 -33.52
CA THR N 787 -53.22 102.73 -33.54
C THR N 787 -53.70 101.35 -34.00
N GLN N 788 -54.98 101.25 -34.32
CA GLN N 788 -55.61 99.98 -34.65
C GLN N 788 -55.33 99.66 -36.10
N ALA N 789 -55.10 98.38 -36.35
CA ALA N 789 -54.78 97.94 -37.69
C ALA N 789 -56.04 97.74 -38.51
N ARG N 790 -57.17 97.61 -37.83
CA ARG N 790 -58.43 97.22 -38.43
C ARG N 790 -59.42 98.37 -38.32
N ALA N 791 -60.11 98.67 -39.41
CA ALA N 791 -60.99 99.83 -39.46
C ALA N 791 -62.38 99.59 -38.88
N ALA N 792 -62.82 98.33 -38.75
CA ALA N 792 -64.18 98.06 -38.29
C ALA N 792 -64.33 98.37 -36.81
N ASP N 793 -63.52 97.74 -35.98
CA ASP N 793 -63.54 98.02 -34.55
C ASP N 793 -62.38 98.95 -34.27
N ALA N 794 -62.70 100.22 -34.09
CA ALA N 794 -61.73 101.20 -33.62
C ALA N 794 -61.76 101.16 -32.10
N ALA N 795 -61.02 102.04 -31.47
CA ALA N 795 -61.03 102.13 -30.02
C ALA N 795 -61.55 103.48 -29.59
N ASP N 796 -62.34 103.49 -28.52
CA ASP N 796 -62.71 104.72 -27.83
C ASP N 796 -62.41 104.59 -26.34
N ASP N 797 -63.01 103.61 -25.67
CA ASP N 797 -62.81 103.36 -24.25
C ASP N 797 -61.71 102.33 -23.96
N ARG N 798 -61.87 101.09 -24.47
CA ARG N 798 -61.04 99.96 -24.08
C ARG N 798 -59.95 99.70 -25.12
N PRO N 799 -58.68 99.59 -24.70
CA PRO N 799 -57.60 99.35 -25.66
C PRO N 799 -57.56 97.90 -26.12
N HIS N 800 -57.05 97.71 -27.33
CA HIS N 800 -57.08 96.41 -27.99
C HIS N 800 -55.78 95.63 -27.83
N ARG N 801 -54.77 96.19 -27.17
CA ARG N 801 -53.47 95.53 -27.08
C ARG N 801 -53.22 94.90 -25.72
N PRO N 802 -52.09 94.21 -25.54
CA PRO N 802 -51.74 93.75 -24.19
C PRO N 802 -51.08 94.84 -23.36
N ALA N 803 -50.76 94.53 -22.10
CA ALA N 803 -49.99 95.47 -21.29
C ALA N 803 -48.50 95.35 -21.60
N ASP N 804 -48.06 94.19 -22.07
CA ASP N 804 -46.66 94.04 -22.47
C ASP N 804 -46.31 94.98 -23.60
N TRP N 805 -47.30 95.40 -24.39
CA TRP N 805 -47.03 96.35 -25.46
C TRP N 805 -46.36 97.60 -24.93
N THR N 806 -47.05 98.32 -24.05
CA THR N 806 -46.50 99.56 -23.51
C THR N 806 -45.46 99.35 -22.45
N VAL N 807 -45.23 98.13 -22.00
CA VAL N 807 -44.09 97.84 -21.15
C VAL N 807 -42.82 97.81 -21.98
N HIS N 808 -42.88 97.18 -23.13
CA HIS N 808 -41.72 97.12 -24.01
C HIS N 808 -41.34 98.46 -24.57
N HIS N 809 -42.27 99.41 -24.63
CA HIS N 809 -41.93 100.74 -25.09
C HIS N 809 -41.24 101.54 -24.02
N LYS N 810 -41.64 101.35 -22.76
CA LYS N 810 -40.91 101.97 -21.67
C LYS N 810 -39.52 101.36 -21.55
N ILE N 811 -39.44 100.04 -21.51
CA ILE N 811 -38.13 99.39 -21.50
C ILE N 811 -37.29 99.86 -22.67
N TYR N 812 -37.87 99.90 -23.85
CA TYR N 812 -37.14 100.40 -24.99
C TYR N 812 -36.70 101.85 -24.78
N TYR N 813 -37.66 102.77 -24.73
CA TYR N 813 -37.32 104.19 -24.67
C TYR N 813 -36.45 104.50 -23.48
N TYR N 814 -36.81 104.01 -22.30
CA TYR N 814 -36.03 104.38 -21.13
C TYR N 814 -34.78 103.54 -20.95
N VAL N 815 -34.87 102.24 -21.12
CA VAL N 815 -33.67 101.44 -20.88
C VAL N 815 -32.76 101.46 -22.09
N LEU N 816 -33.28 101.18 -23.28
CA LEU N 816 -32.37 100.94 -24.41
C LEU N 816 -31.83 102.24 -25.00
N VAL N 817 -32.71 103.08 -25.52
CA VAL N 817 -32.29 104.30 -26.19
C VAL N 817 -31.24 105.07 -25.41
N PRO N 818 -31.29 105.22 -24.09
CA PRO N 818 -30.22 105.94 -23.43
C PRO N 818 -28.88 105.37 -23.63
N ALA N 819 -28.82 104.04 -23.69
CA ALA N 819 -27.65 103.20 -23.90
C ALA N 819 -26.97 103.38 -25.27
N PHE N 820 -27.76 103.62 -26.31
CA PHE N 820 -27.28 103.87 -27.65
C PHE N 820 -27.05 105.37 -27.97
N SER N 821 -27.84 106.24 -27.38
CA SER N 821 -27.75 107.66 -27.61
C SER N 821 -26.93 108.42 -26.62
N ARG N 822 -26.45 107.73 -25.61
CA ARG N 822 -25.61 108.23 -24.52
C ARG N 822 -25.90 109.69 -24.21
N GLY N 823 -27.14 110.11 -24.41
CA GLY N 823 -27.57 111.44 -24.02
C GLY N 823 -27.82 112.40 -25.15
N ARG N 824 -27.44 112.07 -26.38
CA ARG N 824 -27.69 112.92 -27.53
C ARG N 824 -28.89 112.36 -28.25
N CYS N 825 -30.01 113.02 -28.07
CA CYS N 825 -31.29 112.71 -28.69
C CYS N 825 -32.25 113.67 -28.05
N CYS N 826 -33.36 113.95 -28.70
CA CYS N 826 -34.33 114.83 -28.09
C CYS N 826 -35.68 114.42 -28.64
N THR N 827 -36.69 114.45 -27.78
CA THR N 827 -38.04 114.32 -28.27
C THR N 827 -38.37 115.54 -29.10
N ALA N 828 -39.40 115.43 -29.92
CA ALA N 828 -39.86 116.60 -30.65
C ALA N 828 -41.31 116.43 -30.99
N GLY N 829 -42.00 117.55 -31.13
CA GLY N 829 -43.34 117.53 -31.66
C GLY N 829 -43.33 117.56 -33.16
N VAL N 830 -44.46 117.22 -33.76
CA VAL N 830 -44.58 117.18 -35.20
C VAL N 830 -45.56 118.26 -35.63
N ARG N 831 -45.25 118.94 -36.72
CA ARG N 831 -46.21 119.78 -37.42
C ARG N 831 -46.83 118.92 -38.49
N PHE N 832 -48.07 118.49 -38.29
CA PHE N 832 -48.61 117.51 -39.22
C PHE N 832 -49.16 118.17 -40.49
N ASP N 833 -49.74 119.38 -40.36
CA ASP N 833 -50.13 120.12 -41.55
C ASP N 833 -49.00 120.18 -42.54
N ARG N 834 -47.79 120.37 -42.03
CA ARG N 834 -46.64 120.52 -42.88
C ARG N 834 -46.09 119.17 -43.33
N VAL N 835 -46.23 118.15 -42.52
CA VAL N 835 -45.69 116.84 -42.88
C VAL N 835 -46.50 116.21 -43.98
N TYR N 836 -47.82 116.15 -43.81
CA TYR N 836 -48.67 115.62 -44.87
C TYR N 836 -48.57 116.47 -46.12
N ALA N 837 -48.21 117.74 -45.97
CA ALA N 837 -48.19 118.64 -47.11
C ALA N 837 -47.16 118.23 -48.14
N THR N 838 -45.94 117.92 -47.71
CA THR N 838 -44.97 117.41 -48.66
C THR N 838 -45.00 115.90 -48.84
N LEU N 839 -45.56 115.13 -47.93
CA LEU N 839 -45.60 113.70 -48.17
C LEU N 839 -46.47 113.41 -49.37
N GLN N 840 -47.67 113.98 -49.42
CA GLN N 840 -48.40 113.94 -50.66
C GLN N 840 -48.11 115.27 -51.33
N ASN N 841 -46.93 115.34 -51.92
CA ASN N 841 -46.61 116.33 -52.93
C ASN N 841 -45.62 115.58 -53.81
N MET N 842 -46.07 115.12 -54.95
CA MET N 842 -45.23 114.24 -55.74
C MET N 842 -45.63 114.40 -57.19
N VAL N 843 -44.65 114.39 -58.07
CA VAL N 843 -44.93 114.30 -59.48
C VAL N 843 -44.47 112.91 -59.90
N VAL N 844 -45.43 112.04 -60.15
CA VAL N 844 -45.21 110.67 -60.60
C VAL N 844 -45.61 110.60 -62.06
N PRO N 845 -44.68 110.38 -62.98
CA PRO N 845 -44.99 110.55 -64.39
C PRO N 845 -45.94 109.47 -64.89
N GLU N 846 -46.90 109.90 -65.70
CA GLU N 846 -47.82 108.96 -66.32
C GLU N 846 -47.05 107.92 -67.13
N ILE N 847 -47.41 106.67 -66.96
CA ILE N 847 -46.73 105.59 -67.65
C ILE N 847 -47.23 105.49 -69.08
N ALA N 848 -46.34 105.10 -69.99
CA ALA N 848 -46.75 104.79 -71.35
C ALA N 848 -47.34 103.39 -71.39
N PRO N 849 -48.52 103.21 -71.97
CA PRO N 849 -49.15 101.88 -71.96
C PRO N 849 -48.28 100.84 -72.65
N GLY N 850 -48.08 99.71 -71.98
CA GLY N 850 -47.23 98.66 -72.48
C GLY N 850 -45.81 98.70 -71.95
N GLU N 851 -45.35 99.86 -71.48
CA GLU N 851 -43.98 100.04 -71.04
C GLU N 851 -43.83 99.67 -69.57
N GLU N 852 -42.76 98.94 -69.26
CA GLU N 852 -42.52 98.44 -67.91
C GLU N 852 -42.19 99.58 -66.96
N CYS N 853 -42.34 99.27 -65.68
CA CYS N 853 -42.03 100.26 -64.65
C CYS N 853 -40.56 100.61 -64.64
N PRO N 854 -40.20 101.86 -64.37
CA PRO N 854 -38.79 102.19 -64.16
C PRO N 854 -38.22 101.45 -62.98
N SER N 855 -37.10 100.78 -63.19
CA SER N 855 -36.29 100.27 -62.07
C SER N 855 -35.32 101.34 -61.54
N ASP N 856 -34.62 102.03 -62.46
CA ASP N 856 -33.47 102.86 -62.13
C ASP N 856 -33.80 104.34 -62.27
N PRO N 857 -33.55 105.14 -61.23
CA PRO N 857 -33.72 106.59 -61.38
C PRO N 857 -32.69 107.22 -62.30
N VAL N 858 -31.60 106.52 -62.60
CA VAL N 858 -30.54 107.13 -63.40
C VAL N 858 -30.92 107.14 -64.88
N THR N 859 -31.46 106.03 -65.37
CA THR N 859 -31.69 105.90 -66.81
C THR N 859 -33.06 106.42 -67.21
N ASP N 860 -34.12 105.81 -66.71
CA ASP N 860 -35.47 106.05 -67.19
C ASP N 860 -36.03 107.39 -66.72
N PRO N 861 -36.28 108.33 -67.63
CA PRO N 861 -36.96 109.58 -67.24
C PRO N 861 -38.35 109.39 -66.66
N ALA N 862 -38.94 108.20 -66.75
CA ALA N 862 -40.21 107.92 -66.14
C ALA N 862 -40.08 107.57 -64.67
N HIS N 863 -38.97 107.66 -64.16
CA HIS N 863 -38.85 107.40 -62.74
C HIS N 863 -39.14 108.66 -61.94
N PRO N 864 -39.83 108.55 -60.81
CA PRO N 864 -40.17 109.76 -60.03
C PRO N 864 -38.98 110.43 -59.38
N LEU N 865 -37.88 109.71 -59.17
CA LEU N 865 -36.64 110.26 -58.65
C LEU N 865 -35.62 110.61 -59.73
N HIS N 866 -35.94 110.40 -61.00
CA HIS N 866 -35.03 110.84 -62.04
C HIS N 866 -34.96 112.36 -62.02
N PRO N 867 -33.80 112.96 -62.32
CA PRO N 867 -33.71 114.43 -62.33
C PRO N 867 -34.81 115.13 -63.09
N ALA N 868 -35.41 114.50 -64.08
CA ALA N 868 -36.52 115.13 -64.77
C ALA N 868 -37.71 115.33 -63.84
N ASN N 869 -37.95 114.38 -62.94
CA ASN N 869 -39.12 114.36 -62.07
C ASN N 869 -38.84 114.95 -60.70
N LEU N 870 -37.65 115.49 -60.46
CA LEU N 870 -37.32 116.06 -59.17
C LEU N 870 -37.70 117.53 -59.21
N VAL N 871 -38.76 117.90 -58.51
CA VAL N 871 -39.21 119.28 -58.47
C VAL N 871 -38.81 119.78 -57.09
N ALA N 872 -39.04 121.04 -56.80
CA ALA N 872 -38.79 121.57 -55.48
C ALA N 872 -40.08 121.47 -54.66
N ASN N 873 -39.91 121.19 -53.37
CA ASN N 873 -40.98 121.10 -52.39
C ASN N 873 -41.90 119.94 -52.67
N THR N 874 -41.42 118.96 -53.40
CA THR N 874 -42.16 117.74 -53.61
C THR N 874 -41.60 116.65 -52.72
N VAL N 875 -42.25 115.49 -52.72
CA VAL N 875 -41.75 114.45 -51.84
C VAL N 875 -40.58 113.74 -52.47
N ASN N 876 -40.49 113.70 -53.80
CA ASN N 876 -39.47 112.85 -54.39
C ASN N 876 -38.11 113.54 -54.39
N ALA N 877 -38.07 114.86 -54.27
CA ALA N 877 -36.81 115.52 -53.97
C ALA N 877 -36.42 115.31 -52.52
N MET N 878 -37.39 114.99 -51.66
CA MET N 878 -37.08 114.67 -50.27
C MET N 878 -36.49 113.26 -50.17
N PHE N 879 -37.09 112.29 -50.85
CA PHE N 879 -36.42 111.00 -51.00
C PHE N 879 -35.08 111.12 -51.68
N HIS N 880 -34.86 112.20 -52.43
CA HIS N 880 -33.61 112.33 -53.15
C HIS N 880 -32.50 112.84 -52.23
N ASN N 881 -32.83 113.78 -51.37
CA ASN N 881 -31.85 114.31 -50.47
C ASN N 881 -31.36 113.17 -49.62
N GLY N 882 -32.24 112.26 -49.26
CA GLY N 882 -31.88 111.06 -48.52
C GLY N 882 -31.84 110.14 -49.71
N ARG N 883 -30.69 109.55 -49.94
CA ARG N 883 -30.50 108.79 -51.16
C ARG N 883 -31.17 107.48 -51.01
N VAL N 884 -32.49 107.55 -51.05
CA VAL N 884 -33.32 106.37 -50.87
C VAL N 884 -33.91 106.00 -52.22
N VAL N 885 -33.73 104.74 -52.63
CA VAL N 885 -34.20 104.29 -53.93
C VAL N 885 -35.61 103.77 -53.77
N VAL N 886 -36.56 104.46 -54.40
CA VAL N 886 -37.99 104.19 -54.25
C VAL N 886 -38.64 104.31 -55.62
N ASP N 887 -39.48 103.35 -55.97
CA ASP N 887 -40.10 103.38 -57.28
C ASP N 887 -41.51 103.93 -57.21
N GLY N 888 -42.11 104.11 -58.39
CA GLY N 888 -43.37 104.78 -58.53
C GLY N 888 -44.49 104.22 -57.68
N PRO N 889 -44.77 102.92 -57.80
CA PRO N 889 -45.92 102.37 -57.06
C PRO N 889 -45.71 102.39 -55.57
N ALA N 890 -44.46 102.46 -55.11
CA ALA N 890 -44.19 102.53 -53.68
C ALA N 890 -44.66 103.85 -53.08
N MET N 891 -44.20 104.97 -53.64
CA MET N 891 -44.63 106.25 -53.10
C MET N 891 -46.01 106.64 -53.57
N LEU N 892 -46.59 105.87 -54.50
CA LEU N 892 -47.98 106.07 -54.86
C LEU N 892 -48.91 105.57 -53.77
N THR N 893 -48.48 104.59 -52.98
CA THR N 893 -49.27 104.05 -51.88
C THR N 893 -49.56 105.09 -50.82
N LEU N 894 -48.98 106.26 -50.98
CA LEU N 894 -49.02 107.33 -50.03
C LEU N 894 -50.31 108.11 -50.09
N GLN N 895 -51.25 107.69 -50.95
CA GLN N 895 -52.62 108.19 -50.89
C GLN N 895 -53.35 107.75 -49.63
N VAL N 896 -52.83 106.72 -48.95
CA VAL N 896 -53.46 106.19 -47.75
C VAL N 896 -53.57 107.24 -46.64
N LEU N 897 -52.74 108.27 -46.67
CA LEU N 897 -52.63 109.17 -45.53
C LEU N 897 -53.90 109.98 -45.26
N ALA N 898 -54.87 109.97 -46.17
CA ALA N 898 -56.09 110.74 -45.92
C ALA N 898 -57.04 110.01 -44.99
N HIS N 899 -57.01 108.69 -44.96
CA HIS N 899 -57.94 107.94 -44.13
C HIS N 899 -57.49 107.91 -42.68
N ASN N 900 -56.22 107.60 -42.44
CA ASN N 900 -55.62 107.76 -41.12
C ASN N 900 -54.59 108.87 -41.24
N MET N 901 -54.85 109.99 -40.60
CA MET N 901 -53.84 111.00 -40.43
C MET N 901 -53.81 111.40 -38.97
N ALA N 902 -52.69 111.99 -38.56
CA ALA N 902 -52.52 112.45 -37.20
C ALA N 902 -52.72 113.96 -37.16
N GLU N 903 -53.21 114.42 -36.03
CA GLU N 903 -53.70 115.79 -35.91
C GLU N 903 -52.62 116.72 -35.37
N ARG N 904 -52.28 116.55 -34.11
CA ARG N 904 -51.22 117.34 -33.52
C ARG N 904 -50.63 116.57 -32.36
N THR N 905 -49.42 116.96 -31.97
CA THR N 905 -48.80 116.43 -30.76
C THR N 905 -49.25 117.29 -29.58
N THR N 906 -49.46 116.65 -28.43
CA THR N 906 -49.86 117.42 -27.26
C THR N 906 -49.04 116.97 -26.07
N ALA N 907 -48.25 117.88 -25.53
CA ALA N 907 -47.57 117.63 -24.27
C ALA N 907 -48.59 117.33 -23.19
N LEU N 908 -48.40 116.21 -22.52
CA LEU N 908 -49.34 115.64 -21.57
C LEU N 908 -48.62 115.49 -20.25
N LEU N 909 -49.14 116.13 -19.21
CA LEU N 909 -48.57 116.05 -17.87
C LEU N 909 -49.55 115.33 -16.97
N CYS N 910 -49.11 114.22 -16.39
CA CYS N 910 -49.93 113.40 -15.53
C CYS N 910 -49.14 113.02 -14.30
N SER N 911 -49.77 112.92 -13.13
CA SER N 911 -49.07 112.55 -11.91
C SER N 911 -49.81 111.43 -11.22
N ALA N 912 -49.30 111.07 -10.04
CA ALA N 912 -49.78 109.93 -9.27
C ALA N 912 -49.04 109.92 -7.95
N ALA N 913 -49.63 109.25 -6.97
CA ALA N 913 -49.11 109.24 -5.61
C ALA N 913 -48.28 107.97 -5.41
N PRO N 914 -47.63 107.80 -4.25
CA PRO N 914 -46.94 106.55 -4.01
C PRO N 914 -47.90 105.39 -3.93
N ASP N 915 -47.43 104.23 -4.36
CA ASP N 915 -48.29 103.07 -4.47
C ASP N 915 -48.62 102.50 -3.10
N ALA N 916 -49.66 101.68 -3.08
CA ALA N 916 -49.83 100.79 -1.95
C ALA N 916 -48.51 100.08 -1.72
N GLY N 917 -48.10 99.95 -0.47
CA GLY N 917 -46.76 99.43 -0.33
C GLY N 917 -45.70 100.43 -0.70
N ALA N 918 -45.71 101.56 0.01
CA ALA N 918 -44.95 102.80 -0.14
C ALA N 918 -46.11 103.61 0.38
N ASN N 919 -46.28 104.86 0.01
CA ASN N 919 -47.42 105.63 0.51
C ASN N 919 -47.30 105.87 2.02
N THR N 920 -48.25 105.43 2.82
CA THR N 920 -48.22 105.62 4.26
C THR N 920 -48.63 107.03 4.43
N ALA N 921 -48.71 107.50 5.66
CA ALA N 921 -49.15 108.85 5.95
C ALA N 921 -48.34 110.06 5.52
N SER N 922 -47.01 109.99 5.46
CA SER N 922 -46.25 111.18 5.11
C SER N 922 -46.28 111.41 3.61
N THR N 923 -46.19 110.34 2.85
CA THR N 923 -46.15 110.39 1.40
C THR N 923 -47.53 110.37 0.78
N ALA N 924 -48.58 110.45 1.59
CA ALA N 924 -49.93 110.52 1.05
C ALA N 924 -50.08 111.68 0.08
N ASN N 925 -49.46 112.81 0.38
CA ASN N 925 -49.61 114.02 -0.41
C ASN N 925 -48.51 114.20 -1.44
N MET N 926 -47.63 113.24 -1.62
CA MET N 926 -46.62 113.36 -2.65
C MET N 926 -47.20 113.05 -4.01
N ARG N 927 -46.67 113.71 -5.02
CA ARG N 927 -47.06 113.51 -6.40
C ARG N 927 -45.80 113.34 -7.23
N ILE N 928 -45.89 112.53 -8.27
CA ILE N 928 -44.78 112.28 -9.18
C ILE N 928 -45.25 112.67 -10.57
N PHE N 929 -44.72 113.76 -11.09
CA PHE N 929 -45.16 114.29 -12.37
C PHE N 929 -44.30 113.73 -13.48
N ASP N 930 -44.96 113.15 -14.47
CA ASP N 930 -44.29 112.55 -15.61
C ASP N 930 -44.94 113.05 -16.89
N GLY N 931 -44.19 113.75 -17.70
CA GLY N 931 -44.71 114.22 -18.95
C GLY N 931 -44.51 113.24 -20.09
N ALA N 932 -45.34 113.39 -21.11
CA ALA N 932 -45.22 112.60 -22.32
C ALA N 932 -45.83 113.39 -23.48
N LEU N 933 -45.33 113.13 -24.67
CA LEU N 933 -45.90 113.68 -25.89
C LEU N 933 -46.82 112.66 -26.51
N HIS N 934 -47.98 113.11 -27.00
CA HIS N 934 -48.91 112.14 -27.55
C HIS N 934 -48.38 111.67 -28.89
N ALA N 935 -48.44 112.45 -29.95
CA ALA N 935 -47.72 112.00 -31.12
C ALA N 935 -46.43 112.82 -31.18
N GLY N 936 -45.38 112.25 -30.57
CA GLY N 936 -44.08 112.85 -30.57
C GLY N 936 -43.15 111.97 -31.38
N VAL N 937 -41.92 112.43 -31.51
CA VAL N 937 -40.93 111.70 -32.28
C VAL N 937 -39.58 111.92 -31.62
N LEU N 938 -38.72 110.92 -31.72
CA LEU N 938 -37.41 110.96 -31.11
C LEU N 938 -36.37 111.28 -32.17
N LEU N 939 -35.69 112.39 -32.00
CA LEU N 939 -34.71 112.89 -32.95
C LEU N 939 -33.32 112.45 -32.50
N MET N 940 -32.65 111.67 -33.33
CA MET N 940 -31.45 111.00 -32.84
C MET N 940 -30.22 111.89 -32.92
N ALA N 941 -29.67 112.06 -34.10
CA ALA N 941 -28.48 112.90 -34.18
C ALA N 941 -28.85 114.26 -34.70
N PRO N 942 -28.50 115.34 -34.03
CA PRO N 942 -28.94 116.65 -34.51
C PRO N 942 -28.33 116.93 -35.87
N GLN N 943 -29.17 117.22 -36.83
CA GLN N 943 -28.68 117.93 -37.99
C GLN N 943 -29.31 119.31 -37.87
N HIS N 944 -28.63 120.17 -37.12
CA HIS N 944 -28.95 121.57 -36.98
C HIS N 944 -28.05 122.41 -37.84
N LEU N 945 -27.03 121.80 -38.42
CA LEU N 945 -26.21 122.45 -39.41
C LEU N 945 -26.45 121.67 -40.68
N ASP N 946 -27.61 121.92 -41.26
CA ASP N 946 -27.97 121.52 -42.60
C ASP N 946 -29.01 122.55 -43.01
N HIS N 947 -28.69 123.36 -44.00
CA HIS N 947 -29.55 124.49 -44.30
C HIS N 947 -30.50 124.21 -45.44
N THR N 948 -30.56 122.96 -45.91
CA THR N 948 -31.56 122.54 -46.88
C THR N 948 -32.95 122.58 -46.30
N ILE N 949 -33.14 122.20 -45.06
CA ILE N 949 -34.46 122.24 -44.46
C ILE N 949 -34.44 123.21 -43.29
N GLN N 950 -35.48 124.03 -43.22
CA GLN N 950 -35.54 125.08 -42.21
C GLN N 950 -35.54 124.49 -40.80
N ASN N 951 -34.78 125.13 -39.91
CA ASN N 951 -34.76 124.72 -38.51
C ASN N 951 -36.15 124.90 -37.90
N GLY N 952 -36.69 123.84 -37.32
CA GLY N 952 -38.00 123.90 -36.73
C GLY N 952 -39.14 123.71 -37.70
N GLU N 953 -38.83 123.39 -38.95
CA GLU N 953 -39.83 123.25 -40.01
C GLU N 953 -40.90 122.22 -39.67
N TYR N 954 -40.55 120.94 -39.79
CA TYR N 954 -41.51 119.87 -39.53
C TYR N 954 -41.60 119.49 -38.07
N PHE N 955 -40.58 119.72 -37.29
CA PHE N 955 -40.63 119.32 -35.90
C PHE N 955 -40.09 120.43 -35.06
N TYR N 956 -40.38 120.42 -33.77
CA TYR N 956 -39.85 121.43 -32.88
C TYR N 956 -39.30 120.66 -31.69
N VAL N 957 -38.23 121.12 -31.08
CA VAL N 957 -37.56 120.36 -30.05
C VAL N 957 -38.41 119.83 -28.89
N LEU N 958 -38.74 120.63 -27.90
CA LEU N 958 -39.58 120.06 -26.85
C LEU N 958 -39.05 118.78 -26.20
N PRO N 959 -38.05 118.86 -25.29
CA PRO N 959 -37.72 117.72 -24.45
C PRO N 959 -38.75 117.41 -23.38
N VAL N 960 -39.15 116.14 -23.23
CA VAL N 960 -40.10 115.78 -22.17
C VAL N 960 -39.38 115.50 -20.87
N HIS N 961 -38.46 114.55 -20.89
CA HIS N 961 -37.68 114.15 -19.73
C HIS N 961 -36.23 114.50 -19.99
N ALA N 962 -35.46 114.66 -18.92
CA ALA N 962 -34.05 115.01 -19.06
C ALA N 962 -33.21 113.88 -19.62
N LEU N 963 -33.76 112.66 -19.73
CA LEU N 963 -33.10 111.64 -20.53
C LEU N 963 -33.03 112.06 -21.97
N PHE N 964 -34.14 112.56 -22.49
CA PHE N 964 -34.24 112.98 -23.88
C PHE N 964 -34.10 114.47 -24.22
N ALA N 965 -33.12 115.18 -23.65
CA ALA N 965 -32.92 116.55 -24.05
C ALA N 965 -31.51 116.52 -24.63
N GLY N 966 -31.38 116.74 -25.93
CA GLY N 966 -30.05 116.88 -26.46
C GLY N 966 -29.57 118.28 -26.17
N ALA N 967 -28.31 118.39 -25.78
CA ALA N 967 -27.78 119.72 -25.64
C ALA N 967 -27.72 120.43 -26.97
N ASP N 968 -27.46 119.68 -28.05
CA ASP N 968 -27.36 120.27 -29.38
C ASP N 968 -28.67 120.33 -30.13
N HIS N 969 -29.70 119.62 -29.70
CA HIS N 969 -31.02 119.86 -30.26
C HIS N 969 -31.64 121.09 -29.65
N VAL N 970 -31.38 121.31 -28.36
CA VAL N 970 -32.01 122.39 -27.63
C VAL N 970 -31.29 123.70 -27.83
N ALA N 971 -29.95 123.68 -27.81
CA ALA N 971 -29.23 124.94 -27.94
C ALA N 971 -29.32 125.50 -29.34
N ASN N 972 -29.58 124.65 -30.31
CA ASN N 972 -29.68 125.04 -31.71
C ASN N 972 -31.12 125.22 -32.17
N ALA N 973 -32.07 125.16 -31.25
CA ALA N 973 -33.47 125.50 -31.48
C ALA N 973 -33.56 126.91 -32.06
N PRO N 974 -34.64 127.24 -32.77
CA PRO N 974 -34.62 128.48 -33.57
C PRO N 974 -34.34 129.75 -32.78
N ASN N 975 -35.04 130.00 -31.68
CA ASN N 975 -34.69 131.13 -30.81
C ASN N 975 -34.26 130.54 -29.48
N PHE N 976 -32.96 130.52 -29.25
CA PHE N 976 -32.36 130.03 -28.03
C PHE N 976 -31.54 131.15 -27.42
N PRO N 977 -31.83 131.58 -26.19
CA PRO N 977 -31.08 132.68 -25.60
C PRO N 977 -29.60 132.42 -25.65
N PRO N 978 -28.82 133.36 -26.21
CA PRO N 978 -27.37 133.14 -26.31
C PRO N 978 -26.68 133.18 -24.96
N ALA N 979 -27.32 133.69 -23.92
CA ALA N 979 -26.75 133.64 -22.59
C ALA N 979 -26.75 132.24 -22.02
N LEU N 980 -27.59 131.34 -22.55
CA LEU N 980 -27.72 130.00 -22.01
C LEU N 980 -26.85 128.99 -22.73
N ARG N 981 -25.99 129.44 -23.64
CA ARG N 981 -25.24 128.50 -24.47
C ARG N 981 -24.40 127.56 -23.64
N ASP N 982 -23.69 128.08 -22.64
CA ASP N 982 -22.90 127.21 -21.79
C ASP N 982 -23.79 126.44 -20.82
N LEU N 983 -24.71 127.13 -20.14
CA LEU N 983 -25.60 126.45 -19.23
C LEU N 983 -26.27 125.27 -19.89
N ALA N 984 -26.83 125.47 -21.09
CA ALA N 984 -27.50 124.39 -21.78
C ALA N 984 -26.57 123.26 -22.16
N ARG N 985 -25.27 123.46 -22.00
CA ARG N 985 -24.31 122.40 -22.31
C ARG N 985 -24.23 121.39 -21.19
N HIS N 986 -24.15 121.84 -19.94
CA HIS N 986 -24.15 120.95 -18.78
C HIS N 986 -25.51 120.86 -18.09
N VAL N 987 -26.56 121.48 -18.63
CA VAL N 987 -27.87 121.39 -17.99
C VAL N 987 -28.94 120.91 -18.98
N PRO N 988 -29.84 120.03 -18.53
CA PRO N 988 -30.97 119.58 -19.35
C PRO N 988 -32.18 120.48 -19.30
N LEU N 989 -32.34 121.42 -20.22
CA LEU N 989 -33.41 122.40 -20.09
C LEU N 989 -34.74 121.73 -20.47
N VAL N 990 -35.59 121.49 -19.47
CA VAL N 990 -36.87 120.81 -19.64
C VAL N 990 -37.97 121.66 -19.03
N PRO N 991 -38.96 122.10 -19.81
CA PRO N 991 -40.02 122.94 -19.24
C PRO N 991 -40.83 122.19 -18.19
N PRO N 992 -41.00 122.76 -16.99
CA PRO N 992 -41.73 122.04 -15.94
C PRO N 992 -43.16 121.76 -16.31
N ALA N 993 -43.69 122.41 -17.34
CA ALA N 993 -44.95 121.96 -17.89
C ALA N 993 -44.88 120.48 -18.21
N LEU N 994 -43.69 119.99 -18.51
CA LEU N 994 -43.46 118.57 -18.71
C LEU N 994 -42.91 117.89 -17.48
N GLY N 995 -42.81 118.57 -16.36
CA GLY N 995 -42.33 117.98 -15.14
C GLY N 995 -40.95 118.48 -14.74
N ALA N 996 -40.59 118.14 -13.51
CA ALA N 996 -39.39 118.63 -12.87
C ALA N 996 -38.51 117.46 -12.48
N ASN N 997 -37.24 117.74 -12.26
CA ASN N 997 -36.32 116.72 -11.78
C ASN N 997 -36.88 116.03 -10.57
N TYR N 998 -36.90 116.75 -9.44
CA TYR N 998 -37.25 116.15 -8.17
C TYR N 998 -38.58 115.46 -8.19
N PHE N 999 -39.50 115.91 -9.01
CA PHE N 999 -40.82 115.33 -9.04
C PHE N 999 -40.98 114.25 -10.07
N SER N 1000 -39.91 113.85 -10.74
CA SER N 1000 -40.03 112.78 -11.70
C SER N 1000 -39.69 111.44 -11.08
N SER N 1001 -39.94 110.39 -11.85
CA SER N 1001 -39.57 109.05 -11.44
C SER N 1001 -38.11 108.76 -11.75
N ILE N 1002 -37.63 109.28 -12.87
CA ILE N 1002 -36.26 109.13 -13.30
C ILE N 1002 -35.60 110.47 -13.14
N ARG N 1003 -34.66 110.55 -12.24
CA ARG N 1003 -33.99 111.78 -11.89
C ARG N 1003 -32.57 111.71 -12.40
N GLN N 1004 -31.78 112.72 -12.05
CA GLN N 1004 -30.49 112.96 -12.68
C GLN N 1004 -29.49 111.82 -12.56
N PRO N 1005 -29.36 111.11 -11.44
CA PRO N 1005 -28.32 110.09 -11.39
C PRO N 1005 -28.49 109.03 -12.44
N VAL N 1006 -29.72 108.82 -12.92
CA VAL N 1006 -29.94 107.86 -13.99
C VAL N 1006 -29.46 108.44 -15.30
N VAL N 1007 -29.59 109.75 -15.47
CA VAL N 1007 -29.22 110.39 -16.72
C VAL N 1007 -27.71 110.45 -16.86
N GLN N 1008 -27.03 110.90 -15.81
CA GLN N 1008 -25.58 110.98 -15.83
C GLN N 1008 -24.92 109.61 -15.78
N HIS N 1009 -25.61 108.58 -15.31
CA HIS N 1009 -25.04 107.24 -15.39
C HIS N 1009 -24.98 106.76 -16.81
N ALA N 1010 -26.04 107.01 -17.59
CA ALA N 1010 -26.09 106.52 -18.95
C ALA N 1010 -25.02 107.13 -19.82
N ARG N 1011 -24.80 108.44 -19.71
CA ARG N 1011 -23.80 109.04 -20.57
C ARG N 1011 -22.38 108.84 -20.06
N GLU N 1012 -22.17 108.84 -18.75
CA GLU N 1012 -20.85 108.80 -18.17
C GLU N 1012 -20.25 107.40 -18.13
N SER N 1013 -21.07 106.36 -18.25
CA SER N 1013 -20.56 105.01 -18.05
C SER N 1013 -19.52 104.65 -19.09
N ALA N 1014 -18.57 103.81 -18.70
CA ALA N 1014 -17.60 103.27 -19.63
C ALA N 1014 -17.98 101.91 -20.18
N ALA N 1015 -18.98 101.24 -19.61
CA ALA N 1015 -19.26 99.87 -19.96
C ALA N 1015 -19.87 99.78 -21.35
N GLY N 1016 -20.19 98.57 -21.77
CA GLY N 1016 -20.73 98.36 -23.09
C GLY N 1016 -22.14 98.89 -23.19
N GLU N 1017 -22.80 98.56 -24.29
CA GLU N 1017 -24.24 98.75 -24.39
C GLU N 1017 -25.00 97.59 -23.77
N ASN N 1018 -24.48 96.36 -23.87
CA ASN N 1018 -25.17 95.23 -23.25
C ASN N 1018 -25.21 95.37 -21.74
N ALA N 1019 -24.09 95.78 -21.14
CA ALA N 1019 -24.01 95.87 -19.69
C ALA N 1019 -24.66 97.14 -19.19
N LEU N 1020 -24.49 98.25 -19.89
CA LEU N 1020 -25.18 99.45 -19.47
C LEU N 1020 -26.66 99.27 -19.50
N THR N 1021 -27.14 98.31 -20.28
CA THR N 1021 -28.56 98.09 -20.42
C THR N 1021 -29.13 97.28 -19.26
N TYR N 1022 -28.39 96.27 -18.79
CA TYR N 1022 -28.84 95.56 -17.59
C TYR N 1022 -28.56 96.35 -16.33
N ALA N 1023 -27.54 97.20 -16.35
CA ALA N 1023 -27.18 98.02 -15.21
C ALA N 1023 -28.13 99.17 -15.03
N LEU N 1024 -28.72 99.61 -16.11
CA LEU N 1024 -29.71 100.67 -16.12
C LEU N 1024 -31.08 100.11 -15.78
N MET N 1025 -31.39 98.93 -16.33
CA MET N 1025 -32.60 98.21 -15.96
C MET N 1025 -32.63 97.89 -14.48
N ALA N 1026 -31.47 97.70 -13.88
CA ALA N 1026 -31.38 97.42 -12.45
C ALA N 1026 -31.48 98.66 -11.60
N GLY N 1027 -31.41 99.84 -12.18
CA GLY N 1027 -31.64 101.04 -11.42
C GLY N 1027 -33.07 101.46 -11.37
N TYR N 1028 -33.95 100.75 -12.09
CA TYR N 1028 -35.37 101.05 -12.06
C TYR N 1028 -36.14 100.18 -11.11
N PHE N 1029 -35.48 99.30 -10.38
CA PHE N 1029 -36.17 98.66 -9.29
C PHE N 1029 -36.60 99.72 -8.29
N LYS N 1030 -37.79 99.56 -7.76
CA LYS N 1030 -38.43 100.60 -6.98
C LYS N 1030 -38.08 100.40 -5.53
N MET N 1031 -37.92 101.50 -4.79
CA MET N 1031 -37.38 101.45 -3.44
C MET N 1031 -38.46 101.78 -2.42
N SER N 1032 -39.11 100.75 -1.91
CA SER N 1032 -40.36 100.84 -1.17
C SER N 1032 -40.40 99.72 -0.16
N PRO N 1033 -41.12 99.88 0.96
CA PRO N 1033 -41.16 98.79 1.94
C PRO N 1033 -41.49 97.45 1.31
N VAL N 1034 -42.46 97.41 0.41
CA VAL N 1034 -42.84 96.16 -0.23
C VAL N 1034 -41.87 95.78 -1.32
N ALA N 1035 -41.45 96.76 -2.13
CA ALA N 1035 -40.56 96.48 -3.25
C ALA N 1035 -39.22 95.95 -2.77
N LEU N 1036 -38.69 96.49 -1.69
CA LEU N 1036 -37.47 95.93 -1.11
C LEU N 1036 -37.63 94.48 -0.70
N TYR N 1037 -38.80 94.06 -0.31
CA TYR N 1037 -38.97 92.69 0.11
C TYR N 1037 -38.64 91.75 -1.00
N HIS N 1038 -39.12 92.00 -2.20
CA HIS N 1038 -38.86 91.11 -3.32
C HIS N 1038 -37.38 91.10 -3.67
N GLN N 1039 -36.82 92.27 -3.93
CA GLN N 1039 -35.47 92.31 -4.44
C GLN N 1039 -34.46 91.98 -3.37
N LEU N 1040 -34.79 92.23 -2.12
CA LEU N 1040 -33.85 91.93 -1.05
C LEU N 1040 -33.83 90.44 -0.78
N LYS N 1041 -34.99 89.80 -0.83
CA LYS N 1041 -35.11 88.39 -0.53
C LYS N 1041 -34.75 87.52 -1.72
N THR N 1042 -34.70 88.08 -2.92
CA THR N 1042 -34.35 87.34 -4.13
C THR N 1042 -32.89 87.50 -4.52
N GLY N 1043 -32.11 88.26 -3.78
CA GLY N 1043 -30.71 88.37 -4.11
C GLY N 1043 -30.38 89.46 -5.08
N LEU N 1044 -31.17 90.52 -5.10
CA LEU N 1044 -30.84 91.73 -5.82
C LEU N 1044 -30.18 92.67 -4.83
N HIS N 1045 -29.19 93.42 -5.30
CA HIS N 1045 -28.57 94.40 -4.43
C HIS N 1045 -29.27 95.74 -4.64
N PRO N 1046 -29.99 96.24 -3.70
CA PRO N 1046 -30.74 97.47 -3.90
C PRO N 1046 -29.97 98.76 -3.75
N GLY N 1047 -28.80 98.82 -4.36
CA GLY N 1047 -28.10 100.08 -4.48
C GLY N 1047 -27.51 100.67 -3.21
N PHE N 1048 -27.80 100.11 -2.04
CA PHE N 1048 -27.15 100.58 -0.83
C PHE N 1048 -26.89 99.37 0.07
N GLY N 1049 -26.22 99.62 1.17
CA GLY N 1049 -25.74 98.54 2.01
C GLY N 1049 -25.76 99.01 3.44
N PHE N 1050 -25.67 98.05 4.34
CA PHE N 1050 -25.94 98.35 5.74
C PHE N 1050 -24.67 98.38 6.55
N THR N 1051 -24.80 98.76 7.80
CA THR N 1051 -23.78 98.56 8.81
C THR N 1051 -24.46 97.87 9.99
N VAL N 1052 -23.94 96.72 10.37
CA VAL N 1052 -24.57 95.89 11.37
C VAL N 1052 -23.95 96.20 12.71
N VAL N 1053 -24.76 96.59 13.68
CA VAL N 1053 -24.32 96.84 15.04
C VAL N 1053 -24.86 95.73 15.93
N ARG N 1054 -23.98 95.13 16.71
CA ARG N 1054 -24.35 94.01 17.57
C ARG N 1054 -23.62 94.14 18.89
N GLN N 1055 -24.34 94.00 19.98
CA GLN N 1055 -23.78 94.14 21.31
C GLN N 1055 -23.64 92.79 21.98
N ASP N 1056 -22.47 92.54 22.55
CA ASP N 1056 -22.16 91.25 23.13
C ASP N 1056 -21.79 91.39 24.60
N ARG N 1057 -21.89 90.28 25.31
CA ARG N 1057 -21.61 90.19 26.73
C ARG N 1057 -20.37 89.35 26.95
N PHE N 1058 -19.66 89.59 28.02
CA PHE N 1058 -18.55 88.74 28.36
C PHE N 1058 -18.46 88.65 29.86
N VAL N 1059 -18.24 87.45 30.37
CA VAL N 1059 -17.95 87.31 31.79
C VAL N 1059 -16.45 87.38 31.96
N THR N 1060 -16.00 88.40 32.65
CA THR N 1060 -14.59 88.63 32.84
C THR N 1060 -14.18 88.10 34.21
N GLU N 1061 -12.90 88.18 34.49
CA GLU N 1061 -12.37 88.00 35.82
C GLU N 1061 -11.48 89.18 36.12
N ASN N 1062 -11.40 89.55 37.38
CA ASN N 1062 -10.79 90.82 37.73
C ASN N 1062 -9.82 90.67 38.88
N VAL N 1063 -8.91 91.62 38.93
CA VAL N 1063 -8.15 91.96 40.12
C VAL N 1063 -8.61 93.33 40.54
N LEU N 1064 -8.69 93.56 41.84
CA LEU N 1064 -9.03 94.87 42.37
C LEU N 1064 -8.08 95.26 43.46
N PHE N 1065 -7.15 96.15 43.18
CA PHE N 1065 -6.22 96.58 44.20
C PHE N 1065 -6.80 97.79 44.91
N SER N 1066 -7.22 97.61 46.14
CA SER N 1066 -7.57 98.74 46.99
C SER N 1066 -6.36 99.10 47.83
N GLU N 1067 -6.57 99.91 48.85
CA GLU N 1067 -5.45 100.44 49.59
C GLU N 1067 -5.85 100.48 51.07
N ARG N 1068 -5.03 101.11 51.91
CA ARG N 1068 -5.18 100.87 53.35
C ARG N 1068 -6.41 101.56 53.91
N ALA N 1069 -6.38 102.86 54.09
CA ALA N 1069 -7.64 103.45 54.47
C ALA N 1069 -8.16 104.07 53.19
N SER N 1070 -8.93 103.32 52.44
CA SER N 1070 -9.63 103.84 51.29
C SER N 1070 -11.09 104.07 51.59
N GLU N 1071 -11.53 103.76 52.80
CA GLU N 1071 -12.95 103.83 53.12
C GLU N 1071 -13.09 104.04 54.61
N ALA N 1072 -14.20 104.68 55.01
CA ALA N 1072 -14.46 104.95 56.43
C ALA N 1072 -15.31 103.84 57.03
N TYR N 1073 -16.55 103.71 56.59
CA TYR N 1073 -17.35 102.57 56.99
C TYR N 1073 -17.64 102.47 58.50
N PHE N 1074 -18.60 103.26 58.97
CA PHE N 1074 -19.12 103.21 60.34
C PHE N 1074 -20.17 102.11 60.51
N LEU N 1075 -20.24 101.53 61.70
CA LEU N 1075 -21.18 100.46 62.04
C LEU N 1075 -22.17 100.95 63.08
N GLY N 1076 -23.40 100.49 62.97
CA GLY N 1076 -24.51 100.90 63.79
C GLY N 1076 -24.84 99.89 64.88
N GLN N 1077 -26.13 99.76 65.15
CA GLN N 1077 -26.72 98.95 66.21
C GLN N 1077 -27.64 97.91 65.57
N LEU N 1078 -27.97 96.85 66.31
CA LEU N 1078 -28.54 95.66 65.68
C LEU N 1078 -30.01 95.77 65.29
N GLN N 1079 -30.84 96.48 66.04
CA GLN N 1079 -32.23 96.67 65.62
C GLN N 1079 -33.00 95.40 65.22
N VAL N 1080 -33.39 94.59 66.19
CA VAL N 1080 -34.20 93.40 65.89
C VAL N 1080 -35.64 93.82 65.66
N ALA N 1081 -36.29 93.18 64.71
CA ALA N 1081 -37.72 93.38 64.44
C ALA N 1081 -38.39 92.02 64.32
N ARG N 1082 -39.68 91.98 64.59
CA ARG N 1082 -40.42 90.73 64.53
C ARG N 1082 -41.74 90.87 63.81
N HIS N 1083 -42.05 89.98 62.89
CA HIS N 1083 -43.33 90.05 62.19
C HIS N 1083 -43.99 88.69 62.06
N GLU N 1084 -45.05 88.61 61.29
CA GLU N 1084 -45.80 87.40 61.11
C GLU N 1084 -45.51 86.52 59.95
N THR N 1085 -46.04 85.32 60.00
CA THR N 1085 -45.75 84.40 58.94
C THR N 1085 -46.79 83.32 58.76
N GLY N 1086 -46.57 82.56 57.71
CA GLY N 1086 -47.57 81.62 57.27
C GLY N 1086 -47.72 80.45 58.22
N GLY N 1087 -47.59 80.68 59.52
CA GLY N 1087 -47.29 79.64 60.47
C GLY N 1087 -45.96 79.75 61.16
N GLY N 1088 -45.36 80.94 61.19
CA GLY N 1088 -44.17 81.18 61.96
C GLY N 1088 -44.10 82.64 62.37
N VAL N 1089 -42.99 83.05 62.95
CA VAL N 1089 -42.74 84.43 63.31
C VAL N 1089 -41.36 84.81 62.80
N ASN N 1090 -41.30 85.76 61.87
CA ASN N 1090 -40.03 86.22 61.36
C ASN N 1090 -39.37 87.17 62.35
N PHE N 1091 -38.06 87.05 62.46
CA PHE N 1091 -37.24 88.04 63.13
C PHE N 1091 -36.26 88.56 62.11
N THR N 1092 -36.43 89.81 61.70
CA THR N 1092 -35.52 90.41 60.74
C THR N 1092 -34.54 91.32 61.47
N LEU N 1093 -33.25 91.10 61.23
CA LEU N 1093 -32.18 91.86 61.84
C LEU N 1093 -31.70 92.88 60.84
N THR N 1094 -31.52 94.11 61.27
CA THR N 1094 -31.06 95.16 60.36
C THR N 1094 -30.03 96.01 61.06
N GLN N 1095 -28.95 96.32 60.36
CA GLN N 1095 -27.95 97.14 61.00
C GLN N 1095 -27.73 98.40 60.18
N PRO N 1096 -27.72 99.57 60.79
CA PRO N 1096 -27.40 100.79 60.07
C PRO N 1096 -25.91 100.91 59.82
N ARG N 1097 -25.55 101.39 58.64
CA ARG N 1097 -24.15 101.60 58.33
C ARG N 1097 -24.02 102.89 57.53
N GLY N 1098 -22.77 103.25 57.26
CA GLY N 1098 -22.45 104.43 56.49
C GLY N 1098 -21.00 104.25 56.10
N ASN N 1099 -20.51 105.13 55.25
CA ASN N 1099 -19.12 105.00 54.81
C ASN N 1099 -18.73 106.17 53.91
N VAL N 1100 -17.43 106.37 53.78
CA VAL N 1100 -16.87 107.50 53.05
C VAL N 1100 -15.64 107.05 52.31
N ASP N 1101 -15.52 107.40 51.04
CA ASP N 1101 -14.23 107.28 50.40
C ASP N 1101 -13.26 108.17 51.13
N LEU N 1102 -12.20 107.59 51.66
CA LEU N 1102 -11.30 108.36 52.49
C LEU N 1102 -10.05 108.56 51.64
N GLY N 1103 -10.00 109.68 50.97
CA GLY N 1103 -8.87 110.02 50.14
C GLY N 1103 -9.28 111.04 49.11
N VAL N 1104 -8.29 111.82 48.73
CA VAL N 1104 -8.41 112.85 47.75
C VAL N 1104 -8.50 112.41 46.29
N GLY N 1105 -7.69 111.44 45.85
CA GLY N 1105 -7.81 110.98 44.49
C GLY N 1105 -7.53 109.55 44.10
N TYR N 1106 -8.50 108.74 43.72
CA TYR N 1106 -8.22 107.36 43.29
C TYR N 1106 -7.50 106.40 44.25
N THR N 1107 -8.15 105.91 45.30
CA THR N 1107 -7.51 104.95 46.18
C THR N 1107 -7.69 103.50 45.76
N ALA N 1108 -8.47 103.19 44.74
CA ALA N 1108 -8.65 101.81 44.30
C ALA N 1108 -8.60 101.74 42.79
N VAL N 1109 -8.17 100.60 42.26
CA VAL N 1109 -8.12 100.37 40.82
C VAL N 1109 -8.55 98.94 40.55
N ALA N 1110 -9.26 98.74 39.45
CA ALA N 1110 -9.67 97.43 39.02
C ALA N 1110 -9.09 97.13 37.64
N ALA N 1111 -8.91 95.86 37.34
CA ALA N 1111 -8.32 95.44 36.09
C ALA N 1111 -8.99 94.14 35.64
N THR N 1112 -9.20 93.93 34.35
CA THR N 1112 -9.82 92.72 33.87
C THR N 1112 -8.69 91.85 33.46
N ALA N 1113 -8.61 90.65 33.99
CA ALA N 1113 -7.50 89.84 33.68
C ALA N 1113 -7.71 88.74 32.69
N THR N 1114 -8.94 88.32 32.46
CA THR N 1114 -9.24 87.26 31.49
C THR N 1114 -10.72 87.32 31.22
N VAL N 1115 -11.24 86.45 30.37
CA VAL N 1115 -12.65 86.37 30.07
C VAL N 1115 -13.16 84.96 30.34
N ARG N 1116 -14.12 84.80 31.21
CA ARG N 1116 -14.66 83.50 31.48
C ARG N 1116 -15.30 82.97 30.20
N ASN N 1117 -16.41 83.57 29.77
CA ASN N 1117 -17.14 83.08 28.62
C ASN N 1117 -17.78 84.25 27.88
N PRO N 1118 -18.18 84.08 26.62
CA PRO N 1118 -18.86 85.13 25.89
C PRO N 1118 -20.28 85.50 26.32
N VAL N 1119 -21.15 84.57 26.61
CA VAL N 1119 -22.52 84.86 27.04
C VAL N 1119 -23.51 85.15 25.92
N THR N 1120 -23.05 85.37 24.71
CA THR N 1120 -23.93 85.71 23.64
C THR N 1120 -23.57 84.79 22.52
N ASP N 1121 -24.50 84.43 21.67
CA ASP N 1121 -24.22 83.49 20.60
C ASP N 1121 -23.16 84.03 19.70
N MET N 1122 -22.97 85.34 19.74
CA MET N 1122 -22.04 86.04 18.92
C MET N 1122 -22.26 86.10 17.47
N GLY N 1123 -23.52 85.83 17.11
CA GLY N 1123 -24.01 85.75 15.76
C GLY N 1123 -25.07 86.60 15.07
N ASN N 1124 -25.74 85.88 14.19
CA ASN N 1124 -26.73 86.25 13.18
C ASN N 1124 -28.10 86.88 13.35
N LEU N 1125 -28.80 86.68 14.45
CA LEU N 1125 -30.18 87.15 14.55
C LEU N 1125 -30.39 88.60 14.22
N PRO N 1126 -31.37 88.92 13.36
CA PRO N 1126 -31.59 90.33 13.05
C PRO N 1126 -32.66 91.10 13.85
N GLN N 1127 -32.93 92.35 13.53
CA GLN N 1127 -33.94 93.04 14.30
C GLN N 1127 -35.27 92.94 13.58
N ASN N 1128 -36.34 92.82 14.35
CA ASN N 1128 -37.69 92.82 13.82
C ASN N 1128 -38.39 94.06 14.37
N PHE N 1129 -38.75 94.98 13.49
CA PHE N 1129 -39.46 96.15 13.98
C PHE N 1129 -40.94 95.91 14.18
N TYR N 1130 -41.49 94.82 13.68
CA TYR N 1130 -42.89 94.52 13.95
C TYR N 1130 -43.13 94.13 15.39
N LEU N 1131 -42.07 93.96 16.17
CA LEU N 1131 -42.19 93.76 17.60
C LEU N 1131 -42.59 95.02 18.35
N GLY N 1132 -42.70 96.15 17.69
CA GLY N 1132 -43.13 97.37 18.36
C GLY N 1132 -43.90 98.25 17.43
N ARG N 1133 -44.80 99.04 18.01
CA ARG N 1133 -45.93 99.63 17.30
C ARG N 1133 -45.75 101.09 16.93
N GLY N 1134 -44.58 101.67 17.17
CA GLY N 1134 -44.43 103.12 17.14
C GLY N 1134 -44.63 103.80 15.79
N ALA N 1135 -44.82 103.03 14.70
CA ALA N 1135 -44.84 103.71 13.41
C ALA N 1135 -46.17 103.52 12.69
N PRO N 1136 -46.63 104.53 11.96
CA PRO N 1136 -47.92 104.43 11.26
C PRO N 1136 -47.83 103.54 10.04
N PRO N 1137 -48.85 102.71 9.81
CA PRO N 1137 -48.75 101.66 8.79
C PRO N 1137 -48.93 102.19 7.36
N LEU N 1138 -48.57 101.32 6.41
CA LEU N 1138 -48.96 101.50 5.02
C LEU N 1138 -50.48 101.68 4.95
N LEU N 1139 -50.95 102.55 4.05
CA LEU N 1139 -52.38 102.88 4.03
C LEU N 1139 -53.26 101.77 3.46
N ASP N 1140 -52.79 101.06 2.44
CA ASP N 1140 -53.58 99.94 1.97
C ASP N 1140 -53.53 98.85 3.02
N ASN N 1141 -54.68 98.46 3.55
CA ASN N 1141 -54.68 97.45 4.59
C ASN N 1141 -54.13 96.13 4.05
N ALA N 1142 -54.51 95.77 2.83
CA ALA N 1142 -53.93 94.58 2.20
C ALA N 1142 -52.41 94.70 2.16
N ALA N 1143 -51.90 95.85 1.76
CA ALA N 1143 -50.46 96.08 1.77
C ALA N 1143 -49.88 95.92 3.16
N ALA N 1144 -50.55 96.49 4.15
CA ALA N 1144 -50.04 96.49 5.51
C ALA N 1144 -49.95 95.07 6.06
N VAL N 1145 -51.04 94.31 5.96
CA VAL N 1145 -51.06 92.96 6.52
C VAL N 1145 -50.37 91.95 5.65
N TYR N 1146 -50.09 92.28 4.39
CA TYR N 1146 -49.34 91.34 3.57
C TYR N 1146 -47.86 91.40 3.87
N LEU N 1147 -47.30 92.60 4.04
CA LEU N 1147 -45.89 92.70 4.33
C LEU N 1147 -45.58 92.25 5.75
N ARG N 1148 -46.48 92.55 6.69
CA ARG N 1148 -46.28 92.09 8.06
C ARG N 1148 -46.12 90.59 8.10
N ASN N 1149 -47.17 89.85 7.73
CA ASN N 1149 -47.08 88.41 7.87
C ASN N 1149 -46.12 87.78 6.86
N ALA N 1150 -45.60 88.54 5.91
CA ALA N 1150 -44.49 88.05 5.10
C ALA N 1150 -43.18 88.17 5.85
N VAL N 1151 -42.98 89.27 6.56
CA VAL N 1151 -41.77 89.45 7.37
C VAL N 1151 -41.87 88.64 8.65
N VAL N 1152 -42.98 88.79 9.38
CA VAL N 1152 -43.19 88.14 10.66
C VAL N 1152 -43.33 86.62 10.54
N ALA N 1153 -43.52 86.12 9.33
CA ALA N 1153 -43.94 84.75 9.07
C ALA N 1153 -43.19 83.72 9.92
N GLY N 1154 -41.90 83.55 9.68
CA GLY N 1154 -41.14 82.60 10.45
C GLY N 1154 -40.08 83.16 11.39
N ASN N 1155 -40.10 84.46 11.69
CA ASN N 1155 -38.98 85.05 12.42
C ASN N 1155 -38.75 84.34 13.74
N ARG N 1156 -37.51 84.38 14.20
CA ARG N 1156 -37.29 84.10 15.60
C ARG N 1156 -37.93 85.14 16.48
N LEU N 1157 -37.66 86.41 16.20
CA LEU N 1157 -38.23 87.45 17.02
C LEU N 1157 -39.73 87.58 16.79
N GLY N 1158 -40.17 87.37 15.56
CA GLY N 1158 -41.47 87.77 15.10
C GLY N 1158 -42.56 87.40 16.06
N PRO N 1159 -43.42 88.36 16.38
CA PRO N 1159 -44.32 88.19 17.51
C PRO N 1159 -45.16 86.95 17.36
N ALA N 1160 -45.17 86.14 18.39
CA ALA N 1160 -45.98 84.99 18.35
C ALA N 1160 -47.31 85.69 18.20
N GLN N 1161 -48.19 85.16 17.35
CA GLN N 1161 -49.52 85.74 17.11
C GLN N 1161 -49.55 87.23 16.68
N PRO N 1162 -50.46 88.07 17.31
CA PRO N 1162 -50.43 89.47 16.86
C PRO N 1162 -50.20 90.44 18.01
N LEU N 1163 -49.69 91.65 17.76
CA LEU N 1163 -49.41 92.56 18.86
C LEU N 1163 -50.67 92.72 19.70
N PRO N 1164 -50.45 92.63 21.01
CA PRO N 1164 -51.51 92.78 22.00
C PRO N 1164 -51.19 94.07 22.72
N VAL N 1165 -52.17 94.95 22.86
CA VAL N 1165 -51.90 96.20 23.53
C VAL N 1165 -51.45 95.91 24.95
N PHE N 1166 -52.10 94.91 25.55
CA PHE N 1166 -51.78 94.49 26.91
C PHE N 1166 -50.37 93.92 27.07
N GLY N 1167 -49.94 93.12 26.12
CA GLY N 1167 -48.63 92.48 26.18
C GLY N 1167 -47.62 92.87 25.12
N CYS N 1168 -46.36 92.95 25.47
CA CYS N 1168 -45.45 93.42 24.47
C CYS N 1168 -45.46 92.55 23.25
N ALA N 1169 -44.91 93.08 22.17
CA ALA N 1169 -44.92 92.37 20.92
C ALA N 1169 -43.95 91.29 21.27
N GLN N 1170 -44.56 90.30 21.90
CA GLN N 1170 -43.97 89.12 22.50
C GLN N 1170 -43.16 88.24 21.60
N VAL N 1171 -42.00 87.84 22.11
CA VAL N 1171 -41.06 87.05 21.35
C VAL N 1171 -41.45 85.60 21.55
N PRO N 1172 -41.42 84.76 20.52
CA PRO N 1172 -41.73 83.34 20.72
C PRO N 1172 -40.77 82.68 21.67
N ARG N 1173 -40.99 81.41 21.97
CA ARG N 1173 -40.11 80.68 22.86
C ARG N 1173 -39.79 79.32 22.26
N ARG N 1174 -38.51 79.04 22.09
CA ARG N 1174 -38.11 77.86 21.35
C ARG N 1174 -37.56 76.82 22.29
N ALA N 1175 -37.74 75.56 21.90
CA ALA N 1175 -37.53 74.43 22.79
C ALA N 1175 -36.08 74.11 23.07
N GLY N 1176 -35.13 74.75 22.42
CA GLY N 1176 -33.74 74.46 22.71
C GLY N 1176 -32.83 75.64 22.45
N MET N 1177 -31.73 75.67 23.19
CA MET N 1177 -30.80 76.79 23.16
C MET N 1177 -29.39 76.22 23.29
N ASP N 1178 -28.54 76.38 22.27
CA ASP N 1178 -27.26 75.68 22.27
C ASP N 1178 -26.04 76.53 22.63
N HIS N 1179 -26.08 77.84 22.51
CA HIS N 1179 -24.82 78.59 22.53
C HIS N 1179 -24.80 79.63 23.63
N GLY N 1180 -25.72 80.56 23.62
CA GLY N 1180 -25.81 81.57 24.63
C GLY N 1180 -27.10 82.29 24.34
N GLN N 1181 -27.25 83.49 24.85
CA GLN N 1181 -28.42 84.23 24.43
C GLN N 1181 -28.14 84.87 23.09
N ASP N 1182 -29.18 84.98 22.29
CA ASP N 1182 -29.02 85.42 20.92
C ASP N 1182 -28.76 86.90 20.87
N ALA N 1183 -27.62 87.28 20.31
CA ALA N 1183 -27.31 88.67 20.08
C ALA N 1183 -28.10 89.18 18.88
N VAL N 1184 -28.63 90.39 19.02
CA VAL N 1184 -29.55 90.98 18.06
C VAL N 1184 -28.78 91.97 17.22
N CYS N 1185 -28.63 91.68 15.95
CA CYS N 1185 -27.98 92.59 15.03
C CYS N 1185 -28.94 93.70 14.62
N GLU N 1186 -28.37 94.84 14.22
CA GLU N 1186 -29.15 95.95 13.70
C GLU N 1186 -28.49 96.61 12.51
N PHE N 1187 -29.32 97.07 11.59
CA PHE N 1187 -28.88 97.45 10.26
C PHE N 1187 -29.12 98.93 10.07
N ILE N 1188 -28.05 99.67 9.81
CA ILE N 1188 -28.14 101.07 9.41
C ILE N 1188 -27.76 101.12 7.93
N ALA N 1189 -28.67 101.60 7.10
CA ALA N 1189 -28.36 101.68 5.69
C ALA N 1189 -27.26 102.70 5.47
N THR N 1190 -26.15 102.27 4.90
CA THR N 1190 -25.10 103.20 4.49
C THR N 1190 -25.15 103.37 3.00
N PRO N 1191 -24.35 104.29 2.45
CA PRO N 1191 -24.08 104.26 1.02
C PRO N 1191 -23.08 103.18 0.67
N VAL N 1192 -23.28 102.52 -0.45
CA VAL N 1192 -22.37 101.47 -0.84
C VAL N 1192 -21.02 102.11 -0.97
N ALA N 1193 -20.99 103.34 -1.45
CA ALA N 1193 -19.76 104.08 -1.62
C ALA N 1193 -19.33 104.87 -0.41
N THR N 1194 -18.86 104.18 0.63
CA THR N 1194 -18.31 104.78 1.82
C THR N 1194 -17.14 103.83 1.91
N ASP N 1195 -15.96 104.30 2.31
CA ASP N 1195 -14.81 103.41 2.34
C ASP N 1195 -14.89 102.31 3.35
N ILE N 1196 -14.41 101.15 2.98
CA ILE N 1196 -14.40 100.03 3.84
C ILE N 1196 -13.53 100.37 4.98
N ASN N 1197 -12.60 101.29 4.80
CA ASN N 1197 -11.69 101.74 5.81
C ASN N 1197 -12.24 102.42 6.99
N TYR N 1198 -13.28 103.22 6.91
CA TYR N 1198 -13.85 103.82 8.10
C TYR N 1198 -14.69 102.65 8.36
N PHE N 1199 -14.24 101.73 9.18
CA PHE N 1199 -14.94 100.48 9.42
C PHE N 1199 -14.01 99.43 9.78
N ARG N 1200 -12.72 99.71 9.64
CA ARG N 1200 -11.69 98.80 10.03
C ARG N 1200 -10.78 99.35 11.13
N ARG N 1201 -11.27 100.34 11.85
CA ARG N 1201 -10.57 100.92 12.96
C ARG N 1201 -11.83 101.12 13.74
N PRO N 1202 -11.80 101.06 15.13
CA PRO N 1202 -13.14 101.25 15.75
C PRO N 1202 -13.75 102.60 15.45
N CYS N 1203 -15.01 102.58 15.02
CA CYS N 1203 -15.79 103.73 14.62
C CYS N 1203 -17.16 104.01 15.15
N ASN N 1204 -17.71 105.18 14.88
CA ASN N 1204 -19.06 105.48 15.29
C ASN N 1204 -19.89 104.90 14.24
N PRO N 1205 -20.72 103.89 14.66
CA PRO N 1205 -21.53 103.30 13.61
C PRO N 1205 -22.38 104.28 12.92
N ARG N 1206 -22.71 105.42 13.49
CA ARG N 1206 -23.53 106.39 12.79
C ARG N 1206 -22.80 107.25 11.80
N GLY N 1207 -21.50 107.21 11.71
CA GLY N 1207 -20.75 107.96 10.76
C GLY N 1207 -19.95 109.11 11.32
N ARG N 1208 -20.16 109.49 12.57
CA ARG N 1208 -19.54 110.69 13.10
C ARG N 1208 -19.33 110.50 14.60
N ALA N 1209 -18.33 111.19 15.14
CA ALA N 1209 -18.00 111.06 16.55
C ALA N 1209 -19.03 111.83 17.38
N ALA N 1210 -19.70 111.13 18.28
CA ALA N 1210 -20.80 111.72 19.02
C ALA N 1210 -20.47 112.11 20.45
N GLY N 1211 -19.30 111.77 20.98
CA GLY N 1211 -19.12 111.76 22.41
C GLY N 1211 -19.05 113.14 23.04
N GLY N 1212 -19.20 113.16 24.35
CA GLY N 1212 -18.91 114.34 25.14
C GLY N 1212 -17.52 114.35 25.68
N VAL N 1213 -16.77 113.28 25.41
CA VAL N 1213 -15.35 113.23 25.71
C VAL N 1213 -14.60 114.15 24.77
N TYR N 1214 -15.17 114.44 23.61
CA TYR N 1214 -14.62 115.37 22.65
C TYR N 1214 -15.16 116.77 22.83
N ALA N 1215 -16.15 116.96 23.68
CA ALA N 1215 -16.71 118.27 23.93
C ALA N 1215 -15.64 119.24 24.40
N GLY N 1216 -15.78 120.49 23.99
CA GLY N 1216 -14.74 121.48 24.21
C GLY N 1216 -15.02 122.49 25.31
N ASP N 1217 -15.92 122.20 26.23
CA ASP N 1217 -16.17 123.16 27.28
C ASP N 1217 -16.95 124.38 26.89
N LYS N 1218 -17.71 124.31 25.80
CA LYS N 1218 -18.51 125.41 25.30
C LYS N 1218 -20.00 125.31 25.48
N GLU N 1219 -20.48 124.42 26.34
CA GLU N 1219 -21.92 124.34 26.56
C GLU N 1219 -22.86 124.18 25.40
N GLY N 1220 -22.31 124.06 24.21
CA GLY N 1220 -23.15 123.91 23.05
C GLY N 1220 -22.34 123.05 22.14
N ASP N 1221 -21.15 122.62 22.56
CA ASP N 1221 -20.28 121.83 21.68
C ASP N 1221 -20.87 120.46 21.37
N VAL N 1222 -21.17 119.64 22.37
CA VAL N 1222 -21.70 118.33 22.03
C VAL N 1222 -22.90 118.92 21.41
N ILE N 1223 -23.45 118.32 20.38
CA ILE N 1223 -24.62 118.77 19.66
C ILE N 1223 -24.20 119.74 18.60
N ALA N 1224 -22.92 119.89 18.40
CA ALA N 1224 -22.42 120.77 17.37
C ALA N 1224 -21.44 119.79 16.96
N LEU N 1225 -20.84 119.16 17.94
CA LEU N 1225 -19.87 118.12 17.67
C LEU N 1225 -20.63 116.99 17.07
N MET N 1226 -21.79 116.68 17.62
CA MET N 1226 -22.60 115.62 17.12
C MET N 1226 -23.37 115.71 15.85
N TYR N 1227 -24.04 116.82 15.61
CA TYR N 1227 -24.94 116.95 14.52
C TYR N 1227 -24.61 117.88 13.41
N ASP N 1228 -23.82 118.90 13.67
CA ASP N 1228 -23.49 119.93 12.70
C ASP N 1228 -22.69 119.38 11.59
N HIS N 1229 -23.23 119.48 10.39
CA HIS N 1229 -22.58 118.98 9.21
C HIS N 1229 -21.94 120.06 8.41
N GLY N 1230 -21.84 121.21 9.02
CA GLY N 1230 -21.17 122.31 8.42
C GLY N 1230 -19.77 122.12 8.85
N GLN N 1231 -19.57 121.56 10.03
CA GLN N 1231 -18.20 121.39 10.49
C GLN N 1231 -17.56 120.13 9.95
N SER N 1232 -16.39 119.83 10.46
CA SER N 1232 -15.68 118.60 10.21
C SER N 1232 -16.18 117.55 11.19
N ASP N 1233 -15.44 116.46 11.32
CA ASP N 1233 -15.78 115.40 12.24
C ASP N 1233 -14.61 115.27 13.20
N PRO N 1234 -14.86 115.17 14.50
CA PRO N 1234 -13.73 115.15 15.43
C PRO N 1234 -12.78 114.00 15.20
N ALA N 1235 -13.31 112.83 14.92
CA ALA N 1235 -12.56 111.64 14.53
C ALA N 1235 -11.86 111.64 13.17
N ARG N 1236 -12.55 112.02 12.09
CA ARG N 1236 -11.95 112.08 10.78
C ARG N 1236 -12.23 113.47 10.33
N PRO N 1237 -11.30 114.42 10.70
CA PRO N 1237 -11.66 115.81 10.36
C PRO N 1237 -11.83 116.15 8.93
N PHE N 1238 -11.17 115.44 8.07
CA PHE N 1238 -11.22 115.79 6.66
C PHE N 1238 -12.59 115.64 6.04
N ALA N 1239 -13.63 115.20 6.74
CA ALA N 1239 -14.92 115.03 6.11
C ALA N 1239 -16.04 115.23 7.08
N ALA N 1240 -17.24 115.62 6.69
CA ALA N 1240 -18.34 115.75 7.67
C ALA N 1240 -18.89 114.46 8.29
N THR N 1241 -19.13 113.42 7.51
CA THR N 1241 -19.64 112.18 8.02
C THR N 1241 -19.19 111.07 7.16
N ALA N 1242 -19.49 109.83 7.54
CA ALA N 1242 -19.20 108.67 6.73
C ALA N 1242 -20.54 108.26 6.14
N ASN N 1243 -21.58 108.28 6.95
CA ASN N 1243 -22.94 107.97 6.60
C ASN N 1243 -23.77 109.22 6.81
N PRO N 1244 -24.20 109.91 5.75
CA PRO N 1244 -25.09 111.05 5.95
C PRO N 1244 -26.47 110.66 6.41
N TRP N 1245 -26.83 109.39 6.26
CA TRP N 1245 -28.16 108.88 6.52
C TRP N 1245 -28.32 108.42 7.96
N ALA N 1246 -27.32 108.64 8.80
CA ALA N 1246 -27.38 108.26 10.21
C ALA N 1246 -26.98 109.43 11.07
N SER N 1247 -25.77 109.93 10.83
CA SER N 1247 -25.17 110.96 11.66
C SER N 1247 -25.94 112.27 11.72
N GLN N 1248 -26.77 112.57 10.74
CA GLN N 1248 -27.47 113.84 10.73
C GLN N 1248 -28.69 113.82 11.63
N ARG N 1249 -29.11 114.99 12.06
CA ARG N 1249 -30.34 115.08 12.82
C ARG N 1249 -31.53 114.95 11.88
N PHE N 1250 -32.53 114.19 12.30
CA PHE N 1250 -33.72 113.92 11.51
C PHE N 1250 -33.40 113.13 10.26
N SER N 1251 -32.51 112.18 10.32
CA SER N 1251 -32.25 111.41 9.16
C SER N 1251 -32.61 110.04 9.48
N TYR N 1252 -32.87 109.20 8.48
CA TYR N 1252 -33.25 107.81 8.67
C TYR N 1252 -32.12 107.26 9.36
N GLY N 1253 -32.32 106.49 10.38
CA GLY N 1253 -31.22 106.00 11.16
C GLY N 1253 -31.02 106.97 12.28
N ASP N 1254 -31.78 108.02 12.39
CA ASP N 1254 -31.74 108.93 13.50
C ASP N 1254 -33.16 108.77 13.87
N LEU N 1255 -34.05 108.86 12.90
CA LEU N 1255 -35.48 108.67 13.14
C LEU N 1255 -35.77 107.27 13.67
N LEU N 1256 -35.03 106.28 13.19
CA LEU N 1256 -35.23 104.93 13.70
C LEU N 1256 -34.68 104.79 15.10
N TYR N 1257 -33.38 104.96 15.25
CA TYR N 1257 -32.67 104.48 16.41
C TYR N 1257 -32.51 105.51 17.51
N ASN N 1258 -32.88 106.76 17.29
CA ASN N 1258 -32.93 107.70 18.40
C ASN N 1258 -34.15 107.38 19.25
N GLY N 1259 -33.93 107.11 20.52
CA GLY N 1259 -35.00 106.72 21.39
C GLY N 1259 -35.85 107.84 21.91
N ALA N 1260 -35.58 109.07 21.46
CA ALA N 1260 -36.50 110.15 21.76
C ALA N 1260 -37.79 110.00 20.97
N TYR N 1261 -37.71 109.36 19.81
CA TYR N 1261 -38.88 109.04 19.01
C TYR N 1261 -39.55 107.74 19.45
N HIS N 1262 -38.75 106.77 19.89
CA HIS N 1262 -39.19 105.48 20.40
C HIS N 1262 -40.29 104.85 19.55
N LEU N 1263 -39.95 104.50 18.30
CA LEU N 1263 -40.86 103.80 17.41
C LEU N 1263 -40.96 102.39 17.91
N ASN N 1264 -39.80 101.90 18.32
CA ASN N 1264 -39.61 100.62 18.93
C ASN N 1264 -39.74 101.13 20.32
N GLY N 1265 -39.20 100.47 21.31
CA GLY N 1265 -39.37 100.93 22.67
C GLY N 1265 -40.73 100.46 23.17
N ALA N 1266 -41.46 99.83 22.28
CA ALA N 1266 -42.70 99.18 22.52
C ALA N 1266 -42.44 97.72 22.24
N SER N 1267 -41.18 97.29 22.17
CA SER N 1267 -40.79 95.94 21.90
C SER N 1267 -39.86 95.68 22.99
N PRO N 1268 -39.74 94.42 23.39
CA PRO N 1268 -38.84 93.97 24.46
C PRO N 1268 -37.39 93.90 24.05
N VAL N 1269 -37.10 93.64 22.78
CA VAL N 1269 -35.76 93.26 22.37
C VAL N 1269 -34.85 94.48 22.41
N LEU N 1270 -33.58 94.24 22.71
CA LEU N 1270 -32.62 95.32 22.83
C LEU N 1270 -32.36 95.98 21.48
N SER N 1271 -32.07 97.27 21.53
CA SER N 1271 -31.54 98.02 20.39
C SER N 1271 -30.08 98.32 20.67
N PRO N 1272 -29.14 97.63 20.01
CA PRO N 1272 -27.74 98.02 20.14
C PRO N 1272 -27.48 99.47 19.76
N CYS N 1273 -28.25 100.01 18.84
CA CYS N 1273 -28.02 101.33 18.30
C CYS N 1273 -28.64 102.42 19.15
N PHE N 1274 -29.54 102.07 20.06
CA PHE N 1274 -30.09 103.08 20.96
C PHE N 1274 -28.97 103.77 21.70
N LYS N 1275 -27.95 103.01 22.09
CA LYS N 1275 -26.83 103.60 22.80
C LYS N 1275 -26.30 104.81 22.08
N PHE N 1276 -25.95 104.66 20.80
CA PHE N 1276 -25.37 105.65 19.85
C PHE N 1276 -26.11 106.84 19.28
N PHE N 1277 -27.36 106.70 18.95
CA PHE N 1277 -28.10 107.80 18.44
C PHE N 1277 -28.92 108.30 19.58
N THR N 1278 -28.99 109.59 19.75
CA THR N 1278 -29.77 110.22 20.80
C THR N 1278 -29.34 111.66 21.03
N ALA N 1279 -28.41 111.82 21.95
CA ALA N 1279 -27.89 113.08 22.41
C ALA N 1279 -28.77 113.55 23.52
N ALA N 1280 -29.79 112.77 23.88
CA ALA N 1280 -30.62 113.13 24.99
C ALA N 1280 -29.73 112.59 26.09
N ASP N 1281 -29.18 111.39 25.86
CA ASP N 1281 -28.28 110.80 26.83
C ASP N 1281 -26.83 111.26 26.62
N ILE N 1282 -26.36 111.30 25.38
CA ILE N 1282 -24.97 111.68 25.13
C ILE N 1282 -24.69 113.07 25.68
N THR N 1283 -25.66 113.97 25.54
CA THR N 1283 -25.51 115.32 26.06
C THR N 1283 -25.68 115.36 27.57
N ALA N 1284 -26.54 114.49 28.10
CA ALA N 1284 -26.88 114.57 29.51
C ALA N 1284 -25.68 114.28 30.42
N LYS N 1285 -24.66 113.58 29.93
CA LYS N 1285 -23.54 113.25 30.78
C LYS N 1285 -22.73 114.52 31.08
N HIS N 1286 -21.70 114.36 31.91
CA HIS N 1286 -20.72 115.41 32.09
C HIS N 1286 -19.51 115.11 31.24
N ARG N 1287 -18.61 116.07 31.15
CA ARG N 1287 -17.48 115.93 30.28
C ARG N 1287 -16.14 115.66 30.97
N CYS N 1288 -16.09 115.62 32.30
CA CYS N 1288 -14.79 115.52 33.00
C CYS N 1288 -14.36 114.06 33.08
N LEU N 1289 -13.16 113.78 32.55
CA LEU N 1289 -12.73 112.39 32.39
C LEU N 1289 -12.39 111.73 33.71
N GLU N 1290 -12.01 112.50 34.71
CA GLU N 1290 -11.77 111.96 36.04
C GLU N 1290 -12.88 111.03 36.44
N ARG N 1291 -14.09 111.56 36.54
CA ARG N 1291 -15.25 110.73 36.80
C ARG N 1291 -15.45 109.72 35.67
N LEU N 1292 -15.56 110.20 34.43
CA LEU N 1292 -16.03 109.34 33.36
C LEU N 1292 -15.29 108.02 33.27
N ILE N 1293 -14.04 107.96 33.74
CA ILE N 1293 -13.37 106.68 33.69
C ILE N 1293 -13.75 105.78 34.85
N VAL N 1294 -14.27 106.32 35.95
CA VAL N 1294 -14.70 105.43 37.02
C VAL N 1294 -16.09 104.87 36.76
N GLU N 1295 -16.98 105.66 36.16
CA GLU N 1295 -18.29 105.11 35.85
C GLU N 1295 -18.27 104.16 34.68
N THR N 1296 -17.15 104.05 33.98
CA THR N 1296 -16.99 102.96 33.03
C THR N 1296 -17.06 101.62 33.75
N GLY N 1297 -16.18 101.41 34.73
CA GLY N 1297 -16.15 100.14 35.43
C GLY N 1297 -17.48 99.72 36.01
N SER N 1298 -18.31 100.66 36.40
CA SER N 1298 -19.60 100.32 36.92
C SER N 1298 -20.68 101.07 36.16
N ALA N 1299 -21.01 100.60 35.00
CA ALA N 1299 -22.00 101.24 34.18
C ALA N 1299 -23.07 100.25 34.06
N VAL N 1300 -24.33 100.62 34.26
CA VAL N 1300 -25.41 99.67 34.16
C VAL N 1300 -25.64 99.29 32.73
N SER N 1301 -25.69 98.00 32.42
CA SER N 1301 -25.88 97.57 31.07
C SER N 1301 -27.27 97.79 30.59
N THR N 1302 -27.42 98.02 29.32
CA THR N 1302 -28.72 98.22 28.71
C THR N 1302 -29.44 96.91 28.40
N ALA N 1303 -28.82 95.78 28.72
CA ALA N 1303 -29.35 94.47 28.39
C ALA N 1303 -29.60 93.66 29.65
N THR N 1304 -30.07 92.44 29.46
CA THR N 1304 -30.10 91.42 30.48
C THR N 1304 -29.41 90.19 29.95
N ALA N 1305 -28.61 89.56 30.80
CA ALA N 1305 -28.01 88.28 30.46
C ALA N 1305 -28.90 87.14 30.87
N ALA N 1306 -30.11 87.42 31.32
CA ALA N 1306 -31.03 86.41 31.81
C ALA N 1306 -32.05 85.94 30.78
N SER N 1307 -32.02 86.46 29.56
CA SER N 1307 -33.04 86.10 28.59
C SER N 1307 -32.49 85.16 27.52
N ASP N 1308 -33.40 84.67 26.67
CA ASP N 1308 -33.00 83.80 25.57
C ASP N 1308 -32.50 84.61 24.39
N VAL N 1309 -33.23 85.65 24.03
CA VAL N 1309 -32.79 86.69 23.14
C VAL N 1309 -32.51 87.90 24.01
N GLN N 1310 -31.44 88.63 23.72
CA GLN N 1310 -31.09 89.67 24.66
C GLN N 1310 -32.16 90.74 24.65
N PHE N 1311 -32.78 90.97 25.80
CA PHE N 1311 -33.84 91.94 25.92
C PHE N 1311 -33.30 93.30 26.31
N LYS N 1312 -34.21 94.25 26.34
CA LYS N 1312 -33.94 95.56 26.87
C LYS N 1312 -34.11 95.46 28.37
N ARG N 1313 -33.26 96.14 29.10
CA ARG N 1313 -33.21 96.02 30.54
C ARG N 1313 -34.55 96.37 31.17
N PRO N 1314 -35.09 95.50 32.02
CA PRO N 1314 -36.37 95.74 32.67
C PRO N 1314 -36.27 96.88 33.66
N PRO N 1315 -37.46 97.39 34.19
CA PRO N 1315 -37.29 98.57 35.06
C PRO N 1315 -36.41 98.50 36.32
N GLY N 1316 -36.23 97.36 36.95
CA GLY N 1316 -35.36 97.34 38.12
C GLY N 1316 -34.31 96.26 37.95
N CYS N 1317 -33.42 96.44 37.00
CA CYS N 1317 -32.38 95.48 36.75
C CYS N 1317 -31.08 96.22 36.74
N ARG N 1318 -30.06 95.62 37.31
CA ARG N 1318 -28.79 96.25 37.30
C ARG N 1318 -27.81 95.15 37.02
N GLU N 1319 -26.98 95.34 36.03
CA GLU N 1319 -25.96 94.42 35.75
C GLU N 1319 -24.90 95.46 35.69
N LEU N 1320 -23.90 95.45 36.55
CA LEU N 1320 -22.88 96.47 36.47
C LEU N 1320 -21.85 95.91 35.59
N VAL N 1321 -21.98 96.32 34.37
CA VAL N 1321 -21.18 95.94 33.25
C VAL N 1321 -19.99 96.81 33.27
N GLU N 1322 -19.15 96.61 32.30
CA GLU N 1322 -17.99 97.44 32.15
C GLU N 1322 -17.93 97.83 30.70
N ASP N 1323 -18.86 98.66 30.28
CA ASP N 1323 -19.01 99.11 28.92
C ASP N 1323 -18.04 100.17 28.55
N PRO N 1324 -17.13 99.83 27.55
CA PRO N 1324 -16.20 100.88 27.18
C PRO N 1324 -16.63 101.70 26.01
N CYS N 1325 -17.75 101.38 25.41
CA CYS N 1325 -18.39 102.10 24.31
C CYS N 1325 -19.14 103.31 24.80
N GLY N 1326 -19.75 103.24 25.99
CA GLY N 1326 -20.41 104.40 26.55
C GLY N 1326 -19.48 105.57 26.80
N LEU N 1327 -18.17 105.34 26.84
CA LEU N 1327 -17.25 106.45 26.99
C LEU N 1327 -16.73 106.84 25.61
N PHE N 1328 -15.93 105.98 25.01
CA PHE N 1328 -15.27 106.27 23.76
C PHE N 1328 -16.25 106.51 22.63
N GLN N 1329 -17.49 106.04 22.77
CA GLN N 1329 -18.49 106.26 21.75
C GLN N 1329 -18.07 105.56 20.47
N GLU N 1330 -17.83 104.25 20.53
CA GLU N 1330 -17.38 103.36 19.42
C GLU N 1330 -17.89 101.90 19.37
N ALA N 1331 -17.71 101.27 18.22
CA ALA N 1331 -18.10 99.94 17.94
C ALA N 1331 -16.80 99.42 17.51
N TYR N 1332 -16.55 98.12 17.54
CA TYR N 1332 -15.28 97.57 17.17
C TYR N 1332 -15.45 96.64 16.12
N PRO N 1333 -14.54 96.59 15.22
CA PRO N 1333 -14.67 95.60 14.16
C PRO N 1333 -14.41 94.19 14.66
N ILE N 1334 -15.04 93.23 13.99
CA ILE N 1334 -14.75 91.83 14.17
C ILE N 1334 -14.18 91.32 12.86
N THR N 1335 -13.44 90.22 12.93
CA THR N 1335 -12.92 89.68 11.69
C THR N 1335 -14.08 89.17 10.87
N CYS N 1336 -14.28 89.77 9.71
CA CYS N 1336 -15.40 89.39 8.87
C CYS N 1336 -15.00 89.66 7.45
N ALA N 1337 -15.39 88.78 6.55
CA ALA N 1337 -15.16 88.93 5.13
C ALA N 1337 -16.49 88.90 4.43
N SER N 1338 -16.53 89.32 3.18
CA SER N 1338 -17.73 89.21 2.38
C SER N 1338 -17.66 87.93 1.55
N ASP N 1339 -16.54 87.23 1.68
CA ASP N 1339 -16.21 86.06 0.96
C ASP N 1339 -15.74 84.97 1.89
N PRO N 1340 -16.14 83.67 1.61
CA PRO N 1340 -15.60 82.65 2.52
C PRO N 1340 -14.07 82.48 2.46
N ALA N 1341 -13.55 82.59 1.26
CA ALA N 1341 -12.17 82.42 0.81
C ALA N 1341 -11.26 83.50 1.36
N LEU N 1342 -11.75 84.73 1.43
CA LEU N 1342 -10.98 85.73 2.12
C LEU N 1342 -10.90 85.42 3.58
N LEU N 1343 -11.97 84.86 4.16
CA LEU N 1343 -11.99 84.64 5.60
C LEU N 1343 -11.03 83.53 5.99
N ARG N 1344 -10.97 82.47 5.18
CA ARG N 1344 -9.95 81.46 5.40
C ARG N 1344 -8.56 82.06 5.44
N SER N 1345 -8.28 83.10 4.69
CA SER N 1345 -6.98 83.70 4.73
C SER N 1345 -6.75 84.20 6.13
N ALA N 1346 -7.78 84.71 6.78
CA ALA N 1346 -7.63 85.27 8.09
C ALA N 1346 -7.57 84.33 9.24
N ARG N 1347 -7.49 83.04 8.97
CA ARG N 1347 -7.30 82.05 10.01
C ARG N 1347 -5.84 82.23 10.19
N ASP N 1348 -5.33 82.19 11.40
CA ASP N 1348 -3.89 82.36 11.61
C ASP N 1348 -3.35 83.80 11.72
N GLY N 1349 -4.19 84.81 11.62
CA GLY N 1349 -3.71 86.16 11.74
C GLY N 1349 -3.76 87.03 10.52
N GLU N 1350 -3.40 88.28 10.70
CA GLU N 1350 -3.50 89.29 9.66
C GLU N 1350 -2.22 89.50 8.88
N ALA N 1351 -1.18 88.72 9.11
CA ALA N 1351 0.02 88.89 8.31
C ALA N 1351 -0.27 88.61 6.85
N HIS N 1352 -0.69 87.38 6.53
CA HIS N 1352 -0.98 87.01 5.15
C HIS N 1352 -2.46 87.07 4.79
N ALA N 1353 -3.30 87.56 5.68
CA ALA N 1353 -4.71 87.75 5.36
C ALA N 1353 -4.87 88.55 4.07
N ARG N 1354 -5.82 88.11 3.23
CA ARG N 1354 -6.23 88.86 2.07
C ARG N 1354 -7.15 89.96 2.53
N GLU N 1355 -6.79 91.20 2.31
CA GLU N 1355 -7.70 92.27 2.63
C GLU N 1355 -8.69 92.58 1.51
N THR N 1356 -8.36 92.33 0.25
CA THR N 1356 -9.30 92.54 -0.84
C THR N 1356 -9.07 91.57 -1.97
N HIS N 1357 -10.15 91.13 -2.60
CA HIS N 1357 -10.09 90.50 -3.91
C HIS N 1357 -11.21 91.05 -4.77
N PHE N 1358 -10.87 91.86 -5.76
CA PHE N 1358 -11.86 92.45 -6.66
C PHE N 1358 -12.87 93.19 -5.80
N THR N 1359 -14.16 92.92 -5.91
CA THR N 1359 -15.13 93.65 -5.11
C THR N 1359 -15.31 93.08 -3.72
N GLN N 1360 -14.56 92.05 -3.36
CA GLN N 1360 -14.66 91.37 -2.08
C GLN N 1360 -13.67 91.97 -1.12
N TYR N 1361 -14.06 92.03 0.15
CA TYR N 1361 -13.20 92.64 1.14
C TYR N 1361 -13.16 91.78 2.39
N LEU N 1362 -12.08 91.91 3.14
CA LEU N 1362 -11.97 91.34 4.46
C LEU N 1362 -11.67 92.46 5.43
N ILE N 1363 -12.31 92.40 6.59
CA ILE N 1363 -12.02 93.29 7.69
C ILE N 1363 -11.52 92.43 8.83
N TYR N 1364 -10.37 92.78 9.37
CA TYR N 1364 -9.79 92.02 10.45
C TYR N 1364 -10.08 92.74 11.77
N ASP N 1365 -9.73 92.07 12.85
CA ASP N 1365 -10.29 92.33 14.17
C ASP N 1365 -9.50 93.39 14.90
N ALA N 1366 -10.14 94.51 15.19
CA ALA N 1366 -9.58 95.53 16.07
C ALA N 1366 -10.55 95.72 17.21
N SER N 1367 -10.17 95.28 18.39
CA SER N 1367 -11.14 95.04 19.45
C SER N 1367 -10.40 94.61 20.70
N PRO N 1368 -10.92 94.89 21.90
CA PRO N 1368 -10.18 94.48 23.09
C PRO N 1368 -9.97 93.00 23.21
N LEU N 1369 -10.72 92.22 22.46
CA LEU N 1369 -10.72 90.77 22.53
C LEU N 1369 -9.70 90.14 21.61
N LYS N 1370 -8.90 90.93 20.92
CA LYS N 1370 -7.92 90.37 20.00
C LYS N 1370 -6.66 90.04 20.75
N GLY N 1371 -6.05 88.92 20.39
CA GLY N 1371 -5.00 88.35 21.17
C GLY N 1371 -5.46 87.36 22.19
N LEU N 1372 -6.74 87.40 22.56
CA LEU N 1372 -7.30 86.40 23.42
C LEU N 1372 -7.67 85.17 22.62
N SER N 1373 -8.08 84.12 23.32
CA SER N 1373 -8.34 82.83 22.71
C SER N 1373 -9.76 82.74 22.17
N LEU N 1374 -10.74 82.87 23.05
CA LEU N 1374 -12.15 82.70 22.75
C LEU N 1374 -12.61 83.22 21.38
N ARG O 6 -39.62 131.70 58.16
CA ARG O 6 -38.73 131.00 57.24
C ARG O 6 -38.74 129.49 57.49
N ASP O 7 -37.80 129.06 58.33
CA ASP O 7 -37.71 127.68 58.79
C ASP O 7 -37.64 127.73 60.32
N PRO O 8 -38.78 127.64 60.99
CA PRO O 8 -38.80 127.77 62.45
C PRO O 8 -37.80 126.84 63.11
N PRO O 9 -37.14 127.31 64.17
CA PRO O 9 -36.15 126.46 64.85
C PRO O 9 -36.75 125.18 65.43
N GLY O 10 -38.07 125.09 65.48
CA GLY O 10 -38.66 124.03 66.25
C GLY O 10 -38.47 124.39 67.69
N TYR O 11 -38.87 123.47 68.54
CA TYR O 11 -38.73 123.64 69.97
C TYR O 11 -37.67 122.67 70.44
N ARG O 12 -36.81 123.15 71.30
CA ARG O 12 -35.67 122.39 71.74
C ARG O 12 -36.00 121.85 73.13
N TYR O 13 -36.28 120.55 73.19
CA TYR O 13 -36.52 119.87 74.45
C TYR O 13 -35.11 119.53 74.77
N ALA O 14 -34.82 119.19 76.01
CA ALA O 14 -33.49 118.85 76.50
C ALA O 14 -32.84 120.09 77.06
N ALA O 15 -33.37 121.23 76.67
CA ALA O 15 -32.95 122.53 77.16
C ALA O 15 -34.10 123.08 78.00
N ALA O 16 -35.29 122.58 77.71
CA ALA O 16 -36.50 122.89 78.42
C ALA O 16 -36.40 122.32 79.81
N MET O 17 -35.77 121.16 79.92
CA MET O 17 -35.66 120.42 81.18
C MET O 17 -35.00 121.24 82.27
N VAL O 18 -34.00 122.00 81.91
CA VAL O 18 -33.36 122.91 82.85
C VAL O 18 -33.84 124.31 82.50
N PRO O 19 -35.02 124.71 82.95
CA PRO O 19 -35.47 126.07 82.65
C PRO O 19 -34.59 127.07 83.34
N THR O 20 -34.33 128.18 82.67
CA THR O 20 -33.84 129.35 83.34
C THR O 20 -35.00 130.33 83.31
N GLY O 21 -35.79 130.31 84.37
CA GLY O 21 -36.83 131.29 84.50
C GLY O 21 -38.08 130.67 85.09
N SER O 22 -39.05 131.49 85.41
CA SER O 22 -40.41 131.03 85.65
C SER O 22 -41.34 131.82 84.77
N ILE O 23 -42.59 131.44 84.79
CA ILE O 23 -43.63 132.20 84.13
C ILE O 23 -44.68 132.43 85.20
N LEU O 24 -44.87 133.68 85.59
CA LEU O 24 -45.80 133.95 86.67
C LEU O 24 -47.08 134.41 86.01
N SER O 25 -47.85 133.43 85.57
CA SER O 25 -49.15 133.68 85.00
C SER O 25 -49.92 132.42 84.62
N THR O 26 -51.21 132.40 84.92
CA THR O 26 -52.02 131.28 84.52
C THR O 26 -52.77 131.95 83.45
N ILE O 27 -52.45 131.58 82.23
CA ILE O 27 -53.06 132.18 81.12
C ILE O 27 -53.21 130.99 80.26
N GLU O 28 -53.99 131.11 79.23
CA GLU O 28 -54.08 129.98 78.33
C GLU O 28 -53.40 130.44 77.06
N VAL O 29 -52.37 129.72 76.60
CA VAL O 29 -51.55 130.30 75.57
C VAL O 29 -52.17 130.11 74.19
N ALA O 30 -53.05 129.13 74.03
CA ALA O 30 -53.67 128.91 72.73
C ALA O 30 -54.39 130.15 72.24
N SER O 31 -54.82 131.01 73.16
CA SER O 31 -55.50 132.24 72.76
C SER O 31 -54.52 133.26 72.20
N HIS O 32 -53.35 133.37 72.80
CA HIS O 32 -52.38 134.39 72.46
C HIS O 32 -51.42 133.96 71.37
N ARG O 33 -51.71 132.82 70.75
CA ARG O 33 -50.86 132.31 69.72
C ARG O 33 -50.91 133.33 68.63
N ARG O 34 -49.81 133.40 67.88
CA ARG O 34 -49.51 134.37 66.83
C ARG O 34 -48.80 135.54 67.50
N LEU O 35 -48.26 135.29 68.65
CA LEU O 35 -47.48 136.23 69.38
C LEU O 35 -46.15 135.44 69.48
N PHE O 36 -46.11 134.21 68.93
CA PHE O 36 -44.98 133.28 68.89
C PHE O 36 -44.70 132.75 67.48
N ASP O 37 -43.48 132.33 67.20
CA ASP O 37 -43.08 131.79 65.91
C ASP O 37 -43.02 130.28 65.87
N PHE O 38 -43.12 129.62 67.02
CA PHE O 38 -43.36 128.18 67.07
C PHE O 38 -44.33 127.93 68.20
N PHE O 39 -45.37 127.16 67.93
CA PHE O 39 -46.36 126.88 68.94
C PHE O 39 -46.81 125.45 68.78
N ALA O 40 -46.81 124.70 69.87
CA ALA O 40 -47.32 123.34 69.89
C ALA O 40 -48.17 123.17 71.12
N ARG O 41 -49.36 122.63 70.93
CA ARG O 41 -50.25 122.32 72.03
C ARG O 41 -50.50 120.82 72.00
N VAL O 42 -49.95 120.10 72.96
CA VAL O 42 -50.15 118.66 73.06
C VAL O 42 -51.13 118.42 74.20
N ARG O 43 -51.88 117.34 74.10
CA ARG O 43 -52.93 117.12 75.08
C ARG O 43 -52.36 116.55 76.36
N SER O 44 -52.09 115.25 76.41
CA SER O 44 -51.30 114.72 77.49
C SER O 44 -49.89 114.35 77.08
N ASP O 45 -49.61 114.30 75.79
CA ASP O 45 -48.47 113.54 75.32
C ASP O 45 -48.45 113.53 73.79
N GLU O 46 -47.30 113.24 73.19
CA GLU O 46 -47.21 112.99 71.77
C GLU O 46 -45.92 112.24 71.50
N ASN O 47 -45.86 111.63 70.34
CA ASN O 47 -44.71 110.93 69.86
C ASN O 47 -43.58 111.84 69.56
N SER O 48 -43.92 113.00 69.08
CA SER O 48 -42.98 114.00 68.61
C SER O 48 -42.12 114.69 69.60
N LEU O 49 -42.36 114.51 70.88
CA LEU O 49 -41.59 115.18 71.86
C LEU O 49 -40.54 114.32 72.46
N TYR O 50 -40.30 113.17 71.88
CA TYR O 50 -39.30 112.24 72.38
C TYR O 50 -38.26 111.93 71.36
N ASP O 51 -38.20 112.66 70.26
CA ASP O 51 -37.21 112.34 69.25
C ASP O 51 -36.00 113.22 69.22
N VAL O 52 -34.88 112.59 68.94
CA VAL O 52 -33.59 113.22 68.89
C VAL O 52 -32.95 112.88 67.57
N GLU O 53 -32.27 113.83 66.98
CA GLU O 53 -31.52 113.69 65.75
C GLU O 53 -30.34 114.63 65.82
N PHE O 54 -29.26 114.28 65.13
CA PHE O 54 -28.11 115.16 65.15
C PHE O 54 -27.31 115.03 63.88
N ASP O 55 -26.59 116.09 63.55
CA ASP O 55 -25.61 116.13 62.49
C ASP O 55 -24.22 116.10 63.12
N ALA O 56 -23.25 115.51 62.44
CA ALA O 56 -21.97 115.32 63.08
C ALA O 56 -20.81 115.67 62.15
N LEU O 57 -19.66 115.95 62.74
CA LEU O 57 -18.39 115.98 62.02
C LEU O 57 -17.64 114.72 62.39
N LEU O 58 -17.48 113.81 61.43
CA LEU O 58 -16.86 112.53 61.69
C LEU O 58 -15.39 112.49 61.35
N GLY O 59 -14.80 113.62 61.02
CA GLY O 59 -13.37 113.68 60.87
C GLY O 59 -12.91 114.98 60.30
N SER O 60 -11.65 115.32 60.50
CA SER O 60 -11.05 116.44 59.80
C SER O 60 -9.61 116.06 59.51
N TYR O 61 -9.19 116.24 58.26
CA TYR O 61 -7.91 115.74 57.81
C TYR O 61 -7.15 116.88 57.14
N CYS O 62 -6.07 117.31 57.75
CA CYS O 62 -5.23 118.31 57.14
C CYS O 62 -4.11 117.63 56.38
N ASN O 63 -3.15 118.42 55.96
CA ASN O 63 -2.13 117.99 55.02
C ASN O 63 -0.83 118.66 55.41
N THR O 64 0.28 117.94 55.31
CA THR O 64 1.58 118.52 55.62
C THR O 64 2.32 118.79 54.33
N LEU O 65 2.43 120.07 54.00
CA LEU O 65 3.26 120.51 52.89
C LEU O 65 4.72 120.35 53.27
N SER O 66 5.48 119.63 52.44
CA SER O 66 6.82 119.23 52.83
C SER O 66 7.84 120.31 52.46
N LEU O 67 9.10 120.08 52.84
CA LEU O 67 10.16 121.03 52.62
C LEU O 67 11.37 120.29 52.06
N VAL O 68 11.74 120.64 50.85
CA VAL O 68 12.86 120.05 50.16
C VAL O 68 13.95 121.07 50.12
N ARG O 69 15.18 120.62 50.33
CA ARG O 69 16.33 121.48 50.32
C ARG O 69 17.12 120.96 49.21
N PHE O 70 17.66 121.86 48.42
CA PHE O 70 18.45 121.51 47.28
C PHE O 70 19.72 120.83 47.74
N LEU O 71 20.27 121.26 48.85
CA LEU O 71 21.51 120.69 49.33
C LEU O 71 21.40 119.20 49.55
N GLU O 72 20.31 118.69 50.10
CA GLU O 72 20.04 117.26 50.19
C GLU O 72 19.30 116.89 48.92
N LEU O 73 20.01 116.33 47.96
CA LEU O 73 19.53 115.99 46.62
C LEU O 73 20.71 115.44 45.83
N GLY O 74 20.39 114.91 44.66
CA GLY O 74 21.39 114.51 43.71
C GLY O 74 21.94 115.67 42.93
N LEU O 75 21.05 116.58 42.51
CA LEU O 75 21.46 117.72 41.70
C LEU O 75 22.49 118.59 42.38
N SER O 76 22.53 118.59 43.70
CA SER O 76 23.43 119.47 44.42
C SER O 76 24.87 119.20 44.08
N VAL O 77 25.19 118.02 43.55
CA VAL O 77 26.57 117.77 43.19
C VAL O 77 26.94 118.50 41.91
N ALA O 78 26.00 118.82 41.06
CA ALA O 78 26.33 119.34 39.75
C ALA O 78 26.65 120.82 39.75
N CYS O 79 26.71 121.47 40.90
CA CYS O 79 26.98 122.90 40.97
C CYS O 79 27.87 123.18 42.15
N VAL O 80 28.47 124.36 42.18
CA VAL O 80 29.11 124.87 43.38
C VAL O 80 28.23 126.00 43.87
N CYS O 81 27.42 125.76 44.87
CA CYS O 81 26.52 126.81 45.34
C CYS O 81 27.29 127.70 46.29
N THR O 82 27.04 129.00 46.18
CA THR O 82 27.65 129.93 47.10
C THR O 82 26.76 131.15 47.22
N LYS O 83 26.75 131.73 48.40
CA LYS O 83 25.78 132.75 48.75
C LYS O 83 26.47 134.11 48.65
N PHE O 84 26.11 134.87 47.62
CA PHE O 84 26.75 136.16 47.35
C PHE O 84 25.70 137.24 47.52
N PRO O 85 25.65 137.92 48.65
CA PRO O 85 24.53 138.84 48.92
C PRO O 85 24.57 140.16 48.17
N GLU O 86 25.73 140.58 47.67
CA GLU O 86 25.86 141.83 46.95
C GLU O 86 25.61 141.64 45.46
N LEU O 87 25.15 140.47 45.06
CA LEU O 87 24.84 140.21 43.67
C LEU O 87 23.90 141.25 43.10
N ALA O 88 22.96 141.76 43.91
CA ALA O 88 22.02 142.74 43.43
C ALA O 88 22.71 144.02 42.96
N TYR O 89 23.83 144.39 43.57
CA TYR O 89 24.63 145.51 43.11
C TYR O 89 25.79 144.92 42.34
N MET O 90 25.73 144.95 41.02
CA MET O 90 26.76 144.28 40.25
C MET O 90 26.38 144.40 38.79
N ASN O 91 27.35 144.22 37.91
CA ASN O 91 27.08 144.15 36.48
C ASN O 91 27.59 142.84 35.93
N GLU O 92 28.90 142.64 35.93
CA GLU O 92 29.53 141.55 35.21
C GLU O 92 30.41 140.77 36.16
N GLY O 93 30.52 139.48 35.95
CA GLY O 93 31.32 138.67 36.80
C GLY O 93 31.92 137.91 35.71
N ARG O 94 33.17 137.55 35.81
CA ARG O 94 33.81 136.83 34.78
C ARG O 94 34.63 135.87 35.52
N VAL O 95 35.05 134.84 34.83
CA VAL O 95 35.86 133.83 35.40
C VAL O 95 36.86 133.69 34.30
N GLN O 96 38.13 133.50 34.59
CA GLN O 96 39.11 133.38 33.57
C GLN O 96 39.71 132.06 33.69
N PHE O 97 40.14 131.51 32.56
CA PHE O 97 40.80 130.25 32.48
C PHE O 97 42.08 130.45 31.71
N GLU O 98 43.09 129.61 31.89
CA GLU O 98 44.31 129.64 31.11
C GLU O 98 44.58 128.22 31.01
N VAL O 99 44.51 127.59 29.86
CA VAL O 99 44.80 126.17 29.77
C VAL O 99 46.04 126.03 29.03
N HIS O 100 47.02 125.61 29.76
CA HIS O 100 48.29 125.51 29.08
C HIS O 100 48.44 124.12 28.51
N GLN O 101 48.87 124.05 27.26
CA GLN O 101 48.83 122.82 26.50
C GLN O 101 50.21 122.25 26.30
N PRO O 102 50.30 120.94 26.11
CA PRO O 102 51.58 120.30 25.83
C PRO O 102 51.91 120.35 24.35
N LEU O 103 53.03 119.72 24.02
CA LEU O 103 53.45 119.61 22.63
C LEU O 103 54.30 118.36 22.49
N ILE O 104 54.49 117.95 21.25
CA ILE O 104 55.30 116.79 20.92
C ILE O 104 56.42 117.24 19.99
N ALA O 105 57.63 116.78 20.26
CA ALA O 105 58.72 117.00 19.32
C ALA O 105 58.54 116.08 18.11
N ARG O 106 58.76 116.61 16.93
CA ARG O 106 58.59 115.83 15.72
C ARG O 106 59.84 115.97 14.88
N ASP O 107 59.84 115.31 13.74
CA ASP O 107 61.03 115.22 12.90
C ASP O 107 60.75 115.78 11.52
N GLY O 108 61.77 116.40 10.94
CA GLY O 108 61.83 116.57 9.52
C GLY O 108 60.76 117.48 8.96
N PRO O 109 59.94 116.91 8.07
CA PRO O 109 59.03 117.75 7.26
C PRO O 109 58.11 118.62 8.05
N HIS O 110 57.96 118.40 9.23
CA HIS O 110 56.90 119.14 9.88
C HIS O 110 57.41 120.45 10.46
N PRO O 111 56.54 121.46 10.50
CA PRO O 111 56.91 122.73 11.13
C PRO O 111 57.09 122.56 12.62
N VAL O 112 58.10 123.24 13.15
CA VAL O 112 58.45 123.07 14.53
C VAL O 112 57.34 123.58 15.44
N GLU O 113 57.16 122.91 16.57
CA GLU O 113 55.99 123.11 17.41
C GLU O 113 56.35 123.96 18.63
N GLN O 114 55.62 125.04 18.87
CA GLN O 114 55.96 125.87 19.97
C GLN O 114 54.87 125.73 20.91
N PRO O 115 55.09 125.94 22.18
CA PRO O 115 54.04 125.78 23.15
C PRO O 115 52.86 126.71 23.00
N VAL O 116 51.63 126.20 23.11
CA VAL O 116 50.41 127.02 23.03
C VAL O 116 49.73 127.20 24.37
N HIS O 117 49.31 128.42 24.67
CA HIS O 117 48.67 128.77 25.87
C HIS O 117 47.34 129.41 25.58
N ASN O 118 46.26 129.03 26.25
CA ASN O 118 44.97 129.62 25.98
C ASN O 118 44.46 130.28 27.20
N TYR O 119 44.09 131.52 27.06
CA TYR O 119 43.62 132.34 28.11
C TYR O 119 42.25 132.78 27.74
N MET O 120 41.28 132.66 28.62
CA MET O 120 39.94 133.10 28.33
C MET O 120 39.18 133.58 29.54
N THR O 121 38.02 134.20 29.34
CA THR O 121 37.20 134.68 30.41
C THR O 121 35.84 134.24 30.03
N LYS O 122 34.92 134.16 30.97
CA LYS O 122 33.56 133.76 30.69
C LYS O 122 32.80 134.77 31.43
N VAL O 123 31.60 135.11 31.01
CA VAL O 123 30.77 136.12 31.67
C VAL O 123 29.59 135.50 32.35
N ILE O 124 29.35 135.87 33.58
CA ILE O 124 28.25 135.29 34.35
C ILE O 124 26.89 135.66 33.76
N ASP O 125 25.97 134.71 33.74
CA ASP O 125 24.59 134.95 33.34
C ASP O 125 23.71 135.05 34.56
N ARG O 126 22.82 136.04 34.61
CA ARG O 126 22.12 136.39 35.82
C ARG O 126 20.60 136.33 35.65
N ARG O 127 19.92 135.82 36.67
CA ARG O 127 18.49 135.60 36.68
C ARG O 127 17.91 135.96 38.04
N ALA O 128 16.60 135.72 38.20
CA ALA O 128 15.94 135.91 39.48
C ALA O 128 14.70 135.05 39.57
N LEU O 129 14.38 134.56 40.75
CA LEU O 129 13.19 133.75 40.98
C LEU O 129 12.15 134.53 41.75
N ASN O 130 10.88 134.37 41.38
CA ASN O 130 9.79 135.12 41.97
C ASN O 130 8.71 134.22 42.54
N ALA O 131 8.21 134.59 43.71
CA ALA O 131 7.05 133.96 44.31
C ALA O 131 6.33 135.02 45.13
N ALA O 132 5.02 134.88 45.25
CA ALA O 132 4.22 135.85 45.99
C ALA O 132 3.22 135.14 46.87
N PHE O 133 2.62 135.89 47.78
CA PHE O 133 1.43 135.45 48.49
C PHE O 133 0.60 136.68 48.80
N SER O 134 -0.43 136.51 49.61
CA SER O 134 -1.43 137.54 49.79
C SER O 134 -1.99 137.47 51.19
N LEU O 135 -2.54 138.60 51.63
CA LEU O 135 -3.36 138.66 52.83
C LEU O 135 -4.68 139.30 52.45
N ALA O 136 -5.78 138.74 52.93
CA ALA O 136 -7.08 139.31 52.62
C ALA O 136 -7.25 140.61 53.39
N THR O 137 -8.38 141.26 53.18
CA THR O 137 -8.64 142.48 53.93
C THR O 137 -9.06 142.17 55.36
N GLU O 138 -9.92 141.17 55.54
CA GLU O 138 -10.30 140.79 56.88
C GLU O 138 -9.09 140.30 57.67
N ALA O 139 -8.12 139.70 57.00
CA ALA O 139 -6.91 139.24 57.69
C ALA O 139 -6.08 140.42 58.16
N ILE O 140 -5.84 141.39 57.28
CA ILE O 140 -5.10 142.58 57.66
C ILE O 140 -5.67 143.17 58.94
N ALA O 141 -7.00 143.30 59.00
CA ALA O 141 -7.65 143.89 60.15
C ALA O 141 -7.42 143.09 61.42
N LEU O 142 -7.35 141.76 61.33
CA LEU O 142 -7.08 140.95 62.50
C LEU O 142 -5.60 140.99 62.88
N LEU O 143 -4.72 140.81 61.89
CA LEU O 143 -3.30 140.82 62.18
C LEU O 143 -2.88 142.11 62.85
N THR O 144 -3.28 143.25 62.29
CA THR O 144 -2.88 144.54 62.82
C THR O 144 -3.56 144.86 64.15
N GLY O 145 -4.47 144.04 64.61
CA GLY O 145 -5.14 144.32 65.86
C GLY O 145 -6.33 145.24 65.75
N GLU O 146 -6.76 145.56 64.53
CA GLU O 146 -7.84 146.53 64.36
C GLU O 146 -9.19 145.91 64.69
N ALA O 147 -9.57 144.87 63.96
CA ALA O 147 -10.86 144.20 64.07
C ALA O 147 -11.10 143.53 65.41
N LEU O 148 -10.14 143.52 66.32
CA LEU O 148 -10.35 142.86 67.60
C LEU O 148 -11.48 143.53 68.38
N ASP O 149 -12.08 142.77 69.28
CA ASP O 149 -13.28 143.16 70.01
C ASP O 149 -13.13 142.74 71.46
N GLY O 150 -14.18 142.89 72.26
CA GLY O 150 -14.15 142.44 73.62
C GLY O 150 -14.61 141.01 73.75
N THR O 151 -14.53 140.25 72.66
CA THR O 151 -15.02 138.89 72.64
C THR O 151 -13.90 137.95 72.24
N GLY O 152 -13.91 136.76 72.84
CA GLY O 152 -13.03 135.69 72.46
C GLY O 152 -13.28 135.10 71.10
N ILE O 153 -14.37 135.50 70.44
CA ILE O 153 -14.59 135.09 69.06
C ILE O 153 -13.75 135.93 68.12
N SER O 154 -13.34 137.14 68.53
CA SER O 154 -12.44 137.94 67.74
C SER O 154 -11.00 137.47 67.90
N LEU O 155 -10.63 137.01 69.09
CA LEU O 155 -9.33 136.38 69.26
C LEU O 155 -9.19 135.20 68.32
N HIS O 156 -10.16 134.30 68.30
CA HIS O 156 -10.09 133.13 67.45
C HIS O 156 -9.92 133.51 65.99
N ARG O 157 -10.65 134.53 65.54
CA ARG O 157 -10.48 134.97 64.16
C ARG O 157 -9.07 135.45 63.91
N GLN O 158 -8.45 136.08 64.91
CA GLN O 158 -7.06 136.46 64.76
C GLN O 158 -6.15 135.24 64.75
N LEU O 159 -6.50 134.21 65.51
CA LEU O 159 -5.74 132.97 65.46
C LEU O 159 -5.82 132.34 64.08
N ARG O 160 -7.00 132.41 63.45
CA ARG O 160 -7.10 131.92 62.09
C ARG O 160 -6.27 132.75 61.14
N ALA O 161 -6.17 134.05 61.37
CA ALA O 161 -5.49 134.92 60.44
C ALA O 161 -3.98 134.78 60.57
N ILE O 162 -3.48 134.75 61.79
CA ILE O 162 -2.07 134.47 62.03
C ILE O 162 -1.69 133.14 61.43
N GLN O 163 -2.56 132.15 61.56
CA GLN O 163 -2.25 130.79 61.14
C GLN O 163 -2.27 130.66 59.63
N GLN O 164 -3.17 131.37 58.96
CA GLN O 164 -3.18 131.35 57.51
C GLN O 164 -1.95 132.07 56.96
N LEU O 165 -1.51 133.12 57.63
CA LEU O 165 -0.28 133.81 57.23
C LEU O 165 0.89 132.85 57.24
N ALA O 166 1.08 132.14 58.35
CA ALA O 166 2.19 131.21 58.45
C ALA O 166 2.12 130.12 57.38
N ARG O 167 0.91 129.75 56.96
CA ARG O 167 0.76 128.81 55.85
C ARG O 167 1.34 129.38 54.57
N ASN O 168 0.99 130.62 54.24
CA ASN O 168 1.45 131.23 53.00
C ASN O 168 2.93 131.56 53.08
N VAL O 169 3.37 132.13 54.19
CA VAL O 169 4.78 132.49 54.33
C VAL O 169 5.65 131.26 54.20
N GLN O 170 5.25 130.15 54.80
CA GLN O 170 6.09 128.99 54.76
C GLN O 170 6.06 128.30 53.41
N ALA O 171 4.95 128.45 52.69
CA ALA O 171 4.87 127.82 51.38
C ALA O 171 5.74 128.53 50.36
N VAL O 172 5.91 129.84 50.49
CA VAL O 172 6.72 130.57 49.53
C VAL O 172 8.20 130.44 49.85
N LEU O 173 8.57 130.34 51.11
CA LEU O 173 9.96 130.14 51.45
C LEU O 173 10.46 128.81 50.91
N GLY O 174 9.64 127.76 51.00
CA GLY O 174 10.02 126.49 50.41
C GLY O 174 10.05 126.50 48.91
N ALA O 175 9.37 127.45 48.29
CA ALA O 175 9.33 127.56 46.83
C ALA O 175 10.66 128.00 46.26
N PHE O 176 11.51 128.64 47.05
CA PHE O 176 12.82 129.02 46.56
C PHE O 176 13.81 127.88 46.63
N GLU O 177 13.52 126.87 47.42
CA GLU O 177 14.30 125.65 47.41
C GLU O 177 13.85 124.68 46.33
N ARG O 178 12.63 124.81 45.84
CA ARG O 178 12.20 124.14 44.62
C ARG O 178 12.53 124.92 43.37
N GLY O 179 12.42 126.23 43.42
CA GLY O 179 12.89 127.02 42.31
C GLY O 179 14.33 126.75 41.99
N THR O 180 15.16 126.59 43.03
CA THR O 180 16.58 126.40 42.80
C THR O 180 16.89 125.04 42.21
N ALA O 181 16.03 124.05 42.45
CA ALA O 181 16.20 122.77 41.76
C ALA O 181 15.71 122.86 40.33
N ASP O 182 14.53 123.44 40.14
CA ASP O 182 13.99 123.64 38.81
C ASP O 182 14.87 124.57 37.98
N GLN O 183 15.46 125.57 38.63
CA GLN O 183 16.33 126.51 37.93
C GLN O 183 17.61 125.82 37.47
N MET O 184 18.13 124.91 38.28
CA MET O 184 19.34 124.18 37.93
C MET O 184 19.14 123.33 36.70
N LEU O 185 17.96 122.75 36.54
CA LEU O 185 17.72 121.94 35.35
C LEU O 185 17.74 122.79 34.09
N HIS O 186 17.13 123.95 34.12
CA HIS O 186 17.07 124.78 32.93
C HIS O 186 18.45 125.22 32.47
N VAL O 187 19.39 125.41 33.40
CA VAL O 187 20.72 125.81 32.99
C VAL O 187 21.52 124.61 32.52
N LEU O 188 21.37 123.46 33.18
CA LEU O 188 22.03 122.27 32.70
C LEU O 188 21.45 121.81 31.38
N LEU O 189 20.14 121.78 31.24
CA LEU O 189 19.56 121.37 29.97
C LEU O 189 19.89 122.32 28.85
N GLU O 190 20.25 123.56 29.14
CA GLU O 190 20.59 124.52 28.10
C GLU O 190 22.02 124.34 27.61
N LYS O 191 22.94 123.84 28.39
CA LYS O 191 24.19 123.52 27.79
C LYS O 191 24.08 122.02 27.83
N ALA O 192 24.05 121.35 26.71
CA ALA O 192 23.95 119.93 26.66
C ALA O 192 23.56 119.64 25.29
N PRO O 193 24.55 119.09 24.50
CA PRO O 193 24.10 118.78 23.16
C PRO O 193 23.40 117.47 23.18
N PRO O 194 22.64 117.12 22.19
CA PRO O 194 22.05 115.82 22.22
C PRO O 194 23.18 114.82 22.27
N LEU O 195 23.04 113.66 22.84
CA LEU O 195 24.13 112.72 22.83
C LEU O 195 24.31 112.26 21.44
N ALA O 196 23.27 112.20 20.65
CA ALA O 196 23.40 111.74 19.28
C ALA O 196 24.40 112.57 18.51
N LEU O 197 24.53 113.85 18.84
CA LEU O 197 25.43 114.76 18.16
C LEU O 197 26.78 114.88 18.84
N LEU O 198 26.94 114.35 20.04
CA LEU O 198 28.24 114.36 20.69
C LEU O 198 29.15 113.29 20.16
N LEU O 199 28.82 112.03 20.43
CA LEU O 199 29.68 110.93 20.07
C LEU O 199 30.30 111.08 18.68
N PRO O 200 29.58 111.51 17.66
CA PRO O 200 30.25 111.89 16.42
C PRO O 200 31.19 113.06 16.58
N MET O 201 30.73 114.08 17.29
CA MET O 201 31.52 115.30 17.42
C MET O 201 32.80 115.02 18.17
N GLN O 202 32.70 114.32 19.29
CA GLN O 202 33.83 114.07 20.16
C GLN O 202 34.93 113.27 19.50
N ARG O 203 34.63 112.48 18.47
CA ARG O 203 35.67 111.75 17.76
C ARG O 203 36.63 112.70 17.06
N TYR O 204 36.11 113.81 16.53
CA TYR O 204 36.90 114.77 15.78
C TYR O 204 37.62 115.80 16.65
N LEU O 205 37.10 116.13 17.82
CA LEU O 205 37.71 117.21 18.58
C LEU O 205 39.04 116.78 19.18
N ASP O 206 39.20 115.48 19.40
CA ASP O 206 40.46 114.94 19.87
C ASP O 206 41.33 114.35 18.76
N ASN O 207 40.94 114.47 17.49
CA ASN O 207 41.85 114.02 16.44
C ASN O 207 42.99 115.00 16.25
N GLY O 208 42.68 116.24 15.89
CA GLY O 208 43.72 117.23 15.69
C GLY O 208 43.26 118.43 14.89
N THR O 212 40.83 120.26 6.66
CA THR O 212 39.81 120.38 7.70
C THR O 212 38.49 120.86 7.12
N ARG O 213 38.42 121.08 5.82
CA ARG O 213 37.11 121.29 5.21
C ARG O 213 36.43 119.97 4.89
N VAL O 214 37.22 118.96 4.55
CA VAL O 214 36.72 117.61 4.33
C VAL O 214 36.45 116.92 5.63
N ALA O 215 37.31 117.12 6.62
CA ALA O 215 37.04 116.56 7.94
C ALA O 215 35.76 117.12 8.50
N ARG O 216 35.45 118.37 8.21
CA ARG O 216 34.17 118.92 8.59
C ARG O 216 33.05 118.32 7.77
N ALA O 217 33.27 118.15 6.47
CA ALA O 217 32.29 117.53 5.59
C ALA O 217 31.94 116.13 6.06
N THR O 218 32.94 115.31 6.35
CA THR O 218 32.69 113.95 6.80
C THR O 218 32.19 113.91 8.23
N LEU O 219 32.37 114.96 9.01
CA LEU O 219 31.77 115.03 10.33
C LEU O 219 30.26 115.17 10.25
N VAL O 220 29.81 116.09 9.43
CA VAL O 220 28.40 116.43 9.34
C VAL O 220 27.58 115.28 8.80
N ALA O 221 28.17 114.44 7.96
CA ALA O 221 27.46 113.26 7.50
C ALA O 221 27.25 112.28 8.62
N GLU O 222 28.14 112.27 9.61
CA GLU O 222 28.03 111.39 10.77
C GLU O 222 27.05 111.94 11.78
N LEU O 223 26.98 113.25 11.93
CA LEU O 223 25.97 113.82 12.80
C LEU O 223 24.59 113.51 12.27
N LYS O 224 24.35 113.73 10.99
CA LYS O 224 23.05 113.41 10.40
C LYS O 224 22.69 111.95 10.64
N ARG O 225 23.58 111.07 10.23
CA ARG O 225 23.38 109.64 10.40
C ARG O 225 23.07 109.29 11.84
N SER O 226 24.03 109.54 12.72
CA SER O 226 23.98 109.08 14.09
C SER O 226 22.90 109.76 14.89
N PHE O 227 22.38 110.89 14.44
CA PHE O 227 21.20 111.42 15.06
C PHE O 227 19.98 110.61 14.66
N CYS O 228 19.78 110.43 13.36
CA CYS O 228 18.67 109.67 12.82
C CYS O 228 18.68 108.22 13.27
N ASP O 229 19.77 107.76 13.89
CA ASP O 229 19.90 106.39 14.37
C ASP O 229 19.74 106.29 15.87
N THR O 230 20.61 106.97 16.60
CA THR O 230 20.79 106.73 18.03
C THR O 230 19.90 107.58 18.91
N SER O 231 19.13 108.50 18.37
CA SER O 231 18.20 109.23 19.22
C SER O 231 17.00 108.35 19.48
N PHE O 232 16.38 108.52 20.65
CA PHE O 232 15.26 107.71 21.09
C PHE O 232 15.70 106.30 21.45
N PHE O 233 17.00 106.07 21.46
CA PHE O 233 17.61 104.74 21.53
C PHE O 233 16.97 103.82 22.55
N LEU O 234 16.76 104.27 23.76
CA LEU O 234 15.99 103.45 24.69
C LEU O 234 14.55 103.40 24.21
N GLY O 235 13.97 102.23 24.19
CA GLY O 235 12.69 102.14 23.54
C GLY O 235 12.76 102.05 22.04
N LYS O 236 13.91 102.31 21.46
CA LYS O 236 14.19 101.92 20.09
C LYS O 236 14.94 100.62 20.16
N ALA O 237 16.15 100.64 20.70
CA ALA O 237 16.96 99.46 20.95
C ALA O 237 16.77 98.89 22.33
N GLY O 238 15.77 99.35 23.07
CA GLY O 238 15.67 99.07 24.50
C GLY O 238 15.81 97.61 24.87
N HIS O 239 15.11 96.72 24.16
CA HIS O 239 15.11 95.32 24.54
C HIS O 239 16.49 94.68 24.48
N ARG O 240 17.46 95.30 23.82
CA ARG O 240 18.79 94.74 23.66
C ARG O 240 19.65 95.23 24.82
N ARG O 241 20.01 94.32 25.71
CA ARG O 241 20.53 94.76 26.99
C ARG O 241 21.97 95.20 26.93
N GLU O 242 22.77 94.62 26.06
CA GLU O 242 24.16 95.06 25.97
C GLU O 242 24.34 96.30 25.11
N ALA O 243 23.38 96.59 24.25
CA ALA O 243 23.39 97.85 23.51
C ALA O 243 22.95 99.00 24.37
N ILE O 244 22.02 98.77 25.29
CA ILE O 244 21.65 99.81 26.23
C ILE O 244 22.82 100.14 27.14
N GLU O 245 23.42 99.12 27.74
CA GLU O 245 24.45 99.38 28.75
C GLU O 245 25.64 100.11 28.17
N ALA O 246 26.07 99.74 26.97
CA ALA O 246 27.10 100.50 26.30
C ALA O 246 26.68 101.91 26.03
N TRP O 247 25.38 102.16 25.94
CA TRP O 247 24.85 103.48 25.65
C TRP O 247 24.85 104.37 26.86
N LEU O 248 24.79 103.78 28.06
CA LEU O 248 24.97 104.54 29.29
C LEU O 248 26.43 104.79 29.62
N VAL O 249 27.33 103.97 29.09
CA VAL O 249 28.74 104.27 29.21
C VAL O 249 29.13 105.31 28.17
N ASP O 250 28.39 105.40 27.07
CA ASP O 250 28.57 106.53 26.16
C ASP O 250 28.08 107.82 26.80
N LEU O 251 26.92 107.78 27.45
CA LEU O 251 26.35 108.94 28.11
C LEU O 251 27.29 109.51 29.15
N THR O 252 27.76 108.67 30.05
CA THR O 252 28.51 109.14 31.20
C THR O 252 29.96 109.45 30.87
N THR O 253 30.48 108.95 29.77
CA THR O 253 31.85 109.23 29.35
C THR O 253 31.97 110.28 28.27
N ALA O 254 30.88 110.88 27.81
CA ALA O 254 30.99 111.83 26.71
C ALA O 254 31.40 113.22 27.19
N THR O 255 31.21 113.51 28.46
CA THR O 255 31.50 114.82 29.02
C THR O 255 32.98 114.90 29.40
N GLN O 256 33.39 116.05 29.90
CA GLN O 256 34.75 116.24 30.35
C GLN O 256 34.75 116.90 31.72
N PRO O 257 35.67 116.50 32.60
CA PRO O 257 35.65 117.01 33.96
C PRO O 257 35.79 118.51 34.01
N SER O 258 35.29 119.06 35.09
CA SER O 258 35.21 120.49 35.28
C SER O 258 36.42 120.96 36.09
N VAL O 259 36.34 122.18 36.60
CA VAL O 259 37.23 122.63 37.64
C VAL O 259 37.12 121.74 38.86
N ALA O 260 38.24 121.52 39.54
CA ALA O 260 38.26 120.69 40.73
C ALA O 260 38.02 121.57 41.95
N VAL O 261 36.89 121.35 42.61
CA VAL O 261 36.43 122.12 43.76
C VAL O 261 36.46 121.21 44.98
N PRO O 262 37.35 121.45 45.94
CA PRO O 262 37.50 120.49 47.05
C PRO O 262 36.36 120.52 48.04
N ARG O 263 35.65 121.63 48.13
CA ARG O 263 34.52 121.77 49.00
C ARG O 263 33.33 120.92 48.69
N LEU O 264 33.07 120.58 47.44
CA LEU O 264 31.91 119.72 47.16
C LEU O 264 32.35 118.32 47.53
N THR O 265 32.57 118.13 48.83
CA THR O 265 33.02 116.89 49.41
C THR O 265 31.95 115.84 49.34
N HIS O 266 30.77 116.26 48.96
CA HIS O 266 29.66 115.38 48.89
C HIS O 266 29.79 114.45 47.73
N ALA O 267 28.83 113.56 47.65
CA ALA O 267 28.76 112.54 46.64
C ALA O 267 29.57 111.37 47.07
N ASP O 268 30.34 111.53 48.13
CA ASP O 268 31.13 110.47 48.63
C ASP O 268 30.09 109.61 49.26
N THR O 269 30.37 108.33 49.42
CA THR O 269 29.46 107.41 50.05
C THR O 269 30.35 106.40 50.75
N ARG O 270 30.19 106.13 52.05
CA ARG O 270 31.11 105.16 52.63
C ARG O 270 32.55 105.42 52.19
N GLY O 271 32.85 106.70 51.91
CA GLY O 271 34.14 107.20 51.51
C GLY O 271 34.33 107.52 50.03
N ARG O 272 33.59 106.90 49.12
CA ARG O 272 33.96 106.94 47.70
C ARG O 272 33.26 108.06 46.97
N PRO O 273 33.96 109.02 46.37
CA PRO O 273 33.31 110.23 45.83
C PRO O 273 32.51 110.02 44.56
N VAL O 274 31.42 110.78 44.47
CA VAL O 274 30.45 110.70 43.38
C VAL O 274 30.82 111.72 42.32
N ASP O 275 30.78 111.34 41.05
CA ASP O 275 30.88 112.34 39.99
C ASP O 275 29.81 112.16 38.91
N GLY O 276 28.72 112.90 39.04
CA GLY O 276 27.74 113.12 37.98
C GLY O 276 26.38 113.08 38.64
N VAL O 277 25.36 113.56 37.94
CA VAL O 277 24.03 113.57 38.54
C VAL O 277 23.01 112.66 37.86
N LEU O 278 23.13 112.33 36.59
CA LEU O 278 22.15 111.50 35.87
C LEU O 278 20.69 111.74 36.26
N VAL O 279 20.07 112.83 35.86
CA VAL O 279 18.68 113.08 36.23
C VAL O 279 17.78 112.55 35.11
N THR O 280 16.99 111.53 35.42
CA THR O 280 16.08 110.85 34.52
C THR O 280 14.64 111.23 34.85
N THR O 281 13.72 110.62 34.12
CA THR O 281 12.30 110.64 34.48
C THR O 281 11.97 109.40 35.30
N ALA O 282 11.00 109.55 36.20
CA ALA O 282 10.66 108.49 37.15
C ALA O 282 10.31 107.18 36.47
N ALA O 283 9.82 107.22 35.23
CA ALA O 283 9.53 106.00 34.49
C ALA O 283 10.78 105.41 33.90
N ILE O 284 11.64 106.26 33.32
CA ILE O 284 12.90 105.80 32.79
C ILE O 284 13.83 105.38 33.90
N LYS O 285 13.89 106.15 34.98
CA LYS O 285 14.65 105.75 36.15
C LYS O 285 14.29 104.35 36.63
N GLN O 286 13.02 103.98 36.54
CA GLN O 286 12.57 102.70 37.02
C GLN O 286 12.89 101.59 36.04
N ARG O 287 12.69 101.84 34.75
CA ARG O 287 13.06 100.87 33.73
C ARG O 287 14.55 100.57 33.78
N LEU O 288 15.37 101.60 33.94
CA LEU O 288 16.81 101.40 34.00
C LEU O 288 17.21 100.64 35.24
N LEU O 289 16.66 101.02 36.39
CA LEU O 289 17.09 100.44 37.64
C LEU O 289 16.57 99.04 37.84
N GLN O 290 15.47 98.67 37.19
CA GLN O 290 15.00 97.30 37.34
C GLN O 290 15.76 96.33 36.44
N SER O 291 15.99 96.69 35.20
CA SER O 291 16.62 95.75 34.29
C SER O 291 18.10 96.05 34.05
N PHE O 292 18.40 97.18 33.43
CA PHE O 292 19.73 97.35 32.88
C PHE O 292 20.79 97.57 33.93
N LEU O 293 20.78 98.70 34.60
CA LEU O 293 21.70 98.89 35.71
C LEU O 293 20.87 98.82 36.97
N LYS O 294 21.04 97.79 37.71
CA LYS O 294 20.45 97.78 39.00
C LYS O 294 21.65 98.06 39.91
N VAL O 295 22.74 98.65 39.40
CA VAL O 295 23.97 98.80 40.15
C VAL O 295 23.76 99.87 41.15
N GLU O 296 22.57 99.84 41.66
CA GLU O 296 22.21 100.86 42.54
C GLU O 296 22.89 100.39 43.77
N ASP O 297 24.17 100.71 43.85
CA ASP O 297 24.96 100.35 44.99
C ASP O 297 25.12 101.57 45.84
N THR O 298 24.42 101.58 46.97
CA THR O 298 24.36 102.64 47.96
C THR O 298 23.05 103.37 47.83
N GLU O 299 22.39 103.55 48.96
CA GLU O 299 21.11 104.21 49.08
C GLU O 299 21.15 105.36 50.08
N ALA O 300 22.32 105.85 50.44
CA ALA O 300 22.40 106.91 51.41
C ALA O 300 23.67 107.55 51.05
N ASP O 301 24.02 108.67 51.65
CA ASP O 301 25.30 109.23 51.22
C ASP O 301 25.52 110.62 51.80
N VAL O 302 26.64 111.23 51.49
CA VAL O 302 27.13 112.35 52.27
C VAL O 302 27.12 113.67 51.49
N PRO O 303 26.15 114.57 51.72
CA PRO O 303 26.25 115.93 51.19
C PRO O 303 26.88 116.95 52.14
N VAL O 304 26.76 118.20 51.74
CA VAL O 304 27.41 119.26 52.40
C VAL O 304 26.43 120.42 52.48
N THR O 305 26.98 121.64 52.59
CA THR O 305 26.25 122.95 52.68
C THR O 305 26.71 124.15 51.74
N TYR O 306 26.08 125.34 51.83
CA TYR O 306 26.42 126.46 50.92
C TYR O 306 27.59 127.27 51.25
N GLY O 307 28.42 127.48 50.24
CA GLY O 307 29.61 128.29 50.32
C GLY O 307 29.05 129.66 50.31
N GLU O 308 29.80 130.59 50.82
CA GLU O 308 29.39 131.99 50.96
C GLU O 308 30.53 132.95 50.57
N MET O 309 30.14 134.12 50.08
CA MET O 309 31.07 135.14 49.56
C MET O 309 30.61 136.53 49.99
N VAL O 310 31.51 137.36 50.50
CA VAL O 310 31.15 138.67 51.02
C VAL O 310 32.26 139.67 50.74
N LEU O 311 31.88 140.91 50.42
CA LEU O 311 32.80 142.01 50.23
C LEU O 311 33.12 142.64 51.58
N ASN O 312 34.39 142.59 52.00
CA ASN O 312 34.67 143.11 53.34
C ASN O 312 35.69 144.23 53.41
N GLY O 313 36.98 143.90 53.42
CA GLY O 313 37.93 144.95 53.66
C GLY O 313 38.40 145.73 52.46
N ALA O 314 39.10 145.05 51.56
CA ALA O 314 39.54 145.65 50.31
C ALA O 314 38.47 145.58 49.25
N ASN O 315 37.83 144.42 49.13
CA ASN O 315 36.73 144.26 48.19
C ASN O 315 35.73 145.38 48.35
N LEU O 316 35.13 145.49 49.52
CA LEU O 316 34.10 146.49 49.75
C LEU O 316 34.55 147.86 49.31
N VAL O 317 35.74 148.27 49.75
CA VAL O 317 36.26 149.56 49.34
C VAL O 317 36.34 149.61 47.82
N THR O 318 37.25 148.85 47.23
CA THR O 318 37.41 148.84 45.78
C THR O 318 36.12 148.51 45.05
N ALA O 319 35.22 147.76 45.68
CA ALA O 319 33.89 147.66 45.10
C ALA O 319 33.28 149.03 45.05
N LEU O 320 32.99 149.60 46.21
CA LEU O 320 32.24 150.85 46.22
C LEU O 320 33.02 151.97 45.56
N VAL O 321 34.32 152.06 45.82
CA VAL O 321 35.09 153.12 45.16
C VAL O 321 35.40 152.73 43.71
N MET O 322 36.10 151.63 43.50
CA MET O 322 36.59 151.40 42.14
C MET O 322 35.50 150.90 41.21
N GLY O 323 34.47 150.27 41.75
CA GLY O 323 33.53 149.58 40.90
C GLY O 323 34.02 148.26 40.41
N LYS O 324 35.01 147.69 41.08
CA LYS O 324 35.58 146.40 40.74
C LYS O 324 35.86 145.65 42.02
N ALA O 325 35.49 144.40 42.05
CA ALA O 325 35.80 143.52 43.16
C ALA O 325 36.51 142.29 42.61
N VAL O 326 37.27 141.62 43.46
CA VAL O 326 37.94 140.39 43.10
C VAL O 326 37.76 139.42 44.25
N ARG O 327 37.33 138.20 43.95
CA ARG O 327 37.07 137.25 45.00
C ARG O 327 38.36 136.91 45.73
N SER O 328 38.34 137.08 47.05
CA SER O 328 39.51 136.87 47.90
C SER O 328 40.66 137.78 47.48
N LEU O 329 40.36 139.06 47.36
CA LEU O 329 41.39 140.02 47.01
C LEU O 329 42.41 140.17 48.14
N ASP O 330 42.01 139.92 49.38
CA ASP O 330 42.96 140.00 50.48
C ASP O 330 44.03 138.93 50.36
N ASP O 331 43.69 137.78 49.80
CA ASP O 331 44.70 136.76 49.49
C ASP O 331 45.46 137.14 48.23
N VAL O 332 44.77 137.21 47.09
CA VAL O 332 45.36 137.52 45.80
C VAL O 332 46.33 138.69 45.94
N GLY O 333 45.96 139.67 46.77
CA GLY O 333 46.82 140.83 46.94
C GLY O 333 48.16 140.47 47.54
N ARG O 334 48.16 139.83 48.71
CA ARG O 334 49.44 139.59 49.36
C ARG O 334 50.21 138.46 48.73
N HIS O 335 49.54 137.56 48.02
CA HIS O 335 50.30 136.61 47.19
C HIS O 335 51.08 137.34 46.11
N LEU O 336 50.60 138.50 45.67
CA LEU O 336 51.34 139.31 44.71
C LEU O 336 52.43 140.14 45.38
N LEU O 337 52.11 140.77 46.52
CA LEU O 337 53.10 141.59 47.20
C LEU O 337 54.26 140.76 47.71
N ASP O 338 54.03 139.48 47.98
CA ASP O 338 55.10 138.59 48.40
C ASP O 338 55.98 138.15 47.23
N MET O 339 55.47 138.24 46.00
CA MET O 339 56.27 137.87 44.83
C MET O 339 57.55 138.67 44.77
N GLN O 340 57.60 139.84 45.40
CA GLN O 340 58.81 140.64 45.45
C GLN O 340 59.71 140.33 46.63
N GLU O 341 59.25 139.55 47.60
CA GLU O 341 60.09 139.12 48.71
C GLU O 341 60.80 137.80 48.45
N GLU O 342 60.44 137.09 47.37
CA GLU O 342 61.05 135.84 46.98
C GLU O 342 61.08 134.81 48.12
N ASN O 347 55.63 127.65 36.41
CA ASN O 347 54.98 128.55 37.37
C ASN O 347 54.20 127.73 38.38
N ARG O 348 53.60 126.67 37.86
CA ARG O 348 53.21 125.54 38.68
C ARG O 348 52.42 125.98 39.91
N GLU O 349 51.20 126.47 39.71
CA GLU O 349 50.49 127.06 40.82
C GLU O 349 49.69 125.95 41.50
N THR O 350 50.16 125.49 42.66
CA THR O 350 49.56 124.37 43.37
C THR O 350 48.71 124.76 44.56
N LEU O 351 48.63 126.04 44.92
CA LEU O 351 48.07 126.38 46.23
C LEU O 351 46.56 126.15 46.27
N ASP O 352 45.82 126.78 45.35
CA ASP O 352 44.34 126.70 45.29
C ASP O 352 43.77 126.96 46.68
N GLU O 353 42.82 126.16 47.18
CA GLU O 353 42.31 126.28 48.54
C GLU O 353 41.99 124.92 49.14
N LEU O 354 42.39 124.71 50.39
CA LEU O 354 42.08 123.50 51.15
C LEU O 354 41.92 123.90 52.62
N GLU O 355 40.70 124.10 53.10
CA GLU O 355 40.54 124.50 54.51
C GLU O 355 39.44 123.95 55.43
N SER O 356 38.19 124.29 55.14
CA SER O 356 37.02 123.94 55.97
C SER O 356 36.53 122.51 56.24
N ALA O 357 36.50 121.64 55.25
CA ALA O 357 35.94 120.32 55.49
C ALA O 357 34.59 120.51 56.18
N PRO O 358 33.58 120.98 55.46
CA PRO O 358 32.32 121.35 56.10
C PRO O 358 31.64 120.14 56.71
N GLN O 359 30.71 120.42 57.62
CA GLN O 359 29.90 119.35 58.17
C GLN O 359 29.08 118.70 57.06
N THR O 360 28.75 117.44 57.26
CA THR O 360 28.05 116.67 56.24
C THR O 360 26.78 116.05 56.79
N THR O 361 26.13 115.23 55.98
CA THR O 361 24.88 114.59 56.36
C THR O 361 24.77 113.28 55.60
N ARG O 362 23.99 112.35 56.12
CA ARG O 362 23.54 111.24 55.31
C ARG O 362 22.14 111.54 54.81
N VAL O 363 21.96 111.46 53.50
CA VAL O 363 20.66 111.67 52.89
C VAL O 363 20.40 110.50 51.97
N ARG O 364 19.14 110.17 51.79
CA ARG O 364 18.77 108.99 51.04
C ARG O 364 18.90 109.28 49.56
N ALA O 365 19.80 108.57 48.88
CA ALA O 365 20.13 108.82 47.51
C ALA O 365 20.10 107.52 46.73
N ASP O 366 20.33 107.60 45.43
CA ASP O 366 20.36 106.43 44.58
C ASP O 366 21.66 106.50 43.80
N LEU O 367 22.59 105.62 44.11
CA LEU O 367 23.96 105.73 43.62
C LEU O 367 24.32 104.50 42.84
N VAL O 368 24.49 104.67 41.55
CA VAL O 368 24.75 103.58 40.62
C VAL O 368 26.12 103.81 40.02
N ALA O 369 26.75 102.73 39.59
CA ALA O 369 28.05 102.83 38.93
C ALA O 369 27.89 102.43 37.48
N ILE O 370 28.31 103.31 36.58
CA ILE O 370 28.22 103.10 35.14
C ILE O 370 29.62 103.23 34.59
N GLY O 371 30.18 102.13 34.10
CA GLY O 371 31.60 102.16 33.79
C GLY O 371 32.31 102.19 35.11
N ASP O 372 33.30 103.04 35.28
CA ASP O 372 33.74 103.36 36.63
C ASP O 372 33.39 104.80 36.90
N ARG O 373 32.21 104.99 37.48
CA ARG O 373 31.73 106.31 37.85
C ARG O 373 30.77 106.09 39.00
N LEU O 374 30.82 106.95 40.00
CA LEU O 374 29.69 107.04 40.89
C LEU O 374 28.78 108.14 40.41
N VAL O 375 27.54 107.81 40.18
CA VAL O 375 26.66 108.75 39.62
C VAL O 375 25.42 108.68 40.46
N PHE O 376 24.60 109.71 40.50
CA PHE O 376 23.42 109.70 41.31
C PHE O 376 22.34 109.46 40.27
N LEU O 377 21.68 108.31 40.20
CA LEU O 377 20.59 108.14 39.25
C LEU O 377 19.56 108.98 39.88
N GLU O 378 18.67 109.61 39.14
CA GLU O 378 17.67 110.47 39.76
C GLU O 378 16.43 110.86 39.01
N ALA O 379 15.37 111.19 39.71
CA ALA O 379 14.13 111.61 39.07
C ALA O 379 13.36 112.44 40.05
N LEU O 380 13.32 113.74 39.89
CA LEU O 380 12.66 114.57 40.81
C LEU O 380 11.31 114.99 40.28
N GLU O 381 10.27 114.29 40.63
CA GLU O 381 8.94 114.60 40.14
C GLU O 381 8.03 114.60 41.35
N LYS O 382 7.92 113.45 42.00
CA LYS O 382 7.30 113.42 43.31
C LYS O 382 7.99 114.37 44.27
N ARG O 383 9.32 114.46 44.20
CA ARG O 383 10.06 115.24 45.19
C ARG O 383 9.63 116.69 45.20
N ILE O 384 9.72 117.36 44.06
CA ILE O 384 9.51 118.80 43.99
C ILE O 384 8.41 119.17 43.01
N TYR O 385 8.50 118.70 41.77
CA TYR O 385 7.50 119.08 40.79
C TYR O 385 6.11 118.54 41.07
N ALA O 386 5.90 117.73 42.09
CA ALA O 386 4.67 116.96 42.20
C ALA O 386 3.38 117.75 42.12
N ALA O 387 3.00 118.46 43.17
CA ALA O 387 1.70 119.13 43.21
C ALA O 387 1.76 120.57 42.75
N THR O 388 2.90 121.01 42.26
CA THR O 388 3.20 122.41 41.99
C THR O 388 2.54 122.95 40.74
N ASN O 389 1.95 122.09 39.90
CA ASN O 389 1.42 122.50 38.61
C ASN O 389 2.55 123.12 37.77
N VAL O 390 3.65 122.38 37.65
CA VAL O 390 4.82 122.81 36.90
C VAL O 390 5.23 121.64 36.03
N PRO O 391 5.66 121.87 34.79
CA PRO O 391 6.18 120.78 33.97
C PRO O 391 7.58 120.39 34.39
N TYR O 392 7.82 119.09 34.39
CA TYR O 392 9.13 118.54 34.69
C TYR O 392 9.99 118.65 33.45
N PRO O 393 11.11 119.33 33.47
CA PRO O 393 11.82 119.50 32.22
C PRO O 393 12.26 118.28 31.44
N LEU O 394 12.58 117.16 32.05
CA LEU O 394 13.05 116.02 31.33
C LEU O 394 12.06 115.43 30.37
N VAL O 395 10.79 115.82 30.43
CA VAL O 395 9.83 115.35 29.44
C VAL O 395 10.04 116.54 28.56
N GLY O 396 10.46 116.28 27.36
CA GLY O 396 10.89 117.28 26.45
C GLY O 396 9.95 117.42 25.28
N ALA O 397 10.50 117.87 24.17
CA ALA O 397 9.72 118.09 22.97
C ALA O 397 10.64 117.96 21.79
N MET O 398 10.08 117.58 20.66
CA MET O 398 10.88 117.46 19.46
C MET O 398 10.02 117.84 18.27
N ASP O 399 10.59 118.61 17.38
CA ASP O 399 9.94 118.97 16.13
C ASP O 399 10.64 118.28 14.98
N LEU O 400 9.85 117.71 14.10
CA LEU O 400 10.36 117.07 12.91
C LEU O 400 9.51 117.49 11.74
N THR O 401 10.13 118.00 10.70
CA THR O 401 9.40 118.24 9.47
C THR O 401 9.56 117.02 8.59
N PHE O 402 8.47 116.61 7.97
CA PHE O 402 8.48 115.47 7.08
C PHE O 402 8.18 115.95 5.67
N VAL O 403 8.32 115.04 4.72
CA VAL O 403 8.18 115.39 3.31
C VAL O 403 7.44 114.27 2.61
N LEU O 404 6.51 114.64 1.75
CA LEU O 404 5.79 113.72 0.91
C LEU O 404 5.78 114.25 -0.51
N PRO O 405 6.05 113.42 -1.50
CA PRO O 405 5.77 113.81 -2.90
C PRO O 405 4.33 113.55 -3.31
N LEU O 406 3.78 114.46 -4.11
CA LEU O 406 2.46 114.26 -4.72
C LEU O 406 2.55 114.20 -6.23
N GLY O 407 1.84 113.27 -6.81
CA GLY O 407 1.62 113.33 -8.22
C GLY O 407 2.89 113.24 -9.02
N LEU O 408 4.02 113.04 -8.34
CA LEU O 408 5.26 112.92 -9.07
C LEU O 408 5.24 111.62 -9.84
N PHE O 409 6.28 111.35 -10.60
CA PHE O 409 6.15 110.38 -11.66
C PHE O 409 7.39 109.52 -11.76
N ASN O 410 7.20 108.20 -11.81
CA ASN O 410 8.31 107.27 -11.78
C ASN O 410 9.33 107.56 -12.89
N PRO O 411 10.58 107.22 -12.67
CA PRO O 411 11.58 107.37 -13.72
C PRO O 411 11.37 106.41 -14.86
N ALA O 412 12.26 106.37 -15.85
CA ALA O 412 11.97 105.49 -16.98
C ALA O 412 12.21 104.05 -16.64
N MET O 413 13.11 103.78 -15.70
CA MET O 413 13.51 102.43 -15.37
C MET O 413 12.80 101.88 -14.14
N GLU O 414 12.03 102.70 -13.44
CA GLU O 414 11.41 102.27 -12.20
C GLU O 414 9.95 101.90 -12.35
N ARG O 415 9.50 101.91 -13.60
CA ARG O 415 8.14 101.72 -14.09
C ARG O 415 7.71 100.32 -14.45
N PHE O 416 8.35 99.34 -13.87
CA PHE O 416 8.08 97.95 -14.08
C PHE O 416 7.03 97.42 -13.14
N ALA O 417 6.46 96.30 -13.54
CA ALA O 417 5.41 95.60 -12.84
C ALA O 417 5.74 95.00 -11.60
N ALA O 418 6.90 94.38 -11.47
CA ALA O 418 7.45 93.70 -10.24
C ALA O 418 7.65 92.29 -10.50
N HIS O 419 6.56 91.68 -10.91
CA HIS O 419 6.37 90.36 -11.44
C HIS O 419 5.11 90.47 -12.28
N ALA O 420 4.97 89.78 -13.41
CA ALA O 420 3.80 89.92 -14.26
C ALA O 420 2.69 89.51 -13.49
N GLY O 421 1.54 90.08 -13.77
CA GLY O 421 0.35 89.73 -13.06
C GLY O 421 0.26 89.84 -11.59
N ASP O 422 0.24 91.04 -11.04
CA ASP O 422 0.06 91.23 -9.61
C ASP O 422 -0.66 92.54 -9.43
N LEU O 423 -1.44 92.72 -8.39
CA LEU O 423 -2.24 93.92 -8.21
C LEU O 423 -3.05 94.22 -9.46
N VAL O 424 -3.69 93.18 -9.99
CA VAL O 424 -4.27 93.16 -11.34
C VAL O 424 -5.77 93.37 -11.24
N PRO O 425 -6.37 94.22 -12.06
CA PRO O 425 -7.78 94.50 -11.98
C PRO O 425 -8.67 93.35 -12.28
N ALA O 426 -9.97 93.41 -12.05
CA ALA O 426 -10.84 92.27 -12.35
C ALA O 426 -10.72 92.10 -13.79
N PRO O 427 -11.15 90.90 -14.32
CA PRO O 427 -10.87 90.70 -15.75
C PRO O 427 -11.28 91.63 -16.86
N GLY O 428 -12.40 92.30 -16.93
CA GLY O 428 -12.63 93.16 -18.09
C GLY O 428 -12.22 94.60 -17.85
N HIS O 429 -11.68 94.91 -16.70
CA HIS O 429 -11.42 96.29 -16.33
C HIS O 429 -10.14 96.92 -16.62
N PRO O 430 -10.12 98.30 -16.36
CA PRO O 430 -8.88 99.02 -16.72
C PRO O 430 -7.88 99.14 -15.59
N GLU O 431 -6.60 99.08 -15.88
CA GLU O 431 -5.65 99.13 -14.80
C GLU O 431 -5.43 100.53 -14.47
N PRO O 432 -5.96 100.93 -13.24
CA PRO O 432 -5.66 102.27 -12.84
C PRO O 432 -4.24 102.45 -12.29
N ARG O 433 -3.50 101.39 -12.06
CA ARG O 433 -2.17 101.49 -11.54
C ARG O 433 -1.28 102.04 -12.59
N ALA O 434 -1.78 102.32 -13.77
CA ALA O 434 -0.96 102.80 -14.83
C ALA O 434 -1.17 104.17 -15.34
N PHE O 435 -1.90 104.99 -14.59
CA PHE O 435 -2.23 106.32 -14.89
C PHE O 435 -1.39 107.11 -13.94
N PRO O 436 -1.00 108.32 -14.23
CA PRO O 436 -0.14 109.01 -13.28
C PRO O 436 -0.76 109.19 -11.95
N PRO O 437 0.10 109.05 -10.87
CA PRO O 437 -0.54 109.14 -9.56
C PRO O 437 -1.08 110.51 -9.13
N ARG O 438 -2.07 110.57 -8.28
CA ARG O 438 -2.62 111.83 -7.88
C ARG O 438 -2.96 111.86 -6.45
N GLN O 439 -2.65 110.82 -5.71
CA GLN O 439 -2.96 110.74 -4.31
C GLN O 439 -1.83 110.26 -3.55
N LEU O 440 -1.99 110.26 -2.26
CA LEU O 440 -0.88 109.74 -1.48
C LEU O 440 -1.49 109.20 -0.20
N PHE O 441 -1.03 108.04 0.24
CA PHE O 441 -1.59 107.39 1.40
C PHE O 441 -0.52 107.31 2.47
N PHE O 442 -0.93 107.47 3.71
CA PHE O 442 0.00 107.39 4.83
C PHE O 442 -0.80 107.09 6.08
N TRP O 443 -0.16 106.97 7.19
CA TRP O 443 -0.82 106.64 8.41
C TRP O 443 -0.91 107.85 9.27
N GLY O 444 -2.06 108.21 9.78
CA GLY O 444 -2.18 109.37 10.65
C GLY O 444 -1.66 108.84 11.92
N LYS O 445 -1.25 109.61 12.93
CA LYS O 445 -0.72 109.03 14.18
C LYS O 445 -1.85 108.21 14.64
N ASP O 446 -1.60 107.03 15.16
CA ASP O 446 -2.61 106.08 15.58
C ASP O 446 -3.34 105.18 14.57
N HIS O 447 -2.70 104.88 13.47
CA HIS O 447 -3.19 103.87 12.57
C HIS O 447 -4.40 104.05 11.73
N GLN O 448 -4.76 105.27 11.41
CA GLN O 448 -5.90 105.45 10.55
C GLN O 448 -5.12 105.81 9.38
N VAL O 449 -5.36 105.16 8.28
CA VAL O 449 -4.75 105.39 6.98
C VAL O 449 -5.39 106.63 6.36
N LEU O 450 -4.57 107.47 5.76
CA LEU O 450 -4.97 108.82 5.37
C LEU O 450 -4.74 109.01 3.88
N ARG O 451 -4.94 110.19 3.37
CA ARG O 451 -4.70 110.44 1.98
C ARG O 451 -4.58 111.92 1.71
N LEU O 452 -3.97 112.28 0.60
CA LEU O 452 -3.85 113.64 0.22
C LEU O 452 -3.90 113.60 -1.28
N SER O 453 -4.92 114.09 -1.92
CA SER O 453 -4.99 114.11 -3.33
C SER O 453 -4.38 115.42 -3.69
N MET O 454 -4.47 115.82 -4.95
CA MET O 454 -4.04 117.06 -5.45
C MET O 454 -5.17 118.05 -5.42
N GLU O 455 -6.43 117.65 -5.20
CA GLU O 455 -7.55 118.53 -4.95
C GLU O 455 -7.37 119.23 -3.64
N ASN O 456 -6.40 118.78 -2.90
CA ASN O 456 -6.04 119.20 -1.57
C ASN O 456 -5.13 120.41 -1.59
N ALA O 457 -4.43 120.63 -2.70
CA ALA O 457 -3.49 121.73 -2.85
C ALA O 457 -4.19 123.00 -3.26
N VAL O 458 -5.51 122.98 -3.29
CA VAL O 458 -6.28 124.06 -3.89
C VAL O 458 -6.13 125.33 -3.10
N GLY O 459 -6.02 125.27 -1.79
CA GLY O 459 -5.88 126.51 -1.04
C GLY O 459 -4.58 127.22 -1.27
N THR O 460 -3.56 126.48 -1.68
CA THR O 460 -2.22 127.02 -1.96
C THR O 460 -2.13 127.60 -3.35
N VAL O 461 -2.32 126.73 -4.35
CA VAL O 461 -2.05 127.06 -5.74
C VAL O 461 -3.18 127.83 -6.40
N CYS O 462 -4.39 127.76 -5.87
CA CYS O 462 -5.61 128.47 -6.23
C CYS O 462 -5.82 129.79 -5.49
N HIS O 463 -4.77 130.40 -5.12
CA HIS O 463 -4.75 131.72 -4.60
C HIS O 463 -4.02 132.62 -5.59
N PRO O 464 -4.34 133.92 -5.70
CA PRO O 464 -3.66 134.75 -6.70
C PRO O 464 -2.30 135.17 -6.24
N SER O 465 -1.52 134.27 -5.74
CA SER O 465 -0.15 134.43 -5.47
C SER O 465 0.52 133.68 -6.61
N LEU O 466 -0.18 132.71 -7.22
CA LEU O 466 0.31 131.90 -8.28
C LEU O 466 0.61 132.76 -9.41
N MET O 467 0.00 133.91 -9.50
CA MET O 467 0.19 134.80 -10.59
C MET O 467 0.98 136.03 -10.36
N ASN O 468 1.58 136.19 -9.19
CA ASN O 468 2.36 137.38 -8.91
C ASN O 468 3.81 137.11 -9.08
N ILE O 469 4.49 137.80 -9.99
CA ILE O 469 5.91 137.60 -10.17
C ILE O 469 6.70 138.88 -10.08
N ASP O 470 6.06 140.02 -9.85
CA ASP O 470 6.74 141.29 -10.12
C ASP O 470 7.98 141.49 -9.29
N ALA O 471 8.13 140.77 -8.19
CA ALA O 471 9.42 140.74 -7.49
C ALA O 471 10.39 139.82 -8.18
N ALA O 472 9.88 138.76 -8.80
CA ALA O 472 10.75 137.83 -9.51
C ALA O 472 11.29 138.44 -10.77
N VAL O 473 10.43 139.05 -11.59
CA VAL O 473 10.90 139.65 -12.83
C VAL O 473 11.72 140.90 -12.53
N GLY O 474 11.29 141.71 -11.57
CA GLY O 474 12.03 142.92 -11.27
C GLY O 474 13.34 142.67 -10.56
N GLY O 475 13.48 141.51 -9.93
CA GLY O 475 14.64 141.26 -9.11
C GLY O 475 15.69 140.43 -9.81
N VAL O 476 15.32 139.80 -10.92
CA VAL O 476 16.29 139.13 -11.77
C VAL O 476 16.67 140.01 -12.93
N ASN O 477 16.12 141.22 -12.99
CA ASN O 477 16.39 142.23 -14.00
C ASN O 477 17.48 143.18 -13.56
N HIS O 478 18.10 142.93 -12.40
CA HIS O 478 19.32 143.66 -12.07
C HIS O 478 20.40 143.29 -13.07
N ASP O 479 21.42 144.16 -13.17
CA ASP O 479 22.63 143.83 -13.92
C ASP O 479 22.31 143.39 -15.35
N PRO O 480 22.02 144.31 -16.26
CA PRO O 480 21.38 143.96 -17.53
C PRO O 480 22.14 142.91 -18.31
N VAL O 481 21.38 142.10 -19.05
CA VAL O 481 21.91 140.93 -19.73
C VAL O 481 22.05 141.21 -21.22
N GLU O 482 22.55 140.23 -21.97
CA GLU O 482 22.66 140.31 -23.41
C GLU O 482 21.53 139.51 -24.05
N ALA O 483 20.95 140.06 -25.09
CA ALA O 483 19.87 139.33 -25.64
C ALA O 483 20.64 138.21 -26.20
N ALA O 484 19.94 137.11 -26.33
CA ALA O 484 20.42 135.89 -26.92
C ALA O 484 20.00 136.26 -28.34
N ASN O 485 19.80 135.30 -29.27
CA ASN O 485 19.33 135.73 -30.59
C ASN O 485 17.90 135.94 -30.19
N PRO O 486 17.20 137.04 -30.67
CA PRO O 486 15.84 137.18 -30.15
C PRO O 486 14.89 136.64 -31.16
N TYR O 487 14.84 135.34 -31.34
CA TYR O 487 14.03 134.79 -32.40
C TYR O 487 12.62 134.48 -31.94
N GLY O 488 12.47 133.84 -30.79
CA GLY O 488 11.15 133.63 -30.23
C GLY O 488 10.75 134.63 -29.18
N ALA O 489 11.59 135.61 -28.89
CA ALA O 489 11.30 136.64 -27.91
C ALA O 489 10.81 137.92 -28.54
N TYR O 490 10.61 137.95 -29.84
CA TYR O 490 10.26 139.18 -30.54
C TYR O 490 9.06 138.93 -31.44
N VAL O 491 8.07 139.80 -31.34
CA VAL O 491 6.91 139.82 -32.22
C VAL O 491 6.96 141.09 -33.04
N ALA O 492 6.74 140.98 -34.36
CA ALA O 492 6.83 142.12 -35.24
C ALA O 492 5.49 142.41 -35.89
N ALA O 493 5.34 143.63 -36.35
CA ALA O 493 4.21 143.97 -37.18
C ALA O 493 4.21 143.14 -38.45
N PRO O 494 3.06 142.70 -38.93
CA PRO O 494 2.99 142.24 -40.32
C PRO O 494 3.11 143.45 -41.22
N ALA O 495 3.86 143.28 -42.31
CA ALA O 495 4.13 144.37 -43.23
C ALA O 495 3.99 143.87 -44.66
N GLY O 496 3.52 144.74 -45.53
CA GLY O 496 3.46 144.45 -46.94
C GLY O 496 2.55 143.30 -47.27
N PRO O 497 2.63 142.81 -48.50
CA PRO O 497 1.81 141.69 -48.91
C PRO O 497 2.15 140.46 -48.11
N GLY O 498 1.24 139.49 -48.10
CA GLY O 498 1.50 138.25 -47.42
C GLY O 498 2.43 137.37 -48.22
N ALA O 499 2.45 137.55 -49.54
CA ALA O 499 3.15 136.61 -50.41
C ALA O 499 4.65 136.63 -50.20
N ASP O 500 5.21 137.77 -49.84
CA ASP O 500 6.62 137.90 -49.58
C ASP O 500 6.97 137.85 -48.10
N MET O 501 6.00 137.60 -47.22
CA MET O 501 6.24 137.88 -45.81
C MET O 501 7.29 136.96 -45.23
N GLN O 502 7.28 135.68 -45.60
CA GLN O 502 8.35 134.85 -45.12
C GLN O 502 9.63 135.01 -45.92
N GLN O 503 9.53 135.35 -47.19
CA GLN O 503 10.72 135.77 -47.91
C GLN O 503 11.40 136.91 -47.18
N ARG O 504 10.66 137.98 -46.92
CA ARG O 504 11.23 139.12 -46.22
C ARG O 504 11.69 138.78 -44.82
N PHE O 505 11.14 137.73 -44.21
CA PHE O 505 11.57 137.36 -42.88
C PHE O 505 12.94 136.69 -42.92
N LEU O 506 13.03 135.58 -43.62
CA LEU O 506 14.28 134.85 -43.73
C LEU O 506 15.40 135.72 -44.26
N ASN O 507 15.08 136.76 -45.02
CA ASN O 507 16.13 137.66 -45.47
C ASN O 507 16.54 138.66 -44.41
N ALA O 508 15.62 139.11 -43.57
CA ALA O 508 15.99 140.06 -42.53
C ALA O 508 16.70 139.35 -41.39
N TRP O 509 16.16 138.23 -40.94
CA TRP O 509 16.87 137.42 -39.97
C TRP O 509 17.51 136.29 -40.75
N ARG O 510 18.64 136.56 -41.37
CA ARG O 510 19.42 135.48 -41.95
C ARG O 510 20.77 135.32 -41.27
N GLN O 511 21.16 136.28 -40.45
CA GLN O 511 22.45 136.28 -39.79
C GLN O 511 22.27 136.03 -38.30
N ARG O 512 21.59 136.93 -37.62
CA ARG O 512 21.26 136.73 -36.22
C ARG O 512 20.31 135.58 -35.99
N LEU O 513 19.72 135.04 -37.04
CA LEU O 513 19.03 133.76 -36.95
C LEU O 513 19.98 132.59 -37.08
N ALA O 514 20.94 132.68 -37.99
CA ALA O 514 21.94 131.63 -38.15
C ALA O 514 23.05 131.72 -37.11
N HIS O 515 23.29 132.90 -36.57
CA HIS O 515 24.34 133.11 -35.58
C HIS O 515 24.14 132.25 -34.35
N GLY O 516 23.14 132.58 -33.54
CA GLY O 516 23.02 132.03 -32.21
C GLY O 516 22.24 130.75 -32.16
N ARG O 517 21.91 130.34 -30.94
CA ARG O 517 21.11 129.17 -30.68
C ARG O 517 19.79 129.59 -30.07
N VAL O 518 18.68 129.17 -30.68
CA VAL O 518 17.39 129.45 -30.09
C VAL O 518 17.33 128.75 -28.75
N ARG O 519 16.80 129.35 -27.71
CA ARG O 519 16.76 128.62 -26.48
C ARG O 519 15.90 127.39 -26.51
N TRP O 520 14.89 127.34 -27.34
CA TRP O 520 14.03 126.18 -27.46
C TRP O 520 14.59 124.98 -28.37
N VAL O 521 15.61 124.43 -27.72
CA VAL O 521 16.49 123.27 -27.90
C VAL O 521 16.63 122.62 -26.51
N ALA O 522 15.76 123.00 -25.58
CA ALA O 522 15.63 122.49 -24.29
C ALA O 522 14.79 121.20 -24.38
N GLU O 523 14.32 120.91 -25.56
CA GLU O 523 13.59 119.78 -25.96
C GLU O 523 14.49 118.63 -26.01
N CYS O 524 15.76 118.83 -26.31
CA CYS O 524 16.67 117.70 -26.41
C CYS O 524 17.20 117.28 -25.05
N GLN O 525 17.10 118.12 -24.05
CA GLN O 525 17.60 117.77 -22.74
C GLN O 525 16.70 116.80 -22.08
N MET O 526 17.25 115.78 -21.46
CA MET O 526 16.51 114.78 -20.72
C MET O 526 16.38 115.57 -19.51
N THR O 527 15.57 115.23 -18.52
CA THR O 527 15.59 116.01 -17.28
C THR O 527 16.85 115.47 -16.71
N ALA O 528 17.39 116.08 -15.69
CA ALA O 528 18.64 115.62 -15.13
C ALA O 528 19.74 116.18 -16.00
N GLU O 529 19.44 116.91 -17.05
CA GLU O 529 20.41 117.58 -17.82
C GLU O 529 19.87 118.95 -17.64
N GLN O 530 18.56 119.07 -17.49
CA GLN O 530 17.91 120.33 -17.18
C GLN O 530 18.27 120.82 -15.80
N PHE O 531 18.51 119.89 -14.86
CA PHE O 531 18.75 120.25 -13.47
C PHE O 531 20.20 120.52 -13.16
N MET O 532 21.06 120.27 -14.14
CA MET O 532 22.51 120.41 -14.06
C MET O 532 23.06 121.78 -14.12
N GLN O 533 24.07 121.97 -13.29
CA GLN O 533 24.70 123.24 -13.10
C GLN O 533 25.23 123.70 -14.40
N PRO O 534 25.79 122.73 -15.19
CA PRO O 534 26.34 123.21 -16.44
C PRO O 534 25.66 122.68 -17.66
N ASP O 535 25.53 123.56 -18.63
CA ASP O 535 24.97 123.26 -19.93
C ASP O 535 23.48 123.47 -19.95
N ASN O 536 22.97 123.95 -18.84
CA ASN O 536 21.60 124.27 -18.68
C ASN O 536 21.91 125.61 -18.11
N ALA O 537 22.47 126.44 -18.96
CA ALA O 537 22.92 127.75 -18.66
C ALA O 537 21.77 128.59 -18.23
N ASN O 538 20.59 128.16 -18.62
CA ASN O 538 19.35 128.79 -18.40
C ASN O 538 18.58 128.32 -17.24
N LEU O 539 19.07 127.35 -16.48
CA LEU O 539 18.39 126.95 -15.26
C LEU O 539 18.13 128.12 -14.35
N ALA O 540 18.95 129.16 -14.44
CA ALA O 540 18.70 130.36 -13.66
C ALA O 540 17.40 131.01 -14.02
N LEU O 541 16.88 130.77 -15.22
CA LEU O 541 15.67 131.37 -15.73
C LEU O 541 14.44 130.47 -15.62
N GLU O 542 14.55 129.31 -14.98
CA GLU O 542 13.40 128.45 -14.75
C GLU O 542 12.97 128.65 -13.30
N LEU O 543 11.91 129.42 -13.10
CA LEU O 543 11.55 129.91 -11.78
C LEU O 543 10.13 129.54 -11.38
N HIS O 544 9.18 129.91 -12.11
CA HIS O 544 7.83 129.72 -11.71
C HIS O 544 7.19 128.71 -12.66
N PRO O 545 6.29 127.85 -12.17
CA PRO O 545 5.62 126.92 -13.07
C PRO O 545 4.98 127.59 -14.25
N ALA O 546 4.33 128.70 -14.01
CA ALA O 546 3.33 129.27 -14.88
C ALA O 546 3.87 130.28 -15.86
N PHE O 547 5.10 130.74 -15.70
CA PHE O 547 5.63 131.82 -16.52
C PHE O 547 6.92 131.41 -17.20
N ASP O 548 7.11 131.88 -18.42
CA ASP O 548 8.37 131.81 -19.13
C ASP O 548 9.18 133.03 -18.80
N PHE O 549 10.39 132.84 -18.29
CA PHE O 549 11.31 133.95 -18.09
C PHE O 549 12.37 133.85 -19.16
N PHE O 550 12.41 134.82 -20.05
CA PHE O 550 13.32 134.76 -21.18
C PHE O 550 13.93 136.12 -21.37
N ALA O 551 15.01 136.18 -22.11
CA ALA O 551 15.70 137.42 -22.37
C ALA O 551 15.37 137.98 -23.69
N GLY O 552 14.55 139.01 -23.69
CA GLY O 552 14.17 139.66 -24.92
C GLY O 552 14.76 141.03 -24.80
N VAL O 553 14.63 141.85 -25.82
CA VAL O 553 15.13 143.22 -25.77
C VAL O 553 14.24 144.09 -24.91
N ALA O 554 14.82 145.15 -24.37
CA ALA O 554 14.15 146.06 -23.47
C ALA O 554 12.94 146.84 -24.01
N ASP O 555 13.16 147.48 -25.14
CA ASP O 555 12.19 148.46 -25.65
C ASP O 555 11.39 148.06 -26.84
N VAL O 556 11.52 146.82 -27.25
CA VAL O 556 10.79 146.40 -28.39
C VAL O 556 9.40 146.27 -27.79
N GLU O 557 8.48 147.09 -28.29
CA GLU O 557 7.13 147.08 -27.82
C GLU O 557 6.49 146.32 -28.93
N LEU O 558 5.77 145.28 -28.59
CA LEU O 558 5.16 144.42 -29.58
C LEU O 558 3.71 144.74 -29.87
N PRO O 559 3.31 144.56 -31.12
CA PRO O 559 4.26 144.10 -32.15
C PRO O 559 4.98 145.29 -32.74
N GLY O 560 6.14 145.14 -33.37
CA GLY O 560 6.81 146.28 -33.92
C GLY O 560 8.06 146.03 -34.69
N GLY O 561 8.39 146.94 -35.59
CA GLY O 561 9.64 146.81 -36.31
C GLY O 561 9.58 145.65 -37.24
N GLU O 562 10.75 145.26 -37.71
CA GLU O 562 11.02 144.11 -38.56
C GLU O 562 12.04 143.18 -37.91
N VAL O 563 13.24 143.67 -37.63
CA VAL O 563 14.17 143.01 -36.72
C VAL O 563 14.32 143.96 -35.55
N PRO O 564 14.48 143.50 -34.31
CA PRO O 564 14.65 144.44 -33.22
C PRO O 564 15.98 145.16 -33.34
N PRO O 565 16.01 146.45 -33.04
CA PRO O 565 17.31 147.12 -32.95
C PRO O 565 18.07 146.52 -31.79
N ALA O 566 18.59 145.31 -31.99
CA ALA O 566 18.97 144.48 -30.87
C ALA O 566 19.97 145.22 -29.99
N GLY O 567 19.52 145.52 -28.77
CA GLY O 567 20.23 146.36 -27.84
C GLY O 567 20.67 145.63 -26.60
N PRO O 568 20.75 146.37 -25.52
CA PRO O 568 20.96 145.77 -24.20
C PRO O 568 19.71 145.10 -23.68
N GLY O 569 19.51 143.83 -24.01
CA GLY O 569 18.33 143.12 -23.59
C GLY O 569 18.18 143.06 -22.08
N ALA O 570 16.97 142.68 -21.67
CA ALA O 570 16.60 142.44 -20.29
C ALA O 570 15.56 141.36 -20.29
N ILE O 571 15.52 140.55 -19.24
CA ILE O 571 14.73 139.34 -19.28
C ILE O 571 13.29 139.65 -18.92
N GLN O 572 12.38 139.09 -19.69
CA GLN O 572 10.95 139.31 -19.57
C GLN O 572 10.31 138.10 -18.93
N ALA O 573 9.00 138.16 -18.77
CA ALA O 573 8.23 137.04 -18.28
C ALA O 573 6.91 137.02 -19.01
N THR O 574 6.45 135.84 -19.38
CA THR O 574 5.19 135.76 -20.10
C THR O 574 4.48 134.50 -19.65
N TRP O 575 3.21 134.65 -19.34
CA TRP O 575 2.42 133.55 -18.82
C TRP O 575 2.39 132.40 -19.80
N ARG O 576 2.77 131.20 -19.36
CA ARG O 576 2.51 130.01 -20.15
C ARG O 576 1.02 129.78 -20.15
N VAL O 577 0.39 129.78 -21.30
CA VAL O 577 -1.05 129.71 -21.24
C VAL O 577 -1.47 128.41 -20.57
N VAL O 578 -1.01 127.29 -21.08
CA VAL O 578 -1.37 125.92 -20.78
C VAL O 578 -0.32 124.99 -20.22
N ASN O 579 -0.73 123.91 -19.60
CA ASN O 579 0.22 122.98 -19.01
C ASN O 579 1.02 122.18 -19.95
N GLY O 580 0.71 122.26 -21.22
CA GLY O 580 1.42 121.50 -22.18
C GLY O 580 2.50 122.37 -22.69
N ASN O 581 2.73 123.55 -22.15
CA ASN O 581 3.73 124.49 -22.57
C ASN O 581 4.85 124.45 -21.62
N LEU O 582 4.82 123.56 -20.64
CA LEU O 582 5.86 123.36 -19.66
C LEU O 582 6.96 122.61 -20.37
N PRO O 583 8.27 122.92 -20.06
CA PRO O 583 9.27 122.17 -20.85
C PRO O 583 9.16 120.66 -20.79
N LEU O 584 9.55 119.95 -21.82
CA LEU O 584 9.52 118.49 -21.81
C LEU O 584 10.56 117.89 -20.88
N ALA O 585 11.47 118.69 -20.34
CA ALA O 585 12.37 118.16 -19.33
C ALA O 585 11.68 118.05 -17.99
N LEU O 586 10.77 118.97 -17.70
CA LEU O 586 10.01 118.98 -16.46
C LEU O 586 8.65 118.31 -16.56
N CYS O 587 8.17 117.98 -17.76
CA CYS O 587 6.96 117.19 -17.93
C CYS O 587 7.16 116.27 -19.12
N PRO O 588 7.76 115.12 -18.90
CA PRO O 588 8.24 114.32 -20.02
C PRO O 588 7.10 113.89 -20.93
N VAL O 589 7.45 113.54 -22.16
CA VAL O 589 6.46 112.92 -23.04
C VAL O 589 5.91 111.66 -22.41
N ALA O 590 6.82 110.82 -21.88
CA ALA O 590 6.44 109.58 -21.21
C ALA O 590 5.39 109.80 -20.15
N PHE O 591 5.43 110.94 -19.48
CA PHE O 591 4.38 111.31 -18.53
C PHE O 591 3.17 111.82 -19.23
N ARG O 592 3.42 112.71 -20.16
CA ARG O 592 2.39 113.46 -20.82
C ARG O 592 1.55 112.51 -21.67
N ASP O 593 2.15 111.40 -22.11
CA ASP O 593 1.46 110.35 -22.86
C ASP O 593 0.59 109.49 -21.98
N ALA O 594 1.09 109.12 -20.81
CA ALA O 594 0.40 108.24 -19.89
C ALA O 594 -0.86 108.86 -19.31
N ARG O 595 -0.99 110.17 -19.33
CA ARG O 595 -2.20 110.83 -18.88
C ARG O 595 -3.12 111.24 -20.02
N GLY O 596 -2.82 110.85 -21.24
CA GLY O 596 -3.84 110.89 -22.26
C GLY O 596 -4.37 109.51 -22.49
N LEU O 597 -3.66 108.50 -21.99
CA LEU O 597 -4.20 107.17 -21.85
C LEU O 597 -5.15 107.09 -20.67
N GLU O 598 -4.95 107.97 -19.70
CA GLU O 598 -5.87 108.05 -18.57
C GLU O 598 -7.19 108.64 -19.01
N LEU O 599 -7.15 109.77 -19.70
CA LEU O 599 -8.36 110.41 -20.18
C LEU O 599 -9.05 109.59 -21.24
N GLY O 600 -8.29 108.80 -21.98
CA GLY O 600 -8.87 108.10 -23.11
C GLY O 600 -9.78 106.96 -22.72
N VAL O 601 -9.63 106.41 -21.52
CA VAL O 601 -10.40 105.23 -21.16
C VAL O 601 -11.86 105.64 -21.02
N GLY O 602 -12.72 104.96 -21.77
CA GLY O 602 -14.14 105.21 -21.76
C GLY O 602 -14.61 106.15 -22.84
N ARG O 603 -13.73 106.94 -23.42
CA ARG O 603 -14.09 107.95 -24.38
C ARG O 603 -13.88 107.42 -25.79
N HIS O 604 -14.22 108.24 -26.77
CA HIS O 604 -14.22 107.81 -28.16
C HIS O 604 -12.82 107.41 -28.61
N ALA O 605 -12.77 106.44 -29.53
CA ALA O 605 -11.51 106.00 -30.11
C ALA O 605 -11.72 105.78 -31.59
N MET O 606 -10.95 106.48 -32.41
CA MET O 606 -11.06 106.30 -33.85
C MET O 606 -10.55 104.93 -34.25
N ALA O 607 -11.19 104.36 -35.25
CA ALA O 607 -10.86 103.01 -35.68
C ALA O 607 -9.48 102.99 -36.29
N PRO O 608 -8.81 101.84 -36.30
CA PRO O 608 -7.51 101.77 -36.95
C PRO O 608 -7.58 102.02 -38.44
N ALA O 609 -8.76 101.84 -39.04
CA ALA O 609 -8.96 102.07 -40.46
C ALA O 609 -9.19 103.53 -40.79
N THR O 610 -9.76 104.30 -39.87
CA THR O 610 -9.84 105.74 -40.07
C THR O 610 -8.54 106.42 -39.69
N ILE O 611 -7.68 105.75 -38.95
CA ILE O 611 -6.36 106.30 -38.73
C ILE O 611 -5.46 105.98 -39.90
N ALA O 612 -5.64 104.80 -40.50
CA ALA O 612 -4.86 104.43 -41.68
C ALA O 612 -5.23 105.27 -42.89
N ALA O 613 -6.50 105.65 -43.02
CA ALA O 613 -6.95 106.43 -44.17
C ALA O 613 -6.69 107.91 -44.01
N VAL O 614 -6.71 108.43 -42.80
CA VAL O 614 -6.44 109.85 -42.61
C VAL O 614 -4.96 110.10 -42.56
N ARG O 615 -4.20 109.24 -41.89
CA ARG O 615 -2.75 109.39 -41.91
C ARG O 615 -2.20 109.08 -43.29
N GLY O 616 -2.89 108.25 -44.06
CA GLY O 616 -2.46 108.03 -45.42
C GLY O 616 -2.46 109.28 -46.26
N ALA O 617 -3.37 110.21 -45.98
CA ALA O 617 -3.51 111.42 -46.78
C ALA O 617 -2.48 112.47 -46.44
N PHE O 618 -2.21 112.69 -45.15
CA PHE O 618 -1.21 113.67 -44.77
C PHE O 618 0.15 113.28 -45.26
N GLU O 619 0.42 111.98 -45.41
CA GLU O 619 1.70 111.48 -45.83
C GLU O 619 1.75 111.14 -47.32
N ASP O 620 0.67 111.37 -48.04
CA ASP O 620 0.65 111.09 -49.47
C ASP O 620 1.35 112.22 -50.19
N ARG O 621 2.46 111.90 -50.86
CA ARG O 621 3.17 112.89 -51.66
C ARG O 621 2.39 113.27 -52.89
N SER O 622 1.83 112.28 -53.57
CA SER O 622 1.21 112.42 -54.87
C SER O 622 -0.24 112.86 -54.74
N TYR O 623 -0.63 113.27 -53.56
CA TYR O 623 -1.95 113.82 -53.32
C TYR O 623 -2.24 114.87 -54.38
N PRO O 624 -3.34 114.75 -55.10
CA PRO O 624 -3.54 115.58 -56.28
C PRO O 624 -3.81 117.03 -55.94
N ALA O 625 -3.38 117.90 -56.84
CA ALA O 625 -3.37 119.32 -56.57
C ALA O 625 -4.73 119.97 -56.78
N VAL O 626 -5.63 119.36 -57.54
CA VAL O 626 -6.99 119.88 -57.61
C VAL O 626 -7.58 120.02 -56.23
N PHE O 627 -7.23 119.10 -55.33
CA PHE O 627 -7.87 119.08 -54.03
C PHE O 627 -7.48 120.31 -53.23
N TYR O 628 -6.31 120.87 -53.47
CA TYR O 628 -6.01 122.16 -52.88
C TYR O 628 -6.64 123.30 -53.65
N LEU O 629 -6.91 123.10 -54.94
CA LEU O 629 -7.56 124.14 -55.72
C LEU O 629 -9.05 124.14 -55.50
N LEU O 630 -9.67 122.97 -55.45
CA LEU O 630 -11.08 122.89 -55.07
C LEU O 630 -11.29 123.40 -53.66
N GLN O 631 -10.41 123.03 -52.75
CA GLN O 631 -10.52 123.46 -51.36
C GLN O 631 -10.54 124.98 -51.25
N ALA O 632 -9.66 125.65 -52.00
CA ALA O 632 -9.58 127.10 -51.95
C ALA O 632 -10.62 127.77 -52.83
N ALA O 633 -11.15 127.06 -53.81
CA ALA O 633 -12.27 127.58 -54.58
C ALA O 633 -13.53 127.64 -53.73
N ILE O 634 -13.89 126.50 -53.12
CA ILE O 634 -15.01 126.45 -52.18
C ILE O 634 -14.85 127.50 -51.11
N HIS O 635 -13.62 127.74 -50.68
CA HIS O 635 -13.27 128.72 -49.65
C HIS O 635 -14.21 128.66 -48.46
N GLY O 636 -14.37 127.46 -47.93
CA GLY O 636 -15.13 127.29 -46.72
C GLY O 636 -16.58 127.66 -46.82
N SER O 637 -17.08 127.93 -48.03
CA SER O 637 -18.44 128.38 -48.23
C SER O 637 -19.35 127.18 -48.41
N GLU O 638 -20.44 127.15 -47.67
CA GLU O 638 -21.38 126.04 -47.75
C GLU O 638 -22.27 126.16 -48.97
N HIS O 639 -22.50 127.39 -49.43
CA HIS O 639 -23.19 127.57 -50.70
C HIS O 639 -22.38 127.00 -51.84
N VAL O 640 -21.06 127.19 -51.80
CA VAL O 640 -20.24 126.73 -52.91
C VAL O 640 -20.00 125.23 -52.81
N PHE O 641 -19.97 124.67 -51.61
CA PHE O 641 -19.82 123.23 -51.52
C PHE O 641 -20.97 122.51 -52.19
N CYS O 642 -22.19 122.79 -51.75
CA CYS O 642 -23.33 122.07 -52.32
C CYS O 642 -23.48 122.35 -53.80
N ALA O 643 -23.14 123.56 -54.22
CA ALA O 643 -23.07 123.87 -55.64
C ALA O 643 -22.18 122.89 -56.37
N LEU O 644 -20.99 122.63 -55.83
CA LEU O 644 -20.01 121.73 -56.42
C LEU O 644 -20.09 120.32 -55.86
N ALA O 645 -21.10 120.03 -55.04
CA ALA O 645 -21.13 118.78 -54.29
C ALA O 645 -21.09 117.54 -55.16
N ARG O 646 -21.51 117.63 -56.42
CA ARG O 646 -21.37 116.48 -57.31
C ARG O 646 -19.93 116.31 -57.79
N LEU O 647 -19.22 117.42 -57.93
CA LEU O 647 -17.81 117.35 -58.29
C LEU O 647 -16.99 116.78 -57.16
N VAL O 648 -17.38 117.07 -55.92
CA VAL O 648 -16.57 116.71 -54.76
C VAL O 648 -16.65 115.21 -54.49
N THR O 649 -17.80 114.59 -54.68
CA THR O 649 -17.85 113.14 -54.47
C THR O 649 -17.00 112.41 -55.49
N GLN O 650 -17.07 112.82 -56.75
CA GLN O 650 -16.31 112.13 -57.77
C GLN O 650 -14.82 112.31 -57.55
N CYS O 651 -14.42 113.34 -56.80
CA CYS O 651 -13.06 113.47 -56.32
C CYS O 651 -12.82 112.56 -55.12
N ILE O 652 -13.73 112.56 -54.16
CA ILE O 652 -13.53 111.74 -52.98
C ILE O 652 -13.66 110.28 -53.33
N THR O 653 -14.54 109.95 -54.25
CA THR O 653 -14.67 108.55 -54.66
C THR O 653 -13.45 108.11 -55.44
N SER O 654 -13.03 108.91 -56.41
CA SER O 654 -11.83 108.61 -57.17
C SER O 654 -10.63 108.42 -56.26
N TYR O 655 -10.30 109.44 -55.49
CA TYR O 655 -9.09 109.39 -54.68
C TYR O 655 -9.13 108.26 -53.68
N TRP O 656 -10.32 107.83 -53.26
CA TRP O 656 -10.41 106.67 -52.39
C TRP O 656 -10.08 105.40 -53.16
N ASN O 657 -10.57 105.28 -54.38
CA ASN O 657 -10.42 104.03 -55.11
C ASN O 657 -8.98 103.78 -55.50
N ASN O 658 -8.29 104.82 -55.97
CA ASN O 658 -6.87 104.68 -56.27
C ASN O 658 -6.10 104.26 -55.05
N THR O 659 -6.17 105.07 -54.00
CA THR O 659 -5.44 104.88 -52.76
C THR O 659 -6.48 104.97 -51.67
N ARG O 660 -6.60 103.94 -50.82
CA ARG O 660 -7.70 104.09 -49.87
C ARG O 660 -7.25 105.15 -48.88
N CYS O 661 -7.80 106.34 -49.01
CA CYS O 661 -7.43 107.47 -48.17
C CYS O 661 -8.53 108.51 -48.24
N ALA O 662 -8.60 109.31 -47.20
CA ALA O 662 -9.51 110.43 -47.21
C ALA O 662 -8.89 111.58 -47.99
N ALA O 663 -9.74 112.44 -48.54
CA ALA O 663 -9.27 113.45 -49.48
C ALA O 663 -8.98 114.77 -48.82
N PHE O 664 -10.02 115.43 -48.34
CA PHE O 664 -9.99 116.84 -48.00
C PHE O 664 -9.60 117.11 -46.54
N VAL O 665 -9.04 116.12 -45.86
CA VAL O 665 -8.80 116.16 -44.43
C VAL O 665 -7.95 117.34 -43.96
N ASN O 666 -7.35 118.11 -44.86
CA ASN O 666 -6.67 119.30 -44.38
C ASN O 666 -7.61 120.44 -44.09
N ASP O 667 -8.92 120.25 -44.27
CA ASP O 667 -9.90 121.28 -43.97
C ASP O 667 -11.00 120.66 -43.13
N TYR O 668 -11.28 121.25 -41.97
CA TYR O 668 -12.37 120.72 -41.18
C TYR O 668 -13.70 121.22 -41.70
N SER O 669 -13.74 122.42 -42.26
CA SER O 669 -14.99 122.91 -42.79
C SER O 669 -15.48 122.06 -43.94
N LEU O 670 -14.58 121.46 -44.71
CA LEU O 670 -15.01 120.51 -45.73
C LEU O 670 -15.47 119.21 -45.08
N VAL O 671 -14.57 118.55 -44.36
CA VAL O 671 -14.89 117.30 -43.68
C VAL O 671 -16.18 117.39 -42.92
N SER O 672 -16.51 118.56 -42.40
CA SER O 672 -17.80 118.71 -41.74
C SER O 672 -18.96 118.90 -42.70
N TYR O 673 -18.72 119.41 -43.91
CA TYR O 673 -19.79 119.43 -44.91
C TYR O 673 -19.95 118.07 -45.55
N ILE O 674 -18.87 117.35 -45.73
CA ILE O 674 -18.91 116.03 -46.31
C ILE O 674 -19.86 115.18 -45.49
N VAL O 675 -19.60 115.10 -44.20
CA VAL O 675 -20.36 114.27 -43.27
C VAL O 675 -21.83 114.63 -43.32
N THR O 676 -22.13 115.90 -43.56
CA THR O 676 -23.51 116.37 -43.55
C THR O 676 -24.21 116.13 -44.89
N TYR O 677 -23.70 116.74 -45.96
CA TYR O 677 -24.34 116.70 -47.25
C TYR O 677 -24.04 115.44 -48.04
N LEU O 678 -22.83 114.92 -47.93
CA LEU O 678 -22.40 113.83 -48.78
C LEU O 678 -22.70 112.47 -48.20
N GLY O 679 -23.43 112.42 -47.08
CA GLY O 679 -23.69 111.15 -46.44
C GLY O 679 -24.22 110.09 -47.38
N GLY O 680 -25.07 110.47 -48.31
CA GLY O 680 -25.69 109.50 -49.17
C GLY O 680 -24.79 108.79 -50.16
N ASP O 681 -24.09 109.52 -51.01
CA ASP O 681 -23.37 108.90 -52.11
C ASP O 681 -21.87 109.01 -51.91
N LEU O 682 -21.31 107.95 -51.35
CA LEU O 682 -19.94 107.72 -50.92
C LEU O 682 -19.97 106.33 -50.32
N PRO O 683 -19.04 105.46 -50.66
CA PRO O 683 -19.08 104.13 -50.04
C PRO O 683 -18.87 104.23 -48.56
N GLU O 684 -19.68 103.50 -47.81
CA GLU O 684 -19.62 103.61 -46.36
C GLU O 684 -18.25 103.32 -45.82
N GLU O 685 -17.41 102.63 -46.60
CA GLU O 685 -16.04 102.47 -46.17
C GLU O 685 -15.34 103.82 -46.09
N CYS O 686 -15.48 104.66 -47.12
CA CYS O 686 -14.80 105.95 -47.02
C CYS O 686 -15.61 106.96 -46.24
N MET O 687 -16.93 106.87 -46.27
CA MET O 687 -17.71 107.80 -45.46
C MET O 687 -17.45 107.59 -43.99
N ALA O 688 -17.24 106.34 -43.58
CA ALA O 688 -16.95 106.05 -42.18
C ALA O 688 -15.69 106.72 -41.68
N VAL O 689 -14.79 107.11 -42.58
CA VAL O 689 -13.60 107.85 -42.19
C VAL O 689 -13.96 109.26 -41.77
N TYR O 690 -14.67 109.98 -42.64
CA TYR O 690 -15.06 111.35 -42.32
C TYR O 690 -16.02 111.37 -41.16
N ARG O 691 -16.95 110.43 -41.14
CA ARG O 691 -17.95 110.39 -40.08
C ARG O 691 -17.29 110.18 -38.73
N ASP O 692 -16.29 109.30 -38.67
CA ASP O 692 -15.54 109.00 -37.46
C ASP O 692 -14.55 110.09 -37.10
N LEU O 693 -14.10 110.86 -38.07
CA LEU O 693 -13.16 111.94 -37.82
C LEU O 693 -13.84 113.16 -37.25
N VAL O 694 -15.11 113.38 -37.57
CA VAL O 694 -15.90 114.42 -36.95
C VAL O 694 -16.38 113.97 -35.58
N ALA O 695 -16.70 112.68 -35.47
CA ALA O 695 -17.19 112.14 -34.22
C ALA O 695 -16.16 112.24 -33.12
N HIS O 696 -14.89 112.29 -33.49
CA HIS O 696 -13.81 112.37 -32.52
C HIS O 696 -13.45 113.79 -32.14
N VAL O 697 -13.91 114.80 -32.87
CA VAL O 697 -13.73 116.17 -32.41
C VAL O 697 -14.76 116.52 -31.38
N GLU O 698 -15.92 115.90 -31.42
CA GLU O 698 -16.93 116.17 -30.41
C GLU O 698 -16.65 115.41 -29.13
N ALA O 699 -15.96 114.29 -29.21
CA ALA O 699 -15.60 113.54 -28.02
C ALA O 699 -14.52 114.25 -27.24
N LEU O 700 -13.60 114.89 -27.95
CA LEU O 700 -12.60 115.74 -27.33
C LEU O 700 -13.22 117.03 -26.86
N ALA O 701 -14.08 117.64 -27.68
CA ALA O 701 -14.72 118.87 -27.29
C ALA O 701 -15.47 118.75 -25.98
N GLN O 702 -16.08 117.61 -25.72
CA GLN O 702 -16.85 117.46 -24.50
C GLN O 702 -16.00 117.05 -23.31
N LEU O 703 -14.80 116.55 -23.56
CA LEU O 703 -13.87 116.22 -22.49
C LEU O 703 -13.66 117.38 -21.53
N VAL O 704 -13.67 118.61 -22.05
CA VAL O 704 -13.51 119.78 -21.21
C VAL O 704 -14.60 119.83 -20.15
N ASP O 705 -15.84 119.63 -20.57
CA ASP O 705 -16.99 119.77 -19.67
C ASP O 705 -16.98 118.73 -18.57
N ASP O 706 -16.20 117.67 -18.72
CA ASP O 706 -16.04 116.76 -17.60
C ASP O 706 -15.22 117.43 -16.51
N PHE O 707 -14.24 118.24 -16.91
CA PHE O 707 -13.27 118.82 -16.00
C PHE O 707 -13.56 120.25 -15.63
N THR O 708 -14.72 120.78 -15.98
CA THR O 708 -15.13 122.10 -15.55
C THR O 708 -16.23 121.95 -14.51
N LEU O 709 -16.11 122.67 -13.40
CA LEU O 709 -17.15 122.74 -12.41
C LEU O 709 -18.14 123.83 -12.79
N PRO O 710 -19.33 123.82 -12.21
CA PRO O 710 -20.28 124.90 -12.46
C PRO O 710 -19.86 126.21 -11.81
N GLY O 711 -20.28 127.31 -12.42
CA GLY O 711 -19.95 128.61 -11.91
C GLY O 711 -20.39 129.74 -12.82
N PRO O 712 -20.12 130.97 -12.41
CA PRO O 712 -20.58 132.13 -13.17
C PRO O 712 -19.79 132.36 -14.43
N GLU O 713 -19.98 133.51 -15.05
CA GLU O 713 -19.12 134.00 -16.12
C GLU O 713 -18.26 135.12 -15.54
N LEU O 714 -16.95 134.96 -15.61
CA LEU O 714 -16.02 135.91 -15.04
C LEU O 714 -15.43 136.75 -16.17
N GLY O 715 -15.86 138.01 -16.24
CA GLY O 715 -15.37 138.85 -17.33
C GLY O 715 -15.93 138.46 -18.67
N GLY O 716 -17.20 138.10 -18.73
CA GLY O 716 -17.83 137.77 -19.97
C GLY O 716 -17.49 136.41 -20.53
N GLN O 717 -16.65 135.65 -19.87
CA GLN O 717 -16.27 134.32 -20.32
C GLN O 717 -16.82 133.27 -19.37
N ALA O 718 -17.24 132.15 -19.94
CA ALA O 718 -17.78 131.07 -19.13
C ALA O 718 -16.66 130.41 -18.37
N GLN O 719 -17.01 129.45 -17.52
CA GLN O 719 -15.97 128.77 -16.75
C GLN O 719 -15.12 127.89 -17.63
N ALA O 720 -15.74 127.29 -18.66
CA ALA O 720 -15.02 126.39 -19.55
C ALA O 720 -14.02 127.13 -20.41
N GLU O 721 -14.22 128.43 -20.59
CA GLU O 721 -13.27 129.25 -21.34
C GLU O 721 -12.09 129.64 -20.48
N LEU O 722 -12.33 129.96 -19.21
CA LEU O 722 -11.25 130.24 -18.28
C LEU O 722 -10.48 128.99 -17.89
N ASN O 723 -10.92 127.82 -18.33
CA ASN O 723 -10.37 126.54 -17.94
C ASN O 723 -9.46 125.97 -19.02
N HIS O 724 -10.00 125.80 -20.22
CA HIS O 724 -9.35 125.13 -21.33
C HIS O 724 -9.13 126.15 -22.44
N LEU O 725 -8.12 125.90 -23.26
CA LEU O 725 -7.73 126.82 -24.32
C LEU O 725 -8.58 126.68 -25.57
N MET O 726 -9.12 125.50 -25.85
CA MET O 726 -9.97 125.30 -27.01
C MET O 726 -11.35 125.87 -26.82
N ARG O 727 -11.86 125.86 -25.60
CA ARG O 727 -13.02 126.66 -25.29
C ARG O 727 -12.66 128.12 -25.14
N ASP O 728 -11.52 128.44 -24.56
CA ASP O 728 -11.16 129.82 -24.35
C ASP O 728 -11.28 130.59 -25.65
N PRO O 729 -12.04 131.69 -25.69
CA PRO O 729 -12.28 132.35 -26.95
C PRO O 729 -11.01 132.87 -27.61
N ALA O 730 -10.18 133.63 -26.91
CA ALA O 730 -9.18 134.48 -27.55
C ALA O 730 -8.47 133.80 -28.71
N LEU O 731 -7.75 132.74 -28.42
CA LEU O 731 -7.08 131.99 -29.48
C LEU O 731 -8.10 131.56 -30.53
N LEU O 732 -7.82 131.84 -31.77
CA LEU O 732 -8.69 131.42 -32.86
C LEU O 732 -7.90 130.56 -33.82
N PRO O 733 -8.56 129.71 -34.61
CA PRO O 733 -7.84 128.68 -35.31
C PRO O 733 -6.82 129.25 -36.28
N PRO O 734 -5.87 128.41 -36.73
CA PRO O 734 -4.85 128.93 -37.65
C PRO O 734 -5.43 129.45 -38.95
N LEU O 735 -6.56 128.89 -39.36
CA LEU O 735 -7.08 129.08 -40.71
C LEU O 735 -8.56 129.36 -40.59
N VAL O 736 -9.00 130.50 -41.10
CA VAL O 736 -10.33 131.02 -40.80
C VAL O 736 -10.97 131.54 -42.07
N TRP O 737 -12.03 130.89 -42.53
CA TRP O 737 -12.62 131.30 -43.79
C TRP O 737 -13.71 132.35 -43.65
N ASP O 738 -14.14 132.66 -42.45
CA ASP O 738 -15.18 133.64 -42.23
C ASP O 738 -14.81 134.49 -41.03
N CYS O 739 -15.50 135.58 -40.86
CA CYS O 739 -15.17 136.50 -39.79
C CYS O 739 -15.95 136.22 -38.51
N ASP O 740 -16.72 135.13 -38.47
CA ASP O 740 -17.37 134.71 -37.23
C ASP O 740 -16.39 134.74 -36.06
N GLY O 741 -15.33 133.95 -36.15
CA GLY O 741 -14.34 133.85 -35.10
C GLY O 741 -13.82 135.16 -34.56
N LEU O 742 -13.47 136.13 -35.43
CA LEU O 742 -12.95 137.39 -34.91
C LEU O 742 -14.06 138.26 -34.33
N MET O 743 -15.27 138.18 -34.88
CA MET O 743 -16.37 138.94 -34.30
C MET O 743 -16.40 138.80 -32.80
N ARG O 744 -16.26 137.57 -32.31
CA ARG O 744 -16.40 137.31 -30.90
C ARG O 744 -15.18 137.75 -30.10
N HIS O 745 -14.03 137.87 -30.72
CA HIS O 745 -12.87 138.34 -29.98
C HIS O 745 -12.64 139.82 -30.15
N ALA O 746 -13.23 140.42 -31.18
CA ALA O 746 -13.18 141.87 -31.22
C ALA O 746 -13.86 142.43 -29.99
N ALA O 747 -14.90 141.76 -29.48
CA ALA O 747 -15.54 142.16 -28.25
C ALA O 747 -15.06 141.21 -27.16
N LEU O 748 -14.13 141.70 -26.35
CA LEU O 748 -13.66 141.08 -25.11
C LEU O 748 -12.99 142.18 -24.32
N ASP O 749 -12.93 142.00 -23.01
CA ASP O 749 -12.07 142.87 -22.23
C ASP O 749 -10.62 142.45 -22.35
N ARG O 750 -10.45 141.19 -22.75
CA ARG O 750 -9.20 140.49 -23.03
C ARG O 750 -8.44 140.94 -24.25
N HIS O 751 -9.15 141.27 -25.31
CA HIS O 751 -8.57 141.65 -26.59
C HIS O 751 -7.75 142.90 -26.47
N ARG O 752 -6.66 142.95 -27.21
CA ARG O 752 -5.81 144.12 -27.21
C ARG O 752 -5.93 144.90 -28.51
N ASP O 753 -5.27 144.44 -29.56
CA ASP O 753 -5.40 145.11 -30.86
C ASP O 753 -5.16 144.06 -31.92
N CYS O 754 -6.07 143.88 -32.90
CA CYS O 754 -5.83 142.84 -33.90
C CYS O 754 -5.19 143.52 -35.06
N ARG O 755 -3.89 143.39 -35.23
CA ARG O 755 -3.22 144.05 -36.33
C ARG O 755 -3.06 143.25 -37.60
N ILE O 756 -4.03 143.32 -38.48
CA ILE O 756 -4.00 142.59 -39.73
C ILE O 756 -3.04 143.19 -40.72
N ASP O 757 -2.59 142.38 -41.65
CA ASP O 757 -1.73 142.87 -42.72
C ASP O 757 -2.25 142.48 -44.08
N ALA O 758 -2.68 143.52 -44.78
CA ALA O 758 -3.28 143.45 -46.11
C ALA O 758 -4.04 144.74 -46.29
N GLY O 759 -5.07 144.95 -45.45
CA GLY O 759 -5.83 146.19 -45.49
C GLY O 759 -5.51 147.25 -44.44
N GLY O 760 -5.54 146.91 -43.15
CA GLY O 760 -5.26 147.85 -42.06
C GLY O 760 -4.95 147.25 -40.70
N HIS O 761 -4.53 148.08 -39.73
CA HIS O 761 -4.24 147.59 -38.38
C HIS O 761 -5.53 146.98 -37.79
N GLU O 762 -6.66 147.66 -37.89
CA GLU O 762 -7.89 147.00 -37.47
C GLU O 762 -8.76 146.69 -38.68
N PRO O 763 -9.41 145.52 -38.70
CA PRO O 763 -10.12 145.10 -39.91
C PRO O 763 -11.58 145.53 -40.00
N VAL O 764 -12.18 145.23 -41.15
CA VAL O 764 -13.58 145.51 -41.44
C VAL O 764 -14.01 144.43 -42.43
N TYR O 765 -15.31 144.24 -42.59
CA TYR O 765 -15.79 142.99 -43.16
C TYR O 765 -16.59 143.16 -44.44
N ALA O 766 -16.92 142.03 -45.02
CA ALA O 766 -17.56 141.96 -46.32
C ALA O 766 -18.67 140.93 -46.29
N ALA O 767 -19.87 141.33 -46.69
CA ALA O 767 -21.02 140.42 -46.63
C ALA O 767 -21.01 139.41 -47.76
N ALA O 768 -20.42 139.75 -48.90
CA ALA O 768 -20.33 138.83 -50.03
C ALA O 768 -19.13 139.20 -50.87
N CYS O 769 -18.87 138.40 -51.91
CA CYS O 769 -17.79 138.68 -52.86
C CYS O 769 -18.17 138.12 -54.23
N ASN O 770 -17.79 138.84 -55.28
CA ASN O 770 -18.17 138.53 -56.66
C ASN O 770 -17.00 138.88 -57.58
N VAL O 771 -17.26 138.82 -58.90
CA VAL O 771 -16.26 139.28 -59.86
C VAL O 771 -15.98 140.77 -59.68
N ALA O 772 -17.04 141.57 -59.52
CA ALA O 772 -16.89 143.01 -59.32
C ALA O 772 -16.48 143.34 -57.89
N THR O 773 -17.04 142.63 -56.92
CA THR O 773 -16.76 142.91 -55.51
C THR O 773 -15.29 142.69 -55.17
N ALA O 774 -14.62 141.77 -55.85
CA ALA O 774 -13.29 141.35 -55.45
C ALA O 774 -12.21 142.21 -56.10
N ASP O 775 -11.19 142.55 -55.29
CA ASP O 775 -9.90 143.00 -55.80
C ASP O 775 -8.87 142.04 -55.22
N PHE O 776 -8.30 141.19 -56.08
CA PHE O 776 -7.54 140.04 -55.59
C PHE O 776 -6.28 140.45 -54.84
N ASN O 777 -5.70 141.60 -55.04
CA ASN O 777 -4.57 141.93 -54.17
C ASN O 777 -4.94 143.22 -53.45
N ARG O 778 -5.19 143.15 -52.13
CA ARG O 778 -5.63 144.35 -51.34
C ARG O 778 -5.02 144.66 -49.96
N ASN O 779 -5.00 145.95 -49.61
CA ASN O 779 -4.48 146.42 -48.32
C ASN O 779 -5.41 147.37 -47.53
N ASP O 780 -6.68 147.46 -47.90
CA ASP O 780 -7.57 148.40 -47.21
C ASP O 780 -8.08 147.88 -45.89
N GLY O 781 -7.58 146.72 -45.54
CA GLY O 781 -7.99 146.09 -44.30
C GLY O 781 -9.41 145.56 -44.23
N ARG O 782 -9.94 145.03 -45.33
CA ARG O 782 -11.21 144.33 -45.27
C ARG O 782 -10.99 142.82 -45.17
N LEU O 783 -12.10 142.12 -44.94
CA LEU O 783 -12.08 140.68 -44.75
C LEU O 783 -13.43 140.11 -45.18
N LEU O 784 -13.46 138.85 -45.61
CA LEU O 784 -14.72 138.24 -46.04
C LEU O 784 -15.43 137.24 -45.08
N HIS O 785 -16.56 137.66 -44.55
CA HIS O 785 -17.37 136.91 -43.61
C HIS O 785 -18.41 136.00 -44.32
N ASN O 786 -18.39 136.05 -45.65
CA ASN O 786 -19.33 135.33 -46.51
C ASN O 786 -19.07 133.84 -46.81
N THR O 787 -19.33 132.97 -45.85
CA THR O 787 -19.19 131.54 -46.10
C THR O 787 -20.50 130.77 -45.87
N GLN O 788 -21.50 131.53 -45.47
CA GLN O 788 -22.86 131.06 -45.31
C GLN O 788 -23.36 130.43 -46.61
N ALA O 789 -24.33 129.55 -46.45
CA ALA O 789 -24.91 128.84 -47.56
C ALA O 789 -25.96 129.67 -48.27
N ARG O 790 -26.59 130.59 -47.56
CA ARG O 790 -27.76 131.29 -48.06
C ARG O 790 -27.33 132.65 -48.60
N ALA O 791 -27.44 132.81 -49.92
CA ALA O 791 -27.06 134.07 -50.56
C ALA O 791 -28.11 135.16 -50.39
N ALA O 792 -29.29 134.82 -49.86
CA ALA O 792 -30.31 135.84 -49.61
C ALA O 792 -29.91 136.74 -48.45
N ASP O 793 -29.60 136.15 -47.30
CA ASP O 793 -29.18 136.90 -46.12
C ASP O 793 -27.74 136.55 -45.78
N ALA O 794 -26.85 137.50 -46.06
CA ALA O 794 -25.50 137.47 -45.53
C ALA O 794 -25.52 138.26 -44.22
N ALA O 795 -24.35 138.56 -43.66
CA ALA O 795 -24.33 139.38 -42.47
C ALA O 795 -23.18 140.39 -42.52
N ASP O 796 -23.39 141.49 -41.82
CA ASP O 796 -22.41 142.56 -41.67
C ASP O 796 -21.81 142.54 -40.26
N ASP O 797 -22.65 142.71 -39.24
CA ASP O 797 -22.28 142.63 -37.84
C ASP O 797 -22.37 141.20 -37.30
N ARG O 798 -23.56 140.61 -37.37
CA ARG O 798 -23.81 139.34 -36.71
C ARG O 798 -22.95 138.23 -37.31
N PRO O 799 -22.50 137.29 -36.49
CA PRO O 799 -21.86 136.08 -37.02
C PRO O 799 -22.90 135.11 -37.56
N HIS O 800 -22.42 134.14 -38.33
CA HIS O 800 -23.28 133.16 -39.01
C HIS O 800 -23.47 131.89 -38.20
N ARG O 801 -22.39 131.15 -37.96
CA ARG O 801 -22.44 129.81 -37.42
C ARG O 801 -22.60 129.83 -35.89
N PRO O 802 -22.77 128.65 -35.26
CA PRO O 802 -22.65 128.58 -33.79
C PRO O 802 -21.27 128.91 -33.29
N ALA O 803 -21.08 128.96 -31.96
CA ALA O 803 -19.75 129.20 -31.44
C ALA O 803 -18.97 127.91 -31.26
N ASP O 804 -19.65 126.75 -31.27
CA ASP O 804 -18.97 125.48 -31.35
C ASP O 804 -18.44 125.19 -32.74
N TRP O 805 -18.89 125.93 -33.74
CA TRP O 805 -18.26 125.88 -35.04
C TRP O 805 -16.75 126.06 -34.88
N THR O 806 -16.33 127.23 -34.40
CA THR O 806 -14.91 127.52 -34.27
C THR O 806 -14.26 126.83 -33.09
N VAL O 807 -15.02 126.16 -32.23
CA VAL O 807 -14.41 125.36 -31.19
C VAL O 807 -13.96 124.03 -31.74
N HIS O 808 -14.72 123.48 -32.69
CA HIS O 808 -14.33 122.24 -33.33
C HIS O 808 -13.23 122.44 -34.36
N HIS O 809 -13.07 123.66 -34.86
CA HIS O 809 -11.99 123.93 -35.80
C HIS O 809 -10.68 124.12 -35.09
N LYS O 810 -10.70 124.61 -33.86
CA LYS O 810 -9.50 124.60 -33.04
C LYS O 810 -9.16 123.19 -32.58
N ILE O 811 -10.13 122.49 -32.01
CA ILE O 811 -9.90 121.12 -31.57
C ILE O 811 -9.46 120.23 -32.70
N TYR O 812 -9.65 120.66 -33.93
CA TYR O 812 -9.21 119.89 -35.08
C TYR O 812 -7.80 120.28 -35.50
N TYR O 813 -7.61 121.52 -35.92
CA TYR O 813 -6.30 121.98 -36.38
C TYR O 813 -5.26 121.88 -35.30
N TYR O 814 -5.62 122.21 -34.07
CA TYR O 814 -4.62 122.13 -33.01
C TYR O 814 -4.50 120.75 -32.39
N VAL O 815 -5.59 120.03 -32.25
CA VAL O 815 -5.47 118.73 -31.69
C VAL O 815 -5.39 117.63 -32.71
N LEU O 816 -6.24 117.59 -33.72
CA LEU O 816 -6.19 116.54 -34.72
C LEU O 816 -5.12 116.51 -35.76
N VAL O 817 -4.85 117.64 -36.34
CA VAL O 817 -3.84 117.72 -37.37
C VAL O 817 -2.45 117.43 -36.87
N PRO O 818 -2.06 117.82 -35.66
CA PRO O 818 -0.72 117.53 -35.16
C PRO O 818 -0.44 116.04 -35.03
N ALA O 819 -1.46 115.30 -34.65
CA ALA O 819 -1.46 113.87 -34.51
C ALA O 819 -1.27 113.10 -35.82
N PHE O 820 -1.82 113.57 -36.93
CA PHE O 820 -1.66 112.85 -38.20
C PHE O 820 -0.46 113.20 -39.03
N SER O 821 -0.03 114.41 -38.92
CA SER O 821 1.14 114.92 -39.61
C SER O 821 2.41 114.67 -38.84
N ARG O 822 2.36 114.73 -37.53
CA ARG O 822 3.55 114.57 -36.68
C ARG O 822 4.59 115.61 -37.03
N GLY O 823 4.14 116.84 -37.22
CA GLY O 823 5.03 117.96 -37.41
C GLY O 823 5.33 118.33 -38.84
N ARG O 824 4.92 117.53 -39.81
CA ARG O 824 5.19 117.79 -41.21
C ARG O 824 3.90 118.21 -41.89
N CYS O 825 3.77 119.50 -42.12
CA CYS O 825 2.65 120.18 -42.76
C CYS O 825 2.96 121.65 -42.63
N CYS O 826 2.30 122.46 -43.44
CA CYS O 826 2.52 123.88 -43.37
C CYS O 826 1.27 124.57 -43.83
N THR O 827 0.89 125.63 -43.14
CA THR O 827 -0.15 126.50 -43.65
C THR O 827 0.38 127.22 -44.87
N ALA O 828 -0.53 127.71 -45.69
CA ALA O 828 -0.10 128.42 -46.88
C ALA O 828 -1.11 129.49 -47.24
N GLY O 829 -0.67 130.42 -48.07
CA GLY O 829 -1.56 131.40 -48.66
C GLY O 829 -1.97 130.97 -50.04
N VAL O 830 -3.05 131.55 -50.53
CA VAL O 830 -3.59 131.21 -51.84
C VAL O 830 -3.42 132.40 -52.76
N ARG O 831 -2.97 132.13 -53.97
CA ARG O 831 -3.08 133.10 -55.06
C ARG O 831 -4.42 132.79 -55.69
N PHE O 832 -5.43 133.61 -55.42
CA PHE O 832 -6.75 133.23 -55.87
C PHE O 832 -6.92 133.48 -57.36
N ASP O 833 -6.47 134.64 -57.83
CA ASP O 833 -6.56 134.93 -59.26
C ASP O 833 -5.96 133.81 -60.07
N ARG O 834 -4.82 133.32 -59.62
CA ARG O 834 -4.19 132.18 -60.27
C ARG O 834 -4.97 130.91 -60.06
N VAL O 835 -5.57 130.73 -58.89
CA VAL O 835 -6.42 129.57 -58.68
C VAL O 835 -7.62 129.62 -59.61
N TYR O 836 -8.41 130.70 -59.52
CA TYR O 836 -9.61 130.79 -60.32
C TYR O 836 -9.32 130.75 -61.81
N ALA O 837 -8.13 131.18 -62.22
CA ALA O 837 -7.81 131.20 -63.63
C ALA O 837 -7.87 129.81 -64.23
N THR O 838 -7.12 128.86 -63.68
CA THR O 838 -7.20 127.52 -64.23
C THR O 838 -8.50 126.83 -63.87
N LEU O 839 -9.08 127.13 -62.72
CA LEU O 839 -10.32 126.48 -62.34
C LEU O 839 -11.38 126.64 -63.41
N GLN O 840 -11.67 127.87 -63.80
CA GLN O 840 -12.53 128.06 -64.95
C GLN O 840 -11.59 128.30 -66.12
N ASN O 841 -11.04 127.22 -66.62
CA ASN O 841 -10.33 127.19 -67.88
C ASN O 841 -10.55 125.78 -68.35
N MET O 842 -11.39 125.55 -69.34
CA MET O 842 -11.77 124.17 -69.53
C MET O 842 -12.20 123.91 -70.96
N VAL O 843 -11.99 122.68 -71.36
CA VAL O 843 -12.51 122.15 -72.61
C VAL O 843 -13.56 121.14 -72.23
N VAL O 844 -14.82 121.52 -72.42
CA VAL O 844 -15.93 120.57 -72.31
C VAL O 844 -16.60 120.53 -73.68
N PRO O 845 -16.50 119.39 -74.39
CA PRO O 845 -17.03 119.33 -75.75
C PRO O 845 -18.51 119.60 -75.81
N GLU O 846 -18.97 120.00 -77.00
CA GLU O 846 -20.38 120.15 -77.28
C GLU O 846 -20.97 118.77 -77.57
N ILE O 847 -21.96 118.36 -76.77
CA ILE O 847 -22.53 117.04 -76.96
C ILE O 847 -23.35 117.01 -78.24
N ALA O 848 -23.35 115.86 -78.89
CA ALA O 848 -24.23 115.67 -80.01
C ALA O 848 -25.68 115.66 -79.53
N PRO O 849 -26.63 116.05 -80.37
CA PRO O 849 -28.03 115.92 -79.99
C PRO O 849 -28.45 114.47 -79.92
N GLY O 850 -29.24 114.13 -78.90
CA GLY O 850 -29.73 112.78 -78.73
C GLY O 850 -28.70 111.77 -78.29
N GLU O 851 -27.44 112.16 -78.14
CA GLU O 851 -26.38 111.28 -77.70
C GLU O 851 -26.15 111.45 -76.21
N GLU O 852 -25.86 110.35 -75.52
CA GLU O 852 -25.70 110.36 -74.08
C GLU O 852 -24.44 111.09 -73.66
N CYS O 853 -24.40 111.46 -72.39
CA CYS O 853 -23.18 112.01 -71.81
C CYS O 853 -22.02 111.05 -71.99
N PRO O 854 -20.79 111.55 -72.16
CA PRO O 854 -19.63 110.66 -72.11
C PRO O 854 -19.53 110.02 -70.75
N SER O 855 -19.52 108.69 -70.73
CA SER O 855 -19.30 108.01 -69.45
C SER O 855 -17.81 107.85 -69.15
N ASP O 856 -17.05 107.42 -70.15
CA ASP O 856 -15.69 106.92 -69.98
C ASP O 856 -14.69 107.83 -70.67
N PRO O 857 -13.71 108.38 -69.96
CA PRO O 857 -12.71 109.23 -70.63
C PRO O 857 -11.84 108.47 -71.62
N VAL O 858 -11.50 107.21 -71.33
CA VAL O 858 -10.56 106.50 -72.20
C VAL O 858 -11.18 106.23 -73.57
N THR O 859 -12.42 105.75 -73.59
CA THR O 859 -13.09 105.45 -74.85
C THR O 859 -13.52 106.73 -75.57
N ASP O 860 -14.40 107.48 -74.94
CA ASP O 860 -15.15 108.54 -75.62
C ASP O 860 -14.25 109.74 -75.89
N PRO O 861 -14.14 110.21 -77.14
CA PRO O 861 -13.51 111.51 -77.39
C PRO O 861 -14.29 112.69 -76.87
N ALA O 862 -15.57 112.52 -76.56
CA ALA O 862 -16.39 113.63 -76.07
C ALA O 862 -16.23 113.85 -74.58
N HIS O 863 -15.53 112.97 -73.88
CA HIS O 863 -15.32 113.16 -72.46
C HIS O 863 -14.21 114.17 -72.22
N PRO O 864 -14.42 115.16 -71.36
CA PRO O 864 -13.41 116.21 -71.18
C PRO O 864 -12.08 115.71 -70.66
N LEU O 865 -12.01 114.50 -70.11
CA LEU O 865 -10.74 113.91 -69.71
C LEU O 865 -10.14 112.99 -70.76
N HIS O 866 -10.77 112.87 -71.93
CA HIS O 866 -10.15 112.15 -73.02
C HIS O 866 -8.91 112.91 -73.49
N PRO O 867 -7.89 112.20 -73.96
CA PRO O 867 -6.69 112.89 -74.47
C PRO O 867 -6.96 113.87 -75.60
N ALA O 868 -8.11 113.79 -76.26
CA ALA O 868 -8.44 114.82 -77.25
C ALA O 868 -8.72 116.15 -76.59
N ASN O 869 -9.39 116.14 -75.45
CA ASN O 869 -9.77 117.36 -74.77
C ASN O 869 -8.73 117.83 -73.77
N LEU O 870 -7.64 117.09 -73.60
CA LEU O 870 -6.59 117.55 -72.71
C LEU O 870 -5.77 118.60 -73.42
N VAL O 871 -5.78 119.79 -72.86
CA VAL O 871 -5.04 120.93 -73.40
C VAL O 871 -4.19 121.44 -72.26
N ALA O 872 -3.01 121.95 -72.58
CA ALA O 872 -2.16 122.47 -71.53
C ALA O 872 -2.86 123.63 -70.83
N ASN O 873 -2.53 123.81 -69.55
CA ASN O 873 -2.89 125.00 -68.80
C ASN O 873 -4.35 125.06 -68.42
N THR O 874 -5.16 124.12 -68.86
CA THR O 874 -6.57 124.15 -68.57
C THR O 874 -6.83 123.41 -67.27
N VAL O 875 -8.10 123.39 -66.84
CA VAL O 875 -8.40 122.69 -65.60
C VAL O 875 -8.35 121.18 -65.81
N ASN O 876 -8.82 120.70 -66.95
CA ASN O 876 -8.98 119.26 -67.03
C ASN O 876 -7.65 118.56 -67.26
N ALA O 877 -6.59 119.30 -67.54
CA ALA O 877 -5.26 118.72 -67.39
C ALA O 877 -4.90 118.58 -65.93
N MET O 878 -5.49 119.39 -65.07
CA MET O 878 -5.24 119.33 -63.64
C MET O 878 -6.03 118.20 -62.99
N PHE O 879 -7.26 117.94 -63.44
CA PHE O 879 -7.93 116.70 -63.04
C PHE O 879 -7.24 115.48 -63.60
N HIS O 880 -6.51 115.61 -64.70
CA HIS O 880 -5.87 114.46 -65.29
C HIS O 880 -4.58 114.10 -64.58
N ASN O 881 -3.81 115.12 -64.18
CA ASN O 881 -2.51 114.87 -63.57
C ASN O 881 -2.66 114.00 -62.34
N GLY O 882 -3.22 114.54 -61.26
CA GLY O 882 -3.71 113.68 -60.20
C GLY O 882 -4.91 112.96 -60.75
N ARG O 883 -4.85 111.63 -60.77
CA ARG O 883 -5.77 110.92 -61.63
C ARG O 883 -7.14 110.90 -60.95
N VAL O 884 -8.06 111.67 -61.51
CA VAL O 884 -9.37 111.92 -60.93
C VAL O 884 -10.37 111.92 -62.06
N VAL O 885 -11.41 111.11 -61.96
CA VAL O 885 -12.33 110.90 -63.06
C VAL O 885 -13.56 111.76 -62.82
N VAL O 886 -13.75 112.75 -63.67
CA VAL O 886 -14.79 113.76 -63.53
C VAL O 886 -15.41 113.95 -64.89
N ASP O 887 -16.73 114.03 -64.94
CA ASP O 887 -17.39 114.12 -66.23
C ASP O 887 -17.56 115.59 -66.62
N GLY O 888 -18.18 115.84 -67.76
CA GLY O 888 -18.47 117.18 -68.20
C GLY O 888 -19.29 117.96 -67.20
N PRO O 889 -20.50 117.48 -66.87
CA PRO O 889 -21.39 118.28 -66.04
C PRO O 889 -20.94 118.45 -64.60
N ALA O 890 -19.98 117.65 -64.12
CA ALA O 890 -19.42 117.89 -62.79
C ALA O 890 -18.48 119.09 -62.82
N MET O 891 -17.51 119.09 -63.74
CA MET O 891 -16.65 120.26 -63.84
C MET O 891 -17.31 121.41 -64.55
N LEU O 892 -18.51 121.19 -65.09
CA LEU O 892 -19.29 122.27 -65.66
C LEU O 892 -19.99 123.08 -64.58
N THR O 893 -20.26 122.47 -63.44
CA THR O 893 -20.92 123.17 -62.33
C THR O 893 -19.95 124.07 -61.60
N LEU O 894 -18.72 124.11 -62.06
CA LEU O 894 -17.65 124.93 -61.52
C LEU O 894 -17.81 126.40 -61.90
N GLN O 895 -18.80 126.74 -62.70
CA GLN O 895 -19.07 128.13 -63.05
C GLN O 895 -19.63 128.93 -61.90
N VAL O 896 -19.91 128.31 -60.76
CA VAL O 896 -20.36 129.03 -59.58
C VAL O 896 -19.28 129.98 -59.08
N LEU O 897 -18.04 129.78 -59.47
CA LEU O 897 -16.92 130.54 -58.92
C LEU O 897 -17.07 132.04 -59.12
N ALA O 898 -17.85 132.47 -60.10
CA ALA O 898 -18.03 133.90 -60.30
C ALA O 898 -19.02 134.48 -59.31
N HIS O 899 -19.91 133.65 -58.77
CA HIS O 899 -20.88 134.15 -57.81
C HIS O 899 -20.28 134.32 -56.42
N ASN O 900 -19.46 133.36 -55.98
CA ASN O 900 -18.78 133.45 -54.69
C ASN O 900 -17.30 133.22 -54.93
N MET O 901 -16.48 134.18 -54.53
CA MET O 901 -15.05 134.00 -54.65
C MET O 901 -14.36 134.74 -53.53
N ALA O 902 -13.03 134.74 -53.56
CA ALA O 902 -12.21 135.32 -52.52
C ALA O 902 -11.08 136.09 -53.18
N GLU O 903 -10.62 137.14 -52.50
CA GLU O 903 -9.64 138.03 -53.11
C GLU O 903 -8.22 137.61 -52.74
N ARG O 904 -7.89 137.61 -51.46
CA ARG O 904 -6.55 137.25 -51.05
C ARG O 904 -6.62 136.54 -49.70
N THR O 905 -5.46 136.08 -49.23
CA THR O 905 -5.34 135.58 -47.87
C THR O 905 -4.65 136.65 -47.03
N THR O 906 -5.07 136.78 -45.78
CA THR O 906 -4.62 137.91 -44.99
C THR O 906 -4.02 137.38 -43.70
N ALA O 907 -2.78 137.71 -43.44
CA ALA O 907 -2.13 137.32 -42.20
C ALA O 907 -2.66 138.19 -41.08
N LEU O 908 -3.19 137.56 -40.06
CA LEU O 908 -3.99 138.21 -39.04
C LEU O 908 -3.30 138.02 -37.70
N LEU O 909 -2.80 139.09 -37.11
CA LEU O 909 -2.13 139.04 -35.82
C LEU O 909 -2.97 139.78 -34.80
N CYS O 910 -3.24 139.12 -33.68
CA CYS O 910 -4.06 139.64 -32.63
C CYS O 910 -3.43 139.26 -31.30
N SER O 911 -3.65 140.05 -30.25
CA SER O 911 -3.17 139.71 -28.92
C SER O 911 -4.32 139.83 -27.94
N ALA O 912 -4.01 139.66 -26.66
CA ALA O 912 -4.99 139.68 -25.61
C ALA O 912 -4.26 139.60 -24.29
N ALA O 913 -4.93 140.01 -23.23
CA ALA O 913 -4.35 139.92 -21.92
C ALA O 913 -4.78 138.61 -21.27
N PRO O 914 -4.21 138.27 -20.12
CA PRO O 914 -4.71 137.09 -19.41
C PRO O 914 -6.14 137.29 -18.97
N ASP O 915 -6.93 136.24 -18.97
CA ASP O 915 -8.36 136.26 -18.69
C ASP O 915 -8.47 136.36 -17.25
N ALA O 916 -9.68 136.42 -16.70
CA ALA O 916 -9.80 136.47 -15.26
C ALA O 916 -9.39 135.08 -14.80
N GLY O 917 -8.46 135.03 -13.89
CA GLY O 917 -7.85 133.83 -13.43
C GLY O 917 -6.47 134.41 -13.54
N ALA O 918 -5.94 134.52 -14.73
CA ALA O 918 -4.64 135.08 -14.92
C ALA O 918 -4.31 136.56 -14.64
N ASN O 919 -5.30 137.43 -14.75
CA ASN O 919 -5.05 138.81 -14.60
C ASN O 919 -5.18 139.27 -13.18
N THR O 920 -4.01 139.58 -12.63
CA THR O 920 -3.76 140.04 -11.30
C THR O 920 -2.88 141.08 -11.85
N ALA O 921 -2.35 141.99 -11.06
CA ALA O 921 -1.48 143.07 -11.54
C ALA O 921 -0.18 142.74 -12.25
N SER O 922 0.59 141.72 -11.89
CA SER O 922 1.84 141.60 -12.62
C SER O 922 1.58 141.25 -14.06
N THR O 923 0.56 140.46 -14.32
CA THR O 923 0.23 139.97 -15.64
C THR O 923 -0.78 140.85 -16.35
N ALA O 924 -1.09 142.03 -15.81
CA ALA O 924 -2.01 142.93 -16.47
C ALA O 924 -1.44 143.48 -17.78
N ASN O 925 -0.12 143.59 -17.88
CA ASN O 925 0.51 144.12 -19.08
C ASN O 925 0.99 143.06 -20.05
N MET O 926 0.76 141.79 -19.75
CA MET O 926 1.21 140.72 -20.63
C MET O 926 0.23 140.56 -21.78
N ARG O 927 0.75 140.61 -23.00
CA ARG O 927 -0.03 140.34 -24.19
C ARG O 927 0.37 138.98 -24.70
N ILE O 928 -0.58 138.28 -25.29
CA ILE O 928 -0.34 136.97 -25.89
C ILE O 928 -0.71 137.07 -27.35
N PHE O 929 0.29 137.04 -28.22
CA PHE O 929 0.09 137.26 -29.64
C PHE O 929 -0.07 135.94 -30.35
N ASP O 930 -1.17 135.80 -31.08
CA ASP O 930 -1.43 134.60 -31.85
C ASP O 930 -1.81 134.99 -33.26
N GLY O 931 -1.19 134.36 -34.22
CA GLY O 931 -1.46 134.65 -35.61
C GLY O 931 -2.41 133.67 -36.24
N ALA O 932 -3.01 134.10 -37.35
CA ALA O 932 -3.84 133.24 -38.15
C ALA O 932 -3.91 133.85 -39.55
N LEU O 933 -4.23 133.03 -40.52
CA LEU O 933 -4.40 133.46 -41.90
C LEU O 933 -5.88 133.48 -42.23
N HIS O 934 -6.32 134.46 -43.02
CA HIS O 934 -7.75 134.51 -43.29
C HIS O 934 -8.14 133.43 -44.27
N ALA O 935 -7.86 133.55 -45.55
CA ALA O 935 -8.17 132.41 -46.38
C ALA O 935 -6.84 131.71 -46.64
N GLY O 936 -6.50 130.78 -45.75
CA GLY O 936 -5.25 130.05 -45.84
C GLY O 936 -5.53 128.60 -46.15
N VAL O 937 -4.46 127.87 -46.40
CA VAL O 937 -4.57 126.47 -46.75
C VAL O 937 -3.49 125.69 -46.03
N LEU O 938 -3.87 124.52 -45.52
CA LEU O 938 -2.97 123.63 -44.81
C LEU O 938 -2.42 122.62 -45.80
N LEU O 939 -1.10 122.57 -45.94
CA LEU O 939 -0.45 121.73 -46.94
C LEU O 939 0.15 120.49 -46.29
N MET O 940 -0.49 119.36 -46.50
CA MET O 940 -0.16 118.12 -45.82
C MET O 940 1.24 117.58 -46.07
N ALA O 941 1.49 117.07 -47.25
CA ALA O 941 2.80 116.52 -47.56
C ALA O 941 3.50 117.41 -48.56
N PRO O 942 4.74 117.81 -48.35
CA PRO O 942 5.41 118.62 -49.37
C PRO O 942 5.57 117.81 -50.64
N GLN O 943 5.10 118.36 -51.74
CA GLN O 943 5.55 117.85 -53.02
C GLN O 943 6.32 118.99 -53.67
N HIS O 944 7.61 119.04 -53.37
CA HIS O 944 8.56 119.89 -54.05
C HIS O 944 9.42 119.10 -54.98
N LEU O 945 9.32 117.77 -54.98
CA LEU O 945 10.06 116.97 -55.91
C LEU O 945 9.06 116.68 -57.00
N ASP O 946 9.02 117.57 -57.97
CA ASP O 946 8.36 117.41 -59.25
C ASP O 946 8.43 118.76 -59.93
N HIS O 947 7.94 118.79 -61.15
CA HIS O 947 7.82 120.00 -61.90
C HIS O 947 6.53 120.04 -62.74
N THR O 948 5.35 120.17 -62.15
CA THR O 948 4.16 120.23 -62.98
C THR O 948 3.55 121.57 -62.67
N ILE O 949 3.27 121.79 -61.40
CA ILE O 949 2.99 123.13 -60.92
C ILE O 949 4.30 123.80 -60.57
N GLN O 950 4.45 125.06 -60.97
CA GLN O 950 5.60 125.84 -60.53
C GLN O 950 5.61 125.93 -59.02
N ASN O 951 6.80 126.01 -58.44
CA ASN O 951 6.91 126.07 -57.00
C ASN O 951 6.48 127.46 -56.55
N GLY O 952 5.43 127.51 -55.73
CA GLY O 952 4.89 128.79 -55.32
C GLY O 952 3.92 129.39 -56.30
N GLU O 953 3.44 128.60 -57.28
CA GLU O 953 2.43 129.07 -58.21
C GLU O 953 1.17 129.49 -57.49
N TYR O 954 0.39 128.52 -57.03
CA TYR O 954 -0.88 128.79 -56.39
C TYR O 954 -0.76 129.15 -54.92
N PHE O 955 0.21 128.59 -54.23
CA PHE O 955 0.32 128.84 -52.82
C PHE O 955 1.66 129.28 -52.42
N TYR O 956 1.77 130.05 -51.35
CA TYR O 956 3.03 130.52 -50.78
C TYR O 956 3.04 129.96 -49.34
N VAL O 957 4.16 129.60 -48.73
CA VAL O 957 4.12 128.95 -47.41
C VAL O 957 3.59 129.58 -46.07
N LEU O 958 4.06 130.75 -45.70
CA LEU O 958 3.51 131.35 -44.50
C LEU O 958 3.23 130.51 -43.22
N PRO O 959 4.19 129.97 -42.45
CA PRO O 959 3.81 129.27 -41.22
C PRO O 959 3.25 130.23 -40.20
N VAL O 960 2.04 129.95 -39.72
CA VAL O 960 1.45 130.78 -38.67
C VAL O 960 1.90 130.37 -37.28
N HIS O 961 2.22 129.09 -37.10
CA HIS O 961 2.55 128.59 -35.79
C HIS O 961 3.64 127.56 -35.99
N ALA O 962 4.34 127.22 -34.92
CA ALA O 962 5.37 126.21 -35.02
C ALA O 962 4.79 124.82 -35.17
N LEU O 963 3.50 124.66 -34.87
CA LEU O 963 2.83 123.40 -35.17
C LEU O 963 2.70 123.22 -36.65
N PHE O 964 2.34 124.28 -37.36
CA PHE O 964 2.28 124.21 -38.81
C PHE O 964 3.42 125.04 -39.37
N ALA O 965 4.57 124.41 -39.40
CA ALA O 965 5.72 124.84 -40.16
C ALA O 965 6.38 123.55 -40.57
N GLY O 966 6.42 123.24 -41.84
CA GLY O 966 7.12 122.07 -42.28
C GLY O 966 8.58 122.41 -42.42
N ALA O 967 9.44 121.45 -42.13
CA ALA O 967 10.83 121.64 -42.49
C ALA O 967 10.99 121.61 -43.99
N ASP O 968 10.33 120.65 -44.63
CA ASP O 968 10.46 120.48 -46.07
C ASP O 968 9.65 121.49 -46.85
N HIS O 969 8.51 121.91 -46.30
CA HIS O 969 7.78 123.01 -46.91
C HIS O 969 8.61 124.28 -46.90
N VAL O 970 9.03 124.70 -45.72
CA VAL O 970 9.69 125.98 -45.59
C VAL O 970 11.03 125.98 -46.31
N ALA O 971 11.85 124.97 -46.07
CA ALA O 971 13.21 124.96 -46.58
C ALA O 971 13.27 124.97 -48.10
N ASN O 972 12.21 124.53 -48.75
CA ASN O 972 12.15 124.41 -50.20
C ASN O 972 11.40 125.55 -50.88
N ALA O 973 11.01 126.57 -50.12
CA ALA O 973 10.38 127.73 -50.70
C ALA O 973 11.28 128.33 -51.77
N PRO O 974 10.70 129.06 -52.73
CA PRO O 974 11.47 129.40 -53.95
C PRO O 974 12.83 130.03 -53.72
N ASN O 975 12.94 131.05 -52.87
CA ASN O 975 14.25 131.52 -52.44
C ASN O 975 14.33 131.22 -50.96
N PHE O 976 15.06 130.19 -50.62
CA PHE O 976 15.34 129.90 -49.26
C PHE O 976 16.83 130.10 -49.03
N PRO O 977 17.24 130.91 -48.06
CA PRO O 977 18.66 131.11 -47.85
C PRO O 977 19.34 129.77 -47.65
N PRO O 978 20.35 129.46 -48.46
CA PRO O 978 21.00 128.16 -48.38
C PRO O 978 21.79 127.97 -47.10
N ALA O 979 22.08 129.04 -46.37
CA ALA O 979 22.77 128.92 -45.10
C ALA O 979 21.87 128.42 -44.00
N LEU O 980 20.56 128.44 -44.21
CA LEU O 980 19.62 128.02 -43.19
C LEU O 980 19.17 126.58 -43.36
N ARG O 981 19.75 125.86 -44.32
CA ARG O 981 19.24 124.53 -44.67
C ARG O 981 19.23 123.59 -43.48
N ASP O 982 20.32 123.54 -42.72
CA ASP O 982 20.33 122.71 -41.53
C ASP O 982 19.58 123.37 -40.38
N LEU O 983 19.80 124.66 -40.17
CA LEU O 983 19.05 125.31 -39.11
C LEU O 983 17.55 125.22 -39.34
N ALA O 984 17.10 125.22 -40.59
CA ALA O 984 15.67 125.05 -40.89
C ALA O 984 15.15 123.70 -40.47
N ARG O 985 16.03 122.77 -40.16
CA ARG O 985 15.62 121.40 -39.94
C ARG O 985 15.13 121.14 -38.52
N HIS O 986 15.77 121.71 -37.52
CA HIS O 986 15.27 121.61 -36.16
C HIS O 986 14.56 122.85 -35.64
N VAL O 987 14.55 123.95 -36.40
CA VAL O 987 13.98 125.21 -35.91
C VAL O 987 12.77 125.56 -36.77
N PRO O 988 11.62 125.78 -36.17
CA PRO O 988 10.42 126.26 -36.88
C PRO O 988 10.44 127.69 -37.35
N LEU O 989 10.86 127.95 -38.58
CA LEU O 989 11.05 129.34 -38.99
C LEU O 989 9.66 129.94 -39.21
N VAL O 990 9.22 130.75 -38.26
CA VAL O 990 7.91 131.37 -38.21
C VAL O 990 8.11 132.88 -38.08
N PRO O 991 7.65 133.70 -39.01
CA PRO O 991 7.90 135.14 -38.90
C PRO O 991 7.22 135.71 -37.68
N PRO O 992 7.88 136.63 -36.97
CA PRO O 992 7.22 137.24 -35.80
C PRO O 992 6.09 138.16 -36.18
N ALA O 993 6.00 138.55 -37.44
CA ALA O 993 4.77 139.16 -37.91
C ALA O 993 3.58 138.28 -37.59
N LEU O 994 3.81 136.98 -37.52
CA LEU O 994 2.79 136.02 -37.10
C LEU O 994 2.91 135.61 -35.65
N GLY O 995 3.86 136.16 -34.92
CA GLY O 995 4.03 135.85 -33.52
C GLY O 995 5.29 135.06 -33.25
N ALA O 996 5.61 134.99 -31.96
CA ALA O 996 6.84 134.42 -31.48
C ALA O 996 6.52 133.21 -30.64
N ASN O 997 7.52 132.36 -30.43
CA ASN O 997 7.37 131.28 -29.47
C ASN O 997 6.83 131.81 -28.17
N TYR O 998 7.68 132.53 -27.43
CA TYR O 998 7.38 132.88 -26.06
C TYR O 998 6.08 133.64 -25.92
N PHE O 999 5.59 134.27 -26.97
CA PHE O 999 4.38 135.05 -26.84
C PHE O 999 3.15 134.32 -27.30
N SER O 1000 3.28 133.08 -27.76
CA SER O 1000 2.11 132.37 -28.24
C SER O 1000 1.37 131.69 -27.11
N SER O 1001 0.21 131.15 -27.45
CA SER O 1001 -0.57 130.34 -26.55
C SER O 1001 -0.14 128.90 -26.55
N ILE O 1002 0.53 128.46 -27.60
CA ILE O 1002 1.07 127.13 -27.72
C ILE O 1002 2.53 127.28 -28.03
N ARG O 1003 3.37 126.58 -27.30
CA ARG O 1003 4.80 126.79 -27.38
C ARG O 1003 5.46 125.48 -27.73
N GLN O 1004 6.77 125.46 -27.67
CA GLN O 1004 7.52 124.34 -28.20
C GLN O 1004 7.28 123.01 -27.48
N PRO O 1005 7.09 122.97 -26.17
CA PRO O 1005 6.81 121.68 -25.54
C PRO O 1005 5.62 120.98 -26.16
N VAL O 1006 4.61 121.74 -26.59
CA VAL O 1006 3.46 121.17 -27.26
C VAL O 1006 3.81 120.74 -28.65
N VAL O 1007 4.75 121.42 -29.29
CA VAL O 1007 5.14 121.10 -30.65
C VAL O 1007 6.04 119.89 -30.68
N GLN O 1008 6.98 119.80 -29.75
CA GLN O 1008 7.87 118.66 -29.69
C GLN O 1008 7.14 117.41 -29.20
N HIS O 1009 6.13 117.58 -28.35
CA HIS O 1009 5.37 116.42 -27.88
C HIS O 1009 4.71 115.69 -29.02
N ALA O 1010 4.13 116.44 -29.96
CA ALA O 1010 3.37 115.83 -31.02
C ALA O 1010 4.25 114.98 -31.92
N ARG O 1011 5.34 115.53 -32.40
CA ARG O 1011 6.16 114.80 -33.35
C ARG O 1011 7.05 113.76 -32.70
N GLU O 1012 7.35 113.92 -31.42
CA GLU O 1012 8.19 112.96 -30.73
C GLU O 1012 7.42 111.76 -30.21
N SER O 1013 6.23 111.99 -29.67
CA SER O 1013 5.55 110.98 -28.87
C SER O 1013 5.28 109.72 -29.67
N ALA O 1014 5.46 108.57 -29.02
CA ALA O 1014 5.37 107.28 -29.66
C ALA O 1014 4.02 106.61 -29.51
N ALA O 1015 3.08 107.23 -28.82
CA ALA O 1015 1.77 106.63 -28.60
C ALA O 1015 0.96 106.64 -29.89
N GLY O 1016 -0.24 106.08 -29.84
CA GLY O 1016 -1.06 106.02 -31.02
C GLY O 1016 -1.53 107.41 -31.40
N GLU O 1017 -2.39 107.46 -32.41
CA GLU O 1017 -3.00 108.73 -32.74
C GLU O 1017 -4.19 109.02 -31.84
N ASN O 1018 -4.88 107.98 -31.38
CA ASN O 1018 -5.89 108.18 -30.34
C ASN O 1018 -5.27 108.75 -29.10
N ALA O 1019 -4.36 108.00 -28.49
CA ALA O 1019 -3.74 108.41 -27.24
C ALA O 1019 -3.06 109.76 -27.38
N LEU O 1020 -2.38 110.01 -28.50
CA LEU O 1020 -1.72 111.30 -28.62
C LEU O 1020 -2.72 112.42 -28.69
N THR O 1021 -3.93 112.12 -29.13
CA THR O 1021 -4.96 113.13 -29.29
C THR O 1021 -5.51 113.57 -27.94
N TYR O 1022 -5.79 112.61 -27.05
CA TYR O 1022 -6.19 112.95 -25.69
C TYR O 1022 -5.00 113.44 -24.87
N ALA O 1023 -3.81 112.92 -25.15
CA ALA O 1023 -2.64 113.35 -24.42
C ALA O 1023 -2.33 114.80 -24.67
N LEU O 1024 -2.65 115.26 -25.86
CA LEU O 1024 -2.44 116.60 -26.33
C LEU O 1024 -3.57 117.52 -25.92
N MET O 1025 -4.81 117.03 -26.00
CA MET O 1025 -5.97 117.75 -25.50
C MET O 1025 -5.83 118.09 -24.03
N ALA O 1026 -5.11 117.27 -23.27
CA ALA O 1026 -4.95 117.49 -21.84
C ALA O 1026 -3.92 118.55 -21.53
N GLY O 1027 -3.13 118.94 -22.51
CA GLY O 1027 -2.14 119.96 -22.29
C GLY O 1027 -2.61 121.32 -22.67
N TYR O 1028 -3.83 121.46 -23.16
CA TYR O 1028 -4.40 122.76 -23.49
C TYR O 1028 -5.21 123.32 -22.37
N PHE O 1029 -5.28 122.64 -21.24
CA PHE O 1029 -5.91 123.17 -20.05
C PHE O 1029 -5.08 124.29 -19.47
N LYS O 1030 -5.72 125.41 -19.13
CA LYS O 1030 -5.00 126.60 -18.73
C LYS O 1030 -4.40 126.46 -17.35
N MET O 1031 -3.46 127.35 -17.08
CA MET O 1031 -2.62 127.33 -15.90
C MET O 1031 -3.01 128.35 -14.83
N SER O 1032 -4.11 129.05 -15.01
CA SER O 1032 -4.58 130.09 -14.11
C SER O 1032 -5.03 129.51 -12.78
N PRO O 1033 -5.09 130.34 -11.71
CA PRO O 1033 -5.56 129.78 -10.43
C PRO O 1033 -7.02 129.44 -10.43
N VAL O 1034 -7.74 129.92 -11.40
CA VAL O 1034 -9.12 129.55 -11.57
C VAL O 1034 -9.23 128.32 -12.43
N ALA O 1035 -8.37 128.15 -13.44
CA ALA O 1035 -8.45 126.98 -14.28
C ALA O 1035 -8.13 125.87 -13.45
N LEU O 1036 -7.10 126.02 -12.66
CA LEU O 1036 -6.57 124.99 -11.81
C LEU O 1036 -7.51 124.48 -10.79
N TYR O 1037 -8.46 125.28 -10.39
CA TYR O 1037 -9.45 124.95 -9.41
C TYR O 1037 -10.27 123.82 -9.90
N HIS O 1038 -10.66 123.87 -11.16
CA HIS O 1038 -11.47 122.89 -11.83
C HIS O 1038 -10.81 121.60 -12.02
N GLN O 1039 -9.58 121.65 -12.44
CA GLN O 1039 -8.78 120.46 -12.72
C GLN O 1039 -8.53 119.70 -11.44
N LEU O 1040 -8.03 120.39 -10.43
CA LEU O 1040 -7.76 119.73 -9.16
C LEU O 1040 -9.02 119.17 -8.54
N LYS O 1041 -10.10 119.96 -8.51
CA LYS O 1041 -11.33 119.49 -7.89
C LYS O 1041 -11.98 118.39 -8.70
N THR O 1042 -11.78 118.36 -10.00
CA THR O 1042 -12.38 117.35 -10.86
C THR O 1042 -11.43 116.18 -11.10
N GLY O 1043 -10.21 116.25 -10.60
CA GLY O 1043 -9.30 115.14 -10.72
C GLY O 1043 -8.58 115.04 -12.04
N LEU O 1044 -8.08 116.13 -12.56
CA LEU O 1044 -7.12 116.09 -13.63
C LEU O 1044 -5.76 116.33 -13.01
N HIS O 1045 -4.74 115.71 -13.58
CA HIS O 1045 -3.40 115.92 -13.10
C HIS O 1045 -2.84 117.11 -13.85
N PRO O 1046 -2.58 118.24 -13.22
CA PRO O 1046 -2.31 119.48 -13.94
C PRO O 1046 -0.84 119.71 -14.27
N GLY O 1047 -0.19 118.69 -14.80
CA GLY O 1047 1.11 118.83 -15.39
C GLY O 1047 2.27 118.89 -14.43
N PHE O 1048 2.05 119.24 -13.17
CA PHE O 1048 3.11 119.27 -12.18
C PHE O 1048 2.57 118.65 -10.89
N GLY O 1049 3.43 118.56 -9.90
CA GLY O 1049 3.10 117.86 -8.68
C GLY O 1049 3.80 118.56 -7.55
N PHE O 1050 3.37 118.28 -6.34
CA PHE O 1050 3.83 119.05 -5.21
C PHE O 1050 4.80 118.24 -4.37
N THR O 1051 5.40 118.92 -3.39
CA THR O 1051 6.09 118.26 -2.31
C THR O 1051 5.54 118.79 -1.01
N VAL O 1052 5.04 117.89 -0.18
CA VAL O 1052 4.24 118.25 0.98
C VAL O 1052 5.16 118.24 2.18
N VAL O 1053 5.31 119.39 2.82
CA VAL O 1053 6.11 119.53 4.01
C VAL O 1053 5.17 119.80 5.16
N ARG O 1054 5.20 118.96 6.18
CA ARG O 1054 4.47 119.24 7.39
C ARG O 1054 5.32 118.94 8.61
N GLN O 1055 5.15 119.76 9.63
CA GLN O 1055 5.98 119.72 10.82
C GLN O 1055 5.20 119.08 11.94
N ASP O 1056 5.72 117.98 12.48
CA ASP O 1056 5.11 117.37 13.64
C ASP O 1056 5.86 117.74 14.89
N ARG O 1057 5.28 117.34 16.01
CA ARG O 1057 5.80 117.73 17.30
C ARG O 1057 5.57 116.59 18.27
N PHE O 1058 6.61 116.10 18.91
CA PHE O 1058 6.49 114.93 19.76
C PHE O 1058 6.74 115.32 21.20
N VAL O 1059 6.53 114.37 22.10
CA VAL O 1059 6.86 114.53 23.50
C VAL O 1059 7.84 113.43 23.83
N THR O 1060 9.07 113.79 24.09
CA THR O 1060 10.09 112.81 24.33
C THR O 1060 10.31 112.68 25.83
N GLU O 1061 11.22 111.80 26.20
CA GLU O 1061 11.68 111.65 27.56
C GLU O 1061 13.19 111.65 27.54
N ASN O 1062 13.81 112.44 28.40
CA ASN O 1062 15.24 112.61 28.30
C ASN O 1062 15.94 112.01 29.50
N VAL O 1063 17.26 112.00 29.43
CA VAL O 1063 18.12 111.76 30.57
C VAL O 1063 19.22 112.79 30.49
N LEU O 1064 19.60 113.36 31.61
CA LEU O 1064 20.63 114.38 31.66
C LEU O 1064 21.74 113.85 32.52
N PHE O 1065 22.95 113.83 31.99
CA PHE O 1065 24.12 113.58 32.81
C PHE O 1065 24.89 114.88 32.90
N SER O 1066 24.91 115.52 34.04
CA SER O 1066 25.66 116.72 34.22
C SER O 1066 26.86 116.11 34.78
N GLU O 1067 27.86 116.90 35.09
CA GLU O 1067 29.10 116.40 35.58
C GLU O 1067 29.66 117.08 36.76
N ARG O 1068 29.24 116.74 37.95
CA ARG O 1068 29.81 117.32 39.13
C ARG O 1068 29.70 118.80 39.17
N ALA O 1069 30.78 119.55 39.33
CA ALA O 1069 30.64 120.97 39.43
C ALA O 1069 30.56 121.56 38.08
N SER O 1070 29.53 121.22 37.36
CA SER O 1070 29.31 121.69 36.02
C SER O 1070 29.12 123.14 35.90
N GLU O 1071 28.57 123.81 36.88
CA GLU O 1071 28.30 125.25 36.82
C GLU O 1071 28.48 125.82 38.20
N ALA O 1072 28.73 127.09 38.35
CA ALA O 1072 28.88 127.67 39.68
C ALA O 1072 27.73 128.51 39.68
N TYR O 1073 26.95 128.51 40.75
CA TYR O 1073 25.74 129.28 40.87
C TYR O 1073 25.90 130.26 42.04
N PHE O 1074 25.57 131.53 41.92
CA PHE O 1074 25.70 132.49 43.02
C PHE O 1074 24.34 132.97 43.47
N LEU O 1075 24.05 132.89 44.77
CA LEU O 1075 22.76 133.26 45.35
C LEU O 1075 22.79 134.66 45.90
N GLY O 1076 21.69 135.38 45.73
CA GLY O 1076 21.55 136.76 46.09
C GLY O 1076 20.84 136.97 47.41
N GLN O 1077 20.03 138.02 47.47
CA GLN O 1077 19.30 138.42 48.66
C GLN O 1077 17.81 138.46 48.34
N LEU O 1078 16.96 138.52 49.37
CA LEU O 1078 15.53 138.28 49.21
C LEU O 1078 14.76 139.46 48.62
N GLN O 1079 14.77 140.61 49.28
CA GLN O 1079 14.09 141.82 48.82
C GLN O 1079 12.59 141.64 48.52
N VAL O 1080 11.78 141.60 49.57
CA VAL O 1080 10.33 141.68 49.43
C VAL O 1080 9.90 142.94 48.68
N ALA O 1081 8.83 142.82 47.91
CA ALA O 1081 8.06 143.97 47.45
C ALA O 1081 6.63 143.84 47.96
N ARG O 1082 5.83 144.87 47.71
CA ARG O 1082 4.50 144.95 48.31
C ARG O 1082 3.67 145.91 47.49
N HIS O 1083 2.35 145.74 47.54
CA HIS O 1083 1.51 146.73 46.91
C HIS O 1083 0.04 146.41 47.12
N GLU O 1084 -0.76 147.47 47.06
CA GLU O 1084 -2.21 147.36 47.21
C GLU O 1084 -2.83 146.70 46.00
N THR O 1085 -3.87 145.91 46.23
CA THR O 1085 -4.55 145.21 45.15
C THR O 1085 -6.06 145.19 45.33
N GLY O 1086 -6.71 144.33 44.56
CA GLY O 1086 -8.13 144.28 44.35
C GLY O 1086 -8.87 143.49 45.41
N GLY O 1087 -8.47 143.62 46.67
CA GLY O 1087 -8.88 142.62 47.64
C GLY O 1087 -7.73 141.87 48.27
N GLY O 1088 -6.56 142.46 48.27
CA GLY O 1088 -5.43 141.86 48.93
C GLY O 1088 -4.36 142.87 49.28
N VAL O 1089 -3.19 142.35 49.62
CA VAL O 1089 -1.99 143.11 49.95
C VAL O 1089 -0.85 142.61 49.10
N ASN O 1090 -0.67 141.30 49.03
CA ASN O 1090 0.19 140.75 47.97
C ASN O 1090 1.65 141.15 48.04
N PHE O 1091 2.39 140.57 48.98
CA PHE O 1091 3.84 140.62 48.98
C PHE O 1091 4.40 139.69 47.92
N THR O 1092 5.31 140.19 47.09
CA THR O 1092 6.03 139.34 46.15
C THR O 1092 7.49 139.24 46.59
N LEU O 1093 7.98 138.01 46.70
CA LEU O 1093 9.35 137.73 47.05
C LEU O 1093 10.14 137.46 45.80
N THR O 1094 11.39 137.92 45.78
CA THR O 1094 12.29 137.56 44.70
C THR O 1094 13.64 137.18 45.26
N GLN O 1095 14.61 137.00 44.40
CA GLN O 1095 15.93 136.54 44.75
C GLN O 1095 16.76 136.64 43.49
N PRO O 1096 17.82 137.42 43.48
CA PRO O 1096 18.71 137.42 42.33
C PRO O 1096 19.67 136.26 42.35
N ARG O 1097 20.04 135.82 41.16
CA ARG O 1097 20.94 134.69 41.03
C ARG O 1097 21.82 134.91 39.82
N GLY O 1098 22.75 134.01 39.62
CA GLY O 1098 23.70 134.18 38.54
C GLY O 1098 24.50 132.91 38.44
N ASN O 1099 25.07 132.62 37.28
CA ASN O 1099 25.75 131.35 37.16
C ASN O 1099 26.71 131.35 35.98
N VAL O 1100 27.64 130.41 36.01
CA VAL O 1100 28.62 130.21 34.96
C VAL O 1100 28.84 128.73 34.76
N ASP O 1101 29.09 128.33 33.52
CA ASP O 1101 29.60 126.99 33.27
C ASP O 1101 31.06 126.97 33.63
N LEU O 1102 31.42 126.16 34.61
CA LEU O 1102 32.81 125.91 34.88
C LEU O 1102 33.29 124.80 33.95
N GLY O 1103 34.54 124.90 33.57
CA GLY O 1103 35.06 123.86 32.72
C GLY O 1103 35.11 124.26 31.26
N VAL O 1104 36.24 123.92 30.68
CA VAL O 1104 36.61 124.22 29.34
C VAL O 1104 35.92 123.49 28.19
N GLY O 1105 35.40 122.31 28.42
CA GLY O 1105 34.71 121.56 27.39
C GLY O 1105 33.20 121.44 27.43
N TYR O 1106 32.72 120.26 27.15
CA TYR O 1106 31.33 119.99 27.19
C TYR O 1106 31.11 119.27 28.47
N THR O 1107 30.14 119.69 29.27
CA THR O 1107 29.80 118.96 30.47
C THR O 1107 28.35 118.89 30.20
N ALA O 1108 27.59 118.02 30.82
CA ALA O 1108 26.15 118.05 30.58
C ALA O 1108 25.31 117.43 29.44
N VAL O 1109 25.68 116.41 28.72
CA VAL O 1109 24.84 115.89 27.68
C VAL O 1109 23.47 115.48 28.09
N ALA O 1110 22.50 115.47 27.21
CA ALA O 1110 21.15 115.01 27.44
C ALA O 1110 20.79 114.11 26.29
N ALA O 1111 20.24 112.95 26.61
CA ALA O 1111 19.81 112.02 25.59
C ALA O 1111 18.31 112.09 25.44
N THR O 1112 17.75 111.40 24.50
CA THR O 1112 16.31 111.35 24.37
C THR O 1112 16.20 109.88 24.33
N ALA O 1113 15.44 109.26 25.21
CA ALA O 1113 15.35 107.87 25.14
C ALA O 1113 13.93 107.42 25.21
N THR O 1114 13.18 107.61 24.14
CA THR O 1114 11.75 107.23 23.96
C THR O 1114 10.89 108.42 23.73
N VAL O 1115 9.81 108.23 22.98
CA VAL O 1115 8.82 109.26 22.66
C VAL O 1115 7.56 109.00 23.47
N ARG O 1116 7.11 109.96 24.26
CA ARG O 1116 5.94 109.74 25.07
C ARG O 1116 4.71 109.69 24.12
N ASN O 1117 4.35 110.76 23.46
CA ASN O 1117 3.34 110.65 22.44
C ASN O 1117 3.55 111.64 21.27
N PRO O 1118 2.88 111.44 20.08
CA PRO O 1118 3.13 112.43 19.02
C PRO O 1118 2.69 113.90 19.19
N VAL O 1119 1.53 114.21 19.74
CA VAL O 1119 1.13 115.61 19.97
C VAL O 1119 0.49 116.36 18.82
N THR O 1120 0.55 115.82 17.62
CA THR O 1120 -0.06 116.46 16.49
C THR O 1120 -0.80 115.28 15.91
N ASP O 1121 -1.86 115.53 15.16
CA ASP O 1121 -2.69 114.49 14.62
C ASP O 1121 -1.87 113.79 13.58
N MET O 1122 -0.70 114.36 13.34
CA MET O 1122 0.22 113.82 12.35
C MET O 1122 -0.56 113.62 11.09
N GLY O 1123 -1.39 114.58 10.74
CA GLY O 1123 -2.26 114.42 9.60
C GLY O 1123 -2.29 115.20 8.31
N ASN O 1124 -3.49 115.12 7.76
CA ASN O 1124 -3.99 115.67 6.52
C ASN O 1124 -4.17 117.14 6.16
N LEU O 1125 -4.52 117.99 7.10
CA LEU O 1125 -4.91 119.37 6.85
C LEU O 1125 -4.01 120.24 6.03
N PRO O 1126 -4.54 120.83 4.94
CA PRO O 1126 -3.76 121.71 4.09
C PRO O 1126 -3.76 123.20 4.38
N GLN O 1127 -2.84 123.95 3.80
CA GLN O 1127 -2.58 125.36 4.05
C GLN O 1127 -3.62 126.17 3.30
N ASN O 1128 -3.95 127.32 3.86
CA ASN O 1128 -4.89 128.24 3.23
C ASN O 1128 -4.20 129.58 3.13
N PHE O 1129 -3.99 130.05 1.91
CA PHE O 1129 -3.36 131.35 1.77
C PHE O 1129 -4.34 132.50 1.96
N TYR O 1130 -5.62 132.23 2.09
CA TYR O 1130 -6.58 133.31 2.28
C TYR O 1130 -6.70 133.75 3.71
N LEU O 1131 -5.90 133.18 4.61
CA LEU O 1131 -5.85 133.68 5.95
C LEU O 1131 -4.96 134.90 6.08
N GLY O 1132 -3.98 135.07 5.19
CA GLY O 1132 -3.18 136.26 5.13
C GLY O 1132 -3.51 137.13 3.93
N ARG O 1133 -2.86 138.28 3.85
CA ARG O 1133 -2.85 139.08 2.64
C ARG O 1133 -1.42 139.50 2.29
N GLY O 1134 -0.80 138.79 1.35
CA GLY O 1134 0.47 139.23 0.81
C GLY O 1134 0.38 139.58 -0.65
N ALA O 1135 -0.74 139.23 -1.24
CA ALA O 1135 -0.87 139.11 -2.68
C ALA O 1135 -1.79 140.18 -3.22
N PRO O 1136 -1.34 140.95 -4.21
CA PRO O 1136 -2.28 141.71 -5.02
C PRO O 1136 -3.32 140.77 -5.60
N PRO O 1137 -4.60 141.09 -5.45
CA PRO O 1137 -5.67 140.18 -5.85
C PRO O 1137 -5.78 140.12 -7.37
N LEU O 1138 -6.71 139.30 -7.85
CA LEU O 1138 -7.04 139.34 -9.27
C LEU O 1138 -7.67 140.68 -9.61
N LEU O 1139 -7.51 141.12 -10.85
CA LEU O 1139 -8.11 142.39 -11.23
C LEU O 1139 -9.63 142.34 -11.24
N ASP O 1140 -10.21 141.37 -11.94
CA ASP O 1140 -11.65 141.25 -11.88
C ASP O 1140 -12.07 140.96 -10.45
N ASN O 1141 -12.98 141.78 -9.94
CA ASN O 1141 -13.46 141.58 -8.58
C ASN O 1141 -14.58 140.55 -8.51
N ALA O 1142 -15.18 140.19 -9.64
CA ALA O 1142 -16.07 139.05 -9.63
C ALA O 1142 -15.28 137.76 -9.58
N ALA O 1143 -14.09 137.76 -10.16
CA ALA O 1143 -13.26 136.57 -10.15
C ALA O 1143 -12.67 136.34 -8.77
N ALA O 1144 -12.25 137.40 -8.09
CA ALA O 1144 -11.66 137.28 -6.76
C ALA O 1144 -12.63 136.65 -5.77
N VAL O 1145 -13.88 137.12 -5.76
CA VAL O 1145 -14.85 136.58 -4.82
C VAL O 1145 -15.24 135.17 -5.17
N TYR O 1146 -15.31 134.88 -6.46
CA TYR O 1146 -15.66 133.56 -6.86
C TYR O 1146 -14.60 132.58 -6.47
N LEU O 1147 -13.35 132.86 -6.76
CA LEU O 1147 -12.29 131.97 -6.40
C LEU O 1147 -12.11 131.90 -4.94
N ARG O 1148 -12.26 132.99 -4.23
CA ARG O 1148 -12.04 132.96 -2.81
C ARG O 1148 -12.91 132.11 -2.00
N ASN O 1149 -14.19 132.21 -2.15
CA ASN O 1149 -15.12 131.40 -1.38
C ASN O 1149 -15.45 130.06 -2.01
N ALA O 1150 -14.88 129.73 -3.16
CA ALA O 1150 -14.80 128.34 -3.55
C ALA O 1150 -13.76 127.62 -2.71
N VAL O 1151 -12.63 128.28 -2.45
CA VAL O 1151 -11.61 127.71 -1.60
C VAL O 1151 -12.02 127.79 -0.13
N VAL O 1152 -12.43 128.97 0.31
CA VAL O 1152 -12.62 129.29 1.71
C VAL O 1152 -13.91 128.67 2.26
N ALA O 1153 -14.68 128.04 1.39
CA ALA O 1153 -16.01 127.54 1.73
C ALA O 1153 -16.02 126.69 3.01
N GLY O 1154 -15.50 125.48 2.94
CA GLY O 1154 -15.44 124.60 4.08
C GLY O 1154 -14.07 124.26 4.66
N ASN O 1155 -13.06 125.08 4.45
CA ASN O 1155 -11.75 124.71 4.98
C ASN O 1155 -11.82 124.50 6.48
N ARG O 1156 -11.03 123.55 6.96
CA ARG O 1156 -10.79 123.46 8.39
C ARG O 1156 -10.03 124.66 8.93
N LEU O 1157 -9.50 125.44 8.01
CA LEU O 1157 -8.73 126.61 8.32
C LEU O 1157 -9.38 127.82 7.81
N GLY O 1158 -10.26 127.64 6.86
CA GLY O 1158 -10.90 128.63 6.01
C GLY O 1158 -11.37 129.62 6.96
N PRO O 1159 -11.27 130.93 6.57
CA PRO O 1159 -11.63 131.89 7.61
C PRO O 1159 -13.06 132.02 8.08
N ALA O 1160 -13.27 132.23 9.36
CA ALA O 1160 -14.58 132.50 9.84
C ALA O 1160 -14.65 133.99 9.54
N GLN O 1161 -15.69 134.45 8.87
CA GLN O 1161 -15.88 135.88 8.54
C GLN O 1161 -14.88 136.52 7.55
N PRO O 1162 -14.78 137.91 7.58
CA PRO O 1162 -13.85 138.50 6.61
C PRO O 1162 -12.60 139.00 7.34
N LEU O 1163 -11.41 138.83 6.77
CA LEU O 1163 -10.21 139.21 7.52
C LEU O 1163 -10.36 140.60 8.13
N PRO O 1164 -10.32 140.73 9.45
CA PRO O 1164 -10.32 142.07 10.08
C PRO O 1164 -8.98 142.76 9.87
N VAL O 1165 -9.04 144.05 9.53
CA VAL O 1165 -7.88 144.82 9.08
C VAL O 1165 -6.72 144.63 10.05
N PHE O 1166 -6.87 145.15 11.26
CA PHE O 1166 -6.05 144.72 12.38
C PHE O 1166 -6.75 143.51 13.01
N GLY O 1167 -6.00 142.47 13.31
CA GLY O 1167 -6.56 141.34 13.99
C GLY O 1167 -5.90 140.05 13.55
N CYS O 1168 -6.65 138.97 13.77
CA CYS O 1168 -6.25 137.64 13.39
C CYS O 1168 -7.21 137.15 12.32
N ALA O 1169 -6.77 136.15 11.56
CA ALA O 1169 -7.62 135.60 10.51
C ALA O 1169 -8.77 134.77 11.05
N GLN O 1170 -8.79 134.47 12.35
CA GLN O 1170 -9.90 133.74 12.96
C GLN O 1170 -10.14 132.41 12.28
N VAL O 1171 -9.26 131.45 12.54
CA VAL O 1171 -9.56 130.05 12.21
C VAL O 1171 -10.80 129.61 12.96
N PRO O 1172 -11.78 129.00 12.29
CA PRO O 1172 -12.93 128.47 13.00
C PRO O 1172 -12.51 127.46 14.04
N ARG O 1173 -13.25 127.40 15.13
CA ARG O 1173 -12.98 126.41 16.17
C ARG O 1173 -14.07 125.36 16.11
N ARG O 1174 -13.67 124.11 15.90
CA ARG O 1174 -14.65 123.06 15.85
C ARG O 1174 -15.02 122.64 17.27
N ALA O 1175 -16.19 122.01 17.38
CA ALA O 1175 -16.74 121.67 18.68
C ALA O 1175 -15.97 120.57 19.36
N GLY O 1176 -15.30 119.71 18.61
CA GLY O 1176 -14.56 118.64 19.23
C GLY O 1176 -13.34 118.27 18.45
N MET O 1177 -12.44 117.55 19.12
CA MET O 1177 -11.21 117.11 18.50
C MET O 1177 -10.74 115.85 19.21
N ASP O 1178 -9.99 115.02 18.49
CA ASP O 1178 -9.63 113.71 19.02
C ASP O 1178 -8.14 113.44 19.03
N HIS O 1179 -7.47 113.41 17.90
CA HIS O 1179 -6.16 112.79 17.90
C HIS O 1179 -5.07 113.69 18.43
N GLY O 1180 -5.29 114.96 18.43
CA GLY O 1180 -4.30 115.89 18.91
C GLY O 1180 -4.37 117.13 18.07
N GLN O 1181 -3.32 117.92 18.16
CA GLN O 1181 -3.22 119.12 17.37
C GLN O 1181 -3.22 118.77 15.90
N ASP O 1182 -3.68 119.70 15.08
CA ASP O 1182 -3.73 119.50 13.63
C ASP O 1182 -2.43 119.98 13.02
N ALA O 1183 -1.69 119.07 12.41
CA ALA O 1183 -0.50 119.46 11.68
C ALA O 1183 -0.89 120.05 10.32
N VAL O 1184 -0.20 121.12 9.95
CA VAL O 1184 -0.49 121.85 8.74
C VAL O 1184 0.48 121.41 7.65
N CYS O 1185 -0.05 121.12 6.48
CA CYS O 1185 0.71 120.64 5.34
C CYS O 1185 0.92 121.78 4.36
N GLU O 1186 2.04 121.73 3.64
CA GLU O 1186 2.35 122.75 2.66
C GLU O 1186 2.90 122.17 1.38
N PHE O 1187 2.53 122.79 0.28
CA PHE O 1187 2.72 122.23 -1.05
C PHE O 1187 3.68 123.11 -1.81
N ILE O 1188 4.86 122.59 -2.10
CA ILE O 1188 5.80 123.22 -3.00
C ILE O 1188 5.66 122.54 -4.35
N ALA O 1189 5.22 123.27 -5.36
CA ALA O 1189 4.97 122.63 -6.63
C ALA O 1189 6.29 122.27 -7.27
N THR O 1190 6.54 120.98 -7.42
CA THR O 1190 7.76 120.54 -8.08
C THR O 1190 7.45 120.01 -9.46
N PRO O 1191 8.46 119.78 -10.29
CA PRO O 1191 8.22 119.10 -11.56
C PRO O 1191 7.84 117.65 -11.34
N VAL O 1192 6.98 117.12 -12.20
CA VAL O 1192 6.66 115.69 -12.07
C VAL O 1192 7.89 114.83 -12.30
N ALA O 1193 8.84 115.29 -13.10
CA ALA O 1193 10.06 114.53 -13.25
C ALA O 1193 11.08 115.20 -12.34
N THR O 1194 11.12 114.70 -11.13
CA THR O 1194 12.16 114.87 -10.14
C THR O 1194 12.16 113.49 -9.51
N ASP O 1195 13.28 112.81 -9.49
CA ASP O 1195 13.26 111.43 -9.10
C ASP O 1195 12.64 111.27 -7.80
N ILE O 1196 12.00 110.15 -7.64
CA ILE O 1196 11.37 109.84 -6.41
C ILE O 1196 12.41 109.41 -5.48
N ASN O 1197 13.67 109.45 -5.89
CA ASN O 1197 14.73 108.99 -5.01
C ASN O 1197 15.29 110.08 -4.17
N TYR O 1198 14.96 111.29 -4.52
CA TYR O 1198 15.38 112.44 -3.81
C TYR O 1198 14.72 112.44 -2.46
N PHE O 1199 13.49 111.96 -2.48
CA PHE O 1199 12.58 111.90 -1.37
C PHE O 1199 12.68 110.63 -0.63
N ARG O 1200 13.61 109.79 -0.98
CA ARG O 1200 13.77 108.54 -0.28
C ARG O 1200 14.80 108.71 0.83
N ARG O 1201 15.27 109.93 1.00
CA ARG O 1201 16.26 110.26 1.99
C ARG O 1201 15.96 111.56 2.66
N PRO O 1202 16.56 111.79 3.80
CA PRO O 1202 16.32 113.03 4.57
C PRO O 1202 16.30 114.39 3.88
N CYS O 1203 16.42 114.48 2.57
CA CYS O 1203 16.62 115.68 1.77
C CYS O 1203 15.93 117.00 2.11
N ASN O 1204 16.52 118.12 1.72
CA ASN O 1204 15.94 119.46 1.90
C ASN O 1204 14.73 119.63 1.00
N PRO O 1205 13.58 120.11 1.59
CA PRO O 1205 12.40 120.19 0.71
C PRO O 1205 12.47 121.17 -0.45
N ARG O 1206 13.31 122.18 -0.35
CA ARG O 1206 13.43 123.16 -1.41
C ARG O 1206 14.15 122.75 -2.69
N GLY O 1207 14.82 121.61 -2.73
CA GLY O 1207 15.51 121.12 -3.89
C GLY O 1207 17.00 121.24 -3.84
N ARG O 1208 17.55 121.89 -2.83
CA ARG O 1208 18.98 122.12 -2.77
C ARG O 1208 19.33 122.37 -1.31
N ALA O 1209 20.59 122.15 -0.97
CA ALA O 1209 21.03 122.22 0.42
C ALA O 1209 21.26 123.66 0.81
N ALA O 1210 20.55 124.12 1.83
CA ALA O 1210 20.66 125.51 2.26
C ALA O 1210 21.46 125.71 3.52
N GLY O 1211 21.91 124.66 4.18
CA GLY O 1211 22.48 124.81 5.50
C GLY O 1211 23.66 125.75 5.54
N GLY O 1212 23.97 126.23 6.74
CA GLY O 1212 25.19 126.96 6.97
C GLY O 1212 26.20 126.02 7.57
N VAL O 1213 25.72 124.80 7.85
CA VAL O 1213 26.58 123.70 8.24
C VAL O 1213 27.47 123.28 7.08
N TYR O 1214 26.93 123.37 5.88
CA TYR O 1214 27.61 122.99 4.67
C TYR O 1214 28.49 124.09 4.13
N ALA O 1215 28.46 125.26 4.70
CA ALA O 1215 29.20 126.37 4.15
C ALA O 1215 30.68 126.23 4.20
N GLY O 1216 31.33 126.95 3.32
CA GLY O 1216 32.76 126.88 3.19
C GLY O 1216 33.67 127.77 4.00
N ASP O 1217 33.16 128.67 4.80
CA ASP O 1217 33.99 129.57 5.60
C ASP O 1217 34.53 130.80 4.95
N LYS O 1218 33.95 131.24 3.83
CA LYS O 1218 34.48 132.40 3.17
C LYS O 1218 33.49 133.51 2.89
N GLU O 1219 33.08 134.23 3.91
CA GLU O 1219 32.22 135.42 3.72
C GLU O 1219 30.80 135.27 3.21
N GLY O 1220 30.64 134.73 2.01
CA GLY O 1220 29.33 134.52 1.42
C GLY O 1220 29.20 133.07 1.04
N ASP O 1221 29.63 132.23 1.94
CA ASP O 1221 29.62 130.83 1.79
C ASP O 1221 28.22 130.37 1.61
N VAL O 1222 27.27 130.95 2.32
CA VAL O 1222 25.87 130.55 2.24
C VAL O 1222 25.19 131.57 1.40
N ILE O 1223 24.25 131.21 0.59
CA ILE O 1223 23.59 132.17 -0.32
C ILE O 1223 24.40 132.25 -1.59
N ALA O 1224 25.46 131.48 -1.63
CA ALA O 1224 26.29 131.29 -2.72
C ALA O 1224 26.08 129.84 -2.70
N LEU O 1225 26.08 129.19 -1.52
CA LEU O 1225 25.95 127.74 -1.54
C LEU O 1225 24.59 127.43 -2.01
N MET O 1226 23.61 128.23 -1.61
CA MET O 1226 22.24 128.04 -2.04
C MET O 1226 22.11 129.14 -3.02
N TYR O 1227 21.22 129.03 -3.98
CA TYR O 1227 21.00 130.11 -4.90
C TYR O 1227 21.97 130.31 -6.01
N ASP O 1228 23.12 129.67 -6.01
CA ASP O 1228 24.08 129.97 -7.06
C ASP O 1228 23.88 128.73 -7.78
N HIS O 1229 23.11 128.78 -8.85
CA HIS O 1229 22.79 127.61 -9.59
C HIS O 1229 23.69 127.44 -10.73
N GLY O 1230 24.86 128.02 -10.61
CA GLY O 1230 25.86 127.87 -11.60
C GLY O 1230 26.72 126.83 -10.97
N GLN O 1231 26.59 126.66 -9.66
CA GLN O 1231 27.33 125.60 -8.97
C GLN O 1231 26.50 124.34 -8.87
N SER O 1232 26.97 123.42 -8.07
CA SER O 1232 26.28 122.18 -7.82
C SER O 1232 25.65 122.21 -6.44
N ASP O 1233 24.91 121.17 -6.15
CA ASP O 1233 24.21 121.06 -4.90
C ASP O 1233 25.09 120.34 -3.91
N PRO O 1234 25.40 120.89 -2.76
CA PRO O 1234 26.31 120.18 -1.90
C PRO O 1234 25.87 118.76 -1.61
N ALA O 1235 24.59 118.51 -1.35
CA ALA O 1235 24.11 117.18 -1.04
C ALA O 1235 24.24 116.24 -2.20
N ARG O 1236 23.89 116.72 -3.37
CA ARG O 1236 23.93 115.97 -4.60
C ARG O 1236 24.76 116.78 -5.55
N PRO O 1237 26.14 116.54 -5.51
CA PRO O 1237 26.93 117.43 -6.34
C PRO O 1237 26.70 117.31 -7.81
N PHE O 1238 26.11 116.25 -8.25
CA PHE O 1238 26.01 116.11 -9.69
C PHE O 1238 24.88 116.94 -10.27
N ALA O 1239 24.20 117.73 -9.43
CA ALA O 1239 23.03 118.48 -9.84
C ALA O 1239 23.13 119.87 -9.27
N ALA O 1240 22.46 120.82 -9.92
CA ALA O 1240 22.21 122.09 -9.25
C ALA O 1240 20.99 121.97 -8.34
N THR O 1241 19.91 121.42 -8.84
CA THR O 1241 18.74 121.20 -8.00
C THR O 1241 17.97 119.91 -8.23
N ALA O 1242 16.88 119.81 -7.50
CA ALA O 1242 15.85 118.84 -7.77
C ALA O 1242 14.66 119.63 -8.27
N ASN O 1243 14.21 120.51 -7.43
CA ASN O 1243 13.16 121.45 -7.79
C ASN O 1243 13.81 122.75 -8.19
N PRO O 1244 13.72 123.15 -9.45
CA PRO O 1244 14.19 124.48 -9.83
C PRO O 1244 13.29 125.60 -9.37
N TRP O 1245 12.03 125.30 -9.06
CA TRP O 1245 11.02 126.29 -8.75
C TRP O 1245 10.97 126.66 -7.28
N ALA O 1246 11.92 126.18 -6.50
CA ALA O 1246 11.96 126.42 -5.07
C ALA O 1246 13.33 126.92 -4.66
N SER O 1247 14.34 126.11 -4.98
CA SER O 1247 15.71 126.38 -4.59
C SER O 1247 16.22 127.72 -5.06
N GLN O 1248 15.73 128.23 -6.16
CA GLN O 1248 16.27 129.46 -6.72
C GLN O 1248 15.73 130.68 -6.01
N ARG O 1249 16.49 131.76 -6.06
CA ARG O 1249 16.03 133.02 -5.50
C ARG O 1249 15.09 133.66 -6.51
N PHE O 1250 13.95 134.15 -6.05
CA PHE O 1250 12.92 134.77 -6.90
C PHE O 1250 12.13 133.81 -7.73
N SER O 1251 12.15 132.55 -7.40
CA SER O 1251 11.43 131.57 -8.17
C SER O 1251 10.26 131.31 -7.34
N TYR O 1252 9.13 130.88 -7.92
CA TYR O 1252 7.92 130.59 -7.17
C TYR O 1252 8.34 129.58 -6.19
N GLY O 1253 7.96 129.68 -4.94
CA GLY O 1253 8.46 128.69 -4.04
C GLY O 1253 9.21 129.61 -3.20
N ASP O 1254 10.12 130.39 -3.75
CA ASP O 1254 10.81 131.35 -2.96
C ASP O 1254 9.84 132.43 -2.63
N LEU O 1255 9.13 132.99 -3.61
CA LEU O 1255 8.18 134.08 -3.50
C LEU O 1255 7.07 133.81 -2.51
N LEU O 1256 6.78 132.54 -2.22
CA LEU O 1256 5.73 132.18 -1.29
C LEU O 1256 6.25 132.05 0.12
N TYR O 1257 7.13 131.09 0.35
CA TYR O 1257 7.48 130.62 1.68
C TYR O 1257 8.66 131.37 2.30
N ASN O 1258 9.37 132.19 1.53
CA ASN O 1258 10.40 133.03 2.12
C ASN O 1258 9.74 134.08 2.97
N GLY O 1259 10.19 134.20 4.21
CA GLY O 1259 9.58 135.17 5.07
C GLY O 1259 9.97 136.58 4.80
N ALA O 1260 10.81 136.81 3.79
CA ALA O 1260 11.17 138.16 3.43
C ALA O 1260 10.07 138.86 2.67
N TYR O 1261 9.24 138.10 1.97
CA TYR O 1261 8.12 138.66 1.25
C TYR O 1261 6.83 138.67 2.07
N HIS O 1262 6.79 137.88 3.14
CA HIS O 1262 5.67 137.77 4.07
C HIS O 1262 4.31 137.83 3.38
N LEU O 1263 4.13 136.84 2.52
CA LEU O 1263 2.96 136.58 1.76
C LEU O 1263 1.94 136.14 2.73
N ASN O 1264 2.35 135.36 3.70
CA ASN O 1264 1.42 134.85 4.67
C ASN O 1264 1.79 135.19 6.07
N GLY O 1265 1.74 136.46 6.36
CA GLY O 1265 2.03 136.99 7.66
C GLY O 1265 0.62 137.49 7.69
N ALA O 1266 0.04 137.61 8.85
CA ALA O 1266 -1.35 137.97 9.03
C ALA O 1266 -2.18 136.72 8.92
N SER O 1267 -1.54 135.56 8.87
CA SER O 1267 -2.21 134.29 8.81
C SER O 1267 -1.69 133.85 10.08
N PRO O 1268 -2.48 133.26 10.96
CA PRO O 1268 -1.99 132.90 12.30
C PRO O 1268 -1.50 131.50 12.43
N VAL O 1269 -1.54 130.78 11.35
CA VAL O 1269 -1.19 129.37 11.24
C VAL O 1269 0.27 129.22 10.85
N LEU O 1270 0.90 128.17 11.35
CA LEU O 1270 2.32 127.92 11.11
C LEU O 1270 2.60 127.61 9.65
N SER O 1271 3.81 127.96 9.21
CA SER O 1271 4.34 127.53 7.93
C SER O 1271 5.50 126.58 8.16
N PRO O 1272 5.30 125.27 7.94
CA PRO O 1272 6.44 124.36 8.00
C PRO O 1272 7.60 124.74 7.12
N CYS O 1273 7.35 125.41 6.01
CA CYS O 1273 8.35 125.76 5.02
C CYS O 1273 8.96 127.12 5.27
N PHE O 1274 8.49 127.87 6.25
CA PHE O 1274 9.15 129.11 6.59
C PHE O 1274 10.58 128.83 6.99
N LYS O 1275 10.84 127.72 7.61
CA LYS O 1275 12.19 127.41 8.02
C LYS O 1275 13.15 127.26 6.86
N PHE O 1276 12.75 126.55 5.84
CA PHE O 1276 13.52 126.27 4.65
C PHE O 1276 13.82 127.34 3.65
N PHE O 1277 12.87 128.17 3.32
CA PHE O 1277 13.06 129.23 2.41
C PHE O 1277 13.07 130.33 3.36
N THR O 1278 14.20 130.97 3.49
CA THR O 1278 14.37 132.11 4.37
C THR O 1278 15.84 132.15 4.51
N ALA O 1279 16.41 132.67 3.45
CA ALA O 1279 17.80 132.82 3.32
C ALA O 1279 18.25 133.75 4.38
N ALA O 1280 17.42 134.73 4.67
CA ALA O 1280 17.78 135.73 5.64
C ALA O 1280 18.06 135.10 6.95
N ASP O 1281 17.23 134.16 7.35
CA ASP O 1281 17.39 133.39 8.59
C ASP O 1281 18.53 132.38 8.57
N ILE O 1282 18.72 131.72 7.44
CA ILE O 1282 19.75 130.70 7.30
C ILE O 1282 21.13 131.28 7.46
N THR O 1283 21.29 132.49 6.94
CA THR O 1283 22.49 133.28 6.94
C THR O 1283 22.72 133.93 8.29
N ALA O 1284 21.64 134.22 9.00
CA ALA O 1284 21.79 134.83 10.32
C ALA O 1284 22.56 133.93 11.27
N LYS O 1285 22.44 132.61 11.12
CA LYS O 1285 23.12 131.76 12.08
C LYS O 1285 24.62 131.78 11.83
N HIS O 1286 25.35 131.13 12.73
CA HIS O 1286 26.77 130.96 12.55
C HIS O 1286 27.02 129.56 12.04
N ARG O 1287 28.27 129.27 11.70
CA ARG O 1287 28.59 127.98 11.16
C ARG O 1287 29.35 127.05 12.10
N CYS O 1288 29.69 127.47 13.32
CA CYS O 1288 30.55 126.60 14.12
C CYS O 1288 29.73 125.50 14.76
N LEU O 1289 30.07 124.24 14.44
CA LEU O 1289 29.32 123.11 14.94
C LEU O 1289 29.44 122.97 16.44
N GLU O 1290 30.53 123.46 17.03
CA GLU O 1290 30.69 123.44 18.48
C GLU O 1290 29.41 123.88 19.15
N ARG O 1291 29.01 125.12 18.88
CA ARG O 1291 27.75 125.61 19.39
C ARG O 1291 26.58 124.86 18.76
N LEU O 1292 26.48 124.90 17.43
CA LEU O 1292 25.23 124.51 16.78
C LEU O 1292 24.69 123.18 17.26
N ILE O 1293 25.53 122.32 17.82
CA ILE O 1293 24.98 121.10 18.40
C ILE O 1293 24.37 121.39 19.77
N VAL O 1294 24.87 122.39 20.50
CA VAL O 1294 24.31 122.62 21.82
C VAL O 1294 23.16 123.60 21.81
N GLU O 1295 22.91 124.27 20.68
CA GLU O 1295 21.68 125.03 20.52
C GLU O 1295 20.63 124.27 19.77
N THR O 1296 20.90 123.04 19.38
CA THR O 1296 19.84 122.17 18.90
C THR O 1296 19.11 121.53 20.07
N GLY O 1297 19.81 121.21 21.14
CA GLY O 1297 19.14 120.65 22.29
C GLY O 1297 18.07 121.55 22.86
N SER O 1298 18.17 122.86 22.64
CA SER O 1298 17.15 123.71 23.10
C SER O 1298 16.96 124.76 22.05
N ALA O 1299 15.95 124.64 21.22
CA ALA O 1299 15.76 125.61 20.17
C ALA O 1299 14.36 126.08 20.28
N VAL O 1300 14.10 127.37 20.45
CA VAL O 1300 12.74 127.82 20.61
C VAL O 1300 12.01 127.39 19.37
N SER O 1301 10.83 126.85 19.56
CA SER O 1301 10.03 126.33 18.51
C SER O 1301 9.43 127.44 17.73
N THR O 1302 8.95 127.10 16.57
CA THR O 1302 8.31 127.97 15.65
C THR O 1302 6.84 127.73 15.76
N ALA O 1303 6.39 126.94 16.73
CA ALA O 1303 5.00 126.56 16.88
C ALA O 1303 4.56 126.68 18.33
N THR O 1304 3.28 126.39 18.56
CA THR O 1304 2.73 126.18 19.88
C THR O 1304 1.94 124.89 19.91
N ALA O 1305 2.10 124.13 20.97
CA ALA O 1305 1.29 122.95 21.19
C ALA O 1305 0.03 123.28 21.96
N ALA O 1306 -0.24 124.55 22.21
CA ALA O 1306 -1.38 124.95 23.01
C ALA O 1306 -2.63 125.22 22.20
N SER O 1307 -2.56 125.24 20.88
CA SER O 1307 -3.73 125.54 20.07
C SER O 1307 -4.28 124.29 19.40
N ASP O 1308 -5.45 124.44 18.78
CA ASP O 1308 -6.16 123.32 18.19
C ASP O 1308 -5.59 122.97 16.83
N VAL O 1309 -5.21 123.98 16.07
CA VAL O 1309 -4.44 123.86 14.84
C VAL O 1309 -3.10 124.47 15.15
N GLN O 1310 -2.04 123.96 14.55
CA GLN O 1310 -0.75 124.42 15.01
C GLN O 1310 -0.51 125.83 14.49
N PHE O 1311 -0.37 126.76 15.42
CA PHE O 1311 -0.20 128.16 15.12
C PHE O 1311 1.26 128.53 15.13
N LYS O 1312 1.47 129.77 14.77
CA LYS O 1312 2.78 130.36 14.69
C LYS O 1312 3.04 130.99 16.05
N ARG O 1313 4.21 130.73 16.60
CA ARG O 1313 4.46 131.02 18.01
C ARG O 1313 4.18 132.48 18.33
N PRO O 1314 3.28 132.69 19.28
CA PRO O 1314 2.91 134.01 19.75
C PRO O 1314 4.05 134.52 20.58
N PRO O 1315 4.37 135.80 20.51
CA PRO O 1315 5.61 136.40 21.00
C PRO O 1315 6.13 136.30 22.44
N GLY O 1316 5.30 136.26 23.46
CA GLY O 1316 5.83 136.21 24.80
C GLY O 1316 6.14 134.85 25.33
N CYS O 1317 5.95 133.81 24.53
CA CYS O 1317 6.20 132.47 25.02
C CYS O 1317 7.09 131.67 24.09
N ARG O 1318 7.76 130.68 24.63
CA ARG O 1318 8.68 129.87 23.85
C ARG O 1318 8.61 128.37 24.22
N GLU O 1319 9.16 127.49 23.38
CA GLU O 1319 9.09 126.07 23.66
C GLU O 1319 10.32 125.16 23.79
N LEU O 1320 11.52 125.66 23.69
CA LEU O 1320 12.70 124.85 23.92
C LEU O 1320 12.44 123.44 23.47
N VAL O 1321 12.29 123.30 22.16
CA VAL O 1321 12.09 122.05 21.47
C VAL O 1321 13.47 121.54 21.13
N GLU O 1322 13.57 120.39 20.46
CA GLU O 1322 14.86 119.83 20.09
C GLU O 1322 15.20 120.12 18.63
N ASP O 1323 14.39 119.68 17.68
CA ASP O 1323 14.51 120.23 16.33
C ASP O 1323 15.85 120.01 15.63
N PRO O 1324 16.11 118.82 15.13
CA PRO O 1324 17.31 118.62 14.31
C PRO O 1324 17.20 119.24 12.95
N CYS O 1325 16.00 119.38 12.42
CA CYS O 1325 15.79 119.90 11.08
C CYS O 1325 16.21 121.34 10.96
N GLY O 1326 16.53 122.01 12.07
CA GLY O 1326 16.98 123.37 11.99
C GLY O 1326 18.46 123.42 11.74
N LEU O 1327 19.17 122.37 12.11
CA LEU O 1327 20.62 122.30 11.87
C LEU O 1327 20.89 121.62 10.53
N PHE O 1328 20.69 120.31 10.48
CA PHE O 1328 20.94 119.53 9.28
C PHE O 1328 20.21 120.10 8.11
N GLN O 1329 19.18 120.90 8.34
CA GLN O 1329 18.53 121.61 7.26
C GLN O 1329 17.95 120.59 6.32
N GLU O 1330 17.03 119.80 6.84
CA GLU O 1330 16.37 118.73 6.16
C GLU O 1330 15.10 118.23 6.75
N ALA O 1331 14.38 117.49 5.96
CA ALA O 1331 13.09 116.98 6.26
C ALA O 1331 13.21 115.53 6.10
N TYR O 1332 12.42 114.74 6.80
CA TYR O 1332 12.57 113.31 6.74
C TYR O 1332 11.46 112.62 6.09
N PRO O 1333 11.73 111.61 5.29
CA PRO O 1333 10.57 110.95 4.70
C PRO O 1333 9.76 110.05 5.63
N ILE O 1334 8.43 110.03 5.55
CA ILE O 1334 7.57 109.09 6.26
C ILE O 1334 7.14 108.03 5.27
N THR O 1335 6.67 106.91 5.80
CA THR O 1335 6.19 105.88 4.92
C THR O 1335 4.92 106.38 4.28
N CYS O 1336 4.94 106.50 2.97
CA CYS O 1336 3.78 106.94 2.23
C CYS O 1336 3.87 106.31 0.86
N ALA O 1337 2.72 105.94 0.33
CA ALA O 1337 2.61 105.35 -0.98
C ALA O 1337 1.59 106.15 -1.76
N SER O 1338 1.59 105.98 -3.06
CA SER O 1338 0.51 106.50 -3.87
C SER O 1338 -0.64 105.51 -4.00
N ASP O 1339 -0.56 104.36 -3.34
CA ASP O 1339 -1.49 103.26 -3.39
C ASP O 1339 -1.91 102.83 -1.99
N PRO O 1340 -3.13 102.33 -1.84
CA PRO O 1340 -3.44 101.58 -0.64
C PRO O 1340 -2.77 100.23 -0.61
N ALA O 1341 -2.46 99.66 -1.77
CA ALA O 1341 -1.88 98.33 -1.82
C ALA O 1341 -0.40 98.34 -1.55
N LEU O 1342 0.32 99.30 -2.10
CA LEU O 1342 1.72 99.38 -1.77
C LEU O 1342 1.91 99.72 -0.32
N LEU O 1343 1.04 100.55 0.25
CA LEU O 1343 1.18 100.87 1.67
C LEU O 1343 0.83 99.68 2.53
N ARG O 1344 -0.10 98.89 2.10
CA ARG O 1344 -0.44 97.70 2.78
C ARG O 1344 0.73 96.84 2.71
N SER O 1345 1.43 96.84 1.63
CA SER O 1345 2.61 96.00 1.48
C SER O 1345 3.58 96.28 2.54
N ALA O 1346 3.84 97.53 2.88
CA ALA O 1346 4.82 97.91 3.86
C ALA O 1346 4.48 98.03 5.32
N ARG O 1347 4.00 96.94 5.88
CA ARG O 1347 3.69 96.78 7.26
C ARG O 1347 4.46 95.55 7.28
N ASP O 1348 5.55 95.59 8.01
CA ASP O 1348 6.55 94.56 8.13
C ASP O 1348 7.67 95.54 8.08
N GLY O 1349 8.82 95.08 7.62
CA GLY O 1349 9.93 95.97 7.46
C GLY O 1349 9.79 96.37 6.01
N GLU O 1350 10.85 96.91 5.49
CA GLU O 1350 10.88 97.28 4.14
C GLU O 1350 11.35 96.00 3.50
N ALA O 1351 11.26 94.89 4.22
CA ALA O 1351 11.69 93.68 3.56
C ALA O 1351 10.95 93.49 2.24
N HIS O 1352 9.67 93.14 2.29
CA HIS O 1352 8.91 92.86 1.09
C HIS O 1352 8.10 94.06 0.61
N ALA O 1353 8.29 95.22 1.22
CA ALA O 1353 7.65 96.44 0.74
C ALA O 1353 7.86 96.60 -0.77
N ARG O 1354 6.76 96.84 -1.48
CA ARG O 1354 6.83 97.16 -2.90
C ARG O 1354 7.25 98.59 -3.04
N GLU O 1355 8.41 98.83 -3.64
CA GLU O 1355 8.87 100.19 -3.79
C GLU O 1355 8.31 100.87 -5.03
N THR O 1356 7.91 100.14 -6.03
CA THR O 1356 7.34 100.67 -7.26
C THR O 1356 6.51 99.62 -7.94
N HIS O 1357 5.52 100.05 -8.72
CA HIS O 1357 4.66 99.23 -9.58
C HIS O 1357 4.08 100.04 -10.72
N PHE O 1358 4.59 99.93 -11.93
CA PHE O 1358 4.10 100.74 -13.03
C PHE O 1358 4.27 102.16 -12.63
N THR O 1359 3.23 102.96 -12.70
CA THR O 1359 3.41 104.35 -12.28
C THR O 1359 3.30 104.75 -10.83
N GLN O 1360 3.03 103.79 -9.96
CA GLN O 1360 2.80 103.94 -8.54
C GLN O 1360 4.09 103.68 -7.79
N TYR O 1361 4.31 104.42 -6.71
CA TYR O 1361 5.55 104.39 -5.96
C TYR O 1361 5.26 104.26 -4.48
N LEU O 1362 6.30 103.95 -3.72
CA LEU O 1362 6.24 103.87 -2.28
C LEU O 1362 7.51 104.42 -1.69
N ILE O 1363 7.37 105.21 -0.64
CA ILE O 1363 8.50 105.75 0.07
C ILE O 1363 8.44 105.21 1.49
N TYR O 1364 9.53 104.65 1.96
CA TYR O 1364 9.53 104.11 3.31
C TYR O 1364 10.15 105.11 4.27
N ASP O 1365 10.00 104.82 5.55
CA ASP O 1365 10.30 105.79 6.60
C ASP O 1365 11.80 105.87 6.81
N ALA O 1366 12.36 107.06 6.65
CA ALA O 1366 13.72 107.34 7.06
C ALA O 1366 13.66 108.58 7.91
N SER O 1367 13.86 108.44 9.20
CA SER O 1367 13.47 109.49 10.11
C SER O 1367 13.89 109.01 11.49
N PRO O 1368 14.12 109.90 12.46
CA PRO O 1368 14.52 109.44 13.79
C PRO O 1368 13.52 108.51 14.44
N LEU O 1369 12.32 108.40 13.91
CA LEU O 1369 11.27 107.57 14.47
C LEU O 1369 11.30 106.15 13.96
N LYS O 1370 12.16 105.83 13.01
CA LYS O 1370 12.17 104.50 12.43
C LYS O 1370 12.69 103.50 13.45
N GLY O 1371 11.95 102.43 13.65
CA GLY O 1371 12.26 101.45 14.64
C GLY O 1371 11.52 101.61 15.94
N LEU O 1372 10.98 102.80 16.19
CA LEU O 1372 10.05 102.94 17.28
C LEU O 1372 8.69 102.46 16.83
N SER O 1373 7.74 102.48 17.75
CA SER O 1373 6.46 101.83 17.55
C SER O 1373 5.34 102.82 17.25
N LEU O 1374 5.06 103.73 18.19
CA LEU O 1374 4.07 104.81 18.08
C LEU O 1374 3.66 105.19 16.66
N ARG P 6 31.21 159.70 22.10
CA ARG P 6 32.04 159.60 23.29
C ARG P 6 31.19 159.30 24.52
N ASP P 7 31.21 158.05 24.96
CA ASP P 7 30.47 157.64 26.15
C ASP P 7 31.40 157.71 27.35
N PRO P 8 31.07 158.47 28.40
CA PRO P 8 31.94 158.55 29.56
C PRO P 8 31.59 157.47 30.56
N PRO P 9 32.39 157.31 31.62
CA PRO P 9 31.97 156.45 32.73
C PRO P 9 31.17 157.25 33.75
N GLY P 10 30.71 156.61 34.80
CA GLY P 10 29.85 157.27 35.74
C GLY P 10 30.59 157.88 36.90
N TYR P 11 29.92 158.83 37.55
CA TYR P 11 30.46 159.43 38.76
C TYR P 11 30.50 158.39 39.85
N ARG P 12 31.39 158.55 40.79
CA ARG P 12 31.52 157.58 41.82
C ARG P 12 31.12 158.11 43.16
N TYR P 13 30.21 157.43 43.83
CA TYR P 13 29.77 157.83 45.12
C TYR P 13 30.40 156.75 45.94
N ALA P 14 30.97 157.17 47.06
CA ALA P 14 31.71 156.40 48.05
C ALA P 14 33.14 156.83 47.93
N ALA P 15 33.57 157.14 46.73
CA ALA P 15 34.88 157.66 46.55
C ALA P 15 34.72 159.05 47.14
N ALA P 16 33.53 159.59 46.90
CA ALA P 16 33.06 160.89 47.33
C ALA P 16 32.85 161.06 48.81
N MET P 17 32.38 160.02 49.48
CA MET P 17 32.09 160.10 50.91
C MET P 17 33.32 160.52 51.73
N VAL P 18 34.50 160.22 51.23
CA VAL P 18 35.78 160.58 51.82
C VAL P 18 36.48 161.53 50.86
N PRO P 19 36.09 162.80 50.82
CA PRO P 19 36.71 163.72 49.86
C PRO P 19 38.15 163.98 50.21
N THR P 20 39.00 163.97 49.18
CA THR P 20 40.40 164.30 49.38
C THR P 20 40.61 165.81 49.48
N GLY P 21 40.01 166.57 48.57
CA GLY P 21 40.17 168.01 48.54
C GLY P 21 38.92 168.75 48.94
N SER P 22 38.96 170.06 48.71
CA SER P 22 37.83 170.94 49.00
C SER P 22 37.70 171.95 47.88
N ILE P 23 36.54 172.00 47.24
CA ILE P 23 36.33 172.99 46.20
C ILE P 23 36.20 174.36 46.85
N LEU P 24 36.98 175.31 46.36
CA LEU P 24 37.16 176.60 47.00
C LEU P 24 36.27 177.69 46.41
N SER P 25 35.47 177.38 45.40
CA SER P 25 34.65 178.39 44.74
C SER P 25 33.24 177.87 44.53
N THR P 26 32.28 178.78 44.60
CA THR P 26 30.89 178.48 44.31
C THR P 26 30.53 179.06 42.96
N ILE P 27 30.26 178.20 41.98
CA ILE P 27 29.92 178.58 40.62
C ILE P 27 28.60 177.95 40.31
N GLU P 28 27.89 178.45 39.33
CA GLU P 28 26.64 177.81 38.94
C GLU P 28 27.07 176.45 38.43
N VAL P 29 28.14 176.38 37.63
CA VAL P 29 28.73 175.10 37.16
C VAL P 29 27.93 174.19 36.24
N ALA P 30 26.84 174.67 35.73
CA ALA P 30 25.96 173.83 34.95
C ALA P 30 26.28 174.51 33.65
N SER P 31 26.57 175.80 33.66
CA SER P 31 26.99 176.49 32.45
C SER P 31 28.40 176.11 32.04
N HIS P 32 29.12 175.41 32.90
CA HIS P 32 30.44 174.88 32.62
C HIS P 32 30.39 173.45 32.14
N ARG P 33 29.21 172.97 31.77
CA ARG P 33 28.90 171.57 31.49
C ARG P 33 29.98 170.87 30.70
N ARG P 34 30.58 171.57 29.73
CA ARG P 34 31.52 170.92 28.84
C ARG P 34 32.97 171.06 29.28
N LEU P 35 33.22 171.63 30.46
CA LEU P 35 34.52 171.42 31.08
C LEU P 35 34.71 169.97 31.51
N PHE P 36 33.63 169.29 31.87
CA PHE P 36 33.76 168.00 32.52
C PHE P 36 33.49 166.86 31.57
N ASP P 37 33.85 165.66 32.00
CA ASP P 37 33.59 164.44 31.26
C ASP P 37 32.33 163.73 31.70
N PHE P 38 31.85 164.05 32.88
CA PHE P 38 30.58 163.54 33.38
C PHE P 38 29.97 164.65 34.19
N PHE P 39 28.71 164.94 33.94
CA PHE P 39 28.02 165.95 34.71
C PHE P 39 26.62 165.45 34.96
N ALA P 40 26.21 165.43 36.22
CA ALA P 40 24.84 165.12 36.60
C ALA P 40 24.40 166.23 37.53
N ARG P 41 23.38 166.96 37.14
CA ARG P 41 22.83 168.00 37.99
C ARG P 41 21.58 167.44 38.64
N VAL P 42 21.66 167.16 39.90
CA VAL P 42 20.56 166.60 40.66
C VAL P 42 19.84 167.74 41.35
N ARG P 43 18.52 167.73 41.33
CA ARG P 43 17.80 168.78 41.98
C ARG P 43 17.27 168.07 43.18
N SER P 44 17.94 168.25 44.31
CA SER P 44 17.57 167.57 45.52
C SER P 44 17.93 166.11 45.58
N ASP P 45 17.02 165.23 45.22
CA ASP P 45 17.29 163.82 45.30
C ASP P 45 16.88 163.08 44.07
N GLU P 46 17.68 162.11 43.68
CA GLU P 46 17.37 161.30 42.52
C GLU P 46 17.45 159.84 42.94
N ASN P 47 17.07 158.95 42.04
CA ASN P 47 17.16 157.53 42.38
C ASN P 47 18.59 157.03 42.24
N SER P 48 19.25 157.36 41.13
CA SER P 48 20.62 156.98 40.91
C SER P 48 21.56 157.60 41.93
N LEU P 49 21.10 158.61 42.65
CA LEU P 49 21.96 159.25 43.64
C LEU P 49 22.41 158.27 44.70
N TYR P 50 21.67 157.19 44.90
CA TYR P 50 22.09 156.09 45.74
C TYR P 50 22.34 154.95 44.78
N ASP P 51 23.61 154.68 44.52
CA ASP P 51 23.91 153.71 43.48
C ASP P 51 25.29 153.12 43.74
N VAL P 52 25.39 151.80 43.59
CA VAL P 52 26.66 151.10 43.61
C VAL P 52 26.55 150.01 42.57
N GLU P 53 27.49 149.96 41.64
CA GLU P 53 27.56 148.86 40.71
C GLU P 53 29.02 148.51 40.50
N PHE P 54 29.36 147.26 40.68
CA PHE P 54 30.74 146.87 40.47
C PHE P 54 30.80 145.76 39.44
N ASP P 55 32.03 145.37 39.12
CA ASP P 55 32.33 144.25 38.25
C ASP P 55 33.27 143.32 39.00
N ALA P 56 32.83 142.11 39.27
CA ALA P 56 33.65 141.25 40.09
C ALA P 56 34.56 140.39 39.23
N LEU P 57 35.45 139.65 39.89
CA LEU P 57 36.16 138.53 39.29
C LEU P 57 35.94 137.38 40.26
N LEU P 58 35.20 136.37 39.82
CA LEU P 58 34.71 135.36 40.73
C LEU P 58 35.59 134.13 40.80
N GLY P 59 36.70 134.08 40.06
CA GLY P 59 37.64 133.00 40.20
C GLY P 59 38.61 132.96 39.04
N SER P 60 39.74 132.25 39.18
CA SER P 60 40.65 132.07 38.07
C SER P 60 41.24 130.67 38.16
N TYR P 61 41.15 129.93 37.07
CA TYR P 61 41.47 128.52 37.07
C TYR P 61 42.64 128.27 36.13
N CYS P 62 43.61 127.51 36.59
CA CYS P 62 44.80 127.23 35.82
C CYS P 62 44.83 125.76 35.49
N ASN P 63 45.86 125.37 34.77
CA ASN P 63 45.98 124.05 34.21
C ASN P 63 47.32 123.48 34.62
N THR P 64 47.35 122.20 34.95
CA THR P 64 48.59 121.53 35.27
C THR P 64 49.02 120.72 34.07
N LEU P 65 50.07 121.17 33.41
CA LEU P 65 50.69 120.37 32.35
C LEU P 65 51.23 119.09 32.96
N SER P 66 51.03 117.98 32.26
CA SER P 66 51.41 116.67 32.77
C SER P 66 52.57 116.13 31.96
N LEU P 67 53.37 115.28 32.60
CA LEU P 67 54.65 114.87 32.04
C LEU P 67 54.75 113.37 32.00
N VAL P 68 55.04 112.84 30.81
CA VAL P 68 55.21 111.41 30.60
C VAL P 68 56.69 111.15 30.38
N ARG P 69 57.19 110.08 31.00
CA ARG P 69 58.58 109.77 30.87
C ARG P 69 59.00 108.80 29.79
N PHE P 70 58.08 108.09 29.17
CA PHE P 70 58.44 107.10 28.15
C PHE P 70 59.28 105.94 28.61
N LEU P 71 59.60 105.90 29.87
CA LEU P 71 60.32 104.77 30.41
C LEU P 71 59.16 104.16 31.25
N GLU P 72 58.22 105.00 31.72
CA GLU P 72 57.10 104.68 32.56
C GLU P 72 55.99 103.99 31.80
N LEU P 73 56.12 103.81 30.50
CA LEU P 73 55.02 103.24 29.75
C LEU P 73 55.44 101.91 29.13
N GLY P 74 54.48 101.25 28.49
CA GLY P 74 54.69 99.87 28.09
C GLY P 74 55.45 99.75 26.81
N LEU P 75 55.36 100.75 25.94
CA LEU P 75 56.01 100.71 24.66
C LEU P 75 57.53 100.73 24.77
N SER P 76 58.07 100.95 25.97
CA SER P 76 59.50 100.94 26.17
C SER P 76 60.10 99.56 26.12
N VAL P 77 59.28 98.51 26.23
CA VAL P 77 59.86 97.19 26.18
C VAL P 77 60.40 96.95 24.79
N ALA P 78 59.85 97.62 23.79
CA ALA P 78 60.09 97.32 22.39
C ALA P 78 61.38 97.91 21.88
N CYS P 79 62.21 98.47 22.75
CA CYS P 79 63.43 99.13 22.34
C CYS P 79 64.47 99.00 23.43
N VAL P 80 65.73 98.88 23.03
CA VAL P 80 66.84 98.92 23.97
C VAL P 80 67.44 100.30 23.83
N CYS P 81 67.15 101.20 24.76
CA CYS P 81 67.61 102.57 24.62
C CYS P 81 68.97 102.72 25.27
N THR P 82 69.90 103.33 24.56
CA THR P 82 71.19 103.72 25.10
C THR P 82 71.51 105.08 24.52
N LYS P 83 71.89 106.02 25.36
CA LYS P 83 72.22 107.35 24.89
C LYS P 83 73.66 107.41 24.46
N PHE P 84 73.87 107.78 23.21
CA PHE P 84 75.17 107.85 22.59
C PHE P 84 75.41 109.31 22.29
N PRO P 85 76.21 110.02 23.09
CA PRO P 85 76.32 111.47 22.93
C PRO P 85 77.02 111.91 21.67
N GLU P 86 77.74 111.01 20.99
CA GLU P 86 78.48 111.34 19.79
C GLU P 86 77.74 111.02 18.49
N LEU P 87 76.45 110.68 18.56
CA LEU P 87 75.72 110.48 17.31
C LEU P 87 75.91 111.63 16.34
N ALA P 88 76.04 112.85 16.84
CA ALA P 88 76.21 113.98 15.95
C ALA P 88 77.53 113.91 15.20
N TYR P 89 78.52 113.28 15.81
CA TYR P 89 79.86 113.17 15.24
C TYR P 89 80.05 111.91 14.45
N MET P 90 79.01 111.17 14.18
CA MET P 90 79.14 109.84 13.62
C MET P 90 78.84 109.88 12.12
N ASN P 91 79.02 108.74 11.46
CA ASN P 91 78.76 108.62 10.02
C ASN P 91 77.78 107.49 9.76
N GLU P 92 78.21 106.23 9.90
CA GLU P 92 77.38 105.07 9.58
C GLU P 92 77.52 104.04 10.69
N GLY P 93 76.40 103.69 11.33
CA GLY P 93 76.41 102.60 12.29
C GLY P 93 76.12 101.24 11.69
N ARG P 94 76.76 100.22 12.25
CA ARG P 94 76.55 98.85 11.84
C ARG P 94 76.22 98.03 13.07
N VAL P 95 75.27 97.12 12.95
CA VAL P 95 75.00 96.12 13.96
C VAL P 95 74.95 94.79 13.27
N GLN P 96 75.95 93.94 13.48
CA GLN P 96 76.12 92.77 12.62
C GLN P 96 75.66 91.48 13.28
N PHE P 97 75.22 90.55 12.45
CA PHE P 97 74.59 89.30 12.88
C PHE P 97 75.25 88.10 12.23
N GLU P 98 75.30 87.00 12.97
CA GLU P 98 75.72 85.71 12.44
C GLU P 98 74.72 84.66 12.93
N VAL P 99 74.06 83.97 12.01
CA VAL P 99 73.16 82.91 12.38
C VAL P 99 73.61 81.64 11.66
N HIS P 100 73.77 80.58 12.43
CA HIS P 100 74.28 79.32 11.97
C HIS P 100 73.11 78.34 11.93
N GLN P 101 73.05 77.52 10.89
CA GLN P 101 71.79 76.85 10.74
C GLN P 101 71.90 75.35 10.99
N PRO P 102 70.81 74.73 11.43
CA PRO P 102 70.79 73.29 11.62
C PRO P 102 70.86 72.51 10.33
N LEU P 103 71.17 71.23 10.48
CA LEU P 103 71.38 70.35 9.35
C LEU P 103 70.69 69.04 9.67
N ILE P 104 70.15 68.40 8.64
CA ILE P 104 69.55 67.08 8.76
C ILE P 104 70.24 66.14 7.79
N ALA P 105 70.82 65.07 8.32
CA ALA P 105 71.36 64.01 7.48
C ALA P 105 70.23 63.22 6.89
N ARG P 106 70.37 62.79 5.65
CA ARG P 106 69.31 61.97 5.13
C ARG P 106 69.79 61.11 3.98
N ASP P 107 69.12 59.98 3.83
CA ASP P 107 69.42 58.99 2.84
C ASP P 107 68.52 59.12 1.67
N GLY P 108 68.86 58.39 0.62
CA GLY P 108 68.07 58.36 -0.59
C GLY P 108 68.78 59.15 -1.60
N PRO P 109 68.06 59.43 -2.75
CA PRO P 109 68.78 60.24 -3.72
C PRO P 109 68.51 61.69 -3.38
N HIS P 110 68.96 62.09 -2.22
CA HIS P 110 68.78 63.43 -1.74
C HIS P 110 70.17 63.89 -1.62
N PRO P 111 70.51 65.05 -2.15
CA PRO P 111 71.90 65.47 -2.04
C PRO P 111 72.45 65.74 -0.65
N VAL P 112 73.70 65.39 -0.39
CA VAL P 112 74.30 65.56 0.92
C VAL P 112 74.22 67.02 1.15
N GLU P 113 74.12 67.47 2.38
CA GLU P 113 73.98 68.88 2.63
C GLU P 113 74.99 69.36 3.62
N GLN P 114 75.42 70.60 3.52
CA GLN P 114 76.45 71.09 4.35
C GLN P 114 75.93 72.16 5.18
N PRO P 115 76.69 72.45 6.32
CA PRO P 115 76.15 73.52 7.13
C PRO P 115 76.15 74.86 6.45
N VAL P 116 75.10 75.66 6.65
CA VAL P 116 74.94 76.96 6.04
C VAL P 116 75.11 77.97 7.14
N HIS P 117 75.89 79.02 6.90
CA HIS P 117 76.17 80.10 7.84
C HIS P 117 75.87 81.43 7.17
N ASN P 118 75.00 82.27 7.71
CA ASN P 118 74.71 83.56 7.07
C ASN P 118 75.26 84.71 7.84
N TYR P 119 76.01 85.58 7.17
CA TYR P 119 76.63 86.75 7.78
C TYR P 119 76.05 88.00 7.21
N MET P 120 75.55 88.89 8.04
CA MET P 120 74.96 90.13 7.58
C MET P 120 75.30 91.30 8.46
N THR P 121 75.20 92.50 7.92
CA THR P 121 75.41 93.73 8.65
C THR P 121 74.19 94.55 8.34
N LYS P 122 73.67 95.22 9.32
CA LYS P 122 72.50 96.02 9.12
C LYS P 122 72.87 97.41 9.48
N VAL P 123 72.37 98.37 8.75
CA VAL P 123 72.70 99.75 9.10
C VAL P 123 71.72 100.64 9.91
N ILE P 124 72.25 101.54 10.70
CA ILE P 124 71.49 102.44 11.52
C ILE P 124 71.09 103.64 10.72
N ASP P 125 69.85 104.09 10.86
CA ASP P 125 69.35 105.27 10.17
C ASP P 125 68.93 106.37 11.13
N ARG P 126 69.00 107.60 10.64
CA ARG P 126 69.16 108.81 11.43
C ARG P 126 67.91 109.68 11.42
N ARG P 127 67.52 110.14 12.59
CA ARG P 127 66.40 111.07 12.76
C ARG P 127 66.74 112.04 13.87
N ALA P 128 66.09 113.20 13.86
CA ALA P 128 66.29 114.18 14.91
C ALA P 128 64.98 114.88 15.21
N LEU P 129 64.67 115.06 16.48
CA LEU P 129 63.40 115.68 16.88
C LEU P 129 63.58 117.18 17.12
N ASN P 130 62.56 117.96 16.76
CA ASN P 130 62.69 119.41 16.77
C ASN P 130 61.54 120.07 17.51
N ALA P 131 61.87 120.96 18.44
CA ALA P 131 60.90 121.77 19.15
C ALA P 131 61.50 123.14 19.45
N ALA P 132 60.68 124.19 19.35
CA ALA P 132 61.13 125.57 19.48
C ALA P 132 60.22 126.34 20.40
N PHE P 133 60.68 127.48 20.87
CA PHE P 133 59.86 128.32 21.70
C PHE P 133 60.36 129.73 21.64
N SER P 134 59.51 130.68 21.96
CA SER P 134 59.89 132.06 21.88
C SER P 134 59.85 132.85 23.16
N LEU P 135 60.59 133.95 23.14
CA LEU P 135 60.65 134.94 24.16
C LEU P 135 60.26 136.08 23.29
N ALA P 136 59.35 136.95 23.70
CA ALA P 136 58.93 138.08 22.85
C ALA P 136 59.86 139.23 22.96
N THR P 137 59.56 140.29 22.25
CA THR P 137 60.41 141.45 22.28
C THR P 137 60.46 142.04 23.68
N GLU P 138 59.30 142.14 24.33
CA GLU P 138 59.12 142.71 25.66
C GLU P 138 59.41 141.69 26.74
N ALA P 139 59.24 140.40 26.45
CA ALA P 139 59.64 139.37 27.40
C ALA P 139 61.12 139.47 27.69
N ILE P 140 61.96 139.20 26.69
CA ILE P 140 63.41 139.20 26.89
C ILE P 140 63.86 140.49 27.57
N ALA P 141 63.31 141.63 27.16
CA ALA P 141 63.70 142.90 27.74
C ALA P 141 63.57 142.88 29.25
N LEU P 142 62.45 142.38 29.74
CA LEU P 142 62.26 142.23 31.18
C LEU P 142 63.26 141.26 31.77
N LEU P 143 63.61 140.21 31.01
CA LEU P 143 64.48 139.16 31.54
C LEU P 143 65.94 139.55 31.53
N THR P 144 66.36 140.38 30.58
CA THR P 144 67.75 140.73 30.43
C THR P 144 68.18 141.73 31.47
N GLY P 145 67.30 142.10 32.38
CA GLY P 145 67.56 143.12 33.35
C GLY P 145 67.11 144.50 32.92
N GLU P 146 66.51 144.61 31.73
CA GLU P 146 65.98 145.85 31.20
C GLU P 146 64.47 145.85 31.36
N ALA P 147 63.84 146.92 30.86
CA ALA P 147 62.39 147.09 30.88
C ALA P 147 61.81 146.92 32.27
N LEU P 148 62.59 147.02 33.32
CA LEU P 148 61.92 146.69 34.54
C LEU P 148 61.94 147.88 35.39
N ASP P 149 61.04 148.79 35.06
CA ASP P 149 60.99 150.02 35.84
C ASP P 149 60.86 149.53 37.20
N GLY P 150 61.47 150.17 38.15
CA GLY P 150 61.53 149.63 39.48
C GLY P 150 60.19 149.46 40.05
N THR P 151 59.21 149.98 39.40
CA THR P 151 57.84 149.93 39.91
C THR P 151 57.48 148.60 40.32
N GLY P 152 56.98 148.46 41.50
CA GLY P 152 56.64 147.09 41.78
C GLY P 152 55.68 146.49 40.78
N ILE P 153 55.05 147.33 39.96
CA ILE P 153 54.26 146.80 38.85
C ILE P 153 55.17 146.19 37.81
N SER P 154 56.26 146.84 37.46
CA SER P 154 57.15 146.32 36.42
C SER P 154 58.10 145.26 36.97
N LEU P 155 58.45 145.30 38.25
CA LEU P 155 58.97 144.07 38.83
C LEU P 155 57.97 142.97 38.61
N HIS P 156 56.72 143.21 38.93
CA HIS P 156 55.68 142.24 38.66
C HIS P 156 55.59 141.88 37.18
N ARG P 157 56.13 142.72 36.31
CA ARG P 157 56.21 142.32 34.91
C ARG P 157 57.37 141.40 34.66
N GLN P 158 58.53 141.66 35.27
CA GLN P 158 59.60 140.68 35.16
C GLN P 158 59.22 139.37 35.83
N LEU P 159 58.53 139.44 36.96
CA LEU P 159 58.02 138.23 37.57
C LEU P 159 57.24 137.43 36.57
N ARG P 160 56.22 138.03 35.96
CA ARG P 160 55.40 137.26 35.05
C ARG P 160 56.12 136.85 33.78
N ALA P 161 57.20 137.54 33.41
CA ALA P 161 57.95 137.15 32.22
C ALA P 161 58.88 135.99 32.50
N ILE P 162 59.55 136.01 33.64
CA ILE P 162 60.21 134.81 34.15
C ILE P 162 59.25 133.65 34.22
N GLN P 163 58.02 133.89 34.65
CA GLN P 163 57.08 132.79 34.83
C GLN P 163 56.62 132.25 33.48
N GLN P 164 56.62 133.07 32.44
CA GLN P 164 56.23 132.54 31.14
C GLN P 164 57.35 131.78 30.46
N LEU P 165 58.61 132.11 30.76
CA LEU P 165 59.73 131.34 30.22
C LEU P 165 59.78 129.96 30.83
N ALA P 166 59.50 129.85 32.13
CA ALA P 166 59.48 128.56 32.77
C ALA P 166 58.44 127.66 32.15
N ARG P 167 57.23 128.17 31.94
CA ARG P 167 56.19 127.36 31.33
C ARG P 167 56.63 126.81 29.98
N ASN P 168 57.39 127.57 29.21
CA ASN P 168 57.79 127.11 27.90
C ASN P 168 58.94 126.13 27.97
N VAL P 169 59.87 126.32 28.90
CA VAL P 169 60.92 125.31 29.08
C VAL P 169 60.33 124.03 29.66
N GLN P 170 59.16 124.10 30.30
CA GLN P 170 58.47 122.87 30.67
C GLN P 170 57.99 122.12 29.45
N ALA P 171 57.40 122.83 28.50
CA ALA P 171 56.72 122.17 27.42
C ALA P 171 57.69 121.62 26.40
N VAL P 172 58.84 122.26 26.21
CA VAL P 172 59.75 121.73 25.20
C VAL P 172 60.62 120.63 25.75
N LEU P 173 60.74 120.50 27.06
CA LEU P 173 61.41 119.34 27.60
C LEU P 173 60.49 118.13 27.67
N GLY P 174 59.22 118.34 27.91
CA GLY P 174 58.30 117.25 27.81
C GLY P 174 57.92 116.89 26.40
N ALA P 175 58.46 117.58 25.42
CA ALA P 175 58.24 117.26 24.02
C ALA P 175 59.12 116.11 23.56
N PHE P 176 60.33 116.03 24.08
CA PHE P 176 61.21 114.95 23.69
C PHE P 176 60.90 113.68 24.43
N GLU P 177 60.19 113.77 25.55
CA GLU P 177 59.70 112.58 26.23
C GLU P 177 58.44 112.05 25.57
N ARG P 178 57.67 112.91 24.93
CA ARG P 178 56.59 112.48 24.05
C ARG P 178 57.04 112.27 22.63
N GLY P 179 58.19 112.80 22.26
CA GLY P 179 58.67 112.60 20.92
C GLY P 179 59.30 111.25 20.75
N THR P 180 59.86 110.69 21.83
CA THR P 180 60.34 109.32 21.77
C THR P 180 59.20 108.35 21.47
N ALA P 181 58.16 108.39 22.29
CA ALA P 181 57.06 107.46 22.10
C ALA P 181 56.35 107.71 20.79
N ASP P 182 56.39 108.93 20.29
CA ASP P 182 55.83 109.17 18.98
C ASP P 182 56.80 108.79 17.89
N GLN P 183 58.10 108.97 18.12
CA GLN P 183 59.12 108.53 17.19
C GLN P 183 59.16 107.03 17.10
N MET P 184 58.84 106.34 18.21
CA MET P 184 58.94 104.90 18.27
C MET P 184 57.74 104.22 17.63
N LEU P 185 56.54 104.78 17.74
CA LEU P 185 55.45 104.23 16.95
C LEU P 185 55.78 104.23 15.47
N HIS P 186 56.34 105.31 14.97
CA HIS P 186 56.57 105.40 13.54
C HIS P 186 57.60 104.42 13.05
N VAL P 187 58.60 104.09 13.87
CA VAL P 187 59.60 103.16 13.40
C VAL P 187 59.07 101.75 13.46
N LEU P 188 58.22 101.45 14.43
CA LEU P 188 57.61 100.14 14.52
C LEU P 188 56.57 99.98 13.44
N LEU P 189 55.89 101.05 13.09
CA LEU P 189 54.87 100.96 12.05
C LEU P 189 55.46 100.97 10.66
N GLU P 190 56.65 101.53 10.49
CA GLU P 190 57.35 101.56 9.21
C GLU P 190 57.75 100.17 8.81
N LYS P 191 58.15 99.38 9.78
CA LYS P 191 58.51 98.01 9.52
C LYS P 191 57.40 97.25 10.18
N ALA P 192 56.63 96.49 9.44
CA ALA P 192 55.51 95.75 9.96
C ALA P 192 54.63 95.43 8.82
N PRO P 193 54.60 94.18 8.39
CA PRO P 193 53.71 93.87 7.30
C PRO P 193 52.29 93.86 7.77
N PRO P 194 51.25 93.99 6.86
CA PRO P 194 49.91 93.89 7.46
C PRO P 194 49.70 92.46 7.91
N LEU P 195 48.91 92.12 8.91
CA LEU P 195 48.79 90.73 9.35
C LEU P 195 48.20 89.94 8.28
N ALA P 196 47.32 90.49 7.52
CA ALA P 196 46.70 89.75 6.44
C ALA P 196 47.74 89.18 5.50
N LEU P 197 48.77 89.95 5.20
CA LEU P 197 49.84 89.46 4.35
C LEU P 197 50.85 88.60 5.10
N LEU P 198 51.13 88.91 6.36
CA LEU P 198 52.19 88.18 7.05
C LEU P 198 51.75 86.77 7.42
N LEU P 199 50.46 86.53 7.58
CA LEU P 199 50.02 85.17 7.93
C LEU P 199 50.36 84.16 6.85
N PRO P 200 49.90 84.30 5.59
CA PRO P 200 50.25 83.28 4.59
C PRO P 200 51.73 83.24 4.34
N MET P 201 52.37 84.40 4.39
CA MET P 201 53.80 84.50 4.18
C MET P 201 54.51 83.50 5.05
N GLN P 202 54.36 83.68 6.36
CA GLN P 202 55.07 82.88 7.35
C GLN P 202 54.84 81.37 7.18
N ARG P 203 53.80 80.96 6.48
CA ARG P 203 53.63 79.53 6.22
C ARG P 203 54.65 79.03 5.21
N TYR P 204 54.95 79.81 4.19
CA TYR P 204 55.93 79.39 3.21
C TYR P 204 57.34 79.67 3.68
N LEU P 205 57.49 80.62 4.54
CA LEU P 205 58.76 81.02 5.00
C LEU P 205 59.35 79.92 5.76
N ASP P 206 58.55 79.00 6.25
CA ASP P 206 59.10 77.85 6.94
C ASP P 206 58.67 76.55 6.22
N ASN P 207 59.32 76.29 5.08
CA ASN P 207 59.10 75.14 4.21
C ASN P 207 60.43 74.65 3.66
N GLY P 208 61.04 75.54 2.89
CA GLY P 208 62.36 75.54 2.31
C GLY P 208 62.82 76.95 1.95
N THR P 212 59.98 76.33 -6.96
CA THR P 212 59.68 77.45 -6.09
C THR P 212 59.06 78.59 -6.87
N ARG P 213 58.93 78.43 -8.18
CA ARG P 213 58.18 79.40 -8.94
C ARG P 213 56.69 79.18 -8.81
N VAL P 214 56.29 77.93 -8.66
CA VAL P 214 54.90 77.57 -8.40
C VAL P 214 54.56 77.83 -6.95
N ALA P 215 55.47 77.54 -6.04
CA ALA P 215 55.23 77.79 -4.63
C ALA P 215 55.00 79.26 -4.38
N ARG P 216 55.68 80.10 -5.15
CA ARG P 216 55.47 81.53 -5.05
C ARG P 216 54.12 81.93 -5.60
N ALA P 217 53.67 81.28 -6.68
CA ALA P 217 52.38 81.61 -7.27
C ALA P 217 51.24 81.21 -6.36
N THR P 218 51.32 80.05 -5.75
CA THR P 218 50.30 79.65 -4.80
C THR P 218 50.35 80.50 -3.54
N LEU P 219 51.53 81.00 -3.20
CA LEU P 219 51.65 82.03 -2.16
C LEU P 219 50.86 83.26 -2.53
N VAL P 220 51.27 83.92 -3.61
CA VAL P 220 50.64 85.16 -4.05
C VAL P 220 49.12 85.03 -4.07
N ALA P 221 48.62 83.88 -4.50
CA ALA P 221 47.18 83.70 -4.54
C ALA P 221 46.58 83.67 -3.14
N GLU P 222 47.34 83.30 -2.13
CA GLU P 222 46.86 83.33 -0.76
C GLU P 222 46.86 84.74 -0.21
N LEU P 223 47.87 85.53 -0.55
CA LEU P 223 47.96 86.88 -0.04
C LEU P 223 46.80 87.74 -0.52
N LYS P 224 46.44 87.63 -1.79
CA LYS P 224 45.25 88.32 -2.28
C LYS P 224 44.04 87.98 -1.43
N ARG P 225 43.77 86.70 -1.28
CA ARG P 225 42.64 86.17 -0.53
C ARG P 225 42.63 86.64 0.90
N SER P 226 43.64 86.24 1.67
CA SER P 226 43.67 86.57 3.09
C SER P 226 43.66 88.06 3.34
N PHE P 227 44.16 88.86 2.41
CA PHE P 227 44.06 90.30 2.60
C PHE P 227 42.63 90.76 2.40
N CYS P 228 42.01 90.34 1.32
CA CYS P 228 40.62 90.68 1.07
C CYS P 228 39.68 90.06 2.07
N ASP P 229 40.15 89.09 2.86
CA ASP P 229 39.32 88.43 3.87
C ASP P 229 39.60 88.93 5.27
N THR P 230 40.81 88.73 5.75
CA THR P 230 41.13 88.92 7.14
C THR P 230 41.51 90.35 7.47
N SER P 231 41.47 91.27 6.52
CA SER P 231 41.65 92.66 6.89
C SER P 231 40.36 93.18 7.50
N PHE P 232 40.50 94.10 8.43
CA PHE P 232 39.38 94.63 9.21
C PHE P 232 38.66 93.54 9.98
N PHE P 233 39.39 92.50 10.34
CA PHE P 233 38.79 91.29 10.87
C PHE P 233 37.96 91.58 12.10
N LEU P 234 38.38 92.52 12.91
CA LEU P 234 37.58 92.98 14.03
C LEU P 234 36.71 94.11 13.53
N GLY P 235 35.40 93.92 13.55
CA GLY P 235 34.50 94.75 12.79
C GLY P 235 33.89 94.03 11.62
N LYS P 236 34.48 92.93 11.18
CA LYS P 236 33.83 91.92 10.37
C LYS P 236 33.37 90.76 11.24
N ALA P 237 34.32 90.10 11.87
CA ALA P 237 34.08 88.94 12.72
C ALA P 237 33.82 89.30 14.17
N GLY P 238 33.70 90.60 14.48
CA GLY P 238 33.73 91.07 15.86
C GLY P 238 32.72 90.43 16.78
N HIS P 239 31.68 89.82 16.22
CA HIS P 239 30.72 89.13 17.07
C HIS P 239 31.21 87.76 17.50
N ARG P 240 32.00 87.09 16.67
CA ARG P 240 32.40 85.72 16.95
C ARG P 240 33.53 85.72 17.96
N ARG P 241 33.27 85.17 19.14
CA ARG P 241 34.26 85.24 20.19
C ARG P 241 35.46 84.35 19.89
N GLU P 242 35.21 83.14 19.39
CA GLU P 242 36.31 82.25 19.08
C GLU P 242 37.20 82.80 17.98
N ALA P 243 36.60 83.52 17.03
CA ALA P 243 37.38 84.09 15.94
C ALA P 243 38.35 85.13 16.44
N ILE P 244 37.92 85.98 17.35
CA ILE P 244 38.82 87.03 17.81
C ILE P 244 39.72 86.54 18.93
N GLU P 245 39.42 85.43 19.58
CA GLU P 245 40.42 84.85 20.47
C GLU P 245 41.60 84.34 19.67
N ALA P 246 41.33 83.60 18.60
CA ALA P 246 42.36 83.02 17.77
C ALA P 246 42.99 84.03 16.83
N TRP P 247 42.40 85.19 16.68
CA TRP P 247 43.01 86.24 15.89
C TRP P 247 44.10 86.96 16.67
N LEU P 248 43.87 87.16 17.97
CA LEU P 248 44.86 87.74 18.84
C LEU P 248 46.03 86.81 19.08
N VAL P 249 45.84 85.52 18.90
CA VAL P 249 46.97 84.61 18.98
C VAL P 249 47.77 84.63 17.70
N ASP P 250 47.11 84.77 16.55
CA ASP P 250 47.86 84.99 15.31
C ASP P 250 48.70 86.24 15.41
N LEU P 251 48.06 87.36 15.75
CA LEU P 251 48.75 88.63 15.83
C LEU P 251 49.99 88.53 16.70
N THR P 252 49.85 87.87 17.83
CA THR P 252 50.92 87.85 18.81
C THR P 252 52.00 86.83 18.49
N THR P 253 51.63 85.72 17.85
CA THR P 253 52.57 84.66 17.55
C THR P 253 53.12 84.72 16.14
N ALA P 254 52.76 85.73 15.37
CA ALA P 254 53.26 85.82 14.00
C ALA P 254 54.69 86.34 13.95
N THR P 255 55.13 87.07 14.97
CA THR P 255 56.44 87.67 14.91
C THR P 255 57.48 86.73 15.51
N GLN P 256 58.74 87.13 15.38
CA GLN P 256 59.86 86.27 15.75
C GLN P 256 60.69 86.93 16.84
N PRO P 257 60.84 86.31 18.01
CA PRO P 257 61.63 86.93 19.07
C PRO P 257 63.00 87.30 18.57
N SER P 258 63.48 88.46 18.99
CA SER P 258 64.57 89.07 18.24
C SER P 258 65.93 88.74 18.79
N VAL P 259 66.26 89.32 19.94
CA VAL P 259 67.59 89.18 20.52
C VAL P 259 67.44 89.25 22.02
N ALA P 260 68.38 88.61 22.71
CA ALA P 260 68.30 88.51 24.16
C ALA P 260 69.07 89.65 24.79
N VAL P 261 68.34 90.56 25.43
CA VAL P 261 68.93 91.69 26.14
C VAL P 261 68.59 91.52 27.61
N PRO P 262 69.57 91.16 28.45
CA PRO P 262 69.26 90.91 29.86
C PRO P 262 68.93 92.16 30.65
N ARG P 263 69.25 93.33 30.11
CA ARG P 263 69.02 94.61 30.74
C ARG P 263 67.59 95.11 30.55
N LEU P 264 66.87 94.51 29.62
CA LEU P 264 65.51 94.91 29.36
C LEU P 264 64.62 94.08 30.25
N THR P 265 64.79 94.28 31.54
CA THR P 265 63.97 93.58 32.52
C THR P 265 62.63 94.31 32.63
N HIS P 266 62.41 95.18 31.65
CA HIS P 266 61.36 96.11 31.44
C HIS P 266 60.14 95.29 31.36
N ALA P 267 60.34 94.00 31.31
CA ALA P 267 59.15 93.20 31.25
C ALA P 267 59.20 92.33 32.45
N ASP P 268 58.34 92.60 33.40
CA ASP P 268 58.26 91.77 34.55
C ASP P 268 56.97 92.14 35.17
N THR P 269 56.33 91.19 35.79
CA THR P 269 55.13 91.51 36.47
C THR P 269 55.12 90.33 37.45
N ARG P 270 55.35 90.60 38.73
CA ARG P 270 55.41 89.55 39.76
C ARG P 270 56.49 88.56 39.33
N GLY P 271 57.42 89.06 38.53
CA GLY P 271 58.60 88.33 38.14
C GLY P 271 58.48 87.70 36.78
N ARG P 272 57.27 87.47 36.28
CA ARG P 272 57.18 86.85 34.99
C ARG P 272 57.62 87.86 34.04
N PRO P 273 58.37 87.53 33.00
CA PRO P 273 58.71 88.66 32.14
C PRO P 273 57.72 88.92 31.01
N VAL P 274 57.61 90.19 30.65
CA VAL P 274 56.74 90.69 29.59
C VAL P 274 57.54 90.76 28.31
N ASP P 275 57.06 90.08 27.28
CA ASP P 275 57.80 89.95 26.04
C ASP P 275 57.32 90.83 24.88
N GLY P 276 56.33 91.69 25.05
CA GLY P 276 55.96 92.50 23.91
C GLY P 276 54.86 93.48 24.26
N VAL P 277 54.63 94.40 23.33
CA VAL P 277 53.65 95.45 23.47
C VAL P 277 52.52 95.18 22.50
N LEU P 278 51.33 95.62 22.86
CA LEU P 278 50.22 95.68 21.93
C LEU P 278 49.66 97.10 22.00
N VAL P 279 49.90 97.91 21.00
CA VAL P 279 49.43 99.28 21.04
C VAL P 279 48.18 99.33 20.19
N THR P 280 47.24 100.18 20.58
CA THR P 280 45.89 100.05 20.09
C THR P 280 45.23 101.43 20.16
N THR P 281 44.01 101.51 19.68
CA THR P 281 43.16 102.67 19.91
C THR P 281 42.39 102.45 21.20
N ALA P 282 42.17 103.54 21.93
CA ALA P 282 41.50 103.45 23.23
C ALA P 282 40.15 102.80 23.14
N ALA P 283 39.49 102.89 21.98
CA ALA P 283 38.19 102.24 21.80
C ALA P 283 38.36 100.76 21.52
N ILE P 284 39.35 100.40 20.72
CA ILE P 284 39.62 99.00 20.46
C ILE P 284 40.20 98.33 21.70
N LYS P 285 41.00 99.05 22.48
CA LYS P 285 41.48 98.46 23.72
C LYS P 285 40.34 98.13 24.65
N GLN P 286 39.45 99.10 24.89
CA GLN P 286 38.22 98.88 25.63
C GLN P 286 37.46 97.67 25.14
N ARG P 287 37.02 97.72 23.88
CA ARG P 287 36.32 96.61 23.26
C ARG P 287 37.00 95.27 23.49
N LEU P 288 38.32 95.23 23.32
CA LEU P 288 39.04 93.97 23.49
C LEU P 288 39.07 93.54 24.94
N LEU P 289 39.38 94.47 25.83
CA LEU P 289 39.62 94.20 27.24
C LEU P 289 38.34 94.02 28.02
N GLN P 290 37.19 94.16 27.39
CA GLN P 290 35.90 93.97 28.02
C GLN P 290 35.34 92.58 27.74
N SER P 291 35.09 92.37 26.44
CA SER P 291 34.77 91.12 25.78
C SER P 291 35.83 89.99 25.50
N PHE P 292 37.06 90.29 25.00
CA PHE P 292 37.99 89.18 24.66
C PHE P 292 39.20 88.72 25.50
N LEU P 293 40.02 89.61 25.96
CA LEU P 293 41.11 89.17 26.74
C LEU P 293 40.99 90.04 27.92
N LYS P 294 39.92 89.83 28.65
CA LYS P 294 39.62 90.61 29.86
C LYS P 294 40.57 89.91 30.76
N VAL P 295 41.81 90.22 30.50
CA VAL P 295 42.92 89.56 31.12
C VAL P 295 43.91 90.51 31.72
N GLU P 296 43.48 91.61 32.32
CA GLU P 296 44.46 92.57 32.79
C GLU P 296 45.17 91.82 33.88
N ASP P 297 45.78 90.75 33.39
CA ASP P 297 46.57 89.80 34.10
C ASP P 297 47.24 90.49 35.25
N THR P 298 47.65 91.72 35.07
CA THR P 298 48.34 92.48 36.09
C THR P 298 48.17 93.96 35.82
N GLU P 299 48.03 94.70 36.91
CA GLU P 299 47.73 96.12 36.85
C GLU P 299 48.95 97.00 37.10
N ALA P 300 50.12 96.42 37.34
CA ALA P 300 51.34 97.18 37.53
C ALA P 300 52.53 96.26 37.24
N ASP P 301 53.64 96.85 36.83
CA ASP P 301 54.84 96.09 36.50
C ASP P 301 56.11 96.85 36.61
N VAL P 302 57.21 96.13 36.57
CA VAL P 302 58.51 96.71 36.73
C VAL P 302 59.44 97.13 35.56
N PRO P 303 59.13 98.27 34.81
CA PRO P 303 60.10 98.66 33.79
C PRO P 303 61.41 99.21 34.34
N VAL P 304 62.39 99.44 33.50
CA VAL P 304 63.76 99.85 33.85
C VAL P 304 64.14 101.30 33.32
N THR P 305 65.44 101.69 33.47
CA THR P 305 66.14 102.96 33.03
C THR P 305 67.13 102.97 31.78
N TYR P 306 67.63 104.14 31.32
CA TYR P 306 68.48 104.21 30.08
C TYR P 306 69.89 103.76 30.13
N GLY P 307 70.22 102.85 29.25
CA GLY P 307 71.55 102.30 29.11
C GLY P 307 72.32 103.43 28.52
N GLU P 308 73.62 103.36 28.52
CA GLU P 308 74.50 104.42 28.03
C GLU P 308 75.69 103.90 27.25
N MET P 309 75.97 104.54 26.12
CA MET P 309 77.09 104.19 25.27
C MET P 309 78.07 105.36 25.20
N VAL P 310 79.23 105.23 25.82
CA VAL P 310 80.17 106.32 25.95
C VAL P 310 81.40 106.03 25.10
N LEU P 311 81.96 107.07 24.54
CA LEU P 311 83.08 106.98 23.62
C LEU P 311 84.28 107.59 24.33
N ASN P 312 85.19 106.76 24.81
CA ASN P 312 86.37 107.24 25.51
C ASN P 312 87.42 106.15 25.55
N GLY P 313 88.54 106.44 26.18
CA GLY P 313 89.64 105.50 26.17
C GLY P 313 90.15 105.31 24.77
N ALA P 314 90.53 104.08 24.43
CA ALA P 314 91.02 103.81 23.09
C ALA P 314 89.90 103.95 22.07
N ASN P 315 88.65 103.97 22.52
CA ASN P 315 87.54 104.07 21.60
C ASN P 315 87.30 105.51 21.15
N LEU P 316 87.46 106.49 22.04
CA LEU P 316 87.40 107.89 21.60
C LEU P 316 88.57 108.22 20.71
N VAL P 317 89.78 107.81 21.13
CA VAL P 317 90.91 107.83 20.22
C VAL P 317 90.52 107.18 18.91
N THR P 318 89.77 106.08 18.98
CA THR P 318 89.28 105.46 17.77
C THR P 318 88.25 106.32 17.07
N ALA P 319 87.47 107.07 17.82
CA ALA P 319 86.45 107.92 17.21
C ALA P 319 87.06 109.12 16.50
N LEU P 320 88.11 109.68 17.06
CA LEU P 320 88.77 110.84 16.46
C LEU P 320 89.82 110.36 15.46
N VAL P 321 90.84 109.66 15.96
CA VAL P 321 91.91 109.18 15.10
C VAL P 321 91.34 108.26 14.04
N MET P 322 90.81 107.11 14.45
CA MET P 322 90.42 106.12 13.46
C MET P 322 89.15 106.50 12.72
N GLY P 323 88.38 107.44 13.23
CA GLY P 323 87.11 107.73 12.58
C GLY P 323 86.26 106.50 12.47
N LYS P 324 86.50 105.53 13.33
CA LYS P 324 85.73 104.30 13.44
C LYS P 324 85.55 104.05 14.93
N ALA P 325 84.99 102.91 15.29
CA ALA P 325 84.80 102.60 16.69
C ALA P 325 84.15 101.24 16.76
N VAL P 326 84.32 100.61 17.92
CA VAL P 326 83.69 99.33 18.20
C VAL P 326 83.11 99.44 19.59
N ARG P 327 81.81 99.30 19.70
CA ARG P 327 81.22 99.23 21.02
C ARG P 327 81.86 98.08 21.78
N SER P 328 82.32 98.37 23.00
CA SER P 328 82.98 97.40 23.87
C SER P 328 84.41 97.11 23.43
N LEU P 329 84.94 97.83 22.45
CA LEU P 329 86.26 97.61 21.89
C LEU P 329 87.28 97.29 22.96
N ASP P 330 87.13 97.93 24.10
CA ASP P 330 88.00 97.62 25.23
C ASP P 330 87.93 96.15 25.59
N ASP P 331 86.72 95.60 25.74
CA ASP P 331 86.56 94.17 26.00
C ASP P 331 86.89 93.37 24.76
N VAL P 332 86.25 93.70 23.63
CA VAL P 332 86.53 93.02 22.37
C VAL P 332 88.03 92.91 22.15
N GLY P 333 88.77 93.95 22.47
CA GLY P 333 90.19 93.82 22.33
C GLY P 333 90.74 92.75 23.24
N ARG P 334 90.57 92.90 24.55
CA ARG P 334 91.24 92.00 25.48
C ARG P 334 90.78 90.55 25.30
N HIS P 335 89.58 90.36 24.78
CA HIS P 335 89.18 88.99 24.47
C HIS P 335 89.99 88.44 23.32
N LEU P 336 90.10 89.19 22.23
CA LEU P 336 90.97 88.76 21.13
C LEU P 336 92.40 88.63 21.60
N LEU P 337 92.85 89.55 22.44
CA LEU P 337 94.10 89.42 23.16
C LEU P 337 94.15 88.11 23.94
N ASP P 338 93.28 87.93 24.95
CA ASP P 338 93.24 86.65 25.66
C ASP P 338 93.02 85.48 24.71
N MET P 339 92.37 85.72 23.57
CA MET P 339 92.12 84.69 22.58
C MET P 339 93.47 84.23 22.07
N GLN P 340 94.49 85.04 22.30
CA GLN P 340 95.87 84.66 22.07
C GLN P 340 96.44 84.30 23.45
N GLU P 341 96.44 83.00 23.77
CA GLU P 341 96.80 82.51 25.10
C GLU P 341 96.73 81.00 25.23
N GLU P 342 97.08 80.51 26.41
CA GLU P 342 96.91 79.12 26.77
C GLU P 342 96.24 78.98 28.14
N ASN P 347 85.22 77.90 19.53
CA ASN P 347 84.06 78.78 19.44
C ASN P 347 83.24 78.73 20.73
N ARG P 348 81.92 78.67 20.59
CA ARG P 348 80.98 78.55 21.71
C ARG P 348 81.27 79.60 22.78
N GLU P 349 81.14 80.87 22.40
CA GLU P 349 81.36 81.97 23.31
C GLU P 349 80.04 82.37 23.95
N THR P 350 79.96 82.18 25.27
CA THR P 350 78.78 82.51 26.04
C THR P 350 78.87 83.85 26.76
N LEU P 351 79.96 84.60 26.58
CA LEU P 351 80.24 85.72 27.47
C LEU P 351 79.15 86.79 27.42
N ASP P 352 78.92 87.35 26.23
CA ASP P 352 77.89 88.37 26.00
C ASP P 352 77.99 89.54 26.98
N GLU P 353 76.87 89.92 27.58
CA GLU P 353 76.91 91.02 28.53
C GLU P 353 76.64 90.70 30.01
N LEU P 354 77.54 91.20 30.86
CA LEU P 354 77.44 91.09 32.32
C LEU P 354 76.74 92.41 32.65
N GLU P 355 75.56 92.36 33.25
CA GLU P 355 74.85 93.61 33.44
C GLU P 355 74.20 93.94 34.77
N SER P 356 74.11 95.24 34.97
CA SER P 356 73.57 95.76 36.18
C SER P 356 72.11 95.45 36.11
N ALA P 357 71.50 95.24 37.27
CA ALA P 357 70.09 95.03 37.29
C ALA P 357 69.79 96.50 37.36
N PRO P 358 69.30 97.09 36.21
CA PRO P 358 69.09 98.54 36.32
C PRO P 358 68.09 98.76 37.43
N GLN P 359 68.19 99.84 38.19
CA GLN P 359 67.23 100.03 39.28
C GLN P 359 65.90 100.13 38.56
N THR P 360 64.90 99.42 39.03
CA THR P 360 63.65 99.50 38.32
C THR P 360 62.57 99.93 39.24
N THR P 361 61.64 100.71 38.74
CA THR P 361 60.48 101.20 39.48
C THR P 361 59.28 100.36 39.13
N ARG P 362 58.16 100.64 39.78
CA ARG P 362 56.94 99.91 39.53
C ARG P 362 55.88 100.90 39.06
N VAL P 363 55.41 100.72 37.83
CA VAL P 363 54.56 101.71 37.21
C VAL P 363 53.24 101.04 36.86
N ARG P 364 52.30 101.80 36.32
CA ARG P 364 50.97 101.30 35.99
C ARG P 364 50.96 100.86 34.54
N ALA P 365 50.83 99.56 34.34
CA ALA P 365 50.55 98.98 33.04
C ALA P 365 49.36 98.08 33.22
N ASP P 366 48.88 97.49 32.13
CA ASP P 366 47.93 96.39 32.24
C ASP P 366 48.40 95.27 31.33
N LEU P 367 48.75 94.16 31.93
CA LEU P 367 49.42 93.08 31.24
C LEU P 367 48.40 92.00 30.99
N VAL P 368 48.07 91.81 29.74
CA VAL P 368 47.14 90.78 29.32
C VAL P 368 47.95 89.60 28.83
N ALA P 369 47.48 88.40 29.10
CA ALA P 369 48.09 87.19 28.60
C ALA P 369 47.31 86.72 27.39
N ILE P 370 47.97 86.67 26.24
CA ILE P 370 47.32 86.33 24.99
C ILE P 370 47.94 85.04 24.50
N GLY P 371 47.18 83.96 24.56
CA GLY P 371 47.77 82.68 24.31
C GLY P 371 48.70 82.35 25.44
N ASP P 372 49.94 82.04 25.14
CA ASP P 372 50.91 81.80 26.20
C ASP P 372 51.93 82.91 26.13
N ARG P 373 51.73 83.95 26.94
CA ARG P 373 52.53 85.15 26.80
C ARG P 373 52.09 86.27 27.72
N LEU P 374 52.98 87.21 28.03
CA LEU P 374 52.58 88.46 28.66
C LEU P 374 52.81 89.61 27.71
N VAL P 375 51.80 90.41 27.49
CA VAL P 375 51.93 91.48 26.56
C VAL P 375 51.48 92.71 27.28
N PHE P 376 51.80 93.89 26.76
CA PHE P 376 51.39 95.11 27.36
C PHE P 376 50.27 95.57 26.50
N LEU P 377 49.03 95.59 26.98
CA LEU P 377 47.95 96.10 26.18
C LEU P 377 48.14 97.58 26.28
N GLU P 378 47.55 98.39 25.42
CA GLU P 378 47.86 99.80 25.53
C GLU P 378 47.19 100.62 24.46
N ALA P 379 46.92 101.89 24.79
CA ALA P 379 46.47 102.92 23.87
C ALA P 379 46.99 104.24 24.41
N LEU P 380 47.65 105.01 23.56
CA LEU P 380 48.44 106.16 23.98
C LEU P 380 47.80 107.52 23.76
N GLU P 381 46.58 107.62 23.26
CA GLU P 381 46.07 108.96 22.93
C GLU P 381 45.95 109.85 24.15
N LYS P 382 45.20 109.40 25.15
CA LYS P 382 44.98 110.27 26.30
C LYS P 382 46.30 110.57 26.99
N ARG P 383 47.11 109.55 27.25
CA ARG P 383 48.37 109.78 27.94
C ARG P 383 49.25 110.73 27.16
N ILE P 384 49.70 110.30 25.97
CA ILE P 384 50.61 111.12 25.17
C ILE P 384 50.15 111.98 23.99
N TYR P 385 49.21 111.53 23.18
CA TYR P 385 48.78 112.32 22.02
C TYR P 385 47.55 113.14 22.23
N ALA P 386 47.06 113.23 23.45
CA ALA P 386 45.78 113.86 23.77
C ALA P 386 45.42 115.30 23.49
N ALA P 387 46.26 116.28 23.73
CA ALA P 387 45.82 117.65 23.49
C ALA P 387 46.82 118.34 22.67
N THR P 388 47.69 117.56 22.04
CA THR P 388 48.84 118.07 21.30
C THR P 388 48.61 118.28 19.82
N ASN P 389 47.42 117.98 19.28
CA ASN P 389 47.06 118.22 17.88
C ASN P 389 47.82 117.35 16.89
N VAL P 390 48.74 116.51 17.36
CA VAL P 390 49.44 115.56 16.51
C VAL P 390 48.53 114.35 16.31
N PRO P 391 48.42 113.82 15.10
CA PRO P 391 47.60 112.63 14.90
C PRO P 391 48.22 111.40 15.54
N TYR P 392 47.37 110.60 16.13
CA TYR P 392 47.79 109.34 16.68
C TYR P 392 48.10 108.39 15.55
N PRO P 393 49.27 107.73 15.55
CA PRO P 393 49.66 106.95 14.37
C PRO P 393 48.80 105.74 14.14
N LEU P 394 48.18 105.19 15.17
CA LEU P 394 47.46 103.95 15.00
C LEU P 394 46.04 104.15 14.55
N VAL P 395 45.65 105.37 14.22
CA VAL P 395 44.49 105.57 13.39
C VAL P 395 45.06 105.88 12.01
N GLY P 396 44.96 104.92 11.12
CA GLY P 396 45.64 104.96 9.85
C GLY P 396 44.73 105.35 8.73
N ALA P 397 45.13 105.00 7.52
CA ALA P 397 44.32 105.23 6.35
C ALA P 397 44.64 104.13 5.35
N MET P 398 43.73 103.95 4.41
CA MET P 398 43.82 102.86 3.46
C MET P 398 43.27 103.34 2.14
N ASP P 399 43.97 103.00 1.06
CA ASP P 399 43.54 103.35 -0.28
C ASP P 399 43.07 102.12 -1.01
N LEU P 400 41.88 102.19 -1.59
CA LEU P 400 41.34 101.09 -2.34
C LEU P 400 40.83 101.60 -3.67
N THR P 401 41.22 100.93 -4.74
CA THR P 401 40.77 101.28 -6.07
C THR P 401 39.61 100.37 -6.42
N PHE P 402 38.52 100.96 -6.84
CA PHE P 402 37.31 100.24 -7.18
C PHE P 402 37.09 100.39 -8.66
N VAL P 403 36.50 99.38 -9.29
CA VAL P 403 36.28 99.39 -10.72
C VAL P 403 34.85 99.00 -11.01
N LEU P 404 34.25 99.68 -11.99
CA LEU P 404 32.89 99.50 -12.40
C LEU P 404 32.87 99.23 -13.91
N PRO P 405 32.05 98.30 -14.40
CA PRO P 405 31.81 98.25 -15.85
C PRO P 405 30.75 99.26 -16.23
N LEU P 406 30.92 99.87 -17.39
CA LEU P 406 29.89 100.76 -17.84
C LEU P 406 29.68 100.55 -19.33
N GLY P 407 28.47 100.21 -19.72
CA GLY P 407 28.13 100.06 -21.10
C GLY P 407 28.33 98.67 -21.66
N LEU P 408 28.92 97.75 -20.89
CA LEU P 408 29.27 96.47 -21.44
C LEU P 408 28.00 95.66 -21.68
N PHE P 409 28.16 94.43 -22.16
CA PHE P 409 27.06 93.72 -22.79
C PHE P 409 27.08 92.25 -22.42
N ASN P 410 25.95 91.72 -21.99
CA ASN P 410 25.90 90.38 -21.42
C ASN P 410 26.33 89.32 -22.42
N PRO P 411 27.24 88.40 -22.04
CA PRO P 411 27.59 87.31 -22.93
C PRO P 411 26.37 86.50 -23.30
N ALA P 412 26.45 85.84 -24.46
CA ALA P 412 25.28 85.25 -25.10
C ALA P 412 24.46 84.39 -24.17
N MET P 413 25.11 83.75 -23.21
CA MET P 413 24.45 82.81 -22.34
C MET P 413 23.92 83.46 -21.07
N GLU P 414 24.30 84.69 -20.79
CA GLU P 414 23.89 85.37 -19.57
C GLU P 414 22.71 86.30 -19.74
N ARG P 415 22.11 86.36 -20.93
CA ARG P 415 21.12 87.38 -21.22
C ARG P 415 19.68 86.90 -21.01
N PHE P 416 19.46 85.81 -20.30
CA PHE P 416 18.13 85.34 -19.97
C PHE P 416 17.45 86.21 -18.91
N ALA P 417 16.24 85.80 -18.52
CA ALA P 417 15.41 86.46 -17.53
C ALA P 417 15.65 85.93 -16.12
N ALA P 418 15.47 84.61 -15.93
CA ALA P 418 15.41 83.85 -14.68
C ALA P 418 14.01 83.56 -14.18
N HIS P 419 13.03 84.17 -14.78
CA HIS P 419 11.62 83.87 -14.63
C HIS P 419 10.90 84.57 -15.73
N ALA P 420 9.69 84.18 -16.05
CA ALA P 420 9.12 84.78 -17.22
C ALA P 420 8.62 86.17 -16.89
N GLY P 421 7.50 86.27 -16.22
CA GLY P 421 7.10 87.57 -15.76
C GLY P 421 7.95 87.95 -14.59
N ASP P 422 8.67 89.06 -14.71
CA ASP P 422 9.22 89.82 -13.60
C ASP P 422 9.97 90.99 -14.18
N LEU P 423 10.10 92.05 -13.40
CA LEU P 423 10.55 93.33 -13.91
C LEU P 423 9.85 93.65 -15.22
N VAL P 424 8.53 93.54 -15.20
CA VAL P 424 7.69 93.55 -16.40
C VAL P 424 7.15 94.96 -16.60
N PRO P 425 7.13 95.45 -17.84
CA PRO P 425 6.60 96.76 -18.13
C PRO P 425 5.05 96.89 -18.10
N ALA P 426 4.46 98.07 -18.02
CA ALA P 426 3.02 98.20 -17.97
C ALA P 426 2.73 97.56 -19.22
N PRO P 427 1.45 97.03 -19.38
CA PRO P 427 1.28 96.31 -20.66
C PRO P 427 1.45 96.94 -21.98
N GLY P 428 1.11 98.16 -22.27
CA GLY P 428 1.41 98.58 -23.63
C GLY P 428 2.82 99.08 -23.85
N HIS P 429 3.62 99.06 -22.81
CA HIS P 429 4.95 99.62 -22.84
C HIS P 429 6.15 98.99 -23.41
N PRO P 430 7.14 99.82 -23.67
CA PRO P 430 8.40 99.40 -24.26
C PRO P 430 9.27 98.90 -23.14
N GLU P 431 9.84 97.72 -23.30
CA GLU P 431 10.67 97.17 -22.27
C GLU P 431 12.03 97.79 -22.43
N PRO P 432 12.45 98.58 -21.37
CA PRO P 432 13.78 99.15 -21.53
C PRO P 432 14.87 98.22 -21.00
N ARG P 433 14.51 97.07 -20.45
CA ARG P 433 15.48 96.13 -20.00
C ARG P 433 16.10 95.35 -21.06
N ALA P 434 15.63 95.44 -22.30
CA ALA P 434 16.20 94.62 -23.34
C ALA P 434 17.30 95.28 -24.07
N PHE P 435 17.32 96.58 -24.03
CA PHE P 435 18.32 97.42 -24.62
C PHE P 435 19.66 97.47 -23.94
N PRO P 436 20.71 97.77 -24.79
CA PRO P 436 22.02 97.86 -24.15
C PRO P 436 22.14 98.90 -23.02
N PRO P 437 22.77 98.58 -21.88
CA PRO P 437 22.88 99.52 -20.75
C PRO P 437 23.85 100.64 -21.07
N ARG P 438 23.40 101.86 -20.89
CA ARG P 438 24.30 103.00 -20.91
C ARG P 438 24.57 103.55 -19.53
N GLN P 439 23.94 103.01 -18.51
CA GLN P 439 24.04 103.54 -17.17
C GLN P 439 24.63 102.54 -16.23
N LEU P 440 24.83 103.00 -15.01
CA LEU P 440 25.30 102.18 -13.93
C LEU P 440 24.80 102.84 -12.66
N PHE P 441 24.37 102.05 -11.70
CA PHE P 441 23.84 102.55 -10.44
C PHE P 441 24.64 101.95 -9.31
N PHE P 442 24.78 102.69 -8.23
CA PHE P 442 25.49 102.18 -7.05
C PHE P 442 25.15 103.09 -5.88
N TRP P 443 25.69 102.77 -4.74
CA TRP P 443 25.39 103.54 -3.60
C TRP P 443 26.55 104.30 -3.32
N GLY P 444 26.38 105.60 -3.38
CA GLY P 444 27.42 106.54 -3.10
C GLY P 444 27.46 106.34 -1.63
N LYS P 445 28.47 106.75 -0.93
CA LYS P 445 28.57 106.55 0.51
C LYS P 445 27.35 107.24 1.03
N ASP P 446 26.86 106.85 2.18
CA ASP P 446 25.68 107.44 2.70
C ASP P 446 24.42 106.82 2.19
N HIS P 447 24.50 105.67 1.52
CA HIS P 447 23.29 104.99 1.11
C HIS P 447 22.39 105.76 0.18
N GLN P 448 22.97 106.50 -0.72
CA GLN P 448 22.23 107.26 -1.66
C GLN P 448 22.61 106.59 -2.85
N VAL P 449 21.66 106.27 -3.65
CA VAL P 449 21.87 105.58 -4.91
C VAL P 449 22.35 106.61 -5.91
N LEU P 450 23.39 106.27 -6.65
CA LEU P 450 24.07 107.19 -7.55
C LEU P 450 24.10 106.55 -8.92
N ARG P 451 24.59 107.29 -9.90
CA ARG P 451 24.63 106.79 -11.24
C ARG P 451 25.74 107.37 -12.11
N LEU P 452 26.21 106.55 -13.04
CA LEU P 452 27.20 106.92 -14.00
C LEU P 452 26.49 106.56 -15.26
N SER P 453 26.64 107.38 -16.24
CA SER P 453 26.03 107.19 -17.49
C SER P 453 27.14 107.57 -18.38
N MET P 454 26.98 107.28 -19.65
CA MET P 454 27.92 107.66 -20.64
C MET P 454 27.95 109.11 -21.02
N GLU P 455 27.02 109.97 -20.62
CA GLU P 455 27.17 111.39 -20.84
C GLU P 455 28.28 111.93 -19.98
N ASN P 456 28.73 111.09 -19.09
CA ASN P 456 29.65 111.28 -18.00
C ASN P 456 31.07 111.05 -18.44
N ALA P 457 31.25 110.41 -19.57
CA ALA P 457 32.56 110.11 -20.15
C ALA P 457 33.02 111.19 -21.08
N VAL P 458 32.30 112.31 -21.15
CA VAL P 458 32.60 113.38 -22.08
C VAL P 458 33.91 114.07 -21.71
N GLY P 459 34.29 114.07 -20.44
CA GLY P 459 35.54 114.69 -20.08
C GLY P 459 36.73 113.96 -20.64
N THR P 460 36.60 112.65 -20.81
CA THR P 460 37.67 111.79 -21.29
C THR P 460 37.69 111.69 -22.80
N VAL P 461 36.63 111.14 -23.38
CA VAL P 461 36.63 110.72 -24.76
C VAL P 461 36.33 111.87 -25.71
N CYS P 462 35.82 112.98 -25.21
CA CYS P 462 35.50 114.18 -25.96
C CYS P 462 36.61 115.22 -25.93
N HIS P 463 37.79 114.82 -25.67
CA HIS P 463 38.98 115.63 -25.70
C HIS P 463 39.82 115.21 -26.91
N PRO P 464 40.62 116.08 -27.49
CA PRO P 464 41.36 115.66 -28.68
C PRO P 464 42.58 114.88 -28.33
N SER P 465 42.46 114.04 -27.32
CA SER P 465 43.44 113.03 -27.02
C SER P 465 43.04 111.68 -27.55
N LEU P 466 41.83 111.60 -28.08
CA LEU P 466 41.34 110.43 -28.77
C LEU P 466 41.92 110.31 -30.14
N MET P 467 42.01 111.40 -30.84
CA MET P 467 42.49 111.43 -32.20
C MET P 467 43.94 111.52 -32.36
N ASN P 468 44.63 111.52 -31.27
CA ASN P 468 46.06 111.61 -31.29
C ASN P 468 46.65 110.25 -31.12
N ILE P 469 47.36 109.71 -32.12
CA ILE P 469 47.98 108.40 -32.03
C ILE P 469 49.44 108.41 -32.35
N ASP P 470 50.01 109.55 -32.77
CA ASP P 470 51.29 109.47 -33.46
C ASP P 470 52.41 108.96 -32.57
N ALA P 471 52.20 108.92 -31.26
CA ALA P 471 53.12 108.19 -30.41
C ALA P 471 53.03 106.70 -30.64
N ALA P 472 51.84 106.21 -30.99
CA ALA P 472 51.64 104.79 -31.22
C ALA P 472 52.09 104.35 -32.58
N VAL P 473 51.78 105.13 -33.63
CA VAL P 473 52.07 104.66 -34.98
C VAL P 473 53.56 104.60 -35.23
N GLY P 474 54.34 105.48 -34.58
CA GLY P 474 55.78 105.42 -34.72
C GLY P 474 56.42 104.43 -33.81
N GLY P 475 55.76 104.09 -32.71
CA GLY P 475 56.29 103.16 -31.74
C GLY P 475 55.89 101.73 -31.99
N VAL P 476 54.83 101.53 -32.76
CA VAL P 476 54.51 100.19 -33.23
C VAL P 476 55.34 99.84 -34.46
N ASN P 477 55.86 100.86 -35.15
CA ASN P 477 56.47 100.68 -36.45
C ASN P 477 57.90 100.17 -36.34
N HIS P 478 58.63 100.55 -35.30
CA HIS P 478 60.00 100.08 -35.19
C HIS P 478 60.03 98.56 -35.10
N ASP P 479 61.19 97.99 -35.39
CA ASP P 479 61.32 96.57 -35.69
C ASP P 479 60.46 96.26 -36.90
N PRO P 480 60.92 96.66 -38.10
CA PRO P 480 60.07 96.65 -39.29
C PRO P 480 59.47 95.28 -39.60
N VAL P 481 58.39 95.31 -40.39
CA VAL P 481 57.53 94.16 -40.59
C VAL P 481 57.44 93.88 -42.08
N GLU P 482 56.95 92.68 -42.41
CA GLU P 482 56.76 92.27 -43.78
C GLU P 482 55.45 92.83 -44.35
N ALA P 483 55.08 92.38 -45.54
CA ALA P 483 53.82 92.77 -46.16
C ALA P 483 52.91 91.53 -46.07
N ALA P 484 51.66 91.73 -45.66
CA ALA P 484 50.69 90.64 -45.49
C ALA P 484 49.89 90.28 -46.75
N ASN P 485 50.12 91.05 -47.80
CA ASN P 485 49.45 91.02 -49.09
C ASN P 485 48.61 92.22 -48.85
N PRO P 486 48.91 93.31 -49.65
CA PRO P 486 48.17 94.52 -49.33
C PRO P 486 46.91 94.55 -50.13
N TYR P 487 45.92 93.76 -49.74
CA TYR P 487 44.76 93.80 -50.60
C TYR P 487 43.82 94.92 -50.16
N GLY P 488 43.23 94.78 -48.98
CA GLY P 488 42.49 95.92 -48.48
C GLY P 488 43.34 97.06 -48.01
N ALA P 489 44.65 96.91 -48.05
CA ALA P 489 45.59 97.91 -47.54
C ALA P 489 46.14 98.81 -48.62
N TYR P 490 45.67 98.70 -49.85
CA TYR P 490 46.26 99.43 -50.95
C TYR P 490 45.18 100.06 -51.80
N VAL P 491 45.45 101.25 -52.31
CA VAL P 491 44.56 101.95 -53.23
C VAL P 491 45.35 102.24 -54.49
N ALA P 492 44.69 102.11 -55.64
CA ALA P 492 45.36 102.25 -56.92
C ALA P 492 44.73 103.39 -57.71
N ALA P 493 45.42 103.80 -58.74
CA ALA P 493 44.94 104.79 -59.68
C ALA P 493 44.05 104.11 -60.72
N PRO P 494 42.84 104.62 -60.97
CA PRO P 494 42.01 104.04 -62.03
C PRO P 494 42.71 104.19 -63.37
N ALA P 495 42.78 103.09 -64.11
CA ALA P 495 43.52 103.07 -65.36
C ALA P 495 42.68 102.43 -66.45
N GLY P 496 42.81 102.95 -67.65
CA GLY P 496 42.05 102.45 -68.77
C GLY P 496 40.57 102.68 -68.59
N PRO P 497 39.76 102.07 -69.45
CA PRO P 497 38.31 102.19 -69.31
C PRO P 497 37.83 101.47 -68.06
N GLY P 498 36.54 101.55 -67.83
CA GLY P 498 35.96 100.81 -66.73
C GLY P 498 35.61 99.41 -67.15
N ALA P 499 35.45 99.20 -68.46
CA ALA P 499 34.96 97.91 -68.91
C ALA P 499 35.91 96.78 -68.56
N ASP P 500 37.21 97.04 -68.59
CA ASP P 500 38.23 96.07 -68.23
C ASP P 500 38.75 96.24 -66.81
N MET P 501 38.20 97.18 -66.04
CA MET P 501 38.88 97.60 -64.83
C MET P 501 39.01 96.48 -63.82
N GLN P 502 38.00 95.62 -63.68
CA GLN P 502 38.16 94.45 -62.85
C GLN P 502 38.71 93.25 -63.59
N GLN P 503 38.66 93.27 -64.92
CA GLN P 503 39.47 92.34 -65.68
C GLN P 503 40.95 92.51 -65.34
N ARG P 504 41.44 93.75 -65.48
CA ARG P 504 42.82 94.06 -65.15
C ARG P 504 43.14 93.61 -63.75
N PHE P 505 42.27 93.98 -62.81
CA PHE P 505 42.53 93.76 -61.39
C PHE P 505 42.75 92.29 -61.06
N LEU P 506 41.82 91.44 -61.45
CA LEU P 506 41.94 90.04 -61.12
C LEU P 506 43.20 89.44 -61.70
N ASN P 507 43.63 89.90 -62.86
CA ASN P 507 44.84 89.36 -63.46
C ASN P 507 46.08 89.97 -62.84
N ALA P 508 46.05 91.25 -62.52
CA ALA P 508 47.18 91.88 -61.86
C ALA P 508 47.36 91.35 -60.44
N TRP P 509 46.27 91.25 -59.69
CA TRP P 509 46.31 90.72 -58.35
C TRP P 509 45.82 89.29 -58.41
N ARG P 510 46.74 88.35 -58.54
CA ARG P 510 46.29 86.98 -58.64
C ARG P 510 47.21 86.10 -57.83
N GLN P 511 48.46 86.00 -58.28
CA GLN P 511 49.48 85.30 -57.52
C GLN P 511 49.57 85.82 -56.10
N ARG P 512 49.25 87.10 -55.90
CA ARG P 512 49.28 87.69 -54.58
C ARG P 512 48.02 87.45 -53.78
N LEU P 513 46.88 87.47 -54.43
CA LEU P 513 45.59 87.50 -53.77
C LEU P 513 45.17 86.10 -53.33
N ALA P 514 45.10 85.15 -54.25
CA ALA P 514 44.83 83.77 -53.87
C ALA P 514 45.84 83.24 -52.87
N HIS P 515 47.11 83.64 -53.00
CA HIS P 515 48.17 83.10 -52.16
C HIS P 515 47.93 83.34 -50.69
N GLY P 516 48.02 84.60 -50.24
CA GLY P 516 48.03 84.90 -48.83
C GLY P 516 46.64 85.08 -48.25
N ARG P 517 46.62 85.43 -46.97
CA ARG P 517 45.40 85.51 -46.19
C ARG P 517 45.06 86.97 -45.92
N VAL P 518 43.90 87.41 -46.39
CA VAL P 518 43.50 88.80 -46.15
C VAL P 518 43.28 88.97 -44.66
N ARG P 519 43.70 90.04 -44.03
CA ARG P 519 43.37 90.13 -42.63
C ARG P 519 41.91 90.14 -42.26
N TRP P 520 41.00 90.64 -43.10
CA TRP P 520 39.58 90.66 -42.75
C TRP P 520 38.90 89.26 -42.93
N VAL P 521 39.17 88.54 -41.84
CA VAL P 521 38.84 87.19 -41.40
C VAL P 521 38.71 87.30 -39.86
N ALA P 522 38.66 88.52 -39.35
CA ALA P 522 38.48 88.83 -38.00
C ALA P 522 37.00 88.70 -37.69
N GLU P 523 36.20 88.45 -38.71
CA GLU P 523 34.78 88.23 -38.78
C GLU P 523 34.39 86.94 -38.24
N CYS P 524 35.16 85.91 -38.59
CA CYS P 524 34.84 84.57 -38.13
C CYS P 524 35.15 84.35 -36.66
N GLN P 525 35.88 85.26 -36.03
CA GLN P 525 36.29 85.07 -34.65
C GLN P 525 35.20 85.47 -33.68
N MET P 526 35.09 84.74 -32.58
CA MET P 526 34.16 85.03 -31.50
C MET P 526 35.09 85.96 -30.88
N THR P 527 34.81 86.49 -29.72
CA THR P 527 35.72 87.40 -29.05
C THR P 527 36.57 86.78 -27.96
N ALA P 528 36.42 85.49 -27.77
CA ALA P 528 37.19 84.74 -26.83
C ALA P 528 37.72 84.05 -28.04
N GLU P 529 38.77 84.62 -28.56
CA GLU P 529 39.37 84.17 -29.80
C GLU P 529 40.00 85.33 -30.43
N GLN P 530 39.49 86.50 -30.17
CA GLN P 530 40.08 87.68 -30.59
C GLN P 530 41.00 88.10 -29.43
N PHE P 531 40.74 87.75 -28.16
CA PHE P 531 41.61 88.17 -27.07
C PHE P 531 42.70 87.18 -26.75
N MET P 532 42.85 86.13 -27.52
CA MET P 532 43.85 85.15 -27.19
C MET P 532 45.05 85.21 -28.08
N GLN P 533 46.14 84.64 -27.58
CA GLN P 533 47.44 84.63 -28.21
C GLN P 533 47.54 83.95 -29.57
N PRO P 534 46.75 82.83 -29.77
CA PRO P 534 46.92 82.18 -31.07
C PRO P 534 46.18 82.77 -32.20
N ASP P 535 46.71 82.63 -33.40
CA ASP P 535 46.01 83.02 -34.61
C ASP P 535 45.78 84.51 -34.63
N ASN P 536 45.42 85.04 -33.47
CA ASN P 536 45.17 86.43 -33.41
C ASN P 536 46.55 86.99 -33.31
N ALA P 537 47.31 86.75 -34.35
CA ALA P 537 48.64 87.29 -34.42
C ALA P 537 48.50 88.80 -34.64
N ASN P 538 47.27 89.23 -34.93
CA ASN P 538 46.94 90.60 -35.14
C ASN P 538 46.47 91.24 -33.87
N LEU P 539 46.40 90.52 -32.76
CA LEU P 539 46.02 91.20 -31.53
C LEU P 539 46.94 92.36 -31.25
N ALA P 540 48.20 92.25 -31.64
CA ALA P 540 49.13 93.33 -31.39
C ALA P 540 48.72 94.61 -32.10
N LEU P 541 47.79 94.53 -33.04
CA LEU P 541 47.35 95.67 -33.82
C LEU P 541 45.99 96.23 -33.45
N GLU P 542 45.30 95.73 -32.43
CA GLU P 542 44.08 96.41 -32.01
C GLU P 542 44.45 97.24 -30.80
N LEU P 543 44.93 98.45 -31.07
CA LEU P 543 45.36 99.41 -30.09
C LEU P 543 44.32 100.44 -29.70
N HIS P 544 43.48 100.88 -30.61
CA HIS P 544 42.71 102.04 -30.33
C HIS P 544 41.31 101.83 -30.90
N PRO P 545 40.28 102.33 -30.20
CA PRO P 545 38.91 102.16 -30.69
C PRO P 545 38.74 102.66 -32.12
N ALA P 546 39.26 103.84 -32.37
CA ALA P 546 38.90 104.68 -33.48
C ALA P 546 39.81 104.53 -34.68
N PHE P 547 40.94 103.85 -34.56
CA PHE P 547 41.89 103.77 -35.65
C PHE P 547 42.20 102.33 -36.01
N ASP P 548 42.47 102.11 -37.28
CA ASP P 548 42.92 100.82 -37.77
C ASP P 548 44.43 100.85 -37.92
N PHE P 549 45.13 100.06 -37.11
CA PHE P 549 46.54 99.86 -37.33
C PHE P 549 46.67 98.60 -38.16
N PHE P 550 47.38 98.71 -39.27
CA PHE P 550 47.50 97.59 -40.18
C PHE P 550 48.85 97.71 -40.86
N ALA P 551 49.17 96.72 -41.67
CA ALA P 551 50.50 96.61 -42.24
C ALA P 551 50.41 96.81 -43.74
N GLY P 552 50.88 97.96 -44.20
CA GLY P 552 50.92 98.27 -45.60
C GLY P 552 52.33 98.27 -46.15
N VAL P 553 52.45 98.76 -47.37
CA VAL P 553 53.75 98.96 -47.99
C VAL P 553 54.30 100.29 -47.52
N ALA P 554 55.63 100.36 -47.42
CA ALA P 554 56.24 101.47 -46.70
C ALA P 554 56.18 102.78 -47.49
N ASP P 555 56.84 102.83 -48.64
CA ASP P 555 56.95 104.07 -49.35
C ASP P 555 56.07 104.44 -50.51
N VAL P 556 54.96 103.74 -50.70
CA VAL P 556 54.07 104.07 -51.79
C VAL P 556 53.04 105.14 -51.44
N GLU P 557 52.83 106.15 -52.29
CA GLU P 557 51.78 107.14 -52.08
C GLU P 557 50.60 106.24 -52.44
N LEU P 558 49.40 106.38 -51.88
CA LEU P 558 48.34 105.39 -52.20
C LEU P 558 47.70 105.16 -53.60
N PRO P 559 47.34 106.28 -54.34
CA PRO P 559 46.84 105.94 -55.68
C PRO P 559 48.16 105.79 -56.40
N GLY P 560 48.82 104.66 -56.22
CA GLY P 560 50.12 104.47 -56.80
C GLY P 560 50.23 103.46 -57.91
N GLY P 561 49.13 103.12 -58.56
CA GLY P 561 49.19 102.25 -59.70
C GLY P 561 48.74 100.84 -59.39
N GLU P 562 48.83 99.99 -60.41
CA GLU P 562 48.10 98.73 -60.43
C GLU P 562 48.39 97.84 -59.23
N VAL P 563 49.66 97.55 -58.97
CA VAL P 563 50.05 96.67 -57.87
C VAL P 563 51.20 97.33 -57.14
N PRO P 564 51.21 97.14 -55.84
CA PRO P 564 52.19 97.74 -54.96
C PRO P 564 53.56 97.31 -55.37
N PRO P 565 54.50 98.33 -55.43
CA PRO P 565 55.84 97.88 -55.78
C PRO P 565 56.24 97.39 -54.44
N ALA P 566 55.84 96.15 -54.19
CA ALA P 566 55.99 95.55 -52.90
C ALA P 566 57.40 95.73 -52.42
N GLY P 567 57.48 96.21 -51.19
CA GLY P 567 58.75 96.42 -50.53
C GLY P 567 58.72 95.93 -49.11
N PRO P 568 59.58 96.50 -48.28
CA PRO P 568 59.48 96.24 -46.84
C PRO P 568 58.15 96.77 -46.32
N GLY P 569 57.44 95.92 -45.61
CA GLY P 569 56.20 96.36 -45.03
C GLY P 569 56.42 97.39 -43.95
N ALA P 570 55.55 98.38 -43.91
CA ALA P 570 55.51 99.32 -42.81
C ALA P 570 54.17 99.05 -42.14
N ILE P 571 53.81 99.88 -41.18
CA ILE P 571 52.58 99.70 -40.45
C ILE P 571 51.97 101.07 -40.21
N GLN P 572 50.66 101.16 -40.33
CA GLN P 572 50.10 102.49 -40.42
C GLN P 572 48.68 102.49 -39.93
N ALA P 573 48.22 103.67 -39.55
CA ALA P 573 46.92 103.87 -38.96
C ALA P 573 46.01 104.59 -39.92
N THR P 574 44.72 104.34 -39.80
CA THR P 574 43.73 105.03 -40.59
C THR P 574 42.46 105.07 -39.76
N TRP P 575 41.74 106.13 -39.90
CA TRP P 575 40.67 106.40 -38.98
C TRP P 575 39.48 105.50 -39.29
N ARG P 576 39.01 104.76 -38.30
CA ARG P 576 37.76 104.05 -38.50
C ARG P 576 36.68 105.10 -38.55
N VAL P 577 36.00 105.20 -39.65
CA VAL P 577 35.20 106.39 -39.75
C VAL P 577 34.01 106.26 -38.81
N VAL P 578 33.08 105.38 -39.14
CA VAL P 578 31.90 105.15 -38.33
C VAL P 578 32.21 104.16 -37.21
N ASN P 579 31.34 104.14 -36.21
CA ASN P 579 31.49 103.21 -35.11
C ASN P 579 31.01 101.82 -35.44
N GLY P 580 30.56 101.59 -36.67
CA GLY P 580 30.21 100.27 -37.12
C GLY P 580 31.42 99.55 -37.61
N ASN P 581 32.45 100.27 -37.90
CA ASN P 581 33.73 99.77 -38.33
C ASN P 581 34.53 99.05 -37.31
N LEU P 582 34.18 99.18 -36.06
CA LEU P 582 34.81 98.49 -34.99
C LEU P 582 34.57 97.04 -35.31
N PRO P 583 35.63 96.16 -35.12
CA PRO P 583 35.43 94.76 -35.51
C PRO P 583 34.36 93.96 -34.85
N LEU P 584 33.70 93.08 -35.55
CA LEU P 584 32.55 92.36 -35.01
C LEU P 584 32.90 91.52 -33.81
N ALA P 585 34.16 91.15 -33.65
CA ALA P 585 34.51 90.43 -32.45
C ALA P 585 34.49 91.33 -31.23
N LEU P 586 34.82 92.60 -31.41
CA LEU P 586 34.74 93.58 -30.33
C LEU P 586 33.42 94.34 -30.27
N CYS P 587 32.55 94.25 -31.27
CA CYS P 587 31.20 94.82 -31.20
C CYS P 587 30.24 93.87 -31.89
N PRO P 588 29.73 92.86 -31.19
CA PRO P 588 29.12 91.73 -31.88
C PRO P 588 27.84 92.11 -32.59
N VAL P 589 27.43 91.26 -33.53
CA VAL P 589 26.18 91.44 -34.23
C VAL P 589 25.01 91.51 -33.28
N ALA P 590 25.11 90.88 -32.12
CA ALA P 590 24.01 90.83 -31.15
C ALA P 590 23.91 92.09 -30.32
N PHE P 591 25.04 92.73 -30.03
CA PHE P 591 24.98 94.05 -29.45
C PHE P 591 24.41 95.02 -30.44
N ARG P 592 24.81 94.84 -31.66
CA ARG P 592 24.65 95.81 -32.71
C ARG P 592 23.21 95.84 -33.18
N ASP P 593 22.54 94.67 -33.14
CA ASP P 593 21.13 94.58 -33.45
C ASP P 593 20.25 94.99 -32.28
N ALA P 594 20.63 94.62 -31.07
CA ALA P 594 19.87 94.97 -29.89
C ALA P 594 19.68 96.46 -29.71
N ARG P 595 20.59 97.18 -30.38
CA ARG P 595 20.77 98.61 -30.48
C ARG P 595 20.02 99.22 -31.69
N GLY P 596 19.50 98.38 -32.57
CA GLY P 596 18.62 98.78 -33.64
C GLY P 596 17.20 98.56 -33.20
N LEU P 597 17.00 97.60 -32.30
CA LEU P 597 15.71 97.44 -31.66
C LEU P 597 15.42 98.62 -30.76
N GLU P 598 16.43 99.12 -30.08
CA GLU P 598 16.23 100.27 -29.22
C GLU P 598 15.80 101.47 -30.01
N LEU P 599 16.42 101.68 -31.17
CA LEU P 599 16.07 102.81 -31.99
C LEU P 599 14.81 102.56 -32.77
N GLY P 600 14.50 101.31 -33.06
CA GLY P 600 13.33 101.01 -33.84
C GLY P 600 12.04 101.39 -33.16
N VAL P 601 12.04 101.47 -31.84
CA VAL P 601 10.79 101.66 -31.09
C VAL P 601 10.35 103.11 -31.20
N GLY P 602 9.07 103.30 -31.51
CA GLY P 602 8.53 104.62 -31.70
C GLY P 602 8.70 105.17 -33.08
N ARG P 603 9.54 104.56 -33.90
CA ARG P 603 9.86 105.07 -35.22
C ARG P 603 9.22 104.21 -36.30
N HIS P 604 9.43 104.62 -37.54
CA HIS P 604 8.72 104.02 -38.67
C HIS P 604 9.16 102.59 -38.89
N ALA P 605 8.21 101.72 -39.15
CA ALA P 605 8.49 100.34 -39.51
C ALA P 605 7.79 100.03 -40.81
N MET P 606 8.51 99.48 -41.76
CA MET P 606 7.91 99.11 -43.02
C MET P 606 6.96 97.94 -42.83
N ALA P 607 5.87 97.95 -43.57
CA ALA P 607 4.90 96.89 -43.48
C ALA P 607 5.56 95.55 -43.77
N PRO P 608 5.01 94.46 -43.26
CA PRO P 608 5.55 93.15 -43.63
C PRO P 608 5.31 92.80 -45.08
N ALA P 609 4.31 93.40 -45.70
CA ALA P 609 4.02 93.15 -47.10
C ALA P 609 4.90 93.94 -48.03
N THR P 610 5.38 95.10 -47.60
CA THR P 610 6.35 95.82 -48.39
C THR P 610 7.73 95.21 -48.29
N ILE P 611 7.98 94.43 -47.26
CA ILE P 611 9.28 93.78 -47.16
C ILE P 611 9.28 92.52 -47.99
N ALA P 612 8.16 91.83 -48.09
CA ALA P 612 8.07 90.63 -48.92
C ALA P 612 8.16 90.98 -50.39
N ALA P 613 7.61 92.13 -50.77
CA ALA P 613 7.63 92.58 -52.14
C ALA P 613 9.00 93.11 -52.53
N VAL P 614 9.56 93.99 -51.73
CA VAL P 614 10.84 94.59 -52.07
C VAL P 614 11.94 93.54 -52.04
N ARG P 615 12.00 92.73 -51.00
CA ARG P 615 13.02 91.69 -50.93
C ARG P 615 12.85 90.69 -52.05
N GLY P 616 11.60 90.35 -52.40
CA GLY P 616 11.39 89.42 -53.49
C GLY P 616 12.05 89.87 -54.77
N ALA P 617 12.06 91.17 -55.02
CA ALA P 617 12.72 91.71 -56.20
C ALA P 617 14.22 91.48 -56.15
N PHE P 618 14.85 91.81 -55.03
CA PHE P 618 16.29 91.59 -54.90
C PHE P 618 16.65 90.12 -55.02
N GLU P 619 15.76 89.22 -54.64
CA GLU P 619 15.99 87.80 -54.79
C GLU P 619 15.50 87.26 -56.12
N ASP P 620 14.70 88.02 -56.85
CA ASP P 620 14.14 87.55 -58.11
C ASP P 620 15.24 87.42 -59.13
N ARG P 621 15.43 86.21 -59.66
CA ARG P 621 16.41 86.00 -60.72
C ARG P 621 15.79 85.95 -62.10
N SER P 622 14.48 85.97 -62.19
CA SER P 622 13.80 86.13 -63.46
C SER P 622 13.49 87.59 -63.75
N TYR P 623 13.98 88.48 -62.92
CA TYR P 623 13.73 89.90 -63.03
C TYR P 623 14.09 90.30 -64.45
N PRO P 624 13.14 90.79 -65.23
CA PRO P 624 13.39 90.96 -66.66
C PRO P 624 14.43 92.03 -66.93
N ALA P 625 15.20 91.82 -67.99
CA ALA P 625 16.31 92.70 -68.28
C ALA P 625 15.85 94.06 -68.73
N VAL P 626 14.67 94.16 -69.34
CA VAL P 626 14.18 95.47 -69.74
C VAL P 626 14.23 96.44 -68.57
N PHE P 627 13.97 95.95 -67.37
CA PHE P 627 13.99 96.83 -66.22
C PHE P 627 15.37 97.40 -65.98
N TYR P 628 16.42 96.66 -66.35
CA TYR P 628 17.75 97.22 -66.29
C TYR P 628 18.02 98.14 -67.46
N LEU P 629 17.40 97.85 -68.60
CA LEU P 629 17.63 98.66 -69.78
C LEU P 629 16.87 99.97 -69.71
N LEU P 630 15.63 99.93 -69.22
CA LEU P 630 14.91 101.17 -68.99
C LEU P 630 15.62 102.00 -67.93
N GLN P 631 15.97 101.38 -66.83
CA GLN P 631 16.64 102.10 -65.75
C GLN P 631 17.87 102.84 -66.24
N ALA P 632 18.63 102.22 -67.13
CA ALA P 632 19.79 102.87 -67.70
C ALA P 632 19.42 103.84 -68.81
N ALA P 633 18.30 103.62 -69.48
CA ALA P 633 17.82 104.58 -70.46
C ALA P 633 17.35 105.86 -69.78
N ILE P 634 16.46 105.73 -68.80
CA ILE P 634 16.01 106.88 -68.03
C ILE P 634 17.18 107.59 -67.40
N HIS P 635 18.20 106.85 -67.01
CA HIS P 635 19.45 107.37 -66.47
C HIS P 635 19.22 108.47 -65.43
N GLY P 636 18.33 108.17 -64.50
CA GLY P 636 18.11 109.03 -63.36
C GLY P 636 17.62 110.40 -63.75
N SER P 637 17.28 110.54 -65.02
CA SER P 637 16.77 111.78 -65.57
C SER P 637 15.29 111.88 -65.28
N GLU P 638 14.86 113.02 -64.74
CA GLU P 638 13.45 113.22 -64.45
C GLU P 638 12.68 113.59 -65.69
N HIS P 639 13.35 114.21 -66.65
CA HIS P 639 12.73 114.47 -67.94
C HIS P 639 12.34 113.16 -68.60
N VAL P 640 13.26 112.20 -68.64
CA VAL P 640 13.01 110.98 -69.38
C VAL P 640 11.99 110.11 -68.67
N PHE P 641 11.92 110.15 -67.35
CA PHE P 641 10.95 109.32 -66.65
C PHE P 641 9.54 109.66 -67.08
N CYS P 642 9.18 110.94 -67.01
CA CYS P 642 7.85 111.35 -67.45
C CYS P 642 7.66 111.07 -68.92
N ALA P 643 8.69 111.31 -69.73
CA ALA P 643 8.62 110.94 -71.13
C ALA P 643 8.15 109.51 -71.30
N LEU P 644 8.68 108.60 -70.48
CA LEU P 644 8.37 107.18 -70.54
C LEU P 644 7.33 106.73 -69.52
N ALA P 645 6.75 107.66 -68.76
CA ALA P 645 5.94 107.28 -67.59
C ALA P 645 4.84 106.27 -67.95
N ARG P 646 4.22 106.39 -69.11
CA ARG P 646 3.23 105.39 -69.48
C ARG P 646 3.88 104.04 -69.75
N LEU P 647 5.11 104.03 -70.24
CA LEU P 647 5.80 102.78 -70.46
C LEU P 647 6.25 102.15 -69.17
N VAL P 648 6.53 102.96 -68.16
CA VAL P 648 7.02 102.46 -66.88
C VAL P 648 5.88 101.89 -66.05
N THR P 649 4.71 102.52 -66.07
CA THR P 649 3.59 101.92 -65.35
C THR P 649 3.25 100.55 -65.89
N GLN P 650 3.37 100.36 -67.20
CA GLN P 650 3.03 99.06 -67.75
C GLN P 650 4.11 98.04 -67.46
N CYS P 651 5.34 98.49 -67.24
CA CYS P 651 6.38 97.59 -66.76
C CYS P 651 6.13 97.21 -65.30
N ILE P 652 5.91 98.21 -64.45
CA ILE P 652 5.63 97.94 -63.05
C ILE P 652 4.41 97.03 -62.91
N THR P 653 3.31 97.41 -63.55
CA THR P 653 2.06 96.70 -63.34
C THR P 653 2.15 95.27 -63.86
N SER P 654 2.81 95.08 -65.00
CA SER P 654 2.96 93.74 -65.52
C SER P 654 3.78 92.87 -64.60
N TYR P 655 4.86 93.42 -64.05
CA TYR P 655 5.72 92.66 -63.16
C TYR P 655 5.05 92.37 -61.84
N TRP P 656 4.27 93.32 -61.33
CA TRP P 656 3.55 93.09 -60.08
C TRP P 656 2.46 92.06 -60.25
N ASN P 657 1.82 92.03 -61.40
CA ASN P 657 0.75 91.07 -61.59
C ASN P 657 1.29 89.66 -61.68
N ASN P 658 2.44 89.48 -62.32
CA ASN P 658 3.02 88.15 -62.44
C ASN P 658 3.56 87.66 -61.11
N THR P 659 4.46 88.41 -60.51
CA THR P 659 4.99 88.15 -59.18
C THR P 659 4.68 89.35 -58.32
N ARG P 660 4.10 89.15 -57.14
CA ARG P 660 3.88 90.38 -56.39
C ARG P 660 5.25 90.78 -55.87
N CYS P 661 5.87 91.72 -56.55
CA CYS P 661 7.19 92.22 -56.20
C CYS P 661 7.33 93.60 -56.82
N ALA P 662 8.04 94.47 -56.13
CA ALA P 662 8.24 95.82 -56.62
C ALA P 662 9.32 95.83 -57.68
N ALA P 663 9.20 96.73 -58.66
CA ALA P 663 9.94 96.55 -59.90
C ALA P 663 11.32 97.20 -59.89
N PHE P 664 11.36 98.52 -59.80
CA PHE P 664 12.58 99.27 -60.06
C PHE P 664 13.42 99.50 -58.82
N VAL P 665 13.16 98.76 -57.76
CA VAL P 665 13.68 99.02 -56.42
C VAL P 665 15.20 99.13 -56.32
N ASN P 666 15.91 98.78 -57.38
CA ASN P 666 17.35 98.96 -57.32
C ASN P 666 17.79 100.38 -57.61
N ASP P 667 16.85 101.31 -57.86
CA ASP P 667 17.18 102.71 -58.07
C ASP P 667 16.33 103.57 -57.15
N TYR P 668 16.97 104.35 -56.29
CA TYR P 668 16.21 105.25 -55.44
C TYR P 668 15.67 106.43 -56.21
N SER P 669 16.31 106.82 -57.31
CA SER P 669 15.78 107.92 -58.10
C SER P 669 14.50 107.52 -58.80
N LEU P 670 14.44 106.31 -59.35
CA LEU P 670 13.18 105.86 -59.94
C LEU P 670 12.11 105.71 -58.87
N VAL P 671 12.41 104.97 -57.81
CA VAL P 671 11.45 104.78 -56.71
C VAL P 671 10.92 106.11 -56.21
N SER P 672 11.76 107.12 -56.15
CA SER P 672 11.27 108.44 -55.74
C SER P 672 10.55 109.17 -56.85
N TYR P 673 10.76 108.79 -58.11
CA TYR P 673 9.93 109.31 -59.19
C TYR P 673 8.59 108.58 -59.24
N ILE P 674 8.63 107.26 -59.12
CA ILE P 674 7.40 106.48 -59.09
C ILE P 674 6.43 107.05 -58.07
N VAL P 675 6.93 107.47 -56.92
CA VAL P 675 6.03 107.92 -55.87
C VAL P 675 5.39 109.24 -56.25
N THR P 676 6.17 110.15 -56.83
CA THR P 676 5.62 111.46 -57.19
C THR P 676 4.70 111.36 -58.40
N TYR P 677 5.22 110.85 -59.50
CA TYR P 677 4.54 110.94 -60.79
C TYR P 677 3.53 109.84 -61.04
N LEU P 678 3.76 108.63 -60.56
CA LEU P 678 2.91 107.49 -60.86
C LEU P 678 1.84 107.25 -59.82
N GLY P 679 1.67 108.17 -58.87
CA GLY P 679 0.76 107.93 -57.76
C GLY P 679 -0.63 107.52 -58.19
N GLY P 680 -1.11 108.00 -59.33
CA GLY P 680 -2.48 107.74 -59.70
C GLY P 680 -2.71 106.31 -60.19
N ASP P 681 -1.89 105.85 -61.13
CA ASP P 681 -2.17 104.59 -61.79
C ASP P 681 -1.11 103.54 -61.47
N LEU P 682 -1.43 102.71 -60.53
CA LEU P 682 -0.70 101.57 -59.99
C LEU P 682 -1.61 101.09 -58.88
N PRO P 683 -1.86 99.80 -58.75
CA PRO P 683 -2.73 99.36 -57.66
C PRO P 683 -2.12 99.75 -56.33
N GLU P 684 -2.96 100.31 -55.44
CA GLU P 684 -2.41 100.78 -54.17
C GLU P 684 -1.78 99.66 -53.38
N GLU P 685 -2.10 98.40 -53.71
CA GLU P 685 -1.33 97.32 -53.12
C GLU P 685 0.15 97.44 -53.49
N CYS P 686 0.46 97.68 -54.77
CA CYS P 686 1.87 97.85 -55.11
C CYS P 686 2.34 99.28 -55.04
N MET P 687 1.43 100.24 -55.03
CA MET P 687 1.91 101.60 -54.85
C MET P 687 2.27 101.85 -53.41
N ALA P 688 1.63 101.16 -52.48
CA ALA P 688 1.98 101.32 -51.08
C ALA P 688 3.32 100.68 -50.75
N VAL P 689 3.94 99.99 -51.69
CA VAL P 689 5.28 99.47 -51.48
C VAL P 689 6.32 100.55 -51.73
N TYR P 690 6.19 101.26 -52.84
CA TYR P 690 7.11 102.34 -53.12
C TYR P 690 6.92 103.48 -52.16
N ARG P 691 5.66 103.80 -51.89
CA ARG P 691 5.31 104.87 -50.99
C ARG P 691 5.90 104.63 -49.61
N ASP P 692 6.02 103.37 -49.22
CA ASP P 692 6.55 102.91 -47.94
C ASP P 692 8.07 102.84 -47.94
N LEU P 693 8.66 102.40 -49.03
CA LEU P 693 10.10 102.34 -49.14
C LEU P 693 10.70 103.73 -49.17
N VAL P 694 9.95 104.72 -49.63
CA VAL P 694 10.38 106.11 -49.59
C VAL P 694 10.13 106.69 -48.22
N ALA P 695 9.04 106.29 -47.58
CA ALA P 695 8.72 106.75 -46.23
C ALA P 695 9.79 106.36 -45.24
N HIS P 696 10.47 105.24 -45.47
CA HIS P 696 11.43 104.70 -44.52
C HIS P 696 12.79 105.34 -44.65
N VAL P 697 13.12 105.91 -45.80
CA VAL P 697 14.38 106.62 -45.89
C VAL P 697 14.29 107.93 -45.14
N GLU P 698 13.09 108.47 -45.00
CA GLU P 698 12.93 109.69 -44.24
C GLU P 698 12.93 109.43 -42.74
N ALA P 699 12.32 108.33 -42.33
CA ALA P 699 12.42 107.93 -40.93
C ALA P 699 13.86 107.83 -40.50
N LEU P 700 14.67 107.15 -41.30
CA LEU P 700 16.08 107.03 -40.98
C LEU P 700 16.77 108.38 -41.05
N ALA P 701 16.45 109.17 -42.06
CA ALA P 701 17.14 110.44 -42.27
C ALA P 701 16.95 111.38 -41.09
N GLN P 702 15.83 111.30 -40.39
CA GLN P 702 15.65 112.17 -39.25
C GLN P 702 16.05 111.51 -37.94
N LEU P 703 16.42 110.25 -37.97
CA LEU P 703 16.98 109.62 -36.79
C LEU P 703 18.32 110.22 -36.44
N VAL P 704 18.97 110.86 -37.40
CA VAL P 704 20.23 111.55 -37.15
C VAL P 704 20.00 112.73 -36.22
N ASP P 705 18.94 113.50 -36.46
CA ASP P 705 18.75 114.77 -35.78
C ASP P 705 18.30 114.59 -34.35
N ASP P 706 17.80 113.42 -34.00
CA ASP P 706 17.48 113.19 -32.61
C ASP P 706 18.74 113.21 -31.77
N PHE P 707 19.81 112.64 -32.29
CA PHE P 707 21.05 112.42 -31.56
C PHE P 707 22.08 113.50 -31.82
N THR P 708 21.73 114.58 -32.49
CA THR P 708 22.61 115.70 -32.73
C THR P 708 22.12 116.88 -31.88
N LEU P 709 23.05 117.54 -31.22
CA LEU P 709 22.81 118.80 -30.52
C LEU P 709 23.11 119.96 -31.44
N PRO P 710 22.58 121.15 -31.14
CA PRO P 710 22.88 122.33 -31.96
C PRO P 710 24.28 122.87 -31.76
N GLY P 711 24.76 123.58 -32.76
CA GLY P 711 26.09 124.14 -32.71
C GLY P 711 26.45 124.86 -34.00
N PRO P 712 27.70 125.28 -34.10
CA PRO P 712 28.14 126.03 -35.27
C PRO P 712 28.33 125.16 -36.48
N GLU P 713 28.94 125.71 -37.51
CA GLU P 713 29.50 124.93 -38.60
C GLU P 713 31.00 124.85 -38.40
N LEU P 714 31.50 123.67 -38.10
CA LEU P 714 32.92 123.48 -37.87
C LEU P 714 33.57 123.10 -39.18
N GLY P 715 34.47 123.95 -39.67
CA GLY P 715 35.09 123.70 -40.95
C GLY P 715 34.12 123.64 -42.10
N GLY P 716 33.14 124.54 -42.10
CA GLY P 716 32.20 124.64 -43.19
C GLY P 716 31.14 123.57 -43.22
N GLN P 717 31.05 122.72 -42.19
CA GLN P 717 30.10 121.64 -42.16
C GLN P 717 29.18 121.76 -40.96
N ALA P 718 27.95 121.29 -41.13
CA ALA P 718 26.99 121.38 -40.07
C ALA P 718 27.34 120.39 -38.98
N GLN P 719 26.56 120.38 -37.91
CA GLN P 719 26.81 119.44 -36.84
C GLN P 719 26.29 118.06 -37.17
N ALA P 720 25.28 117.95 -38.02
CA ALA P 720 24.80 116.65 -38.41
C ALA P 720 25.76 115.95 -39.33
N GLU P 721 26.58 116.71 -40.05
CA GLU P 721 27.56 116.10 -40.93
C GLU P 721 28.78 115.65 -40.14
N LEU P 722 29.19 116.42 -39.15
CA LEU P 722 30.28 116.04 -38.28
C LEU P 722 29.93 114.87 -37.38
N ASN P 723 28.67 114.47 -37.37
CA ASN P 723 28.16 113.49 -36.44
C ASN P 723 27.88 112.14 -37.11
N HIS P 724 27.04 112.12 -38.13
CA HIS P 724 26.62 110.90 -38.79
C HIS P 724 27.21 110.89 -40.18
N LEU P 725 27.44 109.71 -40.73
CA LEU P 725 28.09 109.58 -42.02
C LEU P 725 27.13 109.67 -43.20
N MET P 726 25.83 109.52 -42.98
CA MET P 726 24.90 109.72 -44.08
C MET P 726 24.59 111.17 -44.34
N ARG P 727 24.73 112.03 -43.34
CA ARG P 727 24.73 113.45 -43.58
C ARG P 727 26.04 113.97 -44.10
N ASP P 728 27.13 113.29 -43.83
CA ASP P 728 28.44 113.84 -44.11
C ASP P 728 28.70 113.94 -45.60
N PRO P 729 29.22 115.07 -46.10
CA PRO P 729 29.56 115.19 -47.51
C PRO P 729 30.83 114.46 -47.99
N ALA P 730 31.75 114.04 -47.14
CA ALA P 730 32.89 113.31 -47.66
C ALA P 730 32.42 112.17 -48.53
N LEU P 731 31.59 111.32 -47.96
CA LEU P 731 31.09 110.16 -48.67
C LEU P 731 29.93 110.56 -49.56
N LEU P 732 29.91 110.00 -50.76
CA LEU P 732 28.82 110.24 -51.68
C LEU P 732 28.29 108.91 -52.21
N PRO P 733 27.05 108.87 -52.70
CA PRO P 733 26.38 107.60 -52.94
C PRO P 733 27.23 106.69 -53.81
N PRO P 734 27.05 105.38 -53.66
CA PRO P 734 27.84 104.46 -54.49
C PRO P 734 27.55 104.59 -55.96
N LEU P 735 26.39 105.14 -56.32
CA LEU P 735 25.97 105.30 -57.69
C LEU P 735 25.30 106.65 -57.82
N VAL P 736 25.82 107.50 -58.69
CA VAL P 736 25.24 108.81 -58.96
C VAL P 736 24.81 108.82 -60.41
N TRP P 737 23.75 109.57 -60.71
CA TRP P 737 23.38 109.85 -62.08
C TRP P 737 23.69 111.28 -62.52
N ASP P 738 24.16 112.13 -61.62
CA ASP P 738 24.35 113.53 -61.95
C ASP P 738 25.48 114.06 -61.09
N CYS P 739 25.99 115.20 -61.48
CA CYS P 739 27.12 115.78 -60.78
C CYS P 739 26.70 116.63 -59.60
N ASP P 740 25.42 116.70 -59.29
CA ASP P 740 24.96 117.38 -58.07
C ASP P 740 25.75 116.92 -56.86
N GLY P 741 25.99 115.62 -56.74
CA GLY P 741 26.79 115.12 -55.64
C GLY P 741 28.21 115.67 -55.65
N LEU P 742 28.90 115.52 -56.79
CA LEU P 742 30.30 115.96 -56.82
C LEU P 742 30.41 117.46 -56.58
N MET P 743 29.38 118.22 -56.93
CA MET P 743 29.44 119.66 -56.69
C MET P 743 29.75 119.96 -55.24
N ARG P 744 28.90 119.46 -54.34
CA ARG P 744 29.01 119.79 -52.93
C ARG P 744 30.25 119.18 -52.31
N HIS P 745 30.58 117.96 -52.71
CA HIS P 745 31.71 117.28 -52.09
C HIS P 745 33.03 117.78 -52.64
N ALA P 746 33.03 118.33 -53.85
CA ALA P 746 34.25 118.93 -54.37
C ALA P 746 34.53 120.29 -53.77
N ALA P 747 33.54 120.92 -53.14
CA ALA P 747 33.78 122.14 -52.39
C ALA P 747 33.83 121.74 -50.92
N LEU P 748 35.04 121.59 -50.40
CA LEU P 748 35.32 121.26 -49.02
C LEU P 748 36.76 121.62 -48.76
N ASP P 749 37.09 121.86 -47.50
CA ASP P 749 38.49 121.91 -47.13
C ASP P 749 39.02 120.52 -46.83
N ARG P 750 38.11 119.57 -46.72
CA ARG P 750 38.48 118.20 -46.51
C ARG P 750 38.65 117.45 -47.79
N HIS P 751 38.24 118.00 -48.91
CA HIS P 751 38.36 117.32 -50.17
C HIS P 751 39.80 117.28 -50.38
N ARG P 752 40.31 116.19 -50.93
CA ARG P 752 41.70 116.13 -51.19
C ARG P 752 41.79 116.11 -52.67
N ASP P 753 41.67 114.93 -53.25
CA ASP P 753 41.73 114.81 -54.68
C ASP P 753 40.55 114.07 -55.17
N CYS P 754 40.24 114.20 -56.44
CA CYS P 754 39.19 113.44 -57.02
C CYS P 754 40.04 112.98 -58.11
N ARG P 755 39.90 111.74 -58.48
CA ARG P 755 40.70 111.19 -59.52
C ARG P 755 39.77 110.43 -60.40
N ILE P 756 39.01 111.15 -61.19
CA ILE P 756 38.12 110.40 -62.01
C ILE P 756 39.08 109.43 -62.69
N ASP P 757 38.52 108.38 -63.26
CA ASP P 757 39.24 107.35 -63.96
C ASP P 757 39.92 107.73 -65.26
N ALA P 758 39.23 108.49 -66.09
CA ALA P 758 39.74 108.87 -67.40
C ALA P 758 39.56 110.33 -67.77
N GLY P 759 40.26 110.74 -68.83
CA GLY P 759 40.19 112.13 -69.26
C GLY P 759 40.73 113.04 -68.18
N GLY P 760 41.96 112.74 -67.75
CA GLY P 760 42.58 113.51 -66.69
C GLY P 760 41.86 113.37 -65.36
N HIS P 761 42.64 113.58 -64.29
CA HIS P 761 42.22 113.29 -62.91
C HIS P 761 40.96 114.02 -62.49
N GLU P 762 41.00 115.35 -62.42
CA GLU P 762 39.82 116.10 -62.02
C GLU P 762 38.72 115.98 -63.07
N PRO P 763 37.48 115.78 -62.65
CA PRO P 763 36.39 115.79 -63.62
C PRO P 763 36.07 117.17 -64.14
N VAL P 764 35.21 117.21 -65.17
CA VAL P 764 34.77 118.41 -65.87
C VAL P 764 33.28 118.14 -66.12
N TYR P 765 32.45 119.13 -66.48
CA TYR P 765 31.04 118.83 -66.63
C TYR P 765 30.55 118.97 -68.07
N ALA P 766 29.28 118.60 -68.24
CA ALA P 766 28.54 118.84 -69.47
C ALA P 766 27.11 119.16 -69.06
N ALA P 767 26.54 120.19 -69.67
CA ALA P 767 25.21 120.62 -69.25
C ALA P 767 24.11 119.74 -69.83
N ALA P 768 24.30 119.26 -71.06
CA ALA P 768 23.33 118.39 -71.69
C ALA P 768 24.06 117.37 -72.56
N CYS P 769 23.30 116.42 -73.12
CA CYS P 769 23.86 115.40 -73.99
C CYS P 769 22.78 114.97 -74.98
N ASN P 770 23.18 114.76 -76.24
CA ASN P 770 22.24 114.58 -77.34
C ASN P 770 22.85 113.59 -78.34
N VAL P 771 22.23 113.46 -79.52
CA VAL P 771 22.74 112.53 -80.52
C VAL P 771 24.13 112.94 -81.00
N ALA P 772 24.30 114.19 -81.41
CA ALA P 772 25.60 114.68 -81.87
C ALA P 772 26.55 114.98 -80.72
N THR P 773 26.01 115.22 -79.53
CA THR P 773 26.83 115.55 -78.37
C THR P 773 27.40 114.30 -77.71
N ALA P 774 26.69 113.18 -77.76
CA ALA P 774 27.12 111.97 -77.06
C ALA P 774 28.20 111.26 -77.86
N ASP P 775 29.39 111.16 -77.27
CA ASP P 775 30.45 110.29 -77.74
C ASP P 775 30.65 109.24 -76.67
N PHE P 776 30.28 108.00 -77.00
CA PHE P 776 30.10 106.99 -75.97
C PHE P 776 31.44 106.53 -75.38
N ASN P 777 32.41 106.24 -76.23
CA ASN P 777 33.72 105.79 -75.77
C ASN P 777 34.67 106.98 -75.83
N ARG P 778 35.00 107.54 -74.67
CA ARG P 778 35.89 108.68 -74.56
C ARG P 778 36.54 108.67 -73.19
N ASN P 779 37.71 109.29 -73.13
CA ASN P 779 38.42 109.47 -71.87
C ASN P 779 39.08 110.86 -71.60
N ASP P 780 38.35 111.98 -71.65
CA ASP P 780 38.98 113.24 -71.29
C ASP P 780 38.78 113.62 -69.83
N GLY P 781 37.92 112.90 -69.10
CA GLY P 781 37.52 113.33 -67.79
C GLY P 781 36.23 114.11 -67.70
N ARG P 782 35.40 114.14 -68.75
CA ARG P 782 34.12 114.80 -68.64
C ARG P 782 33.15 113.94 -67.82
N LEU P 783 32.01 114.53 -67.49
CA LEU P 783 30.95 113.86 -66.74
C LEU P 783 29.64 114.53 -67.11
N LEU P 784 28.56 113.79 -67.00
CA LEU P 784 27.24 114.27 -67.40
C LEU P 784 26.44 114.74 -66.21
N HIS P 785 25.98 115.98 -66.29
CA HIS P 785 25.14 116.57 -65.27
C HIS P 785 23.67 116.65 -65.71
N ASN P 786 23.28 116.04 -66.84
CA ASN P 786 21.89 116.15 -67.30
C ASN P 786 20.87 115.14 -66.77
N THR P 787 20.09 115.61 -65.82
CA THR P 787 19.06 114.79 -65.22
C THR P 787 17.91 115.70 -64.75
N GLN P 788 17.93 116.95 -65.20
CA GLN P 788 16.93 117.89 -64.76
C GLN P 788 15.64 117.49 -65.38
N ALA P 789 14.57 118.04 -64.84
CA ALA P 789 13.23 117.78 -65.31
C ALA P 789 12.82 118.74 -66.40
N ARG P 790 13.33 119.97 -66.32
CA ARG P 790 12.97 121.06 -67.22
C ARG P 790 14.12 121.28 -68.19
N ALA P 791 13.86 121.14 -69.48
CA ALA P 791 14.95 121.27 -70.46
C ALA P 791 15.50 122.69 -70.49
N ALA P 792 14.64 123.70 -70.30
CA ALA P 792 15.05 125.09 -70.36
C ALA P 792 15.97 125.49 -69.20
N ASP P 793 16.06 124.67 -68.16
CA ASP P 793 16.96 124.95 -67.04
C ASP P 793 18.05 123.88 -67.07
N ALA P 794 19.23 124.26 -67.51
CA ALA P 794 20.39 123.39 -67.48
C ALA P 794 21.31 123.83 -66.36
N ALA P 795 22.38 123.09 -66.14
CA ALA P 795 23.35 123.50 -65.13
C ALA P 795 24.74 123.02 -65.51
N ASP P 796 25.71 123.85 -65.17
CA ASP P 796 27.13 123.56 -65.29
C ASP P 796 27.80 123.68 -63.92
N ASP P 797 27.68 124.84 -63.27
CA ASP P 797 28.22 125.06 -61.92
C ASP P 797 27.27 124.56 -60.82
N ARG P 798 26.09 125.13 -60.73
CA ARG P 798 25.24 124.88 -59.58
C ARG P 798 24.60 123.50 -59.65
N PRO P 799 24.35 122.86 -58.51
CA PRO P 799 23.54 121.65 -58.48
C PRO P 799 22.05 121.97 -58.54
N HIS P 800 21.28 120.98 -59.00
CA HIS P 800 19.83 121.15 -59.14
C HIS P 800 19.12 120.97 -57.82
N ARG P 801 19.12 119.73 -57.32
CA ARG P 801 18.29 119.23 -56.24
C ARG P 801 18.66 119.86 -54.91
N PRO P 802 17.90 119.54 -53.84
CA PRO P 802 18.34 119.94 -52.50
C PRO P 802 19.50 119.11 -51.98
N ALA P 803 19.97 119.41 -50.79
CA ALA P 803 21.02 118.58 -50.18
C ALA P 803 20.47 117.27 -49.66
N ASP P 804 19.16 117.22 -49.39
CA ASP P 804 18.51 115.99 -48.96
C ASP P 804 18.39 114.96 -50.06
N TRP P 805 18.59 115.34 -51.31
CA TRP P 805 18.43 114.39 -52.40
C TRP P 805 19.52 113.33 -52.34
N THR P 806 20.76 113.75 -52.18
CA THR P 806 21.84 112.80 -52.06
C THR P 806 21.88 112.13 -50.71
N VAL P 807 21.38 112.80 -49.68
CA VAL P 807 21.35 112.18 -48.37
C VAL P 807 20.47 110.95 -48.38
N HIS P 808 19.40 110.96 -49.16
CA HIS P 808 18.52 109.82 -49.23
C HIS P 808 19.07 108.71 -50.11
N HIS P 809 19.84 109.05 -51.13
CA HIS P 809 20.47 108.01 -51.93
C HIS P 809 21.56 107.30 -51.13
N LYS P 810 22.29 108.04 -50.31
CA LYS P 810 23.21 107.40 -49.38
C LYS P 810 22.44 106.49 -48.42
N ILE P 811 21.45 107.03 -47.74
CA ILE P 811 20.66 106.23 -46.82
C ILE P 811 20.06 105.04 -47.53
N TYR P 812 19.52 105.25 -48.71
CA TYR P 812 18.89 104.14 -49.41
C TYR P 812 19.93 103.10 -49.79
N TYR P 813 20.94 103.50 -50.54
CA TYR P 813 21.90 102.52 -51.05
C TYR P 813 22.68 101.84 -49.95
N TYR P 814 23.15 102.62 -48.97
CA TYR P 814 23.92 102.02 -47.89
C TYR P 814 23.09 101.42 -46.78
N VAL P 815 22.07 102.12 -46.30
CA VAL P 815 21.31 101.54 -45.20
C VAL P 815 20.31 100.50 -45.72
N LEU P 816 19.48 100.87 -46.67
CA LEU P 816 18.38 99.97 -46.97
C LEU P 816 18.76 98.79 -47.85
N VAL P 817 19.44 99.01 -48.95
CA VAL P 817 19.78 97.94 -49.89
C VAL P 817 20.55 96.80 -49.24
N PRO P 818 21.52 97.01 -48.35
CA PRO P 818 22.18 95.85 -47.78
C PRO P 818 21.24 94.95 -46.98
N ALA P 819 20.23 95.51 -46.37
CA ALA P 819 19.26 94.75 -45.64
C ALA P 819 18.48 93.84 -46.56
N PHE P 820 18.08 94.32 -47.73
CA PHE P 820 17.29 93.55 -48.71
C PHE P 820 17.93 92.46 -49.48
N SER P 821 19.14 92.73 -49.90
CA SER P 821 20.02 91.85 -50.64
C SER P 821 20.78 90.91 -49.73
N ARG P 822 21.13 91.36 -48.53
CA ARG P 822 21.93 90.60 -47.57
C ARG P 822 23.27 90.22 -48.18
N GLY P 823 23.83 91.11 -48.96
CA GLY P 823 25.14 90.95 -49.50
C GLY P 823 25.21 90.48 -50.93
N ARG P 824 24.14 89.90 -51.47
CA ARG P 824 24.15 89.37 -52.82
C ARG P 824 23.50 90.37 -53.74
N CYS P 825 24.34 91.11 -54.46
CA CYS P 825 23.97 92.19 -55.37
C CYS P 825 25.28 92.80 -55.81
N CYS P 826 25.31 93.53 -56.90
CA CYS P 826 26.57 94.12 -57.32
C CYS P 826 26.28 95.32 -58.17
N THR P 827 27.16 96.33 -58.08
CA THR P 827 27.14 97.45 -58.99
C THR P 827 27.49 96.98 -60.38
N ALA P 828 27.24 97.83 -61.37
CA ALA P 828 27.81 97.60 -62.68
C ALA P 828 27.91 98.91 -63.42
N GLY P 829 28.70 98.90 -64.47
CA GLY P 829 28.64 99.94 -65.48
C GLY P 829 27.78 99.50 -66.63
N VAL P 830 27.33 100.47 -67.41
CA VAL P 830 26.39 100.24 -68.48
C VAL P 830 27.13 100.44 -69.79
N ARG P 831 26.79 99.63 -70.80
CA ARG P 831 27.21 99.90 -72.16
C ARG P 831 26.07 100.66 -72.82
N PHE P 832 26.24 101.96 -73.01
CA PHE P 832 25.09 102.73 -73.46
C PHE P 832 24.92 102.65 -74.96
N ASP P 833 26.02 102.70 -75.72
CA ASP P 833 25.94 102.47 -77.15
C ASP P 833 25.15 101.21 -77.44
N ARG P 834 25.36 100.19 -76.62
CA ARG P 834 24.68 98.92 -76.77
C ARG P 834 23.27 98.98 -76.22
N VAL P 835 23.05 99.66 -75.10
CA VAL P 835 21.71 99.72 -74.55
C VAL P 835 20.79 100.47 -75.49
N TYR P 836 21.17 101.68 -75.91
CA TYR P 836 20.38 102.44 -76.85
C TYR P 836 20.27 101.77 -78.21
N ALA P 837 21.03 100.71 -78.46
CA ALA P 837 20.94 100.04 -79.75
C ALA P 837 19.71 99.15 -79.84
N THR P 838 19.44 98.35 -78.81
CA THR P 838 18.22 97.56 -78.82
C THR P 838 17.08 98.20 -78.06
N LEU P 839 17.29 99.31 -77.39
CA LEU P 839 16.13 100.03 -76.89
C LEU P 839 15.34 100.61 -78.03
N GLN P 840 15.99 101.35 -78.90
CA GLN P 840 15.32 101.78 -80.11
C GLN P 840 15.75 100.78 -81.17
N ASN P 841 14.97 99.71 -81.24
CA ASN P 841 15.05 98.72 -82.28
C ASN P 841 13.64 98.27 -82.11
N MET P 842 12.76 98.65 -83.00
CA MET P 842 11.39 98.28 -82.81
C MET P 842 10.84 97.71 -84.05
N VAL P 843 9.75 96.98 -83.90
CA VAL P 843 9.12 96.41 -85.04
C VAL P 843 7.61 96.45 -84.83
N VAL P 844 7.08 97.66 -84.69
CA VAL P 844 5.66 97.86 -84.54
C VAL P 844 4.94 97.66 -85.87
N PRO P 845 3.59 97.32 -85.80
CA PRO P 845 2.91 97.25 -87.08
C PRO P 845 2.47 98.68 -87.44
N GLU P 846 1.97 98.91 -88.64
CA GLU P 846 1.50 100.23 -89.06
C GLU P 846 -0.03 100.16 -89.05
N ILE P 847 -0.66 101.03 -88.29
CA ILE P 847 -2.11 100.97 -88.13
C ILE P 847 -3.00 101.09 -89.36
N ALA P 848 -4.08 100.28 -89.39
CA ALA P 848 -4.99 100.34 -90.52
C ALA P 848 -6.12 101.31 -90.20
N PRO P 849 -6.37 102.29 -91.08
CA PRO P 849 -7.39 103.31 -90.78
C PRO P 849 -8.75 102.69 -90.47
N GLY P 850 -9.39 103.18 -89.40
CA GLY P 850 -10.66 102.70 -88.96
C GLY P 850 -10.61 101.64 -87.88
N GLU P 851 -9.49 100.94 -87.74
CA GLU P 851 -9.32 99.94 -86.71
C GLU P 851 -8.74 100.58 -85.44
N GLU P 852 -9.17 100.06 -84.29
CA GLU P 852 -8.74 100.54 -82.99
C GLU P 852 -7.31 100.08 -82.68
N CYS P 853 -6.72 100.74 -81.69
CA CYS P 853 -5.45 100.30 -81.13
C CYS P 853 -5.49 98.83 -80.75
N PRO P 854 -4.53 98.03 -81.18
CA PRO P 854 -4.45 96.65 -80.69
C PRO P 854 -4.19 96.62 -79.21
N SER P 855 -5.08 95.97 -78.48
CA SER P 855 -4.93 95.77 -77.03
C SER P 855 -4.15 94.50 -76.69
N ASP P 856 -4.45 93.40 -77.36
CA ASP P 856 -4.08 92.07 -76.88
C ASP P 856 -2.85 91.55 -77.58
N PRO P 857 -1.80 91.17 -76.84
CA PRO P 857 -0.62 90.63 -77.50
C PRO P 857 -0.83 89.24 -78.07
N VAL P 858 -1.74 88.46 -77.50
CA VAL P 858 -2.01 87.14 -78.08
C VAL P 858 -3.00 87.23 -79.24
N THR P 859 -3.96 88.14 -79.18
CA THR P 859 -5.10 88.13 -80.11
C THR P 859 -4.78 88.80 -81.45
N ASP P 860 -4.71 90.13 -81.45
CA ASP P 860 -4.59 90.88 -82.70
C ASP P 860 -3.18 90.75 -83.26
N PRO P 861 -3.05 90.26 -84.49
CA PRO P 861 -1.77 90.00 -85.14
C PRO P 861 -0.94 91.22 -85.43
N ALA P 862 -1.40 92.40 -85.02
CA ALA P 862 -0.66 93.62 -85.22
C ALA P 862 -0.49 94.32 -83.90
N HIS P 863 0.37 93.76 -83.07
CA HIS P 863 0.73 94.29 -81.78
C HIS P 863 2.24 94.16 -81.87
N PRO P 864 3.01 94.95 -81.15
CA PRO P 864 4.46 94.79 -81.22
C PRO P 864 4.95 93.52 -80.56
N LEU P 865 4.18 92.99 -79.62
CA LEU P 865 4.54 91.78 -78.90
C LEU P 865 3.84 90.53 -79.40
N HIS P 866 3.03 90.62 -80.44
CA HIS P 866 2.43 89.42 -80.99
C HIS P 866 3.51 88.59 -81.69
N PRO P 867 3.42 87.26 -81.61
CA PRO P 867 4.43 86.41 -82.26
C PRO P 867 4.63 86.67 -83.73
N ALA P 868 3.65 87.30 -84.39
CA ALA P 868 3.88 87.75 -85.76
C ALA P 868 4.84 88.91 -85.80
N ASN P 869 4.91 89.70 -84.73
CA ASN P 869 5.79 90.86 -84.66
C ASN P 869 7.08 90.60 -83.91
N LEU P 870 7.33 89.38 -83.45
CA LEU P 870 8.50 89.14 -82.61
C LEU P 870 9.65 88.76 -83.53
N VAL P 871 10.59 89.69 -83.68
CA VAL P 871 11.77 89.46 -84.46
C VAL P 871 12.90 89.25 -83.46
N ALA P 872 14.07 88.87 -83.96
CA ALA P 872 15.22 88.75 -83.09
C ALA P 872 15.90 90.10 -82.97
N ASN P 873 16.49 90.35 -81.79
CA ASN P 873 17.31 91.50 -81.47
C ASN P 873 16.54 92.78 -81.29
N THR P 874 15.26 92.81 -81.59
CA THR P 874 14.53 94.06 -81.48
C THR P 874 14.18 94.32 -80.02
N VAL P 875 13.55 95.47 -79.75
CA VAL P 875 13.28 95.80 -78.36
C VAL P 875 12.12 94.97 -77.83
N ASN P 876 11.19 94.59 -78.69
CA ASN P 876 9.97 93.97 -78.22
C ASN P 876 10.08 92.45 -78.17
N ALA P 877 11.21 91.91 -78.59
CA ALA P 877 11.57 90.56 -78.16
C ALA P 877 12.12 90.59 -76.75
N MET P 878 12.80 91.68 -76.39
CA MET P 878 13.28 91.85 -75.04
C MET P 878 12.15 92.12 -74.06
N PHE P 879 11.13 92.89 -74.47
CA PHE P 879 9.92 92.95 -73.64
C PHE P 879 9.26 91.61 -73.53
N HIS P 880 9.34 90.80 -74.58
CA HIS P 880 8.64 89.53 -74.57
C HIS P 880 9.29 88.57 -73.58
N ASN P 881 10.62 88.52 -73.55
CA ASN P 881 11.32 87.50 -72.79
C ASN P 881 10.90 87.49 -71.34
N GLY P 882 11.25 88.55 -70.63
CA GLY P 882 10.75 88.76 -69.28
C GLY P 882 9.37 89.08 -69.79
N ARG P 883 8.29 88.69 -69.13
CA ARG P 883 7.00 88.92 -69.75
C ARG P 883 6.45 90.25 -69.29
N VAL P 884 6.32 91.18 -70.22
CA VAL P 884 5.83 92.52 -69.95
C VAL P 884 4.90 92.86 -71.09
N VAL P 885 3.66 93.22 -70.77
CA VAL P 885 2.66 93.50 -71.79
C VAL P 885 2.60 95.00 -71.98
N VAL P 886 3.02 95.45 -73.16
CA VAL P 886 3.14 96.86 -73.47
C VAL P 886 2.48 97.08 -74.82
N ASP P 887 1.66 98.11 -74.93
CA ASP P 887 1.07 98.42 -76.22
C ASP P 887 2.02 99.27 -77.05
N GLY P 888 1.63 99.54 -78.28
CA GLY P 888 2.43 100.34 -79.17
C GLY P 888 2.73 101.75 -78.70
N PRO P 889 1.71 102.53 -78.34
CA PRO P 889 1.96 103.93 -78.01
C PRO P 889 2.82 104.12 -76.79
N ALA P 890 2.97 103.07 -75.97
CA ALA P 890 3.84 103.17 -74.80
C ALA P 890 5.30 103.05 -75.21
N MET P 891 5.64 102.06 -76.02
CA MET P 891 7.03 101.94 -76.45
C MET P 891 7.34 102.82 -77.63
N LEU P 892 6.33 103.43 -78.24
CA LEU P 892 6.59 104.46 -79.24
C LEU P 892 7.15 105.72 -78.60
N THR P 893 6.95 105.90 -77.30
CA THR P 893 7.47 107.08 -76.63
C THR P 893 8.95 106.96 -76.38
N LEU P 894 9.54 105.89 -76.88
CA LEU P 894 10.94 105.57 -76.70
C LEU P 894 11.82 106.27 -77.72
N GLN P 895 11.25 107.13 -78.55
CA GLN P 895 12.06 108.01 -79.39
C GLN P 895 12.71 109.13 -78.61
N VAL P 896 12.43 109.25 -77.31
CA VAL P 896 12.96 110.33 -76.49
C VAL P 896 14.44 110.16 -76.19
N LEU P 897 14.96 108.93 -76.28
CA LEU P 897 16.33 108.65 -75.90
C LEU P 897 17.34 109.42 -76.74
N ALA P 898 16.91 110.09 -77.80
CA ALA P 898 17.83 110.89 -78.58
C ALA P 898 18.14 112.23 -77.93
N HIS P 899 17.17 112.78 -77.20
CA HIS P 899 17.31 114.13 -76.64
C HIS P 899 18.12 114.16 -75.36
N ASN P 900 18.04 113.11 -74.54
CA ASN P 900 18.90 112.96 -73.38
C ASN P 900 19.44 111.54 -73.42
N MET P 901 20.75 111.40 -73.60
CA MET P 901 21.36 110.09 -73.45
C MET P 901 22.65 110.25 -72.66
N ALA P 902 23.29 109.13 -72.36
CA ALA P 902 24.50 109.10 -71.57
C ALA P 902 25.55 108.30 -72.31
N GLU P 903 26.78 108.79 -72.29
CA GLU P 903 27.80 108.13 -73.10
C GLU P 903 28.34 106.90 -72.38
N ARG P 904 28.93 107.07 -71.21
CA ARG P 904 29.62 105.99 -70.55
C ARG P 904 29.38 106.06 -69.04
N THR P 905 29.69 104.96 -68.37
CA THR P 905 29.79 104.96 -66.93
C THR P 905 31.21 105.33 -66.54
N THR P 906 31.33 106.06 -65.45
CA THR P 906 32.56 106.75 -65.13
C THR P 906 32.88 106.50 -63.68
N ALA P 907 34.01 105.87 -63.42
CA ALA P 907 34.37 105.43 -62.07
C ALA P 907 35.26 106.48 -61.41
N LEU P 908 34.77 107.06 -60.33
CA LEU P 908 35.49 108.11 -59.63
C LEU P 908 36.07 107.57 -58.34
N LEU P 909 37.31 107.95 -58.07
CA LEU P 909 37.92 107.73 -56.78
C LEU P 909 38.18 109.11 -56.20
N CYS P 910 37.35 109.51 -55.25
CA CYS P 910 37.52 110.74 -54.50
C CYS P 910 38.06 110.40 -53.12
N SER P 911 38.87 111.28 -52.55
CA SER P 911 39.31 111.11 -51.19
C SER P 911 39.04 112.40 -50.43
N ALA P 912 39.44 112.42 -49.16
CA ALA P 912 39.09 113.49 -48.25
C ALA P 912 39.81 113.24 -46.93
N ALA P 913 39.96 114.29 -46.16
CA ALA P 913 40.67 114.23 -44.90
C ALA P 913 39.67 114.04 -43.76
N PRO P 914 40.11 113.95 -42.52
CA PRO P 914 39.16 113.94 -41.42
C PRO P 914 38.56 115.32 -41.21
N ASP P 915 37.27 115.37 -40.97
CA ASP P 915 36.58 116.63 -40.93
C ASP P 915 36.96 117.31 -39.68
N ALA P 916 36.49 118.53 -39.47
CA ALA P 916 36.80 119.25 -38.25
C ALA P 916 36.18 118.35 -37.18
N GLY P 917 36.73 118.33 -35.98
CA GLY P 917 36.25 117.40 -34.98
C GLY P 917 37.30 116.32 -34.99
N ALA P 918 37.21 115.38 -35.92
CA ALA P 918 38.17 114.31 -35.97
C ALA P 918 39.59 114.67 -36.28
N ASN P 919 39.87 115.54 -37.24
CA ASN P 919 41.28 115.80 -37.57
C ASN P 919 42.08 116.77 -36.72
N THR P 920 43.19 116.24 -36.22
CA THR P 920 44.18 116.89 -35.43
C THR P 920 45.41 116.67 -36.25
N ALA P 921 46.58 116.83 -35.66
CA ALA P 921 47.82 116.62 -36.37
C ALA P 921 48.14 115.19 -36.71
N SER P 922 47.83 114.21 -35.87
CA SER P 922 48.22 112.86 -36.24
C SER P 922 47.40 112.35 -37.41
N THR P 923 46.15 112.76 -37.48
CA THR P 923 45.25 112.35 -38.53
C THR P 923 45.18 113.37 -39.67
N ALA P 924 46.01 114.40 -39.64
CA ALA P 924 45.95 115.42 -40.69
C ALA P 924 46.30 114.87 -42.07
N ASN P 925 47.09 113.81 -42.12
CA ASN P 925 47.43 113.18 -43.39
C ASN P 925 46.59 111.97 -43.72
N MET P 926 45.61 111.62 -42.89
CA MET P 926 44.81 110.45 -43.17
C MET P 926 43.78 110.79 -44.24
N ARG P 927 43.76 109.99 -45.29
CA ARG P 927 42.81 110.13 -46.38
C ARG P 927 41.87 108.95 -46.34
N ILE P 928 40.58 109.23 -46.35
CA ILE P 928 39.58 108.19 -46.53
C ILE P 928 39.20 108.20 -47.99
N PHE P 929 39.45 107.11 -48.68
CA PHE P 929 39.11 107.05 -50.09
C PHE P 929 37.67 106.61 -50.26
N ASP P 930 37.23 106.57 -51.50
CA ASP P 930 35.83 106.49 -51.84
C ASP P 930 35.75 105.82 -53.20
N GLY P 931 34.55 105.61 -53.68
CA GLY P 931 34.43 105.17 -55.04
C GLY P 931 32.99 105.27 -55.45
N ALA P 932 32.76 105.49 -56.74
CA ALA P 932 31.42 105.62 -57.25
C ALA P 932 31.49 105.40 -58.75
N LEU P 933 30.39 105.04 -59.36
CA LEU P 933 30.31 104.84 -60.79
C LEU P 933 29.36 105.88 -61.08
N HIS P 934 29.68 106.75 -62.04
CA HIS P 934 28.85 107.88 -62.43
C HIS P 934 27.50 107.55 -63.02
N ALA P 935 27.46 106.61 -63.93
CA ALA P 935 26.22 106.23 -64.46
C ALA P 935 26.25 104.77 -64.22
N GLY P 936 26.21 104.38 -62.97
CA GLY P 936 26.29 102.97 -62.72
C GLY P 936 24.89 102.46 -62.45
N VAL P 937 24.78 101.15 -62.37
CA VAL P 937 23.51 100.52 -62.09
C VAL P 937 23.77 99.45 -61.05
N LEU P 938 22.74 99.14 -60.29
CA LEU P 938 22.83 98.11 -59.27
C LEU P 938 22.22 96.82 -59.79
N LEU P 939 23.01 95.76 -59.84
CA LEU P 939 22.55 94.44 -60.24
C LEU P 939 22.08 93.67 -59.03
N MET P 940 20.82 93.32 -58.98
CA MET P 940 20.32 92.74 -57.76
C MET P 940 20.61 91.25 -57.68
N ALA P 941 19.88 90.43 -58.39
CA ALA P 941 20.11 89.00 -58.31
C ALA P 941 20.78 88.53 -59.58
N PRO P 942 21.89 87.81 -59.50
CA PRO P 942 22.60 87.43 -60.72
C PRO P 942 21.76 86.49 -61.56
N GLN P 943 21.59 86.84 -62.83
CA GLN P 943 21.15 85.87 -63.80
C GLN P 943 22.36 85.68 -64.72
N HIS P 944 23.22 84.75 -64.34
CA HIS P 944 24.35 84.39 -65.17
C HIS P 944 24.10 83.10 -65.91
N LEU P 945 23.12 82.34 -65.47
CA LEU P 945 22.82 81.05 -66.05
C LEU P 945 21.64 81.09 -67.00
N ASP P 946 21.08 82.26 -67.29
CA ASP P 946 20.19 82.35 -68.44
C ASP P 946 21.05 82.73 -69.64
N HIS P 947 21.14 81.79 -70.58
CA HIS P 947 22.09 81.91 -71.67
C HIS P 947 21.50 82.61 -72.87
N THR P 948 20.32 83.20 -72.71
CA THR P 948 19.70 83.98 -73.77
C THR P 948 20.44 85.30 -73.96
N ILE P 949 20.45 86.17 -72.98
CA ILE P 949 21.34 87.33 -73.09
C ILE P 949 22.76 86.88 -72.76
N GLN P 950 23.71 87.28 -73.60
CA GLN P 950 25.10 86.92 -73.38
C GLN P 950 25.59 87.54 -72.09
N ASN P 951 26.62 86.93 -71.50
CA ASN P 951 27.11 87.36 -70.20
C ASN P 951 27.94 88.61 -70.39
N GLY P 952 27.48 89.72 -69.83
CA GLY P 952 28.20 90.96 -69.95
C GLY P 952 27.98 91.73 -71.23
N GLU P 953 26.78 91.65 -71.83
CA GLU P 953 26.51 92.47 -72.99
C GLU P 953 26.35 93.92 -72.59
N TYR P 954 25.24 94.22 -71.93
CA TYR P 954 24.92 95.58 -71.58
C TYR P 954 25.61 96.05 -70.32
N PHE P 955 26.01 95.15 -69.46
CA PHE P 955 26.65 95.57 -68.25
C PHE P 955 27.88 94.75 -68.01
N TYR P 956 28.84 95.29 -67.29
CA TYR P 956 30.06 94.59 -66.95
C TYR P 956 30.06 94.77 -65.43
N VAL P 957 30.65 93.88 -64.66
CA VAL P 957 30.48 93.93 -63.22
C VAL P 957 30.91 95.09 -62.31
N LEU P 958 32.14 95.57 -62.30
CA LEU P 958 32.44 96.77 -61.50
C LEU P 958 31.95 96.96 -60.06
N PRO P 959 32.40 96.09 -59.07
CA PRO P 959 31.95 96.39 -57.71
C PRO P 959 32.75 97.57 -57.13
N VAL P 960 32.14 98.61 -56.58
CA VAL P 960 32.75 99.83 -56.09
C VAL P 960 33.12 99.64 -54.63
N HIS P 961 32.13 99.31 -53.82
CA HIS P 961 32.30 99.03 -52.43
C HIS P 961 32.02 97.56 -52.22
N ALA P 962 32.53 97.01 -51.13
CA ALA P 962 32.32 95.60 -50.81
C ALA P 962 30.94 95.31 -50.27
N LEU P 963 30.06 96.30 -50.21
CA LEU P 963 28.71 96.02 -49.84
C LEU P 963 27.97 95.59 -51.05
N PHE P 964 28.53 95.84 -52.22
CA PHE P 964 28.00 95.52 -53.52
C PHE P 964 29.08 94.88 -54.35
N ALA P 965 29.46 93.69 -53.97
CA ALA P 965 30.36 92.85 -54.68
C ALA P 965 29.43 91.73 -54.36
N GLY P 966 29.19 90.80 -55.27
CA GLY P 966 28.27 89.74 -54.98
C GLY P 966 29.20 88.64 -55.35
N ALA P 967 29.33 87.57 -54.60
CA ALA P 967 30.26 86.51 -54.90
C ALA P 967 29.97 85.91 -56.25
N ASP P 968 28.70 85.80 -56.60
CA ASP P 968 28.27 85.14 -57.82
C ASP P 968 28.08 86.09 -58.99
N HIS P 969 28.11 87.39 -58.77
CA HIS P 969 28.29 88.30 -59.89
C HIS P 969 29.73 88.26 -60.34
N VAL P 970 30.64 88.59 -59.44
CA VAL P 970 32.06 88.61 -59.74
C VAL P 970 32.52 87.29 -60.32
N ALA P 971 32.24 86.19 -59.60
CA ALA P 971 32.85 84.92 -59.97
C ALA P 971 32.41 84.45 -61.34
N ASN P 972 31.21 84.80 -61.74
CA ASN P 972 30.68 84.34 -63.01
C ASN P 972 30.89 85.34 -64.15
N ALA P 973 31.63 86.40 -63.90
CA ALA P 973 32.05 87.33 -64.94
C ALA P 973 32.76 86.55 -66.02
N PRO P 974 32.80 87.04 -67.27
CA PRO P 974 33.01 86.14 -68.41
C PRO P 974 34.31 85.34 -68.37
N ASN P 975 35.44 85.98 -68.14
CA ASN P 975 36.68 85.25 -67.94
C ASN P 975 37.19 85.60 -66.55
N PHE P 976 37.15 84.63 -65.67
CA PHE P 976 37.43 84.87 -64.28
C PHE P 976 38.54 83.92 -63.89
N PRO P 977 39.43 84.33 -63.01
CA PRO P 977 40.56 83.52 -62.63
C PRO P 977 40.13 82.32 -61.82
N PRO P 978 39.87 81.18 -62.46
CA PRO P 978 39.23 80.06 -61.75
C PRO P 978 39.98 79.62 -60.51
N ALA P 979 41.23 80.06 -60.34
CA ALA P 979 41.92 79.84 -59.08
C ALA P 979 41.32 80.65 -57.94
N LEU P 980 40.52 81.66 -58.25
CA LEU P 980 39.93 82.54 -57.25
C LEU P 980 38.52 82.14 -56.87
N ARG P 981 38.02 81.02 -57.39
CA ARG P 981 36.61 80.68 -57.22
C ARG P 981 36.24 80.47 -55.76
N ASP P 982 37.11 79.85 -54.97
CA ASP P 982 36.80 79.70 -53.55
C ASP P 982 37.03 81.00 -52.81
N LEU P 983 38.16 81.66 -53.07
CA LEU P 983 38.42 82.95 -52.45
C LEU P 983 37.27 83.91 -52.71
N ALA P 984 36.86 84.04 -53.97
CA ALA P 984 35.82 85.00 -54.33
C ALA P 984 34.52 84.75 -53.60
N ARG P 985 34.41 83.59 -52.99
CA ARG P 985 33.22 83.22 -52.25
C ARG P 985 33.19 83.86 -50.87
N HIS P 986 34.33 83.87 -50.19
CA HIS P 986 34.53 84.55 -48.91
C HIS P 986 34.88 86.02 -49.01
N VAL P 987 35.70 86.39 -49.99
CA VAL P 987 36.39 87.69 -50.01
C VAL P 987 35.67 88.61 -50.99
N PRO P 988 35.41 89.86 -50.61
CA PRO P 988 34.84 90.86 -51.50
C PRO P 988 35.82 91.45 -52.48
N LEU P 989 35.93 90.93 -53.70
CA LEU P 989 36.97 91.41 -54.60
C LEU P 989 36.55 92.76 -55.18
N VAL P 990 37.23 93.82 -54.75
CA VAL P 990 36.95 95.18 -55.18
C VAL P 990 38.24 95.80 -55.69
N PRO P 991 38.31 96.23 -56.95
CA PRO P 991 39.55 96.80 -57.46
C PRO P 991 39.94 98.06 -56.70
N PRO P 992 41.20 98.17 -56.24
CA PRO P 992 41.57 99.32 -55.42
C PRO P 992 41.55 100.61 -56.18
N ALA P 993 41.49 100.56 -57.50
CA ALA P 993 41.15 101.77 -58.24
C ALA P 993 39.85 102.36 -57.73
N LEU P 994 39.00 101.56 -57.11
CA LEU P 994 37.81 102.03 -56.43
C LEU P 994 37.97 102.15 -54.93
N GLY P 995 39.14 101.91 -54.38
CA GLY P 995 39.36 102.01 -52.95
C GLY P 995 39.56 100.66 -52.29
N ALA P 996 39.87 100.73 -51.01
CA ALA P 996 40.33 99.59 -50.24
C ALA P 996 39.51 99.47 -48.99
N ASN P 997 39.62 98.32 -48.34
CA ASN P 997 39.00 98.14 -47.05
C ASN P 997 39.43 99.26 -46.11
N TYR P 998 40.68 99.23 -45.71
CA TYR P 998 41.16 100.06 -44.63
C TYR P 998 41.03 101.53 -44.92
N PHE P 999 40.95 101.91 -46.17
CA PHE P 999 40.89 103.33 -46.49
C PHE P 999 39.48 103.82 -46.72
N SER P 1000 38.48 102.96 -46.61
CA SER P 1000 37.12 103.41 -46.85
C SER P 1000 36.42 103.81 -45.56
N SER P 1001 35.22 104.35 -45.72
CA SER P 1001 34.42 104.77 -44.59
C SER P 1001 33.65 103.61 -44.01
N ILE P 1002 33.23 102.69 -44.86
CA ILE P 1002 32.46 101.54 -44.46
C ILE P 1002 33.34 100.34 -44.71
N ARG P 1003 33.81 99.75 -43.64
CA ARG P 1003 34.74 98.66 -43.67
C ARG P 1003 33.97 97.39 -43.39
N GLN P 1004 34.67 96.29 -43.22
CA GLN P 1004 34.09 94.96 -43.24
C GLN P 1004 33.11 94.62 -42.13
N PRO P 1005 33.28 95.09 -40.89
CA PRO P 1005 32.26 94.78 -39.89
C PRO P 1005 30.87 95.19 -40.31
N VAL P 1006 30.75 96.30 -41.04
CA VAL P 1006 29.45 96.71 -41.56
C VAL P 1006 28.96 95.74 -42.60
N VAL P 1007 29.87 95.18 -43.39
CA VAL P 1007 29.47 94.28 -44.46
C VAL P 1007 29.03 92.95 -43.90
N GLN P 1008 29.70 92.46 -42.86
CA GLN P 1008 29.35 91.18 -42.28
C GLN P 1008 28.22 91.28 -41.28
N HIS P 1009 27.96 92.45 -40.73
CA HIS P 1009 26.75 92.60 -39.93
C HIS P 1009 25.51 92.40 -40.78
N ALA P 1010 25.53 92.91 -42.01
CA ALA P 1010 24.36 92.81 -42.86
C ALA P 1010 24.10 91.38 -43.30
N ARG P 1011 25.14 90.69 -43.75
CA ARG P 1011 24.98 89.30 -44.18
C ARG P 1011 24.46 88.43 -43.04
N GLU P 1012 24.99 88.63 -41.86
CA GLU P 1012 24.90 87.68 -40.76
C GLU P 1012 23.78 87.95 -39.78
N SER P 1013 23.16 89.13 -39.82
CA SER P 1013 22.23 89.49 -38.77
C SER P 1013 20.91 88.76 -38.95
N ALA P 1014 20.37 88.24 -37.85
CA ALA P 1014 19.15 87.46 -37.85
C ALA P 1014 17.90 88.29 -37.61
N ALA P 1015 18.04 89.56 -37.24
CA ALA P 1015 16.87 90.39 -36.99
C ALA P 1015 16.20 90.75 -38.31
N GLY P 1016 15.12 91.50 -38.22
CA GLY P 1016 14.35 91.77 -39.40
C GLY P 1016 15.01 92.79 -40.29
N GLU P 1017 14.25 93.39 -41.20
CA GLU P 1017 14.79 94.50 -41.96
C GLU P 1017 14.66 95.80 -41.19
N ASN P 1018 13.52 96.03 -40.56
CA ASN P 1018 13.39 97.25 -39.79
C ASN P 1018 14.37 97.28 -38.65
N ALA P 1019 14.66 96.14 -38.04
CA ALA P 1019 15.65 96.15 -36.99
C ALA P 1019 17.04 96.23 -37.57
N LEU P 1020 17.31 95.53 -38.66
CA LEU P 1020 18.62 95.64 -39.26
C LEU P 1020 18.82 96.99 -39.92
N THR P 1021 17.75 97.69 -40.23
CA THR P 1021 17.92 99.00 -40.84
C THR P 1021 18.23 100.08 -39.81
N TYR P 1022 17.56 100.06 -38.66
CA TYR P 1022 17.94 101.00 -37.60
C TYR P 1022 19.23 100.59 -36.92
N ALA P 1023 19.59 99.31 -36.97
CA ALA P 1023 20.83 98.83 -36.37
C ALA P 1023 22.02 99.17 -37.21
N LEU P 1024 21.83 99.18 -38.50
CA LEU P 1024 22.87 99.48 -39.46
C LEU P 1024 23.03 100.97 -39.68
N MET P 1025 21.98 101.73 -39.43
CA MET P 1025 22.00 103.17 -39.44
C MET P 1025 22.63 103.73 -38.19
N ALA P 1026 22.50 103.02 -37.08
CA ALA P 1026 23.13 103.39 -35.83
C ALA P 1026 24.61 103.13 -35.80
N GLY P 1027 25.15 102.48 -36.80
CA GLY P 1027 26.56 102.23 -36.89
C GLY P 1027 27.28 103.11 -37.84
N TYR P 1028 26.58 104.05 -38.48
CA TYR P 1028 27.21 105.04 -39.33
C TYR P 1028 27.55 106.32 -38.59
N PHE P 1029 27.21 106.40 -37.31
CA PHE P 1029 27.60 107.54 -36.49
C PHE P 1029 29.11 107.58 -36.36
N LYS P 1030 29.69 108.76 -36.52
CA LYS P 1030 31.14 108.90 -36.55
C LYS P 1030 31.77 108.84 -35.17
N MET P 1031 33.06 108.52 -35.14
CA MET P 1031 33.83 108.37 -33.91
C MET P 1031 34.69 109.57 -33.52
N SER P 1032 34.58 110.70 -34.21
CA SER P 1032 35.29 111.91 -33.84
C SER P 1032 34.94 112.36 -32.43
N PRO P 1033 35.79 113.17 -31.76
CA PRO P 1033 35.41 113.63 -30.43
C PRO P 1033 34.26 114.59 -30.44
N VAL P 1034 33.96 115.21 -31.57
CA VAL P 1034 32.80 116.06 -31.69
C VAL P 1034 31.54 115.24 -31.92
N ALA P 1035 31.65 114.14 -32.66
CA ALA P 1035 30.50 113.27 -32.82
C ALA P 1035 30.06 112.68 -31.49
N LEU P 1036 31.00 112.13 -30.77
CA LEU P 1036 30.77 111.43 -29.56
C LEU P 1036 30.16 112.34 -28.61
N TYR P 1037 30.34 113.63 -28.74
CA TYR P 1037 29.76 114.56 -27.85
C TYR P 1037 28.27 114.45 -27.91
N HIS P 1038 27.71 114.42 -29.10
CA HIS P 1038 26.30 114.34 -29.42
C HIS P 1038 25.62 113.07 -29.04
N GLN P 1039 26.30 111.97 -29.22
CA GLN P 1039 25.85 110.64 -28.93
C GLN P 1039 25.83 110.40 -27.44
N LEU P 1040 26.84 110.86 -26.73
CA LEU P 1040 26.86 110.63 -25.31
C LEU P 1040 25.87 111.52 -24.60
N LYS P 1041 25.78 112.79 -24.99
CA LYS P 1041 24.86 113.70 -24.33
C LYS P 1041 23.42 113.36 -24.65
N THR P 1042 23.15 112.85 -25.84
CA THR P 1042 21.80 112.55 -26.28
C THR P 1042 21.40 111.09 -26.05
N GLY P 1043 22.27 110.29 -25.48
CA GLY P 1043 21.86 108.97 -25.07
C GLY P 1043 22.02 107.91 -26.12
N LEU P 1044 22.95 108.07 -27.04
CA LEU P 1044 23.31 107.01 -27.97
C LEU P 1044 24.41 106.19 -27.34
N HIS P 1045 24.37 104.88 -27.51
CA HIS P 1045 25.50 104.07 -27.08
C HIS P 1045 26.50 104.00 -28.22
N PRO P 1046 27.66 104.65 -28.10
CA PRO P 1046 28.61 104.72 -29.23
C PRO P 1046 29.10 103.39 -29.76
N GLY P 1047 28.89 102.28 -29.08
CA GLY P 1047 29.36 101.02 -29.55
C GLY P 1047 30.50 100.41 -28.78
N PHE P 1048 31.06 101.15 -27.82
CA PHE P 1048 32.04 100.62 -26.89
C PHE P 1048 31.66 101.10 -25.50
N GLY P 1049 32.11 100.35 -24.48
CA GLY P 1049 31.83 100.68 -23.11
C GLY P 1049 33.04 101.27 -22.44
N PHE P 1050 32.91 101.47 -21.13
CA PHE P 1050 34.01 102.01 -20.36
C PHE P 1050 34.22 101.14 -19.13
N THR P 1051 35.40 101.26 -18.53
CA THR P 1051 35.64 100.85 -17.16
C THR P 1051 35.91 102.08 -16.34
N VAL P 1052 35.32 102.15 -15.17
CA VAL P 1052 35.41 103.34 -14.35
C VAL P 1052 36.28 102.98 -13.17
N VAL P 1053 37.47 103.53 -13.13
CA VAL P 1053 38.39 103.34 -12.01
C VAL P 1053 38.20 104.48 -11.03
N ARG P 1054 38.08 104.15 -9.75
CA ARG P 1054 37.90 105.17 -8.74
C ARG P 1054 38.67 104.76 -7.50
N GLN P 1055 39.31 105.70 -6.85
CA GLN P 1055 40.16 105.44 -5.71
C GLN P 1055 39.58 106.08 -4.47
N ASP P 1056 39.60 105.36 -3.35
CA ASP P 1056 38.95 105.83 -2.13
C ASP P 1056 39.89 105.75 -0.94
N ARG P 1057 40.01 106.85 -0.23
CA ARG P 1057 40.63 106.84 1.08
C ARG P 1057 39.63 106.30 2.09
N PHE P 1058 40.13 105.63 3.12
CA PHE P 1058 39.36 105.20 4.27
C PHE P 1058 40.19 105.50 5.50
N VAL P 1059 39.52 105.62 6.64
CA VAL P 1059 40.21 105.77 7.91
C VAL P 1059 40.05 104.50 8.70
N THR P 1060 41.15 103.93 9.10
CA THR P 1060 41.14 102.65 9.75
C THR P 1060 41.58 102.81 11.18
N GLU P 1061 41.56 101.72 11.92
CA GLU P 1061 42.04 101.69 13.28
C GLU P 1061 42.83 100.41 13.44
N ASN P 1062 44.06 100.51 13.86
CA ASN P 1062 44.94 99.37 13.82
C ASN P 1062 45.26 98.86 15.21
N VAL P 1063 45.97 97.76 15.22
CA VAL P 1063 46.68 97.25 16.38
C VAL P 1063 48.10 96.98 15.94
N LEU P 1064 49.06 97.33 16.76
CA LEU P 1064 50.44 97.07 16.48
C LEU P 1064 50.96 96.19 17.59
N PHE P 1065 51.48 95.03 17.23
CA PHE P 1065 52.17 94.19 18.19
C PHE P 1065 53.64 94.20 17.82
N SER P 1066 54.50 94.55 18.78
CA SER P 1066 55.93 94.56 18.54
C SER P 1066 56.64 93.76 19.61
N GLU P 1067 57.45 92.81 19.18
CA GLU P 1067 58.14 91.89 20.06
C GLU P 1067 59.17 92.62 20.91
N ARG P 1068 59.61 91.96 21.99
CA ARG P 1068 60.28 92.57 23.11
C ARG P 1068 61.40 93.52 22.74
N ALA P 1069 62.58 93.09 22.32
CA ALA P 1069 63.53 94.08 21.84
C ALA P 1069 63.50 93.99 20.33
N SER P 1070 62.69 94.84 19.72
CA SER P 1070 62.58 94.87 18.29
C SER P 1070 63.41 95.98 17.70
N GLU P 1071 64.15 96.70 18.54
CA GLU P 1071 64.66 97.99 18.13
C GLU P 1071 65.94 98.29 18.89
N ALA P 1072 66.58 99.39 18.53
CA ALA P 1072 67.86 99.77 19.11
C ALA P 1072 67.80 101.21 19.57
N TYR P 1073 67.66 102.14 18.66
CA TYR P 1073 67.27 103.49 19.08
C TYR P 1073 68.27 104.16 20.03
N PHE P 1074 69.36 104.67 19.47
CA PHE P 1074 70.34 105.44 20.21
C PHE P 1074 69.89 106.89 20.36
N LEU P 1075 70.19 107.48 21.51
CA LEU P 1075 69.83 108.85 21.81
C LEU P 1075 71.05 109.75 21.70
N GLY P 1076 70.84 110.98 21.25
CA GLY P 1076 71.88 111.93 20.96
C GLY P 1076 72.09 112.93 22.06
N GLN P 1077 72.42 114.16 21.66
CA GLN P 1077 72.72 115.29 22.52
C GLN P 1077 71.78 116.44 22.13
N LEU P 1078 71.69 117.44 23.00
CA LEU P 1078 70.64 118.46 22.86
C LEU P 1078 70.96 119.51 21.80
N GLN P 1079 72.02 120.28 21.96
CA GLN P 1079 72.37 121.34 21.00
C GLN P 1079 71.22 122.31 20.69
N VAL P 1080 70.98 123.24 21.62
CA VAL P 1080 70.06 124.34 21.36
C VAL P 1080 70.54 125.20 20.21
N ALA P 1081 69.61 125.70 19.40
CA ALA P 1081 69.92 126.76 18.46
C ALA P 1081 69.07 127.99 18.74
N ARG P 1082 69.39 129.08 18.06
CA ARG P 1082 68.81 130.38 18.37
C ARG P 1082 68.73 131.23 17.11
N HIS P 1083 67.57 131.79 16.82
CA HIS P 1083 67.53 132.74 15.71
C HIS P 1083 66.51 133.83 15.97
N GLU P 1084 66.90 135.08 15.69
CA GLU P 1084 65.98 136.20 15.74
C GLU P 1084 64.90 136.02 14.69
N THR P 1085 63.66 136.02 15.11
CA THR P 1085 62.55 136.09 14.19
C THR P 1085 61.92 137.47 14.30
N GLY P 1086 60.80 137.66 13.60
CA GLY P 1086 60.10 138.92 13.64
C GLY P 1086 59.77 139.35 15.05
N GLY P 1087 59.07 138.49 15.80
CA GLY P 1087 58.60 138.88 17.11
C GLY P 1087 59.71 139.00 18.14
N GLY P 1088 60.66 138.07 18.11
CA GLY P 1088 61.70 138.03 19.11
C GLY P 1088 62.64 136.89 18.84
N VAL P 1089 63.33 136.46 19.89
CA VAL P 1089 64.23 135.32 19.83
C VAL P 1089 63.42 134.04 19.84
N ASN P 1090 63.82 133.08 19.01
CA ASN P 1090 63.19 131.76 18.98
C ASN P 1090 64.25 130.70 19.15
N PHE P 1091 64.16 129.94 20.24
CA PHE P 1091 65.10 128.87 20.53
C PHE P 1091 64.53 127.56 20.02
N THR P 1092 65.19 126.97 19.04
CA THR P 1092 64.84 125.64 18.56
C THR P 1092 65.77 124.63 19.22
N LEU P 1093 65.17 123.57 19.76
CA LEU P 1093 65.89 122.43 20.30
C LEU P 1093 65.82 121.29 19.31
N THR P 1094 66.84 120.47 19.27
CA THR P 1094 66.84 119.33 18.41
C THR P 1094 67.71 118.35 19.08
N GLN P 1095 67.49 117.08 18.87
CA GLN P 1095 68.39 116.09 19.43
C GLN P 1095 68.44 114.99 18.46
N PRO P 1096 69.68 114.66 17.96
CA PRO P 1096 69.69 113.55 16.99
C PRO P 1096 69.44 112.15 17.53
N ARG P 1097 68.95 111.23 16.70
CA ARG P 1097 68.67 109.87 17.13
C ARG P 1097 68.85 108.92 15.96
N GLY P 1098 69.42 107.75 16.23
CA GLY P 1098 69.47 106.66 15.29
C GLY P 1098 68.53 105.55 15.73
N ASN P 1099 68.55 104.46 14.98
CA ASN P 1099 67.88 103.23 15.41
C ASN P 1099 68.07 102.13 14.38
N VAL P 1100 67.89 100.89 14.85
CA VAL P 1100 68.08 99.68 14.06
C VAL P 1100 67.07 98.65 14.51
N ASP P 1101 66.50 97.93 13.57
CA ASP P 1101 65.76 96.73 13.91
C ASP P 1101 66.74 95.67 14.35
N LEU P 1102 66.57 95.15 15.54
CA LEU P 1102 67.33 93.99 15.97
C LEU P 1102 66.41 92.83 15.73
N GLY P 1103 66.50 92.28 14.55
CA GLY P 1103 65.62 91.24 14.21
C GLY P 1103 66.23 90.65 13.01
N VAL P 1104 66.06 89.37 12.89
CA VAL P 1104 66.56 88.67 11.74
C VAL P 1104 65.40 88.42 10.76
N GLY P 1105 64.29 89.08 11.05
CA GLY P 1105 63.11 89.06 10.24
C GLY P 1105 61.89 89.17 11.02
N TYR P 1106 61.08 90.17 10.71
CA TYR P 1106 59.72 90.43 11.19
C TYR P 1106 59.55 90.37 12.68
N THR P 1107 60.09 91.32 13.44
CA THR P 1107 59.71 91.40 14.84
C THR P 1107 58.90 92.69 15.01
N ALA P 1108 57.62 92.55 14.69
CA ALA P 1108 56.57 93.58 14.75
C ALA P 1108 55.49 93.31 13.73
N VAL P 1109 54.22 93.55 14.03
CA VAL P 1109 53.20 93.35 13.01
C VAL P 1109 52.11 94.34 13.28
N ALA P 1110 51.36 94.68 12.24
CA ALA P 1110 50.22 95.56 12.39
C ALA P 1110 49.03 94.89 11.76
N ALA P 1111 47.85 95.13 12.28
CA ALA P 1111 46.66 94.52 11.74
C ALA P 1111 45.68 95.63 11.70
N THR P 1112 44.83 95.68 10.71
CA THR P 1112 43.84 96.70 10.64
C THR P 1112 42.57 96.01 10.98
N ALA P 1113 41.94 96.45 12.04
CA ALA P 1113 40.70 95.86 12.41
C ALA P 1113 39.85 97.04 12.63
N THR P 1114 38.79 97.19 11.85
CA THR P 1114 37.83 98.29 11.93
C THR P 1114 38.14 99.42 10.95
N VAL P 1115 37.09 100.09 10.48
CA VAL P 1115 37.18 101.23 9.59
C VAL P 1115 36.52 102.38 10.32
N ARG P 1116 37.27 103.45 10.54
CA ARG P 1116 36.75 104.62 11.20
C ARG P 1116 35.69 105.30 10.35
N ASN P 1117 35.95 105.44 9.05
CA ASN P 1117 35.02 106.05 8.10
C ASN P 1117 35.62 106.15 6.69
N PRO P 1118 34.84 106.46 5.66
CA PRO P 1118 35.45 106.60 4.35
C PRO P 1118 36.34 107.78 4.01
N VAL P 1119 36.01 109.03 4.28
CA VAL P 1119 36.87 110.15 3.92
C VAL P 1119 36.72 110.57 2.47
N THR P 1120 35.96 109.84 1.66
CA THR P 1120 35.79 110.17 0.26
C THR P 1120 34.31 110.06 0.03
N ASP P 1121 33.79 110.96 -0.77
CA ASP P 1121 32.36 110.96 -1.07
C ASP P 1121 31.91 109.62 -1.59
N MET P 1122 32.85 108.85 -2.13
CA MET P 1122 32.67 107.46 -2.52
C MET P 1122 31.68 107.34 -3.67
N GLY P 1123 31.63 108.46 -4.37
CA GLY P 1123 30.73 108.81 -5.44
C GLY P 1123 31.21 108.87 -6.85
N ASN P 1124 30.79 109.89 -7.58
CA ASN P 1124 31.10 109.91 -9.00
C ASN P 1124 31.61 111.10 -9.83
N LEU P 1125 32.49 111.96 -9.32
CA LEU P 1125 32.97 113.07 -10.11
C LEU P 1125 33.72 112.46 -11.25
N PRO P 1126 33.47 112.87 -12.56
CA PRO P 1126 34.30 112.23 -13.60
C PRO P 1126 35.62 112.96 -13.80
N GLN P 1127 36.41 112.58 -14.78
CA GLN P 1127 37.68 113.22 -15.08
C GLN P 1127 37.46 114.23 -16.19
N ASN P 1128 38.20 115.32 -16.13
CA ASN P 1128 38.13 116.35 -17.15
C ASN P 1128 39.54 116.47 -17.72
N PHE P 1129 39.73 116.05 -18.95
CA PHE P 1129 41.05 116.18 -19.50
C PHE P 1129 41.40 117.60 -19.91
N TYR P 1130 40.47 118.52 -19.82
CA TYR P 1130 40.78 119.89 -20.21
C TYR P 1130 41.47 120.64 -19.10
N LEU P 1131 41.75 119.98 -17.98
CA LEU P 1131 42.58 120.57 -16.95
C LEU P 1131 44.06 120.49 -17.28
N GLY P 1132 44.52 119.38 -17.84
CA GLY P 1132 45.88 119.28 -18.32
C GLY P 1132 45.96 119.46 -19.82
N ARG P 1133 47.16 119.79 -20.31
CA ARG P 1133 47.39 119.90 -21.75
C ARG P 1133 48.42 118.85 -22.18
N GLY P 1134 47.97 117.75 -22.74
CA GLY P 1134 48.92 116.83 -23.34
C GLY P 1134 48.77 116.71 -24.83
N ALA P 1135 47.66 117.23 -25.33
CA ALA P 1135 47.15 116.84 -26.63
C ALA P 1135 47.24 117.98 -27.61
N PRO P 1136 47.92 117.81 -28.72
CA PRO P 1136 47.83 118.77 -29.79
C PRO P 1136 46.37 118.98 -30.15
N PRO P 1137 45.89 120.19 -30.17
CA PRO P 1137 44.45 120.38 -30.28
C PRO P 1137 43.90 120.00 -31.64
N LEU P 1138 42.59 120.15 -31.84
CA LEU P 1138 42.05 120.03 -33.18
C LEU P 1138 42.59 121.15 -34.05
N LEU P 1139 42.67 120.91 -35.35
CA LEU P 1139 43.23 121.93 -36.23
C LEU P 1139 42.27 123.07 -36.55
N ASP P 1140 40.97 122.84 -36.56
CA ASP P 1140 40.05 123.96 -36.62
C ASP P 1140 40.01 124.60 -35.25
N ASN P 1141 40.24 125.90 -35.18
CA ASN P 1141 40.22 126.54 -33.88
C ASN P 1141 38.81 126.90 -33.44
N ALA P 1142 37.85 126.89 -34.35
CA ALA P 1142 36.46 126.91 -33.93
C ALA P 1142 36.07 125.58 -33.34
N ALA P 1143 36.46 124.50 -34.01
CA ALA P 1143 36.21 123.17 -33.49
C ALA P 1143 36.86 122.96 -32.14
N ALA P 1144 38.06 123.50 -31.94
CA ALA P 1144 38.73 123.32 -30.66
C ALA P 1144 37.96 124.02 -29.55
N VAL P 1145 37.55 125.26 -29.78
CA VAL P 1145 36.91 126.02 -28.71
C VAL P 1145 35.45 125.64 -28.59
N TYR P 1146 34.79 125.25 -29.68
CA TYR P 1146 33.47 124.66 -29.53
C TYR P 1146 33.55 123.39 -28.71
N LEU P 1147 34.43 122.48 -29.12
CA LEU P 1147 34.73 121.29 -28.32
C LEU P 1147 34.92 121.67 -26.86
N ARG P 1148 35.90 122.50 -26.57
CA ARG P 1148 36.34 122.69 -25.19
C ARG P 1148 35.22 123.17 -24.28
N ASN P 1149 34.61 124.30 -24.60
CA ASN P 1149 33.66 124.89 -23.67
C ASN P 1149 32.31 124.20 -23.64
N ALA P 1150 32.02 123.35 -24.61
CA ALA P 1150 30.91 122.43 -24.46
C ALA P 1150 31.15 121.48 -23.29
N VAL P 1151 32.35 120.92 -23.20
CA VAL P 1151 32.69 120.05 -22.09
C VAL P 1151 32.88 120.85 -20.81
N VAL P 1152 33.74 121.87 -20.85
CA VAL P 1152 34.16 122.57 -19.65
C VAL P 1152 33.04 123.41 -19.02
N ALA P 1153 31.89 123.53 -19.68
CA ALA P 1153 30.86 124.50 -19.28
C ALA P 1153 30.51 124.48 -17.79
N GLY P 1154 29.78 123.47 -17.35
CA GLY P 1154 29.38 123.41 -15.97
C GLY P 1154 30.07 122.39 -15.09
N ASN P 1155 31.28 121.96 -15.44
CA ASN P 1155 31.90 120.85 -14.75
C ASN P 1155 32.17 121.14 -13.28
N ARG P 1156 32.16 120.08 -12.49
CA ARG P 1156 32.61 120.18 -11.11
C ARG P 1156 34.10 120.43 -11.04
N LEU P 1157 34.77 119.95 -12.05
CA LEU P 1157 36.18 120.08 -12.14
C LEU P 1157 36.55 121.13 -13.10
N GLY P 1158 35.58 121.53 -13.91
CA GLY P 1158 35.81 122.40 -15.05
C GLY P 1158 36.67 123.51 -14.60
N PRO P 1159 37.64 123.89 -15.53
CA PRO P 1159 38.57 124.93 -15.07
C PRO P 1159 38.02 126.31 -14.77
N ALA P 1160 38.47 126.91 -13.69
CA ALA P 1160 37.85 128.15 -13.30
C ALA P 1160 37.99 129.18 -14.39
N GLN P 1161 39.20 129.25 -14.91
CA GLN P 1161 39.54 130.19 -15.95
C GLN P 1161 40.32 129.39 -16.98
N PRO P 1162 40.37 129.91 -18.27
CA PRO P 1162 41.13 129.09 -19.23
C PRO P 1162 42.54 129.02 -18.69
N LEU P 1163 43.19 127.88 -18.82
CA LEU P 1163 44.52 127.69 -18.23
C LEU P 1163 45.61 128.66 -18.62
N PRO P 1164 46.34 129.11 -17.60
CA PRO P 1164 47.50 130.00 -17.75
C PRO P 1164 48.74 129.17 -18.00
N VAL P 1165 49.72 129.80 -18.65
CA VAL P 1165 50.97 129.14 -18.98
C VAL P 1165 51.61 128.61 -17.71
N PHE P 1166 52.06 129.49 -16.83
CA PHE P 1166 52.57 129.07 -15.53
C PHE P 1166 51.50 129.30 -14.47
N GLY P 1167 51.20 128.26 -13.72
CA GLY P 1167 50.12 128.31 -12.74
C GLY P 1167 49.54 126.93 -12.51
N CYS P 1168 48.28 126.92 -12.11
CA CYS P 1168 47.50 125.71 -11.97
C CYS P 1168 46.25 125.83 -12.82
N ALA P 1169 45.57 124.70 -13.02
CA ALA P 1169 44.31 124.72 -13.74
C ALA P 1169 43.18 125.33 -12.93
N GLN P 1170 43.34 125.53 -11.63
CA GLN P 1170 42.32 126.17 -10.81
C GLN P 1170 40.98 125.46 -10.88
N VAL P 1171 40.88 124.30 -10.24
CA VAL P 1171 39.56 123.70 -10.01
C VAL P 1171 38.70 124.66 -9.22
N PRO P 1172 37.52 125.06 -9.69
CA PRO P 1172 36.69 125.98 -8.93
C PRO P 1172 36.23 125.35 -7.65
N ARG P 1173 36.34 126.10 -6.56
CA ARG P 1173 35.94 125.58 -5.25
C ARG P 1173 34.50 125.96 -4.97
N ARG P 1174 33.70 124.96 -4.64
CA ARG P 1174 32.28 125.21 -4.45
C ARG P 1174 32.01 125.73 -3.06
N ALA P 1175 30.90 126.45 -2.94
CA ALA P 1175 30.60 127.19 -1.73
C ALA P 1175 30.36 126.29 -0.54
N GLY P 1176 29.98 125.04 -0.77
CA GLY P 1176 29.86 124.11 0.33
C GLY P 1176 29.98 122.67 -0.11
N MET P 1177 30.21 121.80 0.87
CA MET P 1177 30.39 120.39 0.58
C MET P 1177 29.85 119.55 1.72
N ASP P 1178 29.54 118.28 1.42
CA ASP P 1178 29.02 117.43 2.48
C ASP P 1178 29.69 116.08 2.63
N HIS P 1179 29.46 115.15 1.73
CA HIS P 1179 29.72 113.76 2.08
C HIS P 1179 31.20 113.47 2.29
N GLY P 1180 32.07 114.29 1.77
CA GLY P 1180 33.47 114.10 1.95
C GLY P 1180 34.19 114.59 0.72
N GLN P 1181 35.43 114.15 0.60
CA GLN P 1181 36.22 114.47 -0.57
C GLN P 1181 35.56 113.90 -1.80
N ASP P 1182 35.57 114.67 -2.88
CA ASP P 1182 34.99 114.17 -4.11
C ASP P 1182 35.98 113.25 -4.80
N ALA P 1183 35.56 112.01 -5.03
CA ALA P 1183 36.43 111.07 -5.72
C ALA P 1183 36.55 111.49 -7.17
N VAL P 1184 37.35 110.76 -7.93
CA VAL P 1184 37.56 111.08 -9.33
C VAL P 1184 37.46 109.77 -10.08
N CYS P 1185 36.51 109.67 -10.98
CA CYS P 1185 36.31 108.47 -11.77
C CYS P 1185 37.03 108.62 -13.09
N GLU P 1186 37.60 107.53 -13.57
CA GLU P 1186 38.27 107.54 -14.85
C GLU P 1186 37.79 106.42 -15.75
N PHE P 1187 37.65 106.76 -17.01
CA PHE P 1187 36.93 105.95 -17.97
C PHE P 1187 37.92 105.40 -18.97
N ILE P 1188 38.12 104.09 -18.94
CA ILE P 1188 38.91 103.40 -19.94
C ILE P 1188 37.94 102.72 -20.90
N ALA P 1189 37.93 103.14 -22.15
CA ALA P 1189 37.00 102.57 -23.11
C ALA P 1189 37.37 101.13 -23.39
N THR P 1190 36.46 100.20 -23.09
CA THR P 1190 36.67 98.80 -23.44
C THR P 1190 35.77 98.34 -24.56
N PRO P 1191 35.98 97.15 -25.10
CA PRO P 1191 34.99 96.56 -25.99
C PRO P 1191 33.73 96.20 -25.23
N VAL P 1192 32.58 96.36 -25.89
CA VAL P 1192 31.36 95.93 -25.22
C VAL P 1192 31.34 94.45 -25.03
N ALA P 1193 32.01 93.73 -25.89
CA ALA P 1193 32.12 92.30 -25.89
C ALA P 1193 33.36 91.80 -25.20
N THR P 1194 33.47 92.04 -23.90
CA THR P 1194 34.53 91.55 -23.06
C THR P 1194 33.55 91.09 -22.06
N ASP P 1195 33.81 90.04 -21.28
CA ASP P 1195 32.84 89.58 -20.32
C ASP P 1195 32.70 90.36 -19.06
N ILE P 1196 31.53 90.28 -18.53
CA ILE P 1196 31.20 90.99 -17.35
C ILE P 1196 31.74 90.30 -16.18
N ASN P 1197 32.43 89.21 -16.40
CA ASN P 1197 33.03 88.49 -15.31
C ASN P 1197 34.42 88.86 -15.05
N TYR P 1198 35.09 89.54 -15.95
CA TYR P 1198 36.42 89.98 -15.74
C TYR P 1198 36.32 90.90 -14.53
N PHE P 1199 35.16 91.46 -14.42
CA PHE P 1199 34.75 92.43 -13.50
C PHE P 1199 34.05 91.94 -12.32
N ARG P 1200 33.87 90.65 -12.21
CA ARG P 1200 33.18 90.07 -11.10
C ARG P 1200 34.11 89.67 -9.99
N ARG P 1201 35.41 89.72 -10.23
CA ARG P 1201 36.42 89.33 -9.25
C ARG P 1201 37.45 90.39 -9.24
N PRO P 1202 38.28 90.54 -8.14
CA PRO P 1202 39.26 91.63 -8.24
C PRO P 1202 40.10 91.42 -9.45
N CYS P 1203 40.33 92.45 -10.25
CA CYS P 1203 41.04 92.32 -11.51
C CYS P 1203 41.79 93.57 -11.89
N ASN P 1204 42.76 93.47 -12.76
CA ASN P 1204 43.53 94.62 -13.20
C ASN P 1204 42.72 95.32 -14.25
N PRO P 1205 42.26 96.56 -14.01
CA PRO P 1205 41.45 97.22 -15.03
C PRO P 1205 42.24 97.80 -16.18
N ARG P 1206 43.36 97.23 -16.56
CA ARG P 1206 43.93 97.46 -17.88
C ARG P 1206 43.73 96.27 -18.76
N GLY P 1207 43.07 95.24 -18.25
CA GLY P 1207 42.76 94.07 -19.00
C GLY P 1207 43.70 92.92 -18.78
N ARG P 1208 44.89 93.18 -18.27
CA ARG P 1208 45.93 92.17 -18.17
C ARG P 1208 46.65 92.38 -16.86
N ALA P 1209 47.23 91.31 -16.33
CA ALA P 1209 47.94 91.39 -15.05
C ALA P 1209 49.30 92.00 -15.27
N ALA P 1210 49.55 93.13 -14.65
CA ALA P 1210 50.75 93.91 -14.85
C ALA P 1210 51.78 93.79 -13.74
N GLY P 1211 51.49 93.09 -12.67
CA GLY P 1211 52.34 93.18 -11.49
C GLY P 1211 53.71 92.60 -11.69
N GLY P 1212 54.64 93.05 -10.86
CA GLY P 1212 55.94 92.43 -10.75
C GLY P 1212 56.01 91.40 -9.66
N VAL P 1213 54.90 91.17 -8.97
CA VAL P 1213 54.74 90.04 -8.08
C VAL P 1213 54.69 88.75 -8.86
N TYR P 1214 54.35 88.83 -10.15
CA TYR P 1214 54.24 87.69 -11.04
C TYR P 1214 55.49 87.40 -11.82
N ALA P 1215 56.46 88.30 -11.83
CA ALA P 1215 57.62 88.12 -12.67
C ALA P 1215 58.39 86.88 -12.25
N GLY P 1216 59.16 86.35 -13.19
CA GLY P 1216 59.82 85.08 -12.99
C GLY P 1216 61.30 85.11 -12.69
N ASP P 1217 61.82 86.23 -12.20
CA ASP P 1217 63.24 86.36 -11.87
C ASP P 1217 64.13 86.16 -13.07
N LYS P 1218 63.58 86.34 -14.26
CA LYS P 1218 64.27 86.04 -15.51
C LYS P 1218 64.85 87.29 -16.16
N GLU P 1219 64.90 88.44 -15.56
CA GLU P 1219 65.43 89.54 -16.39
C GLU P 1219 64.48 90.55 -17.04
N GLY P 1220 63.92 90.16 -18.19
CA GLY P 1220 63.02 91.00 -18.95
C GLY P 1220 61.55 90.78 -18.76
N ASP P 1221 61.18 90.11 -17.68
CA ASP P 1221 59.79 89.78 -17.32
C ASP P 1221 58.79 90.81 -16.95
N VAL P 1222 59.14 91.79 -16.19
CA VAL P 1222 58.06 92.60 -15.79
C VAL P 1222 57.40 93.10 -17.05
N ILE P 1223 58.17 93.38 -18.09
CA ILE P 1223 57.62 93.77 -19.37
C ILE P 1223 56.93 92.71 -20.14
N ALA P 1224 57.46 91.49 -20.23
CA ALA P 1224 56.77 90.44 -20.96
C ALA P 1224 55.58 90.19 -20.14
N LEU P 1225 55.76 90.16 -18.87
CA LEU P 1225 54.56 89.93 -18.10
C LEU P 1225 53.50 90.95 -18.46
N MET P 1226 53.90 92.20 -18.62
CA MET P 1226 52.98 93.30 -18.79
C MET P 1226 52.49 93.48 -20.22
N TYR P 1227 53.41 93.56 -21.18
CA TYR P 1227 53.06 93.98 -22.54
C TYR P 1227 53.03 92.89 -23.60
N ASP P 1228 53.59 91.72 -23.36
CA ASP P 1228 53.65 90.75 -24.43
C ASP P 1228 52.34 90.10 -24.62
N HIS P 1229 51.82 90.32 -25.81
CA HIS P 1229 50.57 89.82 -26.21
C HIS P 1229 50.69 88.63 -27.06
N GLY P 1230 51.85 88.06 -27.05
CA GLY P 1230 52.10 86.88 -27.81
C GLY P 1230 52.00 85.86 -26.78
N GLN P 1231 51.92 86.29 -25.54
CA GLN P 1231 51.74 85.31 -24.48
C GLN P 1231 50.33 85.35 -23.92
N SER P 1232 50.12 84.55 -22.91
CA SER P 1232 48.87 84.53 -22.17
C SER P 1232 48.94 85.57 -21.06
N ASP P 1233 48.05 85.52 -20.17
CA ASP P 1233 47.93 86.44 -19.10
C ASP P 1233 48.16 85.66 -17.81
N PRO P 1234 48.89 86.20 -16.83
CA PRO P 1234 49.06 85.43 -15.60
C PRO P 1234 47.75 85.07 -14.95
N ALA P 1235 46.82 86.00 -14.95
CA ALA P 1235 45.56 85.84 -14.26
C ALA P 1235 44.60 84.97 -15.02
N ARG P 1236 44.57 85.10 -16.33
CA ARG P 1236 43.63 84.40 -17.19
C ARG P 1236 44.44 83.80 -18.31
N PRO P 1237 45.22 82.74 -18.05
CA PRO P 1237 46.13 82.23 -19.06
C PRO P 1237 45.44 81.82 -20.33
N PHE P 1238 44.15 81.59 -20.29
CA PHE P 1238 43.45 81.23 -21.50
C PHE P 1238 43.29 82.39 -22.46
N ALA P 1239 43.68 83.60 -22.06
CA ALA P 1239 43.45 84.82 -22.81
C ALA P 1239 44.72 85.65 -22.83
N ALA P 1240 44.92 86.41 -23.90
CA ALA P 1240 46.01 87.38 -23.85
C ALA P 1240 45.63 88.56 -22.97
N THR P 1241 44.46 89.14 -23.20
CA THR P 1241 43.98 90.32 -22.49
C THR P 1241 42.49 90.45 -22.46
N ALA P 1242 41.92 91.28 -21.58
CA ALA P 1242 40.49 91.48 -21.66
C ALA P 1242 40.12 92.74 -22.37
N ASN P 1243 41.01 93.72 -22.43
CA ASN P 1243 40.75 94.94 -23.11
C ASN P 1243 41.95 95.01 -23.90
N PRO P 1244 41.85 94.90 -25.18
CA PRO P 1244 43.04 95.11 -26.01
C PRO P 1244 43.46 96.55 -26.12
N TRP P 1245 42.56 97.48 -25.84
CA TRP P 1245 42.74 98.90 -26.03
C TRP P 1245 43.40 99.56 -24.84
N ALA P 1246 43.82 98.79 -23.85
CA ALA P 1246 44.51 99.35 -22.71
C ALA P 1246 45.78 98.57 -22.46
N SER P 1247 45.64 97.27 -22.25
CA SER P 1247 46.75 96.40 -21.89
C SER P 1247 47.92 96.45 -22.85
N GLN P 1248 47.69 96.72 -24.12
CA GLN P 1248 48.80 96.70 -25.05
C GLN P 1248 49.63 97.96 -24.89
N ARG P 1249 50.85 97.91 -25.37
CA ARG P 1249 51.68 99.11 -25.37
C ARG P 1249 51.29 99.98 -26.55
N PHE P 1250 51.28 101.29 -26.34
CA PHE P 1250 50.90 102.27 -27.36
C PHE P 1250 49.45 102.10 -27.75
N SER P 1251 48.60 101.70 -26.84
CA SER P 1251 47.20 101.49 -27.14
C SER P 1251 46.67 102.56 -26.39
N TYR P 1252 45.47 103.03 -26.70
CA TYR P 1252 44.83 104.19 -26.16
C TYR P 1252 44.83 104.29 -24.67
N GLY P 1253 44.63 103.23 -23.95
CA GLY P 1253 44.60 103.27 -22.53
C GLY P 1253 45.90 103.70 -22.05
N ASP P 1254 46.94 103.15 -22.60
CA ASP P 1254 48.36 103.37 -22.38
C ASP P 1254 48.74 104.79 -22.75
N LEU P 1255 48.34 105.25 -23.92
CA LEU P 1255 48.68 106.60 -24.34
C LEU P 1255 48.05 107.64 -23.43
N LEU P 1256 46.86 107.37 -22.91
CA LEU P 1256 46.27 108.31 -21.98
C LEU P 1256 46.93 108.24 -20.63
N TYR P 1257 46.82 107.09 -19.98
CA TYR P 1257 47.07 106.99 -18.55
C TYR P 1257 48.48 106.59 -18.18
N ASN P 1258 49.32 106.17 -19.13
CA ASN P 1258 50.71 105.94 -18.78
C ASN P 1258 51.34 107.29 -18.51
N GLY P 1259 51.95 107.44 -17.35
CA GLY P 1259 52.51 108.70 -16.99
C GLY P 1259 53.76 109.09 -17.71
N ALA P 1260 54.20 108.31 -18.70
CA ALA P 1260 55.35 108.69 -19.50
C ALA P 1260 54.98 109.67 -20.59
N TYR P 1261 53.72 109.77 -20.95
CA TYR P 1261 53.24 110.69 -21.96
C TYR P 1261 52.69 111.99 -21.39
N HIS P 1262 52.45 112.06 -20.09
CA HIS P 1262 51.98 113.24 -19.38
C HIS P 1262 50.90 114.05 -20.09
N LEU P 1263 49.75 113.44 -20.29
CA LEU P 1263 48.66 114.10 -20.91
C LEU P 1263 48.25 115.09 -19.86
N ASN P 1264 48.17 114.56 -18.66
CA ASN P 1264 47.87 115.32 -17.51
C ASN P 1264 49.15 115.57 -16.74
N GLY P 1265 49.05 115.77 -15.44
CA GLY P 1265 50.23 116.09 -14.67
C GLY P 1265 50.46 117.59 -14.80
N ALA P 1266 49.70 118.23 -15.67
CA ALA P 1266 49.77 119.63 -15.81
C ALA P 1266 48.43 119.91 -15.26
N SER P 1267 47.83 118.93 -14.56
CA SER P 1267 46.48 119.02 -14.02
C SER P 1267 46.62 118.77 -12.57
N PRO P 1268 45.89 119.43 -11.69
CA PRO P 1268 46.02 119.16 -10.25
C PRO P 1268 45.39 117.88 -9.79
N VAL P 1269 44.49 117.32 -10.55
CA VAL P 1269 43.53 116.32 -10.09
C VAL P 1269 44.13 114.94 -10.22
N LEU P 1270 43.92 114.08 -9.22
CA LEU P 1270 44.47 112.72 -9.24
C LEU P 1270 44.00 111.96 -10.47
N SER P 1271 44.84 111.04 -10.91
CA SER P 1271 44.45 110.02 -11.86
C SER P 1271 44.52 108.67 -11.17
N PRO P 1272 43.39 108.05 -10.84
CA PRO P 1272 43.46 106.70 -10.31
C PRO P 1272 44.25 105.73 -11.14
N CYS P 1273 44.29 105.92 -12.45
CA CYS P 1273 44.80 104.94 -13.39
C CYS P 1273 46.30 105.08 -13.63
N PHE P 1274 46.89 106.16 -13.17
CA PHE P 1274 48.33 106.29 -13.24
C PHE P 1274 48.99 105.14 -12.51
N LYS P 1275 48.44 104.78 -11.37
CA LYS P 1275 48.97 103.66 -10.60
C LYS P 1275 49.21 102.47 -11.51
N PHE P 1276 48.19 102.02 -12.24
CA PHE P 1276 48.12 100.89 -13.22
C PHE P 1276 48.76 100.88 -14.58
N PHE P 1277 48.86 102.03 -15.22
CA PHE P 1277 49.48 102.16 -16.52
C PHE P 1277 50.78 102.83 -16.20
N THR P 1278 51.86 102.21 -16.61
CA THR P 1278 53.21 102.71 -16.43
C THR P 1278 54.22 101.70 -16.94
N ALA P 1279 54.84 101.06 -16.00
CA ALA P 1279 55.91 100.11 -16.13
C ALA P 1279 57.16 100.90 -16.06
N ALA P 1280 57.10 102.11 -15.52
CA ALA P 1280 58.27 102.90 -15.39
C ALA P 1280 58.31 102.68 -13.91
N ASP P 1281 57.15 102.67 -13.29
CA ASP P 1281 57.04 102.44 -11.88
C ASP P 1281 56.63 101.04 -11.54
N ILE P 1282 56.07 100.31 -12.49
CA ILE P 1282 55.70 98.94 -12.25
C ILE P 1282 56.98 98.14 -12.20
N THR P 1283 57.93 98.53 -13.07
CA THR P 1283 59.24 97.91 -13.21
C THR P 1283 60.26 98.46 -12.22
N ALA P 1284 60.09 99.70 -11.78
CA ALA P 1284 61.05 100.29 -10.86
C ALA P 1284 61.03 99.68 -9.47
N LYS P 1285 60.03 98.88 -9.15
CA LYS P 1285 60.00 98.18 -7.87
C LYS P 1285 60.79 96.88 -7.97
N HIS P 1286 60.86 96.14 -6.87
CA HIS P 1286 61.50 94.85 -6.83
C HIS P 1286 60.44 93.77 -6.84
N ARG P 1287 60.89 92.52 -6.93
CA ARG P 1287 59.96 91.41 -6.91
C ARG P 1287 59.94 90.62 -5.61
N CYS P 1288 60.79 90.94 -4.64
CA CYS P 1288 60.96 90.06 -3.48
C CYS P 1288 59.87 90.36 -2.45
N LEU P 1289 59.05 89.34 -2.16
CA LEU P 1289 57.83 89.51 -1.39
C LEU P 1289 58.07 89.76 0.09
N GLU P 1290 59.23 89.42 0.61
CA GLU P 1290 59.56 89.79 1.97
C GLU P 1290 59.28 91.26 2.14
N ARG P 1291 60.06 92.08 1.44
CA ARG P 1291 59.88 93.51 1.50
C ARG P 1291 58.47 93.88 1.06
N LEU P 1292 58.07 93.44 -0.13
CA LEU P 1292 56.87 94.02 -0.75
C LEU P 1292 55.68 94.08 0.20
N ILE P 1293 55.60 93.18 1.17
CA ILE P 1293 54.44 93.20 2.05
C ILE P 1293 54.61 94.19 3.19
N VAL P 1294 55.83 94.62 3.52
CA VAL P 1294 55.94 95.59 4.58
C VAL P 1294 55.64 96.99 4.05
N GLU P 1295 55.93 97.27 2.79
CA GLU P 1295 55.61 98.57 2.26
C GLU P 1295 54.17 98.68 1.83
N THR P 1296 53.39 97.62 1.96
CA THR P 1296 51.96 97.74 1.82
C THR P 1296 51.32 98.29 3.08
N GLY P 1297 51.97 98.17 4.22
CA GLY P 1297 51.49 98.86 5.40
C GLY P 1297 51.73 100.35 5.33
N SER P 1298 52.86 100.76 4.81
CA SER P 1298 53.12 102.16 4.66
C SER P 1298 53.39 102.33 3.21
N ALA P 1299 52.66 103.19 2.52
CA ALA P 1299 52.87 103.40 1.12
C ALA P 1299 52.61 104.85 1.10
N VAL P 1300 53.09 105.58 0.14
CA VAL P 1300 52.87 107.01 0.10
C VAL P 1300 51.82 107.11 -0.94
N SER P 1301 50.69 107.62 -0.54
CA SER P 1301 49.52 107.72 -1.36
C SER P 1301 49.70 108.65 -2.47
N THR P 1302 49.08 108.32 -3.56
CA THR P 1302 49.14 109.17 -4.73
C THR P 1302 48.22 110.38 -4.60
N ALA P 1303 47.56 110.54 -3.46
CA ALA P 1303 46.57 111.58 -3.30
C ALA P 1303 46.75 112.28 -1.95
N THR P 1304 45.89 113.25 -1.71
CA THR P 1304 45.73 113.91 -0.44
C THR P 1304 44.27 113.75 -0.02
N ALA P 1305 44.06 113.54 1.27
CA ALA P 1305 42.74 113.58 1.86
C ALA P 1305 42.36 114.97 2.33
N ALA P 1306 43.19 115.96 2.06
CA ALA P 1306 43.01 117.30 2.58
C ALA P 1306 42.35 118.26 1.62
N SER P 1307 42.05 117.87 0.40
CA SER P 1307 41.51 118.81 -0.58
C SER P 1307 40.02 118.56 -0.76
N ASP P 1308 39.37 119.46 -1.51
CA ASP P 1308 37.93 119.37 -1.67
C ASP P 1308 37.56 118.27 -2.66
N VAL P 1309 38.19 118.30 -3.82
CA VAL P 1309 38.18 117.24 -4.83
C VAL P 1309 39.50 116.52 -4.66
N GLN P 1310 39.54 115.22 -4.90
CA GLN P 1310 40.76 114.57 -4.50
C GLN P 1310 41.86 114.97 -5.48
N PHE P 1311 42.84 115.68 -4.95
CA PHE P 1311 43.96 116.14 -5.75
C PHE P 1311 45.07 115.12 -5.71
N LYS P 1312 46.19 115.53 -6.27
CA LYS P 1312 47.35 114.71 -6.50
C LYS P 1312 48.41 115.22 -5.55
N ARG P 1313 49.14 114.32 -4.95
CA ARG P 1313 49.96 114.68 -3.79
C ARG P 1313 50.95 115.79 -4.13
N PRO P 1314 50.87 116.93 -3.47
CA PRO P 1314 51.89 117.96 -3.64
C PRO P 1314 53.15 117.58 -2.89
N PRO P 1315 54.28 118.23 -3.19
CA PRO P 1315 55.57 117.80 -2.59
C PRO P 1315 55.60 117.89 -1.08
N GLY P 1316 54.69 118.62 -0.45
CA GLY P 1316 54.74 118.73 1.01
C GLY P 1316 54.49 117.40 1.68
N CYS P 1317 55.19 117.19 2.80
CA CYS P 1317 54.95 116.08 3.72
C CYS P 1317 54.98 114.68 3.13
N ARG P 1318 53.98 113.88 3.48
CA ARG P 1318 53.84 112.47 3.09
C ARG P 1318 52.49 112.01 3.60
N GLU P 1319 52.18 110.73 3.39
CA GLU P 1319 50.89 110.22 3.83
C GLU P 1319 51.01 108.95 4.66
N LEU P 1320 51.60 107.91 4.08
CA LEU P 1320 51.68 106.58 4.69
C LEU P 1320 50.27 106.00 4.87
N VAL P 1321 49.71 105.73 3.70
CA VAL P 1321 48.42 105.14 3.46
C VAL P 1321 48.82 103.69 3.31
N GLU P 1322 47.89 102.77 3.31
CA GLU P 1322 48.24 101.39 3.08
C GLU P 1322 47.39 100.94 1.95
N ASP P 1323 47.97 100.80 0.78
CA ASP P 1323 47.21 100.42 -0.37
C ASP P 1323 47.64 99.09 -0.89
N PRO P 1324 46.78 98.09 -0.80
CA PRO P 1324 47.14 96.81 -1.39
C PRO P 1324 47.24 96.85 -2.90
N CYS P 1325 46.54 97.78 -3.54
CA CYS P 1325 46.40 97.72 -4.98
C CYS P 1325 47.73 97.89 -5.67
N GLY P 1326 48.64 98.63 -5.07
CA GLY P 1326 49.98 98.72 -5.62
C GLY P 1326 50.78 97.44 -5.52
N LEU P 1327 50.29 96.45 -4.77
CA LEU P 1327 51.01 95.19 -4.68
C LEU P 1327 50.35 94.17 -5.58
N PHE P 1328 49.13 93.75 -5.22
CA PHE P 1328 48.42 92.76 -6.00
C PHE P 1328 48.09 93.27 -7.37
N GLN P 1329 48.18 94.58 -7.58
CA GLN P 1329 47.98 95.17 -8.90
C GLN P 1329 46.53 95.07 -9.33
N GLU P 1330 45.53 95.00 -8.48
CA GLU P 1330 44.16 94.89 -8.90
C GLU P 1330 43.29 95.97 -8.37
N ALA P 1331 42.06 95.99 -8.84
CA ALA P 1331 41.08 96.95 -8.49
C ALA P 1331 39.99 96.04 -8.11
N TYR P 1332 38.98 96.46 -7.39
CA TYR P 1332 37.94 95.54 -6.94
C TYR P 1332 36.58 95.96 -7.31
N PRO P 1333 35.68 95.04 -7.61
CA PRO P 1333 34.32 95.51 -7.85
C PRO P 1333 33.50 95.99 -6.67
N ILE P 1334 32.56 96.89 -6.89
CA ILE P 1334 31.67 97.39 -5.87
C ILE P 1334 30.31 96.99 -6.31
N THR P 1335 29.34 96.96 -5.43
CA THR P 1335 28.01 96.56 -5.85
C THR P 1335 27.44 97.66 -6.72
N CYS P 1336 27.17 97.31 -7.96
CA CYS P 1336 26.64 98.22 -8.95
C CYS P 1336 25.83 97.38 -9.91
N ALA P 1337 24.77 97.97 -10.42
CA ALA P 1337 23.97 97.36 -11.46
C ALA P 1337 23.78 98.40 -12.55
N SER P 1338 23.28 97.95 -13.67
CA SER P 1338 22.81 98.86 -14.69
C SER P 1338 21.33 99.21 -14.54
N ASP P 1339 20.63 98.63 -13.57
CA ASP P 1339 19.26 98.87 -13.16
C ASP P 1339 19.21 99.39 -11.73
N PRO P 1340 18.22 100.20 -11.39
CA PRO P 1340 17.89 100.35 -9.99
C PRO P 1340 17.24 99.09 -9.43
N ALA P 1341 16.54 98.35 -10.26
CA ALA P 1341 15.80 97.20 -9.77
C ALA P 1341 16.73 96.04 -9.45
N LEU P 1342 17.71 95.78 -10.31
CA LEU P 1342 18.68 94.76 -9.95
C LEU P 1342 19.40 95.16 -8.69
N LEU P 1343 19.66 96.44 -8.52
CA LEU P 1343 20.41 96.91 -7.37
C LEU P 1343 19.55 96.90 -6.11
N ARG P 1344 18.24 97.12 -6.22
CA ARG P 1344 17.37 96.87 -5.08
C ARG P 1344 17.49 95.45 -4.60
N SER P 1345 17.80 94.51 -5.50
CA SER P 1345 17.82 93.11 -5.15
C SER P 1345 19.03 92.75 -4.31
N ALA P 1346 20.11 93.45 -4.55
CA ALA P 1346 21.36 93.28 -3.90
C ALA P 1346 21.40 93.69 -2.48
N ARG P 1347 20.36 94.33 -1.99
CA ARG P 1347 20.30 94.70 -0.60
C ARG P 1347 20.00 93.38 0.01
N ASP P 1348 20.63 93.05 1.10
CA ASP P 1348 20.45 91.75 1.78
C ASP P 1348 21.30 90.65 1.11
N GLY P 1349 22.41 91.09 0.60
CA GLY P 1349 23.48 90.24 0.09
C GLY P 1349 23.27 89.48 -1.20
N GLU P 1350 24.28 88.71 -1.54
CA GLU P 1350 24.47 88.13 -2.85
C GLU P 1350 23.75 86.81 -3.07
N ALA P 1351 23.02 86.32 -2.08
CA ALA P 1351 22.27 85.10 -2.25
C ALA P 1351 21.28 85.22 -3.41
N HIS P 1352 20.20 85.98 -3.21
CA HIS P 1352 19.14 86.09 -4.22
C HIS P 1352 19.30 87.31 -5.10
N ALA P 1353 20.40 88.04 -4.96
CA ALA P 1353 20.69 89.17 -5.82
C ALA P 1353 20.56 88.78 -7.29
N ARG P 1354 19.87 89.61 -8.06
CA ARG P 1354 19.71 89.34 -9.47
C ARG P 1354 21.01 89.71 -10.14
N GLU P 1355 21.70 88.73 -10.68
CA GLU P 1355 22.98 88.97 -11.29
C GLU P 1355 22.84 89.43 -12.73
N THR P 1356 21.88 88.90 -13.45
CA THR P 1356 21.64 89.24 -14.85
C THR P 1356 20.15 89.26 -15.08
N HIS P 1357 19.68 90.28 -15.81
CA HIS P 1357 18.35 90.28 -16.38
C HIS P 1357 18.44 90.80 -17.79
N PHE P 1358 18.21 89.95 -18.78
CA PHE P 1358 18.32 90.33 -20.18
C PHE P 1358 19.66 90.98 -20.45
N THR P 1359 19.69 92.21 -20.95
CA THR P 1359 20.96 92.88 -21.16
C THR P 1359 21.47 93.58 -19.91
N GLN P 1360 20.68 93.59 -18.85
CA GLN P 1360 21.02 94.26 -17.60
C GLN P 1360 21.77 93.28 -16.72
N TYR P 1361 22.76 93.79 -16.00
CA TYR P 1361 23.64 92.97 -15.19
C TYR P 1361 23.81 93.61 -13.83
N LEU P 1362 24.23 92.80 -12.86
CA LEU P 1362 24.60 93.29 -11.55
C LEU P 1362 25.93 92.69 -11.17
N ILE P 1363 26.71 93.45 -10.43
CA ILE P 1363 28.03 93.04 -10.01
C ILE P 1363 28.08 93.22 -8.51
N TYR P 1364 28.19 92.14 -7.78
CA TYR P 1364 28.22 92.28 -6.36
C TYR P 1364 29.66 92.52 -5.91
N ASP P 1365 29.81 92.83 -4.64
CA ASP P 1365 31.05 93.37 -4.12
C ASP P 1365 32.05 92.27 -3.81
N ALA P 1366 33.28 92.47 -4.25
CA ALA P 1366 34.39 91.63 -3.83
C ALA P 1366 35.52 92.58 -3.49
N SER P 1367 35.88 92.68 -2.23
CA SER P 1367 36.62 93.83 -1.74
C SER P 1367 36.99 93.59 -0.29
N PRO P 1368 38.04 94.26 0.20
CA PRO P 1368 38.36 94.15 1.63
C PRO P 1368 37.26 94.62 2.53
N LEU P 1369 36.30 95.36 2.02
CA LEU P 1369 35.26 96.00 2.80
C LEU P 1369 33.99 95.19 2.87
N LYS P 1370 33.90 94.07 2.17
CA LYS P 1370 32.65 93.32 2.17
C LYS P 1370 32.51 92.60 3.49
N GLY P 1371 31.30 92.61 4.03
CA GLY P 1371 31.10 92.15 5.37
C GLY P 1371 31.24 93.22 6.41
N LEU P 1372 31.35 94.47 6.00
CA LEU P 1372 31.41 95.59 6.92
C LEU P 1372 30.15 96.42 6.76
N SER P 1373 30.03 97.40 7.64
CA SER P 1373 28.80 98.20 7.72
C SER P 1373 28.80 99.29 6.67
N LEU P 1374 29.69 100.27 6.85
CA LEU P 1374 29.87 101.40 5.95
C LEU P 1374 29.69 101.03 4.48
N CYS Q 5 -77.39 -67.15 73.79
CA CYS Q 5 -77.94 -67.51 72.50
C CYS Q 5 -79.22 -68.25 72.78
N PHE Q 6 -79.32 -68.78 74.01
CA PHE Q 6 -80.30 -69.81 74.34
C PHE Q 6 -80.11 -71.02 73.44
N GLU Q 7 -79.10 -71.83 73.72
CA GLU Q 7 -78.97 -73.07 72.99
C GLU Q 7 -80.03 -74.07 73.45
N ALA Q 8 -80.57 -74.82 72.49
CA ALA Q 8 -81.47 -75.93 72.77
C ALA Q 8 -80.81 -77.20 72.27
N ASP Q 9 -80.74 -78.22 73.12
CA ASP Q 9 -79.91 -79.38 72.88
C ASP Q 9 -80.76 -80.56 72.47
N ILE Q 10 -80.72 -80.91 71.19
CA ILE Q 10 -81.49 -82.03 70.66
C ILE Q 10 -80.76 -83.33 70.96
N ALA Q 11 -81.49 -84.31 71.45
CA ALA Q 11 -80.88 -85.55 71.95
C ALA Q 11 -80.85 -86.59 70.85
N ILE Q 12 -79.65 -86.94 70.40
CA ILE Q 12 -79.49 -88.04 69.45
C ILE Q 12 -80.04 -89.31 70.08
N PRO Q 13 -80.73 -90.18 69.33
CA PRO Q 13 -81.27 -91.40 69.92
C PRO Q 13 -80.17 -92.40 70.25
N SER Q 14 -80.59 -93.64 70.53
CA SER Q 14 -79.67 -94.69 70.93
C SER Q 14 -78.79 -95.04 69.74
N GLY Q 15 -77.97 -96.07 69.91
CA GLY Q 15 -76.83 -96.29 69.04
C GLY Q 15 -77.11 -96.15 67.56
N ILE Q 16 -76.31 -95.32 66.91
CA ILE Q 16 -76.45 -95.03 65.49
C ILE Q 16 -75.22 -95.54 64.77
N SER Q 17 -75.38 -95.86 63.50
CA SER Q 17 -74.26 -96.39 62.76
C SER Q 17 -73.17 -95.33 62.61
N ARG Q 18 -71.93 -95.79 62.53
CA ARG Q 18 -70.83 -94.87 62.30
C ARG Q 18 -70.97 -94.04 61.03
N PRO Q 19 -71.50 -94.55 59.92
CA PRO Q 19 -71.74 -93.66 58.78
C PRO Q 19 -72.86 -92.65 59.02
N ASP Q 20 -73.82 -92.98 59.89
CA ASP Q 20 -74.86 -91.99 60.22
C ASP Q 20 -74.30 -90.89 61.11
N ALA Q 21 -73.48 -91.24 62.09
CA ALA Q 21 -72.86 -90.24 62.93
C ALA Q 21 -72.02 -89.28 62.12
N ALA Q 22 -71.45 -89.75 61.01
CA ALA Q 22 -70.71 -88.85 60.14
C ALA Q 22 -71.64 -88.06 59.24
N ALA Q 23 -72.87 -88.53 59.04
CA ALA Q 23 -73.84 -87.74 58.31
C ALA Q 23 -74.26 -86.52 59.12
N LEU Q 24 -74.45 -86.70 60.42
CA LEU Q 24 -74.81 -85.58 61.28
C LEU Q 24 -73.67 -84.58 61.41
N GLN Q 25 -72.44 -85.07 61.55
CA GLN Q 25 -71.31 -84.16 61.67
C GLN Q 25 -71.29 -83.14 60.53
N ARG Q 26 -71.75 -83.55 59.37
CA ARG Q 26 -71.78 -82.67 58.22
C ARG Q 26 -73.00 -81.78 58.20
N CYS Q 27 -73.89 -81.90 59.19
CA CYS Q 27 -75.11 -81.10 59.27
C CYS Q 27 -74.97 -79.87 60.14
N GLU Q 28 -73.78 -79.57 60.63
CA GLU Q 28 -73.59 -78.34 61.37
C GLU Q 28 -73.69 -77.16 60.43
N GLY Q 29 -74.43 -76.13 60.83
CA GLY Q 29 -74.69 -75.00 59.97
C GLY Q 29 -75.95 -75.12 59.16
N ARG Q 30 -76.81 -76.07 59.48
CA ARG Q 30 -78.05 -76.31 58.75
C ARG Q 30 -79.22 -75.87 59.60
N VAL Q 31 -80.29 -75.45 58.96
CA VAL Q 31 -81.43 -74.89 59.67
C VAL Q 31 -82.35 -76.02 60.08
N VAL Q 32 -82.77 -76.00 61.32
CA VAL Q 32 -83.76 -76.91 61.89
C VAL Q 32 -84.93 -76.08 62.37
N PHE Q 33 -86.11 -76.66 62.23
CA PHE Q 33 -87.32 -76.09 62.79
C PHE Q 33 -87.68 -76.96 63.98
N LEU Q 34 -87.74 -76.35 65.15
CA LEU Q 34 -87.99 -77.06 66.37
C LEU Q 34 -89.37 -76.71 66.89
N PRO Q 35 -90.24 -77.68 67.20
CA PRO Q 35 -91.64 -77.36 67.45
C PRO Q 35 -91.87 -76.47 68.65
N THR Q 36 -91.11 -76.66 69.72
CA THR Q 36 -91.19 -75.82 70.89
C THR Q 36 -89.78 -75.55 71.37
N ILE Q 37 -89.63 -74.47 72.12
CA ILE Q 37 -88.31 -73.94 72.46
C ILE Q 37 -87.80 -74.55 73.76
N ARG Q 38 -88.48 -75.59 74.22
CA ARG Q 38 -87.96 -76.40 75.32
C ARG Q 38 -86.49 -76.71 75.11
N ARG Q 39 -85.70 -76.56 76.16
CA ARG Q 39 -84.24 -76.77 76.17
C ARG Q 39 -83.85 -78.18 75.87
N GLN Q 40 -84.71 -79.11 76.19
CA GLN Q 40 -84.42 -80.48 75.90
C GLN Q 40 -85.44 -80.95 74.89
N LEU Q 41 -85.00 -81.37 73.70
CA LEU Q 41 -85.89 -81.86 72.67
C LEU Q 41 -85.32 -83.13 72.11
N ALA Q 42 -86.16 -83.97 71.55
CA ALA Q 42 -85.76 -85.21 70.95
C ALA Q 42 -85.34 -85.00 69.54
N LEU Q 43 -84.72 -85.99 68.93
CA LEU Q 43 -84.44 -85.85 67.51
C LEU Q 43 -85.64 -86.18 66.65
N ALA Q 44 -86.44 -87.15 67.05
CA ALA Q 44 -87.62 -87.49 66.27
C ALA Q 44 -88.57 -86.32 66.14
N ASP Q 45 -88.59 -85.42 67.12
CA ASP Q 45 -89.47 -84.26 67.04
C ASP Q 45 -89.06 -83.32 65.92
N VAL Q 46 -87.77 -83.22 65.64
CA VAL Q 46 -87.22 -82.38 64.58
C VAL Q 46 -87.29 -83.05 63.22
N ALA Q 47 -87.18 -84.38 63.18
CA ALA Q 47 -87.02 -85.07 61.92
C ALA Q 47 -88.25 -84.88 61.03
N HIS Q 48 -88.03 -85.00 59.73
CA HIS Q 48 -89.10 -84.74 58.77
C HIS Q 48 -90.29 -85.65 58.96
N GLU Q 49 -90.10 -86.81 59.58
CA GLU Q 49 -91.23 -87.67 59.91
C GLU Q 49 -92.16 -87.04 60.94
N SER Q 50 -91.77 -85.90 61.52
CA SER Q 50 -92.61 -85.19 62.46
C SER Q 50 -93.39 -84.07 61.79
N PHE Q 51 -93.27 -83.91 60.47
CA PHE Q 51 -94.07 -82.95 59.74
C PHE Q 51 -95.36 -83.56 59.22
N VAL Q 52 -95.53 -84.87 59.34
CA VAL Q 52 -96.77 -85.52 58.93
C VAL Q 52 -97.94 -84.88 59.66
N SER Q 53 -99.01 -84.64 58.92
CA SER Q 53 -100.19 -83.99 59.49
C SER Q 53 -101.46 -84.79 59.21
N GLY Q 54 -101.81 -84.89 57.93
CA GLY Q 54 -103.03 -85.56 57.52
C GLY Q 54 -102.84 -87.04 57.22
N GLY Q 55 -101.83 -87.64 57.84
CA GLY Q 55 -101.45 -88.99 57.52
C GLY Q 55 -100.48 -89.11 56.38
N VAL Q 56 -100.09 -88.00 55.77
CA VAL Q 56 -99.18 -87.99 54.63
C VAL Q 56 -97.98 -87.12 54.95
N SER Q 57 -96.91 -87.33 54.22
CA SER Q 57 -95.80 -86.40 54.24
C SER Q 57 -96.22 -85.11 53.54
N PRO Q 58 -95.92 -83.96 54.12
CA PRO Q 58 -96.51 -82.71 53.61
C PRO Q 58 -95.92 -82.32 52.27
N ASP Q 59 -96.77 -81.71 51.46
CA ASP Q 59 -96.37 -81.14 50.18
C ASP Q 59 -95.61 -79.85 50.43
N THR Q 60 -95.27 -79.13 49.37
CA THR Q 60 -94.57 -77.87 49.54
C THR Q 60 -95.42 -76.84 50.25
N LEU Q 61 -96.74 -76.91 50.08
CA LEU Q 61 -97.61 -76.02 50.82
C LEU Q 61 -97.69 -76.44 52.27
N GLY Q 62 -97.90 -77.72 52.53
CA GLY Q 62 -97.96 -78.18 53.91
C GLY Q 62 -96.68 -77.90 54.66
N LEU Q 63 -95.54 -77.98 53.97
CA LEU Q 63 -94.28 -77.57 54.57
C LEU Q 63 -94.31 -76.08 54.93
N LEU Q 64 -94.47 -75.23 53.92
CA LEU Q 64 -94.47 -73.78 54.15
C LEU Q 64 -95.40 -73.36 55.27
N LEU Q 65 -96.50 -74.09 55.47
CA LEU Q 65 -97.30 -73.91 56.67
C LEU Q 65 -96.46 -74.16 57.92
N ALA Q 66 -95.82 -75.32 57.98
CA ALA Q 66 -95.08 -75.69 59.18
C ALA Q 66 -93.90 -74.76 59.41
N TYR Q 67 -93.20 -74.37 58.35
CA TYR Q 67 -92.09 -73.45 58.50
C TYR Q 67 -92.55 -72.12 59.11
N ARG Q 68 -93.82 -71.82 59.02
CA ARG Q 68 -94.31 -70.61 59.61
C ARG Q 68 -94.84 -70.88 60.99
N ARG Q 69 -94.84 -72.11 61.45
CA ARG Q 69 -95.43 -72.38 62.74
C ARG Q 69 -94.51 -72.85 63.86
N ARG Q 70 -93.33 -73.36 63.49
CA ARG Q 70 -92.32 -73.83 64.40
C ARG Q 70 -91.12 -72.93 64.33
N PHE Q 71 -90.10 -73.18 65.14
CA PHE Q 71 -89.02 -72.26 65.21
C PHE Q 71 -87.74 -72.68 64.54
N PRO Q 72 -87.30 -71.96 63.51
CA PRO Q 72 -86.06 -72.44 62.95
C PRO Q 72 -84.87 -72.20 63.82
N ALA Q 73 -83.98 -73.14 63.99
CA ALA Q 73 -82.80 -72.89 64.77
C ALA Q 73 -81.62 -73.39 63.99
N VAL Q 74 -80.60 -72.60 63.81
CA VAL Q 74 -79.43 -73.04 63.11
C VAL Q 74 -78.65 -74.03 63.98
N ILE Q 75 -78.01 -75.02 63.38
CA ILE Q 75 -77.26 -75.98 64.15
C ILE Q 75 -75.90 -75.41 64.44
N THR Q 76 -75.51 -75.34 65.70
CA THR Q 76 -74.23 -74.71 65.97
C THR Q 76 -73.12 -75.74 66.13
N ARG Q 77 -73.31 -76.68 67.04
CA ARG Q 77 -72.35 -77.72 67.27
C ARG Q 77 -73.02 -79.07 67.27
N VAL Q 78 -72.53 -80.02 66.50
CA VAL Q 78 -73.15 -81.34 66.59
C VAL Q 78 -72.22 -82.21 67.41
N LEU Q 79 -72.77 -82.81 68.43
CA LEU Q 79 -72.00 -83.62 69.33
C LEU Q 79 -72.56 -84.99 69.35
N PRO Q 80 -71.70 -85.99 69.56
CA PRO Q 80 -72.30 -87.31 69.63
C PRO Q 80 -73.12 -87.29 70.88
N THR Q 81 -74.36 -87.67 70.68
CA THR Q 81 -75.42 -87.77 71.68
C THR Q 81 -76.06 -86.43 72.02
N ARG Q 82 -75.91 -85.44 71.15
CA ARG Q 82 -76.59 -84.16 71.24
C ARG Q 82 -76.65 -83.55 69.86
N ILE Q 83 -77.49 -82.54 69.72
CA ILE Q 83 -77.36 -81.54 68.68
C ILE Q 83 -77.71 -80.22 69.31
N VAL Q 84 -76.87 -79.22 69.12
CA VAL Q 84 -77.05 -77.93 69.76
C VAL Q 84 -77.43 -76.93 68.70
N ALA Q 85 -78.67 -76.46 68.75
CA ALA Q 85 -79.20 -75.54 67.75
C ALA Q 85 -79.77 -74.33 68.47
N CYS Q 86 -79.48 -73.14 67.97
CA CYS Q 86 -79.81 -71.91 68.68
C CYS Q 86 -80.96 -71.21 67.95
N PRO Q 87 -82.17 -71.20 68.50
CA PRO Q 87 -83.32 -70.69 67.75
C PRO Q 87 -83.13 -69.27 67.24
N VAL Q 88 -83.57 -69.04 66.01
CA VAL Q 88 -83.39 -67.76 65.35
C VAL Q 88 -84.31 -66.68 65.92
N ASP Q 89 -85.40 -67.06 66.57
CA ASP Q 89 -86.40 -66.09 66.94
C ASP Q 89 -86.14 -65.43 68.28
N LEU Q 90 -85.18 -65.93 69.05
CA LEU Q 90 -85.07 -65.63 70.47
C LEU Q 90 -83.79 -64.86 70.80
N GLY Q 91 -84.03 -63.76 71.47
CA GLY Q 91 -82.98 -62.87 71.87
C GLY Q 91 -83.20 -61.57 71.16
N LEU Q 92 -82.27 -60.66 71.37
CA LEU Q 92 -82.36 -59.38 70.75
C LEU Q 92 -82.06 -59.50 69.30
N THR Q 93 -82.55 -58.53 68.54
CA THR Q 93 -82.32 -58.46 67.11
C THR Q 93 -80.89 -58.02 66.86
N HIS Q 94 -80.38 -58.34 65.68
CA HIS Q 94 -79.00 -58.01 65.33
C HIS Q 94 -78.01 -58.56 66.37
N ALA Q 95 -78.18 -59.80 66.85
CA ALA Q 95 -77.18 -60.38 67.79
C ALA Q 95 -77.19 -61.90 67.67
N GLY Q 96 -76.23 -62.60 68.27
CA GLY Q 96 -76.11 -64.03 68.12
C GLY Q 96 -75.74 -64.47 66.74
N THR Q 97 -74.65 -63.92 66.22
CA THR Q 97 -74.21 -64.33 64.92
C THR Q 97 -73.91 -65.80 65.05
N VAL Q 98 -74.52 -66.61 64.19
CA VAL Q 98 -74.32 -68.03 64.13
C VAL Q 98 -74.08 -68.32 62.69
N ASN Q 99 -73.20 -69.24 62.39
CA ASN Q 99 -72.95 -69.55 61.02
C ASN Q 99 -73.91 -70.41 60.32
N LEU Q 100 -74.26 -70.00 59.12
CA LEU Q 100 -75.11 -70.81 58.26
C LEU Q 100 -74.27 -71.65 57.30
N ARG Q 101 -74.95 -72.40 56.45
CA ARG Q 101 -74.33 -72.98 55.26
C ARG Q 101 -75.08 -72.49 54.05
N ASN Q 102 -74.35 -71.94 53.10
CA ASN Q 102 -74.98 -71.52 51.87
C ASN Q 102 -75.26 -72.74 50.99
N THR Q 103 -76.43 -72.70 50.38
CA THR Q 103 -76.88 -73.67 49.41
C THR Q 103 -77.37 -72.85 48.19
N SER Q 104 -76.93 -73.23 46.97
CA SER Q 104 -77.21 -72.56 45.67
C SER Q 104 -76.55 -71.17 45.37
N PRO Q 105 -77.34 -70.07 45.17
CA PRO Q 105 -76.80 -68.72 44.95
C PRO Q 105 -76.01 -68.20 46.13
N VAL Q 106 -75.14 -67.27 45.82
CA VAL Q 106 -74.15 -66.72 46.73
C VAL Q 106 -74.40 -66.16 48.13
N ASP Q 107 -75.52 -65.54 48.41
CA ASP Q 107 -75.74 -64.91 49.72
C ASP Q 107 -74.72 -63.79 49.96
N LEU Q 108 -74.92 -62.68 49.28
CA LEU Q 108 -74.00 -61.57 49.42
C LEU Q 108 -74.13 -60.97 50.81
N CYS Q 109 -73.41 -59.87 51.03
CA CYS Q 109 -73.13 -59.36 52.37
C CYS Q 109 -74.39 -58.99 53.13
N ASN Q 110 -75.55 -59.04 52.47
CA ASN Q 110 -76.81 -58.83 53.16
C ASN Q 110 -77.92 -59.58 52.44
N GLY Q 111 -79.15 -59.20 52.71
CA GLY Q 111 -80.28 -59.66 51.94
C GLY Q 111 -81.20 -60.57 52.67
N ASP Q 112 -80.96 -60.85 53.92
CA ASP Q 112 -81.98 -61.49 54.71
C ASP Q 112 -82.40 -62.86 54.19
N PRO Q 113 -81.58 -63.90 54.32
CA PRO Q 113 -81.97 -65.22 53.85
C PRO Q 113 -83.31 -65.68 54.38
N VAL Q 114 -84.13 -66.20 53.47
CA VAL Q 114 -85.34 -66.94 53.80
C VAL Q 114 -85.01 -68.42 53.75
N SER Q 115 -85.60 -69.18 54.64
CA SER Q 115 -85.46 -70.62 54.60
C SER Q 115 -86.74 -71.12 53.97
N LEU Q 116 -86.66 -71.47 52.70
CA LEU Q 116 -87.75 -72.03 51.92
C LEU Q 116 -87.61 -73.54 51.82
N VAL Q 117 -88.75 -74.19 51.66
CA VAL Q 117 -88.87 -75.65 51.64
C VAL Q 117 -87.85 -76.24 50.67
N PRO Q 118 -87.37 -77.46 50.89
CA PRO Q 118 -86.35 -78.03 49.98
C PRO Q 118 -86.85 -78.35 48.57
N PRO Q 119 -88.09 -78.83 48.36
CA PRO Q 119 -88.43 -79.44 47.04
C PRO Q 119 -88.27 -78.50 45.87
N VAL Q 120 -88.30 -77.18 46.12
CA VAL Q 120 -88.12 -76.17 45.08
C VAL Q 120 -86.88 -76.39 44.22
N PHE Q 121 -85.92 -77.14 44.73
CA PHE Q 121 -84.69 -77.47 44.03
C PHE Q 121 -84.59 -78.98 44.09
N GLU Q 122 -83.44 -79.55 43.72
CA GLU Q 122 -83.34 -81.00 43.71
C GLU Q 122 -84.01 -81.60 44.93
N GLY Q 123 -85.01 -82.44 44.69
CA GLY Q 123 -86.00 -82.76 45.69
C GLY Q 123 -85.51 -83.54 46.88
N GLN Q 124 -85.10 -84.77 46.59
CA GLN Q 124 -84.54 -85.69 47.53
C GLN Q 124 -83.14 -85.28 47.90
N ALA Q 125 -82.51 -84.50 47.01
CA ALA Q 125 -81.18 -84.02 47.30
C ALA Q 125 -81.48 -83.14 48.46
N THR Q 126 -80.76 -83.40 49.55
CA THR Q 126 -80.83 -82.87 50.92
C THR Q 126 -81.72 -83.63 51.89
N ASP Q 127 -82.22 -84.80 51.50
CA ASP Q 127 -83.01 -85.60 52.42
C ASP Q 127 -82.17 -86.08 53.59
N VAL Q 128 -80.88 -86.37 53.39
CA VAL Q 128 -79.97 -86.80 54.48
C VAL Q 128 -80.52 -87.89 55.39
N ARG Q 129 -80.71 -89.07 54.84
CA ARG Q 129 -81.39 -90.09 55.64
C ARG Q 129 -80.45 -90.71 56.67
N LEU Q 130 -81.01 -91.06 57.81
CA LEU Q 130 -80.32 -91.83 58.84
C LEU Q 130 -81.03 -93.18 58.97
N GLU Q 131 -80.39 -94.23 58.50
CA GLU Q 131 -81.04 -95.54 58.48
C GLU Q 131 -81.03 -96.20 59.85
N SER Q 132 -79.96 -96.01 60.63
CA SER Q 132 -79.81 -96.73 61.88
C SER Q 132 -80.99 -96.46 62.81
N LEU Q 133 -81.34 -95.20 62.95
CA LEU Q 133 -82.47 -94.81 63.79
C LEU Q 133 -83.76 -94.60 63.01
N ASP Q 134 -83.71 -94.72 61.69
CA ASP Q 134 -84.88 -94.70 60.81
C ASP Q 134 -85.64 -93.38 60.92
N LEU Q 135 -84.96 -92.33 60.50
CA LEU Q 135 -85.52 -91.01 60.43
C LEU Q 135 -84.79 -90.25 59.30
N THR Q 136 -85.17 -89.01 59.05
CA THR Q 136 -84.65 -88.28 57.93
C THR Q 136 -84.79 -86.78 58.24
N LEU Q 137 -84.02 -85.96 57.55
CA LEU Q 137 -83.94 -84.53 57.82
C LEU Q 137 -83.92 -83.81 56.50
N ARG Q 138 -84.86 -82.91 56.30
CA ARG Q 138 -84.86 -82.10 55.08
C ARG Q 138 -84.58 -80.68 55.48
N PHE Q 139 -83.48 -80.21 55.10
CA PHE Q 139 -83.12 -78.90 55.57
C PHE Q 139 -83.56 -77.87 54.56
N PRO Q 140 -84.18 -76.78 54.99
CA PRO Q 140 -84.63 -75.76 54.06
C PRO Q 140 -83.44 -75.11 53.37
N VAL Q 141 -83.70 -74.50 52.23
CA VAL Q 141 -82.63 -73.84 51.48
C VAL Q 141 -82.58 -72.37 51.89
N PRO Q 142 -81.42 -71.86 52.24
CA PRO Q 142 -81.31 -70.46 52.67
C PRO Q 142 -81.18 -69.47 51.52
N LEU Q 143 -82.28 -68.96 50.97
CA LEU Q 143 -82.13 -68.05 49.87
C LEU Q 143 -82.51 -66.62 50.26
N PRO Q 144 -81.94 -65.61 49.59
CA PRO Q 144 -82.30 -64.23 49.91
C PRO Q 144 -83.77 -63.96 49.64
N THR Q 145 -84.33 -62.98 50.35
CA THR Q 145 -85.77 -62.72 50.20
C THR Q 145 -86.15 -62.31 48.79
N PRO Q 146 -85.47 -61.38 48.11
CA PRO Q 146 -85.92 -61.05 46.76
C PRO Q 146 -85.87 -62.25 45.84
N LEU Q 147 -84.84 -63.07 45.97
CA LEU Q 147 -84.75 -64.24 45.10
C LEU Q 147 -85.66 -65.35 45.56
N ALA Q 148 -85.83 -65.52 46.87
CA ALA Q 148 -86.72 -66.57 47.34
C ALA Q 148 -88.15 -66.31 46.88
N ARG Q 149 -88.59 -65.05 46.93
CA ARG Q 149 -89.95 -64.74 46.49
C ARG Q 149 -90.07 -64.84 44.98
N GLU Q 150 -89.04 -64.39 44.26
CA GLU Q 150 -89.07 -64.53 42.81
C GLU Q 150 -89.21 -65.98 42.41
N ILE Q 151 -88.46 -66.87 43.07
CA ILE Q 151 -88.52 -68.29 42.73
C ILE Q 151 -89.87 -68.87 43.06
N VAL Q 152 -90.31 -68.76 44.31
CA VAL Q 152 -91.55 -69.44 44.70
C VAL Q 152 -92.72 -68.99 43.83
N ALA Q 153 -92.74 -67.72 43.43
CA ALA Q 153 -93.75 -67.28 42.49
C ALA Q 153 -93.45 -67.77 41.09
N ARG Q 154 -92.17 -67.88 40.75
CA ARG Q 154 -91.78 -68.35 39.43
C ARG Q 154 -92.26 -69.78 39.19
N LEU Q 155 -92.24 -70.61 40.21
CA LEU Q 155 -92.62 -72.01 40.04
C LEU Q 155 -94.13 -72.22 40.04
N VAL Q 156 -94.86 -71.51 40.88
CA VAL Q 156 -96.30 -71.62 40.79
C VAL Q 156 -96.79 -71.00 39.50
N ALA Q 157 -96.08 -70.01 38.97
CA ALA Q 157 -96.35 -69.51 37.63
C ALA Q 157 -96.18 -70.60 36.60
N ARG Q 158 -95.06 -71.32 36.66
CA ARG Q 158 -94.88 -72.45 35.76
C ARG Q 158 -95.86 -73.56 36.06
N GLY Q 159 -96.30 -73.66 37.31
CA GLY Q 159 -97.24 -74.70 37.69
C GLY Q 159 -98.59 -74.59 37.01
N ILE Q 160 -99.12 -73.38 36.92
CA ILE Q 160 -100.41 -73.17 36.26
C ILE Q 160 -100.37 -73.44 34.75
N ARG Q 161 -99.28 -73.06 34.07
CA ARG Q 161 -99.21 -73.30 32.64
C ARG Q 161 -99.34 -74.79 32.46
N ASP Q 162 -98.60 -75.52 33.29
CA ASP Q 162 -98.70 -76.97 33.27
C ASP Q 162 -100.10 -77.45 33.52
N LEU Q 163 -100.89 -76.71 34.34
CA LEU Q 163 -102.26 -77.15 34.73
C LEU Q 163 -103.02 -77.33 33.46
N ASN Q 164 -103.25 -76.28 32.68
CA ASN Q 164 -103.62 -76.62 31.31
C ASN Q 164 -102.74 -75.91 30.29
N PRO Q 165 -101.97 -76.70 29.52
CA PRO Q 165 -101.03 -76.28 28.48
C PRO Q 165 -101.44 -76.90 27.17
N ASP Q 166 -100.91 -76.42 26.04
CA ASP Q 166 -101.31 -77.16 24.86
C ASP Q 166 -100.18 -78.12 24.54
N PRO Q 174 -91.69 -68.63 26.36
CA PRO Q 174 -90.77 -67.89 27.23
C PRO Q 174 -90.45 -68.65 28.51
N ASP Q 175 -89.18 -69.01 28.68
CA ASP Q 175 -88.78 -69.90 29.76
C ASP Q 175 -88.80 -69.14 31.09
N LEU Q 176 -89.58 -69.65 32.04
CA LEU Q 176 -89.54 -69.17 33.41
C LEU Q 176 -88.35 -69.68 34.18
N ASN Q 177 -87.69 -70.70 33.66
CA ASN Q 177 -86.82 -71.57 34.43
C ASN Q 177 -85.35 -71.20 34.35
N VAL Q 178 -85.02 -70.06 33.74
CA VAL Q 178 -83.61 -69.69 33.65
C VAL Q 178 -83.16 -68.96 34.90
N LEU Q 179 -83.82 -67.84 35.15
CA LEU Q 179 -83.67 -67.07 36.37
C LEU Q 179 -82.28 -66.67 36.82
N TYR Q 180 -81.51 -66.02 35.96
CA TYR Q 180 -80.18 -65.63 36.37
C TYR Q 180 -80.35 -64.73 37.58
N TYR Q 181 -79.63 -65.04 38.65
CA TYR Q 181 -79.70 -64.25 39.86
C TYR Q 181 -78.34 -63.60 39.95
N ASN Q 182 -78.31 -62.28 39.98
CA ASN Q 182 -77.05 -61.55 40.02
C ASN Q 182 -76.18 -62.06 38.88
N GLY Q 183 -74.92 -62.34 39.13
CA GLY Q 183 -74.05 -62.86 38.08
C GLY Q 183 -74.48 -64.22 37.59
N ALA Q 184 -74.90 -65.07 38.53
CA ALA Q 184 -75.31 -66.44 38.22
C ALA Q 184 -76.65 -66.61 37.54
N ARG Q 185 -76.72 -67.57 36.62
CA ARG Q 185 -77.96 -67.90 35.96
C ARG Q 185 -78.26 -69.17 36.73
N LEU Q 186 -79.29 -69.14 37.55
CA LEU Q 186 -79.59 -70.31 38.37
C LEU Q 186 -80.57 -71.16 37.60
N SER Q 187 -80.14 -72.37 37.28
CA SER Q 187 -81.01 -73.29 36.53
C SER Q 187 -82.18 -73.72 37.39
N LEU Q 188 -83.37 -73.83 36.83
CA LEU Q 188 -84.48 -74.11 37.73
C LEU Q 188 -84.73 -75.59 37.59
N VAL Q 189 -85.05 -75.94 36.36
CA VAL Q 189 -85.35 -77.28 35.91
C VAL Q 189 -84.11 -78.18 36.06
N ALA Q 190 -84.38 -79.32 36.66
CA ALA Q 190 -83.44 -80.43 36.73
C ALA Q 190 -83.89 -81.49 35.66
N ASP Q 191 -84.82 -81.07 34.78
CA ASP Q 191 -85.39 -81.85 33.70
C ASP Q 191 -85.92 -83.14 34.28
N VAL Q 192 -85.66 -84.23 33.60
CA VAL Q 192 -86.00 -85.60 34.04
C VAL Q 192 -87.48 -85.69 34.49
N GLN Q 193 -87.73 -86.33 35.61
CA GLN Q 193 -89.04 -86.39 36.19
C GLN Q 193 -89.06 -85.55 37.47
N GLN Q 194 -87.96 -84.83 37.75
CA GLN Q 194 -87.85 -84.03 38.94
C GLN Q 194 -88.95 -83.03 38.82
N LEU Q 195 -89.11 -82.45 37.63
CA LEU Q 195 -90.24 -81.54 37.45
C LEU Q 195 -91.55 -82.22 37.80
N ALA Q 196 -91.72 -83.47 37.36
CA ALA Q 196 -92.92 -84.20 37.72
C ALA Q 196 -93.03 -84.37 39.23
N SER Q 197 -91.89 -84.46 39.92
CA SER Q 197 -91.89 -84.49 41.37
C SER Q 197 -92.04 -83.09 41.94
N VAL Q 198 -91.38 -82.10 41.35
CA VAL Q 198 -91.58 -80.73 41.79
C VAL Q 198 -93.02 -80.30 41.53
N ASN Q 199 -93.52 -80.56 40.32
CA ASN Q 199 -94.86 -80.09 39.99
C ASN Q 199 -95.93 -80.82 40.77
N THR Q 200 -95.66 -82.05 41.23
CA THR Q 200 -96.70 -82.73 41.99
C THR Q 200 -96.79 -82.21 43.41
N GLU Q 201 -95.71 -81.67 43.94
CA GLU Q 201 -95.76 -81.10 45.27
C GLU Q 201 -96.25 -79.66 45.27
N LEU Q 202 -95.98 -78.91 44.22
CA LEU Q 202 -96.59 -77.59 44.11
C LEU Q 202 -98.04 -77.67 43.66
N ARG Q 203 -98.50 -78.86 43.31
CA ARG Q 203 -99.87 -79.09 42.86
C ARG Q 203 -100.88 -78.44 43.78
N SER Q 204 -100.73 -78.61 45.09
CA SER Q 204 -101.69 -78.08 46.03
C SER Q 204 -101.48 -76.60 46.31
N LEU Q 205 -100.26 -76.11 46.11
CA LEU Q 205 -100.03 -74.68 46.25
C LEU Q 205 -100.54 -73.92 45.04
N VAL Q 206 -100.43 -74.54 43.86
CA VAL Q 206 -100.91 -73.90 42.65
C VAL Q 206 -102.41 -73.67 42.73
N LEU Q 207 -103.15 -74.64 43.26
CA LEU Q 207 -104.59 -74.54 43.27
C LEU Q 207 -105.06 -73.45 44.20
N ASN Q 208 -104.54 -73.43 45.43
CA ASN Q 208 -104.88 -72.35 46.34
C ASN Q 208 -104.53 -71.00 45.75
N MET Q 209 -103.54 -70.98 44.85
CA MET Q 209 -103.25 -69.74 44.16
C MET Q 209 -104.27 -69.48 43.05
N VAL Q 210 -104.54 -70.48 42.21
CA VAL Q 210 -105.51 -70.31 41.14
C VAL Q 210 -106.86 -69.96 41.72
N TYR Q 211 -107.27 -70.67 42.76
CA TYR Q 211 -108.57 -70.42 43.36
C TYR Q 211 -108.66 -69.00 43.90
N SER Q 212 -107.68 -68.59 44.68
CA SER Q 212 -107.76 -67.30 45.35
C SER Q 212 -107.75 -66.15 44.36
N ILE Q 213 -107.23 -66.36 43.16
CA ILE Q 213 -107.34 -65.34 42.12
C ILE Q 213 -108.72 -65.35 41.50
N THR Q 214 -109.08 -66.47 40.86
CA THR Q 214 -110.38 -66.59 40.22
C THR Q 214 -111.52 -66.25 41.17
N GLU Q 215 -111.37 -66.60 42.45
CA GLU Q 215 -112.39 -66.25 43.43
C GLU Q 215 -112.31 -64.80 43.85
N GLY Q 216 -111.16 -64.15 43.67
CA GLY Q 216 -111.04 -62.76 44.01
C GLY Q 216 -111.62 -61.85 42.95
N THR Q 217 -111.25 -62.06 41.69
CA THR Q 217 -111.77 -61.24 40.61
C THR Q 217 -113.29 -61.34 40.54
N THR Q 218 -113.81 -62.54 40.29
CA THR Q 218 -115.24 -62.72 40.16
C THR Q 218 -115.99 -62.14 41.34
N LEU Q 219 -115.34 -62.06 42.49
CA LEU Q 219 -116.00 -61.49 43.65
C LEU Q 219 -115.96 -59.97 43.65
N ILE Q 220 -114.93 -59.36 43.08
CA ILE Q 220 -114.97 -57.91 42.92
C ILE Q 220 -115.76 -57.54 41.67
N LEU Q 221 -115.59 -58.30 40.58
CA LEU Q 221 -116.33 -57.99 39.37
C LEU Q 221 -117.82 -58.10 39.58
N THR Q 222 -118.25 -58.94 40.51
CA THR Q 222 -119.67 -58.93 40.84
C THR Q 222 -120.01 -57.81 41.80
N LEU Q 223 -119.07 -57.41 42.65
CA LEU Q 223 -119.40 -56.48 43.72
C LEU Q 223 -119.43 -55.04 43.22
N ILE Q 224 -118.48 -54.66 42.37
CA ILE Q 224 -118.41 -53.27 41.93
C ILE Q 224 -119.70 -52.92 41.19
N PRO Q 225 -120.10 -53.65 40.13
CA PRO Q 225 -121.41 -53.37 39.53
C PRO Q 225 -122.57 -53.67 40.45
N ARG Q 226 -122.38 -54.39 41.55
CA ARG Q 226 -123.49 -54.63 42.49
C ARG Q 226 -123.32 -53.80 43.76
N LEU Q 227 -122.59 -52.72 43.56
CA LEU Q 227 -122.24 -51.66 44.49
C LEU Q 227 -121.90 -50.47 43.55
N LEU Q 228 -122.08 -49.26 44.09
CA LEU Q 228 -121.97 -47.89 43.46
C LEU Q 228 -123.29 -47.49 42.75
N ALA Q 229 -124.24 -48.41 42.82
CA ALA Q 229 -125.57 -48.32 42.31
C ALA Q 229 -126.56 -48.39 43.49
N LEU Q 230 -126.05 -48.19 44.70
CA LEU Q 230 -126.84 -48.23 45.93
C LEU Q 230 -126.32 -47.21 46.94
N GLY Q 235 -122.96 -42.63 46.10
CA GLY Q 235 -122.33 -41.50 46.75
C GLY Q 235 -120.89 -41.33 46.36
N TYR Q 236 -120.08 -40.85 47.29
CA TYR Q 236 -118.63 -40.75 47.05
C TYR Q 236 -118.05 -42.09 46.64
N VAL Q 237 -118.66 -43.19 47.11
CA VAL Q 237 -118.30 -44.53 46.64
C VAL Q 237 -118.29 -44.58 45.12
N ASN Q 238 -119.45 -44.30 44.50
CA ASN Q 238 -119.59 -44.36 43.05
C ASN Q 238 -118.55 -43.52 42.34
N ALA Q 239 -118.57 -42.21 42.57
CA ALA Q 239 -117.73 -41.29 41.81
C ALA Q 239 -116.26 -41.67 41.91
N LEU Q 240 -115.74 -41.77 43.12
CA LEU Q 240 -114.32 -42.04 43.31
C LEU Q 240 -113.93 -43.39 42.71
N LEU Q 241 -114.77 -44.41 42.88
CA LEU Q 241 -114.50 -45.73 42.35
C LEU Q 241 -114.28 -45.67 40.85
N GLN Q 242 -115.34 -45.34 40.10
CA GLN Q 242 -115.24 -45.30 38.64
C GLN Q 242 -114.22 -44.28 38.17
N MET Q 243 -113.88 -43.30 39.01
CA MET Q 243 -112.93 -42.25 38.65
C MET Q 243 -111.58 -42.81 38.26
N GLN Q 244 -110.87 -43.37 39.23
CA GLN Q 244 -109.53 -43.91 39.00
C GLN Q 244 -109.55 -45.30 38.40
N SER Q 245 -110.71 -45.93 38.30
CA SER Q 245 -110.84 -47.26 37.71
C SER Q 245 -111.07 -47.22 36.21
N VAL Q 246 -111.02 -46.03 35.60
CA VAL Q 246 -111.34 -45.86 34.19
C VAL Q 246 -110.49 -46.79 33.34
N THR Q 247 -111.14 -47.60 32.52
CA THR Q 247 -110.50 -48.51 31.57
C THR Q 247 -109.58 -49.51 32.26
N ARG Q 248 -109.80 -49.77 33.56
CA ARG Q 248 -108.95 -50.70 34.29
C ARG Q 248 -109.82 -51.75 34.97
N GLU Q 249 -110.56 -51.34 35.99
CA GLU Q 249 -111.50 -52.26 36.63
C GLU Q 249 -112.71 -52.51 35.75
N ALA Q 250 -113.31 -51.45 35.21
CA ALA Q 250 -114.49 -51.60 34.37
C ALA Q 250 -114.17 -52.36 33.09
N ALA Q 251 -113.04 -52.04 32.45
CA ALA Q 251 -112.65 -52.76 31.25
C ALA Q 251 -112.45 -54.24 31.57
N GLN Q 252 -111.74 -54.53 32.66
CA GLN Q 252 -111.57 -55.91 33.09
C GLN Q 252 -112.90 -56.56 33.44
N LEU Q 253 -113.89 -55.75 33.82
CA LEU Q 253 -115.22 -56.30 34.12
C LEU Q 253 -115.91 -56.79 32.85
N ILE Q 254 -115.94 -55.95 31.81
CA ILE Q 254 -116.58 -56.36 30.55
C ILE Q 254 -115.84 -57.53 29.93
N HIS Q 255 -114.50 -57.51 29.97
CA HIS Q 255 -113.72 -58.59 29.36
C HIS Q 255 -113.88 -59.90 30.11
N PRO Q 256 -113.78 -59.95 31.44
CA PRO Q 256 -114.03 -61.22 32.10
C PRO Q 256 -115.49 -61.67 31.99
N GLU Q 257 -116.44 -60.75 32.16
CA GLU Q 257 -117.85 -61.11 31.97
C GLU Q 257 -118.10 -61.57 30.55
N ALA Q 258 -117.31 -61.08 29.59
CA ALA Q 258 -117.37 -61.64 28.24
C ALA Q 258 -117.04 -63.12 28.23
N PRO Q 259 -115.85 -63.56 28.64
CA PRO Q 259 -115.55 -64.99 28.73
C PRO Q 259 -115.76 -65.56 30.13
N MET Q 260 -116.95 -65.37 30.68
CA MET Q 260 -117.35 -65.98 31.94
C MET Q 260 -118.84 -65.75 32.12
N LEU Q 261 -119.35 -66.21 33.27
CA LEU Q 261 -120.73 -65.95 33.66
C LEU Q 261 -120.78 -64.70 34.53
N MET Q 262 -121.93 -64.43 35.12
CA MET Q 262 -122.15 -63.23 35.92
C MET Q 262 -121.03 -62.90 36.89
N ARG Q 267 -126.33 -61.14 43.77
CA ARG Q 267 -126.56 -61.94 44.96
C ARG Q 267 -125.82 -61.38 46.18
N ARG Q 268 -126.24 -60.21 46.67
CA ARG Q 268 -125.55 -59.58 47.80
C ARG Q 268 -125.42 -60.53 48.99
N LEU Q 269 -126.42 -61.38 49.23
CA LEU Q 269 -126.33 -62.25 50.41
C LEU Q 269 -125.24 -63.31 50.26
N PRO Q 270 -125.19 -64.11 49.18
CA PRO Q 270 -124.00 -64.97 49.03
C PRO Q 270 -122.74 -64.19 48.76
N LEU Q 271 -122.85 -63.07 48.05
CA LEU Q 271 -121.70 -62.20 47.85
C LEU Q 271 -121.00 -61.90 49.16
N TYR Q 272 -121.71 -61.27 50.09
CA TYR Q 272 -121.09 -60.85 51.34
C TYR Q 272 -120.55 -62.03 52.13
N GLU Q 273 -121.24 -63.17 52.10
CA GLU Q 273 -120.74 -64.32 52.87
C GLU Q 273 -119.59 -65.02 52.15
N ALA Q 274 -119.49 -64.87 50.84
CA ALA Q 274 -118.31 -65.35 50.12
C ALA Q 274 -117.17 -64.36 50.20
N LEU Q 275 -117.47 -63.08 50.31
CA LEU Q 275 -116.42 -62.08 50.49
C LEU Q 275 -115.71 -62.27 51.81
N VAL Q 276 -116.41 -62.81 52.80
CA VAL Q 276 -115.79 -63.14 54.07
C VAL Q 276 -114.84 -64.31 53.91
N ALA Q 277 -115.32 -65.40 53.33
CA ALA Q 277 -114.52 -66.61 53.25
C ALA Q 277 -113.34 -66.44 52.33
N TRP Q 278 -113.47 -65.61 51.31
CA TRP Q 278 -112.31 -65.32 50.47
C TRP Q 278 -111.30 -64.46 51.20
N LEU Q 279 -111.78 -63.39 51.84
CA LEU Q 279 -110.88 -62.45 52.47
C LEU Q 279 -109.98 -63.14 53.46
N ALA Q 280 -110.46 -64.18 54.11
CA ALA Q 280 -109.64 -64.95 55.04
C ALA Q 280 -108.64 -65.81 54.26
N HIS Q 281 -109.14 -66.73 53.44
CA HIS Q 281 -108.27 -67.59 52.66
C HIS Q 281 -107.17 -66.81 51.94
N ALA Q 282 -107.50 -65.62 51.43
CA ALA Q 282 -106.49 -64.80 50.78
C ALA Q 282 -105.32 -64.53 51.71
N GLY Q 283 -105.58 -63.85 52.84
CA GLY Q 283 -104.50 -63.47 53.72
C GLY Q 283 -103.76 -64.63 54.33
N GLN Q 284 -104.40 -65.80 54.40
CA GLN Q 284 -103.69 -67.01 54.79
C GLN Q 284 -102.62 -67.40 53.77
N LEU Q 285 -102.84 -67.07 52.50
CA LEU Q 285 -101.82 -67.33 51.49
C LEU Q 285 -100.74 -66.26 51.52
N GLY Q 286 -101.11 -65.02 51.76
CA GLY Q 286 -100.11 -63.99 51.93
C GLY Q 286 -99.20 -64.27 53.11
N ASP Q 287 -99.72 -64.96 54.13
CA ASP Q 287 -98.88 -65.33 55.26
C ASP Q 287 -97.94 -66.46 54.89
N ILE Q 288 -98.48 -67.56 54.33
CA ILE Q 288 -97.66 -68.65 53.83
C ILE Q 288 -96.58 -68.13 52.91
N LEU Q 289 -97.05 -67.48 51.89
CA LEU Q 289 -96.22 -66.82 50.92
C LEU Q 289 -95.65 -65.57 51.61
N ALA Q 290 -94.70 -64.96 50.91
CA ALA Q 290 -93.87 -63.77 51.21
C ALA Q 290 -92.63 -64.13 52.03
N LEU Q 291 -92.52 -65.40 52.42
CA LEU Q 291 -91.34 -65.93 53.05
C LEU Q 291 -90.56 -64.96 53.91
N ALA Q 292 -91.19 -64.41 54.93
CA ALA Q 292 -90.60 -63.39 55.77
C ALA Q 292 -89.19 -63.82 56.14
N PRO Q 293 -88.20 -62.94 56.05
CA PRO Q 293 -86.82 -63.36 56.33
C PRO Q 293 -86.63 -63.77 57.77
N ALA Q 294 -85.95 -64.88 57.97
CA ALA Q 294 -85.58 -65.26 59.32
C ALA Q 294 -84.41 -64.44 59.84
N VAL Q 295 -83.39 -64.19 59.00
CA VAL Q 295 -82.12 -63.66 59.44
C VAL Q 295 -81.64 -62.68 58.39
N ARG Q 296 -80.51 -62.00 58.63
CA ARG Q 296 -79.73 -61.26 57.67
C ARG Q 296 -78.33 -61.83 57.66
N VAL Q 297 -77.58 -61.48 56.63
CA VAL Q 297 -76.13 -61.64 56.63
C VAL Q 297 -75.52 -60.28 56.90
N CYS Q 298 -74.74 -60.17 57.97
CA CYS Q 298 -73.86 -59.03 58.19
C CYS Q 298 -72.47 -59.60 58.49
N THR Q 299 -71.55 -59.44 57.55
CA THR Q 299 -70.22 -60.00 57.68
C THR Q 299 -69.26 -58.93 58.21
N PHE Q 300 -68.01 -59.33 58.34
CA PHE Q 300 -66.92 -58.48 58.80
C PHE Q 300 -65.69 -59.35 58.72
N ASP Q 301 -64.58 -58.78 58.28
CA ASP Q 301 -63.39 -59.58 58.26
C ASP Q 301 -63.85 -60.86 57.63
N GLY Q 302 -64.60 -60.76 56.56
CA GLY Q 302 -65.13 -61.91 55.88
C GLY Q 302 -65.14 -61.61 54.41
N ALA Q 303 -65.38 -62.64 53.62
CA ALA Q 303 -65.34 -62.54 52.19
C ALA Q 303 -66.27 -61.54 51.53
N ALA Q 304 -67.44 -61.35 52.14
CA ALA Q 304 -68.58 -60.46 51.81
C ALA Q 304 -69.55 -61.08 50.85
N VAL Q 305 -69.20 -62.24 50.33
CA VAL Q 305 -70.03 -63.00 49.45
C VAL Q 305 -69.75 -64.40 49.92
N VAL Q 306 -70.79 -65.16 50.19
CA VAL Q 306 -70.56 -66.48 50.68
C VAL Q 306 -70.82 -67.40 49.55
N GLN Q 307 -69.77 -68.09 49.13
CA GLN Q 307 -69.82 -69.04 48.04
C GLN Q 307 -70.60 -70.25 48.44
N SER Q 308 -71.27 -70.85 47.48
CA SER Q 308 -72.18 -71.92 47.82
C SER Q 308 -71.46 -72.94 48.62
N GLY Q 309 -72.15 -73.46 49.62
CA GLY Q 309 -71.57 -74.45 50.48
C GLY Q 309 -70.56 -73.93 51.45
N ASP Q 310 -70.55 -72.65 51.72
CA ASP Q 310 -69.60 -72.12 52.67
C ASP Q 310 -70.34 -71.49 53.81
N MET Q 311 -69.83 -71.65 55.01
CA MET Q 311 -70.50 -71.07 56.16
C MET Q 311 -70.48 -69.60 56.05
N ALA Q 312 -71.60 -69.04 56.37
CA ALA Q 312 -71.82 -67.62 56.27
C ALA Q 312 -72.26 -67.05 57.62
N PRO Q 313 -71.74 -65.89 58.01
CA PRO Q 313 -72.26 -65.22 59.20
C PRO Q 313 -73.70 -64.87 58.96
N VAL Q 314 -74.45 -64.66 60.04
CA VAL Q 314 -75.87 -64.33 59.91
C VAL Q 314 -76.44 -63.76 61.22
N ILE Q 315 -77.38 -62.85 61.19
CA ILE Q 315 -77.86 -62.30 62.43
C ILE Q 315 -79.35 -62.34 62.44
N ARG Q 316 -79.92 -62.31 63.61
CA ARG Q 316 -81.33 -62.56 63.80
C ARG Q 316 -82.39 -61.72 63.12
N TYR Q 317 -82.26 -60.42 62.97
CA TYR Q 317 -83.35 -59.71 62.29
C TYR Q 317 -82.88 -58.94 61.09
N PRO Q 318 -83.59 -59.09 59.96
CA PRO Q 318 -83.41 -58.49 58.63
C PRO Q 318 -82.47 -57.27 58.58
N CYS R 5 -84.85 -51.23 77.17
CA CYS R 5 -86.16 -51.66 76.71
C CYS R 5 -87.02 -50.47 76.40
N PHE R 6 -86.44 -49.29 76.39
CA PHE R 6 -87.23 -48.08 76.15
C PHE R 6 -88.65 -48.24 76.65
N GLU R 7 -88.80 -48.43 77.95
CA GLU R 7 -90.12 -48.43 78.55
C GLU R 7 -90.71 -47.04 78.65
N ALA R 8 -92.01 -46.94 78.39
CA ALA R 8 -92.72 -45.68 78.51
C ALA R 8 -93.49 -45.66 79.82
N ASP R 9 -93.15 -44.72 80.69
CA ASP R 9 -93.87 -44.58 81.94
C ASP R 9 -95.16 -43.83 81.71
N ILE R 10 -96.17 -44.17 82.49
CA ILE R 10 -97.50 -43.56 82.39
C ILE R 10 -97.94 -43.22 83.80
N ALA R 11 -98.12 -41.94 84.08
CA ALA R 11 -98.33 -41.48 85.44
C ALA R 11 -99.80 -41.58 85.82
N ILE R 12 -100.11 -42.36 86.85
CA ILE R 12 -101.49 -42.44 87.20
C ILE R 12 -101.66 -40.98 87.54
N PRO R 13 -102.82 -40.38 87.06
CA PRO R 13 -102.90 -38.94 87.32
C PRO R 13 -102.92 -38.47 88.76
N SER R 14 -103.64 -39.16 89.62
CA SER R 14 -103.81 -38.84 91.03
C SER R 14 -105.23 -39.27 91.23
N GLY R 15 -105.96 -38.63 92.14
CA GLY R 15 -107.33 -39.05 92.30
C GLY R 15 -107.16 -40.52 92.56
N ILE R 16 -107.81 -41.34 91.76
CA ILE R 16 -107.67 -42.77 91.91
C ILE R 16 -108.56 -43.22 93.08
N SER R 17 -108.52 -44.50 93.42
CA SER R 17 -109.34 -44.99 94.51
C SER R 17 -108.77 -46.27 95.10
N ARG R 18 -109.17 -46.62 96.31
CA ARG R 18 -108.66 -47.84 96.92
C ARG R 18 -109.10 -48.96 96.00
N PRO R 19 -110.33 -48.86 95.54
CA PRO R 19 -110.91 -49.84 94.61
C PRO R 19 -110.44 -49.64 93.18
N ASP R 20 -110.14 -48.41 92.78
CA ASP R 20 -109.65 -48.18 91.43
C ASP R 20 -108.19 -48.61 91.29
N ALA R 21 -107.38 -48.36 92.30
CA ALA R 21 -105.99 -48.81 92.26
C ALA R 21 -105.89 -50.32 92.28
N ALA R 22 -106.85 -50.99 92.90
CA ALA R 22 -106.87 -52.45 92.84
C ALA R 22 -107.28 -52.94 91.47
N ALA R 23 -107.99 -52.11 90.70
CA ALA R 23 -108.35 -52.49 89.35
C ALA R 23 -107.15 -52.41 88.42
N LEU R 24 -106.30 -51.40 88.62
CA LEU R 24 -105.11 -51.30 87.79
C LEU R 24 -104.08 -52.37 88.12
N GLN R 25 -104.13 -52.92 89.33
CA GLN R 25 -103.15 -53.94 89.69
C GLN R 25 -103.28 -55.16 88.80
N ARG R 26 -104.49 -55.48 88.36
CA ARG R 26 -104.73 -56.65 87.54
C ARG R 26 -104.69 -56.35 86.06
N CYS R 27 -104.36 -55.12 85.67
CA CYS R 27 -104.25 -54.75 84.27
C CYS R 27 -102.86 -54.98 83.71
N GLU R 28 -101.93 -55.51 84.49
CA GLU R 28 -100.63 -55.86 83.97
C GLU R 28 -100.76 -57.01 82.97
N GLY R 29 -99.98 -56.95 81.90
CA GLY R 29 -100.08 -57.90 80.82
C GLY R 29 -101.08 -57.52 79.75
N ARG R 30 -101.86 -56.48 79.97
CA ARG R 30 -102.81 -56.01 78.98
C ARG R 30 -102.12 -55.00 78.06
N VAL R 31 -102.85 -54.54 77.06
CA VAL R 31 -102.27 -53.73 76.00
C VAL R 31 -102.82 -52.32 76.06
N VAL R 32 -101.97 -51.37 75.72
CA VAL R 32 -102.29 -49.95 75.70
C VAL R 32 -101.85 -49.39 74.35
N PHE R 33 -102.58 -48.42 73.83
CA PHE R 33 -102.21 -47.71 72.62
C PHE R 33 -101.86 -46.28 73.00
N LEU R 34 -100.59 -45.86 72.84
CA LEU R 34 -100.09 -44.49 73.20
C LEU R 34 -99.85 -43.68 71.96
N PRO R 35 -100.17 -42.39 72.00
CA PRO R 35 -100.27 -41.68 70.72
C PRO R 35 -98.99 -40.96 70.34
N THR R 36 -97.88 -41.66 70.49
CA THR R 36 -96.52 -41.11 70.45
C THR R 36 -95.55 -42.19 70.88
N ILE R 37 -94.26 -41.93 70.76
CA ILE R 37 -93.26 -42.72 71.46
C ILE R 37 -92.61 -41.79 72.47
N ARG R 38 -92.91 -42.00 73.75
CA ARG R 38 -92.53 -41.06 74.78
C ARG R 38 -91.85 -41.80 75.93
N ARG R 39 -91.36 -40.90 76.79
CA ARG R 39 -90.69 -41.16 78.04
C ARG R 39 -91.52 -40.58 79.18
N GLN R 40 -92.20 -39.47 78.94
CA GLN R 40 -93.05 -38.82 79.93
C GLN R 40 -94.38 -38.77 79.25
N LEU R 41 -95.43 -39.13 79.96
CA LEU R 41 -96.73 -39.20 79.34
C LEU R 41 -97.78 -39.04 80.41
N ALA R 42 -99.00 -38.74 80.02
CA ALA R 42 -100.06 -38.55 81.00
C ALA R 42 -101.00 -39.72 80.92
N LEU R 43 -101.65 -40.05 82.02
CA LEU R 43 -102.53 -41.21 82.07
C LEU R 43 -103.72 -41.10 81.13
N ALA R 44 -104.15 -39.89 80.88
CA ALA R 44 -105.33 -39.54 80.09
C ALA R 44 -105.08 -39.61 78.60
N ASP R 45 -103.82 -39.65 78.15
CA ASP R 45 -103.54 -39.86 76.74
C ASP R 45 -103.83 -41.30 76.32
N VAL R 46 -103.73 -42.24 77.26
CA VAL R 46 -104.05 -43.63 76.98
C VAL R 46 -105.54 -43.96 77.06
N ALA R 47 -106.29 -43.22 77.85
CA ALA R 47 -107.67 -43.58 78.14
C ALA R 47 -108.53 -43.55 76.90
N HIS R 48 -109.66 -44.27 76.98
CA HIS R 48 -110.61 -44.29 75.87
C HIS R 48 -111.17 -42.91 75.57
N GLU R 49 -111.09 -41.98 76.52
CA GLU R 49 -111.48 -40.61 76.24
C GLU R 49 -110.57 -39.97 75.21
N SER R 50 -109.36 -40.49 75.02
CA SER R 50 -108.47 -39.97 73.99
C SER R 50 -108.81 -40.52 72.62
N PHE R 51 -109.35 -41.73 72.56
CA PHE R 51 -109.83 -42.30 71.31
C PHE R 51 -110.92 -41.46 70.69
N VAL R 52 -111.55 -40.58 71.47
CA VAL R 52 -112.68 -39.82 70.96
C VAL R 52 -112.18 -38.82 69.93
N SER R 53 -112.69 -38.95 68.71
CA SER R 53 -112.43 -37.99 67.64
C SER R 53 -113.27 -36.75 67.93
N GLY R 54 -113.38 -35.84 66.96
CA GLY R 54 -114.15 -34.67 67.30
C GLY R 54 -115.57 -35.03 67.70
N GLY R 55 -115.88 -34.81 68.96
CA GLY R 55 -117.21 -34.98 69.51
C GLY R 55 -117.72 -36.40 69.59
N VAL R 56 -117.05 -37.38 68.97
CA VAL R 56 -117.64 -38.69 68.79
C VAL R 56 -116.63 -39.79 69.09
N SER R 57 -117.20 -40.83 69.68
CA SER R 57 -116.51 -42.00 70.07
C SER R 57 -116.47 -42.83 68.81
N PRO R 58 -115.32 -43.38 68.48
CA PRO R 58 -115.32 -44.19 67.27
C PRO R 58 -116.06 -45.49 67.51
N ASP R 59 -116.65 -46.03 66.45
CA ASP R 59 -117.36 -47.31 66.54
C ASP R 59 -116.33 -48.40 66.66
N THR R 60 -116.71 -49.64 66.41
CA THR R 60 -115.75 -50.71 66.49
C THR R 60 -114.98 -50.99 65.21
N LEU R 61 -115.18 -50.17 64.19
CA LEU R 61 -114.38 -50.24 62.98
C LEU R 61 -113.54 -48.96 63.04
N GLY R 62 -114.04 -47.95 63.75
CA GLY R 62 -113.29 -46.74 64.00
C GLY R 62 -112.12 -47.00 64.92
N LEU R 63 -112.28 -47.89 65.91
CA LEU R 63 -111.13 -48.18 66.77
C LEU R 63 -110.01 -48.84 65.99
N LEU R 64 -110.32 -49.88 65.21
CA LEU R 64 -109.31 -50.50 64.37
C LEU R 64 -108.51 -49.47 63.60
N LEU R 65 -109.17 -48.43 63.10
CA LEU R 65 -108.46 -47.36 62.42
C LEU R 65 -107.69 -46.49 63.40
N ALA R 66 -108.16 -46.39 64.64
CA ALA R 66 -107.38 -45.69 65.65
C ALA R 66 -106.22 -46.55 66.15
N TYR R 67 -106.44 -47.85 66.31
CA TYR R 67 -105.34 -48.72 66.66
C TYR R 67 -104.37 -48.89 65.49
N ARG R 68 -104.84 -48.65 64.26
CA ARG R 68 -103.92 -48.51 63.13
C ARG R 68 -102.90 -47.43 63.40
N ARG R 69 -103.38 -46.25 63.71
CA ARG R 69 -102.54 -45.15 64.13
C ARG R 69 -102.32 -45.37 65.62
N ARG R 70 -101.19 -44.85 66.14
CA ARG R 70 -100.63 -44.91 67.52
C ARG R 70 -99.90 -46.22 67.73
N PHE R 71 -99.35 -46.46 68.93
CA PHE R 71 -98.55 -47.68 69.19
C PHE R 71 -98.94 -48.65 70.32
N PRO R 72 -99.19 -49.95 70.02
CA PRO R 72 -99.58 -50.92 71.02
C PRO R 72 -98.45 -51.06 71.97
N ALA R 73 -98.74 -51.08 73.26
CA ALA R 73 -97.75 -51.24 74.27
C ALA R 73 -98.35 -52.21 75.24
N VAL R 74 -97.61 -53.20 75.67
CA VAL R 74 -98.13 -54.18 76.61
C VAL R 74 -97.68 -53.78 77.97
N ILE R 75 -98.58 -53.63 78.94
CA ILE R 75 -98.16 -53.23 80.26
C ILE R 75 -97.27 -54.27 80.89
N THR R 76 -96.07 -53.92 81.34
CA THR R 76 -95.18 -54.87 82.02
C THR R 76 -95.37 -54.91 83.53
N ARG R 77 -95.36 -53.74 84.17
CA ARG R 77 -95.54 -53.60 85.60
C ARG R 77 -96.30 -52.34 85.95
N VAL R 78 -97.03 -52.31 87.06
CA VAL R 78 -97.73 -51.10 87.47
C VAL R 78 -97.31 -50.61 88.86
N LEU R 79 -96.76 -49.40 88.96
CA LEU R 79 -96.26 -48.87 90.23
C LEU R 79 -97.20 -47.88 90.79
N PRO R 80 -96.99 -47.45 92.04
CA PRO R 80 -98.00 -46.58 92.62
C PRO R 80 -98.25 -45.32 91.82
N THR R 81 -97.23 -44.70 91.27
CA THR R 81 -97.47 -43.51 90.48
C THR R 81 -97.16 -43.54 89.00
N ARG R 82 -96.89 -44.71 88.45
CA ARG R 82 -96.59 -44.87 87.05
C ARG R 82 -96.99 -46.26 86.57
N ILE R 83 -97.19 -46.41 85.28
CA ILE R 83 -97.50 -47.64 84.56
C ILE R 83 -96.41 -47.83 83.54
N VAL R 84 -95.79 -49.00 83.53
CA VAL R 84 -94.67 -49.28 82.67
C VAL R 84 -95.14 -50.21 81.57
N ALA R 85 -95.10 -49.72 80.34
CA ALA R 85 -95.43 -50.52 79.17
C ALA R 85 -94.40 -50.24 78.09
N CYS R 86 -93.82 -51.28 77.49
CA CYS R 86 -92.74 -51.12 76.53
C CYS R 86 -93.30 -51.22 75.13
N PRO R 87 -93.14 -50.20 74.30
CA PRO R 87 -93.89 -50.08 73.05
C PRO R 87 -93.50 -51.07 71.96
N VAL R 88 -94.18 -52.21 71.92
CA VAL R 88 -93.90 -53.34 71.05
C VAL R 88 -93.53 -52.92 69.63
N ASP R 89 -94.19 -51.89 69.12
CA ASP R 89 -93.85 -51.39 67.79
C ASP R 89 -92.38 -50.97 67.69
N LEU R 90 -91.73 -50.70 68.82
CA LEU R 90 -90.35 -50.26 68.82
C LEU R 90 -89.50 -51.07 69.79
N GLY R 91 -89.84 -50.99 71.08
CA GLY R 91 -88.98 -51.45 72.15
C GLY R 91 -89.11 -52.93 72.42
N LEU R 92 -89.51 -53.67 71.39
CA LEU R 92 -89.66 -55.11 71.51
C LEU R 92 -88.33 -55.82 71.74
N THR R 93 -87.22 -55.09 71.78
CA THR R 93 -85.94 -55.76 71.90
C THR R 93 -85.55 -56.13 73.33
N HIS R 94 -86.05 -57.29 73.71
CA HIS R 94 -85.81 -57.91 74.99
C HIS R 94 -85.22 -59.25 74.66
N ALA R 95 -84.32 -59.72 75.48
CA ALA R 95 -83.74 -61.02 75.22
C ALA R 95 -84.80 -62.10 75.31
N GLY R 96 -85.70 -62.02 76.27
CA GLY R 96 -86.66 -63.08 76.43
C GLY R 96 -88.13 -63.11 76.12
N THR R 97 -88.85 -62.01 75.94
CA THR R 97 -90.24 -62.39 75.72
C THR R 97 -91.29 -61.84 76.68
N VAL R 98 -91.68 -60.57 76.52
CA VAL R 98 -92.65 -59.91 77.40
C VAL R 98 -93.98 -60.64 77.54
N ASN R 99 -94.60 -60.65 78.72
CA ASN R 99 -95.85 -61.39 78.96
C ASN R 99 -97.11 -60.71 78.46
N LEU R 100 -97.94 -61.42 77.72
CA LEU R 100 -99.15 -60.89 77.19
C LEU R 100 -100.25 -61.63 77.89
N ARG R 101 -101.22 -60.92 78.37
CA ARG R 101 -102.21 -61.65 79.12
C ARG R 101 -103.29 -61.97 78.15
N ASN R 102 -103.57 -63.23 77.94
CA ASN R 102 -104.62 -63.62 77.02
C ASN R 102 -105.94 -63.18 77.60
N THR R 103 -106.59 -62.24 76.94
CA THR R 103 -107.94 -61.84 77.29
C THR R 103 -108.77 -62.09 76.05
N SER R 104 -109.56 -63.14 76.08
CA SER R 104 -110.29 -63.63 74.93
C SER R 104 -110.89 -64.98 75.29
N PRO R 105 -111.99 -65.37 74.65
CA PRO R 105 -112.43 -66.76 74.75
C PRO R 105 -111.47 -67.73 74.07
N VAL R 106 -110.52 -67.23 73.30
CA VAL R 106 -109.75 -68.02 72.35
C VAL R 106 -108.52 -68.60 73.04
N ASP R 107 -107.67 -69.29 72.33
CA ASP R 107 -106.48 -69.85 72.96
C ASP R 107 -105.44 -69.85 71.97
N LEU R 108 -104.31 -69.37 72.42
CA LEU R 108 -103.26 -69.11 71.52
C LEU R 108 -102.53 -70.16 70.69
N CYS R 109 -102.23 -71.33 71.27
CA CYS R 109 -101.38 -72.40 70.66
C CYS R 109 -99.93 -71.91 70.73
N ASN R 110 -99.05 -72.41 69.90
CA ASN R 110 -97.68 -71.97 69.99
C ASN R 110 -97.23 -71.51 68.63
N GLY R 111 -96.76 -70.29 68.48
CA GLY R 111 -96.36 -69.86 67.18
C GLY R 111 -97.44 -69.00 66.55
N ASP R 112 -98.64 -68.99 67.09
CA ASP R 112 -99.70 -68.14 66.57
C ASP R 112 -99.29 -66.68 66.62
N PRO R 113 -99.21 -66.00 65.49
CA PRO R 113 -99.05 -64.56 65.51
C PRO R 113 -100.25 -63.95 66.21
N VAL R 114 -100.01 -62.89 66.98
CA VAL R 114 -101.07 -62.28 67.77
C VAL R 114 -101.28 -60.87 67.28
N SER R 115 -102.45 -60.62 66.71
CA SER R 115 -102.91 -59.29 66.37
C SER R 115 -104.06 -58.93 67.29
N LEU R 116 -104.22 -57.65 67.54
CA LEU R 116 -105.19 -57.23 68.53
C LEU R 116 -106.48 -56.82 67.84
N VAL R 117 -107.53 -56.66 68.65
CA VAL R 117 -108.87 -56.37 68.14
C VAL R 117 -109.59 -55.54 69.22
N PRO R 118 -110.44 -54.58 68.87
CA PRO R 118 -111.25 -53.92 69.87
C PRO R 118 -112.16 -54.94 70.54
N PRO R 119 -112.62 -54.69 71.76
CA PRO R 119 -113.41 -55.82 72.25
C PRO R 119 -114.62 -56.02 71.36
N VAL R 120 -114.85 -57.24 70.91
CA VAL R 120 -115.91 -57.55 69.97
C VAL R 120 -116.83 -58.74 70.21
N PHE R 121 -116.79 -59.37 71.38
CA PHE R 121 -117.60 -60.56 71.62
C PHE R 121 -118.78 -60.25 72.51
N GLU R 122 -119.87 -60.97 72.36
CA GLU R 122 -121.07 -60.74 73.17
C GLU R 122 -120.80 -60.94 74.68
N GLY R 123 -120.05 -61.96 75.03
CA GLY R 123 -119.68 -62.18 76.41
C GLY R 123 -118.35 -61.49 76.67
N GLN R 124 -117.84 -60.77 75.66
CA GLN R 124 -116.54 -60.11 75.77
C GLN R 124 -116.35 -59.02 76.84
N ALA R 125 -117.28 -58.08 77.00
CA ALA R 125 -117.09 -57.04 78.00
C ALA R 125 -115.72 -56.35 77.76
N THR R 126 -114.90 -56.24 78.81
CA THR R 126 -113.55 -55.66 78.77
C THR R 126 -113.37 -54.15 78.93
N ASP R 127 -114.43 -53.41 79.23
CA ASP R 127 -114.27 -51.97 79.42
C ASP R 127 -113.97 -51.84 80.90
N VAL R 128 -113.12 -50.90 81.28
CA VAL R 128 -112.78 -50.69 82.68
C VAL R 128 -113.03 -49.24 83.09
N ARG R 129 -113.65 -49.04 84.24
CA ARG R 129 -113.93 -47.68 84.68
C ARG R 129 -113.23 -47.32 85.97
N LEU R 130 -112.77 -46.08 86.05
CA LEU R 130 -112.02 -45.57 87.19
C LEU R 130 -112.70 -44.27 87.59
N GLU R 131 -113.36 -44.27 88.75
CA GLU R 131 -114.26 -43.18 89.10
C GLU R 131 -113.51 -41.97 89.66
N SER R 132 -112.39 -42.17 90.35
CA SER R 132 -111.71 -41.01 90.94
C SER R 132 -111.35 -39.99 89.88
N LEU R 133 -110.79 -40.40 88.77
CA LEU R 133 -110.48 -39.43 87.74
C LEU R 133 -111.21 -39.85 86.51
N ASP R 134 -111.95 -38.94 85.92
CA ASP R 134 -112.73 -39.45 84.86
C ASP R 134 -111.92 -39.96 83.72
N LEU R 135 -111.87 -41.28 83.67
CA LEU R 135 -111.32 -42.01 82.54
C LEU R 135 -111.56 -43.49 82.58
N THR R 136 -111.46 -44.14 81.43
CA THR R 136 -111.74 -45.55 81.31
C THR R 136 -110.67 -46.26 80.53
N LEU R 137 -110.72 -47.58 80.44
CA LEU R 137 -109.68 -48.20 79.63
C LEU R 137 -110.29 -49.41 78.95
N ARG R 138 -110.40 -49.39 77.63
CA ARG R 138 -110.80 -50.58 76.91
C ARG R 138 -109.57 -51.32 76.45
N PHE R 139 -109.44 -52.50 76.89
CA PHE R 139 -108.24 -53.16 76.45
C PHE R 139 -108.54 -54.01 75.24
N PRO R 140 -107.70 -53.93 74.21
CA PRO R 140 -107.93 -54.74 73.01
C PRO R 140 -107.86 -56.21 73.35
N VAL R 141 -108.51 -57.01 72.51
CA VAL R 141 -108.52 -58.46 72.67
C VAL R 141 -107.42 -59.04 71.80
N PRO R 142 -106.39 -59.65 72.37
CA PRO R 142 -105.44 -60.41 71.57
C PRO R 142 -106.12 -61.63 70.98
N LEU R 143 -105.60 -62.08 69.85
CA LEU R 143 -106.28 -63.06 69.01
C LEU R 143 -105.33 -63.52 67.91
N PRO R 144 -105.38 -64.79 67.53
CA PRO R 144 -104.56 -65.25 66.42
C PRO R 144 -104.94 -64.49 65.16
N THR R 145 -103.94 -64.17 64.35
CA THR R 145 -104.24 -63.47 63.10
C THR R 145 -105.22 -64.22 62.21
N PRO R 146 -105.21 -65.55 62.12
CA PRO R 146 -106.29 -66.22 61.37
C PRO R 146 -107.66 -65.83 61.85
N LEU R 147 -107.85 -65.77 63.16
CA LEU R 147 -109.15 -65.41 63.70
C LEU R 147 -109.40 -63.92 63.65
N ALA R 148 -108.38 -63.11 63.96
CA ALA R 148 -108.57 -61.67 63.90
C ALA R 148 -108.84 -61.18 62.50
N ARG R 149 -108.35 -61.87 61.48
CA ARG R 149 -108.66 -61.48 60.11
C ARG R 149 -110.03 -61.98 59.68
N GLU R 150 -110.51 -63.07 60.26
CA GLU R 150 -111.89 -63.48 59.98
C GLU R 150 -112.87 -62.49 60.57
N ILE R 151 -112.55 -61.95 61.75
CA ILE R 151 -113.45 -60.99 62.40
C ILE R 151 -113.52 -59.71 61.60
N VAL R 152 -112.38 -59.13 61.28
CA VAL R 152 -112.37 -57.88 60.54
C VAL R 152 -113.17 -58.02 59.25
N ALA R 153 -112.99 -59.14 58.55
CA ALA R 153 -113.81 -59.41 57.38
C ALA R 153 -115.29 -59.38 57.73
N ARG R 154 -115.67 -59.93 58.89
CA ARG R 154 -117.07 -59.92 59.28
C ARG R 154 -117.54 -58.50 59.51
N LEU R 155 -116.76 -57.70 60.23
CA LEU R 155 -117.17 -56.32 60.51
C LEU R 155 -117.21 -55.49 59.24
N VAL R 156 -116.24 -55.69 58.36
CA VAL R 156 -116.22 -54.95 57.10
C VAL R 156 -117.46 -55.26 56.30
N ALA R 157 -117.70 -56.56 56.02
CA ALA R 157 -118.84 -56.94 55.21
C ALA R 157 -120.15 -56.54 55.86
N ARG R 158 -120.25 -56.64 57.19
CA ARG R 158 -121.48 -56.24 57.85
C ARG R 158 -121.73 -54.75 57.69
N GLY R 159 -120.69 -53.94 57.83
CA GLY R 159 -120.83 -52.52 57.55
C GLY R 159 -121.12 -52.23 56.09
N ILE R 160 -120.65 -53.10 55.20
CA ILE R 160 -120.95 -52.94 53.78
C ILE R 160 -122.33 -53.47 53.46
N ARG R 161 -122.81 -54.51 54.13
CA ARG R 161 -124.14 -54.90 53.76
C ARG R 161 -125.02 -53.70 54.00
N ASP R 162 -124.83 -53.04 55.14
CA ASP R 162 -125.63 -51.88 55.55
C ASP R 162 -125.57 -50.59 54.73
N LEU R 163 -124.53 -50.38 53.93
CA LEU R 163 -124.46 -49.14 53.15
C LEU R 163 -125.66 -49.03 52.20
N ASN R 164 -126.05 -50.14 51.60
CA ASN R 164 -127.21 -50.19 50.73
C ASN R 164 -127.99 -51.29 51.42
N PRO R 165 -129.20 -51.02 51.90
CA PRO R 165 -129.91 -52.07 52.67
C PRO R 165 -129.78 -53.50 52.13
N ARG R 168 -133.84 -53.50 48.85
CA ARG R 168 -133.92 -54.34 47.67
C ARG R 168 -134.38 -55.75 48.04
N THR R 169 -133.42 -56.62 48.35
CA THR R 169 -133.73 -57.95 48.81
C THR R 169 -134.40 -57.87 50.19
N PRO R 170 -135.04 -58.96 50.65
CA PRO R 170 -135.78 -58.88 51.92
C PRO R 170 -134.90 -58.55 53.11
N GLY R 171 -135.54 -58.40 54.28
CA GLY R 171 -134.87 -57.93 55.47
C GLY R 171 -134.16 -58.97 56.29
N GLU R 172 -134.07 -60.20 55.80
CA GLU R 172 -133.39 -61.28 56.51
C GLU R 172 -132.14 -61.64 55.73
N LEU R 173 -130.99 -61.26 56.27
CA LEU R 173 -129.70 -61.35 55.61
C LEU R 173 -128.95 -62.54 56.21
N PRO R 174 -127.75 -62.87 55.75
CA PRO R 174 -127.01 -63.95 56.41
C PRO R 174 -126.43 -63.49 57.75
N ASP R 175 -125.86 -64.45 58.47
CA ASP R 175 -125.37 -64.18 59.82
C ASP R 175 -124.24 -63.16 59.84
N LEU R 176 -123.03 -63.58 59.45
CA LEU R 176 -121.85 -62.73 59.40
C LEU R 176 -121.48 -62.17 60.77
N ASN R 177 -122.33 -62.37 61.76
CA ASN R 177 -122.09 -61.92 63.10
C ASN R 177 -121.56 -63.02 64.00
N VAL R 178 -121.41 -64.23 63.48
CA VAL R 178 -121.10 -65.41 64.28
C VAL R 178 -119.95 -66.16 63.63
N LEU R 179 -119.01 -66.61 64.46
CA LEU R 179 -117.83 -67.34 64.02
C LEU R 179 -117.81 -68.71 64.70
N TYR R 180 -116.76 -69.48 64.40
CA TYR R 180 -116.37 -70.63 65.19
C TYR R 180 -114.86 -70.69 65.22
N TYR R 181 -114.29 -70.81 66.39
CA TYR R 181 -112.87 -71.10 66.54
C TYR R 181 -112.78 -72.40 67.30
N ASN R 182 -112.31 -73.46 66.64
CA ASN R 182 -112.39 -74.82 67.14
C ASN R 182 -113.87 -75.14 67.32
N GLY R 183 -114.33 -75.47 68.51
CA GLY R 183 -115.76 -75.48 68.79
C GLY R 183 -116.12 -74.06 69.13
N ALA R 184 -117.04 -73.86 70.08
CA ALA R 184 -117.17 -72.53 70.66
C ALA R 184 -117.62 -71.48 69.67
N ARG R 185 -118.91 -71.49 69.34
CA ARG R 185 -119.52 -70.37 68.61
C ARG R 185 -119.13 -69.05 69.25
N LEU R 186 -118.67 -68.12 68.42
CA LEU R 186 -118.26 -66.81 68.87
C LEU R 186 -119.17 -65.78 68.22
N SER R 187 -119.92 -65.05 69.03
CA SER R 187 -120.91 -64.12 68.52
C SER R 187 -120.35 -62.70 68.62
N LEU R 188 -120.12 -62.08 67.47
CA LEU R 188 -119.61 -60.72 67.45
C LEU R 188 -120.67 -59.75 67.94
N VAL R 189 -120.22 -58.57 68.34
CA VAL R 189 -121.13 -57.50 68.72
C VAL R 189 -121.55 -56.74 67.47
N ALA R 190 -122.84 -56.71 67.20
CA ALA R 190 -123.40 -55.93 66.11
C ALA R 190 -124.03 -54.68 66.71
N ASP R 191 -123.43 -53.52 66.51
CA ASP R 191 -124.04 -52.36 67.17
C ASP R 191 -124.24 -51.05 66.41
N VAL R 192 -123.18 -50.57 65.81
CA VAL R 192 -123.26 -49.35 65.07
C VAL R 192 -122.25 -49.47 63.94
N GLN R 193 -122.50 -48.78 62.87
CA GLN R 193 -121.53 -48.75 61.83
C GLN R 193 -121.50 -47.27 61.49
N GLN R 194 -120.32 -46.71 61.35
CA GLN R 194 -120.31 -45.27 61.02
C GLN R 194 -119.90 -45.00 59.59
N LEU R 195 -120.53 -44.05 58.92
CA LEU R 195 -120.14 -43.78 57.55
C LEU R 195 -118.63 -43.84 57.38
N ALA R 196 -117.92 -42.90 58.03
CA ALA R 196 -116.49 -42.73 57.76
C ALA R 196 -115.69 -43.99 58.06
N SER R 197 -116.09 -44.72 59.11
CA SER R 197 -115.35 -45.92 59.46
C SER R 197 -115.54 -47.01 58.42
N VAL R 198 -116.74 -47.12 57.87
CA VAL R 198 -116.98 -48.14 56.85
C VAL R 198 -116.45 -47.69 55.50
N ASN R 199 -116.48 -46.40 55.21
CA ASN R 199 -115.97 -45.90 53.94
C ASN R 199 -114.52 -46.32 53.74
N THR R 200 -113.63 -45.85 54.61
CA THR R 200 -112.22 -46.17 54.50
C THR R 200 -111.97 -47.67 54.41
N GLU R 201 -112.66 -48.45 55.26
CA GLU R 201 -112.52 -49.90 55.17
C GLU R 201 -113.02 -50.42 53.83
N LEU R 202 -114.11 -49.84 53.31
CA LEU R 202 -114.54 -50.21 51.96
C LEU R 202 -113.62 -49.61 50.91
N ARG R 203 -113.17 -48.38 51.13
CA ARG R 203 -112.35 -47.70 50.13
C ARG R 203 -111.07 -48.48 49.86
N SER R 204 -110.39 -48.91 50.93
CA SER R 204 -109.12 -49.61 50.76
C SER R 204 -109.33 -51.05 50.34
N LEU R 205 -110.46 -51.65 50.69
CA LEU R 205 -110.78 -52.99 50.19
C LEU R 205 -110.96 -52.96 48.68
N VAL R 206 -111.87 -52.09 48.22
CA VAL R 206 -112.10 -51.94 46.78
C VAL R 206 -110.82 -51.57 46.06
N LEU R 207 -110.06 -50.63 46.63
CA LEU R 207 -108.89 -50.12 45.94
C LEU R 207 -107.88 -51.22 45.69
N ASN R 208 -107.60 -52.05 46.70
CA ASN R 208 -106.55 -53.05 46.58
C ASN R 208 -106.97 -54.23 45.72
N MET R 209 -108.22 -54.65 45.79
CA MET R 209 -108.67 -55.76 44.95
C MET R 209 -108.61 -55.41 43.48
N VAL R 210 -108.59 -54.12 43.14
CA VAL R 210 -108.43 -53.71 41.75
C VAL R 210 -106.98 -53.89 41.31
N TYR R 211 -106.04 -53.38 42.10
CA TYR R 211 -104.63 -53.46 41.71
C TYR R 211 -104.13 -54.88 41.58
N SER R 212 -104.86 -55.85 42.11
CA SER R 212 -104.47 -57.25 42.01
C SER R 212 -104.89 -57.88 40.69
N ILE R 213 -105.49 -57.10 39.80
CA ILE R 213 -105.92 -57.58 38.50
C ILE R 213 -105.00 -56.97 37.44
N THR R 214 -104.40 -57.83 36.62
CA THR R 214 -103.46 -57.41 35.60
C THR R 214 -103.81 -58.07 34.27
N GLU R 215 -102.95 -57.83 33.27
CA GLU R 215 -103.13 -58.47 31.98
C GLU R 215 -103.03 -59.98 32.10
N GLY R 216 -101.97 -60.46 32.76
CA GLY R 216 -101.82 -61.88 32.97
C GLY R 216 -102.93 -62.52 33.76
N THR R 217 -103.70 -61.71 34.50
CA THR R 217 -104.80 -62.26 35.29
C THR R 217 -105.82 -62.96 34.40
N THR R 218 -106.10 -62.38 33.23
CA THR R 218 -107.04 -62.99 32.30
C THR R 218 -106.62 -64.40 31.93
N LEU R 219 -105.31 -64.65 31.86
CA LEU R 219 -104.83 -66.00 31.63
C LEU R 219 -105.27 -66.94 32.74
N ILE R 220 -105.42 -66.44 33.96
CA ILE R 220 -105.86 -67.27 35.06
C ILE R 220 -107.38 -67.49 35.01
N LEU R 221 -108.13 -66.44 34.68
CA LEU R 221 -109.59 -66.58 34.60
C LEU R 221 -110.00 -67.64 33.59
N THR R 222 -109.12 -67.95 32.64
CA THR R 222 -109.35 -69.06 31.73
C THR R 222 -109.53 -70.37 32.46
N LEU R 223 -108.95 -70.49 33.65
CA LEU R 223 -108.85 -71.75 34.35
C LEU R 223 -110.04 -72.06 35.24
N ILE R 224 -111.03 -71.18 35.31
CA ILE R 224 -112.21 -71.47 36.13
C ILE R 224 -112.93 -72.74 35.68
N PRO R 225 -113.23 -72.94 34.39
CA PRO R 225 -113.83 -74.22 33.99
C PRO R 225 -112.95 -75.39 34.33
N ARG R 226 -111.64 -75.19 34.34
CA ARG R 226 -110.72 -76.25 34.69
C ARG R 226 -110.75 -76.55 36.18
N LEU R 227 -110.91 -75.50 37.01
CA LEU R 227 -111.05 -75.73 38.45
C LEU R 227 -112.24 -76.62 38.74
N LEU R 228 -113.41 -76.27 38.23
CA LEU R 228 -114.59 -77.05 38.52
C LEU R 228 -114.48 -78.47 37.98
N ALA R 229 -113.63 -78.69 36.99
CA ALA R 229 -113.34 -80.07 36.60
C ALA R 229 -112.69 -80.82 37.74
N LEU R 230 -111.89 -80.11 38.54
CA LEU R 230 -111.29 -80.68 39.75
C LEU R 230 -112.20 -80.56 40.95
N SER R 231 -113.24 -79.72 40.88
CA SER R 231 -114.18 -79.57 41.98
C SER R 231 -114.62 -80.93 42.49
N ALA R 232 -114.97 -81.66 41.42
CA ALA R 232 -115.55 -83.00 41.27
C ALA R 232 -114.80 -84.30 41.04
N GLN R 233 -113.50 -84.31 40.87
CA GLN R 233 -112.82 -85.61 40.78
C GLN R 233 -111.68 -85.83 41.73
N ASP R 234 -111.54 -84.95 42.72
CA ASP R 234 -110.54 -84.99 43.76
C ASP R 234 -111.22 -84.63 45.05
N GLY R 235 -110.84 -85.21 46.18
CA GLY R 235 -111.51 -84.81 47.41
C GLY R 235 -111.02 -83.47 47.91
N TYR R 236 -109.73 -83.20 47.74
CA TYR R 236 -109.23 -81.85 47.86
C TYR R 236 -109.69 -81.08 46.63
N VAL R 237 -109.50 -79.80 46.57
CA VAL R 237 -109.94 -79.11 45.38
C VAL R 237 -111.38 -79.25 45.38
N ASN R 238 -111.90 -79.94 46.34
CA ASN R 238 -113.35 -80.12 46.31
C ASN R 238 -113.71 -79.30 47.49
N ALA R 239 -112.93 -79.48 48.55
CA ALA R 239 -112.90 -78.80 49.77
C ALA R 239 -112.47 -77.38 49.54
N LEU R 240 -111.55 -77.15 48.61
CA LEU R 240 -111.02 -75.83 48.39
C LEU R 240 -112.09 -74.84 48.04
N LEU R 241 -112.93 -75.20 47.12
CA LEU R 241 -114.05 -74.42 46.63
C LEU R 241 -115.12 -74.44 47.70
N GLN R 242 -115.33 -73.32 48.37
CA GLN R 242 -116.32 -73.30 49.43
C GLN R 242 -117.72 -73.46 48.84
N MET R 243 -118.67 -73.97 49.63
CA MET R 243 -119.95 -74.24 48.97
C MET R 243 -120.47 -72.93 48.44
N GLN R 244 -120.37 -71.87 49.21
CA GLN R 244 -120.80 -70.58 48.74
C GLN R 244 -119.59 -69.98 48.06
N SER R 245 -119.37 -70.37 46.82
CA SER R 245 -118.23 -69.92 46.08
C SER R 245 -118.73 -69.17 44.90
N VAL R 246 -118.34 -67.94 44.76
CA VAL R 246 -118.77 -67.17 43.64
C VAL R 246 -118.20 -67.84 42.42
N THR R 247 -116.94 -68.20 42.46
CA THR R 247 -116.31 -68.90 41.35
C THR R 247 -117.20 -70.00 40.80
N ARG R 248 -117.82 -70.78 41.68
CA ARG R 248 -118.79 -71.77 41.21
C ARG R 248 -119.92 -71.10 40.43
N GLU R 249 -120.41 -69.98 40.94
CA GLU R 249 -121.43 -69.23 40.22
C GLU R 249 -120.86 -68.43 39.06
N ALA R 250 -119.54 -68.23 39.03
CA ALA R 250 -118.92 -67.47 37.95
C ALA R 250 -118.77 -68.29 36.69
N ALA R 251 -118.81 -69.62 36.78
CA ALA R 251 -118.79 -70.47 35.60
C ALA R 251 -120.18 -70.91 35.17
N GLN R 252 -121.22 -70.51 35.89
CA GLN R 252 -122.59 -70.88 35.55
C GLN R 252 -123.17 -69.89 34.55
N ALA R 258 -110.65 -67.02 25.11
CA ALA R 258 -110.29 -66.72 26.50
C ALA R 258 -108.87 -66.09 26.63
N PRO R 259 -107.86 -66.61 25.93
CA PRO R 259 -106.56 -65.94 25.96
C PRO R 259 -106.60 -64.50 25.48
N MET R 260 -107.41 -64.33 24.42
CA MET R 260 -107.68 -63.08 23.68
C MET R 260 -106.50 -62.60 22.82
N LEU R 261 -105.62 -63.54 22.50
CA LEU R 261 -104.45 -63.21 21.74
C LEU R 261 -103.91 -62.06 22.53
N MET R 262 -103.65 -60.94 21.86
CA MET R 262 -103.20 -59.74 22.51
C MET R 262 -101.99 -59.95 23.41
N GLN R 263 -100.99 -60.64 22.90
CA GLN R 263 -99.76 -60.86 23.65
C GLN R 263 -98.81 -59.85 23.06
N ASP R 264 -98.25 -58.99 23.94
CA ASP R 264 -97.37 -57.91 23.53
C ASP R 264 -95.88 -58.29 23.34
N GLY R 265 -95.63 -58.97 22.22
CA GLY R 265 -94.30 -59.39 21.79
C GLY R 265 -93.77 -60.69 22.34
N GLU R 266 -94.56 -61.25 23.23
CA GLU R 266 -94.31 -62.51 23.89
C GLU R 266 -93.13 -62.57 24.83
N ARG R 267 -92.52 -61.46 25.26
CA ARG R 267 -91.58 -61.81 26.31
C ARG R 267 -91.78 -60.77 27.39
N ARG R 268 -92.64 -61.10 28.35
CA ARG R 268 -92.96 -60.30 29.51
C ARG R 268 -93.07 -61.25 30.69
N LEU R 269 -93.74 -62.38 30.47
CA LEU R 269 -94.12 -63.38 31.47
C LEU R 269 -95.22 -62.84 32.35
N PRO R 270 -96.41 -62.62 31.79
CA PRO R 270 -97.49 -62.00 32.55
C PRO R 270 -98.01 -62.86 33.69
N LEU R 271 -97.93 -64.18 33.58
CA LEU R 271 -98.29 -65.03 34.72
C LEU R 271 -97.52 -64.62 35.96
N TYR R 272 -96.20 -64.78 35.91
CA TYR R 272 -95.34 -64.37 37.01
C TYR R 272 -95.66 -62.97 37.49
N GLU R 273 -95.72 -62.02 36.56
CA GLU R 273 -96.04 -60.65 36.95
C GLU R 273 -97.42 -60.53 37.55
N ALA R 274 -98.37 -61.38 37.13
CA ALA R 274 -99.70 -61.30 37.69
C ALA R 274 -99.74 -61.81 39.12
N LEU R 275 -98.93 -62.82 39.42
CA LEU R 275 -98.85 -63.35 40.78
C LEU R 275 -98.30 -62.29 41.73
N VAL R 276 -97.14 -61.75 41.39
CA VAL R 276 -96.50 -60.72 42.18
C VAL R 276 -97.50 -59.59 42.46
N ALA R 277 -98.18 -59.12 41.42
CA ALA R 277 -99.12 -58.03 41.59
C ALA R 277 -100.24 -58.42 42.55
N TRP R 278 -100.84 -59.59 42.33
CA TRP R 278 -101.91 -60.02 43.22
C TRP R 278 -101.40 -60.23 44.63
N LEU R 279 -100.20 -60.78 44.76
CA LEU R 279 -99.69 -61.16 46.07
C LEU R 279 -99.46 -59.94 46.94
N ALA R 280 -98.90 -58.87 46.36
CA ALA R 280 -98.73 -57.62 47.07
C ALA R 280 -100.06 -57.08 47.57
N HIS R 281 -100.93 -56.69 46.65
CA HIS R 281 -102.10 -55.91 47.01
C HIS R 281 -103.17 -56.77 47.67
N ALA R 282 -103.57 -57.86 47.01
CA ALA R 282 -104.66 -58.66 47.54
C ALA R 282 -104.18 -59.60 48.64
N GLY R 283 -102.96 -60.12 48.50
CA GLY R 283 -102.40 -61.00 49.50
C GLY R 283 -102.30 -60.37 50.86
N GLN R 284 -101.96 -59.10 50.90
CA GLN R 284 -101.81 -58.37 52.13
C GLN R 284 -103.04 -57.57 52.45
N LEU R 285 -104.15 -58.21 52.74
CA LEU R 285 -105.33 -57.45 53.04
C LEU R 285 -105.70 -57.48 54.52
N GLY R 286 -105.26 -58.50 55.24
CA GLY R 286 -105.58 -58.56 56.66
C GLY R 286 -104.95 -57.43 57.45
N ASP R 287 -103.73 -57.14 57.01
CA ASP R 287 -102.70 -56.18 57.38
C ASP R 287 -103.16 -54.75 57.09
N ILE R 288 -103.69 -54.51 55.89
CA ILE R 288 -104.14 -53.16 55.57
C ILE R 288 -105.52 -52.88 56.13
N LEU R 289 -106.41 -53.86 56.13
CA LEU R 289 -107.70 -53.65 56.74
C LEU R 289 -107.61 -53.57 58.22
N ALA R 290 -106.75 -54.40 58.82
CA ALA R 290 -106.54 -54.42 60.26
C ALA R 290 -105.08 -54.25 60.63
N LEU R 291 -104.76 -54.27 61.90
CA LEU R 291 -103.38 -54.18 62.31
C LEU R 291 -102.75 -55.55 62.30
N ALA R 292 -101.64 -55.68 61.61
CA ALA R 292 -100.91 -56.92 61.46
C ALA R 292 -100.26 -57.36 62.74
N PRO R 293 -100.00 -58.65 62.88
CA PRO R 293 -99.36 -59.18 64.06
C PRO R 293 -97.97 -58.62 64.28
N ALA R 294 -97.62 -58.38 65.52
CA ALA R 294 -96.29 -57.92 65.81
C ALA R 294 -95.62 -58.86 66.75
N VAL R 295 -96.38 -59.81 67.27
CA VAL R 295 -96.03 -60.78 68.26
C VAL R 295 -96.56 -62.15 67.93
N ARG R 296 -95.96 -63.19 68.47
CA ARG R 296 -96.38 -64.56 68.23
C ARG R 296 -96.17 -65.33 69.50
N VAL R 297 -97.06 -66.20 69.91
CA VAL R 297 -96.84 -66.91 71.18
C VAL R 297 -95.63 -67.79 71.13
N CYS R 298 -94.83 -67.78 72.17
CA CYS R 298 -93.67 -68.67 72.31
C CYS R 298 -93.65 -68.98 73.75
N THR R 299 -93.49 -70.23 74.11
CA THR R 299 -93.43 -70.61 75.51
C THR R 299 -92.16 -71.42 75.73
N PHE R 300 -91.27 -70.92 76.59
CA PHE R 300 -90.02 -71.63 76.85
C PHE R 300 -90.26 -72.90 77.65
N ASP R 301 -91.14 -72.85 78.64
CA ASP R 301 -91.36 -74.02 79.49
C ASP R 301 -91.90 -75.19 78.71
N GLY R 302 -92.24 -75.01 77.44
CA GLY R 302 -92.76 -76.08 76.64
C GLY R 302 -94.23 -76.35 76.81
N ALA R 303 -94.95 -75.50 77.55
CA ALA R 303 -96.40 -75.53 77.50
C ALA R 303 -96.83 -75.04 76.12
N ALA R 304 -97.65 -75.83 75.44
CA ALA R 304 -97.88 -75.62 74.02
C ALA R 304 -99.13 -74.82 73.70
N VAL R 305 -99.93 -74.43 74.69
CA VAL R 305 -101.04 -73.51 74.49
C VAL R 305 -101.00 -72.47 75.59
N VAL R 306 -101.96 -71.55 75.52
CA VAL R 306 -102.17 -70.55 76.56
C VAL R 306 -103.65 -70.54 76.86
N GLN R 307 -104.02 -70.92 78.07
CA GLN R 307 -105.43 -70.90 78.40
C GLN R 307 -105.92 -69.46 78.41
N SER R 308 -107.23 -69.29 78.19
CA SER R 308 -107.80 -67.96 78.24
C SER R 308 -107.70 -67.40 79.66
N GLY R 309 -107.14 -66.20 79.77
CA GLY R 309 -106.86 -65.60 81.05
C GLY R 309 -105.43 -65.76 81.52
N ASP R 310 -104.66 -66.63 80.88
CA ASP R 310 -103.28 -66.84 81.28
C ASP R 310 -102.38 -65.81 80.60
N MET R 311 -101.09 -65.87 80.92
CA MET R 311 -100.10 -64.93 80.43
C MET R 311 -99.35 -65.53 79.25
N ALA R 312 -99.38 -64.95 78.09
CA ALA R 312 -98.72 -65.68 77.06
C ALA R 312 -97.36 -65.12 76.84
N PRO R 313 -96.34 -65.95 76.93
CA PRO R 313 -94.98 -65.48 76.69
C PRO R 313 -94.97 -65.10 75.26
N VAL R 314 -94.49 -63.94 74.89
CA VAL R 314 -94.64 -63.57 73.51
C VAL R 314 -93.36 -63.06 72.91
N ILE R 315 -93.09 -63.41 71.66
CA ILE R 315 -91.86 -63.00 71.00
C ILE R 315 -92.16 -62.22 69.76
N ARG R 316 -91.16 -61.52 69.29
CA ARG R 316 -91.29 -60.56 68.22
C ARG R 316 -92.03 -61.18 67.03
N TYR R 317 -92.24 -60.36 66.00
CA TYR R 317 -93.04 -60.58 64.79
C TYR R 317 -92.96 -61.99 64.25
N PRO R 318 -94.07 -62.54 63.70
CA PRO R 318 -94.02 -63.86 63.04
C PRO R 318 -93.07 -63.90 61.86
N THR S 8 -68.15 -37.56 96.28
CA THR S 8 -68.25 -38.99 96.12
C THR S 8 -69.54 -39.60 95.57
N ALA S 9 -70.70 -39.12 96.00
CA ALA S 9 -71.94 -39.74 95.52
C ALA S 9 -72.13 -39.64 94.01
N PRO S 10 -71.73 -38.59 93.38
CA PRO S 10 -71.88 -38.57 91.93
C PRO S 10 -70.99 -39.55 91.14
N MET S 11 -70.03 -40.26 91.73
CA MET S 11 -69.16 -41.06 90.86
C MET S 11 -69.42 -42.54 91.03
N ALA S 12 -69.82 -42.97 92.23
CA ALA S 12 -70.21 -44.36 92.42
C ALA S 12 -71.24 -44.77 91.37
N TRP S 13 -72.13 -43.85 91.01
CA TRP S 13 -73.06 -44.09 89.91
C TRP S 13 -72.39 -43.87 88.56
N ALA S 14 -71.49 -42.89 88.48
CA ALA S 14 -70.84 -42.59 87.21
C ALA S 14 -69.78 -43.64 86.87
N GLU S 15 -68.92 -43.96 87.84
CA GLU S 15 -67.88 -44.96 87.62
C GLU S 15 -68.44 -46.36 87.42
N SER S 16 -69.74 -46.54 87.63
CA SER S 16 -70.38 -47.84 87.42
C SER S 16 -71.29 -47.80 86.20
N PRO S 24 -71.84 -49.82 91.62
CA PRO S 24 -71.47 -50.79 92.65
C PRO S 24 -72.72 -51.24 93.40
N ARG S 25 -73.63 -50.29 93.63
CA ARG S 25 -74.84 -50.57 94.38
C ARG S 25 -75.70 -51.65 93.75
N GLU S 26 -75.87 -51.62 92.43
CA GLU S 26 -76.66 -52.66 91.79
C GLU S 26 -75.93 -53.98 91.99
N LEU S 27 -74.62 -53.92 91.85
CA LEU S 27 -73.78 -55.11 92.00
C LEU S 27 -73.85 -55.68 93.40
N ALA S 28 -73.90 -54.81 94.40
CA ALA S 28 -73.96 -55.25 95.78
C ALA S 28 -75.25 -56.02 96.00
N GLY S 29 -76.33 -55.56 95.40
CA GLY S 29 -77.59 -56.22 95.55
C GLY S 29 -77.42 -57.62 95.01
N HIS S 30 -76.70 -57.73 93.91
CA HIS S 30 -76.42 -59.02 93.27
C HIS S 30 -75.57 -59.89 94.17
N ALA S 31 -74.58 -59.27 94.80
CA ALA S 31 -73.68 -59.96 95.70
C ALA S 31 -74.40 -60.50 96.92
N PRO S 32 -75.31 -59.70 97.46
CA PRO S 32 -76.04 -60.11 98.65
C PRO S 32 -76.88 -61.34 98.35
N LEU S 33 -77.47 -61.40 97.16
CA LEU S 33 -78.30 -62.53 96.80
C LEU S 33 -77.48 -63.80 96.85
N ARG S 34 -76.28 -63.73 96.30
CA ARG S 34 -75.37 -64.87 96.31
C ARG S 34 -75.03 -65.16 97.76
N ARG S 35 -74.93 -64.08 98.54
CA ARG S 35 -74.60 -64.15 99.96
C ARG S 35 -75.59 -64.92 100.81
N VAL S 36 -76.87 -64.70 100.58
CA VAL S 36 -77.89 -65.36 101.37
C VAL S 36 -78.72 -66.33 100.56
N THR S 76 -36.56 -53.09 78.76
CA THR S 76 -37.61 -54.09 78.89
C THR S 76 -38.51 -53.80 80.08
N ARG S 77 -38.07 -52.91 80.96
CA ARG S 77 -38.87 -52.56 82.13
C ARG S 77 -40.18 -51.89 81.71
N ALA S 78 -40.07 -50.99 80.73
CA ALA S 78 -41.22 -50.27 80.17
C ALA S 78 -42.16 -51.22 79.46
N THR S 79 -41.59 -52.18 78.75
CA THR S 79 -42.39 -53.19 78.07
C THR S 79 -43.13 -54.03 79.12
N ARG S 80 -42.47 -54.31 80.23
CA ARG S 80 -43.09 -55.07 81.32
C ARG S 80 -44.26 -54.26 81.87
N ASP S 81 -44.05 -52.97 82.01
CA ASP S 81 -45.10 -52.12 82.53
C ASP S 81 -46.27 -52.20 81.58
N ASP S 82 -46.00 -52.14 80.29
CA ASP S 82 -47.08 -52.20 79.31
C ASP S 82 -47.82 -53.53 79.33
N THR S 83 -47.07 -54.61 79.50
CA THR S 83 -47.69 -55.91 79.50
C THR S 83 -48.63 -55.95 80.68
N GLU S 84 -48.20 -55.41 81.81
CA GLU S 84 -49.06 -55.41 82.97
C GLU S 84 -50.30 -54.58 82.67
N GLN S 85 -50.08 -53.43 82.05
CA GLN S 85 -51.16 -52.53 81.69
C GLN S 85 -51.92 -53.09 80.50
N ALA S 86 -51.22 -53.59 79.50
CA ALA S 86 -51.94 -54.20 78.39
C ALA S 86 -52.94 -55.20 78.92
N VAL S 87 -52.52 -55.98 79.91
CA VAL S 87 -53.37 -56.98 80.51
C VAL S 87 -54.56 -56.37 81.23
N ASP S 88 -54.32 -55.26 81.91
CA ASP S 88 -55.37 -54.61 82.67
C ASP S 88 -56.47 -54.17 81.76
N LYS S 89 -56.10 -53.63 80.62
CA LYS S 89 -57.11 -53.17 79.72
C LYS S 89 -57.97 -54.31 79.27
N ILE S 90 -57.37 -55.44 78.96
CA ILE S 90 -58.15 -56.58 78.52
C ILE S 90 -59.05 -57.09 79.64
N LEU S 91 -58.53 -57.14 80.85
CA LEU S 91 -59.35 -57.60 81.96
C LEU S 91 -60.50 -56.67 82.22
N ARG S 92 -60.24 -55.37 82.24
CA ARG S 92 -61.29 -54.42 82.52
C ARG S 92 -62.33 -54.51 81.43
N GLY S 93 -61.87 -54.57 80.19
CA GLY S 93 -62.79 -54.66 79.09
C GLY S 93 -63.52 -55.97 79.28
N ALA S 94 -62.76 -56.99 79.69
CA ALA S 94 -63.33 -58.29 79.95
C ALA S 94 -64.25 -58.34 81.16
N ARG S 95 -63.85 -57.69 82.25
CA ARG S 95 -64.66 -57.69 83.47
C ARG S 95 -65.95 -56.99 83.17
N ARG S 96 -65.84 -55.90 82.42
CA ARG S 96 -67.00 -55.16 81.99
C ARG S 96 -67.62 -56.14 81.02
N ALA S 97 -68.93 -56.11 80.85
CA ALA S 97 -69.58 -57.05 79.95
C ALA S 97 -69.54 -58.45 80.52
N PRO S 106 -75.97 -55.87 70.35
CA PRO S 106 -75.66 -55.27 71.64
C PRO S 106 -75.15 -53.83 71.54
N ARG S 107 -76.01 -52.95 71.05
CA ARG S 107 -75.84 -51.49 70.87
C ARG S 107 -74.90 -51.04 69.77
N TYR S 108 -74.43 -51.98 68.95
CA TYR S 108 -73.49 -51.67 67.91
C TYR S 108 -73.42 -52.83 66.96
N HIS S 109 -73.07 -52.63 65.69
CA HIS S 109 -72.84 -53.73 64.74
C HIS S 109 -72.05 -53.02 63.69
N LEU S 110 -71.03 -53.66 63.11
CA LEU S 110 -70.19 -53.10 62.19
C LEU S 110 -70.27 -54.14 61.12
N THR S 111 -70.32 -53.64 59.91
CA THR S 111 -70.26 -54.37 58.68
C THR S 111 -69.00 -53.83 58.05
N ARG S 112 -68.27 -54.66 57.34
CA ARG S 112 -67.06 -54.15 56.73
C ARG S 112 -67.02 -54.65 55.32
N GLN S 113 -66.58 -53.82 54.39
CA GLN S 113 -66.50 -54.26 53.04
C GLN S 113 -65.43 -53.59 52.23
N VAL S 114 -64.90 -54.27 51.22
CA VAL S 114 -63.92 -53.67 50.31
C VAL S 114 -64.57 -53.35 48.97
N THR S 115 -64.36 -52.12 48.48
CA THR S 115 -64.90 -51.68 47.21
C THR S 115 -63.89 -50.75 46.54
N LEU S 116 -64.26 -50.26 45.35
CA LEU S 116 -63.46 -49.25 44.67
C LEU S 116 -63.97 -47.85 45.01
N THR S 117 -63.20 -46.87 44.55
CA THR S 117 -63.51 -45.46 44.74
C THR S 117 -64.16 -44.83 43.51
N ASP S 118 -64.44 -45.62 42.47
CA ASP S 118 -65.10 -45.12 41.27
C ASP S 118 -66.35 -44.33 41.65
N LEU S 119 -67.36 -45.05 42.15
CA LEU S 119 -68.57 -44.46 42.74
C LEU S 119 -68.26 -44.23 44.24
N CYS S 120 -69.27 -43.93 45.05
CA CYS S 120 -69.00 -43.78 46.48
C CYS S 120 -67.92 -42.75 46.76
N GLN S 121 -66.91 -43.19 47.52
CA GLN S 121 -65.65 -42.56 48.04
C GLN S 121 -65.71 -42.08 49.48
N PRO S 122 -65.07 -42.83 50.40
CA PRO S 122 -65.07 -42.54 51.83
C PRO S 122 -64.40 -41.25 52.23
N ASN S 123 -63.27 -40.91 51.65
CA ASN S 123 -62.58 -39.71 52.06
C ASN S 123 -63.37 -38.42 51.84
N ALA S 124 -64.07 -38.32 50.72
CA ALA S 124 -64.81 -37.09 50.47
C ALA S 124 -65.84 -36.92 51.55
N GLU S 125 -66.53 -38.01 51.83
CA GLU S 125 -67.53 -38.11 52.89
C GLU S 125 -66.84 -37.96 54.24
N ARG S 126 -67.65 -38.05 55.30
CA ARG S 126 -67.18 -37.84 56.67
C ARG S 126 -67.59 -38.87 57.71
N ALA S 127 -67.57 -38.41 58.96
CA ALA S 127 -67.90 -39.21 60.12
C ALA S 127 -69.32 -39.72 60.14
N GLY S 128 -70.31 -38.91 59.80
CA GLY S 128 -71.65 -39.44 59.73
C GLY S 128 -72.14 -39.42 58.30
N ALA S 129 -72.30 -40.58 57.69
CA ALA S 129 -72.80 -40.61 56.32
C ALA S 129 -73.57 -41.89 55.99
N LEU S 130 -74.54 -41.77 55.12
CA LEU S 130 -75.33 -42.89 54.64
C LEU S 130 -74.63 -43.51 53.44
N LEU S 131 -74.36 -44.80 53.53
CA LEU S 131 -73.78 -45.54 52.43
C LEU S 131 -74.83 -46.51 51.91
N LEU S 132 -75.07 -46.57 50.63
CA LEU S 132 -76.10 -47.49 50.22
C LEU S 132 -75.42 -48.52 49.40
N ALA S 133 -75.87 -49.76 49.54
CA ALA S 133 -75.35 -50.88 48.79
C ALA S 133 -75.88 -50.77 47.36
N LEU S 134 -75.17 -51.35 46.41
CA LEU S 134 -75.59 -51.33 45.02
C LEU S 134 -75.52 -52.75 44.50
N ARG S 135 -76.51 -53.55 44.88
CA ARG S 135 -76.59 -54.95 44.52
C ARG S 135 -76.79 -55.27 43.04
N HIS S 136 -76.23 -56.41 42.62
CA HIS S 136 -76.35 -56.92 41.26
C HIS S 136 -75.93 -56.01 40.10
N PRO S 137 -74.76 -55.41 40.17
CA PRO S 137 -74.38 -54.55 39.05
C PRO S 137 -74.39 -55.38 37.78
N THR S 138 -73.82 -56.57 37.89
CA THR S 138 -73.68 -57.49 36.77
C THR S 138 -75.05 -57.84 36.28
N ASP S 139 -75.93 -58.13 37.23
CA ASP S 139 -77.30 -58.42 36.91
C ASP S 139 -77.89 -57.04 36.71
N LEU S 140 -79.04 -57.01 36.04
CA LEU S 140 -79.85 -55.83 35.71
C LEU S 140 -80.30 -55.95 34.27
N PRO S 141 -79.30 -56.29 33.36
CA PRO S 141 -79.77 -56.42 31.98
C PRO S 141 -80.77 -57.55 31.85
N HIS S 142 -80.50 -58.67 32.51
CA HIS S 142 -81.40 -59.80 32.44
C HIS S 142 -82.73 -59.37 33.01
N LEU S 143 -82.67 -58.60 34.09
CA LEU S 143 -83.89 -58.14 34.73
C LEU S 143 -84.70 -57.19 33.88
N ALA S 144 -84.04 -56.33 33.12
CA ALA S 144 -84.71 -55.33 32.29
C ALA S 144 -85.65 -55.89 31.24
N ARG S 145 -85.27 -57.01 30.63
CA ARG S 145 -86.09 -57.61 29.58
C ARG S 145 -87.47 -57.99 30.11
N HIS S 146 -87.53 -58.52 31.32
CA HIS S 146 -88.79 -58.91 31.93
C HIS S 146 -89.23 -57.88 32.96
N ARG S 147 -90.52 -57.81 33.24
CA ARG S 147 -91.05 -56.87 34.21
C ARG S 147 -91.15 -55.48 33.61
N ALA S 148 -90.84 -55.38 32.33
CA ALA S 148 -90.93 -54.11 31.62
C ALA S 148 -91.92 -54.39 30.51
N PRO S 149 -92.90 -53.52 30.35
CA PRO S 149 -93.88 -53.70 29.27
C PRO S 149 -93.07 -53.72 27.98
N PRO S 150 -93.60 -54.44 26.92
CA PRO S 150 -92.72 -54.52 25.73
C PRO S 150 -92.24 -53.22 25.08
N GLY S 151 -93.06 -52.18 24.97
CA GLY S 151 -92.57 -50.97 24.33
C GLY S 151 -91.78 -50.06 25.27
N ARG S 152 -90.68 -50.61 25.79
CA ARG S 152 -89.78 -49.88 26.70
C ARG S 152 -88.31 -49.82 26.25
N GLN S 153 -88.01 -50.33 25.07
CA GLN S 153 -86.63 -50.36 24.58
C GLN S 153 -85.61 -50.79 25.65
N THR S 154 -85.80 -52.03 26.11
CA THR S 154 -84.98 -52.59 27.17
C THR S 154 -83.49 -52.61 26.90
N GLU S 155 -83.07 -52.33 25.67
CA GLU S 155 -81.65 -52.19 25.39
C GLU S 155 -81.07 -50.91 25.98
N ARG S 156 -81.91 -50.05 26.56
CA ARG S 156 -81.44 -48.78 27.09
C ARG S 156 -80.46 -48.98 28.23
N LEU S 157 -80.81 -49.84 29.19
CA LEU S 157 -79.95 -50.09 30.36
C LEU S 157 -78.60 -50.65 29.95
N ALA S 158 -78.61 -51.73 29.17
CA ALA S 158 -77.38 -52.36 28.76
C ALA S 158 -76.32 -51.29 28.60
N GLU S 159 -76.56 -50.36 27.67
CA GLU S 159 -75.62 -49.28 27.43
C GLU S 159 -75.48 -48.35 28.63
N ALA S 160 -76.60 -48.04 29.28
CA ALA S 160 -76.57 -47.13 30.41
C ALA S 160 -75.72 -47.65 31.57
N TRP S 161 -75.87 -48.92 31.93
CA TRP S 161 -75.02 -49.44 33.00
C TRP S 161 -73.61 -49.44 32.42
N GLY S 162 -73.51 -49.84 31.17
CA GLY S 162 -72.24 -49.86 30.48
C GLY S 162 -71.76 -48.43 30.39
N GLN S 163 -72.70 -47.53 30.09
CA GLN S 163 -72.39 -46.12 29.99
C GLN S 163 -71.93 -45.60 31.34
N LEU S 164 -72.63 -46.01 32.39
CA LEU S 164 -72.25 -45.55 33.72
C LEU S 164 -70.87 -46.11 33.98
N LEU S 165 -70.68 -47.37 33.64
CA LEU S 165 -69.39 -48.02 33.83
C LEU S 165 -68.33 -47.41 32.92
N GLU S 166 -68.73 -47.07 31.69
CA GLU S 166 -67.79 -46.51 30.74
C GLU S 166 -67.23 -45.22 31.30
N ALA S 167 -68.11 -44.39 31.84
CA ALA S 167 -67.68 -43.15 32.45
C ALA S 167 -66.81 -43.54 33.63
N SER S 168 -67.23 -44.62 34.29
CA SER S 168 -66.56 -45.18 35.45
C SER S 168 -67.09 -44.51 36.71
N GLU S 176 -65.41 -54.38 33.78
CA GLU S 176 -64.58 -55.46 34.31
C GLU S 176 -65.14 -56.00 35.62
N SER S 177 -64.66 -57.18 36.01
CA SER S 177 -65.03 -57.76 37.30
C SER S 177 -63.98 -57.77 38.40
N GLY S 178 -62.75 -58.12 38.05
CA GLY S 178 -61.69 -58.16 39.03
C GLY S 178 -62.04 -58.64 40.43
N CYS S 179 -61.23 -58.19 41.38
CA CYS S 179 -61.41 -58.62 42.77
C CYS S 179 -61.92 -57.61 43.79
N ALA S 180 -62.31 -56.43 43.32
CA ALA S 180 -62.92 -55.49 44.20
C ALA S 180 -64.11 -55.08 43.40
N ARG S 181 -65.29 -55.40 43.88
CA ARG S 181 -66.50 -55.02 43.17
C ARG S 181 -66.81 -53.56 43.51
N ALA S 182 -67.55 -52.87 42.67
CA ALA S 182 -67.88 -51.51 43.05
C ALA S 182 -69.25 -51.60 43.67
N GLY S 183 -69.25 -51.60 44.98
CA GLY S 183 -70.53 -51.65 45.68
C GLY S 183 -70.65 -50.27 46.33
N LEU S 184 -71.34 -50.19 47.44
CA LEU S 184 -71.29 -48.97 48.22
C LEU S 184 -71.52 -47.59 47.70
N VAL S 185 -72.64 -47.33 47.06
CA VAL S 185 -72.96 -45.95 46.69
C VAL S 185 -73.18 -45.03 47.91
N SER S 186 -72.58 -43.86 47.94
CA SER S 186 -72.76 -42.97 49.06
C SER S 186 -74.07 -42.22 48.98
N PHE S 187 -74.58 -41.66 50.08
CA PHE S 187 -75.81 -40.91 49.98
C PHE S 187 -75.56 -39.71 49.13
N ASN S 188 -74.50 -38.99 49.44
CA ASN S 188 -74.04 -37.86 48.65
C ASN S 188 -74.20 -38.10 47.16
N PHE S 189 -73.60 -39.17 46.64
CA PHE S 189 -73.49 -39.34 45.20
C PHE S 189 -74.86 -39.46 44.55
N LEU S 190 -75.88 -39.87 45.29
CA LEU S 190 -77.23 -39.84 44.76
C LEU S 190 -77.79 -38.44 44.72
N VAL S 191 -77.54 -37.64 45.76
CA VAL S 191 -78.10 -36.30 45.81
C VAL S 191 -77.62 -35.49 44.60
N ALA S 192 -76.36 -35.67 44.21
CA ALA S 192 -75.85 -34.93 43.07
C ALA S 192 -76.39 -35.49 41.77
N ALA S 193 -76.45 -36.82 41.65
CA ALA S 193 -76.89 -37.43 40.40
C ALA S 193 -78.31 -37.01 40.06
N CYS S 194 -79.19 -36.94 41.06
CA CYS S 194 -80.57 -36.52 40.87
C CYS S 194 -80.77 -35.04 41.19
N THR S 195 -79.69 -34.30 41.47
CA THR S 195 -79.83 -32.92 41.91
C THR S 195 -80.64 -32.10 40.91
N ALA S 196 -80.20 -32.08 39.66
CA ALA S 196 -80.96 -31.39 38.62
C ALA S 196 -82.30 -32.05 38.37
N ALA S 197 -82.44 -33.33 38.74
CA ALA S 197 -83.69 -34.03 38.47
C ALA S 197 -84.78 -33.59 39.45
N TYR S 198 -84.69 -33.95 40.72
CA TYR S 198 -85.76 -33.54 41.63
C TYR S 198 -85.89 -32.01 41.58
N ASP S 199 -87.10 -31.51 41.79
CA ASP S 199 -87.39 -30.08 41.63
C ASP S 199 -87.00 -29.05 42.70
N ALA S 200 -85.69 -28.79 42.73
CA ALA S 200 -85.07 -27.80 43.57
C ALA S 200 -83.73 -27.63 42.89
N ARG S 201 -83.02 -26.53 43.08
CA ARG S 201 -81.73 -26.43 42.42
C ARG S 201 -80.83 -25.36 43.05
N ASP S 202 -79.54 -25.70 43.13
CA ASP S 202 -78.38 -24.95 43.65
C ASP S 202 -78.18 -25.05 45.16
N ALA S 203 -79.12 -25.69 45.84
CA ALA S 203 -78.99 -25.99 47.24
C ALA S 203 -78.65 -27.43 47.02
N ALA S 204 -79.31 -27.96 45.99
CA ALA S 204 -79.08 -29.30 45.47
C ALA S 204 -77.80 -29.35 44.64
N GLU S 205 -77.60 -28.34 43.79
CA GLU S 205 -76.39 -28.27 42.99
C GLU S 205 -75.15 -27.99 43.82
N ALA S 206 -75.30 -27.37 44.99
CA ALA S 206 -74.18 -27.19 45.89
C ALA S 206 -73.60 -28.53 46.32
N VAL S 207 -74.47 -29.54 46.48
CA VAL S 207 -73.99 -30.90 46.71
C VAL S 207 -73.30 -31.43 45.47
N ARG S 208 -73.81 -31.09 44.29
CA ARG S 208 -73.18 -31.54 43.06
C ARG S 208 -71.80 -30.92 42.89
N ALA S 209 -71.63 -29.67 43.31
CA ALA S 209 -70.31 -29.06 43.28
C ALA S 209 -69.37 -29.77 44.26
N HIS S 210 -69.92 -30.30 45.35
CA HIS S 210 -69.11 -31.03 46.32
C HIS S 210 -68.48 -32.27 45.71
N ILE S 211 -69.27 -33.02 44.93
CA ILE S 211 -68.80 -34.31 44.45
C ILE S 211 -67.88 -34.17 43.25
N THR S 212 -68.16 -33.21 42.37
CA THR S 212 -67.28 -33.02 41.22
C THR S 212 -65.89 -32.61 41.64
N THR S 213 -65.77 -31.90 42.77
CA THR S 213 -64.48 -31.40 43.21
C THR S 213 -63.79 -32.32 44.21
N ASN S 214 -64.42 -33.41 44.63
CA ASN S 214 -63.82 -34.29 45.61
C ASN S 214 -63.81 -35.75 45.18
N TYR S 215 -65.00 -36.33 45.03
CA TYR S 215 -65.14 -37.71 44.59
C TYR S 215 -64.47 -37.94 43.24
N ALA S 220 -66.11 -37.14 39.49
CA ALA S 220 -66.16 -36.70 38.11
C ALA S 220 -67.59 -36.46 37.67
N GLY S 221 -67.82 -35.35 36.97
CA GLY S 221 -69.14 -35.09 36.44
C GLY S 221 -69.59 -36.14 35.44
N ALA S 222 -68.63 -36.77 34.76
CA ALA S 222 -68.96 -37.89 33.88
C ALA S 222 -69.72 -38.98 34.64
N ARG S 223 -69.07 -39.56 35.65
CA ARG S 223 -69.71 -40.61 36.43
C ARG S 223 -71.06 -40.17 36.97
N LEU S 224 -71.15 -38.95 37.51
CA LEU S 224 -72.45 -38.40 37.89
C LEU S 224 -73.42 -38.41 36.71
N ASP S 225 -72.95 -37.99 35.54
CA ASP S 225 -73.83 -37.97 34.39
C ASP S 225 -74.11 -39.38 33.88
N ARG S 226 -73.08 -40.23 33.85
CA ARG S 226 -73.30 -41.61 33.48
C ARG S 226 -74.26 -42.29 34.44
N PHE S 227 -74.04 -42.09 35.74
CA PHE S 227 -74.90 -42.70 36.74
C PHE S 227 -76.30 -42.12 36.67
N SER S 228 -76.43 -40.83 36.35
CA SER S 228 -77.74 -40.24 36.15
C SER S 228 -78.44 -40.86 34.96
N GLU S 229 -77.70 -41.08 33.87
CA GLU S 229 -78.27 -41.79 32.73
C GLU S 229 -78.72 -43.19 33.11
N CYS S 230 -78.01 -43.83 34.05
CA CYS S 230 -78.43 -45.15 34.51
C CYS S 230 -79.71 -45.06 35.33
N LEU S 231 -79.80 -44.07 36.22
CA LEU S 231 -81.02 -43.89 36.99
C LEU S 231 -82.21 -43.61 36.10
N ARG S 232 -82.03 -42.78 35.08
CA ARG S 232 -83.08 -42.56 34.10
C ARG S 232 -83.44 -43.87 33.41
N ALA S 233 -82.42 -44.62 32.98
CA ALA S 233 -82.68 -45.86 32.26
C ALA S 233 -83.31 -46.90 33.17
N MET S 234 -82.93 -46.91 34.44
CA MET S 234 -83.53 -47.87 35.38
C MET S 234 -84.98 -47.53 35.65
N VAL S 235 -85.26 -46.30 36.07
CA VAL S 235 -86.65 -45.89 36.29
C VAL S 235 -87.46 -46.03 35.02
N HIS S 236 -86.78 -46.09 33.87
CA HIS S 236 -87.49 -46.23 32.61
C HIS S 236 -88.10 -47.62 32.53
N THR S 237 -87.24 -48.64 32.61
CA THR S 237 -87.59 -50.04 32.36
C THR S 237 -88.14 -50.94 33.46
N HIS S 238 -88.63 -50.34 34.54
CA HIS S 238 -89.25 -51.06 35.66
C HIS S 238 -88.34 -51.86 36.57
N VAL S 239 -87.08 -51.55 36.47
CA VAL S 239 -86.04 -52.04 37.34
C VAL S 239 -85.81 -50.69 37.99
N PHE S 240 -86.02 -50.63 39.28
CA PHE S 240 -85.98 -49.35 39.97
C PHE S 240 -84.62 -49.14 40.61
N PRO S 241 -84.32 -47.92 41.07
CA PRO S 241 -83.16 -47.74 41.94
C PRO S 241 -83.27 -48.48 43.25
N HIS S 242 -84.46 -48.72 43.74
CA HIS S 242 -84.50 -49.56 44.90
C HIS S 242 -84.38 -50.93 44.27
N GLU S 243 -84.81 -52.00 44.85
CA GLU S 243 -84.54 -53.31 44.26
C GLU S 243 -83.16 -53.30 43.59
N VAL S 244 -82.38 -52.44 44.16
CA VAL S 244 -80.97 -52.13 44.03
C VAL S 244 -80.70 -51.13 45.18
N MET S 245 -79.47 -50.84 45.51
CA MET S 245 -79.19 -49.86 46.55
C MET S 245 -79.87 -49.92 47.91
N ARG S 246 -79.70 -51.00 48.65
CA ARG S 246 -80.20 -51.08 50.02
C ARG S 246 -79.24 -50.36 50.97
N PHE S 247 -79.71 -50.02 52.16
CA PHE S 247 -78.89 -49.33 53.14
C PHE S 247 -77.76 -50.17 53.66
N PHE S 248 -76.59 -49.59 53.79
CA PHE S 248 -75.45 -50.30 54.30
C PHE S 248 -75.03 -49.90 55.72
N GLY S 249 -74.92 -48.61 56.03
CA GLY S 249 -74.46 -48.22 57.35
C GLY S 249 -74.15 -46.76 57.56
N GLY S 250 -73.27 -46.43 58.50
CA GLY S 250 -72.88 -45.06 58.82
C GLY S 250 -71.45 -44.57 58.55
N LEU S 251 -70.63 -45.40 57.97
CA LEU S 251 -69.25 -45.06 57.61
C LEU S 251 -68.35 -44.76 58.80
N VAL S 252 -67.91 -45.80 59.51
CA VAL S 252 -67.00 -45.58 60.63
C VAL S 252 -65.60 -45.21 60.16
N SER S 253 -64.97 -46.12 59.45
CA SER S 253 -63.65 -45.87 58.97
C SER S 253 -63.28 -46.57 57.70
N TRP S 254 -62.96 -45.80 56.67
CA TRP S 254 -62.60 -46.31 55.35
C TRP S 254 -61.32 -47.10 55.04
N VAL S 255 -60.16 -46.70 55.55
CA VAL S 255 -58.91 -47.41 55.26
C VAL S 255 -58.56 -47.67 53.79
N THR S 256 -58.63 -46.65 52.94
CA THR S 256 -58.32 -46.77 51.50
C THR S 256 -56.87 -46.86 50.98
N GLN S 257 -56.69 -47.54 49.86
CA GLN S 257 -55.40 -47.62 49.24
C GLN S 257 -55.49 -47.37 47.75
N ASP S 258 -54.90 -46.32 47.18
CA ASP S 258 -55.02 -46.33 45.71
C ASP S 258 -56.50 -46.35 45.32
N GLU S 259 -56.93 -47.21 44.40
CA GLU S 259 -58.30 -47.27 43.92
C GLU S 259 -59.19 -48.11 44.81
N LEU S 260 -58.67 -48.57 45.94
CA LEU S 260 -59.31 -49.55 46.79
C LEU S 260 -59.77 -48.89 48.07
N ALA S 261 -60.77 -49.45 48.72
CA ALA S 261 -61.19 -48.92 49.99
C ALA S 261 -61.73 -50.05 50.78
N SER S 262 -61.57 -50.01 52.09
CA SER S 262 -62.10 -51.04 52.92
C SER S 262 -62.94 -50.18 53.77
N VAL S 263 -64.24 -50.34 53.71
CA VAL S 263 -65.07 -49.43 54.43
C VAL S 263 -65.70 -49.98 55.67
N THR S 264 -65.27 -49.60 56.86
CA THR S 264 -66.13 -50.12 57.92
C THR S 264 -67.32 -49.19 58.11
N ALA S 265 -68.48 -49.76 58.41
CA ALA S 265 -69.68 -48.97 58.62
C ALA S 265 -70.67 -49.77 59.44
N VAL S 266 -71.56 -49.08 60.13
CA VAL S 266 -72.41 -49.71 61.14
C VAL S 266 -73.59 -50.43 60.49
N CYS S 267 -73.65 -51.77 60.66
CA CYS S 267 -74.87 -52.49 60.25
C CYS S 267 -76.07 -51.91 60.98
N SER S 268 -75.99 -51.77 62.30
CA SER S 268 -77.07 -51.14 63.06
C SER S 268 -76.55 -50.78 64.43
N GLY S 269 -77.39 -50.11 65.22
CA GLY S 269 -76.98 -49.56 66.49
C GLY S 269 -76.77 -48.06 66.39
N PRO S 270 -76.49 -47.42 67.51
CA PRO S 270 -76.34 -45.97 67.52
C PRO S 270 -75.03 -45.53 66.89
N GLN S 271 -75.06 -44.37 66.24
CA GLN S 271 -73.92 -43.80 65.56
C GLN S 271 -72.96 -43.12 66.52
N GLU S 272 -73.50 -42.28 67.37
CA GLU S 272 -72.62 -41.39 68.12
C GLU S 272 -71.66 -42.08 68.99
N ALA S 273 -71.89 -43.35 69.24
CA ALA S 273 -71.07 -44.15 70.11
C ALA S 273 -70.01 -44.97 69.45
N THR S 274 -69.52 -44.62 68.27
CA THR S 274 -68.56 -45.49 67.64
C THR S 274 -67.06 -45.22 67.71
N HIS S 275 -66.47 -44.37 66.87
CA HIS S 275 -65.00 -44.23 66.99
C HIS S 275 -64.99 -43.02 67.92
N THR S 276 -66.04 -42.22 67.84
CA THR S 276 -66.27 -41.02 68.60
C THR S 276 -65.22 -39.95 68.53
N GLY S 277 -64.75 -39.51 69.68
CA GLY S 277 -63.82 -38.43 69.71
C GLY S 277 -64.40 -37.13 69.18
N HIS S 278 -63.55 -36.17 68.93
CA HIS S 278 -64.04 -34.93 68.42
C HIS S 278 -64.65 -35.25 67.05
N PRO S 279 -63.80 -36.04 66.37
CA PRO S 279 -63.85 -36.72 65.09
C PRO S 279 -63.14 -38.08 65.37
N GLY S 280 -63.44 -39.18 64.68
CA GLY S 280 -62.83 -40.47 65.02
C GLY S 280 -61.69 -40.42 64.04
N ARG S 281 -60.54 -40.00 64.60
CA ARG S 281 -59.23 -39.68 63.99
C ARG S 281 -59.24 -38.19 63.65
N PRO S 282 -58.08 -37.61 63.35
CA PRO S 282 -58.09 -36.14 63.23
C PRO S 282 -58.52 -35.22 62.04
N CYS S 283 -59.84 -35.11 61.79
CA CYS S 283 -60.43 -34.15 60.87
C CYS S 283 -61.48 -33.31 61.58
N SER S 284 -62.68 -33.87 61.77
CA SER S 284 -63.67 -33.26 62.64
C SER S 284 -64.94 -34.06 62.83
N ALA S 285 -65.48 -33.91 64.04
CA ALA S 285 -66.80 -34.29 64.55
C ALA S 285 -67.34 -35.64 64.10
N VAL S 286 -68.65 -35.79 64.25
CA VAL S 286 -69.43 -36.94 63.80
C VAL S 286 -70.85 -36.42 63.75
N THR S 287 -71.66 -36.98 62.85
CA THR S 287 -73.03 -36.55 62.69
C THR S 287 -73.63 -37.41 61.59
N ILE S 288 -74.96 -37.44 61.53
CA ILE S 288 -75.61 -38.05 60.39
C ILE S 288 -76.28 -36.87 59.70
N PRO S 289 -75.49 -36.01 59.05
CA PRO S 289 -75.95 -34.79 58.37
C PRO S 289 -76.56 -35.07 57.00
N ALA S 290 -77.85 -34.79 56.92
CA ALA S 290 -78.63 -35.19 55.77
C ALA S 290 -78.01 -34.83 54.47
N CYS S 291 -77.24 -33.75 54.46
CA CYS S 291 -76.44 -33.21 53.32
C CYS S 291 -77.20 -32.38 52.37
N ALA S 292 -78.45 -32.19 52.65
CA ALA S 292 -79.23 -31.38 51.80
C ALA S 292 -80.17 -30.61 52.67
N PHE S 293 -80.46 -29.40 52.29
CA PHE S 293 -81.48 -28.70 53.01
C PHE S 293 -82.52 -29.03 51.95
N VAL S 294 -82.04 -29.80 50.99
CA VAL S 294 -82.79 -30.22 49.81
C VAL S 294 -83.38 -31.60 50.05
N ASP S 295 -82.58 -32.38 50.75
CA ASP S 295 -83.03 -33.62 51.35
C ASP S 295 -83.44 -33.23 52.79
N LEU S 296 -83.71 -34.20 53.64
CA LEU S 296 -84.20 -33.88 54.99
C LEU S 296 -85.52 -33.18 54.89
N ASP S 297 -86.41 -33.83 54.17
CA ASP S 297 -87.76 -33.38 54.09
C ASP S 297 -88.11 -33.69 55.53
N ALA S 298 -88.51 -32.70 56.28
CA ALA S 298 -88.81 -32.90 57.69
C ALA S 298 -90.32 -32.87 57.80
N GLU S 299 -90.91 -34.03 58.02
CA GLU S 299 -92.36 -34.08 58.11
C GLU S 299 -92.69 -33.54 59.49
N LEU S 300 -93.90 -33.85 59.92
CA LEU S 300 -94.29 -33.37 61.19
C LEU S 300 -94.25 -31.86 61.07
N CYS S 301 -94.84 -31.37 59.99
CA CYS S 301 -94.97 -29.93 59.76
C CYS S 301 -95.78 -29.49 60.98
N LEU S 302 -96.78 -30.31 61.32
CA LEU S 302 -97.62 -30.17 62.49
C LEU S 302 -97.16 -31.39 63.29
N GLY S 303 -96.57 -31.18 64.46
CA GLY S 303 -96.08 -32.30 65.25
C GLY S 303 -96.07 -32.14 66.75
N GLY S 304 -96.00 -33.28 67.44
CA GLY S 304 -95.95 -33.35 68.89
C GLY S 304 -94.63 -34.00 69.27
N PRO S 305 -94.10 -33.71 70.52
CA PRO S 305 -92.80 -34.35 70.79
C PRO S 305 -92.91 -35.87 70.81
N GLY S 306 -92.01 -36.51 70.09
CA GLY S 306 -91.98 -37.95 70.02
C GLY S 306 -90.67 -38.36 69.40
N ALA S 307 -90.31 -39.64 69.47
CA ALA S 307 -89.09 -40.07 68.85
C ALA S 307 -89.30 -39.83 67.38
N ALA S 308 -88.34 -39.21 66.70
CA ALA S 308 -88.54 -38.97 65.29
C ALA S 308 -88.12 -40.25 64.56
N PHE S 309 -88.52 -40.44 63.33
CA PHE S 309 -88.12 -41.65 62.64
C PHE S 309 -87.43 -41.32 61.35
N LEU S 310 -86.55 -42.18 60.86
CA LEU S 310 -85.89 -41.86 59.61
C LEU S 310 -86.05 -42.95 58.54
N TYR S 311 -86.63 -42.54 57.41
CA TYR S 311 -86.97 -43.33 56.24
C TYR S 311 -86.16 -42.86 55.05
N LEU S 312 -86.20 -43.65 53.99
CA LEU S 312 -85.48 -43.36 52.76
C LEU S 312 -86.44 -43.57 51.61
N VAL S 313 -86.67 -42.53 50.81
CA VAL S 313 -87.76 -42.53 49.84
C VAL S 313 -87.22 -42.25 48.45
N PHE S 314 -87.70 -42.94 47.45
CA PHE S 314 -87.25 -42.60 46.15
C PHE S 314 -88.53 -42.13 45.50
N THR S 315 -88.55 -40.95 44.91
CA THR S 315 -89.72 -40.45 44.24
C THR S 315 -89.41 -40.52 42.78
N TYR S 316 -90.38 -40.86 41.95
CA TYR S 316 -90.09 -40.97 40.52
C TYR S 316 -91.02 -40.19 39.64
N ARG S 317 -90.56 -39.93 38.42
CA ARG S 317 -91.32 -39.24 37.39
C ARG S 317 -91.46 -40.25 36.26
N GLN S 318 -92.70 -40.55 35.87
CA GLN S 318 -92.94 -41.48 34.76
C GLN S 318 -93.59 -40.81 33.59
N CYS S 319 -92.77 -40.04 32.88
CA CYS S 319 -93.09 -39.23 31.68
C CYS S 319 -93.68 -37.86 32.01
N ARG S 320 -94.00 -37.63 33.29
CA ARG S 320 -94.44 -36.34 33.77
C ARG S 320 -93.19 -35.49 33.64
N ASP S 321 -92.07 -36.04 34.12
CA ASP S 321 -90.78 -35.44 33.92
C ASP S 321 -89.84 -36.42 33.21
N GLN S 322 -90.33 -37.48 32.59
CA GLN S 322 -89.30 -38.33 31.99
C GLN S 322 -88.42 -39.00 33.04
N GLU S 323 -89.03 -39.97 33.72
CA GLU S 323 -88.35 -40.84 34.69
C GLU S 323 -87.51 -40.10 35.73
N LEU S 324 -88.19 -39.22 36.44
CA LEU S 324 -87.57 -38.46 37.50
C LEU S 324 -87.08 -39.36 38.64
N CYS S 325 -85.94 -39.01 39.21
CA CYS S 325 -85.44 -39.69 40.41
C CYS S 325 -85.36 -38.66 41.52
N CYS S 326 -86.12 -38.89 42.58
CA CYS S 326 -86.06 -38.08 43.78
C CYS S 326 -85.62 -38.99 44.91
N VAL S 327 -84.63 -38.57 45.68
CA VAL S 327 -84.10 -39.35 46.78
C VAL S 327 -83.94 -38.43 47.96
N TYR S 328 -84.62 -38.75 49.05
CA TYR S 328 -84.49 -37.94 50.25
C TYR S 328 -84.96 -38.73 51.46
N VAL S 329 -84.94 -38.08 52.60
CA VAL S 329 -85.15 -38.70 53.90
C VAL S 329 -86.33 -38.02 54.58
N VAL S 330 -87.16 -38.80 55.26
CA VAL S 330 -88.27 -38.22 56.00
C VAL S 330 -88.16 -38.64 57.45
N LYS S 331 -88.39 -37.56 58.18
CA LYS S 331 -88.24 -37.49 59.61
C LYS S 331 -89.48 -37.08 60.32
N SER S 332 -90.30 -38.04 60.76
CA SER S 332 -91.51 -37.72 61.50
C SER S 332 -91.91 -38.90 62.33
N GLN S 333 -92.76 -38.71 63.33
CA GLN S 333 -93.13 -39.87 64.10
C GLN S 333 -94.33 -40.61 63.58
N LEU S 334 -94.12 -41.55 62.68
CA LEU S 334 -95.18 -42.38 62.16
C LEU S 334 -94.61 -43.78 61.95
N PRO S 335 -95.34 -44.83 62.38
CA PRO S 335 -94.80 -46.17 62.20
C PRO S 335 -95.11 -46.66 60.80
N PRO S 336 -94.13 -47.21 60.11
CA PRO S 336 -94.33 -47.43 58.68
C PRO S 336 -95.75 -47.72 58.19
N ARG S 337 -96.67 -48.15 59.04
CA ARG S 337 -97.96 -48.50 58.48
C ARG S 337 -98.69 -47.19 58.26
N GLY S 338 -98.15 -46.09 58.75
CA GLY S 338 -98.78 -44.78 58.61
C GLY S 338 -98.03 -43.90 57.65
N LEU S 339 -96.85 -44.34 57.23
CA LEU S 339 -96.07 -43.54 56.31
C LEU S 339 -96.60 -43.69 54.89
N GLU S 340 -97.07 -44.88 54.53
CA GLU S 340 -97.65 -45.08 53.21
C GLU S 340 -98.79 -44.12 52.98
N ALA S 341 -99.59 -43.84 54.01
CA ALA S 341 -100.68 -42.89 53.89
C ALA S 341 -100.16 -41.48 53.64
N ALA S 342 -99.27 -41.00 54.52
CA ALA S 342 -98.74 -39.66 54.36
C ALA S 342 -97.86 -39.54 53.12
N LEU S 343 -97.38 -40.65 52.58
CA LEU S 343 -96.69 -40.60 51.29
C LEU S 343 -97.67 -40.49 50.14
N GLU S 344 -98.86 -41.06 50.29
CA GLU S 344 -99.91 -40.85 49.29
C GLU S 344 -100.23 -39.38 49.16
N ARG S 345 -100.45 -38.71 50.29
CA ARG S 345 -100.53 -37.26 50.28
C ARG S 345 -99.15 -36.68 50.05
N LEU S 346 -99.07 -35.35 50.00
CA LEU S 346 -97.82 -34.62 49.86
C LEU S 346 -97.18 -34.88 48.49
N PHE S 347 -97.74 -35.80 47.71
CA PHE S 347 -97.29 -36.05 46.34
C PHE S 347 -98.42 -35.76 45.35
N GLY S 348 -98.21 -34.77 44.49
CA GLY S 348 -98.96 -34.65 43.27
C GLY S 348 -98.37 -35.44 42.13
N ARG S 349 -97.39 -36.29 42.44
CA ARG S 349 -96.65 -37.05 41.44
C ARG S 349 -97.28 -38.40 41.13
N LEU S 350 -98.45 -38.61 41.72
CA LEU S 350 -99.26 -39.80 41.62
C LEU S 350 -99.90 -39.95 40.27
N ARG S 351 -99.86 -38.89 39.47
CA ARG S 351 -100.48 -38.96 38.16
C ARG S 351 -99.59 -39.61 37.13
N ILE S 352 -99.00 -40.75 37.50
CA ILE S 352 -98.23 -41.62 36.61
C ILE S 352 -99.42 -42.10 35.81
N THR S 353 -100.48 -42.22 36.60
CA THR S 353 -101.86 -42.50 36.19
C THR S 353 -102.86 -42.09 37.27
N THR S 416 -96.17 -47.12 34.64
CA THR S 416 -97.48 -47.73 34.83
C THR S 416 -98.03 -47.44 36.22
N CYS S 417 -97.55 -48.25 37.15
CA CYS S 417 -97.83 -48.11 38.57
C CYS S 417 -96.48 -48.07 39.27
N THR S 418 -96.44 -47.36 40.39
CA THR S 418 -95.26 -47.29 41.29
C THR S 418 -94.26 -46.13 41.26
N TYR S 419 -93.99 -45.66 42.46
CA TYR S 419 -93.08 -44.57 42.76
C TYR S 419 -92.87 -44.54 44.29
N ALA S 420 -92.02 -43.67 44.82
CA ALA S 420 -91.93 -43.54 46.26
C ALA S 420 -91.73 -44.73 47.19
N ALA S 421 -90.67 -45.48 47.06
CA ALA S 421 -90.39 -46.57 47.99
C ALA S 421 -89.87 -46.07 49.34
N PHE S 422 -90.04 -46.67 50.48
CA PHE S 422 -89.32 -46.00 51.54
C PHE S 422 -88.73 -47.01 52.47
N ALA S 423 -87.69 -46.63 53.19
CA ALA S 423 -87.08 -47.51 54.16
C ALA S 423 -86.81 -46.68 55.39
N GLU S 424 -86.79 -47.32 56.55
CA GLU S 424 -86.53 -46.57 57.75
C GLU S 424 -85.07 -46.73 58.00
N LEU S 425 -84.36 -45.63 58.05
CA LEU S 425 -82.94 -45.69 58.31
C LEU S 425 -82.71 -46.11 59.72
N GLY S 426 -83.56 -45.58 60.59
CA GLY S 426 -83.51 -45.85 62.02
C GLY S 426 -84.06 -44.74 62.89
N VAL S 427 -84.26 -45.02 64.16
CA VAL S 427 -84.83 -44.06 65.08
C VAL S 427 -83.88 -42.98 65.47
N MET S 428 -84.40 -41.88 65.91
CA MET S 428 -83.65 -40.75 66.41
C MET S 428 -84.44 -40.58 67.70
N PRO S 429 -84.12 -41.34 68.77
CA PRO S 429 -85.00 -41.37 69.94
C PRO S 429 -84.96 -40.16 70.80
N ASP S 430 -85.01 -39.06 70.07
CA ASP S 430 -85.12 -37.72 70.60
C ASP S 430 -85.40 -36.90 69.38
N ASP S 431 -86.45 -36.13 69.52
CA ASP S 431 -87.00 -35.30 68.48
C ASP S 431 -86.10 -34.17 68.02
N SER S 432 -85.51 -33.49 68.98
CA SER S 432 -84.75 -32.24 68.86
C SER S 432 -83.40 -32.00 68.12
N PRO S 433 -82.62 -33.01 67.81
CA PRO S 433 -81.33 -32.69 67.24
C PRO S 433 -81.42 -32.26 65.82
N ARG S 434 -82.56 -31.93 65.23
CA ARG S 434 -82.32 -31.62 63.83
C ARG S 434 -81.78 -30.19 63.70
N CYS S 435 -80.62 -30.06 63.06
CA CYS S 435 -79.84 -28.83 63.12
C CYS S 435 -79.81 -28.17 61.76
N LEU S 436 -79.62 -26.86 61.77
CA LEU S 436 -79.61 -26.04 60.57
C LEU S 436 -78.19 -25.52 60.39
N HIS S 437 -77.47 -26.04 59.40
CA HIS S 437 -76.12 -25.55 59.15
C HIS S 437 -75.77 -25.72 57.68
N ARG S 438 -74.75 -25.00 57.23
CA ARG S 438 -74.33 -25.12 55.83
C ARG S 438 -72.83 -25.32 55.46
N THR S 439 -71.98 -25.74 56.39
CA THR S 439 -70.55 -25.91 56.08
C THR S 439 -70.04 -27.36 56.06
N GLU S 440 -69.42 -27.77 54.98
CA GLU S 440 -68.90 -29.14 54.92
C GLU S 440 -67.87 -29.28 53.79
N ARG S 441 -67.00 -30.28 53.88
CA ARG S 441 -66.03 -30.50 52.82
C ARG S 441 -65.26 -29.21 52.52
N VAL S 445 -66.69 -26.89 50.39
CA VAL S 445 -67.72 -25.97 49.89
C VAL S 445 -68.80 -25.70 50.92
N GLY S 446 -69.55 -24.63 50.72
CA GLY S 446 -70.61 -24.32 51.65
C GLY S 446 -71.76 -25.18 51.17
N VAL S 447 -72.19 -26.13 51.99
CA VAL S 447 -73.30 -26.97 51.53
C VAL S 447 -74.44 -26.80 52.55
N PRO S 448 -75.67 -27.18 52.22
CA PRO S 448 -76.66 -27.04 53.25
C PRO S 448 -76.40 -28.37 53.82
N VAL S 449 -76.25 -28.37 55.11
CA VAL S 449 -76.02 -29.59 55.76
C VAL S 449 -76.95 -29.53 56.92
N VAL S 450 -77.67 -30.62 57.12
CA VAL S 450 -78.52 -30.68 58.26
C VAL S 450 -77.87 -31.76 59.07
N ILE S 451 -77.66 -31.41 60.30
CA ILE S 451 -77.12 -32.29 61.33
C ILE S 451 -78.25 -32.95 62.11
N LEU S 452 -78.15 -34.27 62.26
CA LEU S 452 -79.09 -35.08 63.04
C LEU S 452 -78.38 -35.61 64.27
N GLU S 453 -78.79 -35.17 65.45
CA GLU S 453 -78.06 -35.50 66.67
C GLU S 453 -78.67 -36.75 67.27
N GLY S 454 -77.90 -37.83 67.23
CA GLY S 454 -78.25 -39.12 67.76
C GLY S 454 -79.12 -39.81 66.76
N VAL S 455 -78.81 -41.07 66.47
CA VAL S 455 -79.55 -41.90 65.54
C VAL S 455 -79.26 -43.33 65.94
N VAL S 456 -80.27 -44.18 65.84
CA VAL S 456 -80.09 -45.61 66.08
C VAL S 456 -80.47 -46.31 64.78
N TRP S 457 -79.48 -46.54 63.95
CA TRP S 457 -79.82 -47.07 62.68
C TRP S 457 -80.53 -48.35 62.98
N ARG S 458 -81.67 -48.56 62.34
CA ARG S 458 -82.45 -49.75 62.51
C ARG S 458 -83.07 -49.85 61.15
N PRO S 459 -82.32 -50.37 60.18
CA PRO S 459 -82.68 -50.43 58.76
C PRO S 459 -83.96 -51.16 58.22
N GLY S 460 -84.32 -52.39 58.52
CA GLY S 460 -85.59 -52.78 57.92
C GLY S 460 -85.48 -53.00 56.43
N GLY S 461 -86.61 -53.35 55.82
CA GLY S 461 -86.69 -53.67 54.41
C GLY S 461 -87.37 -52.60 53.57
N TRP S 462 -87.38 -52.85 52.27
CA TRP S 462 -88.08 -51.97 51.34
C TRP S 462 -89.54 -52.38 51.23
N ARG S 463 -90.44 -51.41 51.29
CA ARG S 463 -91.83 -51.65 50.92
C ARG S 463 -92.29 -50.56 49.96
N ALA S 464 -92.48 -50.93 48.69
CA ALA S 464 -93.31 -50.15 47.78
C ALA S 464 -94.11 -51.13 46.95
N CYS S 465 -95.42 -51.21 47.17
CA CYS S 465 -96.30 -51.98 46.29
C CYS S 465 -97.11 -51.12 45.34
N ALA S 466 -97.10 -49.81 45.52
CA ALA S 466 -98.03 -48.92 44.83
C ALA S 466 -97.74 -47.46 45.19
N CYS T 5 -55.49 81.23 67.96
CA CYS T 5 -56.08 81.08 66.65
C CYS T 5 -57.40 80.38 66.88
N PHE T 6 -57.51 79.71 68.03
CA PHE T 6 -58.55 78.72 68.26
C PHE T 6 -58.45 77.62 67.22
N GLU T 7 -57.49 76.72 67.37
CA GLU T 7 -57.45 75.56 66.50
C GLU T 7 -58.57 74.59 66.86
N ALA T 8 -59.18 74.00 65.84
CA ALA T 8 -60.14 72.91 65.99
C ALA T 8 -59.56 71.68 65.33
N ASP T 9 -59.55 70.57 66.05
CA ASP T 9 -58.79 69.39 65.65
C ASP T 9 -59.73 68.31 65.12
N ILE T 10 -59.72 68.12 63.81
CA ILE T 10 -60.57 67.13 63.16
C ILE T 10 -59.92 65.77 63.30
N ALA T 11 -60.70 64.77 63.68
CA ALA T 11 -60.17 63.46 64.01
C ALA T 11 -60.22 62.54 62.79
N ILE T 12 -59.05 62.18 62.28
CA ILE T 12 -58.99 61.19 61.20
C ILE T 12 -59.61 59.89 61.68
N PRO T 13 -60.36 59.18 60.84
CA PRO T 13 -60.96 57.92 61.30
C PRO T 13 -59.93 56.82 61.48
N SER T 14 -60.41 55.59 61.62
CA SER T 14 -59.56 54.44 61.86
C SER T 14 -58.71 54.18 60.63
N GLY T 15 -57.97 53.09 60.65
CA GLY T 15 -56.85 52.92 59.73
C GLY T 15 -57.15 53.25 58.29
N ILE T 16 -56.30 54.10 57.72
CA ILE T 16 -56.46 54.58 56.35
C ILE T 16 -55.27 54.08 55.55
N SER T 17 -55.47 53.92 54.25
CA SER T 17 -54.39 53.42 53.42
C SER T 17 -53.25 54.43 53.38
N ARG T 18 -52.04 53.90 53.22
CA ARG T 18 -50.88 54.78 53.08
C ARG T 18 -50.99 55.76 51.92
N PRO T 19 -51.57 55.42 50.77
CA PRO T 19 -51.78 56.46 49.75
C PRO T 19 -52.82 57.48 50.13
N ASP T 20 -53.79 57.13 50.98
CA ASP T 20 -54.75 58.12 51.45
C ASP T 20 -54.11 59.07 52.45
N ALA T 21 -53.30 58.55 53.37
CA ALA T 21 -52.61 59.42 54.31
C ALA T 21 -51.71 60.41 53.60
N ALA T 22 -51.20 60.05 52.43
CA ALA T 22 -50.42 60.99 51.65
C ALA T 22 -51.31 61.95 50.88
N ALA T 23 -52.56 61.57 50.66
CA ALA T 23 -53.50 62.51 50.05
C ALA T 23 -53.83 63.64 51.00
N LEU T 24 -54.00 63.32 52.28
CA LEU T 24 -54.29 64.34 53.27
C LEU T 24 -53.08 65.24 53.50
N GLN T 25 -51.89 64.68 53.54
CA GLN T 25 -50.69 65.49 53.75
C GLN T 25 -50.63 66.62 52.75
N ARG T 26 -51.14 66.40 51.55
CA ARG T 26 -51.12 67.41 50.52
C ARG T 26 -52.29 68.38 50.63
N CYS T 27 -53.16 68.19 51.63
CA CYS T 27 -54.33 69.04 51.83
C CYS T 27 -54.10 70.15 52.84
N GLU T 28 -52.88 70.31 53.34
CA GLU T 28 -52.60 71.44 54.21
C GLU T 28 -52.65 72.72 53.42
N GLY T 29 -53.31 73.74 53.95
CA GLY T 29 -53.51 74.98 53.25
C GLY T 29 -54.79 75.04 52.46
N ARG T 30 -55.71 74.11 52.68
CA ARG T 30 -56.96 74.03 51.96
C ARG T 30 -58.10 74.44 52.89
N VAL T 31 -59.14 75.01 52.32
CA VAL T 31 -60.24 75.54 53.13
C VAL T 31 -61.23 74.43 53.41
N VAL T 32 -61.61 74.32 54.66
CA VAL T 32 -62.64 73.41 55.13
C VAL T 32 -63.76 74.24 55.73
N PHE T 33 -64.98 73.76 55.57
CA PHE T 33 -66.14 74.33 56.21
C PHE T 33 -66.54 73.35 57.30
N LEU T 34 -66.54 73.81 58.53
CA LEU T 34 -66.81 72.98 59.67
C LEU T 34 -68.17 73.35 60.26
N PRO T 35 -69.08 72.39 60.46
CA PRO T 35 -70.46 72.77 60.78
C PRO T 35 -70.61 73.52 62.09
N THR T 36 -69.85 73.15 63.11
CA THR T 36 -69.85 73.84 64.38
C THR T 36 -68.41 73.98 64.84
N ILE T 37 -68.19 74.94 65.72
CA ILE T 37 -66.84 75.34 66.09
C ILE T 37 -66.35 74.55 67.29
N ARG T 38 -67.08 73.50 67.65
CA ARG T 38 -66.60 72.53 68.63
C ARG T 38 -65.15 72.16 68.33
N ARG T 39 -64.33 72.14 69.39
CA ARG T 39 -62.90 71.84 69.34
C ARG T 39 -62.60 70.45 68.86
N GLN T 40 -63.51 69.54 69.08
CA GLN T 40 -63.31 68.21 68.62
C GLN T 40 -64.37 67.92 67.59
N LEU T 41 -63.98 67.63 66.36
CA LEU T 41 -64.93 67.32 65.29
C LEU T 41 -64.43 66.10 64.56
N ALA T 42 -65.34 65.38 63.93
CA ALA T 42 -65.03 64.20 63.17
C ALA T 42 -64.62 64.56 61.79
N LEU T 43 -64.08 63.61 61.05
CA LEU T 43 -63.81 63.91 59.65
C LEU T 43 -65.05 63.76 58.79
N ALA T 44 -65.89 62.79 59.08
CA ALA T 44 -67.11 62.63 58.31
C ALA T 44 -67.99 63.86 58.35
N ASP T 45 -67.93 64.64 59.42
CA ASP T 45 -68.74 65.85 59.50
C ASP T 45 -68.29 66.89 58.48
N VAL T 46 -67.00 66.94 58.19
CA VAL T 46 -66.42 67.88 57.22
C VAL T 46 -66.54 67.37 55.80
N ALA T 47 -66.51 66.06 55.60
CA ALA T 47 -66.42 65.52 54.25
C ALA T 47 -67.65 65.90 53.44
N HIS T 48 -67.46 65.92 52.12
CA HIS T 48 -68.52 66.36 51.22
C HIS T 48 -69.77 65.51 51.33
N GLU T 49 -69.65 64.28 51.79
CA GLU T 49 -70.82 63.45 52.05
C GLU T 49 -71.69 64.01 53.16
N SER T 50 -71.23 65.03 53.87
CA SER T 50 -72.00 65.68 54.90
C SER T 50 -72.72 66.91 54.41
N PHE T 51 -72.60 67.22 53.12
CA PHE T 51 -73.36 68.31 52.51
C PHE T 51 -74.69 67.86 51.96
N VAL T 52 -74.94 66.55 51.93
CA VAL T 52 -76.22 66.03 51.47
C VAL T 52 -77.34 66.65 52.29
N SER T 53 -78.41 67.05 51.61
CA SER T 53 -79.54 67.69 52.28
C SER T 53 -80.85 67.01 51.94
N GLY T 54 -81.24 67.08 50.67
CA GLY T 54 -82.50 66.54 50.21
C GLY T 54 -82.40 65.12 49.74
N GLY T 55 -81.43 64.37 50.24
CA GLY T 55 -81.15 63.06 49.76
C GLY T 55 -80.20 63.02 48.59
N VAL T 56 -79.75 64.17 48.11
CA VAL T 56 -78.86 64.26 46.96
C VAL T 56 -77.60 65.01 47.37
N SER T 57 -76.55 64.82 46.58
CA SER T 57 -75.40 65.68 46.69
C SER T 57 -75.74 67.06 46.15
N PRO T 58 -75.37 68.12 46.86
CA PRO T 58 -75.87 69.44 46.52
C PRO T 58 -75.28 69.96 45.22
N ASP T 59 -76.10 70.73 44.52
CA ASP T 59 -75.68 71.41 43.30
C ASP T 59 -74.84 72.62 43.69
N THR T 60 -74.48 73.44 42.71
CA THR T 60 -73.69 74.62 43.01
C THR T 60 -74.47 75.60 43.87
N LEU T 61 -75.79 75.64 43.72
CA LEU T 61 -76.59 76.49 44.58
C LEU T 61 -76.67 75.90 45.98
N GLY T 62 -76.97 74.61 46.08
CA GLY T 62 -77.02 73.99 47.39
C GLY T 62 -75.71 74.10 48.14
N LEU T 63 -74.60 74.04 47.42
CA LEU T 63 -73.31 74.29 48.05
C LEU T 63 -73.24 75.71 48.57
N LEU T 64 -73.36 76.70 47.68
CA LEU T 64 -73.27 78.11 48.08
C LEU T 64 -74.16 78.44 49.27
N LEU T 65 -75.29 77.76 49.40
CA LEU T 65 -76.04 77.85 50.64
C LEU T 65 -75.22 77.40 51.82
N ALA T 66 -74.64 76.19 51.74
CA ALA T 66 -73.92 75.64 52.86
C ALA T 66 -72.67 76.45 53.17
N TYR T 67 -71.97 76.93 52.16
CA TYR T 67 -70.80 77.77 52.39
C TYR T 67 -71.17 79.03 53.16
N ARG T 68 -72.41 79.41 53.14
CA ARG T 68 -72.82 80.56 53.88
C ARG T 68 -73.34 80.17 55.23
N ARG T 69 -73.41 78.90 55.54
CA ARG T 69 -74.00 78.50 56.80
C ARG T 69 -73.09 77.85 57.83
N ARG T 70 -71.97 77.32 57.38
CA ARG T 70 -70.96 76.68 58.19
C ARG T 70 -69.70 77.51 58.22
N PHE T 71 -68.70 77.10 58.96
CA PHE T 71 -67.55 77.93 59.12
C PHE T 71 -66.31 77.52 58.37
N PRO T 72 -65.84 78.33 57.43
CA PRO T 72 -64.65 77.85 56.78
C PRO T 72 -63.43 77.91 57.64
N ALA T 73 -62.59 76.90 57.68
CA ALA T 73 -61.40 76.99 58.46
C ALA T 73 -60.27 76.51 57.59
N VAL T 74 -59.20 77.25 57.49
CA VAL T 74 -58.07 76.83 56.71
C VAL T 74 -57.34 75.70 57.43
N ILE T 75 -56.78 74.75 56.70
CA ILE T 75 -56.07 73.65 57.33
C ILE T 75 -54.67 74.10 57.66
N THR T 76 -54.25 73.99 58.91
CA THR T 76 -52.93 74.50 59.23
C THR T 76 -51.89 73.40 59.23
N ARG T 77 -52.12 72.37 60.03
CA ARG T 77 -51.23 71.25 60.11
C ARG T 77 -51.98 69.96 59.96
N VAL T 78 -51.57 69.07 59.08
CA VAL T 78 -52.28 67.79 59.01
C VAL T 78 -51.39 66.78 59.71
N LEU T 79 -51.96 66.09 60.66
CA LEU T 79 -51.22 65.14 61.44
C LEU T 79 -51.87 63.81 61.30
N PRO T 80 -51.08 62.74 61.37
CA PRO T 80 -51.76 61.46 61.30
C PRO T 80 -52.55 61.39 62.56
N THR T 81 -53.82 61.10 62.34
CA THR T 81 -54.86 60.95 63.35
C THR T 81 -55.40 62.27 63.86
N ARG T 82 -55.21 63.35 63.11
CA ARG T 82 -55.81 64.65 63.38
C ARG T 82 -55.84 65.42 62.07
N ILE T 83 -56.63 66.49 62.08
CA ILE T 83 -56.45 67.61 61.16
C ILE T 83 -56.71 68.87 61.96
N VAL T 84 -55.81 69.82 61.87
CA VAL T 84 -55.89 71.03 62.67
C VAL T 84 -56.23 72.17 61.73
N ALA T 85 -57.43 72.71 61.87
CA ALA T 85 -57.91 73.78 61.01
C ALA T 85 -58.40 74.92 61.88
N CYS T 86 -58.04 76.15 61.53
CA CYS T 86 -58.27 77.29 62.39
C CYS T 86 -59.40 78.14 61.76
N PRO T 87 -60.59 78.16 62.34
CA PRO T 87 -61.73 78.83 61.69
C PRO T 87 -61.46 80.29 61.36
N VAL T 88 -61.90 80.69 60.17
CA VAL T 88 -61.65 82.03 59.66
C VAL T 88 -62.48 83.08 60.38
N ASP T 89 -63.58 82.69 61.00
CA ASP T 89 -64.52 83.68 61.50
C ASP T 89 -64.19 84.14 62.92
N LEU T 90 -63.26 83.49 63.59
CA LEU T 90 -63.11 83.62 65.04
C LEU T 90 -61.78 84.26 65.42
N GLY T 91 -61.93 85.29 66.24
CA GLY T 91 -60.82 86.06 66.72
C GLY T 91 -60.98 87.44 66.17
N LEU T 92 -59.98 88.25 66.47
CA LEU T 92 -60.00 89.61 66.01
C LEU T 92 -59.74 89.66 64.54
N THR T 93 -60.17 90.72 63.93
CA THR T 93 -59.96 90.95 62.51
C THR T 93 -58.51 91.34 62.27
N HIS T 94 -58.03 91.13 61.06
CA HIS T 94 -56.66 91.42 60.71
C HIS T 94 -55.69 90.69 61.66
N ALA T 95 -55.92 89.42 61.99
CA ALA T 95 -54.94 88.67 62.82
C ALA T 95 -55.05 87.17 62.54
N GLY T 96 -54.12 86.35 63.02
CA GLY T 96 -54.10 84.95 62.68
C GLY T 96 -53.78 84.65 61.26
N THR T 97 -52.67 85.18 60.78
CA THR T 97 -52.28 84.92 59.44
C THR T 97 -52.06 83.42 59.37
N VAL T 98 -52.74 82.78 58.45
CA VAL T 98 -52.63 81.36 58.21
C VAL T 98 -52.44 81.22 56.74
N ASN T 99 -51.62 80.30 56.31
CA ASN T 99 -51.41 80.15 54.90
C ASN T 99 -52.44 79.44 54.13
N LEU T 100 -52.78 80.01 53.00
CA LEU T 100 -53.69 79.36 52.06
C LEU T 100 -52.92 78.59 51.00
N ARG T 101 -53.67 78.00 50.06
CA ARG T 101 -53.10 77.53 48.81
C ARG T 101 -53.83 78.22 47.68
N ASN T 102 -53.08 78.82 46.78
CA ASN T 102 -53.72 79.42 45.63
C ASN T 102 -54.08 78.35 44.62
N THR T 103 -55.25 78.54 44.05
CA THR T 103 -55.78 77.71 42.97
C THR T 103 -56.23 78.72 41.88
N SER T 104 -55.85 78.45 40.62
CA SER T 104 -56.10 79.30 39.41
C SER T 104 -55.36 80.66 39.25
N PRO T 105 -56.07 81.82 39.21
CA PRO T 105 -55.46 83.16 39.14
C PRO T 105 -54.61 83.47 40.36
N VAL T 106 -53.70 84.39 40.16
CA VAL T 106 -52.66 84.76 41.09
C VAL T 106 -52.85 85.16 42.55
N ASP T 107 -53.93 85.82 42.93
CA ASP T 107 -54.07 86.30 44.31
C ASP T 107 -52.99 87.31 44.66
N LEU T 108 -53.13 88.50 44.13
CA LEU T 108 -52.14 89.52 44.37
C LEU T 108 -52.21 89.96 45.83
N CYS T 109 -51.42 90.98 46.17
CA CYS T 109 -51.08 91.30 47.55
C CYS T 109 -52.30 91.66 48.37
N ASN T 110 -53.47 91.76 47.75
CA ASN T 110 -54.71 91.96 48.49
C ASN T 110 -55.87 91.38 47.70
N GLY T 111 -57.07 91.79 48.05
CA GLY T 111 -58.25 91.50 47.25
C GLY T 111 -59.22 90.56 47.89
N ASP T 112 -58.97 90.11 49.09
CA ASP T 112 -60.02 89.45 49.83
C ASP T 112 -60.53 88.18 49.15
N PRO T 113 -59.77 87.09 49.15
CA PRO T 113 -60.25 85.86 48.52
C PRO T 113 -61.61 85.41 49.02
N VAL T 114 -62.47 85.06 48.08
CA VAL T 114 -63.72 84.36 48.35
C VAL T 114 -63.49 82.89 48.11
N SER T 115 -64.11 82.06 48.92
CA SER T 115 -64.06 80.62 48.70
C SER T 115 -65.39 80.29 48.03
N LEU T 116 -65.35 80.09 46.74
CA LEU T 116 -66.48 79.70 45.93
C LEU T 116 -66.43 78.20 45.64
N VAL T 117 -67.62 77.65 45.44
CA VAL T 117 -67.83 76.22 45.24
C VAL T 117 -66.87 75.68 44.17
N PRO T 118 -66.46 74.42 44.23
CA PRO T 118 -65.50 73.91 43.24
C PRO T 118 -66.04 73.79 41.82
N PRO T 119 -67.32 73.41 41.58
CA PRO T 119 -67.70 73.00 40.20
C PRO T 119 -67.51 74.06 39.15
N VAL T 120 -67.44 75.33 39.56
CA VAL T 120 -67.22 76.46 38.64
C VAL T 120 -66.02 76.26 37.74
N PHE T 121 -65.09 75.41 38.13
CA PHE T 121 -63.89 75.08 37.37
C PHE T 121 -63.90 73.57 37.25
N GLU T 122 -62.80 72.99 36.78
CA GLU T 122 -62.79 71.55 36.59
C GLU T 122 -63.47 70.84 37.74
N GLY T 123 -64.52 70.10 37.43
CA GLY T 123 -65.52 69.72 38.41
C GLY T 123 -65.07 68.78 39.48
N GLN T 124 -64.74 67.57 39.04
CA GLN T 124 -64.21 66.51 39.85
C GLN T 124 -62.78 66.78 40.23
N ALA T 125 -62.13 67.62 39.44
CA ALA T 125 -60.76 67.98 39.74
C ALA T 125 -60.99 68.74 41.01
N THR T 126 -60.26 68.30 42.03
CA THR T 126 -60.29 68.66 43.47
C THR T 126 -61.20 67.85 44.35
N ASP T 127 -61.78 66.76 43.84
CA ASP T 127 -62.60 65.91 44.67
C ASP T 127 -61.78 65.24 45.76
N VAL T 128 -60.52 64.89 45.50
CA VAL T 128 -59.63 64.27 46.50
C VAL T 128 -60.23 63.12 47.29
N ARG T 129 -60.50 62.02 46.61
CA ARG T 129 -61.22 60.97 47.29
C ARG T 129 -60.32 60.17 48.21
N LEU T 130 -60.88 59.71 49.33
CA LEU T 130 -60.22 58.78 50.24
C LEU T 130 -61.01 57.49 50.21
N GLU T 131 -60.44 56.45 49.60
CA GLU T 131 -61.18 55.21 49.44
C GLU T 131 -61.18 54.38 50.72
N SER T 132 -60.10 54.41 51.49
CA SER T 132 -59.97 53.54 52.64
C SER T 132 -61.11 53.76 53.63
N LEU T 133 -61.39 55.01 53.93
CA LEU T 133 -62.47 55.36 54.84
C LEU T 133 -63.75 55.75 54.12
N ASP T 134 -63.73 55.78 52.79
CA ASP T 134 -64.92 55.98 51.95
C ASP T 134 -65.59 57.33 52.23
N LEU T 135 -64.85 58.38 51.92
CA LEU T 135 -65.32 59.72 52.03
C LEU T 135 -64.56 60.56 50.99
N THR T 136 -64.88 61.86 50.90
CA THR T 136 -64.33 62.68 49.86
C THR T 136 -64.36 64.13 50.36
N LEU T 137 -63.55 64.98 49.74
CA LEU T 137 -63.38 66.36 50.19
C LEU T 137 -63.34 67.24 48.96
N ARG T 138 -64.22 68.22 48.88
CA ARG T 138 -64.19 69.16 47.78
C ARG T 138 -63.81 70.51 48.34
N PHE T 139 -62.70 70.95 48.00
CA PHE T 139 -62.23 72.16 48.60
C PHE T 139 -62.64 73.35 47.74
N PRO T 140 -63.18 74.41 48.32
CA PRO T 140 -63.57 75.56 47.51
C PRO T 140 -62.36 76.21 46.89
N VAL T 141 -62.59 76.98 45.84
CA VAL T 141 -61.49 77.65 45.15
C VAL T 141 -61.34 79.05 45.73
N PRO T 142 -60.15 79.45 46.12
CA PRO T 142 -59.95 80.77 46.70
C PRO T 142 -59.77 81.89 45.68
N LEU T 143 -60.84 82.52 45.22
CA LEU T 143 -60.65 83.54 44.23
C LEU T 143 -60.94 84.94 44.80
N PRO T 144 -60.32 85.98 44.24
CA PRO T 144 -60.59 87.34 44.74
C PRO T 144 -62.03 87.73 44.53
N THR T 145 -62.53 88.65 45.38
CA THR T 145 -63.94 89.02 45.29
C THR T 145 -64.32 89.61 43.95
N PRO T 146 -63.59 90.58 43.38
CA PRO T 146 -64.04 91.10 42.08
C PRO T 146 -64.09 90.02 41.03
N LEU T 147 -63.10 89.12 41.02
CA LEU T 147 -63.10 88.07 40.02
C LEU T 147 -64.07 86.96 40.37
N ALA T 148 -64.23 86.65 41.65
CA ALA T 148 -65.18 85.61 42.01
C ALA T 148 -66.60 86.00 41.62
N ARG T 149 -66.96 87.26 41.83
CA ARG T 149 -68.30 87.72 41.47
C ARG T 149 -68.44 87.81 39.96
N GLU T 150 -67.41 88.29 39.27
CA GLU T 150 -67.47 88.33 37.82
C GLU T 150 -67.70 86.94 37.24
N ILE T 151 -67.02 85.94 37.78
CA ILE T 151 -67.15 84.57 37.27
C ILE T 151 -68.54 84.04 37.55
N VAL T 152 -68.95 84.02 38.82
CA VAL T 152 -70.23 83.37 39.16
C VAL T 152 -71.37 84.00 38.39
N ALA T 153 -71.32 85.30 38.14
CA ALA T 153 -72.32 85.92 37.28
C ALA T 153 -72.08 85.58 35.83
N ARG T 154 -70.82 85.44 35.45
CA ARG T 154 -70.47 85.11 34.06
C ARG T 154 -71.05 83.76 33.66
N LEU T 155 -71.05 82.80 34.59
CA LEU T 155 -71.53 81.46 34.24
C LEU T 155 -73.04 81.35 34.25
N VAL T 156 -73.72 81.99 35.20
CA VAL T 156 -75.18 81.99 35.13
C VAL T 156 -75.63 82.79 33.93
N ALA T 157 -74.86 83.79 33.51
CA ALA T 157 -75.14 84.47 32.25
C ALA T 157 -75.05 83.50 31.09
N ARG T 158 -73.98 82.71 31.03
CA ARG T 158 -73.88 81.68 30.01
C ARG T 158 -74.92 80.60 30.19
N GLY T 159 -75.37 80.38 31.42
CA GLY T 159 -76.46 79.46 31.62
C GLY T 159 -77.81 79.99 31.25
N ILE T 160 -77.92 81.25 30.86
CA ILE T 160 -79.22 81.77 30.43
C ILE T 160 -79.34 81.61 28.92
N ARG T 161 -78.19 81.61 28.24
CA ARG T 161 -78.09 81.46 26.83
C ARG T 161 -78.38 80.07 26.49
N ASP T 162 -77.83 79.16 27.26
CA ASP T 162 -78.02 77.76 27.08
C ASP T 162 -79.44 77.33 27.30
N LEU T 163 -80.17 78.00 28.22
CA LEU T 163 -81.56 77.61 28.58
C LEU T 163 -82.36 77.63 27.32
N ASN T 164 -82.52 78.78 26.68
CA ASN T 164 -82.94 78.64 25.29
C ASN T 164 -82.04 79.39 24.35
N PRO T 165 -81.33 78.67 23.47
CA PRO T 165 -80.38 79.16 22.46
C PRO T 165 -80.84 78.72 21.09
N ASP T 166 -80.30 79.30 20.03
CA ASP T 166 -80.78 78.74 18.77
C ASP T 166 -79.71 77.76 18.31
N PRO T 174 -70.61 86.41 21.06
CA PRO T 174 -69.63 86.99 21.98
C PRO T 174 -69.33 86.06 23.16
N ASP T 175 -68.09 85.60 23.26
CA ASP T 175 -67.74 84.58 24.22
C ASP T 175 -67.68 85.15 25.62
N LEU T 176 -68.47 84.58 26.52
CA LEU T 176 -68.39 84.91 27.94
C LEU T 176 -67.21 84.23 28.61
N ASN T 177 -66.76 83.15 27.96
CA ASN T 177 -65.71 82.22 28.38
C ASN T 177 -64.30 82.71 28.55
N VAL T 178 -63.83 83.57 27.65
CA VAL T 178 -62.46 84.04 27.79
C VAL T 178 -62.56 85.22 28.72
N LEU T 179 -61.87 85.11 29.83
CA LEU T 179 -61.83 86.14 30.81
C LEU T 179 -60.35 86.37 30.93
N TYR T 180 -59.94 87.61 31.12
CA TYR T 180 -58.52 87.92 31.27
C TYR T 180 -58.39 88.59 32.61
N TYR T 181 -57.54 88.03 33.45
CA TYR T 181 -57.36 88.61 34.76
C TYR T 181 -55.91 89.14 34.85
N ASN T 182 -55.40 89.26 36.06
CA ASN T 182 -54.08 89.75 36.29
C ASN T 182 -53.12 89.41 35.19
N GLY T 183 -53.22 88.19 34.71
CA GLY T 183 -52.34 87.76 33.66
C GLY T 183 -53.02 86.99 32.57
N ALA T 184 -52.88 87.48 31.36
CA ALA T 184 -53.39 86.77 30.20
C ALA T 184 -54.75 86.16 30.46
N ARG T 185 -55.27 85.48 29.43
CA ARG T 185 -56.57 84.85 29.48
C ARG T 185 -56.70 83.71 30.48
N LEU T 186 -57.85 83.71 31.14
CA LEU T 186 -58.21 82.69 32.10
C LEU T 186 -59.26 81.99 31.29
N SER T 187 -59.14 80.68 31.17
CA SER T 187 -60.09 79.91 30.33
C SER T 187 -61.25 79.44 31.17
N LEU T 188 -62.47 79.50 30.63
CA LEU T 188 -63.58 79.17 31.51
C LEU T 188 -63.92 77.73 31.20
N VAL T 189 -64.29 77.55 29.95
CA VAL T 189 -64.67 76.30 29.34
C VAL T 189 -63.50 75.32 29.36
N ALA T 190 -63.83 74.13 29.81
CA ALA T 190 -62.97 72.97 29.74
C ALA T 190 -63.48 72.08 28.55
N ASP T 191 -64.41 72.65 27.75
CA ASP T 191 -65.05 72.04 26.60
C ASP T 191 -65.65 70.73 27.03
N VAL T 192 -65.47 69.71 26.21
CA VAL T 192 -65.90 68.33 26.49
C VAL T 192 -67.35 68.27 26.97
N GLN T 193 -67.64 67.52 28.02
CA GLN T 193 -68.94 67.47 28.61
C GLN T 193 -68.87 68.14 29.99
N GLN T 194 -67.74 68.75 30.32
CA GLN T 194 -67.55 69.40 31.59
C GLN T 194 -68.58 70.48 31.63
N LEU T 195 -68.74 71.19 30.51
CA LEU T 195 -69.81 72.19 30.47
C LEU T 195 -71.15 71.56 30.76
N ALA T 196 -71.40 70.38 30.20
CA ALA T 196 -72.65 69.69 30.49
C ALA T 196 -72.74 69.34 31.96
N SER T 197 -71.60 69.10 32.60
CA SER T 197 -71.58 68.90 34.04
C SER T 197 -71.63 70.22 34.79
N VAL T 198 -70.91 71.23 34.31
CA VAL T 198 -71.03 72.55 34.92
C VAL T 198 -72.43 73.09 34.74
N ASN T 199 -72.96 73.02 33.52
CA ASN T 199 -74.28 73.60 33.27
C ASN T 199 -75.38 72.85 34.00
N THR T 200 -75.18 71.57 34.29
CA THR T 200 -76.25 70.85 34.99
C THR T 200 -76.29 71.20 36.46
N GLU T 201 -75.16 71.61 37.03
CA GLU T 201 -75.16 72.02 38.43
C GLU T 201 -75.56 73.47 38.61
N LEU T 202 -75.25 74.34 37.65
CA LEU T 202 -75.78 75.68 37.70
C LEU T 202 -77.24 75.75 37.29
N ARG T 203 -77.78 74.63 36.80
CA ARG T 203 -79.17 74.55 36.37
C ARG T 203 -80.12 75.15 37.38
N SER T 204 -79.96 74.80 38.66
CA SER T 204 -80.88 75.28 39.68
C SER T 204 -80.56 76.69 40.12
N LEU T 205 -79.32 77.14 39.96
CA LEU T 205 -78.99 78.52 40.26
C LEU T 205 -79.48 79.45 39.17
N VAL T 206 -79.42 78.97 37.92
CA VAL T 206 -79.88 79.78 36.81
C VAL T 206 -81.37 80.09 36.95
N LEU T 207 -82.15 79.11 37.38
CA LEU T 207 -83.59 79.30 37.43
C LEU T 207 -83.97 80.29 38.50
N ASN T 208 -83.43 80.14 39.70
CA ASN T 208 -83.69 81.10 40.75
C ASN T 208 -83.26 82.49 40.31
N MET T 209 -82.28 82.57 39.41
CA MET T 209 -81.93 83.86 38.86
C MET T 209 -82.95 84.32 37.82
N VAL T 210 -83.29 83.45 36.87
CA VAL T 210 -84.27 83.80 35.85
C VAL T 210 -85.59 84.17 36.50
N TYR T 211 -86.02 83.36 37.45
CA TYR T 211 -87.29 83.61 38.11
C TYR T 211 -87.29 84.95 38.82
N SER T 212 -86.27 85.20 39.63
CA SER T 212 -86.26 86.41 40.43
C SER T 212 -86.19 87.66 39.60
N ILE T 213 -85.70 87.58 38.37
CA ILE T 213 -85.76 88.71 37.47
C ILE T 213 -87.15 88.87 36.88
N THR T 214 -87.59 87.86 36.12
CA THR T 214 -88.91 87.89 35.50
C THR T 214 -90.01 88.18 36.51
N GLU T 215 -89.86 87.68 37.73
CA GLU T 215 -90.83 87.97 38.77
C GLU T 215 -90.66 89.36 39.37
N GLY T 216 -89.48 89.93 39.24
CA GLY T 216 -89.27 91.28 39.73
C GLY T 216 -89.80 92.34 38.82
N THR T 217 -89.46 92.26 37.53
CA THR T 217 -89.95 93.24 36.56
C THR T 217 -91.46 93.24 36.52
N THR T 218 -92.06 92.11 36.15
CA THR T 218 -93.51 92.04 36.01
C THR T 218 -94.19 92.51 37.28
N LEU T 219 -93.53 92.41 38.42
CA LEU T 219 -94.13 92.87 39.66
C LEU T 219 -94.00 94.38 39.84
N ILE T 220 -92.94 94.99 39.31
CA ILE T 220 -92.88 96.45 39.34
C ILE T 220 -93.67 97.02 38.15
N LEU T 221 -93.57 96.39 36.99
CA LEU T 221 -94.30 96.89 35.83
C LEU T 221 -95.80 96.84 36.06
N THR T 222 -96.27 95.93 36.90
CA THR T 222 -97.68 95.98 37.26
C THR T 222 -97.94 96.99 38.36
N LEU T 223 -96.96 97.22 39.22
CA LEU T 223 -97.21 98.04 40.41
C LEU T 223 -97.15 99.53 40.09
N ILE T 224 -96.19 99.95 39.27
CA ILE T 224 -96.04 101.37 38.98
C ILE T 224 -97.33 101.89 38.33
N PRO T 225 -97.78 101.32 37.20
CA PRO T 225 -99.08 101.75 36.68
C PRO T 225 -100.24 101.41 37.58
N ARG T 226 -100.08 100.56 38.57
CA ARG T 226 -101.19 100.27 39.50
C ARG T 226 -100.95 100.94 40.86
N LEU T 227 -100.14 101.98 40.78
CA LEU T 227 -99.72 102.90 41.81
C LEU T 227 -99.32 104.17 41.02
N LEU T 228 -99.42 105.32 41.71
CA LEU T 228 -99.23 106.74 41.25
C LEU T 228 -100.53 107.30 40.61
N ALA T 229 -101.54 106.45 40.60
CA ALA T 229 -102.87 106.67 40.13
C ALA T 229 -103.84 106.52 41.31
N LEU T 230 -103.30 106.54 42.55
CA LEU T 230 -104.07 106.40 43.77
C LEU T 230 -103.48 107.26 44.87
N GLY T 235 -99.84 111.69 44.52
CA GLY T 235 -99.14 112.70 45.28
C GLY T 235 -97.69 112.82 44.88
N TYR T 236 -96.83 113.13 45.85
CA TYR T 236 -95.39 113.17 45.58
C TYR T 236 -94.90 111.85 45.00
N VAL T 237 -95.57 110.75 45.34
CA VAL T 237 -95.30 109.46 44.72
C VAL T 237 -95.32 109.59 43.19
N ASN T 238 -96.47 110.01 42.64
CA ASN T 238 -96.63 110.14 41.20
C ASN T 238 -95.55 111.00 40.57
N ALA T 239 -95.49 112.27 40.96
CA ALA T 239 -94.60 113.22 40.30
C ALA T 239 -93.16 112.75 40.31
N LEU T 240 -92.63 112.45 41.51
CA LEU T 240 -91.22 112.08 41.62
C LEU T 240 -90.93 110.80 40.85
N LEU T 241 -91.84 109.82 40.92
CA LEU T 241 -91.65 108.55 40.22
C LEU T 241 -91.47 108.78 38.73
N GLN T 242 -92.51 109.27 38.06
CA GLN T 242 -92.43 109.48 36.61
C GLN T 242 -91.35 110.49 36.24
N MET T 243 -90.94 111.33 37.18
CA MET T 243 -89.94 112.36 36.93
C MET T 243 -88.63 111.76 36.44
N GLN T 244 -87.94 111.04 37.33
CA GLN T 244 -86.64 110.48 36.99
C GLN T 244 -86.75 109.15 36.24
N SER T 245 -87.96 108.62 36.08
CA SER T 245 -88.17 107.38 35.35
C SER T 245 -88.43 107.61 33.87
N VAL T 246 -88.30 108.86 33.41
CA VAL T 246 -88.64 109.23 32.04
C VAL T 246 -87.85 108.36 31.06
N THR T 247 -88.58 107.70 30.15
CA THR T 247 -88.01 106.86 29.10
C THR T 247 -87.14 105.73 29.65
N ARG T 248 -87.37 105.34 30.90
CA ARG T 248 -86.57 104.27 31.49
C ARG T 248 -87.49 103.20 32.06
N GLU T 249 -88.19 103.53 33.15
CA GLU T 249 -89.17 102.60 33.70
C GLU T 249 -90.41 102.53 32.81
N ALA T 250 -90.96 103.69 32.43
CA ALA T 250 -92.14 103.71 31.60
C ALA T 250 -91.90 103.09 30.23
N ALA T 251 -90.76 103.43 29.61
CA ALA T 251 -90.43 102.83 28.32
C ALA T 251 -90.32 101.31 28.45
N GLN T 252 -89.61 100.85 29.48
CA GLN T 252 -89.53 99.42 29.74
C GLN T 252 -90.89 98.82 30.03
N LEU T 253 -91.83 99.63 30.54
CA LEU T 253 -93.18 99.14 30.80
C LEU T 253 -93.91 98.84 29.49
N ILE T 254 -93.91 99.80 28.57
CA ILE T 254 -94.60 99.59 27.28
C ILE T 254 -93.94 98.46 26.51
N HIS T 255 -92.60 98.40 26.52
CA HIS T 255 -91.91 97.35 25.77
C HIS T 255 -92.14 95.98 26.35
N PRO T 256 -92.01 95.76 27.66
CA PRO T 256 -92.34 94.42 28.17
C PRO T 256 -93.82 94.09 28.05
N GLU T 257 -94.71 95.04 28.35
CA GLU T 257 -96.14 94.79 28.15
C GLU T 257 -96.45 94.53 26.68
N ALA T 258 -95.64 95.07 25.77
CA ALA T 258 -95.75 94.69 24.37
C ALA T 258 -95.52 93.20 24.17
N PRO T 259 -94.35 92.64 24.49
CA PRO T 259 -94.15 91.20 24.41
C PRO T 259 -94.37 90.48 25.74
N MET T 260 -95.54 90.66 26.32
CA MET T 260 -95.95 89.94 27.52
C MET T 260 -97.43 90.23 27.76
N LEU T 261 -97.95 89.67 28.86
CA LEU T 261 -99.30 89.96 29.32
C LEU T 261 -99.25 91.10 30.33
N MET T 262 -100.39 91.37 30.97
CA MET T 262 -100.51 92.47 31.92
C MET T 262 -99.35 92.61 32.89
N ARG T 267 -104.42 93.84 40.06
CA ARG T 267 -104.68 92.92 41.15
C ARG T 267 -103.89 93.28 42.40
N ARG T 268 -104.23 94.41 43.04
CA ARG T 268 -103.48 94.85 44.22
C ARG T 268 -103.39 93.76 45.29
N LEU T 269 -104.44 92.93 45.45
CA LEU T 269 -104.39 91.93 46.51
C LEU T 269 -103.37 90.84 46.21
N PRO T 270 -103.38 90.16 45.05
CA PRO T 270 -102.26 89.26 44.76
C PRO T 270 -100.94 89.99 44.55
N LEU T 271 -101.00 91.19 43.99
CA LEU T 271 -99.80 92.02 43.86
C LEU T 271 -99.06 92.11 45.18
N TYR T 272 -99.71 92.66 46.20
CA TYR T 272 -99.04 92.88 47.48
C TYR T 272 -98.58 91.59 48.12
N GLU T 273 -99.33 90.50 47.97
CA GLU T 273 -98.90 89.24 48.57
C GLU T 273 -97.81 88.57 47.76
N ALA T 274 -97.71 88.87 46.46
CA ALA T 274 -96.58 88.41 45.67
C ALA T 274 -95.37 89.30 45.83
N LEU T 275 -95.59 90.59 46.11
CA LEU T 275 -94.48 91.48 46.38
C LEU T 275 -93.77 91.10 47.65
N VAL T 276 -94.49 90.48 48.58
CA VAL T 276 -93.86 89.96 49.79
C VAL T 276 -92.99 88.76 49.47
N ALA T 277 -93.56 87.78 48.78
CA ALA T 277 -92.84 86.55 48.53
C ALA T 277 -91.65 86.76 47.61
N TRP T 278 -91.75 87.71 46.69
CA TRP T 278 -90.58 88.02 45.86
C TRP T 278 -89.51 88.72 46.67
N LEU T 279 -89.91 89.73 47.44
CA LEU T 279 -88.95 90.54 48.16
C LEU T 279 -88.07 89.68 49.04
N ALA T 280 -88.62 88.60 49.58
CA ALA T 280 -87.83 87.67 50.38
C ALA T 280 -86.89 86.86 49.50
N HIS T 281 -87.47 86.08 48.58
CA HIS T 281 -86.66 85.27 47.67
C HIS T 281 -85.54 86.06 47.03
N ALA T 282 -85.79 87.31 46.68
CA ALA T 282 -84.74 88.15 46.10
C ALA T 282 -83.54 88.22 47.04
N GLY T 283 -83.74 88.78 48.24
CA GLY T 283 -82.63 88.98 49.14
C GLY T 283 -81.95 87.71 49.59
N GLN T 284 -82.66 86.58 49.52
CA GLN T 284 -82.02 85.29 49.75
C GLN T 284 -81.01 84.98 48.68
N LEU T 285 -81.21 85.46 47.45
CA LEU T 285 -80.23 85.28 46.39
C LEU T 285 -79.08 86.26 46.51
N GLY T 286 -79.37 87.48 46.93
CA GLY T 286 -78.29 88.42 47.19
C GLY T 286 -77.39 87.95 48.31
N ASP T 287 -77.93 87.17 49.24
CA ASP T 287 -77.11 86.61 50.30
C ASP T 287 -76.25 85.47 49.78
N ILE T 288 -76.87 84.50 49.11
CA ILE T 288 -76.13 83.41 48.47
C ILE T 288 -75.03 83.98 47.58
N LEU T 289 -75.49 84.79 46.66
CA LEU T 289 -74.61 85.50 45.77
C LEU T 289 -73.97 86.63 46.58
N ALA T 290 -72.98 87.25 45.94
CA ALA T 290 -72.07 88.35 46.36
C ALA T 290 -70.85 87.81 47.09
N LEU T 291 -70.82 86.50 47.32
CA LEU T 291 -69.66 85.83 47.86
C LEU T 291 -68.81 86.63 48.81
N ALA T 292 -69.38 87.09 49.92
CA ALA T 292 -68.71 87.97 50.85
C ALA T 292 -67.33 87.40 51.13
N PRO T 293 -66.28 88.22 51.12
CA PRO T 293 -64.93 87.70 51.32
C PRO T 293 -64.75 87.11 52.70
N ALA T 294 -64.14 85.94 52.75
CA ALA T 294 -63.77 85.38 54.03
C ALA T 294 -62.54 86.05 54.62
N VAL T 295 -61.53 86.33 53.78
CA VAL T 295 -60.21 86.73 54.26
C VAL T 295 -59.69 87.81 53.32
N ARG T 296 -58.52 88.36 53.63
CA ARG T 296 -57.71 89.18 52.73
C ARG T 296 -56.34 88.53 52.63
N VAL T 297 -55.59 88.96 51.63
CA VAL T 297 -54.16 88.70 51.58
C VAL T 297 -53.45 89.99 51.99
N CYS T 298 -52.65 89.92 53.05
CA CYS T 298 -51.70 90.97 53.38
C CYS T 298 -50.35 90.29 53.59
N THR T 299 -49.43 90.50 52.66
CA THR T 299 -48.13 89.84 52.68
C THR T 299 -47.10 90.77 53.31
N PHE T 300 -45.87 90.29 53.36
CA PHE T 300 -44.73 91.01 53.89
C PHE T 300 -43.56 90.09 53.68
N ASP T 301 -42.43 90.63 53.29
CA ASP T 301 -41.28 89.77 53.13
C ASP T 301 -41.83 88.61 52.38
N GLY T 302 -42.60 88.88 51.34
CA GLY T 302 -43.21 87.85 50.54
C GLY T 302 -43.21 88.33 49.11
N ALA T 303 -43.54 87.43 48.22
CA ALA T 303 -43.51 87.69 46.80
C ALA T 303 -44.39 88.83 46.29
N ALA T 304 -45.53 89.01 46.95
CA ALA T 304 -46.62 90.00 46.75
C ALA T 304 -47.65 89.56 45.75
N VAL T 305 -47.37 88.46 45.09
CA VAL T 305 -48.27 87.86 44.14
C VAL T 305 -48.07 86.40 44.44
N VAL T 306 -49.15 85.68 44.64
CA VAL T 306 -49.00 84.31 44.96
C VAL T 306 -49.33 83.54 43.73
N GLN T 307 -48.34 82.84 43.21
CA GLN T 307 -48.47 82.04 42.02
C GLN T 307 -49.31 80.84 42.28
N SER T 308 -50.03 80.39 41.28
CA SER T 308 -50.99 79.36 41.49
C SER T 308 -50.34 78.21 42.15
N GLY T 309 -51.04 77.61 43.09
CA GLY T 309 -50.51 76.48 43.81
C GLY T 309 -49.46 76.83 44.83
N ASP T 310 -49.36 78.07 45.24
CA ASP T 310 -48.37 78.41 46.23
C ASP T 310 -49.05 78.94 47.45
N MET T 311 -48.53 78.61 48.62
CA MET T 311 -49.13 79.08 49.85
C MET T 311 -49.03 80.55 49.91
N ALA T 312 -50.11 81.13 50.32
CA ALA T 312 -50.23 82.56 50.41
C ALA T 312 -50.62 82.99 51.81
N PRO T 313 -50.01 84.06 52.33
CA PRO T 313 -50.47 84.61 53.60
C PRO T 313 -51.90 85.08 53.44
N VAL T 314 -52.62 85.20 54.55
CA VAL T 314 -54.02 85.63 54.50
C VAL T 314 -54.52 86.06 55.88
N ILE T 315 -55.40 87.03 55.98
CA ILE T 315 -55.83 87.46 57.29
C ILE T 315 -57.32 87.50 57.33
N ARG T 316 -57.86 87.43 58.52
CA ARG T 316 -59.28 87.25 58.70
C ARG T 316 -60.31 88.22 58.15
N TYR T 317 -60.09 89.51 58.16
CA TYR T 317 -61.14 90.38 57.60
C TYR T 317 -60.65 91.26 56.49
N PRO T 318 -61.39 91.29 55.36
CA PRO T 318 -61.19 92.03 54.11
C PRO T 318 -60.16 93.20 54.18
N CYS U 5 -61.86 97.06 73.43
CA CYS U 5 -63.20 96.76 72.95
C CYS U 5 -64.00 98.04 72.79
N PHE U 6 -63.33 99.18 72.92
CA PHE U 6 -64.04 100.44 72.84
C PHE U 6 -65.47 100.30 73.36
N GLU U 7 -65.62 99.98 74.62
CA GLU U 7 -66.93 99.98 75.25
C GLU U 7 -67.42 101.39 75.53
N ALA U 8 -68.71 101.60 75.31
CA ALA U 8 -69.35 102.88 75.60
C ALA U 8 -70.09 102.78 76.92
N ASP U 9 -69.67 103.58 77.90
CA ASP U 9 -70.37 103.61 79.17
C ASP U 9 -71.61 104.47 79.06
N ILE U 10 -72.64 104.09 79.82
CA ILE U 10 -73.91 104.80 79.82
C ILE U 10 -74.31 104.99 81.27
N ALA U 11 -74.40 106.23 81.70
CA ALA U 11 -74.57 106.53 83.12
C ALA U 11 -76.03 106.48 83.52
N ILE U 12 -76.35 105.64 84.51
CA ILE U 12 -77.67 105.68 85.13
C ILE U 12 -77.78 106.93 85.98
N PRO U 13 -78.66 107.88 85.67
CA PRO U 13 -78.35 109.02 86.55
C PRO U 13 -79.18 109.22 87.77
N SER U 14 -78.49 109.16 88.91
CA SER U 14 -79.00 109.30 90.26
C SER U 14 -80.10 108.32 90.63
N GLY U 15 -81.20 108.83 91.15
CA GLY U 15 -82.29 108.00 91.60
C GLY U 15 -83.00 107.15 90.57
N ILE U 16 -83.18 105.91 90.97
CA ILE U 16 -83.85 104.90 90.19
C ILE U 16 -84.46 104.12 91.33
N SER U 17 -85.55 103.40 91.10
CA SER U 17 -86.19 102.69 92.21
C SER U 17 -85.72 101.25 92.39
N ARG U 18 -85.23 100.89 93.56
CA ARG U 18 -84.76 99.50 93.68
C ARG U 18 -85.54 98.57 92.75
N PRO U 19 -86.84 98.72 92.53
CA PRO U 19 -87.50 97.91 91.51
C PRO U 19 -87.04 98.24 90.11
N ASP U 20 -86.66 99.50 89.84
CA ASP U 20 -86.18 99.86 88.52
C ASP U 20 -84.77 99.36 88.30
N ALA U 21 -83.92 99.43 89.31
CA ALA U 21 -82.57 98.92 89.19
C ALA U 21 -82.55 97.41 89.02
N ALA U 22 -83.56 96.72 89.57
CA ALA U 22 -83.66 95.29 89.34
C ALA U 22 -84.12 94.99 87.93
N ALA U 23 -84.79 95.95 87.29
CA ALA U 23 -85.20 95.76 85.90
C ALA U 23 -84.01 95.88 84.97
N LEU U 24 -83.09 96.80 85.26
CA LEU U 24 -81.91 96.93 84.43
C LEU U 24 -80.95 95.77 84.61
N GLN U 25 -81.01 95.08 85.74
CA GLN U 25 -80.09 93.97 85.95
C GLN U 25 -80.32 92.87 84.93
N ARG U 26 -81.56 92.68 84.48
CA ARG U 26 -81.88 91.64 83.53
C ARG U 26 -81.84 92.12 82.09
N CYS U 27 -81.45 93.37 81.85
CA CYS U 27 -81.33 93.88 80.50
C CYS U 27 -79.97 93.65 79.88
N GLU U 28 -79.06 92.97 80.58
CA GLU U 28 -77.80 92.60 79.97
C GLU U 28 -78.02 91.60 78.86
N GLY U 29 -77.25 91.74 77.78
CA GLY U 29 -77.43 90.94 76.60
C GLY U 29 -78.41 91.50 75.60
N ARG U 30 -79.12 92.56 75.96
CA ARG U 30 -80.06 93.20 75.06
C ARG U 30 -79.33 94.26 74.25
N VAL U 31 -80.03 94.90 73.33
CA VAL U 31 -79.42 95.78 72.37
C VAL U 31 -79.89 97.21 72.60
N VAL U 32 -78.98 98.14 72.38
CA VAL U 32 -79.21 99.56 72.52
C VAL U 32 -78.75 100.26 71.25
N PHE U 33 -79.44 101.33 70.87
CA PHE U 33 -79.03 102.15 69.73
C PHE U 33 -78.59 103.50 70.27
N LEU U 34 -77.30 103.86 70.13
CA LEU U 34 -76.71 105.16 70.65
C LEU U 34 -76.43 106.09 69.52
N PRO U 35 -76.67 107.38 69.71
CA PRO U 35 -76.75 108.24 68.54
C PRO U 35 -75.44 108.93 68.22
N THR U 36 -74.36 108.15 68.25
CA THR U 36 -72.97 108.62 68.24
C THR U 36 -72.06 107.43 68.51
N ILE U 37 -70.76 107.62 68.40
CA ILE U 37 -69.80 106.70 68.98
C ILE U 37 -69.09 107.46 70.08
N ARG U 38 -69.46 107.12 71.30
CA ARG U 38 -68.97 107.82 72.46
C ARG U 38 -68.46 107.02 73.64
N ARG U 39 -67.70 107.73 74.44
CA ARG U 39 -67.04 107.29 75.63
C ARG U 39 -67.81 107.77 76.85
N GLN U 40 -68.42 108.94 76.77
CA GLN U 40 -69.22 109.52 77.85
C GLN U 40 -70.55 109.73 77.22
N LEU U 41 -71.62 109.35 77.89
CA LEU U 41 -72.92 109.43 77.30
C LEU U 41 -73.94 109.52 78.40
N ALA U 42 -75.15 109.95 78.09
CA ALA U 42 -76.18 110.09 79.10
C ALA U 42 -77.19 108.99 78.91
N LEU U 43 -77.84 108.57 79.98
CA LEU U 43 -78.80 107.47 79.91
C LEU U 43 -79.99 107.76 79.01
N ALA U 44 -80.35 109.03 78.92
CA ALA U 44 -81.51 109.53 78.21
C ALA U 44 -81.29 109.63 76.71
N ASP U 45 -80.04 109.56 76.25
CA ASP U 45 -79.80 109.51 74.81
C ASP U 45 -80.18 108.16 74.22
N VAL U 46 -80.14 107.11 75.03
CA VAL U 46 -80.54 105.77 74.60
C VAL U 46 -82.05 105.54 74.67
N ALA U 47 -82.74 106.23 75.57
CA ALA U 47 -84.13 105.90 75.84
C ALA U 47 -85.00 106.14 74.63
N HIS U 48 -86.18 105.50 74.64
CA HIS U 48 -87.14 105.66 73.57
C HIS U 48 -87.63 107.10 73.46
N GLU U 49 -87.47 107.90 74.50
CA GLU U 49 -87.77 109.32 74.41
C GLU U 49 -86.83 110.03 73.44
N SER U 50 -85.67 109.46 73.16
CA SER U 50 -84.77 110.05 72.17
C SER U 50 -85.16 109.69 70.75
N PHE U 51 -85.78 108.52 70.57
CA PHE U 51 -86.30 108.15 69.26
C PHE U 51 -87.37 109.12 68.77
N VAL U 52 -87.92 109.93 69.67
CA VAL U 52 -89.01 110.82 69.29
C VAL U 52 -88.45 111.90 68.37
N SER U 53 -89.00 111.96 67.16
CA SER U 53 -88.68 113.02 66.21
C SER U 53 -89.45 114.26 66.65
N GLY U 54 -89.52 115.29 65.82
CA GLY U 54 -90.21 116.46 66.31
C GLY U 54 -91.64 116.13 66.70
N GLY U 55 -91.91 116.22 67.99
CA GLY U 55 -93.24 116.06 68.53
C GLY U 55 -93.84 114.68 68.46
N VAL U 56 -93.25 113.75 67.71
CA VAL U 56 -93.93 112.51 67.39
C VAL U 56 -92.98 111.32 67.52
N SER U 57 -93.61 110.25 68.01
CA SER U 57 -92.98 108.99 68.23
C SER U 57 -93.01 108.32 66.88
N PRO U 58 -91.90 107.75 66.46
CA PRO U 58 -91.98 107.10 65.16
C PRO U 58 -92.79 105.82 65.26
N ASP U 59 -93.43 105.45 64.16
CA ASP U 59 -94.23 104.22 64.11
C ASP U 59 -93.25 103.07 64.07
N THR U 60 -93.73 101.89 63.68
CA THR U 60 -92.82 100.75 63.61
C THR U 60 -92.11 100.59 62.28
N LEU U 61 -92.28 101.55 61.38
CA LEU U 61 -91.49 101.56 60.15
C LEU U 61 -90.58 102.77 60.34
N GLY U 62 -90.99 103.72 61.18
CA GLY U 62 -90.17 104.84 61.56
C GLY U 62 -89.01 104.41 62.41
N LEU U 63 -89.20 103.42 63.29
CA LEU U 63 -88.06 102.95 64.09
C LEU U 63 -87.00 102.33 63.21
N LEU U 64 -87.38 101.41 62.31
CA LEU U 64 -86.42 100.83 61.39
C LEU U 64 -85.57 101.91 60.72
N LEU U 65 -86.18 103.03 60.37
CA LEU U 65 -85.41 104.13 59.80
C LEU U 65 -84.57 104.81 60.87
N ALA U 66 -85.02 104.79 62.11
CA ALA U 66 -84.18 105.32 63.18
C ALA U 66 -83.07 104.34 63.54
N TYR U 67 -83.37 103.04 63.56
CA TYR U 67 -82.31 102.07 63.78
C TYR U 67 -81.39 101.99 62.57
N ARG U 68 -81.85 102.41 61.39
CA ARG U 68 -80.95 102.62 60.27
C ARG U 68 -79.85 103.59 60.63
N ARG U 69 -80.26 104.76 61.09
CA ARG U 69 -79.33 105.76 61.62
C ARG U 69 -79.11 105.33 63.08
N ARG U 70 -77.95 105.72 63.63
CA ARG U 70 -77.37 105.45 64.98
C ARG U 70 -76.71 104.09 65.02
N PHE U 71 -76.17 103.67 66.16
CA PHE U 71 -75.43 102.38 66.25
C PHE U 71 -75.87 101.31 67.27
N PRO U 72 -76.20 100.08 66.82
CA PRO U 72 -76.65 99.02 67.71
C PRO U 72 -75.51 98.69 68.60
N ALA U 73 -75.78 98.53 69.88
CA ALA U 73 -74.77 98.19 70.84
C ALA U 73 -75.42 97.15 71.70
N VAL U 74 -74.75 96.06 72.00
CA VAL U 74 -75.31 95.01 72.82
C VAL U 74 -74.82 95.22 74.22
N ILE U 75 -75.68 95.31 75.21
CA ILE U 75 -75.22 95.52 76.56
C ILE U 75 -74.38 94.35 77.03
N THR U 76 -73.16 94.56 77.51
CA THR U 76 -72.33 93.49 78.03
C THR U 76 -72.49 93.27 79.53
N ARG U 77 -72.40 94.36 80.30
CA ARG U 77 -72.55 94.33 81.76
C ARG U 77 -73.22 95.59 82.27
N VAL U 78 -73.92 95.53 83.39
CA VAL U 78 -74.55 96.72 83.96
C VAL U 78 -74.07 97.01 85.39
N LEU U 79 -73.45 98.16 85.63
CA LEU U 79 -72.89 98.50 86.94
C LEU U 79 -73.76 99.48 87.63
N PRO U 80 -73.50 99.74 88.91
CA PRO U 80 -74.44 100.59 89.63
C PRO U 80 -74.62 101.94 88.99
N THR U 81 -73.57 102.56 88.49
CA THR U 81 -73.75 103.86 87.86
C THR U 81 -73.47 103.98 86.38
N ARG U 82 -73.29 102.88 85.69
CA ARG U 82 -73.02 102.87 84.27
C ARG U 82 -73.51 101.58 83.64
N ILE U 83 -73.74 101.60 82.34
CA ILE U 83 -74.14 100.49 81.49
C ILE U 83 -73.08 100.36 80.42
N VAL U 84 -72.54 99.15 80.27
CA VAL U 84 -71.45 98.91 79.35
C VAL U 84 -71.99 98.16 78.15
N ALA U 85 -71.95 98.79 76.99
CA ALA U 85 -72.35 98.16 75.74
C ALA U 85 -71.31 98.51 74.68
N CYS U 86 -70.82 97.51 73.95
CA CYS U 86 -69.73 97.73 72.99
C CYS U 86 -70.32 97.83 71.59
N PRO U 87 -70.11 98.94 70.89
CA PRO U 87 -70.88 99.25 69.68
C PRO U 87 -70.56 98.38 68.47
N VAL U 88 -71.33 97.30 68.31
CA VAL U 88 -71.12 96.26 67.31
C VAL U 88 -70.76 96.83 65.94
N ASP U 89 -71.35 97.96 65.57
CA ASP U 89 -71.00 98.59 64.30
C ASP U 89 -69.53 98.93 64.22
N LEU U 90 -68.83 99.02 65.35
CA LEU U 90 -67.42 99.37 65.39
C LEU U 90 -66.61 98.40 66.23
N GLY U 91 -66.93 98.33 67.51
CA GLY U 91 -66.08 97.70 68.50
C GLY U 91 -66.30 96.21 68.60
N LEU U 92 -66.76 95.63 67.51
CA LEU U 92 -67.01 94.20 67.45
C LEU U 92 -65.71 93.38 67.56
N THR U 93 -64.56 94.03 67.66
CA THR U 93 -63.32 93.28 67.68
C THR U 93 -62.93 92.72 69.03
N HIS U 94 -63.49 91.55 69.29
CA HIS U 94 -63.28 90.77 70.48
C HIS U 94 -62.79 89.44 69.96
N ALA U 95 -61.89 88.81 70.71
CA ALA U 95 -61.42 87.53 70.28
C ALA U 95 -62.53 86.51 70.26
N GLY U 96 -63.41 86.54 71.26
CA GLY U 96 -64.43 85.52 71.30
C GLY U 96 -65.92 85.61 71.03
N THR U 97 -66.55 86.77 70.99
CA THR U 97 -67.98 86.49 70.76
C THR U 97 -68.98 87.00 71.81
N VAL U 98 -69.29 88.30 71.81
CA VAL U 98 -70.20 88.91 72.78
C VAL U 98 -71.57 88.25 72.87
N ASN U 99 -72.17 88.13 74.05
CA ASN U 99 -73.46 87.45 74.24
C ASN U 99 -74.69 88.25 73.86
N LEU U 100 -75.56 87.69 73.04
CA LEU U 100 -76.75 88.35 72.61
C LEU U 100 -77.88 87.61 73.24
N ARG U 101 -78.80 88.31 73.83
CA ARG U 101 -79.81 87.56 74.51
C ARG U 101 -80.93 87.42 73.53
N ASN U 102 -81.29 86.21 73.18
CA ASN U 102 -82.37 86.01 72.24
C ASN U 102 -83.66 86.45 72.91
N THR U 103 -84.26 87.50 72.37
CA THR U 103 -85.58 87.95 72.81
C THR U 103 -86.44 87.90 71.56
N SER U 104 -87.30 86.90 71.50
CA SER U 104 -88.06 86.59 70.30
C SER U 104 -88.75 85.25 70.52
N PRO U 105 -89.88 85.01 69.86
CA PRO U 105 -90.41 83.64 69.79
C PRO U 105 -89.53 82.71 68.98
N VAL U 106 -88.56 83.25 68.26
CA VAL U 106 -87.85 82.53 67.20
C VAL U 106 -86.65 81.80 67.79
N ASP U 107 -85.86 81.16 66.97
CA ASP U 107 -84.70 80.44 67.52
C ASP U 107 -83.67 80.50 66.50
N LEU U 108 -82.52 80.86 66.98
CA LEU U 108 -81.46 81.15 66.09
C LEU U 108 -80.81 80.18 65.13
N CYS U 109 -80.58 78.93 65.55
CA CYS U 109 -79.81 77.89 64.80
C CYS U 109 -78.34 78.27 64.89
N ASN U 110 -77.49 77.82 64.00
CA ASN U 110 -76.10 78.17 64.10
C ASN U 110 -75.63 78.75 62.79
N GLY U 111 -75.10 79.95 62.78
CA GLY U 111 -74.70 80.51 61.53
C GLY U 111 -75.73 81.51 61.04
N ASP U 112 -76.92 81.53 61.60
CA ASP U 112 -77.93 82.50 61.21
C ASP U 112 -77.42 83.92 61.43
N PRO U 113 -77.32 84.72 60.38
CA PRO U 113 -77.06 86.14 60.59
C PRO U 113 -78.22 86.73 61.37
N VAL U 114 -77.90 87.67 62.26
CA VAL U 114 -78.91 88.24 63.14
C VAL U 114 -79.03 89.72 62.82
N SER U 115 -80.20 90.10 62.32
CA SER U 115 -80.57 91.50 62.16
C SER U 115 -81.69 91.80 63.14
N LEU U 116 -81.76 93.06 63.55
CA LEU U 116 -82.68 93.41 64.60
C LEU U 116 -83.96 93.98 64.00
N VAL U 117 -84.98 94.10 64.84
CA VAL U 117 -86.30 94.53 64.41
C VAL U 117 -86.95 95.26 65.59
N PRO U 118 -87.74 96.32 65.38
CA PRO U 118 -88.50 96.89 66.48
C PRO U 118 -89.45 95.86 67.04
N PRO U 119 -89.88 95.99 68.30
CA PRO U 119 -90.73 94.85 68.66
C PRO U 119 -91.97 94.84 67.79
N VAL U 120 -92.28 93.70 67.18
CA VAL U 120 -93.38 93.57 66.24
C VAL U 120 -94.36 92.41 66.36
N PHE U 121 -94.35 91.65 67.45
CA PHE U 121 -95.23 90.49 67.56
C PHE U 121 -96.36 90.76 68.51
N GLU U 122 -97.51 90.12 68.30
CA GLU U 122 -98.67 90.34 69.16
C GLU U 122 -98.40 89.95 70.62
N GLY U 123 -97.79 88.79 70.88
CA GLY U 123 -97.38 88.50 72.25
C GLY U 123 -95.94 88.98 72.32
N GLN U 124 -95.74 90.24 72.64
CA GLN U 124 -94.37 90.70 72.65
C GLN U 124 -94.15 92.08 73.22
N ALA U 125 -93.93 92.21 74.52
CA ALA U 125 -93.69 93.54 75.07
C ALA U 125 -92.23 93.65 75.47
N THR U 126 -91.52 94.52 74.76
CA THR U 126 -90.10 94.75 75.02
C THR U 126 -89.88 96.10 75.64
N ASP U 127 -90.94 96.77 76.04
CA ASP U 127 -90.80 98.09 76.61
C ASP U 127 -90.76 97.99 78.11
N VAL U 128 -89.70 98.50 78.72
CA VAL U 128 -89.58 98.47 80.18
C VAL U 128 -89.70 99.90 80.67
N ARG U 129 -90.56 100.13 81.65
CA ARG U 129 -90.75 101.47 82.15
C ARG U 129 -89.95 101.67 83.41
N LEU U 130 -89.25 102.79 83.50
CA LEU U 130 -88.47 103.10 84.68
C LEU U 130 -89.04 104.38 85.25
N GLU U 131 -89.69 104.28 86.42
CA GLU U 131 -90.50 105.39 86.92
C GLU U 131 -89.67 106.47 87.60
N SER U 132 -88.55 106.12 88.24
CA SER U 132 -87.79 107.15 88.95
C SER U 132 -87.39 108.26 88.02
N LEU U 133 -86.87 107.96 86.85
CA LEU U 133 -86.51 109.02 85.94
C LEU U 133 -87.29 108.82 84.67
N ASP U 134 -87.99 109.82 84.23
CA ASP U 134 -88.81 109.50 83.13
C ASP U 134 -88.05 109.08 81.92
N LEU U 135 -88.08 107.77 81.71
CA LEU U 135 -87.61 107.15 80.49
C LEU U 135 -87.94 105.70 80.35
N THR U 136 -87.89 105.19 79.13
CA THR U 136 -88.27 103.83 78.84
C THR U 136 -87.26 103.16 77.95
N LEU U 137 -87.40 101.86 77.71
CA LEU U 137 -86.41 101.27 76.82
C LEU U 137 -87.11 100.19 76.00
N ARG U 138 -87.23 100.39 74.69
CA ARG U 138 -87.72 99.33 73.85
C ARG U 138 -86.54 98.56 73.28
N PHE U 139 -86.49 97.34 73.57
CA PHE U 139 -85.34 96.66 73.02
C PHE U 139 -85.70 96.00 71.72
N PRO U 140 -84.89 96.15 70.69
CA PRO U 140 -85.18 95.49 69.42
C PRO U 140 -85.20 93.99 69.57
N VAL U 141 -85.91 93.34 68.65
CA VAL U 141 -86.02 91.89 68.64
C VAL U 141 -84.97 91.35 67.68
N PRO U 142 -83.97 90.61 68.15
CA PRO U 142 -83.08 89.91 67.24
C PRO U 142 -83.84 88.80 66.53
N LEU U 143 -83.37 88.47 65.34
CA LEU U 143 -84.12 87.64 64.40
C LEU U 143 -83.24 87.27 63.23
N PRO U 144 -83.37 86.05 62.71
CA PRO U 144 -82.60 85.68 61.53
C PRO U 144 -82.94 86.62 60.39
N THR U 145 -81.94 86.97 59.59
CA THR U 145 -82.22 87.83 58.44
C THR U 145 -83.25 87.25 57.48
N PRO U 146 -83.34 85.94 57.23
CA PRO U 146 -84.46 85.45 56.44
C PRO U 146 -85.80 85.85 57.00
N LEU U 147 -85.96 85.77 58.32
CA LEU U 147 -87.23 86.13 58.92
C LEU U 147 -87.38 87.64 59.04
N ALA U 148 -86.32 88.34 59.43
CA ALA U 148 -86.41 89.78 59.55
C ALA U 148 -86.67 90.46 58.22
N ARG U 149 -86.24 89.87 57.12
CA ARG U 149 -86.54 90.43 55.81
C ARG U 149 -87.95 90.08 55.36
N GLU U 150 -88.49 88.95 55.81
CA GLU U 150 -89.89 88.67 55.52
C GLU U 150 -90.80 89.64 56.25
N ILE U 151 -90.44 90.00 57.48
CA ILE U 151 -91.25 90.92 58.26
C ILE U 151 -91.26 92.31 57.63
N VAL U 152 -90.08 92.84 57.34
CA VAL U 152 -90.02 94.18 56.76
C VAL U 152 -90.84 94.24 55.49
N ALA U 153 -90.74 93.21 54.65
CA ALA U 153 -91.60 93.14 53.48
C ALA U 153 -93.07 93.21 53.86
N ARG U 154 -93.45 92.55 54.95
CA ARG U 154 -94.84 92.60 55.38
C ARG U 154 -95.24 94.00 55.79
N LEU U 155 -94.38 94.67 56.57
CA LEU U 155 -94.71 96.02 57.03
C LEU U 155 -94.72 97.00 55.88
N VAL U 156 -93.76 96.85 54.95
CA VAL U 156 -93.72 97.73 53.79
C VAL U 156 -95.00 97.59 52.98
N ALA U 157 -95.32 96.37 52.57
CA ALA U 157 -96.49 96.16 51.74
C ALA U 157 -97.77 96.56 52.46
N ARG U 158 -97.85 96.30 53.77
CA ARG U 158 -99.05 96.69 54.51
C ARG U 158 -99.20 98.20 54.54
N GLY U 159 -98.10 98.92 54.74
CA GLY U 159 -98.16 100.36 54.64
C GLY U 159 -98.46 100.84 53.23
N ILE U 160 -98.06 100.07 52.23
CA ILE U 160 -98.37 100.41 50.86
C ILE U 160 -99.79 100.00 50.50
N ARG U 161 -100.21 98.83 50.96
CA ARG U 161 -101.57 98.38 50.68
C ARG U 161 -102.58 99.34 51.26
N ASP U 162 -102.44 99.64 52.56
CA ASP U 162 -103.32 100.58 53.23
C ASP U 162 -103.08 102.02 52.81
N LEU U 163 -102.17 102.23 51.87
CA LEU U 163 -101.93 103.56 51.33
C LEU U 163 -102.76 103.71 50.07
N ASN U 164 -102.83 102.66 49.27
CA ASN U 164 -103.63 102.69 48.05
C ASN U 164 -105.11 102.78 48.32
N PRO U 165 -105.82 103.59 47.46
CA PRO U 165 -107.26 103.66 47.75
C PRO U 165 -108.00 102.32 47.61
N ARG U 168 -111.35 101.25 46.20
CA ARG U 168 -111.49 100.56 44.92
C ARG U 168 -112.04 99.15 45.13
N THR U 169 -111.13 98.20 45.32
CA THR U 169 -111.51 96.83 45.62
C THR U 169 -112.16 96.80 47.00
N PRO U 170 -112.87 95.70 47.35
CA PRO U 170 -113.57 95.67 48.64
C PRO U 170 -112.66 95.80 49.85
N GLY U 171 -113.26 95.84 51.03
CA GLY U 171 -112.55 96.12 52.25
C GLY U 171 -111.89 94.94 52.93
N GLU U 172 -111.89 93.78 52.29
CA GLU U 172 -111.27 92.58 52.85
C GLU U 172 -110.06 92.24 52.00
N LEU U 173 -108.87 92.48 52.56
CA LEU U 173 -107.60 92.40 51.86
C LEU U 173 -106.92 91.10 52.30
N PRO U 174 -105.75 90.75 51.77
CA PRO U 174 -105.07 89.56 52.27
C PRO U 174 -104.44 89.82 53.65
N ASP U 175 -103.92 88.74 54.24
CA ASP U 175 -103.39 88.81 55.60
C ASP U 175 -102.20 89.76 55.72
N LEU U 176 -101.03 89.30 55.25
CA LEU U 176 -99.81 90.09 55.28
C LEU U 176 -99.37 90.46 56.69
N ASN U 177 -100.22 90.19 57.67
CA ASN U 177 -99.93 90.47 59.05
C ASN U 177 -99.45 89.23 59.80
N VAL U 178 -99.39 88.08 59.13
CA VAL U 178 -99.14 86.79 59.78
C VAL U 178 -98.05 86.06 59.02
N LEU U 179 -97.13 85.45 59.75
CA LEU U 179 -96.01 84.71 59.21
C LEU U 179 -96.07 83.27 59.71
N TYR U 180 -95.08 82.49 59.30
CA TYR U 180 -94.75 81.22 59.94
C TYR U 180 -93.23 81.08 59.91
N TYR U 181 -92.66 80.77 61.06
CA TYR U 181 -91.25 80.38 61.14
C TYR U 181 -91.23 78.99 61.74
N ASN U 182 -90.85 78.00 60.94
CA ASN U 182 -91.00 76.59 61.28
C ASN U 182 -92.50 76.35 61.45
N GLY U 183 -92.97 75.90 62.60
CA GLY U 183 -94.38 75.94 62.91
C GLY U 183 -94.65 77.33 63.42
N ALA U 184 -95.53 77.47 64.41
CA ALA U 184 -95.57 78.71 65.16
C ALA U 184 -95.98 79.91 64.31
N ARG U 185 -97.26 80.03 64.01
CA ARG U 185 -97.81 81.25 63.44
C ARG U 185 -97.33 82.46 64.22
N LEU U 186 -96.82 83.46 63.49
CA LEU U 186 -96.32 84.68 64.10
C LEU U 186 -97.17 85.83 63.59
N SER U 187 -97.87 86.50 64.50
CA SER U 187 -98.81 87.55 64.13
C SER U 187 -98.15 88.89 64.38
N LEU U 188 -97.89 89.64 63.32
CA LEU U 188 -97.30 90.96 63.45
C LEU U 188 -98.30 91.93 64.08
N VAL U 189 -97.77 93.03 64.60
CA VAL U 189 -98.60 94.09 65.13
C VAL U 189 -98.99 95.02 63.99
N ALA U 190 -100.29 95.17 63.76
CA ALA U 190 -100.81 96.10 62.78
C ALA U 190 -101.33 97.31 63.54
N ASP U 191 -100.68 98.45 63.47
CA ASP U 191 -101.20 99.55 64.29
C ASP U 191 -101.33 100.96 63.69
N VAL U 192 -100.25 101.43 63.14
CA VAL U 192 -100.26 102.73 62.54
C VAL U 192 -99.28 102.70 61.39
N GLN U 193 -99.50 103.53 60.41
CA GLN U 193 -98.56 103.62 59.36
C GLN U 193 -98.43 105.12 59.19
N GLN U 194 -97.23 105.63 59.10
CA GLN U 194 -97.12 107.09 58.94
C GLN U 194 -96.72 107.51 57.55
N LEU U 195 -97.31 108.57 57.01
CA LEU U 195 -96.91 108.98 55.68
C LEU U 195 -95.41 108.86 55.47
N ALA U 196 -94.63 109.66 56.21
CA ALA U 196 -93.21 109.78 55.93
C ALA U 196 -92.50 108.45 56.06
N SER U 197 -92.91 107.62 57.01
CA SER U 197 -92.25 106.34 57.20
C SER U 197 -92.51 105.40 56.04
N VAL U 198 -93.74 105.42 55.51
CA VAL U 198 -94.06 104.56 54.38
C VAL U 198 -93.53 105.13 53.08
N ASN U 199 -93.47 106.46 52.95
CA ASN U 199 -92.95 107.06 51.74
C ASN U 199 -91.53 106.59 51.46
N THR U 200 -90.60 106.90 52.36
CA THR U 200 -89.20 106.50 52.17
C THR U 200 -89.07 105.01 51.90
N GLU U 201 -89.78 104.18 52.66
CA GLU U 201 -89.74 102.75 52.40
C GLU U 201 -90.29 102.43 51.01
N LEU U 202 -91.35 103.12 50.59
CA LEU U 202 -91.83 102.95 49.22
C LEU U 202 -90.89 103.62 48.23
N ARG U 203 -90.35 104.79 48.59
CA ARG U 203 -89.52 105.52 47.66
C ARG U 203 -88.29 104.71 47.27
N SER U 204 -87.62 104.12 48.25
CA SER U 204 -86.40 103.36 47.98
C SER U 204 -86.70 101.99 47.39
N LEU U 205 -87.86 101.43 47.70
CA LEU U 205 -88.28 100.18 47.04
C LEU U 205 -88.48 100.41 45.55
N VAL U 206 -89.34 101.38 45.22
CA VAL U 206 -89.59 101.72 43.82
C VAL U 206 -88.30 102.09 43.12
N LEU U 207 -87.47 102.90 43.77
CA LEU U 207 -86.28 103.42 43.13
C LEU U 207 -85.35 102.30 42.71
N ASN U 208 -85.11 101.35 43.61
CA ASN U 208 -84.13 100.30 43.35
C ASN U 208 -84.63 99.26 42.37
N MET U 209 -85.91 98.91 42.41
CA MET U 209 -86.43 97.95 41.47
C MET U 209 -86.38 98.46 40.04
N VAL U 210 -86.28 99.78 39.87
CA VAL U 210 -86.12 100.35 38.53
C VAL U 210 -84.69 100.14 38.03
N TYR U 211 -83.70 100.49 38.85
CA TYR U 211 -82.31 100.37 38.42
C TYR U 211 -81.91 98.95 38.11
N SER U 212 -82.69 97.97 38.54
CA SER U 212 -82.38 96.57 38.27
C SER U 212 -82.87 96.14 36.90
N ILE U 213 -83.43 97.05 36.11
CA ILE U 213 -83.91 96.77 34.77
C ILE U 213 -82.97 97.43 33.78
N THR U 214 -82.45 96.65 32.85
CA THR U 214 -81.49 97.14 31.86
C THR U 214 -81.90 96.66 30.47
N GLU U 215 -81.05 96.97 29.49
CA GLU U 215 -81.29 96.50 28.13
C GLU U 215 -81.27 94.98 28.07
N GLY U 216 -80.24 94.36 28.63
CA GLY U 216 -80.17 92.92 28.66
C GLY U 216 -81.32 92.26 29.41
N THR U 217 -82.02 93.01 30.25
CA THR U 217 -83.14 92.45 30.99
C THR U 217 -84.22 91.92 30.05
N THR U 218 -84.47 92.65 28.96
CA THR U 218 -85.47 92.23 27.99
C THR U 218 -85.14 90.85 27.45
N LEU U 219 -83.86 90.53 27.33
CA LEU U 219 -83.47 89.19 26.92
C LEU U 219 -83.95 88.15 27.92
N ILE U 220 -84.05 88.51 29.19
CA ILE U 220 -84.53 87.57 30.19
C ILE U 220 -86.05 87.46 30.15
N LEU U 221 -86.74 88.58 29.97
CA LEU U 221 -88.20 88.54 29.91
C LEU U 221 -88.69 87.64 28.79
N THR U 222 -87.85 87.40 27.78
CA THR U 222 -88.18 86.42 26.75
C THR U 222 -88.42 85.05 27.33
N LEU U 223 -87.83 84.75 28.48
CA LEU U 223 -87.79 83.40 29.02
C LEU U 223 -88.99 83.06 29.90
N ILE U 224 -89.93 83.99 30.09
CA ILE U 224 -91.11 83.67 30.90
C ILE U 224 -91.91 82.52 30.31
N PRO U 225 -92.24 82.49 29.02
CA PRO U 225 -92.93 81.31 28.48
C PRO U 225 -92.13 80.05 28.66
N ARG U 226 -90.80 80.18 28.66
CA ARG U 226 -89.94 79.02 28.85
C ARG U 226 -89.97 78.55 30.30
N LEU U 227 -90.05 79.49 31.25
CA LEU U 227 -90.18 79.10 32.65
C LEU U 227 -91.42 78.25 32.87
N LEU U 228 -92.57 78.74 32.43
CA LEU U 228 -93.80 77.99 32.65
C LEU U 228 -93.79 76.65 31.94
N ALA U 229 -92.97 76.50 30.91
CA ALA U 229 -92.77 75.17 30.35
C ALA U 229 -92.14 74.24 31.39
N LEU U 230 -91.29 74.79 32.25
CA LEU U 230 -90.72 74.05 33.36
C LEU U 230 -91.60 74.09 34.59
N SER U 231 -92.58 74.99 34.64
CA SER U 231 -93.50 75.06 35.77
C SER U 231 -94.02 73.68 36.12
N ALA U 232 -94.42 73.11 34.98
CA ALA U 232 -95.10 71.83 34.69
C ALA U 232 -94.42 70.52 34.28
N GLN U 233 -93.13 70.45 34.08
CA GLN U 233 -92.54 69.14 33.82
C GLN U 233 -91.40 68.74 34.72
N ASP U 234 -91.19 69.49 35.79
CA ASP U 234 -90.18 69.25 36.80
C ASP U 234 -90.82 69.49 38.14
N GLY U 235 -90.46 68.75 39.18
CA GLY U 235 -91.08 69.04 40.46
C GLY U 235 -90.50 70.28 41.11
N TYR U 236 -89.21 70.48 40.95
CA TYR U 236 -88.61 71.79 41.22
C TYR U 236 -89.04 72.72 40.10
N VAL U 237 -88.77 73.98 40.18
CA VAL U 237 -89.17 74.84 39.10
C VAL U 237 -90.63 74.79 39.12
N ASN U 238 -91.17 74.02 40.00
CA ASN U 238 -92.64 73.94 39.98
C ASN U 238 -92.93 74.63 41.27
N ALA U 239 -92.13 74.27 42.26
CA ALA U 239 -92.05 74.79 43.57
C ALA U 239 -91.52 76.20 43.50
N LEU U 240 -90.61 76.48 42.58
CA LEU U 240 -90.00 77.79 42.51
C LEU U 240 -91.01 78.87 42.31
N LEU U 241 -91.89 78.69 41.37
CA LEU U 241 -92.96 79.59 41.01
C LEU U 241 -94.02 79.50 42.09
N GLN U 242 -94.14 80.54 42.90
CA GLN U 242 -95.10 80.49 43.97
C GLN U 242 -96.52 80.49 43.41
N MET U 243 -97.49 79.94 44.14
CA MET U 243 -98.80 79.84 43.49
C MET U 243 -99.25 81.23 43.13
N GLN U 244 -99.06 82.19 44.02
CA GLN U 244 -99.43 83.55 43.71
C GLN U 244 -98.19 84.15 43.08
N SER U 245 -98.01 83.90 41.80
CA SER U 245 -96.85 84.36 41.10
C SER U 245 -97.34 85.27 40.02
N VAL U 246 -96.85 86.50 40.03
CA VAL U 246 -97.26 87.42 39.03
C VAL U 246 -96.76 86.86 37.71
N THR U 247 -95.51 86.44 37.69
CA THR U 247 -94.95 85.84 36.48
C THR U 247 -95.93 84.87 35.82
N ARG U 248 -96.58 84.01 36.62
CA ARG U 248 -97.61 83.16 36.05
C ARG U 248 -98.70 83.98 35.40
N GLU U 249 -99.12 85.07 36.04
CA GLU U 249 -100.10 85.96 35.44
C GLU U 249 -99.50 86.85 34.37
N ALA U 250 -98.17 86.98 34.33
CA ALA U 250 -97.52 87.82 33.34
C ALA U 250 -97.43 87.15 31.98
N ALA U 251 -97.56 85.83 31.92
CA ALA U 251 -97.62 85.13 30.64
C ALA U 251 -99.04 84.83 30.20
N GLN U 252 -100.04 85.21 30.99
CA GLN U 252 -101.43 84.96 30.64
C GLN U 252 -101.97 86.10 29.78
N ALA U 258 -89.44 89.33 20.47
CA ALA U 258 -89.03 89.44 21.87
C ALA U 258 -87.59 89.95 22.05
N PRO U 259 -86.63 89.45 21.25
CA PRO U 259 -85.28 90.04 21.34
C PRO U 259 -85.24 91.53 21.03
N MET U 260 -86.06 91.88 20.02
CA MET U 260 -86.25 93.23 19.44
C MET U 260 -85.06 93.73 18.63
N LEU U 261 -84.24 92.78 18.18
CA LEU U 261 -83.06 93.14 17.42
C LEU U 261 -82.44 94.15 18.34
N MET U 262 -82.13 95.32 17.80
CA MET U 262 -81.59 96.41 18.59
C MET U 262 -80.39 96.01 19.42
N GLN U 263 -79.43 95.33 18.80
CA GLN U 263 -78.21 94.94 19.49
C GLN U 263 -77.20 95.97 19.01
N ASP U 264 -76.59 96.66 19.96
CA ASP U 264 -75.63 97.73 19.67
C ASP U 264 -74.19 97.28 19.41
N GLY U 265 -73.99 96.74 18.21
CA GLY U 265 -72.69 96.30 17.69
C GLY U 265 -72.24 94.90 18.08
N GLU U 266 -73.05 94.29 18.92
CA GLU U 266 -72.87 92.94 19.40
C GLU U 266 -71.69 92.70 20.30
N ARG U 267 -71.00 93.71 20.85
CA ARG U 267 -70.06 93.17 21.83
C ARG U 267 -70.18 94.09 23.03
N ARG U 268 -71.04 93.69 23.96
CA ARG U 268 -71.29 94.37 25.22
C ARG U 268 -71.44 93.29 26.29
N LEU U 269 -72.19 92.23 25.94
CA LEU U 269 -72.62 91.15 26.82
C LEU U 269 -73.67 91.65 27.79
N PRO U 270 -74.85 92.00 27.28
CA PRO U 270 -75.87 92.59 28.14
C PRO U 270 -76.43 91.64 29.17
N LEU U 271 -76.44 90.33 28.90
CA LEU U 271 -76.83 89.37 29.94
C LEU U 271 -76.01 89.57 31.20
N TYR U 272 -74.70 89.36 31.10
CA TYR U 272 -73.81 89.56 32.22
C TYR U 272 -74.03 90.91 32.88
N GLU U 273 -74.05 91.97 32.07
CA GLU U 273 -74.26 93.31 32.63
C GLU U 273 -75.63 93.44 33.27
N ALA U 274 -76.63 92.71 32.77
CA ALA U 274 -77.96 92.80 33.37
C ALA U 274 -78.00 92.12 34.72
N LEU U 275 -77.26 91.03 34.89
CA LEU U 275 -77.18 90.34 36.17
C LEU U 275 -76.56 91.23 37.23
N VAL U 276 -75.37 91.74 36.92
CA VAL U 276 -74.66 92.64 37.82
C VAL U 276 -75.56 93.77 38.27
N ALA U 277 -76.24 94.40 37.30
CA ALA U 277 -77.11 95.52 37.63
C ALA U 277 -78.23 95.10 38.55
N TRP U 278 -78.90 94.00 38.22
CA TRP U 278 -79.99 93.52 39.07
C TRP U 278 -79.46 93.11 40.43
N LEU U 279 -78.30 92.47 40.47
CA LEU U 279 -77.79 91.91 41.70
C LEU U 279 -77.48 93.00 42.71
N ALA U 280 -76.86 94.09 42.25
CA ALA U 280 -76.60 95.24 43.10
C ALA U 280 -77.88 95.80 43.69
N HIS U 281 -78.74 96.35 42.85
CA HIS U 281 -79.86 97.14 43.32
C HIS U 281 -80.97 96.28 43.91
N ALA U 282 -81.45 95.30 43.13
CA ALA U 282 -82.58 94.51 43.59
C ALA U 282 -82.14 93.42 44.54
N GLY U 283 -80.96 92.84 44.31
CA GLY U 283 -80.45 91.81 45.19
C GLY U 283 -80.28 92.27 46.62
N GLN U 284 -79.86 93.51 46.80
CA GLN U 284 -79.64 94.07 48.11
C GLN U 284 -80.81 94.90 48.56
N LEU U 285 -81.96 94.29 48.78
CA LEU U 285 -83.08 95.08 49.21
C LEU U 285 -83.43 94.89 50.67
N GLY U 286 -83.04 93.77 51.26
CA GLY U 286 -83.35 93.56 52.66
C GLY U 286 -82.63 94.55 53.57
N ASP U 287 -81.41 94.81 53.15
CA ASP U 287 -80.32 95.66 53.60
C ASP U 287 -80.69 97.13 53.50
N ILE U 288 -81.22 97.55 52.34
CA ILE U 288 -81.58 98.95 52.20
C ILE U 288 -82.93 99.24 52.83
N LEU U 289 -83.88 98.33 52.73
CA LEU U 289 -85.15 98.55 53.39
C LEU U 289 -85.02 98.43 54.88
N ALA U 290 -84.21 97.48 55.35
CA ALA U 290 -83.98 97.29 56.77
C ALA U 290 -82.50 97.32 57.12
N LEU U 291 -82.17 97.12 58.37
CA LEU U 291 -80.77 97.08 58.74
C LEU U 291 -80.25 95.68 58.57
N ALA U 292 -79.15 95.57 57.83
CA ALA U 292 -78.50 94.31 57.52
C ALA U 292 -77.86 93.69 58.71
N PRO U 293 -77.68 92.37 58.70
CA PRO U 293 -77.06 91.65 59.79
C PRO U 293 -75.64 92.11 60.04
N ALA U 294 -75.25 92.17 61.30
CA ALA U 294 -73.89 92.52 61.60
C ALA U 294 -73.26 91.42 62.41
N VAL U 295 -74.08 90.47 62.83
CA VAL U 295 -73.76 89.36 63.69
C VAL U 295 -74.39 88.08 63.22
N ARG U 296 -73.84 86.93 63.61
CA ARG U 296 -74.36 85.64 63.21
C ARG U 296 -74.17 84.71 64.38
N VAL U 297 -75.11 83.86 64.70
CA VAL U 297 -74.92 82.99 65.86
C VAL U 297 -73.77 82.05 65.68
N CYS U 298 -72.95 81.88 66.71
CA CYS U 298 -71.86 80.92 66.70
C CYS U 298 -71.83 80.42 68.10
N THR U 299 -71.74 79.14 68.29
CA THR U 299 -71.68 78.58 69.64
C THR U 299 -70.46 77.68 69.73
N PHE U 300 -69.52 78.02 70.62
CA PHE U 300 -68.33 77.20 70.77
C PHE U 300 -68.62 75.86 71.41
N ASP U 301 -69.49 75.84 72.42
CA ASP U 301 -69.77 74.60 73.13
C ASP U 301 -70.40 73.56 72.23
N GLY U 302 -70.75 73.92 71.00
CA GLY U 302 -71.34 72.98 70.09
C GLY U 302 -72.82 72.79 70.26
N ALA U 303 -73.47 73.57 71.10
CA ALA U 303 -74.93 73.65 71.08
C ALA U 303 -75.35 74.33 69.80
N ALA U 304 -76.23 73.68 69.04
CA ALA U 304 -76.46 74.08 67.66
C ALA U 304 -77.67 74.98 67.47
N VAL U 305 -78.42 75.30 68.52
CA VAL U 305 -79.48 76.29 68.46
C VAL U 305 -79.36 77.20 69.67
N VAL U 306 -80.26 78.18 69.74
CA VAL U 306 -80.38 79.05 70.89
C VAL U 306 -81.86 79.12 71.22
N GLN U 307 -82.24 78.61 72.39
CA GLN U 307 -83.63 78.68 72.76
C GLN U 307 -84.03 80.14 72.95
N SER U 308 -85.32 80.41 72.79
CA SER U 308 -85.82 81.75 73.01
C SER U 308 -85.65 82.13 74.47
N GLY U 309 -85.01 83.27 74.72
CA GLY U 309 -84.68 83.70 76.06
C GLY U 309 -83.26 83.39 76.46
N ASP U 310 -82.55 82.56 75.72
CA ASP U 310 -81.18 82.22 76.04
C ASP U 310 -80.23 83.27 75.48
N MET U 311 -78.94 83.09 75.76
CA MET U 311 -77.90 84.02 75.36
C MET U 311 -77.21 83.52 74.11
N ALA U 312 -77.22 84.24 73.02
CA ALA U 312 -76.63 83.61 71.89
C ALA U 312 -75.24 84.11 71.71
N PRO U 313 -74.27 83.20 71.68
CA PRO U 313 -72.88 83.61 71.47
C PRO U 313 -72.88 84.16 70.10
N VAL U 314 -72.33 85.33 69.85
CA VAL U 314 -72.47 85.87 68.53
C VAL U 314 -71.17 86.37 67.97
N ILE U 315 -70.94 86.17 66.69
CA ILE U 315 -69.71 86.58 66.04
C ILE U 315 -69.97 87.51 64.91
N ARG U 316 -68.94 88.20 64.51
CA ARG U 316 -69.03 89.30 63.57
C ARG U 316 -69.82 88.87 62.32
N TYR U 317 -70.00 89.82 61.41
CA TYR U 317 -70.82 89.80 60.21
C TYR U 317 -70.85 88.47 59.49
N PRO U 318 -72.00 88.05 58.91
CA PRO U 318 -72.04 86.82 58.09
C PRO U 318 -71.12 86.88 56.89
N THR V 3 -42.14 110.63 92.26
CA THR V 3 -41.45 109.97 93.36
C THR V 3 -42.41 109.68 94.51
N LYS V 4 -43.29 108.70 94.27
CA LYS V 4 -44.31 108.15 95.16
C LYS V 4 -45.44 109.13 95.40
N PRO V 5 -46.68 108.65 95.52
CA PRO V 5 -47.82 109.55 95.78
C PRO V 5 -48.36 109.54 97.21
N LEU V 6 -49.49 110.22 97.39
CA LEU V 6 -50.25 110.27 98.65
C LEU V 6 -51.34 109.19 98.52
N PRO V 7 -51.98 109.12 97.36
CA PRO V 7 -53.02 108.20 96.91
C PRO V 7 -52.40 107.06 96.16
N THR V 8 -51.89 106.10 96.92
CA THR V 8 -51.15 104.95 96.42
C THR V 8 -51.85 103.96 95.50
N ALA V 9 -53.10 103.61 95.77
CA ALA V 9 -53.74 102.61 94.92
C ALA V 9 -53.89 103.03 93.45
N PRO V 10 -54.11 104.28 93.17
CA PRO V 10 -54.18 104.64 91.76
C PRO V 10 -52.85 104.57 90.99
N MET V 11 -51.68 104.33 91.58
CA MET V 11 -50.47 104.40 90.76
C MET V 11 -49.86 103.03 90.54
N ALA V 12 -50.02 102.13 91.52
CA ALA V 12 -49.56 100.76 91.30
C ALA V 12 -50.13 100.21 90.00
N TRP V 13 -51.37 100.59 89.68
CA TRP V 13 -51.93 100.22 88.38
C TRP V 13 -51.44 101.15 87.28
N ALA V 14 -51.25 102.44 87.60
CA ALA V 14 -50.80 103.40 86.59
C ALA V 14 -49.33 103.22 86.27
N GLU V 15 -48.48 103.12 87.30
CA GLU V 15 -47.05 102.93 87.09
C GLU V 15 -46.73 101.58 86.48
N SER V 16 -47.71 100.68 86.36
CA SER V 16 -47.50 99.39 85.75
C SER V 16 -48.21 99.30 84.40
N SER V 23 -52.91 85.80 82.77
CA SER V 23 -52.24 85.66 84.05
C SER V 23 -52.99 84.68 84.93
N PRO V 24 -54.14 85.11 85.45
CA PRO V 24 -54.94 84.21 86.27
C PRO V 24 -55.35 83.05 85.39
N ARG V 25 -55.77 83.36 84.17
CA ARG V 25 -56.17 82.35 83.21
C ARG V 25 -54.93 81.51 82.92
N GLU V 26 -53.79 82.17 82.84
CA GLU V 26 -52.53 81.48 82.64
C GLU V 26 -52.34 80.61 83.86
N LEU V 27 -52.71 81.15 85.01
CA LEU V 27 -52.62 80.44 86.27
C LEU V 27 -53.55 79.23 86.22
N ALA V 28 -54.72 79.44 85.62
CA ALA V 28 -55.74 78.41 85.49
C ALA V 28 -55.32 77.22 84.65
N GLY V 29 -54.57 77.44 83.58
CA GLY V 29 -54.14 76.35 82.74
C GLY V 29 -53.25 75.38 83.51
N HIS V 30 -52.34 75.94 84.31
CA HIS V 30 -51.38 75.17 85.12
C HIS V 30 -52.05 74.20 86.08
N ALA V 31 -53.19 74.59 86.61
CA ALA V 31 -53.93 73.70 87.49
C ALA V 31 -54.22 72.46 86.66
N PRO V 32 -54.40 72.65 85.35
CA PRO V 32 -54.63 71.54 84.43
C PRO V 32 -53.43 70.60 84.43
N LEU V 33 -52.22 71.14 84.48
CA LEU V 33 -50.99 70.33 84.54
C LEU V 33 -50.90 69.57 85.87
N ARG V 34 -51.30 70.22 86.94
CA ARG V 34 -51.28 69.58 88.24
C ARG V 34 -52.23 68.41 88.15
N ARG V 35 -53.34 68.64 87.45
CA ARG V 35 -54.39 67.65 87.20
C ARG V 35 -53.90 66.49 86.35
N VAL V 36 -53.00 66.88 85.45
CA VAL V 36 -52.38 66.06 84.42
C VAL V 36 -51.63 64.89 84.99
N LEU V 37 -51.13 65.01 86.22
CA LEU V 37 -50.41 63.90 86.85
C LEU V 37 -51.39 62.73 86.81
N ARG V 38 -50.89 61.57 86.40
CA ARG V 38 -51.71 60.41 86.20
C ARG V 38 -52.51 59.98 87.42
N PRO V 39 -53.86 59.65 87.26
CA PRO V 39 -54.48 59.81 85.92
C PRO V 39 -55.51 60.96 85.93
N PRO V 40 -56.14 61.36 84.82
CA PRO V 40 -57.09 62.47 85.00
C PRO V 40 -58.21 61.93 85.87
N ILE V 41 -58.20 60.61 86.01
CA ILE V 41 -59.19 59.88 86.75
C ILE V 41 -58.19 59.50 87.85
N ALA V 42 -58.60 59.17 89.05
CA ALA V 42 -57.61 58.91 90.09
C ALA V 42 -57.89 57.60 90.80
N ARG V 43 -56.83 57.01 91.36
CA ARG V 43 -56.98 55.74 92.06
C ARG V 43 -57.89 55.90 93.27
N ARG V 44 -58.77 54.93 93.46
CA ARG V 44 -59.70 54.97 94.58
C ARG V 44 -58.93 54.90 95.88
N ASP V 45 -59.38 55.65 96.87
CA ASP V 45 -58.72 55.68 98.18
C ASP V 45 -57.46 56.54 98.15
N THR V 76 -14.42 95.72 72.29
CA THR V 76 -15.31 94.61 71.98
C THR V 76 -16.69 94.83 72.59
N ARG V 77 -16.78 95.71 73.58
CA ARG V 77 -18.04 95.97 74.26
C ARG V 77 -19.21 96.57 73.47
N ALA V 78 -19.00 97.63 72.68
CA ALA V 78 -20.14 98.21 71.95
C ALA V 78 -20.71 97.21 70.95
N THR V 79 -19.79 96.58 70.24
CA THR V 79 -20.13 95.61 69.22
C THR V 79 -20.85 94.43 69.89
N ARG V 80 -20.35 94.04 71.06
CA ARG V 80 -20.89 92.94 71.82
C ARG V 80 -22.32 93.24 72.28
N ASP V 81 -22.52 94.47 72.72
CA ASP V 81 -23.81 94.92 73.18
C ASP V 81 -24.78 94.88 72.02
N ASP V 82 -24.30 95.29 70.84
CA ASP V 82 -25.19 95.25 69.69
C ASP V 82 -25.57 93.79 69.43
N THR V 83 -24.58 92.91 69.46
CA THR V 83 -24.78 91.49 69.22
C THR V 83 -25.34 90.83 70.46
N GLU V 84 -24.81 91.22 71.62
CA GLU V 84 -25.26 90.64 72.87
C GLU V 84 -26.64 91.12 73.29
N GLN V 85 -26.91 92.41 73.15
CA GLN V 85 -28.22 92.90 73.53
C GLN V 85 -29.22 92.63 72.44
N ALA V 86 -28.79 91.92 71.40
CA ALA V 86 -29.73 91.56 70.36
C ALA V 86 -30.27 90.15 70.59
N VAL V 87 -29.39 89.24 71.00
CA VAL V 87 -29.84 87.94 71.52
C VAL V 87 -30.84 88.16 72.63
N ASP V 88 -30.52 89.08 73.54
CA ASP V 88 -31.40 89.36 74.67
C ASP V 88 -32.77 89.79 74.18
N LYS V 89 -32.82 90.58 73.10
CA LYS V 89 -34.13 90.97 72.58
C LYS V 89 -34.78 89.79 71.87
N ILE V 90 -34.00 89.01 71.12
CA ILE V 90 -34.52 87.75 70.58
C ILE V 90 -34.95 86.82 71.71
N LEU V 91 -34.18 86.81 72.81
CA LEU V 91 -34.63 86.09 74.00
C LEU V 91 -36.01 86.57 74.42
N ARG V 92 -36.13 87.87 74.70
CA ARG V 92 -37.36 88.40 75.26
C ARG V 92 -38.54 88.22 74.30
N GLY V 93 -38.34 88.57 73.02
CA GLY V 93 -39.40 88.36 72.05
C GLY V 93 -39.78 86.90 71.90
N ALA V 94 -38.88 85.98 72.25
CA ALA V 94 -39.19 84.57 72.31
C ALA V 94 -39.59 84.12 73.72
N ARG V 95 -39.64 85.04 74.67
CA ARG V 95 -40.22 84.76 75.99
C ARG V 95 -41.72 85.05 76.04
N ARG V 96 -42.28 85.66 75.00
CA ARG V 96 -43.69 86.03 75.00
C ARG V 96 -44.24 85.95 73.59
N ALA V 97 -45.50 85.55 73.48
CA ALA V 97 -46.21 85.49 72.20
C ALA V 97 -45.50 84.65 71.15
N PRO V 106 -53.41 92.75 65.88
CA PRO V 106 -53.04 93.16 67.23
C PRO V 106 -52.44 94.57 67.29
N ARG V 107 -53.26 95.56 66.92
CA ARG V 107 -52.99 97.00 66.93
C ARG V 107 -52.04 97.54 65.87
N TYR V 108 -51.65 96.68 64.93
CA TYR V 108 -50.70 97.06 63.91
C TYR V 108 -50.72 96.00 62.83
N HIS V 109 -50.39 96.34 61.58
CA HIS V 109 -50.25 95.36 60.50
C HIS V 109 -49.42 96.15 59.52
N LEU V 110 -48.46 95.52 58.85
CA LEU V 110 -47.58 96.12 57.98
C LEU V 110 -47.76 95.23 56.79
N THR V 111 -47.80 95.88 55.65
CA THR V 111 -47.80 95.30 54.34
C THR V 111 -46.51 95.84 53.75
N ARG V 112 -45.85 95.06 52.93
CA ARG V 112 -44.63 95.56 52.35
C ARG V 112 -44.64 95.23 50.91
N GLN V 113 -44.15 96.15 50.07
CA GLN V 113 -44.14 95.87 48.67
C GLN V 113 -43.04 96.56 47.91
N VAL V 114 -42.56 95.98 46.83
CA VAL V 114 -41.57 96.63 45.98
C VAL V 114 -42.22 97.15 44.71
N THR V 115 -41.93 98.41 44.36
CA THR V 115 -42.46 99.04 43.16
C THR V 115 -41.41 99.98 42.58
N LEU V 116 -41.76 100.63 41.47
CA LEU V 116 -40.92 101.66 40.90
C LEU V 116 -41.32 103.04 41.42
N THR V 117 -40.50 104.02 41.07
CA THR V 117 -40.73 105.41 41.42
C THR V 117 -41.35 106.22 40.30
N ASP V 118 -41.69 105.59 39.18
CA ASP V 118 -42.35 106.27 38.06
C ASP V 118 -43.53 107.08 38.56
N LEU V 119 -44.57 106.38 39.00
CA LEU V 119 -45.74 106.97 39.68
C LEU V 119 -45.40 106.99 41.18
N CYS V 120 -46.37 107.24 42.06
CA CYS V 120 -46.07 107.20 43.48
C CYS V 120 -44.92 108.12 43.86
N GLN V 121 -43.91 107.52 44.54
CA GLN V 121 -42.62 108.01 45.10
C GLN V 121 -42.62 108.31 46.58
N PRO V 122 -42.02 107.41 47.40
CA PRO V 122 -41.98 107.54 48.85
C PRO V 122 -41.22 108.73 49.40
N ASN V 123 -40.09 109.06 48.83
CA ASN V 123 -39.31 110.17 49.36
C ASN V 123 -40.02 111.52 49.32
N ALA V 124 -40.73 111.80 48.24
CA ALA V 124 -41.40 113.08 48.14
C ALA V 124 -42.40 113.18 49.27
N GLU V 125 -43.15 112.12 49.43
CA GLU V 125 -44.12 111.95 50.49
C GLU V 125 -43.42 111.89 51.85
N ARG V 126 -44.21 111.73 52.89
CA ARG V 126 -43.71 111.73 54.27
C ARG V 126 -44.16 110.61 55.19
N ALA V 127 -44.09 110.91 56.48
CA ALA V 127 -44.45 110.00 57.55
C ALA V 127 -45.91 109.58 57.53
N GLY V 128 -46.85 110.49 57.32
CA GLY V 128 -48.22 110.05 57.22
C GLY V 128 -48.73 110.28 55.82
N ALA V 129 -48.98 109.22 55.08
CA ALA V 129 -49.50 109.38 53.73
C ALA V 129 -50.34 108.20 53.25
N LEU V 130 -51.32 108.47 52.43
CA LEU V 130 -52.19 107.48 51.84
C LEU V 130 -51.56 106.97 50.56
N LEU V 131 -51.36 105.66 50.49
CA LEU V 131 -50.86 105.02 49.29
C LEU V 131 -51.97 104.19 48.69
N LEU V 132 -52.24 104.30 47.42
CA LEU V 132 -53.32 103.51 46.92
C LEU V 132 -52.73 102.53 45.96
N ALA V 133 -53.16 101.31 45.99
CA ALA V 133 -52.67 100.34 45.07
C ALA V 133 -53.37 100.57 43.76
N LEU V 134 -52.74 100.29 42.64
CA LEU V 134 -53.36 100.49 41.36
C LEU V 134 -53.03 99.23 40.63
N ARG V 135 -53.73 98.17 40.99
CA ARG V 135 -53.53 96.82 40.45
C ARG V 135 -53.89 96.52 39.00
N HIS V 136 -53.17 95.55 38.45
CA HIS V 136 -53.35 95.05 37.08
C HIS V 136 -53.23 96.06 35.94
N PRO V 137 -52.24 96.93 36.00
CA PRO V 137 -52.05 97.92 34.94
C PRO V 137 -51.79 97.17 33.64
N THR V 138 -51.11 96.03 33.82
CA THR V 138 -50.67 95.16 32.75
C THR V 138 -51.82 94.64 31.92
N ASP V 139 -52.96 94.31 32.54
CA ASP V 139 -54.09 93.87 31.72
C ASP V 139 -54.44 95.11 30.94
N LEU V 140 -54.60 94.97 29.64
CA LEU V 140 -54.94 96.13 28.84
C LEU V 140 -56.40 96.35 29.08
N PRO V 141 -56.94 97.51 28.56
CA PRO V 141 -58.37 97.67 28.86
C PRO V 141 -59.00 96.72 27.89
N HIS V 142 -58.63 95.45 28.05
CA HIS V 142 -59.15 94.42 27.19
C HIS V 142 -60.61 94.37 27.54
N LEU V 143 -60.87 94.39 28.84
CA LEU V 143 -62.22 94.41 29.31
C LEU V 143 -62.84 95.72 28.87
N ALA V 144 -62.07 96.79 28.93
CA ALA V 144 -62.63 98.09 28.55
C ALA V 144 -63.50 97.88 27.34
N ARG V 145 -63.13 96.94 26.49
CA ARG V 145 -63.92 96.59 25.31
C ARG V 145 -65.28 96.07 25.75
N HIS V 146 -65.31 95.26 26.79
CA HIS V 146 -66.58 94.80 27.36
C HIS V 146 -67.26 95.99 28.07
N ARG V 147 -68.59 95.97 28.14
CA ARG V 147 -69.42 97.06 28.68
C ARG V 147 -69.17 98.30 27.84
N ALA V 148 -68.88 99.47 28.45
CA ALA V 148 -68.59 100.70 27.71
C ALA V 148 -69.60 100.90 26.60
N PRO V 149 -70.88 100.88 26.94
CA PRO V 149 -71.91 100.82 25.90
C PRO V 149 -71.56 101.70 24.71
N PRO V 150 -71.53 101.15 23.50
CA PRO V 150 -70.95 101.75 22.30
C PRO V 150 -71.83 102.83 21.65
N GLY V 151 -71.25 103.62 20.76
CA GLY V 151 -69.81 103.77 20.69
C GLY V 151 -69.28 104.68 21.78
N ARG V 152 -68.32 104.15 22.53
CA ARG V 152 -67.57 104.88 23.54
C ARG V 152 -66.09 104.95 23.11
N GLN V 153 -65.79 104.48 21.90
CA GLN V 153 -64.43 104.43 21.38
C GLN V 153 -63.43 103.81 22.37
N THR V 154 -63.69 102.54 22.68
CA THR V 154 -62.88 101.80 23.64
C THR V 154 -61.40 101.73 23.33
N GLU V 155 -60.98 102.13 22.13
CA GLU V 155 -59.55 102.22 21.84
C GLU V 155 -58.88 103.38 22.56
N ARG V 156 -59.67 104.20 23.26
CA ARG V 156 -59.10 105.38 23.93
C ARG V 156 -58.12 104.97 25.02
N LEU V 157 -58.51 104.03 25.88
CA LEU V 157 -57.65 103.58 26.98
C LEU V 157 -56.35 102.99 26.48
N ALA V 158 -56.43 102.04 25.54
CA ALA V 158 -55.23 101.41 25.01
C ALA V 158 -54.23 102.44 24.50
N GLU V 159 -54.73 103.47 23.82
CA GLU V 159 -53.85 104.53 23.34
C GLU V 159 -53.45 105.48 24.45
N ALA V 160 -54.41 105.87 25.31
CA ALA V 160 -54.11 106.77 26.42
C ALA V 160 -53.04 106.18 27.33
N TRP V 161 -53.35 105.05 27.97
CA TRP V 161 -52.41 104.44 28.90
C TRP V 161 -51.09 104.10 28.22
N GLY V 162 -51.13 103.75 26.94
CA GLY V 162 -49.90 103.48 26.22
C GLY V 162 -48.96 104.67 26.23
N GLN V 163 -49.53 105.87 26.17
CA GLN V 163 -48.72 107.08 26.28
C GLN V 163 -48.13 107.23 27.67
N LEU V 164 -48.86 106.77 28.69
CA LEU V 164 -48.36 106.88 30.07
C LEU V 164 -47.11 106.05 30.27
N LEU V 165 -47.15 104.86 29.67
CA LEU V 165 -46.11 103.85 29.72
C LEU V 165 -45.01 104.12 28.71
N GLU V 166 -45.36 104.79 27.62
CA GLU V 166 -44.38 105.10 26.59
C GLU V 166 -43.67 106.37 27.03
N ALA V 167 -42.80 106.21 28.02
CA ALA V 167 -42.00 107.30 28.59
C ALA V 167 -42.71 108.02 29.74
N SER V 168 -41.93 108.75 30.52
CA SER V 168 -42.45 109.50 31.65
C SER V 168 -41.54 110.68 31.97
N GLU V 176 -43.35 98.03 29.52
CA GLU V 176 -42.60 96.84 29.90
C GLU V 176 -43.16 96.18 31.15
N SER V 177 -42.75 94.94 31.38
CA SER V 177 -43.14 94.22 32.59
C SER V 177 -42.07 94.02 33.67
N GLY V 178 -40.87 93.63 33.25
CA GLY V 178 -39.80 93.42 34.19
C GLY V 178 -40.16 92.79 35.53
N CYS V 179 -39.30 93.06 36.51
CA CYS V 179 -39.49 92.48 37.83
C CYS V 179 -39.92 93.40 38.98
N ALA V 180 -40.24 94.64 38.67
CA ALA V 180 -40.78 95.51 39.68
C ALA V 180 -41.95 96.09 38.95
N ARG V 181 -43.15 95.78 39.42
CA ARG V 181 -44.34 96.32 38.78
C ARG V 181 -44.56 97.73 39.31
N ALA V 182 -45.25 98.57 38.57
CA ALA V 182 -45.50 99.89 39.12
C ALA V 182 -46.85 99.81 39.76
N GLY V 183 -46.84 99.66 41.06
CA GLY V 183 -48.11 99.59 41.78
C GLY V 183 -48.13 100.90 42.59
N LEU V 184 -48.79 100.88 43.73
CA LEU V 184 -48.65 101.98 44.64
C LEU V 184 -48.80 103.43 44.30
N VAL V 185 -49.91 103.84 43.72
CA VAL V 185 -50.16 105.27 43.52
C VAL V 185 -50.30 106.04 44.85
N SER V 186 -49.62 107.16 45.01
CA SER V 186 -49.73 107.93 46.24
C SER V 186 -50.99 108.76 46.28
N PHE V 187 -51.43 109.20 47.44
CA PHE V 187 -52.62 110.04 47.46
C PHE V 187 -52.31 111.32 46.76
N ASN V 188 -51.20 111.92 47.13
CA ASN V 188 -50.68 113.11 46.47
C ASN V 188 -50.88 113.06 44.96
N PHE V 189 -50.36 112.02 44.31
CA PHE V 189 -50.28 112.03 42.85
C PHE V 189 -51.67 112.08 42.23
N LEU V 190 -52.70 111.65 42.95
CA LEU V 190 -54.05 111.81 42.44
C LEU V 190 -54.52 113.25 42.58
N VAL V 191 -54.21 113.89 43.72
CA VAL V 191 -54.68 115.25 43.93
C VAL V 191 -54.18 116.16 42.83
N ALA V 192 -52.93 115.96 42.39
CA ALA V 192 -52.39 116.81 41.33
C ALA V 192 -52.98 116.44 39.98
N ALA V 193 -53.13 115.15 39.70
CA ALA V 193 -53.64 114.72 38.40
C ALA V 193 -55.03 115.26 38.15
N CYS V 194 -55.89 115.25 39.17
CA CYS V 194 -57.24 115.79 39.07
C CYS V 194 -57.34 117.23 39.57
N THR V 195 -56.21 117.86 39.92
CA THR V 195 -56.26 119.18 40.51
C THR V 195 -57.03 120.17 39.65
N ALA V 196 -56.61 120.31 38.39
CA ALA V 196 -57.33 121.17 37.46
C ALA V 196 -58.71 120.62 37.17
N ALA V 197 -58.94 119.32 37.38
CA ALA V 197 -60.23 118.72 37.06
C ALA V 197 -61.27 119.12 38.11
N TYR V 198 -61.10 118.60 39.33
CA TYR V 198 -62.00 118.92 40.45
C TYR V 198 -61.96 120.43 40.74
N ASP V 199 -63.08 120.97 41.22
CA ASP V 199 -63.25 122.41 41.43
C ASP V 199 -62.70 123.17 42.64
N ALA V 200 -61.39 123.28 42.69
CA ALA V 200 -60.64 124.07 43.65
C ALA V 200 -59.34 124.34 42.92
N ARG V 201 -59.01 125.57 42.52
CA ARG V 201 -57.73 125.66 41.84
C ARG V 201 -56.76 126.58 42.57
N ASP V 202 -55.49 126.16 42.58
CA ASP V 202 -54.28 126.77 43.17
C ASP V 202 -54.05 126.48 44.65
N ALA V 203 -55.02 125.82 45.26
CA ALA V 203 -54.89 125.35 46.62
C ALA V 203 -54.64 123.92 46.21
N ALA V 204 -55.35 123.56 45.15
CA ALA V 204 -55.21 122.29 44.46
C ALA V 204 -53.97 122.26 43.60
N GLU V 205 -53.70 123.36 42.88
CA GLU V 205 -52.51 123.44 42.05
C GLU V 205 -51.24 123.54 42.89
N ALA V 206 -51.34 124.02 44.13
CA ALA V 206 -50.18 124.02 45.02
C ALA V 206 -49.69 122.61 45.27
N VAL V 207 -50.61 121.64 45.32
CA VAL V 207 -50.23 120.24 45.38
C VAL V 207 -49.58 119.83 44.07
N ARG V 208 -50.10 120.34 42.95
CA ARG V 208 -49.51 120.00 41.66
C ARG V 208 -48.09 120.54 41.54
N ALA V 209 -47.84 121.73 42.10
CA ALA V 209 -46.49 122.25 42.12
C ALA V 209 -45.58 121.38 42.98
N HIS V 210 -46.14 120.75 44.01
CA HIS V 210 -45.37 119.86 44.87
C HIS V 210 -44.83 118.67 44.10
N ILE V 211 -45.67 118.07 43.25
CA ILE V 211 -45.30 116.82 42.61
C ILE V 211 -44.38 117.05 41.42
N THR V 212 -44.61 118.12 40.67
CA THR V 212 -43.75 118.40 39.51
C THR V 212 -42.32 118.67 39.95
N THR V 213 -42.14 119.23 41.15
CA THR V 213 -40.81 119.59 41.63
C THR V 213 -40.17 118.51 42.50
N ASN V 214 -40.87 117.42 42.79
CA ASN V 214 -40.30 116.39 43.65
C ASN V 214 -40.39 115.00 43.04
N TYR V 215 -41.61 114.51 42.85
CA TYR V 215 -41.86 113.21 42.25
C TYR V 215 -41.23 113.11 40.87
N ALA V 220 -42.87 114.45 37.29
CA ALA V 220 -42.90 115.06 35.97
C ALA V 220 -44.33 115.43 35.59
N GLY V 221 -44.50 116.64 35.03
CA GLY V 221 -45.81 117.04 34.57
C GLY V 221 -46.34 116.15 33.46
N ALA V 222 -45.44 115.54 32.69
CA ALA V 222 -45.85 114.57 31.69
C ALA V 222 -46.67 113.45 32.33
N ARG V 223 -46.04 112.71 33.25
CA ARG V 223 -46.72 111.61 33.91
C ARG V 223 -48.04 112.06 34.53
N LEU V 224 -48.05 113.21 35.22
CA LEU V 224 -49.31 113.78 35.69
C LEU V 224 -50.28 113.98 34.55
N ASP V 225 -49.81 114.52 33.42
CA ASP V 225 -50.71 114.73 32.30
C ASP V 225 -51.08 113.42 31.63
N ARG V 226 -50.11 112.51 31.47
CA ARG V 226 -50.43 111.19 30.94
C ARG V 226 -51.41 110.47 31.84
N PHE V 227 -51.15 110.50 33.15
CA PHE V 227 -52.04 109.82 34.09
C PHE V 227 -53.40 110.49 34.13
N SER V 228 -53.45 111.81 33.96
CA SER V 228 -54.73 112.50 33.87
C SER V 228 -55.48 112.07 32.62
N GLU V 229 -54.78 111.94 31.49
CA GLU V 229 -55.41 111.42 30.29
C GLU V 229 -55.94 110.01 30.51
N CYS V 230 -55.26 109.22 31.35
CA CYS V 230 -55.75 107.88 31.67
C CYS V 230 -57.01 107.95 32.52
N LEU V 231 -57.03 108.82 33.52
CA LEU V 231 -58.22 108.98 34.34
C LEU V 231 -59.41 109.44 33.51
N ARG V 232 -59.18 110.39 32.59
CA ARG V 232 -60.24 110.78 31.67
C ARG V 232 -60.69 109.58 30.85
N ALA V 233 -59.73 108.84 30.30
CA ALA V 233 -60.07 107.71 29.44
C ALA V 233 -60.76 106.60 30.24
N MET V 234 -60.35 106.42 31.50
CA MET V 234 -61.00 105.40 32.32
C MET V 234 -62.42 105.78 32.67
N VAL V 235 -62.62 106.97 33.24
CA VAL V 235 -63.97 107.44 33.54
C VAL V 235 -64.81 107.49 32.27
N HIS V 236 -64.16 107.53 31.11
CA HIS V 236 -64.89 107.59 29.86
C HIS V 236 -65.58 106.26 29.64
N THR V 237 -64.80 105.19 29.57
CA THR V 237 -65.24 103.85 29.16
C THR V 237 -65.82 102.87 30.17
N HIS V 238 -66.26 103.35 31.31
CA HIS V 238 -66.91 102.55 32.35
C HIS V 238 -66.04 101.58 33.14
N VAL V 239 -64.76 101.83 33.04
CA VAL V 239 -63.74 101.17 33.82
C VAL V 239 -63.41 102.42 34.61
N PHE V 240 -63.59 102.34 35.91
CA PHE V 240 -63.46 103.52 36.75
C PHE V 240 -62.09 103.56 37.38
N PRO V 241 -61.70 104.71 37.97
CA PRO V 241 -60.51 104.70 38.84
C PRO V 241 -60.65 103.81 40.05
N HIS V 242 -61.84 103.59 40.53
CA HIS V 242 -61.93 102.62 41.59
C HIS V 242 -61.90 101.33 40.78
N GLU V 243 -62.39 100.21 41.25
CA GLU V 243 -62.21 98.98 40.50
C GLU V 243 -60.85 98.98 39.81
N VAL V 244 -60.00 99.73 40.45
CA VAL V 244 -58.58 99.96 40.32
C VAL V 244 -58.23 100.79 41.59
N MET V 245 -56.98 100.97 41.92
CA MET V 245 -56.63 101.80 43.06
C MET V 245 -57.28 101.61 44.42
N ARG V 246 -57.16 100.44 45.03
CA ARG V 246 -57.64 100.22 46.38
C ARG V 246 -56.63 100.78 47.39
N PHE V 247 -57.05 100.98 48.62
CA PHE V 247 -56.17 101.50 49.66
C PHE V 247 -55.10 100.53 50.05
N PHE V 248 -53.89 101.02 50.22
CA PHE V 248 -52.79 100.18 50.61
C PHE V 248 -52.32 100.38 52.06
N GLY V 249 -52.12 101.62 52.52
CA GLY V 249 -51.62 101.81 53.87
C GLY V 249 -51.21 103.21 54.24
N GLY V 250 -50.31 103.38 55.21
CA GLY V 250 -49.82 104.67 55.67
C GLY V 250 -48.37 105.09 55.43
N LEU V 251 -47.60 104.30 54.73
CA LEU V 251 -46.22 104.60 54.38
C LEU V 251 -45.28 104.68 55.57
N VAL V 252 -44.89 103.55 56.14
CA VAL V 252 -43.97 103.57 57.27
C VAL V 252 -42.55 103.92 56.80
N SER V 253 -41.98 103.05 55.99
CA SER V 253 -40.66 103.29 55.51
C SER V 253 -40.36 102.73 54.14
N TRP V 254 -40.01 103.59 53.20
CA TRP V 254 -39.69 103.22 51.83
C TRP V 254 -38.48 102.40 51.41
N VAL V 255 -37.30 102.67 51.92
CA VAL V 255 -36.09 101.91 51.52
C VAL V 255 -35.78 101.82 50.03
N THR V 256 -35.79 102.93 49.32
CA THR V 256 -35.52 102.97 47.86
C THR V 256 -34.08 102.86 47.29
N GLN V 257 -33.97 102.31 46.10
CA GLN V 257 -32.70 102.22 45.43
C GLN V 257 -32.79 102.66 43.99
N ASP V 258 -32.15 103.73 43.54
CA ASP V 258 -32.29 103.91 42.09
C ASP V 258 -33.78 104.04 41.73
N GLU V 259 -34.26 103.32 40.73
CA GLU V 259 -35.64 103.40 40.28
C GLU V 259 -36.58 102.52 41.08
N LEU V 260 -36.07 101.90 42.13
CA LEU V 260 -36.76 100.85 42.87
C LEU V 260 -37.15 101.38 44.23
N ALA V 261 -38.17 100.80 44.83
CA ALA V 261 -38.54 101.20 46.16
C ALA V 261 -39.14 100.02 46.83
N SER V 262 -38.96 99.89 48.13
CA SER V 262 -39.54 98.80 48.84
C SER V 262 -40.31 99.60 49.80
N VAL V 263 -41.62 99.53 49.75
CA VAL V 263 -42.37 100.39 50.60
C VAL V 263 -43.02 99.74 51.77
N THR V 264 -42.54 99.94 53.00
CA THR V 264 -43.42 99.36 54.01
C THR V 264 -44.55 100.33 54.34
N ALA V 265 -45.74 99.80 54.60
CA ALA V 265 -46.89 100.62 54.93
C ALA V 265 -47.91 99.79 55.67
N VAL V 266 -48.74 100.45 56.46
CA VAL V 266 -49.61 99.76 57.40
C VAL V 266 -50.84 99.19 56.70
N CYS V 267 -50.99 97.84 56.71
CA CYS V 267 -52.25 97.26 56.24
C CYS V 267 -53.41 97.81 57.06
N SER V 268 -53.30 97.79 58.38
CA SER V 268 -54.31 98.39 59.23
C SER V 268 -53.75 98.54 60.65
N GLY V 269 -54.54 99.17 61.52
CA GLY V 269 -54.07 99.54 62.83
C GLY V 269 -53.77 101.01 62.91
N PRO V 270 -53.43 101.49 64.09
CA PRO V 270 -53.19 102.92 64.27
C PRO V 270 -51.86 103.35 63.67
N GLN V 271 -51.84 104.58 63.17
CA GLN V 271 -50.67 105.16 62.53
C GLN V 271 -49.66 105.66 63.54
N GLU V 272 -50.13 106.43 64.50
CA GLU V 272 -49.18 107.16 65.33
C GLU V 272 -48.25 106.31 66.10
N ALA V 273 -48.56 105.03 66.18
CA ALA V 273 -47.78 104.09 66.94
C ALA V 273 -46.78 103.28 66.16
N THR V 274 -46.31 103.85 65.08
CA THR V 274 -45.43 103.14 64.19
C THR V 274 -43.93 103.02 64.18
N HIS V 275 -43.20 104.08 63.81
CA HIS V 275 -41.71 104.09 63.88
C HIS V 275 -41.65 105.16 64.89
N THR V 276 -42.67 105.97 64.81
CA THR V 276 -42.81 107.08 65.70
C THR V 276 -41.70 108.08 65.74
N GLY V 277 -41.19 108.34 66.92
CA GLY V 277 -40.18 109.36 67.06
C GLY V 277 -40.69 110.74 66.71
N HIS V 278 -39.77 111.67 66.56
CA HIS V 278 -40.20 113.00 66.21
C HIS V 278 -40.85 112.88 64.82
N PRO V 279 -40.04 112.15 64.03
CA PRO V 279 -40.14 111.65 62.66
C PRO V 279 -39.51 110.23 62.74
N GLY V 280 -39.93 109.21 61.96
CA GLY V 280 -39.40 107.85 62.14
C GLY V 280 -38.28 107.94 61.15
N ARG V 281 -37.10 108.22 61.72
CA ARG V 281 -35.78 108.54 61.13
C ARG V 281 -35.69 110.05 60.96
N PRO V 282 -34.53 110.63 60.70
CA PRO V 282 -34.48 112.10 60.69
C PRO V 282 -35.09 112.88 59.52
N CYS V 283 -36.42 112.82 59.52
CA CYS V 283 -37.34 113.50 58.60
C CYS V 283 -38.21 114.32 59.55
N SER V 284 -39.50 114.46 59.26
CA SER V 284 -40.34 115.24 60.17
C SER V 284 -41.63 114.61 60.74
N ALA V 285 -41.64 114.37 62.04
CA ALA V 285 -42.82 113.90 62.76
C ALA V 285 -43.61 112.75 62.16
N VAL V 286 -44.92 112.93 62.08
CA VAL V 286 -45.78 111.90 61.52
C VAL V 286 -47.17 112.50 61.55
N THR V 287 -48.02 112.11 60.62
CA THR V 287 -49.37 112.64 60.54
C THR V 287 -50.04 111.96 59.35
N ILE V 288 -51.36 112.02 59.33
CA ILE V 288 -52.08 111.59 58.15
C ILE V 288 -52.68 112.89 57.62
N PRO V 289 -51.84 113.77 57.05
CA PRO V 289 -52.24 115.09 56.54
C PRO V 289 -52.89 115.01 55.16
N ALA V 290 -54.16 115.38 55.14
CA ALA V 290 -54.97 115.17 53.96
C ALA V 290 -54.36 115.64 52.71
N CYS V 291 -53.52 116.67 52.81
CA CYS V 291 -52.71 117.30 51.72
C CYS V 291 -53.42 118.27 50.89
N ALA V 292 -54.66 118.51 51.24
CA ALA V 292 -55.40 119.47 50.51
C ALA V 292 -56.27 120.18 51.48
N PHE V 293 -56.49 121.44 51.26
CA PHE V 293 -57.46 122.12 52.07
C PHE V 293 -58.53 121.98 51.01
N VAL V 294 -58.12 121.29 49.95
CA VAL V 294 -58.91 121.07 48.74
C VAL V 294 -59.58 119.71 48.82
N ASP V 295 -58.82 118.80 49.41
CA ASP V 295 -59.34 117.53 49.87
C ASP V 295 -59.69 117.76 51.36
N LEU V 296 -60.01 116.72 52.10
CA LEU V 296 -60.47 116.90 53.48
C LEU V 296 -61.75 117.69 53.49
N ASP V 297 -62.69 117.18 52.72
CA ASP V 297 -64.01 117.74 52.73
C ASP V 297 -64.35 117.26 54.12
N ALA V 298 -64.67 118.17 55.01
CA ALA V 298 -64.97 117.82 56.38
C ALA V 298 -66.46 117.93 56.53
N GLU V 299 -67.11 116.79 56.54
CA GLU V 299 -68.55 116.69 56.60
C GLU V 299 -68.83 116.88 58.05
N LEU V 300 -69.98 116.44 58.53
CA LEU V 300 -70.25 116.64 59.94
C LEU V 300 -70.25 118.13 60.27
N CYS V 301 -70.93 118.90 59.43
CA CYS V 301 -71.04 120.33 59.64
C CYS V 301 -71.73 120.45 61.00
N LEU V 302 -72.72 119.58 61.22
CA LEU V 302 -73.47 119.50 62.47
C LEU V 302 -72.56 118.93 63.57
N GLY V 303 -72.69 119.43 64.79
CA GLY V 303 -71.83 118.98 65.88
C GLY V 303 -72.31 118.17 67.07
N GLY V 304 -71.52 117.13 67.36
CA GLY V 304 -71.75 116.22 68.47
C GLY V 304 -70.42 115.55 68.71
N PRO V 305 -70.23 114.88 69.92
CA PRO V 305 -68.93 114.23 70.05
C PRO V 305 -69.11 112.76 69.68
N GLY V 306 -68.39 112.33 68.65
CA GLY V 306 -68.46 110.97 68.16
C GLY V 306 -67.16 110.69 67.45
N ALA V 307 -66.89 109.43 67.12
CA ALA V 307 -65.65 109.12 66.44
C ALA V 307 -65.72 109.65 65.02
N ALA V 308 -64.75 110.44 64.55
CA ALA V 308 -64.96 110.88 63.19
C ALA V 308 -64.63 109.67 62.30
N PHE V 309 -65.07 109.66 61.07
CA PHE V 309 -64.76 108.52 60.23
C PHE V 309 -64.06 108.95 58.97
N LEU V 310 -63.24 108.11 58.37
CA LEU V 310 -62.58 108.54 57.15
C LEU V 310 -62.83 107.60 55.95
N TYR V 311 -63.40 108.17 54.89
CA TYR V 311 -63.82 107.55 53.65
C TYR V 311 -63.00 108.12 52.50
N LEU V 312 -63.10 107.47 51.35
CA LEU V 312 -62.38 107.86 50.16
C LEU V 312 -63.38 107.85 49.01
N VAL V 313 -63.55 108.99 48.34
CA VAL V 313 -64.65 109.19 47.42
C VAL V 313 -64.11 109.59 46.05
N PHE V 314 -64.65 109.07 44.99
CA PHE V 314 -64.20 109.54 43.73
C PHE V 314 -65.47 110.15 43.17
N THR V 315 -65.41 111.38 42.73
CA THR V 315 -66.56 112.04 42.14
C THR V 315 -66.28 112.13 40.68
N TYR V 316 -67.29 111.95 39.84
CA TYR V 316 -67.02 111.99 38.41
C TYR V 316 -67.91 112.94 37.65
N ARG V 317 -67.45 113.31 36.45
CA ARG V 317 -68.19 114.17 35.54
C ARG V 317 -68.42 113.32 34.30
N GLN V 318 -69.66 113.17 33.88
CA GLN V 318 -69.93 112.38 32.68
C GLN V 318 -70.62 113.26 31.66
N CYS V 319 -69.77 114.02 31.00
CA CYS V 319 -70.06 114.99 29.92
C CYS V 319 -70.54 116.34 30.42
N ARG V 320 -70.83 116.43 31.73
CA ARG V 320 -71.18 117.68 32.36
C ARG V 320 -69.87 118.46 32.31
N ASP V 321 -68.80 117.79 32.69
CA ASP V 321 -67.46 118.34 32.54
C ASP V 321 -66.60 117.39 31.69
N GLN V 322 -67.18 116.43 30.95
CA GLN V 322 -66.20 115.60 30.23
C GLN V 322 -65.34 114.76 31.17
N GLU V 323 -66.00 113.76 31.75
CA GLU V 323 -65.36 112.74 32.59
C GLU V 323 -64.47 113.28 33.70
N LEU V 324 -65.09 114.11 34.52
CA LEU V 324 -64.40 114.70 35.65
C LEU V 324 -63.96 113.64 36.66
N CYS V 325 -62.78 113.84 37.25
CA CYS V 325 -62.31 113.01 38.33
C CYS V 325 -62.14 113.88 39.56
N CYS V 326 -62.90 113.56 40.61
CA CYS V 326 -62.77 114.22 41.90
C CYS V 326 -62.37 113.14 42.89
N VAL V 327 -61.34 113.41 43.68
CA VAL V 327 -60.85 112.47 44.66
C VAL V 327 -60.62 113.24 45.95
N TYR V 328 -61.30 112.83 47.02
CA TYR V 328 -61.08 113.48 48.30
C TYR V 328 -61.60 112.58 49.40
N VAL V 329 -61.51 113.09 50.63
CA VAL V 329 -61.73 112.32 51.85
C VAL V 329 -62.86 112.98 52.63
N VAL V 330 -63.72 112.19 53.23
CA VAL V 330 -64.79 112.73 54.05
C VAL V 330 -64.68 112.13 55.43
N LYS V 331 -64.83 113.12 56.31
CA LYS V 331 -64.65 113.00 57.73
C LYS V 331 -65.86 113.40 58.52
N SER V 332 -66.72 112.45 58.85
CA SER V 332 -67.90 112.76 59.65
C SER V 332 -68.37 111.51 60.34
N GLN V 333 -69.18 111.63 61.37
CA GLN V 333 -69.62 110.41 62.02
C GLN V 333 -70.88 109.81 61.44
N LEU V 334 -70.73 108.97 60.42
CA LEU V 334 -71.86 108.28 59.84
C LEU V 334 -71.37 106.88 59.45
N PRO V 335 -72.16 105.83 59.76
CA PRO V 335 -71.70 104.50 59.40
C PRO V 335 -72.06 104.21 57.96
N PRO V 336 -71.15 103.67 57.20
CA PRO V 336 -71.37 103.60 55.77
C PRO V 336 -72.79 103.47 55.28
N ARG V 337 -73.75 103.04 56.07
CA ARG V 337 -75.07 102.84 55.51
C ARG V 337 -75.72 104.21 55.47
N GLY V 338 -75.10 105.21 56.08
CA GLY V 338 -75.65 106.55 56.11
C GLY V 338 -74.86 107.51 55.23
N LEU V 339 -73.72 107.04 54.74
CA LEU V 339 -72.90 107.89 53.91
C LEU V 339 -73.46 107.96 52.49
N GLU V 340 -74.01 106.85 52.00
CA GLU V 340 -74.63 106.85 50.69
C GLU V 340 -75.71 107.90 50.59
N ALA V 341 -76.47 108.09 51.68
CA ALA V 341 -77.50 109.12 51.69
C ALA V 341 -76.89 110.51 51.60
N ALA V 342 -75.96 110.83 52.51
CA ALA V 342 -75.34 112.14 52.50
C ALA V 342 -74.48 112.36 51.27
N LEU V 343 -74.09 111.30 50.58
CA LEU V 343 -73.42 111.46 49.30
C LEU V 343 -74.40 111.77 48.19
N GLU V 344 -75.63 111.26 48.29
CA GLU V 344 -76.68 111.65 47.36
C GLU V 344 -76.91 113.15 47.41
N ARG V 345 -77.07 113.69 48.62
CA ARG V 345 -77.06 115.12 48.78
C ARG V 345 -75.63 115.65 48.59
N LEU V 346 -75.49 116.96 48.71
CA LEU V 346 -74.19 117.63 48.62
C LEU V 346 -73.59 117.50 47.21
N PHE V 347 -74.21 116.72 46.35
CA PHE V 347 -73.81 116.61 44.94
C PHE V 347 -74.92 117.08 44.03
N GLY V 348 -74.67 118.14 43.29
CA GLY V 348 -75.44 118.47 42.11
C GLY V 348 -74.90 117.79 40.87
N ARG V 349 -73.97 116.84 41.07
CA ARG V 349 -73.35 116.10 39.98
C ARG V 349 -74.09 114.85 39.53
N LEU V 350 -75.39 115.00 39.29
CA LEU V 350 -76.21 113.91 38.81
C LEU V 350 -76.39 114.10 37.29
N ARG V 351 -75.46 114.85 36.71
CA ARG V 351 -75.45 115.19 35.30
C ARG V 351 -75.45 113.92 34.50
N ILE V 352 -74.75 112.91 35.00
CA ILE V 352 -74.72 111.63 34.31
C ILE V 352 -76.18 111.18 34.23
N THR V 416 -73.58 106.99 31.98
CA THR V 416 -74.92 106.44 32.12
C THR V 416 -75.42 106.61 33.54
N CYS V 417 -74.98 105.66 34.35
CA CYS V 417 -75.24 105.64 35.79
C CYS V 417 -73.88 105.51 36.46
N THR V 418 -73.76 106.08 37.66
CA THR V 418 -72.57 105.97 38.53
C THR V 418 -71.50 107.05 38.62
N TYR V 419 -71.18 107.36 39.86
CA TYR V 419 -70.20 108.35 40.25
C TYR V 419 -69.97 108.17 41.78
N ALA V 420 -69.06 108.92 42.39
CA ALA V 420 -68.93 108.87 43.84
C ALA V 420 -68.80 107.57 44.62
N ALA V 421 -67.78 106.77 44.37
CA ALA V 421 -67.57 105.56 45.15
C ALA V 421 -66.98 105.86 46.54
N PHE V 422 -67.18 105.15 47.59
CA PHE V 422 -66.40 105.64 48.71
C PHE V 422 -65.85 104.48 49.50
N ALA V 423 -64.79 104.70 50.24
CA ALA V 423 -64.22 103.67 51.09
C ALA V 423 -63.88 104.34 52.40
N GLU V 424 -63.89 103.56 53.47
CA GLU V 424 -63.56 104.14 54.75
C GLU V 424 -62.12 103.86 54.94
N LEU V 425 -61.32 104.90 55.10
CA LEU V 425 -59.91 104.72 55.32
C LEU V 425 -59.68 104.11 56.66
N GLY V 426 -60.49 104.60 57.62
CA GLY V 426 -60.42 104.15 58.99
C GLY V 426 -60.89 105.18 60.01
N VAL V 427 -61.08 104.75 61.24
CA VAL V 427 -61.58 105.62 62.30
C VAL V 427 -60.54 106.58 62.78
N MET V 428 -61.00 107.66 63.36
CA MET V 428 -60.17 108.67 63.97
C MET V 428 -60.94 108.74 65.30
N PRO V 429 -60.64 107.83 66.26
CA PRO V 429 -61.51 107.71 67.44
C PRO V 429 -61.36 108.81 68.43
N ASP V 430 -61.37 109.98 67.84
CA ASP V 430 -61.38 111.26 68.53
C ASP V 430 -61.63 112.24 67.43
N ASP V 431 -62.62 113.04 67.68
CA ASP V 431 -63.13 114.02 66.76
C ASP V 431 -62.17 115.15 66.42
N SER V 432 -61.53 115.67 67.45
CA SER V 432 -60.68 116.87 67.46
C SER V 432 -59.34 117.13 66.72
N PRO V 433 -58.62 116.11 66.28
CA PRO V 433 -57.33 116.42 65.72
C PRO V 433 -57.41 117.03 64.35
N ARG V 434 -58.54 117.49 63.84
CA ARG V 434 -58.30 117.95 62.48
C ARG V 434 -57.68 119.35 62.52
N CYS V 435 -56.52 119.49 61.87
CA CYS V 435 -55.67 120.65 62.06
C CYS V 435 -55.61 121.47 60.77
N LEU V 436 -55.34 122.76 60.94
CA LEU V 436 -55.29 123.71 59.86
C LEU V 436 -53.85 124.16 59.70
N HIS V 437 -53.23 123.75 58.61
CA HIS V 437 -51.90 124.20 58.26
C HIS V 437 -52.05 124.85 56.89
N ARG V 438 -51.60 126.08 56.74
CA ARG V 438 -51.71 126.74 55.45
C ARG V 438 -50.90 125.90 54.49
N THR V 439 -49.75 125.43 54.98
CA THR V 439 -48.87 124.62 54.15
C THR V 439 -47.96 123.71 54.97
N GLU V 440 -47.39 122.73 54.28
CA GLU V 440 -46.44 121.78 54.86
C GLU V 440 -45.20 121.94 53.99
N ARG V 441 -44.04 122.03 54.62
CA ARG V 441 -42.81 122.21 53.85
C ARG V 441 -42.20 120.91 53.32
N PHE V 442 -42.81 120.35 52.28
CA PHE V 442 -42.28 119.13 51.69
C PHE V 442 -40.91 119.44 51.10
N GLY V 443 -40.84 120.61 50.48
CA GLY V 443 -39.65 121.13 49.84
C GLY V 443 -39.88 122.61 49.96
N ALA V 444 -39.50 123.36 48.95
CA ALA V 444 -39.72 124.79 48.95
C ALA V 444 -41.24 125.01 49.00
N VAL V 445 -41.95 124.11 48.32
CA VAL V 445 -43.41 124.16 48.22
C VAL V 445 -44.18 124.04 49.54
N GLY V 446 -45.25 124.83 49.66
CA GLY V 446 -46.11 124.79 50.83
C GLY V 446 -47.48 124.38 50.35
N VAL V 447 -48.04 123.32 50.93
CA VAL V 447 -49.33 122.77 50.53
C VAL V 447 -50.37 122.86 51.63
N PRO V 448 -51.57 123.36 51.34
CA PRO V 448 -52.54 123.43 52.40
C PRO V 448 -52.36 122.03 52.80
N VAL V 449 -52.17 121.86 54.08
CA VAL V 449 -52.01 120.57 54.57
C VAL V 449 -52.92 120.53 55.76
N VAL V 450 -53.71 119.48 55.84
CA VAL V 450 -54.54 119.33 56.98
C VAL V 450 -53.96 118.12 57.63
N ILE V 451 -53.69 118.31 58.89
CA ILE V 451 -53.20 117.28 59.80
C ILE V 451 -54.36 116.59 60.53
N LEU V 452 -54.34 115.26 60.51
CA LEU V 452 -55.32 114.44 61.21
C LEU V 452 -54.62 113.70 62.34
N GLU V 453 -54.98 114.02 63.58
CA GLU V 453 -54.26 113.50 64.74
C GLU V 453 -54.94 112.22 65.20
N GLY V 454 -54.24 111.11 65.00
CA GLY V 454 -54.65 109.79 65.38
C GLY V 454 -55.59 109.28 64.33
N VAL V 455 -55.35 108.05 63.88
CA VAL V 455 -56.17 107.38 62.87
C VAL V 455 -55.97 105.90 63.09
N VAL V 456 -57.03 105.13 62.92
CA VAL V 456 -56.93 103.69 62.97
C VAL V 456 -57.37 103.17 61.61
N TRP V 457 -56.42 102.98 60.74
CA TRP V 457 -56.81 102.64 59.41
C TRP V 457 -57.60 101.38 59.58
N ARG V 458 -58.75 101.31 58.95
CA ARG V 458 -59.61 100.16 59.00
C ARG V 458 -60.26 100.26 57.65
N PRO V 459 -59.56 99.81 56.60
CA PRO V 459 -59.95 99.96 55.19
C PRO V 459 -61.27 99.38 54.59
N GLY V 460 -61.71 98.15 54.76
CA GLY V 460 -63.02 97.91 54.16
C GLY V 460 -62.94 97.86 52.63
N GLY V 461 -64.10 97.66 52.02
CA GLY V 461 -64.22 97.52 50.58
C GLY V 461 -64.84 98.72 49.89
N TRP V 462 -64.89 98.64 48.57
CA TRP V 462 -65.55 99.66 47.77
C TRP V 462 -67.04 99.36 47.65
N ARG V 463 -67.87 100.37 47.84
CA ARG V 463 -69.28 100.26 47.48
C ARG V 463 -69.68 101.48 46.68
N ALA V 464 -69.91 101.29 45.38
CA ALA V 464 -70.71 102.22 44.58
C ALA V 464 -71.59 101.39 43.65
N CYS V 465 -72.89 101.37 43.90
CA CYS V 465 -73.82 100.77 42.95
C CYS V 465 -74.60 101.79 42.13
N ALA V 466 -74.50 103.06 42.47
CA ALA V 466 -75.38 104.09 41.92
C ALA V 466 -75.00 105.46 42.43
N CYS W 5 55.54 -0.81 10.43
CA CYS W 5 55.25 -0.52 9.04
C CYS W 5 56.29 -1.27 8.22
N PHE W 6 57.39 -1.63 8.89
CA PHE W 6 58.60 -2.04 8.21
C PHE W 6 59.07 -0.93 7.28
N GLU W 7 59.68 0.11 7.82
CA GLU W 7 60.28 1.10 6.95
C GLU W 7 61.56 0.55 6.32
N ALA W 8 61.78 0.90 5.06
CA ALA W 8 63.01 0.61 4.35
C ALA W 8 63.64 1.93 3.96
N ASP W 9 64.92 2.10 4.29
CA ASP W 9 65.58 3.40 4.23
C ASP W 9 66.50 3.46 3.03
N ILE W 10 66.09 4.21 2.01
CA ILE W 10 66.87 4.36 0.79
C ILE W 10 67.96 5.40 1.03
N ALA W 11 69.17 5.11 0.62
CA ALA W 11 70.32 5.94 0.94
C ALA W 11 70.58 6.93 -0.19
N ILE W 12 70.38 8.21 0.10
CA ILE W 12 70.75 9.26 -0.86
C ILE W 12 72.24 9.16 -1.16
N PRO W 13 72.67 9.35 -2.41
CA PRO W 13 74.11 9.26 -2.70
C PRO W 13 74.87 10.44 -2.13
N SER W 14 76.12 10.58 -2.58
CA SER W 14 77.01 11.62 -2.08
C SER W 14 76.48 12.98 -2.52
N GLY W 15 77.25 14.02 -2.27
CA GLY W 15 76.73 15.37 -2.28
C GLY W 15 75.87 15.71 -3.48
N ILE W 16 74.68 16.22 -3.20
CA ILE W 16 73.71 16.57 -4.23
C ILE W 16 73.50 18.08 -4.18
N SER W 17 73.11 18.64 -5.31
CA SER W 17 72.91 20.07 -5.35
C SER W 17 71.74 20.46 -4.46
N ARG W 18 71.82 21.68 -3.92
CA ARG W 18 70.72 22.20 -3.13
C ARG W 18 69.38 22.23 -3.87
N PRO W 19 69.31 22.54 -5.16
CA PRO W 19 68.02 22.41 -5.85
C PRO W 19 67.56 20.98 -6.01
N ASP W 20 68.48 20.01 -6.06
CA ASP W 20 68.07 18.62 -6.11
C ASP W 20 67.53 18.15 -4.77
N ALA W 21 68.19 18.53 -3.68
CA ALA W 21 67.68 18.17 -2.37
C ALA W 21 66.29 18.73 -2.14
N ALA W 22 65.96 19.85 -2.75
CA ALA W 22 64.61 20.37 -2.66
C ALA W 22 63.66 19.66 -3.61
N ALA W 23 64.20 19.02 -4.64
CA ALA W 23 63.36 18.20 -5.50
C ALA W 23 62.88 16.96 -4.76
N LEU W 24 63.77 16.35 -3.98
CA LEU W 24 63.38 15.18 -3.21
C LEU W 24 62.41 15.53 -2.10
N GLN W 25 62.62 16.66 -1.42
CA GLN W 25 61.71 17.05 -0.35
C GLN W 25 60.28 17.07 -0.83
N ARG W 26 60.07 17.40 -2.10
CA ARG W 26 58.74 17.45 -2.66
C ARG W 26 58.24 16.09 -3.12
N CYS W 27 59.06 15.04 -2.97
CA CYS W 27 58.70 13.69 -3.38
C CYS W 27 58.13 12.84 -2.25
N GLU W 28 57.91 13.42 -1.08
CA GLU W 28 57.25 12.67 -0.02
C GLU W 28 55.80 12.44 -0.39
N GLY W 29 55.33 11.22 -0.20
CA GLY W 29 53.99 10.85 -0.61
C GLY W 29 53.91 10.27 -2.00
N ARG W 30 55.03 9.91 -2.59
CA ARG W 30 55.10 9.38 -3.94
C ARG W 30 55.44 7.90 -3.88
N VAL W 31 54.96 7.14 -4.84
CA VAL W 31 55.12 5.70 -4.83
C VAL W 31 56.45 5.35 -5.46
N VAL W 32 57.19 4.49 -4.80
CA VAL W 32 58.43 3.92 -5.27
C VAL W 32 58.26 2.41 -5.36
N PHE W 33 58.90 1.83 -6.36
CA PHE W 33 58.99 0.39 -6.49
C PHE W 33 60.41 0.01 -6.13
N LEU W 34 60.54 -0.82 -5.11
CA LEU W 34 61.84 -1.19 -4.60
C LEU W 34 62.10 -2.65 -4.94
N PRO W 35 63.25 -2.99 -5.54
CA PRO W 35 63.40 -4.33 -6.11
C PRO W 35 63.37 -5.43 -5.08
N THR W 36 63.94 -5.21 -3.90
CA THR W 36 63.91 -6.17 -2.82
C THR W 36 63.64 -5.40 -1.53
N ILE W 37 63.13 -6.11 -0.54
CA ILE W 37 62.61 -5.49 0.67
C ILE W 37 63.71 -5.36 1.72
N ARG W 38 64.95 -5.59 1.32
CA ARG W 38 66.09 -5.27 2.15
C ARG W 38 65.93 -3.89 2.78
N ARG W 39 66.22 -3.80 4.08
CA ARG W 39 66.10 -2.58 4.89
C ARG W 39 67.01 -1.49 4.43
N GLN W 40 68.12 -1.84 3.84
CA GLN W 40 69.02 -0.85 3.36
C GLN W 40 69.08 -0.99 1.86
N LEU W 41 68.69 0.05 1.13
CA LEU W 41 68.72 0.02 -0.33
C LEU W 41 69.34 1.30 -0.81
N ALA W 42 69.89 1.28 -2.00
CA ALA W 42 70.51 2.44 -2.61
C ALA W 42 69.49 3.25 -3.31
N LEU W 43 69.85 4.45 -3.71
CA LEU W 43 68.92 5.22 -4.52
C LEU W 43 68.96 4.80 -5.99
N ALA W 44 70.15 4.49 -6.50
CA ALA W 44 70.24 4.04 -7.88
C ALA W 44 69.41 2.82 -8.16
N ASP W 45 69.21 1.96 -7.16
CA ASP W 45 68.39 0.77 -7.37
C ASP W 45 66.93 1.12 -7.64
N VAL W 46 66.43 2.19 -7.03
CA VAL W 46 65.07 2.67 -7.21
C VAL W 46 64.90 3.52 -8.45
N ALA W 47 65.95 4.24 -8.84
CA ALA W 47 65.80 5.22 -9.90
C ALA W 47 65.41 4.56 -11.22
N HIS W 48 64.77 5.34 -12.08
CA HIS W 48 64.26 4.80 -13.33
C HIS W 48 65.34 4.22 -14.21
N GLU W 49 66.59 4.65 -14.03
CA GLU W 49 67.70 4.04 -14.74
C GLU W 49 67.92 2.59 -14.34
N SER W 50 67.24 2.11 -13.31
CA SER W 50 67.32 0.72 -12.91
C SER W 50 66.22 -0.12 -13.49
N PHE W 51 65.35 0.45 -14.32
CA PHE W 51 64.33 -0.30 -15.03
C PHE W 51 64.81 -0.79 -16.37
N VAL W 52 65.99 -0.36 -16.82
CA VAL W 52 66.56 -0.84 -18.07
C VAL W 52 66.65 -2.35 -18.03
N SER W 53 66.28 -2.99 -19.14
CA SER W 53 66.30 -4.44 -19.22
C SER W 53 67.05 -4.93 -20.45
N GLY W 54 66.53 -4.61 -21.62
CA GLY W 54 67.11 -5.06 -22.87
C GLY W 54 68.12 -4.09 -23.46
N GLY W 55 68.73 -3.29 -22.61
CA GLY W 55 69.59 -2.22 -23.05
C GLY W 55 68.88 -0.93 -23.34
N VAL W 56 67.55 -0.90 -23.19
CA VAL W 56 66.75 0.28 -23.47
C VAL W 56 65.97 0.65 -22.23
N SER W 57 65.54 1.90 -22.19
CA SER W 57 64.56 2.31 -21.20
C SER W 57 63.22 1.67 -21.54
N PRO W 58 62.51 1.12 -20.56
CA PRO W 58 61.34 0.31 -20.87
C PRO W 58 60.18 1.14 -21.37
N ASP W 59 59.41 0.53 -22.27
CA ASP W 59 58.19 1.12 -22.78
C ASP W 59 57.11 0.99 -21.71
N THR W 60 55.87 1.37 -22.05
CA THR W 60 54.79 1.24 -21.09
C THR W 60 54.51 -0.21 -20.73
N LEU W 61 54.74 -1.11 -21.68
CA LEU W 61 54.59 -2.53 -21.37
C LEU W 61 55.74 -3.01 -20.49
N GLY W 62 56.96 -2.68 -20.85
CA GLY W 62 58.10 -3.08 -20.04
C GLY W 62 58.00 -2.55 -18.63
N LEU W 63 57.46 -1.34 -18.48
CA LEU W 63 57.20 -0.81 -17.14
C LEU W 63 56.17 -1.68 -16.42
N LEU W 64 54.96 -1.79 -16.96
CA LEU W 64 53.90 -2.57 -16.33
C LEU W 64 54.36 -3.96 -15.93
N LEU W 65 55.29 -4.55 -16.68
CA LEU W 65 55.94 -5.77 -16.22
C LEU W 65 56.65 -5.53 -14.89
N ALA W 66 57.50 -4.51 -14.84
CA ALA W 66 58.30 -4.27 -13.64
C ALA W 66 57.43 -3.89 -12.47
N TYR W 67 56.39 -3.09 -12.69
CA TYR W 67 55.49 -2.73 -11.61
C TYR W 67 54.82 -3.96 -11.00
N ARG W 68 54.79 -5.04 -11.74
CA ARG W 68 54.22 -6.25 -11.20
C ARG W 68 55.29 -7.12 -10.61
N ARG W 69 56.54 -6.73 -10.67
CA ARG W 69 57.57 -7.62 -10.18
C ARG W 69 58.37 -7.15 -8.96
N ARG W 70 58.35 -5.86 -8.69
CA ARG W 70 59.01 -5.22 -7.58
C ARG W 70 57.99 -4.69 -6.60
N PHE W 71 58.43 -4.13 -5.49
CA PHE W 71 57.49 -3.75 -4.49
C PHE W 71 57.21 -2.28 -4.35
N PRO W 72 55.98 -1.85 -4.59
CA PRO W 72 55.82 -0.42 -4.42
C PRO W 72 55.84 0.01 -3.00
N ALA W 73 56.53 1.08 -2.64
CA ALA W 73 56.49 1.53 -1.28
C ALA W 73 56.25 3.02 -1.31
N VAL W 74 55.30 3.51 -0.57
CA VAL W 74 55.05 4.92 -0.52
C VAL W 74 56.16 5.62 0.25
N ILE W 75 56.52 6.83 -0.12
CA ILE W 75 57.57 7.55 0.58
C ILE W 75 56.98 8.21 1.79
N THR W 76 57.52 7.94 2.97
CA THR W 76 56.89 8.52 4.14
C THR W 76 57.58 9.79 4.58
N ARG W 77 58.88 9.70 4.83
CA ARG W 77 59.67 10.85 5.23
C ARG W 77 60.90 10.96 4.38
N VAL W 78 61.18 12.10 3.80
CA VAL W 78 62.42 12.21 3.05
C VAL W 78 63.38 12.98 3.93
N LEU W 79 64.54 12.42 4.14
CA LEU W 79 65.53 13.01 5.00
C LEU W 79 66.77 13.22 4.23
N PRO W 80 67.54 14.26 4.56
CA PRO W 80 68.77 14.39 3.81
C PRO W 80 69.59 13.21 4.25
N THR W 81 70.05 12.52 3.23
CA THR W 81 70.89 11.33 3.29
C THR W 81 70.10 10.06 3.60
N ARG W 82 68.79 10.11 3.39
CA ARG W 82 67.93 8.94 3.52
C ARG W 82 66.53 9.13 2.98
N ILE W 83 65.98 8.10 2.34
CA ILE W 83 64.57 8.17 1.99
C ILE W 83 63.90 7.00 2.67
N VAL W 84 62.81 7.26 3.37
CA VAL W 84 62.13 6.24 4.16
C VAL W 84 60.82 5.93 3.47
N ALA W 85 60.72 4.73 2.92
CA ALA W 85 59.54 4.31 2.19
C ALA W 85 59.05 2.99 2.76
N CYS W 86 57.75 2.87 2.96
CA CYS W 86 57.19 1.74 3.69
C CYS W 86 56.46 0.83 2.69
N PRO W 87 56.99 -0.35 2.37
CA PRO W 87 56.41 -1.17 1.30
C PRO W 87 54.93 -1.48 1.51
N VAL W 88 54.18 -1.40 0.42
CA VAL W 88 52.74 -1.59 0.47
C VAL W 88 52.34 -3.04 0.69
N ASP W 89 53.23 -3.98 0.39
CA ASP W 89 52.83 -5.38 0.37
C ASP W 89 52.97 -6.05 1.72
N LEU W 90 53.59 -5.39 2.70
CA LEU W 90 54.08 -6.06 3.90
C LEU W 90 53.37 -5.56 5.15
N GLY W 91 52.88 -6.55 5.87
CA GLY W 91 52.15 -6.34 7.08
C GLY W 91 50.75 -6.82 6.86
N LEU W 92 49.94 -6.62 7.87
CA LEU W 92 48.56 -7.03 7.79
C LEU W 92 47.82 -6.12 6.86
N THR W 93 46.73 -6.63 6.33
CA THR W 93 45.86 -5.88 5.46
C THR W 93 45.07 -4.87 6.28
N HIS W 94 44.59 -3.83 5.63
CA HIS W 94 43.85 -2.78 6.29
C HIS W 94 44.65 -2.19 7.47
N ALA W 95 45.96 -1.94 7.32
CA ALA W 95 46.74 -1.29 8.41
C ALA W 95 47.93 -0.53 7.81
N GLY W 96 48.62 0.29 8.61
CA GLY W 96 49.67 1.12 8.09
C GLY W 96 49.23 2.20 7.17
N THR W 97 48.28 3.00 7.62
CA THR W 97 47.83 4.08 6.80
C THR W 97 49.04 4.96 6.58
N VAL W 98 49.35 5.23 5.34
CA VAL W 98 50.45 6.08 4.94
C VAL W 98 49.87 7.01 3.94
N ASN W 99 50.28 8.25 3.94
CA ASN W 99 49.73 9.17 2.99
C ASN W 99 50.26 9.13 1.62
N LEU W 100 49.37 9.18 0.68
CA LEU W 100 49.74 9.28 -0.73
C LEU W 100 49.73 10.72 -1.20
N ARG W 101 50.02 10.91 -2.49
CA ARG W 101 49.74 12.15 -3.16
C ARG W 101 48.83 11.87 -4.33
N ASN W 102 47.73 12.58 -4.41
CA ASN W 102 46.86 12.42 -5.55
C ASN W 102 47.44 13.13 -6.75
N THR W 103 47.30 12.47 -7.88
CA THR W 103 47.68 13.00 -9.19
C THR W 103 46.44 12.75 -10.10
N SER W 104 46.03 13.78 -10.85
CA SER W 104 44.83 13.80 -11.75
C SER W 104 43.40 13.79 -11.12
N PRO W 105 42.55 12.75 -11.37
CA PRO W 105 41.22 12.62 -10.76
C PRO W 105 41.27 12.49 -9.26
N VAL W 106 40.16 12.85 -8.65
CA VAL W 106 39.99 12.97 -7.21
C VAL W 106 40.33 11.92 -6.16
N ASP W 107 40.20 10.63 -6.43
CA ASP W 107 40.44 9.62 -5.39
C ASP W 107 39.45 9.78 -4.24
N LEU W 108 38.21 9.39 -4.50
CA LEU W 108 37.20 9.52 -3.47
C LEU W 108 37.47 8.55 -2.33
N CYS W 109 36.55 8.48 -1.38
CA CYS W 109 36.80 7.90 -0.07
C CYS W 109 37.15 6.43 -0.15
N ASN W 110 37.08 5.84 -1.34
CA ASN W 110 37.54 4.47 -1.53
C ASN W 110 37.99 4.27 -2.96
N GLY W 111 38.07 3.02 -3.38
CA GLY W 111 38.26 2.69 -4.78
C GLY W 111 39.60 2.10 -5.10
N ASP W 112 40.44 1.89 -4.14
CA ASP W 112 41.60 1.07 -4.38
C ASP W 112 42.53 1.60 -5.47
N PRO W 113 43.27 2.67 -5.20
CA PRO W 113 44.19 3.20 -6.23
C PRO W 113 45.13 2.15 -6.80
N VAL W 114 45.23 2.15 -8.12
CA VAL W 114 46.26 1.42 -8.84
C VAL W 114 47.37 2.39 -9.17
N SER W 115 48.60 1.92 -9.13
CA SER W 115 49.73 2.72 -9.55
C SER W 115 50.06 2.24 -10.95
N LEU W 116 49.64 3.01 -11.93
CA LEU W 116 49.91 2.75 -13.34
C LEU W 116 51.06 3.62 -13.83
N VAL W 117 51.74 3.11 -14.84
CA VAL W 117 52.94 3.72 -15.40
C VAL W 117 52.70 5.19 -15.70
N PRO W 118 53.71 6.05 -15.65
CA PRO W 118 53.49 7.49 -15.89
C PRO W 118 53.09 7.85 -17.32
N PRO W 119 53.63 7.20 -18.38
CA PRO W 119 53.49 7.79 -19.74
C PRO W 119 52.06 7.97 -20.19
N VAL W 120 51.12 7.22 -19.60
CA VAL W 120 49.70 7.32 -19.92
C VAL W 120 49.16 8.74 -19.87
N PHE W 121 49.85 9.62 -19.16
CA PHE W 121 49.49 11.03 -19.04
C PHE W 121 50.75 11.79 -19.43
N GLU W 122 50.77 13.10 -19.21
CA GLU W 122 51.93 13.87 -19.63
C GLU W 122 53.22 13.11 -19.34
N GLY W 123 53.98 12.84 -20.40
CA GLY W 123 54.98 11.80 -20.37
C GLY W 123 56.16 12.04 -19.46
N GLN W 124 56.92 13.06 -19.83
CA GLN W 124 58.07 13.54 -19.10
C GLN W 124 57.64 14.27 -17.87
N ALA W 125 56.41 14.76 -17.88
CA ALA W 125 55.90 15.45 -16.72
C ALA W 125 55.86 14.30 -15.76
N THR W 126 56.51 14.53 -14.61
CA THR W 126 56.84 13.63 -13.48
C THR W 126 58.15 12.90 -13.56
N ASP W 127 59.00 13.23 -14.52
CA ASP W 127 60.31 12.60 -14.60
C ASP W 127 61.17 12.98 -13.40
N VAL W 128 61.04 14.20 -12.86
CA VAL W 128 61.79 14.63 -11.67
C VAL W 128 63.28 14.34 -11.70
N ARG W 129 64.00 14.99 -12.60
CA ARG W 129 65.38 14.60 -12.74
C ARG W 129 66.25 15.19 -11.64
N LEU W 130 67.27 14.43 -11.26
CA LEU W 130 68.32 14.89 -10.35
C LEU W 130 69.62 14.93 -11.13
N GLU W 131 70.11 16.13 -11.43
CA GLU W 131 71.30 16.24 -12.26
C GLU W 131 72.58 15.98 -11.47
N SER W 132 72.61 16.39 -10.21
CA SER W 132 73.84 16.31 -9.44
C SER W 132 74.37 14.88 -9.38
N LEU W 133 73.49 13.94 -9.07
CA LEU W 133 73.85 12.54 -9.01
C LEU W 133 73.52 11.78 -10.27
N ASP W 134 72.90 12.43 -11.25
CA ASP W 134 72.65 11.89 -12.59
C ASP W 134 71.79 10.63 -12.54
N LEU W 135 70.56 10.84 -12.09
CA LEU W 135 69.55 9.81 -12.03
C LEU W 135 68.18 10.50 -12.17
N THR W 136 67.11 9.72 -12.18
CA THR W 136 65.80 10.25 -12.44
C THR W 136 64.77 9.31 -11.80
N LEU W 137 63.57 9.81 -11.59
CA LEU W 137 62.53 9.09 -10.86
C LEU W 137 61.22 9.32 -11.57
N ARG W 138 60.57 8.26 -12.00
CA ARG W 138 59.26 8.39 -12.61
C ARG W 138 58.25 7.78 -11.68
N PHE W 139 57.44 8.56 -11.15
CA PHE W 139 56.54 8.03 -10.16
C PHE W 139 55.24 7.61 -10.83
N PRO W 140 54.71 6.45 -10.52
CA PRO W 140 53.47 6.02 -11.14
C PRO W 140 52.32 6.92 -10.70
N VAL W 141 51.26 6.92 -11.49
CA VAL W 141 50.11 7.74 -11.17
C VAL W 141 49.11 6.92 -10.37
N PRO W 142 48.65 7.43 -9.25
CA PRO W 142 47.70 6.68 -8.41
C PRO W 142 46.25 6.79 -8.84
N LEU W 143 45.76 5.94 -9.73
CA LEU W 143 44.40 6.10 -10.16
C LEU W 143 43.52 4.96 -9.63
N PRO W 144 42.22 5.21 -9.44
CA PRO W 144 41.33 4.14 -8.98
C PRO W 144 41.26 3.00 -9.96
N THR W 145 40.96 1.80 -9.46
CA THR W 145 40.95 0.63 -10.34
C THR W 145 39.94 0.74 -11.47
N PRO W 146 38.68 1.10 -11.24
CA PRO W 146 37.77 1.19 -12.39
C PRO W 146 38.25 2.17 -13.42
N LEU W 147 38.78 3.31 -12.99
CA LEU W 147 39.24 4.29 -13.94
C LEU W 147 40.59 3.92 -14.52
N ALA W 148 41.47 3.32 -13.73
CA ALA W 148 42.77 2.91 -14.27
C ALA W 148 42.60 1.88 -15.37
N ARG W 149 41.69 0.93 -15.19
CA ARG W 149 41.48 -0.08 -16.22
C ARG W 149 40.77 0.50 -17.42
N GLU W 150 39.80 1.40 -17.19
CA GLU W 150 39.14 2.06 -18.30
C GLU W 150 40.15 2.80 -19.16
N ILE W 151 41.08 3.52 -18.52
CA ILE W 151 42.06 4.29 -19.27
C ILE W 151 42.99 3.37 -20.04
N VAL W 152 43.67 2.45 -19.36
CA VAL W 152 44.68 1.66 -20.04
C VAL W 152 44.09 0.90 -21.22
N ALA W 153 42.84 0.46 -21.10
CA ALA W 153 42.18 -0.13 -22.26
C ALA W 153 41.78 0.92 -23.26
N ARG W 154 41.42 2.11 -22.78
CA ARG W 154 41.01 3.19 -23.65
C ARG W 154 42.13 3.60 -24.60
N LEU W 155 43.37 3.58 -24.11
CA LEU W 155 44.50 4.01 -24.92
C LEU W 155 44.98 2.96 -25.89
N VAL W 156 44.86 1.69 -25.50
CA VAL W 156 45.23 0.61 -26.38
C VAL W 156 44.33 0.65 -27.62
N ALA W 157 43.05 0.92 -27.43
CA ALA W 157 42.09 1.00 -28.53
C ALA W 157 42.43 2.13 -29.48
N ARG W 158 42.84 3.25 -28.92
CA ARG W 158 43.22 4.39 -29.72
C ARG W 158 44.41 3.95 -30.52
N GLY W 159 45.28 3.18 -29.88
CA GLY W 159 46.47 2.70 -30.53
C GLY W 159 46.15 1.81 -31.70
N ILE W 160 45.15 0.96 -31.54
CA ILE W 160 44.73 0.08 -32.62
C ILE W 160 44.21 0.91 -33.77
N ARG W 161 43.42 1.94 -33.49
CA ARG W 161 42.89 2.73 -34.59
C ARG W 161 44.04 3.36 -35.34
N ASP W 162 44.97 3.91 -34.60
CA ASP W 162 46.16 4.52 -35.13
C ASP W 162 46.98 3.55 -35.95
N LEU W 163 46.98 2.25 -35.58
CA LEU W 163 47.82 1.23 -36.27
C LEU W 163 47.44 1.26 -37.71
N ASN W 164 46.21 0.93 -38.07
CA ASN W 164 45.83 1.37 -39.39
C ASN W 164 44.53 2.15 -39.38
N PRO W 165 44.60 3.45 -39.75
CA PRO W 165 43.50 4.41 -39.80
C PRO W 165 43.39 4.96 -41.20
N ASP W 166 42.30 5.61 -41.54
CA ASP W 166 42.34 6.15 -42.90
C ASP W 166 42.73 7.61 -42.77
N PRO W 174 34.20 8.94 -33.22
CA PRO W 174 33.87 8.93 -31.79
C PRO W 174 35.11 8.99 -30.91
N ASP W 175 35.25 10.07 -30.15
CA ASP W 175 36.47 10.34 -29.41
C ASP W 175 36.57 9.42 -28.21
N LEU W 176 37.65 8.65 -28.15
CA LEU W 176 37.98 7.86 -26.97
C LEU W 176 38.57 8.70 -25.86
N ASN W 177 39.17 9.82 -26.31
CA ASN W 177 39.92 10.77 -25.51
C ASN W 177 39.22 11.58 -24.46
N VAL W 178 38.07 12.12 -24.80
CA VAL W 178 37.34 12.90 -23.82
C VAL W 178 36.90 11.93 -22.78
N LEU W 179 37.10 12.30 -21.53
CA LEU W 179 36.70 11.46 -20.44
C LEU W 179 35.97 12.32 -19.46
N TYR W 180 34.81 11.86 -19.03
CA TYR W 180 34.09 12.62 -18.06
C TYR W 180 34.18 11.87 -16.76
N TYR W 181 34.95 12.43 -15.85
CA TYR W 181 35.07 11.85 -14.53
C TYR W 181 34.60 12.82 -13.51
N ASN W 182 33.68 12.40 -12.66
CA ASN W 182 33.25 13.27 -11.60
C ASN W 182 32.76 14.61 -12.14
N GLY W 183 33.21 15.70 -11.53
CA GLY W 183 32.79 17.04 -11.90
C GLY W 183 33.09 17.63 -13.25
N ALA W 184 34.29 17.40 -13.78
CA ALA W 184 34.66 17.97 -15.06
C ALA W 184 35.21 16.96 -16.04
N ARG W 185 35.02 17.22 -17.33
CA ARG W 185 35.51 16.31 -18.35
C ARG W 185 37.02 16.29 -18.27
N LEU W 186 37.52 15.07 -18.16
CA LEU W 186 38.93 14.79 -18.04
C LEU W 186 39.47 14.83 -19.44
N SER W 187 40.76 15.01 -19.56
CA SER W 187 41.29 15.09 -20.94
C SER W 187 42.35 14.03 -21.15
N LEU W 188 42.38 13.38 -22.31
CA LEU W 188 43.32 12.27 -22.41
C LEU W 188 44.51 12.84 -23.14
N VAL W 189 44.19 13.27 -24.35
CA VAL W 189 45.12 13.87 -25.30
C VAL W 189 45.67 15.19 -24.75
N ALA W 190 46.98 15.26 -24.84
CA ALA W 190 47.75 16.47 -24.59
C ALA W 190 48.12 17.10 -25.98
N ASP W 191 47.51 16.54 -27.05
CA ASP W 191 47.68 16.93 -28.45
C ASP W 191 49.15 16.88 -28.77
N VAL W 192 49.63 17.90 -29.47
CA VAL W 192 51.05 18.07 -29.80
C VAL W 192 51.67 16.79 -30.38
N GLN W 193 52.85 16.42 -29.92
CA GLN W 193 53.48 15.19 -30.31
C GLN W 193 53.47 14.24 -29.11
N GLN W 194 52.81 14.63 -28.02
CA GLN W 194 52.76 13.84 -26.81
C GLN W 194 52.11 12.56 -27.23
N LEU W 195 51.04 12.67 -28.00
CA LEU W 195 50.43 11.45 -28.51
C LEU W 195 51.44 10.60 -29.27
N ALA W 196 52.25 11.24 -30.10
CA ALA W 196 53.29 10.50 -30.80
C ALA W 196 54.27 9.87 -29.82
N SER W 197 54.47 10.50 -28.67
CA SER W 197 55.28 9.89 -27.62
C SER W 197 54.48 8.87 -26.83
N VAL W 198 53.21 9.17 -26.53
CA VAL W 198 52.37 8.18 -25.88
C VAL W 198 52.17 6.98 -26.80
N ASN W 199 51.83 7.23 -28.06
CA ASN W 199 51.54 6.11 -28.95
C ASN W 199 52.78 5.29 -29.26
N THR W 200 53.97 5.88 -29.18
CA THR W 200 55.15 5.10 -29.48
C THR W 200 55.51 4.16 -28.32
N GLU W 201 55.13 4.52 -27.10
CA GLU W 201 55.40 3.65 -25.97
C GLU W 201 54.31 2.59 -25.80
N LEU W 202 53.07 2.89 -26.15
CA LEU W 202 52.06 1.84 -26.17
C LEU W 202 52.18 0.95 -27.39
N ARG W 203 53.07 1.31 -28.32
CA ARG W 203 53.29 0.55 -29.54
C ARG W 203 53.46 -0.93 -29.26
N SER W 204 54.28 -1.28 -28.27
CA SER W 204 54.54 -2.69 -27.99
C SER W 204 53.43 -3.33 -27.18
N LEU W 205 52.67 -2.54 -26.42
CA LEU W 205 51.53 -3.09 -25.71
C LEU W 205 50.37 -3.33 -26.66
N VAL W 206 50.21 -2.45 -27.65
CA VAL W 206 49.14 -2.62 -28.62
C VAL W 206 49.31 -3.92 -29.38
N LEU W 207 50.53 -4.25 -29.75
CA LEU W 207 50.75 -5.43 -30.58
C LEU W 207 50.45 -6.69 -29.82
N ASN W 208 50.99 -6.83 -28.61
CA ASN W 208 50.67 -7.98 -27.79
C ASN W 208 49.18 -8.09 -27.58
N MET W 209 48.47 -6.97 -27.62
CA MET W 209 47.02 -7.03 -27.55
C MET W 209 46.42 -7.47 -28.88
N VAL W 210 46.85 -6.84 -29.98
CA VAL W 210 46.33 -7.22 -31.30
C VAL W 210 46.63 -8.68 -31.57
N TYR W 211 47.85 -9.11 -31.28
CA TYR W 211 48.25 -10.48 -31.54
C TYR W 211 47.39 -11.45 -30.75
N SER W 212 47.28 -11.22 -29.45
CA SER W 212 46.59 -12.16 -28.58
C SER W 212 45.12 -12.29 -28.93
N ILE W 213 44.53 -11.27 -29.56
CA ILE W 213 43.16 -11.39 -30.05
C ILE W 213 43.12 -12.20 -31.33
N THR W 214 43.76 -11.68 -32.37
CA THR W 214 43.79 -12.35 -33.67
C THR W 214 44.26 -13.80 -33.55
N GLU W 215 45.19 -14.06 -32.64
CA GLU W 215 45.64 -15.42 -32.41
C GLU W 215 44.66 -16.22 -31.58
N GLY W 216 43.81 -15.57 -30.81
CA GLY W 216 42.82 -16.28 -30.04
C GLY W 216 41.62 -16.71 -30.85
N THR W 217 41.06 -15.79 -31.62
CA THR W 217 39.90 -16.11 -32.46
C THR W 217 40.26 -17.22 -33.44
N THR W 218 41.21 -16.94 -34.33
CA THR W 218 41.58 -17.91 -35.34
C THR W 218 41.89 -19.26 -34.75
N LEU W 219 42.31 -19.29 -33.49
CA LEU W 219 42.60 -20.56 -32.85
C LEU W 219 41.35 -21.25 -32.33
N ILE W 220 40.33 -20.49 -31.93
CA ILE W 220 39.07 -21.14 -31.59
C ILE W 220 38.25 -21.39 -32.85
N LEU W 221 38.25 -20.45 -33.80
CA LEU W 221 37.51 -20.65 -35.03
C LEU W 221 38.02 -21.83 -35.80
N THR W 222 39.29 -22.17 -35.66
CA THR W 222 39.75 -23.41 -36.26
C THR W 222 39.42 -24.61 -35.39
N LEU W 223 39.36 -24.43 -34.08
CA LEU W 223 39.24 -25.58 -33.19
C LEU W 223 37.80 -26.07 -33.10
N ILE W 224 36.84 -25.15 -33.03
CA ILE W 224 35.44 -25.57 -32.86
C ILE W 224 35.03 -26.41 -34.06
N PRO W 225 35.14 -25.93 -35.30
CA PRO W 225 34.85 -26.82 -36.43
C PRO W 225 35.83 -27.97 -36.56
N ARG W 226 36.96 -27.95 -35.88
CA ARG W 226 37.90 -29.09 -35.94
C ARG W 226 37.85 -29.89 -34.63
N LEU W 227 36.72 -29.74 -33.98
CA LEU W 227 36.27 -30.37 -32.76
C LEU W 227 34.74 -30.27 -32.84
N LEU W 228 34.07 -31.22 -32.15
CA LEU W 228 32.59 -31.51 -32.11
C LEU W 228 32.15 -32.40 -33.29
N ALA W 229 33.14 -32.75 -34.10
CA ALA W 229 33.06 -33.59 -35.25
C ALA W 229 33.95 -34.83 -35.00
N LEU W 230 34.33 -35.06 -33.74
CA LEU W 230 35.19 -36.15 -33.34
C LEU W 230 34.79 -36.67 -31.95
N GLY W 235 29.91 -35.86 -29.05
CA GLY W 235 29.20 -36.20 -27.82
C GLY W 235 28.56 -34.98 -27.19
N TYR W 236 28.50 -34.98 -25.85
CA TYR W 236 28.00 -33.81 -25.14
C TYR W 236 28.75 -32.55 -25.53
N VAL W 237 30.03 -32.70 -25.91
CA VAL W 237 30.80 -31.60 -26.48
C VAL W 237 30.02 -30.92 -27.60
N ASN W 238 29.70 -31.69 -28.65
CA ASN W 238 29.00 -31.15 -29.81
C ASN W 238 27.71 -30.43 -29.43
N ALA W 239 26.77 -31.17 -28.85
CA ALA W 239 25.44 -30.64 -28.59
C ALA W 239 25.50 -29.36 -27.76
N LEU W 240 26.13 -29.43 -26.59
CA LEU W 240 26.16 -28.27 -25.70
C LEU W 240 26.86 -27.08 -26.34
N LEU W 241 27.97 -27.33 -27.06
CA LEU W 241 28.71 -26.27 -27.72
C LEU W 241 27.81 -25.49 -28.67
N GLN W 242 27.34 -26.15 -29.74
CA GLN W 242 26.51 -25.48 -30.73
C GLN W 242 25.22 -24.97 -30.12
N MET W 243 24.80 -25.53 -28.98
CA MET W 243 23.55 -25.14 -28.34
C MET W 243 23.52 -23.65 -27.99
N GLN W 244 24.36 -23.25 -27.03
CA GLN W 244 24.39 -21.87 -26.59
C GLN W 244 25.23 -20.97 -27.48
N SER W 245 25.92 -21.53 -28.47
CA SER W 245 26.72 -20.75 -29.41
C SER W 245 25.92 -20.31 -30.63
N VAL W 246 24.62 -20.58 -30.65
CA VAL W 246 23.78 -20.31 -31.81
C VAL W 246 23.91 -18.85 -32.22
N THR W 247 24.26 -18.62 -33.49
CA THR W 247 24.38 -17.29 -34.10
C THR W 247 25.37 -16.41 -33.36
N ARG W 248 26.33 -17.01 -32.65
CA ARG W 248 27.31 -16.23 -31.90
C ARG W 248 28.72 -16.69 -32.27
N GLU W 249 29.07 -17.89 -31.84
CA GLU W 249 30.37 -18.46 -32.24
C GLU W 249 30.34 -18.89 -33.69
N ALA W 250 29.31 -19.64 -34.10
CA ALA W 250 29.23 -20.11 -35.46
C ALA W 250 29.09 -18.97 -36.45
N ALA W 251 28.24 -17.99 -36.14
CA ALA W 251 28.13 -16.82 -37.02
C ALA W 251 29.46 -16.11 -37.16
N GLN W 252 30.13 -15.88 -36.03
CA GLN W 252 31.46 -15.29 -36.06
C GLN W 252 32.45 -16.15 -36.82
N LEU W 253 32.20 -17.46 -36.87
CA LEU W 253 33.07 -18.36 -37.63
C LEU W 253 32.93 -18.12 -39.13
N ILE W 254 31.71 -18.11 -39.64
CA ILE W 254 31.48 -17.87 -41.06
C ILE W 254 31.96 -16.48 -41.46
N HIS W 255 31.69 -15.48 -40.62
CA HIS W 255 32.08 -14.11 -40.96
C HIS W 255 33.59 -13.94 -40.94
N PRO W 256 34.32 -14.39 -39.93
CA PRO W 256 35.79 -14.27 -40.01
C PRO W 256 36.38 -15.13 -41.11
N GLU W 257 35.92 -16.38 -41.25
CA GLU W 257 36.39 -17.22 -42.35
C GLU W 257 36.05 -16.59 -43.70
N ALA W 258 34.98 -15.80 -43.77
CA ALA W 258 34.73 -15.01 -44.96
C ALA W 258 35.87 -14.06 -45.26
N PRO W 259 36.20 -13.10 -44.39
CA PRO W 259 37.37 -12.23 -44.62
C PRO W 259 38.62 -12.72 -43.91
N MET W 260 39.01 -13.96 -44.17
CA MET W 260 40.27 -14.53 -43.68
C MET W 260 40.48 -15.87 -44.37
N LEU W 261 41.57 -16.53 -43.99
CA LEU W 261 41.86 -17.88 -44.44
C LEU W 261 41.31 -18.87 -43.43
N MET W 262 41.64 -20.15 -43.60
CA MET W 262 41.14 -21.23 -42.75
C MET W 262 41.16 -20.92 -41.26
N ARG W 267 44.49 -28.76 -38.85
CA ARG W 267 45.83 -29.07 -38.38
C ARG W 267 45.88 -29.28 -36.87
N ARG W 268 45.26 -30.37 -36.39
CA ARG W 268 45.23 -30.61 -34.93
C ARG W 268 46.61 -30.57 -34.30
N LEU W 269 47.64 -31.04 -35.00
CA LEU W 269 48.97 -31.06 -34.38
C LEU W 269 49.53 -29.66 -34.17
N PRO W 270 49.61 -28.77 -35.19
CA PRO W 270 49.98 -27.39 -34.89
C PRO W 270 48.93 -26.66 -34.07
N LEU W 271 47.66 -26.98 -34.28
CA LEU W 271 46.60 -26.41 -33.45
C LEU W 271 46.91 -26.57 -31.97
N TYR W 272 47.05 -27.81 -31.52
CA TYR W 272 47.25 -28.05 -30.09
C TYR W 272 48.54 -27.42 -29.58
N GLU W 273 49.59 -27.40 -30.38
CA GLU W 273 50.83 -26.80 -29.92
C GLU W 273 50.80 -25.29 -29.97
N ALA W 274 49.95 -24.71 -30.81
CA ALA W 274 49.71 -23.27 -30.79
C ALA W 274 48.71 -22.88 -29.72
N LEU W 275 47.78 -23.77 -29.40
CA LEU W 275 46.85 -23.50 -28.32
C LEU W 275 47.56 -23.43 -26.99
N VAL W 276 48.68 -24.13 -26.88
CA VAL W 276 49.50 -24.04 -25.67
C VAL W 276 50.18 -22.68 -25.61
N ALA W 277 50.87 -22.30 -26.68
CA ALA W 277 51.65 -21.08 -26.65
C ALA W 277 50.77 -19.85 -26.55
N TRP W 278 49.57 -19.90 -27.10
CA TRP W 278 48.65 -18.79 -26.93
C TRP W 278 48.14 -18.73 -25.50
N LEU W 279 47.70 -19.86 -24.98
CA LEU W 279 47.08 -19.88 -23.67
C LEU W 279 48.00 -19.27 -22.62
N ALA W 280 49.30 -19.44 -22.79
CA ALA W 280 50.26 -18.83 -21.87
C ALA W 280 50.34 -17.33 -22.11
N HIS W 281 50.75 -16.94 -23.32
CA HIS W 281 50.86 -15.52 -23.66
C HIS W 281 49.61 -14.74 -23.27
N ALA W 282 48.43 -15.33 -23.44
CA ALA W 282 47.20 -14.67 -23.03
C ALA W 282 47.25 -14.28 -21.56
N GLY W 283 47.35 -15.27 -20.68
CA GLY W 283 47.29 -15.00 -19.26
C GLY W 283 48.42 -14.13 -18.75
N GLN W 284 49.53 -14.10 -19.48
CA GLN W 284 50.60 -13.16 -19.16
C GLN W 284 50.14 -11.73 -19.39
N LEU W 285 49.25 -11.50 -20.34
CA LEU W 285 48.69 -10.16 -20.55
C LEU W 285 47.61 -9.83 -19.53
N GLY W 286 46.81 -10.82 -19.16
CA GLY W 286 45.85 -10.59 -18.10
C GLY W 286 46.53 -10.26 -16.79
N ASP W 287 47.74 -10.77 -16.58
CA ASP W 287 48.49 -10.43 -15.38
C ASP W 287 49.03 -9.00 -15.46
N ILE W 288 49.72 -8.68 -16.56
CA ILE W 288 50.20 -7.32 -16.78
C ILE W 288 49.05 -6.33 -16.64
N LEU W 289 48.07 -6.58 -17.45
CA LEU W 289 46.84 -5.83 -17.42
C LEU W 289 46.06 -6.27 -16.18
N ALA W 290 45.00 -5.52 -15.91
CA ALA W 290 44.02 -5.57 -14.81
C ALA W 290 44.50 -4.79 -13.59
N LEU W 291 45.72 -4.27 -13.66
CA LEU W 291 46.25 -3.38 -12.67
C LEU W 291 45.76 -3.59 -11.25
N ALA W 292 45.99 -4.78 -10.70
CA ALA W 292 45.48 -5.15 -9.40
C ALA W 292 45.75 -4.01 -8.42
N PRO W 293 44.78 -3.62 -7.61
CA PRO W 293 44.98 -2.48 -6.71
C PRO W 293 46.05 -2.76 -5.69
N ALA W 294 46.94 -1.79 -5.50
CA ALA W 294 47.90 -1.90 -4.41
C ALA W 294 47.26 -1.60 -3.06
N VAL W 295 46.41 -0.57 -2.99
CA VAL W 295 45.95 -0.03 -1.72
C VAL W 295 44.48 0.33 -1.88
N ARG W 296 43.84 0.78 -0.81
CA ARG W 296 42.54 1.44 -0.79
C ARG W 296 42.71 2.79 -0.15
N VAL W 297 41.72 3.65 -0.33
CA VAL W 297 41.57 4.84 0.49
C VAL W 297 40.47 4.56 1.49
N CYS W 298 40.79 4.66 2.78
CA CYS W 298 39.80 4.71 3.85
C CYS W 298 40.14 5.92 4.71
N THR W 299 39.32 6.96 4.63
CA THR W 299 39.58 8.20 5.34
C THR W 299 38.79 8.22 6.65
N PHE W 300 38.93 9.32 7.36
CA PHE W 300 38.26 9.56 8.63
C PHE W 300 38.67 10.96 9.02
N ASP W 301 37.75 11.72 9.56
CA ASP W 301 38.15 13.05 9.99
C ASP W 301 38.96 13.56 8.84
N GLY W 302 38.45 13.38 7.64
CA GLY W 302 39.14 13.80 6.45
C GLY W 302 38.11 14.28 5.47
N ALA W 303 38.57 14.91 4.42
CA ALA W 303 37.71 15.50 3.42
C ALA W 303 36.73 14.59 2.71
N ALA W 304 37.14 13.34 2.52
CA ALA W 304 36.46 12.18 1.88
C ALA W 304 36.66 12.12 0.40
N VAL W 305 37.25 13.16 -0.15
CA VAL W 305 37.58 13.26 -1.54
C VAL W 305 38.92 13.92 -1.49
N VAL W 306 39.89 13.37 -2.16
CA VAL W 306 41.18 13.96 -2.10
C VAL W 306 41.40 14.67 -3.39
N GLN W 307 41.51 15.99 -3.29
CA GLN W 307 41.72 16.85 -4.43
C GLN W 307 43.08 16.65 -5.00
N SER W 308 43.20 16.83 -6.30
CA SER W 308 44.43 16.48 -6.95
C SER W 308 45.55 17.17 -6.27
N GLY W 309 46.65 16.47 -6.13
CA GLY W 309 47.82 17.02 -5.48
C GLY W 309 47.70 17.14 -3.99
N ASP W 310 46.79 16.43 -3.37
CA ASP W 310 46.68 16.51 -1.93
C ASP W 310 46.93 15.16 -1.34
N MET W 311 47.60 15.11 -0.20
CA MET W 311 47.87 13.85 0.42
C MET W 311 46.60 13.22 0.84
N ALA W 312 46.56 11.95 0.58
CA ALA W 312 45.38 11.15 0.84
C ALA W 312 45.73 9.97 1.75
N PRO W 313 44.88 9.67 2.73
CA PRO W 313 45.09 8.44 3.50
C PRO W 313 44.95 7.26 2.58
N VAL W 314 45.51 6.12 2.98
CA VAL W 314 45.47 4.92 2.15
C VAL W 314 45.83 3.67 2.95
N ILE W 315 45.26 2.52 2.66
CA ILE W 315 45.57 1.36 3.46
C ILE W 315 45.91 0.22 2.57
N ARG W 316 46.63 -0.73 3.08
CA ARG W 316 47.22 -1.78 2.30
C ARG W 316 46.39 -2.71 1.43
N TYR W 317 45.22 -3.16 1.83
CA TYR W 317 44.50 -4.05 0.92
C TYR W 317 43.12 -3.54 0.57
N PRO W 318 42.79 -3.54 -0.73
CA PRO W 318 41.54 -3.12 -1.39
C PRO W 318 40.31 -2.94 -0.46
N CYS X 5 45.85 -15.52 13.66
CA CYS X 5 46.24 -16.13 12.39
C CYS X 5 45.26 -17.22 12.04
N PHE X 6 44.17 -17.33 12.78
CA PHE X 6 43.21 -18.40 12.52
C PHE X 6 43.91 -19.63 11.99
N GLU X 7 44.79 -20.22 12.77
CA GLU X 7 45.39 -21.49 12.41
C GLU X 7 44.41 -22.64 12.59
N ALA X 8 44.45 -23.59 11.66
CA ALA X 8 43.63 -24.78 11.73
C ALA X 8 44.48 -25.94 12.23
N ASP X 9 44.12 -26.49 13.39
CA ASP X 9 44.81 -27.64 13.91
C ASP X 9 44.34 -28.90 13.21
N ILE X 10 45.25 -29.86 13.05
CA ILE X 10 44.96 -31.12 12.40
C ILE X 10 45.54 -32.22 13.27
N ALA X 11 44.67 -33.08 13.78
CA ALA X 11 45.07 -34.04 14.80
C ALA X 11 45.66 -35.29 14.16
N ILE X 12 46.89 -35.63 14.53
CA ILE X 12 47.46 -36.92 14.18
C ILE X 12 46.78 -38.01 15.00
N PRO X 13 46.16 -38.94 14.28
CA PRO X 13 45.40 -40.05 14.84
C PRO X 13 46.25 -41.17 15.38
N SER X 14 45.94 -41.61 16.59
CA SER X 14 46.63 -42.73 17.21
C SER X 14 48.13 -42.54 17.14
N GLY X 15 48.85 -43.59 16.74
CA GLY X 15 50.28 -43.51 16.63
C GLY X 15 50.73 -43.97 15.27
N ILE X 16 51.51 -43.12 14.62
CA ILE X 16 52.04 -43.46 13.32
C ILE X 16 53.47 -43.77 13.67
N SER X 17 53.91 -44.95 13.29
CA SER X 17 55.25 -45.43 13.63
C SER X 17 56.37 -44.40 13.70
N ARG X 18 57.17 -44.45 14.76
CA ARG X 18 58.30 -43.52 14.86
C ARG X 18 58.89 -43.19 13.50
N PRO X 19 58.99 -44.12 12.53
CA PRO X 19 59.40 -43.72 11.19
C PRO X 19 58.38 -42.84 10.49
N ASP X 20 57.09 -43.01 10.78
CA ASP X 20 56.08 -42.17 10.18
C ASP X 20 56.06 -40.79 10.80
N ALA X 21 56.23 -40.71 12.12
CA ALA X 21 56.29 -39.41 12.77
C ALA X 21 57.52 -38.62 12.34
N ALA X 22 58.60 -39.30 12.00
CA ALA X 22 59.76 -38.61 11.46
C ALA X 22 59.52 -38.11 10.05
N ALA X 23 58.57 -38.73 9.35
CA ALA X 23 58.23 -38.26 8.01
C ALA X 23 57.42 -36.98 8.09
N LEU X 24 56.51 -36.87 9.07
CA LEU X 24 55.75 -35.64 9.21
C LEU X 24 56.60 -34.49 9.72
N GLN X 25 57.70 -34.78 10.41
CA GLN X 25 58.53 -33.69 10.91
C GLN X 25 59.08 -32.84 9.78
N ARG X 26 59.36 -33.45 8.63
CA ARG X 26 59.92 -32.72 7.51
C ARG X 26 58.86 -32.22 6.55
N CYS X 27 57.58 -32.38 6.87
CA CYS X 27 56.51 -31.87 6.04
C CYS X 27 56.12 -30.45 6.38
N GLU X 28 56.78 -29.81 7.34
CA GLU X 28 56.51 -28.41 7.62
C GLU X 28 56.95 -27.56 6.44
N GLY X 29 56.16 -26.53 6.14
CA GLY X 29 56.38 -25.70 4.98
C GLY X 29 55.71 -26.19 3.73
N ARG X 30 55.12 -27.38 3.76
CA ARG X 30 54.40 -27.92 2.62
C ARG X 30 52.95 -27.48 2.69
N VAL X 31 52.17 -27.83 1.68
CA VAL X 31 50.83 -27.31 1.53
C VAL X 31 49.82 -28.43 1.69
N VAL X 32 48.68 -28.08 2.29
CA VAL X 32 47.58 -28.98 2.53
C VAL X 32 46.31 -28.32 2.00
N PHE X 33 45.38 -29.13 1.51
CA PHE X 33 44.07 -28.66 1.08
C PHE X 33 43.03 -29.23 2.02
N LEU X 34 42.35 -28.38 2.81
CA LEU X 34 41.31 -28.79 3.83
C LEU X 34 39.94 -28.46 3.35
N PRO X 35 38.97 -29.33 3.59
CA PRO X 35 37.72 -29.21 2.84
C PRO X 35 36.67 -28.39 3.57
N THR X 36 37.09 -27.27 4.12
CA THR X 36 36.35 -26.46 5.08
C THR X 36 37.25 -25.37 5.62
N ILE X 37 36.73 -24.45 6.39
CA ILE X 37 37.54 -23.61 7.24
C ILE X 37 37.19 -23.97 8.67
N ARG X 38 38.10 -24.65 9.36
CA ARG X 38 37.82 -25.23 10.66
C ARG X 38 38.89 -24.85 11.65
N ARG X 39 38.52 -25.25 12.87
CA ARG X 39 39.27 -25.14 14.09
C ARG X 39 39.58 -26.54 14.62
N GLN X 40 38.68 -27.49 14.41
CA GLN X 40 38.85 -28.87 14.83
C GLN X 40 38.73 -29.63 13.56
N LEU X 41 39.61 -30.57 13.31
CA LEU X 41 39.60 -31.29 12.06
C LEU X 41 40.26 -32.63 12.26
N ALA X 42 40.05 -33.55 11.35
CA ALA X 42 40.64 -34.87 11.49
C ALA X 42 41.75 -35.01 10.49
N LEU X 43 42.75 -35.82 10.79
CA LEU X 43 43.90 -35.99 9.92
C LEU X 43 43.54 -36.55 8.55
N ALA X 44 42.50 -37.36 8.50
CA ALA X 44 42.04 -38.09 7.34
C ALA X 44 41.24 -37.24 6.37
N ASP X 45 40.77 -36.06 6.80
CA ASP X 45 40.14 -35.15 5.87
C ASP X 45 41.15 -34.51 4.91
N VAL X 46 42.39 -34.39 5.34
CA VAL X 46 43.46 -33.85 4.49
C VAL X 46 44.06 -34.88 3.55
N ALA X 47 44.03 -36.16 3.91
CA ALA X 47 44.78 -37.17 3.19
C ALA X 47 44.26 -37.33 1.77
N HIS X 48 45.11 -37.89 0.92
CA HIS X 48 44.73 -38.15 -0.46
C HIS X 48 43.56 -39.11 -0.57
N GLU X 49 43.30 -39.89 0.47
CA GLU X 49 42.10 -40.71 0.49
C GLU X 49 40.83 -39.88 0.51
N SER X 50 40.91 -38.61 0.91
CA SER X 50 39.75 -37.74 0.87
C SER X 50 39.53 -37.16 -0.52
N PHE X 51 40.61 -36.98 -1.29
CA PHE X 51 40.49 -36.55 -2.67
C PHE X 51 39.70 -37.54 -3.51
N VAL X 52 39.53 -38.76 -3.02
CA VAL X 52 38.87 -39.78 -3.82
C VAL X 52 37.39 -39.42 -3.94
N SER X 53 36.94 -39.25 -5.17
CA SER X 53 35.53 -39.04 -5.48
C SER X 53 34.85 -40.39 -5.38
N GLY X 54 33.61 -40.51 -5.85
CA GLY X 54 32.98 -41.80 -5.68
C GLY X 54 33.78 -42.89 -6.36
N GLY X 55 34.34 -43.77 -5.54
CA GLY X 55 35.04 -44.95 -6.00
C GLY X 55 36.35 -44.71 -6.72
N VAL X 56 36.69 -43.47 -7.10
CA VAL X 56 37.79 -43.24 -8.02
C VAL X 56 38.64 -42.06 -7.55
N SER X 57 39.92 -42.27 -7.80
CA SER X 57 40.95 -41.33 -7.48
C SER X 57 40.94 -40.38 -8.65
N PRO X 58 40.99 -39.09 -8.38
CA PRO X 58 40.99 -38.20 -9.53
C PRO X 58 42.34 -38.26 -10.23
N ASP X 59 42.33 -38.01 -11.53
CA ASP X 59 43.57 -38.00 -12.32
C ASP X 59 44.31 -36.74 -11.97
N THR X 60 45.27 -36.33 -12.79
CA THR X 60 46.00 -35.11 -12.50
C THR X 60 45.39 -33.86 -13.07
N LEU X 61 44.20 -33.97 -13.67
CA LEU X 61 43.45 -32.79 -14.09
C LEU X 61 42.27 -32.78 -13.12
N GLY X 62 41.92 -33.94 -12.56
CA GLY X 62 40.92 -34.04 -11.54
C GLY X 62 41.38 -33.40 -10.26
N LEU X 63 42.66 -33.52 -9.91
CA LEU X 63 43.13 -32.87 -8.70
C LEU X 63 43.03 -31.36 -8.81
N LEU X 64 43.53 -30.78 -9.91
CA LEU X 64 43.37 -29.34 -10.12
C LEU X 64 41.95 -28.88 -9.86
N LEU X 65 40.96 -29.68 -10.28
CA LEU X 65 39.59 -29.34 -10.00
C LEU X 65 39.25 -29.57 -8.53
N ALA X 66 39.92 -30.51 -7.88
CA ALA X 66 39.74 -30.66 -6.45
C ALA X 66 40.46 -29.57 -5.67
N TYR X 67 41.67 -29.20 -6.11
CA TYR X 67 42.34 -28.09 -5.48
C TYR X 67 41.66 -26.77 -5.80
N ARG X 68 40.89 -26.72 -6.90
CA ARG X 68 39.99 -25.59 -7.14
C ARG X 68 39.04 -25.41 -5.97
N ARG X 69 38.32 -26.48 -5.65
CA ARG X 69 37.48 -26.53 -4.47
C ARG X 69 38.43 -26.89 -3.32
N ARG X 70 38.04 -26.48 -2.10
CA ARG X 70 38.73 -26.61 -0.77
C ARG X 70 39.76 -25.52 -0.61
N PHE X 71 40.49 -25.48 0.52
CA PHE X 71 41.45 -24.40 0.79
C PHE X 71 42.94 -24.72 1.05
N PRO X 72 43.89 -24.18 0.26
CA PRO X 72 45.30 -24.44 0.43
C PRO X 72 45.70 -23.91 1.76
N ALA X 73 46.47 -24.67 2.52
CA ALA X 73 46.93 -24.25 3.80
C ALA X 73 48.37 -24.67 3.82
N VAL X 74 49.27 -23.82 4.26
CA VAL X 74 50.68 -24.15 4.31
C VAL X 74 50.99 -24.57 5.71
N ILE X 75 51.57 -25.75 5.92
CA ILE X 75 51.87 -26.17 7.27
C ILE X 75 52.88 -25.25 7.92
N THR X 76 52.59 -24.69 9.09
CA THR X 76 53.54 -23.84 9.79
C THR X 76 54.44 -24.61 10.76
N ARG X 77 53.82 -25.43 11.61
CA ARG X 77 54.50 -26.24 12.61
C ARG X 77 53.81 -27.57 12.82
N VAL X 78 54.54 -28.61 13.20
CA VAL X 78 53.90 -29.90 13.47
C VAL X 78 54.17 -30.39 14.90
N LEU X 79 53.13 -30.59 15.71
CA LEU X 79 53.27 -30.99 17.10
C LEU X 79 52.95 -32.43 17.28
N PRO X 80 53.22 -32.98 18.45
CA PRO X 80 53.03 -34.42 18.56
C PRO X 80 51.63 -34.86 18.24
N THR X 81 50.62 -34.14 18.65
CA THR X 81 49.26 -34.56 18.33
C THR X 81 48.43 -33.67 17.42
N ARG X 82 49.04 -32.68 16.80
CA ARG X 82 48.35 -31.78 15.91
C ARG X 82 49.32 -31.23 14.86
N ILE X 83 48.78 -30.76 13.75
CA ILE X 83 49.47 -30.12 12.63
C ILE X 83 48.85 -28.75 12.48
N VAL X 84 49.69 -27.72 12.47
CA VAL X 84 49.22 -26.35 12.42
C VAL X 84 49.48 -25.81 11.03
N ALA X 85 48.41 -25.49 10.31
CA ALA X 85 48.51 -24.88 8.99
C ALA X 85 47.49 -23.76 8.93
N CYS X 86 47.90 -22.57 8.49
CA CYS X 86 47.03 -21.40 8.50
C CYS X 86 46.47 -21.18 7.09
N PRO X 87 45.16 -21.19 6.93
CA PRO X 87 44.55 -21.30 5.59
C PRO X 87 44.69 -20.06 4.72
N VAL X 88 45.73 -20.05 3.90
CA VAL X 88 46.14 -18.92 3.07
C VAL X 88 44.96 -18.24 2.40
N ASP X 89 43.97 -19.01 1.96
CA ASP X 89 42.78 -18.42 1.36
C ASP X 89 42.08 -17.45 2.30
N LEU X 90 42.34 -17.54 3.60
CA LEU X 90 41.70 -16.68 4.59
C LEU X 90 42.72 -16.06 5.54
N GLY X 91 43.40 -16.90 6.29
CA GLY X 91 44.17 -16.47 7.44
C GLY X 91 45.56 -15.99 7.08
N LEU X 92 45.71 -15.52 5.84
CA LEU X 92 46.98 -15.00 5.36
C LEU X 92 47.40 -13.74 6.10
N THR X 93 46.60 -13.25 7.03
CA THR X 93 46.95 -11.99 7.67
C THR X 93 47.94 -12.11 8.83
N HIS X 94 49.20 -12.12 8.43
CA HIS X 94 50.34 -12.19 9.29
C HIS X 94 51.14 -10.95 8.96
N ALA X 95 51.79 -10.38 9.95
CA ALA X 95 52.60 -9.22 9.68
C ALA X 95 53.75 -9.57 8.76
N GLY X 96 54.38 -10.71 8.94
CA GLY X 96 55.53 -11.01 8.13
C GLY X 96 55.68 -12.01 7.01
N THR X 97 54.83 -13.00 6.81
CA THR X 97 55.32 -13.81 5.69
C THR X 97 55.58 -15.28 5.94
N VAL X 98 54.55 -16.12 6.01
CA VAL X 98 54.67 -17.55 6.29
C VAL X 98 55.62 -18.30 5.35
N ASN X 99 56.38 -19.27 5.84
CA ASN X 99 57.37 -19.99 5.02
C ASN X 99 56.82 -21.08 4.12
N LEU X 100 57.16 -21.06 2.85
CA LEU X 100 56.70 -22.02 1.90
C LEU X 100 57.89 -22.82 1.51
N ARG X 101 57.78 -24.12 1.52
CA ARG X 101 58.98 -24.85 1.23
C ARG X 101 58.94 -25.12 -0.22
N ASN X 102 59.92 -24.65 -0.96
CA ASN X 102 59.95 -24.89 -2.40
C ASN X 102 60.17 -26.37 -2.62
N THR X 103 59.18 -27.04 -3.19
CA THR X 103 59.31 -28.43 -3.60
C THR X 103 59.02 -28.43 -5.09
N SER X 104 60.06 -28.56 -5.88
CA SER X 104 60.00 -28.39 -7.32
C SER X 104 61.41 -28.38 -7.86
N PRO X 105 61.62 -28.77 -9.12
CA PRO X 105 62.90 -28.50 -9.78
C PRO X 105 63.13 -27.02 -10.01
N VAL X 106 62.11 -26.19 -9.84
CA VAL X 106 62.09 -24.81 -10.32
C VAL X 106 62.68 -23.88 -9.27
N ASP X 107 62.69 -22.60 -9.51
CA ASP X 107 63.25 -21.69 -8.52
C ASP X 107 62.51 -20.45 -8.61
N LEU X 108 62.13 -20.00 -7.45
CA LEU X 108 61.21 -18.93 -7.40
C LEU X 108 61.48 -17.52 -7.90
N CYS X 109 62.68 -16.98 -7.69
CA CYS X 109 63.05 -15.56 -7.98
C CYS X 109 62.41 -14.70 -6.90
N ASN X 110 62.18 -13.43 -7.13
CA ASN X 110 61.59 -12.62 -6.10
C ASN X 110 60.39 -11.90 -6.68
N GLY X 111 59.22 -12.06 -6.10
CA GLY X 111 58.08 -11.40 -6.67
C GLY X 111 57.26 -12.37 -7.49
N ASP X 112 57.79 -13.54 -7.81
CA ASP X 112 57.03 -14.54 -8.55
C ASP X 112 55.78 -14.93 -7.79
N PRO X 113 54.61 -14.71 -8.35
CA PRO X 113 53.41 -15.28 -7.75
C PRO X 113 53.52 -16.78 -7.77
N VAL X 114 53.01 -17.42 -6.72
CA VAL X 114 53.16 -18.86 -6.57
C VAL X 114 51.78 -19.49 -6.59
N SER X 115 51.52 -20.26 -7.62
CA SER X 115 50.33 -21.10 -7.71
C SER X 115 50.77 -22.55 -7.62
N LEU X 116 49.89 -23.39 -7.10
CA LEU X 116 50.27 -24.76 -6.82
C LEU X 116 49.84 -25.66 -7.97
N VAL X 117 50.35 -26.88 -7.96
CA VAL X 117 50.12 -27.85 -9.03
C VAL X 117 50.17 -29.24 -8.41
N PRO X 118 49.36 -30.20 -8.85
CA PRO X 118 49.53 -31.56 -8.40
C PRO X 118 50.91 -32.07 -8.78
N PRO X 119 51.45 -33.06 -8.09
CA PRO X 119 52.80 -33.35 -8.58
C PRO X 119 52.74 -33.82 -10.02
N VAL X 120 53.54 -33.23 -10.89
CA VAL X 120 53.50 -33.51 -12.31
C VAL X 120 54.80 -33.76 -13.09
N PHE X 121 55.92 -33.89 -12.42
CA PHE X 121 57.14 -34.11 -13.17
C PHE X 121 57.56 -35.57 -13.33
N GLU X 122 58.37 -35.84 -14.35
CA GLU X 122 58.79 -37.20 -14.63
C GLU X 122 59.53 -37.82 -13.46
N GLY X 123 60.40 -37.06 -12.81
CA GLY X 123 61.09 -37.57 -11.64
C GLY X 123 60.46 -36.80 -10.49
N GLN X 124 59.79 -37.49 -9.59
CA GLN X 124 59.13 -36.80 -8.49
C GLN X 124 59.08 -37.61 -7.19
N ALA X 125 58.96 -36.90 -6.07
CA ALA X 125 58.90 -37.54 -4.77
C ALA X 125 57.77 -37.01 -3.91
N THR X 126 56.54 -37.37 -4.23
CA THR X 126 55.40 -36.92 -3.47
C THR X 126 54.51 -38.11 -3.10
N ASP X 127 54.99 -38.95 -2.21
CA ASP X 127 54.23 -40.11 -1.79
C ASP X 127 53.90 -40.02 -0.31
N VAL X 128 54.94 -39.98 0.50
CA VAL X 128 54.78 -39.84 1.93
C VAL X 128 53.75 -40.80 2.56
N ARG X 129 53.91 -42.10 2.32
CA ARG X 129 53.02 -43.12 2.84
C ARG X 129 53.20 -43.25 4.33
N LEU X 130 52.11 -43.29 5.06
CA LEU X 130 52.14 -43.44 6.51
C LEU X 130 51.44 -44.74 6.83
N GLU X 131 52.20 -45.75 7.28
CA GLU X 131 51.67 -47.10 7.35
C GLU X 131 50.83 -47.34 8.61
N SER X 132 51.13 -46.68 9.72
CA SER X 132 50.37 -46.94 10.94
C SER X 132 48.90 -46.69 10.73
N LEU X 133 48.52 -45.59 10.11
CA LEU X 133 47.12 -45.37 9.87
C LEU X 133 46.93 -45.21 8.39
N ASP X 134 46.03 -45.97 7.81
CA ASP X 134 46.03 -45.88 6.41
C ASP X 134 45.68 -44.54 5.89
N LEU X 135 46.73 -43.86 5.45
CA LEU X 135 46.60 -42.60 4.72
C LEU X 135 47.89 -42.11 4.11
N THR X 136 47.76 -41.24 3.12
CA THR X 136 48.92 -40.74 2.41
C THR X 136 48.86 -39.25 2.24
N LEU X 137 49.90 -38.63 1.71
CA LEU X 137 49.77 -37.19 1.55
C LEU X 137 50.52 -36.80 0.28
N ARG X 138 49.81 -36.33 -0.74
CA ARG X 138 50.47 -35.78 -1.89
C ARG X 138 50.59 -34.28 -1.73
N PHE X 139 51.77 -33.81 -1.72
CA PHE X 139 51.83 -32.39 -1.54
C PHE X 139 51.92 -31.70 -2.88
N PRO X 140 51.14 -30.66 -3.10
CA PRO X 140 51.20 -29.95 -4.38
C PRO X 140 52.57 -29.34 -4.58
N VAL X 141 52.90 -29.11 -5.84
CA VAL X 141 54.19 -28.51 -6.21
C VAL X 141 53.97 -27.01 -6.37
N PRO X 142 54.57 -26.17 -5.54
CA PRO X 142 54.56 -24.74 -5.81
C PRO X 142 55.38 -24.43 -7.04
N LEU X 143 55.04 -23.34 -7.70
CA LEU X 143 55.53 -23.04 -9.04
C LEU X 143 55.12 -21.64 -9.43
N PRO X 144 55.97 -20.92 -10.16
CA PRO X 144 55.58 -19.59 -10.63
C PRO X 144 54.35 -19.71 -11.51
N THR X 145 53.45 -18.74 -11.40
CA THR X 145 52.28 -18.77 -12.27
C THR X 145 52.61 -18.81 -13.76
N PRO X 146 53.65 -18.13 -14.25
CA PRO X 146 54.00 -18.34 -15.66
C PRO X 146 54.23 -19.78 -16.00
N LEU X 147 54.92 -20.52 -15.14
CA LEU X 147 55.19 -21.92 -15.42
C LEU X 147 53.98 -22.78 -15.11
N ALA X 148 53.28 -22.52 -14.01
CA ALA X 148 52.11 -23.32 -13.69
C ALA X 148 51.01 -23.16 -14.72
N ARG X 149 50.93 -22.02 -15.38
CA ARG X 149 49.95 -21.86 -16.45
C ARG X 149 50.39 -22.50 -17.75
N GLU X 150 51.70 -22.61 -17.97
CA GLU X 150 52.16 -23.36 -19.14
C GLU X 150 51.87 -24.84 -18.96
N ILE X 151 52.01 -25.35 -17.74
CA ILE X 151 51.75 -26.77 -17.49
C ILE X 151 50.29 -27.10 -17.69
N VAL X 152 49.40 -26.33 -17.05
CA VAL X 152 47.98 -26.62 -17.17
C VAL X 152 47.58 -26.62 -18.64
N ALA X 153 48.07 -25.65 -19.41
CA ALA X 153 47.83 -25.67 -20.85
C ALA X 153 48.30 -26.97 -21.47
N ARG X 154 49.44 -27.49 -21.03
CA ARG X 154 49.93 -28.75 -21.58
C ARG X 154 49.00 -29.89 -21.23
N LEU X 155 48.55 -29.96 -19.97
CA LEU X 155 47.67 -31.05 -19.57
C LEU X 155 46.32 -30.93 -20.24
N VAL X 156 45.80 -29.71 -20.36
CA VAL X 156 44.52 -29.51 -21.02
C VAL X 156 44.60 -29.98 -22.47
N ALA X 157 45.56 -29.44 -23.23
CA ALA X 157 45.67 -29.80 -24.63
C ALA X 157 45.96 -31.29 -24.81
N ARG X 158 46.77 -31.87 -23.94
CA ARG X 158 47.05 -33.30 -24.07
C ARG X 158 45.80 -34.12 -23.84
N GLY X 159 45.00 -33.74 -22.85
CA GLY X 159 43.72 -34.41 -22.66
C GLY X 159 42.76 -34.16 -23.81
N ILE X 160 42.88 -33.01 -24.48
CA ILE X 160 41.97 -32.65 -25.59
C ILE X 160 42.32 -33.24 -26.95
N ARG X 161 43.55 -33.08 -27.39
CA ARG X 161 43.95 -33.58 -28.69
C ARG X 161 43.77 -35.08 -28.74
N ASP X 162 44.08 -35.73 -27.63
CA ASP X 162 43.94 -37.17 -27.55
C ASP X 162 42.47 -37.50 -27.74
N LEU X 163 41.62 -36.61 -27.26
CA LEU X 163 40.16 -36.76 -27.33
C LEU X 163 39.47 -36.57 -28.68
N ASN X 164 40.17 -36.09 -29.70
CA ASN X 164 39.49 -35.85 -30.98
C ASN X 164 38.84 -37.05 -31.66
N PRO X 165 39.53 -38.27 -31.77
CA PRO X 165 40.91 -38.28 -31.33
C PRO X 165 41.79 -38.40 -32.57
N ASP X 166 42.78 -37.53 -32.70
CA ASP X 166 43.67 -37.56 -33.86
C ASP X 166 44.42 -38.88 -34.00
N ARG X 168 42.50 -40.32 -37.14
CA ARG X 168 42.58 -39.49 -38.32
C ARG X 168 44.01 -39.34 -38.80
N THR X 169 44.70 -38.32 -38.27
CA THR X 169 46.10 -38.11 -38.56
C THR X 169 46.91 -39.27 -37.94
N PRO X 170 48.18 -39.44 -38.35
CA PRO X 170 48.94 -40.59 -37.83
C PRO X 170 49.14 -40.58 -36.33
N GLY X 171 49.77 -41.63 -35.81
CA GLY X 171 49.89 -41.85 -34.39
C GLY X 171 51.05 -41.14 -33.71
N GLU X 172 51.77 -40.29 -34.42
CA GLU X 172 52.89 -39.57 -33.84
C GLU X 172 52.51 -38.09 -33.78
N LEU X 173 52.26 -37.61 -32.58
CA LEU X 173 51.71 -36.29 -32.30
C LEU X 173 52.86 -35.41 -31.81
N PRO X 174 52.63 -34.12 -31.54
CA PRO X 174 53.72 -33.31 -30.96
C PRO X 174 53.94 -33.65 -29.49
N ASP X 175 55.01 -33.07 -28.93
CA ASP X 175 55.41 -33.39 -27.57
C ASP X 175 54.35 -33.01 -26.54
N LEU X 176 54.25 -31.71 -26.24
CA LEU X 176 53.28 -31.18 -25.29
C LEU X 176 53.47 -31.73 -23.88
N ASN X 177 54.34 -32.71 -23.74
CA ASN X 177 54.64 -33.32 -22.46
C ASN X 177 55.92 -32.77 -21.86
N VAL X 178 56.61 -31.86 -22.55
CA VAL X 178 57.93 -31.41 -22.16
C VAL X 178 57.97 -29.89 -22.18
N LEU X 179 58.59 -29.30 -21.17
CA LEU X 179 58.71 -27.85 -21.02
C LEU X 179 60.19 -27.49 -20.96
N TYR X 180 60.44 -26.19 -20.82
CA TYR X 180 61.72 -25.67 -20.38
C TYR X 180 61.48 -24.48 -19.47
N TYR X 181 62.11 -24.49 -18.31
CA TYR X 181 62.12 -23.32 -17.45
C TYR X 181 63.59 -22.95 -17.26
N ASN X 182 63.99 -21.81 -17.81
CA ASN X 182 65.40 -21.44 -17.94
C ASN X 182 66.05 -22.52 -18.80
N GLY X 183 67.06 -23.23 -18.32
CA GLY X 183 67.51 -24.43 -18.98
C GLY X 183 66.61 -25.54 -18.49
N ALA X 184 67.14 -26.73 -18.28
CA ALA X 184 66.40 -27.71 -17.49
C ALA X 184 65.08 -28.14 -18.14
N ARG X 185 65.18 -28.99 -19.16
CA ARG X 185 64.01 -29.68 -19.68
C ARG X 185 63.18 -30.27 -18.55
N LEU X 186 61.88 -30.00 -18.58
CA LEU X 186 60.96 -30.49 -17.57
C LEU X 186 59.96 -31.40 -18.25
N SER X 187 59.95 -32.67 -17.88
CA SER X 187 59.11 -33.66 -18.54
C SER X 187 57.90 -33.94 -17.67
N LEU X 188 56.72 -33.57 -18.15
CA LEU X 188 55.50 -33.80 -17.42
C LEU X 188 55.18 -35.30 -17.37
N VAL X 189 54.33 -35.67 -16.43
CA VAL X 189 53.86 -37.04 -16.34
C VAL X 189 52.64 -37.18 -17.25
N ALA X 190 52.74 -38.09 -18.22
CA ALA X 190 51.63 -38.42 -19.09
C ALA X 190 51.05 -39.75 -18.62
N ASP X 191 49.88 -39.76 -18.03
CA ASP X 191 49.40 -41.05 -17.53
C ASP X 191 47.97 -41.50 -17.77
N VAL X 192 47.04 -40.66 -17.41
CA VAL X 192 45.66 -40.98 -17.59
C VAL X 192 44.94 -39.66 -17.85
N GLN X 193 43.85 -39.73 -18.56
CA GLN X 193 43.07 -38.54 -18.73
C GLN X 193 41.67 -39.07 -18.47
N GLN X 194 40.89 -38.37 -17.68
CA GLN X 194 39.53 -38.89 -17.44
C GLN X 194 38.47 -38.09 -18.15
N LEU X 195 37.47 -38.76 -18.71
CA LEU X 195 36.42 -37.99 -19.38
C LEU X 195 36.07 -36.73 -18.61
N ALA X 196 35.51 -36.90 -17.40
CA ALA X 196 34.93 -35.77 -16.69
C ALA X 196 35.96 -34.69 -16.41
N SER X 197 37.20 -35.08 -16.12
CA SER X 197 38.22 -34.10 -15.82
C SER X 197 38.59 -33.28 -17.05
N VAL X 198 38.64 -33.94 -18.21
CA VAL X 198 38.97 -33.20 -19.43
C VAL X 198 37.77 -32.43 -19.95
N ASN X 199 36.56 -32.95 -19.75
CA ASN X 199 35.37 -32.24 -20.20
C ASN X 199 35.31 -30.84 -19.62
N THR X 200 35.21 -30.75 -18.29
CA THR X 200 35.12 -29.44 -17.64
C THR X 200 36.25 -28.52 -18.05
N GLU X 201 37.48 -29.04 -18.10
CA GLU X 201 38.60 -28.22 -18.56
C GLU X 201 38.40 -27.78 -20.00
N LEU X 202 37.87 -28.67 -20.84
CA LEU X 202 37.54 -28.27 -22.21
C LEU X 202 36.29 -27.40 -22.23
N ARG X 203 35.32 -27.71 -21.38
CA ARG X 203 34.06 -26.99 -21.41
C ARG X 203 34.28 -25.51 -21.09
N SER X 204 35.07 -25.23 -20.06
CA SER X 204 35.30 -23.86 -19.63
C SER X 204 36.29 -23.15 -20.54
N LEU X 205 37.21 -23.89 -21.16
CA LEU X 205 38.09 -23.30 -22.16
C LEU X 205 37.29 -22.82 -23.35
N VAL X 206 36.52 -23.72 -23.95
CA VAL X 206 35.68 -23.37 -25.09
C VAL X 206 34.73 -22.24 -24.72
N LEU X 207 34.11 -22.35 -23.56
CA LEU X 207 33.08 -21.39 -23.18
C LEU X 207 33.64 -19.98 -23.12
N ASN X 208 34.80 -19.81 -22.49
CA ASN X 208 35.35 -18.47 -22.28
C ASN X 208 35.94 -17.87 -23.54
N MET X 209 36.57 -18.68 -24.38
CA MET X 209 37.13 -18.14 -25.62
C MET X 209 36.03 -17.65 -26.55
N VAL X 210 34.79 -18.09 -26.35
CA VAL X 210 33.68 -17.57 -27.14
C VAL X 210 33.28 -16.17 -26.66
N TYR X 211 33.10 -16.01 -25.34
CA TYR X 211 32.67 -14.73 -24.80
C TYR X 211 33.66 -13.62 -25.07
N SER X 212 34.89 -13.95 -25.44
CA SER X 212 35.90 -12.94 -25.74
C SER X 212 35.79 -12.41 -27.15
N ILE X 213 34.80 -12.86 -27.91
CA ILE X 213 34.57 -12.43 -29.28
C ILE X 213 33.33 -11.55 -29.29
N THR X 214 33.47 -10.33 -29.81
CA THR X 214 32.38 -9.37 -29.86
C THR X 214 32.28 -8.76 -31.25
N GLU X 215 31.37 -7.79 -31.38
CA GLU X 215 31.24 -7.08 -32.64
C GLU X 215 32.52 -6.34 -32.99
N GLY X 216 33.05 -5.58 -32.04
CA GLY X 216 34.29 -4.86 -32.26
C GLY X 216 35.46 -5.77 -32.55
N THR X 217 35.36 -7.06 -32.22
CA THR X 217 36.46 -7.98 -32.49
C THR X 217 36.75 -8.07 -33.97
N THR X 218 35.71 -8.06 -34.81
CA THR X 218 35.90 -8.11 -36.25
C THR X 218 36.78 -6.96 -36.73
N LEU X 219 36.67 -5.81 -36.07
CA LEU X 219 37.56 -4.70 -36.39
C LEU X 219 39.01 -5.07 -36.17
N ILE X 220 39.29 -5.94 -35.20
CA ILE X 220 40.66 -6.35 -34.94
C ILE X 220 41.10 -7.40 -35.95
N LEU X 221 40.23 -8.34 -36.30
CA LEU X 221 40.61 -9.36 -37.27
C LEU X 221 41.00 -8.75 -38.61
N THR X 222 40.56 -7.53 -38.89
CA THR X 222 41.03 -6.80 -40.05
C THR X 222 42.54 -6.63 -40.05
N LEU X 223 43.16 -6.62 -38.88
CA LEU X 223 44.55 -6.24 -38.71
C LEU X 223 45.52 -7.41 -38.88
N ILE X 224 45.04 -8.62 -39.14
CA ILE X 224 45.96 -9.74 -39.35
C ILE X 224 46.90 -9.50 -40.53
N PRO X 225 46.43 -9.09 -41.72
CA PRO X 225 47.39 -8.78 -42.78
C PRO X 225 48.36 -7.70 -42.39
N ARG X 226 47.92 -6.77 -41.53
CA ARG X 226 48.80 -5.72 -41.07
C ARG X 226 49.84 -6.24 -40.10
N LEU X 227 49.47 -7.20 -39.25
CA LEU X 227 50.46 -7.81 -38.36
C LEU X 227 51.58 -8.44 -39.15
N LEU X 228 51.26 -9.29 -40.12
CA LEU X 228 52.30 -9.96 -40.87
C LEU X 228 53.15 -8.98 -41.66
N ALA X 229 52.63 -7.79 -41.95
CA ALA X 229 53.48 -6.76 -42.51
C ALA X 229 54.57 -6.39 -41.53
N LEU X 230 54.27 -6.44 -40.23
CA LEU X 230 55.25 -6.22 -39.19
C LEU X 230 55.99 -7.50 -38.81
N SER X 231 55.47 -8.66 -39.21
CA SER X 231 56.13 -9.93 -38.93
C SER X 231 57.61 -9.84 -39.26
N ALA X 232 57.70 -9.31 -40.49
CA ALA X 232 58.84 -9.06 -41.41
C ALA X 232 59.62 -7.77 -41.54
N GLN X 233 59.27 -6.69 -40.89
CA GLN X 233 60.15 -5.53 -40.98
C GLN X 233 60.61 -4.93 -39.67
N ASP X 234 60.39 -5.66 -38.58
CA ASP X 234 60.79 -5.31 -37.23
C ASP X 234 61.32 -6.55 -36.58
N GLY X 235 62.33 -6.47 -35.72
CA GLY X 235 62.79 -7.69 -35.10
C GLY X 235 61.87 -8.16 -34.00
N TYR X 236 61.29 -7.22 -33.26
CA TYR X 236 60.15 -7.52 -32.42
C TYR X 236 58.95 -7.72 -33.34
N VAL X 237 57.83 -8.15 -32.86
CA VAL X 237 56.71 -8.30 -33.76
C VAL X 237 57.12 -9.35 -34.66
N ASN X 238 58.32 -9.83 -34.50
CA ASN X 238 58.73 -10.86 -35.46
C ASN X 238 58.77 -12.03 -34.53
N ALA X 239 59.33 -11.78 -33.37
CA ALA X 239 59.43 -12.60 -32.24
C ALA X 239 58.06 -12.83 -31.67
N LEU X 240 57.18 -11.84 -31.71
CA LEU X 240 55.87 -11.96 -31.13
C LEU X 240 55.09 -13.11 -31.70
N LEU X 241 55.06 -13.20 -32.99
CA LEU X 241 54.39 -14.22 -33.76
C LEU X 241 55.21 -15.50 -33.63
N GLN X 242 54.69 -16.47 -32.90
CA GLN X 242 55.45 -17.69 -32.71
C GLN X 242 55.54 -18.45 -34.04
N MET X 243 56.57 -19.27 -34.20
CA MET X 243 56.70 -19.85 -35.53
C MET X 243 55.45 -20.65 -35.81
N GLN X 244 54.98 -21.40 -34.84
CA GLN X 244 53.76 -22.14 -35.01
C GLN X 244 52.65 -21.20 -34.60
N SER X 245 52.26 -20.32 -35.49
CA SER X 245 51.26 -19.33 -35.19
C SER X 245 50.13 -19.57 -36.12
N VAL X 246 48.96 -19.79 -35.57
CA VAL X 246 47.81 -20.03 -36.40
C VAL X 246 47.60 -18.75 -37.17
N THR X 247 47.64 -17.62 -36.49
CA THR X 247 47.50 -16.33 -37.15
C THR X 247 48.28 -16.27 -38.46
N ARG X 248 49.53 -16.75 -38.45
CA ARG X 248 50.27 -16.83 -39.70
C ARG X 248 49.54 -17.69 -40.71
N GLU X 249 49.00 -18.82 -40.27
CA GLU X 249 48.20 -19.67 -41.16
C GLU X 249 46.81 -19.09 -41.40
N ALA X 250 46.36 -18.16 -40.57
CA ALA X 250 45.04 -17.58 -40.73
C ALA X 250 45.00 -16.53 -41.83
N ALA X 251 46.14 -15.98 -42.22
CA ALA X 251 46.20 -15.07 -43.36
C ALA X 251 46.61 -15.76 -44.65
N GLN X 252 46.89 -17.06 -44.61
CA GLN X 252 47.29 -17.79 -45.80
C GLN X 252 46.06 -18.29 -46.55
N ALA X 258 36.08 -5.96 -44.97
CA ALA X 258 36.50 -6.41 -43.65
C ALA X 258 35.78 -5.67 -42.50
N PRO X 259 35.62 -4.34 -42.58
CA PRO X 259 34.82 -3.65 -41.55
C PRO X 259 33.39 -4.17 -41.46
N MET X 260 32.85 -4.43 -42.66
CA MET X 260 31.48 -4.90 -42.95
C MET X 260 30.39 -3.87 -42.71
N LEU X 261 30.80 -2.60 -42.72
CA LEU X 261 29.88 -1.51 -42.47
C LEU X 261 29.26 -1.99 -41.18
N MET X 262 27.93 -2.03 -41.16
CA MET X 262 27.20 -2.53 -40.00
C MET X 262 27.61 -1.87 -38.70
N GLN X 263 27.70 -0.55 -38.70
CA GLN X 263 28.04 0.18 -37.49
C GLN X 263 26.69 0.69 -37.01
N ASP X 264 26.35 0.35 -35.76
CA ASP X 264 25.06 0.70 -35.17
C ASP X 264 24.98 2.11 -34.54
N GLY X 265 24.88 3.10 -35.43
CA GLY X 265 24.71 4.50 -35.07
C GLY X 265 25.96 5.29 -34.80
N GLU X 266 27.07 4.57 -34.80
CA GLU X 266 28.39 5.08 -34.59
C GLU X 266 28.71 5.61 -33.20
N ARG X 267 27.91 5.38 -32.17
CA ARG X 267 28.56 5.84 -30.95
C ARG X 267 28.34 4.72 -29.93
N ARG X 268 29.30 3.82 -29.87
CA ARG X 268 29.33 2.69 -28.94
C ARG X 268 30.76 2.56 -28.46
N LEU X 269 31.71 2.67 -29.40
CA LEU X 269 33.13 2.43 -29.22
C LEU X 269 33.40 0.94 -29.07
N PRO X 270 33.16 0.16 -30.12
CA PRO X 270 33.28 -1.29 -30.00
C PRO X 270 34.70 -1.78 -29.79
N LEU X 271 35.72 -1.05 -30.25
CA LEU X 271 37.09 -1.40 -29.91
C LEU X 271 37.26 -1.52 -28.41
N TYR X 272 37.09 -0.40 -27.70
CA TYR X 272 37.18 -0.40 -26.25
C TYR X 272 36.35 -1.52 -25.63
N GLU X 273 35.09 -1.62 -26.04
CA GLU X 273 34.24 -2.67 -25.48
C GLU X 273 34.75 -4.06 -25.85
N ALA X 274 35.41 -4.20 -26.99
CA ALA X 274 35.92 -5.51 -27.36
C ALA X 274 37.11 -5.91 -26.51
N LEU X 275 37.94 -4.94 -26.13
CA LEU X 275 39.08 -5.20 -25.27
C LEU X 275 38.62 -5.68 -23.90
N VAL X 276 37.75 -4.88 -23.28
CA VAL X 276 37.19 -5.22 -21.97
C VAL X 276 36.64 -6.64 -21.99
N ALA X 277 35.84 -6.94 -23.00
CA ALA X 277 35.22 -8.26 -23.09
C ALA X 277 36.28 -9.35 -23.19
N TRP X 278 37.24 -9.18 -24.09
CA TRP X 278 38.30 -10.16 -24.23
C TRP X 278 39.11 -10.28 -22.97
N LEU X 279 39.40 -9.13 -22.33
CA LEU X 279 40.30 -9.12 -21.19
C LEU X 279 39.72 -9.89 -20.02
N ALA X 280 38.43 -9.71 -19.75
CA ALA X 280 37.76 -10.47 -18.73
C ALA X 280 37.84 -11.97 -18.98
N HIS X 281 37.20 -12.43 -20.04
CA HIS X 281 37.01 -13.87 -20.24
C HIS X 281 38.29 -14.56 -20.68
N ALA X 282 38.90 -14.09 -21.76
CA ALA X 282 40.07 -14.77 -22.29
C ALA X 282 41.32 -14.42 -21.51
N GLY X 283 41.42 -13.17 -21.05
CA GLY X 283 42.58 -12.76 -20.27
C GLY X 283 42.77 -13.55 -19.00
N GLN X 284 41.67 -13.90 -18.36
CA GLN X 284 41.71 -14.65 -17.13
C GLN X 284 41.47 -16.11 -17.37
N LEU X 285 42.38 -16.79 -18.03
CA LEU X 285 42.17 -18.19 -18.27
C LEU X 285 43.06 -19.08 -17.43
N GLY X 286 44.19 -18.58 -16.98
CA GLY X 286 45.07 -19.40 -16.15
C GLY X 286 44.43 -19.78 -14.83
N ASP X 287 43.72 -18.78 -14.33
CA ASP X 287 42.91 -18.60 -13.12
C ASP X 287 41.69 -19.50 -13.13
N ILE X 288 40.96 -19.52 -14.25
CA ILE X 288 39.77 -20.36 -14.31
C ILE X 288 40.12 -21.80 -14.63
N LEU X 289 41.10 -22.02 -15.49
CA LEU X 289 41.53 -23.38 -15.76
C LEU X 289 42.24 -23.98 -14.59
N ALA X 290 43.06 -23.17 -13.91
CA ALA X 290 43.81 -23.62 -12.74
C ALA X 290 43.56 -22.72 -11.54
N LEU X 291 44.20 -23.01 -10.43
CA LEU X 291 44.07 -22.14 -9.27
C LEU X 291 45.06 -21.02 -9.35
N ALA X 292 44.57 -19.80 -9.23
CA ALA X 292 45.35 -18.60 -9.31
C ALA X 292 46.27 -18.42 -8.14
N PRO X 293 47.35 -17.68 -8.30
CA PRO X 293 48.29 -17.43 -7.23
C PRO X 293 47.65 -16.71 -6.06
N ALA X 294 48.06 -17.08 -4.86
CA ALA X 294 47.56 -16.40 -3.70
C ALA X 294 48.70 -15.83 -2.91
N VAL X 295 49.91 -16.19 -3.32
CA VAL X 295 51.16 -15.88 -2.69
C VAL X 295 52.21 -15.51 -3.70
N ARG X 296 53.25 -14.78 -3.29
CA ARG X 296 54.31 -14.36 -4.17
C ARG X 296 55.58 -14.37 -3.37
N VAL X 297 56.70 -14.82 -3.89
CA VAL X 297 57.91 -14.86 -3.07
C VAL X 297 58.36 -13.48 -2.67
N CYS X 298 58.75 -13.32 -1.41
CA CYS X 298 59.31 -12.06 -0.92
C CYS X 298 60.34 -12.50 0.05
N THR X 299 61.52 -11.94 -0.01
CA THR X 299 62.58 -12.31 0.92
C THR X 299 63.09 -11.04 1.58
N PHE X 300 62.97 -10.95 2.90
CA PHE X 300 63.44 -9.77 3.61
C PHE X 300 64.95 -9.68 3.64
N ASP X 301 65.63 -10.82 3.84
CA ASP X 301 67.07 -10.79 3.94
C ASP X 301 67.73 -10.32 2.66
N GLY X 302 66.97 -10.14 1.60
CA GLY X 302 67.53 -9.69 0.35
C GLY X 302 68.14 -10.77 -0.50
N ALA X 303 67.99 -12.04 -0.11
CA ALA X 303 68.27 -13.14 -1.03
C ALA X 303 67.22 -13.11 -2.13
N ALA X 304 67.67 -13.09 -3.38
CA ALA X 304 66.77 -12.76 -4.48
C ALA X 304 66.21 -13.97 -5.21
N VAL X 305 66.58 -15.18 -4.83
CA VAL X 305 65.96 -16.39 -5.35
C VAL X 305 65.68 -17.33 -4.18
N VAL X 306 65.09 -18.48 -4.50
CA VAL X 306 64.87 -19.55 -3.54
C VAL X 306 65.32 -20.82 -4.20
N GLN X 307 66.37 -21.45 -3.68
CA GLN X 307 66.81 -22.70 -4.27
C GLN X 307 65.74 -23.75 -4.09
N SER X 308 65.75 -24.74 -4.96
CA SER X 308 64.80 -25.84 -4.85
C SER X 308 65.08 -26.62 -3.56
N GLY X 309 64.06 -26.79 -2.74
CA GLY X 309 64.19 -27.41 -1.45
C GLY X 309 64.29 -26.42 -0.30
N ASP X 310 64.49 -25.15 -0.60
CA ASP X 310 64.60 -24.15 0.46
C ASP X 310 63.20 -23.66 0.85
N MET X 311 63.17 -22.76 1.83
CA MET X 311 61.93 -22.23 2.38
C MET X 311 61.64 -20.87 1.77
N ALA X 312 60.54 -20.68 1.10
CA ALA X 312 60.45 -19.39 0.50
C ALA X 312 59.60 -18.50 1.33
N PRO X 313 60.12 -17.35 1.74
CA PRO X 313 59.33 -16.43 2.55
C PRO X 313 58.25 -16.00 1.63
N VAL X 314 57.00 -16.02 2.02
CA VAL X 314 55.99 -15.71 1.05
C VAL X 314 54.99 -14.71 1.55
N ILE X 315 54.54 -13.81 0.69
CA ILE X 315 53.61 -12.78 1.07
C ILE X 315 52.37 -12.84 0.25
N ARG X 316 51.33 -12.21 0.75
CA ARG X 316 50.00 -12.31 0.19
C ARG X 316 50.02 -12.08 -1.32
N TYR X 317 48.84 -12.19 -1.93
CA TYR X 317 48.53 -12.20 -3.36
C TYR X 317 49.37 -11.24 -4.17
N PRO X 318 49.75 -11.61 -5.42
CA PRO X 318 50.47 -10.66 -6.31
C PRO X 318 49.68 -9.41 -6.61
N THR Y 3 37.53 -16.63 42.94
CA THR Y 3 38.41 -16.37 44.08
C THR Y 3 39.41 -17.51 44.26
N LYS Y 4 40.37 -17.58 43.33
CA LYS Y 4 41.49 -18.51 43.24
C LYS Y 4 41.02 -19.92 42.91
N PRO Y 5 41.80 -20.68 42.13
CA PRO Y 5 41.41 -22.05 41.76
C PRO Y 5 42.19 -23.14 42.51
N LEU Y 6 41.96 -24.39 42.06
CA LEU Y 6 42.65 -25.59 42.54
C LEU Y 6 43.80 -25.83 41.54
N PRO Y 7 43.50 -25.70 40.24
CA PRO Y 7 44.36 -25.82 39.07
C PRO Y 7 44.86 -24.45 38.66
N THR Y 8 45.89 -24.02 39.37
CA THR Y 8 46.50 -22.69 39.23
C THR Y 8 47.11 -22.28 37.90
N ALA Y 9 47.84 -23.17 37.24
CA ALA Y 9 48.50 -22.77 36.00
C ALA Y 9 47.53 -22.34 34.90
N PRO Y 10 46.38 -22.95 34.78
CA PRO Y 10 45.45 -22.46 33.77
C PRO Y 10 44.86 -21.06 34.01
N MET Y 11 45.04 -20.40 35.15
CA MET Y 11 44.31 -19.13 35.31
C MET Y 11 45.25 -17.94 35.25
N ALA Y 12 46.50 -18.11 35.71
CA ALA Y 12 47.48 -17.05 35.56
C ALA Y 12 47.52 -16.56 34.12
N TRP Y 13 47.35 -17.49 33.16
CA TRP Y 13 47.23 -17.10 31.76
C TRP Y 13 45.82 -16.62 31.45
N ALA Y 14 44.82 -17.23 32.07
CA ALA Y 14 43.43 -16.85 31.78
C ALA Y 14 43.08 -15.51 32.43
N GLU Y 15 43.41 -15.37 33.71
CA GLU Y 15 43.13 -14.12 34.42
C GLU Y 15 43.94 -12.95 33.89
N SER Y 16 44.90 -13.20 33.02
CA SER Y 16 45.71 -12.14 32.43
C SER Y 16 45.36 -11.94 30.95
N SER Y 23 57.21 -8.60 25.29
CA SER Y 23 57.03 -8.78 26.72
C SER Y 23 58.37 -8.90 27.42
N PRO Y 24 58.55 -9.97 28.21
CA PRO Y 24 59.86 -10.18 28.86
C PRO Y 24 60.98 -10.36 27.88
N ARG Y 25 60.69 -10.65 26.61
CA ARG Y 25 61.71 -10.64 25.58
C ARG Y 25 62.08 -9.22 25.17
N GLU Y 26 61.09 -8.34 25.03
CA GLU Y 26 61.37 -6.92 24.84
C GLU Y 26 62.13 -6.34 26.03
N LEU Y 27 61.83 -6.81 27.24
CA LEU Y 27 62.64 -6.45 28.40
C LEU Y 27 64.05 -6.99 28.25
N ALA Y 28 64.19 -8.26 27.88
CA ALA Y 28 65.51 -8.82 27.58
C ALA Y 28 66.07 -8.21 26.30
N GLY Y 29 65.21 -7.69 25.43
CA GLY Y 29 65.68 -7.05 24.21
C GLY Y 29 66.47 -5.80 24.51
N HIS Y 30 65.86 -4.85 25.21
CA HIS Y 30 66.58 -3.66 25.64
C HIS Y 30 67.75 -4.02 26.54
N ALA Y 31 67.64 -5.13 27.29
CA ALA Y 31 68.69 -5.50 28.23
C ALA Y 31 70.03 -5.69 27.56
N PRO Y 32 70.20 -6.64 26.64
CA PRO Y 32 71.50 -6.74 25.96
C PRO Y 32 71.81 -5.54 25.09
N LEU Y 33 70.86 -5.13 24.26
CA LEU Y 33 71.04 -3.99 23.37
C LEU Y 33 71.24 -2.67 24.09
N ARG Y 34 70.20 -2.18 24.76
CA ARG Y 34 70.14 -0.80 25.23
C ARG Y 34 70.92 -0.55 26.52
N ARG Y 35 70.87 -1.52 27.44
CA ARG Y 35 71.61 -1.44 28.69
C ARG Y 35 73.11 -1.40 28.36
N VAL Y 36 73.50 -2.17 27.33
CA VAL Y 36 74.89 -2.22 26.92
C VAL Y 36 75.29 -0.81 26.51
N LEU Y 37 76.50 -0.40 26.86
CA LEU Y 37 76.95 0.97 26.54
C LEU Y 37 78.16 1.11 25.60
N ARG Y 38 77.99 1.95 24.59
CA ARG Y 38 79.03 2.24 23.61
C ARG Y 38 79.30 1.09 22.66
N PRO Y 39 78.33 0.11 22.59
CA PRO Y 39 78.61 -0.96 21.62
C PRO Y 39 78.22 -0.47 20.22
N PRO Y 40 78.77 -1.05 19.16
CA PRO Y 40 79.74 -2.12 19.29
C PRO Y 40 81.12 -1.68 18.90
N ILE Y 41 81.90 -2.68 18.50
CA ILE Y 41 83.29 -2.53 18.13
C ILE Y 41 83.93 -2.76 19.50
N ALA Y 42 85.18 -3.15 19.54
CA ALA Y 42 85.81 -3.40 20.81
C ALA Y 42 87.24 -2.95 20.81
N ARG Y 43 87.73 -2.65 22.00
CA ARG Y 43 89.08 -2.20 22.19
C ARG Y 43 89.79 -3.31 22.94
N ARG Y 44 90.91 -3.76 22.42
CA ARG Y 44 91.66 -4.85 23.03
C ARG Y 44 92.20 -4.48 24.40
N ASP Y 45 92.23 -5.46 25.30
CA ASP Y 45 92.72 -5.25 26.65
C ASP Y 45 91.68 -4.57 27.54
N THR Y 76 35.60 21.77 40.72
CA THR Y 76 36.68 20.80 40.65
C THR Y 76 36.37 19.50 41.39
N ARG Y 77 35.11 19.14 41.52
CA ARG Y 77 34.96 17.79 41.97
C ARG Y 77 34.99 17.03 40.62
N ALA Y 78 33.82 17.00 39.97
CA ALA Y 78 33.65 16.32 38.68
C ALA Y 78 34.33 16.88 37.44
N THR Y 79 34.26 18.19 37.23
CA THR Y 79 34.87 18.80 36.03
C THR Y 79 36.38 18.63 36.03
N ARG Y 80 36.96 18.86 37.22
CA ARG Y 80 38.40 18.72 37.40
C ARG Y 80 38.75 17.27 37.17
N ASP Y 81 37.93 16.39 37.73
CA ASP Y 81 38.25 14.98 37.56
C ASP Y 81 38.28 14.68 36.07
N ASP Y 82 37.29 15.17 35.34
CA ASP Y 82 37.20 14.89 33.90
C ASP Y 82 38.41 15.40 33.13
N THR Y 83 38.85 16.62 33.40
CA THR Y 83 40.01 17.15 32.67
C THR Y 83 41.25 16.31 32.93
N GLU Y 84 41.43 15.96 34.19
CA GLU Y 84 42.62 15.20 34.53
C GLU Y 84 42.59 13.88 33.82
N GLN Y 85 41.41 13.24 33.82
CA GLN Y 85 41.31 11.95 33.16
C GLN Y 85 41.54 12.02 31.67
N ALA Y 86 41.07 13.07 31.00
CA ALA Y 86 41.32 13.16 29.55
C ALA Y 86 42.82 13.26 29.30
N VAL Y 87 43.50 14.10 30.08
CA VAL Y 87 44.94 14.23 29.88
C VAL Y 87 45.65 12.91 30.16
N ASP Y 88 45.19 12.22 31.19
CA ASP Y 88 45.78 10.94 31.56
C ASP Y 88 45.55 9.89 30.49
N LYS Y 89 44.35 9.91 29.92
CA LYS Y 89 43.94 8.96 28.90
C LYS Y 89 44.92 9.16 27.81
N ILE Y 90 45.27 10.42 27.55
CA ILE Y 90 46.31 10.68 26.59
C ILE Y 90 47.57 10.07 27.28
N LEU Y 91 47.59 9.88 28.62
CA LEU Y 91 48.85 9.30 29.08
C LEU Y 91 48.96 7.84 28.62
N ARG Y 92 47.99 7.02 29.02
CA ARG Y 92 48.08 5.59 28.77
C ARG Y 92 48.11 5.28 27.27
N GLY Y 93 47.20 5.90 26.51
CA GLY Y 93 47.21 5.71 25.08
C GLY Y 93 48.49 6.17 24.43
N ALA Y 94 49.22 7.09 25.06
CA ALA Y 94 50.55 7.48 24.64
C ALA Y 94 51.65 6.71 25.36
N ARG Y 95 51.29 5.75 26.21
CA ARG Y 95 52.25 4.81 26.77
C ARG Y 95 52.40 3.55 25.93
N ARG Y 96 51.56 3.38 24.91
CA ARG Y 96 51.57 2.17 24.10
C ARG Y 96 51.16 2.50 22.69
N ALA Y 97 51.78 1.81 21.72
CA ALA Y 97 51.44 1.93 20.31
C ALA Y 97 51.52 3.38 19.81
N PRO Y 106 44.18 -3.57 12.48
CA PRO Y 106 44.32 -4.16 13.81
C PRO Y 106 42.97 -4.39 14.52
N ARG Y 107 42.17 -5.27 13.92
CA ARG Y 107 40.85 -5.75 14.39
C ARG Y 107 39.69 -4.76 14.29
N TYR Y 108 39.93 -3.62 13.67
CA TYR Y 108 38.91 -2.59 13.58
C TYR Y 108 39.35 -1.57 12.55
N HIS Y 109 38.43 -0.87 11.89
CA HIS Y 109 38.77 0.23 10.97
C HIS Y 109 37.47 0.94 10.92
N LEU Y 110 37.47 2.28 10.90
CA LEU Y 110 36.34 3.07 10.91
C LEU Y 110 36.64 3.95 9.74
N THR Y 111 35.59 4.17 8.99
CA THR Y 111 35.51 5.10 7.89
C THR Y 111 34.47 6.08 8.37
N ARG Y 112 34.61 7.34 8.02
CA ARG Y 112 33.64 8.29 8.46
C ARG Y 112 33.27 9.15 7.30
N GLN Y 113 32.01 9.50 7.17
CA GLN Y 113 31.63 10.34 6.07
C GLN Y 113 30.42 11.20 6.34
N VAL Y 114 30.33 12.35 5.71
CA VAL Y 114 29.15 13.21 5.82
C VAL Y 114 28.31 13.12 4.56
N THR Y 115 27.00 12.91 4.73
CA THR Y 115 26.05 12.83 3.63
C THR Y 115 24.72 13.45 4.04
N LEU Y 116 23.76 13.45 3.12
CA LEU Y 116 22.42 13.87 3.44
C LEU Y 116 21.54 12.68 3.85
N THR Y 117 20.34 13.01 4.30
CA THR Y 117 19.35 12.03 4.71
C THR Y 117 18.31 11.75 3.63
N ASP Y 118 18.46 12.34 2.45
CA ASP Y 118 17.54 12.11 1.33
C ASP Y 118 17.35 10.61 1.12
N LEU Y 119 18.41 9.95 0.65
CA LEU Y 119 18.49 8.48 0.54
C LEU Y 119 19.05 7.98 1.89
N CYS Y 120 19.45 6.72 1.98
CA CYS Y 120 20.03 6.25 3.23
C CYS Y 120 19.12 6.48 4.42
N GLN Y 121 19.69 7.15 5.45
CA GLN Y 121 19.19 7.61 6.79
C GLN Y 121 19.59 6.73 7.96
N PRO Y 122 20.57 7.19 8.77
CA PRO Y 122 21.09 6.44 9.90
C PRO Y 122 20.12 6.17 11.03
N ASN Y 123 19.30 7.13 11.38
CA ASN Y 123 18.39 6.93 12.50
C ASN Y 123 17.38 5.82 12.29
N ALA Y 124 16.84 5.69 11.08
CA ALA Y 124 15.85 4.65 10.85
C ALA Y 124 16.50 3.31 11.08
N GLU Y 125 17.68 3.17 10.51
CA GLU Y 125 18.54 2.01 10.66
C GLU Y 125 19.00 1.88 12.11
N ARG Y 126 19.80 0.85 12.36
CA ARG Y 126 20.27 0.54 13.71
C ARG Y 126 21.76 0.27 13.89
N ALA Y 127 22.05 -0.46 14.96
CA ALA Y 127 23.40 -0.83 15.35
C ALA Y 127 24.12 -1.70 14.33
N GLY Y 128 23.47 -2.69 13.76
CA GLY Y 128 24.14 -3.47 12.73
C GLY Y 128 23.45 -3.24 11.41
N ALA Y 129 24.11 -2.57 10.47
CA ALA Y 129 23.50 -2.36 9.18
C ALA Y 129 24.52 -2.20 8.05
N LEU Y 130 24.16 -2.63 6.87
CA LEU Y 130 24.98 -2.52 5.69
C LEU Y 130 24.71 -1.18 5.03
N LEU Y 131 25.75 -0.40 4.84
CA LEU Y 131 25.65 0.86 4.13
C LEU Y 131 26.38 0.73 2.80
N LEU Y 132 25.79 1.10 1.70
CA LEU Y 132 26.53 0.93 0.49
C LEU Y 132 26.80 2.28 -0.06
N ALA Y 133 27.99 2.52 -0.54
CA ALA Y 133 28.29 3.79 -1.12
C ALA Y 133 27.69 3.81 -2.51
N LEU Y 134 27.41 5.05 -2.95
CA LEU Y 134 26.90 5.45 -4.27
C LEU Y 134 27.88 6.50 -4.82
N ARG Y 135 28.43 6.30 -6.02
CA ARG Y 135 29.45 7.23 -6.57
C ARG Y 135 29.23 7.96 -7.90
N HIS Y 136 29.49 9.27 -7.84
CA HIS Y 136 29.39 10.23 -8.95
C HIS Y 136 28.13 10.49 -9.76
N PRO Y 137 27.17 11.18 -9.15
CA PRO Y 137 25.86 11.45 -9.76
C PRO Y 137 26.01 12.24 -11.04
N THR Y 138 27.21 12.74 -11.26
CA THR Y 138 27.51 13.57 -12.41
C THR Y 138 27.16 12.88 -13.72
N ASP Y 139 27.38 11.58 -13.82
CA ASP Y 139 27.03 10.85 -15.04
C ASP Y 139 25.56 10.45 -15.10
N LEU Y 140 24.72 11.46 -15.36
CA LEU Y 140 23.28 11.35 -15.48
C LEU Y 140 23.38 10.80 -16.86
N PRO Y 141 23.74 9.54 -16.96
CA PRO Y 141 23.83 8.90 -18.26
C PRO Y 141 24.71 9.69 -19.22
N HIS Y 142 25.76 10.36 -18.76
CA HIS Y 142 26.62 11.04 -19.72
C HIS Y 142 27.24 9.91 -20.49
N LEU Y 143 27.64 8.88 -19.74
CA LEU Y 143 28.20 7.67 -20.28
C LEU Y 143 27.08 7.03 -21.06
N ALA Y 144 25.84 7.14 -20.56
CA ALA Y 144 24.79 6.48 -21.29
C ALA Y 144 25.08 6.60 -22.78
N ARG Y 145 25.85 7.62 -23.15
CA ARG Y 145 26.19 7.84 -24.55
C ARG Y 145 26.91 6.62 -25.06
N HIS Y 146 27.78 6.08 -24.23
CA HIS Y 146 28.61 4.94 -24.60
C HIS Y 146 28.40 3.81 -23.63
N ARG Y 147 28.68 2.60 -24.10
CA ARG Y 147 28.49 1.40 -23.30
C ARG Y 147 27.00 1.05 -23.30
N ALA Y 148 26.21 1.82 -24.04
CA ALA Y 148 24.79 1.62 -24.15
C ALA Y 148 24.58 1.07 -25.53
N PRO Y 149 24.02 -0.20 -25.58
CA PRO Y 149 23.86 -0.74 -26.95
C PRO Y 149 22.75 -0.07 -27.78
N PRO Y 150 22.92 -0.13 -29.15
CA PRO Y 150 21.86 0.53 -29.93
C PRO Y 150 20.48 -0.10 -29.68
N GLY Y 151 19.42 0.68 -29.79
CA GLY Y 151 18.08 0.21 -29.53
C GLY Y 151 17.74 0.56 -28.10
N ARG Y 152 18.61 1.37 -27.52
CA ARG Y 152 18.52 1.84 -26.16
C ARG Y 152 18.38 3.34 -26.19
N GLN Y 153 17.34 3.87 -25.57
CA GLN Y 153 17.17 5.30 -25.52
C GLN Y 153 17.95 5.82 -24.32
N THR Y 154 19.27 5.77 -24.41
CA THR Y 154 20.14 6.22 -23.33
C THR Y 154 19.70 7.50 -22.64
N GLU Y 155 18.73 8.22 -23.19
CA GLU Y 155 18.17 9.36 -22.50
C GLU Y 155 17.31 8.97 -21.30
N ARG Y 156 17.11 7.66 -21.10
CA ARG Y 156 16.24 7.20 -20.01
C ARG Y 156 16.83 7.58 -18.66
N LEU Y 157 18.12 7.29 -18.44
CA LEU Y 157 18.78 7.58 -17.17
C LEU Y 157 18.75 9.08 -16.84
N ALA Y 158 19.18 9.91 -17.78
CA ALA Y 158 19.19 11.35 -17.55
C ALA Y 158 17.83 11.86 -17.10
N GLU Y 159 16.76 11.35 -17.71
CA GLU Y 159 15.41 11.75 -17.31
C GLU Y 159 14.98 11.05 -16.03
N ALA Y 160 15.26 9.75 -15.92
CA ALA Y 160 14.90 9.00 -14.72
C ALA Y 160 15.54 9.61 -13.48
N TRP Y 161 16.87 9.70 -13.55
CA TRP Y 161 17.78 10.27 -12.54
C TRP Y 161 17.68 11.76 -12.19
N GLY Y 162 17.62 12.64 -13.18
CA GLY Y 162 17.46 14.07 -13.00
C GLY Y 162 16.10 14.28 -12.36
N GLN Y 163 15.18 13.44 -12.78
CA GLN Y 163 13.82 13.42 -12.26
C GLN Y 163 13.90 13.06 -10.78
N LEU Y 164 14.81 12.16 -10.42
CA LEU Y 164 14.99 11.75 -9.02
C LEU Y 164 15.41 12.95 -8.22
N LEU Y 165 16.31 13.74 -8.78
CA LEU Y 165 16.76 14.93 -8.07
C LEU Y 165 15.62 15.92 -7.88
N GLU Y 166 14.80 16.10 -8.92
CA GLU Y 166 13.67 17.02 -8.80
C GLU Y 166 12.75 16.51 -7.68
N ALA Y 167 12.60 15.19 -7.63
CA ALA Y 167 11.78 14.49 -6.65
C ALA Y 167 12.27 14.64 -5.22
N SER Y 168 13.58 14.65 -5.02
CA SER Y 168 14.10 14.78 -3.65
C SER Y 168 15.02 15.98 -3.48
N GLU Y 176 21.05 20.30 -6.53
CA GLU Y 176 22.07 21.31 -6.34
C GLU Y 176 23.22 20.69 -5.60
N SER Y 177 24.37 21.37 -5.60
CA SER Y 177 25.55 20.89 -4.90
C SER Y 177 26.09 22.03 -4.04
N GLY Y 178 26.44 21.73 -2.79
CA GLY Y 178 26.98 22.78 -1.94
C GLY Y 178 27.77 22.32 -0.72
N CYS Y 179 27.11 22.36 0.43
CA CYS Y 179 27.67 21.98 1.71
C CYS Y 179 28.02 20.50 1.79
N ALA Y 180 27.17 19.68 1.19
CA ALA Y 180 27.34 18.24 1.19
C ALA Y 180 26.83 17.61 -0.09
N ARG Y 181 27.04 16.30 -0.22
CA ARG Y 181 26.61 15.51 -1.36
C ARG Y 181 25.86 14.32 -0.79
N ALA Y 182 25.14 13.59 -1.63
CA ALA Y 182 24.42 12.40 -1.17
C ALA Y 182 25.12 11.08 -1.55
N GLY Y 183 25.68 10.37 -0.58
CA GLY Y 183 26.36 9.11 -0.85
C GLY Y 183 25.60 8.10 0.01
N LEU Y 184 26.28 7.05 0.43
CA LEU Y 184 25.69 6.18 1.42
C LEU Y 184 24.33 5.58 1.37
N VAL Y 185 23.99 4.86 0.31
CA VAL Y 185 22.73 4.12 0.30
C VAL Y 185 22.68 3.00 1.35
N SER Y 186 21.63 2.90 2.13
CA SER Y 186 21.53 1.86 3.12
C SER Y 186 21.14 0.53 2.53
N PHE Y 187 21.37 -0.58 3.22
CA PHE Y 187 20.95 -1.86 2.64
C PHE Y 187 19.47 -1.87 2.57
N ASN Y 188 18.84 -1.51 3.67
CA ASN Y 188 17.39 -1.36 3.75
C ASN Y 188 16.82 -0.73 2.48
N PHE Y 189 17.29 0.45 2.11
CA PHE Y 189 16.63 1.23 1.06
C PHE Y 189 16.66 0.50 -0.27
N LEU Y 190 17.60 -0.41 -0.46
CA LEU Y 190 17.57 -1.23 -1.67
C LEU Y 190 16.51 -2.32 -1.56
N VAL Y 191 16.38 -2.94 -0.40
CA VAL Y 191 15.41 -4.03 -0.25
C VAL Y 191 14.00 -3.53 -0.58
N ALA Y 192 13.68 -2.31 -0.16
CA ALA Y 192 12.36 -1.78 -0.44
C ALA Y 192 12.23 -1.38 -1.91
N ALA Y 193 13.26 -0.75 -2.47
CA ALA Y 193 13.18 -0.27 -3.84
C ALA Y 193 12.94 -1.42 -4.81
N CYS Y 194 13.61 -2.56 -4.59
CA CYS Y 194 13.44 -3.75 -5.40
C CYS Y 194 12.45 -4.73 -4.81
N THR Y 195 11.78 -4.36 -3.72
CA THR Y 195 10.90 -5.31 -3.03
C THR Y 195 9.87 -5.90 -3.97
N ALA Y 196 9.08 -5.04 -4.61
CA ALA Y 196 8.12 -5.51 -5.59
C ALA Y 196 8.80 -6.12 -6.80
N ALA Y 197 10.07 -5.79 -7.03
CA ALA Y 197 10.76 -6.31 -8.21
C ALA Y 197 11.14 -7.77 -8.00
N TYR Y 198 12.01 -8.02 -7.03
CA TYR Y 198 12.46 -9.37 -6.70
C TYR Y 198 11.32 -10.25 -6.16
N ASP Y 199 11.59 -11.55 -6.07
CA ASP Y 199 10.62 -12.63 -5.81
C ASP Y 199 9.65 -12.75 -4.62
N ALA Y 200 10.00 -12.41 -3.39
CA ALA Y 200 9.04 -12.56 -2.28
C ALA Y 200 8.28 -11.27 -1.94
N ARG Y 201 6.95 -11.28 -1.98
CA ARG Y 201 6.26 -10.05 -1.66
C ARG Y 201 5.54 -10.13 -0.30
N ASP Y 202 5.60 -9.00 0.41
CA ASP Y 202 5.02 -8.68 1.74
C ASP Y 202 5.87 -9.12 2.92
N ALA Y 203 6.96 -9.83 2.64
CA ALA Y 203 7.92 -10.18 3.66
C ALA Y 203 8.91 -9.15 3.21
N ALA Y 204 8.93 -8.97 1.90
CA ALA Y 204 9.70 -7.94 1.22
C ALA Y 204 9.03 -6.58 1.35
N GLU Y 205 7.71 -6.53 1.20
CA GLU Y 205 6.97 -5.29 1.36
C GLU Y 205 6.93 -4.82 2.80
N ALA Y 206 7.09 -5.73 3.76
CA ALA Y 206 7.20 -5.32 5.15
C ALA Y 206 8.42 -4.43 5.36
N VAL Y 207 9.49 -4.69 4.63
CA VAL Y 207 10.63 -3.78 4.64
C VAL Y 207 10.26 -2.47 3.98
N ARG Y 208 9.45 -2.52 2.92
CA ARG Y 208 9.04 -1.30 2.26
C ARG Y 208 8.16 -0.45 3.17
N ALA Y 209 7.32 -1.09 3.98
CA ALA Y 209 6.54 -0.34 4.96
C ALA Y 209 7.45 0.30 6.00
N HIS Y 210 8.58 -0.34 6.30
CA HIS Y 210 9.54 0.22 7.25
C HIS Y 210 10.09 1.54 6.77
N ILE Y 211 10.44 1.63 5.49
CA ILE Y 211 11.16 2.80 4.99
C ILE Y 211 10.21 3.95 4.72
N THR Y 212 9.01 3.67 4.22
CA THR Y 212 8.06 4.74 3.97
C THR Y 212 7.65 5.44 5.25
N THR Y 213 7.65 4.73 6.38
CA THR Y 213 7.22 5.29 7.64
C THR Y 213 8.37 5.84 8.48
N ASN Y 214 9.62 5.69 8.04
CA ASN Y 214 10.75 6.16 8.84
C ASN Y 214 11.70 7.03 8.05
N TYR Y 215 12.34 6.45 7.03
CA TYR Y 215 13.27 7.17 6.17
C TYR Y 215 12.59 8.37 5.52
N ALA Y 220 10.26 8.31 2.06
CA ALA Y 220 9.17 8.66 1.17
C ALA Y 220 9.03 7.62 0.06
N GLY Y 221 7.79 7.22 -0.21
CA GLY Y 221 7.55 6.31 -1.31
C GLY Y 221 7.97 6.87 -2.65
N ALA Y 222 7.93 8.20 -2.79
CA ALA Y 222 8.44 8.84 -3.99
C ALA Y 222 9.89 8.45 -4.24
N ARG Y 223 10.78 8.80 -3.32
CA ARG Y 223 12.19 8.47 -3.47
C ARG Y 223 12.39 6.98 -3.75
N LEU Y 224 11.70 6.11 -3.01
CA LEU Y 224 11.73 4.69 -3.33
C LEU Y 224 11.30 4.44 -4.77
N ASP Y 225 10.22 5.09 -5.21
CA ASP Y 225 9.76 4.90 -6.58
C ASP Y 225 10.70 5.57 -7.56
N ARG Y 226 11.17 6.77 -7.26
CA ARG Y 226 12.16 7.41 -8.11
C ARG Y 226 13.42 6.58 -8.20
N PHE Y 227 13.91 6.12 -7.06
CA PHE Y 227 15.13 5.31 -7.06
C PHE Y 227 14.90 3.97 -7.74
N SER Y 228 13.69 3.41 -7.63
CA SER Y 228 13.38 2.19 -8.37
C SER Y 228 13.38 2.46 -9.87
N GLU Y 229 12.83 3.59 -10.29
CA GLU Y 229 12.92 3.98 -11.70
C GLU Y 229 14.35 4.12 -12.15
N CYS Y 230 15.24 4.57 -11.26
CA CYS Y 230 16.65 4.68 -11.60
C CYS Y 230 17.28 3.30 -11.74
N LEU Y 231 16.97 2.38 -10.83
CA LEU Y 231 17.48 1.02 -10.93
C LEU Y 231 17.02 0.35 -12.21
N ARG Y 232 15.75 0.53 -12.57
CA ARG Y 232 15.26 0.03 -13.85
C ARG Y 232 16.04 0.66 -14.98
N ALA Y 233 16.21 1.99 -14.94
CA ALA Y 233 16.89 2.68 -16.03
C ALA Y 233 18.36 2.29 -16.09
N MET Y 234 18.98 2.06 -14.92
CA MET Y 234 20.39 1.64 -14.92
C MET Y 234 20.55 0.25 -15.48
N VAL Y 235 19.82 -0.73 -14.94
CA VAL Y 235 19.89 -2.09 -15.48
C VAL Y 235 19.49 -2.10 -16.94
N HIS Y 236 18.78 -1.07 -17.39
CA HIS Y 236 18.37 -1.02 -18.78
C HIS Y 236 19.58 -0.79 -19.65
N THR Y 237 20.28 0.30 -19.42
CA THR Y 237 21.37 0.80 -20.27
C THR Y 237 22.81 0.33 -20.09
N HIS Y 238 23.00 -0.78 -19.40
CA HIS Y 238 24.31 -1.40 -19.20
C HIS Y 238 25.28 -0.71 -18.25
N VAL Y 239 24.71 0.18 -17.46
CA VAL Y 239 25.37 0.84 -16.37
C VAL Y 239 24.55 0.11 -15.32
N PHE Y 240 25.24 -0.63 -14.48
CA PHE Y 240 24.56 -1.50 -13.53
C PHE Y 240 24.46 -0.82 -12.18
N PRO Y 241 23.65 -1.36 -11.27
CA PRO Y 241 23.72 -0.92 -9.87
C PRO Y 241 25.06 -1.20 -9.23
N HIS Y 242 25.76 -2.21 -9.66
CA HIS Y 242 27.08 -2.36 -9.12
C HIS Y 242 27.84 -1.34 -9.96
N GLU Y 243 29.13 -1.42 -10.14
CA GLU Y 243 29.81 -0.33 -10.84
C GLU Y 243 29.17 1.01 -10.51
N VAL Y 244 28.60 0.96 -9.33
CA VAL Y 244 27.99 1.97 -8.48
C VAL Y 244 27.75 1.20 -7.15
N MET Y 245 27.43 1.89 -6.07
CA MET Y 245 27.13 1.19 -4.83
C MET Y 245 28.05 0.14 -4.27
N ARG Y 246 29.29 0.45 -3.97
CA ARG Y 246 30.19 -0.47 -3.30
C ARG Y 246 29.92 -0.48 -1.80
N PHE Y 247 30.37 -1.50 -1.10
CA PHE Y 247 30.17 -1.61 0.34
C PHE Y 247 30.92 -0.57 1.11
N PHE Y 248 30.27 0.03 2.11
CA PHE Y 248 30.89 1.01 2.93
C PHE Y 248 31.23 0.55 4.35
N GLY Y 249 30.33 -0.10 5.06
CA GLY Y 249 30.63 -0.48 6.42
C GLY Y 249 29.48 -1.03 7.24
N GLY Y 250 29.53 -0.91 8.57
CA GLY Y 250 28.50 -1.38 9.49
C GLY Y 250 27.68 -0.39 10.30
N LEU Y 251 27.87 0.89 10.10
CA LEU Y 251 27.11 1.94 10.78
C LEU Y 251 27.33 2.00 12.29
N VAL Y 252 28.46 2.53 12.74
CA VAL Y 252 28.70 2.64 14.17
C VAL Y 252 27.85 3.75 14.78
N SER Y 253 28.10 4.97 14.35
CA SER Y 253 27.36 6.08 14.87
C SER Y 253 27.17 7.23 13.92
N TRP Y 254 25.93 7.55 13.62
CA TRP Y 254 25.57 8.64 12.71
C TRP Y 254 25.79 10.12 12.99
N VAL Y 255 25.49 10.61 14.18
CA VAL Y 255 25.66 12.04 14.50
C VAL Y 255 25.02 13.05 13.56
N THR Y 256 23.74 12.88 13.23
CA THR Y 256 23.00 13.80 12.33
C THR Y 256 22.49 15.18 12.79
N GLN Y 257 22.41 16.10 11.85
CA GLN Y 257 21.88 17.42 12.14
C GLN Y 257 20.90 17.85 11.09
N ASP Y 258 19.62 18.05 11.37
CA ASP Y 258 18.85 18.59 10.23
C ASP Y 258 18.95 17.62 9.04
N GLU Y 259 19.26 18.09 7.84
CA GLU Y 259 19.33 17.25 6.65
C GLU Y 259 20.68 16.58 6.49
N LEU Y 260 21.55 16.73 7.46
CA LEU Y 260 22.95 16.33 7.38
C LEU Y 260 23.19 15.12 8.25
N ALA Y 261 24.20 14.35 7.95
CA ALA Y 261 24.53 13.22 8.79
C ALA Y 261 26.01 13.00 8.67
N SER Y 262 26.63 12.55 9.73
CA SER Y 262 28.03 12.27 9.69
C SER Y 262 27.96 10.86 10.07
N VAL Y 263 28.32 9.95 9.20
CA VAL Y 263 28.13 8.58 9.54
C VAL Y 263 29.37 7.83 9.87
N THR Y 264 29.61 7.48 11.13
CA THR Y 264 30.78 6.61 11.21
C THR Y 264 30.37 5.16 10.95
N ALA Y 265 31.23 4.41 10.28
CA ALA Y 265 30.94 3.02 9.97
C ALA Y 265 32.25 2.28 9.72
N VAL Y 266 32.22 0.97 9.91
CA VAL Y 266 33.45 0.18 9.94
C VAL Y 266 33.94 -0.11 8.51
N CYS Y 267 35.15 0.39 8.16
CA CYS Y 267 35.76 -0.02 6.89
C CYS Y 267 35.93 -1.54 6.89
N SER Y 268 36.50 -2.10 7.94
CA SER Y 268 36.60 -3.55 8.06
C SER Y 268 36.96 -3.91 9.50
N GLY Y 269 36.99 -5.20 9.78
CA GLY Y 269 37.14 -5.68 11.14
C GLY Y 269 35.82 -6.18 11.68
N PRO Y 270 35.84 -6.74 12.88
CA PRO Y 270 34.62 -7.31 13.45
C PRO Y 270 33.66 -6.24 13.93
N GLN Y 271 32.37 -6.55 13.82
CA GLN Y 271 31.31 -5.64 14.18
C GLN Y 271 31.06 -5.62 15.69
N GLU Y 272 30.95 -6.80 16.26
CA GLU Y 272 30.44 -6.85 17.62
C GLU Y 272 31.28 -6.16 18.62
N ALA Y 273 32.50 -5.84 18.24
CA ALA Y 273 33.45 -5.20 19.11
C ALA Y 273 33.56 -3.71 19.00
N THR Y 274 32.48 -3.08 18.59
CA THR Y 274 32.49 -1.67 18.34
C THR Y 274 32.21 -0.52 19.25
N HIS Y 275 30.95 -0.28 19.64
CA HIS Y 275 30.60 0.78 20.64
C HIS Y 275 30.11 -0.17 21.64
N THR Y 276 29.63 -1.26 21.10
CA THR Y 276 29.10 -2.32 21.91
C THR Y 276 27.98 -1.98 22.84
N GLY Y 277 28.14 -2.32 24.10
CA GLY Y 277 27.08 -2.11 25.04
C GLY Y 277 25.86 -2.95 24.74
N HIS Y 278 24.75 -2.63 25.39
CA HIS Y 278 23.56 -3.38 25.12
C HIS Y 278 23.21 -3.12 23.65
N PRO Y 279 23.28 -1.82 23.37
CA PRO Y 279 23.03 -1.13 22.10
C PRO Y 279 24.06 -0.02 22.01
N GLY Y 280 24.24 0.56 20.83
CA GLY Y 280 25.20 1.63 20.70
C GLY Y 280 24.47 2.89 21.05
N ARG Y 281 24.86 3.48 22.17
CA ARG Y 281 24.23 4.68 22.63
C ARG Y 281 22.90 4.16 23.12
N PRO Y 282 22.02 5.10 23.63
CA PRO Y 282 20.74 4.53 24.10
C PRO Y 282 19.69 4.21 23.00
N CYS Y 283 20.08 3.23 22.16
CA CYS Y 283 19.32 2.66 21.07
C CYS Y 283 19.20 1.17 21.40
N SER Y 284 19.24 0.27 20.42
CA SER Y 284 19.12 -1.16 20.76
C SER Y 284 20.14 -2.21 20.28
N ALA Y 285 20.84 -2.83 21.22
CA ALA Y 285 21.77 -3.94 20.96
C ALA Y 285 22.73 -3.72 19.82
N VAL Y 286 22.97 -4.78 19.04
CA VAL Y 286 23.83 -4.65 17.86
C VAL Y 286 23.67 -5.98 17.14
N THR Y 287 23.80 -5.95 15.82
CA THR Y 287 23.65 -7.15 15.01
C THR Y 287 23.88 -6.74 13.57
N ILE Y 288 24.15 -7.72 12.72
CA ILE Y 288 24.17 -7.47 11.29
C ILE Y 288 22.97 -8.24 10.78
N PRO Y 289 21.76 -7.77 11.07
CA PRO Y 289 20.48 -8.41 10.69
C PRO Y 289 20.11 -8.16 9.24
N ALA Y 290 20.10 -9.26 8.50
CA ALA Y 290 19.96 -9.18 7.06
C ALA Y 290 18.85 -8.32 6.60
N CYS Y 291 17.80 -8.23 7.42
CA CYS Y 291 16.58 -7.39 7.23
C CYS Y 291 15.55 -7.95 6.36
N ALA Y 292 15.80 -9.14 5.88
CA ALA Y 292 14.83 -9.77 5.06
C ALA Y 292 14.86 -11.21 5.38
N PHE Y 293 13.73 -11.86 5.32
CA PHE Y 293 13.74 -13.28 5.46
C PHE Y 293 13.67 -13.48 3.96
N VAL Y 294 13.68 -12.34 3.29
CA VAL Y 294 13.54 -12.21 1.85
C VAL Y 294 14.92 -12.12 1.21
N ASP Y 295 15.78 -11.44 1.95
CA ASP Y 295 17.20 -11.46 1.71
C ASP Y 295 17.74 -12.56 2.65
N LEU Y 296 19.05 -12.67 2.79
CA LEU Y 296 19.61 -13.78 3.58
C LEU Y 296 19.25 -15.08 2.94
N ASP Y 297 19.58 -15.17 1.66
CA ASP Y 297 19.43 -16.39 0.95
C ASP Y 297 20.55 -17.13 1.68
N ALA Y 298 20.22 -18.21 2.32
CA ALA Y 298 21.19 -18.96 3.10
C ALA Y 298 21.54 -20.18 2.29
N GLU Y 299 22.73 -20.18 1.72
CA GLU Y 299 23.11 -21.32 0.90
C GLU Y 299 23.47 -22.42 1.87
N LEU Y 300 24.26 -23.36 1.38
CA LEU Y 300 24.70 -24.40 2.24
C LEU Y 300 23.48 -25.09 2.76
N CYS Y 301 22.59 -25.43 1.84
CA CYS Y 301 21.38 -26.19 2.18
C CYS Y 301 21.93 -27.47 2.80
N LEU Y 302 23.05 -27.94 2.24
CA LEU Y 302 23.81 -29.10 2.71
C LEU Y 302 25.12 -28.50 3.21
N GLY Y 303 25.52 -28.80 4.44
CA GLY Y 303 26.74 -28.23 4.97
C GLY Y 303 27.50 -28.92 6.09
N GLY Y 304 28.76 -28.55 6.24
CA GLY Y 304 29.66 -29.05 7.27
C GLY Y 304 30.26 -27.85 7.96
N PRO Y 305 30.71 -28.01 9.26
CA PRO Y 305 31.24 -26.77 9.87
C PRO Y 305 32.46 -26.18 9.15
N GLY Y 306 32.35 -24.89 8.87
CA GLY Y 306 33.35 -24.09 8.20
C GLY Y 306 32.92 -22.68 8.51
N ALA Y 307 33.75 -21.68 8.25
CA ALA Y 307 33.33 -20.31 8.53
C ALA Y 307 32.30 -19.90 7.47
N ALA Y 308 31.10 -19.43 7.87
CA ALA Y 308 30.19 -19.11 6.81
C ALA Y 308 30.77 -17.87 6.11
N PHE Y 309 30.34 -17.57 4.90
CA PHE Y 309 30.87 -16.40 4.24
C PHE Y 309 29.78 -15.46 3.82
N LEU Y 310 30.04 -14.17 3.72
CA LEU Y 310 28.97 -13.28 3.31
C LEU Y 310 29.31 -12.44 2.07
N TYR Y 311 28.50 -12.60 1.03
CA TYR Y 311 28.58 -12.00 -0.29
C TYR Y 311 27.39 -11.09 -0.51
N LEU Y 312 27.47 -10.30 -1.57
CA LEU Y 312 26.43 -9.36 -1.93
C LEU Y 312 26.17 -9.51 -3.42
N VAL Y 313 24.95 -9.84 -3.80
CA VAL Y 313 24.65 -10.28 -5.15
C VAL Y 313 23.56 -9.40 -5.76
N PHE Y 314 23.68 -9.02 -7.00
CA PHE Y 314 22.61 -8.28 -7.57
C PHE Y 314 22.15 -9.22 -8.66
N THR Y 315 20.87 -9.53 -8.70
CA THR Y 315 20.33 -10.39 -9.74
C THR Y 315 19.54 -9.49 -10.63
N TYR Y 316 19.58 -9.74 -11.93
CA TYR Y 316 18.85 -8.86 -12.84
C TYR Y 316 17.91 -9.58 -13.78
N ARG Y 317 16.96 -8.81 -14.31
CA ARG Y 317 16.00 -9.29 -15.30
C ARG Y 317 16.23 -8.46 -16.54
N GLN Y 318 16.52 -9.10 -17.66
CA GLN Y 318 16.74 -8.38 -18.92
C GLN Y 318 15.71 -8.70 -19.94
N CYS Y 319 14.52 -8.14 -19.72
CA CYS Y 319 13.27 -8.25 -20.52
C CYS Y 319 12.46 -9.49 -20.17
N ARG Y 320 13.02 -10.39 -19.36
CA ARG Y 320 12.30 -11.54 -18.86
C ARG Y 320 11.29 -10.92 -17.92
N ASP Y 321 11.77 -10.01 -17.07
CA ASP Y 321 10.90 -9.20 -16.24
C ASP Y 321 11.13 -7.71 -16.53
N GLN Y 322 11.77 -7.33 -17.63
CA GLN Y 322 11.93 -5.87 -17.72
C GLN Y 322 12.87 -5.32 -16.64
N GLU Y 323 14.15 -5.63 -16.83
CA GLU Y 323 15.24 -5.10 -16.00
C GLU Y 323 15.03 -5.24 -14.50
N LEU Y 324 14.82 -6.49 -14.11
CA LEU Y 324 14.65 -6.81 -12.71
C LEU Y 324 15.90 -6.49 -11.88
N CYS Y 325 15.69 -6.02 -10.66
CA CYS Y 325 16.77 -5.82 -9.72
C CYS Y 325 16.52 -6.72 -8.52
N CYS Y 326 17.43 -7.64 -8.27
CA CYS Y 326 17.40 -8.48 -7.09
C CYS Y 326 18.66 -8.19 -6.31
N VAL Y 327 18.52 -7.95 -5.01
CA VAL Y 327 19.66 -7.63 -4.16
C VAL Y 327 19.50 -8.46 -2.89
N TYR Y 328 20.49 -9.30 -2.60
CA TYR Y 328 20.44 -10.08 -1.38
C TYR Y 328 21.84 -10.59 -1.05
N VAL Y 329 21.91 -11.37 0.02
CA VAL Y 329 23.16 -11.78 0.63
C VAL Y 329 23.21 -13.30 0.65
N VAL Y 330 24.38 -13.87 0.38
CA VAL Y 330 24.52 -15.32 0.44
C VAL Y 330 25.63 -15.64 1.43
N LYS Y 331 25.20 -16.64 2.18
CA LYS Y 331 25.87 -17.16 3.33
C LYS Y 331 26.18 -18.63 3.24
N SER Y 332 27.35 -18.99 2.75
CA SER Y 332 27.74 -20.38 2.67
C SER Y 332 29.23 -20.49 2.64
N GLN Y 333 29.79 -21.66 2.93
CA GLN Y 333 31.23 -21.74 2.89
C GLN Y 333 31.80 -22.09 1.54
N LEU Y 334 32.04 -21.10 0.70
CA LEU Y 334 32.66 -21.31 -0.58
C LEU Y 334 33.58 -20.12 -0.85
N PRO Y 335 34.81 -20.37 -1.33
CA PRO Y 335 35.69 -19.24 -1.56
C PRO Y 335 35.41 -18.66 -2.93
N PRO Y 336 35.31 -17.36 -3.03
CA PRO Y 336 34.80 -16.77 -4.25
C PRO Y 336 35.04 -17.51 -5.56
N ARG Y 337 36.01 -18.42 -5.65
CA ARG Y 337 36.26 -19.02 -6.94
C ARG Y 337 35.22 -20.10 -7.11
N GLY Y 338 34.46 -20.42 -6.06
CA GLY Y 338 33.46 -21.45 -6.11
C GLY Y 338 32.06 -20.88 -6.08
N LEU Y 339 31.96 -19.59 -5.82
CA LEU Y 339 30.65 -18.96 -5.76
C LEU Y 339 30.11 -18.71 -7.16
N GLU Y 340 30.99 -18.35 -8.09
CA GLU Y 340 30.56 -18.15 -9.47
C GLU Y 340 29.88 -19.40 -10.02
N ALA Y 341 30.38 -20.58 -9.64
CA ALA Y 341 29.76 -21.81 -10.08
C ALA Y 341 28.36 -21.96 -9.48
N ALA Y 342 28.26 -21.88 -8.15
CA ALA Y 342 26.96 -22.03 -7.51
C ALA Y 342 26.02 -20.90 -7.84
N LEU Y 343 26.54 -19.77 -8.32
CA LEU Y 343 25.67 -18.71 -8.82
C LEU Y 343 25.16 -19.02 -10.22
N GLU Y 344 25.95 -19.74 -11.02
CA GLU Y 344 25.46 -20.23 -12.30
C GLU Y 344 24.25 -21.13 -12.10
N ARG Y 345 24.34 -22.08 -11.19
CA ARG Y 345 23.18 -22.83 -10.77
C ARG Y 345 22.29 -21.92 -9.92
N LEU Y 346 21.17 -22.48 -9.47
CA LEU Y 346 20.24 -21.79 -8.58
C LEU Y 346 19.57 -20.60 -9.28
N PHE Y 347 20.09 -20.27 -10.46
CA PHE Y 347 19.64 -19.14 -11.28
C PHE Y 347 19.25 -19.43 -12.73
N GLY Y 348 18.03 -19.02 -13.10
CA GLY Y 348 17.52 -19.18 -14.45
C GLY Y 348 17.34 -17.83 -15.12
N ARG Y 349 17.95 -16.79 -14.52
CA ARG Y 349 17.87 -15.33 -14.84
C ARG Y 349 18.75 -14.91 -15.93
N LEU Y 350 19.21 -15.86 -16.66
CA LEU Y 350 20.20 -15.68 -17.70
C LEU Y 350 19.66 -15.09 -18.92
N ARG Y 351 18.42 -14.63 -18.88
CA ARG Y 351 17.78 -14.17 -20.07
C ARG Y 351 18.33 -13.00 -20.72
N ILE Y 352 18.85 -13.39 -21.88
CA ILE Y 352 19.38 -12.65 -22.99
C ILE Y 352 18.14 -11.90 -23.55
N THR Y 353 17.04 -12.65 -23.67
CA THR Y 353 15.71 -12.24 -24.15
C THR Y 353 15.88 -11.15 -25.13
N THR Y 416 22.91 -9.05 -24.10
CA THR Y 416 24.19 -9.46 -23.53
C THR Y 416 23.96 -10.58 -22.54
N CYS Y 417 25.03 -11.03 -21.89
CA CYS Y 417 24.89 -12.09 -20.90
C CYS Y 417 25.60 -11.77 -19.61
N THR Y 418 25.11 -10.80 -18.84
CA THR Y 418 25.72 -10.47 -17.54
C THR Y 418 24.68 -10.44 -16.42
N TYR Y 419 24.23 -11.63 -16.02
CA TYR Y 419 23.18 -11.77 -15.00
C TYR Y 419 23.39 -11.32 -13.54
N ALA Y 420 24.57 -11.55 -12.95
CA ALA Y 420 24.79 -11.17 -11.56
C ALA Y 420 26.18 -10.58 -11.32
N ALA Y 421 26.38 -9.83 -10.23
CA ALA Y 421 27.71 -9.28 -10.05
C ALA Y 421 27.88 -9.40 -8.55
N PHE Y 422 28.99 -9.96 -8.08
CA PHE Y 422 29.16 -10.13 -6.64
C PHE Y 422 30.50 -9.70 -6.07
N ALA Y 423 30.48 -9.26 -4.82
CA ALA Y 423 31.68 -8.84 -4.11
C ALA Y 423 31.60 -9.54 -2.78
N GLU Y 424 32.73 -9.76 -2.12
CA GLU Y 424 32.70 -10.45 -0.84
C GLU Y 424 32.81 -9.50 0.32
N LEU Y 425 31.75 -9.44 1.13
CA LEU Y 425 31.75 -8.59 2.32
C LEU Y 425 32.70 -9.05 3.41
N GLY Y 426 32.70 -10.34 3.72
CA GLY Y 426 33.54 -10.83 4.79
C GLY Y 426 33.26 -12.22 5.33
N VAL Y 427 33.67 -12.47 6.56
CA VAL Y 427 33.50 -13.75 7.21
C VAL Y 427 32.63 -13.68 8.42
N MET Y 428 32.06 -14.80 8.80
CA MET Y 428 31.25 -14.96 9.97
C MET Y 428 31.97 -16.20 10.49
N PRO Y 429 33.09 -16.05 11.22
CA PRO Y 429 33.94 -17.21 11.54
C PRO Y 429 33.39 -18.12 12.59
N ASP Y 430 32.11 -18.37 12.38
CA ASP Y 430 31.32 -19.30 13.14
C ASP Y 430 30.05 -19.40 12.36
N ASP Y 431 29.72 -20.63 12.08
CA ASP Y 431 28.60 -20.99 11.27
C ASP Y 431 27.23 -20.63 11.84
N SER Y 432 27.08 -20.92 13.13
CA SER Y 432 25.83 -20.85 13.91
C SER Y 432 24.96 -19.62 14.25
N PRO Y 433 25.46 -18.41 14.16
CA PRO Y 433 24.62 -17.32 14.62
C PRO Y 433 23.52 -16.99 13.68
N ARG Y 434 23.26 -17.73 12.62
CA ARG Y 434 22.26 -17.29 11.64
C ARG Y 434 20.80 -17.21 12.06
N CYS Y 435 20.48 -16.35 13.03
CA CYS Y 435 19.10 -16.19 13.48
C CYS Y 435 18.25 -15.48 12.44
N LEU Y 436 17.02 -15.94 12.26
CA LEU Y 436 16.11 -15.31 11.31
C LEU Y 436 15.02 -14.73 12.19
N HIS Y 437 14.87 -13.42 12.19
CA HIS Y 437 13.83 -12.86 13.03
C HIS Y 437 12.90 -11.91 12.30
N ARG Y 438 11.62 -12.21 12.21
CA ARG Y 438 10.76 -11.21 11.61
C ARG Y 438 10.33 -10.45 12.87
N THR Y 439 11.28 -9.93 13.64
CA THR Y 439 10.95 -9.25 14.90
C THR Y 439 11.63 -7.95 15.41
N GLU Y 440 11.88 -6.95 14.57
CA GLU Y 440 12.51 -5.72 15.06
C GLU Y 440 11.71 -4.46 14.70
N ARG Y 441 11.61 -3.45 15.57
CA ARG Y 441 10.81 -2.34 15.06
C ARG Y 441 11.68 -1.15 14.73
N PHE Y 442 11.54 -0.66 13.50
CA PHE Y 442 12.25 0.51 13.07
C PHE Y 442 11.04 1.39 12.87
N GLY Y 443 10.46 1.77 14.01
CA GLY Y 443 9.24 2.54 14.03
C GLY Y 443 8.09 1.55 14.16
N ALA Y 444 6.92 1.90 13.66
CA ALA Y 444 5.75 1.03 13.74
C ALA Y 444 5.89 -0.29 12.98
N VAL Y 445 6.50 -0.25 11.80
CA VAL Y 445 6.68 -1.42 10.93
C VAL Y 445 7.55 -2.54 11.52
N GLY Y 446 7.19 -3.78 11.21
CA GLY Y 446 7.91 -4.96 11.67
C GLY Y 446 8.49 -5.73 10.48
N VAL Y 447 9.75 -6.15 10.57
CA VAL Y 447 10.40 -6.85 9.47
C VAL Y 447 11.03 -8.20 9.79
N PRO Y 448 10.89 -9.17 8.88
CA PRO Y 448 11.54 -10.43 9.08
C PRO Y 448 12.88 -9.85 9.22
N VAL Y 449 13.54 -10.28 10.25
CA VAL Y 449 14.84 -9.80 10.47
C VAL Y 449 15.61 -11.05 10.77
N VAL Y 450 16.75 -11.18 10.12
CA VAL Y 450 17.59 -12.28 10.42
C VAL Y 450 18.77 -11.61 11.04
N ILE Y 451 19.10 -12.13 12.18
CA ILE Y 451 20.27 -11.75 12.98
C ILE Y 451 21.46 -12.64 12.65
N LEU Y 452 22.60 -12.00 12.39
CA LEU Y 452 23.87 -12.68 12.11
C LEU Y 452 24.82 -12.39 13.26
N GLU Y 453 25.17 -13.43 14.03
CA GLU Y 453 25.95 -13.22 15.25
C GLU Y 453 27.43 -13.35 14.91
N GLY Y 454 28.13 -12.24 14.98
CA GLY Y 454 29.54 -12.13 14.74
C GLY Y 454 29.75 -12.05 13.25
N VAL Y 455 30.55 -11.08 12.82
CA VAL Y 455 30.89 -10.87 11.42
C VAL Y 455 32.22 -10.15 11.41
N VAL Y 456 33.04 -10.45 10.41
CA VAL Y 456 34.30 -9.80 10.20
C VAL Y 456 34.16 -9.25 8.80
N TRP Y 457 34.55 -8.01 8.56
CA TRP Y 457 34.37 -7.43 7.24
C TRP Y 457 35.59 -7.43 6.38
N ARG Y 458 35.51 -8.09 5.26
CA ARG Y 458 36.57 -8.09 4.29
C ARG Y 458 35.82 -7.37 3.21
N PRO Y 459 36.34 -6.15 2.80
CA PRO Y 459 35.54 -5.47 1.77
C PRO Y 459 35.42 -6.24 0.47
N GLY Y 460 36.51 -6.83 0.00
CA GLY Y 460 36.45 -7.58 -1.24
C GLY Y 460 36.40 -6.68 -2.46
N GLY Y 461 36.10 -7.26 -3.61
CA GLY Y 461 36.02 -6.51 -4.86
C GLY Y 461 34.85 -7.02 -5.67
N TRP Y 462 34.37 -6.23 -6.62
CA TRP Y 462 33.24 -6.66 -7.43
C TRP Y 462 33.64 -7.51 -8.61
N ARG Y 463 33.24 -8.78 -8.64
CA ARG Y 463 33.53 -9.59 -9.81
C ARG Y 463 32.21 -10.04 -10.43
N ALA Y 464 31.87 -9.48 -11.59
CA ALA Y 464 30.92 -10.11 -12.50
C ALA Y 464 31.42 -9.91 -13.91
N CYS Y 465 31.88 -10.98 -14.56
CA CYS Y 465 32.22 -10.92 -15.97
C CYS Y 465 31.17 -11.55 -16.88
N ALA Y 466 30.19 -12.24 -16.31
CA ALA Y 466 29.29 -13.08 -17.07
C ALA Y 466 28.23 -13.70 -16.17
N CYS Z 5 -5.53 166.47 51.53
CA CYS Z 5 -6.44 167.08 50.58
C CYS Z 5 -5.58 167.92 49.65
N PHE Z 6 -4.38 168.25 50.14
CA PHE Z 6 -3.58 169.31 49.54
C PHE Z 6 -4.36 170.62 49.57
N GLU Z 7 -4.45 171.26 50.71
CA GLU Z 7 -5.04 172.58 50.75
C GLU Z 7 -4.09 173.61 50.12
N ALA Z 8 -4.66 174.55 49.39
CA ALA Z 8 -3.94 175.70 48.85
C ALA Z 8 -4.55 176.94 49.47
N ASP Z 9 -3.71 177.81 50.02
CA ASP Z 9 -4.15 178.90 50.87
C ASP Z 9 -4.06 180.21 50.13
N ILE Z 10 -5.21 180.74 49.72
CA ILE Z 10 -5.27 182.01 48.99
C ILE Z 10 -5.17 183.15 49.98
N ALA Z 11 -4.33 184.13 49.68
CA ALA Z 11 -4.01 185.20 50.62
C ALA Z 11 -4.93 186.40 50.39
N ILE Z 12 -5.79 186.68 51.36
CA ILE Z 12 -6.61 187.89 51.30
C ILE Z 12 -5.69 189.10 51.26
N PRO Z 13 -6.01 190.12 50.47
CA PRO Z 13 -5.14 191.30 50.42
C PRO Z 13 -5.19 192.12 51.70
N SER Z 14 -4.66 193.33 51.64
CA SER Z 14 -4.57 194.20 52.79
C SER Z 14 -5.97 194.63 53.19
N GLY Z 15 -6.06 195.54 54.15
CA GLY Z 15 -7.30 195.75 54.88
C GLY Z 15 -8.54 195.87 54.03
N ILE Z 16 -9.54 195.07 54.35
CA ILE Z 16 -10.79 195.01 53.61
C ILE Z 16 -11.90 195.50 54.54
N SER Z 17 -12.96 196.02 53.94
CA SER Z 17 -14.05 196.53 54.76
C SER Z 17 -14.72 195.38 55.50
N ARG Z 18 -15.26 195.72 56.67
CA ARG Z 18 -16.01 194.73 57.44
C ARG Z 18 -17.18 194.12 56.67
N PRO Z 19 -17.92 194.86 55.83
CA PRO Z 19 -18.94 194.18 55.02
C PRO Z 19 -18.35 193.28 53.94
N ASP Z 20 -17.15 193.56 53.47
CA ASP Z 20 -16.51 192.66 52.51
C ASP Z 20 -16.05 191.38 53.18
N ALA Z 21 -15.44 191.49 54.36
CA ALA Z 21 -15.03 190.31 55.09
C ALA Z 21 -16.21 189.40 55.38
N ALA Z 22 -17.40 189.96 55.54
CA ALA Z 22 -18.58 189.13 55.71
C ALA Z 22 -19.10 188.59 54.39
N ALA Z 23 -18.72 189.23 53.28
CA ALA Z 23 -19.06 188.67 51.98
C ALA Z 23 -18.28 187.40 51.73
N LEU Z 24 -17.00 187.38 52.10
CA LEU Z 24 -16.18 186.20 51.92
C LEU Z 24 -16.62 185.08 52.85
N GLN Z 25 -16.96 185.40 54.09
CA GLN Z 25 -17.40 184.35 55.02
C GLN Z 25 -18.52 183.54 54.43
N ARG Z 26 -19.36 184.16 53.62
CA ARG Z 26 -20.47 183.47 52.99
C ARG Z 26 -20.08 182.73 51.73
N CYS Z 27 -18.81 182.80 51.35
CA CYS Z 27 -18.30 182.15 50.14
C CYS Z 27 -17.69 180.79 50.40
N GLU Z 28 -17.75 180.28 51.63
CA GLU Z 28 -17.29 178.94 51.90
C GLU Z 28 -18.22 177.94 51.24
N GLY Z 29 -17.65 176.95 50.57
CA GLY Z 29 -18.42 176.00 49.81
C GLY Z 29 -18.63 176.36 48.37
N ARG Z 30 -17.89 177.34 47.86
CA ARG Z 30 -18.01 177.83 46.50
C ARG Z 30 -16.80 177.39 45.70
N VAL Z 31 -16.99 177.19 44.42
CA VAL Z 31 -15.92 176.66 43.58
C VAL Z 31 -15.07 177.80 43.07
N VAL Z 32 -13.77 177.65 43.19
CA VAL Z 32 -12.78 178.55 42.67
C VAL Z 32 -11.93 177.81 41.66
N PHE Z 33 -11.51 178.52 40.63
CA PHE Z 33 -10.56 178.01 39.67
C PHE Z 33 -9.25 178.72 39.94
N LEU Z 34 -8.22 177.95 40.25
CA LEU Z 34 -6.94 178.49 40.62
C LEU Z 34 -5.94 178.22 39.51
N PRO Z 35 -5.22 179.22 39.02
CA PRO Z 35 -4.45 179.02 37.78
C PRO Z 35 -3.35 178.00 37.91
N THR Z 36 -2.67 177.94 39.05
CA THR Z 36 -1.65 176.94 39.31
C THR Z 36 -1.83 176.44 40.72
N ILE Z 37 -1.31 175.25 40.98
CA ILE Z 37 -1.60 174.53 42.22
C ILE Z 37 -0.56 174.88 43.30
N ARG Z 38 0.23 175.90 43.03
CA ARG Z 38 1.08 176.48 44.06
C ARG Z 38 0.31 176.66 45.36
N ARG Z 39 0.94 176.26 46.47
CA ARG Z 39 0.37 176.31 47.83
C ARG Z 39 0.06 177.70 48.28
N GLN Z 40 0.79 178.66 47.78
CA GLN Z 40 0.54 180.00 48.16
C GLN Z 40 0.09 180.74 46.91
N LEU Z 41 -1.12 181.28 46.91
CA LEU Z 41 -1.64 182.03 45.78
C LEU Z 41 -2.27 183.30 46.28
N ALA Z 42 -2.36 184.29 45.43
CA ALA Z 42 -2.95 185.55 45.76
C ALA Z 42 -4.42 185.51 45.55
N LEU Z 43 -5.11 186.52 46.03
CA LEU Z 43 -6.54 186.56 45.71
C LEU Z 43 -6.80 187.14 44.33
N ALA Z 44 -6.02 188.14 43.92
CA ALA Z 44 -6.20 188.71 42.60
C ALA Z 44 -6.03 187.68 41.50
N ASP Z 45 -5.23 186.64 41.72
CA ASP Z 45 -5.05 185.62 40.71
C ASP Z 45 -6.33 184.83 40.48
N VAL Z 46 -7.12 184.63 41.53
CA VAL Z 46 -8.39 183.91 41.46
C VAL Z 46 -9.53 184.79 40.99
N ALA Z 47 -9.49 186.08 41.28
CA ALA Z 47 -10.63 186.93 41.04
C ALA Z 47 -10.94 187.01 39.56
N HIS Z 48 -12.21 187.31 39.26
CA HIS Z 48 -12.66 187.31 37.87
C HIS Z 48 -11.92 188.31 37.01
N GLU Z 49 -11.32 189.33 37.61
CA GLU Z 49 -10.47 190.24 36.86
C GLU Z 49 -9.22 189.57 36.32
N SER Z 50 -8.96 188.34 36.72
CA SER Z 50 -7.83 187.57 36.21
C SER Z 50 -8.22 186.67 35.06
N PHE Z 51 -9.48 186.70 34.63
CA PHE Z 51 -9.91 185.95 33.47
C PHE Z 51 -9.79 186.78 32.19
N VAL Z 52 -9.49 188.06 32.30
CA VAL Z 52 -9.28 188.89 31.13
C VAL Z 52 -8.21 188.28 30.24
N SER Z 53 -8.46 188.27 28.93
CA SER Z 53 -7.52 187.68 27.99
C SER Z 53 -7.18 188.64 26.87
N GLY Z 54 -8.19 188.98 26.06
CA GLY Z 54 -8.00 189.83 24.90
C GLY Z 54 -8.21 191.31 25.20
N GLY Z 55 -8.00 191.70 26.45
CA GLY Z 55 -8.31 193.03 26.88
C GLY Z 55 -9.74 193.21 27.34
N VAL Z 56 -10.56 192.17 27.27
CA VAL Z 56 -11.96 192.23 27.65
C VAL Z 56 -12.24 191.19 28.71
N SER Z 57 -13.33 191.40 29.43
CA SER Z 57 -13.86 190.37 30.28
C SER Z 57 -14.44 189.26 29.42
N PRO Z 58 -14.15 188.00 29.73
CA PRO Z 58 -14.49 186.92 28.81
C PRO Z 58 -15.99 186.68 28.75
N ASP Z 59 -16.42 186.28 27.57
CA ASP Z 59 -17.81 185.88 27.33
C ASP Z 59 -18.01 184.50 27.90
N THR Z 60 -19.18 183.91 27.67
CA THR Z 60 -19.43 182.56 28.19
C THR Z 60 -18.53 181.54 27.52
N LEU Z 61 -18.14 181.78 26.27
CA LEU Z 61 -17.19 180.89 25.64
C LEU Z 61 -15.80 181.08 26.20
N GLY Z 62 -15.36 182.33 26.31
CA GLY Z 62 -14.06 182.58 26.88
C GLY Z 62 -13.93 182.05 28.28
N LEU Z 63 -15.01 182.10 29.06
CA LEU Z 63 -15.02 181.47 30.37
C LEU Z 63 -14.83 179.96 30.24
N LEU Z 64 -15.75 179.29 29.56
CA LEU Z 64 -15.68 177.84 29.42
C LEU Z 64 -14.32 177.36 28.95
N LEU Z 65 -13.63 178.16 28.15
CA LEU Z 65 -12.22 177.88 27.88
C LEU Z 65 -11.41 177.86 29.15
N ALA Z 66 -11.51 178.92 29.96
CA ALA Z 66 -10.68 179.01 31.15
C ALA Z 66 -11.05 177.94 32.16
N TYR Z 67 -12.33 177.65 32.32
CA TYR Z 67 -12.74 176.58 33.23
C TYR Z 67 -12.13 175.24 32.84
N ARG Z 68 -11.72 175.11 31.61
CA ARG Z 68 -11.10 173.88 31.20
C ARG Z 68 -9.60 173.99 31.30
N ARG Z 69 -9.07 175.14 31.68
CA ARG Z 69 -7.62 175.26 31.70
C ARG Z 69 -6.95 175.45 33.05
N ARG Z 70 -7.71 175.87 34.05
CA ARG Z 70 -7.28 176.10 35.40
C ARG Z 70 -7.90 175.07 36.32
N PHE Z 71 -7.57 175.10 37.59
CA PHE Z 71 -8.04 174.06 38.46
C PHE Z 71 -9.13 174.43 39.42
N PRO Z 72 -10.32 173.85 39.30
CA PRO Z 72 -11.29 174.27 40.28
C PRO Z 72 -11.01 173.76 41.65
N ALA Z 73 -11.13 174.57 42.69
CA ALA Z 73 -10.93 174.07 44.01
C ALA Z 73 -12.08 174.56 44.86
N VAL Z 74 -12.73 173.70 45.58
CA VAL Z 74 -13.81 174.10 46.44
C VAL Z 74 -13.25 174.86 47.64
N ILE Z 75 -13.96 175.86 48.15
CA ILE Z 75 -13.48 176.60 49.28
C ILE Z 75 -13.83 175.85 50.53
N THR Z 76 -12.86 175.54 51.38
CA THR Z 76 -13.20 174.75 52.54
C THR Z 76 -13.41 175.61 53.78
N ARG Z 77 -12.42 176.41 54.11
CA ARG Z 77 -12.50 177.30 55.24
C ARG Z 77 -12.10 178.69 54.85
N VAL Z 78 -12.91 179.70 55.14
CA VAL Z 78 -12.45 181.04 54.82
C VAL Z 78 -12.00 181.66 56.13
N LEU Z 79 -10.79 182.17 56.14
CA LEU Z 79 -10.21 182.73 57.32
C LEU Z 79 -9.84 184.14 57.05
N PRO Z 80 -9.91 185.01 58.06
CA PRO Z 80 -9.47 186.36 57.76
C PRO Z 80 -8.00 186.22 57.51
N THR Z 81 -7.65 186.77 56.37
CA THR Z 81 -6.29 186.83 55.81
C THR Z 81 -5.85 185.54 55.16
N ARG Z 82 -6.79 184.67 54.79
CA ARG Z 82 -6.55 183.48 54.00
C ARG Z 82 -7.84 183.10 53.32
N ILE Z 83 -7.72 182.22 52.33
CA ILE Z 83 -8.81 181.38 51.87
C ILE Z 83 -8.22 180.03 51.59
N VAL Z 84 -8.83 178.98 52.12
CA VAL Z 84 -8.30 177.63 52.01
C VAL Z 84 -9.20 176.86 51.08
N ALA Z 85 -8.69 176.53 49.89
CA ALA Z 85 -9.46 175.82 48.88
C ALA Z 85 -8.69 174.59 48.44
N CYS Z 86 -9.38 173.46 48.32
CA CYS Z 86 -8.72 172.19 48.11
C CYS Z 86 -8.97 171.74 46.67
N PRO Z 87 -7.98 171.78 45.78
CA PRO Z 87 -8.22 171.51 44.36
C PRO Z 87 -8.90 170.18 44.11
N VAL Z 88 -9.86 170.18 43.19
CA VAL Z 88 -10.65 169.02 42.88
C VAL Z 88 -9.86 167.97 42.11
N ASP Z 89 -8.79 168.36 41.43
CA ASP Z 89 -8.14 167.45 40.50
C ASP Z 89 -7.08 166.58 41.17
N LEU Z 90 -6.74 166.84 42.42
CA LEU Z 90 -5.53 166.32 43.03
C LEU Z 90 -5.83 165.37 44.18
N GLY Z 91 -5.22 164.22 44.07
CA GLY Z 91 -5.37 163.16 45.03
C GLY Z 91 -6.04 162.02 44.34
N LEU Z 92 -6.32 161.01 45.11
CA LEU Z 92 -6.96 159.83 44.58
C LEU Z 92 -8.41 160.15 44.30
N THR Z 93 -8.98 159.37 43.40
CA THR Z 93 -10.37 159.49 43.04
C THR Z 93 -11.23 158.94 44.17
N HIS Z 94 -12.48 159.37 44.21
CA HIS Z 94 -13.39 158.96 45.27
C HIS Z 94 -12.81 159.23 46.66
N ALA Z 95 -12.19 160.39 46.90
CA ALA Z 95 -11.70 160.71 48.26
C ALA Z 95 -11.64 162.22 48.46
N GLY Z 96 -11.44 162.71 49.69
CA GLY Z 96 -11.50 164.13 49.96
C GLY Z 96 -12.85 164.73 49.83
N THR Z 97 -13.82 164.16 50.52
CA THR Z 97 -15.13 164.70 50.47
C THR Z 97 -15.02 166.10 51.03
N VAL Z 98 -15.46 167.09 50.26
CA VAL Z 98 -15.46 168.47 50.65
C VAL Z 98 -16.84 168.96 50.35
N ASN Z 99 -17.38 169.81 51.18
CA ASN Z 99 -18.70 170.28 50.92
C ASN Z 99 -18.86 171.34 49.91
N LEU Z 100 -19.84 171.17 49.06
CA LEU Z 100 -20.20 172.19 48.08
C LEU Z 100 -21.33 173.06 48.59
N ARG Z 101 -21.76 174.00 47.76
CA ARG Z 101 -23.02 174.68 47.95
C ARG Z 101 -23.86 174.46 46.72
N ASN Z 102 -25.09 174.00 46.92
CA ASN Z 102 -25.98 173.85 45.80
C ASN Z 102 -26.53 175.20 45.39
N THR Z 103 -26.76 175.38 44.10
CA THR Z 103 -27.40 176.59 43.57
C THR Z 103 -28.43 176.20 42.47
N SER Z 104 -29.68 176.64 42.59
CA SER Z 104 -30.76 176.33 41.62
C SER Z 104 -31.57 175.02 41.81
N PRO Z 105 -31.16 173.89 41.11
CA PRO Z 105 -31.98 172.68 41.32
C PRO Z 105 -31.54 171.90 42.55
N VAL Z 106 -31.79 170.60 42.58
CA VAL Z 106 -31.43 169.81 43.75
C VAL Z 106 -30.12 169.08 43.98
N ASP Z 107 -29.45 168.55 42.97
CA ASP Z 107 -28.24 167.75 43.20
C ASP Z 107 -28.55 166.51 44.03
N LEU Z 108 -29.19 165.54 43.40
CA LEU Z 108 -29.54 164.33 44.11
C LEU Z 108 -28.28 163.54 44.45
N CYS Z 109 -28.48 162.35 45.00
CA CYS Z 109 -27.44 161.61 45.70
C CYS Z 109 -26.27 161.28 44.80
N ASN Z 110 -26.38 161.55 43.51
CA ASN Z 110 -25.25 161.37 42.60
C ASN Z 110 -25.39 162.34 41.43
N GLY Z 111 -24.67 162.06 40.36
CA GLY Z 111 -24.86 162.75 39.10
C GLY Z 111 -23.73 163.64 38.71
N ASP Z 112 -22.67 163.70 39.46
CA ASP Z 112 -21.47 164.32 38.96
C ASP Z 112 -21.64 165.79 38.59
N PRO Z 113 -21.76 166.70 39.56
CA PRO Z 113 -21.91 168.12 39.23
C PRO Z 113 -20.83 168.63 38.30
N VAL Z 114 -21.26 169.37 37.29
CA VAL Z 114 -20.39 170.18 36.45
C VAL Z 114 -20.44 171.59 36.95
N SER Z 115 -19.31 172.28 36.90
CA SER Z 115 -19.28 173.68 37.25
C SER Z 115 -19.27 174.41 35.91
N LEU Z 116 -20.43 174.94 35.54
CA LEU Z 116 -20.63 175.73 34.34
C LEU Z 116 -20.63 177.21 34.67
N VAL Z 117 -20.25 178.00 33.69
CA VAL Z 117 -20.09 179.44 33.81
C VAL Z 117 -21.33 180.06 34.43
N PRO Z 118 -21.21 181.18 35.16
CA PRO Z 118 -22.40 181.77 35.82
C PRO Z 118 -23.44 182.35 34.86
N PRO Z 119 -23.08 182.99 33.72
CA PRO Z 119 -24.08 183.81 33.01
C PRO Z 119 -25.29 183.06 32.54
N VAL Z 120 -25.18 181.74 32.40
CA VAL Z 120 -26.29 180.88 31.98
C VAL Z 120 -27.55 181.08 32.80
N PHE Z 121 -27.43 181.64 33.99
CA PHE Z 121 -28.53 181.94 34.89
C PHE Z 121 -28.36 183.41 35.25
N GLU Z 122 -29.12 183.89 36.22
CA GLU Z 122 -29.03 185.31 36.54
C GLU Z 122 -27.59 185.78 36.51
N GLY Z 123 -27.33 186.76 35.66
CA GLY Z 123 -25.98 187.03 35.20
C GLY Z 123 -25.02 187.55 36.24
N GLN Z 124 -25.34 188.75 36.70
CA GLN Z 124 -24.63 189.46 37.73
C GLN Z 124 -24.91 188.85 39.07
N ALA Z 125 -26.04 188.15 39.17
CA ALA Z 125 -26.39 187.49 40.40
C ALA Z 125 -25.29 186.48 40.45
N THR Z 126 -24.58 186.49 41.58
CA THR Z 126 -23.34 185.77 41.96
C THR Z 126 -22.04 186.47 41.66
N ASP Z 127 -22.07 187.73 41.25
CA ASP Z 127 -20.84 188.47 41.02
C ASP Z 127 -20.07 188.66 42.31
N VAL Z 128 -20.76 188.84 43.46
CA VAL Z 128 -20.10 189.00 44.77
C VAL Z 128 -18.94 189.99 44.81
N ARG Z 129 -19.26 191.26 44.61
CA ARG Z 129 -18.16 192.21 44.48
C ARG Z 129 -17.56 192.56 45.83
N LEU Z 130 -16.25 192.78 45.83
CA LEU Z 130 -15.53 193.32 46.99
C LEU Z 130 -15.00 194.68 46.61
N GLU Z 131 -15.59 195.73 47.19
CA GLU Z 131 -15.20 197.08 46.79
C GLU Z 131 -13.91 197.53 47.45
N SER Z 132 -13.67 197.11 48.69
CA SER Z 132 -12.51 197.60 49.43
C SER Z 132 -11.22 197.33 48.70
N LEU Z 133 -11.06 196.11 48.22
CA LEU Z 133 -9.88 195.72 47.48
C LEU Z 133 -10.07 195.77 45.97
N ASP Z 134 -11.28 196.08 45.51
CA ASP Z 134 -11.60 196.33 44.10
C ASP Z 134 -11.32 195.10 43.24
N LEU Z 135 -12.08 194.05 43.53
CA LEU Z 135 -12.04 192.83 42.78
C LEU Z 135 -13.42 192.18 42.88
N THR Z 136 -13.62 191.04 42.22
CA THR Z 136 -14.91 190.43 42.14
C THR Z 136 -14.71 188.93 41.90
N LEU Z 137 -15.74 188.14 42.18
CA LEU Z 137 -15.66 186.70 42.14
C LEU Z 137 -16.93 186.18 41.51
N ARG Z 138 -16.82 185.43 40.44
CA ARG Z 138 -17.99 184.83 39.83
C ARG Z 138 -17.89 183.33 40.01
N PHE Z 139 -18.72 182.82 40.78
CA PHE Z 139 -18.59 181.41 41.09
C PHE Z 139 -19.41 180.59 40.10
N PRO Z 140 -18.85 179.53 39.55
CA PRO Z 140 -19.63 178.73 38.61
C PRO Z 140 -20.80 178.05 39.31
N VAL Z 141 -21.78 177.65 38.53
CA VAL Z 141 -22.96 177.01 39.10
C VAL Z 141 -22.75 175.51 39.06
N PRO Z 142 -22.96 174.81 40.16
CA PRO Z 142 -22.75 173.36 40.21
C PRO Z 142 -23.94 172.55 39.71
N LEU Z 143 -24.04 172.26 38.43
CA LEU Z 143 -25.19 171.52 37.98
C LEU Z 143 -24.81 170.10 37.56
N PRO Z 144 -25.74 169.14 37.64
CA PRO Z 144 -25.44 167.77 37.22
C PRO Z 144 -25.11 167.71 35.74
N THR Z 145 -24.31 166.70 35.35
CA THR Z 145 -23.88 166.62 33.95
C THR Z 145 -25.05 166.48 32.98
N PRO Z 146 -26.02 165.59 33.19
CA PRO Z 146 -27.11 165.53 32.19
C PRO Z 146 -27.84 166.84 32.07
N LEU Z 147 -28.07 167.51 33.18
CA LEU Z 147 -28.79 168.77 33.12
C LEU Z 147 -27.89 169.91 32.66
N ALA Z 148 -26.62 169.89 33.04
CA ALA Z 148 -25.72 170.95 32.59
C ALA Z 148 -25.57 170.92 31.07
N ARG Z 149 -25.47 169.72 30.49
CA ARG Z 149 -25.35 169.63 29.04
C ARG Z 149 -26.64 169.97 28.35
N GLU Z 150 -27.77 169.53 28.92
CA GLU Z 150 -29.07 169.89 28.36
C GLU Z 150 -29.23 171.39 28.30
N ILE Z 151 -28.85 172.08 29.38
CA ILE Z 151 -29.00 173.53 29.43
C ILE Z 151 -28.09 174.21 28.41
N VAL Z 152 -26.79 173.96 28.50
CA VAL Z 152 -25.87 174.70 27.64
C VAL Z 152 -26.21 174.51 26.17
N ALA Z 153 -26.69 173.33 25.79
CA ALA Z 153 -27.16 173.15 24.43
C ALA Z 153 -28.50 173.82 24.23
N ARG Z 154 -29.33 173.83 25.27
CA ARG Z 154 -30.64 174.45 25.18
C ARG Z 154 -30.54 175.94 24.88
N LEU Z 155 -29.53 176.61 25.45
CA LEU Z 155 -29.40 178.05 25.25
C LEU Z 155 -28.77 178.42 23.93
N VAL Z 156 -27.76 177.68 23.49
CA VAL Z 156 -27.24 177.95 22.15
C VAL Z 156 -28.28 177.59 21.10
N ALA Z 157 -29.15 176.62 21.39
CA ALA Z 157 -30.28 176.36 20.52
C ALA Z 157 -31.19 177.58 20.45
N ARG Z 158 -31.52 178.15 21.60
CA ARG Z 158 -32.31 179.38 21.60
C ARG Z 158 -31.53 180.54 21.01
N GLY Z 159 -30.21 180.51 21.10
CA GLY Z 159 -29.42 181.51 20.44
C GLY Z 159 -29.31 181.34 18.95
N ILE Z 160 -29.84 180.30 18.34
CA ILE Z 160 -29.76 180.26 16.87
C ILE Z 160 -31.08 180.82 16.35
N ARG Z 161 -32.15 180.67 17.12
CA ARG Z 161 -33.43 181.17 16.77
C ARG Z 161 -33.37 182.64 16.75
N ASP Z 162 -32.74 183.18 17.75
CA ASP Z 162 -32.57 184.60 17.90
C ASP Z 162 -31.72 185.19 16.80
N LEU Z 163 -30.72 184.44 16.29
CA LEU Z 163 -29.76 184.95 15.27
C LEU Z 163 -30.59 185.41 14.11
N ASN Z 164 -31.30 184.53 13.43
CA ASN Z 164 -32.36 185.10 12.61
C ASN Z 164 -33.71 184.47 12.89
N PRO Z 165 -34.65 185.28 13.41
CA PRO Z 165 -36.02 184.92 13.79
C PRO Z 165 -36.98 185.77 13.01
N ASP Z 166 -38.26 185.43 12.96
CA ASP Z 166 -39.11 186.37 12.25
C ASP Z 166 -39.77 187.23 13.30
N PRO Z 174 -42.51 176.71 20.17
CA PRO Z 174 -42.17 175.75 21.22
C PRO Z 174 -41.07 176.27 22.14
N ASP Z 175 -41.40 176.46 23.41
CA ASP Z 175 -40.49 177.12 24.34
C ASP Z 175 -39.36 176.18 24.73
N LEU Z 176 -38.13 176.62 24.48
CA LEU Z 176 -36.95 175.92 24.97
C LEU Z 176 -36.70 176.19 26.44
N ASN Z 177 -37.34 177.20 27.00
CA ASN Z 177 -36.91 177.83 28.23
C ASN Z 177 -37.62 177.32 29.47
N VAL Z 178 -38.42 176.27 29.35
CA VAL Z 178 -39.12 175.76 30.52
C VAL Z 178 -38.23 174.81 31.30
N LEU Z 179 -37.91 173.68 30.69
CA LEU Z 179 -36.98 172.73 31.27
C LEU Z 179 -37.21 172.21 32.68
N TYR Z 180 -38.41 171.76 33.00
CA TYR Z 180 -38.67 171.25 34.35
C TYR Z 180 -37.69 170.11 34.60
N TYR Z 181 -37.01 170.16 35.74
CA TYR Z 181 -36.05 169.15 36.11
C TYR Z 181 -36.47 168.65 37.47
N ASN Z 182 -36.49 167.34 37.64
CA ASN Z 182 -36.89 166.76 38.89
C ASN Z 182 -38.32 167.22 39.18
N GLY Z 183 -38.59 167.69 40.38
CA GLY Z 183 -39.93 168.14 40.71
C GLY Z 183 -40.04 169.63 40.54
N ALA Z 184 -40.93 170.03 39.66
CA ALA Z 184 -41.19 171.44 39.37
C ALA Z 184 -40.86 171.79 37.93
N ARG Z 185 -40.75 173.09 37.69
CA ARG Z 185 -40.39 173.61 36.38
C ARG Z 185 -39.21 174.53 36.60
N LEU Z 186 -38.11 174.27 35.91
CA LEU Z 186 -36.95 175.11 36.04
C LEU Z 186 -37.19 176.24 35.08
N SER Z 187 -37.00 177.46 35.53
CA SER Z 187 -37.24 178.57 34.58
C SER Z 187 -35.93 179.00 33.95
N LEU Z 188 -35.94 179.30 32.66
CA LEU Z 188 -34.65 179.57 32.06
C LEU Z 188 -34.53 181.08 32.01
N VAL Z 189 -35.48 181.64 31.29
CA VAL Z 189 -35.64 183.06 31.06
C VAL Z 189 -35.92 183.78 32.38
N ALA Z 190 -35.16 184.84 32.56
CA ALA Z 190 -35.37 185.82 33.61
C ALA Z 190 -36.07 187.06 32.96
N ASP Z 191 -36.51 186.90 31.71
CA ASP Z 191 -37.18 187.89 30.89
C ASP Z 191 -36.32 189.12 30.85
N VAL Z 192 -36.95 190.28 30.99
CA VAL Z 192 -36.27 191.59 31.07
C VAL Z 192 -35.25 191.77 29.93
N GLN Z 193 -34.06 192.25 30.25
CA GLN Z 193 -33.00 192.37 29.29
C GLN Z 193 -31.91 191.34 29.66
N GLN Z 194 -32.18 190.49 30.65
CA GLN Z 194 -31.23 189.49 31.09
C GLN Z 194 -30.98 188.65 29.88
N LEU Z 195 -32.04 188.29 29.17
CA LEU Z 195 -31.83 187.55 27.93
C LEU Z 195 -30.91 188.30 26.99
N ALA Z 196 -31.11 189.61 26.87
CA ALA Z 196 -30.22 190.41 26.04
C ALA Z 196 -28.80 190.36 26.56
N SER Z 197 -28.64 190.22 27.88
CA SER Z 197 -27.31 190.02 28.45
C SER Z 197 -26.86 188.58 28.32
N VAL Z 198 -27.77 187.62 28.53
CA VAL Z 198 -27.42 186.23 28.30
C VAL Z 198 -27.10 186.01 26.82
N ASN Z 199 -27.96 186.49 25.94
CA ASN Z 199 -27.76 186.24 24.52
C ASN Z 199 -26.54 186.95 23.98
N THR Z 200 -26.12 188.05 24.59
CA THR Z 200 -24.95 188.73 24.07
C THR Z 200 -23.66 188.01 24.45
N GLU Z 201 -23.68 187.28 25.56
CA GLU Z 201 -22.50 186.52 25.94
C GLU Z 201 -22.44 185.17 25.26
N LEU Z 202 -23.58 184.55 24.98
CA LEU Z 202 -23.56 183.35 24.17
C LEU Z 202 -23.36 183.65 22.68
N ARG Z 203 -23.37 184.93 22.33
CA ARG Z 203 -23.19 185.37 20.95
C ARG Z 203 -22.00 184.69 20.29
N SER Z 204 -20.86 184.65 20.97
CA SER Z 204 -19.66 184.08 20.38
C SER Z 204 -19.65 182.57 20.45
N LEU Z 205 -20.37 181.98 21.39
CA LEU Z 205 -20.47 180.53 21.43
C LEU Z 205 -21.43 180.03 20.36
N VAL Z 206 -22.48 180.80 20.10
CA VAL Z 206 -23.45 180.42 19.07
C VAL Z 206 -22.78 180.35 17.72
N LEU Z 207 -21.90 181.29 17.43
CA LEU Z 207 -21.31 181.35 16.09
C LEU Z 207 -20.38 180.18 15.86
N ASN Z 208 -19.49 179.92 16.81
CA ASN Z 208 -18.62 178.76 16.69
C ASN Z 208 -19.43 177.50 16.56
N MET Z 209 -20.65 177.49 17.10
CA MET Z 209 -21.51 176.35 16.89
C MET Z 209 -22.12 176.37 15.49
N VAL Z 210 -22.68 177.52 15.08
CA VAL Z 210 -23.27 177.62 13.74
C VAL Z 210 -22.23 177.34 12.69
N TYR Z 211 -21.04 177.92 12.85
CA TYR Z 211 -19.98 177.72 11.87
C TYR Z 211 -19.60 176.27 11.77
N SER Z 212 -19.33 175.63 12.90
CA SER Z 212 -18.81 174.27 12.88
C SER Z 212 -19.82 173.29 12.30
N ILE Z 213 -21.10 173.62 12.34
CA ILE Z 213 -22.10 172.79 11.67
C ILE Z 213 -22.09 173.05 10.18
N THR Z 214 -22.42 174.28 9.77
CA THR Z 214 -22.45 174.64 8.38
C THR Z 214 -21.15 174.28 7.66
N GLU Z 215 -20.02 174.41 8.36
CA GLU Z 215 -18.75 174.03 7.77
C GLU Z 215 -18.54 172.53 7.77
N GLY Z 216 -19.22 171.80 8.63
CA GLY Z 216 -19.11 170.36 8.65
C GLY Z 216 -19.91 169.69 7.56
N THR Z 217 -21.18 170.07 7.43
CA THR Z 217 -22.04 169.48 6.41
C THR Z 217 -21.47 169.74 5.02
N THR Z 218 -21.42 171.01 4.62
CA THR Z 218 -21.01 171.33 3.26
C THR Z 218 -19.64 170.93 2.80
N LEU Z 219 -18.65 171.10 3.65
CA LEU Z 219 -17.30 170.75 3.26
C LEU Z 219 -17.24 169.30 2.90
N ILE Z 220 -17.89 168.48 3.71
CA ILE Z 220 -17.84 167.06 3.43
C ILE Z 220 -18.53 166.73 2.11
N LEU Z 221 -19.68 167.34 1.87
CA LEU Z 221 -20.39 167.03 0.65
C LEU Z 221 -19.56 167.44 -0.55
N THR Z 222 -18.94 168.60 -0.48
CA THR Z 222 -18.13 169.03 -1.60
C THR Z 222 -17.01 168.03 -1.75
N LEU Z 223 -16.46 167.59 -0.63
CA LEU Z 223 -15.38 166.62 -0.68
C LEU Z 223 -15.85 165.29 -1.22
N ILE Z 224 -17.07 164.87 -0.89
CA ILE Z 224 -17.49 163.58 -1.40
C ILE Z 224 -17.41 163.54 -2.91
N PRO Z 225 -17.86 164.67 -3.60
CA PRO Z 225 -17.77 164.57 -5.07
C PRO Z 225 -16.34 164.38 -5.58
N ARG Z 226 -15.38 165.10 -5.02
CA ARG Z 226 -13.99 164.97 -5.45
C ARG Z 226 -13.57 163.54 -5.17
N LEU Z 227 -14.01 163.03 -4.02
CA LEU Z 227 -13.72 161.68 -3.60
C LEU Z 227 -14.56 160.82 -4.52
N LEU Z 228 -14.18 159.56 -4.69
CA LEU Z 228 -14.94 158.66 -5.57
C LEU Z 228 -14.64 158.95 -7.03
N ALA Z 229 -13.77 159.93 -7.24
CA ALA Z 229 -13.36 160.34 -8.56
C ALA Z 229 -12.08 159.63 -8.94
N LEU Z 230 -11.62 158.75 -8.06
CA LEU Z 230 -10.39 158.00 -8.27
C LEU Z 230 -10.69 156.54 -8.60
N GLY Z 235 -14.23 151.58 -4.57
CA GLY Z 235 -14.00 150.30 -3.93
C GLY Z 235 -14.97 150.04 -2.81
N TYR Z 236 -14.50 149.33 -1.77
CA TYR Z 236 -15.32 149.12 -0.58
C TYR Z 236 -15.81 150.44 0.00
N VAL Z 237 -15.02 151.50 -0.18
CA VAL Z 237 -15.47 152.85 0.17
C VAL Z 237 -16.85 153.13 -0.41
N ASN Z 238 -16.96 153.08 -1.75
CA ASN Z 238 -18.21 153.37 -2.44
C ASN Z 238 -19.37 152.55 -1.91
N ALA Z 239 -19.27 151.23 -2.05
CA ALA Z 239 -20.39 150.35 -1.74
C ALA Z 239 -20.87 150.54 -0.31
N LEU Z 240 -19.96 150.39 0.67
CA LEU Z 240 -20.37 150.48 2.06
C LEU Z 240 -20.94 151.85 2.40
N LEU Z 241 -20.33 152.91 1.86
CA LEU Z 241 -20.81 154.28 2.12
C LEU Z 241 -22.27 154.42 1.70
N GLN Z 242 -22.54 154.32 0.41
CA GLN Z 242 -23.90 154.50 -0.09
C GLN Z 242 -24.85 153.45 0.48
N MET Z 243 -24.32 152.32 0.97
CA MET Z 243 -25.13 151.24 1.50
C MET Z 243 -25.99 151.71 2.67
N GLN Z 244 -25.35 152.03 3.79
CA GLN Z 244 -26.06 152.44 5.00
C GLN Z 244 -26.46 153.92 4.97
N SER Z 245 -26.02 154.67 3.98
CA SER Z 245 -26.37 156.08 3.86
C SER Z 245 -27.64 156.29 3.05
N VAL Z 246 -28.33 155.22 2.66
CA VAL Z 246 -29.49 155.29 1.78
C VAL Z 246 -30.52 156.25 2.38
N THR Z 247 -30.93 157.23 1.58
CA THR Z 247 -31.95 158.21 1.95
C THR Z 247 -31.61 158.99 3.22
N ARG Z 248 -30.32 159.04 3.51
CA ARG Z 248 -29.79 159.77 4.65
C ARG Z 248 -28.73 160.80 4.23
N GLU Z 249 -27.59 160.32 3.75
CA GLU Z 249 -26.47 161.18 3.35
C GLU Z 249 -26.73 162.13 2.16
N ALA Z 250 -27.41 161.63 1.13
CA ALA Z 250 -27.73 162.40 -0.06
C ALA Z 250 -28.64 163.61 0.14
N ALA Z 251 -29.61 163.49 1.05
CA ALA Z 251 -30.57 164.56 1.30
C ALA Z 251 -29.93 165.86 1.74
N GLN Z 252 -28.92 165.75 2.59
CA GLN Z 252 -28.22 166.92 3.08
C GLN Z 252 -27.57 167.63 1.89
N LEU Z 253 -27.05 166.84 0.96
CA LEU Z 253 -26.42 167.40 -0.23
C LEU Z 253 -27.45 168.16 -1.05
N ILE Z 254 -28.63 167.57 -1.17
CA ILE Z 254 -29.75 168.13 -1.94
C ILE Z 254 -30.36 169.45 -1.49
N HIS Z 255 -30.56 169.63 -0.18
CA HIS Z 255 -31.17 170.85 0.31
C HIS Z 255 -30.35 172.09 -0.02
N PRO Z 256 -29.05 171.98 0.20
CA PRO Z 256 -28.15 173.09 -0.10
C PRO Z 256 -28.11 173.36 -1.58
N GLU Z 257 -28.06 172.32 -2.40
CA GLU Z 257 -27.98 172.53 -3.83
C GLU Z 257 -29.18 173.32 -4.31
N ALA Z 258 -30.35 172.99 -3.80
CA ALA Z 258 -31.55 173.71 -4.18
C ALA Z 258 -31.48 175.17 -3.72
N PRO Z 259 -31.00 175.39 -2.50
CA PRO Z 259 -30.90 176.75 -1.94
C PRO Z 259 -29.48 177.25 -1.65
N MET Z 260 -28.45 176.54 -2.10
CA MET Z 260 -27.08 176.97 -1.82
C MET Z 260 -26.08 176.38 -2.81
N LEU Z 261 -24.86 176.89 -2.79
CA LEU Z 261 -23.80 176.45 -3.68
C LEU Z 261 -23.18 175.07 -3.40
N MET Z 262 -22.53 174.55 -4.43
CA MET Z 262 -21.82 173.28 -4.52
C MET Z 262 -21.45 172.68 -3.17
N ARG Z 267 -13.20 170.48 -5.55
CA ARG Z 267 -11.94 171.11 -5.15
C ARG Z 267 -11.20 170.30 -4.10
N ARG Z 268 -10.69 169.12 -4.48
CA ARG Z 268 -10.01 168.26 -3.51
C ARG Z 268 -8.89 168.98 -2.77
N LEU Z 269 -8.18 169.90 -3.43
CA LEU Z 269 -7.07 170.57 -2.76
C LEU Z 269 -7.55 171.50 -1.65
N PRO Z 270 -8.46 172.45 -1.89
CA PRO Z 270 -9.02 173.20 -0.74
C PRO Z 270 -9.86 172.33 0.17
N LEU Z 271 -10.55 171.35 -0.39
CA LEU Z 271 -11.31 170.39 0.42
C LEU Z 271 -10.43 169.82 1.53
N TYR Z 272 -9.35 169.14 1.15
CA TYR Z 272 -8.52 168.48 2.15
C TYR Z 272 -7.90 169.45 3.13
N GLU Z 273 -7.54 170.65 2.68
CA GLU Z 273 -6.94 171.61 3.60
C GLU Z 273 -7.98 172.28 4.48
N ALA Z 274 -9.25 172.32 4.04
CA ALA Z 274 -10.33 172.78 4.90
C ALA Z 274 -10.83 171.66 5.80
N LEU Z 275 -10.73 170.42 5.36
CA LEU Z 275 -11.09 169.30 6.23
C LEU Z 275 -10.16 169.20 7.41
N VAL Z 276 -8.93 169.67 7.25
CA VAL Z 276 -8.00 169.73 8.37
C VAL Z 276 -8.42 170.79 9.36
N ALA Z 277 -8.64 172.01 8.86
CA ALA Z 277 -8.93 173.13 9.76
C ALA Z 277 -10.27 172.96 10.44
N TRP Z 278 -11.23 172.32 9.79
CA TRP Z 278 -12.49 172.05 10.46
C TRP Z 278 -12.33 170.98 11.52
N LEU Z 279 -11.65 169.88 11.16
CA LEU Z 279 -11.54 168.76 12.08
C LEU Z 279 -10.94 169.19 13.40
N ALA Z 280 -10.05 170.17 13.38
CA ALA Z 280 -9.48 170.69 14.62
C ALA Z 280 -10.51 171.53 15.35
N HIS Z 281 -10.96 172.62 14.73
CA HIS Z 281 -11.95 173.49 15.35
C HIS Z 281 -13.12 172.72 15.92
N ALA Z 282 -13.56 171.66 15.24
CA ALA Z 282 -14.65 170.85 15.76
C ALA Z 282 -14.31 170.31 17.15
N GLY Z 283 -13.25 169.51 17.25
CA GLY Z 283 -12.92 168.87 18.50
C GLY Z 283 -12.56 169.84 19.60
N GLN Z 284 -12.14 171.05 19.24
CA GLN Z 284 -11.95 172.10 20.23
C GLN Z 284 -13.27 172.52 20.85
N LEU Z 285 -14.38 172.42 20.11
CA LEU Z 285 -15.69 172.71 20.68
C LEU Z 285 -16.21 171.55 21.50
N GLY Z 286 -15.94 170.31 21.06
CA GLY Z 286 -16.30 169.18 21.86
C GLY Z 286 -15.58 169.17 23.19
N ASP Z 287 -14.38 169.75 23.24
CA ASP Z 287 -13.66 169.85 24.50
C ASP Z 287 -14.28 170.92 25.39
N ILE Z 288 -14.46 172.13 24.85
CA ILE Z 288 -15.14 173.20 25.58
C ILE Z 288 -16.47 172.71 26.11
N LEU Z 289 -17.27 172.28 25.16
CA LEU Z 289 -18.55 171.69 25.44
C LEU Z 289 -18.27 170.29 26.02
N ALA Z 290 -19.36 169.70 26.52
CA ALA Z 290 -19.54 168.38 27.19
C ALA Z 290 -19.28 168.49 28.69
N LEU Z 291 -18.85 169.66 29.14
CA LEU Z 291 -18.72 169.95 30.55
C LEU Z 291 -18.35 168.78 31.43
N ALA Z 292 -17.21 168.16 31.18
CA ALA Z 292 -16.79 166.96 31.89
C ALA Z 292 -16.99 167.18 33.38
N PRO Z 293 -17.56 166.22 34.10
CA PRO Z 293 -17.84 166.43 35.52
C PRO Z 293 -16.57 166.60 36.32
N ALA Z 294 -16.57 167.59 37.20
CA ALA Z 294 -15.45 167.71 38.12
C ALA Z 294 -15.55 166.70 39.25
N VAL Z 295 -16.75 166.48 39.80
CA VAL Z 295 -16.92 165.74 41.04
C VAL Z 295 -18.17 164.88 40.91
N ARG Z 296 -18.46 164.07 41.91
CA ARG Z 296 -19.73 163.39 42.12
C ARG Z 296 -20.27 163.80 43.47
N VAL Z 297 -21.55 163.53 43.69
CA VAL Z 297 -22.12 163.54 45.03
C VAL Z 297 -22.26 162.09 45.47
N CYS Z 298 -21.62 161.73 46.58
CA CYS Z 298 -21.90 160.48 47.28
C CYS Z 298 -22.12 160.84 48.73
N THR Z 299 -23.37 160.74 49.19
CA THR Z 299 -23.75 161.11 50.53
C THR Z 299 -23.78 159.89 51.43
N PHE Z 300 -24.14 160.12 52.69
CA PHE Z 300 -24.25 159.09 53.70
C PHE Z 300 -24.74 159.82 54.93
N ASP Z 301 -25.64 159.21 55.67
CA ASP Z 301 -26.09 159.87 56.87
C ASP Z 301 -26.34 161.27 56.42
N GLY Z 302 -27.01 161.42 55.30
CA GLY Z 302 -27.30 162.71 54.74
C GLY Z 302 -28.66 162.65 54.10
N ALA Z 303 -29.17 163.80 53.74
CA ALA Z 303 -30.51 163.92 53.19
C ALA Z 303 -30.81 163.14 51.93
N ALA Z 304 -29.79 162.98 51.08
CA ALA Z 304 -29.71 162.29 49.77
C ALA Z 304 -30.12 163.15 48.62
N VAL Z 305 -30.62 164.32 48.93
CA VAL Z 305 -31.01 165.30 47.96
C VAL Z 305 -30.56 166.57 48.61
N VAL Z 306 -29.82 167.39 47.90
CA VAL Z 306 -29.36 168.58 48.52
C VAL Z 306 -30.18 169.70 47.99
N GLN Z 307 -30.92 170.32 48.88
CA GLN Z 307 -31.80 171.42 48.55
C GLN Z 307 -31.01 172.64 48.20
N SER Z 308 -31.54 173.44 47.32
CA SER Z 308 -30.77 174.54 46.81
C SER Z 308 -30.24 175.34 47.93
N GLY Z 309 -28.99 175.78 47.78
CA GLY Z 309 -28.36 176.57 48.81
C GLY Z 309 -27.95 175.78 50.02
N ASP Z 310 -27.82 174.48 49.93
CA ASP Z 310 -27.40 173.72 51.08
C ASP Z 310 -26.13 173.01 50.75
N MET Z 311 -25.22 172.92 51.71
CA MET Z 311 -23.97 172.25 51.47
C MET Z 311 -24.21 170.82 51.20
N ALA Z 312 -23.51 170.35 50.22
CA ALA Z 312 -23.65 168.99 49.76
C ALA Z 312 -22.31 168.28 49.80
N PRO Z 313 -22.24 167.05 50.29
CA PRO Z 313 -20.95 166.36 50.29
C PRO Z 313 -20.52 166.17 48.83
N VAL Z 314 -19.25 165.99 48.53
CA VAL Z 314 -18.82 165.84 47.14
C VAL Z 314 -17.52 165.03 47.04
N ILE Z 315 -17.24 164.45 45.87
CA ILE Z 315 -16.02 163.65 45.71
C ILE Z 315 -15.22 163.96 44.43
N ARG Z 316 -13.92 163.69 44.46
CA ARG Z 316 -12.94 164.09 43.42
C ARG Z 316 -12.93 163.75 41.90
N TYR Z 317 -13.30 162.55 41.46
CA TYR Z 317 -13.24 162.26 40.01
C TYR Z 317 -14.58 161.93 39.34
N PRO Z 318 -14.80 162.56 38.13
CA PRO Z 318 -16.09 162.22 37.49
C PRO Z 318 -16.30 160.71 37.36
N CYS AA 5 0.19 152.53 42.21
CA CYS AA 5 0.30 153.11 40.89
C CYS AA 5 0.26 152.05 39.81
N PHE AA 6 0.31 150.80 40.21
CA PHE AA 6 0.30 149.74 39.23
C PHE AA 6 1.44 149.97 38.25
N GLU AA 7 2.62 150.27 38.77
CA GLU AA 7 3.76 150.47 37.91
C GLU AA 7 3.99 149.12 37.28
N ALA AA 8 4.40 149.10 36.02
CA ALA AA 8 4.66 147.86 35.31
C ALA AA 8 6.14 147.81 35.05
N ASP AA 9 6.81 146.73 35.43
CA ASP AA 9 8.24 146.66 35.21
C ASP AA 9 8.54 145.91 33.95
N ILE AA 10 9.19 146.58 33.01
CA ILE AA 10 9.57 146.01 31.73
C ILE AA 10 10.94 145.49 32.03
N ALA AA 11 11.24 144.26 31.68
CA ALA AA 11 12.52 143.69 32.03
C ALA AA 11 13.60 143.67 30.97
N ILE AA 12 14.72 144.29 31.31
CA ILE AA 12 15.88 144.34 30.46
C ILE AA 12 16.43 142.94 30.47
N PRO AA 13 17.05 142.52 29.38
CA PRO AA 13 17.60 141.17 29.27
C PRO AA 13 19.07 141.15 29.58
N SER AA 14 19.56 140.10 30.22
CA SER AA 14 20.96 140.04 30.53
C SER AA 14 21.65 140.01 29.18
N GLY AA 15 22.89 140.49 29.14
CA GLY AA 15 23.60 140.52 27.89
C GLY AA 15 23.43 141.87 27.26
N ILE AA 16 22.59 142.73 27.83
CA ILE AA 16 22.47 144.06 27.30
C ILE AA 16 23.65 144.62 28.02
N SER AA 17 24.69 144.95 27.27
CA SER AA 17 25.89 145.48 27.87
C SER AA 17 26.12 146.93 27.51
N ARG AA 18 26.46 147.74 28.50
CA ARG AA 18 26.73 149.17 28.35
C ARG AA 18 27.86 149.17 27.36
N PRO AA 19 27.84 150.09 26.41
CA PRO AA 19 26.92 151.22 26.33
C PRO AA 19 25.40 151.08 26.17
N ASP AA 20 24.79 150.00 25.71
CA ASP AA 20 23.35 150.07 25.57
C ASP AA 20 22.69 150.35 26.91
N ALA AA 21 23.21 149.76 27.98
CA ALA AA 21 22.69 149.96 29.32
C ALA AA 21 22.85 151.43 29.60
N ALA AA 22 23.95 151.98 29.12
CA ALA AA 22 24.24 153.38 29.27
C ALA AA 22 23.18 154.14 28.52
N ALA AA 23 22.79 153.65 27.35
CA ALA AA 23 21.77 154.29 26.54
C ALA AA 23 20.38 154.32 27.14
N LEU AA 24 19.97 153.20 27.75
CA LEU AA 24 18.67 153.06 28.38
C LEU AA 24 18.40 153.95 29.57
N GLN AA 25 19.42 154.26 30.33
CA GLN AA 25 19.24 155.05 31.53
C GLN AA 25 18.63 156.41 31.25
N ARG AA 26 19.00 156.99 30.13
CA ARG AA 26 18.50 158.31 29.75
C ARG AA 26 17.03 158.28 29.41
N CYS AA 27 16.51 157.08 29.23
CA CYS AA 27 15.14 156.86 28.82
C CYS AA 27 13.95 157.12 29.72
N GLU AA 28 14.14 157.39 31.01
CA GLU AA 28 12.98 157.63 31.86
C GLU AA 28 12.15 158.82 31.39
N GLY AA 29 10.84 158.73 31.60
CA GLY AA 29 9.85 159.72 31.19
C GLY AA 29 9.12 159.46 29.88
N ARG AA 30 9.50 158.41 29.18
CA ARG AA 30 8.90 158.02 27.91
C ARG AA 30 7.68 157.07 28.07
N VAL AA 31 7.11 156.49 27.01
CA VAL AA 31 5.85 155.69 27.13
C VAL AA 31 5.70 154.16 26.80
N VAL AA 32 5.07 153.35 27.58
CA VAL AA 32 5.22 152.03 27.07
C VAL AA 32 3.90 151.80 26.44
N PHE AA 33 3.92 151.72 25.12
CA PHE AA 33 2.70 151.43 24.44
C PHE AA 33 2.76 149.95 24.60
N LEU AA 34 2.53 149.54 25.85
CA LEU AA 34 2.55 148.16 26.22
C LEU AA 34 1.37 147.58 25.52
N PRO AA 35 1.54 146.28 25.09
CA PRO AA 35 0.37 145.74 24.38
C PRO AA 35 -0.82 145.73 25.30
N THR AA 36 -0.59 145.34 26.55
CA THR AA 36 -1.61 145.26 27.56
C THR AA 36 -0.97 145.74 28.83
N ILE AA 37 -1.77 146.22 29.79
CA ILE AA 37 -1.19 146.68 31.03
C ILE AA 37 -1.13 145.51 31.96
N ARG AA 38 0.07 145.03 32.22
CA ARG AA 38 0.32 143.90 33.10
C ARG AA 38 1.35 144.38 34.07
N ARG AA 39 1.33 143.86 35.28
CA ARG AA 39 2.28 144.27 36.30
C ARG AA 39 3.70 143.92 35.90
N GLN AA 40 3.91 142.75 35.33
CA GLN AA 40 5.25 142.38 34.92
C GLN AA 40 5.26 142.17 33.44
N LEU AA 41 6.04 142.98 32.77
CA LEU AA 41 6.12 142.88 31.35
C LEU AA 41 7.50 142.51 30.95
N ALA AA 42 7.62 141.49 30.14
CA ALA AA 42 8.92 141.08 29.65
C ALA AA 42 9.11 142.15 28.64
N LEU AA 43 10.29 142.23 28.09
CA LEU AA 43 10.53 143.24 27.12
C LEU AA 43 9.97 142.72 25.80
N ALA AA 44 9.32 141.53 25.70
CA ALA AA 44 9.06 141.44 24.27
C ALA AA 44 7.60 141.71 23.91
N ASP AA 45 6.68 141.68 24.89
CA ASP AA 45 5.31 142.08 24.62
C ASP AA 45 5.18 143.58 24.42
N VAL AA 46 6.08 144.35 25.03
CA VAL AA 46 6.09 145.80 24.86
C VAL AA 46 6.81 146.26 23.60
N ALA AA 47 7.77 145.50 23.10
CA ALA AA 47 8.63 145.96 22.04
C ALA AA 47 7.85 146.22 20.76
N HIS AA 48 8.45 147.03 19.89
CA HIS AA 48 7.85 147.33 18.59
C HIS AA 48 7.67 146.08 17.75
N GLU AA 49 8.41 145.01 18.04
CA GLU AA 49 8.19 143.75 17.36
C GLU AA 49 6.82 143.17 17.68
N SER AA 50 6.21 143.59 18.77
CA SER AA 50 4.85 143.13 19.10
C SER AA 50 3.80 143.92 18.33
N PHE AA 51 4.08 145.18 18.02
CA PHE AA 51 3.20 145.98 17.19
C PHE AA 51 3.01 145.37 15.81
N VAL AA 52 3.89 144.46 15.42
CA VAL AA 52 3.83 143.90 14.07
C VAL AA 52 2.59 143.03 13.95
N SER AA 53 1.71 143.40 13.03
CA SER AA 53 0.54 142.59 12.70
C SER AA 53 1.02 141.43 11.84
N GLY AA 54 0.12 140.69 11.21
CA GLY AA 54 0.62 139.56 10.46
C GLY AA 54 1.59 140.02 9.39
N GLY AA 55 2.85 139.63 9.57
CA GLY AA 55 3.90 139.86 8.62
C GLY AA 55 4.33 141.30 8.42
N VAL AA 56 3.59 142.28 8.93
CA VAL AA 56 3.79 143.67 8.53
C VAL AA 56 3.76 144.60 9.74
N SER AA 57 4.62 145.59 9.63
CA SER AA 57 4.79 146.60 10.59
C SER AA 57 3.72 147.61 10.28
N PRO AA 58 3.00 148.07 11.28
CA PRO AA 58 1.98 149.05 10.94
C PRO AA 58 2.62 150.37 10.57
N ASP AA 59 1.96 151.13 9.70
CA ASP AA 59 2.44 152.45 9.30
C ASP AA 59 2.23 153.38 10.46
N THR AA 60 2.28 154.69 10.21
CA THR AA 60 2.06 155.63 11.30
C THR AA 60 0.61 156.01 11.52
N LEU AA 61 -0.31 155.38 10.80
CA LEU AA 61 -1.73 155.55 11.07
C LEU AA 61 -2.13 154.19 11.64
N GLY AA 62 -1.38 153.15 11.32
CA GLY AA 62 -1.58 151.84 11.89
C GLY AA 62 -1.20 151.82 13.35
N LEU AA 63 -0.16 152.55 13.75
CA LEU AA 63 0.19 152.59 15.17
C LEU AA 63 -0.92 153.23 15.99
N LEU AA 64 -1.41 154.40 15.56
CA LEU AA 64 -2.53 155.03 16.25
C LEU AA 64 -3.65 154.05 16.50
N LEU AA 65 -3.93 153.18 15.54
CA LEU AA 65 -4.94 152.15 15.74
C LEU AA 65 -4.45 151.07 16.69
N ALA AA 66 -3.15 150.83 16.72
CA ALA AA 66 -2.61 149.91 17.72
C ALA AA 66 -2.55 150.55 19.10
N TYR AA 67 -2.19 151.82 19.17
CA TYR AA 67 -2.26 152.51 20.45
C TYR AA 67 -3.68 152.74 20.89
N ARG AA 68 -4.63 152.74 19.96
CA ARG AA 68 -6.05 152.69 20.31
C ARG AA 68 -6.34 151.47 21.17
N ARG AA 69 -5.97 150.32 20.66
CA ARG AA 69 -6.03 149.07 21.41
C ARG AA 69 -4.74 149.05 22.24
N ARG AA 70 -4.80 148.32 23.38
CA ARG AA 70 -3.76 148.12 24.44
C ARG AA 70 -3.74 149.29 25.40
N PHE AA 71 -2.87 149.29 26.40
CA PHE AA 71 -2.84 150.36 27.43
C PHE AA 71 -1.56 151.18 27.67
N PRO AA 72 -1.43 152.46 27.30
CA PRO AA 72 -0.15 153.22 27.42
C PRO AA 72 0.48 153.76 28.76
N ALA AA 73 1.82 153.89 28.83
CA ALA AA 73 2.52 154.35 30.05
C ALA AA 73 3.90 155.04 29.99
N VAL AA 74 4.24 155.82 31.02
CA VAL AA 74 5.52 156.56 31.16
C VAL AA 74 6.63 155.81 31.90
N ILE AA 75 7.89 156.15 31.62
CA ILE AA 75 8.99 155.47 32.28
C ILE AA 75 9.47 156.21 33.51
N THR AA 76 9.11 155.71 34.69
CA THR AA 76 9.60 156.23 35.97
C THR AA 76 11.07 155.97 36.35
N ARG AA 77 11.62 154.78 36.06
CA ARG AA 77 13.03 154.47 36.39
C ARG AA 77 13.63 153.30 35.58
N VAL AA 78 14.93 153.36 35.42
CA VAL AA 78 15.66 152.36 34.68
C VAL AA 78 16.61 151.92 35.75
N LEU AA 79 16.61 150.62 35.99
CA LEU AA 79 17.41 149.98 36.99
C LEU AA 79 18.23 149.05 36.14
N PRO AA 80 19.33 148.45 36.74
CA PRO AA 80 20.10 147.59 35.84
C PRO AA 80 19.24 146.52 35.18
N THR AA 81 18.27 145.94 35.87
CA THR AA 81 17.42 144.93 35.26
C THR AA 81 15.94 145.29 34.97
N ARG AA 82 15.54 146.54 35.04
CA ARG AA 82 14.16 146.84 34.78
C ARG AA 82 13.93 148.27 34.39
N ILE AA 83 12.82 148.51 33.73
CA ILE AA 83 12.41 149.84 33.37
C ILE AA 83 11.09 149.89 34.07
N VAL AA 84 10.90 150.88 34.93
CA VAL AA 84 9.64 150.95 35.64
C VAL AA 84 8.79 152.06 35.10
N ALA AA 85 7.74 151.71 34.40
CA ALA AA 85 6.84 152.69 33.81
C ALA AA 85 5.43 152.67 34.39
N CYS AA 86 4.87 153.83 34.71
CA CYS AA 86 3.52 153.90 35.26
C CYS AA 86 2.49 154.14 34.15
N PRO AA 87 1.57 153.13 33.92
CA PRO AA 87 0.60 153.43 32.84
C PRO AA 87 -0.35 154.58 33.17
N VAL AA 88 -0.64 155.38 32.17
CA VAL AA 88 -1.53 156.53 32.31
C VAL AA 88 -3.02 156.18 32.29
N ASP AA 89 -3.38 155.24 31.43
CA ASP AA 89 -4.77 154.84 31.28
C ASP AA 89 -5.43 154.26 32.51
N LEU AA 90 -4.68 153.53 33.32
CA LEU AA 90 -5.28 153.05 34.54
C LEU AA 90 -5.67 154.30 35.30
N GLY AA 91 -4.84 155.32 35.18
CA GLY AA 91 -5.01 156.60 35.83
C GLY AA 91 -3.73 156.68 36.61
N LEU AA 92 -3.10 157.85 36.65
CA LEU AA 92 -1.86 157.93 37.37
C LEU AA 92 -2.17 157.63 38.81
N THR AA 93 -3.23 158.27 39.31
CA THR AA 93 -3.69 158.09 40.69
C THR AA 93 -2.54 158.27 41.68
N HIS AA 94 -1.75 159.29 41.42
CA HIS AA 94 -0.63 159.63 42.27
C HIS AA 94 -1.12 160.93 42.81
N ALA AA 95 -0.71 161.29 44.01
CA ALA AA 95 -1.17 162.53 44.57
C ALA AA 95 -0.73 163.65 43.64
N GLY AA 96 0.49 163.55 43.11
CA GLY AA 96 1.02 164.53 42.20
C GLY AA 96 1.10 164.07 40.75
N THR AA 97 0.53 162.90 40.48
CA THR AA 97 0.57 162.31 39.14
C THR AA 97 1.92 161.64 39.05
N VAL AA 98 2.20 161.06 37.90
CA VAL AA 98 3.46 160.37 37.65
C VAL AA 98 4.20 161.15 36.60
N ASN AA 99 5.49 161.39 36.82
CA ASN AA 99 6.23 162.18 35.87
C ASN AA 99 6.20 161.60 34.50
N LEU AA 100 5.94 162.48 33.57
CA LEU AA 100 5.91 162.18 32.16
C LEU AA 100 7.06 162.92 31.56
N ARG AA 101 7.84 162.25 30.77
CA ARG AA 101 8.99 162.97 30.28
C ARG AA 101 8.58 163.54 28.97
N ASN AA 102 8.63 164.85 28.84
CA ASN AA 102 8.25 165.48 27.60
C ASN AA 102 9.29 165.11 26.55
N THR AA 103 8.87 164.36 25.56
CA THR AA 103 9.70 164.04 24.41
C THR AA 103 8.95 164.58 23.20
N SER AA 104 9.40 165.70 22.67
CA SER AA 104 8.70 166.43 21.65
C SER AA 104 9.40 167.77 21.46
N PRO AA 105 9.32 168.38 20.27
CA PRO AA 105 9.71 169.77 20.13
C PRO AA 105 8.80 170.73 20.89
N VAL AA 106 7.66 170.24 21.37
CA VAL AA 106 6.55 171.08 21.82
C VAL AA 106 6.73 171.40 23.30
N ASP AA 107 5.79 172.10 23.90
CA ASP AA 107 5.95 172.43 25.31
C ASP AA 107 4.62 172.47 25.87
N LEU AA 108 4.51 171.81 26.98
CA LEU AA 108 3.24 171.57 27.54
C LEU AA 108 2.29 172.64 28.05
N CYS AA 109 2.79 173.67 28.73
CA CYS AA 109 2.00 174.72 29.43
C CYS AA 109 1.42 174.08 30.69
N ASN AA 110 0.36 174.59 31.26
CA ASN AA 110 -0.17 173.99 32.45
C ASN AA 110 -1.64 173.71 32.26
N GLY AA 111 -2.08 172.48 32.42
CA GLY AA 111 -3.47 172.21 32.19
C GLY AA 111 -3.67 171.58 30.84
N ASP AA 112 -2.69 171.62 29.96
CA ASP AA 112 -2.80 170.98 28.66
C ASP AA 112 -3.07 169.49 28.81
N PRO AA 113 -4.19 168.99 28.32
CA PRO AA 113 -4.37 167.55 28.25
C PRO AA 113 -3.30 166.97 27.34
N VAL AA 114 -2.81 165.79 27.68
CA VAL AA 114 -1.71 165.20 26.94
C VAL AA 114 -2.20 163.90 26.33
N SER AA 115 -2.26 163.87 25.01
CA SER AA 115 -2.51 162.66 24.24
C SER AA 115 -1.24 162.30 23.50
N LEU AA 116 -1.06 161.01 23.25
CA LEU AA 116 0.19 160.56 22.70
C LEU AA 116 0.07 160.40 21.18
N VAL AA 117 1.21 160.24 20.53
CA VAL AA 117 1.28 160.18 19.08
C VAL AA 117 2.46 159.28 18.72
N PRO AA 118 2.40 158.48 17.66
CA PRO AA 118 3.59 157.77 17.21
C PRO AA 118 4.66 158.77 16.82
N PRO AA 119 5.93 158.39 16.84
CA PRO AA 119 6.81 159.51 16.50
C PRO AA 119 6.53 159.97 15.09
N VAL AA 120 6.32 161.27 14.90
CA VAL AA 120 5.94 161.82 13.61
C VAL AA 120 6.65 163.07 13.07
N PHE AA 121 7.79 163.44 13.63
CA PHE AA 121 8.50 164.58 13.09
C PHE AA 121 9.69 164.10 12.32
N GLU AA 122 9.82 164.60 11.10
CA GLU AA 122 10.88 164.18 10.20
C GLU AA 122 12.28 164.43 10.69
N GLY AA 123 12.54 165.60 11.25
CA GLY AA 123 13.88 165.90 11.70
C GLY AA 123 14.46 165.02 12.79
N GLN AA 124 13.67 164.73 13.81
CA GLN AA 124 14.18 163.88 14.88
C GLN AA 124 13.26 162.73 15.21
N ALA AA 125 13.84 161.54 15.23
CA ALA AA 125 13.10 160.34 15.57
C ALA AA 125 13.81 159.84 16.81
N THR AA 126 13.07 159.57 17.87
CA THR AA 126 13.72 159.12 19.09
C THR AA 126 13.87 157.62 19.08
N ASP AA 127 15.03 157.15 18.65
CA ASP AA 127 15.28 155.72 18.61
C ASP AA 127 16.60 155.40 19.24
N VAL AA 128 16.62 154.43 20.15
CA VAL AA 128 17.88 154.07 20.71
C VAL AA 128 17.98 152.68 20.15
N ARG AA 129 18.97 152.47 19.31
CA ARG AA 129 19.13 151.16 18.73
C ARG AA 129 20.03 150.53 19.73
N LEU AA 130 19.57 149.44 20.33
CA LEU AA 130 20.41 148.81 21.31
C LEU AA 130 21.04 147.68 20.57
N GLU AA 131 22.35 147.73 20.39
CA GLU AA 131 23.07 146.70 19.64
C GLU AA 131 23.08 145.28 20.21
N SER AA 132 23.19 145.14 21.53
CA SER AA 132 23.22 143.79 22.14
C SER AA 132 21.98 142.95 21.91
N LEU AA 133 20.81 143.58 21.99
CA LEU AA 133 19.56 142.87 21.77
C LEU AA 133 19.16 143.34 20.38
N ASP AA 134 18.33 142.60 19.66
CA ASP AA 134 17.94 143.06 18.33
C ASP AA 134 16.79 144.04 18.52
N LEU AA 135 17.04 145.12 19.26
CA LEU AA 135 15.98 146.06 19.51
C LEU AA 135 16.36 147.51 19.39
N THR AA 136 15.36 148.28 19.01
CA THR AA 136 15.42 149.70 18.86
C THR AA 136 14.20 150.15 19.63
N LEU AA 137 14.26 151.30 20.27
CA LEU AA 137 13.13 151.80 20.98
C LEU AA 137 12.77 153.09 20.30
N ARG AA 138 11.55 153.20 19.81
CA ARG AA 138 11.11 154.42 19.15
C ARG AA 138 10.23 154.99 20.22
N PHE AA 139 10.42 156.25 20.58
CA PHE AA 139 9.64 156.80 21.67
C PHE AA 139 8.45 157.61 21.26
N PRO AA 140 7.27 157.11 21.77
CA PRO AA 140 6.07 157.84 21.37
C PRO AA 140 6.18 159.20 21.90
N VAL AA 141 5.62 160.18 21.22
CA VAL AA 141 5.70 161.54 21.68
C VAL AA 141 4.40 162.14 22.23
N PRO AA 142 4.40 162.49 23.51
CA PRO AA 142 3.35 163.25 24.18
C PRO AA 142 3.21 164.61 23.54
N LEU AA 143 2.02 165.17 23.63
CA LEU AA 143 1.63 166.34 22.85
C LEU AA 143 0.29 166.85 23.34
N PRO AA 144 0.08 168.16 23.36
CA PRO AA 144 -1.22 168.70 23.74
C PRO AA 144 -2.27 168.17 22.78
N THR AA 145 -3.45 167.87 23.31
CA THR AA 145 -4.53 167.42 22.43
C THR AA 145 -4.86 168.40 21.32
N PRO AA 146 -4.82 169.72 21.50
CA PRO AA 146 -5.00 170.60 20.34
C PRO AA 146 -4.03 170.29 19.23
N LEU AA 147 -2.76 170.05 19.56
CA LEU AA 147 -1.78 169.76 18.54
C LEU AA 147 -1.87 168.33 18.05
N ALA AA 148 -2.09 167.38 18.95
CA ALA AA 148 -2.19 166.00 18.54
C ALA AA 148 -3.40 165.75 17.66
N ARG AA 149 -4.46 166.53 17.83
CA ARG AA 149 -5.61 166.41 16.94
C ARG AA 149 -5.40 167.10 15.61
N GLU AA 150 -4.56 168.14 15.57
CA GLU AA 150 -4.22 168.73 14.29
C GLU AA 150 -3.37 167.78 13.47
N ILE AA 151 -2.47 167.04 14.13
CA ILE AA 151 -1.61 166.09 13.42
C ILE AA 151 -2.42 164.97 12.84
N VAL AA 152 -3.25 164.32 13.65
CA VAL AA 152 -4.04 163.20 13.16
C VAL AA 152 -4.86 163.63 11.96
N ALA AA 153 -5.46 164.81 12.02
CA ALA AA 153 -6.16 165.35 10.86
C ALA AA 153 -5.24 165.42 9.65
N ARG AA 154 -3.99 165.83 9.86
CA ARG AA 154 -3.06 165.91 8.76
C ARG AA 154 -2.77 164.53 8.17
N LEU AA 155 -2.53 163.54 9.03
CA LEU AA 155 -2.24 162.21 8.56
C LEU AA 155 -3.45 161.58 7.89
N VAL AA 156 -4.64 161.80 8.45
CA VAL AA 156 -5.85 161.27 7.85
C VAL AA 156 -6.04 161.84 6.46
N ALA AA 157 -6.07 163.17 6.35
CA ALA AA 157 -6.30 163.79 5.06
C ALA AA 157 -5.20 163.44 4.06
N ARG AA 158 -3.94 163.46 4.50
CA ARG AA 158 -2.77 163.35 3.60
C ARG AA 158 -2.76 162.15 2.70
N GLY AA 159 -3.20 161.02 3.21
CA GLY AA 159 -3.32 159.86 2.37
C GLY AA 159 -4.34 160.28 1.31
N ILE AA 160 -5.33 161.06 1.74
CA ILE AA 160 -6.39 161.53 0.89
C ILE AA 160 -5.82 162.37 -0.22
N ARG AA 161 -4.86 163.23 0.10
CA ARG AA 161 -4.28 164.09 -0.92
C ARG AA 161 -3.55 163.30 -1.98
N ASP AA 162 -2.81 162.27 -1.56
CA ASP AA 162 -2.05 161.43 -2.47
C ASP AA 162 -2.81 160.17 -2.84
N LEU AA 163 -3.99 160.03 -2.28
CA LEU AA 163 -4.83 158.87 -2.50
C LEU AA 163 -5.33 158.69 -3.93
N ASN AA 164 -5.59 159.79 -4.62
CA ASN AA 164 -6.15 159.76 -5.97
C ASN AA 164 -5.30 159.11 -7.09
N PRO AA 165 -3.94 159.44 -7.22
CA PRO AA 165 -3.43 160.45 -6.28
C PRO AA 165 -3.35 161.82 -6.92
N ARG AA 168 -5.17 162.70 -11.10
CA ARG AA 168 -6.25 163.55 -11.55
C ARG AA 168 -5.76 164.95 -11.90
N THR AA 169 -5.85 165.86 -10.93
CA THR AA 169 -5.40 167.23 -11.10
C THR AA 169 -3.89 167.30 -10.99
N PRO AA 170 -3.29 168.49 -11.40
CA PRO AA 170 -1.82 168.54 -11.27
C PRO AA 170 -1.21 167.97 -9.98
N GLY AA 171 -0.14 167.20 -10.18
CA GLY AA 171 0.62 166.47 -9.19
C GLY AA 171 1.17 167.30 -8.05
N GLU AA 172 0.80 168.57 -7.97
CA GLU AA 172 1.27 169.45 -6.90
C GLU AA 172 0.08 169.79 -6.01
N LEU AA 173 0.06 169.20 -4.83
CA LEU AA 173 -1.05 169.25 -3.89
C LEU AA 173 -0.70 170.25 -2.80
N PRO AA 174 -1.58 170.52 -1.83
CA PRO AA 174 -1.19 171.39 -0.72
C PRO AA 174 -0.26 170.67 0.25
N ASP AA 175 0.26 171.44 1.21
CA ASP AA 175 1.25 170.91 2.13
C ASP AA 175 0.72 169.79 3.00
N LEU AA 176 -0.10 170.13 4.01
CA LEU AA 176 -0.70 169.17 4.92
C LEU AA 176 0.32 168.38 5.70
N ASN AA 177 1.58 168.52 5.35
CA ASN AA 177 2.66 167.83 6.03
C ASN AA 177 3.37 168.73 7.03
N VAL AA 178 2.95 169.98 7.15
CA VAL AA 178 3.66 170.97 7.95
C VAL AA 178 2.67 171.69 8.86
N LEU AA 179 3.07 171.90 10.11
CA LEU AA 179 2.27 172.56 11.12
C LEU AA 179 3.00 173.80 11.62
N TYR AA 180 2.37 174.49 12.58
CA TYR AA 180 3.03 175.46 13.43
C TYR AA 180 2.44 175.34 14.82
N TYR AA 181 3.29 175.23 15.82
CA TYR AA 181 2.86 175.33 17.21
C TYR AA 181 3.64 176.48 17.81
N ASN AA 182 2.94 177.56 18.13
CA ASN AA 182 3.57 178.84 18.48
C ASN AA 182 4.36 179.28 17.26
N GLY AA 183 5.67 179.47 17.37
CA GLY AA 183 6.50 179.60 16.19
C GLY AA 183 6.84 178.20 15.75
N ALA AA 184 8.05 177.95 15.27
CA ALA AA 184 8.51 176.58 15.17
C ALA AA 184 7.69 175.74 14.19
N ARG AA 185 7.93 175.94 12.90
CA ARG AA 185 7.41 175.03 11.90
C ARG AA 185 7.70 173.58 12.28
N LEU AA 186 6.67 172.75 12.21
CA LEU AA 186 6.78 171.34 12.55
C LEU AA 186 6.47 170.54 11.32
N SER AA 187 7.44 169.78 10.83
CA SER AA 187 7.30 169.05 9.58
C SER AA 187 7.02 167.58 9.90
N LEU AA 188 5.83 167.12 9.57
CA LEU AA 188 5.48 165.73 9.79
C LEU AA 188 6.26 164.81 8.86
N VAL AA 189 6.32 163.55 9.23
CA VAL AA 189 6.95 162.55 8.39
C VAL AA 189 5.92 162.03 7.41
N ALA AA 190 6.19 162.18 6.12
CA ALA AA 190 5.36 161.64 5.05
C ALA AA 190 6.03 160.39 4.53
N ASP AA 191 5.51 159.21 4.80
CA ASP AA 191 6.25 158.04 4.32
C ASP AA 191 5.51 156.89 3.62
N VAL AA 192 4.50 156.40 4.27
CA VAL AA 192 3.73 155.32 3.71
C VAL AA 192 2.31 155.50 4.20
N GLN AA 193 1.38 155.01 3.44
CA GLN AA 193 0.04 155.04 3.91
C GLN AA 193 -0.44 153.64 3.57
N GLN AA 194 -1.09 152.97 4.48
CA GLN AA 194 -1.55 151.61 4.12
C GLN AA 194 -3.02 151.52 3.90
N LEU AA 195 -3.46 150.75 2.91
CA LEU AA 195 -4.89 150.65 2.68
C LEU AA 195 -5.66 150.57 3.99
N ALA AA 196 -5.46 149.48 4.73
CA ALA AA 196 -6.30 149.20 5.89
C ALA AA 196 -6.23 150.30 6.93
N SER AA 197 -5.05 150.90 7.10
CA SER AA 197 -4.92 151.94 8.11
C SER AA 197 -5.69 153.19 7.70
N VAL AA 198 -5.68 153.52 6.42
CA VAL AA 198 -6.41 154.70 5.96
C VAL AA 198 -7.90 154.40 5.84
N ASN AA 199 -8.27 153.18 5.49
CA ASN AA 199 -9.67 152.83 5.38
C ASN AA 199 -10.42 153.11 6.67
N THR AA 200 -10.04 152.42 7.75
CA THR AA 200 -10.69 152.61 9.03
C THR AA 200 -10.72 154.06 9.46
N GLU AA 201 -9.60 154.77 9.30
CA GLU AA 201 -9.60 156.20 9.63
C GLU AA 201 -10.57 156.96 8.73
N LEU AA 202 -10.64 156.60 7.46
CA LEU AA 202 -11.65 157.21 6.58
C LEU AA 202 -13.04 156.68 6.90
N ARG AA 203 -13.14 155.39 7.20
CA ARG AA 203 -14.44 154.80 7.44
C ARG AA 203 -15.14 155.45 8.61
N SER AA 204 -14.43 155.64 9.72
CA SER AA 204 -15.03 156.22 10.92
C SER AA 204 -15.19 157.71 10.80
N LEU AA 205 -14.34 158.38 10.01
CA LEU AA 205 -14.54 159.80 9.74
C LEU AA 205 -15.83 160.02 8.98
N VAL AA 206 -15.97 159.34 7.84
CA VAL AA 206 -17.19 159.43 7.03
C VAL AA 206 -18.40 159.05 7.85
N LEU AA 207 -18.28 157.96 8.61
CA LEU AA 207 -19.44 157.43 9.31
C LEU AA 207 -19.98 158.44 10.31
N ASN AA 208 -19.11 159.06 11.09
CA ASN AA 208 -19.54 159.95 12.15
C ASN AA 208 -20.04 161.29 11.63
N MET AA 209 -19.42 161.83 10.59
CA MET AA 209 -19.89 163.09 10.04
C MET AA 209 -21.28 162.96 9.45
N VAL AA 210 -21.72 161.75 9.13
CA VAL AA 210 -23.08 161.54 8.67
C VAL AA 210 -24.06 161.62 9.83
N TYR AA 211 -23.78 160.90 10.91
CA TYR AA 211 -24.71 160.88 12.04
C TYR AA 211 -24.90 162.25 12.67
N SER AA 212 -24.03 163.20 12.38
CA SER AA 212 -24.14 164.54 12.93
C SER AA 212 -25.11 165.40 12.13
N ILE AA 213 -25.74 164.85 11.11
CA ILE AA 213 -26.70 165.56 10.27
C ILE AA 213 -28.09 165.03 10.60
N THR AA 214 -29.01 165.93 10.96
CA THR AA 214 -30.35 165.56 11.34
C THR AA 214 -31.36 166.46 10.61
N GLU AA 215 -32.63 166.27 10.95
CA GLU AA 215 -33.67 167.13 10.38
C GLU AA 215 -33.46 168.58 10.77
N GLY AA 216 -33.26 168.83 12.06
CA GLY AA 216 -33.00 170.19 12.51
C GLY AA 216 -31.75 170.80 11.93
N THR AA 217 -30.85 169.99 11.38
CA THR AA 217 -29.63 170.52 10.79
C THR AA 217 -29.95 171.46 9.63
N THR AA 218 -30.95 171.10 8.82
CA THR AA 218 -31.35 171.94 7.70
C THR AA 218 -31.72 173.34 8.16
N LEU AA 219 -32.30 173.45 9.36
CA LEU AA 219 -32.57 174.75 9.93
C LEU AA 219 -31.30 175.56 10.11
N ILE AA 220 -30.18 174.90 10.38
CA ILE AA 220 -28.93 175.60 10.54
C ILE AA 220 -28.32 175.98 9.19
N LEU AA 221 -28.41 175.08 8.21
CA LEU AA 221 -27.87 175.39 6.89
C LEU AA 221 -28.52 176.63 6.28
N THR AA 222 -29.72 176.98 6.74
CA THR AA 222 -30.35 178.24 6.36
C THR AA 222 -29.47 179.44 6.71
N LEU AA 223 -28.64 179.31 7.72
CA LEU AA 223 -27.91 180.43 8.29
C LEU AA 223 -26.58 180.73 7.62
N ILE AA 224 -26.19 179.96 6.60
CA ILE AA 224 -24.94 180.25 5.90
C ILE AA 224 -24.94 181.64 5.28
N PRO AA 225 -25.97 182.07 4.54
CA PRO AA 225 -25.97 183.45 4.04
C PRO AA 225 -25.90 184.46 5.15
N ARG AA 226 -26.46 184.12 6.32
CA ARG AA 226 -26.41 185.01 7.46
C ARG AA 226 -25.02 185.07 8.06
N LEU AA 227 -24.30 183.93 8.08
CA LEU AA 227 -22.92 183.96 8.55
C LEU AA 227 -22.08 184.92 7.74
N LEU AA 228 -22.10 184.77 6.42
CA LEU AA 228 -21.27 185.63 5.59
C LEU AA 228 -21.67 187.09 5.70
N ALA AA 229 -22.90 187.37 6.12
CA ALA AA 229 -23.24 188.75 6.46
C ALA AA 229 -22.40 189.24 7.61
N LEU AA 230 -22.07 188.34 8.54
CA LEU AA 230 -21.17 188.65 9.64
C LEU AA 230 -19.71 188.44 9.28
N SER AA 231 -19.43 187.75 8.17
CA SER AA 231 -18.06 187.54 7.73
C SER AA 231 -17.29 188.84 7.74
N ALA AA 232 -18.05 189.76 7.13
CA ALA AA 232 -17.82 191.16 6.76
C ALA AA 232 -18.22 192.39 7.57
N GLN AA 233 -18.90 192.28 8.67
CA GLN AA 233 -19.13 193.50 9.45
C GLN AA 233 -18.72 193.44 10.91
N ASP AA 234 -17.97 192.42 11.27
CA ASP AA 234 -17.43 192.19 12.61
C ASP AA 234 -16.01 191.72 12.43
N GLY AA 235 -15.09 192.08 13.31
CA GLY AA 235 -13.75 191.56 13.13
C GLY AA 235 -13.62 190.11 13.55
N TYR AA 236 -14.32 189.73 14.60
CA TYR AA 236 -14.55 188.33 14.89
C TYR AA 236 -15.55 187.81 13.86
N VAL AA 237 -15.81 186.55 13.80
CA VAL AA 237 -16.76 186.11 12.83
C VAL AA 237 -16.16 186.39 11.55
N ASN AA 238 -15.01 186.99 11.57
CA ASN AA 238 -14.43 187.33 10.27
C ASN AA 238 -13.28 186.37 10.28
N ALA AA 239 -12.63 186.31 11.42
CA ALA AA 239 -11.60 185.45 11.82
C ALA AA 239 -12.12 184.04 11.90
N LEU AA 240 -13.36 183.86 12.33
CA LEU AA 240 -13.91 182.53 12.51
C LEU AA 240 -13.88 181.74 11.24
N LEU AA 241 -14.33 182.32 10.17
CA LEU AA 241 -14.39 181.75 8.84
C LEU AA 241 -12.98 181.73 8.29
N GLN AA 242 -12.39 180.55 8.20
CA GLN AA 242 -11.02 180.47 7.71
C GLN AA 242 -10.96 180.87 6.24
N MET AA 243 -9.82 181.36 5.77
CA MET AA 243 -9.87 181.86 4.40
C MET AA 243 -10.25 180.72 3.50
N GLN AA 244 -9.69 179.54 3.73
CA GLN AA 244 -10.07 178.40 2.94
C GLN AA 244 -11.23 177.78 3.67
N SER AA 245 -12.42 178.33 3.45
CA SER AA 245 -13.60 177.87 4.12
C SER AA 245 -14.53 177.38 3.07
N VAL AA 246 -14.94 176.13 3.18
CA VAL AA 246 -15.84 175.60 2.22
C VAL AA 246 -17.12 176.39 2.36
N THR AA 247 -17.57 176.59 3.58
CA THR AA 247 -18.77 177.38 3.84
C THR AA 247 -18.79 178.64 2.97
N ARG AA 248 -17.67 179.35 2.88
CA ARG AA 248 -17.61 180.50 1.99
C ARG AA 248 -17.91 180.07 0.56
N GLU AA 249 -17.35 178.95 0.13
CA GLU AA 249 -17.66 178.43 -1.20
C GLU AA 249 -19.02 177.77 -1.26
N ALA AA 250 -19.61 177.43 -0.12
CA ALA AA 250 -20.91 176.79 -0.11
C ALA AA 250 -22.06 177.76 -0.32
N ALA AA 251 -21.82 179.06 -0.11
CA ALA AA 251 -22.82 180.07 -0.43
C ALA AA 251 -22.59 180.71 -1.78
N GLN AA 252 -21.55 180.33 -2.50
CA GLN AA 252 -21.26 180.89 -3.81
C GLN AA 252 -22.01 180.14 -4.90
N ALA AA 258 -35.99 177.39 2.26
CA ALA AA 258 -34.92 176.84 3.09
C ALA AA 258 -35.43 176.05 4.32
N PRO AA 259 -36.44 176.56 5.04
CA PRO AA 259 -37.01 175.75 6.12
C PRO AA 259 -37.57 174.42 5.66
N MET AA 260 -38.21 174.50 4.48
CA MET AA 260 -38.89 173.41 3.75
C MET AA 260 -40.20 172.94 4.40
N LEU AA 261 -40.75 173.82 5.23
CA LEU AA 261 -41.97 173.48 5.93
C LEU AA 261 -41.58 172.17 6.54
N MET AA 262 -42.40 171.15 6.33
CA MET AA 262 -42.10 169.81 6.80
C MET AA 262 -41.76 169.76 8.28
N GLN AA 263 -42.58 170.40 9.10
CA GLN AA 263 -42.39 170.37 10.54
C GLN AA 263 -43.40 169.36 11.00
N ASP AA 264 -42.92 168.34 11.71
CA ASP AA 264 -43.76 167.23 12.19
C ASP AA 264 -44.50 167.48 13.51
N GLY AA 265 -45.56 168.28 13.42
CA GLY AA 265 -46.46 168.61 14.52
C GLY AA 265 -46.06 169.75 15.43
N GLU AA 266 -44.86 170.25 15.15
CA GLU AA 266 -44.26 171.36 15.84
C GLU AA 266 -43.87 171.14 17.28
N ARG AA 267 -43.85 169.92 17.82
CA ARG AA 267 -43.26 170.01 19.14
C ARG AA 267 -42.28 168.83 19.22
N ARG AA 268 -41.03 169.12 18.87
CA ARG AA 268 -39.92 168.18 18.91
C ARG AA 268 -38.71 168.95 19.44
N LEU AA 269 -38.53 170.17 18.92
CA LEU AA 269 -37.38 171.04 19.13
C LEU AA 269 -36.18 170.49 18.40
N PRO AA 270 -36.21 170.49 17.06
CA PRO AA 270 -35.14 169.89 16.28
C PRO AA 270 -33.82 170.61 16.39
N LEU AA 271 -33.81 171.93 16.64
CA LEU AA 271 -32.56 172.62 16.90
C LEU AA 271 -31.80 171.94 18.03
N TYR AA 272 -32.38 171.97 19.23
CA TYR AA 272 -31.75 171.31 20.38
C TYR AA 272 -31.32 169.89 20.04
N GLU AA 273 -32.22 169.11 19.46
CA GLU AA 273 -31.88 167.73 19.12
C GLU AA 273 -30.78 167.67 18.07
N ALA AA 274 -30.69 168.68 17.20
CA ALA AA 274 -29.64 168.66 16.19
C ALA AA 274 -28.28 168.94 16.80
N LEU AA 275 -28.24 169.80 17.82
CA LEU AA 275 -27.00 170.10 18.51
C LEU AA 275 -26.46 168.87 19.21
N VAL AA 276 -27.30 168.26 20.04
CA VAL AA 276 -26.93 167.05 20.75
C VAL AA 276 -26.38 166.01 19.79
N ALA AA 277 -27.08 165.79 18.69
CA ALA AA 277 -26.64 164.79 17.72
C ALA AA 277 -25.29 165.14 17.15
N TRP AA 278 -25.12 166.39 16.71
CA TRP AA 278 -23.83 166.81 16.16
C TRP AA 278 -22.75 166.73 17.22
N LEU AA 279 -23.07 167.13 18.44
CA LEU AA 279 -22.06 167.25 19.48
C LEU AA 279 -21.48 165.89 19.83
N ALA AA 280 -22.33 164.87 19.93
CA ALA AA 280 -21.88 163.52 20.17
C ALA AA 280 -20.93 163.05 19.07
N HIS AA 281 -21.46 162.90 17.86
CA HIS AA 281 -20.71 162.21 16.81
C HIS AA 281 -19.59 163.08 16.24
N ALA AA 282 -19.92 164.28 15.79
CA ALA AA 282 -18.92 165.11 15.15
C ALA AA 282 -18.04 165.82 16.17
N GLY AA 283 -18.61 166.21 17.30
CA GLY AA 283 -17.85 166.87 18.34
C GLY AA 283 -16.71 166.02 18.87
N GLN AA 284 -16.94 164.73 18.98
CA GLN AA 284 -15.96 163.81 19.49
C GLN AA 284 -15.24 163.11 18.38
N LEU AA 285 -14.46 163.81 17.59
CA LEU AA 285 -13.76 163.16 16.52
C LEU AA 285 -12.28 163.00 16.77
N GLY AA 286 -11.71 163.84 17.61
CA GLY AA 286 -10.28 163.73 17.89
C GLY AA 286 -9.94 162.42 18.60
N ASP AA 287 -10.86 162.07 19.47
CA ASP AA 287 -11.04 160.96 20.38
C ASP AA 287 -11.25 159.65 19.63
N ILE AA 288 -12.15 159.65 18.64
CA ILE AA 288 -12.38 158.42 17.89
C ILE AA 288 -11.33 158.22 16.82
N LEU AA 289 -10.87 159.27 16.18
CA LEU AA 289 -9.80 159.12 15.20
C LEU AA 289 -8.51 158.80 15.87
N ALA AA 290 -8.24 159.43 17.01
CA ALA AA 290 -7.01 159.20 17.77
C ALA AA 290 -7.31 158.82 19.21
N LEU AA 291 -6.27 158.62 20.00
CA LEU AA 291 -6.49 158.32 21.40
C LEU AA 291 -6.61 159.60 22.18
N ALA AA 292 -7.68 159.71 22.93
CA ALA AA 292 -8.01 160.86 23.74
C ALA AA 292 -7.07 161.03 24.91
N PRO AA 293 -6.93 162.26 25.40
CA PRO AA 293 -6.07 162.53 26.53
C PRO AA 293 -6.50 161.79 27.78
N ALA AA 294 -5.54 161.32 28.55
CA ALA AA 294 -5.87 160.68 29.79
C ALA AA 294 -5.20 161.39 30.92
N VAL AA 295 -4.32 162.33 30.59
CA VAL AA 295 -3.48 163.08 31.46
C VAL AA 295 -3.43 164.54 31.06
N ARG AA 296 -3.09 165.42 31.99
CA ARG AA 296 -3.01 166.84 31.74
C ARG AA 296 -1.87 167.38 32.56
N VAL AA 297 -1.05 168.27 32.05
CA VAL AA 297 0.08 168.76 32.87
C VAL AA 297 -0.38 169.49 34.08
N CYS AA 298 0.24 169.23 35.22
CA CYS AA 298 -0.03 169.96 36.46
C CYS AA 298 1.30 170.05 37.10
N THR AA 299 1.68 171.19 37.59
CA THR AA 299 2.96 171.36 38.26
C THR AA 299 2.72 171.98 39.62
N PHE AA 300 3.08 171.25 40.69
CA PHE AA 300 2.87 171.78 42.03
C PHE AA 300 3.81 172.93 42.34
N ASP AA 301 5.07 172.83 41.92
CA ASP AA 301 6.03 173.87 42.24
C ASP AA 301 5.66 175.21 41.64
N GLY AA 302 4.64 175.26 40.80
CA GLY AA 302 4.22 176.49 40.19
C GLY AA 302 5.01 176.88 38.97
N ALA AA 303 5.89 176.03 38.47
CA ALA AA 303 6.44 176.21 37.14
C ALA AA 303 5.33 176.00 36.14
N ALA AA 304 5.12 176.96 35.25
CA ALA AA 304 3.91 176.98 34.45
C ALA AA 304 4.06 176.40 33.06
N VAL AA 305 5.24 175.94 32.67
CA VAL AA 305 5.44 175.20 31.44
C VAL AA 305 6.32 174.00 31.72
N VAL AA 306 6.57 173.20 30.69
CA VAL AA 306 7.49 172.09 30.75
C VAL AA 306 8.37 172.19 29.52
N GLN AA 307 9.66 172.43 29.72
CA GLN AA 307 10.54 172.51 28.58
C GLN AA 307 10.61 171.15 27.90
N SER AA 308 10.94 171.15 26.61
CA SER AA 308 11.09 169.90 25.89
C SER AA 308 12.28 169.13 26.45
N GLY AA 309 12.04 167.88 26.82
CA GLY AA 309 13.03 167.06 27.47
C GLY AA 309 12.88 166.99 28.97
N ASP AA 310 12.07 167.86 29.56
CA ASP AA 310 11.87 167.86 31.00
C ASP AA 310 10.80 166.84 31.38
N MET AA 311 10.56 166.72 32.68
CA MET AA 311 9.62 165.75 33.24
C MET AA 311 8.30 166.45 33.55
N ALA AA 312 7.21 166.05 32.97
CA ALA AA 312 6.07 166.86 33.27
C ALA AA 312 5.26 166.19 34.33
N PRO AA 313 5.00 166.89 35.43
CA PRO AA 313 4.18 166.31 36.49
C PRO AA 313 2.84 166.16 35.87
N VAL AA 314 2.20 165.02 35.97
CA VAL AA 314 0.97 164.88 35.23
C VAL AA 314 -0.14 164.34 36.07
N ILE AA 315 -1.36 164.83 35.88
CA ILE AA 315 -2.50 164.40 36.67
C ILE AA 315 -3.57 163.86 35.79
N ARG AA 316 -4.48 163.13 36.40
CA ARG AA 316 -5.48 162.36 35.68
C ARG AA 316 -6.21 163.23 34.66
N TYR AA 317 -7.13 162.61 33.93
CA TYR AA 317 -7.87 163.09 32.77
C TYR AA 317 -8.27 164.55 32.85
N PRO AA 318 -8.25 165.30 31.73
CA PRO AA 318 -8.74 166.70 31.72
C PRO AA 318 -10.21 166.80 32.12
N THR BA 3 5.66 129.80 64.29
CA THR BA 3 6.49 130.01 65.46
C THR BA 3 7.96 130.15 65.07
N LYS BA 4 8.27 131.30 64.46
CA LYS BA 4 9.58 131.77 64.00
C LYS BA 4 10.08 130.96 62.81
N PRO BA 5 10.78 131.60 61.87
CA PRO BA 5 11.29 130.89 60.69
C PRO BA 5 12.79 130.61 60.72
N LEU BA 6 13.29 130.11 59.58
CA LEU BA 6 14.72 129.85 59.33
C LEU BA 6 15.24 131.10 58.58
N PRO BA 7 14.46 131.58 57.61
CA PRO BA 7 14.65 132.76 56.77
C PRO BA 7 13.92 133.93 57.36
N THR BA 8 14.57 134.55 58.33
CA THR BA 8 14.03 135.65 59.13
C THR BA 8 13.66 136.95 58.45
N ALA BA 9 14.47 137.43 57.51
CA ALA BA 9 14.15 138.72 56.90
C ALA BA 9 12.81 138.74 56.14
N PRO BA 10 12.43 137.67 55.50
CA PRO BA 10 11.11 137.70 54.86
C PRO BA 10 9.90 137.76 55.81
N MET BA 11 10.02 137.62 57.13
CA MET BA 11 8.78 137.57 57.91
C MET BA 11 8.59 138.81 58.74
N ALA BA 12 9.68 139.43 59.18
CA ALA BA 12 9.54 140.71 59.88
C ALA BA 12 8.70 141.68 59.05
N TRP BA 13 8.84 141.63 57.73
CA TRP BA 13 7.98 142.41 56.86
C TRP BA 13 6.62 141.73 56.68
N ALA BA 14 6.60 140.39 56.63
CA ALA BA 14 5.35 139.68 56.41
C ALA BA 14 4.49 139.68 57.69
N GLU BA 15 5.10 139.35 58.83
CA GLU BA 15 4.37 139.34 60.09
C GLU BA 15 3.93 140.73 60.52
N SER BA 16 4.38 141.77 59.84
CA SER BA 16 3.98 143.13 60.15
C SER BA 16 3.06 143.70 59.07
N SER BA 23 6.38 156.84 58.60
CA SER BA 23 6.92 155.90 59.57
C SER BA 23 8.15 156.49 60.25
N PRO BA 24 9.26 155.76 60.25
CA PRO BA 24 10.49 156.31 60.83
C PRO BA 24 10.98 157.58 60.13
N ARG BA 25 10.48 157.85 58.92
CA ARG BA 25 10.74 159.14 58.29
C ARG BA 25 9.90 160.24 58.90
N GLU BA 26 8.62 159.96 59.18
CA GLU BA 26 7.79 160.90 59.93
C GLU BA 26 8.36 161.12 61.32
N LEU BA 27 8.95 160.09 61.93
CA LEU BA 27 9.67 160.28 63.18
C LEU BA 27 10.89 161.17 62.96
N ALA BA 28 11.67 160.88 61.92
CA ALA BA 28 12.77 161.76 61.56
C ALA BA 28 12.25 163.10 61.02
N GLY BA 29 11.02 163.11 60.52
CA GLY BA 29 10.44 164.36 60.04
C GLY BA 29 10.24 165.36 61.17
N HIS BA 30 9.48 164.97 62.19
CA HIS BA 30 9.33 165.83 63.36
C HIS BA 30 10.68 166.08 64.03
N ALA BA 31 11.61 165.13 63.92
CA ALA BA 31 12.91 165.28 64.59
C ALA BA 31 13.64 166.53 64.16
N PRO BA 32 14.03 166.69 62.89
CA PRO BA 32 14.68 167.95 62.51
C PRO BA 32 13.75 169.15 62.62
N LEU BA 33 12.55 169.05 62.07
CA LEU BA 33 11.57 170.12 62.11
C LEU BA 33 11.11 170.51 63.50
N ARG BA 34 10.37 169.61 64.16
CA ARG BA 34 9.61 169.93 65.36
C ARG BA 34 10.44 169.99 66.62
N ARG BA 35 11.43 169.11 66.73
CA ARG BA 35 12.34 169.14 67.86
C ARG BA 35 13.08 170.49 67.79
N VAL BA 36 13.12 171.09 66.59
CA VAL BA 36 13.80 172.36 66.35
C VAL BA 36 13.27 173.49 67.24
N LEU BA 37 14.21 174.28 67.74
CA LEU BA 37 13.95 175.40 68.66
C LEU BA 37 13.71 176.81 68.07
N ARG BA 38 13.73 177.78 68.99
CA ARG BA 38 13.52 179.19 68.71
C ARG BA 38 14.04 179.59 67.33
N PRO BA 39 15.10 178.96 66.79
CA PRO BA 39 15.38 179.14 65.37
C PRO BA 39 14.20 178.70 64.47
N PRO BA 40 14.33 178.70 63.13
CA PRO BA 40 15.39 178.79 62.13
C PRO BA 40 16.12 180.11 62.13
N ILE BA 41 17.11 180.21 61.22
CA ILE BA 41 18.04 181.34 61.14
C ILE BA 41 18.51 181.74 62.53
N ALA BA 42 19.07 180.76 63.24
CA ALA BA 42 19.29 180.90 64.67
C ALA BA 42 19.94 182.20 65.11
N ARG BA 43 19.70 182.56 66.35
CA ARG BA 43 20.42 183.67 66.95
C ARG BA 43 21.92 183.40 66.85
N ARG BA 44 22.68 184.47 66.63
CA ARG BA 44 24.04 184.34 66.10
C ARG BA 44 24.96 183.70 67.13
N ASP BA 45 26.23 183.58 66.77
CA ASP BA 45 27.24 182.92 67.58
C ASP BA 45 26.83 181.49 67.90
N THR BA 76 -21.70 146.48 85.65
CA THR BA 76 -20.39 146.90 85.18
C THR BA 76 -19.45 145.72 84.91
N ARG BA 77 -19.98 144.52 84.95
CA ARG BA 77 -19.16 143.34 84.73
C ARG BA 77 -18.54 143.22 83.36
N ALA BA 78 -19.43 143.34 82.36
CA ALA BA 78 -19.12 143.33 80.94
C ALA BA 78 -19.79 144.52 80.23
N THR BA 79 -20.95 144.94 80.76
CA THR BA 79 -21.70 146.08 80.22
C THR BA 79 -20.84 147.34 80.46
N ARG BA 80 -20.29 147.42 81.67
CA ARG BA 80 -19.41 148.53 82.06
C ARG BA 80 -18.09 148.51 81.29
N ASP BA 81 -17.54 147.30 81.17
CA ASP BA 81 -16.28 147.04 80.48
C ASP BA 81 -16.46 147.38 79.01
N ASP BA 82 -17.70 147.24 78.58
CA ASP BA 82 -18.10 147.48 77.21
C ASP BA 82 -18.14 148.96 76.83
N THR BA 83 -18.01 149.89 77.77
CA THR BA 83 -18.16 151.28 77.34
C THR BA 83 -16.80 151.93 77.16
N GLU BA 84 -15.83 151.58 78.02
CA GLU BA 84 -14.50 152.17 77.93
C GLU BA 84 -13.69 151.59 76.78
N GLN BA 85 -13.97 150.35 76.37
CA GLN BA 85 -13.26 149.81 75.22
C GLN BA 85 -13.84 150.31 73.92
N ALA BA 86 -15.08 150.79 73.92
CA ALA BA 86 -15.58 151.58 72.80
C ALA BA 86 -14.90 152.94 72.77
N VAL BA 87 -14.72 153.54 73.95
CA VAL BA 87 -13.85 154.71 74.06
C VAL BA 87 -12.48 154.38 73.50
N ASP BA 88 -11.95 153.21 73.87
CA ASP BA 88 -10.65 152.79 73.39
C ASP BA 88 -10.60 152.75 71.87
N LYS BA 89 -11.69 152.30 71.24
CA LYS BA 89 -11.71 152.31 69.78
C LYS BA 89 -11.87 153.72 69.25
N ILE BA 90 -12.72 154.53 69.90
CA ILE BA 90 -12.77 155.95 69.57
C ILE BA 90 -11.41 156.60 69.83
N LEU BA 91 -10.73 156.20 70.91
CA LEU BA 91 -9.36 156.64 71.11
C LEU BA 91 -8.52 156.31 69.89
N ARG BA 92 -8.45 155.02 69.54
CA ARG BA 92 -7.55 154.58 68.48
C ARG BA 92 -7.91 155.22 67.14
N GLY BA 93 -9.18 155.19 66.78
CA GLY BA 93 -9.60 155.84 65.55
C GLY BA 93 -9.32 157.32 65.53
N ALA BA 94 -9.21 157.94 66.70
CA ALA BA 94 -8.77 159.33 66.83
C ALA BA 94 -7.27 159.44 67.09
N ARG BA 95 -6.55 158.32 67.12
CA ARG BA 95 -5.09 158.34 67.13
C ARG BA 95 -4.49 158.31 65.73
N ARG BA 96 -5.31 158.11 64.70
CA ARG BA 96 -4.81 158.00 63.34
C ARG BA 96 -5.85 158.54 62.36
N ALA BA 97 -5.37 159.18 61.31
CA ALA BA 97 -6.21 159.69 60.22
C ALA BA 97 -7.29 160.65 60.73
N PRO BA 106 -10.30 155.76 49.63
CA PRO BA 106 -9.31 154.94 50.33
C PRO BA 106 -9.75 153.49 50.52
N ARG BA 107 -9.72 152.79 49.41
CA ARG BA 107 -10.14 151.43 49.37
C ARG BA 107 -11.68 151.46 49.21
N TYR BA 108 -12.27 152.67 49.16
CA TYR BA 108 -13.69 152.85 48.96
C TYR BA 108 -14.28 154.21 49.35
N HIS BA 109 -15.57 154.32 49.06
CA HIS BA 109 -16.44 155.41 49.41
C HIS BA 109 -17.78 154.73 49.71
N LEU BA 110 -18.44 155.04 50.82
CA LEU BA 110 -19.71 154.37 51.14
C LEU BA 110 -20.91 155.29 51.26
N THR BA 111 -22.08 154.82 50.82
CA THR BA 111 -23.30 155.65 50.84
C THR BA 111 -24.53 154.95 51.36
N ARG BA 112 -25.45 155.70 51.94
CA ARG BA 112 -26.68 155.15 52.47
C ARG BA 112 -27.87 155.99 52.05
N GLN BA 113 -28.98 155.35 51.72
CA GLN BA 113 -30.19 156.05 51.28
C GLN BA 113 -31.41 155.37 51.83
N VAL BA 114 -32.54 156.08 51.83
CA VAL BA 114 -33.77 155.50 52.31
C VAL BA 114 -34.75 155.36 51.18
N THR BA 115 -35.24 154.14 50.94
CA THR BA 115 -36.23 153.95 49.88
C THR BA 115 -37.34 153.04 50.36
N LEU BA 116 -38.31 152.77 49.50
CA LEU BA 116 -39.34 151.80 49.79
C LEU BA 116 -38.97 150.43 49.24
N THR BA 117 -39.79 149.45 49.60
CA THR BA 117 -39.63 148.08 49.15
C THR BA 117 -40.53 147.72 47.98
N ASP BA 118 -41.29 148.68 47.45
CA ASP BA 118 -42.15 148.44 46.30
C ASP BA 118 -41.37 147.75 45.19
N LEU BA 119 -40.44 148.48 44.60
CA LEU BA 119 -39.46 147.94 43.63
C LEU BA 119 -38.25 147.46 44.46
N CYS BA 120 -37.13 147.15 43.82
CA CYS BA 120 -35.95 146.77 44.60
C CYS BA 120 -36.24 145.59 45.52
N GLN BA 121 -35.92 145.80 46.82
CA GLN BA 121 -36.03 144.95 48.06
C GLN BA 121 -34.75 144.27 48.49
N PRO BA 122 -34.10 144.80 49.55
CA PRO BA 122 -32.84 144.29 50.06
C PRO BA 122 -32.86 142.89 50.61
N ASN BA 123 -33.89 142.53 51.36
CA ASN BA 123 -33.92 141.20 51.95
C ASN BA 123 -33.92 140.06 50.95
N ALA BA 124 -34.65 140.20 49.85
CA ALA BA 124 -34.69 139.13 48.88
C ALA BA 124 -33.31 138.90 48.34
N GLU BA 125 -32.67 140.01 48.01
CA GLU BA 125 -31.29 140.05 47.54
C GLU BA 125 -30.35 139.63 48.66
N ARG BA 126 -29.06 139.63 48.37
CA ARG BA 126 -28.02 139.17 49.30
C ARG BA 126 -26.81 140.07 49.51
N ALA BA 127 -25.74 139.43 49.95
CA ALA BA 127 -24.47 140.06 50.23
C ALA BA 127 -23.82 140.73 49.03
N GLY BA 128 -23.81 140.09 47.87
CA GLY BA 128 -23.26 140.77 46.71
C GLY BA 128 -24.36 141.01 45.71
N ALA BA 129 -24.74 142.26 45.50
CA ALA BA 129 -25.76 142.56 44.53
C ALA BA 129 -25.64 143.95 43.91
N LEU BA 130 -26.04 144.08 42.67
CA LEU BA 130 -26.04 145.33 41.94
C LEU BA 130 -27.34 146.04 42.20
N LEU BA 131 -27.26 147.27 42.70
CA LEU BA 131 -28.42 148.10 42.90
C LEU BA 131 -28.37 149.25 41.91
N LEU BA 132 -29.42 149.53 41.19
CA LEU BA 132 -29.30 150.62 40.25
C LEU BA 132 -30.22 151.68 40.71
N ALA BA 133 -29.79 152.91 40.66
CA ALA BA 133 -30.65 153.99 41.03
C ALA BA 133 -31.58 154.24 39.87
N LEU BA 134 -32.79 154.70 40.13
CA LEU BA 134 -33.73 154.96 39.07
C LEU BA 134 -34.29 156.27 39.44
N ARG BA 135 -33.48 157.32 39.27
CA ARG BA 135 -33.78 158.73 39.64
C ARG BA 135 -34.79 159.57 38.84
N HIS BA 136 -35.42 160.50 39.59
CA HIS BA 136 -36.40 161.46 39.06
C HIS BA 136 -37.63 160.89 38.38
N PRO BA 137 -38.26 159.84 39.04
CA PRO BA 137 -39.41 159.29 38.36
C PRO BA 137 -40.64 160.11 38.62
N THR BA 138 -40.51 161.18 39.40
CA THR BA 138 -41.67 162.00 39.72
C THR BA 138 -42.31 162.58 38.47
N ASP BA 139 -41.52 163.02 37.51
CA ASP BA 139 -42.12 163.51 36.29
C ASP BA 139 -42.67 162.29 35.53
N LEU BA 140 -43.74 162.50 34.75
CA LEU BA 140 -44.46 161.46 34.01
C LEU BA 140 -43.81 160.60 32.92
N PRO BA 141 -42.85 161.12 32.07
CA PRO BA 141 -42.41 162.48 32.33
C PRO BA 141 -42.75 163.43 31.21
N HIS BA 142 -42.59 164.69 31.53
CA HIS BA 142 -42.83 165.80 30.63
C HIS BA 142 -41.89 165.76 29.44
N LEU BA 143 -40.67 165.33 29.66
CA LEU BA 143 -39.65 165.34 28.62
C LEU BA 143 -39.96 164.32 27.53
N ALA BA 144 -40.74 163.29 27.86
CA ALA BA 144 -41.07 162.26 26.89
C ALA BA 144 -41.77 162.93 25.74
N ARG BA 145 -42.52 164.00 26.02
CA ARG BA 145 -43.19 164.77 24.99
C ARG BA 145 -42.15 165.38 24.06
N HIS BA 146 -41.06 165.88 24.61
CA HIS BA 146 -39.97 166.39 23.78
C HIS BA 146 -39.27 165.18 23.11
N ARG BA 147 -38.67 165.41 21.93
CA ARG BA 147 -38.05 164.38 21.10
C ARG BA 147 -39.12 163.39 20.70
N ALA BA 148 -38.90 162.07 20.88
CA ALA BA 148 -39.90 161.04 20.55
C ALA BA 148 -40.53 161.33 19.19
N PRO BA 149 -39.71 161.48 18.17
CA PRO BA 149 -40.23 162.01 16.90
C PRO BA 149 -41.59 161.41 16.57
N PRO BA 150 -42.51 162.31 16.27
CA PRO BA 150 -43.88 162.00 15.95
C PRO BA 150 -43.97 161.07 14.74
N GLY BA 151 -44.89 160.10 14.77
CA GLY BA 151 -45.80 159.91 15.88
C GLY BA 151 -45.49 158.67 16.67
N ARG BA 152 -45.25 158.85 17.96
CA ARG BA 152 -44.97 157.72 18.83
C ARG BA 152 -46.01 157.58 19.95
N GLN BA 153 -46.92 158.53 20.03
CA GLN BA 153 -47.93 158.48 21.10
C GLN BA 153 -47.33 158.63 22.50
N THR BA 154 -46.73 159.80 22.71
CA THR BA 154 -46.05 160.10 23.96
C THR BA 154 -46.91 159.99 25.21
N GLU BA 155 -48.23 159.86 25.06
CA GLU BA 155 -49.08 159.61 26.22
C GLU BA 155 -48.91 158.20 26.76
N ARG BA 156 -48.11 157.36 26.09
CA ARG BA 156 -47.94 155.97 26.52
C ARG BA 156 -47.29 155.90 27.90
N LEU BA 157 -46.19 156.63 28.09
CA LEU BA 157 -45.47 156.61 29.37
C LEU BA 157 -46.34 157.08 30.53
N ALA BA 158 -46.97 158.24 30.37
CA ALA BA 158 -47.82 158.77 31.43
C ALA BA 158 -48.87 157.76 31.87
N GLU BA 159 -49.46 157.05 30.91
CA GLU BA 159 -50.44 156.02 31.26
C GLU BA 159 -49.77 154.75 31.76
N ALA BA 160 -48.69 154.32 31.09
CA ALA BA 160 -47.97 153.12 31.52
C ALA BA 160 -47.48 153.25 32.95
N TRP BA 161 -46.74 154.30 33.25
CA TRP BA 161 -46.21 154.55 34.60
C TRP BA 161 -47.17 154.72 35.77
N GLY BA 162 -48.29 155.39 35.55
CA GLY BA 162 -49.25 155.61 36.61
C GLY BA 162 -49.75 154.30 37.18
N GLN BA 163 -49.78 153.26 36.37
CA GLN BA 163 -50.26 151.99 36.82
C GLN BA 163 -49.31 151.52 37.87
N LEU BA 164 -48.04 151.76 37.58
CA LEU BA 164 -47.01 151.34 38.50
C LEU BA 164 -47.25 152.04 39.76
N LEU BA 165 -47.45 153.34 39.66
CA LEU BA 165 -47.70 154.11 40.85
C LEU BA 165 -48.89 153.71 41.65
N GLU BA 166 -49.99 153.33 41.01
CA GLU BA 166 -51.14 152.94 41.77
C GLU BA 166 -50.86 151.73 42.61
N ALA BA 167 -50.28 150.66 42.04
CA ALA BA 167 -50.10 149.48 42.95
C ALA BA 167 -49.04 149.64 44.06
N SER BA 168 -47.94 150.12 43.54
CA SER BA 168 -46.60 150.45 44.01
C SER BA 168 -45.74 151.08 42.93
N GLU BA 176 -47.94 158.71 44.57
CA GLU BA 176 -47.69 159.60 45.70
C GLU BA 176 -46.22 159.99 45.81
N SER BA 177 -45.95 161.03 46.58
CA SER BA 177 -44.58 161.46 46.84
C SER BA 177 -44.01 161.18 48.23
N GLY BA 178 -44.80 161.45 49.26
CA GLY BA 178 -44.34 161.22 50.61
C GLY BA 178 -42.89 161.51 50.93
N CYS BA 179 -42.40 160.84 51.97
CA CYS BA 179 -41.03 161.08 52.40
C CYS BA 179 -39.99 159.98 52.18
N ALA BA 180 -40.37 158.93 51.46
CA ALA BA 180 -39.40 157.94 51.10
C ALA BA 180 -39.68 157.80 49.64
N ARG BA 181 -38.73 158.16 48.81
CA ARG BA 181 -38.91 158.03 47.38
C ARG BA 181 -38.61 156.58 47.00
N ALA BA 182 -39.14 156.11 45.89
CA ALA BA 182 -38.79 154.75 45.52
C ALA BA 182 -37.66 154.90 44.54
N GLY BA 183 -36.47 154.69 45.05
CA GLY BA 183 -35.30 154.78 44.17
C GLY BA 183 -34.80 153.33 44.10
N LEU BA 184 -33.50 153.17 43.91
CA LEU BA 184 -32.94 151.84 44.05
C LEU BA 184 -33.44 150.59 43.43
N VAL BA 185 -33.38 150.41 42.13
CA VAL BA 185 -33.83 149.15 41.57
C VAL BA 185 -32.57 148.29 41.48
N SER BA 186 -32.60 147.10 42.06
CA SER BA 186 -31.39 146.27 42.02
C SER BA 186 -31.00 146.07 40.56
N PHE BA 187 -29.71 146.07 40.25
CA PHE BA 187 -29.29 145.89 38.85
C PHE BA 187 -29.81 144.55 38.42
N ASN BA 188 -29.81 143.59 39.33
CA ASN BA 188 -30.27 142.27 39.02
C ASN BA 188 -31.71 142.43 38.60
N PHE BA 189 -32.42 143.31 39.28
CA PHE BA 189 -33.82 143.57 38.99
C PHE BA 189 -34.05 144.10 37.57
N LEU BA 190 -33.19 144.99 37.13
CA LEU BA 190 -33.30 145.54 35.78
C LEU BA 190 -33.10 144.49 34.73
N VAL BA 191 -32.16 143.58 34.94
CA VAL BA 191 -31.89 142.55 33.95
C VAL BA 191 -33.17 141.75 33.77
N ALA BA 192 -33.91 141.57 34.84
CA ALA BA 192 -35.17 140.84 34.79
C ALA BA 192 -36.17 141.56 33.88
N ALA BA 193 -36.20 142.88 33.95
CA ALA BA 193 -37.14 143.65 33.14
C ALA BA 193 -36.90 143.51 31.65
N CYS BA 194 -35.66 143.54 31.22
CA CYS BA 194 -35.35 143.42 29.80
C CYS BA 194 -35.04 141.99 29.46
N THR BA 195 -35.20 141.11 30.43
CA THR BA 195 -34.86 139.70 30.26
C THR BA 195 -35.60 138.89 29.22
N ALA BA 196 -36.92 138.97 29.18
CA ALA BA 196 -37.64 138.16 28.19
C ALA BA 196 -37.32 138.62 26.79
N ALA BA 197 -37.38 139.93 26.63
CA ALA BA 197 -37.14 140.57 25.35
C ALA BA 197 -35.73 140.36 24.85
N TYR BA 198 -34.77 140.34 25.77
CA TYR BA 198 -33.38 140.22 25.38
C TYR BA 198 -32.59 139.05 25.95
N ASP BA 199 -31.53 138.70 25.24
CA ASP BA 199 -30.58 137.68 25.64
C ASP BA 199 -30.87 136.18 25.47
N ALA BA 200 -31.88 135.64 26.15
CA ALA BA 200 -32.14 134.21 26.06
C ALA BA 200 -33.21 133.70 27.04
N ARG BA 201 -33.09 132.42 27.40
CA ARG BA 201 -34.03 131.77 28.29
C ARG BA 201 -33.34 130.95 29.38
N ASP BA 202 -34.06 130.72 30.48
CA ASP BA 202 -33.60 129.97 31.64
C ASP BA 202 -32.42 130.65 32.29
N ALA BA 203 -32.03 131.79 31.73
CA ALA BA 203 -30.94 132.58 32.25
C ALA BA 203 -31.48 133.95 32.61
N ALA BA 204 -32.11 134.61 31.65
CA ALA BA 204 -32.74 135.91 31.90
C ALA BA 204 -33.91 135.66 32.84
N GLU BA 205 -34.61 134.58 32.54
CA GLU BA 205 -35.79 134.12 33.26
C GLU BA 205 -35.49 133.70 34.68
N ALA BA 206 -34.34 133.08 34.88
CA ALA BA 206 -33.95 132.65 36.21
C ALA BA 206 -33.87 133.87 37.11
N VAL BA 207 -33.28 134.93 36.58
CA VAL BA 207 -33.14 136.16 37.34
C VAL BA 207 -34.48 136.80 37.67
N ARG BA 208 -35.37 136.85 36.68
CA ARG BA 208 -36.68 137.48 36.87
C ARG BA 208 -37.55 136.78 37.91
N ALA BA 209 -37.46 135.46 37.96
CA ALA BA 209 -38.24 134.70 38.91
C ALA BA 209 -37.80 135.16 40.28
N HIS BA 210 -36.49 135.38 40.42
CA HIS BA 210 -35.94 135.84 41.69
C HIS BA 210 -36.48 137.22 42.07
N ILE BA 211 -36.56 138.14 41.12
CA ILE BA 211 -37.07 139.47 41.46
C ILE BA 211 -38.55 139.49 41.88
N THR BA 212 -39.40 138.79 41.15
CA THR BA 212 -40.81 138.76 41.52
C THR BA 212 -40.99 137.99 42.82
N THR BA 213 -40.27 136.88 42.94
CA THR BA 213 -40.31 136.05 44.13
C THR BA 213 -39.75 136.71 45.38
N ASN BA 214 -38.65 137.43 45.23
CA ASN BA 214 -37.98 138.10 46.33
C ASN BA 214 -38.40 139.55 46.59
N TYR BA 215 -39.28 140.09 45.76
CA TYR BA 215 -39.75 141.46 45.95
C TYR BA 215 -41.26 141.46 46.17
N ALA BA 220 -44.10 140.98 43.40
CA ALA BA 220 -45.38 140.77 42.75
C ALA BA 220 -45.21 140.76 41.24
N GLY BA 221 -45.86 139.80 40.57
CA GLY BA 221 -45.83 139.77 39.12
C GLY BA 221 -46.45 140.99 38.49
N ALA BA 222 -47.40 141.62 39.19
CA ALA BA 222 -47.95 142.88 38.74
C ALA BA 222 -46.86 143.91 38.52
N ARG BA 223 -46.15 144.27 39.60
CA ARG BA 223 -45.07 145.25 39.50
C ARG BA 223 -44.07 144.88 38.42
N LEU BA 224 -43.67 143.61 38.34
CA LEU BA 224 -42.83 143.16 37.23
C LEU BA 224 -43.50 143.46 35.90
N ASP BA 225 -44.79 143.16 35.79
CA ASP BA 225 -45.49 143.41 34.53
C ASP BA 225 -45.69 144.91 34.32
N ARG BA 226 -46.06 145.63 35.37
CA ARG BA 226 -46.18 147.08 35.24
C ARG BA 226 -44.85 147.69 34.87
N PHE BA 227 -43.78 147.29 35.55
CA PHE BA 227 -42.46 147.83 35.25
C PHE BA 227 -42.00 147.41 33.86
N SER BA 228 -42.37 146.21 33.42
CA SER BA 228 -42.06 145.80 32.06
C SER BA 228 -42.80 146.67 31.05
N GLU BA 229 -44.06 146.98 31.33
CA GLU BA 229 -44.80 147.91 30.48
C GLU BA 229 -44.13 149.28 30.45
N CYS BA 230 -43.52 149.68 31.56
CA CYS BA 230 -42.80 150.95 31.59
C CYS BA 230 -41.53 150.89 30.74
N LEU BA 231 -40.79 149.79 30.83
CA LEU BA 231 -39.59 149.62 30.01
C LEU BA 231 -39.95 149.62 28.53
N ARG BA 232 -41.03 148.93 28.16
CA ARG BA 232 -41.51 148.98 26.79
C ARG BA 232 -41.85 150.41 26.41
N ALA BA 233 -42.60 151.11 27.28
CA ALA BA 233 -43.02 152.47 26.97
C ALA BA 233 -41.84 153.41 26.93
N MET BA 234 -40.84 153.20 27.77
CA MET BA 234 -39.66 154.05 27.75
C MET BA 234 -38.85 153.84 26.48
N VAL BA 235 -38.47 152.59 26.20
CA VAL BA 235 -37.73 152.30 24.96
C VAL BA 235 -38.55 152.74 23.76
N HIS BA 236 -39.86 152.89 23.93
CA HIS BA 236 -40.69 153.29 22.81
C HIS BA 236 -40.38 154.74 22.45
N THR BA 237 -40.56 155.63 23.42
CA THR BA 237 -40.51 157.09 23.23
C THR BA 237 -39.20 157.86 23.32
N HIS BA 238 -38.09 157.17 23.20
CA HIS BA 238 -36.74 157.77 23.19
C HIS BA 238 -36.21 158.32 24.50
N VAL BA 239 -36.86 157.89 25.56
CA VAL BA 239 -36.45 158.13 26.92
C VAL BA 239 -36.09 156.68 27.16
N PHE BA 240 -34.85 156.43 27.48
CA PHE BA 240 -34.34 155.07 27.58
C PHE BA 240 -34.34 154.62 29.03
N PRO BA 241 -34.16 153.32 29.28
CA PRO BA 241 -33.87 152.88 30.64
C PRO BA 241 -32.57 153.42 31.19
N HIS BA 242 -31.61 153.72 30.33
CA HIS BA 242 -30.46 154.37 30.88
C HIS BA 242 -30.96 155.80 30.97
N GLU BA 243 -30.14 156.82 30.97
CA GLU BA 243 -30.68 158.16 31.21
C GLU BA 243 -31.85 158.10 32.19
N VAL BA 244 -31.73 157.07 32.98
CA VAL BA 244 -32.47 156.64 34.15
C VAL BA 244 -31.62 155.45 34.69
N MET BA 245 -31.86 154.98 35.89
CA MET BA 245 -31.12 153.83 36.39
C MET BA 245 -29.60 153.76 36.32
N ARG BA 246 -28.90 154.68 36.94
CA ARG BA 246 -27.45 154.61 37.04
C ARG BA 246 -27.04 153.65 38.16
N PHE BA 247 -25.80 153.19 38.15
CA PHE BA 247 -25.32 152.27 39.17
C PHE BA 247 -25.23 152.90 40.54
N PHE BA 248 -25.66 152.18 41.56
CA PHE BA 248 -25.58 152.68 42.90
C PHE BA 248 -24.52 152.01 43.77
N GLY BA 249 -24.41 150.69 43.79
CA GLY BA 249 -23.44 150.07 44.66
C GLY BA 249 -23.51 148.56 44.78
N GLY BA 250 -23.04 147.98 45.89
CA GLY BA 250 -23.05 146.56 46.16
C GLY BA 250 -23.92 145.97 47.26
N LEU BA 251 -24.72 146.78 47.91
CA LEU BA 251 -25.64 146.34 48.96
C LEU BA 251 -24.96 145.78 50.20
N VAL BA 252 -24.40 146.64 51.05
CA VAL BA 252 -23.77 146.16 52.27
C VAL BA 252 -24.82 145.70 53.29
N SER BA 253 -25.62 146.64 53.74
CA SER BA 253 -26.63 146.32 54.69
C SER BA 253 -27.87 147.16 54.64
N TRP BA 254 -29.00 146.53 54.40
CA TRP BA 254 -30.31 147.19 54.29
C TRP BA 254 -31.03 147.88 55.45
N VAL BA 255 -31.09 147.28 56.63
CA VAL BA 255 -31.79 147.88 57.77
C VAL BA 255 -33.24 148.33 57.56
N THR BA 256 -34.08 147.46 57.00
CA THR BA 256 -35.50 147.76 56.74
C THR BA 256 -36.57 147.77 57.85
N GLN BA 257 -37.59 148.59 57.68
CA GLN BA 257 -38.69 148.62 58.61
C GLN BA 257 -40.01 148.62 57.92
N ASP BA 258 -40.87 147.61 58.05
CA ASP BA 258 -42.16 147.85 57.37
C ASP BA 258 -41.91 148.09 55.88
N GLU BA 259 -42.48 149.12 55.28
CA GLU BA 259 -42.34 149.40 53.85
C GLU BA 259 -41.09 150.19 53.53
N LEU BA 260 -40.23 150.41 54.52
CA LEU BA 260 -39.11 151.33 54.43
C LEU BA 260 -37.82 150.53 54.41
N ALA BA 261 -36.77 151.08 53.85
CA ALA BA 261 -35.49 150.42 53.88
C ALA BA 261 -34.44 151.47 53.89
N SER BA 262 -33.33 151.21 54.54
CA SER BA 262 -32.25 152.16 54.56
C SER BA 262 -31.23 151.28 53.98
N VAL BA 263 -30.74 151.58 52.81
CA VAL BA 263 -29.82 150.67 52.20
C VAL BA 263 -28.39 151.09 52.20
N THR BA 264 -27.52 150.49 53.01
CA THR BA 264 -26.16 150.93 52.73
C THR BA 264 -25.58 150.11 51.58
N ALA BA 265 -24.78 150.76 50.73
CA ALA BA 265 -24.17 150.08 49.60
C ALA BA 265 -22.94 150.85 49.16
N VAL BA 266 -22.02 150.17 48.51
CA VAL BA 266 -20.69 150.71 48.24
C VAL BA 266 -20.73 151.66 47.04
N CYS BA 267 -20.42 152.95 47.26
CA CYS BA 267 -20.23 153.85 46.12
C CYS BA 267 -19.13 153.31 45.22
N SER BA 268 -17.98 152.97 45.79
CA SER BA 268 -16.92 152.34 45.01
C SER BA 268 -15.90 151.73 45.97
N GLY BA 269 -14.92 151.03 45.40
CA GLY BA 269 -13.99 150.26 46.18
C GLY BA 269 -14.31 148.79 46.10
N PRO BA 270 -13.47 147.95 46.69
CA PRO BA 270 -13.66 146.50 46.59
C PRO BA 270 -14.80 146.02 47.47
N GLN BA 271 -15.48 144.99 46.99
CA GLN BA 271 -16.63 144.41 47.66
C GLN BA 271 -16.22 143.49 48.80
N GLU BA 272 -15.30 142.60 48.51
CA GLU BA 272 -15.07 141.51 49.45
C GLU BA 272 -14.60 141.95 50.78
N ALA BA 273 -14.17 143.19 50.87
CA ALA BA 273 -13.63 143.74 52.08
C ALA BA 273 -14.60 144.54 52.93
N THR BA 274 -15.86 144.22 52.82
CA THR BA 274 -16.89 144.97 53.48
C THR BA 274 -17.46 144.82 54.86
N HIS BA 275 -18.30 143.79 55.10
CA HIS BA 275 -18.83 143.51 56.47
C HIS BA 275 -18.14 142.21 56.59
N THR BA 276 -17.94 141.64 55.43
CA THR BA 276 -17.28 140.38 55.34
C THR BA 276 -17.88 139.23 56.08
N GLY BA 277 -17.07 138.57 56.88
CA GLY BA 277 -17.54 137.40 57.57
C GLY BA 277 -17.89 136.27 56.62
N HIS BA 278 -18.56 135.26 57.15
CA HIS BA 278 -18.94 134.18 56.29
C HIS BA 278 -19.91 134.76 55.26
N PRO BA 279 -20.73 135.65 55.76
CA PRO BA 279 -21.60 136.49 54.96
C PRO BA 279 -21.30 137.73 55.78
N GLY BA 280 -21.96 138.81 55.43
CA GLY BA 280 -21.92 140.03 56.17
C GLY BA 280 -22.99 139.60 57.12
N ARG BA 281 -22.76 139.55 58.41
CA ARG BA 281 -23.80 139.06 59.31
C ARG BA 281 -24.01 137.62 58.87
N PRO BA 282 -25.13 137.00 59.16
CA PRO BA 282 -25.36 135.64 58.68
C PRO BA 282 -26.06 135.53 57.31
N CYS BA 283 -25.36 135.94 56.26
CA CYS BA 283 -25.82 135.93 54.88
C CYS BA 283 -24.87 135.06 54.10
N SER BA 284 -25.08 134.96 52.79
CA SER BA 284 -24.24 134.11 51.95
C SER BA 284 -22.78 134.50 51.97
N ALA BA 285 -22.49 135.79 51.92
CA ALA BA 285 -21.10 136.26 51.97
C ALA BA 285 -21.08 137.55 51.18
N VAL BA 286 -19.93 137.92 50.64
CA VAL BA 286 -19.85 139.13 49.85
C VAL BA 286 -19.17 138.94 48.50
N THR BA 287 -19.86 139.29 47.42
CA THR BA 287 -19.21 139.23 46.10
C THR BA 287 -19.84 140.14 45.05
N ILE BA 288 -19.16 140.33 43.92
CA ILE BA 288 -19.72 141.17 42.87
C ILE BA 288 -20.06 140.26 41.72
N PRO BA 289 -21.39 139.92 41.56
CA PRO BA 289 -21.67 139.04 40.44
C PRO BA 289 -22.67 139.66 39.48
N ALA BA 290 -22.35 139.77 38.19
CA ALA BA 290 -23.29 140.32 37.23
C ALA BA 290 -24.37 139.27 37.24
N CYS BA 291 -25.62 139.69 37.23
CA CYS BA 291 -26.70 138.74 37.32
C CYS BA 291 -26.75 137.74 36.20
N ALA BA 292 -26.60 138.22 34.98
CA ALA BA 292 -26.68 137.31 33.85
C ALA BA 292 -25.47 136.46 33.67
N PHE BA 293 -25.70 135.17 33.57
CA PHE BA 293 -24.67 134.22 33.26
C PHE BA 293 -24.38 134.60 31.82
N VAL BA 294 -25.48 134.96 31.14
CA VAL BA 294 -25.41 135.34 29.73
C VAL BA 294 -25.93 136.76 29.54
N ASP BA 295 -26.26 137.39 30.64
CA ASP BA 295 -26.77 138.75 30.60
C ASP BA 295 -25.68 139.74 31.02
N LEU BA 296 -24.46 139.21 31.02
CA LEU BA 296 -23.23 139.91 31.29
C LEU BA 296 -22.36 139.20 30.29
N ASP BA 297 -21.44 139.89 29.66
CA ASP BA 297 -20.56 139.21 28.72
C ASP BA 297 -19.08 139.63 28.77
N ALA BA 298 -18.18 138.74 28.36
CA ALA BA 298 -16.75 139.07 28.35
C ALA BA 298 -16.16 139.01 26.96
N GLU BA 299 -16.00 140.16 26.31
CA GLU BA 299 -15.45 140.14 24.96
C GLU BA 299 -13.95 140.19 24.85
N LEU BA 300 -13.33 139.11 25.30
CA LEU BA 300 -11.92 138.91 25.25
C LEU BA 300 -12.04 137.55 24.62
N CYS BA 301 -12.30 137.54 23.33
CA CYS BA 301 -12.50 136.24 22.70
C CYS BA 301 -11.08 135.67 22.58
N LEU BA 302 -10.14 136.55 22.27
CA LEU BA 302 -8.72 136.26 22.20
C LEU BA 302 -8.10 137.23 23.19
N GLY BA 303 -7.27 136.72 24.11
CA GLY BA 303 -6.68 137.58 25.12
C GLY BA 303 -5.35 137.21 25.74
N GLY BA 304 -4.79 138.15 26.50
CA GLY BA 304 -3.51 137.99 27.20
C GLY BA 304 -3.75 137.80 28.69
N PRO BA 305 -2.74 138.13 29.48
CA PRO BA 305 -2.84 138.14 30.93
C PRO BA 305 -2.65 139.62 31.25
N GLY BA 306 -3.72 140.35 31.57
CA GLY BA 306 -3.60 141.76 31.87
C GLY BA 306 -4.81 142.28 32.61
N ALA BA 307 -4.72 143.49 33.15
CA ALA BA 307 -5.84 144.07 33.86
C ALA BA 307 -6.99 144.21 32.90
N ALA BA 308 -8.19 143.88 33.33
CA ALA BA 308 -9.34 143.98 32.47
C ALA BA 308 -10.36 144.97 32.99
N PHE BA 309 -10.77 145.90 32.13
CA PHE BA 309 -11.74 146.92 32.46
C PHE BA 309 -13.17 146.43 32.43
N LEU BA 310 -14.07 147.09 33.15
CA LEU BA 310 -15.46 146.69 33.17
C LEU BA 310 -16.34 147.79 32.65
N TYR BA 311 -17.23 147.48 31.71
CA TYR BA 311 -18.10 148.51 31.18
C TYR BA 311 -19.54 148.12 31.29
N LEU BA 312 -20.42 149.11 31.30
CA LEU BA 312 -21.84 148.89 31.37
C LEU BA 312 -22.32 149.28 29.99
N VAL BA 313 -22.80 148.32 29.22
CA VAL BA 313 -23.27 148.56 27.87
C VAL BA 313 -24.77 148.50 27.73
N PHE BA 314 -25.34 149.48 27.06
CA PHE BA 314 -26.77 149.56 26.79
C PHE BA 314 -26.93 149.49 25.29
N THR BA 315 -27.81 148.62 24.81
CA THR BA 315 -28.05 148.47 23.37
C THR BA 315 -29.53 148.59 23.13
N TYR BA 316 -29.89 149.03 21.93
CA TYR BA 316 -31.27 149.24 21.63
C TYR BA 316 -31.63 148.80 20.23
N ARG BA 317 -32.90 148.48 20.05
CA ARG BA 317 -33.42 148.14 18.75
C ARG BA 317 -34.34 149.30 18.55
N GLN BA 318 -34.14 150.07 17.49
CA GLN BA 318 -35.01 151.21 17.27
C GLN BA 318 -36.26 150.73 16.55
N CYS BA 319 -37.00 149.86 17.23
CA CYS BA 319 -38.23 149.31 16.69
C CYS BA 319 -37.91 148.34 15.57
N ARG BA 320 -36.64 147.99 15.42
CA ARG BA 320 -36.27 147.04 14.38
C ARG BA 320 -36.96 145.74 14.76
N ASP BA 321 -36.91 145.40 16.04
CA ASP BA 321 -37.59 144.21 16.53
C ASP BA 321 -38.33 144.49 17.85
N GLN BA 322 -39.30 145.38 17.76
CA GLN BA 322 -40.15 145.80 18.87
C GLN BA 322 -39.52 146.74 19.89
N GLU BA 323 -38.41 147.38 19.52
CA GLU BA 323 -37.73 148.30 20.43
C GLU BA 323 -37.29 147.76 21.79
N LEU BA 324 -36.63 146.60 21.76
CA LEU BA 324 -36.11 145.96 22.96
C LEU BA 324 -34.89 146.73 23.47
N CYS BA 325 -34.50 146.52 24.74
CA CYS BA 325 -33.35 147.26 25.28
C CYS BA 325 -32.58 146.30 26.15
N CYS BA 326 -31.30 146.09 25.89
CA CYS BA 326 -30.51 145.17 26.70
C CYS BA 326 -29.29 145.78 27.37
N VAL BA 327 -29.11 145.46 28.64
CA VAL BA 327 -27.99 145.95 29.44
C VAL BA 327 -27.04 144.79 29.74
N TYR BA 328 -25.78 144.95 29.39
CA TYR BA 328 -24.80 143.90 29.65
C TYR BA 328 -23.62 144.47 30.40
N VAL BA 329 -23.12 143.72 31.37
CA VAL BA 329 -21.94 144.16 32.06
C VAL BA 329 -20.76 143.51 31.38
N VAL BA 330 -20.32 144.11 30.28
CA VAL BA 330 -19.14 143.66 29.50
C VAL BA 330 -17.75 143.83 30.13
N LYS BA 331 -16.89 142.84 29.94
CA LYS BA 331 -15.53 142.85 30.47
C LYS BA 331 -14.55 142.72 29.32
N SER BA 332 -13.60 143.64 29.24
CA SER BA 332 -12.64 143.64 28.16
C SER BA 332 -11.34 144.19 28.67
N GLN BA 333 -10.26 143.97 27.94
CA GLN BA 333 -9.00 144.50 28.39
C GLN BA 333 -8.46 145.62 27.52
N LEU BA 334 -9.35 146.27 26.78
CA LEU BA 334 -8.97 147.36 25.93
C LEU BA 334 -9.60 148.63 26.45
N PRO BA 335 -8.85 149.78 26.30
CA PRO BA 335 -9.42 151.00 26.88
C PRO BA 335 -10.66 151.58 26.26
N PRO BA 336 -11.46 152.25 27.09
CA PRO BA 336 -12.70 152.86 26.60
C PRO BA 336 -12.52 153.37 25.21
N ARG BA 337 -11.31 153.84 24.94
CA ARG BA 337 -10.95 154.39 23.66
C ARG BA 337 -11.14 153.37 22.58
N GLY BA 338 -10.76 152.13 22.85
CA GLY BA 338 -10.91 151.05 21.88
C GLY BA 338 -12.19 150.26 22.00
N LEU BA 339 -12.91 150.44 23.08
CA LEU BA 339 -14.15 149.70 23.28
C LEU BA 339 -15.23 150.00 22.25
N GLU BA 340 -15.31 151.22 21.76
CA GLU BA 340 -16.36 151.51 20.81
C GLU BA 340 -16.32 150.64 19.54
N ALA BA 341 -15.14 150.44 18.98
CA ALA BA 341 -15.01 149.62 17.79
C ALA BA 341 -15.36 148.16 18.01
N ALA BA 342 -14.89 147.61 19.12
CA ALA BA 342 -15.16 146.23 19.44
C ALA BA 342 -16.64 146.06 19.67
N LEU BA 343 -17.24 147.04 20.33
CA LEU BA 343 -18.66 146.98 20.61
C LEU BA 343 -19.40 146.98 19.30
N GLU BA 344 -18.96 147.80 18.36
CA GLU BA 344 -19.62 147.88 17.07
C GLU BA 344 -19.56 146.53 16.40
N ARG BA 345 -18.42 145.88 16.46
CA ARG BA 345 -18.33 144.55 15.84
C ARG BA 345 -19.24 143.53 16.52
N LEU BA 346 -19.24 143.54 17.85
CA LEU BA 346 -20.06 142.61 18.63
C LEU BA 346 -21.59 142.78 18.61
N PHE BA 347 -22.03 144.02 18.63
CA PHE BA 347 -23.45 144.35 18.66
C PHE BA 347 -23.93 144.96 17.36
N GLY BA 348 -25.06 144.48 16.87
CA GLY BA 348 -25.60 145.00 15.64
C GLY BA 348 -27.07 145.38 15.73
N ARG BA 349 -27.36 146.32 16.61
CA ARG BA 349 -28.72 146.81 16.79
C ARG BA 349 -28.81 147.99 15.85
N LEU BA 350 -27.73 148.16 15.10
CA LEU BA 350 -27.63 149.21 14.11
C LEU BA 350 -28.27 148.63 12.86
N ARG BA 351 -29.49 148.15 13.05
CA ARG BA 351 -30.32 147.55 12.02
C ARG BA 351 -31.64 148.29 11.95
N ILE BA 352 -31.65 149.52 12.44
CA ILE BA 352 -32.88 150.33 12.47
C ILE BA 352 -33.49 150.63 11.09
N THR BA 353 -32.65 150.94 10.11
CA THR BA 353 -33.14 151.25 8.77
C THR BA 353 -32.43 150.39 7.73
N THR BA 416 -34.28 153.76 14.59
CA THR BA 416 -33.51 153.75 13.36
C THR BA 416 -32.02 154.08 13.56
N CYS BA 417 -31.75 155.09 14.38
CA CYS BA 417 -30.37 155.53 14.59
C CYS BA 417 -29.90 155.62 16.02
N THR BA 418 -28.57 155.51 16.18
CA THR BA 418 -27.90 155.57 17.48
C THR BA 418 -27.79 154.22 18.15
N TYR BA 419 -27.59 154.25 19.47
CA TYR BA 419 -27.49 153.01 20.28
C TYR BA 419 -26.14 152.76 20.99
N ALA BA 420 -26.13 151.68 21.76
CA ALA BA 420 -24.94 151.20 22.47
C ALA BA 420 -24.17 152.20 23.31
N ALA BA 421 -24.85 152.99 24.14
CA ALA BA 421 -24.13 153.92 24.99
C ALA BA 421 -23.39 153.03 25.98
N PHE BA 422 -22.21 153.42 26.42
CA PHE BA 422 -21.46 152.62 27.39
C PHE BA 422 -20.72 153.47 28.41
N ALA BA 423 -20.51 152.95 29.61
CA ALA BA 423 -19.82 153.64 30.69
C ALA BA 423 -18.85 152.68 31.33
N GLU BA 424 -17.80 153.17 31.96
CA GLU BA 424 -16.82 152.27 32.57
C GLU BA 424 -17.16 152.03 34.01
N LEU BA 425 -17.47 150.80 34.38
CA LEU BA 425 -17.80 150.46 35.77
C LEU BA 425 -16.67 150.54 36.77
N GLY BA 426 -15.52 150.06 36.37
CA GLY BA 426 -14.37 150.03 37.24
C GLY BA 426 -13.34 149.23 36.51
N VAL BA 427 -12.23 148.90 37.17
CA VAL BA 427 -11.19 148.12 36.52
C VAL BA 427 -10.79 146.94 37.36
N MET BA 428 -11.14 145.73 36.95
CA MET BA 428 -10.69 144.60 37.76
C MET BA 428 -9.32 144.05 37.37
N PRO BA 429 -8.30 144.10 38.32
CA PRO BA 429 -7.02 143.52 37.88
C PRO BA 429 -6.82 142.01 38.22
N ASP BA 430 -7.90 141.35 38.69
CA ASP BA 430 -7.89 139.92 39.03
C ASP BA 430 -8.81 139.16 38.04
N ASP BA 431 -8.25 138.20 37.31
CA ASP BA 431 -8.98 137.47 36.28
C ASP BA 431 -9.55 136.03 36.42
N SER BA 432 -9.47 135.37 37.56
CA SER BA 432 -9.95 133.97 37.64
C SER BA 432 -11.13 133.52 38.54
N PRO BA 433 -12.03 134.42 38.94
CA PRO BA 433 -13.11 134.05 39.82
C PRO BA 433 -14.41 133.85 39.11
N ARG BA 434 -14.50 133.74 37.80
CA ARG BA 434 -15.91 133.61 37.41
C ARG BA 434 -16.37 132.17 37.62
N CYS BA 435 -17.44 132.03 38.39
CA CYS BA 435 -17.82 130.72 38.92
C CYS BA 435 -19.14 130.28 38.31
N LEU BA 436 -19.38 128.99 38.23
CA LEU BA 436 -20.65 128.55 37.67
C LEU BA 436 -21.57 128.33 38.86
N HIS BA 437 -21.84 129.41 39.60
CA HIS BA 437 -22.67 129.26 40.78
C HIS BA 437 -24.14 129.54 40.57
N ARG BA 438 -24.91 128.46 40.60
CA ARG BA 438 -26.35 128.49 40.43
C ARG BA 438 -27.09 129.20 41.56
N THR BA 439 -26.64 128.98 42.80
CA THR BA 439 -27.32 129.55 43.95
C THR BA 439 -27.38 131.07 44.02
N GLU BA 440 -28.57 131.54 44.37
CA GLU BA 440 -28.87 132.95 44.51
C GLU BA 440 -30.20 133.09 45.24
N ARG BA 441 -30.53 134.30 45.66
CA ARG BA 441 -31.81 134.53 46.35
C ARG BA 441 -32.15 133.48 47.39
N VAL BA 445 -34.85 129.73 45.05
CA VAL BA 445 -34.66 130.41 43.76
C VAL BA 445 -33.19 130.60 43.46
N GLY BA 446 -32.67 129.82 42.52
CA GLY BA 446 -31.27 129.92 42.15
C GLY BA 446 -31.02 130.34 40.72
N VAL BA 447 -30.20 131.37 40.55
CA VAL BA 447 -29.84 131.90 39.24
C VAL BA 447 -28.35 131.77 39.05
N PRO BA 448 -27.91 131.26 37.84
CA PRO BA 448 -26.45 131.16 37.72
C PRO BA 448 -25.91 132.57 37.52
N VAL BA 449 -24.87 132.91 38.27
CA VAL BA 449 -24.29 134.23 38.17
C VAL BA 449 -22.79 134.15 38.03
N VAL BA 450 -22.21 135.01 37.21
CA VAL BA 450 -20.77 135.04 37.06
C VAL BA 450 -20.30 136.00 38.12
N ILE BA 451 -19.31 135.58 38.90
CA ILE BA 451 -18.78 136.40 39.95
C ILE BA 451 -17.37 136.76 39.54
N LEU BA 452 -17.05 138.04 39.61
CA LEU BA 452 -15.73 138.50 39.25
C LEU BA 452 -15.10 139.04 40.51
N GLU BA 453 -13.92 138.52 40.80
CA GLU BA 453 -13.20 138.89 42.00
C GLU BA 453 -12.13 139.94 41.77
N GLY BA 454 -12.06 140.91 42.66
CA GLY BA 454 -11.06 141.94 42.56
C GLY BA 454 -11.57 143.23 41.98
N VAL BA 455 -12.83 143.29 41.60
CA VAL BA 455 -13.27 144.56 41.04
C VAL BA 455 -12.95 145.74 41.92
N VAL BA 456 -12.45 146.79 41.30
CA VAL BA 456 -12.12 148.04 41.94
C VAL BA 456 -13.02 148.96 41.14
N TRP BA 457 -13.75 149.84 41.79
CA TRP BA 457 -14.66 150.69 41.05
C TRP BA 457 -14.10 152.04 40.69
N ARG BA 458 -14.04 152.32 39.40
CA ARG BA 458 -13.63 153.59 38.91
C ARG BA 458 -14.88 153.77 38.10
N PRO BA 459 -15.83 154.66 38.57
CA PRO BA 459 -17.07 154.72 37.78
C PRO BA 459 -17.05 155.19 36.31
N GLY BA 460 -16.37 156.28 35.99
CA GLY BA 460 -16.39 156.72 34.60
C GLY BA 460 -17.71 157.36 34.29
N GLY BA 461 -17.92 157.79 33.06
CA GLY BA 461 -19.16 158.45 32.66
C GLY BA 461 -19.69 157.88 31.36
N TRP BA 462 -20.98 158.09 31.08
CA TRP BA 462 -21.63 157.59 29.87
C TRP BA 462 -21.05 158.15 28.60
N ARG BA 463 -20.49 157.29 27.76
CA ARG BA 463 -19.88 157.70 26.50
C ARG BA 463 -20.55 157.12 25.27
N ALA BA 464 -21.77 156.65 25.38
CA ALA BA 464 -22.45 156.07 24.22
C ALA BA 464 -23.12 157.14 23.35
N CYS BA 465 -22.78 157.16 22.06
CA CYS BA 465 -23.34 158.14 21.14
C CYS BA 465 -23.32 157.71 19.67
N CYS CA 5 -32.28 21.18 45.86
CA CYS CA 5 -33.23 21.63 44.84
C CYS CA 5 -32.40 22.42 43.83
N PHE CA 6 -31.23 22.87 44.29
CA PHE CA 6 -30.48 23.91 43.59
C PHE CA 6 -31.34 25.16 43.48
N GLU CA 7 -31.48 25.92 44.55
CA GLU CA 7 -32.16 27.19 44.45
C GLU CA 7 -31.27 28.20 43.72
N ALA CA 8 -31.88 29.03 42.89
CA ALA CA 8 -31.22 30.16 42.25
C ALA CA 8 -31.91 31.43 42.73
N ASP CA 9 -31.13 32.40 43.20
CA ASP CA 9 -31.66 33.53 43.93
C ASP CA 9 -31.63 34.77 43.05
N ILE CA 10 -32.80 35.19 42.58
CA ILE CA 10 -32.92 36.36 41.73
C ILE CA 10 -32.90 37.61 42.60
N ALA CA 11 -32.13 38.60 42.20
CA ALA CA 11 -31.89 39.78 43.03
C ALA CA 11 -32.86 40.88 42.67
N ILE CA 12 -33.75 41.21 43.60
CA ILE CA 12 -34.65 42.35 43.41
C ILE CA 12 -33.80 43.61 43.25
N PRO CA 13 -34.17 44.53 42.36
CA PRO CA 13 -33.37 45.75 42.20
C PRO CA 13 -33.49 46.68 43.39
N SER CA 14 -33.02 47.91 43.20
CA SER CA 14 -33.01 48.91 44.26
C SER CA 14 -34.44 49.29 44.60
N GLY CA 15 -34.60 50.28 45.47
CA GLY CA 15 -35.85 50.49 46.16
C GLY CA 15 -37.08 50.44 45.29
N ILE CA 16 -38.04 49.61 45.69
CA ILE CA 16 -39.27 49.42 44.96
C ILE CA 16 -40.42 49.92 45.82
N SER CA 17 -41.49 50.32 45.17
CA SER CA 17 -42.63 50.84 45.92
C SER CA 17 -43.23 49.73 46.77
N ARG CA 18 -43.82 50.15 47.89
CA ARG CA 18 -44.52 49.21 48.74
C ARG CA 18 -45.64 48.45 48.05
N PRO CA 19 -46.41 49.05 47.14
CA PRO CA 19 -47.37 48.24 46.39
C PRO CA 19 -46.72 47.26 45.41
N ASP CA 20 -45.52 47.57 44.91
CA ASP CA 20 -44.83 46.62 44.06
C ASP CA 20 -44.29 45.44 44.87
N ALA CA 21 -43.72 45.72 46.03
CA ALA CA 21 -43.25 44.63 46.88
C ALA CA 21 -44.37 43.69 47.25
N ALA CA 22 -45.60 44.19 47.34
CA ALA CA 22 -46.72 43.31 47.59
C ALA CA 22 -47.19 42.62 46.33
N ALA CA 23 -46.84 43.15 45.16
CA ALA CA 23 -47.13 42.44 43.93
C ALA CA 23 -46.26 41.20 43.82
N LEU CA 24 -44.99 41.31 44.18
CA LEU CA 24 -44.10 40.16 44.14
C LEU CA 24 -44.49 39.12 45.17
N GLN CA 25 -44.87 39.54 46.38
CA GLN CA 25 -45.25 38.57 47.40
C GLN CA 25 -46.32 37.64 46.89
N ARG CA 26 -47.18 38.11 46.02
CA ARG CA 26 -48.24 37.31 45.46
C ARG CA 26 -47.79 36.46 44.28
N CYS CA 27 -46.51 36.56 43.90
CA CYS CA 27 -45.96 35.83 42.78
C CYS CA 27 -45.26 34.54 43.19
N GLU CA 28 -45.32 34.16 44.45
CA GLU CA 28 -44.78 32.88 44.86
C GLU CA 28 -45.63 31.77 44.30
N GLY CA 29 -45.00 30.75 43.73
CA GLY CA 29 -45.70 29.67 43.08
C GLY CA 29 -45.92 29.88 41.60
N ARG CA 30 -45.24 30.85 41.00
CA ARG CA 30 -45.37 31.19 39.60
C ARG CA 30 -44.12 30.75 38.86
N VAL CA 31 -44.28 30.39 37.60
CA VAL CA 31 -43.17 29.86 36.82
C VAL CA 31 -42.39 30.99 36.21
N VAL CA 32 -41.08 30.92 36.36
CA VAL CA 32 -40.13 31.83 35.75
C VAL CA 32 -39.23 31.05 34.82
N PHE CA 33 -38.84 31.68 33.73
CA PHE CA 33 -37.85 31.12 32.83
C PHE CA 33 -36.60 31.93 33.04
N LEU CA 34 -35.53 31.26 33.43
CA LEU CA 34 -34.28 31.91 33.75
C LEU CA 34 -33.25 31.59 32.69
N PRO CA 35 -32.58 32.57 32.10
CA PRO CA 35 -31.78 32.30 30.90
C PRO CA 35 -30.63 31.36 31.14
N THR CA 36 -29.97 31.46 32.28
CA THR CA 36 -28.89 30.56 32.65
C THR CA 36 -29.06 30.20 34.10
N ILE CA 37 -28.47 29.07 34.49
CA ILE CA 37 -28.73 28.47 35.79
C ILE CA 37 -27.73 29.00 36.83
N ARG CA 38 -27.00 30.03 36.47
CA ARG CA 38 -26.20 30.75 37.44
C ARG CA 38 -26.99 31.02 38.71
N ARG CA 39 -26.36 30.78 39.85
CA ARG CA 39 -26.95 30.92 41.20
C ARG CA 39 -27.34 32.33 41.50
N GLN CA 40 -26.66 33.28 40.92
CA GLN CA 40 -26.99 34.65 41.15
C GLN CA 40 -27.48 35.22 39.84
N LEU CA 41 -28.72 35.68 39.76
CA LEU CA 41 -29.27 36.27 38.55
C LEU CA 41 -29.98 37.54 38.92
N ALA CA 42 -30.11 38.45 37.98
CA ALA CA 42 -30.78 39.70 38.16
C ALA CA 42 -32.24 39.55 37.95
N LEU CA 43 -33.01 40.55 38.32
CA LEU CA 43 -34.43 40.47 37.99
C LEU CA 43 -34.70 40.90 36.56
N ALA CA 44 -33.97 41.89 36.06
CA ALA CA 44 -34.17 42.31 34.68
C ALA CA 44 -33.93 41.19 33.69
N ASP CA 45 -33.07 40.23 34.03
CA ASP CA 45 -32.82 39.12 33.12
C ASP CA 45 -34.05 38.23 32.97
N VAL CA 46 -34.84 38.09 34.03
CA VAL CA 46 -36.06 37.29 34.03
C VAL CA 46 -37.24 38.05 33.46
N ALA CA 47 -37.28 39.36 33.62
CA ALA CA 47 -38.47 40.11 33.28
C ALA CA 47 -38.77 40.02 31.79
N HIS CA 48 -40.04 40.21 31.46
CA HIS CA 48 -40.47 40.04 30.07
C HIS CA 48 -39.78 40.99 29.12
N GLU CA 49 -39.26 42.11 29.62
CA GLU CA 49 -38.45 42.99 28.79
C GLU CA 49 -37.16 42.34 28.33
N SER CA 50 -36.83 41.16 28.85
CA SER CA 50 -35.66 40.43 28.43
C SER CA 50 -35.97 39.39 27.37
N PHE CA 51 -37.22 39.30 26.94
CA PHE CA 51 -37.59 38.42 25.84
C PHE CA 51 -37.52 39.10 24.50
N VAL CA 52 -37.28 40.41 24.48
CA VAL CA 52 -37.11 41.13 23.22
C VAL CA 52 -36.00 40.49 22.42
N SER CA 53 -36.23 40.34 21.12
CA SER CA 53 -35.24 39.72 20.25
C SER CA 53 -34.95 40.57 19.03
N GLY CA 54 -35.96 40.76 18.18
CA GLY CA 54 -35.81 41.51 16.95
C GLY CA 54 -36.10 42.98 17.09
N GLY CA 55 -35.95 43.51 18.30
CA GLY CA 55 -36.34 44.87 18.59
C GLY CA 55 -37.78 45.00 19.01
N VAL CA 56 -38.54 43.91 19.04
CA VAL CA 56 -39.94 43.93 19.40
C VAL CA 56 -40.17 42.99 20.57
N SER CA 57 -41.28 43.20 21.25
CA SER CA 57 -41.75 42.24 22.21
C SER CA 57 -42.26 41.01 21.47
N PRO CA 58 -41.90 39.80 21.90
CA PRO CA 58 -42.17 38.62 21.09
C PRO CA 58 -43.64 38.28 21.04
N ASP CA 59 -44.04 37.74 19.90
CA ASP CA 59 -45.39 37.24 19.70
C ASP CA 59 -45.52 35.90 20.42
N THR CA 60 -46.65 35.23 20.24
CA THR CA 60 -46.83 33.93 20.89
C THR CA 60 -45.86 32.91 20.34
N LEU CA 61 -45.47 33.04 19.07
CA LEU CA 61 -44.46 32.14 18.54
C LEU CA 61 -43.09 32.47 19.09
N GLY CA 62 -42.73 33.75 19.07
CA GLY CA 62 -41.44 34.15 19.62
C GLY CA 62 -41.30 33.76 21.08
N LEU CA 63 -42.40 33.83 21.83
CA LEU CA 63 -42.38 33.34 23.20
C LEU CA 63 -42.10 31.85 23.23
N LEU CA 64 -42.98 31.05 22.62
CA LEU CA 64 -42.82 29.59 22.62
C LEU CA 64 -41.43 29.15 22.21
N LEU CA 65 -40.77 29.91 21.34
CA LEU CA 65 -39.34 29.69 21.11
C LEU CA 65 -38.56 29.84 22.39
N ALA CA 66 -38.72 30.97 23.07
CA ALA CA 66 -37.93 31.24 24.26
C ALA CA 66 -38.24 30.25 25.37
N TYR CA 67 -39.51 29.89 25.54
CA TYR CA 67 -39.86 28.92 26.56
C TYR CA 67 -39.16 27.57 26.31
N ARG CA 68 -38.73 27.34 25.11
CA ARG CA 68 -38.02 26.12 24.83
C ARG CA 68 -36.54 26.33 24.93
N ARG CA 69 -36.09 27.53 25.20
CA ARG CA 69 -34.66 27.76 25.20
C ARG CA 69 -34.01 28.12 26.55
N ARG CA 70 -34.81 28.59 27.48
CA ARG CA 70 -34.40 28.98 28.81
C ARG CA 70 -34.98 28.03 29.82
N PHE CA 71 -34.67 28.20 31.09
CA PHE CA 71 -35.08 27.23 32.05
C PHE CA 71 -36.21 27.63 32.96
N PRO CA 72 -37.35 26.96 32.90
CA PRO CA 72 -38.37 27.42 33.81
C PRO CA 72 -38.07 27.08 35.24
N ALA CA 73 -38.25 27.98 36.18
CA ALA CA 73 -38.04 27.63 37.55
C ALA CA 73 -39.23 28.12 38.34
N VAL CA 74 -39.84 27.31 39.15
CA VAL CA 74 -40.95 27.74 39.95
C VAL CA 74 -40.45 28.64 41.08
N ILE CA 75 -41.22 29.64 41.47
CA ILE CA 75 -40.80 30.52 42.52
C ILE CA 75 -41.12 29.89 43.84
N THR CA 76 -40.14 29.72 44.72
CA THR CA 76 -40.45 29.03 45.96
C THR CA 76 -40.73 30.00 47.09
N ARG CA 77 -39.79 30.89 47.35
CA ARG CA 77 -39.95 31.88 48.39
C ARG CA 77 -39.63 33.25 47.86
N VAL CA 78 -40.49 34.23 48.03
CA VAL CA 78 -40.11 35.57 47.59
C VAL CA 78 -39.72 36.34 48.82
N LEU CA 79 -38.54 36.91 48.78
CA LEU CA 79 -38.02 37.62 49.91
C LEU CA 79 -37.73 39.02 49.49
N PRO CA 80 -37.85 39.99 50.42
CA PRO CA 80 -37.49 41.31 49.97
C PRO CA 80 -36.01 41.25 49.74
N THR CA 81 -35.67 41.70 48.56
CA THR CA 81 -34.32 41.79 48.01
C THR CA 81 -33.79 40.46 47.50
N ARG CA 82 -34.69 39.51 47.22
CA ARG CA 82 -34.35 38.26 46.56
C ARG CA 82 -35.61 37.72 45.90
N ILE CA 83 -35.43 36.76 45.01
CA ILE CA 83 -36.46 35.82 44.64
C ILE CA 83 -35.78 34.48 44.50
N VAL CA 84 -36.34 33.45 45.13
CA VAL CA 84 -35.73 32.15 45.16
C VAL CA 84 -36.57 31.22 44.31
N ALA CA 85 -36.03 30.81 43.16
CA ALA CA 85 -36.74 29.96 42.23
C ALA CA 85 -35.89 28.73 41.93
N CYS CA 86 -36.51 27.56 41.91
CA CYS CA 86 -35.77 26.31 41.84
C CYS CA 86 -35.98 25.70 40.45
N PRO CA 87 -34.98 25.70 39.56
CA PRO CA 87 -35.19 25.29 38.18
C PRO CA 87 -35.78 23.90 38.06
N VAL CA 88 -36.73 23.76 37.14
CA VAL CA 88 -37.45 22.51 36.94
C VAL CA 88 -36.58 21.44 36.29
N ASP CA 89 -35.52 21.82 35.59
CA ASP CA 89 -34.82 20.87 34.77
C ASP CA 89 -33.71 20.13 35.52
N LEU CA 90 -33.41 20.55 36.74
CA LEU CA 90 -32.17 20.15 37.41
C LEU CA 90 -32.43 19.32 38.66
N GLY CA 91 -31.76 18.20 38.66
CA GLY CA 91 -31.86 17.24 39.72
C GLY CA 91 -32.44 15.99 39.15
N LEU CA 92 -32.68 15.04 40.03
CA LEU CA 92 -33.24 13.79 39.61
C LEU CA 92 -34.69 13.99 39.29
N THR CA 93 -35.21 13.09 38.47
CA THR CA 93 -36.60 13.09 38.09
C THR CA 93 -37.44 12.61 39.26
N HIS CA 94 -38.71 12.96 39.26
CA HIS CA 94 -39.61 12.60 40.34
C HIS CA 94 -39.06 13.05 41.70
N ALA CA 95 -38.52 14.26 41.82
CA ALA CA 95 -38.06 14.75 43.16
C ALA CA 95 -38.11 16.28 43.20
N GLY CA 96 -37.95 16.90 44.36
CA GLY CA 96 -38.09 18.33 44.48
C GLY CA 96 -39.47 18.83 44.29
N THR CA 97 -40.41 18.28 45.03
CA THR CA 97 -41.75 18.73 44.91
C THR CA 97 -41.73 20.18 45.33
N VAL CA 98 -42.22 21.05 44.47
CA VAL CA 98 -42.31 22.47 44.71
C VAL CA 98 -43.70 22.84 44.34
N ASN CA 99 -44.32 23.73 45.08
CA ASN CA 99 -45.66 24.10 44.76
C ASN CA 99 -45.87 25.04 43.65
N LEU CA 100 -46.82 24.72 42.81
CA LEU CA 100 -47.23 25.61 41.74
C LEU CA 100 -48.42 26.46 42.15
N ARG CA 101 -48.89 27.28 41.22
CA ARG CA 101 -50.19 27.91 41.33
C ARG CA 101 -51.01 27.51 40.12
N ASN CA 102 -52.20 26.99 40.36
CA ASN CA 102 -53.06 26.68 39.25
C ASN CA 102 -53.69 27.94 38.71
N THR CA 103 -53.83 27.95 37.40
CA THR CA 103 -54.49 29.01 36.65
C THR CA 103 -55.44 28.31 35.66
N SER CA 104 -56.69 28.77 35.58
CA SER CA 104 -57.72 28.20 34.69
C SER CA 104 -58.29 26.79 35.04
N PRO CA 105 -58.19 25.76 34.09
CA PRO CA 105 -58.78 24.46 34.51
C PRO CA 105 -58.06 23.78 35.65
N VAL CA 106 -58.76 22.89 36.33
CA VAL CA 106 -58.25 22.18 37.48
C VAL CA 106 -57.16 21.23 37.05
N ASP CA 107 -56.09 21.17 37.84
CA ASP CA 107 -54.98 20.27 37.54
C ASP CA 107 -55.31 19.06 38.33
N LEU CA 108 -55.75 17.99 37.70
CA LEU CA 108 -56.04 16.84 38.53
C LEU CA 108 -54.74 16.16 38.96
N CYS CA 109 -54.87 15.03 39.63
CA CYS CA 109 -53.79 14.44 40.41
C CYS CA 109 -52.60 14.07 39.55
N ASN CA 110 -52.70 14.21 38.23
CA ASN CA 110 -51.56 14.01 37.35
C ASN CA 110 -51.74 14.84 36.10
N GLY CA 111 -50.99 14.49 35.07
CA GLY CA 111 -51.21 15.04 33.75
C GLY CA 111 -50.12 15.96 33.26
N ASP CA 112 -49.08 16.15 34.02
CA ASP CA 112 -47.92 16.79 33.46
C ASP CA 112 -48.17 18.20 32.94
N PRO CA 113 -48.35 19.19 33.81
CA PRO CA 113 -48.58 20.56 33.33
C PRO CA 113 -47.52 21.05 32.36
N VAL CA 114 -47.99 21.65 31.29
CA VAL CA 114 -47.16 22.41 30.38
C VAL CA 114 -47.29 23.87 30.73
N SER CA 115 -46.21 24.61 30.61
CA SER CA 115 -46.26 26.05 30.80
C SER CA 115 -46.29 26.63 29.41
N LEU CA 116 -47.47 27.05 28.98
CA LEU CA 116 -47.69 27.70 27.71
C LEU CA 116 -47.80 29.20 27.89
N VAL CA 117 -47.44 29.91 26.83
CA VAL CA 117 -47.37 31.37 26.79
C VAL CA 117 -48.66 31.97 27.35
N PRO CA 118 -48.61 33.15 27.95
CA PRO CA 118 -49.84 33.73 28.54
C PRO CA 118 -50.90 34.14 27.52
N PRO CA 119 -50.56 34.69 26.32
CA PRO CA 119 -51.60 35.39 25.52
C PRO CA 119 -52.76 34.51 25.12
N VAL CA 120 -52.58 33.19 25.12
CA VAL CA 120 -53.62 32.22 24.79
C VAL CA 120 -54.91 32.44 25.57
N PHE CA 121 -54.82 33.12 26.70
CA PHE CA 121 -55.95 33.43 27.56
C PHE CA 121 -55.88 34.95 27.76
N GLU CA 122 -56.69 35.48 28.68
CA GLU CA 122 -56.68 36.92 28.86
C GLU CA 122 -55.28 37.48 28.79
N GLY CA 123 -55.06 38.38 27.83
CA GLY CA 123 -53.72 38.67 27.36
C GLY CA 123 -52.82 39.37 28.35
N GLN CA 124 -53.21 40.59 28.67
CA GLN CA 124 -52.55 41.44 29.64
C GLN CA 124 -52.83 40.95 31.04
N ALA CA 125 -53.90 40.20 31.19
CA ALA CA 125 -54.22 39.65 32.48
C ALA CA 125 -53.07 38.71 32.64
N THR CA 126 -52.38 38.89 33.77
CA THR CA 126 -51.11 38.28 34.23
C THR CA 126 -49.83 39.02 33.87
N ASP CA 127 -49.94 40.23 33.33
CA ASP CA 127 -48.75 41.01 33.03
C ASP CA 127 -48.02 41.39 34.30
N VAL CA 128 -48.73 41.65 35.41
CA VAL CA 128 -48.10 41.97 36.72
C VAL CA 128 -47.00 43.03 36.66
N ARG CA 129 -47.39 44.25 36.33
CA ARG CA 129 -46.34 45.24 36.11
C ARG CA 129 -45.78 45.77 37.42
N LEU CA 130 -44.49 46.07 37.41
CA LEU CA 130 -43.81 46.77 38.51
C LEU CA 130 -43.36 48.12 37.99
N GLU CA 131 -44.02 49.17 38.45
CA GLU CA 131 -43.72 50.50 37.93
C GLU CA 131 -42.46 51.09 38.55
N SER CA 132 -42.21 50.81 39.83
CA SER CA 132 -41.10 51.45 40.52
C SER CA 132 -39.78 51.18 39.82
N LEU CA 133 -39.54 49.93 39.48
CA LEU CA 133 -38.33 49.54 38.78
C LEU CA 133 -38.51 49.42 37.28
N ASP CA 134 -39.72 49.62 36.78
CA ASP CA 134 -40.04 49.70 35.35
C ASP CA 134 -39.66 48.40 34.63
N LEU CA 135 -40.38 47.35 35.01
CA LEU CA 135 -40.24 46.06 34.39
C LEU CA 135 -41.59 45.34 34.55
N THR CA 136 -41.71 44.13 34.02
CA THR CA 136 -42.96 43.44 33.98
C THR CA 136 -42.67 41.93 33.90
N LEU CA 137 -43.66 41.12 34.25
CA LEU CA 137 -43.49 39.69 34.36
C LEU CA 137 -44.72 39.03 33.79
N ARG CA 138 -44.56 38.18 32.80
CA ARG CA 138 -45.67 37.45 32.24
C ARG CA 138 -45.48 35.99 32.58
N PHE CA 139 -46.29 35.51 33.38
CA PHE CA 139 -46.08 34.16 33.84
C PHE CA 139 -46.83 33.19 32.94
N PRO CA 140 -46.23 32.11 32.51
CA PRO CA 140 -46.93 31.17 31.65
C PRO CA 140 -48.06 30.50 32.41
N VAL CA 141 -49.02 29.97 31.66
CA VAL CA 141 -50.15 29.31 32.29
C VAL CA 141 -49.86 27.83 32.41
N PRO CA 142 -50.04 27.25 33.57
CA PRO CA 142 -49.75 25.82 33.77
C PRO CA 142 -50.88 24.88 33.35
N LEU CA 143 -50.94 24.46 32.11
CA LEU CA 143 -52.04 23.62 31.72
C LEU CA 143 -51.57 22.18 31.45
N PRO CA 144 -52.44 21.19 31.63
CA PRO CA 144 -52.06 19.80 31.34
C PRO CA 144 -51.71 19.61 29.89
N THR CA 145 -50.85 18.62 29.61
CA THR CA 145 -50.40 18.42 28.24
C THR CA 145 -51.54 18.11 27.27
N PRO CA 146 -52.46 17.18 27.56
CA PRO CA 146 -53.52 16.95 26.57
C PRO CA 146 -54.33 18.20 26.31
N LEU CA 147 -54.62 18.97 27.34
CA LEU CA 147 -55.41 20.17 27.15
C LEU CA 147 -54.58 21.30 26.57
N ALA CA 148 -53.31 21.41 26.97
CA ALA CA 148 -52.47 22.46 26.42
C ALA CA 148 -52.31 22.29 24.91
N ARG CA 149 -52.12 21.05 24.45
CA ARG CA 149 -51.97 20.82 23.03
C ARG CA 149 -53.28 21.00 22.30
N GLU CA 150 -54.38 20.55 22.91
CA GLU CA 150 -55.68 20.77 22.29
C GLU CA 150 -55.95 22.25 22.08
N ILE CA 151 -55.62 23.07 23.09
CA ILE CA 151 -55.86 24.51 22.98
C ILE CA 151 -54.98 25.12 21.92
N VAL CA 152 -53.67 24.97 22.03
CA VAL CA 152 -52.77 25.67 21.11
C VAL CA 152 -53.09 25.31 19.67
N ALA CA 153 -53.49 24.07 19.40
CA ALA CA 153 -53.93 23.73 18.07
C ALA CA 153 -55.31 24.30 17.79
N ARG CA 154 -56.15 24.36 18.82
CA ARG CA 154 -57.50 24.89 18.66
C ARG CA 154 -57.47 26.34 18.21
N LEU CA 155 -56.52 27.12 18.70
CA LEU CA 155 -56.48 28.54 18.37
C LEU CA 155 -55.85 28.81 17.01
N VAL CA 156 -54.79 28.09 16.66
CA VAL CA 156 -54.27 28.26 15.31
C VAL CA 156 -55.27 27.73 14.29
N ALA CA 157 -56.09 26.74 14.67
CA ALA CA 157 -57.19 26.33 13.83
C ALA CA 157 -58.17 27.47 13.62
N ARG CA 158 -58.56 28.14 14.71
CA ARG CA 158 -59.41 29.31 14.58
C ARG CA 158 -58.70 30.44 13.87
N GLY CA 159 -57.38 30.50 13.98
CA GLY CA 159 -56.64 31.49 13.22
C GLY CA 159 -56.49 31.17 11.76
N ILE CA 160 -56.96 30.03 11.29
CA ILE CA 160 -56.88 29.78 9.86
C ILE CA 160 -58.18 30.22 9.22
N ARG CA 161 -59.26 30.15 10.00
CA ARG CA 161 -60.57 30.53 9.58
C ARG CA 161 -60.60 31.98 9.42
N ASP CA 162 -60.01 32.68 10.35
CA ASP CA 162 -59.93 34.11 10.35
C ASP CA 162 -59.11 34.63 9.21
N LEU CA 163 -58.06 33.89 8.79
CA LEU CA 163 -57.13 34.36 7.72
C LEU CA 163 -57.95 34.64 6.52
N ASN CA 164 -58.60 33.65 5.93
CA ASN CA 164 -59.68 34.07 5.05
C ASN CA 164 -60.99 33.39 5.38
N PRO CA 165 -62.00 34.19 5.80
CA PRO CA 165 -63.34 33.79 6.21
C PRO CA 165 -64.35 34.50 5.35
N ASP CA 166 -65.59 34.07 5.32
CA ASP CA 166 -66.48 34.88 4.51
C ASP CA 166 -67.21 35.82 5.46
N PRO CA 174 -69.40 25.90 13.36
CA PRO CA 174 -69.03 25.07 14.51
C PRO CA 174 -67.98 25.74 15.38
N ASP CA 175 -68.33 26.04 16.62
CA ASP CA 175 -67.48 26.84 17.48
C ASP CA 175 -66.30 26.03 17.97
N LEU CA 176 -65.09 26.51 17.69
CA LEU CA 176 -63.88 25.94 18.25
C LEU CA 176 -63.65 26.37 19.69
N ASN CA 177 -64.24 27.51 20.03
CA ASN CA 177 -64.04 28.17 21.31
C ASN CA 177 -64.47 27.53 22.61
N VAL CA 178 -65.63 26.91 22.65
CA VAL CA 178 -66.07 26.32 23.90
C VAL CA 178 -65.52 24.92 23.99
N LEU CA 179 -64.62 24.75 24.95
CA LEU CA 179 -63.98 23.49 25.23
C LEU CA 179 -64.59 23.06 26.53
N TYR CA 180 -65.13 21.86 26.58
CA TYR CA 180 -65.70 21.39 27.80
C TYR CA 180 -64.59 20.55 28.34
N TYR CA 181 -64.15 20.86 29.54
CA TYR CA 181 -63.03 20.09 30.12
C TYR CA 181 -63.30 19.42 31.46
N ASN CA 182 -63.98 18.27 31.42
CA ASN CA 182 -64.28 17.54 32.64
C ASN CA 182 -65.38 18.26 33.43
N GLY CA 183 -65.10 19.51 33.75
CA GLY CA 183 -66.06 20.29 34.51
C GLY CA 183 -66.64 21.42 33.69
N ALA CA 184 -67.96 21.50 33.70
CA ALA CA 184 -68.64 22.55 32.98
C ALA CA 184 -68.10 22.68 31.57
N ARG CA 185 -67.85 23.93 31.21
CA ARG CA 185 -67.35 24.28 29.91
C ARG CA 185 -66.30 25.32 30.15
N LEU CA 186 -65.27 25.31 29.31
CA LEU CA 186 -64.19 26.24 29.42
C LEU CA 186 -64.40 27.27 28.35
N SER CA 187 -64.16 28.54 28.59
CA SER CA 187 -64.45 29.54 27.54
C SER CA 187 -63.16 29.97 26.87
N LEU CA 188 -63.17 30.14 25.56
CA LEU CA 188 -61.88 30.42 24.94
C LEU CA 188 -61.86 31.93 24.74
N VAL CA 189 -62.83 32.35 23.96
CA VAL CA 189 -63.08 33.73 23.59
C VAL CA 189 -63.42 34.57 24.82
N ALA CA 190 -62.72 35.69 24.90
CA ALA CA 190 -63.01 36.75 25.85
C ALA CA 190 -63.76 37.88 25.07
N ASP CA 191 -64.18 37.56 23.83
CA ASP CA 191 -64.90 38.42 22.91
C ASP CA 191 -64.12 39.69 22.75
N VAL CA 192 -64.81 40.82 22.77
CA VAL CA 192 -64.22 42.16 22.72
C VAL CA 192 -63.19 42.29 21.58
N GLN CA 193 -62.05 42.87 21.85
CA GLN CA 193 -60.97 42.96 20.89
C GLN CA 193 -59.82 42.04 21.36
N GLN CA 194 -60.06 41.27 22.43
CA GLN CA 194 -59.06 40.39 22.98
C GLN CA 194 -58.74 39.44 21.87
N LEU CA 195 -59.77 38.94 21.19
CA LEU CA 195 -59.49 38.09 20.04
C LEU CA 195 -58.61 38.80 19.03
N ALA CA 196 -58.89 40.09 18.78
CA ALA CA 196 -58.04 40.84 17.87
C ALA CA 196 -56.63 40.94 18.41
N SER CA 197 -56.47 40.95 19.73
CA SER CA 197 -55.14 40.88 20.33
C SER CA 197 -54.61 39.46 20.34
N VAL CA 198 -55.45 38.48 20.66
CA VAL CA 198 -55.02 37.09 20.56
C VAL CA 198 -54.67 36.75 19.12
N ASN CA 199 -55.55 37.09 18.19
CA ASN CA 199 -55.32 36.69 16.81
C ASN CA 199 -54.14 37.42 16.21
N THR CA 200 -53.79 38.60 16.71
CA THR CA 200 -52.65 39.30 16.12
C THR CA 200 -51.33 38.69 16.59
N GLU CA 201 -51.32 38.08 17.76
CA GLU CA 201 -50.11 37.44 18.23
C GLU CA 201 -49.95 36.03 17.69
N LEU CA 202 -51.05 35.32 17.47
CA LEU CA 202 -50.94 34.04 16.78
C LEU CA 202 -50.74 34.20 15.28
N ARG CA 203 -50.82 35.44 14.80
CA ARG CA 203 -50.66 35.75 13.38
C ARG CA 203 -49.42 35.08 12.79
N SER CA 204 -48.30 35.17 13.49
CA SER CA 204 -47.05 34.63 12.96
C SER CA 204 -46.94 33.13 13.18
N LEU CA 205 -47.65 32.59 14.18
CA LEU CA 205 -47.66 31.16 14.37
C LEU CA 205 -48.57 30.50 13.35
N VAL CA 206 -49.67 31.16 13.00
CA VAL CA 206 -50.60 30.62 12.02
C VAL CA 206 -49.91 30.45 10.69
N LEU CA 207 -49.09 31.42 10.29
CA LEU CA 207 -48.48 31.37 8.97
C LEU CA 207 -47.48 30.25 8.87
N ASN CA 208 -46.59 30.14 9.84
CA ASN CA 208 -45.64 29.03 9.85
C ASN CA 208 -46.38 27.71 9.85
N MET CA 209 -47.59 27.69 10.37
CA MET CA 209 -48.39 26.48 10.27
C MET CA 209 -48.98 26.32 8.87
N VAL CA 210 -49.60 27.38 8.35
CA VAL CA 210 -50.18 27.31 7.01
C VAL CA 210 -49.11 26.99 6.00
N TYR CA 211 -47.96 27.65 6.10
CA TYR CA 211 -46.88 27.42 5.15
C TYR CA 211 -46.40 25.98 5.20
N SER CA 212 -46.11 25.48 6.39
CA SER CA 212 -45.52 24.16 6.52
C SER CA 212 -46.47 23.08 6.04
N ILE CA 213 -47.77 23.33 6.03
CA ILE CA 213 -48.70 22.37 5.45
C ILE CA 213 -48.68 22.48 3.94
N THR CA 214 -49.08 23.63 3.41
CA THR CA 214 -49.12 23.86 1.97
C THR CA 214 -47.79 23.51 1.31
N GLU CA 215 -46.69 23.77 1.99
CA GLU CA 215 -45.38 23.42 1.45
C GLU CA 215 -45.08 21.94 1.61
N GLY CA 216 -45.74 21.26 2.55
CA GLY CA 216 -45.53 19.84 2.70
C GLY CA 216 -46.28 19.01 1.69
N THR CA 217 -47.57 19.29 1.52
CA THR CA 217 -48.37 18.55 0.55
C THR CA 217 -47.79 18.71 -0.85
N THR CA 218 -47.77 19.94 -1.35
CA THR CA 218 -47.29 20.18 -2.69
C THR CA 218 -45.93 19.57 -2.92
N LEU CA 219 -45.14 19.40 -1.87
CA LEU CA 219 -43.83 18.80 -2.01
C LEU CA 219 -43.90 17.28 -2.08
N ILE CA 220 -44.87 16.66 -1.41
CA ILE CA 220 -45.05 15.23 -1.60
C ILE CA 220 -45.88 14.95 -2.86
N LEU CA 221 -46.91 15.76 -3.11
CA LEU CA 221 -47.72 15.56 -4.30
C LEU CA 221 -46.90 15.73 -5.57
N THR CA 222 -45.84 16.52 -5.52
CA THR CA 222 -44.95 16.55 -6.68
C THR CA 222 -43.98 15.39 -6.66
N LEU CA 223 -43.61 14.92 -5.47
CA LEU CA 223 -42.53 13.94 -5.39
C LEU CA 223 -43.02 12.53 -5.70
N ILE CA 224 -44.20 12.16 -5.22
CA ILE CA 224 -44.68 10.79 -5.42
C ILE CA 224 -44.83 10.54 -6.92
N PRO CA 225 -45.60 11.34 -7.67
CA PRO CA 225 -45.61 11.15 -9.13
C PRO CA 225 -44.28 11.45 -9.79
N ARG CA 226 -43.34 12.09 -9.11
CA ARG CA 226 -42.02 12.33 -9.71
C ARG CA 226 -40.97 11.41 -9.09
N LEU CA 227 -41.48 10.32 -8.57
CA LEU CA 227 -40.83 9.20 -7.94
C LEU CA 227 -41.85 8.05 -8.10
N LEU CA 228 -41.32 6.81 -8.10
CA LEU CA 228 -41.99 5.48 -8.35
C LEU CA 228 -42.11 5.19 -9.86
N ALA CA 229 -41.61 6.13 -10.64
CA ALA CA 229 -41.53 6.13 -12.07
C ALA CA 229 -40.04 6.17 -12.48
N LEU CA 230 -39.15 5.87 -11.53
CA LEU CA 230 -37.72 5.89 -11.73
C LEU CA 230 -37.04 4.79 -10.91
N GLY CA 235 -39.36 0.14 -8.48
CA GLY CA 235 -39.07 -1.06 -7.71
C GLY CA 235 -40.04 -1.27 -6.56
N TYR CA 236 -39.53 -1.83 -5.47
CA TYR CA 236 -40.36 -1.97 -4.27
C TYR CA 236 -40.94 -0.63 -3.83
N VAL CA 237 -40.21 0.46 -4.11
CA VAL CA 237 -40.75 1.81 -3.91
C VAL CA 237 -42.13 1.93 -4.52
N ASN CA 238 -42.21 1.74 -5.84
CA ASN CA 238 -43.47 1.89 -6.57
C ASN CA 238 -44.59 1.05 -5.96
N ALA CA 239 -44.41 -0.28 -5.97
CA ALA CA 239 -45.48 -1.18 -5.58
C ALA CA 239 -45.99 -0.86 -4.17
N LEU CA 240 -45.09 -0.86 -3.19
CA LEU CA 240 -45.51 -0.65 -1.81
C LEU CA 240 -46.17 0.71 -1.62
N LEU CA 241 -45.63 1.75 -2.26
CA LEU CA 241 -46.18 3.10 -2.15
C LEU CA 241 -47.63 3.11 -2.58
N GLN CA 242 -47.89 2.86 -3.86
CA GLN CA 242 -49.25 2.90 -4.38
C GLN CA 242 -50.14 1.87 -3.71
N MET CA 243 -49.55 0.83 -3.12
CA MET CA 243 -50.31 -0.24 -2.47
C MET CA 243 -51.21 0.29 -1.37
N GLN CA 244 -50.60 0.76 -0.28
CA GLN CA 244 -51.36 1.25 0.87
C GLN CA 244 -51.84 2.68 0.70
N SER CA 245 -51.43 3.36 -0.37
CA SER CA 245 -51.86 4.72 -0.65
C SER CA 245 -53.13 4.77 -1.47
N VAL CA 246 -53.75 3.63 -1.75
CA VAL CA 246 -54.90 3.55 -2.63
C VAL CA 246 -56.00 4.48 -2.15
N THR CA 247 -56.45 5.36 -3.04
CA THR CA 247 -57.54 6.30 -2.80
C THR CA 247 -57.26 7.22 -1.61
N ARG CA 248 -55.99 7.42 -1.26
CA ARG CA 248 -55.64 8.27 -0.14
C ARG CA 248 -54.63 9.32 -0.57
N GLU CA 249 -53.40 8.88 -0.86
CA GLU CA 249 -52.40 9.79 -1.39
C GLU CA 249 -52.70 10.15 -2.84
N ALA CA 250 -52.96 9.14 -3.67
CA ALA CA 250 -53.23 9.39 -5.08
C ALA CA 250 -54.50 10.21 -5.27
N ALA CA 251 -55.56 9.88 -4.54
CA ALA CA 251 -56.79 10.65 -4.62
C ALA CA 251 -56.54 12.10 -4.22
N GLN CA 252 -55.83 12.31 -3.11
CA GLN CA 252 -55.47 13.65 -2.70
C GLN CA 252 -54.58 14.32 -3.73
N LEU CA 253 -53.85 13.54 -4.52
CA LEU CA 253 -53.01 14.11 -5.57
C LEU CA 253 -53.86 14.71 -6.68
N ILE CA 254 -54.81 13.93 -7.19
CA ILE CA 254 -55.68 14.43 -8.27
C ILE CA 254 -56.51 15.61 -7.78
N HIS CA 255 -57.03 15.53 -6.54
CA HIS CA 255 -57.87 16.61 -6.03
C HIS CA 255 -57.08 17.88 -5.80
N PRO CA 256 -55.92 17.85 -5.14
CA PRO CA 256 -55.16 19.10 -5.02
C PRO CA 256 -54.64 19.61 -6.35
N GLU CA 257 -54.12 18.72 -7.21
CA GLU CA 257 -53.70 19.15 -8.54
C GLU CA 257 -54.88 19.70 -9.34
N ALA CA 258 -56.09 19.23 -9.05
CA ALA CA 258 -57.28 19.87 -9.62
C ALA CA 258 -57.37 21.33 -9.24
N PRO CA 259 -57.48 21.70 -7.96
CA PRO CA 259 -57.48 23.10 -7.56
C PRO CA 259 -56.09 23.61 -7.14
N MET CA 260 -55.11 23.44 -8.01
CA MET CA 260 -53.77 23.99 -7.81
C MET CA 260 -52.99 23.81 -9.11
N LEU CA 261 -51.72 24.23 -9.08
CA LEU CA 261 -50.80 24.00 -10.17
C LEU CA 261 -50.04 22.70 -9.93
N MET CA 262 -49.02 22.45 -10.76
CA MET CA 262 -48.24 21.22 -10.70
C MET CA 262 -47.84 20.79 -9.30
N ARG CA 267 -39.45 18.86 -11.39
CA ARG CA 267 -38.24 19.61 -11.04
C ARG CA 267 -37.47 18.95 -9.91
N ARG CA 268 -36.88 17.77 -10.16
CA ARG CA 268 -36.16 17.05 -9.10
C ARG CA 268 -35.10 17.92 -8.44
N LEU CA 269 -34.44 18.81 -9.19
CA LEU CA 269 -33.38 19.60 -8.58
C LEU CA 269 -33.92 20.62 -7.58
N PRO CA 270 -34.90 21.48 -7.92
CA PRO CA 270 -35.51 22.31 -6.86
C PRO CA 270 -36.31 21.49 -5.88
N LEU CA 271 -36.94 20.41 -6.34
CA LEU CA 271 -37.63 19.50 -5.43
C LEU CA 271 -36.75 19.11 -4.26
N TYR CA 272 -35.62 18.45 -4.56
CA TYR CA 272 -34.76 17.94 -3.51
C TYR CA 272 -34.21 19.06 -2.62
N GLU CA 273 -33.92 20.21 -3.18
CA GLU CA 273 -33.40 21.30 -2.36
C GLU CA 273 -34.49 21.99 -1.56
N ALA CA 274 -35.74 21.91 -2.02
CA ALA CA 274 -36.86 22.38 -1.21
C ALA CA 274 -37.31 21.34 -0.19
N LEU CA 275 -37.12 20.06 -0.51
CA LEU CA 275 -37.44 19.02 0.46
C LEU CA 275 -36.51 19.10 1.65
N VAL CA 276 -35.31 19.62 1.46
CA VAL CA 276 -34.40 19.85 2.57
C VAL CA 276 -34.90 20.98 3.45
N ALA CA 277 -35.18 22.13 2.83
CA ALA CA 277 -35.54 23.31 3.59
C ALA CA 277 -36.89 23.14 4.28
N TRP CA 278 -37.80 22.37 3.69
CA TRP CA 278 -39.04 22.10 4.38
C TRP CA 278 -38.83 21.16 5.55
N LEU CA 279 -38.09 20.07 5.31
CA LEU CA 279 -37.92 19.05 6.34
C LEU CA 279 -37.37 19.65 7.61
N ALA CA 280 -36.54 20.67 7.49
CA ALA CA 280 -36.02 21.36 8.67
C ALA CA 280 -37.09 22.21 9.31
N HIS CA 281 -37.60 23.19 8.58
CA HIS CA 281 -38.65 24.06 9.10
C HIS CA 281 -39.79 23.28 9.74
N ALA CA 282 -40.16 22.14 9.16
CA ALA CA 282 -41.20 21.31 9.76
C ALA CA 282 -40.84 20.95 11.20
N GLY CA 283 -39.74 20.22 11.38
CA GLY CA 283 -39.39 19.74 12.71
C GLY CA 283 -39.11 20.84 13.71
N GLN CA 284 -38.75 22.03 13.22
CA GLN CA 284 -38.63 23.19 14.10
C GLN CA 284 -39.99 23.58 14.66
N LEU CA 285 -41.06 23.34 13.93
CA LEU CA 285 -42.41 23.60 14.45
C LEU CA 285 -42.87 22.50 15.38
N GLY CA 286 -42.53 21.25 15.08
CA GLY CA 286 -42.83 20.18 16.00
C GLY CA 286 -42.12 20.35 17.32
N ASP CA 287 -40.97 21.00 17.31
CA ASP CA 287 -40.27 21.28 18.56
C ASP CA 287 -40.95 22.40 19.33
N ILE CA 288 -41.20 23.53 18.68
CA ILE CA 288 -41.95 24.63 19.28
C ILE CA 288 -43.26 24.11 19.86
N LEU CA 289 -44.02 23.54 18.95
CA LEU CA 289 -45.26 22.90 19.29
C LEU CA 289 -44.92 21.59 20.00
N ALA CA 290 -45.97 20.99 20.55
CA ALA CA 290 -46.08 19.74 21.35
C ALA CA 290 -45.84 20.01 22.84
N LEU CA 291 -45.49 21.25 23.17
CA LEU CA 291 -45.38 21.69 24.54
C LEU CA 291 -44.97 20.65 25.54
N ALA CA 292 -43.79 20.06 25.36
CA ALA CA 292 -43.31 18.97 26.19
C ALA CA 292 -43.54 19.33 27.65
N PRO CA 293 -44.07 18.42 28.46
CA PRO CA 293 -44.37 18.76 29.85
C PRO CA 293 -43.13 19.08 30.63
N ALA CA 294 -43.19 20.16 31.40
CA ALA CA 294 -42.10 20.43 32.32
C ALA CA 294 -42.14 19.54 33.55
N VAL CA 295 -43.34 19.31 34.11
CA VAL CA 295 -43.48 18.70 35.42
C VAL CA 295 -44.67 17.75 35.36
N ARG CA 296 -44.94 17.02 36.44
CA ARG CA 296 -46.17 16.30 36.71
C ARG CA 296 -46.74 16.81 38.02
N VAL CA 297 -48.00 16.49 38.25
CA VAL CA 297 -48.59 16.59 39.58
C VAL CA 297 -48.65 15.18 40.16
N CYS CA 298 -48.01 14.99 41.30
CA CYS CA 298 -48.21 13.80 42.13
C CYS CA 298 -48.49 14.30 43.55
N THR CA 299 -49.73 14.16 43.99
CA THR CA 299 -50.15 14.65 45.28
C THR CA 299 -50.11 13.53 46.31
N PHE CA 300 -50.50 13.86 47.53
CA PHE CA 300 -50.56 12.94 48.65
C PHE CA 300 -51.11 13.76 49.79
N ASP CA 301 -51.98 13.18 50.58
CA ASP CA 301 -52.48 13.93 51.71
C ASP CA 301 -52.81 15.26 51.10
N GLY CA 302 -53.48 15.25 49.97
CA GLY CA 302 -53.84 16.45 49.28
C GLY CA 302 -55.18 16.25 48.65
N ALA CA 303 -55.76 17.31 48.17
CA ALA CA 303 -57.09 17.30 47.60
C ALA CA 303 -57.33 16.37 46.43
N ALA CA 304 -56.29 16.20 45.60
CA ALA CA 304 -56.16 15.38 44.38
C ALA CA 304 -56.60 16.08 43.14
N VAL CA 305 -57.18 17.26 43.32
CA VAL CA 305 -57.61 18.10 42.25
C VAL CA 305 -57.24 19.46 42.76
N VAL CA 306 -56.55 20.24 41.99
CA VAL CA 306 -56.15 21.52 42.49
C VAL CA 306 -57.05 22.52 41.83
N GLN CA 307 -57.83 23.19 42.65
CA GLN CA 307 -58.77 24.19 42.21
C GLN CA 307 -58.04 25.41 41.74
N SER CA 308 -58.61 26.09 40.78
CA SER CA 308 -57.90 27.17 40.15
C SER CA 308 -57.43 28.12 41.19
N GLY CA 309 -56.23 28.61 41.01
CA GLY CA 309 -55.65 29.53 41.95
C GLY CA 309 -55.20 28.92 43.25
N ASP CA 310 -55.01 27.62 43.29
CA ASP CA 310 -54.55 27.01 44.52
C ASP CA 310 -53.24 26.34 44.27
N MET CA 311 -52.34 26.40 45.24
CA MET CA 311 -51.04 25.79 45.08
C MET CA 311 -51.20 24.33 44.96
N ALA CA 312 -50.45 23.80 44.04
CA ALA CA 312 -50.50 22.40 43.72
C ALA CA 312 -49.12 21.77 43.83
N PRO CA 313 -49.02 20.57 44.40
CA PRO CA 313 -47.75 19.86 44.38
C PRO CA 313 -47.37 19.58 42.94
N VAL CA 314 -46.09 19.34 42.69
CA VAL CA 314 -45.63 19.08 41.33
C VAL CA 314 -44.22 18.47 41.32
N ILE CA 315 -43.89 17.60 40.40
CA ILE CA 315 -42.58 16.99 40.44
C ILE CA 315 -41.96 17.09 39.10
N ARG CA 316 -40.65 17.03 39.06
CA ARG CA 316 -39.89 17.31 37.87
C ARG CA 316 -40.09 16.57 36.56
N TYR CA 317 -40.33 15.27 36.54
CA TYR CA 317 -40.51 14.64 35.24
C TYR CA 317 -41.83 13.91 35.12
N PRO CA 318 -42.56 14.17 34.02
CA PRO CA 318 -43.85 13.63 33.60
C PRO CA 318 -44.34 12.38 34.36
N CYS DA 5 -26.65 5.41 39.51
CA CYS DA 5 -26.51 5.92 38.16
C CYS DA 5 -26.48 4.79 37.17
N PHE DA 6 -26.77 3.57 37.63
CA PHE DA 6 -26.71 2.42 36.74
C PHE DA 6 -25.65 2.62 35.67
N GLU DA 7 -24.40 2.74 36.07
CA GLU DA 7 -23.31 2.77 35.12
C GLU DA 7 -23.02 1.39 34.53
N ALA DA 8 -22.72 1.35 33.25
CA ALA DA 8 -22.35 0.12 32.56
C ALA DA 8 -20.85 0.07 32.42
N ASP DA 9 -20.23 -0.93 33.03
CA ASP DA 9 -18.80 -1.13 32.88
C ASP DA 9 -18.49 -1.81 31.56
N ILE DA 10 -17.35 -1.46 30.98
CA ILE DA 10 -16.92 -2.02 29.71
C ILE DA 10 -15.46 -2.41 29.87
N ALA DA 11 -15.17 -3.70 29.74
CA ALA DA 11 -13.87 -4.23 30.08
C ALA DA 11 -12.91 -4.08 28.91
N ILE DA 12 -11.79 -3.41 29.14
CA ILE DA 12 -10.70 -3.41 28.17
C ILE DA 12 -10.03 -4.77 28.19
N PRO DA 13 -10.07 -5.56 27.11
CA PRO DA 13 -9.52 -6.86 27.53
C PRO DA 13 -8.10 -7.17 27.22
N SER DA 14 -7.33 -7.52 28.24
CA SER DA 14 -5.92 -7.88 28.15
C SER DA 14 -5.14 -6.78 27.47
N GLY DA 15 -4.29 -7.28 26.58
CA GLY DA 15 -3.27 -6.52 25.92
C GLY DA 15 -3.87 -5.26 25.43
N ILE DA 16 -3.21 -4.21 25.86
CA ILE DA 16 -3.60 -2.92 25.49
C ILE DA 16 -2.20 -2.37 25.61
N SER DA 17 -1.73 -1.75 24.55
CA SER DA 17 -0.40 -1.17 24.52
C SER DA 17 -0.40 0.20 25.16
N ARG DA 18 0.78 0.72 25.47
CA ARG DA 18 0.83 2.06 26.04
C ARG DA 18 0.28 3.12 25.10
N PRO DA 19 0.54 3.07 23.79
CA PRO DA 19 -0.03 4.11 22.94
C PRO DA 19 -1.52 3.98 22.77
N ASP DA 20 -2.05 2.76 22.80
CA ASP DA 20 -3.50 2.59 22.68
C ASP DA 20 -4.22 2.97 23.97
N ALA DA 21 -3.64 2.62 25.12
CA ALA DA 21 -4.24 3.01 26.38
C ALA DA 21 -4.22 4.51 26.58
N ALA DA 22 -3.23 5.19 25.99
CA ALA DA 22 -3.23 6.65 26.04
C ALA DA 22 -4.28 7.24 25.13
N ALA DA 23 -4.71 6.49 24.12
CA ALA DA 23 -5.78 6.95 23.26
C ALA DA 23 -7.12 6.87 23.96
N LEU DA 24 -7.34 5.82 24.76
CA LEU DA 24 -8.59 5.72 25.49
C LEU DA 24 -8.67 6.72 26.62
N GLN DA 25 -7.53 7.21 27.12
CA GLN DA 25 -7.58 8.17 28.21
C GLN DA 25 -8.30 9.44 27.80
N ARG DA 26 -8.18 9.83 26.54
CA ARG DA 26 -8.79 11.06 26.06
C ARG DA 26 -10.16 10.83 25.45
N CYS DA 27 -10.68 9.61 25.53
CA CYS DA 27 -12.02 9.32 25.03
C CYS DA 27 -13.10 9.52 26.07
N GLU DA 28 -12.76 9.97 27.28
CA GLU DA 28 -13.77 10.30 28.25
C GLU DA 28 -14.57 11.50 27.79
N GLY DA 29 -15.87 11.46 28.06
CA GLY DA 29 -16.78 12.49 27.57
C GLY DA 29 -17.36 12.21 26.21
N ARG DA 30 -16.87 11.19 25.53
CA ARG DA 30 -17.39 10.81 24.22
C ARG DA 30 -18.54 9.83 24.41
N VAL DA 31 -19.16 9.45 23.30
CA VAL DA 31 -20.40 8.68 23.35
C VAL DA 31 -20.17 7.30 22.78
N VAL DA 32 -20.85 6.34 23.37
CA VAL DA 32 -20.80 4.93 22.97
C VAL DA 32 -22.22 4.43 22.78
N PHE DA 33 -22.42 3.52 21.85
CA PHE DA 33 -23.71 2.87 21.64
C PHE DA 33 -23.55 1.40 22.03
N LEU DA 34 -24.24 0.94 23.09
CA LEU DA 34 -24.17 -0.47 23.61
C LEU DA 34 -25.42 -1.22 23.28
N PRO DA 35 -25.30 -2.49 22.91
CA PRO DA 35 -26.43 -3.11 22.25
C PRO DA 35 -27.34 -3.87 23.22
N THR DA 36 -27.64 -3.23 24.33
CA THR DA 36 -28.26 -3.83 25.52
C THR DA 36 -28.25 -2.82 26.64
N ILE DA 37 -28.88 -3.12 27.75
CA ILE DA 37 -28.64 -2.42 28.99
C ILE DA 37 -28.03 -3.42 29.94
N ARG DA 38 -26.73 -3.28 30.21
CA ARG DA 38 -25.98 -4.29 30.93
C ARG DA 38 -25.19 -3.64 32.06
N ARG DA 39 -24.65 -4.61 32.82
CA ARG DA 39 -23.78 -4.45 33.95
C ARG DA 39 -22.42 -5.06 33.63
N GLN DA 40 -22.40 -6.12 32.85
CA GLN DA 40 -21.16 -6.78 32.45
C GLN DA 40 -21.23 -6.74 30.96
N LEU DA 41 -20.14 -6.37 30.31
CA LEU DA 41 -20.16 -6.23 28.87
C LEU DA 41 -18.75 -6.40 28.36
N ALA DA 42 -18.61 -6.63 27.06
CA ALA DA 42 -17.30 -6.83 26.50
C ALA DA 42 -16.93 -5.62 25.69
N LEU DA 43 -15.64 -5.32 25.58
CA LEU DA 43 -15.20 -4.13 24.86
C LEU DA 43 -15.57 -4.14 23.38
N ALA DA 44 -15.65 -5.32 22.81
CA ALA DA 44 -15.89 -5.57 21.40
C ALA DA 44 -17.36 -5.43 21.01
N ASP DA 45 -18.28 -5.42 21.98
CA ASP DA 45 -19.67 -5.14 21.66
C ASP DA 45 -19.89 -3.67 21.31
N VAL DA 46 -19.05 -2.79 21.84
CA VAL DA 46 -19.12 -1.37 21.52
C VAL DA 46 -18.41 -0.99 20.23
N ALA DA 47 -17.40 -1.75 19.81
CA ALA DA 47 -16.55 -1.33 18.71
C ALA DA 47 -17.33 -1.26 17.42
N HIS DA 48 -16.77 -0.51 16.47
CA HIS DA 48 -17.37 -0.39 15.15
C HIS DA 48 -17.45 -1.72 14.43
N GLU DA 49 -16.66 -2.71 14.84
CA GLU DA 49 -16.80 -4.04 14.29
C GLU DA 49 -18.13 -4.67 14.65
N SER DA 50 -18.80 -4.18 15.69
CA SER DA 50 -20.12 -4.68 16.05
C SER DA 50 -21.20 -4.03 15.21
N PHE DA 51 -20.99 -2.80 14.77
CA PHE DA 51 -21.92 -2.15 13.85
C PHE DA 51 -22.05 -2.90 12.54
N VAL DA 52 -21.11 -3.80 12.25
CA VAL DA 52 -21.13 -4.49 10.97
C VAL DA 52 -22.31 -5.45 10.94
N SER DA 53 -23.20 -5.23 9.98
CA SER DA 53 -24.31 -6.13 9.72
C SER DA 53 -23.75 -7.35 8.99
N GLY DA 54 -24.60 -8.20 8.43
CA GLY DA 54 -24.03 -9.36 7.80
C GLY DA 54 -23.06 -8.95 6.70
N GLY DA 55 -21.78 -9.25 6.92
CA GLY DA 55 -20.74 -9.05 5.96
C GLY DA 55 -20.40 -7.62 5.62
N VAL DA 56 -21.20 -6.64 6.02
CA VAL DA 56 -21.08 -5.29 5.48
C VAL DA 56 -21.19 -4.24 6.59
N SER DA 57 -20.37 -3.22 6.39
CA SER DA 57 -20.28 -2.10 7.25
C SER DA 57 -21.40 -1.21 6.81
N PRO DA 58 -22.17 -0.68 7.77
CA PRO DA 58 -23.24 0.19 7.31
C PRO DA 58 -22.67 1.50 6.81
N ASP DA 59 -23.37 2.13 5.87
CA ASP DA 59 -22.95 3.43 5.34
C ASP DA 59 -23.24 4.46 6.39
N THR DA 60 -23.27 5.73 6.02
CA THR DA 60 -23.55 6.76 7.00
C THR DA 60 -25.02 7.08 7.17
N LEU DA 61 -25.90 6.32 6.52
CA LEU DA 61 -27.33 6.43 6.76
C LEU DA 61 -27.66 5.12 7.46
N GLY DA 62 -26.84 4.09 7.24
CA GLY DA 62 -26.96 2.84 7.95
C GLY DA 62 -26.61 2.99 9.41
N LEU DA 63 -25.61 3.83 9.73
CA LEU DA 63 -25.30 4.02 11.15
C LEU DA 63 -26.45 4.68 11.89
N LEU DA 64 -26.99 5.77 11.34
CA LEU DA 64 -28.16 6.40 11.96
C LEU DA 64 -29.22 5.38 12.30
N LEU DA 65 -29.44 4.40 11.42
CA LEU DA 65 -30.39 3.35 11.73
C LEU DA 65 -29.85 2.40 12.78
N ALA DA 66 -28.53 2.24 12.85
CA ALA DA 66 -27.96 1.46 13.94
C ALA DA 66 -27.96 2.23 15.25
N TYR DA 67 -27.67 3.54 15.20
CA TYR DA 67 -27.79 4.34 16.40
C TYR DA 67 -29.24 4.54 16.80
N ARG DA 68 -30.17 4.38 15.86
CA ARG DA 68 -31.59 4.27 16.22
C ARG DA 68 -31.81 3.14 17.19
N ARG DA 69 -31.37 1.96 16.80
CA ARG DA 69 -31.36 0.79 17.68
C ARG DA 69 -30.09 0.94 18.51
N ARG DA 70 -30.11 0.33 19.71
CA ARG DA 70 -29.08 0.29 20.80
C ARG DA 70 -29.15 1.56 21.63
N PHE DA 71 -28.29 1.71 22.64
CA PHE DA 71 -28.34 2.87 23.55
C PHE DA 71 -27.11 3.80 23.72
N PRO DA 72 -27.24 5.11 23.44
CA PRO DA 72 -26.14 6.04 23.56
C PRO DA 72 -25.73 6.09 24.99
N ALA DA 73 -24.45 6.05 25.26
CA ALA DA 73 -23.93 6.11 26.60
C ALA DA 73 -22.77 7.04 26.50
N VAL DA 74 -22.65 7.99 27.40
CA VAL DA 74 -21.55 8.93 27.40
C VAL DA 74 -20.50 8.43 28.34
N ILE DA 75 -19.27 8.26 27.91
CA ILE DA 75 -18.24 7.77 28.81
C ILE DA 75 -18.02 8.75 29.94
N THR DA 76 -18.10 8.33 31.21
CA THR DA 76 -17.83 9.20 32.34
C THR DA 76 -16.37 9.17 32.79
N ARG DA 77 -15.84 7.96 32.99
CA ARG DA 77 -14.47 7.74 33.42
C ARG DA 77 -13.88 6.49 32.80
N VAL DA 78 -12.57 6.43 32.60
CA VAL DA 78 -11.95 5.23 32.05
C VAL DA 78 -10.87 4.65 32.98
N LEU DA 79 -11.04 3.42 33.44
CA LEU DA 79 -10.12 2.80 34.39
C LEU DA 79 -9.25 1.82 33.71
N PRO DA 80 -8.23 1.30 34.38
CA PRO DA 80 -7.31 0.44 33.66
C PRO DA 80 -7.97 -0.75 33.02
N THR DA 81 -8.92 -1.37 33.69
CA THR DA 81 -9.57 -2.52 33.08
C THR DA 81 -11.05 -2.42 32.75
N ARG DA 82 -11.62 -1.22 32.83
CA ARG DA 82 -13.02 -1.00 32.54
C ARG DA 82 -13.24 0.43 32.06
N ILE DA 83 -14.32 0.65 31.35
CA ILE DA 83 -14.80 1.93 30.85
C ILE DA 83 -16.19 2.14 31.43
N VAL DA 84 -16.39 3.28 32.06
CA VAL DA 84 -17.64 3.56 32.75
C VAL DA 84 -18.42 4.57 31.92
N ALA DA 85 -19.57 4.15 31.41
CA ALA DA 85 -20.46 5.02 30.67
C ALA DA 85 -21.88 4.76 31.15
N CYS DA 86 -22.63 5.82 31.50
CA CYS DA 86 -23.96 5.65 32.08
C CYS DA 86 -25.00 5.86 30.99
N PRO DA 87 -25.85 4.88 30.73
CA PRO DA 87 -26.68 4.87 29.51
C PRO DA 87 -27.81 5.90 29.49
N VAL DA 88 -27.51 7.06 28.92
CA VAL DA 88 -28.39 8.23 28.88
C VAL DA 88 -29.85 7.87 28.61
N ASP DA 89 -30.07 6.90 27.73
CA ASP DA 89 -31.44 6.46 27.47
C ASP DA 89 -32.15 5.99 28.72
N LEU DA 90 -31.41 5.63 29.77
CA LEU DA 90 -31.99 5.13 31.01
C LEU DA 90 -31.44 5.85 32.22
N GLY DA 91 -30.14 5.73 32.45
CA GLY DA 91 -29.50 6.08 33.70
C GLY DA 91 -29.15 7.55 33.78
N LEU DA 92 -29.88 8.36 33.03
CA LEU DA 92 -29.67 9.79 33.03
C LEU DA 92 -29.99 10.44 34.38
N THR DA 93 -30.44 9.66 35.36
CA THR DA 93 -30.84 10.26 36.62
C THR DA 93 -29.69 10.54 37.59
N HIS DA 94 -29.09 11.70 37.36
CA HIS DA 94 -28.01 12.23 38.14
C HIS DA 94 -28.51 13.56 38.62
N ALA DA 95 -28.12 13.96 39.81
CA ALA DA 95 -28.55 15.25 40.30
C ALA DA 95 -27.99 16.36 39.45
N GLY DA 96 -26.74 16.26 39.02
CA GLY DA 96 -26.17 17.35 38.28
C GLY DA 96 -25.84 17.46 36.80
N THR DA 97 -25.75 16.41 36.03
CA THR DA 97 -25.36 16.86 34.68
C THR DA 97 -24.07 16.29 34.10
N VAL DA 98 -24.08 15.05 33.60
CA VAL DA 98 -22.91 14.38 33.03
C VAL DA 98 -22.20 15.16 31.93
N ASN DA 99 -20.88 15.11 31.85
CA ASN DA 99 -20.11 15.90 30.87
C ASN DA 99 -20.07 15.30 29.47
N LEU DA 100 -20.38 16.09 28.46
CA LEU DA 100 -20.37 15.64 27.10
C LEU DA 100 -19.26 16.38 26.44
N ARG DA 101 -18.43 15.69 25.72
CA ARG DA 101 -17.32 16.41 25.17
C ARG DA 101 -17.74 16.83 23.81
N ASN DA 102 -17.78 18.12 23.55
CA ASN DA 102 -18.17 18.60 22.23
C ASN DA 102 -17.10 18.18 21.25
N THR DA 103 -17.46 17.31 20.32
CA THR DA 103 -16.59 16.93 19.21
C THR DA 103 -17.37 17.28 17.96
N SER DA 104 -16.97 18.36 17.33
CA SER DA 104 -17.70 18.96 16.22
C SER DA 104 -17.08 20.30 15.90
N PRO DA 105 -17.19 20.77 14.67
CA PRO DA 105 -16.88 22.18 14.39
C PRO DA 105 -17.85 23.15 15.03
N VAL DA 106 -18.97 22.64 15.54
CA VAL DA 106 -20.13 23.44 15.90
C VAL DA 106 -19.99 23.94 17.35
N ASP DA 107 -20.97 24.63 17.86
CA ASP DA 107 -20.85 25.11 19.23
C ASP DA 107 -22.20 25.12 19.78
N LEU DA 108 -22.27 24.58 20.95
CA LEU DA 108 -23.53 24.33 21.52
C LEU DA 108 -24.55 25.37 21.91
N CYS DA 109 -24.12 26.49 22.49
CA CYS DA 109 -24.98 27.57 23.08
C CYS DA 109 -25.55 27.02 24.39
N ASN DA 110 -26.64 27.53 24.89
CA ASN DA 110 -27.15 27.03 26.14
C ASN DA 110 -28.59 26.63 25.96
N GLY DA 111 -28.96 25.41 26.25
CA GLY DA 111 -30.32 25.03 26.05
C GLY DA 111 -30.48 24.25 24.75
N ASP DA 112 -29.49 24.26 23.89
CA ASP DA 112 -29.55 23.48 22.66
C ASP DA 112 -29.72 22.00 22.96
N PRO DA 113 -30.80 21.40 22.52
CA PRO DA 113 -30.90 19.94 22.60
C PRO DA 113 -29.79 19.34 21.75
N VAL DA 114 -29.23 18.23 22.22
CA VAL DA 114 -28.09 17.63 21.55
C VAL DA 114 -28.50 16.26 21.07
N SER DA 115 -28.53 16.09 19.76
CA SER DA 115 -28.70 14.79 19.12
C SER DA 115 -27.40 14.44 18.43
N LEU DA 116 -27.14 13.14 18.31
CA LEU DA 116 -25.86 12.71 17.82
C LEU DA 116 -25.96 12.40 16.32
N VAL DA 117 -24.79 12.24 15.70
CA VAL DA 117 -24.71 12.03 14.26
C VAL DA 117 -23.46 11.18 14.00
N PRO DA 118 -23.46 10.27 13.04
CA PRO DA 118 -22.23 9.59 12.67
C PRO DA 118 -21.21 10.60 12.19
N PRO DA 119 -19.93 10.30 12.25
CA PRO DA 119 -19.11 11.43 11.80
C PRO DA 119 -19.40 11.74 10.35
N VAL DA 120 -19.69 12.99 10.02
CA VAL DA 120 -20.08 13.39 8.68
C VAL DA 120 -19.44 14.61 8.03
N PHE DA 121 -18.37 15.16 8.58
CA PHE DA 121 -17.78 16.37 8.02
C PHE DA 121 -16.50 16.06 7.30
N GLU DA 122 -16.20 16.80 6.24
CA GLU DA 122 -15.01 16.58 5.44
C GLU DA 122 -13.76 16.81 6.26
N GLY DA 123 -13.73 17.89 7.01
CA GLY DA 123 -12.58 18.15 7.86
C GLY DA 123 -13.07 17.88 9.26
N GLN DA 124 -12.63 16.75 9.80
CA GLN DA 124 -12.98 16.24 11.12
C GLN DA 124 -13.02 14.74 10.93
N ALA DA 125 -13.82 14.07 11.76
CA ALA DA 125 -14.04 12.63 11.74
C ALA DA 125 -13.14 11.94 12.74
N THR DA 126 -13.71 11.43 13.82
CA THR DA 126 -12.90 10.75 14.81
C THR DA 126 -13.17 9.27 14.83
N ASP DA 127 -12.14 8.51 14.51
CA ASP DA 127 -12.20 7.07 14.55
C ASP DA 127 -10.91 6.90 15.28
N VAL DA 128 -10.86 6.07 16.32
CA VAL DA 128 -9.60 5.93 17.01
C VAL DA 128 -9.28 4.46 16.91
N ARG DA 129 -8.21 4.13 16.22
CA ARG DA 129 -7.81 2.75 16.04
C ARG DA 129 -7.03 2.21 17.22
N LEU DA 130 -7.17 0.92 17.49
CA LEU DA 130 -6.46 0.32 18.60
C LEU DA 130 -5.85 -0.97 18.09
N GLU DA 131 -4.52 -1.00 17.95
CA GLU DA 131 -3.87 -2.09 17.23
C GLU DA 131 -3.71 -3.35 18.06
N SER DA 132 -3.54 -3.24 19.37
CA SER DA 132 -3.33 -4.46 20.17
C SER DA 132 -4.47 -5.42 20.00
N LEU DA 133 -5.70 -4.97 20.08
CA LEU DA 133 -6.79 -5.90 19.88
C LEU DA 133 -7.61 -5.38 18.73
N ASP DA 134 -7.85 -6.22 17.75
CA ASP DA 134 -8.48 -5.63 16.64
C ASP DA 134 -9.84 -5.09 16.94
N LEU DA 135 -9.86 -3.77 17.04
CA LEU DA 135 -11.09 -3.00 17.12
C LEU DA 135 -10.91 -1.52 17.00
N THR DA 136 -11.98 -0.82 16.66
CA THR DA 136 -11.91 0.61 16.44
C THR DA 136 -13.05 1.32 17.13
N LEU DA 137 -13.07 2.65 17.13
CA LEU DA 137 -14.21 3.27 17.78
C LEU DA 137 -14.53 4.54 17.01
N ARG DA 138 -15.69 4.59 16.37
CA ARG DA 138 -16.14 5.84 15.78
C ARG DA 138 -17.04 6.56 16.76
N PHE DA 139 -16.65 7.70 17.12
CA PHE DA 139 -17.53 8.34 18.08
C PHE DA 139 -18.48 9.26 17.35
N PRO DA 140 -19.76 9.20 17.68
CA PRO DA 140 -20.72 10.08 17.04
C PRO DA 140 -20.41 11.54 17.33
N VAL DA 141 -20.87 12.40 16.43
CA VAL DA 141 -20.67 13.84 16.57
C VAL DA 141 -21.90 14.43 17.25
N PRO DA 142 -21.78 14.97 18.46
CA PRO DA 142 -22.89 15.72 19.04
C PRO DA 142 -23.10 17.01 18.26
N LEU DA 143 -24.33 17.49 18.29
CA LEU DA 143 -24.77 18.55 17.38
C LEU DA 143 -26.14 19.03 17.82
N PRO DA 144 -26.42 20.32 17.69
CA PRO DA 144 -27.77 20.81 18.01
C PRO DA 144 -28.77 20.13 17.10
N THR DA 145 -29.94 19.81 17.65
CA THR DA 145 -30.97 19.21 16.82
C THR DA 145 -31.35 20.05 15.60
N PRO DA 146 -31.40 21.38 15.65
CA PRO DA 146 -31.60 22.12 14.41
C PRO DA 146 -30.61 21.76 13.33
N LEU DA 147 -29.34 21.64 13.70
CA LEU DA 147 -28.31 21.31 12.72
C LEU DA 147 -28.32 19.83 12.38
N ALA DA 148 -28.49 18.97 13.37
CA ALA DA 148 -28.51 17.54 13.10
C ALA DA 148 -29.68 17.13 12.24
N ARG DA 149 -30.79 17.87 12.32
CA ARG DA 149 -31.92 17.58 11.44
C ARG DA 149 -31.74 18.14 10.06
N GLU DA 150 -30.97 19.22 9.92
CA GLU DA 150 -30.63 19.70 8.58
C GLU DA 150 -29.72 18.72 7.87
N ILE DA 151 -28.80 18.10 8.61
CA ILE DA 151 -27.87 17.15 8.02
C ILE DA 151 -28.60 15.92 7.54
N VAL DA 152 -29.40 15.32 8.42
CA VAL DA 152 -30.12 14.11 8.03
C VAL DA 152 -30.94 14.36 6.79
N ALA DA 153 -31.62 15.50 6.72
CA ALA DA 153 -32.33 15.86 5.51
C ALA DA 153 -31.41 15.87 4.31
N ARG DA 154 -30.19 16.37 4.48
CA ARG DA 154 -29.24 16.39 3.37
C ARG DA 154 -28.87 14.99 2.94
N LEU DA 155 -28.59 14.12 3.90
CA LEU DA 155 -28.21 12.75 3.56
C LEU DA 155 -29.36 11.99 2.96
N VAL DA 156 -30.57 12.19 3.49
CA VAL DA 156 -31.75 11.53 2.94
C VAL DA 156 -31.95 11.95 1.49
N ALA DA 157 -32.06 13.25 1.25
CA ALA DA 157 -32.31 13.73 -0.11
C ALA DA 157 -31.18 13.34 -1.05
N ARG DA 158 -29.94 13.38 -0.59
CA ARG DA 158 -28.83 12.99 -1.46
C ARG DA 158 -28.93 11.53 -1.83
N GLY DA 159 -29.26 10.66 -0.88
CA GLY DA 159 -29.50 9.27 -1.21
C GLY DA 159 -30.71 9.08 -2.09
N ILE DA 160 -31.69 9.97 -1.98
CA ILE DA 160 -32.85 9.90 -2.85
C ILE DA 160 -32.56 10.52 -4.20
N ARG DA 161 -31.88 11.65 -4.27
CA ARG DA 161 -31.62 12.19 -5.59
C ARG DA 161 -30.68 11.27 -6.39
N ASP DA 162 -29.59 10.80 -5.78
CA ASP DA 162 -28.73 9.85 -6.48
C ASP DA 162 -29.38 8.49 -6.66
N LEU DA 163 -30.57 8.27 -6.11
CA LEU DA 163 -31.20 6.95 -6.21
C LEU DA 163 -31.65 6.66 -7.63
N ASN DA 164 -32.34 7.61 -8.23
CA ASN DA 164 -32.84 7.43 -9.58
C ASN DA 164 -31.88 8.38 -10.14
N PRO DA 165 -30.81 7.81 -10.80
CA PRO DA 165 -29.82 8.78 -11.23
C PRO DA 165 -30.42 9.80 -12.14
N ASP DA 166 -30.24 11.07 -11.80
CA ASP DA 166 -30.70 12.08 -12.74
C ASP DA 166 -29.62 12.44 -13.76
N ARG DA 168 -31.97 11.27 -16.57
CA ARG DA 168 -32.99 12.18 -17.07
C ARG DA 168 -32.41 13.58 -17.25
N THR DA 169 -32.49 14.38 -16.20
CA THR DA 169 -31.90 15.71 -16.21
C THR DA 169 -30.38 15.58 -16.26
N PRO DA 170 -29.66 16.66 -16.59
CA PRO DA 170 -28.20 16.54 -16.74
C PRO DA 170 -27.48 16.11 -15.47
N GLY DA 171 -26.17 15.92 -15.57
CA GLY DA 171 -25.37 15.36 -14.50
C GLY DA 171 -24.89 16.33 -13.45
N GLU DA 172 -25.33 17.57 -13.51
CA GLU DA 172 -24.93 18.59 -12.53
C GLU DA 172 -26.16 18.94 -11.69
N LEU DA 173 -26.15 18.48 -10.44
CA LEU DA 173 -27.28 18.55 -9.53
C LEU DA 173 -27.00 19.67 -8.54
N PRO DA 174 -27.91 19.98 -7.61
CA PRO DA 174 -27.59 20.99 -6.60
C PRO DA 174 -26.63 20.43 -5.55
N ASP DA 175 -26.17 21.32 -4.68
CA ASP DA 175 -25.16 20.96 -3.69
C ASP DA 175 -25.64 19.89 -2.72
N LEU DA 176 -26.48 20.30 -1.76
CA LEU DA 176 -27.05 19.39 -0.76
C LEU DA 176 -25.98 18.74 0.11
N ASN DA 177 -24.72 18.92 -0.25
CA ASN DA 177 -23.60 18.38 0.51
C ASN DA 177 -22.98 19.41 1.42
N VAL DA 178 -23.47 20.64 1.41
CA VAL DA 178 -22.83 21.75 2.10
C VAL DA 178 -23.87 22.50 2.93
N LEU DA 179 -23.51 22.87 4.14
CA LEU DA 179 -24.36 23.58 5.08
C LEU DA 179 -23.71 24.90 5.47
N TYR DA 180 -24.39 25.63 6.33
CA TYR DA 180 -23.80 26.73 7.08
C TYR DA 180 -24.40 26.71 8.48
N TYR DA 181 -23.55 26.76 9.49
CA TYR DA 181 -24.00 26.98 10.85
C TYR DA 181 -23.30 28.23 11.34
N ASN DA 182 -24.07 29.30 11.56
CA ASN DA 182 -23.53 30.64 11.77
C ASN DA 182 -22.74 31.00 10.52
N GLY DA 183 -21.45 31.28 10.61
CA GLY DA 183 -20.61 31.34 9.43
C GLY DA 183 -20.20 29.92 9.14
N ALA DA 184 -18.97 29.70 8.70
CA ALA DA 184 -18.42 28.36 8.73
C ALA DA 184 -19.18 27.38 7.85
N ARG DA 185 -18.94 27.45 6.55
CA ARG DA 185 -19.38 26.42 5.63
C ARG DA 185 -19.01 25.03 6.17
N LEU DA 186 -19.99 24.14 6.18
CA LEU DA 186 -19.79 22.79 6.66
C LEU DA 186 -20.05 21.84 5.50
N SER DA 187 -19.03 21.09 5.11
CA SER DA 187 -19.10 20.23 3.94
C SER DA 187 -19.29 18.79 4.41
N LEU DA 188 -20.45 18.22 4.11
CA LEU DA 188 -20.73 16.85 4.48
C LEU DA 188 -19.88 15.90 3.65
N VAL DA 189 -19.74 14.67 4.16
CA VAL DA 189 -19.04 13.62 3.42
C VAL DA 189 -20.04 12.95 2.49
N ALA DA 190 -19.75 12.99 1.19
CA ALA DA 190 -20.54 12.30 0.19
C ALA DA 190 -19.78 11.05 -0.20
N ASP DA 191 -20.25 9.87 0.18
CA ASP DA 191 -19.43 8.70 -0.16
C ASP DA 191 -20.08 7.44 -0.74
N VAL DA 192 -21.08 6.96 -0.05
CA VAL DA 192 -21.77 5.78 -0.51
C VAL DA 192 -23.21 5.93 -0.05
N GLN DA 193 -24.10 5.31 -0.76
CA GLN DA 193 -25.44 5.30 -0.31
C GLN DA 193 -25.83 3.84 -0.50
N GLN DA 194 -26.46 3.23 0.46
CA GLN DA 194 -26.81 1.82 0.25
C GLN DA 194 -28.29 1.62 0.02
N LEU DA 195 -28.66 0.73 -0.89
CA LEU DA 195 -30.09 0.52 -1.11
C LEU DA 195 -30.86 0.53 0.19
N ALA DA 196 -30.60 -0.47 1.05
CA ALA DA 196 -31.44 -0.69 2.22
C ALA DA 196 -31.45 0.52 3.14
N SER DA 197 -30.32 1.21 3.26
CA SER DA 197 -30.26 2.35 4.16
C SER DA 197 -31.10 3.50 3.62
N VAL DA 198 -31.09 3.71 2.31
CA VAL DA 198 -31.88 4.79 1.72
C VAL DA 198 -33.35 4.39 1.62
N ASN DA 199 -33.64 3.12 1.40
CA ASN DA 199 -35.02 2.67 1.32
C ASN DA 199 -35.79 3.04 2.58
N THR DA 200 -35.39 2.48 3.71
CA THR DA 200 -36.07 2.76 4.97
C THR DA 200 -36.20 4.25 5.24
N GLU DA 201 -35.12 5.00 5.02
CA GLU DA 201 -35.21 6.44 5.20
C GLU DA 201 -36.20 7.06 4.23
N LEU DA 202 -36.25 6.56 2.99
CA LEU DA 202 -37.27 7.02 2.06
C LEU DA 202 -38.63 6.44 2.42
N ARG DA 203 -38.66 5.19 2.85
CA ARG DA 203 -39.93 4.54 3.14
C ARG DA 203 -40.68 5.27 4.23
N SER DA 204 -39.99 5.61 5.32
CA SER DA 204 -40.64 6.27 6.44
C SER DA 204 -40.89 7.74 6.17
N LEU DA 205 -40.08 8.37 5.33
CA LEU DA 205 -40.36 9.73 4.91
C LEU DA 205 -41.65 9.80 4.12
N VAL DA 206 -41.73 9.00 3.05
CA VAL DA 206 -42.93 8.94 2.24
C VAL DA 206 -44.14 8.56 3.08
N LEU DA 207 -43.96 7.57 3.95
CA LEU DA 207 -45.09 7.04 4.70
C LEU DA 207 -45.71 8.12 5.59
N ASN DA 208 -44.88 8.87 6.30
CA ASN DA 208 -45.38 9.83 7.26
C ASN DA 208 -45.96 11.08 6.60
N MET DA 209 -45.36 11.54 5.52
CA MET DA 209 -45.90 12.71 4.84
C MET DA 209 -47.27 12.44 4.25
N VAL DA 210 -47.63 11.17 4.06
CA VAL DA 210 -48.97 10.84 3.61
C VAL DA 210 -49.96 10.98 4.74
N TYR DA 211 -49.66 10.39 5.90
CA TYR DA 211 -50.60 10.43 7.01
C TYR DA 211 -50.88 11.84 7.51
N SER DA 212 -50.06 12.80 7.12
CA SER DA 212 -50.26 14.19 7.52
C SER DA 212 -51.27 14.91 6.63
N ILE DA 213 -51.85 14.21 5.68
CA ILE DA 213 -52.84 14.77 4.77
C ILE DA 213 -54.20 14.20 5.14
N THR DA 214 -55.16 15.07 5.40
CA THR DA 214 -56.51 14.66 5.81
C THR DA 214 -57.54 15.41 4.99
N GLU DA 215 -58.82 15.19 5.33
CA GLU DA 215 -59.89 15.91 4.67
C GLU DA 215 -59.77 17.41 4.90
N GLY DA 216 -59.61 17.81 6.17
CA GLY DA 216 -59.43 19.21 6.48
C GLY DA 216 -58.22 19.84 5.84
N THR DA 217 -57.26 19.04 5.39
CA THR DA 217 -56.07 19.58 4.75
C THR DA 217 -56.43 20.36 3.50
N THR DA 218 -57.40 19.87 2.73
CA THR DA 218 -57.82 20.56 1.52
C THR DA 218 -58.28 21.97 1.84
N LEU DA 219 -58.88 22.17 3.01
CA LEU DA 219 -59.25 23.51 3.44
C LEU DA 219 -58.02 24.41 3.56
N ILE DA 220 -56.88 23.84 3.89
CA ILE DA 220 -55.66 24.63 3.99
C ILE DA 220 -55.07 24.90 2.62
N LEU DA 221 -55.08 23.92 1.72
CA LEU DA 221 -54.55 24.12 0.38
C LEU DA 221 -55.27 25.25 -0.35
N THR DA 222 -56.49 25.57 0.07
CA THR DA 222 -57.18 26.74 -0.45
C THR DA 222 -56.39 28.02 -0.22
N LEU DA 223 -55.55 28.05 0.80
CA LEU DA 223 -54.92 29.27 1.26
C LEU DA 223 -53.59 29.57 0.57
N ILE DA 224 -53.15 28.72 -0.36
CA ILE DA 224 -51.91 29.02 -1.08
C ILE DA 224 -51.98 30.34 -1.84
N PRO DA 225 -53.02 30.62 -2.63
CA PRO DA 225 -53.09 31.95 -3.27
C PRO DA 225 -53.10 33.07 -2.26
N ARG DA 226 -53.65 32.81 -1.07
CA ARG DA 226 -53.67 33.81 -0.02
C ARG DA 226 -52.29 34.02 0.57
N LEU DA 227 -51.51 32.94 0.71
CA LEU DA 227 -50.14 33.09 1.19
C LEU DA 227 -49.35 34.01 0.28
N LEU DA 228 -49.34 33.74 -1.02
CA LEU DA 228 -48.56 34.55 -1.92
C LEU DA 228 -49.05 35.99 -1.96
N ALA DA 229 -50.30 36.24 -1.58
CA ALA DA 229 -50.73 37.61 -1.39
C ALA DA 229 -49.93 38.27 -0.27
N LEU DA 230 -49.55 37.50 0.73
CA LEU DA 230 -48.69 37.97 1.80
C LEU DA 230 -47.21 37.82 1.47
N SER DA 231 -46.89 37.03 0.44
CA SER DA 231 -45.50 36.86 0.04
C SER DA 231 -44.80 38.20 -0.07
N ALA DA 232 -45.61 39.01 -0.78
CA ALA DA 232 -45.46 40.38 -1.30
C ALA DA 232 -45.93 41.65 -0.63
N GLN DA 233 -46.63 41.62 0.49
CA GLN DA 233 -46.95 42.88 1.13
C GLN DA 233 -46.55 43.01 2.59
N ASP DA 234 -45.75 42.07 3.06
CA ASP DA 234 -45.21 42.01 4.41
C ASP DA 234 -43.76 41.61 4.29
N GLY DA 235 -42.87 42.11 5.14
CA GLY DA 235 -41.49 41.67 5.01
C GLY DA 235 -41.29 40.29 5.58
N TYR DA 236 -41.97 39.97 6.67
CA TYR DA 236 -42.12 38.59 7.09
C TYR DA 236 -43.08 37.91 6.12
N VAL DA 237 -43.27 36.64 6.19
CA VAL DA 237 -44.19 36.03 5.27
C VAL DA 237 -43.58 36.23 3.96
N ASN DA 238 -42.46 36.89 3.93
CA ASN DA 238 -41.90 37.13 2.61
C ASN DA 238 -40.69 36.26 2.72
N ALA DA 239 -40.06 36.35 3.87
CA ALA DA 239 -38.97 35.60 4.37
C ALA DA 239 -39.41 34.18 4.58
N LEU DA 240 -40.64 33.97 5.02
CA LEU DA 240 -41.11 32.63 5.33
C LEU DA 240 -41.01 31.71 4.15
N LEU DA 241 -41.50 32.16 3.03
CA LEU DA 241 -41.50 31.45 1.76
C LEU DA 241 -40.08 31.45 1.23
N GLN DA 242 -39.42 30.31 1.25
CA GLN DA 242 -38.05 30.27 0.79
C GLN DA 242 -38.00 30.52 -0.71
N MET DA 243 -36.88 31.02 -1.22
CA MET DA 243 -36.93 31.38 -2.64
C MET DA 243 -37.25 30.13 -3.42
N GLN DA 244 -36.62 29.02 -3.07
CA GLN DA 244 -36.92 27.78 -3.73
C GLN DA 244 -38.05 27.17 -2.96
N SER DA 245 -39.27 27.62 -3.24
CA SER DA 245 -40.41 27.16 -2.52
C SER DA 245 -41.31 26.52 -3.53
N VAL DA 246 -41.65 25.27 -3.30
CA VAL DA 246 -42.50 24.58 -4.20
C VAL DA 246 -43.83 25.31 -4.15
N THR DA 247 -44.30 25.59 -2.96
CA THR DA 247 -45.55 26.33 -2.80
C THR DA 247 -45.64 27.49 -3.78
N ARG DA 248 -44.55 28.26 -3.93
CA ARG DA 248 -44.55 29.31 -4.95
C ARG DA 248 -44.81 28.73 -6.33
N GLU DA 249 -44.18 27.60 -6.63
CA GLU DA 249 -44.44 26.93 -7.90
C GLU DA 249 -45.76 26.18 -7.91
N ALA DA 250 -46.33 25.92 -6.73
CA ALA DA 250 -47.60 25.21 -6.67
C ALA DA 250 -48.79 26.09 -7.00
N ALA DA 251 -48.64 27.41 -6.92
CA ALA DA 251 -49.70 28.31 -7.34
C ALA DA 251 -49.49 28.84 -8.75
N GLN DA 252 -48.41 28.45 -9.42
CA GLN DA 252 -48.15 28.89 -10.78
C GLN DA 252 -48.84 27.98 -11.78
N ALA DA 258 -62.71 25.14 -4.48
CA ALA DA 258 -61.62 24.74 -3.59
C ALA DA 258 -62.11 24.05 -2.30
N PRO DA 259 -63.15 24.57 -1.64
CA PRO DA 259 -63.69 23.84 -0.47
C PRO DA 259 -64.15 22.44 -0.81
N MET DA 260 -64.79 22.36 -1.99
CA MET DA 260 -65.40 21.16 -2.60
C MET DA 260 -66.67 20.69 -1.92
N LEU DA 261 -67.30 21.60 -1.19
CA LEU DA 261 -68.50 21.27 -0.46
C LEU DA 261 -68.04 20.05 0.28
N MET DA 262 -68.79 18.97 0.16
CA MET DA 262 -68.43 17.71 0.77
C MET DA 262 -68.11 17.82 2.25
N GLN DA 263 -68.97 18.50 3.00
CA GLN DA 263 -68.78 18.62 4.44
C GLN DA 263 -69.76 17.61 5.00
N ASP DA 264 -69.22 16.69 5.81
CA ASP DA 264 -69.99 15.59 6.39
C ASP DA 264 -70.76 15.93 7.68
N GLY DA 265 -71.86 16.66 7.49
CA GLY DA 265 -72.79 17.03 8.54
C GLY DA 265 -72.47 18.29 9.34
N GLU DA 266 -71.31 18.83 9.02
CA GLU DA 266 -70.79 20.04 9.59
C GLU DA 266 -70.41 19.99 11.05
N ARG DA 267 -70.32 18.83 11.72
CA ARG DA 267 -69.74 19.09 13.03
C ARG DA 267 -68.70 18.00 13.23
N ARG DA 268 -67.46 18.31 12.86
CA ARG DA 268 -66.31 17.46 13.00
C ARG DA 268 -65.15 18.34 13.45
N LEU DA 269 -65.04 19.52 12.81
CA LEU DA 269 -63.94 20.47 12.95
C LEU DA 269 -62.69 19.92 12.28
N PRO DA 270 -62.72 19.79 10.95
CA PRO DA 270 -61.60 19.17 10.25
C PRO DA 270 -60.32 19.99 10.29
N LEU DA 271 -60.41 21.32 10.39
CA LEU DA 271 -59.20 22.11 10.60
C LEU DA 271 -58.40 21.60 11.78
N TYR DA 272 -59.00 21.70 12.97
CA TYR DA 272 -58.35 21.21 14.19
C TYR DA 272 -57.84 19.79 14.01
N GLU DA 273 -58.68 18.89 13.51
CA GLU DA 273 -58.26 17.52 13.31
C GLU DA 273 -57.14 17.42 12.28
N ALA DA 274 -57.09 18.33 11.30
CA ALA DA 274 -56.04 18.27 10.31
C ALA DA 274 -54.70 18.71 10.90
N LEU DA 275 -54.73 19.66 11.83
CA LEU DA 275 -53.51 20.11 12.49
C LEU DA 275 -52.91 18.98 13.32
N VAL DA 276 -53.72 18.41 14.20
CA VAL DA 276 -53.30 17.31 15.04
C VAL DA 276 -52.67 16.21 14.20
N ALA DA 277 -53.34 15.83 13.11
CA ALA DA 277 -52.84 14.77 12.26
C ALA DA 277 -51.49 15.14 11.65
N TRP DA 278 -51.40 16.35 11.10
CA TRP DA 278 -50.13 16.78 10.52
C TRP DA 278 -49.05 16.89 11.57
N LEU DA 279 -49.42 17.39 12.75
CA LEU DA 279 -48.43 17.67 13.79
C LEU DA 279 -47.78 16.39 14.28
N ALA DA 280 -48.57 15.34 14.48
CA ALA DA 280 -48.03 14.04 14.86
C ALA DA 280 -47.04 13.52 13.82
N HIS DA 281 -47.54 13.22 12.62
CA HIS DA 281 -46.74 12.48 11.65
C HIS DA 281 -45.67 13.34 11.01
N ALA DA 282 -46.07 14.48 10.44
CA ALA DA 282 -45.10 15.30 9.71
C ALA DA 282 -44.29 16.16 10.66
N GLY DA 283 -44.90 16.63 11.75
CA GLY DA 283 -44.18 17.43 12.71
C GLY DA 283 -43.01 16.71 13.34
N GLN DA 284 -43.16 15.43 13.58
CA GLN DA 284 -42.12 14.63 14.18
C GLN DA 284 -41.36 13.86 13.15
N LEU DA 285 -40.62 14.54 12.31
CA LEU DA 285 -39.86 13.81 11.31
C LEU DA 285 -38.38 13.78 11.59
N GLY DA 286 -37.86 14.72 12.33
CA GLY DA 286 -36.44 14.72 12.64
C GLY DA 286 -36.03 13.52 13.47
N ASP DA 287 -36.94 13.20 14.37
CA ASP DA 287 -37.06 12.18 15.41
C ASP DA 287 -37.18 10.81 14.79
N ILE DA 288 -38.07 10.64 13.79
CA ILE DA 288 -38.22 9.33 13.18
C ILE DA 288 -37.14 9.08 12.14
N LEU DA 289 -36.74 10.09 11.39
CA LEU DA 289 -35.65 9.90 10.45
C LEU DA 289 -34.34 9.74 11.15
N ALA DA 290 -34.13 10.50 12.22
CA ALA DA 290 -32.91 10.43 13.00
C ALA DA 290 -33.19 10.17 14.48
N LEU DA 291 -32.15 10.11 15.29
CA LEU DA 291 -32.37 9.94 16.72
C LEU DA 291 -32.59 11.29 17.35
N ALA DA 292 -33.67 11.41 18.09
CA ALA DA 292 -34.07 12.63 18.76
C ALA DA 292 -33.17 12.96 19.91
N PRO DA 293 -33.10 14.23 20.29
CA PRO DA 293 -32.27 14.68 21.39
C PRO DA 293 -32.67 14.04 22.70
N ALA DA 294 -31.70 13.72 23.52
CA ALA DA 294 -32.00 13.19 24.82
C ALA DA 294 -31.39 14.05 25.88
N VAL DA 295 -30.57 15.00 25.45
CA VAL DA 295 -29.79 15.89 26.25
C VAL DA 295 -29.82 17.29 25.71
N ARG DA 296 -29.54 18.30 26.54
CA ARG DA 296 -29.54 19.68 26.14
C ARG DA 296 -28.45 20.37 26.91
N VAL DA 297 -27.68 21.25 26.32
CA VAL DA 297 -26.60 21.88 27.08
C VAL DA 297 -27.11 22.71 28.22
N CYS DA 298 -26.50 22.61 29.38
CA CYS DA 298 -26.82 23.44 30.53
C CYS DA 298 -25.50 23.67 31.18
N THR DA 299 -25.21 24.88 31.54
CA THR DA 299 -23.94 25.19 32.20
C THR DA 299 -24.24 25.94 33.50
N PHE DA 300 -23.84 25.35 34.63
CA PHE DA 300 -24.10 26.00 35.91
C PHE DA 300 -23.24 27.23 36.10
N ASP DA 301 -21.97 27.15 35.70
CA ASP DA 301 -21.08 28.28 35.92
C ASP DA 301 -21.51 29.52 35.18
N GLY DA 302 -22.54 29.42 34.34
CA GLY DA 302 -23.01 30.56 33.61
C GLY DA 302 -22.23 30.88 32.35
N ALA DA 303 -21.30 30.02 31.96
CA ALA DA 303 -20.74 30.11 30.62
C ALA DA 303 -21.83 29.72 29.63
N ALA DA 304 -22.08 30.57 28.65
CA ALA DA 304 -23.28 30.45 27.85
C ALA DA 304 -23.08 29.72 26.52
N VAL DA 305 -21.86 29.31 26.19
CA VAL DA 305 -21.61 28.46 25.04
C VAL DA 305 -20.66 27.35 25.45
N VAL DA 306 -20.35 26.47 24.51
CA VAL DA 306 -19.36 25.43 24.69
C VAL DA 306 -18.47 25.46 23.47
N GLN DA 307 -17.21 25.79 23.65
CA GLN DA 307 -16.32 25.80 22.51
C GLN DA 307 -16.16 24.39 21.96
N SER DA 308 -15.81 24.29 20.69
CA SER DA 308 -15.57 22.98 20.10
C SER DA 308 -14.36 22.34 20.75
N GLY DA 309 -14.53 21.11 21.24
CA GLY DA 309 -13.50 20.43 21.98
C GLY DA 309 -13.67 20.51 23.47
N ASP DA 310 -14.53 21.38 23.96
CA ASP DA 310 -14.74 21.51 25.40
C ASP DA 310 -15.76 20.48 25.87
N MET DA 311 -16.01 20.47 27.19
CA MET DA 311 -16.89 19.52 27.83
C MET DA 311 -18.25 20.16 28.06
N ALA DA 312 -19.32 19.64 27.51
CA ALA DA 312 -20.50 20.40 27.72
C ALA DA 312 -21.30 19.80 28.84
N PRO DA 313 -21.60 20.58 29.86
CA PRO DA 313 -22.40 20.07 30.97
C PRO DA 313 -23.71 19.78 30.37
N VAL DA 314 -24.29 18.61 30.57
CA VAL DA 314 -25.50 18.33 29.84
C VAL DA 314 -26.59 17.81 30.74
N ILE DA 315 -27.83 18.20 30.49
CA ILE DA 315 -28.95 17.79 31.30
C ILE DA 315 -29.98 17.09 30.47
N ARG DA 316 -30.85 16.37 31.14
CA ARG DA 316 -31.79 15.48 30.52
C ARG DA 316 -32.55 16.20 29.40
N TYR DA 317 -33.43 15.45 28.73
CA TYR DA 317 -34.19 15.77 27.52
C TYR DA 317 -34.67 17.20 27.45
N PRO DA 318 -34.68 17.82 26.25
CA PRO DA 318 -35.26 19.18 26.10
C PRO DA 318 -36.72 19.25 26.48
N THR EA 3 -18.55 -10.23 62.86
CA THR EA 3 -17.43 -10.62 63.72
C THR EA 3 -16.09 -10.42 63.01
N LYS EA 4 -15.67 -11.44 62.28
CA LYS EA 4 -14.39 -11.41 61.57
C LYS EA 4 -14.55 -11.95 60.17
N PRO EA 5 -13.61 -11.57 59.31
CA PRO EA 5 -13.61 -11.98 57.90
C PRO EA 5 -12.28 -12.56 57.46
N LEU EA 6 -12.30 -13.37 56.41
CA LEU EA 6 -11.07 -13.96 55.89
C LEU EA 6 -10.21 -12.77 55.50
N PRO EA 7 -10.88 -11.78 54.94
CA PRO EA 7 -10.23 -10.52 54.57
C PRO EA 7 -11.06 -9.40 55.19
N THR EA 8 -10.41 -8.61 56.04
CA THR EA 8 -11.02 -7.46 56.71
C THR EA 8 -11.46 -6.25 55.89
N ALA EA 9 -10.68 -5.83 54.91
CA ALA EA 9 -11.07 -4.64 54.17
C ALA EA 9 -12.38 -4.77 53.40
N PRO EA 10 -12.70 -5.92 52.88
CA PRO EA 10 -14.00 -6.03 52.23
C PRO EA 10 -15.23 -5.95 53.16
N MET EA 11 -15.13 -5.95 54.49
CA MET EA 11 -16.37 -6.00 55.26
C MET EA 11 -16.64 -4.69 55.96
N ALA EA 12 -15.60 -3.96 56.34
CA ALA EA 12 -15.81 -2.63 56.90
C ALA EA 12 -16.69 -1.81 55.97
N TRP EA 13 -16.54 -1.98 54.66
CA TRP EA 13 -17.44 -1.34 53.72
C TRP EA 13 -18.75 -2.12 53.59
N ALA EA 14 -18.68 -3.45 53.68
CA ALA EA 14 -19.90 -4.26 53.53
C ALA EA 14 -20.76 -4.19 54.78
N GLU EA 15 -20.16 -4.36 55.97
CA GLU EA 15 -20.90 -4.28 57.21
C GLU EA 15 -21.43 -2.89 57.50
N SER EA 16 -21.03 -1.89 56.71
CA SER EA 16 -21.52 -0.53 56.88
C SER EA 16 -22.45 -0.14 55.75
N SER EA 23 -19.92 13.05 53.95
CA SER EA 23 -19.33 12.26 55.02
C SER EA 23 -18.16 12.99 55.65
N PRO EA 24 -17.00 12.34 55.72
CA PRO EA 24 -15.80 13.01 56.25
C PRO EA 24 -15.39 14.23 55.43
N ARG EA 25 -15.89 14.35 54.19
CA ARG EA 25 -15.70 15.58 53.43
C ARG EA 25 -16.62 16.69 53.93
N GLU EA 26 -17.89 16.35 54.21
CA GLU EA 26 -18.77 17.31 54.87
C GLU EA 26 -18.23 17.72 56.23
N LEU EA 27 -17.59 16.79 56.95
CA LEU EA 27 -16.89 17.14 58.17
C LEU EA 27 -15.73 18.08 57.87
N ALA EA 28 -14.92 17.73 56.87
CA ALA EA 28 -13.87 18.64 56.43
C ALA EA 28 -14.46 19.88 55.75
N GLY EA 29 -15.69 19.78 55.24
CA GLY EA 29 -16.33 20.93 54.64
C GLY EA 29 -16.61 22.02 55.65
N HIS EA 30 -17.35 21.69 56.71
CA HIS EA 30 -17.56 22.65 57.78
C HIS EA 30 -16.25 23.05 58.43
N ALA EA 31 -15.26 22.16 58.42
CA ALA EA 31 -13.99 22.45 59.09
C ALA EA 31 -13.31 23.69 58.54
N PRO EA 32 -12.92 23.75 57.27
CA PRO EA 32 -12.35 25.00 56.75
C PRO EA 32 -13.34 26.14 56.74
N LEU EA 33 -14.54 25.91 56.19
CA LEU EA 33 -15.58 26.93 56.11
C LEU EA 33 -16.07 27.42 57.46
N ARG EA 34 -16.77 26.55 58.19
CA ARG EA 34 -17.56 26.96 59.34
C ARG EA 34 -16.75 27.18 60.61
N ARG EA 35 -15.78 26.32 60.91
CA ARG EA 35 -15.09 26.36 62.21
C ARG EA 35 -14.45 27.71 62.50
N VAL EA 36 -14.13 28.37 61.37
CA VAL EA 36 -13.41 29.63 61.21
C VAL EA 36 -13.98 30.96 61.62
N LEU EA 37 -13.08 31.89 61.95
CA LEU EA 37 -13.43 33.22 62.49
C LEU EA 37 -13.89 34.43 61.60
N ARG EA 38 -13.56 35.63 62.11
CA ARG EA 38 -13.98 36.95 61.63
C ARG EA 38 -13.65 37.31 60.20
N PRO EA 39 -12.60 36.63 59.60
CA PRO EA 39 -12.40 36.97 58.18
C PRO EA 39 -13.47 36.15 57.49
N PRO EA 40 -13.35 35.71 56.26
CA PRO EA 40 -12.29 35.77 55.27
C PRO EA 40 -11.63 37.12 55.12
N ILE EA 41 -10.64 37.19 54.23
CA ILE EA 41 -9.78 38.35 54.04
C ILE EA 41 -9.35 38.93 55.39
N ALA EA 42 -8.74 38.07 56.20
CA ALA EA 42 -8.54 38.35 57.60
C ALA EA 42 -7.98 39.72 57.91
N ARG EA 43 -8.25 40.20 59.12
CA ARG EA 43 -7.61 41.41 59.59
C ARG EA 43 -6.10 41.22 59.53
N ARG EA 44 -5.39 42.30 59.21
CA ARG EA 44 -4.04 42.20 58.70
C ARG EA 44 -3.09 41.73 59.80
N ASP EA 45 -1.81 41.66 59.45
CA ASP EA 45 -0.77 41.14 60.34
C ASP EA 45 -1.10 39.73 60.80
N THR EA 76 -47.67 3.84 81.74
CA THR EA 76 -46.38 4.28 81.23
C THR EA 76 -45.36 3.14 81.09
N ARG EA 77 -45.83 1.92 81.25
CA ARG EA 77 -44.94 0.77 81.17
C ARG EA 77 -44.29 0.55 79.81
N ALA EA 78 -45.14 0.64 78.78
CA ALA EA 78 -44.76 0.57 77.38
C ALA EA 78 -45.29 1.80 76.63
N THR EA 79 -46.36 2.40 77.12
CA THR EA 79 -46.97 3.57 76.47
C THR EA 79 -46.08 4.83 76.41
N ARG EA 80 -45.45 5.14 77.54
CA ARG EA 80 -44.56 6.27 77.63
C ARG EA 80 -43.39 6.02 76.72
N ASP EA 81 -42.91 4.78 76.72
CA ASP EA 81 -41.78 4.43 75.88
C ASP EA 81 -42.17 4.64 74.43
N ASP EA 82 -43.40 4.25 74.09
CA ASP EA 82 -43.86 4.39 72.73
C ASP EA 82 -43.87 5.85 72.34
N THR EA 83 -44.35 6.72 73.23
CA THR EA 83 -44.37 8.15 72.92
C THR EA 83 -42.99 8.81 72.79
N GLU EA 84 -42.02 8.47 73.66
CA GLU EA 84 -40.73 9.14 73.52
C GLU EA 84 -39.88 8.49 72.44
N GLN EA 85 -40.07 7.20 72.15
CA GLN EA 85 -39.31 6.59 71.08
C GLN EA 85 -39.90 6.93 69.72
N ALA EA 86 -41.18 7.32 69.67
CA ALA EA 86 -41.70 7.95 68.47
C ALA EA 86 -41.11 9.34 68.32
N VAL EA 87 -40.98 10.08 69.42
CA VAL EA 87 -40.17 11.30 69.42
C VAL EA 87 -38.78 10.99 68.90
N ASP EA 88 -38.20 9.90 69.39
CA ASP EA 88 -36.86 9.52 68.96
C ASP EA 88 -36.79 9.32 67.46
N LYS EA 89 -37.85 8.76 66.88
CA LYS EA 89 -37.84 8.61 65.43
C LYS EA 89 -38.09 9.95 64.75
N ILE EA 90 -38.99 10.76 65.30
CA ILE EA 90 -39.12 12.14 64.83
C ILE EA 90 -37.81 12.90 65.03
N LEU EA 91 -37.12 12.64 66.15
CA LEU EA 91 -35.77 13.18 66.32
C LEU EA 91 -34.90 12.79 65.14
N ARG EA 92 -34.75 11.47 64.93
CA ARG EA 92 -33.81 10.99 63.92
C ARG EA 92 -34.19 11.45 62.53
N GLY EA 93 -35.46 11.32 62.15
CA GLY EA 93 -35.90 11.80 60.87
C GLY EA 93 -35.71 13.30 60.70
N ALA EA 94 -35.64 14.04 61.80
CA ALA EA 94 -35.30 15.45 61.77
C ALA EA 94 -33.81 15.68 62.03
N ARG EA 95 -33.02 14.62 62.19
CA ARG EA 95 -31.57 14.72 62.21
C ARG EA 95 -30.95 14.59 60.82
N ARG EA 96 -31.74 14.24 59.81
CA ARG EA 96 -31.22 14.02 58.48
C ARG EA 96 -32.28 14.40 57.45
N ALA EA 97 -31.82 14.96 56.33
CA ALA EA 97 -32.68 15.30 55.19
C ALA EA 97 -33.82 16.23 55.59
N PRO EA 106 -36.39 10.06 45.04
CA PRO EA 106 -35.36 9.37 45.82
C PRO EA 106 -35.71 7.92 46.15
N ARG EA 107 -35.83 7.10 45.11
CA ARG EA 107 -36.11 5.66 45.11
C ARG EA 107 -37.52 5.23 45.48
N TYR EA 108 -38.42 6.19 45.62
CA TYR EA 108 -39.77 5.90 46.03
C TYR EA 108 -40.63 7.12 45.78
N HIS EA 109 -41.94 6.97 45.56
CA HIS EA 109 -42.86 8.11 45.44
C HIS EA 109 -44.16 7.42 45.68
N LEU EA 110 -45.09 8.06 46.40
CA LEU EA 110 -46.30 7.52 46.76
C LEU EA 110 -47.21 8.63 46.30
N THR EA 111 -48.30 8.19 45.72
CA THR EA 111 -49.43 8.99 45.32
C THR EA 111 -50.54 8.43 46.17
N ARG EA 112 -51.46 9.26 46.59
CA ARG EA 112 -52.53 8.75 47.41
C ARG EA 112 -53.81 9.32 46.90
N GLN EA 113 -54.86 8.52 46.86
CA GLN EA 113 -56.12 9.04 46.40
C GLN EA 113 -57.32 8.37 47.00
N VAL EA 114 -58.43 9.08 47.11
CA VAL EA 114 -59.68 8.49 47.58
C VAL EA 114 -60.63 8.27 46.42
N THR EA 115 -61.20 7.07 46.33
CA THR EA 115 -62.17 6.72 45.29
C THR EA 115 -63.23 5.79 45.87
N LEU EA 116 -64.16 5.38 45.02
CA LEU EA 116 -65.14 4.38 45.40
C LEU EA 116 -64.68 2.99 45.00
N THR EA 117 -65.33 1.96 45.52
CA THR EA 117 -64.85 0.64 45.22
C THR EA 117 -65.43 0.00 43.96
N ASP EA 118 -66.24 0.75 43.23
CA ASP EA 118 -66.81 0.25 41.98
C ASP EA 118 -65.78 0.57 40.92
N LEU EA 119 -65.35 -0.46 40.19
CA LEU EA 119 -64.36 -0.38 39.12
C LEU EA 119 -62.92 -0.52 39.60
N CYS EA 120 -62.71 -0.69 40.89
CA CYS EA 120 -61.37 -0.85 41.44
C CYS EA 120 -61.45 -1.31 42.89
N GLN EA 121 -61.39 -2.60 43.14
CA GLN EA 121 -61.46 -3.07 44.52
C GLN EA 121 -60.06 -3.30 45.03
N PRO EA 122 -59.60 -2.38 45.96
CA PRO EA 122 -58.23 -2.65 46.44
C PRO EA 122 -58.15 -3.98 47.17
N ASN EA 123 -59.17 -4.33 47.95
CA ASN EA 123 -59.12 -5.59 48.68
C ASN EA 123 -59.04 -6.83 47.79
N ALA EA 124 -59.76 -6.84 46.69
CA ALA EA 124 -59.74 -8.01 45.83
C ALA EA 124 -58.33 -8.21 45.33
N GLU EA 125 -57.75 -7.11 44.89
CA GLU EA 125 -56.38 -7.03 44.43
C GLU EA 125 -55.42 -7.27 45.60
N ARG EA 126 -54.13 -7.22 45.31
CA ARG EA 126 -53.09 -7.52 46.29
C ARG EA 126 -51.93 -6.54 46.41
N ALA EA 127 -50.82 -7.06 46.92
CA ALA EA 127 -49.61 -6.32 47.14
C ALA EA 127 -48.98 -5.74 45.89
N GLY EA 128 -48.92 -6.50 44.81
CA GLY EA 128 -48.39 -5.91 43.59
C GLY EA 128 -49.49 -5.83 42.55
N ALA EA 129 -49.93 -4.64 42.22
CA ALA EA 129 -50.97 -4.51 41.20
C ALA EA 129 -50.92 -3.18 40.45
N LEU EA 130 -51.30 -3.21 39.20
CA LEU EA 130 -51.36 -2.04 38.35
C LEU EA 130 -52.73 -1.38 38.53
N LEU EA 131 -52.72 -0.11 38.89
CA LEU EA 131 -53.93 0.67 39.01
C LEU EA 131 -53.94 1.71 37.90
N LEU EA 132 -55.00 1.85 37.14
CA LEU EA 132 -54.91 2.84 36.11
C LEU EA 132 -55.92 3.88 36.44
N ALA EA 133 -55.55 5.14 36.27
CA ALA EA 133 -56.48 6.19 36.53
C ALA EA 133 -57.42 6.27 35.34
N LEU EA 134 -58.61 6.77 35.57
CA LEU EA 134 -59.56 7.00 34.51
C LEU EA 134 -59.41 8.50 34.46
N ARG EA 135 -58.94 9.02 33.34
CA ARG EA 135 -58.71 10.45 33.25
C ARG EA 135 -59.99 11.20 32.92
N HIS EA 136 -60.79 11.38 33.95
CA HIS EA 136 -62.07 12.09 33.91
C HIS EA 136 -63.14 11.06 33.63
N PRO EA 137 -64.22 11.01 34.52
CA PRO EA 137 -65.22 9.99 34.17
C PRO EA 137 -65.74 10.31 32.79
N THR EA 138 -66.02 11.58 32.51
CA THR EA 138 -66.11 12.68 33.47
C THR EA 138 -67.25 13.49 32.90
N ASP EA 139 -67.06 13.80 31.62
CA ASP EA 139 -67.97 14.55 30.81
C ASP EA 139 -68.47 13.44 29.92
N LEU EA 140 -69.77 13.30 29.87
CA LEU EA 140 -70.40 12.24 29.08
C LEU EA 140 -70.07 12.47 27.62
N PRO EA 141 -68.82 12.25 27.25
CA PRO EA 141 -68.43 12.35 25.84
C PRO EA 141 -68.93 13.57 25.09
N HIS EA 142 -68.76 14.75 25.67
CA HIS EA 142 -69.15 15.98 25.02
C HIS EA 142 -68.26 16.08 23.79
N LEU EA 143 -67.02 15.68 23.99
CA LEU EA 143 -65.99 15.65 22.96
C LEU EA 143 -66.22 14.51 21.97
N ALA EA 144 -66.94 13.47 22.41
CA ALA EA 144 -67.21 12.32 21.55
C ALA EA 144 -67.92 12.83 20.33
N ARG EA 145 -68.74 13.86 20.49
CA ARG EA 145 -69.45 14.50 19.38
C ARG EA 145 -68.44 15.07 18.39
N HIS EA 146 -67.38 15.68 18.89
CA HIS EA 146 -66.31 16.17 18.03
C HIS EA 146 -65.53 14.95 17.49
N ARG EA 147 -64.94 15.09 16.30
CA ARG EA 147 -64.23 14.02 15.58
C ARG EA 147 -65.25 12.92 15.28
N ALA EA 148 -64.94 11.65 15.59
CA ALA EA 148 -65.88 10.53 15.37
C ALA EA 148 -66.50 10.65 13.98
N PRO EA 149 -65.68 10.74 12.95
CA PRO EA 149 -66.21 11.10 11.63
C PRO EA 149 -67.53 10.40 11.36
N PRO EA 150 -68.57 11.15 11.02
CA PRO EA 150 -69.96 10.70 10.98
C PRO EA 150 -70.33 9.86 9.75
N GLY EA 151 -71.47 9.18 9.81
CA GLY EA 151 -72.13 8.89 11.08
C GLY EA 151 -71.46 7.76 11.81
N ARG EA 152 -71.11 8.04 13.06
CA ARG EA 152 -70.61 7.01 13.95
C ARG EA 152 -71.58 6.89 15.16
N GLN EA 153 -72.73 7.57 15.07
CA GLN EA 153 -73.75 7.56 16.12
C GLN EA 153 -73.18 7.89 17.50
N THR EA 154 -72.65 9.10 17.60
CA THR EA 154 -72.00 9.57 18.82
C THR EA 154 -72.87 9.55 20.06
N GLU EA 155 -74.17 9.31 19.93
CA GLU EA 155 -75.03 9.13 21.09
C GLU EA 155 -74.78 7.80 21.78
N ARG EA 156 -73.93 6.95 21.21
CA ARG EA 156 -73.68 5.63 21.78
C ARG EA 156 -73.04 5.73 23.15
N LEU EA 157 -71.99 6.55 23.28
CA LEU EA 157 -71.28 6.69 24.55
C LEU EA 157 -72.20 7.23 25.65
N ALA EA 158 -72.89 8.33 25.38
CA ALA EA 158 -73.79 8.92 26.37
C ALA EA 158 -74.78 7.89 26.90
N GLU EA 159 -75.32 7.05 26.03
CA GLU EA 159 -76.23 6.00 26.46
C GLU EA 159 -75.50 4.83 27.09
N ALA EA 160 -74.38 4.41 26.49
CA ALA EA 160 -73.60 3.30 27.03
C ALA EA 160 -73.14 3.61 28.46
N TRP EA 161 -72.30 4.63 28.60
CA TRP EA 161 -71.75 4.97 29.91
C TRP EA 161 -72.85 5.29 30.92
N GLY EA 162 -73.97 5.86 30.44
CA GLY EA 162 -75.08 6.12 31.33
C GLY EA 162 -75.58 4.85 31.99
N GLN EA 163 -75.56 3.74 31.26
CA GLN EA 163 -75.93 2.46 31.84
C GLN EA 163 -74.92 2.00 32.88
N LEU EA 164 -73.65 2.35 32.68
CA LEU EA 164 -72.61 1.95 33.64
C LEU EA 164 -72.83 2.59 35.00
N LEU EA 165 -73.24 3.86 35.02
CA LEU EA 165 -73.39 4.55 36.30
C LEU EA 165 -74.60 4.04 37.06
N GLU EA 166 -75.72 3.93 36.36
CA GLU EA 166 -76.91 3.43 37.02
C GLU EA 166 -76.75 1.94 37.24
N ALA EA 167 -75.54 1.55 37.60
CA ALA EA 167 -75.21 0.14 37.84
C ALA EA 167 -74.79 -0.07 39.29
N SER EA 168 -75.38 -1.09 39.92
CA SER EA 168 -75.08 -1.42 41.30
C SER EA 168 -75.44 -0.26 42.23
N GLU EA 176 -74.07 10.20 39.45
CA GLU EA 176 -73.88 11.20 40.48
C GLU EA 176 -72.45 11.69 40.55
N SER EA 177 -72.25 12.83 41.22
CA SER EA 177 -70.91 13.35 41.44
C SER EA 177 -70.35 13.25 42.86
N GLY EA 178 -71.16 13.57 43.86
CA GLY EA 178 -70.70 13.52 45.22
C GLY EA 178 -69.28 13.93 45.52
N CYS EA 179 -68.76 13.40 46.62
CA CYS EA 179 -67.43 13.76 47.05
C CYS EA 179 -66.31 12.70 46.94
N ALA EA 180 -66.62 11.57 46.33
CA ALA EA 180 -65.58 10.61 46.08
C ALA EA 180 -65.84 10.30 44.64
N ARG EA 181 -64.89 10.63 43.78
CA ARG EA 181 -65.06 10.35 42.37
C ARG EA 181 -64.66 8.89 42.14
N ALA EA 182 -65.15 8.27 41.09
CA ALA EA 182 -64.71 6.90 40.85
C ALA EA 182 -63.58 7.02 39.88
N GLY EA 183 -62.38 6.94 40.41
CA GLY EA 183 -61.21 7.00 39.54
C GLY EA 183 -60.63 5.60 39.62
N LEU EA 184 -59.32 5.49 39.45
CA LEU EA 184 -58.68 4.22 39.73
C LEU EA 184 -59.10 2.89 39.23
N VAL EA 185 -59.23 2.70 37.93
CA VAL EA 185 -59.48 1.37 37.40
C VAL EA 185 -58.32 0.40 37.65
N SER EA 186 -58.57 -0.79 38.14
CA SER EA 186 -57.51 -1.75 38.38
C SER EA 186 -57.06 -2.45 37.11
N PHE EA 187 -55.88 -3.03 37.09
CA PHE EA 187 -55.48 -3.73 35.87
C PHE EA 187 -56.39 -4.90 35.67
N ASN EA 188 -56.57 -5.66 36.72
CA ASN EA 188 -57.52 -6.77 36.75
C ASN EA 188 -58.81 -6.44 36.00
N PHE EA 189 -59.49 -5.37 36.39
CA PHE EA 189 -60.84 -5.12 35.90
C PHE EA 189 -60.86 -4.92 34.40
N LEU EA 190 -59.74 -4.51 33.82
CA LEU EA 190 -59.68 -4.44 32.37
C LEU EA 190 -59.53 -5.82 31.75
N VAL EA 191 -58.70 -6.68 32.35
CA VAL EA 191 -58.48 -8.00 31.79
C VAL EA 191 -59.79 -8.76 31.68
N ALA EA 192 -60.66 -8.61 32.67
CA ALA EA 192 -61.95 -9.31 32.62
C ALA EA 192 -62.89 -8.65 31.62
N ALA EA 193 -62.93 -7.32 31.60
CA ALA EA 193 -63.86 -6.63 30.72
C ALA EA 193 -63.59 -6.97 29.26
N CYS EA 194 -62.32 -7.05 28.87
CA CYS EA 194 -61.92 -7.41 27.52
C CYS EA 194 -61.60 -8.89 27.38
N THR EA 195 -61.82 -9.68 28.42
CA THR EA 195 -61.41 -11.09 28.40
C THR EA 195 -62.00 -11.81 27.20
N ALA EA 196 -63.34 -11.79 27.09
CA ALA EA 196 -63.98 -12.38 25.93
C ALA EA 196 -63.64 -11.65 24.65
N ALA EA 197 -63.20 -10.39 24.75
CA ALA EA 197 -62.89 -9.62 23.54
C ALA EA 197 -61.58 -10.07 22.93
N TYR EA 198 -60.48 -9.80 23.63
CA TYR EA 198 -59.18 -10.23 23.13
C TYR EA 198 -59.25 -11.75 23.06
N ASP EA 199 -58.58 -12.31 22.06
CA ASP EA 199 -58.62 -13.75 21.81
C ASP EA 199 -57.71 -14.70 22.60
N ALA EA 200 -58.11 -14.94 23.85
CA ALA EA 200 -57.47 -15.89 24.74
C ALA EA 200 -58.64 -16.20 25.65
N ARG EA 201 -59.24 -17.40 25.61
CA ARG EA 201 -60.39 -17.51 26.49
C ARG EA 201 -60.21 -18.65 27.51
N ASP EA 202 -60.67 -18.36 28.73
CA ASP EA 202 -60.71 -19.19 29.95
C ASP EA 202 -59.41 -19.18 30.76
N ALA EA 203 -58.39 -18.54 30.23
CA ALA EA 203 -57.16 -18.34 30.95
C ALA EA 203 -57.45 -16.89 31.25
N ALA EA 204 -58.09 -16.28 30.25
CA ALA EA 204 -58.61 -14.92 30.34
C ALA EA 204 -59.90 -14.88 31.15
N GLU EA 205 -60.79 -15.85 30.93
CA GLU EA 205 -62.03 -15.92 31.69
C GLU EA 205 -61.80 -16.31 33.14
N ALA EA 206 -60.69 -16.98 33.45
CA ALA EA 206 -60.34 -17.25 34.84
C ALA EA 206 -60.14 -15.96 35.61
N VAL EA 207 -59.61 -14.93 34.95
CA VAL EA 207 -59.54 -13.61 35.56
C VAL EA 207 -60.94 -13.03 35.72
N ARG EA 208 -61.82 -13.29 34.74
CA ARG EA 208 -63.18 -12.79 34.83
C ARG EA 208 -63.93 -13.45 35.99
N ALA EA 209 -63.66 -14.74 36.23
CA ALA EA 209 -64.25 -15.39 37.39
C ALA EA 209 -63.74 -14.79 38.68
N HIS EA 210 -62.50 -14.30 38.67
CA HIS EA 210 -61.92 -13.66 39.84
C HIS EA 210 -62.70 -12.42 40.24
N ILE EA 211 -63.05 -11.59 39.26
CA ILE EA 211 -63.63 -10.29 39.56
C ILE EA 211 -65.12 -10.41 39.89
N THR EA 212 -65.83 -11.30 39.22
CA THR EA 212 -67.25 -11.45 39.53
C THR EA 212 -67.46 -11.96 40.94
N THR EA 213 -66.52 -12.72 41.47
CA THR EA 213 -66.66 -13.30 42.80
C THR EA 213 -66.01 -12.48 43.90
N ASN EA 214 -65.32 -11.38 43.55
CA ASN EA 214 -64.65 -10.58 44.57
C ASN EA 214 -65.00 -9.11 44.48
N TYR EA 215 -64.63 -8.46 43.38
CA TYR EA 215 -64.91 -7.05 43.15
C TYR EA 215 -66.41 -6.79 43.21
N ALA EA 220 -69.16 -7.30 40.12
CA ALA EA 220 -70.42 -7.65 39.49
C ALA EA 220 -70.23 -7.81 37.99
N GLY EA 221 -70.81 -8.87 37.42
CA GLY EA 221 -70.76 -9.06 35.98
C GLY EA 221 -71.45 -7.94 35.23
N ALA EA 222 -72.43 -7.30 35.85
CA ALA EA 222 -73.06 -6.12 35.26
C ALA EA 222 -72.02 -5.05 34.96
N ARG EA 223 -71.35 -4.54 36.00
CA ARG EA 223 -70.34 -3.52 35.80
C ARG EA 223 -69.30 -3.94 34.77
N LEU EA 224 -68.82 -5.18 34.83
CA LEU EA 224 -67.95 -5.70 33.78
C LEU EA 224 -68.61 -5.57 32.42
N ASP EA 225 -69.88 -5.95 32.33
CA ASP EA 225 -70.58 -5.88 31.05
C ASP EA 225 -70.87 -4.43 30.67
N ARG EA 226 -71.30 -3.63 31.65
CA ARG EA 226 -71.50 -2.20 31.38
C ARG EA 226 -70.20 -1.55 30.95
N PHE EA 227 -69.11 -1.83 31.67
CA PHE EA 227 -67.83 -1.24 31.33
C PHE EA 227 -67.33 -1.76 30.00
N SER EA 228 -67.62 -3.02 29.68
CA SER EA 228 -67.26 -3.55 28.36
C SER EA 228 -68.04 -2.83 27.27
N GLU EA 229 -69.33 -2.58 27.51
CA GLU EA 229 -70.11 -1.78 26.56
C GLU EA 229 -69.52 -0.39 26.39
N CYS EA 230 -68.95 0.16 27.46
CA CYS EA 230 -68.30 1.47 27.36
C CYS EA 230 -67.03 1.39 26.53
N LEU EA 231 -66.22 0.36 26.74
CA LEU EA 231 -65.01 0.19 25.95
C LEU EA 231 -65.35 0.01 24.47
N ARG EA 232 -66.39 -0.78 24.18
CA ARG EA 232 -66.84 -0.90 22.80
C ARG EA 232 -67.26 0.46 22.27
N ALA EA 233 -68.06 1.19 23.06
CA ALA EA 233 -68.57 2.48 22.61
C ALA EA 233 -67.43 3.49 22.47
N MET EA 234 -66.44 3.42 23.35
CA MET EA 234 -65.31 4.34 23.25
C MET EA 234 -64.47 4.05 22.02
N VAL EA 235 -64.01 2.80 21.86
CA VAL EA 235 -63.25 2.45 20.66
C VAL EA 235 -64.06 2.70 19.42
N HIS EA 236 -65.38 2.80 19.56
CA HIS EA 236 -66.23 3.02 18.40
C HIS EA 236 -66.01 4.44 17.90
N THR EA 237 -66.25 5.42 18.77
CA THR EA 237 -66.29 6.85 18.44
C THR EA 237 -65.02 7.70 18.45
N HIS EA 238 -63.86 7.07 18.42
CA HIS EA 238 -62.56 7.75 18.36
C HIS EA 238 -62.09 8.45 19.60
N VAL EA 239 -62.72 8.10 20.70
CA VAL EA 239 -62.34 8.50 22.02
C VAL EA 239 -61.89 7.11 22.42
N PHE EA 240 -60.64 6.98 22.77
CA PHE EA 240 -60.06 5.66 23.01
C PHE EA 240 -60.05 5.37 24.50
N PRO EA 241 -59.80 4.10 24.87
CA PRO EA 241 -59.50 3.82 26.28
C PRO EA 241 -58.24 4.50 26.78
N HIS EA 242 -57.29 4.77 25.91
CA HIS EA 242 -56.19 5.54 26.39
C HIS EA 242 -56.77 6.94 26.33
N GLU EA 243 -56.02 8.00 26.24
CA GLU EA 243 -56.64 9.32 26.33
C GLU EA 243 -57.82 9.30 27.30
N VAL EA 244 -57.65 8.36 28.18
CA VAL EA 244 -58.37 8.01 29.39
C VAL EA 244 -57.46 6.94 30.06
N MET EA 245 -57.68 6.57 31.30
CA MET EA 245 -56.89 5.53 31.91
C MET EA 245 -55.37 5.54 31.87
N ARG EA 246 -54.73 6.56 32.40
CA ARG EA 246 -53.27 6.59 32.51
C ARG EA 246 -52.83 5.77 33.73
N PHE EA 247 -51.56 5.39 33.77
CA PHE EA 247 -51.04 4.61 34.89
C PHE EA 247 -51.01 5.38 36.18
N PHE EA 248 -51.40 4.75 37.26
CA PHE EA 248 -51.38 5.38 38.55
C PHE EA 248 -50.28 4.88 39.49
N GLY EA 249 -50.09 3.57 39.64
CA GLY EA 249 -49.09 3.10 40.58
C GLY EA 249 -49.08 1.61 40.86
N GLY EA 250 -48.60 1.19 42.03
CA GLY EA 250 -48.51 -0.20 42.44
C GLY EA 250 -49.37 -0.73 43.59
N LEU EA 251 -50.22 0.09 44.15
CA LEU EA 251 -51.13 -0.29 45.23
C LEU EA 251 -50.43 -0.68 46.53
N VAL EA 252 -49.94 0.29 47.29
CA VAL EA 252 -49.29 -0.03 48.55
C VAL EA 252 -50.33 -0.43 49.61
N SER EA 253 -51.19 0.50 49.95
CA SER EA 253 -52.19 0.22 50.93
C SER EA 253 -53.47 0.96 50.77
N TRP EA 254 -54.56 0.25 50.60
CA TRP EA 254 -55.90 0.82 50.42
C TRP EA 254 -56.68 1.57 51.49
N VAL EA 255 -56.72 1.09 52.73
CA VAL EA 255 -57.48 1.76 53.80
C VAL EA 255 -58.94 2.09 53.53
N THR EA 256 -59.72 1.13 53.05
CA THR EA 256 -61.16 1.32 52.75
C THR EA 256 -62.24 1.37 53.86
N GLN EA 257 -63.30 2.11 53.59
CA GLN EA 257 -64.41 2.17 54.52
C GLN EA 257 -65.72 2.01 53.81
N ASP EA 258 -66.53 0.97 54.04
CA ASP EA 258 -67.81 1.06 53.33
C ASP EA 258 -67.55 1.16 51.82
N GLU EA 259 -68.18 2.09 51.11
CA GLU EA 259 -68.04 2.23 49.67
C GLU EA 259 -66.83 3.05 49.28
N LEU EA 260 -66.01 3.44 50.24
CA LEU EA 260 -64.94 4.40 50.07
C LEU EA 260 -63.60 3.69 50.14
N ALA EA 261 -62.59 4.25 49.54
CA ALA EA 261 -61.27 3.66 49.64
C ALA EA 261 -60.28 4.77 49.55
N SER EA 262 -59.16 4.64 50.23
CA SER EA 262 -58.15 5.65 50.16
C SER EA 262 -57.06 4.79 49.68
N VAL EA 263 -56.57 5.00 48.48
CA VAL EA 263 -55.60 4.09 47.98
C VAL EA 263 -54.20 4.59 47.95
N THR EA 264 -53.31 4.13 48.82
CA THR EA 264 -51.97 4.62 48.51
C THR EA 264 -51.33 3.72 47.44
N ALA EA 265 -50.56 4.33 46.55
CA ALA EA 265 -49.89 3.58 45.49
C ALA EA 265 -48.70 4.37 44.99
N VAL EA 266 -47.73 3.68 44.41
CA VAL EA 266 -46.45 4.28 44.10
C VAL EA 266 -46.53 5.09 42.81
N CYS EA 267 -46.29 6.42 42.90
CA CYS EA 267 -46.14 7.21 41.67
C CYS EA 267 -45.00 6.65 40.84
N SER EA 268 -43.84 6.43 41.44
CA SER EA 268 -42.72 5.79 40.75
C SER EA 268 -41.69 5.34 41.77
N GLY EA 269 -40.66 4.66 41.28
CA GLY EA 269 -39.70 4.02 42.15
C GLY EA 269 -39.93 2.53 42.21
N PRO EA 270 -39.04 1.80 42.88
CA PRO EA 270 -39.15 0.35 42.94
C PRO EA 270 -40.28 -0.10 43.85
N GLN EA 271 -40.88 -1.22 43.47
CA GLN EA 271 -42.00 -1.79 44.19
C GLN EA 271 -41.55 -2.57 45.42
N GLU EA 272 -40.58 -3.43 45.24
CA GLU EA 272 -40.30 -4.39 46.28
C GLU EA 272 -39.88 -3.80 47.57
N ALA EA 273 -39.52 -2.53 47.54
CA ALA EA 273 -39.03 -1.82 48.69
C ALA EA 273 -40.05 -1.00 49.43
N THR EA 274 -41.29 -1.41 49.35
CA THR EA 274 -42.36 -0.66 49.93
C THR EA 274 -42.95 -0.70 51.31
N HIS EA 275 -43.73 -1.75 51.65
CA HIS EA 275 -44.26 -1.92 53.03
C HIS EA 275 -43.48 -3.15 53.30
N THR EA 276 -43.24 -3.83 52.20
CA THR EA 276 -42.51 -5.05 52.23
C THR EA 276 -43.04 -6.16 53.09
N GLY EA 277 -42.21 -6.68 53.97
CA GLY EA 277 -42.61 -7.79 54.77
C GLY EA 277 -42.89 -9.04 53.95
N HIS EA 278 -43.51 -10.02 54.56
CA HIS EA 278 -43.81 -11.21 53.81
C HIS EA 278 -44.79 -10.79 52.72
N PRO EA 279 -45.80 -10.08 53.22
CA PRO EA 279 -46.89 -9.46 52.50
C PRO EA 279 -47.06 -8.12 53.21
N GLY EA 280 -47.46 -7.06 52.52
CA GLY EA 280 -47.59 -5.76 53.17
C GLY EA 280 -48.90 -5.73 53.94
N ARG EA 281 -48.80 -6.32 55.13
CA ARG EA 281 -49.88 -6.48 56.05
C ARG EA 281 -49.93 -7.98 56.08
N PRO EA 282 -50.73 -8.57 57.05
CA PRO EA 282 -50.72 -10.03 57.02
C PRO EA 282 -51.65 -10.67 55.96
N CYS EA 283 -51.26 -10.46 54.70
CA CYS EA 283 -51.93 -11.01 53.53
C CYS EA 283 -50.92 -12.05 53.04
N SER EA 284 -50.24 -11.81 51.91
CA SER EA 284 -49.20 -12.71 51.41
C SER EA 284 -48.18 -12.07 50.42
N ALA EA 285 -46.93 -11.89 50.83
CA ALA EA 285 -45.86 -11.35 49.97
C ALA EA 285 -46.01 -9.97 49.25
N VAL EA 286 -45.65 -9.93 47.96
CA VAL EA 286 -45.69 -8.73 47.13
C VAL EA 286 -45.17 -9.18 45.80
N THR EA 287 -45.63 -8.54 44.72
CA THR EA 287 -45.22 -8.90 43.38
C THR EA 287 -45.95 -7.96 42.43
N ILE EA 288 -45.45 -7.88 41.21
CA ILE EA 288 -46.19 -7.18 40.17
C ILE EA 288 -46.58 -8.29 39.21
N PRO EA 289 -47.53 -9.13 39.62
CA PRO EA 289 -48.00 -10.30 38.83
C PRO EA 289 -48.99 -9.92 37.74
N ALA EA 290 -48.53 -10.13 36.51
CA ALA EA 290 -49.25 -9.65 35.36
C ALA EA 290 -50.68 -9.96 35.37
N CYS EA 291 -51.05 -11.06 35.99
CA CYS EA 291 -52.43 -11.57 36.21
C CYS EA 291 -53.02 -12.31 35.08
N ALA EA 292 -52.25 -12.47 34.05
CA ALA EA 292 -52.72 -13.20 32.94
C ALA EA 292 -51.57 -13.97 32.40
N PHE EA 293 -51.83 -15.15 31.89
CA PHE EA 293 -50.79 -15.85 31.23
C PHE EA 293 -51.30 -15.42 29.86
N VAL EA 294 -52.35 -14.61 29.95
CA VAL EA 294 -53.10 -14.09 28.81
C VAL EA 294 -52.59 -12.71 28.45
N ASP EA 295 -52.26 -12.00 29.52
CA ASP EA 295 -51.48 -10.78 29.43
C ASP EA 295 -50.01 -11.23 29.64
N LEU EA 296 -49.09 -10.30 29.80
CA LEU EA 296 -47.67 -10.69 29.90
C LEU EA 296 -47.24 -11.31 28.60
N ASP EA 297 -47.50 -10.58 27.53
CA ASP EA 297 -47.04 -10.99 26.25
C ASP EA 297 -45.57 -10.74 26.54
N ALA EA 298 -44.75 -11.75 26.44
CA ALA EA 298 -43.34 -11.62 26.75
C ALA EA 298 -42.61 -11.59 25.42
N GLU EA 299 -42.13 -10.44 25.06
CA GLU EA 299 -41.44 -10.32 23.78
C GLU EA 299 -40.07 -10.93 24.01
N LEU EA 300 -39.19 -10.76 23.03
CA LEU EA 300 -37.88 -11.31 23.22
C LEU EA 300 -38.04 -12.76 23.63
N CYS EA 301 -38.73 -13.56 22.81
CA CYS EA 301 -38.91 -14.97 23.11
C CYS EA 301 -37.49 -15.52 23.21
N LEU EA 302 -36.63 -15.01 22.32
CA LEU EA 302 -35.23 -15.37 22.30
C LEU EA 302 -34.42 -14.07 22.51
N GLY EA 303 -33.66 -14.00 23.60
CA GLY EA 303 -32.88 -12.82 23.85
C GLY EA 303 -31.65 -12.92 24.76
N GLY EA 304 -30.74 -11.98 24.57
CA GLY EA 304 -29.53 -11.89 25.36
C GLY EA 304 -29.94 -11.39 26.73
N PRO EA 305 -29.13 -11.77 27.81
CA PRO EA 305 -29.60 -11.24 29.10
C PRO EA 305 -29.42 -9.74 29.18
N GLY EA 306 -30.47 -9.04 29.58
CA GLY EA 306 -30.45 -7.60 29.70
C GLY EA 306 -31.65 -7.15 30.50
N ALA EA 307 -31.66 -5.89 30.92
CA ALA EA 307 -32.78 -5.39 31.67
C ALA EA 307 -33.97 -5.50 30.74
N ALA EA 308 -35.14 -5.85 31.28
CA ALA EA 308 -36.34 -6.00 30.51
C ALA EA 308 -37.13 -4.70 30.66
N PHE EA 309 -38.08 -4.42 29.79
CA PHE EA 309 -38.84 -3.20 29.96
C PHE EA 309 -40.30 -3.47 30.03
N LEU EA 310 -41.08 -2.62 30.68
CA LEU EA 310 -42.50 -2.91 30.74
C LEU EA 310 -43.37 -1.75 30.22
N TYR EA 311 -44.18 -2.08 29.21
CA TYR EA 311 -45.07 -1.20 28.45
C TYR EA 311 -46.50 -1.64 28.67
N LEU EA 312 -47.43 -0.79 28.24
CA LEU EA 312 -48.85 -1.05 28.38
C LEU EA 312 -49.49 -0.73 27.04
N VAL EA 313 -50.15 -1.71 26.44
CA VAL EA 313 -50.58 -1.63 25.05
C VAL EA 313 -52.09 -1.84 24.96
N PHE EA 314 -52.77 -1.08 24.15
CA PHE EA 314 -54.16 -1.37 24.00
C PHE EA 314 -54.22 -1.74 22.53
N THR EA 315 -54.80 -2.89 22.21
CA THR EA 315 -54.94 -3.30 20.83
C THR EA 315 -56.40 -3.16 20.51
N TYR EA 316 -56.73 -2.73 19.31
CA TYR EA 316 -58.14 -2.55 18.99
C TYR EA 316 -58.59 -3.26 17.73
N ARG EA 317 -59.90 -3.45 17.64
CA ARG EA 317 -60.54 -4.06 16.48
C ARG EA 317 -61.47 -2.98 15.94
N GLN EA 318 -61.31 -2.62 14.67
CA GLN EA 318 -62.18 -1.60 14.06
C GLN EA 318 -62.99 -2.18 12.95
N CYS EA 319 -64.01 -2.95 13.33
CA CYS EA 319 -64.99 -3.68 12.51
C CYS EA 319 -64.49 -5.03 12.02
N ARG EA 320 -63.21 -5.32 12.25
CA ARG EA 320 -62.63 -6.62 11.96
C ARG EA 320 -63.29 -7.51 13.00
N ASP EA 321 -63.30 -7.03 14.25
CA ASP EA 321 -64.05 -7.68 15.31
C ASP EA 321 -65.05 -6.70 15.93
N GLN EA 322 -65.38 -5.57 15.27
CA GLN EA 322 -66.32 -4.74 16.02
C GLN EA 322 -65.71 -4.17 17.30
N GLU EA 323 -64.80 -3.22 17.09
CA GLU EA 323 -64.17 -2.43 18.16
C GLU EA 323 -63.59 -3.26 19.31
N LEU EA 324 -62.71 -4.16 18.93
CA LEU EA 324 -62.02 -4.99 19.88
C LEU EA 324 -61.16 -4.18 20.84
N CYS EA 325 -61.13 -4.60 22.11
CA CYS EA 325 -60.22 -4.02 23.09
C CYS EA 325 -59.28 -5.11 23.56
N CYS EA 326 -57.99 -4.91 23.32
CA CYS EA 326 -56.94 -5.79 23.82
C CYS EA 326 -56.08 -4.96 24.75
N VAL EA 327 -55.80 -5.46 25.94
CA VAL EA 327 -55.00 -4.76 26.92
C VAL EA 327 -54.02 -5.75 27.50
N TYR EA 328 -52.73 -5.47 27.35
CA TYR EA 328 -51.72 -6.36 27.92
C TYR EA 328 -50.41 -5.61 28.02
N VAL EA 329 -49.39 -6.33 28.49
CA VAL EA 329 -48.11 -5.78 28.87
C VAL EA 329 -47.02 -6.44 28.04
N VAL EA 330 -46.03 -5.67 27.61
CA VAL EA 330 -44.92 -6.25 26.87
C VAL EA 330 -43.64 -5.91 27.59
N LYS EA 331 -42.91 -7.01 27.63
CA LYS EA 331 -41.68 -7.17 28.34
C LYS EA 331 -40.52 -7.56 27.48
N SER EA 332 -39.76 -6.60 26.98
CA SER EA 332 -38.60 -6.91 26.17
C SER EA 332 -37.64 -5.77 26.21
N GLN EA 333 -36.39 -5.98 25.85
CA GLN EA 333 -35.48 -4.85 25.90
C GLN EA 333 -35.42 -4.03 24.63
N LEU EA 334 -36.31 -3.05 24.51
CA LEU EA 334 -36.31 -2.15 23.39
C LEU EA 334 -36.68 -0.77 23.90
N PRO EA 335 -35.96 0.28 23.49
CA PRO EA 335 -36.31 1.61 23.98
C PRO EA 335 -37.43 2.19 23.15
N PRO EA 336 -38.43 2.75 23.79
CA PRO EA 336 -39.63 3.09 23.06
C PRO EA 336 -39.50 3.45 21.59
N ARG EA 337 -38.34 3.84 21.09
CA ARG EA 337 -38.29 4.27 19.70
C ARG EA 337 -38.24 3.01 18.87
N GLY EA 338 -38.05 1.85 19.50
CA GLY EA 338 -37.95 0.59 18.81
C GLY EA 338 -39.17 -0.27 19.02
N LEU EA 339 -40.03 0.15 19.95
CA LEU EA 339 -41.22 -0.62 20.24
C LEU EA 339 -42.28 -0.39 19.18
N GLU EA 340 -42.38 0.84 18.67
CA GLU EA 340 -43.33 1.14 17.62
C GLU EA 340 -43.10 0.24 16.41
N ALA EA 341 -41.84 -0.06 16.11
CA ALA EA 341 -41.53 -0.96 15.00
C ALA EA 341 -42.02 -2.36 15.30
N ALA EA 342 -41.61 -2.93 16.42
CA ALA EA 342 -42.02 -4.28 16.77
C ALA EA 342 -43.51 -4.38 17.04
N LEU EA 343 -44.17 -3.25 17.31
CA LEU EA 343 -45.62 -3.27 17.42
C LEU EA 343 -46.27 -3.26 16.05
N GLU EA 344 -45.62 -2.66 15.05
CA GLU EA 344 -46.10 -2.76 13.68
C GLU EA 344 -46.12 -4.21 13.24
N ARG EA 345 -45.03 -4.94 13.47
CA ARG EA 345 -45.06 -6.37 13.31
C ARG EA 345 -45.87 -7.00 14.43
N LEU EA 346 -45.98 -8.33 14.40
CA LEU EA 346 -46.66 -9.09 15.43
C LEU EA 346 -48.16 -8.80 15.46
N PHE EA 347 -48.61 -7.81 14.70
CA PHE EA 347 -50.02 -7.50 14.55
C PHE EA 347 -50.47 -7.69 13.11
N GLY EA 348 -51.37 -8.62 12.88
CA GLY EA 348 -52.17 -8.65 11.68
C GLY EA 348 -53.43 -7.82 11.80
N ARG EA 349 -53.53 -7.03 12.87
CA ARG EA 349 -54.71 -6.25 13.18
C ARG EA 349 -54.69 -4.86 12.56
N LEU EA 350 -53.69 -4.55 11.73
CA LEU EA 350 -53.58 -3.27 11.05
C LEU EA 350 -54.71 -3.03 10.05
N ARG EA 351 -55.62 -3.99 9.97
CA ARG EA 351 -56.71 -3.91 9.02
C ARG EA 351 -57.79 -2.96 9.47
N ILE EA 352 -57.35 -1.76 9.85
CA ILE EA 352 -58.25 -0.69 10.20
C ILE EA 352 -58.25 -0.10 8.80
N THR EA 416 -60.87 4.46 11.30
CA THR EA 416 -59.86 4.77 10.29
C THR EA 416 -58.54 4.10 10.67
N CYS EA 417 -57.67 4.84 11.34
CA CYS EA 417 -56.37 4.33 11.75
C CYS EA 417 -56.18 4.61 13.23
N THR EA 418 -55.25 3.86 13.82
CA THR EA 418 -54.87 3.92 15.23
C THR EA 418 -55.37 2.72 16.02
N TYR EA 419 -54.86 2.51 17.22
CA TYR EA 419 -55.37 1.37 17.95
C TYR EA 419 -54.41 0.76 18.95
N ALA EA 420 -53.12 0.73 18.63
CA ALA EA 420 -52.17 0.20 19.59
C ALA EA 420 -51.45 1.41 20.12
N ALA EA 421 -51.54 1.62 21.42
CA ALA EA 421 -50.93 2.75 22.08
C ALA EA 421 -50.12 2.09 23.16
N PHE EA 422 -48.92 2.57 23.49
CA PHE EA 422 -48.28 1.81 24.54
C PHE EA 422 -47.65 2.75 25.53
N ALA EA 423 -47.43 2.28 26.74
CA ALA EA 423 -46.76 3.08 27.75
C ALA EA 423 -45.80 2.18 28.46
N GLU EA 424 -44.72 2.74 28.99
CA GLU EA 424 -43.77 1.92 29.68
C GLU EA 424 -44.14 2.01 31.11
N LEU EA 425 -44.44 0.88 31.72
CA LEU EA 425 -44.78 0.86 33.13
C LEU EA 425 -43.58 1.20 33.93
N GLY EA 426 -42.45 0.65 33.49
CA GLY EA 426 -41.17 0.84 34.15
C GLY EA 426 -40.18 -0.30 33.94
N VAL EA 427 -38.94 -0.07 34.30
CA VAL EA 427 -37.89 -1.06 34.11
C VAL EA 427 -37.97 -2.19 35.07
N MET EA 428 -37.39 -3.31 34.70
CA MET EA 428 -37.30 -4.49 35.52
C MET EA 428 -35.79 -4.70 35.32
N PRO EA 429 -34.92 -4.02 36.10
CA PRO EA 429 -33.50 -4.02 35.79
C PRO EA 429 -32.77 -5.27 36.12
N ASP EA 430 -33.45 -6.32 35.70
CA ASP EA 430 -32.97 -7.68 35.74
C ASP EA 430 -33.99 -8.43 34.92
N ASP EA 431 -33.46 -9.15 33.98
CA ASP EA 431 -34.20 -9.89 33.00
C ASP EA 431 -35.03 -11.05 33.56
N SER EA 432 -34.42 -11.80 34.46
CA SER EA 432 -34.89 -13.07 35.03
C SER EA 432 -36.13 -13.33 35.93
N PRO EA 433 -36.70 -12.33 36.57
CA PRO EA 433 -37.77 -12.67 37.49
C PRO EA 433 -39.05 -13.02 36.80
N ARG EA 434 -39.12 -13.27 35.49
CA ARG EA 434 -40.50 -13.51 35.12
C ARG EA 434 -40.88 -14.96 35.47
N CYS EA 435 -41.93 -15.07 36.30
CA CYS EA 435 -42.44 -16.35 36.82
C CYS EA 435 -43.90 -16.65 36.52
N LEU EA 436 -44.23 -17.91 36.30
CA LEU EA 436 -45.62 -18.26 36.00
C LEU EA 436 -46.33 -18.97 37.15
N HIS EA 437 -47.42 -18.40 37.61
CA HIS EA 437 -48.13 -19.00 38.73
C HIS EA 437 -49.61 -19.31 38.54
N ARG EA 438 -50.08 -20.15 39.46
CA ARG EA 438 -51.44 -20.63 39.55
C ARG EA 438 -51.57 -21.00 41.02
N THR EA 439 -52.79 -21.29 41.46
CA THR EA 439 -53.06 -21.64 42.86
C THR EA 439 -53.26 -20.39 43.71
N GLU EA 440 -53.19 -19.24 43.05
CA GLU EA 440 -53.39 -17.98 43.72
C GLU EA 440 -54.85 -17.95 44.16
N ARG EA 441 -55.14 -17.34 45.30
CA ARG EA 441 -56.51 -17.28 45.79
C ARG EA 441 -56.96 -15.85 46.09
N VAL EA 445 -59.80 -17.80 43.94
CA VAL EA 445 -59.84 -18.76 42.85
C VAL EA 445 -58.48 -18.79 42.16
N GLY EA 446 -58.16 -19.88 41.47
CA GLY EA 446 -56.87 -19.99 40.79
C GLY EA 446 -56.84 -19.05 39.62
N VAL EA 447 -55.66 -18.74 39.09
CA VAL EA 447 -55.58 -17.83 37.95
C VAL EA 447 -54.20 -18.00 37.32
N PRO EA 448 -53.96 -17.56 36.09
CA PRO EA 448 -52.62 -17.71 35.61
C PRO EA 448 -52.17 -16.43 36.16
N VAL EA 449 -51.06 -16.51 36.83
CA VAL EA 449 -50.52 -15.34 37.39
C VAL EA 449 -49.08 -15.42 37.01
N VAL EA 450 -48.57 -14.33 36.51
CA VAL EA 450 -47.18 -14.28 36.21
C VAL EA 450 -46.67 -13.28 37.19
N ILE EA 451 -45.66 -13.71 37.88
CA ILE EA 451 -44.91 -12.92 38.84
C ILE EA 451 -43.70 -12.25 38.19
N LEU EA 452 -43.56 -10.95 38.42
CA LEU EA 452 -42.44 -10.14 37.92
C LEU EA 452 -41.60 -9.71 39.11
N GLU EA 453 -40.38 -10.21 39.21
CA GLU EA 453 -39.55 -9.97 40.39
C GLU EA 453 -38.71 -8.72 40.16
N GLY EA 454 -39.03 -7.68 40.91
CA GLY EA 454 -38.36 -6.41 40.89
C GLY EA 454 -38.89 -5.62 39.72
N VAL EA 455 -39.24 -4.37 39.97
CA VAL EA 455 -39.76 -3.45 38.95
C VAL EA 455 -39.46 -2.06 39.46
N VAL EA 456 -39.10 -1.17 38.56
CA VAL EA 456 -38.92 0.22 38.92
C VAL EA 456 -39.91 1.01 38.08
N TRP EA 457 -41.06 1.25 38.65
CA TRP EA 457 -42.07 1.86 37.84
C TRP EA 457 -41.44 3.16 37.40
N ARG EA 458 -41.55 3.45 36.11
CA ARG EA 458 -41.02 4.65 35.55
C ARG EA 458 -42.00 4.86 34.43
N PRO EA 459 -43.18 5.40 34.73
CA PRO EA 459 -44.31 5.55 33.82
C PRO EA 459 -44.26 6.36 32.49
N GLY EA 460 -43.79 7.59 32.36
CA GLY EA 460 -43.78 8.07 30.98
C GLY EA 460 -45.20 8.37 30.47
N GLY EA 461 -45.26 8.79 29.21
CA GLY EA 461 -46.49 9.20 28.59
C GLY EA 461 -47.01 8.21 27.55
N TRP EA 462 -48.19 8.52 27.02
CA TRP EA 462 -48.77 7.74 25.94
C TRP EA 462 -48.24 8.20 24.60
N ARG EA 463 -47.86 7.28 23.74
CA ARG EA 463 -47.60 7.58 22.35
C ARG EA 463 -48.32 6.57 21.47
N ALA EA 464 -49.39 7.02 20.80
CA ALA EA 464 -49.89 6.33 19.61
C ALA EA 464 -50.29 7.39 18.60
N CYS EA 465 -49.53 7.50 17.51
CA CYS EA 465 -49.94 8.36 16.40
C CYS EA 465 -50.50 7.59 15.21
N ALA EA 466 -50.39 6.27 15.23
CA ALA EA 466 -50.65 5.45 14.05
C ALA EA 466 -50.50 3.98 14.35
N MET FA 1 -75.71 73.76 -46.93
CA MET FA 1 -75.06 75.03 -46.65
C MET FA 1 -76.09 76.04 -46.21
N ALA FA 2 -75.57 77.24 -45.96
CA ALA FA 2 -76.36 78.42 -45.70
C ALA FA 2 -76.97 78.85 -47.06
N ALA FA 3 -77.93 79.77 -47.03
CA ALA FA 3 -78.59 80.24 -48.26
C ALA FA 3 -79.20 79.06 -48.99
N PRO FA 4 -78.87 78.85 -50.28
CA PRO FA 4 -79.48 77.66 -50.88
C PRO FA 4 -78.49 76.49 -50.93
N GLN FA 5 -78.67 75.57 -49.98
CA GLN FA 5 -77.81 74.41 -49.83
C GLN FA 5 -77.98 73.28 -50.84
N PHE FA 6 -76.75 72.84 -51.07
CA PHE FA 6 -76.24 71.81 -51.92
C PHE FA 6 -74.84 71.63 -51.31
N HIS FA 7 -74.20 70.54 -51.68
CA HIS FA 7 -72.85 70.21 -51.26
C HIS FA 7 -72.47 69.81 -52.65
N ARG FA 8 -71.22 69.48 -52.91
CA ARG FA 8 -70.78 69.23 -54.27
C ARG FA 8 -71.58 68.28 -55.15
N PRO FA 9 -71.96 68.85 -56.30
CA PRO FA 9 -71.65 70.28 -56.49
C PRO FA 9 -72.85 71.21 -56.64
N SER FA 10 -72.92 72.30 -55.91
CA SER FA 10 -74.05 73.24 -55.97
C SER FA 10 -73.80 74.76 -56.18
N THR FA 11 -73.18 75.54 -55.31
CA THR FA 11 -73.15 76.98 -55.69
C THR FA 11 -73.59 78.22 -54.93
N ILE FA 12 -74.76 78.25 -54.35
CA ILE FA 12 -75.20 79.43 -53.58
C ILE FA 12 -74.62 79.26 -52.20
N THR FA 13 -74.27 80.35 -51.54
CA THR FA 13 -73.62 80.34 -50.22
C THR FA 13 -72.08 80.17 -50.31
N ALA FA 14 -71.62 78.96 -50.14
CA ALA FA 14 -70.19 78.70 -50.27
C ALA FA 14 -70.17 78.66 -51.73
N ASP FA 15 -69.75 79.74 -52.31
CA ASP FA 15 -69.75 79.86 -53.74
C ASP FA 15 -69.09 78.62 -54.35
N ASN FA 16 -69.88 77.96 -55.20
CA ASN FA 16 -69.57 76.71 -55.87
C ASN FA 16 -69.83 75.28 -55.20
N VAL FA 17 -69.10 74.33 -55.78
CA VAL FA 17 -69.07 72.87 -55.72
C VAL FA 17 -68.12 72.44 -56.81
N ARG FA 18 -67.87 71.13 -56.84
CA ARG FA 18 -67.07 70.47 -57.88
C ARG FA 18 -68.04 70.76 -58.97
N ALA FA 19 -67.51 71.21 -60.09
CA ALA FA 19 -68.21 71.73 -61.26
C ALA FA 19 -67.74 73.10 -60.85
N LEU FA 20 -67.73 74.10 -61.73
CA LEU FA 20 -67.20 75.38 -61.33
C LEU FA 20 -65.70 75.02 -61.26
N GLY FA 21 -64.82 75.84 -60.69
CA GLY FA 21 -63.39 75.52 -60.68
C GLY FA 21 -62.67 76.17 -59.54
N MET FA 22 -61.37 76.08 -59.40
CA MET FA 22 -60.95 76.76 -58.21
C MET FA 22 -61.48 78.19 -58.36
N ARG FA 23 -61.43 78.73 -59.56
CA ARG FA 23 -61.92 80.08 -59.85
C ARG FA 23 -63.45 80.05 -59.71
N GLY FA 24 -64.12 81.20 -59.56
CA GLY FA 24 -65.55 81.15 -59.35
C GLY FA 24 -65.72 80.54 -57.97
N LEU FA 25 -64.85 79.61 -57.57
CA LEU FA 25 -64.86 79.10 -56.20
C LEU FA 25 -64.28 80.29 -55.44
N VAL FA 26 -63.01 80.46 -55.73
CA VAL FA 26 -62.16 81.36 -55.03
C VAL FA 26 -62.68 82.70 -55.23
N LEU FA 27 -63.00 82.94 -56.47
CA LEU FA 27 -63.59 84.17 -56.86
C LEU FA 27 -64.98 84.26 -56.24
N ALA FA 28 -65.75 83.17 -56.29
CA ALA FA 28 -67.13 83.10 -55.77
C ALA FA 28 -67.37 83.26 -54.29
N THR FA 29 -66.54 82.54 -53.57
CA THR FA 29 -66.49 82.54 -52.15
C THR FA 29 -66.00 83.92 -51.77
N ASN FA 30 -65.05 84.45 -52.50
CA ASN FA 30 -64.57 85.79 -52.17
C ASN FA 30 -65.73 86.78 -52.34
N ASN FA 31 -66.51 86.48 -53.36
CA ASN FA 31 -67.67 87.21 -53.81
C ASN FA 31 -68.84 87.37 -52.86
N ALA FA 32 -69.09 86.42 -51.95
CA ALA FA 32 -70.28 86.65 -51.00
C ALA FA 32 -70.38 87.81 -49.80
N GLN FA 33 -71.59 88.05 -49.23
CA GLN FA 33 -71.93 88.93 -48.12
C GLN FA 33 -71.94 88.28 -46.73
N PHE FA 34 -71.93 89.16 -45.74
CA PHE FA 34 -71.87 88.84 -44.32
C PHE FA 34 -72.98 87.95 -43.84
N ILE FA 35 -74.12 88.04 -44.50
CA ILE FA 35 -75.29 87.34 -44.03
C ILE FA 35 -75.25 85.84 -43.97
N MET FA 36 -76.27 85.42 -43.27
CA MET FA 36 -76.67 84.10 -42.81
C MET FA 36 -78.11 83.69 -43.11
N ASP FA 37 -78.20 82.61 -43.88
CA ASP FA 37 -79.44 82.06 -44.39
C ASP FA 37 -79.99 82.70 -45.67
N ASN FA 38 -79.15 83.43 -46.42
CA ASN FA 38 -79.62 84.04 -47.68
C ASN FA 38 -80.01 82.97 -48.70
N SER FA 39 -81.15 83.21 -49.35
CA SER FA 39 -81.69 82.33 -50.38
C SER FA 39 -82.26 81.04 -49.76
N TYR FA 40 -82.20 80.93 -48.43
CA TYR FA 40 -82.70 79.72 -47.78
C TYR FA 40 -83.42 79.91 -46.45
N PRO FA 41 -84.40 78.97 -46.18
CA PRO FA 41 -85.08 79.13 -44.89
C PRO FA 41 -84.72 77.97 -43.97
N HIS FA 42 -83.90 77.05 -44.46
CA HIS FA 42 -83.54 75.86 -43.71
C HIS FA 42 -82.06 75.52 -43.68
N PRO FA 43 -81.69 74.70 -42.61
CA PRO FA 43 -80.27 74.32 -42.55
C PRO FA 43 -79.97 72.99 -43.26
N HIS FA 44 -78.70 72.62 -43.31
CA HIS FA 44 -78.31 71.38 -43.95
C HIS FA 44 -78.94 70.28 -43.10
N GLY FA 45 -79.38 69.20 -43.72
CA GLY FA 45 -79.98 68.12 -42.96
C GLY FA 45 -78.93 67.59 -42.00
N THR FA 46 -77.70 67.39 -42.48
CA THR FA 46 -76.67 66.86 -41.61
C THR FA 46 -76.51 67.86 -40.50
N GLN FA 47 -76.48 69.10 -40.94
CA GLN FA 47 -76.31 70.28 -40.14
C GLN FA 47 -75.39 70.97 -41.06
N GLY FA 48 -74.74 71.98 -40.56
CA GLY FA 48 -73.80 72.72 -41.36
C GLY FA 48 -72.49 72.13 -40.92
N ALA FA 49 -72.50 70.89 -40.40
CA ALA FA 49 -71.20 70.45 -39.94
C ALA FA 49 -70.47 70.05 -41.21
N VAL FA 50 -71.32 69.56 -42.11
CA VAL FA 50 -70.98 69.17 -43.46
C VAL FA 50 -71.70 70.13 -44.40
N ARG FA 51 -70.93 70.90 -45.13
CA ARG FA 51 -71.49 71.77 -46.13
C ARG FA 51 -71.04 71.27 -47.51
N GLU FA 52 -70.39 70.09 -47.53
CA GLU FA 52 -69.89 69.38 -48.69
C GLU FA 52 -68.97 70.25 -49.55
N PHE FA 53 -68.14 71.04 -48.87
CA PHE FA 53 -67.26 71.98 -49.54
C PHE FA 53 -65.84 71.56 -49.68
N LEU FA 54 -65.02 71.72 -48.66
CA LEU FA 54 -63.64 71.35 -48.97
C LEU FA 54 -63.56 70.12 -49.87
N ARG FA 55 -64.53 69.21 -49.77
CA ARG FA 55 -64.51 68.04 -50.64
C ARG FA 55 -64.58 68.46 -52.10
N GLY FA 56 -65.38 69.47 -52.41
CA GLY FA 56 -65.41 69.99 -53.76
C GLY FA 56 -64.21 70.86 -54.07
N GLN FA 57 -63.73 71.60 -53.05
CA GLN FA 57 -62.59 72.49 -53.26
C GLN FA 57 -61.30 71.70 -53.38
N ALA FA 58 -61.24 70.54 -52.74
CA ALA FA 58 -60.09 69.65 -52.92
C ALA FA 58 -60.16 68.96 -54.26
N ALA FA 59 -61.33 68.43 -54.62
CA ALA FA 59 -61.49 67.79 -55.92
C ALA FA 59 -61.40 68.80 -57.04
N ALA FA 60 -61.54 70.09 -56.73
CA ALA FA 60 -61.27 71.13 -57.72
C ALA FA 60 -59.81 71.11 -58.15
N LEU FA 61 -58.89 71.06 -57.18
CA LEU FA 61 -57.47 71.07 -57.53
C LEU FA 61 -57.09 69.85 -58.35
N THR FA 62 -57.65 68.68 -58.02
CA THR FA 62 -57.44 67.52 -58.86
C THR FA 62 -57.86 67.80 -60.30
N ASP FA 63 -58.90 68.62 -60.50
CA ASP FA 63 -59.26 69.06 -61.83
C ASP FA 63 -58.34 70.14 -62.39
N LEU FA 64 -57.65 70.86 -61.51
CA LEU FA 64 -56.71 71.91 -61.93
C LEU FA 64 -55.31 71.36 -62.06
N GLY FA 65 -55.12 70.15 -61.56
CA GLY FA 65 -53.85 69.46 -61.58
C GLY FA 65 -53.34 69.12 -62.96
N VAL FA 66 -54.25 69.03 -63.92
CA VAL FA 66 -54.01 68.69 -65.32
C VAL FA 66 -53.08 69.58 -66.19
N THR FA 67 -53.29 70.89 -66.19
CA THR FA 67 -52.50 71.77 -67.07
C THR FA 67 -51.71 72.93 -66.45
N HIS FA 68 -51.50 72.93 -65.13
CA HIS FA 68 -50.78 74.04 -64.52
C HIS FA 68 -49.30 73.81 -64.22
N ALA FA 69 -48.48 74.80 -64.58
CA ALA FA 69 -47.04 74.79 -64.38
C ALA FA 69 -46.37 73.99 -65.50
N ASN FA 70 -47.22 73.38 -66.32
CA ASN FA 70 -46.79 72.60 -67.47
C ASN FA 70 -47.94 72.69 -68.47
N ASN FA 71 -47.62 72.61 -69.75
CA ASN FA 71 -48.65 72.67 -70.76
C ASN FA 71 -49.56 71.48 -70.50
N THR FA 72 -48.90 70.39 -70.13
CA THR FA 72 -49.45 69.09 -69.80
C THR FA 72 -48.48 68.14 -70.47
N PHE FA 73 -48.09 68.49 -71.70
CA PHE FA 73 -47.13 67.73 -72.48
C PHE FA 73 -45.72 68.29 -72.28
N ALA FA 74 -45.67 69.43 -71.60
CA ALA FA 74 -44.43 70.17 -71.30
C ALA FA 74 -43.66 69.60 -70.12
N PRO FA 75 -42.43 70.10 -69.93
CA PRO FA 75 -41.64 69.66 -68.78
C PRO FA 75 -42.08 70.26 -67.43
N GLN FA 76 -43.07 69.59 -66.86
CA GLN FA 76 -43.59 69.90 -65.56
C GLN FA 76 -43.77 68.42 -65.28
N PRO FA 77 -43.76 67.90 -64.00
CA PRO FA 77 -43.70 68.86 -62.90
C PRO FA 77 -42.32 69.17 -62.38
N MET FA 78 -41.27 68.82 -63.08
CA MET FA 78 -39.96 69.14 -62.55
C MET FA 78 -39.28 67.93 -61.96
N PHE FA 79 -39.43 67.69 -60.67
CA PHE FA 79 -38.74 66.57 -60.06
C PHE FA 79 -39.11 65.23 -60.68
N ALA FA 80 -40.38 65.10 -61.02
CA ALA FA 80 -40.98 63.95 -61.66
C ALA FA 80 -40.17 62.65 -61.64
N ALA FA 85 -48.30 60.92 -55.57
CA ALA FA 85 -47.07 60.15 -55.49
C ALA FA 85 -45.90 60.84 -56.12
N GLU FA 86 -44.76 60.21 -55.94
CA GLU FA 86 -43.52 60.54 -56.57
C GLU FA 86 -43.14 62.01 -56.68
N TRP FA 87 -43.04 62.69 -55.56
CA TRP FA 87 -42.58 64.05 -55.69
C TRP FA 87 -41.18 63.78 -56.27
N LEU FA 88 -40.47 62.77 -55.76
CA LEU FA 88 -39.18 62.43 -56.31
C LEU FA 88 -38.93 60.92 -56.63
N ARG FA 89 -39.99 60.13 -56.68
CA ARG FA 89 -40.07 58.69 -57.10
C ARG FA 89 -39.48 57.69 -56.20
N PRO FA 90 -39.78 56.41 -56.48
CA PRO FA 90 -39.35 55.22 -55.71
C PRO FA 90 -39.02 54.06 -56.59
N SER FA 91 -38.33 53.05 -56.05
CA SER FA 91 -37.88 51.82 -56.79
C SER FA 91 -38.57 50.55 -56.37
N PHE FA 92 -39.02 49.77 -57.34
CA PHE FA 92 -39.71 48.49 -57.19
C PHE FA 92 -38.70 47.33 -57.18
N GLY FA 93 -39.14 46.15 -57.49
CA GLY FA 93 -38.34 44.95 -57.52
C GLY FA 93 -37.24 45.09 -58.50
N LEU FA 94 -36.19 44.37 -58.21
CA LEU FA 94 -34.94 44.35 -58.98
C LEU FA 94 -35.17 43.80 -60.40
N LYS FA 95 -36.47 43.60 -60.69
CA LYS FA 95 -37.01 43.10 -61.93
C LYS FA 95 -36.78 41.71 -61.63
N ARG FA 96 -37.17 40.79 -62.49
CA ARG FA 96 -37.12 39.37 -62.20
C ARG FA 96 -38.45 39.02 -61.46
N THR FA 97 -39.33 40.02 -61.37
CA THR FA 97 -40.68 40.00 -60.84
C THR FA 97 -41.22 41.16 -61.69
N TYR FA 98 -42.08 40.88 -62.66
CA TYR FA 98 -42.56 41.94 -63.56
C TYR FA 98 -43.36 43.11 -63.00
N SER FA 99 -44.28 42.87 -62.09
CA SER FA 99 -45.09 43.95 -61.54
C SER FA 99 -45.21 43.77 -60.05
N PRO FA 100 -45.41 44.88 -59.35
CA PRO FA 100 -45.60 44.88 -57.91
C PRO FA 100 -45.51 46.31 -57.36
N PHE FA 101 -45.44 46.42 -56.04
CA PHE FA 101 -45.28 47.70 -55.36
C PHE FA 101 -44.11 47.58 -54.38
N VAL FA 102 -43.08 48.39 -54.54
CA VAL FA 102 -41.93 48.33 -53.63
C VAL FA 102 -41.49 49.64 -52.94
N VAL FA 103 -42.14 50.74 -53.26
CA VAL FA 103 -41.76 52.00 -52.66
C VAL FA 103 -43.03 52.80 -52.53
N ARG FA 104 -43.09 53.77 -51.64
CA ARG FA 104 -44.37 54.47 -51.60
C ARG FA 104 -44.69 55.07 -52.99
N ASP FA 105 -43.72 55.77 -53.57
CA ASP FA 105 -43.94 56.41 -54.85
C ASP FA 105 -43.63 55.47 -56.01
N PRO FA 106 -44.68 54.68 -56.48
CA PRO FA 106 -44.30 53.81 -57.60
C PRO FA 106 -43.85 54.67 -58.73
N LYS FA 107 -44.60 55.75 -58.90
CA LYS FA 107 -44.37 56.74 -59.93
C LYS FA 107 -45.48 57.76 -59.83
N THR FA 108 -45.93 58.24 -60.98
CA THR FA 108 -46.98 59.24 -61.12
C THR FA 108 -46.84 59.53 -62.59
N PRO FA 109 -47.33 60.67 -63.05
CA PRO FA 109 -47.18 61.02 -64.46
C PRO FA 109 -46.62 62.43 -64.61
N SER FA 110 -45.76 62.65 -65.61
CA SER FA 110 -45.20 64.00 -65.86
C SER FA 110 -46.19 64.72 -66.75
N THR FA 111 -47.41 64.94 -66.25
CA THR FA 111 -48.43 65.54 -67.09
C THR FA 111 -49.69 65.94 -66.34
N MET GA 1 -89.31 -106.32 -30.34
CA MET GA 1 -88.79 -104.97 -30.46
C MET GA 1 -89.93 -103.97 -30.43
N ALA GA 2 -89.51 -102.72 -30.53
CA ALA GA 2 -90.42 -101.59 -30.72
C ALA GA 2 -90.93 -101.68 -32.18
N ALA GA 3 -91.94 -100.88 -32.51
CA ALA GA 3 -92.53 -100.89 -33.86
C ALA GA 3 -92.99 -102.30 -34.21
N PRO GA 4 -92.53 -102.86 -35.34
CA PRO GA 4 -93.00 -104.24 -35.56
C PRO GA 4 -91.94 -105.26 -35.17
N GLN GA 5 -92.13 -105.84 -34.00
CA GLN GA 5 -91.19 -106.81 -33.44
C GLN GA 5 -91.20 -108.22 -34.03
N PHE GA 6 -89.92 -108.59 -34.03
CA PHE GA 6 -89.27 -109.77 -34.47
C PHE GA 6 -87.92 -109.62 -33.76
N HIS GA 7 -87.17 -110.71 -33.71
CA HIS GA 7 -85.86 -110.76 -33.14
C HIS GA 7 -85.33 -111.54 -34.29
N ARG GA 8 -84.03 -111.81 -34.36
CA ARG GA 8 -83.47 -112.43 -35.54
C ARG GA 8 -84.10 -113.69 -36.12
N PRO GA 9 -84.43 -113.55 -37.40
CA PRO GA 9 -84.20 -112.22 -38.02
C PRO GA 9 -85.44 -111.51 -38.54
N SER GA 10 -85.66 -110.26 -38.19
CA SER GA 10 -86.84 -109.49 -38.63
C SER GA 10 -86.69 -108.10 -39.31
N THR GA 11 -86.20 -107.03 -38.70
CA THR GA 11 -86.24 -105.79 -39.51
C THR GA 11 -86.83 -104.42 -39.21
N ILE GA 12 -88.06 -104.32 -38.76
CA ILE GA 12 -88.63 -103.00 -38.43
C ILE GA 12 -88.16 -102.67 -37.04
N THR GA 13 -87.95 -101.41 -36.74
CA THR GA 13 -87.42 -100.94 -35.45
C THR GA 13 -85.88 -100.98 -35.39
N ALA GA 14 -85.34 -102.03 -34.82
CA ALA GA 14 -83.89 -102.18 -34.76
C ALA GA 14 -83.74 -102.67 -36.12
N ASP GA 15 -83.35 -101.79 -37.00
CA ASP GA 15 -83.24 -102.13 -38.39
C ASP GA 15 -82.43 -103.43 -38.53
N ASN GA 16 -83.11 -104.39 -39.17
CA ASN GA 16 -82.65 -105.76 -39.38
C ASN GA 16 -82.87 -106.92 -38.30
N VAL GA 17 -82.00 -107.92 -38.44
CA VAL GA 17 -82.00 -109.08 -37.60
C VAL GA 17 -81.02 -109.97 -38.30
N ARG GA 18 -81.03 -111.25 -37.97
CA ARG GA 18 -80.11 -112.19 -38.59
C ARG GA 18 -80.51 -112.23 -40.06
N ALA GA 19 -79.56 -112.57 -40.92
CA ALA GA 19 -79.79 -112.64 -42.36
C ALA GA 19 -79.66 -111.28 -43.06
N LEU GA 20 -79.19 -110.29 -42.32
CA LEU GA 20 -78.99 -108.95 -42.85
C LEU GA 20 -77.51 -108.59 -42.72
N GLY GA 21 -76.90 -108.09 -43.79
CA GLY GA 21 -75.50 -107.74 -43.74
C GLY GA 21 -75.24 -106.61 -42.77
N MET GA 22 -74.15 -106.68 -42.02
CA MET GA 22 -73.88 -105.63 -41.09
C MET GA 22 -74.50 -104.37 -41.71
N ARG GA 23 -74.38 -104.23 -43.03
CA ARG GA 23 -74.95 -103.09 -43.77
C ARG GA 23 -76.46 -103.22 -43.71
N GLY GA 24 -77.24 -102.17 -43.98
CA GLY GA 24 -78.66 -102.28 -43.84
C GLY GA 24 -78.92 -102.43 -42.36
N LEU GA 25 -78.02 -103.10 -41.63
CA LEU GA 25 -78.10 -103.15 -40.18
C LEU GA 25 -77.69 -101.74 -39.81
N VAL GA 26 -76.41 -101.54 -40.06
CA VAL GA 26 -75.70 -100.40 -39.63
C VAL GA 26 -76.28 -99.24 -40.29
N LEU GA 27 -76.51 -99.44 -41.55
CA LEU GA 27 -77.15 -98.45 -42.35
C LEU GA 27 -78.60 -98.31 -41.88
N ALA GA 28 -79.27 -99.43 -41.63
CA ALA GA 28 -80.68 -99.46 -41.19
C ALA GA 28 -81.07 -98.86 -39.86
N THR GA 29 -80.25 -99.24 -38.90
CA THR GA 29 -80.32 -98.79 -37.54
C THR GA 29 -79.98 -97.32 -37.61
N ASN GA 30 -79.01 -96.95 -38.40
CA ASN GA 30 -78.65 -95.54 -38.50
C ASN GA 30 -79.86 -94.77 -39.04
N ASN GA 31 -80.52 -95.45 -39.95
CA ASN GA 31 -81.70 -95.00 -40.69
C ASN GA 31 -82.94 -94.68 -39.92
N ALA GA 32 -83.21 -95.31 -38.77
CA ALA GA 32 -84.49 -94.91 -38.01
C ALA GA 32 -84.79 -93.44 -37.26
N GLN GA 33 -86.06 -93.16 -36.86
CA GLN GA 33 -86.54 -92.00 -36.12
C GLN GA 33 -86.63 -92.18 -34.59
N PHE GA 34 -86.77 -91.04 -33.94
CA PHE GA 34 -86.81 -90.88 -32.49
C PHE GA 34 -87.90 -91.67 -31.82
N ILE GA 35 -88.97 -91.91 -32.54
CA ILE GA 35 -90.13 -92.54 -31.94
C ILE GA 35 -89.99 -93.93 -31.41
N MET GA 36 -91.04 -94.20 -30.67
CA MET GA 36 -91.38 -95.34 -29.84
C MET GA 36 -92.75 -95.97 -30.07
N ASP GA 37 -92.70 -97.23 -30.47
CA ASP GA 37 -93.85 -98.03 -30.84
C ASP GA 37 -94.32 -97.89 -32.29
N ASN GA 38 -93.48 -97.35 -33.18
CA ASN GA 38 -93.88 -97.22 -34.60
C ASN GA 38 -94.10 -98.58 -35.24
N SER GA 39 -95.18 -98.68 -36.00
CA SER GA 39 -95.57 -99.89 -36.73
C SER GA 39 -96.11 -100.96 -35.75
N TYR GA 40 -96.15 -100.64 -34.46
CA TYR GA 40 -96.61 -101.62 -33.50
C TYR GA 40 -97.48 -101.10 -32.34
N PRO GA 41 -98.40 -102.00 -31.84
CA PRO GA 41 -99.19 -101.50 -30.72
C PRO GA 41 -98.84 -102.28 -29.45
N HIS GA 42 -97.92 -103.22 -29.57
CA HIS GA 42 -97.53 -104.07 -28.45
C HIS GA 42 -96.04 -104.24 -28.23
N PRO GA 43 -95.70 -104.64 -26.94
CA PRO GA 43 -94.28 -104.85 -26.66
C PRO GA 43 -93.82 -106.30 -26.89
N HIS GA 44 -92.52 -106.54 -26.75
CA HIS GA 44 -91.99 -107.88 -26.92
C HIS GA 44 -92.61 -108.70 -25.81
N GLY GA 45 -92.93 -109.96 -26.07
CA GLY GA 45 -93.51 -110.80 -25.04
C GLY GA 45 -92.51 -110.89 -23.90
N THR GA 46 -91.24 -111.11 -24.22
CA THR GA 46 -90.25 -111.26 -23.17
C THR GA 46 -90.25 -109.95 -22.44
N GLN GA 47 -90.29 -108.90 -23.24
CA GLN GA 47 -90.26 -107.52 -22.86
C GLN GA 47 -89.31 -107.08 -23.89
N GLY GA 48 -88.79 -105.90 -23.70
CA GLY GA 48 -87.84 -105.37 -24.63
C GLY GA 48 -86.54 -105.65 -23.96
N ALA GA 49 -86.50 -106.67 -23.05
CA ALA GA 49 -85.22 -106.81 -22.41
C ALA GA 49 -84.35 -107.53 -23.44
N VAL GA 50 -85.07 -108.35 -24.19
CA VAL GA 50 -84.60 -109.10 -25.31
C VAL GA 50 -85.30 -108.56 -26.55
N ARG GA 51 -84.52 -107.99 -27.45
CA ARG GA 51 -85.06 -107.54 -28.71
C ARG GA 51 -84.45 -108.40 -29.82
N GLU GA 52 -83.73 -109.46 -29.42
CA GLU GA 52 -83.07 -110.45 -30.27
C GLU GA 52 -82.14 -109.81 -31.29
N PHE GA 53 -81.44 -108.78 -30.86
CA PHE GA 53 -80.58 -108.01 -31.74
C PHE GA 53 -79.11 -108.32 -31.65
N LEU GA 54 -78.40 -107.77 -30.68
CA LEU GA 54 -76.98 -108.08 -30.78
C LEU GA 54 -76.73 -109.51 -31.23
N ARG GA 55 -77.63 -110.44 -30.90
CA ARG GA 55 -77.46 -111.81 -31.35
C ARG GA 55 -77.43 -111.89 -32.87
N GLY GA 56 -78.27 -111.11 -33.54
CA GLY GA 56 -78.21 -111.04 -34.98
C GLY GA 56 -77.06 -110.20 -35.48
N GLN GA 57 -76.73 -109.14 -34.72
CA GLN GA 57 -75.65 -108.25 -35.13
C GLN GA 57 -74.29 -108.91 -34.92
N ALA GA 58 -74.20 -109.81 -33.94
CA ALA GA 58 -72.99 -110.58 -33.75
C ALA GA 58 -72.88 -111.67 -34.81
N ALA GA 59 -73.98 -112.39 -35.04
CA ALA GA 59 -73.97 -113.41 -36.07
C ALA GA 59 -73.85 -112.82 -37.46
N ALA GA 60 -74.12 -111.52 -37.58
CA ALA GA 60 -73.84 -110.82 -38.84
C ALA GA 60 -72.35 -110.84 -39.15
N LEU GA 61 -71.52 -110.49 -38.16
CA LEU GA 61 -70.08 -110.45 -38.41
C LEU GA 61 -69.54 -111.82 -38.77
N THR GA 62 -70.04 -112.87 -38.11
CA THR GA 62 -69.67 -114.22 -38.52
C THR GA 62 -69.99 -114.45 -40.00
N ASP GA 63 -71.06 -113.83 -40.51
CA ASP GA 63 -71.34 -113.88 -41.94
C ASP GA 63 -70.45 -112.94 -42.75
N LEU GA 64 -69.90 -111.92 -42.11
CA LEU GA 64 -68.99 -110.97 -42.80
C LEU GA 64 -67.56 -111.41 -42.66
N GLY GA 65 -67.33 -112.36 -41.78
CA GLY GA 65 -66.00 -112.90 -41.51
C GLY GA 65 -65.35 -113.61 -42.66
N VAL GA 66 -66.17 -114.07 -43.59
CA VAL GA 66 -65.78 -114.82 -44.80
C VAL GA 66 -64.86 -114.16 -45.85
N THR GA 67 -65.16 -112.94 -46.28
CA THR GA 67 -64.35 -112.31 -47.35
C THR GA 67 -63.70 -110.95 -47.08
N HIS GA 68 -63.61 -110.52 -45.83
CA HIS GA 68 -63.03 -109.20 -45.56
C HIS GA 68 -61.56 -109.18 -45.12
N ALA GA 69 -60.80 -108.28 -45.73
CA ALA GA 69 -59.38 -108.10 -45.44
C ALA GA 69 -58.56 -109.14 -46.21
N ASN GA 70 -59.28 -110.06 -46.84
CA ASN GA 70 -58.71 -111.11 -47.65
C ASN GA 70 -59.76 -111.46 -48.69
N ASN GA 71 -59.32 -111.89 -49.86
CA ASN GA 71 -60.28 -112.26 -50.89
C ASN GA 71 -61.10 -113.38 -50.32
N THR GA 72 -60.41 -114.24 -49.58
CA THR GA 72 -60.90 -115.41 -48.89
C THR GA 72 -59.80 -116.43 -49.16
N PHE GA 73 -59.34 -116.45 -50.40
CA PHE GA 73 -58.26 -117.32 -50.85
C PHE GA 73 -56.91 -116.59 -50.75
N ALA GA 74 -57.00 -115.30 -50.47
CA ALA GA 74 -55.85 -114.39 -50.34
C ALA GA 74 -55.15 -114.47 -49.00
N PRO GA 75 -53.98 -113.84 -48.92
CA PRO GA 75 -53.26 -113.81 -47.64
C PRO GA 75 -53.86 -112.86 -46.58
N GLN GA 76 -54.85 -113.40 -45.88
CA GLN GA 76 -55.50 -112.76 -44.78
C GLN GA 76 -55.60 -114.08 -44.05
N PRO GA 77 -55.66 -114.16 -42.67
CA PRO GA 77 -55.76 -112.91 -41.94
C PRO GA 77 -54.46 -112.33 -41.48
N MET GA 78 -53.33 -112.76 -41.96
CA MET GA 78 -52.11 -112.17 -41.48
C MET GA 78 -51.40 -113.06 -40.50
N PHE GA 79 -51.64 -112.91 -39.20
CA PHE GA 79 -50.92 -113.70 -38.22
C PHE GA 79 -51.14 -115.21 -38.41
N ALA GA 80 -52.37 -115.55 -38.77
CA ALA GA 80 -52.82 -116.90 -39.04
C ALA GA 80 -51.93 -118.03 -38.54
N ALA GA 85 -60.41 -118.54 -32.75
CA ALA GA 85 -59.15 -119.12 -32.35
C ALA GA 85 -57.97 -118.56 -33.09
N GLU GA 86 -56.81 -119.00 -32.64
CA GLU GA 86 -55.54 -118.76 -33.28
C GLU GA 86 -55.27 -117.38 -33.83
N TRP GA 87 -55.31 -116.36 -32.99
CA TRP GA 87 -54.93 -115.08 -33.51
C TRP GA 87 -53.49 -115.39 -33.89
N LEU GA 88 -52.75 -116.10 -33.05
CA LEU GA 88 -51.40 -116.48 -33.39
C LEU GA 88 -51.00 -117.98 -33.18
N ARG GA 89 -52.01 -118.85 -33.04
CA ARG GA 89 -51.93 -120.34 -32.98
C ARG GA 89 -51.37 -120.95 -31.77
N PRO GA 90 -51.54 -122.27 -31.65
CA PRO GA 90 -51.10 -123.11 -30.50
C PRO GA 90 -50.62 -124.45 -30.95
N SER GA 91 -49.91 -125.17 -30.07
CA SER GA 91 -49.31 -126.52 -30.35
C SER GA 91 -49.93 -127.65 -29.58
N PHE GA 92 -50.23 -128.74 -30.28
CA PHE GA 92 -50.84 -129.97 -29.76
C PHE GA 92 -49.76 -130.96 -29.33
N GLY GA 93 -50.09 -132.22 -29.26
CA GLY GA 93 -49.21 -133.27 -28.85
C GLY GA 93 -48.04 -133.36 -29.77
N LEU GA 94 -46.96 -133.85 -29.19
CA LEU GA 94 -45.65 -133.98 -29.84
C LEU GA 94 -45.73 -134.97 -31.02
N LYS GA 95 -46.98 -135.37 -31.30
CA LYS GA 95 -47.37 -136.28 -32.35
C LYS GA 95 -47.07 -137.49 -31.60
N ARG GA 96 -47.28 -138.66 -32.16
CA ARG GA 96 -47.09 -139.94 -31.47
C ARG GA 96 -48.29 -140.31 -30.67
N THR GA 97 -49.34 -139.49 -30.82
CA THR GA 97 -50.67 -139.69 -30.23
C THR GA 97 -51.71 -139.65 -31.40
N TYR GA 98 -51.51 -138.71 -32.32
CA TYR GA 98 -52.28 -138.54 -33.57
C TYR GA 98 -53.57 -137.72 -33.71
N SER GA 99 -54.02 -137.00 -32.68
CA SER GA 99 -55.23 -136.18 -32.81
C SER GA 99 -55.51 -135.58 -31.45
N PRO GA 100 -56.16 -134.41 -31.45
CA PRO GA 100 -56.52 -133.65 -30.25
C PRO GA 100 -55.60 -132.45 -30.08
N PHE GA 101 -56.08 -131.37 -29.45
CA PHE GA 101 -55.28 -130.17 -29.29
C PHE GA 101 -55.09 -129.69 -27.84
N VAL GA 102 -53.84 -129.42 -27.48
CA VAL GA 102 -53.46 -128.94 -26.14
C VAL GA 102 -53.27 -127.43 -25.98
N VAL GA 103 -53.48 -126.64 -27.03
CA VAL GA 103 -53.33 -125.18 -26.94
C VAL GA 103 -54.67 -124.55 -27.21
N ARG GA 104 -55.08 -123.56 -26.42
CA ARG GA 104 -56.39 -123.01 -26.68
C ARG GA 104 -56.64 -122.90 -28.21
N ASP GA 105 -55.74 -122.25 -28.94
CA ASP GA 105 -56.03 -122.11 -30.36
C ASP GA 105 -55.27 -123.11 -31.22
N PRO GA 106 -55.99 -124.25 -31.58
CA PRO GA 106 -55.21 -125.18 -32.41
C PRO GA 106 -54.93 -124.57 -33.77
N LYS GA 107 -55.96 -124.04 -34.40
CA LYS GA 107 -55.79 -123.38 -35.69
C LYS GA 107 -57.00 -122.52 -36.05
N THR GA 108 -56.77 -121.53 -36.88
CA THR GA 108 -57.82 -120.64 -37.38
C THR GA 108 -57.64 -120.76 -38.86
N PRO GA 109 -58.72 -120.97 -39.60
CA PRO GA 109 -58.51 -121.14 -41.04
C PRO GA 109 -58.01 -119.81 -41.64
N SER GA 110 -57.13 -119.82 -42.63
CA SER GA 110 -56.66 -118.57 -43.27
C SER GA 110 -57.62 -118.26 -44.41
N THR GA 111 -58.87 -118.02 -44.08
CA THR GA 111 -59.86 -117.82 -45.12
C THR GA 111 -61.21 -117.32 -44.62
N MET HA 1 -75.94 -50.86 -49.13
CA MET HA 1 -74.52 -50.60 -49.29
C MET HA 1 -74.31 -49.20 -49.85
N ALA HA 2 -73.03 -48.91 -50.03
CA ALA HA 2 -72.58 -47.71 -50.71
C ALA HA 2 -72.88 -47.92 -52.22
N ALA HA 3 -72.76 -46.87 -53.02
CA ALA HA 3 -73.03 -46.96 -54.47
C ALA HA 3 -74.44 -47.48 -54.69
N PRO HA 4 -74.61 -48.56 -55.46
CA PRO HA 4 -76.01 -49.02 -55.58
C PRO HA 4 -76.28 -50.21 -54.66
N GLN HA 5 -76.92 -49.91 -53.54
CA GLN HA 5 -77.25 -50.90 -52.53
C GLN HA 5 -78.40 -51.87 -52.82
N PHE HA 6 -77.99 -53.03 -52.32
CA PHE HA 6 -78.60 -54.32 -52.27
C PHE HA 6 -77.75 -54.98 -51.18
N HIS HA 7 -78.25 -56.10 -50.68
CA HIS HA 7 -77.59 -56.90 -49.68
C HIS HA 7 -77.90 -58.16 -50.42
N ARG HA 8 -77.40 -59.31 -49.98
CA ARG HA 8 -77.56 -60.52 -50.75
C ARG HA 8 -78.93 -60.92 -51.28
N PRO HA 9 -78.94 -61.11 -52.60
CA PRO HA 9 -77.68 -60.82 -53.33
C PRO HA 9 -77.75 -59.72 -54.37
N SER HA 10 -76.84 -58.76 -54.35
CA SER HA 10 -76.84 -57.63 -55.31
C SER HA 10 -75.58 -57.28 -56.13
N THR HA 11 -74.43 -56.86 -55.59
CA THR HA 11 -73.39 -56.49 -56.58
C THR HA 11 -72.59 -55.22 -56.76
N ILE HA 12 -73.20 -54.05 -56.78
CA ILE HA 12 -72.45 -52.80 -56.93
C ILE HA 12 -71.96 -52.44 -55.54
N THR HA 13 -70.80 -51.82 -55.42
CA THR HA 13 -70.18 -51.47 -54.14
C THR HA 13 -69.36 -52.64 -53.54
N ALA HA 14 -69.97 -53.37 -52.63
CA ALA HA 14 -69.29 -54.53 -52.06
C ALA HA 14 -69.56 -55.43 -53.16
N ASP HA 15 -68.58 -55.60 -54.00
CA ASP HA 15 -68.73 -56.41 -55.18
C ASP HA 15 -69.36 -57.76 -54.78
N ASN HA 16 -70.43 -58.07 -55.52
CA ASN HA 16 -71.17 -59.32 -55.39
C ASN HA 16 -72.48 -59.23 -54.63
N VAL HA 17 -73.14 -60.37 -54.53
CA VAL HA 17 -74.41 -60.51 -53.85
C VAL HA 17 -74.35 -61.77 -52.98
N ARG HA 18 -75.18 -61.78 -51.94
CA ARG HA 18 -75.22 -62.89 -51.02
C ARG HA 18 -75.70 -64.16 -51.72
N ALA HA 19 -75.19 -65.29 -51.24
CA ALA HA 19 -75.54 -66.61 -51.74
C ALA HA 19 -74.73 -67.03 -52.96
N LEU HA 20 -73.91 -66.12 -53.46
CA LEU HA 20 -73.08 -66.42 -54.63
C LEU HA 20 -71.71 -66.99 -54.29
N GLY HA 21 -70.95 -67.31 -55.34
CA GLY HA 21 -69.61 -67.84 -55.24
C GLY HA 21 -68.60 -66.79 -54.80
N MET HA 22 -67.46 -67.25 -54.28
CA MET HA 22 -66.39 -66.39 -53.78
C MET HA 22 -65.69 -65.48 -54.81
N ARG HA 23 -65.39 -66.03 -55.97
CA ARG HA 23 -64.71 -65.29 -57.05
C ARG HA 23 -65.67 -64.19 -57.51
N GLY HA 24 -65.19 -63.16 -58.22
CA GLY HA 24 -66.09 -62.08 -58.57
C GLY HA 24 -66.42 -61.40 -57.27
N LEU HA 25 -66.52 -62.15 -56.16
CA LEU HA 25 -66.66 -61.53 -54.85
C LEU HA 25 -65.27 -60.97 -54.62
N VAL HA 26 -64.40 -61.93 -54.44
CA VAL HA 26 -63.07 -61.70 -54.00
C VAL HA 26 -62.40 -60.90 -55.02
N LEU HA 27 -62.63 -61.34 -56.24
CA LEU HA 27 -62.13 -60.64 -57.37
C LEU HA 27 -62.83 -59.29 -57.46
N ALA HA 28 -64.15 -59.27 -57.27
CA ALA HA 28 -64.97 -58.05 -57.35
C ALA HA 28 -64.75 -56.92 -56.37
N THR HA 29 -64.66 -57.35 -55.13
CA THR HA 29 -64.37 -56.54 -53.99
C THR HA 29 -62.96 -56.05 -54.19
N ASN HA 30 -62.08 -56.91 -54.66
CA ASN HA 30 -60.71 -56.48 -54.88
C ASN HA 30 -60.70 -55.38 -55.94
N ASN HA 31 -61.60 -55.58 -56.88
CA ASN HA 31 -61.85 -54.76 -58.05
C ASN HA 31 -62.30 -53.34 -57.83
N ALA HA 32 -63.02 -53.00 -56.76
CA ALA HA 32 -63.42 -51.54 -56.57
C ALA HA 32 -62.40 -50.25 -56.26
N GLN HA 33 -62.88 -48.98 -56.38
CA GLN HA 33 -62.23 -47.73 -56.09
C GLN HA 33 -62.49 -47.16 -54.68
N PHE HA 34 -61.65 -46.20 -54.34
CA PHE HA 34 -61.61 -45.52 -53.04
C PHE HA 34 -62.89 -44.85 -52.66
N ILE HA 35 -63.66 -44.44 -53.65
CA ILE HA 35 -64.85 -43.66 -53.40
C ILE HA 35 -65.95 -44.28 -52.59
N MET HA 36 -66.79 -43.35 -52.23
CA MET HA 36 -67.96 -43.36 -51.38
C MET HA 36 -69.22 -42.75 -51.96
N ASP HA 37 -70.23 -43.59 -52.07
CA ASP HA 37 -71.52 -43.28 -52.67
C ASP HA 37 -71.60 -43.42 -54.19
N ASN HA 38 -70.64 -44.13 -54.82
CA ASN HA 38 -70.69 -44.30 -56.28
C ASN HA 38 -71.92 -45.11 -56.70
N SER HA 39 -72.57 -44.63 -57.76
CA SER HA 39 -73.75 -45.24 -58.34
C SER HA 39 -74.98 -45.03 -57.44
N TYR HA 40 -74.80 -44.32 -56.33
CA TYR HA 40 -75.91 -44.10 -55.42
C TYR HA 40 -76.00 -42.73 -54.76
N PRO HA 41 -77.29 -42.30 -54.45
CA PRO HA 41 -77.36 -41.02 -53.78
C PRO HA 41 -77.87 -41.18 -52.36
N HIS HA 42 -78.14 -42.43 -51.97
CA HIS HA 42 -78.68 -42.72 -50.65
C HIS HA 42 -78.00 -43.86 -49.90
N PRO HA 43 -78.21 -43.81 -48.52
CA PRO HA 43 -77.61 -44.90 -47.74
C PRO HA 43 -78.55 -46.10 -47.53
N HIS HA 44 -78.04 -47.14 -46.90
CA HIS HA 44 -78.86 -48.32 -46.63
C HIS HA 44 -79.93 -47.85 -45.66
N GLY HA 45 -81.14 -48.37 -45.79
CA GLY HA 45 -82.21 -47.96 -44.90
C GLY HA 45 -81.79 -48.32 -43.48
N THR HA 46 -81.26 -49.53 -43.29
CA THR HA 46 -80.87 -49.94 -41.95
C THR HA 46 -79.81 -48.96 -41.52
N GLN HA 47 -78.93 -48.71 -42.46
CA GLN HA 47 -77.79 -47.85 -42.34
C GLN HA 47 -76.85 -48.74 -43.05
N GLY HA 48 -75.59 -48.45 -42.92
CA GLY HA 48 -74.56 -49.25 -43.54
C GLY HA 48 -74.12 -50.13 -42.40
N ALA HA 49 -74.98 -50.33 -41.38
CA ALA HA 49 -74.43 -51.13 -40.32
C ALA HA 49 -74.49 -52.55 -40.83
N VAL HA 50 -75.55 -52.73 -41.62
CA VAL HA 50 -75.86 -53.92 -42.35
C VAL HA 50 -75.75 -53.60 -43.83
N ARG HA 51 -74.80 -54.24 -44.49
CA ARG HA 51 -74.67 -54.09 -45.92
C ARG HA 51 -75.01 -55.44 -46.58
N GLU HA 52 -75.49 -56.38 -45.76
CA GLU HA 52 -75.93 -57.73 -46.12
C GLU HA 52 -74.84 -58.49 -46.86
N PHE HA 53 -73.60 -58.31 -46.41
CA PHE HA 53 -72.46 -58.91 -47.06
C PHE HA 53 -71.90 -60.14 -46.42
N LEU HA 54 -71.09 -60.03 -45.37
CA LEU HA 54 -70.56 -61.30 -44.91
C LEU HA 54 -71.61 -62.41 -44.99
N ARG HA 55 -72.89 -62.08 -44.82
CA ARG HA 55 -73.91 -63.11 -44.92
C ARG HA 55 -73.89 -63.77 -46.30
N GLY HA 56 -73.67 -62.98 -47.34
CA GLY HA 56 -73.52 -63.55 -48.67
C GLY HA 56 -72.15 -64.18 -48.88
N GLN HA 57 -71.13 -63.59 -48.26
CA GLN HA 57 -69.78 -64.10 -48.42
C GLN HA 57 -69.59 -65.39 -47.63
N ALA HA 58 -70.32 -65.53 -46.54
CA ALA HA 58 -70.31 -66.79 -45.80
C ALA HA 58 -71.11 -67.85 -46.54
N ALA HA 59 -72.31 -67.49 -47.01
CA ALA HA 59 -73.12 -68.44 -47.76
C ALA HA 59 -72.48 -68.75 -49.11
N ALA HA 60 -71.54 -67.92 -49.55
CA ALA HA 60 -70.75 -68.26 -50.73
C ALA HA 60 -69.93 -69.51 -50.49
N LEU HA 61 -69.22 -69.58 -49.36
CA LEU HA 61 -68.39 -70.74 -49.10
C LEU HA 61 -69.21 -72.00 -48.99
N THR HA 62 -70.40 -71.92 -48.37
CA THR HA 62 -71.30 -73.06 -48.37
C THR HA 62 -71.59 -73.53 -49.79
N ASP HA 63 -71.64 -72.60 -50.75
CA ASP HA 63 -71.78 -72.96 -52.15
C ASP HA 63 -70.47 -73.46 -52.75
N LEU HA 64 -69.34 -73.10 -52.17
CA LEU HA 64 -68.03 -73.55 -52.65
C LEU HA 64 -67.60 -74.81 -51.95
N GLY HA 65 -68.30 -75.14 -50.88
CA GLY HA 65 -68.04 -76.32 -50.08
C GLY HA 65 -68.23 -77.64 -50.79
N VAL HA 66 -69.02 -77.62 -51.85
CA VAL HA 66 -69.36 -78.78 -52.68
C VAL HA 66 -68.26 -79.54 -53.44
N THR HA 67 -67.39 -78.85 -54.17
CA THR HA 67 -66.38 -79.55 -54.98
C THR HA 67 -64.90 -79.22 -54.76
N HIS HA 68 -64.54 -78.57 -53.66
CA HIS HA 68 -63.14 -78.23 -53.45
C HIS HA 68 -62.34 -79.15 -52.53
N ALA HA 69 -61.13 -79.49 -52.99
CA ALA HA 69 -60.21 -80.36 -52.27
C ALA HA 69 -60.59 -81.82 -52.50
N ASN HA 70 -61.72 -82.01 -53.16
CA ASN HA 70 -62.25 -83.31 -53.51
C ASN HA 70 -63.08 -83.10 -54.78
N ASN HA 71 -63.15 -84.12 -55.62
CA ASN HA 71 -63.93 -83.99 -56.84
C ASN HA 71 -65.34 -83.72 -56.39
N THR HA 72 -65.70 -84.41 -55.31
CA THR HA 72 -66.98 -84.39 -54.63
C THR HA 72 -67.21 -85.86 -54.31
N PHE HA 73 -66.92 -86.70 -55.30
CA PHE HA 73 -67.03 -88.15 -55.17
C PHE HA 73 -65.67 -88.75 -54.75
N ALA HA 74 -64.66 -87.89 -54.76
CA ALA HA 74 -63.28 -88.25 -54.41
C ALA HA 74 -63.03 -88.29 -52.91
N PRO HA 75 -61.85 -88.81 -52.54
CA PRO HA 75 -61.48 -88.83 -51.12
C PRO HA 75 -61.07 -87.47 -50.53
N GLN HA 76 -62.09 -86.75 -50.13
CA GLN HA 76 -61.97 -85.48 -49.45
C GLN HA 76 -63.15 -85.82 -48.60
N PRO HA 77 -63.33 -85.27 -47.33
CA PRO HA 77 -62.38 -84.26 -46.92
C PRO HA 77 -61.19 -84.75 -46.14
N MET HA 78 -60.90 -86.03 -46.11
CA MET HA 78 -59.76 -86.45 -45.35
C MET HA 78 -60.15 -87.07 -44.04
N PHE HA 79 -60.22 -86.30 -42.96
CA PHE HA 79 -60.53 -86.88 -41.66
C PHE HA 79 -61.88 -87.58 -41.64
N ALA HA 80 -62.83 -86.97 -42.33
CA ALA HA 80 -64.20 -87.44 -42.49
C ALA HA 80 -64.67 -88.52 -41.52
N ALA HA 85 -70.03 -80.08 -39.05
CA ALA HA 85 -69.83 -81.20 -38.14
C ALA HA 85 -68.69 -82.09 -38.51
N GLU HA 86 -68.42 -83.02 -37.62
CA GLU HA 86 -67.50 -84.10 -37.81
C GLU HA 86 -66.16 -83.80 -38.47
N TRP HA 87 -65.39 -82.90 -37.89
CA TRP HA 87 -64.08 -82.73 -38.48
C TRP HA 87 -63.53 -84.13 -38.27
N LEU HA 88 -63.75 -84.73 -37.11
CA LEU HA 88 -63.30 -86.08 -36.88
C LEU HA 88 -64.34 -87.09 -36.28
N ARG HA 89 -65.63 -86.73 -36.33
CA ARG HA 89 -66.83 -87.54 -35.99
C ARG HA 89 -67.08 -87.82 -34.57
N PRO HA 90 -68.29 -88.33 -34.27
CA PRO HA 90 -68.79 -88.66 -32.91
C PRO HA 90 -69.62 -89.89 -32.91
N SER HA 91 -69.86 -90.47 -31.73
CA SER HA 91 -70.64 -91.73 -31.52
C SER HA 91 -71.97 -91.56 -30.83
N PHE HA 92 -73.01 -92.18 -31.38
CA PHE HA 92 -74.38 -92.15 -30.89
C PHE HA 92 -74.63 -93.33 -29.94
N GLY HA 93 -75.87 -93.71 -29.76
CA GLY HA 93 -76.28 -94.77 -28.89
C GLY HA 93 -75.65 -96.06 -29.31
N LEU HA 94 -75.50 -96.91 -28.32
CA LEU HA 94 -74.85 -98.21 -28.43
C LEU HA 94 -75.67 -99.14 -29.35
N LYS HA 95 -76.67 -98.51 -29.98
CA LYS HA 95 -77.61 -99.10 -30.92
C LYS HA 95 -78.48 -99.66 -29.90
N ARG HA 96 -79.55 -100.34 -30.27
CA ARG HA 96 -80.54 -100.89 -29.35
C ARG HA 96 -81.55 -99.86 -28.95
N THR HA 97 -81.37 -98.70 -29.61
CA THR HA 97 -82.20 -97.49 -29.54
C THR HA 97 -82.63 -97.25 -30.99
N TYR HA 98 -81.64 -97.23 -31.88
CA TYR HA 98 -81.79 -97.10 -33.33
C TYR HA 98 -81.85 -95.73 -34.06
N SER HA 99 -81.70 -94.62 -33.36
CA SER HA 99 -81.73 -93.32 -34.04
C SER HA 99 -81.45 -92.24 -33.01
N PRO HA 100 -80.93 -91.10 -33.45
CA PRO HA 100 -80.59 -90.00 -32.55
C PRO HA 100 -79.11 -89.71 -32.56
N PHE HA 101 -78.68 -88.64 -31.88
CA PHE HA 101 -77.27 -88.28 -31.82
C PHE HA 101 -76.76 -88.13 -30.39
N VAL HA 102 -75.66 -88.80 -30.08
CA VAL HA 102 -75.07 -88.73 -28.74
C VAL HA 102 -73.78 -87.92 -28.65
N VAL HA 103 -73.33 -87.38 -29.77
CA VAL HA 103 -72.09 -86.60 -29.82
C VAL HA 103 -72.32 -85.34 -30.66
N ARG HA 104 -71.53 -84.29 -30.46
CA ARG HA 104 -71.79 -83.10 -31.26
C ARG HA 104 -71.78 -83.46 -32.77
N ASP HA 105 -70.72 -84.13 -33.21
CA ASP HA 105 -70.65 -84.44 -34.63
C ASP HA 105 -71.15 -85.84 -34.91
N PRO HA 106 -72.48 -85.96 -35.29
CA PRO HA 106 -72.89 -87.35 -35.57
C PRO HA 106 -72.12 -87.78 -36.79
N LYS HA 107 -72.12 -86.92 -37.80
CA LYS HA 107 -71.39 -87.16 -39.03
C LYS HA 107 -71.34 -85.97 -39.96
N THR HA 108 -70.44 -86.04 -40.93
CA THR HA 108 -70.28 -85.03 -41.95
C THR HA 108 -70.24 -85.83 -43.24
N PRO HA 109 -70.82 -85.32 -44.32
CA PRO HA 109 -70.77 -86.13 -45.55
C PRO HA 109 -69.37 -86.04 -46.16
N SER HA 110 -68.85 -87.11 -46.77
CA SER HA 110 -67.52 -87.06 -47.41
C SER HA 110 -67.74 -86.61 -48.85
N THR HA 111 -68.25 -85.40 -49.03
CA THR HA 111 -68.57 -84.95 -50.37
C THR HA 111 -68.94 -83.48 -50.46
N MET IA 1 -21.74 -39.20 -71.54
CA MET IA 1 -20.72 -40.19 -71.24
C MET IA 1 -19.42 -39.82 -71.93
N ALA IA 2 -18.45 -40.70 -71.71
CA ALA IA 2 -17.18 -40.68 -72.41
C ALA IA 2 -17.45 -41.16 -73.86
N ALA IA 3 -16.48 -41.01 -74.75
CA ALA IA 3 -16.63 -41.42 -76.15
C ALA IA 3 -17.85 -40.72 -76.76
N PRO IA 4 -18.80 -41.47 -77.33
CA PRO IA 4 -19.96 -40.70 -77.83
C PRO IA 4 -21.13 -40.76 -76.88
N GLN IA 5 -21.30 -39.68 -76.12
CA GLN IA 5 -22.34 -39.57 -75.13
C GLN IA 5 -23.77 -39.32 -75.61
N PHE IA 6 -24.54 -40.04 -74.79
CA PHE IA 6 -25.94 -40.25 -74.72
C PHE IA 6 -26.07 -40.80 -73.31
N HIS IA 7 -27.30 -40.82 -72.81
CA HIS IA 7 -27.64 -41.35 -71.52
C HIS IA 7 -28.81 -42.07 -72.07
N ARG IA 8 -29.52 -42.88 -71.28
CA ARG IA 8 -30.57 -43.71 -71.82
C ARG IA 8 -31.65 -43.08 -72.72
N PRO IA 9 -31.74 -43.70 -73.90
CA PRO IA 9 -30.78 -44.79 -74.19
C PRO IA 9 -29.85 -44.54 -75.37
N SER IA 10 -28.55 -44.73 -75.21
CA SER IA 10 -27.58 -44.51 -76.29
C SER IA 10 -26.54 -45.59 -76.67
N THR IA 11 -25.57 -46.02 -75.86
CA THR IA 11 -24.65 -47.01 -76.46
C THR IA 11 -23.13 -47.01 -76.58
N ILE IA 12 -22.50 -45.94 -77.04
CA ILE IA 12 -21.04 -45.91 -77.14
C ILE IA 12 -20.54 -45.53 -75.76
N THR IA 13 -19.38 -46.03 -75.36
CA THR IA 13 -18.81 -45.81 -74.03
C THR IA 13 -19.35 -46.81 -72.98
N ALA IA 14 -20.34 -46.39 -72.22
CA ALA IA 14 -20.94 -47.28 -71.25
C ALA IA 14 -21.79 -47.99 -72.18
N ASP IA 15 -21.35 -49.16 -72.58
CA ASP IA 15 -22.04 -49.92 -73.56
C ASP IA 15 -23.54 -50.00 -73.18
N ASN IA 16 -24.34 -49.52 -74.13
CA ASN IA 16 -25.79 -49.38 -74.03
C ASN IA 16 -26.49 -48.10 -73.38
N VAL IA 17 -27.77 -48.32 -73.09
CA VAL IA 17 -28.66 -47.33 -72.53
C VAL IA 17 -29.73 -48.07 -71.74
N ARG IA 18 -30.36 -47.39 -70.80
CA ARG IA 18 -31.40 -48.03 -69.99
C ARG IA 18 -32.56 -48.51 -70.86
N ALA IA 19 -33.13 -49.64 -70.46
CA ALA IA 19 -34.24 -50.32 -71.13
C ALA IA 19 -33.69 -51.27 -72.20
N LEU IA 20 -32.37 -51.26 -72.33
CA LEU IA 20 -31.67 -52.13 -73.26
C LEU IA 20 -31.54 -53.47 -72.53
N GLY IA 21 -31.36 -54.56 -73.28
CA GLY IA 21 -31.25 -55.85 -72.62
C GLY IA 21 -30.02 -55.84 -71.73
N MET IA 22 -30.16 -56.35 -70.51
CA MET IA 22 -29.06 -56.42 -69.60
C MET IA 22 -27.88 -56.91 -70.44
N ARG IA 23 -28.13 -57.83 -71.37
CA ARG IA 23 -27.09 -58.37 -72.26
C ARG IA 23 -26.69 -57.25 -73.21
N GLY IA 24 -25.54 -57.34 -73.88
CA GLY IA 24 -25.13 -56.24 -74.71
C GLY IA 24 -24.80 -55.11 -73.77
N LEU IA 25 -25.53 -55.00 -72.64
CA LEU IA 25 -25.16 -54.05 -71.60
C LEU IA 25 -23.93 -54.71 -71.01
N VAL IA 26 -24.24 -55.81 -70.36
CA VAL IA 26 -23.34 -56.53 -69.54
C VAL IA 26 -22.26 -57.00 -70.39
N LEU IA 27 -22.69 -57.53 -71.51
CA LEU IA 27 -21.78 -57.99 -72.50
C LEU IA 27 -21.04 -56.79 -73.08
N ALA IA 28 -21.77 -55.70 -73.36
CA ALA IA 28 -21.21 -54.47 -73.95
C ALA IA 28 -20.20 -53.67 -73.18
N THR IA 29 -20.57 -53.48 -71.92
CA THR IA 29 -19.78 -52.81 -70.93
C THR IA 29 -18.58 -53.70 -70.72
N ASN IA 30 -18.79 -54.99 -70.67
CA ASN IA 30 -17.65 -55.88 -70.48
C ASN IA 30 -16.69 -55.72 -71.66
N ASN IA 31 -17.32 -55.53 -72.79
CA ASN IA 31 -16.71 -55.36 -74.11
C ASN IA 31 -15.79 -54.19 -74.33
N ALA IA 32 -15.97 -53.05 -73.65
CA ALA IA 32 -14.99 -51.90 -73.89
C ALA IA 32 -13.37 -51.86 -73.49
N GLN IA 33 -12.58 -50.89 -74.00
CA GLN IA 33 -11.18 -50.59 -73.72
C GLN IA 33 -10.92 -49.54 -72.63
N PHE IA 34 -9.68 -49.54 -72.19
CA PHE IA 34 -9.14 -48.72 -71.12
C PHE IA 34 -9.33 -47.24 -71.34
N ILE IA 35 -9.36 -46.83 -72.59
CA ILE IA 35 -9.39 -45.43 -72.91
C ILE IA 35 -10.56 -44.61 -72.44
N MET IA 36 -10.27 -43.35 -72.58
CA MET IA 36 -10.97 -42.13 -72.20
C MET IA 36 -11.13 -41.08 -73.29
N ASP IA 37 -12.39 -40.81 -73.59
CA ASP IA 37 -12.82 -39.92 -74.64
C ASP IA 37 -12.91 -40.53 -76.05
N ASN IA 38 -12.94 -41.86 -76.16
CA ASN IA 38 -13.05 -42.49 -77.49
C ASN IA 38 -14.38 -42.15 -78.16
N SER IA 39 -14.29 -41.83 -79.45
CA SER IA 39 -15.44 -41.49 -80.27
C SER IA 39 -15.99 -40.10 -79.91
N TYR IA 40 -15.35 -39.43 -78.96
CA TYR IA 40 -15.83 -38.12 -78.56
C TYR IA 40 -14.77 -37.06 -78.23
N PRO IA 41 -15.15 -35.75 -78.48
CA PRO IA 41 -14.14 -34.75 -78.13
C PRO IA 41 -14.63 -33.90 -76.96
N HIS IA 42 -15.83 -34.20 -76.47
CA HIS IA 42 -16.44 -33.43 -75.40
C HIS IA 42 -17.04 -34.24 -74.26
N PRO IA 43 -17.18 -33.52 -73.07
CA PRO IA 43 -17.79 -34.24 -71.95
C PRO IA 43 -19.31 -34.07 -71.86
N HIS IA 44 -19.92 -34.77 -70.91
CA HIS IA 44 -21.37 -34.67 -70.74
C HIS IA 44 -21.62 -33.23 -70.32
N GLY IA 45 -22.72 -32.64 -70.76
CA GLY IA 45 -23.02 -31.28 -70.38
C GLY IA 45 -23.14 -31.23 -68.86
N THR IA 46 -23.86 -32.19 -68.29
CA THR IA 46 -24.05 -32.17 -66.84
C THR IA 46 -22.66 -32.29 -66.25
N GLN IA 47 -21.92 -33.19 -66.86
CA GLN IA 47 -20.58 -33.56 -66.51
C GLN IA 47 -20.76 -35.02 -66.67
N GLY IA 48 -19.82 -35.75 -66.15
CA GLY IA 48 -19.89 -37.18 -66.22
C GLY IA 48 -20.43 -37.54 -64.87
N ALA IA 49 -21.11 -36.60 -64.20
CA ALA IA 49 -21.52 -37.02 -62.87
C ALA IA 49 -22.72 -37.92 -63.10
N VAL IA 50 -23.41 -37.52 -64.17
CA VAL IA 50 -24.54 -38.21 -64.73
C VAL IA 50 -24.15 -38.70 -66.11
N ARG IA 51 -24.11 -40.01 -66.27
CA ARG IA 51 -23.85 -40.60 -67.56
C ARG IA 51 -25.12 -41.31 -68.04
N GLU IA 52 -26.22 -41.11 -67.28
CA GLU IA 52 -27.57 -41.65 -67.52
C GLU IA 52 -27.56 -43.16 -67.68
N PHE IA 53 -26.74 -43.82 -66.86
CA PHE IA 53 -26.57 -45.25 -66.95
C PHE IA 53 -27.31 -46.07 -65.93
N LEU IA 54 -26.81 -46.21 -64.71
CA LEU IA 54 -27.60 -47.10 -63.88
C LEU IA 54 -29.09 -46.93 -64.10
N ARG IA 55 -29.54 -45.73 -64.46
CA ARG IA 55 -30.96 -45.53 -64.72
C ARG IA 55 -31.43 -46.43 -65.86
N GLY IA 56 -30.60 -46.60 -66.89
CA GLY IA 56 -30.93 -47.53 -67.95
C GLY IA 56 -30.69 -48.97 -67.55
N GLN IA 57 -29.65 -49.19 -66.74
CA GLN IA 57 -29.32 -50.54 -66.31
C GLN IA 57 -30.32 -51.06 -65.28
N ALA IA 58 -30.89 -50.15 -64.51
CA ALA IA 58 -31.97 -50.53 -63.60
C ALA IA 58 -33.26 -50.78 -64.36
N ALA IA 59 -33.60 -49.87 -65.27
CA ALA IA 59 -34.80 -50.05 -66.07
C ALA IA 59 -34.65 -51.23 -67.03
N ALA IA 60 -33.42 -51.67 -67.26
CA ALA IA 60 -33.20 -52.91 -68.01
C ALA IA 60 -33.79 -54.10 -67.27
N LEU IA 61 -33.50 -54.22 -65.97
CA LEU IA 61 -34.02 -55.36 -65.22
C LEU IA 61 -35.54 -55.36 -65.18
N THR IA 62 -36.15 -54.19 -65.04
CA THR IA 62 -37.60 -54.10 -65.15
C THR IA 62 -38.08 -54.68 -66.47
N ASP IA 63 -37.29 -54.53 -67.54
CA ASP IA 63 -37.60 -55.18 -68.81
C ASP IA 63 -37.28 -56.66 -68.82
N LEU IA 64 -36.36 -57.09 -67.95
CA LEU IA 64 -35.99 -58.50 -67.85
C LEU IA 64 -36.82 -59.22 -66.83
N GLY IA 65 -37.55 -58.44 -66.03
CA GLY IA 65 -38.40 -58.95 -64.99
C GLY IA 65 -39.57 -59.79 -65.45
N VAL IA 66 -39.95 -59.59 -66.71
CA VAL IA 66 -41.07 -60.26 -67.38
C VAL IA 66 -41.05 -61.80 -67.57
N THR IA 67 -39.96 -62.37 -68.05
CA THR IA 67 -39.94 -63.82 -68.32
C THR IA 67 -38.85 -64.69 -67.65
N HIS IA 68 -38.17 -64.18 -66.63
CA HIS IA 68 -37.10 -64.98 -66.01
C HIS IA 68 -37.46 -65.71 -64.73
N ALA IA 69 -37.06 -66.97 -64.66
CA ALA IA 69 -37.30 -67.84 -63.52
C ALA IA 69 -38.71 -68.41 -63.59
N ASN IA 70 -39.47 -67.92 -64.56
CA ASN IA 70 -40.83 -68.35 -64.84
C ASN IA 70 -41.05 -68.11 -66.32
N ASN IA 71 -41.90 -68.93 -66.93
CA ASN IA 71 -42.17 -68.74 -68.35
C ASN IA 71 -42.75 -67.36 -68.48
N THR IA 72 -43.58 -67.03 -67.49
CA THR IA 72 -44.31 -65.79 -67.32
C THR IA 72 -45.66 -66.27 -66.84
N PHE IA 73 -46.16 -67.33 -67.47
CA PHE IA 73 -47.42 -67.95 -67.13
C PHE IA 73 -47.19 -69.11 -66.17
N ALA IA 74 -45.91 -69.44 -65.98
CA ALA IA 74 -45.45 -70.53 -65.11
C ALA IA 74 -45.41 -70.16 -63.63
N PRO IA 75 -45.20 -71.17 -62.79
CA PRO IA 75 -45.09 -70.90 -61.34
C PRO IA 75 -43.76 -70.26 -60.91
N GLN IA 76 -43.74 -68.95 -61.04
CA GLN IA 76 -42.65 -68.11 -60.61
C GLN IA 76 -43.63 -67.05 -60.17
N PRO IA 77 -43.34 -66.15 -59.16
CA PRO IA 77 -41.98 -66.16 -58.63
C PRO IA 77 -41.76 -67.02 -57.42
N MET IA 78 -42.67 -67.89 -57.06
CA MET IA 78 -42.42 -68.68 -55.88
C MET IA 78 -43.21 -68.21 -54.70
N PHE IA 79 -42.66 -67.33 -53.88
CA PHE IA 79 -43.36 -66.89 -52.68
C PHE IA 79 -44.70 -66.23 -53.01
N ALA IA 80 -44.70 -65.45 -54.09
CA ALA IA 80 -45.83 -64.74 -54.63
C ALA IA 80 -47.03 -64.57 -53.70
N ALA IA 85 -43.15 -55.12 -54.84
CA ALA IA 85 -44.00 -55.49 -53.74
C ALA IA 85 -44.08 -56.97 -53.52
N GLU IA 86 -44.75 -57.31 -52.44
CA GLU IA 86 -45.12 -58.65 -52.09
C GLU IA 86 -44.11 -59.76 -52.28
N TRP IA 87 -42.96 -59.64 -51.65
CA TRP IA 87 -42.05 -60.76 -51.76
C TRP IA 87 -42.92 -61.84 -51.12
N LEU IA 88 -43.59 -61.53 -50.02
CA LEU IA 88 -44.48 -62.49 -49.40
C LEU IA 88 -45.92 -62.00 -49.03
N ARG IA 89 -46.33 -60.88 -49.61
CA ARG IA 89 -47.69 -60.25 -49.56
C ARG IA 89 -48.13 -59.67 -48.28
N PRO IA 90 -49.23 -58.90 -48.35
CA PRO IA 90 -49.83 -58.17 -47.21
C PRO IA 90 -51.33 -58.19 -47.26
N SER IA 91 -52.00 -57.84 -46.16
CA SER IA 91 -53.50 -57.85 -46.01
C SER IA 91 -54.11 -56.48 -45.87
N PHE IA 92 -55.18 -56.25 -46.63
CA PHE IA 92 -55.95 -54.99 -46.66
C PHE IA 92 -57.10 -55.06 -45.66
N GLY IA 93 -58.13 -54.26 -45.85
CA GLY IA 93 -59.27 -54.17 -45.00
C GLY IA 93 -59.97 -55.48 -44.93
N LEU IA 94 -60.63 -55.66 -43.81
CA LEU IA 94 -61.36 -56.88 -43.45
C LEU IA 94 -62.53 -57.11 -44.42
N LYS IA 95 -62.54 -56.27 -45.46
CA LYS IA 95 -63.51 -56.24 -46.54
C LYS IA 95 -64.51 -55.50 -45.80
N ARG IA 96 -65.65 -55.18 -46.39
CA ARG IA 96 -66.69 -54.37 -45.78
C ARG IA 96 -66.42 -52.90 -45.97
N THR IA 97 -65.35 -52.68 -46.74
CA THR IA 97 -64.83 -51.40 -47.20
C THR IA 97 -64.76 -51.54 -48.73
N TYR IA 98 -64.12 -52.62 -49.16
CA TYR IA 98 -64.00 -53.01 -50.58
C TYR IA 98 -62.88 -52.53 -51.52
N SER IA 99 -61.97 -51.68 -51.08
CA SER IA 99 -60.88 -51.23 -51.95
C SER IA 99 -59.88 -50.50 -51.09
N PRO IA 100 -58.61 -50.56 -51.49
CA PRO IA 100 -57.51 -49.94 -50.76
C PRO IA 100 -56.56 -51.02 -50.27
N PHE IA 101 -55.40 -50.63 -49.72
CA PHE IA 101 -54.42 -51.59 -49.23
C PHE IA 101 -54.03 -51.35 -47.76
N VAL IA 102 -53.99 -52.43 -46.98
CA VAL IA 102 -53.61 -52.34 -45.57
C VAL IA 102 -52.22 -52.85 -45.26
N VAL IA 103 -51.42 -53.14 -46.28
CA VAL IA 103 -50.07 -53.62 -46.05
C VAL IA 103 -49.13 -53.03 -47.06
N ARG IA 104 -47.87 -52.83 -46.71
CA ARG IA 104 -46.99 -52.33 -47.76
C ARG IA 104 -47.21 -53.12 -49.07
N ASP IA 105 -47.10 -54.44 -48.99
CA ASP IA 105 -47.24 -55.24 -50.20
C ASP IA 105 -48.67 -55.72 -50.39
N PRO IA 106 -49.52 -54.87 -51.11
CA PRO IA 106 -50.88 -55.41 -51.24
C PRO IA 106 -50.84 -56.67 -52.06
N LYS IA 107 -50.14 -56.60 -53.17
CA LYS IA 107 -49.97 -57.75 -54.04
C LYS IA 107 -48.92 -57.47 -55.10
N THR IA 108 -48.41 -58.54 -55.69
CA THR IA 108 -47.43 -58.49 -56.75
C THR IA 108 -48.00 -59.49 -57.73
N PRO IA 109 -47.69 -59.35 -59.01
CA PRO IA 109 -48.27 -60.29 -59.97
C PRO IA 109 -47.39 -61.54 -60.05
N SER IA 110 -47.95 -62.73 -60.24
CA SER IA 110 -47.15 -63.97 -60.38
C SER IA 110 -46.83 -64.12 -61.86
N THR IA 111 -46.11 -63.17 -62.42
CA THR IA 111 -45.86 -63.21 -63.85
C THR IA 111 -44.84 -62.21 -64.33
N MET JA 1 19.02 -82.87 -75.22
CA MET JA 1 18.74 -84.04 -74.41
C MET JA 1 19.80 -85.11 -74.66
N ALA JA 2 19.60 -86.22 -73.96
CA ALA JA 2 20.36 -87.43 -74.16
C ALA JA 2 19.86 -88.04 -75.50
N ALA JA 3 20.57 -89.04 -76.01
CA ALA JA 3 20.21 -89.70 -77.28
C ALA JA 3 20.15 -88.65 -78.38
N PRO JA 4 19.02 -88.54 -79.11
CA PRO JA 4 19.06 -87.47 -80.11
C PRO JA 4 18.30 -86.23 -79.64
N GLN JA 5 19.08 -85.25 -79.19
CA GLN JA 5 18.55 -84.01 -78.66
C GLN JA 5 17.98 -82.99 -79.65
N PHE JA 6 16.93 -82.46 -79.04
CA PHE JA 6 15.97 -81.49 -79.43
C PHE JA 6 15.38 -81.13 -78.06
N HIS JA 7 14.65 -80.01 -78.04
CA HIS JA 7 13.96 -79.53 -76.88
C HIS JA 7 12.74 -79.23 -77.66
N ARG JA 8 11.64 -78.81 -77.04
CA ARG JA 8 10.39 -78.67 -77.75
C ARG JA 8 10.36 -77.88 -79.06
N PRO JA 9 9.85 -78.59 -80.07
CA PRO JA 9 9.50 -80.00 -79.80
C PRO JA 9 10.26 -81.04 -80.61
N SER JA 10 10.82 -82.06 -79.97
CA SER JA 10 11.60 -83.10 -80.68
C SER JA 10 11.29 -84.60 -80.46
N THR JA 11 11.42 -85.23 -79.30
CA THR JA 11 11.15 -86.69 -79.36
C THR JA 11 11.99 -87.89 -78.94
N ILE JA 12 13.24 -87.97 -79.33
CA ILE JA 12 14.09 -89.10 -78.91
C ILE JA 12 14.61 -88.75 -77.54
N THR JA 13 14.81 -89.73 -76.68
CA THR JA 13 15.26 -89.53 -75.29
C THR JA 13 14.08 -89.24 -74.34
N ALA JA 14 13.84 -87.97 -74.06
CA ALA JA 14 12.72 -87.61 -73.22
C ALA JA 14 11.71 -87.70 -74.25
N ASP JA 15 11.01 -88.80 -74.24
CA ASP JA 15 10.03 -89.06 -75.25
C ASP JA 15 9.12 -87.82 -75.41
N ASN JA 16 9.11 -87.33 -76.65
CA ASN JA 16 8.42 -86.12 -77.10
C ASN JA 16 9.07 -84.67 -76.97
N VAL JA 17 8.17 -83.71 -77.09
CA VAL JA 17 8.51 -82.30 -77.04
C VAL JA 17 7.22 -81.64 -76.64
N ARG JA 18 7.31 -80.42 -76.15
CA ARG JA 18 6.13 -79.70 -75.74
C ARG JA 18 5.32 -79.38 -76.99
N ALA JA 19 4.03 -79.17 -76.82
CA ALA JA 19 3.10 -78.88 -77.92
C ALA JA 19 2.58 -80.17 -78.55
N LEU JA 20 2.86 -81.29 -77.89
CA LEU JA 20 2.40 -82.61 -78.34
C LEU JA 20 1.60 -83.20 -77.19
N GLY JA 21 0.71 -84.13 -77.50
CA GLY JA 21 -0.15 -84.72 -76.47
C GLY JA 21 0.55 -85.40 -75.32
N MET JA 22 0.04 -85.10 -74.12
CA MET JA 22 0.55 -85.62 -72.90
C MET JA 22 0.83 -87.10 -73.16
N ARG JA 23 -0.02 -87.75 -73.93
CA ARG JA 23 0.14 -89.17 -74.29
C ARG JA 23 1.35 -89.25 -75.23
N GLY JA 24 1.93 -90.43 -75.43
CA GLY JA 24 3.12 -90.49 -76.25
C GLY JA 24 4.19 -89.78 -75.46
N LEU JA 25 3.83 -88.73 -74.71
CA LEU JA 25 4.78 -88.11 -73.79
C LEU JA 25 4.88 -89.15 -72.70
N VAL JA 26 3.76 -89.23 -72.02
CA VAL JA 26 3.62 -89.98 -70.82
C VAL JA 26 3.87 -91.38 -71.13
N LEU JA 27 3.24 -91.76 -72.22
CA LEU JA 27 3.41 -93.07 -72.73
C LEU JA 27 4.84 -93.23 -73.23
N ALA JA 28 5.36 -92.22 -73.94
CA ALA JA 28 6.72 -92.22 -74.49
C ALA JA 28 7.92 -92.26 -73.58
N THR JA 29 7.82 -91.40 -72.59
CA THR JA 29 8.76 -91.26 -71.53
C THR JA 29 8.66 -92.54 -70.75
N ASN JA 30 7.47 -93.06 -70.54
CA ASN JA 30 7.34 -94.31 -69.81
C ASN JA 30 8.07 -95.41 -70.58
N ASN JA 31 7.94 -95.28 -71.89
CA ASN JA 31 8.48 -96.16 -72.91
C ASN JA 31 9.97 -96.32 -73.00
N ALA JA 32 10.78 -95.32 -72.65
CA ALA JA 32 12.30 -95.56 -72.74
C ALA JA 32 13.20 -96.61 -71.80
N GLN JA 33 14.47 -96.89 -72.18
CA GLN JA 33 15.48 -97.69 -71.49
C GLN JA 33 16.44 -96.91 -70.58
N PHE JA 34 17.11 -97.68 -69.75
CA PHE JA 34 18.05 -97.23 -68.72
C PHE JA 34 19.18 -96.40 -69.25
N ILE JA 35 19.56 -96.65 -70.49
CA ILE JA 35 20.73 -96.02 -71.06
C ILE JA 35 20.74 -94.52 -71.18
N MET JA 36 21.97 -94.13 -71.42
CA MET JA 36 22.56 -92.82 -71.55
C MET JA 36 23.40 -92.56 -72.79
N ASP JA 37 22.94 -91.59 -73.56
CA ASP JA 37 23.49 -91.20 -74.84
C ASP JA 37 23.00 -92.01 -76.05
N ASN JA 38 21.89 -92.72 -75.92
CA ASN JA 38 21.37 -93.49 -77.07
C ASN JA 38 20.95 -92.57 -78.21
N SER JA 39 21.32 -92.96 -79.42
CA SER JA 39 21.01 -92.25 -80.64
C SER JA 39 21.84 -90.96 -80.75
N TYR JA 40 22.71 -90.73 -79.78
CA TYR JA 40 23.52 -89.51 -79.81
C TYR JA 40 24.97 -89.63 -79.32
N PRO JA 41 25.86 -88.75 -79.92
CA PRO JA 41 27.24 -88.85 -79.43
C PRO JA 41 27.62 -87.57 -78.68
N HIS JA 42 26.68 -86.64 -78.60
CA HIS JA 42 26.93 -85.35 -77.96
C HIS JA 42 25.86 -84.88 -76.98
N PRO JA 43 26.33 -83.94 -76.07
CA PRO JA 43 25.35 -83.42 -75.11
C PRO JA 43 24.64 -82.14 -75.59
N HIS JA 44 23.67 -81.67 -74.81
CA HIS JA 44 22.96 -80.46 -75.17
C HIS JA 44 23.99 -79.36 -75.13
N GLY JA 45 23.89 -78.38 -76.03
CA GLY JA 45 24.84 -77.29 -76.02
C GLY JA 45 24.75 -76.58 -74.69
N THR JA 46 23.53 -76.32 -74.23
CA THR JA 46 23.37 -75.61 -72.97
C THR JA 46 24.01 -76.48 -71.93
N GLN JA 47 23.69 -77.75 -72.06
CA GLN JA 47 24.11 -78.82 -71.20
C GLN JA 47 22.81 -79.51 -71.15
N GLY JA 48 22.69 -80.41 -70.22
CA GLY JA 48 21.47 -81.14 -70.05
C GLY JA 48 20.82 -80.39 -68.93
N ALA JA 49 21.19 -79.11 -68.71
CA ALA JA 49 20.55 -78.51 -67.57
C ALA JA 49 19.14 -78.17 -68.04
N VAL JA 50 19.14 -77.85 -69.33
CA VAL JA 50 17.97 -77.57 -70.11
C VAL JA 50 17.85 -78.67 -71.15
N ARG JA 51 16.78 -79.44 -71.06
CA ARG JA 51 16.50 -80.45 -72.04
C ARG JA 51 15.23 -80.05 -72.80
N GLU JA 52 14.74 -78.82 -72.52
CA GLU JA 52 13.57 -78.19 -73.11
C GLU JA 52 12.32 -79.04 -72.99
N PHE JA 53 12.18 -79.69 -71.83
CA PHE JA 53 11.09 -80.61 -71.59
C PHE JA 53 9.96 -80.08 -70.77
N LEU JA 54 10.05 -80.05 -69.45
CA LEU JA 54 8.85 -79.60 -68.79
C LEU JA 54 8.17 -78.47 -69.55
N ARG JA 55 8.94 -77.63 -70.25
CA ARG JA 55 8.33 -76.57 -71.03
C ARG JA 55 7.37 -77.12 -72.07
N GLY JA 56 7.74 -78.23 -72.71
CA GLY JA 56 6.83 -78.89 -73.63
C GLY JA 56 5.76 -79.67 -72.91
N GLN JA 57 6.11 -80.26 -71.77
CA GLN JA 57 5.15 -81.05 -71.02
C GLN JA 57 4.11 -80.17 -70.32
N ALA JA 58 4.52 -78.95 -69.97
CA ALA JA 58 3.55 -77.99 -69.45
C ALA JA 58 2.67 -77.44 -70.55
N ALA JA 59 3.29 -77.05 -71.67
CA ALA JA 59 2.50 -76.56 -72.79
C ALA JA 59 1.66 -77.65 -73.42
N ALA JA 60 1.98 -78.92 -73.12
CA ALA JA 60 1.11 -80.02 -73.51
C ALA JA 60 -0.24 -79.91 -72.82
N LEU JA 61 -0.25 -79.68 -71.50
CA LEU JA 61 -1.52 -79.60 -70.78
C LEU JA 61 -2.35 -78.44 -71.27
N THR JA 62 -1.72 -77.30 -71.58
CA THR JA 62 -2.46 -76.21 -72.20
C THR JA 62 -3.14 -76.66 -73.48
N ASP JA 63 -2.52 -77.59 -74.21
CA ASP JA 63 -3.18 -78.19 -75.37
C ASP JA 63 -4.22 -79.22 -75.00
N LEU JA 64 -4.12 -79.80 -73.80
CA LEU JA 64 -5.09 -80.79 -73.33
C LEU JA 64 -6.21 -80.13 -72.55
N GLY JA 65 -5.99 -78.86 -72.20
CA GLY JA 65 -6.94 -78.08 -71.45
C GLY JA 65 -8.26 -77.82 -72.14
N VAL JA 66 -8.24 -77.91 -73.46
CA VAL JA 66 -9.39 -77.69 -74.35
C VAL JA 66 -10.66 -78.58 -74.23
N THR JA 67 -10.50 -79.90 -74.20
CA THR JA 67 -11.68 -80.77 -74.17
C THR JA 67 -11.83 -81.79 -73.03
N HIS JA 68 -11.08 -81.65 -71.95
CA HIS JA 68 -11.17 -82.63 -70.86
C HIS JA 68 -12.05 -82.23 -69.66
N ALA JA 69 -12.88 -83.18 -69.24
CA ALA JA 69 -13.80 -83.01 -68.11
C ALA JA 69 -15.04 -82.27 -68.57
N ASN JA 70 -15.01 -81.82 -69.82
CA ASN JA 70 -16.10 -81.12 -70.46
C ASN JA 70 -15.96 -81.41 -71.95
N ASN JA 71 -17.07 -81.43 -72.67
CA ASN JA 71 -17.00 -81.69 -74.09
C ASN JA 71 -16.17 -80.57 -74.68
N THR JA 72 -16.40 -79.38 -74.10
CA THR JA 72 -15.78 -78.11 -74.42
C THR JA 72 -16.95 -77.15 -74.37
N PHE JA 73 -18.07 -77.58 -74.94
CA PHE JA 73 -19.31 -76.82 -74.95
C PHE JA 73 -20.19 -77.23 -73.77
N ALA JA 74 -19.77 -78.29 -73.09
CA ALA JA 74 -20.45 -78.87 -71.94
C ALA JA 74 -20.20 -78.13 -70.63
N PRO JA 75 -20.97 -78.49 -69.60
CA PRO JA 75 -20.75 -77.88 -68.29
C PRO JA 75 -19.50 -78.38 -67.54
N GLN JA 76 -18.39 -77.74 -67.88
CA GLN JA 76 -17.11 -77.96 -67.27
C GLN JA 76 -16.80 -76.50 -67.39
N PRO JA 77 -15.93 -75.85 -66.52
CA PRO JA 77 -15.22 -76.68 -65.56
C PRO JA 77 -15.86 -76.82 -64.21
N MET JA 78 -17.11 -76.46 -64.05
CA MET JA 78 -17.68 -76.60 -62.73
C MET JA 78 -17.77 -75.29 -62.00
N PHE JA 79 -16.78 -74.93 -61.21
CA PHE JA 79 -16.86 -73.70 -60.45
C PHE JA 79 -17.03 -72.46 -61.32
N ALA JA 80 -16.35 -72.48 -62.46
CA ALA JA 80 -16.35 -71.45 -63.48
C ALA JA 80 -16.91 -70.10 -63.08
N ALA JA 85 -6.84 -68.52 -64.47
CA ALA JA 85 -7.69 -67.64 -63.69
C ALA JA 85 -8.96 -68.27 -63.25
N GLU JA 86 -9.67 -67.53 -62.42
CA GLU JA 86 -11.01 -67.81 -61.99
C GLU JA 86 -11.36 -69.23 -61.62
N TRP JA 87 -10.65 -69.80 -60.65
CA TRP JA 87 -11.08 -71.11 -60.24
C TRP JA 87 -12.49 -70.78 -59.75
N LEU JA 88 -12.66 -69.67 -59.04
CA LEU JA 88 -13.98 -69.27 -58.60
C LEU JA 88 -14.38 -67.78 -58.85
N ARG JA 89 -13.64 -67.09 -59.73
CA ARG JA 89 -13.89 -65.71 -60.26
C ARG JA 89 -13.69 -64.58 -59.36
N PRO JA 90 -13.66 -63.38 -59.93
CA PRO JA 90 -13.44 -62.08 -59.24
C PRO JA 90 -14.29 -60.98 -59.81
N SER JA 91 -14.43 -59.87 -59.08
CA SER JA 91 -15.26 -58.69 -59.48
C SER JA 91 -14.47 -57.44 -59.80
N PHE JA 92 -14.83 -56.80 -60.91
CA PHE JA 92 -14.21 -55.58 -61.44
C PHE JA 92 -14.95 -54.35 -60.90
N GLY JA 93 -14.84 -53.24 -61.59
CA GLY JA 93 -15.44 -52.00 -61.21
C GLY JA 93 -16.92 -52.12 -61.17
N LEU JA 94 -17.55 -51.28 -60.36
CA LEU JA 94 -18.99 -51.34 -60.12
C LEU JA 94 -19.80 -51.02 -61.36
N LYS JA 95 -19.09 -50.55 -62.37
CA LYS JA 95 -19.65 -50.13 -63.66
C LYS JA 95 -19.70 -48.64 -63.47
N ARG JA 96 -19.73 -47.90 -64.56
CA ARG JA 96 -19.65 -46.44 -64.52
C ARG JA 96 -18.14 -46.08 -64.46
N THR JA 97 -17.32 -47.13 -64.41
CA THR JA 97 -15.88 -47.15 -64.45
C THR JA 97 -15.97 -48.09 -65.62
N TYR JA 98 -15.14 -47.98 -66.64
CA TYR JA 98 -15.22 -48.98 -67.71
C TYR JA 98 -13.87 -49.66 -68.00
N SER JA 99 -13.45 -50.51 -67.06
CA SER JA 99 -12.19 -51.25 -67.17
C SER JA 99 -12.23 -52.58 -66.41
N PRO JA 100 -11.42 -53.53 -66.87
CA PRO JA 100 -11.38 -54.89 -66.31
C PRO JA 100 -10.32 -55.17 -65.26
N PHE JA 101 -9.63 -54.16 -64.76
CA PHE JA 101 -8.62 -54.40 -63.74
C PHE JA 101 -9.33 -54.38 -62.39
N VAL JA 102 -9.34 -55.52 -61.72
CA VAL JA 102 -9.97 -55.62 -60.41
C VAL JA 102 -9.47 -56.82 -59.62
N VAL JA 103 -10.26 -57.90 -59.59
CA VAL JA 103 -9.87 -59.11 -58.88
C VAL JA 103 -8.87 -59.90 -59.71
N ARG JA 104 -7.93 -60.59 -59.05
CA ARG JA 104 -6.98 -61.39 -59.80
C ARG JA 104 -7.70 -62.15 -60.94
N ASP JA 105 -8.74 -62.90 -60.57
CA ASP JA 105 -9.49 -63.71 -61.51
C ASP JA 105 -10.64 -62.94 -62.11
N PRO JA 106 -10.31 -62.03 -63.12
CA PRO JA 106 -11.49 -61.30 -63.63
C PRO JA 106 -12.43 -62.31 -64.24
N LYS JA 107 -11.88 -63.24 -65.01
CA LYS JA 107 -12.67 -64.28 -65.62
C LYS JA 107 -11.84 -65.40 -66.20
N THR JA 108 -12.52 -66.50 -66.53
CA THR JA 108 -11.93 -67.67 -67.15
C THR JA 108 -13.02 -68.13 -68.12
N PRO JA 109 -12.68 -68.93 -69.12
CA PRO JA 109 -13.75 -69.36 -70.04
C PRO JA 109 -14.29 -70.72 -69.60
N SER JA 110 -15.59 -70.99 -69.74
CA SER JA 110 -16.16 -72.29 -69.36
C SER JA 110 -16.05 -73.19 -70.58
N THR JA 111 -14.83 -73.47 -71.03
CA THR JA 111 -14.66 -74.24 -72.24
C THR JA 111 -13.23 -74.67 -72.51
N MET KA 1 5.63 -138.20 -56.66
CA MET KA 1 4.46 -138.30 -55.80
C MET KA 1 4.18 -139.76 -55.46
N ALA KA 2 3.13 -139.92 -54.69
CA ALA KA 2 2.55 -141.21 -54.38
C ALA KA 2 1.83 -141.68 -55.67
N ALA KA 3 1.42 -142.95 -55.70
CA ALA KA 3 0.73 -143.52 -56.87
C ALA KA 3 1.62 -143.35 -58.11
N PRO KA 4 1.11 -142.72 -59.19
CA PRO KA 4 2.06 -142.56 -60.30
C PRO KA 4 2.64 -141.16 -60.34
N GLN KA 5 3.87 -141.05 -59.85
CA GLN KA 5 4.58 -139.78 -59.77
C GLN KA 5 5.15 -139.20 -61.07
N PHE KA 6 4.96 -137.89 -60.97
CA PHE KA 6 5.25 -136.81 -61.84
C PHE KA 6 5.15 -135.63 -60.86
N HIS KA 7 5.67 -134.49 -61.28
CA HIS KA 7 5.63 -133.25 -60.54
C HIS KA 7 5.22 -132.49 -61.74
N ARG KA 8 4.93 -131.20 -61.63
CA ARG KA 8 4.38 -130.45 -62.75
C ARG KA 8 5.08 -130.52 -64.10
N PRO KA 9 4.24 -130.91 -65.08
CA PRO KA 9 2.86 -131.29 -64.69
C PRO KA 9 2.47 -132.73 -64.98
N SER KA 10 1.91 -133.45 -64.01
CA SER KA 10 1.51 -134.86 -64.19
C SER KA 10 0.08 -135.33 -63.83
N THR KA 11 -0.41 -135.32 -62.59
CA THR KA 11 -1.76 -135.90 -62.47
C THR KA 11 -2.30 -137.01 -61.57
N ILE KA 12 -1.66 -138.15 -61.48
CA ILE KA 12 -2.13 -139.23 -60.60
C ILE KA 12 -1.60 -138.90 -59.23
N THR KA 13 -2.34 -139.24 -58.18
CA THR KA 13 -1.99 -138.92 -56.78
C THR KA 13 -2.45 -137.51 -56.37
N ALA KA 14 -1.55 -136.56 -56.43
CA ALA KA 14 -1.91 -135.19 -56.11
C ALA KA 14 -2.51 -134.87 -57.39
N ASP KA 15 -3.82 -134.93 -57.42
CA ASP KA 15 -4.52 -134.72 -58.64
C ASP KA 15 -4.01 -133.44 -59.33
N ASN KA 16 -3.55 -133.66 -60.56
CA ASN KA 16 -2.92 -132.67 -61.43
C ASN KA 16 -1.36 -132.34 -61.36
N VAL KA 17 -1.07 -131.22 -62.02
CA VAL KA 17 0.25 -130.69 -62.23
C VAL KA 17 0.11 -129.25 -62.64
N ARG KA 18 1.26 -128.61 -62.86
CA ARG KA 18 1.30 -127.20 -63.25
C ARG KA 18 0.58 -126.95 -64.56
N ALA KA 19 -0.19 -125.85 -64.58
CA ALA KA 19 -0.96 -125.41 -65.73
C ALA KA 19 -2.33 -126.08 -65.81
N LEU KA 20 -2.60 -126.99 -64.88
CA LEU KA 20 -3.91 -127.63 -64.85
C LEU KA 20 -4.77 -126.57 -64.22
N GLY KA 21 -6.04 -126.48 -64.63
CA GLY KA 21 -6.89 -125.46 -64.06
C GLY KA 21 -7.08 -125.70 -62.58
N MET KA 22 -6.90 -124.67 -61.78
CA MET KA 22 -7.10 -124.84 -60.38
C MET KA 22 -8.15 -125.94 -60.26
N ARG KA 23 -9.14 -125.94 -61.13
CA ARG KA 23 -10.20 -126.96 -61.15
C ARG KA 23 -9.56 -128.28 -61.58
N GLY KA 24 -10.19 -129.43 -61.35
CA GLY KA 24 -9.54 -130.67 -61.69
C GLY KA 24 -8.39 -130.79 -60.72
N LEU KA 25 -7.76 -129.67 -60.34
CA LEU KA 25 -6.75 -129.70 -59.29
C LEU KA 25 -7.60 -129.91 -58.06
N VAL KA 26 -8.33 -128.83 -57.79
CA VAL KA 26 -9.06 -128.66 -56.60
C VAL KA 26 -10.08 -129.71 -56.55
N LEU KA 27 -10.70 -129.86 -57.68
CA LEU KA 27 -11.67 -130.89 -57.86
C LEU KA 27 -10.97 -132.25 -57.79
N ALA KA 28 -9.82 -132.37 -58.45
CA ALA KA 28 -9.04 -133.62 -58.50
C ALA KA 28 -8.44 -134.19 -57.24
N THR KA 29 -7.83 -133.26 -56.53
CA THR KA 29 -7.23 -133.48 -55.24
C THR KA 29 -8.37 -133.79 -54.32
N ASN KA 30 -9.47 -133.09 -54.45
CA ASN KA 30 -10.61 -133.37 -53.59
C ASN KA 30 -11.08 -134.80 -53.85
N ASN KA 31 -10.98 -135.14 -55.11
CA ASN KA 31 -11.38 -136.41 -55.71
C ASN KA 31 -10.67 -137.66 -55.25
N ALA KA 32 -9.40 -137.60 -54.82
CA ALA KA 32 -8.75 -138.90 -54.34
C ALA KA 32 -9.14 -139.78 -52.97
N GLN KA 33 -8.65 -141.04 -52.82
CA GLN KA 33 -8.77 -141.94 -51.70
C GLN KA 33 -7.63 -141.91 -50.67
N PHE KA 34 -7.92 -142.49 -49.53
CA PHE KA 34 -7.07 -142.56 -48.35
C PHE KA 34 -5.73 -143.18 -48.59
N ILE KA 35 -5.67 -144.07 -49.57
CA ILE KA 35 -4.46 -144.84 -49.80
C ILE KA 35 -3.22 -144.10 -50.19
N MET KA 36 -2.20 -144.92 -50.05
CA MET KA 36 -0.77 -144.71 -50.21
C MET KA 36 -0.04 -145.69 -51.12
N ASP KA 37 0.55 -145.12 -52.16
CA ASP KA 37 1.23 -145.84 -53.22
C ASP KA 37 0.34 -146.36 -54.35
N ASN KA 38 -0.88 -145.86 -54.48
CA ASN KA 38 -1.76 -146.32 -55.58
C ASN KA 38 -1.18 -145.96 -56.95
N SER KA 39 -1.26 -146.92 -57.86
CA SER KA 39 -0.78 -146.78 -59.23
C SER KA 39 0.76 -146.77 -59.28
N TYR KA 40 1.40 -146.92 -58.12
CA TYR KA 40 2.86 -146.89 -58.10
C TYR KA 40 3.55 -147.86 -57.12
N PRO KA 41 4.80 -148.30 -57.54
CA PRO KA 41 5.47 -149.19 -56.60
C PRO KA 41 6.69 -148.51 -56.01
N HIS KA 42 6.94 -147.27 -56.42
CA HIS KA 42 8.12 -146.54 -55.99
C HIS KA 42 7.87 -145.10 -55.54
N PRO KA 43 8.88 -144.60 -54.72
CA PRO KA 43 8.72 -143.21 -54.27
C PRO KA 43 9.39 -142.18 -55.20
N HIS KA 44 9.21 -140.90 -54.90
CA HIS KA 44 9.82 -139.87 -55.70
C HIS KA 44 11.32 -140.03 -55.51
N GLY KA 45 12.10 -139.79 -56.55
CA GLY KA 45 13.54 -139.93 -56.42
C GLY KA 45 14.01 -138.96 -55.36
N THR KA 46 13.53 -137.73 -55.41
CA THR KA 46 13.98 -136.74 -54.44
C THR KA 46 13.56 -137.28 -53.10
N GLN KA 47 12.35 -137.77 -53.10
CA GLN KA 47 11.66 -138.33 -51.96
C GLN KA 47 10.35 -137.69 -52.23
N GLY KA 48 9.51 -137.71 -51.25
CA GLY KA 48 8.21 -137.10 -51.38
C GLY KA 48 8.41 -135.78 -50.70
N ALA KA 49 9.67 -135.30 -50.63
CA ALA KA 49 9.76 -134.05 -49.89
C ALA KA 49 9.28 -132.99 -50.87
N VAL KA 50 9.59 -133.33 -52.13
CA VAL KA 50 9.20 -132.60 -53.31
C VAL KA 50 8.26 -133.50 -54.11
N ARG KA 51 7.03 -133.07 -54.23
CA ARG KA 51 6.08 -133.78 -55.05
C ARG KA 51 5.72 -132.90 -56.26
N GLU KA 52 6.45 -131.78 -56.41
CA GLU KA 52 6.36 -130.78 -57.47
C GLU KA 52 4.95 -130.25 -57.62
N PHE KA 53 4.28 -130.04 -56.49
CA PHE KA 53 2.90 -129.61 -56.47
C PHE KA 53 2.67 -128.16 -56.21
N LEU KA 54 2.68 -127.71 -54.97
CA LEU KA 54 2.35 -126.30 -54.86
C LEU KA 54 2.93 -125.49 -56.00
N ARG KA 55 4.10 -125.90 -56.54
CA ARG KA 55 4.66 -125.17 -57.66
C ARG KA 55 3.71 -125.15 -58.84
N GLY KA 56 3.02 -126.26 -59.09
CA GLY KA 56 2.03 -126.28 -60.14
C GLY KA 56 0.74 -125.61 -59.70
N GLN KA 57 0.40 -125.74 -58.42
CA GLN KA 57 -0.83 -125.15 -57.91
C GLN KA 57 -0.71 -123.64 -57.79
N ALA KA 58 0.52 -123.15 -57.57
CA ALA KA 58 0.74 -121.71 -57.58
C ALA KA 58 0.76 -121.18 -59.01
N ALA KA 59 1.46 -121.89 -59.90
CA ALA KA 59 1.49 -121.47 -61.29
C ALA KA 59 0.13 -121.66 -61.95
N ALA KA 60 -0.74 -122.45 -61.33
CA ALA KA 60 -2.13 -122.53 -61.78
C ALA KA 60 -2.82 -121.19 -61.64
N LEU KA 61 -2.70 -120.55 -60.47
CA LEU KA 61 -3.37 -119.27 -60.27
C LEU KA 61 -2.86 -118.21 -61.23
N THR KA 62 -1.55 -118.21 -61.49
CA THR KA 62 -1.03 -117.31 -62.52
C THR KA 62 -1.75 -117.54 -63.85
N ASP KA 63 -2.13 -118.79 -64.14
CA ASP KA 63 -2.93 -119.06 -65.33
C ASP KA 63 -4.40 -118.68 -65.14
N LEU KA 64 -4.87 -118.60 -63.90
CA LEU KA 64 -6.25 -118.20 -63.62
C LEU KA 64 -6.36 -116.71 -63.40
N GLY KA 65 -5.21 -116.07 -63.26
CA GLY KA 65 -5.12 -114.65 -63.03
C GLY KA 65 -5.62 -113.78 -64.17
N VAL KA 66 -5.63 -114.35 -65.36
CA VAL KA 66 -6.05 -113.72 -66.61
C VAL KA 66 -7.50 -113.19 -66.77
N THR KA 67 -8.51 -113.99 -66.45
CA THR KA 67 -9.89 -113.56 -66.67
C THR KA 67 -10.87 -113.54 -65.48
N HIS KA 68 -10.38 -113.61 -64.25
CA HIS KA 68 -11.29 -113.63 -63.11
C HIS KA 68 -11.50 -112.31 -62.38
N ALA KA 69 -12.77 -112.01 -62.10
CA ALA KA 69 -13.19 -110.80 -61.41
C ALA KA 69 -13.25 -109.64 -62.40
N ASN KA 70 -12.81 -109.91 -63.62
CA ASN KA 70 -12.82 -108.98 -64.72
C ASN KA 70 -12.90 -109.82 -65.99
N ASN KA 71 -13.52 -109.27 -67.02
CA ASN KA 71 -13.63 -110.00 -68.27
C ASN KA 71 -12.21 -110.26 -68.72
N THR KA 72 -11.39 -109.25 -68.49
CA THR KA 72 -9.98 -109.17 -68.81
C THR KA 72 -9.84 -107.75 -69.34
N PHE KA 73 -10.80 -107.35 -70.17
CA PHE KA 73 -10.87 -106.02 -70.75
C PHE KA 73 -11.75 -105.11 -69.89
N ALA KA 74 -12.41 -105.73 -68.92
CA ALA KA 74 -13.33 -105.08 -67.99
C ALA KA 74 -12.64 -104.37 -66.84
N PRO KA 75 -13.41 -103.58 -66.09
CA PRO KA 75 -12.83 -102.90 -64.92
C PRO KA 75 -12.58 -103.82 -63.71
N GLN KA 76 -11.43 -104.45 -63.77
CA GLN KA 76 -10.91 -105.28 -62.70
C GLN KA 76 -9.52 -104.80 -62.98
N PRO KA 77 -8.54 -104.78 -62.01
CA PRO KA 77 -8.86 -105.37 -60.73
C PRO KA 77 -9.40 -104.43 -59.68
N MET KA 78 -9.80 -103.24 -60.03
CA MET KA 78 -10.30 -102.38 -58.98
C MET KA 78 -9.29 -101.33 -58.59
N PHE KA 79 -8.47 -101.57 -57.59
CA PHE KA 79 -7.53 -100.55 -57.14
C PHE KA 79 -6.58 -100.12 -58.24
N ALA KA 80 -6.16 -101.09 -59.04
CA ALA KA 80 -5.27 -100.93 -60.17
C ALA KA 80 -4.48 -99.64 -60.25
N ALA KA 85 2.53 -106.92 -58.35
CA ALA KA 85 2.75 -105.52 -58.09
C ALA KA 85 1.50 -104.72 -58.00
N GLU KA 86 1.68 -103.47 -57.63
CA GLU KA 86 0.68 -102.44 -57.64
C GLU KA 86 -0.71 -102.79 -57.15
N TRP KA 87 -0.82 -103.25 -55.91
CA TRP KA 87 -2.17 -103.47 -55.44
C TRP KA 87 -2.70 -102.03 -55.53
N LEU KA 88 -1.91 -101.04 -55.14
CA LEU KA 88 -2.34 -99.67 -55.28
C LEU KA 88 -1.32 -98.66 -55.92
N ARG KA 89 -0.30 -99.20 -56.59
CA ARG KA 89 0.72 -98.50 -57.44
C ARG KA 89 1.72 -97.69 -56.74
N PRO KA 90 2.76 -97.29 -57.48
CA PRO KA 90 3.93 -96.50 -57.00
C PRO KA 90 4.39 -95.50 -58.03
N SER KA 91 5.21 -94.53 -57.61
CA SER KA 91 5.73 -93.42 -58.48
C SER KA 91 7.22 -93.48 -58.74
N PHE KA 92 7.59 -93.31 -59.99
CA PHE KA 92 8.97 -93.32 -60.51
C PHE KA 92 9.55 -91.91 -60.49
N GLY KA 93 10.56 -91.67 -61.29
CA GLY KA 93 11.25 -90.41 -61.38
C GLY KA 93 10.30 -89.35 -61.83
N LEU KA 94 10.64 -88.15 -61.40
CA LEU KA 94 9.86 -86.93 -61.64
C LEU KA 94 9.80 -86.61 -63.14
N LYS KA 95 10.30 -87.57 -63.92
CA LYS KA 95 10.37 -87.58 -65.37
C LYS KA 95 11.57 -86.76 -65.44
N ARG KA 96 12.08 -86.47 -66.63
CA ARG KA 96 13.32 -85.74 -66.83
C ARG KA 96 14.51 -86.64 -66.76
N THR KA 97 14.19 -87.93 -66.62
CA THR KA 97 15.14 -89.06 -66.60
C THR KA 97 14.72 -89.99 -67.75
N TYR KA 98 13.41 -90.24 -67.82
CA TYR KA 98 12.75 -91.07 -68.85
C TYR KA 98 12.57 -92.57 -68.80
N SER KA 99 12.89 -93.23 -67.70
CA SER KA 99 12.70 -94.70 -67.61
C SER KA 99 13.23 -95.18 -66.30
N PRO KA 100 12.73 -96.32 -65.81
CA PRO KA 100 13.22 -96.89 -64.55
C PRO KA 100 12.17 -97.05 -63.45
N PHE KA 101 12.53 -97.78 -62.39
CA PHE KA 101 11.63 -98.01 -61.27
C PHE KA 101 12.21 -97.52 -59.93
N VAL KA 102 11.45 -96.66 -59.25
CA VAL KA 102 11.86 -96.13 -57.96
C VAL KA 102 10.87 -96.41 -56.85
N VAL KA 103 9.87 -97.24 -57.14
CA VAL KA 103 8.86 -97.60 -56.16
C VAL KA 103 8.70 -99.10 -56.26
N ARG KA 104 8.25 -99.78 -55.22
CA ARG KA 104 8.16 -101.21 -55.42
C ARG KA 104 7.16 -101.52 -56.58
N ASP KA 105 5.96 -100.95 -56.51
CA ASP KA 105 4.96 -101.23 -57.52
C ASP KA 105 5.12 -100.35 -58.74
N PRO KA 106 6.05 -100.78 -59.69
CA PRO KA 106 6.17 -99.88 -60.84
C PRO KA 106 4.85 -99.83 -61.56
N LYS KA 107 4.26 -101.00 -61.79
CA LYS KA 107 2.94 -101.07 -62.42
C LYS KA 107 2.30 -102.45 -62.34
N THR KA 108 0.98 -102.47 -62.51
CA THR KA 108 0.20 -103.71 -62.53
C THR KA 108 -0.74 -103.54 -63.71
N PRO KA 109 -0.88 -104.56 -64.57
CA PRO KA 109 -1.79 -104.34 -65.70
C PRO KA 109 -3.24 -104.47 -65.22
N SER KA 110 -4.19 -103.70 -65.76
CA SER KA 110 -5.61 -103.82 -65.36
C SER KA 110 -6.23 -104.85 -66.29
N THR KA 111 -5.75 -106.08 -66.21
CA THR KA 111 -6.24 -107.10 -67.13
C THR KA 111 -5.78 -108.51 -66.81
N MET LA 1 -48.64 -149.91 -34.24
CA MET LA 1 -49.40 -148.74 -33.83
C MET LA 1 -50.78 -149.16 -33.36
N ALA LA 2 -51.54 -148.15 -32.98
CA ALA LA 2 -52.95 -148.27 -32.67
C ALA LA 2 -53.68 -148.47 -34.02
N ALA LA 3 -54.96 -148.84 -33.98
CA ALA LA 3 -55.75 -149.07 -35.19
C ALA LA 3 -55.07 -150.14 -36.04
N PRO LA 4 -54.78 -149.84 -37.32
CA PRO LA 4 -54.07 -150.92 -38.04
C PRO LA 4 -52.58 -150.64 -38.14
N GLN LA 5 -51.83 -151.32 -37.28
CA GLN LA 5 -50.39 -151.16 -37.18
C GLN LA 5 -49.53 -151.79 -38.28
N PHE LA 6 -48.55 -150.93 -38.48
CA PHE LA 6 -47.45 -150.92 -39.38
C PHE LA 6 -46.56 -149.86 -38.73
N HIS LA 7 -45.32 -149.81 -39.15
CA HIS LA 7 -44.34 -148.86 -38.70
C HIS LA 7 -43.86 -148.61 -40.08
N ARG LA 8 -42.96 -147.66 -40.31
CA ARG LA 8 -42.59 -147.30 -41.67
C ARG LA 8 -42.19 -148.39 -42.66
N PRO LA 9 -42.93 -148.34 -43.77
CA PRO LA 9 -44.03 -147.35 -43.83
C PRO LA 9 -45.43 -147.91 -43.98
N SER LA 10 -46.39 -147.49 -43.16
CA SER LA 10 -47.76 -147.99 -43.20
C SER LA 10 -48.97 -147.02 -43.28
N THR LA 11 -49.29 -146.15 -42.32
CA THR LA 11 -50.53 -145.39 -42.59
C THR LA 11 -51.79 -145.21 -41.75
N ILE LA 12 -52.38 -146.26 -41.23
CA ILE LA 12 -53.58 -146.11 -40.40
C ILE LA 12 -53.09 -145.81 -39.00
N THR LA 13 -53.82 -145.02 -38.24
CA THR LA 13 -53.44 -144.57 -36.89
C THR LA 13 -52.52 -143.32 -36.92
N ALA LA 14 -51.23 -143.52 -36.84
CA ALA LA 14 -50.31 -142.41 -36.91
C ALA LA 14 -50.31 -142.30 -38.36
N ASP LA 15 -51.08 -141.35 -38.83
CA ASP LA 15 -51.24 -141.18 -40.25
C ASP LA 15 -49.86 -141.17 -40.93
N ASN LA 16 -49.69 -142.09 -41.87
CA ASN LA 16 -48.47 -142.19 -42.67
C ASN LA 16 -47.30 -142.94 -42.03
N VAL LA 17 -46.20 -142.97 -42.78
CA VAL LA 17 -44.97 -143.63 -42.41
C VAL LA 17 -43.99 -143.24 -43.48
N ARG LA 18 -42.88 -143.97 -43.62
CA ARG LA 18 -41.91 -143.67 -44.65
C ARG LA 18 -42.57 -143.87 -46.01
N ALA LA 19 -42.21 -143.02 -46.96
CA ALA LA 19 -42.78 -143.08 -48.30
C ALA LA 19 -44.02 -142.21 -48.40
N LEU LA 20 -44.24 -141.41 -47.36
CA LEU LA 20 -45.36 -140.48 -47.31
C LEU LA 20 -44.75 -139.11 -47.06
N GLY LA 21 -45.14 -138.12 -47.83
CA GLY LA 21 -44.58 -136.78 -47.67
C GLY LA 21 -44.94 -136.14 -46.34
N MET LA 22 -44.03 -135.36 -45.78
CA MET LA 22 -44.35 -134.75 -44.53
C MET LA 22 -45.85 -134.48 -44.57
N ARG LA 23 -46.35 -134.08 -45.74
CA ARG LA 23 -47.78 -133.81 -45.94
C ARG LA 23 -48.51 -135.15 -45.87
N GLY LA 24 -49.83 -135.18 -45.66
CA GLY LA 24 -50.49 -136.46 -45.52
C GLY LA 24 -50.00 -137.02 -44.21
N LEU LA 25 -48.73 -136.76 -43.85
CA LEU LA 25 -48.24 -137.12 -42.52
C LEU LA 25 -48.95 -136.10 -41.65
N VAL LA 26 -48.47 -134.90 -41.86
CA VAL LA 26 -48.79 -133.77 -41.05
C VAL LA 26 -50.22 -133.54 -41.17
N LEU LA 27 -50.64 -133.59 -42.40
CA LEU LA 27 -52.02 -133.46 -42.72
C LEU LA 27 -52.77 -134.66 -42.17
N ALA LA 28 -52.20 -135.87 -42.35
CA ALA LA 28 -52.81 -137.13 -41.89
C ALA LA 28 -53.01 -137.39 -40.42
N THR LA 29 -51.94 -137.09 -39.71
CA THR LA 29 -51.84 -137.16 -38.29
C THR LA 29 -52.78 -136.09 -37.79
N ASN LA 30 -52.80 -134.93 -38.42
CA ASN LA 30 -53.70 -133.89 -37.98
C ASN LA 30 -55.14 -134.38 -38.11
N ASN LA 31 -55.32 -135.12 -39.18
CA ASN LA 31 -56.56 -135.72 -39.64
C ASN LA 31 -57.23 -136.73 -38.75
N ALA LA 32 -56.51 -137.50 -37.92
CA ALA LA 32 -57.25 -138.48 -37.01
C ALA LA 32 -58.26 -138.10 -35.73
N GLN LA 33 -59.04 -139.07 -35.21
CA GLN LA 33 -59.92 -139.02 -34.05
C GLN LA 33 -59.31 -139.46 -32.72
N PHE LA 34 -60.01 -139.10 -31.66
CA PHE LA 34 -59.65 -139.31 -30.27
C PHE LA 34 -59.42 -140.76 -29.90
N ILE LA 35 -60.09 -141.64 -30.62
CA ILE LA 35 -60.05 -143.05 -30.26
C ILE LA 35 -58.73 -143.76 -30.32
N MET LA 36 -58.85 -144.91 -29.70
CA MET LA 36 -57.89 -145.94 -29.37
C MET LA 36 -58.26 -147.36 -29.77
N ASP LA 37 -57.42 -147.91 -30.63
CA ASP LA 37 -57.58 -149.23 -31.24
C ASP LA 37 -58.46 -149.27 -32.49
N ASN LA 38 -58.72 -148.12 -33.13
CA ASN LA 38 -59.52 -148.14 -34.36
C ASN LA 38 -58.85 -148.91 -35.48
N SER LA 39 -59.64 -149.73 -36.17
CA SER LA 39 -59.20 -150.55 -37.29
C SER LA 39 -58.34 -151.73 -36.80
N TYR LA 40 -58.16 -151.83 -35.48
CA TYR LA 40 -57.34 -152.92 -34.96
C TYR LA 40 -57.81 -153.56 -33.65
N PRO LA 41 -57.47 -154.91 -33.51
CA PRO LA 41 -57.88 -155.51 -32.24
C PRO LA 41 -56.67 -155.85 -31.40
N HIS LA 42 -55.48 -155.56 -31.92
CA HIS LA 42 -54.24 -155.90 -31.24
C HIS LA 42 -53.20 -154.79 -31.17
N PRO LA 43 -52.27 -154.96 -30.16
CA PRO LA 43 -51.21 -153.94 -30.05
C PRO LA 43 -49.95 -154.28 -30.86
N HIS LA 44 -49.00 -153.35 -30.88
CA HIS LA 44 -47.76 -153.58 -31.58
C HIS LA 44 -47.08 -154.73 -30.86
N GLY LA 45 -46.41 -155.60 -31.58
CA GLY LA 45 -45.73 -156.72 -30.94
C GLY LA 45 -44.71 -156.16 -29.96
N THR LA 46 -43.94 -155.16 -30.41
CA THR LA 46 -42.93 -154.61 -29.53
C THR LA 46 -43.66 -154.04 -28.34
N GLN LA 47 -44.75 -153.38 -28.68
CA GLN LA 47 -45.64 -152.70 -27.78
C GLN LA 47 -45.81 -151.49 -28.61
N GLY LA 48 -46.34 -150.47 -27.99
CA GLY LA 48 -46.54 -149.23 -28.67
C GLY LA 48 -45.36 -148.43 -28.23
N ALA LA 49 -44.27 -149.10 -27.80
CA ALA LA 49 -43.22 -148.23 -27.32
C ALA LA 49 -42.57 -147.69 -28.58
N VAL LA 50 -42.60 -148.59 -29.56
CA VAL LA 50 -42.16 -148.38 -30.91
C VAL LA 50 -43.39 -148.46 -31.81
N ARG LA 51 -43.70 -147.34 -32.44
CA ARG LA 51 -44.78 -147.31 -33.39
C ARG LA 51 -44.19 -147.06 -34.79
N GLU LA 52 -42.84 -147.08 -34.87
CA GLU LA 52 -42.02 -146.91 -36.06
C GLU LA 52 -42.35 -145.61 -36.79
N PHE LA 53 -42.59 -144.57 -36.01
CA PHE LA 53 -42.99 -143.28 -36.57
C PHE LA 53 -41.92 -142.25 -36.67
N LEU LA 54 -41.59 -141.54 -35.60
CA LEU LA 54 -40.61 -140.50 -35.88
C LEU LA 54 -39.55 -140.97 -36.87
N ARG LA 55 -39.24 -142.27 -36.88
CA ARG LA 55 -38.26 -142.76 -37.84
C ARG LA 55 -38.71 -142.50 -39.27
N GLY LA 56 -40.01 -142.66 -39.54
CA GLY LA 56 -40.53 -142.32 -40.84
C GLY LA 56 -40.70 -140.83 -41.01
N GLN LA 57 -41.05 -140.13 -39.93
CA GLN LA 57 -41.27 -138.69 -40.00
C GLN LA 57 -39.94 -137.95 -40.12
N ALA LA 58 -38.88 -138.53 -39.58
CA ALA LA 58 -37.55 -137.96 -39.77
C ALA LA 58 -37.03 -138.26 -41.17
N ALA LA 59 -37.18 -139.50 -41.62
CA ALA LA 59 -36.76 -139.85 -42.96
C ALA LA 59 -37.63 -139.18 -44.01
N ALA LA 60 -38.81 -138.68 -43.60
CA ALA LA 60 -39.61 -137.86 -44.49
C ALA LA 60 -38.88 -136.58 -44.84
N LEU LA 61 -38.34 -135.88 -43.84
CA LEU LA 61 -37.65 -134.62 -44.12
C LEU LA 61 -36.45 -134.83 -45.01
N THR LA 62 -35.70 -135.92 -44.81
CA THR LA 62 -34.63 -136.25 -45.72
C THR LA 62 -35.14 -136.36 -47.16
N ASP LA 63 -36.39 -136.82 -47.34
CA ASP LA 63 -37.00 -136.82 -48.65
C ASP LA 63 -37.49 -135.44 -49.08
N LEU LA 64 -37.74 -134.55 -48.10
CA LEU LA 64 -38.19 -133.19 -48.40
C LEU LA 64 -37.02 -132.25 -48.51
N GLY LA 65 -35.86 -132.72 -48.09
CA GLY LA 65 -34.64 -131.95 -48.12
C GLY LA 65 -34.13 -131.58 -49.49
N VAL LA 66 -34.57 -132.34 -50.48
CA VAL LA 66 -34.20 -132.17 -51.90
C VAL LA 66 -34.56 -130.86 -52.65
N THR LA 67 -35.79 -130.39 -52.56
CA THR LA 67 -36.19 -129.21 -53.32
C THR LA 67 -36.77 -127.99 -52.57
N HIS LA 68 -36.61 -127.92 -51.26
CA HIS LA 68 -37.18 -126.79 -50.53
C HIS LA 68 -36.23 -125.64 -50.17
N ALA LA 69 -36.70 -124.43 -50.41
CA ALA LA 69 -35.94 -123.21 -50.15
C ALA LA 69 -34.97 -122.93 -51.29
N ASN LA 70 -34.90 -123.90 -52.20
CA ASN LA 70 -34.08 -123.83 -53.39
C ASN LA 70 -34.76 -124.69 -54.42
N ASN LA 71 -34.59 -124.35 -55.70
CA ASN LA 71 -35.21 -125.13 -56.74
C ASN LA 71 -34.63 -126.52 -56.61
N THR LA 72 -33.34 -126.52 -56.31
CA THR LA 72 -32.48 -127.68 -56.11
C THR LA 72 -31.19 -127.24 -56.80
N PHE LA 73 -31.36 -126.64 -57.98
CA PHE LA 73 -30.25 -126.12 -58.77
C PHE LA 73 -30.03 -124.64 -58.46
N ALA LA 74 -30.95 -124.08 -57.69
CA ALA LA 74 -30.96 -122.68 -57.27
C ALA LA 74 -30.04 -122.39 -56.11
N PRO LA 75 -29.83 -121.10 -55.83
CA PRO LA 75 -29.02 -120.72 -54.67
C PRO LA 75 -29.69 -120.92 -53.30
N GLN LA 76 -29.58 -122.14 -52.83
CA GLN LA 76 -30.04 -122.55 -51.53
C GLN LA 76 -28.85 -123.46 -51.39
N PRO LA 77 -28.34 -123.82 -50.15
CA PRO LA 77 -29.08 -123.38 -48.98
C PRO LA 77 -28.64 -122.08 -48.37
N MET LA 78 -27.85 -121.27 -49.05
CA MET LA 78 -27.46 -120.04 -48.42
C MET LA 78 -26.04 -120.10 -47.90
N PHE LA 79 -25.84 -120.45 -46.64
CA PHE LA 79 -24.50 -120.46 -46.08
C PHE LA 79 -23.55 -121.39 -46.83
N ALA LA 80 -24.10 -122.53 -47.25
CA ALA LA 80 -23.42 -123.56 -48.00
C ALA LA 80 -21.90 -123.51 -48.04
N ALA LA 85 -24.20 -131.88 -42.53
CA ALA LA 85 -22.92 -131.21 -42.45
C ALA LA 85 -22.95 -129.81 -42.96
N GLU LA 86 -21.83 -129.15 -42.78
CA GLU LA 86 -21.52 -127.86 -43.32
C GLU LA 86 -22.60 -126.80 -43.30
N TRP LA 87 -23.10 -126.47 -42.12
CA TRP LA 87 -24.04 -125.38 -42.11
C TRP LA 87 -23.14 -124.26 -42.65
N LEU LA 88 -21.90 -124.18 -42.19
CA LEU LA 88 -20.98 -123.20 -42.71
C LEU LA 88 -19.56 -123.70 -43.13
N ARG LA 89 -19.41 -125.02 -43.29
CA ARG LA 89 -18.22 -125.75 -43.83
C ARG LA 89 -17.02 -125.82 -42.99
N PRO LA 90 -16.09 -126.69 -43.37
CA PRO LA 90 -14.80 -126.97 -42.67
C PRO LA 90 -13.67 -127.20 -43.63
N SER LA 91 -12.43 -127.15 -43.14
CA SER LA 91 -11.18 -127.30 -43.95
C SER LA 91 -10.41 -128.56 -43.66
N PHE LA 92 -9.99 -129.25 -44.71
CA PHE LA 92 -9.22 -130.50 -44.70
C PHE LA 92 -7.73 -130.19 -44.74
N GLY LA 93 -6.93 -131.15 -45.15
CA GLY LA 93 -5.50 -131.04 -45.23
C GLY LA 93 -5.11 -129.94 -46.16
N LEU LA 94 -3.95 -129.41 -45.87
CA LEU LA 94 -3.34 -128.28 -46.58
C LEU LA 94 -3.05 -128.65 -48.04
N LYS LA 95 -3.54 -129.84 -48.40
CA LYS LA 95 -3.44 -130.46 -49.71
C LYS LA 95 -2.10 -130.98 -49.51
N ARG LA 96 -1.52 -131.67 -50.47
CA ARG LA 96 -0.21 -132.30 -50.36
C ARG LA 96 -0.31 -133.65 -49.71
N THR LA 97 -1.58 -134.02 -49.47
CA THR LA 97 -2.05 -135.29 -48.92
C THR LA 97 -3.04 -135.86 -49.96
N TYR LA 98 -3.97 -135.01 -50.38
CA TYR LA 98 -4.97 -135.27 -51.43
C TYR LA 98 -6.33 -135.95 -51.19
N SER LA 99 -6.70 -136.26 -49.96
CA SER LA 99 -8.02 -136.86 -49.71
C SER LA 99 -8.17 -137.04 -48.21
N PRO LA 100 -9.41 -136.95 -47.72
CA PRO LA 100 -9.69 -137.10 -46.28
C PRO LA 100 -10.42 -135.88 -45.70
N PHE LA 101 -10.75 -135.92 -44.41
CA PHE LA 101 -11.46 -134.82 -43.74
C PHE LA 101 -10.77 -134.24 -42.49
N VAL LA 102 -10.55 -132.93 -42.48
CA VAL LA 102 -9.94 -132.24 -41.34
C VAL LA 102 -10.90 -131.44 -40.47
N VAL LA 103 -12.17 -131.41 -40.84
CA VAL LA 103 -13.17 -130.66 -40.07
C VAL LA 103 -14.45 -131.45 -39.97
N ARG LA 104 -15.24 -131.26 -38.92
CA ARG LA 104 -16.49 -132.02 -38.89
C ARG LA 104 -17.23 -131.87 -40.24
N ASP LA 105 -17.40 -130.66 -40.73
CA ASP LA 105 -18.13 -130.52 -41.99
C ASP LA 105 -17.22 -130.61 -43.20
N PRO LA 106 -16.96 -131.88 -43.72
CA PRO LA 106 -16.07 -131.88 -44.89
C PRO LA 106 -16.73 -131.06 -45.97
N LYS LA 107 -18.01 -131.30 -46.18
CA LYS LA 107 -18.80 -130.51 -47.10
C LYS LA 107 -20.26 -130.90 -47.06
N THR LA 108 -21.08 -130.07 -47.69
CA THR LA 108 -22.51 -130.29 -47.81
C THR LA 108 -22.79 -129.92 -49.24
N PRO LA 109 -23.82 -130.50 -49.85
CA PRO LA 109 -24.10 -130.14 -51.25
C PRO LA 109 -25.02 -128.92 -51.30
N SER LA 110 -24.86 -128.01 -52.26
CA SER LA 110 -25.78 -126.85 -52.37
C SER LA 110 -26.93 -127.28 -53.25
N THR LA 111 -27.71 -128.26 -52.80
CA THR LA 111 -28.77 -128.77 -53.64
C THR LA 111 -29.71 -129.72 -52.92
N MET MA 1 48.27 -55.05 -89.51
CA MET MA 1 48.79 -53.69 -89.51
C MET MA 1 47.63 -52.69 -89.52
N ALA MA 2 48.04 -51.44 -89.53
CA ALA MA 2 47.15 -50.32 -89.73
C ALA MA 2 46.74 -50.33 -91.23
N ALA MA 3 45.75 -49.52 -91.60
CA ALA MA 3 45.28 -49.46 -93.00
C ALA MA 3 44.86 -50.86 -93.45
N PRO MA 4 45.42 -51.36 -94.56
CA PRO MA 4 44.99 -52.73 -94.89
C PRO MA 4 46.02 -53.77 -94.47
N GLN MA 5 45.75 -54.40 -93.34
CA GLN MA 5 46.65 -55.39 -92.76
C GLN MA 5 46.71 -56.78 -93.43
N PHE MA 6 47.99 -57.13 -93.35
CA PHE MA 6 48.68 -58.28 -93.79
C PHE MA 6 49.97 -58.15 -92.96
N HIS MA 7 50.72 -59.24 -92.92
CA HIS MA 7 52.00 -59.31 -92.23
C HIS MA 7 52.63 -60.02 -93.38
N ARG MA 8 53.93 -60.28 -93.36
CA ARG MA 8 54.59 -60.83 -94.52
C ARG MA 8 54.01 -62.07 -95.21
N PRO MA 9 53.79 -61.86 -96.52
CA PRO MA 9 54.04 -60.50 -97.04
C PRO MA 9 52.84 -59.78 -97.62
N SER MA 10 52.58 -58.54 -97.23
CA SER MA 10 51.43 -57.76 -97.73
C SER MA 10 51.61 -56.34 -98.32
N THR MA 11 52.04 -55.30 -97.61
CA THR MA 11 52.05 -54.02 -98.36
C THR MA 11 51.43 -52.68 -98.04
N ILE MA 12 50.16 -52.60 -97.69
CA ILE MA 12 49.54 -51.32 -97.34
C ILE MA 12 49.90 -51.05 -95.89
N THR MA 13 50.07 -49.80 -95.52
CA THR MA 13 50.48 -49.39 -94.16
C THR MA 13 52.02 -49.42 -93.99
N ALA MA 14 52.53 -50.50 -93.43
CA ALA MA 14 53.97 -50.63 -93.27
C ALA MA 14 54.23 -51.06 -94.63
N ASP MA 15 54.68 -50.13 -95.43
CA ASP MA 15 54.90 -50.39 -96.82
C ASP MA 15 55.73 -51.69 -96.96
N ASN MA 16 55.13 -52.61 -97.70
CA ASN MA 16 55.61 -53.97 -97.95
C ASN MA 16 55.34 -55.17 -96.95
N VAL MA 17 56.20 -56.19 -97.07
CA VAL MA 17 56.12 -57.40 -96.29
C VAL MA 17 57.12 -58.38 -96.85
N ARG MA 18 56.95 -59.66 -96.53
CA ARG MA 18 57.85 -60.68 -97.03
C ARG MA 18 57.70 -60.69 -98.54
N ALA MA 19 58.80 -61.00 -99.24
CA ALA MA 19 58.81 -61.01 -100.69
C ALA MA 19 59.00 -59.64 -101.32
N LEU MA 20 59.42 -58.67 -100.51
CA LEU MA 20 59.65 -57.31 -101.00
C LEU MA 20 61.09 -56.85 -100.78
N GLY MA 21 61.72 -56.30 -101.81
CA GLY MA 21 63.09 -55.83 -101.70
C GLY MA 21 63.21 -54.70 -100.70
N MET MA 22 64.31 -54.67 -99.95
CA MET MA 22 64.49 -53.67 -98.95
C MET MA 22 63.92 -52.39 -99.56
N ARG MA 23 64.12 -52.18 -100.84
CA ARG MA 23 63.61 -51.02 -101.56
C ARG MA 23 62.09 -51.16 -101.64
N GLY MA 24 61.34 -50.10 -101.91
CA GLY MA 24 59.89 -50.23 -101.90
C GLY MA 24 59.54 -50.46 -100.45
N LEU MA 25 60.38 -51.16 -99.68
CA LEU MA 25 60.18 -51.28 -98.25
C LEU MA 25 60.55 -49.88 -97.78
N VAL MA 26 61.84 -49.67 -97.91
CA VAL MA 26 62.50 -48.54 -97.38
C VAL MA 26 61.96 -47.36 -98.02
N LEU MA 27 61.83 -47.49 -99.31
CA LEU MA 27 61.24 -46.48 -100.09
C LEU MA 27 59.76 -46.36 -99.74
N ALA MA 28 59.08 -47.50 -99.60
CA ALA MA 28 57.64 -47.57 -99.28
C ALA MA 28 57.15 -47.04 -97.95
N THR MA 29 57.88 -47.46 -96.94
CA THR MA 29 57.71 -47.07 -95.58
C THR MA 29 58.03 -45.61 -95.54
N ASN MA 30 59.07 -45.19 -96.24
CA ASN MA 30 59.41 -43.78 -96.24
C ASN MA 30 58.24 -42.98 -96.83
N ASN MA 31 57.66 -43.62 -97.83
CA ASN MA 31 56.54 -43.15 -98.64
C ASN MA 31 55.23 -42.87 -97.95
N ALA MA 32 54.88 -43.56 -96.85
CA ALA MA 32 53.54 -43.21 -96.18
C ALA MA 32 53.17 -41.80 -95.38
N GLN MA 33 51.87 -41.54 -95.07
CA GLN MA 33 51.31 -40.43 -94.32
C GLN MA 33 51.10 -40.68 -92.82
N PHE MA 34 50.90 -39.58 -92.12
CA PHE MA 34 50.75 -39.49 -90.67
C PHE MA 34 49.62 -40.33 -90.12
N ILE MA 35 48.60 -40.55 -90.95
CA ILE MA 35 47.41 -41.21 -90.48
C ILE MA 35 47.53 -42.62 -89.99
N MET MA 36 46.43 -42.94 -89.36
CA MET MA 36 46.04 -44.13 -88.62
C MET MA 36 44.70 -44.75 -88.99
N ASP MA 37 44.80 -45.99 -89.44
CA ASP MA 37 43.69 -46.78 -89.94
C ASP MA 37 43.33 -46.56 -91.42
N ASN MA 38 44.22 -45.97 -92.21
CA ASN MA 38 43.94 -45.78 -93.65
C ASN MA 38 43.79 -47.11 -94.37
N SER MA 39 42.77 -47.18 -95.22
CA SER MA 39 42.45 -48.35 -96.03
C SER MA 39 41.86 -49.47 -95.17
N TYR MA 40 41.71 -49.22 -93.86
CA TYR MA 40 41.18 -50.25 -92.99
C TYR MA 40 40.23 -49.79 -91.88
N PRO MA 41 39.28 -50.73 -91.50
CA PRO MA 41 38.40 -50.30 -90.42
C PRO MA 41 38.65 -51.12 -89.17
N HIS MA 42 39.59 -52.06 -89.26
CA HIS MA 42 39.90 -52.96 -88.16
C HIS MA 42 41.37 -53.13 -87.83
N PRO MA 43 41.61 -53.59 -86.54
CA PRO MA 43 43.01 -53.80 -86.17
C PRO MA 43 43.51 -55.24 -86.43
N HIS MA 44 44.79 -55.48 -86.20
CA HIS MA 44 45.35 -56.80 -86.40
C HIS MA 44 44.65 -57.69 -85.38
N GLY MA 45 44.38 -58.93 -85.74
CA GLY MA 45 43.73 -59.82 -84.79
C GLY MA 45 44.63 -59.97 -83.58
N THR MA 46 45.92 -60.17 -83.81
CA THR MA 46 46.83 -60.36 -82.69
C THR MA 46 46.76 -59.07 -81.89
N GLN MA 47 46.77 -58.00 -82.65
CA GLN MA 47 46.75 -56.64 -82.19
C GLN MA 47 47.78 -56.14 -83.12
N GLY MA 48 48.26 -54.96 -82.83
CA GLY MA 48 49.28 -54.37 -83.66
C GLY MA 48 50.53 -54.69 -82.90
N ALA MA 49 50.50 -55.73 -82.04
CA ALA MA 49 51.73 -55.91 -81.31
C ALA MA 49 52.68 -56.56 -82.30
N VAL MA 50 52.03 -57.35 -83.15
CA VAL MA 50 52.60 -58.04 -84.26
C VAL MA 50 52.00 -57.45 -85.53
N ARG MA 51 52.84 -56.83 -86.33
CA ARG MA 51 52.40 -56.31 -87.60
C ARG MA 51 53.10 -57.11 -88.71
N GLU MA 52 53.81 -58.18 -88.31
CA GLU MA 52 54.54 -59.13 -89.14
C GLU MA 52 55.53 -58.42 -90.06
N PHE MA 53 56.19 -57.40 -89.52
CA PHE MA 53 57.10 -56.59 -90.28
C PHE MA 53 58.56 -56.89 -90.10
N LEU MA 54 59.20 -56.39 -89.06
CA LEU MA 54 60.63 -56.68 -89.05
C LEU MA 54 60.91 -58.08 -89.56
N ARG MA 55 60.01 -59.03 -89.34
CA ARG MA 55 60.23 -60.38 -89.85
C ARG MA 55 60.38 -60.38 -91.36
N GLY MA 56 59.60 -59.57 -92.05
CA GLY MA 56 59.76 -59.42 -93.48
C GLY MA 56 60.94 -58.55 -93.84
N GLN MA 57 61.20 -57.53 -93.02
CA GLN MA 57 62.29 -56.62 -93.29
C GLN MA 57 63.64 -57.27 -93.00
N ALA MA 58 63.66 -58.21 -92.06
CA ALA MA 58 64.87 -58.99 -91.83
C ALA MA 58 65.06 -60.02 -92.92
N ALA MA 59 64.00 -60.74 -93.27
CA ALA MA 59 64.10 -61.71 -94.35
C ALA MA 59 64.32 -61.04 -95.69
N ALA MA 60 64.06 -59.73 -95.78
CA ALA MA 60 64.42 -58.97 -96.97
C ALA MA 60 65.93 -58.96 -97.14
N LEU MA 61 66.68 -58.65 -96.09
CA LEU MA 61 68.13 -58.60 -96.21
C LEU MA 61 68.71 -59.94 -96.60
N THR MA 62 68.17 -61.03 -96.05
CA THR MA 62 68.58 -62.35 -96.49
C THR MA 62 68.40 -62.50 -97.99
N ASP MA 63 67.37 -61.87 -98.56
CA ASP MA 63 67.19 -61.85 -100.01
C ASP MA 63 68.13 -60.87 -100.69
N LEU MA 64 68.62 -59.86 -99.96
CA LEU MA 64 69.56 -58.88 -100.53
C LEU MA 64 70.99 -59.31 -100.30
N GLY MA 65 71.16 -60.31 -99.44
CA GLY MA 65 72.46 -60.84 -99.11
C GLY MA 65 73.22 -61.49 -100.24
N VAL MA 66 72.47 -61.92 -101.25
CA VAL MA 66 72.98 -62.60 -102.45
C VAL MA 66 73.97 -61.87 -103.40
N THR MA 67 73.69 -60.63 -103.80
CA THR MA 67 74.56 -59.96 -104.75
C THR MA 67 75.18 -58.60 -104.37
N HIS MA 68 75.17 -58.23 -103.09
CA HIS MA 68 75.71 -56.92 -102.73
C HIS MA 68 77.14 -56.92 -102.16
N ALA MA 69 77.93 -55.98 -102.66
CA ALA MA 69 79.32 -55.80 -102.25
C ALA MA 69 80.21 -56.79 -103.00
N ASN MA 70 79.56 -57.69 -103.74
CA ASN MA 70 80.20 -58.69 -104.55
C ASN MA 70 79.24 -58.98 -105.69
N ASN MA 71 79.77 -59.37 -106.84
CA ASN MA 71 78.91 -59.68 -107.96
C ASN MA 71 78.05 -60.84 -107.51
N THR MA 72 78.69 -61.72 -106.76
CA THR MA 72 78.16 -62.94 -106.17
C THR MA 72 79.29 -63.92 -106.41
N PHE MA 73 79.86 -63.87 -107.61
CA PHE MA 73 80.99 -64.72 -108.01
C PHE MA 73 82.30 -63.99 -107.77
N ALA MA 74 82.18 -62.71 -107.44
CA ALA MA 74 83.30 -61.80 -107.17
C ALA MA 74 83.89 -61.94 -105.78
N PRO MA 75 85.04 -61.30 -105.57
CA PRO MA 75 85.66 -61.33 -104.24
C PRO MA 75 84.96 -60.45 -103.18
N GLN MA 76 83.95 -61.03 -102.60
CA GLN MA 76 83.20 -60.45 -101.51
C GLN MA 76 83.05 -61.81 -100.88
N PRO MA 77 82.88 -61.96 -99.51
CA PRO MA 77 82.71 -60.76 -98.73
C PRO MA 77 83.96 -60.19 -98.13
N MET MA 78 85.14 -60.58 -98.54
CA MET MA 78 86.31 -60.01 -97.94
C MET MA 78 86.95 -60.94 -96.94
N PHE MA 79 86.60 -60.86 -95.67
CA PHE MA 79 87.25 -61.69 -94.68
C PHE MA 79 87.07 -63.18 -94.95
N ALA MA 80 85.88 -63.52 -95.43
CA ALA MA 80 85.46 -64.87 -95.80
C ALA MA 80 86.33 -66.01 -95.29
N ALA MA 85 77.42 -66.88 -90.22
CA ALA MA 85 78.66 -67.47 -89.75
C ALA MA 85 79.88 -66.87 -90.36
N GLU MA 86 81.01 -67.32 -89.86
CA GLU MA 86 82.31 -67.04 -90.38
C GLU MA 86 82.62 -65.62 -90.84
N TRP MA 87 82.49 -64.66 -89.94
CA TRP MA 87 82.90 -63.34 -90.38
C TRP MA 87 84.38 -63.61 -90.65
N LEU MA 88 85.04 -64.37 -89.79
CA LEU MA 88 86.43 -64.72 -90.04
C LEU MA 88 86.82 -66.22 -89.88
N ARG MA 89 85.83 -67.10 -89.86
CA ARG MA 89 85.91 -68.60 -89.87
C ARG MA 89 86.39 -69.27 -88.66
N PRO MA 90 86.22 -70.60 -88.62
CA PRO MA 90 86.58 -71.48 -87.48
C PRO MA 90 87.11 -72.80 -87.95
N SER MA 91 87.76 -73.56 -87.05
CA SER MA 91 88.39 -74.88 -87.36
C SER MA 91 87.73 -76.06 -86.70
N PHE MA 92 87.50 -77.11 -87.47
CA PHE MA 92 86.86 -78.38 -87.07
C PHE MA 92 87.92 -79.37 -86.60
N GLY MA 93 87.60 -80.65 -86.63
CA GLY MA 93 88.47 -81.71 -86.20
C GLY MA 93 89.70 -81.74 -87.03
N LEU MA 94 90.74 -82.24 -86.40
CA LEU MA 94 92.09 -82.33 -86.94
C LEU MA 94 92.13 -83.26 -88.16
N LYS MA 95 90.90 -83.65 -88.57
CA LYS MA 95 90.61 -84.51 -89.69
C LYS MA 95 90.87 -85.75 -88.98
N ARG MA 96 90.71 -86.90 -89.61
CA ARG MA 96 90.87 -88.21 -88.98
C ARG MA 96 89.60 -88.64 -88.29
N THR MA 97 88.60 -87.79 -88.50
CA THR MA 97 87.21 -87.94 -88.06
C THR MA 97 86.41 -87.80 -89.36
N TYR MA 98 86.71 -86.74 -90.10
CA TYR MA 98 86.13 -86.45 -91.42
C TYR MA 98 84.83 -85.65 -91.62
N SER MA 99 84.20 -85.15 -90.56
CA SER MA 99 82.97 -84.37 -90.73
C SER MA 99 82.56 -83.82 -89.38
N PRO MA 100 81.76 -82.76 -89.35
CA PRO MA 100 81.34 -82.11 -88.11
C PRO MA 100 82.16 -80.83 -87.94
N PHE MA 101 81.72 -79.90 -87.09
CA PHE MA 101 82.42 -78.62 -86.89
C PHE MA 101 82.99 -78.37 -85.49
N VAL MA 102 84.23 -77.91 -85.44
CA VAL MA 102 84.91 -77.61 -84.18
C VAL MA 102 84.83 -76.15 -83.69
N VAL MA 103 84.17 -75.28 -84.44
CA VAL MA 103 84.06 -73.87 -84.07
C VAL MA 103 82.69 -73.29 -84.39
N ARG MA 104 82.30 -72.16 -83.75
CA ARG MA 104 81.00 -71.63 -84.09
C ARG MA 104 80.89 -71.45 -85.63
N ASP MA 105 81.87 -70.79 -86.22
CA ASP MA 105 81.87 -70.55 -87.65
C ASP MA 105 82.63 -71.60 -88.44
N PRO MA 106 81.95 -72.78 -88.76
CA PRO MA 106 82.78 -73.73 -89.53
C PRO MA 106 83.13 -73.12 -90.86
N LYS MA 107 82.15 -72.53 -91.53
CA LYS MA 107 82.36 -71.86 -92.80
C LYS MA 107 81.20 -70.97 -93.22
N THR MA 108 81.46 -70.06 -94.16
CA THR MA 108 80.47 -69.15 -94.70
C THR MA 108 80.69 -69.20 -96.21
N PRO MA 109 79.68 -68.95 -97.04
CA PRO MA 109 80.01 -69.03 -98.46
C PRO MA 109 80.53 -67.68 -98.95
N SER MA 110 81.49 -67.62 -99.87
CA SER MA 110 82.00 -66.34 -100.40
C SER MA 110 81.12 -65.99 -101.59
N THR MA 111 79.83 -65.77 -101.35
CA THR MA 111 78.94 -65.52 -102.46
C THR MA 111 77.55 -65.06 -102.04
N MET NA 1 61.31 0.76 -104.17
CA MET NA 1 62.73 1.08 -104.21
C MET NA 1 62.92 2.52 -104.68
N ALA NA 2 64.20 2.88 -104.76
CA ALA NA 2 64.65 4.12 -105.35
C ALA NA 2 64.47 3.96 -106.88
N ALA NA 3 64.61 5.07 -107.61
CA ALA NA 3 64.46 5.04 -109.07
C ALA NA 3 63.08 4.48 -109.43
N PRO NA 4 63.01 3.43 -110.27
CA PRO NA 4 61.65 2.94 -110.51
C PRO NA 4 61.35 1.69 -109.68
N GLN NA 5 60.61 1.91 -108.60
CA GLN NA 5 60.26 0.86 -107.66
C GLN NA 5 59.17 -0.14 -108.09
N PHE NA 6 59.58 -1.30 -107.62
CA PHE NA 6 59.02 -2.62 -107.68
C PHE NA 6 59.81 -3.30 -106.56
N HIS NA 7 59.32 -4.46 -106.16
CA HIS NA 7 59.94 -5.29 -105.15
C HIS NA 7 59.74 -6.52 -105.97
N ARG NA 8 60.24 -7.67 -105.55
CA ARG NA 8 60.19 -8.85 -106.39
C ARG NA 8 58.87 -9.27 -107.05
N PRO NA 9 58.97 -9.38 -108.37
CA PRO NA 9 60.27 -9.02 -108.99
C PRO NA 9 60.23 -7.85 -109.98
N SER NA 10 61.11 -6.87 -109.85
CA SER NA 10 61.13 -5.70 -110.74
C SER NA 10 62.44 -5.26 -111.44
N THR NA 11 63.53 -4.82 -110.79
CA THR NA 11 64.62 -4.38 -111.68
C THR NA 11 65.39 -3.06 -111.73
N ILE NA 12 64.73 -1.92 -111.75
CA ILE NA 12 65.45 -0.63 -111.77
C ILE NA 12 65.80 -0.33 -110.33
N THR NA 13 66.93 0.32 -110.10
CA THR NA 13 67.44 0.63 -108.76
C THR NA 13 68.25 -0.54 -108.16
N ALA NA 14 67.61 -1.35 -107.33
CA ALA NA 14 68.29 -2.51 -106.77
C ALA NA 14 68.14 -3.36 -107.93
N ASP NA 15 69.19 -3.45 -108.70
CA ASP NA 15 69.16 -4.19 -109.92
C ASP NA 15 68.55 -5.59 -109.65
N ASN NA 16 67.47 -5.84 -110.39
CA ASN NA 16 66.62 -7.02 -110.31
C ASN NA 16 65.41 -7.14 -109.27
N VAL NA 17 65.01 -8.41 -109.17
CA VAL NA 17 63.89 -8.89 -108.41
C VAL NA 17 64.18 -10.37 -108.22
N ARG NA 18 63.33 -11.05 -107.46
CA ARG NA 18 63.53 -12.47 -107.20
C ARG NA 18 63.58 -13.30 -108.48
N ALA NA 19 64.47 -14.28 -108.47
CA ALA NA 19 64.66 -15.18 -109.60
C ALA NA 19 65.58 -14.64 -110.70
N LEU NA 20 66.19 -13.49 -110.47
CA LEU NA 20 67.10 -12.93 -111.47
C LEU NA 20 68.29 -13.86 -111.70
N GLY NA 21 68.76 -14.49 -110.62
CA GLY NA 21 69.86 -15.42 -110.72
C GLY NA 21 71.19 -14.91 -110.22
N MET NA 22 72.23 -15.72 -110.43
CA MET NA 22 73.57 -15.36 -110.01
C MET NA 22 74.03 -14.11 -110.72
N ARG NA 23 73.71 -14.00 -112.00
CA ARG NA 23 74.14 -12.83 -112.77
C ARG NA 23 73.00 -11.95 -113.29
N GLY NA 24 73.16 -10.66 -113.02
CA GLY NA 24 72.26 -9.60 -113.39
C GLY NA 24 71.80 -8.99 -112.08
N LEU NA 25 71.66 -9.80 -111.03
CA LEU NA 25 71.39 -9.26 -109.69
C LEU NA 25 72.73 -8.65 -109.33
N VAL NA 26 73.63 -9.60 -109.13
CA VAL NA 26 74.91 -9.35 -108.59
C VAL NA 26 75.62 -8.47 -109.51
N LEU NA 27 75.50 -8.84 -110.76
CA LEU NA 27 76.05 -8.08 -111.81
C LEU NA 27 75.32 -6.76 -111.90
N ALA NA 28 73.98 -6.79 -111.80
CA ALA NA 28 73.12 -5.60 -111.88
C ALA NA 28 73.23 -4.51 -110.83
N THR NA 29 73.25 -5.00 -109.61
CA THR NA 29 73.42 -4.24 -108.41
C THR NA 29 74.81 -3.70 -108.49
N ASN NA 30 75.76 -4.51 -108.92
CA ASN NA 30 77.13 -4.00 -109.02
C ASN NA 30 77.17 -2.85 -110.02
N ASN NA 31 76.35 -3.04 -111.04
CA ASN NA 31 76.16 -2.16 -112.18
C ASN NA 31 75.65 -0.77 -111.93
N ALA NA 32 74.84 -0.53 -110.89
CA ALA NA 32 74.35 0.92 -110.67
C ALA NA 32 75.30 2.22 -110.21
N GLN NA 33 74.79 3.48 -110.32
CA GLN NA 33 75.36 4.74 -109.90
C GLN NA 33 74.98 5.22 -108.49
N PHE NA 34 75.76 6.19 -108.03
CA PHE NA 34 75.68 6.80 -106.72
C PHE NA 34 74.33 7.40 -106.39
N ILE NA 35 73.64 7.84 -107.42
CA ILE NA 35 72.41 8.56 -107.22
C ILE NA 35 71.27 7.86 -106.54
N MET NA 36 70.37 8.75 -106.19
CA MET NA 36 69.14 8.64 -105.44
C MET NA 36 67.90 9.25 -106.08
N ASP NA 37 66.93 8.37 -106.30
CA ASP NA 37 65.68 8.67 -106.99
C ASP NA 37 65.73 8.61 -108.52
N ASN NA 38 66.75 7.97 -109.09
CA ASN NA 38 66.81 7.87 -110.57
C ASN NA 38 65.66 7.05 -111.13
N SER NA 39 65.07 7.56 -112.20
CA SER NA 39 63.95 6.93 -112.90
C SER NA 39 62.65 7.06 -112.09
N TYR NA 40 62.72 7.71 -110.94
CA TYR NA 40 61.53 7.84 -110.10
C TYR NA 40 61.35 9.17 -109.38
N PRO NA 41 60.03 9.54 -109.16
CA PRO NA 41 59.85 10.79 -108.43
C PRO NA 41 59.25 10.53 -107.06
N HIS NA 42 59.01 9.26 -106.75
CA HIS NA 42 58.38 8.87 -105.50
C HIS NA 42 59.04 7.72 -104.76
N PRO NA 43 58.73 7.70 -103.39
CA PRO NA 43 59.30 6.59 -102.62
C PRO NA 43 58.40 5.35 -102.54
N HIS NA 44 58.90 4.29 -101.93
CA HIS NA 44 58.12 3.07 -101.78
C HIS NA 44 56.96 3.46 -100.88
N GLY NA 45 55.78 2.90 -101.13
CA GLY NA 45 54.63 3.22 -100.29
C GLY NA 45 54.96 2.80 -98.86
N THR NA 46 55.52 1.61 -98.70
CA THR NA 46 55.82 1.15 -97.35
C THR NA 46 56.80 2.13 -96.80
N GLN NA 47 57.75 2.46 -97.66
CA GLN NA 47 58.85 3.35 -97.41
C GLN NA 47 59.87 2.53 -98.09
N GLY NA 48 61.11 2.86 -97.84
CA GLY NA 48 62.20 2.13 -98.42
C GLY NA 48 62.59 1.20 -97.30
N ALA NA 49 61.66 0.93 -96.36
CA ALA NA 49 62.17 0.08 -95.30
C ALA NA 49 62.20 -1.32 -95.88
N VAL NA 50 61.21 -1.48 -96.76
CA VAL NA 50 61.00 -2.65 -97.57
C VAL NA 50 61.21 -2.24 -99.02
N ARG NA 51 62.22 -2.81 -99.64
CA ARG NA 51 62.47 -2.57 -101.04
C ARG NA 51 62.23 -3.89 -101.79
N GLU NA 52 61.71 -4.90 -101.06
CA GLU NA 52 61.36 -6.25 -101.52
C GLU NA 52 62.54 -6.92 -102.22
N PHE NA 53 63.73 -6.73 -101.66
CA PHE NA 53 64.93 -7.26 -102.25
C PHE NA 53 65.49 -8.50 -101.62
N LEU NA 54 66.21 -8.41 -100.52
CA LEU NA 54 66.76 -9.69 -100.09
C LEU NA 54 65.77 -10.83 -100.29
N ARG NA 55 64.47 -10.55 -100.21
CA ARG NA 55 63.49 -11.61 -100.44
C ARG NA 55 63.64 -12.19 -101.84
N GLY NA 56 63.90 -11.34 -102.83
CA GLY NA 56 64.18 -11.84 -104.17
C GLY NA 56 65.58 -12.40 -104.30
N GLN NA 57 66.53 -11.81 -103.58
CA GLN NA 57 67.91 -12.27 -103.66
C GLN NA 57 68.08 -13.58 -102.93
N ALA NA 58 67.28 -13.81 -101.89
CA ALA NA 58 67.28 -15.11 -101.23
C ALA NA 58 66.59 -16.16 -102.07
N ALA NA 59 65.41 -15.81 -102.61
CA ALA NA 59 64.70 -16.74 -103.47
C ALA NA 59 65.44 -16.97 -104.78
N ALA NA 60 66.38 -16.08 -105.11
CA ALA NA 60 67.27 -16.33 -106.24
C ALA NA 60 68.12 -17.56 -106.00
N LEU NA 61 68.74 -17.66 -104.82
CA LEU NA 61 69.60 -18.82 -104.56
C LEU NA 61 68.81 -20.11 -104.57
N THR NA 62 67.59 -20.10 -104.05
CA THR NA 62 66.73 -21.27 -104.18
C THR NA 62 66.57 -21.67 -105.64
N ASP NA 63 66.55 -20.69 -106.54
CA ASP NA 63 66.53 -20.98 -107.97
C ASP NA 63 67.90 -21.41 -108.50
N LEU NA 64 68.97 -21.02 -107.81
CA LEU NA 64 70.32 -21.41 -108.21
C LEU NA 64 70.76 -22.69 -107.54
N GLY NA 65 69.98 -23.11 -106.55
CA GLY NA 65 70.24 -24.31 -105.78
C GLY NA 65 70.16 -25.60 -106.58
N VAL NA 66 69.44 -25.55 -107.68
CA VAL NA 66 69.20 -26.68 -108.59
C VAL NA 66 70.39 -27.36 -109.31
N THR NA 67 71.28 -26.60 -109.94
CA THR NA 67 72.37 -27.22 -110.71
C THR NA 67 73.83 -26.86 -110.35
N HIS NA 68 74.08 -26.26 -109.20
CA HIS NA 68 75.45 -25.87 -108.86
C HIS NA 68 76.21 -26.81 -107.93
N ALA NA 69 77.46 -27.09 -108.32
CA ALA NA 69 78.35 -27.96 -107.57
C ALA NA 69 78.05 -29.42 -107.91
N ASN NA 70 76.98 -29.61 -108.66
CA ASN NA 70 76.53 -30.90 -109.12
C ASN NA 70 75.80 -30.65 -110.43
N ASN NA 71 75.82 -31.64 -111.32
CA ASN NA 71 75.13 -31.47 -112.59
C ASN NA 71 73.67 -31.27 -112.23
N THR NA 72 73.27 -32.04 -111.23
CA THR NA 72 71.93 -32.09 -110.64
C THR NA 72 71.75 -33.58 -110.41
N PHE NA 73 72.14 -34.36 -111.41
CA PHE NA 73 72.08 -35.82 -111.37
C PHE NA 73 73.41 -36.39 -110.87
N ALA NA 74 74.40 -35.50 -110.76
CA ALA NA 74 75.76 -35.82 -110.32
C ALA NA 74 75.91 -35.93 -108.81
N PRO NA 75 77.07 -36.44 -108.39
CA PRO NA 75 77.33 -36.52 -106.94
C PRO NA 75 77.64 -35.18 -106.25
N GLN NA 76 76.56 -34.51 -105.90
CA GLN NA 76 76.59 -33.28 -105.16
C GLN NA 76 75.36 -33.70 -104.40
N PRO NA 77 75.07 -33.24 -103.14
CA PRO NA 77 75.96 -32.21 -102.60
C PRO NA 77 77.09 -32.70 -101.77
N MET NA 78 77.42 -33.96 -101.77
CA MET NA 78 78.52 -34.39 -100.95
C MET NA 78 78.06 -35.08 -99.70
N PHE NA 79 77.89 -34.38 -98.60
CA PHE NA 79 77.51 -35.04 -97.36
C PHE NA 79 76.18 -35.78 -97.47
N ALA NA 80 75.26 -35.18 -98.21
CA ALA NA 80 73.92 -35.68 -98.49
C ALA NA 80 73.43 -36.81 -97.61
N ALA NA 85 67.58 -28.73 -95.14
CA ALA NA 85 67.75 -29.88 -94.27
C ALA NA 85 68.95 -30.70 -94.60
N GLU NA 86 69.18 -31.67 -93.75
CA GLU NA 86 70.16 -32.71 -93.91
C GLU NA 86 71.53 -32.33 -94.45
N TRP NA 87 72.22 -31.44 -93.78
CA TRP NA 87 73.56 -31.19 -94.25
C TRP NA 87 74.15 -32.57 -94.07
N LEU NA 88 73.87 -33.24 -92.96
CA LEU NA 88 74.35 -34.59 -92.76
C LEU NA 88 73.31 -35.66 -92.30
N ARG NA 89 72.01 -35.34 -92.44
CA ARG NA 89 70.83 -36.22 -92.22
C ARG NA 89 70.48 -36.57 -90.85
N PRO NA 90 69.28 -37.14 -90.66
CA PRO NA 90 68.69 -37.55 -89.37
C PRO NA 90 67.91 -38.83 -89.48
N SER NA 91 67.60 -39.46 -88.35
CA SER NA 91 66.86 -40.77 -88.28
C SER NA 91 65.47 -40.67 -87.67
N PHE NA 92 64.51 -41.29 -88.34
CA PHE NA 92 63.09 -41.35 -87.95
C PHE NA 92 62.83 -42.57 -87.07
N GLY NA 93 61.59 -43.01 -87.02
CA GLY NA 93 61.16 -44.13 -86.23
C GLY NA 93 61.87 -45.38 -86.66
N LEU NA 94 61.98 -46.26 -85.71
CA LEU NA 94 62.68 -47.55 -85.84
C LEU NA 94 61.97 -48.44 -86.86
N LYS NA 95 60.98 -47.82 -87.54
CA LYS NA 95 60.15 -48.39 -88.57
C LYS NA 95 59.23 -49.04 -87.65
N ARG NA 96 58.22 -49.72 -88.13
CA ARG NA 96 57.19 -50.37 -87.31
C ARG NA 96 56.11 -49.38 -86.95
N THR NA 97 56.25 -48.20 -87.55
CA THR NA 97 55.32 -47.09 -87.49
C THR NA 97 55.04 -46.77 -88.96
N TYR NA 98 56.13 -46.63 -89.72
CA TYR NA 98 56.13 -46.41 -91.18
C TYR NA 98 56.04 -45.02 -91.82
N SER NA 99 56.12 -43.93 -91.06
CA SER NA 99 56.03 -42.61 -91.68
C SER NA 99 56.20 -41.56 -90.59
N PRO NA 100 56.69 -40.39 -90.98
CA PRO NA 100 56.96 -39.26 -90.08
C PRO NA 100 58.47 -39.10 -89.86
N PHE NA 101 58.92 -37.91 -89.47
CA PHE NA 101 60.36 -37.68 -89.25
C PHE NA 101 60.70 -37.15 -87.85
N VAL NA 102 61.63 -37.82 -87.18
CA VAL NA 102 62.04 -37.43 -85.82
C VAL NA 102 63.38 -36.72 -85.66
N VAL NA 103 64.12 -36.52 -86.75
CA VAL NA 103 65.41 -35.84 -86.69
C VAL NA 103 65.21 -34.57 -87.46
N ARG NA 104 65.61 -33.42 -86.91
CA ARG NA 104 65.36 -32.20 -87.67
C ARG NA 104 65.50 -32.49 -89.19
N ASP NA 105 66.63 -33.06 -89.62
CA ASP NA 105 66.77 -33.25 -91.06
C ASP NA 105 66.48 -34.67 -91.51
N PRO NA 106 65.24 -34.89 -92.09
CA PRO NA 106 65.02 -36.28 -92.51
C PRO NA 106 65.94 -36.57 -93.67
N LYS NA 107 65.94 -35.64 -94.62
CA LYS NA 107 66.80 -35.79 -95.78
C LYS NA 107 66.85 -34.53 -96.62
N THR NA 108 67.88 -34.44 -97.46
CA THR NA 108 68.03 -33.34 -98.39
C THR NA 108 68.17 -34.07 -99.70
N PRO NA 109 67.38 -33.70 -100.71
CA PRO NA 109 67.56 -34.44 -101.97
C PRO NA 109 69.00 -34.27 -102.46
N SER NA 110 69.61 -35.29 -103.09
CA SER NA 110 70.97 -35.15 -103.63
C SER NA 110 70.84 -34.64 -105.05
N THR NA 111 70.30 -33.45 -105.22
CA THR NA 111 70.06 -32.94 -106.54
C THR NA 111 69.65 -31.48 -106.59
N MET OA 1 114.63 16.11 -122.03
CA MET OA 1 115.69 15.15 -121.75
C MET OA 1 116.99 15.64 -122.36
N ALA OA 2 118.00 14.81 -122.16
CA ALA OA 2 119.29 14.95 -122.80
C ALA OA 2 119.10 14.54 -124.28
N ALA OA 3 120.10 14.81 -125.11
CA ALA OA 3 120.02 14.48 -126.55
C ALA OA 3 118.79 15.15 -127.16
N PRO OA 4 117.90 14.38 -127.81
CA PRO OA 4 116.73 15.12 -128.32
C PRO OA 4 115.52 14.93 -127.41
N GLN OA 5 115.27 15.95 -126.60
CA GLN OA 5 114.18 15.94 -125.64
C GLN OA 5 112.76 16.12 -126.17
N PHE OA 6 112.01 15.31 -125.44
CA PHE OA 6 110.61 15.02 -125.44
C PHE OA 6 110.47 14.37 -124.06
N HIS OA 7 109.23 14.25 -123.62
CA HIS OA 7 108.87 13.62 -122.38
C HIS OA 7 107.75 12.87 -123.02
N ARG OA 8 107.08 11.97 -122.32
CA ARG OA 8 106.09 11.12 -122.95
C ARG OA 8 105.02 11.74 -123.85
N PRO OA 9 105.00 11.19 -125.07
CA PRO OA 9 106.04 10.19 -125.38
C PRO OA 9 107.00 10.55 -126.51
N SER OA 10 108.31 10.43 -126.31
CA SER OA 10 109.30 10.78 -127.34
C SER OA 10 110.42 9.78 -127.73
N THR OA 11 111.37 9.36 -126.91
CA THR OA 11 112.37 8.47 -127.54
C THR OA 11 113.89 8.57 -127.59
N ILE OA 12 114.47 9.69 -127.96
CA ILE OA 12 115.94 9.82 -127.98
C ILE OA 12 116.36 10.14 -126.57
N THR OA 13 117.53 9.67 -126.16
CA THR OA 13 118.04 9.84 -124.79
C THR OA 13 117.53 8.75 -123.83
N ALA OA 14 116.49 9.06 -123.09
CA ALA OA 14 115.90 8.07 -122.20
C ALA OA 14 115.12 7.39 -123.21
N ASP OA 15 115.66 6.28 -123.66
CA ASP OA 15 115.05 5.54 -124.71
C ASP OA 15 113.55 5.35 -124.40
N ASN OA 16 112.75 5.84 -125.35
CA ASN OA 16 111.29 5.88 -125.30
C ASN OA 16 110.49 7.08 -124.61
N VAL OA 17 109.22 6.78 -124.40
CA VAL OA 17 108.26 7.72 -123.85
C VAL OA 17 107.08 6.93 -123.31
N ARG OA 18 106.12 7.62 -122.72
CA ARG OA 18 104.97 6.93 -122.16
C ARG OA 18 104.23 6.10 -123.20
N ALA OA 19 103.87 4.89 -122.79
CA ALA OA 19 103.14 3.94 -123.61
C ALA OA 19 104.01 3.06 -124.50
N LEU OA 20 105.31 3.33 -124.55
CA LEU OA 20 106.22 2.53 -125.36
C LEU OA 20 106.32 1.20 -124.62
N GLY OA 21 106.28 0.08 -125.33
CA GLY OA 21 106.34 -1.19 -124.62
C GLY OA 21 107.50 -1.25 -123.67
N MET OA 22 107.22 -1.54 -122.41
CA MET OA 22 108.28 -1.61 -121.46
C MET OA 22 109.52 -1.97 -122.28
N ARG OA 23 109.37 -2.84 -123.27
CA ARG OA 23 110.46 -3.26 -124.14
C ARG OA 23 110.84 -2.06 -125.01
N GLY OA 24 112.02 -2.04 -125.64
CA GLY OA 24 112.38 -0.87 -126.38
C GLY OA 24 112.61 0.21 -125.35
N LEU OA 25 111.84 0.21 -124.26
CA LEU OA 25 112.11 1.11 -123.15
C LEU OA 25 113.35 0.48 -122.54
N VAL OA 26 113.08 -0.67 -121.97
CA VAL OA 26 113.99 -1.38 -121.16
C VAL OA 26 115.14 -1.74 -122.00
N LEU OA 27 114.78 -2.22 -123.16
CA LEU OA 27 115.75 -2.55 -124.14
C LEU OA 27 116.44 -1.28 -124.61
N ALA OA 28 115.66 -0.22 -124.86
CA ALA OA 28 116.16 1.07 -125.35
C ALA OA 28 117.09 1.89 -124.48
N THR OA 29 116.67 1.98 -123.24
CA THR OA 29 117.37 2.62 -122.17
C THR OA 29 118.60 1.79 -121.96
N ASN OA 30 118.48 0.48 -122.01
CA ASN OA 30 119.67 -0.36 -121.83
C ASN OA 30 120.66 -0.06 -122.95
N ASN OA 31 120.07 0.17 -124.10
CA ASN OA 31 120.71 0.46 -125.38
C ASN OA 31 121.56 1.69 -125.48
N ALA OA 32 121.29 2.78 -124.74
CA ALA OA 32 122.21 3.99 -124.87
C ALA OA 32 123.81 4.10 -124.40
N GLN OA 33 124.55 5.15 -124.82
CA GLN OA 33 125.93 5.50 -124.47
C GLN OA 33 126.08 6.49 -123.30
N PHE OA 34 127.30 6.54 -122.82
CA PHE OA 34 127.74 7.32 -121.67
C PHE OA 34 127.48 8.80 -121.80
N ILE OA 35 127.46 9.28 -123.03
CA ILE OA 35 127.36 10.70 -123.27
C ILE OA 35 126.13 11.41 -122.80
N MET OA 36 126.35 12.70 -122.84
CA MET OA 36 125.57 13.85 -122.42
C MET OA 36 125.38 14.96 -123.45
N ASP OA 37 124.11 15.17 -123.78
CA ASP OA 37 123.67 16.10 -124.79
C ASP OA 37 123.68 15.58 -126.24
N ASN OA 38 123.74 14.26 -126.43
CA ASN OA 38 123.71 13.71 -127.80
C ASN OA 38 122.39 14.01 -128.50
N SER OA 39 122.50 14.42 -129.77
CA SER OA 39 121.37 14.74 -130.62
C SER OA 39 120.73 16.08 -130.20
N TYR OA 40 121.29 16.72 -129.18
CA TYR OA 40 120.72 17.98 -128.72
C TYR OA 40 121.69 19.07 -128.28
N PRO OA 41 121.25 20.37 -128.46
CA PRO OA 41 122.18 21.40 -128.01
C PRO OA 41 121.59 22.15 -126.81
N HIS OA 42 120.40 21.74 -126.38
CA HIS OA 42 119.71 22.40 -125.29
C HIS OA 42 119.11 21.49 -124.24
N PRO OA 43 118.89 22.12 -123.01
CA PRO OA 43 118.28 21.30 -121.96
C PRO OA 43 116.74 21.36 -121.92
N HIS OA 44 116.13 20.58 -121.05
CA HIS OA 44 114.69 20.59 -120.93
C HIS OA 44 114.33 21.98 -120.42
N GLY OA 45 113.22 22.53 -120.88
CA GLY OA 45 112.83 23.84 -120.43
C GLY OA 45 112.64 23.79 -118.92
N THR OA 46 111.97 22.75 -118.43
CA THR OA 46 111.72 22.67 -117.00
C THR OA 46 113.08 22.60 -116.37
N GLN OA 47 113.90 21.78 -116.99
CA GLN OA 47 115.25 21.47 -116.61
C GLN OA 47 115.16 20.01 -116.87
N GLY OA 48 116.12 19.30 -116.36
CA GLY OA 48 116.14 17.88 -116.52
C GLY OA 48 115.59 17.41 -115.21
N ALA OA 49 114.81 18.26 -114.51
CA ALA OA 49 114.38 17.73 -113.23
C ALA OA 49 113.25 16.78 -113.57
N VAL OA 50 112.58 17.20 -114.63
CA VAL OA 50 111.51 16.50 -115.28
C VAL OA 50 111.99 16.11 -116.68
N ARG OA 51 112.10 14.81 -116.91
CA ARG OA 51 112.45 14.34 -118.22
C ARG OA 51 111.24 13.58 -118.80
N GLU OA 52 110.10 13.66 -118.08
CA GLU OA 52 108.81 13.06 -118.41
C GLU OA 52 108.92 11.58 -118.66
N PHE OA 53 109.74 10.91 -117.85
CA PHE OA 53 110.00 9.50 -118.01
C PHE OA 53 109.27 8.58 -117.09
N LEU OA 54 109.73 8.39 -115.86
CA LEU OA 54 108.97 7.40 -115.11
C LEU OA 54 107.48 7.50 -115.38
N ARG OA 55 106.97 8.69 -115.68
CA ARG OA 55 105.55 8.82 -116.00
C ARG OA 55 105.19 7.97 -117.20
N GLY OA 56 106.05 7.92 -118.20
CA GLY OA 56 105.82 7.04 -119.34
C GLY OA 56 106.14 5.60 -119.01
N GLN OA 57 107.15 5.38 -118.18
CA GLN OA 57 107.55 4.03 -117.83
C GLN OA 57 106.55 3.39 -116.88
N ALA OA 58 105.88 4.21 -116.07
CA ALA OA 58 104.81 3.71 -115.22
C ALA OA 58 103.57 3.44 -116.05
N ALA OA 59 103.20 4.38 -116.91
CA ALA OA 59 102.04 4.18 -117.78
C ALA OA 59 102.30 3.09 -118.81
N ALA OA 60 103.56 2.72 -119.01
CA ALA OA 60 103.88 1.55 -119.82
C ALA OA 60 103.34 0.29 -119.19
N LEU OA 61 103.58 0.10 -117.88
CA LEU OA 61 103.11 -1.12 -117.23
C LEU OA 61 101.59 -1.20 -117.25
N THR OA 62 100.91 -0.08 -117.06
CA THR OA 62 99.46 -0.07 -117.23
C THR OA 62 99.06 -0.59 -118.61
N ASP OA 63 99.88 -0.33 -119.63
CA ASP OA 63 99.66 -0.91 -120.95
C ASP OA 63 100.08 -2.36 -121.03
N LEU OA 64 100.99 -2.79 -120.16
CA LEU OA 64 101.43 -4.19 -120.13
C LEU OA 64 100.61 -5.01 -119.18
N GLY OA 65 99.81 -4.34 -118.37
CA GLY OA 65 98.94 -4.96 -117.39
C GLY OA 65 97.85 -5.83 -117.96
N VAL OA 66 97.51 -5.57 -119.22
CA VAL OA 66 96.46 -6.27 -119.98
C VAL OA 66 96.57 -7.79 -120.25
N THR OA 67 97.72 -8.26 -120.73
CA THR OA 67 97.83 -9.68 -121.09
C THR OA 67 98.95 -10.53 -120.43
N HIS OA 68 99.56 -10.05 -119.36
CA HIS OA 68 100.65 -10.82 -118.74
C HIS OA 68 100.28 -11.65 -117.51
N ALA OA 69 100.75 -12.90 -117.51
CA ALA OA 69 100.53 -13.84 -116.44
C ALA OA 69 99.16 -14.49 -116.60
N ASN OA 70 98.41 -13.99 -117.57
CA ASN OA 70 97.09 -14.47 -117.92
C ASN OA 70 96.91 -14.15 -119.41
N ASN OA 71 96.14 -14.98 -120.10
CA ASN OA 71 95.91 -14.72 -121.51
C ASN OA 71 95.24 -13.36 -121.59
N THR OA 72 94.37 -13.15 -120.60
CA THR OA 72 93.56 -11.96 -120.38
C THR OA 72 92.22 -12.55 -119.99
N PHE OA 73 91.81 -13.59 -120.72
CA PHE OA 73 90.58 -14.31 -120.46
C PHE OA 73 90.84 -15.52 -119.57
N ALA OA 74 92.13 -15.77 -119.34
CA ALA OA 74 92.62 -16.89 -118.52
C ALA OA 74 92.58 -16.61 -117.03
N PRO OA 75 92.82 -17.67 -116.24
CA PRO OA 75 92.86 -17.49 -114.79
C PRO OA 75 94.13 -16.79 -114.25
N GLN OA 76 94.08 -15.48 -114.30
CA GLN OA 76 95.09 -14.61 -113.77
C GLN OA 76 94.04 -13.64 -113.31
N PRO OA 77 94.24 -12.79 -112.24
CA PRO OA 77 95.58 -12.77 -111.66
C PRO OA 77 95.79 -13.68 -110.49
N MET OA 78 94.93 -14.63 -110.22
CA MET OA 78 95.19 -15.47 -109.09
C MET OA 78 94.32 -15.12 -107.91
N PHE OA 79 94.79 -14.26 -107.01
CA PHE OA 79 94.01 -13.95 -105.83
C PHE OA 79 92.65 -13.34 -106.16
N ALA OA 80 92.65 -12.51 -107.20
CA ALA OA 80 91.49 -11.82 -107.73
C ALA OA 80 90.25 -11.78 -106.84
N ALA OA 85 93.60 -2.06 -107.24
CA ALA OA 85 92.73 -2.56 -106.20
C ALA OA 85 92.74 -4.05 -106.07
N GLU OA 86 92.04 -4.49 -105.05
CA GLU OA 86 91.74 -5.88 -104.79
C GLU OA 86 92.83 -6.90 -105.02
N TRP OA 87 93.95 -6.77 -104.32
CA TRP OA 87 94.92 -7.83 -104.48
C TRP OA 87 94.10 -8.99 -103.93
N LEU OA 88 93.36 -8.80 -102.84
CA LEU OA 88 92.51 -9.84 -102.32
C LEU OA 88 91.04 -9.47 -101.99
N ARG OA 89 90.58 -8.32 -102.50
CA ARG OA 89 89.18 -7.79 -102.47
C ARG OA 89 88.67 -7.30 -101.19
N PRO OA 90 87.53 -6.61 -101.25
CA PRO OA 90 86.82 -5.98 -100.10
C PRO OA 90 85.33 -6.09 -100.21
N SER OA 91 84.61 -5.85 -99.11
CA SER OA 91 83.11 -5.95 -99.03
C SER OA 91 82.41 -4.64 -98.83
N PHE OA 92 81.36 -4.42 -99.61
CA PHE OA 92 80.51 -3.21 -99.60
C PHE OA 92 79.34 -3.41 -98.64
N GLY OA 93 78.28 -2.66 -98.84
CA GLY OA 93 77.10 -2.69 -98.03
C GLY OA 93 76.47 -4.03 -98.07
N LEU OA 94 75.78 -4.33 -96.99
CA LEU OA 94 75.12 -5.61 -96.74
C LEU OA 94 74.00 -5.84 -97.76
N LYS OA 95 73.97 -4.94 -98.75
CA LYS OA 95 73.05 -4.90 -99.86
C LYS OA 95 71.97 -4.25 -99.13
N ARG OA 96 70.79 -4.10 -99.69
CA ARG OA 96 69.71 -3.41 -98.98
C ARG OA 96 69.74 -1.91 -99.38
N THR OA 97 70.84 -1.56 -100.04
CA THR OA 97 71.16 -0.31 -100.67
C THR OA 97 71.87 -1.15 -101.71
N TYR OA 98 71.88 -0.73 -102.97
CA TYR OA 98 72.51 -1.54 -104.00
C TYR OA 98 73.73 -0.93 -104.66
N SER OA 99 74.42 -0.01 -104.02
CA SER OA 99 75.57 0.52 -104.78
C SER OA 99 76.51 1.24 -103.84
N PRO OA 100 77.73 1.49 -104.34
CA PRO OA 100 78.79 2.20 -103.62
C PRO OA 100 80.07 1.39 -103.54
N PHE OA 101 81.14 2.04 -103.08
CA PHE OA 101 82.43 1.37 -102.91
C PHE OA 101 82.85 1.61 -101.46
N VAL OA 102 83.18 0.56 -100.72
CA VAL OA 102 83.57 0.75 -99.33
C VAL OA 102 84.93 0.16 -98.95
N VAL OA 103 85.09 -1.15 -99.08
CA VAL OA 103 86.38 -1.75 -98.73
C VAL OA 103 87.36 -1.13 -99.69
N ARG OA 104 88.46 -0.58 -99.19
CA ARG OA 104 89.34 0.04 -100.16
C ARG OA 104 89.22 -0.69 -101.52
N ASP OA 105 89.54 -1.97 -101.50
CA ASP OA 105 89.54 -2.82 -102.70
C ASP OA 105 88.23 -3.56 -102.89
N PRO OA 106 87.12 -2.78 -103.21
CA PRO OA 106 85.88 -3.56 -103.36
C PRO OA 106 86.00 -4.58 -104.48
N LYS OA 107 86.63 -4.19 -105.59
CA LYS OA 107 86.80 -5.09 -106.72
C LYS OA 107 87.96 -4.69 -107.64
N THR OA 108 88.36 -5.65 -108.48
CA THR OA 108 89.42 -5.50 -109.48
C THR OA 108 88.97 -6.42 -110.61
N PRO OA 109 89.49 -6.28 -111.84
CA PRO OA 109 88.99 -7.19 -112.88
C PRO OA 109 89.96 -8.37 -113.01
N SER OA 110 89.47 -9.59 -113.29
CA SER OA 110 90.35 -10.76 -113.47
C SER OA 110 90.74 -10.80 -114.94
N THR OA 111 91.42 -9.77 -115.42
CA THR OA 111 91.73 -9.72 -116.83
C THR OA 111 92.70 -8.62 -117.21
N MET PA 1 13.74 45.04 -89.97
CA MET PA 1 12.62 44.78 -89.08
C MET PA 1 12.21 43.32 -89.20
N ALA PA 2 11.19 43.01 -88.41
CA ALA PA 2 10.50 41.73 -88.48
C ALA PA 2 9.66 41.75 -89.78
N ALA PA 3 9.12 40.60 -90.17
CA ALA PA 3 8.32 40.48 -91.39
C ALA PA 3 9.15 40.96 -92.59
N PRO PA 4 8.64 41.94 -93.37
CA PRO PA 4 9.54 42.35 -94.46
C PRO PA 4 10.26 43.65 -94.12
N GLN PA 5 11.53 43.50 -93.73
CA GLN PA 5 12.36 44.62 -93.32
C GLN PA 5 12.91 45.53 -94.42
N PHE PA 6 12.87 46.75 -93.90
CA PHE PA 6 13.22 48.03 -94.41
C PHE PA 6 13.31 48.83 -93.12
N HIS PA 7 13.91 50.01 -93.22
CA HIS PA 7 14.04 50.95 -92.13
C HIS PA 7 13.66 52.09 -92.99
N ARG PA 8 13.50 53.29 -92.46
CA ARG PA 8 12.98 54.39 -93.24
C ARG PA 8 13.58 54.70 -94.62
N PRO PA 9 12.66 54.71 -95.58
CA PRO PA 9 11.28 54.34 -95.21
C PRO PA 9 10.71 53.10 -95.89
N SER PA 10 10.12 52.19 -95.10
CA SER PA 10 9.43 50.93 -95.53
C SER PA 10 8.20 50.58 -94.61
N THR PA 11 7.17 49.93 -95.17
CA THR PA 11 5.94 49.64 -94.43
C THR PA 11 5.48 48.28 -93.83
N ILE PA 12 6.25 47.21 -93.90
CA ILE PA 12 5.71 45.95 -93.36
C ILE PA 12 6.35 45.78 -92.00
N THR PA 13 5.64 45.19 -91.05
CA THR PA 13 6.10 45.02 -89.66
C THR PA 13 5.81 46.27 -88.79
N ALA PA 14 6.81 47.11 -88.63
CA ALA PA 14 6.60 48.34 -87.88
C ALA PA 14 5.97 49.09 -88.95
N ASP PA 15 4.67 49.15 -88.88
CA ASP PA 15 3.91 49.79 -89.91
C ASP PA 15 4.52 51.17 -90.21
N ASN PA 16 4.89 51.32 -91.48
CA ASN PA 16 5.57 52.47 -92.06
C ASN PA 16 7.15 52.64 -92.03
N VAL PA 17 7.53 53.88 -92.33
CA VAL PA 17 8.90 54.25 -92.51
C VAL PA 17 9.15 55.72 -92.28
N ARG PA 18 10.41 56.09 -92.42
CA ARG PA 18 10.89 57.43 -92.20
C ARG PA 18 10.12 58.40 -93.08
N ALA PA 19 9.99 59.63 -92.58
CA ALA PA 19 9.25 60.67 -93.25
C ALA PA 19 7.79 60.24 -93.28
N LEU PA 20 7.18 60.22 -94.45
CA LEU PA 20 5.78 59.81 -94.54
C LEU PA 20 4.86 60.61 -93.62
N GLY PA 21 4.07 59.90 -92.80
CA GLY PA 21 3.11 60.50 -91.90
C GLY PA 21 3.00 59.81 -90.57
N MET PA 22 2.43 60.48 -89.59
CA MET PA 22 2.29 59.90 -88.29
C MET PA 22 1.14 58.88 -88.42
N ARG PA 23 0.12 59.25 -89.18
CA ARG PA 23 -1.05 58.38 -89.41
C ARG PA 23 -0.58 57.21 -90.28
N GLY PA 24 -1.31 56.11 -90.36
CA GLY PA 24 -0.81 54.99 -91.12
C GLY PA 24 0.38 54.48 -90.33
N LEU PA 25 1.14 55.37 -89.68
CA LEU PA 25 2.19 54.93 -88.78
C LEU PA 25 1.40 54.42 -87.60
N VAL PA 26 0.80 55.40 -86.97
CA VAL PA 26 0.15 55.25 -85.72
C VAL PA 26 -0.96 54.32 -85.91
N LEU PA 27 -1.66 54.59 -86.98
CA LEU PA 27 -2.73 53.75 -87.38
C LEU PA 27 -2.18 52.40 -87.79
N ALA PA 28 -1.08 52.38 -88.55
CA ALA PA 28 -0.44 51.16 -89.05
C ALA PA 28 0.17 50.18 -88.08
N THR PA 29 0.91 50.77 -87.18
CA THR PA 29 1.56 50.12 -86.07
C THR PA 29 0.42 49.63 -85.20
N ASN PA 30 -0.60 50.43 -85.01
CA ASN PA 30 -1.71 49.98 -84.19
C ASN PA 30 -2.34 48.74 -84.83
N ASN PA 31 -2.35 48.80 -86.14
CA ASN PA 31 -2.90 47.83 -87.07
C ASN PA 31 -2.31 46.45 -87.08
N ALA PA 32 -1.02 46.26 -86.76
CA ALA PA 32 -0.47 44.82 -86.75
C ALA PA 32 -0.88 43.60 -85.70
N GLN PA 33 -0.52 42.32 -85.99
CA GLN PA 33 -0.67 41.12 -85.20
C GLN PA 33 0.52 40.74 -84.30
N PHE PA 34 0.23 39.85 -83.38
CA PHE PA 34 1.13 39.35 -82.35
C PHE PA 34 2.39 38.73 -82.90
N ILE PA 35 2.31 38.18 -84.09
CA ILE PA 35 3.41 37.43 -84.65
C ILE PA 35 4.70 38.15 -84.90
N MET PA 36 5.63 37.26 -85.12
CA MET PA 36 7.07 37.38 -85.32
C MET PA 36 7.63 36.68 -86.54
N ASP PA 37 8.22 37.50 -87.40
CA ASP PA 37 8.78 37.10 -88.69
C ASP PA 37 7.77 37.03 -89.85
N ASN PA 38 6.59 37.65 -89.71
CA ASN PA 38 5.61 37.63 -90.82
C ASN PA 38 6.14 38.36 -92.05
N SER PA 39 5.94 37.74 -93.21
CA SER PA 39 6.35 38.27 -94.50
C SER PA 39 7.87 38.16 -94.68
N TYR PA 40 8.55 37.61 -93.68
CA TYR PA 40 10.00 37.51 -93.78
C TYR PA 40 10.65 36.23 -93.22
N PRO PA 41 11.82 35.83 -93.84
CA PRO PA 41 12.44 34.64 -93.28
C PRO PA 41 13.77 35.00 -92.62
N HIS PA 42 14.12 36.29 -92.66
CA HIS PA 42 15.39 36.75 -92.12
C HIS PA 42 15.32 37.99 -91.23
N PRO PA 43 16.41 38.12 -90.38
CA PRO PA 43 16.42 39.31 -89.52
C PRO PA 43 17.14 40.51 -90.14
N HIS PA 44 17.12 41.64 -89.44
CA HIS PA 44 17.79 42.83 -89.93
C HIS PA 44 19.26 42.48 -89.93
N GLY PA 45 20.01 42.97 -90.92
CA GLY PA 45 21.43 42.68 -90.96
C GLY PA 45 22.06 43.24 -89.69
N THR PA 46 21.71 44.45 -89.31
CA THR PA 46 22.31 45.04 -88.12
C THR PA 46 21.92 44.15 -86.99
N GLN PA 47 20.65 43.77 -87.03
CA GLN PA 47 19.98 42.95 -86.07
C GLN PA 47 18.74 43.75 -86.02
N GLY PA 48 17.95 43.49 -85.02
CA GLY PA 48 16.71 44.21 -84.85
C GLY PA 48 17.10 45.23 -83.82
N ALA PA 49 18.40 45.56 -83.71
CA ALA PA 49 18.65 46.50 -82.63
C ALA PA 49 18.23 47.85 -83.20
N VAL PA 50 18.44 47.91 -84.52
CA VAL PA 50 18.06 48.99 -85.37
C VAL PA 50 17.00 48.47 -86.32
N ARG PA 51 15.80 49.02 -86.21
CA ARG PA 51 14.74 48.68 -87.12
C ARG PA 51 14.41 49.92 -87.97
N GLU PA 52 15.26 50.97 -87.83
CA GLU PA 52 15.20 52.25 -88.52
C GLU PA 52 13.84 52.92 -88.37
N PHE PA 53 13.27 52.81 -87.18
CA PHE PA 53 11.94 53.33 -86.92
C PHE PA 53 11.88 54.64 -86.20
N LEU PA 54 12.00 54.67 -84.88
CA LEU PA 54 11.84 56.00 -84.32
C LEU PA 54 12.44 57.08 -85.20
N ARG PA 55 13.51 56.77 -85.93
CA ARG PA 55 14.09 57.76 -86.82
C ARG PA 55 13.09 58.23 -87.86
N GLY PA 56 12.27 57.31 -88.38
CA GLY PA 56 11.21 57.70 -89.28
C GLY PA 56 10.04 58.30 -88.56
N GLN PA 57 9.75 57.80 -87.35
CA GLN PA 57 8.62 58.31 -86.59
C GLN PA 57 8.92 59.70 -86.01
N ALA PA 58 10.19 59.97 -85.76
CA ALA PA 58 10.57 61.32 -85.35
C ALA PA 58 10.55 62.27 -86.54
N ALA PA 59 11.13 61.83 -87.66
CA ALA PA 59 11.12 62.67 -88.85
C ALA PA 59 9.72 62.80 -89.42
N ALA PA 60 8.80 61.93 -89.00
CA ALA PA 60 7.40 62.11 -89.34
C ALA PA 60 6.85 63.39 -88.73
N LEU PA 61 7.11 63.62 -87.43
CA LEU PA 61 6.58 64.82 -86.80
C LEU PA 61 7.15 66.08 -87.42
N THR PA 62 8.43 66.06 -87.78
CA THR PA 62 8.99 67.19 -88.52
C THR PA 62 8.19 67.45 -89.79
N ASP PA 63 7.65 66.40 -90.42
CA ASP PA 63 6.76 66.58 -91.55
C ASP PA 63 5.36 67.00 -91.14
N LEU PA 64 4.98 66.73 -89.90
CA LEU PA 64 3.65 67.13 -89.39
C LEU PA 64 3.71 68.47 -88.71
N GLY PA 65 4.92 68.94 -88.47
CA GLY PA 65 5.17 70.21 -87.83
C GLY PA 65 4.71 71.43 -88.60
N VAL PA 66 4.58 71.25 -89.91
CA VAL PA 66 4.15 72.29 -90.86
C VAL PA 66 2.76 72.96 -90.73
N THR PA 67 1.70 72.17 -90.59
CA THR PA 67 0.35 72.76 -90.54
C THR PA 67 -0.55 72.48 -89.33
N HIS PA 68 0.01 72.00 -88.22
CA HIS PA 68 -0.84 71.69 -87.07
C HIS PA 68 -0.88 72.74 -85.95
N ALA PA 69 -2.09 73.03 -85.49
CA ALA PA 69 -2.34 73.99 -84.42
C ALA PA 69 -2.34 75.40 -85.00
N ASN PA 70 -2.00 75.50 -86.28
CA ASN PA 70 -1.97 76.73 -87.03
C ASN PA 70 -2.21 76.35 -88.48
N ASN PA 71 -2.82 77.24 -89.24
CA ASN PA 71 -3.08 76.94 -90.63
C ASN PA 71 -1.72 76.72 -91.27
N THR PA 72 -0.79 77.55 -90.81
CA THR PA 72 0.61 77.61 -91.20
C THR PA 72 0.86 79.10 -91.28
N PHE PA 73 -0.10 79.82 -91.87
CA PHE PA 73 -0.05 81.27 -92.00
C PHE PA 73 -0.79 81.93 -90.83
N ALA PA 74 -1.46 81.08 -90.05
CA ALA PA 74 -2.25 81.49 -88.89
C ALA PA 74 -1.42 81.74 -87.64
N PRO PA 75 -2.07 82.31 -86.62
CA PRO PA 75 -1.36 82.54 -85.35
C PRO PA 75 -1.14 81.27 -84.51
N GLN PA 76 -0.06 80.59 -84.85
CA GLN PA 76 0.42 79.43 -84.15
C GLN PA 76 1.84 79.87 -84.38
N PRO PA 77 2.88 79.49 -83.54
CA PRO PA 77 2.56 78.55 -82.47
C PRO PA 77 2.18 79.15 -81.15
N MET PA 78 1.89 80.43 -81.07
CA MET PA 78 1.53 80.96 -79.78
C MET PA 78 2.67 81.74 -79.17
N PHE PA 79 3.51 81.13 -78.36
CA PHE PA 79 4.58 81.87 -77.70
C PHE PA 79 5.52 82.55 -78.69
N ALA PA 80 5.79 81.85 -79.78
CA ALA PA 80 6.63 82.28 -80.88
C ALA PA 80 7.54 83.47 -80.63
N ALA PA 85 13.84 75.40 -81.68
CA ALA PA 85 14.23 76.63 -81.00
C ALA PA 85 13.06 77.46 -80.57
N GLU PA 86 13.40 78.51 -79.85
CA GLU PA 86 12.50 79.57 -79.46
C GLU PA 86 11.12 79.20 -78.99
N TRP PA 87 11.03 78.39 -77.94
CA TRP PA 87 9.70 78.14 -77.45
C TRP PA 87 9.31 79.57 -77.05
N LEU PA 88 10.22 80.32 -76.44
CA LEU PA 88 9.94 81.70 -76.11
C LEU PA 88 11.01 82.76 -76.50
N ARG PA 89 11.93 82.39 -77.39
CA ARG PA 89 12.97 83.23 -78.05
C ARG PA 89 14.10 83.69 -77.23
N PRO PA 90 15.13 84.22 -77.90
CA PRO PA 90 16.40 84.72 -77.31
C PRO PA 90 16.90 85.95 -78.00
N SER PA 91 17.84 86.68 -77.38
CA SER PA 91 18.43 87.95 -77.90
C SER PA 91 19.88 87.85 -78.30
N PHE PA 92 20.19 88.38 -79.47
CA PHE PA 92 21.54 88.41 -80.07
C PHE PA 92 22.26 89.70 -79.67
N GLY PA 93 23.24 90.10 -80.44
CA GLY PA 93 24.05 91.27 -80.20
C GLY PA 93 23.21 92.49 -80.20
N LEU PA 94 23.69 93.45 -79.48
CA LEU PA 94 23.04 94.75 -79.25
C LEU PA 94 22.91 95.53 -80.58
N LYS PA 95 23.27 94.82 -81.65
CA LYS PA 95 23.26 95.27 -83.03
C LYS PA 95 24.53 95.96 -82.96
N ARG PA 96 25.00 96.57 -84.02
CA ARG PA 96 26.30 97.23 -84.10
C ARG PA 96 27.39 96.24 -84.41
N THR PA 97 26.90 95.04 -84.72
CA THR PA 97 27.60 93.87 -85.20
C THR PA 97 26.75 93.44 -86.42
N TYR PA 98 25.46 93.25 -86.17
CA TYR PA 98 24.47 92.92 -87.20
C TYR PA 98 24.22 91.46 -87.68
N SER PA 99 24.83 90.47 -87.06
CA SER PA 99 24.59 89.09 -87.48
C SER PA 99 25.19 88.16 -86.45
N PRO PA 100 24.65 86.95 -86.33
CA PRO PA 100 25.20 85.98 -85.37
C PRO PA 100 24.22 85.62 -84.27
N PHE PA 101 24.58 84.67 -83.40
CA PHE PA 101 23.70 84.25 -82.31
C PHE PA 101 24.28 84.33 -80.89
N VAL PA 102 23.58 85.03 -80.02
CA VAL PA 102 23.95 85.18 -78.62
C VAL PA 102 22.97 84.54 -77.63
N VAL PA 103 22.04 83.73 -78.11
CA VAL PA 103 21.08 83.06 -77.24
C VAL PA 103 20.80 81.69 -77.79
N ARG PA 104 20.44 80.70 -76.99
CA ARG PA 104 20.18 79.42 -77.62
C ARG PA 104 19.11 79.58 -78.72
N ASP PA 105 17.96 80.14 -78.36
CA ASP PA 105 16.86 80.25 -79.28
C ASP PA 105 16.91 81.53 -80.07
N PRO PA 106 17.78 81.59 -81.16
CA PRO PA 106 17.79 82.91 -81.82
C PRO PA 106 16.41 83.21 -82.32
N LYS PA 107 15.84 82.27 -83.07
CA LYS PA 107 14.47 82.42 -83.52
C LYS PA 107 13.90 81.15 -84.13
N THR PA 108 12.58 81.07 -84.10
CA THR PA 108 11.84 79.95 -84.64
C THR PA 108 10.85 80.61 -85.55
N PRO PA 109 10.36 79.88 -86.54
CA PRO PA 109 9.41 80.51 -87.47
C PRO PA 109 7.99 80.36 -86.94
N SER PA 110 7.10 81.34 -87.12
CA SER PA 110 5.70 81.21 -86.66
C SER PA 110 4.92 80.58 -87.80
N THR PA 111 5.27 79.35 -88.16
CA THR PA 111 4.63 78.73 -89.30
C THR PA 111 4.95 77.26 -89.46
N MET QA 1 -39.85 30.96 -67.57
CA MET QA 1 -40.48 32.00 -66.77
C MET QA 1 -41.86 31.56 -66.33
N ALA QA 2 -42.48 32.47 -65.59
CA ALA QA 2 -43.87 32.36 -65.20
C ALA QA 2 -44.71 32.65 -66.48
N ALA QA 3 -46.01 32.38 -66.43
CA ALA QA 3 -46.90 32.61 -67.58
C ALA QA 3 -46.37 31.81 -68.77
N PRO QA 4 -46.13 32.47 -69.93
CA PRO QA 4 -45.59 31.63 -71.00
C PRO QA 4 -44.08 31.81 -71.14
N GLN QA 5 -43.35 30.84 -70.60
CA GLN QA 5 -41.91 30.85 -70.60
C GLN QA 5 -41.19 30.53 -71.91
N PHE QA 6 -40.14 31.34 -71.93
CA PHE QA 6 -39.09 31.55 -72.88
C PHE QA 6 -38.07 32.28 -72.00
N HIS QA 7 -36.85 32.35 -72.50
CA HIS QA 7 -35.75 33.04 -71.86
C HIS QA 7 -35.35 33.67 -73.14
N ARG QA 8 -34.37 34.58 -73.15
CA ARG QA 8 -34.04 35.32 -74.36
C ARG QA 8 -33.83 34.57 -75.67
N PRO QA 9 -34.63 35.02 -76.64
CA PRO QA 9 -35.62 36.06 -76.29
C PRO QA 9 -37.08 35.68 -76.48
N SER QA 10 -37.93 35.90 -75.48
CA SER QA 10 -39.35 35.54 -75.56
C SER QA 10 -40.47 36.56 -75.22
N THR QA 11 -40.60 37.15 -74.04
CA THR QA 11 -41.80 38.02 -73.92
C THR QA 11 -42.98 38.02 -72.96
N ILE QA 12 -43.64 36.91 -72.73
CA ILE QA 12 -44.77 36.88 -71.78
C ILE QA 12 -44.15 36.69 -70.42
N THR QA 13 -44.76 37.26 -69.39
CA THR QA 13 -44.25 37.22 -68.01
C THR QA 13 -43.22 38.34 -67.74
N ALA QA 14 -41.95 38.02 -67.84
CA ALA QA 14 -40.92 39.03 -67.65
C ALA QA 14 -41.01 39.59 -68.98
N ASP QA 15 -41.70 40.70 -69.07
CA ASP QA 15 -41.94 41.32 -70.34
C ASP QA 15 -40.60 41.43 -71.10
N ASN QA 16 -40.63 40.83 -72.29
CA ASN QA 16 -39.50 40.69 -73.21
C ASN QA 16 -38.44 39.50 -73.09
N VAL QA 17 -37.34 39.77 -73.78
CA VAL QA 17 -36.20 38.88 -73.96
C VAL QA 17 -35.11 39.73 -74.60
N ARG QA 18 -34.10 39.08 -75.15
CA ARG QA 18 -32.99 39.80 -75.76
C ARG QA 18 -33.38 40.71 -76.92
N ALA QA 19 -34.32 40.26 -77.76
CA ALA QA 19 -34.75 41.01 -78.94
C ALA QA 19 -35.38 42.36 -78.68
N LEU QA 20 -36.22 42.46 -77.64
CA LEU QA 20 -36.87 43.74 -77.32
C LEU QA 20 -35.92 44.78 -76.72
N GLY QA 21 -36.15 46.05 -77.05
CA GLY QA 21 -35.32 47.15 -76.55
C GLY QA 21 -35.49 47.38 -75.07
N MET QA 22 -34.52 48.03 -74.43
CA MET QA 22 -34.71 48.23 -73.02
C MET QA 22 -36.17 48.61 -72.86
N ARG QA 23 -36.70 49.40 -73.78
CA ARG QA 23 -38.11 49.82 -73.76
C ARG QA 23 -38.97 48.59 -74.04
N GLY QA 24 -40.26 48.59 -73.75
CA GLY QA 24 -41.04 47.39 -73.95
C GLY QA 24 -40.52 46.42 -72.92
N LEU QA 25 -39.22 46.44 -72.61
CA LEU QA 25 -38.69 45.65 -71.51
C LEU QA 25 -39.23 46.39 -70.31
N VAL QA 26 -38.65 47.56 -70.17
CA VAL QA 26 -38.80 48.39 -69.03
C VAL QA 26 -40.20 48.76 -68.95
N LEU QA 27 -40.70 49.13 -70.10
CA LEU QA 27 -42.09 49.46 -70.22
C LEU QA 27 -42.91 48.20 -70.01
N ALA QA 28 -42.49 47.07 -70.60
CA ALA QA 28 -43.19 45.78 -70.51
C ALA QA 28 -43.32 45.10 -69.17
N THR QA 29 -42.19 45.08 -68.52
CA THR QA 29 -42.01 44.55 -67.19
C THR QA 29 -42.80 45.48 -66.30
N ASN QA 30 -42.73 46.77 -66.54
CA ASN QA 30 -43.50 47.69 -65.71
C ASN QA 30 -44.99 47.38 -65.87
N ASN QA 31 -45.31 47.03 -67.10
CA ASN QA 31 -46.63 46.69 -67.60
C ASN QA 31 -47.34 45.51 -67.01
N ALA QA 32 -46.64 44.47 -66.52
CA ALA QA 32 -47.43 43.30 -65.90
C ALA QA 32 -48.31 43.34 -64.48
N GLN QA 33 -49.16 42.31 -64.21
CA GLN QA 33 -49.95 42.07 -63.02
C GLN QA 33 -49.30 41.18 -61.95
N PHE QA 34 -49.90 41.25 -60.77
CA PHE QA 34 -49.47 40.57 -59.55
C PHE QA 34 -49.37 39.08 -59.68
N ILE QA 35 -50.17 38.51 -60.56
CA ILE QA 35 -50.25 37.07 -60.67
C ILE QA 35 -49.01 36.32 -61.06
N MET QA 36 -49.22 35.04 -60.81
CA MET QA 36 -48.34 33.89 -60.91
C MET QA 36 -48.88 32.70 -61.69
N ASP QA 37 -48.15 32.38 -62.76
CA ASP QA 37 -48.48 31.35 -63.71
C ASP QA 37 -49.44 31.77 -64.84
N ASN QA 38 -49.61 33.07 -65.07
CA ASN QA 38 -50.49 33.52 -66.17
C ASN QA 38 -49.97 33.08 -67.54
N SER QA 39 -50.89 32.59 -68.36
CA SER QA 39 -50.59 32.13 -69.71
C SER QA 39 -49.83 30.80 -69.69
N TYR QA 40 -49.59 30.26 -68.50
CA TYR QA 40 -48.85 29.01 -68.42
C TYR QA 40 -49.30 28.02 -67.33
N PRO QA 41 -49.08 26.69 -67.63
CA PRO QA 41 -49.49 25.75 -66.59
C PRO QA 41 -48.25 25.06 -66.00
N HIS QA 42 -47.08 25.42 -66.51
CA HIS QA 42 -45.83 24.79 -66.09
C HIS QA 42 -44.69 25.74 -65.77
N PRO QA 43 -43.72 25.18 -64.94
CA PRO QA 43 -42.56 26.04 -64.63
C PRO QA 43 -41.39 25.87 -65.60
N HIS QA 44 -40.36 26.68 -65.43
CA HIS QA 44 -39.19 26.59 -66.28
C HIS QA 44 -38.60 25.22 -66.01
N GLY QA 45 -38.05 24.57 -67.02
CA GLY QA 45 -37.46 23.26 -66.82
C GLY QA 45 -36.32 23.41 -65.82
N THR QA 46 -35.49 24.43 -66.00
CA THR QA 46 -34.37 24.61 -65.09
C THR QA 46 -34.97 24.81 -63.73
N GLN QA 47 -36.00 25.63 -63.75
CA GLN QA 47 -36.77 26.06 -62.60
C GLN QA 47 -36.86 27.47 -62.99
N GLY QA 48 -37.25 28.29 -62.04
CA GLY QA 48 -37.37 29.69 -62.29
C GLY QA 48 -36.09 30.22 -61.72
N ALA QA 49 -35.04 29.37 -61.63
CA ALA QA 49 -33.88 29.96 -61.00
C ALA QA 49 -33.25 30.82 -62.09
N VAL QA 50 -33.44 30.27 -63.29
CA VAL QA 50 -33.07 30.87 -64.55
C VAL QA 50 -34.34 31.17 -65.31
N ARG QA 51 -34.58 32.45 -65.53
CA ARG QA 51 -35.72 32.87 -66.33
C ARG QA 51 -35.18 33.49 -67.63
N GLU QA 52 -33.85 33.39 -67.83
CA GLU QA 52 -33.10 33.87 -68.98
C GLU QA 52 -33.35 35.35 -69.24
N PHE QA 53 -33.43 36.12 -68.16
CA PHE QA 53 -33.73 37.53 -68.25
C PHE QA 53 -32.57 38.47 -68.12
N LEU QA 54 -32.11 38.78 -66.93
CA LEU QA 54 -31.04 39.77 -66.95
C LEU QA 54 -30.10 39.55 -68.13
N ARG QA 55 -29.92 38.31 -68.57
CA ARG QA 55 -29.06 38.06 -69.73
C ARG QA 55 -29.57 38.80 -70.96
N GLY QA 56 -30.89 38.84 -71.14
CA GLY QA 56 -31.45 39.62 -72.22
C GLY QA 56 -31.48 41.10 -71.91
N GLN QA 57 -31.69 41.43 -70.63
CA GLN QA 57 -31.76 42.84 -70.24
C GLN QA 57 -30.38 43.47 -70.25
N ALA QA 58 -29.34 42.67 -70.00
CA ALA QA 58 -27.98 43.17 -70.13
C ALA QA 58 -27.60 43.29 -71.59
N ALA QA 59 -27.90 42.27 -72.39
CA ALA QA 59 -27.59 42.33 -73.80
C ALA QA 59 -28.45 43.36 -74.51
N ALA QA 60 -29.54 43.79 -73.87
CA ALA QA 60 -30.32 44.92 -74.38
C ALA QA 60 -29.49 46.18 -74.39
N LEU QA 61 -28.81 46.48 -73.27
CA LEU QA 61 -28.02 47.71 -73.21
C LEU QA 61 -26.90 47.70 -74.23
N THR QA 62 -26.26 46.55 -74.43
CA THR QA 62 -25.28 46.44 -75.51
C THR QA 62 -25.89 46.84 -76.84
N ASP QA 63 -27.18 46.55 -77.05
CA ASP QA 63 -27.88 47.01 -78.24
C ASP QA 63 -28.25 48.48 -78.16
N LEU QA 64 -28.36 49.04 -76.95
CA LEU QA 64 -28.68 50.45 -76.77
C LEU QA 64 -27.43 51.29 -76.69
N GLY QA 65 -26.29 50.62 -76.54
CA GLY QA 65 -25.00 51.26 -76.43
C GLY QA 65 -24.55 52.01 -77.66
N VAL QA 66 -25.12 51.65 -78.79
CA VAL QA 66 -24.83 52.22 -80.13
C VAL QA 66 -25.10 53.72 -80.41
N THR QA 67 -26.27 54.23 -80.06
CA THR QA 67 -26.60 55.62 -80.37
C THR QA 67 -26.99 56.58 -79.24
N HIS QA 68 -26.75 56.22 -77.99
CA HIS QA 68 -27.16 57.11 -76.89
C HIS QA 68 -26.08 58.00 -76.29
N ALA QA 69 -26.43 59.26 -76.11
CA ALA QA 69 -25.55 60.28 -75.54
C ALA QA 69 -24.63 60.82 -76.63
N ASN QA 70 -24.71 60.19 -77.79
CA ASN QA 70 -23.95 60.57 -78.97
C ASN QA 70 -24.79 60.13 -80.16
N ASN QA 71 -24.67 60.85 -81.27
CA ASN QA 71 -25.42 60.49 -82.45
C ASN QA 71 -24.97 59.08 -82.81
N THR QA 72 -23.66 58.88 -82.63
CA THR QA 72 -22.92 57.67 -82.88
C THR QA 72 -21.65 58.19 -83.52
N PHE QA 73 -21.82 59.16 -84.43
CA PHE QA 73 -20.72 59.81 -85.13
C PHE QA 73 -20.33 61.09 -84.39
N ALA QA 74 -21.15 61.45 -83.41
CA ALA QA 74 -20.98 62.64 -82.58
C ALA QA 74 -19.96 62.48 -81.46
N PRO QA 75 -19.62 63.60 -80.82
CA PRO QA 75 -18.70 63.53 -79.69
C PRO QA 75 -19.30 62.96 -78.39
N GLN QA 76 -19.29 61.64 -78.33
CA GLN QA 76 -19.71 60.89 -77.18
C GLN QA 76 -18.61 59.88 -77.44
N PRO QA 77 -18.06 59.12 -76.42
CA PRO QA 77 -18.67 59.22 -75.11
C PRO QA 77 -18.07 60.23 -74.18
N MET QA 78 -17.24 61.14 -74.63
CA MET QA 78 -16.69 62.08 -73.70
C MET QA 78 -15.26 61.75 -73.35
N PHE QA 79 -15.02 61.00 -72.29
CA PHE QA 79 -13.65 60.72 -71.88
C PHE QA 79 -12.86 60.00 -72.96
N ALA QA 80 -13.53 59.10 -73.66
CA ALA QA 80 -13.01 58.31 -74.76
C ALA QA 80 -11.51 58.25 -74.90
N ALA QA 85 -14.30 48.76 -72.07
CA ALA QA 85 -12.94 49.27 -71.91
C ALA QA 85 -12.87 50.77 -71.95
N GLU QA 86 -11.67 51.24 -71.68
CA GLU QA 86 -11.28 52.62 -71.83
C GLU QA 86 -12.24 53.70 -71.37
N TRP QA 87 -12.62 53.68 -70.12
CA TRP QA 87 -13.45 54.78 -69.69
C TRP QA 87 -12.48 55.92 -69.93
N LEU QA 88 -11.21 55.77 -69.58
CA LEU QA 88 -10.22 56.79 -69.85
C LEU QA 88 -8.89 56.35 -70.53
N ARG QA 89 -8.88 55.14 -71.10
CA ARG QA 89 -7.81 54.52 -71.95
C ARG QA 89 -6.58 54.10 -71.28
N PRO QA 90 -5.76 53.33 -72.00
CA PRO QA 90 -4.47 52.74 -71.55
C PRO QA 90 -3.43 52.75 -72.61
N SER QA 91 -2.16 52.55 -72.25
CA SER QA 91 -0.99 52.56 -73.18
C SER QA 91 -0.32 51.21 -73.36
N PHE QA 92 -0.05 50.86 -74.61
CA PHE QA 92 0.59 49.62 -75.05
C PHE QA 92 2.10 49.80 -75.12
N GLY QA 93 2.77 48.97 -75.89
CA GLY QA 93 4.20 48.99 -76.06
C GLY QA 93 4.64 50.28 -76.64
N LEU QA 94 5.87 50.62 -76.31
CA LEU QA 94 6.53 51.86 -76.68
C LEU QA 94 6.70 51.95 -78.21
N LYS QA 95 6.07 50.98 -78.87
CA LYS QA 95 6.03 50.80 -80.31
C LYS QA 95 7.32 50.14 -80.40
N ARG QA 96 7.76 49.75 -81.57
CA ARG QA 96 9.01 49.01 -81.78
C ARG QA 96 8.80 47.54 -81.58
N THR QA 97 7.52 47.21 -81.37
CA THR QA 97 6.96 45.86 -81.24
C THR QA 97 5.83 45.86 -82.29
N TYR QA 98 4.97 46.88 -82.20
CA TYR QA 98 3.87 47.17 -83.13
C TYR QA 98 2.45 46.59 -83.00
N SER QA 99 2.16 45.75 -82.01
CA SER QA 99 0.80 45.21 -81.87
C SER QA 99 0.75 44.52 -80.51
N PRO QA 100 -0.41 44.51 -79.87
CA PRO QA 100 -0.56 43.83 -78.58
C PRO QA 100 -1.36 44.62 -77.53
N PHE QA 101 -1.37 44.11 -76.30
CA PHE QA 101 -2.05 44.76 -75.20
C PHE QA 101 -1.10 44.96 -74.02
N VAL QA 102 -1.00 46.20 -73.54
CA VAL QA 102 -0.14 46.53 -72.41
C VAL QA 102 -0.87 47.27 -71.29
N VAL QA 103 -2.19 47.26 -71.32
CA VAL QA 103 -2.96 47.97 -70.32
C VAL QA 103 -4.30 47.30 -70.28
N ARG QA 104 -5.11 47.54 -69.27
CA ARG QA 104 -6.41 46.91 -69.36
C ARG QA 104 -7.22 47.52 -70.53
N ASP QA 105 -7.22 48.84 -70.69
CA ASP QA 105 -8.00 49.29 -71.80
C ASP QA 105 -7.29 49.10 -73.14
N PRO QA 106 -7.81 48.10 -73.95
CA PRO QA 106 -7.16 47.99 -75.27
C PRO QA 106 -7.46 49.29 -75.98
N LYS QA 107 -8.67 49.77 -75.72
CA LYS QA 107 -9.23 51.01 -76.21
C LYS QA 107 -10.72 50.79 -76.24
N THR QA 108 -11.45 51.82 -76.60
CA THR QA 108 -12.88 51.77 -76.73
C THR QA 108 -13.14 52.63 -77.93
N PRO QA 109 -14.22 52.36 -78.62
CA PRO QA 109 -14.54 53.16 -79.80
C PRO QA 109 -15.35 54.40 -79.38
N SER QA 110 -15.17 55.56 -80.03
CA SER QA 110 -15.95 56.76 -79.70
C SER QA 110 -17.20 56.73 -80.56
N THR QA 111 -18.04 55.71 -80.36
CA THR QA 111 -19.20 55.57 -81.21
C THR QA 111 -20.19 54.52 -80.75
N MET RA 1 -58.16 130.90 -48.73
CA MET RA 1 -56.75 131.10 -48.92
C MET RA 1 -56.44 132.59 -49.02
N ALA RA 2 -55.14 132.83 -49.20
CA ALA RA 2 -54.63 134.16 -49.51
C ALA RA 2 -55.02 134.44 -50.99
N ALA RA 3 -54.85 135.68 -51.43
CA ALA RA 3 -55.20 136.08 -52.80
C ALA RA 3 -56.66 135.75 -53.07
N PRO RA 4 -56.98 134.98 -54.13
CA PRO RA 4 -58.41 134.69 -54.26
C PRO RA 4 -58.75 133.29 -53.75
N GLN RA 5 -59.30 133.26 -52.54
CA GLN RA 5 -59.66 132.04 -51.86
C GLN RA 5 -60.91 131.29 -52.35
N PHE RA 6 -60.58 130.01 -52.26
CA PHE RA 6 -61.30 128.82 -52.56
C PHE RA 6 -60.46 127.79 -51.80
N HIS RA 7 -61.04 126.60 -51.64
CA HIS RA 7 -60.40 125.47 -50.99
C HIS RA 7 -60.86 124.55 -52.06
N ARG RA 8 -60.45 123.29 -52.04
CA ARG RA 8 -60.76 122.40 -53.14
C ARG RA 8 -62.20 122.27 -53.65
N PRO RA 9 -62.28 122.52 -54.96
CA PRO RA 9 -61.05 122.94 -55.67
C PRO RA 9 -61.07 124.31 -56.30
N SER RA 10 -60.07 125.15 -56.07
CA SER RA 10 -60.02 126.52 -56.62
C SER RA 10 -58.76 127.00 -57.39
N THR RA 11 -57.59 127.22 -56.82
CA THR RA 11 -56.55 127.75 -57.73
C THR RA 11 -55.64 128.97 -57.58
N ILE RA 12 -56.15 130.11 -57.20
CA ILE RA 12 -55.29 131.29 -56.99
C ILE RA 12 -54.71 131.16 -55.61
N THR RA 13 -53.50 131.63 -55.40
CA THR RA 13 -52.77 131.51 -54.12
C THR RA 13 -52.04 130.16 -53.98
N ALA RA 14 -52.65 129.21 -53.31
CA ALA RA 14 -52.06 127.90 -53.17
C ALA RA 14 -52.47 127.40 -54.47
N ASP RA 15 -51.54 127.44 -55.40
CA ASP RA 15 -51.84 127.07 -56.75
C ASP RA 15 -52.57 125.71 -56.75
N ASN RA 16 -53.77 125.76 -57.35
CA ASN RA 16 -54.73 124.67 -57.43
C ASN RA 16 -55.80 124.37 -56.28
N VAL RA 17 -56.24 123.12 -56.37
CA VAL RA 17 -57.23 122.48 -55.55
C VAL RA 17 -57.44 121.08 -56.16
N ARG RA 18 -58.41 120.34 -55.64
CA ARG RA 18 -58.71 119.01 -56.17
C ARG RA 18 -59.34 119.11 -57.55
N ALA RA 19 -59.50 117.95 -58.19
CA ALA RA 19 -60.06 117.84 -59.55
C ALA RA 19 -58.96 118.01 -60.60
N LEU RA 20 -57.73 118.17 -60.14
CA LEU RA 20 -56.60 118.32 -61.03
C LEU RA 20 -55.36 117.62 -60.52
N GLY RA 21 -54.43 117.39 -61.43
CA GLY RA 21 -53.18 116.73 -61.13
C GLY RA 21 -52.15 117.46 -60.29
N MET RA 22 -51.41 116.65 -59.57
CA MET RA 22 -50.31 117.00 -58.71
C MET RA 22 -49.56 118.10 -59.46
N ARG RA 23 -49.45 117.97 -60.77
CA ARG RA 23 -48.77 118.96 -61.61
C ARG RA 23 -49.64 120.22 -61.62
N GLY RA 24 -49.11 121.38 -62.02
CA GLY RA 24 -49.92 122.58 -61.94
C GLY RA 24 -50.11 122.84 -60.47
N LEU RA 25 -50.22 121.79 -59.65
CA LEU RA 25 -50.24 121.96 -58.20
C LEU RA 25 -48.79 122.32 -57.92
N VAL RA 26 -48.00 121.30 -58.11
CA VAL RA 26 -46.63 121.28 -57.74
C VAL RA 26 -45.95 122.32 -58.51
N LEU RA 27 -46.28 122.30 -59.77
CA LEU RA 27 -45.79 123.28 -60.68
C LEU RA 27 -46.36 124.65 -60.29
N ALA RA 28 -47.66 124.70 -59.99
CA ALA RA 28 -48.37 125.93 -59.62
C ALA RA 28 -47.98 126.67 -58.36
N THR RA 29 -47.87 125.86 -57.33
CA THR RA 29 -47.46 126.25 -56.02
C THR RA 29 -46.02 126.67 -56.18
N ASN RA 30 -45.24 125.95 -56.95
CA ASN RA 30 -43.86 126.33 -57.14
C ASN RA 30 -43.80 127.70 -57.80
N ASN RA 31 -44.76 127.88 -58.68
CA ASN RA 31 -44.99 129.05 -59.51
C ASN RA 31 -45.30 130.35 -58.83
N ALA RA 32 -45.93 130.37 -57.64
CA ALA RA 32 -46.19 131.73 -56.98
C ALA RA 32 -45.04 132.78 -56.36
N GLN RA 33 -45.41 134.05 -56.06
CA GLN RA 33 -44.63 135.10 -55.43
C GLN RA 33 -44.76 135.21 -53.90
N PHE RA 34 -43.80 135.95 -53.35
CA PHE RA 34 -43.63 136.18 -51.92
C PHE RA 34 -44.83 136.78 -51.24
N ILE RA 35 -45.61 137.54 -52.00
CA ILE RA 35 -46.70 138.28 -51.42
C ILE RA 35 -47.81 137.51 -50.76
N MET RA 36 -48.54 138.35 -50.05
CA MET RA 36 -49.67 138.15 -49.17
C MET RA 36 -50.90 139.00 -49.42
N ASP RA 37 -51.98 138.30 -49.71
CA ASP RA 37 -53.26 138.88 -50.08
C ASP RA 37 -53.43 139.24 -51.56
N ASN RA 38 -52.59 138.70 -52.45
CA ASN RA 38 -52.73 139.00 -53.88
C ASN RA 38 -54.05 138.46 -54.44
N SER RA 39 -54.70 139.30 -55.24
CA SER RA 39 -55.97 138.98 -55.88
C SER RA 39 -57.12 138.98 -54.87
N TYR RA 40 -56.82 139.29 -53.61
CA TYR RA 40 -57.86 139.29 -52.59
C TYR RA 40 -57.78 140.38 -51.52
N PRO RA 41 -59.00 140.78 -51.00
CA PRO RA 41 -58.93 141.80 -49.96
C PRO RA 41 -59.37 141.22 -48.62
N HIS RA 42 -59.73 139.94 -48.62
CA HIS RA 42 -60.22 139.28 -47.43
C HIS RA 42 -59.62 137.92 -47.12
N PRO RA 43 -59.74 137.54 -45.78
CA PRO RA 43 -59.21 136.22 -45.42
C PRO RA 43 -60.25 135.08 -45.52
N HIS RA 44 -59.81 133.86 -45.29
CA HIS RA 44 -60.70 132.73 -45.34
C HIS RA 44 -61.68 132.95 -44.20
N GLY RA 45 -62.94 132.57 -44.39
CA GLY RA 45 -63.91 132.75 -43.32
C GLY RA 45 -63.45 131.93 -42.12
N THR RA 46 -63.03 130.70 -42.36
CA THR RA 46 -62.61 129.86 -41.25
C THR RA 46 -61.44 130.57 -40.62
N GLN RA 47 -60.59 131.04 -41.51
CA GLN RA 47 -59.37 131.73 -41.22
C GLN RA 47 -58.55 131.04 -42.25
N GLY RA 48 -57.26 131.19 -42.12
CA GLY RA 48 -56.36 130.55 -43.04
C GLY RA 48 -55.94 129.34 -42.27
N ALA RA 49 -56.76 128.88 -41.30
CA ALA RA 49 -56.23 127.75 -40.58
C ALA RA 49 -56.46 126.57 -41.51
N VAL RA 50 -57.56 126.73 -42.22
CA VAL RA 50 -58.02 125.85 -43.26
C VAL RA 50 -57.95 126.62 -44.58
N ARG RA 51 -57.10 126.16 -45.48
CA ARG RA 51 -57.03 126.74 -46.79
C ARG RA 51 -57.52 125.71 -47.80
N GLU RA 52 -58.06 124.59 -47.29
CA GLU RA 52 -58.63 123.46 -48.02
C GLU RA 52 -57.66 122.89 -49.05
N PHE RA 53 -56.39 122.83 -48.66
CA PHE RA 53 -55.34 122.38 -49.54
C PHE RA 53 -54.87 120.97 -49.36
N LEU RA 54 -54.00 120.70 -48.41
CA LEU RA 54 -53.57 119.31 -48.41
C LEU RA 54 -54.70 118.36 -48.74
N ARG RA 55 -55.94 118.71 -48.38
CA ARG RA 55 -57.06 117.84 -48.72
C ARG RA 55 -57.17 117.66 -50.22
N GLY RA 56 -56.94 118.71 -50.99
CA GLY RA 56 -56.91 118.58 -52.43
C GLY RA 56 -55.62 117.96 -52.93
N GLN RA 57 -54.52 118.25 -52.24
CA GLN RA 57 -53.23 117.73 -52.66
C GLN RA 57 -53.11 116.24 -52.33
N ALA RA 58 -53.81 115.81 -51.29
CA ALA RA 58 -53.87 114.39 -50.98
C ALA RA 58 -54.80 113.68 -51.94
N ALA RA 59 -55.98 114.24 -52.18
CA ALA RA 59 -56.91 113.65 -53.12
C ALA RA 59 -56.38 113.73 -54.54
N ALA RA 60 -55.40 114.58 -54.78
CA ALA RA 60 -54.70 114.59 -56.06
C ALA RA 60 -53.98 113.27 -56.29
N LEU RA 61 -53.23 112.80 -55.30
CA LEU RA 61 -52.49 111.55 -55.48
C LEU RA 61 -53.43 110.38 -55.70
N THR RA 62 -54.56 110.35 -55.00
CA THR RA 62 -55.56 109.34 -55.29
C THR RA 62 -55.97 109.37 -56.76
N ASP RA 63 -56.00 110.56 -57.37
CA ASP RA 63 -56.24 110.67 -58.80
C ASP RA 63 -55.02 110.29 -59.63
N LEU RA 64 -53.82 110.37 -59.05
CA LEU RA 64 -52.59 109.99 -59.75
C LEU RA 64 -52.24 108.55 -59.51
N GLY RA 65 -52.91 107.95 -58.55
CA GLY RA 65 -52.71 106.57 -58.18
C GLY RA 65 -53.06 105.56 -59.24
N VAL RA 66 -53.90 105.97 -60.17
CA VAL RA 66 -54.40 105.15 -61.29
C VAL RA 66 -53.41 104.59 -62.35
N THR RA 67 -52.52 105.42 -62.89
CA THR RA 67 -51.62 104.95 -63.95
C THR RA 67 -50.11 105.08 -63.76
N HIS RA 68 -49.64 105.31 -62.54
CA HIS RA 68 -48.19 105.49 -62.35
C HIS RA 68 -47.43 104.26 -61.83
N ALA RA 69 -46.29 103.99 -62.47
CA ALA RA 69 -45.43 102.88 -62.13
C ALA RA 69 -45.95 101.60 -62.77
N ASN RA 70 -47.13 101.71 -63.37
CA ASN RA 70 -47.78 100.63 -64.07
C ASN RA 70 -48.66 101.29 -65.13
N ASN RA 71 -48.86 100.60 -66.24
CA ASN RA 71 -49.69 101.16 -67.29
C ASN RA 71 -51.06 101.37 -66.67
N THR RA 72 -51.42 100.40 -65.83
CA THR RA 72 -52.65 100.30 -65.08
C THR RA 72 -53.00 98.82 -65.22
N PHE RA 73 -52.83 98.31 -66.44
CA PHE RA 73 -53.07 96.92 -66.76
C PHE RA 73 -51.76 96.12 -66.65
N ALA RA 74 -50.67 96.86 -66.47
CA ALA RA 74 -49.32 96.32 -66.36
C ALA RA 74 -48.98 95.78 -64.98
N PRO RA 75 -47.84 95.09 -64.89
CA PRO RA 75 -47.40 94.59 -63.58
C PRO RA 75 -46.84 95.66 -62.62
N GLN RA 76 -47.77 96.30 -61.93
CA GLN RA 76 -47.49 97.27 -60.92
C GLN RA 76 -48.65 96.77 -60.11
N PRO RA 77 -48.71 96.89 -58.73
CA PRO RA 77 -47.65 97.65 -58.09
C PRO RA 77 -46.48 96.86 -57.61
N MET RA 78 -46.31 95.61 -58.00
CA MET RA 78 -45.17 94.89 -57.51
C MET RA 78 -45.54 93.92 -56.42
N PHE RA 79 -45.47 94.32 -55.17
CA PHE RA 79 -45.77 93.38 -54.08
C PHE RA 79 -47.18 92.81 -54.17
N ALA RA 80 -48.10 93.67 -54.57
CA ALA RA 80 -49.52 93.37 -54.75
C ALA RA 80 -50.03 92.08 -54.13
N ALA RA 85 -54.45 99.64 -48.73
CA ALA RA 85 -54.31 98.29 -48.24
C ALA RA 85 -53.27 97.49 -48.96
N GLU RA 86 -53.05 96.32 -48.43
CA GLU RA 86 -52.24 95.29 -49.02
C GLU RA 86 -50.92 95.68 -49.65
N TRP RA 87 -49.98 96.15 -48.85
CA TRP RA 87 -48.68 96.37 -49.41
C TRP RA 87 -48.28 94.97 -49.87
N LEU RA 88 -48.62 93.96 -49.08
CA LEU RA 88 -48.35 92.58 -49.44
C LEU RA 88 -49.39 91.56 -48.94
N ARG RA 89 -50.64 91.68 -49.41
CA ARG RA 89 -51.76 90.75 -49.11
C ARG RA 89 -52.19 90.66 -47.65
N PRO RA 90 -53.17 89.80 -47.38
CA PRO RA 90 -53.69 89.48 -46.03
C PRO RA 90 -54.56 88.23 -46.13
N SER RA 91 -54.86 87.49 -45.05
CA SER RA 91 -55.74 86.29 -45.19
C SER RA 91 -57.00 86.33 -44.37
N PHE RA 92 -58.12 86.00 -45.00
CA PHE RA 92 -59.47 85.96 -44.42
C PHE RA 92 -59.76 84.57 -43.86
N GLY RA 93 -61.02 84.24 -43.72
CA GLY RA 93 -61.48 82.99 -43.18
C GLY RA 93 -61.00 81.86 -44.03
N LEU RA 94 -60.81 80.71 -43.39
CA LEU RA 94 -60.45 79.56 -44.15
C LEU RA 94 -61.81 79.53 -44.80
N LYS RA 95 -61.95 79.06 -46.03
CA LYS RA 95 -63.26 79.12 -46.60
C LYS RA 95 -64.24 78.05 -46.16
N ARG RA 96 -65.17 78.52 -45.34
CA ARG RA 96 -66.31 77.80 -44.82
C ARG RA 96 -67.24 78.95 -45.01
N THR RA 97 -66.99 79.98 -44.21
CA THR RA 97 -67.71 81.23 -44.29
C THR RA 97 -67.07 81.77 -45.55
N TYR RA 98 -67.87 82.23 -46.50
CA TYR RA 98 -67.33 82.69 -47.76
C TYR RA 98 -67.11 84.17 -47.96
N SER RA 99 -67.17 85.00 -46.93
CA SER RA 99 -67.02 86.44 -47.23
C SER RA 99 -66.09 87.45 -46.46
N PRO RA 100 -64.78 87.27 -46.53
CA PRO RA 100 -63.80 88.22 -45.93
C PRO RA 100 -63.83 88.45 -44.42
N PHE RA 101 -63.30 89.62 -44.02
CA PHE RA 101 -63.25 90.06 -42.60
C PHE RA 101 -62.12 89.64 -41.61
N VAL RA 102 -61.01 89.06 -42.07
CA VAL RA 102 -59.96 88.65 -41.11
C VAL RA 102 -58.53 89.24 -41.07
N VAL RA 103 -58.15 90.17 -41.95
CA VAL RA 103 -56.80 90.75 -41.95
C VAL RA 103 -56.83 92.23 -42.25
N ARG RA 104 -55.88 93.06 -41.79
CA ARG RA 104 -56.07 94.45 -42.16
C ARG RA 104 -56.17 94.59 -43.70
N ASP RA 105 -55.23 93.94 -44.40
CA ASP RA 105 -55.12 94.04 -45.83
C ASP RA 105 -55.95 93.03 -46.58
N PRO RA 106 -57.26 93.20 -46.57
CA PRO RA 106 -58.16 92.27 -47.25
C PRO RA 106 -58.32 92.62 -48.70
N LYS RA 107 -57.24 92.44 -49.44
CA LYS RA 107 -57.18 92.72 -50.87
C LYS RA 107 -56.80 94.16 -51.17
N THR RA 108 -56.42 94.37 -52.42
CA THR RA 108 -56.02 95.65 -52.96
C THR RA 108 -56.13 95.41 -54.45
N PRO RA 109 -56.00 96.42 -55.29
CA PRO RA 109 -56.09 96.05 -56.71
C PRO RA 109 -54.72 96.23 -57.38
N SER RA 110 -54.33 95.37 -58.33
CA SER RA 110 -53.04 95.52 -59.03
C SER RA 110 -53.30 96.42 -60.23
N THR RA 111 -53.71 97.66 -59.99
CA THR RA 111 -54.06 98.52 -61.09
C THR RA 111 -54.28 99.97 -60.69
N MET SA 1 -4.75 145.03 -70.84
CA MET SA 1 -3.81 143.93 -70.95
C MET SA 1 -2.53 144.39 -71.60
N ALA SA 2 -1.64 143.43 -71.76
CA ALA SA 2 -0.41 143.58 -72.52
C ALA SA 2 -0.83 143.59 -74.01
N ALA SA 3 0.10 143.95 -74.89
CA ALA SA 3 -0.17 144.01 -76.33
C ALA SA 3 -1.35 144.96 -76.59
N PRO SA 4 -2.41 144.50 -77.27
CA PRO SA 4 -3.50 145.47 -77.41
C PRO SA 4 -4.62 145.19 -76.43
N GLN SA 5 -4.64 146.00 -75.37
CA GLN SA 5 -5.60 145.86 -74.28
C GLN SA 5 -7.02 146.34 -74.55
N PHE SA 6 -7.81 145.46 -73.93
CA PHE SA 6 -9.22 145.35 -73.81
C PHE SA 6 -9.31 144.38 -72.62
N HIS SA 7 -10.50 144.29 -72.05
CA HIS SA 7 -10.81 143.40 -70.96
C HIS SA 7 -12.09 142.98 -71.60
N ARG SA 8 -12.84 142.05 -71.03
CA ARG SA 8 -14.00 141.50 -71.71
C ARG SA 8 -15.04 142.45 -72.32
N PRO SA 9 -15.46 142.23 -73.64
CA PRO SA 9 -14.87 141.10 -74.36
C PRO SA 9 -13.90 141.65 -75.40
N SER SA 10 -12.65 141.18 -75.36
CA SER SA 10 -11.64 141.67 -76.28
C SER SA 10 -11.03 140.65 -77.25
N THR SA 11 -10.93 141.06 -78.51
CA THR SA 11 -10.38 140.25 -79.59
C THR SA 11 -8.92 139.90 -79.34
N ILE SA 12 -8.17 140.78 -78.69
CA ILE SA 12 -6.74 140.49 -78.48
C ILE SA 12 -6.12 140.65 -77.10
N THR SA 13 -4.96 139.99 -76.96
CA THR SA 13 -4.07 139.99 -75.79
C THR SA 13 -4.37 138.98 -74.69
N ALA SA 14 -5.44 138.21 -74.87
CA ALA SA 14 -5.80 137.18 -73.91
C ALA SA 14 -6.23 135.99 -74.75
N ASP SA 15 -6.02 136.12 -76.06
CA ASP SA 15 -6.37 135.06 -77.01
C ASP SA 15 -7.85 135.13 -77.36
N ASN SA 16 -8.48 136.21 -76.90
CA ASN SA 16 -9.89 136.44 -77.13
C ASN SA 16 -10.37 137.55 -76.21
N VAL SA 17 -11.67 137.50 -75.92
CA VAL SA 17 -12.39 138.43 -75.08
C VAL SA 17 -13.50 137.58 -74.49
N ARG SA 18 -14.51 138.22 -73.93
CA ARG SA 18 -15.66 137.49 -73.39
C ARG SA 18 -16.24 136.78 -74.60
N ALA SA 19 -16.25 137.49 -75.74
CA ALA SA 19 -16.74 136.99 -77.03
C ALA SA 19 -15.73 135.91 -77.33
N LEU SA 20 -16.02 134.92 -78.16
CA LEU SA 20 -14.97 133.93 -78.25
C LEU SA 20 -15.55 132.85 -77.31
N GLY SA 21 -14.82 131.83 -76.89
CA GLY SA 21 -15.41 130.78 -76.05
C GLY SA 21 -14.39 130.09 -75.20
N MET SA 22 -14.69 129.08 -74.43
CA MET SA 22 -13.56 128.64 -73.69
C MET SA 22 -12.48 128.36 -74.74
N ARG SA 23 -12.87 127.80 -75.87
CA ARG SA 23 -11.94 127.50 -76.98
C ARG SA 23 -11.49 128.83 -77.57
N GLY SA 24 -10.40 128.88 -78.34
CA GLY SA 24 -9.94 130.16 -78.82
C GLY SA 24 -9.44 130.89 -77.60
N LEU SA 25 -10.08 130.70 -76.44
CA LEU SA 25 -9.57 131.24 -75.19
C LEU SA 25 -8.37 130.34 -74.94
N VAL SA 26 -8.75 129.12 -74.64
CA VAL SA 26 -7.87 128.13 -74.17
C VAL SA 26 -6.90 127.86 -75.22
N LEU SA 27 -7.44 127.74 -76.40
CA LEU SA 27 -6.64 127.56 -77.56
C LEU SA 27 -5.83 128.82 -77.80
N ALA SA 28 -6.46 129.99 -77.67
CA ALA SA 28 -5.84 131.30 -77.89
C ALA SA 28 -4.70 131.74 -76.99
N THR SA 29 -4.97 131.56 -75.72
CA THR SA 29 -4.07 131.82 -74.64
C THR SA 29 -2.95 130.82 -74.81
N ASN SA 30 -3.27 129.60 -75.16
CA ASN SA 30 -2.22 128.61 -75.36
C ASN SA 30 -1.32 129.06 -76.50
N ASN SA 31 -1.98 129.66 -77.47
CA ASN SA 31 -1.45 130.19 -78.71
C ASN SA 31 -0.44 131.30 -78.64
N ALA SA 32 -0.47 132.17 -77.62
CA ALA SA 32 0.61 133.27 -77.58
C ALA SA 32 2.24 133.06 -77.33
N GLN SA 33 3.08 134.09 -77.59
CA GLN SA 33 4.51 134.18 -77.36
C GLN SA 33 4.95 134.81 -76.02
N PHE SA 34 6.22 134.58 -75.71
CA PHE SA 34 6.88 134.99 -74.48
C PHE SA 34 6.83 136.47 -74.22
N ILE SA 35 6.75 137.25 -75.28
CA ILE SA 35 6.84 138.68 -75.15
C ILE SA 35 5.79 139.39 -74.35
N MET SA 36 6.20 140.62 -74.11
CA MET SA 36 5.63 141.69 -73.31
C MET SA 36 5.50 143.04 -74.01
N ASP SA 37 4.25 143.48 -74.09
CA ASP SA 37 3.85 144.70 -74.78
C ASP SA 37 3.61 144.56 -76.29
N ASN SA 38 3.46 143.34 -76.80
CA ASN SA 38 3.21 143.17 -78.25
C ASN SA 38 1.88 143.80 -78.67
N SER SA 39 1.91 144.51 -79.79
CA SER SA 39 0.76 145.17 -80.37
C SER SA 39 0.36 146.42 -79.55
N TYR SA 40 1.12 146.70 -78.50
CA TYR SA 40 0.79 147.85 -77.67
C TYR SA 40 1.97 148.66 -77.12
N PRO SA 41 1.71 150.01 -76.92
CA PRO SA 41 2.82 150.78 -76.36
C PRO SA 41 2.49 151.25 -74.95
N HIS SA 42 1.30 150.89 -74.48
CA HIS SA 42 0.83 151.33 -73.17
C HIS SA 42 0.23 150.24 -72.29
N PRO SA 43 0.23 150.56 -70.93
CA PRO SA 43 -0.37 149.56 -70.03
C PRO SA 43 -1.87 149.80 -69.77
N HIS SA 44 -2.49 148.89 -69.03
CA HIS SA 44 -3.90 149.04 -68.71
C HIS SA 44 -3.98 150.28 -67.84
N GLY SA 45 -5.05 151.05 -67.98
CA GLY SA 45 -5.20 152.24 -67.17
C GLY SA 45 -5.23 151.82 -65.71
N THR SA 46 -5.99 150.79 -65.40
CA THR SA 46 -6.09 150.36 -64.01
C THR SA 46 -4.69 149.96 -63.61
N GLN SA 47 -4.07 149.25 -64.53
CA GLN SA 47 -2.75 148.69 -64.43
C GLN SA 47 -3.09 147.38 -65.02
N GLY SA 48 -2.19 146.45 -64.83
CA GLY SA 48 -2.40 145.12 -65.34
C GLY SA 48 -2.88 144.40 -64.12
N ALA SA 49 -3.44 145.13 -63.13
CA ALA SA 49 -3.80 144.34 -61.97
C ALA SA 49 -5.10 143.64 -62.37
N VAL SA 50 -5.81 144.40 -63.19
CA VAL SA 50 -7.03 144.01 -63.83
C VAL SA 50 -6.76 143.96 -65.32
N ARG SA 51 -6.87 142.76 -65.88
CA ARG SA 51 -6.74 142.60 -67.31
C ARG SA 51 -8.11 142.17 -67.87
N GLU SA 52 -9.13 142.19 -67.01
CA GLU SA 52 -10.53 141.86 -67.27
C GLU SA 52 -10.67 140.47 -67.90
N PHE SA 53 -9.87 139.53 -67.40
CA PHE SA 53 -9.85 138.19 -67.94
C PHE SA 53 -10.60 137.16 -67.17
N LEU SA 54 -10.05 136.60 -66.10
CA LEU SA 54 -10.86 135.55 -65.51
C LEU SA 54 -12.34 135.89 -65.54
N ARG SA 55 -12.70 137.17 -65.46
CA ARG SA 55 -14.10 137.54 -65.54
C ARG SA 55 -14.72 137.08 -66.85
N GLY SA 56 -13.98 137.20 -67.94
CA GLY SA 56 -14.46 136.67 -69.21
C GLY SA 56 -14.33 135.16 -69.29
N GLN SA 57 -13.27 134.62 -68.68
CA GLN SA 57 -13.04 133.18 -68.73
C GLN SA 57 -14.02 132.44 -67.83
N ALA SA 58 -14.47 133.10 -66.77
CA ALA SA 58 -15.51 132.52 -65.93
C ALA SA 58 -16.86 132.63 -66.61
N ALA SA 59 -17.17 133.80 -67.16
CA ALA SA 59 -18.43 133.96 -67.87
C ALA SA 59 -18.45 133.15 -69.16
N ALA SA 60 -17.28 132.71 -69.63
CA ALA SA 60 -17.23 131.76 -70.73
C ALA SA 60 -17.89 130.45 -70.35
N LEU SA 61 -17.53 129.90 -69.18
CA LEU SA 61 -18.12 128.62 -68.78
C LEU SA 61 -19.62 128.72 -68.61
N THR SA 62 -20.11 129.83 -68.06
CA THR SA 62 -21.54 130.04 -68.02
C THR SA 62 -22.15 129.94 -69.40
N ASP SA 63 -21.43 130.38 -70.43
CA ASP SA 63 -21.88 130.19 -71.81
C ASP SA 63 -21.68 128.77 -72.30
N LEU SA 64 -20.77 128.02 -71.69
CA LEU SA 64 -20.52 126.62 -72.07
C LEU SA 64 -21.36 125.68 -71.24
N GLY SA 65 -21.95 126.21 -70.19
CA GLY SA 65 -22.80 125.46 -69.28
C GLY SA 65 -24.07 124.90 -69.88
N VAL SA 66 -24.50 125.52 -70.98
CA VAL SA 66 -25.71 125.16 -71.73
C VAL SA 66 -25.85 123.76 -72.37
N THR SA 67 -24.85 123.30 -73.12
CA THR SA 67 -24.98 122.02 -73.81
C THR SA 67 -23.95 120.91 -73.54
N HIS SA 68 -23.15 121.02 -72.48
CA HIS SA 68 -22.14 119.99 -72.24
C HIS SA 68 -22.49 118.92 -71.21
N ALA SA 69 -22.21 117.67 -71.58
CA ALA SA 69 -22.46 116.51 -70.75
C ALA SA 69 -23.92 116.09 -70.87
N ASN SA 70 -24.68 116.92 -71.57
CA ASN SA 70 -26.09 116.70 -71.84
C ASN SA 70 -26.38 117.41 -73.16
N ASN SA 71 -27.33 116.90 -73.91
CA ASN SA 71 -27.67 117.53 -75.17
C ASN SA 71 -28.13 118.93 -74.82
N THR SA 72 -28.86 118.98 -73.71
CA THR SA 72 -29.45 120.16 -73.09
C THR SA 72 -30.81 119.64 -72.66
N PHE SA 73 -31.45 118.87 -73.55
CA PHE SA 73 -32.74 118.26 -73.31
C PHE SA 73 -32.56 116.84 -72.77
N ALA SA 74 -31.32 116.39 -72.80
CA ALA SA 74 -30.90 115.06 -72.36
C ALA SA 74 -30.74 114.94 -70.86
N PRO SA 75 -30.59 113.70 -70.39
CA PRO SA 75 -30.36 113.49 -68.96
C PRO SA 75 -28.95 113.85 -68.46
N GLN SA 76 -28.82 115.14 -68.17
CA GLN SA 76 -27.63 115.72 -67.60
C GLN SA 76 -28.46 116.64 -66.77
N PRO SA 77 -28.03 117.17 -65.57
CA PRO SA 77 -26.65 116.88 -65.20
C PRO SA 77 -26.44 115.68 -64.33
N MET SA 78 -27.40 114.80 -64.18
CA MET SA 78 -27.16 113.66 -63.34
C MET SA 78 -27.82 113.80 -61.99
N PHE SA 79 -27.14 114.33 -60.99
CA PHE SA 79 -27.73 114.42 -59.65
C PHE SA 79 -29.01 115.25 -59.64
N ALA SA 80 -29.00 116.31 -60.43
CA ALA SA 80 -30.11 117.25 -60.62
C ALA SA 80 -31.22 117.20 -59.58
N ALA SA 85 -26.53 126.23 -58.08
CA ALA SA 85 -27.34 125.58 -57.08
C ALA SA 85 -27.55 124.12 -57.32
N GLU SA 86 -28.18 123.50 -56.34
CA GLU SA 86 -28.66 122.15 -56.39
C GLU SA 86 -27.77 121.09 -57.01
N TRP SA 87 -26.61 120.85 -56.43
CA TRP SA 87 -25.82 119.73 -56.84
C TRP SA 87 -26.71 118.53 -56.45
N LEU SA 88 -27.35 118.65 -55.29
CA LEU SA 88 -28.27 117.64 -54.76
C LEU SA 88 -29.62 118.22 -54.33
N ARG SA 89 -29.86 119.49 -54.61
CA ARG SA 89 -31.12 120.18 -54.29
C ARG SA 89 -31.33 120.54 -52.85
N PRO SA 90 -32.54 121.02 -52.57
CA PRO SA 90 -33.00 121.40 -51.21
C PRO SA 90 -34.50 121.51 -51.13
N SER SA 91 -35.06 121.53 -49.92
CA SER SA 91 -36.53 121.59 -49.66
C SER SA 91 -37.01 122.88 -49.04
N PHE SA 92 -38.09 123.42 -49.59
CA PHE SA 92 -38.74 124.66 -49.17
C PHE SA 92 -39.83 124.37 -48.14
N GLY SA 93 -40.78 125.26 -47.99
CA GLY SA 93 -41.85 125.15 -47.05
C GLY SA 93 -42.67 123.95 -47.33
N LEU SA 94 -43.22 123.31 -46.30
CA LEU SA 94 -43.95 122.10 -46.62
C LEU SA 94 -45.13 122.51 -47.47
N LYS SA 95 -45.80 123.56 -47.02
CA LYS SA 95 -46.94 124.14 -47.70
C LYS SA 95 -47.18 125.51 -47.09
N ARG SA 96 -47.99 126.34 -47.69
CA ARG SA 96 -48.31 127.61 -47.06
C ARG SA 96 -47.19 128.62 -47.17
N THR SA 97 -46.11 128.19 -47.79
CA THR SA 97 -45.02 129.09 -48.07
C THR SA 97 -45.46 129.16 -49.49
N TYR SA 98 -45.94 130.29 -49.99
CA TYR SA 98 -46.39 130.17 -51.37
C TYR SA 98 -45.19 129.75 -52.21
N SER SA 99 -44.10 130.47 -52.02
CA SER SA 99 -42.82 130.23 -52.66
C SER SA 99 -42.00 131.22 -51.89
N PRO SA 100 -40.70 131.06 -51.95
CA PRO SA 100 -39.75 131.93 -51.28
C PRO SA 100 -38.45 131.15 -51.32
N PHE SA 101 -37.57 131.38 -50.37
CA PHE SA 101 -36.34 130.62 -50.33
C PHE SA 101 -36.25 129.97 -48.95
N VAL SA 102 -36.11 128.65 -48.92
CA VAL SA 102 -35.98 127.93 -47.66
C VAL SA 102 -34.74 127.04 -47.61
N VAL SA 103 -34.10 126.85 -48.75
CA VAL SA 103 -32.92 126.00 -48.83
C VAL SA 103 -31.85 126.64 -49.65
N ARG SA 104 -30.60 126.24 -49.43
CA ARG SA 104 -29.48 126.82 -50.17
C ARG SA 104 -29.70 126.50 -51.66
N ASP SA 105 -30.16 125.28 -51.93
CA ASP SA 105 -30.42 124.81 -53.26
C ASP SA 105 -31.88 124.74 -53.62
N PRO SA 106 -32.47 125.88 -53.95
CA PRO SA 106 -33.83 125.83 -54.48
C PRO SA 106 -33.55 125.18 -55.85
N LYS SA 107 -34.48 124.40 -56.36
CA LYS SA 107 -34.20 123.71 -57.60
C LYS SA 107 -33.76 124.65 -58.70
N THR SA 108 -32.88 124.12 -59.53
CA THR SA 108 -32.31 124.76 -60.70
C THR SA 108 -32.57 123.72 -61.79
N PRO SA 109 -32.50 124.13 -63.05
CA PRO SA 109 -32.78 123.22 -64.18
C PRO SA 109 -31.79 122.12 -64.55
N SER SA 110 -32.36 121.06 -65.13
CA SER SA 110 -31.69 119.89 -65.71
C SER SA 110 -31.47 120.18 -67.19
N THR SA 111 -30.70 121.21 -67.49
CA THR SA 111 -30.53 121.60 -68.87
C THR SA 111 -29.45 122.64 -69.11
N MET TA 1 31.43 102.52 -91.50
CA MET TA 1 31.09 101.18 -91.08
C MET TA 1 32.03 100.18 -91.75
N ALA TA 2 31.77 98.92 -91.42
CA ALA TA 2 32.39 97.78 -92.06
C ALA TA 2 31.76 97.67 -93.48
N ALA TA 3 32.34 96.84 -94.34
CA ALA TA 3 31.84 96.66 -95.71
C ALA TA 3 31.81 98.02 -96.42
N PRO TA 4 30.66 98.42 -96.97
CA PRO TA 4 30.73 99.76 -97.58
C PRO TA 4 30.13 100.83 -96.67
N GLN TA 5 31.02 101.57 -96.01
CA GLN TA 5 30.64 102.60 -95.05
C GLN TA 5 30.11 103.92 -95.63
N PHE TA 6 29.14 104.28 -94.79
CA PHE TA 6 28.26 105.40 -94.77
C PHE TA 6 27.78 105.34 -93.31
N HIS TA 7 27.18 106.42 -92.86
CA HIS TA 7 26.60 106.55 -91.55
C HIS TA 7 25.36 107.18 -92.09
N ARG TA 8 24.36 107.44 -91.28
CA ARG TA 8 23.08 107.90 -91.80
C ARG TA 8 23.05 109.06 -92.78
N PRO TA 9 22.57 108.72 -93.97
CA PRO TA 9 22.07 107.35 -94.22
C PRO TA 9 23.00 106.43 -95.06
N SER TA 10 23.12 105.17 -94.65
CA SER TA 10 23.96 104.15 -95.30
C SER TA 10 23.21 102.84 -95.55
N THR TA 11 23.61 102.09 -96.59
CA THR TA 11 22.94 100.82 -96.93
C THR TA 11 23.70 99.48 -96.95
N ILE TA 12 24.95 99.42 -96.48
CA ILE TA 12 25.72 98.16 -96.52
C ILE TA 12 26.35 98.03 -95.16
N THR TA 13 26.51 96.80 -94.68
CA THR TA 13 27.06 96.51 -93.35
C THR TA 13 25.98 96.57 -92.24
N ALA TA 14 25.88 97.69 -91.56
CA ALA TA 14 24.85 97.83 -90.55
C ALA TA 14 23.77 98.15 -91.46
N ASP TA 15 22.97 97.16 -91.74
CA ASP TA 15 21.91 97.31 -92.69
C ASP TA 15 21.12 98.58 -92.36
N ASN TA 16 21.08 99.45 -93.38
CA ASN TA 16 20.48 100.78 -93.35
C ASN TA 16 21.26 102.06 -92.84
N VAL TA 17 20.45 103.11 -92.64
CA VAL TA 17 20.92 104.43 -92.30
C VAL TA 17 19.80 105.30 -91.72
N ARG TA 18 20.14 106.56 -91.46
CA ARG TA 18 19.25 107.56 -90.87
C ARG TA 18 17.99 107.85 -91.66
N ALA TA 19 16.90 108.08 -90.92
CA ALA TA 19 15.62 108.36 -91.53
C ALA TA 19 15.19 107.23 -92.44
N LEU TA 20 15.41 106.00 -91.98
CA LEU TA 20 15.03 104.81 -92.73
C LEU TA 20 14.10 103.99 -91.85
N GLY TA 21 13.22 103.20 -92.44
CA GLY TA 21 12.28 102.42 -91.65
C GLY TA 21 12.93 101.41 -90.72
N MET TA 22 12.43 101.35 -89.49
CA MET TA 22 12.96 100.43 -88.53
C MET TA 22 13.09 99.10 -89.28
N ARG TA 23 12.14 98.79 -90.14
CA ARG TA 23 12.15 97.56 -90.95
C ARG TA 23 13.27 97.69 -91.97
N GLY TA 24 13.74 96.61 -92.58
CA GLY TA 24 14.85 96.74 -93.48
C GLY TA 24 16.04 97.09 -92.61
N LEU TA 25 15.82 97.85 -91.53
CA LEU TA 25 16.88 98.09 -90.55
C LEU TA 25 16.95 96.74 -89.85
N VAL TA 26 15.88 96.52 -89.13
CA VAL TA 26 15.75 95.44 -88.22
C VAL TA 26 15.83 94.20 -88.99
N LEU TA 27 15.11 94.23 -90.08
CA LEU TA 27 15.12 93.15 -90.99
C LEU TA 27 16.50 93.06 -91.64
N ALA TA 28 17.06 94.21 -92.04
CA ALA TA 28 18.38 94.30 -92.69
C ALA TA 28 19.62 93.87 -91.94
N THR TA 29 19.67 94.38 -90.72
CA THR TA 29 20.67 94.10 -89.76
C THR TA 29 20.52 92.65 -89.42
N ASN TA 30 19.29 92.18 -89.28
CA ASN TA 30 19.10 90.77 -88.98
C ASN TA 30 19.67 89.93 -90.12
N ASN TA 31 19.48 90.48 -91.30
CA ASN TA 31 19.86 89.95 -92.59
C ASN TA 31 21.32 89.72 -92.87
N ALA TA 32 22.24 90.50 -92.29
CA ALA TA 32 23.73 90.20 -92.58
C ALA TA 32 24.59 88.84 -92.11
N GLN TA 33 25.80 88.61 -92.66
CA GLN TA 33 26.76 87.57 -92.36
C GLN TA 33 27.86 87.94 -91.34
N PHE TA 34 28.50 86.90 -90.86
CA PHE TA 34 29.54 86.94 -89.82
C PHE TA 34 30.71 87.81 -90.16
N ILE TA 35 30.98 87.96 -91.45
CA ILE TA 35 32.17 88.65 -91.88
C ILE TA 35 32.30 90.10 -91.53
N MET TA 36 33.54 90.47 -91.75
CA MET TA 36 34.26 91.71 -91.49
C MET TA 36 35.04 92.29 -92.67
N ASP TA 37 34.61 93.50 -93.04
CA ASP TA 37 35.13 94.24 -94.18
C ASP TA 37 34.48 93.89 -95.53
N ASN TA 38 33.32 93.25 -95.53
CA ASN TA 38 32.66 92.93 -96.82
C ASN TA 38 32.26 94.20 -97.57
N SER TA 39 32.51 94.19 -98.86
CA SER TA 39 32.19 95.29 -99.77
C SER TA 39 33.14 96.49 -99.54
N TYR TA 40 34.08 96.33 -98.62
CA TYR TA 40 34.99 97.43 -98.33
C TYR TA 40 36.46 97.06 -98.04
N PRO TA 41 37.38 98.02 -98.40
CA PRO TA 41 38.77 97.68 -98.10
C PRO TA 41 39.31 98.61 -97.02
N HIS TA 42 38.48 99.53 -96.56
CA HIS TA 42 38.88 100.53 -95.57
C HIS TA 42 37.93 100.73 -94.40
N PRO TA 43 38.54 101.29 -93.29
CA PRO TA 43 37.68 101.54 -92.13
C PRO TA 43 37.05 102.95 -92.11
N HIS TA 44 36.19 103.21 -91.14
CA HIS TA 44 35.56 104.51 -91.04
C HIS TA 44 36.70 105.48 -90.73
N GLY TA 45 36.63 106.68 -91.27
CA GLY TA 45 37.68 107.65 -91.01
C GLY TA 45 37.73 107.90 -89.51
N THR TA 46 36.58 108.08 -88.88
CA THR TA 46 36.55 108.36 -87.46
C THR TA 46 37.18 107.15 -86.80
N GLN TA 47 36.74 106.02 -87.32
CA GLN TA 47 37.11 104.70 -86.88
C GLN TA 47 35.76 104.12 -86.93
N GLY TA 48 35.62 102.98 -86.32
CA GLY TA 48 34.34 102.33 -86.28
C GLY TA 48 33.84 102.71 -84.92
N ALA TA 49 34.33 103.83 -84.35
CA ALA TA 49 33.82 104.06 -83.02
C ALA TA 49 32.43 104.63 -83.23
N VAL TA 50 32.37 105.35 -84.35
CA VAL TA 50 31.20 105.94 -84.90
C VAL TA 50 30.90 105.25 -86.23
N ARG TA 51 29.77 104.57 -86.28
CA ARG TA 51 29.35 103.94 -87.51
C ARG TA 51 28.07 104.66 -87.98
N GLU TA 52 27.71 105.76 -87.30
CA GLU TA 52 26.58 106.64 -87.54
C GLU TA 52 25.27 105.86 -87.58
N PHE TA 53 25.14 104.89 -86.69
CA PHE TA 53 23.98 104.02 -86.65
C PHE TA 53 22.96 104.34 -85.61
N LEU TA 54 23.14 103.93 -84.36
CA LEU TA 54 22.02 104.23 -83.49
C LEU TA 54 21.40 105.58 -83.79
N ARG TA 55 22.20 106.55 -84.25
CA ARG TA 55 21.64 107.85 -84.59
C ARG TA 55 20.58 107.72 -85.68
N GLY TA 56 20.80 106.86 -86.65
CA GLY TA 56 19.78 106.59 -87.64
C GLY TA 56 18.68 105.70 -87.13
N GLN TA 57 19.05 104.74 -86.26
CA GLN TA 57 18.07 103.82 -85.71
C GLN TA 57 17.17 104.50 -84.70
N ALA TA 58 17.70 105.52 -84.02
CA ALA TA 58 16.87 106.32 -83.13
C ALA TA 58 15.98 107.26 -83.92
N ALA TA 59 16.55 107.94 -84.91
CA ALA TA 59 15.76 108.81 -85.74
C ALA TA 59 14.77 108.03 -86.60
N ALA TA 60 14.99 106.73 -86.75
CA ALA TA 60 14.00 105.87 -87.38
C ALA TA 60 12.71 105.85 -86.58
N LEU TA 61 12.81 105.64 -85.26
CA LEU TA 61 11.60 105.57 -84.45
C LEU TA 61 10.84 106.88 -84.47
N THR TA 62 11.55 108.00 -84.45
CA THR TA 62 10.89 109.29 -84.63
C THR TA 62 10.09 109.32 -85.92
N ASP TA 63 10.57 108.64 -86.96
CA ASP TA 63 9.79 108.50 -88.19
C ASP TA 63 8.68 107.46 -88.07
N LEU TA 64 8.81 106.53 -87.13
CA LEU TA 64 7.77 105.51 -86.90
C LEU TA 64 6.78 105.96 -85.87
N GLY TA 65 7.13 107.02 -85.16
CA GLY TA 65 6.31 107.59 -84.12
C GLY TA 65 4.98 108.14 -84.57
N VAL TA 66 4.90 108.48 -85.84
CA VAL TA 66 3.73 109.06 -86.51
C VAL TA 66 2.39 108.27 -86.57
N THR TA 67 2.43 107.00 -86.97
CA THR TA 67 1.18 106.25 -87.12
C THR TA 67 1.01 104.92 -86.35
N HIS TA 68 1.83 104.66 -85.34
CA HIS TA 68 1.71 103.39 -84.63
C HIS TA 68 0.96 103.44 -83.29
N ALA TA 69 0.06 102.47 -83.12
CA ALA TA 69 -0.75 102.33 -81.92
C ALA TA 69 -1.95 103.25 -82.01
N ASN TA 70 -1.90 104.12 -83.01
CA ASN TA 70 -2.90 105.12 -83.30
C ASN TA 70 -3.02 105.36 -84.80
N ASN TA 71 -4.15 105.92 -85.20
CA ASN TA 71 -4.47 106.21 -86.60
C ASN TA 71 -3.65 107.31 -87.29
N THR TA 72 -3.00 108.14 -86.47
CA THR TA 72 -2.19 109.31 -86.86
C THR TA 72 -2.83 110.42 -86.06
N PHE TA 73 -3.53 111.34 -86.72
CA PHE TA 73 -4.21 112.37 -85.98
C PHE TA 73 -5.48 111.66 -85.56
N ALA TA 74 -5.31 110.73 -84.61
CA ALA TA 74 -6.38 109.88 -84.11
C ALA TA 74 -6.10 109.31 -82.72
N PRO TA 75 -7.03 108.39 -82.27
CA PRO TA 75 -6.81 107.89 -80.91
C PRO TA 75 -5.49 107.14 -80.71
N GLN TA 76 -4.82 107.53 -79.62
CA GLN TA 76 -3.53 107.03 -79.22
C GLN TA 76 -3.08 108.43 -78.90
N PRO TA 77 -2.11 108.70 -77.96
CA PRO TA 77 -1.42 107.57 -77.38
C PRO TA 77 -1.99 107.05 -76.09
N MET TA 78 -3.18 107.41 -75.70
CA MET TA 78 -3.69 106.89 -74.47
C MET TA 78 -3.61 107.91 -73.35
N PHE TA 79 -2.54 107.92 -72.58
CA PHE TA 79 -2.46 108.84 -71.45
C PHE TA 79 -2.57 110.31 -71.88
N ALA TA 80 -1.95 110.60 -73.02
CA ALA TA 80 -1.94 111.90 -73.65
C ALA TA 80 -2.34 113.09 -72.79
N ALA TA 85 7.72 114.35 -74.51
CA ALA TA 85 7.02 114.98 -73.40
C ALA TA 85 5.72 114.33 -73.08
N GLU TA 86 5.14 114.82 -72.01
CA GLU TA 86 3.81 114.50 -71.57
C GLU TA 86 3.35 113.06 -71.63
N TRP TA 87 4.06 112.17 -70.96
CA TRP TA 87 3.53 110.82 -70.96
C TRP TA 87 2.20 111.08 -70.26
N LEU TA 88 2.21 112.00 -69.31
CA LEU TA 88 1.00 112.52 -68.67
C LEU TA 88 1.27 114.05 -68.50
N ARG TA 89 0.32 114.88 -68.94
CA ARG TA 89 0.45 116.35 -69.01
C ARG TA 89 0.73 117.19 -67.78
N PRO TA 90 1.57 118.20 -68.01
CA PRO TA 90 2.04 119.17 -67.01
C PRO TA 90 1.29 120.50 -67.07
N SER TA 91 1.33 121.30 -66.00
CA SER TA 91 0.58 122.59 -65.92
C SER TA 91 1.46 123.81 -65.90
N PHE TA 92 1.10 124.79 -66.72
CA PHE TA 92 1.78 126.08 -66.88
C PHE TA 92 1.20 127.11 -65.93
N GLY TA 93 1.37 128.38 -66.23
CA GLY TA 93 0.92 129.47 -65.43
C GLY TA 93 -0.56 129.45 -65.29
N LEU TA 94 -1.03 130.19 -64.29
CA LEU TA 94 -2.44 130.33 -63.94
C LEU TA 94 -3.28 131.00 -65.04
N LYS TA 95 -2.61 131.52 -66.06
CA LYS TA 95 -3.27 132.15 -67.23
C LYS TA 95 -3.54 133.63 -67.03
N ARG TA 96 -2.64 134.26 -66.30
CA ARG TA 96 -2.69 135.70 -66.10
C ARG TA 96 -1.76 136.08 -67.24
N THR TA 97 -0.69 135.27 -67.35
CA THR TA 97 0.34 135.41 -68.37
C THR TA 97 0.41 134.14 -69.21
N TYR TA 98 0.32 134.32 -70.52
CA TYR TA 98 0.37 133.23 -71.50
C TYR TA 98 1.74 132.95 -72.11
N SER TA 99 1.79 132.00 -73.04
CA SER TA 99 3.02 131.70 -73.75
C SER TA 99 4.22 131.37 -72.87
N PRO TA 100 4.14 130.29 -72.13
CA PRO TA 100 5.26 129.87 -71.28
C PRO TA 100 5.08 128.44 -70.85
N PHE TA 101 6.18 127.81 -70.43
CA PHE TA 101 6.14 126.45 -69.94
C PHE TA 101 6.78 126.40 -68.54
N VAL TA 102 6.03 125.86 -67.59
CA VAL TA 102 6.51 125.71 -66.23
C VAL TA 102 6.06 124.35 -65.74
N VAL TA 103 6.65 123.31 -66.30
CA VAL TA 103 6.30 121.96 -65.98
C VAL TA 103 7.13 121.33 -67.01
N ARG TA 104 7.71 120.16 -66.78
CA ARG TA 104 8.54 119.58 -67.82
C ARG TA 104 7.68 119.28 -69.07
N ASP TA 105 6.56 118.59 -68.87
CA ASP TA 105 5.71 118.20 -69.98
C ASP TA 105 4.69 119.25 -70.35
N PRO TA 106 5.05 120.22 -71.19
CA PRO TA 106 4.09 121.25 -71.56
C PRO TA 106 2.93 120.60 -72.26
N LYS TA 107 3.26 119.67 -73.17
CA LYS TA 107 2.30 118.88 -73.94
C LYS TA 107 2.95 118.41 -75.23
N THR TA 108 2.33 117.44 -75.86
CA THR TA 108 2.78 116.89 -77.13
C THR TA 108 1.50 116.38 -77.78
N PRO TA 109 1.46 116.33 -79.10
CA PRO TA 109 0.24 115.94 -79.82
C PRO TA 109 -0.24 114.49 -79.75
N SER TA 110 -1.53 114.31 -79.49
CA SER TA 110 -2.19 113.00 -79.49
C SER TA 110 -2.23 112.53 -80.94
N THR TA 111 -1.08 112.34 -81.55
CA THR TA 111 -1.06 112.00 -82.96
C THR TA 111 0.31 111.57 -83.47
#